data_8CT9
#
_entry.id   8CT9
#
_cell.length_a   1.00
_cell.length_b   1.00
_cell.length_c   1.00
_cell.angle_alpha   90.00
_cell.angle_beta   90.00
_cell.angle_gamma   90.00
#
_symmetry.space_group_name_H-M   'P 1'
#
loop_
_entity.id
_entity.type
_entity.pdbx_description
1 polymer 'Dynamin-like 120 kDa protein, mitochondrial'
2 non-polymer CARDIOLIPIN
#
_entity_poly.entity_id   1
_entity_poly.type   'polypeptide(L)'
_entity_poly.pdbx_seq_one_letter_code
;MWRLRRAAVACEVCQSLVKHSSGIKGSLPLQKLHLVSRSIYHSHHPTLKLQRPQLRTSFQQFSSLTNLPLRKLKFSPIKY
GYQPRRNFWPARLATRLLKLRYLILGSAVGGGYTAKKTFDQWKDMIPDLSEYKWIVPDIVWEIDEYIDFEKIRKALPSSE
DLVKLAPDFDKIVESLSLLKDFFTSGSPEETAFRATDRGSESDKHFRKVSDKEKIDQLQEELLHTQLKYQRILERLEKEN
KELRKLVLQKDDKGIHHRKLKKSLIDMYSEVLDVLSDYDASYNTQDHLPRVVVVGDQSAGKTSVLEMIAQARIFPRGSGE
MMTRSPVKVTLSEGPHHVALFKDSSREFDLTKEEDLAALRHEIELRMRKNVKEGCTVSPETISLNVKGPGLQRMVLVDLP
GVINTVTSGMAPDTKETIFSISKAYMQNPNAIILCIQDGSVDAERSIVTDLVSQMDPHGRRTIFVLTKVDLAEKNVASPS
RIQQIIEGKLFPMKALGYFAVVTGKGNSSESIEAIREYEEEFFQNSKLLKTSMLKAHQVTTRNLSLAVSDCFWKMVRESV
EQQADSFKATRFNLETEWKNNYPRLRELDRNELFEKAKNEILDEVISLSQVTPKHWEEILQQSLWERVSTHVIENIYLPA
AQTMNSGTFNTTVDIKLKQWTDKQLPNKAVEVAWETLQEEFSRFMTEPKGKEHDDIFDKLKEAVKEESIKRHKWNDFAED
SLRVIQHNALEDRSISDKQQWDAAIYFMEEALQARLKDTENAIENMVGPDWKKRWLYWKNRTQEQCVHNETKNELEKMLK
CNEEHPAYLASDEITTVRKNLESRGVEVDPSLIKDTWHQVYRRHFLKTALNHCNLCRRGFYYYQRHFVDSELECNDVVLF
WRIQRMLAITANTLRQQLTNTEVRRLEKNVKEVLEDFAEDGEKKIKLLTGKRVQLAEDLKKVREIQEKLDAFIEALHQEK
;
_entity_poly.pdbx_strand_id   A,B,C,D,E,F,G,H,I,J,K,L,M,N,O,P,Q,R,S,T,U,V,W,X,Y,Z,a,b,c,d,e,f,g,h
#
# COMPACT_ATOMS: atom_id res chain seq x y z
N SER A 263 -107.18 -191.39 -0.04
CA SER A 263 -106.97 -190.58 1.15
C SER A 263 -105.54 -190.05 1.22
N LEU A 264 -104.80 -190.46 2.25
CA LEU A 264 -103.42 -190.02 2.38
C LEU A 264 -102.56 -190.55 1.25
N ILE A 265 -102.76 -191.81 0.85
CA ILE A 265 -101.95 -192.40 -0.20
C ILE A 265 -102.20 -191.72 -1.54
N ASP A 266 -103.46 -191.39 -1.83
CA ASP A 266 -103.77 -190.70 -3.09
C ASP A 266 -103.13 -189.32 -3.13
N MET A 267 -103.20 -188.58 -2.01
CA MET A 267 -102.58 -187.26 -1.98
C MET A 267 -101.07 -187.35 -2.08
N TYR A 268 -100.47 -188.36 -1.45
CA TYR A 268 -99.03 -188.56 -1.57
C TYR A 268 -98.64 -188.88 -3.01
N SER A 269 -99.44 -189.71 -3.68
CA SER A 269 -99.17 -190.02 -5.08
C SER A 269 -99.29 -188.77 -5.95
N GLU A 270 -100.29 -187.93 -5.68
CA GLU A 270 -100.44 -186.68 -6.41
C GLU A 270 -99.24 -185.76 -6.18
N VAL A 271 -98.76 -185.69 -4.94
CA VAL A 271 -97.59 -184.88 -4.63
C VAL A 271 -96.36 -185.40 -5.38
N LEU A 272 -96.18 -186.72 -5.40
CA LEU A 272 -95.06 -187.30 -6.13
C LEU A 272 -95.17 -187.01 -7.62
N ASP A 273 -96.38 -187.08 -8.17
CA ASP A 273 -96.58 -186.77 -9.58
C ASP A 273 -96.24 -185.31 -9.87
N VAL A 274 -96.64 -184.40 -8.98
CA VAL A 274 -96.32 -182.99 -9.15
C VAL A 274 -94.81 -182.78 -9.10
N LEU A 275 -94.13 -183.45 -8.15
CA LEU A 275 -92.69 -183.34 -8.06
C LEU A 275 -92.00 -183.86 -9.32
N SER A 276 -92.50 -184.98 -9.86
CA SER A 276 -91.92 -185.52 -11.09
C SER A 276 -92.14 -184.57 -12.26
N ASP A 277 -93.33 -183.98 -12.36
CA ASP A 277 -93.62 -183.05 -13.44
C ASP A 277 -92.96 -181.69 -13.23
N TYR A 278 -92.40 -181.42 -12.05
CA TYR A 278 -91.73 -180.15 -11.82
C TYR A 278 -90.55 -179.94 -12.76
N ASP A 279 -89.74 -180.98 -12.96
CA ASP A 279 -88.60 -180.90 -13.86
C ASP A 279 -88.22 -182.29 -14.32
N ALA A 280 -87.57 -182.35 -15.48
CA ALA A 280 -87.10 -183.63 -16.00
C ALA A 280 -85.87 -184.14 -15.28
N SER A 281 -85.15 -183.27 -14.58
CA SER A 281 -83.98 -183.65 -13.81
C SER A 281 -84.41 -184.19 -12.45
N TYR A 282 -83.44 -184.38 -11.55
CA TYR A 282 -83.70 -184.90 -10.21
C TYR A 282 -83.07 -183.94 -9.21
N ASN A 283 -83.83 -182.93 -8.81
CA ASN A 283 -83.40 -181.95 -7.82
C ASN A 283 -84.23 -182.03 -6.53
N THR A 284 -85.56 -181.92 -6.64
CA THR A 284 -86.44 -182.05 -5.49
C THR A 284 -87.14 -183.41 -5.45
N GLN A 285 -86.99 -184.23 -6.48
CA GLN A 285 -87.62 -185.55 -6.51
C GLN A 285 -86.95 -186.54 -5.58
N ASP A 286 -85.72 -186.27 -5.14
CA ASP A 286 -84.97 -187.15 -4.26
C ASP A 286 -85.22 -186.85 -2.78
N HIS A 287 -86.12 -185.92 -2.46
CA HIS A 287 -86.40 -185.60 -1.07
C HIS A 287 -87.35 -186.62 -0.45
N LEU A 288 -88.54 -186.78 -1.04
CA LEU A 288 -89.49 -187.76 -0.53
C LEU A 288 -89.03 -189.17 -0.89
N PRO A 289 -89.21 -190.13 0.02
CA PRO A 289 -88.83 -191.52 -0.29
C PRO A 289 -89.66 -192.07 -1.44
N ARG A 290 -89.04 -192.90 -2.26
CA ARG A 290 -89.69 -193.53 -3.39
C ARG A 290 -89.21 -194.97 -3.51
N VAL A 291 -90.13 -195.92 -3.35
CA VAL A 291 -89.79 -197.33 -3.47
C VAL A 291 -89.63 -197.66 -4.95
N VAL A 292 -88.40 -197.95 -5.37
CA VAL A 292 -88.07 -198.21 -6.76
C VAL A 292 -87.71 -199.68 -6.91
N VAL A 293 -88.33 -200.36 -7.88
CA VAL A 293 -88.06 -201.76 -8.15
C VAL A 293 -87.18 -201.84 -9.39
N VAL A 294 -85.96 -202.35 -9.21
CA VAL A 294 -84.99 -202.46 -10.29
C VAL A 294 -84.58 -203.93 -10.43
N GLY A 295 -84.62 -204.44 -11.65
CA GLY A 295 -84.24 -205.82 -11.91
C GLY A 295 -83.28 -205.96 -13.08
N ASP A 296 -83.09 -207.19 -13.54
CA ASP A 296 -82.21 -207.48 -14.66
C ASP A 296 -83.04 -207.79 -15.91
N GLN A 297 -82.39 -207.68 -17.06
CA GLN A 297 -83.05 -207.95 -18.33
C GLN A 297 -83.33 -209.44 -18.47
N SER A 298 -84.57 -209.78 -18.85
CA SER A 298 -85.00 -211.17 -19.03
C SER A 298 -84.77 -211.99 -17.77
N ALA A 299 -85.00 -211.37 -16.61
CA ALA A 299 -84.82 -212.02 -15.31
C ALA A 299 -86.14 -212.43 -14.69
N GLY A 300 -87.25 -212.36 -15.42
CA GLY A 300 -88.54 -212.73 -14.89
C GLY A 300 -89.15 -211.73 -13.93
N LYS A 301 -88.63 -210.50 -13.89
CA LYS A 301 -89.18 -209.49 -12.98
C LYS A 301 -90.59 -209.09 -13.37
N THR A 302 -90.96 -209.25 -14.64
CA THR A 302 -92.31 -208.91 -15.08
C THR A 302 -93.35 -209.78 -14.37
N SER A 303 -93.08 -211.09 -14.26
CA SER A 303 -94.01 -211.98 -13.57
C SER A 303 -94.15 -211.61 -12.10
N VAL A 304 -93.04 -211.28 -11.44
CA VAL A 304 -93.10 -210.90 -10.04
C VAL A 304 -93.89 -209.61 -9.86
N LEU A 305 -93.66 -208.63 -10.75
CA LEU A 305 -94.40 -207.37 -10.67
C LEU A 305 -95.89 -207.60 -10.90
N GLU A 306 -96.24 -208.47 -11.85
CA GLU A 306 -97.64 -208.79 -12.08
C GLU A 306 -98.26 -209.47 -10.88
N MET A 307 -97.53 -210.38 -10.24
CA MET A 307 -98.04 -211.06 -9.06
C MET A 307 -98.19 -210.10 -7.88
N ILE A 308 -97.33 -209.07 -7.81
CA ILE A 308 -97.47 -208.08 -6.75
C ILE A 308 -98.80 -207.35 -6.86
N ALA A 309 -99.17 -206.95 -8.08
CA ALA A 309 -100.46 -206.30 -8.31
C ALA A 309 -101.59 -207.30 -8.53
N GLN A 310 -101.29 -208.60 -8.54
CA GLN A 310 -102.29 -209.66 -8.73
C GLN A 310 -103.01 -209.52 -10.06
N ALA A 311 -102.33 -208.98 -11.08
CA ALA A 311 -102.92 -208.82 -12.40
C ALA A 311 -101.80 -208.66 -13.42
N ARG A 312 -102.05 -209.15 -14.63
CA ARG A 312 -101.09 -209.05 -15.72
C ARG A 312 -101.29 -207.72 -16.42
N ILE A 313 -100.50 -206.73 -16.04
CA ILE A 313 -100.60 -205.39 -16.62
C ILE A 313 -99.37 -204.99 -17.42
N PHE A 314 -98.22 -205.63 -17.20
CA PHE A 314 -97.01 -205.30 -17.94
C PHE A 314 -96.89 -206.18 -19.17
N PRO A 315 -96.81 -205.63 -20.38
CA PRO A 315 -96.68 -206.47 -21.57
C PRO A 315 -95.38 -207.27 -21.55
N ARG A 316 -95.45 -208.48 -22.09
CA ARG A 316 -94.30 -209.37 -22.13
C ARG A 316 -93.42 -209.04 -23.32
N GLY A 317 -92.11 -209.26 -23.15
CA GLY A 317 -91.16 -209.00 -24.21
C GLY A 317 -90.21 -210.16 -24.45
N SER A 318 -90.13 -210.61 -25.71
CA SER A 318 -89.25 -211.73 -26.08
C SER A 318 -87.87 -211.19 -26.37
N GLY A 319 -87.15 -210.88 -25.31
CA GLY A 319 -85.79 -210.36 -25.40
C GLY A 319 -85.69 -208.85 -25.52
N GLU A 320 -86.58 -208.24 -26.29
CA GLU A 320 -86.58 -206.80 -26.46
C GLU A 320 -86.98 -206.10 -25.16
N MET A 321 -86.36 -204.94 -24.91
CA MET A 321 -86.63 -204.15 -23.71
C MET A 321 -87.87 -203.31 -23.96
N MET A 322 -89.03 -203.87 -23.61
CA MET A 322 -90.29 -203.16 -23.80
C MET A 322 -90.38 -201.92 -22.91
N THR A 323 -89.92 -202.04 -21.67
CA THR A 323 -89.96 -200.91 -20.73
C THR A 323 -88.77 -200.00 -21.00
N ARG A 324 -89.04 -198.84 -21.61
CA ARG A 324 -88.01 -197.87 -21.91
C ARG A 324 -88.18 -196.55 -21.15
N SER A 325 -89.25 -196.41 -20.38
CA SER A 325 -89.50 -195.21 -19.58
C SER A 325 -89.88 -195.60 -18.17
N PRO A 326 -89.59 -194.75 -17.19
CA PRO A 326 -89.98 -195.06 -15.80
C PRO A 326 -91.49 -195.18 -15.67
N VAL A 327 -91.93 -196.16 -14.87
CA VAL A 327 -93.34 -196.42 -14.64
C VAL A 327 -93.60 -196.34 -13.14
N LYS A 328 -94.61 -195.54 -12.76
CA LYS A 328 -94.99 -195.38 -11.38
C LYS A 328 -96.24 -196.21 -11.10
N VAL A 329 -96.15 -197.09 -10.11
CA VAL A 329 -97.27 -197.94 -9.70
C VAL A 329 -97.63 -197.56 -8.28
N THR A 330 -98.83 -197.00 -8.09
CA THR A 330 -99.31 -196.59 -6.78
C THR A 330 -100.30 -197.64 -6.28
N LEU A 331 -99.92 -198.35 -5.21
CA LEU A 331 -100.78 -199.36 -4.62
C LEU A 331 -101.73 -198.71 -3.63
N SER A 332 -103.03 -198.94 -3.81
CA SER A 332 -104.05 -198.38 -2.93
C SER A 332 -105.30 -199.24 -3.03
N GLU A 333 -106.34 -198.85 -2.30
CA GLU A 333 -107.61 -199.56 -2.28
C GLU A 333 -108.73 -198.61 -2.66
N GLY A 334 -109.57 -199.03 -3.60
CA GLY A 334 -110.68 -198.22 -4.05
C GLY A 334 -111.98 -199.00 -4.11
N PRO A 335 -113.03 -198.38 -4.63
CA PRO A 335 -114.32 -199.09 -4.75
C PRO A 335 -114.24 -200.33 -5.63
N HIS A 336 -113.40 -200.31 -6.67
CA HIS A 336 -113.26 -201.44 -7.57
C HIS A 336 -111.79 -201.71 -7.84
N HIS A 337 -111.49 -202.96 -8.19
CA HIS A 337 -110.13 -203.38 -8.49
C HIS A 337 -109.77 -202.98 -9.93
N VAL A 338 -109.64 -201.68 -10.13
CA VAL A 338 -109.35 -201.11 -11.44
C VAL A 338 -108.09 -200.26 -11.34
N ALA A 339 -107.59 -199.85 -12.50
CA ALA A 339 -106.41 -199.00 -12.60
C ALA A 339 -106.76 -197.71 -13.33
N LEU A 340 -106.34 -196.59 -12.77
CA LEU A 340 -106.64 -195.28 -13.34
C LEU A 340 -105.36 -194.45 -13.40
N PHE A 341 -105.13 -193.80 -14.53
CA PHE A 341 -103.97 -192.95 -14.69
C PHE A 341 -104.25 -191.55 -14.12
N LYS A 342 -103.18 -190.76 -13.97
CA LYS A 342 -103.32 -189.40 -13.46
C LYS A 342 -104.08 -188.53 -14.45
N ASP A 343 -103.80 -188.67 -15.74
CA ASP A 343 -104.41 -187.85 -16.79
C ASP A 343 -105.42 -188.62 -17.62
N SER A 344 -106.03 -189.66 -17.05
CA SER A 344 -107.02 -190.47 -17.74
C SER A 344 -108.26 -190.62 -16.88
N SER A 345 -109.39 -190.89 -17.54
CA SER A 345 -110.65 -191.07 -16.86
C SER A 345 -111.24 -192.47 -17.01
N ARG A 346 -110.64 -193.32 -17.82
CA ARG A 346 -111.12 -194.68 -18.02
C ARG A 346 -110.52 -195.61 -16.97
N GLU A 347 -111.38 -196.34 -16.26
CA GLU A 347 -110.93 -197.25 -15.21
C GLU A 347 -110.64 -198.61 -15.85
N PHE A 348 -109.35 -198.91 -16.02
CA PHE A 348 -108.92 -200.18 -16.60
C PHE A 348 -109.03 -201.28 -15.55
N ASP A 349 -110.01 -202.16 -15.73
CA ASP A 349 -110.21 -203.25 -14.79
C ASP A 349 -109.05 -204.24 -14.87
N LEU A 350 -108.71 -204.81 -13.71
CA LEU A 350 -107.60 -205.75 -13.59
C LEU A 350 -108.06 -207.20 -13.60
N THR A 351 -109.33 -207.45 -13.90
CA THR A 351 -109.88 -208.81 -13.93
C THR A 351 -110.21 -209.29 -15.33
N LYS A 352 -110.99 -208.51 -16.09
CA LYS A 352 -111.36 -208.92 -17.44
C LYS A 352 -110.15 -208.90 -18.36
N GLU A 353 -110.09 -209.90 -19.25
CA GLU A 353 -108.98 -209.99 -20.18
C GLU A 353 -108.96 -208.82 -21.16
N GLU A 354 -110.13 -208.40 -21.62
CA GLU A 354 -110.20 -207.28 -22.56
C GLU A 354 -109.70 -205.99 -21.91
N ASP A 355 -110.09 -205.75 -20.65
CA ASP A 355 -109.62 -204.56 -19.95
C ASP A 355 -108.11 -204.61 -19.72
N LEU A 356 -107.58 -205.79 -19.39
CA LEU A 356 -106.13 -205.91 -19.22
C LEU A 356 -105.41 -205.66 -20.54
N ALA A 357 -105.94 -206.17 -21.65
CA ALA A 357 -105.33 -205.91 -22.95
C ALA A 357 -105.37 -204.43 -23.30
N ALA A 358 -106.49 -203.77 -23.01
CA ALA A 358 -106.58 -202.33 -23.27
C ALA A 358 -105.59 -201.55 -22.41
N LEU A 359 -105.43 -201.95 -21.15
CA LEU A 359 -104.45 -201.29 -20.28
C LEU A 359 -103.04 -201.49 -20.79
N ARG A 360 -102.71 -202.70 -21.23
CA ARG A 360 -101.38 -202.95 -21.79
C ARG A 360 -101.15 -202.13 -23.05
N HIS A 361 -102.17 -202.04 -23.91
CA HIS A 361 -102.04 -201.23 -25.13
C HIS A 361 -101.84 -199.76 -24.79
N GLU A 362 -102.56 -199.25 -23.79
CA GLU A 362 -102.39 -197.86 -23.38
C GLU A 362 -100.99 -197.62 -22.81
N ILE A 363 -100.49 -198.57 -22.01
CA ILE A 363 -99.15 -198.45 -21.46
C ILE A 363 -98.11 -198.44 -22.58
N GLU A 364 -98.27 -199.32 -23.56
CA GLU A 364 -97.35 -199.36 -24.70
C GLU A 364 -97.40 -198.06 -25.49
N LEU A 365 -98.60 -197.51 -25.70
CA LEU A 365 -98.73 -196.25 -26.42
C LEU A 365 -98.06 -195.11 -25.66
N ARG A 366 -98.23 -195.08 -24.34
CA ARG A 366 -97.59 -194.06 -23.52
C ARG A 366 -96.07 -194.20 -23.57
N MET A 367 -95.56 -195.43 -23.54
CA MET A 367 -94.12 -195.66 -23.64
C MET A 367 -93.58 -195.19 -24.99
N ARG A 368 -94.31 -195.49 -26.07
CA ARG A 368 -93.87 -195.08 -27.40
C ARG A 368 -93.91 -193.56 -27.55
N LYS A 369 -94.93 -192.91 -26.99
CA LYS A 369 -95.03 -191.46 -27.09
C LYS A 369 -93.86 -190.77 -26.38
N ASN A 370 -93.50 -191.25 -25.20
CA ASN A 370 -92.39 -190.64 -24.46
C ASN A 370 -91.07 -190.83 -25.20
N VAL A 371 -90.84 -192.01 -25.75
CA VAL A 371 -89.58 -192.29 -26.45
C VAL A 371 -89.58 -191.56 -27.79
N LYS A 372 -88.52 -190.80 -28.05
CA LYS A 372 -88.40 -190.08 -29.30
C LYS A 372 -88.15 -191.04 -30.46
N GLU A 373 -88.48 -190.58 -31.67
CA GLU A 373 -88.30 -191.38 -32.88
C GLU A 373 -86.82 -191.39 -33.23
N GLY A 374 -86.10 -192.36 -32.66
CA GLY A 374 -84.67 -192.47 -32.88
C GLY A 374 -83.89 -192.73 -31.60
N CYS A 375 -84.50 -192.42 -30.47
CA CYS A 375 -83.87 -192.62 -29.17
C CYS A 375 -84.34 -193.94 -28.56
N THR A 376 -83.73 -194.28 -27.42
CA THR A 376 -84.05 -195.51 -26.70
C THR A 376 -84.61 -195.26 -25.32
N VAL A 377 -83.99 -194.39 -24.53
CA VAL A 377 -84.41 -194.08 -23.18
C VAL A 377 -84.93 -192.66 -23.15
N SER A 378 -86.13 -192.47 -22.60
CA SER A 378 -86.76 -191.16 -22.52
C SER A 378 -86.84 -190.72 -21.08
N PRO A 379 -86.45 -189.48 -20.76
CA PRO A 379 -86.54 -189.01 -19.36
C PRO A 379 -87.96 -188.88 -18.86
N GLU A 380 -88.96 -188.83 -19.74
CA GLU A 380 -90.34 -188.68 -19.31
C GLU A 380 -90.80 -189.93 -18.54
N THR A 381 -91.58 -189.71 -17.49
CA THR A 381 -92.08 -190.77 -16.64
C THR A 381 -93.57 -190.99 -16.88
N ILE A 382 -94.04 -192.17 -16.49
CA ILE A 382 -95.44 -192.56 -16.64
C ILE A 382 -96.01 -192.82 -15.25
N SER A 383 -97.13 -192.17 -14.94
CA SER A 383 -97.77 -192.28 -13.64
C SER A 383 -99.04 -193.12 -13.76
N LEU A 384 -99.17 -194.12 -12.89
CA LEU A 384 -100.34 -195.00 -12.88
C LEU A 384 -100.73 -195.29 -11.45
N ASN A 385 -102.03 -195.21 -11.16
CA ASN A 385 -102.57 -195.47 -9.84
C ASN A 385 -103.38 -196.76 -9.87
N VAL A 386 -103.09 -197.67 -8.94
CA VAL A 386 -103.76 -198.96 -8.86
C VAL A 386 -104.60 -198.98 -7.59
N LYS A 387 -105.89 -199.31 -7.74
CA LYS A 387 -106.82 -199.37 -6.63
C LYS A 387 -107.50 -200.73 -6.61
N GLY A 388 -107.90 -201.14 -5.41
CA GLY A 388 -108.58 -202.41 -5.23
C GLY A 388 -108.32 -203.02 -3.86
N PRO A 389 -109.26 -203.85 -3.40
CA PRO A 389 -109.09 -204.48 -2.09
C PRO A 389 -107.94 -205.49 -2.09
N GLY A 390 -107.37 -205.68 -0.90
CA GLY A 390 -106.27 -206.61 -0.72
C GLY A 390 -104.89 -206.06 -1.04
N LEU A 391 -104.79 -204.80 -1.42
CA LEU A 391 -103.51 -204.17 -1.73
C LEU A 391 -103.04 -203.33 -0.56
N GLN A 392 -101.76 -202.96 -0.59
CA GLN A 392 -101.14 -202.15 0.44
C GLN A 392 -101.18 -200.68 0.03
N ARG A 393 -100.54 -199.82 0.81
CA ARG A 393 -100.48 -198.39 0.55
C ARG A 393 -99.02 -198.00 0.36
N MET A 394 -98.55 -198.09 -0.88
CA MET A 394 -97.16 -197.76 -1.21
C MET A 394 -97.08 -197.42 -2.68
N VAL A 395 -95.98 -196.79 -3.07
CA VAL A 395 -95.73 -196.37 -4.45
C VAL A 395 -94.54 -197.16 -4.97
N LEU A 396 -94.74 -197.85 -6.09
CA LEU A 396 -93.70 -198.65 -6.71
C LEU A 396 -93.26 -198.00 -8.02
N VAL A 397 -91.95 -197.94 -8.23
CA VAL A 397 -91.35 -197.33 -9.41
C VAL A 397 -90.66 -198.43 -10.21
N ASP A 398 -90.97 -198.50 -11.50
CA ASP A 398 -90.40 -199.50 -12.41
C ASP A 398 -89.38 -198.82 -13.32
N LEU A 399 -88.20 -199.43 -13.43
CA LEU A 399 -87.13 -198.91 -14.25
C LEU A 399 -86.61 -200.00 -15.18
N PRO A 400 -86.07 -199.63 -16.35
CA PRO A 400 -85.50 -200.64 -17.25
C PRO A 400 -84.32 -201.35 -16.61
N GLY A 401 -84.14 -202.61 -17.00
CA GLY A 401 -83.08 -203.41 -16.44
C GLY A 401 -81.70 -202.93 -16.85
N VAL A 402 -80.71 -203.26 -16.03
CA VAL A 402 -79.34 -202.86 -16.28
C VAL A 402 -78.75 -203.74 -17.37
N ILE A 403 -78.16 -203.11 -18.38
CA ILE A 403 -77.55 -203.82 -19.50
C ILE A 403 -76.04 -203.62 -19.46
N ASN A 404 -75.33 -204.50 -20.14
CA ASN A 404 -73.87 -204.45 -20.20
C ASN A 404 -73.36 -204.18 -21.61
N THR A 405 -73.85 -204.88 -22.61
CA THR A 405 -73.41 -204.67 -23.98
C THR A 405 -74.02 -203.39 -24.55
N VAL A 406 -73.41 -202.91 -25.63
CA VAL A 406 -73.85 -201.70 -26.32
C VAL A 406 -74.31 -202.09 -27.72
N THR A 407 -75.54 -201.68 -28.06
CA THR A 407 -76.10 -201.99 -29.37
C THR A 407 -75.61 -200.99 -30.40
N SER A 408 -75.09 -201.51 -31.52
CA SER A 408 -74.61 -200.63 -32.59
C SER A 408 -75.76 -199.92 -33.29
N GLY A 409 -76.93 -200.54 -33.34
CA GLY A 409 -78.08 -199.96 -33.98
C GLY A 409 -78.85 -198.94 -33.16
N MET A 410 -78.42 -198.68 -31.93
CA MET A 410 -79.06 -197.72 -31.05
C MET A 410 -78.04 -196.68 -30.58
N ALA A 411 -78.46 -195.84 -29.64
CA ALA A 411 -77.58 -194.80 -29.13
C ALA A 411 -76.43 -195.42 -28.36
N PRO A 412 -75.18 -195.06 -28.66
CA PRO A 412 -74.05 -195.63 -27.91
C PRO A 412 -74.04 -195.26 -26.44
N ASP A 413 -74.71 -194.18 -26.05
CA ASP A 413 -74.74 -193.73 -24.67
C ASP A 413 -75.98 -194.21 -23.92
N THR A 414 -76.67 -195.22 -24.45
CA THR A 414 -77.85 -195.74 -23.77
C THR A 414 -77.48 -196.35 -22.41
N LYS A 415 -76.40 -197.12 -22.37
CA LYS A 415 -75.97 -197.71 -21.11
C LYS A 415 -75.56 -196.62 -20.11
N GLU A 416 -74.84 -195.60 -20.58
CA GLU A 416 -74.46 -194.50 -19.69
C GLU A 416 -75.69 -193.76 -19.17
N THR A 417 -76.68 -193.53 -20.04
CA THR A 417 -77.91 -192.88 -19.60
C THR A 417 -78.65 -193.72 -18.56
N ILE A 418 -78.72 -195.02 -18.78
CA ILE A 418 -79.38 -195.91 -17.82
C ILE A 418 -78.65 -195.89 -16.49
N PHE A 419 -77.31 -195.92 -16.52
CA PHE A 419 -76.54 -195.87 -15.29
C PHE A 419 -76.75 -194.55 -14.55
N SER A 420 -76.78 -193.45 -15.29
CA SER A 420 -77.01 -192.14 -14.67
C SER A 420 -78.40 -192.07 -14.05
N ILE A 421 -79.41 -192.60 -14.73
CA ILE A 421 -80.77 -192.61 -14.19
C ILE A 421 -80.83 -193.46 -12.92
N SER A 422 -80.18 -194.62 -12.95
CA SER A 422 -80.16 -195.48 -11.76
C SER A 422 -79.46 -194.79 -10.59
N LYS A 423 -78.34 -194.11 -10.86
CA LYS A 423 -77.64 -193.40 -9.80
C LYS A 423 -78.49 -192.26 -9.24
N ALA A 424 -79.17 -191.52 -10.11
CA ALA A 424 -80.05 -190.44 -9.65
C ALA A 424 -81.18 -190.99 -8.79
N TYR A 425 -81.77 -192.12 -9.20
CA TYR A 425 -82.83 -192.73 -8.40
C TYR A 425 -82.31 -193.20 -7.05
N MET A 426 -81.11 -193.78 -7.04
CA MET A 426 -80.51 -194.25 -5.79
C MET A 426 -79.97 -193.12 -4.92
N GLN A 427 -79.90 -191.88 -5.45
CA GLN A 427 -79.42 -190.76 -4.66
C GLN A 427 -80.33 -190.47 -3.46
N ASN A 428 -81.57 -190.92 -3.50
CA ASN A 428 -82.47 -190.73 -2.36
C ASN A 428 -82.02 -191.60 -1.20
N PRO A 429 -81.71 -191.02 -0.04
CA PRO A 429 -81.28 -191.85 1.10
C PRO A 429 -82.35 -192.79 1.62
N ASN A 430 -83.63 -192.52 1.33
CA ASN A 430 -84.73 -193.33 1.82
C ASN A 430 -85.43 -194.10 0.69
N ALA A 431 -84.76 -194.28 -0.44
CA ALA A 431 -85.35 -195.01 -1.56
C ALA A 431 -85.25 -196.51 -1.31
N ILE A 432 -86.39 -197.16 -1.15
CA ILE A 432 -86.42 -198.61 -0.94
C ILE A 432 -86.24 -199.30 -2.28
N ILE A 433 -85.27 -200.21 -2.35
CA ILE A 433 -84.97 -200.94 -3.57
C ILE A 433 -85.44 -202.37 -3.41
N LEU A 434 -86.27 -202.84 -4.35
CA LEU A 434 -86.80 -204.20 -4.34
C LEU A 434 -86.08 -204.99 -5.42
N CYS A 435 -85.13 -205.83 -5.01
CA CYS A 435 -84.34 -206.64 -5.94
C CYS A 435 -85.11 -207.89 -6.32
N ILE A 436 -85.19 -208.16 -7.62
CA ILE A 436 -85.87 -209.33 -8.15
C ILE A 436 -84.87 -210.15 -8.94
N GLN A 437 -84.80 -211.44 -8.64
CA GLN A 437 -83.89 -212.36 -9.31
C GLN A 437 -84.70 -213.46 -10.01
N ASP A 438 -84.00 -214.44 -10.56
CA ASP A 438 -84.61 -215.55 -11.28
C ASP A 438 -84.08 -216.86 -10.74
N GLY A 439 -84.80 -217.94 -11.04
CA GLY A 439 -84.39 -219.26 -10.59
C GLY A 439 -83.05 -219.68 -11.19
N SER A 440 -82.81 -219.34 -12.46
CA SER A 440 -81.57 -219.68 -13.13
C SER A 440 -80.46 -218.66 -12.88
N VAL A 441 -80.74 -217.58 -12.17
CA VAL A 441 -79.76 -216.53 -11.89
C VAL A 441 -79.41 -216.60 -10.41
N ASP A 442 -78.10 -216.70 -10.13
CA ASP A 442 -77.64 -216.78 -8.76
C ASP A 442 -77.68 -215.40 -8.10
N ALA A 443 -77.52 -215.40 -6.77
CA ALA A 443 -77.53 -214.15 -6.02
C ALA A 443 -76.37 -213.25 -6.44
N GLU A 444 -75.19 -213.82 -6.62
CA GLU A 444 -74.04 -213.04 -7.03
C GLU A 444 -74.12 -212.60 -8.50
N ARG A 445 -74.89 -213.32 -9.32
CA ARG A 445 -75.05 -212.98 -10.72
C ARG A 445 -76.00 -211.80 -10.93
N SER A 446 -76.72 -211.38 -9.90
CA SER A 446 -77.67 -210.27 -10.02
C SER A 446 -76.89 -208.96 -9.94
N ILE A 447 -76.94 -208.17 -11.02
CA ILE A 447 -76.24 -206.89 -11.03
C ILE A 447 -76.89 -205.92 -10.05
N VAL A 448 -78.22 -205.96 -9.93
CA VAL A 448 -78.92 -205.06 -9.01
C VAL A 448 -78.51 -205.33 -7.57
N THR A 449 -78.43 -206.61 -7.20
CA THR A 449 -78.03 -206.96 -5.84
C THR A 449 -76.62 -206.50 -5.53
N ASP A 450 -75.69 -206.70 -6.48
CA ASP A 450 -74.32 -206.26 -6.29
C ASP A 450 -74.23 -204.74 -6.16
N LEU A 451 -74.99 -204.02 -6.99
CA LEU A 451 -75.00 -202.57 -6.91
C LEU A 451 -75.56 -202.08 -5.59
N VAL A 452 -76.63 -202.72 -5.11
CA VAL A 452 -77.20 -202.35 -3.82
C VAL A 452 -76.21 -202.61 -2.69
N SER A 453 -75.52 -203.77 -2.73
CA SER A 453 -74.53 -204.08 -1.71
C SER A 453 -73.38 -203.08 -1.73
N GLN A 454 -72.92 -202.69 -2.92
CA GLN A 454 -71.84 -201.72 -3.02
C GLN A 454 -72.27 -200.36 -2.50
N MET A 455 -73.49 -199.93 -2.84
CA MET A 455 -73.97 -198.62 -2.40
C MET A 455 -74.41 -198.64 -0.94
N ASP A 456 -74.94 -199.75 -0.46
CA ASP A 456 -75.42 -199.88 0.92
C ASP A 456 -74.82 -201.13 1.54
N PRO A 457 -73.57 -201.06 1.97
CA PRO A 457 -72.95 -202.23 2.62
C PRO A 457 -73.68 -202.69 3.87
N HIS A 458 -74.25 -201.76 4.65
CA HIS A 458 -74.96 -202.16 5.86
C HIS A 458 -76.29 -202.82 5.52
N GLY A 459 -77.03 -202.27 4.57
CA GLY A 459 -78.32 -202.84 4.19
C GLY A 459 -79.36 -202.80 5.29
N ARG A 460 -79.38 -201.72 6.08
CA ARG A 460 -80.35 -201.59 7.15
C ARG A 460 -81.74 -201.21 6.66
N ARG A 461 -81.86 -200.73 5.43
CA ARG A 461 -83.15 -200.36 4.87
C ARG A 461 -83.56 -201.20 3.66
N THR A 462 -82.68 -202.03 3.14
CA THR A 462 -82.97 -202.88 1.99
C THR A 462 -83.25 -204.31 2.46
N ILE A 463 -84.37 -204.86 2.02
CA ILE A 463 -84.78 -206.21 2.39
C ILE A 463 -84.76 -207.08 1.14
N PHE A 464 -84.02 -208.18 1.20
CA PHE A 464 -83.90 -209.09 0.06
C PHE A 464 -85.14 -209.99 -0.02
N VAL A 465 -85.69 -210.11 -1.22
CA VAL A 465 -86.83 -210.97 -1.49
C VAL A 465 -86.44 -211.99 -2.54
N LEU A 466 -86.67 -213.27 -2.25
CA LEU A 466 -86.31 -214.36 -3.16
C LEU A 466 -87.57 -214.80 -3.90
N THR A 467 -87.48 -214.81 -5.23
CA THR A 467 -88.61 -215.18 -6.09
C THR A 467 -88.24 -216.39 -6.93
N LYS A 468 -89.26 -217.15 -7.33
CA LYS A 468 -89.09 -218.35 -8.15
C LYS A 468 -88.16 -219.36 -7.47
N VAL A 469 -88.51 -219.72 -6.24
CA VAL A 469 -87.70 -220.69 -5.50
C VAL A 469 -87.78 -222.07 -6.13
N ASP A 470 -88.96 -222.46 -6.63
CA ASP A 470 -89.11 -223.78 -7.23
C ASP A 470 -88.24 -223.94 -8.48
N LEU A 471 -88.17 -222.90 -9.31
CA LEU A 471 -87.34 -222.97 -10.52
C LEU A 471 -85.87 -223.13 -10.16
N ALA A 472 -85.39 -222.40 -9.15
CA ALA A 472 -84.01 -222.55 -8.72
C ALA A 472 -83.75 -223.93 -8.14
N GLU A 473 -84.71 -224.44 -7.36
CA GLU A 473 -84.54 -225.78 -6.76
C GLU A 473 -84.49 -226.87 -7.83
N LYS A 474 -85.34 -226.75 -8.86
CA LYS A 474 -85.36 -227.76 -9.91
C LYS A 474 -84.11 -227.76 -10.77
N ASN A 475 -83.31 -226.70 -10.70
CA ASN A 475 -82.07 -226.60 -11.48
C ASN A 475 -80.88 -227.16 -10.70
N VAL A 476 -81.03 -228.40 -10.22
CA VAL A 476 -80.05 -229.15 -9.42
C VAL A 476 -79.20 -228.24 -8.53
N ALA A 477 -79.84 -227.28 -7.87
CA ALA A 477 -79.13 -226.37 -6.99
C ALA A 477 -78.82 -227.03 -5.65
N SER A 478 -77.86 -226.45 -4.93
CA SER A 478 -77.48 -226.97 -3.62
C SER A 478 -78.41 -226.41 -2.56
N PRO A 479 -79.09 -227.26 -1.78
CA PRO A 479 -79.98 -226.73 -0.73
C PRO A 479 -79.25 -225.93 0.34
N SER A 480 -77.96 -226.17 0.54
CA SER A 480 -77.21 -225.42 1.53
C SER A 480 -77.14 -223.94 1.18
N ARG A 481 -76.94 -223.63 -0.10
CA ARG A 481 -76.91 -222.23 -0.53
C ARG A 481 -78.26 -221.57 -0.30
N ILE A 482 -79.35 -222.26 -0.62
CA ILE A 482 -80.68 -221.70 -0.40
C ILE A 482 -80.94 -221.47 1.07
N GLN A 483 -80.54 -222.43 1.92
CA GLN A 483 -80.71 -222.26 3.36
C GLN A 483 -79.91 -221.08 3.88
N GLN A 484 -78.67 -220.93 3.42
CA GLN A 484 -77.85 -219.80 3.84
C GLN A 484 -78.44 -218.47 3.40
N ILE A 485 -78.97 -218.43 2.17
CA ILE A 485 -79.58 -217.20 1.68
C ILE A 485 -80.82 -216.84 2.50
N ILE A 486 -81.66 -217.84 2.77
CA ILE A 486 -82.87 -217.60 3.56
C ILE A 486 -82.50 -217.19 4.98
N GLU A 487 -81.56 -217.89 5.60
CA GLU A 487 -81.15 -217.56 6.96
C GLU A 487 -80.33 -216.28 7.02
N GLY A 488 -79.64 -215.92 5.94
CA GLY A 488 -78.87 -214.70 5.90
C GLY A 488 -77.43 -214.88 6.35
N LYS A 489 -76.83 -216.01 5.99
CA LYS A 489 -75.45 -216.31 6.34
C LYS A 489 -74.48 -216.06 5.18
N LEU A 490 -74.96 -215.48 4.09
CA LEU A 490 -74.13 -215.21 2.92
C LEU A 490 -74.08 -213.74 2.54
N PHE A 491 -75.19 -213.02 2.66
CA PHE A 491 -75.23 -211.61 2.30
C PHE A 491 -74.54 -210.78 3.38
N PRO A 492 -73.51 -209.99 3.03
CA PRO A 492 -72.86 -209.17 4.06
C PRO A 492 -73.78 -208.14 4.68
N MET A 493 -74.76 -207.63 3.95
CA MET A 493 -75.66 -206.62 4.48
C MET A 493 -76.55 -207.21 5.57
N LYS A 494 -76.88 -206.38 6.56
CA LYS A 494 -77.73 -206.79 7.68
C LYS A 494 -79.15 -206.35 7.39
N ALA A 495 -79.83 -207.12 6.55
CA ALA A 495 -81.21 -206.83 6.20
C ALA A 495 -82.14 -207.13 7.37
N LEU A 496 -83.30 -206.47 7.36
CA LEU A 496 -84.28 -206.66 8.42
C LEU A 496 -84.90 -208.05 8.39
N GLY A 497 -84.82 -208.74 7.26
CA GLY A 497 -85.36 -210.09 7.17
C GLY A 497 -85.16 -210.64 5.78
N TYR A 498 -85.49 -211.93 5.63
CA TYR A 498 -85.37 -212.62 4.35
C TYR A 498 -86.57 -213.54 4.19
N PHE A 499 -87.28 -213.40 3.08
CA PHE A 499 -88.45 -214.22 2.78
C PHE A 499 -88.32 -214.80 1.38
N ALA A 500 -88.70 -216.06 1.23
CA ALA A 500 -88.65 -216.77 -0.05
C ALA A 500 -90.07 -217.05 -0.51
N VAL A 501 -90.40 -216.62 -1.73
CA VAL A 501 -91.72 -216.81 -2.30
C VAL A 501 -91.57 -217.36 -3.72
N VAL A 502 -92.65 -217.93 -4.22
CA VAL A 502 -92.72 -218.50 -5.56
C VAL A 502 -93.71 -217.69 -6.38
N THR A 503 -93.26 -217.17 -7.51
CA THR A 503 -94.08 -216.36 -8.40
C THR A 503 -94.35 -217.08 -9.72
N GLY A 504 -94.54 -218.39 -9.65
CA GLY A 504 -94.82 -219.18 -10.83
C GLY A 504 -93.56 -219.51 -11.62
N LYS A 505 -93.77 -220.12 -12.78
CA LYS A 505 -92.69 -220.51 -13.66
C LYS A 505 -92.21 -219.37 -14.56
N GLY A 506 -92.86 -218.22 -14.50
CA GLY A 506 -92.46 -217.09 -15.33
C GLY A 506 -92.93 -217.15 -16.77
N ASN A 507 -93.78 -218.10 -17.12
CA ASN A 507 -94.27 -218.23 -18.49
C ASN A 507 -95.40 -217.24 -18.73
N SER A 508 -96.00 -217.30 -19.92
CA SER A 508 -97.09 -216.42 -20.29
C SER A 508 -98.38 -217.20 -20.55
N SER A 509 -98.56 -218.33 -19.85
CA SER A 509 -99.76 -219.13 -20.02
C SER A 509 -100.36 -219.57 -18.70
N GLU A 510 -99.95 -218.95 -17.59
CA GLU A 510 -100.47 -219.28 -16.26
C GLU A 510 -101.21 -218.06 -15.73
N SER A 511 -102.46 -218.28 -15.30
CA SER A 511 -103.26 -217.20 -14.76
C SER A 511 -102.78 -216.81 -13.36
N ILE A 512 -103.20 -215.63 -12.92
CA ILE A 512 -102.81 -215.13 -11.60
C ILE A 512 -103.34 -216.06 -10.51
N GLU A 513 -104.60 -216.49 -10.64
CA GLU A 513 -105.18 -217.38 -9.63
C GLU A 513 -104.44 -218.70 -9.57
N ALA A 514 -104.07 -219.26 -10.74
CA ALA A 514 -103.33 -220.52 -10.76
C ALA A 514 -101.97 -220.37 -10.08
N ILE A 515 -101.27 -219.27 -10.36
CA ILE A 515 -99.96 -219.05 -9.73
C ILE A 515 -100.11 -218.87 -8.23
N ARG A 516 -101.15 -218.15 -7.80
CA ARG A 516 -101.38 -217.97 -6.36
C ARG A 516 -101.68 -219.30 -5.69
N GLU A 517 -102.50 -220.14 -6.33
CA GLU A 517 -102.81 -221.45 -5.76
C GLU A 517 -101.56 -222.33 -5.69
N TYR A 518 -100.73 -222.29 -6.73
CA TYR A 518 -99.50 -223.06 -6.71
C TYR A 518 -98.56 -222.59 -5.60
N GLU A 519 -98.46 -221.26 -5.41
CA GLU A 519 -97.62 -220.73 -4.34
C GLU A 519 -98.15 -221.14 -2.98
N GLU A 520 -99.47 -221.10 -2.80
CA GLU A 520 -100.06 -221.52 -1.52
C GLU A 520 -99.80 -223.00 -1.26
N GLU A 521 -99.93 -223.84 -2.29
CA GLU A 521 -99.66 -225.26 -2.14
C GLU A 521 -98.20 -225.51 -1.80
N PHE A 522 -97.29 -224.78 -2.45
CA PHE A 522 -95.87 -224.93 -2.15
C PHE A 522 -95.56 -224.50 -0.73
N PHE A 523 -96.17 -223.41 -0.26
CA PHE A 523 -95.97 -222.96 1.11
C PHE A 523 -96.51 -223.98 2.11
N GLN A 524 -97.68 -224.56 1.82
CA GLN A 524 -98.24 -225.56 2.72
C GLN A 524 -97.38 -226.82 2.77
N ASN A 525 -96.90 -227.28 1.62
CA ASN A 525 -96.06 -228.47 1.52
C ASN A 525 -94.81 -228.12 0.71
N SER A 526 -93.70 -227.94 1.40
CA SER A 526 -92.43 -227.58 0.76
C SER A 526 -91.38 -228.63 1.08
N LYS A 527 -90.49 -228.86 0.12
CA LYS A 527 -89.40 -229.83 0.30
C LYS A 527 -88.31 -229.34 1.24
N LEU A 528 -88.30 -228.05 1.58
CA LEU A 528 -87.29 -227.50 2.48
C LEU A 528 -87.82 -227.26 3.89
N LEU A 529 -89.12 -227.00 4.04
CA LEU A 529 -89.68 -226.79 5.37
C LEU A 529 -89.71 -228.08 6.18
N LYS A 530 -89.87 -229.22 5.52
CA LYS A 530 -89.91 -230.51 6.21
C LYS A 530 -88.55 -230.97 6.71
N THR A 531 -87.47 -230.31 6.28
CA THR A 531 -86.12 -230.66 6.72
C THR A 531 -85.69 -229.93 7.99
N SER A 532 -86.57 -229.09 8.55
CA SER A 532 -86.27 -228.33 9.76
C SER A 532 -85.01 -227.48 9.61
N MET A 533 -84.85 -226.89 8.42
CA MET A 533 -83.71 -226.03 8.13
C MET A 533 -84.10 -224.58 7.89
N LEU A 534 -85.38 -224.25 7.96
CA LEU A 534 -85.86 -222.89 7.75
C LEU A 534 -86.70 -222.45 8.94
N LYS A 535 -86.60 -221.15 9.25
CA LYS A 535 -87.34 -220.60 10.37
C LYS A 535 -88.84 -220.60 10.08
N ALA A 536 -89.63 -220.89 11.13
CA ALA A 536 -91.07 -220.96 10.96
C ALA A 536 -91.70 -219.58 10.85
N HIS A 537 -91.05 -218.56 11.40
CA HIS A 537 -91.58 -217.20 11.38
C HIS A 537 -91.22 -216.43 10.11
N GLN A 538 -90.45 -217.04 9.20
CA GLN A 538 -90.07 -216.42 7.95
C GLN A 538 -90.93 -216.88 6.77
N VAL A 539 -92.21 -217.15 7.01
CA VAL A 539 -93.11 -217.62 5.97
C VAL A 539 -94.11 -216.52 5.61
N THR A 540 -94.87 -216.74 4.54
CA THR A 540 -95.86 -215.78 4.05
C THR A 540 -95.25 -214.41 3.77
N THR A 541 -96.09 -213.40 3.60
CA THR A 541 -95.63 -212.05 3.32
C THR A 541 -96.35 -210.97 4.13
N ARG A 542 -97.29 -211.34 5.02
CA ARG A 542 -98.06 -210.34 5.74
C ARG A 542 -97.18 -209.51 6.67
N ASN A 543 -96.34 -210.19 7.47
CA ASN A 543 -95.48 -209.48 8.41
C ASN A 543 -94.46 -208.61 7.68
N LEU A 544 -93.88 -209.14 6.60
CA LEU A 544 -92.91 -208.35 5.82
C LEU A 544 -93.58 -207.12 5.21
N SER A 545 -94.78 -207.30 4.65
CA SER A 545 -95.49 -206.17 4.06
C SER A 545 -95.83 -205.12 5.12
N LEU A 546 -96.28 -205.55 6.30
CA LEU A 546 -96.60 -204.61 7.37
C LEU A 546 -95.35 -203.85 7.81
N ALA A 547 -94.23 -204.55 7.97
CA ALA A 547 -92.99 -203.89 8.39
C ALA A 547 -92.53 -202.89 7.34
N VAL A 548 -92.60 -203.27 6.05
CA VAL A 548 -92.20 -202.37 4.98
C VAL A 548 -93.09 -201.14 4.95
N SER A 549 -94.40 -201.34 5.10
CA SER A 549 -95.33 -200.21 5.11
C SER A 549 -95.06 -199.28 6.28
N ASP A 550 -94.82 -199.83 7.47
CA ASP A 550 -94.53 -198.99 8.63
C ASP A 550 -93.23 -198.21 8.45
N CYS A 551 -92.20 -198.87 7.93
CA CYS A 551 -90.93 -198.18 7.70
C CYS A 551 -91.08 -197.07 6.67
N PHE A 552 -91.82 -197.35 5.58
CA PHE A 552 -92.04 -196.33 4.57
C PHE A 552 -92.83 -195.15 5.13
N TRP A 553 -93.86 -195.43 5.93
CA TRP A 553 -94.65 -194.36 6.52
C TRP A 553 -93.82 -193.49 7.46
N LYS A 554 -93.01 -194.12 8.32
CA LYS A 554 -92.20 -193.33 9.24
C LYS A 554 -91.13 -192.53 8.51
N MET A 555 -90.50 -193.11 7.49
CA MET A 555 -89.47 -192.39 6.75
C MET A 555 -90.06 -191.25 5.94
N VAL A 556 -91.25 -191.45 5.36
CA VAL A 556 -91.88 -190.36 4.60
C VAL A 556 -92.38 -189.27 5.55
N ARG A 557 -92.81 -189.64 6.76
CA ARG A 557 -93.20 -188.63 7.73
C ARG A 557 -92.00 -187.78 8.15
N GLU A 558 -90.86 -188.43 8.41
CA GLU A 558 -89.66 -187.67 8.74
C GLU A 558 -89.22 -186.79 7.57
N SER A 559 -89.29 -187.32 6.34
CA SER A 559 -88.89 -186.55 5.17
C SER A 559 -89.78 -185.33 4.98
N VAL A 560 -91.10 -185.50 5.14
CA VAL A 560 -92.00 -184.36 4.95
C VAL A 560 -91.84 -183.36 6.09
N GLU A 561 -91.55 -183.83 7.31
CA GLU A 561 -91.29 -182.90 8.41
C GLU A 561 -90.06 -182.06 8.13
N GLN A 562 -88.99 -182.68 7.61
CA GLN A 562 -87.81 -181.91 7.25
C GLN A 562 -88.08 -180.96 6.08
N GLN A 563 -88.83 -181.44 5.08
CA GLN A 563 -89.08 -180.63 3.89
C GLN A 563 -90.00 -179.45 4.16
N ALA A 564 -90.87 -179.55 5.17
CA ALA A 564 -91.75 -178.42 5.50
C ALA A 564 -90.95 -177.17 5.79
N ASP A 565 -89.72 -177.30 6.30
CA ASP A 565 -88.83 -176.18 6.48
C ASP A 565 -87.78 -176.05 5.38
N SER A 566 -87.36 -177.18 4.79
CA SER A 566 -86.36 -177.13 3.73
C SER A 566 -86.87 -176.38 2.51
N PHE A 567 -88.12 -176.64 2.10
CA PHE A 567 -88.67 -175.94 0.95
C PHE A 567 -88.92 -174.47 1.24
N LYS A 568 -89.34 -174.14 2.46
CA LYS A 568 -89.47 -172.73 2.83
C LYS A 568 -88.13 -172.01 2.76
N ALA A 569 -87.07 -172.65 3.27
CA ALA A 569 -85.74 -172.06 3.18
C ALA A 569 -85.30 -171.90 1.73
N THR A 570 -85.58 -172.90 0.89
CA THR A 570 -85.21 -172.82 -0.51
C THR A 570 -85.95 -171.68 -1.21
N ARG A 571 -87.25 -171.54 -0.94
CA ARG A 571 -88.02 -170.44 -1.52
C ARG A 571 -87.50 -169.09 -1.07
N PHE A 572 -87.17 -168.96 0.23
CA PHE A 572 -86.62 -167.71 0.72
C PHE A 572 -85.29 -167.39 0.06
N ASN A 573 -84.43 -168.39 -0.10
CA ASN A 573 -83.14 -168.18 -0.75
C ASN A 573 -83.32 -167.77 -2.21
N LEU A 574 -84.26 -168.42 -2.91
CA LEU A 574 -84.51 -168.06 -4.31
C LEU A 574 -85.04 -166.64 -4.42
N GLU A 575 -85.96 -166.24 -3.53
CA GLU A 575 -86.48 -164.88 -3.55
C GLU A 575 -85.37 -163.87 -3.27
N THR A 576 -84.51 -164.18 -2.30
CA THR A 576 -83.40 -163.28 -1.99
C THR A 576 -82.44 -163.16 -3.17
N GLU A 577 -82.16 -164.28 -3.84
CA GLU A 577 -81.28 -164.24 -5.02
C GLU A 577 -81.89 -163.41 -6.13
N TRP A 578 -83.20 -163.58 -6.37
CA TRP A 578 -83.85 -162.80 -7.41
C TRP A 578 -83.84 -161.31 -7.08
N LYS A 579 -84.10 -160.97 -5.82
CA LYS A 579 -84.08 -159.56 -5.43
C LYS A 579 -82.67 -158.97 -5.54
N ASN A 580 -81.65 -159.73 -5.14
CA ASN A 580 -80.29 -159.22 -5.17
C ASN A 580 -79.78 -159.05 -6.60
N ASN A 581 -80.06 -160.02 -7.47
CA ASN A 581 -79.62 -159.92 -8.85
C ASN A 581 -80.32 -158.79 -9.59
N TYR A 582 -81.58 -158.51 -9.24
CA TYR A 582 -82.38 -157.47 -9.88
C TYR A 582 -82.97 -156.57 -8.80
N PRO A 583 -82.16 -155.67 -8.23
CA PRO A 583 -82.68 -154.76 -7.20
C PRO A 583 -83.80 -153.85 -7.71
N ARG A 584 -83.75 -153.46 -8.98
CA ARG A 584 -84.75 -152.56 -9.55
C ARG A 584 -85.76 -153.27 -10.42
N LEU A 585 -85.71 -154.59 -10.50
CA LEU A 585 -86.64 -155.38 -11.29
C LEU A 585 -87.28 -156.46 -10.43
N ARG A 586 -88.61 -156.55 -10.50
CA ARG A 586 -89.34 -157.55 -9.74
C ARG A 586 -89.50 -158.81 -10.58
N GLU A 587 -90.35 -159.74 -10.13
CA GLU A 587 -90.56 -160.99 -10.84
C GLU A 587 -91.08 -160.73 -12.26
N LEU A 588 -90.46 -161.40 -13.23
CA LEU A 588 -90.81 -161.25 -14.65
C LEU A 588 -90.98 -162.64 -15.24
N ASP A 589 -92.22 -163.15 -15.18
CA ASP A 589 -92.53 -164.46 -15.72
C ASP A 589 -92.90 -164.34 -17.20
N ARG A 590 -93.31 -165.46 -17.80
CA ARG A 590 -93.62 -165.48 -19.22
C ARG A 590 -94.81 -164.56 -19.54
N ASN A 591 -95.87 -164.61 -18.72
CA ASN A 591 -97.07 -163.84 -19.02
C ASN A 591 -96.81 -162.34 -18.95
N GLU A 592 -96.18 -161.89 -17.86
CA GLU A 592 -95.93 -160.45 -17.70
C GLU A 592 -94.96 -159.95 -18.77
N LEU A 593 -93.92 -160.71 -19.07
CA LEU A 593 -92.96 -160.28 -20.09
C LEU A 593 -93.60 -160.25 -21.47
N PHE A 594 -94.46 -161.23 -21.78
CA PHE A 594 -95.15 -161.22 -23.07
C PHE A 594 -96.10 -160.03 -23.17
N GLU A 595 -96.82 -159.72 -22.08
CA GLU A 595 -97.70 -158.57 -22.09
C GLU A 595 -96.92 -157.27 -22.26
N LYS A 596 -95.76 -157.16 -21.59
CA LYS A 596 -94.93 -155.97 -21.73
C LYS A 596 -94.40 -155.83 -23.15
N ALA A 597 -94.00 -156.95 -23.77
CA ALA A 597 -93.53 -156.91 -25.15
C ALA A 597 -94.65 -156.50 -26.09
N LYS A 598 -95.87 -157.01 -25.87
CA LYS A 598 -97.00 -156.60 -26.70
C LYS A 598 -97.29 -155.12 -26.54
N ASN A 599 -97.24 -154.61 -25.30
CA ASN A 599 -97.47 -153.19 -25.07
C ASN A 599 -96.39 -152.34 -25.73
N GLU A 600 -95.13 -152.78 -25.66
CA GLU A 600 -94.06 -152.04 -26.31
C GLU A 600 -94.23 -152.04 -27.82
N ILE A 601 -94.65 -153.16 -28.40
CA ILE A 601 -94.90 -153.22 -29.84
C ILE A 601 -96.04 -152.27 -30.21
N LEU A 602 -97.10 -152.25 -29.41
CA LEU A 602 -98.21 -151.33 -29.68
C LEU A 602 -97.76 -149.88 -29.59
N ASP A 603 -96.94 -149.55 -28.59
CA ASP A 603 -96.45 -148.18 -28.46
C ASP A 603 -95.55 -147.81 -29.65
N GLU A 604 -94.71 -148.73 -30.10
CA GLU A 604 -93.87 -148.47 -31.26
C GLU A 604 -94.71 -148.25 -32.51
N VAL A 605 -95.76 -149.05 -32.69
CA VAL A 605 -96.65 -148.86 -33.84
C VAL A 605 -97.35 -147.52 -33.76
N ILE A 606 -97.78 -147.13 -32.57
CA ILE A 606 -98.44 -145.84 -32.38
C ILE A 606 -97.48 -144.71 -32.73
N SER A 607 -96.24 -144.79 -32.25
CA SER A 607 -95.25 -143.76 -32.56
C SER A 607 -94.96 -143.71 -34.05
N LEU A 608 -94.87 -144.87 -34.71
CA LEU A 608 -94.67 -144.91 -36.15
C LEU A 608 -95.81 -144.24 -36.89
N SER A 609 -97.05 -144.50 -36.46
CA SER A 609 -98.21 -143.88 -37.11
C SER A 609 -98.30 -142.39 -36.81
N GLN A 610 -97.71 -141.94 -35.70
CA GLN A 610 -97.80 -140.54 -35.29
C GLN A 610 -96.72 -139.67 -35.91
N VAL A 611 -95.80 -140.23 -36.68
CA VAL A 611 -94.76 -139.42 -37.32
C VAL A 611 -95.39 -138.52 -38.37
N THR A 612 -94.91 -137.29 -38.45
CA THR A 612 -95.43 -136.32 -39.41
C THR A 612 -95.23 -136.82 -40.84
N PRO A 613 -96.27 -136.82 -41.67
CA PRO A 613 -96.09 -137.31 -43.06
C PRO A 613 -95.09 -136.51 -43.87
N LYS A 614 -94.88 -135.23 -43.54
CA LYS A 614 -93.96 -134.42 -44.31
C LYS A 614 -92.52 -134.96 -44.23
N HIS A 615 -92.10 -135.39 -43.03
CA HIS A 615 -90.78 -135.97 -42.90
C HIS A 615 -90.65 -137.26 -43.70
N TRP A 616 -91.69 -138.08 -43.69
CA TRP A 616 -91.69 -139.29 -44.51
C TRP A 616 -91.55 -138.95 -45.98
N GLU A 617 -92.30 -137.95 -46.46
CA GLU A 617 -92.23 -137.57 -47.86
C GLU A 617 -90.83 -137.08 -48.22
N GLU A 618 -90.25 -136.24 -47.36
CA GLU A 618 -88.91 -135.73 -47.63
C GLU A 618 -87.88 -136.86 -47.66
N ILE A 619 -87.94 -137.78 -46.70
CA ILE A 619 -87.00 -138.88 -46.64
C ILE A 619 -87.14 -139.77 -47.87
N LEU A 620 -88.37 -140.10 -48.23
CA LEU A 620 -88.60 -140.95 -49.40
C LEU A 620 -88.12 -140.29 -50.67
N GLN A 621 -88.40 -138.99 -50.83
CA GLN A 621 -87.96 -138.28 -52.03
C GLN A 621 -86.44 -138.25 -52.12
N GLN A 622 -85.77 -137.94 -51.00
CA GLN A 622 -84.31 -137.88 -51.00
C GLN A 622 -83.71 -139.24 -51.32
N SER A 623 -84.22 -140.30 -50.67
CA SER A 623 -83.68 -141.63 -50.90
C SER A 623 -83.91 -142.08 -52.33
N LEU A 624 -85.10 -141.85 -52.86
CA LEU A 624 -85.39 -142.24 -54.24
C LEU A 624 -84.52 -141.47 -55.23
N TRP A 625 -84.34 -140.17 -55.01
CA TRP A 625 -83.50 -139.38 -55.90
C TRP A 625 -82.05 -139.87 -55.87
N GLU A 626 -81.53 -140.13 -54.66
CA GLU A 626 -80.16 -140.63 -54.55
C GLU A 626 -80.03 -142.01 -55.21
N ARG A 627 -81.08 -142.81 -55.16
CA ARG A 627 -81.02 -144.15 -55.75
C ARG A 627 -81.07 -144.09 -57.27
N VAL A 628 -81.91 -143.23 -57.84
CA VAL A 628 -82.17 -143.23 -59.27
C VAL A 628 -81.38 -142.16 -60.02
N SER A 629 -80.52 -141.41 -59.32
CA SER A 629 -79.72 -140.40 -60.02
C SER A 629 -78.82 -141.04 -61.07
N THR A 630 -78.12 -142.11 -60.69
CA THR A 630 -77.24 -142.79 -61.64
C THR A 630 -78.02 -143.41 -62.79
N HIS A 631 -79.17 -144.01 -62.48
CA HIS A 631 -80.00 -144.62 -63.52
C HIS A 631 -80.48 -143.57 -64.52
N VAL A 632 -80.95 -142.42 -64.00
CA VAL A 632 -81.42 -141.35 -64.87
C VAL A 632 -80.28 -140.82 -65.73
N ILE A 633 -79.10 -140.62 -65.13
CA ILE A 633 -77.96 -140.11 -65.88
C ILE A 633 -77.60 -141.07 -67.01
N GLU A 634 -77.42 -142.35 -66.68
CA GLU A 634 -76.99 -143.33 -67.66
C GLU A 634 -78.08 -143.69 -68.68
N ASN A 635 -79.34 -143.37 -68.41
CA ASN A 635 -80.41 -143.63 -69.36
C ASN A 635 -80.82 -142.39 -70.15
N ILE A 636 -80.34 -141.20 -69.77
CA ILE A 636 -80.71 -139.98 -70.49
C ILE A 636 -79.49 -139.38 -71.17
N TYR A 637 -78.46 -139.04 -70.39
CA TYR A 637 -77.32 -138.31 -70.95
C TYR A 637 -76.44 -139.22 -71.79
N LEU A 638 -76.32 -140.51 -71.44
CA LEU A 638 -75.48 -141.42 -72.21
C LEU A 638 -75.95 -141.56 -73.65
N PRO A 639 -77.24 -141.80 -73.94
CA PRO A 639 -77.63 -141.82 -75.36
C PRO A 639 -77.62 -140.44 -76.00
N ALA A 640 -78.12 -139.43 -75.30
CA ALA A 640 -78.18 -138.07 -75.83
C ALA A 640 -76.95 -137.26 -75.39
N ALA A 641 -75.78 -137.77 -75.77
CA ALA A 641 -74.52 -137.16 -75.39
C ALA A 641 -74.02 -136.12 -76.40
N GLN A 642 -74.68 -135.99 -77.55
CA GLN A 642 -74.24 -135.06 -78.58
C GLN A 642 -75.38 -134.18 -79.08
N THR A 643 -76.47 -134.07 -78.33
CA THR A 643 -77.57 -133.21 -78.73
C THR A 643 -77.18 -131.75 -78.64
N MET A 644 -77.58 -130.97 -79.64
CA MET A 644 -77.32 -129.53 -79.70
C MET A 644 -78.54 -128.69 -79.36
N ASN A 645 -79.68 -129.00 -79.96
CA ASN A 645 -80.90 -128.25 -79.68
C ASN A 645 -81.50 -128.69 -78.36
N SER A 646 -81.95 -127.72 -77.57
CA SER A 646 -82.57 -128.03 -76.29
C SER A 646 -83.91 -128.73 -76.46
N GLY A 647 -84.63 -128.43 -77.54
CA GLY A 647 -85.91 -129.06 -77.77
C GLY A 647 -85.80 -130.57 -77.99
N THR A 648 -84.81 -130.99 -78.78
CA THR A 648 -84.60 -132.42 -79.00
C THR A 648 -84.23 -133.11 -77.69
N PHE A 649 -83.38 -132.49 -76.87
CA PHE A 649 -83.01 -133.06 -75.59
C PHE A 649 -84.23 -133.20 -74.68
N ASN A 650 -85.09 -132.17 -74.65
CA ASN A 650 -86.29 -132.24 -73.83
C ASN A 650 -87.23 -133.33 -74.32
N THR A 651 -87.37 -133.47 -75.64
CA THR A 651 -88.22 -134.52 -76.19
C THR A 651 -87.68 -135.90 -75.81
N THR A 652 -86.37 -136.09 -75.92
CA THR A 652 -85.77 -137.37 -75.54
C THR A 652 -85.97 -137.64 -74.06
N VAL A 653 -85.83 -136.62 -73.22
CA VAL A 653 -86.05 -136.78 -71.78
C VAL A 653 -87.49 -137.21 -71.51
N ASP A 654 -88.45 -136.56 -72.17
CA ASP A 654 -89.85 -136.91 -71.98
C ASP A 654 -90.13 -138.33 -72.45
N ILE A 655 -89.55 -138.73 -73.58
CA ILE A 655 -89.74 -140.09 -74.08
C ILE A 655 -89.19 -141.12 -73.09
N LYS A 656 -87.99 -140.86 -72.58
CA LYS A 656 -87.38 -141.78 -71.62
C LYS A 656 -88.19 -141.85 -70.34
N LEU A 657 -88.67 -140.71 -69.85
CA LEU A 657 -89.48 -140.70 -68.64
C LEU A 657 -90.78 -141.47 -68.83
N LYS A 658 -91.44 -141.28 -69.97
CA LYS A 658 -92.68 -142.01 -70.24
C LYS A 658 -92.42 -143.51 -70.33
N GLN A 659 -91.33 -143.90 -71.01
CA GLN A 659 -90.99 -145.32 -71.11
C GLN A 659 -90.70 -145.92 -69.74
N TRP A 660 -89.97 -145.20 -68.89
CA TRP A 660 -89.68 -145.69 -67.56
C TRP A 660 -90.94 -145.82 -66.72
N THR A 661 -91.83 -144.83 -66.80
CA THR A 661 -93.09 -144.90 -66.05
C THR A 661 -93.92 -146.09 -66.52
N ASP A 662 -93.95 -146.34 -67.82
CA ASP A 662 -94.76 -147.43 -68.35
C ASP A 662 -94.16 -148.79 -67.98
N LYS A 663 -92.83 -148.90 -67.99
CA LYS A 663 -92.20 -150.22 -67.90
C LYS A 663 -92.10 -150.72 -66.45
N GLN A 664 -91.29 -150.03 -65.63
CA GLN A 664 -90.98 -150.57 -64.31
C GLN A 664 -90.88 -149.52 -63.20
N LEU A 665 -91.15 -148.24 -63.48
CA LEU A 665 -91.00 -147.22 -62.44
C LEU A 665 -91.91 -147.44 -61.24
N PRO A 666 -93.20 -147.75 -61.39
CA PRO A 666 -94.01 -148.04 -60.20
C PRO A 666 -93.48 -149.20 -59.37
N ASN A 667 -92.98 -150.25 -60.02
CA ASN A 667 -92.42 -151.38 -59.28
C ASN A 667 -91.19 -150.96 -58.49
N LYS A 668 -90.31 -150.17 -59.11
CA LYS A 668 -89.12 -149.69 -58.40
C LYS A 668 -89.51 -148.79 -57.23
N ALA A 669 -90.51 -147.93 -57.42
CA ALA A 669 -90.95 -147.07 -56.34
C ALA A 669 -91.53 -147.88 -55.18
N VAL A 670 -92.33 -148.91 -55.51
CA VAL A 670 -92.89 -149.76 -54.47
C VAL A 670 -91.79 -150.48 -53.71
N GLU A 671 -90.80 -151.01 -54.44
CA GLU A 671 -89.69 -151.71 -53.79
C GLU A 671 -88.91 -150.76 -52.89
N VAL A 672 -88.65 -149.54 -53.35
CA VAL A 672 -87.91 -148.57 -52.54
C VAL A 672 -88.69 -148.22 -51.28
N ALA A 673 -90.00 -147.99 -51.43
CA ALA A 673 -90.82 -147.66 -50.26
C ALA A 673 -90.85 -148.81 -49.27
N TRP A 674 -90.97 -150.05 -49.75
CA TRP A 674 -90.98 -151.20 -48.86
C TRP A 674 -89.64 -151.36 -48.15
N GLU A 675 -88.53 -151.14 -48.87
CA GLU A 675 -87.21 -151.23 -48.25
C GLU A 675 -87.03 -150.15 -47.19
N THR A 676 -87.49 -148.93 -47.47
CA THR A 676 -87.39 -147.86 -46.47
C THR A 676 -88.24 -148.17 -45.25
N LEU A 677 -89.44 -148.71 -45.45
CA LEU A 677 -90.28 -149.09 -44.32
C LEU A 677 -89.62 -150.19 -43.49
N GLN A 678 -89.01 -151.18 -44.15
CA GLN A 678 -88.30 -152.23 -43.44
C GLN A 678 -87.13 -151.67 -42.65
N GLU A 679 -86.38 -150.73 -43.24
CA GLU A 679 -85.25 -150.13 -42.54
C GLU A 679 -85.72 -149.35 -41.31
N GLU A 680 -86.80 -148.58 -41.45
CA GLU A 680 -87.33 -147.84 -40.31
C GLU A 680 -87.81 -148.78 -39.22
N PHE A 681 -88.51 -149.85 -39.60
CA PHE A 681 -88.98 -150.81 -38.62
C PHE A 681 -87.81 -151.49 -37.89
N SER A 682 -86.76 -151.86 -38.64
CA SER A 682 -85.60 -152.48 -38.02
C SER A 682 -84.89 -151.52 -37.07
N ARG A 683 -84.76 -150.26 -37.47
CA ARG A 683 -84.11 -149.28 -36.59
C ARG A 683 -84.92 -149.05 -35.33
N PHE A 684 -86.25 -149.00 -35.45
CA PHE A 684 -87.11 -148.85 -34.27
C PHE A 684 -87.01 -150.07 -33.36
N MET A 685 -86.98 -151.27 -33.94
CA MET A 685 -86.87 -152.48 -33.13
C MET A 685 -85.53 -152.54 -32.41
N THR A 686 -84.45 -152.17 -33.09
CA THR A 686 -83.10 -152.19 -32.52
C THR A 686 -82.66 -150.74 -32.35
N GLU A 687 -82.99 -150.17 -31.19
CA GLU A 687 -82.68 -148.78 -30.86
C GLU A 687 -81.95 -148.76 -29.52
N PRO A 688 -80.63 -148.97 -29.53
CA PRO A 688 -79.86 -149.07 -28.27
C PRO A 688 -79.59 -147.71 -27.65
N LYS A 689 -80.65 -146.92 -27.48
CA LYS A 689 -80.52 -145.64 -26.77
C LYS A 689 -80.17 -145.86 -25.31
N GLY A 690 -80.76 -146.87 -24.68
CA GLY A 690 -80.45 -147.17 -23.30
C GLY A 690 -79.06 -147.74 -23.13
N LYS A 691 -78.47 -147.51 -21.96
CA LYS A 691 -77.12 -147.99 -21.69
C LYS A 691 -77.05 -149.51 -21.52
N GLU A 692 -78.17 -150.15 -21.21
CA GLU A 692 -78.17 -151.59 -21.02
C GLU A 692 -78.51 -152.32 -22.33
N HIS A 693 -79.69 -152.03 -22.87
CA HIS A 693 -80.17 -152.64 -24.12
C HIS A 693 -80.03 -154.16 -24.10
N ASP A 694 -80.77 -154.77 -23.18
CA ASP A 694 -80.76 -156.22 -23.03
C ASP A 694 -81.17 -156.90 -24.33
N ASP A 695 -80.40 -157.91 -24.72
CA ASP A 695 -80.62 -158.61 -25.98
C ASP A 695 -81.72 -159.65 -25.91
N ILE A 696 -82.19 -160.01 -24.70
CA ILE A 696 -83.26 -160.98 -24.58
C ILE A 696 -84.53 -160.48 -25.26
N PHE A 697 -84.87 -159.21 -25.02
CA PHE A 697 -86.02 -158.62 -25.70
C PHE A 697 -85.70 -158.33 -27.15
N ASP A 698 -84.44 -158.01 -27.46
CA ASP A 698 -84.05 -157.66 -28.82
C ASP A 698 -84.22 -158.85 -29.76
N LYS A 699 -83.87 -160.06 -29.30
CA LYS A 699 -84.04 -161.24 -30.15
C LYS A 699 -85.50 -161.48 -30.46
N LEU A 700 -86.38 -161.36 -29.46
CA LEU A 700 -87.80 -161.51 -29.70
C LEU A 700 -88.34 -160.45 -30.65
N LYS A 701 -87.87 -159.20 -30.49
CA LYS A 701 -88.31 -158.14 -31.38
C LYS A 701 -87.87 -158.41 -32.81
N GLU A 702 -86.64 -158.88 -33.00
CA GLU A 702 -86.16 -159.20 -34.33
C GLU A 702 -86.94 -160.36 -34.94
N ALA A 703 -87.26 -161.38 -34.14
CA ALA A 703 -88.05 -162.50 -34.64
C ALA A 703 -89.44 -162.04 -35.06
N VAL A 704 -90.08 -161.19 -34.25
CA VAL A 704 -91.40 -160.67 -34.59
C VAL A 704 -91.33 -159.83 -35.86
N LYS A 705 -90.27 -159.01 -35.99
CA LYS A 705 -90.11 -158.20 -37.20
C LYS A 705 -89.95 -159.08 -38.44
N GLU A 706 -89.14 -160.14 -38.34
CA GLU A 706 -88.97 -161.04 -39.48
C GLU A 706 -90.28 -161.74 -39.82
N GLU A 707 -91.03 -162.18 -38.81
CA GLU A 707 -92.31 -162.83 -39.08
C GLU A 707 -93.28 -161.87 -39.75
N SER A 708 -93.33 -160.62 -39.29
CA SER A 708 -94.22 -159.63 -39.89
C SER A 708 -93.80 -159.33 -41.33
N ILE A 709 -92.49 -159.24 -41.58
CA ILE A 709 -92.01 -158.98 -42.93
C ILE A 709 -92.37 -160.12 -43.86
N LYS A 710 -92.19 -161.37 -43.40
CA LYS A 710 -92.53 -162.51 -44.23
C LYS A 710 -94.03 -162.64 -44.45
N ARG A 711 -94.83 -162.25 -43.46
CA ARG A 711 -96.28 -162.36 -43.56
C ARG A 711 -96.92 -161.16 -44.25
N HIS A 712 -96.16 -160.10 -44.49
CA HIS A 712 -96.72 -158.90 -45.11
C HIS A 712 -97.15 -159.18 -46.54
N LYS A 713 -98.25 -158.56 -46.95
CA LYS A 713 -98.81 -158.72 -48.28
C LYS A 713 -98.99 -157.36 -48.94
N TRP A 714 -99.07 -157.36 -50.27
CA TRP A 714 -99.24 -156.14 -51.05
C TRP A 714 -100.44 -156.29 -51.98
N ASN A 715 -101.07 -155.17 -52.31
CA ASN A 715 -102.26 -155.13 -53.14
C ASN A 715 -101.90 -154.57 -54.51
N ASP A 716 -102.31 -155.28 -55.57
CA ASP A 716 -102.03 -154.81 -56.93
C ASP A 716 -102.85 -153.58 -57.28
N PHE A 717 -103.99 -153.38 -56.63
CA PHE A 717 -104.76 -152.17 -56.85
C PHE A 717 -103.99 -150.93 -56.43
N ALA A 718 -103.24 -151.02 -55.33
CA ALA A 718 -102.38 -149.91 -54.92
C ALA A 718 -101.30 -149.64 -55.97
N GLU A 719 -100.73 -150.70 -56.55
CA GLU A 719 -99.73 -150.52 -57.60
C GLU A 719 -100.32 -149.83 -58.82
N ASP A 720 -101.53 -150.24 -59.22
CA ASP A 720 -102.18 -149.63 -60.36
C ASP A 720 -102.50 -148.16 -60.09
N SER A 721 -102.98 -147.84 -58.88
CA SER A 721 -103.25 -146.46 -58.53
C SER A 721 -101.97 -145.63 -58.54
N LEU A 722 -100.88 -146.20 -58.02
CA LEU A 722 -99.60 -145.51 -58.04
C LEU A 722 -99.13 -145.24 -59.46
N ARG A 723 -99.28 -146.22 -60.35
CA ARG A 723 -98.90 -146.04 -61.75
C ARG A 723 -99.74 -144.94 -62.40
N VAL A 724 -101.05 -144.95 -62.14
CA VAL A 724 -101.92 -143.93 -62.72
C VAL A 724 -101.55 -142.54 -62.22
N ILE A 725 -101.28 -142.41 -60.92
CA ILE A 725 -100.95 -141.11 -60.36
C ILE A 725 -99.59 -140.64 -60.86
N GLN A 726 -98.63 -141.56 -61.01
CA GLN A 726 -97.33 -141.20 -61.55
C GLN A 726 -97.45 -140.71 -62.99
N HIS A 727 -98.28 -141.38 -63.79
CA HIS A 727 -98.50 -140.92 -65.16
C HIS A 727 -99.21 -139.57 -65.20
N ASN A 728 -100.16 -139.34 -64.30
CA ASN A 728 -100.92 -138.09 -64.30
C ASN A 728 -100.12 -136.94 -63.71
N ALA A 729 -99.06 -137.22 -62.96
CA ALA A 729 -98.29 -136.17 -62.30
C ALA A 729 -97.41 -135.43 -63.29
N LEU A 730 -98.03 -134.67 -64.20
CA LEU A 730 -97.33 -133.83 -65.17
C LEU A 730 -97.97 -132.45 -65.20
N GLU A 731 -98.19 -131.88 -64.02
CA GLU A 731 -98.94 -130.63 -63.87
C GLU A 731 -98.08 -129.40 -64.19
N ASP A 732 -97.01 -129.18 -63.44
CA ASP A 732 -96.19 -127.99 -63.58
C ASP A 732 -94.97 -128.28 -64.46
N ARG A 733 -94.66 -127.33 -65.34
CA ARG A 733 -93.53 -127.47 -66.25
C ARG A 733 -92.64 -126.25 -66.34
N SER A 734 -92.95 -125.16 -65.64
CA SER A 734 -92.15 -123.94 -65.70
C SER A 734 -92.08 -123.31 -64.32
N ILE A 735 -91.05 -122.49 -64.12
CA ILE A 735 -90.84 -121.78 -62.86
C ILE A 735 -91.15 -120.31 -63.08
N SER A 736 -92.06 -119.77 -62.27
CA SER A 736 -92.42 -118.36 -62.32
C SER A 736 -92.04 -117.63 -61.03
N ASP A 737 -91.23 -118.26 -60.18
CA ASP A 737 -90.83 -117.67 -58.91
C ASP A 737 -89.31 -117.56 -58.87
N LYS A 738 -88.81 -116.38 -58.47
CA LYS A 738 -87.37 -116.19 -58.33
C LYS A 738 -86.80 -117.09 -57.23
N GLN A 739 -87.51 -117.21 -56.11
CA GLN A 739 -87.04 -118.04 -55.01
C GLN A 739 -87.00 -119.51 -55.41
N GLN A 740 -88.03 -119.99 -56.11
CA GLN A 740 -88.02 -121.36 -56.58
C GLN A 740 -86.90 -121.59 -57.59
N TRP A 741 -86.65 -120.60 -58.45
CA TRP A 741 -85.55 -120.71 -59.41
C TRP A 741 -84.21 -120.81 -58.69
N ASP A 742 -84.01 -119.99 -57.64
CA ASP A 742 -82.77 -120.05 -56.88
C ASP A 742 -82.63 -121.39 -56.16
N ALA A 743 -83.72 -121.91 -55.60
CA ALA A 743 -83.67 -123.21 -54.94
C ALA A 743 -83.31 -124.32 -55.92
N ALA A 744 -83.91 -124.29 -57.11
CA ALA A 744 -83.56 -125.26 -58.13
C ALA A 744 -82.11 -125.14 -58.56
N ILE A 745 -81.61 -123.90 -58.68
CA ILE A 745 -80.22 -123.69 -59.02
C ILE A 745 -79.31 -124.28 -57.94
N TYR A 746 -79.64 -124.05 -56.67
CA TYR A 746 -78.82 -124.57 -55.58
C TYR A 746 -78.84 -126.10 -55.56
N PHE A 747 -80.00 -126.71 -55.77
CA PHE A 747 -80.08 -128.17 -55.80
C PHE A 747 -79.28 -128.74 -56.96
N MET A 748 -79.40 -128.12 -58.14
CA MET A 748 -78.62 -128.58 -59.29
C MET A 748 -77.14 -128.41 -59.06
N GLU A 749 -76.73 -127.30 -58.43
CA GLU A 749 -75.32 -127.10 -58.10
C GLU A 749 -74.82 -128.15 -57.14
N GLU A 750 -75.62 -128.49 -56.13
CA GLU A 750 -75.23 -129.54 -55.19
C GLU A 750 -75.06 -130.88 -55.90
N ALA A 751 -76.02 -131.23 -56.78
CA ALA A 751 -75.93 -132.49 -57.50
C ALA A 751 -74.71 -132.52 -58.42
N LEU A 752 -74.44 -131.41 -59.11
CA LEU A 752 -73.29 -131.37 -60.02
C LEU A 752 -71.99 -131.40 -59.24
N GLN A 753 -71.94 -130.77 -58.06
CA GLN A 753 -70.74 -130.86 -57.23
C GLN A 753 -70.51 -132.27 -56.74
N ALA A 754 -71.58 -132.97 -56.37
CA ALA A 754 -71.44 -134.38 -55.97
C ALA A 754 -70.92 -135.23 -57.14
N ARG A 755 -71.46 -134.99 -58.34
CA ARG A 755 -71.00 -135.73 -59.51
C ARG A 755 -69.53 -135.41 -59.81
N LEU A 756 -69.14 -134.14 -59.67
CA LEU A 756 -67.75 -133.75 -59.90
C LEU A 756 -66.83 -134.42 -58.88
N LYS A 757 -67.25 -134.49 -57.62
CA LYS A 757 -66.44 -135.16 -56.61
C LYS A 757 -66.31 -136.65 -56.92
N ASP A 758 -67.39 -137.29 -57.36
CA ASP A 758 -67.30 -138.69 -57.75
C ASP A 758 -66.36 -138.90 -58.92
N THR A 759 -66.43 -138.02 -59.92
CA THR A 759 -65.54 -138.11 -61.07
C THR A 759 -64.08 -137.89 -60.66
N GLU A 760 -63.84 -136.94 -59.75
CA GLU A 760 -62.48 -136.71 -59.26
C GLU A 760 -61.96 -137.93 -58.52
N ASN A 761 -62.81 -138.56 -57.70
CA ASN A 761 -62.39 -139.77 -57.00
C ASN A 761 -62.07 -140.89 -57.97
N ALA A 762 -62.89 -141.05 -59.01
CA ALA A 762 -62.62 -142.08 -60.02
C ALA A 762 -61.32 -141.80 -60.75
N ILE A 763 -61.07 -140.54 -61.11
CA ILE A 763 -59.84 -140.18 -61.80
C ILE A 763 -58.62 -140.43 -60.90
N GLU A 764 -58.73 -140.07 -59.63
CA GLU A 764 -57.62 -140.30 -58.70
C GLU A 764 -57.36 -141.79 -58.51
N ASN A 765 -58.42 -142.60 -58.45
CA ASN A 765 -58.23 -144.05 -58.36
C ASN A 765 -57.55 -144.58 -59.62
N MET A 766 -57.95 -144.08 -60.79
CA MET A 766 -57.36 -144.54 -62.04
C MET A 766 -55.89 -144.14 -62.16
N VAL A 767 -55.54 -142.93 -61.73
CA VAL A 767 -54.20 -142.40 -61.95
C VAL A 767 -53.44 -142.25 -60.64
N GLY A 768 -53.94 -141.41 -59.74
CA GLY A 768 -53.27 -141.14 -58.49
C GLY A 768 -53.07 -139.65 -58.26
N PRO A 769 -51.97 -139.29 -57.59
CA PRO A 769 -51.70 -137.87 -57.33
C PRO A 769 -51.53 -137.09 -58.62
N ASP A 770 -52.06 -135.86 -58.62
CA ASP A 770 -52.06 -135.00 -59.79
C ASP A 770 -51.63 -133.60 -59.39
N TRP A 771 -50.85 -132.95 -60.26
CA TRP A 771 -50.45 -131.55 -60.12
C TRP A 771 -49.70 -131.38 -58.80
N LYS A 772 -50.19 -130.55 -57.87
CA LYS A 772 -49.49 -130.25 -56.63
C LYS A 772 -49.28 -131.51 -55.80
N LYS A 773 -50.28 -132.38 -55.75
CA LYS A 773 -50.15 -133.62 -54.99
C LYS A 773 -49.05 -134.51 -55.56
N ARG A 774 -48.96 -134.59 -56.89
CA ARG A 774 -47.94 -135.43 -57.51
C ARG A 774 -46.54 -134.83 -57.35
N TRP A 775 -46.42 -133.52 -57.54
CA TRP A 775 -45.11 -132.86 -57.51
C TRP A 775 -44.68 -132.44 -56.12
N LEU A 776 -45.50 -132.68 -55.09
CA LEU A 776 -45.11 -132.33 -53.73
C LEU A 776 -43.89 -133.13 -53.30
N TYR A 777 -43.87 -134.43 -53.60
CA TYR A 777 -42.71 -135.26 -53.25
C TYR A 777 -41.53 -134.96 -54.17
N TRP A 778 -41.81 -134.79 -55.47
CA TRP A 778 -40.84 -134.48 -56.52
C TRP A 778 -39.87 -135.63 -56.79
N LYS A 779 -39.96 -136.73 -56.05
CA LYS A 779 -39.09 -137.88 -56.25
C LYS A 779 -39.84 -139.18 -56.46
N ASN A 780 -41.17 -139.19 -56.36
CA ASN A 780 -41.98 -140.39 -56.54
C ASN A 780 -42.65 -140.33 -57.91
N ARG A 781 -42.24 -141.23 -58.80
CA ARG A 781 -42.80 -141.30 -60.14
C ARG A 781 -43.01 -142.75 -60.53
N THR A 782 -44.11 -143.00 -61.23
CA THR A 782 -44.46 -144.34 -61.71
C THR A 782 -44.75 -144.26 -63.20
N GLN A 783 -44.30 -145.27 -63.95
CA GLN A 783 -44.52 -145.27 -65.39
C GLN A 783 -46.00 -145.37 -65.74
N GLU A 784 -46.76 -146.12 -64.94
CA GLU A 784 -48.19 -146.27 -65.22
C GLU A 784 -48.92 -144.94 -65.07
N GLN A 785 -48.68 -144.21 -63.97
CA GLN A 785 -49.30 -142.92 -63.79
C GLN A 785 -48.73 -141.86 -64.72
N CYS A 786 -47.46 -142.00 -65.12
CA CYS A 786 -46.88 -141.06 -66.07
C CYS A 786 -47.58 -141.16 -67.44
N VAL A 787 -47.90 -142.39 -67.86
CA VAL A 787 -48.62 -142.58 -69.12
C VAL A 787 -49.99 -141.93 -69.05
N HIS A 788 -50.70 -142.12 -67.93
CA HIS A 788 -52.01 -141.51 -67.76
C HIS A 788 -51.91 -139.98 -67.75
N ASN A 789 -50.89 -139.44 -67.09
CA ASN A 789 -50.69 -137.99 -67.08
C ASN A 789 -50.41 -137.45 -68.48
N GLU A 790 -49.59 -138.16 -69.25
CA GLU A 790 -49.30 -137.72 -70.61
C GLU A 790 -50.56 -137.78 -71.49
N THR A 791 -51.37 -138.84 -71.33
CA THR A 791 -52.61 -138.92 -72.08
C THR A 791 -53.56 -137.80 -71.70
N LYS A 792 -53.65 -137.49 -70.40
CA LYS A 792 -54.50 -136.40 -69.94
C LYS A 792 -54.04 -135.06 -70.51
N ASN A 793 -52.72 -134.82 -70.51
CA ASN A 793 -52.19 -133.59 -71.08
C ASN A 793 -52.49 -133.50 -72.57
N GLU A 794 -52.31 -134.60 -73.31
CA GLU A 794 -52.59 -134.60 -74.73
C GLU A 794 -54.06 -134.31 -75.01
N LEU A 795 -54.95 -134.92 -74.24
CA LEU A 795 -56.38 -134.67 -74.43
C LEU A 795 -56.76 -133.25 -74.07
N GLU A 796 -56.14 -132.69 -73.02
CA GLU A 796 -56.40 -131.31 -72.66
C GLU A 796 -55.93 -130.36 -73.77
N LYS A 797 -54.76 -130.63 -74.35
CA LYS A 797 -54.29 -129.81 -75.47
C LYS A 797 -55.20 -129.94 -76.68
N MET A 798 -55.70 -131.16 -76.94
CA MET A 798 -56.63 -131.34 -78.05
C MET A 798 -57.92 -130.56 -77.83
N LEU A 799 -58.44 -130.57 -76.59
CA LEU A 799 -59.63 -129.76 -76.29
C LEU A 799 -59.34 -128.27 -76.42
N LYS A 800 -58.15 -127.83 -75.99
CA LYS A 800 -57.80 -126.42 -76.15
C LYS A 800 -57.76 -126.03 -77.62
N CYS A 801 -57.20 -126.90 -78.46
CA CYS A 801 -57.17 -126.63 -79.89
C CYS A 801 -58.54 -126.83 -80.53
N ASN A 802 -59.29 -127.85 -80.09
CA ASN A 802 -60.59 -128.18 -80.65
C ASN A 802 -61.57 -128.39 -79.49
N GLU A 803 -62.32 -127.33 -79.15
CA GLU A 803 -63.24 -127.41 -78.01
C GLU A 803 -64.34 -128.44 -78.26
N GLU A 804 -64.88 -128.48 -79.47
CA GLU A 804 -65.98 -129.38 -79.80
C GLU A 804 -65.44 -130.59 -80.55
N HIS A 805 -65.77 -131.79 -80.04
CA HIS A 805 -65.33 -133.03 -80.63
C HIS A 805 -66.41 -134.08 -80.43
N PRO A 806 -66.67 -134.93 -81.41
CA PRO A 806 -67.65 -136.01 -81.22
C PRO A 806 -67.19 -137.00 -80.16
N ALA A 807 -68.18 -137.59 -79.48
CA ALA A 807 -67.88 -138.54 -78.42
C ALA A 807 -67.14 -139.76 -78.94
N TYR A 808 -67.56 -140.28 -80.09
CA TYR A 808 -66.91 -141.44 -80.68
C TYR A 808 -65.55 -141.05 -81.27
N LEU A 809 -64.68 -142.05 -81.38
CA LEU A 809 -63.33 -141.86 -81.93
C LEU A 809 -63.22 -142.63 -83.23
N ALA A 810 -62.86 -141.93 -84.30
CA ALA A 810 -62.67 -142.58 -85.59
C ALA A 810 -61.31 -143.26 -85.65
N SER A 811 -61.15 -144.12 -86.66
CA SER A 811 -59.91 -144.89 -86.78
C SER A 811 -58.71 -143.99 -87.01
N ASP A 812 -58.86 -142.98 -87.88
CA ASP A 812 -57.74 -142.09 -88.18
C ASP A 812 -57.36 -141.27 -86.94
N GLU A 813 -58.35 -140.85 -86.15
CA GLU A 813 -58.05 -140.10 -84.92
C GLU A 813 -57.28 -140.97 -83.94
N ILE A 814 -57.69 -142.23 -83.78
CA ILE A 814 -56.99 -143.14 -82.87
C ILE A 814 -55.57 -143.39 -83.36
N THR A 815 -55.40 -143.57 -84.68
CA THR A 815 -54.07 -143.78 -85.24
C THR A 815 -53.17 -142.56 -85.00
N THR A 816 -53.71 -141.36 -85.22
CA THR A 816 -52.94 -140.15 -84.99
C THR A 816 -52.55 -140.00 -83.53
N VAL A 817 -53.48 -140.28 -82.62
CA VAL A 817 -53.17 -140.19 -81.19
C VAL A 817 -52.10 -141.19 -80.80
N ARG A 818 -52.20 -142.42 -81.31
CA ARG A 818 -51.20 -143.44 -81.00
C ARG A 818 -49.84 -143.06 -81.55
N LYS A 819 -49.80 -142.51 -82.77
CA LYS A 819 -48.53 -142.06 -83.34
C LYS A 819 -47.92 -140.93 -82.52
N ASN A 820 -48.75 -139.98 -82.09
CA ASN A 820 -48.25 -138.89 -81.25
C ASN A 820 -47.70 -139.41 -79.94
N LEU A 821 -48.38 -140.38 -79.34
CA LEU A 821 -47.90 -140.98 -78.10
C LEU A 821 -46.58 -141.71 -78.31
N GLU A 822 -46.47 -142.48 -79.39
CA GLU A 822 -45.27 -143.26 -79.67
C GLU A 822 -44.12 -142.40 -80.18
N SER A 823 -44.38 -141.15 -80.58
CA SER A 823 -43.29 -140.27 -81.01
C SER A 823 -42.29 -140.05 -79.88
N ARG A 824 -42.78 -139.87 -78.65
CA ARG A 824 -41.91 -139.72 -77.50
C ARG A 824 -41.60 -141.05 -76.81
N GLY A 825 -42.12 -142.16 -77.32
CA GLY A 825 -41.80 -143.46 -76.76
C GLY A 825 -42.82 -143.97 -75.76
N VAL A 826 -44.11 -143.74 -76.02
CA VAL A 826 -45.19 -144.20 -75.16
C VAL A 826 -46.15 -145.03 -75.99
N GLU A 827 -46.37 -146.27 -75.58
CA GLU A 827 -47.30 -147.17 -76.25
C GLU A 827 -48.47 -147.45 -75.30
N VAL A 828 -49.68 -147.13 -75.75
CA VAL A 828 -50.89 -147.26 -74.94
C VAL A 828 -51.90 -148.09 -75.71
N ASP A 829 -52.54 -149.03 -75.02
CA ASP A 829 -53.57 -149.86 -75.65
C ASP A 829 -54.77 -149.00 -76.03
N PRO A 830 -55.47 -149.35 -77.11
CA PRO A 830 -56.64 -148.55 -77.53
C PRO A 830 -57.73 -148.49 -76.49
N SER A 831 -57.92 -149.53 -75.68
CA SER A 831 -58.97 -149.51 -74.66
C SER A 831 -58.70 -148.44 -73.62
N LEU A 832 -57.45 -148.33 -73.15
CA LEU A 832 -57.11 -147.28 -72.20
C LEU A 832 -57.25 -145.90 -72.82
N ILE A 833 -56.89 -145.76 -74.10
CA ILE A 833 -57.05 -144.47 -74.77
C ILE A 833 -58.53 -144.08 -74.81
N LYS A 834 -59.39 -145.04 -75.15
CA LYS A 834 -60.82 -144.75 -75.20
C LYS A 834 -61.37 -144.41 -73.82
N ASP A 835 -60.93 -145.13 -72.78
CA ASP A 835 -61.40 -144.83 -71.43
C ASP A 835 -60.96 -143.44 -70.99
N THR A 836 -59.70 -143.08 -71.25
CA THR A 836 -59.21 -141.74 -70.89
C THR A 836 -59.96 -140.67 -71.68
N TRP A 837 -60.23 -140.92 -72.96
CA TRP A 837 -60.99 -139.97 -73.75
C TRP A 837 -62.40 -139.79 -73.20
N HIS A 838 -63.04 -140.88 -72.80
CA HIS A 838 -64.37 -140.79 -72.22
C HIS A 838 -64.36 -140.00 -70.92
N GLN A 839 -63.37 -140.25 -70.06
CA GLN A 839 -63.28 -139.52 -68.80
C GLN A 839 -63.04 -138.04 -69.04
N VAL A 840 -62.16 -137.70 -69.99
CA VAL A 840 -61.87 -136.30 -70.29
C VAL A 840 -63.09 -135.62 -70.89
N TYR A 841 -63.83 -136.34 -71.74
CA TYR A 841 -65.06 -135.81 -72.31
C TYR A 841 -66.09 -135.52 -71.23
N ARG A 842 -66.24 -136.44 -70.28
CA ARG A 842 -67.15 -136.24 -69.16
C ARG A 842 -66.73 -135.04 -68.32
N ARG A 843 -65.43 -134.90 -68.05
CA ARG A 843 -64.95 -133.77 -67.28
C ARG A 843 -65.20 -132.46 -68.00
N HIS A 844 -64.97 -132.44 -69.32
CA HIS A 844 -65.18 -131.23 -70.10
C HIS A 844 -66.65 -130.82 -70.08
N PHE A 845 -67.55 -131.79 -70.23
CA PHE A 845 -68.97 -131.45 -70.17
C PHE A 845 -69.43 -131.09 -68.77
N LEU A 846 -68.78 -131.64 -67.73
CA LEU A 846 -69.09 -131.19 -66.37
C LEU A 846 -68.68 -129.73 -66.18
N LYS A 847 -67.50 -129.35 -66.69
CA LYS A 847 -67.08 -127.95 -66.62
C LYS A 847 -68.02 -127.06 -67.42
N THR A 848 -68.46 -127.52 -68.59
CA THR A 848 -69.40 -126.75 -69.39
C THR A 848 -70.73 -126.57 -68.66
N ALA A 849 -71.20 -127.63 -68.00
CA ALA A 849 -72.43 -127.52 -67.21
C ALA A 849 -72.26 -126.55 -66.05
N LEU A 850 -71.10 -126.57 -65.40
CA LEU A 850 -70.84 -125.61 -64.33
C LEU A 850 -70.85 -124.18 -64.84
N ASN A 851 -70.24 -123.95 -66.00
CA ASN A 851 -70.28 -122.61 -66.60
C ASN A 851 -71.71 -122.21 -66.97
N HIS A 852 -72.50 -123.16 -67.47
CA HIS A 852 -73.89 -122.88 -67.80
C HIS A 852 -74.68 -122.52 -66.55
N CYS A 853 -74.42 -123.22 -65.44
CA CYS A 853 -75.07 -122.89 -64.18
C CYS A 853 -74.68 -121.49 -63.70
N ASN A 854 -73.39 -121.15 -63.84
CA ASN A 854 -72.94 -119.81 -63.45
C ASN A 854 -73.63 -118.75 -64.30
N LEU A 855 -73.79 -119.00 -65.59
CA LEU A 855 -74.50 -118.05 -66.46
C LEU A 855 -75.97 -117.95 -66.07
N CYS A 856 -76.62 -119.10 -65.83
CA CYS A 856 -78.04 -119.10 -65.49
C CYS A 856 -78.30 -118.48 -64.12
N ARG A 857 -77.29 -118.40 -63.26
CA ARG A 857 -77.45 -117.74 -61.97
C ARG A 857 -77.81 -116.27 -62.13
N ARG A 858 -77.44 -115.66 -63.26
CA ARG A 858 -77.76 -114.23 -63.52
C ARG A 858 -78.72 -114.13 -64.70
N GLY A 859 -78.86 -115.21 -65.47
CA GLY A 859 -79.71 -115.19 -66.66
C GLY A 859 -81.19 -115.34 -66.41
N PHE A 860 -81.66 -115.15 -65.18
CA PHE A 860 -83.09 -115.21 -64.90
C PHE A 860 -83.87 -114.12 -65.62
N TYR A 861 -83.24 -112.97 -65.90
CA TYR A 861 -83.91 -111.93 -66.67
C TYR A 861 -84.24 -112.41 -68.08
N TYR A 862 -83.28 -113.07 -68.74
CA TYR A 862 -83.54 -113.66 -70.05
C TYR A 862 -84.55 -114.80 -69.95
N TYR A 863 -84.41 -115.64 -68.92
CA TYR A 863 -85.27 -116.81 -68.79
C TYR A 863 -86.73 -116.43 -68.60
N GLN A 864 -87.00 -115.44 -67.75
CA GLN A 864 -88.37 -115.09 -67.41
C GLN A 864 -89.13 -114.55 -68.62
N ARG A 865 -88.48 -113.70 -69.42
CA ARG A 865 -89.15 -113.06 -70.54
C ARG A 865 -88.99 -113.81 -71.86
N HIS A 866 -87.98 -114.68 -71.98
CA HIS A 866 -87.74 -115.46 -73.18
C HIS A 866 -87.60 -114.56 -74.42
N PHE A 867 -86.55 -113.76 -74.41
CA PHE A 867 -86.30 -112.84 -75.51
C PHE A 867 -86.00 -113.60 -76.79
N VAL A 868 -86.32 -112.98 -77.93
CA VAL A 868 -86.08 -113.61 -79.23
C VAL A 868 -84.59 -113.81 -79.44
N ASP A 869 -83.79 -112.79 -79.15
CA ASP A 869 -82.33 -112.89 -79.26
C ASP A 869 -81.70 -113.30 -77.94
N SER A 870 -82.18 -114.41 -77.38
CA SER A 870 -81.68 -114.88 -76.09
C SER A 870 -80.26 -115.42 -76.24
N GLU A 871 -79.36 -114.96 -75.38
CA GLU A 871 -77.98 -115.43 -75.36
C GLU A 871 -77.77 -116.60 -74.42
N LEU A 872 -78.83 -117.10 -73.78
CA LEU A 872 -78.70 -118.20 -72.82
C LEU A 872 -80.02 -118.94 -72.74
N GLU A 873 -79.98 -120.26 -72.88
CA GLU A 873 -81.17 -121.11 -72.81
C GLU A 873 -81.03 -122.03 -71.60
N CYS A 874 -81.66 -121.63 -70.50
CA CYS A 874 -81.60 -122.41 -69.26
C CYS A 874 -82.73 -123.43 -69.29
N ASN A 875 -82.39 -124.69 -69.59
CA ASN A 875 -83.36 -125.78 -69.60
C ASN A 875 -83.05 -126.86 -68.57
N ASP A 876 -81.78 -127.06 -68.22
CA ASP A 876 -81.44 -128.06 -67.22
C ASP A 876 -82.05 -127.72 -65.86
N VAL A 877 -82.08 -126.44 -65.51
CA VAL A 877 -82.67 -126.03 -64.23
C VAL A 877 -84.15 -126.39 -64.19
N VAL A 878 -84.86 -126.08 -65.27
CA VAL A 878 -86.29 -126.38 -65.35
C VAL A 878 -86.52 -127.88 -65.30
N LEU A 879 -85.70 -128.65 -66.02
CA LEU A 879 -85.86 -130.10 -66.02
C LEU A 879 -85.61 -130.68 -64.62
N PHE A 880 -84.59 -130.20 -63.93
CA PHE A 880 -84.30 -130.70 -62.59
C PHE A 880 -85.41 -130.31 -61.62
N TRP A 881 -85.96 -129.10 -61.76
CA TRP A 881 -87.07 -128.71 -60.90
C TRP A 881 -88.31 -129.58 -61.16
N ARG A 882 -88.58 -129.88 -62.43
CA ARG A 882 -89.69 -130.77 -62.76
C ARG A 882 -89.47 -132.16 -62.17
N ILE A 883 -88.25 -132.68 -62.26
CA ILE A 883 -87.94 -133.99 -61.68
C ILE A 883 -88.15 -133.94 -60.16
N GLN A 884 -87.69 -132.86 -59.52
CA GLN A 884 -87.81 -132.74 -58.07
C GLN A 884 -89.28 -132.71 -57.63
N ARG A 885 -90.10 -131.92 -58.33
CA ARG A 885 -91.50 -131.83 -57.95
C ARG A 885 -92.25 -133.14 -58.22
N MET A 886 -91.91 -133.81 -59.34
CA MET A 886 -92.52 -135.11 -59.61
C MET A 886 -92.14 -136.12 -58.56
N LEU A 887 -90.87 -136.12 -58.13
CA LEU A 887 -90.43 -137.03 -57.07
C LEU A 887 -91.14 -136.72 -55.76
N ALA A 888 -91.32 -135.43 -55.45
CA ALA A 888 -92.04 -135.07 -54.23
C ALA A 888 -93.48 -135.55 -54.27
N ILE A 889 -94.15 -135.38 -55.42
CA ILE A 889 -95.53 -135.85 -55.57
C ILE A 889 -95.60 -137.36 -55.42
N THR A 890 -94.66 -138.07 -56.05
CA THR A 890 -94.64 -139.54 -55.95
C THR A 890 -94.40 -139.99 -54.52
N ALA A 891 -93.49 -139.32 -53.81
CA ALA A 891 -93.24 -139.68 -52.42
C ALA A 891 -94.45 -139.42 -51.53
N ASN A 892 -95.14 -138.29 -51.76
CA ASN A 892 -96.34 -138.01 -50.99
C ASN A 892 -97.42 -139.05 -51.25
N THR A 893 -97.61 -139.43 -52.52
CA THR A 893 -98.60 -140.46 -52.86
C THR A 893 -98.23 -141.79 -52.22
N LEU A 894 -96.94 -142.15 -52.26
CA LEU A 894 -96.50 -143.40 -51.65
C LEU A 894 -96.74 -143.40 -50.15
N ARG A 895 -96.41 -142.28 -49.49
CA ARG A 895 -96.64 -142.16 -48.03
C ARG A 895 -98.12 -142.33 -47.74
N GLN A 896 -98.97 -141.60 -48.47
CA GLN A 896 -100.44 -141.68 -48.26
C GLN A 896 -100.90 -143.13 -48.40
N GLN A 897 -100.58 -143.78 -49.53
CA GLN A 897 -101.04 -145.14 -49.76
C GLN A 897 -100.51 -146.09 -48.69
N LEU A 898 -99.26 -145.89 -48.26
CA LEU A 898 -98.71 -146.71 -47.19
C LEU A 898 -99.52 -146.55 -45.91
N THR A 899 -99.74 -145.31 -45.48
CA THR A 899 -100.53 -145.06 -44.27
C THR A 899 -101.95 -145.63 -44.42
N ASN A 900 -102.51 -145.61 -45.62
CA ASN A 900 -103.86 -146.10 -45.81
C ASN A 900 -103.93 -147.62 -45.71
N THR A 901 -103.00 -148.34 -46.34
CA THR A 901 -103.13 -149.77 -46.49
C THR A 901 -102.06 -150.57 -45.76
N GLU A 902 -100.79 -150.23 -45.96
CA GLU A 902 -99.71 -151.08 -45.48
C GLU A 902 -99.57 -151.01 -43.96
N VAL A 903 -99.88 -149.87 -43.35
CA VAL A 903 -99.86 -149.79 -41.89
C VAL A 903 -100.89 -150.74 -41.29
N ARG A 904 -102.10 -150.75 -41.85
CA ARG A 904 -103.13 -151.67 -41.37
C ARG A 904 -102.73 -153.12 -41.64
N ARG A 905 -102.13 -153.39 -42.79
CA ARG A 905 -101.68 -154.76 -43.08
C ARG A 905 -100.62 -155.22 -42.09
N LEU A 906 -99.66 -154.35 -41.78
CA LEU A 906 -98.62 -154.70 -40.82
C LEU A 906 -99.20 -154.89 -39.43
N GLU A 907 -100.18 -154.05 -39.05
CA GLU A 907 -100.83 -154.22 -37.76
C GLU A 907 -101.55 -155.55 -37.69
N LYS A 908 -102.25 -155.94 -38.77
CA LYS A 908 -102.93 -157.22 -38.79
C LYS A 908 -101.95 -158.38 -38.70
N ASN A 909 -100.82 -158.30 -39.42
CA ASN A 909 -99.81 -159.35 -39.34
C ASN A 909 -99.23 -159.46 -37.93
N VAL A 910 -98.96 -158.31 -37.30
CA VAL A 910 -98.43 -158.32 -35.94
C VAL A 910 -99.43 -158.93 -34.97
N LYS A 911 -100.71 -158.58 -35.13
CA LYS A 911 -101.74 -159.15 -34.27
C LYS A 911 -101.84 -160.66 -34.46
N GLU A 912 -101.77 -161.13 -35.70
CA GLU A 912 -101.82 -162.57 -35.96
C GLU A 912 -100.63 -163.29 -35.35
N VAL A 913 -99.43 -162.70 -35.49
CA VAL A 913 -98.24 -163.31 -34.92
C VAL A 913 -98.34 -163.36 -33.39
N LEU A 914 -98.81 -162.27 -32.78
CA LEU A 914 -98.95 -162.25 -31.33
C LEU A 914 -99.98 -163.27 -30.85
N GLU A 915 -101.09 -163.40 -31.57
CA GLU A 915 -102.10 -164.40 -31.20
C GLU A 915 -101.55 -165.81 -31.33
N ASP A 916 -100.80 -166.07 -32.40
CA ASP A 916 -100.20 -167.39 -32.58
C ASP A 916 -99.20 -167.70 -31.47
N PHE A 917 -98.40 -166.71 -31.08
CA PHE A 917 -97.45 -166.91 -29.98
C PHE A 917 -98.17 -167.14 -28.67
N ALA A 918 -99.24 -166.39 -28.41
CA ALA A 918 -99.98 -166.55 -27.16
C ALA A 918 -100.66 -167.91 -27.08
N GLU A 919 -101.22 -168.38 -28.19
CA GLU A 919 -101.91 -169.66 -28.23
C GLU A 919 -100.95 -170.85 -28.27
N ASP A 920 -99.64 -170.62 -28.14
CA ASP A 920 -98.64 -171.70 -28.17
C ASP A 920 -97.59 -171.38 -27.11
N GLY A 921 -97.75 -171.96 -25.92
CA GLY A 921 -96.78 -171.77 -24.86
C GLY A 921 -95.48 -172.51 -25.09
N GLU A 922 -95.50 -173.57 -25.92
CA GLU A 922 -94.26 -174.27 -26.25
C GLU A 922 -93.30 -173.37 -27.01
N LYS A 923 -93.83 -172.54 -27.92
CA LYS A 923 -92.99 -171.59 -28.62
C LYS A 923 -92.38 -170.58 -27.65
N LYS A 924 -93.16 -170.12 -26.67
CA LYS A 924 -92.62 -169.20 -25.67
C LYS A 924 -91.52 -169.86 -24.85
N ILE A 925 -91.70 -171.13 -24.48
CA ILE A 925 -90.67 -171.83 -23.73
C ILE A 925 -89.41 -171.99 -24.58
N LYS A 926 -89.57 -172.34 -25.85
CA LYS A 926 -88.42 -172.52 -26.73
C LYS A 926 -87.66 -171.21 -26.93
N LEU A 927 -88.38 -170.10 -27.10
CA LEU A 927 -87.75 -168.83 -27.38
C LEU A 927 -87.30 -168.10 -26.11
N LEU A 928 -88.20 -167.92 -25.15
CA LEU A 928 -87.86 -167.21 -23.91
C LEU A 928 -87.06 -168.14 -23.00
N THR A 929 -85.77 -168.26 -23.30
CA THR A 929 -84.84 -169.07 -22.54
C THR A 929 -83.87 -168.21 -21.74
N GLY A 930 -84.23 -166.96 -21.48
CA GLY A 930 -83.36 -166.08 -20.72
C GLY A 930 -83.25 -166.49 -19.26
N LYS A 931 -82.22 -165.95 -18.60
CA LYS A 931 -82.00 -166.27 -17.20
C LYS A 931 -83.15 -165.80 -16.33
N ARG A 932 -83.67 -164.59 -16.60
CA ARG A 932 -84.78 -164.06 -15.81
C ARG A 932 -86.02 -164.92 -15.97
N VAL A 933 -86.33 -165.33 -17.20
CA VAL A 933 -87.52 -166.15 -17.44
C VAL A 933 -87.40 -167.49 -16.71
N GLN A 934 -86.25 -168.14 -16.82
CA GLN A 934 -86.05 -169.42 -16.16
C GLN A 934 -86.12 -169.28 -14.65
N LEU A 935 -85.52 -168.24 -14.10
CA LEU A 935 -85.56 -168.02 -12.66
C LEU A 935 -86.97 -167.77 -12.17
N ALA A 936 -87.74 -166.96 -12.91
CA ALA A 936 -89.12 -166.70 -12.53
C ALA A 936 -89.97 -167.98 -12.60
N GLU A 937 -89.76 -168.78 -13.64
CA GLU A 937 -90.49 -170.04 -13.77
C GLU A 937 -90.16 -170.99 -12.62
N ASP A 938 -88.87 -171.08 -12.26
CA ASP A 938 -88.46 -171.94 -11.16
C ASP A 938 -89.06 -171.45 -9.84
N LEU A 939 -89.05 -170.14 -9.61
CA LEU A 939 -89.63 -169.59 -8.39
C LEU A 939 -91.13 -169.87 -8.32
N LYS A 940 -91.83 -169.69 -9.43
CA LYS A 940 -93.27 -169.96 -9.44
C LYS A 940 -93.55 -171.44 -9.19
N LYS A 941 -92.78 -172.33 -9.81
CA LYS A 941 -92.97 -173.76 -9.59
C LYS A 941 -92.69 -174.14 -8.14
N VAL A 942 -91.64 -173.57 -7.54
CA VAL A 942 -91.33 -173.86 -6.15
C VAL A 942 -92.44 -173.36 -5.24
N ARG A 943 -92.97 -172.16 -5.51
CA ARG A 943 -94.07 -171.64 -4.72
C ARG A 943 -95.31 -172.52 -4.83
N GLU A 944 -95.63 -172.97 -6.05
CA GLU A 944 -96.78 -173.85 -6.23
C GLU A 944 -96.58 -175.17 -5.50
N ILE A 945 -95.38 -175.74 -5.57
CA ILE A 945 -95.10 -177.00 -4.88
C ILE A 945 -95.24 -176.82 -3.37
N GLN A 946 -94.71 -175.71 -2.84
CA GLN A 946 -94.82 -175.46 -1.41
C GLN A 946 -96.28 -175.26 -0.99
N GLU A 947 -97.07 -174.57 -1.81
CA GLU A 947 -98.49 -174.39 -1.49
C GLU A 947 -99.22 -175.73 -1.50
N LYS A 948 -98.92 -176.59 -2.47
CA LYS A 948 -99.53 -177.91 -2.51
C LYS A 948 -99.14 -178.74 -1.30
N LEU A 949 -97.87 -178.65 -0.89
CA LEU A 949 -97.42 -179.40 0.29
C LEU A 949 -98.08 -178.86 1.55
N ASP A 950 -98.26 -177.55 1.65
CA ASP A 950 -98.96 -176.98 2.80
C ASP A 950 -100.42 -177.44 2.83
N ALA A 951 -101.07 -177.49 1.67
CA ALA A 951 -102.43 -178.01 1.60
C ALA A 951 -102.49 -179.47 2.03
N PHE A 952 -101.51 -180.27 1.59
CA PHE A 952 -101.44 -181.66 2.01
C PHE A 952 -101.27 -181.78 3.52
N ILE A 953 -100.40 -180.95 4.11
CA ILE A 953 -100.18 -181.00 5.54
C ILE A 953 -101.45 -180.62 6.29
N GLU A 954 -102.14 -179.58 5.82
CA GLU A 954 -103.38 -179.16 6.46
C GLU A 954 -104.45 -180.25 6.36
N ALA A 955 -104.57 -180.90 5.20
CA ALA A 955 -105.54 -181.97 5.04
C ALA A 955 -105.21 -183.15 5.94
N LEU A 956 -103.93 -183.50 6.04
CA LEU A 956 -103.53 -184.60 6.91
C LEU A 956 -103.82 -184.28 8.37
N HIS A 957 -103.55 -183.04 8.79
CA HIS A 957 -103.84 -182.64 10.17
C HIS A 957 -105.33 -182.66 10.45
N GLN A 958 -106.15 -182.18 9.50
CA GLN A 958 -107.59 -182.18 9.70
C GLN A 958 -108.16 -183.59 9.74
N GLU A 959 -107.68 -184.48 8.87
CA GLU A 959 -108.19 -185.85 8.85
C GLU A 959 -107.85 -186.59 10.14
N LYS A 960 -106.63 -186.36 10.64
CA LYS A 960 -106.19 -187.01 11.90
C LYS A 960 -106.52 -186.07 13.08
N SER B 263 -73.22 -189.14 92.29
CA SER B 263 -72.76 -187.96 93.02
C SER B 263 -71.39 -187.51 92.52
N LEU B 264 -70.39 -187.55 93.40
CA LEU B 264 -69.05 -187.15 93.01
C LEU B 264 -68.46 -188.08 91.96
N ILE B 265 -68.71 -189.39 92.10
CA ILE B 265 -68.14 -190.35 91.15
C ILE B 265 -68.76 -190.18 89.77
N ASP B 266 -70.07 -189.92 89.71
CA ASP B 266 -70.73 -189.72 88.43
C ASP B 266 -70.20 -188.47 87.73
N MET B 267 -70.03 -187.38 88.49
CA MET B 267 -69.49 -186.15 87.90
C MET B 267 -68.06 -186.34 87.45
N TYR B 268 -67.26 -187.08 88.22
CA TYR B 268 -65.89 -187.36 87.81
C TYR B 268 -65.85 -188.19 86.54
N SER B 269 -66.74 -189.18 86.42
CA SER B 269 -66.82 -189.97 85.21
C SER B 269 -67.24 -189.12 84.02
N GLU B 270 -68.18 -188.19 84.22
CA GLU B 270 -68.57 -187.29 83.15
C GLU B 270 -67.41 -186.39 82.73
N VAL B 271 -66.64 -185.90 83.70
CA VAL B 271 -65.48 -185.07 83.39
C VAL B 271 -64.45 -185.87 82.59
N LEU B 272 -64.21 -187.12 82.99
CA LEU B 272 -63.28 -187.97 82.26
C LEU B 272 -63.77 -188.23 80.83
N ASP B 273 -65.08 -188.45 80.67
CA ASP B 273 -65.64 -188.65 79.35
C ASP B 273 -65.48 -187.40 78.48
N VAL B 274 -65.68 -186.22 79.07
CA VAL B 274 -65.49 -184.97 78.33
C VAL B 274 -64.03 -184.82 77.91
N LEU B 275 -63.11 -185.13 78.83
CA LEU B 275 -61.69 -185.05 78.51
C LEU B 275 -61.32 -186.02 77.39
N SER B 276 -61.87 -187.22 77.42
CA SER B 276 -61.60 -188.20 76.35
C SER B 276 -62.16 -187.72 75.03
N ASP B 277 -63.37 -187.16 75.03
CA ASP B 277 -63.98 -186.66 73.80
C ASP B 277 -63.37 -185.34 73.34
N TYR B 278 -62.53 -184.69 74.16
CA TYR B 278 -61.90 -183.45 73.75
C TYR B 278 -61.01 -183.65 72.53
N ASP B 279 -60.22 -184.71 72.51
CA ASP B 279 -59.35 -184.99 71.39
C ASP B 279 -59.02 -186.47 71.37
N ALA B 280 -58.69 -186.98 70.17
CA ALA B 280 -58.29 -188.38 70.03
C ALA B 280 -56.88 -188.63 70.55
N SER B 281 -56.06 -187.59 70.69
CA SER B 281 -54.71 -187.74 71.21
C SER B 281 -54.76 -187.73 72.74
N TYR B 282 -53.58 -187.63 73.37
CA TYR B 282 -53.46 -187.63 74.83
C TYR B 282 -52.65 -186.39 75.23
N ASN B 283 -53.35 -185.27 75.43
CA ASN B 283 -52.75 -184.03 75.87
C ASN B 283 -53.21 -183.61 77.26
N THR B 284 -54.52 -183.50 77.46
CA THR B 284 -55.09 -183.17 78.76
C THR B 284 -55.68 -184.39 79.46
N GLN B 285 -55.74 -185.54 78.78
CA GLN B 285 -56.28 -186.76 79.39
C GLN B 285 -55.34 -187.38 80.40
N ASP B 286 -54.06 -187.01 80.38
CA ASP B 286 -53.07 -187.56 81.30
C ASP B 286 -52.95 -186.74 82.59
N HIS B 287 -53.79 -185.72 82.76
CA HIS B 287 -53.74 -184.91 83.98
C HIS B 287 -54.43 -185.61 85.14
N LEU B 288 -55.72 -185.92 84.97
CA LEU B 288 -56.46 -186.62 86.02
C LEU B 288 -56.03 -188.08 86.09
N PRO B 289 -55.91 -188.65 87.29
CA PRO B 289 -55.55 -190.06 87.40
C PRO B 289 -56.61 -190.96 86.79
N ARG B 290 -56.16 -192.05 86.17
CA ARG B 290 -57.05 -193.02 85.55
C ARG B 290 -56.53 -194.42 85.83
N VAL B 291 -57.32 -195.22 86.54
CA VAL B 291 -56.94 -196.59 86.85
C VAL B 291 -57.15 -197.43 85.59
N VAL B 292 -56.05 -197.90 85.00
CA VAL B 292 -56.07 -198.65 83.75
C VAL B 292 -55.66 -200.09 84.05
N VAL B 293 -56.47 -201.04 83.58
CA VAL B 293 -56.21 -202.46 83.77
C VAL B 293 -55.66 -203.01 82.45
N VAL B 294 -54.42 -203.47 82.48
CA VAL B 294 -53.74 -204.00 81.30
C VAL B 294 -53.31 -205.43 81.60
N GLY B 295 -53.62 -206.34 80.68
CA GLY B 295 -53.24 -207.73 80.84
C GLY B 295 -52.60 -208.32 79.60
N ASP B 296 -52.46 -209.64 79.57
CA ASP B 296 -51.89 -210.34 78.43
C ASP B 296 -52.98 -211.04 77.64
N GLN B 297 -52.65 -211.39 76.39
CA GLN B 297 -53.60 -212.06 75.52
C GLN B 297 -53.82 -213.50 76.00
N SER B 298 -55.08 -213.90 76.09
CA SER B 298 -55.47 -215.23 76.53
C SER B 298 -54.89 -215.56 77.90
N ALA B 299 -54.84 -214.56 78.78
CA ALA B 299 -54.31 -214.72 80.12
C ALA B 299 -55.41 -214.83 81.17
N GLY B 300 -56.66 -214.97 80.77
CA GLY B 300 -57.75 -215.08 81.72
C GLY B 300 -58.16 -213.78 82.37
N LYS B 301 -57.72 -212.64 81.85
CA LYS B 301 -58.07 -211.35 82.44
C LYS B 301 -59.57 -211.06 82.32
N THR B 302 -60.23 -211.66 81.32
CA THR B 302 -61.66 -211.44 81.16
C THR B 302 -62.43 -211.95 82.36
N SER B 303 -62.08 -213.14 82.86
CA SER B 303 -62.76 -213.70 84.02
C SER B 303 -62.54 -212.82 85.25
N VAL B 304 -61.32 -212.33 85.45
CA VAL B 304 -61.04 -211.46 86.59
C VAL B 304 -61.83 -210.17 86.49
N LEU B 305 -61.88 -209.58 85.29
CA LEU B 305 -62.66 -208.35 85.11
C LEU B 305 -64.14 -208.59 85.37
N GLU B 306 -64.66 -209.73 84.91
CA GLU B 306 -66.07 -210.05 85.17
C GLU B 306 -66.32 -210.23 86.65
N MET B 307 -65.40 -210.89 87.37
CA MET B 307 -65.56 -211.07 88.80
C MET B 307 -65.46 -209.75 89.55
N ILE B 308 -64.67 -208.80 89.04
CA ILE B 308 -64.59 -207.48 89.67
C ILE B 308 -65.94 -206.80 89.66
N ALA B 309 -66.63 -206.85 88.52
CA ALA B 309 -67.98 -206.28 88.40
C ALA B 309 -69.06 -207.23 88.85
N GLN B 310 -68.70 -208.47 89.22
CA GLN B 310 -69.65 -209.49 89.68
C GLN B 310 -70.70 -209.80 88.62
N ALA B 311 -70.33 -209.69 87.34
CA ALA B 311 -71.24 -209.97 86.24
C ALA B 311 -70.43 -210.25 84.99
N ARG B 312 -70.94 -211.12 84.14
CA ARG B 312 -70.30 -211.46 82.87
C ARG B 312 -70.74 -210.45 81.82
N ILE B 313 -69.94 -209.42 81.61
CA ILE B 313 -70.25 -208.38 80.64
C ILE B 313 -69.29 -208.34 79.47
N PHE B 314 -68.08 -208.91 79.60
CA PHE B 314 -67.12 -208.91 78.50
C PHE B 314 -67.27 -210.17 77.68
N PRO B 315 -67.53 -210.09 76.38
CA PRO B 315 -67.66 -211.31 75.57
C PRO B 315 -66.37 -212.09 75.54
N ARG B 316 -66.49 -213.41 75.50
CA ARG B 316 -65.34 -214.31 75.48
C ARG B 316 -64.80 -214.45 74.06
N GLY B 317 -63.50 -214.65 73.96
CA GLY B 317 -62.85 -214.82 72.67
C GLY B 317 -61.94 -216.03 72.63
N SER B 318 -62.14 -216.90 71.64
CA SER B 318 -61.34 -218.12 71.48
C SER B 318 -60.09 -217.77 70.66
N GLY B 319 -59.14 -217.12 71.32
CA GLY B 319 -57.88 -216.72 70.71
C GLY B 319 -57.91 -215.35 70.05
N GLU B 320 -59.00 -215.03 69.37
CA GLU B 320 -59.12 -213.73 68.71
C GLU B 320 -59.22 -212.61 69.73
N MET B 321 -58.63 -211.47 69.38
CA MET B 321 -58.62 -210.30 70.25
C MET B 321 -59.94 -209.55 70.05
N MET B 322 -60.93 -209.91 70.86
CA MET B 322 -62.24 -209.26 70.76
C MET B 322 -62.16 -207.79 71.13
N THR B 323 -61.40 -207.46 72.18
CA THR B 323 -61.27 -206.08 72.63
C THR B 323 -60.24 -205.36 71.76
N ARG B 324 -60.72 -204.49 70.88
CA ARG B 324 -59.86 -203.73 70.00
C ARG B 324 -59.90 -202.23 70.26
N SER B 325 -60.74 -201.77 71.18
CA SER B 325 -60.86 -200.37 71.53
C SER B 325 -60.85 -200.21 73.04
N PRO B 326 -60.37 -199.08 73.55
CA PRO B 326 -60.38 -198.85 75.00
C PRO B 326 -61.79 -198.86 75.55
N VAL B 327 -61.96 -199.47 76.72
CA VAL B 327 -63.25 -199.59 77.39
C VAL B 327 -63.13 -198.96 78.77
N LYS B 328 -64.05 -198.05 79.08
CA LYS B 328 -64.08 -197.38 80.38
C LYS B 328 -65.17 -198.01 81.24
N VAL B 329 -64.79 -198.49 82.42
CA VAL B 329 -65.72 -199.09 83.37
C VAL B 329 -65.72 -198.22 84.61
N THR B 330 -66.86 -197.58 84.89
CA THR B 330 -67.02 -196.71 86.05
C THR B 330 -67.79 -197.47 87.12
N LEU B 331 -67.12 -197.76 88.24
CA LEU B 331 -67.75 -198.47 89.35
C LEU B 331 -68.45 -197.46 90.25
N SER B 332 -69.73 -197.69 90.50
CA SER B 332 -70.52 -196.82 91.35
C SER B 332 -71.71 -197.62 91.89
N GLU B 333 -72.55 -196.95 92.67
CA GLU B 333 -73.73 -197.56 93.27
C GLU B 333 -74.96 -196.76 92.87
N GLY B 334 -75.99 -197.45 92.40
CA GLY B 334 -77.22 -196.82 91.99
C GLY B 334 -78.44 -197.52 92.55
N PRO B 335 -79.63 -197.08 92.12
CA PRO B 335 -80.86 -197.73 92.59
C PRO B 335 -80.95 -199.20 92.22
N HIS B 336 -80.40 -199.59 91.07
CA HIS B 336 -80.43 -200.97 90.62
C HIS B 336 -79.06 -201.37 90.11
N HIS B 337 -78.79 -202.68 90.15
CA HIS B 337 -77.52 -203.24 89.68
C HIS B 337 -77.56 -203.40 88.16
N VAL B 338 -77.56 -202.25 87.48
CA VAL B 338 -77.64 -202.20 86.03
C VAL B 338 -76.45 -201.42 85.49
N ALA B 339 -76.27 -201.47 84.18
CA ALA B 339 -75.21 -200.76 83.48
C ALA B 339 -75.81 -199.81 82.46
N LEU B 340 -75.32 -198.57 82.45
CA LEU B 340 -75.83 -197.54 81.55
C LEU B 340 -74.65 -196.84 80.88
N PHE B 341 -74.76 -196.64 79.57
CA PHE B 341 -73.72 -195.94 78.83
C PHE B 341 -73.92 -194.43 78.93
N LYS B 342 -72.90 -193.68 78.51
CA LYS B 342 -72.98 -192.23 78.51
C LYS B 342 -74.02 -191.73 77.51
N ASP B 343 -74.07 -192.34 76.32
CA ASP B 343 -74.97 -191.92 75.25
C ASP B 343 -76.11 -192.89 75.04
N SER B 344 -76.49 -193.64 76.07
CA SER B 344 -77.58 -194.60 75.99
C SER B 344 -78.55 -194.38 77.13
N SER B 345 -79.79 -194.82 76.93
CA SER B 345 -80.83 -194.71 77.93
C SER B 345 -81.35 -196.04 78.45
N ARG B 346 -80.94 -197.16 77.85
CA ARG B 346 -81.38 -198.47 78.28
C ARG B 346 -80.48 -198.99 79.40
N GLU B 347 -81.08 -199.38 80.51
CA GLU B 347 -80.34 -199.88 81.67
C GLU B 347 -80.14 -201.38 81.49
N PHE B 348 -78.92 -201.77 81.13
CA PHE B 348 -78.58 -203.19 80.94
C PHE B 348 -78.36 -203.83 82.30
N ASP B 349 -79.31 -204.67 82.71
CA ASP B 349 -79.19 -205.36 83.99
C ASP B 349 -78.03 -206.35 83.97
N LEU B 350 -77.38 -206.48 85.13
CA LEU B 350 -76.23 -207.36 85.29
C LEU B 350 -76.60 -208.70 85.90
N THR B 351 -77.89 -208.99 86.05
CA THR B 351 -78.35 -210.25 86.65
C THR B 351 -79.00 -211.19 85.64
N LYS B 352 -79.98 -210.70 84.89
CA LYS B 352 -80.67 -211.54 83.91
C LYS B 352 -79.73 -211.91 82.77
N GLU B 353 -79.84 -213.16 82.30
CA GLU B 353 -78.99 -213.62 81.21
C GLU B 353 -79.29 -212.87 79.92
N GLU B 354 -80.56 -212.60 79.64
CA GLU B 354 -80.92 -211.88 78.42
C GLU B 354 -80.34 -210.47 78.43
N ASP B 355 -80.43 -209.79 79.57
CA ASP B 355 -79.85 -208.43 79.66
C ASP B 355 -78.34 -208.46 79.49
N LEU B 356 -77.68 -209.47 80.08
CA LEU B 356 -76.23 -209.58 79.90
C LEU B 356 -75.88 -209.83 78.45
N ALA B 357 -76.64 -210.69 77.76
CA ALA B 357 -76.40 -210.94 76.34
C ALA B 357 -76.60 -209.68 75.51
N ALA B 358 -77.65 -208.91 75.83
CA ALA B 358 -77.89 -207.66 75.12
C ALA B 358 -76.76 -206.67 75.35
N LEU B 359 -76.26 -206.59 76.59
CA LEU B 359 -75.14 -205.70 76.89
C LEU B 359 -73.88 -206.13 76.13
N ARG B 360 -73.61 -207.43 76.08
CA ARG B 360 -72.45 -207.91 75.33
C ARG B 360 -72.60 -207.61 73.84
N HIS B 361 -73.81 -207.78 73.29
CA HIS B 361 -74.03 -207.47 71.89
C HIS B 361 -73.83 -205.98 71.62
N GLU B 362 -74.32 -205.12 72.51
CA GLU B 362 -74.12 -203.68 72.36
C GLU B 362 -72.64 -203.32 72.43
N ILE B 363 -71.90 -203.94 73.35
CA ILE B 363 -70.47 -203.67 73.46
C ILE B 363 -69.74 -204.11 72.18
N GLU B 364 -70.11 -205.29 71.65
CA GLU B 364 -69.49 -205.75 70.41
C GLU B 364 -69.82 -204.82 69.25
N LEU B 365 -71.07 -204.34 69.17
CA LEU B 365 -71.44 -203.41 68.11
C LEU B 365 -70.67 -202.11 68.23
N ARG B 366 -70.50 -201.60 69.45
CA ARG B 366 -69.73 -200.37 69.64
C ARG B 366 -68.27 -200.59 69.26
N MET B 367 -67.70 -201.75 69.60
CA MET B 367 -66.32 -202.04 69.22
C MET B 367 -66.18 -202.11 67.71
N ARG B 368 -67.13 -202.75 67.03
CA ARG B 368 -67.06 -202.85 65.57
C ARG B 368 -67.22 -201.49 64.91
N LYS B 369 -68.10 -200.65 65.44
CA LYS B 369 -68.31 -199.32 64.87
C LYS B 369 -67.05 -198.47 64.96
N ASN B 370 -66.37 -198.52 66.11
CA ASN B 370 -65.14 -197.73 66.27
C ASN B 370 -64.05 -198.21 65.33
N VAL B 371 -63.89 -199.53 65.19
CA VAL B 371 -62.84 -200.08 64.33
C VAL B 371 -63.22 -199.88 62.88
N LYS B 372 -62.29 -199.31 62.11
CA LYS B 372 -62.54 -199.08 60.69
C LYS B 372 -62.53 -200.40 59.92
N GLU B 373 -63.19 -200.39 58.76
CA GLU B 373 -63.28 -201.58 57.91
C GLU B 373 -61.93 -201.76 57.22
N GLY B 374 -61.04 -202.49 57.89
CA GLY B 374 -59.71 -202.72 57.36
C GLY B 374 -58.63 -202.56 58.40
N CYS B 375 -58.93 -201.82 59.47
CA CYS B 375 -57.99 -201.58 60.56
C CYS B 375 -58.21 -202.57 61.69
N THR B 376 -57.32 -202.52 62.68
CA THR B 376 -57.37 -203.40 63.84
C THR B 376 -57.59 -202.65 65.13
N VAL B 377 -56.83 -201.58 65.37
CA VAL B 377 -56.92 -200.79 66.60
C VAL B 377 -57.49 -199.42 66.25
N SER B 378 -58.52 -199.01 66.98
CA SER B 378 -59.18 -197.74 66.75
C SER B 378 -58.92 -196.80 67.92
N PRO B 379 -58.53 -195.55 67.66
CA PRO B 379 -58.30 -194.62 68.77
C PRO B 379 -59.55 -194.26 69.55
N GLU B 380 -60.73 -194.49 69.00
CA GLU B 380 -61.97 -194.15 69.68
C GLU B 380 -62.15 -195.02 70.93
N THR B 381 -62.65 -194.40 72.00
CA THR B 381 -62.86 -195.07 73.26
C THR B 381 -64.35 -195.30 73.50
N ILE B 382 -64.64 -196.25 74.39
CA ILE B 382 -66.01 -196.61 74.76
C ILE B 382 -66.18 -196.33 76.25
N SER B 383 -67.23 -195.57 76.58
CA SER B 383 -67.51 -195.18 77.95
C SER B 383 -68.72 -195.96 78.46
N LEU B 384 -68.57 -196.58 79.64
CA LEU B 384 -69.64 -197.35 80.25
C LEU B 384 -69.64 -197.10 81.75
N ASN B 385 -70.83 -196.87 82.31
CA ASN B 385 -71.00 -196.63 83.73
C ASN B 385 -71.72 -197.82 84.36
N VAL B 386 -71.16 -198.34 85.45
CA VAL B 386 -71.70 -199.49 86.16
C VAL B 386 -72.20 -199.02 87.52
N LYS B 387 -73.46 -199.33 87.83
CA LYS B 387 -74.08 -198.96 89.09
C LYS B 387 -74.65 -200.20 89.77
N GLY B 388 -74.72 -200.14 91.09
CA GLY B 388 -75.26 -201.23 91.87
C GLY B 388 -74.63 -201.32 93.26
N PRO B 389 -75.37 -201.89 94.20
CA PRO B 389 -74.84 -202.02 95.56
C PRO B 389 -73.67 -203.00 95.62
N GLY B 390 -72.80 -202.79 96.61
CA GLY B 390 -71.65 -203.63 96.81
C GLY B 390 -70.43 -203.28 95.99
N LEU B 391 -70.50 -202.24 95.16
CA LEU B 391 -69.38 -201.82 94.34
C LEU B 391 -68.67 -200.63 94.99
N GLN B 392 -67.46 -200.36 94.50
CA GLN B 392 -66.65 -199.25 94.98
C GLN B 392 -66.89 -198.02 94.10
N ARG B 393 -66.11 -196.97 94.33
CA ARG B 393 -66.20 -195.73 93.58
C ARG B 393 -64.86 -195.49 92.90
N MET B 394 -64.71 -196.04 91.69
CA MET B 394 -63.48 -195.89 90.92
C MET B 394 -63.79 -196.11 89.45
N VAL B 395 -62.86 -195.69 88.61
CA VAL B 395 -62.99 -195.81 87.15
C VAL B 395 -61.92 -196.78 86.66
N LEU B 396 -62.36 -197.82 85.95
CA LEU B 396 -61.47 -198.83 85.40
C LEU B 396 -61.40 -198.69 83.88
N VAL B 397 -60.20 -198.78 83.34
CA VAL B 397 -59.96 -198.65 81.91
C VAL B 397 -59.42 -199.99 81.40
N ASP B 398 -60.05 -200.50 80.34
CA ASP B 398 -59.67 -201.77 79.73
C ASP B 398 -58.95 -201.51 78.42
N LEU B 399 -57.81 -202.16 78.23
CA LEU B 399 -57.01 -202.01 77.02
C LEU B 399 -56.68 -203.38 76.45
N PRO B 400 -56.47 -203.46 75.13
CA PRO B 400 -56.09 -204.75 74.52
C PRO B 400 -54.75 -205.23 75.05
N GLY B 401 -54.61 -206.56 75.12
CA GLY B 401 -53.39 -207.14 75.63
C GLY B 401 -52.20 -206.89 74.72
N VAL B 402 -51.02 -206.95 75.32
CA VAL B 402 -49.78 -206.72 74.61
C VAL B 402 -49.43 -207.95 73.79
N ILE B 403 -49.15 -207.75 72.50
CA ILE B 403 -48.81 -208.84 71.60
C ILE B 403 -47.35 -208.69 71.18
N ASN B 404 -46.79 -209.79 70.69
CA ASN B 404 -45.40 -209.82 70.25
C ASN B 404 -45.27 -210.08 68.75
N THR B 405 -45.96 -211.08 68.23
CA THR B 405 -45.90 -211.39 66.81
C THR B 405 -46.70 -210.38 66.00
N VAL B 406 -46.41 -210.33 64.70
CA VAL B 406 -47.07 -209.43 63.77
C VAL B 406 -47.86 -210.27 62.77
N THR B 407 -49.14 -209.97 62.62
CA THR B 407 -50.00 -210.70 61.70
C THR B 407 -49.85 -210.15 60.29
N SER B 408 -49.60 -211.06 59.34
CA SER B 408 -49.45 -210.64 57.94
C SER B 408 -50.78 -210.18 57.35
N GLY B 409 -51.89 -210.72 57.83
CA GLY B 409 -53.20 -210.36 57.34
C GLY B 409 -53.78 -209.10 57.91
N MET B 410 -53.07 -208.43 58.81
CA MET B 410 -53.53 -207.21 59.44
C MET B 410 -52.50 -206.10 59.23
N ALA B 411 -52.70 -204.97 59.89
CA ALA B 411 -51.78 -203.85 59.75
C ALA B 411 -50.43 -204.19 60.38
N PRO B 412 -49.33 -204.02 59.65
CA PRO B 412 -48.02 -204.33 60.24
C PRO B 412 -47.65 -203.46 61.42
N ASP B 413 -48.27 -202.28 61.57
CA ASP B 413 -47.97 -201.36 62.66
C ASP B 413 -48.94 -201.50 63.82
N THR B 414 -49.70 -202.60 63.87
CA THR B 414 -50.64 -202.80 64.97
C THR B 414 -49.91 -202.90 66.31
N LYS B 415 -48.80 -203.64 66.35
CA LYS B 415 -48.02 -203.76 67.57
C LYS B 415 -47.44 -202.41 68.00
N GLU B 416 -46.93 -201.65 67.03
CA GLU B 416 -46.40 -200.32 67.34
C GLU B 416 -47.50 -199.39 67.85
N THR B 417 -48.69 -199.45 67.25
CA THR B 417 -49.80 -198.64 67.73
C THR B 417 -50.20 -199.02 69.13
N ILE B 418 -50.25 -200.33 69.43
CA ILE B 418 -50.60 -200.78 70.77
C ILE B 418 -49.56 -200.31 71.78
N PHE B 419 -48.28 -200.41 71.42
CA PHE B 419 -47.21 -199.95 72.31
C PHE B 419 -47.31 -198.46 72.56
N SER B 420 -47.59 -197.68 71.51
CA SER B 420 -47.72 -196.23 71.67
C SER B 420 -48.91 -195.89 72.57
N ILE B 421 -50.04 -196.59 72.38
CA ILE B 421 -51.20 -196.35 73.23
C ILE B 421 -50.89 -196.69 74.68
N SER B 422 -50.21 -197.81 74.91
CA SER B 422 -49.85 -198.18 76.28
C SER B 422 -48.91 -197.15 76.90
N LYS B 423 -47.94 -196.66 76.13
CA LYS B 423 -47.03 -195.64 76.65
C LYS B 423 -47.78 -194.36 76.98
N ALA B 424 -48.70 -193.94 76.10
CA ALA B 424 -49.48 -192.74 76.36
C ALA B 424 -50.34 -192.90 77.62
N TYR B 425 -50.94 -194.08 77.79
CA TYR B 425 -51.73 -194.32 79.00
C TYR B 425 -50.86 -194.30 80.25
N MET B 426 -49.65 -194.88 80.16
CA MET B 426 -48.74 -194.90 81.29
C MET B 426 -48.08 -193.55 81.54
N GLN B 427 -48.20 -192.60 80.61
CA GLN B 427 -47.60 -191.28 80.80
C GLN B 427 -48.19 -190.55 82.00
N ASN B 428 -49.37 -190.93 82.45
CA ASN B 428 -49.97 -190.32 83.63
C ASN B 428 -49.20 -190.72 84.87
N PRO B 429 -48.63 -189.78 85.63
CA PRO B 429 -47.88 -190.18 86.84
C PRO B 429 -48.73 -190.82 87.92
N ASN B 430 -50.05 -190.62 87.88
CA ASN B 430 -50.96 -191.17 88.90
C ASN B 430 -51.87 -192.25 88.34
N ALA B 431 -51.49 -192.85 87.21
CA ALA B 431 -52.31 -193.91 86.61
C ALA B 431 -52.06 -195.22 87.34
N ILE B 432 -53.08 -195.74 88.01
CA ILE B 432 -52.98 -197.01 88.72
C ILE B 432 -53.11 -198.14 87.72
N ILE B 433 -52.14 -199.05 87.73
CA ILE B 433 -52.11 -200.18 86.80
C ILE B 433 -52.44 -201.44 87.58
N LEU B 434 -53.45 -202.18 87.11
CA LEU B 434 -53.89 -203.43 87.74
C LEU B 434 -53.42 -204.58 86.85
N CYS B 435 -52.35 -205.25 87.28
CA CYS B 435 -51.79 -206.35 86.53
C CYS B 435 -52.56 -207.64 86.83
N ILE B 436 -52.94 -208.35 85.78
CA ILE B 436 -53.67 -209.61 85.89
C ILE B 436 -52.86 -210.70 85.21
N GLN B 437 -52.64 -211.80 85.92
CA GLN B 437 -51.88 -212.93 85.42
C GLN B 437 -52.78 -214.17 85.38
N ASP B 438 -52.18 -215.31 85.05
CA ASP B 438 -52.90 -216.57 84.96
C ASP B 438 -52.17 -217.63 85.77
N GLY B 439 -52.88 -218.72 86.06
CA GLY B 439 -52.28 -219.80 86.82
C GLY B 439 -51.12 -220.45 86.10
N SER B 440 -51.23 -220.60 84.77
CA SER B 440 -50.18 -221.22 83.98
C SER B 440 -49.11 -220.22 83.55
N VAL B 441 -49.26 -218.94 83.88
CA VAL B 441 -48.31 -217.90 83.51
C VAL B 441 -47.59 -217.45 84.77
N ASP B 442 -46.25 -217.49 84.73
CA ASP B 442 -45.45 -217.10 85.87
C ASP B 442 -45.41 -215.58 85.99
N ALA B 443 -44.91 -215.11 87.14
CA ALA B 443 -44.80 -213.67 87.37
C ALA B 443 -43.84 -213.02 86.38
N GLU B 444 -42.70 -213.67 86.12
CA GLU B 444 -41.74 -213.12 85.17
C GLU B 444 -42.22 -213.24 83.72
N ARG B 445 -43.13 -214.17 83.45
CA ARG B 445 -43.66 -214.34 82.10
C ARG B 445 -44.70 -213.29 81.74
N SER B 446 -45.16 -212.50 82.70
CA SER B 446 -46.16 -211.48 82.43
C SER B 446 -45.47 -210.25 81.85
N ILE B 447 -45.83 -209.89 80.61
CA ILE B 447 -45.24 -208.73 79.97
C ILE B 447 -45.66 -207.44 80.67
N VAL B 448 -46.92 -207.39 81.13
CA VAL B 448 -47.41 -206.19 81.81
C VAL B 448 -46.64 -205.96 83.10
N THR B 449 -46.39 -207.02 83.88
CA THR B 449 -45.65 -206.88 85.12
C THR B 449 -44.22 -206.40 84.87
N ASP B 450 -43.56 -206.96 83.85
CA ASP B 450 -42.21 -206.53 83.53
C ASP B 450 -42.19 -205.06 83.07
N LEU B 451 -43.17 -204.66 82.27
CA LEU B 451 -43.23 -203.28 81.81
C LEU B 451 -43.47 -202.33 82.99
N VAL B 452 -44.34 -202.71 83.92
CA VAL B 452 -44.59 -201.88 85.09
C VAL B 452 -43.33 -201.77 85.94
N SER B 453 -42.62 -202.89 86.13
CA SER B 453 -41.39 -202.85 86.92
C SER B 453 -40.34 -201.97 86.25
N GLN B 454 -40.21 -202.06 84.92
CA GLN B 454 -39.24 -201.23 84.21
C GLN B 454 -39.61 -199.75 84.31
N MET B 455 -40.89 -199.42 84.15
CA MET B 455 -41.32 -198.02 84.22
C MET B 455 -41.37 -197.51 85.66
N ASP B 456 -41.71 -198.35 86.62
CA ASP B 456 -41.82 -197.97 88.03
C ASP B 456 -41.01 -198.94 88.87
N PRO B 457 -39.68 -198.76 88.92
CA PRO B 457 -38.87 -199.65 89.75
C PRO B 457 -39.23 -199.60 91.23
N HIS B 458 -39.63 -198.44 91.75
CA HIS B 458 -40.00 -198.34 93.15
C HIS B 458 -41.32 -199.04 93.43
N GLY B 459 -42.31 -198.83 92.56
CA GLY B 459 -43.62 -199.44 92.76
C GLY B 459 -44.35 -198.98 93.99
N ARG B 460 -44.23 -197.69 94.33
CA ARG B 460 -44.90 -197.13 95.50
C ARG B 460 -46.39 -196.91 95.28
N ARG B 461 -46.85 -196.90 94.03
CA ARG B 461 -48.26 -196.70 93.73
C ARG B 461 -48.91 -197.89 93.04
N THR B 462 -48.13 -198.90 92.64
CA THR B 462 -48.67 -200.09 91.98
C THR B 462 -48.73 -201.23 92.98
N ILE B 463 -49.90 -201.87 93.07
CA ILE B 463 -50.13 -202.99 93.98
C ILE B 463 -50.37 -204.24 93.16
N PHE B 464 -49.58 -205.28 93.42
CA PHE B 464 -49.71 -206.53 92.68
C PHE B 464 -50.86 -207.35 93.24
N VAL B 465 -51.70 -207.88 92.35
CA VAL B 465 -52.82 -208.74 92.71
C VAL B 465 -52.65 -210.07 92.01
N LEU B 466 -52.72 -211.15 92.79
CA LEU B 466 -52.55 -212.50 92.27
C LEU B 466 -53.92 -213.13 92.08
N THR B 467 -54.19 -213.62 90.87
CA THR B 467 -55.46 -214.22 90.52
C THR B 467 -55.25 -215.67 90.09
N LYS B 468 -56.29 -216.49 90.26
CA LYS B 468 -56.28 -217.90 89.91
C LYS B 468 -55.15 -218.63 90.62
N VAL B 469 -55.15 -218.53 91.96
CA VAL B 469 -54.13 -219.19 92.77
C VAL B 469 -54.28 -220.71 92.70
N ASP B 470 -55.53 -221.20 92.69
CA ASP B 470 -55.75 -222.65 92.66
C ASP B 470 -55.21 -223.27 91.37
N LEU B 471 -55.41 -222.59 90.24
CA LEU B 471 -54.91 -223.12 88.97
C LEU B 471 -53.39 -223.22 88.97
N ALA B 472 -52.72 -222.18 89.49
CA ALA B 472 -51.27 -222.23 89.58
C ALA B 472 -50.80 -223.32 90.52
N GLU B 473 -51.49 -223.49 91.66
CA GLU B 473 -51.11 -224.52 92.62
C GLU B 473 -51.27 -225.92 92.03
N LYS B 474 -52.35 -226.14 91.29
CA LYS B 474 -52.59 -227.46 90.70
C LYS B 474 -51.59 -227.80 89.60
N ASN B 475 -50.86 -226.83 89.08
CA ASN B 475 -49.86 -227.07 88.04
C ASN B 475 -48.49 -227.35 88.63
N VAL B 476 -48.44 -228.34 89.54
CA VAL B 476 -47.25 -228.78 90.28
C VAL B 476 -46.25 -227.66 90.53
N ALA B 477 -46.76 -226.51 90.95
CA ALA B 477 -45.90 -225.37 91.23
C ALA B 477 -45.23 -225.51 92.60
N SER B 478 -44.15 -224.76 92.79
CA SER B 478 -43.42 -224.78 94.06
C SER B 478 -44.09 -223.84 95.05
N PRO B 479 -44.50 -224.33 96.22
CA PRO B 479 -45.12 -223.43 97.21
C PRO B 479 -44.20 -222.35 97.71
N SER B 480 -42.88 -222.55 97.64
CA SER B 480 -41.94 -221.51 98.08
C SER B 480 -42.06 -220.26 97.22
N ARG B 481 -42.20 -220.43 95.90
CA ARG B 481 -42.36 -219.28 95.02
C ARG B 481 -43.65 -218.53 95.33
N ILE B 482 -44.74 -219.25 95.57
CA ILE B 482 -46.00 -218.60 95.90
C ILE B 482 -45.89 -217.84 97.23
N GLN B 483 -45.23 -218.44 98.22
CA GLN B 483 -45.06 -217.78 99.50
C GLN B 483 -44.21 -216.52 99.35
N GLN B 484 -43.14 -216.59 98.55
CA GLN B 484 -42.30 -215.42 98.33
C GLN B 484 -43.06 -214.32 97.62
N ILE B 485 -43.88 -214.69 96.63
CA ILE B 485 -44.67 -213.68 95.90
C ILE B 485 -45.67 -213.02 96.83
N ILE B 486 -46.37 -213.82 97.65
CA ILE B 486 -47.35 -213.27 98.58
C ILE B 486 -46.66 -212.40 99.62
N GLU B 487 -45.54 -212.88 100.19
CA GLU B 487 -44.83 -212.09 101.18
C GLU B 487 -44.09 -210.90 100.58
N GLY B 488 -43.73 -210.98 99.29
CA GLY B 488 -43.05 -209.88 98.64
C GLY B 488 -41.54 -209.95 98.73
N LYS B 489 -40.99 -211.16 98.66
CA LYS B 489 -39.55 -211.36 98.72
C LYS B 489 -38.93 -211.57 97.34
N LEU B 490 -39.69 -211.40 96.28
CA LEU B 490 -39.20 -211.61 94.92
C LEU B 490 -39.33 -210.37 94.04
N PHE B 491 -40.42 -209.61 94.18
CA PHE B 491 -40.62 -208.43 93.37
C PHE B 491 -39.72 -207.29 93.87
N PRO B 492 -38.87 -206.72 93.02
CA PRO B 492 -38.02 -205.61 93.48
C PRO B 492 -38.81 -204.39 93.92
N MET B 493 -39.97 -204.14 93.32
CA MET B 493 -40.76 -202.97 93.67
C MET B 493 -41.32 -203.11 95.09
N LYS B 494 -41.43 -201.96 95.77
CA LYS B 494 -41.94 -201.92 97.14
C LYS B 494 -43.42 -201.55 97.09
N ALA B 495 -44.24 -202.54 96.78
CA ALA B 495 -45.68 -202.34 96.71
C ALA B 495 -46.27 -202.16 98.12
N LEU B 496 -47.42 -201.51 98.17
CA LEU B 496 -48.09 -201.27 99.45
C LEU B 496 -48.61 -202.56 100.06
N GLY B 497 -48.79 -203.61 99.28
CA GLY B 497 -49.26 -204.88 99.81
C GLY B 497 -49.40 -205.90 98.69
N TYR B 498 -49.67 -207.13 99.10
CA TYR B 498 -49.84 -208.24 98.17
C TYR B 498 -50.99 -209.11 98.66
N PHE B 499 -51.96 -209.35 97.79
CA PHE B 499 -53.12 -210.18 98.11
C PHE B 499 -53.32 -211.21 97.02
N ALA B 500 -53.65 -212.44 97.43
CA ALA B 500 -53.88 -213.55 96.53
C ALA B 500 -55.36 -213.93 96.57
N VAL B 501 -56.00 -213.95 95.40
CA VAL B 501 -57.42 -214.27 95.29
C VAL B 501 -57.59 -215.30 94.18
N VAL B 502 -58.75 -215.97 94.21
CA VAL B 502 -59.10 -216.98 93.22
C VAL B 502 -60.32 -216.48 92.45
N THR B 503 -60.19 -216.41 91.13
CA THR B 503 -61.26 -215.94 90.25
C THR B 503 -61.82 -217.07 89.39
N GLY B 504 -61.91 -218.27 89.97
CA GLY B 504 -62.43 -219.42 89.25
C GLY B 504 -61.40 -220.04 88.34
N LYS B 505 -61.87 -221.03 87.57
CA LYS B 505 -61.01 -221.74 86.63
C LYS B 505 -60.85 -221.02 85.30
N GLY B 506 -61.53 -219.89 85.11
CA GLY B 506 -61.42 -219.16 83.87
C GLY B 506 -62.22 -219.71 82.71
N ASN B 507 -63.08 -220.69 82.95
CA ASN B 507 -63.89 -221.28 81.89
C ASN B 507 -65.09 -220.40 81.61
N SER B 508 -65.97 -220.85 80.72
CA SER B 508 -67.18 -220.12 80.34
C SER B 508 -68.44 -220.88 80.72
N SER B 509 -68.38 -221.68 81.79
CA SER B 509 -69.53 -222.45 82.23
C SER B 509 -69.75 -222.36 83.74
N GLU B 510 -69.11 -221.41 84.41
CA GLU B 510 -69.25 -221.22 85.85
C GLU B 510 -69.92 -219.86 86.09
N SER B 511 -70.99 -219.87 86.87
CA SER B 511 -71.70 -218.64 87.18
C SER B 511 -70.90 -217.79 88.17
N ILE B 512 -71.26 -216.52 88.26
CA ILE B 512 -70.57 -215.61 89.17
C ILE B 512 -70.76 -216.04 90.62
N GLU B 513 -71.98 -216.45 90.98
CA GLU B 513 -72.24 -216.91 92.34
C GLU B 513 -71.44 -218.15 92.68
N ALA B 514 -71.34 -219.09 91.73
CA ALA B 514 -70.56 -220.30 91.97
C ALA B 514 -69.08 -219.98 92.18
N ILE B 515 -68.54 -219.08 91.36
CA ILE B 515 -67.13 -218.70 91.51
C ILE B 515 -66.91 -217.99 92.85
N ARG B 516 -67.83 -217.12 93.24
CA ARG B 516 -67.71 -216.43 94.52
C ARG B 516 -67.76 -217.42 95.69
N GLU B 517 -68.66 -218.40 95.61
CA GLU B 517 -68.74 -219.42 96.67
C GLU B 517 -67.47 -220.26 96.72
N TYR B 518 -66.94 -220.62 95.55
CA TYR B 518 -65.69 -221.39 95.54
C TYR B 518 -64.53 -220.58 96.12
N GLU B 519 -64.47 -219.29 95.80
CA GLU B 519 -63.42 -218.44 96.36
C GLU B 519 -63.56 -218.31 97.87
N GLU B 520 -64.79 -218.16 98.36
CA GLU B 520 -65.01 -218.08 99.80
C GLU B 520 -64.61 -219.37 100.48
N GLU B 521 -64.96 -220.52 99.89
CA GLU B 521 -64.57 -221.80 100.46
C GLU B 521 -63.06 -221.97 100.48
N PHE B 522 -62.39 -221.56 99.41
CA PHE B 522 -60.93 -221.65 99.37
C PHE B 522 -60.29 -220.74 100.42
N PHE B 523 -60.83 -219.54 100.59
CA PHE B 523 -60.31 -218.64 101.62
C PHE B 523 -60.52 -219.22 103.02
N GLN B 524 -61.69 -219.81 103.27
CA GLN B 524 -61.96 -220.41 104.58
C GLN B 524 -61.04 -221.59 104.84
N ASN B 525 -60.84 -222.45 103.85
CA ASN B 525 -59.99 -223.63 103.97
C ASN B 525 -59.01 -223.64 102.80
N SER B 526 -57.77 -223.27 103.06
CA SER B 526 -56.73 -223.22 102.04
C SER B 526 -55.57 -224.12 102.43
N LYS B 527 -54.93 -224.72 101.42
CA LYS B 527 -53.79 -225.60 101.65
C LYS B 527 -52.53 -224.84 102.05
N LEU B 528 -52.50 -223.52 101.89
CA LEU B 528 -51.33 -222.72 102.24
C LEU B 528 -51.50 -221.98 103.56
N LEU B 529 -52.73 -221.64 103.94
CA LEU B 529 -52.94 -220.94 105.21
C LEU B 529 -52.70 -221.85 106.40
N LYS B 530 -52.96 -223.15 106.25
CA LYS B 530 -52.75 -224.10 107.34
C LYS B 530 -51.28 -224.40 107.60
N THR B 531 -50.38 -223.98 106.71
CA THR B 531 -48.95 -224.21 106.88
C THR B 531 -48.26 -223.09 107.65
N SER B 532 -49.00 -222.07 108.08
CA SER B 532 -48.45 -220.94 108.83
C SER B 532 -47.33 -220.26 108.06
N MET B 533 -47.51 -220.13 106.75
CA MET B 533 -46.53 -219.47 105.89
C MET B 533 -47.05 -218.19 105.25
N LEU B 534 -48.29 -217.81 105.54
CA LEU B 534 -48.88 -216.61 104.98
C LEU B 534 -49.42 -215.73 106.10
N LYS B 535 -49.31 -214.42 105.91
CA LYS B 535 -49.77 -213.47 106.91
C LYS B 535 -51.29 -213.51 107.04
N ALA B 536 -51.77 -213.38 108.28
CA ALA B 536 -53.21 -213.45 108.53
C ALA B 536 -53.93 -212.18 108.09
N HIS B 537 -53.22 -211.05 108.06
CA HIS B 537 -53.82 -209.77 107.70
C HIS B 537 -53.83 -209.53 106.19
N GLN B 538 -53.29 -210.44 105.40
CA GLN B 538 -53.27 -210.32 103.94
C GLN B 538 -54.35 -211.14 103.28
N VAL B 539 -55.51 -211.25 103.92
CA VAL B 539 -56.63 -212.04 103.38
C VAL B 539 -57.74 -211.09 102.92
N THR B 540 -58.73 -211.65 102.23
CA THR B 540 -59.87 -210.90 101.70
C THR B 540 -59.43 -209.74 100.81
N THR B 541 -60.34 -208.82 100.52
CA THR B 541 -60.04 -207.68 99.67
C THR B 541 -60.60 -206.36 100.20
N ARG B 542 -61.26 -206.35 101.36
CA ARG B 542 -61.88 -205.12 101.85
C ARG B 542 -60.83 -204.06 102.17
N ASN B 543 -59.79 -204.44 102.92
CA ASN B 543 -58.76 -203.47 103.29
C ASN B 543 -58.01 -202.96 102.07
N LEU B 544 -57.68 -203.86 101.13
CA LEU B 544 -56.99 -203.44 99.91
C LEU B 544 -57.86 -202.49 99.09
N SER B 545 -59.15 -202.79 98.96
CA SER B 545 -60.05 -201.92 98.21
C SER B 545 -60.17 -200.56 98.87
N LEU B 546 -60.28 -200.54 100.21
CA LEU B 546 -60.37 -199.26 100.92
C LEU B 546 -59.10 -198.44 100.73
N ALA B 547 -57.93 -199.08 100.84
CA ALA B 547 -56.68 -198.36 100.65
C ALA B 547 -56.56 -197.82 99.24
N VAL B 548 -56.92 -198.63 98.25
CA VAL B 548 -56.85 -198.19 96.85
C VAL B 548 -57.79 -197.02 96.61
N SER B 549 -59.01 -197.09 97.16
CA SER B 549 -59.97 -196.00 97.00
C SER B 549 -59.47 -194.72 97.65
N ASP B 550 -58.89 -194.83 98.86
CA ASP B 550 -58.38 -193.64 99.54
C ASP B 550 -57.22 -193.03 98.76
N CYS B 551 -56.30 -193.87 98.26
CA CYS B 551 -55.18 -193.35 97.49
C CYS B 551 -55.65 -192.68 96.20
N PHE B 552 -56.62 -193.29 95.52
CA PHE B 552 -57.16 -192.70 94.29
C PHE B 552 -57.84 -191.38 94.59
N TRP B 553 -58.60 -191.30 95.68
CA TRP B 553 -59.29 -190.06 96.03
C TRP B 553 -58.29 -188.96 96.35
N LYS B 554 -57.25 -189.26 97.14
CA LYS B 554 -56.29 -188.22 97.49
C LYS B 554 -55.48 -187.78 96.27
N MET B 555 -55.11 -188.72 95.39
CA MET B 555 -54.33 -188.34 94.22
C MET B 555 -55.18 -187.54 93.23
N VAL B 556 -56.46 -187.89 93.08
CA VAL B 556 -57.31 -187.12 92.17
C VAL B 556 -57.62 -185.74 92.77
N ARG B 557 -57.72 -185.64 94.10
CA ARG B 557 -57.90 -184.34 94.72
C ARG B 557 -56.68 -183.44 94.48
N GLU B 558 -55.48 -184.00 94.65
CA GLU B 558 -54.27 -183.23 94.37
C GLU B 558 -54.20 -182.83 92.90
N SER B 559 -54.55 -183.76 92.00
CA SER B 559 -54.50 -183.48 90.57
C SER B 559 -55.48 -182.37 90.20
N VAL B 560 -56.70 -182.42 90.73
CA VAL B 560 -57.69 -181.39 90.40
C VAL B 560 -57.30 -180.05 91.03
N GLU B 561 -56.69 -180.07 92.21
CA GLU B 561 -56.21 -178.83 92.81
C GLU B 561 -55.13 -178.18 91.95
N GLN B 562 -54.20 -178.99 91.42
CA GLN B 562 -53.19 -178.45 90.52
C GLN B 562 -53.81 -177.97 89.21
N GLN B 563 -54.76 -178.74 88.67
CA GLN B 563 -55.34 -178.41 87.37
C GLN B 563 -56.23 -177.17 87.43
N ALA B 564 -56.81 -176.87 88.60
CA ALA B 564 -57.63 -175.66 88.73
C ALA B 564 -56.86 -174.41 88.33
N ASP B 565 -55.55 -174.42 88.52
CA ASP B 565 -54.69 -173.33 88.06
C ASP B 565 -53.97 -173.66 86.76
N SER B 566 -53.64 -174.93 86.52
CA SER B 566 -52.95 -175.30 85.29
C SER B 566 -53.80 -175.01 84.06
N PHE B 567 -55.09 -175.35 84.10
CA PHE B 567 -55.96 -175.10 82.96
C PHE B 567 -56.22 -173.60 82.77
N LYS B 568 -56.32 -172.84 83.85
CA LYS B 568 -56.44 -171.40 83.72
C LYS B 568 -55.21 -170.80 83.07
N ALA B 569 -54.02 -171.25 83.47
CA ALA B 569 -52.78 -170.79 82.84
C ALA B 569 -52.73 -171.17 81.37
N THR B 570 -53.16 -172.39 81.05
CA THR B 570 -53.17 -172.83 79.66
C THR B 570 -54.12 -171.99 78.82
N ARG B 571 -55.31 -171.70 79.35
CA ARG B 571 -56.27 -170.86 78.63
C ARG B 571 -55.71 -169.46 78.42
N PHE B 572 -55.08 -168.89 79.46
CA PHE B 572 -54.50 -167.56 79.32
C PHE B 572 -53.40 -167.55 78.27
N ASN B 573 -52.55 -168.58 78.26
CA ASN B 573 -51.48 -168.67 77.27
C ASN B 573 -52.05 -168.80 75.87
N LEU B 574 -53.09 -169.62 75.69
CA LEU B 574 -53.72 -169.77 74.38
C LEU B 574 -54.33 -168.46 73.90
N GLU B 575 -55.01 -167.74 74.80
CA GLU B 575 -55.59 -166.46 74.44
C GLU B 575 -54.51 -165.46 74.05
N THR B 576 -53.42 -165.42 74.81
CA THR B 576 -52.31 -164.53 74.49
C THR B 576 -51.70 -164.87 73.14
N GLU B 577 -51.54 -166.16 72.85
CA GLU B 577 -50.99 -166.58 71.57
C GLU B 577 -51.90 -166.17 70.42
N TRP B 578 -53.21 -166.37 70.60
CA TRP B 578 -54.16 -165.99 69.55
C TRP B 578 -54.14 -164.49 69.31
N LYS B 579 -54.09 -163.70 70.40
CA LYS B 579 -54.06 -162.25 70.25
C LYS B 579 -52.75 -161.79 69.58
N ASN B 580 -51.63 -162.40 69.94
CA ASN B 580 -50.35 -161.99 69.39
C ASN B 580 -50.23 -162.36 67.92
N ASN B 581 -50.67 -163.57 67.55
CA ASN B 581 -50.59 -163.98 66.15
C ASN B 581 -51.52 -163.16 65.27
N TYR B 582 -52.66 -162.72 65.81
CA TYR B 582 -53.65 -161.95 65.07
C TYR B 582 -54.00 -160.70 65.88
N PRO B 583 -53.13 -159.69 65.86
CA PRO B 583 -53.43 -158.46 66.60
C PRO B 583 -54.68 -157.75 66.12
N ARG B 584 -54.98 -157.83 64.82
CA ARG B 584 -56.13 -157.14 64.23
C ARG B 584 -57.30 -158.09 63.96
N LEU B 585 -57.19 -159.36 64.35
CA LEU B 585 -58.24 -160.34 64.15
C LEU B 585 -58.58 -161.01 65.47
N ARG B 586 -59.88 -161.07 65.79
CA ARG B 586 -60.35 -161.70 67.01
C ARG B 586 -60.64 -163.17 66.73
N GLU B 587 -61.29 -163.84 67.69
CA GLU B 587 -61.60 -165.26 67.54
C GLU B 587 -62.47 -165.50 66.31
N LEU B 588 -62.09 -166.49 65.51
CA LEU B 588 -62.78 -166.85 64.28
C LEU B 588 -63.03 -168.36 64.28
N ASP B 589 -64.18 -168.76 64.84
CA ASP B 589 -64.54 -170.17 64.89
C ASP B 589 -65.28 -170.57 63.61
N ARG B 590 -65.77 -171.81 63.58
CA ARG B 590 -66.43 -172.32 62.39
C ARG B 590 -67.71 -171.53 62.07
N ASN B 591 -68.51 -171.24 63.10
CA ASN B 591 -69.79 -170.58 62.86
C ASN B 591 -69.60 -169.17 62.32
N GLU B 592 -68.76 -168.38 62.98
CA GLU B 592 -68.55 -167.00 62.55
C GLU B 592 -67.92 -166.93 61.17
N LEU B 593 -66.94 -167.81 60.90
CA LEU B 593 -66.30 -167.80 59.59
C LEU B 593 -67.27 -168.24 58.50
N PHE B 594 -68.12 -169.24 58.79
CA PHE B 594 -69.11 -169.66 57.82
C PHE B 594 -70.12 -168.54 57.54
N GLU B 595 -70.56 -167.84 58.59
CA GLU B 595 -71.48 -166.73 58.39
C GLU B 595 -70.83 -165.61 57.59
N LYS B 596 -69.56 -165.31 57.86
CA LYS B 596 -68.86 -164.29 57.09
C LYS B 596 -68.71 -164.69 55.64
N ALA B 597 -68.41 -165.97 55.37
CA ALA B 597 -68.32 -166.44 53.99
C ALA B 597 -69.65 -166.34 53.28
N LYS B 598 -70.75 -166.69 53.98
CA LYS B 598 -72.08 -166.57 53.38
C LYS B 598 -72.40 -165.11 53.07
N ASN B 599 -72.07 -164.20 54.00
CA ASN B 599 -72.31 -162.78 53.76
C ASN B 599 -71.49 -162.26 52.59
N GLU B 600 -70.23 -162.70 52.48
CA GLU B 600 -69.39 -162.29 51.36
C GLU B 600 -69.94 -162.81 50.04
N ILE B 601 -70.43 -164.06 50.02
CA ILE B 601 -71.04 -164.61 48.82
C ILE B 601 -72.27 -163.82 48.43
N LEU B 602 -73.10 -163.47 49.42
CA LEU B 602 -74.29 -162.66 49.13
C LEU B 602 -73.92 -161.29 48.58
N ASP B 603 -72.90 -160.66 49.16
CA ASP B 603 -72.46 -159.36 48.66
C ASP B 603 -71.92 -159.46 47.24
N GLU B 604 -71.16 -160.53 46.95
CA GLU B 604 -70.65 -160.72 45.59
C GLU B 604 -71.80 -160.93 44.61
N VAL B 605 -72.82 -161.70 45.00
CA VAL B 605 -73.98 -161.91 44.12
C VAL B 605 -74.71 -160.60 43.90
N ILE B 606 -74.85 -159.79 44.95
CA ILE B 606 -75.51 -158.49 44.82
C ILE B 606 -74.74 -157.59 43.86
N SER B 607 -73.41 -157.56 44.00
CA SER B 607 -72.59 -156.75 43.12
C SER B 607 -72.69 -157.24 41.68
N LEU B 608 -72.71 -158.56 41.48
CA LEU B 608 -72.87 -159.12 40.14
C LEU B 608 -74.20 -158.70 39.53
N SER B 609 -75.27 -158.74 40.33
CA SER B 609 -76.59 -158.36 39.82
C SER B 609 -76.69 -156.86 39.59
N GLN B 610 -75.87 -156.07 40.26
CA GLN B 610 -75.93 -154.61 40.17
C GLN B 610 -75.10 -154.05 39.03
N VAL B 611 -74.36 -154.89 38.30
CA VAL B 611 -73.56 -154.41 37.17
C VAL B 611 -74.49 -153.92 36.07
N THR B 612 -74.11 -152.82 35.43
CA THR B 612 -74.92 -152.23 34.36
C THR B 612 -75.05 -153.21 33.21
N PRO B 613 -76.27 -153.47 32.71
CA PRO B 613 -76.42 -154.42 31.60
C PRO B 613 -75.70 -154.01 30.33
N LYS B 614 -75.49 -152.71 30.12
CA LYS B 614 -74.83 -152.25 28.90
C LYS B 614 -73.40 -152.79 28.80
N HIS B 615 -72.68 -152.77 29.92
CA HIS B 615 -71.32 -153.32 29.91
C HIS B 615 -71.32 -154.81 29.61
N TRP B 616 -72.28 -155.55 30.17
CA TRP B 616 -72.42 -156.97 29.86
C TRP B 616 -72.68 -157.19 28.38
N GLU B 617 -73.58 -156.39 27.80
CA GLU B 617 -73.89 -156.53 26.38
C GLU B 617 -72.65 -156.25 25.52
N GLU B 618 -71.92 -155.19 25.85
CA GLU B 618 -70.72 -154.86 25.09
C GLU B 618 -69.67 -155.97 25.19
N ILE B 619 -69.45 -156.47 26.40
CA ILE B 619 -68.44 -157.52 26.60
C ILE B 619 -68.84 -158.78 25.84
N LEU B 620 -70.12 -159.17 25.95
CA LEU B 620 -70.58 -160.37 25.27
C LEU B 620 -70.48 -160.23 23.76
N GLN B 621 -70.86 -159.07 23.23
CA GLN B 621 -70.78 -158.84 21.79
C GLN B 621 -69.32 -158.90 21.31
N GLN B 622 -68.42 -158.25 22.03
CA GLN B 622 -67.02 -158.25 21.63
C GLN B 622 -66.43 -159.65 21.69
N SER B 623 -66.70 -160.39 22.77
CA SER B 623 -66.17 -161.74 22.90
C SER B 623 -66.72 -162.67 21.83
N LEU B 624 -68.03 -162.58 21.57
CA LEU B 624 -68.63 -163.43 20.55
C LEU B 624 -68.08 -163.11 19.16
N TRP B 625 -67.93 -161.81 18.85
CA TRP B 625 -67.38 -161.43 17.56
C TRP B 625 -65.95 -161.92 17.39
N GLU B 626 -65.13 -161.75 18.43
CA GLU B 626 -63.75 -162.25 18.37
C GLU B 626 -63.71 -163.76 18.22
N ARG B 627 -64.68 -164.46 18.82
CA ARG B 627 -64.68 -165.92 18.74
C ARG B 627 -65.12 -166.41 17.37
N VAL B 628 -66.13 -165.76 16.77
CA VAL B 628 -66.73 -166.28 15.55
C VAL B 628 -66.21 -165.57 14.30
N SER B 629 -65.26 -164.65 14.43
CA SER B 629 -64.71 -163.99 13.25
C SER B 629 -64.08 -165.00 12.30
N THR B 630 -63.24 -165.89 12.83
CA THR B 630 -62.59 -166.90 12.00
C THR B 630 -63.61 -167.85 11.39
N HIS B 631 -64.60 -168.27 12.17
CA HIS B 631 -65.63 -169.17 11.66
C HIS B 631 -66.41 -168.52 10.52
N VAL B 632 -66.80 -167.26 10.69
CA VAL B 632 -67.53 -166.55 9.66
C VAL B 632 -66.67 -166.41 8.40
N ILE B 633 -65.40 -166.05 8.57
CA ILE B 633 -64.52 -165.89 7.43
C ILE B 633 -64.40 -167.19 6.65
N GLU B 634 -64.07 -168.28 7.35
CA GLU B 634 -63.85 -169.56 6.70
C GLU B 634 -65.13 -170.22 6.20
N ASN B 635 -66.30 -169.77 6.66
CA ASN B 635 -67.56 -170.30 6.16
C ASN B 635 -68.22 -169.42 5.12
N ILE B 636 -67.74 -168.19 4.92
CA ILE B 636 -68.34 -167.30 3.94
C ILE B 636 -67.37 -167.03 2.80
N TYR B 637 -66.19 -166.46 3.11
CA TYR B 637 -65.29 -166.04 2.06
C TYR B 637 -64.58 -167.22 1.40
N LEU B 638 -64.30 -168.29 2.14
CA LEU B 638 -63.64 -169.46 1.56
C LEU B 638 -64.45 -170.09 0.44
N PRO B 639 -65.75 -170.36 0.58
CA PRO B 639 -66.50 -170.87 -0.58
C PRO B 639 -66.73 -169.81 -1.65
N ALA B 640 -67.08 -168.60 -1.26
CA ALA B 640 -67.35 -167.50 -2.19
C ALA B 640 -66.10 -166.66 -2.40
N ALA B 641 -65.04 -167.30 -2.85
CA ALA B 641 -63.75 -166.64 -3.06
C ALA B 641 -63.59 -166.07 -4.46
N GLN B 642 -64.53 -166.33 -5.38
CA GLN B 642 -64.42 -165.84 -6.75
C GLN B 642 -65.69 -165.16 -7.22
N THR B 643 -66.55 -164.74 -6.30
CA THR B 643 -67.78 -164.04 -6.69
C THR B 643 -67.45 -162.65 -7.22
N MET B 644 -68.15 -162.27 -8.29
CA MET B 644 -67.97 -160.96 -8.92
C MET B 644 -69.11 -160.00 -8.60
N ASN B 645 -70.35 -160.45 -8.74
CA ASN B 645 -71.51 -159.62 -8.45
C ASN B 645 -71.74 -159.54 -6.94
N SER B 646 -72.03 -158.33 -6.46
CA SER B 646 -72.28 -158.13 -5.03
C SER B 646 -73.57 -158.80 -4.60
N GLY B 647 -74.56 -158.87 -5.50
CA GLY B 647 -75.82 -159.50 -5.15
C GLY B 647 -75.69 -160.98 -4.85
N THR B 648 -74.90 -161.70 -5.66
CA THR B 648 -74.67 -163.12 -5.39
C THR B 648 -73.95 -163.33 -4.07
N PHE B 649 -72.96 -162.47 -3.78
CA PHE B 649 -72.25 -162.57 -2.51
C PHE B 649 -73.19 -162.32 -1.34
N ASN B 650 -74.05 -161.31 -1.45
CA ASN B 650 -75.01 -161.04 -0.38
C ASN B 650 -75.98 -162.19 -0.20
N THR B 651 -76.45 -162.79 -1.30
CA THR B 651 -77.35 -163.94 -1.20
C THR B 651 -76.65 -165.11 -0.52
N THR B 652 -75.40 -165.38 -0.89
CA THR B 652 -74.65 -166.46 -0.25
C THR B 652 -74.46 -166.18 1.24
N VAL B 653 -74.17 -164.93 1.59
CA VAL B 653 -74.01 -164.57 3.00
C VAL B 653 -75.30 -164.81 3.77
N ASP B 654 -76.44 -164.40 3.18
CA ASP B 654 -77.72 -164.61 3.84
C ASP B 654 -78.02 -166.09 4.01
N ILE B 655 -77.73 -166.89 2.98
CA ILE B 655 -77.97 -168.33 3.05
C ILE B 655 -77.13 -168.95 4.17
N LYS B 656 -75.85 -168.58 4.23
CA LYS B 656 -74.97 -169.13 5.25
C LYS B 656 -75.42 -168.70 6.65
N LEU B 657 -75.83 -167.44 6.81
CA LEU B 657 -76.30 -166.97 8.10
C LEU B 657 -77.56 -167.71 8.53
N LYS B 658 -78.50 -167.90 7.60
CA LYS B 658 -79.72 -168.64 7.94
C LYS B 658 -79.41 -170.08 8.31
N GLN B 659 -78.51 -170.73 7.57
CA GLN B 659 -78.13 -172.10 7.90
C GLN B 659 -77.47 -172.18 9.27
N TRP B 660 -76.59 -171.23 9.58
CA TRP B 660 -75.93 -171.23 10.88
C TRP B 660 -76.94 -171.00 12.01
N THR B 661 -77.88 -170.06 11.82
CA THR B 661 -78.90 -169.84 12.84
C THR B 661 -79.76 -171.06 13.05
N ASP B 662 -80.10 -171.76 11.97
CA ASP B 662 -80.95 -172.95 12.10
C ASP B 662 -80.20 -174.11 12.75
N LYS B 663 -78.91 -174.27 12.44
CA LYS B 663 -78.21 -175.49 12.83
C LYS B 663 -77.71 -175.43 14.28
N GLN B 664 -76.76 -174.53 14.57
CA GLN B 664 -76.11 -174.57 15.87
C GLN B 664 -75.79 -173.20 16.47
N LEU B 665 -76.19 -172.10 15.84
CA LEU B 665 -75.84 -170.78 16.36
C LEU B 665 -76.40 -170.53 17.76
N PRO B 666 -77.68 -170.83 18.06
CA PRO B 666 -78.14 -170.63 19.45
C PRO B 666 -77.35 -171.44 20.47
N ASN B 667 -76.96 -172.68 20.12
CA ASN B 667 -76.18 -173.49 21.05
C ASN B 667 -74.81 -172.86 21.30
N LYS B 668 -74.16 -172.38 20.23
CA LYS B 668 -72.86 -171.72 20.40
C LYS B 668 -72.99 -170.45 21.24
N ALA B 669 -74.05 -169.67 21.00
CA ALA B 669 -74.26 -168.47 21.79
C ALA B 669 -74.48 -168.79 23.26
N VAL B 670 -75.28 -169.83 23.54
CA VAL B 670 -75.52 -170.24 24.93
C VAL B 670 -74.21 -170.69 25.58
N GLU B 671 -73.41 -171.48 24.86
CA GLU B 671 -72.13 -171.94 25.40
C GLU B 671 -71.20 -170.77 25.69
N VAL B 672 -71.14 -169.79 24.77
CA VAL B 672 -70.27 -168.64 24.96
C VAL B 672 -70.73 -167.82 26.17
N ALA B 673 -72.05 -167.62 26.29
CA ALA B 673 -72.57 -166.87 27.43
C ALA B 673 -72.27 -167.58 28.74
N TRP B 674 -72.45 -168.90 28.78
CA TRP B 674 -72.16 -169.66 29.99
C TRP B 674 -70.67 -169.60 30.34
N GLU B 675 -69.81 -169.70 29.33
CA GLU B 675 -68.37 -169.61 29.58
C GLU B 675 -67.99 -168.25 30.11
N THR B 676 -68.57 -167.18 29.55
CA THR B 676 -68.28 -165.83 30.03
C THR B 676 -68.77 -165.65 31.47
N LEU B 677 -69.96 -166.18 31.78
CA LEU B 677 -70.46 -166.10 33.15
C LEU B 677 -69.55 -166.85 34.12
N GLN B 678 -69.08 -168.04 33.71
CA GLN B 678 -68.15 -168.79 34.54
C GLN B 678 -66.85 -168.03 34.76
N GLU B 679 -66.33 -167.40 33.70
CA GLU B 679 -65.09 -166.63 33.83
C GLU B 679 -65.28 -165.45 34.78
N GLU B 680 -66.41 -164.73 34.65
CA GLU B 680 -66.67 -163.61 35.55
C GLU B 680 -66.81 -164.08 36.99
N PHE B 681 -67.51 -165.20 37.21
CA PHE B 681 -67.67 -165.73 38.56
C PHE B 681 -66.32 -166.14 39.15
N SER B 682 -65.47 -166.80 38.34
CA SER B 682 -64.16 -167.20 38.82
C SER B 682 -63.29 -165.99 39.15
N ARG B 683 -63.32 -164.96 38.31
CA ARG B 683 -62.54 -163.76 38.58
C ARG B 683 -63.02 -163.06 39.86
N PHE B 684 -64.34 -163.01 40.06
CA PHE B 684 -64.87 -162.41 41.29
C PHE B 684 -64.48 -163.23 42.51
N MET B 685 -64.53 -164.56 42.41
CA MET B 685 -64.14 -165.41 43.54
C MET B 685 -62.67 -165.26 43.86
N THR B 686 -61.82 -165.20 42.85
CA THR B 686 -60.37 -165.07 43.02
C THR B 686 -59.98 -163.67 42.56
N GLU B 687 -60.05 -162.71 43.47
CA GLU B 687 -59.73 -161.31 43.20
C GLU B 687 -58.70 -160.84 44.21
N PRO B 688 -57.41 -161.09 43.94
CA PRO B 688 -56.35 -160.76 44.90
C PRO B 688 -56.00 -159.27 44.92
N LYS B 689 -57.03 -158.44 45.06
CA LYS B 689 -56.79 -157.00 45.22
C LYS B 689 -56.07 -156.70 46.52
N GLY B 690 -56.43 -157.39 47.59
CA GLY B 690 -55.76 -157.18 48.86
C GLY B 690 -54.35 -157.72 48.84
N LYS B 691 -53.49 -157.11 49.68
CA LYS B 691 -52.09 -157.51 49.74
C LYS B 691 -51.90 -158.87 50.41
N GLU B 692 -52.86 -159.32 51.21
CA GLU B 692 -52.74 -160.60 51.89
C GLU B 692 -53.35 -161.72 51.06
N HIS B 693 -54.65 -161.62 50.77
CA HIS B 693 -55.38 -162.60 49.98
C HIS B 693 -55.16 -164.02 50.51
N ASP B 694 -55.61 -164.23 51.75
CA ASP B 694 -55.48 -165.53 52.38
C ASP B 694 -56.17 -166.61 51.56
N ASP B 695 -55.46 -167.73 51.37
CA ASP B 695 -55.95 -168.82 50.55
C ASP B 695 -56.95 -169.73 51.26
N ILE B 696 -57.07 -169.61 52.58
CA ILE B 696 -58.03 -170.45 53.32
C ILE B 696 -59.44 -170.16 52.85
N PHE B 697 -59.79 -168.88 52.71
CA PHE B 697 -61.11 -168.52 52.18
C PHE B 697 -61.18 -168.77 50.69
N ASP B 698 -60.06 -168.64 49.98
CA ASP B 698 -60.05 -168.82 48.54
C ASP B 698 -60.39 -170.25 48.15
N LYS B 699 -59.86 -171.23 48.89
CA LYS B 699 -60.16 -172.62 48.60
C LYS B 699 -61.65 -172.91 48.77
N LEU B 700 -62.25 -172.40 49.86
CA LEU B 700 -63.67 -172.58 50.06
C LEU B 700 -64.49 -171.90 48.96
N LYS B 701 -64.07 -170.70 48.56
CA LYS B 701 -64.77 -170.00 47.49
C LYS B 701 -64.70 -170.78 46.18
N GLU B 702 -63.52 -171.34 45.86
CA GLU B 702 -63.39 -172.15 44.65
C GLU B 702 -64.24 -173.41 44.72
N ALA B 703 -64.28 -174.05 45.89
CA ALA B 703 -65.10 -175.25 46.04
C ALA B 703 -66.58 -174.92 45.85
N VAL B 704 -67.03 -173.81 46.43
CA VAL B 704 -68.43 -173.40 46.28
C VAL B 704 -68.72 -173.06 44.82
N LYS B 705 -67.79 -172.39 44.14
CA LYS B 705 -67.98 -172.07 42.74
C LYS B 705 -68.10 -173.33 41.89
N GLU B 706 -67.24 -174.33 42.15
CA GLU B 706 -67.30 -175.58 41.40
C GLU B 706 -68.61 -176.30 41.67
N GLU B 707 -69.06 -176.33 42.93
CA GLU B 707 -70.32 -176.98 43.24
C GLU B 707 -71.49 -176.28 42.56
N SER B 708 -71.49 -174.95 42.54
CA SER B 708 -72.56 -174.21 41.87
C SER B 708 -72.53 -174.46 40.37
N ILE B 709 -71.33 -174.51 39.77
CA ILE B 709 -71.22 -174.77 38.34
C ILE B 709 -71.76 -176.15 38.00
N LYS B 710 -71.39 -177.15 38.81
CA LYS B 710 -71.85 -178.51 38.55
C LYS B 710 -73.35 -178.65 38.79
N ARG B 711 -73.90 -177.91 39.75
CA ARG B 711 -75.32 -177.98 40.07
C ARG B 711 -76.18 -177.08 39.18
N HIS B 712 -75.57 -176.21 38.40
CA HIS B 712 -76.32 -175.29 37.56
C HIS B 712 -77.09 -176.04 36.48
N LYS B 713 -78.29 -175.56 36.17
CA LYS B 713 -79.16 -176.17 35.18
C LYS B 713 -79.58 -175.13 34.15
N TRP B 714 -79.98 -175.60 32.97
CA TRP B 714 -80.42 -174.74 31.88
C TRP B 714 -81.80 -175.16 31.41
N ASN B 715 -82.55 -174.20 30.88
CA ASN B 715 -83.91 -174.42 30.42
C ASN B 715 -83.95 -174.40 28.90
N ASP B 716 -84.57 -175.42 28.30
CA ASP B 716 -84.67 -175.47 26.84
C ASP B 716 -85.61 -174.42 26.29
N PHE B 717 -86.57 -173.96 27.11
CA PHE B 717 -87.45 -172.87 26.67
C PHE B 717 -86.65 -171.60 26.40
N ALA B 718 -85.65 -171.32 27.24
CA ALA B 718 -84.78 -170.18 27.00
C ALA B 718 -84.03 -170.34 25.68
N GLU B 719 -83.55 -171.55 25.39
CA GLU B 719 -82.86 -171.80 24.13
C GLU B 719 -83.78 -171.57 22.94
N ASP B 720 -85.03 -172.05 23.04
CA ASP B 720 -85.98 -171.86 21.95
C ASP B 720 -86.31 -170.37 21.76
N SER B 721 -86.48 -169.65 22.85
CA SER B 721 -86.73 -168.20 22.75
C SER B 721 -85.54 -167.48 22.13
N LEU B 722 -84.32 -167.88 22.51
CA LEU B 722 -83.12 -167.28 21.92
C LEU B 722 -83.05 -167.56 20.43
N ARG B 723 -83.37 -168.79 20.02
CA ARG B 723 -83.37 -169.12 18.61
C ARG B 723 -84.40 -168.30 17.84
N VAL B 724 -85.60 -168.16 18.41
CA VAL B 724 -86.65 -167.40 17.75
C VAL B 724 -86.23 -165.93 17.61
N ILE B 725 -85.66 -165.36 18.66
CA ILE B 725 -85.27 -163.95 18.62
C ILE B 725 -84.11 -163.75 17.66
N GLN B 726 -83.17 -164.70 17.61
CA GLN B 726 -82.07 -164.60 16.65
C GLN B 726 -82.58 -164.65 15.22
N HIS B 727 -83.55 -165.53 14.94
CA HIS B 727 -84.13 -165.58 13.61
C HIS B 727 -84.89 -164.30 13.28
N ASN B 728 -85.60 -163.74 14.25
CA ASN B 728 -86.41 -162.54 14.00
C ASN B 728 -85.55 -161.28 13.92
N ALA B 729 -84.32 -161.32 14.43
CA ALA B 729 -83.46 -160.14 14.44
C ALA B 729 -82.91 -159.83 13.06
N LEU B 730 -83.78 -159.42 12.15
CA LEU B 730 -83.40 -159.01 10.79
C LEU B 730 -84.10 -157.71 10.44
N GLU B 731 -84.05 -156.75 11.35
CA GLU B 731 -84.80 -155.50 11.24
C GLU B 731 -84.13 -154.50 10.29
N ASP B 732 -82.91 -154.07 10.63
CA ASP B 732 -82.22 -153.04 9.86
C ASP B 732 -81.26 -153.66 8.87
N ARG B 733 -81.23 -153.11 7.65
CA ARG B 733 -80.36 -153.62 6.60
C ARG B 733 -79.59 -152.54 5.85
N SER B 734 -79.78 -151.26 6.18
CA SER B 734 -79.09 -150.18 5.49
C SER B 734 -78.71 -149.09 6.48
N ILE B 735 -77.71 -148.31 6.11
CA ILE B 735 -77.22 -147.19 6.94
C ILE B 735 -77.66 -145.89 6.31
N SER B 736 -78.37 -145.06 7.08
CA SER B 736 -78.81 -143.75 6.63
C SER B 736 -78.15 -142.62 7.42
N ASP B 737 -77.12 -142.93 8.20
CA ASP B 737 -76.45 -141.95 9.03
C ASP B 737 -74.98 -141.89 8.65
N LYS B 738 -74.46 -140.67 8.46
CA LYS B 738 -73.05 -140.50 8.15
C LYS B 738 -72.17 -140.96 9.31
N GLN B 739 -72.57 -140.64 10.55
CA GLN B 739 -71.78 -141.04 11.71
C GLN B 739 -71.75 -142.57 11.86
N GLN B 740 -72.90 -143.22 11.66
CA GLN B 740 -72.94 -144.68 11.72
C GLN B 740 -72.10 -145.29 10.60
N TRP B 741 -72.13 -144.68 9.41
CA TRP B 741 -71.30 -145.16 8.31
C TRP B 741 -69.82 -145.05 8.66
N ASP B 742 -69.41 -143.93 9.25
CA ASP B 742 -68.02 -143.77 9.65
C ASP B 742 -67.62 -144.75 10.73
N ALA B 743 -68.51 -145.00 11.69
CA ALA B 743 -68.22 -145.97 12.73
C ALA B 743 -68.06 -147.37 12.16
N ALA B 744 -68.94 -147.75 11.23
CA ALA B 744 -68.80 -149.04 10.57
C ALA B 744 -67.51 -149.13 9.77
N ILE B 745 -67.14 -148.04 9.10
CA ILE B 745 -65.88 -148.02 8.35
C ILE B 745 -64.70 -148.21 9.29
N TYR B 746 -64.71 -147.54 10.44
CA TYR B 746 -63.62 -147.68 11.39
C TYR B 746 -63.54 -149.09 11.97
N PHE B 747 -64.69 -149.68 12.29
CA PHE B 747 -64.69 -151.05 12.80
C PHE B 747 -64.18 -152.03 11.76
N MET B 748 -64.62 -151.88 10.50
CA MET B 748 -64.15 -152.74 9.43
C MET B 748 -62.65 -152.56 9.20
N GLU B 749 -62.17 -151.32 9.28
CA GLU B 749 -60.74 -151.05 9.13
C GLU B 749 -59.94 -151.72 10.24
N GLU B 750 -60.44 -151.65 11.48
CA GLU B 750 -59.77 -152.32 12.60
C GLU B 750 -59.72 -153.83 12.38
N ALA B 751 -60.84 -154.42 11.97
CA ALA B 751 -60.86 -155.86 11.73
C ALA B 751 -59.91 -156.25 10.61
N LEU B 752 -59.89 -155.48 9.52
CA LEU B 752 -59.02 -155.80 8.41
C LEU B 752 -57.55 -155.61 8.77
N GLN B 753 -57.25 -154.61 9.61
CA GLN B 753 -55.88 -154.43 10.08
C GLN B 753 -55.45 -155.59 10.95
N ALA B 754 -56.35 -156.08 11.82
CA ALA B 754 -56.03 -157.25 12.63
C ALA B 754 -55.79 -158.47 11.75
N ARG B 755 -56.62 -158.67 10.72
CA ARG B 755 -56.43 -159.79 9.81
C ARG B 755 -55.11 -159.65 9.06
N LEU B 756 -54.77 -158.43 8.63
CA LEU B 756 -53.50 -158.21 7.94
C LEU B 756 -52.32 -158.50 8.84
N LYS B 757 -52.40 -158.10 10.12
CA LYS B 757 -51.33 -158.41 11.06
C LYS B 757 -51.19 -159.91 11.26
N ASP B 758 -52.31 -160.62 11.38
CA ASP B 758 -52.25 -162.07 11.52
C ASP B 758 -51.62 -162.72 10.28
N THR B 759 -51.99 -162.24 9.09
CA THR B 759 -51.42 -162.78 7.86
C THR B 759 -49.92 -162.49 7.78
N GLU B 760 -49.50 -161.28 8.20
CA GLU B 760 -48.09 -160.95 8.21
C GLU B 760 -47.32 -161.84 9.18
N ASN B 761 -47.90 -162.10 10.36
CA ASN B 761 -47.25 -163.00 11.31
C ASN B 761 -47.12 -164.40 10.74
N ALA B 762 -48.17 -164.90 10.08
CA ALA B 762 -48.11 -166.22 9.47
C ALA B 762 -47.04 -166.28 8.38
N ILE B 763 -46.97 -165.23 7.54
CA ILE B 763 -45.97 -165.19 6.48
C ILE B 763 -44.57 -165.15 7.06
N GLU B 764 -44.36 -164.36 8.11
CA GLU B 764 -43.05 -164.29 8.74
C GLU B 764 -42.66 -165.62 9.36
N ASN B 765 -43.62 -166.31 9.99
CA ASN B 765 -43.33 -167.64 10.52
C ASN B 765 -42.96 -168.62 9.41
N MET B 766 -43.68 -168.54 8.28
CA MET B 766 -43.40 -169.44 7.17
C MET B 766 -42.03 -169.17 6.55
N VAL B 767 -41.65 -167.90 6.41
CA VAL B 767 -40.45 -167.53 5.69
C VAL B 767 -39.39 -166.96 6.61
N GLY B 768 -39.69 -165.83 7.26
CA GLY B 768 -38.74 -165.16 8.10
C GLY B 768 -38.57 -163.70 7.74
N PRO B 769 -37.36 -163.17 7.94
CA PRO B 769 -37.11 -161.76 7.60
C PRO B 769 -37.33 -161.50 6.12
N ASP B 770 -37.89 -160.34 5.82
CA ASP B 770 -38.24 -159.94 4.46
C ASP B 770 -37.81 -158.50 4.21
N TRP B 771 -37.31 -158.25 3.00
CA TRP B 771 -36.97 -156.90 2.52
C TRP B 771 -35.93 -156.29 3.46
N LYS B 772 -36.21 -155.18 4.14
CA LYS B 772 -35.23 -154.49 4.97
C LYS B 772 -34.74 -155.37 6.11
N LYS B 773 -35.65 -156.12 6.72
CA LYS B 773 -35.27 -157.02 7.80
C LYS B 773 -34.30 -158.09 7.32
N ARG B 774 -34.54 -158.64 6.13
CA ARG B 774 -33.66 -159.68 5.61
C ARG B 774 -32.31 -159.13 5.18
N TRP B 775 -32.31 -157.98 4.51
CA TRP B 775 -31.08 -157.41 3.98
C TRP B 775 -30.34 -156.52 4.97
N LEU B 776 -30.86 -156.36 6.19
CA LEU B 776 -30.16 -155.57 7.19
C LEU B 776 -28.81 -156.20 7.55
N TYR B 777 -28.79 -157.52 7.73
CA TYR B 777 -27.55 -158.21 8.04
C TYR B 777 -26.66 -158.32 6.80
N TRP B 778 -27.26 -158.60 5.65
CA TRP B 778 -26.61 -158.73 4.35
C TRP B 778 -25.68 -159.94 4.26
N LYS B 779 -25.51 -160.69 5.34
CA LYS B 779 -24.66 -161.88 5.34
C LYS B 779 -25.37 -163.14 5.81
N ASN B 780 -26.62 -163.05 6.24
CA ASN B 780 -27.39 -164.20 6.71
C ASN B 780 -28.38 -164.61 5.63
N ARG B 781 -28.17 -165.79 5.05
CA ARG B 781 -29.04 -166.31 4.01
C ARG B 781 -29.25 -167.80 4.23
N THR B 782 -30.48 -168.25 3.96
CA THR B 782 -30.86 -169.64 4.10
C THR B 782 -31.53 -170.09 2.81
N GLN B 783 -31.23 -171.31 2.38
CA GLN B 783 -31.79 -171.82 1.13
C GLN B 783 -33.30 -171.98 1.23
N GLU B 784 -33.80 -172.36 2.41
CA GLU B 784 -35.24 -172.55 2.58
C GLU B 784 -35.99 -171.23 2.42
N GLN B 785 -35.53 -170.17 3.10
CA GLN B 785 -36.15 -168.87 2.95
C GLN B 785 -35.88 -168.23 1.60
N CYS B 786 -34.75 -168.55 0.97
CA CYS B 786 -34.49 -168.04 -0.38
C CYS B 786 -35.51 -168.60 -1.38
N VAL B 787 -35.85 -169.88 -1.24
CA VAL B 787 -36.85 -170.48 -2.12
C VAL B 787 -38.20 -169.79 -1.94
N HIS B 788 -38.58 -169.54 -0.68
CA HIS B 788 -39.84 -168.86 -0.41
C HIS B 788 -39.83 -167.44 -0.98
N ASN B 789 -38.71 -166.74 -0.85
CA ASN B 789 -38.60 -165.39 -1.39
C ASN B 789 -38.72 -165.39 -2.91
N GLU B 790 -38.06 -166.36 -3.57
CA GLU B 790 -38.17 -166.45 -5.02
C GLU B 790 -39.60 -166.76 -5.45
N THR B 791 -40.27 -167.67 -4.74
CA THR B 791 -41.66 -167.97 -5.07
C THR B 791 -42.55 -166.74 -4.88
N LYS B 792 -42.32 -165.98 -3.79
CA LYS B 792 -43.09 -164.77 -3.56
C LYS B 792 -42.86 -163.75 -4.66
N ASN B 793 -41.61 -163.58 -5.08
CA ASN B 793 -41.30 -162.64 -6.16
C ASN B 793 -41.97 -163.08 -7.47
N GLU B 794 -41.92 -164.38 -7.77
CA GLU B 794 -42.55 -164.88 -8.99
C GLU B 794 -44.06 -164.64 -8.97
N LEU B 795 -44.70 -164.91 -7.82
CA LEU B 795 -46.14 -164.70 -7.71
C LEU B 795 -46.49 -163.21 -7.80
N GLU B 796 -45.67 -162.34 -7.21
CA GLU B 796 -45.89 -160.91 -7.32
C GLU B 796 -45.77 -160.45 -8.76
N LYS B 797 -44.78 -160.95 -9.50
CA LYS B 797 -44.65 -160.61 -10.91
C LYS B 797 -45.84 -161.12 -11.72
N MET B 798 -46.31 -162.32 -11.40
CA MET B 798 -47.48 -162.87 -12.08
C MET B 798 -48.71 -162.00 -11.84
N LEU B 799 -48.91 -161.55 -10.60
CA LEU B 799 -50.01 -160.65 -10.30
C LEU B 799 -49.87 -159.31 -11.01
N LYS B 800 -48.64 -158.79 -11.09
CA LYS B 800 -48.40 -157.55 -11.82
C LYS B 800 -48.76 -157.71 -13.29
N CYS B 801 -48.38 -158.84 -13.89
CA CYS B 801 -48.73 -159.10 -15.28
C CYS B 801 -50.21 -159.46 -15.43
N ASN B 802 -50.76 -160.23 -14.49
CA ASN B 802 -52.15 -160.68 -14.53
C ASN B 802 -52.77 -160.42 -13.16
N GLU B 803 -53.48 -159.30 -13.04
CA GLU B 803 -54.07 -158.92 -11.76
C GLU B 803 -55.14 -159.92 -11.33
N GLU B 804 -55.97 -160.38 -12.27
CA GLU B 804 -57.06 -161.28 -11.97
C GLU B 804 -56.68 -162.71 -12.34
N HIS B 805 -56.80 -163.62 -11.38
CA HIS B 805 -56.45 -165.02 -11.59
C HIS B 805 -57.38 -165.88 -10.76
N PRO B 806 -57.81 -167.02 -11.27
CA PRO B 806 -58.66 -167.92 -10.47
C PRO B 806 -57.90 -168.48 -9.28
N ALA B 807 -58.64 -168.76 -8.21
CA ALA B 807 -58.03 -169.28 -6.99
C ALA B 807 -57.38 -170.63 -7.23
N TYR B 808 -58.05 -171.51 -7.97
CA TYR B 808 -57.50 -172.83 -8.25
C TYR B 808 -56.36 -172.72 -9.26
N LEU B 809 -55.48 -173.73 -9.24
CA LEU B 809 -54.34 -173.80 -10.13
C LEU B 809 -54.52 -174.99 -11.06
N ALA B 810 -54.49 -174.73 -12.38
CA ALA B 810 -54.59 -175.80 -13.34
C ALA B 810 -53.25 -176.52 -13.51
N SER B 811 -53.30 -177.68 -14.15
CA SER B 811 -52.09 -178.50 -14.30
C SER B 811 -51.04 -177.78 -15.15
N ASP B 812 -51.46 -177.15 -16.25
CA ASP B 812 -50.51 -176.45 -17.10
C ASP B 812 -49.87 -175.28 -16.38
N GLU B 813 -50.65 -174.55 -15.57
CA GLU B 813 -50.10 -173.44 -14.81
C GLU B 813 -49.05 -173.92 -13.81
N ILE B 814 -49.33 -175.02 -13.11
CA ILE B 814 -48.38 -175.57 -12.16
C ILE B 814 -47.12 -176.04 -12.88
N THR B 815 -47.28 -176.68 -14.03
CA THR B 815 -46.12 -177.13 -14.80
C THR B 815 -45.27 -175.96 -15.26
N THR B 816 -45.91 -174.88 -15.73
CA THR B 816 -45.17 -173.69 -16.17
C THR B 816 -44.43 -173.06 -14.99
N VAL B 817 -45.08 -172.95 -13.83
CA VAL B 817 -44.43 -172.37 -12.67
C VAL B 817 -43.24 -173.21 -12.24
N ARG B 818 -43.40 -174.54 -12.23
CA ARG B 818 -42.30 -175.41 -11.85
C ARG B 818 -41.14 -175.31 -12.83
N LYS B 819 -41.44 -175.22 -14.13
CA LYS B 819 -40.38 -175.07 -15.12
C LYS B 819 -39.65 -173.74 -14.95
N ASN B 820 -40.40 -172.66 -14.68
CA ASN B 820 -39.77 -171.37 -14.44
C ASN B 820 -38.87 -171.41 -13.22
N LEU B 821 -39.32 -172.08 -12.15
CA LEU B 821 -38.51 -172.21 -10.95
C LEU B 821 -37.25 -173.03 -11.22
N GLU B 822 -37.39 -174.13 -11.95
CA GLU B 822 -36.24 -174.99 -12.24
C GLU B 822 -35.31 -174.43 -13.30
N SER B 823 -35.73 -173.40 -14.02
CA SER B 823 -34.85 -172.76 -15.00
C SER B 823 -33.60 -172.20 -14.32
N ARG B 824 -33.78 -171.58 -13.16
CA ARG B 824 -32.66 -171.06 -12.39
C ARG B 824 -32.09 -172.06 -11.38
N GLY B 825 -32.67 -173.26 -11.31
CA GLY B 825 -32.15 -174.29 -10.44
C GLY B 825 -32.85 -174.36 -9.09
N VAL B 826 -34.17 -174.20 -9.08
CA VAL B 826 -34.97 -174.27 -7.87
C VAL B 826 -36.07 -175.30 -8.08
N GLU B 827 -36.11 -176.31 -7.21
CA GLU B 827 -37.13 -177.35 -7.25
C GLU B 827 -37.99 -177.23 -6.00
N VAL B 828 -39.30 -177.05 -6.21
CA VAL B 828 -40.25 -176.83 -5.13
C VAL B 828 -41.38 -177.85 -5.27
N ASP B 829 -41.77 -178.46 -4.15
CA ASP B 829 -42.87 -179.40 -4.16
C ASP B 829 -44.18 -178.70 -4.49
N PRO B 830 -45.11 -179.38 -5.16
CA PRO B 830 -46.38 -178.74 -5.52
C PRO B 830 -47.18 -178.26 -4.33
N SER B 831 -47.10 -178.95 -3.19
CA SER B 831 -47.85 -178.52 -2.01
C SER B 831 -47.39 -177.16 -1.51
N LEU B 832 -46.07 -176.94 -1.47
CA LEU B 832 -45.56 -175.64 -1.06
C LEU B 832 -45.93 -174.56 -2.07
N ILE B 833 -45.91 -174.90 -3.36
CA ILE B 833 -46.32 -173.93 -4.38
C ILE B 833 -47.77 -173.53 -4.19
N LYS B 834 -48.64 -174.50 -3.93
CA LYS B 834 -50.06 -174.20 -3.70
C LYS B 834 -50.25 -173.37 -2.44
N ASP B 835 -49.52 -173.68 -1.37
CA ASP B 835 -49.65 -172.91 -0.15
C ASP B 835 -49.20 -171.47 -0.35
N THR B 836 -48.07 -171.28 -1.03
CA THR B 836 -47.59 -169.92 -1.31
C THR B 836 -48.56 -169.17 -2.20
N TRP B 837 -49.13 -169.84 -3.19
CA TRP B 837 -50.12 -169.21 -4.05
C TRP B 837 -51.35 -168.79 -3.26
N HIS B 838 -51.81 -169.65 -2.35
CA HIS B 838 -52.95 -169.31 -1.51
C HIS B 838 -52.66 -168.10 -0.63
N GLN B 839 -51.47 -168.07 -0.02
CA GLN B 839 -51.10 -166.94 0.83
C GLN B 839 -51.01 -165.65 0.02
N VAL B 840 -50.42 -165.71 -1.18
CA VAL B 840 -50.29 -164.52 -2.01
C VAL B 840 -51.67 -164.05 -2.48
N TYR B 841 -52.56 -165.00 -2.80
CA TYR B 841 -53.92 -164.66 -3.19
C TYR B 841 -54.66 -163.96 -2.06
N ARG B 842 -54.51 -164.48 -0.83
CA ARG B 842 -55.13 -163.85 0.33
C ARG B 842 -54.58 -162.45 0.55
N ARG B 843 -53.26 -162.28 0.42
CA ARG B 843 -52.66 -160.96 0.59
C ARG B 843 -53.15 -159.98 -0.47
N HIS B 844 -53.26 -160.44 -1.72
CA HIS B 844 -53.74 -159.58 -2.79
C HIS B 844 -55.18 -159.15 -2.54
N PHE B 845 -56.03 -160.07 -2.10
CA PHE B 845 -57.40 -159.68 -1.81
C PHE B 845 -57.51 -158.81 -0.55
N LEU B 846 -56.60 -158.99 0.41
CA LEU B 846 -56.57 -158.08 1.55
C LEU B 846 -56.21 -156.66 1.10
N LYS B 847 -55.22 -156.53 0.21
CA LYS B 847 -54.88 -155.22 -0.33
C LYS B 847 -56.04 -154.62 -1.14
N THR B 848 -56.73 -155.46 -1.91
CA THR B 848 -57.89 -154.99 -2.66
C THR B 848 -58.99 -154.51 -1.73
N ALA B 849 -59.23 -155.24 -0.63
CA ALA B 849 -60.21 -154.82 0.35
C ALA B 849 -59.81 -153.51 1.00
N LEU B 850 -58.52 -153.33 1.29
CA LEU B 850 -58.06 -152.07 1.86
C LEU B 850 -58.28 -150.91 0.89
N ASN B 851 -58.00 -151.13 -0.39
CA ASN B 851 -58.26 -150.10 -1.39
C ASN B 851 -59.76 -149.80 -1.49
N HIS B 852 -60.59 -150.84 -1.42
CA HIS B 852 -62.03 -150.63 -1.45
C HIS B 852 -62.51 -149.83 -0.25
N CYS B 853 -61.94 -150.09 0.93
CA CYS B 853 -62.26 -149.30 2.12
C CYS B 853 -61.84 -147.85 1.94
N ASN B 854 -60.65 -147.63 1.37
CA ASN B 854 -60.19 -146.26 1.13
C ASN B 854 -61.14 -145.53 0.18
N LEU B 855 -61.60 -146.22 -0.87
CA LEU B 855 -62.55 -145.62 -1.79
C LEU B 855 -63.89 -145.34 -1.11
N CYS B 856 -64.39 -146.30 -0.31
CA CYS B 856 -65.67 -146.13 0.36
C CYS B 856 -65.62 -145.05 1.43
N ARG B 857 -64.42 -144.71 1.93
CA ARG B 857 -64.30 -143.62 2.89
C ARG B 857 -64.77 -142.28 2.31
N ARG B 858 -64.73 -142.14 0.98
CA ARG B 858 -65.18 -140.89 0.33
C ARG B 858 -66.39 -141.17 -0.55
N GLY B 859 -66.69 -142.45 -0.80
CA GLY B 859 -67.80 -142.84 -1.65
C GLY B 859 -69.16 -142.81 -1.00
N PHE B 860 -69.32 -142.18 0.17
CA PHE B 860 -70.63 -142.08 0.79
C PHE B 860 -71.62 -141.30 -0.05
N TYR B 861 -71.15 -140.35 -0.86
CA TYR B 861 -72.05 -139.63 -1.75
C TYR B 861 -72.69 -140.56 -2.76
N TYR B 862 -71.90 -141.45 -3.36
CA TYR B 862 -72.46 -142.46 -4.27
C TYR B 862 -73.34 -143.45 -3.51
N TYR B 863 -72.89 -143.87 -2.33
CA TYR B 863 -73.62 -144.89 -1.58
C TYR B 863 -75.00 -144.40 -1.16
N GLN B 864 -75.10 -143.16 -0.68
CA GLN B 864 -76.37 -142.67 -0.16
C GLN B 864 -77.43 -142.56 -1.23
N ARG B 865 -77.06 -142.08 -2.43
CA ARG B 865 -78.02 -141.86 -3.49
C ARG B 865 -78.16 -143.03 -4.45
N HIS B 866 -77.17 -143.92 -4.50
CA HIS B 866 -77.20 -145.10 -5.38
C HIS B 866 -77.43 -144.69 -6.83
N PHE B 867 -76.45 -143.98 -7.39
CA PHE B 867 -76.54 -143.54 -8.77
C PHE B 867 -76.53 -144.72 -9.73
N VAL B 868 -77.17 -144.52 -10.88
CA VAL B 868 -77.22 -145.57 -11.89
C VAL B 868 -75.82 -145.91 -12.39
N ASP B 869 -75.03 -144.88 -12.70
CA ASP B 869 -73.65 -145.06 -13.14
C ASP B 869 -72.69 -145.00 -11.96
N SER B 870 -72.94 -145.83 -10.94
CA SER B 870 -72.10 -145.82 -9.75
C SER B 870 -70.75 -146.44 -10.06
N GLU B 871 -69.68 -145.74 -9.67
CA GLU B 871 -68.32 -146.21 -9.84
C GLU B 871 -67.81 -146.99 -8.63
N LEU B 872 -68.65 -147.18 -7.61
CA LEU B 872 -68.22 -147.86 -6.39
C LEU B 872 -69.44 -148.47 -5.72
N GLU B 873 -69.36 -149.76 -5.39
CA GLU B 873 -70.44 -150.49 -4.73
C GLU B 873 -69.94 -150.91 -3.35
N CYS B 874 -70.29 -150.13 -2.33
CA CYS B 874 -69.88 -150.43 -0.96
C CYS B 874 -70.93 -151.34 -0.33
N ASN B 875 -70.60 -152.62 -0.24
CA ASN B 875 -71.47 -153.61 0.38
C ASN B 875 -70.86 -154.27 1.61
N ASP B 876 -69.54 -154.38 1.68
CA ASP B 876 -68.89 -154.97 2.84
C ASP B 876 -69.16 -154.15 4.10
N VAL B 877 -69.16 -152.83 3.97
CA VAL B 877 -69.44 -151.97 5.13
C VAL B 877 -70.84 -152.23 5.66
N VAL B 878 -71.81 -152.30 4.76
CA VAL B 878 -73.19 -152.55 5.17
C VAL B 878 -73.32 -153.93 5.80
N LEU B 879 -72.67 -154.94 5.21
CA LEU B 879 -72.74 -156.28 5.77
C LEU B 879 -72.12 -156.33 7.17
N PHE B 880 -70.97 -155.68 7.36
CA PHE B 880 -70.34 -155.67 8.67
C PHE B 880 -71.18 -154.92 9.70
N TRP B 881 -71.82 -153.83 9.28
CA TRP B 881 -72.71 -153.11 10.20
C TRP B 881 -73.91 -153.97 10.58
N ARG B 882 -74.48 -154.69 9.62
CA ARG B 882 -75.58 -155.60 9.92
C ARG B 882 -75.14 -156.69 10.90
N ILE B 883 -73.96 -157.26 10.68
CA ILE B 883 -73.45 -158.27 11.59
C ILE B 883 -73.25 -157.69 12.98
N GLN B 884 -72.72 -156.47 13.07
CA GLN B 884 -72.48 -155.83 14.36
C GLN B 884 -73.78 -155.59 15.11
N ARG B 885 -74.79 -155.07 14.42
CA ARG B 885 -76.06 -154.80 15.10
C ARG B 885 -76.77 -156.09 15.49
N MET B 886 -76.70 -157.12 14.65
CA MET B 886 -77.27 -158.41 15.01
C MET B 886 -76.58 -159.00 16.23
N LEU B 887 -75.25 -158.90 16.28
CA LEU B 887 -74.51 -159.38 17.45
C LEU B 887 -74.88 -158.59 18.70
N ALA B 888 -75.05 -157.28 18.57
CA ALA B 888 -75.46 -156.47 19.72
C ALA B 888 -76.83 -156.88 20.22
N ILE B 889 -77.77 -157.11 19.29
CA ILE B 889 -79.12 -157.55 19.69
C ILE B 889 -79.06 -158.90 20.37
N THR B 890 -78.28 -159.82 19.82
CA THR B 890 -78.15 -161.15 20.41
C THR B 890 -77.54 -161.07 21.81
N ALA B 891 -76.52 -160.23 21.98
CA ALA B 891 -75.89 -160.08 23.29
C ALA B 891 -76.86 -159.48 24.30
N ASN B 892 -77.65 -158.49 23.87
CA ASN B 892 -78.63 -157.90 24.77
C ASN B 892 -79.67 -158.92 25.18
N THR B 893 -80.16 -159.72 24.22
CA THR B 893 -81.13 -160.76 24.55
C THR B 893 -80.54 -161.80 25.49
N LEU B 894 -79.29 -162.20 25.25
CA LEU B 894 -78.63 -163.16 26.13
C LEU B 894 -78.49 -162.61 27.54
N ARG B 895 -78.10 -161.34 27.66
CA ARG B 895 -77.97 -160.73 28.98
C ARG B 895 -79.32 -160.67 29.69
N GLN B 896 -80.37 -160.29 28.97
CA GLN B 896 -81.69 -160.20 29.58
C GLN B 896 -82.17 -161.57 30.06
N GLN B 897 -82.03 -162.59 29.21
CA GLN B 897 -82.45 -163.93 29.61
C GLN B 897 -81.62 -164.46 30.78
N LEU B 898 -80.31 -164.16 30.77
CA LEU B 898 -79.46 -164.58 31.88
C LEU B 898 -79.94 -163.94 33.18
N THR B 899 -80.11 -162.62 33.18
CA THR B 899 -80.58 -161.93 34.38
C THR B 899 -81.94 -162.45 34.82
N ASN B 900 -82.80 -162.83 33.87
CA ASN B 900 -84.13 -163.31 34.22
C ASN B 900 -84.08 -164.69 34.88
N THR B 901 -83.29 -165.62 34.32
CA THR B 901 -83.39 -167.02 34.73
C THR B 901 -82.12 -167.55 35.39
N GLU B 902 -80.96 -167.33 34.77
CA GLU B 902 -79.75 -168.00 35.23
C GLU B 902 -79.23 -167.40 36.53
N VAL B 903 -79.45 -166.11 36.76
CA VAL B 903 -79.07 -165.51 38.03
C VAL B 903 -79.85 -166.15 39.16
N ARG B 904 -81.16 -166.31 38.98
CA ARG B 904 -81.99 -166.96 39.99
C ARG B 904 -81.58 -168.42 40.18
N ARG B 905 -81.27 -169.11 39.08
CA ARG B 905 -80.85 -170.51 39.19
C ARG B 905 -79.55 -170.62 39.98
N LEU B 906 -78.59 -169.74 39.69
CA LEU B 906 -77.31 -169.76 40.41
C LEU B 906 -77.51 -169.42 41.88
N GLU B 907 -78.40 -168.46 42.18
CA GLU B 907 -78.72 -168.14 43.57
C GLU B 907 -79.31 -169.33 44.29
N LYS B 908 -80.23 -170.05 43.62
CA LYS B 908 -80.83 -171.23 44.24
C LYS B 908 -79.79 -172.31 44.48
N ASN B 909 -78.89 -172.53 43.52
CA ASN B 909 -77.83 -173.53 43.70
C ASN B 909 -76.91 -173.15 44.86
N VAL B 910 -76.55 -171.86 44.95
CA VAL B 910 -75.69 -171.41 46.04
C VAL B 910 -76.39 -171.60 47.38
N LYS B 911 -77.68 -171.28 47.44
CA LYS B 911 -78.43 -171.47 48.68
C LYS B 911 -78.48 -172.93 49.07
N GLU B 912 -78.71 -173.82 48.10
CA GLU B 912 -78.75 -175.26 48.39
C GLU B 912 -77.40 -175.74 48.89
N VAL B 913 -76.31 -175.29 48.25
CA VAL B 913 -74.97 -175.71 48.68
C VAL B 913 -74.69 -175.21 50.09
N LEU B 914 -75.04 -173.96 50.38
CA LEU B 914 -74.82 -173.41 51.71
C LEU B 914 -75.63 -174.16 52.76
N GLU B 915 -76.88 -174.50 52.45
CA GLU B 915 -77.70 -175.25 53.39
C GLU B 915 -77.12 -176.64 53.64
N ASP B 916 -76.65 -177.30 52.57
CA ASP B 916 -76.04 -178.62 52.73
C ASP B 916 -74.78 -178.54 53.58
N PHE B 917 -73.97 -177.51 53.37
CA PHE B 917 -72.76 -177.35 54.18
C PHE B 917 -73.12 -177.07 55.64
N ALA B 918 -74.12 -176.23 55.89
CA ALA B 918 -74.51 -175.89 57.25
C ALA B 918 -75.06 -177.12 57.97
N GLU B 919 -75.86 -177.93 57.28
CA GLU B 919 -76.46 -179.11 57.88
C GLU B 919 -75.49 -180.28 58.01
N ASP B 920 -74.20 -180.07 57.72
CA ASP B 920 -73.18 -181.11 57.82
C ASP B 920 -71.92 -180.48 58.39
N GLY B 921 -71.74 -180.60 59.70
CA GLY B 921 -70.54 -180.09 60.35
C GLY B 921 -69.30 -180.91 60.06
N GLU B 922 -69.47 -182.19 59.71
CA GLU B 922 -68.33 -183.01 59.34
C GLU B 922 -67.64 -182.48 58.09
N LYS B 923 -68.43 -182.01 57.12
CA LYS B 923 -67.84 -181.39 55.93
C LYS B 923 -67.07 -180.13 56.28
N LYS B 924 -67.60 -179.32 57.21
CA LYS B 924 -66.89 -178.13 57.65
C LYS B 924 -65.57 -178.50 58.33
N ILE B 925 -65.58 -179.54 59.16
CA ILE B 925 -64.36 -179.97 59.82
C ILE B 925 -63.34 -180.47 58.80
N LYS B 926 -63.80 -181.23 57.80
CA LYS B 926 -62.90 -181.77 56.79
C LYS B 926 -62.29 -180.65 55.94
N LEU B 927 -63.09 -179.65 55.60
CA LEU B 927 -62.62 -178.58 54.73
C LEU B 927 -61.90 -177.47 55.50
N LEU B 928 -62.54 -176.92 56.53
CA LEU B 928 -61.96 -175.83 57.30
C LEU B 928 -60.89 -176.41 58.24
N THR B 929 -59.72 -176.67 57.68
CA THR B 929 -58.58 -177.19 58.43
C THR B 929 -57.47 -176.14 58.59
N GLY B 930 -57.84 -174.87 58.47
CA GLY B 930 -56.86 -173.82 58.62
C GLY B 930 -56.36 -173.68 60.05
N LYS B 931 -55.23 -172.98 60.19
CA LYS B 931 -54.64 -172.79 61.51
C LYS B 931 -55.56 -171.99 62.42
N ARG B 932 -56.19 -170.94 61.88
CA ARG B 932 -57.10 -170.12 62.68
C ARG B 932 -58.29 -170.94 63.16
N VAL B 933 -58.88 -171.75 62.28
CA VAL B 933 -60.04 -172.55 62.66
C VAL B 933 -59.68 -173.54 63.76
N GLN B 934 -58.55 -174.24 63.60
CA GLN B 934 -58.11 -175.20 64.59
C GLN B 934 -57.81 -174.54 65.93
N LEU B 935 -57.14 -173.37 65.89
CA LEU B 935 -56.82 -172.67 67.13
C LEU B 935 -58.09 -172.20 67.83
N ALA B 936 -59.06 -171.68 67.08
CA ALA B 936 -60.32 -171.26 67.69
C ALA B 936 -61.08 -172.43 68.29
N GLU B 937 -61.10 -173.57 67.58
CA GLU B 937 -61.77 -174.75 68.11
C GLU B 937 -61.09 -175.24 69.39
N ASP B 938 -59.75 -175.26 69.41
CA ASP B 938 -59.04 -175.68 70.60
C ASP B 938 -59.31 -174.73 71.77
N LEU B 939 -59.32 -173.42 71.51
CA LEU B 939 -59.59 -172.46 72.56
C LEU B 939 -61.01 -172.64 73.11
N LYS B 940 -61.99 -172.83 72.23
CA LYS B 940 -63.36 -173.04 72.67
C LYS B 940 -63.49 -174.31 73.50
N LYS B 941 -62.84 -175.39 73.05
CA LYS B 941 -62.90 -176.64 73.81
C LYS B 941 -62.23 -176.49 75.17
N VAL B 942 -61.10 -175.79 75.24
CA VAL B 942 -60.43 -175.57 76.51
C VAL B 942 -61.31 -174.74 77.44
N ARG B 943 -61.96 -173.69 76.91
CA ARG B 943 -62.85 -172.87 77.73
C ARG B 943 -64.02 -173.70 78.25
N GLU B 944 -64.61 -174.54 77.40
CA GLU B 944 -65.72 -175.38 77.83
C GLU B 944 -65.27 -176.36 78.92
N ILE B 945 -64.10 -176.96 78.74
CA ILE B 945 -63.58 -177.90 79.73
C ILE B 945 -63.35 -177.19 81.06
N GLN B 946 -62.76 -175.99 81.02
CA GLN B 946 -62.52 -175.24 82.25
C GLN B 946 -63.83 -174.85 82.93
N GLU B 947 -64.85 -174.46 82.14
CA GLU B 947 -66.14 -174.14 82.73
C GLU B 947 -66.77 -175.36 83.38
N LYS B 948 -66.68 -176.52 82.73
CA LYS B 948 -67.21 -177.75 83.32
C LYS B 948 -66.48 -178.10 84.62
N LEU B 949 -65.15 -177.93 84.62
CA LEU B 949 -64.39 -178.21 85.83
C LEU B 949 -64.73 -177.24 86.96
N ASP B 950 -64.95 -175.96 86.62
CA ASP B 950 -65.38 -175.01 87.63
C ASP B 950 -66.74 -175.36 88.19
N ALA B 951 -67.66 -175.80 87.33
CA ALA B 951 -68.97 -176.25 87.81
C ALA B 951 -68.83 -177.46 88.72
N PHE B 952 -67.95 -178.40 88.35
CA PHE B 952 -67.69 -179.56 89.21
C PHE B 952 -67.14 -179.14 90.56
N ILE B 953 -66.20 -178.19 90.57
CA ILE B 953 -65.63 -177.72 91.83
C ILE B 953 -66.69 -177.05 92.69
N GLU B 954 -67.54 -176.22 92.08
CA GLU B 954 -68.60 -175.56 92.83
C GLU B 954 -69.59 -176.57 93.39
N ALA B 955 -69.96 -177.59 92.61
CA ALA B 955 -70.88 -178.60 93.10
C ALA B 955 -70.27 -179.40 94.24
N LEU B 956 -68.98 -179.74 94.13
CA LEU B 956 -68.31 -180.47 95.20
C LEU B 956 -68.24 -179.63 96.47
N HIS B 957 -67.95 -178.34 96.33
CA HIS B 957 -67.90 -177.47 97.51
C HIS B 957 -69.27 -177.32 98.15
N GLN B 958 -70.32 -177.19 97.34
CA GLN B 958 -71.67 -177.05 97.88
C GLN B 958 -72.13 -178.33 98.57
N GLU B 959 -71.84 -179.50 97.98
CA GLU B 959 -72.26 -180.76 98.58
C GLU B 959 -71.56 -181.01 99.90
N LYS B 960 -70.26 -180.67 99.96
CA LYS B 960 -69.48 -180.83 101.22
C LYS B 960 -69.56 -179.54 102.03
N SER C 263 -127.28 -118.59 -133.06
CA SER C 263 -126.24 -117.66 -133.49
C SER C 263 -126.33 -116.34 -132.74
N LEU C 264 -126.58 -115.26 -133.48
CA LEU C 264 -126.69 -113.95 -132.85
C LEU C 264 -127.90 -113.88 -131.92
N ILE C 265 -129.03 -114.47 -132.33
CA ILE C 265 -130.23 -114.40 -131.51
C ILE C 265 -130.05 -115.20 -130.22
N ASP C 266 -129.39 -116.36 -130.28
CA ASP C 266 -129.15 -117.14 -129.07
C ASP C 266 -128.25 -116.39 -128.10
N MET C 267 -127.19 -115.77 -128.61
CA MET C 267 -126.29 -115.01 -127.75
C MET C 267 -126.99 -113.79 -127.15
N TYR C 268 -127.84 -113.13 -127.93
CA TYR C 268 -128.62 -112.01 -127.41
C TYR C 268 -129.57 -112.47 -126.31
N SER C 269 -130.21 -113.62 -126.50
CA SER C 269 -131.09 -114.15 -125.47
C SER C 269 -130.32 -114.50 -124.21
N GLU C 270 -129.11 -115.06 -124.36
CA GLU C 270 -128.27 -115.36 -123.20
C GLU C 270 -127.88 -114.08 -122.47
N VAL C 271 -127.54 -113.03 -123.23
CA VAL C 271 -127.19 -111.74 -122.62
C VAL C 271 -128.38 -111.17 -121.85
N LEU C 272 -129.58 -111.26 -122.44
CA LEU C 272 -130.78 -110.78 -121.76
C LEU C 272 -131.04 -111.58 -120.49
N ASP C 273 -130.84 -112.89 -120.54
CA ASP C 273 -131.02 -113.73 -119.36
C ASP C 273 -130.02 -113.35 -118.27
N VAL C 274 -128.77 -113.09 -118.65
CA VAL C 274 -127.76 -112.66 -117.68
C VAL C 274 -128.15 -111.32 -117.06
N LEU C 275 -128.63 -110.39 -117.88
CA LEU C 275 -129.05 -109.09 -117.36
C LEU C 275 -130.23 -109.25 -116.40
N SER C 276 -131.18 -110.12 -116.73
CA SER C 276 -132.31 -110.35 -115.84
C SER C 276 -131.87 -110.98 -114.53
N ASP C 277 -130.94 -111.94 -114.58
CA ASP C 277 -130.43 -112.58 -113.38
C ASP C 277 -129.46 -111.70 -112.60
N TYR C 278 -129.03 -110.58 -113.18
CA TYR C 278 -128.12 -109.67 -112.47
C TYR C 278 -128.75 -109.13 -111.20
N ASP C 279 -130.02 -108.72 -111.27
CA ASP C 279 -130.71 -108.19 -110.10
C ASP C 279 -132.21 -108.33 -110.31
N ALA C 280 -132.95 -108.39 -109.21
CA ALA C 280 -134.40 -108.47 -109.27
C ALA C 280 -135.04 -107.14 -109.65
N SER C 281 -134.31 -106.03 -109.47
CA SER C 281 -134.82 -104.72 -109.84
C SER C 281 -134.60 -104.47 -111.33
N TYR C 282 -134.81 -103.24 -111.77
CA TYR C 282 -134.65 -102.85 -113.17
C TYR C 282 -133.71 -101.65 -113.22
N ASN C 283 -132.41 -101.94 -113.31
CA ASN C 283 -131.38 -100.91 -113.42
C ASN C 283 -130.66 -100.96 -114.76
N THR C 284 -130.09 -102.12 -115.11
CA THR C 284 -129.45 -102.31 -116.40
C THR C 284 -130.29 -103.09 -117.38
N GLN C 285 -131.44 -103.63 -116.94
CA GLN C 285 -132.31 -104.39 -117.82
C GLN C 285 -133.07 -103.52 -118.81
N ASP C 286 -133.15 -102.21 -118.55
CA ASP C 286 -133.86 -101.28 -119.41
C ASP C 286 -132.96 -100.68 -120.50
N HIS C 287 -131.71 -101.13 -120.60
CA HIS C 287 -130.82 -100.61 -121.62
C HIS C 287 -131.09 -101.25 -122.97
N LEU C 288 -130.98 -102.58 -123.04
CA LEU C 288 -131.25 -103.29 -124.28
C LEU C 288 -132.75 -103.33 -124.56
N PRO C 289 -133.16 -103.16 -125.82
CA PRO C 289 -134.58 -103.24 -126.15
C PRO C 289 -135.15 -104.62 -125.85
N ARG C 290 -136.41 -104.64 -125.39
CA ARG C 290 -137.11 -105.88 -125.08
C ARG C 290 -138.55 -105.76 -125.55
N VAL C 291 -138.94 -106.61 -126.49
CA VAL C 291 -140.31 -106.62 -126.99
C VAL C 291 -141.19 -107.28 -125.94
N VAL C 292 -142.08 -106.51 -125.31
CA VAL C 292 -142.94 -106.99 -124.24
C VAL C 292 -144.37 -106.99 -124.74
N VAL C 293 -145.05 -108.12 -124.56
CA VAL C 293 -146.45 -108.27 -124.96
C VAL C 293 -147.31 -108.16 -123.71
N VAL C 294 -148.14 -107.13 -123.66
CA VAL C 294 -149.02 -106.87 -122.52
C VAL C 294 -150.46 -106.84 -123.01
N GLY C 295 -151.34 -107.58 -122.33
CA GLY C 295 -152.74 -107.62 -122.70
C GLY C 295 -153.66 -107.43 -121.51
N ASP C 296 -154.94 -107.70 -121.70
CA ASP C 296 -155.94 -107.58 -120.65
C ASP C 296 -156.35 -108.96 -120.15
N GLN C 297 -156.93 -108.98 -118.95
CA GLN C 297 -157.37 -110.23 -118.35
C GLN C 297 -158.58 -110.79 -119.11
N SER C 298 -158.52 -112.08 -119.43
CA SER C 298 -159.60 -112.76 -120.16
C SER C 298 -159.91 -112.07 -121.49
N ALA C 299 -158.87 -111.56 -122.15
CA ALA C 299 -159.02 -110.87 -123.42
C ALA C 299 -158.62 -111.74 -124.61
N GLY C 300 -158.40 -113.03 -124.40
CA GLY C 300 -158.01 -113.90 -125.49
C GLY C 300 -156.58 -113.77 -125.95
N LYS C 301 -155.73 -113.11 -125.16
CA LYS C 301 -154.33 -112.94 -125.55
C LYS C 301 -153.58 -114.27 -125.58
N THR C 302 -154.05 -115.25 -124.80
CA THR C 302 -153.40 -116.56 -124.79
C THR C 302 -153.47 -117.23 -126.16
N SER C 303 -154.64 -117.15 -126.81
CA SER C 303 -154.78 -117.74 -128.14
C SER C 303 -153.86 -117.05 -129.16
N VAL C 304 -153.78 -115.72 -129.08
CA VAL C 304 -152.92 -114.98 -130.00
C VAL C 304 -151.45 -115.35 -129.77
N LEU C 305 -151.04 -115.45 -128.51
CA LEU C 305 -149.66 -115.83 -128.20
C LEU C 305 -149.37 -117.24 -128.69
N GLU C 306 -150.32 -118.17 -128.52
CA GLU C 306 -150.13 -119.53 -129.02
C GLU C 306 -150.01 -119.55 -130.54
N MET C 307 -150.84 -118.76 -131.23
CA MET C 307 -150.77 -118.69 -132.67
C MET C 307 -149.47 -118.06 -133.16
N ILE C 308 -148.91 -117.13 -132.38
CA ILE C 308 -147.62 -116.54 -132.74
C ILE C 308 -146.53 -117.61 -132.78
N ALA C 309 -146.50 -118.46 -131.77
CA ALA C 309 -145.54 -119.57 -131.73
C ALA C 309 -146.03 -120.80 -132.49
N GLN C 310 -147.25 -120.76 -133.03
CA GLN C 310 -147.83 -121.88 -133.78
C GLN C 310 -147.92 -123.15 -132.95
N ALA C 311 -148.11 -123.00 -131.64
CA ALA C 311 -148.21 -124.14 -130.74
C ALA C 311 -148.90 -123.69 -129.45
N ARG C 312 -149.67 -124.60 -128.86
CA ARG C 312 -150.36 -124.33 -127.60
C ARG C 312 -149.41 -124.63 -126.45
N ILE C 313 -148.75 -123.60 -125.95
CA ILE C 313 -147.79 -123.77 -124.86
C ILE C 313 -148.22 -123.06 -123.58
N PHE C 314 -149.13 -122.08 -123.64
CA PHE C 314 -149.59 -121.39 -122.45
C PHE C 314 -150.84 -122.06 -121.91
N PRO C 315 -150.84 -122.52 -120.66
CA PRO C 315 -152.04 -123.16 -120.11
C PRO C 315 -153.21 -122.18 -120.04
N ARG C 316 -154.41 -122.72 -120.28
CA ARG C 316 -155.62 -121.91 -120.27
C ARG C 316 -156.12 -121.71 -118.84
N GLY C 317 -156.76 -120.56 -118.61
CA GLY C 317 -157.29 -120.25 -117.31
C GLY C 317 -158.73 -119.77 -117.36
N SER C 318 -159.61 -120.41 -116.59
CA SER C 318 -161.03 -120.05 -116.54
C SER C 318 -161.22 -118.92 -115.52
N GLY C 319 -160.83 -117.72 -115.92
CA GLY C 319 -160.96 -116.53 -115.09
C GLY C 319 -159.77 -116.27 -114.19
N GLU C 320 -159.18 -117.31 -113.62
CA GLU C 320 -158.03 -117.16 -112.75
C GLU C 320 -156.81 -116.72 -113.55
N MET C 321 -155.98 -115.89 -112.93
CA MET C 321 -154.76 -115.37 -113.55
C MET C 321 -153.67 -116.42 -113.39
N MET C 322 -153.56 -117.31 -114.38
CA MET C 322 -152.55 -118.35 -114.34
C MET C 322 -151.14 -117.76 -114.43
N THR C 323 -150.95 -116.76 -115.28
CA THR C 323 -149.64 -116.14 -115.45
C THR C 323 -149.42 -115.11 -114.34
N ARG C 324 -148.57 -115.46 -113.38
CA ARG C 324 -148.26 -114.58 -112.27
C ARG C 324 -146.80 -114.13 -112.26
N SER C 325 -145.98 -114.60 -113.18
CA SER C 325 -144.58 -114.23 -113.27
C SER C 325 -144.24 -113.89 -114.71
N PRO C 326 -143.27 -113.01 -114.94
CA PRO C 326 -142.87 -112.69 -116.31
C PRO C 326 -142.34 -113.91 -117.03
N VAL C 327 -142.70 -114.03 -118.31
CA VAL C 327 -142.29 -115.15 -119.15
C VAL C 327 -141.57 -114.60 -120.37
N LYS C 328 -140.36 -115.12 -120.63
CA LYS C 328 -139.55 -114.72 -121.77
C LYS C 328 -139.68 -115.76 -122.86
N VAL C 329 -140.10 -115.34 -124.04
CA VAL C 329 -140.23 -116.21 -125.21
C VAL C 329 -139.24 -115.73 -126.26
N THR C 330 -138.24 -116.55 -126.57
CA THR C 330 -137.22 -116.22 -127.55
C THR C 330 -137.54 -116.98 -128.84
N LEU C 331 -137.88 -116.22 -129.89
CA LEU C 331 -138.19 -116.83 -131.18
C LEU C 331 -136.91 -117.01 -131.98
N SER C 332 -136.67 -118.24 -132.43
CA SER C 332 -135.47 -118.56 -133.20
C SER C 332 -135.76 -119.81 -134.03
N GLU C 333 -134.75 -120.24 -134.78
CA GLU C 333 -134.86 -121.43 -135.62
C GLU C 333 -133.75 -122.41 -135.25
N GLY C 334 -134.13 -123.67 -135.06
CA GLY C 334 -133.18 -124.70 -134.71
C GLY C 334 -133.37 -125.96 -135.54
N PRO C 335 -132.62 -127.02 -135.19
CA PRO C 335 -132.77 -128.28 -135.94
C PRO C 335 -134.16 -128.88 -135.85
N HIS C 336 -134.87 -128.68 -134.73
CA HIS C 336 -136.20 -129.22 -134.56
C HIS C 336 -137.10 -128.14 -133.95
N HIS C 337 -138.41 -128.28 -134.19
CA HIS C 337 -139.40 -127.35 -133.67
C HIS C 337 -139.73 -127.72 -132.22
N VAL C 338 -138.76 -127.49 -131.34
CA VAL C 338 -138.86 -127.82 -129.93
C VAL C 338 -138.61 -126.57 -129.11
N ALA C 339 -138.88 -126.66 -127.82
CA ALA C 339 -138.66 -125.58 -126.87
C ALA C 339 -137.70 -126.04 -125.78
N LEU C 340 -136.71 -125.21 -125.48
CA LEU C 340 -135.70 -125.54 -124.48
C LEU C 340 -135.51 -124.35 -123.55
N PHE C 341 -135.48 -124.62 -122.24
CA PHE C 341 -135.26 -123.58 -121.26
C PHE C 341 -133.76 -123.30 -121.10
N LYS C 342 -133.46 -122.19 -120.43
CA LYS C 342 -132.06 -121.84 -120.17
C LYS C 342 -131.39 -122.83 -119.24
N ASP C 343 -132.10 -123.28 -118.20
CA ASP C 343 -131.55 -124.19 -117.21
C ASP C 343 -132.12 -125.60 -117.32
N SER C 344 -132.55 -125.98 -118.52
CA SER C 344 -133.11 -127.31 -118.75
C SER C 344 -132.43 -127.94 -119.96
N SER C 345 -132.47 -129.28 -120.01
CA SER C 345 -131.89 -130.03 -121.10
C SER C 345 -132.90 -130.83 -121.91
N ARG C 346 -134.16 -130.88 -121.48
CA ARG C 346 -135.18 -131.61 -122.21
C ARG C 346 -135.82 -130.72 -123.26
N GLU C 347 -135.83 -131.20 -124.51
CA GLU C 347 -136.40 -130.45 -125.63
C GLU C 347 -137.88 -130.74 -125.70
N PHE C 348 -138.70 -129.78 -125.25
CA PHE C 348 -140.16 -129.93 -125.28
C PHE C 348 -140.65 -129.67 -126.70
N ASP C 349 -141.09 -130.73 -127.38
CA ASP C 349 -141.59 -130.60 -128.74
C ASP C 349 -142.89 -129.82 -128.76
N LEU C 350 -143.08 -129.04 -129.82
CA LEU C 350 -144.26 -128.20 -129.98
C LEU C 350 -145.31 -128.83 -130.88
N THR C 351 -145.15 -130.11 -131.24
CA THR C 351 -146.09 -130.80 -132.12
C THR C 351 -146.88 -131.88 -131.39
N LYS C 352 -146.21 -132.79 -130.70
CA LYS C 352 -146.90 -133.86 -130.00
C LYS C 352 -147.70 -133.30 -128.83
N GLU C 353 -148.89 -133.87 -128.62
CA GLU C 353 -149.75 -133.42 -127.52
C GLU C 353 -149.13 -133.71 -126.17
N GLU C 354 -148.49 -134.87 -126.02
CA GLU C 354 -147.86 -135.21 -124.75
C GLU C 354 -146.72 -134.25 -124.42
N ASP C 355 -145.90 -133.90 -125.41
CA ASP C 355 -144.82 -132.95 -125.18
C ASP C 355 -145.35 -131.57 -124.82
N LEU C 356 -146.44 -131.14 -125.48
CA LEU C 356 -147.05 -129.86 -125.14
C LEU C 356 -147.59 -129.86 -123.72
N ALA C 357 -148.23 -130.97 -123.32
CA ALA C 357 -148.73 -131.07 -121.94
C ALA C 357 -147.60 -131.04 -120.93
N ALA C 358 -146.49 -131.73 -121.24
CA ALA C 358 -145.34 -131.70 -120.35
C ALA C 358 -144.75 -130.30 -120.24
N LEU C 359 -144.68 -129.58 -121.37
CA LEU C 359 -144.18 -128.21 -121.36
C LEU C 359 -145.08 -127.30 -120.53
N ARG C 360 -146.40 -127.45 -120.67
CA ARG C 360 -147.33 -126.66 -119.88
C ARG C 360 -147.20 -126.98 -118.39
N HIS C 361 -147.04 -128.25 -118.06
CA HIS C 361 -146.85 -128.64 -116.66
C HIS C 361 -145.57 -128.04 -116.10
N GLU C 362 -144.48 -128.07 -116.88
CA GLU C 362 -143.22 -127.48 -116.43
C GLU C 362 -143.36 -125.98 -116.24
N ILE C 363 -144.06 -125.30 -117.15
CA ILE C 363 -144.28 -123.87 -117.02
C ILE C 363 -145.08 -123.56 -115.77
N GLU C 364 -146.13 -124.34 -115.51
CA GLU C 364 -146.93 -124.13 -114.30
C GLU C 364 -146.11 -124.37 -113.04
N LEU C 365 -145.26 -125.41 -113.04
CA LEU C 365 -144.41 -125.67 -111.89
C LEU C 365 -143.43 -124.53 -111.66
N ARG C 366 -142.85 -124.00 -112.74
CA ARG C 366 -141.93 -122.87 -112.61
C ARG C 366 -142.65 -121.63 -112.08
N MET C 367 -143.88 -121.40 -112.55
CA MET C 367 -144.66 -120.27 -112.05
C MET C 367 -144.97 -120.43 -110.57
N ARG C 368 -145.35 -121.64 -110.15
CA ARG C 368 -145.66 -121.88 -108.74
C ARG C 368 -144.42 -121.73 -107.86
N LYS C 369 -143.26 -122.20 -108.35
CA LYS C 369 -142.03 -122.11 -107.57
C LYS C 369 -141.65 -120.65 -107.34
N ASN C 370 -141.76 -119.81 -108.38
CA ASN C 370 -141.40 -118.41 -108.22
C ASN C 370 -142.34 -117.69 -107.25
N VAL C 371 -143.64 -117.96 -107.34
CA VAL C 371 -144.61 -117.31 -106.47
C VAL C 371 -144.49 -117.87 -105.06
N LYS C 372 -144.36 -116.98 -104.08
CA LYS C 372 -144.26 -117.40 -102.69
C LYS C 372 -145.59 -117.93 -102.19
N GLU C 373 -145.52 -118.76 -101.15
CA GLU C 373 -146.71 -119.35 -100.55
C GLU C 373 -147.42 -118.28 -99.73
N GLY C 374 -148.30 -117.54 -100.40
CA GLY C 374 -149.04 -116.46 -99.75
C GLY C 374 -149.09 -115.20 -100.59
N CYS C 375 -148.17 -115.08 -101.55
CA CYS C 375 -148.11 -113.92 -102.42
C CYS C 375 -148.81 -114.22 -103.74
N THR C 376 -148.92 -113.19 -104.58
CA THR C 376 -149.58 -113.30 -105.88
C THR C 376 -148.63 -113.03 -107.03
N VAL C 377 -147.84 -111.95 -106.96
CA VAL C 377 -146.92 -111.56 -108.03
C VAL C 377 -145.50 -111.76 -107.51
N SER C 378 -144.68 -112.47 -108.28
CA SER C 378 -143.31 -112.73 -107.91
C SER C 378 -142.36 -112.00 -108.85
N PRO C 379 -141.35 -111.31 -108.31
CA PRO C 379 -140.41 -110.59 -109.19
C PRO C 379 -139.56 -111.52 -110.05
N GLU C 380 -139.45 -112.80 -109.70
CA GLU C 380 -138.63 -113.72 -110.48
C GLU C 380 -139.22 -113.92 -111.87
N THR C 381 -138.35 -114.02 -112.86
CA THR C 381 -138.74 -114.18 -114.25
C THR C 381 -138.43 -115.59 -114.73
N ILE C 382 -139.11 -116.00 -115.80
CA ILE C 382 -138.95 -117.31 -116.40
C ILE C 382 -138.44 -117.12 -117.82
N SER C 383 -137.34 -117.80 -118.15
CA SER C 383 -136.70 -117.71 -119.45
C SER C 383 -136.97 -118.98 -120.25
N LEU C 384 -137.44 -118.81 -121.48
CA LEU C 384 -137.73 -119.93 -122.37
C LEU C 384 -137.29 -119.57 -123.78
N ASN C 385 -136.62 -120.52 -124.44
CA ASN C 385 -136.15 -120.35 -125.81
C ASN C 385 -136.93 -121.26 -126.74
N VAL C 386 -137.47 -120.69 -127.81
CA VAL C 386 -138.26 -121.43 -128.79
C VAL C 386 -137.48 -121.50 -130.09
N LYS C 387 -137.32 -122.72 -130.61
CA LYS C 387 -136.60 -122.95 -131.85
C LYS C 387 -137.48 -123.73 -132.83
N GLY C 388 -137.23 -123.54 -134.11
CA GLY C 388 -137.97 -124.22 -135.15
C GLY C 388 -138.09 -123.41 -136.42
N PRO C 389 -138.25 -124.10 -137.54
CA PRO C 389 -138.37 -123.40 -138.83
C PRO C 389 -139.66 -122.59 -138.92
N GLY C 390 -139.61 -121.53 -139.72
CA GLY C 390 -140.75 -120.67 -139.92
C GLY C 390 -140.94 -119.58 -138.89
N LEU C 391 -140.05 -119.47 -137.91
CA LEU C 391 -140.12 -118.45 -136.89
C LEU C 391 -139.16 -117.31 -137.19
N GLN C 392 -139.37 -116.19 -136.52
CA GLN C 392 -138.54 -115.01 -136.67
C GLN C 392 -137.43 -115.01 -135.62
N ARG C 393 -136.67 -113.93 -135.55
CA ARG C 393 -135.58 -113.78 -134.59
C ARG C 393 -135.89 -112.58 -133.71
N MET C 394 -136.61 -112.82 -132.62
CA MET C 394 -136.98 -111.77 -131.69
C MET C 394 -137.26 -112.39 -130.34
N VAL C 395 -137.30 -111.55 -129.31
CA VAL C 395 -137.55 -111.98 -127.94
C VAL C 395 -138.87 -111.37 -127.50
N LEU C 396 -139.79 -112.22 -127.04
CA LEU C 396 -141.11 -111.79 -126.58
C LEU C 396 -141.20 -111.97 -125.07
N VAL C 397 -141.74 -110.96 -124.40
CA VAL C 397 -141.90 -110.96 -122.95
C VAL C 397 -143.39 -110.96 -122.62
N ASP C 398 -143.81 -111.90 -121.78
CA ASP C 398 -145.20 -112.02 -121.37
C ASP C 398 -145.36 -111.53 -119.93
N LEU C 399 -146.37 -110.68 -119.72
CA LEU C 399 -146.65 -110.11 -118.42
C LEU C 399 -148.12 -110.33 -118.06
N PRO C 400 -148.44 -110.40 -116.76
CA PRO C 400 -149.85 -110.54 -116.37
C PRO C 400 -150.67 -109.34 -116.79
N GLY C 401 -151.95 -109.60 -117.08
CA GLY C 401 -152.83 -108.54 -117.52
C GLY C 401 -153.10 -107.51 -116.44
N VAL C 402 -153.47 -106.31 -116.88
CA VAL C 402 -153.75 -105.22 -115.98
C VAL C 402 -155.13 -105.41 -115.36
N ILE C 403 -155.20 -105.33 -114.04
CA ILE C 403 -156.44 -105.50 -113.31
C ILE C 403 -156.84 -104.17 -112.68
N ASN C 404 -158.12 -104.06 -112.34
CA ASN C 404 -158.66 -102.86 -111.73
C ASN C 404 -159.14 -103.09 -110.30
N THR C 405 -159.92 -104.14 -110.06
CA THR C 405 -160.42 -104.43 -108.72
C THR C 405 -159.32 -105.02 -107.86
N VAL C 406 -159.54 -104.98 -106.54
CA VAL C 406 -158.60 -105.49 -105.56
C VAL C 406 -159.26 -106.67 -104.84
N THR C 407 -158.57 -107.80 -104.81
CA THR C 407 -159.11 -108.99 -104.17
C THR C 407 -158.83 -108.95 -102.67
N SER C 408 -159.88 -109.15 -101.87
CA SER C 408 -159.72 -109.15 -100.42
C SER C 408 -158.94 -110.36 -99.93
N GLY C 409 -159.02 -111.48 -100.65
CA GLY C 409 -158.32 -112.69 -100.28
C GLY C 409 -156.86 -112.75 -100.68
N MET C 410 -156.35 -111.71 -101.34
CA MET C 410 -154.97 -111.65 -101.79
C MET C 410 -154.32 -110.39 -101.24
N ALA C 411 -153.10 -110.13 -101.70
CA ALA C 411 -152.37 -108.95 -101.24
C ALA C 411 -153.05 -107.68 -101.74
N PRO C 412 -153.35 -106.72 -100.85
CA PRO C 412 -153.99 -105.49 -101.31
C PRO C 412 -153.13 -104.66 -102.26
N ASP C 413 -151.82 -104.85 -102.26
CA ASP C 413 -150.91 -104.09 -103.11
C ASP C 413 -150.56 -104.84 -104.40
N THR C 414 -151.34 -105.86 -104.76
CA THR C 414 -151.07 -106.59 -105.98
C THR C 414 -151.24 -105.70 -107.21
N LYS C 415 -152.29 -104.88 -107.24
CA LYS C 415 -152.48 -103.97 -108.36
C LYS C 415 -151.36 -102.95 -108.44
N GLU C 416 -150.93 -102.41 -107.29
CA GLU C 416 -149.84 -101.46 -107.27
C GLU C 416 -148.54 -102.11 -107.76
N THR C 417 -148.29 -103.35 -107.33
CA THR C 417 -147.10 -104.06 -107.78
C THR C 417 -147.13 -104.29 -109.29
N ILE C 418 -148.30 -104.68 -109.83
CA ILE C 418 -148.43 -104.90 -111.26
C ILE C 418 -148.20 -103.59 -112.02
N PHE C 419 -148.77 -102.49 -111.52
CA PHE C 419 -148.56 -101.20 -112.16
C PHE C 419 -147.10 -100.78 -112.15
N SER C 420 -146.42 -101.01 -111.01
CA SER C 420 -145.01 -100.67 -110.93
C SER C 420 -144.17 -101.51 -111.88
N ILE C 421 -144.49 -102.81 -111.98
CA ILE C 421 -143.77 -103.68 -112.91
C ILE C 421 -143.99 -103.22 -114.35
N SER C 422 -145.24 -102.87 -114.70
CA SER C 422 -145.52 -102.39 -116.04
C SER C 422 -144.78 -101.10 -116.34
N LYS C 423 -144.75 -100.17 -115.38
CA LYS C 423 -144.02 -98.92 -115.57
C LYS C 423 -142.52 -99.17 -115.75
N ALA C 424 -141.96 -100.07 -114.95
CA ALA C 424 -140.54 -100.40 -115.08
C ALA C 424 -140.23 -101.02 -116.44
N TYR C 425 -141.11 -101.90 -116.91
CA TYR C 425 -140.93 -102.49 -118.23
C TYR C 425 -141.03 -101.44 -119.33
N MET C 426 -141.98 -100.51 -119.20
CA MET C 426 -142.15 -99.45 -120.18
C MET C 426 -141.08 -98.37 -120.08
N GLN C 427 -140.27 -98.37 -119.02
CA GLN C 427 -139.20 -97.38 -118.89
C GLN C 427 -138.17 -97.49 -120.00
N ASN C 428 -138.08 -98.63 -120.66
CA ASN C 428 -137.15 -98.79 -121.78
C ASN C 428 -137.63 -97.96 -122.96
N PRO C 429 -136.83 -97.00 -123.46
CA PRO C 429 -137.28 -96.20 -124.61
C PRO C 429 -137.47 -96.99 -125.88
N ASN C 430 -136.85 -98.17 -125.99
CA ASN C 430 -136.93 -98.99 -127.20
C ASN C 430 -137.72 -100.28 -126.97
N ALA C 431 -138.55 -100.32 -125.94
CA ALA C 431 -139.35 -101.50 -125.66
C ALA C 431 -140.57 -101.54 -126.57
N ILE C 432 -140.62 -102.54 -127.45
CA ILE C 432 -141.75 -102.69 -128.37
C ILE C 432 -142.90 -103.33 -127.61
N ILE C 433 -144.06 -102.71 -127.66
CA ILE C 433 -145.25 -103.18 -126.97
C ILE C 433 -146.23 -103.74 -128.00
N LEU C 434 -146.64 -104.99 -127.81
CA LEU C 434 -147.59 -105.66 -128.70
C LEU C 434 -148.93 -105.73 -127.98
N CYS C 435 -149.86 -104.86 -128.39
CA CYS C 435 -151.18 -104.80 -127.79
C CYS C 435 -152.08 -105.84 -128.42
N ILE C 436 -152.77 -106.62 -127.57
CA ILE C 436 -153.69 -107.66 -128.01
C ILE C 436 -155.06 -107.36 -127.44
N GLN C 437 -156.06 -107.35 -128.31
CA GLN C 437 -157.45 -107.08 -127.92
C GLN C 437 -158.31 -108.30 -128.23
N ASP C 438 -159.62 -108.14 -128.04
CA ASP C 438 -160.59 -109.22 -128.27
C ASP C 438 -161.70 -108.71 -129.17
N GLY C 439 -162.45 -109.65 -129.75
CA GLY C 439 -163.56 -109.27 -130.61
C GLY C 439 -164.65 -108.52 -129.87
N SER C 440 -164.92 -108.92 -128.63
CA SER C 440 -165.94 -108.26 -127.82
C SER C 440 -165.41 -107.04 -127.07
N VAL C 441 -164.12 -106.73 -127.19
CA VAL C 441 -163.52 -105.59 -126.51
C VAL C 441 -163.17 -104.54 -127.56
N ASP C 442 -163.66 -103.32 -127.36
CA ASP C 442 -163.39 -102.24 -128.29
C ASP C 442 -161.97 -101.72 -128.12
N ALA C 443 -161.54 -100.90 -129.09
CA ALA C 443 -160.20 -100.32 -129.04
C ALA C 443 -160.04 -99.41 -127.82
N GLU C 444 -161.05 -98.59 -127.54
CA GLU C 444 -160.99 -97.69 -126.38
C GLU C 444 -161.13 -98.44 -125.07
N ARG C 445 -161.74 -99.63 -125.09
CA ARG C 445 -161.91 -100.43 -123.87
C ARG C 445 -160.63 -101.14 -123.46
N SER C 446 -159.60 -101.16 -124.31
CA SER C 446 -158.35 -101.84 -124.00
C SER C 446 -157.51 -100.92 -123.11
N ILE C 447 -157.22 -101.39 -121.90
CA ILE C 447 -156.41 -100.59 -120.97
C ILE C 447 -154.98 -100.47 -121.47
N VAL C 448 -154.46 -101.55 -122.08
CA VAL C 448 -153.08 -101.52 -122.59
C VAL C 448 -152.94 -100.49 -123.70
N THR C 449 -153.92 -100.44 -124.61
CA THR C 449 -153.86 -99.47 -125.71
C THR C 449 -153.91 -98.05 -125.19
N ASP C 450 -154.79 -97.78 -124.21
CA ASP C 450 -154.87 -96.44 -123.63
C ASP C 450 -153.59 -96.06 -122.92
N LEU C 451 -152.99 -97.01 -122.19
CA LEU C 451 -151.73 -96.73 -121.50
C LEU C 451 -150.61 -96.44 -122.50
N VAL C 452 -150.56 -97.21 -123.59
CA VAL C 452 -149.54 -96.97 -124.62
C VAL C 452 -149.73 -95.61 -125.26
N SER C 453 -150.98 -95.25 -125.56
CA SER C 453 -151.26 -93.94 -126.15
C SER C 453 -150.87 -92.81 -125.20
N GLN C 454 -151.16 -92.96 -123.91
CA GLN C 454 -150.80 -91.94 -122.94
C GLN C 454 -149.28 -91.82 -122.81
N MET C 455 -148.57 -92.95 -122.78
CA MET C 455 -147.12 -92.92 -122.64
C MET C 455 -146.43 -92.54 -123.95
N ASP C 456 -146.99 -92.94 -125.08
CA ASP C 456 -146.40 -92.67 -126.40
C ASP C 456 -147.46 -92.05 -127.29
N PRO C 457 -147.72 -90.75 -127.13
CA PRO C 457 -148.72 -90.10 -128.00
C PRO C 457 -148.36 -90.15 -129.47
N HIS C 458 -147.07 -90.08 -129.81
CA HIS C 458 -146.68 -90.13 -131.22
C HIS C 458 -146.85 -91.54 -131.78
N GLY C 459 -146.44 -92.56 -131.04
CA GLY C 459 -146.57 -93.92 -131.51
C GLY C 459 -145.73 -94.23 -132.73
N ARG C 460 -144.51 -93.68 -132.80
CA ARG C 460 -143.63 -93.93 -133.93
C ARG C 460 -142.96 -95.30 -133.87
N ARG C 461 -142.96 -95.95 -132.71
CA ARG C 461 -142.36 -97.26 -132.56
C ARG C 461 -143.35 -98.36 -132.20
N THR C 462 -144.59 -98.01 -131.89
CA THR C 462 -145.62 -98.99 -131.53
C THR C 462 -146.54 -99.21 -132.73
N ILE C 463 -146.75 -100.48 -133.09
CA ILE C 463 -147.58 -100.86 -134.21
C ILE C 463 -148.79 -101.62 -133.68
N PHE C 464 -149.99 -101.15 -134.01
CA PHE C 464 -151.22 -101.78 -133.55
C PHE C 464 -151.53 -103.01 -134.39
N VAL C 465 -151.86 -104.11 -133.72
CA VAL C 465 -152.24 -105.35 -134.38
C VAL C 465 -153.65 -105.72 -133.93
N LEU C 466 -154.53 -105.97 -134.89
CA LEU C 466 -155.92 -106.32 -134.62
C LEU C 466 -156.09 -107.83 -134.72
N THR C 467 -156.62 -108.44 -133.66
CA THR C 467 -156.81 -109.88 -133.60
C THR C 467 -158.28 -110.20 -133.42
N LYS C 468 -158.68 -111.39 -133.88
CA LYS C 468 -160.06 -111.87 -133.79
C LYS C 468 -161.02 -110.91 -134.48
N VAL C 469 -160.74 -110.62 -135.76
CA VAL C 469 -161.60 -109.72 -136.53
C VAL C 469 -162.97 -110.34 -136.77
N ASP C 470 -163.02 -111.65 -137.01
CA ASP C 470 -164.30 -112.30 -137.28
C ASP C 470 -165.23 -112.23 -136.06
N LEU C 471 -164.69 -112.42 -134.86
CA LEU C 471 -165.52 -112.35 -133.66
C LEU C 471 -166.09 -110.95 -133.48
N ALA C 472 -165.29 -109.92 -133.70
CA ALA C 472 -165.79 -108.55 -133.61
C ALA C 472 -166.85 -108.27 -134.67
N GLU C 473 -166.62 -108.76 -135.89
CA GLU C 473 -167.58 -108.54 -136.96
C GLU C 473 -168.92 -109.22 -136.68
N LYS C 474 -168.87 -110.44 -136.12
CA LYS C 474 -170.11 -111.16 -135.83
C LYS C 474 -170.91 -110.54 -134.70
N ASN C 475 -170.30 -109.65 -133.91
CA ASN C 475 -170.99 -108.99 -132.81
C ASN C 475 -171.62 -107.68 -133.26
N VAL C 476 -172.44 -107.75 -134.32
CA VAL C 476 -173.15 -106.65 -134.96
C VAL C 476 -172.39 -105.33 -134.87
N ALA C 477 -171.08 -105.37 -135.13
CA ALA C 477 -170.26 -104.17 -135.09
C ALA C 477 -170.45 -103.35 -136.36
N SER C 478 -170.06 -102.07 -136.27
CA SER C 478 -170.17 -101.17 -137.40
C SER C 478 -168.94 -101.32 -138.29
N PRO C 479 -169.10 -101.64 -139.57
CA PRO C 479 -167.92 -101.77 -140.45
C PRO C 479 -167.14 -100.48 -140.62
N SER C 480 -167.77 -99.32 -140.41
CA SER C 480 -167.05 -98.05 -140.53
C SER C 480 -165.97 -97.95 -139.48
N ARG C 481 -166.25 -98.37 -138.25
CA ARG C 481 -165.24 -98.33 -137.19
C ARG C 481 -164.07 -99.25 -137.53
N ILE C 482 -164.35 -100.45 -138.03
CA ILE C 482 -163.29 -101.37 -138.41
C ILE C 482 -162.44 -100.79 -139.54
N GLN C 483 -163.10 -100.19 -140.54
CA GLN C 483 -162.36 -99.58 -141.64
C GLN C 483 -161.48 -98.42 -141.15
N GLN C 484 -162.00 -97.60 -140.24
CA GLN C 484 -161.21 -96.50 -139.70
C GLN C 484 -160.02 -97.01 -138.90
N ILE C 485 -160.23 -98.07 -138.11
CA ILE C 485 -159.14 -98.64 -137.32
C ILE C 485 -158.06 -99.21 -138.25
N ILE C 486 -158.47 -99.95 -139.28
CA ILE C 486 -157.51 -100.53 -140.22
C ILE C 486 -156.78 -99.43 -140.98
N GLU C 487 -157.52 -98.42 -141.46
CA GLU C 487 -156.89 -97.33 -142.20
C GLU C 487 -156.10 -96.40 -141.29
N GLY C 488 -156.46 -96.31 -140.02
CA GLY C 488 -155.74 -95.47 -139.08
C GLY C 488 -156.28 -94.07 -139.00
N LYS C 489 -157.61 -93.92 -139.07
CA LYS C 489 -158.27 -92.63 -138.98
C LYS C 489 -158.85 -92.35 -137.60
N LEU C 490 -158.58 -93.22 -136.62
CA LEU C 490 -159.11 -93.07 -135.27
C LEU C 490 -158.03 -92.99 -134.21
N PHE C 491 -156.95 -93.74 -134.35
CA PHE C 491 -155.88 -93.73 -133.36
C PHE C 491 -155.04 -92.46 -133.52
N PRO C 492 -154.90 -91.64 -132.48
CA PRO C 492 -154.08 -90.43 -132.61
C PRO C 492 -152.62 -90.71 -132.92
N MET C 493 -152.09 -91.83 -132.45
CA MET C 493 -150.69 -92.16 -132.68
C MET C 493 -150.44 -92.46 -134.15
N LYS C 494 -149.24 -92.09 -134.62
CA LYS C 494 -148.85 -92.30 -136.02
C LYS C 494 -148.03 -93.58 -136.09
N ALA C 495 -148.73 -94.71 -136.09
CA ALA C 495 -148.07 -96.00 -136.17
C ALA C 495 -147.54 -96.25 -137.58
N LEU C 496 -146.53 -97.12 -137.66
CA LEU C 496 -145.93 -97.45 -138.95
C LEU C 496 -146.88 -98.21 -139.86
N GLY C 497 -147.91 -98.84 -139.31
CA GLY C 497 -148.87 -99.56 -140.12
C GLY C 497 -149.92 -100.19 -139.24
N TYR C 498 -150.94 -100.75 -139.90
CA TYR C 498 -152.05 -101.42 -139.22
C TYR C 498 -152.41 -102.66 -140.00
N PHE C 499 -152.44 -103.80 -139.33
CA PHE C 499 -152.79 -105.08 -139.94
C PHE C 499 -153.84 -105.78 -139.11
N ALA C 500 -154.81 -106.39 -139.78
CA ALA C 500 -155.90 -107.10 -139.12
C ALA C 500 -155.76 -108.59 -139.43
N VAL C 501 -155.72 -109.41 -138.38
CA VAL C 501 -155.58 -110.86 -138.51
C VAL C 501 -156.63 -111.53 -137.65
N VAL C 502 -156.88 -112.81 -137.95
CA VAL C 502 -157.83 -113.63 -137.22
C VAL C 502 -157.06 -114.75 -136.53
N THR C 503 -157.21 -114.86 -135.22
CA THR C 503 -156.54 -115.88 -134.42
C THR C 503 -157.53 -116.90 -133.87
N GLY C 504 -158.55 -117.24 -134.66
CA GLY C 504 -159.54 -118.21 -134.24
C GLY C 504 -160.59 -117.60 -133.33
N LYS C 505 -161.45 -118.47 -132.82
CA LYS C 505 -162.53 -118.06 -131.93
C LYS C 505 -162.08 -117.93 -130.48
N GLY C 506 -160.83 -118.27 -130.17
CA GLY C 506 -160.34 -118.16 -128.81
C GLY C 506 -160.74 -119.29 -127.89
N ASN C 507 -161.35 -120.35 -128.42
CA ASN C 507 -161.78 -121.48 -127.60
C ASN C 507 -160.59 -122.39 -127.33
N SER C 508 -160.85 -123.52 -126.66
CA SER C 508 -159.82 -124.49 -126.32
C SER C 508 -160.07 -125.83 -126.99
N SER C 509 -160.70 -125.82 -128.18
CA SER C 509 -160.98 -127.05 -128.89
C SER C 509 -160.63 -126.96 -130.37
N GLU C 510 -159.86 -125.94 -130.77
CA GLU C 510 -159.43 -125.76 -132.16
C GLU C 510 -157.93 -125.92 -132.24
N SER C 511 -157.47 -126.79 -133.13
CA SER C 511 -156.04 -127.02 -133.31
C SER C 511 -155.39 -125.82 -134.00
N ILE C 512 -154.07 -125.77 -133.91
CA ILE C 512 -153.31 -124.69 -134.54
C ILE C 512 -153.47 -124.73 -136.05
N GLU C 513 -153.41 -125.93 -136.63
CA GLU C 513 -153.57 -126.06 -138.08
C GLU C 513 -154.95 -125.62 -138.53
N ALA C 514 -155.99 -125.98 -137.78
CA ALA C 514 -157.34 -125.58 -138.13
C ALA C 514 -157.50 -124.06 -138.08
N ILE C 515 -156.94 -123.42 -137.04
CA ILE C 515 -157.03 -121.97 -136.93
C ILE C 515 -156.27 -121.30 -138.07
N ARG C 516 -155.09 -121.83 -138.41
CA ARG C 516 -154.33 -121.28 -139.52
C ARG C 516 -155.09 -121.40 -140.84
N GLU C 517 -155.71 -122.56 -141.08
CA GLU C 517 -156.49 -122.75 -142.30
C GLU C 517 -157.69 -121.81 -142.34
N TYR C 518 -158.36 -121.62 -141.20
CA TYR C 518 -159.49 -120.69 -141.14
C TYR C 518 -159.03 -119.26 -141.42
N GLU C 519 -157.89 -118.87 -140.86
CA GLU C 519 -157.37 -117.53 -141.11
C GLU C 519 -157.00 -117.35 -142.58
N GLU C 520 -156.39 -118.36 -143.18
CA GLU C 520 -156.05 -118.28 -144.61
C GLU C 520 -157.31 -118.17 -145.46
N GLU C 521 -158.34 -118.95 -145.14
CA GLU C 521 -159.59 -118.88 -145.88
C GLU C 521 -160.24 -117.51 -145.73
N PHE C 522 -160.21 -116.95 -144.52
CA PHE C 522 -160.79 -115.63 -144.31
C PHE C 522 -160.01 -114.56 -145.08
N PHE C 523 -158.69 -114.66 -145.10
CA PHE C 523 -157.89 -113.72 -145.87
C PHE C 523 -158.16 -113.84 -147.37
N GLN C 524 -158.30 -115.06 -147.87
CA GLN C 524 -158.60 -115.25 -149.29
C GLN C 524 -159.98 -114.70 -149.65
N ASN C 525 -160.97 -114.96 -148.80
CA ASN C 525 -162.34 -114.50 -149.03
C ASN C 525 -162.83 -113.80 -147.76
N SER C 526 -162.85 -112.47 -147.79
CA SER C 526 -163.28 -111.67 -146.65
C SER C 526 -164.46 -110.79 -147.05
N LYS C 527 -165.35 -110.56 -146.09
CA LYS C 527 -166.51 -109.72 -146.32
C LYS C 527 -166.18 -108.23 -146.40
N LEU C 528 -164.97 -107.83 -146.00
CA LEU C 528 -164.56 -106.44 -146.05
C LEU C 528 -163.63 -106.13 -147.21
N LEU C 529 -162.86 -107.11 -147.68
CA LEU C 529 -161.97 -106.86 -148.82
C LEU C 529 -162.75 -106.69 -150.11
N LYS C 530 -163.91 -107.35 -150.24
CA LYS C 530 -164.71 -107.24 -151.45
C LYS C 530 -165.44 -105.91 -151.57
N THR C 531 -165.46 -105.11 -150.49
CA THR C 531 -166.13 -103.82 -150.52
C THR C 531 -165.20 -102.69 -150.97
N SER C 532 -163.94 -103.00 -151.31
CA SER C 532 -162.97 -102.00 -151.75
C SER C 532 -162.80 -100.88 -150.73
N MET C 533 -162.79 -101.25 -149.45
CA MET C 533 -162.63 -100.30 -148.36
C MET C 533 -161.34 -100.51 -147.58
N LEU C 534 -160.53 -101.50 -147.95
CA LEU C 534 -159.28 -101.79 -147.26
C LEU C 534 -158.14 -101.82 -148.26
N LYS C 535 -156.97 -101.37 -147.83
CA LYS C 535 -155.80 -101.33 -148.69
C LYS C 535 -155.32 -102.74 -149.02
N ALA C 536 -154.88 -102.92 -150.26
CA ALA C 536 -154.44 -104.24 -150.71
C ALA C 536 -153.07 -104.60 -150.15
N HIS C 537 -152.26 -103.60 -149.82
CA HIS C 537 -150.91 -103.85 -149.31
C HIS C 537 -150.88 -104.06 -147.79
N GLN C 538 -152.02 -103.97 -147.12
CA GLN C 538 -152.10 -104.18 -145.68
C GLN C 538 -152.60 -105.58 -145.32
N VAL C 539 -152.24 -106.59 -146.12
CA VAL C 539 -152.67 -107.95 -145.88
C VAL C 539 -151.49 -108.80 -145.42
N THR C 540 -151.77 -110.02 -144.97
CA THR C 540 -150.77 -110.96 -144.47
C THR C 540 -149.95 -110.35 -143.33
N THR C 541 -148.82 -110.99 -143.00
CA THR C 541 -147.97 -110.51 -141.92
C THR C 541 -146.48 -110.53 -142.26
N ARG C 542 -146.11 -110.93 -143.49
CA ARG C 542 -144.69 -111.05 -143.82
C ARG C 542 -143.99 -109.70 -143.80
N ASN C 543 -144.59 -108.70 -144.46
CA ASN C 543 -143.98 -107.37 -144.51
C ASN C 543 -143.91 -106.75 -143.12
N LEU C 544 -144.98 -106.88 -142.33
CA LEU C 544 -144.98 -106.34 -140.97
C LEU C 544 -143.91 -107.01 -140.11
N SER C 545 -143.79 -108.33 -140.22
CA SER C 545 -142.78 -109.05 -139.44
C SER C 545 -141.37 -108.63 -139.86
N LEU C 546 -141.13 -108.48 -141.17
CA LEU C 546 -139.82 -108.05 -141.63
C LEU C 546 -139.49 -106.64 -141.14
N ALA C 547 -140.46 -105.73 -141.20
CA ALA C 547 -140.23 -104.37 -140.72
C ALA C 547 -139.95 -104.35 -139.23
N VAL C 548 -140.72 -105.12 -138.45
CA VAL C 548 -140.51 -105.18 -137.01
C VAL C 548 -139.14 -105.75 -136.69
N SER C 549 -138.74 -106.81 -137.39
CA SER C 549 -137.42 -107.40 -137.17
C SER C 549 -136.30 -106.42 -137.50
N ASP C 550 -136.43 -105.71 -138.62
CA ASP C 550 -135.40 -104.74 -138.99
C ASP C 550 -135.31 -103.60 -137.97
N CYS C 551 -136.47 -103.10 -137.52
CA CYS C 551 -136.46 -102.03 -136.52
C CYS C 551 -135.84 -102.51 -135.21
N PHE C 552 -136.19 -103.72 -134.78
CA PHE C 552 -135.62 -104.27 -133.56
C PHE C 552 -134.11 -104.45 -133.69
N TRP C 553 -133.65 -104.95 -134.84
CA TRP C 553 -132.22 -105.14 -135.04
C TRP C 553 -131.48 -103.82 -135.02
N LYS C 554 -131.99 -102.80 -135.71
CA LYS C 554 -131.29 -101.52 -135.73
C LYS C 554 -131.30 -100.86 -134.35
N MET C 555 -132.42 -100.94 -133.62
CA MET C 555 -132.48 -100.33 -132.30
C MET C 555 -131.57 -101.06 -131.31
N VAL C 556 -131.50 -102.38 -131.39
CA VAL C 556 -130.63 -103.12 -130.48
C VAL C 556 -129.16 -102.88 -130.86
N ARG C 557 -128.86 -102.70 -132.13
CA ARG C 557 -127.49 -102.36 -132.53
C ARG C 557 -127.09 -101.00 -131.98
N GLU C 558 -127.99 -100.01 -132.08
CA GLU C 558 -127.69 -98.70 -131.51
C GLU C 558 -127.54 -98.79 -129.99
N SER C 559 -128.41 -99.55 -129.34
CA SER C 559 -128.35 -99.68 -127.89
C SER C 559 -127.05 -100.34 -127.45
N VAL C 560 -126.62 -101.39 -128.13
CA VAL C 560 -125.38 -102.06 -127.75
C VAL C 560 -124.17 -101.19 -128.07
N GLU C 561 -124.24 -100.40 -129.15
CA GLU C 561 -123.15 -99.46 -129.43
C GLU C 561 -123.01 -98.43 -128.33
N GLN C 562 -124.14 -97.89 -127.85
CA GLN C 562 -124.09 -96.95 -126.74
C GLN C 562 -123.61 -97.62 -125.45
N GLN C 563 -124.09 -98.84 -125.20
CA GLN C 563 -123.75 -99.52 -123.95
C GLN C 563 -122.30 -99.97 -123.89
N ALA C 564 -121.67 -100.21 -125.05
CA ALA C 564 -120.26 -100.59 -125.06
C ALA C 564 -119.39 -99.56 -124.34
N ASP C 565 -119.81 -98.29 -124.36
CA ASP C 565 -119.13 -97.25 -123.59
C ASP C 565 -119.84 -96.92 -122.29
N SER C 566 -121.17 -97.04 -122.26
CA SER C 566 -121.91 -96.73 -121.03
C SER C 566 -121.52 -97.66 -119.89
N PHE C 567 -121.41 -98.96 -120.17
CA PHE C 567 -121.04 -99.91 -119.13
C PHE C 567 -119.59 -99.74 -118.69
N LYS C 568 -118.69 -99.39 -119.63
CA LYS C 568 -117.32 -99.10 -119.25
C LYS C 568 -117.26 -97.88 -118.33
N ALA C 569 -118.02 -96.83 -118.66
CA ALA C 569 -118.06 -95.65 -117.80
C ALA C 569 -118.63 -95.99 -116.42
N THR C 570 -119.69 -96.82 -116.39
CA THR C 570 -120.28 -97.21 -115.12
C THR C 570 -119.28 -98.01 -114.27
N ARG C 571 -118.56 -98.93 -114.90
CA ARG C 571 -117.55 -99.71 -114.16
C ARG C 571 -116.44 -98.81 -113.63
N PHE C 572 -115.99 -97.86 -114.45
CA PHE C 572 -114.95 -96.93 -113.99
C PHE C 572 -115.44 -96.09 -112.82
N ASN C 573 -116.68 -95.61 -112.90
CA ASN C 573 -117.24 -94.82 -111.81
C ASN C 573 -117.37 -95.65 -110.53
N LEU C 574 -117.81 -96.90 -110.66
CA LEU C 574 -117.93 -97.77 -109.48
C LEU C 574 -116.56 -98.04 -108.87
N GLU C 575 -115.55 -98.30 -109.70
CA GLU C 575 -114.20 -98.52 -109.18
C GLU C 575 -113.67 -97.27 -108.48
N THR C 576 -113.90 -96.10 -109.07
CA THR C 576 -113.47 -94.86 -108.44
C THR C 576 -114.17 -94.63 -107.11
N GLU C 577 -115.47 -94.92 -107.05
CA GLU C 577 -116.21 -94.78 -105.80
C GLU C 577 -115.69 -95.72 -104.74
N TRP C 578 -115.41 -96.97 -105.12
CA TRP C 578 -114.89 -97.93 -104.15
C TRP C 578 -113.51 -97.51 -103.64
N LYS C 579 -112.66 -97.02 -104.54
CA LYS C 579 -111.33 -96.57 -104.13
C LYS C 579 -111.41 -95.35 -103.22
N ASN C 580 -112.31 -94.41 -103.54
CA ASN C 580 -112.41 -93.18 -102.76
C ASN C 580 -112.99 -93.46 -101.37
N ASN C 581 -114.03 -94.29 -101.29
CA ASN C 581 -114.62 -94.60 -100.00
C ASN C 581 -113.67 -95.39 -99.11
N TYR C 582 -112.82 -96.23 -99.71
CA TYR C 582 -111.86 -97.05 -98.98
C TYR C 582 -110.47 -96.86 -99.57
N PRO C 583 -109.82 -95.74 -99.26
CA PRO C 583 -108.47 -95.52 -99.79
C PRO C 583 -107.46 -96.56 -99.35
N ARG C 584 -107.61 -97.10 -98.15
CA ARG C 584 -106.67 -98.08 -97.60
C ARG C 584 -107.21 -99.50 -97.67
N LEU C 585 -108.37 -99.72 -98.26
CA LEU C 585 -108.97 -101.04 -98.39
C LEU C 585 -109.31 -101.32 -99.84
N ARG C 586 -108.90 -102.48 -100.33
CA ARG C 586 -109.18 -102.89 -101.70
C ARG C 586 -110.50 -103.66 -101.75
N GLU C 587 -110.78 -104.30 -102.88
CA GLU C 587 -112.03 -105.04 -103.03
C GLU C 587 -112.12 -106.15 -102.00
N LEU C 588 -113.29 -106.24 -101.34
CA LEU C 588 -113.55 -107.23 -100.30
C LEU C 588 -114.88 -107.91 -100.62
N ASP C 589 -114.81 -109.01 -101.38
CA ASP C 589 -116.00 -109.76 -101.74
C ASP C 589 -116.30 -110.81 -100.67
N ARG C 590 -117.31 -111.65 -100.93
CA ARG C 590 -117.72 -112.64 -99.94
C ARG C 590 -116.62 -113.66 -99.66
N ASN C 591 -115.94 -114.13 -100.71
CA ASN C 591 -114.93 -115.17 -100.53
C ASN C 591 -113.74 -114.67 -99.73
N GLU C 592 -113.19 -113.51 -100.11
CA GLU C 592 -112.03 -112.98 -99.41
C GLU C 592 -112.36 -112.62 -97.96
N LEU C 593 -113.53 -112.02 -97.73
CA LEU C 593 -113.92 -111.66 -96.37
C LEU C 593 -114.14 -112.91 -95.52
N PHE C 594 -114.77 -113.95 -96.10
CA PHE C 594 -114.96 -115.18 -95.35
C PHE C 594 -113.62 -115.84 -95.01
N GLU C 595 -112.69 -115.84 -95.97
CA GLU C 595 -111.36 -116.41 -95.69
C GLU C 595 -110.64 -115.61 -94.61
N LYS C 596 -110.75 -114.28 -94.66
CA LYS C 596 -110.11 -113.45 -93.64
C LYS C 596 -110.73 -113.70 -92.26
N ALA C 597 -112.06 -113.86 -92.21
CA ALA C 597 -112.72 -114.17 -90.94
C ALA C 597 -112.27 -115.52 -90.40
N LYS C 598 -112.16 -116.52 -91.28
CA LYS C 598 -111.68 -117.83 -90.87
C LYS C 598 -110.25 -117.75 -90.33
N ASN C 599 -109.40 -117.00 -91.02
CA ASN C 599 -108.01 -116.84 -90.56
C ASN C 599 -107.96 -116.13 -89.21
N GLU C 600 -108.79 -115.10 -89.03
CA GLU C 600 -108.82 -114.40 -87.75
C GLU C 600 -109.31 -115.31 -86.64
N ILE C 601 -110.32 -116.15 -86.92
CA ILE C 601 -110.79 -117.10 -85.92
C ILE C 601 -109.70 -118.09 -85.55
N LEU C 602 -108.97 -118.58 -86.57
CA LEU C 602 -107.86 -119.51 -86.30
C LEU C 602 -106.77 -118.84 -85.46
N ASP C 603 -106.44 -117.58 -85.77
CA ASP C 603 -105.43 -116.87 -84.99
C ASP C 603 -105.90 -116.66 -83.55
N GLU C 604 -107.18 -116.34 -83.36
CA GLU C 604 -107.71 -116.17 -82.02
C GLU C 604 -107.66 -117.48 -81.24
N VAL C 605 -107.99 -118.59 -81.89
CA VAL C 605 -107.92 -119.90 -81.24
C VAL C 605 -106.48 -120.22 -80.86
N ILE C 606 -105.53 -119.92 -81.76
CA ILE C 606 -104.13 -120.17 -81.49
C ILE C 606 -103.67 -119.35 -80.28
N SER C 607 -104.05 -118.08 -80.24
CA SER C 607 -103.68 -117.22 -79.11
C SER C 607 -104.30 -117.73 -77.82
N LEU C 608 -105.55 -118.18 -77.88
CA LEU C 608 -106.19 -118.75 -76.70
C LEU C 608 -105.46 -119.98 -76.21
N SER C 609 -105.04 -120.85 -77.12
CA SER C 609 -104.32 -122.06 -76.73
C SER C 609 -102.91 -121.74 -76.24
N GLN C 610 -102.35 -120.61 -76.65
CA GLN C 610 -100.98 -120.24 -76.30
C GLN C 610 -100.88 -119.50 -74.97
N VAL C 611 -102.00 -119.21 -74.31
CA VAL C 611 -101.96 -118.52 -73.03
C VAL C 611 -101.34 -119.44 -71.99
N THR C 612 -100.51 -118.87 -71.11
CA THR C 612 -99.85 -119.65 -70.07
C THR C 612 -100.87 -120.28 -69.14
N PRO C 613 -100.79 -121.58 -68.86
CA PRO C 613 -101.78 -122.22 -67.98
C PRO C 613 -101.79 -121.66 -66.57
N LYS C 614 -100.67 -121.10 -66.10
CA LYS C 614 -100.62 -120.57 -64.74
C LYS C 614 -101.60 -119.42 -64.56
N HIS C 615 -101.69 -118.52 -65.55
CA HIS C 615 -102.63 -117.42 -65.47
C HIS C 615 -104.07 -117.94 -65.45
N TRP C 616 -104.36 -118.96 -66.25
CA TRP C 616 -105.69 -119.56 -66.23
C TRP C 616 -106.01 -120.15 -64.87
N GLU C 617 -105.05 -120.86 -64.27
CA GLU C 617 -105.27 -121.44 -62.96
C GLU C 617 -105.52 -120.37 -61.91
N GLU C 618 -104.73 -119.30 -61.93
CA GLU C 618 -104.90 -118.21 -60.97
C GLU C 618 -106.27 -117.55 -61.14
N ILE C 619 -106.67 -117.27 -62.38
CA ILE C 619 -107.94 -116.61 -62.63
C ILE C 619 -109.09 -117.50 -62.18
N LEU C 620 -109.03 -118.79 -62.53
CA LEU C 620 -110.09 -119.72 -62.15
C LEU C 620 -110.19 -119.85 -60.63
N GLN C 621 -109.04 -119.96 -59.95
CA GLN C 621 -109.06 -120.07 -58.49
C GLN C 621 -109.65 -118.83 -57.85
N GLN C 622 -109.24 -117.64 -58.32
CA GLN C 622 -109.75 -116.40 -57.74
C GLN C 622 -111.25 -116.27 -57.97
N SER C 623 -111.71 -116.55 -59.19
CA SER C 623 -113.12 -116.43 -59.50
C SER C 623 -113.95 -117.43 -58.69
N LEU C 624 -113.48 -118.67 -58.61
CA LEU C 624 -114.21 -119.68 -57.84
C LEU C 624 -114.27 -119.32 -56.36
N TRP C 625 -113.16 -118.85 -55.80
CA TRP C 625 -113.14 -118.46 -54.40
C TRP C 625 -114.10 -117.30 -54.14
N GLU C 626 -114.08 -116.29 -55.01
CA GLU C 626 -114.99 -115.16 -54.86
C GLU C 626 -116.45 -115.61 -54.99
N ARG C 627 -116.70 -116.60 -55.83
CA ARG C 627 -118.07 -117.07 -56.03
C ARG C 627 -118.57 -117.88 -54.84
N VAL C 628 -117.71 -118.73 -54.27
CA VAL C 628 -118.17 -119.67 -53.25
C VAL C 628 -117.83 -119.22 -51.84
N SER C 629 -117.27 -118.02 -51.68
CA SER C 629 -116.99 -117.52 -50.33
C SER C 629 -118.26 -117.41 -49.50
N THR C 630 -119.31 -116.80 -50.07
CA THR C 630 -120.56 -116.65 -49.35
C THR C 630 -121.21 -118.00 -49.07
N HIS C 631 -121.16 -118.91 -50.04
CA HIS C 631 -121.74 -120.24 -49.85
C HIS C 631 -121.03 -120.98 -48.72
N VAL C 632 -119.69 -120.93 -48.71
CA VAL C 632 -118.93 -121.60 -47.66
C VAL C 632 -119.23 -120.98 -46.31
N ILE C 633 -119.30 -119.64 -46.24
CA ILE C 633 -119.59 -118.98 -44.97
C ILE C 633 -120.96 -119.41 -44.45
N GLU C 634 -121.99 -119.30 -45.28
CA GLU C 634 -123.35 -119.60 -44.86
C GLU C 634 -123.60 -121.09 -44.65
N ASN C 635 -122.74 -121.97 -45.17
CA ASN C 635 -122.89 -123.39 -44.95
C ASN C 635 -121.99 -123.94 -43.86
N ILE C 636 -121.03 -123.15 -43.38
CA ILE C 636 -120.12 -123.63 -42.33
C ILE C 636 -120.33 -122.84 -41.05
N TYR C 637 -120.15 -121.51 -41.10
CA TYR C 637 -120.19 -120.72 -39.88
C TYR C 637 -121.61 -120.55 -39.36
N LEU C 638 -122.61 -120.48 -40.24
CA LEU C 638 -123.99 -120.32 -39.79
C LEU C 638 -124.47 -121.47 -38.93
N PRO C 639 -124.27 -122.74 -39.29
CA PRO C 639 -124.67 -123.81 -38.34
C PRO C 639 -123.74 -123.90 -37.15
N ALA C 640 -122.43 -123.80 -37.35
CA ALA C 640 -121.45 -123.88 -36.28
C ALA C 640 -121.09 -122.49 -35.75
N ALA C 641 -122.11 -121.77 -35.28
CA ALA C 641 -121.93 -120.42 -34.79
C ALA C 641 -121.63 -120.35 -33.31
N GLN C 642 -121.69 -121.47 -32.58
CA GLN C 642 -121.45 -121.47 -31.14
C GLN C 642 -120.46 -122.54 -30.72
N THR C 643 -119.66 -123.06 -31.66
CA THR C 643 -118.66 -124.06 -31.32
C THR C 643 -117.53 -123.43 -30.50
N MET C 644 -117.09 -124.17 -29.48
CA MET C 644 -116.01 -123.72 -28.60
C MET C 644 -114.69 -124.44 -28.88
N ASN C 645 -114.73 -125.77 -29.01
CA ASN C 645 -113.53 -126.53 -29.28
C ASN C 645 -113.18 -126.45 -30.77
N SER C 646 -111.89 -126.26 -31.05
CA SER C 646 -111.44 -126.18 -32.43
C SER C 646 -111.58 -127.52 -33.15
N GLY C 647 -111.44 -128.63 -32.42
CA GLY C 647 -111.57 -129.94 -33.04
C GLY C 647 -112.96 -130.19 -33.59
N THR C 648 -113.99 -129.83 -32.83
CA THR C 648 -115.37 -129.99 -33.31
C THR C 648 -115.62 -129.14 -34.54
N PHE C 649 -115.11 -127.90 -34.54
CA PHE C 649 -115.26 -127.03 -35.70
C PHE C 649 -114.57 -127.61 -36.93
N ASN C 650 -113.36 -128.15 -36.75
CA ASN C 650 -112.65 -128.77 -37.86
C ASN C 650 -113.39 -129.99 -38.38
N THR C 651 -113.93 -130.80 -37.48
CA THR C 651 -114.70 -131.97 -37.89
C THR C 651 -115.94 -131.56 -38.69
N THR C 652 -116.64 -130.53 -38.22
CA THR C 652 -117.81 -130.04 -38.94
C THR C 652 -117.42 -129.51 -40.32
N VAL C 653 -116.30 -128.79 -40.39
CA VAL C 653 -115.83 -128.28 -41.67
C VAL C 653 -115.52 -129.42 -42.63
N ASP C 654 -114.85 -130.46 -42.13
CA ASP C 654 -114.53 -131.60 -42.98
C ASP C 654 -115.80 -132.31 -43.45
N ILE C 655 -116.78 -132.46 -42.57
CA ILE C 655 -118.04 -133.10 -42.94
C ILE C 655 -118.75 -132.30 -44.02
N LYS C 656 -118.81 -130.98 -43.84
CA LYS C 656 -119.48 -130.14 -44.83
C LYS C 656 -118.74 -130.17 -46.17
N LEU C 657 -117.41 -130.15 -46.14
CA LEU C 657 -116.65 -130.20 -47.38
C LEU C 657 -116.87 -131.53 -48.10
N LYS C 658 -116.87 -132.64 -47.36
CA LYS C 658 -117.11 -133.94 -47.98
C LYS C 658 -118.51 -134.01 -48.57
N GLN C 659 -119.51 -133.51 -47.85
CA GLN C 659 -120.88 -133.51 -48.37
C GLN C 659 -120.99 -132.66 -49.63
N TRP C 660 -120.35 -131.49 -49.64
CA TRP C 660 -120.39 -130.65 -50.83
C TRP C 660 -119.70 -131.31 -52.01
N THR C 661 -118.54 -131.94 -51.78
CA THR C 661 -117.85 -132.63 -52.86
C THR C 661 -118.70 -133.77 -53.41
N ASP C 662 -119.37 -134.51 -52.53
CA ASP C 662 -120.18 -135.63 -52.98
C ASP C 662 -121.43 -135.16 -53.73
N LYS C 663 -122.04 -134.06 -53.29
CA LYS C 663 -123.36 -133.70 -53.80
C LYS C 663 -123.29 -132.96 -55.14
N GLN C 664 -122.72 -131.74 -55.14
CA GLN C 664 -122.80 -130.89 -56.32
C GLN C 664 -121.55 -130.07 -56.61
N LEU C 665 -120.46 -130.24 -55.84
CA LEU C 665 -119.28 -129.42 -56.07
C LEU C 665 -118.67 -129.61 -57.46
N PRO C 666 -118.49 -130.83 -57.97
CA PRO C 666 -117.97 -130.96 -59.35
C PRO C 666 -118.86 -130.28 -60.38
N ASN C 667 -120.18 -130.35 -60.22
CA ASN C 667 -121.08 -129.69 -61.17
C ASN C 667 -120.91 -128.18 -61.13
N LYS C 668 -120.80 -127.61 -59.91
CA LYS C 668 -120.60 -126.18 -59.78
C LYS C 668 -119.26 -125.76 -60.38
N ALA C 669 -118.21 -126.56 -60.15
CA ALA C 669 -116.91 -126.24 -60.72
C ALA C 669 -116.95 -126.28 -62.25
N VAL C 670 -117.63 -127.28 -62.82
CA VAL C 670 -117.75 -127.37 -64.27
C VAL C 670 -118.51 -126.18 -64.81
N GLU C 671 -119.61 -125.80 -64.15
CA GLU C 671 -120.37 -124.63 -64.60
C GLU C 671 -119.55 -123.36 -64.53
N VAL C 672 -118.79 -123.18 -63.46
CA VAL C 672 -117.96 -121.99 -63.31
C VAL C 672 -116.89 -121.94 -64.40
N ALA C 673 -116.24 -123.09 -64.66
CA ALA C 673 -115.23 -123.14 -65.71
C ALA C 673 -115.81 -122.83 -67.07
N TRP C 674 -116.99 -123.39 -67.37
CA TRP C 674 -117.63 -123.13 -68.65
C TRP C 674 -118.02 -121.67 -68.79
N GLU C 675 -118.54 -121.06 -67.72
CA GLU C 675 -118.89 -119.65 -67.75
C GLU C 675 -117.66 -118.78 -67.96
N THR C 676 -116.55 -119.11 -67.29
CA THR C 676 -115.32 -118.34 -67.49
C THR C 676 -114.80 -118.48 -68.91
N LEU C 677 -114.86 -119.69 -69.47
CA LEU C 677 -114.45 -119.89 -70.85
C LEU C 677 -115.32 -119.09 -71.81
N GLN C 678 -116.63 -119.08 -71.57
CA GLN C 678 -117.54 -118.28 -72.40
C GLN C 678 -117.23 -116.80 -72.30
N GLU C 679 -116.95 -116.32 -71.09
CA GLU C 679 -116.61 -114.91 -70.91
C GLU C 679 -115.32 -114.54 -71.64
N GLU C 680 -114.30 -115.40 -71.54
CA GLU C 680 -113.05 -115.16 -72.24
C GLU C 680 -113.25 -115.16 -73.75
N PHE C 681 -114.03 -116.11 -74.26
CA PHE C 681 -114.30 -116.17 -75.69
C PHE C 681 -115.05 -114.93 -76.16
N SER C 682 -116.05 -114.48 -75.38
CA SER C 682 -116.79 -113.29 -75.75
C SER C 682 -115.91 -112.04 -75.74
N ARG C 683 -115.03 -111.92 -74.73
CA ARG C 683 -114.14 -110.78 -74.68
C ARG C 683 -113.17 -110.78 -75.85
N PHE C 684 -112.66 -111.96 -76.21
CA PHE C 684 -111.75 -112.05 -77.37
C PHE C 684 -112.49 -111.71 -78.66
N MET C 685 -113.73 -112.17 -78.81
CA MET C 685 -114.50 -111.87 -80.02
C MET C 685 -114.80 -110.39 -80.11
N THR C 686 -115.16 -109.76 -78.99
CA THR C 686 -115.49 -108.33 -78.95
C THR C 686 -114.36 -107.62 -78.19
N GLU C 687 -113.33 -107.22 -78.92
CA GLU C 687 -112.15 -106.57 -78.35
C GLU C 687 -111.93 -105.27 -79.11
N PRO C 688 -112.62 -104.18 -78.73
CA PRO C 688 -112.53 -102.92 -79.46
C PRO C 688 -111.26 -102.14 -79.16
N LYS C 689 -110.11 -102.82 -79.28
CA LYS C 689 -108.82 -102.14 -79.13
C LYS C 689 -108.61 -101.13 -80.26
N GLY C 690 -108.99 -101.48 -81.48
CA GLY C 690 -108.86 -100.56 -82.59
C GLY C 690 -109.82 -99.40 -82.49
N LYS C 691 -109.43 -98.27 -83.07
CA LYS C 691 -110.24 -97.07 -83.02
C LYS C 691 -111.49 -97.17 -83.90
N GLU C 692 -111.50 -98.07 -84.89
CA GLU C 692 -112.64 -98.21 -85.77
C GLU C 692 -113.60 -99.28 -85.25
N HIS C 693 -113.11 -100.51 -85.12
CA HIS C 693 -113.89 -101.65 -84.62
C HIS C 693 -115.23 -101.77 -85.37
N ASP C 694 -115.11 -102.02 -86.66
CA ASP C 694 -116.29 -102.18 -87.52
C ASP C 694 -117.19 -103.29 -87.01
N ASP C 695 -118.48 -103.01 -86.93
CA ASP C 695 -119.45 -103.95 -86.38
C ASP C 695 -119.87 -105.02 -87.38
N ILE C 696 -119.56 -104.86 -88.67
CA ILE C 696 -119.92 -105.87 -89.66
C ILE C 696 -119.25 -107.20 -89.34
N PHE C 697 -117.96 -107.16 -89.02
CA PHE C 697 -117.27 -108.38 -88.61
C PHE C 697 -117.68 -108.80 -87.20
N ASP C 698 -118.00 -107.83 -86.35
CA ASP C 698 -118.37 -108.15 -84.97
C ASP C 698 -119.65 -108.96 -84.90
N LYS C 699 -120.64 -108.63 -85.73
CA LYS C 699 -121.89 -109.40 -85.74
C LYS C 699 -121.65 -110.84 -86.17
N LEU C 700 -120.83 -111.05 -87.20
CA LEU C 700 -120.50 -112.40 -87.63
C LEU C 700 -119.74 -113.16 -86.54
N LYS C 701 -118.81 -112.48 -85.87
CA LYS C 701 -118.07 -113.12 -84.78
C LYS C 701 -119.00 -113.53 -83.65
N GLU C 702 -119.94 -112.66 -83.28
CA GLU C 702 -120.90 -112.99 -82.24
C GLU C 702 -121.79 -114.15 -82.65
N ALA C 703 -122.23 -114.18 -83.91
CA ALA C 703 -123.06 -115.28 -84.38
C ALA C 703 -122.29 -116.60 -84.34
N VAL C 704 -121.02 -116.57 -84.76
CA VAL C 704 -120.21 -117.78 -84.71
C VAL C 704 -119.98 -118.23 -83.27
N LYS C 705 -119.75 -117.27 -82.37
CA LYS C 705 -119.58 -117.61 -80.96
C LYS C 705 -120.84 -118.26 -80.39
N GLU C 706 -122.01 -117.70 -80.70
CA GLU C 706 -123.26 -118.28 -80.22
C GLU C 706 -123.47 -119.68 -80.78
N GLU C 707 -123.18 -119.87 -82.07
CA GLU C 707 -123.33 -121.20 -82.67
C GLU C 707 -122.39 -122.21 -82.03
N SER C 708 -121.14 -121.80 -81.77
CA SER C 708 -120.19 -122.70 -81.11
C SER C 708 -120.63 -123.02 -79.69
N ILE C 709 -121.16 -122.04 -78.96
CA ILE C 709 -121.62 -122.27 -77.59
C ILE C 709 -122.78 -123.25 -77.60
N LYS C 710 -123.73 -123.05 -78.51
CA LYS C 710 -124.88 -123.95 -78.58
C LYS C 710 -124.49 -125.35 -79.03
N ARG C 711 -123.48 -125.46 -79.90
CA ARG C 711 -123.05 -126.75 -80.41
C ARG C 711 -122.05 -127.45 -79.50
N HIS C 712 -121.53 -126.75 -78.48
CA HIS C 712 -120.53 -127.34 -77.61
C HIS C 712 -121.13 -128.49 -76.80
N LYS C 713 -120.33 -129.52 -76.56
CA LYS C 713 -120.74 -130.70 -75.82
C LYS C 713 -119.76 -130.96 -74.68
N TRP C 714 -120.23 -131.71 -73.68
CA TRP C 714 -119.43 -132.04 -72.51
C TRP C 714 -119.43 -133.56 -72.32
N ASN C 715 -118.35 -134.06 -71.71
CA ASN C 715 -118.17 -135.49 -71.50
C ASN C 715 -118.34 -135.79 -70.01
N ASP C 716 -119.17 -136.80 -69.69
CA ASP C 716 -119.39 -137.17 -68.30
C ASP C 716 -118.16 -137.84 -67.70
N PHE C 717 -117.31 -138.44 -68.53
CA PHE C 717 -116.06 -139.01 -68.02
C PHE C 717 -115.17 -137.94 -67.42
N ALA C 718 -115.13 -136.76 -68.05
CA ALA C 718 -114.37 -135.65 -67.49
C ALA C 718 -114.94 -135.23 -66.14
N GLU C 719 -116.27 -135.20 -66.02
CA GLU C 719 -116.90 -134.86 -64.74
C GLU C 719 -116.53 -135.88 -63.67
N ASP C 720 -116.56 -137.17 -64.01
CA ASP C 720 -116.21 -138.20 -63.04
C ASP C 720 -114.75 -138.09 -62.62
N SER C 721 -113.86 -137.83 -63.59
CA SER C 721 -112.45 -137.65 -63.25
C SER C 721 -112.25 -136.43 -62.35
N LEU C 722 -112.96 -135.34 -62.64
CA LEU C 722 -112.88 -134.15 -61.80
C LEU C 722 -113.36 -134.44 -60.38
N ARG C 723 -114.46 -135.18 -60.25
CA ARG C 723 -114.96 -135.54 -58.94
C ARG C 723 -113.95 -136.40 -58.17
N VAL C 724 -113.35 -137.37 -58.86
CA VAL C 724 -112.38 -138.25 -58.22
C VAL C 724 -111.16 -137.44 -57.76
N ILE C 725 -110.68 -136.54 -58.61
CA ILE C 725 -109.49 -135.76 -58.25
C ILE C 725 -109.82 -134.79 -57.13
N GLN C 726 -111.02 -134.20 -57.13
CA GLN C 726 -111.41 -133.32 -56.03
C GLN C 726 -111.47 -134.07 -54.72
N HIS C 727 -112.03 -135.30 -54.74
CA HIS C 727 -112.06 -136.10 -53.52
C HIS C 727 -110.65 -136.49 -53.07
N ASN C 728 -109.76 -136.81 -54.01
CA ASN C 728 -108.41 -137.23 -53.65
C ASN C 728 -107.52 -136.07 -53.23
N ALA C 729 -107.90 -134.84 -53.56
CA ALA C 729 -107.07 -133.68 -53.25
C ALA C 729 -107.14 -133.33 -51.78
N LEU C 730 -106.60 -134.19 -50.91
CA LEU C 730 -106.52 -133.95 -49.48
C LEU C 730 -105.12 -134.27 -48.98
N GLU C 731 -104.11 -133.76 -49.70
CA GLU C 731 -102.72 -134.11 -49.44
C GLU C 731 -102.13 -133.35 -48.26
N ASP C 732 -102.08 -132.03 -48.34
CA ASP C 732 -101.44 -131.22 -47.31
C ASP C 732 -102.48 -130.67 -46.34
N ARG C 733 -102.13 -130.71 -45.05
CA ARG C 733 -103.02 -130.25 -43.99
C ARG C 733 -102.37 -129.33 -42.97
N SER C 734 -101.07 -129.06 -43.08
CA SER C 734 -100.37 -128.22 -42.11
C SER C 734 -99.35 -127.36 -42.84
N ILE C 735 -98.99 -126.24 -42.21
CA ILE C 735 -98.00 -125.30 -42.74
C ILE C 735 -96.72 -125.44 -41.94
N SER C 736 -95.61 -125.71 -42.63
CA SER C 736 -94.30 -125.81 -42.02
C SER C 736 -93.35 -124.70 -42.49
N ASP C 737 -93.88 -123.69 -43.18
CA ASP C 737 -93.08 -122.61 -43.71
C ASP C 737 -93.56 -121.29 -43.13
N LYS C 738 -92.60 -120.47 -42.66
CA LYS C 738 -92.95 -119.16 -42.14
C LYS C 738 -93.52 -118.26 -43.24
N GLN C 739 -92.93 -118.31 -44.43
CA GLN C 739 -93.41 -117.49 -45.53
C GLN C 739 -94.82 -117.89 -45.96
N GLN C 740 -95.08 -119.20 -46.04
CA GLN C 740 -96.42 -119.66 -46.36
C GLN C 740 -97.42 -119.26 -45.29
N TRP C 741 -97.00 -119.33 -44.02
CA TRP C 741 -97.87 -118.90 -42.92
C TRP C 741 -98.20 -117.42 -43.04
N ASP C 742 -97.21 -116.60 -43.36
CA ASP C 742 -97.46 -115.16 -43.53
C ASP C 742 -98.37 -114.89 -44.73
N ALA C 743 -98.18 -115.62 -45.82
CA ALA C 743 -99.05 -115.46 -46.98
C ALA C 743 -100.49 -115.83 -46.65
N ALA C 744 -100.67 -116.94 -45.92
CA ALA C 744 -102.02 -117.33 -45.51
C ALA C 744 -102.63 -116.29 -44.58
N ILE C 745 -101.82 -115.73 -43.67
CA ILE C 745 -102.30 -114.69 -42.77
C ILE C 745 -102.76 -113.47 -43.57
N TYR C 746 -101.96 -113.07 -44.56
CA TYR C 746 -102.33 -111.91 -45.38
C TYR C 746 -103.60 -112.16 -46.18
N PHE C 747 -103.74 -113.35 -46.75
CA PHE C 747 -104.95 -113.68 -47.51
C PHE C 747 -106.18 -113.68 -46.60
N MET C 748 -106.05 -114.28 -45.41
CA MET C 748 -107.15 -114.29 -44.46
C MET C 748 -107.50 -112.89 -44.01
N GLU C 749 -106.49 -112.04 -43.79
CA GLU C 749 -106.74 -110.65 -43.41
C GLU C 749 -107.47 -109.90 -44.52
N GLU C 750 -107.08 -110.13 -45.78
CA GLU C 750 -107.77 -109.49 -46.89
C GLU C 750 -109.23 -109.93 -46.96
N ALA C 751 -109.47 -111.24 -46.81
CA ALA C 751 -110.84 -111.75 -46.85
C ALA C 751 -111.67 -111.19 -45.70
N LEU C 752 -111.10 -111.13 -44.50
CA LEU C 752 -111.84 -110.62 -43.35
C LEU C 752 -112.08 -109.11 -43.49
N GLN C 753 -111.15 -108.38 -44.06
CA GLN C 753 -111.37 -106.95 -44.31
C GLN C 753 -112.47 -106.74 -45.33
N ALA C 754 -112.52 -107.57 -46.37
CA ALA C 754 -113.61 -107.48 -47.34
C ALA C 754 -114.96 -107.77 -46.67
N ARG C 755 -114.99 -108.81 -45.83
CA ARG C 755 -116.22 -109.13 -45.11
C ARG C 755 -116.64 -108.00 -44.18
N LEU C 756 -115.67 -107.38 -43.50
CA LEU C 756 -115.96 -106.26 -42.62
C LEU C 756 -116.50 -105.07 -43.40
N LYS C 757 -115.93 -104.80 -44.56
CA LYS C 757 -116.44 -103.71 -45.40
C LYS C 757 -117.87 -104.00 -45.86
N ASP C 758 -118.14 -105.25 -46.26
CA ASP C 758 -119.51 -105.60 -46.64
C ASP C 758 -120.48 -105.44 -45.47
N THR C 759 -120.07 -105.86 -44.28
CA THR C 759 -120.93 -105.70 -43.11
C THR C 759 -121.15 -104.23 -42.78
N GLU C 760 -120.11 -103.41 -42.90
CA GLU C 760 -120.26 -101.97 -42.67
C GLU C 760 -121.21 -101.35 -43.67
N ASN C 761 -121.11 -101.75 -44.94
CA ASN C 761 -122.04 -101.24 -45.95
C ASN C 761 -123.47 -101.65 -45.64
N ALA C 762 -123.68 -102.90 -45.22
CA ALA C 762 -125.02 -103.36 -44.86
C ALA C 762 -125.56 -102.58 -43.67
N ILE C 763 -124.73 -102.34 -42.66
CA ILE C 763 -125.16 -101.60 -41.48
C ILE C 763 -125.50 -100.16 -41.86
N GLU C 764 -124.68 -99.54 -42.71
CA GLU C 764 -124.97 -98.17 -43.14
C GLU C 764 -126.26 -98.10 -43.94
N ASN C 765 -126.51 -99.09 -44.79
CA ASN C 765 -127.78 -99.13 -45.52
C ASN C 765 -128.95 -99.28 -44.57
N MET C 766 -128.80 -100.14 -43.55
CA MET C 766 -129.88 -100.35 -42.59
C MET C 766 -130.16 -99.10 -41.76
N VAL C 767 -129.12 -98.39 -41.35
CA VAL C 767 -129.26 -97.28 -40.41
C VAL C 767 -128.95 -95.94 -41.07
N GLY C 768 -127.71 -95.77 -41.53
CA GLY C 768 -127.28 -94.52 -42.12
C GLY C 768 -126.02 -93.99 -41.46
N PRO C 769 -125.90 -92.66 -41.40
CA PRO C 769 -124.70 -92.06 -40.78
C PRO C 769 -124.58 -92.46 -39.31
N ASP C 770 -123.35 -92.70 -38.88
CA ASP C 770 -123.05 -93.15 -37.53
C ASP C 770 -121.88 -92.36 -36.97
N TRP C 771 -121.95 -92.03 -35.67
CA TRP C 771 -120.87 -91.40 -34.93
C TRP C 771 -120.52 -90.07 -35.59
N LYS C 772 -119.30 -89.86 -36.08
CA LYS C 772 -118.86 -88.59 -36.63
C LYS C 772 -119.70 -88.20 -37.84
N LYS C 773 -120.03 -89.16 -38.69
CA LYS C 773 -120.85 -88.87 -39.87
C LYS C 773 -122.23 -88.37 -39.46
N ARG C 774 -122.82 -88.99 -38.43
CA ARG C 774 -124.15 -88.58 -38.01
C ARG C 774 -124.14 -87.22 -37.32
N TRP C 775 -123.15 -87.00 -36.45
CA TRP C 775 -123.09 -85.77 -35.65
C TRP C 775 -122.37 -84.63 -36.37
N LEU C 776 -121.89 -84.84 -37.59
CA LEU C 776 -121.24 -83.76 -38.33
C LEU C 776 -122.23 -82.63 -38.62
N TYR C 777 -123.45 -82.99 -39.03
CA TYR C 777 -124.46 -81.96 -39.29
C TYR C 777 -125.01 -81.39 -38.00
N TRP C 778 -125.24 -82.26 -37.00
CA TRP C 778 -125.74 -81.93 -35.67
C TRP C 778 -127.19 -81.44 -35.69
N LYS C 779 -127.81 -81.31 -36.85
CA LYS C 779 -129.20 -80.88 -36.96
C LYS C 779 -130.08 -81.83 -37.74
N ASN C 780 -129.53 -82.89 -38.31
CA ASN C 780 -130.29 -83.86 -39.08
C ASN C 780 -130.49 -85.11 -38.24
N ARG C 781 -131.74 -85.38 -37.85
CA ARG C 781 -132.08 -86.54 -37.05
C ARG C 781 -133.37 -87.16 -37.57
N THR C 782 -133.42 -88.49 -37.55
CA THR C 782 -134.59 -89.24 -37.99
C THR C 782 -134.96 -90.24 -36.90
N GLN C 783 -136.26 -90.40 -36.66
CA GLN C 783 -136.71 -91.32 -35.62
C GLN C 783 -136.35 -92.76 -35.95
N GLU C 784 -136.39 -93.13 -37.24
CA GLU C 784 -136.06 -94.50 -37.62
C GLU C 784 -134.60 -94.83 -37.33
N GLN C 785 -133.68 -93.95 -37.73
CA GLN C 785 -132.27 -94.17 -37.43
C GLN C 785 -131.95 -93.98 -35.96
N CYS C 786 -132.71 -93.13 -35.26
CA CYS C 786 -132.50 -92.98 -33.81
C CYS C 786 -132.81 -94.27 -33.08
N VAL C 787 -133.87 -94.96 -33.49
CA VAL C 787 -134.23 -96.24 -32.88
C VAL C 787 -133.12 -97.26 -33.10
N HIS C 788 -132.59 -97.32 -34.33
CA HIS C 788 -131.50 -98.24 -34.63
C HIS C 788 -130.26 -97.90 -33.82
N ASN C 789 -129.95 -96.61 -33.68
CA ASN C 789 -128.79 -96.20 -32.89
C ASN C 789 -128.96 -96.60 -31.42
N GLU C 790 -130.16 -96.39 -30.87
CA GLU C 790 -130.41 -96.78 -29.49
C GLU C 790 -130.29 -98.30 -29.30
N THR C 791 -130.81 -99.07 -30.25
CA THR C 791 -130.68 -100.53 -30.18
C THR C 791 -129.23 -100.95 -30.25
N LYS C 792 -128.45 -100.31 -31.14
CA LYS C 792 -127.03 -100.62 -31.25
C LYS C 792 -126.29 -100.29 -29.96
N ASN C 793 -126.60 -99.14 -29.35
CA ASN C 793 -125.97 -98.78 -28.09
C ASN C 793 -126.32 -99.77 -26.98
N GLU C 794 -127.60 -100.18 -26.92
CA GLU C 794 -128.02 -101.14 -25.91
C GLU C 794 -127.30 -102.47 -26.09
N LEU C 795 -127.20 -102.94 -27.34
CA LEU C 795 -126.51 -104.21 -27.59
C LEU C 795 -125.03 -104.10 -27.27
N GLU C 796 -124.40 -102.96 -27.58
CA GLU C 796 -123.00 -102.76 -27.25
C GLU C 796 -122.79 -102.77 -25.73
N LYS C 797 -123.69 -102.13 -24.99
CA LYS C 797 -123.59 -102.16 -23.53
C LYS C 797 -123.79 -103.57 -22.99
N MET C 798 -124.72 -104.33 -23.59
CA MET C 798 -124.93 -105.71 -23.17
C MET C 798 -123.68 -106.55 -23.42
N LEU C 799 -123.04 -106.37 -24.57
CA LEU C 799 -121.78 -107.08 -24.83
C LEU C 799 -120.68 -106.67 -23.88
N LYS C 800 -120.61 -105.37 -23.54
CA LYS C 800 -119.62 -104.91 -22.57
C LYS C 800 -119.85 -105.57 -21.22
N CYS C 801 -121.11 -105.66 -20.79
CA CYS C 801 -121.42 -106.33 -19.53
C CYS C 801 -121.29 -107.85 -19.65
N ASN C 802 -121.70 -108.41 -20.78
CA ASN C 802 -121.68 -109.86 -21.00
C ASN C 802 -121.06 -110.12 -22.37
N GLU C 803 -119.75 -110.42 -22.37
CA GLU C 803 -119.04 -110.63 -23.64
C GLU C 803 -119.56 -111.85 -24.37
N GLU C 804 -119.84 -112.93 -23.65
CA GLU C 804 -120.30 -114.18 -24.25
C GLU C 804 -121.80 -114.31 -24.10
N HIS C 805 -122.50 -114.52 -25.22
CA HIS C 805 -123.94 -114.66 -25.23
C HIS C 805 -124.33 -115.63 -26.33
N PRO C 806 -125.32 -116.49 -26.09
CA PRO C 806 -125.77 -117.40 -27.15
C PRO C 806 -126.40 -116.64 -28.31
N ALA C 807 -126.27 -117.23 -29.50
CA ALA C 807 -126.79 -116.57 -30.70
C ALA C 807 -128.30 -116.43 -30.63
N TYR C 808 -129.01 -117.45 -30.16
CA TYR C 808 -130.45 -117.40 -30.05
C TYR C 808 -130.87 -116.47 -28.91
N LEU C 809 -132.09 -115.96 -28.99
CA LEU C 809 -132.65 -115.07 -27.98
C LEU C 809 -133.83 -115.77 -27.32
N ALA C 810 -133.78 -115.90 -25.99
CA ALA C 810 -134.87 -116.50 -25.25
C ALA C 810 -135.99 -115.49 -25.05
N SER C 811 -137.15 -116.01 -24.64
CA SER C 811 -138.34 -115.16 -24.49
C SER C 811 -138.12 -114.11 -23.39
N ASP C 812 -137.53 -114.52 -22.27
CA ASP C 812 -137.31 -113.57 -21.18
C ASP C 812 -136.32 -112.48 -21.57
N GLU C 813 -135.28 -112.84 -22.33
CA GLU C 813 -134.32 -111.85 -22.80
C GLU C 813 -134.98 -110.83 -23.72
N ILE C 814 -135.83 -111.30 -24.65
CA ILE C 814 -136.54 -110.40 -25.55
C ILE C 814 -137.48 -109.50 -24.77
N THR C 815 -138.18 -110.06 -23.78
CA THR C 815 -139.08 -109.25 -22.96
C THR C 815 -138.32 -108.18 -22.20
N THR C 816 -137.17 -108.54 -21.62
CA THR C 816 -136.36 -107.57 -20.89
C THR C 816 -135.85 -106.47 -21.80
N VAL C 817 -135.39 -106.84 -23.00
CA VAL C 817 -134.90 -105.84 -23.95
C VAL C 817 -136.02 -104.90 -24.36
N ARG C 818 -137.21 -105.45 -24.64
CA ARG C 818 -138.33 -104.62 -25.02
C ARG C 818 -138.75 -103.68 -23.89
N LYS C 819 -138.74 -104.17 -22.65
CA LYS C 819 -139.08 -103.32 -21.52
C LYS C 819 -138.05 -102.20 -21.35
N ASN C 820 -136.77 -102.53 -21.51
CA ASN C 820 -135.73 -101.50 -21.41
C ASN C 820 -135.90 -100.45 -22.51
N LEU C 821 -136.24 -100.88 -23.73
CA LEU C 821 -136.46 -99.93 -24.81
C LEU C 821 -137.68 -99.06 -24.54
N GLU C 822 -138.76 -99.64 -24.03
CA GLU C 822 -139.99 -98.89 -23.78
C GLU C 822 -139.90 -98.05 -22.51
N SER C 823 -138.89 -98.27 -21.67
CA SER C 823 -138.73 -97.41 -20.48
C SER C 823 -138.51 -95.96 -20.88
N ARG C 824 -137.73 -95.72 -21.92
CA ARG C 824 -137.50 -94.37 -22.42
C ARG C 824 -138.49 -93.97 -23.51
N GLY C 825 -139.41 -94.85 -23.88
CA GLY C 825 -140.43 -94.53 -24.86
C GLY C 825 -140.09 -94.95 -26.27
N VAL C 826 -139.50 -96.14 -26.42
CA VAL C 826 -139.14 -96.68 -27.73
C VAL C 826 -139.78 -98.05 -27.86
N GLU C 827 -140.60 -98.24 -28.89
CA GLU C 827 -141.24 -99.51 -29.18
C GLU C 827 -140.67 -100.06 -30.48
N VAL C 828 -140.11 -101.27 -30.43
CA VAL C 828 -139.45 -101.90 -31.57
C VAL C 828 -140.05 -103.28 -31.76
N ASP C 829 -140.34 -103.62 -33.01
CA ASP C 829 -140.87 -104.94 -33.32
C ASP C 829 -139.82 -106.02 -33.04
N PRO C 830 -140.25 -107.22 -32.63
CA PRO C 830 -139.28 -108.28 -32.33
C PRO C 830 -138.40 -108.67 -33.52
N SER C 831 -138.93 -108.59 -34.75
CA SER C 831 -138.13 -108.95 -35.91
C SER C 831 -136.93 -108.02 -36.08
N LEU C 832 -137.15 -106.70 -35.92
CA LEU C 832 -136.05 -105.76 -36.01
C LEU C 832 -135.06 -105.96 -34.87
N ILE C 833 -135.55 -106.28 -33.68
CA ILE C 833 -134.65 -106.55 -32.55
C ILE C 833 -133.76 -107.76 -32.87
N LYS C 834 -134.36 -108.81 -33.41
CA LYS C 834 -133.59 -110.01 -33.76
C LYS C 834 -132.57 -109.71 -34.85
N ASP C 835 -132.97 -108.93 -35.86
CA ASP C 835 -132.04 -108.58 -36.93
C ASP C 835 -130.86 -107.76 -36.41
N THR C 836 -131.15 -106.77 -35.56
CA THR C 836 -130.08 -105.97 -34.98
C THR C 836 -129.17 -106.81 -34.10
N TRP C 837 -129.74 -107.73 -33.33
CA TRP C 837 -128.94 -108.62 -32.50
C TRP C 837 -128.03 -109.50 -33.37
N HIS C 838 -128.57 -110.02 -34.47
CA HIS C 838 -127.76 -110.84 -35.37
C HIS C 838 -126.62 -110.04 -35.97
N GLN C 839 -126.90 -108.80 -36.40
CA GLN C 839 -125.85 -107.96 -36.97
C GLN C 839 -124.77 -107.63 -35.94
N VAL C 840 -125.19 -107.32 -34.71
CA VAL C 840 -124.23 -106.99 -33.66
C VAL C 840 -123.40 -108.23 -33.29
N TYR C 841 -124.03 -109.40 -33.27
CA TYR C 841 -123.32 -110.65 -33.01
C TYR C 841 -122.28 -110.92 -34.09
N ARG C 842 -122.65 -110.71 -35.35
CA ARG C 842 -121.71 -110.88 -36.45
C ARG C 842 -120.54 -109.90 -36.34
N ARG C 843 -120.84 -108.64 -36.00
CA ARG C 843 -119.78 -107.65 -35.85
C ARG C 843 -118.84 -108.01 -34.71
N HIS C 844 -119.40 -108.48 -33.58
CA HIS C 844 -118.57 -108.87 -32.45
C HIS C 844 -117.67 -110.03 -32.80
N PHE C 845 -118.19 -111.03 -33.51
CA PHE C 845 -117.34 -112.14 -33.91
C PHE C 845 -116.33 -111.75 -34.98
N LEU C 846 -116.66 -110.77 -35.83
CA LEU C 846 -115.67 -110.26 -36.76
C LEU C 846 -114.52 -109.58 -36.02
N LYS C 847 -114.84 -108.79 -35.00
CA LYS C 847 -113.80 -108.17 -34.19
C LYS C 847 -112.98 -109.21 -33.46
N THR C 848 -113.63 -110.25 -32.94
CA THR C 848 -112.91 -111.33 -32.27
C THR C 848 -111.97 -112.05 -33.24
N ALA C 849 -112.44 -112.29 -34.47
CA ALA C 849 -111.58 -112.91 -35.48
C ALA C 849 -110.40 -112.02 -35.83
N LEU C 850 -110.63 -110.71 -35.91
CA LEU C 850 -109.52 -109.79 -36.17
C LEU C 850 -108.49 -109.83 -35.05
N ASN C 851 -108.96 -109.86 -33.79
CA ASN C 851 -108.04 -109.97 -32.67
C ASN C 851 -107.28 -111.30 -32.70
N HIS C 852 -107.97 -112.38 -33.08
CA HIS C 852 -107.31 -113.68 -33.20
C HIS C 852 -106.24 -113.66 -34.29
N CYS C 853 -106.52 -112.98 -35.40
CA CYS C 853 -105.53 -112.83 -36.46
C CYS C 853 -104.32 -112.03 -35.97
N ASN C 854 -104.58 -110.96 -35.22
CA ASN C 854 -103.48 -110.16 -34.66
C ASN C 854 -102.62 -111.01 -33.73
N LEU C 855 -103.26 -111.84 -32.90
CA LEU C 855 -102.50 -112.72 -32.02
C LEU C 855 -101.71 -113.75 -32.80
N CYS C 856 -102.34 -114.36 -33.82
CA CYS C 856 -101.66 -115.39 -34.61
C CYS C 856 -100.53 -114.81 -35.45
N ARG C 857 -100.54 -113.50 -35.71
CA ARG C 857 -99.43 -112.89 -36.44
C ARG C 857 -98.11 -113.01 -35.69
N ARG C 858 -98.17 -113.20 -34.37
CA ARG C 858 -96.93 -113.34 -33.55
C ARG C 858 -96.91 -114.73 -32.91
N GLY C 859 -98.05 -115.44 -32.94
CA GLY C 859 -98.15 -116.75 -32.33
C GLY C 859 -97.60 -117.91 -33.13
N PHE C 860 -96.81 -117.63 -34.18
CA PHE C 860 -96.20 -118.72 -34.95
C PHE C 860 -95.25 -119.57 -34.12
N TYR C 861 -94.63 -118.98 -33.08
CA TYR C 861 -93.77 -119.78 -32.20
C TYR C 861 -94.57 -120.84 -31.48
N TYR C 862 -95.74 -120.48 -30.95
CA TYR C 862 -96.62 -121.46 -30.33
C TYR C 862 -97.16 -122.45 -31.36
N TYR C 863 -97.53 -121.94 -32.53
CA TYR C 863 -98.15 -122.80 -33.54
C TYR C 863 -97.19 -123.87 -34.03
N GLN C 864 -95.93 -123.50 -34.29
CA GLN C 864 -94.98 -124.44 -34.89
C GLN C 864 -94.68 -125.60 -33.95
N ARG C 865 -94.51 -125.32 -32.65
CA ARG C 865 -94.13 -126.36 -31.70
C ARG C 865 -95.30 -127.02 -31.01
N HIS C 866 -96.47 -126.36 -30.98
CA HIS C 866 -97.68 -126.91 -30.35
C HIS C 866 -97.42 -127.27 -28.89
N PHE C 867 -97.14 -126.24 -28.09
CA PHE C 867 -96.88 -126.44 -26.68
C PHE C 867 -98.11 -126.96 -25.96
N VAL C 868 -97.88 -127.72 -24.88
CA VAL C 868 -98.98 -128.28 -24.10
C VAL C 868 -99.81 -127.15 -23.49
N ASP C 869 -99.15 -126.16 -22.90
CA ASP C 869 -99.83 -125.01 -22.32
C ASP C 869 -99.94 -123.86 -23.33
N SER C 870 -100.49 -124.16 -24.51
CA SER C 870 -100.60 -123.16 -25.56
C SER C 870 -101.66 -122.13 -25.19
N GLU C 871 -101.31 -120.86 -25.30
CA GLU C 871 -102.23 -119.76 -25.04
C GLU C 871 -102.96 -119.30 -26.29
N LEU C 872 -102.73 -119.95 -27.44
CA LEU C 872 -103.35 -119.53 -28.69
C LEU C 872 -103.43 -120.74 -29.61
N GLU C 873 -104.61 -120.98 -30.16
CA GLU C 873 -104.85 -122.09 -31.08
C GLU C 873 -105.23 -121.51 -32.45
N CYS C 874 -104.25 -121.41 -33.34
CA CYS C 874 -104.47 -120.86 -34.67
C CYS C 874 -104.90 -122.00 -35.60
N ASN C 875 -106.20 -122.08 -35.88
CA ASN C 875 -106.76 -123.07 -36.77
C ASN C 875 -107.42 -122.47 -38.01
N ASP C 876 -107.94 -121.24 -37.92
CA ASP C 876 -108.55 -120.61 -39.08
C ASP C 876 -107.53 -120.38 -40.19
N VAL C 877 -106.31 -120.01 -39.82
CA VAL C 877 -105.26 -119.79 -40.83
C VAL C 877 -104.98 -121.09 -41.58
N VAL C 878 -104.84 -122.19 -40.84
CA VAL C 878 -104.56 -123.48 -41.47
C VAL C 878 -105.73 -123.90 -42.35
N LEU C 879 -106.96 -123.71 -41.88
CA LEU C 879 -108.13 -124.07 -42.68
C LEU C 879 -108.19 -123.26 -43.97
N PHE C 880 -107.93 -121.95 -43.88
CA PHE C 880 -107.97 -121.11 -45.08
C PHE C 880 -106.85 -121.49 -46.05
N TRP C 881 -105.67 -121.83 -45.53
CA TRP C 881 -104.58 -122.27 -46.41
C TRP C 881 -104.94 -123.59 -47.09
N ARG C 882 -105.57 -124.51 -46.37
CA ARG C 882 -106.01 -125.76 -46.97
C ARG C 882 -107.05 -125.50 -48.07
N ILE C 883 -107.99 -124.60 -47.80
CA ILE C 883 -108.99 -124.27 -48.81
C ILE C 883 -108.32 -123.66 -50.03
N GLN C 884 -107.35 -122.77 -49.81
CA GLN C 884 -106.67 -122.11 -50.93
C GLN C 884 -105.91 -123.13 -51.79
N ARG C 885 -105.18 -124.05 -51.15
CA ARG C 885 -104.42 -125.02 -51.93
C ARG C 885 -105.34 -126.00 -52.64
N MET C 886 -106.44 -126.40 -52.00
CA MET C 886 -107.40 -127.26 -52.67
C MET C 886 -108.03 -126.58 -53.87
N LEU C 887 -108.36 -125.28 -53.73
CA LEU C 887 -108.91 -124.52 -54.85
C LEU C 887 -107.88 -124.41 -55.97
N ALA C 888 -106.61 -124.19 -55.64
CA ALA C 888 -105.57 -124.12 -56.66
C ALA C 888 -105.44 -125.44 -57.40
N ILE C 889 -105.47 -126.55 -56.67
CA ILE C 889 -105.38 -127.87 -57.30
C ILE C 889 -106.58 -128.10 -58.22
N THR C 890 -107.77 -127.75 -57.74
CA THR C 890 -108.98 -127.92 -58.55
C THR C 890 -108.93 -127.07 -59.81
N ALA C 891 -108.45 -125.83 -59.69
CA ALA C 891 -108.34 -124.96 -60.85
C ALA C 891 -107.32 -125.50 -61.86
N ASN C 892 -106.19 -126.01 -61.36
CA ASN C 892 -105.20 -126.59 -62.27
C ASN C 892 -105.76 -127.80 -62.99
N THR C 893 -106.48 -128.67 -62.26
CA THR C 893 -107.08 -129.84 -62.89
C THR C 893 -108.12 -129.43 -63.93
N LEU C 894 -108.94 -128.42 -63.61
CA LEU C 894 -109.94 -127.94 -64.55
C LEU C 894 -109.29 -127.38 -65.81
N ARG C 895 -108.23 -126.58 -65.62
CA ARG C 895 -107.50 -126.01 -66.78
C ARG C 895 -106.96 -127.14 -67.65
N GLN C 896 -106.28 -128.12 -67.02
CA GLN C 896 -105.71 -129.26 -67.78
C GLN C 896 -106.81 -129.95 -68.57
N GLN C 897 -107.89 -130.37 -67.90
CA GLN C 897 -108.95 -131.10 -68.59
C GLN C 897 -109.56 -130.26 -69.71
N LEU C 898 -109.72 -128.96 -69.48
CA LEU C 898 -110.23 -128.08 -70.52
C LEU C 898 -109.32 -128.09 -71.73
N THR C 899 -108.02 -127.85 -71.52
CA THR C 899 -107.06 -127.87 -72.62
C THR C 899 -107.04 -129.22 -73.32
N ASN C 900 -107.25 -130.31 -72.58
CA ASN C 900 -107.21 -131.63 -73.18
C ASN C 900 -108.43 -131.89 -74.06
N THR C 901 -109.63 -131.54 -73.59
CA THR C 901 -110.85 -131.97 -74.27
C THR C 901 -111.67 -130.82 -74.83
N GLU C 902 -111.94 -129.78 -74.04
CA GLU C 902 -112.90 -128.77 -74.45
C GLU C 902 -112.35 -127.88 -75.54
N VAL C 903 -111.02 -127.64 -75.55
CA VAL C 903 -110.43 -126.86 -76.63
C VAL C 903 -110.61 -127.58 -77.97
N ARG C 904 -110.35 -128.89 -77.98
CA ARG C 904 -110.57 -129.68 -79.19
C ARG C 904 -112.04 -129.71 -79.59
N ARG C 905 -112.93 -129.83 -78.60
CA ARG C 905 -114.36 -129.83 -78.92
C ARG C 905 -114.80 -128.50 -79.53
N LEU C 906 -114.32 -127.39 -78.97
CA LEU C 906 -114.67 -126.07 -79.50
C LEU C 906 -114.07 -125.89 -80.90
N GLU C 907 -112.85 -126.38 -81.13
CA GLU C 907 -112.27 -126.31 -82.46
C GLU C 907 -113.09 -127.11 -83.46
N LYS C 908 -113.55 -128.30 -83.07
CA LYS C 908 -114.38 -129.11 -83.96
C LYS C 908 -115.71 -128.41 -84.25
N ASN C 909 -116.34 -127.81 -83.24
CA ASN C 909 -117.58 -127.09 -83.47
C ASN C 909 -117.38 -125.90 -84.39
N VAL C 910 -116.28 -125.16 -84.21
CA VAL C 910 -115.99 -124.02 -85.08
C VAL C 910 -115.76 -124.48 -86.50
N LYS C 911 -115.03 -125.58 -86.68
CA LYS C 911 -114.80 -126.12 -88.02
C LYS C 911 -116.10 -126.54 -88.68
N GLU C 912 -116.99 -127.19 -87.92
CA GLU C 912 -118.28 -127.62 -88.47
C GLU C 912 -119.12 -126.40 -88.87
N VAL C 913 -119.13 -125.37 -88.03
CA VAL C 913 -119.90 -124.17 -88.34
C VAL C 913 -119.35 -123.49 -89.59
N LEU C 914 -118.01 -123.39 -89.69
CA LEU C 914 -117.41 -122.76 -90.86
C LEU C 914 -117.69 -123.56 -92.13
N GLU C 915 -117.64 -124.89 -92.04
CA GLU C 915 -117.96 -125.71 -93.21
C GLU C 915 -119.41 -125.55 -93.62
N ASP C 916 -120.32 -125.51 -92.65
CA ASP C 916 -121.73 -125.30 -92.95
C ASP C 916 -121.97 -123.95 -93.61
N PHE C 917 -121.30 -122.91 -93.11
CA PHE C 917 -121.43 -121.59 -93.72
C PHE C 917 -120.86 -121.56 -95.13
N ALA C 918 -119.72 -122.20 -95.34
CA ALA C 918 -119.10 -122.22 -96.67
C ALA C 918 -119.96 -122.98 -97.67
N GLU C 919 -120.56 -124.09 -97.25
CA GLU C 919 -121.38 -124.90 -98.13
C GLU C 919 -122.77 -124.31 -98.34
N ASP C 920 -123.04 -123.10 -97.85
CA ASP C 920 -124.34 -122.46 -98.00
C ASP C 920 -124.09 -120.97 -98.27
N GLY C 921 -124.08 -120.60 -99.56
CA GLY C 921 -123.91 -119.21 -99.93
C GLY C 921 -125.12 -118.35 -99.63
N GLU C 922 -126.31 -118.95 -99.54
CA GLU C 922 -127.51 -118.20 -99.19
C GLU C 922 -127.40 -117.63 -97.79
N LYS C 923 -126.83 -118.40 -96.86
CA LYS C 923 -126.60 -117.88 -95.51
C LYS C 923 -125.62 -116.71 -95.53
N LYS C 924 -124.58 -116.80 -96.35
CA LYS C 924 -123.64 -115.68 -96.46
C LYS C 924 -124.32 -114.45 -97.02
N ILE C 925 -125.18 -114.61 -98.02
CA ILE C 925 -125.91 -113.48 -98.59
C ILE C 925 -126.83 -112.86 -97.54
N LYS C 926 -127.54 -113.71 -96.78
CA LYS C 926 -128.46 -113.21 -95.76
C LYS C 926 -127.73 -112.47 -94.65
N LEU C 927 -126.57 -112.97 -94.24
CA LEU C 927 -125.83 -112.37 -93.14
C LEU C 927 -124.94 -111.23 -93.58
N LEU C 928 -124.08 -111.47 -94.57
CA LEU C 928 -123.15 -110.44 -95.05
C LEU C 928 -123.91 -109.45 -95.94
N THR C 929 -124.62 -108.54 -95.27
CA THR C 929 -125.38 -107.49 -95.95
C THR C 929 -124.74 -106.12 -95.77
N GLY C 930 -123.45 -106.09 -95.47
CA GLY C 930 -122.76 -104.83 -95.30
C GLY C 930 -122.61 -104.06 -96.59
N LYS C 931 -122.31 -102.77 -96.45
CA LYS C 931 -122.15 -101.91 -97.62
C LYS C 931 -120.98 -102.37 -98.49
N ARG C 932 -119.86 -102.73 -97.85
CA ARG C 932 -118.69 -103.19 -98.60
C ARG C 932 -119.00 -104.46 -99.38
N VAL C 933 -119.69 -105.42 -98.75
CA VAL C 933 -120.00 -106.68 -99.41
C VAL C 933 -120.90 -106.44 -100.62
N GLN C 934 -121.94 -105.61 -100.44
CA GLN C 934 -122.86 -105.32 -101.53
C GLN C 934 -122.16 -104.59 -102.67
N LEU C 935 -121.30 -103.62 -102.33
CA LEU C 935 -120.57 -102.89 -103.37
C LEU C 935 -119.64 -103.80 -104.14
N ALA C 936 -118.93 -104.70 -103.43
CA ALA C 936 -118.04 -105.62 -104.11
C ALA C 936 -118.81 -106.58 -105.01
N GLU C 937 -119.96 -107.08 -104.53
CA GLU C 937 -120.78 -107.96 -105.35
C GLU C 937 -121.28 -107.25 -106.60
N ASP C 938 -121.73 -106.00 -106.44
CA ASP C 938 -122.21 -105.23 -107.60
C ASP C 938 -121.08 -104.99 -108.59
N LEU C 939 -119.89 -104.65 -108.10
CA LEU C 939 -118.74 -104.42 -108.99
C LEU C 939 -118.38 -105.70 -109.74
N LYS C 940 -118.37 -106.83 -109.04
CA LYS C 940 -118.04 -108.09 -109.69
C LYS C 940 -119.09 -108.45 -110.75
N LYS C 941 -120.36 -108.25 -110.43
CA LYS C 941 -121.42 -108.54 -111.41
C LYS C 941 -121.31 -107.63 -112.62
N VAL C 942 -121.02 -106.34 -112.41
CA VAL C 942 -120.87 -105.42 -113.52
C VAL C 942 -119.68 -105.82 -114.38
N ARG C 943 -118.56 -106.20 -113.76
CA ARG C 943 -117.40 -106.64 -114.52
C ARG C 943 -117.71 -107.89 -115.33
N GLU C 944 -118.41 -108.85 -114.73
CA GLU C 944 -118.78 -110.06 -115.47
C GLU C 944 -119.70 -109.74 -116.64
N ILE C 945 -120.67 -108.85 -116.43
CA ILE C 945 -121.59 -108.47 -117.50
C ILE C 945 -120.83 -107.80 -118.64
N GLN C 946 -119.91 -106.91 -118.29
CA GLN C 946 -119.12 -106.22 -119.31
C GLN C 946 -118.23 -107.21 -120.07
N GLU C 947 -117.64 -108.18 -119.38
CA GLU C 947 -116.83 -109.18 -120.06
C GLU C 947 -117.68 -110.03 -121.01
N LYS C 948 -118.88 -110.41 -120.56
CA LYS C 948 -119.78 -111.16 -121.44
C LYS C 948 -120.18 -110.35 -122.67
N LEU C 949 -120.45 -109.05 -122.47
CA LEU C 949 -120.81 -108.20 -123.60
C LEU C 949 -119.64 -108.03 -124.56
N ASP C 950 -118.42 -107.91 -124.03
CA ASP C 950 -117.24 -107.83 -124.88
C ASP C 950 -117.06 -109.12 -125.68
N ALA C 951 -117.28 -110.27 -125.05
CA ALA C 951 -117.21 -111.53 -125.77
C ALA C 951 -118.26 -111.61 -126.86
N PHE C 952 -119.48 -111.13 -126.56
CA PHE C 952 -120.53 -111.09 -127.57
C PHE C 952 -120.15 -110.21 -128.74
N ILE C 953 -119.57 -109.03 -128.45
CA ILE C 953 -119.16 -108.12 -129.52
C ILE C 953 -118.06 -108.75 -130.37
N GLU C 954 -117.09 -109.40 -129.74
CA GLU C 954 -116.03 -110.06 -130.48
C GLU C 954 -116.57 -111.18 -131.35
N ALA C 955 -117.50 -111.99 -130.82
CA ALA C 955 -118.08 -113.07 -131.60
C ALA C 955 -118.88 -112.52 -132.78
N LEU C 956 -119.64 -111.44 -132.56
CA LEU C 956 -120.40 -110.84 -133.66
C LEU C 956 -119.47 -110.29 -134.73
N HIS C 957 -118.38 -109.65 -134.33
CA HIS C 957 -117.42 -109.13 -135.30
C HIS C 957 -116.75 -110.25 -136.08
N GLN C 958 -116.38 -111.34 -135.40
CA GLN C 958 -115.75 -112.45 -136.09
C GLN C 958 -116.70 -113.15 -137.05
N GLU C 959 -117.97 -113.34 -136.65
CA GLU C 959 -118.93 -114.01 -137.52
C GLU C 959 -119.22 -113.18 -138.76
N LYS C 960 -119.32 -111.85 -138.59
CA LYS C 960 -119.57 -110.95 -139.74
C LYS C 960 -118.22 -110.48 -140.30
N SER D 263 -130.43 -167.91 -48.05
CA SER D 263 -129.59 -167.24 -49.04
C SER D 263 -129.55 -165.74 -48.81
N LEU D 264 -130.05 -164.98 -49.79
CA LEU D 264 -130.07 -163.52 -49.67
C LEU D 264 -131.01 -163.09 -48.54
N ILE D 265 -132.16 -163.74 -48.41
CA ILE D 265 -133.13 -163.35 -47.39
C ILE D 265 -132.58 -163.62 -46.00
N ASP D 266 -131.89 -164.76 -45.82
CA ASP D 266 -131.31 -165.07 -44.51
C ASP D 266 -130.24 -164.06 -44.12
N MET D 267 -129.37 -163.69 -45.08
CA MET D 267 -128.34 -162.71 -44.80
C MET D 267 -128.93 -161.34 -44.52
N TYR D 268 -129.99 -160.97 -45.24
CA TYR D 268 -130.67 -159.70 -44.97
C TYR D 268 -131.29 -159.70 -43.58
N SER D 269 -131.89 -160.82 -43.17
CA SER D 269 -132.44 -160.92 -41.83
C SER D 269 -131.35 -160.82 -40.77
N GLU D 270 -130.20 -161.46 -41.01
CA GLU D 270 -129.09 -161.34 -40.08
C GLU D 270 -128.59 -159.90 -39.98
N VAL D 271 -128.52 -159.21 -41.11
CA VAL D 271 -128.10 -157.81 -41.11
C VAL D 271 -129.08 -156.95 -40.33
N LEU D 272 -130.38 -157.20 -40.52
CA LEU D 272 -131.39 -156.46 -39.77
C LEU D 272 -131.29 -156.74 -38.28
N ASP D 273 -131.03 -158.00 -37.91
CA ASP D 273 -130.85 -158.34 -36.50
C ASP D 273 -129.64 -157.64 -35.91
N VAL D 274 -128.54 -157.58 -36.67
CA VAL D 274 -127.35 -156.88 -36.20
C VAL D 274 -127.64 -155.40 -36.01
N LEU D 275 -128.37 -154.80 -36.96
CA LEU D 275 -128.72 -153.38 -36.84
C LEU D 275 -129.61 -153.14 -35.63
N SER D 276 -130.56 -154.04 -35.37
CA SER D 276 -131.42 -153.90 -34.20
C SER D 276 -130.61 -154.03 -32.90
N ASP D 277 -129.68 -154.97 -32.86
CA ASP D 277 -128.85 -155.16 -31.68
C ASP D 277 -127.77 -154.10 -31.54
N TYR D 278 -127.56 -153.27 -32.57
CA TYR D 278 -126.55 -152.22 -32.48
C TYR D 278 -126.88 -151.23 -31.36
N ASP D 279 -128.13 -150.82 -31.25
CA ASP D 279 -128.54 -149.89 -30.21
C ASP D 279 -130.04 -150.04 -29.97
N ALA D 280 -130.46 -149.67 -28.76
CA ALA D 280 -131.88 -149.72 -28.42
C ALA D 280 -132.66 -148.58 -29.07
N SER D 281 -131.99 -147.51 -29.49
CA SER D 281 -132.64 -146.39 -30.14
C SER D 281 -132.82 -146.71 -31.64
N TYR D 282 -133.20 -145.70 -32.41
CA TYR D 282 -133.43 -145.84 -33.85
C TYR D 282 -132.60 -144.78 -34.57
N ASN D 283 -131.35 -145.12 -34.87
CA ASN D 283 -130.45 -144.24 -35.62
C ASN D 283 -130.08 -144.81 -36.98
N THR D 284 -129.55 -146.03 -37.03
CA THR D 284 -129.24 -146.69 -38.28
C THR D 284 -130.26 -147.75 -38.68
N GLN D 285 -131.23 -148.04 -37.80
CA GLN D 285 -132.25 -149.03 -38.09
C GLN D 285 -133.28 -148.54 -39.09
N ASP D 286 -133.36 -147.23 -39.31
CA ASP D 286 -134.32 -146.64 -40.23
C ASP D 286 -133.77 -146.50 -41.64
N HIS D 287 -132.56 -147.00 -41.90
CA HIS D 287 -131.99 -146.91 -43.24
C HIS D 287 -132.55 -147.99 -44.15
N LEU D 288 -132.39 -149.26 -43.77
CA LEU D 288 -132.92 -150.35 -44.56
C LEU D 288 -134.44 -150.42 -44.43
N PRO D 289 -135.16 -150.71 -45.51
CA PRO D 289 -136.62 -150.84 -45.41
C PRO D 289 -137.01 -152.00 -44.50
N ARG D 290 -138.11 -151.81 -43.77
CA ARG D 290 -138.63 -152.83 -42.86
C ARG D 290 -140.15 -152.82 -42.96
N VAL D 291 -140.72 -153.95 -43.40
CA VAL D 291 -142.16 -154.07 -43.50
C VAL D 291 -142.71 -154.30 -42.09
N VAL D 292 -143.45 -153.31 -41.58
CA VAL D 292 -143.98 -153.34 -40.23
C VAL D 292 -145.50 -153.47 -40.31
N VAL D 293 -146.05 -154.43 -39.58
CA VAL D 293 -147.49 -154.66 -39.53
C VAL D 293 -148.01 -154.09 -38.22
N VAL D 294 -148.86 -153.08 -38.32
CA VAL D 294 -149.44 -152.39 -37.17
C VAL D 294 -150.96 -152.49 -37.25
N GLY D 295 -151.59 -152.90 -36.16
CA GLY D 295 -153.02 -153.01 -36.11
C GLY D 295 -153.63 -152.37 -34.87
N ASP D 296 -154.90 -152.65 -34.62
CA ASP D 296 -155.61 -152.12 -33.46
C ASP D 296 -155.79 -153.22 -32.41
N GLN D 297 -156.06 -152.79 -31.19
CA GLN D 297 -156.26 -153.73 -30.09
C GLN D 297 -157.58 -154.47 -30.26
N SER D 298 -157.54 -155.79 -30.12
CA SER D 298 -158.72 -156.64 -30.25
C SER D 298 -159.40 -156.45 -31.60
N ALA D 299 -158.59 -156.26 -32.65
CA ALA D 299 -159.08 -156.06 -34.00
C ALA D 299 -158.95 -157.31 -34.87
N GLY D 300 -158.62 -158.45 -34.28
CA GLY D 300 -158.47 -159.67 -35.05
C GLY D 300 -157.21 -159.76 -35.87
N LYS D 301 -156.22 -158.89 -35.61
CA LYS D 301 -154.99 -158.94 -36.38
C LYS D 301 -154.19 -160.21 -36.12
N THR D 302 -154.39 -160.83 -34.96
CA THR D 302 -153.69 -162.08 -34.66
C THR D 302 -154.06 -163.19 -35.63
N SER D 303 -155.36 -163.30 -35.95
CA SER D 303 -155.79 -164.32 -36.91
C SER D 303 -155.21 -164.07 -38.29
N VAL D 304 -155.19 -162.81 -38.72
CA VAL D 304 -154.62 -162.48 -40.03
C VAL D 304 -153.13 -162.79 -40.06
N LEU D 305 -152.41 -162.45 -38.99
CA LEU D 305 -150.98 -162.76 -38.93
C LEU D 305 -150.74 -164.26 -38.95
N GLU D 306 -151.56 -165.03 -38.24
CA GLU D 306 -151.43 -166.48 -38.25
C GLU D 306 -151.69 -167.04 -39.63
N MET D 307 -152.71 -166.51 -40.32
CA MET D 307 -153.01 -166.98 -41.68
C MET D 307 -151.92 -166.61 -42.66
N ILE D 308 -151.22 -165.49 -42.43
CA ILE D 308 -150.11 -165.11 -43.29
C ILE D 308 -149.01 -166.16 -43.23
N ALA D 309 -148.67 -166.61 -42.02
CA ALA D 309 -147.68 -167.66 -41.85
C ALA D 309 -148.26 -169.06 -41.96
N GLN D 310 -149.58 -169.18 -42.15
CA GLN D 310 -150.27 -170.46 -42.29
C GLN D 310 -150.07 -171.35 -41.06
N ALA D 311 -149.93 -170.73 -39.89
CA ALA D 311 -149.75 -171.47 -38.65
C ALA D 311 -150.11 -170.56 -37.48
N ARG D 312 -150.65 -171.17 -36.42
CA ARG D 312 -151.02 -170.45 -35.21
C ARG D 312 -149.79 -170.36 -34.31
N ILE D 313 -149.08 -169.24 -34.40
CA ILE D 313 -147.87 -169.04 -33.60
C ILE D 313 -148.01 -167.91 -32.59
N PHE D 314 -148.95 -166.99 -32.76
CA PHE D 314 -149.14 -165.89 -31.82
C PHE D 314 -150.17 -166.29 -30.77
N PRO D 315 -149.84 -166.26 -29.48
CA PRO D 315 -150.82 -166.61 -28.46
C PRO D 315 -151.98 -165.65 -28.45
N ARG D 316 -153.17 -166.17 -28.16
CA ARG D 316 -154.38 -165.37 -28.13
C ARG D 316 -154.52 -164.66 -26.79
N GLY D 317 -155.14 -163.48 -26.83
CA GLY D 317 -155.35 -162.70 -25.62
C GLY D 317 -156.78 -162.22 -25.48
N SER D 318 -157.39 -162.50 -24.32
CA SER D 318 -158.77 -162.10 -24.06
C SER D 318 -158.77 -160.69 -23.48
N GLY D 319 -158.57 -159.72 -24.37
CA GLY D 319 -158.54 -158.31 -24.01
C GLY D 319 -157.18 -157.79 -23.60
N GLU D 320 -156.41 -158.58 -22.85
CA GLU D 320 -155.09 -158.17 -22.43
C GLU D 320 -154.13 -158.09 -23.61
N MET D 321 -153.22 -157.11 -23.56
CA MET D 321 -152.24 -156.91 -24.61
C MET D 321 -151.08 -157.86 -24.39
N MET D 322 -151.18 -159.06 -24.99
CA MET D 322 -150.12 -160.05 -24.84
C MET D 322 -148.82 -159.59 -25.48
N THR D 323 -148.91 -158.96 -26.66
CA THR D 323 -147.72 -158.49 -27.37
C THR D 323 -147.29 -157.15 -26.79
N ARG D 324 -146.20 -157.16 -26.02
CA ARG D 324 -145.67 -155.95 -25.40
C ARG D 324 -144.29 -155.58 -25.92
N SER D 325 -143.70 -156.39 -26.80
CA SER D 325 -142.39 -156.13 -27.38
C SER D 325 -142.45 -156.34 -28.88
N PRO D 326 -141.62 -155.62 -29.64
CA PRO D 326 -141.59 -155.83 -31.10
C PRO D 326 -141.19 -157.26 -31.45
N VAL D 327 -141.85 -157.81 -32.46
CA VAL D 327 -141.61 -159.17 -32.93
C VAL D 327 -141.25 -159.12 -34.40
N LYS D 328 -140.13 -159.75 -34.75
CA LYS D 328 -139.66 -159.80 -36.12
C LYS D 328 -139.99 -161.17 -36.72
N VAL D 329 -140.72 -161.18 -37.83
CA VAL D 329 -141.08 -162.40 -38.52
C VAL D 329 -140.43 -162.35 -39.90
N THR D 330 -139.49 -163.27 -40.13
CA THR D 330 -138.77 -163.37 -41.40
C THR D 330 -139.36 -164.51 -42.21
N LEU D 331 -140.00 -164.18 -43.34
CA LEU D 331 -140.59 -165.18 -44.20
C LEU D 331 -139.54 -165.69 -45.18
N SER D 332 -139.35 -167.01 -45.22
CA SER D 332 -138.37 -167.62 -46.10
C SER D 332 -138.79 -169.08 -46.33
N GLU D 333 -137.98 -169.79 -47.11
CA GLU D 333 -138.23 -171.20 -47.42
C GLU D 333 -137.02 -172.01 -47.02
N GLY D 334 -137.26 -173.11 -46.30
CA GLY D 334 -136.20 -173.98 -45.86
C GLY D 334 -136.51 -175.44 -46.13
N PRO D 335 -135.65 -176.34 -45.63
CA PRO D 335 -135.90 -177.77 -45.81
C PRO D 335 -137.20 -178.25 -45.17
N HIS D 336 -137.60 -177.65 -44.05
CA HIS D 336 -138.81 -178.03 -43.36
C HIS D 336 -139.59 -176.77 -42.96
N HIS D 337 -140.90 -176.94 -42.80
CA HIS D 337 -141.78 -175.84 -42.41
C HIS D 337 -141.72 -175.66 -40.89
N VAL D 338 -140.57 -175.18 -40.43
CA VAL D 338 -140.30 -174.97 -39.01
C VAL D 338 -139.92 -173.52 -38.79
N ALA D 339 -139.85 -173.14 -37.52
CA ALA D 339 -139.46 -171.79 -37.11
C ALA D 339 -138.23 -171.87 -36.21
N LEU D 340 -137.25 -171.03 -36.49
CA LEU D 340 -136.01 -171.02 -35.73
C LEU D 340 -135.66 -169.59 -35.35
N PHE D 341 -135.27 -169.38 -34.10
CA PHE D 341 -134.87 -168.06 -33.65
C PHE D 341 -133.40 -167.80 -33.98
N LYS D 342 -133.00 -166.54 -33.84
CA LYS D 342 -131.61 -166.17 -34.09
C LYS D 342 -130.66 -166.79 -33.08
N ASP D 343 -131.07 -166.80 -31.80
CA ASP D 343 -130.23 -167.32 -30.72
C ASP D 343 -130.73 -168.66 -30.19
N SER D 344 -131.43 -169.43 -31.01
CA SER D 344 -131.95 -170.73 -30.62
C SER D 344 -131.57 -171.77 -31.65
N SER D 345 -131.54 -173.03 -31.21
CA SER D 345 -131.20 -174.16 -32.07
C SER D 345 -132.34 -175.14 -32.26
N ARG D 346 -133.44 -175.00 -31.54
CA ARG D 346 -134.58 -175.90 -31.66
C ARG D 346 -135.50 -175.42 -32.77
N GLU D 347 -135.81 -176.31 -33.71
CA GLU D 347 -136.68 -175.99 -34.84
C GLU D 347 -138.12 -176.23 -34.43
N PHE D 348 -138.85 -175.15 -34.15
CA PHE D 348 -140.26 -175.24 -33.76
C PHE D 348 -141.11 -175.49 -34.99
N ASP D 349 -141.63 -176.70 -35.12
CA ASP D 349 -142.47 -177.04 -36.26
C ASP D 349 -143.78 -176.26 -36.22
N LEU D 350 -144.27 -175.90 -37.40
CA LEU D 350 -145.50 -175.14 -37.54
C LEU D 350 -146.71 -176.02 -37.85
N THR D 351 -146.57 -177.33 -37.78
CA THR D 351 -147.66 -178.26 -38.08
C THR D 351 -148.18 -178.97 -36.84
N LYS D 352 -147.30 -179.60 -36.07
CA LYS D 352 -147.74 -180.33 -34.87
C LYS D 352 -148.24 -179.36 -33.82
N GLU D 353 -149.31 -179.77 -33.12
CA GLU D 353 -149.89 -178.93 -32.08
C GLU D 353 -148.92 -178.73 -30.91
N GLU D 354 -148.21 -179.79 -30.53
CA GLU D 354 -147.26 -179.67 -29.43
C GLU D 354 -146.13 -178.70 -29.76
N ASP D 355 -145.61 -178.76 -30.99
CA ASP D 355 -144.56 -177.84 -31.39
C ASP D 355 -145.07 -176.41 -31.42
N LEU D 356 -146.30 -176.20 -31.90
CA LEU D 356 -146.88 -174.86 -31.89
C LEU D 356 -147.05 -174.34 -30.47
N ALA D 357 -147.49 -175.20 -29.55
CA ALA D 357 -147.64 -174.78 -28.16
C ALA D 357 -146.28 -174.44 -27.54
N ALA D 358 -145.25 -175.24 -27.85
CA ALA D 358 -143.91 -174.93 -27.36
C ALA D 358 -143.40 -173.61 -27.92
N LEU D 359 -143.66 -173.35 -29.20
CA LEU D 359 -143.25 -172.08 -29.79
C LEU D 359 -143.97 -170.90 -29.14
N ARG D 360 -145.27 -171.05 -28.89
CA ARG D 360 -146.01 -169.98 -28.22
C ARG D 360 -145.49 -169.75 -26.81
N HIS D 361 -145.18 -170.83 -26.08
CA HIS D 361 -144.62 -170.69 -24.75
C HIS D 361 -143.27 -170.00 -24.77
N GLU D 362 -142.42 -170.34 -25.75
CA GLU D 362 -141.12 -169.68 -25.88
C GLU D 362 -141.29 -168.20 -26.20
N ILE D 363 -142.24 -167.87 -27.08
CA ILE D 363 -142.49 -166.47 -27.41
C ILE D 363 -142.97 -165.70 -26.19
N GLU D 364 -143.87 -166.31 -25.41
CA GLU D 364 -144.36 -165.65 -24.19
C GLU D 364 -143.23 -165.45 -23.19
N LEU D 365 -142.35 -166.46 -23.04
CA LEU D 365 -141.22 -166.32 -22.12
C LEU D 365 -140.29 -165.21 -22.58
N ARG D 366 -140.02 -165.12 -23.88
CA ARG D 366 -139.17 -164.05 -24.40
C ARG D 366 -139.81 -162.68 -24.17
N MET D 367 -141.13 -162.59 -24.37
CA MET D 367 -141.82 -161.32 -24.12
C MET D 367 -141.73 -160.93 -22.65
N ARG D 368 -141.92 -161.90 -21.75
CA ARG D 368 -141.85 -161.61 -20.32
C ARG D 368 -140.44 -161.22 -19.90
N LYS D 369 -139.42 -161.87 -20.47
CA LYS D 369 -138.05 -161.54 -20.11
C LYS D 369 -137.69 -160.11 -20.52
N ASN D 370 -138.11 -159.69 -21.72
CA ASN D 370 -137.81 -158.35 -22.17
C ASN D 370 -138.51 -157.29 -21.31
N VAL D 371 -139.78 -157.53 -20.96
CA VAL D 371 -140.53 -156.57 -20.16
C VAL D 371 -140.03 -156.60 -18.73
N LYS D 372 -139.70 -155.43 -18.20
CA LYS D 372 -139.23 -155.32 -16.82
C LYS D 372 -140.37 -155.59 -15.84
N GLU D 373 -139.99 -155.99 -14.63
CA GLU D 373 -140.96 -156.29 -13.57
C GLU D 373 -141.50 -154.97 -13.03
N GLY D 374 -142.56 -154.48 -13.67
CA GLY D 374 -143.16 -153.23 -13.29
C GLY D 374 -143.50 -152.34 -14.47
N CYS D 375 -142.86 -152.60 -15.61
CA CYS D 375 -143.08 -151.84 -16.83
C CYS D 375 -144.08 -152.55 -17.72
N THR D 376 -144.45 -151.89 -18.82
CA THR D 376 -145.40 -152.43 -19.78
C THR D 376 -144.80 -152.63 -21.16
N VAL D 377 -144.09 -151.62 -21.67
CA VAL D 377 -143.48 -151.69 -22.99
C VAL D 377 -141.97 -151.73 -22.83
N SER D 378 -141.33 -152.70 -23.48
CA SER D 378 -139.89 -152.87 -23.41
C SER D 378 -139.26 -152.55 -24.75
N PRO D 379 -138.19 -151.75 -24.79
CA PRO D 379 -137.54 -151.44 -26.07
C PRO D 379 -136.89 -152.64 -26.73
N GLU D 380 -136.62 -153.71 -25.98
CA GLU D 380 -135.98 -154.89 -26.56
C GLU D 380 -136.89 -155.55 -27.60
N THR D 381 -136.28 -156.02 -28.68
CA THR D 381 -137.00 -156.65 -29.77
C THR D 381 -136.74 -158.16 -29.77
N ILE D 382 -137.64 -158.88 -30.42
CA ILE D 382 -137.57 -160.33 -30.55
C ILE D 382 -137.44 -160.69 -32.02
N SER D 383 -136.43 -161.48 -32.35
CA SER D 383 -136.15 -161.88 -33.72
C SER D 383 -136.53 -163.34 -33.92
N LEU D 384 -137.30 -163.60 -34.97
CA LEU D 384 -137.74 -164.96 -35.29
C LEU D 384 -137.70 -165.15 -36.81
N ASN D 385 -137.17 -166.28 -37.23
CA ASN D 385 -137.06 -166.63 -38.65
C ASN D 385 -138.00 -167.78 -38.95
N VAL D 386 -138.82 -167.62 -39.99
CA VAL D 386 -139.80 -168.62 -40.40
C VAL D 386 -139.37 -169.18 -41.75
N LYS D 387 -139.27 -170.51 -41.83
CA LYS D 387 -138.89 -171.20 -43.05
C LYS D 387 -139.94 -172.24 -43.41
N GLY D 388 -140.02 -172.53 -44.71
CA GLY D 388 -140.96 -173.50 -45.20
C GLY D 388 -141.43 -173.21 -46.61
N PRO D 389 -141.84 -174.24 -47.33
CA PRO D 389 -142.32 -174.03 -48.71
C PRO D 389 -143.63 -173.27 -48.74
N GLY D 390 -143.85 -172.57 -49.85
CA GLY D 390 -145.05 -171.79 -50.05
C GLY D 390 -145.03 -170.39 -49.47
N LEU D 391 -143.93 -169.99 -48.84
CA LEU D 391 -143.81 -168.65 -48.26
C LEU D 391 -143.02 -167.75 -49.19
N GLN D 392 -143.11 -166.44 -48.93
CA GLN D 392 -142.42 -165.43 -49.70
C GLN D 392 -141.08 -165.10 -49.02
N ARG D 393 -140.39 -164.10 -49.54
CA ARG D 393 -139.10 -163.65 -49.02
C ARG D 393 -139.25 -162.20 -48.57
N MET D 394 -139.66 -162.02 -47.33
CA MET D 394 -139.83 -160.69 -46.77
C MET D 394 -139.73 -160.78 -45.25
N VAL D 395 -139.56 -159.62 -44.61
CA VAL D 395 -139.44 -159.52 -43.17
C VAL D 395 -140.64 -158.74 -42.64
N LEU D 396 -141.37 -159.34 -41.70
CA LEU D 396 -142.54 -158.73 -41.10
C LEU D 396 -142.24 -158.35 -39.66
N VAL D 397 -142.65 -157.16 -39.27
CA VAL D 397 -142.43 -156.63 -37.92
C VAL D 397 -143.79 -156.46 -37.25
N ASP D 398 -143.93 -157.01 -36.05
CA ASP D 398 -145.16 -156.94 -35.28
C ASP D 398 -144.98 -155.95 -34.13
N LEU D 399 -145.96 -155.05 -33.97
CA LEU D 399 -145.94 -154.05 -32.93
C LEU D 399 -147.24 -154.07 -32.16
N PRO D 400 -147.22 -153.65 -30.89
CA PRO D 400 -148.47 -153.59 -30.12
C PRO D 400 -149.44 -152.59 -30.72
N GLY D 401 -150.73 -152.88 -30.55
CA GLY D 401 -151.76 -152.02 -31.11
C GLY D 401 -151.81 -150.67 -30.42
N VAL D 402 -152.34 -149.69 -31.15
CA VAL D 402 -152.45 -148.32 -30.65
C VAL D 402 -153.61 -148.25 -29.68
N ILE D 403 -153.35 -147.69 -28.50
CA ILE D 403 -154.37 -147.54 -27.47
C ILE D 403 -154.66 -146.06 -27.27
N ASN D 404 -155.82 -145.79 -26.66
CA ASN D 404 -156.26 -144.42 -26.40
C ASN D 404 -156.35 -144.12 -24.92
N THR D 405 -156.98 -144.98 -24.14
CA THR D 405 -157.11 -144.76 -22.71
C THR D 405 -155.79 -145.04 -22.00
N VAL D 406 -155.68 -144.52 -20.77
CA VAL D 406 -154.50 -144.69 -19.94
C VAL D 406 -154.88 -145.50 -18.71
N THR D 407 -154.14 -146.58 -18.47
CA THR D 407 -154.42 -147.45 -17.32
C THR D 407 -153.79 -146.87 -16.07
N SER D 408 -154.59 -146.75 -15.00
CA SER D 408 -154.07 -146.23 -13.74
C SER D 408 -153.12 -147.21 -13.07
N GLY D 409 -153.32 -148.51 -13.30
CA GLY D 409 -152.48 -149.53 -12.71
C GLY D 409 -151.17 -149.79 -13.43
N MET D 410 -150.90 -149.07 -14.52
CA MET D 410 -149.68 -149.24 -15.29
C MET D 410 -148.98 -147.88 -15.41
N ALA D 411 -147.94 -147.84 -16.24
CA ALA D 411 -147.18 -146.62 -16.43
C ALA D 411 -148.04 -145.58 -17.15
N PRO D 412 -148.16 -144.36 -16.63
CA PRO D 412 -148.97 -143.34 -17.31
C PRO D 412 -148.43 -142.93 -18.67
N ASP D 413 -147.15 -143.17 -18.93
CA ASP D 413 -146.53 -142.80 -20.21
C ASP D 413 -146.48 -143.97 -21.19
N THR D 414 -147.26 -145.02 -20.95
CA THR D 414 -147.27 -146.16 -21.87
C THR D 414 -147.77 -145.76 -23.24
N LYS D 415 -148.85 -144.96 -23.29
CA LYS D 415 -149.37 -144.50 -24.56
C LYS D 415 -148.37 -143.61 -25.30
N GLU D 416 -147.70 -142.72 -24.55
CA GLU D 416 -146.68 -141.87 -25.15
C GLU D 416 -145.52 -142.70 -25.69
N THR D 417 -145.10 -143.72 -24.94
CA THR D 417 -144.02 -144.58 -25.40
C THR D 417 -144.43 -145.34 -26.66
N ILE D 418 -145.67 -145.84 -26.70
CA ILE D 418 -146.14 -146.54 -27.89
C ILE D 418 -146.19 -145.61 -29.08
N PHE D 419 -146.67 -144.38 -28.89
CA PHE D 419 -146.71 -143.41 -29.98
C PHE D 419 -145.31 -143.07 -30.48
N SER D 420 -144.35 -142.90 -29.56
CA SER D 420 -142.98 -142.61 -29.96
C SER D 420 -142.37 -143.78 -30.73
N ILE D 421 -142.63 -145.01 -30.29
CA ILE D 421 -142.13 -146.18 -31.00
C ILE D 421 -142.73 -146.26 -32.40
N SER D 422 -144.03 -146.01 -32.51
CA SER D 422 -144.68 -146.03 -33.82
C SER D 422 -144.11 -144.95 -34.73
N LYS D 423 -143.89 -143.75 -34.20
CA LYS D 423 -143.31 -142.68 -35.01
C LYS D 423 -141.90 -143.04 -35.46
N ALA D 424 -141.09 -143.62 -34.57
CA ALA D 424 -139.74 -144.01 -34.94
C ALA D 424 -139.75 -145.09 -36.01
N TYR D 425 -140.67 -146.05 -35.91
CA TYR D 425 -140.79 -147.08 -36.94
C TYR D 425 -141.23 -146.49 -38.26
N MET D 426 -142.16 -145.53 -38.23
CA MET D 426 -142.63 -144.88 -39.46
C MET D 426 -141.64 -143.88 -40.02
N GLN D 427 -140.58 -143.54 -39.27
CA GLN D 427 -139.58 -142.61 -39.77
C GLN D 427 -138.85 -143.14 -41.00
N ASN D 428 -138.87 -144.45 -41.21
CA ASN D 428 -138.25 -145.03 -42.39
C ASN D 428 -139.05 -144.66 -43.63
N PRO D 429 -138.46 -143.98 -44.62
CA PRO D 429 -139.24 -143.62 -45.82
C PRO D 429 -139.69 -144.81 -46.64
N ASN D 430 -139.06 -145.97 -46.49
CA ASN D 430 -139.39 -147.16 -47.26
C ASN D 430 -140.02 -148.25 -46.39
N ALA D 431 -140.56 -147.90 -45.23
CA ALA D 431 -141.19 -148.87 -44.36
C ALA D 431 -142.60 -149.18 -44.86
N ILE D 432 -142.81 -150.42 -45.28
CA ILE D 432 -144.13 -150.84 -45.76
C ILE D 432 -145.01 -151.14 -44.56
N ILE D 433 -146.19 -150.52 -44.53
CA ILE D 433 -147.13 -150.68 -43.43
C ILE D 433 -148.30 -151.52 -43.92
N LEU D 434 -148.58 -152.60 -43.20
CA LEU D 434 -149.68 -153.52 -43.52
C LEU D 434 -150.80 -153.28 -42.51
N CYS D 435 -151.84 -152.58 -42.95
CA CYS D 435 -152.97 -152.25 -42.08
C CYS D 435 -153.95 -153.42 -42.05
N ILE D 436 -154.34 -153.82 -40.84
CA ILE D 436 -155.28 -154.91 -40.62
C ILE D 436 -156.49 -154.36 -39.87
N GLN D 437 -157.68 -154.64 -40.39
CA GLN D 437 -158.93 -154.19 -39.79
C GLN D 437 -159.78 -155.41 -39.42
N ASP D 438 -161.00 -155.15 -38.97
CA ASP D 438 -161.92 -156.19 -38.56
C ASP D 438 -163.25 -155.99 -39.26
N GLY D 439 -164.07 -157.05 -39.25
CA GLY D 439 -165.38 -156.97 -39.87
C GLY D 439 -166.29 -155.96 -39.19
N SER D 440 -166.21 -155.87 -37.87
CA SER D 440 -167.03 -154.93 -37.11
C SER D 440 -166.41 -153.55 -37.02
N VAL D 441 -165.21 -153.34 -37.55
CA VAL D 441 -164.52 -152.07 -37.50
C VAL D 441 -164.51 -151.47 -38.90
N ASP D 442 -164.99 -150.25 -39.02
CA ASP D 442 -165.04 -149.58 -40.32
C ASP D 442 -163.66 -149.08 -40.72
N ALA D 443 -163.53 -148.68 -41.98
CA ALA D 443 -162.25 -148.17 -42.48
C ALA D 443 -161.84 -146.89 -41.76
N GLU D 444 -162.80 -145.99 -41.54
CA GLU D 444 -162.50 -144.75 -40.83
C GLU D 444 -162.26 -144.97 -39.34
N ARG D 445 -162.78 -146.06 -38.78
CA ARG D 445 -162.59 -146.37 -37.37
C ARG D 445 -161.22 -146.93 -37.07
N SER D 446 -160.44 -147.30 -38.09
CA SER D 446 -159.11 -147.86 -37.89
C SER D 446 -158.12 -146.73 -37.63
N ILE D 447 -157.51 -146.74 -36.45
CA ILE D 447 -156.55 -145.69 -36.10
C ILE D 447 -155.30 -145.82 -36.97
N VAL D 448 -154.88 -147.05 -37.27
CA VAL D 448 -153.68 -147.27 -38.08
C VAL D 448 -153.89 -146.71 -39.48
N THR D 449 -155.07 -146.95 -40.07
CA THR D 449 -155.34 -146.44 -41.42
C THR D 449 -155.33 -144.91 -41.44
N ASP D 450 -155.95 -144.29 -40.43
CA ASP D 450 -155.97 -142.83 -40.36
C ASP D 450 -154.56 -142.27 -40.18
N LEU D 451 -153.75 -142.91 -39.34
CA LEU D 451 -152.38 -142.46 -39.15
C LEU D 451 -151.56 -142.59 -40.44
N VAL D 452 -151.74 -143.69 -41.16
CA VAL D 452 -151.04 -143.89 -42.42
C VAL D 452 -151.46 -142.82 -43.44
N SER D 453 -152.76 -142.55 -43.51
CA SER D 453 -153.25 -141.52 -44.43
C SER D 453 -152.70 -140.15 -44.08
N GLN D 454 -152.66 -139.82 -42.79
CA GLN D 454 -152.11 -138.54 -42.38
C GLN D 454 -150.62 -138.43 -42.70
N MET D 455 -149.87 -139.51 -42.44
CA MET D 455 -148.43 -139.48 -42.70
C MET D 455 -148.11 -139.62 -44.19
N ASP D 456 -148.91 -140.38 -44.92
CA ASP D 456 -148.70 -140.61 -46.35
C ASP D 456 -149.99 -140.31 -47.10
N PRO D 457 -150.28 -139.03 -47.36
CA PRO D 457 -151.48 -138.69 -48.11
C PRO D 457 -151.51 -139.28 -49.52
N HIS D 458 -150.35 -139.39 -50.17
CA HIS D 458 -150.32 -139.95 -51.52
C HIS D 458 -150.56 -141.46 -51.49
N GLY D 459 -149.91 -142.16 -50.56
CA GLY D 459 -150.08 -143.61 -50.47
C GLY D 459 -149.55 -144.37 -51.66
N ARG D 460 -148.43 -143.92 -52.24
CA ARG D 460 -147.85 -144.58 -53.39
C ARG D 460 -147.10 -145.86 -53.02
N ARG D 461 -146.78 -146.06 -51.75
CA ARG D 461 -146.08 -147.25 -51.31
C ARG D 461 -146.88 -148.11 -50.34
N THR D 462 -148.03 -147.63 -49.87
CA THR D 462 -148.87 -148.37 -48.94
C THR D 462 -150.05 -148.98 -49.70
N ILE D 463 -150.27 -150.27 -49.51
CA ILE D 463 -151.35 -151.00 -50.18
C ILE D 463 -152.33 -151.48 -49.12
N PHE D 464 -153.60 -151.11 -49.28
CA PHE D 464 -154.62 -151.49 -48.32
C PHE D 464 -155.07 -152.92 -48.58
N VAL D 465 -155.17 -153.70 -47.50
CA VAL D 465 -155.63 -155.08 -47.54
C VAL D 465 -156.85 -155.22 -46.65
N LEU D 466 -157.93 -155.76 -47.21
CA LEU D 466 -159.18 -155.93 -46.47
C LEU D 466 -159.29 -157.37 -46.00
N THR D 467 -159.49 -157.54 -44.69
CA THR D 467 -159.59 -158.85 -44.07
C THR D 467 -160.95 -159.03 -43.41
N LYS D 468 -161.37 -160.30 -43.32
CA LYS D 468 -162.65 -160.66 -42.72
C LYS D 468 -163.82 -159.97 -43.43
N VAL D 469 -163.89 -160.17 -44.74
CA VAL D 469 -164.96 -159.57 -45.54
C VAL D 469 -166.30 -160.18 -45.18
N ASP D 470 -166.34 -161.49 -44.91
CA ASP D 470 -167.61 -162.14 -44.61
C ASP D 470 -168.21 -161.61 -43.30
N LEU D 471 -167.37 -161.38 -42.29
CA LEU D 471 -167.87 -160.85 -41.03
C LEU D 471 -168.46 -159.46 -41.21
N ALA D 472 -167.80 -158.60 -41.98
CA ALA D 472 -168.33 -157.27 -42.26
C ALA D 472 -169.64 -157.35 -43.04
N GLU D 473 -169.71 -158.25 -44.02
CA GLU D 473 -170.91 -158.39 -44.82
C GLU D 473 -172.09 -158.87 -43.98
N LYS D 474 -171.84 -159.82 -43.06
CA LYS D 474 -172.92 -160.35 -42.22
C LYS D 474 -173.44 -159.33 -41.23
N ASN D 475 -172.71 -158.24 -40.99
CA ASN D 475 -173.13 -157.20 -40.05
C ASN D 475 -173.94 -156.12 -40.75
N VAL D 476 -174.98 -156.53 -41.48
CA VAL D 476 -175.90 -155.70 -42.25
C VAL D 476 -175.21 -154.47 -42.84
N ALA D 477 -174.02 -154.65 -43.40
CA ALA D 477 -173.28 -153.55 -43.99
C ALA D 477 -173.82 -153.22 -45.38
N SER D 478 -173.51 -152.01 -45.85
CA SER D 478 -173.94 -151.57 -47.16
C SER D 478 -172.98 -152.08 -48.22
N PRO D 479 -173.44 -152.83 -49.22
CA PRO D 479 -172.51 -153.31 -50.27
C PRO D 479 -171.87 -152.19 -51.07
N SER D 480 -172.50 -151.02 -51.14
CA SER D 480 -171.91 -149.90 -51.87
C SER D 480 -170.60 -149.46 -51.24
N ARG D 481 -170.53 -149.41 -49.91
CA ARG D 481 -169.29 -149.04 -49.24
C ARG D 481 -168.19 -150.06 -49.51
N ILE D 482 -168.53 -151.34 -49.48
CA ILE D 482 -167.54 -152.39 -49.76
C ILE D 482 -167.05 -152.27 -51.19
N GLN D 483 -167.96 -152.04 -52.14
CA GLN D 483 -167.57 -151.89 -53.53
C GLN D 483 -166.65 -150.68 -53.72
N GLN D 484 -166.98 -149.56 -53.07
CA GLN D 484 -166.14 -148.37 -53.17
C GLN D 484 -164.76 -148.61 -52.57
N ILE D 485 -164.70 -149.31 -51.44
CA ILE D 485 -163.41 -149.60 -50.81
C ILE D 485 -162.57 -150.50 -51.72
N ILE D 486 -163.19 -151.54 -52.27
CA ILE D 486 -162.46 -152.45 -53.15
C ILE D 486 -162.01 -151.73 -54.42
N GLU D 487 -162.91 -150.94 -55.02
CA GLU D 487 -162.54 -150.21 -56.23
C GLU D 487 -161.60 -149.04 -55.95
N GLY D 488 -161.65 -148.50 -54.73
CA GLY D 488 -160.76 -147.40 -54.37
C GLY D 488 -161.34 -146.03 -54.65
N LYS D 489 -162.65 -145.88 -54.44
CA LYS D 489 -163.33 -144.61 -54.64
C LYS D 489 -163.57 -143.84 -53.35
N LEU D 490 -163.00 -144.32 -52.23
CA LEU D 490 -163.18 -143.67 -50.94
C LEU D 490 -161.88 -143.26 -50.29
N PHE D 491 -160.82 -144.05 -50.42
CA PHE D 491 -159.55 -143.72 -49.82
C PHE D 491 -158.85 -142.63 -50.63
N PRO D 492 -158.50 -141.50 -50.02
CA PRO D 492 -157.80 -140.44 -50.77
C PRO D 492 -156.46 -140.88 -51.32
N MET D 493 -155.76 -141.77 -50.63
CA MET D 493 -154.45 -142.22 -51.09
C MET D 493 -154.56 -143.03 -52.37
N LYS D 494 -153.55 -142.90 -53.23
CA LYS D 494 -153.51 -143.61 -54.51
C LYS D 494 -152.66 -144.87 -54.33
N ALA D 495 -153.28 -145.89 -53.75
CA ALA D 495 -152.59 -147.14 -53.53
C ALA D 495 -152.41 -147.90 -54.85
N LEU D 496 -151.41 -148.78 -54.88
CA LEU D 496 -151.13 -149.56 -56.08
C LEU D 496 -152.24 -150.57 -56.38
N GLY D 497 -153.06 -150.91 -55.40
CA GLY D 497 -154.15 -151.85 -55.63
C GLY D 497 -154.91 -152.08 -54.34
N TYR D 498 -156.02 -152.80 -54.48
CA TYR D 498 -156.88 -153.14 -53.35
C TYR D 498 -157.37 -154.56 -53.51
N PHE D 499 -157.16 -155.39 -52.49
CA PHE D 499 -157.57 -156.78 -52.51
C PHE D 499 -158.34 -157.10 -51.23
N ALA D 500 -159.41 -157.87 -51.37
CA ALA D 500 -160.26 -158.27 -50.25
C ALA D 500 -160.12 -159.76 -50.04
N VAL D 501 -159.77 -160.17 -48.82
CA VAL D 501 -159.58 -161.56 -48.47
C VAL D 501 -160.34 -161.84 -47.17
N VAL D 502 -160.58 -163.13 -46.93
CA VAL D 502 -161.27 -163.61 -45.74
C VAL D 502 -160.29 -164.44 -44.93
N THR D 503 -160.10 -164.07 -43.66
CA THR D 503 -159.18 -164.75 -42.76
C THR D 503 -159.95 -165.48 -41.64
N GLY D 504 -161.11 -166.04 -41.98
CA GLY D 504 -161.91 -166.75 -41.00
C GLY D 504 -162.73 -165.82 -40.14
N LYS D 505 -163.38 -166.42 -39.14
CA LYS D 505 -164.22 -165.68 -38.21
C LYS D 505 -163.43 -165.05 -37.07
N GLY D 506 -162.12 -165.30 -36.99
CA GLY D 506 -161.31 -164.74 -35.93
C GLY D 506 -161.41 -165.45 -34.60
N ASN D 507 -162.06 -166.61 -34.54
CA ASN D 507 -162.21 -167.35 -33.30
C ASN D 507 -160.94 -168.16 -33.04
N SER D 508 -160.95 -168.96 -31.96
CA SER D 508 -159.82 -169.78 -31.57
C SER D 508 -160.16 -171.27 -31.64
N SER D 509 -161.06 -171.65 -32.56
CA SER D 509 -161.45 -173.04 -32.69
C SER D 509 -161.48 -173.50 -34.15
N GLU D 510 -160.89 -172.73 -35.06
CA GLU D 510 -160.85 -173.06 -36.48
C GLU D 510 -159.40 -173.30 -36.88
N SER D 511 -159.14 -174.44 -37.50
CA SER D 511 -157.79 -174.77 -37.93
C SER D 511 -157.40 -173.93 -39.15
N ILE D 512 -156.10 -173.90 -39.42
CA ILE D 512 -155.60 -173.14 -40.56
C ILE D 512 -156.14 -173.72 -41.87
N GLU D 513 -156.15 -175.04 -41.99
CA GLU D 513 -156.65 -175.67 -43.21
C GLU D 513 -158.14 -175.37 -43.41
N ALA D 514 -158.93 -175.41 -42.34
CA ALA D 514 -160.34 -175.10 -42.45
C ALA D 514 -160.57 -173.66 -42.90
N ILE D 515 -159.81 -172.71 -42.34
CA ILE D 515 -159.94 -171.32 -42.73
C ILE D 515 -159.53 -171.13 -44.19
N ARG D 516 -158.46 -171.79 -44.61
CA ARG D 516 -158.03 -171.70 -46.01
C ARG D 516 -159.08 -172.26 -46.95
N GLU D 517 -159.68 -173.40 -46.59
CA GLU D 517 -160.73 -173.97 -47.42
C GLU D 517 -161.95 -173.06 -47.49
N TYR D 518 -162.33 -172.47 -46.35
CA TYR D 518 -163.45 -171.54 -46.35
C TYR D 518 -163.17 -170.32 -47.22
N GLU D 519 -161.95 -169.79 -47.15
CA GLU D 519 -161.59 -168.65 -47.98
C GLU D 519 -161.61 -169.02 -49.46
N GLU D 520 -161.11 -170.22 -49.80
CA GLU D 520 -161.14 -170.65 -51.20
C GLU D 520 -162.58 -170.81 -51.68
N GLU D 521 -163.46 -171.38 -50.85
CA GLU D 521 -164.86 -171.53 -51.23
C GLU D 521 -165.52 -170.17 -51.41
N PHE D 522 -165.23 -169.22 -50.52
CA PHE D 522 -165.79 -167.88 -50.65
C PHE D 522 -165.31 -167.19 -51.92
N PHE D 523 -164.03 -167.35 -52.25
CA PHE D 523 -163.50 -166.77 -53.48
C PHE D 523 -164.14 -167.41 -54.71
N GLN D 524 -164.33 -168.72 -54.69
CA GLN D 524 -164.96 -169.39 -55.83
C GLN D 524 -166.42 -168.96 -55.99
N ASN D 525 -167.16 -168.86 -54.88
CA ASN D 525 -168.56 -168.46 -54.91
C ASN D 525 -168.74 -167.33 -53.88
N SER D 526 -168.85 -166.10 -54.37
CA SER D 526 -169.03 -164.94 -53.52
C SER D 526 -170.31 -164.21 -53.89
N LYS D 527 -170.94 -163.61 -52.88
CA LYS D 527 -172.18 -162.87 -53.09
C LYS D 527 -171.96 -161.52 -53.77
N LEU D 528 -170.71 -161.06 -53.86
CA LEU D 528 -170.41 -159.78 -54.50
C LEU D 528 -169.83 -159.95 -55.90
N LEU D 529 -169.14 -161.05 -56.18
CA LEU D 529 -168.58 -161.27 -57.50
C LEU D 529 -169.67 -161.54 -58.54
N LYS D 530 -170.78 -162.16 -58.12
CA LYS D 530 -171.87 -162.46 -59.03
C LYS D 530 -172.68 -161.23 -59.42
N THR D 531 -172.48 -160.10 -58.75
CA THR D 531 -173.19 -158.87 -59.06
C THR D 531 -172.48 -158.01 -60.10
N SER D 532 -171.33 -158.47 -60.61
CA SER D 532 -170.56 -157.74 -61.62
C SER D 532 -170.20 -156.34 -61.14
N MET D 533 -169.86 -156.22 -59.85
CA MET D 533 -169.47 -154.95 -59.26
C MET D 533 -168.02 -154.92 -58.82
N LEU D 534 -167.28 -156.01 -58.99
CA LEU D 534 -165.87 -156.08 -58.59
C LEU D 534 -165.03 -156.51 -59.79
N LYS D 535 -163.81 -155.98 -59.84
CA LYS D 535 -162.90 -156.30 -60.94
C LYS D 535 -162.44 -157.74 -60.85
N ALA D 536 -162.33 -158.37 -62.02
CA ALA D 536 -161.93 -159.78 -62.06
C ALA D 536 -160.45 -159.97 -61.78
N HIS D 537 -159.64 -158.96 -62.05
CA HIS D 537 -158.20 -159.05 -61.84
C HIS D 537 -157.76 -158.71 -60.42
N GLN D 538 -158.71 -158.34 -59.55
CA GLN D 538 -158.40 -158.03 -58.16
C GLN D 538 -158.72 -159.18 -57.22
N VAL D 539 -158.51 -160.42 -57.67
CA VAL D 539 -158.81 -161.59 -56.85
C VAL D 539 -157.50 -162.25 -56.44
N THR D 540 -157.58 -163.23 -55.54
CA THR D 540 -156.43 -163.95 -55.01
C THR D 540 -155.38 -163.02 -54.42
N THR D 541 -154.17 -163.54 -54.17
CA THR D 541 -153.11 -162.74 -53.59
C THR D 541 -151.76 -162.95 -54.28
N ARG D 542 -151.68 -163.77 -55.33
CA ARG D 542 -150.39 -164.05 -55.94
C ARG D 542 -149.79 -162.81 -56.59
N ASN D 543 -150.59 -162.09 -57.38
CA ASN D 543 -150.09 -160.89 -58.05
C ASN D 543 -149.70 -159.81 -57.04
N LEU D 544 -150.53 -159.61 -56.01
CA LEU D 544 -150.21 -158.62 -54.99
C LEU D 544 -148.93 -158.99 -54.25
N SER D 545 -148.77 -160.26 -53.90
CA SER D 545 -147.56 -160.69 -53.21
C SER D 545 -146.33 -160.50 -54.10
N LEU D 546 -146.44 -160.84 -55.38
CA LEU D 546 -145.30 -160.65 -56.29
C LEU D 546 -144.94 -159.18 -56.42
N ALA D 547 -145.95 -158.31 -56.56
CA ALA D 547 -145.68 -156.88 -56.68
C ALA D 547 -145.04 -156.34 -55.41
N VAL D 548 -145.54 -156.75 -54.24
CA VAL D 548 -144.97 -156.29 -52.97
C VAL D 548 -143.52 -156.77 -52.84
N SER D 549 -143.26 -158.02 -53.20
CA SER D 549 -141.90 -158.55 -53.12
C SER D 549 -140.96 -157.80 -54.05
N ASP D 550 -141.41 -157.53 -55.28
CA ASP D 550 -140.56 -156.79 -56.22
C ASP D 550 -140.28 -155.37 -55.73
N CYS D 551 -141.30 -154.69 -55.21
CA CYS D 551 -141.11 -153.34 -54.69
C CYS D 551 -140.16 -153.35 -53.51
N PHE D 552 -140.32 -154.31 -52.59
CA PHE D 552 -139.43 -154.41 -51.44
C PHE D 552 -137.99 -154.68 -51.88
N TRP D 553 -137.81 -155.58 -52.86
CA TRP D 553 -136.47 -155.88 -53.33
C TRP D 553 -135.81 -154.66 -53.97
N LYS D 554 -136.55 -153.94 -54.83
CA LYS D 554 -135.95 -152.77 -55.48
C LYS D 554 -135.65 -151.67 -54.46
N MET D 555 -136.54 -151.45 -53.49
CA MET D 555 -136.29 -150.40 -52.52
C MET D 555 -135.13 -150.76 -51.59
N VAL D 556 -135.02 -152.04 -51.21
CA VAL D 556 -133.89 -152.43 -50.36
C VAL D 556 -132.59 -152.39 -51.15
N ARG D 557 -132.62 -152.69 -52.45
CA ARG D 557 -131.42 -152.56 -53.27
C ARG D 557 -130.98 -151.11 -53.36
N GLU D 558 -131.92 -150.19 -53.58
CA GLU D 558 -131.57 -148.77 -53.60
C GLU D 558 -131.03 -148.31 -52.25
N SER D 559 -131.67 -148.77 -51.16
CA SER D 559 -131.24 -148.38 -49.83
C SER D 559 -129.83 -148.88 -49.53
N VAL D 560 -129.53 -150.13 -49.88
CA VAL D 560 -128.19 -150.66 -49.62
C VAL D 560 -127.16 -150.00 -50.52
N GLU D 561 -127.53 -149.65 -51.76
CA GLU D 561 -126.61 -148.92 -52.63
C GLU D 561 -126.26 -147.56 -52.04
N GLN D 562 -127.26 -146.85 -51.50
CA GLN D 562 -126.98 -145.58 -50.85
C GLN D 562 -126.16 -145.77 -49.58
N GLN D 563 -126.48 -146.80 -48.79
CA GLN D 563 -125.81 -147.00 -47.51
C GLN D 563 -124.37 -147.45 -47.69
N ALA D 564 -124.04 -148.11 -48.79
CA ALA D 564 -122.66 -148.53 -49.03
C ALA D 564 -121.69 -147.34 -48.97
N ASP D 565 -122.17 -146.15 -49.33
CA ASP D 565 -121.39 -144.93 -49.18
C ASP D 565 -121.76 -144.12 -47.95
N SER D 566 -123.04 -144.18 -47.53
CA SER D 566 -123.45 -143.42 -46.36
C SER D 566 -122.74 -143.90 -45.10
N PHE D 567 -122.62 -145.22 -44.92
CA PHE D 567 -121.95 -145.74 -43.74
C PHE D 567 -120.44 -145.48 -43.78
N LYS D 568 -119.84 -145.53 -44.97
CA LYS D 568 -118.43 -145.17 -45.09
C LYS D 568 -118.21 -143.70 -44.71
N ALA D 569 -119.09 -142.82 -45.18
CA ALA D 569 -118.98 -141.41 -44.81
C ALA D 569 -119.18 -141.22 -43.31
N THR D 570 -120.13 -141.93 -42.72
CA THR D 570 -120.35 -141.83 -41.28
C THR D 570 -119.14 -142.30 -40.49
N ARG D 571 -118.54 -143.42 -40.92
CA ARG D 571 -117.35 -143.91 -40.23
C ARG D 571 -116.19 -142.93 -40.36
N PHE D 572 -116.00 -142.35 -41.56
CA PHE D 572 -114.95 -141.36 -41.74
C PHE D 572 -115.17 -140.15 -40.85
N ASN D 573 -116.42 -139.67 -40.77
CA ASN D 573 -116.72 -138.52 -39.92
C ASN D 573 -116.48 -138.84 -38.45
N LEU D 574 -116.87 -140.04 -38.01
CA LEU D 574 -116.63 -140.43 -36.62
C LEU D 574 -115.13 -140.51 -36.31
N GLU D 575 -114.35 -141.08 -37.23
CA GLU D 575 -112.92 -141.16 -37.03
C GLU D 575 -112.29 -139.76 -36.98
N THR D 576 -112.74 -138.87 -37.86
CA THR D 576 -112.23 -137.50 -37.86
C THR D 576 -112.58 -136.79 -36.56
N GLU D 577 -113.81 -136.99 -36.07
CA GLU D 577 -114.22 -136.38 -34.81
C GLU D 577 -113.38 -136.90 -33.65
N TRP D 578 -113.15 -138.21 -33.62
CA TRP D 578 -112.34 -138.79 -32.54
C TRP D 578 -110.91 -138.26 -32.59
N LYS D 579 -110.34 -138.17 -33.79
CA LYS D 579 -108.97 -137.64 -33.91
C LYS D 579 -108.90 -136.18 -33.52
N ASN D 580 -109.90 -135.38 -33.89
CA ASN D 580 -109.87 -133.96 -33.60
C ASN D 580 -110.07 -133.69 -32.11
N ASN D 581 -111.00 -134.41 -31.47
CA ASN D 581 -111.23 -134.21 -30.05
C ASN D 581 -110.03 -134.67 -29.22
N TYR D 582 -109.32 -135.69 -29.68
CA TYR D 582 -108.16 -136.25 -28.98
C TYR D 582 -106.98 -136.33 -29.93
N PRO D 583 -106.34 -135.19 -30.22
CA PRO D 583 -105.17 -135.22 -31.12
C PRO D 583 -104.04 -136.08 -30.61
N ARG D 584 -103.83 -136.14 -29.29
CA ARG D 584 -102.74 -136.91 -28.70
C ARG D 584 -103.19 -138.24 -28.12
N LEU D 585 -104.46 -138.60 -28.29
CA LEU D 585 -105.00 -139.85 -27.77
C LEU D 585 -105.67 -140.62 -28.89
N ARG D 586 -105.34 -141.90 -29.02
CA ARG D 586 -105.93 -142.75 -30.04
C ARG D 586 -107.16 -143.44 -29.47
N GLU D 587 -107.69 -144.43 -30.19
CA GLU D 587 -108.89 -145.13 -29.76
C GLU D 587 -108.67 -145.80 -28.40
N LEU D 588 -109.62 -145.61 -27.49
CA LEU D 588 -109.55 -146.14 -26.13
C LEU D 588 -110.87 -146.85 -25.84
N ASP D 589 -110.94 -148.14 -26.15
CA ASP D 589 -112.13 -148.93 -25.90
C ASP D 589 -112.09 -149.51 -24.48
N ARG D 590 -113.08 -150.35 -24.16
CA ARG D 590 -113.17 -150.91 -22.82
C ARG D 590 -111.98 -151.80 -22.50
N ASN D 591 -111.57 -152.65 -23.44
CA ASN D 591 -110.49 -153.60 -23.17
C ASN D 591 -109.16 -152.88 -22.93
N GLU D 592 -108.79 -151.96 -23.82
CA GLU D 592 -107.53 -151.26 -23.67
C GLU D 592 -107.50 -150.40 -22.42
N LEU D 593 -108.61 -149.70 -22.14
CA LEU D 593 -108.66 -148.87 -20.93
C LEU D 593 -108.60 -149.72 -19.67
N PHE D 594 -109.28 -150.87 -19.66
CA PHE D 594 -109.20 -151.75 -18.50
C PHE D 594 -107.79 -152.29 -18.31
N GLU D 595 -107.13 -152.67 -19.40
CA GLU D 595 -105.75 -153.15 -19.29
C GLU D 595 -104.83 -152.05 -18.79
N LYS D 596 -105.01 -150.82 -19.27
CA LYS D 596 -104.19 -149.71 -18.81
C LYS D 596 -104.43 -149.43 -17.32
N ALA D 597 -105.68 -149.51 -16.88
CA ALA D 597 -105.98 -149.31 -15.46
C ALA D 597 -105.35 -150.40 -14.61
N LYS D 598 -105.40 -151.66 -15.09
CA LYS D 598 -104.75 -152.75 -14.36
C LYS D 598 -103.24 -152.53 -14.28
N ASN D 599 -102.63 -152.11 -15.38
CA ASN D 599 -101.20 -151.86 -15.38
C ASN D 599 -100.85 -150.71 -14.44
N GLU D 600 -101.65 -149.65 -14.42
CA GLU D 600 -101.41 -148.54 -13.51
C GLU D 600 -101.54 -148.98 -12.06
N ILE D 601 -102.54 -149.82 -11.76
CA ILE D 601 -102.69 -150.34 -10.40
C ILE D 601 -101.49 -151.17 -10.01
N LEU D 602 -101.00 -152.03 -10.93
CA LEU D 602 -99.82 -152.82 -10.64
C LEU D 602 -98.60 -151.95 -10.40
N ASP D 603 -98.43 -150.90 -11.20
CA ASP D 603 -97.30 -149.99 -11.02
C ASP D 603 -97.39 -149.27 -9.68
N GLU D 604 -98.60 -148.84 -9.30
CA GLU D 604 -98.77 -148.19 -8.01
C GLU D 604 -98.46 -149.14 -6.86
N VAL D 605 -98.89 -150.41 -6.97
CA VAL D 605 -98.58 -151.38 -5.94
C VAL D 605 -97.07 -151.61 -5.85
N ILE D 606 -96.41 -151.69 -7.01
CA ILE D 606 -94.96 -151.87 -7.03
C ILE D 606 -94.26 -150.70 -6.36
N SER D 607 -94.69 -149.48 -6.68
CA SER D 607 -94.10 -148.30 -6.06
C SER D 607 -94.34 -148.28 -4.55
N LEU D 608 -95.54 -148.67 -4.12
CA LEU D 608 -95.83 -148.76 -2.70
C LEU D 608 -94.92 -149.77 -2.00
N SER D 609 -94.70 -150.92 -2.64
CA SER D 609 -93.83 -151.93 -2.03
C SER D 609 -92.37 -151.52 -2.07
N GLN D 610 -92.00 -150.63 -2.99
CA GLN D 610 -90.61 -150.21 -3.15
C GLN D 610 -90.21 -149.05 -2.24
N VAL D 611 -91.15 -148.50 -1.47
CA VAL D 611 -90.82 -147.40 -0.57
C VAL D 611 -89.91 -147.91 0.54
N THR D 612 -88.93 -147.10 0.92
CA THR D 612 -87.98 -147.47 1.96
C THR D 612 -88.69 -147.70 3.28
N PRO D 613 -88.47 -148.82 3.96
CA PRO D 613 -89.17 -149.06 5.24
C PRO D 613 -88.85 -148.03 6.31
N LYS D 614 -87.68 -147.38 6.26
CA LYS D 614 -87.32 -146.41 7.28
C LYS D 614 -88.29 -145.23 7.29
N HIS D 615 -88.67 -144.74 6.10
CA HIS D 615 -89.64 -143.65 6.02
C HIS D 615 -90.99 -144.07 6.59
N TRP D 616 -91.42 -145.30 6.30
CA TRP D 616 -92.66 -145.81 6.88
C TRP D 616 -92.58 -145.85 8.39
N GLU D 617 -91.47 -146.34 8.93
CA GLU D 617 -91.32 -146.41 10.38
C GLU D 617 -91.35 -145.02 11.00
N GLU D 618 -90.66 -144.06 10.41
CA GLU D 618 -90.65 -142.70 10.93
C GLU D 618 -92.05 -142.08 10.90
N ILE D 619 -92.76 -142.26 9.77
CA ILE D 619 -94.10 -141.68 9.65
C ILE D 619 -95.04 -142.31 10.66
N LEU D 620 -94.99 -143.64 10.78
CA LEU D 620 -95.87 -144.32 11.73
C LEU D 620 -95.57 -143.90 13.17
N GLN D 621 -94.29 -143.80 13.52
CA GLN D 621 -93.92 -143.39 14.87
C GLN D 621 -94.41 -141.98 15.16
N GLN D 622 -94.19 -141.06 14.22
CA GLN D 622 -94.61 -139.68 14.44
C GLN D 622 -96.13 -139.58 14.56
N SER D 623 -96.86 -140.26 13.68
CA SER D 623 -98.31 -140.20 13.72
C SER D 623 -98.86 -140.81 15.01
N LEU D 624 -98.31 -141.96 15.41
CA LEU D 624 -98.77 -142.60 16.64
C LEU D 624 -98.47 -141.74 17.86
N TRP D 625 -97.27 -141.14 17.92
CA TRP D 625 -96.93 -140.27 19.03
C TRP D 625 -97.86 -139.06 19.10
N GLU D 626 -98.12 -138.43 17.95
CA GLU D 626 -99.02 -137.29 17.93
C GLU D 626 -100.43 -137.70 18.34
N ARG D 627 -100.84 -138.92 18.00
CA ARG D 627 -102.19 -139.36 18.34
C ARG D 627 -102.32 -139.67 19.82
N VAL D 628 -101.30 -140.30 20.42
CA VAL D 628 -101.42 -140.81 21.78
C VAL D 628 -100.77 -139.89 22.81
N SER D 629 -100.25 -138.73 22.39
CA SER D 629 -99.67 -137.80 23.35
C SER D 629 -100.70 -137.35 24.38
N THR D 630 -101.89 -136.95 23.92
CA THR D 630 -102.93 -136.50 24.83
C THR D 630 -103.41 -137.64 25.73
N HIS D 631 -103.56 -138.84 25.16
CA HIS D 631 -103.98 -139.99 25.96
C HIS D 631 -102.97 -140.30 27.05
N VAL D 632 -101.68 -140.31 26.71
CA VAL D 632 -100.64 -140.58 27.68
C VAL D 632 -100.63 -139.51 28.77
N ILE D 633 -100.76 -138.24 28.37
CA ILE D 633 -100.75 -137.15 29.35
C ILE D 633 -101.92 -137.31 30.32
N GLU D 634 -103.13 -137.47 29.79
CA GLU D 634 -104.32 -137.55 30.63
C GLU D 634 -104.42 -138.85 31.41
N ASN D 635 -103.68 -139.89 31.03
CA ASN D 635 -103.69 -141.15 31.77
C ASN D 635 -102.50 -141.29 32.71
N ILE D 636 -101.50 -140.42 32.63
CA ILE D 636 -100.34 -140.53 33.50
C ILE D 636 -100.26 -139.33 34.44
N TYR D 637 -100.18 -138.11 33.87
CA TYR D 637 -99.96 -136.94 34.71
C TYR D 637 -101.20 -136.54 35.47
N LEU D 638 -102.38 -136.75 34.91
CA LEU D 638 -103.62 -136.38 35.60
C LEU D 638 -103.80 -137.13 36.92
N PRO D 639 -103.63 -138.46 37.00
CA PRO D 639 -103.70 -139.10 38.32
C PRO D 639 -102.50 -138.80 39.19
N ALA D 640 -101.30 -138.82 38.63
CA ALA D 640 -100.07 -138.56 39.39
C ALA D 640 -99.67 -137.09 39.26
N ALA D 641 -100.58 -136.21 39.70
CA ALA D 641 -100.37 -134.78 39.61
C ALA D 641 -99.71 -134.19 40.85
N GLN D 642 -99.51 -134.98 41.91
CA GLN D 642 -98.92 -134.48 43.15
C GLN D 642 -97.79 -135.36 43.65
N THR D 643 -97.23 -136.20 42.79
CA THR D 643 -96.12 -137.06 43.19
C THR D 643 -94.86 -136.22 43.41
N MET D 644 -94.13 -136.56 44.47
CA MET D 644 -92.89 -135.88 44.84
C MET D 644 -91.66 -136.70 44.51
N ASN D 645 -91.64 -137.97 44.87
CA ASN D 645 -90.50 -138.84 44.59
C ASN D 645 -90.55 -139.30 43.13
N SER D 646 -89.38 -139.27 42.48
CA SER D 646 -89.31 -139.71 41.09
C SER D 646 -89.54 -141.20 40.96
N GLY D 647 -89.16 -141.99 41.98
CA GLY D 647 -89.37 -143.42 41.91
C GLY D 647 -90.84 -143.82 41.86
N THR D 648 -91.66 -143.16 42.69
CA THR D 648 -93.10 -143.44 42.66
C THR D 648 -93.71 -143.06 41.31
N PHE D 649 -93.28 -141.93 40.74
CA PHE D 649 -93.77 -141.52 39.44
C PHE D 649 -93.38 -142.53 38.36
N ASN D 650 -92.13 -143.01 38.41
CA ASN D 650 -91.69 -144.01 37.43
C ASN D 650 -92.46 -145.31 37.59
N THR D 651 -92.72 -145.73 38.84
CA THR D 651 -93.50 -146.94 39.06
C THR D 651 -94.91 -146.79 38.52
N THR D 652 -95.54 -145.64 38.76
CA THR D 652 -96.89 -145.40 38.24
C THR D 652 -96.88 -145.40 36.71
N VAL D 653 -95.85 -144.80 36.10
CA VAL D 653 -95.75 -144.79 34.64
C VAL D 653 -95.64 -146.22 34.11
N ASP D 654 -94.80 -147.03 34.75
CA ASP D 654 -94.65 -148.42 34.31
C ASP D 654 -95.94 -149.19 34.46
N ILE D 655 -96.66 -148.99 35.57
CA ILE D 655 -97.93 -149.67 35.78
C ILE D 655 -98.94 -149.29 34.71
N LYS D 656 -99.04 -147.98 34.42
CA LYS D 656 -99.97 -147.53 33.40
C LYS D 656 -99.60 -148.06 32.02
N LEU D 657 -98.31 -148.07 31.70
CA LEU D 657 -97.88 -148.60 30.40
C LEU D 657 -98.19 -150.09 30.27
N LYS D 658 -97.95 -150.86 31.34
CA LYS D 658 -98.26 -152.28 31.31
C LYS D 658 -99.76 -152.51 31.16
N GLN D 659 -100.57 -151.74 31.89
CA GLN D 659 -102.01 -151.88 31.77
C GLN D 659 -102.50 -151.53 30.36
N TRP D 660 -101.94 -150.47 29.78
CA TRP D 660 -102.33 -150.10 28.42
C TRP D 660 -101.93 -151.17 27.42
N THR D 661 -100.72 -151.72 27.55
CA THR D 661 -100.28 -152.78 26.65
C THR D 661 -101.17 -154.00 26.77
N ASP D 662 -101.57 -154.35 28.00
CA ASP D 662 -102.40 -155.53 28.19
C ASP D 662 -103.81 -155.31 27.67
N LYS D 663 -104.36 -154.11 27.83
CA LYS D 663 -105.78 -153.90 27.58
C LYS D 663 -106.08 -153.68 26.09
N GLN D 664 -105.60 -152.57 25.52
CA GLN D 664 -106.03 -152.21 24.18
C GLN D 664 -104.94 -151.59 23.31
N LEU D 665 -103.70 -151.50 23.78
CA LEU D 665 -102.65 -150.86 22.98
C LEU D 665 -102.41 -151.57 21.64
N PRO D 666 -102.29 -152.90 21.57
CA PRO D 666 -102.13 -153.52 20.24
C PRO D 666 -103.29 -153.22 19.30
N ASN D 667 -104.52 -153.18 19.81
CA ASN D 667 -105.66 -152.87 18.95
C ASN D 667 -105.57 -151.44 18.42
N LYS D 668 -105.21 -150.50 19.27
CA LYS D 668 -105.05 -149.11 18.84
C LYS D 668 -103.94 -148.98 17.81
N ALA D 669 -102.82 -149.69 18.02
CA ALA D 669 -101.72 -149.65 17.06
C ALA D 669 -102.14 -150.23 15.72
N VAL D 670 -102.88 -151.34 15.74
CA VAL D 670 -103.36 -151.93 14.49
C VAL D 670 -104.31 -150.99 13.77
N GLU D 671 -105.22 -150.35 14.51
CA GLU D 671 -106.14 -149.40 13.90
C GLU D 671 -105.40 -148.22 13.29
N VAL D 672 -104.40 -147.70 14.00
CA VAL D 672 -103.64 -146.56 13.49
C VAL D 672 -102.87 -146.95 12.23
N ALA D 673 -102.25 -148.13 12.24
CA ALA D 673 -101.53 -148.60 11.06
C ALA D 673 -102.46 -148.78 9.87
N TRP D 674 -103.64 -149.36 10.10
CA TRP D 674 -104.60 -149.55 9.02
C TRP D 674 -105.09 -148.22 8.48
N GLU D 675 -105.34 -147.25 9.36
CA GLU D 675 -105.78 -145.93 8.92
C GLU D 675 -104.70 -145.24 8.10
N THR D 676 -103.44 -145.35 8.54
CA THR D 676 -102.34 -144.75 7.77
C THR D 676 -102.20 -145.40 6.42
N LEU D 677 -102.32 -146.73 6.35
CA LEU D 677 -102.26 -147.42 5.06
C LEU D 677 -103.39 -146.98 4.15
N GLN D 678 -104.60 -146.84 4.71
CA GLN D 678 -105.73 -146.36 3.90
C GLN D 678 -105.49 -144.95 3.39
N GLU D 679 -104.94 -144.08 4.24
CA GLU D 679 -104.65 -142.71 3.80
C GLU D 679 -103.61 -142.68 2.70
N GLU D 680 -102.55 -143.49 2.84
CA GLU D 680 -101.53 -143.55 1.79
C GLU D 680 -102.11 -144.08 0.49
N PHE D 681 -102.93 -145.12 0.57
CA PHE D 681 -103.55 -145.69 -0.63
C PHE D 681 -104.47 -144.66 -1.30
N SER D 682 -105.25 -143.93 -0.51
CA SER D 682 -106.14 -142.92 -1.06
C SER D 682 -105.35 -141.79 -1.72
N ARG D 683 -104.26 -141.35 -1.08
CA ARG D 683 -103.45 -140.29 -1.67
C ARG D 683 -102.80 -140.76 -2.97
N PHE D 684 -102.33 -142.01 -3.02
CA PHE D 684 -101.76 -142.53 -4.25
C PHE D 684 -102.80 -142.64 -5.35
N MET D 685 -104.02 -143.09 -5.00
CA MET D 685 -105.08 -143.21 -5.99
C MET D 685 -105.48 -141.84 -6.53
N THR D 686 -105.58 -140.85 -5.66
CA THR D 686 -105.96 -139.49 -6.04
C THR D 686 -104.73 -138.59 -5.89
N GLU D 687 -103.94 -138.53 -6.95
CA GLU D 687 -102.70 -137.75 -6.97
C GLU D 687 -102.75 -136.82 -8.18
N PRO D 688 -103.37 -135.64 -8.03
CA PRO D 688 -103.55 -134.73 -9.17
C PRO D 688 -102.28 -133.94 -9.50
N LYS D 689 -101.17 -134.67 -9.66
CA LYS D 689 -99.94 -134.02 -10.09
C LYS D 689 -100.07 -133.49 -11.52
N GLY D 690 -100.73 -134.25 -12.39
CA GLY D 690 -100.92 -133.78 -13.75
C GLY D 690 -101.90 -132.62 -13.83
N LYS D 691 -101.72 -131.80 -14.86
CA LYS D 691 -102.58 -130.62 -15.03
C LYS D 691 -103.99 -130.99 -15.45
N GLU D 692 -104.19 -132.18 -16.03
CA GLU D 692 -105.52 -132.58 -16.47
C GLU D 692 -106.25 -133.35 -15.39
N HIS D 693 -105.68 -134.48 -14.96
CA HIS D 693 -106.24 -135.33 -13.91
C HIS D 693 -107.71 -135.65 -14.20
N ASP D 694 -107.91 -136.36 -15.31
CA ASP D 694 -109.25 -136.77 -15.72
C ASP D 694 -109.93 -137.60 -14.63
N ASP D 695 -111.18 -137.25 -14.33
CA ASP D 695 -111.92 -137.90 -13.26
C ASP D 695 -112.52 -139.24 -13.67
N ILE D 696 -112.55 -139.56 -14.97
CA ILE D 696 -113.10 -140.84 -15.41
C ILE D 696 -112.29 -141.99 -14.81
N PHE D 697 -110.96 -141.89 -14.87
CA PHE D 697 -110.12 -142.92 -14.25
C PHE D 697 -110.14 -142.79 -12.73
N ASP D 698 -110.29 -141.57 -12.21
CA ASP D 698 -110.28 -141.36 -10.78
C ASP D 698 -111.46 -142.05 -10.10
N LYS D 699 -112.64 -141.99 -10.71
CA LYS D 699 -113.80 -142.66 -10.14
C LYS D 699 -113.59 -144.17 -10.06
N LEU D 700 -113.05 -144.76 -11.13
CA LEU D 700 -112.77 -146.19 -11.12
C LEU D 700 -111.72 -146.54 -10.07
N LYS D 701 -110.69 -145.70 -9.94
CA LYS D 701 -109.67 -145.94 -8.93
C LYS D 701 -110.25 -145.88 -7.52
N GLU D 702 -111.13 -144.90 -7.26
CA GLU D 702 -111.76 -144.80 -5.96
C GLU D 702 -112.66 -146.00 -5.69
N ALA D 703 -113.40 -146.45 -6.70
CA ALA D 703 -114.26 -147.62 -6.53
C ALA D 703 -113.43 -148.87 -6.22
N VAL D 704 -112.31 -149.04 -6.92
CA VAL D 704 -111.45 -150.19 -6.67
C VAL D 704 -110.84 -150.10 -5.27
N LYS D 705 -110.45 -148.90 -4.85
CA LYS D 705 -109.90 -148.71 -3.51
C LYS D 705 -110.93 -149.07 -2.44
N GLU D 706 -112.18 -148.61 -2.63
CA GLU D 706 -113.23 -148.93 -1.67
C GLU D 706 -113.50 -150.43 -1.62
N GLU D 707 -113.53 -151.08 -2.79
CA GLU D 707 -113.75 -152.52 -2.82
C GLU D 707 -112.63 -153.27 -2.12
N SER D 708 -111.38 -152.85 -2.35
CA SER D 708 -110.24 -153.50 -1.68
C SER D 708 -110.28 -153.27 -0.18
N ILE D 709 -110.67 -152.07 0.25
CA ILE D 709 -110.75 -151.78 1.68
C ILE D 709 -111.82 -152.65 2.33
N LYS D 710 -112.99 -152.76 1.68
CA LYS D 710 -114.07 -153.58 2.23
C LYS D 710 -113.71 -155.06 2.21
N ARG D 711 -112.96 -155.51 1.22
CA ARG D 711 -112.59 -156.92 1.10
C ARG D 711 -111.35 -157.28 1.92
N HIS D 712 -110.64 -156.29 2.45
CA HIS D 712 -109.41 -156.57 3.20
C HIS D 712 -109.72 -157.31 4.48
N LYS D 713 -108.84 -158.24 4.85
CA LYS D 713 -108.97 -159.05 6.04
C LYS D 713 -107.73 -158.93 6.90
N TRP D 714 -107.88 -159.24 8.19
CA TRP D 714 -106.79 -159.18 9.15
C TRP D 714 -106.66 -160.51 9.87
N ASN D 715 -105.44 -160.81 10.32
CA ASN D 715 -105.13 -162.08 10.98
C ASN D 715 -104.90 -161.82 12.47
N ASP D 716 -105.56 -162.61 13.31
CA ASP D 716 -105.40 -162.46 14.75
C ASP D 716 -104.02 -162.91 15.22
N PHE D 717 -103.38 -163.80 14.47
CA PHE D 717 -102.01 -164.21 14.80
C PHE D 717 -101.06 -163.03 14.73
N ALA D 718 -101.25 -162.16 13.74
CA ALA D 718 -100.45 -160.94 13.66
C ALA D 718 -100.68 -160.04 14.87
N GLU D 719 -101.93 -159.93 15.31
CA GLU D 719 -102.23 -159.14 16.50
C GLU D 719 -101.56 -159.71 17.73
N ASP D 720 -101.60 -161.04 17.89
CA ASP D 720 -100.95 -161.67 19.04
C ASP D 720 -99.44 -161.47 19.00
N SER D 721 -98.83 -161.60 17.82
CA SER D 721 -97.40 -161.37 17.69
C SER D 721 -97.05 -159.92 18.02
N LEU D 722 -97.87 -158.97 17.55
CA LEU D 722 -97.65 -157.57 17.86
C LEU D 722 -97.73 -157.32 19.36
N ARG D 723 -98.73 -157.92 20.02
CA ARG D 723 -98.86 -157.77 21.47
C ARG D 723 -97.64 -158.33 22.20
N VAL D 724 -97.19 -159.51 21.77
CA VAL D 724 -96.03 -160.13 22.41
C VAL D 724 -94.79 -159.27 22.23
N ILE D 725 -94.57 -158.75 21.02
CA ILE D 725 -93.40 -157.93 20.75
C ILE D 725 -93.47 -156.62 21.51
N GLN D 726 -94.66 -156.02 21.61
CA GLN D 726 -94.82 -154.79 22.38
C GLN D 726 -94.52 -155.03 23.86
N HIS D 727 -94.98 -156.14 24.41
CA HIS D 727 -94.65 -156.47 25.79
C HIS D 727 -93.16 -156.73 25.98
N ASN D 728 -92.52 -157.39 25.02
CA ASN D 728 -91.10 -157.72 25.15
C ASN D 728 -90.20 -156.51 24.89
N ALA D 729 -90.72 -155.46 24.24
CA ALA D 729 -89.91 -154.30 23.91
C ALA D 729 -89.63 -153.44 25.13
N LEU D 730 -88.84 -153.96 26.06
CA LEU D 730 -88.42 -153.23 27.25
C LEU D 730 -86.91 -153.41 27.45
N GLU D 731 -86.15 -153.23 26.38
CA GLU D 731 -84.72 -153.52 26.37
C GLU D 731 -83.89 -152.40 27.02
N ASP D 732 -83.94 -151.20 26.47
CA ASP D 732 -83.11 -150.10 26.94
C ASP D 732 -83.89 -149.21 27.89
N ARG D 733 -83.24 -148.79 28.96
CA ARG D 733 -83.86 -147.94 29.98
C ARG D 733 -83.01 -146.76 30.41
N SER D 734 -81.80 -146.59 29.88
CA SER D 734 -80.94 -145.48 30.27
C SER D 734 -80.19 -144.98 29.06
N ILE D 735 -79.74 -143.73 29.14
CA ILE D 735 -78.98 -143.08 28.08
C ILE D 735 -77.53 -142.96 28.52
N SER D 736 -76.61 -143.51 27.70
CA SER D 736 -75.19 -143.43 27.95
C SER D 736 -74.46 -142.60 26.90
N ASP D 737 -75.20 -141.88 26.06
CA ASP D 737 -74.61 -141.10 24.98
C ASP D 737 -75.00 -139.64 25.16
N LYS D 738 -74.02 -138.74 25.06
CA LYS D 738 -74.30 -137.31 25.14
C LYS D 738 -75.17 -136.85 23.98
N GLN D 739 -74.90 -137.35 22.77
CA GLN D 739 -75.69 -136.95 21.61
C GLN D 739 -77.14 -137.43 21.73
N GLN D 740 -77.33 -138.67 22.20
CA GLN D 740 -78.69 -139.17 22.41
C GLN D 740 -79.40 -138.36 23.50
N TRP D 741 -78.68 -138.00 24.55
CA TRP D 741 -79.25 -137.17 25.61
C TRP D 741 -79.69 -135.82 25.07
N ASP D 742 -78.86 -135.20 24.22
CA ASP D 742 -79.22 -133.92 23.63
C ASP D 742 -80.42 -134.05 22.69
N ALA D 743 -80.47 -135.14 21.91
CA ALA D 743 -81.62 -135.36 21.04
C ALA D 743 -82.90 -135.54 21.84
N ALA D 744 -82.83 -136.30 22.93
CA ALA D 744 -84.00 -136.46 23.79
C ALA D 744 -84.42 -135.14 24.42
N ILE D 745 -83.44 -134.33 24.83
CA ILE D 745 -83.75 -133.01 25.39
C ILE D 745 -84.45 -132.15 24.35
N TYR D 746 -83.96 -132.16 23.11
CA TYR D 746 -84.59 -131.35 22.06
C TYR D 746 -86.00 -131.82 21.75
N PHE D 747 -86.21 -133.15 21.70
CA PHE D 747 -87.55 -133.66 21.44
C PHE D 747 -88.51 -133.30 22.57
N MET D 748 -88.05 -133.44 23.83
CA MET D 748 -88.88 -133.06 24.97
C MET D 748 -89.18 -131.58 24.97
N GLU D 749 -88.20 -130.75 24.60
CA GLU D 749 -88.41 -129.31 24.51
C GLU D 749 -89.45 -128.97 23.44
N GLU D 750 -89.38 -129.65 22.29
CA GLU D 750 -90.36 -129.42 21.24
C GLU D 750 -91.76 -129.81 21.71
N ALA D 751 -91.88 -130.96 22.37
CA ALA D 751 -93.19 -131.40 22.86
C ALA D 751 -93.74 -130.44 23.91
N LEU D 752 -92.89 -129.97 24.82
CA LEU D 752 -93.33 -129.05 25.86
C LEU D 752 -93.69 -127.69 25.27
N GLN D 753 -92.97 -127.26 24.25
CA GLN D 753 -93.32 -126.00 23.58
C GLN D 753 -94.67 -126.13 22.87
N ALA D 754 -94.93 -127.27 22.24
CA ALA D 754 -96.23 -127.49 21.62
C ALA D 754 -97.34 -127.47 22.66
N ARG D 755 -97.11 -128.14 23.80
CA ARG D 755 -98.10 -128.14 24.88
C ARG D 755 -98.33 -126.72 25.42
N LEU D 756 -97.24 -125.95 25.57
CA LEU D 756 -97.37 -124.57 26.03
C LEU D 756 -98.16 -123.72 25.05
N LYS D 757 -97.93 -123.91 23.74
CA LYS D 757 -98.70 -123.17 22.76
C LYS D 757 -100.17 -123.55 22.80
N ASP D 758 -100.47 -124.85 22.97
CA ASP D 758 -101.86 -125.26 23.10
C ASP D 758 -102.51 -124.65 24.33
N THR D 759 -101.79 -124.63 25.45
CA THR D 759 -102.33 -124.04 26.67
C THR D 759 -102.55 -122.54 26.50
N GLU D 760 -101.63 -121.86 25.82
CA GLU D 760 -101.79 -120.43 25.57
C GLU D 760 -103.00 -120.17 24.69
N ASN D 761 -103.20 -121.00 23.67
CA ASN D 761 -104.38 -120.86 22.82
C ASN D 761 -105.66 -121.07 23.60
N ALA D 762 -105.68 -122.08 24.47
CA ALA D 762 -106.86 -122.32 25.30
C ALA D 762 -107.13 -121.15 26.24
N ILE D 763 -106.07 -120.61 26.85
CA ILE D 763 -106.25 -119.47 27.76
C ILE D 763 -106.75 -118.25 27.00
N GLU D 764 -106.21 -118.00 25.80
CA GLU D 764 -106.67 -116.87 25.01
C GLU D 764 -108.13 -117.04 24.60
N ASN D 765 -108.53 -118.26 24.23
CA ASN D 765 -109.93 -118.51 23.92
C ASN D 765 -110.82 -118.27 25.13
N MET D 766 -110.37 -118.70 26.31
CA MET D 766 -111.16 -118.52 27.52
C MET D 766 -111.29 -117.05 27.90
N VAL D 767 -110.21 -116.27 27.75
CA VAL D 767 -110.18 -114.90 28.24
C VAL D 767 -110.12 -113.91 27.10
N GLY D 768 -109.05 -113.96 26.31
CA GLY D 768 -108.85 -113.01 25.23
C GLY D 768 -107.50 -112.33 25.30
N PRO D 769 -107.44 -111.07 24.85
CA PRO D 769 -106.17 -110.34 24.90
C PRO D 769 -105.66 -110.19 26.32
N ASP D 770 -104.34 -110.31 26.48
CA ASP D 770 -103.70 -110.26 27.78
C ASP D 770 -102.46 -109.37 27.71
N TRP D 771 -102.23 -108.59 28.77
CA TRP D 771 -101.04 -107.77 28.94
C TRP D 771 -100.94 -106.78 27.80
N LYS D 772 -99.89 -106.82 26.97
CA LYS D 772 -99.69 -105.83 25.91
C LYS D 772 -100.82 -105.86 24.89
N LYS D 773 -101.29 -107.06 24.56
CA LYS D 773 -102.40 -107.18 23.61
C LYS D 773 -103.66 -106.51 24.14
N ARG D 774 -103.94 -106.70 25.44
CA ARG D 774 -105.14 -106.12 26.02
C ARG D 774 -105.02 -104.61 26.16
N TRP D 775 -103.86 -104.12 26.61
CA TRP D 775 -103.68 -102.70 26.87
C TRP D 775 -103.24 -101.91 25.65
N LEU D 776 -103.06 -102.57 24.49
CA LEU D 776 -102.68 -101.84 23.29
C LEU D 776 -103.77 -100.86 22.87
N TYR D 777 -105.03 -101.29 22.93
CA TYR D 777 -106.14 -100.39 22.60
C TYR D 777 -106.38 -99.38 23.71
N TRP D 778 -106.31 -99.81 24.96
CA TRP D 778 -106.46 -99.02 26.17
C TRP D 778 -107.89 -98.51 26.36
N LYS D 779 -108.80 -98.78 25.42
CA LYS D 779 -110.18 -98.36 25.52
C LYS D 779 -111.19 -99.49 25.39
N ASN D 780 -110.73 -100.72 25.11
CA ASN D 780 -111.61 -101.87 24.95
C ASN D 780 -111.51 -102.72 26.21
N ARG D 781 -112.61 -102.78 26.96
CA ARG D 781 -112.67 -103.58 28.19
C ARG D 781 -114.02 -104.29 28.27
N THR D 782 -113.98 -105.52 28.76
CA THR D 782 -115.17 -106.34 28.94
C THR D 782 -115.20 -106.86 30.36
N GLN D 783 -116.39 -106.89 30.97
CA GLN D 783 -116.51 -107.35 32.35
C GLN D 783 -116.16 -108.83 32.47
N GLU D 784 -116.50 -109.63 31.45
CA GLU D 784 -116.21 -111.05 31.51
C GLU D 784 -114.71 -111.32 31.51
N GLN D 785 -113.97 -110.66 30.61
CA GLN D 785 -112.53 -110.82 30.58
C GLN D 785 -111.85 -110.13 31.77
N CYS D 786 -112.44 -109.06 32.29
CA CYS D 786 -111.89 -108.41 33.47
C CYS D 786 -111.93 -109.34 34.68
N VAL D 787 -113.03 -110.10 34.83
CA VAL D 787 -113.14 -111.05 35.93
C VAL D 787 -112.06 -112.13 35.79
N HIS D 788 -111.86 -112.63 34.58
CA HIS D 788 -110.83 -113.65 34.36
C HIS D 788 -109.45 -113.10 34.65
N ASN D 789 -109.18 -111.85 34.24
CA ASN D 789 -107.90 -111.23 34.51
C ASN D 789 -107.66 -111.07 36.00
N GLU D 790 -108.69 -110.64 36.75
CA GLU D 790 -108.56 -110.50 38.19
C GLU D 790 -108.31 -111.85 38.85
N THR D 791 -109.02 -112.89 38.41
CA THR D 791 -108.79 -114.23 38.96
C THR D 791 -107.38 -114.70 38.67
N LYS D 792 -106.89 -114.46 37.45
CA LYS D 792 -105.52 -114.83 37.09
C LYS D 792 -104.51 -114.10 37.95
N ASN D 793 -104.72 -112.80 38.17
CA ASN D 793 -103.80 -112.03 39.02
C ASN D 793 -103.82 -112.55 40.45
N GLU D 794 -105.01 -112.86 40.98
CA GLU D 794 -105.11 -113.37 42.34
C GLU D 794 -104.39 -114.72 42.47
N LEU D 795 -104.57 -115.60 41.48
CA LEU D 795 -103.90 -116.90 41.52
C LEU D 795 -102.38 -116.74 41.39
N GLU D 796 -101.92 -115.81 40.54
CA GLU D 796 -100.50 -115.56 40.42
C GLU D 796 -99.92 -115.05 41.74
N LYS D 797 -100.63 -114.13 42.41
CA LYS D 797 -100.16 -113.65 43.70
C LYS D 797 -100.15 -114.77 44.74
N MET D 798 -101.15 -115.66 44.71
CA MET D 798 -101.17 -116.79 45.63
C MET D 798 -99.98 -117.72 45.39
N LEU D 799 -99.65 -117.98 44.12
CA LEU D 799 -98.48 -118.78 43.81
C LEU D 799 -97.19 -118.09 44.24
N LYS D 800 -97.11 -116.77 44.07
CA LYS D 800 -95.93 -116.04 44.52
C LYS D 800 -95.77 -116.15 46.04
N CYS D 801 -96.88 -116.04 46.77
CA CYS D 801 -96.83 -116.20 48.23
C CYS D 801 -96.64 -117.66 48.62
N ASN D 802 -97.29 -118.58 47.91
CA ASN D 802 -97.25 -120.02 48.22
C ASN D 802 -96.97 -120.76 46.91
N GLU D 803 -95.69 -121.09 46.69
CA GLU D 803 -95.32 -121.76 45.45
C GLU D 803 -95.94 -123.15 45.34
N GLU D 804 -95.96 -123.89 46.45
CA GLU D 804 -96.48 -125.26 46.47
C GLU D 804 -97.89 -125.26 47.04
N HIS D 805 -98.83 -125.83 46.29
CA HIS D 805 -100.22 -125.91 46.69
C HIS D 805 -100.82 -127.20 46.15
N PRO D 806 -101.66 -127.88 46.92
CA PRO D 806 -102.31 -129.08 46.41
C PRO D 806 -103.25 -128.77 45.25
N ALA D 807 -103.40 -129.74 44.35
CA ALA D 807 -104.25 -129.55 43.18
C ALA D 807 -105.70 -129.32 43.57
N TYR D 808 -106.20 -130.09 44.54
CA TYR D 808 -107.57 -129.94 44.98
C TYR D 808 -107.73 -128.66 45.80
N LEU D 809 -108.97 -128.16 45.85
CA LEU D 809 -109.30 -126.95 46.59
C LEU D 809 -110.23 -127.32 47.74
N ALA D 810 -109.84 -126.97 48.96
CA ALA D 810 -110.67 -127.22 50.12
C ALA D 810 -111.77 -126.17 50.24
N SER D 811 -112.77 -126.46 51.07
CA SER D 811 -113.90 -125.57 51.21
C SER D 811 -113.48 -124.21 51.78
N ASP D 812 -112.61 -124.20 52.78
CA ASP D 812 -112.18 -122.94 53.37
C ASP D 812 -111.38 -122.11 52.37
N GLU D 813 -110.55 -122.76 51.56
CA GLU D 813 -109.79 -122.03 50.54
C GLU D 813 -110.73 -121.39 49.52
N ILE D 814 -111.74 -122.12 49.07
CA ILE D 814 -112.71 -121.58 48.12
C ILE D 814 -113.47 -120.41 48.75
N THR D 815 -113.87 -120.56 50.01
CA THR D 815 -114.59 -119.48 50.69
C THR D 815 -113.71 -118.23 50.80
N THR D 816 -112.44 -118.41 51.16
CA THR D 816 -111.53 -117.27 51.27
C THR D 816 -111.33 -116.60 49.92
N VAL D 817 -111.16 -117.38 48.85
CA VAL D 817 -110.99 -116.81 47.52
C VAL D 817 -112.23 -116.04 47.11
N ARG D 818 -113.41 -116.60 47.36
CA ARG D 818 -114.65 -115.91 47.00
C ARG D 818 -114.82 -114.62 47.80
N LYS D 819 -114.46 -114.65 49.08
CA LYS D 819 -114.55 -113.42 49.89
C LYS D 819 -113.58 -112.37 49.39
N ASN D 820 -112.37 -112.77 49.02
CA ASN D 820 -111.40 -111.82 48.48
C ASN D 820 -111.90 -111.22 47.18
N LEU D 821 -112.51 -112.04 46.31
CA LEU D 821 -113.05 -111.54 45.06
C LEU D 821 -114.21 -110.57 45.30
N GLU D 822 -115.10 -110.91 46.25
CA GLU D 822 -116.25 -110.07 46.53
C GLU D 822 -115.90 -108.82 47.34
N SER D 823 -114.70 -108.76 47.92
CA SER D 823 -114.29 -107.57 48.64
C SER D 823 -114.27 -106.35 47.72
N ARG D 824 -113.79 -106.52 46.48
CA ARG D 824 -113.77 -105.46 45.50
C ARG D 824 -115.03 -105.43 44.64
N GLY D 825 -115.95 -106.36 44.84
CA GLY D 825 -117.20 -106.36 44.11
C GLY D 825 -117.22 -107.28 42.91
N VAL D 826 -116.62 -108.46 43.04
CA VAL D 826 -116.57 -109.44 41.97
C VAL D 826 -117.14 -110.75 42.50
N GLU D 827 -118.17 -111.26 41.85
CA GLU D 827 -118.80 -112.53 42.20
C GLU D 827 -118.54 -113.52 41.08
N VAL D 828 -117.91 -114.66 41.41
CA VAL D 828 -117.53 -115.66 40.44
C VAL D 828 -118.08 -117.01 40.91
N ASP D 829 -118.66 -117.76 39.98
CA ASP D 829 -119.17 -119.09 40.31
C ASP D 829 -118.03 -120.02 40.67
N PRO D 830 -118.27 -120.99 41.57
CA PRO D 830 -117.19 -121.91 41.96
C PRO D 830 -116.62 -122.73 40.82
N SER D 831 -117.44 -123.07 39.82
CA SER D 831 -116.94 -123.85 38.69
C SER D 831 -115.89 -123.09 37.91
N LEU D 832 -116.14 -121.80 37.64
CA LEU D 832 -115.15 -120.98 36.95
C LEU D 832 -113.89 -120.81 37.79
N ILE D 833 -114.04 -120.66 39.10
CA ILE D 833 -112.87 -120.55 39.98
C ILE D 833 -112.03 -121.82 39.89
N LYS D 834 -112.69 -122.98 39.93
CA LYS D 834 -111.96 -124.25 39.84
C LYS D 834 -111.27 -124.39 38.49
N ASP D 835 -111.95 -124.01 37.41
CA ASP D 835 -111.34 -124.11 36.08
C ASP D 835 -110.12 -123.20 35.96
N THR D 836 -110.24 -121.96 36.45
CA THR D 836 -109.11 -121.04 36.41
C THR D 836 -107.95 -121.55 37.27
N TRP D 837 -108.27 -122.12 38.44
CA TRP D 837 -107.22 -122.68 39.28
C TRP D 837 -106.52 -123.84 38.59
N HIS D 838 -107.29 -124.70 37.92
CA HIS D 838 -106.68 -125.82 37.19
C HIS D 838 -105.77 -125.32 36.07
N GLN D 839 -106.23 -124.32 35.32
CA GLN D 839 -105.41 -123.77 34.24
C GLN D 839 -104.13 -123.14 34.78
N VAL D 840 -104.24 -122.40 35.88
CA VAL D 840 -103.06 -121.76 36.47
C VAL D 840 -102.10 -122.81 37.02
N TYR D 841 -102.64 -123.87 37.62
CA TYR D 841 -101.82 -124.96 38.12
C TYR D 841 -101.06 -125.65 36.97
N ARG D 842 -101.76 -125.89 35.86
CA ARG D 842 -101.11 -126.48 34.69
C ARG D 842 -100.02 -125.56 34.14
N ARG D 843 -100.29 -124.26 34.08
CA ARG D 843 -99.28 -123.31 33.59
C ARG D 843 -98.06 -123.28 34.51
N HIS D 844 -98.30 -123.30 35.83
CA HIS D 844 -97.20 -123.28 36.78
C HIS D 844 -96.33 -124.53 36.64
N PHE D 845 -96.96 -125.70 36.49
CA PHE D 845 -96.17 -126.91 36.31
C PHE D 845 -95.50 -126.96 34.95
N LEU D 846 -96.09 -126.34 33.92
CA LEU D 846 -95.39 -126.23 32.64
C LEU D 846 -94.14 -125.38 32.78
N LYS D 847 -94.23 -124.26 33.50
CA LYS D 847 -93.06 -123.43 33.74
C LYS D 847 -92.02 -124.18 34.55
N THR D 848 -92.46 -124.94 35.56
CA THR D 848 -91.53 -125.74 36.36
C THR D 848 -90.83 -126.79 35.50
N ALA D 849 -91.57 -127.43 34.60
CA ALA D 849 -90.98 -128.41 33.69
C ALA D 849 -89.96 -127.74 32.76
N LEU D 850 -90.28 -126.54 32.28
CA LEU D 850 -89.33 -125.81 31.44
C LEU D 850 -88.05 -125.49 32.20
N ASN D 851 -88.18 -125.06 33.45
CA ASN D 851 -87.00 -124.80 34.28
C ASN D 851 -86.21 -126.07 34.51
N HIS D 852 -86.91 -127.20 34.74
CA HIS D 852 -86.23 -128.47 34.92
C HIS D 852 -85.47 -128.88 33.66
N CYS D 853 -86.06 -128.64 32.49
CA CYS D 853 -85.37 -128.91 31.24
C CYS D 853 -84.13 -128.04 31.09
N ASN D 854 -84.25 -126.75 31.44
CA ASN D 854 -83.10 -125.86 31.38
C ASN D 854 -81.98 -126.34 32.29
N LEU D 855 -82.33 -126.80 33.50
CA LEU D 855 -81.34 -127.33 34.42
C LEU D 855 -80.71 -128.62 33.86
N CYS D 856 -81.53 -129.52 33.33
CA CYS D 856 -81.02 -130.78 32.81
C CYS D 856 -80.18 -130.59 31.56
N ARG D 857 -80.33 -129.46 30.87
CA ARG D 857 -79.47 -129.18 29.72
C ARG D 857 -78.00 -129.10 30.09
N ARG D 858 -77.72 -128.78 31.36
CA ARG D 858 -76.31 -128.67 31.83
C ARG D 858 -76.05 -129.75 32.90
N GLY D 859 -77.11 -130.37 33.41
CA GLY D 859 -76.98 -131.38 34.45
C GLY D 859 -76.58 -132.76 33.99
N PHE D 860 -76.09 -132.92 32.76
CA PHE D 860 -75.64 -134.22 32.29
C PHE D 860 -74.46 -134.75 33.10
N TYR D 861 -73.63 -133.87 33.65
CA TYR D 861 -72.54 -134.32 34.51
C TYR D 861 -73.07 -135.03 35.75
N TYR D 862 -74.10 -134.46 36.39
CA TYR D 862 -74.72 -135.12 37.53
C TYR D 862 -75.45 -136.39 37.09
N TYR D 863 -76.14 -136.32 35.94
CA TYR D 863 -76.94 -137.46 35.50
C TYR D 863 -76.08 -138.67 35.19
N GLN D 864 -74.94 -138.46 34.50
CA GLN D 864 -74.12 -139.59 34.06
C GLN D 864 -73.53 -140.35 35.23
N ARG D 865 -73.06 -139.63 36.26
CA ARG D 865 -72.39 -140.27 37.38
C ARG D 865 -73.31 -140.60 38.54
N HIS D 866 -74.47 -139.93 38.64
CA HIS D 866 -75.44 -140.17 39.69
C HIS D 866 -74.80 -140.00 41.08
N PHE D 867 -74.40 -138.76 41.36
CA PHE D 867 -73.77 -138.45 42.64
C PHE D 867 -74.75 -138.63 43.79
N VAL D 868 -74.21 -138.97 44.96
CA VAL D 868 -75.05 -139.16 46.14
C VAL D 868 -75.77 -137.87 46.50
N ASP D 869 -75.03 -136.76 46.52
CA ASP D 869 -75.61 -135.44 46.80
C ASP D 869 -76.03 -134.74 45.52
N SER D 870 -76.85 -135.42 44.71
CA SER D 870 -77.27 -134.86 43.44
C SER D 870 -78.27 -133.72 43.67
N GLU D 871 -78.02 -132.58 43.03
CA GLU D 871 -78.91 -131.44 43.11
C GLU D 871 -79.96 -131.41 42.01
N LEU D 872 -79.99 -132.44 41.15
CA LEU D 872 -80.92 -132.48 40.03
C LEU D 872 -81.17 -133.93 39.65
N GLU D 873 -82.44 -134.31 39.55
CA GLU D 873 -82.83 -135.66 39.17
C GLU D 873 -83.58 -135.58 37.84
N CYS D 874 -82.86 -135.86 36.75
CA CYS D 874 -83.44 -135.81 35.41
C CYS D 874 -84.03 -137.19 35.09
N ASN D 875 -85.35 -137.30 35.20
CA ASN D 875 -86.05 -138.54 34.89
C ASN D 875 -87.04 -138.39 33.73
N ASP D 876 -87.58 -137.20 33.51
CA ASP D 876 -88.51 -136.99 32.40
C ASP D 876 -87.82 -137.22 31.06
N VAL D 877 -86.56 -136.78 30.95
CA VAL D 877 -85.82 -136.98 29.71
C VAL D 877 -85.65 -138.46 29.41
N VAL D 878 -85.28 -139.24 30.43
CA VAL D 878 -85.10 -140.68 30.26
C VAL D 878 -86.42 -141.33 29.90
N LEU D 879 -87.51 -140.94 30.57
CA LEU D 879 -88.81 -141.52 30.28
C LEU D 879 -89.25 -141.22 28.85
N PHE D 880 -89.04 -139.98 28.39
CA PHE D 880 -89.43 -139.62 27.03
C PHE D 880 -88.57 -140.36 26.01
N TRP D 881 -87.28 -140.54 26.30
CA TRP D 881 -86.44 -141.30 25.39
C TRP D 881 -86.88 -142.76 25.32
N ARG D 882 -87.24 -143.34 26.47
CA ARG D 882 -87.75 -144.71 26.48
C ARG D 882 -89.03 -144.82 25.66
N ILE D 883 -89.95 -143.85 25.83
CA ILE D 883 -91.18 -143.86 25.06
C ILE D 883 -90.88 -143.75 23.57
N GLN D 884 -89.93 -142.88 23.20
CA GLN D 884 -89.60 -142.69 21.80
C GLN D 884 -89.02 -143.98 21.19
N ARG D 885 -88.10 -144.64 21.90
CA ARG D 885 -87.51 -145.85 21.35
C ARG D 885 -88.52 -146.99 21.29
N MET D 886 -89.41 -147.08 22.30
CA MET D 886 -90.46 -148.09 22.25
C MET D 886 -91.40 -147.85 21.07
N LEU D 887 -91.75 -146.59 20.83
CA LEU D 887 -92.60 -146.25 19.69
C LEU D 887 -91.91 -146.58 18.37
N ALA D 888 -90.61 -146.32 18.28
CA ALA D 888 -89.87 -146.65 17.07
C ALA D 888 -89.85 -148.15 16.84
N ILE D 889 -89.64 -148.93 17.90
CA ILE D 889 -89.62 -150.39 17.77
C ILE D 889 -91.00 -150.89 17.34
N THR D 890 -92.06 -150.34 17.95
CA THR D 890 -93.41 -150.74 17.58
C THR D 890 -93.73 -150.39 16.14
N ALA D 891 -93.31 -149.22 15.68
CA ALA D 891 -93.54 -148.82 14.30
C ALA D 891 -92.79 -149.72 13.33
N ASN D 892 -91.54 -150.07 13.66
CA ASN D 892 -90.78 -150.96 12.81
C ASN D 892 -91.43 -152.34 12.73
N THR D 893 -91.89 -152.86 13.87
CA THR D 893 -92.58 -154.15 13.88
C THR D 893 -93.87 -154.10 13.06
N LEU D 894 -94.62 -153.01 13.20
CA LEU D 894 -95.86 -152.86 12.45
C LEU D 894 -95.58 -152.82 10.95
N ARG D 895 -94.55 -152.07 10.54
CA ARG D 895 -94.19 -152.00 9.13
C ARG D 895 -93.77 -153.36 8.60
N GLN D 896 -92.96 -154.09 9.38
CA GLN D 896 -92.51 -155.41 8.94
C GLN D 896 -93.68 -156.37 8.78
N GLN D 897 -94.58 -156.40 9.77
CA GLN D 897 -95.73 -157.29 9.68
C GLN D 897 -96.66 -156.88 8.54
N LEU D 898 -96.83 -155.58 8.31
CA LEU D 898 -97.64 -155.11 7.19
C LEU D 898 -97.05 -155.59 5.87
N THR D 899 -95.76 -155.34 5.65
CA THR D 899 -95.12 -155.79 4.42
C THR D 899 -95.19 -157.30 4.27
N ASN D 900 -95.14 -158.04 5.37
CA ASN D 900 -95.19 -159.49 5.28
C ASN D 900 -96.57 -160.01 4.89
N THR D 901 -97.63 -159.46 5.50
CA THR D 901 -98.96 -160.05 5.36
C THR D 901 -99.96 -159.15 4.66
N GLU D 902 -100.08 -157.89 5.08
CA GLU D 902 -101.17 -157.06 4.59
C GLU D 902 -100.96 -156.63 3.14
N VAL D 903 -99.70 -156.47 2.72
CA VAL D 903 -99.43 -156.15 1.32
C VAL D 903 -99.91 -157.28 0.42
N ARG D 904 -99.59 -158.53 0.80
CA ARG D 904 -100.05 -159.68 0.04
C ARG D 904 -101.58 -159.80 0.08
N ARG D 905 -102.19 -159.53 1.23
CA ARG D 905 -103.65 -159.59 1.32
C ARG D 905 -104.30 -158.55 0.40
N LEU D 906 -103.76 -157.33 0.40
CA LEU D 906 -104.31 -156.28 -0.46
C LEU D 906 -104.10 -156.63 -1.93
N GLU D 907 -102.94 -157.21 -2.28
CA GLU D 907 -102.72 -157.64 -3.64
C GLU D 907 -103.73 -158.71 -4.06
N LYS D 908 -104.00 -159.67 -3.16
CA LYS D 908 -104.98 -160.70 -3.46
C LYS D 908 -106.37 -160.12 -3.65
N ASN D 909 -106.75 -159.17 -2.78
CA ASN D 909 -108.06 -158.53 -2.91
C ASN D 909 -108.16 -157.76 -4.23
N VAL D 910 -107.11 -157.04 -4.60
CA VAL D 910 -107.11 -156.30 -5.86
C VAL D 910 -107.21 -157.25 -7.04
N LYS D 911 -106.49 -158.37 -7.00
CA LYS D 911 -106.58 -159.35 -8.07
C LYS D 911 -107.98 -159.92 -8.18
N GLU D 912 -108.60 -160.24 -7.04
CA GLU D 912 -109.96 -160.77 -7.06
C GLU D 912 -110.95 -159.76 -7.63
N VAL D 913 -110.81 -158.49 -7.23
CA VAL D 913 -111.70 -157.45 -7.75
C VAL D 913 -111.51 -157.28 -9.25
N LEU D 914 -110.26 -157.28 -9.72
CA LEU D 914 -110.00 -157.14 -11.14
C LEU D 914 -110.56 -158.32 -11.93
N GLU D 915 -110.41 -159.53 -11.40
CA GLU D 915 -110.96 -160.71 -12.08
C GLU D 915 -112.48 -160.64 -12.13
N ASP D 916 -113.12 -160.22 -11.04
CA ASP D 916 -114.57 -160.08 -11.03
C ASP D 916 -115.03 -159.05 -12.03
N PHE D 917 -114.32 -157.92 -12.13
CA PHE D 917 -114.67 -156.90 -13.11
C PHE D 917 -114.49 -157.39 -14.53
N ALA D 918 -113.39 -158.12 -14.79
CA ALA D 918 -113.13 -158.63 -16.13
C ALA D 918 -114.17 -159.66 -16.54
N GLU D 919 -114.58 -160.53 -15.61
CA GLU D 919 -115.55 -161.57 -15.91
C GLU D 919 -116.99 -161.05 -15.95
N ASP D 920 -117.18 -159.73 -15.87
CA ASP D 920 -118.52 -159.13 -15.91
C ASP D 920 -118.43 -157.85 -16.74
N GLY D 921 -118.76 -157.96 -18.03
CA GLY D 921 -118.78 -156.80 -18.90
C GLY D 921 -119.92 -155.85 -18.63
N GLU D 922 -121.00 -156.34 -18.04
CA GLU D 922 -122.12 -155.46 -17.68
C GLU D 922 -121.69 -154.43 -16.64
N LYS D 923 -120.87 -154.83 -15.67
CA LYS D 923 -120.34 -153.88 -14.70
C LYS D 923 -119.47 -152.84 -15.38
N LYS D 924 -118.66 -153.25 -16.36
CA LYS D 924 -117.85 -152.29 -17.10
C LYS D 924 -118.71 -151.30 -17.86
N ILE D 925 -119.79 -151.79 -18.48
CA ILE D 925 -120.70 -150.90 -19.21
C ILE D 925 -121.36 -149.92 -18.24
N LYS D 926 -121.80 -150.41 -17.08
CA LYS D 926 -122.47 -149.55 -16.11
C LYS D 926 -121.53 -148.49 -15.57
N LEU D 927 -120.27 -148.85 -15.32
CA LEU D 927 -119.31 -147.93 -14.72
C LEU D 927 -118.63 -147.05 -15.76
N LEU D 928 -118.03 -147.66 -16.78
CA LEU D 928 -117.31 -146.91 -17.82
C LEU D 928 -118.33 -146.27 -18.76
N THR D 929 -118.90 -145.15 -18.32
CA THR D 929 -119.86 -144.39 -19.09
C THR D 929 -119.28 -143.06 -19.58
N GLY D 930 -117.96 -142.98 -19.66
CA GLY D 930 -117.32 -141.77 -20.12
C GLY D 930 -117.54 -141.52 -21.60
N LYS D 931 -117.29 -140.27 -22.01
CA LYS D 931 -117.48 -139.90 -23.41
C LYS D 931 -116.53 -140.67 -24.32
N ARG D 932 -115.28 -140.84 -23.90
CA ARG D 932 -114.32 -141.58 -24.71
C ARG D 932 -114.73 -143.03 -24.89
N VAL D 933 -115.19 -143.67 -23.80
CA VAL D 933 -115.59 -145.07 -23.87
C VAL D 933 -116.77 -145.24 -24.81
N GLN D 934 -117.78 -144.37 -24.67
CA GLN D 934 -118.96 -144.46 -25.52
C GLN D 934 -118.61 -144.20 -26.99
N LEU D 935 -117.75 -143.21 -27.25
CA LEU D 935 -117.35 -142.92 -28.63
C LEU D 935 -116.59 -144.08 -29.23
N ALA D 936 -115.67 -144.69 -28.47
CA ALA D 936 -114.93 -145.84 -28.97
C ALA D 936 -115.86 -147.02 -29.25
N GLU D 937 -116.81 -147.26 -28.35
CA GLU D 937 -117.76 -148.35 -28.56
C GLU D 937 -118.61 -148.11 -29.81
N ASP D 938 -119.07 -146.88 -29.99
CA ASP D 938 -119.86 -146.56 -31.19
C ASP D 938 -119.03 -146.73 -32.46
N LEU D 939 -117.78 -146.28 -32.44
CA LEU D 939 -116.93 -146.42 -33.60
C LEU D 939 -116.68 -147.89 -33.93
N LYS D 940 -116.42 -148.71 -32.89
CA LYS D 940 -116.21 -150.14 -33.12
C LYS D 940 -117.46 -150.80 -33.68
N LYS D 941 -118.63 -150.46 -33.14
CA LYS D 941 -119.88 -151.03 -33.64
C LYS D 941 -120.13 -150.62 -35.08
N VAL D 942 -119.87 -149.35 -35.41
CA VAL D 942 -120.05 -148.89 -36.79
C VAL D 942 -119.10 -149.61 -37.73
N ARG D 943 -117.84 -149.80 -37.32
CA ARG D 943 -116.88 -150.52 -38.14
C ARG D 943 -117.32 -151.97 -38.36
N GLU D 944 -117.79 -152.63 -37.29
CA GLU D 944 -118.26 -154.00 -37.43
C GLU D 944 -119.47 -154.09 -38.35
N ILE D 945 -120.40 -153.15 -38.23
CA ILE D 945 -121.58 -153.14 -39.09
C ILE D 945 -121.17 -152.94 -40.55
N GLN D 946 -120.24 -152.02 -40.80
CA GLN D 946 -119.78 -151.78 -42.16
C GLN D 946 -119.06 -152.99 -42.73
N GLU D 947 -118.26 -153.67 -41.90
CA GLU D 947 -117.59 -154.89 -42.36
C GLU D 947 -118.60 -155.98 -42.70
N LYS D 948 -119.63 -156.14 -41.87
CA LYS D 948 -120.68 -157.13 -42.15
C LYS D 948 -121.41 -156.78 -43.44
N LEU D 949 -121.70 -155.50 -43.65
CA LEU D 949 -122.39 -155.09 -44.89
C LEU D 949 -121.50 -155.31 -46.10
N ASP D 950 -120.20 -155.06 -45.99
CA ASP D 950 -119.29 -155.34 -47.08
C ASP D 950 -119.23 -156.83 -47.40
N ALA D 951 -119.22 -157.67 -46.36
CA ALA D 951 -119.26 -159.11 -46.57
C ALA D 951 -120.56 -159.53 -47.25
N PHE D 952 -121.69 -158.93 -46.85
CA PHE D 952 -122.95 -159.21 -47.50
C PHE D 952 -122.92 -158.81 -48.97
N ILE D 953 -122.36 -157.64 -49.28
CA ILE D 953 -122.28 -157.18 -50.66
C ILE D 953 -121.41 -158.12 -51.48
N GLU D 954 -120.27 -158.54 -50.92
CA GLU D 954 -119.38 -159.46 -51.63
C GLU D 954 -120.07 -160.80 -51.88
N ALA D 955 -120.79 -161.31 -50.88
CA ALA D 955 -121.49 -162.59 -51.05
C ALA D 955 -122.59 -162.47 -52.10
N LEU D 956 -123.33 -161.35 -52.10
CA LEU D 956 -124.37 -161.15 -53.10
C LEU D 956 -123.78 -161.06 -54.50
N HIS D 957 -122.65 -160.37 -54.65
CA HIS D 957 -122.01 -160.25 -55.95
C HIS D 957 -121.49 -161.61 -56.43
N GLN D 958 -120.90 -162.39 -55.52
CA GLN D 958 -120.40 -163.70 -55.90
C GLN D 958 -121.52 -164.66 -56.28
N GLU D 959 -122.63 -164.64 -55.53
CA GLU D 959 -123.75 -165.54 -55.83
C GLU D 959 -124.39 -165.20 -57.17
N LYS D 960 -124.52 -163.90 -57.46
CA LYS D 960 -125.09 -163.46 -58.75
C LYS D 960 -123.95 -163.26 -59.76
N SER E 263 -165.38 -124.86 92.57
CA SER E 263 -164.93 -123.69 93.32
C SER E 263 -163.57 -123.23 92.83
N LEU E 264 -162.58 -123.28 93.72
CA LEU E 264 -161.22 -122.86 93.35
C LEU E 264 -160.63 -123.79 92.29
N ILE E 265 -160.87 -125.09 92.42
CA ILE E 265 -160.30 -126.04 91.47
C ILE E 265 -160.92 -125.86 90.08
N ASP E 266 -162.22 -125.61 90.02
CA ASP E 266 -162.87 -125.39 88.72
C ASP E 266 -162.34 -124.13 88.05
N MET E 267 -162.18 -123.05 88.82
CA MET E 267 -161.65 -121.81 88.25
C MET E 267 -160.20 -121.99 87.80
N TYR E 268 -159.41 -122.74 88.58
CA TYR E 268 -158.03 -123.01 88.18
C TYR E 268 -157.98 -123.82 86.89
N SER E 269 -158.88 -124.81 86.76
CA SER E 269 -158.94 -125.60 85.53
C SER E 269 -159.35 -124.72 84.34
N GLU E 270 -160.30 -123.80 84.56
CA GLU E 270 -160.69 -122.89 83.50
C GLU E 270 -159.52 -121.98 83.09
N VAL E 271 -158.76 -121.50 84.07
CA VAL E 271 -157.59 -120.67 83.77
C VAL E 271 -156.56 -121.46 82.98
N LEU E 272 -156.32 -122.71 83.37
CA LEU E 272 -155.38 -123.55 82.63
C LEU E 272 -155.87 -123.79 81.21
N ASP E 273 -157.17 -124.01 81.03
CA ASP E 273 -157.72 -124.20 79.69
C ASP E 273 -157.54 -122.94 78.84
N VAL E 274 -157.77 -121.77 79.44
CA VAL E 274 -157.58 -120.52 78.72
C VAL E 274 -156.11 -120.35 78.32
N LEU E 275 -155.20 -120.68 79.23
CA LEU E 275 -153.78 -120.58 78.92
C LEU E 275 -153.40 -121.53 77.79
N SER E 276 -153.94 -122.75 77.81
CA SER E 276 -153.66 -123.71 76.74
C SER E 276 -154.21 -123.22 75.40
N ASP E 277 -155.41 -122.66 75.41
CA ASP E 277 -156.02 -122.15 74.19
C ASP E 277 -155.41 -120.82 73.74
N TYR E 278 -154.59 -120.19 74.57
CA TYR E 278 -153.96 -118.93 74.19
C TYR E 278 -153.06 -119.11 72.97
N ASP E 279 -152.27 -120.18 72.94
CA ASP E 279 -151.38 -120.43 71.81
C ASP E 279 -151.05 -121.92 71.78
N ALA E 280 -150.71 -122.41 70.59
CA ALA E 280 -150.31 -123.80 70.44
C ALA E 280 -148.90 -124.06 70.97
N SER E 281 -148.08 -123.02 71.12
CA SER E 281 -146.73 -123.16 71.65
C SER E 281 -146.79 -123.17 73.17
N TYR E 282 -145.62 -123.08 73.82
CA TYR E 282 -145.51 -123.10 75.27
C TYR E 282 -144.71 -121.86 75.69
N ASN E 283 -145.41 -120.75 75.90
CA ASN E 283 -144.81 -119.51 76.37
C ASN E 283 -145.29 -119.10 77.75
N THR E 284 -146.61 -118.99 77.94
CA THR E 284 -147.18 -118.69 79.24
C THR E 284 -147.78 -119.92 79.93
N GLN E 285 -147.83 -121.06 79.24
CA GLN E 285 -148.37 -122.28 79.83
C GLN E 285 -147.43 -122.92 80.85
N ASP E 286 -146.16 -122.55 80.84
CA ASP E 286 -145.17 -123.09 81.76
C ASP E 286 -145.06 -122.29 83.05
N HIS E 287 -145.91 -121.28 83.24
CA HIS E 287 -145.86 -120.48 84.45
C HIS E 287 -146.57 -121.20 85.61
N LEU E 288 -147.84 -121.51 85.42
CA LEU E 288 -148.59 -122.21 86.46
C LEU E 288 -148.16 -123.68 86.51
N PRO E 289 -148.05 -124.26 87.72
CA PRO E 289 -147.68 -125.68 87.81
C PRO E 289 -148.74 -126.57 87.17
N ARG E 290 -148.28 -127.65 86.56
CA ARG E 290 -149.16 -128.61 85.91
C ARG E 290 -148.64 -130.02 86.18
N VAL E 291 -149.43 -130.82 86.88
CA VAL E 291 -149.06 -132.20 87.17
C VAL E 291 -149.24 -133.02 85.90
N VAL E 292 -148.14 -133.49 85.32
CA VAL E 292 -148.15 -134.23 84.07
C VAL E 292 -147.74 -135.67 84.35
N VAL E 293 -148.55 -136.61 83.87
CA VAL E 293 -148.28 -138.03 84.03
C VAL E 293 -147.72 -138.57 82.72
N VAL E 294 -146.47 -139.02 82.74
CA VAL E 294 -145.79 -139.53 81.57
C VAL E 294 -145.35 -140.96 81.85
N GLY E 295 -145.65 -141.87 80.92
CA GLY E 295 -145.27 -143.26 81.08
C GLY E 295 -144.62 -143.82 79.83
N ASP E 296 -144.48 -145.15 79.78
CA ASP E 296 -143.89 -145.84 78.65
C ASP E 296 -144.97 -146.54 77.83
N GLN E 297 -144.63 -146.86 76.58
CA GLN E 297 -145.58 -147.53 75.71
C GLN E 297 -145.79 -148.96 76.16
N SER E 298 -147.06 -149.38 76.24
CA SER E 298 -147.45 -150.72 76.66
C SER E 298 -146.86 -151.07 78.04
N ALA E 299 -146.84 -150.07 78.92
CA ALA E 299 -146.32 -150.24 80.27
C ALA E 299 -147.42 -150.37 81.31
N GLY E 300 -148.67 -150.52 80.89
CA GLY E 300 -149.77 -150.63 81.84
C GLY E 300 -150.18 -149.34 82.50
N LYS E 301 -149.73 -148.19 81.98
CA LYS E 301 -150.10 -146.92 82.60
C LYS E 301 -151.59 -146.63 82.46
N THR E 302 -152.25 -147.21 81.45
CA THR E 302 -153.68 -147.00 81.28
C THR E 302 -154.46 -147.54 82.47
N SER E 303 -154.10 -148.73 82.97
CA SER E 303 -154.79 -149.29 84.12
C SER E 303 -154.59 -148.43 85.36
N VAL E 304 -153.37 -147.94 85.57
CA VAL E 304 -153.09 -147.08 86.72
C VAL E 304 -153.89 -145.78 86.63
N LEU E 305 -153.94 -145.19 85.44
CA LEU E 305 -154.71 -143.95 85.26
C LEU E 305 -156.19 -144.20 85.50
N GLU E 306 -156.72 -145.34 85.02
CA GLU E 306 -158.12 -145.67 85.28
C GLU E 306 -158.39 -145.86 86.77
N MET E 307 -157.46 -146.52 87.47
CA MET E 307 -157.63 -146.73 88.90
C MET E 307 -157.55 -145.42 89.67
N ILE E 308 -156.76 -144.46 89.17
CA ILE E 308 -156.68 -143.16 89.82
C ILE E 308 -158.04 -142.46 89.80
N ALA E 309 -158.72 -142.49 88.66
CA ALA E 309 -160.06 -141.94 88.54
C ALA E 309 -161.14 -142.91 88.96
N GLN E 310 -160.78 -144.14 89.33
CA GLN E 310 -161.73 -145.17 89.77
C GLN E 310 -162.78 -145.47 88.69
N ALA E 311 -162.40 -145.34 87.43
CA ALA E 311 -163.29 -145.62 86.31
C ALA E 311 -162.47 -145.87 85.06
N ARG E 312 -162.99 -146.75 84.20
CA ARG E 312 -162.33 -147.07 82.94
C ARG E 312 -162.77 -146.05 81.89
N ILE E 313 -161.96 -145.01 81.69
CA ILE E 313 -162.28 -143.97 80.73
C ILE E 313 -161.30 -143.91 79.57
N PHE E 314 -160.10 -144.47 79.70
CA PHE E 314 -159.13 -144.45 78.61
C PHE E 314 -159.27 -145.72 77.78
N PRO E 315 -159.52 -145.61 76.48
CA PRO E 315 -159.64 -146.82 75.66
C PRO E 315 -158.34 -147.61 75.62
N ARG E 316 -158.47 -148.92 75.57
CA ARG E 316 -157.31 -149.82 75.55
C ARG E 316 -156.76 -149.95 74.13
N GLY E 317 -155.45 -150.14 74.04
CA GLY E 317 -154.80 -150.29 72.76
C GLY E 317 -153.88 -151.50 72.71
N SER E 318 -154.07 -152.35 71.69
CA SER E 318 -153.26 -153.57 71.54
C SER E 318 -152.02 -153.20 70.73
N GLY E 319 -151.07 -152.56 71.41
CA GLY E 319 -149.81 -152.15 70.82
C GLY E 319 -149.83 -150.79 70.17
N GLU E 320 -150.93 -150.45 69.48
CA GLU E 320 -151.04 -149.15 68.83
C GLU E 320 -151.15 -148.04 69.86
N MET E 321 -150.55 -146.90 69.53
CA MET E 321 -150.56 -145.72 70.41
C MET E 321 -151.89 -144.99 70.21
N MET E 322 -152.88 -145.35 71.01
CA MET E 322 -154.19 -144.71 70.91
C MET E 322 -154.12 -143.24 71.30
N THR E 323 -153.37 -142.92 72.35
CA THR E 323 -153.24 -141.55 72.82
C THR E 323 -152.21 -140.81 71.97
N ARG E 324 -152.69 -139.94 71.09
CA ARG E 324 -151.81 -139.15 70.22
C ARG E 324 -151.87 -137.67 70.50
N SER E 325 -152.72 -137.22 71.42
CA SER E 325 -152.84 -135.83 71.78
C SER E 325 -152.84 -135.68 73.30
N PRO E 326 -152.37 -134.55 73.82
CA PRO E 326 -152.39 -134.34 75.28
C PRO E 326 -153.82 -134.36 75.81
N VAL E 327 -153.98 -134.98 76.98
CA VAL E 327 -155.28 -135.11 77.63
C VAL E 327 -155.17 -134.50 79.02
N LYS E 328 -156.09 -133.59 79.34
CA LYS E 328 -156.14 -132.94 80.64
C LYS E 328 -157.24 -133.58 81.49
N VAL E 329 -156.86 -134.07 82.66
CA VAL E 329 -157.79 -134.69 83.61
C VAL E 329 -157.81 -133.82 84.85
N THR E 330 -158.95 -133.20 85.13
CA THR E 330 -159.12 -132.34 86.30
C THR E 330 -159.90 -133.12 87.36
N LEU E 331 -159.23 -133.41 88.47
CA LEU E 331 -159.86 -134.14 89.56
C LEU E 331 -160.58 -133.15 90.48
N SER E 332 -161.86 -133.39 90.72
CA SER E 332 -162.67 -132.52 91.57
C SER E 332 -163.85 -133.32 92.10
N GLU E 333 -164.70 -132.66 92.88
CA GLU E 333 -165.88 -133.28 93.46
C GLU E 333 -167.11 -132.49 93.06
N GLY E 334 -168.13 -133.18 92.57
CA GLY E 334 -169.36 -132.55 92.16
C GLY E 334 -170.59 -133.26 92.70
N PRO E 335 -171.77 -132.81 92.27
CA PRO E 335 -173.01 -133.48 92.73
C PRO E 335 -173.08 -134.95 92.34
N HIS E 336 -172.53 -135.33 91.20
CA HIS E 336 -172.55 -136.70 90.72
C HIS E 336 -171.17 -137.09 90.21
N HIS E 337 -170.90 -138.39 90.24
CA HIS E 337 -169.63 -138.94 89.78
C HIS E 337 -169.66 -139.08 88.25
N VAL E 338 -169.66 -137.93 87.58
CA VAL E 338 -169.73 -137.86 86.14
C VAL E 338 -168.53 -137.07 85.62
N ALA E 339 -168.35 -137.11 84.30
CA ALA E 339 -167.28 -136.39 83.62
C ALA E 339 -167.88 -135.43 82.61
N LEU E 340 -167.39 -134.19 82.61
CA LEU E 340 -167.89 -133.15 81.72
C LEU E 340 -166.72 -132.44 81.07
N PHE E 341 -166.81 -132.22 79.76
CA PHE E 341 -165.77 -131.51 79.04
C PHE E 341 -165.98 -130.00 79.16
N LYS E 342 -164.95 -129.25 78.74
CA LYS E 342 -165.05 -127.80 78.77
C LYS E 342 -166.08 -127.29 77.76
N ASP E 343 -166.11 -127.88 76.57
CA ASP E 343 -167.00 -127.45 75.50
C ASP E 343 -168.15 -128.44 75.27
N SER E 344 -168.53 -129.19 76.29
CA SER E 344 -169.61 -130.15 76.18
C SER E 344 -170.60 -129.95 77.32
N SER E 345 -171.83 -130.40 77.11
CA SER E 345 -172.89 -130.30 78.10
C SER E 345 -173.40 -131.64 78.60
N ARG E 346 -172.98 -132.75 77.99
CA ARG E 346 -173.42 -134.07 78.40
C ARG E 346 -172.52 -134.59 79.52
N GLU E 347 -173.13 -135.00 80.63
CA GLU E 347 -172.41 -135.51 81.79
C GLU E 347 -172.19 -137.01 81.60
N PHE E 348 -170.97 -137.39 81.23
CA PHE E 348 -170.63 -138.79 81.03
C PHE E 348 -170.42 -139.45 82.38
N ASP E 349 -171.35 -140.31 82.78
CA ASP E 349 -171.26 -141.01 84.05
C ASP E 349 -170.09 -141.99 84.04
N LEU E 350 -169.45 -142.13 85.19
CA LEU E 350 -168.30 -143.01 85.35
C LEU E 350 -168.66 -144.37 85.95
N THR E 351 -169.95 -144.66 86.08
CA THR E 351 -170.41 -145.92 86.67
C THR E 351 -171.05 -146.85 85.64
N LYS E 352 -172.03 -146.36 84.89
CA LYS E 352 -172.70 -147.19 83.90
C LYS E 352 -171.76 -147.55 82.75
N GLU E 353 -171.85 -148.78 82.27
CA GLU E 353 -171.00 -149.23 81.19
C GLU E 353 -171.29 -148.48 79.90
N GLU E 354 -172.56 -148.20 79.62
CA GLU E 354 -172.92 -147.47 78.40
C GLU E 354 -172.35 -146.06 78.42
N ASP E 355 -172.44 -145.39 79.57
CA ASP E 355 -171.87 -144.03 79.68
C ASP E 355 -170.36 -144.06 79.54
N LEU E 356 -169.69 -145.06 80.11
CA LEU E 356 -168.25 -145.18 79.94
C LEU E 356 -167.88 -145.41 78.48
N ALA E 357 -168.64 -146.26 77.79
CA ALA E 357 -168.38 -146.49 76.37
C ALA E 357 -168.59 -145.22 75.55
N ALA E 358 -169.64 -144.46 75.86
CA ALA E 358 -169.88 -143.20 75.16
C ALA E 358 -168.75 -142.22 75.42
N LEU E 359 -168.26 -142.15 76.67
CA LEU E 359 -167.14 -141.26 76.98
C LEU E 359 -165.88 -141.67 76.22
N ARG E 360 -165.61 -142.97 76.16
CA ARG E 360 -164.44 -143.45 75.41
C ARG E 360 -164.57 -143.12 73.93
N HIS E 361 -165.77 -143.30 73.37
CA HIS E 361 -165.99 -142.96 71.96
C HIS E 361 -165.80 -141.48 71.71
N GLU E 362 -166.29 -140.63 72.62
CA GLU E 362 -166.09 -139.19 72.47
C GLU E 362 -164.62 -138.82 72.57
N ILE E 363 -163.89 -139.45 73.49
CA ILE E 363 -162.45 -139.18 73.61
C ILE E 363 -161.73 -139.60 72.33
N GLU E 364 -162.07 -140.76 71.78
CA GLU E 364 -161.45 -141.22 70.54
C GLU E 364 -161.77 -140.28 69.39
N LEU E 365 -163.02 -139.80 69.30
CA LEU E 365 -163.39 -138.86 68.25
C LEU E 365 -162.62 -137.55 68.39
N ARG E 366 -162.47 -137.06 69.61
CA ARG E 366 -161.69 -135.84 69.83
C ARG E 366 -160.23 -136.03 69.46
N MET E 367 -159.66 -137.20 69.79
CA MET E 367 -158.28 -137.49 69.42
C MET E 367 -158.13 -137.53 67.91
N ARG E 368 -159.07 -138.17 67.20
CA ARG E 368 -159.00 -138.26 65.76
C ARG E 368 -159.15 -136.89 65.10
N LYS E 369 -160.04 -136.06 65.65
CA LYS E 369 -160.25 -134.72 65.08
C LYS E 369 -158.99 -133.87 65.20
N ASN E 370 -158.31 -133.92 66.35
CA ASN E 370 -157.10 -133.14 66.52
C ASN E 370 -155.98 -133.60 65.58
N VAL E 371 -155.82 -134.92 65.43
CA VAL E 371 -154.77 -135.46 64.58
C VAL E 371 -155.14 -135.24 63.12
N LYS E 372 -154.22 -134.66 62.36
CA LYS E 372 -154.45 -134.42 60.95
C LYS E 372 -154.43 -135.73 60.16
N GLU E 373 -155.08 -135.71 59.01
CA GLU E 373 -155.15 -136.89 58.13
C GLU E 373 -153.81 -137.07 57.45
N GLY E 374 -152.91 -137.79 58.12
CA GLY E 374 -151.58 -138.02 57.60
C GLY E 374 -150.50 -137.85 58.66
N CYS E 375 -150.82 -137.15 59.72
CA CYS E 375 -149.89 -136.90 60.82
C CYS E 375 -150.11 -137.91 61.94
N THR E 376 -149.23 -137.86 62.93
CA THR E 376 -149.30 -138.76 64.08
C THR E 376 -149.52 -138.02 65.39
N VAL E 377 -148.76 -136.95 65.64
CA VAL E 377 -148.86 -136.17 66.88
C VAL E 377 -149.43 -134.81 66.54
N SER E 378 -150.48 -134.41 67.27
CA SER E 378 -151.13 -133.13 67.05
C SER E 378 -150.89 -132.20 68.23
N PRO E 379 -150.50 -130.95 67.99
CA PRO E 379 -150.28 -130.03 69.11
C PRO E 379 -151.54 -129.68 69.89
N GLU E 380 -152.71 -129.91 69.31
CA GLU E 380 -153.96 -129.58 70.00
C GLU E 380 -154.14 -130.46 71.23
N THR E 381 -154.65 -129.86 72.30
CA THR E 381 -154.87 -130.55 73.56
C THR E 381 -156.36 -130.78 73.79
N ILE E 382 -156.66 -131.75 74.66
CA ILE E 382 -158.02 -132.11 75.02
C ILE E 382 -158.21 -131.85 76.50
N SER E 383 -159.26 -131.10 76.84
CA SER E 383 -159.56 -130.73 78.22
C SER E 383 -160.77 -131.52 78.71
N LEU E 384 -160.63 -132.16 79.87
CA LEU E 384 -161.70 -132.93 80.47
C LEU E 384 -161.71 -132.69 81.98
N ASN E 385 -162.90 -132.48 82.52
CA ASN E 385 -163.09 -132.24 83.95
C ASN E 385 -163.81 -133.44 84.56
N VAL E 386 -163.25 -133.98 85.65
CA VAL E 386 -163.80 -135.13 86.34
C VAL E 386 -164.31 -134.68 87.71
N LYS E 387 -165.57 -135.00 88.00
CA LYS E 387 -166.19 -134.65 89.26
C LYS E 387 -166.77 -135.89 89.92
N GLY E 388 -166.85 -135.85 91.25
CA GLY E 388 -167.38 -136.95 92.02
C GLY E 388 -166.77 -137.05 93.40
N PRO E 389 -167.51 -137.64 94.33
CA PRO E 389 -166.99 -137.79 95.70
C PRO E 389 -165.82 -138.76 95.76
N GLY E 390 -164.97 -138.55 96.75
CA GLY E 390 -163.81 -139.40 96.95
C GLY E 390 -162.58 -139.03 96.14
N LEU E 391 -162.65 -137.99 95.33
CA LEU E 391 -161.52 -137.55 94.52
C LEU E 391 -160.83 -136.37 95.18
N GLN E 392 -159.61 -136.08 94.71
CA GLN E 392 -158.81 -134.98 95.20
C GLN E 392 -159.05 -133.74 94.33
N ARG E 393 -158.27 -132.69 94.58
CA ARG E 393 -158.36 -131.43 93.84
C ARG E 393 -157.01 -131.18 93.17
N MET E 394 -156.85 -131.72 91.97
CA MET E 394 -155.61 -131.57 91.21
C MET E 394 -155.92 -131.77 89.73
N VAL E 395 -154.98 -131.35 88.90
CA VAL E 395 -155.11 -131.44 87.45
C VAL E 395 -154.04 -132.40 86.94
N LEU E 396 -154.46 -133.43 86.22
CA LEU E 396 -153.56 -134.44 85.66
C LEU E 396 -153.48 -134.29 84.16
N VAL E 397 -152.27 -134.36 83.61
CA VAL E 397 -152.02 -134.22 82.19
C VAL E 397 -151.48 -135.55 81.66
N ASP E 398 -152.10 -136.05 80.60
CA ASP E 398 -151.71 -137.31 79.99
C ASP E 398 -150.98 -137.04 78.67
N LEU E 399 -149.84 -137.68 78.48
CA LEU E 399 -149.03 -137.51 77.29
C LEU E 399 -148.69 -138.88 76.70
N PRO E 400 -148.47 -138.95 75.38
CA PRO E 400 -148.09 -140.22 74.77
C PRO E 400 -146.75 -140.70 75.30
N GLY E 401 -146.61 -142.03 75.34
CA GLY E 401 -145.39 -142.62 75.86
C GLY E 401 -144.19 -142.36 74.97
N VAL E 402 -143.01 -142.42 75.58
CA VAL E 402 -141.76 -142.17 74.88
C VAL E 402 -141.41 -143.40 74.04
N ILE E 403 -141.13 -143.18 72.76
CA ILE E 403 -140.76 -144.25 71.85
C ILE E 403 -139.31 -144.09 71.44
N ASN E 404 -138.73 -145.18 70.95
CA ASN E 404 -137.33 -145.21 70.51
C ASN E 404 -137.20 -145.45 69.02
N THR E 405 -137.89 -146.44 68.48
CA THR E 405 -137.80 -146.74 67.06
C THR E 405 -138.61 -145.72 66.25
N VAL E 406 -138.32 -145.67 64.95
CA VAL E 406 -138.97 -144.76 64.02
C VAL E 406 -139.75 -145.58 63.01
N THR E 407 -141.04 -145.28 62.85
CA THR E 407 -141.88 -146.01 61.93
C THR E 407 -141.72 -145.45 60.52
N SER E 408 -141.46 -146.34 59.55
CA SER E 408 -141.30 -145.90 58.18
C SER E 408 -142.63 -145.45 57.57
N GLY E 409 -143.74 -146.00 58.04
CA GLY E 409 -145.05 -145.64 57.54
C GLY E 409 -145.65 -144.38 58.13
N MET E 410 -144.94 -143.72 59.03
CA MET E 410 -145.41 -142.50 59.68
C MET E 410 -144.37 -141.39 59.48
N ALA E 411 -144.58 -140.27 60.15
CA ALA E 411 -143.67 -139.14 60.03
C ALA E 411 -142.33 -139.49 60.67
N PRO E 412 -141.21 -139.30 59.96
CA PRO E 412 -139.90 -139.61 60.55
C PRO E 412 -139.55 -138.75 61.74
N ASP E 413 -140.17 -137.58 61.89
CA ASP E 413 -139.88 -136.67 62.99
C ASP E 413 -140.87 -136.83 64.14
N THR E 414 -141.61 -137.92 64.19
CA THR E 414 -142.56 -138.15 65.28
C THR E 414 -141.84 -138.26 66.61
N LYS E 415 -140.73 -138.99 66.66
CA LYS E 415 -139.97 -139.13 67.89
C LYS E 415 -139.39 -137.79 68.32
N GLU E 416 -138.88 -137.01 67.38
CA GLU E 416 -138.36 -135.67 67.70
C GLU E 416 -139.46 -134.77 68.22
N THR E 417 -140.64 -134.83 67.60
CA THR E 417 -141.76 -134.02 68.08
C THR E 417 -142.17 -134.41 69.49
N ILE E 418 -142.22 -135.73 69.76
CA ILE E 418 -142.57 -136.19 71.10
C ILE E 418 -141.54 -135.73 72.12
N PHE E 419 -140.25 -135.83 71.77
CA PHE E 419 -139.20 -135.37 72.68
C PHE E 419 -139.31 -133.88 72.93
N SER E 420 -139.58 -133.09 71.90
CA SER E 420 -139.72 -131.64 72.07
C SER E 420 -140.92 -131.32 72.96
N ILE E 421 -142.04 -132.01 72.76
CA ILE E 421 -143.22 -131.79 73.59
C ILE E 421 -142.92 -132.14 75.05
N SER E 422 -142.23 -133.26 75.27
CA SER E 422 -141.88 -133.65 76.64
C SER E 422 -140.95 -132.62 77.28
N LYS E 423 -139.97 -132.13 76.53
CA LYS E 423 -139.07 -131.11 77.06
C LYS E 423 -139.83 -129.83 77.40
N ALA E 424 -140.74 -129.41 76.51
CA ALA E 424 -141.53 -128.20 76.79
C ALA E 424 -142.39 -128.38 78.03
N TYR E 425 -143.00 -129.57 78.20
CA TYR E 425 -143.79 -129.82 79.39
C TYR E 425 -142.92 -129.82 80.65
N MET E 426 -141.72 -130.39 80.56
CA MET E 426 -140.81 -130.42 81.70
C MET E 426 -140.15 -129.07 81.96
N GLN E 427 -140.28 -128.11 81.04
CA GLN E 427 -139.69 -126.79 81.25
C GLN E 427 -140.28 -126.08 82.46
N ASN E 428 -141.47 -126.46 82.89
CA ASN E 428 -142.08 -125.87 84.08
C ASN E 428 -141.30 -126.29 85.32
N PRO E 429 -140.75 -125.36 86.09
CA PRO E 429 -140.01 -125.75 87.31
C PRO E 429 -140.87 -126.42 88.36
N ASN E 430 -142.19 -126.22 88.33
CA ASN E 430 -143.09 -126.78 89.33
C ASN E 430 -144.00 -127.86 88.75
N ALA E 431 -143.62 -128.45 87.63
CA ALA E 431 -144.42 -129.50 87.00
C ALA E 431 -144.18 -130.82 87.72
N ILE E 432 -145.21 -131.35 88.37
CA ILE E 432 -145.10 -132.62 89.07
C ILE E 432 -145.22 -133.74 88.05
N ILE E 433 -144.25 -134.66 88.06
CA ILE E 433 -144.21 -135.77 87.13
C ILE E 433 -144.55 -137.05 87.88
N LEU E 434 -145.54 -137.77 87.40
CA LEU E 434 -145.98 -139.04 88.00
C LEU E 434 -145.51 -140.18 87.11
N CYS E 435 -144.44 -140.85 87.54
CA CYS E 435 -143.86 -141.95 86.78
C CYS E 435 -144.63 -143.23 87.06
N ILE E 436 -145.00 -143.94 86.00
CA ILE E 436 -145.73 -145.19 86.09
C ILE E 436 -144.91 -146.28 85.40
N GLN E 437 -144.69 -147.38 86.11
CA GLN E 437 -143.92 -148.51 85.59
C GLN E 437 -144.82 -149.75 85.55
N ASP E 438 -144.21 -150.88 85.21
CA ASP E 438 -144.92 -152.15 85.09
C ASP E 438 -144.21 -153.21 85.90
N GLY E 439 -144.92 -154.31 86.17
CA GLY E 439 -144.32 -155.39 86.93
C GLY E 439 -143.15 -156.04 86.21
N SER E 440 -143.25 -156.18 84.88
CA SER E 440 -142.19 -156.77 84.08
C SER E 440 -141.12 -155.76 83.67
N VAL E 441 -141.28 -154.49 84.02
CA VAL E 441 -140.33 -153.45 83.67
C VAL E 441 -139.61 -153.01 84.94
N ASP E 442 -138.28 -153.05 84.90
CA ASP E 442 -137.48 -152.66 86.06
C ASP E 442 -137.45 -151.13 86.19
N ALA E 443 -136.96 -150.68 87.35
CA ALA E 443 -136.86 -149.25 87.59
C ALA E 443 -135.89 -148.59 86.62
N GLU E 444 -134.76 -149.22 86.36
CA GLU E 444 -133.78 -148.67 85.43
C GLU E 444 -134.26 -148.77 83.98
N ARG E 445 -135.15 -149.71 83.68
CA ARG E 445 -135.67 -149.86 82.33
C ARG E 445 -136.71 -148.80 81.96
N SER E 446 -137.19 -148.03 82.93
CA SER E 446 -138.19 -147.00 82.67
C SER E 446 -137.50 -145.77 82.11
N ILE E 447 -137.85 -145.40 80.88
CA ILE E 447 -137.26 -144.23 80.24
C ILE E 447 -137.69 -142.95 80.96
N VAL E 448 -138.95 -142.91 81.42
CA VAL E 448 -139.46 -141.72 82.11
C VAL E 448 -138.69 -141.49 83.40
N THR E 449 -138.45 -142.56 84.16
CA THR E 449 -137.71 -142.43 85.42
C THR E 449 -136.29 -141.94 85.18
N ASP E 450 -135.62 -142.48 84.16
CA ASP E 450 -134.26 -142.05 83.85
C ASP E 450 -134.24 -140.59 83.41
N LEU E 451 -135.21 -140.18 82.60
CA LEU E 451 -135.28 -138.79 82.17
C LEU E 451 -135.52 -137.86 83.34
N VAL E 452 -136.40 -138.25 84.27
CA VAL E 452 -136.67 -137.43 85.46
C VAL E 452 -135.42 -137.33 86.31
N SER E 453 -134.70 -138.44 86.49
CA SER E 453 -133.48 -138.41 87.28
C SER E 453 -132.42 -137.52 86.64
N GLN E 454 -132.29 -137.59 85.31
CA GLN E 454 -131.32 -136.74 84.61
C GLN E 454 -131.69 -135.27 84.74
N MET E 455 -132.97 -134.95 84.57
CA MET E 455 -133.41 -133.56 84.65
C MET E 455 -133.47 -133.05 86.09
N ASP E 456 -133.81 -133.91 87.04
CA ASP E 456 -133.94 -133.54 88.44
C ASP E 456 -133.13 -134.51 89.28
N PRO E 457 -131.80 -134.33 89.35
CA PRO E 457 -130.99 -135.23 90.18
C PRO E 457 -131.36 -135.20 91.66
N HIS E 458 -131.76 -134.05 92.18
CA HIS E 458 -132.14 -133.97 93.59
C HIS E 458 -133.47 -134.67 93.84
N GLY E 459 -134.46 -134.45 92.98
CA GLY E 459 -135.76 -135.08 93.15
C GLY E 459 -136.50 -134.62 94.38
N ARG E 460 -136.39 -133.34 94.73
CA ARG E 460 -137.07 -132.81 95.91
C ARG E 460 -138.56 -132.58 95.68
N ARG E 461 -139.01 -132.55 94.42
CA ARG E 461 -140.42 -132.36 94.11
C ARG E 461 -141.06 -133.54 93.41
N THR E 462 -140.29 -134.54 93.00
CA THR E 462 -140.80 -135.72 92.33
C THR E 462 -140.87 -136.88 93.31
N ILE E 463 -142.04 -137.53 93.39
CA ILE E 463 -142.26 -138.65 94.28
C ILE E 463 -142.51 -139.90 93.45
N PHE E 464 -141.70 -140.94 93.70
CA PHE E 464 -141.83 -142.18 92.95
C PHE E 464 -142.98 -143.02 93.50
N VAL E 465 -143.81 -143.54 92.58
CA VAL E 465 -144.94 -144.39 92.92
C VAL E 465 -144.75 -145.72 92.22
N LEU E 466 -144.83 -146.81 92.98
CA LEU E 466 -144.65 -148.16 92.45
C LEU E 466 -146.01 -148.79 92.24
N THR E 467 -146.27 -149.27 91.02
CA THR E 467 -147.54 -149.87 90.66
C THR E 467 -147.32 -151.31 90.21
N LYS E 468 -148.36 -152.12 90.37
CA LYS E 468 -148.34 -153.54 90.01
C LYS E 468 -147.21 -154.28 90.73
N VAL E 469 -147.22 -154.18 92.05
CA VAL E 469 -146.21 -154.86 92.86
C VAL E 469 -146.36 -156.37 92.78
N ASP E 470 -147.60 -156.87 92.75
CA ASP E 470 -147.81 -158.31 92.70
C ASP E 470 -147.27 -158.91 91.42
N LEU E 471 -147.46 -158.24 90.28
CA LEU E 471 -146.95 -158.75 89.02
C LEU E 471 -145.43 -158.83 89.03
N ALA E 472 -144.77 -157.80 89.57
CA ALA E 472 -143.31 -157.85 89.66
C ALA E 472 -142.85 -158.95 90.60
N GLU E 473 -143.55 -159.13 91.72
CA GLU E 473 -143.17 -160.17 92.68
C GLU E 473 -143.32 -161.56 92.08
N LYS E 474 -144.40 -161.78 91.31
CA LYS E 474 -144.62 -163.09 90.71
C LYS E 474 -143.61 -163.43 89.62
N ASN E 475 -142.89 -162.43 89.12
CA ASN E 475 -141.88 -162.67 88.08
C ASN E 475 -140.51 -162.96 88.67
N VAL E 476 -140.47 -163.94 89.58
CA VAL E 476 -139.28 -164.39 90.31
C VAL E 476 -138.29 -163.27 90.59
N ALA E 477 -138.80 -162.12 91.02
CA ALA E 477 -137.94 -160.98 91.33
C ALA E 477 -137.29 -161.15 92.69
N SER E 478 -136.22 -160.39 92.91
CA SER E 478 -135.50 -160.43 94.17
C SER E 478 -136.17 -159.51 95.17
N PRO E 479 -136.59 -160.00 96.34
CA PRO E 479 -137.22 -159.11 97.33
C PRO E 479 -136.31 -158.03 97.85
N SER E 480 -134.98 -158.23 97.78
CA SER E 480 -134.06 -157.20 98.25
C SER E 480 -134.17 -155.94 97.39
N ARG E 481 -134.30 -156.09 96.08
CA ARG E 481 -134.45 -154.94 95.21
C ARG E 481 -135.74 -154.18 95.51
N ILE E 482 -136.84 -154.91 95.74
CA ILE E 482 -138.12 -154.27 96.07
C ILE E 482 -138.00 -153.53 97.40
N GLN E 483 -137.36 -154.14 98.39
CA GLN E 483 -137.18 -153.49 99.68
C GLN E 483 -136.35 -152.22 99.55
N GLN E 484 -135.27 -152.28 98.75
CA GLN E 484 -134.42 -151.10 98.56
C GLN E 484 -135.19 -150.00 97.84
N ILE E 485 -136.00 -150.35 96.84
CA ILE E 485 -136.79 -149.36 96.12
C ILE E 485 -137.81 -148.71 97.06
N ILE E 486 -138.49 -149.51 97.86
CA ILE E 486 -139.48 -148.98 98.78
C ILE E 486 -138.81 -148.11 99.85
N GLU E 487 -137.70 -148.59 100.41
CA GLU E 487 -136.99 -147.81 101.43
C GLU E 487 -136.26 -146.62 100.83
N GLY E 488 -135.88 -146.69 99.56
CA GLY E 488 -135.20 -145.58 98.91
C GLY E 488 -133.69 -145.64 99.03
N LYS E 489 -133.13 -146.85 98.95
CA LYS E 489 -131.69 -147.05 99.02
C LYS E 489 -131.06 -147.25 97.64
N LEU E 490 -131.82 -147.06 96.57
CA LEU E 490 -131.32 -147.25 95.21
C LEU E 490 -131.45 -146.00 94.34
N PHE E 491 -132.53 -145.25 94.49
CA PHE E 491 -132.73 -144.05 93.68
C PHE E 491 -131.85 -142.92 94.20
N PRO E 492 -130.99 -142.34 93.37
CA PRO E 492 -130.15 -141.23 93.85
C PRO E 492 -130.94 -140.01 94.29
N MET E 493 -132.10 -139.77 93.69
CA MET E 493 -132.91 -138.60 94.05
C MET E 493 -133.47 -138.75 95.45
N LYS E 494 -133.59 -137.62 96.15
CA LYS E 494 -134.11 -137.59 97.52
C LYS E 494 -135.59 -137.22 97.46
N ALA E 495 -136.41 -138.22 97.14
CA ALA E 495 -137.84 -138.02 97.06
C ALA E 495 -138.44 -137.87 98.45
N LEU E 496 -139.60 -137.20 98.51
CA LEU E 496 -140.28 -136.99 99.78
C LEU E 496 -140.80 -138.29 100.39
N GLY E 497 -140.98 -139.33 99.58
CA GLY E 497 -141.44 -140.60 100.10
C GLY E 497 -141.56 -141.61 98.98
N TYR E 498 -141.83 -142.85 99.36
CA TYR E 498 -141.99 -143.95 98.42
C TYR E 498 -143.15 -144.83 98.89
N PHE E 499 -144.11 -145.06 98.01
CA PHE E 499 -145.26 -145.89 98.31
C PHE E 499 -145.45 -146.93 97.20
N ALA E 500 -145.79 -148.15 97.61
CA ALA E 500 -146.01 -149.26 96.68
C ALA E 500 -147.48 -149.64 96.72
N VAL E 501 -148.12 -149.64 95.54
CA VAL E 501 -149.53 -149.97 95.41
C VAL E 501 -149.70 -150.99 94.29
N VAL E 502 -150.85 -151.67 94.30
CA VAL E 502 -151.19 -152.67 93.30
C VAL E 502 -152.40 -152.15 92.53
N THR E 503 -152.27 -152.08 91.20
CA THR E 503 -153.33 -151.60 90.33
C THR E 503 -153.88 -152.72 89.46
N GLY E 504 -153.97 -153.93 90.02
CA GLY E 504 -154.48 -155.07 89.29
C GLY E 504 -153.44 -155.69 88.38
N LYS E 505 -153.90 -156.66 87.58
CA LYS E 505 -153.04 -157.36 86.65
C LYS E 505 -152.86 -156.62 85.33
N GLY E 506 -153.54 -155.49 85.13
CA GLY E 506 -153.43 -154.74 83.91
C GLY E 506 -154.23 -155.28 82.73
N ASN E 507 -155.08 -156.27 82.96
CA ASN E 507 -155.88 -156.85 81.89
C ASN E 507 -157.09 -155.97 81.61
N SER E 508 -157.96 -156.42 80.71
CA SER E 508 -159.16 -155.68 80.33
C SER E 508 -160.42 -156.47 80.68
N SER E 509 -160.36 -157.27 81.75
CA SER E 509 -161.52 -158.06 82.18
C SER E 509 -161.76 -157.98 83.68
N GLU E 510 -161.12 -157.03 84.37
CA GLU E 510 -161.28 -156.86 85.81
C GLU E 510 -161.94 -155.51 86.07
N SER E 511 -163.03 -155.53 86.83
CA SER E 511 -163.74 -154.30 87.15
C SER E 511 -162.94 -153.47 88.16
N ILE E 512 -163.32 -152.19 88.26
CA ILE E 512 -162.64 -151.28 89.18
C ILE E 512 -162.83 -151.74 90.63
N GLU E 513 -164.05 -152.15 90.97
CA GLU E 513 -164.33 -152.62 92.33
C GLU E 513 -163.52 -153.87 92.65
N ALA E 514 -163.41 -154.80 91.70
CA ALA E 514 -162.63 -156.01 91.93
C ALA E 514 -161.15 -155.69 92.16
N ILE E 515 -160.60 -154.77 91.35
CA ILE E 515 -159.21 -154.39 91.52
C ILE E 515 -158.99 -153.70 92.86
N ARG E 516 -159.92 -152.83 93.26
CA ARG E 516 -159.81 -152.16 94.55
C ARG E 516 -159.87 -153.16 95.70
N GLU E 517 -160.76 -154.14 95.61
CA GLU E 517 -160.85 -155.17 96.66
C GLU E 517 -159.58 -156.00 96.71
N TYR E 518 -159.03 -156.36 95.55
CA TYR E 518 -157.78 -157.12 95.52
C TYR E 518 -156.64 -156.32 96.12
N GLU E 519 -156.56 -155.02 95.82
CA GLU E 519 -155.53 -154.17 96.39
C GLU E 519 -155.68 -154.07 97.90
N GLU E 520 -156.92 -153.91 98.39
CA GLU E 520 -157.15 -153.85 99.82
C GLU E 520 -156.75 -155.16 100.50
N GLU E 521 -157.09 -156.30 99.89
CA GLU E 521 -156.70 -157.59 100.45
C GLU E 521 -155.19 -157.75 100.48
N PHE E 522 -154.50 -157.32 99.41
CA PHE E 522 -153.05 -157.40 99.39
C PHE E 522 -152.42 -156.52 100.44
N PHE E 523 -152.97 -155.31 100.65
CA PHE E 523 -152.46 -154.42 101.68
C PHE E 523 -152.68 -155.01 103.07
N GLN E 524 -153.85 -155.62 103.30
CA GLN E 524 -154.12 -156.23 104.60
C GLN E 524 -153.20 -157.41 104.87
N ASN E 525 -152.99 -158.26 103.86
CA ASN E 525 -152.13 -159.44 103.98
C ASN E 525 -151.15 -159.43 102.81
N SER E 526 -149.91 -159.06 103.08
CA SER E 526 -148.86 -158.99 102.07
C SER E 526 -147.70 -159.90 102.47
N LYS E 527 -147.06 -160.48 101.45
CA LYS E 527 -145.92 -161.35 101.68
C LYS E 527 -144.66 -160.60 102.10
N LEU E 528 -144.63 -159.28 101.95
CA LEU E 528 -143.48 -158.48 102.33
C LEU E 528 -143.64 -157.75 103.64
N LEU E 529 -144.89 -157.41 104.02
CA LEU E 529 -145.11 -156.74 105.29
C LEU E 529 -144.87 -157.66 106.48
N LYS E 530 -145.11 -158.96 106.31
CA LYS E 530 -144.92 -159.92 107.39
C LYS E 530 -143.45 -160.22 107.66
N THR E 531 -142.54 -159.79 106.79
CA THR E 531 -141.12 -160.02 106.96
C THR E 531 -140.43 -158.90 107.75
N SER E 532 -141.19 -157.89 108.19
CA SER E 532 -140.65 -156.77 108.95
C SER E 532 -139.52 -156.06 108.19
N MET E 533 -139.69 -155.92 106.88
CA MET E 533 -138.71 -155.27 106.04
C MET E 533 -139.21 -153.97 105.41
N LEU E 534 -140.47 -153.59 105.69
CA LEU E 534 -141.06 -152.38 105.14
C LEU E 534 -141.61 -151.52 106.27
N LYS E 535 -141.50 -150.21 106.09
CA LYS E 535 -141.97 -149.28 107.10
C LYS E 535 -143.50 -149.32 107.22
N ALA E 536 -143.99 -149.21 108.45
CA ALA E 536 -145.42 -149.28 108.69
C ALA E 536 -146.13 -148.01 108.27
N HIS E 537 -145.44 -146.88 108.26
CA HIS E 537 -146.04 -145.60 107.90
C HIS E 537 -146.04 -145.33 106.40
N GLN E 538 -145.48 -146.25 105.60
CA GLN E 538 -145.45 -146.10 104.15
C GLN E 538 -146.54 -146.92 103.47
N VAL E 539 -147.70 -147.04 104.09
CA VAL E 539 -148.80 -147.82 103.53
C VAL E 539 -149.92 -146.89 103.08
N THR E 540 -150.91 -147.44 102.37
CA THR E 540 -152.04 -146.68 101.84
C THR E 540 -151.59 -145.51 100.97
N THR E 541 -152.51 -144.59 100.68
CA THR E 541 -152.21 -143.43 99.85
C THR E 541 -152.77 -142.13 100.39
N ARG E 542 -153.44 -142.13 101.54
CA ARG E 542 -154.07 -140.91 102.04
C ARG E 542 -153.03 -139.85 102.39
N ASN E 543 -151.99 -140.23 103.14
CA ASN E 543 -150.96 -139.27 103.52
C ASN E 543 -150.21 -138.74 102.31
N LEU E 544 -149.87 -139.62 101.37
CA LEU E 544 -149.17 -139.19 100.16
C LEU E 544 -150.04 -138.24 99.35
N SER E 545 -151.33 -138.55 99.20
CA SER E 545 -152.23 -137.67 98.46
C SER E 545 -152.36 -136.32 99.13
N LEU E 546 -152.47 -136.30 100.46
CA LEU E 546 -152.58 -135.03 101.18
C LEU E 546 -151.31 -134.21 101.02
N ALA E 547 -150.14 -134.85 101.13
CA ALA E 547 -148.89 -134.12 100.96
C ALA E 547 -148.76 -133.56 99.55
N VAL E 548 -149.11 -134.37 98.54
CA VAL E 548 -149.03 -133.90 97.16
C VAL E 548 -149.97 -132.73 96.93
N SER E 549 -151.20 -132.82 97.47
CA SER E 549 -152.16 -131.73 97.31
C SER E 549 -151.66 -130.46 97.98
N ASP E 550 -151.10 -130.57 99.19
CA ASP E 550 -150.59 -129.39 99.88
C ASP E 550 -149.43 -128.77 99.12
N CYS E 551 -148.50 -129.60 98.62
CA CYS E 551 -147.37 -129.07 97.86
C CYS E 551 -147.85 -128.39 96.58
N PHE E 552 -148.80 -129.00 95.88
CA PHE E 552 -149.33 -128.40 94.66
C PHE E 552 -150.02 -127.07 94.97
N TRP E 553 -150.80 -127.02 96.05
CA TRP E 553 -151.48 -125.78 96.41
C TRP E 553 -150.50 -124.67 96.75
N LYS E 554 -149.47 -124.98 97.55
CA LYS E 554 -148.50 -123.95 97.90
C LYS E 554 -147.69 -123.48 96.69
N MET E 555 -147.30 -124.42 95.82
CA MET E 555 -146.52 -124.02 94.65
C MET E 555 -147.36 -123.22 93.66
N VAL E 556 -148.65 -123.56 93.50
CA VAL E 556 -149.49 -122.79 92.61
C VAL E 556 -149.81 -121.42 93.20
N ARG E 557 -149.92 -121.34 94.53
CA ARG E 557 -150.10 -120.04 95.17
C ARG E 557 -148.89 -119.14 94.95
N GLU E 558 -147.69 -119.70 95.12
CA GLU E 558 -146.48 -118.91 94.86
C GLU E 558 -146.41 -118.50 93.39
N SER E 559 -146.74 -119.43 92.49
CA SER E 559 -146.68 -119.12 91.06
C SER E 559 -147.66 -118.02 90.68
N VAL E 560 -148.89 -118.07 91.21
CA VAL E 560 -149.86 -117.04 90.88
C VAL E 560 -149.50 -115.71 91.53
N GLU E 561 -148.88 -115.74 92.73
CA GLU E 561 -148.42 -114.50 93.33
C GLU E 561 -147.34 -113.84 92.48
N GLN E 562 -146.40 -114.64 91.96
CA GLN E 562 -145.39 -114.09 91.07
C GLN E 562 -146.00 -113.60 89.76
N GLN E 563 -146.94 -114.36 89.21
CA GLN E 563 -147.51 -114.01 87.91
C GLN E 563 -148.40 -112.79 87.98
N ALA E 564 -149.00 -112.49 89.14
CA ALA E 564 -149.82 -111.30 89.27
C ALA E 564 -149.06 -110.04 88.90
N ASP E 565 -147.74 -110.04 89.10
CA ASP E 565 -146.88 -108.94 88.66
C ASP E 565 -146.15 -109.26 87.35
N SER E 566 -145.82 -110.52 87.11
CA SER E 566 -145.12 -110.88 85.88
C SER E 566 -145.96 -110.57 84.65
N PHE E 567 -147.24 -110.92 84.68
CA PHE E 567 -148.12 -110.66 83.53
C PHE E 567 -148.37 -109.17 83.35
N LYS E 568 -148.48 -108.42 84.45
CA LYS E 568 -148.61 -106.96 84.33
C LYS E 568 -147.36 -106.36 83.68
N ALA E 569 -146.18 -106.82 84.10
CA ALA E 569 -144.94 -106.33 83.48
C ALA E 569 -144.88 -106.71 82.01
N THR E 570 -145.30 -107.93 81.67
CA THR E 570 -145.29 -108.35 80.26
C THR E 570 -146.25 -107.50 79.43
N ARG E 571 -147.44 -107.22 79.96
CA ARG E 571 -148.39 -106.38 79.24
C ARG E 571 -147.85 -104.97 79.06
N PHE E 572 -147.22 -104.42 80.10
CA PHE E 572 -146.64 -103.08 79.99
C PHE E 572 -145.54 -103.05 78.94
N ASN E 573 -144.69 -104.08 78.92
CA ASN E 573 -143.61 -104.15 77.94
C ASN E 573 -144.17 -104.27 76.52
N LEU E 574 -145.21 -105.09 76.35
CA LEU E 574 -145.82 -105.23 75.02
C LEU E 574 -146.43 -103.92 74.56
N GLU E 575 -147.13 -103.21 75.46
CA GLU E 575 -147.71 -101.92 75.10
C GLU E 575 -146.63 -100.91 74.74
N THR E 576 -145.54 -100.89 75.51
CA THR E 576 -144.43 -99.99 75.20
C THR E 576 -143.80 -100.31 73.85
N GLU E 577 -143.63 -101.60 73.55
CA GLU E 577 -143.07 -102.00 72.27
C GLU E 577 -143.99 -101.59 71.12
N TRP E 578 -145.30 -101.79 71.28
CA TRP E 578 -146.24 -101.40 70.24
C TRP E 578 -146.23 -99.90 70.02
N LYS E 579 -146.18 -99.12 71.11
CA LYS E 579 -146.15 -97.67 70.98
C LYS E 579 -144.85 -97.20 70.33
N ASN E 580 -143.73 -97.81 70.69
CA ASN E 580 -142.44 -97.39 70.15
C ASN E 580 -142.30 -97.74 68.67
N ASN E 581 -142.74 -98.95 68.28
CA ASN E 581 -142.65 -99.34 66.88
C ASN E 581 -143.58 -98.52 66.00
N TYR E 582 -144.72 -98.09 66.55
CA TYR E 582 -145.71 -97.31 65.80
C TYR E 582 -146.07 -96.07 66.62
N PRO E 583 -145.21 -95.06 66.63
CA PRO E 583 -145.51 -93.84 67.37
C PRO E 583 -146.76 -93.12 66.88
N ARG E 584 -147.06 -93.19 65.58
CA ARG E 584 -148.20 -92.51 64.99
C ARG E 584 -149.36 -93.46 64.71
N LEU E 585 -149.26 -94.72 65.09
CA LEU E 585 -150.31 -95.70 64.87
C LEU E 585 -150.65 -96.39 66.18
N ARG E 586 -151.94 -96.46 66.47
CA ARG E 586 -152.42 -97.11 67.69
C ARG E 586 -152.71 -98.58 67.40
N GLU E 587 -153.36 -99.26 68.34
CA GLU E 587 -153.67 -100.68 68.18
C GLU E 587 -154.53 -100.90 66.93
N LEU E 588 -154.14 -101.89 66.12
CA LEU E 588 -154.82 -102.23 64.89
C LEU E 588 -155.06 -103.74 64.88
N ASP E 589 -156.21 -104.15 65.42
CA ASP E 589 -156.57 -105.55 65.45
C ASP E 589 -157.30 -105.95 64.16
N ARG E 590 -157.79 -107.18 64.11
CA ARG E 590 -158.44 -107.68 62.91
C ARG E 590 -159.71 -106.91 62.60
N ASN E 591 -160.52 -106.63 63.61
CA ASN E 591 -161.81 -105.97 63.38
C ASN E 591 -161.63 -104.56 62.86
N GLU E 592 -160.78 -103.76 63.53
CA GLU E 592 -160.58 -102.38 63.12
C GLU E 592 -159.94 -102.30 61.74
N LEU E 593 -158.95 -103.16 61.47
CA LEU E 593 -158.31 -103.15 60.16
C LEU E 593 -159.27 -103.57 59.06
N PHE E 594 -160.11 -104.57 59.33
CA PHE E 594 -161.10 -104.99 58.34
C PHE E 594 -162.10 -103.88 58.07
N GLU E 595 -162.55 -103.19 59.12
CA GLU E 595 -163.48 -102.07 58.95
C GLU E 595 -162.83 -100.95 58.15
N LYS E 596 -161.56 -100.65 58.44
CA LYS E 596 -160.86 -99.61 57.68
C LYS E 596 -160.69 -100.00 56.22
N ALA E 597 -160.39 -101.26 55.95
CA ALA E 597 -160.28 -101.72 54.57
C ALA E 597 -161.62 -101.62 53.85
N LYS E 598 -162.70 -101.99 54.53
CA LYS E 598 -164.03 -101.86 53.94
C LYS E 598 -164.36 -100.40 53.62
N ASN E 599 -164.04 -99.50 54.56
CA ASN E 599 -164.28 -98.08 54.34
C ASN E 599 -163.45 -97.55 53.18
N GLU E 600 -162.19 -97.97 53.09
CA GLU E 600 -161.35 -97.55 51.98
C GLU E 600 -161.89 -98.06 50.64
N ILE E 601 -162.37 -99.30 50.61
CA ILE E 601 -162.97 -99.85 49.40
C ILE E 601 -164.20 -99.06 49.01
N LEU E 602 -165.05 -98.71 49.99
CA LEU E 602 -166.23 -97.91 49.71
C LEU E 602 -165.86 -96.54 49.17
N ASP E 603 -164.85 -95.90 49.76
CA ASP E 603 -164.40 -94.60 49.29
C ASP E 603 -163.85 -94.68 47.87
N GLU E 604 -163.10 -95.74 47.56
CA GLU E 604 -162.58 -95.92 46.21
C GLU E 604 -163.71 -96.12 45.22
N VAL E 605 -164.73 -96.90 45.59
CA VAL E 605 -165.88 -97.10 44.71
C VAL E 605 -166.62 -95.79 44.49
N ILE E 606 -166.77 -95.00 45.55
CA ILE E 606 -167.43 -93.70 45.42
C ILE E 606 -166.65 -92.79 44.48
N SER E 607 -165.33 -92.75 44.64
CA SER E 607 -164.50 -91.93 43.76
C SER E 607 -164.59 -92.40 42.31
N LEU E 608 -164.61 -93.72 42.11
CA LEU E 608 -164.75 -94.26 40.76
C LEU E 608 -166.09 -93.85 40.15
N SER E 609 -167.16 -93.90 40.93
CA SER E 609 -168.47 -93.52 40.42
C SER E 609 -168.57 -92.01 40.20
N GLN E 610 -167.77 -91.22 40.90
CA GLN E 610 -167.83 -89.77 40.82
C GLN E 610 -166.98 -89.19 39.68
N VAL E 611 -166.24 -90.02 38.95
CA VAL E 611 -165.44 -89.53 37.84
C VAL E 611 -166.37 -89.02 36.73
N THR E 612 -165.99 -87.91 36.11
CA THR E 612 -166.78 -87.32 35.04
C THR E 612 -166.90 -88.29 33.87
N PRO E 613 -168.12 -88.55 33.36
CA PRO E 613 -168.26 -89.49 32.25
C PRO E 613 -167.53 -89.06 30.98
N LYS E 614 -167.32 -87.75 30.79
CA LYS E 614 -166.65 -87.28 29.58
C LYS E 614 -165.23 -87.81 29.48
N HIS E 615 -164.50 -87.81 30.61
CA HIS E 615 -163.14 -88.34 30.61
C HIS E 615 -163.15 -89.84 30.30
N TRP E 616 -164.11 -90.57 30.84
CA TRP E 616 -164.24 -92.00 30.51
C TRP E 616 -164.48 -92.19 29.03
N GLU E 617 -165.39 -91.41 28.44
CA GLU E 617 -165.68 -91.53 27.03
C GLU E 617 -164.45 -91.24 26.18
N GLU E 618 -163.71 -90.18 26.53
CA GLU E 618 -162.51 -89.84 25.77
C GLU E 618 -161.46 -90.94 25.87
N ILE E 619 -161.24 -91.46 27.08
CA ILE E 619 -160.24 -92.51 27.27
C ILE E 619 -160.62 -93.76 26.50
N LEU E 620 -161.90 -94.15 26.60
CA LEU E 620 -162.35 -95.35 25.90
C LEU E 620 -162.23 -95.19 24.39
N GLN E 621 -162.62 -94.02 23.87
CA GLN E 621 -162.53 -93.78 22.43
C GLN E 621 -161.08 -93.83 21.97
N GLN E 622 -160.18 -93.18 22.71
CA GLN E 622 -158.77 -93.17 22.31
C GLN E 622 -158.18 -94.57 22.35
N SER E 623 -158.46 -95.32 23.42
CA SER E 623 -157.92 -96.67 23.54
C SER E 623 -158.46 -97.58 22.46
N LEU E 624 -159.76 -97.51 22.19
CA LEU E 624 -160.36 -98.35 21.16
C LEU E 624 -159.80 -98.01 19.78
N TRP E 625 -159.64 -96.71 19.48
CA TRP E 625 -159.09 -96.31 18.20
C TRP E 625 -157.66 -96.80 18.04
N GLU E 626 -156.84 -96.64 19.09
CA GLU E 626 -155.47 -97.12 19.02
C GLU E 626 -155.42 -98.64 18.86
N ARG E 627 -156.39 -99.34 19.44
CA ARG E 627 -156.38 -100.80 19.36
C ARG E 627 -156.81 -101.28 17.97
N VAL E 628 -157.81 -100.62 17.37
CA VAL E 628 -158.41 -101.14 16.14
C VAL E 628 -157.89 -100.41 14.91
N SER E 629 -156.94 -99.49 15.06
CA SER E 629 -156.39 -98.82 13.88
C SER E 629 -155.74 -99.81 12.92
N THR E 630 -154.91 -100.71 13.46
CA THR E 630 -154.25 -101.70 12.61
C THR E 630 -155.25 -102.65 11.98
N HIS E 631 -156.25 -103.08 12.76
CA HIS E 631 -157.27 -103.98 12.23
C HIS E 631 -158.04 -103.33 11.09
N VAL E 632 -158.44 -102.06 11.27
CA VAL E 632 -159.17 -101.34 10.23
C VAL E 632 -158.31 -101.18 8.99
N ILE E 633 -157.03 -100.83 9.18
CA ILE E 633 -156.14 -100.64 8.04
C ILE E 633 -156.01 -101.95 7.25
N GLU E 634 -155.68 -103.04 7.94
CA GLU E 634 -155.46 -104.32 7.28
C GLU E 634 -156.73 -104.96 6.76
N ASN E 635 -157.90 -104.52 7.21
CA ASN E 635 -159.16 -105.06 6.71
C ASN E 635 -159.82 -104.16 5.66
N ILE E 636 -159.33 -102.94 5.48
CA ILE E 636 -159.93 -102.03 4.50
C ILE E 636 -158.95 -101.75 3.37
N TYR E 637 -157.78 -101.19 3.71
CA TYR E 637 -156.86 -100.75 2.67
C TYR E 637 -156.15 -101.91 1.99
N LEU E 638 -155.89 -102.99 2.73
CA LEU E 638 -155.20 -104.14 2.14
C LEU E 638 -156.00 -104.77 1.01
N PRO E 639 -157.31 -105.04 1.13
CA PRO E 639 -158.05 -105.54 -0.04
C PRO E 639 -158.27 -104.48 -1.09
N ALA E 640 -158.63 -103.27 -0.69
CA ALA E 640 -158.90 -102.17 -1.62
C ALA E 640 -157.65 -101.31 -1.80
N ALA E 641 -156.58 -101.96 -2.27
CA ALA E 641 -155.30 -101.28 -2.45
C ALA E 641 -155.12 -100.70 -3.84
N GLN E 642 -156.05 -100.95 -4.77
CA GLN E 642 -155.93 -100.44 -6.13
C GLN E 642 -157.21 -99.75 -6.61
N THR E 643 -158.07 -99.35 -5.69
CA THR E 643 -159.30 -98.66 -6.07
C THR E 643 -158.98 -97.25 -6.59
N MET E 644 -159.66 -96.86 -7.66
CA MET E 644 -159.49 -95.56 -8.28
C MET E 644 -160.64 -94.60 -7.96
N ASN E 645 -161.87 -95.05 -8.11
CA ASN E 645 -163.03 -94.22 -7.81
C ASN E 645 -163.27 -94.16 -6.31
N SER E 646 -163.57 -92.95 -5.81
CA SER E 646 -163.83 -92.78 -4.39
C SER E 646 -165.13 -93.45 -3.98
N GLY E 647 -166.11 -93.53 -4.88
CA GLY E 647 -167.37 -94.15 -4.55
C GLY E 647 -167.23 -95.64 -4.26
N THR E 648 -166.44 -96.35 -5.07
CA THR E 648 -166.21 -97.77 -4.83
C THR E 648 -165.49 -97.99 -3.51
N PHE E 649 -164.50 -97.13 -3.19
CA PHE E 649 -163.81 -97.24 -1.92
C PHE E 649 -164.75 -97.01 -0.76
N ASN E 650 -165.62 -96.01 -0.86
CA ASN E 650 -166.58 -95.75 0.21
C ASN E 650 -167.56 -96.91 0.37
N THR E 651 -168.01 -97.49 -0.74
CA THR E 651 -168.91 -98.64 -0.66
C THR E 651 -168.22 -99.83 0.01
N THR E 652 -166.96 -100.08 -0.34
CA THR E 652 -166.21 -101.16 0.28
C THR E 652 -166.03 -100.90 1.78
N VAL E 653 -165.75 -99.66 2.15
CA VAL E 653 -165.61 -99.31 3.56
C VAL E 653 -166.90 -99.57 4.31
N ASP E 654 -168.03 -99.15 3.73
CA ASP E 654 -169.32 -99.37 4.37
C ASP E 654 -169.62 -100.86 4.51
N ILE E 655 -169.31 -101.64 3.48
CA ILE E 655 -169.55 -103.08 3.54
C ILE E 655 -168.72 -103.71 4.65
N LYS E 656 -167.44 -103.34 4.73
CA LYS E 656 -166.56 -103.89 5.75
C LYS E 656 -167.03 -103.48 7.15
N LEU E 657 -167.44 -102.22 7.31
CA LEU E 657 -167.92 -101.77 8.61
C LEU E 657 -169.19 -102.52 9.03
N LYS E 658 -170.11 -102.71 8.09
CA LYS E 658 -171.34 -103.44 8.41
C LYS E 658 -171.02 -104.90 8.77
N GLN E 659 -170.11 -105.53 8.02
CA GLN E 659 -169.74 -106.90 8.34
C GLN E 659 -169.08 -107.01 9.72
N TRP E 660 -168.21 -106.05 10.05
CA TRP E 660 -167.56 -106.06 11.35
C TRP E 660 -168.58 -105.86 12.47
N THR E 661 -169.52 -104.92 12.29
CA THR E 661 -170.55 -104.69 13.30
C THR E 661 -171.41 -105.94 13.49
N ASP E 662 -171.74 -106.62 12.40
CA ASP E 662 -172.58 -107.81 12.51
C ASP E 662 -171.83 -108.97 13.16
N LYS E 663 -170.55 -109.12 12.86
CA LYS E 663 -169.84 -110.35 13.24
C LYS E 663 -169.35 -110.31 14.68
N GLN E 664 -168.42 -109.41 15.00
CA GLN E 664 -167.75 -109.46 16.30
C GLN E 664 -167.45 -108.10 16.92
N LEU E 665 -167.85 -106.99 16.30
CA LEU E 665 -167.50 -105.68 16.85
C LEU E 665 -168.09 -105.44 18.23
N PRO E 666 -169.35 -105.75 18.52
CA PRO E 666 -169.84 -105.57 19.91
C PRO E 666 -169.05 -106.38 20.92
N ASN E 667 -168.66 -107.61 20.57
CA ASN E 667 -167.88 -108.43 21.49
C ASN E 667 -166.51 -107.81 21.76
N LYS E 668 -165.86 -107.31 20.71
CA LYS E 668 -164.56 -106.66 20.88
C LYS E 668 -164.70 -105.40 21.73
N ALA E 669 -165.76 -104.62 21.50
CA ALA E 669 -165.98 -103.42 22.30
C ALA E 669 -166.21 -103.76 23.77
N VAL E 670 -167.01 -104.80 24.03
CA VAL E 670 -167.25 -105.23 25.41
C VAL E 670 -165.95 -105.68 26.07
N GLU E 671 -165.14 -106.46 25.34
CA GLU E 671 -163.87 -106.92 25.89
C GLU E 671 -162.94 -105.75 26.20
N VAL E 672 -162.88 -104.77 25.29
CA VAL E 672 -162.02 -103.61 25.50
C VAL E 672 -162.49 -102.81 26.71
N ALA E 673 -163.80 -102.61 26.83
CA ALA E 673 -164.34 -101.87 27.97
C ALA E 673 -164.04 -102.60 29.28
N TRP E 674 -164.21 -103.92 29.30
CA TRP E 674 -163.93 -104.68 30.50
C TRP E 674 -162.46 -104.63 30.87
N GLU E 675 -161.58 -104.72 29.86
CA GLU E 675 -160.15 -104.64 30.13
C GLU E 675 -159.77 -103.26 30.67
N THR E 676 -160.35 -102.19 30.11
CA THR E 676 -160.07 -100.86 30.62
C THR E 676 -160.57 -100.69 32.05
N LEU E 677 -161.76 -101.23 32.35
CA LEU E 677 -162.27 -101.16 33.72
C LEU E 677 -161.36 -101.92 34.67
N GLN E 678 -160.89 -103.10 34.26
CA GLN E 678 -159.97 -103.86 35.10
C GLN E 678 -158.66 -103.09 35.33
N GLU E 679 -158.14 -102.45 34.28
CA GLU E 679 -156.91 -101.68 34.43
C GLU E 679 -157.10 -100.51 35.39
N GLU E 680 -158.23 -99.80 35.26
CA GLU E 680 -158.50 -98.69 36.17
C GLU E 680 -158.65 -99.18 37.61
N PHE E 681 -159.35 -100.30 37.81
CA PHE E 681 -159.52 -100.84 39.15
C PHE E 681 -158.17 -101.26 39.74
N SER E 682 -157.32 -101.89 38.93
CA SER E 682 -156.01 -102.31 39.42
C SER E 682 -155.15 -101.10 39.77
N ARG E 683 -155.18 -100.06 38.94
CA ARG E 683 -154.40 -98.86 39.23
C ARG E 683 -154.89 -98.18 40.50
N PHE E 684 -156.21 -98.13 40.70
CA PHE E 684 -156.74 -97.55 41.93
C PHE E 684 -156.37 -98.38 43.16
N MET E 685 -156.42 -99.70 43.03
CA MET E 685 -156.04 -100.57 44.15
C MET E 685 -154.56 -100.42 44.50
N THR E 686 -153.70 -100.34 43.48
CA THR E 686 -152.26 -100.20 43.67
C THR E 686 -151.87 -98.80 43.22
N GLU E 687 -151.94 -97.85 44.15
CA GLU E 687 -151.64 -96.45 43.90
C GLU E 687 -150.61 -95.99 44.91
N PRO E 688 -149.32 -96.22 44.65
CA PRO E 688 -148.26 -95.90 45.63
C PRO E 688 -147.92 -94.42 45.67
N LYS E 689 -148.95 -93.59 45.81
CA LYS E 689 -148.73 -92.15 45.98
C LYS E 689 -148.01 -91.86 47.30
N GLY E 690 -148.38 -92.57 48.35
CA GLY E 690 -147.72 -92.37 49.63
C GLY E 690 -146.29 -92.91 49.62
N LYS E 691 -145.46 -92.30 50.47
CA LYS E 691 -144.05 -92.70 50.54
C LYS E 691 -143.86 -94.06 51.19
N GLU E 692 -144.83 -94.53 51.97
CA GLU E 692 -144.70 -95.82 52.65
C GLU E 692 -145.31 -96.93 51.80
N HIS E 693 -146.60 -96.82 51.50
CA HIS E 693 -147.34 -97.80 50.69
C HIS E 693 -147.10 -99.23 51.20
N ASP E 694 -147.57 -99.45 52.43
CA ASP E 694 -147.44 -100.76 53.07
C ASP E 694 -148.11 -101.84 52.23
N ASP E 695 -147.41 -102.94 52.03
CA ASP E 695 -147.89 -104.03 51.17
C ASP E 695 -148.88 -104.94 51.88
N ILE E 696 -149.01 -104.85 53.21
CA ILE E 696 -149.97 -105.69 53.92
C ILE E 696 -151.38 -105.40 53.45
N PHE E 697 -151.74 -104.12 53.32
CA PHE E 697 -153.05 -103.76 52.79
C PHE E 697 -153.12 -104.00 51.28
N ASP E 698 -151.99 -103.85 50.59
CA ASP E 698 -151.97 -104.02 49.14
C ASP E 698 -152.30 -105.45 48.74
N LYS E 699 -151.77 -106.43 49.48
CA LYS E 699 -152.07 -107.82 49.17
C LYS E 699 -153.56 -108.12 49.33
N LEU E 700 -154.17 -107.62 50.41
CA LEU E 700 -155.60 -107.81 50.61
C LEU E 700 -156.40 -107.12 49.51
N LYS E 701 -155.98 -105.91 49.11
CA LYS E 701 -156.68 -105.21 48.04
C LYS E 701 -156.60 -105.97 46.73
N GLU E 702 -155.42 -106.52 46.41
CA GLU E 702 -155.26 -107.31 45.20
C GLU E 702 -156.11 -108.57 45.25
N ALA E 703 -156.16 -109.24 46.41
CA ALA E 703 -156.98 -110.43 46.54
C ALA E 703 -158.45 -110.11 46.35
N VAL E 704 -158.92 -109.01 46.93
CA VAL E 704 -160.31 -108.60 46.78
C VAL E 704 -160.61 -108.25 45.32
N LYS E 705 -159.66 -107.57 44.66
CA LYS E 705 -159.85 -107.23 43.25
C LYS E 705 -159.94 -108.49 42.39
N GLU E 706 -159.08 -109.47 42.64
CA GLU E 706 -159.14 -110.72 41.89
C GLU E 706 -160.44 -111.45 42.13
N GLU E 707 -160.90 -111.50 43.38
CA GLU E 707 -162.17 -112.15 43.69
C GLU E 707 -163.34 -111.45 43.00
N SER E 708 -163.35 -110.11 43.00
CA SER E 708 -164.40 -109.38 42.33
C SER E 708 -164.37 -109.60 40.82
N ILE E 709 -163.17 -109.65 40.24
CA ILE E 709 -163.05 -109.89 38.81
C ILE E 709 -163.57 -111.27 38.45
N LYS E 710 -163.20 -112.27 39.24
CA LYS E 710 -163.66 -113.64 38.97
C LYS E 710 -165.16 -113.78 39.20
N ARG E 711 -165.72 -113.04 40.16
CA ARG E 711 -167.14 -113.13 40.47
C ARG E 711 -168.00 -112.23 39.58
N HIS E 712 -167.38 -111.34 38.81
CA HIS E 712 -168.14 -110.41 37.98
C HIS E 712 -168.89 -111.16 36.88
N LYS E 713 -170.09 -110.69 36.57
CA LYS E 713 -170.95 -111.28 35.57
C LYS E 713 -171.37 -110.23 34.54
N TRP E 714 -171.76 -110.69 33.36
CA TRP E 714 -172.19 -109.82 32.27
C TRP E 714 -173.57 -110.24 31.78
N ASN E 715 -174.32 -109.27 31.26
CA ASN E 715 -175.68 -109.50 30.79
C ASN E 715 -175.70 -109.45 29.26
N ASP E 716 -176.32 -110.47 28.65
CA ASP E 716 -176.40 -110.51 27.20
C ASP E 716 -177.35 -109.46 26.65
N PHE E 717 -178.31 -108.99 27.46
CA PHE E 717 -179.19 -107.92 27.03
C PHE E 717 -178.39 -106.64 26.79
N ALA E 718 -177.40 -106.37 27.64
CA ALA E 718 -176.53 -105.21 27.41
C ALA E 718 -175.77 -105.36 26.10
N GLU E 719 -175.29 -106.57 25.81
CA GLU E 719 -174.59 -106.79 24.55
C GLU E 719 -175.50 -106.56 23.35
N ASP E 720 -176.74 -107.05 23.43
CA ASP E 720 -177.70 -106.84 22.33
C ASP E 720 -178.02 -105.37 22.16
N SER E 721 -178.20 -104.64 23.26
CA SER E 721 -178.45 -103.20 23.17
C SER E 721 -177.27 -102.47 22.57
N LEU E 722 -176.05 -102.86 22.95
CA LEU E 722 -174.85 -102.26 22.39
C LEU E 722 -174.77 -102.51 20.88
N ARG E 723 -175.07 -103.75 20.46
CA ARG E 723 -175.06 -104.07 19.04
C ARG E 723 -176.08 -103.23 18.28
N VAL E 724 -177.29 -103.11 18.83
CA VAL E 724 -178.34 -102.34 18.18
C VAL E 724 -177.93 -100.87 18.06
N ILE E 725 -177.37 -100.31 19.13
CA ILE E 725 -176.98 -98.90 19.10
C ILE E 725 -175.81 -98.68 18.14
N GLN E 726 -174.87 -99.63 18.10
CA GLN E 726 -173.76 -99.52 17.15
C GLN E 726 -174.27 -99.55 15.71
N HIS E 727 -175.23 -100.43 15.42
CA HIS E 727 -175.80 -100.48 14.08
C HIS E 727 -176.56 -99.19 13.76
N ASN E 728 -177.29 -98.64 14.74
CA ASN E 728 -178.08 -97.44 14.49
C ASN E 728 -177.23 -96.18 14.43
N ALA E 729 -176.01 -96.22 14.95
CA ALA E 729 -175.15 -95.04 14.98
C ALA E 729 -174.59 -94.71 13.60
N LEU E 730 -175.46 -94.29 12.68
CA LEU E 730 -175.07 -93.87 11.34
C LEU E 730 -175.77 -92.57 11.00
N GLU E 731 -175.73 -91.60 11.92
CA GLU E 731 -176.48 -90.36 11.81
C GLU E 731 -175.81 -89.36 10.88
N ASP E 732 -174.59 -88.93 11.23
CA ASP E 732 -173.91 -87.88 10.48
C ASP E 732 -172.92 -88.49 9.50
N ARG E 733 -172.89 -87.92 8.29
CA ARG E 733 -172.01 -88.42 7.23
C ARG E 733 -171.24 -87.33 6.50
N SER E 734 -171.43 -86.05 6.84
CA SER E 734 -170.75 -84.96 6.17
C SER E 734 -170.38 -83.89 7.18
N ILE E 735 -169.37 -83.09 6.82
CA ILE E 735 -168.89 -81.99 7.66
C ILE E 735 -169.34 -80.67 7.04
N SER E 736 -170.05 -79.87 7.82
CA SER E 736 -170.50 -78.54 7.37
C SER E 736 -169.85 -77.42 8.19
N ASP E 737 -168.82 -77.74 8.97
CA ASP E 737 -168.16 -76.76 9.82
C ASP E 737 -166.69 -76.69 9.45
N LYS E 738 -166.17 -75.48 9.28
CA LYS E 738 -164.76 -75.30 8.97
C LYS E 738 -163.88 -75.77 10.14
N GLN E 739 -164.29 -75.46 11.38
CA GLN E 739 -163.51 -75.89 12.54
C GLN E 739 -163.48 -77.40 12.67
N GLN E 740 -164.63 -78.05 12.46
CA GLN E 740 -164.67 -79.51 12.50
C GLN E 740 -163.81 -80.11 11.38
N TRP E 741 -163.83 -79.50 10.21
CA TRP E 741 -163.00 -79.96 9.10
C TRP E 741 -161.52 -79.84 9.45
N ASP E 742 -161.12 -78.73 10.07
CA ASP E 742 -159.73 -78.56 10.47
C ASP E 742 -159.33 -79.56 11.56
N ALA E 743 -160.24 -79.82 12.51
CA ALA E 743 -159.95 -80.80 13.54
C ALA E 743 -159.78 -82.20 12.95
N ALA E 744 -160.65 -82.56 12.00
CA ALA E 744 -160.51 -83.86 11.33
C ALA E 744 -159.21 -83.92 10.55
N ILE E 745 -158.83 -82.82 9.88
CA ILE E 745 -157.57 -82.79 9.15
C ILE E 745 -156.40 -83.00 10.10
N TYR E 746 -156.42 -82.33 11.26
CA TYR E 746 -155.33 -82.48 12.21
C TYR E 746 -155.25 -83.90 12.77
N PHE E 747 -156.40 -84.50 13.08
CA PHE E 747 -156.40 -85.87 13.57
C PHE E 747 -155.87 -86.84 12.52
N MET E 748 -156.32 -86.67 11.27
CA MET E 748 -155.82 -87.52 10.19
C MET E 748 -154.33 -87.33 9.97
N GLU E 749 -153.85 -86.09 10.07
CA GLU E 749 -152.42 -85.82 9.93
C GLU E 749 -151.63 -86.50 11.05
N GLU E 750 -152.14 -86.44 12.28
CA GLU E 750 -151.47 -87.12 13.39
C GLU E 750 -151.41 -88.62 13.17
N ALA E 751 -152.53 -89.21 12.74
CA ALA E 751 -152.56 -90.65 12.49
C ALA E 751 -151.59 -91.05 11.36
N LEU E 752 -151.56 -90.25 10.29
CA LEU E 752 -150.68 -90.56 9.16
C LEU E 752 -149.22 -90.37 9.55
N GLN E 753 -148.92 -89.38 10.39
CA GLN E 753 -147.56 -89.19 10.88
C GLN E 753 -147.13 -90.36 11.75
N ALA E 754 -148.04 -90.86 12.60
CA ALA E 754 -147.73 -92.05 13.40
C ALA E 754 -147.46 -93.26 12.51
N ARG E 755 -148.29 -93.44 11.48
CA ARG E 755 -148.08 -94.55 10.55
C ARG E 755 -146.76 -94.41 9.81
N LEU E 756 -146.42 -93.18 9.40
CA LEU E 756 -145.15 -92.93 8.72
C LEU E 756 -143.97 -93.23 9.63
N LYS E 757 -144.06 -92.85 10.91
CA LYS E 757 -142.99 -93.17 11.85
C LYS E 757 -142.85 -94.67 12.04
N ASP E 758 -143.98 -95.38 12.14
CA ASP E 758 -143.91 -96.83 12.26
C ASP E 758 -143.27 -97.47 11.02
N THR E 759 -143.63 -96.98 9.84
CA THR E 759 -143.05 -97.50 8.61
C THR E 759 -141.56 -97.20 8.54
N GLU E 760 -141.15 -96.01 8.97
CA GLU E 760 -139.73 -95.66 9.01
C GLU E 760 -138.97 -96.56 9.97
N ASN E 761 -139.55 -96.84 11.13
CA ASN E 761 -138.91 -97.74 12.08
C ASN E 761 -138.77 -99.14 11.50
N ALA E 762 -139.82 -99.63 10.83
CA ALA E 762 -139.75 -100.95 10.20
C ALA E 762 -138.68 -100.99 9.11
N ILE E 763 -138.59 -99.94 8.30
CA ILE E 763 -137.59 -99.89 7.24
C ILE E 763 -136.19 -99.84 7.83
N GLU E 764 -136.00 -99.06 8.89
CA GLU E 764 -134.68 -98.99 9.53
C GLU E 764 -134.30 -100.34 10.14
N ASN E 765 -135.26 -101.04 10.75
CA ASN E 765 -134.98 -102.37 11.27
C ASN E 765 -134.60 -103.33 10.15
N MET E 766 -135.30 -103.25 9.02
CA MET E 766 -135.01 -104.13 7.90
C MET E 766 -133.63 -103.85 7.29
N VAL E 767 -133.26 -102.58 7.17
CA VAL E 767 -132.04 -102.19 6.46
C VAL E 767 -131.00 -101.63 7.41
N GLY E 768 -131.32 -100.52 8.06
CA GLY E 768 -130.37 -99.84 8.92
C GLY E 768 -130.20 -98.38 8.57
N PRO E 769 -128.99 -97.85 8.78
CA PRO E 769 -128.74 -96.44 8.46
C PRO E 769 -128.95 -96.16 6.98
N ASP E 770 -129.53 -95.00 6.69
CA ASP E 770 -129.86 -94.59 5.33
C ASP E 770 -129.44 -93.15 5.10
N TRP E 771 -128.93 -92.87 3.90
CA TRP E 771 -128.58 -91.52 3.44
C TRP E 771 -127.55 -90.92 4.40
N LYS E 772 -127.84 -89.81 5.07
CA LYS E 772 -126.87 -89.13 5.92
C LYS E 772 -126.39 -90.03 7.06
N LYS E 773 -127.31 -90.79 7.65
CA LYS E 773 -126.92 -91.69 8.73
C LYS E 773 -125.94 -92.76 8.24
N ARG E 774 -126.18 -93.29 7.04
CA ARG E 774 -125.30 -94.33 6.52
C ARG E 774 -123.94 -93.77 6.11
N TRP E 775 -123.94 -92.60 5.45
CA TRP E 775 -122.71 -92.03 4.93
C TRP E 775 -121.97 -91.15 5.94
N LEU E 776 -122.50 -91.00 7.16
CA LEU E 776 -121.81 -90.21 8.17
C LEU E 776 -120.47 -90.85 8.53
N TYR E 777 -120.45 -92.17 8.70
CA TYR E 777 -119.20 -92.86 9.01
C TYR E 777 -118.31 -92.95 7.78
N TRP E 778 -118.89 -93.23 6.62
CA TRP E 778 -118.24 -93.34 5.31
C TRP E 778 -117.30 -94.54 5.23
N LYS E 779 -117.14 -95.32 6.30
CA LYS E 779 -116.28 -96.49 6.29
C LYS E 779 -116.99 -97.76 6.75
N ASN E 780 -118.24 -97.68 7.17
CA ASN E 780 -119.00 -98.84 7.62
C ASN E 780 -119.98 -99.23 6.52
N ARG E 781 -119.77 -100.40 5.94
CA ARG E 781 -120.63 -100.92 4.88
C ARG E 781 -120.85 -102.42 5.08
N THR E 782 -122.06 -102.86 4.80
CA THR E 782 -122.45 -104.26 4.91
C THR E 782 -123.10 -104.69 3.62
N GLN E 783 -122.79 -105.91 3.17
CA GLN E 783 -123.36 -106.41 1.92
C GLN E 783 -124.86 -106.56 2.01
N GLU E 784 -125.37 -106.96 3.18
CA GLU E 784 -126.80 -107.16 3.34
C GLU E 784 -127.56 -105.84 3.19
N GLN E 785 -127.09 -104.79 3.88
CA GLN E 785 -127.73 -103.49 3.75
C GLN E 785 -127.45 -102.83 2.40
N CYS E 786 -126.32 -103.14 1.77
CA CYS E 786 -126.05 -102.62 0.44
C CYS E 786 -127.05 -103.17 -0.57
N VAL E 787 -127.40 -104.45 -0.47
CA VAL E 787 -128.39 -105.05 -1.36
C VAL E 787 -129.74 -104.37 -1.18
N HIS E 788 -130.13 -104.12 0.07
CA HIS E 788 -131.40 -103.45 0.34
C HIS E 788 -131.39 -102.03 -0.20
N ASN E 789 -130.27 -101.33 -0.05
CA ASN E 789 -130.15 -99.97 -0.58
C ASN E 789 -130.26 -99.96 -2.10
N GLU E 790 -129.61 -100.91 -2.77
CA GLU E 790 -129.69 -100.99 -4.21
C GLU E 790 -131.12 -101.30 -4.67
N THR E 791 -131.80 -102.22 -3.97
CA THR E 791 -133.19 -102.51 -4.30
C THR E 791 -134.08 -101.29 -4.11
N LYS E 792 -133.86 -100.55 -3.02
CA LYS E 792 -134.64 -99.35 -2.77
C LYS E 792 -134.41 -98.31 -3.86
N ASN E 793 -133.15 -98.13 -4.27
CA ASN E 793 -132.84 -97.18 -5.33
C ASN E 793 -133.49 -97.60 -6.66
N GLU E 794 -133.44 -98.90 -6.97
CA GLU E 794 -134.06 -99.38 -8.20
C GLU E 794 -135.56 -99.16 -8.19
N LEU E 795 -136.21 -99.44 -7.05
CA LEU E 795 -137.65 -99.24 -6.95
C LEU E 795 -138.01 -97.75 -7.03
N GLU E 796 -137.19 -96.89 -6.42
CA GLU E 796 -137.42 -95.45 -6.51
C GLU E 796 -137.29 -94.97 -7.95
N LYS E 797 -136.29 -95.47 -8.68
CA LYS E 797 -136.15 -95.10 -10.09
C LYS E 797 -137.32 -95.61 -10.91
N MET E 798 -137.81 -96.82 -10.61
CA MET E 798 -138.97 -97.35 -11.31
C MET E 798 -140.20 -96.50 -11.06
N LEU E 799 -140.41 -96.06 -9.81
CA LEU E 799 -141.52 -95.17 -9.52
C LEU E 799 -141.37 -93.82 -10.22
N LYS E 800 -140.14 -93.30 -10.28
CA LYS E 800 -139.92 -92.04 -11.00
C LYS E 800 -140.25 -92.19 -12.47
N CYS E 801 -139.87 -93.32 -13.07
CA CYS E 801 -140.21 -93.56 -14.48
C CYS E 801 -141.68 -93.92 -14.64
N ASN E 802 -142.23 -94.70 -13.71
CA ASN E 802 -143.62 -95.16 -13.76
C ASN E 802 -144.25 -94.92 -12.40
N GLU E 803 -144.97 -93.79 -12.28
CA GLU E 803 -145.58 -93.44 -10.99
C GLU E 803 -146.65 -94.44 -10.58
N GLU E 804 -147.47 -94.89 -11.53
CA GLU E 804 -148.56 -95.81 -11.25
C GLU E 804 -148.16 -97.22 -11.64
N HIS E 805 -148.28 -98.15 -10.69
CA HIS E 805 -147.93 -99.55 -10.91
C HIS E 805 -148.87 -100.42 -10.08
N PRO E 806 -149.30 -101.55 -10.62
CA PRO E 806 -150.14 -102.46 -9.83
C PRO E 806 -149.39 -103.03 -8.65
N ALA E 807 -150.15 -103.33 -7.58
CA ALA E 807 -149.53 -103.85 -6.36
C ALA E 807 -148.87 -105.21 -6.61
N TYR E 808 -149.54 -106.08 -7.37
CA TYR E 808 -148.99 -107.39 -7.66
C TYR E 808 -147.84 -107.27 -8.66
N LEU E 809 -146.97 -108.27 -8.64
CA LEU E 809 -145.80 -108.33 -9.53
C LEU E 809 -145.98 -109.51 -10.47
N ALA E 810 -145.93 -109.24 -11.78
CA ALA E 810 -146.03 -110.30 -12.77
C ALA E 810 -144.68 -111.01 -12.92
N SER E 811 -144.73 -112.16 -13.58
CA SER E 811 -143.51 -112.97 -13.74
C SER E 811 -142.46 -112.25 -14.56
N ASP E 812 -142.88 -111.61 -15.65
CA ASP E 812 -141.91 -110.90 -16.50
C ASP E 812 -141.28 -109.72 -15.76
N GLU E 813 -142.08 -109.01 -14.95
CA GLU E 813 -141.52 -107.90 -14.17
C GLU E 813 -140.48 -108.39 -13.18
N ILE E 814 -140.78 -109.51 -12.49
CA ILE E 814 -139.83 -110.07 -11.53
C ILE E 814 -138.56 -110.51 -12.25
N THR E 815 -138.71 -111.16 -13.42
CA THR E 815 -137.54 -111.59 -14.17
C THR E 815 -136.70 -110.40 -14.61
N THR E 816 -137.34 -109.33 -15.08
CA THR E 816 -136.59 -108.14 -15.49
C THR E 816 -135.86 -107.50 -14.31
N VAL E 817 -136.53 -107.42 -13.15
CA VAL E 817 -135.89 -106.85 -11.97
C VAL E 817 -134.70 -107.69 -11.55
N ARG E 818 -134.86 -109.01 -11.56
CA ARG E 818 -133.75 -109.89 -11.18
C ARG E 818 -132.59 -109.77 -12.15
N LYS E 819 -132.87 -109.67 -13.45
CA LYS E 819 -131.81 -109.50 -14.43
C LYS E 819 -131.09 -108.17 -14.24
N ASN E 820 -131.84 -107.10 -13.96
CA ASN E 820 -131.21 -105.81 -13.71
C ASN E 820 -130.33 -105.86 -12.47
N LEU E 821 -130.78 -106.55 -11.43
CA LEU E 821 -129.97 -106.68 -10.21
C LEU E 821 -128.71 -107.49 -10.48
N GLU E 822 -128.84 -108.60 -11.23
CA GLU E 822 -127.70 -109.45 -11.51
C GLU E 822 -126.75 -108.87 -12.56
N SER E 823 -127.17 -107.83 -13.28
CA SER E 823 -126.28 -107.19 -14.24
C SER E 823 -125.04 -106.62 -13.55
N ARG E 824 -125.23 -106.02 -12.37
CA ARG E 824 -124.11 -105.50 -11.60
C ARG E 824 -123.56 -106.51 -10.60
N GLY E 825 -124.13 -107.71 -10.54
CA GLY E 825 -123.62 -108.75 -9.67
C GLY E 825 -124.32 -108.85 -8.34
N VAL E 826 -125.64 -108.68 -8.34
CA VAL E 826 -126.46 -108.76 -7.13
C VAL E 826 -127.54 -109.80 -7.35
N GLU E 827 -127.59 -110.82 -6.50
CA GLU E 827 -128.61 -111.86 -6.55
C GLU E 827 -129.48 -111.75 -5.32
N VAL E 828 -130.78 -111.58 -5.53
CA VAL E 828 -131.75 -111.38 -4.45
C VAL E 828 -132.87 -112.39 -4.61
N ASP E 829 -133.27 -113.02 -3.51
CA ASP E 829 -134.37 -113.97 -3.54
C ASP E 829 -135.68 -113.26 -3.87
N PRO E 830 -136.59 -113.94 -4.55
CA PRO E 830 -137.87 -113.31 -4.91
C PRO E 830 -138.68 -112.83 -3.72
N SER E 831 -138.60 -113.54 -2.58
CA SER E 831 -139.37 -113.13 -1.41
C SER E 831 -138.92 -111.76 -0.90
N LEU E 832 -137.60 -111.55 -0.83
CA LEU E 832 -137.09 -110.24 -0.42
C LEU E 832 -137.46 -109.15 -1.42
N ILE E 833 -137.43 -109.47 -2.70
CA ILE E 833 -137.83 -108.51 -3.73
C ILE E 833 -139.28 -108.11 -3.53
N LYS E 834 -140.15 -109.09 -3.28
CA LYS E 834 -141.56 -108.79 -3.07
C LYS E 834 -141.78 -107.98 -1.81
N ASP E 835 -141.05 -108.30 -0.74
CA ASP E 835 -141.19 -107.54 0.51
C ASP E 835 -140.74 -106.10 0.32
N THR E 836 -139.61 -105.89 -0.36
CA THR E 836 -139.13 -104.54 -0.61
C THR E 836 -140.10 -103.77 -1.50
N TRP E 837 -140.67 -104.44 -2.51
CA TRP E 837 -141.64 -103.79 -3.37
C TRP E 837 -142.88 -103.39 -2.58
N HIS E 838 -143.35 -104.26 -1.67
CA HIS E 838 -144.50 -103.93 -0.85
C HIS E 838 -144.21 -102.73 0.04
N GLN E 839 -143.03 -102.70 0.66
CA GLN E 839 -142.67 -101.58 1.53
C GLN E 839 -142.58 -100.28 0.74
N VAL E 840 -141.99 -100.33 -0.45
CA VAL E 840 -141.86 -99.13 -1.28
C VAL E 840 -143.22 -98.67 -1.75
N TYR E 841 -144.11 -99.60 -2.09
CA TYR E 841 -145.47 -99.27 -2.48
C TYR E 841 -146.21 -98.59 -1.35
N ARG E 842 -146.08 -99.12 -0.13
CA ARG E 842 -146.70 -98.51 1.04
C ARG E 842 -146.15 -97.10 1.28
N ARG E 843 -144.84 -96.93 1.15
CA ARG E 843 -144.24 -95.61 1.35
C ARG E 843 -144.74 -94.62 0.30
N HIS E 844 -144.83 -95.06 -0.96
CA HIS E 844 -145.30 -94.20 -2.02
C HIS E 844 -146.74 -93.76 -1.78
N PHE E 845 -147.60 -94.70 -1.35
CA PHE E 845 -148.98 -94.31 -1.07
C PHE E 845 -149.09 -93.47 0.19
N LEU E 846 -148.19 -93.65 1.16
CA LEU E 846 -148.16 -92.74 2.31
C LEU E 846 -147.82 -91.32 1.88
N LYS E 847 -146.83 -91.18 0.99
CA LYS E 847 -146.48 -89.87 0.47
C LYS E 847 -147.63 -89.27 -0.32
N THR E 848 -148.31 -90.10 -1.13
CA THR E 848 -149.47 -89.62 -1.88
C THR E 848 -150.58 -89.15 -0.94
N ALA E 849 -150.82 -89.90 0.13
CA ALA E 849 -151.82 -89.49 1.12
C ALA E 849 -151.43 -88.18 1.79
N LEU E 850 -150.14 -88.00 2.09
CA LEU E 850 -149.68 -86.75 2.68
C LEU E 850 -149.91 -85.58 1.73
N ASN E 851 -149.61 -85.78 0.43
CA ASN E 851 -149.87 -84.74 -0.55
C ASN E 851 -151.36 -84.44 -0.67
N HIS E 852 -152.20 -85.49 -0.61
CA HIS E 852 -153.64 -85.28 -0.65
C HIS E 852 -154.12 -84.50 0.56
N CYS E 853 -153.56 -84.77 1.73
CA CYS E 853 -153.90 -84.00 2.92
C CYS E 853 -153.48 -82.54 2.77
N ASN E 854 -152.28 -82.31 2.22
CA ASN E 854 -151.84 -80.94 1.99
C ASN E 854 -152.78 -80.21 1.04
N LEU E 855 -153.22 -80.89 -0.02
CA LEU E 855 -154.18 -80.28 -0.94
C LEU E 855 -155.52 -80.01 -0.26
N CYS E 856 -156.02 -80.97 0.51
CA CYS E 856 -157.31 -80.81 1.18
C CYS E 856 -157.27 -79.74 2.27
N ARG E 857 -156.07 -79.41 2.76
CA ARG E 857 -155.96 -78.34 3.75
C ARG E 857 -156.42 -77.00 3.19
N ARG E 858 -156.39 -76.84 1.86
CA ARG E 858 -156.82 -75.58 1.20
C ARG E 858 -158.04 -75.85 0.33
N GLY E 859 -158.32 -77.13 0.06
CA GLY E 859 -159.43 -77.50 -0.81
C GLY E 859 -160.80 -77.50 -0.17
N PHE E 860 -160.96 -76.87 1.00
CA PHE E 860 -162.28 -76.79 1.63
C PHE E 860 -163.26 -76.00 0.78
N TYR E 861 -162.79 -75.04 -0.01
CA TYR E 861 -163.69 -74.32 -0.90
C TYR E 861 -164.32 -75.24 -1.94
N TYR E 862 -163.52 -76.12 -2.53
CA TYR E 862 -164.06 -77.11 -3.45
C TYR E 862 -164.95 -78.11 -2.71
N TYR E 863 -164.51 -78.55 -1.53
CA TYR E 863 -165.25 -79.58 -0.80
C TYR E 863 -166.63 -79.10 -0.39
N GLN E 864 -166.74 -77.87 0.10
CA GLN E 864 -168.01 -77.37 0.63
C GLN E 864 -169.07 -77.27 -0.46
N ARG E 865 -168.68 -76.78 -1.64
CA ARG E 865 -169.64 -76.54 -2.71
C ARG E 865 -169.77 -77.71 -3.69
N HIS E 866 -168.77 -78.59 -3.75
CA HIS E 866 -168.79 -79.76 -4.63
C HIS E 866 -169.01 -79.35 -6.09
N PHE E 867 -168.04 -78.62 -6.62
CA PHE E 867 -168.11 -78.16 -7.99
C PHE E 867 -168.09 -79.33 -8.97
N VAL E 868 -168.72 -79.12 -10.13
CA VAL E 868 -168.76 -80.17 -11.15
C VAL E 868 -167.36 -80.49 -11.64
N ASP E 869 -166.57 -79.46 -11.94
CA ASP E 869 -165.19 -79.63 -12.36
C ASP E 869 -164.23 -79.58 -11.17
N SER E 870 -164.49 -80.41 -10.17
CA SER E 870 -163.67 -80.42 -8.97
C SER E 870 -162.30 -81.02 -9.27
N GLU E 871 -161.24 -80.33 -8.87
CA GLU E 871 -159.88 -80.80 -9.04
C GLU E 871 -159.38 -81.59 -7.83
N LEU E 872 -160.21 -81.79 -6.83
CA LEU E 872 -159.80 -82.49 -5.61
C LEU E 872 -161.02 -83.11 -4.96
N GLU E 873 -160.93 -84.40 -4.64
CA GLU E 873 -162.02 -85.13 -3.99
C GLU E 873 -161.53 -85.57 -2.61
N CYS E 874 -161.89 -84.81 -1.59
CA CYS E 874 -161.50 -85.11 -0.21
C CYS E 874 -162.54 -86.03 0.39
N ASN E 875 -162.21 -87.32 0.48
CA ASN E 875 -163.08 -88.32 1.08
C ASN E 875 -162.48 -88.99 2.31
N ASP E 876 -161.15 -89.09 2.38
CA ASP E 876 -160.51 -89.69 3.55
C ASP E 876 -160.79 -88.90 4.81
N VAL E 877 -160.80 -87.55 4.70
CA VAL E 877 -161.08 -86.71 5.86
C VAL E 877 -162.49 -86.99 6.37
N VAL E 878 -163.47 -87.06 5.47
CA VAL E 878 -164.84 -87.32 5.86
C VAL E 878 -164.98 -88.70 6.49
N LEU E 879 -164.31 -89.69 5.89
CA LEU E 879 -164.37 -91.05 6.43
C LEU E 879 -163.77 -91.11 7.83
N PHE E 880 -162.63 -90.46 8.03
CA PHE E 880 -162.00 -90.47 9.35
C PHE E 880 -162.86 -89.73 10.37
N TRP E 881 -163.50 -88.63 9.98
CA TRP E 881 -164.39 -87.93 10.89
C TRP E 881 -165.59 -88.79 11.26
N ARG E 882 -166.15 -89.50 10.28
CA ARG E 882 -167.25 -90.42 10.57
C ARG E 882 -166.82 -91.52 11.53
N ILE E 883 -165.63 -92.08 11.32
CA ILE E 883 -165.12 -93.10 12.23
C ILE E 883 -164.95 -92.54 13.63
N GLN E 884 -164.41 -91.32 13.73
CA GLN E 884 -164.19 -90.70 15.03
C GLN E 884 -165.50 -90.47 15.77
N ARG E 885 -166.50 -89.94 15.07
CA ARG E 885 -167.77 -89.68 15.74
C ARG E 885 -168.48 -90.97 16.12
N MET E 886 -168.40 -92.00 15.26
CA MET E 886 -168.98 -93.30 15.61
C MET E 886 -168.29 -93.89 16.83
N LEU E 887 -166.96 -93.78 16.90
CA LEU E 887 -166.23 -94.28 18.06
C LEU E 887 -166.61 -93.51 19.32
N ALA E 888 -166.78 -92.19 19.19
CA ALA E 888 -167.20 -91.41 20.35
C ALA E 888 -168.59 -91.82 20.84
N ILE E 889 -169.51 -92.05 19.90
CA ILE E 889 -170.85 -92.48 20.28
C ILE E 889 -170.80 -93.85 20.95
N THR E 890 -170.01 -94.77 20.39
CA THR E 890 -169.89 -96.10 20.97
C THR E 890 -169.28 -96.03 22.37
N ALA E 891 -168.26 -95.19 22.56
CA ALA E 891 -167.64 -95.05 23.87
C ALA E 891 -168.62 -94.47 24.89
N ASN E 892 -169.41 -93.47 24.47
CA ASN E 892 -170.41 -92.90 25.37
C ASN E 892 -171.46 -93.93 25.75
N THR E 893 -171.92 -94.71 24.79
CA THR E 893 -172.90 -95.76 25.09
C THR E 893 -172.30 -96.81 26.03
N LEU E 894 -171.06 -97.20 25.80
CA LEU E 894 -170.40 -98.17 26.66
C LEU E 894 -170.27 -97.64 28.08
N ARG E 895 -169.88 -96.37 28.22
CA ARG E 895 -169.76 -95.78 29.56
C ARG E 895 -171.12 -95.71 30.25
N GLN E 896 -172.17 -95.34 29.52
CA GLN E 896 -173.50 -95.25 30.12
C GLN E 896 -173.98 -96.63 30.59
N GLN E 897 -173.82 -97.65 29.73
CA GLN E 897 -174.25 -98.99 30.12
C GLN E 897 -173.41 -99.53 31.27
N LEU E 898 -172.11 -99.23 31.29
CA LEU E 898 -171.27 -99.65 32.39
C LEU E 898 -171.75 -99.03 33.70
N THR E 899 -171.92 -97.71 33.71
CA THR E 899 -172.42 -97.04 34.92
C THR E 899 -173.78 -97.56 35.34
N ASN E 900 -174.62 -97.94 34.38
CA ASN E 900 -175.96 -98.43 34.72
C ASN E 900 -175.91 -99.82 35.35
N THR E 901 -175.12 -100.74 34.79
CA THR E 901 -175.21 -102.13 35.19
C THR E 901 -173.94 -102.66 35.85
N GLU E 902 -172.77 -102.45 35.24
CA GLU E 902 -171.57 -103.12 35.71
C GLU E 902 -171.07 -102.54 37.01
N VAL E 903 -171.29 -101.24 37.25
CA VAL E 903 -170.91 -100.65 38.54
C VAL E 903 -171.71 -101.30 39.66
N ARG E 904 -173.01 -101.47 39.46
CA ARG E 904 -173.85 -102.13 40.46
C ARG E 904 -173.44 -103.59 40.64
N ARG E 905 -173.12 -104.28 39.53
CA ARG E 905 -172.69 -105.67 39.63
C ARG E 905 -171.39 -105.79 40.42
N LEU E 906 -170.43 -104.91 40.15
CA LEU E 906 -169.17 -104.93 40.89
C LEU E 906 -169.38 -104.60 42.36
N GLU E 907 -170.27 -103.65 42.66
CA GLU E 907 -170.60 -103.34 44.05
C GLU E 907 -171.20 -104.54 44.75
N LYS E 908 -172.11 -105.26 44.08
CA LYS E 908 -172.71 -106.44 44.66
C LYS E 908 -171.65 -107.53 44.91
N ASN E 909 -170.75 -107.74 43.94
CA ASN E 909 -169.69 -108.73 44.13
C ASN E 909 -168.78 -108.36 45.30
N VAL E 910 -168.43 -107.08 45.41
CA VAL E 910 -167.58 -106.63 46.50
C VAL E 910 -168.28 -106.83 47.84
N LYS E 911 -169.58 -106.52 47.90
CA LYS E 911 -170.34 -106.72 49.13
C LYS E 911 -170.39 -108.20 49.50
N GLU E 912 -170.61 -109.07 48.52
CA GLU E 912 -170.64 -110.51 48.79
C GLU E 912 -169.28 -111.00 49.30
N VAL E 913 -168.20 -110.55 48.67
CA VAL E 913 -166.87 -110.96 49.10
C VAL E 913 -166.59 -110.48 50.52
N LEU E 914 -166.96 -109.23 50.82
CA LEU E 914 -166.74 -108.69 52.16
C LEU E 914 -167.56 -109.45 53.20
N GLU E 915 -168.81 -109.80 52.88
CA GLU E 915 -169.64 -110.56 53.80
C GLU E 915 -169.05 -111.95 54.03
N ASP E 916 -168.57 -112.60 52.97
CA ASP E 916 -167.95 -113.91 53.11
C ASP E 916 -166.70 -113.85 53.97
N PHE E 917 -165.89 -112.80 53.79
CA PHE E 917 -164.69 -112.65 54.61
C PHE E 917 -165.05 -112.39 56.06
N ALA E 918 -166.06 -111.55 56.31
CA ALA E 918 -166.47 -111.24 57.68
C ALA E 918 -167.02 -112.46 58.39
N GLU E 919 -167.82 -113.27 57.68
CA GLU E 919 -168.42 -114.47 58.25
C GLU E 919 -167.43 -115.62 58.38
N ASP E 920 -166.15 -115.41 58.10
CA ASP E 920 -165.13 -116.47 58.20
C ASP E 920 -163.87 -115.83 58.78
N GLY E 921 -163.70 -115.96 60.10
CA GLY E 921 -162.51 -115.45 60.75
C GLY E 921 -161.27 -116.26 60.46
N GLU E 922 -161.42 -117.54 60.10
CA GLU E 922 -160.28 -118.36 59.73
C GLU E 922 -159.59 -117.80 58.50
N LYS E 923 -160.36 -117.33 57.52
CA LYS E 923 -159.77 -116.70 56.35
C LYS E 923 -159.00 -115.44 56.72
N LYS E 924 -159.55 -114.64 57.64
CA LYS E 924 -158.84 -113.45 58.11
C LYS E 924 -157.53 -113.82 58.79
N ILE E 925 -157.54 -114.87 59.61
CA ILE E 925 -156.32 -115.32 60.28
C ILE E 925 -155.30 -115.79 59.25
N LYS E 926 -155.75 -116.56 58.25
CA LYS E 926 -154.83 -117.07 57.23
C LYS E 926 -154.23 -115.93 56.41
N LEU E 927 -155.03 -114.92 56.07
CA LEU E 927 -154.56 -113.85 55.21
C LEU E 927 -153.84 -112.76 56.00
N LEU E 928 -154.48 -112.22 57.03
CA LEU E 928 -153.91 -111.13 57.83
C LEU E 928 -152.86 -111.71 58.77
N THR E 929 -151.67 -111.98 58.21
CA THR E 929 -150.53 -112.49 58.96
C THR E 929 -149.45 -111.45 59.13
N GLY E 930 -149.80 -110.17 59.03
CA GLY E 930 -148.83 -109.12 59.20
C GLY E 930 -148.35 -109.00 60.63
N LYS E 931 -147.22 -108.30 60.79
CA LYS E 931 -146.64 -108.12 62.11
C LYS E 931 -147.57 -107.32 63.02
N ARG E 932 -148.20 -106.27 62.49
CA ARG E 932 -149.12 -105.47 63.30
C ARG E 932 -150.31 -106.28 63.76
N VAL E 933 -150.88 -107.10 62.87
CA VAL E 933 -152.05 -107.90 63.23
C VAL E 933 -151.69 -108.90 64.32
N GLN E 934 -150.56 -109.59 64.15
CA GLN E 934 -150.13 -110.57 65.14
C GLN E 934 -149.84 -109.91 66.49
N LEU E 935 -149.17 -108.75 66.47
CA LEU E 935 -148.87 -108.06 67.72
C LEU E 935 -150.14 -107.61 68.42
N ALA E 936 -151.10 -107.09 67.67
CA ALA E 936 -152.37 -106.66 68.27
C ALA E 936 -153.12 -107.85 68.85
N GLU E 937 -153.14 -108.98 68.13
CA GLU E 937 -153.80 -110.17 68.64
C GLU E 937 -153.14 -110.68 69.92
N ASP E 938 -151.81 -110.68 69.94
CA ASP E 938 -151.10 -111.12 71.15
C ASP E 938 -151.38 -110.19 72.32
N LEU E 939 -151.39 -108.87 72.07
CA LEU E 939 -151.68 -107.92 73.14
C LEU E 939 -153.10 -108.10 73.67
N LYS E 940 -154.06 -108.30 72.78
CA LYS E 940 -155.45 -108.52 73.21
C LYS E 940 -155.57 -109.80 74.02
N LYS E 941 -154.91 -110.87 73.57
CA LYS E 941 -154.97 -112.13 74.31
C LYS E 941 -154.33 -111.99 75.68
N VAL E 942 -153.19 -111.29 75.76
CA VAL E 942 -152.53 -111.08 77.05
C VAL E 942 -153.42 -110.26 77.98
N ARG E 943 -154.06 -109.21 77.45
CA ARG E 943 -154.96 -108.40 78.27
C ARG E 943 -156.14 -109.23 78.78
N GLU E 944 -156.72 -110.07 77.91
CA GLU E 944 -157.83 -110.92 78.32
C GLU E 944 -157.39 -111.91 79.40
N ILE E 945 -156.21 -112.51 79.23
CA ILE E 945 -155.70 -113.45 80.22
C ILE E 945 -155.48 -112.76 81.56
N GLN E 946 -154.90 -111.56 81.53
CA GLN E 946 -154.67 -110.82 82.76
C GLN E 946 -155.98 -110.44 83.44
N GLU E 947 -156.98 -110.05 82.65
CA GLU E 947 -158.29 -109.73 83.23
C GLU E 947 -158.93 -110.96 83.87
N LYS E 948 -158.82 -112.11 83.21
CA LYS E 948 -159.35 -113.35 83.78
C LYS E 948 -158.63 -113.72 85.07
N LEU E 949 -157.30 -113.54 85.10
CA LEU E 949 -156.54 -113.84 86.31
C LEU E 949 -156.90 -112.88 87.44
N ASP E 950 -157.13 -111.60 87.11
CA ASP E 950 -157.56 -110.65 88.13
C ASP E 950 -158.93 -111.02 88.68
N ALA E 951 -159.85 -111.45 87.80
CA ALA E 951 -161.15 -111.90 88.27
C ALA E 951 -161.02 -113.13 89.16
N PHE E 952 -160.13 -114.06 88.79
CA PHE E 952 -159.87 -115.23 89.64
C PHE E 952 -159.34 -114.82 91.01
N ILE E 953 -158.40 -113.87 91.04
CA ILE E 953 -157.83 -113.42 92.30
C ILE E 953 -158.90 -112.75 93.16
N GLU E 954 -159.75 -111.92 92.55
CA GLU E 954 -160.82 -111.27 93.29
C GLU E 954 -161.81 -112.29 93.85
N ALA E 955 -162.16 -113.29 93.04
CA ALA E 955 -163.09 -114.32 93.51
C ALA E 955 -162.49 -115.13 94.65
N LEU E 956 -161.20 -115.47 94.55
CA LEU E 956 -160.53 -116.21 95.62
C LEU E 956 -160.47 -115.39 96.89
N HIS E 957 -160.19 -114.09 96.78
CA HIS E 957 -160.15 -113.24 97.96
C HIS E 957 -161.53 -113.10 98.60
N GLN E 958 -162.57 -112.95 97.78
CA GLN E 958 -163.93 -112.83 98.31
C GLN E 958 -164.39 -114.12 98.98
N GLU E 959 -164.08 -115.28 98.37
CA GLU E 959 -164.50 -116.55 98.96
C GLU E 959 -163.81 -116.81 100.29
N LYS E 960 -162.52 -116.47 100.36
CA LYS E 960 -161.75 -116.64 101.63
C LYS E 960 -161.85 -115.36 102.45
N SER F 263 -116.16 -158.84 -92.41
CA SER F 263 -116.29 -158.52 -90.98
C SER F 263 -114.94 -158.13 -90.40
N LEU F 264 -114.47 -158.92 -89.42
CA LEU F 264 -113.18 -158.65 -88.80
C LEU F 264 -112.03 -158.79 -89.79
N ILE F 265 -112.10 -159.80 -90.66
CA ILE F 265 -111.01 -160.03 -91.61
C ILE F 265 -110.95 -158.90 -92.63
N ASP F 266 -112.10 -158.42 -93.09
CA ASP F 266 -112.11 -157.32 -94.05
C ASP F 266 -111.54 -156.04 -93.44
N MET F 267 -111.91 -155.74 -92.19
CA MET F 267 -111.37 -154.57 -91.52
C MET F 267 -109.88 -154.70 -91.28
N TYR F 268 -109.42 -155.90 -90.91
CA TYR F 268 -107.99 -156.13 -90.74
C TYR F 268 -107.23 -155.94 -92.04
N SER F 269 -107.80 -156.43 -93.15
CA SER F 269 -107.17 -156.23 -94.46
C SER F 269 -107.12 -154.76 -94.83
N GLU F 270 -108.19 -154.01 -94.52
CA GLU F 270 -108.20 -152.58 -94.78
C GLU F 270 -107.13 -151.87 -93.94
N VAL F 271 -106.98 -152.27 -92.68
CA VAL F 271 -105.96 -151.68 -91.81
C VAL F 271 -104.57 -151.98 -92.36
N LEU F 272 -104.34 -153.21 -92.81
CA LEU F 272 -103.05 -153.56 -93.39
C LEU F 272 -102.79 -152.77 -94.67
N ASP F 273 -103.81 -152.56 -95.49
CA ASP F 273 -103.65 -151.75 -96.69
C ASP F 273 -103.31 -150.31 -96.35
N VAL F 274 -103.96 -149.76 -95.33
CA VAL F 274 -103.65 -148.40 -94.89
C VAL F 274 -102.21 -148.30 -94.40
N LEU F 275 -101.78 -149.31 -93.61
CA LEU F 275 -100.40 -149.31 -93.12
C LEU F 275 -99.41 -149.40 -94.28
N SER F 276 -99.70 -150.22 -95.28
CA SER F 276 -98.82 -150.33 -96.45
C SER F 276 -98.77 -149.02 -97.22
N ASP F 277 -99.91 -148.36 -97.39
CA ASP F 277 -99.96 -147.08 -98.10
C ASP F 277 -99.42 -145.92 -97.26
N TYR F 278 -99.18 -146.14 -95.97
CA TYR F 278 -98.65 -145.06 -95.13
C TYR F 278 -97.27 -144.61 -95.62
N ASP F 279 -96.41 -145.55 -95.96
CA ASP F 279 -95.07 -145.21 -96.45
C ASP F 279 -94.54 -146.38 -97.26
N ALA F 280 -93.61 -146.06 -98.18
CA ALA F 280 -92.99 -147.09 -98.98
C ALA F 280 -91.95 -147.89 -98.20
N SER F 281 -91.47 -147.37 -97.08
CA SER F 281 -90.51 -148.07 -96.24
C SER F 281 -91.26 -149.02 -95.31
N TYR F 282 -90.54 -149.59 -94.33
CA TYR F 282 -91.11 -150.53 -93.37
C TYR F 282 -90.79 -150.03 -91.97
N ASN F 283 -91.67 -149.17 -91.44
CA ASN F 283 -91.55 -148.65 -90.09
C ASN F 283 -92.67 -149.12 -89.17
N THR F 284 -93.93 -148.90 -89.56
CA THR F 284 -95.07 -149.39 -88.80
C THR F 284 -95.71 -150.62 -89.42
N GLN F 285 -95.27 -151.04 -90.60
CA GLN F 285 -95.82 -152.22 -91.25
C GLN F 285 -95.37 -153.53 -90.60
N ASP F 286 -94.31 -153.48 -89.80
CA ASP F 286 -93.78 -154.66 -89.14
C ASP F 286 -94.40 -154.90 -87.77
N HIS F 287 -95.39 -154.09 -87.38
CA HIS F 287 -96.02 -154.26 -86.07
C HIS F 287 -97.06 -155.38 -86.12
N LEU F 288 -98.05 -155.26 -87.00
CA LEU F 288 -99.06 -156.30 -87.13
C LEU F 288 -98.48 -157.52 -87.85
N PRO F 289 -98.85 -158.72 -87.42
CA PRO F 289 -98.35 -159.93 -88.10
C PRO F 289 -98.84 -159.99 -89.53
N ARG F 290 -98.00 -160.51 -90.41
CA ARG F 290 -98.32 -160.66 -91.83
C ARG F 290 -97.77 -161.99 -92.32
N VAL F 291 -98.66 -162.88 -92.74
CA VAL F 291 -98.25 -164.17 -93.27
C VAL F 291 -97.71 -163.96 -94.68
N VAL F 292 -96.41 -164.16 -94.85
CA VAL F 292 -95.73 -163.93 -96.13
C VAL F 292 -95.27 -165.27 -96.69
N VAL F 293 -95.61 -165.52 -97.95
CA VAL F 293 -95.23 -166.75 -98.63
C VAL F 293 -94.06 -166.43 -99.55
N VAL F 294 -92.91 -167.03 -99.28
CA VAL F 294 -91.69 -166.82 -100.04
C VAL F 294 -91.22 -168.16 -100.58
N GLY F 295 -90.92 -168.20 -101.88
CA GLY F 295 -90.44 -169.41 -102.51
C GLY F 295 -89.21 -169.19 -103.37
N ASP F 296 -88.86 -170.18 -104.19
CA ASP F 296 -87.71 -170.10 -105.07
C ASP F 296 -88.18 -169.91 -106.51
N GLN F 297 -87.27 -169.43 -107.35
CA GLN F 297 -87.59 -169.20 -108.76
C GLN F 297 -87.76 -170.53 -109.48
N SER F 298 -88.85 -170.63 -110.25
CA SER F 298 -89.16 -171.84 -111.02
C SER F 298 -89.23 -173.07 -110.12
N ALA F 299 -89.77 -172.89 -108.91
CA ALA F 299 -89.90 -173.96 -107.94
C ALA F 299 -91.33 -174.49 -107.85
N GLY F 300 -92.21 -174.10 -108.77
CA GLY F 300 -93.58 -174.56 -108.72
C GLY F 300 -94.45 -173.93 -107.67
N LYS F 301 -94.00 -172.83 -107.06
CA LYS F 301 -94.80 -172.18 -106.02
C LYS F 301 -96.08 -171.59 -106.58
N THR F 302 -96.11 -171.27 -107.88
CA THR F 302 -97.32 -170.72 -108.49
C THR F 302 -98.47 -171.72 -108.42
N SER F 303 -98.18 -172.99 -108.71
CA SER F 303 -99.23 -174.01 -108.65
C SER F 303 -99.75 -174.19 -107.23
N VAL F 304 -98.86 -174.18 -106.24
CA VAL F 304 -99.28 -174.31 -104.86
C VAL F 304 -100.13 -173.13 -104.44
N LEU F 305 -99.73 -171.91 -104.82
CA LEU F 305 -100.51 -170.72 -104.49
C LEU F 305 -101.88 -170.76 -105.15
N GLU F 306 -101.95 -171.22 -106.41
CA GLU F 306 -103.23 -171.36 -107.08
C GLU F 306 -104.12 -172.39 -106.39
N MET F 307 -103.53 -173.51 -105.97
CA MET F 307 -104.31 -174.52 -105.27
C MET F 307 -104.78 -174.04 -103.91
N ILE F 308 -104.01 -173.16 -103.26
CA ILE F 308 -104.44 -172.59 -101.98
C ILE F 308 -105.73 -171.80 -102.15
N ALA F 309 -105.80 -170.97 -103.19
CA ALA F 309 -107.01 -170.21 -103.50
C ALA F 309 -108.00 -171.00 -104.34
N GLN F 310 -107.66 -172.23 -104.73
CA GLN F 310 -108.54 -173.09 -105.53
C GLN F 310 -108.91 -172.44 -106.86
N ALA F 311 -108.01 -171.64 -107.41
CA ALA F 311 -108.25 -170.96 -108.68
C ALA F 311 -106.92 -170.52 -109.27
N ARG F 312 -106.84 -170.55 -110.59
CA ARG F 312 -105.64 -170.12 -111.31
C ARG F 312 -105.71 -168.61 -111.51
N ILE F 313 -105.06 -167.86 -110.61
CA ILE F 313 -105.06 -166.42 -110.69
C ILE F 313 -103.68 -165.83 -110.95
N PHE F 314 -102.60 -166.56 -110.70
CA PHE F 314 -101.26 -166.06 -110.94
C PHE F 314 -100.81 -166.46 -112.34
N PRO F 315 -100.44 -165.52 -113.20
CA PRO F 315 -99.98 -165.88 -114.55
C PRO F 315 -98.70 -166.71 -114.49
N ARG F 316 -98.59 -167.65 -115.42
CA ARG F 316 -97.43 -168.53 -115.49
C ARG F 316 -96.28 -167.85 -116.23
N GLY F 317 -95.07 -168.19 -115.83
CA GLY F 317 -93.88 -167.64 -116.44
C GLY F 317 -92.87 -168.68 -116.84
N SER F 318 -92.45 -168.66 -118.11
CA SER F 318 -91.47 -169.63 -118.63
C SER F 318 -90.06 -169.10 -118.35
N GLY F 319 -89.65 -169.22 -117.10
CA GLY F 319 -88.34 -168.78 -116.65
C GLY F 319 -88.27 -167.33 -116.20
N GLU F 320 -88.97 -166.45 -116.90
CA GLU F 320 -88.96 -165.04 -116.53
C GLU F 320 -89.70 -164.82 -115.22
N MET F 321 -89.22 -163.87 -114.44
CA MET F 321 -89.81 -163.54 -113.14
C MET F 321 -90.98 -162.59 -113.37
N MET F 322 -92.17 -163.19 -113.54
CA MET F 322 -93.37 -162.37 -113.77
C MET F 322 -93.71 -161.53 -112.55
N THR F 323 -93.58 -162.10 -111.36
CA THR F 323 -93.91 -161.39 -110.12
C THR F 323 -92.72 -160.50 -109.74
N ARG F 324 -92.86 -159.19 -109.94
CA ARG F 324 -91.83 -158.23 -109.61
C ARG F 324 -92.24 -157.27 -108.49
N SER F 325 -93.47 -157.35 -108.02
CA SER F 325 -93.96 -156.49 -106.94
C SER F 325 -94.68 -157.35 -105.90
N PRO F 326 -94.67 -156.91 -104.64
CA PRO F 326 -95.39 -157.67 -103.60
C PRO F 326 -96.89 -157.74 -103.91
N VAL F 327 -97.46 -158.90 -103.64
CA VAL F 327 -98.88 -159.16 -103.88
C VAL F 327 -99.52 -159.60 -102.58
N LYS F 328 -100.61 -158.93 -102.21
CA LYS F 328 -101.35 -159.25 -100.99
C LYS F 328 -102.60 -160.05 -101.35
N VAL F 329 -102.73 -161.23 -100.75
CA VAL F 329 -103.88 -162.10 -100.97
C VAL F 329 -104.61 -162.23 -99.64
N THR F 330 -105.83 -161.70 -99.58
CA THR F 330 -106.64 -161.76 -98.36
C THR F 330 -107.69 -162.86 -98.53
N LEU F 331 -107.57 -163.91 -97.73
CA LEU F 331 -108.51 -165.03 -97.79
C LEU F 331 -109.71 -164.72 -96.89
N SER F 332 -110.91 -164.79 -97.46
CA SER F 332 -112.14 -164.52 -96.72
C SER F 332 -113.28 -165.22 -97.44
N GLU F 333 -114.49 -165.05 -96.90
CA GLU F 333 -115.69 -165.65 -97.45
C GLU F 333 -116.71 -164.56 -97.74
N GLY F 334 -117.28 -164.58 -98.93
CA GLY F 334 -118.26 -163.60 -99.32
C GLY F 334 -119.47 -164.23 -99.98
N PRO F 335 -120.38 -163.40 -100.50
CA PRO F 335 -121.57 -163.94 -101.18
C PRO F 335 -121.23 -164.79 -102.40
N HIS F 336 -120.16 -164.47 -103.12
CA HIS F 336 -119.76 -165.20 -104.30
C HIS F 336 -118.25 -165.45 -104.26
N HIS F 337 -117.82 -166.50 -104.95
CA HIS F 337 -116.41 -166.87 -105.03
C HIS F 337 -115.72 -166.01 -106.10
N VAL F 338 -115.59 -164.72 -105.78
CA VAL F 338 -115.00 -163.75 -106.69
C VAL F 338 -113.84 -163.06 -105.97
N ALA F 339 -113.07 -162.30 -106.75
CA ALA F 339 -111.94 -161.54 -106.24
C ALA F 339 -112.14 -160.06 -106.53
N LEU F 340 -111.91 -159.23 -105.52
CA LEU F 340 -112.11 -157.79 -105.63
C LEU F 340 -110.89 -157.07 -105.07
N PHE F 341 -110.40 -156.07 -105.80
CA PHE F 341 -109.26 -155.28 -105.34
C PHE F 341 -109.74 -154.17 -104.40
N LYS F 342 -108.77 -153.55 -103.72
CA LYS F 342 -109.08 -152.46 -102.82
C LYS F 342 -109.61 -151.24 -103.59
N ASP F 343 -109.00 -150.93 -104.72
CA ASP F 343 -109.36 -149.75 -105.52
C ASP F 343 -110.10 -150.13 -106.80
N SER F 344 -110.78 -151.26 -106.81
CA SER F 344 -111.54 -151.72 -107.97
C SER F 344 -112.95 -152.09 -107.55
N SER F 345 -113.86 -152.05 -108.53
CA SER F 345 -115.26 -152.39 -108.30
C SER F 345 -115.73 -153.61 -109.08
N ARG F 346 -114.91 -154.14 -109.97
CA ARG F 346 -115.29 -155.32 -110.75
C ARG F 346 -114.93 -156.58 -109.99
N GLU F 347 -115.91 -157.47 -109.82
CA GLU F 347 -115.71 -158.73 -109.10
C GLU F 347 -115.21 -159.78 -110.08
N PHE F 348 -113.91 -160.08 -110.01
CA PHE F 348 -113.31 -161.06 -110.88
C PHE F 348 -113.64 -162.46 -110.37
N ASP F 349 -114.51 -163.17 -111.09
CA ASP F 349 -114.90 -164.51 -110.68
C ASP F 349 -113.72 -165.47 -110.80
N LEU F 350 -113.67 -166.44 -109.89
CA LEU F 350 -112.59 -167.41 -109.84
C LEU F 350 -112.98 -168.74 -110.48
N THR F 351 -114.12 -168.80 -111.17
CA THR F 351 -114.60 -170.02 -111.81
C THR F 351 -114.54 -169.96 -113.32
N LYS F 352 -115.13 -168.91 -113.92
CA LYS F 352 -115.14 -168.79 -115.36
C LYS F 352 -113.73 -168.53 -115.90
N GLU F 353 -113.40 -169.14 -117.04
CA GLU F 353 -112.09 -168.96 -117.63
C GLU F 353 -111.87 -167.52 -118.08
N GLU F 354 -112.90 -166.89 -118.65
CA GLU F 354 -112.77 -165.50 -119.10
C GLU F 354 -112.50 -164.57 -117.93
N ASP F 355 -113.20 -164.76 -116.81
CA ASP F 355 -112.97 -163.93 -115.64
C ASP F 355 -111.57 -164.15 -115.08
N LEU F 356 -111.09 -165.39 -115.06
CA LEU F 356 -109.74 -165.66 -114.60
C LEU F 356 -108.71 -164.99 -115.50
N ALA F 357 -108.92 -165.04 -116.83
CA ALA F 357 -108.01 -164.39 -117.75
C ALA F 357 -108.02 -162.87 -117.54
N ALA F 358 -109.20 -162.29 -117.33
CA ALA F 358 -109.28 -160.85 -117.07
C ALA F 358 -108.56 -160.49 -115.77
N LEU F 359 -108.71 -161.32 -114.74
CA LEU F 359 -108.01 -161.07 -113.48
C LEU F 359 -106.51 -161.15 -113.66
N ARG F 360 -106.03 -162.14 -114.40
CA ARG F 360 -104.60 -162.25 -114.66
C ARG F 360 -104.08 -161.05 -115.45
N HIS F 361 -104.85 -160.59 -116.44
CA HIS F 361 -104.45 -159.43 -117.21
C HIS F 361 -104.40 -158.18 -116.33
N GLU F 362 -105.37 -158.02 -115.44
CA GLU F 362 -105.36 -156.88 -114.53
C GLU F 362 -104.17 -156.94 -113.58
N ILE F 363 -103.84 -158.14 -113.08
CA ILE F 363 -102.69 -158.30 -112.20
C ILE F 363 -101.40 -157.95 -112.94
N GLU F 364 -101.28 -158.42 -114.18
CA GLU F 364 -100.10 -158.10 -114.99
C GLU F 364 -99.99 -156.60 -115.25
N LEU F 365 -101.12 -155.96 -115.55
CA LEU F 365 -101.11 -154.50 -115.77
C LEU F 365 -100.70 -153.76 -114.51
N ARG F 366 -101.20 -154.19 -113.35
CA ARG F 366 -100.82 -153.56 -112.10
C ARG F 366 -99.33 -153.75 -111.81
N MET F 367 -98.81 -154.95 -112.10
CA MET F 367 -97.39 -155.21 -111.90
C MET F 367 -96.54 -154.32 -112.82
N ARG F 368 -96.96 -154.18 -114.08
CA ARG F 368 -96.22 -153.35 -115.03
C ARG F 368 -96.27 -151.88 -114.62
N LYS F 369 -97.42 -151.41 -114.13
CA LYS F 369 -97.54 -150.01 -113.73
C LYS F 369 -96.63 -149.69 -112.56
N ASN F 370 -96.56 -150.58 -111.58
CA ASN F 370 -95.69 -150.34 -110.43
C ASN F 370 -94.22 -150.32 -110.83
N VAL F 371 -93.81 -151.25 -111.69
CA VAL F 371 -92.41 -151.32 -112.10
C VAL F 371 -92.09 -150.17 -113.05
N LYS F 372 -91.03 -149.43 -112.74
CA LYS F 372 -90.62 -148.32 -113.58
C LYS F 372 -90.04 -148.82 -114.90
N GLU F 373 -90.08 -147.95 -115.90
CA GLU F 373 -89.58 -148.28 -117.24
C GLU F 373 -88.06 -148.25 -117.18
N GLY F 374 -87.46 -149.39 -116.83
CA GLY F 374 -86.02 -149.50 -116.73
C GLY F 374 -85.58 -150.24 -115.47
N CYS F 375 -86.46 -150.31 -114.48
CA CYS F 375 -86.19 -151.01 -113.23
C CYS F 375 -86.74 -152.42 -113.27
N THR F 376 -86.44 -153.18 -112.22
CA THR F 376 -86.88 -154.56 -112.10
C THR F 376 -87.78 -154.79 -110.90
N VAL F 377 -87.40 -154.29 -109.73
CA VAL F 377 -88.18 -154.46 -108.50
C VAL F 377 -88.73 -153.10 -108.09
N SER F 378 -90.04 -153.06 -107.84
CA SER F 378 -90.72 -151.83 -107.46
C SER F 378 -91.18 -151.93 -106.02
N PRO F 379 -90.92 -150.91 -105.19
CA PRO F 379 -91.39 -150.96 -103.79
C PRO F 379 -92.90 -150.93 -103.64
N GLU F 380 -93.64 -150.52 -104.67
CA GLU F 380 -95.09 -150.46 -104.58
C GLU F 380 -95.68 -151.85 -104.45
N THR F 381 -96.71 -151.98 -103.62
CA THR F 381 -97.37 -153.24 -103.35
C THR F 381 -98.74 -153.27 -104.02
N ILE F 382 -99.25 -154.49 -104.22
CA ILE F 382 -100.55 -154.72 -104.83
C ILE F 382 -101.45 -155.42 -103.81
N SER F 383 -102.63 -154.86 -103.59
CA SER F 383 -103.58 -155.39 -102.62
C SER F 383 -104.74 -156.06 -103.34
N LEU F 384 -105.05 -157.29 -102.96
CA LEU F 384 -106.15 -158.04 -103.54
C LEU F 384 -106.88 -158.81 -102.45
N ASN F 385 -108.20 -158.77 -102.49
CA ASN F 385 -109.06 -159.45 -101.53
C ASN F 385 -109.78 -160.60 -102.23
N VAL F 386 -109.71 -161.78 -101.64
CA VAL F 386 -110.33 -162.98 -102.19
C VAL F 386 -111.47 -163.40 -101.27
N LYS F 387 -112.65 -163.57 -101.85
CA LYS F 387 -113.84 -163.97 -101.10
C LYS F 387 -114.45 -165.22 -101.74
N GLY F 388 -115.13 -166.00 -100.91
CA GLY F 388 -115.77 -167.21 -101.37
C GLY F 388 -115.86 -168.28 -100.29
N PRO F 389 -116.84 -169.16 -100.40
CA PRO F 389 -116.99 -170.23 -99.41
C PRO F 389 -115.85 -171.23 -99.48
N GLY F 390 -115.58 -171.86 -98.35
CA GLY F 390 -114.53 -172.86 -98.24
C GLY F 390 -113.15 -172.31 -97.97
N LEU F 391 -113.00 -170.99 -97.85
CA LEU F 391 -111.70 -170.38 -97.57
C LEU F 391 -111.58 -170.04 -96.10
N GLN F 392 -110.35 -169.76 -95.68
CA GLN F 392 -110.04 -169.41 -94.31
C GLN F 392 -110.03 -167.88 -94.17
N ARG F 393 -109.64 -167.39 -93.00
CA ARG F 393 -109.57 -165.97 -92.70
C ARG F 393 -108.12 -165.62 -92.37
N MET F 394 -107.35 -165.30 -93.40
CA MET F 394 -105.94 -164.96 -93.23
C MET F 394 -105.51 -164.11 -94.42
N VAL F 395 -104.36 -163.45 -94.26
CA VAL F 395 -103.79 -162.59 -95.30
C VAL F 395 -102.48 -163.21 -95.75
N LEU F 396 -102.36 -163.44 -97.05
CA LEU F 396 -101.16 -164.03 -97.64
C LEU F 396 -100.43 -162.99 -98.47
N VAL F 397 -99.11 -162.93 -98.31
CA VAL F 397 -98.25 -161.98 -99.01
C VAL F 397 -97.34 -162.76 -99.95
N ASP F 398 -97.32 -162.35 -101.22
CA ASP F 398 -96.49 -162.99 -102.23
C ASP F 398 -95.30 -162.10 -102.56
N LEU F 399 -94.11 -162.69 -102.59
CA LEU F 399 -92.88 -161.97 -102.88
C LEU F 399 -92.11 -162.69 -103.97
N PRO F 400 -91.31 -161.96 -104.74
CA PRO F 400 -90.49 -162.61 -105.77
C PRO F 400 -89.49 -163.57 -105.16
N GLY F 401 -89.17 -164.63 -105.92
CA GLY F 401 -88.25 -165.63 -105.43
C GLY F 401 -86.84 -165.10 -105.30
N VAL F 402 -86.07 -165.77 -104.43
CA VAL F 402 -84.69 -165.38 -104.16
C VAL F 402 -83.82 -165.85 -105.31
N ILE F 403 -83.01 -164.94 -105.85
CA ILE F 403 -82.11 -165.25 -106.96
C ILE F 403 -80.67 -165.15 -106.47
N ASN F 404 -79.77 -165.79 -107.22
CA ASN F 404 -78.36 -165.79 -106.89
C ASN F 404 -77.51 -165.06 -107.93
N THR F 405 -77.71 -165.34 -109.21
CA THR F 405 -76.94 -164.69 -110.25
C THR F 405 -77.43 -163.26 -110.47
N VAL F 406 -76.59 -162.46 -111.11
CA VAL F 406 -76.89 -161.06 -111.40
C VAL F 406 -76.97 -160.89 -112.92
N THR F 407 -78.08 -160.32 -113.39
CA THR F 407 -78.28 -160.12 -114.81
C THR F 407 -77.57 -158.85 -115.27
N SER F 408 -76.77 -158.97 -116.33
CA SER F 408 -76.06 -157.80 -116.86
C SER F 408 -77.01 -156.82 -117.53
N GLY F 409 -78.12 -157.31 -118.08
CA GLY F 409 -79.10 -156.47 -118.74
C GLY F 409 -80.08 -155.77 -117.83
N MET F 410 -79.98 -155.99 -116.53
CA MET F 410 -80.88 -155.38 -115.54
C MET F 410 -80.04 -154.62 -114.51
N ALA F 411 -80.72 -154.15 -113.46
CA ALA F 411 -80.04 -153.41 -112.41
C ALA F 411 -79.10 -154.33 -111.64
N PRO F 412 -77.82 -153.96 -111.47
CA PRO F 412 -76.90 -154.82 -110.73
C PRO F 412 -77.27 -155.00 -109.26
N ASP F 413 -78.06 -154.09 -108.70
CA ASP F 413 -78.46 -154.15 -107.29
C ASP F 413 -79.82 -154.79 -107.10
N THR F 414 -80.33 -155.51 -108.11
CA THR F 414 -81.62 -156.17 -107.98
C THR F 414 -81.59 -157.23 -106.90
N LYS F 415 -80.51 -158.03 -106.85
CA LYS F 415 -80.40 -159.06 -105.82
C LYS F 415 -80.30 -158.43 -104.43
N GLU F 416 -79.53 -157.35 -104.31
CA GLU F 416 -79.43 -156.66 -103.03
C GLU F 416 -80.78 -156.08 -102.60
N THR F 417 -81.52 -155.50 -103.54
CA THR F 417 -82.85 -154.97 -103.23
C THR F 417 -83.79 -156.08 -102.79
N ILE F 418 -83.75 -157.22 -103.46
CA ILE F 418 -84.60 -158.36 -103.08
C ILE F 418 -84.24 -158.85 -101.68
N PHE F 419 -82.93 -158.95 -101.39
CA PHE F 419 -82.51 -159.38 -100.07
C PHE F 419 -82.94 -158.40 -99.00
N SER F 420 -82.83 -157.10 -99.27
CA SER F 420 -83.25 -156.09 -98.30
C SER F 420 -84.76 -156.16 -98.06
N ILE F 421 -85.54 -156.36 -99.13
CA ILE F 421 -86.99 -156.48 -98.98
C ILE F 421 -87.34 -157.71 -98.16
N SER F 422 -86.66 -158.83 -98.43
CA SER F 422 -86.91 -160.05 -97.65
C SER F 422 -86.56 -159.86 -96.18
N LYS F 423 -85.43 -159.21 -95.91
CA LYS F 423 -85.05 -158.95 -94.53
C LYS F 423 -86.06 -158.05 -93.83
N ALA F 424 -86.53 -157.00 -94.52
CA ALA F 424 -87.52 -156.11 -93.93
C ALA F 424 -88.83 -156.85 -93.64
N TYR F 425 -89.25 -157.73 -94.56
CA TYR F 425 -90.45 -158.52 -94.32
C TYR F 425 -90.26 -159.47 -93.15
N MET F 426 -89.09 -160.09 -93.04
CA MET F 426 -88.81 -160.99 -91.93
C MET F 426 -88.55 -160.28 -90.61
N GLN F 427 -88.39 -158.96 -90.64
CA GLN F 427 -88.18 -158.21 -89.40
C GLN F 427 -89.36 -158.31 -88.45
N ASN F 428 -90.54 -158.64 -88.95
CA ASN F 428 -91.70 -158.82 -88.09
C ASN F 428 -91.53 -160.06 -87.24
N PRO F 429 -91.54 -159.96 -85.91
CA PRO F 429 -91.39 -161.16 -85.08
C PRO F 429 -92.53 -162.16 -85.21
N ASN F 430 -93.70 -161.73 -85.69
CA ASN F 430 -94.85 -162.61 -85.82
C ASN F 430 -95.22 -162.88 -87.27
N ALA F 431 -94.28 -162.69 -88.19
CA ALA F 431 -94.53 -162.94 -89.61
C ALA F 431 -94.44 -164.43 -89.90
N ILE F 432 -95.57 -165.03 -90.27
CA ILE F 432 -95.60 -166.46 -90.59
C ILE F 432 -95.06 -166.64 -92.01
N ILE F 433 -94.08 -167.51 -92.16
CA ILE F 433 -93.43 -167.78 -93.44
C ILE F 433 -93.88 -169.15 -93.92
N LEU F 434 -94.42 -169.20 -95.14
CA LEU F 434 -94.89 -170.44 -95.76
C LEU F 434 -93.88 -170.83 -96.84
N CYS F 435 -93.05 -171.82 -96.53
CA CYS F 435 -92.02 -172.29 -97.45
C CYS F 435 -92.62 -173.28 -98.44
N ILE F 436 -92.35 -173.07 -99.72
CA ILE F 436 -92.84 -173.94 -100.79
C ILE F 436 -91.64 -174.48 -101.55
N GLN F 437 -91.60 -175.79 -101.71
CA GLN F 437 -90.52 -176.47 -102.43
C GLN F 437 -91.08 -177.20 -103.65
N ASP F 438 -90.22 -177.96 -104.32
CA ASP F 438 -90.59 -178.69 -105.51
C ASP F 438 -90.17 -180.15 -105.35
N GLY F 439 -90.75 -181.01 -106.21
CA GLY F 439 -90.41 -182.42 -106.16
C GLY F 439 -88.95 -182.67 -106.51
N SER F 440 -88.42 -181.92 -107.47
CA SER F 440 -87.03 -182.07 -107.88
C SER F 440 -86.05 -181.27 -107.03
N VAL F 441 -86.55 -180.50 -106.07
CA VAL F 441 -85.72 -179.67 -105.20
C VAL F 441 -85.74 -180.29 -103.80
N ASP F 442 -84.56 -180.56 -103.27
CA ASP F 442 -84.45 -181.14 -101.94
C ASP F 442 -84.71 -180.09 -100.86
N ALA F 443 -84.89 -180.56 -99.63
CA ALA F 443 -85.13 -179.66 -98.51
C ALA F 443 -83.94 -178.74 -98.27
N GLU F 444 -82.72 -179.28 -98.34
CA GLU F 444 -81.53 -178.46 -98.14
C GLU F 444 -81.26 -177.54 -99.33
N ARG F 445 -81.77 -177.88 -100.51
CA ARG F 445 -81.58 -177.05 -101.69
C ARG F 445 -82.49 -175.82 -101.70
N SER F 446 -83.47 -175.75 -100.81
CA SER F 446 -84.39 -174.62 -100.76
C SER F 446 -83.72 -173.46 -100.02
N ILE F 447 -83.52 -172.34 -100.72
CA ILE F 447 -82.89 -171.18 -100.10
C ILE F 447 -83.80 -170.59 -99.03
N VAL F 448 -85.12 -170.59 -99.27
CA VAL F 448 -86.05 -170.03 -98.30
C VAL F 448 -86.02 -170.83 -97.00
N THR F 449 -85.99 -172.16 -97.10
CA THR F 449 -85.94 -172.99 -95.90
C THR F 449 -84.65 -172.75 -95.11
N ASP F 450 -83.51 -172.66 -95.80
CA ASP F 450 -82.25 -172.40 -95.13
C ASP F 450 -82.26 -171.02 -94.45
N LEU F 451 -82.82 -170.02 -95.13
CA LEU F 451 -82.88 -168.69 -94.55
C LEU F 451 -83.78 -168.67 -93.31
N VAL F 452 -84.91 -169.38 -93.37
CA VAL F 452 -85.82 -169.45 -92.22
C VAL F 452 -85.12 -170.15 -91.06
N SER F 453 -84.42 -171.25 -91.35
CA SER F 453 -83.70 -171.96 -90.29
C SER F 453 -82.62 -171.09 -89.66
N GLN F 454 -81.89 -170.34 -90.48
CA GLN F 454 -80.85 -169.46 -89.95
C GLN F 454 -81.46 -168.34 -89.09
N MET F 455 -82.56 -167.75 -89.56
CA MET F 455 -83.19 -166.66 -88.81
C MET F 455 -83.97 -167.18 -87.61
N ASP F 456 -84.58 -168.36 -87.72
CA ASP F 456 -85.39 -168.94 -86.64
C ASP F 456 -84.91 -170.36 -86.39
N PRO F 457 -83.82 -170.52 -85.65
CA PRO F 457 -83.34 -171.88 -85.33
C PRO F 457 -84.35 -172.70 -84.56
N HIS F 458 -85.12 -172.07 -83.66
CA HIS F 458 -86.11 -172.84 -82.89
C HIS F 458 -87.29 -173.26 -83.77
N GLY F 459 -87.79 -172.36 -84.61
CA GLY F 459 -88.90 -172.68 -85.47
C GLY F 459 -90.19 -172.97 -84.73
N ARG F 460 -90.44 -172.25 -83.65
CA ARG F 460 -91.67 -172.45 -82.86
C ARG F 460 -92.90 -171.86 -83.53
N ARG F 461 -92.73 -170.95 -84.50
CA ARG F 461 -93.84 -170.34 -85.19
C ARG F 461 -93.90 -170.67 -86.67
N THR F 462 -92.88 -171.32 -87.23
CA THR F 462 -92.85 -171.68 -88.64
C THR F 462 -93.18 -173.15 -88.78
N ILE F 463 -94.13 -173.46 -89.67
CA ILE F 463 -94.57 -174.83 -89.92
C ILE F 463 -94.20 -175.20 -91.35
N PHE F 464 -93.46 -176.29 -91.50
CA PHE F 464 -93.03 -176.74 -92.82
C PHE F 464 -94.16 -177.47 -93.53
N VAL F 465 -94.39 -177.14 -94.79
CA VAL F 465 -95.40 -177.78 -95.62
C VAL F 465 -94.70 -178.37 -96.84
N LEU F 466 -94.95 -179.66 -97.08
CA LEU F 466 -94.34 -180.37 -98.21
C LEU F 466 -95.35 -180.45 -99.35
N THR F 467 -94.94 -179.99 -100.52
CA THR F 467 -95.79 -179.97 -101.70
C THR F 467 -95.17 -180.81 -102.81
N LYS F 468 -96.03 -181.33 -103.68
CA LYS F 468 -95.62 -182.17 -104.81
C LYS F 468 -94.85 -183.40 -104.34
N VAL F 469 -95.48 -184.15 -103.44
CA VAL F 469 -94.86 -185.37 -102.91
C VAL F 469 -94.71 -186.43 -104.00
N ASP F 470 -95.71 -186.54 -104.89
CA ASP F 470 -95.66 -187.56 -105.93
C ASP F 470 -94.50 -187.31 -106.90
N LEU F 471 -94.25 -186.05 -107.25
CA LEU F 471 -93.15 -185.74 -108.16
C LEU F 471 -91.81 -186.11 -107.53
N ALA F 472 -91.63 -185.80 -106.24
CA ALA F 472 -90.40 -186.17 -105.56
C ALA F 472 -90.25 -187.69 -105.46
N GLU F 473 -91.34 -188.39 -105.19
CA GLU F 473 -91.30 -189.85 -105.08
C GLU F 473 -90.93 -190.49 -106.42
N LYS F 474 -91.49 -189.97 -107.51
CA LYS F 474 -91.22 -190.53 -108.83
C LYS F 474 -89.79 -190.30 -109.29
N ASN F 475 -89.07 -189.38 -108.65
CA ASN F 475 -87.68 -189.09 -109.00
C ASN F 475 -86.70 -189.95 -108.21
N VAL F 476 -86.93 -191.27 -108.25
CA VAL F 476 -86.16 -192.31 -107.56
C VAL F 476 -85.59 -191.82 -106.23
N ALA F 477 -86.41 -191.13 -105.44
CA ALA F 477 -85.97 -190.63 -104.15
C ALA F 477 -86.01 -191.74 -103.10
N SER F 478 -85.27 -191.52 -102.01
CA SER F 478 -85.21 -192.48 -100.92
C SER F 478 -86.41 -192.28 -100.00
N PRO F 479 -87.24 -193.30 -99.77
CA PRO F 479 -88.38 -193.14 -98.86
C PRO F 479 -87.98 -192.82 -97.43
N SER F 480 -86.76 -193.19 -97.02
CA SER F 480 -86.32 -192.88 -95.65
C SER F 480 -86.23 -191.37 -95.43
N ARG F 481 -85.71 -190.64 -96.42
CA ARG F 481 -85.63 -189.19 -96.29
C ARG F 481 -87.02 -188.57 -96.19
N ILE F 482 -87.97 -189.05 -97.00
CA ILE F 482 -89.33 -188.53 -96.94
C ILE F 482 -89.95 -188.82 -95.59
N GLN F 483 -89.76 -190.03 -95.07
CA GLN F 483 -90.29 -190.38 -93.76
C GLN F 483 -89.69 -189.52 -92.66
N GLN F 484 -88.38 -189.28 -92.73
CA GLN F 484 -87.74 -188.42 -91.73
C GLN F 484 -88.25 -186.99 -91.81
N ILE F 485 -88.45 -186.47 -93.03
CA ILE F 485 -88.96 -185.11 -93.18
C ILE F 485 -90.37 -185.01 -92.63
N ILE F 486 -91.22 -185.99 -92.95
CA ILE F 486 -92.59 -185.97 -92.46
C ILE F 486 -92.62 -186.12 -90.93
N GLU F 487 -91.83 -187.05 -90.40
CA GLU F 487 -91.80 -187.24 -88.95
C GLU F 487 -91.08 -186.11 -88.23
N GLY F 488 -90.14 -185.44 -88.91
CA GLY F 488 -89.43 -184.32 -88.31
C GLY F 488 -88.15 -184.74 -87.61
N LYS F 489 -87.44 -185.70 -88.19
CA LYS F 489 -86.18 -186.18 -87.64
C LYS F 489 -84.96 -185.60 -88.35
N LEU F 490 -85.16 -184.63 -89.24
CA LEU F 490 -84.08 -184.01 -90.00
C LEU F 490 -83.99 -182.52 -89.81
N PHE F 491 -85.12 -181.82 -89.71
CA PHE F 491 -85.11 -180.38 -89.54
C PHE F 491 -84.75 -180.02 -88.11
N PRO F 492 -83.70 -179.23 -87.87
CA PRO F 492 -83.36 -178.86 -86.49
C PRO F 492 -84.44 -178.06 -85.79
N MET F 493 -85.23 -177.27 -86.52
CA MET F 493 -86.27 -176.47 -85.90
C MET F 493 -87.39 -177.36 -85.36
N LYS F 494 -87.98 -176.92 -84.25
CA LYS F 494 -89.07 -177.65 -83.60
C LYS F 494 -90.40 -177.05 -84.06
N ALA F 495 -90.81 -177.43 -85.26
CA ALA F 495 -92.06 -176.95 -85.82
C ALA F 495 -93.25 -177.60 -85.10
N LEU F 496 -94.40 -176.91 -85.16
CA LEU F 496 -95.60 -177.41 -84.52
C LEU F 496 -96.13 -178.67 -85.20
N GLY F 497 -95.76 -178.92 -86.45
CA GLY F 497 -96.21 -180.10 -87.15
C GLY F 497 -95.64 -180.13 -88.54
N TYR F 498 -95.86 -181.26 -89.22
CA TYR F 498 -95.40 -181.47 -90.59
C TYR F 498 -96.48 -182.20 -91.36
N PHE F 499 -96.89 -181.63 -92.50
CA PHE F 499 -97.91 -182.23 -93.34
C PHE F 499 -97.42 -182.27 -94.78
N ALA F 500 -97.70 -183.38 -95.46
CA ALA F 500 -97.30 -183.59 -96.84
C ALA F 500 -98.55 -183.61 -97.72
N VAL F 501 -98.57 -182.75 -98.74
CA VAL F 501 -99.69 -182.65 -99.67
C VAL F 501 -99.17 -182.67 -101.09
N VAL F 502 -100.07 -182.97 -102.02
CA VAL F 502 -99.76 -183.02 -103.45
C VAL F 502 -100.55 -181.91 -104.14
N THR F 503 -99.84 -181.04 -104.86
CA THR F 503 -100.44 -179.93 -105.58
C THR F 503 -100.35 -180.12 -107.09
N GLY F 504 -100.49 -181.37 -107.54
CA GLY F 504 -100.43 -181.67 -108.95
C GLY F 504 -99.01 -181.76 -109.46
N LYS F 505 -98.90 -181.91 -110.79
CA LYS F 505 -97.61 -182.02 -111.44
C LYS F 505 -96.96 -180.67 -111.73
N GLY F 506 -97.65 -179.57 -111.43
CA GLY F 506 -97.10 -178.25 -111.67
C GLY F 506 -97.17 -177.77 -113.10
N ASN F 507 -97.88 -178.49 -113.98
CA ASN F 507 -97.99 -178.10 -115.37
C ASN F 507 -99.06 -177.01 -115.52
N SER F 508 -99.34 -176.61 -116.76
CA SER F 508 -100.33 -175.59 -117.06
C SER F 508 -101.48 -176.16 -117.89
N SER F 509 -101.79 -177.45 -117.71
CA SER F 509 -102.88 -178.07 -118.45
C SER F 509 -103.78 -178.91 -117.55
N GLU F 510 -103.69 -178.76 -116.24
CA GLU F 510 -104.51 -179.50 -115.29
C GLU F 510 -105.42 -178.51 -114.56
N SER F 511 -106.72 -178.81 -114.56
CA SER F 511 -107.68 -177.93 -113.90
C SER F 511 -107.57 -178.10 -112.38
N ILE F 512 -108.14 -177.13 -111.66
CA ILE F 512 -108.12 -177.16 -110.20
C ILE F 512 -108.87 -178.37 -109.68
N GLU F 513 -110.03 -178.67 -110.27
CA GLU F 513 -110.82 -179.81 -109.83
C GLU F 513 -110.07 -181.12 -110.06
N ALA F 514 -109.40 -181.23 -111.21
CA ALA F 514 -108.63 -182.45 -111.50
C ALA F 514 -107.49 -182.64 -110.50
N ILE F 515 -106.78 -181.55 -110.18
CA ILE F 515 -105.70 -181.64 -109.21
C ILE F 515 -106.23 -182.00 -107.83
N ARG F 516 -107.36 -181.41 -107.44
CA ARG F 516 -107.95 -181.74 -106.15
C ARG F 516 -108.37 -183.21 -106.09
N GLU F 517 -108.97 -183.71 -107.16
CA GLU F 517 -109.36 -185.13 -107.20
C GLU F 517 -108.15 -186.04 -107.14
N TYR F 518 -107.08 -185.68 -107.86
CA TYR F 518 -105.85 -186.48 -107.80
C TYR F 518 -105.26 -186.48 -106.40
N GLU F 519 -105.25 -185.33 -105.74
CA GLU F 519 -104.74 -185.25 -104.38
C GLU F 519 -105.58 -186.09 -103.42
N GLU F 520 -106.91 -186.04 -103.57
CA GLU F 520 -107.78 -186.85 -102.73
C GLU F 520 -107.54 -188.34 -102.95
N GLU F 521 -107.38 -188.74 -104.22
CA GLU F 521 -107.10 -190.14 -104.52
C GLU F 521 -105.76 -190.58 -103.93
N PHE F 522 -104.74 -189.72 -104.04
CA PHE F 522 -103.44 -190.05 -103.46
C PHE F 522 -103.52 -190.17 -101.95
N PHE F 523 -104.27 -189.28 -101.30
CA PHE F 523 -104.43 -189.37 -99.86
C PHE F 523 -105.17 -190.64 -99.45
N GLN F 524 -106.21 -191.01 -100.21
CA GLN F 524 -106.95 -192.23 -99.90
C GLN F 524 -106.08 -193.46 -100.09
N ASN F 525 -105.30 -193.51 -101.17
CA ASN F 525 -104.43 -194.64 -101.47
C ASN F 525 -103.03 -194.09 -101.77
N SER F 526 -102.13 -194.23 -100.80
CA SER F 526 -100.76 -193.75 -100.93
C SER F 526 -99.78 -194.90 -100.75
N LYS F 527 -98.67 -194.83 -101.48
CA LYS F 527 -97.63 -195.86 -101.39
C LYS F 527 -96.84 -195.79 -100.10
N LEU F 528 -96.95 -194.72 -99.33
CA LEU F 528 -96.24 -194.58 -98.07
C LEU F 528 -97.11 -194.82 -96.85
N LEU F 529 -98.41 -194.56 -96.94
CA LEU F 529 -99.30 -194.80 -95.81
C LEU F 529 -99.49 -196.29 -95.54
N LYS F 530 -99.42 -197.12 -96.59
CA LYS F 530 -99.60 -198.56 -96.44
C LYS F 530 -98.39 -199.23 -95.81
N THR F 531 -97.26 -198.54 -95.69
CA THR F 531 -96.06 -199.10 -95.09
C THR F 531 -95.99 -198.89 -93.58
N SER F 532 -97.01 -198.26 -93.00
CA SER F 532 -97.06 -197.99 -91.55
C SER F 532 -95.84 -197.21 -91.08
N MET F 533 -95.40 -196.25 -91.89
CA MET F 533 -94.25 -195.42 -91.57
C MET F 533 -94.63 -193.95 -91.36
N LEU F 534 -95.90 -193.59 -91.50
CA LEU F 534 -96.36 -192.23 -91.33
C LEU F 534 -97.48 -192.18 -90.31
N LYS F 535 -97.52 -191.10 -89.55
CA LYS F 535 -98.54 -190.94 -88.51
C LYS F 535 -99.91 -190.74 -89.14
N ALA F 536 -100.93 -191.34 -88.51
CA ALA F 536 -102.28 -191.27 -89.04
C ALA F 536 -102.90 -189.90 -88.81
N HIS F 537 -102.47 -189.17 -87.79
CA HIS F 537 -103.03 -187.87 -87.46
C HIS F 537 -102.38 -186.74 -88.23
N GLN F 538 -101.39 -187.02 -89.08
CA GLN F 538 -100.72 -186.01 -89.88
C GLN F 538 -101.23 -185.98 -91.32
N VAL F 539 -102.51 -186.24 -91.52
CA VAL F 539 -103.11 -186.26 -92.86
C VAL F 539 -104.02 -185.05 -93.02
N THR F 540 -104.47 -184.82 -94.26
CA THR F 540 -105.35 -183.71 -94.62
C THR F 540 -104.73 -182.37 -94.22
N THR F 541 -105.55 -181.31 -94.22
CA THR F 541 -105.09 -179.98 -93.87
C THR F 541 -106.02 -179.23 -92.94
N ARG F 542 -107.13 -179.83 -92.51
CA ARG F 542 -108.10 -179.09 -91.70
C ARG F 542 -107.52 -178.71 -90.35
N ASN F 543 -106.89 -179.67 -89.66
CA ASN F 543 -106.31 -179.40 -88.35
C ASN F 543 -105.18 -178.38 -88.44
N LEU F 544 -104.32 -178.52 -89.45
CA LEU F 544 -103.22 -177.58 -89.62
C LEU F 544 -103.75 -176.17 -89.90
N SER F 545 -104.77 -176.07 -90.76
CA SER F 545 -105.35 -174.76 -91.07
C SER F 545 -105.99 -174.14 -89.83
N LEU F 546 -106.71 -174.94 -89.04
CA LEU F 546 -107.31 -174.41 -87.82
C LEU F 546 -106.26 -173.93 -86.83
N ALA F 547 -105.18 -174.71 -86.66
CA ALA F 547 -104.12 -174.31 -85.74
C ALA F 547 -103.44 -173.04 -86.22
N VAL F 548 -103.17 -172.93 -87.52
CA VAL F 548 -102.54 -171.73 -88.06
C VAL F 548 -103.44 -170.53 -87.88
N SER F 549 -104.74 -170.69 -88.14
CA SER F 549 -105.68 -169.58 -87.96
C SER F 549 -105.75 -169.14 -86.51
N ASP F 550 -105.79 -170.09 -85.58
CA ASP F 550 -105.85 -169.73 -84.16
C ASP F 550 -104.58 -169.02 -83.71
N CYS F 551 -103.42 -169.51 -84.16
CA CYS F 551 -102.16 -168.86 -83.81
C CYS F 551 -102.09 -167.45 -84.38
N PHE F 552 -102.51 -167.28 -85.64
CA PHE F 552 -102.51 -165.96 -86.25
C PHE F 552 -103.46 -165.01 -85.51
N TRP F 553 -104.64 -165.50 -85.14
CA TRP F 553 -105.59 -164.66 -84.43
C TRP F 553 -105.05 -164.23 -83.07
N LYS F 554 -104.47 -165.17 -82.32
CA LYS F 554 -103.96 -164.80 -81.00
C LYS F 554 -102.77 -163.85 -81.11
N MET F 555 -101.88 -164.08 -82.08
CA MET F 555 -100.72 -163.20 -82.23
C MET F 555 -101.14 -161.81 -82.69
N VAL F 556 -102.12 -161.72 -83.59
CA VAL F 556 -102.57 -160.40 -84.03
C VAL F 556 -103.34 -159.70 -82.92
N ARG F 557 -104.06 -160.44 -82.08
CA ARG F 557 -104.71 -159.82 -80.93
C ARG F 557 -103.69 -159.25 -79.96
N GLU F 558 -102.63 -160.01 -79.67
CA GLU F 558 -101.57 -159.49 -78.80
C GLU F 558 -100.90 -158.28 -79.43
N SER F 559 -100.63 -158.33 -80.73
CA SER F 559 -99.98 -157.23 -81.42
C SER F 559 -100.83 -155.97 -81.38
N VAL F 560 -102.14 -156.10 -81.63
CA VAL F 560 -103.01 -154.92 -81.61
C VAL F 560 -103.18 -154.40 -80.19
N GLU F 561 -103.20 -155.29 -79.19
CA GLU F 561 -103.26 -154.83 -77.80
C GLU F 561 -102.02 -154.02 -77.44
N GLN F 562 -100.84 -154.47 -77.87
CA GLN F 562 -99.63 -153.69 -77.62
C GLN F 562 -99.64 -152.38 -78.41
N GLN F 563 -100.09 -152.43 -79.66
CA GLN F 563 -100.05 -151.24 -80.51
C GLN F 563 -101.05 -150.18 -80.07
N ALA F 564 -102.15 -150.57 -79.41
CA ALA F 564 -103.12 -149.59 -78.93
C ALA F 564 -102.47 -148.57 -78.02
N ASP F 565 -101.41 -148.94 -77.31
CA ASP F 565 -100.63 -148.02 -76.52
C ASP F 565 -99.34 -147.57 -77.21
N SER F 566 -98.75 -148.44 -78.03
CA SER F 566 -97.51 -148.07 -78.72
C SER F 566 -97.73 -146.89 -79.67
N PHE F 567 -98.82 -146.93 -80.44
CA PHE F 567 -99.10 -145.84 -81.38
C PHE F 567 -99.46 -144.56 -80.65
N LYS F 568 -100.18 -144.66 -79.54
CA LYS F 568 -100.46 -143.47 -78.73
C LYS F 568 -99.18 -142.84 -78.21
N ALA F 569 -98.25 -143.69 -77.72
CA ALA F 569 -96.97 -143.18 -77.25
C ALA F 569 -96.19 -142.54 -78.38
N THR F 570 -96.20 -143.16 -79.56
CA THR F 570 -95.49 -142.60 -80.71
C THR F 570 -96.07 -141.26 -81.11
N ARG F 571 -97.40 -141.14 -81.13
CA ARG F 571 -98.03 -139.87 -81.47
C ARG F 571 -97.70 -138.80 -80.45
N PHE F 572 -97.72 -139.15 -79.16
CA PHE F 572 -97.36 -138.19 -78.12
C PHE F 572 -95.92 -137.73 -78.27
N ASN F 573 -95.00 -138.67 -78.56
CA ASN F 573 -93.60 -138.30 -78.75
C ASN F 573 -93.42 -137.40 -79.96
N LEU F 574 -94.12 -137.70 -81.06
CA LEU F 574 -94.02 -136.86 -82.24
C LEU F 574 -94.56 -135.46 -81.98
N GLU F 575 -95.68 -135.35 -81.26
CA GLU F 575 -96.23 -134.05 -80.92
C GLU F 575 -95.27 -133.27 -80.03
N THR F 576 -94.67 -133.94 -79.05
CA THR F 576 -93.71 -133.29 -78.17
C THR F 576 -92.50 -132.81 -78.96
N GLU F 577 -92.01 -133.63 -79.89
CA GLU F 577 -90.86 -133.23 -80.71
C GLU F 577 -91.20 -132.02 -81.57
N TRP F 578 -92.39 -132.02 -82.17
CA TRP F 578 -92.79 -130.88 -83.00
C TRP F 578 -92.92 -129.61 -82.17
N LYS F 579 -93.51 -129.72 -80.98
CA LYS F 579 -93.64 -128.55 -80.10
C LYS F 579 -92.27 -128.04 -79.65
N ASN F 580 -91.36 -128.96 -79.31
CA ASN F 580 -90.05 -128.54 -78.81
C ASN F 580 -89.20 -127.91 -79.91
N ASN F 581 -89.22 -128.49 -81.11
CA ASN F 581 -88.44 -127.93 -82.21
C ASN F 581 -88.97 -126.57 -82.65
N TYR F 582 -90.29 -126.37 -82.53
CA TYR F 582 -90.95 -125.12 -82.94
C TYR F 582 -91.83 -124.63 -81.80
N PRO F 583 -91.22 -124.04 -80.76
CA PRO F 583 -92.02 -123.53 -79.65
C PRO F 583 -93.00 -122.44 -80.05
N ARG F 584 -92.65 -121.62 -81.04
CA ARG F 584 -93.49 -120.51 -81.48
C ARG F 584 -94.23 -120.81 -82.78
N LEU F 585 -94.11 -122.03 -83.30
CA LEU F 585 -94.79 -122.43 -84.53
C LEU F 585 -95.58 -123.70 -84.30
N ARG F 586 -96.84 -123.68 -84.73
CA ARG F 586 -97.71 -124.84 -84.59
C ARG F 586 -97.60 -125.72 -85.84
N GLU F 587 -98.50 -126.68 -85.97
CA GLU F 587 -98.47 -127.60 -87.11
C GLU F 587 -98.62 -126.82 -88.42
N LEU F 588 -97.75 -127.13 -89.39
CA LEU F 588 -97.73 -126.47 -90.69
C LEU F 588 -97.71 -127.56 -91.76
N ASP F 589 -98.89 -127.98 -92.20
CA ASP F 589 -99.01 -128.99 -93.24
C ASP F 589 -99.00 -128.34 -94.62
N ARG F 590 -99.21 -129.14 -95.66
CA ARG F 590 -99.14 -128.63 -97.02
C ARG F 590 -100.24 -127.60 -97.29
N ASN F 591 -101.46 -127.87 -96.82
CA ASN F 591 -102.59 -126.98 -97.12
C ASN F 591 -102.40 -125.62 -96.46
N GLU F 592 -102.10 -125.61 -95.16
CA GLU F 592 -101.94 -124.35 -94.44
C GLU F 592 -100.76 -123.56 -94.98
N LEU F 593 -99.64 -124.22 -95.26
CA LEU F 593 -98.48 -123.52 -95.79
C LEU F 593 -98.75 -122.95 -97.18
N PHE F 594 -99.45 -123.72 -98.02
CA PHE F 594 -99.81 -123.21 -99.34
C PHE F 594 -100.74 -122.01 -99.25
N GLU F 595 -101.72 -122.07 -98.34
CA GLU F 595 -102.62 -120.93 -98.16
C GLU F 595 -101.86 -119.71 -97.65
N LYS F 596 -100.92 -119.91 -96.71
CA LYS F 596 -100.12 -118.80 -96.21
C LYS F 596 -99.25 -118.21 -97.31
N ALA F 597 -98.66 -119.05 -98.16
CA ALA F 597 -97.87 -118.55 -99.28
C ALA F 597 -98.73 -117.76 -100.25
N LYS F 598 -99.93 -118.25 -100.54
CA LYS F 598 -100.84 -117.51 -101.42
C LYS F 598 -101.22 -116.16 -100.82
N ASN F 599 -101.50 -116.13 -99.52
CA ASN F 599 -101.84 -114.88 -98.86
C ASN F 599 -100.65 -113.90 -98.88
N GLU F 600 -99.44 -114.42 -98.66
CA GLU F 600 -98.26 -113.55 -98.71
C GLU F 600 -98.05 -113.00 -100.12
N ILE F 601 -98.26 -113.84 -101.14
CA ILE F 601 -98.14 -113.36 -102.52
C ILE F 601 -99.17 -112.27 -102.81
N LEU F 602 -100.41 -112.47 -102.34
CA LEU F 602 -101.44 -111.46 -102.53
C LEU F 602 -101.08 -110.16 -101.82
N ASP F 603 -100.56 -110.26 -100.60
CA ASP F 603 -100.16 -109.05 -99.87
C ASP F 603 -99.02 -108.34 -100.58
N GLU F 604 -98.05 -109.09 -101.11
CA GLU F 604 -96.95 -108.48 -101.84
C GLU F 604 -97.45 -107.79 -103.10
N VAL F 605 -98.40 -108.40 -103.81
CA VAL F 605 -98.97 -107.78 -104.99
C VAL F 605 -99.72 -106.51 -104.62
N ILE F 606 -100.46 -106.55 -103.52
CA ILE F 606 -101.19 -105.36 -103.06
C ILE F 606 -100.22 -104.24 -102.72
N SER F 607 -99.14 -104.56 -102.01
CA SER F 607 -98.14 -103.55 -101.68
C SER F 607 -97.47 -102.98 -102.93
N LEU F 608 -97.18 -103.85 -103.91
CA LEU F 608 -96.62 -103.38 -105.17
C LEU F 608 -97.56 -102.42 -105.88
N SER F 609 -98.86 -102.75 -105.90
CA SER F 609 -99.83 -101.88 -106.56
C SER F 609 -100.06 -100.60 -105.78
N GLN F 610 -99.78 -100.59 -104.48
CA GLN F 610 -100.03 -99.44 -103.63
C GLN F 610 -98.86 -98.46 -103.60
N VAL F 611 -97.75 -98.76 -104.27
CA VAL F 611 -96.62 -97.84 -104.28
C VAL F 611 -96.99 -96.59 -105.08
N THR F 612 -96.55 -95.43 -104.58
CA THR F 612 -96.84 -94.16 -105.23
C THR F 612 -96.27 -94.13 -106.64
N PRO F 613 -97.06 -93.78 -107.65
CA PRO F 613 -96.53 -93.76 -109.03
C PRO F 613 -95.37 -92.78 -109.23
N LYS F 614 -95.30 -91.72 -108.43
CA LYS F 614 -94.24 -90.73 -108.59
C LYS F 614 -92.87 -91.35 -108.35
N HIS F 615 -92.75 -92.19 -107.32
CA HIS F 615 -91.48 -92.86 -107.07
C HIS F 615 -91.10 -93.79 -108.22
N TRP F 616 -92.08 -94.50 -108.78
CA TRP F 616 -91.83 -95.34 -109.94
C TRP F 616 -91.33 -94.51 -111.11
N GLU F 617 -91.97 -93.37 -111.37
CA GLU F 617 -91.56 -92.52 -112.48
C GLU F 617 -90.14 -92.01 -112.28
N GLU F 618 -89.81 -91.57 -111.06
CA GLU F 618 -88.48 -91.07 -110.78
C GLU F 618 -87.43 -92.16 -110.96
N ILE F 619 -87.71 -93.37 -110.44
CA ILE F 619 -86.76 -94.46 -110.54
C ILE F 619 -86.55 -94.85 -112.00
N LEU F 620 -87.65 -94.97 -112.75
CA LEU F 620 -87.54 -95.34 -114.16
C LEU F 620 -86.78 -94.29 -114.96
N GLN F 621 -87.06 -93.00 -114.71
CA GLN F 621 -86.35 -91.95 -115.42
C GLN F 621 -84.86 -91.97 -115.10
N GLN F 622 -84.51 -92.12 -113.82
CA GLN F 622 -83.10 -92.14 -113.44
C GLN F 622 -82.39 -93.34 -114.04
N SER F 623 -83.01 -94.52 -113.98
CA SER F 623 -82.38 -95.72 -114.52
C SER F 623 -82.22 -95.62 -116.03
N LEU F 624 -83.25 -95.14 -116.74
CA LEU F 624 -83.16 -95.00 -118.18
C LEU F 624 -82.09 -94.00 -118.57
N TRP F 625 -82.02 -92.86 -117.86
CA TRP F 625 -81.01 -91.86 -118.17
C TRP F 625 -79.61 -92.41 -117.96
N GLU F 626 -79.39 -93.11 -116.84
CA GLU F 626 -78.09 -93.70 -116.57
C GLU F 626 -77.74 -94.75 -117.63
N ARG F 627 -78.74 -95.46 -118.14
CA ARG F 627 -78.48 -96.50 -119.12
C ARG F 627 -78.14 -95.91 -120.48
N VAL F 628 -78.85 -94.85 -120.90
CA VAL F 628 -78.72 -94.34 -122.26
C VAL F 628 -77.82 -93.12 -122.34
N SER F 629 -77.19 -92.70 -121.23
CA SER F 629 -76.28 -91.57 -121.29
C SER F 629 -75.12 -91.84 -122.25
N THR F 630 -74.50 -93.02 -122.13
CA THR F 630 -73.38 -93.35 -123.00
C THR F 630 -73.83 -93.49 -124.45
N HIS F 631 -74.99 -94.10 -124.68
CA HIS F 631 -75.50 -94.24 -126.03
C HIS F 631 -75.75 -92.88 -126.67
N VAL F 632 -76.39 -91.98 -125.92
CA VAL F 632 -76.66 -90.63 -126.43
C VAL F 632 -75.35 -89.90 -126.73
N ILE F 633 -74.38 -90.01 -125.83
CA ILE F 633 -73.11 -89.32 -126.04
C ILE F 633 -72.43 -89.83 -127.30
N GLU F 634 -72.30 -91.16 -127.43
CA GLU F 634 -71.60 -91.75 -128.56
C GLU F 634 -72.37 -91.65 -129.86
N ASN F 635 -73.67 -91.38 -129.81
CA ASN F 635 -74.45 -91.22 -131.03
C ASN F 635 -74.69 -89.77 -131.41
N ILE F 636 -74.38 -88.82 -130.52
CA ILE F 636 -74.59 -87.41 -130.82
C ILE F 636 -73.25 -86.67 -130.92
N TYR F 637 -72.47 -86.69 -129.83
CA TYR F 637 -71.26 -85.88 -129.79
C TYR F 637 -70.16 -86.48 -130.66
N LEU F 638 -70.09 -87.80 -130.76
CA LEU F 638 -69.05 -88.43 -131.58
C LEU F 638 -69.13 -88.04 -133.04
N PRO F 639 -70.29 -88.07 -133.71
CA PRO F 639 -70.31 -87.57 -135.10
C PRO F 639 -70.19 -86.06 -135.18
N ALA F 640 -70.89 -85.33 -134.30
CA ALA F 640 -70.87 -83.87 -134.31
C ALA F 640 -69.82 -83.35 -133.32
N ALA F 641 -68.58 -83.75 -133.55
CA ALA F 641 -67.46 -83.38 -132.67
C ALA F 641 -66.77 -82.10 -133.09
N GLN F 642 -67.12 -81.52 -134.25
CA GLN F 642 -66.47 -80.31 -134.73
C GLN F 642 -67.47 -79.25 -135.15
N THR F 643 -68.72 -79.35 -134.71
CA THR F 643 -69.71 -78.34 -135.04
C THR F 643 -69.42 -77.03 -134.34
N MET F 644 -69.59 -75.93 -135.06
CA MET F 644 -69.36 -74.59 -134.53
C MET F 644 -70.65 -73.85 -134.23
N ASN F 645 -71.61 -73.86 -135.16
CA ASN F 645 -72.88 -73.18 -134.95
C ASN F 645 -73.79 -74.03 -134.08
N SER F 646 -74.45 -73.38 -133.12
CA SER F 646 -75.36 -74.09 -132.23
C SER F 646 -76.59 -74.61 -132.98
N GLY F 647 -77.02 -73.90 -134.03
CA GLY F 647 -78.18 -74.34 -134.78
C GLY F 647 -77.96 -75.66 -135.48
N THR F 648 -76.79 -75.84 -136.09
CA THR F 648 -76.48 -77.11 -136.75
C THR F 648 -76.42 -78.25 -135.74
N PHE F 649 -75.83 -77.99 -134.56
CA PHE F 649 -75.78 -79.01 -133.52
C PHE F 649 -77.18 -79.39 -133.05
N ASN F 650 -78.06 -78.39 -132.86
CA ASN F 650 -79.43 -78.67 -132.45
C ASN F 650 -80.17 -79.47 -133.52
N THR F 651 -79.97 -79.11 -134.79
CA THR F 651 -80.61 -79.86 -135.88
C THR F 651 -80.14 -81.30 -135.91
N THR F 652 -78.83 -81.52 -135.73
CA THR F 652 -78.30 -82.88 -135.70
C THR F 652 -78.86 -83.65 -134.51
N VAL F 653 -78.98 -83.00 -133.36
CA VAL F 653 -79.55 -83.66 -132.18
C VAL F 653 -80.99 -84.07 -132.44
N ASP F 654 -81.78 -83.17 -133.05
CA ASP F 654 -83.17 -83.49 -133.35
C ASP F 654 -83.27 -84.64 -134.35
N ILE F 655 -82.40 -84.64 -135.36
CA ILE F 655 -82.42 -85.72 -136.35
C ILE F 655 -82.09 -87.05 -135.69
N LYS F 656 -81.06 -87.07 -134.83
CA LYS F 656 -80.69 -88.30 -134.16
C LYS F 656 -81.79 -88.78 -133.22
N LEU F 657 -82.42 -87.85 -132.50
CA LEU F 657 -83.52 -88.23 -131.60
C LEU F 657 -84.69 -88.81 -132.38
N LYS F 658 -85.05 -88.18 -133.50
CA LYS F 658 -86.14 -88.71 -134.31
C LYS F 658 -85.81 -90.08 -134.87
N GLN F 659 -84.58 -90.27 -135.34
CA GLN F 659 -84.18 -91.58 -135.85
C GLN F 659 -84.23 -92.64 -134.76
N TRP F 660 -83.76 -92.30 -133.56
CA TRP F 660 -83.79 -93.26 -132.46
C TRP F 660 -85.22 -93.60 -132.08
N THR F 661 -86.10 -92.60 -132.01
CA THR F 661 -87.51 -92.86 -131.68
C THR F 661 -88.14 -93.75 -132.73
N ASP F 662 -87.85 -93.52 -134.01
CA ASP F 662 -88.44 -94.32 -135.07
C ASP F 662 -87.90 -95.75 -135.08
N LYS F 663 -86.61 -95.92 -134.80
CA LYS F 663 -85.98 -97.22 -135.02
C LYS F 663 -86.23 -98.20 -133.87
N GLN F 664 -85.69 -97.90 -132.68
CA GLN F 664 -85.70 -98.88 -131.61
C GLN F 664 -85.92 -98.30 -130.21
N LEU F 665 -86.16 -97.00 -130.08
CA LEU F 665 -86.31 -96.43 -128.75
C LEU F 665 -87.49 -97.01 -127.97
N PRO F 666 -88.69 -97.17 -128.54
CA PRO F 666 -89.76 -97.81 -127.77
C PRO F 666 -89.42 -99.21 -127.30
N ASN F 667 -88.73 -99.99 -128.14
CA ASN F 667 -88.33 -101.34 -127.73
C ASN F 667 -87.37 -101.31 -126.57
N LYS F 668 -86.38 -100.40 -126.61
CA LYS F 668 -85.44 -100.26 -125.52
C LYS F 668 -86.14 -99.83 -124.24
N ALA F 669 -87.08 -98.89 -124.35
CA ALA F 669 -87.83 -98.44 -123.18
C ALA F 669 -88.65 -99.58 -122.58
N VAL F 670 -89.29 -100.38 -123.43
CA VAL F 670 -90.08 -101.52 -122.95
C VAL F 670 -89.17 -102.52 -122.25
N GLU F 671 -88.01 -102.81 -122.84
CA GLU F 671 -87.08 -103.75 -122.23
C GLU F 671 -86.59 -103.24 -120.87
N VAL F 672 -86.26 -101.94 -120.79
CA VAL F 672 -85.79 -101.37 -119.54
C VAL F 672 -86.88 -101.43 -118.48
N ALA F 673 -88.11 -101.10 -118.85
CA ALA F 673 -89.22 -101.16 -117.90
C ALA F 673 -89.45 -102.59 -117.41
N TRP F 674 -89.40 -103.57 -118.32
CA TRP F 674 -89.59 -104.96 -117.94
C TRP F 674 -88.48 -105.43 -117.01
N GLU F 675 -87.23 -105.03 -117.31
CA GLU F 675 -86.10 -105.42 -116.45
C GLU F 675 -86.24 -104.80 -115.06
N THR F 676 -86.66 -103.53 -115.00
CA THR F 676 -86.86 -102.90 -113.69
C THR F 676 -87.97 -103.57 -112.91
N LEU F 677 -89.06 -103.93 -113.59
CA LEU F 677 -90.15 -104.63 -112.92
C LEU F 677 -89.68 -106.00 -112.39
N GLN F 678 -88.88 -106.71 -113.20
CA GLN F 678 -88.35 -107.99 -112.76
C GLN F 678 -87.44 -107.81 -111.55
N GLU F 679 -86.59 -106.78 -111.56
CA GLU F 679 -85.70 -106.53 -110.43
C GLU F 679 -86.49 -106.21 -109.17
N GLU F 680 -87.53 -105.37 -109.29
CA GLU F 680 -88.36 -105.06 -108.13
C GLU F 680 -89.07 -106.30 -107.60
N PHE F 681 -89.60 -107.13 -108.50
CA PHE F 681 -90.27 -108.35 -108.08
C PHE F 681 -89.31 -109.30 -107.38
N SER F 682 -88.09 -109.44 -107.91
CA SER F 682 -87.10 -110.31 -107.29
C SER F 682 -86.69 -109.79 -105.92
N ARG F 683 -86.51 -108.47 -105.79
CA ARG F 683 -86.14 -107.91 -104.50
C ARG F 683 -87.26 -108.09 -103.48
N PHE F 684 -88.51 -107.93 -103.90
CA PHE F 684 -89.64 -108.15 -103.00
C PHE F 684 -89.73 -109.61 -102.59
N MET F 685 -89.51 -110.53 -103.53
CA MET F 685 -89.57 -111.96 -103.21
C MET F 685 -88.45 -112.35 -102.25
N THR F 686 -87.24 -111.83 -102.46
CA THR F 686 -86.09 -112.12 -101.62
C THR F 686 -85.76 -110.86 -100.82
N GLU F 687 -86.40 -110.72 -99.67
CA GLU F 687 -86.23 -109.56 -98.80
C GLU F 687 -85.87 -110.06 -97.41
N PRO F 688 -84.58 -110.33 -97.16
CA PRO F 688 -84.15 -110.90 -95.88
C PRO F 688 -84.10 -109.87 -94.75
N LYS F 689 -85.20 -109.13 -94.58
CA LYS F 689 -85.30 -108.20 -93.45
C LYS F 689 -85.31 -108.95 -92.13
N GLY F 690 -86.02 -110.07 -92.07
CA GLY F 690 -86.06 -110.85 -90.86
C GLY F 690 -84.73 -111.53 -90.57
N LYS F 691 -84.47 -111.77 -89.28
CA LYS F 691 -83.22 -112.38 -88.87
C LYS F 691 -83.13 -113.86 -89.24
N GLU F 692 -84.27 -114.52 -89.48
CA GLU F 692 -84.26 -115.93 -89.82
C GLU F 692 -84.23 -116.12 -91.34
N HIS F 693 -85.25 -115.60 -92.03
CA HIS F 693 -85.36 -115.68 -93.48
C HIS F 693 -85.18 -117.13 -93.98
N ASP F 694 -86.11 -117.97 -93.54
CA ASP F 694 -86.09 -119.39 -93.92
C ASP F 694 -86.12 -119.53 -95.44
N ASP F 695 -85.24 -120.39 -95.96
CA ASP F 695 -85.11 -120.58 -97.40
C ASP F 695 -86.16 -121.51 -97.99
N ILE F 696 -86.90 -122.24 -97.15
CA ILE F 696 -87.93 -123.14 -97.65
C ILE F 696 -89.00 -122.36 -98.40
N PHE F 697 -89.45 -121.24 -97.81
CA PHE F 697 -90.41 -120.38 -98.50
C PHE F 697 -89.74 -119.60 -99.62
N ASP F 698 -88.45 -119.27 -99.46
CA ASP F 698 -87.74 -118.49 -100.47
C ASP F 698 -87.63 -119.26 -101.79
N LYS F 699 -87.36 -120.56 -101.72
CA LYS F 699 -87.26 -121.35 -102.94
C LYS F 699 -88.59 -121.39 -103.68
N LEU F 700 -89.69 -121.57 -102.96
CA LEU F 700 -91.01 -121.56 -103.58
C LEU F 700 -91.31 -120.19 -104.19
N LYS F 701 -90.96 -119.12 -103.49
CA LYS F 701 -91.19 -117.78 -104.01
C LYS F 701 -90.40 -117.55 -105.30
N GLU F 702 -89.13 -117.99 -105.32
CA GLU F 702 -88.33 -117.85 -106.52
C GLU F 702 -88.89 -118.67 -107.67
N ALA F 703 -89.36 -119.89 -107.39
CA ALA F 703 -89.96 -120.71 -108.44
C ALA F 703 -91.21 -120.05 -109.00
N VAL F 704 -92.06 -119.51 -108.13
CA VAL F 704 -93.26 -118.84 -108.58
C VAL F 704 -92.91 -117.60 -109.41
N LYS F 705 -91.88 -116.85 -108.97
CA LYS F 705 -91.45 -115.67 -109.72
C LYS F 705 -90.95 -116.06 -111.12
N GLU F 706 -90.16 -117.13 -111.20
CA GLU F 706 -89.67 -117.58 -112.50
C GLU F 706 -90.82 -118.03 -113.40
N GLU F 707 -91.79 -118.76 -112.83
CA GLU F 707 -92.93 -119.20 -113.61
C GLU F 707 -93.74 -118.02 -114.12
N SER F 708 -93.96 -117.01 -113.27
CA SER F 708 -94.69 -115.82 -113.69
C SER F 708 -93.93 -115.05 -114.77
N ILE F 709 -92.61 -114.96 -114.63
CA ILE F 709 -91.80 -114.25 -115.64
C ILE F 709 -91.89 -114.97 -116.97
N LYS F 710 -91.78 -116.30 -116.96
CA LYS F 710 -91.84 -117.06 -118.20
C LYS F 710 -93.24 -117.02 -118.81
N ARG F 711 -94.28 -116.96 -117.99
CA ARG F 711 -95.65 -116.94 -118.48
C ARG F 711 -96.13 -115.55 -118.83
N HIS F 712 -95.38 -114.51 -118.48
CA HIS F 712 -95.81 -113.15 -118.75
C HIS F 712 -95.85 -112.87 -120.24
N LYS F 713 -96.84 -112.08 -120.66
CA LYS F 713 -97.03 -111.72 -122.06
C LYS F 713 -97.09 -110.21 -122.21
N TRP F 714 -96.82 -109.74 -123.43
CA TRP F 714 -96.84 -108.32 -123.74
C TRP F 714 -97.76 -108.06 -124.93
N ASN F 715 -98.32 -106.86 -124.97
CA ASN F 715 -99.26 -106.46 -126.01
C ASN F 715 -98.58 -105.47 -126.95
N ASP F 716 -98.69 -105.73 -128.26
CA ASP F 716 -98.09 -104.83 -129.24
C ASP F 716 -98.83 -103.51 -129.33
N PHE F 717 -100.12 -103.49 -128.95
CA PHE F 717 -100.86 -102.23 -128.91
C PHE F 717 -100.25 -101.27 -127.90
N ALA F 718 -99.81 -101.79 -126.76
CA ALA F 718 -99.13 -100.95 -125.79
C ALA F 718 -97.83 -100.39 -126.36
N GLU F 719 -97.09 -101.20 -127.11
CA GLU F 719 -95.86 -100.71 -127.73
C GLU F 719 -96.15 -99.62 -128.75
N ASP F 720 -97.20 -99.78 -129.56
CA ASP F 720 -97.56 -98.76 -130.52
C ASP F 720 -98.00 -97.47 -129.83
N SER F 721 -98.77 -97.59 -128.76
CA SER F 721 -99.18 -96.40 -128.01
C SER F 721 -97.97 -95.69 -127.39
N LEU F 722 -97.02 -96.47 -126.87
CA LEU F 722 -95.81 -95.89 -126.31
C LEU F 722 -95.00 -95.16 -127.39
N ARG F 723 -94.89 -95.77 -128.57
CA ARG F 723 -94.17 -95.11 -129.67
C ARG F 723 -94.85 -93.81 -130.07
N VAL F 724 -96.18 -93.83 -130.17
CA VAL F 724 -96.93 -92.63 -130.55
C VAL F 724 -96.74 -91.53 -129.51
N ILE F 725 -96.82 -91.88 -128.23
CA ILE F 725 -96.69 -90.89 -127.17
C ILE F 725 -95.26 -90.35 -127.12
N GLN F 726 -94.27 -91.22 -127.34
CA GLN F 726 -92.88 -90.75 -127.37
C GLN F 726 -92.66 -89.78 -128.52
N HIS F 727 -93.22 -90.07 -129.69
CA HIS F 727 -93.11 -89.14 -130.81
C HIS F 727 -93.84 -87.83 -130.54
N ASN F 728 -95.00 -87.88 -129.88
CA ASN F 728 -95.76 -86.68 -129.63
C ASN F 728 -95.19 -85.85 -128.48
N ALA F 729 -94.35 -86.45 -127.64
CA ALA F 729 -93.80 -85.74 -126.49
C ALA F 729 -92.73 -84.74 -126.90
N LEU F 730 -93.14 -83.68 -127.59
CA LEU F 730 -92.24 -82.60 -128.00
C LEU F 730 -92.90 -81.26 -127.68
N GLU F 731 -93.43 -81.12 -126.47
CA GLU F 731 -94.24 -79.98 -126.08
C GLU F 731 -93.37 -78.77 -125.72
N ASP F 732 -92.54 -78.89 -124.69
CA ASP F 732 -91.76 -77.77 -124.19
C ASP F 732 -90.35 -77.80 -124.77
N ARG F 733 -89.85 -76.62 -125.16
CA ARG F 733 -88.53 -76.50 -125.75
C ARG F 733 -87.69 -75.38 -125.17
N SER F 734 -88.21 -74.59 -124.22
CA SER F 734 -87.46 -73.49 -123.65
C SER F 734 -87.77 -73.38 -122.16
N ILE F 735 -86.85 -72.75 -121.43
CA ILE F 735 -86.99 -72.54 -120.00
C ILE F 735 -87.30 -71.07 -119.74
N SER F 736 -88.41 -70.81 -119.04
CA SER F 736 -88.79 -69.46 -118.67
C SER F 736 -88.77 -69.24 -117.16
N ASP F 737 -88.18 -70.18 -116.41
CA ASP F 737 -88.14 -70.10 -114.96
C ASP F 737 -86.69 -70.11 -114.50
N LYS F 738 -86.35 -69.19 -113.60
CA LYS F 738 -85.00 -69.14 -113.05
C LYS F 738 -84.70 -70.39 -112.23
N GLN F 739 -85.66 -70.86 -111.45
CA GLN F 739 -85.45 -72.05 -110.63
C GLN F 739 -85.25 -73.28 -111.51
N GLN F 740 -86.06 -73.42 -112.57
CA GLN F 740 -85.88 -74.54 -113.49
C GLN F 740 -84.53 -74.46 -114.19
N TRP F 741 -84.11 -73.24 -114.56
CA TRP F 741 -82.80 -73.06 -115.17
C TRP F 741 -81.69 -73.49 -114.22
N ASP F 742 -81.78 -73.11 -112.95
CA ASP F 742 -80.78 -73.52 -111.97
C ASP F 742 -80.78 -75.02 -111.76
N ALA F 743 -81.96 -75.64 -111.73
CA ALA F 743 -82.04 -77.09 -111.57
C ALA F 743 -81.40 -77.80 -112.77
N ALA F 744 -81.66 -77.31 -113.98
CA ALA F 744 -81.04 -77.88 -115.16
C ALA F 744 -79.52 -77.71 -115.12
N ILE F 745 -79.06 -76.53 -114.68
CA ILE F 745 -77.63 -76.29 -114.55
C ILE F 745 -77.01 -77.28 -113.57
N TYR F 746 -77.66 -77.49 -112.43
CA TYR F 746 -77.12 -78.42 -111.44
C TYR F 746 -77.09 -79.85 -111.96
N PHE F 747 -78.15 -80.28 -112.66
CA PHE F 747 -78.15 -81.62 -113.23
C PHE F 747 -77.06 -81.79 -114.27
N MET F 748 -76.89 -80.79 -115.15
CA MET F 748 -75.84 -80.85 -116.15
C MET F 748 -74.46 -80.87 -115.51
N GLU F 749 -74.28 -80.08 -114.44
CA GLU F 749 -73.01 -80.08 -113.72
C GLU F 749 -72.73 -81.44 -113.10
N GLU F 750 -73.75 -82.07 -112.53
CA GLU F 750 -73.56 -83.40 -111.96
C GLU F 750 -73.17 -84.41 -113.03
N ALA F 751 -73.86 -84.37 -114.18
CA ALA F 751 -73.55 -85.29 -115.27
C ALA F 751 -72.13 -85.06 -115.79
N LEU F 752 -71.74 -83.80 -115.96
CA LEU F 752 -70.40 -83.51 -116.46
C LEU F 752 -69.33 -83.88 -115.45
N GLN F 753 -69.62 -83.72 -114.16
CA GLN F 753 -68.66 -84.15 -113.14
C GLN F 753 -68.51 -85.67 -113.15
N ALA F 754 -69.61 -86.40 -113.34
CA ALA F 754 -69.52 -87.86 -113.45
C ALA F 754 -68.70 -88.26 -114.67
N ARG F 755 -68.92 -87.59 -115.79
CA ARG F 755 -68.15 -87.88 -117.00
C ARG F 755 -66.67 -87.56 -116.79
N LEU F 756 -66.38 -86.45 -116.11
CA LEU F 756 -64.99 -86.09 -115.82
C LEU F 756 -64.32 -87.12 -114.91
N LYS F 757 -65.05 -87.61 -113.91
CA LYS F 757 -64.50 -88.65 -113.05
C LYS F 757 -64.24 -89.94 -113.82
N ASP F 758 -65.15 -90.31 -114.72
CA ASP F 758 -64.93 -91.49 -115.55
C ASP F 758 -63.70 -91.32 -116.43
N THR F 759 -63.55 -90.14 -117.04
CA THR F 759 -62.39 -89.86 -117.88
C THR F 759 -61.09 -89.89 -117.07
N GLU F 760 -61.13 -89.34 -115.85
CA GLU F 760 -59.95 -89.38 -114.99
C GLU F 760 -59.59 -90.81 -114.62
N ASN F 761 -60.59 -91.64 -114.32
CA ASN F 761 -60.32 -93.04 -114.02
C ASN F 761 -59.71 -93.75 -115.22
N ALA F 762 -60.24 -93.50 -116.43
CA ALA F 762 -59.69 -94.11 -117.62
C ALA F 762 -58.26 -93.67 -117.86
N ILE F 763 -57.97 -92.38 -117.67
CA ILE F 763 -56.62 -91.87 -117.86
C ILE F 763 -55.66 -92.48 -116.84
N GLU F 764 -56.10 -92.60 -115.58
CA GLU F 764 -55.27 -93.21 -114.55
C GLU F 764 -54.99 -94.68 -114.85
N ASN F 765 -56.01 -95.39 -115.34
CA ASN F 765 -55.79 -96.78 -115.75
C ASN F 765 -54.80 -96.87 -116.90
N MET F 766 -54.91 -95.97 -117.87
CA MET F 766 -53.99 -95.98 -119.01
C MET F 766 -52.57 -95.67 -118.60
N VAL F 767 -52.39 -94.71 -117.70
CA VAL F 767 -51.05 -94.21 -117.37
C VAL F 767 -50.65 -94.57 -115.96
N GLY F 768 -51.40 -94.08 -114.96
CA GLY F 768 -51.07 -94.31 -113.58
C GLY F 768 -51.00 -93.02 -112.79
N PRO F 769 -50.12 -92.98 -111.78
CA PRO F 769 -49.96 -91.76 -110.97
C PRO F 769 -49.52 -90.58 -111.82
N ASP F 770 -50.07 -89.42 -111.51
CA ASP F 770 -49.80 -88.19 -112.26
C ASP F 770 -49.55 -87.05 -111.29
N TRP F 771 -48.59 -86.19 -111.64
CA TRP F 771 -48.29 -84.95 -110.91
C TRP F 771 -47.91 -85.29 -109.48
N LYS F 772 -48.65 -84.83 -108.47
CA LYS F 772 -48.29 -85.03 -107.07
C LYS F 772 -48.26 -86.51 -106.72
N LYS F 773 -49.21 -87.29 -107.24
CA LYS F 773 -49.23 -88.72 -106.97
C LYS F 773 -47.98 -89.40 -107.52
N ARG F 774 -47.55 -89.01 -108.72
CA ARG F 774 -46.38 -89.63 -109.33
C ARG F 774 -45.10 -89.22 -108.62
N TRP F 775 -44.97 -87.94 -108.29
CA TRP F 775 -43.74 -87.41 -107.71
C TRP F 775 -43.70 -87.53 -106.19
N LEU F 776 -44.74 -88.07 -105.56
CA LEU F 776 -44.72 -88.26 -104.11
C LEU F 776 -43.62 -89.22 -103.70
N TYR F 777 -43.47 -90.32 -104.43
CA TYR F 777 -42.42 -91.28 -104.12
C TYR F 777 -41.06 -90.75 -104.55
N TRP F 778 -41.00 -90.12 -105.73
CA TRP F 778 -39.81 -89.51 -106.32
C TRP F 778 -38.76 -90.54 -106.73
N LYS F 779 -38.99 -91.83 -106.48
CA LYS F 779 -38.06 -92.88 -106.86
C LYS F 779 -38.69 -93.98 -107.70
N ASN F 780 -39.99 -93.94 -107.94
CA ASN F 780 -40.68 -94.95 -108.73
C ASN F 780 -40.99 -94.37 -110.10
N ARG F 781 -40.34 -94.92 -111.13
CA ARG F 781 -40.53 -94.47 -112.50
C ARG F 781 -40.58 -95.69 -113.42
N THR F 782 -41.46 -95.61 -114.42
CA THR F 782 -41.62 -96.67 -115.41
C THR F 782 -41.53 -96.05 -116.81
N GLN F 783 -40.87 -96.75 -117.73
CA GLN F 783 -40.71 -96.23 -119.08
C GLN F 783 -42.06 -96.11 -119.79
N GLU F 784 -42.96 -97.05 -119.53
CA GLU F 784 -44.27 -97.01 -120.19
C GLU F 784 -45.06 -95.78 -119.78
N GLN F 785 -45.14 -95.51 -118.47
CA GLN F 785 -45.83 -94.31 -117.99
C GLN F 785 -45.08 -93.03 -118.31
N CYS F 786 -43.74 -93.09 -118.40
CA CYS F 786 -42.98 -91.91 -118.79
C CYS F 786 -43.30 -91.49 -120.21
N VAL F 787 -43.46 -92.46 -121.12
CA VAL F 787 -43.83 -92.16 -122.50
C VAL F 787 -45.20 -91.50 -122.54
N HIS F 788 -46.16 -92.02 -121.78
CA HIS F 788 -47.49 -91.44 -121.74
C HIS F 788 -47.45 -90.03 -121.17
N ASN F 789 -46.65 -89.82 -120.12
CA ASN F 789 -46.52 -88.48 -119.54
C ASN F 789 -45.92 -87.49 -120.53
N GLU F 790 -44.89 -87.93 -121.28
CA GLU F 790 -44.29 -87.05 -122.28
C GLU F 790 -45.27 -86.72 -123.40
N THR F 791 -46.06 -87.71 -123.84
CA THR F 791 -47.07 -87.46 -124.85
C THR F 791 -48.14 -86.49 -124.35
N LYS F 792 -48.56 -86.66 -123.09
CA LYS F 792 -49.53 -85.75 -122.50
C LYS F 792 -48.99 -84.33 -122.42
N ASN F 793 -47.73 -84.19 -122.01
CA ASN F 793 -47.12 -82.86 -121.95
C ASN F 793 -47.02 -82.23 -123.33
N GLU F 794 -46.63 -83.02 -124.33
CA GLU F 794 -46.54 -82.49 -125.69
C GLU F 794 -47.89 -82.03 -126.20
N LEU F 795 -48.94 -82.83 -125.95
CA LEU F 795 -50.28 -82.46 -126.39
C LEU F 795 -50.79 -81.23 -125.65
N GLU F 796 -50.48 -81.12 -124.35
CA GLU F 796 -50.85 -79.93 -123.60
C GLU F 796 -50.17 -78.68 -124.15
N LYS F 797 -48.87 -78.80 -124.47
CA LYS F 797 -48.17 -77.67 -125.07
C LYS F 797 -48.74 -77.31 -126.43
N MET F 798 -49.11 -78.31 -127.22
CA MET F 798 -49.73 -78.05 -128.52
C MET F 798 -51.06 -77.31 -128.37
N LEU F 799 -51.87 -77.73 -127.39
CA LEU F 799 -53.12 -77.02 -127.13
C LEU F 799 -52.87 -75.60 -126.63
N LYS F 800 -51.85 -75.40 -125.80
CA LYS F 800 -51.51 -74.06 -125.35
C LYS F 800 -51.11 -73.17 -126.51
N CYS F 801 -50.33 -73.72 -127.45
CA CYS F 801 -49.95 -72.96 -128.64
C CYS F 801 -51.11 -72.85 -129.62
N ASN F 802 -51.90 -73.90 -129.78
CA ASN F 802 -53.02 -73.95 -130.73
C ASN F 802 -54.23 -74.49 -129.99
N GLU F 803 -55.09 -73.59 -129.50
CA GLU F 803 -56.26 -74.01 -128.74
C GLU F 803 -57.22 -74.81 -129.60
N GLU F 804 -57.44 -74.39 -130.83
CA GLU F 804 -58.39 -75.04 -131.73
C GLU F 804 -57.63 -75.95 -132.70
N HIS F 805 -58.04 -77.22 -132.75
CA HIS F 805 -57.41 -78.20 -133.63
C HIS F 805 -58.48 -79.19 -134.08
N PRO F 806 -58.44 -79.63 -135.34
CA PRO F 806 -59.40 -80.64 -135.79
C PRO F 806 -59.19 -81.97 -135.08
N ALA F 807 -60.29 -82.70 -134.93
CA ALA F 807 -60.23 -83.98 -134.23
C ALA F 807 -59.34 -84.99 -134.96
N TYR F 808 -59.43 -85.03 -136.29
CA TYR F 808 -58.61 -85.94 -137.07
C TYR F 808 -57.17 -85.45 -137.11
N LEU F 809 -56.25 -86.38 -137.35
CA LEU F 809 -54.83 -86.10 -137.44
C LEU F 809 -54.37 -86.36 -138.87
N ALA F 810 -53.77 -85.34 -139.49
CA ALA F 810 -53.23 -85.50 -140.82
C ALA F 810 -51.87 -86.20 -140.79
N SER F 811 -51.44 -86.66 -141.96
CA SER F 811 -50.18 -87.40 -142.04
C SER F 811 -48.99 -86.54 -141.63
N ASP F 812 -48.95 -85.29 -142.09
CA ASP F 812 -47.83 -84.42 -141.74
C ASP F 812 -47.80 -84.11 -140.25
N GLU F 813 -48.97 -83.93 -139.64
CA GLU F 813 -49.02 -83.70 -138.20
C GLU F 813 -48.49 -84.90 -137.42
N ILE F 814 -48.89 -86.10 -137.83
CA ILE F 814 -48.41 -87.31 -137.16
C ILE F 814 -46.90 -87.45 -137.34
N THR F 815 -46.40 -87.18 -138.55
CA THR F 815 -44.96 -87.25 -138.79
C THR F 815 -44.21 -86.25 -137.93
N THR F 816 -44.72 -85.02 -137.82
CA THR F 816 -44.06 -84.01 -136.99
C THR F 816 -44.06 -84.41 -135.52
N VAL F 817 -45.18 -84.94 -135.03
CA VAL F 817 -45.26 -85.38 -133.64
C VAL F 817 -44.28 -86.52 -133.38
N ARG F 818 -44.21 -87.48 -134.31
CA ARG F 818 -43.28 -88.60 -134.14
C ARG F 818 -41.83 -88.12 -134.16
N LYS F 819 -41.50 -87.17 -135.04
CA LYS F 819 -40.15 -86.63 -135.09
C LYS F 819 -39.81 -85.90 -133.79
N ASN F 820 -40.76 -85.11 -133.27
CA ASN F 820 -40.52 -84.42 -132.01
C ASN F 820 -40.30 -85.42 -130.87
N LEU F 821 -41.09 -86.50 -130.85
CA LEU F 821 -40.91 -87.51 -129.81
C LEU F 821 -39.55 -88.21 -129.94
N GLU F 822 -39.15 -88.53 -131.17
CA GLU F 822 -37.89 -89.23 -131.39
C GLU F 822 -36.68 -88.32 -131.26
N SER F 823 -36.87 -87.00 -131.24
CA SER F 823 -35.75 -86.09 -131.04
C SER F 823 -35.08 -86.34 -129.70
N ARG F 824 -35.86 -86.58 -128.65
CA ARG F 824 -35.32 -86.90 -127.34
C ARG F 824 -35.14 -88.40 -127.12
N GLY F 825 -35.48 -89.23 -128.10
CA GLY F 825 -35.28 -90.66 -127.98
C GLY F 825 -36.49 -91.43 -127.51
N VAL F 826 -37.67 -91.05 -128.00
CA VAL F 826 -38.92 -91.71 -127.65
C VAL F 826 -39.60 -92.14 -128.94
N GLU F 827 -39.88 -93.43 -129.06
CA GLU F 827 -40.58 -93.99 -130.22
C GLU F 827 -41.94 -94.51 -129.76
N VAL F 828 -43.00 -93.99 -130.35
CA VAL F 828 -44.38 -94.33 -129.98
C VAL F 828 -45.12 -94.77 -131.22
N ASP F 829 -45.88 -95.86 -131.09
CA ASP F 829 -46.68 -96.34 -132.21
C ASP F 829 -47.79 -95.35 -132.55
N PRO F 830 -48.18 -95.26 -133.82
CA PRO F 830 -49.22 -94.29 -134.21
C PRO F 830 -50.56 -94.53 -133.51
N SER F 831 -50.90 -95.79 -133.21
CA SER F 831 -52.17 -96.07 -132.54
C SER F 831 -52.21 -95.45 -131.16
N LEU F 832 -51.13 -95.58 -130.39
CA LEU F 832 -51.07 -94.97 -129.07
C LEU F 832 -51.11 -93.45 -129.17
N ILE F 833 -50.44 -92.88 -130.17
CA ILE F 833 -50.47 -91.44 -130.37
C ILE F 833 -51.90 -90.96 -130.63
N LYS F 834 -52.62 -91.69 -131.50
CA LYS F 834 -54.00 -91.32 -131.80
C LYS F 834 -54.89 -91.46 -130.57
N ASP F 835 -54.69 -92.52 -129.78
CA ASP F 835 -55.50 -92.71 -128.57
C ASP F 835 -55.25 -91.58 -127.57
N THR F 836 -53.97 -91.23 -127.37
CA THR F 836 -53.65 -90.14 -126.45
C THR F 836 -54.22 -88.81 -126.94
N TRP F 837 -54.14 -88.58 -128.26
CA TRP F 837 -54.71 -87.36 -128.82
C TRP F 837 -56.22 -87.31 -128.61
N HIS F 838 -56.90 -88.43 -128.80
CA HIS F 838 -58.34 -88.48 -128.59
C HIS F 838 -58.68 -88.20 -127.12
N GLN F 839 -57.93 -88.80 -126.20
CA GLN F 839 -58.19 -88.57 -124.78
C GLN F 839 -57.95 -87.11 -124.40
N VAL F 840 -56.87 -86.52 -124.92
CA VAL F 840 -56.57 -85.12 -124.62
C VAL F 840 -57.62 -84.21 -125.22
N TYR F 841 -58.10 -84.53 -126.43
CA TYR F 841 -59.16 -83.77 -127.07
C TYR F 841 -60.45 -83.81 -126.25
N ARG F 842 -60.79 -85.01 -125.75
CA ARG F 842 -61.97 -85.16 -124.90
C ARG F 842 -61.82 -84.36 -123.61
N ARG F 843 -60.63 -84.40 -123.00
CA ARG F 843 -60.41 -83.65 -121.77
C ARG F 843 -60.51 -82.15 -122.02
N HIS F 844 -59.95 -81.68 -123.13
CA HIS F 844 -60.01 -80.26 -123.47
C HIS F 844 -61.45 -79.80 -123.66
N PHE F 845 -62.25 -80.61 -124.37
CA PHE F 845 -63.65 -80.23 -124.55
C PHE F 845 -64.46 -80.37 -123.27
N LEU F 846 -64.08 -81.28 -122.38
CA LEU F 846 -64.72 -81.32 -121.07
C LEU F 846 -64.44 -80.06 -120.27
N LYS F 847 -63.19 -79.58 -120.31
CA LYS F 847 -62.85 -78.33 -119.64
C LYS F 847 -63.59 -77.16 -120.27
N THR F 848 -63.69 -77.15 -121.60
CA THR F 848 -64.43 -76.09 -122.28
C THR F 848 -65.91 -76.11 -121.89
N ALA F 849 -66.50 -77.30 -121.79
CA ALA F 849 -67.88 -77.42 -121.35
C ALA F 849 -68.05 -76.93 -119.91
N LEU F 850 -67.08 -77.24 -119.05
CA LEU F 850 -67.15 -76.75 -117.67
C LEU F 850 -67.09 -75.23 -117.63
N ASN F 851 -66.21 -74.63 -118.44
CA ASN F 851 -66.14 -73.17 -118.50
C ASN F 851 -67.45 -72.58 -119.05
N HIS F 852 -68.04 -73.24 -120.04
CA HIS F 852 -69.32 -72.78 -120.59
C HIS F 852 -70.42 -72.85 -119.54
N CYS F 853 -70.41 -73.91 -118.71
CA CYS F 853 -71.38 -74.01 -117.62
C CYS F 853 -71.16 -72.90 -116.61
N ASN F 854 -69.90 -72.60 -116.28
CA ASN F 854 -69.62 -71.52 -115.35
C ASN F 854 -70.12 -70.18 -115.89
N LEU F 855 -69.93 -69.95 -117.19
CA LEU F 855 -70.43 -68.72 -117.80
C LEU F 855 -71.95 -68.68 -117.80
N CYS F 856 -72.60 -69.80 -118.14
CA CYS F 856 -74.06 -69.85 -118.20
C CYS F 856 -74.69 -69.73 -116.81
N ARG F 857 -73.92 -70.03 -115.75
CA ARG F 857 -74.43 -69.86 -114.40
C ARG F 857 -74.79 -68.40 -114.10
N ARG F 858 -74.17 -67.46 -114.82
CA ARG F 858 -74.46 -66.01 -114.62
C ARG F 858 -75.07 -65.43 -115.88
N GLY F 859 -75.00 -66.16 -117.00
CA GLY F 859 -75.52 -65.69 -118.27
C GLY F 859 -77.00 -65.82 -118.47
N PHE F 860 -77.78 -66.06 -117.40
CA PHE F 860 -79.24 -66.13 -117.54
C PHE F 860 -79.83 -64.81 -117.99
N TYR F 861 -79.20 -63.68 -117.68
CA TYR F 861 -79.69 -62.40 -118.17
C TYR F 861 -79.64 -62.33 -119.69
N TYR F 862 -78.52 -62.77 -120.28
CA TYR F 862 -78.42 -62.83 -121.73
C TYR F 862 -79.37 -63.88 -122.30
N TYR F 863 -79.47 -65.03 -121.63
CA TYR F 863 -80.29 -66.12 -122.16
C TYR F 863 -81.77 -65.75 -122.21
N GLN F 864 -82.28 -65.11 -121.15
CA GLN F 864 -83.71 -64.83 -121.08
C GLN F 864 -84.15 -63.85 -122.16
N ARG F 865 -83.35 -62.81 -122.42
CA ARG F 865 -83.74 -61.77 -123.36
C ARG F 865 -83.22 -62.02 -124.78
N HIS F 866 -82.19 -62.84 -124.94
CA HIS F 866 -81.62 -63.16 -126.25
C HIS F 866 -81.20 -61.89 -127.00
N PHE F 867 -80.22 -61.21 -126.44
CA PHE F 867 -79.72 -59.97 -127.04
C PHE F 867 -79.08 -60.25 -128.40
N VAL F 868 -79.13 -59.24 -129.28
CA VAL F 868 -78.55 -59.38 -130.60
C VAL F 868 -77.04 -59.59 -130.49
N ASP F 869 -76.37 -58.78 -129.67
CA ASP F 869 -74.94 -58.91 -129.44
C ASP F 869 -74.65 -59.81 -128.24
N SER F 870 -75.21 -61.02 -128.25
CA SER F 870 -75.04 -61.94 -127.14
C SER F 870 -73.61 -62.47 -127.11
N GLU F 871 -72.98 -62.40 -125.94
CA GLU F 871 -71.63 -62.92 -125.75
C GLU F 871 -71.62 -64.36 -125.27
N LEU F 872 -72.79 -64.99 -125.14
CA LEU F 872 -72.87 -66.36 -124.63
C LEU F 872 -74.14 -67.00 -125.17
N GLU F 873 -74.02 -68.18 -125.75
CA GLU F 873 -75.15 -68.94 -126.29
C GLU F 873 -75.28 -70.23 -125.49
N CYS F 874 -76.18 -70.22 -124.51
CA CYS F 874 -76.43 -71.39 -123.66
C CYS F 874 -77.48 -72.27 -124.34
N ASN F 875 -77.02 -73.35 -124.97
CA ASN F 875 -77.91 -74.31 -125.60
C ASN F 875 -77.83 -75.71 -125.00
N ASP F 876 -76.69 -76.09 -124.42
CA ASP F 876 -76.57 -77.40 -123.80
C ASP F 876 -77.52 -77.53 -122.61
N VAL F 877 -77.69 -76.46 -121.83
CA VAL F 877 -78.59 -76.49 -120.69
C VAL F 877 -80.01 -76.75 -121.16
N VAL F 878 -80.45 -76.04 -122.21
CA VAL F 878 -81.80 -76.21 -122.73
C VAL F 878 -81.98 -77.63 -123.29
N LEU F 879 -80.97 -78.13 -124.00
CA LEU F 879 -81.06 -79.48 -124.56
C LEU F 879 -81.17 -80.52 -123.45
N PHE F 880 -80.36 -80.38 -122.40
CA PHE F 880 -80.42 -81.33 -121.29
C PHE F 880 -81.74 -81.25 -120.56
N TRP F 881 -82.29 -80.05 -120.39
CA TRP F 881 -83.61 -79.92 -119.76
C TRP F 881 -84.69 -80.56 -120.61
N ARG F 882 -84.62 -80.39 -121.93
CA ARG F 882 -85.58 -81.04 -122.82
C ARG F 882 -85.47 -82.55 -122.73
N ILE F 883 -84.24 -83.08 -122.70
CA ILE F 883 -84.05 -84.52 -122.56
C ILE F 883 -84.62 -85.01 -121.23
N GLN F 884 -84.39 -84.25 -120.15
CA GLN F 884 -84.88 -84.64 -118.84
C GLN F 884 -86.41 -84.68 -118.80
N ARG F 885 -87.06 -83.65 -119.35
CA ARG F 885 -88.52 -83.63 -119.32
C ARG F 885 -89.10 -84.70 -120.23
N MET F 886 -88.48 -84.96 -121.38
CA MET F 886 -88.96 -86.03 -122.24
C MET F 886 -88.81 -87.38 -121.57
N LEU F 887 -87.69 -87.61 -120.86
CA LEU F 887 -87.51 -88.84 -120.12
C LEU F 887 -88.54 -88.99 -119.02
N ALA F 888 -88.83 -87.88 -118.31
CA ALA F 888 -89.86 -87.94 -117.27
C ALA F 888 -91.22 -88.28 -117.85
N ILE F 889 -91.57 -87.68 -118.99
CA ILE F 889 -92.86 -87.98 -119.63
C ILE F 889 -92.91 -89.45 -120.05
N THR F 890 -91.82 -89.94 -120.64
CA THR F 890 -91.77 -91.34 -121.06
C THR F 890 -91.88 -92.29 -119.88
N ALA F 891 -91.21 -91.98 -118.77
CA ALA F 891 -91.29 -92.81 -117.58
C ALA F 891 -92.70 -92.81 -117.00
N ASN F 892 -93.35 -91.64 -116.98
CA ASN F 892 -94.73 -91.58 -116.49
C ASN F 892 -95.66 -92.40 -117.36
N THR F 893 -95.51 -92.29 -118.68
CA THR F 893 -96.34 -93.08 -119.60
C THR F 893 -96.09 -94.58 -119.41
N LEU F 894 -94.83 -94.96 -119.25
CA LEU F 894 -94.50 -96.37 -119.04
C LEU F 894 -95.12 -96.89 -117.75
N ARG F 895 -95.04 -96.10 -116.68
CA ARG F 895 -95.64 -96.50 -115.40
C ARG F 895 -97.15 -96.64 -115.53
N GLN F 896 -97.80 -95.68 -116.20
CA GLN F 896 -99.24 -95.74 -116.37
C GLN F 896 -99.66 -96.97 -117.17
N GLN F 897 -98.98 -97.24 -118.28
CA GLN F 897 -99.32 -98.41 -119.09
C GLN F 897 -99.04 -99.70 -118.34
N LEU F 898 -97.95 -99.74 -117.57
CA LEU F 898 -97.66 -100.92 -116.76
C LEU F 898 -98.77 -101.17 -115.76
N THR F 899 -99.14 -100.15 -114.98
CA THR F 899 -100.21 -100.30 -114.01
C THR F 899 -101.52 -100.70 -114.68
N ASN F 900 -101.77 -100.22 -115.90
CA ASN F 900 -103.01 -100.54 -116.59
C ASN F 900 -103.05 -101.99 -117.06
N THR F 901 -101.96 -102.48 -117.65
CA THR F 901 -102.00 -103.77 -118.33
C THR F 901 -101.12 -104.83 -117.69
N GLU F 902 -99.85 -104.51 -117.43
CA GLU F 902 -98.90 -105.54 -117.03
C GLU F 902 -99.14 -106.03 -115.60
N VAL F 903 -99.65 -105.16 -114.73
CA VAL F 903 -100.00 -105.60 -113.38
C VAL F 903 -101.11 -106.64 -113.44
N ARG F 904 -102.14 -106.38 -114.24
CA ARG F 904 -103.22 -107.35 -114.41
C ARG F 904 -102.72 -108.64 -115.05
N ARG F 905 -101.83 -108.52 -116.05
CA ARG F 905 -101.28 -109.71 -116.68
C ARG F 905 -100.49 -110.55 -115.68
N LEU F 906 -99.66 -109.91 -114.86
CA LEU F 906 -98.89 -110.64 -113.86
C LEU F 906 -99.80 -111.27 -112.82
N GLU F 907 -100.87 -110.56 -112.43
CA GLU F 907 -101.83 -111.14 -111.49
C GLU F 907 -102.50 -112.38 -112.09
N LYS F 908 -102.87 -112.31 -113.36
CA LYS F 908 -103.48 -113.45 -114.02
C LYS F 908 -102.50 -114.63 -114.10
N ASN F 909 -101.24 -114.36 -114.43
CA ASN F 909 -100.24 -115.43 -114.48
C ASN F 909 -100.04 -116.06 -113.11
N VAL F 910 -99.97 -115.23 -112.06
CA VAL F 910 -99.81 -115.75 -110.71
C VAL F 910 -101.00 -116.60 -110.31
N LYS F 911 -102.21 -116.16 -110.64
CA LYS F 911 -103.41 -116.93 -110.35
C LYS F 911 -103.40 -118.27 -111.07
N GLU F 912 -103.01 -118.27 -112.35
CA GLU F 912 -102.93 -119.52 -113.10
C GLU F 912 -101.91 -120.47 -112.50
N VAL F 913 -100.74 -119.95 -112.12
CA VAL F 913 -99.70 -120.79 -111.53
C VAL F 913 -100.18 -121.36 -110.20
N LEU F 914 -100.84 -120.54 -109.38
CA LEU F 914 -101.35 -121.03 -108.09
C LEU F 914 -102.42 -122.09 -108.29
N GLU F 915 -103.31 -121.89 -109.27
CA GLU F 915 -104.34 -122.90 -109.54
C GLU F 915 -103.72 -124.20 -110.02
N ASP F 916 -102.71 -124.11 -110.90
CA ASP F 916 -102.04 -125.31 -111.38
C ASP F 916 -101.34 -126.05 -110.24
N PHE F 917 -100.71 -125.31 -109.33
CA PHE F 917 -100.06 -125.94 -108.18
C PHE F 917 -101.08 -126.59 -107.25
N ALA F 918 -102.20 -125.91 -107.01
CA ALA F 918 -103.23 -126.46 -106.14
C ALA F 918 -103.86 -127.71 -106.72
N GLU F 919 -104.10 -127.73 -108.03
CA GLU F 919 -104.71 -128.88 -108.69
C GLU F 919 -103.73 -130.03 -108.93
N ASP F 920 -102.50 -129.93 -108.40
CA ASP F 920 -101.50 -130.98 -108.56
C ASP F 920 -100.75 -131.12 -107.22
N GLY F 921 -101.20 -132.07 -106.40
CA GLY F 921 -100.53 -132.34 -105.14
C GLY F 921 -99.18 -133.01 -105.29
N GLU F 922 -98.96 -133.70 -106.41
CA GLU F 922 -97.66 -134.32 -106.65
C GLU F 922 -96.56 -133.26 -106.77
N LYS F 923 -96.88 -132.14 -107.42
CA LYS F 923 -95.91 -131.04 -107.50
C LYS F 923 -95.60 -130.48 -106.12
N LYS F 924 -96.63 -130.35 -105.27
CA LYS F 924 -96.40 -129.88 -103.91
C LYS F 924 -95.52 -130.85 -103.13
N ILE F 925 -95.75 -132.16 -103.29
CA ILE F 925 -94.91 -133.14 -102.62
C ILE F 925 -93.47 -133.05 -103.11
N LYS F 926 -93.29 -132.92 -104.43
CA LYS F 926 -91.94 -132.85 -105.00
C LYS F 926 -91.21 -131.59 -104.53
N LEU F 927 -91.91 -130.46 -104.45
CA LEU F 927 -91.28 -129.20 -104.09
C LEU F 927 -91.17 -129.01 -102.58
N LEU F 928 -92.29 -129.13 -101.87
CA LEU F 928 -92.32 -128.92 -100.42
C LEU F 928 -91.74 -130.16 -99.73
N THR F 929 -90.42 -130.23 -99.73
CA THR F 929 -89.68 -131.32 -99.09
C THR F 929 -88.97 -130.85 -97.82
N GLY F 930 -89.44 -129.75 -97.23
CA GLY F 930 -88.82 -129.25 -96.02
C GLY F 930 -89.07 -130.16 -94.83
N LYS F 931 -88.26 -129.96 -93.79
CA LYS F 931 -88.39 -130.76 -92.58
C LYS F 931 -89.75 -130.56 -91.91
N ARG F 932 -90.21 -129.31 -91.85
CA ARG F 932 -91.51 -129.03 -91.24
C ARG F 932 -92.64 -129.71 -92.00
N VAL F 933 -92.61 -129.64 -93.33
CA VAL F 933 -93.67 -130.25 -94.14
C VAL F 933 -93.70 -131.76 -93.93
N GLN F 934 -92.53 -132.40 -93.97
CA GLN F 934 -92.46 -133.84 -93.78
C GLN F 934 -92.91 -134.24 -92.39
N LEU F 935 -92.50 -133.49 -91.37
CA LEU F 935 -92.91 -133.80 -90.00
C LEU F 935 -94.42 -133.66 -89.84
N ALA F 936 -95.01 -132.60 -90.40
CA ALA F 936 -96.45 -132.41 -90.32
C ALA F 936 -97.19 -133.53 -91.04
N GLU F 937 -96.69 -133.92 -92.22
CA GLU F 937 -97.33 -135.01 -92.96
C GLU F 937 -97.26 -136.32 -92.18
N ASP F 938 -96.10 -136.60 -91.58
CA ASP F 938 -95.97 -137.82 -90.79
C ASP F 938 -96.89 -137.80 -89.57
N LEU F 939 -96.99 -136.66 -88.90
CA LEU F 939 -97.88 -136.55 -87.75
C LEU F 939 -99.34 -136.75 -88.15
N LYS F 940 -99.75 -136.14 -89.28
CA LYS F 940 -101.11 -136.31 -89.74
C LYS F 940 -101.40 -137.76 -90.11
N LYS F 941 -100.46 -138.42 -90.78
CA LYS F 941 -100.64 -139.82 -91.15
C LYS F 941 -100.73 -140.70 -89.91
N VAL F 942 -99.89 -140.44 -88.91
CA VAL F 942 -99.93 -141.22 -87.68
C VAL F 942 -101.26 -141.02 -86.97
N ARG F 943 -101.74 -139.77 -86.92
CA ARG F 943 -103.02 -139.50 -86.28
C ARG F 943 -104.16 -140.21 -87.01
N GLU F 944 -104.14 -140.19 -88.34
CA GLU F 944 -105.18 -140.87 -89.11
C GLU F 944 -105.13 -142.38 -88.88
N ILE F 945 -103.93 -142.95 -88.84
CA ILE F 945 -103.78 -144.38 -88.60
C ILE F 945 -104.30 -144.75 -87.22
N GLN F 946 -103.97 -143.94 -86.22
CA GLN F 946 -104.45 -144.20 -84.87
C GLN F 946 -105.97 -144.08 -84.78
N GLU F 947 -106.56 -143.10 -85.46
CA GLU F 947 -108.01 -142.97 -85.47
C GLU F 947 -108.67 -144.17 -86.13
N LYS F 948 -108.10 -144.65 -87.25
CA LYS F 948 -108.63 -145.83 -87.91
C LYS F 948 -108.53 -147.06 -87.02
N LEU F 949 -107.42 -147.19 -86.30
CA LEU F 949 -107.25 -148.33 -85.39
C LEU F 949 -108.23 -148.25 -84.22
N ASP F 950 -108.48 -147.04 -83.71
CA ASP F 950 -109.47 -146.87 -82.65
C ASP F 950 -110.86 -147.23 -83.15
N ALA F 951 -111.19 -146.83 -84.38
CA ALA F 951 -112.49 -147.21 -84.96
C ALA F 951 -112.58 -148.72 -85.12
N PHE F 952 -111.49 -149.36 -85.55
CA PHE F 952 -111.48 -150.82 -85.65
C PHE F 952 -111.70 -151.48 -84.29
N ILE F 953 -111.03 -150.96 -83.26
CA ILE F 953 -111.19 -151.53 -81.91
C ILE F 953 -112.62 -151.36 -81.43
N GLU F 954 -113.21 -150.19 -81.66
CA GLU F 954 -114.59 -149.95 -81.25
C GLU F 954 -115.55 -150.88 -81.98
N ALA F 955 -115.35 -151.06 -83.29
CA ALA F 955 -116.21 -151.95 -84.06
C ALA F 955 -116.08 -153.39 -83.59
N LEU F 956 -114.85 -153.83 -83.31
CA LEU F 956 -114.64 -155.18 -82.81
C LEU F 956 -115.31 -155.38 -81.46
N HIS F 957 -115.20 -154.39 -80.57
CA HIS F 957 -115.84 -154.50 -79.26
C HIS F 957 -117.36 -154.52 -79.38
N GLN F 958 -117.92 -153.69 -80.27
CA GLN F 958 -119.37 -153.68 -80.45
C GLN F 958 -119.87 -154.98 -81.06
N GLU F 959 -119.16 -155.53 -82.05
CA GLU F 959 -119.60 -156.77 -82.68
C GLU F 959 -119.55 -157.93 -81.71
N LYS F 960 -118.51 -157.97 -80.87
CA LYS F 960 -118.39 -159.05 -79.85
C LYS F 960 -119.03 -158.58 -78.54
N SER G 263 -14.42 -109.77 -192.83
CA SER G 263 -13.33 -108.81 -192.66
C SER G 263 -13.64 -107.83 -191.53
N LEU G 264 -13.74 -106.55 -191.89
CA LEU G 264 -14.05 -105.53 -190.89
C LEU G 264 -15.44 -105.72 -190.31
N ILE G 265 -16.42 -106.07 -191.16
CA ILE G 265 -17.79 -106.23 -190.69
C ILE G 265 -17.91 -107.41 -189.74
N ASP G 266 -17.21 -108.52 -190.05
CA ASP G 266 -17.26 -109.68 -189.18
C ASP G 266 -16.64 -109.37 -187.82
N MET G 267 -15.50 -108.67 -187.81
CA MET G 267 -14.88 -108.30 -186.54
C MET G 267 -15.74 -107.33 -185.75
N TYR G 268 -16.40 -106.39 -186.43
CA TYR G 268 -17.31 -105.48 -185.75
C TYR G 268 -18.49 -106.23 -185.14
N SER G 269 -19.02 -107.21 -185.88
CA SER G 269 -20.13 -108.02 -185.34
C SER G 269 -19.67 -108.82 -184.12
N GLU G 270 -18.45 -109.37 -184.18
CA GLU G 270 -17.91 -110.08 -183.03
C GLU G 270 -17.74 -109.16 -181.82
N VAL G 271 -17.27 -107.93 -182.06
CA VAL G 271 -17.12 -106.97 -180.98
C VAL G 271 -18.47 -106.63 -180.37
N LEU G 272 -19.49 -106.43 -181.23
CA LEU G 272 -20.83 -106.15 -180.73
C LEU G 272 -21.38 -107.32 -179.92
N ASP G 273 -21.12 -108.55 -180.38
CA ASP G 273 -21.56 -109.72 -179.64
C ASP G 273 -20.88 -109.81 -178.28
N VAL G 274 -19.57 -109.50 -178.23
CA VAL G 274 -18.86 -109.49 -176.96
C VAL G 274 -19.43 -108.44 -176.02
N LEU G 275 -19.72 -107.25 -176.55
CA LEU G 275 -20.30 -106.19 -175.74
C LEU G 275 -21.67 -106.60 -175.21
N SER G 276 -22.49 -107.25 -176.04
CA SER G 276 -23.80 -107.71 -175.59
C SER G 276 -23.66 -108.77 -174.51
N ASP G 277 -22.72 -109.71 -174.67
CA ASP G 277 -22.50 -110.75 -173.67
C ASP G 277 -21.78 -110.25 -172.44
N TYR G 278 -21.26 -109.02 -172.46
CA TYR G 278 -20.58 -108.47 -171.29
C TYR G 278 -21.52 -108.36 -170.10
N ASP G 279 -22.75 -107.88 -170.32
CA ASP G 279 -23.72 -107.74 -169.26
C ASP G 279 -25.11 -107.72 -169.86
N ALA G 280 -26.10 -108.12 -169.05
CA ALA G 280 -27.49 -108.09 -169.49
C ALA G 280 -28.06 -106.68 -169.51
N SER G 281 -27.43 -105.74 -168.81
CA SER G 281 -27.88 -104.36 -168.79
C SER G 281 -27.30 -103.62 -170.00
N TYR G 282 -27.44 -102.30 -170.02
CA TYR G 282 -26.95 -101.46 -171.12
C TYR G 282 -26.06 -100.37 -170.53
N ASN G 283 -24.78 -100.68 -170.39
CA ASN G 283 -23.78 -99.74 -169.88
C ASN G 283 -22.75 -99.37 -170.95
N THR G 284 -22.08 -100.36 -171.52
CA THR G 284 -21.12 -100.13 -172.60
C THR G 284 -21.69 -100.49 -173.97
N GLN G 285 -22.88 -101.08 -174.03
CA GLN G 285 -23.49 -101.44 -175.31
C GLN G 285 -24.01 -100.23 -176.08
N ASP G 286 -24.19 -99.10 -175.41
CA ASP G 286 -24.69 -97.88 -176.04
C ASP G 286 -23.58 -97.00 -176.60
N HIS G 287 -22.33 -97.46 -176.54
CA HIS G 287 -21.23 -96.67 -177.07
C HIS G 287 -21.13 -96.80 -178.59
N LEU G 288 -20.98 -98.02 -179.09
CA LEU G 288 -20.91 -98.24 -180.52
C LEU G 288 -22.29 -98.09 -181.15
N PRO G 289 -22.38 -97.48 -182.34
CA PRO G 289 -23.69 -97.36 -183.00
C PRO G 289 -24.26 -98.72 -183.34
N ARG G 290 -25.59 -98.82 -183.24
CA ARG G 290 -26.30 -100.05 -183.55
C ARG G 290 -27.59 -99.69 -184.28
N VAL G 291 -27.71 -100.15 -185.53
CA VAL G 291 -28.91 -99.90 -186.31
C VAL G 291 -30.00 -100.85 -185.81
N VAL G 292 -31.03 -100.28 -185.19
CA VAL G 292 -32.12 -101.04 -184.59
C VAL G 292 -33.38 -100.80 -185.38
N VAL G 293 -34.06 -101.87 -185.79
CA VAL G 293 -35.31 -101.79 -186.54
C VAL G 293 -36.45 -102.08 -185.59
N VAL G 294 -37.31 -101.09 -185.37
CA VAL G 294 -38.44 -101.18 -184.46
C VAL G 294 -39.72 -100.90 -185.25
N GLY G 295 -40.71 -101.78 -185.10
CA GLY G 295 -41.97 -101.61 -185.78
C GLY G 295 -43.16 -101.79 -184.86
N ASP G 296 -44.35 -101.91 -185.43
CA ASP G 296 -45.58 -102.11 -184.69
C ASP G 296 -46.06 -103.54 -184.81
N GLN G 297 -46.92 -103.94 -183.87
CA GLN G 297 -47.45 -105.29 -183.88
C GLN G 297 -48.42 -105.48 -185.04
N SER G 298 -48.24 -106.58 -185.78
CA SER G 298 -49.09 -106.91 -186.93
C SER G 298 -49.09 -105.78 -187.96
N ALA G 299 -47.92 -105.15 -188.14
CA ALA G 299 -47.77 -104.05 -189.08
C ALA G 299 -47.07 -104.47 -190.37
N GLY G 300 -46.87 -105.77 -190.58
CA GLY G 300 -46.20 -106.23 -191.76
C GLY G 300 -44.71 -106.03 -191.79
N LYS G 301 -44.09 -105.73 -190.64
CA LYS G 301 -42.65 -105.52 -190.60
C LYS G 301 -41.88 -106.80 -190.91
N THR G 302 -42.49 -107.96 -190.66
CA THR G 302 -41.82 -109.22 -190.95
C THR G 302 -41.53 -109.37 -192.44
N SER G 303 -42.50 -109.01 -193.29
CA SER G 303 -42.29 -109.09 -194.73
C SER G 303 -41.18 -108.15 -195.19
N VAL G 304 -41.15 -106.94 -194.64
CA VAL G 304 -40.11 -105.98 -195.00
C VAL G 304 -38.74 -106.48 -194.57
N LEU G 305 -38.65 -107.04 -193.35
CA LEU G 305 -37.38 -107.58 -192.89
C LEU G 305 -36.93 -108.76 -193.74
N GLU G 306 -37.87 -109.62 -194.14
CA GLU G 306 -37.52 -110.73 -195.02
C GLU G 306 -37.03 -110.24 -196.38
N MET G 307 -37.69 -109.21 -196.93
CA MET G 307 -37.26 -108.66 -198.20
C MET G 307 -35.91 -107.97 -198.10
N ILE G 308 -35.58 -107.41 -196.93
CA ILE G 308 -34.27 -106.79 -196.75
C ILE G 308 -33.16 -107.84 -196.89
N ALA G 309 -33.35 -109.01 -196.26
CA ALA G 309 -32.40 -110.11 -196.38
C ALA G 309 -32.65 -110.97 -197.61
N GLN G 310 -33.70 -110.69 -198.39
CA GLN G 310 -34.04 -111.42 -199.60
C GLN G 310 -34.29 -112.91 -199.30
N ALA G 311 -34.81 -113.20 -198.11
CA ALA G 311 -35.10 -114.57 -197.72
C ALA G 311 -36.09 -114.56 -196.57
N ARG G 312 -36.96 -115.57 -196.53
CA ARG G 312 -37.94 -115.71 -195.46
C ARG G 312 -37.29 -116.45 -194.31
N ILE G 313 -36.80 -115.69 -193.32
CA ILE G 313 -36.14 -116.28 -192.16
C ILE G 313 -36.90 -116.03 -190.87
N PHE G 314 -37.79 -115.05 -190.80
CA PHE G 314 -38.55 -114.77 -189.60
C PHE G 314 -39.87 -115.52 -189.63
N PRO G 315 -40.17 -116.38 -188.66
CA PRO G 315 -41.45 -117.10 -188.68
C PRO G 315 -42.63 -116.14 -188.57
N ARG G 316 -43.72 -116.50 -189.25
CA ARG G 316 -44.92 -115.66 -189.25
C ARG G 316 -45.76 -115.95 -188.01
N GLY G 317 -46.47 -114.91 -187.56
CA GLY G 317 -47.32 -115.04 -186.40
C GLY G 317 -48.72 -114.49 -186.63
N SER G 318 -49.73 -115.30 -186.35
CA SER G 318 -51.13 -114.90 -186.53
C SER G 318 -51.60 -114.20 -185.27
N GLY G 319 -51.17 -112.94 -185.12
CA GLY G 319 -51.53 -112.12 -183.98
C GLY G 319 -50.60 -112.24 -182.79
N GLU G 320 -50.15 -113.46 -182.49
CA GLU G 320 -49.25 -113.68 -181.36
C GLU G 320 -47.88 -113.06 -181.65
N MET G 321 -47.26 -112.54 -180.58
CA MET G 321 -45.95 -111.92 -180.69
C MET G 321 -44.89 -113.01 -180.63
N MET G 322 -44.52 -113.50 -181.82
CA MET G 322 -43.51 -114.56 -181.90
C MET G 322 -42.15 -114.06 -181.43
N THR G 323 -41.78 -112.84 -181.82
CA THR G 323 -40.49 -112.26 -181.44
C THR G 323 -40.59 -111.71 -180.03
N ARG G 324 -39.99 -112.41 -179.06
CA ARG G 324 -39.98 -111.99 -177.67
C ARG G 324 -38.59 -111.65 -177.16
N SER G 325 -37.55 -111.83 -177.96
CA SER G 325 -36.19 -111.51 -177.58
C SER G 325 -35.51 -110.73 -178.68
N PRO G 326 -34.55 -109.88 -178.33
CA PRO G 326 -33.82 -109.13 -179.37
C PRO G 326 -33.09 -110.06 -180.33
N VAL G 327 -33.12 -109.70 -181.62
CA VAL G 327 -32.50 -110.49 -182.67
C VAL G 327 -31.50 -109.60 -183.40
N LYS G 328 -30.27 -110.06 -183.53
CA LYS G 328 -29.22 -109.34 -184.22
C LYS G 328 -29.03 -109.93 -185.61
N VAL G 329 -29.15 -109.10 -186.63
CA VAL G 329 -28.97 -109.51 -188.03
C VAL G 329 -27.77 -108.75 -188.57
N THR G 330 -26.70 -109.48 -188.89
CA THR G 330 -25.47 -108.88 -189.43
C THR G 330 -25.44 -109.13 -190.93
N LEU G 331 -25.54 -108.05 -191.71
CA LEU G 331 -25.51 -108.15 -193.16
C LEU G 331 -24.05 -108.12 -193.64
N SER G 332 -23.67 -109.12 -194.41
CA SER G 332 -22.32 -109.23 -194.93
C SER G 332 -22.35 -110.09 -196.19
N GLU G 333 -21.17 -110.31 -196.78
CA GLU G 333 -21.03 -111.11 -197.98
C GLU G 333 -20.03 -112.23 -197.72
N GLY G 334 -20.41 -113.45 -198.08
CA GLY G 334 -19.54 -114.59 -197.88
C GLY G 334 -19.47 -115.47 -199.12
N PRO G 335 -18.80 -116.63 -199.00
CA PRO G 335 -18.72 -117.54 -200.14
C PRO G 335 -20.07 -118.05 -200.62
N HIS G 336 -21.03 -118.22 -199.70
CA HIS G 336 -22.37 -118.70 -200.05
C HIS G 336 -23.41 -117.86 -199.34
N HIS G 337 -24.61 -117.83 -199.93
CA HIS G 337 -25.72 -117.07 -199.36
C HIS G 337 -26.39 -117.90 -198.27
N VAL G 338 -25.67 -118.05 -197.16
CA VAL G 338 -26.13 -118.84 -196.02
C VAL G 338 -26.11 -117.95 -194.78
N ALA G 339 -26.69 -118.47 -193.71
CA ALA G 339 -26.75 -117.81 -192.42
C ALA G 339 -26.08 -118.67 -191.36
N LEU G 340 -25.21 -118.05 -190.56
CA LEU G 340 -24.47 -118.75 -189.52
C LEU G 340 -24.56 -117.97 -188.22
N PHE G 341 -24.82 -118.69 -187.12
CA PHE G 341 -24.89 -118.06 -185.81
C PHE G 341 -23.50 -117.94 -185.21
N LYS G 342 -23.40 -117.15 -184.14
CA LYS G 342 -22.12 -116.98 -183.45
C LYS G 342 -21.67 -118.28 -182.79
N ASP G 343 -22.60 -119.01 -182.18
CA ASP G 343 -22.28 -120.24 -181.46
C ASP G 343 -22.77 -121.49 -182.19
N SER G 344 -22.88 -121.41 -183.52
CA SER G 344 -23.31 -122.54 -184.32
C SER G 344 -22.34 -122.75 -185.48
N SER G 345 -22.33 -123.99 -185.99
CA SER G 345 -21.47 -124.35 -187.10
C SER G 345 -22.22 -124.76 -188.36
N ARG G 346 -23.54 -124.88 -188.29
CA ARG G 346 -24.34 -125.27 -189.45
C ARG G 346 -24.71 -124.02 -190.25
N GLU G 347 -24.41 -124.05 -191.54
CA GLU G 347 -24.71 -122.92 -192.44
C GLU G 347 -26.13 -123.08 -192.97
N PHE G 348 -27.05 -122.30 -192.43
CA PHE G 348 -28.44 -122.34 -192.85
C PHE G 348 -28.59 -121.59 -194.17
N ASP G 349 -28.81 -122.32 -195.26
CA ASP G 349 -28.96 -121.70 -196.56
C ASP G 349 -30.25 -120.89 -196.63
N LEU G 350 -30.19 -119.78 -197.36
CA LEU G 350 -31.32 -118.87 -197.50
C LEU G 350 -32.10 -119.09 -198.78
N THR G 351 -31.81 -120.17 -199.52
CA THR G 351 -32.48 -120.46 -200.77
C THR G 351 -33.39 -121.67 -200.69
N LYS G 352 -32.88 -122.80 -200.22
CA LYS G 352 -33.69 -124.01 -200.12
C LYS G 352 -34.78 -123.86 -199.05
N GLU G 353 -35.97 -124.39 -199.35
CA GLU G 353 -37.08 -124.28 -198.41
C GLU G 353 -36.80 -125.06 -197.13
N GLU G 354 -36.18 -126.25 -197.25
CA GLU G 354 -35.87 -127.03 -196.06
C GLU G 354 -34.89 -126.31 -195.15
N ASP G 355 -33.86 -125.69 -195.74
CA ASP G 355 -32.90 -124.95 -194.93
C ASP G 355 -33.55 -123.74 -194.26
N LEU G 356 -34.45 -123.04 -194.97
CA LEU G 356 -35.16 -121.93 -194.37
C LEU G 356 -36.04 -122.40 -193.21
N ALA G 357 -36.73 -123.53 -193.38
CA ALA G 357 -37.55 -124.07 -192.30
C ALA G 357 -36.69 -124.45 -191.10
N ALA G 358 -35.53 -125.06 -191.34
CA ALA G 358 -34.63 -125.41 -190.25
C ALA G 358 -34.13 -124.16 -189.53
N LEU G 359 -33.80 -123.11 -190.28
CA LEU G 359 -33.37 -121.86 -189.66
C LEU G 359 -34.47 -121.24 -188.82
N ARG G 360 -35.71 -121.26 -189.33
CA ARG G 360 -36.83 -120.73 -188.55
C ARG G 360 -37.06 -121.54 -187.29
N HIS G 361 -36.95 -122.87 -187.39
CA HIS G 361 -37.10 -123.72 -186.20
C HIS G 361 -36.01 -123.43 -185.17
N GLU G 362 -34.77 -123.24 -185.64
CA GLU G 362 -33.68 -122.92 -184.72
C GLU G 362 -33.90 -121.57 -184.05
N ILE G 363 -34.38 -120.59 -184.82
CA ILE G 363 -34.66 -119.27 -184.25
C ILE G 363 -35.76 -119.37 -183.20
N GLU G 364 -36.82 -120.14 -183.50
CA GLU G 364 -37.90 -120.31 -182.53
C GLU G 364 -37.40 -121.01 -181.27
N LEU G 365 -36.55 -122.04 -181.43
CA LEU G 365 -36.00 -122.73 -180.26
C LEU G 365 -35.14 -121.79 -179.43
N ARG G 366 -34.33 -120.96 -180.07
CA ARG G 366 -33.51 -120.00 -179.33
C ARG G 366 -34.38 -118.98 -178.61
N MET G 367 -35.46 -118.52 -179.24
CA MET G 367 -36.38 -117.60 -178.59
C MET G 367 -37.03 -118.24 -177.37
N ARG G 368 -37.46 -119.50 -177.51
CA ARG G 368 -38.10 -120.18 -176.40
C ARG G 368 -37.12 -120.42 -175.25
N LYS G 369 -35.87 -120.77 -175.58
CA LYS G 369 -34.88 -121.01 -174.54
C LYS G 369 -34.60 -119.75 -173.72
N ASN G 370 -34.47 -118.60 -174.39
CA ASN G 370 -34.22 -117.36 -173.69
C ASN G 370 -35.39 -116.97 -172.79
N VAL G 371 -36.62 -117.12 -173.27
CA VAL G 371 -37.79 -116.75 -172.50
C VAL G 371 -38.00 -117.77 -171.39
N LYS G 372 -38.15 -117.28 -170.15
CA LYS G 372 -38.37 -118.16 -169.02
C LYS G 372 -39.78 -118.75 -169.07
N GLU G 373 -39.94 -119.89 -168.40
CA GLU G 373 -41.22 -120.59 -168.34
C GLU G 373 -42.15 -119.82 -167.40
N GLY G 374 -42.86 -118.84 -167.96
CA GLY G 374 -43.76 -118.02 -167.19
C GLY G 374 -43.64 -116.55 -167.52
N CYS G 375 -42.53 -116.15 -168.11
CA CYS G 375 -42.28 -114.77 -168.50
C CYS G 375 -42.64 -114.56 -169.96
N THR G 376 -42.56 -113.30 -170.38
CA THR G 376 -42.87 -112.91 -171.76
C THR G 376 -41.68 -112.32 -172.48
N VAL G 377 -40.98 -111.37 -171.86
CA VAL G 377 -39.83 -110.70 -172.46
C VAL G 377 -38.57 -111.14 -171.72
N SER G 378 -37.57 -111.58 -172.46
CA SER G 378 -36.31 -112.04 -171.89
C SER G 378 -35.20 -111.09 -172.25
N PRO G 379 -34.37 -110.67 -171.28
CA PRO G 379 -33.26 -109.76 -171.61
C PRO G 379 -32.19 -110.38 -172.49
N GLU G 380 -32.14 -111.70 -172.61
CA GLU G 380 -31.13 -112.35 -173.43
C GLU G 380 -31.35 -112.03 -174.91
N THR G 381 -30.25 -111.82 -175.62
CA THR G 381 -30.28 -111.46 -177.04
C THR G 381 -29.83 -112.65 -177.88
N ILE G 382 -30.21 -112.61 -179.16
CA ILE G 382 -29.86 -113.65 -180.13
C ILE G 382 -29.02 -113.01 -181.21
N SER G 383 -27.85 -113.61 -181.49
CA SER G 383 -26.92 -113.10 -182.48
C SER G 383 -26.95 -114.00 -183.71
N LEU G 384 -27.10 -113.39 -184.89
CA LEU G 384 -27.12 -114.11 -186.14
C LEU G 384 -26.37 -113.32 -187.20
N ASN G 385 -25.52 -114.02 -187.95
CA ASN G 385 -24.73 -113.42 -189.02
C ASN G 385 -25.24 -113.90 -190.36
N VAL G 386 -25.50 -112.97 -191.28
CA VAL G 386 -26.02 -113.28 -192.61
C VAL G 386 -24.94 -112.94 -193.63
N LYS G 387 -24.62 -113.91 -194.49
CA LYS G 387 -23.62 -113.74 -195.52
C LYS G 387 -24.20 -114.09 -196.88
N GLY G 388 -23.65 -113.47 -197.91
CA GLY G 388 -24.09 -113.71 -199.27
C GLY G 388 -23.90 -112.51 -200.17
N PRO G 389 -23.77 -112.76 -201.48
CA PRO G 389 -23.59 -111.65 -202.41
C PRO G 389 -24.84 -110.80 -202.53
N GLY G 390 -24.63 -109.53 -202.87
CA GLY G 390 -25.71 -108.58 -203.03
C GLY G 390 -26.18 -107.90 -201.76
N LEU G 391 -25.57 -108.19 -200.63
CA LEU G 391 -25.93 -107.58 -199.35
C LEU G 391 -24.95 -106.46 -199.01
N GLN G 392 -25.35 -105.64 -198.05
CA GLN G 392 -24.55 -104.53 -197.58
C GLN G 392 -23.74 -104.96 -196.36
N ARG G 393 -23.04 -104.01 -195.74
CA ARG G 393 -22.23 -104.26 -194.55
C ARG G 393 -22.79 -103.42 -193.41
N MET G 394 -23.74 -103.98 -192.69
CA MET G 394 -24.36 -103.29 -191.56
C MET G 394 -24.96 -104.34 -190.62
N VAL G 395 -25.27 -103.90 -189.41
CA VAL G 395 -25.84 -104.75 -188.37
C VAL G 395 -27.25 -104.26 -188.08
N LEU G 396 -28.23 -105.17 -188.19
CA LEU G 396 -29.62 -104.84 -187.94
C LEU G 396 -30.09 -105.53 -186.66
N VAL G 397 -30.81 -104.78 -185.83
CA VAL G 397 -31.32 -105.27 -184.56
C VAL G 397 -32.83 -105.30 -184.62
N ASP G 398 -33.42 -106.44 -184.28
CA ASP G 398 -34.86 -106.63 -184.29
C ASP G 398 -35.39 -106.64 -182.86
N LEU G 399 -36.44 -105.88 -182.61
CA LEU G 399 -37.06 -105.78 -181.31
C LEU G 399 -38.56 -106.01 -181.41
N PRO G 400 -39.18 -106.50 -180.34
CA PRO G 400 -40.64 -106.70 -180.37
C PRO G 400 -41.37 -105.38 -180.54
N GLY G 401 -42.53 -105.45 -181.19
CA GLY G 401 -43.31 -104.25 -181.43
C GLY G 401 -43.87 -103.65 -180.16
N VAL G 402 -44.16 -102.35 -180.24
CA VAL G 402 -44.69 -101.61 -179.10
C VAL G 402 -46.17 -101.94 -178.95
N ILE G 403 -46.57 -102.31 -177.74
CA ILE G 403 -47.95 -102.65 -177.44
C ILE G 403 -48.52 -101.60 -176.50
N ASN G 404 -49.85 -101.54 -176.46
CA ASN G 404 -50.57 -100.60 -175.61
C ASN G 404 -51.37 -101.27 -174.52
N THR G 405 -52.15 -102.30 -174.86
CA THR G 405 -52.95 -103.00 -173.88
C THR G 405 -52.08 -103.92 -173.02
N VAL G 406 -52.63 -104.32 -171.88
CA VAL G 406 -51.95 -105.20 -170.93
C VAL G 406 -52.72 -106.51 -170.85
N THR G 407 -52.03 -107.62 -171.05
CA THR G 407 -52.66 -108.93 -171.01
C THR G 407 -52.77 -109.41 -169.58
N SER G 408 -53.97 -109.83 -169.18
CA SER G 408 -54.18 -110.33 -167.83
C SER G 408 -53.50 -111.67 -167.61
N GLY G 409 -53.37 -112.47 -168.67
CA GLY G 409 -52.74 -113.78 -168.58
C GLY G 409 -51.23 -113.78 -168.62
N MET G 410 -50.61 -112.61 -168.73
CA MET G 410 -49.16 -112.47 -168.78
C MET G 410 -48.70 -111.52 -167.69
N ALA G 411 -47.41 -111.18 -167.72
CA ALA G 411 -46.86 -110.28 -166.71
C ALA G 411 -47.44 -108.88 -166.89
N PRO G 412 -47.97 -108.26 -165.83
CA PRO G 412 -48.52 -106.91 -165.96
C PRO G 412 -47.49 -105.86 -166.33
N ASP G 413 -46.20 -106.12 -166.08
CA ASP G 413 -45.14 -105.17 -166.37
C ASP G 413 -44.46 -105.44 -167.71
N THR G 414 -45.10 -106.24 -168.57
CA THR G 414 -44.52 -106.51 -169.89
C THR G 414 -44.39 -105.24 -170.72
N LYS G 415 -45.42 -104.40 -170.71
CA LYS G 415 -45.38 -103.15 -171.46
C LYS G 415 -44.30 -102.22 -170.91
N GLU G 416 -44.19 -102.15 -169.58
CA GLU G 416 -43.15 -101.32 -168.97
C GLU G 416 -41.76 -101.84 -169.31
N THR G 417 -41.58 -103.17 -169.30
CA THR G 417 -40.29 -103.74 -169.68
C THR G 417 -39.96 -103.44 -171.13
N ILE G 418 -40.94 -103.55 -172.02
CA ILE G 418 -40.71 -103.24 -173.43
C ILE G 418 -40.34 -101.78 -173.61
N PHE G 419 -41.04 -100.89 -172.91
CA PHE G 419 -40.72 -99.46 -173.00
C PHE G 419 -39.32 -99.17 -172.48
N SER G 420 -38.95 -99.80 -171.37
CA SER G 420 -37.60 -99.60 -170.83
C SER G 420 -36.53 -100.11 -171.79
N ILE G 421 -36.78 -101.27 -172.41
CA ILE G 421 -35.82 -101.80 -173.38
C ILE G 421 -35.69 -100.86 -174.58
N SER G 422 -36.83 -100.35 -175.06
CA SER G 422 -36.79 -99.42 -176.19
C SER G 422 -36.04 -98.15 -175.83
N LYS G 423 -36.27 -97.62 -174.63
CA LYS G 423 -35.56 -96.42 -174.20
C LYS G 423 -34.06 -96.68 -174.08
N ALA G 424 -33.67 -97.83 -173.53
CA ALA G 424 -32.26 -98.17 -173.42
C ALA G 424 -31.61 -98.30 -174.79
N TYR G 425 -32.32 -98.91 -175.74
CA TYR G 425 -31.80 -99.02 -177.10
C TYR G 425 -31.67 -97.65 -177.76
N MET G 426 -32.64 -96.77 -177.53
CA MET G 426 -32.60 -95.42 -178.11
C MET G 426 -31.61 -94.51 -177.37
N GLN G 427 -31.09 -94.93 -176.21
CA GLN G 427 -30.13 -94.11 -175.50
C GLN G 427 -28.85 -93.88 -176.29
N ASN G 428 -28.56 -94.72 -177.27
CA ASN G 428 -27.38 -94.54 -178.11
C ASN G 428 -27.58 -93.33 -179.01
N PRO G 429 -26.72 -92.31 -178.93
CA PRO G 429 -26.90 -91.14 -179.80
C PRO G 429 -26.74 -91.43 -181.28
N ASN G 430 -26.07 -92.53 -181.65
CA ASN G 430 -25.83 -92.88 -183.04
C ASN G 430 -26.60 -94.12 -183.47
N ALA G 431 -27.67 -94.47 -182.76
CA ALA G 431 -28.47 -95.64 -183.09
C ALA G 431 -29.43 -95.27 -184.24
N ILE G 432 -29.23 -95.90 -185.39
CA ILE G 432 -30.09 -95.66 -186.54
C ILE G 432 -31.37 -96.47 -186.36
N ILE G 433 -32.51 -95.79 -186.48
CA ILE G 433 -33.82 -96.41 -186.30
C ILE G 433 -34.48 -96.52 -187.65
N LEU G 434 -34.90 -97.73 -188.02
CA LEU G 434 -35.57 -98.00 -189.30
C LEU G 434 -37.04 -98.24 -189.00
N CYS G 435 -37.87 -97.22 -189.28
CA CYS G 435 -39.30 -97.30 -189.04
C CYS G 435 -40.00 -98.02 -190.19
N ILE G 436 -40.84 -98.99 -189.85
CA ILE G 436 -41.58 -99.77 -190.84
C ILE G 436 -43.07 -99.60 -190.54
N GLN G 437 -43.83 -99.24 -191.57
CA GLN G 437 -45.27 -99.04 -191.47
C GLN G 437 -45.99 -100.02 -192.37
N ASP G 438 -47.31 -99.87 -192.47
CA ASP G 438 -48.15 -100.73 -193.28
C ASP G 438 -49.03 -99.88 -194.19
N GLY G 439 -49.58 -100.52 -195.22
CA GLY G 439 -50.46 -99.82 -196.14
C GLY G 439 -51.71 -99.30 -195.47
N SER G 440 -52.27 -100.08 -194.55
CA SER G 440 -53.48 -99.69 -193.83
C SER G 440 -53.20 -98.83 -192.60
N VAL G 441 -51.93 -98.58 -192.29
CA VAL G 441 -51.53 -97.78 -191.13
C VAL G 441 -50.97 -96.46 -191.63
N ASP G 442 -51.54 -95.36 -191.14
CA ASP G 442 -51.09 -94.03 -191.55
C ASP G 442 -49.76 -93.69 -190.87
N ALA G 443 -49.15 -92.61 -191.35
CA ALA G 443 -47.88 -92.16 -190.78
C ALA G 443 -48.04 -91.73 -189.32
N GLU G 444 -49.12 -91.00 -189.02
CA GLU G 444 -49.37 -90.57 -187.66
C GLU G 444 -49.81 -91.72 -186.76
N ARG G 445 -50.36 -92.79 -187.33
CA ARG G 445 -50.79 -93.94 -186.55
C ARG G 445 -49.64 -94.83 -186.12
N SER G 446 -48.44 -94.62 -186.65
CA SER G 446 -47.28 -95.42 -186.30
C SER G 446 -46.70 -94.93 -184.97
N ILE G 447 -46.71 -95.79 -183.97
CA ILE G 447 -46.18 -95.42 -182.65
C ILE G 447 -44.68 -95.21 -182.73
N VAL G 448 -43.99 -96.04 -183.52
CA VAL G 448 -42.53 -95.92 -183.64
C VAL G 448 -42.15 -94.57 -184.26
N THR G 449 -42.87 -94.16 -185.30
CA THR G 449 -42.58 -92.88 -185.95
C THR G 449 -42.80 -91.71 -184.98
N ASP G 450 -43.90 -91.75 -184.22
CA ASP G 450 -44.17 -90.70 -183.25
C ASP G 450 -43.10 -90.66 -182.16
N LEU G 451 -42.68 -91.83 -181.69
CA LEU G 451 -41.63 -91.88 -180.67
C LEU G 451 -40.32 -91.33 -181.21
N VAL G 452 -39.97 -91.67 -182.44
CA VAL G 452 -38.74 -91.16 -183.05
C VAL G 452 -38.81 -89.65 -183.20
N SER G 453 -39.96 -89.13 -183.64
CA SER G 453 -40.12 -87.69 -183.79
C SER G 453 -40.01 -86.99 -182.45
N GLN G 454 -40.62 -87.55 -181.40
CA GLN G 454 -40.53 -86.95 -180.07
C GLN G 454 -39.09 -86.97 -179.56
N MET G 455 -38.39 -88.08 -179.74
CA MET G 455 -37.01 -88.18 -179.25
C MET G 455 -36.03 -87.41 -180.13
N ASP G 456 -36.28 -87.36 -181.44
CA ASP G 456 -35.39 -86.69 -182.39
C ASP G 456 -36.22 -85.74 -183.24
N PRO G 457 -36.56 -84.56 -182.71
CA PRO G 457 -37.33 -83.59 -183.51
C PRO G 457 -36.62 -83.16 -184.78
N HIS G 458 -35.28 -83.05 -184.75
CA HIS G 458 -34.56 -82.64 -185.95
C HIS G 458 -34.54 -83.74 -186.99
N GLY G 459 -34.29 -84.98 -186.58
CA GLY G 459 -34.26 -86.10 -187.51
C GLY G 459 -33.14 -86.02 -188.52
N ARG G 460 -31.96 -85.54 -188.09
CA ARG G 460 -30.82 -85.43 -188.98
C ARG G 460 -30.14 -86.76 -189.25
N ARG G 461 -30.40 -87.78 -188.43
CA ARG G 461 -29.81 -89.10 -188.60
C ARG G 461 -30.83 -90.20 -188.90
N THR G 462 -32.12 -89.91 -188.80
CA THR G 462 -33.17 -90.89 -189.07
C THR G 462 -33.76 -90.63 -190.45
N ILE G 463 -33.84 -91.68 -191.25
CA ILE G 463 -34.36 -91.60 -192.61
C ILE G 463 -35.63 -92.43 -192.68
N PHE G 464 -36.73 -91.80 -193.11
CA PHE G 464 -38.01 -92.49 -193.21
C PHE G 464 -38.06 -93.32 -194.47
N VAL G 465 -38.53 -94.56 -194.34
CA VAL G 465 -38.69 -95.49 -195.46
C VAL G 465 -40.15 -95.91 -195.51
N LEU G 466 -40.77 -95.76 -196.69
CA LEU G 466 -42.16 -96.10 -196.89
C LEU G 466 -42.25 -97.47 -197.55
N THR G 467 -43.01 -98.38 -196.93
CA THR G 467 -43.16 -99.73 -197.43
C THR G 467 -44.63 -100.02 -197.73
N LYS G 468 -44.85 -100.95 -198.65
CA LYS G 468 -46.20 -101.35 -199.08
C LYS G 468 -47.00 -100.15 -199.60
N VAL G 469 -46.42 -99.47 -200.59
CA VAL G 469 -47.08 -98.31 -201.18
C VAL G 469 -48.33 -98.72 -201.94
N ASP G 470 -48.29 -99.87 -202.63
CA ASP G 470 -49.44 -100.32 -203.41
C ASP G 470 -50.64 -100.60 -202.51
N LEU G 471 -50.41 -101.23 -201.36
CA LEU G 471 -51.51 -101.53 -200.44
C LEU G 471 -52.16 -100.25 -199.93
N ALA G 472 -51.34 -99.25 -199.58
CA ALA G 472 -51.90 -97.97 -199.14
C ALA G 472 -52.67 -97.29 -200.25
N GLU G 473 -52.14 -97.34 -201.48
CA GLU G 473 -52.81 -96.71 -202.62
C GLU G 473 -54.15 -97.37 -202.91
N LYS G 474 -54.21 -98.70 -202.82
CA LYS G 474 -55.45 -99.41 -203.11
C LYS G 474 -56.52 -99.16 -202.05
N ASN G 475 -56.16 -98.64 -200.89
CA ASN G 475 -57.11 -98.36 -199.82
C ASN G 475 -57.67 -96.95 -199.93
N VAL G 476 -58.19 -96.61 -201.12
CA VAL G 476 -58.76 -95.30 -201.48
C VAL G 476 -58.09 -94.15 -200.75
N ALA G 477 -56.76 -94.17 -200.70
CA ALA G 477 -56.02 -93.10 -200.03
C ALA G 477 -55.90 -91.89 -200.94
N SER G 478 -55.60 -90.75 -200.33
CA SER G 478 -55.44 -89.50 -201.06
C SER G 478 -54.03 -89.41 -201.63
N PRO G 479 -53.86 -89.25 -202.95
CA PRO G 479 -52.50 -89.14 -203.50
C PRO G 479 -51.75 -87.92 -203.01
N SER G 480 -52.44 -86.86 -202.58
CA SER G 480 -51.76 -85.68 -202.06
C SER G 480 -50.96 -85.99 -200.81
N ARG G 481 -51.53 -86.81 -199.91
CA ARG G 481 -50.81 -87.20 -198.70
C ARG G 481 -49.56 -88.00 -199.04
N ILE G 482 -49.68 -88.94 -199.99
CA ILE G 482 -48.52 -89.74 -200.39
C ILE G 482 -47.45 -88.85 -201.00
N GLN G 483 -47.86 -87.90 -201.85
CA GLN G 483 -46.89 -86.99 -202.46
C GLN G 483 -46.19 -86.14 -201.41
N GLN G 484 -46.95 -85.64 -200.42
CA GLN G 484 -46.35 -84.84 -199.36
C GLN G 484 -45.38 -85.67 -198.52
N ILE G 485 -45.73 -86.92 -198.23
CA ILE G 485 -44.86 -87.79 -197.45
C ILE G 485 -43.56 -88.06 -198.22
N ILE G 486 -43.69 -88.38 -199.51
CA ILE G 486 -42.51 -88.65 -200.33
C ILE G 486 -41.65 -87.40 -200.46
N GLU G 487 -42.27 -86.25 -200.73
CA GLU G 487 -41.52 -85.01 -200.87
C GLU G 487 -41.01 -84.50 -199.53
N GLY G 488 -41.68 -84.84 -198.43
CA GLY G 488 -41.24 -84.41 -197.12
C GLY G 488 -41.83 -83.09 -196.68
N LYS G 489 -43.10 -82.85 -197.01
CA LYS G 489 -43.80 -81.63 -196.64
C LYS G 489 -44.71 -81.83 -195.44
N LEU G 490 -44.66 -82.99 -194.79
CA LEU G 490 -45.51 -83.28 -193.65
C LEU G 490 -44.73 -83.63 -192.39
N PHE G 491 -43.61 -84.35 -192.52
CA PHE G 491 -42.83 -84.73 -191.36
C PHE G 491 -42.02 -83.54 -190.87
N PRO G 492 -42.17 -83.14 -189.60
CA PRO G 492 -41.37 -82.00 -189.10
C PRO G 492 -39.88 -82.25 -189.12
N MET G 493 -39.44 -83.50 -188.95
CA MET G 493 -38.02 -83.80 -188.94
C MET G 493 -37.40 -83.59 -190.32
N LYS G 494 -36.14 -83.15 -190.33
CA LYS G 494 -35.42 -82.89 -191.57
C LYS G 494 -34.56 -84.11 -191.89
N ALA G 495 -35.21 -85.13 -192.45
CA ALA G 495 -34.51 -86.35 -192.82
C ALA G 495 -33.63 -86.12 -194.04
N LEU G 496 -32.61 -86.97 -194.17
CA LEU G 496 -31.70 -86.86 -195.31
C LEU G 496 -32.37 -87.21 -196.63
N GLY G 497 -33.48 -87.93 -196.60
CA GLY G 497 -34.19 -88.27 -197.82
C GLY G 497 -35.41 -89.11 -197.50
N TYR G 498 -36.21 -89.35 -198.54
CA TYR G 498 -37.43 -90.14 -198.41
C TYR G 498 -37.56 -91.01 -199.65
N PHE G 499 -37.71 -92.32 -199.44
CA PHE G 499 -37.86 -93.28 -200.53
C PHE G 499 -39.06 -94.17 -200.26
N ALA G 500 -39.82 -94.45 -201.32
CA ALA G 500 -41.01 -95.28 -201.24
C ALA G 500 -40.76 -96.57 -202.01
N VAL G 501 -40.95 -97.71 -201.33
CA VAL G 501 -40.73 -99.02 -201.92
C VAL G 501 -41.94 -99.90 -201.62
N VAL G 502 -42.07 -100.98 -202.40
CA VAL G 502 -43.15 -101.94 -202.25
C VAL G 502 -42.53 -103.27 -201.84
N THR G 503 -43.00 -103.82 -200.72
CA THR G 503 -42.52 -105.09 -200.20
C THR G 503 -43.57 -106.19 -200.29
N GLY G 504 -44.35 -106.17 -201.37
CA GLY G 504 -45.39 -107.15 -201.57
C GLY G 504 -46.65 -106.84 -200.78
N LYS G 505 -47.59 -107.79 -200.83
CA LYS G 505 -48.86 -107.65 -200.14
C LYS G 505 -48.79 -108.06 -198.68
N GLY G 506 -47.64 -108.54 -198.21
CA GLY G 506 -47.50 -108.95 -196.83
C GLY G 506 -48.08 -110.30 -196.48
N ASN G 507 -48.51 -111.08 -197.48
CA ASN G 507 -49.09 -112.39 -197.23
C ASN G 507 -47.98 -113.41 -197.02
N SER G 508 -48.36 -114.68 -196.87
CA SER G 508 -47.41 -115.76 -196.64
C SER G 508 -47.45 -116.78 -197.78
N SER G 509 -47.77 -116.32 -198.99
CA SER G 509 -47.83 -117.21 -200.15
C SER G 509 -47.11 -116.63 -201.37
N GLU G 510 -46.31 -115.59 -201.19
CA GLU G 510 -45.57 -114.96 -202.28
C GLU G 510 -44.08 -115.17 -202.05
N SER G 511 -43.38 -115.70 -203.05
CA SER G 511 -41.96 -115.94 -202.93
C SER G 511 -41.19 -114.63 -203.00
N ILE G 512 -39.92 -114.68 -202.58
CA ILE G 512 -39.08 -113.48 -202.59
C ILE G 512 -38.86 -112.99 -204.01
N GLU G 513 -38.62 -113.92 -204.94
CA GLU G 513 -38.41 -113.53 -206.33
C GLU G 513 -39.66 -112.89 -206.93
N ALA G 514 -40.83 -113.42 -206.61
CA ALA G 514 -42.07 -112.85 -207.12
C ALA G 514 -42.29 -111.44 -206.58
N ILE G 515 -42.02 -111.23 -205.29
CA ILE G 515 -42.18 -109.91 -204.71
C ILE G 515 -41.18 -108.93 -205.32
N ARG G 516 -39.94 -109.38 -205.53
CA ARG G 516 -38.94 -108.51 -206.16
C ARG G 516 -39.35 -108.14 -207.58
N GLU G 517 -39.86 -109.10 -208.34
CA GLU G 517 -40.31 -108.81 -209.71
C GLU G 517 -41.49 -107.85 -209.71
N TYR G 518 -42.43 -108.03 -208.77
CA TYR G 518 -43.56 -107.11 -208.68
C TYR G 518 -43.10 -105.71 -208.32
N GLU G 519 -42.14 -105.59 -207.40
CA GLU G 519 -41.61 -104.28 -207.03
C GLU G 519 -40.91 -103.62 -208.21
N GLU G 520 -40.12 -104.41 -208.97
CA GLU G 520 -39.46 -103.85 -210.13
C GLU G 520 -40.46 -103.39 -211.18
N GLU G 521 -41.51 -104.17 -211.41
CA GLU G 521 -42.55 -103.77 -212.36
C GLU G 521 -43.26 -102.49 -211.90
N PHE G 522 -43.56 -102.40 -210.60
CA PHE G 522 -44.20 -101.20 -210.08
C PHE G 522 -43.29 -99.98 -210.22
N PHE G 523 -41.99 -100.15 -209.97
CA PHE G 523 -41.06 -99.04 -210.14
C PHE G 523 -40.97 -98.62 -211.60
N GLN G 524 -40.94 -99.59 -212.52
CA GLN G 524 -40.86 -99.26 -213.94
C GLN G 524 -42.13 -98.54 -214.41
N ASN G 525 -43.29 -99.01 -213.97
CA ASN G 525 -44.58 -98.42 -214.35
C ASN G 525 -45.38 -98.18 -213.08
N SER G 526 -45.44 -96.93 -212.64
CA SER G 526 -46.16 -96.54 -211.43
C SER G 526 -47.23 -95.51 -211.77
N LYS G 527 -48.34 -95.58 -211.04
CA LYS G 527 -49.45 -94.64 -211.23
C LYS G 527 -49.14 -93.25 -210.71
N LEU G 528 -48.09 -93.08 -209.91
CA LEU G 528 -47.72 -91.78 -209.37
C LEU G 528 -46.54 -91.13 -210.10
N LEU G 529 -45.65 -91.94 -210.68
CA LEU G 529 -44.52 -91.37 -211.40
C LEU G 529 -44.96 -90.71 -212.71
N LYS G 530 -46.02 -91.23 -213.33
CA LYS G 530 -46.51 -90.66 -214.58
C LYS G 530 -47.23 -89.33 -214.40
N THR G 531 -47.54 -88.94 -213.17
CA THR G 531 -48.21 -87.69 -212.89
C THR G 531 -47.24 -86.52 -212.68
N SER G 532 -45.93 -86.77 -212.79
CA SER G 532 -44.91 -85.74 -212.61
C SER G 532 -45.03 -85.06 -211.25
N MET G 533 -45.33 -85.84 -210.22
CA MET G 533 -45.46 -85.34 -208.87
C MET G 533 -44.40 -85.87 -207.92
N LEU G 534 -43.50 -86.73 -208.41
CA LEU G 534 -42.45 -87.30 -207.58
C LEU G 534 -41.10 -87.05 -208.22
N LYS G 535 -40.09 -86.85 -207.39
CA LYS G 535 -38.74 -86.58 -207.88
C LYS G 535 -38.15 -87.81 -208.55
N ALA G 536 -37.42 -87.59 -209.63
CA ALA G 536 -36.84 -88.69 -210.39
C ALA G 536 -35.64 -89.30 -209.67
N HIS G 537 -34.95 -88.52 -208.83
CA HIS G 537 -33.78 -89.01 -208.13
C HIS G 537 -34.11 -89.73 -206.82
N GLN G 538 -35.38 -89.81 -206.46
CA GLN G 538 -35.81 -90.50 -205.25
C GLN G 538 -36.33 -91.90 -205.53
N VAL G 539 -35.76 -92.59 -206.51
CA VAL G 539 -36.20 -93.93 -206.88
C VAL G 539 -35.14 -94.95 -206.46
N THR G 540 -35.48 -96.23 -206.55
CA THR G 540 -34.60 -97.34 -206.19
C THR G 540 -34.11 -97.21 -204.74
N THR G 541 -33.08 -97.99 -204.39
CA THR G 541 -32.54 -97.97 -203.05
C THR G 541 -31.01 -97.95 -203.01
N ARG G 542 -30.33 -97.93 -204.15
CA ARG G 542 -28.88 -98.01 -204.16
C ARG G 542 -28.24 -96.78 -203.50
N ASN G 543 -28.69 -95.59 -203.90
CA ASN G 543 -28.14 -94.37 -203.34
C ASN G 543 -28.42 -94.25 -201.84
N LEU G 544 -29.65 -94.59 -201.43
CA LEU G 544 -30.00 -94.55 -200.01
C LEU G 544 -29.15 -95.53 -199.22
N SER G 545 -28.98 -96.75 -199.74
CA SER G 545 -28.16 -97.75 -199.04
C SER G 545 -26.71 -97.29 -198.93
N LEU G 546 -26.16 -96.72 -200.01
CA LEU G 546 -24.79 -96.22 -199.95
C LEU G 546 -24.63 -95.10 -198.94
N ALA G 547 -25.59 -94.16 -198.91
CA ALA G 547 -25.52 -93.07 -197.95
C ALA G 547 -25.63 -93.57 -196.53
N VAL G 548 -26.53 -94.52 -196.28
CA VAL G 548 -26.68 -95.08 -194.94
C VAL G 548 -25.41 -95.81 -194.52
N SER G 549 -24.82 -96.58 -195.43
CA SER G 549 -23.58 -97.29 -195.11
C SER G 549 -22.45 -96.33 -194.81
N ASP G 550 -22.32 -95.26 -195.60
CA ASP G 550 -21.26 -94.29 -195.35
C ASP G 550 -21.47 -93.58 -194.01
N CYS G 551 -22.70 -93.19 -193.71
CA CYS G 551 -22.98 -92.54 -192.42
C CYS G 551 -22.69 -93.48 -191.26
N PHE G 552 -23.09 -94.74 -191.37
CA PHE G 552 -22.82 -95.71 -190.31
C PHE G 552 -21.33 -95.92 -190.14
N TRP G 553 -20.58 -96.02 -191.24
CA TRP G 553 -19.14 -96.21 -191.14
C TRP G 553 -18.46 -95.02 -190.48
N LYS G 554 -18.83 -93.80 -190.88
CA LYS G 554 -18.18 -92.63 -190.28
C LYS G 554 -18.56 -92.49 -188.80
N MET G 555 -19.82 -92.75 -188.45
CA MET G 555 -20.21 -92.62 -187.04
C MET G 555 -19.57 -93.70 -186.18
N VAL G 556 -19.43 -94.92 -186.70
CA VAL G 556 -18.78 -95.97 -185.93
C VAL G 556 -17.28 -95.72 -185.83
N ARG G 557 -16.67 -95.11 -186.86
CA ARG G 557 -15.27 -94.73 -186.75
C ARG G 557 -15.06 -93.67 -185.68
N GLU G 558 -15.92 -92.66 -185.65
CA GLU G 558 -15.82 -91.65 -184.60
C GLU G 558 -16.04 -92.26 -183.23
N SER G 559 -17.03 -93.15 -183.11
CA SER G 559 -17.32 -93.78 -181.82
C SER G 559 -16.15 -94.62 -181.35
N VAL G 560 -15.54 -95.39 -182.23
CA VAL G 560 -14.41 -96.23 -181.81
C VAL G 560 -13.18 -95.36 -181.50
N GLU G 561 -13.00 -94.25 -182.23
CA GLU G 561 -11.91 -93.34 -181.90
C GLU G 561 -12.08 -92.76 -180.51
N GLN G 562 -13.31 -92.36 -180.15
CA GLN G 562 -13.57 -91.86 -178.81
C GLN G 562 -13.40 -92.97 -177.76
N GLN G 563 -13.89 -94.17 -178.06
CA GLN G 563 -13.85 -95.25 -177.09
C GLN G 563 -12.44 -95.77 -176.85
N ALA G 564 -11.54 -95.64 -177.83
CA ALA G 564 -10.16 -96.07 -177.63
C ALA G 564 -9.52 -95.40 -176.42
N ASP G 565 -9.96 -94.18 -176.08
CA ASP G 565 -9.53 -93.51 -174.87
C ASP G 565 -10.54 -93.60 -173.74
N SER G 566 -11.85 -93.66 -174.08
CA SER G 566 -12.86 -93.75 -173.03
C SER G 566 -12.74 -95.03 -172.23
N PHE G 567 -12.52 -96.16 -172.91
CA PHE G 567 -12.38 -97.44 -172.21
C PHE G 567 -11.10 -97.50 -171.40
N LYS G 568 -10.01 -96.91 -171.91
CA LYS G 568 -8.78 -96.84 -171.14
C LYS G 568 -8.99 -96.02 -169.87
N ALA G 569 -9.68 -94.89 -169.98
CA ALA G 569 -9.96 -94.08 -168.80
C ALA G 569 -10.85 -94.83 -167.81
N THR G 570 -11.85 -95.56 -168.32
CA THR G 570 -12.72 -96.33 -167.45
C THR G 570 -11.94 -97.42 -166.72
N ARG G 571 -11.06 -98.12 -167.43
CA ARG G 571 -10.24 -99.15 -166.79
C ARG G 571 -9.32 -98.56 -165.74
N PHE G 572 -8.71 -97.41 -166.04
CA PHE G 572 -7.85 -96.76 -165.05
C PHE G 572 -8.64 -96.35 -163.81
N ASN G 573 -9.85 -95.80 -164.01
CA ASN G 573 -10.68 -95.40 -162.89
C ASN G 573 -11.08 -96.61 -162.05
N LEU G 574 -11.45 -97.72 -162.70
CA LEU G 574 -11.81 -98.93 -161.98
C LEU G 574 -10.64 -99.48 -161.18
N GLU G 575 -9.45 -99.49 -161.78
CA GLU G 575 -8.26 -99.95 -161.06
C GLU G 575 -7.96 -99.06 -159.87
N THR G 576 -8.08 -97.73 -160.04
CA THR G 576 -7.84 -96.81 -158.95
C THR G 576 -8.86 -97.03 -157.83
N GLU G 577 -10.13 -97.24 -158.18
CA GLU G 577 -11.16 -97.49 -157.18
C GLU G 577 -10.87 -98.77 -156.42
N TRP G 578 -10.48 -99.83 -157.13
CA TRP G 578 -10.17 -101.10 -156.46
C TRP G 578 -8.98 -100.95 -155.53
N LYS G 579 -7.95 -100.24 -155.97
CA LYS G 579 -6.78 -100.04 -155.11
C LYS G 579 -7.13 -99.19 -153.89
N ASN G 580 -7.95 -98.16 -154.06
CA ASN G 580 -8.28 -97.27 -152.94
C ASN G 580 -9.17 -97.97 -151.93
N ASN G 581 -10.17 -98.73 -152.41
CA ASN G 581 -11.05 -99.43 -151.49
C ASN G 581 -10.32 -100.52 -150.72
N TYR G 582 -9.32 -101.15 -151.34
CA TYR G 582 -8.55 -102.23 -150.75
C TYR G 582 -7.06 -101.92 -150.88
N PRO G 583 -6.54 -101.01 -150.05
CA PRO G 583 -5.11 -100.70 -150.13
C PRO G 583 -4.20 -101.89 -149.84
N ARG G 584 -4.64 -102.81 -148.98
CA ARG G 584 -3.82 -103.96 -148.60
C ARG G 584 -4.28 -105.25 -149.29
N LEU G 585 -5.26 -105.17 -150.19
CA LEU G 585 -5.77 -106.34 -150.90
C LEU G 585 -5.73 -106.07 -152.40
N ARG G 586 -5.18 -107.02 -153.14
CA ARG G 586 -5.10 -106.91 -154.59
C ARG G 586 -6.34 -107.55 -155.22
N GLU G 587 -6.32 -107.74 -156.54
CA GLU G 587 -7.46 -108.31 -157.24
C GLU G 587 -7.78 -109.69 -156.71
N LEU G 588 -9.06 -109.94 -156.44
CA LEU G 588 -9.54 -111.21 -155.89
C LEU G 588 -10.73 -111.66 -156.74
N ASP G 589 -10.44 -112.43 -157.79
CA ASP G 589 -11.48 -112.94 -158.67
C ASP G 589 -12.00 -114.28 -158.13
N ARG G 590 -12.88 -114.91 -158.91
CA ARG G 590 -13.50 -116.16 -158.46
C ARG G 590 -12.47 -117.27 -158.29
N ASN G 591 -11.54 -117.40 -159.25
CA ASN G 591 -10.57 -118.49 -159.21
C ASN G 591 -9.63 -118.37 -158.01
N GLU G 592 -9.04 -117.19 -157.82
CA GLU G 592 -8.10 -117.00 -156.72
C GLU G 592 -8.79 -117.14 -155.37
N LEU G 593 -10.00 -116.59 -155.23
CA LEU G 593 -10.72 -116.70 -153.97
C LEU G 593 -11.11 -118.15 -153.69
N PHE G 594 -11.54 -118.88 -154.72
CA PHE G 594 -11.87 -120.30 -154.52
C PHE G 594 -10.64 -121.10 -154.12
N GLU G 595 -9.50 -120.82 -154.75
CA GLU G 595 -8.27 -121.52 -154.39
C GLU G 595 -7.86 -121.19 -152.96
N LYS G 596 -7.98 -119.92 -152.56
CA LYS G 596 -7.66 -119.54 -151.19
C LYS G 596 -8.58 -120.21 -150.19
N ALA G 597 -9.87 -120.30 -150.51
CA ALA G 597 -10.81 -120.98 -149.63
C ALA G 597 -10.48 -122.47 -149.51
N LYS G 598 -10.12 -123.10 -150.63
CA LYS G 598 -9.72 -124.51 -150.59
C LYS G 598 -8.47 -124.69 -149.73
N ASN G 599 -7.49 -123.80 -149.89
CA ASN G 599 -6.28 -123.89 -149.08
C ASN G 599 -6.57 -123.69 -147.60
N GLU G 600 -7.45 -122.74 -147.28
CA GLU G 600 -7.83 -122.53 -145.88
C GLU G 600 -8.55 -123.74 -145.30
N ILE G 601 -9.41 -124.37 -146.09
CA ILE G 601 -10.10 -125.58 -145.64
C ILE G 601 -9.09 -126.69 -145.39
N LEU G 602 -8.12 -126.85 -146.29
CA LEU G 602 -7.09 -127.87 -146.12
C LEU G 602 -6.26 -127.59 -144.86
N ASP G 603 -5.90 -126.33 -144.62
CA ASP G 603 -5.15 -125.99 -143.42
C ASP G 603 -5.96 -126.26 -142.17
N GLU G 604 -7.25 -125.94 -142.19
CA GLU G 604 -8.10 -126.23 -141.03
C GLU G 604 -8.20 -127.73 -140.77
N VAL G 605 -8.33 -128.52 -141.84
CA VAL G 605 -8.38 -129.98 -141.68
C VAL G 605 -7.07 -130.50 -141.11
N ILE G 606 -5.94 -129.96 -141.59
CA ILE G 606 -4.64 -130.37 -141.08
C ILE G 606 -4.51 -130.04 -139.60
N SER G 607 -4.94 -128.83 -139.21
CA SER G 607 -4.88 -128.44 -137.80
C SER G 607 -5.78 -129.33 -136.95
N LEU G 608 -6.97 -129.66 -137.47
CA LEU G 608 -7.87 -130.57 -136.75
C LEU G 608 -7.23 -131.93 -136.55
N SER G 609 -6.57 -132.45 -137.59
CA SER G 609 -5.93 -133.76 -137.48
C SER G 609 -4.70 -133.71 -136.59
N GLN G 610 -4.09 -132.55 -136.42
CA GLN G 610 -2.86 -132.41 -135.65
C GLN G 610 -3.11 -132.17 -134.17
N VAL G 611 -4.37 -132.05 -133.74
CA VAL G 611 -4.67 -131.86 -132.32
C VAL G 611 -4.30 -133.12 -131.55
N THR G 612 -3.73 -132.94 -130.36
CA THR G 612 -3.32 -134.05 -129.52
C THR G 612 -4.52 -134.90 -129.15
N PRO G 613 -4.46 -136.23 -129.34
CA PRO G 613 -5.61 -137.08 -129.00
C PRO G 613 -5.99 -137.03 -127.53
N LYS G 614 -5.05 -136.74 -126.63
CA LYS G 614 -5.35 -136.72 -125.21
C LYS G 614 -6.38 -135.64 -124.87
N HIS G 615 -6.25 -134.46 -125.47
CA HIS G 615 -7.22 -133.39 -125.25
C HIS G 615 -8.60 -133.80 -125.76
N TRP G 616 -8.65 -134.47 -126.92
CA TRP G 616 -9.92 -134.97 -127.43
C TRP G 616 -10.55 -135.96 -126.47
N GLU G 617 -9.74 -136.89 -125.95
CA GLU G 617 -10.27 -137.88 -125.01
C GLU G 617 -10.80 -137.23 -123.75
N GLU G 618 -10.06 -136.25 -123.21
CA GLU G 618 -10.51 -135.56 -122.01
C GLU G 618 -11.81 -134.81 -122.25
N ILE G 619 -11.89 -134.08 -123.38
CA ILE G 619 -13.09 -133.32 -123.68
C ILE G 619 -14.29 -134.24 -123.87
N LEU G 620 -14.10 -135.32 -124.62
CA LEU G 620 -15.19 -136.26 -124.84
C LEU G 620 -15.65 -136.91 -123.54
N GLN G 621 -14.71 -137.31 -122.69
CA GLN G 621 -15.07 -137.92 -121.41
C GLN G 621 -15.84 -136.94 -120.54
N GLN G 622 -15.37 -135.69 -120.45
CA GLN G 622 -16.04 -134.71 -119.62
C GLN G 622 -17.44 -134.41 -120.15
N SER G 623 -17.57 -134.23 -121.47
CA SER G 623 -18.88 -133.92 -122.05
C SER G 623 -19.84 -135.09 -121.85
N LEU G 624 -19.38 -136.32 -122.10
CA LEU G 624 -20.25 -137.48 -121.93
C LEU G 624 -20.67 -137.65 -120.48
N TRP G 625 -19.75 -137.46 -119.53
CA TRP G 625 -20.09 -137.59 -118.13
C TRP G 625 -21.12 -136.54 -117.72
N GLU G 626 -20.92 -135.28 -118.16
CA GLU G 626 -21.88 -134.23 -117.84
C GLU G 626 -23.23 -134.52 -118.46
N ARG G 627 -23.24 -135.15 -119.64
CA ARG G 627 -24.51 -135.43 -120.31
C ARG G 627 -25.25 -136.58 -119.63
N VAL G 628 -24.54 -137.62 -119.21
CA VAL G 628 -25.20 -138.84 -118.73
C VAL G 628 -25.25 -138.91 -117.20
N SER G 629 -24.77 -137.88 -116.50
CA SER G 629 -24.85 -137.89 -115.05
C SER G 629 -26.29 -138.00 -114.57
N THR G 630 -27.17 -137.17 -115.12
CA THR G 630 -28.58 -137.20 -114.72
C THR G 630 -29.23 -138.54 -115.09
N HIS G 631 -28.92 -139.06 -116.28
CA HIS G 631 -29.48 -140.33 -116.70
C HIS G 631 -29.05 -141.45 -115.76
N VAL G 632 -27.76 -141.49 -115.42
CA VAL G 632 -27.25 -142.52 -114.51
C VAL G 632 -27.91 -142.39 -113.15
N ILE G 633 -28.03 -141.15 -112.63
CA ILE G 633 -28.64 -140.96 -111.33
C ILE G 633 -30.08 -141.46 -111.33
N GLU G 634 -30.87 -141.02 -112.30
CA GLU G 634 -32.29 -141.36 -112.36
C GLU G 634 -32.54 -142.82 -112.74
N ASN G 635 -31.55 -143.51 -113.31
CA ASN G 635 -31.71 -144.91 -113.64
C ASN G 635 -31.08 -145.85 -112.62
N ILE G 636 -30.29 -145.33 -111.68
CA ILE G 636 -29.66 -146.19 -110.68
C ILE G 636 -30.21 -145.88 -109.29
N TYR G 637 -30.06 -144.64 -108.84
CA TYR G 637 -30.43 -144.31 -107.46
C TYR G 637 -31.94 -144.25 -107.27
N LEU G 638 -32.68 -143.82 -108.30
CA LEU G 638 -34.13 -143.74 -108.16
C LEU G 638 -34.78 -145.09 -107.90
N PRO G 639 -34.46 -146.18 -108.62
CA PRO G 639 -35.04 -147.47 -108.24
C PRO G 639 -34.43 -148.03 -106.96
N ALA G 640 -33.11 -147.93 -106.79
CA ALA G 640 -32.43 -148.45 -105.60
C ALA G 640 -32.25 -147.34 -104.56
N ALA G 641 -33.38 -146.78 -104.14
CA ALA G 641 -33.37 -145.69 -103.18
C ALA G 641 -33.45 -146.14 -101.73
N GLN G 642 -33.65 -147.44 -101.48
CA GLN G 642 -33.77 -147.94 -100.12
C GLN G 642 -32.87 -149.16 -99.87
N THR G 643 -31.85 -149.36 -100.71
CA THR G 643 -30.94 -150.47 -100.51
C THR G 643 -30.07 -150.24 -99.27
N MET G 644 -29.87 -151.31 -98.50
CA MET G 644 -29.05 -151.25 -97.29
C MET G 644 -27.69 -151.90 -97.48
N ASN G 645 -27.66 -153.10 -98.05
CA ASN G 645 -26.39 -153.79 -98.28
C ASN G 645 -25.69 -153.23 -99.51
N SER G 646 -24.38 -153.02 -99.39
CA SER G 646 -23.61 -152.49 -100.51
C SER G 646 -23.53 -153.50 -101.65
N GLY G 647 -23.54 -154.79 -101.34
CA GLY G 647 -23.47 -155.80 -102.40
C GLY G 647 -24.67 -155.77 -103.32
N THR G 648 -25.87 -155.64 -102.75
CA THR G 648 -27.06 -155.54 -103.58
C THR G 648 -27.04 -154.30 -104.46
N PHE G 649 -26.59 -153.17 -103.90
CA PHE G 649 -26.48 -151.95 -104.68
C PHE G 649 -25.49 -152.12 -105.83
N ASN G 650 -24.34 -152.74 -105.56
CA ASN G 650 -23.36 -152.97 -106.61
C ASN G 650 -23.90 -153.90 -107.69
N THR G 651 -24.64 -154.95 -107.29
CA THR G 651 -25.24 -155.85 -108.26
C THR G 651 -26.25 -155.12 -109.13
N THR G 652 -27.08 -154.27 -108.52
CA THR G 652 -28.05 -153.51 -109.28
C THR G 652 -27.36 -152.54 -110.24
N VAL G 653 -26.27 -151.91 -109.80
CA VAL G 653 -25.51 -151.02 -110.66
C VAL G 653 -24.95 -151.77 -111.86
N ASP G 654 -24.38 -152.95 -111.61
CA ASP G 654 -23.84 -153.76 -112.70
C ASP G 654 -24.92 -154.19 -113.68
N ILE G 655 -26.09 -154.57 -113.16
CA ILE G 655 -27.19 -154.98 -114.02
C ILE G 655 -27.64 -153.82 -114.90
N LYS G 656 -27.79 -152.63 -114.29
CA LYS G 656 -28.22 -151.47 -115.05
C LYS G 656 -27.18 -151.08 -116.10
N LEU G 657 -25.90 -151.14 -115.75
CA LEU G 657 -24.84 -150.82 -116.71
C LEU G 657 -24.84 -151.79 -117.88
N LYS G 658 -24.99 -153.08 -117.58
CA LYS G 658 -25.02 -154.07 -118.66
C LYS G 658 -26.24 -153.86 -119.56
N GLN G 659 -27.40 -153.58 -118.97
CA GLN G 659 -28.59 -153.32 -119.77
C GLN G 659 -28.41 -152.09 -120.65
N TRP G 660 -27.83 -151.03 -120.10
CA TRP G 660 -27.60 -149.82 -120.88
C TRP G 660 -26.63 -150.08 -122.02
N THR G 661 -25.54 -150.81 -121.76
CA THR G 661 -24.58 -151.12 -122.80
C THR G 661 -25.23 -151.96 -123.90
N ASP G 662 -26.08 -152.91 -123.53
CA ASP G 662 -26.72 -153.76 -124.53
C ASP G 662 -27.75 -152.99 -125.34
N LYS G 663 -28.50 -152.08 -124.70
CA LYS G 663 -29.65 -151.48 -125.37
C LYS G 663 -29.28 -150.33 -126.30
N GLN G 664 -28.76 -149.23 -125.73
CA GLN G 664 -28.58 -148.02 -126.53
C GLN G 664 -27.32 -147.23 -126.21
N LEU G 665 -26.46 -147.71 -125.30
CA LEU G 665 -25.28 -146.92 -124.95
C LEU G 665 -24.35 -146.66 -126.11
N PRO G 666 -24.00 -147.64 -126.97
CA PRO G 666 -23.16 -147.31 -128.13
C PRO G 666 -23.78 -146.26 -129.04
N ASN G 667 -25.10 -146.31 -129.24
CA ASN G 667 -25.75 -145.32 -130.09
C ASN G 667 -25.65 -143.93 -129.48
N LYS G 668 -25.87 -143.82 -128.17
CA LYS G 668 -25.75 -142.54 -127.49
C LYS G 668 -24.32 -142.01 -127.56
N ALA G 669 -23.33 -142.89 -127.38
CA ALA G 669 -21.93 -142.48 -127.48
C ALA G 669 -21.60 -141.99 -128.88
N VAL G 670 -22.08 -142.69 -129.91
CA VAL G 670 -21.84 -142.27 -131.29
C VAL G 670 -22.49 -140.92 -131.55
N GLU G 671 -23.71 -140.72 -131.08
CA GLU G 671 -24.39 -139.44 -131.27
C GLU G 671 -23.65 -138.32 -130.57
N VAL G 672 -23.18 -138.56 -129.34
CA VAL G 672 -22.45 -137.54 -128.60
C VAL G 672 -21.15 -137.20 -129.30
N ALA G 673 -20.42 -138.21 -129.78
CA ALA G 673 -19.18 -137.95 -130.49
C ALA G 673 -19.43 -137.16 -131.78
N TRP G 674 -20.47 -137.51 -132.52
CA TRP G 674 -20.78 -136.79 -133.75
C TRP G 674 -21.17 -135.35 -133.46
N GLU G 675 -21.95 -135.13 -132.40
CA GLU G 675 -22.34 -133.77 -132.02
C GLU G 675 -21.12 -132.95 -131.61
N THR G 676 -20.20 -133.55 -130.86
CA THR G 676 -18.98 -132.84 -130.47
C THR G 676 -18.13 -132.50 -131.68
N LEU G 677 -18.01 -133.44 -132.62
CA LEU G 677 -17.26 -133.17 -133.84
C LEU G 677 -17.90 -132.04 -134.64
N GLN G 678 -19.23 -132.04 -134.74
CA GLN G 678 -19.92 -130.97 -135.44
C GLN G 678 -19.69 -129.62 -134.75
N GLU G 679 -19.74 -129.60 -133.42
CA GLU G 679 -19.49 -128.36 -132.69
C GLU G 679 -18.08 -127.85 -132.91
N GLU G 680 -17.09 -128.74 -132.86
CA GLU G 680 -15.71 -128.34 -133.11
C GLU G 680 -15.54 -127.81 -134.53
N PHE G 681 -16.14 -128.49 -135.51
CA PHE G 681 -16.04 -128.04 -136.89
C PHE G 681 -16.69 -126.67 -137.06
N SER G 682 -17.86 -126.45 -136.46
CA SER G 682 -18.53 -125.16 -136.55
C SER G 682 -17.72 -124.06 -135.89
N ARG G 683 -17.12 -124.35 -134.73
CA ARG G 683 -16.31 -123.34 -134.06
C ARG G 683 -15.07 -123.00 -134.88
N PHE G 684 -14.45 -124.01 -135.51
CA PHE G 684 -13.30 -123.74 -136.37
C PHE G 684 -13.69 -122.93 -137.60
N MET G 685 -14.85 -123.25 -138.20
CA MET G 685 -15.30 -122.50 -139.37
C MET G 685 -15.63 -121.05 -139.01
N THR G 686 -16.27 -120.83 -137.86
CA THR G 686 -16.64 -119.49 -137.40
C THR G 686 -15.76 -119.16 -136.20
N GLU G 687 -14.59 -118.60 -136.47
CA GLU G 687 -13.61 -118.24 -135.44
C GLU G 687 -13.25 -116.77 -135.62
N PRO G 688 -14.04 -115.86 -135.07
CA PRO G 688 -13.82 -114.41 -135.28
C PRO G 688 -12.68 -113.87 -134.42
N LYS G 689 -11.52 -114.53 -134.49
CA LYS G 689 -10.33 -114.01 -133.81
C LYS G 689 -9.88 -112.69 -134.42
N GLY G 690 -9.94 -112.58 -135.74
CA GLY G 690 -9.56 -111.34 -136.39
C GLY G 690 -10.56 -110.23 -136.14
N LYS G 691 -10.06 -109.00 -136.17
CA LYS G 691 -10.91 -107.84 -135.91
C LYS G 691 -11.90 -107.57 -137.03
N GLU G 692 -11.63 -108.07 -138.24
CA GLU G 692 -12.53 -107.83 -139.37
C GLU G 692 -13.55 -108.95 -139.50
N HIS G 693 -13.07 -110.18 -139.69
CA HIS G 693 -13.91 -111.37 -139.83
C HIS G 693 -15.02 -111.15 -140.87
N ASP G 694 -14.57 -110.95 -142.11
CA ASP G 694 -15.49 -110.73 -143.22
C ASP G 694 -16.46 -111.91 -143.35
N ASP G 695 -17.74 -111.59 -143.51
CA ASP G 695 -18.78 -112.61 -143.58
C ASP G 695 -18.92 -113.24 -144.96
N ILE G 696 -18.30 -112.66 -145.99
CA ILE G 696 -18.37 -113.24 -147.32
C ILE G 696 -17.77 -114.63 -147.33
N PHE G 697 -16.59 -114.78 -146.71
CA PHE G 697 -15.98 -116.11 -146.61
C PHE G 697 -16.71 -116.96 -145.58
N ASP G 698 -17.27 -116.34 -144.54
CA ASP G 698 -17.95 -117.09 -143.49
C ASP G 698 -19.19 -117.80 -144.03
N LYS G 699 -19.95 -117.14 -144.91
CA LYS G 699 -21.13 -117.78 -145.48
C LYS G 699 -20.75 -119.01 -146.31
N LEU G 700 -19.69 -118.89 -147.11
CA LEU G 700 -19.22 -120.03 -147.90
C LEU G 700 -18.74 -121.16 -146.99
N LYS G 701 -18.03 -120.81 -145.92
CA LYS G 701 -17.55 -121.82 -144.98
C LYS G 701 -18.72 -122.54 -144.33
N GLU G 702 -19.75 -121.80 -143.92
CA GLU G 702 -20.93 -122.42 -143.31
C GLU G 702 -21.66 -123.32 -144.31
N ALA G 703 -21.77 -122.87 -145.56
CA ALA G 703 -22.42 -123.70 -146.58
C ALA G 703 -21.64 -125.00 -146.81
N VAL G 704 -20.32 -124.90 -146.87
CA VAL G 704 -19.49 -126.09 -147.06
C VAL G 704 -19.62 -127.02 -145.86
N LYS G 705 -19.65 -126.46 -144.65
CA LYS G 705 -19.82 -127.27 -143.45
C LYS G 705 -21.16 -127.99 -143.45
N GLU G 706 -22.23 -127.29 -143.83
CA GLU G 706 -23.54 -127.93 -143.89
C GLU G 706 -23.57 -129.04 -144.94
N GLU G 707 -22.96 -128.79 -146.11
CA GLU G 707 -22.91 -129.82 -147.15
C GLU G 707 -22.13 -131.04 -146.69
N SER G 708 -21.00 -130.82 -146.01
CA SER G 708 -20.22 -131.95 -145.51
C SER G 708 -20.98 -132.72 -144.44
N ILE G 709 -21.69 -132.01 -143.56
CA ILE G 709 -22.46 -132.67 -142.52
C ILE G 709 -23.57 -133.52 -143.13
N LYS G 710 -24.27 -132.97 -144.13
CA LYS G 710 -25.34 -133.72 -144.78
C LYS G 710 -24.80 -134.89 -145.58
N ARG G 711 -23.61 -134.76 -146.17
CA ARG G 711 -23.02 -135.82 -146.97
C ARG G 711 -22.25 -136.85 -146.14
N HIS G 712 -22.03 -136.57 -144.86
CA HIS G 712 -21.25 -137.48 -144.03
C HIS G 712 -22.00 -138.80 -143.83
N LYS G 713 -21.25 -139.89 -143.79
CA LYS G 713 -21.79 -141.24 -143.63
C LYS G 713 -21.12 -141.92 -142.45
N TRP G 714 -21.79 -142.94 -141.92
CA TRP G 714 -21.28 -143.71 -140.78
C TRP G 714 -21.30 -145.19 -141.14
N ASN G 715 -20.39 -145.94 -140.51
CA ASN G 715 -20.22 -147.36 -140.75
C ASN G 715 -20.74 -148.15 -139.56
N ASP G 716 -21.59 -149.14 -139.83
CA ASP G 716 -22.13 -149.96 -138.74
C ASP G 716 -21.06 -150.87 -138.13
N PHE G 717 -20.02 -151.19 -138.89
CA PHE G 717 -18.92 -151.98 -138.34
C PHE G 717 -18.23 -151.23 -137.20
N ALA G 718 -18.08 -149.91 -137.35
CA ALA G 718 -17.52 -149.10 -136.27
C ALA G 718 -18.42 -149.14 -135.04
N GLU G 719 -19.73 -149.08 -135.24
CA GLU G 719 -20.66 -149.18 -134.12
C GLU G 719 -20.55 -150.52 -133.41
N ASP G 720 -20.46 -151.61 -134.18
CA ASP G 720 -20.32 -152.93 -133.57
C ASP G 720 -19.01 -153.04 -132.80
N SER G 721 -17.92 -152.53 -133.37
CA SER G 721 -16.64 -152.55 -132.66
C SER G 721 -16.70 -151.73 -131.38
N LEU G 722 -17.36 -150.57 -131.43
CA LEU G 722 -17.51 -149.74 -130.23
C LEU G 722 -18.32 -150.48 -129.17
N ARG G 723 -19.40 -151.16 -129.58
CA ARG G 723 -20.20 -151.93 -128.62
C ARG G 723 -19.38 -153.04 -127.99
N VAL G 724 -18.60 -153.76 -128.81
CA VAL G 724 -17.78 -154.86 -128.29
C VAL G 724 -16.75 -154.33 -127.31
N ILE G 725 -16.09 -153.22 -127.65
CA ILE G 725 -15.07 -152.67 -126.77
C ILE G 725 -15.69 -152.13 -125.48
N GLN G 726 -16.86 -151.52 -125.57
CA GLN G 726 -17.54 -151.04 -124.36
C GLN G 726 -17.91 -152.20 -123.45
N HIS G 727 -18.40 -153.31 -124.02
CA HIS G 727 -18.69 -154.48 -123.21
C HIS G 727 -17.44 -155.09 -122.60
N ASN G 728 -16.33 -155.10 -123.35
CA ASN G 728 -15.10 -155.71 -122.85
C ASN G 728 -14.38 -154.81 -121.83
N ALA G 729 -14.70 -153.52 -121.81
CA ALA G 729 -14.01 -152.59 -120.93
C ALA G 729 -14.46 -152.76 -119.47
N LEU G 730 -14.12 -153.89 -118.87
CA LEU G 730 -14.40 -154.18 -117.47
C LEU G 730 -13.15 -154.73 -116.79
N GLU G 731 -12.02 -154.07 -117.02
CA GLU G 731 -10.72 -154.56 -116.58
C GLU G 731 -10.47 -154.29 -115.09
N ASP G 732 -10.44 -153.03 -114.69
CA ASP G 732 -10.10 -152.65 -113.33
C ASP G 732 -11.36 -152.43 -112.50
N ARG G 733 -11.33 -152.92 -111.26
CA ARG G 733 -12.48 -152.79 -110.36
C ARG G 733 -12.12 -152.33 -108.96
N SER G 734 -10.84 -152.11 -108.65
CA SER G 734 -10.44 -151.69 -107.32
C SER G 734 -9.30 -150.70 -107.42
N ILE G 735 -9.14 -149.89 -106.37
CA ILE G 735 -8.08 -148.89 -106.29
C ILE G 735 -7.03 -149.37 -105.30
N SER G 736 -5.78 -149.44 -105.76
CA SER G 736 -4.66 -149.82 -104.91
C SER G 736 -3.66 -148.68 -104.74
N ASP G 737 -4.03 -147.46 -105.13
CA ASP G 737 -3.15 -146.31 -105.04
C ASP G 737 -3.80 -145.24 -104.18
N LYS G 738 -3.02 -144.69 -103.24
CA LYS G 738 -3.53 -143.62 -102.40
C LYS G 738 -3.83 -142.37 -103.21
N GLN G 739 -2.97 -142.04 -104.17
CA GLN G 739 -3.19 -140.86 -105.00
C GLN G 739 -4.43 -141.01 -105.86
N GLN G 740 -4.63 -142.19 -106.45
CA GLN G 740 -5.84 -142.44 -107.23
C GLN G 740 -7.08 -142.38 -106.35
N TRP G 741 -6.98 -142.91 -105.13
CA TRP G 741 -8.10 -142.83 -104.20
C TRP G 741 -8.45 -141.39 -103.87
N ASP G 742 -7.43 -140.55 -103.63
CA ASP G 742 -7.67 -139.14 -103.35
C ASP G 742 -8.27 -138.42 -104.55
N ALA G 743 -7.79 -138.75 -105.76
CA ALA G 743 -8.36 -138.13 -106.96
C ALA G 743 -9.82 -138.53 -107.14
N ALA G 744 -10.15 -139.80 -106.91
CA ALA G 744 -11.54 -140.24 -106.99
C ALA G 744 -12.39 -139.54 -105.93
N ILE G 745 -11.85 -139.38 -104.72
CA ILE G 745 -12.57 -138.68 -103.66
C ILE G 745 -12.86 -137.24 -104.08
N TYR G 746 -11.85 -136.57 -104.64
CA TYR G 746 -12.05 -135.18 -105.06
C TYR G 746 -13.07 -135.06 -106.19
N PHE G 747 -13.02 -135.98 -107.16
CA PHE G 747 -14.00 -135.95 -108.25
C PHE G 747 -15.42 -136.20 -107.72
N MET G 748 -15.56 -137.18 -106.82
CA MET G 748 -16.87 -137.45 -106.23
C MET G 748 -17.36 -136.26 -105.41
N GLU G 749 -16.47 -135.61 -104.68
CA GLU G 749 -16.84 -134.42 -103.91
C GLU G 749 -17.30 -133.30 -104.83
N GLU G 750 -16.61 -133.10 -105.95
CA GLU G 750 -17.02 -132.08 -106.91
C GLU G 750 -18.40 -132.39 -107.47
N ALA G 751 -18.63 -133.66 -107.85
CA ALA G 751 -19.93 -134.03 -108.40
C ALA G 751 -21.04 -133.85 -107.36
N LEU G 752 -20.78 -134.25 -106.12
CA LEU G 752 -21.79 -134.12 -105.07
C LEU G 752 -22.05 -132.66 -104.73
N GLN G 753 -21.02 -131.82 -104.78
CA GLN G 753 -21.22 -130.39 -104.56
C GLN G 753 -22.05 -129.77 -105.67
N ALA G 754 -21.81 -130.19 -106.91
CA ALA G 754 -22.63 -129.71 -108.02
C ALA G 754 -24.09 -130.14 -107.85
N ARG G 755 -24.30 -131.39 -107.45
CA ARG G 755 -25.66 -131.87 -107.21
C ARG G 755 -26.32 -131.11 -106.07
N LEU G 756 -25.56 -130.83 -105.01
CA LEU G 756 -26.10 -130.06 -103.88
C LEU G 756 -26.48 -128.64 -104.31
N LYS G 757 -25.63 -128.01 -105.14
CA LYS G 757 -25.97 -126.69 -105.64
C LYS G 757 -27.23 -126.71 -106.51
N ASP G 758 -27.37 -127.73 -107.36
CA ASP G 758 -28.57 -127.86 -108.16
C ASP G 758 -29.81 -128.04 -107.28
N THR G 759 -29.69 -128.87 -106.25
CA THR G 759 -30.81 -129.08 -105.33
C THR G 759 -31.16 -127.81 -104.58
N GLU G 760 -30.14 -127.05 -104.16
CA GLU G 760 -30.39 -125.78 -103.48
C GLU G 760 -31.09 -124.79 -104.40
N ASN G 761 -30.67 -124.74 -105.68
CA ASN G 761 -31.33 -123.87 -106.63
C ASN G 761 -32.79 -124.27 -106.84
N ALA G 762 -33.05 -125.57 -106.95
CA ALA G 762 -34.42 -126.04 -107.11
C ALA G 762 -35.27 -125.69 -105.88
N ILE G 763 -34.71 -125.88 -104.68
CA ILE G 763 -35.44 -125.56 -103.46
C ILE G 763 -35.73 -124.06 -103.38
N GLU G 764 -34.75 -123.23 -103.73
CA GLU G 764 -34.96 -121.79 -103.72
C GLU G 764 -36.02 -121.37 -104.74
N ASN G 765 -36.01 -121.98 -105.91
CA ASN G 765 -37.06 -121.70 -106.89
C ASN G 765 -38.43 -122.12 -106.37
N MET G 766 -38.50 -123.26 -105.70
CA MET G 766 -39.79 -123.73 -105.17
C MET G 766 -40.30 -122.83 -104.05
N VAL G 767 -39.41 -122.36 -103.18
CA VAL G 767 -39.82 -121.64 -101.97
C VAL G 767 -39.40 -120.19 -102.04
N GLY G 768 -38.09 -119.93 -102.10
CA GLY G 768 -37.56 -118.59 -102.08
C GLY G 768 -36.52 -118.38 -101.00
N PRO G 769 -36.46 -117.18 -100.45
CA PRO G 769 -35.48 -116.90 -99.40
C PRO G 769 -35.71 -117.77 -98.18
N ASP G 770 -34.61 -118.22 -97.57
CA ASP G 770 -34.63 -119.12 -96.43
C ASP G 770 -33.67 -118.64 -95.36
N TRP G 771 -34.07 -118.78 -94.10
CA TRP G 771 -33.23 -118.50 -92.93
C TRP G 771 -32.77 -117.05 -92.99
N LYS G 772 -31.46 -116.76 -93.06
CA LYS G 772 -30.95 -115.41 -93.01
C LYS G 772 -31.48 -114.57 -94.17
N LYS G 773 -31.55 -115.16 -95.37
CA LYS G 773 -32.07 -114.44 -96.52
C LYS G 773 -33.52 -114.03 -96.32
N ARG G 774 -34.34 -114.93 -95.74
CA ARG G 774 -35.74 -114.62 -95.54
C ARG G 774 -35.93 -113.59 -94.43
N TRP G 775 -35.20 -113.73 -93.32
CA TRP G 775 -35.37 -112.86 -92.17
C TRP G 775 -34.54 -111.58 -92.25
N LEU G 776 -33.77 -111.39 -93.31
CA LEU G 776 -32.99 -110.16 -93.44
C LEU G 776 -33.91 -108.95 -93.56
N TYR G 777 -34.98 -109.06 -94.35
CA TYR G 777 -35.93 -107.96 -94.47
C TYR G 777 -36.80 -107.84 -93.23
N TRP G 778 -37.24 -108.97 -92.68
CA TRP G 778 -38.06 -109.10 -91.48
C TRP G 778 -39.47 -108.55 -91.68
N LYS G 779 -39.79 -108.00 -92.85
CA LYS G 779 -41.12 -107.47 -93.12
C LYS G 779 -41.76 -108.04 -94.38
N ASN G 780 -41.04 -108.87 -95.14
CA ASN G 780 -41.56 -109.48 -96.35
C ASN G 780 -41.93 -110.93 -96.07
N ARG G 781 -43.22 -111.23 -96.12
CA ARG G 781 -43.71 -112.59 -95.88
C ARG G 781 -44.81 -112.90 -96.87
N THR G 782 -44.82 -114.15 -97.33
CA THR G 782 -45.83 -114.65 -98.27
C THR G 782 -46.42 -115.94 -97.73
N GLN G 783 -47.74 -116.10 -97.88
CA GLN G 783 -48.40 -117.29 -97.36
C GLN G 783 -47.91 -118.55 -98.07
N GLU G 784 -47.64 -118.45 -99.38
CA GLU G 784 -47.19 -119.61 -100.13
C GLU G 784 -45.83 -120.10 -99.62
N GLN G 785 -44.87 -119.20 -99.46
CA GLN G 785 -43.57 -119.58 -98.93
C GLN G 785 -43.63 -119.93 -97.45
N CYS G 786 -44.55 -119.35 -96.69
CA CYS G 786 -44.71 -119.71 -95.29
C CYS G 786 -45.15 -121.15 -95.15
N VAL G 787 -46.06 -121.60 -96.01
CA VAL G 787 -46.51 -122.99 -95.99
C VAL G 787 -45.35 -123.93 -96.28
N HIS G 788 -44.54 -123.58 -97.28
CA HIS G 788 -43.38 -124.40 -97.62
C HIS G 788 -42.38 -124.44 -96.46
N ASN G 789 -42.16 -123.30 -95.81
CA ASN G 789 -41.25 -123.26 -94.67
C ASN G 789 -41.76 -124.11 -93.52
N GLU G 790 -43.06 -124.06 -93.24
CA GLU G 790 -43.64 -124.89 -92.18
C GLU G 790 -43.51 -126.37 -92.52
N THR G 791 -43.76 -126.74 -93.77
CA THR G 791 -43.61 -128.13 -94.18
C THR G 791 -42.16 -128.58 -94.04
N LYS G 792 -41.22 -127.73 -94.44
CA LYS G 792 -39.81 -128.06 -94.30
C LYS G 792 -39.42 -128.24 -92.84
N ASN G 793 -39.91 -127.36 -91.97
CA ASN G 793 -39.61 -127.50 -90.54
C ASN G 793 -40.20 -128.77 -89.97
N GLU G 794 -41.43 -129.11 -90.36
CA GLU G 794 -42.07 -130.34 -89.88
C GLU G 794 -41.29 -131.56 -90.34
N LEU G 795 -40.86 -131.57 -91.60
CA LEU G 795 -40.09 -132.71 -92.10
C LEU G 795 -38.72 -132.81 -91.44
N GLU G 796 -38.09 -131.67 -91.17
CA GLU G 796 -36.82 -131.68 -90.44
C GLU G 796 -36.99 -132.23 -89.04
N LYS G 797 -38.06 -131.82 -88.35
CA LYS G 797 -38.33 -132.37 -87.01
C LYS G 797 -38.61 -133.87 -87.07
N MET G 798 -39.34 -134.31 -88.10
CA MET G 798 -39.60 -135.74 -88.25
C MET G 798 -38.30 -136.52 -88.46
N LEU G 799 -37.40 -135.98 -89.29
CA LEU G 799 -36.11 -136.63 -89.48
C LEU G 799 -35.28 -136.63 -88.20
N LYS G 800 -35.34 -135.55 -87.42
CA LYS G 800 -34.63 -135.50 -86.15
C LYS G 800 -35.16 -136.57 -85.20
N CYS G 801 -36.49 -136.74 -85.15
CA CYS G 801 -37.08 -137.78 -84.32
C CYS G 801 -36.88 -139.16 -84.93
N ASN G 802 -36.98 -139.28 -86.24
CA ASN G 802 -36.86 -140.56 -86.95
C ASN G 802 -35.91 -140.37 -88.12
N GLU G 803 -34.62 -140.72 -87.91
CA GLU G 803 -33.63 -140.52 -88.95
C GLU G 803 -33.91 -141.38 -90.18
N GLU G 804 -34.32 -142.62 -89.97
CA GLU G 804 -34.57 -143.57 -91.06
C GLU G 804 -36.06 -143.65 -91.33
N HIS G 805 -36.46 -143.43 -92.59
CA HIS G 805 -37.85 -143.46 -92.98
C HIS G 805 -37.93 -143.98 -94.41
N PRO G 806 -38.92 -144.81 -94.74
CA PRO G 806 -39.07 -145.27 -96.13
C PRO G 806 -39.41 -144.12 -97.06
N ALA G 807 -38.97 -144.27 -98.31
CA ALA G 807 -39.21 -143.22 -99.31
C ALA G 807 -40.69 -143.01 -99.56
N TYR G 808 -41.46 -144.10 -99.66
CA TYR G 808 -42.89 -143.99 -99.89
C TYR G 808 -43.60 -143.51 -98.62
N LEU G 809 -44.78 -142.93 -98.82
CA LEU G 809 -45.60 -142.41 -97.73
C LEU G 809 -46.88 -143.22 -97.66
N ALA G 810 -47.15 -143.80 -96.49
CA ALA G 810 -48.37 -144.56 -96.29
C ALA G 810 -49.55 -143.62 -96.03
N SER G 811 -50.76 -144.17 -96.13
CA SER G 811 -51.96 -143.37 -95.97
C SER G 811 -52.06 -142.77 -94.56
N ASP G 812 -51.75 -143.58 -93.54
CA ASP G 812 -51.84 -143.08 -92.17
C ASP G 812 -50.81 -141.98 -91.91
N GLU G 813 -49.61 -142.12 -92.48
CA GLU G 813 -48.60 -141.08 -92.32
C GLU G 813 -49.04 -139.77 -92.96
N ILE G 814 -49.62 -139.85 -94.17
CA ILE G 814 -50.11 -138.65 -94.84
C ILE G 814 -51.24 -138.02 -94.04
N THR G 815 -52.15 -138.84 -93.52
CA THR G 815 -53.25 -138.32 -92.71
C THR G 815 -52.73 -137.62 -91.46
N THR G 816 -51.75 -138.23 -90.79
CA THR G 816 -51.18 -137.61 -89.59
C THR G 816 -50.49 -136.30 -89.91
N VAL G 817 -49.74 -136.25 -91.01
CA VAL G 817 -49.06 -135.02 -91.41
C VAL G 817 -50.07 -133.93 -91.72
N ARG G 818 -51.14 -134.29 -92.46
CA ARG G 818 -52.16 -133.31 -92.79
C ARG G 818 -52.88 -132.80 -91.54
N LYS G 819 -53.15 -133.68 -90.58
CA LYS G 819 -53.78 -133.26 -89.34
C LYS G 819 -52.87 -132.34 -88.54
N ASN G 820 -51.57 -132.65 -88.49
CA ASN G 820 -50.63 -131.77 -87.80
C ASN G 820 -50.56 -130.41 -88.47
N LEU G 821 -50.57 -130.37 -89.80
CA LEU G 821 -50.55 -129.10 -90.51
C LEU G 821 -51.82 -128.30 -90.25
N GLU G 822 -52.98 -128.97 -90.26
CA GLU G 822 -54.25 -128.29 -90.06
C GLU G 822 -54.50 -127.93 -88.60
N SER G 823 -53.73 -128.48 -87.66
CA SER G 823 -53.89 -128.11 -86.26
C SER G 823 -53.63 -126.61 -86.05
N ARG G 824 -52.62 -126.08 -86.73
CA ARG G 824 -52.32 -124.65 -86.66
C ARG G 824 -53.02 -123.84 -87.75
N GLY G 825 -53.79 -124.49 -88.62
CA GLY G 825 -54.55 -123.79 -89.63
C GLY G 825 -53.86 -123.72 -90.98
N VAL G 826 -53.22 -124.81 -91.39
CA VAL G 826 -52.53 -124.90 -92.67
C VAL G 826 -53.08 -126.10 -93.41
N GLU G 827 -53.60 -125.87 -94.61
CA GLU G 827 -54.11 -126.92 -95.48
C GLU G 827 -53.23 -127.02 -96.71
N VAL G 828 -52.65 -128.21 -96.94
CA VAL G 828 -51.72 -128.44 -98.03
C VAL G 828 -52.20 -129.64 -98.84
N ASP G 829 -52.18 -129.51 -100.16
CA ASP G 829 -52.57 -130.61 -101.02
C ASP G 829 -51.58 -131.77 -100.89
N PRO G 830 -52.07 -133.01 -101.05
CA PRO G 830 -51.16 -134.16 -100.91
C PRO G 830 -50.01 -134.17 -101.91
N SER G 831 -50.22 -133.63 -103.11
CA SER G 831 -49.15 -133.62 -104.10
C SER G 831 -47.97 -132.76 -103.64
N LEU G 832 -48.27 -131.58 -103.10
CA LEU G 832 -47.21 -130.72 -102.57
C LEU G 832 -46.53 -131.35 -101.38
N ILE G 833 -47.28 -132.05 -100.53
CA ILE G 833 -46.68 -132.74 -99.39
C ILE G 833 -45.71 -133.80 -99.88
N LYS G 834 -46.12 -134.57 -100.88
CA LYS G 834 -45.24 -135.62 -101.43
C LYS G 834 -44.00 -135.02 -102.07
N ASP G 835 -44.16 -133.92 -102.80
CA ASP G 835 -43.01 -133.28 -103.44
C ASP G 835 -42.03 -132.75 -102.39
N THR G 836 -42.54 -132.10 -101.34
CA THR G 836 -41.67 -131.60 -100.28
C THR G 836 -40.98 -132.76 -99.56
N TRP G 837 -41.70 -133.86 -99.32
CA TRP G 837 -41.08 -135.01 -98.69
C TRP G 837 -39.97 -135.59 -99.55
N HIS G 838 -40.20 -135.67 -100.87
CA HIS G 838 -39.18 -136.18 -101.78
C HIS G 838 -37.95 -135.28 -101.76
N GLN G 839 -38.16 -133.97 -101.79
CA GLN G 839 -37.02 -133.04 -101.75
C GLN G 839 -36.25 -133.14 -100.45
N VAL G 840 -36.96 -133.25 -99.32
CA VAL G 840 -36.29 -133.36 -98.03
C VAL G 840 -35.55 -134.69 -97.92
N TYR G 841 -36.13 -135.76 -98.47
CA TYR G 841 -35.46 -137.06 -98.49
C TYR G 841 -34.18 -137.00 -99.31
N ARG G 842 -34.24 -136.34 -100.47
CA ARG G 842 -33.04 -136.19 -101.30
C ARG G 842 -31.98 -135.37 -100.58
N ARG G 843 -32.39 -134.29 -99.91
CA ARG G 843 -31.43 -133.48 -99.17
C ARG G 843 -30.79 -134.26 -98.03
N HIS G 844 -31.59 -135.06 -97.31
CA HIS G 844 -31.07 -135.86 -96.22
C HIS G 844 -30.05 -136.88 -96.72
N PHE G 845 -30.36 -137.55 -97.84
CA PHE G 845 -29.40 -138.50 -98.38
C PHE G 845 -28.17 -137.81 -98.97
N LEU G 846 -28.31 -136.59 -99.48
CA LEU G 846 -27.14 -135.84 -99.91
C LEU G 846 -26.23 -135.53 -98.73
N LYS G 847 -26.82 -135.12 -97.61
CA LYS G 847 -26.03 -134.87 -96.40
C LYS G 847 -25.37 -136.16 -95.90
N THR G 848 -26.11 -137.27 -95.95
CA THR G 848 -25.53 -138.56 -95.55
C THR G 848 -24.37 -138.95 -96.45
N ALA G 849 -24.51 -138.72 -97.76
CA ALA G 849 -23.41 -139.00 -98.68
C ALA G 849 -22.21 -138.12 -98.40
N LEU G 850 -22.45 -136.83 -98.07
CA LEU G 850 -21.34 -135.95 -97.72
C LEU G 850 -20.63 -136.44 -96.46
N ASN G 851 -21.38 -136.87 -95.46
CA ASN G 851 -20.77 -137.42 -94.26
C ASN G 851 -19.98 -138.70 -94.57
N HIS G 852 -20.52 -139.54 -95.45
CA HIS G 852 -19.81 -140.75 -95.85
C HIS G 852 -18.51 -140.41 -96.57
N CYS G 853 -18.53 -139.39 -97.42
CA CYS G 853 -17.31 -138.94 -98.08
C CYS G 853 -16.30 -138.42 -97.06
N ASN G 854 -16.76 -137.66 -96.07
CA ASN G 854 -15.85 -137.18 -95.04
C ASN G 854 -15.22 -138.33 -94.27
N LEU G 855 -16.01 -139.36 -93.96
CA LEU G 855 -15.48 -140.53 -93.29
C LEU G 855 -14.48 -141.28 -94.17
N CYS G 856 -14.82 -141.47 -95.45
CA CYS G 856 -13.93 -142.19 -96.36
C CYS G 856 -12.65 -141.42 -96.65
N ARG G 857 -12.64 -140.11 -96.43
CA ARG G 857 -11.41 -139.34 -96.61
C ARG G 857 -10.31 -139.80 -95.66
N ARG G 858 -10.69 -140.42 -94.53
CA ARG G 858 -9.69 -140.91 -93.54
C ARG G 858 -9.79 -142.43 -93.43
N GLY G 859 -10.85 -143.02 -94.00
CA GLY G 859 -11.06 -144.46 -93.92
C GLY G 859 -10.29 -145.29 -94.92
N PHE G 860 -9.27 -144.72 -95.58
CA PHE G 860 -8.45 -145.51 -96.50
C PHE G 860 -7.72 -146.64 -95.82
N TYR G 861 -7.38 -146.49 -94.53
CA TYR G 861 -6.75 -147.58 -93.80
C TYR G 861 -7.67 -148.79 -93.70
N TYR G 862 -8.94 -148.56 -93.39
CA TYR G 862 -9.91 -149.65 -93.37
C TYR G 862 -10.16 -150.19 -94.79
N TYR G 863 -10.25 -149.29 -95.77
CA TYR G 863 -10.57 -149.70 -97.13
C TYR G 863 -9.48 -150.60 -97.72
N GLN G 864 -8.21 -150.22 -97.52
CA GLN G 864 -7.11 -150.95 -98.15
C GLN G 864 -7.02 -152.39 -97.63
N ARG G 865 -7.18 -152.59 -96.32
CA ARG G 865 -7.01 -153.90 -95.72
C ARG G 865 -8.30 -154.69 -95.61
N HIS G 866 -9.46 -154.02 -95.64
CA HIS G 866 -10.76 -154.68 -95.55
C HIS G 866 -10.86 -155.54 -94.30
N PHE G 867 -10.83 -154.87 -93.15
CA PHE G 867 -10.91 -155.55 -91.87
C PHE G 867 -12.26 -156.22 -91.70
N VAL G 868 -12.28 -157.31 -90.92
CA VAL G 868 -13.52 -158.04 -90.68
C VAL G 868 -14.52 -157.15 -89.94
N ASP G 869 -14.05 -156.47 -88.90
CA ASP G 869 -14.89 -155.54 -88.14
C ASP G 869 -14.78 -154.12 -88.68
N SER G 870 -15.01 -153.96 -89.98
CA SER G 870 -14.90 -152.66 -90.61
C SER G 870 -16.05 -151.75 -90.18
N GLU G 871 -15.71 -150.54 -89.74
CA GLU G 871 -16.71 -149.56 -89.35
C GLU G 871 -17.11 -148.65 -90.51
N LEU G 872 -16.60 -148.88 -91.71
CA LEU G 872 -16.89 -148.02 -92.85
C LEU G 872 -16.72 -148.83 -94.12
N GLU G 873 -17.72 -148.80 -94.99
CA GLU G 873 -17.68 -149.51 -96.28
C GLU G 873 -17.74 -148.47 -97.39
N CYS G 874 -16.57 -148.12 -97.93
CA CYS G 874 -16.47 -147.14 -99.01
C CYS G 874 -16.63 -147.87 -100.34
N ASN G 875 -17.81 -147.75 -100.93
CA ASN G 875 -18.10 -148.35 -102.23
C ASN G 875 -18.45 -147.33 -103.29
N ASP G 876 -19.01 -146.18 -102.91
CA ASP G 876 -19.35 -145.15 -103.90
C ASP G 876 -18.09 -144.62 -104.57
N VAL G 877 -17.01 -144.45 -103.82
CA VAL G 877 -15.76 -143.97 -104.39
C VAL G 877 -15.25 -144.94 -105.46
N VAL G 878 -15.27 -146.24 -105.14
CA VAL G 878 -14.81 -147.25 -106.09
C VAL G 878 -15.70 -147.27 -107.33
N LEU G 879 -17.02 -147.17 -107.12
CA LEU G 879 -17.94 -147.17 -108.26
C LEU G 879 -17.71 -145.96 -109.15
N PHE G 880 -17.52 -144.78 -108.56
CA PHE G 880 -17.29 -143.58 -109.35
C PHE G 880 -15.96 -143.67 -110.10
N TRP G 881 -14.93 -144.23 -109.46
CA TRP G 881 -13.65 -144.40 -110.15
C TRP G 881 -13.78 -145.38 -111.32
N ARG G 882 -14.54 -146.46 -111.13
CA ARG G 882 -14.78 -147.40 -112.22
C ARG G 882 -15.51 -146.72 -113.37
N ILE G 883 -16.53 -145.92 -113.05
CA ILE G 883 -17.26 -145.20 -114.08
C ILE G 883 -16.33 -144.24 -114.83
N GLN G 884 -15.47 -143.53 -114.08
CA GLN G 884 -14.56 -142.58 -114.69
C GLN G 884 -13.58 -143.27 -115.64
N ARG G 885 -13.00 -144.40 -115.21
CA ARG G 885 -12.04 -145.09 -116.07
C ARG G 885 -12.73 -145.70 -117.28
N MET G 886 -13.94 -146.24 -117.10
CA MET G 886 -14.68 -146.77 -118.24
C MET G 886 -15.02 -145.66 -119.24
N LEU G 887 -15.41 -144.49 -118.74
CA LEU G 887 -15.68 -143.36 -119.62
C LEU G 887 -14.42 -142.91 -120.35
N ALA G 888 -13.28 -142.90 -119.66
CA ALA G 888 -12.03 -142.54 -120.32
C ALA G 888 -11.67 -143.53 -121.42
N ILE G 889 -11.84 -144.83 -121.15
CA ILE G 889 -11.56 -145.85 -122.16
C ILE G 889 -12.49 -145.68 -123.35
N THR G 890 -13.78 -145.45 -123.09
CA THR G 890 -14.74 -145.26 -124.17
C THR G 890 -14.40 -144.02 -125.01
N ALA G 891 -14.01 -142.93 -124.35
CA ALA G 891 -13.64 -141.72 -125.07
C ALA G 891 -12.40 -141.94 -125.92
N ASN G 892 -11.41 -142.65 -125.39
CA ASN G 892 -10.20 -142.95 -126.17
C ASN G 892 -10.53 -143.81 -127.38
N THR G 893 -11.37 -144.82 -127.20
CA THR G 893 -11.77 -145.66 -128.32
C THR G 893 -12.53 -144.86 -129.36
N LEU G 894 -13.44 -143.98 -128.91
CA LEU G 894 -14.20 -143.14 -129.85
C LEU G 894 -13.26 -142.23 -130.63
N ARG G 895 -12.29 -141.62 -129.96
CA ARG G 895 -11.35 -140.75 -130.64
C ARG G 895 -10.52 -141.53 -131.66
N GLN G 896 -10.06 -142.72 -131.29
CA GLN G 896 -9.26 -143.53 -132.20
C GLN G 896 -10.07 -143.92 -133.43
N GLN G 897 -11.30 -144.39 -133.23
CA GLN G 897 -12.14 -144.77 -134.37
C GLN G 897 -12.48 -143.58 -135.23
N LEU G 898 -12.73 -142.42 -134.61
CA LEU G 898 -13.00 -141.21 -135.38
C LEU G 898 -11.81 -140.85 -136.26
N THR G 899 -10.62 -140.77 -135.67
CA THR G 899 -9.42 -140.47 -136.44
C THR G 899 -9.18 -141.49 -137.54
N ASN G 900 -9.53 -142.75 -137.29
CA ASN G 900 -9.30 -143.79 -138.30
C ASN G 900 -10.26 -143.65 -139.48
N THR G 901 -11.55 -143.42 -139.22
CA THR G 901 -12.55 -143.53 -140.27
C THR G 901 -13.25 -142.21 -140.59
N GLU G 902 -13.74 -141.49 -139.56
CA GLU G 902 -14.60 -140.34 -139.82
C GLU G 902 -13.82 -139.16 -140.36
N VAL G 903 -12.55 -139.02 -139.98
CA VAL G 903 -11.72 -137.95 -140.54
C VAL G 903 -11.55 -138.15 -142.03
N ARG G 904 -11.26 -139.39 -142.44
CA ARG G 904 -11.14 -139.69 -143.87
C ARG G 904 -12.46 -139.50 -144.59
N ARG G 905 -13.57 -139.91 -143.96
CA ARG G 905 -14.88 -139.71 -144.59
C ARG G 905 -15.19 -138.24 -144.79
N LEU G 906 -14.91 -137.41 -143.78
CA LEU G 906 -15.14 -135.98 -143.89
C LEU G 906 -14.24 -135.36 -144.95
N GLU G 907 -12.99 -135.80 -145.02
CA GLU G 907 -12.08 -135.32 -146.07
C GLU G 907 -12.62 -135.67 -147.46
N LYS G 908 -13.12 -136.90 -147.62
CA LYS G 908 -13.68 -137.30 -148.91
C LYS G 908 -14.91 -136.46 -149.26
N ASN G 909 -15.79 -136.22 -148.28
CA ASN G 909 -16.96 -135.40 -148.54
C ASN G 909 -16.58 -133.97 -148.92
N VAL G 910 -15.59 -133.41 -148.22
CA VAL G 910 -15.12 -132.05 -148.54
C VAL G 910 -14.53 -132.01 -149.94
N LYS G 911 -13.75 -133.02 -150.31
CA LYS G 911 -13.17 -133.07 -151.65
C LYS G 911 -14.27 -133.17 -152.71
N GLU G 912 -15.29 -133.99 -152.46
CA GLU G 912 -16.39 -134.11 -153.42
C GLU G 912 -17.14 -132.80 -153.56
N VAL G 913 -17.40 -132.12 -152.45
CA VAL G 913 -18.11 -130.84 -152.49
C VAL G 913 -17.28 -129.80 -153.25
N LEU G 914 -15.98 -129.76 -152.99
CA LEU G 914 -15.11 -128.81 -153.68
C LEU G 914 -15.05 -129.10 -155.18
N GLU G 915 -14.98 -130.37 -155.56
CA GLU G 915 -14.98 -130.72 -156.97
C GLU G 915 -16.28 -130.34 -157.64
N ASP G 916 -17.41 -130.59 -156.96
CA ASP G 916 -18.71 -130.20 -157.51
C ASP G 916 -18.82 -128.70 -157.69
N PHE G 917 -18.32 -127.93 -156.72
CA PHE G 917 -18.35 -126.48 -156.83
C PHE G 917 -17.45 -126.00 -157.96
N ALA G 918 -16.26 -126.60 -158.10
CA ALA G 918 -15.34 -126.19 -159.16
C ALA G 918 -15.91 -126.50 -160.54
N GLU G 919 -16.54 -127.66 -160.70
CA GLU G 919 -17.10 -128.07 -161.97
C GLU G 919 -18.42 -127.37 -162.30
N ASP G 920 -18.83 -126.38 -161.49
CA ASP G 920 -20.07 -125.65 -161.72
C ASP G 920 -19.82 -124.18 -161.39
N GLY G 921 -19.49 -123.39 -162.42
CA GLY G 921 -19.30 -121.97 -162.22
C GLY G 921 -20.57 -121.20 -161.95
N GLU G 922 -21.72 -121.72 -162.38
CA GLU G 922 -22.99 -121.07 -162.09
C GLU G 922 -23.24 -121.02 -160.58
N LYS G 923 -22.89 -122.10 -159.86
CA LYS G 923 -23.03 -122.10 -158.41
C LYS G 923 -22.12 -121.05 -157.78
N LYS G 924 -20.90 -120.91 -158.30
CA LYS G 924 -19.99 -119.88 -157.79
C LYS G 924 -20.56 -118.49 -158.03
N ILE G 925 -21.14 -118.26 -159.21
CA ILE G 925 -21.74 -116.96 -159.50
C ILE G 925 -22.91 -116.68 -158.56
N LYS G 926 -23.75 -117.70 -158.33
CA LYS G 926 -24.91 -117.53 -157.47
C LYS G 926 -24.50 -117.25 -156.03
N LEU G 927 -23.46 -117.94 -155.55
CA LEU G 927 -23.04 -117.80 -154.16
C LEU G 927 -22.10 -116.61 -153.95
N LEU G 928 -21.02 -116.55 -154.72
CA LEU G 928 -20.03 -115.48 -154.57
C LEU G 928 -20.58 -114.20 -155.21
N THR G 929 -21.46 -113.53 -154.48
CA THR G 929 -22.06 -112.28 -154.90
C THR G 929 -21.53 -111.09 -154.11
N GLY G 930 -20.35 -111.24 -153.51
CA GLY G 930 -19.77 -110.17 -152.75
C GLY G 930 -19.32 -109.01 -153.62
N LYS G 931 -19.11 -107.85 -152.97
CA LYS G 931 -18.70 -106.66 -153.70
C LYS G 931 -17.33 -106.85 -154.35
N ARG G 932 -16.40 -107.49 -153.63
CA ARG G 932 -15.07 -107.71 -154.19
C ARG G 932 -15.12 -108.63 -155.41
N VAL G 933 -15.92 -109.70 -155.34
CA VAL G 933 -16.02 -110.64 -156.45
C VAL G 933 -16.61 -109.94 -157.68
N GLN G 934 -17.69 -109.17 -157.49
CA GLN G 934 -18.31 -108.47 -158.59
C GLN G 934 -17.38 -107.43 -159.20
N LEU G 935 -16.67 -106.68 -158.35
CA LEU G 935 -15.73 -105.68 -158.86
C LEU G 935 -14.60 -106.33 -159.64
N ALA G 936 -14.06 -107.45 -159.15
CA ALA G 936 -13.00 -108.14 -159.87
C ALA G 936 -13.49 -108.68 -161.20
N GLU G 937 -14.71 -109.24 -161.22
CA GLU G 937 -15.28 -109.74 -162.47
C GLU G 937 -15.48 -108.61 -163.48
N ASP G 938 -15.99 -107.46 -163.01
CA ASP G 938 -16.19 -106.33 -163.89
C ASP G 938 -14.86 -105.82 -164.44
N LEU G 939 -13.84 -105.74 -163.58
CA LEU G 939 -12.53 -105.28 -164.04
C LEU G 939 -11.94 -106.24 -165.07
N LYS G 940 -12.07 -107.55 -164.83
CA LYS G 940 -11.55 -108.53 -165.79
C LYS G 940 -12.29 -108.44 -167.11
N LYS G 941 -13.61 -108.28 -167.08
CA LYS G 941 -14.39 -108.16 -168.31
C LYS G 941 -14.01 -106.89 -169.07
N VAL G 942 -13.82 -105.78 -168.35
CA VAL G 942 -13.43 -104.54 -169.00
C VAL G 942 -12.06 -104.68 -169.64
N ARG G 943 -11.11 -105.32 -168.94
CA ARG G 943 -9.79 -105.54 -169.50
C ARG G 943 -9.84 -106.41 -170.75
N GLU G 944 -10.65 -107.47 -170.71
CA GLU G 944 -10.78 -108.34 -171.88
C GLU G 944 -11.40 -107.58 -173.05
N ILE G 945 -12.42 -106.77 -172.78
CA ILE G 945 -13.05 -105.99 -173.85
C ILE G 945 -12.06 -105.01 -174.45
N GLN G 946 -11.28 -104.34 -173.61
CA GLN G 946 -10.28 -103.39 -174.11
C GLN G 946 -9.21 -104.10 -174.92
N GLU G 947 -8.77 -105.28 -174.49
CA GLU G 947 -7.80 -106.04 -175.26
C GLU G 947 -8.36 -106.46 -176.62
N LYS G 948 -9.61 -106.90 -176.65
CA LYS G 948 -10.25 -107.25 -177.92
C LYS G 948 -10.36 -106.04 -178.83
N LEU G 949 -10.71 -104.88 -178.28
CA LEU G 949 -10.81 -103.68 -179.09
C LEU G 949 -9.44 -103.24 -179.61
N ASP G 950 -8.40 -103.39 -178.80
CA ASP G 950 -7.05 -103.08 -179.27
C ASP G 950 -6.63 -104.02 -180.40
N ALA G 951 -6.97 -105.31 -180.27
CA ALA G 951 -6.68 -106.25 -181.34
C ALA G 951 -7.44 -105.89 -182.62
N PHE G 952 -8.70 -105.48 -182.47
CA PHE G 952 -9.47 -105.02 -183.62
C PHE G 952 -8.83 -103.81 -184.28
N ILE G 953 -8.38 -102.85 -183.48
CA ILE G 953 -7.74 -101.64 -184.02
C ILE G 953 -6.47 -102.01 -184.75
N GLU G 954 -5.66 -102.90 -184.17
CA GLU G 954 -4.42 -103.32 -184.81
C GLU G 954 -4.70 -104.04 -186.12
N ALA G 955 -5.70 -104.92 -186.14
CA ALA G 955 -6.04 -105.63 -187.37
C ALA G 955 -6.54 -104.67 -188.45
N LEU G 956 -7.36 -103.69 -188.05
CA LEU G 956 -7.85 -102.70 -189.02
C LEU G 956 -6.70 -101.87 -189.58
N HIS G 957 -5.76 -101.47 -188.73
CA HIS G 957 -4.62 -100.70 -189.20
C HIS G 957 -3.73 -101.52 -190.13
N GLN G 958 -3.52 -102.80 -189.80
CA GLN G 958 -2.69 -103.64 -190.66
C GLN G 958 -3.37 -103.91 -192.01
N GLU G 959 -4.68 -104.15 -192.01
CA GLU G 959 -5.38 -104.42 -193.26
C GLU G 959 -5.38 -103.19 -194.18
N LYS G 960 -5.55 -102.01 -193.57
CA LYS G 960 -5.52 -100.75 -194.36
C LYS G 960 -4.10 -100.19 -194.36
N SER H 263 -102.53 -95.31 -166.24
CA SER H 263 -103.03 -95.49 -164.87
C SER H 263 -101.89 -95.42 -163.86
N LEU H 264 -101.66 -96.52 -163.16
CA LEU H 264 -100.59 -96.56 -162.16
C LEU H 264 -99.22 -96.40 -162.83
N ILE H 265 -99.02 -97.05 -163.98
CA ILE H 265 -97.72 -96.99 -164.65
C ILE H 265 -97.44 -95.58 -165.15
N ASP H 266 -98.45 -94.89 -165.68
CA ASP H 266 -98.25 -93.53 -166.16
C ASP H 266 -97.91 -92.59 -165.01
N MET H 267 -98.60 -92.73 -163.87
CA MET H 267 -98.30 -91.89 -162.72
C MET H 267 -96.91 -92.19 -162.16
N TYR H 268 -96.52 -93.46 -162.15
CA TYR H 268 -95.17 -93.82 -161.71
C TYR H 268 -94.12 -93.23 -162.63
N SER H 269 -94.36 -93.26 -163.95
CA SER H 269 -93.43 -92.66 -164.89
C SER H 269 -93.34 -91.14 -164.68
N GLU H 270 -94.48 -90.49 -164.42
CA GLU H 270 -94.47 -89.07 -164.13
C GLU H 270 -93.68 -88.76 -162.86
N VAL H 271 -93.84 -89.59 -161.83
CA VAL H 271 -93.10 -89.41 -160.59
C VAL H 271 -91.60 -89.56 -160.83
N LEU H 272 -91.23 -90.57 -161.62
CA LEU H 272 -89.81 -90.77 -161.95
C LEU H 272 -89.27 -89.59 -162.73
N ASP H 273 -90.05 -89.05 -163.67
CA ASP H 273 -89.62 -87.87 -164.42
C ASP H 273 -89.43 -86.67 -163.51
N VAL H 274 -90.35 -86.48 -162.56
CA VAL H 274 -90.21 -85.37 -161.61
C VAL H 274 -88.96 -85.55 -160.76
N LEU H 275 -88.69 -86.78 -160.31
CA LEU H 275 -87.49 -87.04 -159.53
C LEU H 275 -86.23 -86.78 -160.34
N SER H 276 -86.23 -87.17 -161.61
CA SER H 276 -85.07 -86.91 -162.47
C SER H 276 -84.87 -85.41 -162.68
N ASP H 277 -85.96 -84.67 -162.89
CA ASP H 277 -85.88 -83.23 -163.09
C ASP H 277 -85.61 -82.47 -161.79
N TYR H 278 -85.71 -83.14 -160.64
CA TYR H 278 -85.44 -82.47 -159.37
C TYR H 278 -84.02 -81.95 -159.30
N ASP H 279 -83.05 -82.75 -159.73
CA ASP H 279 -81.66 -82.34 -159.71
C ASP H 279 -80.88 -83.17 -160.72
N ALA H 280 -79.77 -82.60 -161.19
CA ALA H 280 -78.91 -83.32 -162.13
C ALA H 280 -78.09 -84.40 -161.45
N SER H 281 -77.93 -84.34 -160.13
CA SER H 281 -77.19 -85.34 -159.38
C SER H 281 -78.11 -86.52 -159.08
N TYR H 282 -77.65 -87.43 -158.22
CA TYR H 282 -78.41 -88.62 -157.83
C TYR H 282 -78.48 -88.66 -156.31
N ASN H 283 -79.50 -88.00 -155.75
CA ASN H 283 -79.75 -87.99 -154.32
C ASN H 283 -81.04 -88.70 -153.94
N THR H 284 -82.16 -88.28 -154.53
CA THR H 284 -83.44 -88.94 -154.31
C THR H 284 -83.86 -89.84 -155.46
N GLN H 285 -83.11 -89.84 -156.57
CA GLN H 285 -83.43 -90.68 -157.71
C GLN H 285 -83.12 -92.14 -157.48
N ASP H 286 -82.29 -92.45 -156.47
CA ASP H 286 -81.91 -93.82 -156.16
C ASP H 286 -82.85 -94.48 -155.16
N HIS H 287 -83.93 -93.81 -154.78
CA HIS H 287 -84.88 -94.40 -153.83
C HIS H 287 -85.83 -95.37 -154.53
N LEU H 288 -86.56 -94.89 -155.53
CA LEU H 288 -87.46 -95.75 -156.28
C LEU H 288 -86.67 -96.68 -157.20
N PRO H 289 -87.09 -97.93 -157.33
CA PRO H 289 -86.39 -98.84 -158.25
C PRO H 289 -86.50 -98.36 -159.69
N ARG H 290 -85.43 -98.59 -160.45
CA ARG H 290 -85.38 -98.21 -161.85
C ARG H 290 -84.67 -99.32 -162.63
N VAL H 291 -85.39 -99.94 -163.56
CA VAL H 291 -84.81 -100.99 -164.39
C VAL H 291 -83.93 -100.32 -165.45
N VAL H 292 -82.62 -100.52 -165.35
CA VAL H 292 -81.64 -99.89 -166.23
C VAL H 292 -81.02 -100.97 -167.10
N VAL H 293 -81.01 -100.75 -168.41
CA VAL H 293 -80.42 -101.67 -169.37
C VAL H 293 -79.07 -101.12 -169.79
N VAL H 294 -78.01 -101.85 -169.47
CA VAL H 294 -76.63 -101.44 -169.76
C VAL H 294 -75.98 -102.53 -170.61
N GLY H 295 -75.37 -102.12 -171.72
CA GLY H 295 -74.69 -103.07 -172.59
C GLY H 295 -73.30 -102.61 -172.98
N ASP H 296 -72.72 -103.29 -173.97
CA ASP H 296 -71.39 -102.96 -174.46
C ASP H 296 -71.48 -102.25 -175.80
N GLN H 297 -70.39 -101.56 -176.16
CA GLN H 297 -70.35 -100.83 -177.42
C GLN H 297 -70.28 -101.80 -178.59
N SER H 298 -71.13 -101.57 -179.59
CA SER H 298 -71.20 -102.41 -180.80
C SER H 298 -71.45 -103.87 -180.44
N ALA H 299 -72.28 -104.09 -179.42
CA ALA H 299 -72.62 -105.43 -178.96
C ALA H 299 -74.00 -105.88 -179.44
N GLY H 300 -74.63 -105.14 -180.34
CA GLY H 300 -75.95 -105.50 -180.82
C GLY H 300 -77.08 -105.24 -179.85
N LYS H 301 -76.84 -104.45 -178.80
CA LYS H 301 -77.90 -104.17 -177.84
C LYS H 301 -79.03 -103.34 -178.46
N THR H 302 -78.73 -102.58 -179.51
CA THR H 302 -79.76 -101.79 -180.17
C THR H 302 -80.85 -102.68 -180.76
N SER H 303 -80.46 -103.78 -181.41
CA SER H 303 -81.45 -104.70 -181.98
C SER H 303 -82.31 -105.32 -180.89
N VAL H 304 -81.69 -105.72 -179.77
CA VAL H 304 -82.46 -106.32 -178.68
C VAL H 304 -83.43 -105.30 -178.09
N LEU H 305 -82.99 -104.06 -177.91
CA LEU H 305 -83.87 -103.03 -177.39
C LEU H 305 -85.03 -102.75 -178.34
N GLU H 306 -84.75 -102.73 -179.66
CA GLU H 306 -85.82 -102.55 -180.63
C GLU H 306 -86.80 -103.70 -180.60
N MET H 307 -86.31 -104.93 -180.46
CA MET H 307 -87.20 -106.09 -180.40
C MET H 307 -88.02 -106.09 -179.11
N ILE H 308 -87.48 -105.53 -178.03
CA ILE H 308 -88.24 -105.43 -176.78
C ILE H 308 -89.47 -104.56 -176.98
N ALA H 309 -89.30 -103.41 -177.64
CA ALA H 309 -90.42 -102.53 -177.95
C ALA H 309 -91.14 -102.91 -179.24
N GLN H 310 -90.66 -103.94 -179.94
CA GLN H 310 -91.27 -104.41 -181.19
C GLN H 310 -91.32 -103.31 -182.25
N ALA H 311 -90.33 -102.41 -182.23
CA ALA H 311 -90.26 -101.33 -183.21
C ALA H 311 -88.85 -100.79 -183.24
N ARG H 312 -88.43 -100.34 -184.42
CA ARG H 312 -87.10 -99.76 -184.60
C ARG H 312 -87.17 -98.28 -184.26
N ILE H 313 -86.81 -97.94 -183.03
CA ILE H 313 -86.85 -96.54 -182.58
C ILE H 313 -85.47 -95.99 -182.26
N PHE H 314 -84.46 -96.83 -182.02
CA PHE H 314 -83.12 -96.35 -181.72
C PHE H 314 -82.31 -96.26 -183.00
N PRO H 315 -81.78 -95.09 -183.36
CA PRO H 315 -80.97 -94.98 -184.58
C PRO H 315 -79.72 -95.84 -184.51
N ARG H 316 -79.33 -96.40 -185.64
CA ARG H 316 -78.16 -97.26 -185.73
C ARG H 316 -76.89 -96.44 -185.86
N GLY H 317 -75.81 -96.97 -185.32
CA GLY H 317 -74.53 -96.29 -185.37
C GLY H 317 -73.40 -97.19 -185.85
N SER H 318 -72.67 -96.75 -186.87
CA SER H 318 -71.57 -97.52 -187.44
C SER H 318 -70.30 -97.20 -186.65
N GLY H 319 -70.21 -97.78 -185.46
CA GLY H 319 -69.08 -97.61 -184.57
C GLY H 319 -69.18 -96.42 -183.64
N GLU H 320 -69.70 -95.30 -184.12
CA GLU H 320 -69.86 -94.11 -183.29
C GLU H 320 -70.92 -94.34 -182.22
N MET H 321 -70.68 -93.76 -181.05
CA MET H 321 -71.60 -93.87 -179.91
C MET H 321 -72.71 -92.84 -180.09
N MET H 322 -73.79 -93.26 -180.74
CA MET H 322 -74.91 -92.36 -180.98
C MET H 322 -75.60 -91.98 -179.66
N THR H 323 -75.75 -92.94 -178.75
CA THR H 323 -76.41 -92.69 -177.47
C THR H 323 -75.39 -92.06 -176.52
N ARG H 324 -75.54 -90.76 -176.26
CA ARG H 324 -74.66 -90.04 -175.36
C ARG H 324 -75.37 -89.51 -174.13
N SER H 325 -76.68 -89.69 -174.03
CA SER H 325 -77.46 -89.24 -172.89
C SER H 325 -78.39 -90.36 -172.43
N PRO H 326 -78.73 -90.40 -171.15
CA PRO H 326 -79.65 -91.42 -170.65
C PRO H 326 -81.01 -91.30 -171.33
N VAL H 327 -81.60 -92.45 -171.66
CA VAL H 327 -82.89 -92.52 -172.32
C VAL H 327 -83.83 -93.36 -171.46
N LYS H 328 -85.00 -92.81 -171.16
CA LYS H 328 -86.02 -93.49 -170.36
C LYS H 328 -87.10 -94.04 -171.30
N VAL H 329 -87.33 -95.35 -171.21
CA VAL H 329 -88.36 -96.01 -172.00
C VAL H 329 -89.39 -96.57 -171.04
N THR H 330 -90.61 -96.04 -171.10
CA THR H 330 -91.70 -96.46 -170.24
C THR H 330 -92.62 -97.37 -171.04
N LEU H 331 -92.67 -98.65 -170.66
CA LEU H 331 -93.53 -99.62 -171.34
C LEU H 331 -94.94 -99.58 -170.73
N SER H 332 -95.94 -99.38 -171.58
CA SER H 332 -97.32 -99.31 -171.13
C SER H 332 -98.23 -99.65 -172.30
N GLU H 333 -99.53 -99.61 -172.06
CA GLU H 333 -100.54 -99.91 -173.08
C GLU H 333 -101.48 -98.73 -173.20
N GLY H 334 -101.72 -98.30 -174.44
CA GLY H 334 -102.61 -97.19 -174.69
C GLY H 334 -103.59 -97.48 -175.81
N PRO H 335 -104.36 -96.46 -176.21
CA PRO H 335 -105.31 -96.66 -177.31
C PRO H 335 -104.65 -97.04 -178.63
N HIS H 336 -103.44 -96.54 -178.89
CA HIS H 336 -102.72 -96.84 -180.11
C HIS H 336 -101.27 -97.17 -179.78
N HIS H 337 -100.64 -97.93 -180.67
CA HIS H 337 -99.24 -98.33 -180.51
C HIS H 337 -98.33 -97.19 -180.99
N VAL H 338 -98.33 -96.11 -180.22
CA VAL H 338 -97.57 -94.91 -180.54
C VAL H 338 -96.66 -94.59 -179.37
N ALA H 339 -95.75 -93.65 -179.59
CA ALA H 339 -94.81 -93.19 -178.58
C ALA H 339 -94.99 -91.69 -178.37
N LEU H 340 -95.06 -91.28 -177.10
CA LEU H 340 -95.27 -89.88 -176.74
C LEU H 340 -94.26 -89.48 -175.68
N PHE H 341 -93.65 -88.32 -175.85
CA PHE H 341 -92.70 -87.80 -174.88
C PHE H 341 -93.44 -87.07 -173.75
N LYS H 342 -92.70 -86.79 -172.68
CA LYS H 342 -93.28 -86.06 -171.55
C LYS H 342 -93.63 -84.63 -171.94
N ASP H 343 -92.76 -83.97 -172.71
CA ASP H 343 -92.95 -82.58 -173.09
C ASP H 343 -93.33 -82.42 -174.57
N SER H 344 -93.95 -83.45 -175.16
CA SER H 344 -94.36 -83.43 -176.55
C SER H 344 -95.82 -83.84 -176.66
N SER H 345 -96.45 -83.40 -177.75
CA SER H 345 -97.84 -83.72 -178.01
C SER H 345 -98.05 -84.56 -179.27
N ARG H 346 -97.01 -84.80 -180.06
CA ARG H 346 -97.13 -85.59 -181.28
C ARG H 346 -96.93 -87.07 -180.95
N GLU H 347 -97.89 -87.89 -181.36
CA GLU H 347 -97.84 -89.33 -181.11
C GLU H 347 -97.06 -89.99 -182.24
N PHE H 348 -95.82 -90.37 -181.95
CA PHE H 348 -94.96 -91.02 -182.94
C PHE H 348 -95.37 -92.49 -183.06
N ASP H 349 -96.00 -92.85 -184.16
CA ASP H 349 -96.42 -94.22 -184.38
C ASP H 349 -95.22 -95.14 -184.53
N LEU H 350 -95.36 -96.36 -184.04
CA LEU H 350 -94.30 -97.36 -184.08
C LEU H 350 -94.45 -98.35 -185.22
N THR H 351 -95.38 -98.10 -186.15
CA THR H 351 -95.64 -98.98 -187.27
C THR H 351 -95.19 -98.39 -188.60
N LYS H 352 -95.64 -97.18 -188.92
CA LYS H 352 -95.28 -96.56 -190.18
C LYS H 352 -93.81 -96.19 -190.21
N GLU H 353 -93.18 -96.38 -191.37
CA GLU H 353 -91.77 -96.08 -191.51
C GLU H 353 -91.49 -94.59 -191.34
N GLU H 354 -92.36 -93.75 -191.90
CA GLU H 354 -92.18 -92.30 -191.78
C GLU H 354 -92.24 -91.85 -190.32
N ASP H 355 -93.21 -92.39 -189.57
CA ASP H 355 -93.32 -92.04 -188.16
C ASP H 355 -92.10 -92.51 -187.37
N LEU H 356 -91.59 -93.71 -187.68
CA LEU H 356 -90.39 -94.20 -187.02
C LEU H 356 -89.20 -93.32 -187.33
N ALA H 357 -89.06 -92.89 -188.59
CA ALA H 357 -87.97 -91.99 -188.96
C ALA H 357 -88.09 -90.66 -188.25
N ALA H 358 -89.30 -90.12 -188.13
CA ALA H 358 -89.50 -88.87 -187.41
C ALA H 358 -89.16 -89.03 -185.94
N LEU H 359 -89.54 -90.16 -185.34
CA LEU H 359 -89.20 -90.41 -183.94
C LEU H 359 -87.68 -90.50 -183.74
N ARG H 360 -86.99 -91.20 -184.65
CA ARG H 360 -85.54 -91.29 -184.56
C ARG H 360 -84.89 -89.92 -184.72
N HIS H 361 -85.39 -89.11 -185.64
CA HIS H 361 -84.86 -87.76 -185.81
C HIS H 361 -85.07 -86.91 -184.57
N GLU H 362 -86.26 -87.02 -183.95
CA GLU H 362 -86.52 -86.29 -182.72
C GLU H 362 -85.60 -86.74 -181.59
N ILE H 363 -85.38 -88.05 -181.48
CA ILE H 363 -84.48 -88.57 -180.46
C ILE H 363 -83.06 -88.06 -180.68
N GLU H 364 -82.60 -88.06 -181.93
CA GLU H 364 -81.26 -87.55 -182.24
C GLU H 364 -81.15 -86.07 -181.93
N LEU H 365 -82.19 -85.29 -182.24
CA LEU H 365 -82.18 -83.87 -181.93
C LEU H 365 -82.14 -83.63 -180.42
N ARG H 366 -82.90 -84.41 -179.66
CA ARG H 366 -82.87 -84.29 -178.21
C ARG H 366 -81.51 -84.66 -177.64
N MET H 367 -80.88 -85.70 -178.20
CA MET H 367 -79.54 -86.08 -177.75
C MET H 367 -78.54 -84.99 -178.05
N ARG H 368 -78.61 -84.39 -179.24
CA ARG H 368 -77.69 -83.32 -179.60
C ARG H 368 -77.90 -82.08 -178.73
N LYS H 369 -79.16 -81.76 -178.42
CA LYS H 369 -79.43 -80.59 -177.60
C LYS H 369 -78.85 -80.75 -176.20
N ASN H 370 -79.00 -81.93 -175.61
CA ASN H 370 -78.47 -82.16 -174.27
C ASN H 370 -76.95 -82.09 -174.25
N VAL H 371 -76.29 -82.67 -175.25
CA VAL H 371 -74.83 -82.68 -175.29
C VAL H 371 -74.33 -81.29 -175.65
N LYS H 372 -73.41 -80.77 -174.85
CA LYS H 372 -72.85 -79.45 -175.11
C LYS H 372 -71.94 -79.48 -176.33
N GLU H 373 -71.75 -78.32 -176.94
CA GLU H 373 -70.90 -78.18 -178.12
C GLU H 373 -69.44 -78.26 -177.68
N GLY H 374 -68.92 -79.48 -177.62
CA GLY H 374 -67.56 -79.70 -177.19
C GLY H 374 -67.43 -80.86 -176.22
N CYS H 375 -68.52 -81.22 -175.58
CA CYS H 375 -68.54 -82.33 -174.63
C CYS H 375 -69.02 -83.61 -175.31
N THR H 376 -68.96 -84.71 -174.56
CA THR H 376 -69.37 -86.01 -175.05
C THR H 376 -70.54 -86.59 -174.28
N VAL H 377 -70.50 -86.57 -172.95
CA VAL H 377 -71.55 -87.11 -172.10
C VAL H 377 -72.24 -85.96 -171.39
N SER H 378 -73.57 -85.93 -171.48
CA SER H 378 -74.37 -84.89 -170.87
C SER H 378 -75.19 -85.46 -169.72
N PRO H 379 -75.19 -84.81 -168.56
CA PRO H 379 -75.99 -85.32 -167.42
C PRO H 379 -77.49 -85.27 -167.67
N GLU H 380 -77.96 -84.48 -168.63
CA GLU H 380 -79.39 -84.37 -168.89
C GLU H 380 -79.94 -85.69 -169.42
N THR H 381 -81.13 -86.04 -168.97
CA THR H 381 -81.79 -87.28 -169.36
C THR H 381 -82.94 -86.99 -170.32
N ILE H 382 -83.35 -88.02 -171.04
CA ILE H 382 -84.44 -87.94 -172.01
C ILE H 382 -85.53 -88.91 -171.57
N SER H 383 -86.75 -88.41 -171.47
CA SER H 383 -87.90 -89.19 -171.02
C SER H 383 -88.81 -89.49 -172.21
N LEU H 384 -89.16 -90.77 -172.37
CA LEU H 384 -90.04 -91.19 -173.45
C LEU H 384 -91.00 -92.25 -172.92
N ASN H 385 -92.27 -92.12 -173.28
CA ASN H 385 -93.31 -93.05 -172.87
C ASN H 385 -93.79 -93.83 -174.09
N VAL H 386 -93.82 -95.15 -173.97
CA VAL H 386 -94.24 -96.05 -175.04
C VAL H 386 -95.55 -96.70 -174.65
N LYS H 387 -96.55 -96.59 -175.53
CA LYS H 387 -97.87 -97.16 -175.30
C LYS H 387 -98.25 -98.06 -176.47
N GLY H 388 -99.09 -99.05 -176.18
CA GLY H 388 -99.55 -99.98 -177.18
C GLY H 388 -99.86 -101.35 -176.61
N PRO H 389 -100.76 -102.08 -177.27
CA PRO H 389 -101.11 -103.42 -176.80
C PRO H 389 -99.95 -104.39 -176.93
N GLY H 390 -99.96 -105.40 -176.06
CA GLY H 390 -98.93 -106.42 -176.06
C GLY H 390 -97.68 -106.09 -175.27
N LEU H 391 -97.62 -104.92 -174.66
CA LEU H 391 -96.47 -104.51 -173.87
C LEU H 391 -96.74 -104.71 -172.38
N GLN H 392 -95.66 -104.68 -171.59
CA GLN H 392 -95.73 -104.84 -170.16
C GLN H 392 -95.82 -103.47 -169.50
N ARG H 393 -95.76 -103.45 -168.17
CA ARG H 393 -95.81 -102.22 -167.37
C ARG H 393 -94.52 -102.11 -166.58
N MET H 394 -93.52 -101.49 -167.20
CA MET H 394 -92.22 -101.29 -166.57
C MET H 394 -91.52 -100.12 -167.23
N VAL H 395 -90.49 -99.62 -166.56
CA VAL H 395 -89.70 -98.48 -167.05
C VAL H 395 -88.29 -98.98 -167.34
N LEU H 396 -87.83 -98.75 -168.57
CA LEU H 396 -86.51 -99.14 -169.01
C LEU H 396 -85.63 -97.92 -169.19
N VAL H 397 -84.40 -98.01 -168.70
CA VAL H 397 -83.43 -96.92 -168.78
C VAL H 397 -82.27 -97.37 -169.67
N ASP H 398 -81.94 -96.54 -170.66
CA ASP H 398 -80.86 -96.82 -171.59
C ASP H 398 -79.66 -95.94 -171.27
N LEU H 399 -78.48 -96.55 -171.21
CA LEU H 399 -77.25 -95.85 -170.90
C LEU H 399 -76.20 -96.18 -171.94
N PRO H 400 -75.25 -95.26 -172.18
CA PRO H 400 -74.17 -95.56 -173.13
C PRO H 400 -73.32 -96.73 -172.67
N GLY H 401 -72.79 -97.47 -173.64
CA GLY H 401 -71.98 -98.63 -173.33
C GLY H 401 -70.67 -98.27 -172.65
N VAL H 402 -70.14 -99.23 -171.92
CA VAL H 402 -68.88 -99.05 -171.20
C VAL H 402 -67.72 -99.13 -172.17
N ILE H 403 -66.84 -98.14 -172.14
CA ILE H 403 -65.68 -98.08 -173.01
C ILE H 403 -64.42 -98.25 -172.18
N ASN H 404 -63.34 -98.62 -172.86
CA ASN H 404 -62.04 -98.83 -172.20
C ASN H 404 -60.99 -97.83 -172.66
N THR H 405 -60.85 -97.62 -173.97
CA THR H 405 -59.86 -96.69 -174.48
C THR H 405 -60.34 -95.25 -174.29
N VAL H 406 -59.39 -94.32 -174.38
CA VAL H 406 -59.64 -92.89 -174.22
C VAL H 406 -59.35 -92.20 -175.53
N THR H 407 -60.32 -91.44 -176.03
CA THR H 407 -60.16 -90.73 -177.30
C THR H 407 -59.41 -89.42 -177.08
N SER H 408 -58.36 -89.20 -177.87
CA SER H 408 -57.59 -87.97 -177.75
C SER H 408 -58.37 -86.76 -178.25
N GLY H 409 -59.28 -86.96 -179.19
CA GLY H 409 -60.08 -85.89 -179.74
C GLY H 409 -61.30 -85.51 -178.92
N MET H 410 -61.53 -86.17 -177.80
CA MET H 410 -62.66 -85.90 -176.93
C MET H 410 -62.15 -85.61 -175.51
N ALA H 411 -63.09 -85.50 -174.58
CA ALA H 411 -62.73 -85.22 -173.19
C ALA H 411 -61.98 -86.40 -172.59
N PRO H 412 -60.81 -86.18 -171.99
CA PRO H 412 -60.07 -87.31 -171.38
C PRO H 412 -60.80 -87.97 -170.22
N ASP H 413 -61.75 -87.27 -169.59
CA ASP H 413 -62.49 -87.80 -168.46
C ASP H 413 -63.83 -88.39 -168.85
N THR H 414 -64.03 -88.67 -170.15
CA THR H 414 -65.29 -89.26 -170.59
C THR H 414 -65.49 -90.65 -169.99
N LYS H 415 -64.43 -91.47 -169.95
CA LYS H 415 -64.55 -92.80 -169.36
C LYS H 415 -64.83 -92.70 -167.86
N GLU H 416 -64.17 -91.78 -167.17
CA GLU H 416 -64.42 -91.59 -165.75
C GLU H 416 -65.85 -91.13 -165.50
N THR H 417 -66.35 -90.21 -166.33
CA THR H 417 -67.73 -89.76 -166.19
C THR H 417 -68.71 -90.90 -166.43
N ILE H 418 -68.46 -91.73 -167.43
CA ILE H 418 -69.34 -92.86 -167.70
C ILE H 418 -69.33 -93.84 -166.53
N PHE H 419 -68.14 -94.11 -165.98
CA PHE H 419 -68.03 -95.01 -164.83
C PHE H 419 -68.78 -94.44 -163.62
N SER H 420 -68.65 -93.14 -163.38
CA SER H 420 -69.34 -92.51 -162.26
C SER H 420 -70.86 -92.59 -162.45
N ILE H 421 -71.33 -92.34 -163.67
CA ILE H 421 -72.76 -92.42 -163.95
C ILE H 421 -73.26 -93.86 -163.74
N SER H 422 -72.50 -94.84 -164.21
CA SER H 422 -72.89 -96.23 -164.01
C SER H 422 -72.93 -96.60 -162.53
N LYS H 423 -71.94 -96.14 -161.76
CA LYS H 423 -71.93 -96.41 -160.33
C LYS H 423 -73.13 -95.77 -159.64
N ALA H 424 -73.44 -94.51 -160.01
CA ALA H 424 -74.58 -93.84 -159.41
C ALA H 424 -75.89 -94.55 -159.75
N TYR H 425 -76.03 -95.03 -160.98
CA TYR H 425 -77.22 -95.78 -161.36
C TYR H 425 -77.31 -97.09 -160.59
N MET H 426 -76.17 -97.78 -160.42
CA MET H 426 -76.15 -99.04 -159.68
C MET H 426 -76.27 -98.84 -158.17
N GLN H 427 -76.16 -97.61 -157.67
CA GLN H 427 -76.29 -97.35 -156.25
C GLN H 427 -77.67 -97.72 -155.72
N ASN H 428 -78.68 -97.79 -156.59
CA ASN H 428 -80.02 -98.18 -156.17
C ASN H 428 -80.02 -99.67 -155.81
N PRO H 429 -80.38 -100.03 -154.58
CA PRO H 429 -80.39 -101.46 -154.21
C PRO H 429 -81.41 -102.28 -154.98
N ASN H 430 -82.44 -101.65 -155.55
CA ASN H 430 -83.49 -102.35 -156.27
C ASN H 430 -83.47 -102.06 -157.77
N ALA H 431 -82.33 -101.62 -158.29
CA ALA H 431 -82.21 -101.33 -159.72
C ALA H 431 -81.99 -102.63 -160.48
N ILE H 432 -82.95 -103.00 -161.32
CA ILE H 432 -82.84 -104.22 -162.13
C ILE H 432 -81.96 -103.92 -163.33
N ILE H 433 -80.93 -104.74 -163.52
CA ILE H 433 -79.97 -104.57 -164.61
C ILE H 433 -80.23 -105.66 -165.65
N LEU H 434 -80.43 -105.24 -166.89
CA LEU H 434 -80.68 -106.16 -168.01
C LEU H 434 -79.42 -106.20 -168.86
N CYS H 435 -78.65 -107.28 -168.72
CA CYS H 435 -77.41 -107.45 -169.46
C CYS H 435 -77.70 -107.99 -170.85
N ILE H 436 -77.13 -107.36 -171.87
CA ILE H 436 -77.28 -107.76 -173.26
C ILE H 436 -75.91 -108.07 -173.83
N GLN H 437 -75.78 -109.23 -174.44
CA GLN H 437 -74.53 -109.69 -175.04
C GLN H 437 -74.74 -109.89 -176.54
N ASP H 438 -73.71 -110.42 -177.20
CA ASP H 438 -73.73 -110.67 -178.64
C ASP H 438 -73.30 -112.10 -178.90
N GLY H 439 -73.62 -112.57 -180.12
CA GLY H 439 -73.23 -113.93 -180.49
C GLY H 439 -71.73 -114.13 -180.54
N SER H 440 -71.00 -113.12 -181.00
CA SER H 440 -69.54 -113.19 -181.08
C SER H 440 -68.86 -112.80 -179.77
N VAL H 441 -69.61 -112.39 -178.76
CA VAL H 441 -69.06 -111.97 -177.47
C VAL H 441 -69.42 -113.03 -176.44
N ASP H 442 -68.40 -113.55 -175.75
CA ASP H 442 -68.62 -114.57 -174.74
C ASP H 442 -69.18 -113.95 -173.46
N ALA H 443 -69.65 -114.81 -172.56
CA ALA H 443 -70.21 -114.35 -171.30
C ALA H 443 -69.16 -113.64 -170.46
N GLU H 444 -67.94 -114.19 -170.40
CA GLU H 444 -66.87 -113.57 -169.64
C GLU H 444 -66.35 -112.30 -170.31
N ARG H 445 -66.52 -112.17 -171.62
CA ARG H 445 -66.06 -110.98 -172.34
C ARG H 445 -66.99 -109.78 -172.15
N SER H 446 -68.17 -109.98 -171.56
CA SER H 446 -69.11 -108.88 -171.34
C SER H 446 -68.68 -108.11 -170.10
N ILE H 447 -68.36 -106.82 -170.28
CA ILE H 447 -67.96 -105.99 -169.16
C ILE H 447 -69.13 -105.76 -168.21
N VAL H 448 -70.34 -105.61 -168.76
CA VAL H 448 -71.51 -105.38 -167.92
C VAL H 448 -71.78 -106.58 -167.02
N THR H 449 -71.68 -107.80 -167.57
CA THR H 449 -71.90 -108.99 -166.78
C THR H 449 -70.88 -109.12 -165.66
N ASP H 450 -69.61 -108.86 -165.97
CA ASP H 450 -68.57 -108.93 -164.94
C ASP H 450 -68.80 -107.88 -163.85
N LEU H 451 -69.20 -106.67 -164.24
CA LEU H 451 -69.47 -105.62 -163.26
C LEU H 451 -70.65 -106.00 -162.37
N VAL H 452 -71.70 -106.57 -162.97
CA VAL H 452 -72.86 -107.00 -162.18
C VAL H 452 -72.46 -108.10 -161.21
N SER H 453 -71.66 -109.06 -161.68
CA SER H 453 -71.22 -110.15 -160.80
C SER H 453 -70.38 -109.61 -159.64
N GLN H 454 -69.48 -108.66 -159.94
CA GLN H 454 -68.65 -108.08 -158.88
C GLN H 454 -69.50 -107.31 -157.87
N MET H 455 -70.47 -106.53 -158.36
CA MET H 455 -71.30 -105.74 -157.45
C MET H 455 -72.36 -106.59 -156.76
N ASP H 456 -72.87 -107.63 -157.42
CA ASP H 456 -73.91 -108.50 -156.87
C ASP H 456 -73.45 -109.95 -157.02
N PRO H 457 -72.57 -110.42 -156.14
CA PRO H 457 -72.14 -111.83 -156.22
C PRO H 457 -73.28 -112.82 -156.06
N HIS H 458 -74.29 -112.51 -155.24
CA HIS H 458 -75.40 -113.42 -155.06
C HIS H 458 -76.30 -113.45 -156.30
N GLY H 459 -76.60 -112.29 -156.86
CA GLY H 459 -77.45 -112.22 -158.04
C GLY H 459 -78.88 -112.68 -157.80
N ARG H 460 -79.43 -112.37 -156.62
CA ARG H 460 -80.79 -112.76 -156.30
C ARG H 460 -81.84 -111.90 -156.99
N ARG H 461 -81.46 -110.73 -157.51
CA ARG H 461 -82.38 -109.85 -158.19
C ARG H 461 -82.05 -109.63 -159.66
N THR H 462 -80.90 -110.10 -160.13
CA THR H 462 -80.49 -109.94 -161.52
C THR H 462 -80.71 -111.25 -162.27
N ILE H 463 -81.39 -111.18 -163.40
CA ILE H 463 -81.70 -112.33 -164.23
C ILE H 463 -80.97 -112.19 -165.55
N PHE H 464 -80.17 -113.20 -165.89
CA PHE H 464 -79.40 -113.18 -167.12
C PHE H 464 -80.29 -113.56 -168.31
N VAL H 465 -80.20 -112.78 -169.39
CA VAL H 465 -80.93 -113.02 -170.62
C VAL H 465 -79.93 -113.20 -171.75
N LEU H 466 -80.05 -114.30 -172.49
CA LEU H 466 -79.16 -114.60 -173.60
C LEU H 466 -79.83 -114.21 -174.91
N THR H 467 -79.15 -113.39 -175.70
CA THR H 467 -79.67 -112.90 -176.97
C THR H 467 -78.75 -113.35 -178.11
N LYS H 468 -79.35 -113.46 -179.30
CA LYS H 468 -78.63 -113.87 -180.50
C LYS H 468 -77.96 -115.23 -180.32
N VAL H 469 -78.77 -116.23 -179.94
CA VAL H 469 -78.26 -117.58 -179.74
C VAL H 469 -77.80 -118.19 -181.07
N ASP H 470 -78.53 -117.93 -182.15
CA ASP H 470 -78.18 -118.51 -183.45
C ASP H 470 -76.82 -118.01 -183.92
N LEU H 471 -76.54 -116.71 -183.74
CA LEU H 471 -75.25 -116.18 -184.16
C LEU H 471 -74.11 -116.81 -183.39
N ALA H 472 -74.27 -116.99 -182.08
CA ALA H 472 -73.24 -117.65 -181.29
C ALA H 472 -73.06 -119.10 -181.70
N GLU H 473 -74.17 -119.80 -181.98
CA GLU H 473 -74.08 -121.20 -182.39
C GLU H 473 -73.38 -121.34 -183.73
N LYS H 474 -73.64 -120.44 -184.67
CA LYS H 474 -73.03 -120.52 -185.99
C LYS H 474 -71.54 -120.22 -185.95
N ASN H 475 -71.04 -119.63 -184.86
CA ASN H 475 -69.62 -119.31 -184.74
C ASN H 475 -68.85 -120.46 -184.08
N VAL H 476 -69.00 -121.66 -184.64
CA VAL H 476 -68.39 -122.91 -184.19
C VAL H 476 -68.20 -122.96 -182.68
N ALA H 477 -69.23 -122.55 -181.93
CA ALA H 477 -69.16 -122.55 -180.48
C ALA H 477 -69.41 -123.97 -179.94
N SER H 478 -69.00 -124.18 -178.70
CA SER H 478 -69.19 -125.47 -178.04
C SER H 478 -70.58 -125.53 -177.44
N PRO H 479 -71.40 -126.53 -177.80
CA PRO H 479 -72.74 -126.63 -177.21
C PRO H 479 -72.73 -126.87 -175.71
N SER H 480 -71.65 -127.42 -175.17
CA SER H 480 -71.58 -127.64 -173.72
C SER H 480 -71.61 -126.31 -172.97
N ARG H 481 -70.88 -125.31 -173.46
CA ARG H 481 -70.89 -124.00 -172.82
C ARG H 481 -72.28 -123.38 -172.86
N ILE H 482 -72.97 -123.48 -173.98
CA ILE H 482 -74.32 -122.94 -174.10
C ILE H 482 -75.26 -123.66 -173.14
N GLN H 483 -75.15 -124.99 -173.06
CA GLN H 483 -75.99 -125.75 -172.13
C GLN H 483 -75.73 -125.35 -170.69
N GLN H 484 -74.46 -125.18 -170.32
CA GLN H 484 -74.12 -124.78 -168.96
C GLN H 484 -74.65 -123.39 -168.65
N ILE H 485 -74.55 -122.46 -169.62
CA ILE H 485 -75.06 -121.11 -169.41
C ILE H 485 -76.57 -121.13 -169.22
N ILE H 486 -77.27 -121.88 -170.08
CA ILE H 486 -78.72 -121.96 -169.98
C ILE H 486 -79.13 -122.63 -168.67
N GLU H 487 -78.48 -123.73 -168.32
CA GLU H 487 -78.80 -124.42 -167.07
C GLU H 487 -78.33 -123.66 -165.84
N GLY H 488 -77.28 -122.85 -165.97
CA GLY H 488 -76.79 -122.06 -164.86
C GLY H 488 -75.72 -122.76 -164.06
N LYS H 489 -74.84 -123.50 -164.73
CA LYS H 489 -73.75 -124.22 -164.10
C LYS H 489 -72.42 -123.49 -164.22
N LEU H 490 -72.42 -122.26 -164.73
CA LEU H 490 -71.21 -121.48 -164.92
C LEU H 490 -71.22 -120.16 -164.19
N PHE H 491 -72.37 -119.48 -164.14
CA PHE H 491 -72.45 -118.19 -163.47
C PHE H 491 -72.49 -118.39 -161.96
N PRO H 492 -71.56 -117.78 -161.21
CA PRO H 492 -71.60 -117.94 -159.75
C PRO H 492 -72.86 -117.39 -159.10
N MET H 493 -73.46 -116.34 -159.68
CA MET H 493 -74.65 -115.75 -159.10
C MET H 493 -75.84 -116.70 -159.21
N LYS H 494 -76.71 -116.66 -158.21
CA LYS H 494 -77.90 -117.50 -158.16
C LYS H 494 -79.09 -116.70 -158.69
N ALA H 495 -79.16 -116.62 -160.01
CA ALA H 495 -80.25 -115.91 -160.66
C ALA H 495 -81.56 -116.69 -160.55
N LEU H 496 -82.67 -115.96 -160.64
CA LEU H 496 -83.98 -116.59 -160.55
C LEU H 496 -84.28 -117.49 -161.75
N GLY H 497 -83.58 -117.31 -162.85
CA GLY H 497 -83.79 -118.15 -164.02
C GLY H 497 -82.89 -117.71 -165.15
N TYR H 498 -82.89 -118.52 -166.21
CA TYR H 498 -82.08 -118.25 -167.40
C TYR H 498 -82.91 -118.60 -168.62
N PHE H 499 -83.03 -117.65 -169.55
CA PHE H 499 -83.78 -117.84 -170.79
C PHE H 499 -82.93 -117.41 -171.97
N ALA H 500 -82.99 -118.19 -173.05
CA ALA H 500 -82.24 -117.92 -174.26
C ALA H 500 -83.21 -117.56 -175.38
N VAL H 501 -83.00 -116.40 -176.00
CA VAL H 501 -83.87 -115.91 -177.07
C VAL H 501 -82.99 -115.45 -178.23
N VAL H 502 -83.61 -115.36 -179.40
CA VAL H 502 -82.94 -114.92 -180.62
C VAL H 502 -83.57 -113.59 -181.05
N THR H 503 -82.74 -112.57 -181.22
CA THR H 503 -83.18 -111.24 -181.62
C THR H 503 -82.70 -110.89 -183.02
N GLY H 504 -82.67 -111.88 -183.91
CA GLY H 504 -82.24 -111.67 -185.27
C GLY H 504 -80.73 -111.66 -185.41
N LYS H 505 -80.28 -111.34 -186.62
CA LYS H 505 -78.86 -111.28 -186.92
C LYS H 505 -78.22 -109.95 -186.54
N GLY H 506 -78.99 -109.00 -186.06
CA GLY H 506 -78.45 -107.71 -185.66
C GLY H 506 -78.18 -106.75 -186.79
N ASN H 507 -78.60 -107.08 -188.01
CA ASN H 507 -78.37 -106.22 -189.17
C ASN H 507 -79.41 -105.09 -189.18
N SER H 508 -79.38 -104.27 -190.23
CA SER H 508 -80.30 -103.15 -190.38
C SER H 508 -81.18 -103.32 -191.62
N SER H 509 -81.48 -104.56 -191.99
CA SER H 509 -82.30 -104.83 -193.16
C SER H 509 -83.38 -105.88 -192.88
N GLU H 510 -83.63 -106.20 -191.62
CA GLU H 510 -84.65 -107.18 -191.23
C GLU H 510 -85.74 -106.47 -190.46
N SER H 511 -86.99 -106.66 -190.89
CA SER H 511 -88.11 -106.04 -190.22
C SER H 511 -88.39 -106.72 -188.89
N ILE H 512 -89.17 -106.04 -188.04
CA ILE H 512 -89.51 -106.59 -186.74
C ILE H 512 -90.33 -107.85 -186.88
N GLU H 513 -91.29 -107.86 -187.81
CA GLU H 513 -92.12 -109.04 -188.03
C GLU H 513 -91.29 -110.22 -188.50
N ALA H 514 -90.34 -109.97 -189.41
CA ALA H 514 -89.48 -111.04 -189.90
C ALA H 514 -88.63 -111.63 -188.78
N ILE H 515 -88.07 -110.77 -187.93
CA ILE H 515 -87.26 -111.25 -186.81
C ILE H 515 -88.11 -112.05 -185.84
N ARG H 516 -89.33 -111.57 -185.57
CA ARG H 516 -90.22 -112.31 -184.67
C ARG H 516 -90.58 -113.67 -185.24
N GLU H 517 -90.86 -113.74 -186.54
CA GLU H 517 -91.18 -115.02 -187.18
C GLU H 517 -89.98 -115.96 -187.14
N TYR H 518 -88.78 -115.43 -187.38
CA TYR H 518 -87.59 -116.27 -187.32
C TYR H 518 -87.36 -116.79 -185.90
N GLU H 519 -87.58 -115.95 -184.89
CA GLU H 519 -87.43 -116.39 -183.51
C GLU H 519 -88.45 -117.46 -183.16
N GLU H 520 -89.70 -117.28 -183.61
CA GLU H 520 -90.73 -118.29 -183.37
C GLU H 520 -90.38 -119.61 -184.04
N GLU H 521 -89.89 -119.56 -185.28
CA GLU H 521 -89.49 -120.78 -185.97
C GLU H 521 -88.34 -121.46 -185.26
N PHE H 522 -87.35 -120.68 -184.80
CA PHE H 522 -86.23 -121.26 -184.07
C PHE H 522 -86.68 -121.90 -182.76
N PHE H 523 -87.61 -121.26 -182.06
CA PHE H 523 -88.13 -121.85 -180.82
C PHE H 523 -88.90 -123.13 -181.11
N GLN H 524 -89.69 -123.15 -182.18
CA GLN H 524 -90.44 -124.36 -182.52
C GLN H 524 -89.51 -125.50 -182.91
N ASN H 525 -88.49 -125.20 -183.71
CA ASN H 525 -87.52 -126.21 -184.16
C ASN H 525 -86.12 -125.67 -183.87
N SER H 526 -85.48 -126.19 -182.82
CA SER H 526 -84.15 -125.77 -182.43
C SER H 526 -83.21 -126.96 -182.43
N LYS H 527 -81.94 -126.71 -182.77
CA LYS H 527 -80.93 -127.75 -182.80
C LYS H 527 -80.50 -128.20 -181.41
N LEU H 528 -80.84 -127.46 -180.37
CA LEU H 528 -80.48 -127.81 -179.00
C LEU H 528 -81.62 -128.41 -178.21
N LEU H 529 -82.87 -128.07 -178.54
CA LEU H 529 -84.01 -128.64 -177.82
C LEU H 529 -84.20 -130.11 -178.16
N LYS H 530 -83.85 -130.52 -179.38
CA LYS H 530 -83.99 -131.91 -179.80
C LYS H 530 -82.96 -132.84 -179.17
N THR H 531 -81.93 -132.29 -178.53
CA THR H 531 -80.89 -133.09 -177.89
C THR H 531 -81.22 -133.43 -176.44
N SER H 532 -82.38 -132.99 -175.93
CA SER H 532 -82.81 -133.25 -174.56
C SER H 532 -81.78 -132.76 -173.55
N MET H 533 -81.19 -131.60 -173.83
CA MET H 533 -80.20 -130.99 -172.95
C MET H 533 -80.66 -129.68 -172.34
N LEU H 534 -81.87 -129.23 -172.66
CA LEU H 534 -82.40 -127.99 -172.13
C LEU H 534 -83.75 -128.24 -171.48
N LYS H 535 -84.03 -127.49 -170.42
CA LYS H 535 -85.28 -127.65 -169.69
C LYS H 535 -86.45 -127.17 -170.54
N ALA H 536 -87.57 -127.90 -170.43
CA ALA H 536 -88.76 -127.56 -171.23
C ALA H 536 -89.47 -126.33 -170.69
N HIS H 537 -89.33 -126.04 -169.40
CA HIS H 537 -90.01 -124.90 -168.78
C HIS H 537 -89.22 -123.61 -168.91
N GLN H 538 -88.05 -123.63 -169.52
CA GLN H 538 -87.22 -122.44 -169.72
C GLN H 538 -87.35 -121.88 -171.14
N VAL H 539 -88.54 -121.98 -171.74
CA VAL H 539 -88.76 -121.49 -173.09
C VAL H 539 -89.65 -120.26 -173.05
N THR H 540 -89.78 -119.58 -174.19
CA THR H 540 -90.57 -118.36 -174.33
C THR H 540 -90.14 -117.28 -173.35
N THR H 541 -90.96 -116.26 -173.18
CA THR H 541 -90.65 -115.15 -172.27
C THR H 541 -91.82 -114.72 -171.40
N ARG H 542 -92.99 -115.37 -171.51
CA ARG H 542 -94.16 -114.92 -170.77
C ARG H 542 -93.95 -115.08 -169.26
N ASN H 543 -93.48 -116.25 -168.83
CA ASN H 543 -93.28 -116.49 -167.40
C ASN H 543 -92.21 -115.57 -166.84
N LEU H 544 -91.10 -115.40 -167.58
CA LEU H 544 -90.04 -114.51 -167.12
C LEU H 544 -90.53 -113.08 -167.01
N SER H 545 -91.29 -112.61 -168.00
CA SER H 545 -91.83 -111.25 -167.96
C SER H 545 -92.78 -111.07 -166.78
N LEU H 546 -93.64 -112.06 -166.54
CA LEU H 546 -94.57 -111.96 -165.42
C LEU H 546 -93.82 -111.93 -164.09
N ALA H 547 -92.80 -112.78 -163.93
CA ALA H 547 -92.01 -112.78 -162.70
C ALA H 547 -91.29 -111.46 -162.50
N VAL H 548 -90.70 -110.92 -163.57
CA VAL H 548 -89.99 -109.64 -163.47
C VAL H 548 -90.96 -108.53 -163.10
N SER H 549 -92.15 -108.52 -163.72
CA SER H 549 -93.14 -107.49 -163.41
C SER H 549 -93.60 -107.59 -161.96
N ASP H 550 -93.84 -108.81 -161.47
CA ASP H 550 -94.27 -108.97 -160.09
C ASP H 550 -93.18 -108.54 -159.11
N CYS H 551 -91.93 -108.90 -159.39
CA CYS H 551 -90.83 -108.48 -158.52
C CYS H 551 -90.67 -106.97 -158.52
N PHE H 552 -90.76 -106.34 -159.70
CA PHE H 552 -90.65 -104.89 -159.78
C PHE H 552 -91.80 -104.22 -159.03
N TRP H 553 -93.02 -104.74 -159.16
CA TRP H 553 -94.15 -104.15 -158.46
C TRP H 553 -93.99 -104.27 -156.95
N LYS H 554 -93.58 -105.43 -156.45
CA LYS H 554 -93.44 -105.59 -155.01
C LYS H 554 -92.29 -104.73 -154.47
N MET H 555 -91.18 -104.65 -155.20
CA MET H 555 -90.06 -103.84 -154.72
C MET H 555 -90.39 -102.36 -154.76
N VAL H 556 -91.13 -101.90 -155.78
CA VAL H 556 -91.49 -100.49 -155.83
C VAL H 556 -92.55 -100.18 -154.77
N ARG H 557 -93.43 -101.13 -154.45
CA ARG H 557 -94.37 -100.91 -153.37
C ARG H 557 -93.66 -100.78 -152.03
N GLU H 558 -92.68 -101.66 -151.77
CA GLU H 558 -91.91 -101.54 -150.54
C GLU H 558 -91.13 -100.22 -150.50
N SER H 559 -90.54 -99.83 -151.64
CA SER H 559 -89.78 -98.59 -151.69
C SER H 559 -90.66 -97.37 -151.42
N VAL H 560 -91.86 -97.34 -152.02
CA VAL H 560 -92.74 -96.19 -151.81
C VAL H 560 -93.29 -96.20 -150.39
N GLU H 561 -93.52 -97.39 -149.81
CA GLU H 561 -93.95 -97.45 -148.42
C GLU H 561 -92.90 -96.88 -147.48
N GLN H 562 -91.62 -97.22 -147.73
CA GLN H 562 -90.54 -96.65 -146.93
C GLN H 562 -90.40 -95.14 -147.17
N GLN H 563 -90.52 -94.71 -148.43
CA GLN H 563 -90.30 -93.31 -148.75
C GLN H 563 -91.43 -92.42 -148.25
N ALA H 564 -92.64 -92.96 -148.07
CA ALA H 564 -93.74 -92.16 -147.53
C ALA H 564 -93.38 -91.55 -146.18
N ASP H 565 -92.52 -92.22 -145.42
CA ASP H 565 -92.01 -91.67 -144.17
C ASP H 565 -90.61 -91.09 -144.31
N SER H 566 -89.79 -91.64 -145.20
CA SER H 566 -88.43 -91.13 -145.39
C SER H 566 -88.45 -89.69 -145.88
N PHE H 567 -89.30 -89.38 -146.86
CA PHE H 567 -89.37 -88.02 -147.39
C PHE H 567 -89.95 -87.06 -146.36
N LYS H 568 -90.93 -87.50 -145.57
CA LYS H 568 -91.45 -86.65 -144.51
C LYS H 568 -90.36 -86.34 -143.49
N ALA H 569 -89.57 -87.34 -143.11
CA ALA H 569 -88.46 -87.10 -142.18
C ALA H 569 -87.45 -86.15 -142.78
N THR H 570 -87.14 -86.32 -144.06
CA THR H 570 -86.18 -85.43 -144.73
C THR H 570 -86.68 -84.00 -144.75
N ARG H 571 -87.97 -83.81 -145.07
CA ARG H 571 -88.55 -82.47 -145.08
C ARG H 571 -88.52 -81.85 -143.68
N PHE H 572 -88.85 -82.63 -142.66
CA PHE H 572 -88.81 -82.12 -141.29
C PHE H 572 -87.39 -81.72 -140.91
N ASN H 573 -86.40 -82.54 -141.26
CA ASN H 573 -85.02 -82.22 -140.95
C ASN H 573 -84.57 -80.95 -141.68
N LEU H 574 -84.96 -80.81 -142.95
CA LEU H 574 -84.59 -79.61 -143.69
C LEU H 574 -85.23 -78.36 -143.09
N GLU H 575 -86.50 -78.46 -142.69
CA GLU H 575 -87.17 -77.32 -142.07
C GLU H 575 -86.50 -76.97 -140.74
N THR H 576 -86.15 -77.98 -139.95
CA THR H 576 -85.46 -77.73 -138.68
C THR H 576 -84.11 -77.08 -138.91
N GLU H 577 -83.36 -77.54 -139.92
CA GLU H 577 -82.06 -76.95 -140.23
C GLU H 577 -82.22 -75.49 -140.65
N TRP H 578 -83.22 -75.20 -141.51
CA TRP H 578 -83.44 -73.84 -141.95
C TRP H 578 -83.82 -72.94 -140.78
N LYS H 579 -84.68 -73.42 -139.88
CA LYS H 579 -85.07 -72.63 -138.72
C LYS H 579 -83.89 -72.40 -137.78
N ASN H 580 -83.06 -73.41 -137.57
CA ASN H 580 -81.95 -73.28 -136.65
C ASN H 580 -80.87 -72.35 -137.19
N ASN H 581 -80.55 -72.47 -138.49
CA ASN H 581 -79.54 -71.59 -139.08
C ASN H 581 -80.01 -70.14 -139.12
N TYR H 582 -81.31 -69.93 -139.28
CA TYR H 582 -81.89 -68.58 -139.37
C TYR H 582 -83.04 -68.47 -138.39
N PRO H 583 -82.74 -68.32 -137.10
CA PRO H 583 -83.83 -68.19 -136.11
C PRO H 583 -84.70 -66.97 -136.33
N ARG H 584 -84.15 -65.88 -136.84
CA ARG H 584 -84.90 -64.64 -137.06
C ARG H 584 -85.26 -64.43 -138.53
N LEU H 585 -84.97 -65.39 -139.40
CA LEU H 585 -85.29 -65.28 -140.82
C LEU H 585 -86.06 -66.51 -141.26
N ARG H 586 -87.17 -66.27 -141.95
CA ARG H 586 -88.01 -67.36 -142.47
C ARG H 586 -87.54 -67.73 -143.88
N GLU H 587 -88.35 -68.54 -144.57
CA GLU H 587 -87.99 -68.98 -145.91
C GLU H 587 -87.83 -67.79 -146.85
N LEU H 588 -86.74 -67.79 -147.60
CA LEU H 588 -86.40 -66.72 -148.55
C LEU H 588 -86.06 -67.35 -149.89
N ASP H 589 -87.08 -67.53 -150.73
CA ASP H 589 -86.89 -68.10 -152.06
C ASP H 589 -86.55 -67.00 -153.06
N ARG H 590 -86.46 -67.38 -154.33
CA ARG H 590 -86.07 -66.42 -155.37
C ARG H 590 -87.10 -65.30 -155.52
N ASN H 591 -88.39 -65.65 -155.50
CA ASN H 591 -89.43 -64.65 -155.73
C ASN H 591 -89.48 -63.62 -154.61
N GLU H 592 -89.51 -64.10 -153.35
CA GLU H 592 -89.59 -63.17 -152.22
C GLU H 592 -88.34 -62.31 -152.12
N LEU H 593 -87.16 -62.90 -152.34
CA LEU H 593 -85.93 -62.12 -152.27
C LEU H 593 -85.86 -61.09 -153.39
N PHE H 594 -86.30 -61.46 -154.60
CA PHE H 594 -86.31 -60.50 -155.69
C PHE H 594 -87.29 -59.37 -155.42
N GLU H 595 -88.46 -59.68 -154.87
CA GLU H 595 -89.42 -58.63 -154.52
C GLU H 595 -88.86 -57.71 -153.44
N LYS H 596 -88.19 -58.29 -152.44
CA LYS H 596 -87.59 -57.48 -151.39
C LYS H 596 -86.49 -56.58 -151.94
N ALA H 597 -85.68 -57.10 -152.86
CA ALA H 597 -84.64 -56.28 -153.48
C ALA H 597 -85.24 -55.15 -154.30
N LYS H 598 -86.32 -55.44 -155.04
CA LYS H 598 -87.01 -54.39 -155.80
C LYS H 598 -87.57 -53.32 -154.87
N ASN H 599 -88.18 -53.74 -153.76
CA ASN H 599 -88.72 -52.78 -152.81
C ASN H 599 -87.61 -51.93 -152.18
N GLU H 600 -86.48 -52.55 -151.86
CA GLU H 600 -85.35 -51.80 -151.30
C GLU H 600 -84.80 -50.81 -152.32
N ILE H 601 -84.73 -51.19 -153.59
CA ILE H 601 -84.27 -50.27 -154.63
C ILE H 601 -85.23 -49.10 -154.75
N LEU H 602 -86.54 -49.39 -154.73
CA LEU H 602 -87.53 -48.31 -154.80
C LEU H 602 -87.42 -47.37 -153.61
N ASP H 603 -87.22 -47.92 -152.41
CA ASP H 603 -87.06 -47.07 -151.23
C ASP H 603 -85.81 -46.22 -151.32
N GLU H 604 -84.71 -46.80 -151.82
CA GLU H 604 -83.48 -46.02 -151.98
C GLU H 604 -83.67 -44.90 -153.00
N VAL H 605 -84.38 -45.18 -154.10
CA VAL H 605 -84.65 -44.14 -155.09
C VAL H 605 -85.51 -43.04 -154.49
N ILE H 606 -86.51 -43.43 -153.69
CA ILE H 606 -87.38 -42.44 -153.04
C ILE H 606 -86.57 -41.56 -152.10
N SER H 607 -85.69 -42.19 -151.30
CA SER H 607 -84.85 -41.42 -150.38
C SER H 607 -83.92 -40.48 -151.14
N LEU H 608 -83.36 -40.95 -152.26
CA LEU H 608 -82.50 -40.11 -153.09
C LEU H 608 -83.27 -38.91 -153.62
N SER H 609 -84.51 -39.13 -154.08
CA SER H 609 -85.31 -38.03 -154.61
C SER H 609 -85.77 -37.09 -153.51
N GLN H 610 -85.85 -37.57 -152.26
CA GLN H 610 -86.34 -36.77 -151.16
C GLN H 610 -85.27 -35.93 -150.48
N VAL H 611 -84.01 -36.04 -150.91
CA VAL H 611 -82.94 -35.24 -150.31
C VAL H 611 -83.15 -33.78 -150.67
N THR H 612 -82.89 -32.90 -149.72
CA THR H 612 -83.06 -31.47 -149.92
C THR H 612 -82.14 -30.97 -151.03
N PRO H 613 -82.66 -30.23 -152.02
CA PRO H 613 -81.80 -29.76 -153.12
C PRO H 613 -80.67 -28.84 -152.65
N LYS H 614 -80.85 -28.14 -151.53
CA LYS H 614 -79.81 -27.22 -151.06
C LYS H 614 -78.52 -27.96 -150.72
N HIS H 615 -78.64 -29.11 -150.07
CA HIS H 615 -77.45 -29.91 -149.77
C HIS H 615 -76.76 -30.38 -151.03
N TRP H 616 -77.54 -30.80 -152.03
CA TRP H 616 -76.96 -31.19 -153.31
C TRP H 616 -76.21 -30.02 -153.95
N GLU H 617 -76.81 -28.84 -153.94
CA GLU H 617 -76.16 -27.67 -154.53
C GLU H 617 -74.86 -27.34 -153.81
N GLU H 618 -74.88 -27.38 -152.47
CA GLU H 618 -73.67 -27.09 -151.71
C GLU H 618 -72.58 -28.11 -151.99
N ILE H 619 -72.93 -29.40 -152.02
CA ILE H 619 -71.94 -30.45 -152.26
C ILE H 619 -71.35 -30.30 -153.66
N LEU H 620 -72.22 -30.08 -154.66
CA LEU H 620 -71.74 -29.94 -156.03
C LEU H 620 -70.83 -28.72 -156.17
N GLN H 621 -71.22 -27.60 -155.57
CA GLN H 621 -70.40 -26.39 -155.65
C GLN H 621 -69.04 -26.61 -155.00
N GLN H 622 -69.02 -27.22 -153.82
CA GLN H 622 -67.76 -27.46 -153.12
C GLN H 622 -66.87 -28.40 -153.92
N SER H 623 -67.43 -29.50 -154.43
CA SER H 623 -66.64 -30.46 -155.19
C SER H 623 -66.10 -29.84 -156.47
N LEU H 624 -66.94 -29.09 -157.19
CA LEU H 624 -66.49 -28.45 -158.42
C LEU H 624 -65.40 -27.42 -158.15
N TRP H 625 -65.56 -26.62 -157.09
CA TRP H 625 -64.54 -25.64 -156.76
C TRP H 625 -63.22 -26.31 -156.40
N GLU H 626 -63.28 -27.37 -155.59
CA GLU H 626 -62.05 -28.09 -155.24
C GLU H 626 -61.41 -28.72 -156.46
N ARG H 627 -62.22 -29.15 -157.43
CA ARG H 627 -61.67 -29.79 -158.62
C ARG H 627 -61.03 -28.76 -159.56
N VAL H 628 -61.64 -27.59 -159.72
CA VAL H 628 -61.19 -26.65 -160.74
C VAL H 628 -60.34 -25.52 -160.15
N SER H 629 -60.04 -25.56 -158.85
CA SER H 629 -59.18 -24.53 -158.27
C SER H 629 -57.81 -24.52 -158.94
N THR H 630 -57.20 -25.70 -159.08
CA THR H 630 -55.88 -25.77 -159.70
C THR H 630 -55.93 -25.36 -161.17
N HIS H 631 -56.98 -25.78 -161.89
CA HIS H 631 -57.12 -25.40 -163.29
C HIS H 631 -57.25 -23.89 -163.44
N VAL H 632 -58.08 -23.28 -162.60
CA VAL H 632 -58.27 -21.83 -162.66
C VAL H 632 -56.96 -21.11 -162.34
N ILE H 633 -56.24 -21.58 -161.31
CA ILE H 633 -54.99 -20.94 -160.94
C ILE H 633 -54.00 -21.01 -162.09
N GLU H 634 -53.79 -22.22 -162.64
CA GLU H 634 -52.79 -22.41 -163.69
C GLU H 634 -53.21 -21.82 -165.02
N ASN H 635 -54.49 -21.51 -165.22
CA ASN H 635 -54.94 -20.88 -166.44
C ASN H 635 -55.13 -19.38 -166.32
N ILE H 636 -55.09 -18.82 -165.12
CA ILE H 636 -55.27 -17.39 -164.94
C ILE H 636 -53.99 -16.74 -164.43
N TYR H 637 -53.51 -17.18 -163.26
CA TYR H 637 -52.37 -16.51 -162.64
C TYR H 637 -51.06 -16.83 -163.34
N LEU H 638 -50.93 -18.03 -163.89
CA LEU H 638 -49.69 -18.40 -164.58
C LEU H 638 -49.40 -17.50 -165.78
N PRO H 639 -50.35 -17.22 -166.69
CA PRO H 639 -50.04 -16.26 -167.76
C PRO H 639 -49.97 -14.84 -167.27
N ALA H 640 -50.89 -14.42 -166.40
CA ALA H 640 -50.91 -13.06 -165.88
C ALA H 640 -50.18 -12.98 -164.55
N ALA H 641 -48.90 -13.35 -164.58
CA ALA H 641 -48.08 -13.38 -163.38
C ALA H 641 -47.33 -12.07 -163.12
N GLN H 642 -47.40 -11.10 -164.05
CA GLN H 642 -46.70 -9.84 -163.88
C GLN H 642 -47.60 -8.63 -164.14
N THR H 643 -48.91 -8.82 -164.09
CA THR H 643 -49.83 -7.71 -164.28
C THR H 643 -49.77 -6.74 -163.10
N MET H 644 -49.80 -5.45 -163.41
CA MET H 644 -49.76 -4.40 -162.40
C MET H 644 -51.11 -3.74 -162.19
N ASN H 645 -51.80 -3.37 -163.27
CA ASN H 645 -53.10 -2.74 -163.17
C ASN H 645 -54.17 -3.79 -162.92
N SER H 646 -55.08 -3.48 -161.99
CA SER H 646 -56.16 -4.40 -161.67
C SER H 646 -57.14 -4.55 -162.83
N GLY H 647 -57.32 -3.50 -163.63
CA GLY H 647 -58.23 -3.58 -164.77
C GLY H 647 -57.78 -4.58 -165.81
N THR H 648 -56.49 -4.60 -166.13
CA THR H 648 -55.97 -5.57 -167.08
C THR H 648 -56.14 -6.99 -166.56
N PHE H 649 -55.88 -7.20 -165.27
CA PHE H 649 -56.05 -8.52 -164.68
C PHE H 649 -57.51 -8.97 -164.75
N ASN H 650 -58.44 -8.04 -164.44
CA ASN H 650 -59.86 -8.37 -164.52
C ASN H 650 -60.28 -8.69 -165.96
N THR H 651 -59.77 -7.94 -166.92
CA THR H 651 -60.09 -8.20 -168.33
C THR H 651 -59.56 -9.57 -168.75
N THR H 652 -58.33 -9.91 -168.34
CA THR H 652 -57.79 -11.22 -168.66
C THR H 652 -58.59 -12.33 -168.01
N VAL H 653 -59.04 -12.12 -166.76
CA VAL H 653 -59.85 -13.12 -166.08
C VAL H 653 -61.16 -13.33 -166.83
N ASP H 654 -61.81 -12.23 -167.25
CA ASP H 654 -63.06 -12.34 -167.99
C ASP H 654 -62.85 -13.06 -169.31
N ILE H 655 -61.76 -12.76 -170.01
CA ILE H 655 -61.48 -13.41 -171.30
C ILE H 655 -61.29 -14.91 -171.08
N LYS H 656 -60.51 -15.28 -170.06
CA LYS H 656 -60.27 -16.70 -169.80
C LYS H 656 -61.56 -17.41 -169.40
N LEU H 657 -62.40 -16.76 -168.58
CA LEU H 657 -63.66 -17.38 -168.19
C LEU H 657 -64.57 -17.57 -169.39
N LYS H 658 -64.66 -16.58 -170.27
CA LYS H 658 -65.49 -16.71 -171.46
C LYS H 658 -64.98 -17.81 -172.36
N GLN H 659 -63.65 -17.90 -172.55
CA GLN H 659 -63.08 -18.96 -173.37
C GLN H 659 -63.37 -20.33 -172.78
N TRP H 660 -63.23 -20.47 -171.46
CA TRP H 660 -63.51 -21.74 -170.82
C TRP H 660 -64.98 -22.12 -170.95
N THR H 661 -65.89 -21.16 -170.76
CA THR H 661 -67.32 -21.45 -170.91
C THR H 661 -67.63 -21.87 -172.33
N ASP H 662 -67.02 -21.21 -173.33
CA ASP H 662 -67.31 -21.55 -174.71
C ASP H 662 -66.73 -22.91 -175.09
N LYS H 663 -65.54 -23.26 -174.57
CA LYS H 663 -64.83 -24.42 -175.08
C LYS H 663 -65.32 -25.72 -174.45
N GLN H 664 -65.11 -25.89 -173.14
CA GLN H 664 -65.37 -27.20 -172.53
C GLN H 664 -65.96 -27.13 -171.13
N LEU H 665 -66.27 -25.95 -170.59
CA LEU H 665 -66.78 -25.87 -169.22
C LEU H 665 -68.10 -26.63 -169.04
N PRO H 666 -69.10 -26.51 -169.92
CA PRO H 666 -70.32 -27.32 -169.72
C PRO H 666 -70.05 -28.81 -169.71
N ASN H 667 -69.13 -29.29 -170.56
CA ASN H 667 -68.81 -30.71 -170.59
C ASN H 667 -68.17 -31.14 -169.27
N LYS H 668 -67.24 -30.33 -168.75
CA LYS H 668 -66.61 -30.65 -167.47
C LYS H 668 -67.64 -30.65 -166.34
N ALA H 669 -68.55 -29.68 -166.34
CA ALA H 669 -69.59 -29.64 -165.32
C ALA H 669 -70.49 -30.87 -165.39
N VAL H 670 -70.88 -31.27 -166.61
CA VAL H 670 -71.71 -32.46 -166.77
C VAL H 670 -70.97 -33.70 -166.27
N GLU H 671 -69.69 -33.83 -166.61
CA GLU H 671 -68.91 -34.98 -166.16
C GLU H 671 -68.79 -35.00 -164.64
N VAL H 672 -68.56 -33.84 -164.02
CA VAL H 672 -68.45 -33.77 -162.57
C VAL H 672 -69.76 -34.15 -161.91
N ALA H 673 -70.88 -33.64 -162.45
CA ALA H 673 -72.18 -33.96 -161.89
C ALA H 673 -72.48 -35.45 -162.01
N TRP H 674 -72.16 -36.04 -163.17
CA TRP H 674 -72.39 -37.47 -163.36
C TRP H 674 -71.52 -38.30 -162.41
N GLU H 675 -70.26 -37.90 -162.23
CA GLU H 675 -69.39 -38.62 -161.31
C GLU H 675 -69.90 -38.52 -159.88
N THR H 676 -70.36 -37.34 -159.47
CA THR H 676 -70.91 -37.19 -158.12
C THR H 676 -72.16 -38.04 -157.95
N LEU H 677 -73.03 -38.07 -158.95
CA LEU H 677 -74.23 -38.91 -158.88
C LEU H 677 -73.85 -40.39 -158.76
N GLN H 678 -72.85 -40.82 -159.54
CA GLN H 678 -72.40 -42.20 -159.47
C GLN H 678 -71.83 -42.52 -158.08
N GLU H 679 -71.05 -41.58 -157.51
CA GLU H 679 -70.50 -41.80 -156.18
C GLU H 679 -71.59 -41.91 -155.13
N GLU H 680 -72.59 -41.03 -155.21
CA GLU H 680 -73.70 -41.10 -154.26
C GLU H 680 -74.48 -42.40 -154.40
N PHE H 681 -74.73 -42.83 -155.64
CA PHE H 681 -75.45 -44.08 -155.87
C PHE H 681 -74.65 -45.26 -155.33
N SER H 682 -73.33 -45.28 -155.55
CA SER H 682 -72.51 -46.36 -155.06
C SER H 682 -72.48 -46.39 -153.53
N ARG H 683 -72.38 -45.21 -152.90
CA ARG H 683 -72.39 -45.17 -151.44
C ARG H 683 -73.72 -45.63 -150.88
N PHE H 684 -74.82 -45.26 -151.52
CA PHE H 684 -76.14 -45.73 -151.06
C PHE H 684 -76.27 -47.23 -151.24
N MET H 685 -75.79 -47.77 -152.37
CA MET H 685 -75.87 -49.21 -152.59
C MET H 685 -75.02 -49.98 -151.59
N THR H 686 -73.82 -49.48 -151.29
CA THR H 686 -72.91 -50.12 -150.34
C THR H 686 -72.85 -49.24 -149.10
N GLU H 687 -73.76 -49.48 -148.16
CA GLU H 687 -73.87 -48.71 -146.92
C GLU H 687 -73.85 -49.69 -145.76
N PRO H 688 -72.66 -50.10 -145.30
CA PRO H 688 -72.55 -51.11 -144.24
C PRO H 688 -72.83 -50.55 -142.85
N LYS H 689 -73.96 -49.86 -142.71
CA LYS H 689 -74.38 -49.38 -141.40
C LYS H 689 -74.71 -50.54 -140.47
N GLY H 690 -75.35 -51.58 -141.00
CA GLY H 690 -75.68 -52.73 -140.19
C GLY H 690 -74.44 -53.54 -139.84
N LYS H 691 -74.52 -54.23 -138.71
CA LYS H 691 -73.38 -55.02 -138.23
C LYS H 691 -73.15 -56.27 -139.07
N GLU H 692 -74.16 -56.74 -139.80
CA GLU H 692 -74.01 -57.94 -140.62
C GLU H 692 -73.59 -57.59 -142.04
N HIS H 693 -74.41 -56.80 -142.73
CA HIS H 693 -74.16 -56.36 -144.10
C HIS H 693 -73.79 -57.54 -145.00
N ASP H 694 -74.77 -58.43 -145.15
CA ASP H 694 -74.60 -59.62 -146.00
C ASP H 694 -74.24 -59.22 -147.42
N ASP H 695 -73.23 -59.88 -147.97
CA ASP H 695 -72.73 -59.56 -149.30
C ASP H 695 -73.55 -60.17 -150.43
N ILE H 696 -74.45 -61.10 -150.11
CA ILE H 696 -75.28 -61.70 -151.15
C ILE H 696 -76.16 -60.65 -151.81
N PHE H 697 -76.78 -59.78 -151.00
CA PHE H 697 -77.56 -58.68 -151.55
C PHE H 697 -76.66 -57.60 -152.12
N ASP H 698 -75.47 -57.42 -151.54
CA ASP H 698 -74.56 -56.37 -151.99
C ASP H 698 -74.08 -56.64 -153.41
N LYS H 699 -73.78 -57.89 -153.75
CA LYS H 699 -73.35 -58.21 -155.10
C LYS H 699 -74.44 -57.90 -156.12
N LEU H 700 -75.69 -58.27 -155.81
CA LEU H 700 -76.80 -57.96 -156.70
C LEU H 700 -77.00 -56.46 -156.84
N LYS H 701 -76.87 -55.72 -155.73
CA LYS H 701 -77.01 -54.27 -155.79
C LYS H 701 -75.92 -53.64 -156.66
N GLU H 702 -74.68 -54.12 -156.53
CA GLU H 702 -73.59 -53.61 -157.36
C GLU H 702 -73.81 -53.94 -158.82
N ALA H 703 -74.29 -55.15 -159.12
CA ALA H 703 -74.57 -55.52 -160.50
C ALA H 703 -75.67 -54.63 -161.10
N VAL H 704 -76.72 -54.38 -160.33
CA VAL H 704 -77.80 -53.52 -160.80
C VAL H 704 -77.30 -52.10 -161.01
N LYS H 705 -76.44 -51.61 -160.10
CA LYS H 705 -75.88 -50.27 -160.25
C LYS H 705 -75.03 -50.17 -161.50
N GLU H 706 -74.20 -51.19 -161.77
CA GLU H 706 -73.37 -51.18 -162.97
C GLU H 706 -74.24 -51.22 -164.23
N GLU H 707 -75.29 -52.04 -164.23
CA GLU H 707 -76.18 -52.11 -165.38
C GLU H 707 -76.88 -50.78 -165.62
N SER H 708 -77.34 -50.13 -164.55
CA SER H 708 -77.99 -48.83 -164.69
C SER H 708 -77.01 -47.77 -165.19
N ILE H 709 -75.77 -47.80 -164.71
CA ILE H 709 -74.76 -46.84 -165.15
C ILE H 709 -74.47 -47.04 -166.63
N LYS H 710 -74.32 -48.29 -167.06
CA LYS H 710 -74.04 -48.56 -168.47
C LYS H 710 -75.23 -48.23 -169.36
N ARG H 711 -76.46 -48.40 -168.86
CA ARG H 711 -77.65 -48.14 -169.63
C ARG H 711 -78.08 -46.67 -169.58
N HIS H 712 -77.48 -45.87 -168.71
CA HIS H 712 -77.88 -44.48 -168.57
C HIS H 712 -77.54 -43.69 -169.83
N LYS H 713 -78.42 -42.75 -170.18
CA LYS H 713 -78.27 -41.92 -171.36
C LYS H 713 -78.34 -40.45 -170.97
N TRP H 714 -77.79 -39.59 -171.83
CA TRP H 714 -77.78 -38.15 -171.61
C TRP H 714 -78.37 -37.45 -172.82
N ASN H 715 -78.95 -36.27 -172.57
CA ASN H 715 -79.61 -35.48 -173.61
C ASN H 715 -78.76 -34.26 -173.93
N ASP H 716 -78.50 -34.04 -175.23
CA ASP H 716 -77.70 -32.88 -175.64
C ASP H 716 -78.46 -31.57 -175.43
N PHE H 717 -79.80 -31.62 -175.41
CA PHE H 717 -80.56 -30.42 -175.12
C PHE H 717 -80.28 -29.90 -173.72
N ALA H 718 -80.13 -30.82 -172.75
CA ALA H 718 -79.74 -30.42 -171.41
C ALA H 718 -78.36 -29.76 -171.40
N GLU H 719 -77.42 -30.31 -172.17
CA GLU H 719 -76.10 -29.70 -172.26
C GLU H 719 -76.17 -28.29 -172.85
N ASP H 720 -76.97 -28.11 -173.91
CA ASP H 720 -77.11 -26.79 -174.51
C ASP H 720 -77.74 -25.80 -173.54
N SER H 721 -78.77 -26.25 -172.80
CA SER H 721 -79.40 -25.39 -171.81
C SER H 721 -78.41 -25.02 -170.70
N LEU H 722 -77.60 -25.98 -170.26
CA LEU H 722 -76.60 -25.70 -169.25
C LEU H 722 -75.57 -24.69 -169.75
N ARG H 723 -75.14 -24.83 -171.01
CA ARG H 723 -74.19 -23.88 -171.58
C ARG H 723 -74.79 -22.48 -171.65
N VAL H 724 -76.05 -22.39 -172.08
CA VAL H 724 -76.72 -21.09 -172.18
C VAL H 724 -76.84 -20.45 -170.81
N ILE H 725 -77.24 -21.22 -169.80
CA ILE H 725 -77.42 -20.68 -168.47
C ILE H 725 -76.07 -20.26 -167.87
N GLN H 726 -75.02 -21.05 -168.12
CA GLN H 726 -73.70 -20.70 -167.64
C GLN H 726 -73.22 -19.38 -168.27
N HIS H 727 -73.46 -19.21 -169.57
CA HIS H 727 -73.10 -17.95 -170.22
C HIS H 727 -73.92 -16.79 -169.69
N ASN H 728 -75.20 -17.01 -169.42
CA ASN H 728 -76.06 -15.92 -168.95
C ASN H 728 -75.83 -15.59 -167.48
N ALA H 729 -75.21 -16.49 -166.72
CA ALA H 729 -75.00 -16.27 -165.30
C ALA H 729 -73.90 -15.25 -165.04
N LEU H 730 -74.15 -13.99 -165.39
CA LEU H 730 -73.22 -12.90 -165.14
C LEU H 730 -73.99 -11.71 -164.55
N GLU H 731 -74.83 -11.99 -163.55
CA GLU H 731 -75.74 -11.01 -162.99
C GLU H 731 -75.05 -10.05 -162.01
N ASP H 732 -74.51 -10.58 -160.93
CA ASP H 732 -73.91 -9.75 -159.88
C ASP H 732 -72.41 -9.65 -160.06
N ARG H 733 -71.88 -8.45 -159.86
CA ARG H 733 -70.45 -8.20 -160.01
C ARG H 733 -69.82 -7.40 -158.88
N SER H 734 -70.61 -6.97 -157.88
CA SER H 734 -70.07 -6.18 -156.79
C SER H 734 -70.75 -6.59 -155.48
N ILE H 735 -70.07 -6.31 -154.37
CA ILE H 735 -70.58 -6.62 -153.04
C ILE H 735 -71.00 -5.32 -152.37
N SER H 736 -72.26 -5.26 -151.93
CA SER H 736 -72.78 -4.10 -151.21
C SER H 736 -73.15 -4.44 -149.77
N ASP H 737 -72.75 -5.61 -149.28
CA ASP H 737 -73.07 -6.05 -147.93
C ASP H 737 -71.79 -6.30 -147.15
N LYS H 738 -71.73 -5.77 -145.93
CA LYS H 738 -70.57 -6.00 -145.08
C LYS H 738 -70.44 -7.47 -144.71
N GLN H 739 -71.55 -8.13 -144.42
CA GLN H 739 -71.52 -9.55 -144.06
C GLN H 739 -71.05 -10.41 -145.23
N GLN H 740 -71.55 -10.12 -146.43
CA GLN H 740 -71.10 -10.84 -147.61
C GLN H 740 -69.62 -10.59 -147.88
N TRP H 741 -69.17 -9.35 -147.67
CA TRP H 741 -67.75 -9.05 -147.83
C TRP H 741 -66.90 -9.84 -146.85
N ASP H 742 -67.34 -9.93 -145.59
CA ASP H 742 -66.60 -10.71 -144.59
C ASP H 742 -66.60 -12.20 -144.94
N ALA H 743 -67.72 -12.71 -145.42
CA ALA H 743 -67.78 -14.12 -145.83
C ALA H 743 -66.83 -14.40 -146.99
N ALA H 744 -66.80 -13.50 -147.97
CA ALA H 744 -65.87 -13.65 -149.09
C ALA H 744 -64.43 -13.57 -148.61
N ILE H 745 -64.14 -12.67 -147.67
CA ILE H 745 -62.79 -12.56 -147.11
C ILE H 745 -62.40 -13.87 -146.43
N TYR H 746 -63.31 -14.44 -145.63
CA TYR H 746 -63.01 -15.69 -144.94
C TYR H 746 -62.79 -16.84 -145.91
N PHE H 747 -63.62 -16.92 -146.96
CA PHE H 747 -63.44 -17.99 -147.94
C PHE H 747 -62.11 -17.84 -148.67
N MET H 748 -61.76 -16.61 -149.06
CA MET H 748 -60.49 -16.36 -149.73
C MET H 748 -59.32 -16.69 -148.80
N GLU H 749 -59.45 -16.34 -147.51
CA GLU H 749 -58.40 -16.66 -146.54
C GLU H 749 -58.23 -18.16 -146.40
N GLU H 750 -59.34 -18.91 -146.36
CA GLU H 750 -59.26 -20.36 -146.28
C GLU H 750 -58.57 -20.94 -147.51
N ALA H 751 -58.94 -20.46 -148.70
CA ALA H 751 -58.32 -20.95 -149.93
C ALA H 751 -56.84 -20.64 -149.96
N LEU H 752 -56.46 -19.42 -149.56
CA LEU H 752 -55.05 -19.04 -149.57
C LEU H 752 -54.26 -19.80 -148.53
N GLN H 753 -54.87 -20.10 -147.37
CA GLN H 753 -54.19 -20.92 -146.37
C GLN H 753 -53.99 -22.34 -146.88
N ALA H 754 -54.97 -22.90 -147.58
CA ALA H 754 -54.80 -24.22 -148.18
C ALA H 754 -53.68 -24.21 -149.21
N ARG H 755 -53.64 -23.18 -150.05
CA ARG H 755 -52.57 -23.07 -151.03
C ARG H 755 -51.21 -22.93 -150.36
N LEU H 756 -51.14 -22.15 -149.28
CA LEU H 756 -49.89 -21.99 -148.54
C LEU H 756 -49.44 -23.31 -147.94
N LYS H 757 -50.38 -24.08 -147.38
CA LYS H 757 -50.03 -25.38 -146.84
C LYS H 757 -49.52 -26.33 -147.92
N ASP H 758 -50.17 -26.32 -149.09
CA ASP H 758 -49.68 -27.14 -150.20
C ASP H 758 -48.29 -26.73 -150.63
N THR H 759 -48.03 -25.42 -150.72
CA THR H 759 -46.70 -24.93 -151.09
C THR H 759 -45.66 -25.33 -150.04
N GLU H 760 -46.02 -25.23 -148.76
CA GLU H 760 -45.11 -25.65 -147.70
C GLU H 760 -44.79 -27.13 -147.78
N ASN H 761 -45.80 -27.95 -148.06
CA ASN H 761 -45.57 -29.38 -148.22
C ASN H 761 -44.65 -29.66 -149.40
N ALA H 762 -44.86 -28.96 -150.52
CA ALA H 762 -44.00 -29.15 -151.68
C ALA H 762 -42.57 -28.74 -151.37
N ILE H 763 -42.39 -27.61 -150.67
CA ILE H 763 -41.06 -27.14 -150.32
C ILE H 763 -40.38 -28.12 -149.38
N GLU H 764 -41.12 -28.66 -148.40
CA GLU H 764 -40.55 -29.63 -147.47
C GLU H 764 -40.15 -30.91 -148.21
N ASN H 765 -40.97 -31.35 -149.16
CA ASN H 765 -40.62 -32.52 -149.96
C ASN H 765 -39.35 -32.26 -150.77
N MET H 766 -39.25 -31.06 -151.35
CA MET H 766 -38.08 -30.73 -152.16
C MET H 766 -36.81 -30.66 -151.32
N VAL H 767 -36.89 -30.08 -150.12
CA VAL H 767 -35.71 -29.80 -149.31
C VAL H 767 -35.68 -30.69 -148.06
N GLY H 768 -36.67 -30.53 -147.19
CA GLY H 768 -36.70 -31.24 -145.94
C GLY H 768 -36.88 -30.32 -144.74
N PRO H 769 -36.29 -30.69 -143.60
CA PRO H 769 -36.40 -29.86 -142.41
C PRO H 769 -35.79 -28.48 -142.63
N ASP H 770 -36.44 -27.46 -142.08
CA ASP H 770 -36.05 -26.07 -142.25
C ASP H 770 -36.09 -25.35 -140.90
N TRP H 771 -35.11 -24.47 -140.67
CA TRP H 771 -35.05 -23.59 -139.51
C TRP H 771 -35.05 -24.45 -138.25
N LYS H 772 -36.03 -24.33 -137.35
CA LYS H 772 -36.04 -25.03 -136.08
C LYS H 772 -36.03 -26.55 -136.27
N LYS H 773 -36.79 -27.02 -137.26
CA LYS H 773 -36.83 -28.46 -137.53
C LYS H 773 -35.45 -28.98 -137.96
N ARG H 774 -34.75 -28.21 -138.79
CA ARG H 774 -33.44 -28.65 -139.26
C ARG H 774 -32.39 -28.57 -138.16
N TRP H 775 -32.40 -27.50 -137.37
CA TRP H 775 -31.39 -27.29 -136.35
C TRP H 775 -31.74 -27.93 -135.01
N LEU H 776 -32.88 -28.61 -134.90
CA LEU H 776 -33.22 -29.28 -133.66
C LEU H 776 -32.23 -30.40 -133.35
N TYR H 777 -31.86 -31.18 -134.37
CA TYR H 777 -30.88 -32.24 -134.16
C TYR H 777 -29.47 -31.68 -134.02
N TRP H 778 -29.13 -30.67 -134.84
CA TRP H 778 -27.86 -29.96 -134.85
C TRP H 778 -26.70 -30.84 -135.33
N LYS H 779 -26.94 -32.11 -135.62
CA LYS H 779 -25.90 -33.01 -136.10
C LYS H 779 -26.25 -33.72 -137.40
N ASN H 780 -27.46 -33.52 -137.93
CA ASN H 780 -27.89 -34.14 -139.17
C ASN H 780 -27.84 -33.10 -140.29
N ARG H 781 -26.94 -33.29 -141.24
CA ARG H 781 -26.79 -32.38 -142.36
C ARG H 781 -26.55 -33.18 -143.64
N THR H 782 -27.14 -32.71 -144.74
CA THR H 782 -27.01 -33.33 -146.04
C THR H 782 -26.60 -32.27 -147.04
N GLN H 783 -25.69 -32.64 -147.96
CA GLN H 783 -25.21 -31.68 -148.95
C GLN H 783 -26.33 -31.24 -149.89
N GLU H 784 -27.24 -32.16 -150.22
CA GLU H 784 -28.34 -31.81 -151.13
C GLU H 784 -29.26 -30.77 -150.52
N GLN H 785 -29.67 -30.98 -149.26
CA GLN H 785 -30.51 -30.00 -148.59
C GLN H 785 -29.75 -28.72 -148.23
N CYS H 786 -28.44 -28.82 -147.99
CA CYS H 786 -27.64 -27.63 -147.73
C CYS H 786 -27.61 -26.71 -148.95
N VAL H 787 -27.49 -27.30 -150.14
CA VAL H 787 -27.51 -26.49 -151.37
C VAL H 787 -28.85 -25.78 -151.52
N HIS H 788 -29.94 -26.50 -151.26
CA HIS H 788 -31.26 -25.89 -151.35
C HIS H 788 -31.43 -24.77 -150.32
N ASN H 789 -30.92 -24.99 -149.11
CA ASN H 789 -31.00 -23.95 -148.08
C ASN H 789 -30.21 -22.72 -148.47
N GLU H 790 -29.01 -22.91 -149.04
CA GLU H 790 -28.20 -21.78 -149.48
C GLU H 790 -28.89 -21.02 -150.62
N THR H 791 -29.49 -21.75 -151.56
CA THR H 791 -30.22 -21.10 -152.64
C THR H 791 -31.40 -20.31 -152.10
N LYS H 792 -32.13 -20.89 -151.14
CA LYS H 792 -33.26 -20.20 -150.54
C LYS H 792 -32.81 -18.92 -149.82
N ASN H 793 -31.70 -19.01 -149.08
CA ASN H 793 -31.18 -17.83 -148.40
C ASN H 793 -30.76 -16.75 -149.39
N GLU H 794 -30.09 -17.15 -150.48
CA GLU H 794 -29.67 -16.19 -151.49
C GLU H 794 -30.87 -15.50 -152.13
N LEU H 795 -31.91 -16.28 -152.45
CA LEU H 795 -33.10 -15.70 -153.06
C LEU H 795 -33.83 -14.78 -152.08
N GLU H 796 -33.88 -15.16 -150.79
CA GLU H 796 -34.48 -14.29 -149.79
C GLU H 796 -33.72 -12.98 -149.66
N LYS H 797 -32.39 -13.04 -149.68
CA LYS H 797 -31.59 -11.81 -149.63
C LYS H 797 -31.81 -10.96 -150.87
N MET H 798 -31.93 -11.60 -152.03
CA MET H 798 -32.20 -10.86 -153.26
C MET H 798 -33.55 -10.16 -153.20
N LEU H 799 -34.57 -10.84 -152.67
CA LEU H 799 -35.88 -10.20 -152.50
C LEU H 799 -35.81 -9.07 -151.49
N LYS H 800 -35.05 -9.23 -150.42
CA LYS H 800 -34.89 -8.16 -149.44
C LYS H 800 -34.24 -6.94 -150.08
N CYS H 801 -33.22 -7.16 -150.91
CA CYS H 801 -32.59 -6.05 -151.61
C CYS H 801 -33.45 -5.53 -152.75
N ASN H 802 -34.13 -6.43 -153.47
CA ASN H 802 -34.97 -6.06 -154.62
C ASN H 802 -36.31 -6.77 -154.46
N GLU H 803 -37.30 -6.05 -153.92
CA GLU H 803 -38.61 -6.64 -153.68
C GLU H 803 -39.30 -7.04 -154.97
N GLU H 804 -39.20 -6.19 -155.99
CA GLU H 804 -39.86 -6.44 -157.28
C GLU H 804 -38.85 -6.97 -158.28
N HIS H 805 -39.18 -8.13 -158.88
CA HIS H 805 -38.31 -8.77 -159.85
C HIS H 805 -39.19 -9.47 -160.89
N PRO H 806 -38.81 -9.44 -162.17
CA PRO H 806 -39.58 -10.17 -163.18
C PRO H 806 -39.51 -11.67 -162.95
N ALA H 807 -40.59 -12.35 -163.35
CA ALA H 807 -40.66 -13.80 -163.17
C ALA H 807 -39.57 -14.52 -163.95
N TYR H 808 -39.33 -14.09 -165.19
CA TYR H 808 -38.30 -14.71 -166.00
C TYR H 808 -36.91 -14.33 -165.50
N LEU H 809 -35.93 -15.16 -165.83
CA LEU H 809 -34.54 -14.94 -165.45
C LEU H 809 -33.71 -14.71 -166.69
N ALA H 810 -33.02 -13.58 -166.75
CA ALA H 810 -32.15 -13.28 -167.88
C ALA H 810 -30.83 -14.02 -167.75
N SER H 811 -30.08 -14.07 -168.85
CA SER H 811 -28.82 -14.81 -168.87
C SER H 811 -27.81 -14.22 -167.90
N ASP H 812 -27.70 -12.89 -167.86
CA ASP H 812 -26.74 -12.25 -166.95
C ASP H 812 -27.11 -12.50 -165.50
N GLU H 813 -28.41 -12.49 -165.17
CA GLU H 813 -28.83 -12.76 -163.80
C GLU H 813 -28.46 -14.19 -163.39
N ILE H 814 -28.71 -15.15 -164.29
CA ILE H 814 -28.36 -16.54 -164.00
C ILE H 814 -26.86 -16.69 -163.83
N THR H 815 -26.07 -16.04 -164.70
CA THR H 815 -24.62 -16.11 -164.57
C THR H 815 -24.14 -15.51 -163.25
N THR H 816 -24.71 -14.38 -162.85
CA THR H 816 -24.34 -13.77 -161.58
C THR H 816 -24.69 -14.65 -160.40
N VAL H 817 -25.89 -15.26 -160.43
CA VAL H 817 -26.29 -16.15 -159.35
C VAL H 817 -25.37 -17.36 -159.28
N ARG H 818 -25.03 -17.94 -160.43
CA ARG H 818 -24.13 -19.10 -160.45
C ARG H 818 -22.75 -18.73 -159.93
N LYS H 819 -22.24 -17.55 -160.31
CA LYS H 819 -20.94 -17.11 -159.81
C LYS H 819 -20.97 -16.89 -158.30
N ASN H 820 -22.05 -16.29 -157.79
CA ASN H 820 -22.18 -16.11 -156.34
C ASN H 820 -22.21 -17.45 -155.62
N LEU H 821 -22.94 -18.42 -156.18
CA LEU H 821 -22.99 -19.75 -155.57
C LEU H 821 -21.62 -20.43 -155.59
N GLU H 822 -20.91 -20.32 -156.72
CA GLU H 822 -19.60 -20.96 -156.84
C GLU H 822 -18.50 -20.22 -156.10
N SER H 823 -18.75 -18.99 -155.66
CA SER H 823 -17.75 -18.28 -154.86
C SER H 823 -17.43 -19.02 -153.57
N ARG H 824 -18.45 -19.58 -152.92
CA ARG H 824 -18.26 -20.36 -151.71
C ARG H 824 -18.07 -21.85 -152.00
N GLY H 825 -18.12 -22.26 -153.26
CA GLY H 825 -17.90 -23.64 -153.62
C GLY H 825 -19.16 -24.46 -153.78
N VAL H 826 -20.20 -23.87 -154.37
CA VAL H 826 -21.47 -24.54 -154.61
C VAL H 826 -21.79 -24.44 -156.09
N GLU H 827 -21.96 -25.59 -156.74
CA GLU H 827 -22.32 -25.66 -158.15
C GLU H 827 -23.73 -26.24 -158.26
N VAL H 828 -24.63 -25.48 -158.89
CA VAL H 828 -26.03 -25.86 -159.00
C VAL H 828 -26.42 -25.79 -160.48
N ASP H 829 -27.15 -26.81 -160.95
CA ASP H 829 -27.62 -26.82 -162.32
C ASP H 829 -28.64 -25.71 -162.55
N PRO H 830 -28.69 -25.15 -163.76
CA PRO H 830 -29.64 -24.06 -164.03
C PRO H 830 -31.09 -24.45 -163.83
N SER H 831 -31.46 -25.71 -164.08
CA SER H 831 -32.84 -26.13 -163.90
C SER H 831 -33.27 -26.04 -162.45
N LEU H 832 -32.40 -26.50 -161.54
CA LEU H 832 -32.71 -26.39 -160.11
C LEU H 832 -32.78 -24.93 -159.67
N ILE H 833 -31.90 -24.09 -160.20
CA ILE H 833 -31.93 -22.67 -159.87
C ILE H 833 -33.27 -22.06 -160.31
N LYS H 834 -33.71 -22.39 -161.52
CA LYS H 834 -34.98 -21.87 -162.01
C LYS H 834 -36.15 -22.38 -161.18
N ASP H 835 -36.13 -23.65 -160.80
CA ASP H 835 -37.21 -24.20 -159.98
C ASP H 835 -37.26 -23.53 -158.61
N THR H 836 -36.10 -23.34 -157.99
CA THR H 836 -36.06 -22.67 -156.69
C THR H 836 -36.52 -21.22 -156.81
N TRP H 837 -36.13 -20.54 -157.88
CA TRP H 837 -36.58 -19.17 -158.09
C TRP H 837 -38.09 -19.11 -158.28
N HIS H 838 -38.66 -20.06 -159.03
CA HIS H 838 -40.10 -20.10 -159.21
C HIS H 838 -40.82 -20.33 -157.88
N GLN H 839 -40.30 -21.26 -157.07
CA GLN H 839 -40.93 -21.54 -155.78
C GLN H 839 -40.84 -20.32 -154.86
N VAL H 840 -39.70 -19.64 -154.84
CA VAL H 840 -39.54 -18.46 -154.00
C VAL H 840 -40.43 -17.33 -154.47
N TYR H 841 -40.58 -17.18 -155.80
CA TYR H 841 -41.46 -16.18 -156.37
C TYR H 841 -42.91 -16.44 -155.97
N ARG H 842 -43.33 -17.71 -156.04
CA ARG H 842 -44.68 -18.08 -155.63
C ARG H 842 -44.89 -17.80 -154.14
N ARG H 843 -43.91 -18.13 -153.31
CA ARG H 843 -44.03 -17.87 -151.87
C ARG H 843 -44.12 -16.38 -151.59
N HIS H 844 -43.32 -15.57 -152.29
CA HIS H 844 -43.35 -14.13 -152.10
C HIS H 844 -44.70 -13.56 -152.48
N PHE H 845 -45.26 -14.00 -153.60
CA PHE H 845 -46.58 -13.51 -153.99
C PHE H 845 -47.68 -14.05 -153.08
N LEU H 846 -47.51 -15.23 -152.51
CA LEU H 846 -48.48 -15.70 -151.51
C LEU H 846 -48.45 -14.82 -150.27
N LYS H 847 -47.24 -14.44 -149.82
CA LYS H 847 -47.14 -13.52 -148.69
C LYS H 847 -47.73 -12.16 -149.02
N THR H 848 -47.49 -11.67 -150.24
CA THR H 848 -48.07 -10.40 -150.67
C THR H 848 -49.60 -10.47 -150.69
N ALA H 849 -50.14 -11.59 -151.18
CA ALA H 849 -51.60 -11.78 -151.17
C ALA H 849 -52.14 -11.82 -149.75
N LEU H 850 -51.43 -12.47 -148.83
CA LEU H 850 -51.85 -12.49 -147.44
C LEU H 850 -51.86 -11.08 -146.84
N ASN H 851 -50.83 -10.29 -147.13
CA ASN H 851 -50.81 -8.90 -146.67
C ASN H 851 -51.95 -8.10 -147.27
N HIS H 852 -52.24 -8.32 -148.56
CA HIS H 852 -53.36 -7.64 -149.20
C HIS H 852 -54.68 -8.01 -148.56
N CYS H 853 -54.85 -9.29 -148.20
CA CYS H 853 -56.06 -9.70 -147.49
C CYS H 853 -56.15 -9.05 -146.12
N ASN H 854 -55.03 -8.95 -145.40
CA ASN H 854 -55.03 -8.29 -144.11
C ASN H 854 -55.43 -6.82 -144.25
N LEU H 855 -54.91 -6.15 -145.29
CA LEU H 855 -55.29 -4.77 -145.53
C LEU H 855 -56.78 -4.64 -145.89
N CYS H 856 -57.26 -5.53 -146.77
CA CYS H 856 -58.65 -5.46 -147.19
C CYS H 856 -59.62 -5.81 -146.07
N ARG H 857 -59.14 -6.51 -145.03
CA ARG H 857 -60.00 -6.80 -143.88
C ARG H 857 -60.47 -5.52 -143.19
N ARG H 858 -59.73 -4.43 -143.34
CA ARG H 858 -60.12 -3.13 -142.72
C ARG H 858 -60.41 -2.10 -143.81
N GLY H 859 -60.02 -2.40 -145.05
CA GLY H 859 -60.21 -1.48 -146.16
C GLY H 859 -61.59 -1.44 -146.75
N PHE H 860 -62.60 -2.00 -146.08
CA PHE H 860 -63.97 -1.93 -146.60
C PHE H 860 -64.49 -0.50 -146.69
N TYR H 861 -64.00 0.41 -145.84
CA TYR H 861 -64.40 1.80 -145.95
C TYR H 861 -63.95 2.39 -147.28
N TYR H 862 -62.71 2.12 -147.68
CA TYR H 862 -62.24 2.58 -148.99
C TYR H 862 -62.97 1.85 -150.12
N TYR H 863 -63.19 0.55 -149.95
CA TYR H 863 -63.80 -0.24 -151.02
C TYR H 863 -65.24 0.21 -151.31
N GLN H 864 -66.02 0.46 -150.26
CA GLN H 864 -67.43 0.79 -150.45
C GLN H 864 -67.62 2.10 -151.18
N ARG H 865 -66.82 3.12 -150.84
CA ARG H 865 -66.99 4.44 -151.42
C ARG H 865 -66.12 4.69 -152.65
N HIS H 866 -65.04 3.92 -152.83
CA HIS H 866 -64.15 4.05 -153.98
C HIS H 866 -63.62 5.47 -154.10
N PHE H 867 -62.83 5.86 -153.10
CA PHE H 867 -62.24 7.20 -153.08
C PHE H 867 -61.26 7.38 -154.24
N VAL H 868 -61.13 8.63 -154.68
CA VAL H 868 -60.21 8.94 -155.79
C VAL H 868 -58.78 8.62 -155.39
N ASP H 869 -58.38 9.05 -154.19
CA ASP H 869 -57.05 8.76 -153.66
C ASP H 869 -57.04 7.49 -152.82
N SER H 870 -57.53 6.40 -153.40
CA SER H 870 -57.61 5.13 -152.68
C SER H 870 -56.22 4.54 -152.50
N GLU H 871 -55.92 4.16 -151.25
CA GLU H 871 -54.65 3.53 -150.93
C GLU H 871 -54.70 2.01 -151.00
N LEU H 872 -55.85 1.44 -151.40
CA LEU H 872 -55.99 -0.01 -151.46
C LEU H 872 -57.06 -0.34 -152.48
N GLU H 873 -56.75 -1.26 -153.40
CA GLU H 873 -57.67 -1.70 -154.43
C GLU H 873 -57.96 -3.18 -154.21
N CYS H 874 -59.08 -3.48 -153.56
CA CYS H 874 -59.49 -4.85 -153.27
C CYS H 874 -60.30 -5.37 -154.45
N ASN H 875 -59.65 -6.18 -155.28
CA ASN H 875 -60.31 -6.80 -156.43
C ASN H 875 -60.35 -8.33 -156.36
N ASP H 876 -59.37 -8.95 -155.69
CA ASP H 876 -59.36 -10.40 -155.56
C ASP H 876 -60.58 -10.88 -154.78
N VAL H 877 -60.97 -10.15 -153.74
CA VAL H 877 -62.14 -10.53 -152.95
C VAL H 877 -63.40 -10.53 -153.83
N VAL H 878 -63.56 -9.48 -154.62
CA VAL H 878 -64.73 -9.37 -155.50
C VAL H 878 -64.71 -10.49 -156.54
N LEU H 879 -63.53 -10.76 -157.12
CA LEU H 879 -63.43 -11.82 -158.11
C LEU H 879 -63.78 -13.18 -157.52
N PHE H 880 -63.27 -13.46 -156.31
CA PHE H 880 -63.57 -14.75 -155.68
C PHE H 880 -65.04 -14.85 -155.32
N TRP H 881 -65.66 -13.75 -154.88
CA TRP H 881 -67.10 -13.78 -154.59
C TRP H 881 -67.90 -14.03 -155.86
N ARG H 882 -67.50 -13.39 -156.98
CA ARG H 882 -68.17 -13.63 -158.25
C ARG H 882 -68.04 -15.09 -158.68
N ILE H 883 -66.84 -15.66 -158.52
CA ILE H 883 -66.64 -17.07 -158.86
C ILE H 883 -67.51 -17.96 -157.99
N GLN H 884 -67.59 -17.64 -156.69
CA GLN H 884 -68.39 -18.46 -155.77
C GLN H 884 -69.86 -18.41 -156.14
N ARG H 885 -70.40 -17.22 -156.43
CA ARG H 885 -71.81 -17.12 -156.76
C ARG H 885 -72.11 -17.77 -158.10
N MET H 886 -71.20 -17.63 -159.08
CA MET H 886 -71.39 -18.31 -160.36
C MET H 886 -71.37 -19.83 -160.19
N LEU H 887 -70.47 -20.34 -159.35
CA LEU H 887 -70.43 -21.77 -159.08
C LEU H 887 -71.71 -22.23 -158.39
N ALA H 888 -72.22 -21.44 -157.45
CA ALA H 888 -73.47 -21.79 -156.78
C ALA H 888 -74.63 -21.84 -157.77
N ILE H 889 -74.70 -20.85 -158.67
CA ILE H 889 -75.76 -20.84 -159.67
C ILE H 889 -75.64 -22.06 -160.59
N THR H 890 -74.41 -22.37 -161.02
CA THR H 890 -74.21 -23.52 -161.89
C THR H 890 -74.60 -24.83 -161.18
N ALA H 891 -74.23 -24.96 -159.91
CA ALA H 891 -74.59 -26.16 -159.16
C ALA H 891 -76.10 -26.28 -158.99
N ASN H 892 -76.78 -25.16 -158.71
CA ASN H 892 -78.24 -25.20 -158.59
C ASN H 892 -78.88 -25.61 -159.92
N THR H 893 -78.39 -25.04 -161.03
CA THR H 893 -78.94 -25.41 -162.33
C THR H 893 -78.69 -26.89 -162.64
N LEU H 894 -77.49 -27.38 -162.32
CA LEU H 894 -77.18 -28.79 -162.55
C LEU H 894 -78.09 -29.69 -161.72
N ARG H 895 -78.31 -29.33 -160.46
CA ARG H 895 -79.20 -30.12 -159.61
C ARG H 895 -80.63 -30.12 -160.14
N GLN H 896 -81.11 -28.96 -160.58
CA GLN H 896 -82.47 -28.88 -161.12
C GLN H 896 -82.61 -29.72 -162.37
N GLN H 897 -81.66 -29.61 -163.31
CA GLN H 897 -81.74 -30.39 -164.53
C GLN H 897 -81.62 -31.88 -164.24
N LEU H 898 -80.76 -32.25 -163.29
CA LEU H 898 -80.63 -33.66 -162.90
C LEU H 898 -81.95 -34.19 -162.38
N THR H 899 -82.56 -33.49 -161.40
CA THR H 899 -83.84 -33.91 -160.86
C THR H 899 -84.92 -33.97 -161.93
N ASN H 900 -84.85 -33.07 -162.92
CA ASN H 900 -85.87 -33.06 -163.97
C ASN H 900 -85.73 -34.25 -164.91
N THR H 901 -84.51 -34.56 -165.35
CA THR H 901 -84.31 -35.52 -166.43
C THR H 901 -83.58 -36.79 -166.01
N GLU H 902 -82.44 -36.66 -165.33
CA GLU H 902 -81.58 -37.81 -165.11
C GLU H 902 -82.17 -38.75 -164.06
N VAL H 903 -82.92 -38.22 -163.09
CA VAL H 903 -83.58 -39.09 -162.12
C VAL H 903 -84.61 -39.98 -162.81
N ARG H 904 -85.40 -39.39 -163.71
CA ARG H 904 -86.37 -40.18 -164.47
C ARG H 904 -85.66 -41.18 -165.39
N ARG H 905 -84.55 -40.77 -166.02
CA ARG H 905 -83.82 -41.70 -166.87
C ARG H 905 -83.28 -42.88 -166.08
N LEU H 906 -82.71 -42.61 -164.90
CA LEU H 906 -82.20 -43.69 -164.05
C LEU H 906 -83.33 -44.59 -163.58
N GLU H 907 -84.48 -44.02 -163.24
CA GLU H 907 -85.62 -44.83 -162.85
C GLU H 907 -86.07 -45.74 -163.99
N LYS H 908 -86.11 -45.19 -165.21
CA LYS H 908 -86.48 -46.01 -166.36
C LYS H 908 -85.48 -47.13 -166.60
N ASN H 909 -84.18 -46.83 -166.49
CA ASN H 909 -83.17 -47.86 -166.66
C ASN H 909 -83.30 -48.95 -165.60
N VAL H 910 -83.53 -48.55 -164.35
CA VAL H 910 -83.70 -49.53 -163.27
C VAL H 910 -84.92 -50.40 -163.52
N LYS H 911 -86.02 -49.79 -163.97
CA LYS H 911 -87.22 -50.55 -164.27
C LYS H 911 -86.97 -51.55 -165.40
N GLU H 912 -86.26 -51.12 -166.45
CA GLU H 912 -85.95 -52.01 -167.56
C GLU H 912 -85.09 -53.18 -167.09
N VAL H 913 -84.07 -52.89 -166.27
CA VAL H 913 -83.19 -53.94 -165.77
C VAL H 913 -83.98 -54.93 -164.90
N LEU H 914 -84.85 -54.41 -164.04
CA LEU H 914 -85.65 -55.28 -163.18
C LEU H 914 -86.60 -56.15 -164.01
N GLU H 915 -87.22 -55.58 -165.04
CA GLU H 915 -88.10 -56.36 -165.90
C GLU H 915 -87.32 -57.44 -166.64
N ASP H 916 -86.13 -57.10 -167.14
CA ASP H 916 -85.31 -58.10 -167.83
C ASP H 916 -84.91 -59.23 -166.89
N PHE H 917 -84.56 -58.89 -165.65
CA PHE H 917 -84.20 -59.92 -164.68
C PHE H 917 -85.40 -60.79 -164.33
N ALA H 918 -86.57 -60.17 -164.16
CA ALA H 918 -87.77 -60.94 -163.82
C ALA H 918 -88.17 -61.88 -164.95
N GLU H 919 -88.07 -61.42 -166.20
CA GLU H 919 -88.44 -62.22 -167.36
C GLU H 919 -87.40 -63.26 -167.72
N ASP H 920 -86.36 -63.43 -166.91
CA ASP H 920 -85.29 -64.41 -167.17
C ASP H 920 -84.92 -65.06 -165.83
N GLY H 921 -85.52 -66.21 -165.54
CA GLY H 921 -85.18 -66.94 -164.33
C GLY H 921 -83.82 -67.59 -164.37
N GLU H 922 -83.30 -67.86 -165.57
CA GLU H 922 -81.95 -68.42 -165.67
C GLU H 922 -80.91 -67.45 -165.13
N LYS H 923 -81.08 -66.15 -165.40
CA LYS H 923 -80.17 -65.16 -164.84
C LYS H 923 -80.26 -65.14 -163.31
N LYS H 924 -81.46 -65.27 -162.77
CA LYS H 924 -81.62 -65.32 -161.31
C LYS H 924 -80.91 -66.54 -160.73
N ILE H 925 -81.04 -67.70 -161.40
CA ILE H 925 -80.38 -68.90 -160.93
C ILE H 925 -78.86 -68.73 -160.99
N LYS H 926 -78.35 -68.14 -162.07
CA LYS H 926 -76.91 -67.95 -162.22
C LYS H 926 -76.37 -66.99 -161.16
N LEU H 927 -77.11 -65.92 -160.87
CA LEU H 927 -76.64 -64.90 -159.94
C LEU H 927 -76.94 -65.26 -158.49
N LEU H 928 -78.20 -65.56 -158.17
CA LEU H 928 -78.60 -65.88 -156.80
C LEU H 928 -78.17 -67.31 -156.48
N THR H 929 -76.87 -67.45 -156.17
CA THR H 929 -76.29 -68.74 -155.79
C THR H 929 -75.95 -68.79 -154.30
N GLY H 930 -76.59 -67.95 -153.50
CA GLY H 930 -76.33 -67.94 -152.08
C GLY H 930 -76.84 -69.19 -151.39
N LYS H 931 -76.34 -69.42 -150.17
CA LYS H 931 -76.73 -70.58 -149.41
C LYS H 931 -78.22 -70.55 -149.08
N ARG H 932 -78.74 -69.38 -148.70
CA ARG H 932 -80.16 -69.26 -148.37
C ARG H 932 -81.03 -69.57 -149.58
N VAL H 933 -80.66 -69.04 -150.75
CA VAL H 933 -81.45 -69.26 -151.96
C VAL H 933 -81.47 -70.74 -152.32
N GLN H 934 -80.31 -71.39 -152.28
CA GLN H 934 -80.23 -72.80 -152.61
C GLN H 934 -81.02 -73.65 -151.62
N LEU H 935 -80.91 -73.33 -150.32
CA LEU H 935 -81.64 -74.09 -149.31
C LEU H 935 -83.15 -73.92 -149.49
N ALA H 936 -83.61 -72.70 -149.77
CA ALA H 936 -85.03 -72.47 -149.99
C ALA H 936 -85.52 -73.21 -151.22
N GLU H 937 -84.73 -73.19 -152.30
CA GLU H 937 -85.11 -73.92 -153.52
C GLU H 937 -85.19 -75.42 -153.26
N ASP H 938 -84.22 -75.96 -152.53
CA ASP H 938 -84.24 -77.39 -152.21
C ASP H 938 -85.44 -77.75 -151.35
N LEU H 939 -85.76 -76.90 -150.36
CA LEU H 939 -86.91 -77.16 -149.51
C LEU H 939 -88.21 -77.12 -150.31
N LYS H 940 -88.35 -76.14 -151.20
CA LYS H 940 -89.54 -76.05 -152.03
C LYS H 940 -89.66 -77.26 -152.95
N LYS H 941 -88.56 -77.69 -153.56
CA LYS H 941 -88.59 -78.85 -154.43
C LYS H 941 -88.96 -80.12 -153.65
N VAL H 942 -88.40 -80.27 -152.45
CA VAL H 942 -88.74 -81.43 -151.63
C VAL H 942 -90.21 -81.42 -151.25
N ARG H 943 -90.73 -80.24 -150.88
CA ARG H 943 -92.15 -80.15 -150.54
C ARG H 943 -93.04 -80.49 -151.73
N GLU H 944 -92.68 -79.99 -152.92
CA GLU H 944 -93.45 -80.30 -154.12
C GLU H 944 -93.40 -81.79 -154.43
N ILE H 945 -92.23 -82.41 -154.30
CA ILE H 945 -92.11 -83.85 -154.55
C ILE H 945 -92.94 -84.64 -153.57
N GLN H 946 -92.92 -84.25 -152.29
CA GLN H 946 -93.72 -84.95 -151.29
C GLN H 946 -95.21 -84.79 -151.55
N GLU H 947 -95.63 -83.59 -151.97
CA GLU H 947 -97.04 -83.38 -152.30
C GLU H 947 -97.46 -84.24 -153.49
N LYS H 948 -96.60 -84.32 -154.52
CA LYS H 948 -96.91 -85.16 -155.67
C LYS H 948 -97.00 -86.63 -155.27
N LEU H 949 -96.09 -87.08 -154.40
CA LEU H 949 -96.13 -88.46 -153.94
C LEU H 949 -97.37 -88.75 -153.10
N ASP H 950 -97.78 -87.78 -152.28
CA ASP H 950 -99.01 -87.94 -151.52
C ASP H 950 -100.23 -88.02 -152.44
N ALA H 951 -100.25 -87.20 -153.49
CA ALA H 951 -101.33 -87.28 -154.47
C ALA H 951 -101.33 -88.63 -155.18
N PHE H 952 -100.14 -89.13 -155.52
CA PHE H 952 -100.05 -90.46 -156.13
C PHE H 952 -100.58 -91.54 -155.20
N ILE H 953 -100.22 -91.47 -153.91
CA ILE H 953 -100.70 -92.45 -152.94
C ILE H 953 -102.21 -92.39 -152.81
N GLU H 954 -102.77 -91.17 -152.74
CA GLU H 954 -104.21 -91.03 -152.64
C GLU H 954 -104.92 -91.58 -153.87
N ALA H 955 -104.38 -91.29 -155.07
CA ALA H 955 -104.98 -91.80 -156.29
C ALA H 955 -104.91 -93.33 -156.35
N LEU H 956 -103.78 -93.90 -155.94
CA LEU H 956 -103.66 -95.36 -155.92
C LEU H 956 -104.64 -95.99 -154.94
N HIS H 957 -104.81 -95.38 -153.76
CA HIS H 957 -105.75 -95.90 -152.79
C HIS H 957 -107.18 -95.79 -153.29
N GLN H 958 -107.53 -94.67 -153.93
CA GLN H 958 -108.88 -94.51 -154.46
C GLN H 958 -109.17 -95.49 -155.59
N GLU H 959 -108.20 -95.69 -156.50
CA GLU H 959 -108.42 -96.60 -157.62
C GLU H 959 -108.59 -98.04 -157.14
N LYS H 960 -107.79 -98.43 -156.13
CA LYS H 960 -107.89 -99.80 -155.57
C LYS H 960 -108.87 -99.77 -154.38
N SER I 263 -72.99 -10.62 -206.58
CA SER I 263 -73.81 -11.25 -205.56
C SER I 263 -72.98 -11.60 -204.33
N LEU I 264 -72.90 -12.90 -204.03
CA LEU I 264 -72.11 -13.34 -202.88
C LEU I 264 -70.63 -13.05 -203.08
N ILE I 265 -70.12 -13.25 -204.29
CA ILE I 265 -68.69 -13.03 -204.54
C ILE I 265 -68.34 -11.56 -204.43
N ASP I 266 -69.21 -10.67 -204.91
CA ASP I 266 -68.94 -9.24 -204.81
C ASP I 266 -68.94 -8.79 -203.35
N MET I 267 -69.90 -9.27 -202.55
CA MET I 267 -69.94 -8.92 -201.14
C MET I 267 -68.73 -9.47 -200.40
N TYR I 268 -68.30 -10.69 -200.74
CA TYR I 268 -67.11 -11.26 -200.13
C TYR I 268 -65.86 -10.45 -200.48
N SER I 269 -65.76 -10.00 -201.74
CA SER I 269 -64.64 -9.15 -202.14
C SER I 269 -64.67 -7.82 -201.39
N GLU I 270 -65.86 -7.25 -201.21
CA GLU I 270 -65.97 -6.01 -200.43
C GLU I 270 -65.55 -6.21 -198.99
N VAL I 271 -65.95 -7.35 -198.40
CA VAL I 271 -65.55 -7.65 -197.03
C VAL I 271 -64.03 -7.80 -196.93
N LEU I 272 -63.43 -8.49 -197.90
CA LEU I 272 -61.98 -8.64 -197.91
C LEU I 272 -61.28 -7.29 -198.06
N ASP I 273 -61.83 -6.41 -198.90
CA ASP I 273 -61.26 -5.08 -199.05
C ASP I 273 -61.35 -4.29 -197.76
N VAL I 274 -62.49 -4.39 -197.06
CA VAL I 274 -62.64 -3.70 -195.78
C VAL I 274 -61.64 -4.24 -194.76
N LEU I 275 -61.46 -5.56 -194.72
CA LEU I 275 -60.49 -6.15 -193.81
C LEU I 275 -59.07 -5.69 -194.13
N SER I 276 -58.73 -5.61 -195.42
CA SER I 276 -57.40 -5.13 -195.80
C SER I 276 -57.21 -3.67 -195.41
N ASP I 277 -58.23 -2.84 -195.62
CA ASP I 277 -58.15 -1.43 -195.25
C ASP I 277 -58.26 -1.19 -193.76
N TYR I 278 -58.62 -2.22 -192.98
CA TYR I 278 -58.72 -2.06 -191.53
C TYR I 278 -57.38 -1.68 -190.92
N ASP I 279 -56.30 -2.34 -191.35
CA ASP I 279 -54.97 -2.04 -190.83
C ASP I 279 -53.94 -2.50 -191.84
N ALA I 280 -52.76 -1.87 -191.79
CA ALA I 280 -51.66 -2.26 -192.67
C ALA I 280 -51.01 -3.56 -192.23
N SER I 281 -51.20 -3.97 -190.99
CA SER I 281 -50.64 -5.22 -190.48
C SER I 281 -51.56 -6.38 -190.85
N TYR I 282 -51.30 -7.55 -190.29
CA TYR I 282 -52.09 -8.75 -190.55
C TYR I 282 -52.55 -9.32 -189.22
N ASN I 283 -53.70 -8.85 -188.74
CA ASN I 283 -54.31 -9.34 -187.51
C ASN I 283 -55.63 -10.04 -187.74
N THR I 284 -56.58 -9.39 -188.42
CA THR I 284 -57.85 -10.00 -188.78
C THR I 284 -57.92 -10.41 -190.23
N GLN I 285 -56.92 -10.06 -191.04
CA GLN I 285 -56.91 -10.42 -192.45
C GLN I 285 -56.60 -11.90 -192.68
N ASP I 286 -56.06 -12.59 -191.68
CA ASP I 286 -55.71 -13.99 -191.79
C ASP I 286 -56.85 -14.92 -191.37
N HIS I 287 -58.03 -14.36 -191.05
CA HIS I 287 -59.16 -15.18 -190.65
C HIS I 287 -59.86 -15.79 -191.86
N LEU I 288 -60.33 -14.95 -192.77
CA LEU I 288 -60.98 -15.43 -193.97
C LEU I 288 -59.95 -16.02 -194.94
N PRO I 289 -60.26 -17.12 -195.62
CA PRO I 289 -59.33 -17.69 -196.59
C PRO I 289 -59.08 -16.73 -197.74
N ARG I 290 -57.84 -16.73 -198.24
CA ARG I 290 -57.44 -15.89 -199.36
C ARG I 290 -56.53 -16.68 -200.27
N VAL I 291 -56.95 -16.90 -201.50
CA VAL I 291 -56.14 -17.62 -202.48
C VAL I 291 -55.05 -16.67 -202.96
N VAL I 292 -53.80 -16.97 -202.62
CA VAL I 292 -52.65 -16.13 -202.95
C VAL I 292 -51.79 -16.88 -203.95
N VAL I 293 -51.45 -16.20 -205.04
CA VAL I 293 -50.61 -16.75 -206.10
C VAL I 293 -49.20 -16.17 -205.94
N VAL I 294 -48.24 -17.03 -205.63
CA VAL I 294 -46.85 -16.63 -205.41
C VAL I 294 -45.97 -17.39 -206.39
N GLY I 295 -45.10 -16.65 -207.09
CA GLY I 295 -44.19 -17.26 -208.04
C GLY I 295 -42.76 -16.79 -207.88
N ASP I 296 -41.92 -17.09 -208.87
CA ASP I 296 -40.52 -16.69 -208.85
C ASP I 296 -40.30 -15.54 -209.83
N GLN I 297 -39.18 -14.85 -209.63
CA GLN I 297 -38.85 -13.72 -210.49
C GLN I 297 -38.44 -14.22 -211.88
N SER I 298 -39.01 -13.60 -212.91
CA SER I 298 -38.73 -13.95 -214.30
C SER I 298 -39.02 -15.43 -214.58
N ALA I 299 -40.07 -15.95 -213.94
CA ALA I 299 -40.47 -17.34 -214.10
C ALA I 299 -41.66 -17.52 -215.02
N GLY I 300 -42.07 -16.46 -215.73
CA GLY I 300 -43.20 -16.56 -216.62
C GLY I 300 -44.55 -16.58 -215.95
N LYS I 301 -44.62 -16.23 -214.66
CA LYS I 301 -45.91 -16.24 -213.96
C LYS I 301 -46.86 -15.20 -214.51
N THR I 302 -46.34 -14.13 -215.11
CA THR I 302 -47.19 -13.10 -215.69
C THR I 302 -48.06 -13.65 -216.81
N SER I 303 -47.47 -14.48 -217.68
CA SER I 303 -48.24 -15.07 -218.77
C SER I 303 -49.33 -16.00 -218.24
N VAL I 304 -49.02 -16.79 -217.21
CA VAL I 304 -50.01 -17.68 -216.63
C VAL I 304 -51.14 -16.89 -215.99
N LEU I 305 -50.80 -15.82 -215.27
CA LEU I 305 -51.82 -14.98 -214.66
C LEU I 305 -52.71 -14.33 -215.72
N GLU I 306 -52.11 -13.87 -216.81
CA GLU I 306 -52.89 -13.29 -217.90
C GLU I 306 -53.82 -14.31 -218.53
N MET I 307 -53.32 -15.54 -218.72
CA MET I 307 -54.16 -16.59 -219.30
C MET I 307 -55.28 -16.99 -218.34
N ILE I 308 -55.06 -16.89 -217.04
CA ILE I 308 -56.11 -17.19 -216.07
C ILE I 308 -57.29 -16.23 -216.25
N ALA I 309 -57.00 -14.94 -216.40
CA ALA I 309 -58.03 -13.94 -216.64
C ALA I 309 -58.38 -13.81 -218.12
N GLN I 310 -57.70 -14.53 -219.00
CA GLN I 310 -57.95 -14.50 -220.45
C GLN I 310 -57.76 -13.10 -221.02
N ALA I 311 -56.85 -12.33 -220.43
CA ALA I 311 -56.57 -10.98 -220.90
C ALA I 311 -55.21 -10.55 -220.38
N ARG I 312 -54.52 -9.74 -221.18
CA ARG I 312 -53.22 -9.21 -220.80
C ARG I 312 -53.43 -7.94 -219.99
N ILE I 313 -53.40 -8.07 -218.67
CA ILE I 313 -53.60 -6.93 -217.79
C ILE I 313 -52.38 -6.61 -216.94
N PHE I 314 -51.44 -7.53 -216.78
CA PHE I 314 -50.23 -7.26 -216.00
C PHE I 314 -49.12 -6.78 -216.91
N PRO I 315 -48.56 -5.59 -216.68
CA PRO I 315 -47.47 -5.11 -217.54
C PRO I 315 -46.26 -6.01 -217.46
N ARG I 316 -45.57 -6.15 -218.59
CA ARG I 316 -44.38 -7.00 -218.68
C ARG I 316 -43.16 -6.25 -218.18
N GLY I 317 -42.23 -7.00 -217.60
CA GLY I 317 -41.00 -6.44 -217.09
C GLY I 317 -39.75 -7.17 -217.56
N SER I 318 -38.80 -6.43 -218.14
CA SER I 318 -37.56 -7.02 -218.64
C SER I 318 -36.55 -7.08 -217.49
N GLY I 319 -36.75 -8.04 -216.60
CA GLY I 319 -35.89 -8.26 -215.46
C GLY I 319 -36.28 -7.48 -214.22
N GLU I 320 -36.70 -6.23 -214.39
CA GLU I 320 -37.09 -5.41 -213.26
C GLU I 320 -38.39 -5.93 -212.64
N MET I 321 -38.48 -5.81 -211.31
CA MET I 321 -39.65 -6.27 -210.57
C MET I 321 -40.72 -5.18 -210.65
N MET I 322 -41.58 -5.27 -211.66
CA MET I 322 -42.65 -4.28 -211.83
C MET I 322 -43.65 -4.36 -210.68
N THR I 323 -44.00 -5.56 -210.25
CA THR I 323 -44.97 -5.74 -209.17
C THR I 323 -44.26 -5.55 -207.83
N ARG I 324 -44.52 -4.42 -207.18
CA ARG I 324 -43.92 -4.12 -205.89
C ARG I 324 -44.94 -4.01 -204.77
N SER I 325 -46.23 -4.14 -205.08
CA SER I 325 -47.29 -4.08 -204.09
C SER I 325 -48.26 -5.23 -204.31
N PRO I 326 -48.91 -5.70 -203.24
CA PRO I 326 -49.90 -6.77 -203.41
C PRO I 326 -51.05 -6.35 -204.32
N VAL I 327 -51.49 -7.28 -205.17
CA VAL I 327 -52.57 -7.03 -206.12
C VAL I 327 -53.66 -8.05 -205.88
N LYS I 328 -54.89 -7.58 -205.71
CA LYS I 328 -56.05 -8.43 -205.49
C LYS I 328 -56.83 -8.55 -206.79
N VAL I 329 -57.03 -9.79 -207.24
CA VAL I 329 -57.80 -10.08 -208.46
C VAL I 329 -59.02 -10.88 -208.04
N THR I 330 -60.20 -10.29 -208.21
CA THR I 330 -61.47 -10.92 -207.86
C THR I 330 -62.12 -11.44 -209.15
N LEU I 331 -62.22 -12.75 -209.27
CA LEU I 331 -62.84 -13.36 -210.45
C LEU I 331 -64.34 -13.46 -210.23
N SER I 332 -65.11 -12.92 -211.17
CA SER I 332 -66.56 -12.94 -211.10
C SER I 332 -67.12 -12.79 -212.51
N GLU I 333 -68.44 -12.76 -212.61
CA GLU I 333 -69.14 -12.62 -213.88
C GLU I 333 -70.07 -11.42 -213.81
N GLY I 334 -70.00 -10.57 -214.83
CA GLY I 334 -70.84 -9.39 -214.89
C GLY I 334 -71.48 -9.21 -216.24
N PRO I 335 -72.16 -8.08 -216.44
CA PRO I 335 -72.78 -7.82 -217.74
C PRO I 335 -71.80 -7.75 -218.89
N HIS I 336 -70.58 -7.26 -218.64
CA HIS I 336 -69.56 -7.14 -219.67
C HIS I 336 -68.22 -7.66 -219.12
N HIS I 337 -67.36 -8.09 -220.03
CA HIS I 337 -66.04 -8.60 -219.68
C HIS I 337 -65.08 -7.41 -219.48
N VAL I 338 -65.32 -6.68 -218.40
CA VAL I 338 -64.54 -5.50 -218.06
C VAL I 338 -63.97 -5.67 -216.66
N ALA I 339 -63.07 -4.76 -216.30
CA ALA I 339 -62.44 -4.74 -214.99
C ALA I 339 -62.73 -3.40 -214.31
N LEU I 340 -63.13 -3.47 -213.05
CA LEU I 340 -63.48 -2.28 -212.28
C LEU I 340 -62.80 -2.33 -210.92
N PHE I 341 -62.19 -1.22 -210.51
CA PHE I 341 -61.56 -1.14 -209.21
C PHE I 341 -62.58 -0.81 -208.13
N LYS I 342 -62.15 -0.97 -206.88
CA LYS I 342 -63.03 -0.66 -205.75
C LYS I 342 -63.32 0.84 -205.68
N ASP I 343 -62.31 1.68 -205.91
CA ASP I 343 -62.45 3.13 -205.81
C ASP I 343 -62.43 3.81 -207.18
N SER I 344 -62.85 3.10 -208.22
CA SER I 344 -62.88 3.64 -209.58
C SER I 344 -64.25 3.38 -210.19
N SER I 345 -64.60 4.21 -211.18
CA SER I 345 -65.86 4.09 -211.88
C SER I 345 -65.71 3.76 -213.36
N ARG I 346 -64.49 3.76 -213.90
CA ARG I 346 -64.27 3.45 -215.30
C ARG I 346 -64.10 1.94 -215.48
N GLU I 347 -64.89 1.37 -216.39
CA GLU I 347 -64.86 -0.07 -216.66
C GLU I 347 -63.80 -0.33 -217.72
N PHE I 348 -62.65 -0.85 -217.28
CA PHE I 348 -61.55 -1.17 -218.19
C PHE I 348 -61.86 -2.47 -218.91
N ASP I 349 -62.17 -2.38 -220.20
CA ASP I 349 -62.48 -3.56 -220.98
C ASP I 349 -61.24 -4.44 -221.15
N LEU I 350 -61.46 -5.75 -221.17
CA LEU I 350 -60.39 -6.73 -221.29
C LEU I 350 -60.21 -7.23 -222.72
N THR I 351 -60.88 -6.63 -223.69
CA THR I 351 -60.80 -7.04 -225.08
C THR I 351 -60.06 -6.04 -225.95
N LYS I 352 -60.46 -4.77 -225.93
CA LYS I 352 -59.81 -3.77 -226.75
C LYS I 352 -58.39 -3.50 -226.27
N GLU I 353 -57.48 -3.30 -227.23
CA GLU I 353 -56.08 -3.06 -226.88
C GLU I 353 -55.91 -1.74 -226.14
N GLU I 354 -56.65 -0.70 -226.55
CA GLU I 354 -56.54 0.59 -225.88
C GLU I 354 -57.00 0.50 -224.44
N ASP I 355 -58.11 -0.21 -224.19
CA ASP I 355 -58.59 -0.37 -222.82
C ASP I 355 -57.59 -1.17 -221.97
N LEU I 356 -56.98 -2.20 -222.56
CA LEU I 356 -55.98 -2.97 -221.83
C LEU I 356 -54.77 -2.10 -221.49
N ALA I 357 -54.33 -1.26 -222.44
CA ALA I 357 -53.21 -0.36 -222.18
C ALA I 357 -53.55 0.64 -221.08
N ALA I 358 -54.78 1.17 -221.11
CA ALA I 358 -55.21 2.10 -220.07
C ALA I 358 -55.24 1.41 -218.70
N LEU I 359 -55.72 0.16 -218.66
CA LEU I 359 -55.75 -0.58 -217.40
C LEU I 359 -54.34 -0.83 -216.89
N ARG I 360 -53.41 -1.20 -217.77
CA ARG I 360 -52.02 -1.40 -217.35
C ARG I 360 -51.40 -0.10 -216.85
N HIS I 361 -51.68 1.01 -217.51
CA HIS I 361 -51.17 2.30 -217.06
C HIS I 361 -51.73 2.66 -215.69
N GLU I 362 -53.03 2.42 -215.47
CA GLU I 362 -53.62 2.69 -214.16
C GLU I 362 -53.01 1.80 -213.09
N ILE I 363 -52.77 0.54 -213.40
CA ILE I 363 -52.15 -0.37 -212.43
C ILE I 363 -50.74 0.11 -212.09
N GLU I 364 -49.98 0.51 -213.11
CA GLU I 364 -48.63 1.02 -212.86
C GLU I 364 -48.66 2.29 -212.01
N LEU I 365 -49.61 3.19 -212.30
CA LEU I 365 -49.72 4.41 -211.50
C LEU I 365 -50.08 4.09 -210.05
N ARG I 366 -50.98 3.14 -209.84
CA ARG I 366 -51.34 2.74 -208.48
C ARG I 366 -50.14 2.11 -207.76
N MET I 367 -49.36 1.29 -208.47
CA MET I 367 -48.17 0.70 -207.87
C MET I 367 -47.16 1.78 -207.49
N ARG I 368 -46.95 2.76 -208.37
CA ARG I 368 -46.00 3.83 -208.08
C ARG I 368 -46.47 4.70 -206.91
N LYS I 369 -47.78 4.97 -206.84
CA LYS I 369 -48.30 5.79 -205.75
C LYS I 369 -48.10 5.10 -204.39
N ASN I 370 -48.35 3.80 -204.32
CA ASN I 370 -48.18 3.08 -203.06
C ASN I 370 -46.71 3.05 -202.64
N VAL I 371 -45.80 2.82 -203.59
CA VAL I 371 -44.38 2.74 -203.25
C VAL I 371 -43.85 4.14 -202.96
N LYS I 372 -43.19 4.29 -201.82
CA LYS I 372 -42.62 5.58 -201.44
C LYS I 372 -41.43 5.92 -202.32
N GLU I 373 -41.13 7.22 -202.40
CA GLU I 373 -40.01 7.71 -203.20
C GLU I 373 -38.72 7.40 -202.47
N GLY I 374 -38.19 6.21 -202.71
CA GLY I 374 -36.97 5.77 -202.07
C GLY I 374 -37.05 4.34 -201.57
N CYS I 375 -38.27 3.83 -201.41
CA CYS I 375 -38.49 2.47 -200.95
C CYS I 375 -38.72 1.54 -202.13
N THR I 376 -38.82 0.25 -201.83
CA THR I 376 -39.04 -0.78 -202.85
C THR I 376 -40.35 -1.52 -202.66
N VAL I 377 -40.65 -1.97 -201.44
CA VAL I 377 -41.86 -2.72 -201.13
C VAL I 377 -42.75 -1.85 -200.26
N SER I 378 -44.02 -1.72 -200.66
CA SER I 378 -44.98 -0.91 -199.94
C SER I 378 -46.05 -1.79 -199.32
N PRO I 379 -46.38 -1.60 -198.04
CA PRO I 379 -47.41 -2.43 -197.41
C PRO I 379 -48.80 -2.21 -197.98
N GLU I 380 -49.04 -1.10 -198.68
CA GLU I 380 -50.36 -0.83 -199.24
C GLU I 380 -50.70 -1.84 -200.33
N THR I 381 -51.96 -2.26 -200.36
CA THR I 381 -52.46 -3.24 -201.31
C THR I 381 -53.33 -2.57 -202.36
N ILE I 382 -53.48 -3.25 -203.48
CA ILE I 382 -54.30 -2.78 -204.60
C ILE I 382 -55.43 -3.77 -204.83
N SER I 383 -56.66 -3.26 -204.86
CA SER I 383 -57.86 -4.08 -205.03
C SER I 383 -58.41 -3.89 -206.42
N LEU I 384 -58.67 -5.00 -207.12
CA LEU I 384 -59.22 -4.97 -208.46
C LEU I 384 -60.25 -6.08 -208.60
N ASN I 385 -61.39 -5.76 -209.20
CA ASN I 385 -62.47 -6.72 -209.43
C ASN I 385 -62.59 -6.98 -210.92
N VAL I 386 -62.60 -8.26 -211.29
CA VAL I 386 -62.69 -8.69 -212.68
C VAL I 386 -64.05 -9.36 -212.89
N LYS I 387 -64.78 -8.90 -213.90
CA LYS I 387 -66.09 -9.43 -214.23
C LYS I 387 -66.13 -9.84 -215.70
N GLY I 388 -66.98 -10.82 -216.00
CA GLY I 388 -67.14 -11.30 -217.35
C GLY I 388 -67.53 -12.76 -217.40
N PRO I 389 -68.20 -13.16 -218.49
CA PRO I 389 -68.62 -14.56 -218.63
C PRO I 389 -67.43 -15.48 -218.79
N GLY I 390 -67.62 -16.74 -218.38
CA GLY I 390 -66.59 -17.75 -218.48
C GLY I 390 -65.60 -17.79 -217.33
N LEU I 391 -65.73 -16.91 -216.35
CA LEU I 391 -64.84 -16.87 -215.20
C LEU I 391 -65.48 -17.57 -214.00
N GLN I 392 -64.64 -17.88 -213.02
CA GLN I 392 -65.07 -18.54 -211.80
C GLN I 392 -65.38 -17.49 -210.73
N ARG I 393 -65.66 -17.95 -209.51
CA ARG I 393 -65.96 -17.08 -208.38
C ARG I 393 -64.92 -17.31 -207.30
N MET I 394 -63.82 -16.57 -207.38
CA MET I 394 -62.73 -16.70 -206.42
C MET I 394 -61.93 -15.41 -206.41
N VAL I 395 -61.12 -15.24 -205.38
CA VAL I 395 -60.28 -14.06 -205.21
C VAL I 395 -58.82 -14.49 -205.30
N LEU I 396 -58.07 -13.87 -206.20
CA LEU I 396 -56.66 -14.17 -206.40
C LEU I 396 -55.81 -13.01 -205.91
N VAL I 397 -54.74 -13.34 -205.19
CA VAL I 397 -53.83 -12.35 -204.63
C VAL I 397 -52.47 -12.52 -205.29
N ASP I 398 -51.93 -11.41 -205.80
CA ASP I 398 -50.64 -11.42 -206.48
C ASP I 398 -49.59 -10.78 -205.58
N LEU I 399 -48.45 -11.44 -205.43
CA LEU I 399 -47.36 -10.96 -204.59
C LEU I 399 -46.06 -10.97 -205.38
N PRO I 400 -45.12 -10.09 -205.03
CA PRO I 400 -43.82 -10.09 -205.72
C PRO I 400 -43.07 -11.40 -205.51
N GLY I 401 -42.28 -11.77 -206.51
CA GLY I 401 -41.54 -13.01 -206.44
C GLY I 401 -40.46 -12.99 -205.37
N VAL I 402 -40.09 -14.18 -204.93
CA VAL I 402 -39.08 -14.33 -203.89
C VAL I 402 -37.70 -14.13 -204.51
N ILE I 403 -36.91 -13.27 -203.90
CA ILE I 403 -35.56 -12.98 -204.37
C ILE I 403 -34.55 -13.50 -203.36
N ASN I 404 -33.31 -13.68 -203.82
CA ASN I 404 -32.23 -14.17 -202.99
C ASN I 404 -31.13 -13.14 -202.78
N THR I 405 -30.67 -12.50 -203.85
CA THR I 405 -29.62 -11.50 -203.72
C THR I 405 -30.18 -10.20 -203.16
N VAL I 406 -29.27 -9.36 -202.67
CA VAL I 406 -29.61 -8.07 -202.08
C VAL I 406 -29.01 -6.97 -202.95
N THR I 407 -29.85 -6.02 -203.38
CA THR I 407 -29.39 -4.93 -204.22
C THR I 407 -28.78 -3.83 -203.37
N SER I 408 -27.56 -3.41 -203.74
CA SER I 408 -26.90 -2.35 -203.00
C SER I 408 -27.57 -1.00 -203.21
N GLY I 409 -28.20 -0.79 -204.37
CA GLY I 409 -28.88 0.44 -204.68
C GLY I 409 -30.27 0.59 -204.11
N MET I 410 -30.75 -0.42 -203.39
CA MET I 410 -32.08 -0.40 -202.80
C MET I 410 -31.97 -0.66 -201.29
N ALA I 411 -33.12 -0.83 -200.64
CA ALA I 411 -33.13 -1.08 -199.21
C ALA I 411 -32.52 -2.44 -198.90
N PRO I 412 -31.55 -2.52 -197.99
CA PRO I 412 -30.95 -3.83 -197.67
C PRO I 412 -31.93 -4.80 -197.03
N ASP I 413 -33.04 -4.32 -196.46
CA ASP I 413 -34.02 -5.17 -195.80
C ASP I 413 -35.20 -5.51 -196.71
N THR I 414 -35.04 -5.31 -198.03
CA THR I 414 -36.12 -5.63 -198.95
C THR I 414 -36.43 -7.12 -198.95
N LYS I 415 -35.38 -7.96 -198.95
CA LYS I 415 -35.60 -9.40 -198.92
C LYS I 415 -36.26 -9.83 -197.62
N GLU I 416 -35.83 -9.25 -196.49
CA GLU I 416 -36.44 -9.56 -195.20
C GLU I 416 -37.90 -9.13 -195.18
N THR I 417 -38.20 -7.95 -195.73
CA THR I 417 -39.59 -7.50 -195.79
C THR I 417 -40.44 -8.41 -196.65
N ILE I 418 -39.91 -8.86 -197.79
CA ILE I 418 -40.65 -9.77 -198.66
C ILE I 418 -40.89 -11.09 -197.95
N PHE I 419 -39.88 -11.62 -197.25
CA PHE I 419 -40.05 -12.86 -196.51
C PHE I 419 -41.09 -12.72 -195.41
N SER I 420 -41.08 -11.59 -194.69
CA SER I 420 -42.06 -11.36 -193.64
C SER I 420 -43.47 -11.27 -194.22
N ILE I 421 -43.62 -10.59 -195.36
CA ILE I 421 -44.93 -10.48 -195.99
C ILE I 421 -45.42 -11.86 -196.44
N SER I 422 -44.53 -12.66 -197.02
CA SER I 422 -44.90 -14.01 -197.44
C SER I 422 -45.31 -14.87 -196.25
N LYS I 423 -44.56 -14.77 -195.14
CA LYS I 423 -44.91 -15.54 -193.94
C LYS I 423 -46.27 -15.10 -193.38
N ALA I 424 -46.52 -13.79 -193.35
CA ALA I 424 -47.80 -13.30 -192.87
C ALA I 424 -48.95 -13.77 -193.75
N TYR I 425 -48.74 -13.77 -195.08
CA TYR I 425 -49.78 -14.27 -195.98
C TYR I 425 -50.00 -15.76 -195.78
N MET I 426 -48.93 -16.53 -195.57
CA MET I 426 -49.05 -17.96 -195.35
C MET I 426 -49.57 -18.31 -193.96
N GLN I 427 -49.63 -17.34 -193.04
CA GLN I 427 -50.14 -17.60 -191.71
C GLN I 427 -51.60 -18.05 -191.71
N ASN I 428 -52.33 -17.74 -192.77
CA ASN I 428 -53.72 -18.19 -192.87
C ASN I 428 -53.77 -19.69 -193.07
N PRO I 429 -54.42 -20.45 -192.19
CA PRO I 429 -54.47 -21.91 -192.38
C PRO I 429 -55.23 -22.34 -193.62
N ASN I 430 -56.10 -21.49 -194.16
CA ASN I 430 -56.91 -21.83 -195.32
C ASN I 430 -56.50 -21.04 -196.56
N ALA I 431 -55.28 -20.50 -196.59
CA ALA I 431 -54.82 -19.75 -197.73
C ALA I 431 -54.36 -20.70 -198.83
N ILE I 432 -55.06 -20.69 -199.96
CA ILE I 432 -54.71 -21.54 -201.09
C ILE I 432 -53.54 -20.89 -201.84
N ILE I 433 -52.48 -21.65 -202.05
CA ILE I 433 -51.28 -21.17 -202.73
C ILE I 433 -51.22 -21.80 -204.11
N LEU I 434 -51.12 -20.96 -205.14
CA LEU I 434 -51.04 -21.41 -206.53
C LEU I 434 -49.61 -21.22 -206.99
N CYS I 435 -48.85 -22.32 -207.06
CA CYS I 435 -47.46 -22.29 -207.47
C CYS I 435 -47.37 -22.29 -208.99
N ILE I 436 -46.57 -21.38 -209.53
CA ILE I 436 -46.35 -21.25 -210.97
C ILE I 436 -44.87 -21.42 -211.24
N GLN I 437 -44.54 -22.31 -212.17
CA GLN I 437 -43.16 -22.58 -212.56
C GLN I 437 -42.97 -22.23 -214.04
N ASP I 438 -41.79 -22.56 -214.56
CA ASP I 438 -41.43 -22.28 -215.94
C ASP I 438 -40.90 -23.56 -216.59
N GLY I 439 -40.87 -23.54 -217.93
CA GLY I 439 -40.36 -24.70 -218.65
C GLY I 439 -38.89 -24.95 -218.38
N SER I 440 -38.10 -23.89 -218.25
CA SER I 440 -36.67 -24.01 -217.98
C SER I 440 -36.36 -24.15 -216.50
N VAL I 441 -37.37 -24.08 -215.62
CA VAL I 441 -37.17 -24.18 -214.18
C VAL I 441 -37.74 -25.52 -213.72
N ASP I 442 -36.92 -26.29 -213.02
CA ASP I 442 -37.35 -27.60 -212.53
C ASP I 442 -38.25 -27.43 -211.31
N ALA I 443 -38.90 -28.53 -210.92
CA ALA I 443 -39.77 -28.51 -209.76
C ALA I 443 -39.00 -28.21 -208.49
N GLU I 444 -37.82 -28.82 -208.33
CA GLU I 444 -37.01 -28.55 -207.14
C GLU I 444 -36.37 -27.18 -207.16
N ARG I 445 -36.22 -26.58 -208.35
CA ARG I 445 -35.64 -25.24 -208.46
C ARG I 445 -36.62 -24.14 -208.08
N SER I 446 -37.90 -24.46 -207.93
CA SER I 446 -38.91 -23.46 -207.57
C SER I 446 -38.85 -23.20 -206.08
N ILE I 447 -38.53 -21.96 -205.71
CA ILE I 447 -38.46 -21.60 -204.29
C ILE I 447 -39.84 -21.65 -203.66
N VAL I 448 -40.88 -21.25 -204.40
CA VAL I 448 -42.24 -21.25 -203.86
C VAL I 448 -42.68 -22.68 -203.55
N THR I 449 -42.39 -23.62 -204.45
CA THR I 449 -42.78 -25.01 -204.23
C THR I 449 -42.06 -25.58 -203.00
N ASP I 450 -40.77 -25.30 -202.85
CA ASP I 450 -40.03 -25.79 -201.69
C ASP I 450 -40.57 -25.18 -200.41
N LEU I 451 -40.90 -23.89 -200.42
CA LEU I 451 -41.45 -23.24 -199.23
C LEU I 451 -42.80 -23.84 -198.87
N VAL I 452 -43.64 -24.10 -199.87
CA VAL I 452 -44.95 -24.70 -199.62
C VAL I 452 -44.78 -26.10 -199.03
N SER I 453 -43.85 -26.88 -199.59
CA SER I 453 -43.61 -28.23 -199.07
C SER I 453 -43.10 -28.19 -197.63
N GLN I 454 -42.20 -27.25 -197.32
CA GLN I 454 -41.70 -27.13 -195.97
C GLN I 454 -42.80 -26.71 -194.99
N MET I 455 -43.64 -25.76 -195.40
CA MET I 455 -44.71 -25.29 -194.52
C MET I 455 -45.87 -26.28 -194.45
N ASP I 456 -46.16 -26.98 -195.56
CA ASP I 456 -47.27 -27.93 -195.63
C ASP I 456 -46.74 -29.25 -196.17
N PRO I 457 -46.10 -30.06 -195.32
CA PRO I 457 -45.61 -31.37 -195.79
C PRO I 457 -46.72 -32.29 -196.28
N HIS I 458 -47.91 -32.22 -195.68
CA HIS I 458 -49.00 -33.08 -196.13
C HIS I 458 -49.55 -32.61 -197.48
N GLY I 459 -49.74 -31.31 -197.65
CA GLY I 459 -50.26 -30.78 -198.90
C GLY I 459 -51.67 -31.22 -199.21
N ARG I 460 -52.53 -31.30 -198.18
CA ARG I 460 -53.91 -31.70 -198.38
C ARG I 460 -54.77 -30.60 -198.96
N ARG I 461 -54.32 -29.35 -198.91
CA ARG I 461 -55.07 -28.22 -199.44
C ARG I 461 -54.38 -27.52 -200.59
N THR I 462 -53.13 -27.86 -200.90
CA THR I 462 -52.38 -27.24 -201.98
C THR I 462 -52.36 -28.19 -203.18
N ILE I 463 -52.72 -27.67 -204.35
CA ILE I 463 -52.78 -28.45 -205.58
C ILE I 463 -51.73 -27.89 -206.54
N PHE I 464 -50.83 -28.76 -207.00
CA PHE I 464 -49.78 -28.35 -207.91
C PHE I 464 -50.31 -28.23 -209.33
N VAL I 465 -49.98 -27.13 -210.00
CA VAL I 465 -50.36 -26.89 -211.38
C VAL I 465 -49.10 -26.71 -212.21
N LEU I 466 -48.99 -27.46 -213.30
CA LEU I 466 -47.83 -27.42 -214.18
C LEU I 466 -48.16 -26.55 -215.39
N THR I 467 -47.33 -25.54 -215.64
CA THR I 467 -47.51 -24.60 -216.74
C THR I 467 -46.32 -24.67 -217.69
N LYS I 468 -46.59 -24.32 -218.95
CA LYS I 468 -45.56 -24.32 -220.00
C LYS I 468 -44.92 -25.70 -220.15
N VAL I 469 -45.76 -26.71 -220.37
CA VAL I 469 -45.27 -28.07 -220.54
C VAL I 469 -44.47 -28.21 -221.83
N ASP I 470 -44.91 -27.54 -222.90
CA ASP I 470 -44.21 -27.65 -224.18
C ASP I 470 -42.79 -27.09 -224.10
N LEU I 471 -42.62 -25.96 -223.39
CA LEU I 471 -41.29 -25.38 -223.26
C LEU I 471 -40.35 -26.31 -222.50
N ALA I 472 -40.85 -26.94 -221.42
CA ALA I 472 -40.03 -27.89 -220.68
C ALA I 472 -39.70 -29.11 -221.53
N GLU I 473 -40.67 -29.60 -222.31
CA GLU I 473 -40.43 -30.76 -223.16
C GLU I 473 -39.40 -30.47 -224.24
N LYS I 474 -39.45 -29.28 -224.82
CA LYS I 474 -38.51 -28.92 -225.89
C LYS I 474 -37.09 -28.74 -225.37
N ASN I 475 -36.91 -28.61 -224.06
CA ASN I 475 -35.58 -28.44 -223.47
C ASN I 475 -34.96 -29.78 -223.09
N VAL I 476 -34.93 -30.71 -224.06
CA VAL I 476 -34.41 -32.07 -223.95
C VAL I 476 -34.62 -32.66 -222.56
N ALA I 477 -35.81 -32.47 -222.00
CA ALA I 477 -36.12 -33.00 -220.68
C ALA I 477 -36.45 -34.49 -220.76
N SER I 478 -36.36 -35.15 -219.61
CA SER I 478 -36.66 -36.58 -219.52
C SER I 478 -38.15 -36.77 -219.37
N PRO I 479 -38.81 -37.52 -220.25
CA PRO I 479 -40.27 -37.74 -220.09
C PRO I 479 -40.63 -38.49 -218.83
N SER I 480 -39.70 -39.27 -218.26
CA SER I 480 -40.00 -39.99 -217.02
C SER I 480 -40.27 -39.02 -215.87
N ARG I 481 -39.48 -37.95 -215.78
CA ARG I 481 -39.70 -36.95 -214.74
C ARG I 481 -41.06 -36.28 -214.89
N ILE I 482 -41.43 -35.93 -216.13
CA ILE I 482 -42.73 -35.31 -216.37
C ILE I 482 -43.86 -36.26 -216.00
N GLN I 483 -43.72 -37.54 -216.37
CA GLN I 483 -44.74 -38.52 -216.03
C GLN I 483 -44.87 -38.69 -214.52
N GLN I 484 -43.74 -38.72 -213.81
CA GLN I 484 -43.79 -38.85 -212.36
C GLN I 484 -44.43 -37.62 -211.72
N ILE I 485 -44.12 -36.43 -212.23
CA ILE I 485 -44.70 -35.20 -211.69
C ILE I 485 -46.21 -35.19 -211.92
N ILE I 486 -46.64 -35.57 -213.12
CA ILE I 486 -48.07 -35.59 -213.43
C ILE I 486 -48.78 -36.65 -212.60
N GLU I 487 -48.19 -37.85 -212.51
CA GLU I 487 -48.80 -38.91 -211.72
C GLU I 487 -48.68 -38.66 -210.22
N GLY I 488 -47.67 -37.91 -209.79
CA GLY I 488 -47.51 -37.60 -208.37
C GLY I 488 -46.66 -38.60 -207.63
N LYS I 489 -45.61 -39.10 -208.28
CA LYS I 489 -44.69 -40.06 -207.68
C LYS I 489 -43.40 -39.41 -207.20
N LEU I 490 -43.32 -38.09 -207.23
CA LEU I 490 -42.12 -37.38 -206.80
C LEU I 490 -42.37 -36.38 -205.68
N PHE I 491 -43.51 -35.70 -205.69
CA PHE I 491 -43.82 -34.73 -204.65
C PHE I 491 -44.23 -35.44 -203.37
N PRO I 492 -43.56 -35.20 -202.25
CA PRO I 492 -43.95 -35.86 -200.99
C PRO I 492 -45.37 -35.50 -200.54
N MET I 493 -45.83 -34.29 -200.84
CA MET I 493 -47.15 -33.87 -200.41
C MET I 493 -48.23 -34.65 -201.14
N LYS I 494 -49.34 -34.91 -200.45
CA LYS I 494 -50.47 -35.65 -201.00
C LYS I 494 -51.50 -34.64 -201.50
N ALA I 495 -51.25 -34.10 -202.68
CA ALA I 495 -52.15 -33.14 -203.27
C ALA I 495 -53.42 -33.83 -203.78
N LEU I 496 -54.49 -33.05 -203.89
CA LEU I 496 -55.76 -33.59 -204.37
C LEU I 496 -55.70 -34.00 -205.83
N GLY I 497 -54.76 -33.47 -206.59
CA GLY I 497 -54.63 -33.84 -208.00
C GLY I 497 -53.49 -33.08 -208.62
N TYR I 498 -53.19 -33.45 -209.86
CA TYR I 498 -52.11 -32.83 -210.64
C TYR I 498 -52.58 -32.68 -212.08
N PHE I 499 -52.50 -31.46 -212.60
CA PHE I 499 -52.89 -31.16 -213.97
C PHE I 499 -51.78 -30.39 -214.66
N ALA I 500 -51.54 -30.73 -215.92
CA ALA I 500 -50.51 -30.09 -216.73
C ALA I 500 -51.18 -29.31 -217.85
N VAL I 501 -50.86 -28.02 -217.94
CA VAL I 501 -51.43 -27.14 -218.95
C VAL I 501 -50.31 -26.35 -219.62
N VAL I 502 -50.61 -25.81 -220.79
CA VAL I 502 -49.67 -25.01 -221.57
C VAL I 502 -50.21 -23.58 -221.64
N THR I 503 -49.40 -22.62 -221.22
CA THR I 503 -49.77 -21.21 -221.21
C THR I 503 -48.96 -20.41 -222.24
N GLY I 504 -48.68 -21.03 -223.38
CA GLY I 504 -47.92 -20.37 -224.42
C GLY I 504 -46.42 -20.41 -224.16
N LYS I 505 -45.68 -19.70 -225.02
CA LYS I 505 -44.24 -19.62 -224.92
C LYS I 505 -43.76 -18.57 -223.93
N GLY I 506 -44.68 -17.79 -223.35
CA GLY I 506 -44.30 -16.76 -222.41
C GLY I 506 -43.77 -15.48 -223.01
N ASN I 507 -43.86 -15.33 -224.34
CA ASN I 507 -43.38 -14.13 -225.00
C ASN I 507 -44.42 -13.02 -224.88
N SER I 508 -44.14 -11.88 -225.52
CA SER I 508 -45.04 -10.73 -225.50
C SER I 508 -45.56 -10.39 -226.89
N SER I 509 -45.70 -11.41 -227.74
CA SER I 509 -46.19 -11.20 -229.10
C SER I 509 -47.27 -12.21 -229.49
N GLU I 510 -47.83 -12.95 -228.53
CA GLU I 510 -48.87 -13.93 -228.79
C GLU I 510 -50.15 -13.48 -228.12
N SER I 511 -51.23 -13.43 -228.89
CA SER I 511 -52.52 -13.02 -228.36
C SER I 511 -53.11 -14.12 -227.47
N ILE I 512 -54.09 -13.73 -226.66
CA ILE I 512 -54.74 -14.68 -225.76
C ILE I 512 -55.45 -15.78 -226.55
N GLU I 513 -56.15 -15.38 -227.63
CA GLU I 513 -56.85 -16.37 -228.45
C GLU I 513 -55.87 -17.35 -229.10
N ALA I 514 -54.73 -16.85 -229.58
CA ALA I 514 -53.74 -17.73 -230.19
C ALA I 514 -53.18 -18.72 -229.18
N ILE I 515 -52.89 -18.26 -227.96
CA ILE I 515 -52.37 -19.15 -226.93
C ILE I 515 -53.42 -20.19 -226.55
N ARG I 516 -54.69 -19.77 -226.44
CA ARG I 516 -55.75 -20.72 -226.11
C ARG I 516 -55.91 -21.77 -227.21
N GLU I 517 -55.84 -21.35 -228.48
CA GLU I 517 -55.94 -22.30 -229.58
C GLU I 517 -54.76 -23.27 -229.58
N TYR I 518 -53.55 -22.76 -229.31
CA TYR I 518 -52.39 -23.63 -229.24
C TYR I 518 -52.52 -24.64 -228.10
N GLU I 519 -53.01 -24.20 -226.95
CA GLU I 519 -53.21 -25.10 -225.82
C GLU I 519 -54.25 -26.16 -226.15
N GLU I 520 -55.34 -25.77 -226.82
CA GLU I 520 -56.36 -26.73 -227.20
C GLU I 520 -55.80 -27.75 -228.19
N GLU I 521 -55.01 -27.29 -229.16
CA GLU I 521 -54.40 -28.20 -230.12
C GLU I 521 -53.44 -29.16 -229.44
N PHE I 522 -52.65 -28.66 -228.48
CA PHE I 522 -51.72 -29.53 -227.75
C PHE I 522 -52.48 -30.56 -226.93
N PHE I 523 -53.58 -30.16 -226.30
CA PHE I 523 -54.38 -31.10 -225.53
C PHE I 523 -55.00 -32.17 -226.43
N GLN I 524 -55.49 -31.75 -227.60
CA GLN I 524 -56.08 -32.72 -228.53
C GLN I 524 -55.04 -33.70 -229.05
N ASN I 525 -53.85 -33.21 -229.40
CA ASN I 525 -52.78 -34.03 -229.92
C ASN I 525 -51.51 -33.72 -229.12
N SER I 526 -51.14 -34.60 -228.21
CA SER I 526 -49.98 -34.43 -227.36
C SER I 526 -49.02 -35.61 -227.55
N LYS I 527 -47.72 -35.32 -227.44
CA LYS I 527 -46.70 -36.34 -227.59
C LYS I 527 -46.62 -37.28 -226.39
N LEU I 528 -47.24 -36.93 -225.27
CA LEU I 528 -47.23 -37.76 -224.07
C LEU I 528 -48.52 -38.54 -223.87
N LEU I 529 -49.65 -38.03 -224.35
CA LEU I 529 -50.91 -38.75 -224.20
C LEU I 529 -50.96 -39.99 -225.08
N LYS I 530 -50.29 -39.96 -226.24
CA LYS I 530 -50.27 -41.10 -227.14
C LYS I 530 -49.41 -42.25 -226.65
N THR I 531 -48.59 -42.03 -225.61
CA THR I 531 -47.73 -43.07 -225.05
C THR I 531 -48.41 -43.87 -223.96
N SER I 532 -49.67 -43.57 -223.64
CA SER I 532 -50.43 -44.28 -222.60
C SER I 532 -49.71 -44.24 -221.25
N MET I 533 -49.11 -43.09 -220.95
CA MET I 533 -48.40 -42.89 -219.69
C MET I 533 -49.05 -41.85 -218.79
N LEU I 534 -50.15 -41.24 -219.22
CA LEU I 534 -50.85 -40.24 -218.44
C LEU I 534 -52.32 -40.63 -218.29
N LYS I 535 -52.88 -40.29 -217.14
CA LYS I 535 -54.27 -40.62 -216.85
C LYS I 535 -55.20 -39.80 -217.74
N ALA I 536 -56.28 -40.45 -218.19
CA ALA I 536 -57.23 -39.79 -219.08
C ALA I 536 -58.10 -38.78 -218.34
N HIS I 537 -58.32 -38.98 -217.04
CA HIS I 537 -59.16 -38.09 -216.25
C HIS I 537 -58.43 -36.88 -215.71
N GLN I 538 -57.12 -36.76 -215.98
CA GLN I 538 -56.32 -35.62 -215.52
C GLN I 538 -56.10 -34.60 -216.62
N VAL I 539 -57.10 -34.41 -217.50
CA VAL I 539 -56.99 -33.46 -218.60
C VAL I 539 -57.90 -32.27 -218.34
N THR I 540 -57.76 -31.23 -219.17
CA THR I 540 -58.52 -30.00 -219.05
C THR I 540 -58.39 -29.35 -217.68
N THR I 541 -59.28 -28.40 -217.36
CA THR I 541 -59.25 -27.73 -216.08
C THR I 541 -60.62 -27.56 -215.44
N ARG I 542 -61.69 -28.06 -216.07
CA ARG I 542 -63.03 -27.84 -215.53
C ARG I 542 -63.21 -28.52 -214.18
N ASN I 543 -62.83 -29.80 -214.09
CA ASN I 543 -62.98 -30.53 -212.83
C ASN I 543 -62.12 -29.94 -211.73
N LEU I 544 -60.88 -29.58 -212.06
CA LEU I 544 -60.00 -28.97 -211.06
C LEU I 544 -60.55 -27.65 -210.58
N SER I 545 -61.06 -26.81 -211.51
CA SER I 545 -61.63 -25.53 -211.12
C SER I 545 -62.86 -25.72 -210.24
N LEU I 546 -63.72 -26.68 -210.58
CA LEU I 546 -64.90 -26.94 -209.76
C LEU I 546 -64.52 -27.41 -208.37
N ALA I 547 -63.54 -28.32 -208.27
CA ALA I 547 -63.11 -28.81 -206.97
C ALA I 547 -62.50 -27.68 -206.13
N VAL I 548 -61.68 -26.84 -206.76
CA VAL I 548 -61.07 -25.72 -206.04
C VAL I 548 -62.14 -24.75 -205.55
N SER I 549 -63.13 -24.45 -206.40
CA SER I 549 -64.20 -23.55 -206.01
C SER I 549 -65.01 -24.12 -204.86
N ASP I 550 -65.33 -25.42 -204.92
CA ASP I 550 -66.09 -26.04 -203.84
C ASP I 550 -65.31 -26.03 -202.52
N CYS I 551 -64.02 -26.35 -202.59
CA CYS I 551 -63.19 -26.33 -201.38
C CYS I 551 -63.09 -24.92 -200.80
N PHE I 552 -62.90 -23.92 -201.67
CA PHE I 552 -62.84 -22.55 -201.19
C PHE I 552 -64.14 -22.12 -200.56
N TRP I 553 -65.27 -22.49 -201.18
CA TRP I 553 -66.57 -22.11 -200.62
C TRP I 553 -66.80 -22.76 -199.26
N LYS I 554 -66.49 -24.06 -199.13
CA LYS I 554 -66.72 -24.71 -197.85
C LYS I 554 -65.78 -24.18 -196.77
N MET I 555 -64.52 -23.91 -197.12
CA MET I 555 -63.59 -23.39 -196.12
C MET I 555 -63.95 -21.97 -195.71
N VAL I 556 -64.42 -21.13 -196.65
CA VAL I 556 -64.81 -19.78 -196.28
C VAL I 556 -66.11 -19.80 -195.48
N ARG I 557 -67.01 -20.75 -195.76
CA ARG I 557 -68.21 -20.89 -194.95
C ARG I 557 -67.87 -21.27 -193.52
N GLU I 558 -66.96 -22.22 -193.35
CA GLU I 558 -66.52 -22.61 -192.00
C GLU I 558 -65.84 -21.43 -191.30
N SER I 559 -65.00 -20.70 -192.03
CA SER I 559 -64.29 -19.56 -191.45
C SER I 559 -65.25 -18.48 -191.00
N VAL I 560 -66.25 -18.16 -191.82
CA VAL I 560 -67.20 -17.11 -191.45
C VAL I 560 -68.10 -17.59 -190.31
N GLU I 561 -68.43 -18.89 -190.27
CA GLU I 561 -69.21 -19.40 -189.15
C GLU I 561 -68.44 -19.27 -187.84
N GLN I 562 -67.14 -19.57 -187.86
CA GLN I 562 -66.32 -19.39 -186.67
C GLN I 562 -66.18 -17.91 -186.31
N GLN I 563 -65.98 -17.05 -187.32
CA GLN I 563 -65.74 -15.65 -187.07
C GLN I 563 -67.00 -14.93 -186.57
N ALA I 564 -68.19 -15.42 -186.91
CA ALA I 564 -69.42 -14.80 -186.42
C ALA I 564 -69.44 -14.73 -184.90
N ASP I 565 -68.78 -15.67 -184.23
CA ASP I 565 -68.63 -15.63 -182.78
C ASP I 565 -67.25 -15.12 -182.35
N SER I 566 -66.21 -15.37 -183.15
CA SER I 566 -64.88 -14.90 -182.79
C SER I 566 -64.81 -13.38 -182.72
N PHE I 567 -65.40 -12.70 -183.70
CA PHE I 567 -65.38 -11.24 -183.71
C PHE I 567 -66.25 -10.66 -182.60
N LYS I 568 -67.37 -11.30 -182.28
CA LYS I 568 -68.18 -10.86 -181.16
C LYS I 568 -67.41 -10.99 -179.85
N ALA I 569 -66.70 -12.11 -179.67
CA ALA I 569 -65.88 -12.27 -178.48
C ALA I 569 -64.77 -11.24 -178.41
N THR I 570 -64.13 -10.95 -179.56
CA THR I 570 -63.08 -9.95 -179.59
C THR I 570 -63.61 -8.57 -179.24
N ARG I 571 -64.78 -8.20 -179.77
CA ARG I 571 -65.38 -6.92 -179.45
C ARG I 571 -65.73 -6.83 -177.98
N PHE I 572 -66.29 -7.91 -177.42
CA PHE I 572 -66.62 -7.92 -175.99
C PHE I 572 -65.36 -7.76 -175.14
N ASN I 573 -64.29 -8.46 -175.50
CA ASN I 573 -63.04 -8.34 -174.76
C ASN I 573 -62.46 -6.94 -174.85
N LEU I 574 -62.51 -6.33 -176.04
CA LEU I 574 -62.01 -4.97 -176.20
C LEU I 574 -62.83 -3.98 -175.36
N GLU I 575 -64.16 -4.14 -175.37
CA GLU I 575 -65.01 -3.26 -174.56
C GLU I 575 -64.72 -3.43 -173.07
N THR I 576 -64.54 -4.68 -172.63
CA THR I 576 -64.21 -4.93 -171.23
C THR I 576 -62.87 -4.32 -170.86
N GLU I 577 -61.88 -4.44 -171.74
CA GLU I 577 -60.57 -3.85 -171.49
C GLU I 577 -60.66 -2.33 -171.39
N TRP I 578 -61.41 -1.71 -172.31
CA TRP I 578 -61.57 -0.26 -172.27
C TRP I 578 -62.26 0.19 -170.99
N LYS I 579 -63.31 -0.54 -170.58
CA LYS I 579 -64.01 -0.18 -169.35
C LYS I 579 -63.13 -0.35 -168.13
N ASN I 580 -62.34 -1.43 -168.09
CA ASN I 580 -61.50 -1.70 -166.93
C ASN I 580 -60.35 -0.70 -166.82
N ASN I 581 -59.71 -0.37 -167.94
CA ASN I 581 -58.62 0.59 -167.91
C ASN I 581 -59.10 1.99 -167.55
N TYR I 582 -60.33 2.33 -167.95
CA TYR I 582 -60.91 3.65 -167.69
C TYR I 582 -62.29 3.47 -167.06
N PRO I 583 -62.33 3.13 -165.77
CA PRO I 583 -63.64 2.98 -165.11
C PRO I 583 -64.48 4.24 -165.10
N ARG I 584 -63.85 5.41 -165.03
CA ARG I 584 -64.56 6.69 -164.97
C ARG I 584 -64.55 7.43 -166.31
N LEU I 585 -64.00 6.83 -167.36
CA LEU I 585 -63.94 7.44 -168.68
C LEU I 585 -64.54 6.49 -169.71
N ARG I 586 -65.44 7.02 -170.53
CA ARG I 586 -66.08 6.24 -171.59
C ARG I 586 -65.25 6.36 -172.87
N GLU I 587 -65.83 5.90 -173.98
CA GLU I 587 -65.12 5.94 -175.27
C GLU I 587 -64.77 7.37 -175.64
N LEU I 588 -63.51 7.57 -176.05
CA LEU I 588 -63.00 8.89 -176.42
C LEU I 588 -62.30 8.75 -177.78
N ASP I 589 -63.06 8.95 -178.85
CA ASP I 589 -62.51 8.86 -180.20
C ASP I 589 -61.96 10.23 -180.62
N ARG I 590 -61.53 10.32 -181.89
CA ARG I 590 -60.93 11.55 -182.37
C ARG I 590 -61.93 12.71 -182.37
N ASN I 591 -63.17 12.46 -182.80
CA ASN I 591 -64.15 13.53 -182.92
C ASN I 591 -64.52 14.10 -181.56
N GLU I 592 -64.86 13.22 -180.60
CA GLU I 592 -65.26 13.68 -179.28
C GLU I 592 -64.11 14.38 -178.57
N LEU I 593 -62.90 13.84 -178.67
CA LEU I 593 -61.75 14.47 -178.03
C LEU I 593 -61.43 15.82 -178.65
N PHE I 594 -61.53 15.93 -179.97
CA PHE I 594 -61.30 17.21 -180.63
C PHE I 594 -62.35 18.23 -180.21
N GLU I 595 -63.62 17.81 -180.13
CA GLU I 595 -64.66 18.73 -179.69
C GLU I 595 -64.44 19.17 -178.25
N LYS I 596 -64.03 18.24 -177.38
CA LYS I 596 -63.75 18.60 -175.99
C LYS I 596 -62.58 19.56 -175.90
N ALA I 597 -61.54 19.35 -176.70
CA ALA I 597 -60.40 20.27 -176.71
C ALA I 597 -60.82 21.65 -177.20
N LYS I 598 -61.66 21.71 -178.24
CA LYS I 598 -62.16 22.99 -178.72
C LYS I 598 -62.98 23.70 -177.65
N ASN I 599 -63.84 22.96 -176.95
CA ASN I 599 -64.64 23.54 -175.88
C ASN I 599 -63.77 24.05 -174.74
N GLU I 600 -62.73 23.29 -174.38
CA GLU I 600 -61.82 23.73 -173.33
C GLU I 600 -61.06 24.98 -173.75
N ILE I 601 -60.64 25.07 -175.02
CA ILE I 601 -59.97 26.27 -175.51
C ILE I 601 -60.91 27.47 -175.45
N LEU I 602 -62.17 27.27 -175.85
CA LEU I 602 -63.14 28.35 -175.80
C LEU I 602 -63.38 28.80 -174.36
N ASP I 603 -63.47 27.86 -173.42
CA ASP I 603 -63.66 28.21 -172.02
C ASP I 603 -62.45 28.98 -171.48
N GLU I 604 -61.24 28.55 -171.85
CA GLU I 604 -60.05 29.26 -171.43
C GLU I 604 -60.00 30.67 -171.98
N VAL I 605 -60.40 30.84 -173.25
CA VAL I 605 -60.45 32.17 -173.84
C VAL I 605 -61.48 33.04 -173.12
N ILE I 606 -62.63 32.46 -172.80
CA ILE I 606 -63.67 33.20 -172.08
C ILE I 606 -63.15 33.64 -170.71
N SER I 607 -62.49 32.73 -170.00
CA SER I 607 -61.94 33.07 -168.69
C SER I 607 -60.89 34.16 -168.80
N LEU I 608 -60.03 34.07 -169.84
CA LEU I 608 -59.03 35.11 -170.06
C LEU I 608 -59.68 36.46 -170.31
N SER I 609 -60.74 36.49 -171.11
CA SER I 609 -61.43 37.74 -171.40
C SER I 609 -62.19 38.27 -170.19
N GLN I 610 -62.56 37.38 -169.26
CA GLN I 610 -63.35 37.77 -168.11
C GLN I 610 -62.52 38.25 -166.93
N VAL I 611 -61.19 38.23 -167.03
CA VAL I 611 -60.34 38.70 -165.94
C VAL I 611 -60.50 40.21 -165.80
N THR I 612 -60.52 40.68 -164.56
CA THR I 612 -60.69 42.10 -164.27
C THR I 612 -59.54 42.90 -164.87
N PRO I 613 -59.81 43.96 -165.62
CA PRO I 613 -58.71 44.74 -166.22
C PRO I 613 -57.78 45.37 -165.20
N LYS I 614 -58.26 45.64 -163.99
CA LYS I 614 -57.41 46.27 -162.98
C LYS I 614 -56.24 45.39 -162.61
N HIS I 615 -56.46 44.09 -162.46
CA HIS I 615 -55.38 43.17 -162.17
C HIS I 615 -54.36 43.14 -163.30
N TRP I 616 -54.84 43.14 -164.54
CA TRP I 616 -53.93 43.20 -165.69
C TRP I 616 -53.09 44.46 -165.67
N GLU I 617 -53.72 45.60 -165.38
CA GLU I 617 -52.98 46.87 -165.33
C GLU I 617 -51.92 46.84 -164.23
N GLU I 618 -52.28 46.34 -163.05
CA GLU I 618 -51.33 46.26 -161.95
C GLU I 618 -50.16 45.34 -162.30
N ILE I 619 -50.45 44.18 -162.87
CA ILE I 619 -49.40 43.22 -163.21
C ILE I 619 -48.47 43.81 -164.28
N LEU I 620 -49.06 44.43 -165.31
CA LEU I 620 -48.24 45.02 -166.37
C LEU I 620 -47.38 46.15 -165.84
N GLN I 621 -47.95 47.01 -164.98
CA GLN I 621 -47.17 48.12 -164.43
C GLN I 621 -46.02 47.60 -163.59
N GLN I 622 -46.29 46.61 -162.72
CA GLN I 622 -45.24 46.08 -161.87
C GLN I 622 -44.13 45.42 -162.69
N SER I 623 -44.52 44.61 -163.69
CA SER I 623 -43.53 43.93 -164.51
C SER I 623 -42.69 44.93 -165.31
N LEU I 624 -43.34 45.93 -165.90
CA LEU I 624 -42.61 46.94 -166.67
C LEU I 624 -41.67 47.74 -165.79
N TRP I 625 -42.12 48.13 -164.59
CA TRP I 625 -41.26 48.87 -163.68
C TRP I 625 -40.05 48.03 -163.26
N GLU I 626 -40.28 46.76 -162.93
CA GLU I 626 -39.17 45.90 -162.56
C GLU I 626 -38.20 45.70 -163.72
N ARG I 627 -38.73 45.69 -164.95
CA ARG I 627 -37.86 45.48 -166.11
C ARG I 627 -37.03 46.73 -166.42
N VAL I 628 -37.63 47.92 -166.31
CA VAL I 628 -36.98 49.13 -166.77
C VAL I 628 -36.34 49.93 -165.63
N SER I 629 -36.39 49.41 -164.40
CA SER I 629 -35.74 50.12 -163.30
C SER I 629 -34.24 50.28 -163.54
N THR I 630 -33.56 49.20 -163.94
CA THR I 630 -32.13 49.27 -164.19
C THR I 630 -31.83 50.18 -165.37
N HIS I 631 -32.64 50.10 -166.43
CA HIS I 631 -32.43 50.95 -167.59
C HIS I 631 -32.57 52.42 -167.23
N VAL I 632 -33.61 52.76 -166.47
CA VAL I 632 -33.83 54.14 -166.05
C VAL I 632 -32.68 54.62 -165.18
N ILE I 633 -32.23 53.77 -164.24
CA ILE I 633 -31.14 54.17 -163.36
C ILE I 633 -29.88 54.45 -164.17
N GLU I 634 -29.49 53.50 -165.03
CA GLU I 634 -28.26 53.63 -165.79
C GLU I 634 -28.34 54.69 -166.89
N ASN I 635 -29.54 55.12 -167.28
CA ASN I 635 -29.68 56.17 -168.28
C ASN I 635 -29.94 57.54 -167.69
N ILE I 636 -30.23 57.63 -166.39
CA ILE I 636 -30.51 58.92 -165.77
C ILE I 636 -29.43 59.26 -164.75
N TYR I 637 -29.25 58.41 -163.73
CA TYR I 637 -28.34 58.75 -162.65
C TYR I 637 -26.88 58.63 -163.06
N LEU I 638 -26.56 57.69 -163.95
CA LEU I 638 -25.17 57.53 -164.39
C LEU I 638 -24.62 58.76 -165.08
N PRO I 639 -25.31 59.40 -166.04
CA PRO I 639 -24.78 60.65 -166.58
C PRO I 639 -24.88 61.81 -165.62
N ALA I 640 -26.01 61.94 -164.93
CA ALA I 640 -26.22 63.03 -163.97
C ALA I 640 -25.85 62.59 -162.55
N ALA I 641 -24.60 62.18 -162.39
CA ALA I 641 -24.10 61.69 -161.12
C ALA I 641 -23.51 62.78 -160.23
N GLN I 642 -23.37 64.01 -160.73
CA GLN I 642 -22.77 65.09 -159.96
C GLN I 642 -23.62 66.36 -159.99
N THR I 643 -24.90 66.24 -160.34
CA THR I 643 -25.78 67.40 -160.36
C THR I 643 -26.06 67.88 -158.94
N MET I 644 -26.05 69.20 -158.76
CA MET I 644 -26.31 69.83 -157.47
C MET I 644 -27.70 70.45 -157.39
N ASN I 645 -28.09 71.22 -158.39
CA ASN I 645 -29.40 71.84 -158.41
C ASN I 645 -30.47 70.83 -158.82
N SER I 646 -31.60 70.85 -158.11
CA SER I 646 -32.68 69.93 -158.43
C SER I 646 -33.32 70.26 -159.77
N GLY I 647 -33.32 71.55 -160.16
CA GLY I 647 -33.91 71.93 -161.44
C GLY I 647 -33.18 71.33 -162.62
N THR I 648 -31.84 71.35 -162.59
CA THR I 648 -31.06 70.75 -163.67
C THR I 648 -31.30 69.25 -163.74
N PHE I 649 -31.38 68.58 -162.59
CA PHE I 649 -31.66 67.14 -162.57
C PHE I 649 -33.03 66.85 -163.16
N ASN I 650 -34.04 67.65 -162.80
CA ASN I 650 -35.38 67.45 -163.34
C ASN I 650 -35.40 67.69 -164.85
N THR I 651 -34.69 68.71 -165.32
CA THR I 651 -34.62 68.96 -166.76
C THR I 651 -33.96 67.81 -167.49
N THR I 652 -32.87 67.28 -166.94
CA THR I 652 -32.20 66.13 -167.54
C THR I 652 -33.12 64.92 -167.56
N VAL I 653 -33.86 64.69 -166.48
CA VAL I 653 -34.80 63.57 -166.43
C VAL I 653 -35.87 63.71 -167.51
N ASP I 654 -36.42 64.93 -167.65
CA ASP I 654 -37.44 65.16 -168.68
C ASP I 654 -36.87 64.95 -170.07
N ILE I 655 -35.64 65.42 -170.32
CA ILE I 655 -35.02 65.23 -171.63
C ILE I 655 -34.84 63.75 -171.93
N LYS I 656 -34.33 63.00 -170.95
CA LYS I 656 -34.12 61.57 -171.15
C LYS I 656 -35.44 60.84 -171.38
N LEU I 657 -36.47 61.20 -170.62
CA LEU I 657 -37.78 60.57 -170.80
C LEU I 657 -38.35 60.86 -172.18
N LYS I 658 -38.24 62.11 -172.63
CA LYS I 658 -38.74 62.45 -173.97
C LYS I 658 -37.97 61.70 -175.04
N GLN I 659 -36.63 61.61 -174.91
CA GLN I 659 -35.83 60.88 -175.88
C GLN I 659 -36.21 59.41 -175.91
N TRP I 660 -36.42 58.81 -174.73
CA TRP I 660 -36.80 57.40 -174.68
C TRP I 660 -38.17 57.18 -175.31
N THR I 661 -39.14 58.07 -175.02
CA THR I 661 -40.46 57.95 -175.62
C THR I 661 -40.40 58.07 -177.14
N ASP I 662 -39.57 58.98 -177.64
CA ASP I 662 -39.48 59.18 -179.08
C ASP I 662 -38.77 58.01 -179.76
N LYS I 663 -37.74 57.44 -179.12
CA LYS I 663 -36.89 56.48 -179.80
C LYS I 663 -37.47 55.08 -179.83
N GLN I 664 -37.59 54.44 -178.66
CA GLN I 664 -37.95 53.02 -178.63
C GLN I 664 -38.89 52.62 -177.50
N LEU I 665 -39.37 53.56 -176.68
CA LEU I 665 -40.22 53.17 -175.55
C LEU I 665 -41.51 52.49 -175.97
N PRO I 666 -42.26 52.96 -176.97
CA PRO I 666 -43.46 52.21 -177.39
C PRO I 666 -43.14 50.80 -177.85
N ASN I 667 -42.02 50.60 -178.55
CA ASN I 667 -41.66 49.26 -179.00
C ASN I 667 -41.36 48.35 -177.81
N LYS I 668 -40.63 48.87 -176.83
CA LYS I 668 -40.34 48.08 -175.62
C LYS I 668 -41.61 47.75 -174.86
N ALA I 669 -42.53 48.71 -174.76
CA ALA I 669 -43.79 48.45 -174.08
C ALA I 669 -44.60 47.38 -174.81
N VAL I 670 -44.65 47.45 -176.15
CA VAL I 670 -45.36 46.45 -176.93
C VAL I 670 -44.74 45.07 -176.73
N GLU I 671 -43.41 45.00 -176.77
CA GLU I 671 -42.73 43.72 -176.57
C GLU I 671 -43.01 43.15 -175.18
N VAL I 672 -42.98 44.01 -174.15
CA VAL I 672 -43.24 43.55 -172.79
C VAL I 672 -44.68 43.05 -172.66
N ALA I 673 -45.64 43.78 -173.24
CA ALA I 673 -47.02 43.35 -173.18
C ALA I 673 -47.22 42.03 -173.90
N TRP I 674 -46.59 41.86 -175.07
CA TRP I 674 -46.72 40.60 -175.81
C TRP I 674 -46.10 39.44 -175.04
N GLU I 675 -44.94 39.68 -174.41
CA GLU I 675 -44.30 38.64 -173.62
C GLU I 675 -45.16 38.25 -172.42
N THR I 676 -45.76 39.23 -171.76
CA THR I 676 -46.64 38.93 -170.62
C THR I 676 -47.87 38.15 -171.08
N LEU I 677 -48.45 38.53 -172.22
CA LEU I 677 -49.59 37.78 -172.75
C LEU I 677 -49.20 36.34 -173.09
N GLN I 678 -48.02 36.15 -173.69
CA GLN I 678 -47.55 34.81 -173.99
C GLN I 678 -47.34 34.00 -172.72
N GLU I 679 -46.78 34.61 -171.68
CA GLU I 679 -46.58 33.91 -170.41
C GLU I 679 -47.90 33.51 -169.79
N GLU I 680 -48.88 34.42 -169.79
CA GLU I 680 -50.19 34.08 -169.24
C GLU I 680 -50.85 32.97 -170.03
N PHE I 681 -50.77 33.02 -171.37
CA PHE I 681 -51.35 31.98 -172.19
C PHE I 681 -50.68 30.63 -171.93
N SER I 682 -49.35 30.62 -171.81
CA SER I 682 -48.64 29.38 -171.54
C SER I 682 -49.01 28.82 -170.16
N ARG I 683 -49.12 29.68 -169.16
CA ARG I 683 -49.49 29.21 -167.83
C ARG I 683 -50.91 28.65 -167.82
N PHE I 684 -51.83 29.30 -168.54
CA PHE I 684 -53.19 28.78 -168.63
C PHE I 684 -53.22 27.44 -169.36
N MET I 685 -52.44 27.31 -170.44
CA MET I 685 -52.42 26.04 -171.17
C MET I 685 -51.82 24.93 -170.33
N THR I 686 -50.76 25.21 -169.58
CA THR I 686 -50.10 24.23 -168.73
C THR I 686 -50.39 24.61 -167.28
N GLU I 687 -51.51 24.11 -166.76
CA GLU I 687 -51.95 24.40 -165.39
C GLU I 687 -52.20 23.06 -164.69
N PRO I 688 -51.15 22.46 -164.13
CA PRO I 688 -51.28 21.13 -163.51
C PRO I 688 -51.93 21.18 -162.12
N LYS I 689 -53.09 21.85 -162.04
CA LYS I 689 -53.85 21.85 -160.79
C LYS I 689 -54.36 20.46 -160.45
N GLY I 690 -54.81 19.72 -161.47
CA GLY I 690 -55.29 18.37 -161.23
C GLY I 690 -54.15 17.42 -160.88
N LYS I 691 -54.49 16.37 -160.12
CA LYS I 691 -53.49 15.41 -159.70
C LYS I 691 -53.01 14.52 -160.84
N GLU I 692 -53.78 14.41 -161.92
CA GLU I 692 -53.38 13.57 -163.04
C GLU I 692 -52.62 14.37 -164.08
N HIS I 693 -53.27 15.39 -164.63
CA HIS I 693 -52.69 16.27 -165.65
C HIS I 693 -52.06 15.47 -166.79
N ASP I 694 -52.93 14.75 -167.49
CA ASP I 694 -52.50 13.92 -168.62
C ASP I 694 -51.81 14.78 -169.68
N ASP I 695 -50.66 14.30 -170.15
CA ASP I 695 -49.84 15.04 -171.10
C ASP I 695 -50.34 14.92 -172.54
N ILE I 696 -51.25 13.98 -172.82
CA ILE I 696 -51.77 13.84 -174.18
C ILE I 696 -52.48 15.11 -174.62
N PHE I 697 -53.32 15.66 -173.74
CA PHE I 697 -53.97 16.93 -174.05
C PHE I 697 -53.00 18.09 -173.94
N ASP I 698 -52.00 17.98 -173.05
CA ASP I 698 -51.05 19.07 -172.85
C ASP I 698 -50.21 19.30 -174.10
N LYS I 699 -49.79 18.22 -174.79
CA LYS I 699 -49.01 18.38 -176.01
C LYS I 699 -49.82 19.09 -177.09
N LEU I 700 -51.09 18.71 -177.25
CA LEU I 700 -51.95 19.38 -178.23
C LEU I 700 -52.15 20.85 -177.87
N LYS I 701 -52.34 21.13 -176.57
CA LYS I 701 -52.51 22.52 -176.14
C LYS I 701 -51.26 23.35 -176.43
N GLU I 702 -50.08 22.78 -176.17
CA GLU I 702 -48.83 23.48 -176.45
C GLU I 702 -48.66 23.71 -177.95
N ALA I 703 -49.01 22.72 -178.76
CA ALA I 703 -48.90 22.87 -180.22
C ALA I 703 -49.84 23.97 -180.71
N VAL I 704 -51.07 24.00 -180.20
CA VAL I 704 -52.02 25.04 -180.58
C VAL I 704 -51.53 26.41 -180.13
N LYS I 705 -50.97 26.49 -178.93
CA LYS I 705 -50.42 27.75 -178.45
C LYS I 705 -49.28 28.24 -179.33
N GLU I 706 -48.38 27.34 -179.71
CA GLU I 706 -47.27 27.73 -180.59
C GLU I 706 -47.78 28.18 -181.95
N GLU I 707 -48.77 27.48 -182.51
CA GLU I 707 -49.34 27.87 -183.79
C GLU I 707 -49.99 29.24 -183.71
N SER I 708 -50.74 29.49 -182.63
CA SER I 708 -51.37 30.80 -182.46
C SER I 708 -50.34 31.90 -182.29
N ILE I 709 -49.27 31.63 -181.55
CA ILE I 709 -48.21 32.62 -181.36
C ILE I 709 -47.54 32.95 -182.68
N LYS I 710 -47.24 31.92 -183.48
CA LYS I 710 -46.60 32.15 -184.77
C LYS I 710 -47.53 32.85 -185.75
N ARG I 711 -48.83 32.57 -185.67
CA ARG I 711 -49.80 33.18 -186.58
C ARG I 711 -50.29 34.54 -186.12
N HIS I 712 -49.95 34.94 -184.89
CA HIS I 712 -50.43 36.22 -184.38
C HIS I 712 -49.81 37.38 -185.15
N LYS I 713 -50.60 38.43 -185.34
CA LYS I 713 -50.18 39.62 -186.07
C LYS I 713 -50.40 40.86 -185.22
N TRP I 714 -49.69 41.93 -185.55
CA TRP I 714 -49.78 43.20 -184.84
C TRP I 714 -50.07 44.32 -185.82
N ASN I 715 -50.73 45.37 -185.33
CA ASN I 715 -51.14 46.50 -186.14
C ASN I 715 -50.28 47.71 -185.79
N ASP I 716 -49.71 48.36 -186.81
CA ASP I 716 -48.88 49.53 -186.57
C ASP I 716 -49.70 50.73 -186.10
N PHE I 717 -50.99 50.76 -186.44
CA PHE I 717 -51.86 51.83 -185.95
C PHE I 717 -51.95 51.79 -184.43
N ALA I 718 -52.02 50.58 -183.85
CA ALA I 718 -52.02 50.46 -182.40
C ALA I 718 -50.71 50.99 -181.81
N GLU I 719 -49.58 50.70 -182.46
CA GLU I 719 -48.31 51.22 -181.99
C GLU I 719 -48.26 52.74 -182.03
N ASP I 720 -48.77 53.33 -183.12
CA ASP I 720 -48.80 54.79 -183.23
C ASP I 720 -49.70 55.40 -182.16
N SER I 721 -50.87 54.79 -181.93
CA SER I 721 -51.76 55.29 -180.88
C SER I 721 -51.11 55.18 -179.51
N LEU I 722 -50.40 54.08 -179.24
CA LEU I 722 -49.70 53.93 -177.98
C LEU I 722 -48.62 54.98 -177.81
N ARG I 723 -47.87 55.26 -178.88
CA ARG I 723 -46.85 56.31 -178.82
C ARG I 723 -47.47 57.67 -178.54
N VAL I 724 -48.57 57.98 -179.22
CA VAL I 724 -49.23 59.27 -179.01
C VAL I 724 -49.73 59.39 -177.58
N ILE I 725 -50.33 58.33 -177.05
CA ILE I 725 -50.87 58.39 -175.70
C ILE I 725 -49.74 58.48 -174.67
N GLN I 726 -48.63 57.77 -174.92
CA GLN I 726 -47.49 57.86 -174.02
C GLN I 726 -46.92 59.28 -174.01
N HIS I 727 -46.82 59.91 -175.17
CA HIS I 727 -46.35 61.28 -175.22
C HIS I 727 -47.32 62.24 -174.53
N ASN I 728 -48.63 62.01 -174.69
CA ASN I 728 -49.62 62.91 -174.10
C ASN I 728 -49.78 62.69 -172.60
N ALA I 729 -49.34 61.55 -172.09
CA ALA I 729 -49.51 61.24 -170.67
C ALA I 729 -48.55 62.04 -169.79
N LEU I 730 -48.76 63.35 -169.73
CA LEU I 730 -47.96 64.24 -168.88
C LEU I 730 -48.90 65.17 -168.12
N GLU I 731 -49.94 64.61 -167.53
CA GLU I 731 -51.01 65.39 -166.91
C GLU I 731 -50.63 65.89 -165.52
N ASP I 732 -50.37 64.98 -164.59
CA ASP I 732 -50.10 65.36 -163.21
C ASP I 732 -48.59 65.42 -162.95
N ARG I 733 -48.17 66.44 -162.20
CA ARG I 733 -46.77 66.64 -161.89
C ARG I 733 -46.49 66.96 -160.43
N SER I 734 -47.50 67.05 -159.58
CA SER I 734 -47.31 67.37 -158.17
C SER I 734 -48.28 66.57 -157.33
N ILE I 735 -47.93 66.40 -156.06
CA ILE I 735 -48.75 65.67 -155.09
C ILE I 735 -49.37 66.67 -154.13
N SER I 736 -50.70 66.65 -154.03
CA SER I 736 -51.42 67.50 -153.10
C SER I 736 -52.15 66.70 -152.02
N ASP I 737 -51.83 65.41 -151.89
CA ASP I 737 -52.48 64.54 -150.93
C ASP I 737 -51.44 63.97 -149.99
N LYS I 738 -51.71 64.02 -148.68
CA LYS I 738 -50.80 63.44 -147.70
C LYS I 738 -50.71 61.92 -147.86
N GLN I 739 -51.84 61.26 -148.11
CA GLN I 739 -51.84 59.82 -148.29
C GLN I 739 -51.07 59.40 -149.53
N GLN I 740 -51.25 60.13 -150.63
CA GLN I 740 -50.48 59.84 -151.84
C GLN I 740 -48.99 60.08 -151.62
N TRP I 741 -48.65 61.13 -150.88
CA TRP I 741 -47.26 61.41 -150.55
C TRP I 741 -46.66 60.26 -149.73
N ASP I 742 -47.41 59.76 -148.74
CA ASP I 742 -46.92 58.63 -147.94
C ASP I 742 -46.77 57.38 -148.77
N ALA I 743 -47.72 57.12 -149.69
CA ALA I 743 -47.62 55.96 -150.56
C ALA I 743 -46.39 56.05 -151.47
N ALA I 744 -46.14 57.23 -152.03
CA ALA I 744 -44.95 57.43 -152.84
C ALA I 744 -43.68 57.25 -152.03
N ILE I 745 -43.67 57.74 -150.79
CA ILE I 745 -42.52 57.56 -149.91
C ILE I 745 -42.28 56.08 -149.65
N TYR I 746 -43.34 55.32 -149.38
CA TYR I 746 -43.18 53.90 -149.11
C TYR I 746 -42.68 53.15 -150.34
N PHE I 747 -43.21 53.48 -151.53
CA PHE I 747 -42.74 52.84 -152.75
C PHE I 747 -41.27 53.15 -153.01
N MET I 748 -40.88 54.42 -152.84
CA MET I 748 -39.49 54.81 -153.02
C MET I 748 -38.59 54.12 -152.01
N GLU I 749 -39.05 53.99 -150.77
CA GLU I 749 -38.28 53.29 -149.74
C GLU I 749 -38.10 51.82 -150.11
N GLU I 750 -39.15 51.18 -150.62
CA GLU I 750 -39.04 49.79 -151.05
C GLU I 750 -38.04 49.64 -152.18
N ALA I 751 -38.12 50.54 -153.17
CA ALA I 751 -37.18 50.47 -154.30
C ALA I 751 -35.75 50.68 -153.84
N LEU I 752 -35.53 51.66 -152.94
CA LEU I 752 -34.18 51.93 -152.47
C LEU I 752 -33.66 50.80 -151.60
N GLN I 753 -34.53 50.16 -150.82
CA GLN I 753 -34.11 49.00 -150.04
C GLN I 753 -33.72 47.84 -150.95
N ALA I 754 -34.48 47.63 -152.03
CA ALA I 754 -34.11 46.60 -153.00
C ALA I 754 -32.76 46.90 -153.63
N ARG I 755 -32.54 48.16 -154.01
CA ARG I 755 -31.26 48.55 -154.59
C ARG I 755 -30.13 48.36 -153.59
N LEU I 756 -30.36 48.71 -152.33
CA LEU I 756 -29.35 48.52 -151.29
C LEU I 756 -29.03 47.04 -151.10
N LYS I 757 -30.04 46.18 -151.11
CA LYS I 757 -29.80 44.74 -151.00
C LYS I 757 -29.00 44.22 -152.18
N ASP I 758 -29.32 44.69 -153.39
CA ASP I 758 -28.55 44.28 -154.56
C ASP I 758 -27.09 44.74 -154.44
N THR I 759 -26.87 45.97 -153.99
CA THR I 759 -25.52 46.47 -153.82
C THR I 759 -24.76 45.68 -152.76
N GLU I 760 -25.44 45.33 -151.66
CA GLU I 760 -24.82 44.53 -150.62
C GLU I 760 -24.44 43.15 -151.15
N ASN I 761 -25.32 42.54 -151.95
CA ASN I 761 -25.00 41.24 -152.53
C ASN I 761 -23.80 41.34 -153.47
N ALA I 762 -23.74 42.41 -154.28
CA ALA I 762 -22.60 42.59 -155.18
C ALA I 762 -21.31 42.78 -154.39
N ILE I 763 -21.36 43.58 -153.31
CA ILE I 763 -20.18 43.81 -152.50
C ILE I 763 -19.73 42.52 -151.83
N GLU I 764 -20.67 41.73 -151.32
CA GLU I 764 -20.32 40.45 -150.69
C GLU I 764 -19.71 39.49 -151.71
N ASN I 765 -20.25 39.46 -152.93
CA ASN I 765 -19.65 38.63 -153.97
C ASN I 765 -18.23 39.09 -154.30
N MET I 766 -18.03 40.41 -154.36
CA MET I 766 -16.69 40.93 -154.67
C MET I 766 -15.69 40.64 -153.57
N VAL I 767 -16.11 40.75 -152.31
CA VAL I 767 -15.18 40.66 -151.18
C VAL I 767 -15.44 39.40 -150.36
N GLY I 768 -16.62 39.29 -149.77
CA GLY I 768 -16.95 38.18 -148.91
C GLY I 768 -17.46 38.63 -147.55
N PRO I 769 -17.16 37.85 -146.51
CA PRO I 769 -17.61 38.21 -145.17
C PRO I 769 -17.01 39.54 -144.72
N ASP I 770 -17.83 40.34 -144.03
CA ASP I 770 -17.45 41.67 -143.58
C ASP I 770 -17.86 41.87 -142.14
N TRP I 771 -17.01 42.55 -141.37
CA TRP I 771 -17.29 42.96 -139.98
C TRP I 771 -17.57 41.72 -139.15
N LYS I 772 -18.75 41.57 -138.56
CA LYS I 772 -19.06 40.46 -137.67
C LYS I 772 -18.95 39.13 -138.38
N LYS I 773 -19.41 39.06 -139.62
CA LYS I 773 -19.33 37.82 -140.38
C LYS I 773 -17.88 37.41 -140.61
N ARG I 774 -17.00 38.38 -140.91
CA ARG I 774 -15.60 38.06 -141.15
C ARG I 774 -14.89 37.67 -139.87
N TRP I 775 -15.13 38.40 -138.79
CA TRP I 775 -14.42 38.19 -137.53
C TRP I 775 -15.07 37.12 -136.64
N LEU I 776 -16.18 36.53 -137.08
CA LEU I 776 -16.81 35.47 -136.29
C LEU I 776 -15.89 34.26 -136.15
N TYR I 777 -15.24 33.88 -137.26
CA TYR I 777 -14.31 32.75 -137.21
C TYR I 777 -13.01 33.15 -136.51
N TRP I 778 -12.51 34.35 -136.81
CA TRP I 778 -11.30 34.95 -136.25
C TRP I 778 -10.03 34.23 -136.70
N LYS I 779 -10.14 33.15 -137.47
CA LYS I 779 -8.98 32.42 -137.95
C LYS I 779 -8.96 32.25 -139.46
N ASN I 780 -9.99 32.69 -140.18
CA ASN I 780 -10.07 32.58 -141.63
C ASN I 780 -9.78 33.93 -142.25
N ARG I 781 -8.65 34.04 -142.95
CA ARG I 781 -8.25 35.28 -143.60
C ARG I 781 -7.66 34.97 -144.97
N THR I 782 -7.97 35.83 -145.93
CA THR I 782 -7.49 35.70 -147.30
C THR I 782 -6.86 37.03 -147.72
N GLN I 783 -5.74 36.94 -148.45
CA GLN I 783 -5.06 38.16 -148.87
C GLN I 783 -5.91 38.97 -149.84
N GLU I 784 -6.68 38.29 -150.70
CA GLU I 784 -7.51 38.99 -151.67
C GLU I 784 -8.60 39.81 -150.98
N GLN I 785 -9.32 39.20 -150.03
CA GLN I 785 -10.34 39.93 -149.29
C GLN I 785 -9.74 40.93 -148.32
N CYS I 786 -8.53 40.68 -147.80
CA CYS I 786 -7.87 41.65 -146.95
C CYS I 786 -7.56 42.94 -147.71
N VAL I 787 -7.12 42.81 -148.97
CA VAL I 787 -6.84 43.99 -149.79
C VAL I 787 -8.12 44.79 -150.00
N HIS I 788 -9.23 44.09 -150.30
CA HIS I 788 -10.50 44.77 -150.50
C HIS I 788 -10.95 45.47 -149.22
N ASN I 789 -10.78 44.80 -148.08
CA ASN I 789 -11.16 45.41 -146.80
C ASN I 789 -10.33 46.66 -146.52
N GLU I 790 -9.03 46.60 -146.79
CA GLU I 790 -8.18 47.77 -146.58
C GLU I 790 -8.57 48.92 -147.50
N THR I 791 -8.88 48.60 -148.77
CA THR I 791 -9.33 49.64 -149.69
C THR I 791 -10.65 50.26 -149.23
N LYS I 792 -11.57 49.42 -148.75
CA LYS I 792 -12.85 49.93 -148.24
C LYS I 792 -12.64 50.82 -147.04
N ASN I 793 -11.75 50.42 -146.13
CA ASN I 793 -11.47 51.26 -144.95
C ASN I 793 -10.84 52.58 -145.36
N GLU I 794 -9.91 52.55 -146.31
CA GLU I 794 -9.28 53.78 -146.78
C GLU I 794 -10.30 54.72 -147.41
N LEU I 795 -11.19 54.17 -148.24
CA LEU I 795 -12.21 55.00 -148.87
C LEU I 795 -13.20 55.55 -147.86
N GLU I 796 -13.55 54.75 -146.84
CA GLU I 796 -14.43 55.24 -145.78
C GLU I 796 -13.78 56.38 -145.00
N LYS I 797 -12.48 56.25 -144.70
CA LYS I 797 -11.77 57.33 -144.02
C LYS I 797 -11.70 58.57 -144.90
N MET I 798 -11.49 58.40 -146.20
CA MET I 798 -11.46 59.54 -147.11
C MET I 798 -12.81 60.25 -147.14
N LEU I 799 -13.90 59.48 -147.17
CA LEU I 799 -15.23 60.10 -147.12
C LEU I 799 -15.47 60.80 -145.79
N LYS I 800 -15.00 60.21 -144.68
CA LYS I 800 -15.14 60.87 -143.39
C LYS I 800 -14.39 62.19 -143.36
N CYS I 801 -13.18 62.22 -143.94
CA CYS I 801 -12.43 63.47 -144.01
C CYS I 801 -13.00 64.41 -145.08
N ASN I 802 -13.44 63.87 -146.21
CA ASN I 802 -13.96 64.66 -147.32
C ASN I 802 -15.27 64.03 -147.77
N GLU I 803 -16.39 64.56 -147.28
CA GLU I 803 -17.70 64.00 -147.60
C GLU I 803 -18.02 64.13 -149.08
N GLU I 804 -17.69 65.27 -149.68
CA GLU I 804 -17.99 65.54 -151.08
C GLU I 804 -16.73 65.32 -151.92
N HIS I 805 -16.86 64.48 -152.95
CA HIS I 805 -15.75 64.18 -153.84
C HIS I 805 -16.30 63.93 -155.24
N PRO I 806 -15.61 64.39 -156.28
CA PRO I 806 -16.07 64.11 -157.65
C PRO I 806 -16.01 62.63 -157.96
N ALA I 807 -16.91 62.20 -158.84
CA ALA I 807 -16.99 60.78 -159.20
C ALA I 807 -15.70 60.32 -159.90
N TYR I 808 -15.17 61.14 -160.79
CA TYR I 808 -13.95 60.79 -161.48
C TYR I 808 -12.75 60.90 -160.55
N LEU I 809 -11.68 60.17 -160.89
CA LEU I 809 -10.44 60.16 -160.12
C LEU I 809 -9.34 60.77 -160.95
N ALA I 810 -8.69 61.81 -160.42
CA ALA I 810 -7.58 62.43 -161.11
C ALA I 810 -6.30 61.61 -160.92
N SER I 811 -5.30 61.92 -161.75
CA SER I 811 -4.05 61.17 -161.71
C SER I 811 -3.34 61.31 -160.36
N ASP I 812 -3.29 62.53 -159.83
CA ASP I 812 -2.62 62.75 -158.54
C ASP I 812 -3.34 62.02 -157.41
N GLU I 813 -4.68 62.00 -157.44
CA GLU I 813 -5.43 61.28 -156.42
C GLU I 813 -5.13 59.78 -156.47
N ILE I 814 -5.10 59.22 -157.68
CA ILE I 814 -4.79 57.80 -157.84
C ILE I 814 -3.38 57.51 -157.35
N THR I 815 -2.42 58.38 -157.69
CA THR I 815 -1.05 58.18 -157.24
C THR I 815 -0.95 58.24 -155.72
N THR I 816 -1.65 59.20 -155.10
CA THR I 816 -1.63 59.31 -153.64
C THR I 816 -2.24 58.07 -152.99
N VAL I 817 -3.35 57.58 -153.53
CA VAL I 817 -4.00 56.39 -152.98
C VAL I 817 -3.09 55.18 -153.11
N ARG I 818 -2.44 55.03 -154.27
CA ARG I 818 -1.53 53.91 -154.46
C ARG I 818 -0.34 53.99 -153.53
N LYS I 819 0.21 55.19 -153.32
CA LYS I 819 1.32 55.36 -152.38
C LYS I 819 0.89 55.03 -150.95
N ASN I 820 -0.30 55.46 -150.55
CA ASN I 820 -0.80 55.14 -149.22
C ASN I 820 -0.98 53.63 -149.06
N LEU I 821 -1.49 52.96 -150.09
CA LEU I 821 -1.65 51.51 -150.02
C LEU I 821 -0.30 50.81 -149.94
N GLU I 822 0.68 51.26 -150.73
CA GLU I 822 1.99 50.63 -150.74
C GLU I 822 2.83 50.99 -149.53
N SER I 823 2.43 52.00 -148.76
CA SER I 823 3.17 52.33 -147.54
C SER I 823 3.18 51.16 -146.56
N ARG I 824 2.05 50.47 -146.44
CA ARG I 824 1.95 49.30 -145.58
C ARG I 824 2.26 48.00 -146.32
N GLY I 825 2.55 48.07 -147.61
CA GLY I 825 2.91 46.88 -148.37
C GLY I 825 1.76 46.25 -149.12
N VAL I 826 0.90 47.07 -149.71
CA VAL I 826 -0.25 46.60 -150.48
C VAL I 826 -0.18 47.24 -151.86
N GLU I 827 -0.14 46.40 -152.89
CA GLU I 827 -0.13 46.85 -154.28
C GLU I 827 -1.44 46.44 -154.94
N VAL I 828 -2.18 47.42 -155.46
CA VAL I 828 -3.48 47.20 -156.06
C VAL I 828 -3.49 47.80 -157.46
N ASP I 829 -4.03 47.06 -158.41
CA ASP I 829 -4.12 47.56 -159.78
C ASP I 829 -5.10 48.75 -159.84
N PRO I 830 -4.85 49.69 -160.76
CA PRO I 830 -5.75 50.86 -160.84
C PRO I 830 -7.18 50.51 -161.17
N SER I 831 -7.42 49.45 -161.94
CA SER I 831 -8.79 49.07 -162.29
C SER I 831 -9.58 48.66 -161.04
N LEU I 832 -8.97 47.86 -160.17
CA LEU I 832 -9.63 47.48 -158.93
C LEU I 832 -9.87 48.68 -158.03
N ILE I 833 -8.91 49.62 -157.99
CA ILE I 833 -9.08 50.82 -157.20
C ILE I 833 -10.28 51.63 -157.71
N LYS I 834 -10.38 51.77 -159.03
CA LYS I 834 -11.50 52.50 -159.60
C LYS I 834 -12.83 51.81 -159.33
N ASP I 835 -12.85 50.48 -159.43
CA ASP I 835 -14.09 49.74 -159.16
C ASP I 835 -14.52 49.89 -157.71
N THR I 836 -13.56 49.77 -156.78
CA THR I 836 -13.88 49.94 -155.37
C THR I 836 -14.35 51.37 -155.08
N TRP I 837 -13.72 52.35 -155.71
CA TRP I 837 -14.15 53.74 -155.53
C TRP I 837 -15.56 53.95 -156.04
N HIS I 838 -15.88 53.36 -157.20
CA HIS I 838 -17.23 53.47 -157.74
C HIS I 838 -18.25 52.83 -156.82
N GLN I 839 -17.94 51.64 -156.29
CA GLN I 839 -18.86 50.97 -155.37
C GLN I 839 -19.06 51.77 -154.10
N VAL I 840 -17.98 52.33 -153.54
CA VAL I 840 -18.09 53.13 -152.32
C VAL I 840 -18.87 54.41 -152.59
N TYR I 841 -18.67 55.02 -153.76
CA TYR I 841 -19.42 56.21 -154.14
C TYR I 841 -20.91 55.90 -154.24
N ARG I 842 -21.24 54.77 -154.86
CA ARG I 842 -22.65 54.36 -154.96
C ARG I 842 -23.24 54.10 -153.57
N ARG I 843 -22.49 53.45 -152.69
CA ARG I 843 -22.99 53.19 -151.34
C ARG I 843 -23.21 54.49 -150.57
N HIS I 844 -22.28 55.45 -150.72
CA HIS I 844 -22.41 56.73 -150.03
C HIS I 844 -23.63 57.48 -150.52
N PHE I 845 -23.87 57.48 -151.83
CA PHE I 845 -25.07 58.16 -152.33
C PHE I 845 -26.34 57.41 -151.99
N LEU I 846 -26.29 56.08 -151.86
CA LEU I 846 -27.45 55.35 -151.36
C LEU I 846 -27.77 55.75 -149.93
N LYS I 847 -26.74 55.86 -149.09
CA LYS I 847 -26.97 56.31 -147.71
C LYS I 847 -27.50 57.74 -147.68
N THR I 848 -26.98 58.61 -148.55
CA THR I 848 -27.48 59.98 -148.63
C THR I 848 -28.93 60.01 -149.06
N ALA I 849 -29.30 59.17 -150.02
CA ALA I 849 -30.69 59.08 -150.45
C ALA I 849 -31.59 58.57 -149.33
N LEU I 850 -31.11 57.60 -148.55
CA LEU I 850 -31.89 57.11 -147.41
C LEU I 850 -32.09 58.21 -146.38
N ASN I 851 -31.05 58.99 -146.10
CA ASN I 851 -31.20 60.12 -145.18
C ASN I 851 -32.17 61.16 -145.73
N HIS I 852 -32.12 61.41 -147.03
CA HIS I 852 -33.05 62.35 -147.65
C HIS I 852 -34.49 61.86 -147.53
N CYS I 853 -34.69 60.54 -147.71
CA CYS I 853 -36.02 59.98 -147.53
C CYS I 853 -36.50 60.12 -146.08
N ASN I 854 -35.60 59.88 -145.13
CA ASN I 854 -35.96 60.06 -143.72
C ASN I 854 -36.35 61.49 -143.43
N LEU I 855 -35.62 62.45 -144.00
CA LEU I 855 -35.98 63.86 -143.82
C LEU I 855 -37.31 64.19 -144.47
N CYS I 856 -37.52 63.70 -145.70
CA CYS I 856 -38.76 63.98 -146.41
C CYS I 856 -39.97 63.31 -145.77
N ARG I 857 -39.75 62.28 -144.96
CA ARG I 857 -40.86 61.66 -144.24
C ARG I 857 -41.54 62.63 -143.28
N ARG I 858 -40.82 63.66 -142.84
CA ARG I 858 -41.41 64.67 -141.91
C ARG I 858 -41.45 66.03 -142.62
N GLY I 859 -40.74 66.17 -143.73
CA GLY I 859 -40.68 67.42 -144.45
C GLY I 859 -41.86 67.76 -145.33
N PHE I 860 -42.99 67.06 -145.18
CA PHE I 860 -44.18 67.38 -145.95
C PHE I 860 -44.70 68.79 -145.66
N TYR I 861 -44.49 69.30 -144.45
CA TYR I 861 -44.89 70.67 -144.15
C TYR I 861 -44.14 71.67 -145.02
N TYR I 862 -42.82 71.49 -145.17
CA TYR I 862 -42.05 72.34 -146.07
C TYR I 862 -42.45 72.11 -147.52
N TYR I 863 -42.66 70.84 -147.90
CA TYR I 863 -42.95 70.52 -149.29
C TYR I 863 -44.27 71.11 -149.75
N GLN I 864 -45.31 71.04 -148.91
CA GLN I 864 -46.64 71.48 -149.32
C GLN I 864 -46.67 72.99 -149.57
N ARG I 865 -46.03 73.77 -148.70
CA ARG I 865 -46.09 75.21 -148.79
C ARG I 865 -44.95 75.83 -149.59
N HIS I 866 -43.83 75.11 -149.75
CA HIS I 866 -42.68 75.58 -150.52
C HIS I 866 -42.18 76.92 -149.98
N PHE I 867 -41.69 76.89 -148.75
CA PHE I 867 -41.18 78.10 -148.11
C PHE I 867 -39.94 78.62 -148.84
N VAL I 868 -39.74 79.94 -148.76
CA VAL I 868 -38.59 80.56 -149.41
C VAL I 868 -37.29 80.04 -148.79
N ASP I 869 -37.24 79.99 -147.47
CA ASP I 869 -36.07 79.46 -146.76
C ASP I 869 -36.24 77.97 -146.46
N SER I 870 -36.52 77.19 -147.49
CA SER I 870 -36.74 75.76 -147.32
C SER I 870 -35.42 75.05 -147.00
N GLU I 871 -35.42 74.25 -145.95
CA GLU I 871 -34.26 73.47 -145.55
C GLU I 871 -34.24 72.08 -146.18
N LEU I 872 -35.22 71.76 -147.02
CA LEU I 872 -35.30 70.43 -147.63
C LEU I 872 -36.06 70.54 -148.94
N GLU I 873 -35.48 70.00 -150.01
CA GLU I 873 -36.09 70.00 -151.34
C GLU I 873 -36.38 68.55 -151.73
N CYS I 874 -37.62 68.11 -151.54
CA CYS I 874 -38.03 66.76 -151.87
C CYS I 874 -38.48 66.73 -153.31
N ASN I 875 -37.63 66.23 -154.20
CA ASN I 875 -37.94 66.08 -155.61
C ASN I 875 -37.94 64.64 -156.09
N ASP I 876 -37.15 63.77 -155.47
CA ASP I 876 -37.12 62.37 -155.87
C ASP I 876 -38.48 61.71 -155.65
N VAL I 877 -39.15 62.05 -154.55
CA VAL I 877 -40.47 61.48 -154.27
C VAL I 877 -41.45 61.87 -155.37
N VAL I 878 -41.45 63.15 -155.76
CA VAL I 878 -42.36 63.61 -156.80
C VAL I 878 -42.03 62.95 -158.13
N LEU I 879 -40.74 62.83 -158.45
CA LEU I 879 -40.34 62.18 -159.70
C LEU I 879 -40.78 60.72 -159.74
N PHE I 880 -40.59 60.01 -158.63
CA PHE I 880 -40.99 58.60 -158.58
C PHE I 880 -42.51 58.46 -158.67
N TRP I 881 -43.26 59.36 -158.04
CA TRP I 881 -44.72 59.32 -158.16
C TRP I 881 -45.16 59.59 -159.59
N ARG I 882 -44.51 60.55 -160.26
CA ARG I 882 -44.82 60.81 -161.67
C ARG I 882 -44.53 59.59 -162.53
N ILE I 883 -43.39 58.94 -162.30
CA ILE I 883 -43.06 57.73 -163.05
C ILE I 883 -44.10 56.64 -162.80
N GLN I 884 -44.51 56.49 -161.54
CA GLN I 884 -45.49 55.45 -161.20
C GLN I 884 -46.83 55.70 -161.89
N ARG I 885 -47.31 56.96 -161.86
CA ARG I 885 -48.59 57.25 -162.48
C ARG I 885 -48.52 57.12 -164.00
N MET I 886 -47.39 57.55 -164.60
CA MET I 886 -47.22 57.38 -166.03
C MET I 886 -47.20 55.90 -166.42
N LEU I 887 -46.52 55.08 -165.62
CA LEU I 887 -46.49 53.64 -165.87
C LEU I 887 -47.88 53.03 -165.74
N ALA I 888 -48.65 53.48 -164.74
CA ALA I 888 -50.02 52.99 -164.58
C ALA I 888 -50.88 53.36 -165.79
N ILE I 889 -50.75 54.60 -166.26
CA ILE I 889 -51.52 55.03 -167.43
C ILE I 889 -51.14 54.21 -168.66
N THR I 890 -49.83 54.00 -168.84
CA THR I 890 -49.36 53.22 -169.98
C THR I 890 -49.86 51.77 -169.91
N ALA I 891 -49.85 51.18 -168.71
CA ALA I 891 -50.33 49.82 -168.55
C ALA I 891 -51.83 49.73 -168.84
N ASN I 892 -52.60 50.72 -168.36
CA ASN I 892 -54.04 50.72 -168.64
C ASN I 892 -54.31 50.86 -170.13
N THR I 893 -53.57 51.74 -170.81
CA THR I 893 -53.74 51.89 -172.25
C THR I 893 -53.37 50.61 -172.98
N LEU I 894 -52.28 49.96 -172.57
CA LEU I 894 -51.87 48.71 -173.20
C LEU I 894 -52.93 47.63 -173.01
N ARG I 895 -53.48 47.53 -171.80
CA ARG I 895 -54.53 46.54 -171.54
C ARG I 895 -55.76 46.82 -172.38
N GLN I 896 -56.16 48.09 -172.48
CA GLN I 896 -57.34 48.43 -173.27
C GLN I 896 -57.13 48.10 -174.74
N GLN I 897 -55.97 48.47 -175.30
CA GLN I 897 -55.71 48.18 -176.70
C GLN I 897 -55.61 46.68 -176.94
N LEU I 898 -55.01 45.94 -176.00
CA LEU I 898 -54.94 44.49 -176.12
C LEU I 898 -56.33 43.89 -176.17
N THR I 899 -57.18 44.23 -175.19
CA THR I 899 -58.55 43.72 -175.18
C THR I 899 -59.30 44.10 -176.45
N ASN I 900 -59.02 45.28 -177.00
CA ASN I 900 -59.74 45.73 -178.20
C ASN I 900 -59.32 44.94 -179.43
N THR I 901 -58.02 44.73 -179.62
CA THR I 901 -57.52 44.21 -180.89
C THR I 901 -56.87 42.84 -180.78
N GLU I 902 -55.95 42.66 -179.84
CA GLU I 902 -55.14 41.44 -179.83
C GLU I 902 -55.95 40.23 -179.36
N VAL I 903 -56.94 40.43 -178.49
CA VAL I 903 -57.79 39.32 -178.10
C VAL I 903 -58.56 38.79 -179.30
N ARG I 904 -59.13 39.70 -180.10
CA ARG I 904 -59.83 39.29 -181.31
C ARG I 904 -58.89 38.64 -182.31
N ARG I 905 -57.68 39.17 -182.45
CA ARG I 905 -56.70 38.58 -183.36
C ARG I 905 -56.34 37.15 -182.93
N LEU I 906 -56.11 36.96 -181.63
CA LEU I 906 -55.79 35.62 -181.13
C LEU I 906 -56.96 34.67 -181.30
N GLU I 907 -58.19 35.16 -181.08
CA GLU I 907 -59.36 34.33 -181.31
C GLU I 907 -59.47 33.91 -182.77
N LYS I 908 -59.21 34.85 -183.68
CA LYS I 908 -59.25 34.52 -185.11
C LYS I 908 -58.18 33.49 -185.47
N ASN I 909 -56.96 33.66 -184.94
CA ASN I 909 -55.90 32.69 -185.21
C ASN I 909 -56.25 31.32 -184.66
N VAL I 910 -56.82 31.26 -183.46
CA VAL I 910 -57.23 29.98 -182.87
C VAL I 910 -58.31 29.33 -183.72
N LYS I 911 -59.28 30.12 -184.18
CA LYS I 911 -60.34 29.58 -185.03
C LYS I 911 -59.77 29.03 -186.34
N GLU I 912 -58.83 29.76 -186.95
CA GLU I 912 -58.21 29.30 -188.19
C GLU I 912 -57.45 28.00 -187.96
N VAL I 913 -56.70 27.93 -186.87
CA VAL I 913 -55.94 26.70 -186.57
C VAL I 913 -56.88 25.53 -186.34
N LEU I 914 -57.96 25.75 -185.59
CA LEU I 914 -58.92 24.68 -185.34
C LEU I 914 -59.60 24.22 -186.63
N GLU I 915 -59.95 25.16 -187.51
CA GLU I 915 -60.55 24.78 -188.78
C GLU I 915 -59.58 23.99 -189.64
N ASP I 916 -58.31 24.42 -189.67
CA ASP I 916 -57.30 23.69 -190.43
C ASP I 916 -57.11 22.27 -189.89
N PHE I 917 -57.10 22.12 -188.56
CA PHE I 917 -56.97 20.80 -187.97
C PHE I 917 -58.18 19.93 -188.27
N ALA I 918 -59.39 20.51 -188.19
CA ALA I 918 -60.60 19.75 -188.47
C ALA I 918 -60.67 19.30 -189.92
N GLU I 919 -60.27 20.16 -190.85
CA GLU I 919 -60.30 19.85 -192.26
C GLU I 919 -59.16 18.94 -192.70
N ASP I 920 -58.36 18.43 -191.76
CA ASP I 920 -57.23 17.55 -192.08
C ASP I 920 -57.18 16.45 -191.02
N GLY I 921 -57.80 15.31 -191.32
CA GLY I 921 -57.76 14.18 -190.40
C GLY I 921 -56.40 13.50 -190.33
N GLU I 922 -55.58 13.65 -191.36
CA GLU I 922 -54.24 13.09 -191.32
C GLU I 922 -53.40 13.73 -190.22
N LYS I 923 -53.55 15.05 -190.04
CA LYS I 923 -52.86 15.73 -188.95
C LYS I 923 -53.32 15.21 -187.60
N LYS I 924 -54.63 14.97 -187.45
CA LYS I 924 -55.15 14.42 -186.21
C LYS I 924 -54.57 13.03 -185.95
N ILE I 925 -54.48 12.20 -186.99
CA ILE I 925 -53.90 10.86 -186.83
C ILE I 925 -52.44 10.96 -186.43
N LYS I 926 -51.69 11.86 -187.07
CA LYS I 926 -50.27 12.00 -186.78
C LYS I 926 -50.05 12.50 -185.35
N LEU I 927 -50.88 13.44 -184.89
CA LEU I 927 -50.69 14.03 -183.57
C LEU I 927 -51.35 13.20 -182.47
N LEU I 928 -52.64 12.89 -182.61
CA LEU I 928 -53.36 12.13 -181.59
C LEU I 928 -52.98 10.65 -181.70
N THR I 929 -51.81 10.33 -181.14
CA THR I 929 -51.30 8.96 -181.11
C THR I 929 -51.34 8.38 -179.70
N GLY I 930 -52.20 8.91 -178.85
CA GLY I 930 -52.31 8.40 -177.49
C GLY I 930 -52.94 7.03 -177.45
N LYS I 931 -52.75 6.36 -176.31
CA LYS I 931 -53.29 5.01 -176.14
C LYS I 931 -54.81 5.02 -176.21
N ARG I 932 -55.46 6.00 -175.58
CA ARG I 932 -56.91 6.08 -175.60
C ARG I 932 -57.44 6.28 -177.01
N VAL I 933 -56.80 7.16 -177.78
CA VAL I 933 -57.25 7.43 -179.15
C VAL I 933 -57.12 6.17 -180.01
N GLN I 934 -55.98 5.50 -179.91
CA GLN I 934 -55.77 4.28 -180.70
C GLN I 934 -56.76 3.18 -180.29
N LEU I 935 -56.99 3.02 -179.00
CA LEU I 935 -57.94 2.00 -178.54
C LEU I 935 -59.35 2.30 -179.02
N ALA I 936 -59.76 3.57 -178.95
CA ALA I 936 -61.09 3.94 -179.43
C ALA I 936 -61.22 3.72 -180.93
N GLU I 937 -60.18 4.07 -181.69
CA GLU I 937 -60.21 3.84 -183.14
C GLU I 937 -60.30 2.36 -183.45
N ASP I 938 -59.53 1.54 -182.75
CA ASP I 938 -59.58 0.09 -182.98
C ASP I 938 -60.95 -0.47 -182.63
N LEU I 939 -61.54 -0.03 -181.52
CA LEU I 939 -62.87 -0.50 -181.14
C LEU I 939 -63.91 -0.10 -182.17
N LYS I 940 -63.84 1.14 -182.66
CA LYS I 940 -64.79 1.59 -183.68
C LYS I 940 -64.63 0.79 -184.97
N LYS I 941 -63.39 0.53 -185.38
CA LYS I 941 -63.15 -0.24 -186.60
C LYS I 941 -63.66 -1.67 -186.44
N VAL I 942 -63.43 -2.27 -185.27
CA VAL I 942 -63.92 -3.63 -185.03
C VAL I 942 -65.45 -3.66 -185.05
N ARG I 943 -66.09 -2.67 -184.43
CA ARG I 943 -67.55 -2.61 -184.45
C ARG I 943 -68.08 -2.46 -185.87
N GLU I 944 -67.45 -1.60 -186.67
CA GLU I 944 -67.88 -1.42 -188.05
C GLU I 944 -67.70 -2.71 -188.86
N ILE I 945 -66.58 -3.40 -188.66
CA ILE I 945 -66.33 -4.65 -189.37
C ILE I 945 -67.37 -5.70 -188.98
N GLN I 946 -67.69 -5.78 -187.68
CA GLN I 946 -68.69 -6.74 -187.23
C GLN I 946 -70.07 -6.41 -187.78
N GLU I 947 -70.41 -5.12 -187.85
CA GLU I 947 -71.70 -4.73 -188.42
C GLU I 947 -71.77 -5.07 -189.90
N LYS I 948 -70.68 -4.84 -190.63
CA LYS I 948 -70.64 -5.21 -192.05
C LYS I 948 -70.77 -6.71 -192.23
N LEU I 949 -70.11 -7.49 -191.38
CA LEU I 949 -70.21 -8.95 -191.47
C LEU I 949 -71.62 -9.43 -191.14
N ASP I 950 -72.26 -8.79 -190.16
CA ASP I 950 -73.64 -9.14 -189.84
C ASP I 950 -74.57 -8.82 -191.01
N ALA I 951 -74.35 -7.68 -191.66
CA ALA I 951 -75.14 -7.34 -192.84
C ALA I 951 -74.91 -8.35 -193.95
N PHE I 952 -73.66 -8.78 -194.15
CA PHE I 952 -73.36 -9.80 -195.14
C PHE I 952 -74.08 -11.11 -194.83
N ILE I 953 -74.07 -11.52 -193.54
CA ILE I 953 -74.73 -12.75 -193.15
C ILE I 953 -76.23 -12.66 -193.39
N GLU I 954 -76.83 -11.51 -193.04
CA GLU I 954 -78.26 -11.32 -193.25
C GLU I 954 -78.60 -11.36 -194.74
N ALA I 955 -77.79 -10.70 -195.58
CA ALA I 955 -78.04 -10.72 -197.01
C ALA I 955 -77.90 -12.12 -197.59
N LEU I 956 -76.90 -12.87 -197.14
CA LEU I 956 -76.73 -14.25 -197.61
C LEU I 956 -77.90 -15.12 -197.20
N HIS I 957 -78.39 -14.96 -195.96
CA HIS I 957 -79.53 -15.73 -195.51
C HIS I 957 -80.79 -15.37 -196.28
N GLN I 958 -81.00 -14.09 -196.55
CA GLN I 958 -82.18 -13.67 -197.31
C GLN I 958 -82.12 -14.16 -198.75
N GLU I 959 -80.96 -14.09 -199.39
CA GLU I 959 -80.85 -14.52 -200.78
C GLU I 959 -81.08 -16.03 -200.91
N LYS I 960 -80.55 -16.79 -199.94
CA LYS I 960 -80.75 -18.27 -199.94
C LYS I 960 -82.00 -18.60 -199.11
N SER J 263 -37.20 81.05 -205.28
CA SER J 263 -38.23 80.15 -204.80
C SER J 263 -37.72 79.34 -203.61
N LEU J 264 -37.66 78.01 -203.78
CA LEU J 264 -37.18 77.15 -202.71
C LEU J 264 -35.71 77.40 -202.41
N ILE J 265 -34.90 77.61 -203.44
CA ILE J 265 -33.47 77.82 -203.23
C ILE J 265 -33.22 79.14 -202.51
N ASP J 266 -33.97 80.19 -202.85
CA ASP J 266 -33.79 81.48 -202.18
C ASP J 266 -34.18 81.38 -200.70
N MET J 267 -35.28 80.69 -200.40
CA MET J 267 -35.69 80.52 -199.01
C MET J 267 -34.69 79.68 -198.24
N TYR J 268 -34.15 78.63 -198.88
CA TYR J 268 -33.12 77.83 -198.23
C TYR J 268 -31.86 78.64 -197.95
N SER J 269 -31.47 79.50 -198.89
CA SER J 269 -30.32 80.37 -198.66
C SER J 269 -30.58 81.33 -197.52
N GLU J 270 -31.79 81.88 -197.45
CA GLU J 270 -32.15 82.77 -196.34
C GLU J 270 -32.11 82.03 -195.01
N VAL J 271 -32.59 80.79 -194.99
CA VAL J 271 -32.55 79.99 -193.76
C VAL J 271 -31.11 79.73 -193.34
N LEU J 272 -30.25 79.40 -194.31
CA LEU J 272 -28.84 79.18 -194.00
C LEU J 272 -28.18 80.46 -193.48
N ASP J 273 -28.53 81.61 -194.06
CA ASP J 273 -27.99 82.88 -193.58
C ASP J 273 -28.43 83.16 -192.16
N VAL J 274 -29.70 82.88 -191.85
CA VAL J 274 -30.21 83.08 -190.50
C VAL J 274 -29.48 82.15 -189.52
N LEU J 275 -29.27 80.90 -189.92
CA LEU J 275 -28.53 79.96 -189.07
C LEU J 275 -27.10 80.43 -188.83
N SER J 276 -26.44 80.94 -189.87
CA SER J 276 -25.08 81.45 -189.71
C SER J 276 -25.05 82.66 -188.79
N ASP J 277 -26.02 83.57 -188.93
CA ASP J 277 -26.09 84.76 -188.08
C ASP J 277 -26.59 84.45 -186.68
N TYR J 278 -27.09 83.24 -186.43
CA TYR J 278 -27.56 82.88 -185.11
C TYR J 278 -26.43 82.93 -184.08
N ASP J 279 -25.26 82.41 -184.43
CA ASP J 279 -24.12 82.43 -183.52
C ASP J 279 -22.84 82.30 -184.34
N ALA J 280 -21.75 82.80 -183.78
CA ALA J 280 -20.44 82.69 -184.43
C ALA J 280 -19.87 81.28 -184.34
N SER J 281 -20.35 80.46 -183.41
CA SER J 281 -19.89 79.09 -183.26
C SER J 281 -20.65 78.20 -184.24
N TYR J 282 -20.49 76.88 -184.09
CA TYR J 282 -21.15 75.90 -184.96
C TYR J 282 -21.91 74.93 -184.08
N ASN J 283 -23.16 75.26 -183.77
CA ASN J 283 -24.05 74.40 -182.98
C ASN J 283 -25.23 73.90 -183.78
N THR J 284 -26.00 74.80 -184.39
CA THR J 284 -27.12 74.42 -185.24
C THR J 284 -26.80 74.58 -186.73
N GLN J 285 -25.64 75.14 -187.07
CA GLN J 285 -25.25 75.30 -188.47
C GLN J 285 -24.85 73.98 -189.13
N ASP J 286 -24.55 72.96 -188.34
CA ASP J 286 -24.14 71.66 -188.86
C ASP J 286 -25.31 70.72 -189.09
N HIS J 287 -26.54 71.19 -188.90
CA HIS J 287 -27.70 70.34 -189.11
C HIS J 287 -28.05 70.24 -190.60
N LEU J 288 -28.31 71.39 -191.23
CA LEU J 288 -28.62 71.39 -192.65
C LEU J 288 -27.35 71.14 -193.47
N PRO J 289 -27.44 70.36 -194.56
CA PRO J 289 -26.27 70.12 -195.40
C PRO J 289 -25.77 71.42 -196.03
N ARG J 290 -24.45 71.52 -196.17
CA ARG J 290 -23.81 72.68 -196.77
C ARG J 290 -22.66 72.21 -197.64
N VAL J 291 -22.76 72.47 -198.94
CA VAL J 291 -21.69 72.10 -199.87
C VAL J 291 -20.54 73.10 -199.70
N VAL J 292 -19.42 72.62 -199.18
CA VAL J 292 -18.26 73.46 -198.88
C VAL J 292 -17.14 73.08 -199.84
N VAL J 293 -16.56 74.08 -200.49
CA VAL J 293 -15.46 73.88 -201.42
C VAL J 293 -14.16 74.28 -200.71
N VAL J 294 -13.27 73.32 -200.51
CA VAL J 294 -12.01 73.54 -199.83
C VAL J 294 -10.88 73.14 -200.76
N GLY J 295 -9.89 74.02 -200.90
CA GLY J 295 -8.75 73.73 -201.75
C GLY J 295 -7.42 74.04 -201.08
N ASP J 296 -6.35 74.06 -201.85
CA ASP J 296 -5.01 74.34 -201.35
C ASP J 296 -4.59 75.75 -201.76
N GLN J 297 -3.59 76.27 -201.06
CA GLN J 297 -3.08 77.60 -201.34
C GLN J 297 -2.32 77.61 -202.66
N SER J 298 -2.64 78.59 -203.52
CA SER J 298 -2.00 78.74 -204.83
C SER J 298 -2.15 77.47 -205.66
N ALA J 299 -3.31 76.82 -205.55
CA ALA J 299 -3.60 75.60 -206.28
C ALA J 299 -4.51 75.83 -207.48
N GLY J 300 -4.77 77.10 -207.85
CA GLY J 300 -5.62 77.38 -208.97
C GLY J 300 -7.10 77.20 -208.71
N LYS J 301 -7.52 77.07 -207.45
CA LYS J 301 -8.93 76.89 -207.13
C LYS J 301 -9.76 78.11 -207.49
N THR J 302 -9.12 79.29 -207.53
CA THR J 302 -9.85 80.51 -207.89
C THR J 302 -10.38 80.44 -209.31
N SER J 303 -9.56 79.94 -210.25
CA SER J 303 -10.01 79.82 -211.63
C SER J 303 -11.16 78.83 -211.76
N VAL J 304 -11.09 77.71 -211.04
CA VAL J 304 -12.16 76.72 -211.08
C VAL J 304 -13.45 77.30 -210.51
N LEU J 305 -13.34 78.02 -209.40
CA LEU J 305 -14.52 78.65 -208.80
C LEU J 305 -15.12 79.68 -209.74
N GLU J 306 -14.29 80.47 -210.40
CA GLU J 306 -14.79 81.45 -211.37
C GLU J 306 -15.49 80.76 -212.54
N MET J 307 -14.91 79.65 -213.03
CA MET J 307 -15.53 78.93 -214.13
C MET J 307 -16.85 78.27 -213.70
N ILE J 308 -16.97 77.90 -212.43
CA ILE J 308 -18.22 77.33 -211.94
C ILE J 308 -19.34 78.36 -212.05
N ALA J 309 -19.08 79.59 -211.65
CA ALA J 309 -20.04 80.67 -211.76
C ALA J 309 -20.02 81.35 -213.13
N GLN J 310 -19.11 80.94 -214.02
CA GLN J 310 -18.99 81.49 -215.37
C GLN J 310 -18.71 83.00 -215.34
N ALA J 311 -18.01 83.46 -214.29
CA ALA J 311 -17.67 84.87 -214.17
C ALA J 311 -16.51 85.01 -213.20
N ARG J 312 -15.67 86.01 -213.46
CA ARG J 312 -14.52 86.30 -212.60
C ARG J 312 -14.97 87.20 -211.48
N ILE J 313 -15.29 86.61 -210.32
CA ILE J 313 -15.75 87.37 -209.17
C ILE J 313 -14.79 87.30 -207.99
N PHE J 314 -13.89 86.33 -207.94
CA PHE J 314 -12.94 86.23 -206.83
C PHE J 314 -11.65 86.95 -207.21
N PRO J 315 -11.21 87.94 -206.44
CA PRO J 315 -9.96 88.64 -206.77
C PRO J 315 -8.76 87.69 -206.71
N ARG J 316 -7.81 87.92 -207.61
CA ARG J 316 -6.61 87.10 -207.69
C ARG J 316 -5.58 87.55 -206.66
N GLY J 317 -4.79 86.59 -206.18
CA GLY J 317 -3.76 86.88 -205.20
C GLY J 317 -2.42 86.28 -205.57
N SER J 318 -1.38 87.11 -205.60
CA SER J 318 -0.03 86.68 -205.94
C SER J 318 0.66 86.16 -204.69
N GLY J 319 0.28 84.95 -204.29
CA GLY J 319 0.83 84.30 -203.11
C GLY J 319 0.11 84.61 -201.81
N GLU J 320 -0.31 85.85 -201.63
CA GLU J 320 -1.01 86.24 -200.42
C GLU J 320 -2.40 85.61 -200.37
N MET J 321 -2.83 85.26 -199.16
CA MET J 321 -4.13 84.63 -198.95
C MET J 321 -5.19 85.73 -198.89
N MET J 322 -5.76 86.05 -200.06
CA MET J 322 -6.78 87.10 -200.12
C MET J 322 -8.04 86.68 -199.37
N THR J 323 -8.45 85.42 -199.49
CA THR J 323 -9.65 84.92 -198.83
C THR J 323 -9.32 84.58 -197.39
N ARG J 324 -9.76 85.43 -196.46
CA ARG J 324 -9.52 85.21 -195.04
C ARG J 324 -10.81 84.97 -194.25
N SER J 325 -11.96 85.04 -194.89
CA SER J 325 -13.25 84.80 -194.25
C SER J 325 -14.08 83.87 -195.10
N PRO J 326 -14.97 83.08 -194.48
CA PRO J 326 -15.84 82.19 -195.27
C PRO J 326 -16.73 82.98 -196.21
N VAL J 327 -16.91 82.44 -197.42
CA VAL J 327 -17.71 83.07 -198.46
C VAL J 327 -18.79 82.09 -198.88
N LYS J 328 -20.05 82.55 -198.87
CA LYS J 328 -21.18 81.73 -199.27
C LYS J 328 -21.60 82.13 -200.68
N VAL J 329 -21.64 81.15 -201.57
CA VAL J 329 -22.06 81.35 -202.96
C VAL J 329 -23.32 80.53 -203.18
N THR J 330 -24.44 81.22 -203.42
CA THR J 330 -25.72 80.56 -203.66
C THR J 330 -26.01 80.58 -205.15
N LEU J 331 -26.02 79.40 -205.76
CA LEU J 331 -26.29 79.28 -207.19
C LEU J 331 -27.80 79.20 -207.41
N SER J 332 -28.32 80.08 -208.26
CA SER J 332 -29.75 80.13 -208.56
C SER J 332 -29.93 80.80 -209.92
N GLU J 333 -31.19 80.93 -210.33
CA GLU J 333 -31.54 81.56 -211.60
C GLU J 333 -32.50 82.70 -211.34
N GLY J 334 -32.21 83.86 -211.93
CA GLY J 334 -33.04 85.03 -211.77
C GLY J 334 -33.33 85.72 -213.09
N PRO J 335 -33.98 86.88 -213.03
CA PRO J 335 -34.27 87.62 -214.27
C PRO J 335 -33.02 88.03 -215.03
N HIS J 336 -31.93 88.33 -214.32
CA HIS J 336 -30.67 88.74 -214.95
C HIS J 336 -29.51 88.00 -214.30
N HIS J 337 -28.43 87.87 -215.07
CA HIS J 337 -27.22 87.20 -214.59
C HIS J 337 -26.39 88.17 -213.76
N VAL J 338 -26.93 88.49 -212.57
CA VAL J 338 -26.31 89.43 -211.66
C VAL J 338 -26.11 88.74 -210.32
N ALA J 339 -25.36 89.41 -209.43
CA ALA J 339 -25.09 88.92 -208.09
C ALA J 339 -25.58 89.95 -207.08
N LEU J 340 -26.30 89.46 -206.06
CA LEU J 340 -26.87 90.32 -205.04
C LEU J 340 -26.55 89.75 -203.66
N PHE J 341 -26.13 90.60 -202.74
CA PHE J 341 -25.84 90.18 -201.39
C PHE J 341 -27.12 90.15 -200.55
N LYS J 342 -27.02 89.54 -199.37
CA LYS J 342 -28.16 89.48 -198.47
C LYS J 342 -28.53 90.86 -197.94
N ASP J 343 -27.51 91.67 -197.60
CA ASP J 343 -27.73 93.00 -197.03
C ASP J 343 -27.39 94.12 -198.01
N SER J 344 -27.49 93.85 -199.30
CA SER J 344 -27.21 94.84 -200.33
C SER J 344 -28.36 94.89 -201.32
N SER J 345 -28.48 96.03 -202.00
CA SER J 345 -29.52 96.25 -203.00
C SER J 345 -28.98 96.45 -204.40
N ARG J 346 -27.67 96.58 -204.58
CA ARG J 346 -27.08 96.78 -205.90
C ARG J 346 -26.82 95.42 -206.56
N GLU J 347 -27.33 95.26 -207.77
CA GLU J 347 -27.18 94.02 -208.53
C GLU J 347 -25.87 94.08 -209.30
N PHE J 348 -24.86 93.37 -208.81
CA PHE J 348 -23.55 93.34 -209.47
C PHE J 348 -23.62 92.40 -210.66
N ASP J 349 -23.59 92.96 -211.86
CA ASP J 349 -23.64 92.16 -213.07
C ASP J 349 -22.37 91.33 -213.22
N LEU J 350 -22.53 90.13 -213.77
CA LEU J 350 -21.42 89.19 -213.95
C LEU J 350 -20.87 89.22 -215.37
N THR J 351 -21.29 90.17 -216.20
CA THR J 351 -20.84 90.27 -217.58
C THR J 351 -19.94 91.48 -217.83
N LYS J 352 -20.39 92.66 -217.44
CA LYS J 352 -19.59 93.86 -217.66
C LYS J 352 -18.34 93.86 -216.78
N GLU J 353 -17.23 94.33 -217.34
CA GLU J 353 -15.97 94.36 -216.59
C GLU J 353 -16.05 95.32 -215.41
N GLU J 354 -16.70 96.47 -215.60
CA GLU J 354 -16.82 97.43 -214.50
C GLU J 354 -17.63 96.86 -213.35
N ASP J 355 -18.73 96.17 -213.66
CA ASP J 355 -19.53 95.56 -212.60
C ASP J 355 -18.77 94.47 -211.88
N LEU J 356 -17.99 93.66 -212.62
CA LEU J 356 -17.16 92.64 -211.99
C LEU J 356 -16.11 93.26 -211.07
N ALA J 357 -15.48 94.35 -211.51
CA ALA J 357 -14.51 95.03 -210.68
C ALA J 357 -15.16 95.60 -209.43
N ALA J 358 -16.35 96.18 -209.56
CA ALA J 358 -17.07 96.69 -208.39
C ALA J 358 -17.42 95.57 -207.42
N LEU J 359 -17.85 94.42 -207.95
CA LEU J 359 -18.16 93.28 -207.10
C LEU J 359 -16.92 92.78 -206.36
N ARG J 360 -15.79 92.71 -207.06
CA ARG J 360 -14.54 92.29 -206.41
C ARG J 360 -14.13 93.28 -205.33
N HIS J 361 -14.26 94.58 -205.61
CA HIS J 361 -13.93 95.59 -204.61
C HIS J 361 -14.84 95.47 -203.39
N GLU J 362 -16.14 95.23 -203.60
CA GLU J 362 -17.06 95.06 -202.48
C GLU J 362 -16.71 93.82 -201.67
N ILE J 363 -16.35 92.72 -202.35
CA ILE J 363 -15.96 91.50 -201.64
C ILE J 363 -14.70 91.75 -200.82
N GLU J 364 -13.73 92.45 -201.39
CA GLU J 364 -12.51 92.75 -200.65
C GLU J 364 -12.79 93.64 -199.44
N LEU J 365 -13.67 94.63 -199.61
CA LEU J 365 -14.03 95.49 -198.49
C LEU J 365 -14.73 94.71 -197.38
N ARG J 366 -15.63 93.79 -197.76
CA ARG J 366 -16.29 92.95 -196.77
C ARG J 366 -15.31 92.05 -196.05
N MET J 367 -14.34 91.49 -196.79
CA MET J 367 -13.32 90.66 -196.16
C MET J 367 -12.47 91.47 -195.18
N ARG J 368 -12.09 92.69 -195.57
CA ARG J 368 -11.29 93.53 -194.68
C ARG J 368 -12.07 93.95 -193.45
N LYS J 369 -13.36 94.25 -193.61
CA LYS J 369 -14.17 94.65 -192.46
C LYS J 369 -14.29 93.52 -191.44
N ASN J 370 -14.51 92.29 -191.90
CA ASN J 370 -14.63 91.17 -190.99
C ASN J 370 -13.33 90.90 -190.24
N VAL J 371 -12.19 90.97 -190.95
CA VAL J 371 -10.90 90.70 -190.32
C VAL J 371 -10.52 91.88 -189.43
N LYS J 372 -10.17 91.57 -188.18
CA LYS J 372 -9.78 92.60 -187.23
C LYS J 372 -8.40 93.17 -187.61
N GLU J 373 -8.15 94.40 -187.14
CA GLU J 373 -6.89 95.08 -187.41
C GLU J 373 -5.81 94.45 -186.53
N GLY J 374 -5.19 93.40 -187.05
CA GLY J 374 -4.15 92.68 -186.32
C GLY J 374 -4.31 91.18 -186.41
N CYS J 375 -5.51 90.72 -186.75
CA CYS J 375 -5.78 89.30 -186.87
C CYS J 375 -5.68 88.87 -188.33
N THR J 376 -5.80 87.55 -188.55
CA THR J 376 -5.71 86.97 -189.88
C THR J 376 -7.00 86.28 -190.30
N VAL J 377 -7.58 85.45 -189.44
CA VAL J 377 -8.80 84.72 -189.74
C VAL J 377 -9.92 85.26 -188.87
N SER J 378 -11.05 85.60 -189.50
CA SER J 378 -12.19 86.16 -188.80
C SER J 378 -13.34 85.17 -188.83
N PRO J 379 -13.99 84.91 -187.69
CA PRO J 379 -15.13 83.97 -187.69
C PRO J 379 -16.33 84.46 -188.47
N GLU J 380 -16.42 85.76 -188.77
CA GLU J 380 -17.56 86.29 -189.50
C GLU J 380 -17.58 85.75 -190.93
N THR J 381 -18.79 85.44 -191.41
CA THR J 381 -18.97 84.89 -192.74
C THR J 381 -19.58 85.94 -193.67
N ILE J 382 -19.42 85.71 -194.97
CA ILE J 382 -19.94 86.60 -196.00
C ILE J 382 -20.94 85.82 -196.85
N SER J 383 -22.13 86.37 -197.01
CA SER J 383 -23.21 85.74 -197.74
C SER J 383 -23.41 86.44 -199.08
N LEU J 384 -23.43 85.68 -200.16
CA LEU J 384 -23.63 86.20 -201.49
C LEU J 384 -24.54 85.28 -202.28
N ASN J 385 -25.50 85.86 -202.99
CA ASN J 385 -26.45 85.11 -203.80
C ASN J 385 -26.18 85.40 -205.27
N VAL J 386 -26.05 84.34 -206.07
CA VAL J 386 -25.77 84.43 -207.50
C VAL J 386 -27.00 83.96 -208.26
N LYS J 387 -27.47 84.79 -209.19
CA LYS J 387 -28.63 84.49 -210.00
C LYS J 387 -28.27 84.63 -211.48
N GLY J 388 -28.98 83.87 -212.31
CA GLY J 388 -28.78 83.91 -213.74
C GLY J 388 -29.09 82.58 -214.41
N PRO J 389 -29.44 82.64 -215.70
CA PRO J 389 -29.75 81.41 -216.42
C PRO J 389 -28.52 80.54 -216.61
N GLY J 390 -28.77 79.23 -216.73
CA GLY J 390 -27.72 78.27 -216.93
C GLY J 390 -27.04 77.77 -215.66
N LEU J 391 -27.46 78.24 -214.49
CA LEU J 391 -26.89 77.81 -213.23
C LEU J 391 -27.78 76.76 -212.56
N GLN J 392 -27.21 76.08 -211.57
CA GLN J 392 -27.92 75.06 -210.82
C GLN J 392 -28.52 75.68 -209.57
N ARG J 393 -29.08 74.84 -208.70
CA ARG J 393 -29.70 75.27 -207.45
C ARG J 393 -28.96 74.59 -206.30
N MET J 394 -27.90 75.25 -205.83
CA MET J 394 -27.09 74.73 -204.74
C MET J 394 -26.37 75.89 -204.07
N VAL J 395 -25.85 75.64 -202.87
CA VAL J 395 -25.13 76.63 -202.09
C VAL J 395 -23.69 76.17 -201.96
N LEU J 396 -22.75 77.04 -202.36
CA LEU J 396 -21.33 76.74 -202.30
C LEU J 396 -20.67 77.60 -201.22
N VAL J 397 -19.81 76.98 -200.42
CA VAL J 397 -19.11 77.65 -199.33
C VAL J 397 -17.63 77.65 -199.66
N ASP J 398 -17.01 78.83 -199.59
CA ASP J 398 -15.58 79.00 -199.87
C ASP J 398 -14.83 79.22 -198.56
N LEU J 399 -13.75 78.48 -198.39
CA LEU J 399 -12.91 78.56 -197.18
C LEU J 399 -11.46 78.77 -197.58
N PRO J 400 -10.68 79.41 -196.71
CA PRO J 400 -9.25 79.58 -197.00
C PRO J 400 -8.53 78.24 -197.09
N GLY J 401 -7.50 78.20 -197.93
CA GLY J 401 -6.75 76.98 -198.12
C GLY J 401 -5.98 76.56 -196.88
N VAL J 402 -5.70 75.26 -196.81
CA VAL J 402 -4.97 74.70 -195.68
C VAL J 402 -3.49 75.02 -195.83
N ILE J 403 -2.90 75.57 -194.77
CA ILE J 403 -1.50 75.93 -194.75
C ILE J 403 -0.76 75.03 -193.78
N ASN J 404 0.56 74.97 -193.94
CA ASN J 404 1.42 74.13 -193.10
C ASN J 404 2.39 74.96 -192.27
N THR J 405 3.08 75.92 -192.88
CA THR J 405 4.03 76.74 -192.15
C THR J 405 3.29 77.79 -191.32
N VAL J 406 4.01 78.35 -190.35
CA VAL J 406 3.48 79.36 -189.43
C VAL J 406 4.24 80.66 -189.68
N THR J 407 3.50 81.74 -189.92
CA THR J 407 4.12 83.04 -190.18
C THR J 407 4.45 83.73 -188.86
N SER J 408 5.70 84.18 -188.75
CA SER J 408 6.12 84.88 -187.53
C SER J 408 5.46 86.25 -187.41
N GLY J 409 5.15 86.87 -188.53
CA GLY J 409 4.53 88.19 -188.54
C GLY J 409 3.03 88.20 -188.33
N MET J 410 2.41 87.03 -188.16
CA MET J 410 0.98 86.91 -187.95
C MET J 410 0.72 86.13 -186.67
N ALA J 411 -0.55 85.81 -186.43
CA ALA J 411 -0.91 85.06 -185.24
C ALA J 411 -0.35 83.65 -185.30
N PRO J 412 0.36 83.20 -184.26
CA PRO J 412 0.90 81.83 -184.28
C PRO J 412 -0.17 80.75 -184.31
N ASP J 413 -1.40 81.05 -183.89
CA ASP J 413 -2.48 80.07 -183.87
C ASP J 413 -3.37 80.16 -185.10
N THR J 414 -2.91 80.81 -186.16
CA THR J 414 -3.70 80.90 -187.39
C THR J 414 -3.94 79.52 -188.00
N LYS J 415 -2.90 78.68 -188.03
CA LYS J 415 -3.06 77.33 -188.57
C LYS J 415 -4.01 76.51 -187.71
N GLU J 416 -3.90 76.63 -186.39
CA GLU J 416 -4.82 75.91 -185.50
C GLU J 416 -6.25 76.39 -185.69
N THR J 417 -6.45 77.70 -185.84
CA THR J 417 -7.79 78.23 -186.07
C THR J 417 -8.36 77.72 -187.40
N ILE J 418 -7.53 77.69 -188.45
CA ILE J 418 -7.99 77.19 -189.74
C ILE J 418 -8.36 75.71 -189.64
N PHE J 419 -7.54 74.93 -188.93
CA PHE J 419 -7.84 73.51 -188.77
C PHE J 419 -9.13 73.30 -187.98
N SER J 420 -9.34 74.10 -186.93
CA SER J 420 -10.57 74.00 -186.15
C SER J 420 -11.78 74.37 -186.99
N ILE J 421 -11.68 75.41 -187.81
CA ILE J 421 -12.78 75.82 -188.67
C ILE J 421 -13.09 74.72 -189.68
N SER J 422 -12.05 74.12 -190.27
CA SER J 422 -12.25 73.04 -191.23
C SER J 422 -12.91 71.83 -190.56
N LYS J 423 -12.48 71.49 -189.35
CA LYS J 423 -13.09 70.37 -188.63
C LYS J 423 -14.55 70.66 -188.31
N ALA J 424 -14.86 71.88 -187.88
CA ALA J 424 -16.25 72.25 -187.59
C ALA J 424 -17.11 72.18 -188.85
N TYR J 425 -16.58 72.64 -189.98
CA TYR J 425 -17.32 72.56 -191.23
C TYR J 425 -17.54 71.10 -191.64
N MET J 426 -16.53 70.26 -191.46
CA MET J 426 -16.65 68.84 -191.81
C MET J 426 -17.48 68.05 -190.80
N GLN J 427 -17.81 68.64 -189.65
CA GLN J 427 -18.63 67.95 -188.67
C GLN J 427 -20.02 67.62 -189.20
N ASN J 428 -20.48 68.31 -190.23
CA ASN J 428 -21.77 68.02 -190.83
C ASN J 428 -21.71 66.69 -191.56
N PRO J 429 -22.53 65.70 -191.20
CA PRO J 429 -22.49 64.41 -191.90
C PRO J 429 -22.89 64.49 -193.36
N ASN J 430 -23.63 65.53 -193.77
CA ASN J 430 -24.09 65.67 -195.13
C ASN J 430 -23.42 66.82 -195.87
N ALA J 431 -22.25 67.27 -195.39
CA ALA J 431 -21.53 68.35 -196.03
C ALA J 431 -20.78 67.83 -197.25
N ILE J 432 -21.17 68.27 -198.43
CA ILE J 432 -20.51 67.86 -199.67
C ILE J 432 -19.23 68.67 -199.82
N ILE J 433 -18.11 67.98 -200.02
CA ILE J 433 -16.80 68.60 -200.15
C ILE J 433 -16.37 68.50 -201.60
N LEU J 434 -16.04 69.64 -202.21
CA LEU J 434 -15.59 69.72 -203.60
C LEU J 434 -14.09 69.97 -203.58
N CYS J 435 -13.31 68.93 -203.85
CA CYS J 435 -11.85 69.02 -203.86
C CYS J 435 -11.38 69.55 -205.20
N ILE J 436 -10.50 70.56 -205.15
CA ILE J 436 -9.94 71.17 -206.35
C ILE J 436 -8.42 71.04 -206.29
N GLN J 437 -7.83 70.51 -207.36
CA GLN J 437 -6.40 70.33 -207.46
C GLN J 437 -5.84 71.15 -208.62
N ASP J 438 -4.55 70.97 -208.90
CA ASP J 438 -3.88 71.70 -209.96
C ASP J 438 -3.15 70.72 -210.86
N GLY J 439 -2.78 71.20 -212.05
CA GLY J 439 -2.06 70.35 -212.99
C GLY J 439 -0.70 69.93 -212.47
N SER J 440 -0.01 70.83 -211.78
CA SER J 440 1.31 70.54 -211.22
C SER J 440 1.24 69.87 -209.85
N VAL J 441 0.05 69.67 -209.29
CA VAL J 441 -0.14 69.06 -207.99
C VAL J 441 -0.75 67.69 -208.19
N ASP J 442 -0.11 66.66 -207.63
CA ASP J 442 -0.59 65.30 -207.77
C ASP J 442 -1.78 65.07 -206.83
N ALA J 443 -2.46 63.94 -207.04
CA ALA J 443 -3.61 63.60 -206.21
C ALA J 443 -3.20 63.38 -204.76
N GLU J 444 -2.08 62.69 -204.54
CA GLU J 444 -1.61 62.46 -203.18
C GLU J 444 -1.04 63.73 -202.55
N ARG J 445 -0.60 64.69 -203.35
CA ARG J 445 -0.06 65.94 -202.83
C ARG J 445 -1.15 66.90 -202.35
N SER J 446 -2.41 66.62 -202.64
CA SER J 446 -3.52 67.48 -202.22
C SER J 446 -3.85 67.20 -200.77
N ILE J 447 -3.69 68.20 -199.90
CA ILE J 447 -4.00 68.03 -198.49
C ILE J 447 -5.49 67.83 -198.29
N VAL J 448 -6.31 68.53 -199.07
CA VAL J 448 -7.77 68.41 -198.92
C VAL J 448 -8.22 67.00 -199.27
N THR J 449 -7.68 66.43 -200.34
CA THR J 449 -8.05 65.07 -200.73
C THR J 449 -7.66 64.06 -199.66
N ASP J 450 -6.45 64.20 -199.10
CA ASP J 450 -6.01 63.29 -198.04
C ASP J 450 -6.88 63.43 -196.81
N LEU J 451 -7.24 64.66 -196.44
CA LEU J 451 -8.10 64.86 -195.28
C LEU J 451 -9.48 64.26 -195.50
N VAL J 452 -10.03 64.42 -196.71
CA VAL J 452 -11.33 63.83 -197.03
C VAL J 452 -11.27 62.31 -196.96
N SER J 453 -10.19 61.73 -197.51
CA SER J 453 -10.05 60.28 -197.46
C SER J 453 -9.92 59.77 -196.03
N GLN J 454 -9.16 60.49 -195.19
CA GLN J 454 -9.03 60.09 -193.79
C GLN J 454 -10.35 60.20 -193.06
N MET J 455 -11.10 61.28 -193.28
CA MET J 455 -12.38 61.46 -192.59
C MET J 455 -13.47 60.59 -193.18
N ASP J 456 -13.45 60.34 -194.49
CA ASP J 456 -14.47 59.55 -195.18
C ASP J 456 -13.77 58.47 -196.00
N PRO J 457 -13.34 57.38 -195.36
CA PRO J 457 -12.70 56.30 -196.13
C PRO J 457 -13.60 55.69 -197.18
N HIS J 458 -14.90 55.60 -196.92
CA HIS J 458 -15.82 55.02 -197.90
C HIS J 458 -16.02 55.96 -199.09
N GLY J 459 -16.21 57.25 -198.82
CA GLY J 459 -16.42 58.21 -199.89
C GLY J 459 -17.69 57.99 -200.67
N ARG J 460 -18.77 57.61 -200.00
CA ARG J 460 -20.04 57.38 -200.67
C ARG J 460 -20.77 58.67 -201.00
N ARG J 461 -20.39 59.79 -200.40
CA ARG J 461 -21.03 61.07 -200.66
C ARG J 461 -20.09 62.10 -201.28
N THR J 462 -18.79 61.81 -201.35
CA THR J 462 -17.81 62.73 -201.94
C THR J 462 -17.46 62.28 -203.33
N ILE J 463 -17.53 63.19 -204.29
CA ILE J 463 -17.23 62.91 -205.69
C ILE J 463 -16.00 63.71 -206.09
N PHE J 464 -14.99 63.01 -206.60
CA PHE J 464 -13.74 63.65 -207.00
C PHE J 464 -13.91 64.31 -208.37
N VAL J 465 -13.46 65.55 -208.50
CA VAL J 465 -13.49 66.29 -209.75
C VAL J 465 -12.07 66.69 -210.11
N LEU J 466 -11.65 66.36 -211.33
CA LEU J 466 -10.31 66.65 -211.81
C LEU J 466 -10.35 67.91 -212.67
N THR J 467 -9.52 68.89 -212.33
CA THR J 467 -9.46 70.15 -213.03
C THR J 467 -8.07 70.37 -213.62
N LYS J 468 -8.01 71.16 -214.69
CA LYS J 468 -6.75 71.48 -215.38
C LYS J 468 -6.04 70.20 -215.85
N VAL J 469 -6.77 69.39 -216.62
CA VAL J 469 -6.19 68.15 -217.13
C VAL J 469 -5.08 68.44 -218.14
N ASP J 470 -5.26 69.47 -218.97
CA ASP J 470 -4.26 69.79 -219.98
C ASP J 470 -2.93 70.20 -219.35
N LEU J 471 -2.98 70.98 -218.28
CA LEU J 471 -1.76 71.40 -217.61
C LEU J 471 -1.01 70.21 -217.03
N ALA J 472 -1.74 69.27 -216.41
CA ALA J 472 -1.10 68.07 -215.88
C ALA J 472 -0.52 67.22 -217.00
N GLU J 473 -1.24 67.09 -218.11
CA GLU J 473 -0.75 66.29 -219.23
C GLU J 473 0.51 66.89 -219.83
N LYS J 474 0.57 68.22 -219.96
CA LYS J 474 1.73 68.88 -220.55
C LYS J 474 2.96 68.77 -219.66
N ASN J 475 2.80 68.43 -218.39
CA ASN J 475 3.93 68.30 -217.47
C ASN J 475 4.48 66.87 -217.45
N VAL J 476 4.80 66.37 -218.64
CA VAL J 476 5.32 65.02 -218.91
C VAL J 476 4.79 63.98 -217.91
N ALA J 477 3.48 64.03 -217.64
CA ALA J 477 2.88 63.08 -216.72
C ALA J 477 2.64 61.75 -217.41
N SER J 478 2.45 60.71 -216.59
CA SER J 478 2.19 59.37 -217.10
C SER J 478 0.71 59.22 -217.40
N PRO J 479 0.33 58.87 -218.64
CA PRO J 479 -1.10 58.68 -218.93
C PRO J 479 -1.75 57.56 -218.15
N SER J 480 -0.97 56.57 -217.69
CA SER J 480 -1.54 55.49 -216.91
C SER J 480 -2.14 55.99 -215.60
N ARG J 481 -1.43 56.91 -214.93
CA ARG J 481 -1.95 57.49 -213.69
C ARG J 481 -3.24 58.25 -213.93
N ILE J 482 -3.31 59.03 -215.01
CA ILE J 482 -4.52 59.78 -215.33
C ILE J 482 -5.67 58.81 -215.62
N GLN J 483 -5.40 57.75 -216.38
CA GLN J 483 -6.43 56.77 -216.68
C GLN J 483 -6.94 56.09 -215.41
N GLN J 484 -6.02 55.74 -214.51
CA GLN J 484 -6.43 55.11 -213.25
C GLN J 484 -7.26 56.06 -212.40
N ILE J 485 -6.87 57.34 -212.35
CA ILE J 485 -7.63 58.32 -211.58
C ILE J 485 -9.03 58.49 -212.16
N ILE J 486 -9.12 58.60 -213.49
CA ILE J 486 -10.42 58.77 -214.13
C ILE J 486 -11.27 57.53 -213.94
N GLU J 487 -10.69 56.34 -214.13
CA GLU J 487 -11.44 55.11 -213.95
C GLU J 487 -11.72 54.80 -212.49
N GLY J 488 -10.88 55.29 -211.58
CA GLY J 488 -11.09 55.07 -210.17
C GLY J 488 -10.42 53.82 -209.63
N LYS J 489 -9.21 53.52 -210.14
CA LYS J 489 -8.45 52.36 -209.72
C LYS J 489 -7.35 52.72 -208.72
N LEU J 490 -7.31 53.96 -208.25
CA LEU J 490 -6.28 54.42 -207.31
C LEU J 490 -6.86 54.95 -206.01
N PHE J 491 -7.99 55.66 -206.07
CA PHE J 491 -8.58 56.22 -204.86
C PHE J 491 -9.28 55.11 -204.06
N PRO J 492 -8.92 54.91 -202.80
CA PRO J 492 -9.60 53.87 -202.01
C PRO J 492 -11.09 54.12 -201.83
N MET J 493 -11.50 55.38 -201.78
CA MET J 493 -12.92 55.69 -201.57
C MET J 493 -13.75 55.29 -202.79
N LYS J 494 -14.97 54.86 -202.52
CA LYS J 494 -15.90 54.43 -203.57
C LYS J 494 -16.81 55.60 -203.92
N ALA J 495 -16.28 56.52 -204.72
CA ALA J 495 -17.04 57.69 -205.15
C ALA J 495 -18.11 57.29 -206.16
N LEU J 496 -19.15 58.11 -206.24
CA LEU J 496 -20.24 57.85 -207.19
C LEU J 496 -19.79 57.99 -208.64
N GLY J 497 -18.71 58.70 -208.90
CA GLY J 497 -18.21 58.84 -210.25
C GLY J 497 -16.97 59.71 -210.26
N TYR J 498 -16.35 59.79 -211.44
CA TYR J 498 -15.15 60.58 -211.65
C TYR J 498 -15.23 61.26 -213.00
N PHE J 499 -15.07 62.58 -213.01
CA PHE J 499 -15.12 63.37 -214.24
C PHE J 499 -13.90 64.27 -214.31
N ALA J 500 -13.32 64.39 -215.50
CA ALA J 500 -12.15 65.22 -215.74
C ALA J 500 -12.54 66.38 -216.63
N VAL J 501 -12.26 67.60 -216.18
CA VAL J 501 -12.59 68.82 -216.91
C VAL J 501 -11.36 69.71 -216.95
N VAL J 502 -11.38 70.66 -217.89
CA VAL J 502 -10.30 71.63 -218.06
C VAL J 502 -10.87 73.01 -217.75
N THR J 503 -10.22 73.71 -216.82
CA THR J 503 -10.63 75.06 -216.41
C THR J 503 -9.62 76.10 -216.84
N GLY J 504 -9.03 75.93 -218.02
CA GLY J 504 -8.05 76.87 -218.53
C GLY J 504 -6.68 76.66 -217.93
N LYS J 505 -5.77 77.57 -218.26
CA LYS J 505 -4.41 77.53 -217.78
C LYS J 505 -4.24 78.14 -216.40
N GLY J 506 -5.30 78.71 -215.83
CA GLY J 506 -5.21 79.31 -214.51
C GLY J 506 -4.60 80.69 -214.47
N ASN J 507 -4.36 81.31 -215.63
CA ASN J 507 -3.76 82.64 -215.67
C ASN J 507 -4.84 83.69 -215.43
N SER J 508 -4.46 84.96 -215.53
CA SER J 508 -5.37 86.09 -215.32
C SER J 508 -5.53 86.92 -216.58
N SER J 509 -5.42 86.28 -217.75
CA SER J 509 -5.56 86.99 -219.02
C SER J 509 -6.45 86.24 -220.00
N GLU J 510 -7.20 85.26 -219.54
CA GLU J 510 -8.10 84.48 -220.40
C GLU J 510 -9.54 84.74 -219.95
N SER J 511 -10.39 85.11 -220.90
CA SER J 511 -11.79 85.39 -220.58
C SER J 511 -12.54 84.08 -220.32
N ILE J 512 -13.72 84.21 -219.71
CA ILE J 512 -14.53 83.04 -219.40
C ILE J 512 -14.97 82.35 -220.69
N GLU J 513 -15.38 83.12 -221.69
CA GLU J 513 -15.81 82.54 -222.96
C GLU J 513 -14.67 81.80 -223.65
N ALA J 514 -13.47 82.37 -223.62
CA ALA J 514 -12.31 81.71 -224.24
C ALA J 514 -12.00 80.39 -223.54
N ILE J 515 -12.04 80.38 -222.20
CA ILE J 515 -11.77 79.15 -221.46
C ILE J 515 -12.84 78.11 -221.76
N ARG J 516 -14.11 78.53 -221.82
CA ARG J 516 -15.19 77.59 -222.14
C ARG J 516 -15.02 77.01 -223.54
N GLU J 517 -14.65 77.84 -224.51
CA GLU J 517 -14.43 77.36 -225.87
C GLU J 517 -13.25 76.39 -225.92
N TYR J 518 -12.17 76.70 -225.19
CA TYR J 518 -11.03 75.79 -225.15
C TYR J 518 -11.40 74.46 -224.52
N GLU J 519 -12.19 74.49 -223.45
CA GLU J 519 -12.63 73.26 -222.81
C GLU J 519 -13.51 72.44 -223.74
N GLU J 520 -14.42 73.11 -224.47
CA GLU J 520 -15.27 72.40 -225.43
C GLU J 520 -14.44 71.77 -226.54
N GLU J 521 -13.44 72.50 -227.04
CA GLU J 521 -12.57 71.95 -228.09
C GLU J 521 -11.79 70.76 -227.57
N PHE J 522 -11.28 70.85 -226.34
CA PHE J 522 -10.54 69.73 -225.76
C PHE J 522 -11.44 68.51 -225.58
N PHE J 523 -12.68 68.72 -225.13
CA PHE J 523 -13.62 67.62 -224.98
C PHE J 523 -13.94 66.98 -226.34
N GLN J 524 -14.14 67.81 -227.36
CA GLN J 524 -14.44 67.28 -228.69
C GLN J 524 -13.26 66.48 -229.24
N ASN J 525 -12.04 67.00 -229.09
CA ASN J 525 -10.82 66.36 -229.58
C ASN J 525 -9.82 66.30 -228.43
N SER J 526 -9.68 65.11 -227.83
CA SER J 526 -8.76 64.91 -226.72
C SER J 526 -7.75 63.83 -227.06
N LYS J 527 -6.54 63.99 -226.55
CA LYS J 527 -5.46 63.02 -226.79
C LYS J 527 -5.66 61.72 -226.02
N LEU J 528 -6.57 61.68 -225.05
CA LEU J 528 -6.82 60.48 -224.27
C LEU J 528 -8.09 59.75 -224.69
N LEU J 529 -9.08 60.47 -225.22
CA LEU J 529 -10.31 59.81 -225.66
C LEU J 529 -10.08 58.97 -226.91
N LYS J 530 -9.14 59.36 -227.76
CA LYS J 530 -8.86 58.63 -228.98
C LYS J 530 -8.09 57.33 -228.73
N THR J 531 -7.58 57.12 -227.52
CA THR J 531 -6.85 55.91 -227.17
C THR J 531 -7.76 54.80 -226.64
N SER J 532 -9.07 55.05 -226.57
CA SER J 532 -10.04 54.06 -226.08
C SER J 532 -9.69 53.58 -224.68
N MET J 533 -9.23 54.51 -223.83
CA MET J 533 -8.87 54.21 -222.45
C MET J 533 -9.76 54.89 -221.44
N LEU J 534 -10.75 55.68 -221.88
CA LEU J 534 -11.66 56.38 -221.00
C LEU J 534 -13.09 56.04 -221.37
N LYS J 535 -13.96 55.98 -220.35
CA LYS J 535 -15.35 55.65 -220.56
C LYS J 535 -16.06 56.78 -221.30
N ALA J 536 -16.97 56.40 -222.21
CA ALA J 536 -17.68 57.38 -223.01
C ALA J 536 -18.74 58.11 -222.21
N HIS J 537 -19.27 57.48 -221.16
CA HIS J 537 -20.33 58.06 -220.35
C HIS J 537 -19.80 58.97 -219.24
N GLN J 538 -18.48 59.10 -219.11
CA GLN J 538 -17.86 59.95 -218.09
C GLN J 538 -17.41 61.29 -218.66
N VAL J 539 -18.16 61.83 -219.62
CA VAL J 539 -17.80 63.09 -220.25
C VAL J 539 -18.79 64.17 -219.82
N THR J 540 -18.49 65.43 -220.16
CA THR J 540 -19.30 66.59 -219.81
C THR J 540 -19.56 66.68 -218.30
N THR J 541 -20.53 67.51 -217.92
CA THR J 541 -20.85 67.69 -216.51
C THR J 541 -22.34 67.69 -216.21
N ARG J 542 -23.20 67.51 -217.22
CA ARG J 542 -24.64 67.60 -216.99
C ARG J 542 -25.13 66.49 -216.07
N ASN J 543 -24.74 65.24 -216.35
CA ASN J 543 -25.17 64.13 -215.53
C ASN J 543 -24.65 64.24 -214.11
N LEU J 544 -23.37 64.61 -213.96
CA LEU J 544 -22.80 64.78 -212.63
C LEU J 544 -23.51 65.89 -211.85
N SER J 545 -23.80 67.01 -212.51
CA SER J 545 -24.50 68.10 -211.85
C SER J 545 -25.90 67.69 -211.43
N LEU J 546 -26.61 66.96 -212.30
CA LEU J 546 -27.95 66.50 -211.96
C LEU J 546 -27.92 65.53 -210.78
N ALA J 547 -26.96 64.60 -210.77
CA ALA J 547 -26.86 63.67 -209.66
C ALA J 547 -26.52 64.38 -208.36
N VAL J 548 -25.60 65.34 -208.40
CA VAL J 548 -25.24 66.09 -207.21
C VAL J 548 -26.44 66.87 -206.69
N SER J 549 -27.19 67.52 -207.60
CA SER J 549 -28.36 68.28 -207.19
C SER J 549 -29.41 67.38 -206.57
N ASP J 550 -29.65 66.20 -207.16
CA ASP J 550 -30.64 65.30 -206.60
C ASP J 550 -30.22 64.80 -205.22
N CYS J 551 -28.93 64.44 -205.07
CA CYS J 551 -28.45 63.99 -203.77
C CYS J 551 -28.56 65.08 -202.72
N PHE J 552 -28.20 66.31 -203.09
CA PHE J 552 -28.29 67.42 -202.15
C PHE J 552 -29.75 67.68 -201.76
N TRP J 553 -30.66 67.61 -202.73
CA TRP J 553 -32.07 67.84 -202.43
C TRP J 553 -32.61 66.76 -201.50
N LYS J 554 -32.30 65.50 -201.76
CA LYS J 554 -32.82 64.44 -200.89
C LYS J 554 -32.21 64.51 -199.50
N MET J 555 -30.91 64.81 -199.40
CA MET J 555 -30.29 64.88 -198.08
C MET J 555 -30.80 66.09 -197.29
N VAL J 556 -31.03 67.22 -197.96
CA VAL J 556 -31.56 68.38 -197.25
C VAL J 556 -33.02 68.15 -196.86
N ARG J 557 -33.79 67.41 -197.68
CA ARG J 557 -35.15 67.07 -197.29
C ARG J 557 -35.16 66.18 -196.05
N GLU J 558 -34.29 65.17 -196.02
CA GLU J 558 -34.20 64.32 -194.83
C GLU J 558 -33.76 65.13 -193.61
N SER J 559 -32.78 66.02 -193.80
CA SER J 559 -32.30 66.83 -192.69
C SER J 559 -33.39 67.74 -192.14
N VAL J 560 -34.16 68.39 -193.02
CA VAL J 560 -35.20 69.28 -192.55
C VAL J 560 -36.34 68.48 -191.92
N GLU J 561 -36.63 67.28 -192.43
CA GLU J 561 -37.63 66.44 -191.80
C GLU J 561 -37.23 66.05 -190.38
N GLN J 562 -35.96 65.71 -190.18
CA GLN J 562 -35.48 65.41 -188.84
C GLN J 562 -35.49 66.65 -187.96
N GLN J 563 -35.07 67.80 -188.51
CA GLN J 563 -34.97 69.01 -187.71
C GLN J 563 -36.32 69.58 -187.32
N ALA J 564 -37.38 69.30 -188.11
CA ALA J 564 -38.71 69.78 -187.75
C ALA J 564 -39.12 69.30 -186.37
N ASP J 565 -38.62 68.15 -185.93
CA ASP J 565 -38.84 67.66 -184.58
C ASP J 565 -37.65 67.91 -183.66
N SER J 566 -36.42 67.90 -184.21
CA SER J 566 -35.25 68.13 -183.38
C SER J 566 -35.26 69.52 -182.75
N PHE J 567 -35.60 70.54 -183.54
CA PHE J 567 -35.63 71.91 -183.02
C PHE J 567 -36.78 72.10 -182.04
N LYS J 568 -37.92 71.46 -182.27
CA LYS J 568 -39.01 71.51 -181.29
C LYS J 568 -38.59 70.89 -179.97
N ALA J 569 -37.91 69.74 -180.03
CA ALA J 569 -37.41 69.11 -178.82
C ALA J 569 -36.40 69.99 -178.11
N THR J 570 -35.50 70.63 -178.88
CA THR J 570 -34.51 71.51 -178.28
C THR J 570 -35.17 72.71 -177.59
N ARG J 571 -36.17 73.30 -178.25
CA ARG J 571 -36.88 74.42 -177.65
C ARG J 571 -37.61 73.99 -176.38
N PHE J 572 -38.25 72.82 -176.40
CA PHE J 572 -38.93 72.34 -175.20
C PHE J 572 -37.94 72.11 -174.07
N ASN J 573 -36.77 71.52 -174.37
CA ASN J 573 -35.76 71.28 -173.35
C ASN J 573 -35.24 72.60 -172.78
N LEU J 574 -35.01 73.60 -173.65
CA LEU J 574 -34.54 74.90 -173.18
C LEU J 574 -35.58 75.57 -172.29
N GLU J 575 -36.85 75.50 -172.66
CA GLU J 575 -37.91 76.07 -171.84
C GLU J 575 -38.00 75.37 -170.49
N THR J 576 -37.89 74.04 -170.50
CA THR J 576 -37.93 73.29 -169.25
C THR J 576 -36.75 73.65 -168.36
N GLU J 577 -35.55 73.79 -168.95
CA GLU J 577 -34.38 74.19 -168.18
C GLU J 577 -34.55 75.56 -167.57
N TRP J 578 -35.07 76.52 -168.36
CA TRP J 578 -35.27 77.86 -167.85
C TRP J 578 -36.29 77.87 -166.71
N LYS J 579 -37.39 77.12 -166.87
CA LYS J 579 -38.40 77.05 -165.81
C LYS J 579 -37.83 76.39 -164.55
N ASN J 580 -37.05 75.33 -164.70
CA ASN J 580 -36.52 74.63 -163.54
C ASN J 580 -35.48 75.45 -162.80
N ASN J 581 -34.59 76.12 -163.54
CA ASN J 581 -33.57 76.94 -162.88
C ASN J 581 -34.20 78.14 -162.18
N TYR J 582 -35.28 78.68 -162.72
CA TYR J 582 -35.96 79.85 -162.17
C TYR J 582 -37.45 79.54 -162.01
N PRO J 583 -37.81 78.77 -160.98
CA PRO J 583 -39.24 78.46 -160.77
C PRO J 583 -40.08 79.69 -160.52
N ARG J 584 -39.54 80.72 -159.88
CA ARG J 584 -40.29 81.92 -159.56
C ARG J 584 -39.97 83.08 -160.48
N LEU J 585 -39.15 82.87 -161.51
CA LEU J 585 -38.79 83.91 -162.46
C LEU J 585 -39.06 83.43 -163.87
N ARG J 586 -39.74 84.27 -164.65
CA ARG J 586 -40.06 83.94 -166.03
C ARG J 586 -38.95 84.46 -166.94
N GLU J 587 -39.19 84.47 -168.25
CA GLU J 587 -38.19 84.91 -169.21
C GLU J 587 -37.81 86.36 -168.95
N LEU J 588 -36.50 86.63 -168.93
CA LEU J 588 -35.95 87.96 -168.67
C LEU J 588 -34.93 88.27 -169.76
N ASP J 589 -35.40 88.88 -170.85
CA ASP J 589 -34.53 89.25 -171.94
C ASP J 589 -33.95 90.64 -171.71
N ARG J 590 -33.21 91.14 -172.70
CA ARG J 590 -32.54 92.44 -172.54
C ARG J 590 -33.55 93.57 -172.38
N ASN J 591 -34.62 93.56 -173.17
CA ASN J 591 -35.58 94.66 -173.14
C ASN J 591 -36.32 94.73 -171.80
N GLU J 592 -36.84 93.59 -171.34
CA GLU J 592 -37.59 93.57 -170.09
C GLU J 592 -36.69 93.91 -168.90
N LEU J 593 -35.47 93.37 -168.89
CA LEU J 593 -34.56 93.66 -167.79
C LEU J 593 -34.13 95.13 -167.79
N PHE J 594 -33.90 95.70 -168.98
CA PHE J 594 -33.56 97.12 -169.04
C PHE J 594 -34.72 97.99 -168.57
N GLU J 595 -35.95 97.64 -168.97
CA GLU J 595 -37.11 98.39 -168.50
C GLU J 595 -37.28 98.28 -166.99
N LYS J 596 -37.06 97.08 -166.44
CA LYS J 596 -37.16 96.90 -164.99
C LYS J 596 -36.09 97.71 -164.26
N ALA J 597 -34.86 97.74 -164.81
CA ALA J 597 -33.81 98.53 -164.20
C ALA J 597 -34.14 100.02 -164.25
N LYS J 598 -34.69 100.49 -165.37
CA LYS J 598 -35.10 101.89 -165.48
C LYS J 598 -36.19 102.21 -164.46
N ASN J 599 -37.17 101.32 -164.32
CA ASN J 599 -38.24 101.54 -163.34
C ASN J 599 -37.70 101.55 -161.92
N GLU J 600 -36.76 100.65 -161.61
CA GLU J 600 -36.16 100.64 -160.28
C GLU J 600 -35.38 101.92 -160.01
N ILE J 601 -34.65 102.41 -161.02
CA ILE J 601 -33.92 103.67 -160.87
C ILE J 601 -34.89 104.82 -160.63
N LEU J 602 -36.00 104.85 -161.37
CA LEU J 602 -37.00 105.90 -161.17
C LEU J 602 -37.60 105.82 -159.77
N ASP J 603 -37.90 104.61 -159.30
CA ASP J 603 -38.45 104.46 -157.95
C ASP J 603 -37.45 104.90 -156.89
N GLU J 604 -36.17 104.58 -157.08
CA GLU J 604 -35.15 105.01 -156.14
C GLU J 604 -35.03 106.53 -156.12
N VAL J 605 -35.08 107.17 -157.30
CA VAL J 605 -35.03 108.62 -157.36
C VAL J 605 -36.24 109.23 -156.67
N ILE J 606 -37.42 108.64 -156.87
CA ILE J 606 -38.63 109.13 -156.23
C ILE J 606 -38.51 109.03 -154.71
N SER J 607 -38.00 107.89 -154.22
CA SER J 607 -37.83 107.72 -152.79
C SER J 607 -36.81 108.71 -152.23
N LEU J 608 -35.73 108.95 -152.98
CA LEU J 608 -34.73 109.93 -152.56
C LEU J 608 -35.35 111.32 -152.46
N SER J 609 -36.18 111.70 -153.44
CA SER J 609 -36.81 113.01 -153.42
C SER J 609 -37.88 113.11 -152.34
N GLN J 610 -38.44 111.97 -151.92
CA GLN J 610 -39.51 111.96 -150.93
C GLN J 610 -39.03 111.95 -149.49
N VAL J 611 -37.71 111.89 -149.27
CA VAL J 611 -37.18 111.90 -147.90
C VAL J 611 -37.43 113.26 -147.28
N THR J 612 -37.79 113.26 -145.99
CA THR J 612 -38.08 114.50 -145.27
C THR J 612 -36.84 115.39 -145.24
N PRO J 613 -36.95 116.66 -145.60
CA PRO J 613 -35.78 117.54 -145.59
C PRO J 613 -35.16 117.71 -144.20
N LYS J 614 -35.94 117.55 -143.14
CA LYS J 614 -35.40 117.75 -141.79
C LYS J 614 -34.32 116.72 -141.48
N HIS J 615 -34.53 115.46 -141.87
CA HIS J 615 -33.52 114.43 -141.66
C HIS J 615 -32.26 114.75 -142.44
N TRP J 616 -32.40 115.23 -143.67
CA TRP J 616 -31.23 115.64 -144.46
C TRP J 616 -30.48 116.76 -143.76
N GLU J 617 -31.20 117.76 -143.27
CA GLU J 617 -30.54 118.88 -142.58
C GLU J 617 -29.80 118.40 -141.34
N GLU J 618 -30.43 117.53 -140.55
CA GLU J 618 -29.77 117.02 -139.34
C GLU J 618 -28.52 116.22 -139.69
N ILE J 619 -28.62 115.35 -140.69
CA ILE J 619 -27.48 114.52 -141.08
C ILE J 619 -26.34 115.40 -141.59
N LEU J 620 -26.66 116.37 -142.45
CA LEU J 620 -25.64 117.25 -143.00
C LEU J 620 -24.98 118.07 -141.89
N GLN J 621 -25.78 118.60 -140.96
CA GLN J 621 -25.21 119.39 -139.87
C GLN J 621 -24.29 118.54 -139.00
N GLN J 622 -24.73 117.33 -138.65
CA GLN J 622 -23.92 116.47 -137.81
C GLN J 622 -22.61 116.09 -138.51
N SER J 623 -22.70 115.71 -139.79
CA SER J 623 -21.50 115.31 -140.52
C SER J 623 -20.54 116.48 -140.67
N LEU J 624 -21.06 117.66 -141.01
CA LEU J 624 -20.19 118.82 -141.16
C LEU J 624 -19.53 119.20 -139.84
N TRP J 625 -20.29 119.17 -138.74
CA TRP J 625 -19.71 119.49 -137.44
C TRP J 625 -18.62 118.50 -137.06
N GLU J 626 -18.88 117.21 -137.27
CA GLU J 626 -17.87 116.20 -136.96
C GLU J 626 -16.63 116.38 -137.84
N ARG J 627 -16.81 116.83 -139.08
CA ARG J 627 -15.69 117.00 -139.98
C ARG J 627 -14.86 118.22 -139.62
N VAL J 628 -15.51 119.33 -139.24
CA VAL J 628 -14.80 120.59 -139.05
C VAL J 628 -14.50 120.89 -137.58
N SER J 629 -14.84 119.97 -136.67
CA SER J 629 -14.52 120.20 -135.27
C SER J 629 -13.02 120.37 -135.04
N THR J 630 -12.23 119.45 -135.62
CA THR J 630 -10.78 119.53 -135.46
C THR J 630 -10.21 120.78 -136.12
N HIS J 631 -10.73 121.13 -137.31
CA HIS J 631 -10.27 122.32 -138.00
C HIS J 631 -10.55 123.58 -137.18
N VAL J 632 -11.77 123.68 -136.64
CA VAL J 632 -12.12 124.83 -135.82
C VAL J 632 -11.26 124.89 -134.57
N ILE J 633 -11.03 123.75 -133.92
CA ILE J 633 -10.22 123.74 -132.71
C ILE J 633 -8.80 124.22 -133.02
N GLU J 634 -8.17 123.63 -134.04
CA GLU J 634 -6.79 123.95 -134.37
C GLU J 634 -6.62 125.33 -135.01
N ASN J 635 -7.70 125.94 -135.50
CA ASN J 635 -7.62 127.28 -136.06
C ASN J 635 -8.09 128.36 -135.10
N ILE J 636 -8.71 128.00 -133.98
CA ILE J 636 -9.17 129.00 -133.01
C ILE J 636 -8.40 128.90 -131.71
N TYR J 637 -8.46 127.73 -131.05
CA TYR J 637 -7.87 127.61 -129.73
C TYR J 637 -6.34 127.56 -129.78
N LEU J 638 -5.78 126.98 -130.84
CA LEU J 638 -4.31 126.90 -130.94
C LEU J 638 -3.66 128.27 -130.98
N PRO J 639 -4.11 129.24 -131.80
CA PRO J 639 -3.50 130.58 -131.70
C PRO J 639 -3.89 131.33 -130.44
N ALA J 640 -5.15 131.26 -130.05
CA ALA J 640 -5.64 131.95 -128.86
C ALA J 640 -5.63 131.02 -127.65
N ALA J 641 -4.44 130.50 -127.33
CA ALA J 641 -4.27 129.56 -126.23
C ALA J 641 -3.96 130.23 -124.90
N GLN J 642 -3.75 131.55 -124.88
CA GLN J 642 -3.40 132.26 -123.65
C GLN J 642 -4.28 133.49 -123.44
N THR J 643 -5.42 133.58 -124.11
CA THR J 643 -6.30 134.72 -123.94
C THR J 643 -6.95 134.68 -122.55
N MET J 644 -7.04 135.84 -121.92
CA MET J 644 -7.65 135.98 -120.60
C MET J 644 -9.03 136.62 -120.65
N ASN J 645 -9.18 137.71 -121.38
CA ASN J 645 -10.46 138.38 -121.50
C ASN J 645 -11.35 137.64 -122.50
N SER J 646 -12.63 137.47 -122.13
CA SER J 646 -13.56 136.80 -123.03
C SER J 646 -13.85 137.62 -124.28
N GLY J 647 -13.80 138.94 -124.17
CA GLY J 647 -14.06 139.78 -125.32
C GLY J 647 -13.02 139.61 -126.42
N THR J 648 -11.74 139.54 -126.04
CA THR J 648 -10.69 139.32 -127.03
C THR J 648 -10.84 137.96 -127.70
N PHE J 649 -11.19 136.93 -126.92
CA PHE J 649 -11.41 135.61 -127.49
C PHE J 649 -12.58 135.61 -128.47
N ASN J 650 -13.67 136.29 -128.11
CA ASN J 650 -14.81 136.37 -129.01
C ASN J 650 -14.46 137.12 -130.29
N THR J 651 -13.70 138.21 -130.16
CA THR J 651 -13.28 138.95 -131.35
C THR J 651 -12.41 138.10 -132.26
N THR J 652 -11.47 137.34 -131.67
CA THR J 652 -10.64 136.45 -132.47
C THR J 652 -11.47 135.38 -133.15
N VAL J 653 -12.45 134.83 -132.44
CA VAL J 653 -13.33 133.81 -133.03
C VAL J 653 -14.09 134.39 -134.21
N ASP J 654 -14.63 135.62 -134.05
CA ASP J 654 -15.36 136.25 -135.14
C ASP J 654 -14.45 136.51 -136.33
N ILE J 655 -13.22 136.97 -136.08
CA ILE J 655 -12.28 137.23 -137.16
C ILE J 655 -11.97 135.94 -137.92
N LYS J 656 -11.71 134.86 -137.18
CA LYS J 656 -11.40 133.59 -137.82
C LYS J 656 -12.58 133.06 -138.62
N LEU J 657 -13.79 133.18 -138.06
CA LEU J 657 -14.98 132.74 -138.78
C LEU J 657 -15.20 133.54 -140.06
N LYS J 658 -15.02 134.85 -140.00
CA LYS J 658 -15.17 135.67 -141.19
C LYS J 658 -14.12 135.32 -142.24
N GLN J 659 -12.87 135.11 -141.82
CA GLN J 659 -11.82 134.73 -142.75
C GLN J 659 -12.12 133.38 -143.40
N TRP J 660 -12.59 132.41 -142.61
CA TRP J 660 -12.94 131.11 -143.16
C TRP J 660 -14.09 131.21 -144.15
N THR J 661 -15.12 131.98 -143.81
CA THR J 661 -16.25 132.15 -144.74
C THR J 661 -15.80 132.81 -146.03
N ASP J 662 -14.91 133.80 -145.95
CA ASP J 662 -14.46 134.48 -147.15
C ASP J 662 -13.56 133.59 -148.00
N LYS J 663 -12.72 132.78 -147.37
CA LYS J 663 -11.67 132.08 -148.12
C LYS J 663 -12.18 130.80 -148.79
N GLN J 664 -12.58 129.80 -148.00
CA GLN J 664 -12.87 128.50 -148.57
C GLN J 664 -14.05 127.76 -147.93
N LEU J 665 -14.76 128.38 -146.97
CA LEU J 665 -15.85 127.67 -146.31
C LEU J 665 -16.96 127.25 -147.27
N PRO J 666 -17.46 128.09 -148.18
CA PRO J 666 -18.47 127.61 -149.13
C PRO J 666 -18.00 126.44 -149.97
N ASN J 667 -16.73 126.43 -150.39
CA ASN J 667 -16.20 125.33 -151.18
C ASN J 667 -16.19 124.04 -150.36
N LYS J 668 -15.76 124.13 -149.10
CA LYS J 668 -15.75 122.95 -148.24
C LYS J 668 -17.16 122.44 -147.99
N ALA J 669 -18.12 123.35 -147.78
CA ALA J 669 -19.51 122.94 -147.58
C ALA J 669 -20.06 122.25 -148.82
N VAL J 670 -19.76 122.79 -150.01
CA VAL J 670 -20.22 122.17 -151.25
C VAL J 670 -19.62 120.79 -151.41
N GLU J 671 -18.31 120.65 -151.13
CA GLU J 671 -17.66 119.35 -151.24
C GLU J 671 -18.26 118.35 -150.26
N VAL J 672 -18.52 118.77 -149.03
CA VAL J 672 -19.11 117.88 -148.03
C VAL J 672 -20.51 117.45 -148.46
N ALA J 673 -21.31 118.39 -148.95
CA ALA J 673 -22.65 118.04 -149.41
C ALA J 673 -22.62 117.08 -150.58
N TRP J 674 -21.71 117.30 -151.53
CA TRP J 674 -21.59 116.40 -152.68
C TRP J 674 -21.14 115.02 -152.24
N GLU J 675 -20.19 114.95 -151.31
CA GLU J 675 -19.74 113.65 -150.80
C GLU J 675 -20.86 112.91 -150.09
N THR J 676 -21.64 113.63 -149.28
CA THR J 676 -22.77 112.99 -148.60
C THR J 676 -23.82 112.49 -149.59
N LEU J 677 -24.09 113.29 -150.63
CA LEU J 677 -25.04 112.85 -151.65
C LEU J 677 -24.52 111.60 -152.37
N GLN J 678 -23.22 111.57 -152.69
CA GLN J 678 -22.63 110.40 -153.32
C GLN J 678 -22.73 109.18 -152.42
N GLU J 679 -22.46 109.35 -151.13
CA GLU J 679 -22.57 108.24 -150.18
C GLU J 679 -23.99 107.72 -150.10
N GLU J 680 -24.97 108.62 -150.02
CA GLU J 680 -26.36 108.19 -149.98
C GLU J 680 -26.76 107.46 -151.25
N PHE J 681 -26.34 107.98 -152.41
CA PHE J 681 -26.66 107.33 -153.67
C PHE J 681 -26.03 105.94 -153.75
N SER J 682 -24.77 105.81 -153.31
CA SER J 682 -24.10 104.52 -153.33
C SER J 682 -24.78 103.53 -152.40
N ARG J 683 -25.19 103.98 -151.20
CA ARG J 683 -25.86 103.10 -150.27
C ARG J 683 -27.22 102.65 -150.82
N PHE J 684 -27.94 103.56 -151.47
CA PHE J 684 -29.22 103.19 -152.08
C PHE J 684 -29.01 102.20 -153.22
N MET J 685 -27.99 102.41 -154.04
CA MET J 685 -27.72 101.49 -155.15
C MET J 685 -27.32 100.11 -154.65
N THR J 686 -26.49 100.06 -153.60
CA THR J 686 -26.03 98.80 -153.02
C THR J 686 -26.70 98.66 -151.65
N GLU J 687 -27.89 98.07 -151.64
CA GLU J 687 -28.68 97.88 -150.43
C GLU J 687 -29.05 96.40 -150.33
N PRO J 688 -28.16 95.58 -149.78
CA PRO J 688 -28.39 94.12 -149.73
C PRO J 688 -29.37 93.71 -148.63
N LYS J 689 -30.54 94.37 -148.60
CA LYS J 689 -31.58 93.97 -147.66
C LYS J 689 -32.11 92.58 -148.00
N GLY J 690 -32.27 92.27 -149.29
CA GLY J 690 -32.73 90.96 -149.67
C GLY J 690 -31.69 89.89 -149.42
N LYS J 691 -32.16 88.66 -149.19
CA LYS J 691 -31.27 87.55 -148.91
C LYS J 691 -30.48 87.10 -150.13
N GLU J 692 -30.95 87.42 -151.33
CA GLU J 692 -30.24 87.01 -152.54
C GLU J 692 -29.28 88.10 -153.01
N HIS J 693 -29.80 89.28 -153.30
CA HIS J 693 -29.01 90.44 -153.74
C HIS J 693 -28.09 90.05 -154.91
N ASP J 694 -28.72 89.67 -156.01
CA ASP J 694 -28.00 89.29 -157.21
C ASP J 694 -27.08 90.42 -157.68
N ASP J 695 -25.83 90.07 -157.99
CA ASP J 695 -24.84 91.05 -158.38
C ASP J 695 -24.94 91.48 -159.84
N ILE J 696 -25.71 90.76 -160.66
CA ILE J 696 -25.86 91.14 -162.06
C ILE J 696 -26.49 92.53 -162.18
N PHE J 697 -27.54 92.78 -161.40
CA PHE J 697 -28.14 94.10 -161.39
C PHE J 697 -27.28 95.10 -160.63
N ASP J 698 -26.54 94.62 -159.62
CA ASP J 698 -25.70 95.50 -158.82
C ASP J 698 -24.59 96.12 -159.65
N LYS J 699 -23.97 95.34 -160.54
CA LYS J 699 -22.91 95.87 -161.39
C LYS J 699 -23.44 96.97 -162.30
N LEU J 700 -24.61 96.74 -162.91
CA LEU J 700 -25.21 97.76 -163.75
C LEU J 700 -25.56 99.02 -162.96
N LYS J 701 -26.08 98.83 -161.74
CA LYS J 701 -26.41 99.97 -160.90
C LYS J 701 -25.17 100.78 -160.56
N GLU J 702 -24.06 100.09 -160.22
CA GLU J 702 -22.82 100.78 -159.91
C GLU J 702 -22.28 101.51 -161.14
N ALA J 703 -22.36 100.89 -162.32
CA ALA J 703 -21.90 101.55 -163.53
C ALA J 703 -22.72 102.81 -163.82
N VAL J 704 -24.04 102.72 -163.66
CA VAL J 704 -24.90 103.87 -163.87
C VAL J 704 -24.59 104.97 -162.86
N LYS J 705 -24.35 104.59 -161.61
CA LYS J 705 -24.01 105.56 -160.58
C LYS J 705 -22.70 106.27 -160.91
N GLU J 706 -21.69 105.52 -161.36
CA GLU J 706 -20.42 106.12 -161.72
C GLU J 706 -20.58 107.06 -162.92
N GLU J 707 -21.36 106.65 -163.91
CA GLU J 707 -21.59 107.51 -165.07
C GLU J 707 -22.31 108.80 -164.68
N SER J 708 -23.31 108.70 -163.79
CA SER J 708 -24.01 109.89 -163.34
C SER J 708 -23.10 110.81 -162.53
N ILE J 709 -22.24 110.22 -161.69
CA ILE J 709 -21.32 111.02 -160.90
C ILE J 709 -20.34 111.75 -161.81
N LYS J 710 -19.81 111.06 -162.81
CA LYS J 710 -18.87 111.70 -163.74
C LYS J 710 -19.54 112.75 -164.59
N ARG J 711 -20.82 112.54 -164.95
CA ARG J 711 -21.54 113.47 -165.80
C ARG J 711 -22.18 114.62 -165.02
N HIS J 712 -22.19 114.54 -163.68
CA HIS J 712 -22.82 115.57 -162.88
C HIS J 712 -22.08 116.90 -163.00
N LYS J 713 -22.83 117.99 -163.01
CA LYS J 713 -22.29 119.33 -163.13
C LYS J 713 -22.77 120.20 -161.98
N TRP J 714 -22.03 121.27 -161.70
CA TRP J 714 -22.35 122.21 -160.64
C TRP J 714 -22.42 123.62 -161.19
N ASN J 715 -23.22 124.46 -160.54
CA ASN J 715 -23.45 125.83 -160.97
C ASN J 715 -22.76 126.78 -160.00
N ASP J 716 -21.97 127.72 -160.55
CA ASP J 716 -21.27 128.68 -159.70
C ASP J 716 -22.24 129.68 -159.06
N PHE J 717 -23.40 129.90 -159.68
CA PHE J 717 -24.40 130.77 -159.07
C PHE J 717 -24.88 130.20 -157.74
N ALA J 718 -25.04 128.88 -157.66
CA ALA J 718 -25.40 128.24 -156.40
C ALA J 718 -24.31 128.45 -155.36
N GLU J 719 -23.04 128.36 -155.76
CA GLU J 719 -21.95 128.60 -154.83
C GLU J 719 -21.96 130.03 -154.32
N ASP J 720 -22.19 130.99 -155.22
CA ASP J 720 -22.25 132.39 -154.80
C ASP J 720 -23.42 132.64 -153.84
N SER J 721 -24.58 132.05 -154.13
CA SER J 721 -25.73 132.20 -153.24
C SER J 721 -25.44 131.57 -151.88
N LEU J 722 -24.79 130.41 -151.87
CA LEU J 722 -24.42 129.77 -150.60
C LEU J 722 -23.46 130.64 -149.81
N ARG J 723 -22.48 131.25 -150.48
CA ARG J 723 -21.54 132.13 -149.79
C ARG J 723 -22.26 133.34 -149.21
N VAL J 724 -23.17 133.93 -149.99
CA VAL J 724 -23.90 135.10 -149.51
C VAL J 724 -24.76 134.74 -148.30
N ILE J 725 -25.45 133.59 -148.36
CA ILE J 725 -26.31 133.20 -147.25
C ILE J 725 -25.48 132.84 -146.02
N GLN J 726 -24.32 132.20 -146.21
CA GLN J 726 -23.45 131.91 -145.08
C GLN J 726 -22.95 133.19 -144.42
N HIS J 727 -22.58 134.19 -145.22
CA HIS J 727 -22.17 135.47 -144.65
C HIS J 727 -23.32 136.17 -143.94
N ASN J 728 -24.54 136.09 -144.48
CA ASN J 728 -25.66 136.77 -143.88
C ASN J 728 -26.20 136.05 -142.65
N ALA J 729 -25.86 134.77 -142.48
CA ALA J 729 -26.38 133.99 -141.37
C ALA J 729 -25.71 134.37 -140.05
N LEU J 730 -25.96 135.57 -139.57
CA LEU J 730 -25.45 136.06 -138.29
C LEU J 730 -26.58 136.72 -137.51
N GLU J 731 -27.73 136.04 -137.44
CA GLU J 731 -28.95 136.60 -136.87
C GLU J 731 -28.96 136.56 -135.34
N ASP J 732 -28.89 135.37 -134.77
CA ASP J 732 -29.00 135.21 -133.32
C ASP J 732 -27.62 135.09 -132.70
N ARG J 733 -27.44 135.75 -131.55
CA ARG J 733 -26.16 135.76 -130.85
C ARG J 733 -26.28 135.51 -129.35
N SER J 734 -27.48 135.35 -128.80
CA SER J 734 -27.66 135.14 -127.37
C SER J 734 -28.79 134.15 -127.15
N ILE J 735 -28.76 133.50 -125.98
CA ILE J 735 -29.77 132.54 -125.58
C ILE J 735 -30.65 133.17 -124.51
N SER J 736 -31.96 133.18 -124.76
CA SER J 736 -32.95 133.69 -123.81
C SER J 736 -33.88 132.61 -123.30
N ASP J 737 -33.56 131.34 -123.57
CA ASP J 737 -34.39 130.22 -123.17
C ASP J 737 -33.60 129.28 -122.27
N LYS J 738 -34.20 128.89 -121.15
CA LYS J 738 -33.55 127.95 -120.24
C LYS J 738 -33.37 126.59 -120.92
N GLN J 739 -34.37 126.12 -121.66
CA GLN J 739 -34.28 124.84 -122.32
C GLN J 739 -33.19 124.85 -123.40
N GLN J 740 -33.11 125.93 -124.18
CA GLN J 740 -32.05 126.04 -125.18
C GLN J 740 -30.69 126.10 -124.52
N TRP J 741 -30.59 126.80 -123.39
CA TRP J 741 -29.32 126.85 -122.65
C TRP J 741 -28.91 125.47 -122.18
N ASP J 742 -29.86 124.69 -121.66
CA ASP J 742 -29.56 123.33 -121.21
C ASP J 742 -29.16 122.44 -122.37
N ALA J 743 -29.83 122.58 -123.52
CA ALA J 743 -29.46 121.80 -124.70
C ALA J 743 -28.05 122.14 -125.17
N ALA J 744 -27.71 123.43 -125.19
CA ALA J 744 -26.36 123.84 -125.55
C ALA J 744 -25.33 123.31 -124.57
N ILE J 745 -25.67 123.32 -123.27
CA ILE J 745 -24.77 122.78 -122.26
C ILE J 745 -24.53 121.29 -122.49
N TYR J 746 -25.60 120.55 -122.78
CA TYR J 746 -25.46 119.12 -123.02
C TYR J 746 -24.64 118.82 -124.27
N PHE J 747 -24.86 119.59 -125.34
CA PHE J 747 -24.07 119.39 -126.55
C PHE J 747 -22.60 119.70 -126.31
N MET J 748 -22.32 120.79 -125.60
CA MET J 748 -20.94 121.14 -125.28
C MET J 748 -20.29 120.08 -124.39
N GLU J 749 -21.06 119.56 -123.43
CA GLU J 749 -20.54 118.49 -122.57
C GLU J 749 -20.22 117.24 -123.38
N GLU J 750 -21.09 116.88 -124.33
CA GLU J 750 -20.82 115.73 -125.19
C GLU J 750 -19.56 115.95 -126.01
N ALA J 751 -19.41 117.13 -126.60
CA ALA J 751 -18.22 117.41 -127.40
C ALA J 751 -16.96 117.37 -126.55
N LEU J 752 -17.01 117.96 -125.35
CA LEU J 752 -15.84 117.96 -124.48
C LEU J 752 -15.51 116.57 -123.98
N GLN J 753 -16.52 115.74 -123.72
CA GLN J 753 -16.27 114.36 -123.33
C GLN J 753 -15.62 113.57 -124.47
N ALA J 754 -16.07 113.81 -125.70
CA ALA J 754 -15.43 113.16 -126.84
C ALA J 754 -13.98 113.61 -126.98
N ARG J 755 -13.72 114.90 -126.81
CA ARG J 755 -12.35 115.39 -126.88
C ARG J 755 -11.50 114.80 -125.75
N LEU J 756 -12.07 114.68 -124.55
CA LEU J 756 -11.34 114.08 -123.43
C LEU J 756 -11.03 112.62 -123.70
N LYS J 757 -11.97 111.88 -124.29
CA LYS J 757 -11.71 110.48 -124.63
C LYS J 757 -10.62 110.38 -125.68
N ASP J 758 -10.63 111.26 -126.68
CA ASP J 758 -9.58 111.25 -127.69
C ASP J 758 -8.21 111.55 -127.05
N THR J 759 -8.16 112.53 -126.15
CA THR J 759 -6.91 112.86 -125.48
C THR J 759 -6.43 111.70 -124.61
N GLU J 760 -7.35 111.02 -123.93
CA GLU J 760 -6.98 109.86 -123.12
C GLU J 760 -6.43 108.74 -123.99
N ASN J 761 -7.05 108.51 -125.15
CA ASN J 761 -6.54 107.50 -126.07
C ASN J 761 -5.15 107.85 -126.57
N ALA J 762 -4.93 109.13 -126.91
CA ALA J 762 -3.60 109.56 -127.36
C ALA J 762 -2.56 109.38 -126.26
N ILE J 763 -2.92 109.74 -125.01
CA ILE J 763 -2.00 109.59 -123.89
C ILE J 763 -1.67 108.13 -123.65
N GLU J 764 -2.69 107.26 -123.72
CA GLU J 764 -2.46 105.83 -123.52
C GLU J 764 -1.58 105.26 -124.61
N ASN J 765 -1.78 105.71 -125.86
CA ASN J 765 -0.91 105.26 -126.95
C ASN J 765 0.53 105.72 -126.72
N MET J 766 0.69 106.97 -126.26
CA MET J 766 2.03 107.49 -126.02
C MET J 766 2.74 106.77 -124.87
N VAL J 767 2.01 106.44 -123.81
CA VAL J 767 2.62 105.90 -122.59
C VAL J 767 2.22 104.45 -122.37
N GLY J 768 0.92 104.21 -122.18
CA GLY J 768 0.43 102.89 -121.88
C GLY J 768 -0.43 102.86 -120.63
N PRO J 769 -0.38 101.74 -119.89
CA PRO J 769 -1.16 101.62 -118.67
C PRO J 769 -0.75 102.68 -117.64
N ASP J 770 -1.75 103.21 -116.94
CA ASP J 770 -1.54 104.28 -115.97
C ASP J 770 -2.32 103.97 -114.69
N TRP J 771 -1.71 104.28 -113.55
CA TRP J 771 -2.35 104.19 -112.23
C TRP J 771 -2.78 102.74 -112.00
N LYS J 772 -4.08 102.47 -111.81
CA LYS J 772 -4.56 101.14 -111.48
C LYS J 772 -4.22 100.13 -112.57
N LYS J 773 -4.35 100.55 -113.83
CA LYS J 773 -4.02 99.66 -114.94
C LYS J 773 -2.55 99.27 -114.92
N ARG J 774 -1.67 100.23 -114.63
CA ARG J 774 -0.24 99.94 -114.61
C ARG J 774 0.15 99.09 -113.41
N TRP J 775 -0.40 99.39 -112.23
CA TRP J 775 -0.03 98.69 -111.01
C TRP J 775 -0.84 97.44 -110.76
N LEU J 776 -1.78 97.09 -111.65
CA LEU J 776 -2.55 95.87 -111.47
C LEU J 776 -1.64 94.64 -111.55
N TYR J 777 -0.72 94.63 -112.50
CA TYR J 777 0.21 93.51 -112.63
C TYR J 777 1.28 93.56 -111.55
N TRP J 778 1.78 94.76 -111.25
CA TRP J 778 2.79 95.05 -110.23
C TRP J 778 4.16 94.47 -110.57
N LYS J 779 4.29 93.75 -111.69
CA LYS J 779 5.56 93.17 -112.09
C LYS J 779 5.98 93.54 -113.51
N ASN J 780 5.14 94.26 -114.26
CA ASN J 780 5.44 94.68 -115.62
C ASN J 780 5.83 96.15 -115.61
N ARG J 781 7.10 96.43 -115.92
CA ARG J 781 7.59 97.80 -115.96
C ARG J 781 8.52 97.96 -117.16
N THR J 782 8.43 99.12 -117.80
CA THR J 782 9.25 99.46 -118.95
C THR J 782 9.91 100.81 -118.70
N GLN J 783 11.18 100.94 -119.10
CA GLN J 783 11.91 102.18 -118.87
C GLN J 783 11.30 103.33 -119.67
N GLU J 784 10.80 103.04 -120.88
CA GLU J 784 10.22 104.08 -121.71
C GLU J 784 8.96 104.67 -121.07
N GLN J 785 8.06 103.80 -120.61
CA GLN J 785 6.85 104.27 -119.94
C GLN J 785 7.14 104.83 -118.55
N CYS J 786 8.20 104.35 -117.88
CA CYS J 786 8.57 104.92 -116.60
C CYS J 786 9.02 106.36 -116.74
N VAL J 787 9.77 106.67 -117.80
CA VAL J 787 10.19 108.05 -118.06
C VAL J 787 8.98 108.94 -118.28
N HIS J 788 8.02 108.46 -119.08
CA HIS J 788 6.81 109.23 -119.33
C HIS J 788 6.02 109.46 -118.05
N ASN J 789 5.92 108.42 -117.21
CA ASN J 789 5.22 108.55 -115.94
C ASN J 789 5.90 109.57 -115.04
N GLU J 790 7.23 109.53 -114.97
CA GLU J 790 7.96 110.51 -114.15
C GLU J 790 7.76 111.92 -114.68
N THR J 791 7.80 112.10 -116.00
CA THR J 791 7.56 113.42 -116.57
C THR J 791 6.14 113.90 -116.27
N LYS J 792 5.16 113.01 -116.37
CA LYS J 792 3.78 113.37 -116.05
C LYS J 792 3.64 113.78 -114.59
N ASN J 793 4.27 113.03 -113.68
CA ASN J 793 4.22 113.37 -112.27
C ASN J 793 4.88 114.72 -112.00
N GLU J 794 6.02 114.97 -112.64
CA GLU J 794 6.71 116.25 -112.45
C GLU J 794 5.84 117.40 -112.95
N LEU J 795 5.21 117.24 -114.11
CA LEU J 795 4.35 118.30 -114.64
C LEU J 795 3.12 118.51 -113.77
N GLU J 796 2.56 117.42 -113.23
CA GLU J 796 1.42 117.55 -112.33
C GLU J 796 1.81 118.30 -111.06
N LYS J 797 2.99 117.99 -110.51
CA LYS J 797 3.46 118.72 -109.33
C LYS J 797 3.71 120.19 -109.65
N MET J 798 4.25 120.48 -110.84
CA MET J 798 4.47 121.86 -111.24
C MET J 798 3.14 122.61 -111.36
N LEU J 799 2.12 121.97 -111.93
CA LEU J 799 0.80 122.60 -111.99
C LEU J 799 0.20 122.80 -110.60
N LYS J 800 0.40 121.83 -109.70
CA LYS J 800 -0.09 121.99 -108.34
C LYS J 800 0.58 123.18 -107.65
N CYS J 801 1.89 123.33 -107.86
CA CYS J 801 2.59 124.48 -107.29
C CYS J 801 2.28 125.76 -108.05
N ASN J 802 2.16 125.69 -109.38
CA ASN J 802 1.90 126.86 -110.23
C ASN J 802 0.78 126.49 -111.19
N GLU J 803 -0.45 126.89 -110.83
CA GLU J 803 -1.61 126.55 -111.65
C GLU J 803 -1.55 127.22 -113.01
N GLU J 804 -1.12 128.48 -113.06
CA GLU J 804 -1.07 129.24 -114.30
C GLU J 804 0.37 129.27 -114.82
N HIS J 805 0.54 128.86 -116.08
CA HIS J 805 1.86 128.82 -116.71
C HIS J 805 1.69 129.12 -118.19
N PRO J 806 2.60 129.88 -118.79
CA PRO J 806 2.51 130.14 -120.23
C PRO J 806 2.71 128.86 -121.04
N ALA J 807 2.07 128.82 -122.21
CA ALA J 807 2.15 127.64 -123.06
C ALA J 807 3.58 127.38 -123.52
N TYR J 808 4.30 128.43 -123.90
CA TYR J 808 5.68 128.28 -124.35
C TYR J 808 6.59 127.98 -123.15
N LEU J 809 7.73 127.36 -123.46
CA LEU J 809 8.72 127.01 -122.46
C LEU J 809 10.00 127.81 -122.72
N ALA J 810 10.44 128.55 -121.71
CA ALA J 810 11.67 129.32 -121.82
C ALA J 810 12.88 128.42 -121.62
N SER J 811 14.06 128.94 -122.00
CA SER J 811 15.28 128.15 -121.93
C SER J 811 15.61 127.77 -120.49
N ASP J 812 15.47 128.71 -119.55
CA ASP J 812 15.79 128.42 -118.16
C ASP J 812 14.83 127.38 -117.58
N GLU J 813 13.55 127.45 -117.95
CA GLU J 813 12.59 126.45 -117.48
C GLU J 813 12.95 125.06 -117.99
N ILE J 814 13.31 124.96 -119.26
CA ILE J 814 13.71 123.67 -119.83
C ILE J 814 14.96 123.14 -119.15
N THR J 815 15.93 124.03 -118.90
CA THR J 815 17.15 123.61 -118.22
C THR J 815 16.86 123.11 -116.81
N THR J 816 15.99 123.83 -116.08
CA THR J 816 15.63 123.41 -114.73
C THR J 816 14.92 122.06 -114.74
N VAL J 817 14.00 121.86 -115.69
CA VAL J 817 13.29 120.59 -115.77
C VAL J 817 14.25 119.45 -116.09
N ARG J 818 15.18 119.69 -117.03
CA ARG J 818 16.15 118.66 -117.37
C ARG J 818 17.06 118.33 -116.20
N LYS J 819 17.48 119.35 -115.44
CA LYS J 819 18.32 119.10 -114.28
C LYS J 819 17.55 118.32 -113.22
N ASN J 820 16.27 118.65 -113.00
CA ASN J 820 15.47 117.90 -112.04
C ASN J 820 15.32 116.45 -112.48
N LEU J 821 15.10 116.21 -113.78
CA LEU J 821 14.99 114.85 -114.27
C LEU J 821 16.30 114.08 -114.11
N GLU J 822 17.43 114.72 -114.41
CA GLU J 822 18.72 114.07 -114.32
C GLU J 822 19.23 113.93 -112.89
N SER J 823 18.60 114.63 -111.94
CA SER J 823 18.99 114.46 -110.53
C SER J 823 18.80 113.02 -110.08
N ARG J 824 17.69 112.40 -110.48
CA ARG J 824 17.43 111.00 -110.16
C ARG J 824 17.95 110.03 -111.22
N GLY J 825 18.56 110.54 -112.28
CA GLY J 825 19.15 109.68 -113.30
C GLY J 825 18.26 109.43 -114.49
N VAL J 826 17.53 110.45 -114.94
CA VAL J 826 16.65 110.35 -116.08
C VAL J 826 17.04 111.43 -117.09
N GLU J 827 17.36 111.02 -118.30
CA GLU J 827 17.71 111.93 -119.39
C GLU J 827 16.63 111.86 -120.46
N VAL J 828 16.02 113.00 -120.76
CA VAL J 828 14.91 113.08 -121.71
C VAL J 828 15.24 114.14 -122.74
N ASP J 829 14.99 113.82 -124.02
CA ASP J 829 15.23 114.77 -125.08
C ASP J 829 14.26 115.95 -124.97
N PRO J 830 14.69 117.15 -125.37
CA PRO J 830 13.80 118.32 -125.26
C PRO J 830 12.51 118.20 -126.05
N SER J 831 12.52 117.48 -127.18
CA SER J 831 11.30 117.34 -127.97
C SER J 831 10.24 116.56 -127.19
N LEU J 832 10.64 115.47 -126.54
CA LEU J 832 9.69 114.71 -125.73
C LEU J 832 9.20 115.52 -124.55
N ILE J 833 10.07 116.32 -123.93
CA ILE J 833 9.66 117.18 -122.83
C ILE J 833 8.60 118.17 -123.31
N LYS J 834 8.83 118.79 -124.47
CA LYS J 834 7.87 119.74 -125.00
C LYS J 834 6.54 119.07 -125.34
N ASP J 835 6.59 117.87 -125.92
CA ASP J 835 5.36 117.15 -126.25
C ASP J 835 4.57 116.81 -125.00
N THR J 836 5.26 116.31 -123.96
CA THR J 836 4.58 115.99 -122.71
C THR J 836 4.01 117.24 -122.06
N TRP J 837 4.75 118.35 -122.11
CA TRP J 837 4.23 119.60 -121.56
C TRP J 837 2.99 120.05 -122.31
N HIS J 838 2.99 119.94 -123.64
CA HIS J 838 1.82 120.31 -124.42
C HIS J 838 0.62 119.44 -124.07
N GLN J 839 0.84 118.13 -123.95
CA GLN J 839 -0.26 117.23 -123.60
C GLN J 839 -0.81 117.53 -122.21
N VAL J 840 0.07 117.80 -121.24
CA VAL J 840 -0.37 118.11 -119.89
C VAL J 840 -1.11 119.44 -119.86
N TYR J 841 -0.64 120.41 -120.65
CA TYR J 841 -1.32 121.71 -120.75
C TYR J 841 -2.72 121.54 -121.32
N ARG J 842 -2.84 120.72 -122.38
CA ARG J 842 -4.15 120.45 -122.96
C ARG J 842 -5.07 119.76 -121.96
N ARG J 843 -4.54 118.79 -121.21
CA ARG J 843 -5.36 118.10 -120.21
C ARG J 843 -5.81 119.06 -119.12
N HIS J 844 -4.92 119.93 -118.66
CA HIS J 844 -5.27 120.90 -117.63
C HIS J 844 -6.36 121.84 -118.10
N PHE J 845 -6.25 122.33 -119.34
CA PHE J 845 -7.30 123.21 -119.85
C PHE J 845 -8.60 122.46 -120.12
N LEU J 846 -8.52 121.17 -120.47
CA LEU J 846 -9.74 120.37 -120.57
C LEU J 846 -10.44 120.25 -119.23
N LYS J 847 -9.67 120.00 -118.17
CA LYS J 847 -10.25 119.94 -116.82
C LYS J 847 -10.83 121.29 -116.42
N THR J 848 -10.14 122.39 -116.75
CA THR J 848 -10.65 123.72 -116.46
C THR J 848 -11.95 123.98 -117.20
N ALA J 849 -12.03 123.57 -118.47
CA ALA J 849 -13.26 123.72 -119.23
C ALA J 849 -14.39 122.89 -118.62
N LEU J 850 -14.08 121.69 -118.16
CA LEU J 850 -15.10 120.87 -117.50
C LEU J 850 -15.61 121.54 -116.24
N ASN J 851 -14.70 122.11 -115.44
CA ASN J 851 -15.12 122.84 -114.24
C ASN J 851 -15.97 124.06 -114.61
N HIS J 852 -15.59 124.76 -115.68
CA HIS J 852 -16.37 125.90 -116.14
C HIS J 852 -17.77 125.48 -116.57
N CYS J 853 -17.87 124.34 -117.25
CA CYS J 853 -19.18 123.81 -117.62
C CYS J 853 -20.01 123.46 -116.39
N ASN J 854 -19.38 122.84 -115.39
CA ASN J 854 -20.09 122.53 -114.15
C ASN J 854 -20.60 123.79 -113.48
N LEU J 855 -19.79 124.84 -113.46
CA LEU J 855 -20.23 126.11 -112.88
C LEU J 855 -21.36 126.73 -113.70
N CYS J 856 -21.25 126.72 -115.02
CA CYS J 856 -22.27 127.31 -115.87
C CYS J 856 -23.58 126.53 -115.83
N ARG J 857 -23.53 125.26 -115.43
CA ARG J 857 -24.76 124.49 -115.27
C ARG J 857 -25.70 125.09 -114.24
N ARG J 858 -25.15 125.86 -113.29
CA ARG J 858 -25.99 126.51 -112.25
C ARG J 858 -25.90 128.03 -112.39
N GLY J 859 -24.94 128.51 -113.18
CA GLY J 859 -24.75 129.94 -113.35
C GLY J 859 -25.68 130.62 -114.32
N PHE J 860 -26.78 129.98 -114.71
CA PHE J 860 -27.75 130.63 -115.60
C PHE J 860 -28.38 131.86 -114.97
N TYR J 861 -28.50 131.90 -113.64
CA TYR J 861 -29.02 133.10 -112.98
C TYR J 861 -28.12 134.29 -113.22
N TYR J 862 -26.80 134.10 -113.08
CA TYR J 862 -25.85 135.17 -113.40
C TYR J 862 -25.86 135.49 -114.88
N TYR J 863 -25.91 134.46 -115.73
CA TYR J 863 -25.83 134.66 -117.17
C TYR J 863 -27.01 135.47 -117.69
N GLN J 864 -28.22 135.15 -117.24
CA GLN J 864 -29.42 135.79 -117.78
C GLN J 864 -29.45 137.28 -117.47
N ARG J 865 -29.08 137.67 -116.24
CA ARG J 865 -29.17 139.06 -115.83
C ARG J 865 -27.88 139.84 -116.05
N HIS J 866 -26.74 139.17 -116.17
CA HIS J 866 -25.45 139.82 -116.39
C HIS J 866 -25.15 140.85 -115.31
N PHE J 867 -24.99 140.35 -114.08
CA PHE J 867 -24.71 141.22 -112.95
C PHE J 867 -23.35 141.89 -113.10
N VAL J 868 -23.23 143.08 -112.52
CA VAL J 868 -21.97 143.83 -112.59
C VAL J 868 -20.86 143.05 -111.90
N ASP J 869 -21.13 142.53 -110.71
CA ASP J 869 -20.16 141.72 -109.97
C ASP J 869 -20.35 140.23 -110.27
N SER J 870 -20.33 139.88 -111.56
CA SER J 870 -20.53 138.50 -111.95
C SER J 870 -19.32 137.66 -111.60
N GLU J 871 -19.55 136.53 -110.94
CA GLU J 871 -18.50 135.59 -110.58
C GLU J 871 -18.26 134.52 -111.63
N LEU J 872 -18.98 134.58 -112.75
CA LEU J 872 -18.87 133.56 -113.79
C LEU J 872 -19.26 134.17 -115.12
N GLU J 873 -18.42 134.01 -116.13
CA GLU J 873 -18.67 134.52 -117.47
C GLU J 873 -18.78 133.33 -118.42
N CYS J 874 -20.01 132.93 -118.71
CA CYS J 874 -20.27 131.79 -119.60
C CYS J 874 -20.35 132.31 -121.03
N ASN J 875 -19.28 132.11 -121.79
CA ASN J 875 -19.22 132.50 -123.19
C ASN J 875 -19.03 131.32 -124.13
N ASP J 876 -18.40 130.24 -123.69
CA ASP J 876 -18.22 129.07 -124.55
C ASP J 876 -19.56 128.46 -124.93
N VAL J 877 -20.50 128.43 -123.98
CA VAL J 877 -21.82 127.88 -124.27
C VAL J 877 -22.51 128.68 -125.37
N VAL J 878 -22.46 130.01 -125.25
CA VAL J 878 -23.08 130.87 -126.25
C VAL J 878 -22.40 130.70 -127.60
N LEU J 879 -21.07 130.63 -127.61
CA LEU J 879 -20.35 130.45 -128.87
C LEU J 879 -20.71 129.13 -129.53
N PHE J 880 -20.78 128.04 -128.75
CA PHE J 880 -21.12 126.74 -129.30
C PHE J 880 -22.56 126.73 -129.82
N TRP J 881 -23.48 127.39 -129.11
CA TRP J 881 -24.85 127.48 -129.60
C TRP J 881 -24.93 128.26 -130.90
N ARG J 882 -24.17 129.36 -131.00
CA ARG J 882 -24.12 130.12 -132.25
C ARG J 882 -23.58 129.28 -133.39
N ILE J 883 -22.51 128.52 -133.13
CA ILE J 883 -21.95 127.64 -134.15
C ILE J 883 -22.98 126.60 -134.57
N GLN J 884 -23.69 126.02 -133.60
CA GLN J 884 -24.68 125.00 -133.92
C GLN J 884 -25.81 125.55 -134.78
N ARG J 885 -26.32 126.74 -134.42
CA ARG J 885 -27.42 127.30 -135.21
C ARG J 885 -26.95 127.73 -136.59
N MET J 886 -25.73 128.26 -136.69
CA MET J 886 -25.19 128.61 -138.00
C MET J 886 -25.02 127.37 -138.88
N LEU J 887 -24.53 126.27 -138.28
CA LEU J 887 -24.39 125.02 -139.02
C LEU J 887 -25.75 124.49 -139.46
N ALA J 888 -26.76 124.59 -138.60
CA ALA J 888 -28.10 124.15 -138.97
C ALA J 888 -28.64 124.98 -140.14
N ILE J 889 -28.45 126.30 -140.10
CA ILE J 889 -28.91 127.16 -141.18
C ILE J 889 -28.19 126.81 -142.48
N THR J 890 -26.88 126.60 -142.40
CA THR J 890 -26.11 126.25 -143.58
C THR J 890 -26.55 124.91 -144.16
N ALA J 891 -26.82 123.93 -143.30
CA ALA J 891 -27.28 122.63 -143.77
C ALA J 891 -28.65 122.73 -144.42
N ASN J 892 -29.55 123.53 -143.83
CA ASN J 892 -30.87 123.71 -144.44
C ASN J 892 -30.76 124.38 -145.81
N THR J 893 -29.91 125.40 -145.92
CA THR J 893 -29.71 126.06 -147.19
C THR J 893 -29.11 125.11 -148.22
N LEU J 894 -28.15 124.30 -147.81
CA LEU J 894 -27.54 123.33 -148.71
C LEU J 894 -28.57 122.32 -149.20
N ARG J 895 -29.41 121.83 -148.28
CA ARG J 895 -30.45 120.87 -148.68
C ARG J 895 -31.44 121.50 -149.65
N GLN J 896 -31.85 122.74 -149.37
CA GLN J 896 -32.79 123.41 -150.26
C GLN J 896 -32.21 123.61 -151.65
N GLN J 897 -30.97 124.09 -151.72
CA GLN J 897 -30.33 124.30 -153.03
C GLN J 897 -30.12 122.98 -153.76
N LEU J 898 -29.76 121.93 -153.02
CA LEU J 898 -29.60 120.61 -153.63
C LEU J 898 -30.91 120.14 -154.24
N THR J 899 -31.99 120.16 -153.45
CA THR J 899 -33.30 119.76 -153.96
C THR J 899 -33.73 120.62 -155.15
N ASN J 900 -33.36 121.89 -155.16
CA ASN J 900 -33.76 122.77 -156.25
C ASN J 900 -33.01 122.46 -157.54
N THR J 901 -31.70 122.25 -157.46
CA THR J 901 -30.87 122.18 -158.67
C THR J 901 -30.23 120.82 -158.89
N GLU J 902 -29.56 120.27 -157.88
CA GLU J 902 -28.74 119.08 -158.10
C GLU J 902 -29.58 117.84 -158.32
N VAL J 903 -30.77 117.77 -157.72
CA VAL J 903 -31.66 116.64 -157.97
C VAL J 903 -32.08 116.63 -159.44
N ARG J 904 -32.44 117.79 -159.97
CA ARG J 904 -32.82 117.88 -161.38
C ARG J 904 -31.62 117.58 -162.28
N ARG J 905 -30.43 118.05 -161.91
CA ARG J 905 -29.24 117.76 -162.70
C ARG J 905 -28.94 116.26 -162.73
N LEU J 906 -29.04 115.60 -161.58
CA LEU J 906 -28.81 114.16 -161.52
C LEU J 906 -29.86 113.41 -162.31
N GLU J 907 -31.12 113.84 -162.24
CA GLU J 907 -32.17 113.22 -163.05
C GLU J 907 -31.88 113.36 -164.53
N LYS J 908 -31.44 114.55 -164.96
CA LYS J 908 -31.09 114.75 -166.37
C LYS J 908 -29.93 113.86 -166.79
N ASN J 909 -28.90 113.75 -165.94
CA ASN J 909 -27.77 112.89 -166.26
C ASN J 909 -28.20 111.43 -166.36
N VAL J 910 -29.05 110.97 -165.44
CA VAL J 910 -29.54 109.60 -165.47
C VAL J 910 -30.35 109.35 -166.73
N LYS J 911 -31.20 110.31 -167.11
CA LYS J 911 -31.98 110.17 -168.34
C LYS J 911 -31.09 110.09 -169.56
N GLU J 912 -30.04 110.94 -169.62
CA GLU J 912 -29.12 110.90 -170.74
C GLU J 912 -28.39 109.57 -170.81
N VAL J 913 -27.93 109.06 -169.67
CA VAL J 913 -27.23 107.79 -169.64
C VAL J 913 -28.15 106.66 -170.09
N LEU J 914 -29.40 106.67 -169.62
CA LEU J 914 -30.35 105.63 -170.01
C LEU J 914 -30.66 105.69 -171.50
N GLU J 915 -30.81 106.91 -172.04
CA GLU J 915 -31.05 107.04 -173.48
C GLU J 915 -29.87 106.55 -174.29
N ASP J 916 -28.65 106.88 -173.85
CA ASP J 916 -27.45 106.42 -174.55
C ASP J 916 -27.35 104.90 -174.51
N PHE J 917 -27.67 104.29 -173.37
CA PHE J 917 -27.65 102.84 -173.27
C PHE J 917 -28.72 102.20 -174.16
N ALA J 918 -29.91 102.78 -174.19
CA ALA J 918 -30.99 102.24 -175.00
C ALA J 918 -30.66 102.34 -176.49
N GLU J 919 -30.08 103.45 -176.91
CA GLU J 919 -29.74 103.66 -178.32
C GLU J 919 -28.48 102.91 -178.75
N ASP J 920 -27.93 102.05 -177.89
CA ASP J 920 -26.73 101.28 -178.20
C ASP J 920 -26.91 99.87 -177.63
N GLY J 921 -27.38 98.95 -178.46
CA GLY J 921 -27.54 97.57 -178.03
C GLY J 921 -26.23 96.83 -177.87
N GLU J 922 -25.16 97.29 -178.54
CA GLU J 922 -23.86 96.66 -178.36
C GLU J 922 -23.36 96.84 -176.94
N LYS J 923 -23.59 98.01 -176.34
CA LYS J 923 -23.22 98.22 -174.95
C LYS J 923 -24.00 97.28 -174.03
N LYS J 924 -25.29 97.08 -174.31
CA LYS J 924 -26.08 96.15 -173.51
C LYS J 924 -25.55 94.73 -173.64
N ILE J 925 -25.16 94.32 -174.85
CA ILE J 925 -24.60 92.98 -175.04
C ILE J 925 -23.29 92.85 -174.28
N LYS J 926 -22.44 93.87 -174.34
CA LYS J 926 -21.14 93.81 -173.66
C LYS J 926 -21.31 93.76 -172.15
N LEU J 927 -22.27 94.53 -171.62
CA LEU J 927 -22.45 94.59 -170.17
C LEU J 927 -23.32 93.47 -169.64
N LEU J 928 -24.52 93.29 -170.20
CA LEU J 928 -25.46 92.27 -169.73
C LEU J 928 -24.99 90.91 -170.26
N THR J 929 -24.00 90.34 -169.58
CA THR J 929 -23.46 89.03 -169.92
C THR J 929 -23.83 87.98 -168.87
N GLY J 930 -24.91 88.23 -168.12
CA GLY J 930 -25.34 87.28 -167.13
C GLY J 930 -25.91 86.01 -167.74
N LYS J 931 -25.99 84.97 -166.90
CA LYS J 931 -26.50 83.69 -167.36
C LYS J 931 -27.96 83.80 -167.80
N ARG J 932 -28.78 84.53 -167.04
CA ARG J 932 -30.18 84.70 -167.40
C ARG J 932 -30.33 85.41 -168.74
N VAL J 933 -29.55 86.48 -168.96
CA VAL J 933 -29.64 87.24 -170.20
C VAL J 933 -29.26 86.37 -171.39
N GLN J 934 -28.16 85.63 -171.26
CA GLN J 934 -27.71 84.77 -172.34
C GLN J 934 -28.72 83.66 -172.63
N LEU J 935 -29.27 83.06 -171.57
CA LEU J 935 -30.26 81.99 -171.77
C LEU J 935 -31.52 82.53 -172.44
N ALA J 936 -31.98 83.71 -172.03
CA ALA J 936 -33.16 84.30 -172.66
C ALA J 936 -32.89 84.63 -174.13
N GLU J 937 -31.71 85.17 -174.42
CA GLU J 937 -31.36 85.48 -175.80
C GLU J 937 -31.30 84.21 -176.66
N ASP J 938 -30.71 83.15 -176.13
CA ASP J 938 -30.65 81.89 -176.86
C ASP J 938 -32.04 81.32 -177.09
N LEU J 939 -32.91 81.37 -176.08
CA LEU J 939 -34.26 80.87 -176.23
C LEU J 939 -35.03 81.67 -177.28
N LYS J 940 -34.89 83.00 -177.26
CA LYS J 940 -35.56 83.83 -178.26
C LYS J 940 -35.05 83.54 -179.66
N LYS J 941 -33.73 83.38 -179.81
CA LYS J 941 -33.18 83.06 -181.13
C LYS J 941 -33.65 81.71 -181.62
N VAL J 942 -33.70 80.72 -180.73
CA VAL J 942 -34.18 79.39 -181.12
C VAL J 942 -35.65 79.46 -181.53
N ARG J 943 -36.46 80.20 -180.79
CA ARG J 943 -37.88 80.34 -181.14
C ARG J 943 -38.04 81.02 -182.50
N GLU J 944 -37.24 82.07 -182.75
CA GLU J 944 -37.32 82.75 -184.04
C GLU J 944 -36.89 81.83 -185.18
N ILE J 945 -35.83 81.05 -184.97
CA ILE J 945 -35.37 80.12 -185.99
C ILE J 945 -36.44 79.06 -186.27
N GLN J 946 -37.06 78.53 -185.23
CA GLN J 946 -38.11 77.54 -185.42
C GLN J 946 -39.32 78.13 -186.13
N GLU J 947 -39.69 79.37 -185.81
CA GLU J 947 -40.79 80.01 -186.51
C GLU J 947 -40.47 80.22 -187.99
N LYS J 948 -39.23 80.63 -188.29
CA LYS J 948 -38.82 80.80 -189.69
C LYS J 948 -38.85 79.46 -190.42
N LEU J 949 -38.40 78.39 -189.76
CA LEU J 949 -38.41 77.08 -190.39
C LEU J 949 -39.84 76.59 -190.63
N ASP J 950 -40.74 76.87 -189.67
CA ASP J 950 -42.15 76.51 -189.86
C ASP J 950 -42.75 77.27 -191.03
N ALA J 951 -42.42 78.57 -191.15
CA ALA J 951 -42.90 79.34 -192.29
C ALA J 951 -42.35 78.79 -193.59
N PHE J 952 -41.08 78.39 -193.61
CA PHE J 952 -40.50 77.76 -194.80
C PHE J 952 -41.22 76.47 -195.15
N ILE J 953 -41.52 75.63 -194.15
CA ILE J 953 -42.21 74.37 -194.40
C ILE J 953 -43.61 74.64 -194.96
N GLU J 954 -44.32 75.61 -194.38
CA GLU J 954 -45.65 75.95 -194.86
C GLU J 954 -45.60 76.47 -196.30
N ALA J 955 -44.62 77.33 -196.62
CA ALA J 955 -44.50 77.84 -197.98
C ALA J 955 -44.17 76.73 -198.97
N LEU J 956 -43.29 75.81 -198.58
CA LEU J 956 -42.95 74.69 -199.44
C LEU J 956 -44.16 73.80 -199.69
N HIS J 957 -44.95 73.54 -198.64
CA HIS J 957 -46.14 72.71 -198.79
C HIS J 957 -47.17 73.39 -199.68
N GLN J 958 -47.36 74.71 -199.51
CA GLN J 958 -48.32 75.43 -200.34
C GLN J 958 -47.88 75.48 -201.81
N GLU J 959 -46.59 75.71 -202.05
CA GLU J 959 -46.12 75.79 -203.43
C GLU J 959 -46.25 74.44 -204.14
N LYS J 960 -45.96 73.36 -203.41
CA LYS J 960 -46.09 72.00 -203.99
C LYS J 960 -47.49 71.45 -203.68
N SER K 263 19.46 -19.78 -213.59
CA SER K 263 20.43 -19.02 -212.82
C SER K 263 19.81 -18.48 -211.54
N LEU K 264 19.77 -17.15 -211.42
CA LEU K 264 19.18 -16.53 -210.23
C LEU K 264 17.68 -16.84 -210.14
N ILE K 265 16.97 -16.80 -211.26
CA ILE K 265 15.54 -17.03 -211.24
C ILE K 265 15.22 -18.48 -210.85
N ASP K 266 16.01 -19.44 -211.34
CA ASP K 266 15.79 -20.83 -210.98
C ASP K 266 16.03 -21.06 -209.49
N MET K 267 17.09 -20.47 -208.94
CA MET K 267 17.37 -20.62 -207.53
C MET K 267 16.29 -19.94 -206.67
N TYR K 268 15.80 -18.79 -207.12
CA TYR K 268 14.72 -18.11 -206.41
C TYR K 268 13.45 -18.97 -206.43
N SER K 269 13.15 -19.58 -207.57
CA SER K 269 11.99 -20.46 -207.65
C SER K 269 12.15 -21.67 -206.73
N GLU K 270 13.36 -22.23 -206.67
CA GLU K 270 13.62 -23.34 -205.75
C GLU K 270 13.43 -22.92 -204.30
N VAL K 271 13.91 -21.71 -203.96
CA VAL K 271 13.74 -21.20 -202.59
C VAL K 271 12.26 -21.02 -202.27
N LEU K 272 11.49 -20.48 -203.22
CA LEU K 272 10.06 -20.31 -203.01
C LEU K 272 9.37 -21.66 -202.83
N ASP K 273 9.78 -22.66 -203.62
CA ASP K 273 9.21 -24.00 -203.49
C ASP K 273 9.53 -24.59 -202.11
N VAL K 274 10.76 -24.40 -201.64
CA VAL K 274 11.13 -24.88 -200.32
C VAL K 274 10.30 -24.19 -199.24
N LEU K 275 10.12 -22.88 -199.37
CA LEU K 275 9.30 -22.15 -198.41
C LEU K 275 7.86 -22.64 -198.41
N SER K 276 7.31 -22.90 -199.59
CA SER K 276 5.95 -23.41 -199.68
C SER K 276 5.83 -24.80 -199.06
N ASP K 277 6.82 -25.67 -199.29
CA ASP K 277 6.82 -27.00 -198.72
C ASP K 277 7.18 -27.02 -197.24
N TYR K 278 7.64 -25.89 -196.70
CA TYR K 278 7.99 -25.83 -195.28
C TYR K 278 6.76 -26.10 -194.40
N ASP K 279 5.64 -25.50 -194.74
CA ASP K 279 4.41 -25.70 -193.98
C ASP K 279 3.21 -25.38 -194.86
N ALA K 280 2.07 -25.98 -194.52
CA ALA K 280 0.84 -25.72 -195.25
C ALA K 280 0.24 -24.35 -194.92
N SER K 281 0.63 -23.77 -193.78
CA SER K 281 0.15 -22.45 -193.39
C SER K 281 0.99 -21.38 -194.07
N TYR K 282 0.81 -20.13 -193.66
CA TYR K 282 1.53 -18.98 -194.23
C TYR K 282 2.20 -18.22 -193.08
N ASN K 283 3.42 -18.64 -192.74
CA ASN K 283 4.21 -17.99 -191.71
C ASN K 283 5.47 -17.34 -192.27
N THR K 284 6.29 -18.10 -192.97
CA THR K 284 7.48 -17.56 -193.62
C THR K 284 7.31 -17.38 -195.13
N GLN K 285 6.19 -17.82 -195.69
CA GLN K 285 5.94 -17.68 -197.12
C GLN K 285 5.59 -16.25 -197.51
N ASP K 286 5.20 -15.41 -196.55
CA ASP K 286 4.83 -14.03 -196.81
C ASP K 286 6.02 -13.07 -196.72
N HIS K 287 7.22 -13.59 -196.52
CA HIS K 287 8.40 -12.73 -196.44
C HIS K 287 8.88 -12.32 -197.83
N LEU K 288 9.20 -13.30 -198.67
CA LEU K 288 9.65 -13.00 -200.02
C LEU K 288 8.46 -12.56 -200.88
N PRO K 289 8.65 -11.56 -201.75
CA PRO K 289 7.56 -11.14 -202.63
C PRO K 289 7.14 -12.26 -203.58
N ARG K 290 5.83 -12.30 -203.85
CA ARG K 290 5.27 -13.31 -204.75
C ARG K 290 4.20 -12.64 -205.60
N VAL K 291 4.41 -12.61 -206.91
CA VAL K 291 3.44 -12.04 -207.84
C VAL K 291 2.29 -13.03 -207.99
N VAL K 292 1.12 -12.67 -207.49
CA VAL K 292 -0.05 -13.53 -207.49
C VAL K 292 -1.08 -12.94 -208.44
N VAL K 293 -1.59 -13.77 -209.36
CA VAL K 293 -2.61 -13.36 -210.32
C VAL K 293 -3.95 -13.90 -209.84
N VAL K 294 -4.87 -12.99 -209.51
CA VAL K 294 -6.19 -13.34 -209.02
C VAL K 294 -7.23 -12.73 -209.94
N GLY K 295 -8.19 -13.54 -210.37
CA GLY K 295 -9.26 -13.07 -211.23
C GLY K 295 -10.64 -13.49 -210.77
N ASP K 296 -11.63 -13.33 -211.64
CA ASP K 296 -13.01 -13.71 -211.33
C ASP K 296 -13.38 -14.98 -212.07
N GLN K 297 -14.43 -15.63 -211.59
CA GLN K 297 -14.89 -16.87 -212.21
C GLN K 297 -15.53 -16.58 -213.56
N SER K 298 -15.13 -17.35 -214.58
CA SER K 298 -15.63 -17.20 -215.94
C SER K 298 -15.42 -15.79 -216.47
N ALA K 299 -14.28 -15.19 -216.11
CA ALA K 299 -13.93 -13.84 -216.53
C ALA K 299 -12.91 -13.83 -217.66
N GLY K 300 -12.62 -14.98 -218.26
CA GLY K 300 -11.65 -15.03 -219.33
C GLY K 300 -10.21 -14.92 -218.90
N LYS K 301 -9.92 -15.08 -217.61
CA LYS K 301 -8.54 -14.97 -217.14
C LYS K 301 -7.67 -16.11 -217.67
N THR K 302 -8.28 -17.25 -218.02
CA THR K 302 -7.52 -18.36 -218.57
C THR K 302 -6.85 -17.99 -219.89
N SER K 303 -7.58 -17.29 -220.76
CA SER K 303 -7.01 -16.88 -222.04
C SER K 303 -5.86 -15.90 -221.83
N VAL K 304 -6.02 -14.95 -220.91
CA VAL K 304 -4.95 -14.00 -220.63
C VAL K 304 -3.71 -14.70 -220.07
N LEU K 305 -3.92 -15.65 -219.16
CA LEU K 305 -2.79 -16.40 -218.60
C LEU K 305 -2.09 -17.21 -219.69
N GLU K 306 -2.86 -17.83 -220.59
CA GLU K 306 -2.26 -18.58 -221.68
C GLU K 306 -1.46 -17.66 -222.61
N MET K 307 -2.00 -16.47 -222.89
CA MET K 307 -1.29 -15.52 -223.75
C MET K 307 -0.02 -15.00 -223.08
N ILE K 308 -0.03 -14.90 -221.75
CA ILE K 308 1.17 -14.48 -221.03
C ILE K 308 2.31 -15.47 -221.25
N ALA K 309 2.02 -16.77 -221.15
CA ALA K 309 3.01 -17.80 -221.41
C ALA K 309 3.11 -18.16 -222.89
N GLN K 310 2.28 -17.55 -223.75
CA GLN K 310 2.29 -17.80 -225.19
C GLN K 310 2.03 -19.28 -225.52
N ALA K 311 1.24 -19.94 -224.67
CA ALA K 311 0.90 -21.35 -224.88
C ALA K 311 -0.36 -21.68 -224.09
N ARG K 312 -1.15 -22.59 -224.63
CA ARG K 312 -2.37 -23.04 -223.97
C ARG K 312 -2.02 -24.18 -223.02
N ILE K 313 -1.82 -23.85 -221.75
CA ILE K 313 -1.46 -24.84 -220.75
C ILE K 313 -2.53 -25.03 -219.68
N PHE K 314 -3.44 -24.08 -219.49
CA PHE K 314 -4.50 -24.21 -218.50
C PHE K 314 -5.73 -24.81 -219.14
N PRO K 315 -6.23 -25.95 -218.65
CA PRO K 315 -7.44 -26.53 -219.24
C PRO K 315 -8.65 -25.61 -219.09
N ARG K 316 -9.50 -25.64 -220.10
CA ARG K 316 -10.70 -24.80 -220.11
C ARG K 316 -11.82 -25.45 -219.31
N GLY K 317 -12.66 -24.60 -218.71
CA GLY K 317 -13.77 -25.08 -217.92
C GLY K 317 -15.08 -24.40 -218.27
N SER K 318 -16.11 -25.21 -218.57
CA SER K 318 -17.42 -24.68 -218.94
C SER K 318 -18.23 -24.45 -217.67
N GLY K 319 -17.90 -23.36 -216.98
CA GLY K 319 -18.57 -22.97 -215.75
C GLY K 319 -17.97 -23.56 -214.49
N GLU K 320 -17.56 -24.83 -214.55
CA GLU K 320 -16.97 -25.48 -213.39
C GLU K 320 -15.60 -24.88 -213.07
N MET K 321 -15.29 -24.80 -211.78
CA MET K 321 -14.02 -24.26 -211.32
C MET K 321 -12.96 -25.36 -211.40
N MET K 322 -12.28 -25.43 -212.54
CA MET K 322 -11.25 -26.44 -212.74
C MET K 322 -10.07 -26.22 -211.80
N THR K 323 -9.66 -24.97 -211.61
CA THR K 323 -8.53 -24.64 -210.75
C THR K 323 -9.01 -24.61 -209.31
N ARG K 324 -8.64 -25.64 -208.54
CA ARG K 324 -9.01 -25.74 -207.14
C ARG K 324 -7.81 -25.68 -206.20
N SER K 325 -6.59 -25.63 -206.73
CA SER K 325 -5.38 -25.55 -205.93
C SER K 325 -4.48 -24.47 -206.48
N PRO K 326 -3.66 -23.84 -205.62
CA PRO K 326 -2.74 -22.82 -206.11
C PRO K 326 -1.75 -23.39 -207.11
N VAL K 327 -1.46 -22.61 -208.15
CA VAL K 327 -0.56 -23.01 -209.23
C VAL K 327 0.55 -21.97 -209.32
N LYS K 328 1.80 -22.44 -209.29
CA LYS K 328 2.96 -21.57 -209.39
C LYS K 328 3.52 -21.65 -210.81
N VAL K 329 3.63 -20.50 -211.47
CA VAL K 329 4.18 -20.40 -212.81
C VAL K 329 5.44 -19.56 -212.73
N THR K 330 6.58 -20.19 -213.01
CA THR K 330 7.89 -19.52 -212.98
C THR K 330 8.31 -19.22 -214.42
N LEU K 331 8.37 -17.93 -214.75
CA LEU K 331 8.78 -17.50 -216.08
C LEU K 331 10.30 -17.40 -216.14
N SER K 332 10.90 -18.09 -217.09
CA SER K 332 12.35 -18.08 -217.27
C SER K 332 12.67 -18.45 -218.71
N GLU K 333 13.96 -18.51 -219.02
CA GLU K 333 14.43 -18.84 -220.36
C GLU K 333 15.38 -20.03 -220.27
N GLY K 334 15.15 -21.02 -221.12
CA GLY K 334 15.98 -22.20 -221.14
C GLY K 334 16.40 -22.59 -222.55
N PRO K 335 17.05 -23.74 -222.68
CA PRO K 335 17.45 -24.21 -224.02
C PRO K 335 16.28 -24.43 -224.97
N HIS K 336 15.13 -24.86 -224.44
CA HIS K 336 13.96 -25.11 -225.26
C HIS K 336 12.73 -24.52 -224.58
N HIS K 337 11.72 -24.21 -225.40
CA HIS K 337 10.46 -23.64 -224.91
C HIS K 337 9.57 -24.76 -224.38
N VAL K 338 10.00 -25.34 -223.25
CA VAL K 338 9.30 -26.45 -222.62
C VAL K 338 8.96 -26.06 -221.18
N ALA K 339 8.14 -26.89 -220.55
CA ALA K 339 7.75 -26.72 -219.16
C ALA K 339 8.15 -27.94 -218.35
N LEU K 340 8.77 -27.69 -217.20
CA LEU K 340 9.25 -28.76 -216.33
C LEU K 340 8.79 -28.49 -214.90
N PHE K 341 8.29 -29.52 -214.24
CA PHE K 341 7.87 -29.41 -212.85
C PHE K 341 9.06 -29.58 -211.92
N LYS K 342 8.85 -29.23 -210.65
CA LYS K 342 9.90 -29.38 -209.64
C LYS K 342 10.22 -30.86 -209.41
N ASP K 343 9.19 -31.71 -209.34
CA ASP K 343 9.36 -33.12 -209.05
C ASP K 343 9.13 -34.00 -210.28
N SER K 344 9.36 -33.46 -211.47
CA SER K 344 9.18 -34.20 -212.71
C SER K 344 10.42 -34.05 -213.58
N SER K 345 10.60 -35.02 -214.47
CA SER K 345 11.74 -35.02 -215.39
C SER K 345 11.34 -34.92 -216.86
N ARG K 346 10.05 -34.97 -217.17
CA ARG K 346 9.59 -34.87 -218.55
C ARG K 346 9.38 -33.41 -218.92
N GLU K 347 10.00 -33.00 -220.03
CA GLU K 347 9.91 -31.61 -220.50
C GLU K 347 8.68 -31.49 -221.39
N PHE K 348 7.62 -30.90 -220.86
CA PHE K 348 6.38 -30.70 -221.61
C PHE K 348 6.56 -29.52 -222.55
N ASP K 349 6.64 -29.82 -223.85
CA ASP K 349 6.80 -28.76 -224.84
C ASP K 349 5.54 -27.91 -224.93
N LEU K 350 5.74 -26.61 -225.18
CA LEU K 350 4.66 -25.65 -225.26
C LEU K 350 4.23 -25.36 -226.69
N THR K 351 4.75 -26.11 -227.67
CA THR K 351 4.43 -25.91 -229.08
C THR K 351 3.56 -27.02 -229.66
N LYS K 352 3.98 -28.27 -229.51
CA LYS K 352 3.21 -29.39 -230.05
C LYS K 352 1.89 -29.55 -229.31
N GLU K 353 0.84 -29.88 -230.07
CA GLU K 353 -0.48 -30.06 -229.46
C GLU K 353 -0.51 -31.25 -228.51
N GLU K 354 0.16 -32.35 -228.88
CA GLU K 354 0.19 -33.52 -228.03
C GLU K 354 0.89 -33.22 -226.70
N ASP K 355 2.01 -32.50 -226.74
CA ASP K 355 2.70 -32.14 -225.51
C ASP K 355 1.86 -31.22 -224.65
N LEU K 356 1.14 -30.27 -225.27
CA LEU K 356 0.25 -29.39 -224.50
C LEU K 356 -0.87 -30.19 -223.84
N ALA K 357 -1.45 -31.15 -224.57
CA ALA K 357 -2.49 -31.99 -224.00
C ALA K 357 -1.96 -32.82 -222.85
N ALA K 358 -0.75 -33.37 -222.98
CA ALA K 358 -0.15 -34.13 -221.90
C ALA K 358 0.11 -33.25 -220.68
N LEU K 359 0.57 -32.02 -220.90
CA LEU K 359 0.79 -31.10 -219.80
C LEU K 359 -0.51 -30.75 -219.09
N ARG K 360 -1.58 -30.52 -219.86
CA ARG K 360 -2.88 -30.23 -219.26
C ARG K 360 -3.39 -31.43 -218.46
N HIS K 361 -3.21 -32.64 -218.99
CA HIS K 361 -3.63 -33.84 -218.27
C HIS K 361 -2.85 -34.00 -216.98
N GLU K 362 -1.54 -33.74 -217.01
CA GLU K 362 -0.73 -33.82 -215.80
C GLU K 362 -1.16 -32.78 -214.78
N ILE K 363 -1.47 -31.57 -215.23
CA ILE K 363 -1.93 -30.52 -214.32
C ILE K 363 -3.26 -30.92 -213.68
N GLU K 364 -4.17 -31.48 -214.49
CA GLU K 364 -5.45 -31.92 -213.95
C GLU K 364 -5.27 -33.05 -212.94
N LEU K 365 -4.37 -33.99 -213.24
CA LEU K 365 -4.11 -35.08 -212.30
C LEU K 365 -3.53 -34.56 -210.99
N ARG K 366 -2.60 -33.59 -211.08
CA ARG K 366 -2.04 -33.01 -209.87
C ARG K 366 -3.11 -32.26 -209.07
N MET K 367 -4.00 -31.55 -209.74
CA MET K 367 -5.09 -30.86 -209.05
C MET K 367 -6.01 -31.85 -208.35
N ARG K 368 -6.35 -32.95 -209.04
CA ARG K 368 -7.22 -33.96 -208.44
C ARG K 368 -6.56 -34.64 -207.25
N LYS K 369 -5.25 -34.91 -207.35
CA LYS K 369 -4.54 -35.57 -206.25
C LYS K 369 -4.54 -34.69 -205.01
N ASN K 370 -4.29 -33.39 -205.17
CA ASN K 370 -4.26 -32.49 -204.01
C ASN K 370 -5.63 -32.39 -203.36
N VAL K 371 -6.69 -32.28 -204.17
CA VAL K 371 -8.03 -32.14 -203.63
C VAL K 371 -8.48 -33.47 -203.04
N LYS K 372 -8.96 -33.44 -201.80
CA LYS K 372 -9.43 -34.66 -201.14
C LYS K 372 -10.75 -35.10 -201.75
N GLU K 373 -11.04 -36.40 -201.59
CA GLU K 373 -12.27 -37.00 -202.11
C GLU K 373 -13.43 -36.56 -201.23
N GLY K 374 -14.01 -35.41 -201.56
CA GLY K 374 -15.11 -34.87 -200.79
C GLY K 374 -14.97 -33.38 -200.53
N CYS K 375 -13.75 -32.86 -200.65
CA CYS K 375 -13.46 -31.45 -200.44
C CYS K 375 -13.45 -30.71 -201.78
N THR K 376 -13.31 -29.39 -201.69
CA THR K 376 -13.28 -28.53 -202.86
C THR K 376 -11.96 -27.79 -203.01
N VAL K 377 -11.47 -27.16 -201.94
CA VAL K 377 -10.24 -26.39 -201.95
C VAL K 377 -9.21 -27.14 -201.12
N SER K 378 -8.02 -27.34 -201.70
CA SER K 378 -6.94 -28.04 -201.03
C SER K 378 -5.79 -27.09 -200.74
N PRO K 379 -5.26 -27.10 -199.51
CA PRO K 379 -4.14 -26.20 -199.20
C PRO K 379 -2.86 -26.52 -199.96
N GLU K 380 -2.74 -27.72 -200.51
CA GLU K 380 -1.52 -28.09 -201.24
C GLU K 380 -1.37 -27.25 -202.49
N THR K 381 -0.15 -26.87 -202.79
CA THR K 381 0.18 -26.04 -203.95
C THR K 381 0.87 -26.88 -205.02
N ILE K 382 0.84 -26.36 -206.25
CA ILE K 382 1.46 -27.02 -207.40
C ILE K 382 2.52 -26.08 -207.95
N SER K 383 3.73 -26.60 -208.11
CA SER K 383 4.87 -25.82 -208.59
C SER K 383 5.20 -26.24 -210.02
N LEU K 384 5.32 -25.24 -210.91
CA LEU K 384 5.64 -25.47 -212.30
C LEU K 384 6.62 -24.41 -212.77
N ASN K 385 7.65 -24.83 -213.50
CA ASN K 385 8.66 -23.94 -214.04
C ASN K 385 8.54 -23.89 -215.56
N VAL K 386 8.47 -22.68 -216.12
CA VAL K 386 8.33 -22.47 -217.55
C VAL K 386 9.61 -21.85 -218.07
N LYS K 387 10.19 -22.47 -219.10
CA LYS K 387 11.41 -22.00 -219.72
C LYS K 387 11.20 -21.82 -221.22
N GLY K 388 11.98 -20.91 -221.80
CA GLY K 388 11.91 -20.63 -223.21
C GLY K 388 12.27 -19.21 -223.55
N PRO K 389 12.74 -18.98 -224.78
CA PRO K 389 13.12 -17.63 -225.18
C PRO K 389 11.90 -16.71 -225.29
N GLY K 390 12.15 -15.42 -225.10
CA GLY K 390 11.10 -14.42 -225.18
C GLY K 390 10.31 -14.20 -223.91
N LEU K 391 10.62 -14.92 -222.83
CA LEU K 391 9.93 -14.77 -221.57
C LEU K 391 10.74 -13.91 -220.61
N GLN K 392 10.08 -13.45 -219.55
CA GLN K 392 10.70 -12.62 -218.54
C GLN K 392 11.19 -13.52 -217.39
N ARG K 393 11.66 -12.88 -216.31
CA ARG K 393 12.17 -13.58 -215.13
C ARG K 393 11.30 -13.17 -213.95
N MET K 394 10.21 -13.90 -213.73
CA MET K 394 9.30 -13.62 -212.63
C MET K 394 8.53 -14.89 -212.30
N VAL K 395 7.89 -14.88 -211.14
CA VAL K 395 7.11 -16.02 -210.65
C VAL K 395 5.66 -15.58 -210.57
N LEU K 396 4.78 -16.32 -211.23
CA LEU K 396 3.36 -16.04 -211.24
C LEU K 396 2.61 -17.10 -210.45
N VAL K 397 1.67 -16.66 -209.61
CA VAL K 397 0.87 -17.54 -208.77
C VAL K 397 -0.58 -17.45 -209.21
N ASP K 398 -1.19 -18.61 -209.46
CA ASP K 398 -2.58 -18.70 -209.90
C ASP K 398 -3.45 -19.19 -208.76
N LEU K 399 -4.56 -18.49 -208.52
CA LEU K 399 -5.49 -18.83 -207.47
C LEU K 399 -6.90 -18.93 -208.02
N PRO K 400 -7.76 -19.73 -207.39
CA PRO K 400 -9.15 -19.81 -207.84
C PRO K 400 -9.86 -18.48 -207.70
N GLY K 401 -10.81 -18.24 -208.61
CA GLY K 401 -11.55 -17.00 -208.60
C GLY K 401 -12.44 -16.85 -207.38
N VAL K 402 -12.74 -15.60 -207.06
CA VAL K 402 -13.58 -15.28 -205.90
C VAL K 402 -15.03 -15.56 -206.25
N ILE K 403 -15.71 -16.31 -205.39
CA ILE K 403 -17.11 -16.65 -205.59
C ILE K 403 -17.95 -15.98 -204.51
N ASN K 404 -19.25 -15.86 -204.79
CA ASN K 404 -20.18 -15.21 -203.87
C ASN K 404 -21.21 -16.20 -203.33
N THR K 405 -21.85 -16.98 -204.20
CA THR K 405 -22.85 -17.93 -203.76
C THR K 405 -22.18 -19.15 -203.11
N VAL K 406 -22.99 -19.90 -202.35
CA VAL K 406 -22.54 -21.09 -201.65
C VAL K 406 -23.27 -22.29 -202.23
N THR K 407 -22.50 -23.30 -202.64
CA THR K 407 -23.07 -24.51 -203.23
C THR K 407 -23.52 -25.46 -202.13
N SER K 408 -24.77 -25.92 -202.23
CA SER K 408 -25.30 -26.85 -201.23
C SER K 408 -24.65 -28.23 -201.36
N GLY K 409 -24.23 -28.61 -202.56
CA GLY K 409 -23.59 -29.89 -202.79
C GLY K 409 -22.13 -29.96 -202.45
N MET K 410 -21.53 -28.87 -201.97
CA MET K 410 -20.13 -28.81 -201.61
C MET K 410 -19.99 -28.33 -200.17
N ALA K 411 -18.76 -28.08 -199.75
CA ALA K 411 -18.51 -27.63 -198.39
C ALA K 411 -19.07 -26.22 -198.20
N PRO K 412 -19.88 -25.99 -197.15
CA PRO K 412 -20.43 -24.64 -196.93
C PRO K 412 -19.37 -23.59 -196.62
N ASP K 413 -18.19 -24.00 -196.17
CA ASP K 413 -17.12 -23.07 -195.82
C ASP K 413 -16.12 -22.89 -196.96
N THR K 414 -16.48 -23.29 -198.18
CA THR K 414 -15.57 -23.13 -199.31
C THR K 414 -15.29 -21.65 -199.59
N LYS K 415 -16.32 -20.81 -199.54
CA LYS K 415 -16.13 -19.38 -199.74
C LYS K 415 -15.26 -18.78 -198.64
N GLU K 416 -15.50 -19.17 -197.40
CA GLU K 416 -14.68 -18.68 -196.29
C GLU K 416 -13.23 -19.12 -196.45
N THR K 417 -13.01 -20.38 -196.86
CA THR K 417 -11.65 -20.85 -197.07
C THR K 417 -10.96 -20.07 -198.20
N ILE K 418 -11.68 -19.80 -199.28
CA ILE K 418 -11.11 -19.03 -200.39
C ILE K 418 -10.76 -17.63 -199.93
N PHE K 419 -11.65 -17.00 -199.16
CA PHE K 419 -11.38 -15.65 -198.65
C PHE K 419 -10.17 -15.65 -197.73
N SER K 420 -10.05 -16.66 -196.86
CA SER K 420 -8.90 -16.73 -195.96
C SER K 420 -7.62 -16.93 -196.74
N ILE K 421 -7.65 -17.78 -197.78
CA ILE K 421 -6.46 -17.99 -198.60
C ILE K 421 -6.06 -16.70 -199.31
N SER K 422 -7.05 -15.98 -199.85
CA SER K 422 -6.76 -14.72 -200.52
C SER K 422 -6.18 -13.69 -199.56
N LYS K 423 -6.72 -13.62 -198.34
CA LYS K 423 -6.19 -12.69 -197.35
C LYS K 423 -4.77 -13.06 -196.97
N ALA K 424 -4.49 -14.36 -196.78
CA ALA K 424 -3.14 -14.78 -196.45
C ALA K 424 -2.16 -14.46 -197.57
N TYR K 425 -2.58 -14.66 -198.82
CA TYR K 425 -1.71 -14.31 -199.95
C TYR K 425 -1.48 -12.80 -200.02
N MET K 426 -2.51 -12.00 -199.75
CA MET K 426 -2.37 -10.55 -199.76
C MET K 426 -1.64 -10.01 -198.54
N GLN K 427 -1.42 -10.84 -197.52
CA GLN K 427 -0.69 -10.39 -196.34
C GLN K 427 0.73 -9.96 -196.66
N ASN K 428 1.30 -10.43 -197.76
CA ASN K 428 2.64 -10.03 -198.16
C ASN K 428 2.63 -8.57 -198.59
N PRO K 429 3.41 -7.69 -197.94
CA PRO K 429 3.42 -6.28 -198.34
C PRO K 429 3.95 -6.04 -199.74
N ASN K 430 4.73 -6.97 -200.29
CA ASN K 430 5.33 -6.82 -201.61
C ASN K 430 4.74 -7.78 -202.63
N ALA K 431 3.54 -8.30 -202.38
CA ALA K 431 2.89 -9.21 -203.31
C ALA K 431 2.25 -8.43 -204.44
N ILE K 432 2.76 -8.61 -205.66
CA ILE K 432 2.21 -7.94 -206.83
C ILE K 432 0.95 -8.67 -207.28
N ILE K 433 -0.14 -7.94 -207.42
CA ILE K 433 -1.43 -8.51 -207.80
C ILE K 433 -1.72 -8.08 -209.24
N LEU K 434 -1.99 -9.07 -210.10
CA LEU K 434 -2.30 -8.83 -211.50
C LEU K 434 -3.80 -9.07 -211.69
N CYS K 435 -4.56 -7.98 -211.79
CA CYS K 435 -6.00 -8.05 -211.96
C CYS K 435 -6.35 -8.28 -213.43
N ILE K 436 -7.21 -9.25 -213.68
CA ILE K 436 -7.66 -9.59 -215.03
C ILE K 436 -9.17 -9.45 -215.08
N GLN K 437 -9.66 -8.70 -216.07
CA GLN K 437 -11.09 -8.47 -216.25
C GLN K 437 -11.52 -9.02 -217.62
N ASP K 438 -12.78 -8.77 -217.97
CA ASP K 438 -13.35 -9.24 -219.23
C ASP K 438 -14.00 -8.08 -219.96
N GLY K 439 -14.24 -8.28 -221.25
CA GLY K 439 -14.88 -7.25 -222.04
C GLY K 439 -16.29 -6.93 -221.57
N SER K 440 -17.03 -7.95 -221.16
CA SER K 440 -18.39 -7.77 -220.68
C SER K 440 -18.47 -7.41 -219.20
N VAL K 441 -17.33 -7.36 -218.51
CA VAL K 441 -17.27 -7.05 -217.08
C VAL K 441 -16.65 -5.67 -216.92
N ASP K 442 -17.36 -4.78 -216.22
CA ASP K 442 -16.88 -3.43 -216.01
C ASP K 442 -15.78 -3.42 -214.94
N ALA K 443 -15.09 -2.29 -214.84
CA ALA K 443 -14.03 -2.14 -213.85
C ALA K 443 -14.58 -2.24 -212.43
N GLU K 444 -15.72 -1.60 -212.17
CA GLU K 444 -16.33 -1.67 -210.84
C GLU K 444 -16.94 -3.04 -210.55
N ARG K 445 -17.29 -3.80 -211.59
CA ARG K 445 -17.86 -5.12 -211.40
C ARG K 445 -16.82 -6.18 -211.03
N SER K 446 -15.54 -5.86 -211.15
CA SER K 446 -14.47 -6.80 -210.83
C SER K 446 -14.28 -6.84 -209.31
N ILE K 447 -14.51 -8.01 -208.72
CA ILE K 447 -14.34 -8.15 -207.27
C ILE K 447 -12.87 -8.02 -206.88
N VAL K 448 -11.97 -8.54 -207.72
CA VAL K 448 -10.54 -8.48 -207.42
C VAL K 448 -10.07 -7.03 -207.41
N THR K 449 -10.51 -6.23 -208.38
CA THR K 449 -10.12 -4.83 -208.42
C THR K 449 -10.62 -4.07 -207.19
N ASP K 450 -11.87 -4.31 -206.80
CA ASP K 450 -12.43 -3.65 -205.62
C ASP K 450 -11.66 -4.06 -204.36
N LEU K 451 -11.34 -5.35 -204.24
CA LEU K 451 -10.58 -5.81 -203.07
C LEU K 451 -9.20 -5.19 -203.03
N VAL K 452 -8.53 -5.09 -204.19
CA VAL K 452 -7.20 -4.46 -204.24
C VAL K 452 -7.30 -2.99 -203.86
N SER K 453 -8.32 -2.30 -204.36
CA SER K 453 -8.48 -0.89 -204.02
C SER K 453 -8.75 -0.70 -202.53
N GLN K 454 -9.57 -1.57 -201.94
CA GLN K 454 -9.85 -1.48 -200.50
C GLN K 454 -8.59 -1.76 -199.69
N MET K 455 -7.82 -2.78 -200.07
CA MET K 455 -6.61 -3.12 -199.33
C MET K 455 -5.47 -2.15 -199.60
N ASP K 456 -5.38 -1.63 -200.82
CA ASP K 456 -4.30 -0.72 -201.23
C ASP K 456 -4.92 0.52 -201.86
N PRO K 457 -5.43 1.45 -201.04
CA PRO K 457 -6.00 2.68 -201.61
C PRO K 457 -5.01 3.50 -202.41
N HIS K 458 -3.74 3.51 -202.02
CA HIS K 458 -2.74 4.27 -202.76
C HIS K 458 -2.42 3.61 -204.10
N GLY K 459 -2.24 2.29 -204.10
CA GLY K 459 -1.93 1.58 -205.32
C GLY K 459 -0.59 1.94 -205.92
N ARG K 460 0.42 2.18 -205.08
CA ARG K 460 1.75 2.53 -205.56
C ARG K 460 2.52 1.33 -206.10
N ARG K 461 2.09 0.11 -205.79
CA ARG K 461 2.75 -1.10 -206.27
C ARG K 461 1.89 -1.96 -207.18
N THR K 462 0.61 -1.64 -207.31
CA THR K 462 -0.30 -2.40 -208.16
C THR K 462 -0.53 -1.64 -209.46
N ILE K 463 -0.36 -2.34 -210.59
CA ILE K 463 -0.53 -1.74 -211.91
C ILE K 463 -1.71 -2.42 -212.59
N PHE K 464 -2.67 -1.62 -213.03
CA PHE K 464 -3.87 -2.15 -213.67
C PHE K 464 -3.57 -2.48 -215.13
N VAL K 465 -4.01 -3.66 -215.56
CA VAL K 465 -3.84 -4.12 -216.94
C VAL K 465 -5.22 -4.41 -217.51
N LEU K 466 -5.52 -3.82 -218.66
CA LEU K 466 -6.81 -3.98 -219.32
C LEU K 466 -6.68 -5.02 -220.42
N THR K 467 -7.53 -6.05 -220.39
CA THR K 467 -7.51 -7.13 -221.35
C THR K 467 -8.84 -7.20 -222.09
N LYS K 468 -8.79 -7.73 -223.32
CA LYS K 468 -9.97 -7.88 -224.17
C LYS K 468 -10.65 -6.53 -224.41
N VAL K 469 -9.86 -5.57 -224.92
CA VAL K 469 -10.39 -4.25 -225.20
C VAL K 469 -11.40 -4.30 -226.34
N ASP K 470 -11.14 -5.12 -227.36
CA ASP K 470 -12.03 -5.19 -228.51
C ASP K 470 -13.41 -5.71 -228.11
N LEU K 471 -13.46 -6.72 -227.24
CA LEU K 471 -14.74 -7.26 -226.79
C LEU K 471 -15.55 -6.21 -226.04
N ALA K 472 -14.89 -5.44 -225.16
CA ALA K 472 -15.58 -4.37 -224.45
C ALA K 472 -16.07 -3.29 -225.40
N GLU K 473 -15.24 -2.94 -226.39
CA GLU K 473 -15.63 -1.91 -227.35
C GLU K 473 -16.83 -2.35 -228.19
N LYS K 474 -16.85 -3.62 -228.60
CA LYS K 474 -17.95 -4.12 -229.42
C LYS K 474 -19.26 -4.20 -228.66
N ASN K 475 -19.23 -4.13 -227.32
CA ASN K 475 -20.44 -4.19 -226.51
C ASN K 475 -21.00 -2.80 -226.23
N VAL K 476 -21.20 -2.04 -227.31
CA VAL K 476 -21.72 -0.66 -227.33
C VAL K 476 -21.29 0.13 -226.09
N ALA K 477 -20.02 0.01 -225.71
CA ALA K 477 -19.51 0.72 -224.55
C ALA K 477 -19.21 2.18 -224.91
N SER K 478 -19.11 3.01 -223.87
CA SER K 478 -18.83 4.42 -224.05
C SER K 478 -17.32 4.62 -224.17
N PRO K 479 -16.83 5.22 -225.25
CA PRO K 479 -15.38 5.45 -225.38
C PRO K 479 -14.81 6.37 -224.31
N SER K 480 -15.64 7.24 -223.72
CA SER K 480 -15.16 8.13 -222.67
C SER K 480 -14.69 7.34 -221.45
N ARG K 481 -15.43 6.30 -221.07
CA ARG K 481 -15.03 5.47 -219.94
C ARG K 481 -13.72 4.75 -220.22
N ILE K 482 -13.55 4.23 -221.43
CA ILE K 482 -12.31 3.56 -221.79
C ILE K 482 -11.14 4.54 -221.76
N GLN K 483 -11.35 5.75 -222.29
CA GLN K 483 -10.30 6.76 -222.27
C GLN K 483 -9.92 7.14 -220.84
N GLN K 484 -10.92 7.31 -219.97
CA GLN K 484 -10.64 7.64 -218.57
C GLN K 484 -9.89 6.52 -217.87
N ILE K 485 -10.26 5.26 -218.14
CA ILE K 485 -9.58 4.13 -217.53
C ILE K 485 -8.12 4.07 -218.00
N ILE K 486 -7.90 4.24 -219.31
CA ILE K 486 -6.54 4.21 -219.84
C ILE K 486 -5.72 5.37 -219.31
N GLU K 487 -6.30 6.58 -219.30
CA GLU K 487 -5.58 7.74 -218.78
C GLU K 487 -5.45 7.72 -217.27
N GLY K 488 -6.37 7.04 -216.56
CA GLY K 488 -6.29 6.95 -215.12
C GLY K 488 -7.02 8.07 -214.41
N LYS K 489 -8.17 8.48 -214.94
CA LYS K 489 -8.98 9.52 -214.35
C LYS K 489 -10.17 8.98 -213.57
N LEU K 490 -10.24 7.66 -213.38
CA LEU K 490 -11.35 7.03 -212.67
C LEU K 490 -10.89 6.20 -211.47
N PHE K 491 -9.76 5.53 -211.57
CA PHE K 491 -9.28 4.71 -210.46
C PHE K 491 -8.67 5.60 -209.38
N PRO K 492 -9.14 5.54 -208.14
CA PRO K 492 -8.55 6.37 -207.08
C PRO K 492 -7.09 6.06 -206.82
N MET K 493 -6.66 4.82 -207.00
CA MET K 493 -5.28 4.45 -206.74
C MET K 493 -4.35 5.10 -207.76
N LYS K 494 -3.14 5.44 -207.30
CA LYS K 494 -2.13 6.08 -208.14
C LYS K 494 -1.18 5.00 -208.64
N ALA K 495 -1.62 4.28 -209.67
CA ALA K 495 -0.81 3.24 -210.25
C ALA K 495 0.34 3.84 -211.06
N LEU K 496 1.40 3.03 -211.23
CA LEU K 496 2.56 3.48 -211.99
C LEU K 496 2.26 3.67 -213.47
N GLY K 497 1.20 3.04 -213.97
CA GLY K 497 0.85 3.19 -215.37
C GLY K 497 -0.39 2.37 -215.68
N TYR K 498 -0.89 2.56 -216.91
CA TYR K 498 -2.06 1.84 -217.38
C TYR K 498 -1.85 1.48 -218.84
N PHE K 499 -2.00 0.20 -219.16
CA PHE K 499 -1.82 -0.31 -220.50
C PHE K 499 -3.03 -1.17 -220.89
N ALA K 500 -3.48 -1.02 -222.13
CA ALA K 500 -4.62 -1.75 -222.66
C ALA K 500 -4.14 -2.70 -223.74
N VAL K 501 -4.45 -3.99 -223.58
CA VAL K 501 -4.04 -5.02 -224.53
C VAL K 501 -5.25 -5.87 -224.88
N VAL K 502 -5.14 -6.59 -226.00
CA VAL K 502 -6.19 -7.48 -226.48
C VAL K 502 -5.64 -8.91 -226.43
N THR K 503 -6.36 -9.79 -225.73
CA THR K 503 -5.98 -11.19 -225.58
C THR K 503 -6.94 -12.11 -226.32
N GLY K 504 -7.42 -11.67 -227.49
CA GLY K 504 -8.33 -12.47 -228.28
C GLY K 504 -9.76 -12.38 -227.78
N LYS K 505 -10.62 -13.19 -228.39
CA LYS K 505 -12.04 -13.23 -228.04
C LYS K 505 -12.32 -14.12 -226.85
N GLY K 506 -11.32 -14.82 -226.32
CA GLY K 506 -11.52 -15.69 -225.18
C GLY K 506 -12.13 -17.04 -225.50
N ASN K 507 -12.24 -17.40 -226.77
CA ASN K 507 -12.83 -18.67 -227.17
C ASN K 507 -11.77 -19.77 -227.06
N SER K 508 -12.13 -20.98 -227.47
CA SER K 508 -11.23 -22.13 -227.43
C SER K 508 -10.94 -22.67 -228.82
N SER K 509 -10.95 -21.79 -229.83
CA SER K 509 -10.69 -22.22 -231.19
C SER K 509 -9.71 -21.28 -231.91
N GLU K 510 -9.00 -20.42 -231.16
CA GLU K 510 -8.04 -19.49 -231.75
C GLU K 510 -6.65 -19.86 -231.23
N SER K 511 -5.71 -20.03 -232.16
CA SER K 511 -4.35 -20.38 -231.78
C SER K 511 -3.64 -19.17 -231.18
N ILE K 512 -2.52 -19.44 -230.50
CA ILE K 512 -1.75 -18.38 -229.87
C ILE K 512 -1.20 -17.43 -230.92
N GLU K 513 -0.69 -17.98 -232.03
CA GLU K 513 -0.15 -17.14 -233.09
C GLU K 513 -1.22 -16.26 -233.70
N ALA K 514 -2.42 -16.80 -233.91
CA ALA K 514 -3.51 -16.01 -234.47
C ALA K 514 -3.90 -14.88 -233.54
N ILE K 515 -3.99 -15.15 -232.24
CA ILE K 515 -4.33 -14.11 -231.28
C ILE K 515 -3.25 -13.03 -231.23
N ARG K 516 -1.98 -13.46 -231.27
CA ARG K 516 -0.89 -12.48 -231.28
C ARG K 516 -0.93 -11.61 -232.52
N GLU K 517 -1.19 -12.20 -233.69
CA GLU K 517 -1.29 -11.43 -234.92
C GLU K 517 -2.47 -10.46 -234.88
N TYR K 518 -3.60 -10.91 -234.33
CA TYR K 518 -4.76 -10.02 -234.20
C TYR K 518 -4.46 -8.86 -233.26
N GLU K 519 -3.77 -9.13 -232.16
CA GLU K 519 -3.41 -8.07 -231.22
C GLU K 519 -2.44 -7.08 -231.87
N GLU K 520 -1.47 -7.58 -232.64
CA GLU K 520 -0.54 -6.70 -233.33
C GLU K 520 -1.27 -5.83 -234.36
N GLU K 521 -2.20 -6.43 -235.10
CA GLU K 521 -2.97 -5.66 -236.07
C GLU K 521 -3.82 -4.59 -235.39
N PHE K 522 -4.44 -4.93 -234.26
CA PHE K 522 -5.24 -3.96 -233.52
C PHE K 522 -4.37 -2.82 -233.00
N PHE K 523 -3.18 -3.15 -232.49
CA PHE K 523 -2.27 -2.10 -232.02
C PHE K 523 -1.82 -1.20 -233.15
N GLN K 524 -1.52 -1.78 -234.32
CA GLN K 524 -1.11 -0.98 -235.47
C GLN K 524 -2.23 -0.07 -235.94
N ASN K 525 -3.45 -0.60 -236.02
CA ASN K 525 -4.62 0.16 -236.47
C ASN K 525 -5.73 -0.02 -235.43
N SER K 526 -5.95 1.00 -234.61
CA SER K 526 -6.96 0.97 -233.57
C SER K 526 -7.95 2.12 -233.77
N LYS K 527 -9.21 1.86 -233.41
CA LYS K 527 -10.25 2.86 -233.53
C LYS K 527 -10.15 3.96 -232.49
N LEU K 528 -9.33 3.78 -231.45
CA LEU K 528 -9.16 4.78 -230.41
C LEU K 528 -7.87 5.58 -230.54
N LEU K 529 -6.83 4.98 -231.12
CA LEU K 529 -5.57 5.70 -231.29
C LEU K 529 -5.68 6.79 -232.34
N LYS K 530 -6.53 6.60 -233.34
CA LYS K 530 -6.71 7.60 -234.39
C LYS K 530 -7.51 8.82 -233.93
N THR K 531 -8.13 8.76 -232.76
CA THR K 531 -8.90 9.88 -232.23
C THR K 531 -8.06 10.83 -231.39
N SER K 532 -6.76 10.57 -231.25
CA SER K 532 -5.85 11.41 -230.47
C SER K 532 -6.33 11.57 -229.04
N MET K 533 -6.85 10.49 -228.46
CA MET K 533 -7.35 10.49 -227.08
C MET K 533 -6.54 9.58 -226.16
N LEU K 534 -5.51 8.91 -226.68
CA LEU K 534 -4.69 8.02 -225.88
C LEU K 534 -3.23 8.41 -226.03
N LYS K 535 -2.48 8.25 -224.95
CA LYS K 535 -1.06 8.59 -224.96
C LYS K 535 -0.28 7.65 -225.85
N ALA K 536 0.70 8.20 -226.57
CA ALA K 536 1.50 7.41 -227.50
C ALA K 536 2.50 6.51 -226.76
N HIS K 537 2.91 6.89 -225.56
CA HIS K 537 3.89 6.13 -224.80
C HIS K 537 3.27 5.02 -223.97
N GLN K 538 1.94 4.87 -223.99
CA GLN K 538 1.24 3.83 -223.25
C GLN K 538 0.86 2.66 -224.14
N VAL K 539 1.70 2.32 -225.13
CA VAL K 539 1.41 1.23 -226.05
C VAL K 539 2.36 0.07 -225.77
N THR K 540 2.10 -1.08 -226.39
CA THR K 540 2.90 -2.29 -226.23
C THR K 540 3.01 -2.71 -224.76
N THR K 541 3.95 -3.62 -224.47
CA THR K 541 4.13 -4.10 -223.11
C THR K 541 5.59 -4.19 -222.69
N ARG K 542 6.54 -3.80 -223.55
CA ARG K 542 7.95 -3.96 -223.22
C ARG K 542 8.35 -3.09 -222.03
N ASN K 543 7.96 -1.80 -222.07
CA ASN K 543 8.32 -0.90 -220.99
C ASN K 543 7.66 -1.31 -219.67
N LEU K 544 6.38 -1.69 -219.73
CA LEU K 544 5.69 -2.13 -218.53
C LEU K 544 6.33 -3.38 -217.95
N SER K 545 6.67 -4.35 -218.81
CA SER K 545 7.33 -5.56 -218.34
C SER K 545 8.68 -5.26 -217.71
N LEU K 546 9.47 -4.38 -218.33
CA LEU K 546 10.76 -4.01 -217.78
C LEU K 546 10.61 -3.34 -216.42
N ALA K 547 9.65 -2.41 -216.30
CA ALA K 547 9.44 -1.73 -215.02
C ALA K 547 8.99 -2.71 -213.95
N VAL K 548 8.08 -3.63 -214.30
CA VAL K 548 7.62 -4.61 -213.33
C VAL K 548 8.76 -5.52 -212.88
N SER K 549 9.60 -5.95 -213.83
CA SER K 549 10.74 -6.80 -213.49
C SER K 549 11.72 -6.07 -212.59
N ASP K 550 12.00 -4.80 -212.89
CA ASP K 550 12.93 -4.04 -212.05
C ASP K 550 12.37 -3.84 -210.64
N CYS K 551 11.08 -3.52 -210.54
CA CYS K 551 10.47 -3.35 -209.23
C CYS K 551 10.48 -4.65 -208.43
N PHE K 552 10.16 -5.76 -209.10
CA PHE K 552 10.19 -7.06 -208.42
C PHE K 552 11.59 -7.41 -207.95
N TRP K 553 12.60 -7.15 -208.80
CA TRP K 553 13.98 -7.46 -208.41
C TRP K 553 14.43 -6.61 -207.23
N LYS K 554 14.13 -5.31 -207.24
CA LYS K 554 14.55 -4.47 -206.13
C LYS K 554 13.81 -4.83 -204.84
N MET K 555 12.51 -5.14 -204.93
CA MET K 555 11.77 -5.49 -203.72
C MET K 555 12.22 -6.83 -203.17
N VAL K 556 12.52 -7.80 -204.04
CA VAL K 556 12.99 -9.09 -203.55
C VAL K 556 14.41 -8.97 -202.99
N ARG K 557 15.23 -8.08 -203.55
CA ARG K 557 16.55 -7.85 -202.98
C ARG K 557 16.44 -7.25 -201.58
N GLU K 558 15.56 -6.26 -201.40
CA GLU K 558 15.35 -5.69 -200.08
C GLU K 558 14.81 -6.74 -199.11
N SER K 559 13.86 -7.56 -199.58
CA SER K 559 13.27 -8.58 -198.71
C SER K 559 14.32 -9.60 -198.27
N VAL K 560 15.18 -10.05 -199.20
CA VAL K 560 16.18 -11.04 -198.84
C VAL K 560 17.25 -10.41 -197.95
N GLU K 561 17.57 -9.13 -198.16
CA GLU K 561 18.51 -8.45 -197.27
C GLU K 561 17.97 -8.39 -195.84
N GLN K 562 16.68 -8.07 -195.69
CA GLN K 562 16.07 -8.07 -194.37
C GLN K 562 16.01 -9.49 -193.78
N GLN K 563 15.66 -10.48 -194.60
CA GLN K 563 15.48 -11.83 -194.11
C GLN K 563 16.81 -12.48 -193.72
N ALA K 564 17.93 -12.06 -194.32
CA ALA K 564 19.22 -12.62 -193.96
C ALA K 564 19.49 -12.46 -192.46
N ASP K 565 18.95 -11.41 -191.84
CA ASP K 565 19.03 -11.24 -190.40
C ASP K 565 17.76 -11.66 -189.67
N SER K 566 16.59 -11.53 -190.32
CA SER K 566 15.34 -11.91 -189.67
C SER K 566 15.32 -13.41 -189.37
N PHE K 567 15.73 -14.23 -190.33
CA PHE K 567 15.73 -15.68 -190.12
C PHE K 567 16.78 -16.09 -189.09
N LYS K 568 17.93 -15.42 -189.07
CA LYS K 568 18.93 -15.71 -188.04
C LYS K 568 18.38 -15.38 -186.66
N ALA K 569 17.69 -14.24 -186.53
CA ALA K 569 17.08 -13.88 -185.26
C ALA K 569 16.01 -14.89 -184.85
N THR K 570 15.20 -15.33 -185.82
CA THR K 570 14.16 -16.32 -185.53
C THR K 570 14.76 -17.64 -185.06
N ARG K 571 15.83 -18.08 -185.73
CA ARG K 571 16.49 -19.32 -185.32
C ARG K 571 17.08 -19.19 -183.92
N PHE K 572 17.72 -18.05 -183.63
CA PHE K 572 18.27 -17.84 -182.30
C PHE K 572 17.18 -17.85 -181.24
N ASN K 573 16.04 -17.20 -181.53
CA ASN K 573 14.94 -17.18 -180.57
C ASN K 573 14.38 -18.58 -180.36
N LEU K 574 14.24 -19.36 -181.43
CA LEU K 574 13.74 -20.73 -181.30
C LEU K 574 14.69 -21.59 -180.49
N GLU K 575 16.00 -21.45 -180.72
CA GLU K 575 16.98 -22.21 -179.95
C GLU K 575 16.93 -21.82 -178.48
N THR K 576 16.82 -20.51 -178.20
CA THR K 576 16.73 -20.05 -176.82
C THR K 576 15.47 -20.58 -176.15
N GLU K 577 14.35 -20.58 -176.86
CA GLU K 577 13.10 -21.11 -176.31
C GLU K 577 13.22 -22.60 -176.00
N TRP K 578 13.82 -23.36 -176.93
CA TRP K 578 14.00 -24.80 -176.70
C TRP K 578 14.90 -25.06 -175.51
N LYS K 579 15.99 -24.29 -175.38
CA LYS K 579 16.90 -24.47 -174.26
C LYS K 579 16.23 -24.10 -172.94
N ASN K 580 15.43 -23.02 -172.93
CA ASN K 580 14.80 -22.57 -171.70
C ASN K 580 13.70 -23.53 -171.25
N ASN K 581 12.89 -24.02 -172.20
CA ASN K 581 11.82 -24.95 -171.84
C ASN K 581 12.38 -26.29 -171.36
N TYR K 582 13.53 -26.70 -171.89
CA TYR K 582 14.16 -27.97 -171.55
C TYR K 582 15.62 -27.72 -171.20
N PRO K 583 15.88 -27.19 -169.99
CA PRO K 583 17.27 -26.96 -169.59
C PRO K 583 18.11 -28.22 -169.53
N ARG K 584 17.52 -29.35 -169.19
CA ARG K 584 18.25 -30.61 -169.06
C ARG K 584 18.02 -31.54 -170.24
N LEU K 585 17.30 -31.09 -171.27
CA LEU K 585 17.03 -31.90 -172.46
C LEU K 585 17.44 -31.12 -173.70
N ARG K 586 18.20 -31.78 -174.57
CA ARG K 586 18.64 -31.17 -175.82
C ARG K 586 17.62 -31.47 -176.92
N GLU K 587 17.99 -31.18 -178.16
CA GLU K 587 17.09 -31.40 -179.29
C GLU K 587 16.70 -32.88 -179.38
N LEU K 588 15.39 -33.12 -179.55
CA LEU K 588 14.84 -34.47 -179.63
C LEU K 588 13.92 -34.52 -180.86
N ASP K 589 14.50 -34.89 -182.00
CA ASP K 589 13.73 -35.00 -183.23
C ASP K 589 13.15 -36.40 -183.36
N ARG K 590 12.52 -36.67 -184.50
CA ARG K 590 11.85 -37.96 -184.70
C ARG K 590 12.85 -39.11 -184.69
N ASN K 591 13.99 -38.95 -185.35
CA ASN K 591 14.95 -40.04 -185.47
C ASN K 591 15.55 -40.40 -184.12
N GLU K 592 16.03 -39.39 -183.37
CA GLU K 592 16.65 -39.67 -182.08
C GLU K 592 15.64 -40.23 -181.08
N LEU K 593 14.43 -39.70 -181.06
CA LEU K 593 13.41 -40.21 -180.15
C LEU K 593 13.01 -41.64 -180.51
N PHE K 594 12.88 -41.94 -181.81
CA PHE K 594 12.57 -43.31 -182.22
C PHE K 594 13.69 -44.27 -181.83
N GLU K 595 14.94 -43.85 -182.03
CA GLU K 595 16.06 -44.71 -181.64
C GLU K 595 16.09 -44.92 -180.12
N LYS K 596 15.81 -43.88 -179.35
CA LYS K 596 15.77 -44.01 -177.89
C LYS K 596 14.64 -44.94 -177.46
N ALA K 597 13.48 -44.84 -178.11
CA ALA K 597 12.37 -45.73 -177.79
C ALA K 597 12.72 -47.18 -178.14
N LYS K 598 13.38 -47.40 -179.27
CA LYS K 598 13.80 -48.75 -179.64
C LYS K 598 14.80 -49.31 -178.62
N ASN K 599 15.75 -48.47 -178.20
CA ASN K 599 16.72 -48.91 -177.20
C ASN K 599 16.06 -49.22 -175.88
N GLU K 600 15.08 -48.41 -175.46
CA GLU K 600 14.36 -48.67 -174.22
C GLU K 600 13.57 -49.97 -174.32
N ILE K 601 12.95 -50.23 -175.48
CA ILE K 601 12.22 -51.48 -175.66
C ILE K 601 13.17 -52.67 -175.59
N LEU K 602 14.34 -52.55 -176.22
CA LEU K 602 15.33 -53.62 -176.15
C LEU K 602 15.79 -53.87 -174.72
N ASP K 603 16.04 -52.79 -173.97
CA ASP K 603 16.46 -52.94 -172.57
C ASP K 603 15.36 -53.59 -171.74
N GLU K 604 14.10 -53.21 -171.97
CA GLU K 604 13.00 -53.83 -171.24
C GLU K 604 12.89 -55.31 -171.57
N VAL K 605 13.07 -55.68 -172.85
CA VAL K 605 13.03 -57.08 -173.23
C VAL K 605 14.17 -57.85 -172.58
N ILE K 606 15.36 -57.24 -172.54
CA ILE K 606 16.52 -57.88 -171.91
C ILE K 606 16.24 -58.10 -170.41
N SER K 607 15.69 -57.09 -169.74
CA SER K 607 15.38 -57.23 -168.32
C SER K 607 14.32 -58.31 -168.10
N LEU K 608 13.31 -58.36 -168.98
CA LEU K 608 12.30 -59.41 -168.88
C LEU K 608 12.90 -60.79 -169.03
N SER K 609 13.83 -60.95 -169.98
CA SER K 609 14.46 -62.24 -170.20
C SER K 609 15.43 -62.59 -169.06
N GLN K 610 15.94 -61.59 -168.34
CA GLN K 610 16.92 -61.80 -167.29
C GLN K 610 16.29 -62.09 -165.94
N VAL K 611 14.97 -62.06 -165.83
CA VAL K 611 14.31 -62.36 -164.55
C VAL K 611 14.51 -63.83 -164.22
N THR K 612 14.75 -64.12 -162.94
CA THR K 612 14.98 -65.47 -162.48
C THR K 612 13.75 -66.35 -162.75
N PRO K 613 13.91 -67.51 -163.37
CA PRO K 613 12.73 -68.35 -163.66
C PRO K 613 12.00 -68.82 -162.41
N LYS K 614 12.67 -68.91 -161.27
CA LYS K 614 12.01 -69.37 -160.05
C LYS K 614 10.89 -68.43 -159.62
N HIS K 615 11.14 -67.12 -159.71
CA HIS K 615 10.10 -66.16 -159.38
C HIS K 615 8.91 -66.27 -160.33
N TRP K 616 9.18 -66.48 -161.62
CA TRP K 616 8.10 -66.69 -162.57
C TRP K 616 7.29 -67.93 -162.22
N GLU K 617 7.97 -69.03 -161.88
CA GLU K 617 7.25 -70.25 -161.53
C GLU K 617 6.40 -70.05 -160.29
N GLU K 618 6.94 -69.38 -159.27
CA GLU K 618 6.18 -69.13 -158.05
C GLU K 618 4.95 -68.27 -158.33
N ILE K 619 5.13 -67.19 -159.11
CA ILE K 619 4.03 -66.29 -159.41
C ILE K 619 2.95 -67.03 -160.20
N LEU K 620 3.36 -67.79 -161.21
CA LEU K 620 2.40 -68.51 -162.03
C LEU K 620 1.64 -69.56 -161.20
N GLN K 621 2.35 -70.28 -160.34
CA GLN K 621 1.70 -71.28 -159.50
C GLN K 621 0.69 -70.64 -158.56
N GLN K 622 1.08 -69.53 -157.91
CA GLN K 622 0.18 -68.86 -156.98
C GLN K 622 -1.05 -68.32 -157.71
N SER K 623 -0.84 -67.68 -158.85
CA SER K 623 -1.96 -67.11 -159.60
C SER K 623 -2.91 -68.21 -160.08
N LEU K 624 -2.35 -69.30 -160.62
CA LEU K 624 -3.19 -70.39 -161.11
C LEU K 624 -3.96 -71.04 -159.97
N TRP K 625 -3.31 -71.25 -158.81
CA TRP K 625 -4.00 -71.84 -157.68
C TRP K 625 -5.14 -70.94 -157.20
N GLU K 626 -4.88 -69.63 -157.09
CA GLU K 626 -5.91 -68.71 -156.67
C GLU K 626 -7.06 -68.68 -157.69
N ARG K 627 -6.75 -68.86 -158.97
CA ARG K 627 -7.79 -68.81 -159.98
C ARG K 627 -8.64 -70.08 -159.98
N VAL K 628 -8.03 -71.24 -159.78
CA VAL K 628 -8.74 -72.51 -159.94
C VAL K 628 -9.17 -73.11 -158.61
N SER K 629 -8.92 -72.41 -157.49
CA SER K 629 -9.37 -72.95 -156.20
C SER K 629 -10.88 -73.13 -156.17
N THR K 630 -11.63 -72.11 -156.61
CA THR K 630 -13.08 -72.20 -156.60
C THR K 630 -13.57 -73.28 -157.58
N HIS K 631 -12.95 -73.36 -158.75
CA HIS K 631 -13.33 -74.38 -159.73
C HIS K 631 -13.11 -75.78 -159.17
N VAL K 632 -11.95 -76.00 -158.56
CA VAL K 632 -11.66 -77.31 -157.97
C VAL K 632 -12.65 -77.64 -156.87
N ILE K 633 -12.94 -76.66 -156.00
CA ILE K 633 -13.86 -76.91 -154.90
C ILE K 633 -15.24 -77.29 -155.44
N GLU K 634 -15.78 -76.48 -156.36
CA GLU K 634 -17.12 -76.71 -156.89
C GLU K 634 -17.21 -77.91 -157.81
N ASN K 635 -16.08 -78.41 -158.32
CA ASN K 635 -16.10 -79.59 -159.17
C ASN K 635 -15.71 -80.87 -158.43
N ILE K 636 -15.21 -80.77 -157.20
CA ILE K 636 -14.83 -81.95 -156.44
C ILE K 636 -15.72 -82.13 -155.22
N TYR K 637 -15.74 -81.13 -154.33
CA TYR K 637 -16.45 -81.30 -153.08
C TYR K 637 -17.96 -81.22 -153.25
N LEU K 638 -18.43 -80.41 -154.21
CA LEU K 638 -19.88 -80.30 -154.43
C LEU K 638 -20.52 -81.63 -154.83
N PRO K 639 -19.99 -82.40 -155.78
CA PRO K 639 -20.59 -83.71 -156.04
C PRO K 639 -20.32 -84.72 -154.94
N ALA K 640 -19.09 -84.76 -154.43
CA ALA K 640 -18.71 -85.70 -153.37
C ALA K 640 -18.84 -85.04 -152.00
N ALA K 641 -20.06 -84.61 -151.69
CA ALA K 641 -20.34 -83.92 -150.43
C ALA K 641 -20.77 -84.86 -149.31
N GLN K 642 -20.97 -86.15 -149.61
CA GLN K 642 -21.42 -87.10 -148.59
C GLN K 642 -20.57 -88.37 -148.57
N THR K 643 -19.37 -88.31 -149.14
CA THR K 643 -18.50 -89.49 -149.12
C THR K 643 -17.98 -89.75 -147.72
N MET K 644 -17.94 -91.03 -147.34
CA MET K 644 -17.46 -91.45 -146.04
C MET K 644 -16.07 -92.07 -146.10
N ASN K 645 -15.84 -92.99 -147.03
CA ASN K 645 -14.54 -93.62 -147.17
C ASN K 645 -13.58 -92.70 -147.90
N SER K 646 -12.34 -92.63 -147.39
CA SER K 646 -11.33 -91.79 -148.02
C SER K 646 -10.92 -92.32 -149.38
N GLY K 647 -10.97 -93.64 -149.57
CA GLY K 647 -10.60 -94.21 -150.85
C GLY K 647 -11.52 -93.78 -151.98
N THR K 648 -12.83 -93.79 -151.72
CA THR K 648 -13.79 -93.35 -152.73
C THR K 648 -13.58 -91.87 -153.07
N PHE K 649 -13.32 -91.05 -152.05
CA PHE K 649 -13.07 -89.63 -152.30
C PHE K 649 -11.81 -89.44 -153.14
N ASN K 650 -10.75 -90.19 -152.84
CA ASN K 650 -9.53 -90.09 -153.62
C ASN K 650 -9.74 -90.54 -155.05
N THR K 651 -10.52 -91.62 -155.25
CA THR K 651 -10.81 -92.08 -156.60
C THR K 651 -11.60 -91.03 -157.38
N THR K 652 -12.59 -90.42 -156.73
CA THR K 652 -13.36 -89.37 -157.39
C THR K 652 -12.47 -88.18 -157.74
N VAL K 653 -11.56 -87.82 -156.84
CA VAL K 653 -10.64 -86.71 -157.11
C VAL K 653 -9.78 -87.03 -158.31
N ASP K 654 -9.24 -88.25 -158.36
CA ASP K 654 -8.41 -88.64 -159.49
C ASP K 654 -9.19 -88.64 -160.80
N ILE K 655 -10.44 -89.11 -160.77
CA ILE K 655 -11.27 -89.13 -161.97
C ILE K 655 -11.52 -87.70 -162.45
N LYS K 656 -11.86 -86.80 -161.52
CA LYS K 656 -12.12 -85.41 -161.89
C LYS K 656 -10.87 -84.75 -162.44
N LEU K 657 -9.72 -85.01 -161.82
CA LEU K 657 -8.47 -84.42 -162.31
C LEU K 657 -8.13 -84.92 -163.71
N LYS K 658 -8.30 -86.23 -163.95
CA LYS K 658 -8.03 -86.77 -165.27
C LYS K 658 -8.98 -86.18 -166.31
N GLN K 659 -10.26 -86.05 -165.97
CA GLN K 659 -11.22 -85.46 -166.90
C GLN K 659 -10.88 -84.01 -167.20
N TRP K 660 -10.48 -83.25 -166.19
CA TRP K 660 -10.11 -81.86 -166.41
C TRP K 660 -8.86 -81.75 -167.28
N THR K 661 -7.86 -82.60 -167.02
CA THR K 661 -6.65 -82.57 -167.84
C THR K 661 -6.97 -82.92 -169.29
N ASP K 662 -7.85 -83.90 -169.51
CA ASP K 662 -8.19 -84.30 -170.87
C ASP K 662 -9.01 -83.23 -171.59
N LYS K 663 -9.92 -82.57 -170.87
CA LYS K 663 -10.90 -81.71 -171.55
C LYS K 663 -10.34 -80.32 -171.87
N GLN K 664 -10.02 -79.53 -170.84
CA GLN K 664 -9.69 -78.13 -171.09
C GLN K 664 -8.57 -77.58 -170.20
N LEU K 665 -7.96 -78.39 -169.34
CA LEU K 665 -6.94 -77.85 -168.44
C LEU K 665 -5.74 -77.24 -169.17
N PRO K 666 -5.17 -77.88 -170.20
CA PRO K 666 -4.07 -77.20 -170.91
C PRO K 666 -4.47 -75.87 -171.52
N ASN K 667 -5.68 -75.77 -172.05
CA ASN K 667 -6.14 -74.51 -172.62
C ASN K 667 -6.25 -73.43 -171.55
N LYS K 668 -6.80 -73.79 -170.38
CA LYS K 668 -6.90 -72.83 -169.29
C LYS K 668 -5.52 -72.40 -168.82
N ALA K 669 -4.58 -73.34 -168.72
CA ALA K 669 -3.22 -73.00 -168.30
C ALA K 669 -2.56 -72.07 -169.31
N VAL K 670 -2.74 -72.34 -170.60
CA VAL K 670 -2.17 -71.46 -171.64
C VAL K 670 -2.77 -70.07 -171.54
N GLU K 671 -4.09 -69.98 -171.37
CA GLU K 671 -4.75 -68.68 -171.25
C GLU K 671 -4.25 -67.92 -170.03
N VAL K 672 -4.10 -68.61 -168.90
CA VAL K 672 -3.62 -67.96 -167.68
C VAL K 672 -2.19 -67.46 -167.87
N ALA K 673 -1.33 -68.28 -168.48
CA ALA K 673 0.05 -67.87 -168.72
C ALA K 673 0.10 -66.67 -169.65
N TRP K 674 -0.71 -66.67 -170.71
CA TRP K 674 -0.72 -65.54 -171.63
C TRP K 674 -1.23 -64.27 -170.95
N GLU K 675 -2.26 -64.39 -170.11
CA GLU K 675 -2.77 -63.24 -169.39
C GLU K 675 -1.73 -62.69 -168.42
N THR K 676 -1.01 -63.57 -167.73
CA THR K 676 0.04 -63.11 -166.82
C THR K 676 1.16 -62.42 -167.58
N LEU K 677 1.55 -62.97 -168.73
CA LEU K 677 2.58 -62.33 -169.55
C LEU K 677 2.12 -60.95 -170.02
N GLN K 678 0.86 -60.84 -170.44
CA GLN K 678 0.32 -59.55 -170.86
C GLN K 678 0.33 -58.55 -169.70
N GLU K 679 -0.05 -59.00 -168.51
CA GLU K 679 -0.06 -58.11 -167.35
C GLU K 679 1.35 -57.65 -167.01
N GLU K 680 2.32 -58.56 -167.05
CA GLU K 680 3.70 -58.16 -166.77
C GLU K 680 4.21 -57.18 -167.82
N PHE K 681 3.91 -57.43 -169.10
CA PHE K 681 4.33 -56.52 -170.15
C PHE K 681 3.70 -55.14 -169.99
N SER K 682 2.41 -55.10 -169.65
CA SER K 682 1.73 -53.82 -169.45
C SER K 682 2.32 -53.07 -168.26
N ARG K 683 2.60 -53.78 -167.16
CA ARG K 683 3.19 -53.12 -166.00
C ARG K 683 4.58 -52.59 -166.31
N PHE K 684 5.37 -53.34 -167.07
CA PHE K 684 6.70 -52.86 -167.46
C PHE K 684 6.59 -51.64 -168.38
N MET K 685 5.64 -51.66 -169.32
CA MET K 685 5.48 -50.53 -170.22
C MET K 685 5.03 -49.28 -169.47
N THR K 686 4.10 -49.44 -168.51
CA THR K 686 3.58 -48.33 -167.72
C THR K 686 4.10 -48.50 -166.30
N GLU K 687 5.29 -47.95 -166.05
CA GLU K 687 5.96 -48.03 -164.75
C GLU K 687 6.31 -46.61 -164.30
N PRO K 688 5.36 -45.91 -163.67
CA PRO K 688 5.57 -44.51 -163.29
C PRO K 688 6.44 -44.36 -162.03
N LYS K 689 7.60 -45.03 -162.04
CA LYS K 689 8.56 -44.85 -160.95
C LYS K 689 9.10 -43.43 -160.92
N GLY K 690 9.37 -42.85 -162.09
CA GLY K 690 9.86 -41.49 -162.13
C GLY K 690 8.79 -40.49 -161.75
N LYS K 691 9.24 -39.35 -161.22
CA LYS K 691 8.31 -38.31 -160.79
C LYS K 691 7.63 -37.60 -161.95
N GLU K 692 8.21 -37.66 -163.15
CA GLU K 692 7.63 -36.99 -164.30
C GLU K 692 6.71 -37.93 -165.08
N HIS K 693 7.27 -39.04 -165.57
CA HIS K 693 6.54 -40.05 -166.32
C HIS K 693 5.72 -39.41 -167.45
N ASP K 694 6.45 -38.81 -168.39
CA ASP K 694 5.84 -38.17 -169.54
C ASP K 694 4.99 -39.15 -170.33
N ASP K 695 3.78 -38.73 -170.67
CA ASP K 695 2.82 -39.60 -171.35
C ASP K 695 3.07 -39.69 -172.85
N ILE K 696 3.91 -38.83 -173.42
CA ILE K 696 4.19 -38.89 -174.85
C ILE K 696 4.84 -40.22 -175.21
N PHE K 697 5.82 -40.65 -174.41
CA PHE K 697 6.43 -41.96 -174.63
C PHE K 697 5.50 -43.09 -174.20
N ASP K 698 4.67 -42.83 -173.18
CA ASP K 698 3.76 -43.86 -172.67
C ASP K 698 2.73 -44.26 -173.72
N LYS K 699 2.20 -43.29 -174.46
CA LYS K 699 1.23 -43.62 -175.51
C LYS K 699 1.86 -44.49 -176.59
N LEU K 700 3.07 -44.17 -177.01
CA LEU K 700 3.77 -44.98 -178.01
C LEU K 700 4.05 -46.38 -177.47
N LYS K 701 4.45 -46.47 -176.20
CA LYS K 701 4.70 -47.78 -175.60
C LYS K 701 3.44 -48.62 -175.55
N GLU K 702 2.32 -48.01 -175.19
CA GLU K 702 1.04 -48.72 -175.15
C GLU K 702 0.62 -49.17 -176.55
N ALA K 703 0.82 -48.31 -177.55
CA ALA K 703 0.48 -48.69 -178.92
C ALA K 703 1.34 -49.86 -179.39
N VAL K 704 2.64 -49.82 -179.09
CA VAL K 704 3.52 -50.92 -179.47
C VAL K 704 3.13 -52.20 -178.76
N LYS K 705 2.77 -52.10 -177.48
CA LYS K 705 2.33 -53.27 -176.73
C LYS K 705 1.07 -53.87 -177.33
N GLU K 706 0.10 -53.03 -177.68
CA GLU K 706 -1.13 -53.52 -178.30
C GLU K 706 -0.85 -54.18 -179.65
N GLU K 707 0.03 -53.57 -180.45
CA GLU K 707 0.37 -54.17 -181.74
C GLU K 707 1.05 -55.51 -181.57
N SER K 708 1.97 -55.61 -180.60
CA SER K 708 2.64 -56.89 -180.34
C SER K 708 1.66 -57.94 -179.84
N ILE K 709 0.72 -57.55 -178.98
CA ILE K 709 -0.27 -58.49 -178.48
C ILE K 709 -1.15 -59.01 -179.61
N LYS K 710 -1.59 -58.10 -180.49
CA LYS K 710 -2.43 -58.51 -181.61
C LYS K 710 -1.67 -59.36 -182.61
N ARG K 711 -0.37 -59.09 -182.79
CA ARG K 711 0.45 -59.83 -183.75
C ARG K 711 1.02 -61.12 -183.18
N HIS K 712 0.89 -61.33 -181.86
CA HIS K 712 1.46 -62.52 -181.25
C HIS K 712 0.73 -63.78 -181.73
N LYS K 713 1.50 -64.85 -181.90
CA LYS K 713 0.98 -66.13 -182.36
C LYS K 713 1.36 -67.23 -181.38
N TRP K 714 0.61 -68.33 -181.43
CA TRP K 714 0.84 -69.47 -180.56
C TRP K 714 0.96 -70.74 -181.40
N ASN K 715 1.72 -71.71 -180.87
CA ASN K 715 1.99 -72.96 -181.57
C ASN K 715 1.21 -74.09 -180.89
N ASP K 716 0.49 -74.88 -181.70
CA ASP K 716 -0.28 -76.00 -181.16
C ASP K 716 0.63 -77.11 -180.67
N PHE K 717 1.85 -77.21 -181.20
CA PHE K 717 2.80 -78.21 -180.70
C PHE K 717 3.15 -77.94 -179.24
N ALA K 718 3.29 -76.66 -178.87
CA ALA K 718 3.52 -76.33 -177.47
C ALA K 718 2.34 -76.74 -176.60
N GLU K 719 1.12 -76.55 -177.09
CA GLU K 719 -0.06 -76.97 -176.35
C GLU K 719 -0.09 -78.48 -176.16
N ASP K 720 0.25 -79.23 -177.21
CA ASP K 720 0.28 -80.69 -177.11
C ASP K 720 1.35 -81.16 -176.13
N SER K 721 2.54 -80.53 -176.18
CA SER K 721 3.58 -80.87 -175.23
C SER K 721 3.17 -80.57 -173.80
N LEU K 722 2.51 -79.42 -173.60
CA LEU K 722 2.02 -79.07 -172.27
C LEU K 722 0.99 -80.08 -171.77
N ARG K 723 0.08 -80.51 -172.64
CA ARG K 723 -0.91 -81.51 -172.27
C ARG K 723 -0.23 -82.83 -171.88
N VAL K 724 0.75 -83.25 -172.69
CA VAL K 724 1.45 -84.50 -172.41
C VAL K 724 2.18 -84.42 -171.07
N ILE K 725 2.85 -83.30 -170.81
CA ILE K 725 3.60 -83.16 -169.57
C ILE K 725 2.66 -83.08 -168.37
N GLN K 726 1.52 -82.40 -168.53
CA GLN K 726 0.55 -82.35 -167.46
C GLN K 726 0.00 -83.73 -167.13
N HIS K 727 -0.28 -84.53 -168.17
CA HIS K 727 -0.74 -85.90 -167.93
C HIS K 727 0.34 -86.75 -167.28
N ASN K 728 1.60 -86.57 -167.68
CA ASN K 728 2.68 -87.38 -167.13
C ASN K 728 3.10 -86.94 -165.73
N ALA K 729 2.73 -85.73 -165.33
CA ALA K 729 3.14 -85.22 -164.02
C ALA K 729 2.34 -85.86 -162.89
N LEU K 730 2.57 -87.16 -162.66
CA LEU K 730 1.94 -87.89 -161.57
C LEU K 730 2.99 -88.72 -160.85
N GLU K 731 4.13 -88.09 -160.53
CA GLU K 731 5.29 -88.78 -159.99
C GLU K 731 5.15 -89.07 -158.49
N ASP K 732 5.02 -88.02 -157.67
CA ASP K 732 4.99 -88.18 -156.23
C ASP K 732 3.56 -88.19 -155.72
N ARG K 733 3.28 -89.09 -154.78
CA ARG K 733 1.94 -89.23 -154.21
C ARG K 733 1.92 -89.31 -152.69
N SER K 734 3.06 -89.29 -152.01
CA SER K 734 3.09 -89.40 -150.56
C SER K 734 4.19 -88.49 -150.02
N ILE K 735 4.05 -88.12 -148.74
CA ILE K 735 5.00 -87.27 -148.05
C ILE K 735 5.79 -88.13 -147.07
N SER K 736 7.12 -88.11 -147.19
CA SER K 736 8.00 -88.83 -146.28
C SER K 736 8.88 -87.88 -145.47
N ASP K 737 8.58 -86.58 -145.48
CA ASP K 737 9.37 -85.59 -144.77
C ASP K 737 8.48 -84.86 -143.77
N LYS K 738 8.97 -84.73 -142.53
CA LYS K 738 8.22 -83.99 -141.52
C LYS K 738 8.09 -82.53 -141.88
N GLN K 739 9.16 -81.92 -142.41
CA GLN K 739 9.11 -80.52 -142.80
C GLN K 739 8.14 -80.28 -143.94
N GLN K 740 8.14 -81.17 -144.94
CA GLN K 740 7.19 -81.05 -146.04
C GLN K 740 5.76 -81.23 -145.54
N TRP K 741 5.56 -82.17 -144.59
CA TRP K 741 4.24 -82.36 -144.00
C TRP K 741 3.77 -81.10 -143.28
N ASP K 742 4.66 -80.47 -142.52
CA ASP K 742 4.30 -79.24 -141.82
C ASP K 742 4.00 -78.11 -142.80
N ALA K 743 4.78 -78.01 -143.88
CA ALA K 743 4.52 -76.98 -144.89
C ALA K 743 3.17 -77.19 -145.55
N ALA K 744 2.84 -78.44 -145.88
CA ALA K 744 1.53 -78.75 -146.45
C ALA K 744 0.41 -78.43 -145.47
N ILE K 745 0.62 -78.73 -144.19
CA ILE K 745 -0.37 -78.41 -143.17
C ILE K 745 -0.59 -76.90 -143.10
N TYR K 746 0.50 -76.13 -143.12
CA TYR K 746 0.37 -74.68 -143.04
C TYR K 746 -0.34 -74.12 -144.27
N PHE K 747 -0.01 -74.63 -145.47
CA PHE K 747 -0.69 -74.16 -146.67
C PHE K 747 -2.18 -74.50 -146.65
N MET K 748 -2.52 -75.72 -146.23
CA MET K 748 -3.92 -76.11 -146.11
C MET K 748 -4.64 -75.26 -145.08
N GLU K 749 -3.99 -74.96 -143.96
CA GLU K 749 -4.59 -74.11 -142.94
C GLU K 749 -4.84 -72.71 -143.48
N GLU K 750 -3.89 -72.16 -144.24
CA GLU K 750 -4.09 -70.85 -144.86
C GLU K 750 -5.27 -70.85 -145.82
N ALA K 751 -5.34 -71.89 -146.67
CA ALA K 751 -6.45 -71.98 -147.61
C ALA K 751 -7.79 -72.11 -146.90
N LEU K 752 -7.85 -72.94 -145.85
CA LEU K 752 -9.09 -73.13 -145.12
C LEU K 752 -9.48 -71.87 -144.35
N GLN K 753 -8.50 -71.12 -143.83
CA GLN K 753 -8.80 -69.86 -143.18
C GLN K 753 -9.34 -68.83 -144.18
N ALA K 754 -8.78 -68.80 -145.39
CA ALA K 754 -9.31 -67.91 -146.41
C ALA K 754 -10.74 -68.29 -146.78
N ARG K 755 -11.01 -69.59 -146.91
CA ARG K 755 -12.36 -70.05 -147.21
C ARG K 755 -13.32 -69.70 -146.08
N LEU K 756 -12.88 -69.85 -144.83
CA LEU K 756 -13.70 -69.51 -143.69
C LEU K 756 -14.00 -68.02 -143.65
N LYS K 757 -13.02 -67.17 -143.97
CA LYS K 757 -13.26 -65.75 -144.03
C LYS K 757 -14.25 -65.39 -145.13
N ASP K 758 -14.13 -66.03 -146.29
CA ASP K 758 -15.10 -65.79 -147.37
C ASP K 758 -16.50 -66.21 -146.95
N THR K 759 -16.62 -67.36 -146.28
CA THR K 759 -17.93 -67.81 -145.82
C THR K 759 -18.50 -66.86 -144.78
N GLU K 760 -17.66 -66.36 -143.87
CA GLU K 760 -18.11 -65.41 -142.87
C GLU K 760 -18.59 -64.12 -143.52
N ASN K 761 -17.86 -63.64 -144.54
CA ASN K 761 -18.29 -62.44 -145.26
C ASN K 761 -19.63 -62.67 -145.95
N ALA K 762 -19.80 -63.83 -146.58
CA ALA K 762 -21.07 -64.14 -147.23
C ALA K 762 -22.22 -64.20 -146.22
N ILE K 763 -21.97 -64.82 -145.07
CA ILE K 763 -23.00 -64.91 -144.03
C ILE K 763 -23.36 -63.53 -143.51
N GLU K 764 -22.35 -62.68 -143.28
CA GLU K 764 -22.61 -61.33 -142.80
C GLU K 764 -23.39 -60.52 -143.83
N ASN K 765 -23.07 -60.68 -145.12
CA ASN K 765 -23.83 -60.01 -146.15
C ASN K 765 -25.28 -60.49 -146.17
N MET K 766 -25.49 -61.80 -146.00
CA MET K 766 -26.83 -62.35 -146.01
C MET K 766 -27.65 -61.88 -144.81
N VAL K 767 -27.03 -61.81 -143.63
CA VAL K 767 -27.76 -61.53 -142.40
C VAL K 767 -27.39 -60.17 -141.82
N GLY K 768 -26.12 -59.99 -141.46
CA GLY K 768 -25.66 -58.78 -140.84
C GLY K 768 -24.93 -59.02 -139.54
N PRO K 769 -25.06 -58.09 -138.60
CA PRO K 769 -24.39 -58.26 -137.29
C PRO K 769 -24.89 -59.51 -136.56
N ASP K 770 -23.96 -60.19 -135.91
CA ASP K 770 -24.25 -61.44 -135.21
C ASP K 770 -23.60 -61.43 -133.84
N TRP K 771 -24.31 -61.98 -132.85
CA TRP K 771 -23.81 -62.18 -131.49
C TRP K 771 -23.40 -60.82 -130.91
N LYS K 772 -22.13 -60.61 -130.55
CA LYS K 772 -21.70 -59.39 -129.89
C LYS K 772 -21.94 -58.17 -130.76
N LYS K 773 -21.69 -58.30 -132.07
CA LYS K 773 -21.91 -57.18 -132.98
C LYS K 773 -23.39 -56.79 -133.02
N ARG K 774 -24.28 -57.78 -133.03
CA ARG K 774 -25.70 -57.49 -133.08
C ARG K 774 -26.21 -56.90 -131.77
N TRP K 775 -25.78 -57.47 -130.63
CA TRP K 775 -26.27 -57.06 -129.33
C TRP K 775 -25.50 -55.88 -128.73
N LEU K 776 -24.49 -55.37 -129.43
CA LEU K 776 -23.74 -54.22 -128.92
C LEU K 776 -24.65 -52.99 -128.81
N TYR K 777 -25.48 -52.77 -129.84
CA TYR K 777 -26.40 -51.63 -129.80
C TYR K 777 -27.56 -51.91 -128.85
N TRP K 778 -28.09 -53.14 -128.87
CA TRP K 778 -29.18 -53.63 -128.05
C TRP K 778 -30.52 -52.97 -128.38
N LYS K 779 -30.55 -52.01 -129.31
CA LYS K 779 -31.79 -51.36 -129.70
C LYS K 779 -32.05 -51.41 -131.20
N ASN K 780 -31.15 -51.96 -131.99
CA ASN K 780 -31.32 -52.06 -133.44
C ASN K 780 -31.69 -53.50 -133.79
N ARG K 781 -32.91 -53.69 -134.27
CA ARG K 781 -33.40 -55.00 -134.65
C ARG K 781 -34.21 -54.89 -135.95
N THR K 782 -34.05 -55.89 -136.81
CA THR K 782 -34.76 -55.96 -138.08
C THR K 782 -35.43 -57.32 -138.19
N GLN K 783 -36.65 -57.34 -138.72
CA GLN K 783 -37.38 -58.61 -138.85
C GLN K 783 -36.68 -59.55 -139.81
N GLU K 784 -36.09 -59.01 -140.88
CA GLU K 784 -35.41 -59.87 -141.86
C GLU K 784 -34.22 -60.58 -141.24
N GLN K 785 -33.37 -59.84 -140.52
CA GLN K 785 -32.23 -60.47 -139.86
C GLN K 785 -32.65 -61.31 -138.67
N CYS K 786 -33.76 -60.98 -138.01
CA CYS K 786 -34.25 -61.81 -136.92
C CYS K 786 -34.67 -63.18 -137.42
N VAL K 787 -35.31 -63.24 -138.58
CA VAL K 787 -35.70 -64.52 -139.17
C VAL K 787 -34.46 -65.36 -139.47
N HIS K 788 -33.44 -64.73 -140.05
CA HIS K 788 -32.21 -65.45 -140.35
C HIS K 788 -31.53 -65.95 -139.08
N ASN K 789 -31.53 -65.13 -138.03
CA ASN K 789 -30.94 -65.54 -136.76
C ASN K 789 -31.69 -66.72 -136.16
N GLU K 790 -33.03 -66.69 -136.22
CA GLU K 790 -33.81 -67.80 -135.70
C GLU K 790 -33.56 -69.07 -136.50
N THR K 791 -33.47 -68.96 -137.82
CA THR K 791 -33.17 -70.13 -138.65
C THR K 791 -31.79 -70.68 -138.32
N LYS K 792 -30.80 -69.80 -138.13
CA LYS K 792 -29.46 -70.23 -137.77
C LYS K 792 -29.45 -70.95 -136.43
N ASN K 793 -30.18 -70.40 -135.46
CA ASN K 793 -30.26 -71.05 -134.14
C ASN K 793 -30.92 -72.41 -134.24
N GLU K 794 -32.00 -72.51 -135.02
CA GLU K 794 -32.69 -73.79 -135.17
C GLU K 794 -31.77 -74.82 -135.83
N LEU K 795 -31.03 -74.42 -136.86
CA LEU K 795 -30.12 -75.34 -137.53
C LEU K 795 -28.98 -75.75 -136.61
N GLU K 796 -28.47 -74.81 -135.81
CA GLU K 796 -27.43 -75.15 -134.85
C GLU K 796 -27.93 -76.15 -133.82
N LYS K 797 -29.15 -75.96 -133.32
CA LYS K 797 -29.73 -76.92 -132.39
C LYS K 797 -29.93 -78.28 -133.03
N MET K 798 -30.35 -78.30 -134.30
CA MET K 798 -30.51 -79.56 -135.01
C MET K 798 -29.19 -80.28 -135.16
N LEU K 799 -28.12 -79.54 -135.49
CA LEU K 799 -26.79 -80.16 -135.57
C LEU K 799 -26.33 -80.66 -134.21
N LYS K 800 -26.61 -79.91 -133.13
CA LYS K 800 -26.25 -80.37 -131.79
C LYS K 800 -26.98 -81.66 -131.45
N CYS K 801 -28.27 -81.76 -131.81
CA CYS K 801 -29.00 -83.00 -131.57
C CYS K 801 -28.61 -84.09 -132.56
N ASN K 802 -28.37 -83.73 -133.82
CA ASN K 802 -28.03 -84.68 -134.87
C ASN K 802 -26.81 -84.13 -135.62
N GLU K 803 -25.62 -84.61 -135.25
CA GLU K 803 -24.39 -84.12 -135.86
C GLU K 803 -24.33 -84.47 -137.34
N GLU K 804 -24.74 -85.68 -137.70
CA GLU K 804 -24.66 -86.16 -139.07
C GLU K 804 -26.03 -86.06 -139.72
N HIS K 805 -26.10 -85.38 -140.87
CA HIS K 805 -27.34 -85.20 -141.60
C HIS K 805 -27.03 -85.17 -143.08
N PRO K 806 -27.88 -85.78 -143.92
CA PRO K 806 -27.65 -85.70 -145.37
C PRO K 806 -27.78 -84.28 -145.89
N ALA K 807 -27.05 -84.00 -146.96
CA ALA K 807 -27.06 -82.66 -147.53
C ALA K 807 -28.44 -82.28 -148.06
N TYR K 808 -29.11 -83.22 -148.73
CA TYR K 808 -30.43 -82.96 -149.25
C TYR K 808 -31.46 -82.92 -148.12
N LEU K 809 -32.57 -82.23 -148.39
CA LEU K 809 -33.66 -82.09 -147.42
C LEU K 809 -34.88 -82.80 -147.98
N ALA K 810 -35.42 -83.74 -147.20
CA ALA K 810 -36.63 -84.45 -147.59
C ALA K 810 -37.86 -83.60 -147.32
N SER K 811 -38.99 -84.01 -147.91
CA SER K 811 -40.22 -83.23 -147.78
C SER K 811 -40.70 -83.18 -146.33
N ASP K 812 -40.63 -84.30 -145.61
CA ASP K 812 -41.08 -84.32 -144.23
C ASP K 812 -40.20 -83.44 -143.35
N GLU K 813 -38.89 -83.44 -143.60
CA GLU K 813 -37.98 -82.59 -142.84
C GLU K 813 -38.31 -81.11 -143.05
N ILE K 814 -38.54 -80.73 -144.31
CA ILE K 814 -38.89 -79.34 -144.62
C ILE K 814 -40.21 -78.96 -143.96
N THR K 815 -41.19 -79.87 -144.01
CA THR K 815 -42.48 -79.60 -143.37
C THR K 815 -42.33 -79.43 -141.86
N THR K 816 -41.53 -80.28 -141.23
CA THR K 816 -41.30 -80.17 -139.79
C THR K 816 -40.60 -78.86 -139.44
N VAL K 817 -39.60 -78.47 -140.23
CA VAL K 817 -38.89 -77.23 -139.97
C VAL K 817 -39.82 -76.04 -140.12
N ARG K 818 -40.66 -76.05 -141.17
CA ARG K 818 -41.60 -74.96 -141.38
C ARG K 818 -42.62 -74.89 -140.25
N LYS K 819 -43.10 -76.03 -139.78
CA LYS K 819 -44.04 -76.04 -138.66
C LYS K 819 -43.40 -75.51 -137.39
N ASN K 820 -42.14 -75.90 -137.13
CA ASN K 820 -41.43 -75.39 -135.96
C ASN K 820 -41.25 -73.87 -136.05
N LEU K 821 -40.92 -73.37 -137.24
CA LEU K 821 -40.77 -71.93 -137.42
C LEU K 821 -42.10 -71.20 -137.23
N GLU K 822 -43.19 -71.76 -137.76
CA GLU K 822 -44.50 -71.12 -137.66
C GLU K 822 -45.13 -71.28 -136.28
N SER K 823 -44.60 -72.18 -135.44
CA SER K 823 -45.11 -72.31 -134.08
C SER K 823 -44.97 -71.01 -133.30
N ARG K 824 -43.84 -70.32 -133.46
CA ARG K 824 -43.62 -69.03 -132.82
C ARG K 824 -44.06 -67.85 -133.69
N GLY K 825 -44.56 -68.11 -134.89
CA GLY K 825 -45.05 -67.05 -135.74
C GLY K 825 -44.05 -66.55 -136.76
N VAL K 826 -43.29 -67.46 -137.35
CA VAL K 826 -42.29 -67.13 -138.36
C VAL K 826 -42.58 -67.96 -139.60
N GLU K 827 -42.79 -67.29 -140.73
CA GLU K 827 -43.04 -67.94 -142.02
C GLU K 827 -41.86 -67.64 -142.94
N VAL K 828 -41.20 -68.70 -143.42
CA VAL K 828 -40.01 -68.59 -144.25
C VAL K 828 -40.23 -69.39 -145.52
N ASP K 829 -39.87 -68.80 -146.66
CA ASP K 829 -39.99 -69.50 -147.93
C ASP K 829 -39.03 -70.69 -147.98
N PRO K 830 -39.41 -71.76 -148.69
CA PRO K 830 -38.53 -72.94 -148.75
C PRO K 830 -37.16 -72.67 -149.36
N SER K 831 -37.08 -71.73 -150.30
CA SER K 831 -35.78 -71.42 -150.92
C SER K 831 -34.81 -70.85 -149.90
N LEU K 832 -35.28 -69.92 -149.06
CA LEU K 832 -34.42 -69.36 -148.03
C LEU K 832 -34.03 -70.42 -147.00
N ILE K 833 -34.96 -71.32 -146.67
CA ILE K 833 -34.64 -72.41 -145.75
C ILE K 833 -33.54 -73.29 -146.32
N LYS K 834 -33.65 -73.63 -147.60
CA LYS K 834 -32.63 -74.47 -148.24
C LYS K 834 -31.28 -73.75 -148.31
N ASP K 835 -31.29 -72.44 -148.61
CA ASP K 835 -30.04 -71.69 -148.66
C ASP K 835 -29.37 -71.63 -147.29
N THR K 836 -30.16 -71.37 -146.24
CA THR K 836 -29.62 -71.33 -144.89
C THR K 836 -29.09 -72.69 -144.47
N TRP K 837 -29.80 -73.76 -144.83
CA TRP K 837 -29.33 -75.11 -144.52
C TRP K 837 -28.01 -75.41 -145.24
N HIS K 838 -27.89 -75.00 -146.50
CA HIS K 838 -26.65 -75.21 -147.24
C HIS K 838 -25.50 -74.45 -146.59
N GLN K 839 -25.75 -73.19 -146.20
CA GLN K 839 -24.69 -72.41 -145.56
C GLN K 839 -24.28 -73.02 -144.23
N VAL K 840 -25.24 -73.47 -143.44
CA VAL K 840 -24.93 -74.08 -142.14
C VAL K 840 -24.18 -75.39 -142.33
N TYR K 841 -24.56 -76.16 -143.35
CA TYR K 841 -23.87 -77.41 -143.67
C TYR K 841 -22.42 -77.14 -144.06
N ARG K 842 -22.20 -76.11 -144.89
CA ARG K 842 -20.85 -75.74 -145.29
C ARG K 842 -20.04 -75.29 -144.08
N ARG K 843 -20.64 -74.50 -143.18
CA ARG K 843 -19.93 -74.06 -141.99
C ARG K 843 -19.57 -75.23 -141.08
N HIS K 844 -20.50 -76.18 -140.93
CA HIS K 844 -20.24 -77.35 -140.09
C HIS K 844 -19.10 -78.18 -140.65
N PHE K 845 -19.09 -78.39 -141.98
CA PHE K 845 -17.98 -79.14 -142.56
C PHE K 845 -16.67 -78.36 -142.55
N LEU K 846 -16.73 -77.03 -142.60
CA LEU K 846 -15.51 -76.25 -142.43
C LEU K 846 -14.94 -76.42 -141.02
N LYS K 847 -15.82 -76.41 -140.01
CA LYS K 847 -15.37 -76.65 -138.64
C LYS K 847 -14.81 -78.07 -138.48
N THR K 848 -15.46 -79.04 -139.11
CA THR K 848 -14.97 -80.42 -139.06
C THR K 848 -13.60 -80.54 -139.73
N ALA K 849 -13.41 -79.84 -140.86
CA ALA K 849 -12.10 -79.85 -141.52
C ALA K 849 -11.05 -79.19 -140.65
N LEU K 850 -11.40 -78.10 -139.95
CA LEU K 850 -10.46 -77.46 -139.04
C LEU K 850 -10.07 -78.40 -137.91
N ASN K 851 -11.04 -79.11 -137.34
CA ASN K 851 -10.72 -80.09 -136.30
C ASN K 851 -9.85 -81.22 -136.84
N HIS K 852 -10.11 -81.66 -138.07
CA HIS K 852 -9.28 -82.69 -138.69
C HIS K 852 -7.85 -82.20 -138.90
N CYS K 853 -7.69 -80.94 -139.29
CA CYS K 853 -6.36 -80.36 -139.42
C CYS K 853 -5.65 -80.30 -138.06
N ASN K 854 -6.38 -79.90 -137.01
CA ASN K 854 -5.80 -79.87 -135.69
C ASN K 854 -5.33 -81.26 -135.25
N LEU K 855 -6.14 -82.28 -135.54
CA LEU K 855 -5.74 -83.65 -135.21
C LEU K 855 -4.53 -84.09 -136.03
N CYS K 856 -4.53 -83.79 -137.32
CA CYS K 856 -3.42 -84.19 -138.19
C CYS K 856 -2.13 -83.45 -137.85
N ARG K 857 -2.23 -82.30 -137.19
CA ARG K 857 -1.03 -81.60 -136.76
C ARG K 857 -0.18 -82.42 -135.79
N ARG K 858 -0.81 -83.38 -135.10
CA ARG K 858 -0.08 -84.24 -134.13
C ARG K 858 -0.14 -85.69 -134.60
N GLY K 859 -1.01 -85.98 -135.58
CA GLY K 859 -1.18 -87.33 -136.08
C GLY K 859 -0.14 -87.81 -137.08
N PHE K 860 0.99 -87.11 -137.22
CA PHE K 860 2.03 -87.56 -138.13
C PHE K 860 2.62 -88.90 -137.73
N TYR K 861 2.61 -89.24 -136.43
CA TYR K 861 3.07 -90.54 -136.01
C TYR K 861 2.20 -91.66 -136.58
N TYR K 862 0.88 -91.48 -136.54
CA TYR K 862 -0.02 -92.44 -137.15
C TYR K 862 0.13 -92.44 -138.67
N TYR K 863 0.25 -91.25 -139.26
CA TYR K 863 0.31 -91.13 -140.71
C TYR K 863 1.55 -91.82 -141.29
N GLN K 864 2.70 -91.62 -140.66
CA GLN K 864 3.95 -92.14 -141.22
C GLN K 864 3.97 -93.66 -141.23
N ARG K 865 3.48 -94.30 -140.17
CA ARG K 865 3.55 -95.75 -140.05
C ARG K 865 2.29 -96.45 -140.55
N HIS K 866 1.16 -95.76 -140.63
CA HIS K 866 -0.10 -96.32 -141.11
C HIS K 866 -0.49 -97.57 -140.31
N PHE K 867 -0.77 -97.34 -139.03
CA PHE K 867 -1.15 -98.43 -138.14
C PHE K 867 -2.48 -99.04 -138.57
N VAL K 868 -2.65 -100.32 -138.27
CA VAL K 868 -3.88 -101.02 -138.62
C VAL K 868 -5.06 -100.40 -137.88
N ASP K 869 -4.91 -100.16 -136.58
CA ASP K 869 -5.94 -99.51 -135.78
C ASP K 869 -5.74 -98.00 -135.74
N SER K 870 -5.65 -97.38 -136.91
CA SER K 870 -5.42 -95.95 -136.98
C SER K 870 -6.68 -95.19 -136.57
N GLU K 871 -6.51 -94.23 -135.66
CA GLU K 871 -7.61 -93.39 -135.20
C GLU K 871 -7.75 -92.11 -136.01
N LEU K 872 -6.93 -91.93 -137.05
CA LEU K 872 -6.96 -90.70 -137.85
C LEU K 872 -6.43 -91.03 -139.23
N GLU K 873 -7.18 -90.63 -140.26
CA GLU K 873 -6.80 -90.84 -141.65
C GLU K 873 -6.60 -89.47 -142.31
N CYS K 874 -5.35 -89.02 -142.38
CA CYS K 874 -5.01 -87.73 -142.97
C CYS K 874 -4.81 -87.93 -144.47
N ASN K 875 -5.80 -87.55 -145.26
CA ASN K 875 -5.73 -87.63 -146.71
C ASN K 875 -5.83 -86.28 -147.39
N ASP K 876 -6.52 -85.30 -146.78
CA ASP K 876 -6.62 -83.98 -147.37
C ASP K 876 -5.26 -83.31 -147.48
N VAL K 877 -4.41 -83.50 -146.47
CA VAL K 877 -3.07 -82.91 -146.51
C VAL K 877 -2.27 -83.47 -147.68
N VAL K 878 -2.32 -84.79 -147.87
CA VAL K 878 -1.60 -85.42 -148.97
C VAL K 878 -2.16 -84.95 -150.31
N LEU K 879 -3.48 -84.86 -150.43
CA LEU K 879 -4.08 -84.41 -151.67
C LEU K 879 -3.68 -82.97 -152.00
N PHE K 880 -3.69 -82.09 -150.99
CA PHE K 880 -3.30 -80.71 -151.22
C PHE K 880 -1.83 -80.59 -151.58
N TRP K 881 -0.97 -81.41 -150.95
CA TRP K 881 0.45 -81.40 -151.32
C TRP K 881 0.65 -81.88 -152.75
N ARG K 882 -0.09 -82.92 -153.15
CA ARG K 882 -0.01 -83.40 -154.53
C ARG K 882 -0.46 -82.32 -155.51
N ILE K 883 -1.55 -81.62 -155.19
CA ILE K 883 -2.01 -80.54 -156.04
C ILE K 883 -0.97 -79.44 -156.13
N GLN K 884 -0.35 -79.10 -155.00
CA GLN K 884 0.66 -78.04 -154.99
C GLN K 884 1.87 -78.41 -155.84
N ARG K 885 2.36 -79.65 -155.70
CA ARG K 885 3.53 -80.04 -156.48
C ARG K 885 3.19 -80.15 -157.97
N MET K 886 2.00 -80.64 -158.30
CA MET K 886 1.59 -80.68 -159.70
C MET K 886 1.49 -79.28 -160.28
N LEU K 887 0.94 -78.34 -159.52
CA LEU K 887 0.85 -76.95 -159.98
C LEU K 887 2.24 -76.35 -160.17
N ALA K 888 3.16 -76.65 -159.26
CA ALA K 888 4.53 -76.16 -159.40
C ALA K 888 5.19 -76.71 -160.65
N ILE K 889 5.01 -78.01 -160.92
CA ILE K 889 5.57 -78.62 -162.12
C ILE K 889 4.98 -77.99 -163.37
N THR K 890 3.66 -77.79 -163.37
CA THR K 890 2.99 -77.18 -164.52
C THR K 890 3.49 -75.75 -164.74
N ALA K 891 3.66 -74.99 -163.66
CA ALA K 891 4.15 -73.62 -163.79
C ALA K 891 5.58 -73.59 -164.33
N ASN K 892 6.43 -74.51 -163.84
CA ASN K 892 7.80 -74.58 -164.35
C ASN K 892 7.83 -74.93 -165.83
N THR K 893 7.00 -75.90 -166.24
CA THR K 893 6.93 -76.26 -167.65
C THR K 893 6.42 -75.09 -168.50
N LEU K 894 5.41 -74.38 -168.01
CA LEU K 894 4.89 -73.23 -168.73
C LEU K 894 5.94 -72.15 -168.89
N ARG K 895 6.70 -71.88 -167.82
CA ARG K 895 7.75 -70.88 -167.88
C ARG K 895 8.84 -71.29 -168.86
N GLN K 896 9.24 -72.57 -168.85
CA GLN K 896 10.26 -73.03 -169.75
C GLN K 896 9.81 -72.92 -171.21
N GLN K 897 8.59 -73.36 -171.51
CA GLN K 897 8.08 -73.27 -172.87
C GLN K 897 7.93 -71.82 -173.31
N LEU K 898 7.49 -70.94 -172.40
CA LEU K 898 7.38 -69.53 -172.73
C LEU K 898 8.74 -68.95 -173.09
N THR K 899 9.74 -69.17 -172.23
CA THR K 899 11.08 -68.67 -172.52
C THR K 899 11.63 -69.26 -173.81
N ASN K 900 11.27 -70.50 -174.14
CA ASN K 900 11.78 -71.12 -175.35
C ASN K 900 11.16 -70.53 -176.61
N THR K 901 9.84 -70.33 -176.61
CA THR K 901 9.13 -69.99 -177.84
C THR K 901 8.50 -68.60 -177.83
N GLU K 902 7.74 -68.27 -176.78
CA GLU K 902 6.93 -67.06 -176.81
C GLU K 902 7.77 -65.81 -176.68
N VAL K 903 8.90 -65.89 -175.97
CA VAL K 903 9.81 -64.73 -175.88
C VAL K 903 10.36 -64.41 -177.27
N ARG K 904 10.78 -65.43 -178.00
CA ARG K 904 11.28 -65.21 -179.36
C ARG K 904 10.17 -64.71 -180.27
N ARG K 905 8.96 -65.25 -180.13
CA ARG K 905 7.85 -64.77 -180.95
C ARG K 905 7.55 -63.30 -180.68
N LEU K 906 7.53 -62.91 -179.41
CA LEU K 906 7.28 -61.51 -179.05
C LEU K 906 8.40 -60.61 -179.56
N GLU K 907 9.64 -61.08 -179.48
CA GLU K 907 10.76 -60.31 -180.02
C GLU K 907 10.61 -60.11 -181.52
N LYS K 908 10.22 -61.17 -182.24
CA LYS K 908 10.02 -61.06 -183.68
C LYS K 908 8.89 -60.09 -184.01
N ASN K 909 7.78 -60.15 -183.26
CA ASN K 909 6.68 -59.23 -183.49
C ASN K 909 7.10 -57.79 -183.22
N VAL K 910 7.86 -57.56 -182.14
CA VAL K 910 8.34 -56.21 -181.83
C VAL K 910 9.25 -55.71 -182.93
N LYS K 911 10.15 -56.57 -183.43
CA LYS K 911 11.05 -56.17 -184.51
C LYS K 911 10.26 -55.83 -185.78
N GLU K 912 9.24 -56.62 -186.11
CA GLU K 912 8.43 -56.34 -187.28
C GLU K 912 7.69 -55.02 -187.13
N VAL K 913 7.13 -54.76 -185.95
CA VAL K 913 6.42 -53.50 -185.71
C VAL K 913 7.37 -52.32 -185.81
N LEU K 914 8.56 -52.45 -185.24
CA LEU K 914 9.54 -51.37 -185.30
C LEU K 914 9.99 -51.11 -186.74
N GLU K 915 10.20 -52.17 -187.53
CA GLU K 915 10.58 -52.00 -188.92
C GLU K 915 9.46 -51.33 -189.71
N ASP K 916 8.21 -51.73 -189.47
CA ASP K 916 7.09 -51.11 -190.16
C ASP K 916 6.97 -49.63 -189.81
N PHE K 917 7.18 -49.29 -188.53
CA PHE K 917 7.13 -47.89 -188.12
C PHE K 917 8.27 -47.09 -188.75
N ALA K 918 9.47 -47.67 -188.79
CA ALA K 918 10.62 -46.96 -189.36
C ALA K 918 10.43 -46.74 -190.86
N GLU K 919 9.90 -47.73 -191.57
CA GLU K 919 9.69 -47.63 -193.01
C GLU K 919 8.48 -46.78 -193.37
N ASP K 920 7.84 -46.13 -192.41
CA ASP K 920 6.67 -45.28 -192.66
C ASP K 920 6.78 -44.05 -191.78
N GLY K 921 7.32 -42.97 -192.34
CA GLY K 921 7.42 -41.72 -191.61
C GLY K 921 6.10 -41.02 -191.41
N GLU K 922 5.11 -41.30 -192.27
CA GLU K 922 3.78 -40.72 -192.09
C GLU K 922 3.16 -41.19 -190.78
N LYS K 923 3.34 -42.46 -190.43
CA LYS K 923 2.84 -42.97 -189.16
C LYS K 923 3.53 -42.27 -187.99
N LYS K 924 4.83 -42.02 -188.10
CA LYS K 924 5.54 -41.29 -187.05
C LYS K 924 5.00 -39.87 -186.90
N ILE K 925 4.73 -39.21 -188.03
CA ILE K 925 4.18 -37.86 -187.98
C ILE K 925 2.80 -37.87 -187.34
N LYS K 926 1.96 -38.85 -187.70
CA LYS K 926 0.61 -38.93 -187.15
C LYS K 926 0.64 -39.20 -185.65
N LEU K 927 1.55 -40.07 -185.21
CA LEU K 927 1.59 -40.46 -183.81
C LEU K 927 2.40 -39.49 -182.96
N LEU K 928 3.65 -39.20 -183.35
CA LEU K 928 4.52 -38.32 -182.59
C LEU K 928 4.11 -36.87 -182.86
N THR K 929 3.05 -36.45 -182.17
CA THR K 929 2.52 -35.10 -182.25
C THR K 929 2.79 -34.30 -180.98
N GLY K 930 3.79 -34.71 -180.21
CA GLY K 930 4.12 -34.02 -178.99
C GLY K 930 4.73 -32.65 -179.25
N LYS K 931 4.72 -31.82 -178.20
CA LYS K 931 5.26 -30.47 -178.33
C LYS K 931 6.75 -30.51 -178.64
N ARG K 932 7.50 -31.40 -177.99
CA ARG K 932 8.94 -31.49 -178.23
C ARG K 932 9.22 -31.91 -179.68
N VAL K 933 8.48 -32.88 -180.19
CA VAL K 933 8.70 -33.36 -181.56
C VAL K 933 8.42 -32.25 -182.56
N GLN K 934 7.30 -31.54 -182.37
CA GLN K 934 6.95 -30.45 -183.29
C GLN K 934 7.96 -29.32 -183.23
N LEU K 935 8.41 -28.97 -182.01
CA LEU K 935 9.41 -27.91 -181.88
C LEU K 935 10.73 -28.30 -182.54
N ALA K 936 11.16 -29.54 -182.35
CA ALA K 936 12.40 -30.01 -182.98
C ALA K 936 12.27 -30.00 -184.50
N GLU K 937 11.13 -30.45 -185.01
CA GLU K 937 10.91 -30.45 -186.46
C GLU K 937 10.93 -29.02 -187.01
N ASP K 938 10.27 -28.09 -186.32
CA ASP K 938 10.27 -26.70 -186.76
C ASP K 938 11.68 -26.11 -186.74
N LEU K 939 12.44 -26.39 -185.68
CA LEU K 939 13.81 -25.89 -185.60
C LEU K 939 14.67 -26.45 -186.72
N LYS K 940 14.54 -27.75 -187.00
CA LYS K 940 15.31 -28.36 -188.09
C LYS K 940 14.93 -27.76 -189.43
N LYS K 941 13.63 -27.55 -189.67
CA LYS K 941 13.20 -26.95 -190.93
C LYS K 941 13.71 -25.53 -191.07
N VAL K 942 13.67 -24.75 -189.98
CA VAL K 942 14.18 -23.38 -190.03
C VAL K 942 15.67 -23.37 -190.30
N ARG K 943 16.42 -24.27 -189.66
CA ARG K 943 17.86 -24.35 -189.92
C ARG K 943 18.15 -24.71 -191.36
N GLU K 944 17.40 -25.68 -191.91
CA GLU K 944 17.59 -26.06 -193.31
C GLU K 944 17.27 -24.91 -194.25
N ILE K 945 16.19 -24.18 -193.98
CA ILE K 945 15.82 -23.05 -194.81
C ILE K 945 16.89 -21.97 -194.76
N GLN K 946 17.41 -21.69 -193.56
CA GLN K 946 18.47 -20.69 -193.43
C GLN K 946 19.74 -21.12 -194.15
N GLU K 947 20.09 -22.41 -194.07
CA GLU K 947 21.27 -22.90 -194.79
C GLU K 947 21.08 -22.77 -196.30
N LYS K 948 19.89 -23.10 -196.79
CA LYS K 948 19.62 -22.95 -198.22
C LYS K 948 19.69 -21.49 -198.64
N LEU K 949 19.17 -20.58 -197.81
CA LEU K 949 19.24 -19.16 -198.15
C LEU K 949 20.67 -18.65 -198.12
N ASP K 950 21.49 -19.13 -197.17
CA ASP K 950 22.89 -18.77 -197.15
C ASP K 950 23.62 -19.27 -198.39
N ALA K 951 23.31 -20.49 -198.83
CA ALA K 951 23.89 -21.01 -200.06
C ALA K 951 23.47 -20.18 -201.26
N PHE K 952 22.20 -19.77 -201.30
CA PHE K 952 21.74 -18.90 -202.36
C PHE K 952 22.48 -17.56 -202.37
N ILE K 953 22.67 -16.98 -201.19
CA ILE K 953 23.37 -15.70 -201.09
C ILE K 953 24.81 -15.85 -201.55
N GLU K 954 25.48 -16.94 -201.15
CA GLU K 954 26.85 -17.18 -201.57
C GLU K 954 26.95 -17.36 -203.08
N ALA K 955 26.01 -18.12 -203.66
CA ALA K 955 26.03 -18.33 -205.10
C ALA K 955 25.78 -17.03 -205.84
N LEU K 956 24.85 -16.20 -205.35
CA LEU K 956 24.59 -14.91 -205.99
C LEU K 956 25.81 -14.00 -205.91
N HIS K 957 26.49 -13.99 -204.77
CA HIS K 957 27.68 -13.17 -204.63
C HIS K 957 28.81 -13.65 -205.54
N GLN K 958 28.98 -14.97 -205.64
CA GLN K 958 30.02 -15.51 -206.51
C GLN K 958 29.73 -15.24 -207.98
N GLU K 959 28.46 -15.39 -208.41
CA GLU K 959 28.13 -15.16 -209.81
C GLU K 959 28.31 -13.69 -210.18
N LYS K 960 27.94 -12.79 -209.28
CA LYS K 960 28.12 -11.34 -209.53
C LYS K 960 29.48 -10.89 -208.99
N SER L 263 16.94 -77.88 -208.63
CA SER L 263 16.13 -78.50 -207.59
C SER L 263 16.99 -78.84 -206.38
N LEU L 264 17.07 -80.13 -206.06
CA LEU L 264 17.87 -80.57 -204.92
C LEU L 264 19.35 -80.28 -205.13
N ILE L 265 19.85 -80.49 -206.35
CA ILE L 265 21.26 -80.28 -206.62
C ILE L 265 21.62 -78.80 -206.52
N ASP L 266 20.74 -77.92 -207.00
CA ASP L 266 21.01 -76.49 -206.91
C ASP L 266 21.04 -76.02 -205.46
N MET L 267 20.09 -76.51 -204.65
CA MET L 267 20.06 -76.13 -203.24
C MET L 267 21.29 -76.69 -202.51
N TYR L 268 21.71 -77.91 -202.84
CA TYR L 268 22.92 -78.46 -202.24
C TYR L 268 24.15 -77.65 -202.62
N SER L 269 24.23 -77.21 -203.88
CA SER L 269 25.35 -76.37 -204.29
C SER L 269 25.33 -75.04 -203.56
N GLU L 270 24.14 -74.46 -203.36
CA GLU L 270 24.03 -73.21 -202.61
C GLU L 270 24.48 -73.41 -201.17
N VAL L 271 24.09 -74.54 -200.56
CA VAL L 271 24.50 -74.84 -199.19
C VAL L 271 26.01 -74.99 -199.10
N LEU L 272 26.61 -75.68 -200.08
CA LEU L 272 28.07 -75.82 -200.10
C LEU L 272 28.76 -74.47 -200.27
N ASP L 273 28.19 -73.60 -201.12
CA ASP L 273 28.76 -72.27 -201.29
C ASP L 273 28.68 -71.47 -200.00
N VAL L 274 27.55 -71.56 -199.28
CA VAL L 274 27.42 -70.87 -198.01
C VAL L 274 28.43 -71.40 -197.01
N LEU L 275 28.62 -72.72 -196.95
CA LEU L 275 29.59 -73.31 -196.04
C LEU L 275 31.00 -72.84 -196.39
N SER L 276 31.34 -72.77 -197.67
CA SER L 276 32.66 -72.29 -198.08
C SER L 276 32.85 -70.83 -197.70
N ASP L 277 31.83 -70.00 -197.90
CA ASP L 277 31.91 -68.59 -197.55
C ASP L 277 31.81 -68.34 -196.06
N TYR L 278 31.47 -69.36 -195.27
CA TYR L 278 31.38 -69.19 -193.82
C TYR L 278 32.74 -68.81 -193.23
N ASP L 279 33.81 -69.47 -193.66
CA ASP L 279 35.14 -69.16 -193.16
C ASP L 279 36.17 -69.63 -194.19
N ALA L 280 37.34 -69.00 -194.15
CA ALA L 280 38.43 -69.39 -195.04
C ALA L 280 39.09 -70.69 -194.60
N SER L 281 38.92 -71.09 -193.34
CA SER L 281 39.49 -72.33 -192.84
C SER L 281 38.56 -73.49 -193.19
N TYR L 282 38.83 -74.67 -192.62
CA TYR L 282 38.03 -75.88 -192.87
C TYR L 282 37.59 -76.44 -191.52
N ASN L 283 36.45 -75.95 -191.03
CA ASN L 283 35.85 -76.43 -189.78
C ASN L 283 34.52 -77.15 -190.01
N THR L 284 33.57 -76.49 -190.67
CA THR L 284 32.29 -77.11 -191.01
C THR L 284 32.21 -77.53 -192.46
N GLN L 285 33.20 -77.19 -193.28
CA GLN L 285 33.20 -77.55 -194.69
C GLN L 285 33.50 -79.03 -194.91
N ASP L 286 34.06 -79.72 -193.92
CA ASP L 286 34.39 -81.12 -194.02
C ASP L 286 33.26 -82.04 -193.57
N HIS L 287 32.10 -81.48 -193.24
CA HIS L 287 30.97 -82.31 -192.82
C HIS L 287 30.26 -82.92 -194.03
N LEU L 288 29.77 -82.09 -194.94
CA LEU L 288 29.11 -82.59 -196.13
C LEU L 288 30.13 -83.18 -197.11
N PRO L 289 29.79 -84.29 -197.76
CA PRO L 289 30.73 -84.86 -198.73
C PRO L 289 30.97 -83.91 -199.91
N ARG L 290 32.19 -83.91 -200.41
CA ARG L 290 32.58 -83.08 -201.54
C ARG L 290 33.48 -83.88 -202.45
N VAL L 291 33.04 -84.11 -203.69
CA VAL L 291 33.85 -84.83 -204.67
C VAL L 291 34.93 -83.89 -205.17
N VAL L 292 36.19 -84.19 -204.84
CA VAL L 292 37.33 -83.35 -205.19
C VAL L 292 38.18 -84.10 -206.20
N VAL L 293 38.50 -83.43 -207.30
CA VAL L 293 39.34 -84.00 -208.35
C VAL L 293 40.74 -83.41 -208.21
N VAL L 294 41.72 -84.27 -207.91
CA VAL L 294 43.10 -83.86 -207.72
C VAL L 294 43.97 -84.62 -208.71
N GLY L 295 44.84 -83.90 -209.42
CA GLY L 295 45.73 -84.51 -210.38
C GLY L 295 47.16 -84.04 -210.24
N ASP L 296 47.99 -84.35 -211.22
CA ASP L 296 49.39 -83.95 -211.23
C ASP L 296 49.61 -82.81 -212.22
N GLN L 297 50.72 -82.10 -212.04
CA GLN L 297 51.05 -80.99 -212.91
C GLN L 297 51.44 -81.50 -214.30
N SER L 298 50.85 -80.88 -215.33
CA SER L 298 51.11 -81.25 -216.73
C SER L 298 50.83 -82.73 -216.98
N ALA L 299 49.78 -83.24 -216.34
CA ALA L 299 49.38 -84.64 -216.47
C ALA L 299 48.18 -84.83 -217.38
N GLY L 300 47.76 -83.78 -218.10
CA GLY L 300 46.62 -83.89 -218.97
C GLY L 300 45.27 -83.90 -218.29
N LYS L 301 45.22 -83.54 -217.00
CA LYS L 301 43.95 -83.55 -216.29
C LYS L 301 42.99 -82.50 -216.82
N THR L 302 43.50 -81.44 -217.45
CA THR L 302 42.64 -80.41 -218.02
C THR L 302 41.76 -80.98 -219.12
N SER L 303 42.33 -81.81 -220.00
CA SER L 303 41.55 -82.41 -221.07
C SER L 303 40.47 -83.33 -220.52
N VAL L 304 40.80 -84.12 -219.49
CA VAL L 304 39.82 -85.02 -218.89
C VAL L 304 38.69 -84.22 -218.25
N LEU L 305 39.03 -83.14 -217.54
CA LEU L 305 38.02 -82.30 -216.92
C LEU L 305 37.12 -81.65 -217.98
N GLU L 306 37.71 -81.20 -219.08
CA GLU L 306 36.92 -80.62 -220.16
C GLU L 306 35.98 -81.66 -220.77
N MET L 307 36.47 -82.89 -220.97
CA MET L 307 35.63 -83.94 -221.51
C MET L 307 34.52 -84.33 -220.55
N ILE L 308 34.76 -84.23 -219.25
CA ILE L 308 33.72 -84.52 -218.27
C ILE L 308 32.54 -83.56 -218.44
N ALA L 309 32.83 -82.27 -218.60
CA ALA L 309 31.80 -81.27 -218.84
C ALA L 309 31.43 -81.15 -220.31
N GLN L 310 32.09 -81.89 -221.20
CA GLN L 310 31.83 -81.87 -222.63
C GLN L 310 32.01 -80.47 -223.22
N ALA L 311 32.93 -79.69 -222.66
CA ALA L 311 33.20 -78.35 -223.14
C ALA L 311 34.56 -77.90 -222.64
N ARG L 312 35.24 -77.11 -223.45
CA ARG L 312 36.55 -76.57 -223.10
C ARG L 312 36.35 -75.29 -222.29
N ILE L 313 36.39 -75.42 -220.96
CA ILE L 313 36.20 -74.28 -220.08
C ILE L 313 37.43 -73.94 -219.26
N PHE L 314 38.38 -74.86 -219.11
CA PHE L 314 39.59 -74.59 -218.34
C PHE L 314 40.69 -74.11 -219.28
N PRO L 315 41.25 -72.92 -219.05
CA PRO L 315 42.33 -72.44 -219.94
C PRO L 315 43.55 -73.34 -219.86
N ARG L 316 44.22 -73.50 -221.00
CA ARG L 316 45.40 -74.34 -221.10
C ARG L 316 46.64 -73.58 -220.61
N GLY L 317 47.58 -74.34 -220.04
CA GLY L 317 48.82 -73.76 -219.55
C GLY L 317 50.05 -74.49 -220.02
N SER L 318 50.99 -73.77 -220.62
CA SER L 318 52.23 -74.36 -221.13
C SER L 318 53.25 -74.40 -220.00
N GLY L 319 53.06 -75.36 -219.10
CA GLY L 319 53.94 -75.57 -217.96
C GLY L 319 53.56 -74.78 -216.72
N GLU L 320 53.13 -73.53 -216.91
CA GLU L 320 52.75 -72.70 -215.77
C GLU L 320 51.47 -73.22 -215.14
N MET L 321 51.39 -73.09 -213.82
CA MET L 321 50.22 -73.54 -213.06
C MET L 321 49.16 -72.45 -213.11
N MET L 322 48.29 -72.56 -214.12
CA MET L 322 47.23 -71.57 -214.29
C MET L 322 46.23 -71.63 -213.13
N THR L 323 45.89 -72.83 -212.68
CA THR L 323 44.93 -73.01 -211.59
C THR L 323 45.65 -72.81 -210.26
N ARG L 324 45.41 -71.67 -209.62
CA ARG L 324 46.02 -71.35 -208.33
C ARG L 324 45.01 -71.25 -207.20
N SER L 325 43.72 -71.37 -207.49
CA SER L 325 42.67 -71.31 -206.49
C SER L 325 41.70 -72.46 -206.69
N PRO L 326 41.06 -72.92 -205.62
CA PRO L 326 40.07 -74.00 -205.76
C PRO L 326 38.91 -73.58 -206.66
N VAL L 327 38.45 -74.51 -207.49
CA VAL L 327 37.38 -74.28 -208.43
C VAL L 327 36.28 -75.29 -208.17
N LYS L 328 35.05 -74.82 -207.99
CA LYS L 328 33.90 -75.68 -207.76
C LYS L 328 33.10 -75.81 -209.04
N VAL L 329 32.89 -77.04 -209.48
CA VAL L 329 32.12 -77.34 -210.69
C VAL L 329 30.90 -78.14 -210.25
N THR L 330 29.72 -77.55 -210.42
CA THR L 330 28.46 -78.19 -210.04
C THR L 330 27.79 -78.71 -211.32
N LEU L 331 27.68 -80.03 -211.43
CA LEU L 331 27.06 -80.65 -212.59
C LEU L 331 25.55 -80.74 -212.36
N SER L 332 24.78 -80.21 -213.30
CA SER L 332 23.32 -80.23 -213.20
C SER L 332 22.74 -80.09 -214.61
N GLU L 333 21.42 -80.07 -214.69
CA GLU L 333 20.71 -79.94 -215.95
C GLU L 333 19.78 -78.74 -215.89
N GLY L 334 19.84 -77.88 -216.91
CA GLY L 334 19.00 -76.71 -216.97
C GLY L 334 18.34 -76.55 -218.32
N PRO L 335 17.66 -75.42 -218.52
CA PRO L 335 17.01 -75.17 -219.81
C PRO L 335 18.00 -75.11 -220.98
N HIS L 336 19.22 -74.62 -220.74
CA HIS L 336 20.22 -74.51 -221.78
C HIS L 336 21.56 -75.01 -221.25
N HIS L 337 22.41 -75.45 -222.17
CA HIS L 337 23.75 -75.96 -221.82
C HIS L 337 24.70 -74.78 -221.65
N VAL L 338 24.48 -74.04 -220.57
CA VAL L 338 25.25 -72.85 -220.25
C VAL L 338 25.84 -73.00 -218.85
N ALA L 339 26.75 -72.09 -218.51
CA ALA L 339 27.39 -72.06 -217.21
C ALA L 339 27.12 -70.72 -216.54
N LEU L 340 26.72 -70.77 -215.27
CA LEU L 340 26.39 -69.57 -214.51
C LEU L 340 27.08 -69.62 -213.16
N PHE L 341 27.69 -68.51 -212.76
CA PHE L 341 28.34 -68.42 -211.47
C PHE L 341 27.33 -68.08 -210.38
N LYS L 342 27.77 -68.23 -209.13
CA LYS L 342 26.91 -67.90 -208.00
C LYS L 342 26.61 -66.41 -207.93
N ASP L 343 27.62 -65.57 -208.18
CA ASP L 343 27.49 -64.12 -208.10
C ASP L 343 27.49 -63.46 -209.47
N SER L 344 27.06 -64.17 -210.50
CA SER L 344 27.01 -63.64 -211.86
C SER L 344 25.64 -63.90 -212.45
N SER L 345 25.28 -63.09 -213.45
CA SER L 345 24.00 -63.22 -214.14
C SER L 345 24.13 -63.56 -215.61
N ARG L 346 25.35 -63.56 -216.16
CA ARG L 346 25.56 -63.89 -217.56
C ARG L 346 25.72 -65.38 -217.73
N GLU L 347 24.92 -65.97 -218.63
CA GLU L 347 24.95 -67.41 -218.89
C GLU L 347 26.01 -67.67 -219.95
N PHE L 348 27.16 -68.20 -219.53
CA PHE L 348 28.24 -68.52 -220.44
C PHE L 348 27.93 -69.82 -221.15
N ASP L 349 27.60 -69.75 -222.44
CA ASP L 349 27.29 -70.93 -223.21
C ASP L 349 28.53 -71.81 -223.38
N LEU L 350 28.30 -73.12 -223.40
CA LEU L 350 29.37 -74.10 -223.52
C LEU L 350 29.53 -74.62 -224.94
N THR L 351 28.85 -74.02 -225.91
CA THR L 351 28.91 -74.45 -227.30
C THR L 351 29.65 -73.45 -228.20
N LYS L 352 29.25 -72.18 -228.17
CA LYS L 352 29.89 -71.18 -229.01
C LYS L 352 31.32 -70.92 -228.55
N GLU L 353 32.21 -70.73 -229.52
CA GLU L 353 33.62 -70.47 -229.19
C GLU L 353 33.80 -69.15 -228.47
N GLU L 354 33.05 -68.12 -228.88
CA GLU L 354 33.16 -66.82 -228.22
C GLU L 354 32.71 -66.90 -226.76
N ASP L 355 31.61 -67.61 -226.49
CA ASP L 355 31.15 -67.76 -225.12
C ASP L 355 32.15 -68.54 -224.28
N LEU L 356 32.75 -69.59 -224.86
CA LEU L 356 33.78 -70.34 -224.14
C LEU L 356 34.98 -69.47 -223.83
N ALA L 357 35.41 -68.64 -224.78
CA ALA L 357 36.53 -67.74 -224.54
C ALA L 357 36.20 -66.73 -223.46
N ALA L 358 34.98 -66.20 -223.47
CA ALA L 358 34.56 -65.26 -222.42
C ALA L 358 34.55 -65.94 -221.06
N LEU L 359 34.06 -67.19 -221.00
CA LEU L 359 34.06 -67.92 -219.74
C LEU L 359 35.47 -68.17 -219.23
N ARG L 360 36.39 -68.53 -220.13
CA ARG L 360 37.78 -68.73 -219.73
C ARG L 360 38.40 -67.43 -219.24
N HIS L 361 38.11 -66.32 -219.91
CA HIS L 361 38.63 -65.03 -219.47
C HIS L 361 38.09 -64.66 -218.10
N GLU L 362 36.80 -64.91 -217.86
CA GLU L 362 36.22 -64.63 -216.55
C GLU L 362 36.84 -65.49 -215.47
N ILE L 363 37.08 -66.78 -215.77
CA ILE L 363 37.71 -67.67 -214.81
C ILE L 363 39.12 -67.19 -214.49
N GLU L 364 39.87 -66.78 -215.51
CA GLU L 364 41.22 -66.28 -215.29
C GLU L 364 41.21 -65.00 -214.46
N LEU L 365 40.25 -64.10 -214.72
CA LEU L 365 40.14 -62.88 -213.95
C LEU L 365 39.81 -63.18 -212.49
N ARG L 366 38.90 -64.13 -212.26
CA ARG L 366 38.57 -64.52 -210.89
C ARG L 366 39.77 -65.15 -210.18
N MET L 367 40.54 -65.96 -210.89
CA MET L 367 41.74 -66.55 -210.30
C MET L 367 42.76 -65.48 -209.95
N ARG L 368 42.95 -64.50 -210.84
CA ARG L 368 43.91 -63.42 -210.57
C ARG L 368 43.45 -62.56 -209.40
N LYS L 369 42.14 -62.28 -209.30
CA LYS L 369 41.63 -61.46 -208.21
C LYS L 369 41.86 -62.12 -206.86
N ASN L 370 41.60 -63.44 -206.78
CA ASN L 370 41.80 -64.14 -205.52
C ASN L 370 43.26 -64.16 -205.10
N VAL L 371 44.17 -64.40 -206.06
CA VAL L 371 45.59 -64.47 -205.75
C VAL L 371 46.11 -63.07 -205.47
N LYS L 372 46.80 -62.91 -204.34
CA LYS L 372 47.36 -61.62 -203.98
C LYS L 372 48.55 -61.28 -204.88
N GLU L 373 48.84 -59.99 -204.97
CA GLU L 373 49.95 -59.50 -205.79
C GLU L 373 51.25 -59.81 -205.07
N GLY L 374 51.78 -61.00 -205.31
CA GLY L 374 53.00 -61.43 -204.68
C GLY L 374 52.94 -62.86 -204.17
N CYS L 375 51.72 -63.37 -203.98
CA CYS L 375 51.50 -64.72 -203.51
C CYS L 375 51.25 -65.66 -204.69
N THR L 376 51.15 -66.95 -204.37
CA THR L 376 50.93 -67.99 -205.38
C THR L 376 49.63 -68.73 -205.16
N VAL L 377 49.34 -69.17 -203.93
CA VAL L 377 48.13 -69.91 -203.61
C VAL L 377 47.25 -69.04 -202.73
N SER L 378 45.98 -68.90 -203.13
CA SER L 378 45.03 -68.09 -202.40
C SER L 378 43.97 -68.98 -201.75
N PRO L 379 43.66 -68.77 -200.48
CA PRO L 379 42.62 -69.60 -199.83
C PRO L 379 41.22 -69.38 -200.39
N GLU L 380 40.99 -68.29 -201.09
CA GLU L 380 39.67 -68.02 -201.64
C GLU L 380 39.30 -69.04 -202.71
N THR L 381 38.04 -69.45 -202.72
CA THR L 381 37.54 -70.44 -203.66
C THR L 381 36.65 -69.78 -204.70
N ILE L 382 36.48 -70.48 -205.83
CA ILE L 382 35.66 -70.01 -206.94
C ILE L 382 34.52 -71.00 -207.14
N SER L 383 33.29 -70.50 -207.16
CA SER L 383 32.10 -71.32 -207.31
C SER L 383 31.52 -71.14 -208.71
N LEU L 384 31.26 -72.25 -209.38
CA LEU L 384 30.68 -72.23 -210.72
C LEU L 384 29.66 -73.35 -210.84
N ASN L 385 28.51 -73.04 -211.43
CA ASN L 385 27.44 -73.99 -211.64
C ASN L 385 27.29 -74.27 -213.13
N VAL L 386 27.28 -75.55 -213.47
CA VAL L 386 27.17 -76.00 -214.87
C VAL L 386 25.81 -76.66 -215.05
N LYS L 387 25.06 -76.21 -216.05
CA LYS L 387 23.75 -76.75 -216.37
C LYS L 387 23.70 -77.17 -217.83
N GLY L 388 22.84 -78.15 -218.11
CA GLY L 388 22.68 -78.64 -219.45
C GLY L 388 22.27 -80.10 -219.49
N PRO L 389 21.60 -80.51 -220.57
CA PRO L 389 21.18 -81.91 -220.69
C PRO L 389 22.37 -82.84 -220.87
N GLY L 390 22.18 -84.09 -220.43
CA GLY L 390 23.21 -85.11 -220.54
C GLY L 390 24.21 -85.12 -219.41
N LEU L 391 24.09 -84.24 -218.43
CA LEU L 391 25.00 -84.20 -217.29
C LEU L 391 24.38 -84.89 -216.08
N GLN L 392 25.23 -85.19 -215.10
CA GLN L 392 24.80 -85.84 -213.87
C GLN L 392 24.52 -84.78 -212.81
N ARG L 393 24.25 -85.22 -211.59
CA ARG L 393 23.95 -84.34 -210.46
C ARG L 393 25.01 -84.57 -209.38
N MET L 394 26.12 -83.84 -209.49
CA MET L 394 27.21 -83.95 -208.53
C MET L 394 28.01 -82.66 -208.56
N VAL L 395 28.84 -82.48 -207.53
CA VAL L 395 29.68 -81.30 -207.38
C VAL L 395 31.13 -81.73 -207.48
N LEU L 396 31.87 -81.12 -208.40
CA LEU L 396 33.28 -81.42 -208.62
C LEU L 396 34.13 -80.26 -208.14
N VAL L 397 35.21 -80.58 -207.43
CA VAL L 397 36.13 -79.58 -206.89
C VAL L 397 37.48 -79.75 -207.57
N ASP L 398 38.02 -78.66 -208.10
CA ASP L 398 39.31 -78.66 -208.78
C ASP L 398 40.36 -78.01 -207.90
N LEU L 399 41.51 -78.68 -207.76
CA LEU L 399 42.60 -78.19 -206.95
C LEU L 399 43.89 -78.20 -207.75
N PRO L 400 44.83 -77.32 -207.41
CA PRO L 400 46.12 -77.32 -208.12
C PRO L 400 46.87 -78.63 -207.90
N GLY L 401 47.65 -79.01 -208.91
CA GLY L 401 48.40 -80.25 -208.84
C GLY L 401 49.48 -80.22 -207.79
N VAL L 402 49.86 -81.41 -207.34
CA VAL L 402 50.89 -81.55 -206.31
C VAL L 402 52.26 -81.36 -206.94
N ILE L 403 53.07 -80.49 -206.35
CA ILE L 403 54.40 -80.20 -206.85
C ILE L 403 55.42 -80.71 -205.84
N ASN L 404 56.66 -80.89 -206.32
CA ASN L 404 57.75 -81.38 -205.50
C ASN L 404 58.85 -80.35 -205.31
N THR L 405 59.30 -79.71 -206.38
CA THR L 405 60.35 -78.71 -206.28
C THR L 405 59.80 -77.40 -205.72
N VAL L 406 60.71 -76.55 -205.24
CA VAL L 406 60.38 -75.27 -204.67
C VAL L 406 60.97 -74.18 -205.55
N THR L 407 60.13 -73.24 -205.97
CA THR L 407 60.56 -72.14 -206.83
C THR L 407 61.19 -71.04 -205.99
N SER L 408 62.40 -70.62 -206.37
CA SER L 408 63.08 -69.54 -205.66
C SER L 408 62.39 -68.20 -205.87
N GLY L 409 61.76 -68.01 -207.03
CA GLY L 409 61.07 -66.77 -207.33
C GLY L 409 59.69 -66.63 -206.75
N MET L 410 59.21 -67.62 -206.02
CA MET L 410 57.89 -67.61 -205.41
C MET L 410 58.02 -67.85 -203.91
N ALA L 411 56.89 -68.02 -203.25
CA ALA L 411 56.88 -68.26 -201.81
C ALA L 411 57.50 -69.61 -201.50
N PRO L 412 58.48 -69.69 -200.59
CA PRO L 412 59.08 -70.98 -200.26
C PRO L 412 58.11 -71.97 -199.61
N ASP L 413 57.01 -71.48 -199.02
CA ASP L 413 56.04 -72.33 -198.35
C ASP L 413 54.85 -72.68 -199.25
N THR L 414 54.99 -72.47 -200.57
CA THR L 414 53.90 -72.80 -201.48
C THR L 414 53.60 -74.30 -201.46
N LYS L 415 54.63 -75.14 -201.47
CA LYS L 415 54.43 -76.58 -201.42
C LYS L 415 53.78 -76.99 -200.10
N GLU L 416 54.22 -76.40 -198.99
CA GLU L 416 53.63 -76.70 -197.69
C GLU L 416 52.16 -76.28 -197.65
N THR L 417 51.85 -75.11 -198.22
CA THR L 417 50.47 -74.65 -198.26
C THR L 417 49.61 -75.58 -199.10
N ILE L 418 50.13 -76.02 -200.25
CA ILE L 418 49.38 -76.95 -201.09
C ILE L 418 49.14 -78.26 -200.37
N PHE L 419 50.16 -78.78 -199.69
CA PHE L 419 50.01 -80.02 -198.93
C PHE L 419 48.97 -79.87 -197.81
N SER L 420 49.00 -78.73 -197.11
CA SER L 420 48.03 -78.51 -196.05
C SER L 420 46.61 -78.42 -196.61
N ILE L 421 46.45 -77.74 -197.75
CA ILE L 421 45.13 -77.64 -198.37
C ILE L 421 44.63 -79.02 -198.79
N SER L 422 45.53 -79.83 -199.38
CA SER L 422 45.14 -81.18 -199.79
C SER L 422 44.75 -82.03 -198.59
N LYS L 423 45.51 -81.93 -197.49
CA LYS L 423 45.17 -82.67 -196.28
C LYS L 423 43.83 -82.24 -195.72
N ALA L 424 43.57 -80.93 -195.69
CA ALA L 424 42.30 -80.43 -195.20
C ALA L 424 41.14 -80.92 -196.06
N TYR L 425 41.32 -80.92 -197.39
CA TYR L 425 40.29 -81.43 -198.28
C TYR L 425 40.06 -82.92 -198.06
N MET L 426 41.13 -83.68 -197.86
CA MET L 426 41.01 -85.12 -197.62
C MET L 426 40.52 -85.45 -196.22
N GLN L 427 40.47 -84.47 -195.31
CA GLN L 427 39.97 -84.72 -193.97
C GLN L 427 38.51 -85.17 -193.96
N ASN L 428 37.77 -84.88 -195.00
CA ASN L 428 36.38 -85.32 -195.09
C ASN L 428 36.34 -86.83 -195.28
N PRO L 429 35.69 -87.58 -194.37
CA PRO L 429 35.64 -89.04 -194.55
C PRO L 429 34.87 -89.49 -195.78
N ASN L 430 33.99 -88.64 -196.32
CA ASN L 430 33.17 -88.99 -197.47
C ASN L 430 33.55 -88.21 -198.72
N ALA L 431 34.77 -87.67 -198.77
CA ALA L 431 35.23 -86.92 -199.92
C ALA L 431 35.68 -87.89 -201.02
N ILE L 432 34.96 -87.88 -202.14
CA ILE L 432 35.30 -88.75 -203.27
C ILE L 432 36.44 -88.11 -204.03
N ILE L 433 37.52 -88.87 -204.26
CA ILE L 433 38.70 -88.38 -204.95
C ILE L 433 38.74 -89.03 -206.33
N LEU L 434 38.83 -88.20 -207.36
CA LEU L 434 38.90 -88.66 -208.75
C LEU L 434 40.34 -88.48 -209.23
N CYS L 435 41.08 -89.57 -209.30
CA CYS L 435 42.47 -89.55 -209.72
C CYS L 435 42.55 -89.56 -211.25
N ILE L 436 43.34 -88.65 -211.80
CA ILE L 436 43.53 -88.53 -213.24
C ILE L 436 45.02 -88.70 -213.54
N GLN L 437 45.33 -89.59 -214.46
CA GLN L 437 46.71 -89.87 -214.86
C GLN L 437 46.89 -89.54 -216.35
N ASP L 438 48.06 -89.86 -216.87
CA ASP L 438 48.40 -89.60 -218.27
C ASP L 438 48.93 -90.87 -218.91
N GLY L 439 48.94 -90.88 -220.24
CA GLY L 439 49.44 -92.03 -220.96
C GLY L 439 50.92 -92.29 -220.71
N SER L 440 51.71 -91.22 -220.60
CA SER L 440 53.14 -91.35 -220.34
C SER L 440 53.46 -91.47 -218.86
N VAL L 441 52.47 -91.40 -217.98
CA VAL L 441 52.67 -91.48 -216.54
C VAL L 441 52.12 -92.81 -216.05
N ASP L 442 52.95 -93.59 -215.37
CA ASP L 442 52.52 -94.88 -214.86
C ASP L 442 51.64 -94.71 -213.62
N ALA L 443 51.00 -95.82 -213.23
CA ALA L 443 50.12 -95.78 -212.05
C ALA L 443 50.92 -95.47 -210.79
N GLU L 444 52.10 -96.06 -210.64
CA GLU L 444 52.93 -95.80 -209.47
C GLU L 444 53.56 -94.42 -209.51
N ARG L 445 53.71 -93.83 -210.69
CA ARG L 445 54.29 -92.50 -210.82
C ARG L 445 53.31 -91.39 -210.45
N SER L 446 52.03 -91.71 -210.27
CA SER L 446 51.03 -90.71 -209.93
C SER L 446 51.10 -90.43 -208.43
N ILE L 447 51.42 -89.18 -208.06
CA ILE L 447 51.51 -88.82 -206.66
C ILE L 447 50.13 -88.87 -206.00
N VAL L 448 49.09 -88.47 -206.74
CA VAL L 448 47.74 -88.48 -206.18
C VAL L 448 47.30 -89.89 -205.86
N THR L 449 47.57 -90.84 -206.76
CA THR L 449 47.20 -92.23 -206.51
C THR L 449 47.92 -92.79 -205.29
N ASP L 450 49.22 -92.51 -205.17
CA ASP L 450 49.97 -92.98 -204.01
C ASP L 450 49.45 -92.37 -202.71
N LEU L 451 49.13 -91.08 -202.74
CA LEU L 451 48.59 -90.42 -201.55
C LEU L 451 47.23 -91.01 -201.17
N VAL L 452 46.38 -91.29 -202.16
CA VAL L 452 45.07 -91.89 -201.87
C VAL L 452 45.26 -93.28 -201.28
N SER L 453 46.18 -94.07 -201.85
CA SER L 453 46.42 -95.41 -201.32
C SER L 453 46.95 -95.36 -199.89
N GLN L 454 47.85 -94.41 -199.61
CA GLN L 454 48.37 -94.29 -198.25
C GLN L 454 47.29 -93.87 -197.27
N MET L 455 46.44 -92.91 -197.68
CA MET L 455 45.38 -92.44 -196.78
C MET L 455 44.22 -93.43 -196.70
N ASP L 456 43.92 -94.13 -197.79
CA ASP L 456 42.81 -95.08 -197.85
C ASP L 456 43.33 -96.41 -198.38
N PRO L 457 43.98 -97.21 -197.52
CA PRO L 457 44.46 -98.52 -197.99
C PRO L 457 43.35 -99.44 -198.46
N HIS L 458 42.17 -99.37 -197.85
CA HIS L 458 41.07 -100.23 -198.28
C HIS L 458 40.51 -99.78 -199.63
N GLY L 459 40.32 -98.48 -199.81
CA GLY L 459 39.78 -97.97 -201.05
C GLY L 459 38.36 -98.40 -201.34
N ARG L 460 37.53 -98.48 -200.31
CA ARG L 460 36.14 -98.89 -200.48
C ARG L 460 35.27 -97.78 -201.06
N ARG L 461 35.72 -96.52 -201.02
CA ARG L 461 34.96 -95.41 -201.55
C ARG L 461 35.64 -94.72 -202.72
N THR L 462 36.89 -95.06 -203.04
CA THR L 462 37.62 -94.45 -204.14
C THR L 462 37.63 -95.41 -205.32
N ILE L 463 37.25 -94.90 -206.50
CA ILE L 463 37.18 -95.69 -207.73
C ILE L 463 38.22 -95.14 -208.69
N PHE L 464 39.11 -96.01 -209.16
CA PHE L 464 40.16 -95.60 -210.09
C PHE L 464 39.60 -95.50 -211.51
N VAL L 465 39.93 -94.41 -212.18
CA VAL L 465 39.53 -94.18 -213.57
C VAL L 465 40.79 -93.99 -214.41
N LEU L 466 40.88 -94.76 -215.49
CA LEU L 466 42.03 -94.72 -216.39
C LEU L 466 41.69 -93.87 -217.60
N THR L 467 42.51 -92.86 -217.87
CA THR L 467 42.31 -91.94 -218.97
C THR L 467 43.49 -92.01 -219.94
N LYS L 468 43.22 -91.67 -221.20
CA LYS L 468 44.21 -91.67 -222.26
C LYS L 468 44.86 -93.05 -222.40
N VAL L 469 44.02 -94.07 -222.61
CA VAL L 469 44.52 -95.43 -222.78
C VAL L 469 45.30 -95.57 -224.07
N ASP L 470 44.85 -94.91 -225.14
CA ASP L 470 45.53 -95.03 -226.42
C ASP L 470 46.95 -94.48 -226.36
N LEU L 471 47.12 -93.34 -225.67
CA LEU L 471 48.46 -92.76 -225.56
C LEU L 471 49.41 -93.69 -224.80
N ALA L 472 48.92 -94.30 -223.72
CA ALA L 472 49.75 -95.25 -222.98
C ALA L 472 50.07 -96.47 -223.83
N GLU L 473 49.09 -96.97 -224.58
CA GLU L 473 49.32 -98.14 -225.42
C GLU L 473 50.34 -97.86 -226.51
N LYS L 474 50.28 -96.67 -227.12
CA LYS L 474 51.20 -96.32 -228.19
C LYS L 474 52.64 -96.14 -227.69
N ASN L 475 52.83 -95.99 -226.38
CA ASN L 475 54.16 -95.82 -225.82
C ASN L 475 54.79 -97.16 -225.43
N VAL L 476 54.82 -98.08 -226.39
CA VAL L 476 55.33 -99.45 -226.27
C VAL L 476 55.15 -100.03 -224.87
N ALA L 477 53.96 -99.84 -224.30
CA ALA L 477 53.67 -100.35 -222.98
C ALA L 477 53.34 -101.84 -223.04
N SER L 478 53.45 -102.49 -221.89
CA SER L 478 53.14 -103.92 -221.79
C SER L 478 51.64 -104.11 -221.62
N PRO L 479 50.97 -104.88 -222.48
CA PRO L 479 49.53 -105.10 -222.31
C PRO L 479 49.18 -105.83 -221.03
N SER L 480 50.11 -106.60 -220.47
CA SER L 480 49.83 -107.32 -219.22
C SER L 480 49.58 -106.33 -218.08
N ARG L 481 50.37 -105.26 -218.00
CA ARG L 481 50.15 -104.26 -216.96
C ARG L 481 48.80 -103.58 -217.11
N ILE L 482 48.41 -103.25 -218.34
CA ILE L 482 47.11 -102.63 -218.58
C ILE L 482 45.99 -103.57 -218.19
N GLN L 483 46.12 -104.86 -218.55
CA GLN L 483 45.10 -105.84 -218.18
C GLN L 483 45.00 -105.99 -216.67
N GLN L 484 46.13 -106.02 -215.97
CA GLN L 484 46.11 -106.14 -214.52
C GLN L 484 45.47 -104.91 -213.88
N ILE L 485 45.78 -103.71 -214.41
CA ILE L 485 45.19 -102.49 -213.87
C ILE L 485 43.68 -102.48 -214.08
N ILE L 486 43.23 -102.86 -215.28
CA ILE L 486 41.80 -102.89 -215.57
C ILE L 486 41.11 -103.94 -214.71
N GLU L 487 41.69 -105.14 -214.62
CA GLU L 487 41.09 -106.19 -213.82
C GLU L 487 41.23 -105.93 -212.32
N GLY L 488 42.24 -105.18 -211.91
CA GLY L 488 42.42 -104.86 -210.50
C GLY L 488 43.29 -105.86 -209.76
N LYS L 489 44.32 -106.36 -210.43
CA LYS L 489 45.25 -107.31 -209.83
C LYS L 489 46.55 -106.67 -209.36
N LEU L 490 46.63 -105.34 -209.40
CA LEU L 490 47.83 -104.62 -209.00
C LEU L 490 47.59 -103.61 -207.89
N PHE L 491 46.45 -102.93 -207.88
CA PHE L 491 46.16 -101.95 -206.85
C PHE L 491 45.76 -102.66 -205.56
N PRO L 492 46.45 -102.40 -204.44
CA PRO L 492 46.06 -103.06 -203.18
C PRO L 492 44.66 -102.69 -202.71
N MET L 493 44.19 -101.49 -203.02
CA MET L 493 42.87 -101.06 -202.57
C MET L 493 41.78 -101.85 -203.29
N LYS L 494 40.69 -102.10 -202.57
CA LYS L 494 39.55 -102.85 -203.11
C LYS L 494 38.51 -101.85 -203.60
N ALA L 495 38.76 -101.31 -204.80
CA ALA L 495 37.83 -100.35 -205.39
C ALA L 495 36.57 -101.06 -205.87
N LEU L 496 35.49 -100.28 -205.97
CA LEU L 496 34.22 -100.82 -206.43
C LEU L 496 34.25 -101.24 -207.90
N GLY L 497 35.20 -100.72 -208.67
CA GLY L 497 35.30 -101.09 -210.07
C GLY L 497 36.45 -100.34 -210.72
N TYR L 498 36.72 -100.73 -211.96
CA TYR L 498 37.79 -100.12 -212.75
C TYR L 498 37.31 -99.97 -214.18
N PHE L 499 37.39 -98.75 -214.72
CA PHE L 499 36.97 -98.47 -216.08
C PHE L 499 38.07 -97.71 -216.81
N ALA L 500 38.30 -98.05 -218.06
CA ALA L 500 39.32 -97.42 -218.89
C ALA L 500 38.63 -96.65 -220.01
N VAL L 501 38.95 -95.35 -220.11
CA VAL L 501 38.37 -94.47 -221.12
C VAL L 501 39.49 -93.70 -221.80
N VAL L 502 39.17 -93.17 -222.98
CA VAL L 502 40.09 -92.37 -223.77
C VAL L 502 39.55 -90.96 -223.85
N THR L 503 40.37 -89.99 -223.45
CA THR L 503 40.00 -88.58 -223.45
C THR L 503 40.80 -87.79 -224.49
N GLY L 504 41.07 -88.42 -225.63
CA GLY L 504 41.82 -87.76 -226.68
C GLY L 504 43.32 -87.80 -226.43
N LYS L 505 44.03 -87.10 -227.32
CA LYS L 505 45.49 -87.02 -227.23
C LYS L 505 45.97 -85.96 -226.26
N GLY L 506 45.06 -85.17 -225.67
CA GLY L 506 45.45 -84.13 -224.73
C GLY L 506 45.97 -82.86 -225.36
N ASN L 507 45.86 -82.72 -226.68
CA ASN L 507 46.35 -81.52 -227.36
C ASN L 507 45.30 -80.41 -227.24
N SER L 508 45.56 -79.27 -227.89
CA SER L 508 44.68 -78.13 -227.87
C SER L 508 44.14 -77.81 -229.27
N SER L 509 43.98 -78.83 -230.11
CA SER L 509 43.48 -78.63 -231.46
C SER L 509 42.40 -79.64 -231.83
N GLU L 510 41.85 -80.37 -230.86
CA GLU L 510 40.81 -81.36 -231.09
C GLU L 510 39.52 -80.91 -230.41
N SER L 511 38.44 -80.86 -231.17
CA SER L 511 37.16 -80.44 -230.62
C SER L 511 36.59 -81.54 -229.71
N ILE L 512 35.61 -81.14 -228.90
CA ILE L 512 34.97 -82.09 -227.99
C ILE L 512 34.25 -83.18 -228.76
N GLU L 513 33.54 -82.81 -229.83
CA GLU L 513 32.83 -83.80 -230.64
C GLU L 513 33.80 -84.78 -231.29
N ALA L 514 34.94 -84.28 -231.79
CA ALA L 514 35.92 -85.17 -232.41
C ALA L 514 36.49 -86.16 -231.39
N ILE L 515 36.80 -85.68 -230.18
CA ILE L 515 37.32 -86.56 -229.15
C ILE L 515 36.28 -87.59 -228.74
N ARG L 516 35.02 -87.18 -228.63
CA ARG L 516 33.96 -88.12 -228.29
C ARG L 516 33.79 -89.19 -229.36
N GLU L 517 33.84 -88.77 -230.64
CA GLU L 517 33.73 -89.74 -231.73
C GLU L 517 34.91 -90.70 -231.74
N TYR L 518 36.12 -90.19 -231.49
CA TYR L 518 37.29 -91.06 -231.42
C TYR L 518 37.18 -92.06 -230.28
N GLU L 519 36.69 -91.60 -229.12
CA GLU L 519 36.51 -92.50 -227.99
C GLU L 519 35.47 -93.56 -228.29
N GLU L 520 34.37 -93.18 -228.94
CA GLU L 520 33.34 -94.16 -229.32
C GLU L 520 33.89 -95.18 -230.30
N GLU L 521 34.67 -94.71 -231.28
CA GLU L 521 35.27 -95.64 -232.25
C GLU L 521 36.24 -96.60 -231.56
N PHE L 522 37.04 -96.09 -230.63
CA PHE L 522 37.97 -96.94 -229.90
C PHE L 522 37.23 -97.97 -229.05
N PHE L 523 36.14 -97.56 -228.40
CA PHE L 523 35.35 -98.50 -227.62
C PHE L 523 34.72 -99.57 -228.51
N GLN L 524 34.20 -99.17 -229.69
CA GLN L 524 33.61 -100.14 -230.59
C GLN L 524 34.65 -101.12 -231.12
N ASN L 525 35.83 -100.63 -231.48
CA ASN L 525 36.91 -101.47 -232.01
C ASN L 525 38.18 -101.15 -231.23
N SER L 526 38.55 -102.03 -230.31
CA SER L 526 39.73 -101.85 -229.49
C SER L 526 40.69 -103.02 -229.67
N LYS L 527 41.98 -102.73 -229.59
CA LYS L 527 43.01 -103.76 -229.74
C LYS L 527 43.10 -104.68 -228.53
N LEU L 528 42.48 -104.32 -227.40
CA LEU L 528 42.52 -105.15 -226.20
C LEU L 528 41.23 -105.93 -225.98
N LEU L 529 40.09 -105.42 -226.45
CA LEU L 529 38.83 -106.14 -226.28
C LEU L 529 38.78 -107.39 -227.15
N LYS L 530 39.43 -107.37 -228.30
CA LYS L 530 39.44 -108.52 -229.20
C LYS L 530 40.32 -109.66 -228.70
N THR L 531 41.14 -109.43 -227.68
CA THR L 531 42.01 -110.46 -227.13
C THR L 531 41.35 -111.26 -226.02
N SER L 532 40.09 -110.95 -225.69
CA SER L 532 39.34 -111.65 -224.64
C SER L 532 40.08 -111.60 -223.30
N MET L 533 40.67 -110.45 -223.01
CA MET L 533 41.40 -110.24 -221.76
C MET L 533 40.76 -109.20 -220.87
N LEU L 534 39.65 -108.59 -221.29
CA LEU L 534 38.96 -107.57 -220.51
C LEU L 534 37.50 -107.96 -220.33
N LYS L 535 36.95 -107.63 -219.17
CA LYS L 535 35.57 -107.95 -218.88
C LYS L 535 34.61 -107.14 -219.76
N ALA L 536 33.53 -107.79 -220.19
CA ALA L 536 32.58 -107.13 -221.07
C ALA L 536 31.72 -106.13 -220.33
N HIS L 537 31.52 -106.30 -219.03
CA HIS L 537 30.68 -105.42 -218.24
C HIS L 537 31.42 -104.20 -217.72
N GLN L 538 32.72 -104.09 -217.99
CA GLN L 538 33.52 -102.94 -217.55
C GLN L 538 33.73 -101.93 -218.67
N VAL L 539 32.73 -101.75 -219.54
CA VAL L 539 32.82 -100.81 -220.65
C VAL L 539 31.92 -99.62 -220.39
N THR L 540 32.05 -98.58 -221.22
CA THR L 540 31.27 -97.35 -221.12
C THR L 540 31.42 -96.70 -219.74
N THR L 541 30.55 -95.74 -219.43
CA THR L 541 30.59 -95.05 -218.16
C THR L 541 29.23 -94.88 -217.50
N ARG L 542 28.15 -95.39 -218.11
CA ARG L 542 26.81 -95.16 -217.55
C ARG L 542 26.65 -95.84 -216.19
N ASN L 543 27.03 -97.11 -216.10
CA ASN L 543 26.89 -97.84 -214.84
C ASN L 543 27.77 -97.23 -213.75
N LEU L 544 29.01 -96.87 -214.09
CA LEU L 544 29.90 -96.26 -213.11
C LEU L 544 29.35 -94.93 -212.64
N SER L 545 28.84 -94.11 -213.56
CA SER L 545 28.26 -92.82 -213.17
C SER L 545 27.05 -93.00 -212.28
N LEU L 546 26.18 -93.97 -212.61
CA LEU L 546 25.01 -94.22 -211.78
C LEU L 546 25.41 -94.68 -210.38
N ALA L 547 26.38 -95.59 -210.30
CA ALA L 547 26.84 -96.06 -208.99
C ALA L 547 27.45 -94.93 -208.18
N VAL L 548 28.27 -94.09 -208.80
CA VAL L 548 28.88 -92.96 -208.10
C VAL L 548 27.82 -92.00 -207.62
N SER L 549 26.82 -91.70 -208.46
CA SER L 549 25.75 -90.80 -208.05
C SER L 549 24.95 -91.36 -206.89
N ASP L 550 24.64 -92.66 -206.93
CA ASP L 550 23.89 -93.27 -205.84
C ASP L 550 24.69 -93.25 -204.53
N CYS L 551 25.98 -93.57 -204.61
CA CYS L 551 26.82 -93.55 -203.42
C CYS L 551 26.93 -92.13 -202.85
N PHE L 552 27.11 -91.14 -203.72
CA PHE L 552 27.18 -89.76 -203.26
C PHE L 552 25.87 -89.32 -202.62
N TRP L 553 24.73 -89.70 -203.22
CA TRP L 553 23.45 -89.32 -202.66
C TRP L 553 23.23 -89.96 -201.29
N LYS L 554 23.54 -91.25 -201.15
CA LYS L 554 23.33 -91.90 -199.85
C LYS L 554 24.28 -91.34 -198.80
N MET L 555 25.54 -91.08 -199.16
CA MET L 555 26.47 -90.55 -198.18
C MET L 555 26.11 -89.13 -197.77
N VAL L 556 25.65 -88.31 -198.71
CA VAL L 556 25.25 -86.95 -198.35
C VAL L 556 23.96 -86.96 -197.54
N ARG L 557 23.07 -87.92 -197.80
CA ARG L 557 21.87 -88.04 -196.97
C ARG L 557 22.24 -88.42 -195.54
N GLU L 558 23.14 -89.38 -195.37
CA GLU L 558 23.59 -89.73 -194.03
C GLU L 558 24.29 -88.56 -193.35
N SER L 559 25.13 -87.83 -194.10
CA SER L 559 25.83 -86.69 -193.53
C SER L 559 24.88 -85.61 -193.07
N VAL L 560 23.86 -85.29 -193.90
CA VAL L 560 22.92 -84.25 -193.52
C VAL L 560 22.03 -84.71 -192.36
N GLU L 561 21.70 -86.01 -192.31
CA GLU L 561 20.94 -86.52 -191.17
C GLU L 561 21.73 -86.38 -189.88
N GLN L 562 23.03 -86.67 -189.91
CA GLN L 562 23.86 -86.48 -188.72
C GLN L 562 24.01 -85.00 -188.39
N GLN L 563 24.19 -84.16 -189.40
CA GLN L 563 24.43 -82.74 -189.16
C GLN L 563 23.19 -82.02 -188.66
N ALA L 564 21.98 -82.51 -188.98
CA ALA L 564 20.77 -81.89 -188.48
C ALA L 564 20.76 -81.81 -186.96
N ASP L 565 21.42 -82.75 -186.29
CA ASP L 565 21.60 -82.70 -184.85
C ASP L 565 22.97 -82.18 -184.43
N SER L 566 24.00 -82.43 -185.23
CA SER L 566 25.34 -81.96 -184.89
C SER L 566 25.41 -80.45 -184.84
N PHE L 567 24.81 -79.77 -185.83
CA PHE L 567 24.83 -78.30 -185.85
C PHE L 567 23.97 -77.72 -184.73
N LYS L 568 22.85 -78.36 -184.40
CA LYS L 568 22.05 -77.91 -183.26
C LYS L 568 22.84 -78.02 -181.96
N ALA L 569 23.55 -79.14 -181.79
CA ALA L 569 24.39 -79.30 -180.59
C ALA L 569 25.50 -78.26 -180.56
N THR L 570 26.12 -77.99 -181.70
CA THR L 570 27.18 -76.98 -181.76
C THR L 570 26.65 -75.60 -181.42
N ARG L 571 25.47 -75.25 -181.94
CA ARG L 571 24.88 -73.95 -181.62
C ARG L 571 24.54 -73.86 -180.14
N PHE L 572 23.99 -74.93 -179.57
CA PHE L 572 23.68 -74.92 -178.14
C PHE L 572 24.94 -74.76 -177.31
N ASN L 573 26.02 -75.46 -177.68
CA ASN L 573 27.27 -75.35 -176.95
C ASN L 573 27.84 -73.94 -177.06
N LEU L 574 27.78 -73.33 -178.25
CA LEU L 574 28.28 -71.97 -178.42
C LEU L 574 27.46 -70.98 -177.59
N GLU L 575 26.14 -71.13 -177.57
CA GLU L 575 25.30 -70.26 -176.77
C GLU L 575 25.61 -70.42 -175.28
N THR L 576 25.80 -71.66 -174.83
CA THR L 576 26.14 -71.89 -173.43
C THR L 576 27.48 -71.28 -173.08
N GLU L 577 28.47 -71.41 -173.97
CA GLU L 577 29.78 -70.82 -173.74
C GLU L 577 29.68 -69.30 -173.66
N TRP L 578 28.92 -68.68 -174.56
CA TRP L 578 28.77 -67.24 -174.54
C TRP L 578 28.08 -66.78 -173.26
N LYS L 579 27.04 -67.49 -172.84
CA LYS L 579 26.35 -67.12 -171.59
C LYS L 579 27.25 -67.30 -170.38
N ASN L 580 28.04 -68.38 -170.35
CA ASN L 580 28.89 -68.63 -169.19
C ASN L 580 30.04 -67.63 -169.10
N ASN L 581 30.67 -67.31 -170.24
CA ASN L 581 31.77 -66.35 -170.22
C ASN L 581 31.28 -64.95 -169.87
N TYR L 582 30.05 -64.61 -170.25
CA TYR L 582 29.47 -63.28 -170.00
C TYR L 582 28.11 -63.45 -169.35
N PRO L 583 28.07 -63.78 -168.07
CA PRO L 583 26.77 -63.94 -167.39
C PRO L 583 25.93 -62.67 -167.38
N ARG L 584 26.57 -61.51 -167.33
CA ARG L 584 25.86 -60.23 -167.27
C ARG L 584 25.85 -59.50 -168.60
N LEU L 585 26.39 -60.11 -169.66
CA LEU L 585 26.43 -59.51 -170.99
C LEU L 585 25.81 -60.46 -172.01
N ARG L 586 24.91 -59.94 -172.82
CA ARG L 586 24.26 -60.72 -173.85
C ARG L 586 25.07 -60.62 -175.15
N GLU L 587 24.48 -61.10 -176.26
CA GLU L 587 25.17 -61.07 -177.54
C GLU L 587 25.52 -59.63 -177.93
N LEU L 588 26.77 -59.43 -178.36
CA LEU L 588 27.28 -58.12 -178.75
C LEU L 588 27.96 -58.27 -180.11
N ASP L 589 27.19 -58.08 -181.18
CA ASP L 589 27.72 -58.18 -182.52
C ASP L 589 28.26 -56.81 -182.97
N ARG L 590 28.68 -56.73 -184.24
CA ARG L 590 29.28 -55.51 -184.75
C ARG L 590 28.28 -54.35 -184.74
N ASN L 591 27.03 -54.61 -185.16
CA ASN L 591 26.05 -53.53 -185.27
C ASN L 591 25.70 -52.96 -183.91
N GLU L 592 25.37 -53.82 -182.94
CA GLU L 592 24.99 -53.35 -181.62
C GLU L 592 26.14 -52.64 -180.92
N LEU L 593 27.35 -53.19 -181.03
CA LEU L 593 28.51 -52.56 -180.41
C LEU L 593 28.82 -51.20 -181.05
N PHE L 594 28.71 -51.11 -182.38
CA PHE L 594 28.93 -49.83 -183.04
C PHE L 594 27.87 -48.81 -182.63
N GLU L 595 26.61 -49.23 -182.52
CA GLU L 595 25.57 -48.31 -182.08
C GLU L 595 25.81 -47.86 -180.64
N LYS L 596 26.23 -48.78 -179.78
CA LYS L 596 26.53 -48.41 -178.39
C LYS L 596 27.70 -47.44 -178.32
N ALA L 597 28.73 -47.66 -179.13
CA ALA L 597 29.87 -46.74 -179.16
C ALA L 597 29.44 -45.36 -179.65
N LYS L 598 28.59 -45.31 -180.68
CA LYS L 598 28.08 -44.03 -181.17
C LYS L 598 27.27 -43.31 -180.09
N ASN L 599 26.42 -44.06 -179.38
CA ASN L 599 25.64 -43.46 -178.31
C ASN L 599 26.52 -42.95 -177.19
N GLU L 600 27.57 -43.71 -176.84
CA GLU L 600 28.49 -43.26 -175.80
C GLU L 600 29.23 -42.00 -176.23
N ILE L 601 29.65 -41.93 -177.50
CA ILE L 601 30.31 -40.74 -178.01
C ILE L 601 29.36 -39.54 -177.95
N LEU L 602 28.10 -39.74 -178.34
CA LEU L 602 27.13 -38.66 -178.27
C LEU L 602 26.92 -38.19 -176.84
N ASP L 603 26.83 -39.13 -175.89
CA ASP L 603 26.66 -38.76 -174.50
C ASP L 603 27.87 -38.00 -173.98
N GLU L 604 29.07 -38.42 -174.37
CA GLU L 604 30.28 -37.71 -173.95
C GLU L 604 30.31 -36.30 -174.52
N VAL L 605 29.91 -36.14 -175.78
CA VAL L 605 29.85 -34.81 -176.39
C VAL L 605 28.83 -33.94 -175.67
N ILE L 606 27.67 -34.52 -175.33
CA ILE L 606 26.64 -33.77 -174.60
C ILE L 606 27.17 -33.32 -173.24
N SER L 607 27.84 -34.23 -172.52
CA SER L 607 28.42 -33.87 -171.23
C SER L 607 29.47 -32.78 -171.36
N LEU L 608 30.30 -32.88 -172.40
CA LEU L 608 31.30 -31.85 -172.65
C LEU L 608 30.66 -30.49 -172.91
N SER L 609 29.58 -30.48 -173.69
CA SER L 609 28.90 -29.22 -173.98
C SER L 609 28.14 -28.69 -172.76
N GLN L 610 27.78 -29.56 -171.82
CA GLN L 610 27.00 -29.18 -170.66
C GLN L 610 27.85 -28.68 -169.49
N VAL L 611 29.18 -28.71 -169.62
CA VAL L 611 30.04 -28.22 -168.55
C VAL L 611 29.88 -26.71 -168.42
N THR L 612 29.87 -26.23 -167.18
CA THR L 612 29.71 -24.81 -166.90
C THR L 612 30.85 -24.02 -167.51
N PRO L 613 30.57 -22.95 -168.28
CA PRO L 613 31.67 -22.18 -168.89
C PRO L 613 32.60 -21.55 -167.89
N LYS L 614 32.14 -21.27 -166.67
CA LYS L 614 32.99 -20.62 -165.68
C LYS L 614 34.18 -21.50 -165.32
N HIS L 615 33.95 -22.80 -165.16
CA HIS L 615 35.05 -23.72 -164.86
C HIS L 615 36.05 -23.77 -166.00
N TRP L 616 35.55 -23.77 -167.25
CA TRP L 616 36.44 -23.72 -168.41
C TRP L 616 37.29 -22.45 -168.40
N GLU L 617 36.66 -21.31 -168.12
CA GLU L 617 37.40 -20.05 -168.09
C GLU L 617 38.47 -20.07 -167.00
N GLU L 618 38.13 -20.56 -165.81
CA GLU L 618 39.10 -20.62 -164.73
C GLU L 618 40.27 -21.54 -165.08
N ILE L 619 39.96 -22.72 -165.63
CA ILE L 619 41.02 -23.67 -165.98
C ILE L 619 41.92 -23.08 -167.05
N LEU L 620 41.32 -22.49 -168.09
CA LEU L 620 42.12 -21.91 -169.16
C LEU L 620 42.99 -20.76 -168.66
N GLN L 621 42.44 -19.90 -167.81
CA GLN L 621 43.21 -18.79 -167.26
C GLN L 621 44.38 -19.30 -166.43
N GLN L 622 44.13 -20.28 -165.56
CA GLN L 622 45.19 -20.81 -164.71
C GLN L 622 46.28 -21.46 -165.54
N SER L 623 45.89 -22.28 -166.53
CA SER L 623 46.87 -22.97 -167.35
C SER L 623 47.69 -21.97 -168.17
N LEU L 624 47.04 -20.98 -168.76
CA LEU L 624 47.75 -19.98 -169.55
C LEU L 624 48.70 -19.17 -168.68
N TRP L 625 48.26 -18.77 -167.49
CA TRP L 625 49.14 -18.03 -166.59
C TRP L 625 50.36 -18.85 -166.19
N GLU L 626 50.13 -20.11 -165.83
CA GLU L 626 51.25 -20.99 -165.47
C GLU L 626 52.20 -21.18 -166.64
N ARG L 627 51.66 -21.21 -167.86
CA ARG L 627 52.50 -21.43 -169.03
C ARG L 627 53.33 -20.18 -169.36
N VAL L 628 52.74 -18.99 -169.25
CA VAL L 628 53.39 -17.78 -169.74
C VAL L 628 54.04 -16.99 -168.60
N SER L 629 54.01 -17.49 -167.37
CA SER L 629 54.67 -16.76 -166.28
C SER L 629 56.16 -16.60 -166.55
N THR L 630 56.82 -17.69 -166.94
CA THR L 630 58.26 -17.61 -167.21
C THR L 630 58.54 -16.72 -168.41
N HIS L 631 57.73 -16.81 -169.46
CA HIS L 631 57.92 -15.96 -170.63
C HIS L 631 57.78 -14.49 -170.27
N VAL L 632 56.75 -14.16 -169.50
CA VAL L 632 56.54 -12.77 -169.09
C VAL L 632 57.70 -12.29 -168.23
N ILE L 633 58.16 -13.12 -167.30
CA ILE L 633 59.27 -12.72 -166.43
C ILE L 633 60.52 -12.44 -167.26
N GLU L 634 60.89 -13.39 -168.12
CA GLU L 634 62.12 -13.27 -168.90
C GLU L 634 62.02 -12.23 -170.01
N ASN L 635 60.82 -11.80 -170.38
CA ASN L 635 60.66 -10.76 -171.39
C ASN L 635 60.40 -9.37 -170.80
N ILE L 636 60.13 -9.28 -169.49
CA ILE L 636 59.86 -7.99 -168.88
C ILE L 636 60.94 -7.63 -167.88
N TYR L 637 61.14 -8.47 -166.87
CA TYR L 637 62.07 -8.12 -165.79
C TYR L 637 63.53 -8.25 -166.23
N LEU L 638 63.83 -9.20 -167.11
CA LEU L 638 65.21 -9.37 -167.56
C LEU L 638 65.75 -8.13 -168.27
N PRO L 639 65.04 -7.52 -169.22
CA PRO L 639 65.58 -6.26 -169.79
C PRO L 639 65.49 -5.09 -168.82
N ALA L 640 64.37 -4.96 -168.12
CA ALA L 640 64.17 -3.86 -167.17
C ALA L 640 64.55 -4.29 -165.75
N ALA L 641 65.81 -4.70 -165.61
CA ALA L 641 66.31 -5.18 -164.33
C ALA L 641 66.92 -4.08 -163.47
N GLN L 642 67.06 -2.85 -163.99
CA GLN L 642 67.66 -1.76 -163.22
C GLN L 642 66.80 -0.50 -163.25
N THR L 643 65.52 -0.61 -163.59
CA THR L 643 64.65 0.54 -163.60
C THR L 643 64.38 1.04 -162.18
N MET L 644 64.39 2.36 -162.02
CA MET L 644 64.15 2.99 -160.72
C MET L 644 62.76 3.61 -160.63
N ASN L 645 62.36 4.37 -161.64
CA ASN L 645 61.04 5.00 -161.65
C ASN L 645 59.98 3.99 -162.04
N SER L 646 58.86 4.01 -161.32
CA SER L 646 57.76 3.09 -161.62
C SER L 646 57.10 3.41 -162.95
N GLY L 647 57.10 4.68 -163.35
CA GLY L 647 56.49 5.05 -164.62
C GLY L 647 57.22 4.44 -165.81
N THR L 648 58.55 4.47 -165.79
CA THR L 648 59.32 3.86 -166.88
C THR L 648 59.08 2.36 -166.94
N PHE L 649 59.02 1.70 -165.78
CA PHE L 649 58.74 0.27 -165.75
C PHE L 649 57.36 -0.04 -166.31
N ASN L 650 56.36 0.76 -165.94
CA ASN L 650 55.01 0.56 -166.47
C ASN L 650 54.97 0.78 -167.98
N THR L 651 55.68 1.81 -168.47
CA THR L 651 55.73 2.05 -169.91
C THR L 651 56.38 0.88 -170.64
N THR L 652 57.48 0.36 -170.09
CA THR L 652 58.13 -0.79 -170.71
C THR L 652 57.23 -2.01 -170.70
N VAL L 653 56.49 -2.22 -169.61
CA VAL L 653 55.56 -3.34 -169.53
C VAL L 653 54.48 -3.20 -170.60
N ASP L 654 53.92 -1.99 -170.76
CA ASP L 654 52.90 -1.77 -171.76
C ASP L 654 53.44 -2.00 -173.17
N ILE L 655 54.67 -1.53 -173.43
CA ILE L 655 55.27 -1.72 -174.75
C ILE L 655 55.46 -3.20 -175.04
N LYS L 656 55.97 -3.95 -174.05
CA LYS L 656 56.18 -5.38 -174.25
C LYS L 656 54.86 -6.11 -174.45
N LEU L 657 53.84 -5.75 -173.68
CA LEU L 657 52.53 -6.39 -173.84
C LEU L 657 51.94 -6.11 -175.22
N LYS L 658 52.04 -4.86 -175.69
CA LYS L 658 51.54 -4.53 -177.01
C LYS L 658 52.30 -5.28 -178.10
N GLN L 659 53.62 -5.37 -177.98
CA GLN L 659 54.41 -6.11 -178.95
C GLN L 659 54.03 -7.58 -178.96
N TRP L 660 53.84 -8.18 -177.79
CA TRP L 660 53.46 -9.58 -177.71
C TRP L 660 52.08 -9.80 -178.33
N THR L 661 51.12 -8.92 -178.04
CA THR L 661 49.79 -9.05 -178.61
C THR L 661 49.84 -8.94 -180.13
N ASP L 662 50.66 -8.03 -180.64
CA ASP L 662 50.74 -7.84 -182.10
C ASP L 662 51.44 -9.02 -182.78
N LYS L 663 52.47 -9.58 -182.14
CA LYS L 663 53.32 -10.54 -182.83
C LYS L 663 52.74 -11.95 -182.83
N GLN L 664 52.62 -12.57 -181.65
CA GLN L 664 52.27 -13.99 -181.61
C GLN L 664 51.34 -14.38 -180.46
N LEU L 665 50.87 -13.44 -179.65
CA LEU L 665 50.04 -13.81 -178.50
C LEU L 665 48.74 -14.51 -178.91
N PRO L 666 47.98 -14.04 -179.91
CA PRO L 666 46.78 -14.80 -180.31
C PRO L 666 47.09 -16.22 -180.75
N ASN L 667 48.20 -16.42 -181.47
CA ASN L 667 48.56 -17.76 -181.91
C ASN L 667 48.88 -18.65 -180.72
N LYS L 668 49.61 -18.13 -179.74
CA LYS L 668 49.92 -18.91 -178.54
C LYS L 668 48.66 -19.24 -177.76
N ALA L 669 47.74 -18.28 -177.65
CA ALA L 669 46.48 -18.53 -176.96
C ALA L 669 45.66 -19.61 -177.67
N VAL L 670 45.60 -19.55 -179.00
CA VAL L 670 44.87 -20.56 -179.77
C VAL L 670 45.51 -21.94 -179.57
N GLU L 671 46.84 -22.00 -179.62
CA GLU L 671 47.51 -23.28 -179.41
C GLU L 671 47.26 -23.84 -178.02
N VAL L 672 47.30 -22.97 -177.00
CA VAL L 672 47.05 -23.42 -175.63
C VAL L 672 45.62 -23.92 -175.49
N ALA L 673 44.66 -23.20 -176.06
CA ALA L 673 43.26 -23.63 -175.98
C ALA L 673 43.07 -24.96 -176.68
N TRP L 674 43.67 -25.14 -177.86
CA TRP L 674 43.54 -26.39 -178.58
C TRP L 674 44.18 -27.55 -177.82
N GLU L 675 45.34 -27.30 -177.20
CA GLU L 675 45.99 -28.34 -176.41
C GLU L 675 45.14 -28.72 -175.20
N THR L 676 44.55 -27.73 -174.54
CA THR L 676 43.68 -28.02 -173.39
C THR L 676 42.45 -28.81 -173.83
N LEU L 677 41.85 -28.44 -174.96
CA LEU L 677 40.71 -29.20 -175.47
C LEU L 677 41.09 -30.63 -175.80
N GLN L 678 42.27 -30.82 -176.42
CA GLN L 678 42.73 -32.17 -176.71
C GLN L 678 42.96 -32.97 -175.43
N GLU L 679 43.54 -32.34 -174.41
CA GLU L 679 43.75 -33.04 -173.14
C GLU L 679 42.44 -33.45 -172.49
N GLU L 680 41.46 -32.53 -172.49
CA GLU L 680 40.15 -32.85 -171.93
C GLU L 680 39.48 -33.98 -172.70
N PHE L 681 39.56 -33.94 -174.03
CA PHE L 681 38.96 -35.00 -174.85
C PHE L 681 39.63 -36.34 -174.59
N SER L 682 40.96 -36.35 -174.47
CA SER L 682 41.68 -37.59 -174.19
C SER L 682 41.33 -38.13 -172.82
N ARG L 683 41.24 -37.26 -171.81
CA ARG L 683 40.88 -37.72 -170.47
C ARG L 683 39.46 -38.28 -170.45
N PHE L 684 38.53 -37.64 -171.17
CA PHE L 684 37.17 -38.17 -171.24
C PHE L 684 37.13 -39.51 -171.96
N MET L 685 37.89 -39.65 -173.04
CA MET L 685 37.92 -40.91 -173.77
C MET L 685 38.51 -42.04 -172.92
N THR L 686 39.58 -41.74 -172.19
CA THR L 686 40.25 -42.71 -171.33
C THR L 686 39.99 -42.32 -169.89
N GLU L 687 38.87 -42.82 -169.34
CA GLU L 687 38.44 -42.51 -167.97
C GLU L 687 38.20 -43.84 -167.26
N PRO L 688 39.26 -44.44 -166.70
CA PRO L 688 39.13 -45.77 -166.07
C PRO L 688 38.51 -45.71 -164.68
N LYS L 689 37.35 -45.05 -164.59
CA LYS L 689 36.61 -45.03 -163.33
C LYS L 689 36.10 -46.42 -162.98
N GLY L 690 35.64 -47.17 -163.98
CA GLY L 690 35.16 -48.51 -163.72
C GLY L 690 36.30 -49.46 -163.38
N LYS L 691 35.97 -50.49 -162.62
CA LYS L 691 36.97 -51.46 -162.19
C LYS L 691 37.45 -52.35 -163.33
N GLU L 692 36.66 -52.48 -164.40
CA GLU L 692 37.05 -53.34 -165.52
C GLU L 692 37.80 -52.54 -166.58
N HIS L 693 37.14 -51.51 -167.14
CA HIS L 693 37.72 -50.64 -168.16
C HIS L 693 38.33 -51.46 -169.30
N ASP L 694 37.45 -52.18 -169.99
CA ASP L 694 37.86 -53.01 -171.11
C ASP L 694 38.55 -52.17 -172.18
N ASP L 695 39.69 -52.65 -172.66
CA ASP L 695 40.49 -51.92 -173.64
C ASP L 695 39.98 -52.05 -175.06
N ILE L 696 39.07 -52.99 -175.32
CA ILE L 696 38.53 -53.15 -176.68
C ILE L 696 37.81 -51.88 -177.11
N PHE L 697 36.98 -51.32 -176.24
CA PHE L 697 36.33 -50.05 -176.54
C PHE L 697 37.31 -48.89 -176.46
N ASP L 698 38.31 -48.99 -175.58
CA ASP L 698 39.27 -47.91 -175.41
C ASP L 698 40.09 -47.68 -176.67
N LYS L 699 40.50 -48.75 -177.34
CA LYS L 699 41.26 -48.61 -178.57
C LYS L 699 40.44 -47.91 -179.66
N LEU L 700 39.17 -48.29 -179.80
CA LEU L 700 38.31 -47.63 -180.77
C LEU L 700 38.10 -46.17 -180.41
N LYS L 701 37.92 -45.87 -179.13
CA LYS L 701 37.76 -44.48 -178.70
C LYS L 701 39.01 -43.66 -179.01
N GLU L 702 40.19 -44.22 -178.76
CA GLU L 702 41.43 -43.51 -179.07
C GLU L 702 41.58 -43.31 -180.56
N ALA L 703 41.24 -44.31 -181.37
CA ALA L 703 41.31 -44.16 -182.82
C ALA L 703 40.38 -43.06 -183.31
N VAL L 704 39.15 -43.04 -182.78
CA VAL L 704 38.20 -42.00 -183.17
C VAL L 704 38.69 -40.62 -182.74
N LYS L 705 39.27 -40.53 -181.55
CA LYS L 705 39.82 -39.26 -181.08
C LYS L 705 40.95 -38.78 -181.97
N GLU L 706 41.85 -39.68 -182.36
CA GLU L 706 42.94 -39.31 -183.26
C GLU L 706 42.42 -38.87 -184.62
N GLU L 707 41.43 -39.58 -185.16
CA GLU L 707 40.84 -39.19 -186.44
C GLU L 707 40.19 -37.82 -186.36
N SER L 708 39.45 -37.55 -185.27
CA SER L 708 38.81 -36.25 -185.11
C SER L 708 39.85 -35.14 -184.96
N ILE L 709 40.94 -35.41 -184.22
CA ILE L 709 41.99 -34.42 -184.05
C ILE L 709 42.65 -34.10 -185.40
N LYS L 710 42.95 -35.13 -186.18
CA LYS L 710 43.56 -34.92 -187.48
C LYS L 710 42.62 -34.22 -188.46
N ARG L 711 41.32 -34.50 -188.36
CA ARG L 711 40.34 -33.91 -189.26
C ARG L 711 39.86 -32.54 -188.81
N HIS L 712 40.21 -32.13 -187.59
CA HIS L 712 39.74 -30.84 -187.07
C HIS L 712 40.35 -29.69 -187.86
N LYS L 713 39.55 -28.64 -188.06
CA LYS L 713 39.96 -27.46 -188.80
C LYS L 713 39.74 -26.22 -187.96
N TRP L 714 40.47 -25.15 -188.31
CA TRP L 714 40.37 -23.88 -187.60
C TRP L 714 40.07 -22.76 -188.59
N ASN L 715 39.42 -21.72 -188.09
CA ASN L 715 39.00 -20.58 -188.92
C ASN L 715 39.87 -19.37 -188.58
N ASP L 716 40.43 -18.72 -189.62
CA ASP L 716 41.25 -17.55 -189.39
C ASP L 716 40.44 -16.35 -188.93
N PHE L 717 39.14 -16.32 -189.25
CA PHE L 717 38.28 -15.25 -188.75
C PHE L 717 38.20 -15.28 -187.23
N ALA L 718 38.15 -16.48 -186.64
CA ALA L 718 38.17 -16.59 -185.20
C ALA L 718 39.47 -16.06 -184.63
N GLU L 719 40.60 -16.35 -185.29
CA GLU L 719 41.88 -15.82 -184.83
C GLU L 719 41.92 -14.31 -184.90
N ASP L 720 41.40 -13.72 -185.98
CA ASP L 720 41.36 -12.27 -186.10
C ASP L 720 40.47 -11.64 -185.03
N SER L 721 39.31 -12.25 -184.77
CA SER L 721 38.43 -11.75 -183.71
C SER L 721 39.10 -11.85 -182.35
N LEU L 722 39.81 -12.95 -182.09
CA LEU L 722 40.53 -13.09 -180.83
C LEU L 722 41.61 -12.03 -180.69
N ARG L 723 42.34 -11.76 -181.77
CA ARG L 723 43.37 -10.71 -181.73
C ARG L 723 42.76 -9.35 -181.44
N VAL L 724 41.64 -9.04 -182.12
CA VAL L 724 40.98 -7.75 -181.91
C VAL L 724 40.50 -7.62 -180.48
N ILE L 725 39.89 -8.67 -179.94
CA ILE L 725 39.38 -8.60 -178.57
C ILE L 725 40.52 -8.51 -177.57
N GLN L 726 41.62 -9.22 -177.82
CA GLN L 726 42.78 -9.12 -176.93
C GLN L 726 43.36 -7.71 -176.93
N HIS L 727 43.44 -7.08 -178.10
CA HIS L 727 43.90 -5.70 -178.17
C HIS L 727 42.94 -4.75 -177.48
N ASN L 728 41.64 -4.97 -177.62
CA ASN L 728 40.65 -4.07 -177.02
C ASN L 728 40.51 -4.28 -175.52
N ALA L 729 40.95 -5.42 -175.01
CA ALA L 729 40.80 -5.71 -173.58
C ALA L 729 41.76 -4.91 -172.72
N LEU L 730 41.57 -3.60 -172.67
CA LEU L 730 42.37 -2.70 -171.84
C LEU L 730 41.44 -1.76 -171.07
N GLU L 731 40.39 -2.32 -170.47
CA GLU L 731 39.34 -1.53 -169.83
C GLU L 731 39.74 -1.02 -168.45
N ASP L 732 40.02 -1.92 -167.52
CA ASP L 732 40.30 -1.54 -166.15
C ASP L 732 41.80 -1.48 -165.90
N ARG L 733 42.24 -0.44 -165.17
CA ARG L 733 43.65 -0.23 -164.88
C ARG L 733 43.94 0.09 -163.43
N SER L 734 42.93 0.19 -162.56
CA SER L 734 43.15 0.52 -161.16
C SER L 734 42.18 -0.27 -160.29
N ILE L 735 42.55 -0.45 -159.03
CA ILE L 735 41.75 -1.16 -158.05
C ILE L 735 41.13 -0.15 -157.09
N SER L 736 39.80 -0.17 -156.97
CA SER L 736 39.08 0.69 -156.05
C SER L 736 38.38 -0.10 -154.94
N ASP L 737 38.69 -1.39 -154.81
CA ASP L 737 38.05 -2.26 -153.83
C ASP L 737 39.12 -2.82 -152.90
N LYS L 738 38.86 -2.76 -151.59
CA LYS L 738 39.78 -3.33 -150.62
C LYS L 738 39.87 -4.85 -150.78
N GLN L 739 38.73 -5.50 -151.00
CA GLN L 739 38.74 -6.96 -151.16
C GLN L 739 39.49 -7.38 -152.41
N GLN L 740 39.30 -6.66 -153.53
CA GLN L 740 40.05 -6.96 -154.73
C GLN L 740 41.53 -6.72 -154.53
N TRP L 741 41.89 -5.66 -153.80
CA TRP L 741 43.29 -5.39 -153.50
C TRP L 741 43.90 -6.53 -152.68
N ASP L 742 43.16 -7.02 -151.68
CA ASP L 742 43.66 -8.13 -150.86
C ASP L 742 43.80 -9.40 -151.70
N ALA L 743 42.84 -9.66 -152.59
CA ALA L 743 42.93 -10.83 -153.45
C ALA L 743 44.15 -10.74 -154.38
N ALA L 744 44.40 -9.57 -154.94
CA ALA L 744 45.57 -9.38 -155.78
C ALA L 744 46.85 -9.55 -154.98
N ILE L 745 46.87 -9.04 -153.74
CA ILE L 745 48.03 -9.22 -152.87
C ILE L 745 48.28 -10.69 -152.62
N TYR L 746 47.22 -11.45 -152.32
CA TYR L 746 47.39 -12.88 -152.04
C TYR L 746 47.87 -13.64 -153.28
N PHE L 747 47.33 -13.31 -154.45
CA PHE L 747 47.78 -13.97 -155.67
C PHE L 747 49.25 -13.65 -155.96
N MET L 748 49.64 -12.38 -155.80
CA MET L 748 51.03 -12.00 -156.01
C MET L 748 51.95 -12.68 -154.99
N GLU L 749 51.50 -12.79 -153.74
CA GLU L 749 52.28 -13.49 -152.73
C GLU L 749 52.46 -14.96 -153.08
N GLU L 750 51.40 -15.60 -153.57
CA GLU L 750 51.51 -17.00 -153.99
C GLU L 750 52.50 -17.15 -155.13
N ALA L 751 52.41 -16.27 -156.13
CA ALA L 751 53.32 -16.35 -157.27
C ALA L 751 54.77 -16.12 -156.83
N LEU L 752 55.00 -15.14 -155.95
CA LEU L 752 56.35 -14.87 -155.49
C LEU L 752 56.89 -15.99 -154.61
N GLN L 753 56.02 -16.62 -153.82
CA GLN L 753 56.45 -17.77 -153.04
C GLN L 753 56.83 -18.95 -153.94
N ALA L 754 56.06 -19.17 -155.02
CA ALA L 754 56.41 -20.21 -155.97
C ALA L 754 57.76 -19.91 -156.63
N ARG L 755 57.97 -18.65 -157.03
CA ARG L 755 59.25 -18.26 -157.62
C ARG L 755 60.40 -18.45 -156.64
N LEU L 756 60.17 -18.10 -155.36
CA LEU L 756 61.20 -18.26 -154.34
C LEU L 756 61.52 -19.74 -154.14
N LYS L 757 60.51 -20.60 -154.14
CA LYS L 757 60.75 -22.04 -154.01
C LYS L 757 61.54 -22.57 -155.20
N ASP L 758 61.20 -22.12 -156.42
CA ASP L 758 61.97 -22.53 -157.58
C ASP L 758 63.42 -22.07 -157.49
N THR L 759 63.63 -20.84 -157.05
CA THR L 759 65.00 -20.33 -156.90
C THR L 759 65.76 -21.10 -155.84
N GLU L 760 65.09 -21.45 -154.74
CA GLU L 760 65.74 -22.25 -153.69
C GLU L 760 66.11 -23.63 -154.21
N ASN L 761 65.23 -24.25 -154.99
CA ASN L 761 65.54 -25.55 -155.59
C ASN L 761 66.72 -25.45 -156.53
N ALA L 762 66.77 -24.40 -157.35
CA ALA L 762 67.91 -24.22 -158.25
C ALA L 762 69.20 -24.02 -157.48
N ILE L 763 69.16 -23.22 -156.41
CA ILE L 763 70.36 -22.98 -155.61
C ILE L 763 70.82 -24.27 -154.94
N GLU L 764 69.87 -25.06 -154.41
CA GLU L 764 70.24 -26.32 -153.78
C GLU L 764 70.84 -27.29 -154.80
N ASN L 765 70.29 -27.33 -156.01
CA ASN L 765 70.88 -28.17 -157.05
C ASN L 765 72.29 -27.71 -157.40
N MET L 766 72.49 -26.40 -157.48
CA MET L 766 73.82 -25.87 -157.81
C MET L 766 74.84 -26.16 -156.71
N VAL L 767 74.43 -26.04 -155.45
CA VAL L 767 75.37 -26.13 -154.33
C VAL L 767 75.12 -27.37 -153.50
N GLY L 768 73.95 -27.47 -152.89
CA GLY L 768 73.63 -28.58 -152.02
C GLY L 768 73.14 -28.12 -150.66
N PRO L 769 73.44 -28.89 -149.62
CA PRO L 769 73.01 -28.51 -148.27
C PRO L 769 73.61 -27.19 -147.85
N ASP L 770 72.80 -26.39 -147.15
CA ASP L 770 73.19 -25.05 -146.72
C ASP L 770 72.80 -24.83 -145.26
N TRP L 771 73.66 -24.14 -144.51
CA TRP L 771 73.40 -23.73 -143.13
C TRP L 771 73.12 -24.97 -142.28
N LYS L 772 71.95 -25.11 -141.68
CA LYS L 772 71.65 -26.21 -140.76
C LYS L 772 71.75 -27.56 -141.47
N LYS L 773 71.27 -27.62 -142.71
CA LYS L 773 71.35 -28.87 -143.46
C LYS L 773 72.80 -29.28 -143.70
N ARG L 774 73.67 -28.32 -144.02
CA ARG L 774 75.07 -28.63 -144.28
C ARG L 774 75.81 -29.01 -143.01
N TRP L 775 75.57 -28.27 -141.92
CA TRP L 775 76.29 -28.48 -140.68
C TRP L 775 75.66 -29.53 -139.77
N LEU L 776 74.54 -30.14 -140.18
CA LEU L 776 73.93 -31.18 -139.38
C LEU L 776 74.85 -32.39 -139.25
N TYR L 777 75.48 -32.79 -140.35
CA TYR L 777 76.41 -33.91 -140.31
C TYR L 777 77.73 -33.51 -139.64
N TRP L 778 78.22 -32.31 -139.94
CA TRP L 778 79.43 -31.69 -139.40
C TRP L 778 80.70 -32.42 -139.86
N LYS L 779 80.58 -33.51 -140.63
CA LYS L 779 81.73 -34.24 -141.12
C LYS L 779 81.74 -34.43 -142.62
N ASN L 780 80.70 -34.00 -143.32
CA ASN L 780 80.60 -34.12 -144.78
C ASN L 780 80.88 -32.77 -145.41
N ARG L 781 82.00 -32.67 -146.12
CA ARG L 781 82.39 -31.43 -146.79
C ARG L 781 82.96 -31.75 -148.16
N THR L 782 82.65 -30.90 -149.13
CA THR L 782 83.11 -31.04 -150.50
C THR L 782 83.73 -29.72 -150.94
N GLN L 783 84.84 -29.80 -151.68
CA GLN L 783 85.52 -28.59 -152.13
C GLN L 783 84.65 -27.79 -153.09
N GLU L 784 83.87 -28.48 -153.93
CA GLU L 784 83.03 -27.79 -154.91
C GLU L 784 81.95 -26.97 -154.20
N GLN L 785 81.26 -27.56 -153.24
CA GLN L 785 80.24 -26.84 -152.49
C GLN L 785 80.84 -25.82 -151.53
N CYS L 786 82.07 -26.07 -151.04
CA CYS L 786 82.74 -25.08 -150.19
C CYS L 786 83.03 -23.81 -150.97
N VAL L 787 83.46 -23.95 -152.23
CA VAL L 787 83.72 -22.77 -153.06
C VAL L 787 82.44 -21.98 -153.27
N HIS L 788 81.33 -22.67 -153.56
CA HIS L 788 80.05 -21.99 -153.74
C HIS L 788 79.61 -21.29 -152.47
N ASN L 789 79.80 -21.94 -151.31
CA ASN L 789 79.44 -21.33 -150.04
C ASN L 789 80.27 -20.08 -149.78
N GLU L 790 81.57 -20.13 -150.06
CA GLU L 790 82.42 -18.97 -149.88
C GLU L 790 82.02 -17.82 -150.81
N THR L 791 81.69 -18.14 -152.06
CA THR L 791 81.23 -17.12 -152.99
C THR L 791 79.92 -16.50 -152.52
N LYS L 792 79.00 -17.33 -152.02
CA LYS L 792 77.74 -16.82 -151.50
C LYS L 792 77.95 -15.91 -150.30
N ASN L 793 78.85 -16.30 -149.40
CA ASN L 793 79.14 -15.47 -148.24
C ASN L 793 79.76 -14.14 -148.66
N GLU L 794 80.69 -14.17 -149.63
CA GLU L 794 81.31 -12.95 -150.10
C GLU L 794 80.28 -12.02 -150.74
N LEU L 795 79.39 -12.57 -151.55
CA LEU L 795 78.35 -11.76 -152.18
C LEU L 795 77.38 -11.20 -151.15
N GLU L 796 77.03 -11.99 -150.13
CA GLU L 796 76.17 -11.49 -149.07
C GLU L 796 76.83 -10.34 -148.31
N LYS L 797 78.14 -10.47 -148.02
CA LYS L 797 78.86 -9.39 -147.35
C LYS L 797 78.91 -8.15 -148.24
N MET L 798 79.11 -8.34 -149.55
CA MET L 798 79.12 -7.20 -150.46
C MET L 798 77.78 -6.50 -150.48
N LEU L 799 76.68 -7.26 -150.49
CA LEU L 799 75.35 -6.65 -150.43
C LEU L 799 75.13 -5.93 -149.11
N LYS L 800 75.61 -6.51 -148.00
CA LYS L 800 75.49 -5.84 -146.71
C LYS L 800 76.24 -4.52 -146.71
N CYS L 801 77.44 -4.50 -147.29
CA CYS L 801 78.20 -3.25 -147.38
C CYS L 801 77.61 -2.32 -148.45
N ASN L 802 77.16 -2.87 -149.58
CA ASN L 802 76.62 -2.09 -150.69
C ASN L 802 75.30 -2.73 -151.11
N GLU L 803 74.19 -2.19 -150.61
CA GLU L 803 72.88 -2.76 -150.91
C GLU L 803 72.54 -2.63 -152.39
N GLU L 804 72.86 -1.50 -153.00
CA GLU L 804 72.55 -1.24 -154.41
C GLU L 804 73.78 -1.46 -155.26
N HIS L 805 73.66 -2.31 -156.28
CA HIS L 805 74.75 -2.63 -157.18
C HIS L 805 74.18 -2.88 -158.57
N PRO L 806 74.86 -2.42 -159.61
CA PRO L 806 74.38 -2.71 -160.97
C PRO L 806 74.44 -4.20 -161.28
N ALA L 807 73.53 -4.64 -162.15
CA ALA L 807 73.46 -6.05 -162.50
C ALA L 807 74.73 -6.53 -163.20
N TYR L 808 75.26 -5.71 -164.11
CA TYR L 808 76.48 -6.07 -164.82
C TYR L 808 77.68 -5.96 -163.89
N LEU L 809 78.74 -6.69 -164.24
CA LEU L 809 79.99 -6.69 -163.48
C LEU L 809 81.09 -6.09 -164.34
N ALA L 810 81.74 -5.05 -163.82
CA ALA L 810 82.84 -4.42 -164.53
C ALA L 810 84.12 -5.23 -164.35
N SER L 811 85.12 -4.93 -165.19
CA SER L 811 86.36 -5.69 -165.16
C SER L 811 87.08 -5.53 -163.83
N ASP L 812 87.13 -4.31 -163.29
CA ASP L 812 87.82 -4.08 -162.03
C ASP L 812 87.12 -4.80 -160.88
N GLU L 813 85.78 -4.82 -160.89
CA GLU L 813 85.04 -5.53 -159.86
C GLU L 813 85.34 -7.03 -159.90
N ILE L 814 85.36 -7.60 -161.11
CA ILE L 814 85.67 -9.03 -161.25
C ILE L 814 87.09 -9.31 -160.77
N THR L 815 88.04 -8.44 -161.14
CA THR L 815 89.42 -8.63 -160.70
C THR L 815 89.54 -8.56 -159.19
N THR L 816 88.85 -7.61 -158.56
CA THR L 816 88.88 -7.49 -157.10
C THR L 816 88.27 -8.71 -156.44
N VAL L 817 87.15 -9.21 -156.96
CA VAL L 817 86.52 -10.39 -156.39
C VAL L 817 87.44 -11.60 -156.53
N ARG L 818 88.07 -11.76 -157.69
CA ARG L 818 88.98 -12.89 -157.89
C ARG L 818 90.19 -12.80 -156.96
N LYS L 819 90.72 -11.59 -156.77
CA LYS L 819 91.85 -11.42 -155.85
C LYS L 819 91.44 -11.73 -154.41
N ASN L 820 90.24 -11.30 -154.00
CA ASN L 820 89.76 -11.62 -152.67
C ASN L 820 89.59 -13.12 -152.48
N LEU L 821 89.07 -13.80 -153.51
CA LEU L 821 88.91 -15.25 -153.42
C LEU L 821 90.26 -15.95 -153.35
N GLU L 822 91.22 -15.51 -154.15
CA GLU L 822 92.54 -16.14 -154.18
C GLU L 822 93.40 -15.77 -152.98
N SER L 823 93.01 -14.75 -152.22
CA SER L 823 93.76 -14.41 -151.01
C SER L 823 93.78 -15.57 -150.02
N ARG L 824 92.65 -16.25 -149.87
CA ARG L 824 92.56 -17.43 -149.00
C ARG L 824 92.85 -18.73 -149.74
N GLY L 825 93.14 -18.67 -151.03
CA GLY L 825 93.49 -19.85 -151.79
C GLY L 825 92.33 -20.50 -152.52
N VAL L 826 91.46 -19.68 -153.11
CA VAL L 826 90.30 -20.16 -153.86
C VAL L 826 90.36 -19.53 -155.25
N GLU L 827 90.38 -20.37 -156.27
CA GLU L 827 90.38 -19.94 -157.66
C GLU L 827 89.06 -20.35 -158.30
N VAL L 828 88.31 -19.38 -158.82
CA VAL L 828 87.00 -19.61 -159.40
C VAL L 828 86.98 -19.02 -160.81
N ASP L 829 86.43 -19.77 -161.76
CA ASP L 829 86.32 -19.28 -163.12
C ASP L 829 85.34 -18.10 -163.19
N PRO L 830 85.58 -17.16 -164.09
CA PRO L 830 84.68 -15.98 -164.19
C PRO L 830 83.24 -16.34 -164.49
N SER L 831 82.99 -17.41 -165.26
CA SER L 831 81.62 -17.79 -165.58
C SER L 831 80.85 -18.19 -164.33
N LEU L 832 81.47 -18.98 -163.45
CA LEU L 832 80.82 -19.36 -162.20
C LEU L 832 80.59 -18.15 -161.31
N ILE L 833 81.56 -17.21 -161.29
CA ILE L 833 81.39 -15.99 -160.50
C ILE L 833 80.19 -15.20 -161.01
N LYS L 834 80.07 -15.06 -162.32
CA LYS L 834 78.94 -14.34 -162.90
C LYS L 834 77.61 -15.04 -162.60
N ASP L 835 77.59 -16.36 -162.69
CA ASP L 835 76.37 -17.10 -162.41
C ASP L 835 75.95 -16.94 -160.95
N THR L 836 76.92 -17.05 -160.04
CA THR L 836 76.61 -16.86 -158.61
C THR L 836 76.15 -15.45 -158.33
N TRP L 837 76.77 -14.45 -158.97
CA TRP L 837 76.34 -13.07 -158.79
C TRP L 837 74.92 -12.87 -159.30
N HIS L 838 74.58 -13.46 -160.44
CA HIS L 838 73.23 -13.36 -160.98
C HIS L 838 72.22 -14.00 -160.03
N GLN L 839 72.55 -15.18 -159.49
CA GLN L 839 71.63 -15.84 -158.57
C GLN L 839 71.45 -15.03 -157.29
N VAL L 840 72.53 -14.46 -156.76
CA VAL L 840 72.44 -13.66 -155.55
C VAL L 840 71.65 -12.38 -155.80
N TYR L 841 71.85 -11.78 -156.98
CA TYR L 841 71.08 -10.59 -157.37
C TYR L 841 69.60 -10.90 -157.45
N ARG L 842 69.25 -12.04 -158.05
CA ARG L 842 67.85 -12.46 -158.13
C ARG L 842 67.27 -12.70 -156.74
N ARG L 843 68.04 -13.34 -155.86
CA ARG L 843 67.56 -13.59 -154.51
C ARG L 843 67.34 -12.28 -153.75
N HIS L 844 68.27 -11.33 -153.91
CA HIS L 844 68.14 -10.05 -153.23
C HIS L 844 66.91 -9.29 -153.71
N PHE L 845 66.66 -9.30 -155.02
CA PHE L 845 65.46 -8.64 -155.52
C PHE L 845 64.19 -9.38 -155.15
N LEU L 846 64.24 -10.70 -155.00
CA LEU L 846 63.09 -11.43 -154.49
C LEU L 846 62.78 -11.03 -153.05
N LYS L 847 63.82 -10.90 -152.22
CA LYS L 847 63.62 -10.44 -150.86
C LYS L 847 63.08 -9.01 -150.82
N THR L 848 63.59 -8.15 -151.70
CA THR L 848 63.09 -6.78 -151.78
C THR L 848 61.62 -6.76 -152.20
N ALA L 849 61.25 -7.61 -153.16
CA ALA L 849 59.85 -7.69 -153.57
C ALA L 849 58.97 -8.19 -152.43
N LEU L 850 59.47 -9.17 -151.66
CA LEU L 850 58.71 -9.64 -150.50
C LEU L 850 58.50 -8.53 -149.48
N ASN L 851 59.54 -7.75 -149.21
CA ASN L 851 59.41 -6.61 -148.30
C ASN L 851 58.43 -5.58 -148.85
N HIS L 852 58.47 -5.34 -150.15
CA HIS L 852 57.53 -4.41 -150.77
C HIS L 852 56.10 -4.91 -150.64
N CYS L 853 55.89 -6.21 -150.80
CA CYS L 853 54.55 -6.78 -150.59
C CYS L 853 54.10 -6.63 -149.14
N ASN L 854 55.01 -6.86 -148.20
CA ASN L 854 54.67 -6.68 -146.79
C ASN L 854 54.28 -5.24 -146.51
N LEU L 855 55.00 -4.28 -147.08
CA LEU L 855 54.65 -2.87 -146.91
C LEU L 855 53.31 -2.55 -147.56
N CYS L 856 53.08 -3.05 -148.78
CA CYS L 856 51.82 -2.77 -149.47
C CYS L 856 50.63 -3.43 -148.81
N ARG L 857 50.85 -4.47 -148.00
CA ARG L 857 49.76 -5.08 -147.26
C ARG L 857 49.08 -4.10 -146.30
N ARG L 858 49.81 -3.06 -145.89
CA ARG L 858 49.24 -2.04 -144.95
C ARG L 858 49.21 -0.68 -145.65
N GLY L 859 49.89 -0.56 -146.80
CA GLY L 859 49.94 0.70 -147.52
C GLY L 859 48.74 1.02 -148.38
N PHE L 860 47.61 0.32 -148.22
CA PHE L 860 46.42 0.63 -148.99
C PHE L 860 45.90 2.04 -148.70
N TYR L 861 46.13 2.56 -147.49
CA TYR L 861 45.72 3.93 -147.20
C TYR L 861 46.46 4.92 -148.09
N TYR L 862 47.78 4.74 -148.24
CA TYR L 862 48.54 5.59 -149.16
C TYR L 862 48.12 5.34 -150.61
N TYR L 863 47.91 4.07 -150.97
CA TYR L 863 47.60 3.74 -152.36
C TYR L 863 46.27 4.34 -152.81
N GLN L 864 45.25 4.26 -151.96
CA GLN L 864 43.92 4.70 -152.36
C GLN L 864 43.88 6.21 -152.61
N ARG L 865 44.53 6.99 -151.76
CA ARG L 865 44.47 8.44 -151.87
C ARG L 865 45.60 9.04 -152.68
N HIS L 866 46.71 8.33 -152.86
CA HIS L 866 47.86 8.79 -153.63
C HIS L 866 48.36 10.14 -153.11
N PHE L 867 48.87 10.11 -151.88
CA PHE L 867 49.38 11.33 -151.26
C PHE L 867 50.61 11.84 -152.00
N VAL L 868 50.81 13.16 -151.95
CA VAL L 868 51.95 13.78 -152.61
C VAL L 868 53.26 13.26 -152.01
N ASP L 869 53.33 13.23 -150.68
CA ASP L 869 54.51 12.70 -149.98
C ASP L 869 54.34 11.22 -149.67
N SER L 870 54.06 10.43 -150.69
CA SER L 870 53.84 9.00 -150.50
C SER L 870 55.16 8.30 -150.19
N GLU L 871 55.17 7.50 -149.13
CA GLU L 871 56.33 6.72 -148.75
C GLU L 871 56.35 5.33 -149.37
N LEU L 872 55.36 5.00 -150.19
CA LEU L 872 55.28 3.67 -150.79
C LEU L 872 54.50 3.77 -152.10
N GLU L 873 55.07 3.21 -153.16
CA GLU L 873 54.44 3.21 -154.48
C GLU L 873 54.15 1.76 -154.86
N CYS L 874 52.91 1.32 -154.65
CA CYS L 874 52.50 -0.04 -154.96
C CYS L 874 52.02 -0.08 -156.40
N ASN L 875 52.86 -0.59 -157.30
CA ASN L 875 52.54 -0.75 -158.70
C ASN L 875 52.54 -2.19 -159.18
N ASP L 876 53.34 -3.06 -158.55
CA ASP L 876 53.36 -4.46 -158.94
C ASP L 876 52.01 -5.12 -158.70
N VAL L 877 51.34 -4.76 -157.60
CA VAL L 877 50.03 -5.33 -157.30
C VAL L 877 49.03 -4.95 -158.39
N VAL L 878 49.03 -3.68 -158.79
CA VAL L 878 48.11 -3.22 -159.82
C VAL L 878 48.43 -3.90 -161.15
N LEU L 879 49.71 -4.02 -161.49
CA LEU L 879 50.10 -4.68 -162.74
C LEU L 879 49.66 -6.14 -162.75
N PHE L 880 49.86 -6.85 -161.63
CA PHE L 880 49.46 -8.25 -161.58
C PHE L 880 47.95 -8.39 -161.65
N TRP L 881 47.20 -7.48 -161.02
CA TRP L 881 45.74 -7.53 -161.12
C TRP L 881 45.28 -7.27 -162.54
N ARG L 882 45.92 -6.32 -163.23
CA ARG L 882 45.59 -6.06 -164.63
C ARG L 882 45.88 -7.29 -165.50
N ILE L 883 47.02 -7.94 -165.27
CA ILE L 883 47.35 -9.16 -166.00
C ILE L 883 46.31 -10.24 -165.74
N GLN L 884 45.91 -10.40 -164.47
CA GLN L 884 44.93 -11.42 -164.11
C GLN L 884 43.59 -11.17 -164.79
N ARG L 885 43.11 -9.93 -164.77
CA ARG L 885 41.81 -9.64 -165.37
C ARG L 885 41.87 -9.77 -166.89
N MET L 886 43.00 -9.36 -167.50
CA MET L 886 43.15 -9.54 -168.95
C MET L 886 43.16 -11.01 -169.32
N LEU L 887 43.85 -11.84 -168.52
CA LEU L 887 43.88 -13.27 -168.76
C LEU L 887 42.49 -13.87 -168.61
N ALA L 888 41.73 -13.42 -167.60
CA ALA L 888 40.37 -13.92 -167.42
C ALA L 888 39.49 -13.55 -168.62
N ILE L 889 39.61 -12.32 -169.11
CA ILE L 889 38.83 -11.90 -170.27
C ILE L 889 39.20 -12.73 -171.50
N THR L 890 40.51 -12.94 -171.70
CA THR L 890 40.96 -13.74 -172.83
C THR L 890 40.45 -15.17 -172.74
N ALA L 891 40.49 -15.76 -171.54
CA ALA L 891 40.00 -17.12 -171.37
C ALA L 891 38.51 -17.21 -171.63
N ASN L 892 37.74 -16.22 -171.16
CA ASN L 892 36.31 -16.22 -171.41
C ASN L 892 36.02 -16.10 -172.90
N THR L 893 36.74 -15.21 -173.60
CA THR L 893 36.55 -15.08 -175.04
C THR L 893 36.91 -16.37 -175.77
N LEU L 894 38.01 -17.01 -175.36
CA LEU L 894 38.42 -18.27 -175.98
C LEU L 894 37.36 -19.35 -175.77
N ARG L 895 36.85 -19.44 -174.54
CA ARG L 895 35.79 -20.44 -174.23
C ARG L 895 34.58 -20.16 -175.13
N GLN L 896 34.11 -18.91 -175.16
CA GLN L 896 32.93 -18.55 -175.99
C GLN L 896 33.17 -18.96 -177.44
N GLN L 897 34.29 -18.53 -178.03
CA GLN L 897 34.54 -18.83 -179.44
C GLN L 897 34.64 -20.34 -179.67
N LEU L 898 35.25 -21.06 -178.72
CA LEU L 898 35.32 -22.51 -178.84
C LEU L 898 33.92 -23.12 -178.86
N THR L 899 33.09 -22.77 -177.89
CA THR L 899 31.73 -23.28 -177.84
C THR L 899 30.94 -22.90 -179.10
N ASN L 900 31.22 -21.72 -179.67
CA ASN L 900 30.49 -21.29 -180.86
C ASN L 900 30.89 -22.08 -182.09
N THR L 901 32.19 -22.30 -182.30
CA THR L 901 32.68 -22.83 -183.57
C THR L 901 33.32 -24.20 -183.45
N GLU L 902 34.27 -24.38 -182.52
CA GLU L 902 35.07 -25.60 -182.50
C GLU L 902 34.28 -26.80 -182.03
N VAL L 903 33.30 -26.59 -181.15
CA VAL L 903 32.44 -27.70 -180.73
C VAL L 903 31.66 -28.24 -181.92
N ARG L 904 31.09 -27.34 -182.73
CA ARG L 904 30.37 -27.76 -183.92
C ARG L 904 31.30 -28.41 -184.93
N ARG L 905 32.51 -27.88 -185.08
CA ARG L 905 33.47 -28.50 -186.01
C ARG L 905 33.84 -29.91 -185.56
N LEU L 906 34.09 -30.10 -184.26
CA LEU L 906 34.41 -31.42 -183.76
C LEU L 906 33.23 -32.38 -183.91
N GLU L 907 32.02 -31.88 -183.68
CA GLU L 907 30.84 -32.72 -183.89
C GLU L 907 30.72 -33.14 -185.35
N LYS L 908 30.97 -32.22 -186.27
CA LYS L 908 30.91 -32.55 -187.69
C LYS L 908 31.98 -33.59 -188.06
N ASN L 909 33.20 -33.42 -187.53
CA ASN L 909 34.26 -34.38 -187.81
C ASN L 909 33.91 -35.76 -187.25
N VAL L 910 33.36 -35.80 -186.04
CA VAL L 910 32.97 -37.08 -185.44
C VAL L 910 31.87 -37.74 -186.27
N LYS L 911 30.89 -36.95 -186.72
CA LYS L 911 29.83 -37.50 -187.56
C LYS L 911 30.38 -38.05 -188.86
N GLU L 912 31.31 -37.33 -189.50
CA GLU L 912 31.91 -37.80 -190.73
C GLU L 912 32.68 -39.10 -190.51
N VAL L 913 33.45 -39.17 -189.42
CA VAL L 913 34.21 -40.38 -189.12
C VAL L 913 33.28 -41.56 -188.87
N LEU L 914 32.20 -41.33 -188.12
CA LEU L 914 31.24 -42.39 -187.84
C LEU L 914 30.56 -42.87 -189.11
N GLU L 915 30.19 -41.93 -190.00
CA GLU L 915 29.57 -42.32 -191.26
C GLU L 915 30.53 -43.12 -192.13
N ASP L 916 31.80 -42.70 -192.17
CA ASP L 916 32.80 -43.43 -192.95
C ASP L 916 33.00 -44.84 -192.40
N PHE L 917 33.03 -44.97 -191.07
CA PHE L 917 33.17 -46.30 -190.46
C PHE L 917 31.95 -47.17 -190.74
N ALA L 918 30.74 -46.59 -190.65
CA ALA L 918 29.53 -47.36 -190.91
C ALA L 918 29.45 -47.82 -192.36
N GLU L 919 29.84 -46.96 -193.30
CA GLU L 919 29.78 -47.29 -194.72
C GLU L 919 30.93 -48.20 -195.16
N ASP L 920 31.74 -48.70 -194.23
CA ASP L 920 32.86 -49.58 -194.54
C ASP L 920 32.92 -50.67 -193.47
N GLY L 921 32.31 -51.81 -193.76
CA GLY L 921 32.35 -52.94 -192.84
C GLY L 921 33.71 -53.62 -192.76
N GLU L 922 34.52 -53.48 -193.81
CA GLU L 922 35.86 -54.05 -193.78
C GLU L 922 36.71 -53.38 -192.70
N LYS L 923 36.56 -52.07 -192.53
CA LYS L 923 37.27 -51.38 -191.46
C LYS L 923 36.82 -51.88 -190.09
N LYS L 924 35.52 -52.12 -189.93
CA LYS L 924 35.02 -52.67 -188.67
C LYS L 924 35.59 -54.05 -188.41
N ILE L 925 35.68 -54.89 -189.44
CA ILE L 925 36.25 -56.23 -189.27
C ILE L 925 37.72 -56.13 -188.90
N LYS L 926 38.46 -55.23 -189.55
CA LYS L 926 39.88 -55.08 -189.27
C LYS L 926 40.12 -54.57 -187.85
N LEU L 927 39.29 -53.63 -187.39
CA LEU L 927 39.49 -53.03 -186.08
C LEU L 927 38.85 -53.85 -184.97
N LEU L 928 37.56 -54.17 -185.09
CA LEU L 928 36.85 -54.92 -184.06
C LEU L 928 37.24 -56.39 -184.16
N THR L 929 38.41 -56.72 -183.61
CA THR L 929 38.93 -58.07 -183.58
C THR L 929 38.90 -58.65 -182.17
N GLY L 930 38.05 -58.11 -181.31
CA GLY L 930 37.96 -58.61 -179.95
C GLY L 930 37.33 -59.99 -179.88
N LYS L 931 37.54 -60.65 -178.74
CA LYS L 931 36.99 -61.99 -178.55
C LYS L 931 35.47 -61.99 -178.60
N ARG L 932 34.84 -61.00 -177.97
CA ARG L 932 33.38 -60.92 -177.97
C ARG L 932 32.84 -60.73 -179.39
N VAL L 933 33.46 -59.85 -180.17
CA VAL L 933 33.00 -59.60 -181.54
C VAL L 933 33.11 -60.86 -182.37
N GLN L 934 34.26 -61.55 -182.30
CA GLN L 934 34.46 -62.76 -183.07
C GLN L 934 33.49 -63.86 -182.65
N LEU L 935 33.26 -64.01 -181.34
CA LEU L 935 32.33 -65.02 -180.87
C LEU L 935 30.90 -64.72 -181.34
N ALA L 936 30.49 -63.46 -181.27
CA ALA L 936 29.16 -63.09 -181.74
C ALA L 936 29.01 -63.33 -183.24
N GLU L 937 30.04 -62.98 -184.02
CA GLU L 937 29.99 -63.22 -185.46
C GLU L 937 29.90 -64.71 -185.77
N ASP L 938 30.69 -65.53 -185.06
CA ASP L 938 30.64 -66.97 -185.27
C ASP L 938 29.27 -67.53 -184.91
N LEU L 939 28.69 -67.08 -183.79
CA LEU L 939 27.37 -67.54 -183.39
C LEU L 939 26.32 -67.16 -184.42
N LYS L 940 26.37 -65.91 -184.92
CA LYS L 940 25.41 -65.49 -185.93
C LYS L 940 25.55 -66.29 -187.22
N LYS L 941 26.79 -66.54 -187.64
CA LYS L 941 27.01 -67.33 -188.85
C LYS L 941 26.50 -68.77 -188.67
N VAL L 942 26.74 -69.36 -187.50
CA VAL L 942 26.27 -70.71 -187.24
C VAL L 942 24.75 -70.74 -187.24
N ARG L 943 24.10 -69.74 -186.63
CA ARG L 943 22.64 -69.68 -186.63
C ARG L 943 22.10 -69.54 -188.04
N GLU L 944 22.72 -68.69 -188.86
CA GLU L 944 22.27 -68.52 -190.24
C GLU L 944 22.45 -69.81 -191.03
N ILE L 945 23.57 -70.51 -190.85
CA ILE L 945 23.81 -71.76 -191.54
C ILE L 945 22.77 -72.80 -191.13
N GLN L 946 22.47 -72.88 -189.83
CA GLN L 946 21.48 -73.84 -189.36
C GLN L 946 20.09 -73.51 -189.90
N GLU L 947 19.74 -72.22 -189.97
CA GLU L 947 18.45 -71.84 -190.53
C GLU L 947 18.37 -72.20 -192.01
N LYS L 948 19.45 -71.97 -192.76
CA LYS L 948 19.47 -72.35 -194.16
C LYS L 948 19.33 -73.85 -194.34
N LEU L 949 20.01 -74.63 -193.49
CA LEU L 949 19.91 -76.08 -193.57
C LEU L 949 18.51 -76.56 -193.21
N ASP L 950 17.87 -75.93 -192.23
CA ASP L 950 16.48 -76.27 -191.89
C ASP L 950 15.55 -75.96 -193.05
N ALA L 951 15.76 -74.81 -193.72
CA ALA L 951 14.96 -74.49 -194.89
C ALA L 951 15.17 -75.51 -196.01
N PHE L 952 16.42 -75.94 -196.21
CA PHE L 952 16.71 -76.97 -197.19
C PHE L 952 16.00 -78.28 -196.86
N ILE L 953 16.02 -78.67 -195.58
CA ILE L 953 15.37 -79.90 -195.16
C ILE L 953 13.86 -79.81 -195.38
N GLU L 954 13.27 -78.66 -195.04
CA GLU L 954 11.83 -78.48 -195.23
C GLU L 954 11.47 -78.53 -196.72
N ALA L 955 12.28 -77.88 -197.57
CA ALA L 955 12.01 -77.90 -199.00
C ALA L 955 12.14 -79.31 -199.56
N LEU L 956 13.15 -80.06 -199.12
CA LEU L 956 13.33 -81.43 -199.59
C LEU L 956 12.15 -82.30 -199.15
N HIS L 957 11.68 -82.13 -197.91
CA HIS L 957 10.54 -82.91 -197.44
C HIS L 957 9.27 -82.56 -198.20
N GLN L 958 9.06 -81.26 -198.48
CA GLN L 958 7.87 -80.85 -199.23
C GLN L 958 7.90 -81.36 -200.66
N GLU L 959 9.07 -81.29 -201.31
CA GLU L 959 9.16 -81.75 -202.70
C GLU L 959 8.94 -83.25 -202.82
N LYS L 960 9.47 -84.00 -201.85
CA LYS L 960 9.28 -85.48 -201.84
C LYS L 960 8.04 -85.81 -200.99
N SER M 263 54.27 69.55 -191.59
CA SER M 263 54.99 69.94 -190.38
C SER M 263 54.03 70.03 -189.20
N LEU M 264 53.91 71.23 -188.63
CA LEU M 264 53.01 71.42 -187.49
C LEU M 264 51.55 71.19 -187.89
N ILE M 265 51.16 71.66 -189.08
CA ILE M 265 49.78 71.52 -189.50
C ILE M 265 49.42 70.05 -189.74
N ASP M 266 50.35 69.28 -190.33
CA ASP M 266 50.10 67.86 -190.55
C ASP M 266 49.95 67.11 -189.23
N MET M 267 50.82 67.41 -188.26
CA MET M 267 50.72 66.75 -186.96
C MET M 267 49.43 67.15 -186.24
N TYR M 268 49.03 68.42 -186.35
CA TYR M 268 47.77 68.85 -185.75
C TYR M 268 46.59 68.14 -186.39
N SER M 269 46.62 67.98 -187.71
CA SER M 269 45.55 67.25 -188.40
C SER M 269 45.51 65.79 -187.95
N GLU M 270 46.69 65.17 -187.79
CA GLU M 270 46.73 63.80 -187.30
C GLU M 270 46.17 63.69 -185.89
N VAL M 271 46.50 64.67 -185.03
CA VAL M 271 45.96 64.67 -183.67
C VAL M 271 44.45 64.82 -183.68
N LEU M 272 43.93 65.70 -184.54
CA LEU M 272 42.48 65.86 -184.66
C LEU M 272 41.83 64.59 -185.16
N ASP M 273 42.46 63.90 -186.12
CA ASP M 273 41.93 62.64 -186.61
C ASP M 273 41.90 61.58 -185.51
N VAL M 274 42.97 61.53 -184.71
CA VAL M 274 43.00 60.58 -183.59
C VAL M 274 41.90 60.90 -182.59
N LEU M 275 41.70 62.18 -182.29
CA LEU M 275 40.64 62.57 -181.37
C LEU M 275 39.27 62.20 -181.91
N SER M 276 39.04 62.40 -183.22
CA SER M 276 37.77 62.02 -183.81
C SER M 276 37.56 60.52 -183.77
N ASP M 277 38.61 59.74 -184.05
CA ASP M 277 38.50 58.29 -184.01
C ASP M 277 38.47 57.73 -182.59
N TYR M 278 38.74 58.57 -181.58
CA TYR M 278 38.70 58.09 -180.20
C TYR M 278 37.31 57.61 -179.82
N ASP M 279 36.27 58.36 -180.20
CA ASP M 279 34.90 57.97 -179.89
C ASP M 279 33.96 58.64 -180.88
N ALA M 280 32.79 58.03 -181.07
CA ALA M 280 31.79 58.61 -181.95
C ALA M 280 31.07 59.79 -181.32
N SER M 281 31.13 59.92 -179.99
CA SER M 281 30.51 61.04 -179.30
C SER M 281 31.46 62.24 -179.32
N TYR M 282 31.14 63.27 -178.54
CA TYR M 282 31.92 64.49 -178.46
C TYR M 282 32.25 64.75 -177.00
N ASN M 283 33.35 64.18 -176.52
CA ASN M 283 33.83 64.38 -175.16
C ASN M 283 35.16 65.12 -175.11
N THR M 284 36.18 64.61 -175.81
CA THR M 284 37.47 65.27 -175.90
C THR M 284 37.68 65.98 -177.23
N GLN M 285 36.77 65.83 -178.18
CA GLN M 285 36.89 66.48 -179.47
C GLN M 285 36.59 67.97 -179.41
N ASP M 286 35.94 68.44 -178.35
CA ASP M 286 35.60 69.85 -178.18
C ASP M 286 36.68 70.64 -177.46
N HIS M 287 37.82 70.01 -177.15
CA HIS M 287 38.89 70.72 -176.47
C HIS M 287 39.70 71.57 -177.46
N LEU M 288 40.27 70.93 -178.48
CA LEU M 288 41.04 71.67 -179.48
C LEU M 288 40.09 72.45 -180.40
N PRO M 289 40.46 73.67 -180.78
CA PRO M 289 39.62 74.44 -181.69
C PRO M 289 39.50 73.75 -183.05
N ARG M 290 38.32 73.88 -183.65
CA ARG M 290 38.04 73.29 -184.96
C ARG M 290 37.20 74.28 -185.75
N VAL M 291 37.75 74.75 -186.87
CA VAL M 291 37.03 75.67 -187.74
C VAL M 291 36.00 74.86 -188.53
N VAL M 292 34.71 75.09 -188.25
CA VAL M 292 33.63 74.36 -188.86
C VAL M 292 32.85 75.30 -189.76
N VAL M 293 32.62 74.88 -191.00
CA VAL M 293 31.88 75.67 -191.99
C VAL M 293 30.48 75.07 -192.09
N VAL M 294 29.47 75.85 -191.70
CA VAL M 294 28.08 75.43 -191.72
C VAL M 294 27.29 76.39 -192.60
N GLY M 295 26.50 75.83 -193.52
CA GLY M 295 25.69 76.63 -194.40
C GLY M 295 24.25 76.16 -194.48
N ASP M 296 23.51 76.67 -195.45
CA ASP M 296 22.12 76.29 -195.67
C ASP M 296 22.00 75.39 -196.88
N GLN M 297 20.87 74.67 -196.95
CA GLN M 297 20.63 73.76 -198.06
C GLN M 297 20.37 74.55 -199.34
N SER M 298 21.05 74.16 -200.42
CA SER M 298 20.89 74.81 -201.73
C SER M 298 21.19 76.30 -201.64
N ALA M 299 22.17 76.67 -200.82
CA ALA M 299 22.56 78.06 -200.62
C ALA M 299 23.84 78.41 -201.38
N GLY M 300 24.33 77.53 -202.25
CA GLY M 300 25.54 77.81 -202.98
C GLY M 300 26.82 77.68 -202.20
N LYS M 301 26.78 77.06 -201.02
CA LYS M 301 27.97 76.91 -200.20
C LYS M 301 28.99 75.98 -200.86
N THR M 302 28.54 75.08 -201.74
CA THR M 302 29.46 74.19 -202.43
C THR M 302 30.43 74.96 -203.32
N SER M 303 29.92 75.96 -204.04
CA SER M 303 30.80 76.77 -204.90
C SER M 303 31.82 77.55 -204.07
N VAL M 304 31.38 78.10 -202.94
CA VAL M 304 32.30 78.85 -202.09
C VAL M 304 33.37 77.92 -201.52
N LEU M 305 32.98 76.73 -201.08
CA LEU M 305 33.95 75.77 -200.57
C LEU M 305 34.94 75.35 -201.65
N GLU M 306 34.46 75.13 -202.88
CA GLU M 306 35.34 74.79 -203.98
C GLU M 306 36.32 75.92 -204.28
N MET M 307 35.83 77.16 -204.25
CA MET M 307 36.71 78.30 -204.50
C MET M 307 37.73 78.48 -203.39
N ILE M 308 37.38 78.11 -202.16
CA ILE M 308 38.34 78.18 -201.05
C ILE M 308 39.53 77.27 -201.31
N ALA M 309 39.27 76.05 -201.76
CA ALA M 309 40.32 75.11 -202.12
C ALA M 309 40.82 75.29 -203.54
N GLN M 310 40.22 76.20 -204.31
CA GLN M 310 40.61 76.48 -205.69
C GLN M 310 40.50 75.23 -206.58
N ALA M 311 39.54 74.36 -206.25
CA ALA M 311 39.33 73.15 -207.04
C ALA M 311 37.93 72.62 -206.75
N ARG M 312 37.33 72.01 -207.77
CA ARG M 312 36.00 71.43 -207.64
C ARG M 312 36.15 70.01 -207.11
N ILE M 313 35.99 69.86 -205.80
CA ILE M 313 36.11 68.56 -205.16
C ILE M 313 34.82 68.06 -204.54
N PHE M 314 33.85 68.94 -204.27
CA PHE M 314 32.59 68.53 -203.68
C PHE M 314 31.58 68.26 -204.79
N PRO M 315 31.01 67.05 -204.88
CA PRO M 315 30.02 66.78 -205.92
C PRO M 315 28.79 67.66 -205.77
N ARG M 316 28.21 68.05 -206.90
CA ARG M 316 27.03 68.90 -206.91
C ARG M 316 25.77 68.08 -206.71
N GLY M 317 24.78 68.70 -206.09
CA GLY M 317 23.51 68.04 -205.83
C GLY M 317 22.32 68.87 -206.25
N SER M 318 21.43 68.29 -207.07
CA SER M 318 20.23 68.98 -207.54
C SER M 318 19.12 68.80 -206.52
N GLY M 319 19.23 69.55 -205.43
CA GLY M 319 18.24 69.53 -204.36
C GLY M 319 18.52 68.49 -203.28
N GLU M 320 18.97 67.31 -203.68
CA GLU M 320 19.27 66.26 -202.72
C GLU M 320 20.48 66.62 -201.87
N MET M 321 20.45 66.22 -200.61
CA MET M 321 21.54 66.50 -199.66
C MET M 321 22.62 65.43 -199.86
N MET M 322 23.57 65.73 -200.75
CA MET M 322 24.66 64.79 -201.02
C MET M 322 25.55 64.61 -199.79
N THR M 323 25.85 65.69 -199.08
CA THR M 323 26.69 65.62 -197.90
C THR M 323 25.86 65.17 -196.71
N ARG M 324 26.06 63.91 -196.29
CA ARG M 324 25.35 63.35 -195.16
C ARG M 324 26.26 62.99 -193.99
N SER M 325 27.57 63.16 -194.13
CA SER M 325 28.53 62.89 -193.08
C SER M 325 29.51 64.04 -192.96
N PRO M 326 30.04 64.28 -191.76
CA PRO M 326 31.03 65.35 -191.59
C PRO M 326 32.27 65.12 -192.46
N VAL M 327 32.77 66.19 -193.04
CA VAL M 327 33.95 66.16 -193.91
C VAL M 327 35.00 67.09 -193.34
N LYS M 328 36.21 66.57 -193.17
CA LYS M 328 37.33 67.35 -192.66
C LYS M 328 38.24 67.74 -193.81
N VAL M 329 38.47 69.05 -193.97
CA VAL M 329 39.34 69.58 -195.01
C VAL M 329 40.52 70.25 -194.32
N THR M 330 41.71 69.70 -194.50
CA THR M 330 42.93 70.24 -193.90
C THR M 330 43.69 71.01 -194.97
N LEU M 331 43.80 72.33 -194.80
CA LEU M 331 44.52 73.17 -195.74
C LEU M 331 45.99 73.21 -195.37
N SER M 332 46.85 72.86 -196.33
CA SER M 332 48.29 72.85 -196.11
C SER M 332 48.99 73.00 -197.45
N GLU M 333 50.31 72.98 -197.43
CA GLU M 333 51.13 73.12 -198.63
C GLU M 333 52.06 71.92 -198.73
N GLY M 334 52.10 71.30 -199.90
CA GLY M 334 52.95 70.15 -200.13
C GLY M 334 53.73 70.27 -201.42
N PRO M 335 54.44 69.20 -201.79
CA PRO M 335 55.20 69.22 -203.05
C PRO M 335 54.32 69.40 -204.28
N HIS M 336 53.10 68.89 -204.27
CA HIS M 336 52.18 69.01 -205.38
C HIS M 336 50.79 69.39 -204.88
N HIS M 337 50.02 70.03 -205.76
CA HIS M 337 48.66 70.47 -205.44
C HIS M 337 47.70 69.28 -205.58
N VAL M 338 47.84 68.32 -204.67
CA VAL M 338 47.04 67.10 -204.67
C VAL M 338 46.34 66.97 -203.33
N ALA M 339 45.42 66.02 -203.27
CA ALA M 339 44.66 65.72 -202.06
C ALA M 339 44.89 64.27 -201.66
N LEU M 340 45.18 64.05 -200.37
CA LEU M 340 45.46 62.72 -199.85
C LEU M 340 44.65 62.49 -198.59
N PHE M 341 44.03 61.32 -198.48
CA PHE M 341 43.26 60.97 -197.30
C PHE M 341 44.18 60.41 -196.22
N LYS M 342 43.62 60.30 -195.00
CA LYS M 342 44.40 59.74 -193.89
C LYS M 342 44.69 58.26 -194.12
N ASP M 343 43.72 57.51 -194.62
CA ASP M 343 43.85 56.07 -194.83
C ASP M 343 43.99 55.70 -196.31
N SER M 344 44.49 56.61 -197.12
CA SER M 344 44.67 56.37 -198.55
C SER M 344 46.08 56.75 -198.96
N SER M 345 46.54 56.14 -200.07
CA SER M 345 47.86 56.40 -200.60
C SER M 345 47.85 57.04 -201.98
N ARG M 346 46.69 57.17 -202.61
CA ARG M 346 46.60 57.78 -203.94
C ARG M 346 46.44 59.29 -203.80
N GLU M 347 47.30 60.03 -204.49
CA GLU M 347 47.29 61.49 -204.45
C GLU M 347 46.32 61.99 -205.52
N PHE M 348 45.14 62.42 -205.09
CA PHE M 348 44.13 62.93 -206.01
C PHE M 348 44.50 64.36 -206.41
N ASP M 349 44.93 64.54 -207.65
CA ASP M 349 45.30 65.87 -208.13
C ASP M 349 44.07 66.76 -208.22
N LEU M 350 44.28 68.05 -207.94
CA LEU M 350 43.22 69.04 -207.95
C LEU M 350 43.16 69.85 -209.24
N THR M 351 43.94 69.45 -210.26
CA THR M 351 44.00 70.16 -211.53
C THR M 351 43.35 69.38 -212.67
N LYS M 352 43.76 68.12 -212.87
CA LYS M 352 43.21 67.32 -213.95
C LYS M 352 41.74 66.98 -213.68
N GLU M 353 40.93 67.01 -214.75
CA GLU M 353 39.51 66.70 -214.59
C GLU M 353 39.29 65.26 -214.18
N GLU M 354 40.07 64.33 -214.73
CA GLU M 354 39.92 62.92 -214.37
C GLU M 354 40.23 62.70 -212.89
N ASP M 355 41.30 63.33 -212.40
CA ASP M 355 41.64 63.18 -210.98
C ASP M 355 40.57 63.79 -210.08
N LEU M 356 40.01 64.93 -210.48
CA LEU M 356 38.92 65.52 -209.72
C LEU M 356 37.70 64.62 -209.69
N ALA M 357 37.36 64.01 -210.83
CA ALA M 357 36.23 63.09 -210.89
C ALA M 357 36.48 61.87 -210.01
N ALA M 358 37.71 61.34 -210.02
CA ALA M 358 38.04 60.22 -209.16
C ALA M 358 37.93 60.59 -207.68
N LEU M 359 38.39 61.80 -207.33
CA LEU M 359 38.29 62.24 -205.96
C LEU M 359 36.82 62.40 -205.53
N ARG M 360 35.99 62.95 -206.41
CA ARG M 360 34.56 63.08 -206.09
C ARG M 360 33.91 61.71 -205.93
N HIS M 361 34.28 60.76 -206.80
CA HIS M 361 33.73 59.40 -206.68
C HIS M 361 34.15 58.75 -205.37
N GLU M 362 35.42 58.93 -204.98
CA GLU M 362 35.89 58.38 -203.72
C GLU M 362 35.17 59.01 -202.53
N ILE M 363 34.95 60.33 -202.59
CA ILE M 363 34.22 61.01 -201.51
C ILE M 363 32.79 60.48 -201.42
N GLU M 364 32.14 60.31 -202.57
CA GLU M 364 30.78 59.78 -202.58
C GLU M 364 30.74 58.36 -202.03
N LEU M 365 31.72 57.54 -202.40
CA LEU M 365 31.77 56.16 -201.87
C LEU M 365 31.98 56.16 -200.37
N ARG M 366 32.85 57.03 -199.86
CA ARG M 366 33.05 57.13 -198.43
C ARG M 366 31.80 57.59 -197.70
N MET M 367 31.08 58.56 -198.30
CA MET M 367 29.83 59.02 -197.71
C MET M 367 28.80 57.90 -197.67
N ARG M 368 28.68 57.13 -198.75
CA ARG M 368 27.73 56.03 -198.79
C ARG M 368 28.09 54.93 -197.80
N LYS M 369 29.39 54.64 -197.65
CA LYS M 369 29.81 53.60 -196.72
C LYS M 369 29.46 53.98 -195.28
N ASN M 370 29.70 55.23 -194.90
CA ASN M 370 29.38 55.67 -193.54
C ASN M 370 27.89 55.61 -193.26
N VAL M 371 27.07 56.05 -194.22
CA VAL M 371 25.63 56.07 -194.03
C VAL M 371 25.09 54.64 -194.09
N LYS M 372 24.32 54.26 -193.08
CA LYS M 372 23.74 52.94 -193.04
C LYS M 372 22.63 52.79 -194.09
N GLU M 373 22.36 51.55 -194.47
CA GLU M 373 21.34 51.25 -195.47
C GLU M 373 19.97 51.41 -194.82
N GLY M 374 19.45 52.63 -194.86
CA GLY M 374 18.17 52.94 -194.24
C GLY M 374 18.19 54.22 -193.45
N CYS M 375 19.37 54.67 -193.07
CA CYS M 375 19.54 55.91 -192.31
C CYS M 375 19.87 57.07 -193.23
N THR M 376 19.93 58.26 -192.65
CA THR M 376 20.24 59.48 -193.39
C THR M 376 21.51 60.15 -192.92
N VAL M 377 21.69 60.32 -191.62
CA VAL M 377 22.85 60.98 -191.03
C VAL M 377 23.67 59.93 -190.29
N SER M 378 24.96 59.87 -190.59
CA SER M 378 25.86 58.92 -189.96
C SER M 378 26.85 59.64 -189.06
N PRO M 379 27.05 59.17 -187.83
CA PRO M 379 28.01 59.84 -186.94
C PRO M 379 29.46 59.73 -187.41
N GLU M 380 29.77 58.81 -188.31
CA GLU M 380 31.14 58.64 -188.78
C GLU M 380 31.58 59.86 -189.58
N THR M 381 32.83 60.25 -189.39
CA THR M 381 33.41 61.41 -190.06
C THR M 381 34.39 60.98 -191.14
N ILE M 382 34.65 61.88 -192.07
CA ILE M 382 35.57 61.65 -193.18
C ILE M 382 36.71 62.66 -193.08
N SER M 383 37.93 62.15 -193.10
CA SER M 383 39.13 62.98 -192.97
C SER M 383 39.83 63.08 -194.31
N LEU M 384 40.13 64.32 -194.71
CA LEU M 384 40.82 64.58 -195.98
C LEU M 384 41.84 65.69 -195.78
N ASN M 385 43.04 65.48 -196.31
CA ASN M 385 44.13 66.45 -196.22
C ASN M 385 44.39 67.04 -197.60
N VAL M 386 44.43 68.37 -197.69
CA VAL M 386 44.64 69.09 -198.94
C VAL M 386 46.00 69.77 -198.86
N LYS M 387 46.84 69.52 -199.87
CA LYS M 387 48.16 70.10 -199.95
C LYS M 387 48.34 70.82 -201.29
N GLY M 388 49.21 71.83 -201.28
CA GLY M 388 49.50 72.59 -202.48
C GLY M 388 49.88 74.03 -202.17
N PRO M 389 50.64 74.64 -203.08
CA PRO M 389 51.05 76.03 -202.87
C PRO M 389 49.87 76.98 -202.95
N GLY M 390 50.01 78.12 -202.25
CA GLY M 390 49.00 79.14 -202.23
C GLY M 390 47.89 78.94 -201.22
N LEU M 391 47.94 77.87 -200.44
CA LEU M 391 46.94 77.59 -199.41
C LEU M 391 47.44 78.02 -198.04
N GLN M 392 46.51 78.11 -197.09
CA GLN M 392 46.82 78.48 -195.73
C GLN M 392 47.03 77.22 -194.88
N ARG M 393 47.17 77.41 -193.58
CA ARG M 393 47.39 76.31 -192.63
C ARG M 393 46.23 76.32 -191.64
N MET M 394 45.16 75.63 -191.98
CA MET M 394 43.97 75.56 -191.12
C MET M 394 43.20 74.30 -191.48
N VAL M 395 42.29 73.93 -190.59
CA VAL M 395 41.45 72.74 -190.76
C VAL M 395 40.00 73.20 -190.89
N LEU M 396 39.35 72.80 -191.99
CA LEU M 396 37.97 73.15 -192.25
C LEU M 396 37.09 71.92 -192.10
N VAL M 397 35.95 72.09 -191.44
CA VAL M 397 34.99 71.01 -191.20
C VAL M 397 33.70 71.34 -191.94
N ASP M 398 33.23 70.37 -192.73
CA ASP M 398 32.01 70.53 -193.51
C ASP M 398 30.88 69.73 -192.86
N LEU M 399 29.73 70.35 -192.69
CA LEU M 399 28.56 69.72 -192.10
C LEU M 399 27.35 69.89 -192.99
N PRO M 400 26.39 68.98 -192.92
CA PRO M 400 25.17 69.13 -193.72
C PRO M 400 24.39 70.38 -193.30
N GLY M 401 23.70 70.97 -194.28
CA GLY M 401 22.94 72.17 -194.01
C GLY M 401 21.76 71.93 -193.09
N VAL M 402 21.34 73.00 -192.43
CA VAL M 402 20.22 72.94 -191.49
C VAL M 402 18.92 72.89 -192.27
N ILE M 403 18.07 71.92 -191.94
CA ILE M 403 16.78 71.76 -192.60
C ILE M 403 15.67 72.06 -191.60
N ASN M 404 14.49 72.34 -192.14
CA ASN M 404 13.31 72.66 -191.33
C ASN M 404 12.22 71.62 -191.45
N THR M 405 11.86 71.22 -192.67
CA THR M 405 10.82 70.23 -192.88
C THR M 405 11.34 68.83 -192.54
N VAL M 406 10.40 67.91 -192.34
CA VAL M 406 10.69 66.53 -192.01
C VAL M 406 10.20 65.65 -193.15
N THR M 407 11.08 64.80 -193.68
CA THR M 407 10.72 63.92 -194.78
C THR M 407 10.03 62.67 -194.25
N SER M 408 8.87 62.36 -194.82
CA SER M 408 8.15 61.15 -194.39
C SER M 408 8.85 59.89 -194.83
N GLY M 409 9.59 59.93 -195.93
CA GLY M 409 10.31 58.78 -196.44
C GLY M 409 11.65 58.50 -195.78
N MET M 410 12.05 59.32 -194.81
CA MET M 410 13.31 59.17 -194.11
C MET M 410 13.04 59.09 -192.60
N ALA M 411 14.12 59.12 -191.83
CA ALA M 411 14.00 59.05 -190.38
C ALA M 411 13.35 60.32 -189.84
N PRO M 412 12.29 60.21 -189.04
CA PRO M 412 11.65 61.42 -188.49
C PRO M 412 12.55 62.23 -187.58
N ASP M 413 13.59 61.63 -187.01
CA ASP M 413 14.50 62.31 -186.10
C ASP M 413 15.75 62.82 -186.80
N THR M 414 15.73 62.90 -188.13
CA THR M 414 16.89 63.41 -188.87
C THR M 414 17.18 64.86 -188.51
N LYS M 415 16.13 65.69 -188.43
CA LYS M 415 16.33 67.08 -188.06
C LYS M 415 16.86 67.21 -186.64
N GLU M 416 16.31 66.41 -185.72
CA GLU M 416 16.81 66.43 -184.34
C GLU M 416 18.26 66.00 -184.27
N THR M 417 18.63 64.96 -185.03
CA THR M 417 20.02 64.51 -185.05
C THR M 417 20.94 65.59 -185.59
N ILE M 418 20.51 66.27 -186.66
CA ILE M 418 21.32 67.35 -187.24
C ILE M 418 21.48 68.48 -186.24
N PHE M 419 20.40 68.85 -185.55
CA PHE M 419 20.49 69.91 -184.55
C PHE M 419 21.41 69.52 -183.40
N SER M 420 21.34 68.27 -182.95
CA SER M 420 22.22 67.81 -181.88
C SER M 420 23.69 67.83 -182.32
N ILE M 421 23.95 67.41 -183.56
CA ILE M 421 25.32 67.43 -184.07
C ILE M 421 25.83 68.85 -184.16
N SER M 422 24.98 69.78 -184.64
CA SER M 422 25.39 71.17 -184.72
C SER M 422 25.67 71.76 -183.34
N LYS M 423 24.82 71.43 -182.36
CA LYS M 423 25.05 71.92 -181.00
C LYS M 423 26.34 71.35 -180.42
N ALA M 424 26.60 70.07 -180.64
CA ALA M 424 27.84 69.47 -180.16
C ALA M 424 29.06 70.12 -180.80
N TYR M 425 28.99 70.40 -182.11
CA TYR M 425 30.10 71.07 -182.78
C TYR M 425 30.29 72.48 -182.24
N MET M 426 29.19 73.19 -181.98
CA MET M 426 29.28 74.55 -181.44
C MET M 426 29.65 74.58 -179.96
N GLN M 427 29.63 73.44 -179.28
CA GLN M 427 30.00 73.40 -177.87
C GLN M 427 31.45 73.82 -177.64
N ASN M 428 32.29 73.75 -178.66
CA ASN M 428 33.67 74.18 -178.53
C ASN M 428 33.72 75.70 -178.39
N PRO M 429 34.28 76.24 -177.30
CA PRO M 429 34.33 77.71 -177.17
C PRO M 429 35.20 78.39 -178.20
N ASN M 430 36.13 77.66 -178.84
CA ASN M 430 37.04 78.24 -179.81
C ASN M 430 36.78 77.74 -181.23
N ALA M 431 35.57 77.23 -181.48
CA ALA M 431 35.22 76.74 -182.81
C ALA M 431 34.86 77.92 -183.71
N ILE M 432 35.67 78.14 -184.74
CA ILE M 432 35.42 79.22 -185.70
C ILE M 432 34.35 78.76 -186.68
N ILE M 433 33.29 79.56 -186.82
CA ILE M 433 32.18 79.25 -187.70
C ILE M 433 32.24 80.16 -188.91
N LEU M 434 32.25 79.56 -190.11
CA LEU M 434 32.30 80.29 -191.37
C LEU M 434 30.91 80.23 -192.00
N CYS M 435 30.17 81.32 -191.90
CA CYS M 435 28.82 81.39 -192.44
C CYS M 435 28.88 81.73 -193.93
N ILE M 436 28.15 80.96 -194.72
CA ILE M 436 28.08 81.14 -196.17
C ILE M 436 26.63 81.38 -196.55
N GLN M 437 26.37 82.45 -197.30
CA GLN M 437 25.03 82.82 -197.75
C GLN M 437 24.99 82.80 -199.28
N ASP M 438 23.86 83.23 -199.83
CA ASP M 438 23.65 83.26 -201.26
C ASP M 438 23.17 84.65 -201.67
N GLY M 439 23.27 84.93 -202.98
CA GLY M 439 22.82 86.22 -203.49
C GLY M 439 21.33 86.43 -203.30
N SER M 440 20.54 85.37 -203.48
CA SER M 440 19.10 85.45 -203.33
C SER M 440 18.63 85.26 -201.90
N VAL M 441 19.55 84.99 -200.96
CA VAL M 441 19.22 84.78 -199.56
C VAL M 441 19.73 85.98 -198.77
N ASP M 442 18.83 86.61 -198.01
CA ASP M 442 19.20 87.77 -197.21
C ASP M 442 19.97 87.33 -195.96
N ALA M 443 20.57 88.33 -195.30
CA ALA M 443 21.33 88.03 -194.08
C ALA M 443 20.44 87.48 -192.98
N GLU M 444 19.24 88.05 -192.81
CA GLU M 444 18.32 87.55 -191.79
C GLU M 444 17.70 86.21 -192.17
N ARG M 445 17.67 85.88 -193.47
CA ARG M 445 17.11 84.61 -193.92
C ARG M 445 18.07 83.44 -193.71
N SER M 446 19.32 83.70 -193.35
CA SER M 446 20.31 82.64 -193.13
C SER M 446 20.10 82.07 -191.73
N ILE M 447 19.77 80.78 -191.67
CA ILE M 447 19.57 80.13 -190.38
C ILE M 447 20.88 80.03 -189.62
N VAL M 448 21.98 79.78 -190.32
CA VAL M 448 23.28 79.66 -189.67
C VAL M 448 23.68 80.98 -189.01
N THR M 449 23.46 82.09 -189.72
CA THR M 449 23.81 83.40 -189.16
C THR M 449 22.98 83.70 -187.92
N ASP M 450 21.67 83.40 -187.97
CA ASP M 450 20.82 83.64 -186.81
C ASP M 450 21.24 82.76 -185.63
N LEU M 451 21.58 81.50 -185.89
CA LEU M 451 22.02 80.62 -184.82
C LEU M 451 23.33 81.10 -184.20
N VAL M 452 24.26 81.56 -185.04
CA VAL M 452 25.53 82.09 -184.53
C VAL M 452 25.28 83.33 -183.69
N SER M 453 24.41 84.22 -184.15
CA SER M 453 24.10 85.43 -183.38
C SER M 453 23.45 85.09 -182.04
N GLN M 454 22.54 84.11 -182.04
CA GLN M 454 21.90 83.70 -180.78
C GLN M 454 22.91 83.08 -179.82
N MET M 455 23.80 82.22 -180.34
CA MET M 455 24.79 81.58 -179.48
C MET M 455 25.92 82.52 -179.10
N ASP M 456 26.31 83.43 -179.98
CA ASP M 456 27.41 84.35 -179.75
C ASP M 456 26.93 85.77 -180.03
N PRO M 457 26.19 86.38 -179.10
CA PRO M 457 25.74 87.77 -179.31
C PRO M 457 26.88 88.75 -179.50
N HIS M 458 28.00 88.56 -178.81
CA HIS M 458 29.13 89.47 -178.96
C HIS M 458 29.81 89.31 -180.31
N GLY M 459 30.03 88.07 -180.73
CA GLY M 459 30.67 87.81 -182.01
C GLY M 459 32.11 88.29 -182.08
N ARG M 460 32.85 88.15 -180.99
CA ARG M 460 34.24 88.56 -180.95
C ARG M 460 35.18 87.59 -181.67
N ARG M 461 34.73 86.37 -181.93
CA ARG M 461 35.53 85.38 -182.62
C ARG M 461 34.97 84.95 -183.96
N THR M 462 33.75 85.36 -184.30
CA THR M 462 33.13 85.00 -185.56
C THR M 462 33.21 86.18 -186.52
N ILE M 463 33.69 85.93 -187.74
CA ILE M 463 33.85 86.95 -188.76
C ILE M 463 32.91 86.63 -189.91
N PHE M 464 32.05 87.58 -190.26
CA PHE M 464 31.10 87.39 -191.34
C PHE M 464 31.77 87.58 -192.69
N VAL M 465 31.51 86.65 -193.62
CA VAL M 465 32.04 86.71 -194.97
C VAL M 465 30.86 86.71 -195.94
N LEU M 466 30.85 87.68 -196.85
CA LEU M 466 29.78 87.84 -197.82
C LEU M 466 30.24 87.25 -199.16
N THR M 467 29.45 86.33 -199.70
CA THR M 467 29.75 85.65 -200.94
C THR M 467 28.67 85.93 -201.97
N LYS M 468 29.05 85.87 -203.25
CA LYS M 468 28.14 86.09 -204.37
C LYS M 468 27.50 87.48 -204.27
N VAL M 469 28.34 88.50 -204.19
CA VAL M 469 27.85 89.87 -204.11
C VAL M 469 27.19 90.29 -205.41
N ASP M 470 27.72 89.86 -206.56
CA ASP M 470 27.16 90.25 -207.84
C ASP M 470 25.75 89.71 -208.02
N LEU M 471 25.52 88.45 -207.60
CA LEU M 471 24.18 87.88 -207.72
C LEU M 471 23.17 88.63 -206.87
N ALA M 472 23.55 89.00 -205.65
CA ALA M 472 22.65 89.78 -204.80
C ALA M 472 22.39 91.16 -205.40
N GLU M 473 23.43 91.79 -205.95
CA GLU M 473 23.27 93.11 -206.55
C GLU M 473 22.34 93.07 -207.76
N LYS M 474 22.48 92.03 -208.60
CA LYS M 474 21.64 91.93 -209.79
C LYS M 474 20.18 91.65 -209.46
N ASN M 475 19.87 91.24 -208.23
CA ASN M 475 18.49 90.96 -207.82
C ASN M 475 17.83 92.20 -207.23
N VAL M 476 17.87 93.30 -207.98
CA VAL M 476 17.33 94.62 -207.63
C VAL M 476 17.40 94.89 -206.14
N ALA M 477 18.53 94.57 -205.51
CA ALA M 477 18.70 94.80 -204.08
C ALA M 477 19.02 96.27 -203.81
N SER M 478 18.81 96.68 -202.56
CA SER M 478 19.09 98.05 -202.14
C SER M 478 20.56 98.18 -201.79
N PRO M 479 21.30 99.10 -202.43
CA PRO M 479 22.72 99.27 -202.09
C PRO M 479 22.95 99.73 -200.66
N SER M 480 21.97 100.38 -200.04
CA SER M 480 22.13 100.81 -198.64
C SER M 480 22.29 99.62 -197.71
N ARG M 481 21.52 98.55 -197.93
CA ARG M 481 21.64 97.35 -197.11
C ARG M 481 23.01 96.71 -197.28
N ILE M 482 23.52 96.64 -198.52
CA ILE M 482 24.83 96.07 -198.76
C ILE M 482 25.91 96.91 -198.08
N GLN M 483 25.79 98.24 -198.19
CA GLN M 483 26.77 99.11 -197.53
C GLN M 483 26.75 98.94 -196.02
N GLN M 484 25.55 98.84 -195.44
CA GLN M 484 25.45 98.65 -193.99
C GLN M 484 26.04 97.31 -193.57
N ILE M 485 25.79 96.26 -194.36
CA ILE M 485 26.34 94.94 -194.03
C ILE M 485 27.87 94.96 -194.11
N ILE M 486 28.41 95.58 -195.16
CA ILE M 486 29.86 95.65 -195.31
C ILE M 486 30.47 96.50 -194.21
N GLU M 487 29.87 97.66 -193.91
CA GLU M 487 30.38 98.53 -192.85
C GLU M 487 30.12 97.96 -191.46
N GLY M 488 29.09 97.14 -191.31
CA GLY M 488 28.79 96.54 -190.03
C GLY M 488 27.85 97.37 -189.17
N LYS M 489 26.87 98.01 -189.80
CA LYS M 489 25.89 98.82 -189.10
C LYS M 489 24.57 98.10 -188.90
N LEU M 490 24.50 96.81 -189.21
CA LEU M 490 23.27 96.03 -189.08
C LEU M 490 23.43 94.82 -188.17
N PHE M 491 24.57 94.14 -188.22
CA PHE M 491 24.78 92.97 -187.38
C PHE M 491 25.06 93.38 -185.94
N PRO M 492 24.28 92.91 -184.98
CA PRO M 492 24.55 93.29 -183.57
C PRO M 492 25.91 92.83 -183.07
N MET M 493 26.41 91.70 -183.57
CA MET M 493 27.70 91.19 -183.13
C MET M 493 28.83 92.10 -183.57
N LYS M 494 29.87 92.18 -182.72
CA LYS M 494 31.03 93.02 -182.99
C LYS M 494 32.12 92.13 -183.58
N ALA M 495 31.99 91.85 -184.88
CA ALA M 495 32.96 91.03 -185.58
C ALA M 495 34.25 91.81 -185.79
N LEU M 496 35.35 91.06 -185.96
CA LEU M 496 36.65 91.68 -186.18
C LEU M 496 36.74 92.39 -187.53
N GLY M 497 35.87 92.05 -188.47
CA GLY M 497 35.88 92.70 -189.76
C GLY M 497 34.80 92.12 -190.65
N TYR M 498 34.63 92.76 -191.80
CA TYR M 498 33.64 92.33 -192.80
C TYR M 498 34.24 92.48 -194.18
N PHE M 499 34.23 91.40 -194.97
CA PHE M 499 34.76 91.40 -196.31
C PHE M 499 33.74 90.80 -197.27
N ALA M 500 33.61 91.42 -198.44
CA ALA M 500 32.67 90.97 -199.47
C ALA M 500 33.46 90.44 -200.66
N VAL M 501 33.16 89.20 -201.05
CA VAL M 501 33.84 88.55 -202.17
C VAL M 501 32.80 87.95 -203.10
N VAL M 502 33.22 87.66 -204.33
CA VAL M 502 32.37 87.05 -205.34
C VAL M 502 32.94 85.68 -205.66
N THR M 503 32.10 84.65 -205.54
CA THR M 503 32.48 83.27 -205.80
C THR M 503 31.78 82.73 -207.04
N GLY M 504 31.60 83.58 -208.05
CA GLY M 504 30.95 83.16 -209.28
C GLY M 504 29.43 83.15 -209.16
N LYS M 505 28.80 82.67 -210.22
CA LYS M 505 27.35 82.58 -210.28
C LYS M 505 26.80 81.33 -209.59
N GLY M 506 27.65 80.44 -209.11
CA GLY M 506 27.21 79.24 -208.45
C GLY M 506 26.76 78.13 -209.37
N ASN M 507 26.97 78.26 -210.67
CA ASN M 507 26.57 77.24 -211.63
C ASN M 507 27.60 76.11 -211.65
N SER M 508 27.41 75.14 -212.54
CA SER M 508 28.30 74.00 -212.69
C SER M 508 28.97 73.98 -214.06
N SER M 509 29.19 75.15 -214.65
CA SER M 509 29.81 75.23 -215.96
C SER M 509 30.90 76.29 -216.03
N GLU M 510 31.36 76.80 -214.88
CA GLU M 510 32.40 77.81 -214.82
C GLU M 510 33.63 77.21 -214.14
N SER M 511 34.77 77.31 -214.79
CA SER M 511 36.00 76.78 -214.23
C SER M 511 36.49 77.65 -213.07
N ILE M 512 37.40 77.10 -212.27
CA ILE M 512 37.95 77.82 -211.14
C ILE M 512 38.71 79.06 -211.60
N GLU M 513 39.52 78.90 -212.67
CA GLU M 513 40.28 80.03 -213.18
C GLU M 513 39.36 81.13 -213.70
N ALA M 514 38.28 80.77 -214.38
CA ALA M 514 37.35 81.77 -214.89
C ALA M 514 36.68 82.52 -213.74
N ILE M 515 36.27 81.81 -212.69
CA ILE M 515 35.65 82.46 -211.54
C ILE M 515 36.65 83.38 -210.84
N ARG M 516 37.90 82.94 -210.71
CA ARG M 516 38.92 83.78 -210.09
C ARG M 516 39.16 85.05 -210.91
N GLU M 517 39.23 84.91 -212.24
CA GLU M 517 39.42 86.07 -213.09
C GLU M 517 38.24 87.03 -213.00
N TYR M 518 37.02 86.49 -212.96
CA TYR M 518 35.83 87.34 -212.82
C TYR M 518 35.84 88.07 -211.50
N GLU M 519 36.23 87.38 -210.42
CA GLU M 519 36.30 88.03 -209.11
C GLU M 519 37.36 89.13 -209.09
N GLU M 520 38.52 88.87 -209.71
CA GLU M 520 39.56 89.89 -209.79
C GLU M 520 39.09 91.10 -210.59
N GLU M 521 38.40 90.86 -211.70
CA GLU M 521 37.88 91.97 -212.50
C GLU M 521 36.84 92.77 -211.72
N PHE M 522 35.97 92.08 -210.98
CA PHE M 522 34.97 92.78 -210.19
C PHE M 522 35.62 93.61 -209.08
N PHE M 523 36.66 93.06 -208.44
CA PHE M 523 37.37 93.81 -207.42
C PHE M 523 38.07 95.04 -208.01
N GLN M 524 38.68 94.88 -209.18
CA GLN M 524 39.35 96.02 -209.82
C GLN M 524 38.35 97.10 -210.21
N ASN M 525 37.20 96.71 -210.77
CA ASN M 525 36.17 97.63 -211.21
C ASN M 525 34.84 97.17 -210.62
N SER M 526 34.37 97.84 -209.58
CA SER M 526 33.12 97.50 -208.91
C SER M 526 32.18 98.70 -208.94
N LYS M 527 30.89 98.41 -209.03
CA LYS M 527 29.87 99.45 -209.05
C LYS M 527 29.66 100.10 -207.69
N LEU M 528 30.19 99.51 -206.61
CA LEU M 528 30.04 100.08 -205.27
C LEU M 528 31.29 100.78 -204.78
N LEU M 529 32.47 100.37 -205.25
CA LEU M 529 33.71 101.04 -204.82
C LEU M 529 33.82 102.44 -205.40
N LYS M 530 33.27 102.66 -206.60
CA LYS M 530 33.33 103.96 -207.23
C LYS M 530 32.40 104.99 -206.59
N THR M 531 31.49 104.57 -205.71
CA THR M 531 30.58 105.46 -205.04
C THR M 531 31.13 106.01 -203.73
N SER M 532 32.36 105.63 -203.36
CA SER M 532 33.01 106.09 -202.12
C SER M 532 32.16 105.76 -200.90
N MET M 533 31.55 104.58 -200.91
CA MET M 533 30.72 104.13 -199.80
C MET M 533 31.29 102.92 -199.08
N LEU M 534 32.44 102.41 -199.52
CA LEU M 534 33.06 101.25 -198.92
C LEU M 534 34.50 101.57 -198.54
N LYS M 535 34.95 100.99 -197.43
CA LYS M 535 36.31 101.24 -196.96
C LYS M 535 37.34 100.62 -197.89
N ALA M 536 38.45 101.34 -198.09
CA ALA M 536 39.48 100.88 -199.00
C ALA M 536 40.29 99.73 -198.42
N HIS M 537 40.36 99.64 -197.09
CA HIS M 537 41.15 98.60 -196.43
C HIS M 537 40.37 97.30 -196.23
N GLN M 538 39.11 97.26 -196.64
CA GLN M 538 38.28 96.06 -196.53
C GLN M 538 38.18 95.30 -197.84
N VAL M 539 39.25 95.29 -198.63
CA VAL M 539 39.26 94.61 -199.92
C VAL M 539 40.15 93.37 -199.85
N THR M 540 40.10 92.54 -200.88
CA THR M 540 40.88 91.30 -200.96
C THR M 540 40.62 90.38 -199.77
N THR M 541 41.48 89.38 -199.59
CA THR M 541 41.33 88.44 -198.49
C THR M 541 42.64 88.12 -197.76
N ARG M 542 43.76 88.74 -198.16
CA ARG M 542 45.04 88.39 -197.56
C ARG M 542 45.08 88.77 -196.08
N ASN M 543 44.68 90.00 -195.75
CA ASN M 543 44.70 90.44 -194.37
C ASN M 543 43.74 89.63 -193.51
N LEU M 544 42.54 89.37 -194.01
CA LEU M 544 41.57 88.57 -193.27
C LEU M 544 42.09 87.16 -193.03
N SER M 545 42.69 86.54 -194.05
CA SER M 545 43.24 85.20 -193.90
C SER M 545 44.37 85.19 -192.89
N LEU M 546 45.26 86.19 -192.93
CA LEU M 546 46.35 86.25 -191.97
C LEU M 546 45.83 86.41 -190.55
N ALA M 547 44.84 87.29 -190.35
CA ALA M 547 44.27 87.49 -189.02
C ALA M 547 43.60 86.22 -188.51
N VAL M 548 42.85 85.54 -189.38
CA VAL M 548 42.19 84.30 -188.98
C VAL M 548 43.22 83.24 -188.62
N SER M 549 44.28 83.13 -189.41
CA SER M 549 45.32 82.14 -189.12
C SER M 549 46.01 82.45 -187.79
N ASP M 550 46.32 83.73 -187.53
CA ASP M 550 46.96 84.09 -186.28
C ASP M 550 46.06 83.81 -185.09
N CYS M 551 44.77 84.14 -185.20
CA CYS M 551 43.83 83.88 -184.12
C CYS M 551 43.69 82.38 -183.87
N PHE M 552 43.60 81.59 -184.94
CA PHE M 552 43.50 80.14 -184.78
C PHE M 552 44.75 79.57 -184.13
N TRP M 553 45.93 80.05 -184.54
CA TRP M 553 47.17 79.56 -183.96
C TRP M 553 47.26 79.90 -182.47
N LYS M 554 46.92 81.14 -182.10
CA LYS M 554 47.02 81.50 -180.69
C LYS M 554 45.99 80.75 -179.85
N MET M 555 44.77 80.57 -180.36
CA MET M 555 43.75 79.86 -179.59
C MET M 555 44.09 78.38 -179.46
N VAL M 556 44.65 77.77 -180.52
CA VAL M 556 45.02 76.37 -180.41
C VAL M 556 46.24 76.19 -179.50
N ARG M 557 47.15 77.18 -179.48
CA ARG M 557 48.26 77.11 -178.55
C ARG M 557 47.77 77.20 -177.11
N GLU M 558 46.84 78.10 -176.83
CA GLU M 558 46.28 78.19 -175.48
C GLU M 558 45.54 76.89 -175.11
N SER M 559 44.78 76.35 -176.07
CA SER M 559 44.03 75.12 -175.81
C SER M 559 44.96 73.95 -175.52
N VAL M 560 46.03 73.81 -176.29
CA VAL M 560 46.96 72.70 -176.05
C VAL M 560 47.74 72.91 -174.76
N GLU M 561 48.05 74.16 -174.40
CA GLU M 561 48.70 74.42 -173.13
C GLU M 561 47.81 74.01 -171.97
N GLN M 562 46.52 74.33 -172.04
CA GLN M 562 45.59 73.89 -171.01
C GLN M 562 45.43 72.38 -170.99
N GLN M 563 45.34 71.77 -172.18
CA GLN M 563 45.10 70.33 -172.25
C GLN M 563 46.30 69.51 -171.81
N ALA M 564 47.52 70.06 -171.92
CA ALA M 564 48.70 69.33 -171.45
C ALA M 564 48.57 68.94 -169.99
N ASP M 565 47.84 69.72 -169.19
CA ASP M 565 47.55 69.37 -167.82
C ASP M 565 46.14 68.80 -167.63
N SER M 566 45.18 69.22 -168.46
CA SER M 566 43.82 68.70 -168.33
C SER M 566 43.77 67.19 -168.61
N PHE M 567 44.46 66.74 -169.65
CA PHE M 567 44.45 65.31 -169.98
C PHE M 567 45.22 64.50 -168.93
N LYS M 568 46.30 65.05 -168.38
CA LYS M 568 47.00 64.37 -167.31
C LYS M 568 46.10 64.22 -166.08
N ALA M 569 45.36 65.28 -165.73
CA ALA M 569 44.43 65.20 -164.61
C ALA M 569 43.33 64.18 -164.89
N THR M 570 42.82 64.15 -166.12
CA THR M 570 41.78 63.20 -166.47
C THR M 570 42.29 61.77 -166.38
N ARG M 571 43.51 61.52 -166.86
CA ARG M 571 44.09 60.18 -166.76
C ARG M 571 44.30 59.77 -165.31
N PHE M 572 44.79 60.70 -164.48
CA PHE M 572 44.97 60.39 -163.07
C PHE M 572 43.64 60.08 -162.39
N ASN M 573 42.60 60.84 -162.71
CA ASN M 573 41.28 60.59 -162.13
C ASN M 573 40.74 59.24 -162.57
N LEU M 574 40.91 58.90 -163.86
CA LEU M 574 40.44 57.61 -164.35
C LEU M 574 41.19 56.46 -163.68
N GLU M 575 42.51 56.59 -163.51
CA GLU M 575 43.29 55.56 -162.84
C GLU M 575 42.84 55.41 -161.38
N THR M 576 42.61 56.53 -160.70
CA THR M 576 42.15 56.47 -159.32
C THR M 576 40.78 55.82 -159.22
N GLU M 577 39.88 56.13 -160.15
CA GLU M 577 38.56 55.51 -160.15
C GLU M 577 38.66 54.01 -160.39
N TRP M 578 39.50 53.59 -161.33
CA TRP M 578 39.67 52.17 -161.60
C TRP M 578 40.25 51.45 -160.39
N LYS M 579 41.24 52.06 -159.72
CA LYS M 579 41.82 51.43 -158.53
C LYS M 579 40.82 51.35 -157.39
N ASN M 580 40.02 52.41 -157.20
CA ASN M 580 39.07 52.43 -156.10
C ASN M 580 37.93 51.44 -156.32
N ASN M 581 37.40 51.37 -157.55
CA ASN M 581 36.32 50.44 -157.82
C ASN M 581 36.79 48.98 -157.74
N TYR M 582 38.04 48.73 -158.06
CA TYR M 582 38.62 47.38 -158.05
C TYR M 582 39.92 47.40 -157.27
N PRO M 583 39.83 47.45 -155.93
CA PRO M 583 41.07 47.45 -155.13
C PRO M 583 41.91 46.20 -155.31
N ARG M 584 41.29 45.05 -155.56
CA ARG M 584 42.01 43.79 -155.70
C ARG M 584 42.14 43.36 -157.16
N LEU M 585 41.69 44.17 -158.11
CA LEU M 585 41.78 43.86 -159.52
C LEU M 585 42.46 45.00 -160.27
N ARG M 586 43.43 44.64 -161.09
CA ARG M 586 44.16 45.63 -161.88
C ARG M 586 43.48 45.80 -163.24
N GLU M 587 44.14 46.48 -164.17
CA GLU M 587 43.57 46.73 -165.48
C GLU M 587 43.27 45.42 -166.19
N LEU M 588 42.06 45.31 -166.76
CA LEU M 588 41.60 44.11 -167.45
C LEU M 588 41.04 44.54 -168.81
N ASP M 589 41.90 44.58 -169.82
CA ASP M 589 41.49 44.95 -171.17
C ASP M 589 41.00 43.72 -171.92
N ARG M 590 40.70 43.91 -173.21
CA ARG M 590 40.16 42.82 -174.01
C ARG M 590 41.16 41.68 -174.16
N ASN M 591 42.44 42.00 -174.41
CA ASN M 591 43.43 40.97 -174.65
C ASN M 591 43.68 40.12 -173.42
N GLU M 592 43.90 40.77 -172.27
CA GLU M 592 44.19 40.02 -171.04
C GLU M 592 42.98 39.20 -170.61
N LEU M 593 41.77 39.76 -170.71
CA LEU M 593 40.58 39.02 -170.33
C LEU M 593 40.34 37.84 -171.26
N PHE M 594 40.57 38.03 -172.56
CA PHE M 594 40.42 36.91 -173.49
C PHE M 594 41.44 35.81 -173.21
N GLU M 595 42.69 36.19 -172.92
CA GLU M 595 43.70 35.20 -172.58
C GLU M 595 43.34 34.46 -171.30
N LYS M 596 42.83 35.18 -170.30
CA LYS M 596 42.42 34.54 -169.05
C LYS M 596 41.25 33.58 -169.28
N ALA M 597 40.30 33.98 -170.12
CA ALA M 597 39.17 33.09 -170.44
C ALA M 597 39.66 31.83 -171.16
N LYS M 598 40.59 31.99 -172.10
CA LYS M 598 41.15 30.84 -172.81
C LYS M 598 41.87 29.91 -171.83
N ASN M 599 42.65 30.48 -170.91
CA ASN M 599 43.35 29.67 -169.93
C ASN M 599 42.38 28.94 -169.01
N GLU M 600 41.30 29.62 -168.59
CA GLU M 600 40.29 28.96 -167.76
C GLU M 600 39.60 27.83 -168.51
N ILE M 601 39.30 28.04 -169.80
CA ILE M 601 38.70 26.98 -170.59
C ILE M 601 39.64 25.79 -170.71
N LEU M 602 40.93 26.06 -170.93
CA LEU M 602 41.91 24.97 -171.00
C LEU M 602 42.00 24.22 -169.68
N ASP M 603 42.00 24.94 -168.57
CA ASP M 603 42.05 24.29 -167.26
C ASP M 603 40.81 23.45 -167.02
N GLU M 604 39.63 23.95 -167.41
CA GLU M 604 38.41 23.18 -167.26
C GLU M 604 38.44 21.91 -168.11
N VAL M 605 38.96 22.02 -169.35
CA VAL M 605 39.07 20.84 -170.20
C VAL M 605 40.03 19.84 -169.59
N ILE M 606 41.15 20.32 -169.03
CA ILE M 606 42.12 19.43 -168.40
C ILE M 606 41.48 18.71 -167.21
N SER M 607 40.74 19.45 -166.39
CA SER M 607 40.07 18.84 -165.24
C SER M 607 39.04 17.82 -165.69
N LEU M 608 38.30 18.13 -166.76
CA LEU M 608 37.33 17.18 -167.29
C LEU M 608 38.01 15.91 -167.77
N SER M 609 39.16 16.04 -168.45
CA SER M 609 39.87 14.87 -168.94
C SER M 609 40.53 14.09 -167.79
N GLN M 610 40.79 14.75 -166.66
CA GLN M 610 41.47 14.12 -165.54
C GLN M 610 40.52 13.41 -164.58
N VAL M 611 39.21 13.47 -164.81
CA VAL M 611 38.28 12.78 -163.95
C VAL M 611 38.43 11.26 -164.11
N THR M 612 38.35 10.54 -163.00
CA THR M 612 38.49 9.10 -163.02
C THR M 612 37.42 8.45 -163.88
N PRO M 613 37.78 7.58 -164.82
CA PRO M 613 36.75 6.95 -165.67
C PRO M 613 35.72 6.13 -164.91
N LYS M 614 36.09 5.60 -163.73
CA LYS M 614 35.16 4.78 -162.97
C LYS M 614 33.93 5.57 -162.55
N HIS M 615 34.14 6.81 -162.09
CA HIS M 615 33.01 7.65 -161.71
C HIS M 615 32.11 7.95 -162.91
N TRP M 616 32.71 8.20 -164.08
CA TRP M 616 31.93 8.39 -165.29
C TRP M 616 31.09 7.16 -165.61
N GLU M 617 31.71 5.98 -165.52
CA GLU M 617 30.98 4.75 -165.82
C GLU M 617 29.82 4.55 -164.85
N GLU M 618 30.06 4.78 -163.56
CA GLU M 618 28.99 4.62 -162.57
C GLU M 618 27.85 5.60 -162.82
N ILE M 619 28.19 6.87 -163.10
CA ILE M 619 27.16 7.88 -163.33
C ILE M 619 26.36 7.54 -164.58
N LEU M 620 27.04 7.16 -165.66
CA LEU M 620 26.35 6.82 -166.89
C LEU M 620 25.45 5.61 -166.71
N GLN M 621 25.94 4.58 -166.01
CA GLN M 621 25.13 3.38 -165.78
C GLN M 621 23.89 3.72 -164.96
N GLN M 622 24.06 4.50 -163.89
CA GLN M 622 22.93 4.85 -163.05
C GLN M 622 21.91 5.68 -163.81
N SER M 623 22.37 6.67 -164.57
CA SER M 623 21.46 7.53 -165.33
C SER M 623 20.72 6.73 -166.39
N LEU M 624 21.43 5.87 -167.12
CA LEU M 624 20.79 5.06 -168.15
C LEU M 624 19.78 4.11 -167.56
N TRP M 625 20.12 3.46 -166.43
CA TRP M 625 19.18 2.55 -165.79
C TRP M 625 17.92 3.28 -165.33
N GLU M 626 18.10 4.46 -164.71
CA GLU M 626 16.95 5.23 -164.27
C GLU M 626 16.10 5.68 -165.45
N ARG M 627 16.74 5.95 -166.60
CA ARG M 627 16.00 6.41 -167.76
C ARG M 627 15.22 5.27 -168.41
N VAL M 628 15.82 4.08 -168.50
CA VAL M 628 15.22 3.00 -169.28
C VAL M 628 14.49 1.99 -168.39
N SER M 629 14.40 2.22 -167.09
CA SER M 629 13.66 1.30 -166.23
C SER M 629 12.20 1.21 -166.65
N THR M 630 11.56 2.36 -166.86
CA THR M 630 10.15 2.36 -167.27
C THR M 630 9.97 1.72 -168.64
N HIS M 631 10.88 2.02 -169.58
CA HIS M 631 10.80 1.45 -170.91
C HIS M 631 10.92 -0.07 -170.85
N VAL M 632 11.89 -0.58 -170.09
CA VAL M 632 12.07 -2.01 -169.95
C VAL M 632 10.85 -2.65 -169.32
N ILE M 633 10.30 -2.03 -168.27
CA ILE M 633 9.13 -2.59 -167.62
C ILE M 633 7.96 -2.68 -168.58
N GLU M 634 7.65 -1.57 -169.26
CA GLU M 634 6.50 -1.52 -170.14
C GLU M 634 6.69 -2.31 -171.44
N ASN M 635 7.94 -2.67 -171.79
CA ASN M 635 8.19 -3.48 -172.97
C ASN M 635 8.41 -4.95 -172.66
N ILE M 636 8.57 -5.32 -171.38
CA ILE M 636 8.79 -6.71 -171.03
C ILE M 636 7.63 -7.25 -170.22
N TYR M 637 7.34 -6.64 -169.07
CA TYR M 637 6.33 -7.19 -168.19
C TYR M 637 4.92 -6.97 -168.70
N LEU M 638 4.68 -5.85 -169.40
CA LEU M 638 3.33 -5.59 -169.92
C LEU M 638 2.87 -6.65 -170.92
N PRO M 639 3.66 -7.06 -171.91
CA PRO M 639 3.19 -8.17 -172.77
C PRO M 639 3.22 -9.51 -172.06
N ALA M 640 4.26 -9.80 -171.30
CA ALA M 640 4.39 -11.07 -170.59
C ALA M 640 3.89 -10.94 -169.15
N ALA M 641 2.63 -10.56 -169.03
CA ALA M 641 2.00 -10.35 -167.74
C ALA M 641 1.33 -11.60 -167.17
N GLN M 642 1.26 -12.69 -167.94
CA GLN M 642 0.60 -13.91 -167.48
C GLN M 642 1.46 -15.15 -167.70
N THR M 643 2.77 -14.97 -167.89
CA THR M 643 3.66 -16.11 -168.07
C THR M 643 3.80 -16.88 -166.77
N MET M 644 3.79 -18.21 -166.87
CA MET M 644 3.94 -19.10 -165.72
C MET M 644 5.31 -19.74 -165.64
N ASN M 645 5.80 -20.28 -166.75
CA ASN M 645 7.12 -20.89 -166.78
C ASN M 645 8.21 -19.83 -166.86
N SER M 646 9.26 -20.02 -166.05
CA SER M 646 10.38 -19.06 -166.07
C SER M 646 11.14 -19.11 -167.38
N GLY M 647 11.19 -20.27 -168.03
CA GLY M 647 11.90 -20.37 -169.29
C GLY M 647 11.29 -19.53 -170.38
N THR M 648 9.95 -19.54 -170.48
CA THR M 648 9.28 -18.72 -171.48
C THR M 648 9.51 -17.24 -171.22
N PHE M 649 9.47 -16.84 -169.94
CA PHE M 649 9.72 -15.44 -169.60
C PHE M 649 11.14 -15.04 -169.96
N ASN M 650 12.11 -15.91 -169.68
CA ASN M 650 13.50 -15.61 -170.04
C ASN M 650 13.68 -15.52 -171.55
N THR M 651 13.02 -16.40 -172.30
CA THR M 651 13.10 -16.35 -173.75
C THR M 651 12.50 -15.05 -174.28
N THR M 652 11.35 -14.63 -173.73
CA THR M 652 10.74 -13.39 -174.15
C THR M 652 11.64 -12.20 -173.82
N VAL M 653 12.28 -12.23 -172.64
CA VAL M 653 13.19 -11.15 -172.26
C VAL M 653 14.35 -11.08 -173.23
N ASP M 654 14.93 -12.23 -173.58
CA ASP M 654 16.04 -12.25 -174.53
C ASP M 654 15.62 -11.74 -175.90
N ILE M 655 14.42 -12.13 -176.35
CA ILE M 655 13.94 -11.66 -177.65
C ILE M 655 13.76 -10.15 -177.63
N LYS M 656 13.15 -9.61 -176.58
CA LYS M 656 12.94 -8.17 -176.48
C LYS M 656 14.28 -7.42 -176.42
N LEU M 657 15.24 -7.95 -175.65
CA LEU M 657 16.55 -7.31 -175.57
C LEU M 657 17.25 -7.30 -176.91
N LYS M 658 17.20 -8.42 -177.64
CA LYS M 658 17.83 -8.47 -178.96
C LYS M 658 17.15 -7.50 -179.93
N GLN M 659 15.82 -7.44 -179.90
CA GLN M 659 15.11 -6.50 -180.76
C GLN M 659 15.47 -5.07 -180.44
N TRP M 660 15.55 -4.73 -179.15
CA TRP M 660 15.92 -3.37 -178.76
C TRP M 660 17.35 -3.04 -179.18
N THR M 661 18.28 -3.97 -179.01
CA THR M 661 19.66 -3.73 -179.43
C THR M 661 19.74 -3.52 -180.93
N ASP M 662 18.98 -4.32 -181.70
CA ASP M 662 19.02 -4.19 -183.14
C ASP M 662 18.37 -2.90 -183.62
N LYS M 663 17.29 -2.46 -182.98
CA LYS M 663 16.48 -1.38 -183.53
C LYS M 663 17.06 0.00 -183.19
N GLN M 664 17.06 0.36 -181.90
CA GLN M 664 17.40 1.74 -181.53
C GLN M 664 18.21 1.88 -180.26
N LEU M 665 18.62 0.79 -179.61
CA LEU M 665 19.35 0.91 -178.35
C LEU M 665 20.67 1.66 -178.50
N PRO M 666 21.52 1.40 -179.49
CA PRO M 666 22.74 2.22 -179.63
C PRO M 666 22.46 3.70 -179.80
N ASN M 667 21.41 4.05 -180.55
CA ASN M 667 21.07 5.46 -180.73
C ASN M 667 20.65 6.09 -179.41
N LYS M 668 19.83 5.38 -178.63
CA LYS M 668 19.42 5.89 -177.33
C LYS M 668 20.61 6.04 -176.38
N ALA M 669 21.53 5.08 -176.40
CA ALA M 669 22.72 5.18 -175.56
C ALA M 669 23.58 6.37 -175.96
N VAL M 670 23.75 6.58 -177.27
CA VAL M 670 24.53 7.73 -177.74
C VAL M 670 23.87 9.03 -177.32
N GLU M 671 22.55 9.12 -177.46
CA GLU M 671 21.84 10.33 -177.06
C GLU M 671 21.98 10.59 -175.57
N VAL M 672 21.86 9.54 -174.76
CA VAL M 672 21.98 9.68 -173.31
C VAL M 672 23.39 10.13 -172.94
N ALA M 673 24.41 9.53 -173.56
CA ALA M 673 25.78 9.93 -173.28
C ALA M 673 26.04 11.37 -173.67
N TRP M 674 25.53 11.79 -174.83
CA TRP M 674 25.71 13.17 -175.27
C TRP M 674 24.99 14.15 -174.34
N GLU M 675 23.78 13.79 -173.89
CA GLU M 675 23.06 14.65 -172.95
C GLU M 675 23.79 14.76 -171.62
N THR M 676 24.34 13.65 -171.13
CA THR M 676 25.10 13.70 -169.88
C THR M 676 26.36 14.54 -170.03
N LEU M 677 27.05 14.42 -171.17
CA LEU M 677 28.23 15.24 -171.41
C LEU M 677 27.86 16.72 -171.46
N GLN M 678 26.74 17.04 -172.13
CA GLN M 678 26.29 18.43 -172.17
C GLN M 678 25.96 18.95 -170.79
N GLU M 679 25.28 18.13 -169.97
CA GLU M 679 24.95 18.56 -168.60
C GLU M 679 26.20 18.80 -167.78
N GLU M 680 27.20 17.90 -167.88
CA GLU M 680 28.44 18.09 -167.15
C GLU M 680 29.17 19.35 -167.62
N PHE M 681 29.21 19.58 -168.93
CA PHE M 681 29.85 20.78 -169.44
C PHE M 681 29.16 22.04 -168.97
N SER M 682 27.82 22.04 -168.98
CA SER M 682 27.07 23.20 -168.51
C SER M 682 27.29 23.45 -167.02
N ARG M 683 27.32 22.38 -166.22
CA ARG M 683 27.55 22.55 -164.79
C ARG M 683 28.95 23.09 -164.53
N PHE M 684 29.95 22.60 -165.28
CA PHE M 684 31.30 23.12 -165.12
C PHE M 684 31.40 24.58 -165.54
N MET M 685 30.73 24.95 -166.63
CA MET M 685 30.75 26.34 -167.08
C MET M 685 30.07 27.26 -166.07
N THR M 686 28.95 26.83 -165.52
CA THR M 686 28.19 27.61 -164.54
C THR M 686 28.34 26.92 -163.18
N GLU M 687 29.40 27.28 -162.46
CA GLU M 687 29.71 26.70 -161.15
C GLU M 687 29.87 27.85 -160.15
N PRO M 688 28.77 28.34 -159.58
CA PRO M 688 28.83 29.50 -158.68
C PRO M 688 29.33 29.15 -157.28
N LYS M 689 30.48 28.47 -157.24
CA LYS M 689 31.11 28.19 -155.94
C LYS M 689 31.57 29.47 -155.27
N GLY M 690 32.12 30.41 -156.05
CA GLY M 690 32.55 31.67 -155.48
C GLY M 690 31.38 32.53 -155.05
N LYS M 691 31.62 33.39 -154.06
CA LYS M 691 30.58 34.25 -153.54
C LYS M 691 30.20 35.37 -154.50
N GLU M 692 31.07 35.70 -155.45
CA GLU M 692 30.77 36.77 -156.40
C GLU M 692 30.14 36.22 -157.66
N HIS M 693 30.84 35.33 -158.35
CA HIS M 693 30.37 34.69 -159.58
C HIS M 693 29.85 35.73 -160.58
N ASP M 694 30.78 36.57 -161.02
CA ASP M 694 30.46 37.63 -161.98
C ASP M 694 29.87 37.03 -163.25
N ASP M 695 28.77 37.61 -163.73
CA ASP M 695 28.07 37.10 -164.89
C ASP M 695 28.69 37.53 -166.21
N ILE M 696 29.62 38.48 -166.20
CA ILE M 696 30.26 38.91 -167.43
C ILE M 696 31.03 37.76 -168.06
N PHE M 697 31.78 37.01 -167.25
CA PHE M 697 32.48 35.84 -167.76
C PHE M 697 31.51 34.70 -168.00
N ASP M 698 30.44 34.62 -167.21
CA ASP M 698 29.48 33.53 -167.35
C ASP M 698 28.77 33.58 -168.69
N LYS M 699 28.41 34.77 -169.16
CA LYS M 699 27.75 34.89 -170.46
C LYS M 699 28.67 34.42 -171.58
N LEU M 700 29.94 34.81 -171.54
CA LEU M 700 30.90 34.37 -172.54
C LEU M 700 31.08 32.85 -172.48
N LYS M 701 31.15 32.30 -171.27
CA LYS M 701 31.29 30.85 -171.14
C LYS M 701 30.09 30.12 -171.72
N GLU M 702 28.89 30.63 -171.45
CA GLU M 702 27.68 30.01 -172.00
C GLU M 702 27.65 30.12 -173.53
N ALA M 703 28.06 31.26 -174.07
CA ALA M 703 28.10 31.41 -175.53
C ALA M 703 29.10 30.44 -176.16
N VAL M 704 30.27 30.29 -175.53
CA VAL M 704 31.27 29.35 -176.04
C VAL M 704 30.75 27.93 -175.95
N LYS M 705 30.07 27.58 -174.85
CA LYS M 705 29.50 26.25 -174.71
C LYS M 705 28.46 25.97 -175.78
N GLU M 706 27.59 26.95 -176.05
CA GLU M 706 26.57 26.77 -177.10
C GLU M 706 27.22 26.61 -178.47
N GLU M 707 28.24 27.42 -178.75
CA GLU M 707 28.93 27.30 -180.03
C GLU M 707 29.60 25.94 -180.18
N SER M 708 30.24 25.44 -179.12
CA SER M 708 30.87 24.13 -179.17
C SER M 708 29.84 23.03 -179.35
N ILE M 709 28.69 23.15 -178.68
CA ILE M 709 27.64 22.14 -178.80
C ILE M 709 27.11 22.12 -180.23
N LYS M 710 26.87 23.30 -180.80
CA LYS M 710 26.36 23.36 -182.18
C LYS M 710 27.40 22.88 -183.19
N ARG M 711 28.68 23.12 -182.92
CA ARG M 711 29.74 22.72 -183.84
C ARG M 711 30.19 21.27 -183.64
N HIS M 712 29.75 20.62 -182.57
CA HIS M 712 30.19 19.26 -182.29
C HIS M 712 29.65 18.30 -183.35
N LYS M 713 30.47 17.31 -183.69
CA LYS M 713 30.14 16.31 -184.69
C LYS M 713 30.30 14.91 -184.11
N TRP M 714 29.62 13.94 -184.73
CA TRP M 714 29.66 12.56 -184.30
C TRP M 714 30.06 11.66 -185.47
N ASN M 715 30.68 10.54 -185.15
CA ASN M 715 31.17 9.60 -186.14
C ASN M 715 30.29 8.35 -186.14
N ASP M 716 29.84 7.94 -187.33
CA ASP M 716 29.00 6.74 -187.44
C ASP M 716 29.79 5.47 -187.16
N PHE M 717 31.11 5.50 -187.36
CA PHE M 717 31.93 4.34 -187.04
C PHE M 717 31.88 4.06 -185.54
N ALA M 718 31.88 5.10 -184.71
CA ALA M 718 31.73 4.92 -183.27
C ALA M 718 30.38 4.29 -182.94
N GLU M 719 29.31 4.72 -183.63
CA GLU M 719 28.00 4.12 -183.40
C GLU M 719 27.99 2.64 -183.79
N ASP M 720 28.61 2.29 -184.91
CA ASP M 720 28.67 0.90 -185.32
C ASP M 720 29.46 0.06 -184.34
N SER M 721 30.59 0.59 -183.85
CA SER M 721 31.38 -0.13 -182.85
C SER M 721 30.59 -0.31 -181.57
N LEU M 722 29.86 0.72 -181.15
CA LEU M 722 29.03 0.60 -179.96
C LEU M 722 27.95 -0.45 -180.12
N ARG M 723 27.32 -0.49 -181.30
CA ARG M 723 26.30 -1.51 -181.56
C ARG M 723 26.90 -2.91 -181.52
N VAL M 724 28.07 -3.08 -182.14
CA VAL M 724 28.73 -4.39 -182.16
C VAL M 724 29.09 -4.82 -180.74
N ILE M 725 29.63 -3.91 -179.93
CA ILE M 725 30.03 -4.26 -178.58
C ILE M 725 28.81 -4.56 -177.72
N GLN M 726 27.72 -3.80 -177.91
CA GLN M 726 26.49 -4.08 -177.16
C GLN M 726 25.93 -5.45 -177.51
N HIS M 727 25.96 -5.82 -178.80
CA HIS M 727 25.51 -7.14 -179.18
C HIS M 727 26.42 -8.24 -178.62
N ASN M 728 27.73 -8.00 -178.60
CA ASN M 728 28.67 -9.01 -178.11
C ASN M 728 28.69 -9.12 -176.61
N ALA M 729 28.18 -8.10 -175.90
CA ALA M 729 28.22 -8.11 -174.43
C ALA M 729 27.18 -9.07 -173.85
N LEU M 730 27.40 -10.36 -174.05
CA LEU M 730 26.53 -11.41 -173.49
C LEU M 730 27.40 -12.50 -172.87
N GLU M 731 28.38 -12.09 -172.07
CA GLU M 731 29.38 -12.99 -171.52
C GLU M 731 28.88 -13.78 -170.32
N ASP M 732 28.51 -13.09 -169.25
CA ASP M 732 28.10 -13.74 -168.02
C ASP M 732 26.60 -13.84 -167.92
N ARG M 733 26.12 -15.00 -167.46
CA ARG M 733 24.69 -15.25 -167.34
C ARG M 733 24.26 -15.87 -166.02
N SER M 734 25.19 -16.15 -165.11
CA SER M 734 24.86 -16.77 -163.83
C SER M 734 25.75 -16.18 -162.74
N ILE M 735 25.26 -16.27 -161.50
CA ILE M 735 25.98 -15.78 -160.33
C ILE M 735 26.52 -16.97 -159.54
N SER M 736 27.83 -16.98 -159.31
CA SER M 736 28.47 -18.03 -158.53
C SER M 736 29.07 -17.48 -157.24
N ASP M 737 28.73 -16.24 -156.86
CA ASP M 737 29.28 -15.62 -155.67
C ASP M 737 28.14 -15.24 -154.73
N LYS M 738 28.28 -15.57 -153.46
CA LYS M 738 27.27 -15.20 -152.47
C LYS M 738 27.19 -13.69 -152.31
N GLN M 739 28.34 -13.01 -152.30
CA GLN M 739 28.33 -11.56 -152.16
C GLN M 739 27.68 -10.88 -153.35
N GLN M 740 27.97 -11.35 -154.56
CA GLN M 740 27.33 -10.80 -155.75
C GLN M 740 25.82 -11.07 -155.73
N TRP M 741 25.42 -12.25 -155.26
CA TRP M 741 24.01 -12.57 -155.14
C TRP M 741 23.32 -11.63 -154.17
N ASP M 742 23.96 -11.35 -153.02
CA ASP M 742 23.39 -10.43 -152.05
C ASP M 742 23.30 -9.01 -152.61
N ALA M 743 24.33 -8.59 -153.34
CA ALA M 743 24.30 -7.25 -153.94
C ALA M 743 23.17 -7.14 -154.97
N ALA M 744 22.99 -8.18 -155.79
CA ALA M 744 21.89 -8.17 -156.75
C ALA M 744 20.54 -8.16 -156.03
N ILE M 745 20.43 -8.92 -154.94
CA ILE M 745 19.19 -8.91 -154.16
C ILE M 745 18.91 -7.52 -153.62
N TYR M 746 19.93 -6.85 -153.08
CA TYR M 746 19.73 -5.51 -152.54
C TYR M 746 19.34 -4.52 -153.62
N PHE M 747 19.97 -4.60 -154.79
CA PHE M 747 19.62 -3.70 -155.88
C PHE M 747 18.19 -3.93 -156.35
N MET M 748 17.81 -5.20 -156.49
CA MET M 748 16.44 -5.52 -156.89
C MET M 748 15.44 -5.05 -155.85
N GLU M 749 15.77 -5.21 -154.56
CA GLU M 749 14.90 -4.74 -153.50
C GLU M 749 14.74 -3.22 -153.55
N GLU M 750 15.83 -2.50 -153.80
CA GLU M 750 15.75 -1.05 -153.92
C GLU M 750 14.86 -0.65 -155.10
N ALA M 751 15.04 -1.30 -156.25
CA ALA M 751 14.23 -0.99 -157.41
C ALA M 751 12.75 -1.28 -157.16
N LEU M 752 12.45 -2.43 -156.53
CA LEU M 752 11.07 -2.79 -156.26
C LEU M 752 10.45 -1.86 -155.21
N GLN M 753 11.24 -1.41 -154.24
CA GLN M 753 10.73 -0.44 -153.28
C GLN M 753 10.42 0.89 -153.94
N ALA M 754 11.28 1.32 -154.87
CA ALA M 754 11.00 2.54 -155.62
C ALA M 754 9.72 2.40 -156.45
N ARG M 755 9.55 1.25 -157.10
CA ARG M 755 8.34 1.01 -157.88
C ARG M 755 7.10 0.99 -156.97
N LEU M 756 7.22 0.38 -155.80
CA LEU M 756 6.12 0.35 -154.85
C LEU M 756 5.75 1.75 -154.37
N LYS M 757 6.76 2.59 -154.10
CA LYS M 757 6.49 3.96 -153.71
C LYS M 757 5.80 4.73 -154.82
N ASP M 758 6.24 4.54 -156.07
CA ASP M 758 5.58 5.19 -157.20
C ASP M 758 4.13 4.74 -157.32
N THR M 759 3.88 3.43 -157.17
CA THR M 759 2.52 2.93 -157.24
C THR M 759 1.66 3.47 -156.11
N GLU M 760 2.23 3.58 -154.90
CA GLU M 760 1.49 4.14 -153.78
C GLU M 760 1.15 5.61 -154.03
N ASN M 761 2.09 6.36 -154.60
CA ASN M 761 1.82 7.76 -154.92
C ASN M 761 0.72 7.87 -155.97
N ALA M 762 0.75 7.01 -156.99
CA ALA M 762 -0.30 7.03 -158.01
C ALA M 762 -1.65 6.69 -157.42
N ILE M 763 -1.69 5.68 -156.54
CA ILE M 763 -2.95 5.29 -155.89
C ILE M 763 -3.48 6.41 -155.02
N GLU M 764 -2.60 7.08 -154.26
CA GLU M 764 -3.03 8.18 -153.41
C GLU M 764 -3.55 9.35 -154.25
N ASN M 765 -2.89 9.63 -155.38
CA ASN M 765 -3.40 10.67 -156.28
C ASN M 765 -4.77 10.31 -156.83
N MET M 766 -4.96 9.03 -157.20
CA MET M 766 -6.24 8.60 -157.74
C MET M 766 -7.35 8.66 -156.71
N VAL M 767 -7.06 8.29 -155.46
CA VAL M 767 -8.09 8.15 -154.44
C VAL M 767 -7.93 9.19 -153.34
N GLY M 768 -6.80 9.16 -152.64
CA GLY M 768 -6.58 10.05 -151.52
C GLY M 768 -6.20 9.32 -150.25
N PRO M 769 -6.60 9.86 -149.10
CA PRO M 769 -6.28 9.21 -147.83
C PRO M 769 -6.91 7.82 -147.74
N ASP M 770 -6.16 6.89 -147.15
CA ASP M 770 -6.56 5.49 -147.05
C ASP M 770 -6.29 4.98 -145.65
N TRP M 771 -7.22 4.16 -145.13
CA TRP M 771 -7.06 3.47 -143.85
C TRP M 771 -6.88 4.50 -142.74
N LYS M 772 -5.76 4.50 -142.02
CA LYS M 772 -5.56 5.39 -140.88
C LYS M 772 -5.61 6.85 -141.29
N LYS M 773 -5.02 7.17 -142.45
CA LYS M 773 -5.05 8.55 -142.94
C LYS M 773 -6.48 9.01 -143.20
N ARG M 774 -7.31 8.14 -143.79
CA ARG M 774 -8.68 8.52 -144.09
C ARG M 774 -9.52 8.63 -142.83
N TRP M 775 -9.37 7.67 -141.92
CA TRP M 775 -10.21 7.63 -140.72
C TRP M 775 -9.66 8.46 -139.56
N LEU M 776 -8.52 9.13 -139.75
CA LEU M 776 -7.99 9.99 -138.69
C LEU M 776 -8.93 11.14 -138.40
N TYR M 777 -9.47 11.76 -139.44
CA TYR M 777 -10.41 12.86 -139.24
C TYR M 777 -11.77 12.34 -138.78
N TRP M 778 -12.23 11.23 -139.38
CA TRP M 778 -13.47 10.54 -139.08
C TRP M 778 -14.70 11.35 -139.49
N LYS M 779 -14.54 12.57 -140.00
CA LYS M 779 -15.64 13.40 -140.42
C LYS M 779 -15.53 13.90 -141.86
N ASN M 780 -14.42 13.61 -142.54
CA ASN M 780 -14.20 14.03 -143.92
C ASN M 780 -14.42 12.84 -144.85
N ARG M 781 -15.47 12.89 -145.66
CA ARG M 781 -15.79 11.83 -146.59
C ARG M 781 -16.24 12.44 -147.91
N THR M 782 -15.83 11.80 -149.00
CA THR M 782 -16.18 12.23 -150.36
C THR M 782 -16.75 11.03 -151.10
N GLN M 783 -17.79 11.27 -151.91
CA GLN M 783 -18.41 10.19 -152.65
C GLN M 783 -17.46 9.59 -153.68
N GLU M 784 -16.62 10.44 -154.29
CA GLU M 784 -15.69 9.95 -155.31
C GLU M 784 -14.66 9.00 -154.70
N GLN M 785 -14.06 9.38 -153.58
CA GLN M 785 -13.10 8.50 -152.91
C GLN M 785 -13.78 7.31 -152.25
N CYS M 786 -15.04 7.46 -151.82
CA CYS M 786 -15.76 6.33 -151.26
C CYS M 786 -15.99 5.24 -152.30
N VAL M 787 -16.31 5.64 -153.54
CA VAL M 787 -16.48 4.67 -154.62
C VAL M 787 -15.18 3.92 -154.87
N HIS M 788 -14.06 4.65 -154.91
CA HIS M 788 -12.77 4.03 -155.12
C HIS M 788 -12.42 3.07 -153.98
N ASN M 789 -12.73 3.47 -152.74
CA ASN M 789 -12.47 2.60 -151.59
C ASN M 789 -13.30 1.32 -151.67
N GLU M 790 -14.58 1.45 -152.05
CA GLU M 790 -15.43 0.27 -152.18
C GLU M 790 -14.93 -0.65 -153.29
N THR M 791 -14.50 -0.08 -154.42
CA THR M 791 -13.95 -0.90 -155.50
C THR M 791 -12.68 -1.60 -155.05
N LYS M 792 -11.81 -0.91 -154.32
CA LYS M 792 -10.60 -1.51 -153.81
C LYS M 792 -10.90 -2.65 -152.85
N ASN M 793 -11.89 -2.45 -151.96
CA ASN M 793 -12.27 -3.51 -151.03
C ASN M 793 -12.83 -4.71 -151.77
N GLU M 794 -13.67 -4.47 -152.78
CA GLU M 794 -14.24 -5.57 -153.55
C GLU M 794 -13.15 -6.36 -154.28
N LEU M 795 -12.19 -5.65 -154.87
CA LEU M 795 -11.11 -6.33 -155.57
C LEU M 795 -10.22 -7.10 -154.60
N GLU M 796 -9.97 -6.54 -153.41
CA GLU M 796 -9.20 -7.26 -152.40
C GLU M 796 -9.91 -8.53 -151.95
N LYS M 797 -11.23 -8.45 -151.76
CA LYS M 797 -12.00 -9.64 -151.40
C LYS M 797 -11.97 -10.67 -152.52
N MET M 798 -12.05 -10.21 -153.77
CA MET M 798 -11.97 -11.14 -154.90
C MET M 798 -10.62 -11.84 -154.96
N LEU M 799 -9.54 -11.09 -154.72
CA LEU M 799 -8.21 -11.72 -154.66
C LEU M 799 -8.10 -12.69 -153.50
N LYS M 800 -8.68 -12.36 -152.35
CA LYS M 800 -8.66 -13.27 -151.22
C LYS M 800 -9.39 -14.57 -151.55
N CYS M 801 -10.54 -14.46 -152.23
CA CYS M 801 -11.27 -15.65 -152.65
C CYS M 801 -10.59 -16.34 -153.82
N ASN M 802 -10.05 -15.58 -154.77
CA ASN M 802 -9.41 -16.11 -155.97
C ASN M 802 -8.07 -15.41 -156.13
N GLU M 803 -7.00 -16.05 -155.66
CA GLU M 803 -5.67 -15.45 -155.72
C GLU M 803 -5.21 -15.26 -157.17
N GLU M 804 -5.46 -16.25 -158.03
CA GLU M 804 -5.02 -16.20 -159.41
C GLU M 804 -6.18 -15.80 -160.31
N HIS M 805 -5.98 -14.76 -161.12
CA HIS M 805 -7.00 -14.26 -162.02
C HIS M 805 -6.31 -13.72 -163.27
N PRO M 806 -6.89 -13.95 -164.46
CA PRO M 806 -6.30 -13.39 -165.68
C PRO M 806 -6.35 -11.87 -165.67
N ALA M 807 -5.37 -11.26 -166.35
CA ALA M 807 -5.28 -9.81 -166.38
C ALA M 807 -6.49 -9.20 -167.08
N TYR M 808 -6.93 -9.79 -168.18
CA TYR M 808 -8.08 -9.29 -168.90
C TYR M 808 -9.37 -9.58 -168.12
N LEU M 809 -10.40 -8.79 -168.41
CA LEU M 809 -11.70 -8.94 -167.77
C LEU M 809 -12.72 -9.34 -168.83
N ALA M 810 -13.40 -10.46 -168.60
CA ALA M 810 -14.44 -10.91 -169.51
C ALA M 810 -15.74 -10.14 -169.28
N SER M 811 -16.65 -10.25 -170.24
CA SER M 811 -17.90 -9.51 -170.17
C SER M 811 -18.74 -9.94 -168.97
N ASP M 812 -18.82 -11.25 -168.71
CA ASP M 812 -19.61 -11.72 -167.57
C ASP M 812 -19.02 -11.26 -166.25
N GLU M 813 -17.69 -11.25 -166.13
CA GLU M 813 -17.04 -10.77 -164.92
C GLU M 813 -17.35 -9.30 -164.68
N ILE M 814 -17.28 -8.48 -165.73
CA ILE M 814 -17.59 -7.06 -165.60
C ILE M 814 -19.04 -6.86 -165.21
N THR M 815 -19.95 -7.64 -165.82
CA THR M 815 -21.36 -7.54 -165.48
C THR M 815 -21.61 -7.91 -164.02
N THR M 816 -20.96 -8.99 -163.55
CA THR M 816 -21.13 -9.40 -162.16
C THR M 816 -20.59 -8.34 -161.21
N VAL M 817 -19.43 -7.77 -161.52
CA VAL M 817 -18.86 -6.73 -160.66
C VAL M 817 -19.77 -5.51 -160.62
N ARG M 818 -20.31 -5.11 -161.78
CA ARG M 818 -21.21 -3.96 -161.81
C ARG M 818 -22.49 -4.23 -161.03
N LYS M 819 -23.03 -5.45 -161.14
CA LYS M 819 -24.23 -5.79 -160.38
C LYS M 819 -23.94 -5.78 -158.88
N ASN M 820 -22.79 -6.30 -158.46
CA ASN M 820 -22.43 -6.28 -157.06
C ASN M 820 -22.29 -4.84 -156.56
N LEU M 821 -21.68 -3.97 -157.36
CA LEU M 821 -21.54 -2.58 -156.97
C LEU M 821 -22.90 -1.89 -156.88
N GLU M 822 -23.80 -2.15 -157.83
CA GLU M 822 -25.11 -1.52 -157.84
C GLU M 822 -26.07 -2.12 -156.82
N SER M 823 -25.73 -3.28 -156.25
CA SER M 823 -26.58 -3.86 -155.21
C SER M 823 -26.69 -2.92 -154.01
N ARG M 824 -25.59 -2.29 -153.62
CA ARG M 824 -25.59 -1.32 -152.53
C ARG M 824 -25.83 0.10 -153.00
N GLY M 825 -26.00 0.32 -154.30
CA GLY M 825 -26.30 1.64 -154.81
C GLY M 825 -25.08 2.40 -155.30
N VAL M 826 -24.15 1.72 -155.96
CA VAL M 826 -22.95 2.33 -156.50
C VAL M 826 -22.87 2.01 -157.99
N GLU M 827 -22.82 3.05 -158.81
CA GLU M 827 -22.70 2.91 -160.26
C GLU M 827 -21.33 3.43 -160.69
N VAL M 828 -20.53 2.59 -161.33
CA VAL M 828 -19.18 2.92 -161.73
C VAL M 828 -19.03 2.63 -163.22
N ASP M 829 -18.41 3.56 -163.94
CA ASP M 829 -18.18 3.36 -165.36
C ASP M 829 -17.18 2.21 -165.58
N PRO M 830 -17.33 1.48 -166.69
CA PRO M 830 -16.41 0.35 -166.95
C PRO M 830 -14.95 0.75 -167.05
N SER M 831 -14.66 1.95 -167.55
CA SER M 831 -13.27 2.38 -167.66
C SER M 831 -12.61 2.50 -166.29
N LEU M 832 -13.31 3.10 -165.33
CA LEU M 832 -12.77 3.20 -163.98
C LEU M 832 -12.62 1.83 -163.34
N ILE M 833 -13.56 0.92 -163.59
CA ILE M 833 -13.46 -0.44 -163.07
C ILE M 833 -12.21 -1.12 -163.61
N LYS M 834 -11.97 -0.98 -164.92
CA LYS M 834 -10.79 -1.58 -165.53
C LYS M 834 -9.51 -0.98 -164.98
N ASP M 835 -9.48 0.35 -164.80
CA ASP M 835 -8.29 1.00 -164.26
C ASP M 835 -8.00 0.53 -162.83
N THR M 836 -9.05 0.46 -162.00
CA THR M 836 -8.87 -0.02 -160.63
C THR M 836 -8.41 -1.47 -160.61
N TRP M 837 -8.97 -2.30 -161.49
CA TRP M 837 -8.54 -3.69 -161.57
C TRP M 837 -7.08 -3.79 -161.99
N HIS M 838 -6.66 -2.97 -162.94
CA HIS M 838 -5.26 -2.98 -163.37
C HIS M 838 -4.34 -2.56 -162.22
N GLN M 839 -4.72 -1.52 -161.49
CA GLN M 839 -3.90 -1.07 -160.37
C GLN M 839 -3.82 -2.13 -159.28
N VAL M 840 -4.94 -2.79 -158.97
CA VAL M 840 -4.94 -3.82 -157.95
C VAL M 840 -4.12 -5.03 -158.40
N TYR M 841 -4.20 -5.36 -159.68
CA TYR M 841 -3.41 -6.45 -160.24
C TYR M 841 -1.91 -6.15 -160.12
N ARG M 842 -1.53 -4.91 -160.45
CA ARG M 842 -0.14 -4.50 -160.32
C ARG M 842 0.32 -4.56 -158.87
N ARG M 843 -0.52 -4.10 -157.94
CA ARG M 843 -0.16 -4.14 -156.53
C ARG M 843 0.00 -5.58 -156.04
N HIS M 844 -0.91 -6.47 -156.47
CA HIS M 844 -0.83 -7.87 -156.07
C HIS M 844 0.45 -8.51 -156.59
N PHE M 845 0.82 -8.24 -157.84
CA PHE M 845 2.06 -8.80 -158.35
C PHE M 845 3.29 -8.15 -157.72
N LEU M 846 3.21 -6.89 -157.32
CA LEU M 846 4.31 -6.29 -156.57
C LEU M 846 4.49 -6.98 -155.23
N LYS M 847 3.39 -7.28 -154.54
CA LYS M 847 3.48 -8.01 -153.27
C LYS M 847 4.02 -9.42 -153.50
N THR M 848 3.59 -10.08 -154.58
CA THR M 848 4.12 -11.39 -154.90
C THR M 848 5.61 -11.36 -155.19
N ALA M 849 6.07 -10.33 -155.91
CA ALA M 849 7.49 -10.16 -156.17
C ALA M 849 8.27 -9.92 -154.88
N LEU M 850 7.69 -9.13 -153.96
CA LEU M 850 8.34 -8.90 -152.68
C LEU M 850 8.47 -10.21 -151.89
N ASN M 851 7.41 -11.02 -151.89
CA ASN M 851 7.49 -12.32 -151.22
C ASN M 851 8.52 -13.23 -151.88
N HIS M 852 8.60 -13.19 -153.21
CA HIS M 852 9.60 -13.98 -153.92
C HIS M 852 11.01 -13.54 -153.56
N CYS M 853 11.21 -12.22 -153.43
CA CYS M 853 12.52 -11.71 -153.00
C CYS M 853 12.84 -12.17 -151.59
N ASN M 854 11.85 -12.14 -150.69
CA ASN M 854 12.08 -12.61 -149.33
C ASN M 854 12.46 -14.08 -149.31
N LEU M 855 11.80 -14.88 -150.14
CA LEU M 855 12.14 -16.31 -150.24
C LEU M 855 13.54 -16.50 -150.81
N CYS M 856 13.87 -15.76 -151.87
CA CYS M 856 15.18 -15.89 -152.51
C CYS M 856 16.31 -15.40 -151.62
N ARG M 857 16.00 -14.55 -150.63
CA ARG M 857 17.02 -14.12 -149.69
C ARG M 857 17.62 -15.28 -148.90
N ARG M 858 16.88 -16.38 -148.78
CA ARG M 858 17.37 -17.56 -148.03
C ARG M 858 17.49 -18.75 -148.99
N GLY M 859 16.91 -18.64 -150.18
CA GLY M 859 16.93 -19.71 -151.15
C GLY M 859 18.19 -19.84 -151.96
N PHE M 860 19.30 -19.21 -151.55
CA PHE M 860 20.56 -19.37 -152.27
C PHE M 860 21.07 -20.81 -152.23
N TYR M 861 20.74 -21.57 -151.18
CA TYR M 861 21.13 -22.98 -151.15
C TYR M 861 20.48 -23.75 -152.29
N TYR M 862 19.18 -23.54 -152.51
CA TYR M 862 18.51 -24.17 -153.65
C TYR M 862 19.05 -23.62 -154.97
N TYR M 863 19.27 -22.32 -155.04
CA TYR M 863 19.70 -21.70 -156.30
C TYR M 863 21.06 -22.21 -156.75
N GLN M 864 22.01 -22.31 -155.81
CA GLN M 864 23.38 -22.67 -156.18
C GLN M 864 23.45 -24.09 -156.73
N ARG M 865 22.74 -25.03 -156.12
CA ARG M 865 22.83 -26.43 -156.53
C ARG M 865 21.78 -26.84 -157.55
N HIS M 866 20.67 -26.10 -157.66
CA HIS M 866 19.61 -26.38 -158.61
C HIS M 866 19.07 -27.81 -158.43
N PHE M 867 18.47 -28.03 -157.27
CA PHE M 867 17.91 -29.34 -156.96
C PHE M 867 16.76 -29.68 -157.89
N VAL M 868 16.56 -30.98 -158.12
CA VAL M 868 15.48 -31.44 -159.00
C VAL M 868 14.13 -31.05 -158.42
N ASP M 869 13.94 -31.28 -157.12
CA ASP M 869 12.71 -30.91 -156.44
C ASP M 869 12.83 -29.52 -155.81
N SER M 870 13.20 -28.54 -156.62
CA SER M 870 13.38 -27.19 -156.11
C SER M 870 12.03 -26.55 -155.79
N GLU M 871 11.93 -25.99 -154.59
CA GLU M 871 10.73 -25.30 -154.15
C GLU M 871 10.75 -23.81 -154.47
N LEU M 872 11.80 -23.32 -155.12
CA LEU M 872 11.92 -21.90 -155.41
C LEU M 872 12.80 -21.73 -156.64
N GLU M 873 12.33 -20.96 -157.62
CA GLU M 873 13.07 -20.69 -158.85
C GLU M 873 13.38 -19.20 -158.90
N CYS M 874 14.58 -18.82 -158.48
CA CYS M 874 15.01 -17.43 -158.47
C CYS M 874 15.61 -17.10 -159.83
N ASN M 875 14.84 -16.40 -160.67
CA ASN M 875 15.29 -15.96 -161.98
C ASN M 875 15.31 -14.46 -162.14
N ASP M 876 14.45 -13.73 -161.43
CA ASP M 876 14.45 -12.27 -161.52
C ASP M 876 15.77 -11.69 -161.02
N VAL M 877 16.34 -12.27 -159.96
CA VAL M 877 17.62 -11.79 -159.45
C VAL M 877 18.70 -11.93 -160.50
N VAL M 878 18.76 -13.10 -161.14
CA VAL M 878 19.76 -13.34 -162.18
C VAL M 878 19.56 -12.40 -163.36
N LEU M 879 18.31 -12.20 -163.77
CA LEU M 879 18.03 -11.30 -164.88
C LEU M 879 18.45 -9.87 -164.55
N PHE M 880 18.15 -9.40 -163.35
CA PHE M 880 18.53 -8.05 -162.96
C PHE M 880 20.05 -7.90 -162.87
N TRP M 881 20.74 -8.93 -162.38
CA TRP M 881 22.19 -8.88 -162.33
C TRP M 881 22.78 -8.84 -163.75
N ARG M 882 22.22 -9.63 -164.66
CA ARG M 882 22.66 -9.58 -166.06
C ARG M 882 22.44 -8.21 -166.67
N ILE M 883 21.29 -7.60 -166.41
CA ILE M 883 21.01 -6.26 -166.91
C ILE M 883 22.00 -5.26 -166.33
N GLN M 884 22.29 -5.38 -165.04
CA GLN M 884 23.22 -4.45 -164.38
C GLN M 884 24.62 -4.57 -164.98
N ARG M 885 25.11 -5.81 -165.17
CA ARG M 885 26.45 -5.96 -165.71
C ARG M 885 26.52 -5.52 -167.17
N MET M 886 25.47 -5.79 -167.96
CA MET M 886 25.44 -5.31 -169.33
C MET M 886 25.43 -3.79 -169.39
N LEU M 887 24.67 -3.15 -168.50
CA LEU M 887 24.65 -1.69 -168.45
C LEU M 887 26.02 -1.15 -168.05
N ALA M 888 26.69 -1.80 -167.09
CA ALA M 888 28.03 -1.36 -166.70
C ALA M 888 29.01 -1.48 -167.86
N ILE M 889 28.95 -2.58 -168.61
CA ILE M 889 29.83 -2.77 -169.76
C ILE M 889 29.55 -1.70 -170.82
N THR M 890 28.27 -1.43 -171.08
CA THR M 890 27.91 -0.42 -172.06
C THR M 890 28.39 0.96 -171.63
N ALA M 891 28.24 1.29 -170.35
CA ALA M 891 28.70 2.58 -169.85
C ALA M 891 30.21 2.71 -169.95
N ASN M 892 30.94 1.63 -169.64
CA ASN M 892 32.40 1.68 -169.76
C ASN M 892 32.82 1.87 -171.21
N THR M 893 32.16 1.16 -172.14
CA THR M 893 32.47 1.32 -173.55
C THR M 893 32.16 2.73 -174.02
N LEU M 894 31.03 3.28 -173.60
CA LEU M 894 30.66 4.64 -173.97
C LEU M 894 31.69 5.65 -173.45
N ARG M 895 32.12 5.48 -172.20
CA ARG M 895 33.12 6.38 -171.64
C ARG M 895 34.44 6.28 -172.39
N GLN M 896 34.86 5.05 -172.72
CA GLN M 896 36.11 4.87 -173.45
C GLN M 896 36.05 5.53 -174.82
N GLN M 897 34.96 5.29 -175.57
CA GLN M 897 34.82 5.88 -176.88
C GLN M 897 34.73 7.40 -176.81
N LEU M 898 34.03 7.92 -175.79
CA LEU M 898 33.96 9.37 -175.61
C LEU M 898 35.34 9.95 -175.39
N THR M 899 36.10 9.40 -174.43
CA THR M 899 37.45 9.88 -174.18
C THR M 899 38.33 9.76 -175.41
N ASN M 900 38.12 8.73 -176.23
CA ASN M 900 38.95 8.55 -177.41
C ASN M 900 38.65 9.59 -178.49
N THR M 901 37.36 9.85 -178.75
CA THR M 901 36.99 10.64 -179.93
C THR M 901 36.33 11.96 -179.58
N GLU M 902 35.31 11.94 -178.72
CA GLU M 902 34.48 13.14 -178.52
C GLU M 902 35.22 14.22 -177.74
N VAL M 903 36.13 13.83 -176.84
CA VAL M 903 36.94 14.81 -176.12
C VAL M 903 37.81 15.58 -177.11
N ARG M 904 38.46 14.86 -178.03
CA ARG M 904 39.28 15.51 -179.05
C ARG M 904 38.42 16.37 -179.97
N ARG M 905 37.24 15.89 -180.34
CA ARG M 905 36.35 16.68 -181.19
C ARG M 905 35.93 17.98 -180.50
N LEU M 906 35.58 17.89 -179.22
CA LEU M 906 35.19 19.10 -178.48
C LEU M 906 36.37 20.05 -178.33
N GLU M 907 37.56 19.51 -178.10
CA GLU M 907 38.75 20.35 -178.03
C GLU M 907 39.00 21.07 -179.35
N LYS M 908 38.84 20.37 -180.46
CA LYS M 908 39.01 20.99 -181.78
C LYS M 908 37.96 22.08 -182.02
N ASN M 909 36.72 21.81 -181.65
CA ASN M 909 35.66 22.82 -181.80
C ASN M 909 35.95 24.05 -180.94
N VAL M 910 36.40 23.84 -179.71
CA VAL M 910 36.72 24.96 -178.82
C VAL M 910 37.88 25.77 -179.40
N LYS M 911 38.90 25.09 -179.92
CA LYS M 911 40.03 25.79 -180.53
C LYS M 911 39.59 26.60 -181.74
N GLU M 912 38.73 26.03 -182.57
CA GLU M 912 38.23 26.76 -183.74
C GLU M 912 37.43 27.99 -183.32
N VAL M 913 36.57 27.83 -182.31
CA VAL M 913 35.77 28.97 -181.83
C VAL M 913 36.67 30.06 -181.26
N LEU M 914 37.68 29.67 -180.48
CA LEU M 914 38.60 30.65 -179.91
C LEU M 914 39.38 31.37 -181.00
N GLU M 915 39.84 30.64 -182.02
CA GLU M 915 40.56 31.27 -183.12
C GLU M 915 39.66 32.24 -183.89
N ASP M 916 38.41 31.85 -184.13
CA ASP M 916 37.47 32.74 -184.81
C ASP M 916 37.21 34.00 -184.00
N PHE M 917 37.07 33.85 -182.67
CA PHE M 917 36.87 35.02 -181.82
C PHE M 917 38.10 35.93 -181.81
N ALA M 918 39.30 35.33 -181.75
CA ALA M 918 40.51 36.12 -181.73
C ALA M 918 40.72 36.87 -183.03
N GLU M 919 40.42 36.24 -184.16
CA GLU M 919 40.60 36.85 -185.47
C GLU M 919 39.49 37.84 -185.82
N ASP M 920 38.59 38.14 -184.87
CA ASP M 920 37.49 39.08 -185.10
C ASP M 920 37.33 39.92 -183.83
N GLY M 921 37.96 41.10 -183.82
CA GLY M 921 37.81 42.00 -182.69
C GLY M 921 36.45 42.67 -182.60
N GLU M 922 35.74 42.76 -183.72
CA GLU M 922 34.39 43.31 -183.69
C GLU M 922 33.46 42.45 -182.85
N LYS M 923 33.60 41.12 -182.95
CA LYS M 923 32.81 40.23 -182.10
C LYS M 923 33.14 40.44 -180.63
N LYS M 924 34.42 40.63 -180.30
CA LYS M 924 34.81 40.90 -178.92
C LYS M 924 34.19 42.20 -178.43
N ILE M 925 34.20 43.24 -179.27
CA ILE M 925 33.60 44.52 -178.88
C ILE M 925 32.10 44.35 -178.66
N LYS M 926 31.42 43.62 -179.55
CA LYS M 926 29.99 43.42 -179.43
C LYS M 926 29.63 42.63 -178.16
N LEU M 927 30.43 41.62 -177.85
CA LEU M 927 30.12 40.76 -176.71
C LEU M 927 30.65 41.33 -175.39
N LEU M 928 31.94 41.65 -175.34
CA LEU M 928 32.56 42.16 -174.11
C LEU M 928 32.17 43.63 -173.94
N THR M 929 30.95 43.84 -173.44
CA THR M 929 30.41 45.16 -173.17
C THR M 929 30.31 45.44 -171.68
N GLY M 930 31.09 44.73 -170.87
CA GLY M 930 31.07 44.93 -169.44
C GLY M 930 31.67 46.26 -169.04
N LYS M 931 31.37 46.67 -167.80
CA LYS M 931 31.88 47.94 -167.29
C LYS M 931 33.39 47.93 -167.22
N ARG M 932 33.98 46.83 -166.75
CA ARG M 932 35.43 46.75 -166.65
C ARG M 932 36.09 46.85 -168.02
N VAL M 933 35.55 46.16 -169.01
CA VAL M 933 36.13 46.19 -170.36
C VAL M 933 36.08 47.60 -170.93
N GLN M 934 34.92 48.25 -170.80
CA GLN M 934 34.77 49.61 -171.32
C GLN M 934 35.70 50.58 -170.60
N LEU M 935 35.81 50.46 -169.28
CA LEU M 935 36.69 51.35 -168.53
C LEU M 935 38.15 51.14 -168.92
N ALA M 936 38.57 49.89 -169.08
CA ALA M 936 39.95 49.61 -169.49
C ALA M 936 40.21 50.15 -170.89
N GLU M 937 39.26 49.98 -171.81
CA GLU M 937 39.43 50.52 -173.16
C GLU M 937 39.53 52.03 -173.15
N ASP M 938 38.68 52.70 -172.37
CA ASP M 938 38.74 54.15 -172.27
C ASP M 938 40.06 54.62 -171.67
N LEU M 939 40.55 53.93 -170.63
CA LEU M 939 41.82 54.29 -170.03
C LEU M 939 42.97 54.12 -171.02
N LYS M 940 42.96 53.01 -171.77
CA LYS M 940 44.01 52.79 -172.76
C LYS M 940 43.96 53.84 -173.86
N LYS M 941 42.77 54.19 -174.33
CA LYS M 941 42.65 55.22 -175.36
C LYS M 941 43.12 56.58 -174.85
N VAL M 942 42.78 56.91 -173.61
CA VAL M 942 43.22 58.17 -173.03
C VAL M 942 44.74 58.20 -172.90
N ARG M 943 45.33 57.10 -172.45
CA ARG M 943 46.78 57.03 -172.34
C ARG M 943 47.45 57.18 -173.70
N GLU M 944 46.91 56.51 -174.72
CA GLU M 944 47.48 56.64 -176.06
C GLU M 944 47.36 58.07 -176.58
N ILE M 945 46.21 58.71 -176.35
CA ILE M 945 46.03 60.09 -176.79
C ILE M 945 47.02 61.01 -176.09
N GLN M 946 47.20 60.81 -174.78
CA GLN M 946 48.15 61.65 -174.04
C GLN M 946 49.57 61.43 -174.51
N GLU M 947 49.94 60.18 -174.81
CA GLU M 947 51.28 59.91 -175.33
C GLU M 947 51.48 60.57 -176.69
N LYS M 948 50.47 60.50 -177.56
CA LYS M 948 50.57 61.17 -178.86
C LYS M 948 50.70 62.67 -178.70
N LEU M 949 49.96 63.25 -177.76
CA LEU M 949 50.04 64.70 -177.54
C LEU M 949 51.41 65.08 -176.97
N ASP M 950 51.96 64.24 -176.09
CA ASP M 950 53.30 64.50 -175.57
C ASP M 950 54.34 64.44 -176.68
N ALA M 951 54.20 63.45 -177.59
CA ALA M 951 55.11 63.37 -178.73
C ALA M 951 54.98 64.60 -179.62
N PHE M 952 53.74 65.07 -179.84
CA PHE M 952 53.53 66.29 -180.61
C PHE M 952 54.20 67.49 -179.94
N ILE M 953 54.06 67.62 -178.63
CA ILE M 953 54.67 68.73 -177.90
C ILE M 953 56.19 68.67 -178.01
N GLU M 954 56.76 67.48 -177.86
CA GLU M 954 58.20 67.32 -177.97
C GLU M 954 58.69 67.67 -179.37
N ALA M 955 57.96 67.23 -180.41
CA ALA M 955 58.36 67.54 -181.77
C ALA M 955 58.27 69.03 -182.04
N LEU M 956 57.21 69.68 -181.54
CA LEU M 956 57.07 71.12 -181.72
C LEU M 956 58.19 71.88 -181.02
N HIS M 957 58.56 71.45 -179.81
CA HIS M 957 59.64 72.10 -179.09
C HIS M 957 60.97 71.90 -179.80
N GLN M 958 61.23 70.70 -180.31
CA GLN M 958 62.47 70.44 -181.02
C GLN M 958 62.56 71.23 -182.33
N GLU M 959 61.46 71.31 -183.08
CA GLU M 959 61.48 72.04 -184.34
C GLU M 959 61.70 73.53 -184.11
N LYS M 960 61.07 74.07 -183.07
CA LYS M 960 61.26 75.51 -182.73
C LYS M 960 62.41 75.65 -181.73
N SER N 263 78.96 143.13 -131.21
CA SER N 263 79.33 143.01 -129.81
C SER N 263 78.10 142.74 -128.95
N LEU N 264 77.78 143.66 -128.04
CA LEU N 264 76.62 143.50 -127.18
C LEU N 264 75.32 143.50 -127.98
N ILE N 265 75.23 144.39 -128.98
CA ILE N 265 74.01 144.49 -129.77
C ILE N 265 73.79 143.22 -130.59
N ASP N 266 74.86 142.65 -131.16
CA ASP N 266 74.72 141.42 -131.93
C ASP N 266 74.26 140.26 -131.05
N MET N 267 74.85 140.15 -129.85
CA MET N 267 74.44 139.09 -128.93
C MET N 267 73.00 139.27 -128.46
N TYR N 268 72.60 140.52 -128.22
CA TYR N 268 71.22 140.79 -127.84
C TYR N 268 70.26 140.42 -128.97
N SER N 269 70.63 140.73 -130.21
CA SER N 269 69.80 140.36 -131.35
C SER N 269 69.71 138.84 -131.48
N GLU N 270 70.82 138.14 -131.26
CA GLU N 270 70.79 136.67 -131.30
C GLU N 270 69.89 136.11 -130.20
N VAL N 271 69.95 136.71 -129.00
CA VAL N 271 69.09 136.25 -127.90
C VAL N 271 67.62 136.48 -128.26
N LEU N 272 67.30 137.64 -128.83
CA LEU N 272 65.94 137.92 -129.25
C LEU N 272 65.47 136.95 -130.33
N ASP N 273 66.36 136.61 -131.27
CA ASP N 273 66.01 135.64 -132.30
C ASP N 273 65.74 134.26 -131.69
N VAL N 274 66.56 133.85 -130.72
CA VAL N 274 66.35 132.58 -130.04
C VAL N 274 65.01 132.58 -129.31
N LEU N 275 64.70 133.69 -128.62
CA LEU N 275 63.42 133.79 -127.92
C LEU N 275 62.25 133.71 -128.90
N SER N 276 62.37 134.37 -130.05
CA SER N 276 61.31 134.32 -131.05
C SER N 276 61.14 132.91 -131.60
N ASP N 277 62.25 132.21 -131.86
CA ASP N 277 62.20 130.85 -132.37
C ASP N 277 61.83 129.84 -131.30
N TYR N 278 61.79 130.24 -130.02
CA TYR N 278 61.41 129.32 -128.96
C TYR N 278 59.99 128.81 -129.14
N ASP N 279 59.07 129.70 -129.48
CA ASP N 279 57.67 129.31 -129.68
C ASP N 279 56.99 130.35 -130.56
N ALA N 280 55.94 129.91 -131.25
CA ALA N 280 55.17 130.82 -132.09
C ALA N 280 54.27 131.74 -131.27
N SER N 281 53.99 131.39 -130.02
CA SER N 281 53.17 132.22 -129.15
C SER N 281 54.04 133.30 -128.50
N TYR N 282 53.49 134.00 -127.52
CA TYR N 282 54.20 135.07 -126.81
C TYR N 282 54.13 134.79 -125.31
N ASN N 283 55.10 134.00 -124.81
CA ASN N 283 55.21 133.68 -123.40
C ASN N 283 56.45 134.28 -122.77
N THR N 284 57.63 133.99 -123.31
CA THR N 284 58.87 134.57 -122.83
C THR N 284 59.39 135.69 -123.72
N GLN N 285 58.75 135.93 -124.87
CA GLN N 285 59.18 137.00 -125.77
C GLN N 285 58.82 138.38 -125.25
N ASP N 286 57.91 138.48 -124.29
CA ASP N 286 57.48 139.75 -123.73
C ASP N 286 58.31 140.17 -122.52
N HIS N 287 59.36 139.41 -122.19
CA HIS N 287 60.20 139.77 -121.05
C HIS N 287 61.20 140.86 -121.43
N LEU N 288 62.03 140.61 -122.44
CA LEU N 288 63.00 141.58 -122.88
C LEU N 288 62.30 142.70 -123.67
N PRO N 289 62.71 143.96 -123.48
CA PRO N 289 62.10 145.05 -124.24
C PRO N 289 62.35 144.89 -125.73
N ARG N 290 61.36 145.29 -126.53
CA ARG N 290 61.44 145.22 -127.98
C ARG N 290 60.81 146.48 -128.57
N VAL N 291 61.60 147.28 -129.26
CA VAL N 291 61.09 148.49 -129.89
C VAL N 291 60.33 148.07 -131.15
N VAL N 292 59.01 148.26 -131.14
CA VAL N 292 58.13 147.86 -132.23
C VAL N 292 57.59 149.10 -132.90
N VAL N 293 57.70 149.17 -134.22
CA VAL N 293 57.20 150.28 -135.01
C VAL N 293 55.90 149.85 -135.67
N VAL N 294 54.80 150.50 -135.30
CA VAL N 294 53.47 150.19 -135.81
C VAL N 294 52.90 151.44 -136.45
N GLY N 295 52.39 151.30 -137.67
CA GLY N 295 51.80 152.41 -138.39
C GLY N 295 50.46 152.07 -139.00
N ASP N 296 49.96 152.94 -139.87
CA ASP N 296 48.68 152.75 -140.55
C ASP N 296 48.92 152.34 -142.00
N GLN N 297 47.88 151.75 -142.59
CA GLN N 297 47.97 151.32 -143.98
C GLN N 297 48.00 152.52 -144.91
N SER N 298 48.94 152.50 -145.86
CA SER N 298 49.11 153.57 -146.84
C SER N 298 49.32 154.92 -146.16
N ALA N 299 50.05 154.91 -145.04
CA ALA N 299 50.32 156.11 -144.27
C ALA N 299 51.74 156.64 -144.50
N GLY N 300 52.46 156.10 -145.47
CA GLY N 300 53.81 156.55 -145.73
C GLY N 300 54.85 156.06 -144.75
N LYS N 301 54.53 155.07 -143.92
CA LYS N 301 55.49 154.57 -142.94
C LYS N 301 56.67 153.89 -143.61
N THR N 302 56.49 153.38 -144.83
CA THR N 302 57.58 152.74 -145.54
C THR N 302 58.72 153.72 -145.82
N SER N 303 58.38 154.94 -146.24
CA SER N 303 59.41 155.94 -146.51
C SER N 303 60.16 156.32 -145.24
N VAL N 304 59.43 156.46 -144.12
CA VAL N 304 60.08 156.80 -142.86
C VAL N 304 61.01 155.67 -142.41
N LEU N 305 60.55 154.42 -142.55
CA LEU N 305 61.39 153.29 -142.18
C LEU N 305 62.64 153.22 -143.06
N GLU N 306 62.49 153.49 -144.35
CA GLU N 306 63.65 153.50 -145.24
C GLU N 306 64.62 154.61 -144.86
N MET N 307 64.10 155.79 -144.52
CA MET N 307 64.97 156.89 -144.12
C MET N 307 65.66 156.60 -142.79
N ILE N 308 65.03 155.83 -141.91
CA ILE N 308 65.67 155.47 -140.65
C ILE N 308 66.92 154.64 -140.91
N ALA N 309 66.83 153.66 -141.82
CA ALA N 309 67.97 152.85 -142.21
C ALA N 309 68.81 153.50 -143.30
N GLN N 310 68.40 154.66 -143.82
CA GLN N 310 69.11 155.37 -144.86
C GLN N 310 69.27 154.53 -146.13
N ALA N 311 68.30 153.67 -146.39
CA ALA N 311 68.34 152.82 -147.58
C ALA N 311 66.93 152.31 -147.86
N ARG N 312 66.63 152.14 -149.14
CA ARG N 312 65.33 151.63 -149.57
C ARG N 312 65.39 150.10 -149.56
N ILE N 313 64.91 149.51 -148.48
CA ILE N 313 64.92 148.06 -148.34
C ILE N 313 63.52 147.46 -148.27
N PHE N 314 62.49 148.24 -147.97
CA PHE N 314 61.13 147.72 -147.90
C PHE N 314 60.45 147.92 -149.25
N PRO N 315 59.96 146.86 -149.90
CA PRO N 315 59.28 147.03 -151.19
C PRO N 315 58.02 147.87 -151.04
N ARG N 316 57.74 148.66 -152.07
CA ARG N 316 56.58 149.53 -152.08
C ARG N 316 55.33 148.77 -152.50
N GLY N 317 54.18 149.18 -151.97
CA GLY N 317 52.93 148.55 -152.29
C GLY N 317 51.84 149.54 -152.66
N SER N 318 51.22 149.34 -153.83
CA SER N 318 50.17 150.23 -154.32
C SER N 318 48.83 149.76 -153.74
N GLY N 319 48.63 150.08 -152.47
CA GLY N 319 47.41 149.72 -151.75
C GLY N 319 47.44 148.36 -151.09
N GLU N 320 48.02 147.37 -151.74
CA GLU N 320 48.10 146.04 -151.18
C GLU N 320 49.04 146.01 -149.99
N MET N 321 48.71 145.18 -149.00
CA MET N 321 49.50 145.04 -147.79
C MET N 321 50.64 144.06 -148.07
N MET N 322 51.78 144.60 -148.52
CA MET N 322 52.92 143.75 -148.82
C MET N 322 53.48 143.10 -147.57
N THR N 323 53.54 143.83 -146.46
CA THR N 323 54.06 143.30 -145.21
C THR N 323 52.98 142.50 -144.51
N ARG N 324 53.11 141.18 -144.54
CA ARG N 324 52.15 140.28 -143.90
C ARG N 324 52.75 139.49 -142.75
N SER N 325 54.04 139.63 -142.48
CA SER N 325 54.71 138.94 -141.40
C SER N 325 55.58 139.92 -140.62
N PRO N 326 55.78 139.68 -139.33
CA PRO N 326 56.66 140.57 -138.55
C PRO N 326 58.08 140.58 -139.10
N VAL N 327 58.68 141.76 -139.11
CA VAL N 327 60.03 141.97 -139.62
C VAL N 327 60.88 142.58 -138.50
N LYS N 328 62.02 141.96 -138.23
CA LYS N 328 62.94 142.44 -137.21
C LYS N 328 64.11 143.17 -137.88
N VAL N 329 64.32 144.41 -137.50
CA VAL N 329 65.40 145.24 -138.02
C VAL N 329 66.34 145.55 -136.86
N THR N 330 67.56 145.03 -136.93
CA THR N 330 68.56 145.25 -135.89
C THR N 330 69.55 146.30 -136.39
N LEU N 331 69.55 147.46 -135.74
CA LEU N 331 70.46 148.54 -136.11
C LEU N 331 71.79 148.35 -135.39
N SER N 332 72.88 148.33 -136.15
CA SER N 332 74.21 148.16 -135.60
C SER N 332 75.22 148.73 -136.59
N GLU N 333 76.50 148.62 -136.23
CA GLU N 333 77.59 149.13 -137.06
C GLU N 333 78.56 147.98 -137.34
N GLY N 334 78.93 147.83 -138.61
CA GLY N 334 79.84 146.78 -139.01
C GLY N 334 80.92 147.30 -139.94
N PRO N 335 81.74 146.39 -140.48
CA PRO N 335 82.79 146.82 -141.42
C PRO N 335 82.25 147.47 -142.67
N HIS N 336 81.08 147.05 -143.15
CA HIS N 336 80.48 147.62 -144.34
C HIS N 336 78.99 147.89 -144.09
N HIS N 337 78.45 148.83 -144.86
CA HIS N 337 77.03 149.20 -144.74
C HIS N 337 76.19 148.20 -145.55
N VAL N 338 76.13 146.98 -145.03
CA VAL N 338 75.41 145.89 -145.67
C VAL N 338 74.39 145.33 -144.69
N ALA N 339 73.51 144.47 -145.21
CA ALA N 339 72.49 143.81 -144.41
C ALA N 339 72.66 142.30 -144.50
N LEU N 340 72.61 141.63 -143.36
CA LEU N 340 72.80 140.19 -143.30
C LEU N 340 71.70 139.57 -142.44
N PHE N 341 71.11 138.48 -142.93
CA PHE N 341 70.08 137.78 -142.17
C PHE N 341 70.72 136.82 -141.17
N LYS N 342 69.88 136.32 -140.25
CA LYS N 342 70.36 135.36 -139.27
C LYS N 342 70.76 134.04 -139.92
N ASP N 343 69.96 133.57 -140.89
CA ASP N 343 70.21 132.29 -141.55
C ASP N 343 70.72 132.46 -142.97
N SER N 344 71.39 133.58 -143.26
CA SER N 344 71.93 133.85 -144.58
C SER N 344 73.39 134.25 -144.46
N SER N 345 74.13 134.06 -145.56
CA SER N 345 75.54 134.40 -145.61
C SER N 345 75.86 135.49 -146.63
N ARG N 346 74.90 135.91 -147.45
CA ARG N 346 75.12 136.95 -148.44
C ARG N 346 74.88 138.32 -147.82
N GLU N 347 75.87 139.20 -147.95
CA GLU N 347 75.79 140.56 -147.41
C GLU N 347 75.11 141.46 -148.43
N PHE N 348 73.84 141.78 -148.20
CA PHE N 348 73.08 142.64 -149.10
C PHE N 348 73.48 144.09 -148.85
N ASP N 349 74.21 144.67 -149.79
CA ASP N 349 74.65 146.06 -149.66
C ASP N 349 73.45 147.00 -149.73
N LEU N 350 73.53 148.09 -148.96
CA LEU N 350 72.47 149.09 -148.89
C LEU N 350 72.73 150.29 -149.78
N THR N 351 73.74 150.23 -150.64
CA THR N 351 74.10 151.34 -151.52
C THR N 351 73.79 151.06 -152.98
N LYS N 352 74.28 149.94 -153.51
CA LYS N 352 74.05 149.60 -154.91
C LYS N 352 72.59 149.27 -155.15
N GLU N 353 72.07 149.71 -156.30
CA GLU N 353 70.67 149.46 -156.64
C GLU N 353 70.40 147.98 -156.83
N GLU N 354 71.33 147.26 -157.46
CA GLU N 354 71.14 145.83 -157.67
C GLU N 354 71.08 145.07 -156.35
N ASP N 355 71.96 145.43 -155.41
CA ASP N 355 71.94 144.78 -154.09
C ASP N 355 70.65 145.09 -153.35
N LEU N 356 70.16 146.33 -153.44
CA LEU N 356 68.90 146.68 -152.81
C LEU N 356 67.74 145.89 -153.42
N ALA N 357 67.73 145.75 -154.75
CA ALA N 357 66.69 144.97 -155.41
C ALA N 357 66.75 143.51 -154.98
N ALA N 358 67.96 142.94 -154.89
CA ALA N 358 68.10 141.57 -154.43
C ALA N 358 67.60 141.41 -152.99
N LEU N 359 67.91 142.38 -152.13
CA LEU N 359 67.44 142.33 -150.75
C LEU N 359 65.92 142.40 -150.69
N ARG N 360 65.31 143.27 -151.49
CA ARG N 360 63.86 143.37 -151.52
C ARG N 360 63.24 142.07 -152.03
N HIS N 361 63.83 141.46 -153.05
CA HIS N 361 63.33 140.19 -153.57
C HIS N 361 63.44 139.09 -152.52
N GLU N 362 64.55 139.05 -151.78
CA GLU N 362 64.70 138.06 -150.72
C GLU N 362 63.68 138.27 -149.61
N ILE N 363 63.43 139.53 -149.25
CA ILE N 363 62.43 139.83 -148.22
C ILE N 363 61.04 139.40 -148.68
N GLU N 364 60.71 139.68 -149.95
CA GLU N 364 59.42 139.26 -150.48
C GLU N 364 59.30 137.75 -150.51
N LEU N 365 60.36 137.05 -150.88
CA LEU N 365 60.33 135.58 -150.89
C LEU N 365 60.14 135.04 -149.48
N ARG N 366 60.83 135.62 -148.50
CA ARG N 366 60.65 135.19 -147.11
C ARG N 366 59.24 135.44 -146.62
N MET N 367 58.66 136.59 -146.99
CA MET N 367 57.28 136.89 -146.61
C MET N 367 56.31 135.89 -147.23
N ARG N 368 56.51 135.56 -148.51
CA ARG N 368 55.64 134.60 -149.18
C ARG N 368 55.77 133.21 -148.58
N LYS N 369 57.00 132.81 -148.24
CA LYS N 369 57.21 131.48 -147.65
C LYS N 369 56.50 131.34 -146.31
N ASN N 370 56.57 132.37 -145.47
CA ASN N 370 55.92 132.31 -144.17
C ASN N 370 54.40 132.26 -144.31
N VAL N 371 53.84 133.05 -145.22
CA VAL N 371 52.39 133.08 -145.40
C VAL N 371 51.93 131.81 -146.11
N LYS N 372 50.95 131.14 -145.53
CA LYS N 372 50.42 129.91 -146.11
C LYS N 372 49.63 130.23 -147.38
N GLU N 373 49.51 129.21 -148.24
CA GLU N 373 48.79 129.34 -149.50
C GLU N 373 47.29 129.34 -149.20
N GLY N 374 46.76 130.53 -148.93
CA GLY N 374 45.35 130.67 -148.60
C GLY N 374 45.12 131.59 -147.42
N CYS N 375 46.16 131.80 -146.61
CA CYS N 375 46.08 132.68 -145.44
C CYS N 375 46.60 134.06 -145.79
N THR N 376 46.45 134.97 -144.81
CA THR N 376 46.89 136.35 -144.98
C THR N 376 47.98 136.74 -143.98
N VAL N 377 47.81 136.43 -142.71
CA VAL N 377 48.77 136.77 -141.66
C VAL N 377 49.40 135.48 -141.16
N SER N 378 50.74 135.45 -141.12
CA SER N 378 51.48 134.29 -140.67
C SER N 378 52.18 134.58 -139.36
N PRO N 379 52.08 133.70 -138.36
CA PRO N 379 52.76 133.95 -137.08
C PRO N 379 54.27 133.94 -137.18
N GLU N 380 54.83 133.36 -138.24
CA GLU N 380 56.28 133.30 -138.38
C GLU N 380 56.87 134.70 -138.56
N THR N 381 58.02 134.93 -137.93
CA THR N 381 58.70 136.21 -137.97
C THR N 381 59.94 136.12 -138.85
N ILE N 382 60.40 137.28 -139.31
CA ILE N 382 61.58 137.40 -140.15
C ILE N 382 62.62 138.25 -139.42
N SER N 383 63.83 137.72 -139.31
CA SER N 383 64.91 138.37 -138.60
C SER N 383 65.93 138.91 -139.59
N LEU N 384 66.29 140.18 -139.44
CA LEU N 384 67.26 140.82 -140.30
C LEU N 384 68.15 141.73 -139.48
N ASN N 385 69.46 141.65 -139.74
CA ASN N 385 70.45 142.46 -139.03
C ASN N 385 71.04 143.48 -140.00
N VAL N 386 71.04 144.75 -139.59
CA VAL N 386 71.55 145.84 -140.41
C VAL N 386 72.81 146.38 -139.76
N LYS N 387 73.90 146.47 -140.54
CA LYS N 387 75.18 146.96 -140.07
C LYS N 387 75.66 148.08 -140.97
N GLY N 388 76.46 148.97 -140.39
CA GLY N 388 77.01 150.08 -141.12
C GLY N 388 77.25 151.30 -140.25
N PRO N 389 78.20 152.15 -140.64
CA PRO N 389 78.50 153.35 -139.86
C PRO N 389 77.34 154.34 -139.88
N GLY N 390 77.26 155.13 -138.83
CA GLY N 390 76.23 156.14 -138.70
C GLY N 390 74.91 155.67 -138.13
N LEU N 391 74.80 154.39 -137.79
CA LEU N 391 73.58 153.83 -137.23
C LEU N 391 73.70 153.71 -135.71
N GLN N 392 72.56 153.52 -135.06
CA GLN N 392 72.49 153.36 -133.62
C GLN N 392 72.53 151.88 -133.26
N ARG N 393 72.33 151.58 -131.97
CA ARG N 393 72.33 150.20 -131.47
C ARG N 393 70.97 149.94 -130.85
N MET N 394 70.02 149.48 -131.69
CA MET N 394 68.68 149.17 -131.23
C MET N 394 68.06 148.17 -132.20
N VAL N 395 66.97 147.55 -131.76
CA VAL N 395 66.24 146.56 -132.55
C VAL N 395 64.86 147.12 -132.87
N LEU N 396 64.53 147.16 -134.15
CA LEU N 396 63.24 147.67 -134.62
C LEU N 396 62.40 146.52 -135.15
N VAL N 397 61.13 146.51 -134.77
CA VAL N 397 60.18 145.48 -135.18
C VAL N 397 59.11 146.12 -136.05
N ASP N 398 58.88 145.53 -137.23
CA ASP N 398 57.90 146.02 -138.18
C ASP N 398 56.68 145.10 -138.17
N LEU N 399 55.50 145.70 -138.08
CA LEU N 399 54.25 144.96 -138.06
C LEU N 399 53.29 145.52 -139.11
N PRO N 400 52.38 144.69 -139.61
CA PRO N 400 51.40 145.20 -140.59
C PRO N 400 50.50 146.25 -139.96
N GLY N 401 50.05 147.19 -140.80
CA GLY N 401 49.21 148.27 -140.33
C GLY N 401 47.84 147.79 -139.88
N VAL N 402 47.23 148.57 -139.01
CA VAL N 402 45.92 148.25 -138.47
C VAL N 402 44.85 148.55 -139.51
N ILE N 403 43.98 147.59 -139.78
CA ILE N 403 42.91 147.74 -140.75
C ILE N 403 41.58 147.73 -140.02
N ASN N 404 40.56 148.25 -140.70
CA ASN N 404 39.22 148.34 -140.15
C ASN N 404 38.22 147.48 -140.91
N THR N 405 38.20 147.55 -142.24
CA THR N 405 37.28 146.76 -143.03
C THR N 405 37.74 145.31 -143.11
N VAL N 406 36.81 144.44 -143.49
CA VAL N 406 37.07 143.01 -143.62
C VAL N 406 36.91 142.62 -145.07
N THR N 407 37.93 141.97 -145.63
CA THR N 407 37.90 141.56 -147.03
C THR N 407 37.14 140.24 -147.17
N SER N 408 36.17 140.21 -148.08
CA SER N 408 35.42 138.99 -148.31
C SER N 408 36.25 137.90 -148.98
N GLY N 409 37.24 138.30 -149.77
CA GLY N 409 38.11 137.36 -150.45
C GLY N 409 39.24 136.78 -149.62
N MET N 410 39.36 137.19 -148.37
CA MET N 410 40.40 136.72 -147.47
C MET N 410 39.77 136.14 -146.21
N ALA N 411 40.60 135.83 -145.23
CA ALA N 411 40.12 135.25 -143.98
C ALA N 411 39.30 136.28 -143.21
N PRO N 412 38.08 135.96 -142.79
CA PRO N 412 37.27 136.93 -142.03
C PRO N 412 37.88 137.32 -140.69
N ASP N 413 38.77 136.49 -140.14
CA ASP N 413 39.39 136.76 -138.84
C ASP N 413 40.75 137.40 -138.97
N THR N 414 41.07 137.95 -140.15
CA THR N 414 42.37 138.61 -140.33
C THR N 414 42.50 139.82 -139.42
N LYS N 415 41.45 140.64 -139.32
CA LYS N 415 41.49 141.81 -138.44
C LYS N 415 41.62 141.39 -136.98
N GLU N 416 40.90 140.34 -136.57
CA GLU N 416 41.02 139.85 -135.20
C GLU N 416 42.42 139.32 -134.93
N THR N 417 43.01 138.61 -135.89
CA THR N 417 44.38 138.11 -135.72
C THR N 417 45.36 139.27 -135.60
N ILE N 418 45.20 140.30 -136.42
CA ILE N 418 46.09 141.46 -136.36
C ILE N 418 45.95 142.16 -135.01
N PHE N 419 44.72 142.32 -134.53
CA PHE N 419 44.50 142.94 -133.23
C PHE N 419 45.12 142.12 -132.10
N SER N 420 44.98 140.79 -132.17
CA SER N 420 45.57 139.95 -131.15
C SER N 420 47.09 140.03 -131.17
N ILE N 421 47.69 140.05 -132.37
CA ILE N 421 49.14 140.18 -132.48
C ILE N 421 49.61 141.52 -131.91
N SER N 422 48.88 142.60 -132.23
CA SER N 422 49.24 143.91 -131.70
C SER N 422 49.13 143.94 -130.18
N LYS N 423 48.08 143.34 -129.62
CA LYS N 423 47.92 143.29 -128.18
C LYS N 423 49.05 142.50 -127.53
N ALA N 424 49.41 141.36 -128.12
CA ALA N 424 50.51 140.55 -127.58
C ALA N 424 51.82 141.31 -127.63
N TYR N 425 52.07 142.04 -128.72
CA TYR N 425 53.29 142.84 -128.81
C TYR N 425 53.30 143.96 -127.77
N MET N 426 52.14 144.60 -127.55
CA MET N 426 52.03 145.67 -126.57
C MET N 426 52.01 145.15 -125.14
N GLN N 427 51.86 143.84 -124.93
CA GLN N 427 51.86 143.29 -123.58
C GLN N 427 53.19 143.52 -122.87
N ASN N 428 54.27 143.76 -123.60
CA ASN N 428 55.55 144.03 -122.97
C ASN N 428 55.51 145.40 -122.30
N PRO N 429 55.74 145.49 -120.99
CA PRO N 429 55.72 146.80 -120.34
C PRO N 429 56.80 147.76 -120.79
N ASN N 430 57.88 147.25 -121.39
CA ASN N 430 58.99 148.08 -121.84
C ASN N 430 59.10 148.13 -123.35
N ALA N 431 58.03 147.82 -124.07
CA ALA N 431 58.05 147.85 -125.53
C ALA N 431 57.88 149.29 -126.02
N ILE N 432 58.93 149.82 -126.66
CA ILE N 432 58.88 151.17 -127.19
C ILE N 432 58.12 151.15 -128.51
N ILE N 433 57.11 152.01 -128.62
CA ILE N 433 56.27 152.09 -129.80
C ILE N 433 56.62 153.37 -130.55
N LEU N 434 56.95 153.23 -131.83
CA LEU N 434 57.29 154.37 -132.70
C LEU N 434 56.12 154.60 -133.63
N CYS N 435 55.32 155.63 -133.34
CA CYS N 435 54.16 155.98 -134.14
C CYS N 435 54.58 156.81 -135.35
N ILE N 436 54.11 156.41 -136.52
CA ILE N 436 54.40 157.11 -137.78
C ILE N 436 53.08 157.54 -138.40
N GLN N 437 52.99 158.82 -138.75
CA GLN N 437 51.81 159.39 -139.37
C GLN N 437 52.16 159.92 -140.75
N ASP N 438 51.19 160.59 -141.38
CA ASP N 438 51.35 161.15 -142.72
C ASP N 438 50.94 162.61 -142.71
N GLY N 439 51.36 163.33 -143.75
CA GLY N 439 51.01 164.73 -143.86
C GLY N 439 49.51 164.95 -144.00
N SER N 440 48.84 164.08 -144.74
CA SER N 440 47.40 164.18 -144.94
C SER N 440 46.59 163.52 -143.83
N VAL N 441 47.25 162.90 -142.86
CA VAL N 441 46.58 162.22 -141.75
C VAL N 441 46.82 163.03 -140.48
N ASP N 442 45.74 163.39 -139.80
CA ASP N 442 45.85 164.16 -138.58
C ASP N 442 46.30 163.28 -137.41
N ALA N 443 46.66 163.94 -136.31
CA ALA N 443 47.10 163.19 -135.13
C ALA N 443 45.98 162.33 -134.56
N GLU N 444 44.76 162.88 -134.51
CA GLU N 444 43.62 162.11 -134.01
C GLU N 444 43.18 161.03 -134.98
N ARG N 445 43.48 161.18 -136.27
CA ARG N 445 43.11 160.19 -137.27
C ARG N 445 44.02 158.96 -137.25
N SER N 446 45.14 159.01 -136.53
CA SER N 446 46.06 157.88 -136.45
C SER N 446 45.53 156.87 -135.46
N ILE N 447 45.24 155.65 -135.95
CA ILE N 447 44.73 154.60 -135.07
C ILE N 447 45.81 154.17 -134.08
N VAL N 448 47.07 154.11 -134.53
CA VAL N 448 48.16 153.70 -133.66
C VAL N 448 48.33 154.67 -132.50
N THR N 449 48.26 155.98 -132.79
CA THR N 449 48.41 156.97 -131.73
C THR N 449 47.28 156.87 -130.72
N ASP N 450 46.04 156.69 -131.19
CA ASP N 450 44.91 156.55 -130.28
C ASP N 450 45.05 155.29 -129.43
N LEU N 451 45.49 154.19 -130.03
CA LEU N 451 45.67 152.95 -129.27
C LEU N 451 46.76 153.11 -128.22
N VAL N 452 47.86 153.78 -128.57
CA VAL N 452 48.93 154.02 -127.60
C VAL N 452 48.44 154.89 -126.46
N SER N 453 47.68 155.94 -126.78
CA SER N 453 47.14 156.82 -125.73
C SER N 453 46.19 156.06 -124.82
N GLN N 454 45.34 155.20 -125.39
CA GLN N 454 44.42 154.41 -124.57
C GLN N 454 45.16 153.44 -123.67
N MET N 455 46.18 152.76 -124.22
CA MET N 455 46.94 151.80 -123.43
C MET N 455 47.91 152.47 -122.47
N ASP N 456 48.47 153.61 -122.84
CA ASP N 456 49.45 154.33 -122.02
C ASP N 456 49.00 155.78 -121.90
N PRO N 457 48.03 156.06 -121.02
CA PRO N 457 47.60 157.46 -120.83
C PRO N 457 48.71 158.38 -120.36
N HIS N 458 49.63 157.89 -119.53
CA HIS N 458 50.72 158.73 -119.06
C HIS N 458 51.73 159.01 -120.16
N GLY N 459 52.09 157.99 -120.93
CA GLY N 459 53.06 158.17 -122.01
C GLY N 459 54.44 158.56 -121.54
N ARG N 460 54.88 157.99 -120.41
CA ARG N 460 56.21 158.29 -119.88
C ARG N 460 57.32 157.58 -120.64
N ARG N 461 57.01 156.56 -121.43
CA ARG N 461 58.00 155.83 -122.20
C ARG N 461 57.81 155.93 -123.70
N THR N 462 56.71 156.51 -124.17
CA THR N 462 56.43 156.66 -125.59
C THR N 462 56.72 158.09 -126.01
N ILE N 463 57.50 158.26 -127.07
CA ILE N 463 57.88 159.57 -127.59
C ILE N 463 57.27 159.72 -128.97
N PHE N 464 56.51 160.79 -129.17
CA PHE N 464 55.86 161.04 -130.45
C PHE N 464 56.85 161.66 -131.43
N VAL N 465 56.87 161.14 -132.65
CA VAL N 465 57.72 161.63 -133.72
C VAL N 465 56.83 162.05 -134.88
N LEU N 466 57.02 163.28 -135.35
CA LEU N 466 56.23 163.84 -136.44
C LEU N 466 57.03 163.73 -137.74
N THR N 467 56.43 163.11 -138.75
CA THR N 467 57.08 162.90 -140.04
C THR N 467 56.28 163.59 -141.14
N LYS N 468 56.97 163.95 -142.22
CA LYS N 468 56.37 164.62 -143.38
C LYS N 468 55.68 165.91 -142.96
N VAL N 469 56.45 166.80 -142.30
CA VAL N 469 55.90 168.07 -141.86
C VAL N 469 55.57 168.96 -143.06
N ASP N 470 56.40 168.93 -144.10
CA ASP N 470 56.17 169.78 -145.27
C ASP N 470 54.87 169.42 -145.97
N LEU N 471 54.59 168.12 -146.10
CA LEU N 471 53.35 167.70 -146.75
C LEU N 471 52.13 168.16 -145.97
N ALA N 472 52.17 168.06 -144.64
CA ALA N 472 51.06 168.54 -143.83
C ALA N 472 50.90 170.05 -143.94
N GLU N 473 52.02 170.77 -143.95
CA GLU N 473 51.98 172.23 -144.05
C GLU N 473 51.39 172.67 -145.39
N LYS N 474 51.77 171.99 -146.48
CA LYS N 474 51.27 172.36 -147.80
C LYS N 474 49.78 172.07 -147.97
N ASN N 475 49.19 171.27 -147.09
CA ASN N 475 47.77 170.95 -147.18
C ASN N 475 46.93 171.93 -146.36
N VAL N 476 47.12 173.23 -146.63
CA VAL N 476 46.46 174.36 -145.98
C VAL N 476 46.13 174.08 -144.52
N ALA N 477 47.09 173.51 -143.79
CA ALA N 477 46.87 173.20 -142.39
C ALA N 477 47.06 174.46 -141.53
N SER N 478 46.52 174.41 -140.31
CA SER N 478 46.63 175.52 -139.38
C SER N 478 47.97 175.45 -138.65
N PRO N 479 48.80 176.48 -138.71
CA PRO N 479 50.08 176.44 -137.99
C PRO N 479 49.93 176.34 -136.48
N SER N 480 48.79 176.78 -135.92
CA SER N 480 48.58 176.69 -134.48
C SER N 480 48.55 175.23 -134.03
N ARG N 481 47.88 174.36 -134.80
CA ARG N 481 47.84 172.94 -134.46
C ARG N 481 49.23 172.33 -134.49
N ILE N 482 50.03 172.66 -135.51
CA ILE N 482 51.39 172.14 -135.60
C ILE N 482 52.23 172.62 -134.42
N GLN N 483 52.10 173.90 -134.07
CA GLN N 483 52.84 174.43 -132.93
C GLN N 483 52.44 173.75 -131.63
N GLN N 484 51.14 173.52 -131.44
CA GLN N 484 50.68 172.82 -130.23
C GLN N 484 51.19 171.40 -130.18
N ILE N 485 51.19 170.70 -131.32
CA ILE N 485 51.68 169.33 -131.36
C ILE N 485 53.18 169.29 -131.04
N ILE N 486 53.94 170.20 -131.64
CA ILE N 486 55.38 170.24 -131.38
C ILE N 486 55.66 170.61 -129.93
N GLU N 487 54.95 171.62 -129.40
CA GLU N 487 55.16 172.02 -128.02
C GLU N 487 54.57 171.01 -127.03
N GLY N 488 53.55 170.26 -127.44
CA GLY N 488 52.97 169.26 -126.57
C GLY N 488 51.82 169.79 -125.74
N LYS N 489 51.00 170.66 -126.33
CA LYS N 489 49.84 171.23 -125.66
C LYS N 489 48.54 170.56 -126.07
N LEU N 490 48.60 169.48 -126.83
CA LEU N 490 47.41 168.77 -127.29
C LEU N 490 47.37 167.32 -126.87
N PHE N 491 48.51 166.63 -126.87
CA PHE N 491 48.54 165.23 -126.48
C PHE N 491 48.43 165.09 -124.97
N PRO N 492 47.45 164.35 -124.45
CA PRO N 492 47.33 164.19 -123.00
C PRO N 492 48.54 163.50 -122.37
N MET N 493 49.20 162.61 -123.09
CA MET N 493 50.34 161.89 -122.55
C MET N 493 51.51 162.82 -122.33
N LYS N 494 52.29 162.55 -121.29
CA LYS N 494 53.46 163.35 -120.94
C LYS N 494 54.71 162.67 -121.52
N ALA N 495 54.90 162.88 -122.81
CA ALA N 495 56.06 162.30 -123.49
C ALA N 495 57.34 163.03 -123.08
N LEU N 496 58.46 162.33 -123.23
CA LEU N 496 59.75 162.90 -122.88
C LEU N 496 60.16 164.04 -123.81
N GLY N 497 59.57 164.11 -125.00
CA GLY N 497 59.89 165.18 -125.93
C GLY N 497 59.10 165.00 -127.21
N TYR N 498 59.19 166.01 -128.07
CA TYR N 498 58.51 166.02 -129.35
C TYR N 498 59.45 166.62 -130.39
N PHE N 499 59.67 165.89 -131.49
CA PHE N 499 60.53 166.34 -132.57
C PHE N 499 59.80 166.17 -133.90
N ALA N 500 59.96 167.17 -134.76
CA ALA N 500 59.33 167.18 -136.09
C ALA N 500 60.41 167.05 -137.15
N VAL N 501 60.27 166.06 -138.02
CA VAL N 501 61.23 165.80 -139.09
C VAL N 501 60.48 165.62 -140.40
N VAL N 502 61.22 165.77 -141.50
CA VAL N 502 60.68 165.61 -142.85
C VAL N 502 61.35 164.41 -143.49
N THR N 503 60.55 163.45 -143.94
CA THR N 503 61.04 162.24 -144.58
C THR N 503 60.70 162.20 -146.07
N GLY N 504 60.75 163.37 -146.72
CA GLY N 504 60.45 163.46 -148.13
C GLY N 504 58.96 163.49 -148.41
N LYS N 505 58.63 163.45 -149.69
CA LYS N 505 57.25 163.47 -150.15
C LYS N 505 56.58 162.10 -150.11
N GLY N 506 57.33 161.05 -149.78
CA GLY N 506 56.76 159.71 -149.73
C GLY N 506 56.60 159.03 -151.05
N ASN N 507 57.15 159.60 -152.14
CA ASN N 507 57.03 159.01 -153.46
C ASN N 507 58.08 157.91 -153.63
N SER N 508 58.15 157.33 -154.82
CA SER N 508 59.10 156.26 -155.12
C SER N 508 60.08 156.69 -156.21
N SER N 509 60.41 157.99 -156.27
CA SER N 509 61.34 158.48 -157.27
C SER N 509 62.37 159.43 -156.67
N GLU N 510 62.50 159.46 -155.34
CA GLU N 510 63.46 160.33 -154.66
C GLU N 510 64.49 159.46 -153.95
N SER N 511 65.76 159.71 -154.21
CA SER N 511 66.84 158.95 -153.59
C SER N 511 66.97 159.33 -152.12
N ILE N 512 67.66 158.47 -151.37
CA ILE N 512 67.88 158.72 -149.95
C ILE N 512 68.70 159.99 -149.74
N GLU N 513 69.75 160.17 -150.55
CA GLU N 513 70.58 161.36 -150.41
C GLU N 513 69.79 162.63 -150.71
N ALA N 514 68.93 162.59 -151.74
CA ALA N 514 68.11 163.76 -152.07
C ALA N 514 67.15 164.09 -150.94
N ILE N 515 66.52 163.08 -150.34
CA ILE N 515 65.59 163.32 -149.24
C ILE N 515 66.35 163.88 -148.03
N ARG N 516 67.54 163.34 -147.74
CA ARG N 516 68.33 163.85 -146.63
C ARG N 516 68.74 165.31 -146.86
N GLU N 517 69.15 165.64 -148.09
CA GLU N 517 69.51 167.02 -148.40
C GLU N 517 68.30 167.95 -148.27
N TYR N 518 67.14 167.51 -148.74
CA TYR N 518 65.93 168.32 -148.61
C TYR N 518 65.57 168.53 -147.15
N GLU N 519 65.69 167.49 -146.32
CA GLU N 519 65.41 167.62 -144.89
C GLU N 519 66.38 168.58 -144.23
N GLU N 520 67.67 168.49 -144.58
CA GLU N 520 68.66 169.41 -144.02
C GLU N 520 68.36 170.85 -144.44
N GLU N 521 68.00 171.06 -145.70
CA GLU N 521 67.65 172.41 -146.15
C GLU N 521 66.42 172.94 -145.42
N PHE N 522 65.41 172.09 -145.23
CA PHE N 522 64.22 172.51 -144.51
C PHE N 522 64.54 172.86 -143.06
N PHE N 523 65.40 172.06 -142.41
CA PHE N 523 65.80 172.36 -141.04
C PHE N 523 66.58 173.67 -140.97
N GLN N 524 67.47 173.91 -141.92
CA GLN N 524 68.23 175.15 -141.92
C GLN N 524 67.33 176.36 -142.14
N ASN N 525 66.39 176.25 -143.08
CA ASN N 525 65.46 177.34 -143.40
C ASN N 525 64.04 176.78 -143.38
N SER N 526 63.31 177.06 -142.30
CA SER N 526 61.95 176.58 -142.14
C SER N 526 61.00 177.76 -141.96
N LYS N 527 59.78 177.60 -142.48
CA LYS N 527 58.76 178.63 -142.38
C LYS N 527 58.19 178.78 -140.97
N LEU N 528 58.44 177.82 -140.09
CA LEU N 528 57.94 177.88 -138.72
C LEU N 528 59.00 178.29 -137.72
N LEU N 529 60.28 178.01 -137.98
CA LEU N 529 61.33 178.40 -137.05
C LEU N 529 61.54 179.90 -137.05
N LYS N 530 61.30 180.57 -138.18
CA LYS N 530 61.48 182.02 -138.27
C LYS N 530 60.38 182.79 -137.56
N THR N 531 59.30 182.13 -137.16
CA THR N 531 58.20 182.79 -136.45
C THR N 531 58.39 182.80 -134.94
N SER N 532 59.50 182.25 -134.44
CA SER N 532 59.78 182.21 -133.01
C SER N 532 58.66 181.52 -132.23
N MET N 533 58.12 180.46 -132.81
CA MET N 533 57.05 179.69 -132.18
C MET N 533 57.46 178.27 -131.82
N LEU N 534 58.71 177.88 -132.12
CA LEU N 534 59.20 176.53 -131.82
C LEU N 534 60.48 176.64 -131.01
N LYS N 535 60.65 175.68 -130.11
CA LYS N 535 61.83 175.65 -129.24
C LYS N 535 63.09 175.35 -130.06
N ALA N 536 64.18 176.03 -129.69
CA ALA N 536 65.43 175.86 -130.43
C ALA N 536 66.10 174.54 -130.10
N HIS N 537 65.85 173.97 -128.92
CA HIS N 537 66.47 172.72 -128.51
C HIS N 537 65.71 171.50 -128.99
N GLN N 538 64.60 171.67 -129.69
CA GLN N 538 63.82 170.55 -130.21
C GLN N 538 64.08 170.32 -131.69
N VAL N 539 65.32 170.52 -132.14
CA VAL N 539 65.67 170.34 -133.55
C VAL N 539 66.57 169.11 -133.68
N THR N 540 66.81 168.70 -134.93
CA THR N 540 67.62 167.52 -135.25
C THR N 540 67.10 166.26 -134.57
N THR N 541 67.93 165.21 -134.54
CA THR N 541 67.54 163.96 -133.93
C THR N 541 68.63 163.32 -133.07
N ARG N 542 69.79 163.97 -132.92
CA ARG N 542 70.89 163.36 -132.18
C ARG N 542 70.54 163.19 -130.71
N ASN N 543 70.01 164.25 -130.07
CA ASN N 543 69.67 164.17 -128.66
C ASN N 543 68.55 163.16 -128.42
N LEU N 544 67.53 163.17 -129.28
CA LEU N 544 66.43 162.22 -129.13
C LEU N 544 66.93 160.78 -129.29
N SER N 545 67.79 160.53 -130.27
CA SER N 545 68.33 159.19 -130.48
C SER N 545 69.17 158.75 -129.28
N LEU N 546 70.00 159.66 -128.75
CA LEU N 546 70.80 159.31 -127.58
C LEU N 546 69.93 159.00 -126.38
N ALA N 547 68.89 159.80 -126.14
CA ALA N 547 67.99 159.55 -125.02
C ALA N 547 67.26 158.23 -125.18
N VAL N 548 66.78 157.94 -126.39
CA VAL N 548 66.08 156.68 -126.64
C VAL N 548 67.03 155.50 -126.43
N SER N 549 68.26 155.61 -126.92
CA SER N 549 69.23 154.53 -126.74
C SER N 549 69.54 154.30 -125.26
N ASP N 550 69.73 155.38 -124.50
CA ASP N 550 70.02 155.25 -123.08
C ASP N 550 68.85 154.61 -122.33
N CYS N 551 67.62 155.05 -122.64
CA CYS N 551 66.45 154.47 -122.00
C CYS N 551 66.30 152.99 -122.34
N PHE N 552 66.52 152.63 -123.62
CA PHE N 552 66.43 151.24 -124.01
C PHE N 552 67.49 150.40 -123.31
N TRP N 553 68.71 150.92 -123.21
CA TRP N 553 69.79 150.18 -122.55
C TRP N 553 69.48 149.97 -121.08
N LYS N 554 69.02 151.01 -120.39
CA LYS N 554 68.74 150.85 -118.95
C LYS N 554 67.56 149.91 -118.73
N MET N 555 66.52 150.00 -119.57
CA MET N 555 65.36 149.13 -119.38
C MET N 555 65.71 147.68 -119.70
N VAL N 556 66.54 147.44 -120.73
CA VAL N 556 66.93 146.07 -121.05
C VAL N 556 67.87 145.52 -119.98
N ARG N 557 68.71 146.38 -119.39
CA ARG N 557 69.55 145.93 -118.28
C ARG N 557 68.71 145.51 -117.08
N GLU N 558 67.70 146.33 -116.73
CA GLU N 558 66.81 145.95 -115.64
C GLU N 558 66.05 144.66 -115.96
N SER N 559 65.57 144.53 -117.20
CA SER N 559 64.83 143.34 -117.59
C SER N 559 65.69 142.09 -117.51
N VAL N 560 66.95 142.18 -117.99
CA VAL N 560 67.81 141.00 -117.94
C VAL N 560 68.23 140.69 -116.50
N GLU N 561 68.39 141.72 -115.67
CA GLU N 561 68.69 141.47 -114.26
C GLU N 561 67.54 140.73 -113.58
N GLN N 562 66.30 141.13 -113.87
CA GLN N 562 65.16 140.41 -113.32
C GLN N 562 65.05 139.00 -113.89
N GLN N 563 65.29 138.85 -115.20
CA GLN N 563 65.13 137.56 -115.84
C GLN N 563 66.20 136.55 -115.42
N ALA N 564 67.39 137.03 -115.03
CA ALA N 564 68.43 136.13 -114.56
C ALA N 564 67.96 135.25 -113.41
N ASP N 565 67.02 135.74 -112.60
CA ASP N 565 66.39 134.94 -111.56
C ASP N 565 65.02 134.42 -111.97
N SER N 566 64.28 135.17 -112.80
CA SER N 566 62.96 134.71 -113.21
C SER N 566 63.03 133.41 -114.00
N PHE N 567 63.97 133.32 -114.94
CA PHE N 567 64.10 132.10 -115.74
C PHE N 567 64.60 130.93 -114.90
N LYS N 568 65.49 131.18 -113.94
CA LYS N 568 65.92 130.12 -113.03
C LYS N 568 64.74 129.60 -112.22
N ALA N 569 63.90 130.52 -111.71
CA ALA N 569 62.72 130.10 -110.96
C ALA N 569 61.76 129.31 -111.85
N THR N 570 61.58 129.76 -113.09
CA THR N 570 60.69 129.04 -114.01
C THR N 570 61.22 127.64 -114.31
N ARG N 571 62.54 127.51 -114.53
CA ARG N 571 63.12 126.19 -114.77
C ARG N 571 62.96 125.29 -113.56
N PHE N 572 63.19 125.83 -112.36
CA PHE N 572 63.02 125.03 -111.14
C PHE N 572 61.57 124.58 -110.99
N ASN N 573 60.61 125.47 -111.26
CA ASN N 573 59.21 125.10 -111.15
C ASN N 573 58.84 124.04 -112.18
N LEU N 574 59.36 124.15 -113.40
CA LEU N 574 59.08 123.15 -114.43
C LEU N 574 59.66 121.80 -114.05
N GLU N 575 60.89 121.79 -113.51
CA GLU N 575 61.51 120.54 -113.08
C GLU N 575 60.71 119.91 -111.94
N THR N 576 60.27 120.74 -110.98
CA THR N 576 59.48 120.21 -109.87
C THR N 576 58.15 119.65 -110.37
N GLU N 577 57.51 120.32 -111.33
CA GLU N 577 56.26 119.83 -111.88
C GLU N 577 56.46 118.51 -112.59
N TRP N 578 57.54 118.39 -113.38
CA TRP N 578 57.81 117.15 -114.08
C TRP N 578 58.08 116.01 -113.10
N LYS N 579 58.86 116.28 -112.05
CA LYS N 579 59.14 115.26 -111.05
C LYS N 579 57.88 114.84 -110.31
N ASN N 580 57.03 115.80 -109.96
CA ASN N 580 55.82 115.49 -109.20
C ASN N 580 54.81 114.70 -110.04
N ASN N 581 54.62 115.10 -111.30
CA ASN N 581 53.68 114.39 -112.15
C ASN N 581 54.16 112.98 -112.47
N TYR N 582 55.48 112.78 -112.55
CA TYR N 582 56.06 111.48 -112.87
C TYR N 582 57.12 111.15 -111.83
N PRO N 583 56.70 110.73 -110.63
CA PRO N 583 57.69 110.37 -109.60
C PRO N 583 58.59 109.22 -110.00
N ARG N 584 58.10 108.27 -110.78
CA ARG N 584 58.88 107.10 -111.19
C ARG N 584 59.39 107.21 -112.62
N LEU N 585 59.16 108.33 -113.29
CA LEU N 585 59.62 108.53 -114.66
C LEU N 585 60.42 109.82 -114.75
N ARG N 586 61.60 109.72 -115.37
CA ARG N 586 62.47 110.88 -115.54
C ARG N 586 62.14 111.56 -116.88
N GLU N 587 63.00 112.49 -117.30
CA GLU N 587 62.77 113.22 -118.54
C GLU N 587 62.72 112.26 -119.73
N LEU N 588 61.70 112.43 -120.57
CA LEU N 588 61.47 111.59 -121.75
C LEU N 588 61.26 112.50 -122.95
N ASP N 589 62.34 112.84 -123.64
CA ASP N 589 62.27 113.69 -124.81
C ASP N 589 62.05 112.83 -126.05
N ARG N 590 62.07 113.48 -127.22
CA ARG N 590 61.80 112.77 -128.47
C ARG N 590 62.85 111.71 -128.76
N ASN N 591 64.12 112.03 -128.54
CA ASN N 591 65.19 111.09 -128.89
C ASN N 591 65.14 109.84 -128.01
N GLU N 592 65.05 110.02 -126.69
CA GLU N 592 65.02 108.88 -125.78
C GLU N 592 63.78 108.03 -125.99
N LEU N 593 62.63 108.67 -126.18
CA LEU N 593 61.40 107.91 -126.40
C LEU N 593 61.45 107.15 -127.72
N PHE N 594 61.99 107.77 -128.77
CA PHE N 594 62.13 107.07 -130.04
C PHE N 594 63.08 105.88 -129.93
N GLU N 595 64.20 106.06 -129.21
CA GLU N 595 65.12 104.95 -129.01
C GLU N 595 64.47 103.83 -128.21
N LYS N 596 63.70 104.18 -127.18
CA LYS N 596 63.01 103.15 -126.39
C LYS N 596 61.97 102.42 -127.23
N ALA N 597 61.25 103.14 -128.09
CA ALA N 597 60.29 102.49 -128.97
C ALA N 597 60.98 101.55 -129.95
N LYS N 598 62.12 101.97 -130.50
CA LYS N 598 62.88 101.11 -131.40
C LYS N 598 63.36 99.86 -130.67
N ASN N 599 63.86 100.02 -129.45
CA ASN N 599 64.31 98.87 -128.68
C ASN N 599 63.15 97.92 -128.36
N GLU N 600 61.99 98.47 -128.02
CA GLU N 600 60.83 97.63 -127.74
C GLU N 600 60.39 96.88 -129.00
N ILE N 601 60.42 97.54 -130.16
CA ILE N 601 60.08 96.88 -131.42
C ILE N 601 61.07 95.75 -131.70
N LEU N 602 62.36 95.99 -131.48
CA LEU N 602 63.36 94.96 -131.69
C LEU N 602 63.14 93.78 -130.74
N ASP N 603 62.82 94.06 -129.49
CA ASP N 603 62.57 92.99 -128.53
C ASP N 603 61.33 92.18 -128.92
N GLU N 604 60.28 92.86 -129.39
CA GLU N 604 59.09 92.16 -129.84
C GLU N 604 59.38 91.29 -131.05
N VAL N 605 60.18 91.78 -131.99
CA VAL N 605 60.56 90.98 -133.15
C VAL N 605 61.38 89.77 -132.72
N ILE N 606 62.29 89.96 -131.76
CA ILE N 606 63.10 88.85 -131.26
C ILE N 606 62.21 87.79 -130.62
N SER N 607 61.26 88.24 -129.80
CA SER N 607 60.34 87.30 -129.15
C SER N 607 59.49 86.57 -130.18
N LEU N 608 59.03 87.28 -131.21
CA LEU N 608 58.26 86.64 -132.28
C LEU N 608 59.10 85.58 -132.99
N SER N 609 60.37 85.87 -133.27
CA SER N 609 61.23 84.90 -133.94
C SER N 609 61.59 83.74 -133.02
N GLN N 610 61.54 83.94 -131.71
CA GLN N 610 61.94 82.92 -130.75
C GLN N 610 60.80 81.96 -130.38
N VAL N 611 59.59 82.18 -130.90
CA VAL N 611 58.48 81.29 -130.60
C VAL N 611 58.73 79.93 -131.25
N THR N 612 58.40 78.86 -130.53
CA THR N 612 58.60 77.51 -131.02
C THR N 612 57.80 77.28 -132.29
N PRO N 613 58.42 76.77 -133.36
CA PRO N 613 57.66 76.55 -134.61
C PRO N 613 56.51 75.57 -134.47
N LYS N 614 56.58 74.64 -133.52
CA LYS N 614 55.52 73.65 -133.37
C LYS N 614 54.20 74.31 -133.00
N HIS N 615 54.23 75.30 -132.10
CA HIS N 615 53.02 76.02 -131.74
C HIS N 615 52.45 76.76 -132.94
N TRP N 616 53.31 77.37 -133.75
CA TRP N 616 52.86 78.04 -134.96
C TRP N 616 52.18 77.05 -135.90
N GLU N 617 52.79 75.88 -136.09
CA GLU N 617 52.20 74.88 -136.99
C GLU N 617 50.85 74.42 -136.47
N GLU N 618 50.74 74.17 -135.16
CA GLU N 618 49.47 73.73 -134.60
C GLU N 618 48.39 74.80 -134.76
N ILE N 619 48.74 76.06 -134.48
CA ILE N 619 47.77 77.15 -134.58
C ILE N 619 47.32 77.32 -136.02
N LEU N 620 48.28 77.30 -136.96
CA LEU N 620 47.93 77.46 -138.37
C LEU N 620 47.06 76.32 -138.86
N GLN N 621 47.40 75.09 -138.48
CA GLN N 621 46.60 73.93 -138.90
C GLN N 621 45.17 74.03 -138.35
N GLN N 622 45.04 74.37 -137.07
CA GLN N 622 43.72 74.47 -136.47
C GLN N 622 42.89 75.57 -137.13
N SER N 623 43.50 76.74 -137.33
CA SER N 623 42.78 77.86 -137.93
C SER N 623 42.36 77.53 -139.36
N LEU N 624 43.28 76.95 -140.15
CA LEU N 624 42.96 76.60 -141.52
C LEU N 624 41.85 75.55 -141.59
N TRP N 625 41.91 74.54 -140.71
CA TRP N 625 40.88 73.51 -140.70
C TRP N 625 39.53 74.11 -140.34
N GLU N 626 39.49 74.96 -139.32
CA GLU N 626 38.24 75.60 -138.94
C GLU N 626 37.71 76.49 -140.05
N ARG N 627 38.61 77.11 -140.82
CA ARG N 627 38.17 78.00 -141.90
C ARG N 627 37.62 77.21 -143.08
N VAL N 628 38.26 76.10 -143.44
CA VAL N 628 37.92 75.40 -144.68
C VAL N 628 37.03 74.18 -144.42
N SER N 629 36.60 73.94 -143.18
CA SER N 629 35.70 72.83 -142.93
C SER N 629 34.40 72.97 -143.70
N THR N 630 33.79 74.15 -143.65
CA THR N 630 32.54 74.38 -144.37
C THR N 630 32.74 74.29 -145.88
N HIS N 631 33.84 74.84 -146.38
CA HIS N 631 34.13 74.78 -147.81
C HIS N 631 34.29 73.33 -148.27
N VAL N 632 35.04 72.54 -147.52
CA VAL N 632 35.24 71.14 -147.86
C VAL N 632 33.92 70.39 -147.83
N ILE N 633 33.11 70.63 -146.80
CA ILE N 633 31.82 69.95 -146.70
C ILE N 633 30.94 70.27 -147.90
N GLU N 634 30.77 71.57 -148.19
CA GLU N 634 29.89 71.99 -149.26
C GLU N 634 30.44 71.70 -150.65
N ASN N 635 31.73 71.42 -150.77
CA ASN N 635 32.31 71.07 -152.07
C ASN N 635 32.50 69.58 -152.26
N ILE N 636 32.35 68.77 -151.20
CA ILE N 636 32.52 67.33 -151.32
C ILE N 636 31.20 66.61 -151.09
N TYR N 637 30.61 66.79 -149.90
CA TYR N 637 29.42 66.01 -149.56
C TYR N 637 28.18 66.49 -150.30
N LEU N 638 28.09 67.79 -150.59
CA LEU N 638 26.92 68.30 -151.29
C LEU N 638 26.76 67.70 -152.69
N PRO N 639 27.79 67.61 -153.54
CA PRO N 639 27.60 66.91 -154.82
C PRO N 639 27.49 65.40 -154.65
N ALA N 640 28.32 64.81 -153.81
CA ALA N 640 28.31 63.36 -153.60
C ALA N 640 27.46 63.01 -152.38
N ALA N 641 26.18 63.39 -152.46
CA ALA N 641 25.24 63.17 -151.36
C ALA N 641 24.50 61.84 -151.47
N GLN N 642 24.66 61.10 -152.57
CA GLN N 642 23.96 59.84 -152.76
C GLN N 642 24.89 58.70 -153.18
N THR N 643 26.19 58.85 -152.96
CA THR N 643 27.14 57.80 -153.30
C THR N 643 26.97 56.61 -152.37
N MET N 644 27.04 55.41 -152.95
CA MET N 644 26.91 54.17 -152.19
C MET N 644 28.24 53.46 -152.01
N ASN N 645 29.02 53.32 -153.07
CA ASN N 645 30.33 52.67 -152.98
C ASN N 645 31.36 53.63 -152.40
N SER N 646 32.18 53.12 -151.48
CA SER N 646 33.22 53.95 -150.87
C SER N 646 34.29 54.33 -151.87
N GLY N 647 34.56 53.47 -152.86
CA GLY N 647 35.58 53.78 -153.85
C GLY N 647 35.22 54.99 -154.69
N THR N 648 33.96 55.08 -155.12
CA THR N 648 33.53 56.25 -155.90
C THR N 648 33.63 57.53 -155.07
N PHE N 649 33.25 57.45 -153.79
CA PHE N 649 33.36 58.61 -152.92
C PHE N 649 34.81 59.03 -152.74
N ASN N 650 35.71 58.07 -152.56
CA ASN N 650 37.13 58.40 -152.43
C ASN N 650 37.68 59.00 -153.71
N THR N 651 37.27 58.48 -154.87
CA THR N 651 37.72 59.04 -156.14
C THR N 651 37.23 60.47 -156.30
N THR N 652 35.97 60.73 -155.95
CA THR N 652 35.43 62.08 -156.03
C THR N 652 36.17 63.02 -155.08
N VAL N 653 36.49 62.55 -153.87
CA VAL N 653 37.23 63.36 -152.92
C VAL N 653 38.61 63.70 -153.47
N ASP N 654 39.29 62.72 -154.05
CA ASP N 654 40.61 62.97 -154.63
C ASP N 654 40.53 63.96 -155.79
N ILE N 655 39.51 63.83 -156.63
CA ILE N 655 39.35 64.75 -157.76
C ILE N 655 39.12 66.16 -157.25
N LYS N 656 38.25 66.32 -156.26
CA LYS N 656 37.98 67.65 -155.71
C LYS N 656 39.22 68.24 -155.05
N LEU N 657 39.97 67.43 -154.31
CA LEU N 657 41.18 67.92 -153.68
C LEU N 657 42.21 68.36 -154.71
N LYS N 658 42.39 67.57 -155.78
CA LYS N 658 43.33 67.95 -156.83
C LYS N 658 42.89 69.24 -157.51
N GLN N 659 41.60 69.37 -157.80
CA GLN N 659 41.10 70.59 -158.43
C GLN N 659 41.31 71.80 -157.52
N TRP N 660 41.04 71.65 -156.23
CA TRP N 660 41.25 72.76 -155.30
C TRP N 660 42.72 73.14 -155.21
N THR N 661 43.62 72.15 -155.14
CA THR N 661 45.05 72.44 -155.09
C THR N 661 45.50 73.16 -156.35
N ASP N 662 44.99 72.74 -157.52
CA ASP N 662 45.40 73.37 -158.76
C ASP N 662 44.85 74.79 -158.90
N LYS N 663 43.62 75.01 -158.43
CA LYS N 663 42.94 76.28 -158.74
C LYS N 663 43.36 77.41 -157.80
N GLN N 664 43.03 77.29 -156.50
CA GLN N 664 43.20 78.43 -155.61
C GLN N 664 43.67 78.05 -154.20
N LEU N 665 43.93 76.78 -153.91
CA LEU N 665 44.31 76.41 -152.54
C LEU N 665 45.59 77.08 -152.08
N PRO N 666 46.68 77.15 -152.86
CA PRO N 666 47.87 77.87 -152.38
C PRO N 666 47.58 79.34 -152.07
N ASN N 667 46.75 80.00 -152.88
CA ASN N 667 46.41 81.40 -152.63
C ASN N 667 45.65 81.54 -151.32
N LYS N 668 44.69 80.65 -151.08
CA LYS N 668 43.94 80.70 -149.83
C LYS N 668 44.84 80.43 -148.63
N ALA N 669 45.76 79.48 -148.76
CA ALA N 669 46.69 79.21 -147.68
C ALA N 669 47.59 80.41 -147.39
N VAL N 670 48.08 81.06 -148.45
CA VAL N 670 48.92 82.25 -148.27
C VAL N 670 48.12 83.36 -147.59
N GLU N 671 46.88 83.57 -148.01
CA GLU N 671 46.05 84.60 -147.40
C GLU N 671 45.79 84.30 -145.93
N VAL N 672 45.51 83.04 -145.61
CA VAL N 672 45.24 82.67 -144.22
C VAL N 672 46.49 82.87 -143.37
N ALA N 673 47.66 82.47 -143.89
CA ALA N 673 48.91 82.66 -143.15
C ALA N 673 49.19 84.14 -142.93
N TRP N 674 48.98 84.97 -143.94
CA TRP N 674 49.22 86.40 -143.80
C TRP N 674 48.26 87.01 -142.79
N GLU N 675 47.00 86.60 -142.82
CA GLU N 675 46.03 87.11 -141.86
C GLU N 675 46.39 86.70 -140.43
N THR N 676 46.83 85.46 -140.25
CA THR N 676 47.25 85.01 -138.92
C THR N 676 48.46 85.78 -138.44
N LEU N 677 49.43 86.03 -139.33
CA LEU N 677 50.59 86.82 -138.96
C LEU N 677 50.20 88.24 -138.57
N GLN N 678 49.29 88.84 -139.33
CA GLN N 678 48.81 90.17 -139.00
C GLN N 678 48.11 90.19 -137.64
N GLU N 679 47.28 89.17 -137.36
CA GLU N 679 46.60 89.10 -136.08
C GLU N 679 47.59 88.97 -134.93
N GLU N 680 48.60 88.11 -135.09
CA GLU N 680 49.62 87.95 -134.06
C GLU N 680 50.39 89.25 -133.84
N PHE N 681 50.75 89.93 -134.93
CA PHE N 681 51.48 91.19 -134.80
C PHE N 681 50.62 92.24 -134.10
N SER N 682 49.33 92.32 -134.45
CA SER N 682 48.45 93.29 -133.80
C SER N 682 48.28 92.98 -132.32
N ARG N 683 48.14 91.70 -131.97
CA ARG N 683 47.99 91.34 -130.56
C ARG N 683 49.27 91.66 -129.78
N PHE N 684 50.43 91.42 -130.38
CA PHE N 684 51.68 91.76 -129.72
C PHE N 684 51.83 93.27 -129.55
N MET N 685 51.44 94.04 -130.57
CA MET N 685 51.54 95.49 -130.47
C MET N 685 50.58 96.04 -129.41
N THR N 686 49.37 95.50 -129.34
CA THR N 686 48.36 95.93 -128.37
C THR N 686 48.19 94.80 -127.36
N GLU N 687 49.01 94.83 -126.31
CA GLU N 687 49.00 93.81 -125.27
C GLU N 687 48.86 94.51 -123.93
N PRO N 688 47.63 94.83 -123.51
CA PRO N 688 47.41 95.59 -122.27
C PRO N 688 47.55 94.74 -121.02
N LYS N 689 48.68 94.02 -120.92
CA LYS N 689 48.97 93.26 -119.70
C LYS N 689 49.20 94.19 -118.52
N GLY N 690 49.88 95.31 -118.75
CA GLY N 690 50.11 96.26 -117.68
C GLY N 690 48.85 96.99 -117.29
N LYS N 691 48.80 97.42 -116.02
CA LYS N 691 47.62 98.11 -115.50
C LYS N 691 47.46 99.50 -116.07
N GLU N 692 48.54 100.11 -116.59
CA GLU N 692 48.45 101.46 -117.13
C GLU N 692 48.17 101.42 -118.63
N HIS N 693 49.07 100.79 -119.39
CA HIS N 693 48.95 100.67 -120.84
C HIS N 693 48.66 102.02 -121.51
N ASP N 694 49.64 102.91 -121.36
CA ASP N 694 49.53 104.24 -121.93
C ASP N 694 49.33 104.17 -123.44
N ASP N 695 48.36 104.95 -123.93
CA ASP N 695 47.99 104.92 -125.34
C ASP N 695 48.92 105.75 -126.22
N ILE N 696 49.77 106.59 -125.63
CA ILE N 696 50.70 107.39 -126.43
C ILE N 696 51.64 106.48 -127.21
N PHE N 697 52.18 105.46 -126.56
CA PHE N 697 53.03 104.51 -127.26
C PHE N 697 52.20 103.57 -128.13
N ASP N 698 50.96 103.28 -127.72
CA ASP N 698 50.11 102.37 -128.47
C ASP N 698 49.76 102.94 -129.85
N LYS N 699 49.49 104.24 -129.92
CA LYS N 699 49.19 104.85 -131.21
C LYS N 699 50.38 104.76 -132.17
N LEU N 700 51.58 105.03 -131.66
CA LEU N 700 52.77 104.91 -132.49
C LEU N 700 53.00 103.47 -132.93
N LYS N 701 52.78 102.52 -132.03
CA LYS N 701 52.93 101.11 -132.38
C LYS N 701 51.94 100.70 -133.46
N GLU N 702 50.69 101.16 -133.34
CA GLU N 702 49.69 100.84 -134.37
C GLU N 702 50.05 101.48 -135.71
N ALA N 703 50.54 102.72 -135.68
CA ALA N 703 50.94 103.38 -136.93
C ALA N 703 52.10 102.63 -137.59
N VAL N 704 53.09 102.21 -136.79
CA VAL N 704 54.21 101.45 -137.33
C VAL N 704 53.74 100.11 -137.89
N LYS N 705 52.81 99.45 -137.19
CA LYS N 705 52.27 98.19 -137.68
C LYS N 705 51.55 98.37 -139.01
N GLU N 706 50.74 99.42 -139.13
CA GLU N 706 50.04 99.68 -140.38
C GLU N 706 51.01 99.99 -141.51
N GLU N 707 52.05 100.78 -141.22
CA GLU N 707 53.05 101.09 -142.24
C GLU N 707 53.78 99.82 -142.70
N SER N 708 54.14 98.95 -141.76
CA SER N 708 54.81 97.70 -142.11
C SER N 708 53.90 96.80 -142.92
N ILE N 709 52.62 96.74 -142.56
CA ILE N 709 51.67 95.90 -143.30
C ILE N 709 51.52 96.42 -144.72
N LYS N 710 51.39 97.73 -144.88
CA LYS N 710 51.25 98.31 -146.22
C LYS N 710 52.53 98.16 -147.04
N ARG N 711 53.69 98.21 -146.40
CA ARG N 711 54.97 98.10 -147.10
C ARG N 711 55.39 96.66 -147.32
N HIS N 712 54.72 95.69 -146.69
CA HIS N 712 55.13 94.30 -146.82
C HIS N 712 54.92 93.80 -148.25
N LYS N 713 55.83 92.95 -148.71
CA LYS N 713 55.80 92.39 -150.06
C LYS N 713 55.85 90.88 -149.98
N TRP N 714 55.39 90.23 -151.06
CA TRP N 714 55.37 88.78 -151.15
C TRP N 714 56.08 88.34 -152.43
N ASN N 715 56.64 87.14 -152.39
CA ASN N 715 57.42 86.58 -153.50
C ASN N 715 56.60 85.47 -154.16
N ASP N 716 56.49 85.53 -155.49
CA ASP N 716 55.74 84.50 -156.22
C ASP N 716 56.48 83.17 -156.23
N PHE N 717 57.81 83.20 -156.06
CA PHE N 717 58.56 81.95 -155.97
C PHE N 717 58.14 81.15 -154.74
N ALA N 718 57.89 81.84 -153.63
CA ALA N 718 57.38 81.16 -152.44
C ALA N 718 56.02 80.53 -152.71
N GLU N 719 55.15 81.24 -153.44
CA GLU N 719 53.84 80.68 -153.77
C GLU N 719 53.98 79.44 -154.64
N ASP N 720 54.88 79.49 -155.63
CA ASP N 720 55.09 78.32 -156.49
C ASP N 720 55.64 77.14 -155.70
N SER N 721 56.58 77.40 -154.79
CA SER N 721 57.12 76.33 -153.95
C SER N 721 56.04 75.75 -153.05
N LEU N 722 55.19 76.60 -152.49
CA LEU N 722 54.08 76.12 -151.67
C LEU N 722 53.12 75.26 -152.47
N ARG N 723 52.81 75.67 -153.69
CA ARG N 723 51.93 74.88 -154.55
C ARG N 723 52.55 73.52 -154.86
N VAL N 724 53.85 73.51 -155.19
CA VAL N 724 54.53 72.26 -155.50
C VAL N 724 54.53 71.33 -154.30
N ILE N 725 54.82 71.87 -153.11
CA ILE N 725 54.87 71.04 -151.91
C ILE N 725 53.48 70.53 -151.55
N GLN N 726 52.46 71.36 -151.72
CA GLN N 726 51.08 70.92 -151.46
C GLN N 726 50.69 69.79 -152.40
N HIS N 727 51.05 69.90 -153.68
CA HIS N 727 50.77 68.82 -154.61
C HIS N 727 51.54 67.56 -154.28
N ASN N 728 52.79 67.69 -153.84
CA ASN N 728 53.61 66.52 -153.54
C ASN N 728 53.24 65.88 -152.20
N ALA N 729 52.54 66.60 -151.33
CA ALA N 729 52.20 66.09 -150.01
C ALA N 729 51.09 65.04 -150.08
N LEU N 730 51.39 63.89 -150.67
CA LEU N 730 50.45 62.77 -150.76
C LEU N 730 51.17 61.48 -150.37
N GLU N 731 51.90 61.53 -149.25
CA GLU N 731 52.76 60.43 -148.84
C GLU N 731 51.99 59.30 -148.17
N ASP N 732 51.34 59.58 -147.04
CA ASP N 732 50.66 58.57 -146.27
C ASP N 732 49.17 58.53 -146.61
N ARG N 733 48.63 57.31 -146.72
CA ARG N 733 47.23 57.12 -147.06
C ARG N 733 46.51 56.11 -146.19
N SER N 734 47.20 55.46 -145.25
CA SER N 734 46.57 54.45 -144.39
C SER N 734 47.12 54.57 -142.98
N ILE N 735 46.34 54.07 -142.02
CA ILE N 735 46.71 54.07 -140.61
C ILE N 735 47.07 52.65 -140.20
N SER N 736 48.28 52.48 -139.67
CA SER N 736 48.74 51.19 -139.16
C SER N 736 48.98 51.20 -137.66
N ASP N 737 48.51 52.24 -136.97
CA ASP N 737 48.70 52.38 -135.54
C ASP N 737 47.35 52.47 -134.85
N LYS N 738 47.17 51.69 -133.78
CA LYS N 738 45.94 51.75 -133.01
C LYS N 738 45.76 53.11 -132.36
N GLN N 739 46.83 53.67 -131.81
CA GLN N 739 46.74 54.99 -131.16
C GLN N 739 46.39 56.08 -132.16
N GLN N 740 47.00 56.04 -133.35
CA GLN N 740 46.66 57.02 -134.38
C GLN N 740 45.22 56.85 -134.84
N TRP N 741 44.76 55.59 -134.94
CA TRP N 741 43.36 55.34 -135.30
C TRP N 741 42.42 55.92 -134.25
N ASP N 742 42.73 55.73 -132.97
CA ASP N 742 41.90 56.28 -131.91
C ASP N 742 41.91 57.81 -131.92
N ALA N 743 43.08 58.41 -132.18
CA ALA N 743 43.15 59.87 -132.26
C ALA N 743 42.32 60.41 -133.42
N ALA N 744 42.39 59.74 -134.57
CA ALA N 744 41.56 60.14 -135.71
C ALA N 744 40.09 59.99 -135.40
N ILE N 745 39.72 58.89 -134.71
CA ILE N 745 38.33 58.69 -134.32
C ILE N 745 37.86 59.82 -133.40
N TYR N 746 38.69 60.20 -132.43
CA TYR N 746 38.31 61.26 -131.50
C TYR N 746 38.18 62.60 -132.22
N PHE N 747 39.10 62.90 -133.15
CA PHE N 747 39.00 64.16 -133.90
C PHE N 747 37.75 64.18 -134.77
N MET N 748 37.46 63.07 -135.45
CA MET N 748 36.25 62.98 -136.25
C MET N 748 35.00 63.12 -135.40
N GLU N 749 35.00 62.50 -134.22
CA GLU N 749 33.86 62.61 -133.31
C GLU N 749 33.67 64.06 -132.86
N GLU N 750 34.76 64.76 -132.55
CA GLU N 750 34.66 66.16 -132.17
C GLU N 750 34.08 67.00 -133.31
N ALA N 751 34.58 66.78 -134.53
CA ALA N 751 34.07 67.54 -135.67
C ALA N 751 32.60 67.25 -135.91
N LEU N 752 32.20 65.98 -135.83
CA LEU N 752 30.80 65.63 -136.06
C LEU N 752 29.90 66.16 -134.95
N GLN N 753 30.40 66.19 -133.71
CA GLN N 753 29.62 66.78 -132.63
C GLN N 753 29.45 68.29 -132.83
N ALA N 754 30.50 68.97 -133.30
CA ALA N 754 30.37 70.39 -133.61
C ALA N 754 29.36 70.62 -134.72
N ARG N 755 29.40 69.79 -135.76
CA ARG N 755 28.44 69.91 -136.85
C ARG N 755 27.02 69.64 -136.35
N LEU N 756 26.85 68.65 -135.48
CA LEU N 756 25.54 68.35 -134.92
C LEU N 756 25.02 69.52 -134.09
N LYS N 757 25.89 70.13 -133.29
CA LYS N 757 25.48 71.30 -132.51
C LYS N 757 25.07 72.46 -133.42
N ASP N 758 25.83 72.69 -134.49
CA ASP N 758 25.45 73.73 -135.43
C ASP N 758 24.10 73.45 -136.08
N THR N 759 23.87 72.19 -136.47
CA THR N 759 22.59 71.81 -137.06
C THR N 759 21.44 71.98 -136.06
N GLU N 760 21.68 71.62 -134.80
CA GLU N 760 20.66 71.79 -133.77
C GLU N 760 20.35 73.26 -133.56
N ASN N 761 21.37 74.12 -133.56
CA ASN N 761 21.14 75.55 -133.42
C ASN N 761 20.34 76.09 -134.60
N ALA N 762 20.67 75.65 -135.82
CA ALA N 762 19.91 76.09 -136.99
C ALA N 762 18.46 75.63 -136.92
N ILE N 763 18.24 74.39 -136.50
CA ILE N 763 16.87 73.87 -136.38
C ILE N 763 16.09 74.64 -135.32
N GLU N 764 16.73 74.93 -134.18
CA GLU N 764 16.06 75.70 -133.14
C GLU N 764 15.73 77.11 -133.60
N ASN N 765 16.64 77.73 -134.36
CA ASN N 765 16.35 79.05 -134.91
C ASN N 765 15.17 78.99 -135.88
N MET N 766 15.14 77.94 -136.72
CA MET N 766 14.05 77.81 -137.68
C MET N 766 12.71 77.56 -137.01
N VAL N 767 12.69 76.75 -135.94
CA VAL N 767 11.43 76.32 -135.34
C VAL N 767 11.27 76.90 -133.94
N GLY N 768 12.17 76.55 -133.03
CA GLY N 768 12.08 76.97 -131.65
C GLY N 768 12.15 75.83 -130.68
N PRO N 769 11.44 75.95 -129.56
CA PRO N 769 11.45 74.86 -128.56
C PRO N 769 10.87 73.58 -129.13
N ASP N 770 11.49 72.46 -128.75
CA ASP N 770 11.11 71.14 -129.26
C ASP N 770 11.04 70.16 -128.10
N TRP N 771 10.05 69.26 -128.16
CA TRP N 771 9.89 68.15 -127.22
C TRP N 771 9.75 68.71 -125.81
N LYS N 772 10.64 68.38 -124.88
CA LYS N 772 10.52 68.79 -123.48
C LYS N 772 10.52 70.32 -123.35
N LYS N 773 11.36 70.99 -124.13
CA LYS N 773 11.42 72.44 -124.08
C LYS N 773 10.09 73.06 -124.51
N ARG N 774 9.47 72.50 -125.55
CA ARG N 774 8.20 73.05 -126.05
C ARG N 774 7.06 72.75 -125.09
N TRP N 775 7.00 71.53 -124.56
CA TRP N 775 5.89 71.11 -123.70
C TRP N 775 6.11 71.45 -122.23
N LEU N 776 7.23 72.07 -121.87
CA LEU N 776 7.45 72.46 -120.49
C LEU N 776 6.41 73.49 -120.05
N TYR N 777 6.13 74.48 -120.90
CA TYR N 777 5.13 75.49 -120.56
C TYR N 777 3.72 74.91 -120.68
N TRP N 778 3.48 74.12 -121.72
CA TRP N 778 2.21 73.44 -122.02
C TRP N 778 1.11 74.42 -122.40
N LYS N 779 1.36 75.72 -122.38
CA LYS N 779 0.36 76.72 -122.75
C LYS N 779 0.83 77.67 -123.83
N ASN N 780 2.08 77.58 -124.27
CA ASN N 780 2.62 78.45 -125.31
C ASN N 780 2.69 77.68 -126.62
N ARG N 781 1.88 78.08 -127.59
CA ARG N 781 1.85 77.44 -128.89
C ARG N 781 1.74 78.49 -129.98
N THR N 782 2.44 78.26 -131.09
CA THR N 782 2.42 79.15 -132.23
C THR N 782 2.12 78.34 -133.48
N GLN N 783 1.30 78.91 -134.38
CA GLN N 783 0.93 78.20 -135.59
C GLN N 783 2.13 77.96 -136.49
N GLU N 784 3.07 78.91 -136.53
CA GLU N 784 4.25 78.75 -137.38
C GLU N 784 5.12 77.59 -136.93
N GLN N 785 5.41 77.51 -135.62
CA GLN N 785 6.18 76.41 -135.10
C GLN N 785 5.40 75.10 -135.09
N CYS N 786 4.07 75.16 -134.97
CA CYS N 786 3.26 73.95 -135.05
C CYS N 786 3.36 73.31 -136.44
N VAL N 787 3.35 74.14 -137.48
CA VAL N 787 3.49 73.63 -138.84
C VAL N 787 4.84 72.95 -139.01
N HIS N 788 5.91 73.58 -138.51
CA HIS N 788 7.24 72.99 -138.59
C HIS N 788 7.30 71.67 -137.82
N ASN N 789 6.69 71.62 -136.64
CA ASN N 789 6.68 70.40 -135.86
C ASN N 789 5.93 69.28 -136.59
N GLU N 790 4.80 69.61 -137.21
CA GLU N 790 4.05 68.60 -137.96
C GLU N 790 4.84 68.10 -139.16
N THR N 791 5.52 69.01 -139.86
CA THR N 791 6.36 68.60 -140.98
C THR N 791 7.50 67.70 -140.52
N LYS N 792 8.13 68.04 -139.39
CA LYS N 792 9.20 67.22 -138.84
C LYS N 792 8.69 65.83 -138.47
N ASN N 793 7.51 65.77 -137.84
CA ASN N 793 6.94 64.47 -137.47
C ASN N 793 6.62 63.65 -138.71
N GLU N 794 6.07 64.28 -139.75
CA GLU N 794 5.76 63.56 -140.98
C GLU N 794 7.02 63.02 -141.64
N LEU N 795 8.08 63.83 -141.68
CA LEU N 795 9.32 63.38 -142.27
C LEU N 795 9.96 62.26 -141.45
N GLU N 796 9.88 62.35 -140.12
CA GLU N 796 10.40 61.28 -139.28
C GLU N 796 9.64 59.99 -139.51
N LYS N 797 8.31 60.07 -139.64
CA LYS N 797 7.53 58.86 -139.93
C LYS N 797 7.87 58.30 -141.30
N MET N 798 8.09 59.17 -142.28
CA MET N 798 8.49 58.72 -143.61
C MET N 798 9.83 58.00 -143.57
N LEU N 799 10.79 58.54 -142.81
CA LEU N 799 12.08 57.87 -142.66
C LEU N 799 11.93 56.53 -141.93
N LYS N 800 11.06 56.47 -140.91
CA LYS N 800 10.82 55.21 -140.22
C LYS N 800 10.25 54.17 -141.16
N CYS N 801 9.31 54.58 -142.03
CA CYS N 801 8.76 53.66 -143.01
C CYS N 801 9.74 53.39 -144.15
N ASN N 802 10.47 54.40 -144.58
CA ASN N 802 11.42 54.29 -145.69
C ASN N 802 12.74 54.93 -145.26
N GLU N 803 13.68 54.09 -144.79
CA GLU N 803 14.95 54.61 -144.30
C GLU N 803 15.75 55.26 -145.42
N GLU N 804 15.76 54.67 -146.60
CA GLU N 804 16.54 55.17 -147.73
C GLU N 804 15.63 55.92 -148.68
N HIS N 805 16.00 57.17 -148.98
CA HIS N 805 15.23 58.02 -149.87
C HIS N 805 16.19 58.92 -150.65
N PRO N 806 15.94 59.16 -151.92
CA PRO N 806 16.80 60.08 -152.68
C PRO N 806 16.70 61.50 -152.14
N ALA N 807 17.80 62.25 -152.29
CA ALA N 807 17.84 63.62 -151.79
C ALA N 807 16.83 64.50 -152.50
N TYR N 808 16.71 64.36 -153.81
CA TYR N 808 15.75 65.15 -154.57
C TYR N 808 14.33 64.67 -154.30
N LEU N 809 13.37 65.58 -154.52
CA LEU N 809 11.96 65.30 -154.34
C LEU N 809 11.26 65.36 -155.68
N ALA N 810 10.58 64.27 -156.05
CA ALA N 810 9.83 64.23 -157.30
C ALA N 810 8.49 64.95 -157.13
N SER N 811 7.85 65.23 -158.27
CA SER N 811 6.60 65.97 -158.25
C SER N 811 5.50 65.20 -157.52
N ASP N 812 5.40 63.89 -157.78
CA ASP N 812 4.37 63.09 -157.13
C ASP N 812 4.59 63.01 -155.63
N GLU N 813 5.85 62.91 -155.19
CA GLU N 813 6.14 62.89 -153.76
C GLU N 813 5.72 64.20 -153.10
N ILE N 814 6.04 65.32 -153.73
CA ILE N 814 5.65 66.62 -153.18
C ILE N 814 4.14 66.75 -153.13
N THR N 815 3.44 66.31 -154.18
CA THR N 815 1.99 66.37 -154.20
C THR N 815 1.40 65.51 -153.08
N THR N 816 1.93 64.30 -152.89
CA THR N 816 1.44 63.43 -151.82
C THR N 816 1.67 64.05 -150.45
N VAL N 817 2.86 64.63 -150.24
CA VAL N 817 3.15 65.27 -148.95
C VAL N 817 2.21 66.44 -148.71
N ARG N 818 1.98 67.26 -149.73
CA ARG N 818 1.08 68.39 -149.59
C ARG N 818 -0.35 67.94 -149.30
N LYS N 819 -0.80 66.88 -149.97
CA LYS N 819 -2.14 66.36 -149.70
C LYS N 819 -2.26 65.82 -148.28
N ASN N 820 -1.22 65.11 -147.81
CA ASN N 820 -1.24 64.63 -146.44
C ASN N 820 -1.28 65.77 -145.44
N LEU N 821 -0.51 66.83 -145.70
CA LEU N 821 -0.54 68.00 -144.82
C LEU N 821 -1.90 68.68 -144.83
N GLU N 822 -2.50 68.83 -146.00
CA GLU N 822 -3.80 69.49 -146.12
C GLU N 822 -4.95 68.63 -145.66
N SER N 823 -4.74 67.32 -145.47
CA SER N 823 -5.80 66.47 -144.96
C SER N 823 -6.26 66.92 -143.57
N ARG N 824 -5.31 67.31 -142.71
CA ARG N 824 -5.63 67.82 -141.39
C ARG N 824 -5.79 69.34 -141.36
N GLY N 825 -5.62 70.01 -142.50
CA GLY N 825 -5.83 71.44 -142.57
C GLY N 825 -4.57 72.26 -142.43
N VAL N 826 -3.48 71.80 -143.04
CA VAL N 826 -2.19 72.49 -143.00
C VAL N 826 -1.73 72.71 -144.43
N GLU N 827 -1.50 73.97 -144.79
CA GLU N 827 -1.01 74.34 -146.11
C GLU N 827 0.41 74.91 -145.96
N VAL N 828 1.36 74.29 -146.65
CA VAL N 828 2.77 74.66 -146.55
C VAL N 828 3.30 74.91 -147.95
N ASP N 829 4.05 75.99 -148.11
CA ASP N 829 4.65 76.31 -149.41
C ASP N 829 5.70 75.25 -149.77
N PRO N 830 5.88 74.97 -151.06
CA PRO N 830 6.86 73.95 -151.46
C PRO N 830 8.28 74.28 -151.05
N SER N 831 8.66 75.56 -150.99
CA SER N 831 10.01 75.91 -150.59
C SER N 831 10.29 75.50 -149.15
N LEU N 832 9.35 75.76 -148.25
CA LEU N 832 9.52 75.36 -146.86
C LEU N 832 9.56 73.84 -146.73
N ILE N 833 8.74 73.13 -147.53
CA ILE N 833 8.75 71.67 -147.51
C ILE N 833 10.13 71.16 -147.93
N LYS N 834 10.69 71.74 -148.99
CA LYS N 834 12.00 71.32 -149.47
C LYS N 834 13.09 71.62 -148.43
N ASP N 835 13.01 72.79 -147.79
CA ASP N 835 14.00 73.13 -146.77
C ASP N 835 13.93 72.18 -145.59
N THR N 836 12.71 71.87 -145.13
CA THR N 836 12.56 70.94 -144.01
C THR N 836 13.04 69.55 -144.40
N TRP N 837 12.76 69.11 -145.63
CA TRP N 837 13.25 67.82 -146.09
C TRP N 837 14.77 67.78 -146.13
N HIS N 838 15.39 68.87 -146.60
CA HIS N 838 16.84 68.92 -146.63
C HIS N 838 17.43 68.85 -145.22
N GLN N 839 16.84 69.59 -144.29
CA GLN N 839 17.33 69.57 -142.91
C GLN N 839 17.17 68.19 -142.28
N VAL N 840 16.02 67.53 -142.52
CA VAL N 840 15.79 66.21 -141.97
C VAL N 840 16.75 65.19 -142.61
N TYR N 841 17.01 65.34 -143.90
CA TYR N 841 17.97 64.47 -144.59
C TYR N 841 19.36 64.62 -144.01
N ARG N 842 19.77 65.87 -143.76
CA ARG N 842 21.07 66.13 -143.15
C ARG N 842 21.14 65.53 -141.75
N ARG N 843 20.08 65.68 -140.96
CA ARG N 843 20.06 65.12 -139.61
C ARG N 843 20.15 63.60 -139.65
N HIS N 844 19.42 62.98 -140.57
CA HIS N 844 19.44 61.52 -140.70
C HIS N 844 20.83 61.02 -141.06
N PHE N 845 21.49 61.71 -142.00
CA PHE N 845 22.84 61.29 -142.36
C PHE N 845 23.86 61.60 -141.26
N LEU N 846 23.62 62.64 -140.46
CA LEU N 846 24.48 62.87 -139.29
C LEU N 846 24.34 61.73 -138.28
N LYS N 847 23.10 61.28 -138.04
CA LYS N 847 22.89 60.15 -137.15
C LYS N 847 23.54 58.88 -137.71
N THR N 848 23.41 58.68 -139.03
CA THR N 848 24.04 57.52 -139.66
C THR N 848 25.56 57.58 -139.52
N ALA N 849 26.15 58.77 -139.69
CA ALA N 849 27.59 58.92 -139.51
C ALA N 849 27.99 58.65 -138.07
N LEU N 850 27.18 59.10 -137.11
CA LEU N 850 27.47 58.81 -135.71
C LEU N 850 27.45 57.32 -135.43
N ASN N 851 26.45 56.61 -135.98
CA ASN N 851 26.39 55.16 -135.83
C ASN N 851 27.59 54.49 -136.49
N HIS N 852 28.01 54.99 -137.65
CA HIS N 852 29.18 54.43 -138.32
C HIS N 852 30.44 54.65 -137.49
N CYS N 853 30.56 55.81 -136.84
CA CYS N 853 31.68 56.06 -135.95
C CYS N 853 31.66 55.11 -134.76
N ASN N 854 30.47 54.89 -134.19
CA ASN N 854 30.36 53.96 -133.07
C ASN N 854 30.78 52.55 -133.49
N LEU N 855 30.37 52.13 -134.69
CA LEU N 855 30.79 50.82 -135.19
C LEU N 855 32.29 50.76 -135.43
N CYS N 856 32.86 51.80 -136.04
CA CYS N 856 34.29 51.82 -136.33
C CYS N 856 35.13 51.91 -135.07
N ARG N 857 34.55 52.36 -133.96
CA ARG N 857 35.29 52.38 -132.70
C ARG N 857 35.71 50.99 -132.25
N ARG N 858 34.99 49.97 -132.72
CA ARG N 858 35.32 48.55 -132.34
C ARG N 858 35.72 47.78 -133.60
N GLY N 859 35.46 48.35 -134.78
CA GLY N 859 35.76 47.69 -136.04
C GLY N 859 37.21 47.77 -136.49
N PHE N 860 38.14 48.15 -135.62
CA PHE N 860 39.55 48.18 -136.00
C PHE N 860 40.08 46.80 -136.35
N TYR N 861 39.53 45.74 -135.76
CA TYR N 861 39.94 44.39 -136.14
C TYR N 861 39.64 44.10 -137.60
N TYR N 862 38.43 44.47 -138.06
CA TYR N 862 38.10 44.32 -139.47
C TYR N 862 38.93 45.25 -140.33
N TYR N 863 39.12 46.49 -139.87
CA TYR N 863 39.83 47.48 -140.68
C TYR N 863 41.29 47.09 -140.92
N GLN N 864 41.97 46.60 -139.87
CA GLN N 864 43.39 46.32 -140.00
C GLN N 864 43.66 45.18 -140.98
N ARG N 865 42.85 44.13 -140.95
CA ARG N 865 43.08 42.96 -141.78
C ARG N 865 42.34 43.01 -143.11
N HIS N 866 41.28 43.80 -143.21
CA HIS N 866 40.50 43.94 -144.45
C HIS N 866 39.99 42.58 -144.93
N PHE N 867 39.12 41.99 -144.12
CA PHE N 867 38.55 40.69 -144.45
C PHE N 867 37.68 40.77 -145.70
N VAL N 868 37.60 39.65 -146.41
CA VAL N 868 36.80 39.59 -147.64
C VAL N 868 35.34 39.83 -147.32
N ASP N 869 34.83 39.16 -146.29
CA ASP N 869 33.44 39.35 -145.84
C ASP N 869 33.35 40.40 -144.75
N SER N 870 33.88 41.59 -145.03
CA SER N 870 33.88 42.67 -144.05
C SER N 870 32.47 43.22 -143.87
N GLU N 871 32.04 43.34 -142.62
CA GLU N 871 30.74 43.89 -142.29
C GLU N 871 30.78 45.40 -142.03
N LEU N 872 31.95 46.02 -142.18
CA LEU N 872 32.10 47.44 -141.91
C LEU N 872 33.26 47.98 -142.73
N GLU N 873 33.02 49.08 -143.45
CA GLU N 873 34.04 49.72 -144.28
C GLU N 873 34.29 51.11 -143.70
N CYS N 874 35.34 51.24 -142.91
CA CYS N 874 35.70 52.51 -142.29
C CYS N 874 36.61 53.28 -143.24
N ASN N 875 36.05 54.26 -143.94
CA ASN N 875 36.81 55.11 -144.85
C ASN N 875 36.82 56.57 -144.46
N ASP N 876 35.78 57.05 -143.76
CA ASP N 876 35.76 58.44 -143.32
C ASP N 876 36.88 58.74 -142.35
N VAL N 877 37.18 57.78 -141.45
CA VAL N 877 38.27 57.97 -140.50
C VAL N 877 39.59 58.15 -141.23
N VAL N 878 39.85 57.28 -142.21
CA VAL N 878 41.09 57.36 -142.97
C VAL N 878 41.16 58.67 -143.74
N LEU N 879 40.05 59.08 -144.36
CA LEU N 879 40.04 60.33 -145.11
C LEU N 879 40.31 61.52 -144.20
N PHE N 880 39.69 61.55 -143.03
CA PHE N 880 39.91 62.65 -142.09
C PHE N 880 41.34 62.67 -141.59
N TRP N 881 41.92 61.49 -141.33
CA TRP N 881 43.32 61.44 -140.92
C TRP N 881 44.25 61.94 -142.02
N ARG N 882 43.96 61.57 -143.28
CA ARG N 882 44.75 62.08 -144.39
C ARG N 882 44.65 63.58 -144.50
N ILE N 883 43.43 64.13 -144.35
CA ILE N 883 43.25 65.57 -144.39
C ILE N 883 44.02 66.24 -143.26
N GLN N 884 43.98 65.66 -142.07
CA GLN N 884 44.68 66.24 -140.93
C GLN N 884 46.18 66.26 -141.14
N ARG N 885 46.75 65.15 -141.64
CA ARG N 885 48.19 65.11 -141.84
C ARG N 885 48.61 66.04 -142.98
N MET N 886 47.80 66.12 -144.04
CA MET N 886 48.12 67.05 -145.12
C MET N 886 48.07 68.49 -144.63
N LEU N 887 47.08 68.83 -143.80
CA LEU N 887 47.00 70.17 -143.22
C LEU N 887 48.20 70.46 -142.33
N ALA N 888 48.63 69.47 -141.54
CA ALA N 888 49.80 69.66 -140.70
C ALA N 888 51.05 69.90 -141.53
N ILE N 889 51.22 69.14 -142.61
CA ILE N 889 52.38 69.33 -143.49
C ILE N 889 52.34 70.71 -144.13
N THR N 890 51.15 71.13 -144.60
CA THR N 890 51.02 72.44 -145.21
C THR N 890 51.31 73.55 -144.21
N ALA N 891 50.83 73.41 -142.97
CA ALA N 891 51.11 74.41 -141.95
C ALA N 891 52.59 74.48 -141.62
N ASN N 892 53.26 73.32 -141.53
CA ASN N 892 54.69 73.32 -141.27
C ASN N 892 55.46 73.99 -142.40
N THR N 893 55.09 73.69 -143.65
CA THR N 893 55.75 74.32 -144.78
C THR N 893 55.52 75.83 -144.79
N LEU N 894 54.29 76.26 -144.48
CA LEU N 894 53.98 77.68 -144.43
C LEU N 894 54.81 78.38 -143.35
N ARG N 895 54.88 77.75 -142.17
CA ARG N 895 55.68 78.32 -141.05
C ARG N 895 57.14 78.45 -141.50
N GLN N 896 57.71 77.37 -142.06
CA GLN N 896 59.13 77.39 -142.50
C GLN N 896 59.32 78.54 -143.49
N GLN N 897 58.52 78.59 -144.55
CA GLN N 897 58.70 79.63 -145.57
C GLN N 897 58.54 81.02 -144.98
N LEU N 898 57.59 81.18 -144.05
CA LEU N 898 57.42 82.48 -143.39
C LEU N 898 58.67 82.87 -142.64
N THR N 899 59.18 81.97 -141.78
CA THR N 899 60.40 82.24 -141.04
C THR N 899 61.58 82.52 -141.98
N ASN N 900 61.61 81.86 -143.13
CA ASN N 900 62.73 82.05 -144.05
C ASN N 900 62.68 83.43 -144.72
N THR N 901 61.50 83.84 -145.19
CA THR N 901 61.41 85.02 -146.06
C THR N 901 60.63 86.17 -145.45
N GLU N 902 59.42 85.91 -144.93
CA GLU N 902 58.54 87.00 -144.54
C GLU N 902 59.02 87.68 -143.27
N VAL N 903 59.67 86.95 -142.37
CA VAL N 903 60.23 87.57 -141.17
C VAL N 903 61.30 88.59 -141.56
N ARG N 904 62.18 88.20 -142.48
CA ARG N 904 63.22 89.12 -142.96
C ARG N 904 62.60 90.29 -143.70
N ARG N 905 61.55 90.05 -144.50
CA ARG N 905 60.90 91.14 -145.21
C ARG N 905 60.27 92.13 -144.23
N LEU N 906 59.60 91.63 -143.19
CA LEU N 906 59.00 92.50 -142.19
C LEU N 906 60.06 93.27 -141.42
N GLU N 907 61.18 92.62 -141.11
CA GLU N 907 62.28 93.31 -140.44
C GLU N 907 62.82 94.43 -141.32
N LYS N 908 62.98 94.18 -142.61
CA LYS N 908 63.45 95.21 -143.52
C LYS N 908 62.47 96.37 -143.61
N ASN N 909 61.18 96.07 -143.70
CA ASN N 909 60.16 97.13 -143.74
C ASN N 909 60.18 97.96 -142.45
N VAL N 910 60.30 97.30 -141.30
CA VAL N 910 60.35 98.01 -140.03
C VAL N 910 61.59 98.90 -139.96
N LYS N 911 62.73 98.39 -140.42
CA LYS N 911 63.95 99.19 -140.43
C LYS N 911 63.80 100.41 -141.35
N GLU N 912 63.20 100.22 -142.53
CA GLU N 912 62.99 101.34 -143.44
C GLU N 912 62.07 102.39 -142.82
N VAL N 913 60.98 101.94 -142.18
CA VAL N 913 60.06 102.87 -141.55
C VAL N 913 60.74 103.63 -140.42
N LEU N 914 61.53 102.94 -139.61
CA LEU N 914 62.23 103.60 -138.52
C LEU N 914 63.24 104.61 -139.04
N GLU N 915 63.97 104.26 -140.10
CA GLU N 915 64.93 105.20 -140.68
C GLU N 915 64.22 106.43 -141.25
N ASP N 916 63.08 106.22 -141.92
CA ASP N 916 62.32 107.34 -142.45
C ASP N 916 61.82 108.25 -141.33
N PHE N 917 61.35 107.66 -140.23
CA PHE N 917 60.89 108.46 -139.11
C PHE N 917 62.04 109.22 -138.46
N ALA N 918 63.20 108.57 -138.32
CA ALA N 918 64.35 109.23 -137.70
C ALA N 918 64.86 110.38 -138.57
N GLU N 919 64.88 110.20 -139.88
CA GLU N 919 65.36 111.23 -140.80
C GLU N 919 64.34 112.34 -141.04
N ASP N 920 63.22 112.35 -140.31
CA ASP N 920 62.19 113.37 -140.45
C ASP N 920 61.68 113.71 -139.05
N GLY N 921 62.23 114.77 -138.46
CA GLY N 921 61.77 115.22 -137.16
C GLY N 921 60.42 115.88 -137.18
N GLU N 922 60.00 116.41 -138.34
CA GLU N 922 58.67 117.00 -138.45
C GLU N 922 57.59 115.94 -138.23
N LYS N 923 57.80 114.74 -138.76
CA LYS N 923 56.86 113.65 -138.52
C LYS N 923 56.79 113.31 -137.03
N LYS N 924 57.94 113.30 -136.35
CA LYS N 924 57.95 113.03 -134.92
C LYS N 924 57.18 114.12 -134.16
N ILE N 925 57.37 115.37 -134.55
CA ILE N 925 56.64 116.47 -133.89
C ILE N 925 55.14 116.32 -134.13
N LYS N 926 54.75 115.99 -135.36
CA LYS N 926 53.33 115.86 -135.68
C LYS N 926 52.70 114.70 -134.92
N LEU N 927 53.42 113.58 -134.79
CA LEU N 927 52.86 112.40 -134.15
C LEU N 927 53.02 112.43 -132.64
N LEU N 928 54.24 112.64 -132.14
CA LEU N 928 54.50 112.64 -130.70
C LEU N 928 54.03 113.98 -130.12
N THR N 929 52.71 114.06 -129.91
CA THR N 929 52.08 115.24 -129.33
C THR N 929 51.59 114.98 -127.91
N GLY N 930 52.17 113.98 -127.24
CA GLY N 930 51.77 113.66 -125.88
C GLY N 930 52.21 114.73 -124.89
N LYS N 931 51.57 114.69 -123.72
CA LYS N 931 51.89 115.66 -122.68
C LYS N 931 53.34 115.54 -122.23
N ARG N 932 53.83 114.31 -122.06
CA ARG N 932 55.21 114.12 -121.63
C ARG N 932 56.20 114.66 -122.65
N VAL N 933 55.94 114.41 -123.94
CA VAL N 933 56.85 114.87 -124.99
C VAL N 933 56.90 116.39 -125.02
N GLN N 934 55.72 117.02 -124.95
CA GLN N 934 55.67 118.49 -124.98
C GLN N 934 56.33 119.08 -123.75
N LEU N 935 56.11 118.50 -122.57
CA LEU N 935 56.74 119.00 -121.36
C LEU N 935 58.25 118.87 -121.43
N ALA N 936 58.75 117.72 -121.92
CA ALA N 936 60.19 117.54 -122.04
C ALA N 936 60.80 118.52 -123.04
N GLU N 937 60.11 118.75 -124.16
CA GLU N 937 60.60 119.71 -125.14
C GLU N 937 60.63 121.11 -124.56
N ASP N 938 59.59 121.51 -123.83
CA ASP N 938 59.57 122.83 -123.22
C ASP N 938 60.68 122.97 -122.19
N LEU N 939 60.91 121.94 -121.38
CA LEU N 939 61.97 121.99 -120.38
C LEU N 939 63.34 122.11 -121.04
N LYS N 940 63.57 121.34 -122.11
CA LYS N 940 64.84 121.42 -122.82
C LYS N 940 65.04 122.79 -123.44
N LYS N 941 63.99 123.36 -124.04
CA LYS N 941 64.10 124.69 -124.63
C LYS N 941 64.38 125.75 -123.58
N VAL N 942 63.72 125.64 -122.42
CA VAL N 942 63.95 126.60 -121.34
C VAL N 942 65.38 126.48 -120.83
N ARG N 943 65.88 125.25 -120.67
CA ARG N 943 67.26 125.06 -120.23
C ARG N 943 68.25 125.64 -121.23
N GLU N 944 68.01 125.42 -122.53
CA GLU N 944 68.89 125.97 -123.55
C GLU N 944 68.86 127.50 -123.53
N ILE N 945 67.68 128.09 -123.38
CA ILE N 945 67.56 129.54 -123.34
C ILE N 945 68.30 130.10 -122.13
N GLN N 946 68.15 129.44 -120.98
CA GLN N 946 68.84 129.90 -119.77
C GLN N 946 70.35 129.77 -119.92
N GLU N 947 70.82 128.70 -120.54
CA GLU N 947 72.26 128.55 -120.77
C GLU N 947 72.78 129.63 -121.71
N LYS N 948 72.04 129.94 -122.76
CA LYS N 948 72.44 131.00 -123.67
C LYS N 948 72.47 132.35 -122.97
N LEU N 949 71.48 132.61 -122.11
CA LEU N 949 71.46 133.87 -121.36
C LEU N 949 72.62 133.95 -120.37
N ASP N 950 72.96 132.83 -119.74
CA ASP N 950 74.12 132.80 -118.84
C ASP N 950 75.40 133.07 -119.61
N ALA N 951 75.53 132.49 -120.80
CA ALA N 951 76.70 132.76 -121.64
C ALA N 951 76.76 134.23 -122.03
N PHE N 952 75.61 134.82 -122.37
CA PHE N 952 75.56 136.24 -122.68
C PHE N 952 75.99 137.09 -121.49
N ILE N 953 75.51 136.75 -120.29
CA ILE N 953 75.87 137.50 -119.10
C ILE N 953 77.37 137.39 -118.82
N GLU N 954 77.92 136.18 -118.97
CA GLU N 954 79.36 136.00 -118.76
C GLU N 954 80.18 136.79 -119.78
N ALA N 955 79.76 136.77 -121.05
CA ALA N 955 80.47 137.54 -122.07
C ALA N 955 80.40 139.03 -121.80
N LEU N 956 79.23 139.52 -121.38
CA LEU N 956 79.09 140.94 -121.07
C LEU N 956 79.96 141.32 -119.88
N HIS N 957 80.02 140.48 -118.86
CA HIS N 957 80.86 140.77 -117.70
C HIS N 957 82.34 140.76 -118.07
N GLN N 958 82.76 139.79 -118.91
CA GLN N 958 84.16 139.74 -119.32
C GLN N 958 84.54 140.93 -120.19
N GLU N 959 83.67 141.33 -121.12
CA GLU N 959 83.98 142.46 -121.99
C GLU N 959 84.08 143.76 -121.20
N LYS N 960 83.19 143.93 -120.22
CA LYS N 960 83.22 145.15 -119.36
C LYS N 960 84.09 144.87 -118.13
N SER O 263 52.72 13.79 -208.55
CA SER O 263 51.69 12.88 -208.04
C SER O 263 52.21 12.08 -206.85
N LEU O 264 52.26 10.76 -207.02
CA LEU O 264 52.76 9.90 -205.93
C LEU O 264 54.23 10.16 -205.64
N ILE O 265 55.03 10.37 -206.70
CA ILE O 265 56.47 10.58 -206.50
C ILE O 265 56.73 11.90 -205.79
N ASP O 266 55.96 12.95 -206.14
CA ASP O 266 56.14 14.24 -205.47
C ASP O 266 55.78 14.15 -204.00
N MET O 267 54.68 13.47 -203.68
CA MET O 267 54.28 13.32 -202.28
C MET O 267 55.28 12.47 -201.51
N TYR O 268 55.83 11.43 -202.15
CA TYR O 268 56.85 10.62 -201.50
C TYR O 268 58.12 11.44 -201.23
N SER O 269 58.50 12.29 -202.19
CA SER O 269 59.65 13.16 -201.98
C SER O 269 59.41 14.14 -200.85
N GLU O 270 58.19 14.69 -200.77
CA GLU O 270 57.85 15.60 -199.67
C GLU O 270 57.90 14.86 -198.33
N VAL O 271 57.41 13.62 -198.28
CA VAL O 271 57.47 12.84 -197.06
C VAL O 271 58.92 12.58 -196.65
N LEU O 272 59.77 12.24 -197.63
CA LEU O 272 61.18 12.02 -197.33
C LEU O 272 61.84 13.31 -196.82
N ASP O 273 61.49 14.45 -197.42
CA ASP O 273 62.03 15.73 -196.95
C ASP O 273 61.60 16.02 -195.52
N VAL O 274 60.33 15.74 -195.20
CA VAL O 274 59.84 15.94 -193.84
C VAL O 274 60.58 15.03 -192.87
N LEU O 275 60.79 13.78 -193.25
CA LEU O 275 61.52 12.85 -192.40
C LEU O 275 62.96 13.32 -192.18
N SER O 276 63.60 13.83 -193.22
CA SER O 276 64.97 14.34 -193.09
C SER O 276 65.01 15.56 -192.18
N ASP O 277 64.04 16.46 -192.32
CA ASP O 277 63.97 17.65 -191.48
C ASP O 277 63.49 17.36 -190.07
N TYR O 278 62.99 16.15 -189.81
CA TYR O 278 62.54 15.80 -188.46
C TYR O 278 63.67 15.87 -187.45
N ASP O 279 64.85 15.35 -187.82
CA ASP O 279 65.99 15.38 -186.92
C ASP O 279 67.26 15.24 -187.75
N ALA O 280 68.37 15.74 -187.19
CA ALA O 280 69.65 15.62 -187.86
C ALA O 280 70.24 14.22 -187.76
N SER O 281 69.75 13.42 -186.82
CA SER O 281 70.22 12.05 -186.66
C SER O 281 69.45 11.14 -187.63
N TYR O 282 69.60 9.82 -187.46
CA TYR O 282 68.95 8.84 -188.32
C TYR O 282 68.20 7.86 -187.42
N ASN O 283 66.95 8.20 -187.10
CA ASN O 283 66.08 7.36 -186.30
C ASN O 283 64.88 6.84 -187.09
N THR O 284 64.10 7.73 -187.69
CA THR O 284 62.98 7.37 -188.54
C THR O 284 63.28 7.49 -190.03
N GLN O 285 64.45 8.04 -190.38
CA GLN O 285 64.81 8.19 -191.78
C GLN O 285 65.22 6.88 -192.43
N ASP O 286 65.52 5.85 -191.64
CA ASP O 286 65.93 4.56 -192.15
C ASP O 286 64.76 3.61 -192.36
N HIS O 287 63.53 4.08 -192.16
CA HIS O 287 62.36 3.23 -192.36
C HIS O 287 62.01 3.12 -193.85
N LEU O 288 61.74 4.25 -194.49
CA LEU O 288 61.42 4.24 -195.91
C LEU O 288 62.68 3.99 -196.73
N PRO O 289 62.58 3.20 -197.81
CA PRO O 289 63.74 2.96 -198.66
C PRO O 289 64.23 4.24 -199.31
N ARG O 290 65.56 4.34 -199.45
CA ARG O 290 66.18 5.51 -200.07
C ARG O 290 67.33 5.03 -200.95
N VAL O 291 67.22 5.28 -202.25
CA VAL O 291 68.28 4.90 -203.19
C VAL O 291 69.42 5.89 -203.04
N VAL O 292 70.56 5.43 -202.52
CA VAL O 292 71.72 6.26 -202.24
C VAL O 292 72.83 5.88 -203.21
N VAL O 293 73.40 6.87 -203.88
CA VAL O 293 74.50 6.66 -204.82
C VAL O 293 75.80 7.08 -204.13
N VAL O 294 76.69 6.12 -203.92
CA VAL O 294 77.96 6.35 -203.24
C VAL O 294 79.08 5.93 -204.19
N GLY O 295 80.07 6.81 -204.35
CA GLY O 295 81.20 6.52 -205.20
C GLY O 295 82.53 6.83 -204.54
N ASP O 296 83.60 6.85 -205.33
CA ASP O 296 84.94 7.14 -204.84
C ASP O 296 85.36 8.54 -205.27
N GLN O 297 86.36 9.07 -204.57
CA GLN O 297 86.86 10.40 -204.88
C GLN O 297 87.62 10.39 -206.21
N SER O 298 87.30 11.36 -207.06
CA SER O 298 87.92 11.50 -208.38
C SER O 298 87.76 10.22 -209.21
N ALA O 299 86.61 9.58 -209.08
CA ALA O 299 86.31 8.35 -209.80
C ALA O 299 85.38 8.58 -210.99
N GLY O 300 85.13 9.82 -211.36
CA GLY O 300 84.25 10.10 -212.48
C GLY O 300 82.78 9.92 -212.21
N LYS O 301 82.38 9.81 -210.94
CA LYS O 301 80.97 9.62 -210.61
C LYS O 301 80.14 10.84 -210.97
N THR O 302 80.76 12.03 -211.03
CA THR O 302 80.04 13.24 -211.39
C THR O 302 79.49 13.15 -212.82
N SER O 303 80.30 12.65 -213.75
CA SER O 303 79.84 12.52 -215.13
C SER O 303 78.70 11.52 -215.23
N VAL O 304 78.78 10.41 -214.50
CA VAL O 304 77.71 9.42 -214.54
C VAL O 304 76.42 10.00 -213.95
N LEU O 305 76.53 10.74 -212.84
CA LEU O 305 75.36 11.36 -212.24
C LEU O 305 74.75 12.39 -213.19
N GLU O 306 75.58 13.17 -213.87
CA GLU O 306 75.07 14.14 -214.84
C GLU O 306 74.37 13.44 -216.00
N MET O 307 74.93 12.34 -216.48
CA MET O 307 74.30 11.59 -217.56
C MET O 307 72.99 10.94 -217.12
N ILE O 308 72.88 10.57 -215.85
CA ILE O 308 71.63 10.01 -215.34
C ILE O 308 70.51 11.04 -215.45
N ALA O 309 70.78 12.28 -215.05
CA ALA O 309 69.81 13.36 -215.18
C ALA O 309 69.82 14.02 -216.55
N GLN O 310 70.72 13.60 -217.44
CA GLN O 310 70.84 14.15 -218.79
C GLN O 310 71.12 15.65 -218.78
N ALA O 311 71.81 16.12 -217.75
CA ALA O 311 72.15 17.53 -217.64
C ALA O 311 73.33 17.68 -216.69
N ARG O 312 74.17 18.69 -216.97
CA ARG O 312 75.32 18.98 -216.12
C ARG O 312 74.88 19.90 -214.99
N ILE O 313 74.57 19.31 -213.84
CA ILE O 313 74.12 20.08 -212.69
C ILE O 313 75.09 20.03 -211.51
N PHE O 314 75.99 19.05 -211.46
CA PHE O 314 76.96 18.97 -210.36
C PHE O 314 78.24 19.68 -210.76
N PRO O 315 78.68 20.68 -210.00
CA PRO O 315 79.93 21.38 -210.35
C PRO O 315 81.13 20.44 -210.29
N ARG O 316 82.07 20.66 -211.19
CA ARG O 316 83.27 19.83 -211.29
C ARG O 316 84.32 20.29 -210.27
N GLY O 317 85.10 19.34 -209.78
CA GLY O 317 86.15 19.63 -208.83
C GLY O 317 87.48 19.04 -209.21
N SER O 318 88.52 19.88 -209.24
CA SER O 318 89.87 19.43 -209.60
C SER O 318 90.57 18.92 -208.34
N GLY O 319 90.20 17.72 -207.92
CA GLY O 319 90.75 17.08 -206.75
C GLY O 319 90.05 17.40 -205.45
N GLU O 320 89.63 18.65 -205.27
CA GLU O 320 88.94 19.04 -204.06
C GLU O 320 87.56 18.41 -204.00
N MET O 321 87.13 18.07 -202.77
CA MET O 321 85.83 17.45 -202.55
C MET O 321 84.78 18.55 -202.49
N MET O 322 84.20 18.86 -203.65
CA MET O 322 83.18 19.90 -203.71
C MET O 322 81.93 19.50 -202.95
N THR O 323 81.51 18.23 -203.06
CA THR O 323 80.32 17.74 -202.38
C THR O 323 80.67 17.41 -200.93
N ARG O 324 80.22 18.26 -200.01
CA ARG O 324 80.48 18.06 -198.59
C ARG O 324 79.20 17.82 -197.79
N SER O 325 78.04 17.88 -198.43
CA SER O 325 76.76 17.66 -197.76
C SER O 325 75.92 16.71 -198.60
N PRO O 326 75.04 15.94 -197.96
CA PRO O 326 74.17 15.04 -198.73
C PRO O 326 73.27 15.81 -199.67
N VAL O 327 73.08 15.27 -200.88
CA VAL O 327 72.26 15.89 -201.91
C VAL O 327 71.18 14.90 -202.32
N LYS O 328 69.93 15.36 -202.30
CA LYS O 328 68.78 14.53 -202.68
C LYS O 328 68.35 14.91 -204.09
N VAL O 329 68.31 13.93 -204.98
CA VAL O 329 67.88 14.12 -206.36
C VAL O 329 66.61 13.29 -206.56
N THR O 330 65.49 13.97 -206.80
CA THR O 330 64.21 13.31 -207.02
C THR O 330 63.92 13.33 -208.51
N LEU O 331 63.89 12.13 -209.11
CA LEU O 331 63.60 12.00 -210.54
C LEU O 331 62.10 11.92 -210.74
N SER O 332 61.57 12.80 -211.59
CA SER O 332 60.14 12.83 -211.89
C SER O 332 59.94 13.49 -213.24
N GLU O 333 58.68 13.62 -213.65
CA GLU O 333 58.31 14.23 -214.91
C GLU O 333 57.36 15.39 -214.66
N GLY O 334 57.64 16.53 -215.26
CA GLY O 334 56.81 17.70 -215.11
C GLY O 334 56.51 18.38 -216.43
N PRO O 335 55.85 19.54 -216.37
CA PRO O 335 55.56 20.27 -217.61
C PRO O 335 56.80 20.68 -218.39
N HIS O 336 57.90 20.98 -217.70
CA HIS O 336 59.14 21.39 -218.34
C HIS O 336 60.31 20.66 -217.70
N HIS O 337 61.39 20.52 -218.47
CA HIS O 337 62.60 19.84 -218.00
C HIS O 337 63.43 20.83 -217.18
N VAL O 338 62.92 21.16 -216.00
CA VAL O 338 63.54 22.11 -215.10
C VAL O 338 63.76 21.44 -213.75
N ALA O 339 64.51 22.11 -212.89
CA ALA O 339 64.79 21.64 -211.54
C ALA O 339 64.30 22.67 -210.52
N LEU O 340 63.60 22.20 -209.50
CA LEU O 340 63.04 23.06 -208.48
C LEU O 340 63.37 22.49 -207.11
N PHE O 341 63.81 23.37 -206.20
CA PHE O 341 64.10 22.95 -204.83
C PHE O 341 62.83 22.94 -203.99
N LYS O 342 62.95 22.33 -202.81
CA LYS O 342 61.81 22.29 -201.89
C LYS O 342 61.45 23.67 -201.38
N ASP O 343 62.46 24.49 -201.04
CA ASP O 343 62.25 25.81 -200.49
C ASP O 343 62.58 26.93 -201.48
N SER O 344 62.46 26.65 -202.78
CA SER O 344 62.73 27.62 -203.81
C SER O 344 61.57 27.67 -204.80
N SER O 345 61.45 28.81 -205.48
CA SER O 345 60.41 29.00 -206.47
C SER O 345 60.92 29.20 -207.88
N ARG O 346 62.24 29.32 -208.08
CA ARG O 346 62.82 29.50 -209.40
C ARG O 346 63.06 28.15 -210.05
N GLU O 347 62.54 27.98 -211.26
CA GLU O 347 62.70 26.72 -212.01
C GLU O 347 64.00 26.79 -212.79
N PHE O 348 65.02 26.08 -212.30
CA PHE O 348 66.32 26.05 -212.97
C PHE O 348 66.24 25.09 -214.15
N ASP O 349 66.25 25.64 -215.36
CA ASP O 349 66.20 24.82 -216.56
C ASP O 349 67.47 23.99 -216.71
N LEU O 350 67.30 22.78 -217.24
CA LEU O 350 68.40 21.85 -217.43
C LEU O 350 68.95 21.86 -218.86
N THR O 351 68.52 22.81 -219.69
CA THR O 351 68.95 22.90 -221.08
C THR O 351 69.84 24.10 -221.34
N LYS O 352 69.40 25.30 -220.96
CA LYS O 352 70.21 26.50 -221.20
C LYS O 352 71.45 26.49 -220.33
N GLU O 353 72.56 26.95 -220.91
CA GLU O 353 73.82 27.00 -220.18
C GLU O 353 73.76 27.97 -219.00
N GLU O 354 73.12 29.12 -219.19
CA GLU O 354 73.00 30.09 -218.11
C GLU O 354 72.20 29.53 -216.94
N ASP O 355 71.10 28.83 -217.23
CA ASP O 355 70.30 28.23 -216.16
C ASP O 355 71.08 27.15 -215.43
N LEU O 356 71.85 26.34 -216.18
CA LEU O 356 72.68 25.32 -215.54
C LEU O 356 73.73 25.96 -214.64
N ALA O 357 74.36 27.04 -215.10
CA ALA O 357 75.35 27.74 -214.28
C ALA O 357 74.71 28.31 -213.02
N ALA O 358 73.51 28.89 -213.15
CA ALA O 358 72.81 29.41 -211.98
C ALA O 358 72.46 28.30 -211.00
N LEU O 359 72.03 27.14 -211.51
CA LEU O 359 71.73 26.01 -210.65
C LEU O 359 72.97 25.52 -209.92
N ARG O 360 74.11 25.44 -210.63
CA ARG O 360 75.35 25.03 -209.99
C ARG O 360 75.78 26.02 -208.92
N HIS O 361 75.63 27.33 -209.21
CA HIS O 361 75.97 28.35 -208.21
C HIS O 361 75.08 28.23 -206.98
N GLU O 362 73.78 28.00 -207.19
CA GLU O 362 72.86 27.83 -206.06
C GLU O 362 73.23 26.60 -205.24
N ILE O 363 73.57 25.50 -205.91
CA ILE O 363 73.98 24.29 -205.20
C ILE O 363 75.24 24.53 -204.39
N GLU O 364 76.22 25.24 -204.97
CA GLU O 364 77.44 25.55 -204.25
C GLU O 364 77.16 26.45 -203.05
N LEU O 365 76.29 27.43 -203.22
CA LEU O 365 75.93 28.30 -202.09
C LEU O 365 75.24 27.53 -200.98
N ARG O 366 74.34 26.61 -201.34
CA ARG O 366 73.69 25.79 -200.33
C ARG O 366 74.68 24.88 -199.62
N MET O 367 75.64 24.32 -200.35
CA MET O 367 76.67 23.50 -199.72
C MET O 367 77.52 24.31 -198.76
N ARG O 368 77.90 25.53 -199.17
CA ARG O 368 78.71 26.38 -198.30
C ARG O 368 77.94 26.80 -197.06
N LYS O 369 76.65 27.10 -197.21
CA LYS O 369 75.84 27.52 -196.07
C LYS O 369 75.73 26.40 -195.02
N ASN O 370 75.52 25.17 -195.48
CA ASN O 370 75.40 24.04 -194.55
C ASN O 370 76.71 23.80 -193.81
N VAL O 371 77.84 23.86 -194.53
CA VAL O 371 79.13 23.60 -193.92
C VAL O 371 79.53 24.77 -193.03
N LYS O 372 79.88 24.48 -191.79
CA LYS O 372 80.29 25.53 -190.86
C LYS O 372 81.66 26.08 -191.24
N GLU O 373 81.92 27.31 -190.79
CA GLU O 373 83.18 28.00 -191.08
C GLU O 373 84.26 27.38 -190.20
N GLY O 374 84.88 26.32 -190.72
CA GLY O 374 85.92 25.61 -189.98
C GLY O 374 85.77 24.11 -190.06
N CYS O 375 84.57 23.65 -190.38
CA CYS O 375 84.29 22.23 -190.50
C CYS O 375 84.38 21.78 -191.96
N THR O 376 84.26 20.46 -192.15
CA THR O 376 84.34 19.87 -193.49
C THR O 376 83.04 19.17 -193.89
N VAL O 377 82.47 18.36 -193.01
CA VAL O 377 81.25 17.61 -193.30
C VAL O 377 80.14 18.17 -192.42
N SER O 378 79.00 18.50 -193.05
CA SER O 378 77.86 19.06 -192.34
C SER O 378 76.72 18.07 -192.35
N PRO O 379 76.08 17.82 -191.20
CA PRO O 379 74.94 16.88 -191.17
C PRO O 379 73.73 17.36 -191.95
N GLU O 380 73.64 18.66 -192.26
CA GLU O 380 72.49 19.18 -192.99
C GLU O 380 72.46 18.63 -194.41
N THR O 381 71.25 18.32 -194.89
CA THR O 381 71.05 17.76 -196.21
C THR O 381 70.44 18.80 -197.13
N ILE O 382 70.58 18.55 -198.44
CA ILE O 382 70.06 19.43 -199.48
C ILE O 382 69.05 18.64 -200.30
N SER O 383 67.85 19.20 -200.45
CA SER O 383 66.76 18.55 -201.18
C SER O 383 66.56 19.25 -202.52
N LEU O 384 66.52 18.47 -203.59
CA LEU O 384 66.31 18.98 -204.93
C LEU O 384 65.40 18.05 -205.70
N ASN O 385 64.42 18.62 -206.40
CA ASN O 385 63.47 17.86 -207.20
C ASN O 385 63.73 18.14 -208.68
N VAL O 386 63.85 17.07 -209.46
CA VAL O 386 64.13 17.15 -210.89
C VAL O 386 62.89 16.67 -211.65
N LYS O 387 62.41 17.50 -212.57
CA LYS O 387 61.24 17.18 -213.37
C LYS O 387 61.58 17.31 -214.86
N GLY O 388 60.87 16.55 -215.67
CA GLY O 388 61.06 16.57 -217.11
C GLY O 388 60.73 15.24 -217.76
N PRO O 389 60.38 15.28 -219.04
CA PRO O 389 60.06 14.04 -219.75
C PRO O 389 61.28 13.17 -219.94
N GLY O 390 61.03 11.86 -220.05
CA GLY O 390 62.09 10.89 -220.25
C GLY O 390 62.78 10.41 -218.99
N LEU O 391 62.37 10.89 -217.82
CA LEU O 391 62.95 10.47 -216.55
C LEU O 391 62.07 9.44 -215.87
N GLN O 392 62.65 8.76 -214.88
CA GLN O 392 61.96 7.76 -214.11
C GLN O 392 61.36 8.38 -212.85
N ARG O 393 60.80 7.55 -211.98
CA ARG O 393 60.20 7.99 -210.72
C ARG O 393 60.95 7.33 -209.57
N MET O 394 62.01 7.99 -209.13
CA MET O 394 62.83 7.48 -208.04
C MET O 394 63.56 8.65 -207.39
N VAL O 395 64.09 8.39 -206.19
CA VAL O 395 64.82 9.40 -205.42
C VAL O 395 66.27 8.95 -205.30
N LEU O 396 67.18 9.80 -205.72
CA LEU O 396 68.62 9.52 -205.67
C LEU O 396 69.28 10.39 -204.61
N VAL O 397 70.15 9.78 -203.81
CA VAL O 397 70.86 10.45 -202.74
C VAL O 397 72.35 10.45 -203.06
N ASP O 398 72.95 11.63 -203.01
CA ASP O 398 74.38 11.80 -203.31
C ASP O 398 75.14 12.02 -202.01
N LEU O 399 76.24 11.29 -201.83
CA LEU O 399 77.07 11.40 -200.65
C LEU O 399 78.52 11.59 -201.05
N PRO O 400 79.32 12.24 -200.19
CA PRO O 400 80.74 12.41 -200.50
C PRO O 400 81.46 11.07 -200.58
N GLY O 401 82.48 11.03 -201.44
CA GLY O 401 83.23 9.80 -201.62
C GLY O 401 84.01 9.39 -200.39
N VAL O 402 84.30 8.10 -200.31
CA VAL O 402 85.03 7.55 -199.17
C VAL O 402 86.51 7.87 -199.34
N ILE O 403 87.11 8.42 -198.29
CA ILE O 403 88.51 8.79 -198.29
C ILE O 403 89.26 7.89 -197.31
N ASN O 404 90.57 7.83 -197.49
CA ASN O 404 91.44 7.01 -196.65
C ASN O 404 92.42 7.84 -195.83
N THR O 405 93.11 8.79 -196.46
CA THR O 405 94.06 9.63 -195.75
C THR O 405 93.34 10.68 -194.91
N VAL O 406 94.06 11.25 -193.95
CA VAL O 406 93.54 12.28 -193.06
C VAL O 406 94.30 13.57 -193.31
N THR O 407 93.56 14.65 -193.56
CA THR O 407 94.17 15.94 -193.84
C THR O 407 94.51 16.64 -192.53
N SER O 408 95.76 17.10 -192.42
CA SER O 408 96.19 17.81 -191.22
C SER O 408 95.53 19.18 -191.10
N GLY O 409 95.21 19.81 -192.24
CA GLY O 409 94.59 21.10 -192.24
C GLY O 409 93.10 21.12 -192.02
N MET O 410 92.48 19.95 -191.84
CA MET O 410 91.05 19.83 -191.62
C MET O 410 90.80 19.07 -190.32
N ALA O 411 89.54 18.74 -190.07
CA ALA O 411 89.17 18.01 -188.86
C ALA O 411 89.74 16.59 -188.91
N PRO O 412 90.45 16.15 -187.88
CA PRO O 412 91.00 14.78 -187.90
C PRO O 412 89.93 13.70 -187.91
N ASP O 413 88.70 14.01 -187.48
CA ASP O 413 87.62 13.04 -187.44
C ASP O 413 86.72 13.11 -188.66
N THR O 414 87.18 13.75 -189.73
CA THR O 414 86.38 13.82 -190.95
C THR O 414 86.13 12.43 -191.54
N LYS O 415 87.17 11.60 -191.59
CA LYS O 415 87.00 10.25 -192.11
C LYS O 415 86.06 9.43 -191.24
N GLU O 416 86.19 9.56 -189.91
CA GLU O 416 85.28 8.85 -189.01
C GLU O 416 83.84 9.33 -189.19
N THR O 417 83.65 10.65 -189.36
CA THR O 417 82.30 11.16 -189.58
C THR O 417 81.72 10.64 -190.89
N ILE O 418 82.53 10.60 -191.95
CA ILE O 418 82.07 10.09 -193.23
C ILE O 418 81.69 8.61 -193.12
N PHE O 419 82.53 7.82 -192.41
CA PHE O 419 82.23 6.41 -192.23
C PHE O 419 80.95 6.22 -191.43
N SER O 420 80.74 7.02 -190.38
CA SER O 420 79.52 6.93 -189.60
C SER O 420 78.30 7.28 -190.42
N ILE O 421 78.40 8.33 -191.25
CA ILE O 421 77.29 8.72 -192.11
C ILE O 421 76.97 7.61 -193.10
N SER O 422 78.01 7.02 -193.70
CA SER O 422 77.80 5.91 -194.64
C SER O 422 77.14 4.72 -193.96
N LYS O 423 77.59 4.39 -192.75
CA LYS O 423 76.98 3.28 -192.01
C LYS O 423 75.52 3.56 -191.69
N ALA O 424 75.22 4.80 -191.26
CA ALA O 424 73.84 5.15 -190.96
C ALA O 424 72.96 5.08 -192.20
N TYR O 425 73.48 5.53 -193.35
CA TYR O 425 72.73 5.43 -194.60
C TYR O 425 72.50 3.98 -194.99
N MET O 426 73.51 3.13 -194.81
CA MET O 426 73.39 1.72 -195.14
C MET O 426 72.57 0.94 -194.13
N GLN O 427 72.25 1.53 -192.98
CA GLN O 427 71.44 0.84 -191.98
C GLN O 427 70.04 0.51 -192.50
N ASN O 428 69.58 1.21 -193.52
CA ASN O 428 68.28 0.91 -194.11
C ASN O 428 68.34 -0.44 -194.83
N PRO O 429 67.52 -1.42 -194.45
CA PRO O 429 67.57 -2.72 -195.14
C PRO O 429 67.15 -2.66 -196.60
N ASN O 430 66.41 -1.62 -197.00
CA ASN O 430 65.93 -1.49 -198.38
C ASN O 430 66.59 -0.34 -199.12
N ALA O 431 67.76 0.10 -198.67
CA ALA O 431 68.47 1.19 -199.32
C ALA O 431 69.22 0.65 -200.54
N ILE O 432 68.82 1.08 -201.72
CA ILE O 432 69.47 0.67 -202.96
C ILE O 432 70.74 1.47 -203.13
N ILE O 433 71.86 0.77 -203.33
CA ILE O 433 73.17 1.40 -203.48
C ILE O 433 73.59 1.28 -204.94
N LEU O 434 73.92 2.42 -205.55
CA LEU O 434 74.35 2.48 -206.95
C LEU O 434 75.85 2.74 -206.95
N CYS O 435 76.63 1.69 -207.21
CA CYS O 435 78.08 1.79 -207.24
C CYS O 435 78.55 2.30 -208.59
N ILE O 436 79.42 3.32 -208.56
CA ILE O 436 79.97 3.91 -209.76
C ILE O 436 81.49 3.77 -209.72
N GLN O 437 82.07 3.25 -210.78
CA GLN O 437 83.50 3.06 -210.90
C GLN O 437 84.04 3.88 -212.07
N ASP O 438 85.33 3.70 -212.37
CA ASP O 438 86.00 4.41 -213.43
C ASP O 438 86.72 3.42 -214.34
N GLY O 439 87.08 3.89 -215.53
CA GLY O 439 87.80 3.04 -216.47
C GLY O 439 89.16 2.62 -215.95
N SER O 440 89.85 3.53 -215.27
CA SER O 440 91.17 3.24 -214.72
C SER O 440 91.11 2.58 -213.36
N VAL O 441 89.93 2.40 -212.79
CA VAL O 441 89.76 1.80 -211.47
C VAL O 441 89.14 0.42 -211.65
N ASP O 442 89.79 -0.60 -211.10
CA ASP O 442 89.31 -1.96 -211.21
C ASP O 442 88.13 -2.19 -210.27
N ALA O 443 87.45 -3.31 -210.46
CA ALA O 443 86.31 -3.66 -209.62
C ALA O 443 86.73 -3.85 -208.17
N GLU O 444 87.85 -4.54 -207.95
CA GLU O 444 88.34 -4.76 -206.60
C GLU O 444 88.92 -3.49 -205.98
N ARG O 445 89.34 -2.53 -206.80
CA ARG O 445 89.89 -1.27 -206.29
C ARG O 445 88.81 -0.31 -205.81
N SER O 446 87.54 -0.60 -206.08
CA SER O 446 86.44 0.27 -205.67
C SER O 446 86.12 -0.01 -204.20
N ILE O 447 86.28 1.01 -203.35
CA ILE O 447 85.98 0.85 -201.93
C ILE O 447 84.50 0.65 -201.71
N VAL O 448 83.66 1.35 -202.49
CA VAL O 448 82.22 1.23 -202.34
C VAL O 448 81.76 -0.19 -202.66
N THR O 449 82.30 -0.77 -203.73
CA THR O 449 81.92 -2.14 -204.11
C THR O 449 82.32 -3.13 -203.03
N ASP O 450 83.53 -2.99 -202.49
CA ASP O 450 83.98 -3.88 -201.42
C ASP O 450 83.12 -3.74 -200.18
N LEU O 451 82.76 -2.50 -199.82
CA LEU O 451 81.91 -2.28 -198.66
C LEU O 451 80.53 -2.90 -198.86
N VAL O 452 79.96 -2.75 -200.06
CA VAL O 452 78.67 -3.33 -200.36
C VAL O 452 78.74 -4.86 -200.28
N SER O 453 79.80 -5.44 -200.83
CA SER O 453 79.95 -6.89 -200.78
C SER O 453 80.09 -7.38 -199.34
N GLN O 454 80.86 -6.66 -198.51
CA GLN O 454 81.00 -7.05 -197.12
C GLN O 454 79.69 -6.94 -196.37
N MET O 455 78.94 -5.86 -196.59
CA MET O 455 77.67 -5.67 -195.90
C MET O 455 76.56 -6.55 -196.47
N ASP O 456 76.58 -6.80 -197.78
CA ASP O 456 75.55 -7.61 -198.45
C ASP O 456 76.25 -8.69 -199.27
N PRO O 457 76.68 -9.77 -198.63
CA PRO O 457 77.32 -10.87 -199.38
C PRO O 457 76.41 -11.48 -200.42
N HIS O 458 75.10 -11.58 -200.15
CA HIS O 458 74.18 -12.17 -201.12
C HIS O 458 73.97 -11.23 -202.31
N GLY O 459 73.78 -9.95 -202.05
CA GLY O 459 73.56 -8.99 -203.12
C GLY O 459 72.29 -9.21 -203.90
N ARG O 460 71.22 -9.60 -203.21
CA ARG O 460 69.93 -9.83 -203.86
C ARG O 460 69.20 -8.55 -204.20
N ARG O 461 69.58 -7.41 -203.61
CA ARG O 461 68.94 -6.14 -203.89
C ARG O 461 69.88 -5.12 -204.52
N THR O 462 71.17 -5.40 -204.60
CA THR O 462 72.14 -4.49 -205.20
C THR O 462 72.49 -4.96 -206.61
N ILE O 463 72.40 -4.05 -207.57
CA ILE O 463 72.69 -4.35 -208.96
C ILE O 463 73.92 -3.55 -209.39
N PHE O 464 74.93 -4.26 -209.89
CA PHE O 464 76.16 -3.61 -210.31
C PHE O 464 76.00 -2.98 -211.69
N VAL O 465 76.44 -1.74 -211.83
CA VAL O 465 76.39 -1.00 -213.08
C VAL O 465 77.81 -0.61 -213.46
N LEU O 466 78.22 -0.94 -214.68
CA LEU O 466 79.56 -0.66 -215.18
C LEU O 466 79.51 0.60 -216.06
N THR O 467 80.34 1.58 -215.73
CA THR O 467 80.39 2.84 -216.44
C THR O 467 81.78 3.05 -217.04
N LYS O 468 81.82 3.83 -218.12
CA LYS O 468 83.07 4.14 -218.83
C LYS O 468 83.78 2.87 -219.28
N VAL O 469 83.05 2.05 -220.05
CA VAL O 469 83.62 0.79 -220.55
C VAL O 469 84.73 1.08 -221.57
N ASP O 470 84.54 2.10 -222.41
CA ASP O 470 85.53 2.41 -223.44
C ASP O 470 86.86 2.82 -222.82
N LEU O 471 86.82 3.62 -221.75
CA LEU O 471 88.05 4.04 -221.10
C LEU O 471 88.81 2.85 -220.52
N ALA O 472 88.08 1.93 -219.88
CA ALA O 472 88.73 0.73 -219.35
C ALA O 472 89.30 -0.13 -220.46
N GLU O 473 88.57 -0.26 -221.57
CA GLU O 473 89.04 -1.08 -222.69
C GLU O 473 90.31 -0.48 -223.30
N LYS O 474 90.35 0.85 -223.44
CA LYS O 474 91.52 1.49 -224.05
C LYS O 474 92.76 1.40 -223.17
N ASN O 475 92.61 1.07 -221.90
CA ASN O 475 93.74 0.95 -220.97
C ASN O 475 94.29 -0.47 -220.95
N VAL O 476 94.61 -0.99 -222.15
CA VAL O 476 95.13 -2.34 -222.40
C VAL O 476 94.61 -3.37 -221.39
N ALA O 477 93.30 -3.33 -221.12
CA ALA O 477 92.71 -4.26 -220.18
C ALA O 477 92.46 -5.61 -220.85
N SER O 478 92.28 -6.63 -220.02
CA SER O 478 92.02 -7.99 -220.52
C SER O 478 90.53 -8.14 -220.80
N PRO O 479 90.14 -8.49 -222.03
CA PRO O 479 88.71 -8.68 -222.31
C PRO O 479 88.06 -9.81 -221.52
N SER O 480 88.85 -10.78 -221.05
CA SER O 480 88.29 -11.87 -220.25
C SER O 480 87.71 -11.34 -218.94
N ARG O 481 88.41 -10.41 -218.30
CA ARG O 481 87.90 -9.83 -217.05
C ARG O 481 86.61 -9.07 -217.29
N ILE O 482 86.54 -8.30 -218.38
CA ILE O 482 85.32 -7.56 -218.70
C ILE O 482 84.16 -8.52 -218.97
N GLN O 483 84.43 -9.59 -219.71
CA GLN O 483 83.39 -10.58 -219.99
C GLN O 483 82.91 -11.24 -218.72
N GLN O 484 83.83 -11.59 -217.81
CA GLN O 484 83.44 -12.21 -216.55
C GLN O 484 82.61 -11.25 -215.70
N ILE O 485 83.00 -9.97 -215.67
CA ILE O 485 82.24 -8.99 -214.89
C ILE O 485 80.84 -8.81 -215.46
N ILE O 486 80.74 -8.71 -216.79
CA ILE O 486 79.43 -8.56 -217.42
C ILE O 486 78.57 -9.80 -217.22
N GLU O 487 79.16 -10.99 -217.41
CA GLU O 487 78.42 -12.23 -217.21
C GLU O 487 78.15 -12.52 -215.74
N GLY O 488 78.99 -12.01 -214.84
CA GLY O 488 78.80 -12.23 -213.42
C GLY O 488 79.47 -13.47 -212.89
N LYS O 489 80.67 -13.77 -213.40
CA LYS O 489 81.45 -14.92 -212.97
C LYS O 489 82.56 -14.56 -211.99
N LEU O 490 82.59 -13.31 -211.53
CA LEU O 490 83.62 -12.84 -210.61
C LEU O 490 83.07 -12.30 -209.30
N PHE O 491 81.94 -11.60 -209.35
CA PHE O 491 81.36 -11.03 -208.15
C PHE O 491 80.66 -12.12 -207.33
N PRO O 492 81.04 -12.32 -206.08
CA PRO O 492 80.36 -13.35 -205.27
C PRO O 492 78.88 -13.10 -205.08
N MET O 493 78.46 -11.83 -205.03
CA MET O 493 77.05 -11.52 -204.82
C MET O 493 76.21 -11.94 -206.02
N LYS O 494 74.98 -12.36 -205.74
CA LYS O 494 74.05 -12.80 -206.78
C LYS O 494 73.13 -11.63 -207.13
N ALA O 495 73.66 -10.72 -207.94
CA ALA O 495 72.88 -9.56 -208.37
C ALA O 495 71.81 -9.97 -209.37
N LEU O 496 70.77 -9.15 -209.46
CA LEU O 496 69.68 -9.42 -210.39
C LEU O 496 70.10 -9.29 -211.84
N GLY O 497 71.20 -8.59 -212.12
CA GLY O 497 71.67 -8.45 -213.48
C GLY O 497 72.91 -7.59 -213.51
N TYR O 498 73.53 -7.53 -214.69
CA TYR O 498 74.72 -6.73 -214.91
C TYR O 498 74.63 -6.06 -216.28
N PHE O 499 74.80 -4.74 -216.30
CA PHE O 499 74.74 -3.97 -217.53
C PHE O 499 75.95 -3.06 -217.63
N ALA O 500 76.51 -2.96 -218.82
CA ALA O 500 77.68 -2.13 -219.08
C ALA O 500 77.28 -0.97 -219.99
N VAL O 501 77.56 0.25 -219.54
CA VAL O 501 77.23 1.46 -220.28
C VAL O 501 78.45 2.36 -220.34
N VAL O 502 78.43 3.30 -221.28
CA VAL O 502 79.50 4.26 -221.48
C VAL O 502 78.95 5.65 -221.18
N THR O 503 79.59 6.36 -220.26
CA THR O 503 79.18 7.71 -219.85
C THR O 503 80.19 8.75 -220.31
N GLY O 504 80.77 8.56 -221.48
CA GLY O 504 81.74 9.49 -222.01
C GLY O 504 83.13 9.29 -221.41
N LYS O 505 84.03 10.21 -221.78
CA LYS O 505 85.40 10.16 -221.31
C LYS O 505 85.58 10.79 -219.93
N GLY O 506 84.52 11.37 -219.35
CA GLY O 506 84.62 11.98 -218.05
C GLY O 506 85.23 13.36 -218.02
N ASN O 507 85.46 13.97 -219.19
CA ASN O 507 86.06 15.29 -219.26
C ASN O 507 84.98 16.35 -219.01
N SER O 508 85.36 17.63 -219.13
CA SER O 508 84.45 18.75 -218.92
C SER O 508 84.27 19.57 -220.19
N SER O 509 84.38 18.92 -221.35
CA SER O 509 84.22 19.62 -222.63
C SER O 509 83.32 18.86 -223.59
N GLU O 510 82.57 17.87 -223.12
CA GLU O 510 81.67 17.09 -223.95
C GLU O 510 80.24 17.35 -223.50
N SER O 511 79.38 17.72 -224.44
CA SER O 511 77.98 17.99 -224.12
C SER O 511 77.24 16.69 -223.84
N ILE O 512 76.06 16.83 -223.22
CA ILE O 512 75.25 15.66 -222.89
C ILE O 512 74.80 14.95 -224.17
N GLU O 513 74.38 15.72 -225.17
CA GLU O 513 73.94 15.12 -226.43
C GLU O 513 75.08 14.38 -227.12
N ALA O 514 76.28 14.95 -227.10
CA ALA O 514 77.43 14.29 -227.73
C ALA O 514 77.75 12.98 -227.02
N ILE O 515 77.71 12.97 -225.68
CA ILE O 515 78.00 11.75 -224.94
C ILE O 515 76.92 10.70 -225.21
N ARG O 516 75.65 11.13 -225.27
CA ARG O 516 74.58 10.19 -225.57
C ARG O 516 74.74 9.59 -226.97
N GLU O 517 75.09 10.42 -227.95
CA GLU O 517 75.31 9.91 -229.30
C GLU O 517 76.48 8.95 -229.36
N TYR O 518 77.57 9.27 -228.64
CA TYR O 518 78.72 8.36 -228.60
C TYR O 518 78.34 7.03 -227.95
N GLU O 519 77.56 7.07 -226.88
CA GLU O 519 77.12 5.84 -226.22
C GLU O 519 76.24 5.02 -227.14
N GLU O 520 75.33 5.68 -227.86
CA GLU O 520 74.47 4.96 -228.80
C GLU O 520 75.30 4.32 -229.92
N GLU O 521 76.28 5.05 -230.45
CA GLU O 521 77.14 4.49 -231.49
C GLU O 521 77.93 3.31 -230.96
N PHE O 522 78.45 3.40 -229.74
CA PHE O 522 79.20 2.29 -229.15
C PHE O 522 78.30 1.07 -228.95
N PHE O 523 77.06 1.30 -228.50
CA PHE O 523 76.13 0.19 -228.33
C PHE O 523 75.79 -0.46 -229.67
N GLN O 524 75.59 0.35 -230.71
CA GLN O 524 75.27 -0.19 -232.03
C GLN O 524 76.45 -0.99 -232.59
N ASN O 525 77.66 -0.47 -232.45
CA ASN O 525 78.88 -1.12 -232.94
C ASN O 525 79.89 -1.16 -231.80
N SER O 526 80.05 -2.34 -231.20
CA SER O 526 80.97 -2.53 -230.09
C SER O 526 81.98 -3.62 -230.44
N LYS O 527 83.20 -3.45 -229.92
CA LYS O 527 84.27 -4.41 -230.16
C LYS O 527 84.08 -5.71 -229.38
N LEU O 528 83.18 -5.74 -228.40
CA LEU O 528 82.93 -6.94 -227.61
C LEU O 528 81.67 -7.67 -228.02
N LEU O 529 80.67 -6.97 -228.54
CA LEU O 529 79.43 -7.63 -228.96
C LEU O 529 79.65 -8.48 -230.21
N LYS O 530 80.59 -8.09 -231.07
CA LYS O 530 80.87 -8.84 -232.29
C LYS O 530 81.62 -10.13 -232.03
N THR O 531 82.15 -10.33 -230.82
CA THR O 531 82.88 -11.53 -230.47
C THR O 531 81.99 -12.64 -229.93
N SER O 532 80.67 -12.40 -229.84
CA SER O 532 79.71 -13.38 -229.33
C SER O 532 80.07 -13.85 -227.93
N MET O 533 80.54 -12.91 -227.11
CA MET O 533 80.91 -13.20 -225.73
C MET O 533 80.01 -12.50 -224.70
N LEU O 534 79.03 -11.73 -225.15
CA LEU O 534 78.13 -11.02 -224.26
C LEU O 534 76.69 -11.35 -224.62
N LYS O 535 75.85 -11.41 -223.59
CA LYS O 535 74.45 -11.74 -223.78
C LYS O 535 73.72 -10.62 -224.53
N ALA O 536 72.81 -11.02 -225.42
CA ALA O 536 72.10 -10.04 -226.23
C ALA O 536 71.04 -9.30 -225.42
N HIS O 537 70.52 -9.93 -224.36
CA HIS O 537 69.46 -9.33 -223.55
C HIS O 537 70.00 -8.42 -222.45
N GLN O 538 71.32 -8.29 -222.33
CA GLN O 538 71.94 -7.42 -221.34
C GLN O 538 72.39 -6.09 -221.92
N VAL O 539 71.64 -5.55 -222.88
CA VAL O 539 72.00 -4.29 -223.52
C VAL O 539 71.01 -3.22 -223.09
N THR O 540 71.31 -1.97 -223.44
CA THR O 540 70.49 -0.81 -223.10
C THR O 540 70.25 -0.70 -221.60
N THR O 541 69.29 0.13 -221.20
CA THR O 541 68.98 0.33 -219.79
C THR O 541 67.49 0.34 -219.49
N ARG O 542 66.62 0.14 -220.48
CA ARG O 542 65.18 0.24 -220.24
C ARG O 542 64.70 -0.87 -219.31
N ASN O 543 65.09 -2.11 -219.57
CA ASN O 543 64.66 -3.22 -218.74
C ASN O 543 65.20 -3.11 -217.32
N LEU O 544 66.47 -2.72 -217.19
CA LEU O 544 67.06 -2.54 -215.86
C LEU O 544 66.36 -1.43 -215.09
N SER O 545 66.07 -0.31 -215.76
CA SER O 545 65.37 0.78 -215.10
C SER O 545 63.97 0.37 -214.67
N LEU O 546 63.25 -0.36 -215.53
CA LEU O 546 61.91 -0.83 -215.17
C LEU O 546 61.96 -1.78 -213.97
N ALA O 547 62.92 -2.71 -213.98
CA ALA O 547 63.03 -3.64 -212.85
C ALA O 547 63.37 -2.91 -211.56
N VAL O 548 64.30 -1.95 -211.63
CA VAL O 548 64.67 -1.19 -210.44
C VAL O 548 63.48 -0.39 -209.93
N SER O 549 62.72 0.24 -210.83
CA SER O 549 61.55 1.01 -210.41
C SER O 549 60.50 0.11 -209.76
N ASP O 550 60.25 -1.07 -210.35
CA ASP O 550 59.27 -1.98 -209.77
C ASP O 550 59.71 -2.47 -208.40
N CYS O 551 60.99 -2.82 -208.25
CA CYS O 551 61.49 -3.27 -206.96
C CYS O 551 61.40 -2.16 -205.92
N PHE O 552 61.76 -0.93 -206.30
CA PHE O 552 61.66 0.19 -205.37
C PHE O 552 60.21 0.45 -204.97
N TRP O 553 59.28 0.38 -205.93
CA TRP O 553 57.89 0.61 -205.61
C TRP O 553 57.35 -0.46 -204.67
N LYS O 554 57.66 -1.74 -204.93
CA LYS O 554 57.15 -2.79 -204.05
C LYS O 554 57.76 -2.70 -202.66
N MET O 555 59.06 -2.40 -202.57
CA MET O 555 59.70 -2.31 -201.26
C MET O 555 59.20 -1.10 -200.47
N VAL O 556 58.95 0.03 -201.15
CA VAL O 556 58.43 1.19 -200.45
C VAL O 556 56.97 0.96 -200.04
N ARG O 557 56.21 0.22 -200.84
CA ARG O 557 54.85 -0.12 -200.45
C ARG O 557 54.85 -1.00 -199.20
N GLU O 558 55.72 -2.01 -199.17
CA GLU O 558 55.82 -2.85 -197.97
C GLU O 558 56.27 -2.03 -196.76
N SER O 559 57.25 -1.14 -196.96
CA SER O 559 57.75 -0.32 -195.86
C SER O 559 56.66 0.60 -195.32
N VAL O 560 55.88 1.24 -196.20
CA VAL O 560 54.83 2.14 -195.72
C VAL O 560 53.70 1.34 -195.07
N GLU O 561 53.42 0.13 -195.57
CA GLU O 561 52.41 -0.70 -194.92
C GLU O 561 52.83 -1.08 -193.51
N GLN O 562 54.10 -1.42 -193.31
CA GLN O 562 54.59 -1.70 -191.96
C GLN O 562 54.60 -0.45 -191.10
N GLN O 563 55.00 0.69 -191.67
CA GLN O 563 55.12 1.91 -190.88
C GLN O 563 53.76 2.48 -190.48
N ALA O 564 52.70 2.20 -191.26
CA ALA O 564 51.37 2.68 -190.89
C ALA O 564 50.98 2.21 -189.50
N ASP O 565 51.47 1.06 -189.06
CA ASP O 565 51.27 0.59 -187.70
C ASP O 565 52.48 0.84 -186.80
N SER O 566 53.69 0.82 -187.35
CA SER O 566 54.88 1.07 -186.53
C SER O 566 54.87 2.47 -185.93
N PHE O 567 54.52 3.49 -186.73
CA PHE O 567 54.49 4.85 -186.22
C PHE O 567 53.36 5.05 -185.22
N LYS O 568 52.21 4.41 -185.44
CA LYS O 568 51.13 4.46 -184.46
C LYS O 568 51.56 3.86 -183.14
N ALA O 569 52.24 2.71 -183.18
CA ALA O 569 52.74 2.09 -181.97
C ALA O 569 53.77 2.98 -181.28
N THR O 570 54.66 3.61 -182.06
CA THR O 570 55.66 4.50 -181.48
C THR O 570 55.00 5.70 -180.81
N ARG O 571 53.99 6.28 -181.45
CA ARG O 571 53.28 7.42 -180.86
C ARG O 571 52.58 7.00 -179.57
N PHE O 572 51.93 5.83 -179.58
CA PHE O 572 51.27 5.35 -178.37
C PHE O 572 52.27 5.13 -177.25
N ASN O 573 53.43 4.54 -177.55
CA ASN O 573 54.45 4.33 -176.54
C ASN O 573 54.98 5.64 -175.99
N LEU O 574 55.19 6.62 -176.86
CA LEU O 574 55.67 7.93 -176.40
C LEU O 574 54.64 8.61 -175.51
N GLU O 575 53.36 8.54 -175.88
CA GLU O 575 52.31 9.12 -175.05
C GLU O 575 52.24 8.43 -173.70
N THR O 576 52.34 7.09 -173.70
CA THR O 576 52.32 6.35 -172.43
C THR O 576 53.51 6.73 -171.56
N GLU O 577 54.69 6.87 -172.16
CA GLU O 577 55.87 7.26 -171.40
C GLU O 577 55.71 8.65 -170.81
N TRP O 578 55.18 9.59 -171.60
CA TRP O 578 54.98 10.95 -171.10
C TRP O 578 53.97 10.97 -169.96
N LYS O 579 52.88 10.20 -170.09
CA LYS O 579 51.88 10.14 -169.03
C LYS O 579 52.44 9.51 -167.77
N ASN O 580 53.24 8.44 -167.91
CA ASN O 580 53.77 7.75 -166.76
C ASN O 580 54.82 8.58 -166.04
N ASN O 581 55.71 9.24 -166.78
CA ASN O 581 56.72 10.07 -166.14
C ASN O 581 56.12 11.28 -165.45
N TYR O 582 55.02 11.80 -165.98
CA TYR O 582 54.35 12.98 -165.44
C TYR O 582 52.86 12.68 -165.26
N PRO O 583 52.51 11.92 -164.22
CA PRO O 583 51.08 11.60 -164.00
C PRO O 583 50.23 12.84 -163.75
N ARG O 584 50.79 13.87 -163.12
CA ARG O 584 50.03 15.08 -162.80
C ARG O 584 50.35 16.24 -163.74
N LEU O 585 51.15 16.01 -164.78
CA LEU O 585 51.51 17.04 -165.74
C LEU O 585 51.22 16.55 -167.14
N ARG O 586 50.54 17.37 -167.92
CA ARG O 586 50.20 17.04 -169.30
C ARG O 586 51.31 17.55 -170.23
N GLU O 587 51.05 17.54 -171.53
CA GLU O 587 52.05 17.98 -172.51
C GLU O 587 52.43 19.43 -172.26
N LEU O 588 53.74 19.70 -172.25
CA LEU O 588 54.28 21.03 -172.01
C LEU O 588 55.30 21.34 -173.11
N ASP O 589 54.82 21.93 -174.20
CA ASP O 589 55.68 22.29 -175.31
C ASP O 589 56.26 23.68 -175.09
N ARG O 590 56.99 24.19 -176.10
CA ARG O 590 57.65 25.48 -175.96
C ARG O 590 56.65 26.61 -175.79
N ASN O 591 55.57 26.60 -176.58
CA ASN O 591 54.61 27.69 -176.54
C ASN O 591 53.89 27.77 -175.20
N GLU O 592 53.36 26.64 -174.73
CA GLU O 592 52.63 26.63 -173.47
C GLU O 592 53.53 26.98 -172.30
N LEU O 593 54.76 26.44 -172.29
CA LEU O 593 55.69 26.75 -171.20
C LEU O 593 56.10 28.21 -171.22
N PHE O 594 56.33 28.77 -172.40
CA PHE O 594 56.66 30.19 -172.49
C PHE O 594 55.51 31.06 -172.01
N GLU O 595 54.28 30.71 -172.40
CA GLU O 595 53.12 31.47 -171.94
C GLU O 595 52.97 31.37 -170.42
N LYS O 596 53.19 30.18 -169.86
CA LYS O 596 53.11 30.01 -168.40
C LYS O 596 54.18 30.82 -167.70
N ALA O 597 55.40 30.85 -168.25
CA ALA O 597 56.46 31.65 -167.66
C ALA O 597 56.13 33.14 -167.72
N LYS O 598 55.57 33.59 -168.84
CA LYS O 598 55.15 34.99 -168.95
C LYS O 598 54.07 35.32 -167.93
N ASN O 599 53.10 34.43 -167.77
CA ASN O 599 52.03 34.66 -166.80
C ASN O 599 52.59 34.69 -165.38
N GLU O 600 53.53 33.80 -165.06
CA GLU O 600 54.15 33.79 -163.73
C GLU O 600 54.93 35.08 -163.50
N ILE O 601 55.64 35.56 -164.51
CA ILE O 601 56.37 36.82 -164.37
C ILE O 601 55.40 37.97 -164.13
N LEU O 602 54.29 37.99 -164.86
CA LEU O 602 53.29 39.04 -164.67
C LEU O 602 52.70 38.98 -163.26
N ASP O 603 52.41 37.78 -162.77
CA ASP O 603 51.88 37.63 -161.43
C ASP O 603 52.88 38.08 -160.37
N GLU O 604 54.15 37.76 -160.58
CA GLU O 604 55.19 38.21 -159.64
C GLU O 604 55.31 39.73 -159.64
N VAL O 605 55.24 40.35 -160.82
CA VAL O 605 55.29 41.80 -160.91
C VAL O 605 54.09 42.42 -160.21
N ILE O 606 52.91 41.83 -160.40
CA ILE O 606 51.71 42.33 -159.74
C ILE O 606 51.84 42.23 -158.22
N SER O 607 52.34 41.10 -157.73
CA SER O 607 52.54 40.93 -156.30
C SER O 607 53.56 41.94 -155.76
N LEU O 608 54.64 42.17 -156.51
CA LEU O 608 55.63 43.16 -156.12
C LEU O 608 55.01 44.55 -156.03
N SER O 609 54.18 44.90 -157.00
CA SER O 609 53.55 46.22 -156.99
C SER O 609 52.49 46.33 -155.90
N GLN O 610 51.93 45.20 -155.46
CA GLN O 610 50.86 45.20 -154.47
C GLN O 610 51.37 45.19 -153.03
N VAL O 611 52.69 45.14 -152.81
CA VAL O 611 53.22 45.16 -151.46
C VAL O 611 52.98 46.53 -150.84
N THR O 612 52.63 46.54 -149.56
CA THR O 612 52.34 47.78 -148.85
C THR O 612 53.59 48.68 -148.83
N PRO O 613 53.46 49.95 -149.20
CA PRO O 613 54.65 50.83 -149.21
C PRO O 613 55.28 51.01 -147.83
N LYS O 614 54.50 50.86 -146.75
CA LYS O 614 55.06 51.07 -145.41
C LYS O 614 56.14 50.04 -145.10
N HIS O 615 55.92 48.79 -145.48
CA HIS O 615 56.94 47.76 -145.27
C HIS O 615 58.21 48.07 -146.07
N TRP O 616 58.04 48.54 -147.30
CA TRP O 616 59.20 48.94 -148.10
C TRP O 616 59.96 50.07 -147.43
N GLU O 617 59.25 51.08 -146.92
CA GLU O 617 59.91 52.19 -146.26
C GLU O 617 60.66 51.73 -145.02
N GLU O 618 60.03 50.87 -144.22
CA GLU O 618 60.70 50.37 -143.01
C GLU O 618 61.95 49.57 -143.36
N ILE O 619 61.85 48.69 -144.36
CA ILE O 619 63.00 47.86 -144.75
C ILE O 619 64.12 48.73 -145.28
N LEU O 620 63.80 49.69 -146.14
CA LEU O 620 64.81 50.57 -146.70
C LEU O 620 65.47 51.40 -145.61
N GLN O 621 64.69 51.94 -144.68
CA GLN O 621 65.26 52.75 -143.60
C GLN O 621 66.19 51.90 -142.74
N GLN O 622 65.75 50.70 -142.37
CA GLN O 622 66.59 49.83 -141.53
C GLN O 622 67.88 49.45 -142.24
N SER O 623 67.78 49.06 -143.51
CA SER O 623 68.97 48.66 -144.26
C SER O 623 69.93 49.82 -144.42
N LEU O 624 69.41 51.00 -144.76
CA LEU O 624 70.27 52.17 -144.94
C LEU O 624 70.94 52.57 -143.62
N TRP O 625 70.19 52.53 -142.52
CA TRP O 625 70.78 52.87 -141.23
C TRP O 625 71.88 51.88 -140.84
N GLU O 626 71.62 50.58 -141.04
CA GLU O 626 72.65 49.58 -140.74
C GLU O 626 73.86 49.76 -141.63
N ARG O 627 73.66 50.19 -142.86
CA ARG O 627 74.79 50.36 -143.78
C ARG O 627 75.62 51.59 -143.42
N VAL O 628 74.98 52.69 -143.06
CA VAL O 628 75.69 53.95 -142.89
C VAL O 628 75.99 54.27 -141.43
N SER O 629 75.66 53.36 -140.50
CA SER O 629 76.00 53.61 -139.10
C SER O 629 77.49 53.77 -138.90
N THR O 630 78.28 52.86 -139.47
CA THR O 630 79.73 52.93 -139.33
C THR O 630 80.28 54.18 -140.01
N HIS O 631 79.77 54.51 -141.19
CA HIS O 631 80.23 55.70 -141.90
C HIS O 631 79.95 56.96 -141.09
N VAL O 632 78.73 57.06 -140.54
CA VAL O 632 78.38 58.22 -139.72
C VAL O 632 79.26 58.30 -138.48
N ILE O 633 79.49 57.17 -137.83
CA ILE O 633 80.33 57.17 -136.62
C ILE O 633 81.74 57.65 -136.95
N GLU O 634 82.35 57.04 -137.97
CA GLU O 634 83.73 57.36 -138.31
C GLU O 634 83.88 58.74 -138.96
N ASN O 635 82.80 59.34 -139.45
CA ASN O 635 82.87 60.68 -140.02
C ASN O 635 82.42 61.77 -139.07
N ILE O 636 81.81 61.42 -137.93
CA ILE O 636 81.35 62.42 -136.98
C ILE O 636 82.14 62.33 -135.68
N TYR O 637 82.08 61.17 -135.02
CA TYR O 637 82.69 61.07 -133.70
C TYR O 637 84.21 61.01 -133.77
N LEU O 638 84.77 60.43 -134.82
CA LEU O 638 86.23 60.35 -134.93
C LEU O 638 86.89 61.73 -134.99
N PRO O 639 86.43 62.69 -135.81
CA PRO O 639 87.04 64.02 -135.73
C PRO O 639 86.66 64.77 -134.48
N ALA O 640 85.40 64.72 -134.08
CA ALA O 640 84.92 65.41 -132.88
C ALA O 640 84.94 64.49 -131.67
N ALA O 641 86.14 63.99 -131.36
CA ALA O 641 86.31 63.06 -130.26
C ALA O 641 86.63 63.74 -128.94
N GLN O 642 86.85 65.06 -128.92
CA GLN O 642 87.19 65.77 -127.70
C GLN O 642 86.33 67.02 -127.49
N THR O 643 85.19 67.09 -128.16
CA THR O 643 84.30 68.24 -127.98
C THR O 643 83.67 68.20 -126.60
N MET O 644 83.58 69.38 -125.97
CA MET O 644 82.98 69.52 -124.64
C MET O 644 81.60 70.16 -124.70
N ASN O 645 81.45 71.24 -125.44
CA ASN O 645 80.16 71.91 -125.54
C ASN O 645 79.26 71.17 -126.53
N SER O 646 77.99 70.99 -126.15
CA SER O 646 77.05 70.31 -127.03
C SER O 646 76.75 71.12 -128.28
N GLY O 647 76.80 72.45 -128.18
CA GLY O 647 76.53 73.27 -129.36
C GLY O 647 77.55 73.09 -130.45
N THR O 648 78.84 73.03 -130.09
CA THR O 648 79.87 72.80 -131.09
C THR O 648 79.72 71.44 -131.74
N PHE O 649 79.39 70.41 -130.95
CA PHE O 649 79.16 69.08 -131.50
C PHE O 649 77.99 69.08 -132.46
N ASN O 650 76.90 69.75 -132.10
CA ASN O 650 75.73 69.83 -132.99
C ASN O 650 76.07 70.57 -134.28
N THR O 651 76.84 71.66 -134.18
CA THR O 651 77.26 72.39 -135.37
C THR O 651 78.11 71.53 -136.28
N THR O 652 79.06 70.78 -135.70
CA THR O 652 79.89 69.88 -136.50
C THR O 652 79.05 68.80 -137.15
N VAL O 653 78.07 68.26 -136.43
CA VAL O 653 77.19 67.23 -137.01
C VAL O 653 76.42 67.80 -138.19
N ASP O 654 75.88 69.02 -138.03
CA ASP O 654 75.14 69.64 -139.12
C ASP O 654 76.04 69.90 -140.33
N ILE O 655 77.27 70.36 -140.09
CA ILE O 655 78.20 70.62 -141.18
C ILE O 655 78.50 69.33 -141.92
N LYS O 656 78.77 68.25 -141.18
CA LYS O 656 79.08 66.97 -141.81
C LYS O 656 77.88 66.43 -142.59
N LEU O 657 76.68 66.57 -142.04
CA LEU O 657 75.49 66.10 -142.73
C LEU O 657 75.26 66.88 -144.02
N LYS O 658 75.44 68.21 -143.97
CA LYS O 658 75.28 69.02 -145.18
C LYS O 658 76.31 68.66 -146.22
N GLN O 659 77.56 68.45 -145.81
CA GLN O 659 78.61 68.07 -146.75
C GLN O 659 78.30 66.70 -147.38
N TRP O 660 77.84 65.75 -146.58
CA TRP O 660 77.49 64.44 -147.12
C TRP O 660 76.34 64.53 -148.10
N THR O 661 75.30 65.31 -147.76
CA THR O 661 74.16 65.47 -148.67
C THR O 661 74.61 66.10 -149.98
N ASP O 662 75.49 67.09 -149.90
CA ASP O 662 75.93 67.77 -151.13
C ASP O 662 76.82 66.87 -151.97
N LYS O 663 77.68 66.06 -151.34
CA LYS O 663 78.72 65.36 -152.09
C LYS O 663 78.20 64.08 -152.75
N GLN O 664 77.81 63.09 -151.94
CA GLN O 664 77.51 61.78 -152.49
C GLN O 664 76.34 61.06 -151.84
N LEU O 665 75.64 61.67 -150.89
CA LEU O 665 74.56 60.97 -150.21
C LEU O 665 73.44 60.53 -151.15
N PRO O 666 72.94 61.37 -152.07
CA PRO O 666 71.91 60.88 -153.00
C PRO O 666 72.38 59.69 -153.84
N ASN O 667 73.64 59.70 -154.26
CA ASN O 667 74.15 58.58 -155.04
C ASN O 667 74.18 57.30 -154.22
N LYS O 668 74.63 57.40 -152.95
CA LYS O 668 74.64 56.23 -152.09
C LYS O 668 73.23 55.72 -151.82
N ALA O 669 72.28 56.63 -151.61
CA ALA O 669 70.90 56.22 -151.40
C ALA O 669 70.33 55.52 -152.63
N VAL O 670 70.62 56.05 -153.82
CA VAL O 670 70.15 55.42 -155.05
C VAL O 670 70.75 54.04 -155.20
N GLU O 671 72.06 53.91 -154.94
CA GLU O 671 72.71 52.60 -155.04
C GLU O 671 72.12 51.61 -154.05
N VAL O 672 71.86 52.05 -152.81
CA VAL O 672 71.29 51.16 -151.81
C VAL O 672 69.89 50.72 -152.22
N ALA O 673 69.08 51.66 -152.71
CA ALA O 673 67.73 51.32 -153.15
C ALA O 673 67.77 50.33 -154.32
N TRP O 674 68.67 50.55 -155.28
CA TRP O 674 68.77 49.64 -156.41
C TRP O 674 69.22 48.25 -155.97
N GLU O 675 70.18 48.19 -155.05
CA GLU O 675 70.64 46.90 -154.54
C GLU O 675 69.54 46.17 -153.79
N THR O 676 68.75 46.89 -152.99
CA THR O 676 67.63 46.26 -152.29
C THR O 676 66.58 45.76 -153.27
N LEU O 677 66.29 46.53 -154.32
CA LEU O 677 65.34 46.08 -155.33
C LEU O 677 65.84 44.84 -156.05
N GLN O 678 67.15 44.80 -156.36
CA GLN O 678 67.72 43.62 -156.99
C GLN O 678 67.64 42.41 -156.08
N GLU O 679 67.91 42.60 -154.79
CA GLU O 679 67.82 41.49 -153.85
C GLU O 679 66.40 40.97 -153.73
N GLU O 680 65.42 41.87 -153.66
CA GLU O 680 64.02 41.44 -153.59
C GLU O 680 63.62 40.70 -154.86
N PHE O 681 64.03 41.21 -156.03
CA PHE O 681 63.70 40.54 -157.29
C PHE O 681 64.34 39.16 -157.36
N SER O 682 65.59 39.04 -156.92
CA SER O 682 66.26 37.74 -156.94
C SER O 682 65.59 36.76 -155.98
N ARG O 683 65.20 37.23 -154.79
CA ARG O 683 64.52 36.35 -153.85
C ARG O 683 63.17 35.90 -154.38
N PHE O 684 62.44 36.80 -155.03
CA PHE O 684 61.16 36.42 -155.62
C PHE O 684 61.35 35.43 -156.76
N MET O 685 62.37 35.62 -157.59
CA MET O 685 62.63 34.70 -158.69
C MET O 685 63.03 33.33 -158.18
N THR O 686 63.87 33.29 -157.14
CA THR O 686 64.33 32.02 -156.55
C THR O 686 63.68 31.90 -155.17
N GLU O 687 62.49 31.31 -155.15
CA GLU O 687 61.72 31.12 -153.93
C GLU O 687 61.35 29.65 -153.81
N PRO O 688 62.24 28.83 -153.27
CA PRO O 688 62.01 27.38 -153.20
C PRO O 688 61.04 26.98 -152.09
N LYS O 689 59.89 27.63 -152.06
CA LYS O 689 58.84 27.24 -151.11
C LYS O 689 58.31 25.86 -151.42
N GLY O 690 58.14 25.54 -152.70
CA GLY O 690 57.68 24.21 -153.07
C GLY O 690 58.72 23.15 -152.81
N LYS O 691 58.25 21.93 -152.58
CA LYS O 691 59.15 20.81 -152.29
C LYS O 691 59.93 20.36 -153.52
N GLU O 692 59.45 20.66 -154.72
CA GLU O 692 60.14 20.24 -155.93
C GLU O 692 61.11 21.32 -156.41
N HIS O 693 60.57 22.50 -156.71
CA HIS O 693 61.36 23.65 -157.17
C HIS O 693 62.27 23.26 -158.34
N ASP O 694 61.63 22.87 -159.43
CA ASP O 694 62.35 22.48 -160.64
C ASP O 694 63.25 23.60 -161.12
N ASP O 695 64.50 23.25 -161.44
CA ASP O 695 65.49 24.23 -161.85
C ASP O 695 65.38 24.65 -163.31
N ILE O 696 64.60 23.92 -164.12
CA ILE O 696 64.43 24.28 -165.52
C ILE O 696 63.81 25.66 -165.65
N PHE O 697 62.76 25.93 -164.86
CA PHE O 697 62.15 27.25 -164.86
C PHE O 697 63.03 28.25 -164.12
N ASP O 698 63.78 27.79 -163.12
CA ASP O 698 64.62 28.68 -162.33
C ASP O 698 65.73 29.29 -163.17
N LYS O 699 66.34 28.49 -164.06
CA LYS O 699 67.39 29.02 -164.91
C LYS O 699 66.85 30.11 -165.84
N LEU O 700 65.67 29.88 -166.43
CA LEU O 700 65.07 30.89 -167.29
C LEU O 700 64.72 32.15 -166.50
N LYS O 701 64.21 31.98 -165.27
CA LYS O 701 63.89 33.13 -164.45
C LYS O 701 65.13 33.94 -164.12
N GLU O 702 66.24 33.25 -163.79
CA GLU O 702 67.49 33.95 -163.50
C GLU O 702 68.02 34.67 -164.73
N ALA O 703 67.92 34.03 -165.90
CA ALA O 703 68.37 34.69 -167.13
C ALA O 703 67.55 35.93 -167.43
N VAL O 704 66.23 35.85 -167.25
CA VAL O 704 65.37 37.00 -167.47
C VAL O 704 65.69 38.11 -166.46
N LYS O 705 65.93 37.74 -165.21
CA LYS O 705 66.29 38.72 -164.19
C LYS O 705 67.60 39.43 -164.55
N GLU O 706 68.60 38.67 -164.99
CA GLU O 706 69.87 39.28 -165.38
C GLU O 706 69.70 40.20 -166.57
N GLU O 707 68.90 39.78 -167.56
CA GLU O 707 68.66 40.63 -168.73
C GLU O 707 67.95 41.92 -168.33
N SER O 708 66.96 41.82 -167.44
CA SER O 708 66.25 43.02 -166.99
C SER O 708 67.18 43.94 -166.20
N ILE O 709 68.04 43.36 -165.36
CA ILE O 709 68.98 44.18 -164.59
C ILE O 709 69.94 44.91 -165.52
N LYS O 710 70.46 44.21 -166.52
CA LYS O 710 71.39 44.82 -167.45
C LYS O 710 70.71 45.88 -168.32
N ARG O 711 69.44 45.66 -168.66
CA ARG O 711 68.70 46.59 -169.51
C ARG O 711 68.07 47.73 -168.73
N HIS O 712 68.07 47.67 -167.40
CA HIS O 712 67.44 48.71 -166.60
C HIS O 712 68.19 50.02 -166.74
N LYS O 713 67.43 51.13 -166.75
CA LYS O 713 67.98 52.47 -166.89
C LYS O 713 67.51 53.35 -165.73
N TRP O 714 68.25 54.42 -165.48
CA TRP O 714 67.93 55.36 -164.43
C TRP O 714 67.86 56.77 -164.99
N ASN O 715 67.05 57.62 -164.34
CA ASN O 715 66.83 58.99 -164.77
C ASN O 715 67.54 59.95 -163.82
N ASP O 716 68.31 60.88 -164.38
CA ASP O 716 69.01 61.85 -163.56
C ASP O 716 68.06 62.85 -162.91
N PHE O 717 66.89 63.07 -163.52
CA PHE O 717 65.89 63.94 -162.91
C PHE O 717 65.42 63.39 -161.57
N ALA O 718 65.25 62.06 -161.49
CA ALA O 718 64.91 61.44 -160.21
C ALA O 718 66.01 61.66 -159.18
N GLU O 719 67.28 61.56 -159.59
CA GLU O 719 68.38 61.81 -158.68
C GLU O 719 68.37 63.25 -158.18
N ASP O 720 68.13 64.20 -159.08
CA ASP O 720 68.08 65.61 -158.68
C ASP O 720 66.92 65.86 -157.72
N SER O 721 65.75 65.27 -157.99
CA SER O 721 64.62 65.41 -157.09
C SER O 721 64.91 64.81 -155.72
N LEU O 722 65.57 63.65 -155.70
CA LEU O 722 65.95 63.02 -154.44
C LEU O 722 66.91 63.91 -153.66
N ARG O 723 67.89 64.50 -154.35
CA ARG O 723 68.83 65.39 -153.69
C ARG O 723 68.11 66.60 -153.10
N VAL O 724 67.21 67.19 -153.87
CA VAL O 724 66.47 68.35 -153.40
C VAL O 724 65.63 68.01 -152.18
N ILE O 725 64.94 66.87 -152.22
CA ILE O 725 64.09 66.47 -151.10
C ILE O 725 64.93 66.14 -149.87
N GLN O 726 66.08 65.50 -150.08
CA GLN O 726 66.97 65.22 -148.95
C GLN O 726 67.47 66.50 -148.30
N HIS O 727 67.83 67.49 -149.12
CA HIS O 727 68.25 68.77 -148.56
C HIS O 727 67.10 69.48 -147.84
N ASN O 728 65.88 69.40 -148.39
CA ASN O 728 64.76 70.08 -147.77
C ASN O 728 64.23 69.37 -146.53
N ALA O 729 64.57 68.09 -146.36
CA ALA O 729 64.07 67.32 -145.22
C ALA O 729 64.75 67.71 -143.92
N LEU O 730 64.49 68.93 -143.45
CA LEU O 730 65.02 69.42 -142.18
C LEU O 730 63.90 70.08 -141.39
N GLU O 731 62.75 69.41 -141.31
CA GLU O 731 61.54 69.98 -140.73
C GLU O 731 61.55 69.96 -139.21
N ASP O 732 61.61 68.76 -138.61
CA ASP O 732 61.52 68.61 -137.17
C ASP O 732 62.91 68.50 -136.55
N ARG O 733 63.10 69.17 -135.42
CA ARG O 733 64.38 69.19 -134.72
C ARG O 733 64.28 68.95 -133.22
N SER O 734 63.08 68.80 -132.67
CA SER O 734 62.91 68.60 -131.24
C SER O 734 61.78 67.61 -130.98
N ILE O 735 61.82 66.99 -129.81
CA ILE O 735 60.82 66.02 -129.40
C ILE O 735 59.95 66.66 -128.33
N SER O 736 58.63 66.67 -128.56
CA SER O 736 57.67 67.18 -127.60
C SER O 736 56.73 66.10 -127.08
N ASP O 737 57.05 64.84 -127.34
CA ASP O 737 56.22 63.72 -126.93
C ASP O 737 57.02 62.80 -126.02
N LYS O 738 56.43 62.40 -124.89
CA LYS O 738 57.09 61.47 -123.99
C LYS O 738 57.28 60.11 -124.64
N GLN O 739 56.26 59.63 -125.37
CA GLN O 739 56.35 58.34 -126.03
C GLN O 739 57.43 58.35 -127.11
N GLN O 740 57.49 59.42 -127.91
CA GLN O 740 58.55 59.53 -128.92
C GLN O 740 59.93 59.59 -128.26
N TRP O 741 60.04 60.30 -127.14
CA TRP O 741 61.29 60.36 -126.42
C TRP O 741 61.72 58.97 -125.93
N ASP O 742 60.77 58.20 -125.39
CA ASP O 742 61.08 56.85 -124.94
C ASP O 742 61.47 55.95 -126.10
N ALA O 743 60.79 56.09 -127.25
CA ALA O 743 61.14 55.29 -128.42
C ALA O 743 62.55 55.62 -128.90
N ALA O 744 62.89 56.92 -128.94
CA ALA O 744 64.24 57.32 -129.33
C ALA O 744 65.28 56.79 -128.34
N ILE O 745 64.95 56.83 -127.04
CA ILE O 745 65.86 56.30 -126.03
C ILE O 745 66.08 54.81 -126.25
N TYR O 746 65.02 54.06 -126.53
CA TYR O 746 65.15 52.62 -126.76
C TYR O 746 65.97 52.32 -128.00
N PHE O 747 65.74 53.08 -129.08
CA PHE O 747 66.52 52.86 -130.30
C PHE O 747 67.99 53.18 -130.08
N MET O 748 68.28 54.28 -129.39
CA MET O 748 69.66 54.64 -129.08
C MET O 748 70.31 53.58 -128.18
N GLU O 749 69.56 53.06 -127.21
CA GLU O 749 70.08 52.01 -126.34
C GLU O 749 70.40 50.75 -127.14
N GLU O 750 69.52 50.38 -128.08
CA GLU O 750 69.79 49.22 -128.93
C GLU O 750 71.05 49.42 -129.76
N ALA O 751 71.19 50.60 -130.37
CA ALA O 751 72.37 50.88 -131.18
C ALA O 751 73.64 50.86 -130.34
N LEU O 752 73.59 51.45 -129.14
CA LEU O 752 74.77 51.47 -128.29
C LEU O 752 75.11 50.07 -127.77
N GLN O 753 74.10 49.24 -127.50
CA GLN O 753 74.36 47.87 -127.10
C GLN O 753 74.99 47.08 -128.23
N ALA O 754 74.53 47.30 -129.47
CA ALA O 754 75.16 46.64 -130.61
C ALA O 754 76.61 47.08 -130.76
N ARG O 755 76.87 48.37 -130.61
CA ARG O 755 78.24 48.87 -130.69
C ARG O 755 79.10 48.29 -129.57
N LEU O 756 78.55 48.19 -128.37
CA LEU O 756 79.28 47.60 -127.24
C LEU O 756 79.60 46.13 -127.51
N LYS O 757 78.65 45.38 -128.07
CA LYS O 757 78.91 43.99 -128.40
C LYS O 757 80.00 43.87 -129.46
N ASP O 758 79.96 44.74 -130.48
CA ASP O 758 81.01 44.72 -131.49
C ASP O 758 82.38 45.03 -130.87
N THR O 759 82.44 46.02 -129.97
CA THR O 759 83.69 46.35 -129.32
C THR O 759 84.18 45.20 -128.45
N GLU O 760 83.28 44.54 -127.74
CA GLU O 760 83.64 43.38 -126.94
C GLU O 760 84.19 42.26 -127.80
N ASN O 761 83.56 42.01 -128.95
CA ASN O 761 84.06 40.99 -129.86
C ASN O 761 85.46 41.35 -130.38
N ALA O 762 85.67 42.61 -130.74
CA ALA O 762 86.98 43.04 -131.19
C ALA O 762 88.04 42.88 -130.10
N ILE O 763 87.69 43.25 -128.87
CA ILE O 763 88.62 43.11 -127.75
C ILE O 763 88.95 41.64 -127.49
N GLU O 764 87.94 40.78 -127.54
CA GLU O 764 88.17 39.36 -127.33
C GLU O 764 89.04 38.77 -128.44
N ASN O 765 88.83 39.19 -129.68
CA ASN O 765 89.69 38.75 -130.77
C ASN O 765 91.13 39.22 -130.57
N MET O 766 91.30 40.47 -130.11
CA MET O 766 92.64 41.00 -129.89
C MET O 766 93.36 40.28 -128.75
N VAL O 767 92.64 39.95 -127.67
CA VAL O 767 93.26 39.44 -126.46
C VAL O 767 92.85 37.99 -126.22
N GLY O 768 91.57 37.74 -126.00
CA GLY O 768 91.08 36.42 -125.69
C GLY O 768 90.23 36.39 -124.43
N PRO O 769 90.29 35.29 -123.70
CA PRO O 769 89.51 35.19 -122.45
C PRO O 769 89.94 36.25 -121.45
N ASP O 770 88.95 36.80 -120.73
CA ASP O 770 89.16 37.87 -119.77
C ASP O 770 88.40 37.57 -118.49
N TRP O 771 89.01 37.91 -117.36
CA TRP O 771 88.39 37.82 -116.03
C TRP O 771 87.95 36.38 -115.77
N LYS O 772 86.66 36.10 -115.58
CA LYS O 772 86.18 34.76 -115.23
C LYS O 772 86.51 33.75 -116.32
N LYS O 773 86.37 34.16 -117.59
CA LYS O 773 86.69 33.25 -118.68
C LYS O 773 88.16 32.87 -118.68
N ARG O 774 89.04 33.84 -118.40
CA ARG O 774 90.48 33.55 -118.39
C ARG O 774 90.87 32.70 -117.19
N TRP O 775 90.33 33.02 -116.02
CA TRP O 775 90.72 32.33 -114.78
C TRP O 775 89.91 31.07 -114.52
N LEU O 776 88.97 30.73 -115.38
CA LEU O 776 88.20 29.49 -115.19
C LEU O 776 89.11 28.27 -115.26
N TYR O 777 90.01 28.25 -116.24
CA TYR O 777 90.95 27.13 -116.35
C TYR O 777 92.03 27.19 -115.28
N TRP O 778 92.54 28.40 -115.00
CA TRP O 778 93.55 28.70 -113.99
C TRP O 778 94.91 28.12 -114.35
N LYS O 779 95.04 27.38 -115.45
CA LYS O 779 96.31 26.79 -115.86
C LYS O 779 96.70 27.16 -117.29
N ASN O 780 95.86 27.88 -118.03
CA ASN O 780 96.16 28.28 -119.40
C ASN O 780 96.54 29.74 -119.41
N ARG O 781 97.80 30.03 -119.73
CA ARG O 781 98.30 31.39 -119.80
C ARG O 781 99.21 31.55 -121.00
N THR O 782 99.12 32.70 -121.65
CA THR O 782 99.93 33.03 -122.81
C THR O 782 100.60 34.38 -122.58
N GLN O 783 101.86 34.50 -122.99
CA GLN O 783 102.58 35.76 -122.78
C GLN O 783 101.97 36.90 -123.59
N GLU O 784 101.45 36.59 -124.79
CA GLU O 784 100.87 37.63 -125.62
C GLU O 784 99.61 38.22 -124.97
N GLN O 785 98.71 37.35 -124.50
CA GLN O 785 97.51 37.83 -123.82
C GLN O 785 97.82 38.40 -122.45
N CYS O 786 98.87 37.93 -121.78
CA CYS O 786 99.26 38.51 -120.50
C CYS O 786 99.70 39.96 -120.67
N VAL O 787 100.44 40.25 -121.74
CA VAL O 787 100.87 41.62 -122.01
C VAL O 787 99.66 42.52 -122.23
N HIS O 788 98.69 42.03 -123.02
CA HIS O 788 97.48 42.80 -123.26
C HIS O 788 96.69 43.03 -121.98
N ASN O 789 96.62 42.01 -121.13
CA ASN O 789 95.90 42.15 -119.85
C ASN O 789 96.60 43.17 -118.95
N GLU O 790 97.93 43.14 -118.91
CA GLU O 790 98.66 44.12 -118.11
C GLU O 790 98.46 45.53 -118.63
N THR O 791 98.48 45.70 -119.96
CA THR O 791 98.24 47.02 -120.55
C THR O 791 96.83 47.50 -120.23
N LYS O 792 95.85 46.60 -120.32
CA LYS O 792 94.47 46.96 -119.99
C LYS O 792 94.34 47.38 -118.54
N ASN O 793 94.98 46.64 -117.63
CA ASN O 793 94.95 47.00 -116.22
C ASN O 793 95.60 48.35 -115.96
N GLU O 794 96.74 48.60 -116.61
CA GLU O 794 97.43 49.88 -116.44
C GLU O 794 96.56 51.03 -116.94
N LEU O 795 95.92 50.85 -118.10
CA LEU O 795 95.06 51.90 -118.64
C LEU O 795 93.82 52.12 -117.76
N GLU O 796 93.27 51.04 -117.21
CA GLU O 796 92.14 51.18 -116.29
C GLU O 796 92.55 51.94 -115.03
N LYS O 797 93.72 51.64 -114.49
CA LYS O 797 94.21 52.37 -113.33
C LYS O 797 94.45 53.85 -113.66
N MET O 798 94.99 54.12 -114.85
CA MET O 798 95.19 55.50 -115.27
C MET O 798 93.86 56.25 -115.37
N LEU O 799 92.84 55.61 -115.93
CA LEU O 799 91.53 56.23 -116.00
C LEU O 799 90.94 56.43 -114.60
N LYS O 800 91.14 55.48 -113.70
CA LYS O 800 90.66 55.66 -112.33
C LYS O 800 91.34 56.84 -111.66
N CYS O 801 92.65 57.00 -111.88
CA CYS O 801 93.35 58.16 -111.33
C CYS O 801 93.03 59.43 -112.10
N ASN O 802 92.90 59.34 -113.42
CA ASN O 802 92.64 60.50 -114.28
C ASN O 802 91.50 60.13 -115.22
N GLU O 803 90.27 60.52 -114.86
CA GLU O 803 89.11 60.18 -115.67
C GLU O 803 89.16 60.83 -117.04
N GLU O 804 89.59 62.09 -117.10
CA GLU O 804 89.64 62.85 -118.35
C GLU O 804 91.06 62.86 -118.88
N HIS O 805 91.22 62.44 -120.14
CA HIS O 805 92.52 62.42 -120.78
C HIS O 805 92.35 62.69 -122.26
N PRO O 806 93.25 63.45 -122.88
CA PRO O 806 93.16 63.69 -124.32
C PRO O 806 93.34 62.41 -125.10
N ALA O 807 92.70 62.36 -126.28
CA ALA O 807 92.77 61.16 -127.12
C ALA O 807 94.19 60.90 -127.59
N TYR O 808 94.91 61.95 -127.98
CA TYR O 808 96.28 61.79 -128.44
C TYR O 808 97.20 61.51 -127.26
N LEU O 809 98.35 60.88 -127.57
CA LEU O 809 99.35 60.54 -126.57
C LEU O 809 100.61 61.34 -126.85
N ALA O 810 101.07 62.10 -125.85
CA ALA O 810 102.30 62.86 -125.99
C ALA O 810 103.51 61.96 -125.79
N SER O 811 104.67 62.49 -126.18
CA SER O 811 105.91 61.69 -126.11
C SER O 811 106.25 61.33 -124.68
N ASP O 812 106.12 62.28 -123.75
CA ASP O 812 106.45 62.01 -122.35
C ASP O 812 105.50 60.97 -121.75
N GLU O 813 104.21 61.03 -122.11
CA GLU O 813 103.26 60.04 -121.63
C GLU O 813 103.61 58.64 -122.12
N ILE O 814 103.96 58.53 -123.40
CA ILE O 814 104.35 57.23 -123.96
C ILE O 814 105.61 56.72 -123.28
N THR O 815 106.59 57.60 -123.06
CA THR O 815 107.82 57.19 -122.38
C THR O 815 107.54 56.71 -120.96
N THR O 816 106.67 57.43 -120.23
CA THR O 816 106.34 57.02 -118.88
C THR O 816 105.62 55.67 -118.86
N VAL O 817 104.68 55.46 -119.80
CA VAL O 817 103.97 54.19 -119.86
C VAL O 817 104.94 53.06 -120.19
N ARG O 818 105.85 53.28 -121.13
CA ARG O 818 106.83 52.25 -121.48
C ARG O 818 107.74 51.93 -120.31
N LYS O 819 108.16 52.96 -119.57
CA LYS O 819 109.01 52.73 -118.40
C LYS O 819 108.27 51.95 -117.33
N ASN O 820 106.99 52.27 -117.10
CA ASN O 820 106.19 51.53 -116.13
C ASN O 820 106.03 50.08 -116.55
N LEU O 821 105.82 49.84 -117.84
CA LEU O 821 105.70 48.47 -118.33
C LEU O 821 107.01 47.71 -118.18
N GLU O 822 108.13 48.35 -118.49
CA GLU O 822 109.43 47.69 -118.40
C GLU O 822 109.94 47.57 -116.99
N SER O 823 109.33 48.27 -116.02
CA SER O 823 109.73 48.12 -114.63
C SER O 823 109.54 46.68 -114.16
N ARG O 824 108.43 46.05 -114.54
CA ARG O 824 108.18 44.65 -114.21
C ARG O 824 108.69 43.68 -115.25
N GLY O 825 109.29 44.18 -116.33
CA GLY O 825 109.87 43.32 -117.34
C GLY O 825 108.97 43.05 -118.52
N VAL O 826 108.24 44.07 -118.98
CA VAL O 826 107.34 43.96 -120.12
C VAL O 826 107.72 45.03 -121.13
N GLU O 827 108.04 44.60 -122.35
CA GLU O 827 108.38 45.51 -123.44
C GLU O 827 107.29 45.42 -124.51
N VAL O 828 106.67 46.56 -124.81
CA VAL O 828 105.56 46.63 -125.74
C VAL O 828 105.87 47.68 -126.80
N ASP O 829 105.61 47.35 -128.07
CA ASP O 829 105.84 48.29 -129.14
C ASP O 829 104.87 49.47 -129.02
N PRO O 830 105.29 50.66 -129.45
CA PRO O 830 104.41 51.84 -129.34
C PRO O 830 103.11 51.70 -130.12
N SER O 831 103.11 50.98 -131.24
CA SER O 831 101.88 50.83 -132.02
C SER O 831 100.83 50.06 -131.22
N LEU O 832 101.23 48.97 -130.57
CA LEU O 832 100.30 48.22 -129.74
C LEU O 832 99.80 49.04 -128.56
N ILE O 833 100.69 49.85 -127.97
CA ILE O 833 100.29 50.72 -126.86
C ILE O 833 99.23 51.70 -127.33
N LYS O 834 99.44 52.31 -128.51
CA LYS O 834 98.47 53.26 -129.04
C LYS O 834 97.14 52.58 -129.36
N ASP O 835 97.20 51.37 -129.92
CA ASP O 835 95.96 50.66 -130.24
C ASP O 835 95.18 50.32 -128.98
N THR O 836 95.87 49.83 -127.95
CA THR O 836 95.22 49.51 -126.68
C THR O 836 94.64 50.77 -126.04
N TRP O 837 95.37 51.88 -126.11
CA TRP O 837 94.86 53.14 -125.56
C TRP O 837 93.61 53.59 -126.30
N HIS O 838 93.60 53.46 -127.64
CA HIS O 838 92.43 53.82 -128.41
C HIS O 838 91.23 52.96 -128.05
N GLN O 839 91.45 51.64 -127.90
CA GLN O 839 90.36 50.75 -127.53
C GLN O 839 89.82 51.07 -126.15
N VAL O 840 90.72 51.34 -125.19
CA VAL O 840 90.29 51.66 -123.83
C VAL O 840 89.54 53.00 -123.82
N TYR O 841 90.00 53.97 -124.61
CA TYR O 841 89.33 55.25 -124.72
C TYR O 841 87.92 55.08 -125.28
N ARG O 842 87.79 54.25 -126.32
CA ARG O 842 86.48 53.98 -126.89
C ARG O 842 85.56 53.30 -125.87
N ARG O 843 86.09 52.33 -125.12
CA ARG O 843 85.29 51.65 -124.11
C ARG O 843 84.85 52.62 -123.02
N HIS O 844 85.75 53.50 -122.59
CA HIS O 844 85.40 54.47 -121.55
C HIS O 844 84.30 55.41 -122.03
N PHE O 845 84.41 55.88 -123.27
CA PHE O 845 83.34 56.76 -123.78
C PHE O 845 82.05 56.00 -124.04
N LEU O 846 82.12 54.70 -124.37
CA LEU O 846 80.89 53.92 -124.46
C LEU O 846 80.21 53.80 -123.11
N LYS O 847 81.00 53.57 -122.05
CA LYS O 847 80.43 53.53 -120.70
C LYS O 847 79.86 54.88 -120.30
N THR O 848 80.55 55.96 -120.66
CA THR O 848 80.03 57.30 -120.37
C THR O 848 78.72 57.55 -121.10
N ALA O 849 78.64 57.13 -122.36
CA ALA O 849 77.40 57.27 -123.12
C ALA O 849 76.27 56.45 -122.50
N LEU O 850 76.58 55.25 -122.01
CA LEU O 850 75.58 54.43 -121.35
C LEU O 850 75.07 55.12 -120.08
N ASN O 851 75.99 55.69 -119.29
CA ASN O 851 75.57 56.43 -118.10
C ASN O 851 74.73 57.65 -118.47
N HIS O 852 75.09 58.34 -119.56
CA HIS O 852 74.30 59.48 -120.00
C HIS O 852 72.91 59.05 -120.44
N CYS O 853 72.80 57.90 -121.10
CA CYS O 853 71.48 57.38 -121.45
C CYS O 853 70.67 57.03 -120.21
N ASN O 854 71.31 56.43 -119.21
CA ASN O 854 70.60 56.12 -117.97
C ASN O 854 70.10 57.39 -117.30
N LEU O 855 70.92 58.45 -117.29
CA LEU O 855 70.48 59.72 -116.72
C LEU O 855 69.34 60.32 -117.53
N CYS O 856 69.45 60.31 -118.86
CA CYS O 856 68.41 60.88 -119.71
C CYS O 856 67.11 60.11 -119.65
N ARG O 857 67.16 58.84 -119.23
CA ARG O 857 65.93 58.07 -119.07
C ARG O 857 64.99 58.68 -118.03
N ARG O 858 65.55 59.45 -117.09
CA ARG O 858 64.72 60.11 -116.04
C ARG O 858 64.80 61.63 -116.20
N GLY O 859 65.77 62.11 -116.99
CA GLY O 859 65.96 63.53 -117.19
C GLY O 859 65.01 64.21 -118.16
N PHE O 860 63.91 63.57 -118.53
CA PHE O 860 62.93 64.20 -119.42
C PHE O 860 62.30 65.43 -118.79
N TYR O 861 62.20 65.49 -117.46
CA TYR O 861 61.69 66.69 -116.81
C TYR O 861 62.60 67.89 -117.07
N TYR O 862 63.90 67.70 -116.94
CA TYR O 862 64.85 68.77 -117.27
C TYR O 862 64.83 69.07 -118.77
N TYR O 863 64.76 68.04 -119.60
CA TYR O 863 64.83 68.22 -121.04
C TYR O 863 63.65 69.02 -121.57
N GLN O 864 62.44 68.71 -121.09
CA GLN O 864 61.23 69.34 -121.63
C GLN O 864 61.21 70.84 -121.34
N ARG O 865 61.59 71.23 -120.13
CA ARG O 865 61.51 72.62 -119.71
C ARG O 865 62.79 73.42 -119.95
N HIS O 866 63.93 72.74 -120.07
CA HIS O 866 65.22 73.38 -120.32
C HIS O 866 65.52 74.43 -119.24
N PHE O 867 65.69 73.95 -118.02
CA PHE O 867 65.99 74.82 -116.89
C PHE O 867 67.34 75.50 -117.08
N VAL O 868 67.47 76.69 -116.50
CA VAL O 868 68.73 77.44 -116.58
C VAL O 868 69.85 76.66 -115.89
N ASP O 869 69.59 76.15 -114.70
CA ASP O 869 70.56 75.35 -113.96
C ASP O 869 70.37 73.86 -114.24
N SER O 870 70.39 73.50 -115.53
CA SER O 870 70.17 72.12 -115.91
C SER O 870 71.40 71.28 -115.55
N GLU O 871 71.16 70.15 -114.88
CA GLU O 871 72.22 69.23 -114.52
C GLU O 871 72.45 68.14 -115.57
N LEU O 872 71.72 68.18 -116.68
CA LEU O 872 71.83 67.16 -117.71
C LEU O 872 71.42 67.76 -119.05
N GLU O 873 72.26 67.58 -120.06
CA GLU O 873 71.99 68.09 -121.41
C GLU O 873 71.87 66.89 -122.35
N CYS O 874 70.64 66.47 -122.62
CA CYS O 874 70.37 65.34 -123.49
C CYS O 874 70.28 65.84 -124.93
N ASN O 875 71.35 65.63 -125.69
CA ASN O 875 71.39 66.01 -127.10
C ASN O 875 71.56 64.82 -128.04
N ASP O 876 72.21 63.75 -127.58
CA ASP O 876 72.39 62.57 -128.44
C ASP O 876 71.04 61.95 -128.80
N VAL O 877 70.10 61.93 -127.85
CA VAL O 877 68.78 61.37 -128.11
C VAL O 877 68.08 62.16 -129.21
N VAL O 878 68.14 63.49 -129.11
CA VAL O 878 67.50 64.35 -130.11
C VAL O 878 68.17 64.17 -131.46
N LEU O 879 69.50 64.09 -131.49
CA LEU O 879 70.22 63.91 -132.75
C LEU O 879 69.85 62.57 -133.40
N PHE O 880 69.78 61.50 -132.60
CA PHE O 880 69.44 60.19 -133.14
C PHE O 880 68.00 60.17 -133.65
N TRP O 881 67.08 60.84 -132.94
CA TRP O 881 65.71 60.92 -133.42
C TRP O 881 65.62 61.69 -134.72
N ARG O 882 66.38 62.79 -134.84
CA ARG O 882 66.41 63.54 -136.09
C ARG O 882 66.95 62.68 -137.23
N ILE O 883 68.02 61.93 -136.97
CA ILE O 883 68.56 61.05 -137.99
C ILE O 883 67.54 59.99 -138.40
N GLN O 884 66.83 59.43 -137.41
CA GLN O 884 65.84 58.40 -137.70
C GLN O 884 64.71 58.95 -138.57
N ARG O 885 64.19 60.14 -138.21
CA ARG O 885 63.09 60.69 -138.99
C ARG O 885 63.54 61.11 -140.39
N MET O 886 64.76 61.64 -140.51
CA MET O 886 65.28 61.98 -141.83
C MET O 886 65.46 60.72 -142.69
N LEU O 887 65.94 59.64 -142.08
CA LEU O 887 66.08 58.38 -142.82
C LEU O 887 64.73 57.84 -143.23
N ALA O 888 63.71 57.95 -142.37
CA ALA O 888 62.38 57.51 -142.73
C ALA O 888 61.82 58.33 -143.89
N ILE O 889 62.01 59.64 -143.86
CA ILE O 889 61.54 60.49 -144.95
C ILE O 889 62.25 60.13 -146.26
N THR O 890 63.57 59.92 -146.18
CA THR O 890 64.33 59.56 -147.37
C THR O 890 63.87 58.22 -147.93
N ALA O 891 63.62 57.24 -147.05
CA ALA O 891 63.16 55.94 -147.51
C ALA O 891 61.78 56.04 -148.15
N ASN O 892 60.88 56.83 -147.56
CA ASN O 892 59.56 57.02 -148.16
C ASN O 892 59.67 57.67 -149.53
N THR O 893 60.50 58.70 -149.66
CA THR O 893 60.69 59.34 -150.95
C THR O 893 61.28 58.38 -151.98
N LEU O 894 62.25 57.57 -151.56
CA LEU O 894 62.85 56.59 -152.47
C LEU O 894 61.82 55.58 -152.93
N ARG O 895 61.00 55.08 -151.98
CA ARG O 895 59.95 54.10 -152.34
C ARG O 895 58.99 54.74 -153.35
N GLN O 896 58.51 55.95 -153.05
CA GLN O 896 57.57 56.65 -153.96
C GLN O 896 58.19 56.76 -155.36
N GLN O 897 59.40 57.33 -155.45
CA GLN O 897 60.02 57.52 -156.75
C GLN O 897 60.22 56.19 -157.48
N LEU O 898 60.59 55.15 -156.73
CA LEU O 898 60.75 53.83 -157.33
C LEU O 898 59.44 53.35 -157.92
N THR O 899 58.36 53.38 -157.14
CA THR O 899 57.05 52.97 -157.63
C THR O 899 56.61 53.82 -158.82
N ASN O 900 56.98 55.09 -158.84
CA ASN O 900 56.56 55.96 -159.93
C ASN O 900 57.30 55.63 -161.23
N THR O 901 58.62 55.44 -161.16
CA THR O 901 59.43 55.35 -162.38
C THR O 901 60.08 53.99 -162.60
N GLU O 902 60.74 53.44 -161.58
CA GLU O 902 61.57 52.26 -161.79
C GLU O 902 60.72 51.02 -162.01
N VAL O 903 59.54 50.96 -161.38
CA VAL O 903 58.65 49.82 -161.62
C VAL O 903 58.22 49.79 -163.08
N ARG O 904 57.84 50.95 -163.62
CA ARG O 904 57.47 51.02 -165.03
C ARG O 904 58.65 50.70 -165.94
N ARG O 905 59.85 51.20 -165.58
CA ARG O 905 61.03 50.90 -166.38
C ARG O 905 61.32 49.40 -166.40
N LEU O 906 61.23 48.75 -165.23
CA LEU O 906 61.48 47.31 -165.17
C LEU O 906 60.41 46.54 -165.95
N GLU O 907 59.15 46.99 -165.87
CA GLU O 907 58.10 46.35 -166.65
C GLU O 907 58.38 46.48 -168.14
N LYS O 908 58.81 47.66 -168.59
CA LYS O 908 59.14 47.85 -170.00
C LYS O 908 60.31 46.96 -170.42
N ASN O 909 61.34 46.85 -169.59
CA ASN O 909 62.47 45.99 -169.91
C ASN O 909 62.04 44.52 -169.99
N VAL O 910 61.20 44.09 -169.05
CA VAL O 910 60.71 42.71 -169.07
C VAL O 910 59.89 42.45 -170.32
N LYS O 911 59.04 43.41 -170.71
CA LYS O 911 58.24 43.25 -171.92
C LYS O 911 59.13 43.16 -173.15
N GLU O 912 60.17 44.01 -173.22
CA GLU O 912 61.08 43.96 -174.36
C GLU O 912 61.81 42.63 -174.43
N VAL O 913 62.28 42.14 -173.27
CA VAL O 913 62.98 40.86 -173.24
C VAL O 913 62.06 39.73 -173.68
N LEU O 914 60.82 39.73 -173.19
CA LEU O 914 59.86 38.70 -173.56
C LEU O 914 59.55 38.75 -175.05
N GLU O 915 59.38 39.95 -175.61
CA GLU O 915 59.13 40.08 -177.04
C GLU O 915 60.31 39.58 -177.86
N ASP O 916 61.53 39.91 -177.43
CA ASP O 916 62.72 39.45 -178.14
C ASP O 916 62.82 37.92 -178.09
N PHE O 917 62.51 37.33 -176.94
CA PHE O 917 62.54 35.87 -176.82
C PHE O 917 61.47 35.23 -177.70
N ALA O 918 60.26 35.81 -177.72
CA ALA O 918 59.18 35.26 -178.52
C ALA O 918 59.49 35.34 -180.01
N GLU O 919 60.07 36.46 -180.45
CA GLU O 919 60.40 36.65 -181.86
C GLU O 919 61.66 35.89 -182.30
N ASP O 920 62.22 35.04 -181.43
CA ASP O 920 63.41 34.27 -181.75
C ASP O 920 63.23 32.87 -181.15
N GLY O 921 62.77 31.94 -181.98
CA GLY O 921 62.61 30.57 -181.54
C GLY O 921 63.92 29.83 -181.37
N GLU O 922 64.98 30.27 -182.07
CA GLU O 922 66.29 29.65 -181.90
C GLU O 922 66.79 29.84 -180.47
N LYS O 923 66.57 31.02 -179.89
CA LYS O 923 66.94 31.25 -178.50
C LYS O 923 66.18 30.32 -177.56
N LYS O 924 64.89 30.12 -177.83
CA LYS O 924 64.10 29.18 -177.03
C LYS O 924 64.64 27.77 -177.14
N ILE O 925 65.01 27.34 -178.34
CA ILE O 925 65.57 26.01 -178.53
C ILE O 925 66.90 25.88 -177.77
N LYS O 926 67.75 26.91 -177.86
CA LYS O 926 69.05 26.86 -177.19
C LYS O 926 68.89 26.81 -175.68
N LEU O 927 67.94 27.58 -175.13
CA LEU O 927 67.76 27.67 -173.70
C LEU O 927 66.89 26.54 -173.15
N LEU O 928 65.70 26.37 -173.70
CA LEU O 928 64.77 25.34 -173.22
C LEU O 928 65.22 23.98 -173.73
N THR O 929 66.23 23.42 -173.06
CA THR O 929 66.77 22.11 -173.38
C THR O 929 66.40 21.07 -172.33
N GLY O 930 65.34 21.31 -171.58
CA GLY O 930 64.92 20.37 -170.56
C GLY O 930 64.35 19.10 -171.16
N LYS O 931 64.27 18.07 -170.30
CA LYS O 931 63.75 16.78 -170.75
C LYS O 931 62.29 16.89 -171.18
N ARG O 932 61.48 17.63 -170.42
CA ARG O 932 60.08 17.79 -170.77
C ARG O 932 59.91 18.49 -172.11
N VAL O 933 60.69 19.56 -172.35
CA VAL O 933 60.58 20.30 -173.59
C VAL O 933 60.96 19.42 -174.78
N GLN O 934 62.06 18.69 -174.64
CA GLN O 934 62.50 17.81 -175.73
C GLN O 934 61.49 16.70 -175.99
N LEU O 935 60.94 16.10 -174.92
CA LEU O 935 59.96 15.05 -175.10
C LEU O 935 58.69 15.57 -175.77
N ALA O 936 58.23 16.76 -175.37
CA ALA O 936 57.05 17.34 -175.99
C ALA O 936 57.30 17.66 -177.46
N GLU O 937 58.48 18.20 -177.78
CA GLU O 937 58.82 18.49 -179.17
C GLU O 937 58.87 17.22 -180.00
N ASP O 938 59.47 16.16 -179.47
CA ASP O 938 59.52 14.89 -180.18
C ASP O 938 58.12 14.31 -180.40
N LEU O 939 57.27 14.38 -179.38
CA LEU O 939 55.91 13.88 -179.53
C LEU O 939 55.14 14.66 -180.58
N LYS O 940 55.28 15.99 -180.56
CA LYS O 940 54.60 16.82 -181.56
C LYS O 940 55.09 16.51 -182.97
N LYS O 941 56.41 16.35 -183.13
CA LYS O 941 56.95 16.02 -184.44
C LYS O 941 56.48 14.65 -184.92
N VAL O 942 56.43 13.68 -184.02
CA VAL O 942 55.95 12.36 -184.39
C VAL O 942 54.48 12.41 -184.79
N ARG O 943 53.67 13.16 -184.05
CA ARG O 943 52.26 13.30 -184.40
C ARG O 943 52.09 13.96 -185.76
N GLU O 944 52.87 15.02 -186.03
CA GLU O 944 52.79 15.68 -187.32
C GLU O 944 53.20 14.75 -188.45
N ILE O 945 54.26 13.98 -188.25
CA ILE O 945 54.72 13.03 -189.26
C ILE O 945 53.65 11.98 -189.53
N GLN O 946 53.04 11.46 -188.47
CA GLN O 946 51.99 10.46 -188.64
C GLN O 946 50.77 11.04 -189.35
N GLU O 947 50.41 12.28 -189.03
CA GLU O 947 49.29 12.92 -189.74
C GLU O 947 49.61 13.11 -191.22
N LYS O 948 50.84 13.53 -191.54
CA LYS O 948 51.22 13.68 -192.93
C LYS O 948 51.20 12.33 -193.65
N LEU O 949 51.66 11.28 -193.00
CA LEU O 949 51.64 9.95 -193.61
C LEU O 949 50.21 9.46 -193.82
N ASP O 950 49.32 9.74 -192.87
CA ASP O 950 47.91 9.38 -193.04
C ASP O 950 47.29 10.14 -194.20
N ALA O 951 47.62 11.43 -194.34
CA ALA O 951 47.14 12.19 -195.49
C ALA O 951 47.67 11.62 -196.80
N PHE O 952 48.95 11.23 -196.81
CA PHE O 952 49.51 10.59 -198.00
C PHE O 952 48.79 9.29 -198.34
N ILE O 953 48.50 8.47 -197.33
CA ILE O 953 47.80 7.21 -197.56
C ILE O 953 46.40 7.47 -198.11
N GLU O 954 45.70 8.44 -197.53
CA GLU O 954 44.36 8.78 -198.01
C GLU O 954 44.39 9.28 -199.45
N ALA O 955 45.37 10.14 -199.78
CA ALA O 955 45.48 10.63 -201.14
C ALA O 955 45.80 9.52 -202.12
N LEU O 956 46.69 8.60 -201.73
CA LEU O 956 47.02 7.48 -202.60
C LEU O 956 45.81 6.57 -202.82
N HIS O 957 45.04 6.33 -201.76
CA HIS O 957 43.84 5.50 -201.90
C HIS O 957 42.80 6.18 -202.79
N GLN O 958 42.61 7.49 -202.63
CA GLN O 958 41.64 8.20 -203.45
C GLN O 958 42.07 8.24 -204.92
N GLU O 959 43.35 8.46 -205.18
CA GLU O 959 43.83 8.53 -206.57
C GLU O 959 43.68 7.18 -207.26
N LYS O 960 43.98 6.10 -206.53
CA LYS O 960 43.85 4.74 -207.09
C LYS O 960 42.44 4.20 -206.77
N SER P 263 84.73 189.11 -44.48
CA SER P 263 84.72 188.49 -43.16
C SER P 263 83.33 187.99 -42.80
N LEU P 264 82.76 188.56 -41.73
CA LEU P 264 81.42 188.17 -41.30
C LEU P 264 80.37 188.53 -42.34
N ILE P 265 80.51 189.71 -42.96
CA ILE P 265 79.52 190.15 -43.94
C ILE P 265 79.56 189.27 -45.18
N ASP P 266 80.75 188.89 -45.62
CA ASP P 266 80.86 188.02 -46.79
C ASP P 266 80.25 186.64 -46.53
N MET P 267 80.51 186.08 -45.35
CA MET P 267 79.93 184.79 -45.01
C MET P 267 78.41 184.88 -44.88
N TYR P 268 77.91 185.98 -44.31
CA TYR P 268 76.46 186.17 -44.22
C TYR P 268 75.84 186.30 -45.61
N SER P 269 76.50 187.00 -46.52
CA SER P 269 76.00 187.10 -47.89
C SER P 269 76.00 185.73 -48.57
N GLU P 270 77.05 184.94 -48.34
CA GLU P 270 77.08 183.59 -48.90
C GLU P 270 75.95 182.73 -48.34
N VAL P 271 75.68 182.85 -47.04
CA VAL P 271 74.59 182.10 -46.43
C VAL P 271 73.25 182.52 -47.02
N LEU P 272 73.06 183.82 -47.21
CA LEU P 272 71.82 184.30 -47.83
C LEU P 272 71.68 183.80 -49.26
N ASP P 273 72.79 183.77 -50.01
CA ASP P 273 72.76 183.24 -51.36
C ASP P 273 72.39 181.76 -51.38
N VAL P 274 72.95 180.99 -50.44
CA VAL P 274 72.62 179.58 -50.34
C VAL P 274 71.13 179.40 -50.01
N LEU P 275 70.62 180.21 -49.09
CA LEU P 275 69.21 180.13 -48.73
C LEU P 275 68.33 180.47 -49.92
N SER P 276 68.71 181.48 -50.70
CA SER P 276 67.93 181.84 -51.88
C SER P 276 67.96 180.74 -52.92
N ASP P 277 69.14 180.12 -53.13
CA ASP P 277 69.25 179.03 -54.09
C ASP P 277 68.66 177.72 -53.58
N TYR P 278 68.30 177.65 -52.31
CA TYR P 278 67.69 176.43 -51.77
C TYR P 278 66.38 176.10 -52.46
N ASP P 279 65.53 177.11 -52.68
CA ASP P 279 64.26 176.90 -53.35
C ASP P 279 63.79 178.21 -53.95
N ALA P 280 62.96 178.12 -54.99
CA ALA P 280 62.39 179.31 -55.61
C ALA P 280 61.29 179.93 -54.77
N SER P 281 60.71 179.17 -53.84
CA SER P 281 59.67 179.68 -52.96
C SER P 281 60.31 180.41 -51.78
N TYR P 282 59.50 180.76 -50.78
CA TYR P 282 59.97 181.46 -49.58
C TYR P 282 59.53 180.66 -48.36
N ASN P 283 60.36 179.71 -47.95
CA ASN P 283 60.12 178.90 -46.76
C ASN P 283 61.14 179.15 -45.67
N THR P 284 62.43 179.01 -45.97
CA THR P 284 63.49 179.31 -45.02
C THR P 284 64.17 180.64 -45.29
N GLN P 285 63.84 181.31 -46.39
CA GLN P 285 64.45 182.60 -46.71
C GLN P 285 63.92 183.73 -45.85
N ASP P 286 62.79 183.53 -45.18
CA ASP P 286 62.18 184.55 -44.32
C ASP P 286 62.66 184.47 -42.89
N HIS P 287 63.63 183.58 -42.58
CA HIS P 287 64.13 183.46 -41.22
C HIS P 287 65.16 184.56 -40.93
N LEU P 288 66.22 184.62 -41.72
CA LEU P 288 67.24 185.64 -41.52
C LEU P 288 66.72 187.00 -42.00
N PRO P 289 67.02 188.09 -41.29
CA PRO P 289 66.59 189.41 -41.73
C PRO P 289 67.21 189.79 -43.07
N ARG P 290 66.44 190.49 -43.90
CA ARG P 290 66.90 190.93 -45.20
C ARG P 290 66.38 192.34 -45.45
N VAL P 291 67.30 193.29 -45.58
CA VAL P 291 66.92 194.68 -45.85
C VAL P 291 66.52 194.78 -47.32
N VAL P 292 65.23 195.03 -47.57
CA VAL P 292 64.67 195.09 -48.92
C VAL P 292 64.27 196.52 -49.21
N VAL P 293 64.72 197.03 -50.35
CA VAL P 293 64.39 198.39 -50.80
C VAL P 293 63.32 198.29 -51.86
N VAL P 294 62.14 198.83 -51.56
CA VAL P 294 61.00 198.80 -52.48
C VAL P 294 60.56 200.23 -52.76
N GLY P 295 60.39 200.55 -54.03
CA GLY P 295 59.95 201.88 -54.43
C GLY P 295 58.82 201.86 -55.43
N ASP P 296 58.54 203.01 -56.03
CA ASP P 296 57.48 203.14 -57.03
C ASP P 296 58.08 203.26 -58.42
N GLN P 297 57.25 202.98 -59.42
CA GLN P 297 57.71 203.06 -60.81
C GLN P 297 57.94 204.51 -61.21
N SER P 298 59.09 204.77 -61.83
CA SER P 298 59.46 206.11 -62.29
C SER P 298 59.44 207.12 -61.13
N ALA P 299 59.85 206.67 -59.95
CA ALA P 299 59.89 207.52 -58.76
C ALA P 299 61.29 207.99 -58.43
N GLY P 300 62.26 207.79 -59.32
CA GLY P 300 63.61 208.23 -59.06
C GLY P 300 64.39 207.37 -58.08
N LYS P 301 63.90 206.17 -57.77
CA LYS P 301 64.60 205.30 -56.83
C LYS P 301 65.94 204.83 -57.38
N THR P 302 66.09 204.80 -58.70
CA THR P 302 67.36 204.38 -59.30
C THR P 302 68.48 205.33 -58.91
N SER P 303 68.22 206.65 -58.95
CA SER P 303 69.24 207.61 -58.57
C SER P 303 69.62 207.47 -57.10
N VAL P 304 68.63 207.25 -56.23
CA VAL P 304 68.92 207.08 -54.81
C VAL P 304 69.75 205.82 -54.58
N LEU P 305 69.39 204.73 -55.26
CA LEU P 305 70.16 203.49 -55.11
C LEU P 305 71.58 203.67 -55.62
N GLU P 306 71.76 204.37 -56.74
CA GLU P 306 73.10 204.64 -57.24
C GLU P 306 73.91 205.49 -56.26
N MET P 307 73.28 206.49 -55.66
CA MET P 307 73.97 207.34 -54.69
C MET P 307 74.32 206.56 -53.42
N ILE P 308 73.50 205.56 -53.06
CA ILE P 308 73.81 204.73 -51.91
C ILE P 308 75.13 203.98 -52.12
N ALA P 309 75.30 203.40 -53.30
CA ALA P 309 76.54 202.71 -53.65
C ALA P 309 77.60 203.65 -54.20
N GLN P 310 77.29 204.94 -54.35
CA GLN P 310 78.22 205.95 -54.86
C GLN P 310 78.73 205.60 -56.26
N ALA P 311 77.89 204.93 -57.05
CA ALA P 311 78.26 204.56 -58.41
C ALA P 311 76.98 204.27 -59.20
N ARG P 312 77.03 204.58 -60.50
CA ARG P 312 75.90 204.33 -61.39
C ARG P 312 76.01 202.90 -61.91
N ILE P 313 75.29 201.98 -61.26
CA ILE P 313 75.31 200.58 -61.65
C ILE P 313 73.97 200.08 -62.16
N PHE P 314 72.86 200.75 -61.86
CA PHE P 314 71.55 200.33 -62.33
C PHE P 314 71.23 201.03 -63.64
N PRO P 315 70.97 200.30 -64.71
CA PRO P 315 70.64 200.95 -65.99
C PRO P 315 69.35 201.76 -65.87
N ARG P 316 69.30 202.88 -66.59
CA ARG P 316 68.16 203.77 -66.58
C ARG P 316 67.09 203.28 -67.54
N GLY P 317 65.83 203.53 -67.20
CA GLY P 317 64.71 203.13 -68.03
C GLY P 317 63.73 204.26 -68.29
N SER P 318 63.43 204.52 -69.56
CA SER P 318 62.50 205.57 -69.94
C SER P 318 61.08 205.01 -69.92
N GLY P 319 60.55 204.87 -68.72
CA GLY P 319 59.21 204.36 -68.50
C GLY P 319 59.11 202.85 -68.38
N GLU P 320 59.88 202.12 -69.19
CA GLU P 320 59.85 200.67 -69.14
C GLU P 320 60.47 200.17 -67.84
N MET P 321 59.92 199.07 -67.33
CA MET P 321 60.40 198.46 -66.08
C MET P 321 61.59 197.59 -66.41
N MET P 322 62.79 198.18 -66.33
CA MET P 322 64.01 197.43 -66.62
C MET P 322 64.25 196.33 -65.59
N THR P 323 64.00 196.63 -64.31
CA THR P 323 64.21 195.66 -63.24
C THR P 323 63.00 194.73 -63.18
N ARG P 324 63.19 193.49 -63.64
CA ARG P 324 62.13 192.49 -63.62
C ARG P 324 62.44 191.31 -62.71
N SER P 325 63.63 191.27 -62.11
CA SER P 325 64.03 190.20 -61.21
C SER P 325 64.63 190.80 -59.95
N PRO P 326 64.51 190.10 -58.81
CA PRO P 326 65.11 190.60 -57.57
C PRO P 326 66.63 190.73 -57.71
N VAL P 327 67.17 191.80 -57.14
CA VAL P 327 68.61 192.09 -57.20
C VAL P 327 69.11 192.22 -55.76
N LYS P 328 70.17 191.48 -55.45
CA LYS P 328 70.78 191.52 -54.13
C LYS P 328 72.05 192.36 -54.19
N VAL P 329 72.12 193.39 -53.35
CA VAL P 329 73.27 194.27 -53.25
C VAL P 329 73.87 194.10 -51.86
N THR P 330 75.09 193.57 -51.80
CA THR P 330 75.78 193.35 -50.54
C THR P 330 76.83 194.45 -50.36
N LEU P 331 76.62 195.30 -49.37
CA LEU P 331 77.56 196.39 -49.09
C LEU P 331 78.66 195.88 -48.17
N SER P 332 79.91 196.06 -48.59
CA SER P 332 81.06 195.63 -47.82
C SER P 332 82.27 196.46 -48.26
N GLU P 333 83.42 196.16 -47.65
CA GLU P 333 84.67 196.85 -47.94
C GLU P 333 85.72 195.84 -48.37
N GLY P 334 86.39 196.11 -49.48
CA GLY P 334 87.42 195.24 -49.98
C GLY P 334 88.68 195.98 -50.36
N PRO P 335 89.64 195.27 -50.97
CA PRO P 335 90.88 195.94 -51.40
C PRO P 335 90.65 197.04 -52.42
N HIS P 336 89.66 196.89 -53.30
CA HIS P 336 89.35 197.86 -54.33
C HIS P 336 87.85 198.10 -54.38
N HIS P 337 87.48 199.29 -54.86
CA HIS P 337 86.08 199.67 -54.99
C HIS P 337 85.50 199.09 -56.27
N VAL P 338 85.35 197.76 -56.26
CA VAL P 338 84.86 197.01 -57.40
C VAL P 338 83.64 196.20 -56.97
N ALA P 339 82.96 195.62 -57.96
CA ALA P 339 81.79 194.79 -57.74
C ALA P 339 82.04 193.41 -58.31
N LEU P 340 81.72 192.38 -57.54
CA LEU P 340 81.94 191.00 -57.95
C LEU P 340 80.69 190.19 -57.67
N PHE P 341 80.28 189.37 -58.64
CA PHE P 341 79.12 188.51 -58.48
C PHE P 341 79.51 187.22 -57.76
N LYS P 342 78.48 186.48 -57.32
CA LYS P 342 78.73 185.21 -56.65
C LYS P 342 79.33 184.18 -57.61
N ASP P 343 78.84 184.13 -58.85
CA ASP P 343 79.29 183.16 -59.83
C ASP P 343 80.14 183.79 -60.93
N SER P 344 80.81 184.90 -60.63
CA SER P 344 81.66 185.58 -61.59
C SER P 344 83.03 185.83 -60.97
N SER P 345 84.02 185.99 -61.84
CA SER P 345 85.39 186.26 -61.41
C SER P 345 85.92 187.61 -61.86
N ARG P 346 85.18 188.35 -62.69
CA ARG P 346 85.61 189.66 -63.16
C ARG P 346 85.17 190.74 -62.17
N GLU P 347 86.12 191.55 -61.73
CA GLU P 347 85.86 192.62 -60.78
C GLU P 347 85.43 193.86 -61.55
N PHE P 348 84.14 194.15 -61.53
CA PHE P 348 83.60 195.32 -62.23
C PHE P 348 83.87 196.56 -61.38
N ASP P 349 84.80 197.40 -61.85
CA ASP P 349 85.12 198.62 -61.12
C ASP P 349 83.95 199.60 -61.15
N LEU P 350 83.81 200.33 -60.05
CA LEU P 350 82.72 201.30 -59.89
C LEU P 350 83.15 202.73 -60.20
N THR P 351 84.35 202.92 -60.74
CA THR P 351 84.87 204.24 -61.05
C THR P 351 84.97 204.51 -62.55
N LYS P 352 85.62 203.62 -63.29
CA LYS P 352 85.76 203.82 -64.72
C LYS P 352 84.42 203.69 -65.43
N GLU P 353 84.20 204.54 -66.44
CA GLU P 353 82.93 204.50 -67.18
C GLU P 353 82.78 203.20 -67.95
N GLU P 354 83.87 202.70 -68.55
CA GLU P 354 83.79 201.45 -69.30
C GLU P 354 83.42 200.28 -68.39
N ASP P 355 84.01 200.23 -67.19
CA ASP P 355 83.68 199.16 -66.25
C ASP P 355 82.24 199.25 -65.79
N LEU P 356 81.74 200.47 -65.55
CA LEU P 356 80.35 200.64 -65.18
C LEU P 356 79.41 200.20 -66.29
N ALA P 357 79.75 200.54 -67.54
CA ALA P 357 78.94 200.09 -68.67
C ALA P 357 78.94 198.58 -68.80
N ALA P 358 80.10 197.95 -68.60
CA ALA P 358 80.17 196.50 -68.65
C ALA P 358 79.34 195.87 -67.54
N LEU P 359 79.39 196.44 -66.34
CA LEU P 359 78.58 195.94 -65.24
C LEU P 359 77.09 196.06 -65.54
N ARG P 360 76.68 197.21 -66.10
CA ARG P 360 75.27 197.39 -66.45
C ARG P 360 74.85 196.39 -67.53
N HIS P 361 75.71 196.16 -68.52
CA HIS P 361 75.40 195.18 -69.56
C HIS P 361 75.27 193.78 -68.98
N GLU P 362 76.16 193.42 -68.05
CA GLU P 362 76.07 192.11 -67.41
C GLU P 362 74.79 191.97 -66.60
N ILE P 363 74.42 193.03 -65.88
CA ILE P 363 73.18 193.01 -65.10
C ILE P 363 71.98 192.85 -66.02
N GLU P 364 71.96 193.57 -67.14
CA GLU P 364 70.87 193.45 -68.09
C GLU P 364 70.81 192.05 -68.68
N LEU P 365 71.96 191.47 -69.01
CA LEU P 365 71.98 190.11 -69.54
C LEU P 365 71.46 189.10 -68.52
N ARG P 366 71.85 189.27 -67.25
CA ARG P 366 71.36 188.37 -66.21
C ARG P 366 69.85 188.53 -66.02
N MET P 367 69.34 189.76 -66.09
CA MET P 367 67.90 189.98 -65.98
C MET P 367 67.17 189.33 -67.15
N ARG P 368 67.69 189.46 -68.37
CA ARG P 368 67.06 188.85 -69.52
C ARG P 368 67.08 187.33 -69.46
N LYS P 369 68.20 186.76 -68.97
CA LYS P 369 68.30 185.31 -68.88
C LYS P 369 67.28 184.75 -67.90
N ASN P 370 67.10 185.40 -66.75
CA ASN P 370 66.13 184.92 -65.76
C ASN P 370 64.71 185.01 -66.29
N VAL P 371 64.36 186.11 -66.97
CA VAL P 371 63.01 186.29 -67.48
C VAL P 371 62.79 185.37 -68.68
N LYS P 372 61.72 184.60 -68.65
CA LYS P 372 61.41 183.69 -69.75
C LYS P 372 60.95 184.48 -70.98
N GLU P 373 61.09 183.85 -72.14
CA GLU P 373 60.71 184.45 -73.40
C GLU P 373 59.18 184.43 -73.50
N GLY P 374 58.55 185.48 -72.97
CA GLY P 374 57.11 185.57 -72.98
C GLY P 374 56.54 186.03 -71.64
N CYS P 375 57.33 185.88 -70.59
CA CYS P 375 56.93 186.28 -69.25
C CYS P 375 57.47 187.67 -68.92
N THR P 376 57.06 188.18 -67.76
CA THR P 376 57.47 189.51 -67.30
C THR P 376 58.26 189.45 -66.00
N VAL P 377 57.77 188.72 -65.00
CA VAL P 377 58.43 188.61 -63.71
C VAL P 377 58.96 187.19 -63.55
N SER P 378 60.23 187.08 -63.20
CA SER P 378 60.89 185.79 -63.02
C SER P 378 61.21 185.57 -61.55
N PRO P 379 60.90 184.39 -61.00
CA PRO P 379 61.22 184.13 -59.58
C PRO P 379 62.71 184.06 -59.30
N GLU P 380 63.54 183.87 -60.32
CA GLU P 380 64.98 183.78 -60.11
C GLU P 380 65.54 185.11 -59.63
N THR P 381 66.49 185.04 -58.69
CA THR P 381 67.11 186.22 -58.10
C THR P 381 68.53 186.37 -58.62
N ILE P 382 69.05 187.59 -58.49
CA ILE P 382 70.40 187.93 -58.92
C ILE P 382 71.18 188.40 -57.70
N SER P 383 72.35 187.79 -57.48
CA SER P 383 73.20 188.09 -56.33
C SER P 383 74.41 188.88 -56.79
N LEU P 384 74.68 190.00 -56.11
CA LEU P 384 75.80 190.85 -56.42
C LEU P 384 76.43 191.35 -55.12
N ASN P 385 77.75 191.30 -55.05
CA ASN P 385 78.50 191.76 -53.89
C ASN P 385 79.29 193.01 -54.25
N VAL P 386 79.14 194.05 -53.43
CA VAL P 386 79.79 195.33 -53.65
C VAL P 386 80.84 195.53 -52.55
N LYS P 387 82.07 195.81 -52.96
CA LYS P 387 83.18 196.03 -52.04
C LYS P 387 83.83 197.38 -52.33
N GLY P 388 84.42 197.96 -51.28
CA GLY P 388 85.10 199.22 -51.41
C GLY P 388 85.06 200.03 -50.13
N PRO P 389 86.05 200.91 -49.95
CA PRO P 389 86.10 201.74 -48.74
C PRO P 389 84.95 202.74 -48.70
N GLY P 390 84.57 203.11 -47.47
CA GLY P 390 83.51 204.07 -47.26
C GLY P 390 82.11 203.49 -47.26
N LEU P 391 81.96 202.19 -47.43
CA LEU P 391 80.65 201.54 -47.42
C LEU P 391 80.40 200.89 -46.07
N GLN P 392 79.13 200.54 -45.85
CA GLN P 392 78.70 199.89 -44.62
C GLN P 392 78.70 198.38 -44.81
N ARG P 393 78.20 197.65 -43.82
CA ARG P 393 78.12 196.20 -43.85
C ARG P 393 76.65 195.80 -43.73
N MET P 394 75.98 195.72 -44.87
CA MET P 394 74.57 195.36 -44.92
C MET P 394 74.26 194.79 -46.30
N VAL P 395 73.11 194.13 -46.39
CA VAL P 395 72.64 193.51 -47.64
C VAL P 395 71.37 194.23 -48.07
N LEU P 396 71.37 194.75 -49.30
CA LEU P 396 70.23 195.46 -49.85
C LEU P 396 69.59 194.62 -50.95
N VAL P 397 68.26 194.55 -50.93
CA VAL P 397 67.49 193.79 -51.91
C VAL P 397 66.66 194.76 -52.73
N ASP P 398 66.75 194.63 -54.06
CA ASP P 398 66.02 195.49 -54.99
C ASP P 398 64.88 194.71 -55.60
N LEU P 399 63.69 195.30 -55.61
CA LEU P 399 62.51 194.67 -56.17
C LEU P 399 61.83 195.62 -57.14
N PRO P 400 61.11 195.09 -58.14
CA PRO P 400 60.38 195.95 -59.08
C PRO P 400 59.31 196.76 -58.36
N GLY P 401 59.07 197.95 -58.89
CA GLY P 401 58.09 198.84 -58.29
C GLY P 401 56.68 198.32 -58.41
N VAL P 402 55.83 198.79 -57.49
CA VAL P 402 54.44 198.36 -57.45
C VAL P 402 53.67 199.08 -58.54
N ILE P 403 52.93 198.32 -59.34
CA ILE P 403 52.13 198.87 -60.43
C ILE P 403 50.66 198.69 -60.11
N ASN P 404 49.82 199.47 -60.80
CA ASN P 404 48.38 199.43 -60.61
C ASN P 404 47.65 198.94 -61.84
N THR P 405 47.96 199.49 -63.02
CA THR P 405 47.31 199.09 -64.25
C THR P 405 47.83 197.73 -64.71
N VAL P 406 47.06 197.10 -65.60
CA VAL P 406 47.39 195.80 -66.16
C VAL P 406 47.61 195.96 -67.66
N THR P 407 48.77 195.50 -68.13
CA THR P 407 49.11 195.61 -69.54
C THR P 407 48.46 194.47 -70.33
N SER P 408 47.76 194.83 -71.40
CA SER P 408 47.12 193.80 -72.24
C SER P 408 48.14 192.98 -73.01
N GLY P 409 49.29 193.58 -73.34
CA GLY P 409 50.33 192.89 -74.07
C GLY P 409 51.23 192.00 -73.24
N MET P 410 51.01 191.93 -71.94
CA MET P 410 51.81 191.11 -71.04
C MET P 410 50.90 190.16 -70.27
N ALA P 411 51.47 189.47 -69.29
CA ALA P 411 50.71 188.52 -68.50
C ALA P 411 49.69 189.26 -67.64
N PRO P 412 48.41 188.87 -67.68
CA PRO P 412 47.41 189.56 -66.85
C PRO P 412 47.64 189.41 -65.35
N ASP P 413 48.39 188.39 -64.93
CA ASP P 413 48.65 188.15 -63.52
C ASP P 413 49.98 188.72 -63.06
N THR P 414 50.57 189.63 -63.85
CA THR P 414 51.83 190.23 -63.45
C THR P 414 51.69 191.03 -62.16
N LYS P 415 50.61 191.82 -62.04
CA LYS P 415 50.39 192.60 -60.83
C LYS P 415 50.16 191.68 -59.63
N GLU P 416 49.40 190.60 -59.82
CA GLU P 416 49.18 189.65 -58.73
C GLU P 416 50.48 188.98 -58.32
N THR P 417 51.33 188.62 -59.29
CA THR P 417 52.62 188.02 -58.98
C THR P 417 53.51 188.99 -58.21
N ILE P 418 53.52 190.26 -58.63
CA ILE P 418 54.32 191.27 -57.92
C ILE P 418 53.82 191.45 -56.50
N PHE P 419 52.50 191.50 -56.31
CA PHE P 419 51.93 191.65 -54.98
C PHE P 419 52.28 190.44 -54.11
N SER P 420 52.20 189.24 -54.67
CA SER P 420 52.55 188.04 -53.90
C SER P 420 54.03 188.04 -53.51
N ILE P 421 54.90 188.45 -54.43
CA ILE P 421 56.33 188.53 -54.13
C ILE P 421 56.59 189.54 -53.02
N SER P 422 55.93 190.71 -53.11
CA SER P 422 56.09 191.73 -52.08
C SER P 422 55.60 191.22 -50.72
N LYS P 423 54.46 190.53 -50.70
CA LYS P 423 53.95 189.99 -49.44
C LYS P 423 54.91 188.95 -48.87
N ALA P 424 55.44 188.08 -49.72
CA ALA P 424 56.39 187.06 -49.25
C ALA P 424 57.65 187.71 -48.69
N TYR P 425 58.15 188.76 -49.36
CA TYR P 425 59.31 189.47 -48.84
C TYR P 425 59.01 190.15 -47.50
N MET P 426 57.82 190.73 -47.38
CA MET P 426 57.43 191.39 -46.13
C MET P 426 57.06 190.40 -45.03
N GLN P 427 56.91 189.12 -45.36
CA GLN P 427 56.59 188.12 -44.33
C GLN P 427 57.68 188.01 -43.27
N ASN P 428 58.90 188.42 -43.58
CA ASN P 428 59.98 188.39 -42.60
C ASN P 428 59.71 189.44 -41.51
N PRO P 429 59.60 189.04 -40.24
CA PRO P 429 59.36 190.04 -39.19
C PRO P 429 60.49 191.03 -39.00
N ASN P 430 61.70 190.70 -39.45
CA ASN P 430 62.85 191.57 -39.27
C ASN P 430 63.36 192.14 -40.60
N ALA P 431 62.51 192.18 -41.62
CA ALA P 431 62.89 192.72 -42.92
C ALA P 431 62.81 194.24 -42.88
N ILE P 432 63.96 194.90 -43.01
CA ILE P 432 64.01 196.35 -43.02
C ILE P 432 63.60 196.84 -44.39
N ILE P 433 62.62 197.74 -44.44
CA ILE P 433 62.11 198.28 -45.69
C ILE P 433 62.58 199.73 -45.82
N LEU P 434 63.24 200.04 -46.94
CA LEU P 434 63.73 201.37 -47.23
C LEU P 434 62.84 202.00 -48.28
N CYS P 435 61.96 202.90 -47.84
CA CYS P 435 61.02 203.57 -48.74
C CYS P 435 61.70 204.75 -49.42
N ILE P 436 61.56 204.82 -50.74
CA ILE P 436 62.14 205.90 -51.55
C ILE P 436 61.01 206.60 -52.27
N GLN P 437 60.97 207.93 -52.17
CA GLN P 437 59.95 208.75 -52.80
C GLN P 437 60.62 209.72 -53.78
N ASP P 438 59.82 210.62 -54.34
CA ASP P 438 60.29 211.60 -55.31
C ASP P 438 59.85 212.98 -54.89
N GLY P 439 60.49 213.99 -55.47
CA GLY P 439 60.12 215.37 -55.15
C GLY P 439 58.71 215.71 -55.57
N SER P 440 58.28 215.19 -56.73
CA SER P 440 56.93 215.44 -57.22
C SER P 440 55.90 214.48 -56.65
N VAL P 441 56.31 213.52 -55.84
CA VAL P 441 55.40 212.53 -55.25
C VAL P 441 55.28 212.82 -53.77
N ASP P 442 54.06 212.99 -53.29
CA ASP P 442 53.81 213.27 -51.88
C ASP P 442 53.99 212.00 -51.05
N ALA P 443 54.04 212.20 -49.73
CA ALA P 443 54.19 211.07 -48.81
C ALA P 443 52.99 210.13 -48.89
N GLU P 444 51.78 210.69 -48.96
CA GLU P 444 50.59 209.85 -49.06
C GLU P 444 50.44 209.22 -50.43
N ARG P 445 51.06 209.80 -51.46
CA ARG P 445 50.99 209.25 -52.81
C ARG P 445 51.90 208.04 -53.00
N SER P 446 52.80 207.77 -52.06
CA SER P 446 53.72 206.65 -52.16
C SER P 446 52.99 205.37 -51.76
N ILE P 447 52.87 204.42 -52.71
CA ILE P 447 52.20 203.17 -52.42
C ILE P 447 53.00 202.34 -51.42
N VAL P 448 54.34 202.38 -51.53
CA VAL P 448 55.19 201.61 -50.61
C VAL P 448 55.02 202.11 -49.18
N THR P 449 54.99 203.44 -48.99
CA THR P 449 54.81 203.98 -47.65
C THR P 449 53.47 203.59 -47.06
N ASP P 450 52.40 203.66 -47.85
CA ASP P 450 51.08 203.27 -47.37
C ASP P 450 51.04 201.79 -47.01
N LEU P 451 51.66 200.95 -47.85
CA LEU P 451 51.69 199.52 -47.55
C LEU P 451 52.47 199.23 -46.27
N VAL P 452 53.61 199.92 -46.08
CA VAL P 452 54.38 199.73 -44.86
C VAL P 452 53.58 200.17 -43.64
N SER P 453 52.89 201.31 -43.75
CA SER P 453 52.08 201.78 -42.63
C SER P 453 50.95 200.80 -42.31
N GLN P 454 50.31 200.26 -43.34
CA GLN P 454 49.23 199.29 -43.11
C GLN P 454 49.77 198.02 -42.47
N MET P 455 50.91 197.52 -42.94
CA MET P 455 51.48 196.30 -42.39
C MET P 455 52.15 196.53 -41.05
N ASP P 456 52.74 197.70 -40.83
CA ASP P 456 53.45 198.02 -39.59
C ASP P 456 52.93 199.36 -39.06
N PRO P 457 51.77 199.36 -38.42
CA PRO P 457 51.25 200.63 -37.87
C PRO P 457 52.17 201.25 -36.84
N HIS P 458 52.86 200.44 -36.03
CA HIS P 458 53.77 201.00 -35.03
C HIS P 458 55.01 201.60 -35.67
N GLY P 459 55.60 200.90 -36.64
CA GLY P 459 56.79 201.39 -37.31
C GLY P 459 58.01 201.50 -36.40
N ARG P 460 58.16 200.55 -35.48
CA ARG P 460 59.30 200.57 -34.57
C ARG P 460 60.60 200.11 -35.22
N ARG P 461 60.52 199.45 -36.37
CA ARG P 461 61.71 198.99 -37.08
C ARG P 461 61.90 199.63 -38.44
N THR P 462 60.93 200.39 -38.93
CA THR P 462 61.02 201.05 -40.23
C THR P 462 61.36 202.53 -40.02
N ILE P 463 62.38 203.01 -40.72
CA ILE P 463 62.83 204.39 -40.63
C ILE P 463 62.59 205.06 -41.97
N PHE P 464 61.86 206.17 -41.95
CA PHE P 464 61.54 206.90 -43.17
C PHE P 464 62.73 207.76 -43.59
N VAL P 465 63.08 207.70 -44.88
CA VAL P 465 64.16 208.49 -45.45
C VAL P 465 63.58 209.34 -46.56
N LEU P 466 63.83 210.66 -46.50
CA LEU P 466 63.33 211.60 -47.49
C LEU P 466 64.43 211.92 -48.50
N THR P 467 64.14 211.72 -49.78
CA THR P 467 65.09 211.96 -50.85
C THR P 467 64.57 213.03 -51.79
N LYS P 468 65.51 213.71 -52.46
CA LYS P 468 65.20 214.78 -53.41
C LYS P 468 64.37 215.88 -52.75
N VAL P 469 64.91 216.43 -51.65
CA VAL P 469 64.23 217.50 -50.94
C VAL P 469 64.17 218.77 -51.78
N ASP P 470 65.24 219.06 -52.52
CA ASP P 470 65.29 220.29 -53.32
C ASP P 470 64.23 220.26 -54.41
N LEU P 471 64.03 219.11 -55.06
CA LEU P 471 63.02 219.02 -56.10
C LEU P 471 61.62 219.25 -55.55
N ALA P 472 61.33 218.68 -54.38
CA ALA P 472 60.02 218.90 -53.75
C ALA P 472 59.86 220.36 -53.35
N GLU P 473 60.91 220.98 -52.82
CA GLU P 473 60.83 222.38 -52.41
C GLU P 473 60.60 223.29 -53.60
N LYS P 474 61.26 223.02 -54.73
CA LYS P 474 61.10 223.87 -55.91
C LYS P 474 59.72 223.75 -56.54
N ASN P 475 58.96 222.71 -56.18
CA ASN P 475 57.61 222.53 -56.72
C ASN P 475 56.56 223.21 -55.85
N VAL P 476 56.77 224.50 -55.59
CA VAL P 476 55.92 225.36 -54.76
C VAL P 476 55.24 224.61 -53.63
N ALA P 477 55.99 223.76 -52.94
CA ALA P 477 55.44 222.99 -51.83
C ALA P 477 55.36 223.85 -50.58
N SER P 478 54.54 223.40 -49.63
CA SER P 478 54.37 224.10 -48.36
C SER P 478 55.47 223.70 -47.39
N PRO P 479 56.26 224.64 -46.88
CA PRO P 479 57.31 224.26 -45.92
C PRO P 479 56.78 223.65 -44.64
N SER P 480 55.53 223.94 -44.26
CA SER P 480 54.97 223.35 -43.05
C SER P 480 54.87 221.83 -43.17
N ARG P 481 54.46 221.33 -44.35
CA ARG P 481 54.38 219.88 -44.55
C ARG P 481 55.76 219.24 -44.45
N ILE P 482 56.77 219.87 -45.04
CA ILE P 482 58.13 219.34 -44.97
C ILE P 482 58.62 219.33 -43.53
N GLN P 483 58.35 220.40 -42.79
CA GLN P 483 58.77 220.45 -41.38
C GLN P 483 58.07 219.37 -40.56
N GLN P 484 56.78 219.16 -40.80
CA GLN P 484 56.06 218.12 -40.07
C GLN P 484 56.58 216.73 -40.42
N ILE P 485 56.90 216.49 -41.69
CA ILE P 485 57.44 215.19 -42.09
C ILE P 485 58.80 214.96 -41.44
N ILE P 486 59.66 215.98 -41.46
CA ILE P 486 60.98 215.84 -40.86
C ILE P 486 60.87 215.66 -39.34
N GLU P 487 60.02 216.45 -38.69
CA GLU P 487 59.85 216.33 -37.25
C GLU P 487 59.07 215.08 -36.87
N GLY P 488 58.22 214.57 -37.76
CA GLY P 488 57.46 213.36 -37.49
C GLY P 488 56.12 213.63 -36.83
N LYS P 489 55.45 214.71 -37.26
CA LYS P 489 54.14 215.07 -36.73
C LYS P 489 53.01 214.65 -37.67
N LEU P 490 53.30 213.91 -38.73
CA LEU P 490 52.29 213.48 -39.69
C LEU P 490 52.20 211.98 -39.84
N PHE P 491 53.33 211.26 -39.79
CA PHE P 491 53.32 209.82 -39.95
C PHE P 491 52.83 209.17 -38.65
N PRO P 492 51.77 208.35 -38.71
CA PRO P 492 51.31 207.70 -37.48
C PRO P 492 52.33 206.76 -36.86
N MET P 493 53.18 206.13 -37.67
CA MET P 493 54.17 205.20 -37.15
C MET P 493 55.23 205.94 -36.33
N LYS P 494 55.72 205.26 -35.28
CA LYS P 494 56.73 205.82 -34.40
C LYS P 494 58.10 205.32 -34.85
N ALA P 495 58.62 205.96 -35.88
CA ALA P 495 59.93 205.60 -36.42
C ALA P 495 61.03 206.05 -35.47
N LEU P 496 62.18 205.38 -35.57
CA LEU P 496 63.33 205.73 -34.72
C LEU P 496 63.90 207.10 -35.06
N GLY P 497 63.64 207.61 -36.25
CA GLY P 497 64.14 208.91 -36.63
C GLY P 497 63.71 209.26 -38.04
N TYR P 498 63.98 210.51 -38.42
CA TYR P 498 63.65 211.00 -39.75
C TYR P 498 64.79 211.88 -40.25
N PHE P 499 65.31 211.56 -41.43
CA PHE P 499 66.41 212.32 -42.03
C PHE P 499 66.04 212.69 -43.46
N ALA P 500 66.38 213.91 -43.86
CA ALA P 500 66.11 214.42 -45.20
C ALA P 500 67.43 214.62 -45.93
N VAL P 501 67.55 214.00 -47.10
CA VAL P 501 68.76 214.09 -47.91
C VAL P 501 68.37 214.42 -49.35
N VAL P 502 69.35 214.91 -50.10
CA VAL P 502 69.18 215.27 -51.50
C VAL P 502 70.05 214.33 -52.34
N THR P 503 69.41 213.65 -53.30
CA THR P 503 70.09 212.71 -54.18
C THR P 503 70.15 213.23 -55.62
N GLY P 504 70.33 214.54 -55.77
CA GLY P 504 70.38 215.14 -57.09
C GLY P 504 69.01 215.36 -57.70
N LYS P 505 69.03 215.80 -58.95
CA LYS P 505 67.80 216.06 -59.70
C LYS P 505 67.20 214.80 -60.32
N GLY P 506 67.87 213.65 -60.21
CA GLY P 506 67.36 212.43 -60.78
C GLY P 506 67.57 212.27 -62.27
N ASN P 507 68.34 213.15 -62.89
CA ASN P 507 68.59 213.08 -64.33
C ASN P 507 69.69 212.04 -64.60
N SER P 508 70.08 211.92 -65.87
CA SER P 508 71.12 210.98 -66.29
C SER P 508 72.34 211.70 -66.86
N SER P 509 72.60 212.91 -66.37
CA SER P 509 73.75 213.68 -66.86
C SER P 509 74.56 214.29 -65.73
N GLU P 510 74.35 213.85 -64.49
CA GLU P 510 75.06 214.36 -63.33
C GLU P 510 75.91 213.23 -62.75
N SER P 511 77.21 213.49 -62.57
CA SER P 511 78.10 212.50 -62.02
C SER P 511 77.85 212.33 -60.52
N ILE P 512 78.36 211.22 -59.97
CA ILE P 512 78.20 210.94 -58.56
C ILE P 512 78.90 211.99 -57.72
N GLU P 513 80.10 212.39 -58.11
CA GLU P 513 80.83 213.41 -57.37
C GLU P 513 80.09 214.74 -57.37
N ALA P 514 79.52 215.12 -58.53
CA ALA P 514 78.77 216.38 -58.61
C ALA P 514 77.55 216.34 -57.71
N ILE P 515 76.83 215.22 -57.69
CA ILE P 515 75.64 215.12 -56.84
C ILE P 515 76.04 215.16 -55.37
N ARG P 516 77.14 214.49 -55.01
CA ARG P 516 77.61 214.52 -53.63
C ARG P 516 78.00 215.94 -53.22
N GLU P 517 78.70 216.67 -54.10
CA GLU P 517 79.07 218.04 -53.79
C GLU P 517 77.85 218.94 -53.65
N TYR P 518 76.86 218.75 -54.52
CA TYR P 518 75.62 219.53 -54.41
C TYR P 518 74.90 219.24 -53.11
N GLU P 519 74.85 217.96 -52.71
CA GLU P 519 74.20 217.60 -51.45
C GLU P 519 74.94 218.20 -50.26
N GLU P 520 76.28 218.17 -50.30
CA GLU P 520 77.06 218.77 -49.22
C GLU P 520 76.82 220.27 -49.14
N GLU P 521 76.77 220.95 -50.30
CA GLU P 521 76.52 222.38 -50.31
C GLU P 521 75.12 222.69 -49.78
N PHE P 522 74.13 221.88 -50.15
CA PHE P 522 72.77 222.10 -49.65
C PHE P 522 72.71 221.89 -48.14
N PHE P 523 73.40 220.86 -47.63
CA PHE P 523 73.43 220.63 -46.20
C PHE P 523 74.11 221.79 -45.46
N GLN P 524 75.22 222.29 -46.02
CA GLN P 524 75.91 223.42 -45.39
C GLN P 524 75.04 224.67 -45.37
N ASN P 525 74.37 224.96 -46.49
CA ASN P 525 73.52 226.14 -46.62
C ASN P 525 72.17 225.68 -47.15
N SER P 526 71.17 225.62 -46.27
CA SER P 526 69.83 225.19 -46.64
C SER P 526 68.83 226.29 -46.30
N LYS P 527 67.78 226.38 -47.13
CA LYS P 527 66.74 227.37 -46.92
C LYS P 527 65.82 227.04 -45.75
N LEU P 528 65.88 225.82 -45.23
CA LEU P 528 65.04 225.42 -44.11
C LEU P 528 65.80 225.39 -42.78
N LEU P 529 67.11 225.14 -42.80
CA LEU P 529 67.88 225.12 -41.56
C LEU P 529 68.03 226.51 -40.97
N LYS P 530 68.06 227.55 -41.82
CA LYS P 530 68.20 228.91 -41.34
C LYS P 530 66.93 229.45 -40.69
N THR P 531 65.80 228.76 -40.84
CA THR P 531 64.54 229.19 -40.24
C THR P 531 64.34 228.65 -38.83
N SER P 532 65.30 227.90 -38.29
CA SER P 532 65.22 227.34 -36.95
C SER P 532 63.97 226.48 -36.78
N MET P 533 63.62 225.72 -37.81
CA MET P 533 62.45 224.85 -37.79
C MET P 533 62.82 223.36 -37.87
N LEU P 534 64.11 223.04 -37.96
CA LEU P 534 64.56 221.65 -38.06
C LEU P 534 65.59 221.38 -36.96
N LYS P 535 65.56 220.16 -36.45
CA LYS P 535 66.47 219.77 -35.39
C LYS P 535 67.91 219.70 -35.92
N ALA P 536 68.85 220.14 -35.07
CA ALA P 536 70.25 220.16 -35.48
C ALA P 536 70.87 218.77 -35.49
N HIS P 537 70.33 217.85 -34.70
CA HIS P 537 70.88 216.51 -34.61
C HIS P 537 70.32 215.57 -35.67
N GLN P 538 69.41 216.04 -36.52
CA GLN P 538 68.83 215.24 -37.59
C GLN P 538 69.47 215.52 -38.94
N VAL P 539 70.77 215.80 -38.95
CA VAL P 539 71.48 216.10 -40.20
C VAL P 539 72.42 214.95 -40.54
N THR P 540 72.99 214.99 -41.74
CA THR P 540 73.90 213.96 -42.25
C THR P 540 73.27 212.58 -42.22
N THR P 541 74.10 211.54 -42.36
CA THR P 541 73.61 210.17 -42.36
C THR P 541 74.46 209.22 -41.53
N ARG P 542 75.53 209.69 -40.88
CA ARG P 542 76.42 208.80 -40.15
C ARG P 542 75.72 208.14 -38.97
N ASN P 543 75.02 208.94 -38.17
CA ASN P 543 74.32 208.38 -37.00
C ASN P 543 73.21 207.43 -37.42
N LEU P 544 72.45 207.80 -38.45
CA LEU P 544 71.38 206.92 -38.93
C LEU P 544 71.95 205.60 -39.46
N SER P 545 73.05 205.67 -40.22
CA SER P 545 73.67 204.46 -40.75
C SER P 545 74.19 203.58 -39.62
N LEU P 546 74.82 204.18 -38.61
CA LEU P 546 75.32 203.40 -37.48
C LEU P 546 74.18 202.74 -36.73
N ALA P 547 73.09 203.47 -36.49
CA ALA P 547 71.95 202.88 -35.79
C ALA P 547 71.33 201.74 -36.59
N VAL P 548 71.18 201.93 -37.90
CA VAL P 548 70.63 200.89 -38.75
C VAL P 548 71.52 199.65 -38.75
N SER P 549 72.83 199.86 -38.84
CA SER P 549 73.76 198.73 -38.82
C SER P 549 73.70 197.98 -37.50
N ASP P 550 73.65 198.72 -36.38
CA ASP P 550 73.57 198.05 -35.08
C ASP P 550 72.27 197.28 -34.93
N CYS P 551 71.15 197.86 -35.36
CA CYS P 551 69.87 197.16 -35.28
C CYS P 551 69.87 195.91 -36.14
N PHE P 552 70.41 196.01 -37.36
CA PHE P 552 70.48 194.85 -38.24
C PHE P 552 71.37 193.76 -37.65
N TRP P 553 72.51 194.14 -37.07
CA TRP P 553 73.39 193.16 -36.47
C TRP P 553 72.74 192.45 -35.28
N LYS P 554 72.07 193.21 -34.40
CA LYS P 554 71.44 192.57 -33.25
C LYS P 554 70.28 191.67 -33.68
N MET P 555 69.48 192.12 -34.66
CA MET P 555 68.35 191.31 -35.10
C MET P 555 68.82 190.05 -35.82
N VAL P 556 69.89 190.15 -36.62
CA VAL P 556 70.40 188.95 -37.29
C VAL P 556 71.06 188.01 -36.29
N ARG P 557 71.69 188.55 -35.24
CA ARG P 557 72.24 187.69 -34.20
C ARG P 557 71.14 186.93 -33.48
N GLU P 558 70.04 187.62 -33.12
CA GLU P 558 68.93 186.93 -32.50
C GLU P 558 68.32 185.89 -33.43
N SER P 559 68.18 186.23 -34.72
CA SER P 559 67.60 185.31 -35.68
C SER P 559 68.46 184.06 -35.84
N VAL P 560 69.79 184.23 -35.92
CA VAL P 560 70.66 183.07 -36.09
C VAL P 560 70.70 182.25 -34.80
N GLU P 561 70.61 182.90 -33.63
CA GLU P 561 70.55 182.16 -32.38
C GLU P 561 69.29 181.29 -32.32
N GLN P 562 68.15 181.84 -32.75
CA GLN P 562 66.93 181.03 -32.79
C GLN P 562 67.03 179.93 -33.84
N GLN P 563 67.59 180.24 -35.01
CA GLN P 563 67.65 179.26 -36.08
C GLN P 563 68.62 178.13 -35.80
N ALA P 564 69.65 178.36 -34.97
CA ALA P 564 70.57 177.28 -34.63
C ALA P 564 69.85 176.09 -34.02
N ASP P 565 68.73 176.32 -33.36
CA ASP P 565 67.88 175.24 -32.86
C ASP P 565 66.68 174.97 -33.75
N SER P 566 66.15 176.01 -34.41
CA SER P 566 64.99 175.80 -35.28
C SER P 566 65.31 174.87 -36.44
N PHE P 567 66.47 175.06 -37.08
CA PHE P 567 66.84 174.19 -38.20
C PHE P 567 67.14 172.78 -37.74
N LYS P 568 67.75 172.63 -36.56
CA LYS P 568 67.98 171.29 -36.02
C LYS P 568 66.65 170.59 -35.76
N ALA P 569 65.68 171.30 -35.19
CA ALA P 569 64.36 170.71 -34.96
C ALA P 569 63.69 170.35 -36.28
N THR P 570 63.81 171.22 -37.29
CA THR P 570 63.22 170.92 -38.59
C THR P 570 63.85 169.69 -39.23
N ARG P 571 65.18 169.57 -39.14
CA ARG P 571 65.86 168.40 -39.68
C ARG P 571 65.43 167.13 -38.95
N PHE P 572 65.32 167.20 -37.62
CA PHE P 572 64.87 166.04 -36.86
C PHE P 572 63.46 165.64 -37.24
N ASN P 573 62.57 166.62 -37.41
CA ASN P 573 61.20 166.33 -37.80
C ASN P 573 61.14 165.71 -39.19
N LEU P 574 61.94 166.23 -40.13
CA LEU P 574 61.97 165.66 -41.47
C LEU P 574 62.49 164.24 -41.46
N GLU P 575 63.55 163.97 -40.68
CA GLU P 575 64.07 162.61 -40.59
C GLU P 575 63.05 161.67 -39.98
N THR P 576 62.34 162.12 -38.93
CA THR P 576 61.31 161.30 -38.32
C THR P 576 60.18 161.01 -39.29
N GLU P 577 59.77 162.03 -40.07
CA GLU P 577 58.71 161.82 -41.07
C GLU P 577 59.15 160.82 -42.13
N TRP P 578 60.39 160.95 -42.61
CA TRP P 578 60.88 160.02 -43.61
C TRP P 578 60.94 158.60 -43.07
N LYS P 579 61.41 158.43 -41.83
CA LYS P 579 61.47 157.09 -41.23
C LYS P 579 60.07 156.52 -41.03
N ASN P 580 59.12 157.34 -40.59
CA ASN P 580 57.78 156.84 -40.31
C ASN P 580 57.04 156.48 -41.60
N ASN P 581 57.17 157.31 -42.64
CA ASN P 581 56.49 157.00 -43.90
C ASN P 581 57.09 155.77 -44.56
N TYR P 582 58.39 155.53 -44.38
CA TYR P 582 59.09 154.40 -44.98
C TYR P 582 59.86 153.65 -43.89
N PRO P 583 59.16 152.87 -43.07
CA PRO P 583 59.87 152.11 -42.02
C PRO P 583 60.89 151.12 -42.57
N ARG P 584 60.64 150.55 -43.74
CA ARG P 584 61.54 149.55 -44.32
C ARG P 584 62.39 150.12 -45.46
N LEU P 585 62.31 151.42 -45.71
CA LEU P 585 63.09 152.07 -46.76
C LEU P 585 63.84 153.25 -46.18
N ARG P 586 65.14 153.32 -46.48
CA ARG P 586 65.99 154.41 -46.01
C ARG P 586 65.98 155.53 -47.04
N GLU P 587 66.87 156.50 -46.88
CA GLU P 587 66.95 157.63 -47.80
C GLU P 587 67.23 157.16 -49.21
N LEU P 588 66.45 157.68 -50.17
CA LEU P 588 66.56 157.33 -51.58
C LEU P 588 66.64 158.62 -52.39
N ASP P 589 67.85 159.12 -52.61
CA ASP P 589 68.05 160.33 -53.39
C ASP P 589 68.17 159.97 -54.87
N ARG P 590 68.47 161.00 -55.68
CA ARG P 590 68.54 160.80 -57.13
C ARG P 590 69.66 159.84 -57.51
N ASN P 591 70.84 159.98 -56.88
CA ASN P 591 71.99 159.17 -57.26
C ASN P 591 71.77 157.70 -56.92
N GLU P 592 71.33 157.41 -55.70
CA GLU P 592 71.13 156.03 -55.29
C GLU P 592 70.01 155.38 -56.09
N LEU P 593 68.92 156.10 -56.33
CA LEU P 593 67.81 155.54 -57.10
C LEU P 593 68.23 155.30 -58.55
N PHE P 594 68.99 156.21 -59.14
CA PHE P 594 69.47 156.01 -60.50
C PHE P 594 70.41 154.80 -60.57
N GLU P 595 71.29 154.65 -59.59
CA GLU P 595 72.18 153.49 -59.58
C GLU P 595 71.39 152.19 -59.42
N LYS P 596 70.37 152.21 -58.56
CA LYS P 596 69.54 151.02 -58.39
C LYS P 596 68.78 150.68 -59.67
N ALA P 597 68.27 151.69 -60.36
CA ALA P 597 67.59 151.46 -61.63
C ALA P 597 68.54 150.89 -62.67
N LYS P 598 69.77 151.41 -62.73
CA LYS P 598 70.76 150.88 -63.66
C LYS P 598 71.09 149.43 -63.34
N ASN P 599 71.25 149.12 -62.05
CA ASN P 599 71.53 147.74 -61.65
C ASN P 599 70.37 146.82 -61.98
N GLU P 600 69.14 147.27 -61.78
CA GLU P 600 67.98 146.46 -62.13
C GLU P 600 67.90 146.23 -63.64
N ILE P 601 68.21 147.25 -64.43
CA ILE P 601 68.22 147.09 -65.88
C ILE P 601 69.28 146.08 -66.29
N LEU P 602 70.47 146.17 -65.69
CA LEU P 602 71.53 145.21 -65.99
C LEU P 602 71.12 143.79 -65.62
N ASP P 603 70.48 143.62 -64.46
CA ASP P 603 70.02 142.29 -64.05
C ASP P 603 68.97 141.76 -65.00
N GLU P 604 68.04 142.62 -65.44
CA GLU P 604 67.02 142.19 -66.39
C GLU P 604 67.65 141.78 -67.72
N VAL P 605 68.65 142.53 -68.19
CA VAL P 605 69.34 142.18 -69.42
C VAL P 605 70.07 140.84 -69.26
N ILE P 606 70.70 140.63 -68.11
CA ILE P 606 71.39 139.37 -67.85
C ILE P 606 70.40 138.21 -67.87
N SER P 607 69.25 138.39 -67.21
CA SER P 607 68.24 137.34 -67.19
C SER P 607 67.71 137.06 -68.60
N LEU P 608 67.50 138.11 -69.39
CA LEU P 608 67.06 137.94 -70.77
C LEU P 608 68.08 137.15 -71.58
N SER P 609 69.36 137.46 -71.40
CA SER P 609 70.41 136.75 -72.13
C SER P 609 70.56 135.31 -71.64
N GLN P 610 70.17 135.04 -70.39
CA GLN P 610 70.35 133.72 -69.81
C GLN P 610 69.20 132.76 -70.10
N VAL P 611 68.15 133.22 -70.78
CA VAL P 611 67.04 132.34 -71.11
C VAL P 611 67.50 131.29 -72.11
N THR P 612 67.02 130.07 -71.93
CA THR P 612 67.39 128.96 -72.80
C THR P 612 66.95 129.24 -74.24
N PRO P 613 67.84 129.10 -75.23
CA PRO P 613 67.43 129.38 -76.62
C PRO P 613 66.32 128.50 -77.12
N LYS P 614 66.18 127.28 -76.58
CA LYS P 614 65.14 126.36 -77.06
C LYS P 614 63.75 126.93 -76.83
N HIS P 615 63.53 127.54 -75.66
CA HIS P 615 62.23 128.14 -75.38
C HIS P 615 61.96 129.29 -76.34
N TRP P 616 62.97 130.11 -76.63
CA TRP P 616 62.83 131.18 -77.60
C TRP P 616 62.44 130.64 -78.97
N GLU P 617 63.12 129.57 -79.40
CA GLU P 617 62.82 128.98 -80.71
C GLU P 617 61.40 128.45 -80.75
N GLU P 618 60.97 127.76 -79.70
CA GLU P 618 59.61 127.23 -79.66
C GLU P 618 58.57 128.35 -79.69
N ILE P 619 58.79 129.40 -78.89
CA ILE P 619 57.84 130.51 -78.84
C ILE P 619 57.77 131.21 -80.20
N LEU P 620 58.93 131.47 -80.80
CA LEU P 620 58.95 132.14 -82.10
C LEU P 620 58.27 131.29 -83.17
N GLN P 621 58.54 129.98 -83.19
CA GLN P 621 57.92 129.11 -84.17
C GLN P 621 56.41 129.09 -84.00
N GLN P 622 55.94 128.96 -82.76
CA GLN P 622 54.50 128.90 -82.51
C GLN P 622 53.82 130.22 -82.91
N SER P 623 54.42 131.35 -82.53
CA SER P 623 53.85 132.64 -82.86
C SER P 623 53.82 132.87 -84.37
N LEU P 624 54.92 132.55 -85.05
CA LEU P 624 54.97 132.73 -86.50
C LEU P 624 53.96 131.84 -87.20
N TRP P 625 53.83 130.58 -86.76
CA TRP P 625 52.87 129.68 -87.38
C TRP P 625 51.44 130.19 -87.17
N GLU P 626 51.12 130.62 -85.95
CA GLU P 626 49.80 131.16 -85.70
C GLU P 626 49.52 132.41 -86.52
N ARG P 627 50.57 133.21 -86.77
CA ARG P 627 50.39 134.44 -87.52
C ARG P 627 50.19 134.16 -89.01
N VAL P 628 50.94 133.21 -89.57
CA VAL P 628 50.95 133.02 -91.02
C VAL P 628 50.07 131.84 -91.45
N SER P 629 49.35 131.21 -90.52
CA SER P 629 48.45 130.12 -90.92
C SER P 629 47.39 130.60 -91.89
N THR P 630 46.74 131.73 -91.57
CA THR P 630 45.71 132.27 -92.46
C THR P 630 46.29 132.70 -93.79
N HIS P 631 47.46 133.34 -93.77
CA HIS P 631 48.09 133.77 -95.00
C HIS P 631 48.43 132.57 -95.91
N VAL P 632 48.99 131.52 -95.31
CA VAL P 632 49.33 130.33 -96.08
C VAL P 632 48.06 129.69 -96.64
N ILE P 633 47.00 129.60 -95.84
CA ILE P 633 45.76 128.98 -96.31
C ILE P 633 45.21 129.77 -97.49
N GLU P 634 45.07 131.09 -97.33
CA GLU P 634 44.47 131.93 -98.37
C GLU P 634 45.36 132.11 -99.58
N ASN P 635 46.66 131.82 -99.48
CA ASN P 635 47.55 131.92 -100.62
C ASN P 635 47.84 130.57 -101.28
N ILE P 636 47.46 129.46 -100.66
CA ILE P 636 47.71 128.15 -101.23
C ILE P 636 46.40 127.46 -101.61
N TYR P 637 45.52 127.25 -100.63
CA TYR P 637 44.32 126.47 -100.88
C TYR P 637 43.29 127.25 -101.69
N LEU P 638 43.22 128.57 -101.51
CA LEU P 638 42.26 129.37 -102.26
C LEU P 638 42.47 129.30 -103.76
N PRO P 639 43.69 129.46 -104.30
CA PRO P 639 43.86 129.27 -105.75
C PRO P 639 43.76 127.82 -106.17
N ALA P 640 44.38 126.92 -105.42
CA ALA P 640 44.37 125.49 -105.74
C ALA P 640 43.24 124.77 -104.99
N ALA P 641 42.01 125.23 -105.24
CA ALA P 641 40.84 124.69 -104.58
C ALA P 641 40.19 123.54 -105.32
N GLN P 642 40.65 123.22 -106.54
CA GLN P 642 40.07 122.15 -107.33
C GLN P 642 41.12 121.19 -107.89
N THR P 643 42.32 121.18 -107.31
CA THR P 643 43.35 120.27 -107.76
C THR P 643 43.00 118.83 -107.38
N MET P 644 43.25 117.91 -108.31
CA MET P 644 42.99 116.50 -108.11
C MET P 644 44.26 115.68 -107.86
N ASN P 645 45.29 115.89 -108.67
CA ASN P 645 46.54 115.18 -108.50
C ASN P 645 47.36 115.80 -107.38
N SER P 646 47.94 114.96 -106.53
CA SER P 646 48.76 115.45 -105.42
C SER P 646 50.04 116.10 -105.93
N GLY P 647 50.57 115.63 -107.05
CA GLY P 647 51.79 116.22 -107.58
C GLY P 647 51.63 117.66 -108.00
N THR P 648 50.52 117.98 -108.66
CA THR P 648 50.25 119.35 -109.05
C THR P 648 50.09 120.25 -107.82
N PHE P 649 49.40 119.76 -106.79
CA PHE P 649 49.24 120.52 -105.56
C PHE P 649 50.59 120.77 -104.90
N ASN P 650 51.45 119.75 -104.85
CA ASN P 650 52.77 119.93 -104.26
C ASN P 650 53.61 120.92 -105.06
N THR P 651 53.53 120.86 -106.39
CA THR P 651 54.26 121.81 -107.21
C THR P 651 53.77 123.24 -106.97
N THR P 652 52.46 123.42 -106.88
CA THR P 652 51.91 124.75 -106.60
C THR P 652 52.35 125.24 -105.23
N VAL P 653 52.37 124.35 -104.24
CA VAL P 653 52.82 124.73 -102.90
C VAL P 653 54.27 125.17 -102.94
N ASP P 654 55.11 124.41 -103.64
CA ASP P 654 56.53 124.78 -103.74
C ASP P 654 56.71 126.12 -104.45
N ILE P 655 55.95 126.35 -105.51
CA ILE P 655 56.04 127.62 -106.23
C ILE P 655 55.64 128.78 -105.33
N LYS P 656 54.53 128.62 -104.60
CA LYS P 656 54.09 129.68 -103.71
C LYS P 656 55.10 129.93 -102.60
N LEU P 657 55.67 128.87 -102.03
CA LEU P 657 56.66 129.03 -100.98
C LEU P 657 57.90 129.75 -101.49
N LYS P 658 58.37 129.38 -102.69
CA LYS P 658 59.53 130.05 -103.26
C LYS P 658 59.24 131.53 -103.53
N GLN P 659 58.06 131.82 -104.06
CA GLN P 659 57.69 133.21 -104.32
C GLN P 659 57.62 134.01 -103.02
N TRP P 660 57.04 133.43 -101.97
CA TRP P 660 56.96 134.12 -100.70
C TRP P 660 58.35 134.36 -100.11
N THR P 661 59.22 133.35 -100.17
CA THR P 661 60.59 133.52 -99.67
C THR P 661 61.32 134.62 -100.44
N ASP P 662 61.13 134.67 -101.76
CA ASP P 662 61.83 135.68 -102.56
C ASP P 662 61.28 137.08 -102.30
N LYS P 663 59.97 137.20 -102.12
CA LYS P 663 59.34 138.53 -102.11
C LYS P 663 59.46 139.22 -100.75
N GLN P 664 58.82 138.68 -99.72
CA GLN P 664 58.72 139.41 -98.45
C GLN P 664 58.82 138.53 -97.21
N LEU P 665 59.05 137.23 -97.34
CA LEU P 665 59.09 136.37 -96.15
C LEU P 665 60.18 136.76 -95.16
N PRO P 666 61.43 137.04 -95.57
CA PRO P 666 62.42 137.48 -94.57
C PRO P 666 62.02 138.76 -93.85
N ASN P 667 61.40 139.70 -94.56
CA ASN P 667 60.96 140.93 -93.92
C ASN P 667 59.88 140.66 -92.88
N LYS P 668 58.92 139.79 -93.22
CA LYS P 668 57.87 139.44 -92.27
C LYS P 668 58.46 138.72 -91.05
N ALA P 669 59.42 137.82 -91.28
CA ALA P 669 60.06 137.12 -90.17
C ALA P 669 60.80 138.09 -89.26
N VAL P 670 61.51 139.05 -89.85
CA VAL P 670 62.24 140.05 -89.06
C VAL P 670 61.26 140.89 -88.24
N GLU P 671 60.16 141.32 -88.87
CA GLU P 671 59.16 142.11 -88.15
C GLU P 671 58.54 141.31 -87.01
N VAL P 672 58.23 140.04 -87.24
CA VAL P 672 57.65 139.21 -86.19
C VAL P 672 58.64 139.04 -85.04
N ALA P 673 59.91 138.78 -85.36
CA ALA P 673 60.92 138.62 -84.31
C ALA P 673 61.08 139.91 -83.50
N TRP P 674 61.11 141.06 -84.19
CA TRP P 674 61.25 142.33 -83.49
C TRP P 674 60.04 142.60 -82.60
N GLU P 675 58.84 142.29 -83.09
CA GLU P 675 57.64 142.49 -82.28
C GLU P 675 57.64 141.58 -81.05
N THR P 676 58.07 140.32 -81.22
CA THR P 676 58.14 139.42 -80.08
C THR P 676 59.18 139.90 -79.06
N LEU P 677 60.33 140.39 -79.54
CA LEU P 677 61.33 140.92 -78.63
C LEU P 677 60.79 142.13 -77.88
N GLN P 678 60.08 143.02 -78.57
CA GLN P 678 59.48 144.17 -77.91
C GLN P 678 58.46 143.75 -76.87
N GLU P 679 57.64 142.75 -77.18
CA GLU P 679 56.65 142.27 -76.22
C GLU P 679 57.32 141.68 -74.99
N GLU P 680 58.38 140.88 -75.19
CA GLU P 680 59.10 140.30 -74.06
C GLU P 680 59.74 141.40 -73.21
N PHE P 681 60.35 142.39 -73.85
CA PHE P 681 60.96 143.48 -73.11
C PHE P 681 59.93 144.27 -72.32
N SER P 682 58.77 144.54 -72.92
CA SER P 682 57.71 145.26 -72.22
C SER P 682 57.18 144.46 -71.03
N ARG P 683 57.00 143.15 -71.22
CA ARG P 683 56.51 142.32 -70.11
C ARG P 683 57.53 142.27 -68.97
N PHE P 684 58.82 142.18 -69.32
CA PHE P 684 59.85 142.20 -68.27
C PHE P 684 59.89 143.55 -67.56
N MET P 685 59.76 144.65 -68.29
CA MET P 685 59.76 145.96 -67.66
C MET P 685 58.56 146.15 -66.75
N THR P 686 57.39 145.70 -67.18
CA THR P 686 56.15 145.81 -66.41
C THR P 686 55.77 144.41 -65.95
N GLU P 687 56.29 144.01 -64.79
CA GLU P 687 56.05 142.69 -64.21
C GLU P 687 55.55 142.88 -62.79
N PRO P 688 54.24 143.10 -62.61
CA PRO P 688 53.69 143.39 -61.27
C PRO P 688 53.55 142.13 -60.41
N LYS P 689 54.64 141.37 -60.31
CA LYS P 689 54.63 140.22 -59.41
C LYS P 689 54.52 140.66 -57.95
N GLY P 690 55.20 141.74 -57.59
CA GLY P 690 55.12 142.23 -56.23
C GLY P 690 53.76 142.85 -55.93
N LYS P 691 53.38 142.80 -54.65
CA LYS P 691 52.09 143.33 -54.24
C LYS P 691 52.02 144.84 -54.28
N GLU P 692 53.17 145.53 -54.26
CA GLU P 692 53.18 146.99 -54.29
C GLU P 692 53.29 147.50 -55.72
N HIS P 693 54.37 147.13 -56.42
CA HIS P 693 54.63 147.53 -57.80
C HIS P 693 54.47 149.04 -57.97
N ASP P 694 55.35 149.77 -57.29
CA ASP P 694 55.35 151.22 -57.36
C ASP P 694 55.53 151.71 -58.80
N ASP P 695 54.68 152.66 -59.19
CA ASP P 695 54.69 153.16 -60.57
C ASP P 695 55.78 154.18 -60.83
N ILE P 696 56.43 154.71 -59.78
CA ILE P 696 57.49 155.69 -59.99
C ILE P 696 58.63 155.06 -60.78
N PHE P 697 59.04 153.85 -60.42
CA PHE P 697 60.07 153.15 -61.18
C PHE P 697 59.52 152.64 -62.51
N ASP P 698 58.23 152.30 -62.54
CA ASP P 698 57.63 151.76 -63.76
C ASP P 698 57.62 152.80 -64.88
N LYS P 699 57.33 154.06 -64.56
CA LYS P 699 57.34 155.10 -65.58
C LYS P 699 58.74 155.28 -66.17
N LEU P 700 59.76 155.28 -65.32
CA LEU P 700 61.13 155.40 -65.81
C LEU P 700 61.51 154.19 -66.66
N LYS P 701 61.10 153.00 -66.24
CA LYS P 701 61.39 151.79 -67.03
C LYS P 701 60.73 151.87 -68.40
N GLU P 702 59.47 152.31 -68.44
CA GLU P 702 58.78 152.44 -69.72
C GLU P 702 59.43 153.49 -70.61
N ALA P 703 59.87 154.61 -70.03
CA ALA P 703 60.56 155.64 -70.81
C ALA P 703 61.85 155.10 -71.38
N VAL P 704 62.62 154.37 -70.57
CA VAL P 704 63.88 153.79 -71.04
C VAL P 704 63.61 152.77 -72.15
N LYS P 705 62.57 151.96 -71.99
CA LYS P 705 62.21 150.99 -73.00
C LYS P 705 61.84 151.66 -74.32
N GLU P 706 61.05 152.74 -74.25
CA GLU P 706 60.68 153.47 -75.47
C GLU P 706 61.90 154.09 -76.12
N GLU P 707 62.80 154.67 -75.33
CA GLU P 707 64.02 155.26 -75.88
C GLU P 707 64.89 154.20 -76.56
N SER P 708 65.02 153.03 -75.93
CA SER P 708 65.81 151.95 -76.52
C SER P 708 65.16 151.45 -77.81
N ILE P 709 63.83 151.34 -77.83
CA ILE P 709 63.14 150.88 -79.03
C ILE P 709 63.33 151.87 -80.17
N LYS P 710 63.20 153.16 -79.87
CA LYS P 710 63.39 154.18 -80.91
C LYS P 710 64.83 154.25 -81.38
N ARG P 711 65.79 154.01 -80.49
CA ARG P 711 67.21 154.08 -80.84
C ARG P 711 67.74 152.79 -81.45
N HIS P 712 66.96 151.70 -81.40
CA HIS P 712 67.43 150.43 -81.91
C HIS P 712 67.62 150.49 -83.43
N LYS P 713 68.65 149.79 -83.91
CA LYS P 713 68.97 149.76 -85.33
C LYS P 713 69.06 148.30 -85.79
N TRP P 714 68.91 148.12 -87.11
CA TRP P 714 68.97 146.79 -87.72
C TRP P 714 69.99 146.79 -88.84
N ASN P 715 70.58 145.62 -89.09
CA ASN P 715 71.62 145.45 -90.10
C ASN P 715 71.05 144.70 -91.29
N ASP P 716 71.27 145.23 -92.49
CA ASP P 716 70.77 144.57 -93.70
C ASP P 716 71.54 143.29 -94.01
N PHE P 717 72.77 143.18 -93.52
CA PHE P 717 73.53 141.93 -93.70
C PHE P 717 72.83 140.78 -92.98
N ALA P 718 72.28 141.04 -91.79
CA ALA P 718 71.52 140.02 -91.09
C ALA P 718 70.29 139.61 -91.89
N GLU P 719 69.61 140.58 -92.52
CA GLU P 719 68.46 140.25 -93.35
C GLU P 719 68.85 139.39 -94.54
N ASP P 720 69.97 139.73 -95.19
CA ASP P 720 70.44 138.93 -96.32
C ASP P 720 70.81 137.52 -95.88
N SER P 721 71.49 137.39 -94.75
CA SER P 721 71.83 136.06 -94.24
C SER P 721 70.57 135.26 -93.91
N LEU P 722 69.57 135.92 -93.31
CA LEU P 722 68.32 135.23 -93.01
C LEU P 722 67.63 134.76 -94.29
N ARG P 723 67.62 135.60 -95.32
CA ARG P 723 67.02 135.21 -96.60
C ARG P 723 67.75 134.03 -97.20
N VAL P 724 69.07 134.05 -97.17
CA VAL P 724 69.86 132.96 -97.74
C VAL P 724 69.59 131.66 -96.98
N ILE P 725 69.55 131.73 -95.64
CA ILE P 725 69.33 130.53 -94.85
C ILE P 725 67.91 130.01 -95.05
N GLN P 726 66.93 130.90 -95.17
CA GLN P 726 65.56 130.48 -95.43
C GLN P 726 65.45 129.78 -96.78
N HIS P 727 66.12 130.31 -97.80
CA HIS P 727 66.13 129.65 -99.11
C HIS P 727 66.84 128.31 -99.05
N ASN P 728 67.93 128.21 -98.31
CA ASN P 728 68.69 126.96 -98.24
C ASN P 728 68.01 125.92 -97.36
N ALA P 729 67.08 126.32 -96.49
CA ALA P 729 66.45 125.39 -95.57
C ALA P 729 65.43 124.50 -96.29
N LEU P 730 65.90 123.62 -97.16
CA LEU P 730 65.06 122.66 -97.87
C LEU P 730 65.70 121.28 -97.80
N GLU P 731 66.13 120.88 -96.60
CA GLU P 731 66.90 119.66 -96.40
C GLU P 731 66.02 118.42 -96.38
N ASP P 732 65.09 118.33 -95.44
CA ASP P 732 64.28 117.13 -95.27
C ASP P 732 62.93 117.30 -95.96
N ARG P 733 62.48 116.23 -96.64
CA ARG P 733 61.23 116.26 -97.36
C ARG P 733 60.34 115.04 -97.12
N SER P 734 60.78 114.06 -96.32
CA SER P 734 60.00 112.86 -96.07
C SER P 734 60.17 112.44 -94.63
N ILE P 735 59.19 111.68 -94.14
CA ILE P 735 59.19 111.16 -92.77
C ILE P 735 59.49 109.67 -92.82
N SER P 736 60.52 109.25 -92.10
CA SER P 736 60.89 107.84 -92.00
C SER P 736 60.73 107.31 -90.57
N ASP P 737 60.07 108.06 -89.69
CA ASP P 737 59.89 107.68 -88.30
C ASP P 737 58.40 107.59 -88.00
N LYS P 738 57.99 106.50 -87.35
CA LYS P 738 56.59 106.35 -86.95
C LYS P 738 56.20 107.39 -85.92
N GLN P 739 57.09 107.67 -84.95
CA GLN P 739 56.79 108.67 -83.93
C GLN P 739 56.66 110.07 -84.53
N GLN P 740 57.56 110.42 -85.46
CA GLN P 740 57.46 111.71 -86.12
C GLN P 740 56.18 111.79 -86.95
N TRP P 741 55.81 110.70 -87.61
CA TRP P 741 54.56 110.67 -88.38
C TRP P 741 53.36 110.89 -87.46
N ASP P 742 53.34 110.24 -86.30
CA ASP P 742 52.25 110.43 -85.35
C ASP P 742 52.21 111.86 -84.82
N ALA P 743 53.38 112.44 -84.54
CA ALA P 743 53.42 113.82 -84.07
C ALA P 743 52.89 114.77 -85.13
N ALA P 744 53.27 114.56 -86.39
CA ALA P 744 52.76 115.39 -87.47
C ALA P 744 51.25 115.22 -87.63
N ILE P 745 50.77 113.98 -87.49
CA ILE P 745 49.32 113.73 -87.55
C ILE P 745 48.60 114.48 -86.45
N TYR P 746 49.14 114.45 -85.23
CA TYR P 746 48.50 115.14 -84.11
C TYR P 746 48.50 116.65 -84.31
N PHE P 747 49.62 117.20 -84.80
CA PHE P 747 49.67 118.64 -85.05
C PHE P 747 48.68 119.04 -86.14
N MET P 748 48.60 118.26 -87.22
CA MET P 748 47.65 118.54 -88.29
C MET P 748 46.22 118.43 -87.78
N GLU P 749 45.94 117.44 -86.93
CA GLU P 749 44.61 117.29 -86.36
C GLU P 749 44.25 118.49 -85.49
N GLU P 750 45.20 118.97 -84.69
CA GLU P 750 44.96 120.15 -83.87
C GLU P 750 44.66 121.38 -84.74
N ALA P 751 45.46 121.57 -85.79
CA ALA P 751 45.23 122.71 -86.69
C ALA P 751 43.88 122.61 -87.38
N LEU P 752 43.51 121.42 -87.84
CA LEU P 752 42.24 121.26 -88.53
C LEU P 752 41.07 121.42 -87.56
N GLN P 753 41.23 120.97 -86.31
CA GLN P 753 40.18 121.19 -85.31
C GLN P 753 40.01 122.67 -85.01
N ALA P 754 41.12 123.42 -84.93
CA ALA P 754 41.03 124.86 -84.73
C ALA P 754 40.32 125.52 -85.90
N ARG P 755 40.66 125.12 -87.13
CA ARG P 755 39.99 125.67 -88.30
C ARG P 755 38.50 125.33 -88.31
N LEU P 756 38.16 124.10 -87.92
CA LEU P 756 36.76 123.70 -87.85
C LEU P 756 36.00 124.52 -86.80
N LYS P 757 36.62 124.77 -85.65
CA LYS P 757 35.98 125.60 -84.64
C LYS P 757 35.78 127.03 -85.14
N ASP P 758 36.77 127.57 -85.84
CA ASP P 758 36.61 128.92 -86.42
C ASP P 758 35.48 128.95 -87.43
N THR P 759 35.39 127.93 -88.29
CA THR P 759 34.32 127.86 -89.27
C THR P 759 32.96 127.72 -88.60
N GLU P 760 32.88 126.92 -87.54
CA GLU P 760 31.63 126.78 -86.80
C GLU P 760 31.22 128.10 -86.16
N ASN P 761 32.18 128.84 -85.61
CA ASN P 761 31.87 130.15 -85.03
C ASN P 761 31.37 131.10 -86.10
N ALA P 762 32.01 131.11 -87.27
CA ALA P 762 31.57 131.97 -88.35
C ALA P 762 30.16 131.61 -88.82
N ILE P 763 29.88 130.31 -88.94
CA ILE P 763 28.55 129.87 -89.36
C ILE P 763 27.51 130.26 -88.32
N GLU P 764 27.82 130.09 -87.04
CA GLU P 764 26.88 130.47 -85.99
C GLU P 764 26.62 131.97 -85.99
N ASN P 765 27.67 132.77 -86.21
CA ASN P 765 27.48 134.22 -86.32
C ASN P 765 26.60 134.57 -87.52
N MET P 766 26.81 133.89 -88.64
CA MET P 766 26.01 134.17 -89.83
C MET P 766 24.55 133.78 -89.64
N VAL P 767 24.29 132.65 -88.99
CA VAL P 767 22.94 132.10 -88.91
C VAL P 767 22.41 132.15 -87.48
N GLY P 768 23.06 131.45 -86.56
CA GLY P 768 22.60 131.38 -85.20
C GLY P 768 22.47 129.95 -84.71
N PRO P 769 21.50 129.70 -83.83
CA PRO P 769 21.29 128.34 -83.32
C PRO P 769 20.93 127.38 -84.44
N ASP P 770 21.46 126.16 -84.34
CA ASP P 770 21.28 125.13 -85.35
C ASP P 770 20.94 123.80 -84.69
N TRP P 771 20.04 123.05 -85.31
CA TRP P 771 19.68 121.68 -84.90
C TRP P 771 19.17 121.72 -83.47
N LYS P 772 19.81 121.03 -82.52
CA LYS P 772 19.32 120.94 -81.14
C LYS P 772 19.23 122.31 -80.48
N LYS P 773 20.22 123.16 -80.73
CA LYS P 773 20.20 124.50 -80.16
C LYS P 773 19.01 125.31 -80.66
N ARG P 774 18.70 125.18 -81.95
CA ARG P 774 17.59 125.94 -82.51
C ARG P 774 16.24 125.39 -82.04
N TRP P 775 16.10 124.07 -82.02
CA TRP P 775 14.83 123.44 -81.68
C TRP P 775 14.64 123.22 -80.18
N LEU P 776 15.62 123.61 -79.35
CA LEU P 776 15.46 123.48 -77.91
C LEU P 776 14.31 124.34 -77.40
N TYR P 777 14.22 125.57 -77.89
CA TYR P 777 13.13 126.45 -77.48
C TYR P 777 11.82 126.04 -78.14
N TRP P 778 11.87 125.69 -79.43
CA TRP P 778 10.76 125.23 -80.25
C TRP P 778 9.75 126.34 -80.53
N LYS P 779 9.93 127.54 -79.97
CA LYS P 779 9.03 128.65 -80.21
C LYS P 779 9.72 129.91 -80.72
N ASN P 780 11.05 129.90 -80.83
CA ASN P 780 11.81 131.05 -81.32
C ASN P 780 12.24 130.79 -82.75
N ARG P 781 11.68 131.56 -83.69
CA ARG P 781 12.01 131.42 -85.10
C ARG P 781 12.13 132.79 -85.73
N THR P 782 13.09 132.93 -86.64
CA THR P 782 13.34 134.17 -87.36
C THR P 782 13.40 133.87 -88.84
N GLN P 783 12.80 134.76 -89.65
CA GLN P 783 12.78 134.55 -91.09
C GLN P 783 14.18 134.57 -91.69
N GLU P 784 15.07 135.43 -91.15
CA GLU P 784 16.43 135.51 -91.68
C GLU P 784 17.19 134.22 -91.46
N GLN P 785 17.14 133.67 -90.24
CA GLN P 785 17.81 132.40 -89.97
C GLN P 785 17.09 131.22 -90.62
N CYS P 786 15.78 131.31 -90.83
CA CYS P 786 15.07 130.25 -91.54
C CYS P 786 15.53 130.15 -92.98
N VAL P 787 15.76 131.29 -93.63
CA VAL P 787 16.25 131.29 -95.01
C VAL P 787 17.63 130.63 -95.07
N HIS P 788 18.50 130.98 -94.11
CA HIS P 788 19.83 130.38 -94.07
C HIS P 788 19.76 128.88 -93.84
N ASN P 789 18.86 128.45 -92.94
CA ASN P 789 18.69 127.03 -92.68
C ASN P 789 18.20 126.28 -93.92
N GLU P 790 17.25 126.88 -94.64
CA GLU P 790 16.75 126.25 -95.87
C GLU P 790 17.84 126.17 -96.92
N THR P 791 18.65 127.22 -97.06
CA THR P 791 19.75 127.18 -98.01
C THR P 791 20.77 126.11 -97.63
N LYS P 792 21.07 126.01 -96.34
CA LYS P 792 22.00 124.98 -95.86
C LYS P 792 21.46 123.58 -96.14
N ASN P 793 20.17 123.36 -95.90
CA ASN P 793 19.58 122.06 -96.18
C ASN P 793 19.62 121.74 -97.67
N GLU P 794 19.32 122.74 -98.51
CA GLU P 794 19.35 122.51 -99.95
C GLU P 794 20.76 122.17 -100.42
N LEU P 795 21.76 122.88 -99.91
CA LEU P 795 23.14 122.60 -100.29
C LEU P 795 23.59 121.23 -99.79
N GLU P 796 23.16 120.85 -98.59
CA GLU P 796 23.49 119.52 -98.07
C GLU P 796 22.85 118.43 -98.93
N LYS P 797 21.61 118.62 -99.36
CA LYS P 797 20.96 117.66 -100.24
C LYS P 797 21.67 117.60 -101.60
N MET P 798 22.10 118.75 -102.11
CA MET P 798 22.84 118.76 -103.37
C MET P 798 24.15 118.00 -103.25
N LEU P 799 24.87 118.18 -102.13
CA LEU P 799 26.10 117.42 -101.91
C LEU P 799 25.82 115.93 -101.77
N LYS P 800 24.72 115.57 -101.10
CA LYS P 800 24.36 114.16 -100.98
C LYS P 800 24.09 113.56 -102.35
N CYS P 801 23.39 114.30 -103.21
CA CYS P 801 23.13 113.81 -104.57
C CYS P 801 24.38 113.91 -105.44
N ASN P 802 25.17 114.97 -105.28
CA ASN P 802 26.36 115.20 -106.09
C ASN P 802 27.50 115.57 -105.14
N GLU P 803 28.32 114.57 -104.79
CA GLU P 803 29.41 114.80 -103.84
C GLU P 803 30.45 115.76 -104.41
N GLU P 804 30.78 115.62 -105.69
CA GLU P 804 31.80 116.44 -106.33
C GLU P 804 31.14 117.55 -107.14
N HIS P 805 31.53 118.79 -106.88
CA HIS P 805 30.97 119.94 -107.57
C HIS P 805 32.06 121.00 -107.71
N PRO P 806 32.14 121.69 -108.83
CA PRO P 806 33.13 122.77 -108.96
C PRO P 806 32.84 123.91 -108.00
N ALA P 807 33.91 124.59 -107.60
CA ALA P 807 33.78 125.69 -106.64
C ALA P 807 32.95 126.83 -107.22
N TYR P 808 33.17 127.17 -108.48
CA TYR P 808 32.41 128.24 -109.12
C TYR P 808 30.98 127.78 -109.40
N LEU P 809 30.09 128.76 -109.52
CA LEU P 809 28.67 128.51 -109.80
C LEU P 809 28.34 129.08 -111.17
N ALA P 810 27.82 128.23 -112.06
CA ALA P 810 27.41 128.68 -113.38
C ALA P 810 26.05 129.36 -113.32
N SER P 811 25.71 130.07 -114.40
CA SER P 811 24.47 130.82 -114.43
C SER P 811 23.26 129.91 -114.33
N ASP P 812 23.27 128.79 -115.05
CA ASP P 812 22.13 127.87 -115.01
C ASP P 812 21.96 127.25 -113.63
N GLU P 813 23.08 126.93 -112.96
CA GLU P 813 23.00 126.39 -111.60
C GLU P 813 22.38 127.39 -110.65
N ILE P 814 22.80 128.66 -110.73
CA ILE P 814 22.24 129.70 -109.88
C ILE P 814 20.76 129.89 -110.16
N THR P 815 20.38 129.88 -111.44
CA THR P 815 18.97 130.02 -111.80
C THR P 815 18.14 128.86 -111.24
N THR P 816 18.65 127.64 -111.37
CA THR P 816 17.94 126.48 -110.84
C THR P 816 17.79 126.55 -109.32
N VAL P 817 18.86 126.96 -108.63
CA VAL P 817 18.80 127.07 -107.17
C VAL P 817 17.78 128.14 -106.76
N ARG P 818 17.79 129.28 -107.47
CA ARG P 818 16.85 130.35 -107.15
C ARG P 818 15.41 129.90 -107.40
N LYS P 819 15.18 129.17 -108.50
CA LYS P 819 13.83 128.66 -108.78
C LYS P 819 13.38 127.66 -107.73
N ASN P 820 14.28 126.79 -107.29
CA ASN P 820 13.94 125.83 -106.24
C ASN P 820 13.61 126.56 -104.94
N LEU P 821 14.37 127.61 -104.60
CA LEU P 821 14.08 128.38 -103.40
C LEU P 821 12.74 129.09 -103.51
N GLU P 822 12.45 129.68 -104.67
CA GLU P 822 11.21 130.42 -104.85
C GLU P 822 10.00 129.52 -105.03
N SER P 823 10.21 128.23 -105.28
CA SER P 823 9.08 127.30 -105.38
C SER P 823 8.28 127.27 -104.09
N ARG P 824 8.97 127.27 -102.95
CA ARG P 824 8.30 127.30 -101.65
C ARG P 824 8.08 128.71 -101.13
N GLY P 825 8.50 129.73 -101.87
CA GLY P 825 8.27 131.11 -101.47
C GLY P 825 9.43 131.74 -100.73
N VAL P 826 10.66 131.46 -101.17
CA VAL P 826 11.86 132.03 -100.57
C VAL P 826 12.66 132.71 -101.67
N GLU P 827 12.93 134.00 -101.49
CA GLU P 827 13.73 134.78 -102.42
C GLU P 827 15.03 135.17 -101.73
N VAL P 828 16.15 134.79 -102.33
CA VAL P 828 17.47 135.02 -101.75
C VAL P 828 18.34 135.72 -102.80
N ASP P 829 19.07 136.75 -102.36
CA ASP P 829 19.96 137.45 -103.27
C ASP P 829 21.11 136.54 -103.71
N PRO P 830 21.62 136.72 -104.93
CA PRO P 830 22.70 135.86 -105.41
C PRO P 830 23.96 135.93 -104.57
N SER P 831 24.26 137.08 -103.96
CA SER P 831 25.46 137.20 -103.13
C SER P 831 25.38 136.29 -101.92
N LEU P 832 24.23 136.27 -101.24
CA LEU P 832 24.06 135.39 -100.10
C LEU P 832 24.11 133.92 -100.52
N ILE P 833 23.54 133.59 -101.69
CA ILE P 833 23.61 132.22 -102.19
C ILE P 833 25.07 131.81 -102.41
N LYS P 834 25.86 132.70 -103.02
CA LYS P 834 27.27 132.40 -103.27
C LYS P 834 28.04 132.25 -101.96
N ASP P 835 27.76 133.12 -100.98
CA ASP P 835 28.44 133.02 -99.70
C ASP P 835 28.11 131.71 -98.99
N THR P 836 26.82 131.34 -98.98
CA THR P 836 26.42 130.08 -98.36
C THR P 836 27.05 128.89 -99.08
N TRP P 837 27.10 128.94 -100.42
CA TRP P 837 27.73 127.86 -101.17
C TRP P 837 29.22 127.76 -100.84
N HIS P 838 29.90 128.90 -100.71
CA HIS P 838 31.32 128.87 -100.36
C HIS P 838 31.52 128.28 -98.97
N GLN P 839 30.68 128.68 -98.01
CA GLN P 839 30.80 128.14 -96.65
C GLN P 839 30.54 126.64 -96.63
N VAL P 840 29.53 126.18 -97.36
CA VAL P 840 29.21 124.75 -97.40
C VAL P 840 30.33 123.97 -98.08
N TYR P 841 30.91 124.55 -99.14
CA TYR P 841 32.03 123.93 -99.82
C TYR P 841 33.24 123.79 -98.90
N ARG P 842 33.52 124.85 -98.12
CA ARG P 842 34.61 124.79 -97.16
C ARG P 842 34.35 123.73 -96.09
N ARG P 843 33.12 123.66 -95.60
CA ARG P 843 32.78 122.66 -94.58
C ARG P 843 32.92 121.24 -95.15
N HIS P 844 32.48 121.03 -96.38
CA HIS P 844 32.58 119.72 -97.00
C HIS P 844 34.04 119.31 -97.16
N PHE P 845 34.89 120.23 -97.61
CA PHE P 845 36.30 119.89 -97.73
C PHE P 845 36.98 119.74 -96.38
N LEU P 846 36.52 120.44 -95.34
CA LEU P 846 37.04 120.19 -94.01
C LEU P 846 36.69 118.79 -93.53
N LYS P 847 35.45 118.35 -93.79
CA LYS P 847 35.07 116.98 -93.44
C LYS P 847 35.88 115.96 -94.25
N THR P 848 36.10 116.24 -95.53
CA THR P 848 36.92 115.35 -96.35
C THR P 848 38.34 115.27 -95.83
N ALA P 849 38.91 116.41 -95.41
CA ALA P 849 40.25 116.40 -94.83
C ALA P 849 40.29 115.62 -93.53
N LEU P 850 39.24 115.74 -92.71
CA LEU P 850 39.18 114.96 -91.47
C LEU P 850 39.14 113.47 -91.77
N ASN P 851 38.34 113.06 -92.76
CA ASN P 851 38.30 111.66 -93.15
C ASN P 851 39.65 111.20 -93.69
N HIS P 852 40.33 112.05 -94.46
CA HIS P 852 41.65 111.70 -94.96
C HIS P 852 42.64 111.53 -93.81
N CYS P 853 42.56 112.39 -92.80
CA CYS P 853 43.42 112.23 -91.62
C CYS P 853 43.12 110.94 -90.89
N ASN P 854 41.84 110.59 -90.75
CA ASN P 854 41.48 109.33 -90.11
C ASN P 854 42.03 108.14 -90.89
N LEU P 855 41.97 108.19 -92.22
CA LEU P 855 42.54 107.13 -93.03
C LEU P 855 44.07 107.08 -92.89
N CYS P 856 44.73 108.23 -92.93
CA CYS P 856 46.18 108.26 -92.83
C CYS P 856 46.67 107.85 -91.45
N ARG P 857 45.81 107.92 -90.43
CA ARG P 857 46.20 107.45 -89.10
C ARG P 857 46.54 105.96 -89.09
N ARG P 858 45.99 105.20 -90.05
CA ARG P 858 46.29 103.75 -90.14
C ARG P 858 47.04 103.45 -91.44
N GLY P 859 47.04 104.41 -92.38
CA GLY P 859 47.68 104.22 -93.67
C GLY P 859 49.19 104.37 -93.68
N PHE P 860 49.86 104.36 -92.53
CA PHE P 860 51.31 104.44 -92.51
C PHE P 860 51.97 103.25 -93.19
N TYR P 861 51.32 102.08 -93.18
CA TYR P 861 51.87 100.93 -93.89
C TYR P 861 51.95 101.20 -95.39
N TYR P 862 50.89 101.77 -95.97
CA TYR P 862 50.93 102.15 -97.37
C TYR P 862 51.92 103.28 -97.60
N TYR P 863 51.95 104.26 -96.70
CA TYR P 863 52.80 105.43 -96.90
C TYR P 863 54.27 105.07 -96.90
N GLN P 864 54.69 104.20 -95.96
CA GLN P 864 56.11 103.89 -95.82
C GLN P 864 56.66 103.17 -97.03
N ARG P 865 55.90 102.22 -97.58
CA ARG P 865 56.38 101.42 -98.69
C ARG P 865 56.00 101.97 -100.06
N HIS P 866 54.98 102.81 -100.14
CA HIS P 866 54.53 103.42 -101.40
C HIS P 866 54.21 102.35 -102.44
N PHE P 867 53.18 101.56 -102.14
CA PHE P 867 52.76 100.50 -103.03
C PHE P 867 52.24 101.07 -104.36
N VAL P 868 52.39 100.27 -105.42
CA VAL P 868 51.92 100.70 -106.73
C VAL P 868 50.41 100.90 -106.72
N ASP P 869 49.68 99.94 -106.17
CA ASP P 869 48.23 100.03 -106.04
C ASP P 869 47.83 100.64 -104.71
N SER P 870 48.37 101.82 -104.41
CA SER P 870 48.08 102.47 -103.14
C SER P 870 46.65 103.01 -103.14
N GLU P 871 45.91 102.69 -102.08
CA GLU P 871 44.55 103.18 -101.90
C GLU P 871 44.48 104.48 -101.12
N LEU P 872 45.62 105.05 -100.74
CA LEU P 872 45.64 106.28 -99.95
C LEU P 872 46.95 106.99 -100.21
N GLU P 873 46.87 108.29 -100.53
CA GLU P 873 48.03 109.13 -100.78
C GLU P 873 48.08 110.22 -99.72
N CYS P 874 48.89 109.99 -98.68
CA CYS P 874 49.03 110.94 -97.58
C CYS P 874 50.13 111.93 -97.94
N ASN P 875 49.73 113.13 -98.36
CA ASN P 875 50.67 114.20 -98.70
C ASN P 875 50.52 115.42 -97.81
N ASP P 876 49.32 115.68 -97.28
CA ASP P 876 49.13 116.82 -96.40
C ASP P 876 49.96 116.70 -95.13
N VAL P 877 50.06 115.47 -94.59
CA VAL P 877 50.86 115.25 -93.39
C VAL P 877 52.32 115.59 -93.65
N VAL P 878 52.85 115.12 -94.78
CA VAL P 878 54.24 115.39 -95.12
C VAL P 878 54.46 116.88 -95.34
N LEU P 879 53.52 117.54 -96.02
CA LEU P 879 53.66 118.98 -96.26
C LEU P 879 53.64 119.76 -94.94
N PHE P 880 52.74 119.39 -94.03
CA PHE P 880 52.68 120.09 -92.75
C PHE P 880 53.93 119.84 -91.92
N TRP P 881 54.47 118.62 -91.96
CA TRP P 881 55.72 118.35 -91.26
C TRP P 881 56.88 119.15 -91.84
N ARG P 882 56.93 119.26 -93.18
CA ARG P 882 57.96 120.08 -93.81
C ARG P 882 57.84 121.54 -93.40
N ILE P 883 56.59 122.05 -93.37
CA ILE P 883 56.38 123.44 -92.94
C ILE P 883 56.83 123.61 -91.49
N GLN P 884 56.50 122.65 -90.64
CA GLN P 884 56.86 122.74 -89.22
C GLN P 884 58.37 122.75 -89.03
N ARG P 885 59.08 121.86 -89.73
CA ARG P 885 60.54 121.81 -89.57
C ARG P 885 61.20 123.06 -90.16
N MET P 886 60.68 123.56 -91.28
CA MET P 886 61.22 124.79 -91.85
C MET P 886 61.00 125.97 -90.90
N LEU P 887 59.82 126.04 -90.28
CA LEU P 887 59.55 127.10 -89.31
C LEU P 887 60.47 126.98 -88.10
N ALA P 888 60.72 125.76 -87.64
CA ALA P 888 61.63 125.56 -86.52
C ALA P 888 63.04 126.02 -86.87
N ILE P 889 63.50 125.67 -88.07
CA ILE P 889 64.84 126.10 -88.50
C ILE P 889 64.91 127.62 -88.60
N THR P 890 63.87 128.23 -89.16
CA THR P 890 63.85 129.69 -89.28
C THR P 890 63.85 130.35 -87.91
N ALA P 891 63.07 129.82 -86.97
CA ALA P 891 63.04 130.37 -85.62
C ALA P 891 64.39 130.24 -84.93
N ASN P 892 65.05 129.08 -85.10
CA ASN P 892 66.36 128.90 -84.50
C ASN P 892 67.38 129.88 -85.09
N THR P 893 67.35 130.07 -86.41
CA THR P 893 68.24 131.02 -87.04
C THR P 893 67.97 132.44 -86.57
N LEU P 894 66.69 132.80 -86.44
CA LEU P 894 66.33 134.14 -85.96
C LEU P 894 66.82 134.35 -84.54
N ARG P 895 66.62 133.35 -83.68
CA ARG P 895 67.08 133.44 -82.28
C ARG P 895 68.61 133.63 -82.27
N GLN P 896 69.33 132.79 -83.00
CA GLN P 896 70.82 132.88 -83.05
C GLN P 896 71.22 134.30 -83.48
N GLN P 897 70.70 134.77 -84.63
CA GLN P 897 71.11 136.08 -85.13
C GLN P 897 70.74 137.18 -84.13
N LEU P 898 69.59 137.07 -83.48
CA LEU P 898 69.20 138.04 -82.47
C LEU P 898 70.22 138.07 -81.33
N THR P 899 70.53 136.90 -80.76
CA THR P 899 71.50 136.82 -79.69
C THR P 899 72.86 137.34 -80.13
N ASN P 900 73.22 137.14 -81.40
CA ASN P 900 74.53 137.58 -81.88
C ASN P 900 74.59 139.10 -82.01
N THR P 901 73.56 139.72 -82.59
CA THR P 901 73.65 141.13 -82.97
C THR P 901 72.70 142.03 -82.20
N GLU P 902 71.41 141.67 -82.13
CA GLU P 902 70.42 142.60 -81.60
C GLU P 902 70.53 142.76 -80.09
N VAL P 903 70.96 141.72 -79.38
CA VAL P 903 71.17 141.85 -77.94
C VAL P 903 72.27 142.87 -77.68
N ARG P 904 73.38 142.79 -78.42
CA ARG P 904 74.46 143.76 -78.26
C ARG P 904 74.00 145.15 -78.66
N ARG P 905 73.21 145.26 -79.73
CA ARG P 905 72.72 146.58 -80.14
C ARG P 905 71.82 147.19 -79.06
N LEU P 906 70.93 146.39 -78.48
CA LEU P 906 70.07 146.89 -77.42
C LEU P 906 70.87 147.27 -76.18
N GLU P 907 71.89 146.49 -75.85
CA GLU P 907 72.75 146.84 -74.73
C GLU P 907 73.47 148.16 -74.98
N LYS P 908 73.96 148.37 -76.20
CA LYS P 908 74.62 149.63 -76.54
C LYS P 908 73.64 150.80 -76.44
N ASN P 909 72.41 150.63 -76.95
CA ASN P 909 71.42 151.69 -76.86
C ASN P 909 71.07 152.01 -75.41
N VAL P 910 70.92 150.97 -74.58
CA VAL P 910 70.62 151.19 -73.16
C VAL P 910 71.77 151.93 -72.48
N LYS P 911 73.00 151.54 -72.79
CA LYS P 911 74.16 152.22 -72.21
C LYS P 911 74.21 153.69 -72.63
N GLU P 912 73.93 153.97 -73.91
CA GLU P 912 73.92 155.35 -74.38
C GLU P 912 72.83 156.16 -73.68
N VAL P 913 71.64 155.58 -73.55
CA VAL P 913 70.55 156.28 -72.87
C VAL P 913 70.89 156.55 -71.42
N LEU P 914 71.48 155.57 -70.73
CA LEU P 914 71.85 155.75 -69.33
C LEU P 914 72.93 156.82 -69.19
N GLU P 915 73.91 156.84 -70.09
CA GLU P 915 74.95 157.87 -70.05
C GLU P 915 74.36 159.25 -70.29
N ASP P 916 73.44 159.36 -71.25
CA ASP P 916 72.80 160.64 -71.53
C ASP P 916 72.00 161.13 -70.32
N PHE P 917 71.29 160.20 -69.66
CA PHE P 917 70.52 160.58 -68.47
C PHE P 917 71.45 161.00 -67.33
N ALA P 918 72.56 160.28 -67.14
CA ALA P 918 73.49 160.61 -66.07
C ALA P 918 74.15 161.96 -66.31
N GLU P 919 74.52 162.26 -67.56
CA GLU P 919 75.17 163.51 -67.89
C GLU P 919 74.21 164.69 -67.96
N ASP P 920 72.95 164.50 -67.58
CA ASP P 920 71.94 165.56 -67.61
C ASP P 920 71.07 165.42 -66.35
N GLY P 921 71.43 166.17 -65.31
CA GLY P 921 70.64 166.16 -64.08
C GLY P 921 69.30 166.86 -64.21
N GLU P 922 69.19 167.79 -65.16
CA GLU P 922 67.91 168.45 -65.39
C GLU P 922 66.84 167.46 -65.84
N LYS P 923 67.23 166.50 -66.68
CA LYS P 923 66.28 165.45 -67.09
C LYS P 923 65.85 164.61 -65.90
N LYS P 924 66.80 164.30 -65.01
CA LYS P 924 66.46 163.54 -63.80
C LYS P 924 65.48 164.32 -62.93
N ILE P 925 65.70 165.63 -62.78
CA ILE P 925 64.80 166.45 -61.98
C ILE P 925 63.41 166.50 -62.62
N LYS P 926 63.35 166.64 -63.95
CA LYS P 926 62.08 166.71 -64.64
C LYS P 926 61.32 165.40 -64.52
N LEU P 927 62.02 164.26 -64.63
CA LEU P 927 61.37 162.97 -64.61
C LEU P 927 61.13 162.45 -63.19
N LEU P 928 62.18 162.41 -62.38
CA LEU P 928 62.06 161.88 -61.01
C LEU P 928 61.41 162.95 -60.13
N THR P 929 60.08 163.04 -60.24
CA THR P 929 59.29 163.97 -59.45
C THR P 929 58.46 163.24 -58.38
N GLY P 930 58.88 162.04 -58.00
CA GLY P 930 58.16 161.29 -56.99
C GLY P 930 58.29 161.91 -55.61
N LYS P 931 57.39 161.49 -54.73
CA LYS P 931 57.40 162.02 -53.37
C LYS P 931 58.68 161.66 -52.64
N ARG P 932 59.16 160.42 -52.80
CA ARG P 932 60.40 160.01 -52.14
C ARG P 932 61.59 160.82 -52.63
N VAL P 933 61.68 161.05 -53.94
CA VAL P 933 62.80 161.80 -54.49
C VAL P 933 62.80 163.23 -53.96
N GLN P 934 61.62 163.87 -53.97
CA GLN P 934 61.52 165.24 -53.48
C GLN P 934 61.84 165.34 -52.00
N LEU P 935 61.34 164.38 -51.21
CA LEU P 935 61.62 164.39 -49.77
C LEU P 935 63.11 164.19 -49.50
N ALA P 936 63.75 163.27 -50.23
CA ALA P 936 65.18 163.05 -50.05
C ALA P 936 65.99 164.30 -50.44
N GLU P 937 65.60 164.93 -51.55
CA GLU P 937 66.29 166.16 -51.96
C GLU P 937 66.12 167.26 -50.93
N ASP P 938 64.92 167.43 -50.40
CA ASP P 938 64.69 168.45 -49.37
C ASP P 938 65.50 168.15 -48.12
N LEU P 939 65.54 166.89 -47.70
CA LEU P 939 66.32 166.52 -46.51
C LEU P 939 67.81 166.79 -46.74
N LYS P 940 68.33 166.44 -47.92
CA LYS P 940 69.73 166.69 -48.21
C LYS P 940 70.03 168.18 -48.22
N LYS P 941 69.15 168.98 -48.82
CA LYS P 941 69.37 170.42 -48.86
C LYS P 941 69.33 171.02 -47.46
N VAL P 942 68.39 170.55 -46.62
CA VAL P 942 68.31 171.05 -45.24
C VAL P 942 69.57 170.68 -44.47
N ARG P 943 70.06 169.44 -44.65
CA ARG P 943 71.28 169.03 -43.97
C ARG P 943 72.47 169.87 -44.42
N GLU P 944 72.57 170.14 -45.72
CA GLU P 944 73.67 170.96 -46.22
C GLU P 944 73.58 172.38 -45.67
N ILE P 945 72.38 172.95 -45.63
CA ILE P 945 72.20 174.30 -45.09
C ILE P 945 72.59 174.34 -43.61
N GLN P 946 72.17 173.34 -42.85
CA GLN P 946 72.52 173.30 -41.43
C GLN P 946 74.02 173.14 -41.23
N GLU P 947 74.68 172.33 -42.06
CA GLU P 947 76.13 172.19 -41.96
C GLU P 947 76.83 173.50 -42.28
N LYS P 948 76.36 174.21 -43.31
CA LYS P 948 76.95 175.50 -43.65
C LYS P 948 76.75 176.51 -42.52
N LEU P 949 75.56 176.50 -41.90
CA LEU P 949 75.31 177.41 -40.78
C LEU P 949 76.17 177.07 -39.58
N ASP P 950 76.38 175.77 -39.32
CA ASP P 950 77.27 175.37 -38.23
C ASP P 950 78.71 175.81 -38.51
N ALA P 951 79.15 175.69 -39.76
CA ALA P 951 80.49 176.17 -40.12
C ALA P 951 80.59 177.68 -39.94
N PHE P 952 79.54 178.42 -40.32
CA PHE P 952 79.52 179.86 -40.11
C PHE P 952 79.60 180.21 -38.63
N ILE P 953 78.84 179.49 -37.79
CA ILE P 953 78.86 179.73 -36.35
C ILE P 953 80.25 179.46 -35.78
N GLU P 954 80.87 178.35 -36.20
CA GLU P 954 82.21 178.02 -35.72
C GLU P 954 83.22 179.07 -36.15
N ALA P 955 83.14 179.54 -37.40
CA ALA P 955 84.06 180.56 -37.87
C ALA P 955 83.87 181.87 -37.11
N LEU P 956 82.62 182.25 -36.86
CA LEU P 956 82.34 183.47 -36.10
C LEU P 956 82.89 183.36 -34.68
N HIS P 957 82.70 182.20 -34.05
CA HIS P 957 83.21 182.02 -32.69
C HIS P 957 84.74 182.05 -32.66
N GLN P 958 85.40 181.43 -33.65
CA GLN P 958 86.85 181.43 -33.69
C GLN P 958 87.40 182.84 -33.95
N GLU P 959 86.77 183.59 -34.87
CA GLU P 959 87.25 184.94 -35.17
C GLU P 959 87.11 185.86 -33.96
N LYS P 960 85.99 185.73 -33.24
CA LYS P 960 85.76 186.56 -32.03
C LYS P 960 86.30 185.80 -30.81
N SER Q 263 100.23 158.51 -91.64
CA SER Q 263 99.24 157.72 -92.36
C SER Q 263 99.27 156.26 -91.91
N LEU Q 264 99.61 155.36 -92.83
CA LEU Q 264 99.68 153.94 -92.49
C LEU Q 264 100.78 153.67 -91.48
N ILE Q 265 101.93 154.31 -91.65
CA ILE Q 265 103.06 154.07 -90.75
C ILE Q 265 102.74 154.56 -89.33
N ASP Q 266 102.07 155.71 -89.21
CA ASP Q 266 101.71 156.21 -87.90
C ASP Q 266 100.72 155.29 -87.20
N MET Q 267 99.72 154.80 -87.94
CA MET Q 267 98.75 153.88 -87.34
C MET Q 267 99.41 152.57 -86.96
N TYR Q 268 100.34 152.08 -87.78
CA TYR Q 268 101.06 150.86 -87.44
C TYR Q 268 101.90 151.05 -86.19
N SER Q 269 102.55 152.21 -86.05
CA SER Q 269 103.32 152.50 -84.85
C SER Q 269 102.41 152.57 -83.62
N GLU Q 270 101.23 153.17 -83.77
CA GLU Q 270 100.28 153.22 -82.66
C GLU Q 270 99.82 151.82 -82.27
N VAL Q 271 99.57 150.96 -83.26
CA VAL Q 271 99.18 149.58 -82.98
C VAL Q 271 100.29 148.84 -82.25
N LEU Q 272 101.53 149.03 -82.69
CA LEU Q 272 102.67 148.41 -82.01
C LEU Q 272 102.80 148.91 -80.58
N ASP Q 273 102.59 150.21 -80.36
CA ASP Q 273 102.64 150.76 -79.01
C ASP Q 273 101.55 150.16 -78.13
N VAL Q 274 100.34 150.00 -78.68
CA VAL Q 274 99.25 149.40 -77.93
C VAL Q 274 99.59 147.95 -77.57
N LEU Q 275 100.15 147.22 -78.53
CA LEU Q 275 100.55 145.82 -78.27
C LEU Q 275 101.61 145.76 -77.18
N SER Q 276 102.59 146.67 -77.22
CA SER Q 276 103.62 146.69 -76.20
C SER Q 276 103.05 147.02 -74.83
N ASP Q 277 102.12 147.99 -74.77
CA ASP Q 277 101.48 148.35 -73.51
C ASP Q 277 100.46 147.34 -73.04
N TYR Q 278 100.09 146.37 -73.89
CA TYR Q 278 99.12 145.35 -73.48
C TYR Q 278 99.64 144.53 -72.30
N ASP Q 279 100.90 144.13 -72.33
CA ASP Q 279 101.49 143.35 -71.25
C ASP Q 279 103.00 143.53 -71.28
N ALA Q 280 103.62 143.33 -70.11
CA ALA Q 280 105.07 143.41 -70.02
C ALA Q 280 105.75 142.18 -70.61
N SER Q 281 105.03 141.07 -70.75
CA SER Q 281 105.58 139.86 -71.34
C SER Q 281 105.51 139.95 -72.86
N TYR Q 282 105.78 138.84 -73.53
CA TYR Q 282 105.76 138.76 -75.00
C TYR Q 282 104.84 137.62 -75.41
N ASN Q 283 103.55 137.92 -75.55
CA ASN Q 283 102.56 136.95 -75.99
C ASN Q 283 101.96 137.31 -77.35
N THR Q 284 101.43 138.51 -77.49
CA THR Q 284 100.90 138.99 -78.77
C THR Q 284 101.84 139.96 -79.46
N GLN Q 285 102.92 140.37 -78.80
CA GLN Q 285 103.88 141.31 -79.41
C GLN Q 285 104.74 140.64 -80.48
N ASP Q 286 104.80 139.32 -80.51
CA ASP Q 286 105.60 138.59 -81.48
C ASP Q 286 104.83 138.24 -82.75
N HIS Q 287 103.59 138.71 -82.87
CA HIS Q 287 102.80 138.45 -84.07
C HIS Q 287 103.20 139.37 -85.21
N LEU Q 288 103.08 140.68 -85.01
CA LEU Q 288 103.46 141.64 -86.03
C LEU Q 288 104.99 141.71 -86.15
N PRO Q 289 105.51 141.83 -87.36
CA PRO Q 289 106.97 141.95 -87.52
C PRO Q 289 107.49 143.22 -86.88
N ARG Q 290 108.70 143.13 -86.32
CA ARG Q 290 109.35 144.26 -85.66
C ARG Q 290 110.83 144.23 -86.00
N VAL Q 291 111.30 145.26 -86.70
CA VAL Q 291 112.72 145.36 -87.04
C VAL Q 291 113.49 145.78 -85.80
N VAL Q 292 114.30 144.87 -85.27
CA VAL Q 292 115.05 145.10 -84.03
C VAL Q 292 116.53 145.19 -84.38
N VAL Q 293 117.18 146.24 -83.91
CA VAL Q 293 118.61 146.47 -84.12
C VAL Q 293 119.34 146.09 -82.85
N VAL Q 294 120.19 145.05 -82.94
CA VAL Q 294 120.94 144.55 -81.80
C VAL Q 294 122.42 144.60 -82.14
N GLY Q 295 123.22 145.17 -81.24
CA GLY Q 295 124.65 145.27 -81.45
C GLY Q 295 125.45 144.81 -80.24
N ASP Q 296 126.74 145.11 -80.24
CA ASP Q 296 127.64 144.75 -79.15
C ASP Q 296 127.98 145.98 -78.32
N GLN Q 297 128.44 145.74 -77.10
CA GLN Q 297 128.80 146.83 -76.21
C GLN Q 297 130.08 147.52 -76.70
N SER Q 298 130.04 148.85 -76.75
CA SER Q 298 131.17 149.66 -77.20
C SER Q 298 131.62 149.26 -78.60
N ALA Q 299 130.67 148.93 -79.46
CA ALA Q 299 130.94 148.52 -80.83
C ALA Q 299 130.64 149.63 -81.83
N GLY Q 300 130.40 150.85 -81.37
CA GLY Q 300 130.11 151.94 -82.27
C GLY Q 300 128.73 151.93 -82.90
N LYS Q 301 127.81 151.12 -82.36
CA LYS Q 301 126.46 151.06 -82.91
C LYS Q 301 125.71 152.36 -82.72
N THR Q 302 126.09 153.16 -81.71
CA THR Q 302 125.42 154.44 -81.48
C THR Q 302 125.63 155.38 -82.66
N SER Q 303 126.84 155.44 -83.20
CA SER Q 303 127.11 156.30 -84.35
C SER Q 303 126.31 155.86 -85.57
N VAL Q 304 126.23 154.54 -85.80
CA VAL Q 304 125.47 154.04 -86.93
C VAL Q 304 123.99 154.36 -86.77
N LEU Q 305 123.45 154.19 -85.56
CA LEU Q 305 122.05 154.51 -85.32
C LEU Q 305 121.78 156.00 -85.51
N GLU Q 306 122.71 156.85 -85.06
CA GLU Q 306 122.56 158.28 -85.27
C GLU Q 306 122.59 158.63 -86.75
N MET Q 307 123.49 158.00 -87.51
CA MET Q 307 123.57 158.26 -88.94
C MET Q 307 122.33 157.76 -89.67
N ILE Q 308 121.69 156.70 -89.17
CA ILE Q 308 120.46 156.21 -89.77
C ILE Q 308 119.37 157.26 -89.69
N ALA Q 309 119.23 157.90 -88.52
CA ALA Q 309 118.26 158.98 -88.34
C ALA Q 309 118.81 160.33 -88.75
N GLN Q 310 120.07 160.40 -89.17
CA GLN Q 310 120.71 161.65 -89.61
C GLN Q 310 120.70 162.70 -88.51
N ALA Q 311 120.76 162.27 -87.25
CA ALA Q 311 120.78 163.19 -86.13
C ALA Q 311 121.33 162.46 -84.91
N ARG Q 312 122.03 163.22 -84.06
CA ARG Q 312 122.60 162.66 -82.83
C ARG Q 312 121.54 162.74 -81.74
N ILE Q 313 120.84 161.62 -81.54
CA ILE Q 313 119.77 161.55 -80.53
C ILE Q 313 120.08 160.58 -79.40
N PHE Q 314 121.01 159.64 -79.59
CA PHE Q 314 121.36 158.69 -78.54
C PHE Q 314 122.54 159.22 -77.74
N PRO Q 315 122.41 159.40 -76.43
CA PRO Q 315 123.55 159.89 -75.64
C PRO Q 315 124.71 158.91 -75.67
N ARG Q 316 125.93 159.46 -75.67
CA ARG Q 316 127.13 158.65 -75.71
C ARG Q 316 127.50 158.15 -74.32
N GLY Q 317 128.11 156.97 -74.28
CA GLY Q 317 128.54 156.37 -73.03
C GLY Q 317 129.97 155.91 -73.04
N SER Q 318 130.76 156.35 -72.07
CA SER Q 318 132.17 155.97 -71.97
C SER Q 318 132.27 154.66 -71.20
N GLY Q 319 131.94 153.57 -71.89
CA GLY Q 319 131.99 152.24 -71.32
C GLY Q 319 130.72 151.79 -70.63
N GLU Q 320 130.08 152.70 -69.89
CA GLU Q 320 128.85 152.36 -69.20
C GLU Q 320 127.71 152.13 -70.19
N MET Q 321 126.84 151.19 -69.84
CA MET Q 321 125.69 150.84 -70.69
C MET Q 321 124.57 151.83 -70.41
N MET Q 322 124.55 152.92 -71.19
CA MET Q 322 123.53 153.94 -71.02
C MET Q 322 122.15 153.39 -71.37
N THR Q 323 122.05 152.60 -72.44
CA THR Q 323 120.78 152.05 -72.87
C THR Q 323 120.45 150.82 -72.03
N ARG Q 324 119.51 150.95 -71.10
CA ARG Q 324 119.10 149.86 -70.24
C ARG Q 324 117.65 149.43 -70.48
N SER Q 325 116.92 150.11 -71.35
CA SER Q 325 115.53 149.77 -71.66
C SER Q 325 115.35 149.77 -73.17
N PRO Q 326 114.41 148.95 -73.67
CA PRO Q 326 114.15 148.94 -75.12
C PRO Q 326 113.68 150.31 -75.60
N VAL Q 327 114.16 150.69 -76.78
CA VAL Q 327 113.83 151.97 -77.39
C VAL Q 327 113.23 151.71 -78.77
N LYS Q 328 112.06 152.29 -79.02
CA LYS Q 328 111.37 152.15 -80.30
C LYS Q 328 111.59 153.41 -81.12
N VAL Q 329 112.12 153.24 -82.33
CA VAL Q 329 112.36 154.35 -83.25
C VAL Q 329 111.49 154.10 -84.48
N THR Q 330 110.51 154.99 -84.69
CA THR Q 330 109.60 154.90 -85.82
C THR Q 330 110.04 155.91 -86.88
N LEU Q 331 110.49 155.40 -88.02
CA LEU Q 331 110.92 156.26 -89.12
C LEU Q 331 109.71 156.63 -89.98
N SER Q 332 109.51 157.93 -90.17
CA SER Q 332 108.39 158.42 -90.98
C SER Q 332 108.75 159.82 -91.48
N GLU Q 333 107.82 160.42 -92.21
CA GLU Q 333 107.99 161.76 -92.77
C GLU Q 333 106.85 162.65 -92.30
N GLY Q 334 107.19 163.83 -91.80
CA GLY Q 334 106.21 164.77 -91.33
C GLY Q 334 106.46 166.17 -91.85
N PRO Q 335 105.67 167.14 -91.36
CA PRO Q 335 105.88 168.53 -91.80
C PRO Q 335 107.25 169.08 -91.45
N HIS Q 336 107.84 168.65 -90.34
CA HIS Q 336 109.15 169.11 -89.91
C HIS Q 336 109.98 167.92 -89.46
N HIS Q 337 111.31 168.09 -89.54
CA HIS Q 337 112.26 167.05 -89.15
C HIS Q 337 112.45 167.10 -87.62
N VAL Q 338 111.39 166.71 -86.92
CA VAL Q 338 111.36 166.72 -85.46
C VAL Q 338 111.02 165.32 -84.97
N ALA Q 339 111.18 165.13 -83.66
CA ALA Q 339 110.87 163.87 -82.99
C ALA Q 339 109.81 164.09 -81.93
N LEU Q 340 108.80 163.23 -81.92
CA LEU Q 340 107.70 163.34 -80.97
C LEU Q 340 107.44 161.99 -80.34
N PHE Q 341 107.26 161.97 -79.02
CA PHE Q 341 106.95 160.74 -78.31
C PHE Q 341 105.45 160.45 -78.37
N LYS Q 342 105.10 159.23 -77.98
CA LYS Q 342 103.69 158.84 -77.95
C LYS Q 342 102.92 159.62 -76.89
N ASP Q 343 103.51 159.82 -75.72
CA ASP Q 343 102.86 160.50 -74.60
C ASP Q 343 103.43 161.89 -74.36
N SER Q 344 103.98 162.53 -75.40
CA SER Q 344 104.53 163.86 -75.28
C SER Q 344 103.97 164.75 -76.38
N SER Q 345 104.00 166.06 -76.13
CA SER Q 345 103.52 167.04 -77.09
C SER Q 345 104.60 167.98 -77.61
N ARG Q 346 105.81 167.93 -77.06
CA ARG Q 346 106.90 168.79 -77.50
C ARG Q 346 107.63 168.14 -78.65
N GLU Q 347 107.77 168.88 -79.75
CA GLU Q 347 108.44 168.37 -80.95
C GLU Q 347 109.94 168.66 -80.82
N PHE Q 348 110.71 167.62 -80.51
CA PHE Q 348 112.16 167.76 -80.37
C PHE Q 348 112.80 167.81 -81.75
N ASP Q 349 113.28 168.99 -82.14
CA ASP Q 349 113.92 169.14 -83.43
C ASP Q 349 115.23 168.36 -83.49
N LEU Q 350 115.53 167.83 -84.67
CA LEU Q 350 116.72 167.04 -84.90
C LEU Q 350 117.86 167.83 -85.53
N THR Q 351 117.72 169.15 -85.63
CA THR Q 351 118.72 170.02 -86.23
C THR Q 351 119.44 170.89 -85.22
N LYS Q 352 118.69 171.64 -84.41
CA LYS Q 352 119.30 172.53 -83.43
C LYS Q 352 119.98 171.73 -82.33
N GLU Q 353 121.14 172.22 -81.89
CA GLU Q 353 121.90 171.53 -80.84
C GLU Q 353 121.14 171.53 -79.52
N GLU Q 354 120.47 172.63 -79.19
CA GLU Q 354 119.72 172.71 -77.94
C GLU Q 354 118.57 171.70 -77.94
N ASP Q 355 117.85 171.59 -79.07
CA ASP Q 355 116.76 170.63 -79.15
C ASP Q 355 117.28 169.20 -79.05
N LEU Q 356 118.42 168.91 -79.68
CA LEU Q 356 119.01 167.58 -79.56
C LEU Q 356 119.41 167.27 -78.13
N ALA Q 357 119.99 168.25 -77.43
CA ALA Q 357 120.36 168.05 -76.04
C ALA Q 357 119.13 167.81 -75.17
N ALA Q 358 118.05 168.57 -75.42
CA ALA Q 358 116.82 168.35 -74.67
C ALA Q 358 116.24 166.97 -74.94
N LEU Q 359 116.28 166.51 -76.19
CA LEU Q 359 115.79 165.18 -76.53
C LEU Q 359 116.63 164.11 -75.83
N ARG Q 360 117.96 164.27 -75.81
CA ARG Q 360 118.81 163.30 -75.12
C ARG Q 360 118.52 163.29 -73.63
N HIS Q 361 118.31 164.47 -73.03
CA HIS Q 361 117.99 164.54 -71.62
C HIS Q 361 116.66 163.86 -71.31
N GLU Q 362 115.66 164.07 -72.18
CA GLU Q 362 114.37 163.41 -72.00
C GLU Q 362 114.50 161.90 -72.12
N ILE Q 363 115.29 161.42 -73.09
CA ILE Q 363 115.50 160.00 -73.25
C ILE Q 363 116.19 159.41 -72.02
N GLU Q 364 117.20 160.11 -71.49
CA GLU Q 364 117.88 159.65 -70.29
C GLU Q 364 116.93 159.61 -69.10
N LEU Q 365 116.08 160.64 -68.95
CA LEU Q 365 115.12 160.65 -67.86
C LEU Q 365 114.13 159.50 -67.98
N ARG Q 366 113.66 159.22 -69.19
CA ARG Q 366 112.75 158.10 -69.40
C ARG Q 366 113.43 156.77 -69.08
N MET Q 367 114.70 156.62 -69.47
CA MET Q 367 115.44 155.40 -69.16
C MET Q 367 115.60 155.24 -67.65
N ARG Q 368 115.92 156.33 -66.95
CA ARG Q 368 116.09 156.25 -65.50
C ARG Q 368 114.77 155.94 -64.80
N LYS Q 369 113.67 156.51 -65.28
CA LYS Q 369 112.37 156.26 -64.67
C LYS Q 369 111.97 154.79 -64.80
N ASN Q 370 112.19 154.19 -65.97
CA ASN Q 370 111.84 152.79 -66.17
C ASN Q 370 112.69 151.88 -65.29
N VAL Q 371 113.98 152.15 -65.18
CA VAL Q 371 114.87 151.31 -64.39
C VAL Q 371 114.60 151.56 -62.91
N LYS Q 372 114.39 150.47 -62.16
CA LYS Q 372 114.14 150.58 -60.73
C LYS Q 372 115.42 150.99 -60.00
N GLU Q 373 115.24 151.56 -58.82
CA GLU Q 373 116.36 151.99 -57.98
C GLU Q 373 117.00 150.76 -57.34
N GLY Q 374 117.95 150.18 -58.07
CA GLY Q 374 118.62 148.98 -57.61
C GLY Q 374 118.77 147.93 -58.68
N CYS Q 375 117.95 148.03 -59.72
CA CYS Q 375 117.99 147.09 -60.84
C CYS Q 375 118.82 147.66 -61.99
N THR Q 376 119.01 146.83 -63.02
CA THR Q 376 119.79 147.21 -64.19
C THR Q 376 118.97 147.20 -65.46
N VAL Q 377 118.20 146.15 -65.71
CA VAL Q 377 117.38 146.01 -66.91
C VAL Q 377 115.92 146.11 -66.51
N SER Q 378 115.17 146.97 -67.18
CA SER Q 378 113.76 147.17 -66.90
C SER Q 378 112.91 146.67 -68.07
N PRO Q 379 111.87 145.89 -67.79
CA PRO Q 379 111.02 145.39 -68.89
C PRO Q 379 110.24 146.49 -69.61
N GLU Q 380 110.10 147.67 -69.01
CA GLU Q 380 109.36 148.75 -69.63
C GLU Q 380 110.08 149.24 -70.89
N THR Q 381 109.29 149.55 -71.92
CA THR Q 381 109.82 150.01 -73.20
C THR Q 381 109.55 151.50 -73.37
N ILE Q 382 110.32 152.10 -74.27
CA ILE Q 382 110.21 153.53 -74.59
C ILE Q 382 109.84 153.66 -76.06
N SER Q 383 108.77 154.41 -76.33
CA SER Q 383 108.27 154.61 -77.69
C SER Q 383 108.61 156.01 -78.16
N LEU Q 384 109.20 156.11 -79.35
CA LEU Q 384 109.55 157.39 -79.94
C LEU Q 384 109.26 157.36 -81.42
N ASN Q 385 108.66 158.42 -81.93
CA ASN Q 385 108.32 158.56 -83.34
C ASN Q 385 109.18 159.64 -83.97
N VAL Q 386 109.83 159.31 -85.08
CA VAL Q 386 110.71 160.24 -85.79
C VAL Q 386 110.07 160.60 -87.12
N LYS Q 387 109.94 161.89 -87.38
CA LYS Q 387 109.34 162.40 -88.61
C LYS Q 387 110.30 163.37 -89.28
N GLY Q 388 110.18 163.45 -90.61
CA GLY Q 388 111.02 164.34 -91.39
C GLY Q 388 111.25 163.82 -92.80
N PRO Q 389 111.53 164.74 -93.72
CA PRO Q 389 111.78 164.33 -95.11
C PRO Q 389 113.08 163.54 -95.24
N GLY Q 390 113.12 162.69 -96.25
CA GLY Q 390 114.28 161.87 -96.53
C GLY Q 390 114.38 160.58 -95.75
N LEU Q 391 113.40 160.29 -94.90
CA LEU Q 391 113.39 159.06 -94.12
C LEU Q 391 112.47 158.02 -94.76
N GLN Q 392 112.62 156.78 -94.33
CA GLN Q 392 111.82 155.67 -94.81
C GLN Q 392 110.62 155.47 -93.90
N ARG Q 393 109.86 154.39 -94.14
CA ARG Q 393 108.67 154.06 -93.35
C ARG Q 393 108.92 152.68 -92.72
N MET Q 394 109.51 152.68 -91.54
CA MET Q 394 109.81 151.44 -90.82
C MET Q 394 109.95 151.76 -89.35
N VAL Q 395 109.90 150.72 -88.53
CA VAL Q 395 110.01 150.83 -87.09
C VAL Q 395 111.29 150.12 -86.65
N LEU Q 396 112.15 150.85 -85.94
CA LEU Q 396 113.41 150.32 -85.46
C LEU Q 396 113.36 150.16 -83.94
N VAL Q 397 113.85 149.02 -83.45
CA VAL Q 397 113.85 148.71 -82.03
C VAL Q 397 115.31 148.63 -81.57
N ASP Q 398 115.63 149.35 -80.50
CA ASP Q 398 116.97 149.37 -79.94
C ASP Q 398 117.00 148.57 -78.64
N LEU Q 399 117.99 147.70 -78.51
CA LEU Q 399 118.14 146.85 -77.34
C LEU Q 399 119.57 146.97 -76.81
N PRO Q 400 119.76 146.74 -75.51
CA PRO Q 400 121.12 146.78 -74.94
C PRO Q 400 121.99 145.70 -75.55
N GLY Q 401 123.28 145.99 -75.64
CA GLY Q 401 124.23 145.04 -76.20
C GLY Q 401 124.40 143.80 -75.35
N VAL Q 402 124.81 142.73 -76.01
CA VAL Q 402 125.02 141.45 -75.34
C VAL Q 402 126.33 141.50 -74.56
N ILE Q 403 126.27 141.13 -73.29
CA ILE Q 403 127.44 141.12 -72.42
C ILE Q 403 127.78 139.69 -72.05
N ASN Q 404 129.02 139.49 -71.62
CA ASN Q 404 129.52 138.17 -71.24
C ASN Q 404 129.85 138.09 -69.75
N THR Q 405 130.59 139.05 -69.22
CA THR Q 405 130.95 139.04 -67.82
C THR Q 405 129.77 139.44 -66.95
N VAL Q 406 129.86 139.11 -65.66
CA VAL Q 406 128.83 139.41 -64.68
C VAL Q 406 129.40 140.39 -63.67
N THR Q 407 128.70 141.51 -63.47
CA THR Q 407 129.15 142.53 -62.52
C THR Q 407 128.73 142.15 -61.11
N SER Q 408 129.69 142.18 -60.19
CA SER Q 408 129.40 141.86 -58.79
C SER Q 408 128.56 142.95 -58.14
N GLY Q 409 128.70 144.20 -58.57
CA GLY Q 409 127.95 145.30 -58.02
C GLY Q 409 126.54 145.46 -58.54
N MET Q 410 126.11 144.60 -59.45
CA MET Q 410 124.78 144.66 -60.04
C MET Q 410 124.08 143.31 -59.84
N ALA Q 411 122.92 143.17 -60.46
CA ALA Q 411 122.16 141.92 -60.35
C ALA Q 411 122.90 140.79 -61.04
N PRO Q 412 123.11 139.66 -60.36
CA PRO Q 412 123.82 138.54 -61.01
C PRO Q 412 123.06 137.94 -62.19
N ASP Q 413 121.75 138.15 -62.27
CA ASP Q 413 120.94 137.61 -63.36
C ASP Q 413 120.71 138.62 -64.48
N THR Q 414 121.51 139.69 -64.54
CA THR Q 414 121.36 140.67 -65.60
C THR Q 414 121.65 140.06 -66.96
N LYS Q 415 122.70 139.26 -67.07
CA LYS Q 415 123.02 138.60 -68.33
C LYS Q 415 121.92 137.63 -68.74
N GLU Q 416 121.40 136.87 -67.78
CA GLU Q 416 120.30 135.95 -68.09
C GLU Q 416 119.06 136.70 -68.54
N THR Q 417 118.75 137.83 -67.89
CA THR Q 417 117.60 138.63 -68.29
C THR Q 417 117.79 139.19 -69.69
N ILE Q 418 119.00 139.66 -70.02
CA ILE Q 418 119.27 140.18 -71.35
C ILE Q 418 119.13 139.08 -72.39
N PHE Q 419 119.65 137.89 -72.08
CA PHE Q 419 119.53 136.77 -73.02
C PHE Q 419 118.07 136.37 -73.22
N SER Q 420 117.28 136.35 -72.15
CA SER Q 420 115.86 136.03 -72.27
C SER Q 420 115.12 137.07 -73.10
N ILE Q 421 115.43 138.35 -72.89
CA ILE Q 421 114.80 139.40 -73.67
C ILE Q 421 115.17 139.27 -75.15
N SER Q 422 116.44 138.99 -75.43
CA SER Q 422 116.87 138.81 -76.82
C SER Q 422 116.17 137.62 -77.46
N LYS Q 423 116.05 136.51 -76.73
CA LYS Q 423 115.36 135.33 -77.26
C LYS Q 423 113.89 135.64 -77.53
N ALA Q 424 113.23 136.34 -76.61
CA ALA Q 424 111.83 136.71 -76.81
C ALA Q 424 111.66 137.61 -78.02
N TYR Q 425 112.58 138.57 -78.20
CA TYR Q 425 112.51 139.44 -79.38
C TYR Q 425 112.74 138.65 -80.66
N MET Q 426 113.67 137.69 -80.64
CA MET Q 426 113.95 136.87 -81.81
C MET Q 426 112.87 135.80 -82.06
N GLN Q 427 111.97 135.59 -81.10
CA GLN Q 427 110.91 134.61 -81.29
C GLN Q 427 109.99 134.96 -82.45
N ASN Q 428 109.94 136.23 -82.86
CA ASN Q 428 109.14 136.63 -83.99
C ASN Q 428 109.73 136.06 -85.28
N PRO Q 429 109.00 135.26 -86.04
CA PRO Q 429 109.57 134.71 -87.29
C PRO Q 429 109.87 135.76 -88.34
N ASN Q 430 109.25 136.94 -88.25
CA ASN Q 430 109.45 138.00 -89.24
C ASN Q 430 110.19 139.20 -88.66
N ALA Q 431 110.93 139.01 -87.56
CA ALA Q 431 111.68 140.10 -86.95
C ALA Q 431 112.99 140.31 -87.71
N ILE Q 432 113.11 141.48 -88.35
CA ILE Q 432 114.32 141.81 -89.10
C ILE Q 432 115.38 142.26 -88.11
N ILE Q 433 116.56 141.65 -88.19
CA ILE Q 433 117.67 141.96 -87.29
C ILE Q 433 118.73 142.70 -88.07
N LEU Q 434 119.11 143.88 -87.57
CA LEU Q 434 120.14 144.71 -88.20
C LEU Q 434 121.40 144.61 -87.36
N CYS Q 435 122.37 143.84 -87.85
CA CYS Q 435 123.62 143.63 -87.15
C CYS Q 435 124.58 144.78 -87.45
N ILE Q 436 125.16 145.35 -86.39
CA ILE Q 436 126.11 146.44 -86.50
C ILE Q 436 127.43 146.01 -85.88
N GLN Q 437 128.51 146.18 -86.62
CA GLN Q 437 129.85 145.81 -86.17
C GLN Q 437 130.73 147.07 -86.13
N ASP Q 438 132.02 146.86 -85.85
CA ASP Q 438 132.98 147.94 -85.75
C ASP Q 438 134.19 147.62 -86.62
N GLY Q 439 134.98 148.66 -86.90
CA GLY Q 439 136.18 148.47 -87.71
C GLY Q 439 137.20 147.56 -87.05
N SER Q 440 137.34 147.67 -85.73
CA SER Q 440 138.28 146.85 -84.98
C SER Q 440 137.70 145.49 -84.58
N VAL Q 441 136.43 145.24 -84.88
CA VAL Q 441 135.77 143.99 -84.53
C VAL Q 441 135.53 143.19 -85.81
N ASP Q 442 136.01 141.95 -85.83
CA ASP Q 442 135.85 141.10 -86.99
C ASP Q 442 134.42 140.57 -87.09
N ALA Q 443 134.10 139.99 -88.24
CA ALA Q 443 132.77 139.42 -88.45
C ALA Q 443 132.50 138.27 -87.49
N GLU Q 444 133.49 137.40 -87.29
CA GLU Q 444 133.32 136.28 -86.36
C GLU Q 444 133.32 136.72 -84.90
N ARG Q 445 133.93 137.87 -84.60
CA ARG Q 445 133.95 138.39 -83.24
C ARG Q 445 132.64 139.01 -82.80
N SER Q 446 131.70 139.23 -83.74
CA SER Q 446 130.42 139.83 -83.41
C SER Q 446 129.50 138.77 -82.82
N ILE Q 447 129.09 138.96 -81.57
CA ILE Q 447 128.20 137.99 -80.92
C ILE Q 447 126.84 138.00 -81.58
N VAL Q 448 126.35 139.19 -82.00
CA VAL Q 448 125.04 139.29 -82.63
C VAL Q 448 125.02 138.52 -83.95
N THR Q 449 126.08 138.66 -84.75
CA THR Q 449 126.14 137.95 -86.02
C THR Q 449 126.15 136.44 -85.81
N ASP Q 450 126.94 135.97 -84.84
CA ASP Q 450 126.98 134.53 -84.56
C ASP Q 450 125.62 134.02 -84.08
N LEU Q 451 124.95 134.79 -83.22
CA LEU Q 451 123.64 134.39 -82.74
C LEU Q 451 122.63 134.34 -83.88
N VAL Q 452 122.67 135.32 -84.79
CA VAL Q 452 121.77 135.33 -85.94
C VAL Q 452 122.03 134.13 -86.83
N SER Q 453 123.30 133.82 -87.07
CA SER Q 453 123.65 132.68 -87.91
C SER Q 453 123.17 131.38 -87.27
N GLN Q 454 123.35 131.24 -85.95
CA GLN Q 454 122.89 130.04 -85.26
C GLN Q 454 121.37 129.91 -85.32
N MET Q 455 120.66 131.01 -85.10
CA MET Q 455 119.20 130.97 -85.12
C MET Q 455 118.65 130.89 -86.53
N ASP Q 456 119.30 131.52 -87.51
CA ASP Q 456 118.85 131.55 -88.89
C ASP Q 456 120.01 131.12 -89.79
N PRO Q 457 120.26 129.81 -89.89
CA PRO Q 457 121.34 129.35 -90.78
C PRO Q 457 121.13 129.72 -92.24
N HIS Q 458 119.89 129.74 -92.71
CA HIS Q 458 119.62 130.11 -94.10
C HIS Q 458 119.85 131.60 -94.33
N GLY Q 459 119.35 132.44 -93.43
CA GLY Q 459 119.51 133.87 -93.58
C GLY Q 459 118.79 134.46 -94.77
N ARG Q 460 117.60 133.94 -95.07
CA ARG Q 460 116.82 134.43 -96.21
C ARG Q 460 116.13 135.76 -95.92
N ARG Q 461 116.02 136.15 -94.66
CA ARG Q 461 115.38 137.41 -94.28
C ARG Q 461 116.33 138.39 -93.60
N THR Q 462 117.54 137.98 -93.26
CA THR Q 462 118.51 138.84 -92.60
C THR Q 462 119.55 139.30 -93.62
N ILE Q 463 119.78 140.61 -93.67
CA ILE Q 463 120.72 141.22 -94.60
C ILE Q 463 121.86 141.83 -93.79
N PHE Q 464 123.09 141.43 -94.11
CA PHE Q 464 124.25 141.93 -93.40
C PHE Q 464 124.64 143.30 -93.92
N VAL Q 465 124.90 144.24 -93.00
CA VAL Q 465 125.32 145.59 -93.33
C VAL Q 465 126.68 145.83 -92.68
N LEU Q 466 127.65 146.27 -93.47
CA LEU Q 466 129.00 146.54 -92.99
C LEU Q 466 129.16 148.04 -92.75
N THR Q 467 129.58 148.39 -91.54
CA THR Q 467 129.74 149.79 -91.14
C THR Q 467 131.20 150.04 -90.76
N LYS Q 468 131.62 151.30 -90.91
CA LYS Q 468 132.98 151.73 -90.58
C LYS Q 468 134.02 150.93 -91.37
N VAL Q 469 133.87 150.94 -92.70
CA VAL Q 469 134.80 150.21 -93.56
C VAL Q 469 136.18 150.85 -93.51
N ASP Q 470 136.25 152.18 -93.46
CA ASP Q 470 137.54 152.86 -93.45
C ASP Q 470 138.35 152.51 -92.21
N LEU Q 471 137.69 152.45 -91.05
CA LEU Q 471 138.39 152.10 -89.82
C LEU Q 471 138.97 150.70 -89.88
N ALA Q 472 138.20 149.74 -90.41
CA ALA Q 472 138.70 148.38 -90.56
C ALA Q 472 139.85 148.32 -91.55
N GLU Q 473 139.75 149.07 -92.66
CA GLU Q 473 140.81 149.08 -93.65
C GLU Q 473 142.10 149.66 -93.09
N LYS Q 474 142.00 150.74 -92.30
CA LYS Q 474 143.19 151.37 -91.73
C LYS Q 474 143.88 150.50 -90.69
N ASN Q 475 143.21 149.47 -90.18
CA ASN Q 475 143.79 148.58 -89.18
C ASN Q 475 144.48 147.38 -89.84
N VAL Q 476 145.39 147.68 -90.77
CA VAL Q 476 146.18 146.73 -91.56
C VAL Q 476 145.42 145.44 -91.84
N ALA Q 477 144.15 145.55 -92.21
CA ALA Q 477 143.34 144.38 -92.50
C ALA Q 477 143.66 143.84 -93.91
N SER Q 478 143.28 142.59 -94.12
CA SER Q 478 143.50 141.94 -95.42
C SER Q 478 142.37 142.31 -96.37
N PRO Q 479 142.65 142.89 -97.53
CA PRO Q 479 141.57 143.22 -98.47
C PRO Q 479 140.82 142.00 -98.98
N SER Q 480 141.44 140.82 -98.98
CA SER Q 480 140.75 139.62 -99.43
C SER Q 480 139.56 139.30 -98.55
N ARG Q 481 139.72 139.44 -97.23
CA ARG Q 481 138.61 139.19 -96.31
C ARG Q 481 137.46 140.17 -96.54
N ILE Q 482 137.79 141.44 -96.76
CA ILE Q 482 136.76 142.44 -97.02
C ILE Q 482 136.03 142.13 -98.33
N GLN Q 483 136.78 141.75 -99.36
CA GLN Q 483 136.17 141.40 -100.64
C GLN Q 483 135.25 140.18 -100.49
N GLN Q 484 135.69 139.17 -99.75
CA GLN Q 484 134.86 137.99 -99.54
C GLN Q 484 133.59 138.33 -98.76
N ILE Q 485 133.71 139.20 -97.75
CA ILE Q 485 132.54 139.59 -96.97
C ILE Q 485 131.56 140.35 -97.85
N ILE Q 486 132.06 141.30 -98.65
CA ILE Q 486 131.19 142.07 -99.52
C ILE Q 486 130.55 141.17 -100.58
N GLU Q 487 131.34 140.30 -101.19
CA GLU Q 487 130.80 139.40 -102.21
C GLU Q 487 129.93 138.30 -101.61
N GLY Q 488 130.17 137.93 -100.34
CA GLY Q 488 129.38 136.92 -99.69
C GLY Q 488 129.92 135.51 -99.85
N LYS Q 489 131.25 135.38 -99.83
CA LYS Q 489 131.91 134.08 -99.96
C LYS Q 489 132.35 133.52 -98.62
N LEU Q 490 131.98 134.15 -97.52
CA LEU Q 490 132.37 133.71 -96.18
C LEU Q 490 131.20 133.41 -95.27
N PHE Q 491 130.12 134.20 -95.35
CA PHE Q 491 128.95 133.97 -94.50
C PHE Q 491 128.16 132.78 -95.01
N PRO Q 492 127.92 131.76 -94.19
CA PRO Q 492 127.13 130.61 -94.66
C PRO Q 492 125.70 130.97 -95.04
N MET Q 493 125.11 131.98 -94.39
CA MET Q 493 123.74 132.36 -94.68
C MET Q 493 123.64 132.97 -96.07
N LYS Q 494 122.51 132.72 -96.73
CA LYS Q 494 122.24 133.24 -98.08
C LYS Q 494 121.41 134.51 -97.96
N ALA Q 495 122.10 135.61 -97.64
CA ALA Q 495 121.45 136.90 -97.50
C ALA Q 495 121.05 137.44 -98.87
N LEU Q 496 120.05 138.32 -98.86
CA LEU Q 496 119.57 138.93 -100.10
C LEU Q 496 120.61 139.86 -100.73
N GLY Q 497 121.56 140.34 -99.96
CA GLY Q 497 122.58 141.21 -100.49
C GLY Q 497 123.55 141.62 -99.40
N TYR Q 498 124.61 142.30 -99.82
CA TYR Q 498 125.64 142.79 -98.90
C TYR Q 498 126.08 144.17 -99.36
N PHE Q 499 126.02 145.14 -98.46
CA PHE Q 499 126.42 146.51 -98.74
C PHE Q 499 127.37 147.00 -97.67
N ALA Q 500 128.41 147.73 -98.10
CA ALA Q 500 129.42 148.28 -97.20
C ALA Q 500 129.29 149.80 -97.19
N VAL Q 501 129.14 150.37 -96.00
CA VAL Q 501 129.00 151.82 -95.83
C VAL Q 501 129.95 152.27 -94.74
N VAL Q 502 130.22 153.58 -94.73
CA VAL Q 502 131.09 154.21 -93.74
C VAL Q 502 130.24 155.17 -92.92
N THR Q 503 130.26 155.00 -91.60
CA THR Q 503 129.50 155.82 -90.68
C THR Q 503 130.42 156.69 -89.82
N GLY Q 504 131.51 157.18 -90.42
CA GLY Q 504 132.45 158.02 -89.70
C GLY Q 504 133.41 157.22 -88.85
N LYS Q 505 134.21 157.95 -88.07
CA LYS Q 505 135.20 157.34 -87.19
C LYS Q 505 134.62 156.91 -85.86
N GLY Q 506 133.34 157.18 -85.61
CA GLY Q 506 132.71 156.79 -84.35
C GLY Q 506 133.01 157.69 -83.18
N ASN Q 507 133.66 158.84 -83.41
CA ASN Q 507 134.00 159.75 -82.32
C ASN Q 507 132.77 160.60 -81.97
N SER Q 508 132.95 161.55 -81.05
CA SER Q 508 131.89 162.44 -80.61
C SER Q 508 132.19 163.90 -80.96
N SER Q 509 132.93 164.12 -82.04
CA SER Q 509 133.27 165.48 -82.45
C SER Q 509 133.06 165.71 -83.95
N GLU Q 510 132.34 164.82 -84.62
CA GLU Q 510 132.06 164.95 -86.05
C GLU Q 510 130.57 165.13 -86.24
N SER Q 511 130.19 166.18 -86.97
CA SER Q 511 128.79 166.46 -87.23
C SER Q 511 128.22 165.46 -88.23
N ILE Q 512 126.89 165.39 -88.28
CA ILE Q 512 126.21 164.48 -89.19
C ILE Q 512 126.53 164.85 -90.64
N GLU Q 513 126.51 166.15 -90.95
CA GLU Q 513 126.81 166.58 -92.32
C GLU Q 513 128.23 166.24 -92.71
N ALA Q 514 129.19 166.42 -91.80
CA ALA Q 514 130.57 166.08 -92.09
C ALA Q 514 130.74 164.59 -92.36
N ILE Q 515 130.09 163.75 -91.54
CA ILE Q 515 130.17 162.31 -91.74
C ILE Q 515 129.54 161.91 -93.07
N ARG Q 516 128.40 162.52 -93.40
CA ARG Q 516 127.75 162.22 -94.68
C ARG Q 516 128.63 162.62 -95.85
N GLU Q 517 129.26 163.79 -95.77
CA GLU Q 517 130.16 164.24 -96.84
C GLU Q 517 131.36 163.31 -96.96
N TYR Q 518 131.93 162.88 -95.83
CA TYR Q 518 133.05 161.95 -95.88
C TYR Q 518 132.64 160.62 -96.49
N GLU Q 519 131.46 160.12 -96.15
CA GLU Q 519 130.97 158.87 -96.73
C GLU Q 519 130.76 159.01 -98.24
N GLU Q 520 130.19 160.15 -98.67
CA GLU Q 520 129.99 160.37 -100.09
C GLU Q 520 131.33 160.45 -100.83
N GLU Q 521 132.31 161.12 -100.24
CA GLU Q 521 133.63 161.19 -100.86
C GLU Q 521 134.28 159.81 -100.95
N PHE Q 522 134.14 159.00 -99.89
CA PHE Q 522 134.70 157.65 -99.91
C PHE Q 522 134.02 156.79 -100.97
N PHE Q 523 132.70 156.92 -101.11
CA PHE Q 523 131.99 156.18 -102.13
C PHE Q 523 132.41 156.61 -103.53
N GLN Q 524 132.59 157.91 -103.74
CA GLN Q 524 133.02 158.40 -105.05
C GLN Q 524 134.43 157.92 -105.38
N ASN Q 525 135.34 157.98 -104.41
CA ASN Q 525 136.73 157.57 -104.60
C ASN Q 525 137.09 156.61 -103.47
N SER Q 526 137.13 155.31 -103.78
CA SER Q 526 137.46 154.28 -102.81
C SER Q 526 138.67 153.49 -103.27
N LYS Q 527 139.47 153.05 -102.29
CA LYS Q 527 140.66 152.27 -102.58
C LYS Q 527 140.34 150.84 -103.02
N LEU Q 528 139.11 150.38 -102.83
CA LEU Q 528 138.72 149.03 -103.22
C LEU Q 528 137.92 148.99 -104.51
N LEU Q 529 137.18 150.05 -104.84
CA LEU Q 529 136.41 150.07 -106.08
C LEU Q 529 137.31 150.18 -107.29
N LYS Q 530 138.47 150.83 -107.16
CA LYS Q 530 139.39 150.98 -108.27
C LYS Q 530 140.14 149.70 -108.61
N THR Q 531 140.07 148.69 -107.75
CA THR Q 531 140.74 147.41 -107.98
C THR Q 531 139.87 146.42 -108.75
N SER Q 532 138.65 146.81 -109.14
CA SER Q 532 137.75 145.95 -109.88
C SER Q 532 137.48 144.64 -109.15
N MET Q 533 137.35 144.72 -107.83
CA MET Q 533 137.08 143.55 -106.99
C MET Q 533 135.72 143.61 -106.32
N LEU Q 534 134.94 144.67 -106.53
CA LEU Q 534 133.63 144.82 -105.93
C LEU Q 534 132.59 145.08 -107.01
N LYS Q 535 131.39 144.55 -106.79
CA LYS Q 535 130.32 144.71 -107.75
C LYS Q 535 129.86 146.16 -107.81
N ALA Q 536 129.54 146.62 -109.03
CA ALA Q 536 129.14 148.00 -109.23
C ALA Q 536 127.72 148.25 -108.73
N HIS Q 537 126.87 147.22 -108.70
CA HIS Q 537 125.49 147.36 -108.29
C HIS Q 537 125.30 147.24 -106.78
N GLN Q 538 126.37 146.99 -106.03
CA GLN Q 538 126.31 146.89 -104.58
C GLN Q 538 126.76 148.17 -103.88
N VAL Q 539 126.46 149.33 -104.47
CA VAL Q 539 126.86 150.61 -103.90
C VAL Q 539 125.63 151.34 -103.37
N THR Q 540 125.85 152.43 -102.65
CA THR Q 540 124.80 153.26 -102.06
C THR Q 540 123.88 152.43 -101.17
N THR Q 541 122.72 152.99 -100.82
CA THR Q 541 121.76 152.30 -99.96
C THR Q 541 120.32 152.41 -100.43
N ARG Q 542 120.06 153.08 -101.57
CA ARG Q 542 118.68 153.28 -102.01
C ARG Q 542 118.00 151.96 -102.35
N ASN Q 543 118.67 151.12 -103.15
CA ASN Q 543 118.09 149.84 -103.54
C ASN Q 543 117.88 148.94 -102.34
N LEU Q 544 118.86 148.89 -101.44
CA LEU Q 544 118.73 148.05 -100.24
C LEU Q 544 117.59 148.54 -99.37
N SER Q 545 117.46 149.86 -99.19
CA SER Q 545 116.37 150.40 -98.39
C SER Q 545 115.02 150.10 -99.01
N LEU Q 546 114.91 150.24 -100.34
CA LEU Q 546 113.65 149.93 -101.01
C LEU Q 546 113.29 148.46 -100.87
N ALA Q 547 114.26 147.57 -101.04
CA ALA Q 547 114.00 146.14 -100.89
C ALA Q 547 113.58 145.80 -99.47
N VAL Q 548 114.26 146.37 -98.47
CA VAL Q 548 113.91 146.12 -97.08
C VAL Q 548 112.50 146.63 -96.78
N SER Q 549 112.17 147.82 -97.27
CA SER Q 549 110.84 148.37 -97.05
C SER Q 549 109.77 147.50 -97.69
N ASP Q 550 110.00 147.03 -98.93
CA ASP Q 550 109.03 146.18 -99.60
C ASP Q 550 108.85 144.86 -98.86
N CYS Q 551 109.96 144.25 -98.42
CA CYS Q 551 109.86 143.00 -97.68
C CYS Q 551 109.12 143.19 -96.36
N PHE Q 552 109.41 144.27 -95.65
CA PHE Q 552 108.72 144.54 -94.40
C PHE Q 552 107.22 144.77 -94.63
N TRP Q 553 106.88 145.51 -95.69
CA TRP Q 553 105.47 145.76 -95.98
C TRP Q 553 104.74 144.47 -96.32
N LYS Q 554 105.33 143.61 -97.16
CA LYS Q 554 104.65 142.38 -97.52
C LYS Q 554 104.53 141.44 -96.32
N MET Q 555 105.57 141.35 -95.49
CA MET Q 555 105.50 140.46 -94.34
C MET Q 555 104.50 140.96 -93.31
N VAL Q 556 104.43 142.28 -93.10
CA VAL Q 556 103.46 142.81 -92.15
C VAL Q 556 102.04 142.69 -92.70
N ARG Q 557 101.86 142.79 -94.02
CA ARG Q 557 100.55 142.55 -94.61
C ARG Q 557 100.10 141.11 -94.40
N GLU Q 558 101.01 140.16 -94.63
CA GLU Q 558 100.67 138.76 -94.40
C GLU Q 558 100.38 138.51 -92.91
N SER Q 559 101.18 139.11 -92.03
CA SER Q 559 100.97 138.93 -90.60
C SER Q 559 99.62 139.48 -90.15
N VAL Q 560 99.25 140.67 -90.64
CA VAL Q 560 97.98 141.25 -90.24
C VAL Q 560 96.82 140.48 -90.86
N GLU Q 561 96.99 139.94 -92.07
CA GLU Q 561 95.95 139.11 -92.66
C GLU Q 561 95.71 137.86 -91.83
N GLN Q 562 96.80 137.22 -91.36
CA GLN Q 562 96.64 136.06 -90.49
C GLN Q 562 96.04 136.45 -89.14
N GLN Q 563 96.48 137.57 -88.57
CA GLN Q 563 96.01 137.97 -87.25
C GLN Q 563 94.56 138.41 -87.26
N ALA Q 564 94.04 138.91 -88.38
CA ALA Q 564 92.63 139.29 -88.44
C ALA Q 564 91.72 138.15 -88.06
N ASP Q 565 92.13 136.91 -88.31
CA ASP Q 565 91.40 135.73 -87.86
C ASP Q 565 91.98 135.11 -86.60
N SER Q 566 93.30 135.22 -86.40
CA SER Q 566 93.92 134.64 -85.21
C SER Q 566 93.41 135.30 -83.93
N PHE Q 567 93.32 136.64 -83.93
CA PHE Q 567 92.83 137.34 -82.75
C PHE Q 567 91.34 137.09 -82.51
N LYS Q 568 90.55 136.97 -83.58
CA LYS Q 568 89.15 136.61 -83.41
C LYS Q 568 89.01 135.23 -82.79
N ALA Q 569 89.81 134.27 -83.26
CA ALA Q 569 89.78 132.93 -82.67
C ALA Q 569 90.21 132.96 -81.21
N THR Q 570 91.25 133.74 -80.90
CA THR Q 570 91.70 133.85 -79.51
C THR Q 570 90.62 134.45 -78.62
N ARG Q 571 89.95 135.50 -79.09
CA ARG Q 571 88.88 136.11 -78.32
C ARG Q 571 87.73 135.13 -78.11
N PHE Q 572 87.37 134.38 -79.15
CA PHE Q 572 86.29 133.39 -79.02
C PHE Q 572 86.68 132.31 -78.01
N ASN Q 573 87.93 131.85 -78.06
CA ASN Q 573 88.38 130.83 -77.12
C ASN Q 573 88.37 131.36 -75.69
N LEU Q 574 88.82 132.61 -75.50
CA LEU Q 574 88.81 133.20 -74.16
C LEU Q 574 87.38 133.35 -73.63
N GLU Q 575 86.45 133.79 -74.48
CA GLU Q 575 85.06 133.91 -74.06
C GLU Q 575 84.48 132.55 -73.70
N THR Q 576 84.78 131.52 -74.51
CA THR Q 576 84.30 130.18 -74.21
C THR Q 576 84.86 129.66 -72.90
N GLU Q 577 86.16 129.92 -72.66
CA GLU Q 577 86.76 129.49 -71.40
C GLU Q 577 86.13 130.19 -70.21
N TRP Q 578 85.88 131.50 -70.33
CA TRP Q 578 85.25 132.24 -69.24
C TRP Q 578 83.84 131.72 -68.98
N LYS Q 579 83.08 131.47 -70.04
CA LYS Q 579 81.72 130.94 -69.86
C LYS Q 579 81.73 129.56 -69.24
N ASN Q 580 82.66 128.70 -69.66
CA ASN Q 580 82.70 127.34 -69.16
C ASN Q 580 83.14 127.29 -67.70
N ASN Q 581 84.16 128.08 -67.34
CA ASN Q 581 84.62 128.10 -65.95
C ASN Q 581 83.57 128.68 -65.01
N TYR Q 582 82.78 129.64 -65.50
CA TYR Q 582 81.74 130.30 -64.70
C TYR Q 582 80.42 130.26 -65.45
N PRO Q 583 79.76 129.10 -65.46
CA PRO Q 583 78.46 129.01 -66.16
C PRO Q 583 77.41 129.95 -65.60
N ARG Q 584 77.43 130.22 -64.30
CA ARG Q 584 76.43 131.07 -63.65
C ARG Q 584 76.96 132.46 -63.35
N LEU Q 585 78.18 132.78 -63.78
CA LEU Q 585 78.77 134.09 -63.56
C LEU Q 585 79.25 134.67 -64.87
N ARG Q 586 78.88 135.92 -65.13
CA ARG Q 586 79.29 136.62 -66.34
C ARG Q 586 80.60 137.36 -66.09
N GLU Q 587 80.98 138.23 -67.03
CA GLU Q 587 82.22 138.97 -66.90
C GLU Q 587 82.21 139.83 -65.64
N LEU Q 588 83.31 139.77 -64.88
CA LEU Q 588 83.46 140.50 -63.62
C LEU Q 588 84.81 141.22 -63.66
N ASP Q 589 84.80 142.46 -64.16
CA ASP Q 589 86.01 143.25 -64.22
C ASP Q 589 86.19 144.04 -62.93
N ARG Q 590 87.21 144.90 -62.90
CA ARG Q 590 87.51 145.66 -61.69
C ARG Q 590 86.38 146.60 -61.31
N ASN Q 591 85.80 147.30 -62.29
CA ASN Q 591 84.77 148.29 -61.99
C ASN Q 591 83.51 147.63 -61.44
N GLU Q 592 83.02 146.60 -62.11
CA GLU Q 592 81.80 145.94 -61.66
C GLU Q 592 81.99 145.28 -60.30
N LEU Q 593 83.13 144.62 -60.10
CA LEU Q 593 83.39 143.98 -58.81
C LEU Q 593 83.52 145.00 -57.69
N PHE Q 594 84.18 146.13 -57.97
CA PHE Q 594 84.29 147.18 -56.95
C PHE Q 594 82.92 147.76 -56.62
N GLU Q 595 82.08 147.98 -57.63
CA GLU Q 595 80.74 148.48 -57.37
C GLU Q 595 79.91 147.48 -56.57
N LYS Q 596 80.04 146.19 -56.88
CA LYS Q 596 79.32 145.17 -56.14
C LYS Q 596 79.80 145.11 -54.69
N ALA Q 597 81.11 145.23 -54.47
CA ALA Q 597 81.64 145.26 -53.11
C ALA Q 597 81.13 146.47 -52.34
N LYS Q 598 81.09 147.63 -52.99
CA LYS Q 598 80.56 148.83 -52.34
C LYS Q 598 79.09 148.66 -51.99
N ASN Q 599 78.31 148.08 -52.90
CA ASN Q 599 76.89 147.84 -52.62
C ASN Q 599 76.71 146.85 -51.48
N GLU Q 600 77.53 145.80 -51.44
CA GLU Q 600 77.45 144.83 -50.34
C GLU Q 600 77.81 145.48 -49.02
N ILE Q 601 78.83 146.34 -49.01
CA ILE Q 601 79.20 147.06 -47.79
C ILE Q 601 78.05 147.96 -47.33
N LEU Q 602 77.43 148.67 -48.26
CA LEU Q 602 76.30 149.52 -47.92
C LEU Q 602 75.13 148.71 -47.36
N ASP Q 603 74.86 147.55 -47.96
CA ASP Q 603 73.78 146.70 -47.45
C ASP Q 603 74.10 146.17 -46.06
N GLU Q 604 75.35 145.80 -45.83
CA GLU Q 604 75.75 145.34 -44.49
C GLU Q 604 75.62 146.45 -43.46
N VAL Q 605 76.00 147.68 -43.82
CA VAL Q 605 75.86 148.81 -42.92
C VAL Q 605 74.38 149.07 -42.62
N ILE Q 606 73.53 148.98 -43.66
CA ILE Q 606 72.09 149.18 -43.47
C ILE Q 606 71.53 148.13 -42.53
N SER Q 607 71.92 146.86 -42.73
CA SER Q 607 71.45 145.79 -41.84
C SER Q 607 71.93 146.00 -40.42
N LEU Q 608 73.18 146.43 -40.26
CA LEU Q 608 73.70 146.73 -38.92
C LEU Q 608 72.91 147.83 -38.25
N SER Q 609 72.57 148.88 -38.99
CA SER Q 609 71.80 149.99 -38.42
C SER Q 609 70.35 149.58 -38.15
N GLN Q 610 69.85 148.58 -38.85
CA GLN Q 610 68.45 148.16 -38.72
C GLN Q 610 68.23 147.15 -37.60
N VAL Q 611 69.28 146.70 -36.92
CA VAL Q 611 69.12 145.76 -35.83
C VAL Q 611 68.40 146.44 -34.67
N THR Q 612 67.50 145.70 -34.03
CA THR Q 612 66.72 146.24 -32.91
C THR Q 612 67.65 146.64 -31.77
N PRO Q 613 67.53 147.86 -31.24
CA PRO Q 613 68.41 148.28 -30.14
C PRO Q 613 68.29 147.42 -28.89
N LYS Q 614 67.13 146.79 -28.67
CA LYS Q 614 66.96 145.98 -27.46
C LYS Q 614 67.93 144.81 -27.43
N HIS Q 615 68.11 144.15 -28.58
CA HIS Q 615 69.06 143.04 -28.65
C HIS Q 615 70.49 143.52 -28.37
N TRP Q 616 70.85 144.69 -28.91
CA TRP Q 616 72.16 145.26 -28.63
C TRP Q 616 72.34 145.53 -27.14
N GLU Q 617 71.31 146.10 -26.50
CA GLU Q 617 71.40 146.39 -25.08
C GLU Q 617 71.56 145.11 -24.26
N GLU Q 618 70.78 144.07 -24.61
CA GLU Q 618 70.88 142.82 -23.88
C GLU Q 618 72.26 142.18 -24.05
N ILE Q 619 72.77 142.17 -25.29
CA ILE Q 619 74.08 141.57 -25.55
C ILE Q 619 75.17 142.34 -24.81
N LEU Q 620 75.13 143.67 -24.87
CA LEU Q 620 76.14 144.48 -24.19
C LEU Q 620 76.08 144.28 -22.68
N GLN Q 621 74.87 144.25 -22.11
CA GLN Q 621 74.75 144.05 -20.68
C GLN Q 621 75.28 142.68 -20.26
N GLN Q 622 74.93 141.64 -21.00
CA GLN Q 622 75.39 140.30 -20.67
C GLN Q 622 76.91 140.20 -20.77
N SER Q 623 77.48 140.73 -21.85
CA SER Q 623 78.93 140.66 -22.04
C SER Q 623 79.66 141.45 -20.96
N LEU Q 624 79.17 142.66 -20.65
CA LEU Q 624 79.82 143.47 -19.62
C LEU Q 624 79.73 142.79 -18.26
N TRP Q 625 78.57 142.22 -17.92
CA TRP Q 625 78.43 141.53 -16.64
C TRP Q 625 79.36 140.34 -16.55
N GLU Q 626 79.44 139.54 -17.62
CA GLU Q 626 80.34 138.40 -17.62
C GLU Q 626 81.79 138.85 -17.51
N ARG Q 627 82.12 140.00 -18.08
CA ARG Q 627 83.50 140.47 -18.04
C ARG Q 627 83.87 141.00 -16.66
N VAL Q 628 82.96 141.73 -16.01
CA VAL Q 628 83.30 142.43 -14.76
C VAL Q 628 82.83 141.67 -13.53
N SER Q 629 82.26 140.46 -13.68
CA SER Q 629 81.86 139.70 -12.51
C SER Q 629 83.05 139.40 -11.61
N THR Q 630 84.15 138.91 -12.20
CA THR Q 630 85.33 138.59 -11.41
C THR Q 630 85.93 139.85 -10.78
N HIS Q 631 85.98 140.95 -11.52
CA HIS Q 631 86.51 142.20 -11.00
C HIS Q 631 85.68 142.68 -9.81
N VAL Q 632 84.36 142.65 -9.94
CA VAL Q 632 83.49 143.07 -8.85
C VAL Q 632 83.67 142.18 -7.64
N ILE Q 633 83.75 140.86 -7.85
CA ILE Q 633 83.90 139.93 -6.73
C ILE Q 633 85.21 140.22 -6.00
N GLU Q 634 86.32 140.29 -6.75
CA GLU Q 634 87.63 140.47 -6.13
C GLU Q 634 87.84 141.88 -5.58
N ASN Q 635 87.03 142.85 -5.98
CA ASN Q 635 87.15 144.20 -5.44
C ASN Q 635 86.13 144.51 -4.35
N ILE Q 636 85.14 143.64 -4.15
CA ILE Q 636 84.13 143.89 -3.13
C ILE Q 636 84.23 142.84 -2.01
N TYR Q 637 84.07 141.56 -2.37
CA TYR Q 637 83.99 140.52 -1.35
C TYR Q 637 85.36 140.22 -0.74
N LEU Q 638 86.42 140.34 -1.52
CA LEU Q 638 87.77 140.06 -0.99
C LEU Q 638 88.15 141.00 0.15
N PRO Q 639 87.97 142.32 0.06
CA PRO Q 639 88.26 143.16 1.23
C PRO Q 639 87.22 143.00 2.33
N ALA Q 640 85.95 142.95 1.98
CA ALA Q 640 84.86 142.82 2.96
C ALA Q 640 84.46 141.35 3.11
N ALA Q 641 85.43 140.55 3.52
CA ALA Q 641 85.22 139.11 3.68
C ALA Q 641 84.78 138.71 5.09
N GLN Q 642 84.76 139.65 6.03
CA GLN Q 642 84.37 139.35 7.41
C GLN Q 642 83.33 140.32 7.95
N THR Q 643 82.62 141.03 7.08
CA THR Q 643 81.59 141.95 7.53
C THR Q 643 80.40 141.18 8.08
N MET Q 644 79.84 141.67 9.18
CA MET Q 644 78.69 141.06 9.83
C MET Q 644 77.40 141.84 9.58
N ASN Q 645 77.44 143.16 9.77
CA ASN Q 645 76.25 143.98 9.54
C ASN Q 645 76.06 144.23 8.05
N SER Q 646 74.80 144.12 7.60
CA SER Q 646 74.50 144.35 6.20
C SER Q 646 74.69 145.81 5.80
N GLY Q 647 74.47 146.74 6.75
CA GLY Q 647 74.65 148.14 6.44
C GLY Q 647 76.08 148.50 6.10
N THR Q 648 77.03 147.96 6.85
CA THR Q 648 78.44 148.21 6.56
C THR Q 648 78.83 147.64 5.20
N PHE Q 649 78.33 146.44 4.88
CA PHE Q 649 78.62 145.84 3.59
C PHE Q 649 78.04 146.68 2.46
N ASN Q 650 76.81 147.18 2.63
CA ASN Q 650 76.20 148.03 1.60
C ASN Q 650 76.98 149.33 1.44
N THR Q 651 77.43 149.92 2.55
CA THR Q 651 78.21 151.14 2.46
C THR Q 651 79.52 150.89 1.73
N THR Q 652 80.19 149.78 2.03
CA THR Q 652 81.44 149.45 1.34
C THR Q 652 81.19 149.23 -0.15
N VAL Q 653 80.08 148.56 -0.49
CA VAL Q 653 79.74 148.34 -1.89
C VAL Q 653 79.54 149.66 -2.60
N ASP Q 654 78.80 150.58 -1.96
CA ASP Q 654 78.56 151.88 -2.57
C ASP Q 654 79.85 152.66 -2.75
N ILE Q 655 80.75 152.60 -1.75
CA ILE Q 655 82.02 153.30 -1.86
C ILE Q 655 82.84 152.75 -3.02
N LYS Q 656 82.91 151.41 -3.12
CA LYS Q 656 83.68 150.80 -4.20
C LYS Q 656 83.08 151.13 -5.56
N LEU Q 657 81.75 151.11 -5.67
CA LEU Q 657 81.11 151.44 -6.94
C LEU Q 657 81.38 152.89 -7.33
N LYS Q 658 81.30 153.82 -6.37
CA LYS Q 658 81.58 155.22 -6.67
C LYS Q 658 83.04 155.40 -7.09
N GLN Q 659 83.96 154.74 -6.39
CA GLN Q 659 85.38 154.84 -6.76
C GLN Q 659 85.61 154.28 -8.16
N TRP Q 660 84.99 153.15 -8.50
CA TRP Q 660 85.16 152.58 -9.83
C TRP Q 660 84.59 153.49 -10.90
N THR Q 661 83.40 154.07 -10.65
CA THR Q 661 82.81 154.99 -11.62
C THR Q 661 83.70 156.21 -11.83
N ASP Q 662 84.28 156.73 -10.74
CA ASP Q 662 85.12 157.91 -10.86
C ASP Q 662 86.44 157.61 -11.57
N LYS Q 663 87.02 156.43 -11.31
CA LYS Q 663 88.38 156.17 -11.77
C LYS Q 663 88.45 155.72 -13.23
N GLN Q 664 87.89 154.56 -13.55
CA GLN Q 664 88.10 153.98 -14.87
C GLN Q 664 86.89 153.26 -15.45
N LEU Q 665 85.74 153.26 -14.77
CA LEU Q 665 84.59 152.52 -15.30
C LEU Q 665 84.12 153.02 -16.66
N PRO Q 666 83.98 154.33 -16.91
CA PRO Q 666 83.60 154.75 -18.28
C PRO Q 666 84.58 154.31 -19.34
N ASN Q 667 85.88 154.32 -19.04
CA ASN Q 667 86.87 153.88 -20.01
C ASN Q 667 86.71 152.39 -20.30
N LYS Q 668 86.50 151.59 -19.27
CA LYS Q 668 86.29 150.15 -19.47
C LYS Q 668 85.02 149.89 -20.27
N ALA Q 669 83.96 150.63 -19.98
CA ALA Q 669 82.72 150.46 -20.73
C ALA Q 669 82.91 150.82 -22.20
N VAL Q 670 83.62 151.92 -22.47
CA VAL Q 670 83.89 152.32 -23.85
C VAL Q 670 84.71 151.26 -24.56
N GLU Q 671 85.74 150.73 -23.90
CA GLU Q 671 86.57 149.70 -24.51
C GLU Q 671 85.75 148.44 -24.80
N VAL Q 672 84.89 148.03 -23.87
CA VAL Q 672 84.06 146.85 -24.07
C VAL Q 672 83.10 147.06 -25.23
N ALA Q 673 82.48 148.24 -25.31
CA ALA Q 673 81.56 148.53 -26.40
C ALA Q 673 82.29 148.52 -27.75
N TRP Q 674 83.48 149.12 -27.79
CA TRP Q 674 84.24 149.13 -29.04
C TRP Q 674 84.66 147.72 -29.45
N GLU Q 675 85.08 146.90 -28.48
CA GLU Q 675 85.45 145.52 -28.78
C GLU Q 675 84.25 144.73 -29.30
N THR Q 676 83.08 144.91 -28.69
CA THR Q 676 81.88 144.23 -29.16
C THR Q 676 81.50 144.68 -30.57
N LEU Q 677 81.61 145.98 -30.85
CA LEU Q 677 81.33 146.48 -32.19
C LEU Q 677 82.30 145.89 -33.21
N GLN Q 678 83.58 145.81 -32.85
CA GLN Q 678 84.57 145.21 -33.74
C GLN Q 678 84.26 143.75 -33.99
N GLU Q 679 83.87 143.01 -32.94
CA GLU Q 679 83.54 141.60 -33.11
C GLU Q 679 82.33 141.43 -34.02
N GLU Q 680 81.29 142.25 -33.83
CA GLU Q 680 80.12 142.17 -34.69
C GLU Q 680 80.47 142.49 -36.15
N PHE Q 681 81.29 143.53 -36.35
CA PHE Q 681 81.69 143.90 -37.71
C PHE Q 681 82.50 142.78 -38.36
N SER Q 682 83.42 142.16 -37.60
CA SER Q 682 84.21 141.07 -38.15
C SER Q 682 83.34 139.86 -38.48
N ARG Q 683 82.37 139.54 -37.62
CA ARG Q 683 81.49 138.41 -37.91
C ARG Q 683 80.63 138.69 -39.14
N PHE Q 684 80.14 139.93 -39.29
CA PHE Q 684 79.37 140.27 -40.48
C PHE Q 684 80.23 140.21 -41.73
N MET Q 685 81.47 140.67 -41.66
CA MET Q 685 82.36 140.62 -42.82
C MET Q 685 82.69 139.19 -43.21
N THR Q 686 82.94 138.33 -42.22
CA THR Q 686 83.27 136.93 -42.46
C THR Q 686 82.09 136.09 -41.98
N GLU Q 687 81.13 135.88 -42.88
CA GLU Q 687 79.91 135.12 -42.58
C GLU Q 687 79.78 134.02 -43.62
N PRO Q 688 80.44 132.87 -43.41
CA PRO Q 688 80.43 131.79 -44.41
C PRO Q 688 79.14 130.99 -44.42
N LYS Q 689 78.01 131.69 -44.49
CA LYS Q 689 76.73 131.01 -44.62
C LYS Q 689 76.63 130.27 -45.96
N GLY Q 690 77.13 130.88 -47.02
CA GLY Q 690 77.11 130.21 -48.31
C GLY Q 690 78.07 129.05 -48.38
N LYS Q 691 77.74 128.08 -49.23
CA LYS Q 691 78.56 126.88 -49.37
C LYS Q 691 79.89 127.16 -50.06
N GLU Q 692 79.98 128.24 -50.83
CA GLU Q 692 81.22 128.56 -51.54
C GLU Q 692 82.10 129.48 -50.71
N HIS Q 693 81.59 130.66 -50.37
CA HIS Q 693 82.31 131.66 -49.57
C HIS Q 693 83.71 131.91 -50.13
N ASP Q 694 83.72 132.44 -51.35
CA ASP Q 694 84.97 132.78 -52.02
C ASP Q 694 85.80 133.74 -51.19
N ASP Q 695 87.10 133.43 -51.06
CA ASP Q 695 87.99 134.22 -50.23
C ASP Q 695 88.50 135.48 -50.92
N ILE Q 696 88.31 135.60 -52.25
CA ILE Q 696 88.76 136.79 -52.96
C ILE Q 696 88.05 138.03 -52.42
N PHE Q 697 86.74 137.94 -52.24
CA PHE Q 697 85.99 139.05 -51.65
C PHE Q 697 86.25 139.15 -50.15
N ASP Q 698 86.51 138.02 -49.49
CA ASP Q 698 86.73 138.02 -48.05
C ASP Q 698 87.99 138.79 -47.69
N LYS Q 699 89.07 138.64 -48.48
CA LYS Q 699 90.30 139.37 -48.20
C LYS Q 699 90.09 140.87 -48.32
N LEU Q 700 89.37 141.30 -49.35
CA LEU Q 700 89.07 142.73 -49.51
C LEU Q 700 88.21 143.24 -48.37
N LYS Q 701 87.22 142.44 -47.95
CA LYS Q 701 86.37 142.84 -46.83
C LYS Q 701 87.18 142.99 -45.55
N GLU Q 702 88.09 142.05 -45.29
CA GLU Q 702 88.93 142.13 -44.11
C GLU Q 702 89.85 143.34 -44.16
N ALA Q 703 90.42 143.63 -45.34
CA ALA Q 703 91.28 144.80 -45.48
C ALA Q 703 90.49 146.09 -45.23
N VAL Q 704 89.27 146.18 -45.77
CA VAL Q 704 88.44 147.36 -45.55
C VAL Q 704 88.08 147.48 -44.07
N LYS Q 705 87.77 146.36 -43.42
CA LYS Q 705 87.45 146.38 -42.00
C LYS Q 705 88.64 146.87 -41.18
N GLU Q 706 89.84 146.38 -41.49
CA GLU Q 706 91.03 146.83 -40.76
C GLU Q 706 91.29 148.32 -41.00
N GLU Q 707 91.13 148.79 -42.23
CA GLU Q 707 91.32 150.20 -42.51
C GLU Q 707 90.31 151.06 -41.76
N SER Q 708 89.04 150.63 -41.71
CA SER Q 708 88.02 151.38 -40.98
C SER Q 708 88.32 151.38 -39.49
N ILE Q 709 88.78 150.25 -38.95
CA ILE Q 709 89.10 150.18 -37.52
C ILE Q 709 90.25 151.11 -37.20
N LYS Q 710 91.29 151.12 -38.04
CA LYS Q 710 92.44 151.99 -37.79
C LYS Q 710 92.07 153.46 -37.97
N ARG Q 711 91.15 153.77 -38.88
CA ARG Q 711 90.76 155.15 -39.14
C ARG Q 711 89.67 155.64 -38.20
N HIS Q 712 89.06 154.75 -37.42
CA HIS Q 712 87.97 155.15 -36.54
C HIS Q 712 88.47 156.07 -35.44
N LYS Q 713 87.64 157.05 -35.08
CA LYS Q 713 87.97 158.03 -34.05
C LYS Q 713 86.88 158.05 -32.99
N TRP Q 714 87.24 158.55 -31.80
CA TRP Q 714 86.32 158.65 -30.69
C TRP Q 714 86.30 160.08 -30.16
N ASN Q 715 85.16 160.45 -29.58
CA ASN Q 715 84.95 161.81 -29.07
C ASN Q 715 84.96 161.78 -27.54
N ASP Q 716 85.75 162.67 -26.95
CA ASP Q 716 85.83 162.74 -25.48
C ASP Q 716 84.53 163.27 -24.87
N PHE Q 717 83.76 164.05 -25.64
CA PHE Q 717 82.47 164.51 -25.15
C PHE Q 717 81.52 163.35 -24.88
N ALA Q 718 81.55 162.34 -25.75
CA ALA Q 718 80.76 161.13 -25.52
C ALA Q 718 81.20 160.42 -24.25
N GLU Q 719 82.52 160.36 -24.00
CA GLU Q 719 83.01 159.74 -22.78
C GLU Q 719 82.54 160.51 -21.54
N ASP Q 720 82.59 161.84 -21.59
CA ASP Q 720 82.14 162.65 -20.47
C ASP Q 720 80.64 162.46 -20.23
N SER Q 721 79.84 162.42 -21.30
CA SER Q 721 78.42 162.20 -21.16
C SER Q 721 78.14 160.82 -20.57
N LEU Q 722 78.89 159.81 -21.01
CA LEU Q 722 78.73 158.46 -20.47
C LEU Q 722 79.07 158.44 -18.98
N ARG Q 723 80.14 159.12 -18.59
CA ARG Q 723 80.51 159.17 -17.17
C ARG Q 723 79.42 159.85 -16.35
N VAL Q 724 78.88 160.96 -16.86
CA VAL Q 724 77.84 161.70 -16.15
C VAL Q 724 76.60 160.83 -15.99
N ILE Q 725 76.20 160.13 -17.07
CA ILE Q 725 75.00 159.30 -17.01
C ILE Q 725 75.22 158.10 -16.08
N GLN Q 726 76.42 157.52 -16.09
CA GLN Q 726 76.71 156.42 -15.18
C GLN Q 726 76.65 156.87 -13.73
N HIS Q 727 77.18 158.06 -13.44
CA HIS Q 727 77.08 158.58 -12.07
C HIS Q 727 75.64 158.89 -11.69
N ASN Q 728 74.84 159.41 -12.62
CA ASN Q 728 73.45 159.76 -12.31
C ASN Q 728 72.55 158.54 -12.24
N ALA Q 729 72.97 157.41 -12.80
CA ALA Q 729 72.12 156.22 -12.83
C ALA Q 729 72.05 155.55 -11.46
N LEU Q 730 71.41 156.22 -10.50
CA LEU Q 730 71.20 155.68 -9.16
C LEU Q 730 69.75 155.90 -8.75
N GLU Q 731 68.82 155.57 -9.65
CA GLU Q 731 67.41 155.87 -9.46
C GLU Q 731 66.71 154.88 -8.53
N ASP Q 732 66.68 153.60 -8.91
CA ASP Q 732 65.95 152.60 -8.15
C ASP Q 732 66.90 151.85 -7.22
N ARG Q 733 66.42 151.60 -5.99
CA ARG Q 733 67.21 150.91 -4.98
C ARG Q 733 66.47 149.80 -4.24
N SER Q 734 65.19 149.58 -4.54
CA SER Q 734 64.42 148.56 -3.86
C SER Q 734 63.48 147.88 -4.85
N ILE Q 735 63.06 146.66 -4.50
CA ILE Q 735 62.15 145.88 -5.32
C ILE Q 735 60.79 145.85 -4.64
N SER Q 736 59.76 146.28 -5.36
CA SER Q 736 58.38 146.25 -4.87
C SER Q 736 57.50 145.29 -5.66
N ASP Q 737 58.10 144.44 -6.50
CA ASP Q 737 57.37 143.51 -7.34
C ASP Q 737 57.80 142.09 -7.00
N LYS Q 738 56.81 141.20 -6.82
CA LYS Q 738 57.12 139.80 -6.57
C LYS Q 738 57.80 139.16 -7.77
N GLN Q 739 57.33 139.47 -8.98
CA GLN Q 739 57.93 138.90 -10.18
C GLN Q 739 59.36 139.38 -10.37
N GLN Q 740 59.62 140.66 -10.13
CA GLN Q 740 60.99 141.17 -10.21
C GLN Q 740 61.87 140.53 -9.16
N TRP Q 741 61.34 140.34 -7.95
CA TRP Q 741 62.09 139.66 -6.90
C TRP Q 741 62.45 138.24 -7.30
N ASP Q 742 61.50 137.51 -7.89
CA ASP Q 742 61.78 136.15 -8.35
C ASP Q 742 62.80 136.13 -9.46
N ALA Q 743 62.72 137.08 -10.39
CA ALA Q 743 63.70 137.17 -11.47
C ALA Q 743 65.09 137.44 -10.93
N ALA Q 744 65.20 138.36 -9.96
CA ALA Q 744 66.49 138.64 -9.34
C ALA Q 744 67.01 137.42 -8.60
N ILE Q 745 66.13 136.68 -7.92
CA ILE Q 745 66.53 135.46 -7.23
C ILE Q 745 67.08 134.45 -8.22
N TYR Q 746 66.39 134.27 -9.36
CA TYR Q 746 66.85 133.31 -10.36
C TYR Q 746 68.19 133.72 -10.96
N PHE Q 747 68.36 135.01 -11.24
CA PHE Q 747 69.64 135.47 -11.79
C PHE Q 747 70.77 135.27 -10.79
N MET Q 748 70.53 135.60 -9.52
CA MET Q 748 71.53 135.39 -8.48
C MET Q 748 71.85 133.91 -8.31
N GLU Q 749 70.82 133.06 -8.38
CA GLU Q 749 71.05 131.61 -8.30
C GLU Q 749 71.89 131.11 -9.45
N GLU Q 750 71.63 131.60 -10.66
CA GLU Q 750 72.44 131.22 -11.81
C GLU Q 750 73.88 131.65 -11.64
N ALA Q 751 74.10 132.89 -11.20
CA ALA Q 751 75.46 133.38 -10.99
C ALA Q 751 76.18 132.57 -9.91
N LEU Q 752 75.49 132.26 -8.81
CA LEU Q 752 76.12 131.49 -7.73
C LEU Q 752 76.39 130.07 -8.17
N GLN Q 753 75.52 129.49 -8.99
CA GLN Q 753 75.78 128.14 -9.51
C GLN Q 753 76.98 128.15 -10.43
N ALA Q 754 77.13 129.18 -11.26
CA ALA Q 754 78.31 129.29 -12.11
C ALA Q 754 79.57 129.42 -11.28
N ARG Q 755 79.52 130.24 -10.22
CA ARG Q 755 80.67 130.38 -9.33
C ARG Q 755 81.00 129.07 -8.64
N LEU Q 756 79.97 128.34 -8.20
CA LEU Q 756 80.19 127.05 -7.56
C LEU Q 756 80.82 126.05 -8.52
N LYS Q 757 80.36 126.04 -9.78
CA LYS Q 757 80.97 125.16 -10.77
C LYS Q 757 82.43 125.52 -11.02
N ASP Q 758 82.74 126.82 -11.10
CA ASP Q 758 84.12 127.24 -11.26
C ASP Q 758 84.98 126.80 -10.07
N THR Q 759 84.45 126.97 -8.86
CA THR Q 759 85.18 126.55 -7.66
C THR Q 759 85.40 125.04 -7.65
N GLU Q 760 84.38 124.27 -8.04
CA GLU Q 760 84.52 122.82 -8.11
C GLU Q 760 85.58 122.42 -9.14
N ASN Q 761 85.59 123.09 -10.30
CA ASN Q 761 86.62 122.80 -11.29
C ASN Q 761 88.01 123.11 -10.76
N ALA Q 762 88.16 124.24 -10.06
CA ALA Q 762 89.45 124.60 -9.48
C ALA Q 762 89.89 123.57 -8.44
N ILE Q 763 88.96 123.13 -7.59
CA ILE Q 763 89.27 122.14 -6.57
C ILE Q 763 89.67 120.82 -7.21
N GLU Q 764 88.94 120.40 -8.24
CA GLU Q 764 89.28 119.16 -8.93
C GLU Q 764 90.65 119.25 -9.59
N ASN Q 765 90.97 120.40 -10.20
CA ASN Q 765 92.30 120.58 -10.77
C ASN Q 765 93.38 120.51 -9.70
N MET Q 766 93.12 121.12 -8.53
CA MET Q 766 94.10 121.11 -7.46
C MET Q 766 94.31 119.71 -6.89
N VAL Q 767 93.23 118.93 -6.74
CA VAL Q 767 93.30 117.64 -6.06
C VAL Q 767 93.07 116.49 -7.01
N GLY Q 768 91.89 116.44 -7.62
CA GLY Q 768 91.52 115.35 -8.50
C GLY Q 768 90.20 114.70 -8.11
N PRO Q 769 90.09 113.39 -8.34
CA PRO Q 769 88.85 112.69 -7.99
C PRO Q 769 88.58 112.75 -6.49
N ASP Q 770 87.30 112.91 -6.15
CA ASP Q 770 86.88 113.07 -4.76
C ASP Q 770 85.66 112.19 -4.50
N TRP Q 771 85.62 111.59 -3.31
CA TRP Q 771 84.47 110.81 -2.82
C TRP Q 771 84.20 109.66 -3.79
N LYS Q 772 83.03 109.59 -4.43
CA LYS Q 772 82.66 108.46 -5.28
C LYS Q 772 83.62 108.33 -6.46
N LYS Q 773 84.02 109.46 -7.05
CA LYS Q 773 84.95 109.42 -8.17
C LYS Q 773 86.30 108.83 -7.75
N ARG Q 774 86.79 109.20 -6.56
CA ARG Q 774 88.07 108.70 -6.10
C ARG Q 774 87.99 107.22 -5.73
N TRP Q 775 86.93 106.83 -5.03
CA TRP Q 775 86.80 105.46 -4.53
C TRP Q 775 86.18 104.50 -5.54
N LEU Q 776 85.81 104.98 -6.72
CA LEU Q 776 85.25 104.09 -7.74
C LEU Q 776 86.27 103.05 -8.17
N TYR Q 777 87.52 103.46 -8.38
CA TYR Q 777 88.56 102.52 -8.76
C TYR Q 777 88.99 101.67 -7.56
N TRP Q 778 89.11 102.29 -6.39
CA TRP Q 778 89.48 101.67 -5.11
C TRP Q 778 90.93 101.18 -5.09
N LYS Q 779 91.67 101.31 -6.20
CA LYS Q 779 93.05 100.88 -6.26
C LYS Q 779 94.01 101.97 -6.73
N ASN Q 780 93.49 103.14 -7.11
CA ASN Q 780 94.33 104.26 -7.57
C ASN Q 780 94.43 105.29 -6.46
N ARG Q 781 95.63 105.45 -5.91
CA ARG Q 781 95.88 106.41 -4.84
C ARG Q 781 97.21 107.10 -5.08
N THR Q 782 97.24 108.40 -4.77
CA THR Q 782 98.44 109.22 -4.93
C THR Q 782 98.69 109.95 -3.62
N GLN Q 783 99.96 110.04 -3.22
CA GLN Q 783 100.30 110.71 -1.96
C GLN Q 783 99.95 112.19 -2.00
N GLU Q 784 100.12 112.83 -3.17
CA GLU Q 784 99.83 114.25 -3.28
C GLU Q 784 98.34 114.53 -3.07
N GLN Q 785 97.47 113.76 -3.74
CA GLN Q 785 96.04 113.93 -3.54
C GLN Q 785 95.57 113.42 -2.18
N CYS Q 786 96.26 112.43 -1.61
CA CYS Q 786 95.90 111.98 -0.26
C CYS Q 786 96.14 113.08 0.76
N VAL Q 787 97.24 113.83 0.62
CA VAL Q 787 97.50 114.94 1.53
C VAL Q 787 96.41 116.01 1.42
N HIS Q 788 96.02 116.33 0.19
CA HIS Q 788 94.95 117.31 -0.02
C HIS Q 788 93.64 116.81 0.58
N ASN Q 789 93.33 115.53 0.41
CA ASN Q 789 92.10 114.97 0.98
C ASN Q 789 92.12 115.03 2.50
N GLU Q 790 93.27 114.72 3.11
CA GLU Q 790 93.38 114.79 4.56
C GLU Q 790 93.22 116.22 5.06
N THR Q 791 93.83 117.18 4.35
CA THR Q 791 93.68 118.58 4.73
C THR Q 791 92.23 119.03 4.60
N LYS Q 792 91.55 118.61 3.52
CA LYS Q 792 90.14 118.95 3.34
C LYS Q 792 89.29 118.36 4.46
N ASN Q 793 89.55 117.11 4.83
CA ASN Q 793 88.80 116.49 5.92
C ASN Q 793 89.04 117.21 7.24
N GLU Q 794 90.29 117.58 7.51
CA GLU Q 794 90.61 118.29 8.75
C GLU Q 794 89.90 119.64 8.79
N LEU Q 795 89.90 120.36 7.67
CA LEU Q 795 89.23 121.67 7.63
C LEU Q 795 87.71 121.51 7.76
N GLU Q 796 87.15 120.47 7.15
CA GLU Q 796 85.72 120.21 7.31
C GLU Q 796 85.36 119.92 8.75
N LYS Q 797 86.19 119.11 9.43
CA LYS Q 797 85.95 118.83 10.84
C LYS Q 797 86.09 120.09 11.68
N MET Q 798 87.06 120.94 11.36
CA MET Q 798 87.21 122.20 12.09
C MET Q 798 85.99 123.09 11.91
N LEU Q 799 85.45 123.17 10.69
CA LEU Q 799 84.24 123.93 10.46
C LEU Q 799 83.04 123.34 11.20
N LYS Q 800 82.95 122.00 11.23
CA LYS Q 800 81.87 121.36 11.98
C LYS Q 800 81.96 121.69 13.46
N CYS Q 801 83.18 121.68 14.02
CA CYS Q 801 83.35 122.06 15.41
C CYS Q 801 83.22 123.56 15.62
N ASN Q 802 83.74 124.36 14.68
CA ASN Q 802 83.72 125.83 14.77
C ASN Q 802 83.22 126.37 13.44
N GLU Q 803 81.93 126.68 13.37
CA GLU Q 803 81.34 127.16 12.13
C GLU Q 803 81.93 128.52 11.72
N GLU Q 804 82.12 129.41 12.68
CA GLU Q 804 82.62 130.76 12.41
C GLU Q 804 84.10 130.82 12.74
N HIS Q 805 84.90 131.28 11.77
CA HIS Q 805 86.34 131.39 11.93
C HIS Q 805 86.82 132.57 11.12
N PRO Q 806 87.78 133.36 11.63
CA PRO Q 806 88.33 134.47 10.84
C PRO Q 806 89.06 133.97 9.61
N ALA Q 807 89.05 134.80 8.57
CA ALA Q 807 89.70 134.42 7.31
C ALA Q 807 91.20 134.24 7.48
N TYR Q 808 91.84 135.12 8.24
CA TYR Q 808 93.27 135.03 8.47
C TYR Q 808 93.57 133.88 9.44
N LEU Q 809 94.80 133.38 9.36
CA LEU Q 809 95.27 132.29 10.20
C LEU Q 809 96.37 132.82 11.11
N ALA Q 810 96.18 132.66 12.42
CA ALA Q 810 97.19 133.06 13.38
C ALA Q 810 98.31 132.02 13.46
N SER Q 811 99.42 132.44 14.08
CA SER Q 811 100.58 131.55 14.17
C SER Q 811 100.28 130.29 14.98
N ASP Q 812 99.57 130.45 16.11
CA ASP Q 812 99.26 129.29 16.94
C ASP Q 812 98.33 128.33 16.22
N GLU Q 813 97.36 128.86 15.46
CA GLU Q 813 96.46 128.00 14.70
C GLU Q 813 97.22 127.20 13.65
N ILE Q 814 98.14 127.85 12.94
CA ILE Q 814 98.95 127.16 11.93
C ILE Q 814 99.81 126.09 12.59
N THR Q 815 100.41 126.42 13.74
CA THR Q 815 101.24 125.44 14.44
C THR Q 815 100.41 124.24 14.89
N THR Q 816 99.21 124.48 15.41
CA THR Q 816 98.34 123.39 15.84
C THR Q 816 97.93 122.52 14.66
N VAL Q 817 97.59 123.14 13.53
CA VAL Q 817 97.20 122.38 12.34
C VAL Q 817 98.37 121.53 11.84
N ARG Q 818 99.57 122.11 11.82
CA ARG Q 818 100.74 121.37 11.37
C ARG Q 818 101.06 120.21 12.30
N LYS Q 819 100.92 120.43 13.62
CA LYS Q 819 101.14 119.34 14.56
C LYS Q 819 100.12 118.23 14.39
N ASN Q 820 98.85 118.59 14.17
CA ASN Q 820 97.83 117.58 13.94
C ASN Q 820 98.11 116.79 12.68
N LEU Q 821 98.57 117.47 11.62
CA LEU Q 821 98.91 116.78 10.37
C LEU Q 821 100.10 115.85 10.58
N GLU Q 822 101.12 116.31 11.30
CA GLU Q 822 102.32 115.50 11.52
C GLU Q 822 102.12 114.40 12.54
N SER Q 823 101.03 114.44 13.31
CA SER Q 823 100.76 113.37 14.26
C SER Q 823 100.59 112.03 13.54
N ARG Q 824 99.92 112.02 12.39
CA ARG Q 824 99.76 110.82 11.59
C ARG Q 824 100.85 110.65 10.55
N GLY Q 825 101.80 111.59 10.46
CA GLY Q 825 102.91 111.46 9.55
C GLY Q 825 102.71 112.19 8.24
N VAL Q 826 102.13 113.39 8.29
CA VAL Q 826 101.90 114.21 7.10
C VAL Q 826 102.53 115.57 7.34
N GLU Q 827 103.43 115.96 6.45
CA GLU Q 827 104.09 117.26 6.51
C GLU Q 827 103.65 118.08 5.31
N VAL Q 828 103.06 119.26 5.57
CA VAL Q 828 102.52 120.12 4.53
C VAL Q 828 103.12 121.51 4.70
N ASP Q 829 103.53 122.11 3.59
CA ASP Q 829 104.08 123.46 3.63
C ASP Q 829 103.00 124.46 4.03
N PRO Q 830 103.37 125.54 4.72
CA PRO Q 830 102.36 126.53 5.16
C PRO Q 830 101.61 127.17 4.00
N SER Q 831 102.24 127.35 2.84
CA SER Q 831 101.56 127.96 1.71
C SER Q 831 100.40 127.10 1.23
N LEU Q 832 100.62 125.79 1.12
CA LEU Q 832 99.54 124.89 0.73
C LEU Q 832 98.44 124.85 1.77
N ILE Q 833 98.80 124.90 3.05
CA ILE Q 833 97.80 124.94 4.12
C ILE Q 833 96.93 126.19 3.99
N LYS Q 834 97.57 127.34 3.74
CA LYS Q 834 96.82 128.58 3.59
C LYS Q 834 95.93 128.54 2.36
N ASP Q 835 96.43 127.99 1.25
CA ASP Q 835 95.61 127.90 0.04
C ASP Q 835 94.40 127.00 0.25
N THR Q 836 94.60 125.84 0.89
CA THR Q 836 93.49 124.94 1.17
C THR Q 836 92.49 125.58 2.13
N TRP Q 837 92.98 126.32 3.14
CA TRP Q 837 92.08 127.01 4.04
C TRP Q 837 91.27 128.07 3.31
N HIS Q 838 91.89 128.81 2.40
CA HIS Q 838 91.17 129.81 1.62
C HIS Q 838 90.10 129.17 0.76
N GLN Q 839 90.44 128.05 0.11
CA GLN Q 839 89.47 127.37 -0.74
C GLN Q 839 88.30 126.83 0.09
N VAL Q 840 88.58 126.26 1.25
CA VAL Q 840 87.52 125.74 2.11
C VAL Q 840 86.66 126.86 2.65
N TYR Q 841 87.28 127.99 2.99
CA TYR Q 841 86.53 129.17 3.45
C TYR Q 841 85.60 129.68 2.35
N ARG Q 842 86.10 129.74 1.11
CA ARG Q 842 85.25 130.15 -0.01
C ARG Q 842 84.10 129.19 -0.23
N ARG Q 843 84.38 127.88 -0.14
CA ARG Q 843 83.32 126.90 -0.31
C ARG Q 843 82.26 127.01 0.79
N HIS Q 844 82.71 127.22 2.03
CA HIS Q 844 81.77 127.36 3.15
C HIS Q 844 80.88 128.59 2.96
N PHE Q 845 81.47 129.71 2.53
CA PHE Q 845 80.65 130.89 2.30
C PHE Q 845 79.75 130.75 1.08
N LEU Q 846 80.18 129.98 0.08
CA LEU Q 846 79.28 129.69 -1.04
C LEU Q 846 78.08 128.88 -0.58
N LYS Q 847 78.31 127.88 0.28
CA LYS Q 847 77.20 127.11 0.82
C LYS Q 847 76.29 127.98 1.69
N THR Q 848 76.88 128.89 2.48
CA THR Q 848 76.08 129.80 3.29
C THR Q 848 75.25 130.72 2.41
N ALA Q 849 75.82 131.21 1.31
CA ALA Q 849 75.07 132.05 0.38
C ALA Q 849 73.93 131.26 -0.26
N LEU Q 850 74.18 130.00 -0.61
CA LEU Q 850 73.12 129.17 -1.17
C LEU Q 850 71.98 128.98 -0.16
N ASN Q 851 72.32 128.73 1.10
CA ASN Q 851 71.30 128.61 2.13
C ASN Q 851 70.53 129.93 2.31
N HIS Q 852 71.24 131.05 2.24
CA HIS Q 852 70.59 132.35 2.34
C HIS Q 852 69.63 132.57 1.18
N CYS Q 853 70.03 132.16 -0.03
CA CYS Q 853 69.14 132.25 -1.18
C CYS Q 853 67.90 131.38 -0.99
N ASN Q 854 68.10 130.16 -0.47
CA ASN Q 854 66.95 129.29 -0.21
C ASN Q 854 65.99 129.91 0.79
N LEU Q 855 66.54 130.54 1.84
CA LEU Q 855 65.69 131.22 2.81
C LEU Q 855 64.97 132.40 2.19
N CYS Q 856 65.68 133.21 1.40
CA CYS Q 856 65.08 134.39 0.79
C CYS Q 856 64.04 134.03 -0.27
N ARG Q 857 64.10 132.80 -0.80
CA ARG Q 857 63.07 132.37 -1.75
C ARG Q 857 61.68 132.35 -1.12
N ARG Q 858 61.61 132.23 0.21
CA ARG Q 858 60.29 132.23 0.91
C ARG Q 858 60.19 133.45 1.82
N GLY Q 859 61.32 134.12 2.07
CA GLY Q 859 61.35 135.27 2.96
C GLY Q 859 60.87 136.57 2.37
N PHE Q 860 60.18 136.55 1.22
CA PHE Q 860 59.65 137.79 0.65
C PHE Q 860 58.61 138.43 1.54
N TYR Q 861 57.90 137.66 2.36
CA TYR Q 861 56.94 138.24 3.30
C TYR Q 861 57.66 139.12 4.31
N TYR Q 862 58.78 138.64 4.86
CA TYR Q 862 59.58 139.46 5.77
C TYR Q 862 60.21 140.64 5.04
N TYR Q 863 60.70 140.40 3.82
CA TYR Q 863 61.41 141.44 3.09
C TYR Q 863 60.49 142.61 2.74
N GLN Q 864 59.27 142.31 2.29
CA GLN Q 864 58.37 143.36 1.82
C GLN Q 864 57.97 144.30 2.96
N ARG Q 865 57.68 143.75 4.13
CA ARG Q 865 57.19 144.56 5.25
C ARG Q 865 58.30 145.04 6.18
N HIS Q 866 59.45 144.38 6.18
CA HIS Q 866 60.59 144.77 7.03
C HIS Q 866 60.18 144.81 8.50
N PHE Q 867 59.84 143.63 9.02
CA PHE Q 867 59.44 143.52 10.42
C PHE Q 867 60.59 143.86 11.35
N VAL Q 868 60.24 144.37 12.54
CA VAL Q 868 61.25 144.73 13.52
C VAL Q 868 62.04 143.49 13.96
N ASP Q 869 61.33 142.41 14.26
CA ASP Q 869 61.96 141.15 14.62
C ASP Q 869 62.17 140.25 13.41
N SER Q 870 62.83 140.79 12.39
CA SER Q 870 63.06 140.04 11.17
C SER Q 870 64.09 138.94 11.39
N GLU Q 871 63.76 137.72 10.97
CA GLU Q 871 64.66 136.58 11.08
C GLU Q 871 65.51 136.40 9.84
N LEU Q 872 65.40 137.28 8.85
CA LEU Q 872 66.14 137.14 7.60
C LEU Q 872 66.30 138.51 6.98
N GLU Q 873 67.53 138.86 6.61
CA GLU Q 873 67.85 140.14 5.97
C GLU Q 873 68.37 139.86 4.57
N CYS Q 874 67.48 139.97 3.58
CA CYS Q 874 67.83 139.73 2.19
C CYS Q 874 68.34 141.02 1.59
N ASN Q 875 69.66 141.13 1.45
CA ASN Q 875 70.29 142.30 0.84
C ASN Q 875 71.07 141.98 -0.42
N ASP Q 876 71.59 140.76 -0.54
CA ASP Q 876 72.33 140.38 -1.74
C ASP Q 876 71.42 140.41 -2.97
N VAL Q 877 70.17 139.97 -2.82
CA VAL Q 877 69.23 140.00 -3.93
C VAL Q 877 69.01 141.42 -4.42
N VAL Q 878 68.80 142.35 -3.48
CA VAL Q 878 68.57 143.75 -3.84
C VAL Q 878 69.82 144.34 -4.49
N LEU Q 879 71.00 144.02 -3.95
CA LEU Q 879 72.23 144.53 -4.54
C LEU Q 879 72.43 144.03 -5.96
N PHE Q 880 72.17 142.73 -6.18
CA PHE Q 880 72.32 142.17 -7.52
C PHE Q 880 71.31 142.76 -8.50
N TRP Q 881 70.08 143.00 -8.03
CA TRP Q 881 69.09 143.63 -8.89
C TRP Q 881 69.49 145.06 -9.25
N ARG Q 882 70.04 145.80 -8.27
CA ARG Q 882 70.53 147.14 -8.55
C ARG Q 882 71.66 147.12 -9.56
N ILE Q 883 72.59 146.17 -9.41
CA ILE Q 883 73.69 146.05 -10.37
C ILE Q 883 73.15 145.73 -11.75
N GLN Q 884 72.17 144.82 -11.83
CA GLN Q 884 71.60 144.44 -13.12
C GLN Q 884 70.92 145.62 -13.80
N ARG Q 885 70.12 146.38 -13.06
CA ARG Q 885 69.43 147.51 -13.68
C ARG Q 885 70.41 148.62 -14.07
N MET Q 886 71.45 148.85 -13.25
CA MET Q 886 72.47 149.83 -13.62
C MET Q 886 73.21 149.40 -14.88
N LEU Q 887 73.53 148.11 -14.99
CA LEU Q 887 74.18 147.60 -16.19
C LEU Q 887 73.29 147.74 -17.40
N ALA Q 888 72.00 147.47 -17.24
CA ALA Q 888 71.06 147.64 -18.36
C ALA Q 888 70.99 149.09 -18.81
N ILE Q 889 70.93 150.02 -17.84
CA ILE Q 889 70.89 151.44 -18.19
C ILE Q 889 72.17 151.86 -18.90
N THR Q 890 73.32 151.39 -18.41
CA THR Q 890 74.59 151.72 -19.04
C THR Q 890 74.67 151.17 -20.45
N ALA Q 891 74.20 149.93 -20.65
CA ALA Q 891 74.21 149.33 -21.98
C ALA Q 891 73.30 150.08 -22.93
N ASN Q 892 72.11 150.49 -22.46
CA ASN Q 892 71.21 151.26 -23.30
C ASN Q 892 71.83 152.61 -23.69
N THR Q 893 72.46 153.28 -22.73
CA THR Q 893 73.12 154.55 -23.03
C THR Q 893 74.26 154.36 -24.02
N LEU Q 894 75.05 153.30 -23.85
CA LEU Q 894 76.14 153.02 -24.76
C LEU Q 894 75.62 152.76 -26.17
N ARG Q 895 74.55 151.98 -26.29
CA ARG Q 895 73.97 151.70 -27.60
C ARG Q 895 73.44 152.97 -28.25
N GLN Q 896 72.77 153.82 -27.47
CA GLN Q 896 72.24 155.07 -28.02
C GLN Q 896 73.36 155.97 -28.50
N GLN Q 897 74.41 156.15 -27.69
CA GLN Q 897 75.52 157.00 -28.10
C GLN Q 897 76.25 156.42 -29.31
N LEU Q 898 76.39 155.09 -29.35
CA LEU Q 898 77.02 154.45 -30.51
C LEU Q 898 76.23 154.74 -31.77
N THR Q 899 74.91 154.47 -31.74
CA THR Q 899 74.07 154.73 -32.90
C THR Q 899 74.10 156.21 -33.29
N ASN Q 900 74.23 157.11 -32.32
CA ASN Q 900 74.24 158.53 -32.62
C ASN Q 900 75.53 158.96 -33.30
N THR Q 901 76.68 158.50 -32.80
CA THR Q 901 77.97 159.04 -33.24
C THR Q 901 78.85 158.04 -33.96
N GLU Q 902 79.04 156.85 -33.38
CA GLU Q 902 80.06 155.94 -33.91
C GLU Q 902 79.62 155.30 -35.22
N VAL Q 903 78.31 155.10 -35.41
CA VAL Q 903 77.82 154.59 -36.68
C VAL Q 903 78.13 155.57 -37.81
N ARG Q 904 77.87 156.86 -37.56
CA ARG Q 904 78.18 157.88 -38.56
C ARG Q 904 79.69 157.98 -38.78
N ARG Q 905 80.48 157.88 -37.72
CA ARG Q 905 81.93 157.93 -37.87
C ARG Q 905 82.44 156.76 -38.72
N LEU Q 906 81.93 155.55 -38.46
CA LEU Q 906 82.33 154.39 -39.24
C LEU Q 906 81.89 154.51 -40.69
N GLU Q 907 80.69 155.06 -40.92
CA GLU Q 907 80.23 155.29 -42.29
C GLU Q 907 81.14 156.27 -43.01
N LYS Q 908 81.55 157.34 -42.32
CA LYS Q 908 82.46 158.31 -42.92
C LYS Q 908 83.81 157.68 -43.24
N ASN Q 909 84.34 156.87 -42.32
CA ASN Q 909 85.61 156.20 -42.57
C ASN Q 909 85.51 155.25 -43.76
N VAL Q 910 84.41 154.49 -43.84
CA VAL Q 910 84.22 153.57 -44.95
C VAL Q 910 84.13 154.33 -46.27
N LYS Q 911 83.40 155.45 -46.27
CA LYS Q 911 83.30 156.26 -47.48
C LYS Q 911 84.66 156.80 -47.90
N GLU Q 912 85.46 157.28 -46.94
CA GLU Q 912 86.79 157.78 -47.25
C GLU Q 912 87.68 156.67 -47.82
N VAL Q 913 87.63 155.49 -47.22
CA VAL Q 913 88.44 154.37 -47.71
C VAL Q 913 88.01 153.98 -49.13
N LEU Q 914 86.70 153.93 -49.38
CA LEU Q 914 86.21 153.58 -50.70
C LEU Q 914 86.62 154.63 -51.74
N GLU Q 915 86.54 155.91 -51.38
CA GLU Q 915 86.97 156.96 -52.30
C GLU Q 915 88.45 156.87 -52.60
N ASP Q 916 89.26 156.60 -51.56
CA ASP Q 916 90.70 156.46 -51.77
C ASP Q 916 91.01 155.27 -52.68
N PHE Q 917 90.31 154.16 -52.49
CA PHE Q 917 90.51 153.00 -53.34
C PHE Q 917 90.08 153.29 -54.78
N ALA Q 918 88.94 153.97 -54.95
CA ALA Q 918 88.47 154.28 -56.30
C ALA Q 918 89.42 155.22 -57.02
N GLU Q 919 89.95 156.22 -56.32
CA GLU Q 919 90.86 157.19 -56.92
C GLU Q 919 92.28 156.65 -57.11
N ASP Q 920 92.49 155.36 -56.87
CA ASP Q 920 93.82 154.74 -57.03
C ASP Q 920 93.61 153.35 -57.64
N GLY Q 921 93.72 153.27 -58.97
CA GLY Q 921 93.61 151.99 -59.65
C GLY Q 921 94.79 151.07 -59.42
N GLU Q 922 95.96 151.64 -59.10
CA GLU Q 922 97.13 150.81 -58.80
C GLU Q 922 96.88 149.94 -57.58
N LYS Q 923 96.21 150.50 -56.55
CA LYS Q 923 95.87 149.71 -55.38
C LYS Q 923 94.91 148.58 -55.74
N LYS Q 924 93.95 148.85 -56.62
CA LYS Q 924 93.03 147.81 -57.08
C LYS Q 924 93.78 146.71 -57.81
N ILE Q 925 94.73 147.08 -58.66
CA ILE Q 925 95.53 146.09 -59.39
C ILE Q 925 96.35 145.25 -58.41
N LYS Q 926 96.96 145.90 -57.42
CA LYS Q 926 97.79 145.19 -56.45
C LYS Q 926 96.95 144.23 -55.61
N LEU Q 927 95.75 144.64 -55.22
CA LEU Q 927 94.93 143.83 -54.34
C LEU Q 927 94.09 142.81 -55.11
N LEU Q 928 93.33 143.26 -56.11
CA LEU Q 928 92.46 142.39 -56.88
C LEU Q 928 93.31 141.60 -57.88
N THR Q 929 93.97 140.56 -57.37
CA THR Q 929 94.80 139.68 -58.18
C THR Q 929 94.16 138.29 -58.36
N GLY Q 930 92.84 138.23 -58.21
CA GLY Q 930 92.15 136.97 -58.38
C GLY Q 930 92.13 136.50 -59.82
N LYS Q 931 91.83 135.21 -59.99
CA LYS Q 931 91.80 134.63 -61.32
C LYS Q 931 90.71 135.28 -62.18
N ARG Q 932 89.53 135.51 -61.59
CA ARG Q 932 88.44 136.13 -62.34
C ARG Q 932 88.81 137.54 -62.79
N VAL Q 933 89.43 138.33 -61.90
CA VAL Q 933 89.79 139.69 -62.25
C VAL Q 933 90.81 139.71 -63.38
N GLN Q 934 91.83 138.85 -63.28
CA GLN Q 934 92.86 138.80 -64.32
C GLN Q 934 92.27 138.33 -65.64
N LEU Q 935 91.40 137.33 -65.61
CA LEU Q 935 90.79 136.84 -66.84
C LEU Q 935 89.92 137.92 -67.49
N ALA Q 936 89.14 138.64 -66.69
CA ALA Q 936 88.30 139.71 -67.23
C ALA Q 936 89.15 140.82 -67.82
N GLU Q 937 90.25 141.19 -67.14
CA GLU Q 937 91.14 142.22 -67.66
C GLU Q 937 91.76 141.78 -68.98
N ASP Q 938 92.22 140.53 -69.05
CA ASP Q 938 92.80 140.03 -70.29
C ASP Q 938 91.78 140.01 -71.42
N LEU Q 939 90.55 139.58 -71.13
CA LEU Q 939 89.51 139.57 -72.16
C LEU Q 939 89.20 140.98 -72.64
N LYS Q 940 89.11 141.94 -71.72
CA LYS Q 940 88.84 143.33 -72.11
C LYS Q 940 89.97 143.88 -72.96
N LYS Q 941 91.22 143.61 -72.57
CA LYS Q 941 92.36 144.08 -73.35
C LYS Q 941 92.38 143.46 -74.74
N VAL Q 942 92.08 142.17 -74.83
CA VAL Q 942 92.05 141.50 -76.13
C VAL Q 942 90.95 142.10 -77.01
N ARG Q 943 89.77 142.35 -76.42
CA ARG Q 943 88.68 142.95 -77.18
C ARG Q 943 89.06 144.35 -77.67
N GLU Q 944 89.70 145.15 -76.82
CA GLU Q 944 90.13 146.48 -77.23
C GLU Q 944 91.16 146.42 -78.33
N ILE Q 945 92.11 145.49 -78.24
CA ILE Q 945 93.13 145.34 -79.26
C ILE Q 945 92.49 144.93 -80.59
N GLN Q 946 91.55 143.99 -80.54
CA GLN Q 946 90.88 143.57 -81.76
C GLN Q 946 90.05 144.69 -82.38
N GLU Q 947 89.39 145.50 -81.54
CA GLU Q 947 88.65 146.64 -82.07
C GLU Q 947 89.58 147.66 -82.72
N LYS Q 948 90.73 147.92 -82.09
CA LYS Q 948 91.69 148.85 -82.70
C LYS Q 948 92.22 148.31 -84.02
N LEU Q 949 92.48 147.00 -84.08
CA LEU Q 949 92.96 146.40 -85.33
C LEU Q 949 91.90 146.45 -86.41
N ASP Q 950 90.63 146.24 -86.04
CA ASP Q 950 89.54 146.36 -87.01
C ASP Q 950 89.42 147.79 -87.52
N ALA Q 951 89.57 148.78 -86.63
CA ALA Q 951 89.56 150.17 -87.06
C ALA Q 951 90.72 150.46 -88.00
N PHE Q 952 91.90 149.92 -87.70
CA PHE Q 952 93.05 150.08 -88.59
C PHE Q 952 92.78 149.47 -89.96
N ILE Q 953 92.19 148.27 -89.99
CA ILE Q 953 91.90 147.62 -91.26
C ILE Q 953 90.89 148.44 -92.06
N GLU Q 954 89.85 148.94 -91.39
CA GLU Q 954 88.86 149.76 -92.08
C GLU Q 954 89.47 151.05 -92.63
N ALA Q 955 90.34 151.69 -91.84
CA ALA Q 955 90.99 152.92 -92.31
C ALA Q 955 91.91 152.63 -93.49
N LEU Q 956 92.64 151.53 -93.45
CA LEU Q 956 93.52 151.16 -94.56
C LEU Q 956 92.71 150.87 -95.82
N HIS Q 957 91.57 150.17 -95.67
CA HIS Q 957 90.73 149.88 -96.82
C HIS Q 957 90.12 151.15 -97.41
N GLN Q 958 89.69 152.07 -96.55
CA GLN Q 958 89.11 153.32 -97.03
C GLN Q 958 90.15 154.20 -97.72
N GLU Q 959 91.36 154.28 -97.17
CA GLU Q 959 92.40 155.10 -97.78
C GLU Q 959 92.82 154.56 -99.14
N LYS Q 960 92.91 153.23 -99.24
CA LYS Q 960 93.28 152.59 -100.54
C LYS Q 960 92.00 152.27 -101.32
N SER R 263 83.85 97.20 -166.78
CA SER R 263 82.76 96.23 -166.90
C SER R 263 82.98 95.03 -165.98
N LEU R 264 83.12 93.85 -166.59
CA LEU R 264 83.36 92.64 -165.80
C LEU R 264 84.69 92.70 -165.08
N ILE R 265 85.73 93.21 -165.74
CA ILE R 265 87.06 93.26 -165.13
C ILE R 265 87.08 94.23 -163.96
N ASP R 266 86.40 95.37 -164.09
CA ASP R 266 86.36 96.33 -162.98
C ASP R 266 85.62 95.75 -161.77
N MET R 267 84.50 95.07 -162.01
CA MET R 267 83.76 94.45 -160.91
C MET R 267 84.58 93.33 -160.27
N TYR R 268 85.30 92.55 -161.07
CA TYR R 268 86.15 91.52 -160.51
C TYR R 268 87.28 92.11 -159.67
N SER R 269 87.86 93.22 -160.13
CA SER R 269 88.88 93.89 -159.34
C SER R 269 88.32 94.42 -158.03
N GLU R 270 87.10 94.97 -158.08
CA GLU R 270 86.46 95.45 -156.86
C GLU R 270 86.20 94.29 -155.89
N VAL R 271 85.77 93.15 -156.41
CA VAL R 271 85.53 91.98 -155.57
C VAL R 271 86.84 91.51 -154.93
N LEU R 272 87.92 91.49 -155.72
CA LEU R 272 89.22 91.10 -155.17
C LEU R 272 89.68 92.08 -154.10
N ASP R 273 89.45 93.38 -154.31
CA ASP R 273 89.81 94.36 -153.31
C ASP R 273 89.00 94.17 -152.03
N VAL R 274 87.71 93.87 -152.16
CA VAL R 274 86.88 93.60 -150.98
C VAL R 274 87.38 92.37 -150.24
N LEU R 275 87.73 91.32 -150.99
CA LEU R 275 88.26 90.11 -150.35
C LEU R 275 89.56 90.39 -149.63
N SER R 276 90.44 91.19 -150.23
CA SER R 276 91.70 91.54 -149.58
C SER R 276 91.47 92.36 -148.32
N ASP R 277 90.53 93.31 -148.37
CA ASP R 277 90.22 94.13 -147.20
C ASP R 277 89.39 93.39 -146.16
N TYR R 278 88.89 92.19 -146.48
CA TYR R 278 88.11 91.42 -145.52
C TYR R 278 88.96 91.06 -144.29
N ASP R 279 90.19 90.63 -144.51
CA ASP R 279 91.08 90.27 -143.41
C ASP R 279 92.52 90.36 -143.87
N ALA R 280 93.42 90.58 -142.92
CA ALA R 280 94.85 90.62 -143.23
C ALA R 280 95.43 89.25 -143.50
N SER R 281 94.76 88.18 -143.06
CA SER R 281 95.22 86.83 -143.29
C SER R 281 94.75 86.37 -144.68
N TYR R 282 94.92 85.08 -144.96
CA TYR R 282 94.54 84.49 -146.25
C TYR R 282 93.61 83.31 -145.97
N ASN R 283 92.31 83.59 -145.87
CA ASN R 283 91.29 82.56 -145.68
C ASN R 283 90.36 82.43 -146.87
N THR R 284 89.73 83.53 -147.29
CA THR R 284 88.88 83.53 -148.47
C THR R 284 89.55 84.16 -149.68
N GLN R 285 90.74 84.74 -149.52
CA GLN R 285 91.45 85.35 -150.64
C GLN R 285 92.05 84.32 -151.59
N ASP R 286 92.18 83.08 -151.15
CA ASP R 286 92.75 82.02 -151.97
C ASP R 286 91.71 81.28 -152.80
N HIS R 287 90.45 81.72 -152.76
CA HIS R 287 89.40 81.06 -153.54
C HIS R 287 89.45 81.50 -155.00
N LEU R 288 89.32 82.81 -155.24
CA LEU R 288 89.37 83.32 -156.61
C LEU R 288 90.81 83.29 -157.13
N PRO R 289 91.00 82.95 -158.39
CA PRO R 289 92.36 82.94 -158.95
C PRO R 289 92.96 84.35 -158.96
N ARG R 290 94.27 84.42 -158.72
CA ARG R 290 94.99 85.69 -158.71
C ARG R 290 96.33 85.48 -159.38
N VAL R 291 96.55 86.18 -160.49
CA VAL R 291 97.83 86.09 -161.19
C VAL R 291 98.86 86.90 -160.42
N VAL R 292 99.84 86.22 -159.84
CA VAL R 292 100.86 86.84 -159.00
C VAL R 292 102.20 86.74 -159.72
N VAL R 293 102.89 87.88 -159.83
CA VAL R 293 104.19 87.96 -160.46
C VAL R 293 105.25 88.02 -159.38
N VAL R 294 106.10 87.00 -159.30
CA VAL R 294 107.15 86.91 -158.29
C VAL R 294 108.48 86.78 -159.00
N GLY R 295 109.45 87.60 -158.59
CA GLY R 295 110.77 87.57 -159.17
C GLY R 295 111.88 87.54 -158.14
N ASP R 296 113.11 87.78 -158.58
CA ASP R 296 114.27 87.79 -157.69
C ASP R 296 114.73 89.23 -157.47
N GLN R 297 115.50 89.42 -156.41
CA GLN R 297 116.02 90.74 -156.09
C GLN R 297 117.08 91.16 -157.09
N SER R 298 116.96 92.39 -157.60
CA SER R 298 117.89 92.95 -158.58
C SER R 298 117.99 92.06 -159.82
N ALA R 299 116.87 91.48 -160.22
CA ALA R 299 116.81 90.60 -161.38
C ALA R 299 116.22 91.28 -162.60
N GLY R 300 116.02 92.59 -162.56
CA GLY R 300 115.45 93.31 -163.68
C GLY R 300 113.96 93.12 -163.88
N LYS R 301 113.26 92.59 -162.88
CA LYS R 301 111.82 92.39 -163.01
C LYS R 301 111.06 93.71 -163.10
N THR R 302 111.64 94.79 -162.57
CA THR R 302 110.98 96.09 -162.65
C THR R 302 110.82 96.55 -164.10
N SER R 303 111.87 96.36 -164.91
CA SER R 303 111.78 96.74 -166.32
C SER R 303 110.73 95.92 -167.06
N VAL R 304 110.67 94.62 -166.77
CA VAL R 304 109.68 93.77 -167.42
C VAL R 304 108.26 94.18 -167.02
N LEU R 305 108.07 94.47 -165.72
CA LEU R 305 106.75 94.92 -165.27
C LEU R 305 106.36 96.24 -165.91
N GLU R 306 107.31 97.17 -166.03
CA GLU R 306 107.03 98.44 -166.68
C GLU R 306 106.67 98.24 -168.15
N MET R 307 107.39 97.34 -168.84
CA MET R 307 107.08 97.07 -170.23
C MET R 307 105.73 96.39 -170.40
N ILE R 308 105.31 95.59 -169.41
CA ILE R 308 104.00 94.96 -169.47
C ILE R 308 102.90 96.03 -169.49
N ALA R 309 103.02 97.04 -168.63
CA ALA R 309 102.07 98.14 -168.60
C ALA R 309 102.41 99.24 -169.59
N GLN R 310 103.53 99.11 -170.31
CA GLN R 310 103.96 100.09 -171.31
C GLN R 310 104.16 101.47 -170.69
N ALA R 311 104.57 101.51 -169.42
CA ALA R 311 104.82 102.77 -168.73
C ALA R 311 105.70 102.51 -167.53
N ARG R 312 106.55 103.49 -167.21
CA ARG R 312 107.44 103.39 -166.06
C ARG R 312 106.68 103.88 -164.82
N ILE R 313 106.11 102.94 -164.07
CA ILE R 313 105.35 103.28 -162.88
C ILE R 313 105.99 102.77 -161.59
N PHE R 314 106.88 101.78 -161.66
CA PHE R 314 107.54 101.26 -160.47
C PHE R 314 108.86 101.99 -160.24
N PRO R 315 109.06 102.63 -159.09
CA PRO R 315 110.32 103.33 -158.84
C PRO R 315 111.50 102.36 -158.83
N ARG R 316 112.64 102.83 -159.32
CA ARG R 316 113.84 102.02 -159.39
C ARG R 316 114.58 102.03 -158.05
N GLY R 317 115.25 100.92 -157.76
CA GLY R 317 115.99 100.80 -156.53
C GLY R 317 117.41 100.30 -156.74
N SER R 318 118.39 101.04 -156.22
CA SER R 318 119.81 100.67 -156.36
C SER R 318 120.17 99.71 -155.23
N GLY R 319 119.74 98.47 -155.38
CA GLY R 319 120.00 97.41 -154.41
C GLY R 319 118.98 97.30 -153.30
N GLU R 320 118.49 98.43 -152.80
CA GLU R 320 117.50 98.41 -151.74
C GLU R 320 116.17 97.87 -152.26
N MET R 321 115.46 97.15 -151.39
CA MET R 321 114.17 96.56 -151.73
C MET R 321 113.10 97.64 -151.56
N MET R 322 112.83 98.37 -152.64
CA MET R 322 111.81 99.42 -152.58
C MET R 322 110.42 98.85 -152.35
N THR R 323 110.10 97.73 -153.00
CA THR R 323 108.80 97.10 -152.87
C THR R 323 108.77 96.27 -151.59
N ARG R 324 108.08 96.75 -150.57
CA ARG R 324 107.96 96.05 -149.31
C ARG R 324 106.53 95.62 -148.98
N SER R 325 105.56 95.97 -149.83
CA SER R 325 104.17 95.60 -149.64
C SER R 325 103.60 95.06 -150.94
N PRO R 326 102.62 94.17 -150.86
CA PRO R 326 102.01 93.65 -152.10
C PRO R 326 101.35 94.76 -152.90
N VAL R 327 101.49 94.68 -154.22
CA VAL R 327 100.95 95.67 -155.14
C VAL R 327 100.04 94.95 -156.13
N LYS R 328 98.81 95.45 -156.26
CA LYS R 328 97.84 94.88 -157.18
C LYS R 328 97.77 95.77 -158.43
N VAL R 329 97.99 95.16 -159.59
CA VAL R 329 97.92 95.85 -160.88
C VAL R 329 96.78 95.22 -161.67
N THR R 330 95.74 96.01 -161.92
CA THR R 330 94.57 95.55 -162.67
C THR R 330 94.67 96.10 -164.10
N LEU R 331 94.85 95.20 -165.06
CA LEU R 331 94.93 95.60 -166.46
C LEU R 331 93.54 95.68 -167.05
N SER R 332 93.21 96.83 -167.64
CA SER R 332 91.91 97.04 -168.25
C SER R 332 92.04 98.16 -169.28
N GLU R 333 90.91 98.49 -169.92
CA GLU R 333 90.87 99.53 -170.93
C GLU R 333 89.83 100.57 -170.54
N GLY R 334 90.22 101.84 -170.60
CA GLY R 334 89.33 102.93 -170.25
C GLY R 334 89.36 104.04 -171.28
N PRO R 335 88.67 105.15 -170.99
CA PRO R 335 88.68 106.29 -171.92
C PRO R 335 90.06 106.87 -172.15
N HIS R 336 90.93 106.85 -171.15
CA HIS R 336 92.28 107.38 -171.26
C HIS R 336 93.28 106.39 -170.66
N HIS R 337 94.51 106.48 -171.12
CA HIS R 337 95.60 105.61 -170.64
C HIS R 337 96.16 106.19 -169.34
N VAL R 338 95.34 106.12 -168.30
CA VAL R 338 95.68 106.64 -166.98
C VAL R 338 95.56 105.53 -165.96
N ALA R 339 96.05 105.81 -164.75
CA ALA R 339 96.00 104.88 -163.63
C ALA R 339 95.22 105.51 -162.48
N LEU R 340 94.30 104.75 -161.90
CA LEU R 340 93.46 105.23 -160.82
C LEU R 340 93.45 104.20 -159.70
N PHE R 341 93.61 104.67 -158.46
CA PHE R 341 93.56 103.78 -157.31
C PHE R 341 92.12 103.54 -156.88
N LYS R 342 91.95 102.56 -155.99
CA LYS R 342 90.61 102.25 -155.47
C LYS R 342 90.08 103.39 -154.60
N ASP R 343 90.95 103.97 -153.77
CA ASP R 343 90.55 105.03 -152.84
C ASP R 343 91.08 106.39 -153.26
N SER R 344 91.32 106.60 -154.55
CA SER R 344 91.81 107.87 -155.07
C SER R 344 90.94 108.31 -156.23
N SER R 345 90.95 109.63 -156.48
CA SER R 345 90.19 110.22 -157.56
C SER R 345 91.04 110.88 -158.62
N ARG R 346 92.36 110.98 -158.42
CA ARG R 346 93.25 111.58 -159.41
C ARG R 346 93.71 110.54 -160.41
N GLU R 347 93.52 110.83 -161.69
CA GLU R 347 93.90 109.91 -162.77
C GLU R 347 95.36 110.18 -163.13
N PHE R 348 96.25 109.28 -162.69
CA PHE R 348 97.67 109.41 -162.97
C PHE R 348 97.94 108.94 -164.39
N ASP R 349 98.24 109.88 -165.29
CA ASP R 349 98.51 109.54 -166.66
C ASP R 349 99.81 108.75 -166.78
N LEU R 350 99.84 107.82 -167.73
CA LEU R 350 100.99 106.95 -167.95
C LEU R 350 101.87 107.43 -169.10
N THR R 351 101.63 108.63 -169.61
CA THR R 351 102.40 109.18 -170.72
C THR R 351 103.30 110.34 -170.31
N LYS R 352 102.73 111.35 -169.65
CA LYS R 352 103.52 112.50 -169.24
C LYS R 352 104.50 112.13 -168.14
N GLU R 353 105.71 112.70 -168.21
CA GLU R 353 106.74 112.40 -167.22
C GLU R 353 106.34 112.90 -165.83
N GLU R 354 105.72 114.08 -165.76
CA GLU R 354 105.30 114.61 -164.47
C GLU R 354 104.24 113.73 -163.82
N ASP R 355 103.28 113.25 -164.60
CA ASP R 355 102.26 112.35 -164.06
C ASP R 355 102.87 111.03 -163.60
N LEU R 356 103.83 110.49 -164.36
CA LEU R 356 104.50 109.27 -163.93
C LEU R 356 105.27 109.48 -162.64
N ALA R 357 105.95 110.62 -162.50
CA ALA R 357 106.66 110.92 -161.27
C ALA R 357 105.70 111.05 -160.10
N ALA R 358 104.57 111.71 -160.31
CA ALA R 358 103.57 111.83 -159.25
C ALA R 358 103.02 110.46 -158.85
N LEU R 359 102.78 109.59 -159.83
CA LEU R 359 102.30 108.24 -159.53
C LEU R 359 103.34 107.46 -158.73
N ARG R 360 104.62 107.56 -159.12
CA ARG R 360 105.67 106.88 -158.37
C ARG R 360 105.78 107.41 -156.95
N HIS R 361 105.66 108.73 -156.78
CA HIS R 361 105.69 109.31 -155.45
C HIS R 361 104.53 108.83 -154.60
N GLU R 362 103.33 108.76 -155.19
CA GLU R 362 102.17 108.25 -154.47
C GLU R 362 102.34 106.79 -154.08
N ILE R 363 102.90 105.98 -154.98
CA ILE R 363 103.15 104.57 -154.67
C ILE R 363 104.15 104.45 -153.53
N GLU R 364 105.22 105.26 -153.57
CA GLU R 364 106.21 105.22 -152.50
C GLU R 364 105.60 105.65 -151.17
N LEU R 365 104.75 106.68 -151.19
CA LEU R 365 104.10 107.12 -149.96
C LEU R 365 103.17 106.04 -149.41
N ARG R 366 102.42 105.36 -150.28
CA ARG R 366 101.57 104.27 -149.83
C ARG R 366 102.37 103.12 -149.26
N MET R 367 103.51 102.80 -149.89
CA MET R 367 104.38 101.76 -149.35
C MET R 367 104.92 102.13 -147.98
N ARG R 368 105.35 103.38 -147.82
CA ARG R 368 105.88 103.82 -146.52
C ARG R 368 104.80 103.82 -145.45
N LYS R 369 103.57 104.23 -145.80
CA LYS R 369 102.49 104.26 -144.83
C LYS R 369 102.16 102.86 -144.33
N ASN R 370 102.11 101.88 -145.23
CA ASN R 370 101.81 100.51 -144.82
C ASN R 370 102.90 99.95 -143.92
N VAL R 371 104.16 100.19 -144.26
CA VAL R 371 105.26 99.65 -143.46
C VAL R 371 105.37 100.42 -142.15
N LYS R 372 105.41 99.68 -141.05
CA LYS R 372 105.53 100.30 -139.74
C LYS R 372 106.93 100.89 -139.53
N GLU R 373 107.02 101.86 -138.63
CA GLU R 373 108.28 102.52 -138.32
C GLU R 373 109.13 101.57 -137.49
N GLY R 374 109.90 100.73 -138.17
CA GLY R 374 110.73 99.76 -137.50
C GLY R 374 110.67 98.38 -138.14
N CYS R 375 109.61 98.13 -138.90
CA CYS R 375 109.42 96.86 -139.58
C CYS R 375 109.90 96.95 -141.02
N THR R 376 109.87 95.81 -141.70
CA THR R 376 110.32 95.71 -143.09
C THR R 376 109.20 95.28 -144.02
N VAL R 377 108.45 94.24 -143.68
CA VAL R 377 107.37 93.72 -144.51
C VAL R 377 106.05 94.00 -143.80
N SER R 378 105.11 94.60 -144.53
CA SER R 378 103.80 94.93 -143.98
C SER R 378 102.72 94.08 -144.63
N PRO R 379 101.82 93.48 -143.85
CA PRO R 379 100.76 92.66 -144.44
C PRO R 379 99.77 93.46 -145.28
N GLU R 380 99.71 94.77 -145.11
CA GLU R 380 98.77 95.59 -145.87
C GLU R 380 99.12 95.57 -147.35
N THR R 381 98.09 95.52 -148.20
CA THR R 381 98.25 95.48 -149.64
C THR R 381 97.86 96.81 -150.26
N ILE R 382 98.34 97.04 -151.48
CA ILE R 382 98.06 98.25 -152.23
C ILE R 382 97.33 97.86 -153.51
N SER R 383 96.20 98.50 -153.75
CA SER R 383 95.36 98.22 -154.91
C SER R 383 95.48 99.36 -155.92
N LEU R 384 95.74 99.01 -157.18
CA LEU R 384 95.86 99.98 -158.25
C LEU R 384 95.21 99.43 -159.50
N ASN R 385 94.43 100.26 -160.18
CA ASN R 385 93.75 99.90 -161.41
C ASN R 385 94.36 100.66 -162.58
N VAL R 386 94.72 99.93 -163.63
CA VAL R 386 95.34 100.50 -164.82
C VAL R 386 94.36 100.39 -165.98
N LYS R 387 94.10 101.51 -166.64
CA LYS R 387 93.19 101.57 -167.77
C LYS R 387 93.89 102.19 -168.97
N GLY R 388 93.44 101.81 -170.16
CA GLY R 388 93.99 102.33 -171.38
C GLY R 388 93.90 101.33 -172.53
N PRO R 389 93.88 101.85 -173.76
CA PRO R 389 93.80 100.96 -174.92
C PRO R 389 95.06 100.14 -175.10
N GLY R 390 94.90 98.97 -175.72
CA GLY R 390 96.00 98.07 -175.98
C GLY R 390 96.36 97.14 -174.84
N LEU R 391 95.65 97.19 -173.72
CA LEU R 391 95.90 96.33 -172.58
C LEU R 391 94.91 95.17 -172.56
N GLN R 392 95.24 94.17 -171.76
CA GLN R 392 94.41 92.99 -171.60
C GLN R 392 93.48 93.16 -170.40
N ARG R 393 92.77 92.10 -170.05
CA ARG R 393 91.83 92.11 -168.92
C ARG R 393 92.30 91.05 -167.92
N MET R 394 93.18 91.44 -167.01
CA MET R 394 93.72 90.53 -166.01
C MET R 394 94.21 91.35 -164.83
N VAL R 395 94.43 90.67 -163.71
CA VAL R 395 94.89 91.29 -162.47
C VAL R 395 96.28 90.74 -162.17
N LEU R 396 97.25 91.63 -162.00
CA LEU R 396 98.62 91.27 -161.70
C LEU R 396 98.95 91.66 -160.27
N VAL R 397 99.62 90.76 -159.55
CA VAL R 397 100.01 90.97 -158.16
C VAL R 397 101.52 91.00 -158.08
N ASP R 398 102.06 92.05 -157.46
CA ASP R 398 103.50 92.22 -157.32
C ASP R 398 103.90 91.93 -155.87
N LEU R 399 104.95 91.13 -155.70
CA LEU R 399 105.44 90.75 -154.39
C LEU R 399 106.93 90.99 -154.31
N PRO R 400 107.46 91.25 -153.11
CA PRO R 400 108.91 91.44 -152.97
C PRO R 400 109.67 90.17 -153.34
N GLY R 401 110.88 90.37 -153.85
CA GLY R 401 111.69 89.25 -154.28
C GLY R 401 112.15 88.39 -153.11
N VAL R 402 112.45 87.13 -153.44
CA VAL R 402 112.90 86.17 -152.43
C VAL R 402 114.35 86.45 -152.08
N ILE R 403 114.64 86.56 -150.79
CA ILE R 403 115.98 86.83 -150.31
C ILE R 403 116.49 85.59 -149.56
N ASN R 404 117.81 85.51 -149.41
CA ASN R 404 118.46 84.41 -148.73
C ASN R 404 119.16 84.85 -147.45
N THR R 405 119.95 85.90 -147.50
CA THR R 405 120.66 86.38 -146.32
C THR R 405 119.71 87.12 -145.38
N VAL R 406 120.14 87.26 -144.13
CA VAL R 406 119.37 87.94 -143.10
C VAL R 406 120.12 89.19 -142.67
N THR R 407 119.43 90.32 -142.70
CA THR R 407 120.05 91.60 -142.34
C THR R 407 120.02 91.77 -140.82
N SER R 408 121.18 92.09 -140.24
CA SER R 408 121.26 92.29 -138.81
C SER R 408 120.55 93.57 -138.38
N GLY R 409 120.50 94.57 -139.26
CA GLY R 409 119.86 95.83 -138.96
C GLY R 409 118.35 95.85 -139.13
N MET R 410 117.76 94.73 -139.53
CA MET R 410 116.33 94.63 -139.74
C MET R 410 115.78 93.47 -138.91
N ALA R 411 114.51 93.15 -139.12
CA ALA R 411 113.87 92.06 -138.38
C ALA R 411 114.48 90.73 -138.79
N PRO R 412 114.92 89.91 -137.83
CA PRO R 412 115.50 88.60 -138.20
C PRO R 412 114.52 87.66 -138.85
N ASP R 413 113.21 87.87 -138.68
CA ASP R 413 112.19 87.00 -139.25
C ASP R 413 111.63 87.56 -140.56
N THR R 414 112.33 88.51 -141.18
CA THR R 414 111.85 89.05 -142.45
C THR R 414 111.82 87.99 -143.54
N LYS R 415 112.87 87.16 -143.62
CA LYS R 415 112.89 86.09 -144.61
C LYS R 415 111.79 85.07 -144.35
N GLU R 416 111.56 84.72 -143.08
CA GLU R 416 110.48 83.80 -142.74
C GLU R 416 109.12 84.38 -143.10
N THR R 417 108.92 85.68 -142.84
CA THR R 417 107.67 86.33 -143.19
C THR R 417 107.46 86.34 -144.70
N ILE R 418 108.52 86.62 -145.46
CA ILE R 418 108.42 86.62 -146.92
C ILE R 418 108.08 85.22 -147.43
N PHE R 419 108.73 84.19 -146.87
CA PHE R 419 108.44 82.82 -147.28
C PHE R 419 107.01 82.43 -146.95
N SER R 420 106.52 82.84 -145.78
CA SER R 420 105.13 82.53 -145.41
C SER R 420 104.15 83.23 -146.33
N ILE R 421 104.43 84.50 -146.68
CA ILE R 421 103.56 85.23 -147.59
C ILE R 421 103.55 84.56 -148.97
N SER R 422 104.73 84.15 -149.45
CA SER R 422 104.79 83.47 -150.74
C SER R 422 104.03 82.16 -150.72
N LYS R 423 104.17 81.39 -149.64
CA LYS R 423 103.44 80.13 -149.53
C LYS R 423 101.93 80.37 -149.50
N ALA R 424 101.49 81.39 -148.75
CA ALA R 424 100.06 81.70 -148.71
C ALA R 424 99.54 82.12 -150.07
N TYR R 425 100.32 82.91 -150.81
CA TYR R 425 99.90 83.30 -152.15
C TYR R 425 99.84 82.10 -153.09
N MET R 426 100.81 81.18 -152.97
CA MET R 426 100.83 79.98 -153.80
C MET R 426 99.80 78.95 -153.37
N GLN R 427 99.18 79.12 -152.20
CA GLN R 427 98.16 78.17 -151.76
C GLN R 427 96.96 78.13 -152.69
N ASN R 428 96.74 79.16 -153.49
CA ASN R 428 95.65 79.16 -154.45
C ASN R 428 95.94 78.16 -155.55
N PRO R 429 95.09 77.16 -155.77
CA PRO R 429 95.35 76.18 -156.84
C PRO R 429 95.32 76.78 -158.24
N ASN R 430 94.68 77.93 -158.42
CA ASN R 430 94.55 78.57 -159.73
C ASN R 430 95.35 79.86 -159.83
N ALA R 431 96.34 80.05 -158.96
CA ALA R 431 97.16 81.25 -158.99
C ALA R 431 98.21 81.14 -160.08
N ILE R 432 98.11 81.98 -161.10
CA ILE R 432 99.07 81.99 -162.20
C ILE R 432 100.33 82.73 -161.74
N ILE R 433 101.48 82.09 -161.89
CA ILE R 433 102.76 82.64 -161.47
C ILE R 433 103.54 83.03 -162.72
N LEU R 434 103.96 84.28 -162.79
CA LEU R 434 104.74 84.81 -163.91
C LEU R 434 106.19 84.96 -163.45
N CYS R 435 107.04 84.03 -163.85
CA CYS R 435 108.44 84.05 -163.48
C CYS R 435 109.23 84.98 -164.39
N ILE R 436 110.03 85.86 -163.79
CA ILE R 436 110.85 86.81 -164.51
C ILE R 436 112.30 86.58 -164.14
N GLN R 437 113.15 86.44 -165.15
CA GLN R 437 114.58 86.20 -164.95
C GLN R 437 115.37 87.35 -165.58
N ASP R 438 116.70 87.22 -165.58
CA ASP R 438 117.59 88.22 -166.13
C ASP R 438 118.55 87.57 -167.11
N GLY R 439 119.19 88.41 -167.93
CA GLY R 439 120.15 87.91 -168.89
C GLY R 439 121.35 87.26 -168.24
N SER R 440 121.81 87.82 -167.13
CA SER R 440 122.96 87.29 -166.41
C SER R 440 122.58 86.19 -165.42
N VAL R 441 121.29 85.88 -165.27
CA VAL R 441 120.82 84.87 -164.34
C VAL R 441 120.32 83.68 -165.16
N ASP R 442 120.84 82.49 -164.86
CA ASP R 442 120.45 81.29 -165.56
C ASP R 442 119.08 80.82 -165.09
N ALA R 443 118.50 79.87 -165.84
CA ALA R 443 117.20 79.33 -165.49
C ALA R 443 117.24 78.60 -164.15
N GLU R 444 118.30 77.82 -163.90
CA GLU R 444 118.43 77.10 -162.64
C GLU R 444 118.78 78.05 -161.49
N ARG R 445 119.37 79.20 -161.78
CA ARG R 445 119.71 80.16 -160.74
C ARG R 445 118.51 80.95 -160.24
N SER R 446 117.36 80.86 -160.91
CA SER R 446 116.18 81.59 -160.50
C SER R 446 115.50 80.83 -159.36
N ILE R 447 115.41 81.47 -158.20
CA ILE R 447 114.77 80.83 -157.05
C ILE R 447 113.27 80.66 -157.29
N VAL R 448 112.65 81.63 -157.96
CA VAL R 448 111.21 81.55 -158.23
C VAL R 448 110.90 80.37 -159.13
N THR R 449 111.71 80.17 -160.18
CA THR R 449 111.49 79.06 -161.09
C THR R 449 111.65 77.72 -160.37
N ASP R 450 112.67 77.59 -159.53
CA ASP R 450 112.86 76.35 -158.78
C ASP R 450 111.71 76.10 -157.82
N LEU R 451 111.23 77.14 -157.15
CA LEU R 451 110.10 76.99 -156.24
C LEU R 451 108.84 76.58 -156.99
N VAL R 452 108.60 77.17 -158.16
CA VAL R 452 107.44 76.80 -158.97
C VAL R 452 107.55 75.35 -159.41
N SER R 453 108.73 74.93 -159.85
CA SER R 453 108.92 73.55 -160.28
C SER R 453 108.70 72.57 -159.13
N GLN R 454 109.20 72.92 -157.94
CA GLN R 454 109.01 72.05 -156.78
C GLN R 454 107.54 71.97 -156.40
N MET R 455 106.83 73.10 -156.40
CA MET R 455 105.42 73.10 -156.04
C MET R 455 104.53 72.55 -157.14
N ASP R 456 104.89 72.77 -158.40
CA ASP R 456 104.10 72.31 -159.55
C ASP R 456 105.01 71.56 -160.50
N PRO R 457 105.31 70.28 -160.19
CA PRO R 457 106.15 69.50 -161.11
C PRO R 457 105.57 69.34 -162.50
N HIS R 458 104.24 69.24 -162.60
CA HIS R 458 103.62 69.09 -163.92
C HIS R 458 103.69 70.39 -164.72
N GLY R 459 103.39 71.51 -164.07
CA GLY R 459 103.42 72.80 -164.75
C GLY R 459 102.40 72.94 -165.85
N ARG R 460 101.19 72.39 -165.64
CA ARG R 460 100.13 72.47 -166.63
C ARG R 460 99.47 73.84 -166.66
N ARG R 461 99.64 74.67 -165.63
CA ARG R 461 99.05 75.99 -165.59
C ARG R 461 100.08 77.12 -165.55
N THR R 462 101.36 76.81 -165.40
CA THR R 462 102.42 77.81 -165.37
C THR R 462 103.13 77.85 -166.72
N ILE R 463 103.26 79.04 -167.29
CA ILE R 463 103.91 79.24 -168.57
C ILE R 463 105.18 80.06 -168.36
N PHE R 464 106.31 79.53 -168.81
CA PHE R 464 107.58 80.21 -168.65
C PHE R 464 107.75 81.29 -169.71
N VAL R 465 108.17 82.47 -169.27
CA VAL R 465 108.42 83.60 -170.16
C VAL R 465 109.88 84.02 -170.00
N LEU R 466 110.58 84.11 -171.12
CA LEU R 466 112.00 84.48 -171.13
C LEU R 466 112.13 85.96 -171.48
N THR R 467 112.81 86.71 -170.63
CA THR R 467 113.00 88.14 -170.81
C THR R 467 114.48 88.47 -170.92
N LYS R 468 114.78 89.57 -171.61
CA LYS R 468 116.15 90.04 -171.82
C LYS R 468 116.99 88.97 -172.50
N VAL R 469 116.52 88.51 -173.66
CA VAL R 469 117.25 87.50 -174.42
C VAL R 469 118.56 88.05 -174.96
N ASP R 470 118.56 89.32 -175.40
CA ASP R 470 119.77 89.90 -175.96
C ASP R 470 120.88 89.99 -174.93
N LEU R 471 120.53 90.37 -173.69
CA LEU R 471 121.55 90.46 -172.64
C LEU R 471 122.17 89.10 -172.35
N ALA R 472 121.35 88.06 -172.29
CA ALA R 472 121.87 86.71 -172.07
C ALA R 472 122.75 86.27 -173.24
N GLU R 473 122.32 86.57 -174.47
CA GLU R 473 123.11 86.18 -175.64
C GLU R 473 124.45 86.88 -175.67
N LYS R 474 124.49 88.17 -175.31
CA LYS R 474 125.74 88.92 -175.33
C LYS R 474 126.72 88.45 -174.26
N ASN R 475 126.26 87.70 -173.27
CA ASN R 475 127.12 87.20 -172.21
C ASN R 475 127.70 85.83 -172.55
N VAL R 476 128.33 85.74 -173.73
CA VAL R 476 128.94 84.54 -174.30
C VAL R 476 128.22 83.27 -173.89
N ALA R 477 126.89 83.28 -173.96
CA ALA R 477 126.10 82.11 -173.60
C ALA R 477 126.08 81.10 -174.74
N SER R 478 125.74 79.87 -174.41
CA SER R 478 125.66 78.80 -175.39
C SER R 478 124.31 78.84 -176.08
N PRO R 479 124.26 78.96 -177.42
CA PRO R 479 122.96 78.97 -178.10
C PRO R 479 122.17 77.68 -177.94
N SER R 480 122.84 76.56 -177.67
CA SER R 480 122.13 75.29 -177.48
C SER R 480 121.22 75.35 -176.26
N ARG R 481 121.70 75.95 -175.17
CA ARG R 481 120.87 76.08 -173.97
C ARG R 481 119.65 76.95 -174.24
N ILE R 482 119.84 78.07 -174.97
CA ILE R 482 118.72 78.94 -175.30
C ILE R 482 117.71 78.20 -176.17
N GLN R 483 118.19 77.45 -177.16
CA GLN R 483 117.30 76.69 -178.02
C GLN R 483 116.52 75.65 -177.24
N GLN R 484 117.19 74.95 -176.31
CA GLN R 484 116.52 73.95 -175.49
C GLN R 484 115.46 74.59 -174.59
N ILE R 485 115.78 75.75 -174.01
CA ILE R 485 114.83 76.44 -173.16
C ILE R 485 113.61 76.88 -173.96
N ILE R 486 113.84 77.46 -175.15
CA ILE R 486 112.73 77.90 -175.99
C ILE R 486 111.90 76.71 -176.46
N GLU R 487 112.56 75.64 -176.90
CA GLU R 487 111.83 74.46 -177.35
C GLU R 487 111.22 73.68 -176.20
N GLY R 488 111.78 73.78 -175.00
CA GLY R 488 111.23 73.09 -173.85
C GLY R 488 111.79 71.71 -173.64
N LYS R 489 113.09 71.54 -173.91
CA LYS R 489 113.77 70.26 -173.74
C LYS R 489 114.58 70.20 -172.45
N LEU R 490 114.45 71.20 -171.58
CA LEU R 490 115.20 71.25 -170.32
C LEU R 490 114.30 71.33 -169.09
N PHE R 491 113.20 72.07 -169.17
CA PHE R 491 112.31 72.21 -168.03
C PHE R 491 111.48 70.94 -167.87
N PRO R 492 111.52 70.30 -166.71
CA PRO R 492 110.70 69.08 -166.52
C PRO R 492 109.20 69.34 -166.63
N MET R 493 108.74 70.52 -166.24
CA MET R 493 107.32 70.83 -166.30
C MET R 493 106.84 70.91 -167.74
N LYS R 494 105.58 70.48 -167.95
CA LYS R 494 104.96 70.49 -169.27
C LYS R 494 104.12 71.77 -169.40
N ALA R 495 104.80 72.87 -169.67
CA ALA R 495 104.13 74.14 -169.84
C ALA R 495 103.37 74.18 -171.17
N LEU R 496 102.35 75.04 -171.22
CA LEU R 496 101.54 75.19 -172.43
C LEU R 496 102.32 75.79 -173.58
N GLY R 497 103.42 76.48 -173.31
CA GLY R 497 104.23 77.06 -174.35
C GLY R 497 105.40 77.81 -173.76
N TYR R 498 106.29 78.25 -174.65
CA TYR R 498 107.49 79.00 -174.26
C TYR R 498 107.72 80.11 -175.28
N PHE R 499 107.83 81.34 -174.79
CA PHE R 499 108.05 82.50 -175.64
C PHE R 499 109.22 83.31 -175.09
N ALA R 500 110.07 83.80 -175.99
CA ALA R 500 111.24 84.59 -175.64
C ALA R 500 111.04 86.01 -176.14
N VAL R 501 111.16 86.98 -175.23
CA VAL R 501 110.98 88.39 -175.55
C VAL R 501 112.14 89.18 -174.97
N VAL R 502 112.33 90.39 -175.50
CA VAL R 502 113.38 91.30 -175.05
C VAL R 502 112.71 92.52 -174.44
N THR R 503 113.08 92.83 -173.19
CA THR R 503 112.53 93.96 -172.45
C THR R 503 113.58 95.03 -172.23
N GLY R 504 114.45 95.24 -173.22
CA GLY R 504 115.49 96.25 -173.11
C GLY R 504 116.68 95.76 -172.31
N LYS R 505 117.61 96.69 -172.07
CA LYS R 505 118.82 96.41 -171.31
C LYS R 505 118.62 96.50 -169.81
N GLY R 506 117.43 96.90 -169.36
CA GLY R 506 117.16 97.00 -167.93
C GLY R 506 117.69 98.25 -167.27
N ASN R 507 118.19 99.21 -168.04
CA ASN R 507 118.74 100.44 -167.47
C ASN R 507 117.60 101.40 -167.16
N SER R 508 117.95 102.60 -166.71
CA SER R 508 116.97 103.63 -166.36
C SER R 508 117.10 104.86 -167.25
N SER R 509 117.53 104.65 -168.50
CA SER R 509 117.68 105.77 -169.44
C SER R 509 117.08 105.45 -170.81
N GLU R 510 116.26 104.41 -170.91
CA GLU R 510 115.64 104.03 -172.17
C GLU R 510 114.12 104.19 -172.03
N SER R 511 113.52 104.92 -172.97
CA SER R 511 112.09 105.14 -172.93
C SER R 511 111.35 103.87 -173.33
N ILE R 512 110.05 103.84 -173.02
CA ILE R 512 109.22 102.69 -173.35
C ILE R 512 109.14 102.50 -174.85
N GLU R 513 108.96 103.60 -175.59
CA GLU R 513 108.87 103.51 -177.05
C GLU R 513 110.18 102.99 -177.64
N ALA R 514 111.32 103.45 -177.13
CA ALA R 514 112.61 102.99 -177.64
C ALA R 514 112.79 101.49 -177.38
N ILE R 515 112.42 101.02 -176.19
CA ILE R 515 112.53 99.60 -175.88
C ILE R 515 111.60 98.78 -176.77
N ARG R 516 110.38 99.27 -176.99
CA ARG R 516 109.45 98.56 -177.88
C ARG R 516 109.99 98.49 -179.30
N GLU R 517 110.55 99.59 -179.80
CA GLU R 517 111.12 99.58 -181.14
C GLU R 517 112.31 98.63 -181.23
N TYR R 518 113.16 98.61 -180.22
CA TYR R 518 114.28 97.69 -180.21
C TYR R 518 113.81 96.24 -180.19
N GLU R 519 112.78 95.95 -179.40
CA GLU R 519 112.24 94.59 -179.36
C GLU R 519 111.64 94.19 -180.71
N GLU R 520 110.93 95.11 -181.35
CA GLU R 520 110.36 94.83 -182.67
C GLU R 520 111.46 94.58 -183.69
N GLU R 521 112.53 95.39 -183.66
CA GLU R 521 113.65 95.18 -184.57
C GLU R 521 114.32 93.84 -184.33
N PHE R 522 114.51 93.47 -183.06
CA PHE R 522 115.11 92.18 -182.74
C PHE R 522 114.24 91.03 -183.22
N PHE R 523 112.93 91.14 -183.04
CA PHE R 523 112.03 90.11 -183.53
C PHE R 523 112.06 90.00 -185.05
N GLN R 524 112.10 91.14 -185.74
CA GLN R 524 112.15 91.11 -187.20
C GLN R 524 113.47 90.49 -187.69
N ASN R 525 114.58 90.86 -187.08
CA ASN R 525 115.91 90.35 -187.44
C ASN R 525 116.59 89.85 -186.18
N SER R 526 116.63 88.53 -186.02
CA SER R 526 117.25 87.90 -184.85
C SER R 526 118.35 86.95 -185.30
N LYS R 527 119.40 86.86 -184.48
CA LYS R 527 120.52 85.98 -184.77
C LYS R 527 120.19 84.51 -184.57
N LEU R 528 119.07 84.18 -183.93
CA LEU R 528 118.67 82.81 -183.70
C LEU R 528 117.58 82.33 -184.64
N LEU R 529 116.71 83.24 -185.11
CA LEU R 529 115.67 82.84 -186.05
C LEU R 529 116.22 82.47 -187.41
N LYS R 530 117.33 83.09 -187.82
CA LYS R 530 117.94 82.79 -189.11
C LYS R 530 118.65 81.45 -189.15
N THR R 531 118.86 80.81 -188.00
CA THR R 531 119.52 79.52 -187.92
C THR R 531 118.55 78.35 -188.05
N SER R 532 117.25 78.62 -188.22
CA SER R 532 116.22 77.58 -188.35
C SER R 532 116.23 76.63 -187.16
N MET R 533 116.44 77.18 -185.96
CA MET R 533 116.46 76.40 -184.74
C MET R 533 115.31 76.75 -183.80
N LEU R 534 114.44 77.69 -184.17
CA LEU R 534 113.32 78.09 -183.34
C LEU R 534 112.03 77.98 -184.14
N LYS R 535 110.95 77.62 -183.45
CA LYS R 535 109.67 77.46 -184.10
C LYS R 535 109.12 78.82 -184.56
N ALA R 536 108.48 78.81 -185.73
CA ALA R 536 107.95 80.06 -186.28
C ALA R 536 106.69 80.52 -185.56
N HIS R 537 105.95 79.59 -184.96
CA HIS R 537 104.71 79.92 -184.28
C HIS R 537 104.91 80.36 -182.84
N GLN R 538 106.15 80.36 -182.35
CA GLN R 538 106.46 80.78 -180.99
C GLN R 538 107.00 82.21 -180.93
N VAL R 539 106.49 83.08 -181.79
CA VAL R 539 106.95 84.47 -181.83
C VAL R 539 105.85 85.38 -181.32
N THR R 540 106.19 86.66 -181.10
CA THR R 540 105.26 87.67 -180.58
C THR R 540 104.65 87.25 -179.25
N THR R 541 103.58 87.94 -178.85
CA THR R 541 102.92 87.65 -177.59
C THR R 541 101.40 87.63 -177.68
N ARG R 542 100.82 87.85 -178.87
CA ARG R 542 99.37 87.94 -178.99
C ARG R 542 98.71 86.61 -178.66
N ASN R 543 99.20 85.52 -179.25
CA ASN R 543 98.61 84.21 -179.00
C ASN R 543 98.76 83.79 -177.54
N LEU R 544 99.95 84.03 -176.97
CA LEU R 544 100.16 83.68 -175.56
C LEU R 544 99.25 84.50 -174.65
N SER R 545 99.11 85.79 -174.93
CA SER R 545 98.21 86.63 -174.12
C SER R 545 96.78 86.16 -174.23
N LEU R 546 96.33 85.83 -175.45
CA LEU R 546 94.96 85.35 -175.61
C LEU R 546 94.73 84.04 -174.87
N ALA R 547 95.68 83.11 -174.96
CA ALA R 547 95.54 81.84 -174.26
C ALA R 547 95.52 82.05 -172.75
N VAL R 548 96.39 82.91 -172.23
CA VAL R 548 96.42 83.18 -170.80
C VAL R 548 95.10 83.81 -170.35
N SER R 549 94.59 84.76 -171.13
CA SER R 549 93.32 85.40 -170.78
C SER R 549 92.18 84.40 -170.78
N ASP R 550 92.12 83.52 -171.79
CA ASP R 550 91.07 82.52 -171.84
C ASP R 550 91.15 81.56 -170.66
N CYS R 551 92.37 81.10 -170.33
CA CYS R 551 92.54 80.20 -169.20
C CYS R 551 92.13 80.87 -167.90
N PHE R 552 92.53 82.13 -167.72
CA PHE R 552 92.17 82.86 -166.50
C PHE R 552 90.65 83.04 -166.41
N TRP R 553 90.00 83.37 -167.53
CA TRP R 553 88.56 83.55 -167.52
C TRP R 553 87.84 82.25 -167.19
N LYS R 554 88.26 81.13 -167.80
CA LYS R 554 87.57 79.87 -167.50
C LYS R 554 87.82 79.43 -166.07
N MET R 555 89.04 79.61 -165.56
CA MET R 555 89.31 79.19 -164.18
C MET R 555 88.58 80.07 -163.18
N VAL R 556 88.48 81.37 -163.45
CA VAL R 556 87.75 82.24 -162.53
C VAL R 556 86.25 81.97 -162.62
N ARG R 557 85.75 81.60 -163.79
CA ARG R 557 84.33 81.23 -163.90
C ARG R 557 84.05 79.97 -163.09
N GLU R 558 84.92 78.95 -163.20
CA GLU R 558 84.74 77.75 -162.39
C GLU R 558 84.83 78.06 -160.90
N SER R 559 85.80 78.90 -160.51
CA SER R 559 85.97 79.25 -159.12
C SER R 559 84.75 79.98 -158.57
N VAL R 560 84.20 80.93 -159.33
CA VAL R 560 83.03 81.66 -158.85
C VAL R 560 81.79 80.76 -158.83
N GLU R 561 81.69 79.82 -159.78
CA GLU R 561 80.58 78.88 -159.75
C GLU R 561 80.64 78.01 -158.50
N GLN R 562 81.84 77.54 -158.13
CA GLN R 562 81.98 76.77 -156.89
C GLN R 562 81.71 77.64 -155.67
N GLN R 563 82.21 78.87 -155.67
CA GLN R 563 82.07 79.73 -154.50
C GLN R 563 80.64 80.20 -154.28
N ALA R 564 79.83 80.28 -155.34
CA ALA R 564 78.43 80.67 -155.18
C ALA R 564 77.71 79.76 -154.19
N ASP R 565 78.13 78.50 -154.09
CA ASP R 565 77.60 77.60 -153.07
C ASP R 565 78.52 77.44 -151.87
N SER R 566 79.83 77.56 -152.07
CA SER R 566 80.76 77.43 -150.95
C SER R 566 80.54 78.52 -149.91
N PHE R 567 80.38 79.77 -150.35
CA PHE R 567 80.17 80.87 -149.41
C PHE R 567 78.81 80.77 -148.73
N LYS R 568 77.78 80.31 -149.44
CA LYS R 568 76.49 80.09 -148.81
C LYS R 568 76.59 79.02 -147.73
N ALA R 569 77.30 77.93 -148.01
CA ALA R 569 77.50 76.89 -147.00
C ALA R 569 78.28 77.42 -145.81
N THR R 570 79.32 78.23 -146.07
CA THR R 570 80.09 78.80 -144.97
C THR R 570 79.25 79.72 -144.11
N ARG R 571 78.41 80.55 -144.73
CA ARG R 571 77.54 81.44 -143.97
C ARG R 571 76.54 80.64 -143.15
N PHE R 572 75.96 79.59 -143.73
CA PHE R 572 75.03 78.75 -142.99
C PHE R 572 75.71 78.09 -141.79
N ASN R 573 76.93 77.59 -142.00
CA ASN R 573 77.67 76.96 -140.90
C ASN R 573 77.99 77.97 -139.80
N LEU R 574 78.39 79.18 -140.19
CA LEU R 574 78.69 80.21 -139.19
C LEU R 574 77.43 80.59 -138.40
N GLU R 575 76.29 80.73 -139.09
CA GLU R 575 75.05 81.05 -138.40
C GLU R 575 74.65 79.93 -137.44
N THR R 576 74.80 78.67 -137.89
CA THR R 576 74.49 77.54 -137.02
C THR R 576 75.40 77.51 -135.80
N GLU R 577 76.69 77.78 -135.99
CA GLU R 577 77.63 77.81 -134.87
C GLU R 577 77.26 78.91 -133.89
N TRP R 578 76.93 80.10 -134.40
CA TRP R 578 76.55 81.20 -133.51
C TRP R 578 75.28 80.87 -132.74
N LYS R 579 74.29 80.27 -133.41
CA LYS R 579 73.05 79.90 -132.72
C LYS R 579 73.30 78.83 -131.67
N ASN R 580 74.15 77.83 -131.98
CA ASN R 580 74.39 76.74 -131.05
C ASN R 580 75.19 77.21 -129.83
N ASN R 581 76.21 78.04 -130.04
CA ASN R 581 77.00 78.53 -128.92
C ASN R 581 76.19 79.45 -128.03
N TYR R 582 75.24 80.19 -128.60
CA TYR R 582 74.41 81.14 -127.85
C TYR R 582 72.95 80.87 -128.18
N PRO R 583 72.37 79.82 -127.60
CA PRO R 583 70.95 79.53 -127.87
C PRO R 583 70.02 80.64 -127.42
N ARG R 584 70.35 81.36 -126.35
CA ARG R 584 69.50 82.41 -125.82
C ARG R 584 70.00 83.81 -126.18
N LEU R 585 71.06 83.91 -126.99
CA LEU R 585 71.60 85.20 -127.39
C LEU R 585 71.71 85.25 -128.91
N ARG R 586 71.21 86.33 -129.50
CA ARG R 586 71.25 86.53 -130.93
C ARG R 586 72.54 87.28 -131.30
N GLU R 587 72.63 87.73 -132.55
CA GLU R 587 73.82 88.43 -133.01
C GLU R 587 74.07 89.68 -132.19
N LEU R 588 75.32 89.85 -131.75
CA LEU R 588 75.75 90.98 -130.91
C LEU R 588 77.00 91.59 -131.55
N ASP R 589 76.79 92.56 -132.44
CA ASP R 589 77.90 93.24 -133.10
C ASP R 589 78.35 94.43 -132.24
N ARG R 590 79.30 95.21 -132.79
CA ARG R 590 79.85 96.34 -132.04
C ARG R 590 78.80 97.39 -131.74
N ASN R 591 77.95 97.71 -132.73
CA ASN R 591 76.97 98.78 -132.55
C ASN R 591 75.93 98.42 -131.49
N GLU R 592 75.34 97.23 -131.60
CA GLU R 592 74.32 96.82 -130.66
C GLU R 592 74.88 96.68 -129.25
N LEU R 593 76.08 96.10 -129.13
CA LEU R 593 76.69 95.94 -127.81
C LEU R 593 77.04 97.29 -127.20
N PHE R 594 77.55 98.23 -128.01
CA PHE R 594 77.83 99.56 -127.50
C PHE R 594 76.57 100.28 -127.05
N GLU R 595 75.48 100.15 -127.83
CA GLU R 595 74.22 100.76 -127.43
C GLU R 595 73.69 100.15 -126.14
N LYS R 596 73.80 98.82 -126.00
CA LYS R 596 73.36 98.16 -124.78
C LYS R 596 74.19 98.61 -123.58
N ALA R 597 75.50 98.75 -123.77
CA ALA R 597 76.35 99.23 -122.68
C ALA R 597 75.99 100.67 -122.29
N LYS R 598 75.72 101.52 -123.28
CA LYS R 598 75.30 102.88 -122.98
C LYS R 598 73.98 102.90 -122.22
N ASN R 599 73.03 102.06 -122.64
CA ASN R 599 71.75 101.99 -121.94
C ASN R 599 71.91 101.49 -120.52
N GLU R 600 72.77 100.49 -120.31
CA GLU R 600 73.03 99.98 -118.97
C GLU R 600 73.68 101.05 -118.09
N ILE R 601 74.61 101.82 -118.65
CA ILE R 601 75.23 102.91 -117.90
C ILE R 601 74.20 103.95 -117.52
N LEU R 602 73.31 104.30 -118.46
CA LEU R 602 72.25 105.26 -118.16
C LEU R 602 71.32 104.75 -117.07
N ASP R 603 70.96 103.46 -117.12
CA ASP R 603 70.11 102.88 -116.10
C ASP R 603 70.80 102.88 -114.74
N GLU R 604 72.09 102.57 -114.71
CA GLU R 604 72.83 102.60 -113.45
C GLU R 604 72.90 104.01 -112.88
N VAL R 605 73.11 105.01 -113.75
CA VAL R 605 73.13 106.40 -113.28
C VAL R 605 71.76 106.80 -112.74
N ILE R 606 70.69 106.38 -113.41
CA ILE R 606 69.34 106.69 -112.95
C ILE R 606 69.09 106.06 -111.59
N SER R 607 69.49 104.80 -111.42
CA SER R 607 69.32 104.12 -110.13
C SER R 607 70.12 104.80 -109.04
N LEU R 608 71.35 105.23 -109.37
CA LEU R 608 72.18 105.96 -108.40
C LEU R 608 71.51 107.26 -107.99
N SER R 609 70.94 107.99 -108.95
CA SER R 609 70.27 109.25 -108.63
C SER R 609 68.97 109.02 -107.87
N GLN R 610 68.36 107.85 -108.01
CA GLN R 610 67.08 107.56 -107.39
C GLN R 610 67.20 107.02 -105.98
N VAL R 611 68.42 106.81 -105.47
CA VAL R 611 68.58 106.33 -104.11
C VAL R 611 68.13 107.40 -103.13
N THR R 612 67.47 106.97 -102.05
CA THR R 612 66.98 107.90 -101.04
C THR R 612 68.13 108.66 -100.39
N PRO R 613 68.07 109.99 -100.31
CA PRO R 613 69.19 110.74 -99.70
C PRO R 613 69.43 110.38 -98.24
N LYS R 614 68.41 109.92 -97.52
CA LYS R 614 68.59 109.60 -96.10
C LYS R 614 69.60 108.47 -95.92
N HIS R 615 69.53 107.44 -96.76
CA HIS R 615 70.50 106.35 -96.67
C HIS R 615 71.91 106.84 -96.96
N TRP R 616 72.06 107.73 -97.95
CA TRP R 616 73.36 108.32 -98.24
C TRP R 616 73.89 109.09 -97.04
N GLU R 617 73.03 109.90 -96.41
CA GLU R 617 73.45 110.67 -95.25
C GLU R 617 73.88 109.75 -94.10
N GLU R 618 73.11 108.70 -93.84
CA GLU R 618 73.46 107.77 -92.77
C GLU R 618 74.79 107.07 -93.06
N ILE R 619 74.97 106.60 -94.29
CA ILE R 619 76.21 105.90 -94.64
C ILE R 619 77.40 106.83 -94.53
N LEU R 620 77.27 108.06 -95.04
CA LEU R 620 78.37 109.02 -94.98
C LEU R 620 78.70 109.37 -93.54
N GLN R 621 77.68 109.59 -92.71
CA GLN R 621 77.93 109.93 -91.31
C GLN R 621 78.64 108.78 -90.60
N GLN R 622 78.17 107.55 -90.80
CA GLN R 622 78.78 106.40 -90.14
C GLN R 622 80.22 106.22 -90.59
N SER R 623 80.47 106.31 -91.90
CA SER R 623 81.83 106.13 -92.41
C SER R 623 82.75 107.22 -91.91
N LEU R 624 82.29 108.47 -91.93
CA LEU R 624 83.13 109.57 -91.44
C LEU R 624 83.43 109.43 -89.96
N TRP R 625 82.42 109.06 -89.17
CA TRP R 625 82.65 108.88 -87.73
C TRP R 625 83.65 107.76 -87.48
N GLU R 626 83.49 106.63 -88.16
CA GLU R 626 84.44 105.53 -87.99
C GLU R 626 85.84 105.94 -88.42
N ARG R 627 85.94 106.80 -89.44
CA ARG R 627 87.26 107.20 -89.92
C ARG R 627 87.94 108.18 -88.95
N VAL R 628 87.17 109.12 -88.39
CA VAL R 628 87.77 110.20 -87.61
C VAL R 628 87.68 109.96 -86.10
N SER R 629 87.16 108.80 -85.68
CA SER R 629 87.11 108.52 -84.25
C SER R 629 88.50 108.52 -83.63
N THR R 630 89.44 107.81 -84.27
CA THR R 630 90.80 107.75 -83.75
C THR R 630 91.47 109.12 -83.77
N HIS R 631 91.26 109.88 -84.86
CA HIS R 631 91.84 111.22 -84.95
C HIS R 631 91.31 112.12 -83.85
N VAL R 632 90.00 112.10 -83.61
CA VAL R 632 89.41 112.91 -82.56
C VAL R 632 89.94 112.50 -81.20
N ILE R 633 90.04 111.19 -80.95
CA ILE R 633 90.54 110.72 -79.66
C ILE R 633 91.96 111.19 -79.43
N GLU R 634 92.83 110.96 -80.40
CA GLU R 634 94.25 111.30 -80.25
C GLU R 634 94.52 112.80 -80.31
N ASN R 635 93.57 113.60 -80.80
CA ASN R 635 93.74 115.05 -80.83
C ASN R 635 93.01 115.75 -79.70
N ILE R 636 92.15 115.06 -78.95
CA ILE R 636 91.43 115.69 -77.86
C ILE R 636 91.85 115.11 -76.52
N TYR R 637 91.68 113.79 -76.35
CA TYR R 637 91.93 113.20 -75.04
C TYR R 637 93.42 113.08 -74.73
N LEU R 638 94.25 112.86 -75.76
CA LEU R 638 95.69 112.75 -75.52
C LEU R 638 96.29 114.02 -74.92
N PRO R 639 96.02 115.23 -75.43
CA PRO R 639 96.55 116.41 -74.73
C PRO R 639 95.83 116.69 -73.43
N ALA R 640 94.51 116.57 -73.41
CA ALA R 640 93.71 116.84 -72.20
C ALA R 640 93.45 115.54 -71.43
N ALA R 641 94.55 114.89 -71.04
CA ALA R 641 94.47 113.62 -70.32
C ALA R 641 94.42 113.77 -68.82
N GLN R 642 94.58 114.98 -68.28
CA GLN R 642 94.57 115.20 -66.84
C GLN R 642 93.65 116.34 -66.43
N THR R 643 92.71 116.72 -67.28
CA THR R 643 91.76 117.77 -66.94
C THR R 643 90.79 117.29 -65.86
N MET R 644 90.51 118.17 -64.90
CA MET R 644 89.59 117.87 -63.81
C MET R 644 88.24 118.56 -63.97
N ASN R 645 88.24 119.85 -64.30
CA ASN R 645 87.00 120.58 -64.49
C ASN R 645 86.41 120.29 -65.86
N SER R 646 85.10 120.07 -65.90
CA SER R 646 84.44 119.80 -67.17
C SER R 646 84.44 121.01 -68.09
N GLY R 647 84.42 122.21 -67.52
CA GLY R 647 84.42 123.42 -68.33
C GLY R 647 85.69 123.57 -69.14
N THR R 648 86.84 123.31 -68.50
CA THR R 648 88.11 123.39 -69.22
C THR R 648 88.18 122.35 -70.34
N PHE R 649 87.69 121.14 -70.07
CA PHE R 649 87.67 120.10 -71.10
C PHE R 649 86.77 120.51 -72.27
N ASN R 650 85.60 121.08 -71.98
CA ASN R 650 84.71 121.53 -73.04
C ASN R 650 85.35 122.66 -73.85
N THR R 651 86.02 123.59 -73.17
CA THR R 651 86.69 124.67 -73.89
C THR R 651 87.79 124.13 -74.80
N THR R 652 88.58 123.18 -74.30
CA THR R 652 89.62 122.57 -75.12
C THR R 652 89.02 121.84 -76.32
N VAL R 653 87.90 121.14 -76.10
CA VAL R 653 87.24 120.44 -77.20
C VAL R 653 86.78 121.44 -78.26
N ASP R 654 86.17 122.55 -77.82
CA ASP R 654 85.71 123.56 -78.77
C ASP R 654 86.88 124.17 -79.54
N ILE R 655 87.99 124.44 -78.85
CA ILE R 655 89.16 125.01 -79.52
C ILE R 655 89.69 124.04 -80.56
N LYS R 656 89.80 122.76 -80.21
CA LYS R 656 90.31 121.77 -81.16
C LYS R 656 89.37 121.62 -82.35
N LEU R 657 88.06 121.62 -82.10
CA LEU R 657 87.11 121.50 -83.19
C LEU R 657 87.18 122.69 -84.13
N LYS R 658 87.29 123.91 -83.57
CA LYS R 658 87.41 125.09 -84.41
C LYS R 658 88.70 125.06 -85.22
N GLN R 659 89.81 124.66 -84.61
CA GLN R 659 91.07 124.57 -85.33
C GLN R 659 90.99 123.55 -86.46
N TRP R 660 90.37 122.39 -86.19
CA TRP R 660 90.23 121.37 -87.22
C TRP R 660 89.35 121.87 -88.37
N THR R 661 88.23 122.54 -88.05
CA THR R 661 87.37 123.07 -89.09
C THR R 661 88.10 124.11 -89.93
N ASP R 662 88.90 124.96 -89.29
CA ASP R 662 89.61 125.99 -90.04
C ASP R 662 90.73 125.40 -90.91
N LYS R 663 91.42 124.37 -90.41
CA LYS R 663 92.64 123.92 -91.07
C LYS R 663 92.36 122.99 -92.24
N GLN R 664 91.81 121.80 -91.97
CA GLN R 664 91.72 120.79 -93.01
C GLN R 664 90.44 119.94 -92.98
N LEU R 665 89.50 120.22 -92.07
CA LEU R 665 88.30 119.39 -91.99
C LEU R 665 87.47 119.39 -93.26
N PRO R 666 87.20 120.53 -93.92
CA PRO R 666 86.46 120.45 -95.20
C PRO R 666 87.17 119.61 -96.24
N ASN R 667 88.50 119.69 -96.32
CA ASN R 667 89.24 118.89 -97.29
C ASN R 667 89.10 117.41 -96.99
N LYS R 668 89.21 117.03 -95.71
CA LYS R 668 89.04 115.62 -95.34
C LYS R 668 87.63 115.14 -95.64
N ALA R 669 86.62 115.98 -95.37
CA ALA R 669 85.24 115.60 -95.67
C ALA R 669 85.03 115.41 -97.17
N VAL R 670 85.60 116.31 -97.98
CA VAL R 670 85.49 116.19 -99.43
C VAL R 670 86.16 114.91 -99.91
N GLU R 671 87.35 114.61 -99.38
CA GLU R 671 88.06 113.40 -99.78
C GLU R 671 87.27 112.15 -99.39
N VAL R 672 86.69 112.15 -98.18
CA VAL R 672 85.91 110.99 -97.74
C VAL R 672 84.67 110.81 -98.61
N ALA R 673 83.98 111.91 -98.93
CA ALA R 673 82.81 111.81 -99.79
C ALA R 673 83.18 111.30 -101.17
N TRP R 674 84.28 111.80 -101.74
CA TRP R 674 84.70 111.35 -103.06
C TRP R 674 85.09 109.87 -103.04
N GLU R 675 85.78 109.43 -101.98
CA GLU R 675 86.14 108.02 -101.87
C GLU R 675 84.90 107.14 -101.74
N THR R 676 83.91 107.58 -100.96
CA THR R 676 82.68 106.80 -100.84
C THR R 676 81.93 106.74 -102.17
N LEU R 677 81.88 107.85 -102.90
CA LEU R 677 81.24 107.84 -104.21
C LEU R 677 81.97 106.90 -105.17
N GLN R 678 83.30 106.91 -105.15
CA GLN R 678 84.06 106.00 -105.99
C GLN R 678 83.79 104.54 -105.61
N GLU R 679 83.72 104.24 -104.31
CA GLU R 679 83.44 102.88 -103.88
C GLU R 679 82.05 102.44 -104.33
N GLU R 680 81.04 103.31 -104.18
CA GLU R 680 79.70 102.97 -104.63
C GLU R 680 79.65 102.75 -106.14
N PHE R 681 80.33 103.61 -106.91
CA PHE R 681 80.37 103.45 -108.35
C PHE R 681 81.04 102.15 -108.75
N SER R 682 82.16 101.81 -108.09
CA SER R 682 82.84 100.56 -108.39
C SER R 682 81.99 99.35 -108.05
N ARG R 683 81.29 99.39 -106.92
CA ARG R 683 80.43 98.27 -106.54
C ARG R 683 79.28 98.11 -107.53
N PHE R 684 78.71 99.24 -107.97
CA PHE R 684 77.63 99.17 -108.96
C PHE R 684 78.15 98.63 -110.30
N MET R 685 79.34 99.05 -110.72
CA MET R 685 79.91 98.56 -111.96
C MET R 685 80.21 97.07 -111.89
N THR R 686 80.76 96.61 -110.77
CA THR R 686 81.10 95.21 -110.57
C THR R 686 80.13 94.64 -109.53
N GLU R 687 78.99 94.15 -110.02
CA GLU R 687 77.93 93.59 -109.18
C GLU R 687 77.60 92.19 -109.69
N PRO R 688 78.35 91.18 -109.26
CA PRO R 688 78.17 89.82 -109.79
C PRO R 688 76.97 89.11 -109.17
N LYS R 689 75.81 89.77 -109.20
CA LYS R 689 74.57 89.14 -108.75
C LYS R 689 74.19 87.98 -109.66
N GLY R 690 74.37 88.15 -110.97
CA GLY R 690 74.06 87.07 -111.89
C GLY R 690 75.05 85.92 -111.77
N LYS R 691 74.57 84.72 -112.12
CA LYS R 691 75.40 83.53 -112.02
C LYS R 691 76.49 83.50 -113.09
N GLU R 692 76.33 84.23 -114.19
CA GLU R 692 77.31 84.22 -115.26
C GLU R 692 78.33 85.35 -115.06
N HIS R 693 77.85 86.59 -115.04
CA HIS R 693 78.69 87.78 -114.85
C HIS R 693 79.88 87.77 -115.81
N ASP R 694 79.56 87.83 -117.10
CA ASP R 694 80.57 87.85 -118.14
C ASP R 694 81.53 89.02 -117.95
N ASP R 695 82.83 88.73 -118.05
CA ASP R 695 83.86 89.73 -117.81
C ASP R 695 84.10 90.63 -119.01
N ILE R 696 83.58 90.28 -120.19
CA ILE R 696 83.77 91.13 -121.37
C ILE R 696 83.15 92.50 -121.15
N PHE R 697 81.92 92.53 -120.61
CA PHE R 697 81.29 93.81 -120.29
C PHE R 697 81.92 94.43 -119.04
N ASP R 698 82.39 93.59 -118.12
CA ASP R 698 82.98 94.10 -116.88
C ASP R 698 84.24 94.90 -117.14
N LYS R 699 85.08 94.44 -118.08
CA LYS R 699 86.30 95.17 -118.39
C LYS R 699 85.97 96.55 -118.98
N LEU R 700 85.00 96.61 -119.88
CA LEU R 700 84.59 97.89 -120.45
C LEU R 700 84.02 98.80 -119.38
N LYS R 701 83.20 98.24 -118.47
CA LYS R 701 82.64 99.05 -117.39
C LYS R 701 83.74 99.61 -116.49
N GLU R 702 84.74 98.79 -116.16
CA GLU R 702 85.86 99.27 -115.34
C GLU R 702 86.66 100.34 -116.06
N ALA R 703 86.88 100.17 -117.37
CA ALA R 703 87.61 101.18 -118.13
C ALA R 703 86.84 102.50 -118.15
N VAL R 704 85.53 102.44 -118.35
CA VAL R 704 84.71 103.64 -118.36
C VAL R 704 84.72 104.30 -116.98
N LYS R 705 84.65 103.49 -115.92
CA LYS R 705 84.70 104.04 -114.56
C LYS R 705 86.03 104.74 -114.30
N GLU R 706 87.14 104.14 -114.72
CA GLU R 706 88.45 104.76 -114.53
C GLU R 706 88.55 106.06 -115.33
N GLU R 707 88.05 106.07 -116.57
CA GLU R 707 88.08 107.28 -117.38
C GLU R 707 87.25 108.38 -116.73
N SER R 708 86.07 108.05 -116.23
CA SER R 708 85.22 109.04 -115.57
C SER R 708 85.88 109.57 -114.30
N ILE R 709 86.52 108.69 -113.52
CA ILE R 709 87.20 109.11 -112.30
C ILE R 709 88.34 110.07 -112.63
N LYS R 710 89.14 109.73 -113.66
CA LYS R 710 90.25 110.59 -114.04
C LYS R 710 89.77 111.91 -114.63
N ARG R 711 88.64 111.90 -115.33
CA ARG R 711 88.11 113.12 -115.95
C ARG R 711 87.25 113.95 -114.99
N HIS R 712 86.92 113.42 -113.82
CA HIS R 712 86.07 114.15 -112.89
C HIS R 712 86.78 115.38 -112.36
N LYS R 713 86.02 116.46 -112.17
CA LYS R 713 86.53 117.72 -111.67
C LYS R 713 85.74 118.17 -110.45
N TRP R 714 86.36 119.04 -109.65
CA TRP R 714 85.75 119.56 -108.43
C TRP R 714 85.77 121.09 -108.46
N ASN R 715 84.79 121.69 -107.78
CA ASN R 715 84.64 123.14 -107.74
C ASN R 715 85.04 123.66 -106.37
N ASP R 716 85.89 124.68 -106.35
CA ASP R 716 86.33 125.26 -105.08
C ASP R 716 85.21 126.02 -104.39
N PHE R 717 84.22 126.49 -105.15
CA PHE R 717 83.07 127.16 -104.54
C PHE R 717 82.30 126.20 -103.66
N ALA R 718 82.17 124.94 -104.09
CA ALA R 718 81.53 123.93 -103.25
C ALA R 718 82.31 123.70 -101.97
N GLU R 719 83.65 123.69 -102.06
CA GLU R 719 84.48 123.53 -100.86
C GLU R 719 84.29 124.70 -99.91
N ASP R 720 84.24 125.93 -100.44
CA ASP R 720 84.04 127.10 -99.59
C ASP R 720 82.66 127.07 -98.93
N SER R 721 81.63 126.68 -99.67
CA SER R 721 80.30 126.56 -99.10
C SER R 721 80.26 125.50 -98.02
N LEU R 722 80.93 124.36 -98.24
CA LEU R 722 81.00 123.31 -97.23
C LEU R 722 81.69 123.81 -95.98
N ARG R 723 82.79 124.54 -96.14
CA ARG R 723 83.50 125.08 -94.99
C ARG R 723 82.61 126.05 -94.21
N VAL R 724 81.91 126.93 -94.92
CA VAL R 724 81.04 127.90 -94.26
C VAL R 724 79.92 127.19 -93.50
N ILE R 725 79.31 126.17 -94.12
CA ILE R 725 78.22 125.46 -93.47
C ILE R 725 78.72 124.67 -92.27
N GLN R 726 79.91 124.08 -92.38
CA GLN R 726 80.49 123.36 -91.24
C GLN R 726 80.77 124.30 -90.09
N HIS R 727 81.28 125.50 -90.37
CA HIS R 727 81.50 126.47 -89.31
C HIS R 727 80.19 126.95 -88.70
N ASN R 728 79.15 127.12 -89.52
CA ASN R 728 77.88 127.63 -89.01
C ASN R 728 77.08 126.55 -88.29
N ALA R 729 77.41 125.28 -88.50
CA ALA R 729 76.66 124.19 -87.88
C ALA R 729 76.98 124.05 -86.40
N LEU R 730 76.56 125.03 -85.61
CA LEU R 730 76.72 125.01 -84.15
C LEU R 730 75.41 125.42 -83.49
N GLU R 731 74.31 124.83 -83.95
CA GLU R 731 72.98 125.23 -83.53
C GLU R 731 72.60 124.66 -82.16
N ASP R 732 72.55 123.34 -82.04
CA ASP R 732 72.10 122.69 -80.81
C ASP R 732 73.28 122.30 -79.95
N ARG R 733 73.14 122.52 -78.64
CA ARG R 733 74.20 122.21 -77.69
C ARG R 733 73.73 121.47 -76.45
N SER R 734 72.44 121.19 -76.31
CA SER R 734 71.92 120.51 -75.12
C SER R 734 70.81 119.57 -75.54
N ILE R 735 70.56 118.56 -74.69
CA ILE R 735 69.51 117.57 -74.92
C ILE R 735 68.38 117.83 -73.95
N SER R 736 67.18 118.01 -74.48
CA SER R 736 65.97 118.22 -73.68
C SER R 736 64.98 117.07 -73.83
N ASP R 737 65.40 115.96 -74.43
CA ASP R 737 64.53 114.82 -74.67
C ASP R 737 65.11 113.59 -73.98
N LYS R 738 64.26 112.87 -73.25
CA LYS R 738 64.70 111.64 -72.61
C LYS R 738 65.10 110.58 -73.63
N GLN R 739 64.32 110.46 -74.71
CA GLN R 739 64.62 109.48 -75.75
C GLN R 739 65.94 109.80 -76.45
N GLN R 740 66.18 111.08 -76.76
CA GLN R 740 67.44 111.47 -77.36
C GLN R 740 68.60 111.23 -76.41
N TRP R 741 68.39 111.48 -75.12
CA TRP R 741 69.43 111.21 -74.12
C TRP R 741 69.76 109.72 -74.08
N ASP R 742 68.73 108.86 -74.11
CA ASP R 742 68.96 107.42 -74.10
C ASP R 742 69.68 106.98 -75.37
N ALA R 743 69.31 107.54 -76.52
CA ALA R 743 69.98 107.19 -77.77
C ALA R 743 71.45 107.59 -77.73
N ALA R 744 71.74 108.79 -77.23
CA ALA R 744 73.12 109.23 -77.09
C ALA R 744 73.88 108.32 -76.12
N ILE R 745 73.24 107.92 -75.02
CA ILE R 745 73.88 107.01 -74.08
C ILE R 745 74.22 105.69 -74.75
N TYR R 746 73.28 105.15 -75.54
CA TYR R 746 73.52 103.87 -76.21
C TYR R 746 74.63 103.99 -77.24
N PHE R 747 74.67 105.09 -78.00
CA PHE R 747 75.73 105.28 -78.97
C PHE R 747 77.09 105.40 -78.28
N MET R 748 77.16 106.17 -77.20
CA MET R 748 78.40 106.31 -76.45
C MET R 748 78.83 104.98 -75.85
N GLU R 749 77.87 104.19 -75.35
CA GLU R 749 78.20 102.86 -74.82
C GLU R 749 78.75 101.96 -75.91
N GLU R 750 78.16 101.99 -77.11
CA GLU R 750 78.67 101.20 -78.21
C GLU R 750 80.09 101.61 -78.58
N ALA R 751 80.34 102.92 -78.66
CA ALA R 751 81.68 103.40 -79.00
C ALA R 751 82.70 103.00 -77.93
N LEU R 752 82.32 103.12 -76.66
CA LEU R 752 83.24 102.78 -75.58
C LEU R 752 83.48 101.27 -75.53
N GLN R 753 82.47 100.47 -75.84
CA GLN R 753 82.67 99.03 -75.90
C GLN R 753 83.59 98.65 -77.04
N ALA R 754 83.46 99.32 -78.19
CA ALA R 754 84.38 99.07 -79.30
C ALA R 754 85.81 99.44 -78.91
N ARG R 755 85.97 100.59 -78.24
CA ARG R 755 87.31 101.00 -77.79
C ARG R 755 87.88 100.01 -76.77
N LEU R 756 87.03 99.51 -75.87
CA LEU R 756 87.48 98.53 -74.89
C LEU R 756 87.90 97.23 -75.56
N LYS R 757 87.15 96.80 -76.58
CA LYS R 757 87.54 95.60 -77.30
C LYS R 757 88.86 95.80 -78.03
N ASP R 758 89.06 96.96 -78.64
CA ASP R 758 90.34 97.24 -79.29
C ASP R 758 91.49 97.24 -78.29
N THR R 759 91.28 97.84 -77.11
CA THR R 759 92.31 97.85 -76.09
C THR R 759 92.60 96.44 -75.59
N GLU R 760 91.56 95.61 -75.42
CA GLU R 760 91.77 94.23 -75.01
C GLU R 760 92.55 93.45 -76.05
N ASN R 761 92.24 93.66 -77.33
CA ASN R 761 93.00 93.00 -78.38
C ASN R 761 94.46 93.43 -78.37
N ALA R 762 94.71 94.73 -78.19
CA ALA R 762 96.09 95.22 -78.12
C ALA R 762 96.83 94.62 -76.93
N ILE R 763 96.17 94.55 -75.77
CA ILE R 763 96.79 93.98 -74.58
C ILE R 763 97.10 92.49 -74.79
N GLU R 764 96.16 91.77 -75.40
CA GLU R 764 96.38 90.34 -75.65
C GLU R 764 97.52 90.14 -76.64
N ASN R 765 97.62 90.99 -77.67
CA ASN R 765 98.75 90.90 -78.58
C ASN R 765 100.07 91.19 -77.87
N MET R 766 100.07 92.18 -76.97
CA MET R 766 101.29 92.52 -76.25
C MET R 766 101.72 91.40 -75.30
N VAL R 767 100.76 90.77 -74.62
CA VAL R 767 101.07 89.82 -73.55
C VAL R 767 100.67 88.39 -73.96
N GLY R 768 99.38 88.18 -74.19
CA GLY R 768 98.88 86.86 -74.49
C GLY R 768 97.75 86.45 -73.58
N PRO R 769 97.65 85.14 -73.30
CA PRO R 769 96.58 84.66 -72.41
C PRO R 769 96.69 85.27 -71.02
N ASP R 770 95.54 85.58 -70.43
CA ASP R 770 95.46 86.24 -69.14
C ASP R 770 94.40 85.55 -68.28
N TRP R 771 94.69 85.42 -66.98
CA TRP R 771 93.75 84.91 -65.98
C TRP R 771 93.32 83.51 -66.37
N LYS R 772 92.03 83.24 -66.62
CA LYS R 772 91.52 81.90 -66.90
C LYS R 772 92.17 81.32 -68.16
N LYS R 773 92.34 82.16 -69.19
CA LYS R 773 92.96 81.68 -70.42
C LYS R 773 94.39 81.23 -70.18
N ARG R 774 95.14 81.98 -69.36
CA ARG R 774 96.53 81.63 -69.10
C ARG R 774 96.64 80.39 -68.22
N TRP R 775 95.81 80.31 -67.18
CA TRP R 775 95.89 79.21 -66.21
C TRP R 775 95.08 77.99 -66.63
N LEU R 776 94.41 78.02 -67.78
CA LEU R 776 93.66 76.85 -68.23
C LEU R 776 94.60 75.69 -68.50
N TYR R 777 95.73 75.96 -69.16
CA TYR R 777 96.70 74.90 -69.43
C TYR R 777 97.46 74.52 -68.16
N TRP R 778 97.84 75.51 -67.36
CA TRP R 778 98.55 75.38 -66.09
C TRP R 778 99.98 74.87 -66.27
N LYS R 779 100.41 74.57 -67.50
CA LYS R 779 101.76 74.10 -67.76
C LYS R 779 102.50 74.92 -68.80
N ASN R 780 101.85 75.90 -69.43
CA ASN R 780 102.46 76.73 -70.45
C ASN R 780 102.78 78.09 -69.84
N ARG R 781 104.07 78.40 -69.72
CA ARG R 781 104.52 79.66 -69.15
C ARG R 781 105.71 80.18 -69.96
N THR R 782 105.75 81.49 -70.15
CA THR R 782 106.82 82.16 -70.88
C THR R 782 107.34 83.30 -70.03
N GLN R 783 108.66 83.48 -70.03
CA GLN R 783 109.27 84.54 -69.21
C GLN R 783 108.84 85.92 -69.69
N GLU R 784 108.66 86.09 -71.01
CA GLU R 784 108.27 87.39 -71.54
C GLU R 784 106.87 87.79 -71.06
N GLN R 785 105.91 86.86 -71.17
CA GLN R 785 104.56 87.13 -70.69
C GLN R 785 104.48 87.17 -69.17
N CYS R 786 105.36 86.43 -68.47
CA CYS R 786 105.38 86.50 -67.01
C CYS R 786 105.79 87.88 -66.54
N VAL R 787 106.77 88.49 -67.21
CA VAL R 787 107.21 89.84 -66.86
C VAL R 787 106.06 90.82 -67.05
N HIS R 788 105.34 90.71 -68.18
CA HIS R 788 104.20 91.59 -68.43
C HIS R 788 103.11 91.39 -67.38
N ASN R 789 102.84 90.14 -67.00
CA ASN R 789 101.84 89.87 -65.99
C ASN R 789 102.24 90.47 -64.64
N GLU R 790 103.52 90.35 -64.27
CA GLU R 790 103.98 90.93 -63.02
C GLU R 790 103.87 92.45 -63.04
N THR R 791 104.23 93.07 -64.18
CA THR R 791 104.10 94.52 -64.29
C THR R 791 102.63 94.94 -64.19
N LYS R 792 101.73 94.20 -64.84
CA LYS R 792 100.32 94.50 -64.76
C LYS R 792 99.80 94.38 -63.32
N ASN R 793 100.22 93.34 -62.62
CA ASN R 793 99.80 93.16 -61.23
C ASN R 793 100.33 94.29 -60.36
N GLU R 794 101.58 94.70 -60.56
CA GLU R 794 102.15 95.79 -59.78
C GLU R 794 101.40 97.09 -60.04
N LEU R 795 101.08 97.38 -61.30
CA LEU R 795 100.35 98.59 -61.63
C LEU R 795 98.93 98.55 -61.07
N GLU R 796 98.29 97.39 -61.10
CA GLU R 796 96.96 97.26 -60.51
C GLU R 796 97.00 97.50 -59.01
N LYS R 797 98.01 96.96 -58.33
CA LYS R 797 98.16 97.21 -56.89
C LYS R 797 98.43 98.68 -56.62
N MET R 798 99.23 99.33 -57.46
CA MET R 798 99.49 100.75 -57.29
C MET R 798 98.22 101.57 -57.45
N LEU R 799 97.39 101.23 -58.44
CA LEU R 799 96.10 101.91 -58.60
C LEU R 799 95.17 101.65 -57.43
N LYS R 800 95.18 100.42 -56.90
CA LYS R 800 94.36 100.12 -55.72
C LYS R 800 94.80 100.96 -54.54
N CYS R 801 96.11 101.11 -54.34
CA CYS R 801 96.61 101.95 -53.26
C CYS R 801 96.45 103.43 -53.58
N ASN R 802 96.67 103.83 -54.83
CA ASN R 802 96.59 105.23 -55.26
C ASN R 802 95.74 105.28 -56.54
N GLU R 803 94.46 105.59 -56.36
CA GLU R 803 93.55 105.62 -57.51
C GLU R 803 93.93 106.72 -58.50
N GLU R 804 94.30 107.89 -58.00
CA GLU R 804 94.64 109.02 -58.84
C GLU R 804 96.15 109.15 -58.96
N HIS R 805 96.65 109.19 -60.19
CA HIS R 805 98.08 109.31 -60.46
C HIS R 805 98.27 110.11 -61.73
N PRO R 806 99.28 110.98 -61.79
CA PRO R 806 99.53 111.72 -63.03
C PRO R 806 99.97 110.79 -64.16
N ALA R 807 99.65 111.19 -65.39
CA ALA R 807 99.98 110.37 -66.55
C ALA R 807 101.48 110.21 -66.70
N TYR R 808 102.24 111.28 -66.51
CA TYR R 808 103.68 111.22 -66.63
C TYR R 808 104.29 110.48 -65.44
N LEU R 809 105.49 109.94 -65.64
CA LEU R 809 106.21 109.21 -64.62
C LEU R 809 107.48 109.99 -64.27
N ALA R 810 107.64 110.31 -62.99
CA ALA R 810 108.82 111.00 -62.53
C ALA R 810 109.98 110.02 -62.36
N SER R 811 111.19 110.57 -62.23
CA SER R 811 112.39 109.74 -62.14
C SER R 811 112.37 108.87 -60.90
N ASP R 812 111.96 109.44 -59.75
CA ASP R 812 111.94 108.67 -58.51
C ASP R 812 110.90 107.55 -58.58
N GLU R 813 109.76 107.81 -59.20
CA GLU R 813 108.74 106.77 -59.36
C GLU R 813 109.26 105.62 -60.21
N ILE R 814 109.93 105.94 -61.32
CA ILE R 814 110.50 104.90 -62.18
C ILE R 814 111.57 104.11 -61.44
N THR R 815 112.41 104.80 -60.68
CA THR R 815 113.44 104.11 -59.91
C THR R 815 112.83 103.17 -58.87
N THR R 816 111.78 103.64 -58.18
CA THR R 816 111.12 102.80 -57.19
C THR R 816 110.48 101.58 -57.83
N VAL R 817 109.82 101.77 -58.98
CA VAL R 817 109.20 100.65 -59.68
C VAL R 817 110.25 99.64 -60.13
N ARG R 818 111.37 100.13 -60.66
CA ARG R 818 112.43 99.23 -61.11
C ARG R 818 113.03 98.47 -59.94
N LYS R 819 113.22 99.14 -58.79
CA LYS R 819 113.74 98.46 -57.61
C LYS R 819 112.77 97.40 -57.11
N ASN R 820 111.47 97.70 -57.11
CA ASN R 820 110.49 96.71 -56.71
C ASN R 820 110.49 95.52 -57.64
N LEU R 821 110.61 95.76 -58.95
CA LEU R 821 110.67 94.65 -59.90
C LEU R 821 111.93 93.82 -59.70
N GLU R 822 113.07 94.46 -59.47
CA GLU R 822 114.33 93.74 -59.30
C GLU R 822 114.46 93.09 -57.94
N SER R 823 113.60 93.45 -56.98
CA SER R 823 113.64 92.78 -55.68
C SER R 823 113.38 91.29 -55.81
N ARG R 824 112.44 90.90 -56.67
CA ARG R 824 112.15 89.50 -56.92
C ARG R 824 112.95 88.92 -58.08
N GLY R 825 113.79 89.74 -58.73
CA GLY R 825 114.65 89.26 -59.80
C GLY R 825 114.08 89.48 -61.18
N VAL R 826 113.45 90.63 -61.41
CA VAL R 826 112.88 90.98 -62.70
C VAL R 826 113.47 92.31 -63.14
N GLU R 827 114.11 92.33 -64.30
CA GLU R 827 114.69 93.54 -64.88
C GLU R 827 113.90 93.90 -66.14
N VAL R 828 113.35 95.11 -66.16
CA VAL R 828 112.50 95.57 -67.27
C VAL R 828 113.04 96.90 -67.76
N ASP R 829 113.12 97.05 -69.08
CA ASP R 829 113.58 98.30 -69.66
C ASP R 829 112.58 99.42 -69.37
N PRO R 830 113.05 100.66 -69.23
CA PRO R 830 112.13 101.77 -68.94
C PRO R 830 111.08 101.98 -70.00
N SER R 831 111.38 101.71 -71.27
CA SER R 831 110.40 101.91 -72.35
C SER R 831 109.21 100.97 -72.16
N LEU R 832 109.48 99.70 -71.85
CA LEU R 832 108.38 98.76 -71.62
C LEU R 832 107.58 99.15 -70.39
N ILE R 833 108.25 99.64 -69.34
CA ILE R 833 107.55 100.08 -68.14
C ILE R 833 106.61 101.24 -68.49
N LYS R 834 107.10 102.20 -69.27
CA LYS R 834 106.26 103.33 -69.66
C LYS R 834 105.10 102.89 -70.52
N ASP R 835 105.32 101.95 -71.45
CA ASP R 835 104.24 101.47 -72.30
C ASP R 835 103.18 100.75 -71.47
N THR R 836 103.60 99.90 -70.54
CA THR R 836 102.65 99.20 -69.69
C THR R 836 101.89 100.18 -68.80
N TRP R 837 102.57 101.20 -68.28
CA TRP R 837 101.89 102.20 -67.48
C TRP R 837 100.86 102.95 -68.30
N HIS R 838 101.19 103.30 -69.54
CA HIS R 838 100.24 103.99 -70.41
C HIS R 838 99.03 103.12 -70.69
N GLN R 839 99.25 101.83 -70.97
CA GLN R 839 98.14 100.93 -71.23
C GLN R 839 97.25 100.77 -70.01
N VAL R 840 97.85 100.63 -68.83
CA VAL R 840 97.08 100.48 -67.60
C VAL R 840 96.31 101.77 -67.29
N TYR R 841 96.92 102.92 -67.55
CA TYR R 841 96.25 104.20 -67.36
C TYR R 841 95.04 104.32 -68.28
N ARG R 842 95.21 103.92 -69.55
CA ARG R 842 94.09 103.94 -70.49
C ARG R 842 92.98 103.00 -70.05
N ARG R 843 93.35 101.80 -69.58
CA ARG R 843 92.33 100.86 -69.11
C ARG R 843 91.58 101.40 -67.90
N HIS R 844 92.31 102.02 -66.97
CA HIS R 844 91.68 102.59 -65.78
C HIS R 844 90.70 103.70 -66.14
N PHE R 845 91.10 104.57 -67.08
CA PHE R 845 90.18 105.62 -67.49
C PHE R 845 89.02 105.09 -68.32
N LEU R 846 89.22 103.99 -69.05
CA LEU R 846 88.09 103.35 -69.73
C LEU R 846 87.09 102.81 -68.72
N LYS R 847 87.59 102.18 -67.65
CA LYS R 847 86.70 101.69 -66.60
C LYS R 847 85.98 102.85 -65.91
N THR R 848 86.71 103.94 -65.66
CA THR R 848 86.09 105.12 -65.06
C THR R 848 85.00 105.69 -65.95
N ALA R 849 85.25 105.75 -67.26
CA ALA R 849 84.24 106.21 -68.21
C ALA R 849 83.02 105.29 -68.22
N LEU R 850 83.25 103.99 -68.14
CA LEU R 850 82.13 103.05 -68.08
C LEU R 850 81.30 103.27 -66.82
N ASN R 851 81.96 103.49 -65.68
CA ASN R 851 81.23 103.77 -64.44
C ASN R 851 80.47 105.09 -64.56
N HIS R 852 81.07 106.10 -65.19
CA HIS R 852 80.38 107.37 -65.39
C HIS R 852 79.15 107.20 -66.28
N CYS R 853 79.26 106.37 -67.32
CA CYS R 853 78.10 106.07 -68.16
C CYS R 853 77.01 105.37 -67.37
N ASN R 854 77.39 104.41 -66.52
CA ASN R 854 76.42 103.72 -65.69
C ASN R 854 75.70 104.70 -64.76
N LEU R 855 76.46 105.63 -64.18
CA LEU R 855 75.85 106.65 -63.32
C LEU R 855 74.92 107.58 -64.12
N CYS R 856 75.37 108.01 -65.29
CA CYS R 856 74.56 108.93 -66.11
C CYS R 856 73.31 108.24 -66.67
N ARG R 857 73.30 106.91 -66.73
CA ARG R 857 72.11 106.20 -67.16
C ARG R 857 70.91 106.46 -66.24
N ARG R 858 71.17 106.82 -64.99
CA ARG R 858 70.08 107.13 -64.01
C ARG R 858 70.14 108.60 -63.63
N GLY R 859 71.26 109.26 -63.90
CA GLY R 859 71.45 110.65 -63.52
C GLY R 859 70.76 111.67 -64.38
N PHE R 860 69.81 111.27 -65.24
CA PHE R 860 69.08 112.23 -66.05
C PHE R 860 68.26 113.20 -65.21
N TYR R 861 67.82 112.79 -64.01
CA TYR R 861 67.11 113.71 -63.13
C TYR R 861 68.01 114.87 -62.71
N TYR R 862 69.25 114.57 -62.34
CA TYR R 862 70.20 115.62 -62.01
C TYR R 862 70.56 116.45 -63.25
N TYR R 863 70.75 115.76 -64.39
CA TYR R 863 71.18 116.46 -65.60
C TYR R 863 70.14 117.45 -66.09
N GLN R 864 68.86 117.07 -66.07
CA GLN R 864 67.82 117.91 -66.64
C GLN R 864 67.65 119.20 -65.85
N ARG R 865 67.71 119.12 -64.52
CA ARG R 865 67.47 120.29 -63.67
C ARG R 865 68.74 121.03 -63.28
N HIS R 866 69.89 120.38 -63.35
CA HIS R 866 71.18 120.99 -63.02
C HIS R 866 71.16 121.57 -61.60
N PHE R 867 71.03 120.68 -60.63
CA PHE R 867 70.99 121.08 -59.23
C PHE R 867 72.33 121.69 -58.81
N VAL R 868 72.26 122.59 -57.83
CA VAL R 868 73.47 123.25 -57.33
C VAL R 868 74.40 122.23 -56.71
N ASP R 869 73.85 121.34 -55.87
CA ASP R 869 74.63 120.27 -55.25
C ASP R 869 74.58 118.99 -56.08
N SER R 870 74.93 119.11 -57.36
CA SER R 870 74.89 117.96 -58.26
C SER R 870 76.01 116.98 -57.92
N GLU R 871 75.65 115.71 -57.78
CA GLU R 871 76.62 114.65 -57.52
C GLU R 871 77.14 114.00 -58.79
N LEU R 872 76.72 114.48 -59.96
CA LEU R 872 77.13 113.87 -61.23
C LEU R 872 77.06 114.93 -62.31
N GLU R 873 78.13 115.08 -63.08
CA GLU R 873 78.19 116.03 -64.18
C GLU R 873 78.35 115.24 -65.48
N CYS R 874 77.25 115.03 -66.19
CA CYS R 874 77.26 114.29 -67.44
C CYS R 874 77.52 115.27 -68.58
N ASN R 875 78.76 115.29 -69.07
CA ASN R 875 79.14 116.13 -70.19
C ASN R 875 79.60 115.36 -71.42
N ASP R 876 80.14 114.14 -71.23
CA ASP R 876 80.57 113.34 -72.36
C ASP R 876 79.39 112.97 -73.25
N VAL R 877 78.25 112.66 -72.64
CA VAL R 877 77.05 112.31 -73.41
C VAL R 877 76.63 113.48 -74.29
N VAL R 878 76.61 114.69 -73.71
CA VAL R 878 76.22 115.88 -74.47
C VAL R 878 77.23 116.15 -75.59
N LEU R 879 78.52 116.00 -75.30
CA LEU R 879 79.53 116.22 -76.32
C LEU R 879 79.39 115.23 -77.46
N PHE R 880 79.17 113.96 -77.15
CA PHE R 880 79.02 112.96 -78.19
C PHE R 880 77.75 113.20 -79.01
N TRP R 881 76.67 113.62 -78.37
CA TRP R 881 75.46 113.95 -79.11
C TRP R 881 75.68 115.14 -80.04
N ARG R 882 76.40 116.15 -79.56
CA ARG R 882 76.72 117.29 -80.41
C ARG R 882 77.56 116.87 -81.61
N ILE R 883 78.56 116.00 -81.37
CA ILE R 883 79.38 115.51 -82.46
C ILE R 883 78.53 114.72 -83.46
N GLN R 884 77.62 113.90 -82.96
CA GLN R 884 76.77 113.09 -83.84
C GLN R 884 75.88 113.97 -84.70
N ARG R 885 75.25 114.99 -84.10
CA ARG R 885 74.36 115.85 -84.88
C ARG R 885 75.14 116.70 -85.87
N MET R 886 76.33 117.17 -85.49
CA MET R 886 77.16 117.92 -86.41
C MET R 886 77.59 117.05 -87.59
N LEU R 887 77.95 115.79 -87.31
CA LEU R 887 78.31 114.87 -88.39
C LEU R 887 77.13 114.60 -89.30
N ALA R 888 75.93 114.44 -88.73
CA ALA R 888 74.74 114.24 -89.54
C ALA R 888 74.47 115.44 -90.45
N ILE R 889 74.61 116.65 -89.90
CA ILE R 889 74.40 117.85 -90.70
C ILE R 889 75.44 117.94 -91.82
N THR R 890 76.70 117.64 -91.50
CA THR R 890 77.75 117.68 -92.51
C THR R 890 77.50 116.65 -93.60
N ALA R 891 77.07 115.45 -93.22
CA ALA R 891 76.78 114.41 -94.22
C ALA R 891 75.62 114.81 -95.11
N ASN R 892 74.57 115.40 -94.52
CA ASN R 892 73.43 115.86 -95.32
C ASN R 892 73.86 116.95 -96.30
N THR R 893 74.67 117.89 -95.84
CA THR R 893 75.16 118.95 -96.72
C THR R 893 76.02 118.38 -97.85
N LEU R 894 76.89 117.42 -97.51
CA LEU R 894 77.72 116.79 -98.52
C LEU R 894 76.89 116.07 -99.56
N ARG R 895 75.88 115.32 -99.09
CA ARG R 895 74.97 114.60 -100.03
C ARG R 895 74.28 115.61 -100.94
N GLN R 896 73.71 116.67 -100.37
CA GLN R 896 73.00 117.70 -101.18
C GLN R 896 73.95 118.25 -102.23
N GLN R 897 75.13 118.73 -101.81
CA GLN R 897 76.06 119.34 -102.76
C GLN R 897 76.48 118.34 -103.84
N LEU R 898 76.69 117.08 -103.44
CA LEU R 898 77.04 116.05 -104.42
C LEU R 898 75.94 115.89 -105.46
N THR R 899 74.70 115.70 -104.99
CA THR R 899 73.58 115.57 -105.91
C THR R 899 73.42 116.80 -106.80
N ASN R 900 73.74 117.99 -106.27
CA ASN R 900 73.59 119.20 -107.05
C ASN R 900 74.65 119.31 -108.15
N THR R 901 75.91 119.02 -107.83
CA THR R 901 77.00 119.33 -108.74
C THR R 901 77.73 118.11 -109.26
N GLU R 902 78.14 117.20 -108.37
CA GLU R 902 79.03 116.12 -108.78
C GLU R 902 78.32 115.07 -109.62
N VAL R 903 77.02 114.86 -109.38
CA VAL R 903 76.26 113.94 -110.23
C VAL R 903 76.22 114.45 -111.66
N ARG R 904 75.95 115.74 -111.83
CA ARG R 904 75.95 116.34 -113.16
C ARG R 904 77.34 116.29 -113.79
N ARG R 905 78.38 116.55 -113.00
CA ARG R 905 79.74 116.48 -113.53
C ARG R 905 80.08 115.08 -114.01
N LEU R 906 79.72 114.06 -113.22
CA LEU R 906 79.98 112.69 -113.61
C LEU R 906 79.19 112.30 -114.84
N GLU R 907 77.94 112.77 -114.93
CA GLU R 907 77.14 112.51 -116.13
C GLU R 907 77.79 113.14 -117.36
N LYS R 908 78.28 114.36 -117.22
CA LYS R 908 78.95 115.03 -118.34
C LYS R 908 80.21 114.28 -118.76
N ASN R 909 81.00 113.83 -117.77
CA ASN R 909 82.21 113.06 -118.09
C ASN R 909 81.87 111.76 -118.78
N VAL R 910 80.83 111.06 -118.31
CA VAL R 910 80.42 109.81 -118.94
C VAL R 910 79.95 110.06 -120.38
N LYS R 911 79.19 111.14 -120.59
CA LYS R 911 78.74 111.46 -121.94
C LYS R 911 79.92 111.77 -122.85
N GLU R 912 80.90 112.52 -122.36
CA GLU R 912 82.08 112.83 -123.16
C GLU R 912 82.86 111.56 -123.52
N VAL R 913 83.03 110.67 -122.53
CA VAL R 913 83.75 109.42 -122.79
C VAL R 913 83.00 108.57 -123.81
N LEU R 914 81.67 108.48 -123.68
CA LEU R 914 80.89 107.70 -124.63
C LEU R 914 80.96 108.28 -126.03
N GLU R 915 80.90 109.62 -126.14
CA GLU R 915 81.02 110.25 -127.45
C GLU R 915 82.39 110.01 -128.06
N ASP R 916 83.45 110.10 -127.25
CA ASP R 916 84.80 109.84 -127.75
C ASP R 916 84.94 108.40 -128.24
N PHE R 917 84.36 107.46 -127.48
CA PHE R 917 84.42 106.06 -127.89
C PHE R 917 83.62 105.82 -129.18
N ALA R 918 82.44 106.44 -129.29
CA ALA R 918 81.62 106.27 -130.49
C ALA R 918 82.30 106.87 -131.72
N GLU R 919 82.94 108.02 -131.57
CA GLU R 919 83.61 108.69 -132.69
C GLU R 919 84.96 108.06 -133.03
N ASP R 920 85.31 106.93 -132.41
CA ASP R 920 86.58 106.24 -132.68
C ASP R 920 86.31 104.74 -132.69
N GLY R 921 86.09 104.18 -133.88
CA GLY R 921 85.88 102.76 -134.00
C GLY R 921 87.14 101.93 -133.79
N GLU R 922 88.31 102.53 -133.99
CA GLU R 922 89.56 101.82 -133.72
C GLU R 922 89.69 101.46 -132.25
N LYS R 923 89.27 102.37 -131.36
CA LYS R 923 89.27 102.07 -129.94
C LYS R 923 88.32 100.92 -129.63
N LYS R 924 87.16 100.89 -130.26
CA LYS R 924 86.21 99.79 -130.06
C LYS R 924 86.82 98.47 -130.53
N ILE R 925 87.51 98.49 -131.67
CA ILE R 925 88.14 97.27 -132.17
C ILE R 925 89.23 96.80 -131.21
N LYS R 926 90.04 97.74 -130.71
CA LYS R 926 91.12 97.38 -129.79
C LYS R 926 90.58 96.82 -128.49
N LEU R 927 89.50 97.40 -127.97
CA LEU R 927 88.96 96.98 -126.68
C LEU R 927 88.03 95.78 -126.80
N LEU R 928 87.01 95.88 -127.66
CA LEU R 928 86.03 94.82 -127.83
C LEU R 928 86.64 93.70 -128.67
N THR R 929 87.46 92.88 -128.01
CA THR R 929 88.12 91.73 -128.63
C THR R 929 87.53 90.41 -128.14
N GLY R 930 86.30 90.45 -127.64
CA GLY R 930 85.67 89.24 -127.17
C GLY R 930 85.32 88.28 -128.30
N LYS R 931 85.07 87.03 -127.92
CA LYS R 931 84.72 86.02 -128.91
C LYS R 931 83.42 86.35 -129.62
N ARG R 932 82.42 86.82 -128.89
CA ARG R 932 81.14 87.17 -129.50
C ARG R 932 81.30 88.31 -130.49
N VAL R 933 82.07 89.34 -130.13
CA VAL R 933 82.26 90.49 -131.02
C VAL R 933 82.95 90.06 -132.30
N GLN R 934 84.02 89.26 -132.17
CA GLN R 934 84.75 88.80 -133.35
C GLN R 934 83.88 87.92 -134.23
N LEU R 935 83.10 87.02 -133.62
CA LEU R 935 82.23 86.15 -134.41
C LEU R 935 81.17 86.95 -135.14
N ALA R 936 80.57 87.94 -134.47
CA ALA R 936 79.57 88.78 -135.12
C ALA R 936 80.17 89.57 -136.27
N GLU R 937 81.38 90.12 -136.06
CA GLU R 937 82.04 90.87 -137.13
C GLU R 937 82.35 89.97 -138.32
N ASP R 938 82.84 88.75 -138.06
CA ASP R 938 83.13 87.82 -139.15
C ASP R 938 81.85 87.44 -139.90
N LEU R 939 80.76 87.19 -139.17
CA LEU R 939 79.50 86.86 -139.82
C LEU R 939 78.99 88.01 -140.67
N LYS R 940 79.08 89.23 -140.16
CA LYS R 940 78.65 90.39 -140.94
C LYS R 940 79.50 90.57 -142.19
N LYS R 941 80.82 90.40 -142.06
CA LYS R 941 81.69 90.54 -143.22
C LYS R 941 81.40 89.45 -144.26
N VAL R 942 81.17 88.22 -143.80
CA VAL R 942 80.84 87.15 -144.74
C VAL R 942 79.53 87.42 -145.44
N ARG R 943 78.52 87.91 -144.70
CA ARG R 943 77.24 88.24 -145.33
C ARG R 943 77.40 89.35 -146.36
N GLU R 944 78.18 90.38 -146.03
CA GLU R 944 78.42 91.47 -146.98
C GLU R 944 79.14 90.98 -148.23
N ILE R 945 80.14 90.11 -148.04
CA ILE R 945 80.88 89.57 -149.18
C ILE R 945 79.95 88.74 -150.07
N GLN R 946 79.10 87.91 -149.45
CA GLN R 946 78.17 87.10 -150.22
C GLN R 946 77.15 87.97 -150.96
N GLU R 947 76.68 89.04 -150.34
CA GLU R 947 75.76 89.95 -151.01
C GLU R 947 76.43 90.63 -152.21
N LYS R 948 77.69 91.06 -152.03
CA LYS R 948 78.41 91.67 -153.13
C LYS R 948 78.63 90.67 -154.28
N LEU R 949 78.93 89.42 -153.93
CA LEU R 949 79.12 88.40 -154.97
C LEU R 949 77.81 88.10 -155.69
N ASP R 950 76.70 88.08 -154.96
CA ASP R 950 75.40 87.89 -155.59
C ASP R 950 75.07 89.05 -156.54
N ALA R 951 75.38 90.28 -156.12
CA ALA R 951 75.18 91.43 -156.99
C ALA R 951 76.04 91.32 -158.24
N PHE R 952 77.30 90.88 -158.08
CA PHE R 952 78.17 90.67 -159.23
C PHE R 952 77.61 89.63 -160.18
N ILE R 953 77.10 88.52 -159.63
CA ILE R 953 76.52 87.46 -160.46
C ILE R 953 75.31 87.98 -161.21
N GLU R 954 74.44 88.73 -160.53
CA GLU R 954 73.26 89.29 -161.18
C GLU R 954 73.65 90.26 -162.28
N ALA R 955 74.63 91.11 -162.03
CA ALA R 955 75.07 92.07 -163.05
C ALA R 955 75.68 91.35 -164.26
N LEU R 956 76.48 90.30 -164.01
CA LEU R 956 77.05 89.53 -165.11
C LEU R 956 75.97 88.84 -165.93
N HIS R 957 74.96 88.27 -165.26
CA HIS R 957 73.87 87.63 -165.98
C HIS R 957 73.06 88.63 -166.80
N GLN R 958 72.80 89.81 -166.23
CA GLN R 958 72.05 90.83 -166.96
C GLN R 958 72.83 91.36 -168.16
N GLU R 959 74.13 91.59 -168.00
CA GLU R 959 74.94 92.11 -169.11
C GLU R 959 75.03 91.10 -170.25
N LYS R 960 75.17 89.82 -169.89
CA LYS R 960 75.24 88.74 -170.93
C LYS R 960 73.82 88.22 -171.19
N SER S 263 158.14 136.37 46.21
CA SER S 263 157.84 135.33 47.18
C SER S 263 156.41 134.82 47.00
N LEU S 264 155.58 135.01 48.02
CA LEU S 264 154.19 134.56 47.94
C LEU S 264 153.42 135.32 46.87
N ILE S 265 153.66 136.64 46.76
CA ILE S 265 152.93 137.44 45.77
C ILE S 265 153.31 137.04 44.36
N ASP S 266 154.59 136.76 44.12
CA ASP S 266 155.02 136.35 42.78
C ASP S 266 154.41 135.01 42.40
N MET S 267 154.39 134.06 43.34
CA MET S 267 153.79 132.77 43.06
C MET S 267 152.28 132.89 42.83
N TYR S 268 151.61 133.74 43.60
CA TYR S 268 150.19 133.98 43.39
C TYR S 268 149.93 134.60 42.02
N SER S 269 150.77 135.54 41.60
CA SER S 269 150.63 136.13 40.28
C SER S 269 150.85 135.09 39.19
N GLU S 270 151.83 134.20 39.37
CA GLU S 270 152.05 133.13 38.41
C GLU S 270 150.85 132.19 38.34
N VAL S 271 150.26 131.87 39.49
CA VAL S 271 149.08 131.01 39.52
C VAL S 271 147.92 131.69 38.79
N LEU S 272 147.73 132.98 39.03
CA LEU S 272 146.67 133.72 38.33
C LEU S 272 146.91 133.74 36.83
N ASP S 273 148.17 133.91 36.41
CA ASP S 273 148.49 133.89 34.98
C ASP S 273 148.19 132.53 34.38
N VAL S 274 148.53 131.46 35.10
CA VAL S 274 148.24 130.10 34.61
C VAL S 274 146.73 129.90 34.48
N LEU S 275 145.97 130.37 35.48
CA LEU S 275 144.52 130.24 35.42
C LEU S 275 143.95 131.03 34.24
N SER S 276 144.47 132.23 33.99
CA SER S 276 144.01 133.01 32.85
C SER S 276 144.34 132.33 31.53
N ASP S 277 145.54 131.76 31.41
CA ASP S 277 145.94 131.06 30.20
C ASP S 277 145.28 129.69 30.06
N TYR S 278 144.61 129.21 31.10
CA TYR S 278 143.94 127.91 31.02
C TYR S 278 142.86 127.91 29.95
N ASP S 279 142.07 128.98 29.90
CA ASP S 279 141.00 129.08 28.91
C ASP S 279 140.64 130.55 28.71
N ALA S 280 140.12 130.85 27.53
CA ALA S 280 139.67 132.21 27.23
C ALA S 280 138.37 132.56 27.94
N SER S 281 137.61 131.57 28.37
CA SER S 281 136.36 131.80 29.09
C SER S 281 136.66 132.04 30.57
N TYR S 282 135.61 132.06 31.39
CA TYR S 282 135.74 132.29 32.83
C TYR S 282 135.04 131.14 33.55
N ASN S 283 135.78 130.06 33.81
CA ASN S 283 135.27 128.90 34.54
C ASN S 283 135.97 128.71 35.87
N THR S 284 137.31 128.62 35.87
CA THR S 284 138.09 128.51 37.08
C THR S 284 138.77 129.81 37.47
N GLN S 285 138.69 130.84 36.62
CA GLN S 285 139.31 132.12 36.93
C GLN S 285 138.55 132.92 37.98
N ASP S 286 137.29 132.56 38.24
CA ASP S 286 136.46 133.25 39.22
C ASP S 286 136.57 132.65 40.61
N HIS S 287 137.45 131.67 40.81
CA HIS S 287 137.61 131.06 42.12
C HIS S 287 138.49 131.93 43.02
N LEU S 288 139.72 132.21 42.59
CA LEU S 288 140.61 133.04 43.37
C LEU S 288 140.17 134.51 43.28
N PRO S 289 140.25 135.26 44.37
CA PRO S 289 139.90 136.68 44.33
C PRO S 289 140.83 137.45 43.40
N ARG S 290 140.25 138.44 42.71
CA ARG S 290 141.00 139.29 41.79
C ARG S 290 140.52 140.72 41.93
N VAL S 291 141.40 141.61 42.37
CA VAL S 291 141.06 143.02 42.51
C VAL S 291 141.03 143.64 41.12
N VAL S 292 139.84 144.03 40.66
CA VAL S 292 139.64 144.57 39.33
C VAL S 292 139.27 146.05 39.45
N VAL S 293 139.96 146.90 38.71
CA VAL S 293 139.71 148.33 38.70
C VAL S 293 138.94 148.67 37.44
N VAL S 294 137.71 149.14 37.60
CA VAL S 294 136.82 149.48 36.49
C VAL S 294 136.42 150.94 36.63
N GLY S 295 136.56 151.70 35.54
CA GLY S 295 136.19 153.09 35.53
C GLY S 295 135.34 153.48 34.34
N ASP S 296 135.18 154.78 34.12
CA ASP S 296 134.40 155.30 33.01
C ASP S 296 135.33 155.86 31.94
N GLN S 297 134.79 156.00 30.73
CA GLN S 297 135.57 156.51 29.61
C GLN S 297 135.84 158.00 29.81
N SER S 298 137.10 158.40 29.62
CA SER S 298 137.52 159.80 29.76
C SER S 298 137.18 160.34 31.15
N ALA S 299 137.30 159.50 32.16
CA ALA S 299 137.01 159.87 33.54
C ALA S 299 138.27 160.14 34.36
N GLY S 300 139.43 160.20 33.73
CA GLY S 300 140.66 160.44 34.44
C GLY S 300 141.19 159.26 35.22
N LYS S 301 140.69 158.05 34.96
CA LYS S 301 141.16 156.88 35.68
C LYS S 301 142.61 156.56 35.36
N THR S 302 143.09 156.98 34.19
CA THR S 302 144.48 156.72 33.81
C THR S 302 145.44 157.42 34.77
N SER S 303 145.14 158.67 35.13
CA SER S 303 146.01 159.40 36.06
C SER S 303 146.02 158.74 37.43
N VAL S 304 144.85 158.29 37.91
CA VAL S 304 144.78 157.62 39.20
C VAL S 304 145.57 156.31 39.17
N LEU S 305 145.43 155.54 38.09
CA LEU S 305 146.18 154.29 37.97
C LEU S 305 147.68 154.55 37.94
N GLU S 306 148.11 155.60 37.22
CA GLU S 306 149.52 155.94 37.18
C GLU S 306 150.03 156.35 38.56
N MET S 307 149.23 157.13 39.30
CA MET S 307 149.62 157.54 40.64
C MET S 307 149.67 156.36 41.61
N ILE S 308 148.84 155.34 41.38
CA ILE S 308 148.87 154.15 42.22
C ILE S 308 150.23 153.45 42.09
N ALA S 309 150.72 153.31 40.85
CA ALA S 309 152.02 152.72 40.60
C ALA S 309 153.15 153.73 40.70
N GLN S 310 152.83 155.00 40.93
CA GLN S 310 153.83 156.07 41.05
C GLN S 310 154.68 156.20 39.78
N ALA S 311 154.09 155.90 38.63
CA ALA S 311 154.80 156.00 37.37
C ALA S 311 153.78 156.06 36.23
N ARG S 312 154.14 156.79 35.19
CA ARG S 312 153.28 156.94 34.01
C ARG S 312 153.56 155.76 33.07
N ILE S 313 152.74 154.72 33.17
CA ILE S 313 152.91 153.54 32.33
C ILE S 313 151.76 153.32 31.37
N PHE S 314 150.59 153.91 31.60
CA PHE S 314 149.45 153.75 30.70
C PHE S 314 149.44 154.86 29.68
N PRO S 315 149.48 154.57 28.38
CA PRO S 315 149.45 155.64 27.38
C PRO S 315 148.14 156.43 27.44
N ARG S 316 148.24 157.73 27.18
CA ARG S 316 147.09 158.61 27.22
C ARG S 316 146.32 158.53 25.91
N GLY S 317 145.00 158.73 26.00
CA GLY S 317 144.15 158.70 24.82
C GLY S 317 143.22 159.90 24.75
N SER S 318 143.24 160.59 23.60
CA SER S 318 142.40 161.77 23.40
C SER S 318 141.04 161.31 22.87
N GLY S 319 140.23 160.79 23.78
CA GLY S 319 138.89 160.31 23.47
C GLY S 319 138.83 158.86 23.03
N GLU S 320 139.79 158.42 22.24
CA GLU S 320 139.81 157.04 21.77
C GLU S 320 140.10 156.08 22.93
N MET S 321 139.49 154.91 22.88
CA MET S 321 139.66 153.88 23.91
C MET S 321 140.93 153.11 23.60
N MET S 322 142.04 153.58 24.17
CA MET S 322 143.32 152.91 23.95
C MET S 322 143.33 151.51 24.57
N THR S 323 142.77 151.37 25.76
CA THR S 323 142.74 150.08 26.45
C THR S 323 141.59 149.25 25.89
N ARG S 324 141.93 148.23 25.08
CA ARG S 324 140.94 147.35 24.49
C ARG S 324 141.05 145.91 24.98
N SER S 325 142.05 145.60 25.80
CA SER S 325 142.25 144.27 26.35
C SER S 325 142.50 144.36 27.84
N PRO S 326 142.13 143.32 28.60
CA PRO S 326 142.39 143.33 30.05
C PRO S 326 143.88 143.41 30.33
N VAL S 327 144.22 144.20 31.35
CA VAL S 327 145.61 144.40 31.76
C VAL S 327 145.74 144.01 33.22
N LYS S 328 146.71 143.15 33.51
CA LYS S 328 146.98 142.70 34.88
C LYS S 328 148.18 143.45 35.42
N VAL S 329 148.00 144.11 36.56
CA VAL S 329 149.07 144.84 37.23
C VAL S 329 149.30 144.18 38.58
N THR S 330 150.48 143.59 38.75
CA THR S 330 150.85 142.91 39.99
C THR S 330 151.77 143.82 40.78
N LEU S 331 151.30 144.29 41.93
CA LEU S 331 152.09 145.16 42.79
C LEU S 331 152.96 144.31 43.72
N SER S 332 154.26 144.57 43.71
CA SER S 332 155.20 143.82 44.54
C SER S 332 156.44 144.69 44.73
N GLU S 333 157.42 144.14 45.45
CA GLU S 333 158.67 144.83 45.73
C GLU S 333 159.83 143.96 45.27
N GLY S 334 160.75 144.56 44.53
CA GLY S 334 161.91 143.86 44.02
C GLY S 334 163.19 144.63 44.24
N PRO S 335 164.29 144.12 43.69
CA PRO S 335 165.58 144.83 43.84
C PRO S 335 165.58 146.21 43.23
N HIS S 336 164.83 146.42 42.15
CA HIS S 336 164.76 147.71 41.47
C HIS S 336 163.31 148.04 41.15
N HIS S 337 163.03 149.33 41.03
CA HIS S 337 161.69 149.82 40.70
C HIS S 337 161.48 149.75 39.19
N VAL S 338 161.38 148.50 38.70
CA VAL S 338 161.21 148.21 37.29
C VAL S 338 159.96 147.37 37.10
N ALA S 339 159.56 147.22 35.83
CA ALA S 339 158.41 146.42 35.46
C ALA S 339 158.84 145.31 34.51
N LEU S 340 158.38 144.09 34.78
CA LEU S 340 158.75 142.93 33.98
C LEU S 340 157.49 142.14 33.65
N PHE S 341 157.37 141.73 32.38
CA PHE S 341 156.23 140.93 31.95
C PHE S 341 156.48 139.45 32.25
N LYS S 342 155.41 138.67 32.14
CA LYS S 342 155.53 137.23 32.36
C LYS S 342 156.38 136.56 31.28
N ASP S 343 156.21 136.96 30.03
CA ASP S 343 156.93 136.37 28.90
C ASP S 343 158.00 137.30 28.35
N SER S 344 158.54 138.20 29.17
CA SER S 344 159.58 139.13 28.75
C SER S 344 160.74 139.07 29.74
N SER S 345 161.92 139.47 29.25
CA SER S 345 163.12 139.50 30.06
C SER S 345 163.69 140.90 30.26
N ARG S 346 163.17 141.91 29.59
CA ARG S 346 163.65 143.27 29.72
C ARG S 346 162.94 143.97 30.88
N GLU S 347 163.72 144.53 31.80
CA GLU S 347 163.18 145.22 32.96
C GLU S 347 162.93 146.67 32.59
N PHE S 348 161.65 147.01 32.38
CA PHE S 348 161.26 148.37 32.03
C PHE S 348 161.27 149.23 33.28
N ASP S 349 162.25 150.12 33.39
CA ASP S 349 162.34 150.99 34.54
C ASP S 349 161.18 151.99 34.57
N LEU S 350 160.73 152.31 35.79
CA LEU S 350 159.61 153.21 35.99
C LEU S 350 160.05 154.63 36.32
N THR S 351 161.34 154.94 36.19
CA THR S 351 161.87 156.25 36.51
C THR S 351 162.33 157.02 35.27
N LYS S 352 163.17 156.41 34.43
CA LYS S 352 163.67 157.08 33.24
C LYS S 352 162.54 157.27 32.23
N GLU S 353 162.56 158.42 31.55
CA GLU S 353 161.52 158.72 30.56
C GLU S 353 161.61 157.77 29.37
N GLU S 354 162.83 157.44 28.93
CA GLU S 354 162.98 156.53 27.81
C GLU S 354 162.44 155.14 28.13
N ASP S 355 162.73 154.65 29.33
CA ASP S 355 162.21 153.33 29.73
C ASP S 355 160.69 153.35 29.83
N LEU S 356 160.11 154.43 30.35
CA LEU S 356 158.66 154.55 30.41
C LEU S 356 158.05 154.56 29.01
N ALA S 357 158.68 155.29 28.08
CA ALA S 357 158.19 155.31 26.70
C ALA S 357 158.27 153.94 26.06
N ALA S 358 159.37 153.22 26.30
CA ALA S 358 159.51 151.87 25.77
C ALA S 358 158.45 150.94 26.36
N LEU S 359 158.17 151.07 27.65
CA LEU S 359 157.13 150.25 28.27
C LEU S 359 155.76 150.56 27.69
N ARG S 360 155.46 151.84 27.47
CA ARG S 360 154.19 152.21 26.86
C ARG S 360 154.08 151.67 25.44
N HIS S 361 155.17 151.75 24.67
CA HIS S 361 155.16 151.20 23.32
C HIS S 361 154.94 149.70 23.33
N GLU S 362 155.59 148.99 24.26
CA GLU S 362 155.39 147.54 24.36
C GLU S 362 153.96 147.21 24.74
N ILE S 363 153.37 147.98 25.66
CA ILE S 363 151.98 147.75 26.06
C ILE S 363 151.05 147.98 24.88
N GLU S 364 151.29 149.04 24.10
CA GLU S 364 150.48 149.32 22.93
C GLU S 364 150.61 148.21 21.89
N LEU S 365 151.83 147.72 21.68
CA LEU S 365 152.04 146.62 20.73
C LEU S 365 151.32 145.36 21.18
N ARG S 366 151.38 145.05 22.48
CA ARG S 366 150.66 143.89 23.00
C ARG S 366 149.15 144.05 22.85
N MET S 367 148.64 145.25 23.09
CA MET S 367 147.21 145.50 22.90
C MET S 367 146.80 145.33 21.44
N ARG S 368 147.62 145.84 20.52
CA ARG S 368 147.31 145.70 19.10
C ARG S 368 147.37 144.26 18.64
N LYS S 369 148.35 143.50 19.15
CA LYS S 369 148.48 142.10 18.76
C LYS S 369 147.26 141.29 19.20
N ASN S 370 146.78 141.52 20.43
CA ASN S 370 145.62 140.78 20.92
C ASN S 370 144.36 141.12 20.11
N VAL S 371 144.16 142.40 19.80
CA VAL S 371 142.97 142.81 19.06
C VAL S 371 143.10 142.38 17.60
N LYS S 372 142.08 141.70 17.09
CA LYS S 372 142.08 141.25 15.72
C LYS S 372 141.93 142.43 14.77
N GLU S 373 142.37 142.23 13.53
CA GLU S 373 142.29 143.26 12.49
C GLU S 373 140.85 143.36 12.02
N GLY S 374 140.07 144.19 12.71
CA GLY S 374 138.67 144.35 12.39
C GLY S 374 137.77 144.35 13.62
N CYS S 375 138.27 143.81 14.72
CA CYS S 375 137.54 143.74 15.96
C CYS S 375 137.93 144.90 16.88
N THR S 376 137.23 145.01 18.00
CA THR S 376 137.45 146.07 18.98
C THR S 376 137.90 145.53 20.33
N VAL S 377 137.21 144.52 20.85
CA VAL S 377 137.51 143.94 22.16
C VAL S 377 138.04 142.53 21.93
N SER S 378 139.20 142.23 22.54
CA SER S 378 139.83 140.93 22.40
C SER S 378 139.79 140.19 23.73
N PRO S 379 139.38 138.92 23.75
CA PRO S 379 139.35 138.17 25.02
C PRO S 379 140.73 137.93 25.61
N GLU S 380 141.79 138.06 24.83
CA GLU S 380 143.14 137.82 25.35
C GLU S 380 143.51 138.87 26.39
N THR S 381 144.20 138.43 27.44
CA THR S 381 144.61 139.29 28.54
C THR S 381 146.10 139.54 28.47
N ILE S 382 146.53 140.62 29.14
CA ILE S 382 147.94 141.01 29.20
C ILE S 382 148.37 140.98 30.66
N SER S 383 149.46 140.28 30.94
CA SER S 383 149.99 140.11 32.28
C SER S 383 151.25 140.95 32.45
N LEU S 384 151.29 141.75 33.51
CA LEU S 384 152.44 142.59 33.81
C LEU S 384 152.70 142.58 35.31
N ASN S 385 153.96 142.44 35.68
CA ASN S 385 154.38 142.43 37.08
C ASN S 385 155.18 143.69 37.38
N VAL S 386 154.79 144.38 38.45
CA VAL S 386 155.44 145.63 38.86
C VAL S 386 156.16 145.37 40.18
N LYS S 387 157.45 145.72 40.21
CA LYS S 387 158.28 145.55 41.38
C LYS S 387 158.94 146.87 41.76
N GLY S 388 159.24 147.03 43.05
CA GLY S 388 159.87 148.22 43.54
C GLY S 388 159.49 148.53 44.97
N PRO S 389 160.36 149.24 45.68
CA PRO S 389 160.07 149.59 47.07
C PRO S 389 158.92 150.59 47.17
N GLY S 390 158.23 150.54 48.32
CA GLY S 390 157.12 151.41 48.58
C GLY S 390 155.79 150.95 48.04
N LEU S 391 155.73 149.79 47.39
CA LEU S 391 154.49 149.25 46.86
C LEU S 391 153.92 148.18 47.78
N GLN S 392 152.66 147.85 47.56
CA GLN S 392 151.96 146.84 48.33
C GLN S 392 152.06 145.49 47.63
N ARG S 393 151.36 144.50 48.16
CA ARG S 393 151.33 143.14 47.61
C ARG S 393 149.89 142.82 47.21
N MET S 394 149.53 143.17 45.99
CA MET S 394 148.20 142.92 45.47
C MET S 394 148.26 142.89 43.95
N VAL S 395 147.20 142.36 43.35
CA VAL S 395 147.08 142.24 41.90
C VAL S 395 145.93 143.13 41.44
N LEU S 396 146.22 144.04 40.51
CA LEU S 396 145.23 144.95 39.98
C LEU S 396 144.92 144.58 38.53
N VAL S 397 143.63 144.58 38.20
CA VAL S 397 143.15 144.24 36.86
C VAL S 397 142.52 145.48 36.24
N ASP S 398 142.94 145.81 35.03
CA ASP S 398 142.44 146.97 34.31
C ASP S 398 141.52 146.51 33.19
N LEU S 399 140.35 147.14 33.10
CA LEU S 399 139.36 146.81 32.08
C LEU S 399 138.91 148.07 31.35
N PRO S 400 138.49 147.94 30.10
CA PRO S 400 137.99 149.11 29.38
C PRO S 400 136.74 149.70 30.04
N GLY S 401 136.60 151.01 29.91
CA GLY S 401 135.47 151.69 30.52
C GLY S 401 134.15 151.30 29.88
N VAL S 402 133.09 151.47 30.66
CA VAL S 402 131.74 151.13 30.21
C VAL S 402 131.24 152.23 29.29
N ILE S 403 130.75 151.83 28.12
CA ILE S 403 130.24 152.76 27.12
C ILE S 403 128.73 152.56 26.98
N ASN S 404 128.07 153.57 26.43
CA ASN S 404 126.63 153.55 26.24
C ASN S 404 126.25 153.56 24.76
N THR S 405 126.83 154.46 23.97
CA THR S 405 126.51 154.54 22.56
C THR S 405 127.18 153.40 21.79
N VAL S 406 126.67 153.16 20.58
CA VAL S 406 127.18 152.12 19.70
C VAL S 406 127.77 152.77 18.46
N THR S 407 129.02 152.44 18.16
CA THR S 407 129.70 153.01 16.99
C THR S 407 129.32 152.25 15.73
N SER S 408 128.90 152.99 14.71
CA SER S 408 128.52 152.35 13.45
C SER S 408 129.73 151.80 12.72
N GLY S 409 130.90 152.40 12.90
CA GLY S 409 132.11 151.95 12.26
C GLY S 409 132.81 150.79 12.92
N MET S 410 132.27 150.28 14.02
CA MET S 410 132.85 149.16 14.76
C MET S 410 131.81 148.05 14.90
N ALA S 411 132.15 147.03 15.68
CA ALA S 411 131.25 145.91 15.88
C ALA S 411 130.01 146.37 16.66
N PRO S 412 128.80 146.09 16.18
CA PRO S 412 127.61 146.51 16.92
C PRO S 412 127.45 145.84 18.28
N ASP S 413 128.11 144.69 18.50
CA ASP S 413 128.02 143.96 19.75
C ASP S 413 129.17 144.27 20.69
N THR S 414 129.90 145.36 20.44
CA THR S 414 131.02 145.73 21.32
C THR S 414 130.52 146.04 22.73
N LYS S 415 129.42 146.79 22.84
CA LYS S 415 128.87 147.11 24.15
C LYS S 415 128.38 145.85 24.87
N GLU S 416 127.74 144.94 24.13
CA GLU S 416 127.30 143.69 24.73
C GLU S 416 128.48 142.86 25.20
N THR S 417 129.54 142.81 24.40
CA THR S 417 130.73 142.06 24.80
C THR S 417 131.37 142.67 26.05
N ILE S 418 131.44 144.00 26.12
CA ILE S 418 132.00 144.66 27.29
C ILE S 418 131.15 144.36 28.52
N PHE S 419 129.83 144.42 28.38
CA PHE S 419 128.94 144.12 29.50
C PHE S 419 129.10 142.67 29.96
N SER S 420 129.21 141.74 29.02
CA SER S 420 129.40 140.34 29.38
C SER S 420 130.74 140.13 30.10
N ILE S 421 131.79 140.79 29.62
CA ILE S 421 133.09 140.67 30.27
C ILE S 421 133.03 141.23 31.69
N SER S 422 132.37 142.38 31.85
CA SER S 422 132.24 142.97 33.19
C SER S 422 131.45 142.07 34.11
N LYS S 423 130.36 141.48 33.61
CA LYS S 423 129.57 140.56 34.43
C LYS S 423 130.39 139.33 34.82
N ALA S 424 131.16 138.78 33.89
CA ALA S 424 131.99 137.62 34.19
C ALA S 424 133.05 137.96 35.24
N TYR S 425 133.65 139.15 35.13
CA TYR S 425 134.63 139.57 36.12
C TYR S 425 133.98 139.77 37.49
N MET S 426 132.77 140.33 37.52
CA MET S 426 132.06 140.54 38.77
C MET S 426 131.46 139.25 39.34
N GLN S 427 131.45 138.17 38.57
CA GLN S 427 130.92 136.90 39.07
C GLN S 427 131.71 136.37 40.25
N ASN S 428 132.96 136.80 40.43
CA ASN S 428 133.75 136.38 41.56
C ASN S 428 133.19 136.99 42.84
N PRO S 429 132.78 136.19 43.82
CA PRO S 429 132.24 136.78 45.07
C PRO S 429 133.25 137.58 45.86
N ASN S 430 134.55 137.36 45.64
CA ASN S 430 135.59 138.05 46.39
C ASN S 430 136.38 139.02 45.51
N ALA S 431 135.82 139.45 44.38
CA ALA S 431 136.49 140.38 43.50
C ALA S 431 136.35 141.80 44.04
N ILE S 432 137.47 142.40 44.42
CA ILE S 432 137.46 143.77 44.94
C ILE S 432 137.40 144.73 43.76
N ILE S 433 136.43 145.64 43.80
CA ILE S 433 136.22 146.60 42.72
C ILE S 433 136.66 147.97 43.22
N LEU S 434 137.56 148.61 42.47
CA LEU S 434 138.08 149.94 42.80
C LEU S 434 137.44 150.94 41.84
N CYS S 435 136.45 151.68 42.34
CA CYS S 435 135.75 152.66 41.53
C CYS S 435 136.53 153.97 41.49
N ILE S 436 136.72 154.50 40.28
CA ILE S 436 137.45 155.75 40.07
C ILE S 436 136.51 156.72 39.37
N GLN S 437 136.39 157.93 39.93
CA GLN S 437 135.54 158.98 39.38
C GLN S 437 136.40 160.18 39.00
N ASP S 438 135.73 161.26 38.60
CA ASP S 438 136.39 162.49 38.19
C ASP S 438 135.80 163.66 38.93
N GLY S 439 136.53 164.78 38.92
CA GLY S 439 136.05 165.98 39.59
C GLY S 439 134.78 166.52 38.98
N SER S 440 134.66 166.45 37.65
CA SER S 440 133.48 166.93 36.96
C SER S 440 132.37 165.89 36.88
N VAL S 441 132.59 164.69 37.38
CA VAL S 441 131.61 163.60 37.35
C VAL S 441 131.11 163.37 38.77
N ASP S 442 129.80 163.43 38.96
CA ASP S 442 129.20 163.22 40.27
C ASP S 442 129.21 161.74 40.63
N ALA S 443 128.92 161.46 41.90
CA ALA S 443 128.88 160.08 42.38
C ALA S 443 127.78 159.30 41.68
N GLU S 444 126.60 159.90 41.52
CA GLU S 444 125.50 159.23 40.84
C GLU S 444 125.73 159.11 39.34
N ARG S 445 126.56 159.98 38.76
CA ARG S 445 126.85 159.92 37.34
C ARG S 445 127.83 158.81 36.97
N SER S 446 128.46 158.18 37.95
CA SER S 446 129.42 157.12 37.70
C SER S 446 128.66 155.82 37.43
N ILE S 447 128.82 155.26 36.23
CA ILE S 447 128.14 154.02 35.88
C ILE S 447 128.70 152.86 36.71
N VAL S 448 130.02 152.87 36.94
CA VAL S 448 130.64 151.80 37.72
C VAL S 448 130.11 151.77 39.14
N THR S 449 129.97 152.95 39.77
CA THR S 449 129.45 153.01 41.12
C THR S 449 128.02 152.51 41.19
N ASP S 450 127.18 152.90 40.23
CA ASP S 450 125.79 152.44 40.20
C ASP S 450 125.72 150.94 40.01
N LEU S 451 126.56 150.39 39.12
CA LEU S 451 126.57 148.95 38.89
C LEU S 451 127.02 148.21 40.14
N VAL S 452 128.03 148.72 40.84
CA VAL S 452 128.49 148.09 42.07
C VAL S 452 127.40 148.12 43.13
N SER S 453 126.71 149.26 43.26
CA SER S 453 125.63 149.36 44.23
C SER S 453 124.49 148.40 43.91
N GLN S 454 124.15 148.28 42.62
CA GLN S 454 123.09 147.35 42.23
C GLN S 454 123.50 145.90 42.50
N MET S 455 124.74 145.54 42.18
CA MET S 455 125.20 144.17 42.40
C MET S 455 125.49 143.89 43.86
N ASP S 456 125.98 144.87 44.60
CA ASP S 456 126.34 144.71 46.01
C ASP S 456 125.66 145.82 46.82
N PRO S 457 124.37 145.66 47.13
CA PRO S 457 123.68 146.68 47.93
C PRO S 457 124.30 146.86 49.31
N HIS S 458 124.80 145.80 49.93
CA HIS S 458 125.40 145.92 51.25
C HIS S 458 126.75 146.64 51.18
N GLY S 459 127.58 146.28 50.21
CA GLY S 459 128.88 146.90 50.08
C GLY S 459 129.82 146.64 51.24
N ARG S 460 129.78 145.41 51.78
CA ARG S 460 130.65 145.05 52.88
C ARG S 460 132.08 144.79 52.46
N ARG S 461 132.33 144.57 51.17
CA ARG S 461 133.67 144.31 50.66
C ARG S 461 134.17 145.37 49.69
N THR S 462 133.33 146.31 49.28
CA THR S 462 133.71 147.37 48.36
C THR S 462 133.93 148.67 49.13
N ILE S 463 135.07 149.30 48.92
CA ILE S 463 135.44 150.54 49.60
C ILE S 463 135.52 151.64 48.55
N PHE S 464 134.76 152.72 48.77
CA PHE S 464 134.74 153.83 47.84
C PHE S 464 135.96 154.72 48.05
N VAL S 465 136.62 155.09 46.96
CA VAL S 465 137.78 155.97 46.99
C VAL S 465 137.46 157.20 46.12
N LEU S 466 137.65 158.38 46.70
CA LEU S 466 137.37 159.64 46.01
C LEU S 466 138.68 160.22 45.49
N THR S 467 138.71 160.50 44.19
CA THR S 467 139.91 161.03 43.53
C THR S 467 139.60 162.39 42.92
N LYS S 468 140.65 163.20 42.79
CA LYS S 468 140.55 164.55 42.21
C LYS S 468 139.54 165.40 42.99
N VAL S 469 139.77 165.51 44.30
CA VAL S 469 138.89 166.30 45.16
C VAL S 469 139.00 167.79 44.82
N ASP S 470 140.22 168.26 44.53
CA ASP S 470 140.42 169.67 44.22
C ASP S 470 139.66 170.09 42.97
N LEU S 471 139.67 169.25 41.93
CA LEU S 471 138.95 169.57 40.70
C LEU S 471 137.46 169.67 40.95
N ALA S 472 136.89 168.75 41.74
CA ALA S 472 135.48 168.81 42.06
C ALA S 472 135.16 170.06 42.89
N GLU S 473 136.03 170.39 43.84
CA GLU S 473 135.79 171.57 44.68
C GLU S 473 135.83 172.84 43.86
N LYS S 474 136.77 172.95 42.91
CA LYS S 474 136.88 174.16 42.09
C LYS S 474 135.70 174.32 41.15
N ASN S 475 134.90 173.28 40.92
CA ASN S 475 133.75 173.37 40.03
C ASN S 475 132.49 173.75 40.79
N VAL S 476 132.58 174.87 41.54
CA VAL S 476 131.52 175.44 42.38
C VAL S 476 130.60 174.38 42.98
N ALA S 477 131.20 173.30 43.48
CA ALA S 477 130.41 172.23 44.09
C ALA S 477 129.99 172.60 45.51
N SER S 478 128.97 171.90 46.00
CA SER S 478 128.46 172.13 47.35
C SER S 478 129.31 171.36 48.35
N PRO S 479 129.91 172.02 49.35
CA PRO S 479 130.70 171.28 50.35
C PRO S 479 129.89 170.30 51.16
N SER S 480 128.57 170.50 51.28
CA SER S 480 127.74 169.56 52.04
C SER S 480 127.74 168.19 51.38
N ARG S 481 127.65 168.14 50.05
CA ARG S 481 127.68 166.87 49.34
C ARG S 481 129.01 166.15 49.55
N ILE S 482 130.11 166.90 49.48
CA ILE S 482 131.43 166.30 49.69
C ILE S 482 131.55 165.76 51.10
N GLN S 483 131.07 166.53 52.09
CA GLN S 483 131.12 166.07 53.48
C GLN S 483 130.28 164.81 53.67
N GLN S 484 129.09 164.76 53.07
CA GLN S 484 128.25 163.59 53.18
C GLN S 484 128.90 162.37 52.53
N ILE S 485 129.53 162.57 51.38
CA ILE S 485 130.20 161.47 50.69
C ILE S 485 131.36 160.94 51.53
N ILE S 486 132.16 161.85 52.08
CA ILE S 486 133.30 161.45 52.91
C ILE S 486 132.82 160.76 54.18
N GLU S 487 131.81 161.33 54.84
CA GLU S 487 131.27 160.72 56.06
C GLU S 487 130.48 159.46 55.77
N GLY S 488 129.89 159.34 54.58
CA GLY S 488 129.13 158.16 54.22
C GLY S 488 127.66 158.25 54.58
N LYS S 489 127.08 159.44 54.41
CA LYS S 489 125.67 159.67 54.68
C LYS S 489 124.82 159.66 53.41
N LEU S 490 125.40 159.31 52.27
CA LEU S 490 124.69 159.30 51.00
C LEU S 490 124.69 157.94 50.32
N PHE S 491 125.79 157.21 50.40
CA PHE S 491 125.88 155.90 49.75
C PHE S 491 125.10 154.87 50.57
N PRO S 492 124.12 154.19 49.98
CA PRO S 492 123.38 153.17 50.75
C PRO S 492 124.25 152.02 51.24
N MET S 493 125.30 151.67 50.50
CA MET S 493 126.16 150.57 50.89
C MET S 493 126.95 150.92 52.15
N LYS S 494 127.19 149.90 52.98
CA LYS S 494 127.93 150.07 54.23
C LYS S 494 129.39 149.68 53.98
N ALA S 495 130.13 150.60 53.39
CA ALA S 495 131.53 150.38 53.11
C ALA S 495 132.35 150.42 54.40
N LEU S 496 133.52 149.77 54.36
CA LEU S 496 134.40 149.73 55.52
C LEU S 496 134.99 151.10 55.84
N GLY S 497 135.02 152.01 54.87
CA GLY S 497 135.54 153.34 55.10
C GLY S 497 135.47 154.17 53.85
N TYR S 498 135.79 155.45 54.00
CA TYR S 498 135.77 156.40 52.88
C TYR S 498 136.97 157.32 53.02
N PHE S 499 137.78 157.42 51.97
CA PHE S 499 138.96 158.27 51.95
C PHE S 499 138.95 159.12 50.69
N ALA S 500 139.34 160.38 50.85
CA ALA S 500 139.39 161.33 49.74
C ALA S 500 140.84 161.70 49.48
N VAL S 501 141.28 161.52 48.23
CA VAL S 501 142.65 161.82 47.83
C VAL S 501 142.62 162.65 46.55
N VAL S 502 143.74 163.31 46.28
CA VAL S 502 143.90 164.14 45.09
C VAL S 502 144.98 163.50 44.22
N THR S 503 144.64 163.23 42.97
CA THR S 503 145.55 162.62 42.01
C THR S 503 145.94 163.60 40.90
N GLY S 504 146.10 164.87 41.25
CA GLY S 504 146.47 165.88 40.30
C GLY S 504 145.29 166.37 39.48
N LYS S 505 145.60 167.21 38.49
CA LYS S 505 144.59 167.77 37.61
C LYS S 505 144.21 166.85 36.47
N GLY S 506 144.87 165.70 36.33
CA GLY S 506 144.56 164.78 35.26
C GLY S 506 145.15 165.12 33.91
N ASN S 507 146.02 166.12 33.84
CA ASN S 507 146.62 166.53 32.58
C ASN S 507 147.79 165.60 32.24
N SER S 508 148.49 165.91 31.15
CA SER S 508 149.62 165.11 30.71
C SER S 508 150.92 165.92 30.73
N SER S 509 151.02 166.87 31.66
CA SER S 509 152.21 167.70 31.76
C SER S 509 152.70 167.83 33.21
N GLU S 510 152.19 167.00 34.13
CA GLU S 510 152.58 167.05 35.53
C GLU S 510 153.30 165.75 35.87
N SER S 511 154.50 165.87 36.44
CA SER S 511 155.26 164.69 36.82
C SER S 511 154.66 164.02 38.05
N ILE S 512 155.06 162.77 38.28
CA ILE S 512 154.55 162.02 39.43
C ILE S 512 154.97 162.69 40.73
N GLU S 513 156.23 163.13 40.80
CA GLU S 513 156.71 163.80 42.02
C GLU S 513 155.95 165.09 42.28
N ALA S 514 155.67 165.87 41.24
CA ALA S 514 154.93 167.11 41.41
C ALA S 514 153.51 166.84 41.91
N ILE S 515 152.85 165.83 41.35
CA ILE S 515 151.50 165.48 41.80
C ILE S 515 151.52 165.01 43.24
N ARG S 516 152.51 164.19 43.61
CA ARG S 516 152.62 163.73 44.99
C ARG S 516 152.85 164.88 45.95
N GLU S 517 153.71 165.84 45.58
CA GLU S 517 153.95 167.00 46.43
C GLU S 517 152.69 167.85 46.56
N TYR S 518 151.96 168.03 45.46
CA TYR S 518 150.71 168.80 45.53
C TYR S 518 149.69 168.11 46.42
N GLU S 519 149.59 166.78 46.33
CA GLU S 519 148.66 166.05 47.19
C GLU S 519 149.07 166.15 48.65
N GLU S 520 150.37 166.07 48.94
CA GLU S 520 150.83 166.22 50.32
C GLU S 520 150.53 167.61 50.86
N GLU S 521 150.75 168.64 50.02
CA GLU S 521 150.45 170.00 50.45
C GLU S 521 148.95 170.18 50.70
N PHE S 522 148.11 169.61 49.83
CA PHE S 522 146.68 169.70 50.02
C PHE S 522 146.23 168.99 51.30
N PHE S 523 146.82 167.83 51.58
CA PHE S 523 146.49 167.11 52.80
C PHE S 523 146.93 167.90 54.03
N GLN S 524 148.12 168.51 53.98
CA GLN S 524 148.59 169.30 55.11
C GLN S 524 147.71 170.53 55.34
N ASN S 525 147.33 171.22 54.27
CA ASN S 525 146.49 172.41 54.35
C ASN S 525 145.33 172.25 53.38
N SER S 526 144.15 171.93 53.90
CA SER S 526 142.96 171.73 53.10
C SER S 526 141.87 172.69 53.53
N LYS S 527 141.05 173.12 52.56
CA LYS S 527 139.96 174.04 52.84
C LYS S 527 138.80 173.38 53.56
N LEU S 528 138.76 172.04 53.62
CA LEU S 528 137.69 171.33 54.29
C LEU S 528 138.09 170.80 55.66
N LEU S 529 139.37 170.51 55.88
CA LEU S 529 139.81 170.02 57.18
C LEU S 529 139.75 171.11 58.24
N LYS S 530 139.95 172.38 57.85
CA LYS S 530 139.92 173.48 58.78
C LYS S 530 138.51 173.83 59.24
N THR S 531 137.48 173.29 58.60
CA THR S 531 136.10 173.55 58.96
C THR S 531 135.57 172.58 60.02
N SER S 532 136.39 171.63 60.47
CA SER S 532 136.00 170.65 61.47
C SER S 532 134.77 169.85 61.02
N MET S 533 134.73 169.52 59.74
CA MET S 533 133.63 168.75 59.16
C MET S 533 134.06 167.38 58.67
N LEU S 534 135.34 167.03 58.79
CA LEU S 534 135.84 165.75 58.34
C LEU S 534 136.58 165.05 59.49
N LYS S 535 136.47 163.73 59.52
CA LYS S 535 137.10 162.95 60.57
C LYS S 535 138.62 162.99 60.42
N ALA S 536 139.31 163.06 61.57
CA ALA S 536 140.76 163.16 61.56
C ALA S 536 141.41 161.82 61.21
N HIS S 537 140.73 160.71 61.48
CA HIS S 537 141.28 159.39 61.23
C HIS S 537 141.05 158.90 59.81
N GLN S 538 140.35 159.69 58.97
CA GLN S 538 140.09 159.33 57.58
C GLN S 538 141.04 160.03 56.62
N VAL S 539 142.29 160.23 57.02
CA VAL S 539 143.28 160.91 56.18
C VAL S 539 144.31 159.90 55.71
N THR S 540 145.17 160.32 54.77
CA THR S 540 146.21 159.48 54.18
C THR S 540 145.64 158.20 53.58
N THR S 541 146.52 157.24 53.29
CA THR S 541 146.09 155.97 52.70
C THR S 541 146.75 154.75 53.32
N ARG S 542 147.60 154.92 54.34
CA ARG S 542 148.32 153.79 54.91
C ARG S 542 147.36 152.79 55.56
N ASN S 543 146.45 153.30 56.40
CA ASN S 543 145.52 152.42 57.09
C ASN S 543 144.58 151.72 56.11
N LEU S 544 144.08 152.47 55.12
CA LEU S 544 143.20 151.86 54.12
C LEU S 544 143.94 150.79 53.33
N SER S 545 145.18 151.06 52.93
CA SER S 545 145.96 150.07 52.19
C SER S 545 146.21 148.82 53.03
N LEU S 546 146.54 149.01 54.31
CA LEU S 546 146.78 147.86 55.18
C LEU S 546 145.51 147.04 55.35
N ALA S 547 144.37 147.70 55.55
CA ALA S 547 143.12 146.97 55.70
C ALA S 547 142.75 146.21 54.43
N VAL S 548 142.94 146.85 53.26
CA VAL S 548 142.64 146.19 52.00
C VAL S 548 143.54 144.99 51.80
N SER S 549 144.84 145.14 52.10
CA SER S 549 145.78 144.03 51.96
C SER S 549 145.41 142.87 52.89
N ASP S 550 145.06 143.17 54.13
CA ASP S 550 144.68 142.12 55.07
C ASP S 550 143.41 141.39 54.62
N CYS S 551 142.41 142.15 54.15
CA CYS S 551 141.18 141.54 53.67
C CYS S 551 141.45 140.67 52.45
N PHE S 552 142.27 141.16 51.52
CA PHE S 552 142.60 140.36 50.34
C PHE S 552 143.34 139.09 50.72
N TRP S 553 144.29 139.19 51.65
CA TRP S 553 145.03 138.02 52.07
C TRP S 553 144.13 136.98 52.74
N LYS S 554 143.24 137.42 53.63
CA LYS S 554 142.37 136.46 54.29
C LYS S 554 141.37 135.83 53.31
N MET S 555 140.83 136.63 52.38
CA MET S 555 139.88 136.07 51.43
C MET S 555 140.56 135.12 50.46
N VAL S 556 141.79 135.43 50.03
CA VAL S 556 142.49 134.51 49.13
C VAL S 556 142.92 133.25 49.87
N ARG S 557 143.25 133.36 51.16
CA ARG S 557 143.55 132.16 51.95
C ARG S 557 142.32 131.27 52.06
N GLU S 558 141.16 131.85 52.34
CA GLU S 558 139.94 131.05 52.40
C GLU S 558 139.63 130.43 51.04
N SER S 559 139.80 131.21 49.97
CA SER S 559 139.51 130.69 48.63
C SER S 559 140.44 129.53 48.27
N VAL S 560 141.73 129.65 48.58
CA VAL S 560 142.65 128.57 48.24
C VAL S 560 142.41 127.36 49.14
N GLU S 561 142.00 127.58 50.39
CA GLU S 561 141.66 126.44 51.26
C GLU S 561 140.46 125.68 50.70
N GLN S 562 139.45 126.40 50.22
CA GLN S 562 138.30 125.73 49.60
C GLN S 562 138.70 125.05 48.29
N GLN S 563 139.53 125.71 47.48
CA GLN S 563 139.89 125.16 46.18
C GLN S 563 140.79 123.95 46.29
N ALA S 564 141.58 123.83 47.36
CA ALA S 564 142.43 122.66 47.54
C ALA S 564 141.62 121.37 47.49
N ASP S 565 140.35 121.40 47.90
CA ASP S 565 139.45 120.28 47.76
C ASP S 565 138.51 120.39 46.57
N SER S 566 138.13 121.62 46.20
CA SER S 566 137.23 121.79 45.06
C SER S 566 137.86 121.30 43.77
N PHE S 567 139.13 121.63 43.53
CA PHE S 567 139.82 121.19 42.31
C PHE S 567 140.05 119.69 42.31
N LYS S 568 140.34 119.11 43.48
CA LYS S 568 140.47 117.65 43.55
C LYS S 568 139.15 116.97 43.22
N ALA S 569 138.04 117.50 43.74
CA ALA S 569 136.73 116.95 43.42
C ALA S 569 136.42 117.10 41.94
N THR S 570 136.76 118.24 41.35
CA THR S 570 136.52 118.46 39.93
C THR S 570 137.34 117.48 39.08
N ARG S 571 138.61 117.27 39.44
CA ARG S 571 139.44 116.31 38.72
C ARG S 571 138.90 114.90 38.83
N PHE S 572 138.46 114.52 40.03
CA PHE S 572 137.88 113.19 40.21
C PHE S 572 136.61 113.02 39.37
N ASN S 573 135.76 114.04 39.35
CA ASN S 573 134.54 113.97 38.56
C ASN S 573 134.86 113.88 37.07
N LEU S 574 135.85 114.65 36.60
CA LEU S 574 136.23 114.58 35.20
C LEU S 574 136.79 113.21 34.83
N GLU S 575 137.62 112.64 35.70
CA GLU S 575 138.15 111.30 35.45
C GLU S 575 137.04 110.26 35.42
N THR S 576 136.08 110.37 36.35
CA THR S 576 134.96 109.44 36.37
C THR S 576 134.11 109.57 35.11
N GLU S 577 133.88 110.80 34.65
CA GLU S 577 133.12 111.02 33.43
C GLU S 577 133.84 110.42 32.22
N TRP S 578 135.15 110.63 32.14
CA TRP S 578 135.92 110.08 31.03
C TRP S 578 135.89 108.56 31.04
N LYS S 579 136.04 107.96 32.22
CA LYS S 579 135.99 106.49 32.31
C LYS S 579 134.61 105.96 31.96
N ASN S 580 133.54 106.63 32.40
CA ASN S 580 132.20 106.14 32.15
C ASN S 580 131.82 106.28 30.68
N ASN S 581 132.17 107.40 30.05
CA ASN S 581 131.85 107.59 28.64
C ASN S 581 132.63 106.63 27.75
N TYR S 582 133.86 106.27 28.16
CA TYR S 582 134.72 105.39 27.40
C TYR S 582 135.23 104.28 28.31
N PRO S 583 134.38 103.29 28.61
CA PRO S 583 134.82 102.18 29.47
C PRO S 583 135.99 101.39 28.89
N ARG S 584 136.06 101.26 27.57
CA ARG S 584 137.11 100.49 26.92
C ARG S 584 138.20 101.36 26.30
N LEU S 585 138.13 102.67 26.51
CA LEU S 585 139.12 103.60 25.97
C LEU S 585 139.67 104.47 27.09
N ARG S 586 140.99 104.57 27.16
CA ARG S 586 141.65 105.38 28.17
C ARG S 586 141.86 106.79 27.62
N GLU S 587 142.66 107.59 28.34
CA GLU S 587 142.92 108.97 27.91
C GLU S 587 143.56 109.00 26.53
N LEU S 588 143.03 109.86 25.66
CA LEU S 588 143.50 110.00 24.28
C LEU S 588 143.72 111.49 24.01
N ASP S 589 144.93 111.96 24.28
CA ASP S 589 145.27 113.36 24.05
C ASP S 589 145.78 113.54 22.62
N ARG S 590 146.24 114.75 22.31
CA ARG S 590 146.68 115.06 20.95
C ARG S 590 147.89 114.23 20.55
N ASN S 591 148.87 114.10 21.46
CA ASN S 591 150.10 113.40 21.12
C ASN S 591 149.85 111.92 20.86
N GLU S 592 149.14 111.25 21.76
CA GLU S 592 148.89 109.82 21.60
C GLU S 592 148.03 109.54 20.37
N LEU S 593 147.00 110.37 20.14
CA LEU S 593 146.15 110.17 18.98
C LEU S 593 146.92 110.42 17.68
N PHE S 594 147.77 111.43 17.66
CA PHE S 594 148.59 111.68 16.47
C PHE S 594 149.56 110.53 16.21
N GLU S 595 150.18 110.00 17.26
CA GLU S 595 151.07 108.86 17.09
C GLU S 595 150.32 107.63 16.60
N LYS S 596 149.11 107.40 17.12
CA LYS S 596 148.31 106.27 16.67
C LYS S 596 147.90 106.44 15.21
N ALA S 597 147.55 107.66 14.81
CA ALA S 597 147.22 107.91 13.41
C ALA S 597 148.42 107.68 12.50
N LYS S 598 149.59 108.13 12.93
CA LYS S 598 150.81 107.90 12.16
C LYS S 598 151.10 106.40 12.02
N ASN S 599 150.95 105.67 13.12
CA ASN S 599 151.17 104.22 13.08
C ASN S 599 150.17 103.53 12.16
N GLU S 600 148.91 103.95 12.20
CA GLU S 600 147.89 103.38 11.32
C GLU S 600 148.20 103.68 9.85
N ILE S 601 148.67 104.90 9.56
CA ILE S 601 149.05 105.25 8.19
C ILE S 601 150.21 104.39 7.74
N LEU S 602 151.20 104.19 8.61
CA LEU S 602 152.34 103.35 8.26
C LEU S 602 151.91 101.91 8.01
N ASP S 603 151.00 101.38 8.84
CA ASP S 603 150.51 100.02 8.64
C ASP S 603 149.74 99.91 7.33
N GLU S 604 148.92 100.91 7.01
CA GLU S 604 148.20 100.90 5.74
C GLU S 604 149.15 100.94 4.55
N VAL S 605 150.20 101.76 4.64
CA VAL S 605 151.19 101.81 3.56
C VAL S 605 151.90 100.46 3.42
N ILE S 606 152.23 99.83 4.55
CA ILE S 606 152.88 98.53 4.52
C ILE S 606 151.98 97.49 3.85
N SER S 607 150.69 97.50 4.23
CA SER S 607 149.75 96.56 3.64
C SER S 607 149.59 96.81 2.14
N LEU S 608 149.55 98.09 1.74
CA LEU S 608 149.47 98.43 0.32
C LEU S 608 150.69 97.91 -0.43
N SER S 609 151.88 98.07 0.15
CA SER S 609 153.10 97.59 -0.51
C SER S 609 153.19 96.07 -0.52
N GLN S 610 152.50 95.41 0.41
CA GLN S 610 152.57 93.95 0.54
C GLN S 610 151.56 93.22 -0.34
N VAL S 611 150.71 93.95 -1.06
CA VAL S 611 149.74 93.29 -1.94
C VAL S 611 150.47 92.63 -3.10
N THR S 612 150.01 91.43 -3.48
CA THR S 612 150.63 90.68 -4.56
C THR S 612 150.54 91.47 -5.87
N PRO S 613 151.66 91.63 -6.59
CA PRO S 613 151.61 92.40 -7.85
C PRO S 613 150.68 91.79 -8.90
N LYS S 614 150.46 90.48 -8.85
CA LYS S 614 149.62 89.84 -9.86
C LYS S 614 148.19 90.36 -9.80
N HIS S 615 147.65 90.53 -8.59
CA HIS S 615 146.31 91.08 -8.45
C HIS S 615 146.24 92.51 -8.98
N TRP S 616 147.27 93.32 -8.70
CA TRP S 616 147.33 94.66 -9.25
C TRP S 616 147.32 94.65 -10.78
N GLU S 617 148.13 93.75 -11.37
CA GLU S 617 148.18 93.68 -12.83
C GLU S 617 146.84 93.27 -13.40
N GLU S 618 146.18 92.28 -12.79
CA GLU S 618 144.87 91.85 -13.27
C GLU S 618 143.84 92.96 -13.17
N ILE S 619 143.82 93.66 -12.04
CA ILE S 619 142.84 94.73 -11.84
C ILE S 619 143.08 95.85 -12.84
N LEU S 620 144.34 96.25 -13.02
CA LEU S 620 144.67 97.32 -13.96
C LEU S 620 144.31 96.93 -15.38
N GLN S 621 144.62 95.70 -15.78
CA GLN S 621 144.30 95.25 -17.13
C GLN S 621 142.79 95.25 -17.35
N GLN S 622 142.03 94.72 -16.39
CA GLN S 622 140.58 94.67 -16.54
C GLN S 622 139.99 96.08 -16.61
N SER S 623 140.43 96.97 -15.72
CA SER S 623 139.90 98.33 -15.72
C SER S 623 140.24 99.06 -17.00
N LEU S 624 141.48 98.93 -17.47
CA LEU S 624 141.89 99.60 -18.70
C LEU S 624 141.12 99.06 -19.90
N TRP S 625 140.94 97.74 -19.97
CA TRP S 625 140.19 97.16 -21.08
C TRP S 625 138.75 97.64 -21.06
N GLU S 626 138.11 97.65 -19.89
CA GLU S 626 136.74 98.13 -19.80
C GLU S 626 136.64 99.61 -20.18
N ARG S 627 137.68 100.39 -19.87
CA ARG S 627 137.65 101.80 -20.17
C ARG S 627 137.85 102.07 -21.66
N VAL S 628 138.74 101.33 -22.31
CA VAL S 628 139.12 101.63 -23.69
C VAL S 628 138.41 100.75 -24.70
N SER S 629 137.51 99.86 -24.26
CA SER S 629 136.79 99.04 -25.21
C SER S 629 135.98 99.88 -26.19
N THR S 630 135.23 100.86 -25.67
CA THR S 630 134.43 101.72 -26.54
C THR S 630 135.31 102.56 -27.46
N HIS S 631 136.42 103.08 -26.93
CA HIS S 631 137.33 103.88 -27.74
C HIS S 631 137.92 103.05 -28.88
N VAL S 632 138.35 101.82 -28.57
CA VAL S 632 138.91 100.96 -29.60
C VAL S 632 137.86 100.63 -30.65
N ILE S 633 136.63 100.32 -30.20
CA ILE S 633 135.57 99.97 -31.15
C ILE S 633 135.30 101.15 -32.09
N GLU S 634 135.08 102.33 -31.52
CA GLU S 634 134.72 103.50 -32.31
C GLU S 634 135.88 104.04 -33.13
N ASN S 635 137.12 103.67 -32.81
CA ASN S 635 138.27 104.10 -33.59
C ASN S 635 138.77 103.06 -34.59
N ILE S 636 138.28 101.83 -34.50
CA ILE S 636 138.72 100.77 -35.42
C ILE S 636 137.57 100.33 -36.31
N TYR S 637 136.48 99.84 -35.71
CA TYR S 637 135.41 99.27 -36.52
C TYR S 637 134.59 100.33 -37.23
N LEU S 638 134.43 101.51 -36.63
CA LEU S 638 133.65 102.57 -37.27
C LEU S 638 134.24 103.01 -38.60
N PRO S 639 135.55 103.28 -38.72
CA PRO S 639 136.08 103.60 -40.07
C PRO S 639 136.14 102.38 -40.97
N ALA S 640 136.58 101.24 -40.45
CA ALA S 640 136.71 100.02 -41.24
C ALA S 640 135.45 99.15 -41.08
N ALA S 641 134.31 99.73 -41.46
CA ALA S 641 133.02 99.06 -41.34
C ALA S 641 132.63 98.27 -42.57
N GLN S 642 133.39 98.37 -43.66
CA GLN S 642 133.06 97.67 -44.91
C GLN S 642 134.25 96.90 -45.47
N THR S 643 135.26 96.63 -44.66
CA THR S 643 136.42 95.88 -45.13
C THR S 643 136.03 94.41 -45.37
N MET S 644 136.54 93.87 -46.47
CA MET S 644 136.28 92.47 -46.85
C MET S 644 137.48 91.56 -46.58
N ASN S 645 138.67 91.98 -47.00
CA ASN S 645 139.87 91.19 -46.77
C ASN S 645 140.35 91.35 -45.34
N SER S 646 140.74 90.22 -44.73
CA SER S 646 141.23 90.26 -43.36
C SER S 646 142.58 90.98 -43.26
N GLY S 647 143.39 90.90 -44.32
CA GLY S 647 144.68 91.55 -44.29
C GLY S 647 144.57 93.06 -44.21
N THR S 648 143.66 93.65 -44.98
CA THR S 648 143.44 95.09 -44.91
C THR S 648 142.95 95.52 -43.53
N PHE S 649 142.04 94.74 -42.94
CA PHE S 649 141.55 95.04 -41.60
C PHE S 649 142.69 94.97 -40.58
N ASN S 650 143.54 93.95 -40.68
CA ASN S 650 144.67 93.84 -39.76
C ASN S 650 145.64 95.00 -39.93
N THR S 651 145.89 95.41 -41.17
CA THR S 651 146.78 96.56 -41.42
C THR S 651 146.20 97.82 -40.82
N THR S 652 144.89 98.04 -41.00
CA THR S 652 144.24 99.22 -40.43
C THR S 652 144.31 99.18 -38.90
N VAL S 653 144.10 98.01 -38.31
CA VAL S 653 144.20 97.87 -36.85
C VAL S 653 145.59 98.22 -36.37
N ASP S 654 146.62 97.71 -37.06
CA ASP S 654 148.00 98.00 -36.68
C ASP S 654 148.30 99.50 -36.81
N ILE S 655 147.82 100.13 -37.88
CA ILE S 655 148.04 101.56 -38.08
C ILE S 655 147.39 102.35 -36.95
N LYS S 656 146.15 102.01 -36.62
CA LYS S 656 145.44 102.72 -35.55
C LYS S 656 146.13 102.52 -34.20
N LEU S 657 146.58 101.30 -33.93
CA LEU S 657 147.27 101.03 -32.67
C LEU S 657 148.58 101.82 -32.58
N LYS S 658 149.34 101.86 -33.68
CA LYS S 658 150.59 102.62 -33.67
C LYS S 658 150.32 104.11 -33.48
N GLN S 659 149.30 104.64 -34.16
CA GLN S 659 148.96 106.05 -34.00
C GLN S 659 148.54 106.35 -32.56
N TRP S 660 147.73 105.47 -31.96
CA TRP S 660 147.31 105.69 -30.58
C TRP S 660 148.50 105.64 -29.62
N THR S 661 149.41 104.67 -29.82
CA THR S 661 150.59 104.58 -28.96
C THR S 661 151.45 105.83 -29.10
N ASP S 662 151.60 106.34 -30.32
CA ASP S 662 152.43 107.52 -30.52
C ASP S 662 151.78 108.78 -29.95
N LYS S 663 150.46 108.91 -30.06
CA LYS S 663 149.82 110.18 -29.74
C LYS S 663 149.57 110.36 -28.25
N GLN S 664 148.70 109.53 -27.66
CA GLN S 664 148.27 109.78 -26.29
C GLN S 664 148.08 108.53 -25.43
N LEU S 665 148.39 107.34 -25.95
CA LEU S 665 148.15 106.12 -25.16
C LEU S 665 148.95 106.09 -23.86
N PRO S 666 150.25 106.41 -23.83
CA PRO S 666 150.95 106.44 -22.53
C PRO S 666 150.33 107.41 -21.54
N ASN S 667 149.87 108.57 -22.00
CA ASN S 667 149.24 109.53 -21.10
C ASN S 667 147.95 108.98 -20.52
N LYS S 668 147.13 108.33 -21.36
CA LYS S 668 145.90 107.72 -20.88
C LYS S 668 146.18 106.61 -19.89
N ALA S 669 147.21 105.78 -20.16
CA ALA S 669 147.57 104.71 -19.24
C ALA S 669 148.03 105.27 -17.90
N VAL S 670 148.83 106.34 -17.92
CA VAL S 670 149.30 106.95 -16.70
C VAL S 670 148.13 107.52 -15.91
N GLU S 671 147.20 108.19 -16.59
CA GLU S 671 146.02 108.74 -15.92
C GLU S 671 145.17 107.64 -15.31
N VAL S 672 144.96 106.53 -16.03
CA VAL S 672 144.17 105.43 -15.51
C VAL S 672 144.85 104.81 -14.29
N ALA S 673 146.16 104.61 -14.35
CA ALA S 673 146.88 104.05 -13.22
C ALA S 673 146.80 104.97 -12.01
N TRP S 674 146.95 106.27 -12.21
CA TRP S 674 146.86 107.22 -11.10
C TRP S 674 145.47 107.24 -10.51
N GLU S 675 144.43 107.18 -11.35
CA GLU S 675 143.06 107.15 -10.85
C GLU S 675 142.80 105.88 -10.05
N THR S 676 143.29 104.74 -10.53
CA THR S 676 143.12 103.50 -9.79
C THR S 676 143.85 103.53 -8.45
N LEU S 677 145.06 104.10 -8.43
CA LEU S 677 145.79 104.22 -7.18
C LEU S 677 145.04 105.13 -6.20
N GLN S 678 144.49 106.24 -6.70
CA GLN S 678 143.70 107.13 -5.86
C GLN S 678 142.47 106.42 -5.30
N GLU S 679 141.79 105.64 -6.15
CA GLU S 679 140.61 104.91 -5.68
C GLU S 679 140.97 103.89 -4.61
N GLU S 680 142.07 103.16 -4.80
CA GLU S 680 142.50 102.20 -3.80
C GLU S 680 142.88 102.89 -2.50
N PHE S 681 143.59 104.02 -2.58
CA PHE S 681 143.96 104.75 -1.38
C PHE S 681 142.73 105.26 -0.64
N SER S 682 141.74 105.79 -1.38
CA SER S 682 140.53 106.28 -0.76
C SER S 682 139.74 105.15 -0.10
N ARG S 683 139.66 103.99 -0.76
CA ARG S 683 138.95 102.86 -0.16
C ARG S 683 139.65 102.37 1.09
N PHE S 684 140.99 102.35 1.08
CA PHE S 684 141.72 101.94 2.27
C PHE S 684 141.54 102.94 3.40
N MET S 685 141.55 104.24 3.08
CA MET S 685 141.35 105.26 4.11
C MET S 685 139.95 105.19 4.71
N THR S 686 138.93 104.97 3.86
CA THR S 686 137.55 104.88 4.30
C THR S 686 137.11 103.43 4.14
N GLU S 687 137.34 102.63 5.18
CA GLU S 687 137.01 101.21 5.18
C GLU S 687 136.17 100.92 6.42
N PRO S 688 134.85 101.13 6.33
CA PRO S 688 133.98 100.97 7.50
C PRO S 688 133.66 99.51 7.82
N LYS S 689 134.71 98.69 7.92
CA LYS S 689 134.53 97.30 8.33
C LYS S 689 134.05 97.22 9.77
N GLY S 690 134.57 98.07 10.65
CA GLY S 690 134.13 98.07 12.02
C GLY S 690 132.72 98.62 12.17
N LYS S 691 132.04 98.16 13.21
CA LYS S 691 130.66 98.57 13.45
C LYS S 691 130.56 100.02 13.92
N GLU S 692 131.64 100.59 14.46
CA GLU S 692 131.60 101.97 14.94
C GLU S 692 132.05 102.93 13.85
N HIS S 693 133.28 102.77 13.37
CA HIS S 693 133.86 103.61 12.31
C HIS S 693 133.70 105.09 12.64
N ASP S 694 134.35 105.50 13.73
CA ASP S 694 134.32 106.88 14.17
C ASP S 694 134.83 107.81 13.08
N ASP S 695 134.08 108.89 12.84
CA ASP S 695 134.41 109.83 11.78
C ASP S 695 135.49 110.82 12.16
N ILE S 696 135.84 110.92 13.45
CA ILE S 696 136.89 111.86 13.87
C ILE S 696 138.21 111.48 13.22
N PHE S 697 138.56 110.19 13.22
CA PHE S 697 139.77 109.75 12.54
C PHE S 697 139.58 109.75 11.03
N ASP S 698 138.36 109.52 10.56
CA ASP S 698 138.10 109.46 9.13
C ASP S 698 138.33 110.82 8.47
N LYS S 699 137.93 111.91 9.13
CA LYS S 699 138.16 113.24 8.57
C LYS S 699 139.64 113.54 8.44
N LEU S 700 140.43 113.20 9.47
CA LEU S 700 141.86 113.39 9.40
C LEU S 700 142.49 112.53 8.30
N LYS S 701 142.04 111.29 8.16
CA LYS S 701 142.55 110.42 7.11
C LYS S 701 142.25 110.99 5.73
N GLU S 702 141.03 111.49 5.53
CA GLU S 702 140.67 112.09 4.25
C GLU S 702 141.49 113.35 3.98
N ALA S 703 141.72 114.17 5.00
CA ALA S 703 142.54 115.37 4.82
C ALA S 703 143.97 115.00 4.43
N VAL S 704 144.54 113.99 5.10
CA VAL S 704 145.89 113.55 4.78
C VAL S 704 145.94 112.98 3.36
N LYS S 705 144.92 112.22 2.97
CA LYS S 705 144.88 111.68 1.62
C LYS S 705 144.81 112.79 0.58
N GLU S 706 143.99 113.82 0.82
CA GLU S 706 143.91 114.93 -0.12
C GLU S 706 145.23 115.68 -0.20
N GLU S 707 145.88 115.89 0.95
CA GLU S 707 147.18 116.58 0.94
C GLU S 707 148.23 115.77 0.18
N SER S 708 148.24 114.46 0.38
CA SER S 708 149.19 113.61 -0.34
C SER S 708 148.91 113.61 -1.84
N ILE S 709 147.63 113.58 -2.22
CA ILE S 709 147.27 113.60 -3.64
C ILE S 709 147.71 114.92 -4.28
N LYS S 710 147.47 116.03 -3.59
CA LYS S 710 147.86 117.33 -4.13
C LYS S 710 149.38 117.48 -4.18
N ARG S 711 150.09 116.89 -3.22
CA ARG S 711 151.54 117.01 -3.16
C ARG S 711 152.26 115.98 -4.03
N HIS S 712 151.54 114.99 -4.55
CA HIS S 712 152.16 113.94 -5.34
C HIS S 712 152.72 114.51 -6.65
N LYS S 713 153.86 113.97 -7.08
CA LYS S 713 154.54 114.41 -8.29
C LYS S 713 154.79 113.21 -9.19
N TRP S 714 154.98 113.48 -10.48
CA TRP S 714 155.24 112.46 -11.47
C TRP S 714 156.51 112.79 -12.24
N ASN S 715 157.17 111.74 -12.74
CA ASN S 715 158.44 111.87 -13.45
C ASN S 715 158.21 111.60 -14.93
N ASP S 716 158.71 112.52 -15.78
CA ASP S 716 158.55 112.34 -17.22
C ASP S 716 159.41 111.19 -17.75
N PHE S 717 160.50 110.86 -17.05
CA PHE S 717 161.30 109.71 -17.45
C PHE S 717 160.51 108.42 -17.36
N ALA S 718 159.67 108.29 -16.34
CA ALA S 718 158.78 107.13 -16.25
C ALA S 718 157.81 107.09 -17.42
N GLU S 719 157.27 108.25 -17.82
CA GLU S 719 156.37 108.29 -18.97
C GLU S 719 157.10 107.87 -20.24
N ASP S 720 158.33 108.35 -20.44
CA ASP S 720 159.08 107.97 -21.63
C ASP S 720 159.39 106.47 -21.64
N SER S 721 159.76 105.92 -20.48
CA SER S 721 160.01 104.49 -20.40
C SER S 721 158.75 103.69 -20.68
N LEU S 722 157.61 104.15 -20.17
CA LEU S 722 156.34 103.48 -20.44
C LEU S 722 156.01 103.51 -21.92
N ARG S 723 156.23 104.67 -22.57
CA ARG S 723 155.98 104.77 -24.00
C ARG S 723 156.88 103.82 -24.79
N VAL S 724 158.16 103.76 -24.42
CA VAL S 724 159.10 102.89 -25.12
C VAL S 724 158.70 101.43 -24.95
N ILE S 725 158.32 101.03 -23.73
CA ILE S 725 157.95 99.64 -23.49
C ILE S 725 156.65 99.30 -24.20
N GLN S 726 155.70 100.24 -24.23
CA GLN S 726 154.46 100.00 -24.95
C GLN S 726 154.71 99.82 -26.45
N HIS S 727 155.60 100.63 -27.02
CA HIS S 727 155.95 100.46 -28.43
C HIS S 727 156.68 99.15 -28.68
N ASN S 728 157.55 98.74 -27.76
CA ASN S 728 158.31 97.50 -27.95
C ASN S 728 157.48 96.25 -27.69
N ALA S 729 156.35 96.39 -26.98
CA ALA S 729 155.53 95.24 -26.64
C ALA S 729 154.76 94.72 -27.84
N LEU S 730 155.47 94.15 -28.82
CA LEU S 730 154.87 93.55 -30.00
C LEU S 730 155.52 92.18 -30.26
N GLU S 731 155.64 91.38 -29.20
CA GLU S 731 156.38 90.13 -29.25
C GLU S 731 155.58 88.99 -29.89
N ASP S 732 154.45 88.64 -29.30
CA ASP S 732 153.66 87.50 -29.76
C ASP S 732 152.52 87.97 -30.66
N ARG S 733 152.29 87.23 -31.75
CA ARG S 733 151.25 87.57 -32.70
C ARG S 733 150.39 86.39 -33.13
N SER S 734 150.65 85.18 -32.63
CA SER S 734 149.88 84.02 -33.02
C SER S 734 149.69 83.10 -31.81
N ILE S 735 148.65 82.28 -31.88
CA ILE S 735 148.33 81.33 -30.82
C ILE S 735 148.68 79.92 -31.30
N SER S 736 149.52 79.23 -30.54
CA SER S 736 149.91 77.85 -30.84
C SER S 736 149.41 76.87 -29.79
N ASP S 737 148.52 77.31 -28.89
CA ASP S 737 148.01 76.48 -27.82
C ASP S 737 146.50 76.38 -27.93
N LYS S 738 145.98 75.15 -27.83
CA LYS S 738 144.54 74.95 -27.86
C LYS S 738 143.86 75.59 -26.66
N GLN S 739 144.47 75.47 -25.48
CA GLN S 739 143.89 76.06 -24.28
C GLN S 739 143.87 77.59 -24.37
N GLN S 740 144.95 78.20 -24.86
CA GLN S 740 144.97 79.64 -25.04
C GLN S 740 143.94 80.07 -26.08
N TRP S 741 143.78 79.29 -27.15
CA TRP S 741 142.77 79.59 -28.16
C TRP S 741 141.37 79.55 -27.55
N ASP S 742 141.09 78.54 -26.72
CA ASP S 742 139.79 78.45 -26.08
C ASP S 742 139.56 79.61 -25.10
N ALA S 743 140.60 80.00 -24.36
CA ALA S 743 140.47 81.13 -23.45
C ALA S 743 140.19 82.42 -24.21
N ALA S 744 140.88 82.63 -25.33
CA ALA S 744 140.63 83.81 -26.15
C ALA S 744 139.22 83.77 -26.71
N ILE S 745 138.75 82.60 -27.14
CA ILE S 745 137.38 82.47 -27.64
C ILE S 745 136.38 82.82 -26.55
N TYR S 746 136.60 82.34 -25.33
CA TYR S 746 135.68 82.64 -24.24
C TYR S 746 135.67 84.12 -23.90
N PHE S 747 136.85 84.75 -23.88
CA PHE S 747 136.92 86.19 -23.60
C PHE S 747 136.21 86.99 -24.68
N MET S 748 136.44 86.63 -25.95
CA MET S 748 135.77 87.32 -27.05
C MET S 748 134.27 87.11 -26.99
N GLU S 749 133.82 85.91 -26.63
CA GLU S 749 132.40 85.64 -26.49
C GLU S 749 131.79 86.48 -25.37
N GLU S 750 132.49 86.61 -24.24
CA GLU S 750 132.01 87.46 -23.16
C GLU S 750 131.90 88.90 -23.59
N ALA S 751 132.91 89.41 -24.28
CA ALA S 751 132.88 90.80 -24.74
C ALA S 751 131.75 91.02 -25.74
N LEU S 752 131.55 90.08 -26.67
CA LEU S 752 130.49 90.24 -27.65
C LEU S 752 129.12 90.12 -27.02
N GLN S 753 128.97 89.26 -26.00
CA GLN S 753 127.70 89.17 -25.28
C GLN S 753 127.42 90.47 -24.54
N ALA S 754 128.43 91.08 -23.93
CA ALA S 754 128.24 92.37 -23.27
C ALA S 754 127.82 93.44 -24.28
N ARG S 755 128.48 93.45 -25.44
CA ARG S 755 128.11 94.41 -26.48
C ARG S 755 126.68 94.17 -26.97
N LEU S 756 126.29 92.91 -27.12
CA LEU S 756 124.93 92.59 -27.55
C LEU S 756 123.92 93.03 -26.51
N LYS S 757 124.22 92.83 -25.23
CA LYS S 757 123.32 93.30 -24.18
C LYS S 757 123.19 94.81 -24.19
N ASP S 758 124.31 95.53 -24.38
CA ASP S 758 124.24 96.99 -24.47
C ASP S 758 123.40 97.43 -25.67
N THR S 759 123.58 96.77 -26.82
CA THR S 759 122.79 97.11 -27.99
C THR S 759 121.30 96.82 -27.77
N GLU S 760 120.99 95.71 -27.11
CA GLU S 760 119.60 95.38 -26.80
C GLU S 760 119.00 96.42 -25.87
N ASN S 761 119.75 96.87 -24.86
CA ASN S 761 119.27 97.91 -23.96
C ASN S 761 119.02 99.22 -24.72
N ALA S 762 119.93 99.58 -25.62
CA ALA S 762 119.74 100.79 -26.41
C ALA S 762 118.50 100.68 -27.30
N ILE S 763 118.31 99.53 -27.94
CA ILE S 763 117.15 99.33 -28.79
C ILE S 763 115.86 99.39 -27.99
N GLU S 764 115.85 98.77 -26.80
CA GLU S 764 114.67 98.82 -25.96
C GLU S 764 114.37 100.24 -25.49
N ASN S 765 115.41 101.01 -25.16
CA ASN S 765 115.19 102.41 -24.80
C ASN S 765 114.62 103.20 -25.97
N MET S 766 115.14 102.94 -27.19
CA MET S 766 114.64 103.65 -28.36
C MET S 766 113.20 103.30 -28.69
N VAL S 767 112.83 102.03 -28.55
CA VAL S 767 111.52 101.56 -29.00
C VAL S 767 110.66 101.16 -27.82
N GLY S 768 111.09 100.14 -27.07
CA GLY S 768 110.30 99.62 -25.98
C GLY S 768 110.09 98.12 -26.06
N PRO S 769 108.94 97.65 -25.59
CA PRO S 769 108.66 96.20 -25.66
C PRO S 769 108.63 95.70 -27.09
N ASP S 770 109.17 94.50 -27.29
CA ASP S 770 109.28 93.90 -28.61
C ASP S 770 108.84 92.43 -28.55
N TRP S 771 108.14 92.00 -29.60
CA TRP S 771 107.75 90.59 -29.78
C TRP S 771 106.90 90.16 -28.61
N LYS S 772 107.30 89.16 -27.82
CA LYS S 772 106.49 88.62 -26.74
C LYS S 772 106.19 89.68 -25.68
N LYS S 773 107.18 90.51 -25.37
CA LYS S 773 106.97 91.57 -24.39
C LYS S 773 105.91 92.57 -24.86
N ARG S 774 105.94 92.92 -26.15
CA ARG S 774 104.97 93.87 -26.68
C ARG S 774 103.57 93.26 -26.77
N TRP S 775 103.47 92.02 -27.24
CA TRP S 775 102.18 91.39 -27.46
C TRP S 775 101.64 90.68 -26.23
N LEU S 776 102.36 90.71 -25.10
CA LEU S 776 101.85 90.09 -23.88
C LEU S 776 100.58 90.79 -23.40
N TYR S 777 100.57 92.12 -23.43
CA TYR S 777 99.38 92.86 -23.03
C TYR S 777 98.30 92.78 -24.09
N TRP S 778 98.68 92.88 -25.37
CA TRP S 778 97.82 92.79 -26.55
C TRP S 778 96.87 93.98 -26.66
N LYS S 779 96.88 94.90 -25.71
CA LYS S 779 96.02 96.08 -25.74
C LYS S 779 96.76 97.39 -25.61
N ASN S 780 98.07 97.36 -25.39
CA ASN S 780 98.90 98.56 -25.24
C ASN S 780 99.68 98.79 -26.53
N ARG S 781 99.35 99.86 -27.24
CA ARG S 781 100.03 100.20 -28.49
C ARG S 781 100.25 101.70 -28.54
N THR S 782 101.39 102.09 -29.08
CA THR S 782 101.77 103.49 -29.24
C THR S 782 102.20 103.72 -30.68
N GLN S 783 101.81 104.86 -31.24
CA GLN S 783 102.15 105.16 -32.63
C GLN S 783 103.66 105.31 -32.81
N GLU S 784 104.34 105.87 -31.82
CA GLU S 784 105.79 106.07 -31.93
C GLU S 784 106.52 104.73 -31.99
N GLN S 785 106.19 103.80 -31.09
CA GLN S 785 106.81 102.48 -31.13
C GLN S 785 106.33 101.65 -32.30
N CYS S 786 105.10 101.87 -32.78
CA CYS S 786 104.62 101.16 -33.96
C CYS S 786 105.44 101.53 -35.19
N VAL S 787 105.78 102.81 -35.33
CA VAL S 787 106.61 103.26 -36.45
C VAL S 787 107.98 102.60 -36.39
N HIS S 788 108.57 102.55 -35.19
CA HIS S 788 109.87 101.91 -35.04
C HIS S 788 109.79 100.41 -35.36
N ASN S 789 108.72 99.75 -34.92
CA ASN S 789 108.54 98.34 -35.22
C ASN S 789 108.40 98.10 -36.72
N GLU S 790 107.63 98.95 -37.41
CA GLU S 790 107.48 98.82 -38.85
C GLU S 790 108.81 99.03 -39.56
N THR S 791 109.59 100.04 -39.13
CA THR S 791 110.90 100.26 -39.73
C THR S 791 111.82 99.07 -39.51
N LYS S 792 111.80 98.50 -38.29
CA LYS S 792 112.62 97.33 -38.00
C LYS S 792 112.22 96.15 -38.87
N ASN S 793 110.91 95.93 -39.04
CA ASN S 793 110.46 94.84 -39.89
C ASN S 793 110.87 95.05 -41.34
N GLU S 794 110.75 96.29 -41.83
CA GLU S 794 111.16 96.58 -43.21
C GLU S 794 112.65 96.34 -43.40
N LEU S 795 113.47 96.78 -42.44
CA LEU S 795 114.91 96.57 -42.55
C LEU S 795 115.26 95.09 -42.45
N GLU S 796 114.56 94.33 -41.60
CA GLU S 796 114.80 92.90 -41.53
C GLU S 796 114.45 92.21 -42.83
N LYS S 797 113.33 92.61 -43.46
CA LYS S 797 112.97 92.04 -44.75
C LYS S 797 113.99 92.41 -45.82
N MET S 798 114.50 93.64 -45.78
CA MET S 798 115.53 94.05 -46.73
C MET S 798 116.80 93.23 -46.56
N LEU S 799 117.21 92.98 -45.32
CA LEU S 799 118.36 92.12 -45.08
C LEU S 799 118.12 90.69 -45.54
N LYS S 800 116.90 90.18 -45.32
CA LYS S 800 116.57 88.84 -45.79
C LYS S 800 116.66 88.75 -47.31
N CYS S 801 116.17 89.79 -48.01
CA CYS S 801 116.28 89.81 -49.46
C CYS S 801 117.70 90.13 -49.92
N ASN S 802 118.38 91.03 -49.21
CA ASN S 802 119.74 91.47 -49.56
C ASN S 802 120.59 91.41 -48.30
N GLU S 803 121.33 90.31 -48.12
CA GLU S 803 122.14 90.15 -46.91
C GLU S 803 123.25 91.19 -46.84
N GLU S 804 123.90 91.48 -47.96
CA GLU S 804 125.01 92.42 -48.01
C GLU S 804 124.53 93.77 -48.53
N HIS S 805 124.80 94.82 -47.77
CA HIS S 805 124.40 96.17 -48.12
C HIS S 805 125.44 97.14 -47.61
N PRO S 806 125.78 98.18 -48.37
CA PRO S 806 126.73 99.18 -47.87
C PRO S 806 126.17 99.94 -46.68
N ALA S 807 127.08 100.38 -45.81
CA ALA S 807 126.67 101.08 -44.60
C ALA S 807 125.96 102.40 -44.93
N TYR S 808 126.48 103.14 -45.91
CA TYR S 808 125.87 104.40 -46.30
C TYR S 808 124.58 104.14 -47.07
N LEU S 809 123.71 105.15 -47.06
CA LEU S 809 122.41 105.09 -47.75
C LEU S 809 122.42 106.12 -48.87
N ALA S 810 122.16 105.66 -50.09
CA ALA S 810 122.09 106.54 -51.24
C ALA S 810 120.73 107.24 -51.27
N SER S 811 120.64 108.30 -52.08
CA SER S 811 119.42 109.08 -52.17
C SER S 811 118.25 108.25 -52.69
N ASP S 812 118.49 107.45 -53.73
CA ASP S 812 117.41 106.64 -54.28
C ASP S 812 116.92 105.59 -53.30
N GLU S 813 117.84 105.00 -52.53
CA GLU S 813 117.45 104.03 -51.51
C GLU S 813 116.58 104.67 -50.44
N ILE S 814 116.96 105.87 -49.98
CA ILE S 814 116.17 106.58 -48.98
C ILE S 814 114.80 106.93 -49.54
N THR S 815 114.75 107.38 -50.80
CA THR S 815 113.47 107.72 -51.41
C THR S 815 112.58 106.48 -51.53
N THR S 816 113.14 105.35 -51.93
CA THR S 816 112.36 104.12 -52.03
C THR S 816 111.84 103.68 -50.67
N VAL S 817 112.69 103.76 -49.64
CA VAL S 817 112.26 103.37 -48.29
C VAL S 817 111.14 104.28 -47.81
N ARG S 818 111.28 105.59 -48.04
CA ARG S 818 110.24 106.53 -47.62
C ARG S 818 108.94 106.28 -48.36
N LYS S 819 109.01 105.99 -49.66
CA LYS S 819 107.80 105.68 -50.42
C LYS S 819 107.14 104.40 -49.92
N ASN S 820 107.93 103.38 -49.61
CA ASN S 820 107.37 102.15 -49.07
C ASN S 820 106.69 102.40 -47.72
N LEU S 821 107.31 103.22 -46.88
CA LEU S 821 106.71 103.54 -45.59
C LEU S 821 105.41 104.33 -45.76
N GLU S 822 105.40 105.29 -46.69
CA GLU S 822 104.21 106.12 -46.89
C GLU S 822 103.12 105.40 -47.68
N SER S 823 103.43 104.25 -48.30
CA SER S 823 102.41 103.49 -48.99
C SER S 823 101.30 103.05 -48.03
N ARG S 824 101.68 102.62 -46.83
CA ARG S 824 100.72 102.24 -45.81
C ARG S 824 100.32 103.39 -44.90
N GLY S 825 100.88 104.58 -45.11
CA GLY S 825 100.50 105.74 -44.33
C GLY S 825 101.42 106.03 -43.15
N VAL S 826 102.72 105.84 -43.35
CA VAL S 826 103.72 106.10 -42.31
C VAL S 826 104.75 107.08 -42.87
N GLU S 827 104.91 108.21 -42.19
CA GLU S 827 105.89 109.23 -42.57
C GLU S 827 106.96 109.29 -41.49
N VAL S 828 108.21 109.07 -41.88
CA VAL S 828 109.34 109.02 -40.96
C VAL S 828 110.41 109.98 -41.44
N ASP S 829 110.98 110.76 -40.52
CA ASP S 829 112.03 111.69 -40.87
C ASP S 829 113.29 110.92 -41.31
N PRO S 830 114.07 111.49 -42.22
CA PRO S 830 115.28 110.78 -42.68
C PRO S 830 116.29 110.49 -41.58
N SER S 831 116.38 111.36 -40.57
CA SER S 831 117.33 111.11 -39.49
C SER S 831 116.98 109.84 -38.71
N LEU S 832 115.70 109.65 -38.41
CA LEU S 832 115.28 108.43 -37.71
C LEU S 832 115.49 107.21 -38.59
N ILE S 833 115.25 107.32 -39.90
CA ILE S 833 115.49 106.22 -40.81
C ILE S 833 116.96 105.83 -40.79
N LYS S 834 117.85 106.83 -40.85
CA LYS S 834 119.28 106.56 -40.83
C LYS S 834 119.70 105.92 -39.50
N ASP S 835 119.17 106.41 -38.39
CA ASP S 835 119.50 105.85 -37.08
C ASP S 835 119.06 104.39 -36.98
N THR S 836 117.83 104.10 -37.42
CA THR S 836 117.34 102.74 -37.39
C THR S 836 118.16 101.84 -38.31
N TRP S 837 118.54 102.34 -39.48
CA TRP S 837 119.37 101.56 -40.38
C TRP S 837 120.73 101.27 -39.75
N HIS S 838 121.32 102.26 -39.08
CA HIS S 838 122.60 102.04 -38.41
C HIS S 838 122.48 100.99 -37.31
N GLN S 839 121.41 101.07 -36.51
CA GLN S 839 121.21 100.10 -35.45
C GLN S 839 121.01 98.70 -36.00
N VAL S 840 120.22 98.57 -37.08
CA VAL S 840 119.98 97.26 -37.68
C VAL S 840 121.26 96.71 -38.30
N TYR S 841 122.07 97.58 -38.91
CA TYR S 841 123.35 97.18 -39.47
C TYR S 841 124.28 96.66 -38.39
N ARG S 842 124.33 97.38 -37.25
CA ARG S 842 125.15 96.93 -36.12
C ARG S 842 124.66 95.59 -35.59
N ARG S 843 123.35 95.41 -35.47
CA ARG S 843 122.80 94.15 -34.99
C ARG S 843 123.13 93.01 -35.95
N HIS S 844 123.02 93.25 -37.25
CA HIS S 844 123.32 92.23 -38.24
C HIS S 844 124.79 91.82 -38.17
N PHE S 845 125.69 92.80 -38.04
CA PHE S 845 127.11 92.44 -37.92
C PHE S 845 127.43 91.79 -36.59
N LEU S 846 126.69 92.13 -35.53
CA LEU S 846 126.87 91.40 -34.27
C LEU S 846 126.47 89.94 -34.42
N LYS S 847 125.36 89.69 -35.10
CA LYS S 847 124.94 88.30 -35.36
C LYS S 847 125.96 87.58 -36.23
N THR S 848 126.49 88.27 -37.25
CA THR S 848 127.52 87.68 -38.10
C THR S 848 128.77 87.35 -37.30
N ALA S 849 129.18 88.23 -36.39
CA ALA S 849 130.32 87.97 -35.54
C ALA S 849 130.06 86.78 -34.63
N LEU S 850 128.84 86.66 -34.09
CA LEU S 850 128.51 85.51 -33.26
C LEU S 850 128.58 84.22 -34.06
N ASN S 851 128.08 84.22 -35.29
CA ASN S 851 128.19 83.05 -36.14
C ASN S 851 129.64 82.72 -36.45
N HIS S 852 130.46 83.75 -36.69
CA HIS S 852 131.88 83.53 -36.93
C HIS S 852 132.57 82.92 -35.71
N CYS S 853 132.20 83.38 -34.51
CA CYS S 853 132.74 82.79 -33.30
C CYS S 853 132.32 81.33 -33.16
N ASN S 854 131.05 81.03 -33.47
CA ASN S 854 130.59 79.64 -33.42
C ASN S 854 131.37 78.77 -34.40
N LEU S 855 131.63 79.28 -35.59
CA LEU S 855 132.43 78.52 -36.56
C LEU S 855 133.87 78.34 -36.08
N CYS S 856 134.48 79.40 -35.55
CA CYS S 856 135.86 79.32 -35.08
C CYS S 856 136.00 78.44 -33.85
N ARG S 857 134.92 78.20 -33.12
CA ARG S 857 134.98 77.27 -32.00
C ARG S 857 135.36 75.86 -32.42
N ARG S 858 135.10 75.51 -33.68
CA ARG S 858 135.46 74.16 -34.19
C ARG S 858 136.52 74.29 -35.29
N GLY S 859 136.72 75.51 -35.80
CA GLY S 859 137.66 75.74 -36.87
C GLY S 859 139.12 75.81 -36.48
N PHE S 860 139.48 75.36 -35.27
CA PHE S 860 140.88 75.36 -34.85
C PHE S 860 141.73 74.44 -35.72
N TYR S 861 141.15 73.38 -36.28
CA TYR S 861 141.89 72.52 -37.19
C TYR S 861 142.34 73.28 -38.43
N TYR S 862 141.44 74.06 -39.01
CA TYR S 862 141.81 74.91 -40.15
C TYR S 862 142.79 75.99 -39.73
N TYR S 863 142.55 76.61 -38.56
CA TYR S 863 143.38 77.72 -38.12
C TYR S 863 144.82 77.29 -37.88
N GLN S 864 145.02 76.15 -37.23
CA GLN S 864 146.36 75.73 -36.85
C GLN S 864 147.23 75.44 -38.08
N ARG S 865 146.67 74.78 -39.08
CA ARG S 865 147.44 74.39 -40.25
C ARG S 865 147.40 75.39 -41.39
N HIS S 866 146.39 76.26 -41.42
CA HIS S 866 146.25 77.28 -42.46
C HIS S 866 146.24 76.66 -43.86
N PHE S 867 145.20 75.88 -44.11
CA PHE S 867 145.05 75.21 -45.39
C PHE S 867 144.86 76.22 -46.51
N VAL S 868 145.29 75.84 -47.72
CA VAL S 868 145.16 76.72 -48.88
C VAL S 868 143.69 76.99 -49.17
N ASP S 869 142.88 75.93 -49.18
CA ASP S 869 141.44 76.05 -49.40
C ASP S 869 140.69 76.19 -48.08
N SER S 870 141.10 77.16 -47.26
CA SER S 870 140.47 77.35 -45.96
C SER S 870 139.07 77.93 -46.12
N GLU S 871 138.11 77.31 -45.45
CA GLU S 871 136.73 77.77 -45.46
C GLU S 871 136.42 78.73 -44.32
N LEU S 872 137.41 79.07 -43.50
CA LEU S 872 137.18 79.95 -42.36
C LEU S 872 138.49 80.65 -42.02
N GLU S 873 138.44 81.97 -41.88
CA GLU S 873 139.60 82.78 -41.53
C GLU S 873 139.35 83.43 -40.18
N CYS S 874 139.88 82.82 -39.12
CA CYS S 874 139.71 83.32 -37.76
C CYS S 874 140.82 84.32 -37.47
N ASN S 875 140.50 85.61 -37.53
CA ASN S 875 141.45 86.67 -37.24
C ASN S 875 141.04 87.52 -36.04
N ASP S 876 139.74 87.64 -35.76
CA ASP S 876 139.29 88.43 -34.62
C ASP S 876 139.78 87.82 -33.31
N VAL S 877 139.79 86.48 -33.22
CA VAL S 877 140.27 85.81 -32.01
C VAL S 877 141.74 86.14 -31.77
N VAL S 878 142.55 86.06 -32.83
CA VAL S 878 143.97 86.36 -32.70
C VAL S 878 144.18 87.82 -32.33
N LEU S 879 143.42 88.73 -32.95
CA LEU S 879 143.55 90.15 -32.63
C LEU S 879 143.19 90.43 -31.17
N PHE S 880 142.10 89.82 -30.70
CA PHE S 880 141.69 90.03 -29.31
C PHE S 880 142.71 89.45 -28.34
N TRP S 881 143.30 88.29 -28.67
CA TRP S 881 144.33 87.72 -27.81
C TRP S 881 145.57 88.61 -27.79
N ARG S 882 145.95 89.18 -28.93
CA ARG S 882 147.07 90.10 -28.97
C ARG S 882 146.79 91.34 -28.12
N ILE S 883 145.57 91.88 -28.23
CA ILE S 883 145.20 93.03 -27.41
C ILE S 883 145.26 92.68 -25.93
N GLN S 884 144.77 91.50 -25.56
CA GLN S 884 144.77 91.08 -24.17
C GLN S 884 146.19 90.95 -23.62
N ARG S 885 147.07 90.31 -24.38
CA ARG S 885 148.44 90.14 -23.89
C ARG S 885 149.18 91.47 -23.83
N MET S 886 148.95 92.35 -24.81
CA MET S 886 149.56 93.68 -24.76
C MET S 886 149.07 94.46 -23.55
N LEU S 887 147.77 94.38 -23.26
CA LEU S 887 147.23 95.05 -22.08
C LEU S 887 147.82 94.47 -20.79
N ALA S 888 147.99 93.15 -20.74
CA ALA S 888 148.60 92.53 -19.56
C ALA S 888 150.04 93.00 -19.38
N ILE S 889 150.80 93.07 -20.47
CA ILE S 889 152.19 93.54 -20.39
C ILE S 889 152.22 95.00 -19.93
N THR S 890 151.33 95.83 -20.48
CA THR S 890 151.29 97.24 -20.09
C THR S 890 150.92 97.39 -18.62
N ALA S 891 149.96 96.60 -18.14
CA ALA S 891 149.56 96.66 -16.74
C ALA S 891 150.70 96.22 -15.83
N ASN S 892 151.42 95.16 -16.22
CA ASN S 892 152.56 94.71 -15.41
C ASN S 892 153.65 95.78 -15.36
N THR S 893 153.94 96.42 -16.50
CA THR S 893 154.94 97.48 -16.51
C THR S 893 154.50 98.66 -15.66
N LEU S 894 153.22 99.02 -15.74
CA LEU S 894 152.70 100.13 -14.93
C LEU S 894 152.82 99.81 -13.45
N ARG S 895 152.47 98.59 -13.06
CA ARG S 895 152.57 98.19 -11.66
C ARG S 895 154.02 98.22 -11.18
N GLN S 896 154.94 97.72 -12.01
CA GLN S 896 156.36 97.72 -11.63
C GLN S 896 156.88 99.14 -11.46
N GLN S 897 156.58 100.02 -12.42
CA GLN S 897 157.04 101.41 -12.32
C GLN S 897 156.41 102.12 -11.14
N LEU S 898 155.13 101.84 -10.86
CA LEU S 898 154.47 102.43 -9.70
C LEU S 898 155.17 102.01 -8.42
N THR S 899 155.36 100.70 -8.23
CA THR S 899 156.04 100.21 -7.04
C THR S 899 157.45 100.77 -6.93
N ASN S 900 158.12 101.00 -8.06
CA ASN S 900 159.49 101.51 -8.03
C ASN S 900 159.53 102.98 -7.60
N THR S 901 158.65 103.81 -8.15
CA THR S 901 158.78 105.25 -7.99
C THR S 901 157.63 105.89 -7.22
N GLU S 902 156.39 105.60 -7.59
CA GLU S 902 155.26 106.34 -7.04
C GLU S 902 154.98 105.97 -5.59
N VAL S 903 155.26 104.73 -5.21
CA VAL S 903 155.11 104.34 -3.80
C VAL S 903 156.06 105.14 -2.93
N ARG S 904 157.32 105.26 -3.36
CA ARG S 904 158.29 106.05 -2.63
C ARG S 904 157.91 107.53 -2.61
N ARG S 905 157.41 108.04 -3.73
CA ARG S 905 156.98 109.44 -3.78
C ARG S 905 155.82 109.69 -2.81
N LEU S 906 154.84 108.79 -2.77
CA LEU S 906 153.71 108.94 -1.86
C LEU S 906 154.17 108.83 -0.41
N GLU S 907 155.11 107.93 -0.13
CA GLU S 907 155.65 107.82 1.23
C GLU S 907 156.35 109.11 1.64
N LYS S 908 157.13 109.69 0.72
CA LYS S 908 157.80 110.96 1.01
C LYS S 908 156.79 112.07 1.27
N ASN S 909 155.74 112.15 0.44
CA ASN S 909 154.72 113.17 0.65
C ASN S 909 154.01 112.99 1.99
N VAL S 910 153.70 111.74 2.35
CA VAL S 910 153.04 111.47 3.63
C VAL S 910 153.94 111.86 4.78
N LYS S 911 155.24 111.55 4.67
CA LYS S 911 156.19 111.92 5.72
C LYS S 911 156.28 113.44 5.86
N GLU S 912 156.33 114.16 4.73
CA GLU S 912 156.38 115.61 4.78
C GLU S 912 155.13 116.19 5.42
N VAL S 913 153.96 115.66 5.05
CA VAL S 913 152.70 116.14 5.63
C VAL S 913 152.67 115.89 7.13
N LEU S 914 153.09 114.69 7.55
CA LEU S 914 153.11 114.36 8.97
C LEU S 914 154.07 115.25 9.74
N GLU S 915 155.25 115.53 9.17
CA GLU S 915 156.20 116.42 9.82
C GLU S 915 155.65 117.83 9.94
N ASP S 916 154.99 118.32 8.88
CA ASP S 916 154.39 119.65 8.92
C ASP S 916 153.30 119.73 9.98
N PHE S 917 152.49 118.68 10.08
CA PHE S 917 151.43 118.66 11.10
C PHE S 917 152.03 118.61 12.51
N ALA S 918 153.08 117.81 12.70
CA ALA S 918 153.70 117.70 14.02
C ALA S 918 154.35 119.02 14.43
N GLU S 919 155.00 119.70 13.50
CA GLU S 919 155.68 120.96 13.79
C GLU S 919 154.72 122.14 13.90
N ASP S 920 153.40 121.89 13.86
CA ASP S 920 152.41 122.96 13.96
C ASP S 920 151.26 122.44 14.84
N GLY S 921 151.31 122.76 16.13
CA GLY S 921 150.24 122.37 17.03
C GLY S 921 148.96 123.14 16.84
N GLU S 922 149.05 124.35 16.26
CA GLU S 922 147.84 125.12 15.98
C GLU S 922 146.96 124.40 14.97
N LYS S 923 147.58 123.77 13.96
CA LYS S 923 146.81 122.98 12.99
C LYS S 923 146.13 121.80 13.68
N LYS S 924 146.82 121.15 14.61
CA LYS S 924 146.22 120.05 15.35
C LYS S 924 145.03 120.53 16.18
N ILE S 925 145.16 121.70 16.82
CA ILE S 925 144.06 122.24 17.60
C ILE S 925 142.89 122.57 16.70
N LYS S 926 143.14 123.17 15.53
CA LYS S 926 142.08 123.54 14.62
C LYS S 926 141.36 122.31 14.07
N LEU S 927 142.11 121.25 13.76
CA LEU S 927 141.52 120.06 13.16
C LEU S 927 140.95 119.10 14.21
N LEU S 928 141.77 118.72 15.19
CA LEU S 928 141.34 117.77 16.22
C LEU S 928 140.44 118.50 17.22
N THR S 929 139.19 118.68 16.83
CA THR S 929 138.18 119.33 17.67
C THR S 929 137.14 118.32 18.18
N GLY S 930 137.50 117.04 18.21
CA GLY S 930 136.58 116.04 18.69
C GLY S 930 136.34 116.13 20.18
N LYS S 931 135.26 115.48 20.62
CA LYS S 931 134.90 115.51 22.03
C LYS S 931 135.98 114.85 22.89
N ARG S 932 136.53 113.72 22.43
CA ARG S 932 137.57 113.04 23.18
C ARG S 932 138.82 113.90 23.32
N VAL S 933 139.22 114.57 22.24
CA VAL S 933 140.42 115.40 22.28
C VAL S 933 140.23 116.56 23.25
N GLN S 934 139.08 117.22 23.17
CA GLN S 934 138.81 118.35 24.06
C GLN S 934 138.74 117.90 25.51
N LEU S 935 138.09 116.76 25.78
CA LEU S 935 138.01 116.26 27.15
C LEU S 935 139.39 115.91 27.69
N ALA S 936 140.22 115.26 26.88
CA ALA S 936 141.58 114.92 27.31
C ALA S 936 142.39 116.17 27.59
N GLU S 937 142.28 117.19 26.71
CA GLU S 937 143.01 118.43 26.93
C GLU S 937 142.56 119.12 28.21
N ASP S 938 141.24 119.15 28.45
CA ASP S 938 140.73 119.77 29.67
C ASP S 938 141.21 119.01 30.91
N LEU S 939 141.20 117.68 30.86
CA LEU S 939 141.67 116.89 31.99
C LEU S 939 143.15 117.14 32.26
N LYS S 940 143.96 117.19 31.19
CA LYS S 940 145.39 117.44 31.37
C LYS S 940 145.63 118.83 31.95
N LYS S 941 144.90 119.84 31.46
CA LYS S 941 145.05 121.19 31.98
C LYS S 941 144.65 121.27 33.45
N VAL S 942 143.55 120.59 33.82
CA VAL S 942 143.11 120.58 35.21
C VAL S 942 144.15 119.91 36.09
N ARG S 943 144.71 118.78 35.63
CA ARG S 943 145.74 118.10 36.40
C ARG S 943 146.98 118.98 36.58
N GLU S 944 147.39 119.67 35.51
CA GLU S 944 148.54 120.56 35.61
C GLU S 944 148.27 121.70 36.59
N ILE S 945 147.07 122.28 36.53
CA ILE S 945 146.72 123.37 37.43
C ILE S 945 146.73 122.89 38.87
N GLN S 946 146.17 121.70 39.12
CA GLN S 946 146.15 121.15 40.48
C GLN S 946 147.55 120.86 40.97
N GLU S 947 148.43 120.35 40.10
CA GLU S 947 149.81 120.11 40.50
C GLU S 947 150.53 121.41 40.83
N LYS S 948 150.30 122.45 40.03
CA LYS S 948 150.90 123.75 40.32
C LYS S 948 150.39 124.31 41.65
N LEU S 949 149.09 124.15 41.91
CA LEU S 949 148.54 124.64 43.17
C LEU S 949 149.08 123.85 44.36
N ASP S 950 149.27 122.55 44.20
CA ASP S 950 149.88 121.75 45.26
C ASP S 950 151.31 122.18 45.52
N ALA S 951 152.07 122.47 44.45
CA ALA S 951 153.42 122.97 44.62
C ALA S 951 153.42 124.31 45.33
N PHE S 952 152.48 125.20 44.99
CA PHE S 952 152.35 126.47 45.68
C PHE S 952 152.05 126.28 47.15
N ILE S 953 151.13 125.36 47.48
CA ILE S 953 150.78 125.10 48.87
C ILE S 953 152.00 124.57 49.63
N GLU S 954 152.74 123.64 49.02
CA GLU S 954 153.92 123.10 49.67
C GLU S 954 154.98 124.17 49.90
N ALA S 955 155.19 125.05 48.91
CA ALA S 955 156.17 126.12 49.07
C ALA S 955 155.74 127.10 50.15
N LEU S 956 154.45 127.42 50.21
CA LEU S 956 153.96 128.33 51.25
C LEU S 956 154.13 127.71 52.63
N HIS S 957 153.83 126.41 52.77
CA HIS S 957 154.00 125.74 54.04
C HIS S 957 155.46 125.68 54.46
N GLN S 958 156.36 125.40 53.51
CA GLN S 958 157.78 125.35 53.84
C GLN S 958 158.33 126.72 54.22
N GLU S 959 157.92 127.78 53.50
CA GLU S 959 158.42 129.12 53.82
C GLU S 959 157.94 129.57 55.19
N LYS S 960 156.69 129.27 55.52
CA LYS S 960 156.13 129.64 56.85
C LYS S 960 156.37 128.49 57.83
N SER T 263 -110.05 -91.87 166.91
CA SER T 263 -109.50 -90.53 167.06
C SER T 263 -108.33 -90.32 166.10
N LEU T 264 -107.14 -90.09 166.67
CA LEU T 264 -105.95 -89.88 165.84
C LEU T 264 -105.60 -91.14 165.06
N ILE T 265 -105.72 -92.31 165.70
CA ILE T 265 -105.35 -93.55 165.03
C ILE T 265 -106.30 -93.86 163.88
N ASP T 266 -107.60 -93.59 164.07
CA ASP T 266 -108.56 -93.83 162.99
C ASP T 266 -108.30 -92.91 161.80
N MET T 267 -108.01 -91.63 162.06
CA MET T 267 -107.71 -90.70 160.98
C MET T 267 -106.41 -91.08 160.28
N TYR T 268 -105.41 -91.53 161.04
CA TYR T 268 -104.16 -91.98 160.42
C TYR T 268 -104.40 -93.20 159.55
N SER T 269 -105.24 -94.14 160.00
CA SER T 269 -105.56 -95.30 159.18
C SER T 269 -106.30 -94.90 157.92
N GLU T 270 -107.21 -93.93 158.03
CA GLU T 270 -107.91 -93.44 156.84
C GLU T 270 -106.95 -92.78 155.86
N VAL T 271 -105.99 -92.01 156.38
CA VAL T 271 -104.98 -91.38 155.52
C VAL T 271 -104.14 -92.44 154.82
N LEU T 272 -103.74 -93.48 155.55
CA LEU T 272 -102.97 -94.56 154.94
C LEU T 272 -103.78 -95.27 153.87
N ASP T 273 -105.07 -95.49 154.12
CA ASP T 273 -105.93 -96.12 153.13
C ASP T 273 -106.05 -95.25 151.87
N VAL T 274 -106.19 -93.94 152.05
CA VAL T 274 -106.25 -93.03 150.91
C VAL T 274 -104.95 -93.07 150.12
N LEU T 275 -103.81 -93.09 150.82
CA LEU T 275 -102.52 -93.17 150.15
C LEU T 275 -102.38 -94.47 149.37
N SER T 276 -102.84 -95.58 149.96
CA SER T 276 -102.78 -96.87 149.26
C SER T 276 -103.67 -96.87 148.03
N ASP T 277 -104.87 -96.30 148.13
CA ASP T 277 -105.79 -96.23 147.02
C ASP T 277 -105.39 -95.18 145.98
N TYR T 278 -104.43 -94.32 146.30
CA TYR T 278 -103.99 -93.30 145.35
C TYR T 278 -103.41 -93.94 144.09
N ASP T 279 -102.59 -94.97 144.24
CA ASP T 279 -102.01 -95.65 143.09
C ASP T 279 -101.61 -97.05 143.50
N ALA T 280 -101.55 -97.95 142.51
CA ALA T 280 -101.11 -99.31 142.76
C ALA T 280 -99.61 -99.42 142.97
N SER T 281 -98.85 -98.43 142.53
CA SER T 281 -97.41 -98.42 142.72
C SER T 281 -97.07 -97.88 144.11
N TYR T 282 -95.79 -97.61 144.35
CA TYR T 282 -95.31 -97.11 145.64
C TYR T 282 -94.51 -95.84 145.37
N ASN T 283 -95.20 -94.70 145.34
CA ASN T 283 -94.58 -93.40 145.17
C ASN T 283 -94.71 -92.51 146.40
N THR T 284 -95.94 -92.29 146.87
CA THR T 284 -96.18 -91.52 148.08
C THR T 284 -96.50 -92.41 149.28
N GLN T 285 -96.67 -93.72 149.08
CA GLN T 285 -96.98 -94.62 150.17
C GLN T 285 -95.78 -94.89 151.08
N ASP T 286 -94.57 -94.59 150.61
CA ASP T 286 -93.35 -94.81 151.38
C ASP T 286 -92.96 -93.61 152.23
N HIS T 287 -93.80 -92.56 152.26
CA HIS T 287 -93.49 -91.38 153.06
C HIS T 287 -93.84 -91.61 154.53
N LEU T 288 -95.10 -91.93 154.81
CA LEU T 288 -95.52 -92.19 156.18
C LEU T 288 -95.01 -93.56 156.64
N PRO T 289 -94.56 -93.67 157.88
CA PRO T 289 -94.10 -94.98 158.39
C PRO T 289 -95.23 -96.00 158.40
N ARG T 290 -94.88 -97.25 158.11
CA ARG T 290 -95.84 -98.34 158.09
C ARG T 290 -95.18 -99.58 158.70
N VAL T 291 -95.73 -100.05 159.81
CA VAL T 291 -95.21 -101.25 160.47
C VAL T 291 -95.66 -102.45 159.66
N VAL T 292 -94.72 -103.14 159.02
CA VAL T 292 -95.00 -104.27 158.16
C VAL T 292 -94.45 -105.54 158.82
N VAL T 293 -95.29 -106.56 158.92
CA VAL T 293 -94.91 -107.84 159.50
C VAL T 293 -94.67 -108.83 158.37
N VAL T 294 -93.43 -109.28 158.23
CA VAL T 294 -93.03 -110.21 157.18
C VAL T 294 -92.45 -111.45 157.83
N GLY T 295 -92.93 -112.62 157.39
CA GLY T 295 -92.44 -113.88 157.92
C GLY T 295 -92.10 -114.88 156.83
N ASP T 296 -91.89 -116.13 157.22
CA ASP T 296 -91.57 -117.21 156.29
C ASP T 296 -92.78 -118.11 156.08
N GLN T 297 -92.75 -118.86 154.99
CA GLN T 297 -93.84 -119.77 154.67
C GLN T 297 -93.84 -120.94 155.65
N SER T 298 -95.03 -121.25 156.18
CA SER T 298 -95.22 -122.35 157.14
C SER T 298 -94.29 -122.20 158.35
N ALA T 299 -94.10 -120.95 158.79
CA ALA T 299 -93.25 -120.65 159.93
C ALA T 299 -94.04 -120.35 161.20
N GLY T 300 -95.35 -120.59 161.19
CA GLY T 300 -96.16 -120.33 162.36
C GLY T 300 -96.46 -118.87 162.61
N LYS T 301 -96.24 -118.00 161.63
CA LYS T 301 -96.51 -116.57 161.82
C LYS T 301 -98.00 -116.30 161.97
N THR T 302 -98.85 -117.18 161.45
CA THR T 302 -100.29 -116.99 161.59
C THR T 302 -100.72 -117.04 163.04
N SER T 303 -100.17 -117.98 163.81
CA SER T 303 -100.52 -118.08 165.23
C SER T 303 -100.05 -116.84 165.99
N VAL T 304 -98.86 -116.34 165.69
CA VAL T 304 -98.36 -115.15 166.35
C VAL T 304 -99.22 -113.95 166.01
N LEU T 305 -99.61 -113.81 164.75
CA LEU T 305 -100.46 -112.70 164.35
C LEU T 305 -101.83 -112.78 165.03
N GLU T 306 -102.39 -114.00 165.14
CA GLU T 306 -103.65 -114.16 165.84
C GLU T 306 -103.53 -113.81 167.32
N MET T 307 -102.42 -114.21 167.95
CA MET T 307 -102.21 -113.88 169.35
C MET T 307 -102.01 -112.39 169.56
N ILE T 308 -101.43 -111.70 168.57
CA ILE T 308 -101.27 -110.25 168.67
C ILE T 308 -102.62 -109.56 168.76
N ALA T 309 -103.57 -109.98 167.92
CA ALA T 309 -104.93 -109.44 167.95
C ALA T 309 -105.82 -110.16 168.96
N GLN T 310 -105.30 -111.19 169.63
CA GLN T 310 -106.04 -111.96 170.62
C GLN T 310 -107.31 -112.59 170.03
N ALA T 311 -107.26 -112.94 168.75
CA ALA T 311 -108.40 -113.56 168.09
C ALA T 311 -107.90 -114.28 166.83
N ARG T 312 -108.56 -115.38 166.50
CA ARG T 312 -108.23 -116.15 165.31
C ARG T 312 -108.98 -115.55 164.13
N ILE T 313 -108.31 -114.68 163.38
CA ILE T 313 -108.91 -114.04 162.22
C ILE T 313 -108.27 -114.44 160.90
N PHE T 314 -107.04 -114.96 160.91
CA PHE T 314 -106.38 -115.36 159.68
C PHE T 314 -106.65 -116.83 159.41
N PRO T 315 -107.23 -117.20 158.26
CA PRO T 315 -107.48 -118.61 157.98
C PRO T 315 -106.18 -119.40 157.89
N ARG T 316 -106.23 -120.65 158.34
CA ARG T 316 -105.08 -121.53 158.35
C ARG T 316 -104.90 -122.18 156.97
N GLY T 317 -103.64 -122.44 156.63
CA GLY T 317 -103.33 -123.07 155.36
C GLY T 317 -102.38 -124.25 155.51
N SER T 318 -102.77 -125.40 154.95
CA SER T 318 -101.96 -126.61 155.02
C SER T 318 -100.98 -126.61 153.86
N GLY T 319 -99.94 -125.80 154.00
CA GLY T 319 -98.89 -125.67 152.98
C GLY T 319 -99.16 -124.63 151.92
N GLU T 320 -100.40 -124.52 151.48
CA GLU T 320 -100.75 -123.54 150.46
C GLU T 320 -100.66 -122.13 151.02
N MET T 321 -100.24 -121.19 150.17
CA MET T 321 -100.10 -119.79 150.56
C MET T 321 -101.46 -119.13 150.44
N MET T 322 -102.21 -119.13 151.55
CA MET T 322 -103.53 -118.53 151.57
C MET T 322 -103.46 -117.02 151.38
N THR T 323 -102.48 -116.38 152.02
CA THR T 323 -102.32 -114.93 151.94
C THR T 323 -101.58 -114.59 150.65
N ARG T 324 -102.31 -114.06 149.66
CA ARG T 324 -101.73 -113.68 148.38
C ARG T 324 -101.80 -112.19 148.12
N SER T 325 -102.42 -111.42 149.00
CA SER T 325 -102.53 -109.97 148.87
C SER T 325 -102.15 -109.30 150.18
N PRO T 326 -101.63 -108.08 150.14
CA PRO T 326 -101.30 -107.36 151.37
C PRO T 326 -102.54 -107.13 152.23
N VAL T 327 -102.37 -107.29 153.54
CA VAL T 327 -103.45 -107.14 154.51
C VAL T 327 -103.04 -106.07 155.52
N LYS T 328 -103.90 -105.08 155.71
CA LYS T 328 -103.65 -104.00 156.67
C LYS T 328 -104.46 -104.26 157.94
N VAL T 329 -103.77 -104.32 159.06
CA VAL T 329 -104.40 -104.52 160.37
C VAL T 329 -104.15 -103.26 161.19
N THR T 330 -105.22 -102.54 161.51
CA THR T 330 -105.14 -101.32 162.31
C THR T 330 -105.58 -101.64 163.74
N LEU T 331 -104.64 -101.54 164.67
CA LEU T 331 -104.93 -101.81 166.07
C LEU T 331 -105.45 -100.53 166.73
N SER T 332 -106.62 -100.62 167.35
CA SER T 332 -107.23 -99.48 168.03
C SER T 332 -108.20 -100.00 169.08
N GLU T 333 -108.86 -99.07 169.76
CA GLU T 333 -109.81 -99.40 170.81
C GLU T 333 -111.16 -98.76 170.49
N GLY T 334 -112.23 -99.54 170.56
CA GLY T 334 -113.55 -99.04 170.28
C GLY T 334 -114.55 -99.47 171.33
N PRO T 335 -115.83 -99.17 171.08
CA PRO T 335 -116.87 -99.59 172.05
C PRO T 335 -116.96 -101.09 172.24
N HIS T 336 -116.69 -101.87 171.19
CA HIS T 336 -116.74 -103.32 171.27
C HIS T 336 -115.52 -103.93 170.59
N HIS T 337 -115.17 -105.14 171.01
CA HIS T 337 -114.03 -105.86 170.46
C HIS T 337 -114.44 -106.53 169.15
N VAL T 338 -114.67 -105.69 168.13
CA VAL T 338 -115.10 -106.15 166.82
C VAL T 338 -114.13 -105.64 165.77
N ALA T 339 -114.28 -106.15 164.55
CA ALA T 339 -113.46 -105.76 163.42
C ALA T 339 -114.35 -105.20 162.32
N LEU T 340 -113.95 -104.06 161.76
CA LEU T 340 -114.72 -103.39 160.72
C LEU T 340 -113.79 -103.00 159.59
N PHE T 341 -114.22 -103.26 158.35
CA PHE T 341 -113.45 -102.89 157.18
C PHE T 341 -113.71 -101.43 156.80
N LYS T 342 -112.86 -100.92 155.91
CA LYS T 342 -113.03 -99.55 155.44
C LYS T 342 -114.31 -99.40 154.62
N ASP T 343 -114.61 -100.37 153.77
CA ASP T 343 -115.77 -100.31 152.88
C ASP T 343 -116.87 -101.27 153.31
N SER T 344 -116.94 -101.60 154.59
CA SER T 344 -117.95 -102.50 155.12
C SER T 344 -118.63 -101.87 156.33
N SER T 345 -119.85 -102.32 156.60
CA SER T 345 -120.62 -101.83 157.73
C SER T 345 -120.92 -102.88 158.78
N ARG T 346 -120.59 -104.15 158.52
CA ARG T 346 -120.84 -105.23 159.48
C ARG T 346 -119.66 -105.35 160.43
N GLU T 347 -119.95 -105.31 161.73
CA GLU T 347 -118.93 -105.40 162.77
C GLU T 347 -118.68 -106.88 163.07
N PHE T 348 -117.57 -107.41 162.56
CA PHE T 348 -117.21 -108.80 162.78
C PHE T 348 -116.63 -108.95 164.18
N ASP T 349 -117.38 -109.57 165.09
CA ASP T 349 -116.92 -109.77 166.45
C ASP T 349 -115.74 -110.74 166.48
N LEU T 350 -114.82 -110.48 167.42
CA LEU T 350 -113.62 -111.29 167.57
C LEU T 350 -113.74 -112.32 168.69
N THR T 351 -114.94 -112.51 169.24
CA THR T 351 -115.16 -113.45 170.33
C THR T 351 -115.99 -114.66 169.90
N LYS T 352 -117.15 -114.44 169.29
CA LYS T 352 -118.00 -115.54 168.87
C LYS T 352 -117.35 -116.32 167.73
N GLU T 353 -117.50 -117.65 167.76
CA GLU T 353 -116.92 -118.49 166.72
C GLU T 353 -117.57 -118.23 165.37
N GLU T 354 -118.88 -118.02 165.34
CA GLU T 354 -119.58 -117.76 164.08
C GLU T 354 -119.11 -116.45 163.46
N ASP T 355 -118.94 -115.41 164.27
CA ASP T 355 -118.45 -114.13 163.75
C ASP T 355 -117.02 -114.26 163.24
N LEU T 356 -116.18 -115.01 163.93
CA LEU T 356 -114.81 -115.23 163.45
C LEU T 356 -114.81 -115.98 162.13
N ALA T 357 -115.67 -116.99 162.00
CA ALA T 357 -115.75 -117.74 160.74
C ALA T 357 -116.24 -116.83 159.61
N ALA T 358 -117.23 -115.98 159.89
CA ALA T 358 -117.69 -115.04 158.88
C ALA T 358 -116.60 -114.06 158.47
N LEU T 359 -115.82 -113.57 159.44
CA LEU T 359 -114.71 -112.68 159.13
C LEU T 359 -113.66 -113.37 158.28
N ARG T 360 -113.34 -114.62 158.60
CA ARG T 360 -112.37 -115.37 157.80
C ARG T 360 -112.89 -115.59 156.38
N HIS T 361 -114.18 -115.91 156.25
CA HIS T 361 -114.77 -116.10 154.93
C HIS T 361 -114.73 -114.80 154.12
N GLU T 362 -115.02 -113.67 154.76
CA GLU T 362 -114.96 -112.38 154.08
C GLU T 362 -113.54 -112.06 153.64
N ILE T 363 -112.55 -112.35 154.51
CA ILE T 363 -111.16 -112.11 154.15
C ILE T 363 -110.75 -112.98 152.97
N GLU T 364 -111.16 -114.25 152.97
CA GLU T 364 -110.84 -115.13 151.86
C GLU T 364 -111.50 -114.66 150.57
N LEU T 365 -112.75 -114.20 150.65
CA LEU T 365 -113.43 -113.68 149.47
C LEU T 365 -112.73 -112.44 148.92
N ARG T 366 -112.30 -111.55 149.82
CA ARG T 366 -111.57 -110.36 149.39
C ARG T 366 -110.24 -110.73 148.75
N MET T 367 -109.54 -111.72 149.31
CA MET T 367 -108.28 -112.17 148.72
C MET T 367 -108.51 -112.76 147.33
N ARG T 368 -109.56 -113.57 147.17
CA ARG T 368 -109.85 -114.17 145.88
C ARG T 368 -110.24 -113.12 144.86
N LYS T 369 -111.02 -112.11 145.27
CA LYS T 369 -111.43 -111.06 144.35
C LYS T 369 -110.24 -110.28 143.82
N ASN T 370 -109.29 -109.94 144.70
CA ASN T 370 -108.12 -109.18 144.28
C ASN T 370 -107.26 -109.99 143.31
N VAL T 371 -107.06 -111.28 143.59
CA VAL T 371 -106.23 -112.12 142.76
C VAL T 371 -106.96 -112.43 141.46
N LYS T 372 -106.30 -112.19 140.33
CA LYS T 372 -106.89 -112.46 139.04
C LYS T 372 -106.99 -113.97 138.79
N GLU T 373 -107.91 -114.34 137.90
CA GLU T 373 -108.14 -115.74 137.55
C GLU T 373 -106.99 -116.20 136.66
N GLY T 374 -105.92 -116.68 137.29
CA GLY T 374 -104.75 -117.13 136.56
C GLY T 374 -103.45 -116.63 137.17
N CYS T 375 -103.54 -115.58 137.97
CA CYS T 375 -102.38 -114.99 138.63
C CYS T 375 -102.25 -115.53 140.06
N THR T 376 -101.15 -115.15 140.70
CA THR T 376 -100.87 -115.59 142.07
C THR T 376 -100.79 -114.42 143.04
N VAL T 377 -100.06 -113.36 142.70
CA VAL T 377 -99.89 -112.20 143.56
C VAL T 377 -100.62 -111.01 142.92
N SER T 378 -101.46 -110.35 143.70
CA SER T 378 -102.23 -109.21 143.22
C SER T 378 -101.75 -107.94 143.89
N PRO T 379 -101.51 -106.86 143.14
CA PRO T 379 -101.06 -105.61 143.76
C PRO T 379 -102.11 -104.96 144.66
N GLU T 380 -103.38 -105.34 144.53
CA GLU T 380 -104.42 -104.74 145.34
C GLU T 380 -104.25 -105.11 146.81
N THR T 381 -104.50 -104.16 147.69
CA THR T 381 -104.35 -104.34 149.12
C THR T 381 -105.72 -104.43 149.80
N ILE T 382 -105.73 -105.00 151.00
CA ILE T 382 -106.93 -105.16 151.79
C ILE T 382 -106.76 -104.38 153.09
N SER T 383 -107.74 -103.53 153.39
CA SER T 383 -107.70 -102.68 154.58
C SER T 383 -108.69 -103.20 155.60
N LEU T 384 -108.23 -103.37 156.84
CA LEU T 384 -109.06 -103.85 157.93
C LEU T 384 -108.72 -103.09 159.20
N ASN T 385 -109.74 -102.66 159.93
CA ASN T 385 -109.57 -101.92 161.18
C ASN T 385 -110.04 -102.79 162.33
N VAL T 386 -109.21 -102.93 163.35
CA VAL T 386 -109.49 -103.74 164.53
C VAL T 386 -109.67 -102.82 165.72
N LYS T 387 -110.78 -102.97 166.43
CA LYS T 387 -111.10 -102.16 167.60
C LYS T 387 -111.41 -103.06 168.78
N GLY T 388 -111.16 -102.55 169.98
CA GLY T 388 -111.42 -103.29 171.19
C GLY T 388 -110.46 -102.91 172.31
N PRO T 389 -110.92 -103.10 173.55
CA PRO T 389 -110.06 -102.77 174.70
C PRO T 389 -108.86 -103.70 174.80
N GLY T 390 -107.79 -103.18 175.40
CA GLY T 390 -106.58 -103.94 175.58
C GLY T 390 -105.61 -103.93 174.42
N LEU T 391 -105.95 -103.24 173.33
CA LEU T 391 -105.09 -103.17 172.16
C LEU T 391 -104.32 -101.85 172.15
N GLN T 392 -103.29 -101.80 171.32
CA GLN T 392 -102.45 -100.62 171.17
C GLN T 392 -102.96 -99.77 170.01
N ARG T 393 -102.22 -98.73 169.66
CA ARG T 393 -102.57 -97.82 168.58
C ARG T 393 -101.45 -97.87 167.54
N MET T 394 -101.56 -98.80 166.60
CA MET T 394 -100.56 -98.98 165.56
C MET T 394 -101.23 -99.67 164.37
N VAL T 395 -100.54 -99.62 163.23
CA VAL T 395 -101.02 -100.22 161.99
C VAL T 395 -100.06 -101.33 161.61
N LEU T 396 -100.59 -102.54 161.43
CA LEU T 396 -99.81 -103.70 161.06
C LEU T 396 -100.13 -104.11 159.63
N VAL T 397 -99.08 -104.40 158.86
CA VAL T 397 -99.21 -104.80 157.45
C VAL T 397 -98.75 -106.24 157.31
N ASP T 398 -99.57 -107.07 156.69
CA ASP T 398 -99.28 -108.48 156.49
C ASP T 398 -98.93 -108.71 155.02
N LEU T 399 -97.83 -109.43 154.79
CA LEU T 399 -97.36 -109.73 153.44
C LEU T 399 -97.11 -111.22 153.31
N PRO T 400 -97.22 -111.76 152.09
CA PRO T 400 -96.92 -113.18 151.89
C PRO T 400 -95.47 -113.50 152.20
N GLY T 401 -95.25 -114.72 152.67
CA GLY T 401 -93.91 -115.13 153.03
C GLY T 401 -92.98 -115.25 151.83
N VAL T 402 -91.69 -115.13 152.10
CA VAL T 402 -90.68 -115.21 151.06
C VAL T 402 -90.47 -116.66 150.65
N ILE T 403 -90.53 -116.91 149.35
CA ILE T 403 -90.35 -118.26 148.82
C ILE T 403 -89.06 -118.31 148.02
N ASN T 404 -88.56 -119.53 147.81
CA ASN T 404 -87.33 -119.75 147.08
C ASN T 404 -87.55 -120.51 145.77
N THR T 405 -88.30 -121.62 145.82
CA THR T 405 -88.56 -122.40 144.63
C THR T 405 -89.59 -121.71 143.75
N VAL T 406 -89.64 -122.12 142.49
CA VAL T 406 -90.56 -121.58 141.49
C VAL T 406 -91.51 -122.69 141.07
N THR T 407 -92.81 -122.41 141.16
CA THR T 407 -93.83 -123.39 140.79
C THR T 407 -94.06 -123.38 139.29
N SER T 408 -94.00 -124.56 138.67
CA SER T 408 -94.22 -124.66 137.23
C SER T 408 -95.67 -124.39 136.87
N GLY T 409 -96.60 -124.71 137.77
CA GLY T 409 -98.01 -124.49 137.53
C GLY T 409 -98.52 -123.09 137.76
N MET T 410 -97.64 -122.17 138.17
CA MET T 410 -98.00 -120.79 138.43
C MET T 410 -97.12 -119.86 137.60
N ALA T 411 -97.22 -118.57 137.85
CA ALA T 411 -96.43 -117.59 137.13
C ALA T 411 -94.96 -117.74 137.48
N PRO T 412 -94.06 -117.86 136.48
CA PRO T 412 -92.64 -117.99 136.79
C PRO T 412 -92.04 -116.77 137.47
N ASP T 413 -92.67 -115.60 137.35
CA ASP T 413 -92.17 -114.37 137.95
C ASP T 413 -92.83 -114.06 139.28
N THR T 414 -93.48 -115.05 139.90
CA THR T 414 -94.10 -114.83 141.20
C THR T 414 -93.06 -114.49 142.26
N LYS T 415 -91.93 -115.21 142.27
CA LYS T 415 -90.88 -114.91 143.24
C LYS T 415 -90.29 -113.52 143.01
N GLU T 416 -90.08 -113.16 141.74
CA GLU T 416 -89.58 -111.82 141.43
C GLU T 416 -90.56 -110.74 141.87
N THR T 417 -91.86 -110.97 141.64
CA THR T 417 -92.86 -110.01 142.06
C THR T 417 -92.89 -109.87 143.58
N ILE T 418 -92.78 -110.99 144.30
CA ILE T 418 -92.76 -110.94 145.76
C ILE T 418 -91.53 -110.18 146.25
N PHE T 419 -90.37 -110.44 145.64
CA PHE T 419 -89.16 -109.73 146.02
C PHE T 419 -89.28 -108.23 145.76
N SER T 420 -89.85 -107.87 144.61
CA SER T 420 -90.03 -106.45 144.30
C SER T 420 -90.98 -105.78 145.28
N ILE T 421 -92.07 -106.46 145.65
CA ILE T 421 -93.01 -105.92 146.62
C ILE T 421 -92.34 -105.74 147.97
N SER T 422 -91.54 -106.73 148.39
CA SER T 422 -90.84 -106.62 149.66
C SER T 422 -89.84 -105.46 149.64
N LYS T 423 -89.11 -105.30 148.53
CA LYS T 423 -88.17 -104.19 148.42
C LYS T 423 -88.89 -102.85 148.47
N ALA T 424 -90.02 -102.74 147.77
CA ALA T 424 -90.79 -101.49 147.78
C ALA T 424 -91.30 -101.18 149.18
N TYR T 425 -91.77 -102.20 149.91
CA TYR T 425 -92.22 -101.99 151.28
C TYR T 425 -91.07 -101.57 152.18
N MET T 426 -89.90 -102.17 152.00
CA MET T 426 -88.73 -101.82 152.80
C MET T 426 -88.10 -100.51 152.39
N GLN T 427 -88.51 -99.93 151.26
CA GLN T 427 -87.96 -98.65 150.84
C GLN T 427 -88.28 -97.53 151.82
N ASN T 428 -89.30 -97.68 152.65
CA ASN T 428 -89.62 -96.69 153.65
C ASN T 428 -88.54 -96.67 154.73
N PRO T 429 -87.86 -95.55 154.96
CA PRO T 429 -86.81 -95.51 156.00
C PRO T 429 -87.34 -95.73 157.40
N ASN T 430 -88.64 -95.50 157.64
CA ASN T 430 -89.22 -95.63 158.96
C ASN T 430 -90.18 -96.81 159.06
N ALA T 431 -90.06 -97.78 158.15
CA ALA T 431 -90.94 -98.96 158.17
C ALA T 431 -90.44 -99.94 159.23
N ILE T 432 -91.24 -100.16 160.26
CA ILE T 432 -90.89 -101.10 161.31
C ILE T 432 -91.19 -102.51 160.82
N ILE T 433 -90.20 -103.39 160.91
CA ILE T 433 -90.32 -104.77 160.45
C ILE T 433 -90.39 -105.68 161.66
N LEU T 434 -91.43 -106.50 161.74
CA LEU T 434 -91.64 -107.44 162.85
C LEU T 434 -91.32 -108.84 162.32
N CYS T 435 -90.15 -109.36 162.68
CA CYS T 435 -89.72 -110.67 162.23
C CYS T 435 -90.31 -111.75 163.13
N ILE T 436 -90.90 -112.77 162.52
CA ILE T 436 -91.51 -113.87 163.24
C ILE T 436 -90.82 -115.17 162.79
N GLN T 437 -90.37 -115.95 163.76
CA GLN T 437 -89.70 -117.22 163.50
C GLN T 437 -90.50 -118.36 164.11
N ASP T 438 -89.94 -119.57 164.06
CA ASP T 438 -90.58 -120.76 164.59
C ASP T 438 -89.61 -121.49 165.50
N GLY T 439 -90.16 -122.39 166.32
CA GLY T 439 -89.34 -123.16 167.22
C GLY T 439 -88.35 -124.06 166.51
N SER T 440 -88.78 -124.65 165.38
CA SER T 440 -87.92 -125.53 164.60
C SER T 440 -87.05 -124.78 163.61
N VAL T 441 -87.19 -123.46 163.51
CA VAL T 441 -86.41 -122.64 162.59
C VAL T 441 -85.43 -121.81 163.39
N ASP T 442 -84.15 -121.90 163.04
CA ASP T 442 -83.12 -121.17 163.73
C ASP T 442 -83.14 -119.69 163.31
N ALA T 443 -82.40 -118.88 164.06
CA ALA T 443 -82.32 -117.45 163.75
C ALA T 443 -81.67 -117.21 162.39
N GLU T 444 -80.60 -117.94 162.09
CA GLU T 444 -79.93 -117.80 160.80
C GLU T 444 -80.74 -118.39 159.66
N ARG T 445 -81.64 -119.33 159.95
CA ARG T 445 -82.47 -119.94 158.92
C ARG T 445 -83.62 -119.06 158.49
N SER T 446 -83.89 -117.96 159.21
CA SER T 446 -84.98 -117.06 158.87
C SER T 446 -84.52 -116.14 157.75
N ILE T 447 -85.20 -116.22 156.60
CA ILE T 447 -84.85 -115.37 155.46
C ILE T 447 -85.17 -113.91 155.77
N VAL T 448 -86.27 -113.66 156.48
CA VAL T 448 -86.65 -112.29 156.81
C VAL T 448 -85.60 -111.64 157.71
N THR T 449 -85.11 -112.38 158.70
CA THR T 449 -84.09 -111.84 159.60
C THR T 449 -82.81 -111.52 158.85
N ASP T 450 -82.39 -112.41 157.96
CA ASP T 450 -81.18 -112.16 157.17
C ASP T 450 -81.35 -110.95 156.26
N LEU T 451 -82.52 -110.83 155.63
CA LEU T 451 -82.77 -109.68 154.77
C LEU T 451 -82.77 -108.38 155.56
N VAL T 452 -83.37 -108.39 156.76
CA VAL T 452 -83.38 -107.20 157.60
C VAL T 452 -81.95 -106.83 158.01
N SER T 453 -81.15 -107.83 158.39
CA SER T 453 -79.76 -107.57 158.77
C SER T 453 -78.97 -107.01 157.61
N GLN T 454 -79.16 -107.55 156.41
CA GLN T 454 -78.46 -107.04 155.24
C GLN T 454 -78.87 -105.61 154.91
N MET T 455 -80.17 -105.32 154.98
CA MET T 455 -80.65 -103.98 154.67
C MET T 455 -80.37 -102.99 155.80
N ASP T 456 -80.41 -103.44 157.05
CA ASP T 456 -80.21 -102.59 158.22
C ASP T 456 -79.16 -103.23 159.12
N PRO T 457 -77.87 -103.09 158.77
CA PRO T 457 -76.82 -103.66 159.63
C PRO T 457 -76.81 -103.10 161.03
N HIS T 458 -77.14 -101.81 161.20
CA HIS T 458 -77.16 -101.22 162.53
C HIS T 458 -78.34 -101.74 163.35
N GLY T 459 -79.52 -101.80 162.74
CA GLY T 459 -80.69 -102.28 163.46
C GLY T 459 -81.12 -101.39 164.60
N ARG T 460 -81.00 -100.08 164.44
CA ARG T 460 -81.40 -99.13 165.47
C ARG T 460 -82.90 -98.95 165.57
N ARG T 461 -83.66 -99.35 164.54
CA ARG T 461 -85.11 -99.23 164.55
C ARG T 461 -85.83 -100.57 164.51
N THR T 462 -85.13 -101.68 164.29
CA THR T 462 -85.74 -102.99 164.24
C THR T 462 -85.48 -103.72 165.56
N ILE T 463 -86.55 -104.26 166.14
CA ILE T 463 -86.48 -104.98 167.41
C ILE T 463 -86.85 -106.43 167.16
N PHE T 464 -85.95 -107.34 167.55
CA PHE T 464 -86.19 -108.77 167.35
C PHE T 464 -87.12 -109.31 168.42
N VAL T 465 -88.11 -110.08 168.00
CA VAL T 465 -89.07 -110.72 168.91
C VAL T 465 -88.99 -112.22 168.69
N LEU T 466 -88.80 -112.97 169.77
CA LEU T 466 -88.68 -114.42 169.73
C LEU T 466 -90.02 -115.04 170.12
N THR T 467 -90.54 -115.91 169.25
CA THR T 467 -91.83 -116.55 169.45
C THR T 467 -91.65 -118.07 169.51
N LYS T 468 -92.57 -118.74 170.21
CA LYS T 468 -92.55 -120.19 170.37
C LYS T 468 -91.24 -120.66 171.00
N VAL T 469 -90.92 -120.09 172.17
CA VAL T 469 -89.70 -120.47 172.87
C VAL T 469 -89.78 -121.91 173.36
N ASP T 470 -90.95 -122.34 173.83
CA ASP T 470 -91.09 -123.70 174.35
C ASP T 470 -90.85 -124.74 173.27
N LEU T 471 -91.37 -124.50 172.06
CA LEU T 471 -91.16 -125.45 170.97
C LEU T 471 -89.68 -125.58 170.62
N ALA T 472 -88.97 -124.45 170.57
CA ALA T 472 -87.53 -124.50 170.30
C ALA T 472 -86.79 -125.22 171.42
N GLU T 473 -87.17 -124.97 172.67
CA GLU T 473 -86.50 -125.61 173.79
C GLU T 473 -86.72 -127.11 173.79
N LYS T 474 -87.94 -127.55 173.45
CA LYS T 474 -88.24 -128.99 173.44
C LYS T 474 -87.52 -129.73 172.31
N ASN T 475 -86.98 -129.01 171.32
CA ASN T 475 -86.27 -129.63 170.22
C ASN T 475 -84.78 -129.74 170.50
N VAL T 476 -84.44 -130.33 171.65
CA VAL T 476 -83.09 -130.54 172.17
C VAL T 476 -82.14 -129.43 171.76
N ALA T 477 -82.58 -128.18 171.88
CA ALA T 477 -81.75 -127.05 171.53
C ALA T 477 -80.75 -126.73 172.65
N SER T 478 -79.72 -125.99 172.30
CA SER T 478 -78.70 -125.60 173.26
C SER T 478 -79.15 -124.36 174.02
N PRO T 479 -79.24 -124.39 175.35
CA PRO T 479 -79.64 -123.18 176.09
C PRO T 479 -78.69 -122.02 175.94
N SER T 480 -77.41 -122.27 175.61
CA SER T 480 -76.46 -121.19 175.42
C SER T 480 -76.86 -120.31 174.24
N ARG T 481 -77.32 -120.92 173.15
CA ARG T 481 -77.75 -120.13 171.99
C ARG T 481 -78.96 -119.28 172.33
N ILE T 482 -79.92 -119.84 173.08
CA ILE T 482 -81.10 -119.07 173.47
C ILE T 482 -80.71 -117.92 174.37
N GLN T 483 -79.80 -118.16 175.32
CA GLN T 483 -79.35 -117.10 176.20
C GLN T 483 -78.64 -115.99 175.43
N GLN T 484 -77.79 -116.36 174.46
CA GLN T 484 -77.11 -115.37 173.65
C GLN T 484 -78.09 -114.56 172.81
N ILE T 485 -79.10 -115.22 172.25
CA ILE T 485 -80.10 -114.52 171.45
C ILE T 485 -80.88 -113.54 172.32
N ILE T 486 -81.30 -113.99 173.50
CA ILE T 486 -82.06 -113.12 174.40
C ILE T 486 -81.19 -111.96 174.87
N GLU T 487 -79.94 -112.24 175.27
CA GLU T 487 -79.05 -111.19 175.72
C GLU T 487 -78.56 -110.31 174.58
N GLY T 488 -78.52 -110.83 173.36
CA GLY T 488 -78.09 -110.05 172.21
C GLY T 488 -76.60 -110.12 171.95
N LYS T 489 -76.01 -111.30 172.16
CA LYS T 489 -74.58 -111.51 171.92
C LYS T 489 -74.31 -112.21 170.59
N LEU T 490 -75.33 -112.40 169.76
CA LEU T 490 -75.17 -113.07 168.48
C LEU T 490 -75.59 -112.22 167.29
N PHE T 491 -76.64 -111.43 167.44
CA PHE T 491 -77.11 -110.59 166.33
C PHE T 491 -76.19 -109.38 166.18
N PRO T 492 -75.60 -109.16 165.00
CA PRO T 492 -74.74 -107.99 164.83
C PRO T 492 -75.46 -106.67 165.00
N MET T 493 -76.75 -106.60 164.66
CA MET T 493 -77.50 -105.36 164.78
C MET T 493 -77.68 -104.98 166.25
N LYS T 494 -77.69 -103.67 166.50
CA LYS T 494 -77.84 -103.13 167.85
C LYS T 494 -79.32 -102.76 168.05
N ALA T 495 -80.13 -103.78 168.32
CA ALA T 495 -81.54 -103.56 168.55
C ALA T 495 -81.78 -102.90 169.90
N LEU T 496 -82.93 -102.22 170.01
CA LEU T 496 -83.28 -101.54 171.26
C LEU T 496 -83.55 -102.52 172.39
N GLY T 497 -83.86 -103.78 172.09
CA GLY T 497 -84.11 -104.76 173.12
C GLY T 497 -84.44 -106.10 172.49
N TYR T 498 -84.54 -107.10 173.35
CA TYR T 498 -84.87 -108.46 172.93
C TYR T 498 -85.81 -109.08 173.96
N PHE T 499 -86.95 -109.58 173.49
CA PHE T 499 -87.94 -110.20 174.36
C PHE T 499 -88.34 -111.55 173.78
N ALA T 500 -88.50 -112.54 174.66
CA ALA T 500 -88.87 -113.89 174.27
C ALA T 500 -90.27 -114.18 174.82
N VAL T 501 -91.17 -114.59 173.93
CA VAL T 501 -92.55 -114.89 174.28
C VAL T 501 -92.94 -116.23 173.68
N VAL T 502 -94.00 -116.81 174.21
CA VAL T 502 -94.53 -118.09 173.76
C VAL T 502 -95.92 -117.85 173.19
N THR T 503 -96.14 -118.24 171.94
CA THR T 503 -97.41 -118.07 171.26
C THR T 503 -98.10 -119.42 171.02
N GLY T 504 -97.97 -120.34 171.96
CA GLY T 504 -98.58 -121.64 171.84
C GLY T 504 -97.77 -122.58 170.97
N LYS T 505 -98.35 -123.76 170.73
CA LYS T 505 -97.72 -124.77 169.91
C LYS T 505 -97.92 -124.57 168.41
N GLY T 506 -98.70 -123.56 168.02
CA GLY T 506 -98.94 -123.29 166.62
C GLY T 506 -99.96 -124.18 165.96
N ASN T 507 -100.68 -125.00 166.72
CA ASN T 507 -101.69 -125.90 166.17
C ASN T 507 -102.98 -125.13 165.92
N SER T 508 -104.02 -125.84 165.49
CA SER T 508 -105.32 -125.24 165.20
C SER T 508 -106.40 -125.80 166.13
N SER T 509 -106.03 -126.17 167.35
CA SER T 509 -106.99 -126.71 168.30
C SER T 509 -106.84 -126.09 169.69
N GLU T 510 -106.12 -124.98 169.81
CA GLU T 510 -105.92 -124.30 171.08
C GLU T 510 -106.57 -122.92 171.01
N SER T 511 -107.43 -122.63 171.98
CA SER T 511 -108.10 -121.34 172.01
C SER T 511 -107.13 -120.23 172.42
N ILE T 512 -107.54 -118.99 172.15
CA ILE T 512 -106.70 -117.84 172.50
C ILE T 512 -106.51 -117.76 174.01
N GLU T 513 -107.57 -117.97 174.77
CA GLU T 513 -107.47 -117.92 176.23
C GLU T 513 -106.53 -119.00 176.76
N ALA T 514 -106.61 -120.20 176.21
CA ALA T 514 -105.73 -121.28 176.65
C ALA T 514 -104.27 -120.95 176.35
N ILE T 515 -103.99 -120.40 175.16
CA ILE T 515 -102.62 -120.05 174.81
C ILE T 515 -102.12 -118.93 175.72
N ARG T 516 -102.97 -117.94 176.02
CA ARG T 516 -102.57 -116.86 176.91
C ARG T 516 -102.28 -117.39 178.32
N GLU T 517 -103.11 -118.30 178.81
CA GLU T 517 -102.87 -118.88 180.13
C GLU T 517 -101.58 -119.69 180.16
N TYR T 518 -101.32 -120.45 179.09
CA TYR T 518 -100.08 -121.21 179.02
C TYR T 518 -98.87 -120.30 178.99
N GLU T 519 -98.95 -119.20 178.23
CA GLU T 519 -97.85 -118.23 178.18
C GLU T 519 -97.62 -117.59 179.54
N GLU T 520 -98.71 -117.23 180.24
CA GLU T 520 -98.58 -116.66 181.58
C GLU T 520 -97.94 -117.65 182.54
N GLU T 521 -98.36 -118.92 182.48
CA GLU T 521 -97.77 -119.93 183.35
C GLU T 521 -96.29 -120.12 183.04
N PHE T 522 -95.93 -120.13 181.75
CA PHE T 522 -94.52 -120.28 181.38
C PHE T 522 -93.70 -119.10 181.87
N PHE T 523 -94.25 -117.88 181.76
CA PHE T 523 -93.54 -116.70 182.25
C PHE T 523 -93.37 -116.75 183.76
N GLN T 524 -94.41 -117.18 184.48
CA GLN T 524 -94.31 -117.28 185.94
C GLN T 524 -93.29 -118.32 186.35
N ASN T 525 -93.29 -119.49 185.69
CA ASN T 525 -92.36 -120.57 186.00
C ASN T 525 -91.71 -121.02 184.70
N SER T 526 -90.46 -120.62 184.50
CA SER T 526 -89.70 -120.96 183.29
C SER T 526 -88.43 -121.70 183.67
N LYS T 527 -88.03 -122.63 182.79
CA LYS T 527 -86.82 -123.41 183.02
C LYS T 527 -85.55 -122.60 182.81
N LEU T 528 -85.63 -121.43 182.20
CA LEU T 528 -84.46 -120.59 181.95
C LEU T 528 -84.34 -119.42 182.94
N LEU T 529 -85.46 -118.93 183.47
CA LEU T 529 -85.41 -117.84 184.43
C LEU T 529 -84.82 -118.29 185.76
N LYS T 530 -85.02 -119.55 186.14
CA LYS T 530 -84.50 -120.07 187.40
C LYS T 530 -83.00 -120.31 187.37
N THR T 531 -82.37 -120.25 186.19
CA THR T 531 -80.93 -120.45 186.06
C THR T 531 -80.14 -119.16 186.21
N SER T 532 -80.81 -118.03 186.43
CA SER T 532 -80.16 -116.72 186.59
C SER T 532 -79.30 -116.38 185.38
N MET T 533 -79.80 -116.71 184.19
CA MET T 533 -79.11 -116.43 182.94
C MET T 533 -79.84 -115.43 182.06
N LEU T 534 -81.00 -114.93 182.49
CA LEU T 534 -81.78 -113.98 181.72
C LEU T 534 -82.07 -112.75 182.57
N LYS T 535 -82.10 -111.59 181.92
CA LYS T 535 -82.35 -110.34 182.63
C LYS T 535 -83.79 -110.29 183.14
N ALA T 536 -83.95 -109.73 184.33
CA ALA T 536 -85.28 -109.65 184.94
C ALA T 536 -86.15 -108.59 184.29
N HIS T 537 -85.54 -107.57 183.70
CA HIS T 537 -86.29 -106.48 183.08
C HIS T 537 -86.68 -106.77 181.63
N GLN T 538 -86.30 -107.93 181.09
CA GLN T 538 -86.64 -108.31 179.73
C GLN T 538 -87.81 -109.28 179.68
N VAL T 539 -88.78 -109.12 180.59
CA VAL T 539 -89.94 -110.01 180.64
C VAL T 539 -91.18 -109.25 180.19
N THR T 540 -92.28 -109.98 180.00
CA THR T 540 -93.56 -109.43 179.54
C THR T 540 -93.41 -108.67 178.23
N THR T 541 -94.43 -107.87 177.89
CA THR T 541 -94.41 -107.10 176.65
C THR T 541 -94.89 -105.67 176.81
N ARG T 542 -95.24 -105.23 178.04
CA ARG T 542 -95.80 -103.90 178.21
C ARG T 542 -94.77 -102.82 177.88
N ASN T 543 -93.55 -102.95 178.42
CA ASN T 543 -92.52 -101.95 178.17
C ASN T 543 -92.13 -101.91 176.69
N LEU T 544 -91.99 -103.09 176.08
CA LEU T 544 -91.64 -103.15 174.66
C LEU T 544 -92.74 -102.51 173.80
N SER T 545 -94.01 -102.80 174.12
CA SER T 545 -95.11 -102.21 173.37
C SER T 545 -95.14 -100.70 173.52
N LEU T 546 -94.93 -100.21 174.75
CA LEU T 546 -94.91 -98.76 174.98
C LEU T 546 -93.78 -98.09 174.21
N ALA T 547 -92.59 -98.70 174.23
CA ALA T 547 -91.45 -98.13 173.51
C ALA T 547 -91.71 -98.12 172.01
N VAL T 548 -92.27 -99.21 171.48
CA VAL T 548 -92.57 -99.27 170.05
C VAL T 548 -93.60 -98.23 169.67
N SER T 549 -94.65 -98.08 170.49
CA SER T 549 -95.67 -97.08 170.22
C SER T 549 -95.10 -95.66 170.24
N ASP T 550 -94.25 -95.37 171.23
CA ASP T 550 -93.65 -94.03 171.30
C ASP T 550 -92.76 -93.76 170.10
N CYS T 551 -91.95 -94.75 169.71
CA CYS T 551 -91.08 -94.58 168.55
C CYS T 551 -91.89 -94.38 167.27
N PHE T 552 -92.96 -95.16 167.11
CA PHE T 552 -93.80 -95.01 165.93
C PHE T 552 -94.48 -93.64 165.91
N TRP T 553 -94.96 -93.18 167.07
CA TRP T 553 -95.60 -91.87 167.13
C TRP T 553 -94.62 -90.75 166.79
N LYS T 554 -93.41 -90.80 167.35
CA LYS T 554 -92.45 -89.73 167.06
C LYS T 554 -92.00 -89.76 165.60
N MET T 555 -91.79 -90.96 165.05
CA MET T 555 -91.36 -91.03 163.66
C MET T 555 -92.47 -90.60 162.71
N VAL T 556 -93.72 -90.94 163.00
CA VAL T 556 -94.81 -90.51 162.14
C VAL T 556 -95.05 -89.00 162.29
N ARG T 557 -94.82 -88.44 163.48
CA ARG T 557 -94.92 -86.99 163.63
C ARG T 557 -93.85 -86.28 162.81
N GLU T 558 -92.61 -86.78 162.85
CA GLU T 558 -91.56 -86.19 162.03
C GLU T 558 -91.88 -86.33 160.54
N SER T 559 -92.37 -87.51 160.14
CA SER T 559 -92.70 -87.73 158.74
C SER T 559 -93.80 -86.80 158.27
N VAL T 560 -94.86 -86.62 159.07
CA VAL T 560 -95.95 -85.74 158.66
C VAL T 560 -95.50 -84.28 158.67
N GLU T 561 -94.61 -83.90 159.60
CA GLU T 561 -94.08 -82.55 159.59
C GLU T 561 -93.28 -82.28 158.32
N GLN T 562 -92.47 -83.24 157.89
CA GLN T 562 -91.74 -83.08 156.63
C GLN T 562 -92.69 -83.07 155.44
N GLN T 563 -93.69 -83.94 155.45
CA GLN T 563 -94.59 -84.06 154.31
C GLN T 563 -95.51 -82.86 154.16
N ALA T 564 -95.81 -82.15 155.25
CA ALA T 564 -96.64 -80.95 155.17
C ALA T 564 -96.07 -79.93 154.19
N ASP T 565 -94.74 -79.91 154.04
CA ASP T 565 -94.10 -79.09 153.03
C ASP T 565 -93.69 -79.86 151.79
N SER T 566 -93.36 -81.15 151.92
CA SER T 566 -92.97 -81.94 150.76
C SER T 566 -94.12 -82.06 149.77
N PHE T 567 -95.34 -82.33 150.24
CA PHE T 567 -96.47 -82.46 149.34
C PHE T 567 -96.85 -81.13 148.72
N LYS T 568 -96.72 -80.03 149.46
CA LYS T 568 -96.96 -78.71 148.87
C LYS T 568 -95.97 -78.42 147.77
N ALA T 569 -94.69 -78.75 147.99
CA ALA T 569 -93.68 -78.56 146.95
C ALA T 569 -93.97 -79.43 145.75
N THR T 570 -94.39 -80.68 145.97
CA THR T 570 -94.71 -81.57 144.87
C THR T 570 -95.89 -81.04 144.06
N ARG T 571 -96.92 -80.55 144.74
CA ARG T 571 -98.07 -79.98 144.03
C ARG T 571 -97.68 -78.75 143.23
N PHE T 572 -96.85 -77.89 143.81
CA PHE T 572 -96.39 -76.70 143.09
C PHE T 572 -95.59 -77.09 141.86
N ASN T 573 -94.71 -78.09 142.00
CA ASN T 573 -93.91 -78.55 140.85
C ASN T 573 -94.80 -79.14 139.77
N LEU T 574 -95.80 -79.93 140.16
CA LEU T 574 -96.71 -80.51 139.17
C LEU T 574 -97.51 -79.43 138.45
N GLU T 575 -97.99 -78.42 139.18
CA GLU T 575 -98.71 -77.33 138.56
C GLU T 575 -97.82 -76.56 137.60
N THR T 576 -96.57 -76.30 138.01
CA THR T 576 -95.65 -75.60 137.13
C THR T 576 -95.36 -76.41 135.86
N GLU T 577 -95.19 -77.72 136.02
CA GLU T 577 -94.95 -78.58 134.85
C GLU T 577 -96.14 -78.57 133.91
N TRP T 578 -97.36 -78.65 134.46
CA TRP T 578 -98.56 -78.63 133.62
C TRP T 578 -98.69 -77.30 132.89
N LYS T 579 -98.42 -76.19 133.58
CA LYS T 579 -98.49 -74.88 132.94
C LYS T 579 -97.43 -74.72 131.86
N ASN T 580 -96.22 -75.21 132.12
CA ASN T 580 -95.14 -75.04 131.15
C ASN T 580 -95.36 -75.91 129.91
N ASN T 581 -95.81 -77.16 130.10
CA ASN T 581 -96.05 -78.02 128.96
C ASN T 581 -97.21 -77.54 128.12
N TYR T 582 -98.21 -76.91 128.74
CA TYR T 582 -99.39 -76.40 128.06
C TYR T 582 -99.62 -74.94 128.44
N PRO T 583 -98.83 -74.04 127.87
CA PRO T 583 -99.02 -72.60 128.18
C PRO T 583 -100.38 -72.08 127.81
N ARG T 584 -100.99 -72.59 126.74
CA ARG T 584 -102.29 -72.12 126.27
C ARG T 584 -103.43 -73.06 126.64
N LEU T 585 -103.15 -74.12 127.41
CA LEU T 585 -104.17 -75.08 127.82
C LEU T 585 -104.12 -75.24 129.33
N ARG T 586 -105.29 -75.14 129.96
CA ARG T 586 -105.41 -75.30 131.40
C ARG T 586 -105.68 -76.77 131.73
N GLU T 587 -106.04 -77.04 132.98
CA GLU T 587 -106.29 -78.41 133.41
C GLU T 587 -107.42 -79.03 132.60
N LEU T 588 -107.18 -80.26 132.12
CA LEU T 588 -108.15 -80.99 131.30
C LEU T 588 -108.30 -82.40 131.89
N ASP T 589 -109.24 -82.55 132.81
CA ASP T 589 -109.50 -83.84 133.43
C ASP T 589 -110.50 -84.63 132.59
N ARG T 590 -110.91 -85.79 133.11
CA ARG T 590 -111.82 -86.67 132.37
C ARG T 590 -113.17 -86.01 132.14
N ASN T 591 -113.72 -85.35 133.17
CA ASN T 591 -115.05 -84.77 133.05
C ASN T 591 -115.09 -83.63 132.03
N GLU T 592 -114.16 -82.69 132.14
CA GLU T 592 -114.14 -81.55 131.23
C GLU T 592 -113.87 -81.99 129.80
N LEU T 593 -112.94 -82.92 129.61
CA LEU T 593 -112.64 -83.41 128.27
C LEU T 593 -113.82 -84.16 127.67
N PHE T 594 -114.50 -84.97 128.48
CA PHE T 594 -115.69 -85.67 127.99
C PHE T 594 -116.80 -84.69 127.61
N GLU T 595 -117.01 -83.66 128.43
CA GLU T 595 -118.00 -82.65 128.11
C GLU T 595 -117.65 -81.91 126.83
N LYS T 596 -116.37 -81.57 126.66
CA LYS T 596 -115.93 -80.89 125.43
C LYS T 596 -116.13 -81.78 124.22
N ALA T 597 -115.83 -83.07 124.34
CA ALA T 597 -116.04 -84.00 123.24
C ALA T 597 -117.52 -84.11 122.89
N LYS T 598 -118.38 -84.17 123.91
CA LYS T 598 -119.82 -84.22 123.67
C LYS T 598 -120.30 -82.95 122.96
N ASN T 599 -119.81 -81.79 123.40
CA ASN T 599 -120.18 -80.53 122.76
C ASN T 599 -119.70 -80.48 121.32
N GLU T 600 -118.48 -80.96 121.06
CA GLU T 600 -117.98 -80.99 119.69
C GLU T 600 -118.79 -81.92 118.81
N ILE T 601 -119.20 -83.07 119.35
CA ILE T 601 -120.05 -83.99 118.60
C ILE T 601 -121.39 -83.35 118.29
N LEU T 602 -121.98 -82.65 119.27
CA LEU T 602 -123.24 -81.96 119.04
C LEU T 602 -123.10 -80.88 117.97
N ASP T 603 -122.00 -80.12 118.02
CA ASP T 603 -121.77 -79.08 117.01
C ASP T 603 -121.59 -79.68 115.63
N GLU T 604 -120.87 -80.81 115.53
CA GLU T 604 -120.71 -81.48 114.26
C GLU T 604 -122.04 -81.98 113.72
N VAL T 605 -122.88 -82.53 114.59
CA VAL T 605 -124.20 -83.00 114.17
C VAL T 605 -125.05 -81.82 113.69
N ILE T 606 -124.98 -80.70 114.40
CA ILE T 606 -125.72 -79.50 114.01
C ILE T 606 -125.27 -79.01 112.63
N SER T 607 -123.94 -78.98 112.42
CA SER T 607 -123.42 -78.55 111.13
C SER T 607 -123.84 -79.50 110.02
N LEU T 608 -123.83 -80.81 110.30
CA LEU T 608 -124.27 -81.79 109.32
C LEU T 608 -125.74 -81.58 108.96
N SER T 609 -126.58 -81.30 109.96
CA SER T 609 -128.00 -81.09 109.70
C SER T 609 -128.24 -79.75 109.00
N GLN T 610 -127.33 -78.79 109.13
CA GLN T 610 -127.49 -77.47 108.57
C GLN T 610 -127.00 -77.35 107.13
N VAL T 611 -126.42 -78.42 106.57
CA VAL T 611 -125.96 -78.38 105.19
C VAL T 611 -127.15 -78.28 104.25
N THR T 612 -127.01 -77.47 103.20
CA THR T 612 -128.08 -77.27 102.24
C THR T 612 -128.43 -78.59 101.55
N PRO T 613 -129.73 -78.97 101.51
CA PRO T 613 -130.09 -80.24 100.86
C PRO T 613 -129.73 -80.31 99.40
N LYS T 614 -129.64 -79.17 98.70
CA LYS T 614 -129.33 -79.19 97.27
C LYS T 614 -127.95 -79.77 97.02
N HIS T 615 -126.97 -79.39 97.83
CA HIS T 615 -125.63 -79.95 97.68
C HIS T 615 -125.62 -81.45 97.92
N TRP T 616 -126.37 -81.91 98.93
CA TRP T 616 -126.49 -83.35 99.17
C TRP T 616 -127.09 -84.06 97.96
N GLU T 617 -128.15 -83.49 97.39
CA GLU T 617 -128.79 -84.11 96.23
C GLU T 617 -127.83 -84.17 95.05
N GLU T 618 -127.09 -83.09 94.80
CA GLU T 618 -126.14 -83.08 93.69
C GLU T 618 -125.04 -84.12 93.90
N ILE T 619 -124.49 -84.18 95.12
CA ILE T 619 -123.42 -85.12 95.40
C ILE T 619 -123.90 -86.55 95.25
N LEU T 620 -125.09 -86.84 95.81
CA LEU T 620 -125.63 -88.19 95.71
C LEU T 620 -125.91 -88.58 94.27
N GLN T 621 -126.49 -87.66 93.48
CA GLN T 621 -126.77 -87.96 92.09
C GLN T 621 -125.48 -88.23 91.31
N GLN T 622 -124.47 -87.38 91.52
CA GLN T 622 -123.21 -87.56 90.81
C GLN T 622 -122.55 -88.88 91.18
N SER T 623 -122.50 -89.19 92.48
CA SER T 623 -121.87 -90.43 92.93
C SER T 623 -122.61 -91.64 92.40
N LEU T 624 -123.95 -91.62 92.48
CA LEU T 624 -124.72 -92.76 91.99
C LEU T 624 -124.55 -92.94 90.49
N TRP T 625 -124.56 -91.85 89.73
CA TRP T 625 -124.37 -91.95 88.29
C TRP T 625 -123.00 -92.52 87.96
N GLU T 626 -121.96 -92.03 88.63
CA GLU T 626 -120.62 -92.55 88.39
C GLU T 626 -120.52 -94.02 88.76
N ARG T 627 -121.26 -94.44 89.80
CA ARG T 627 -121.20 -95.83 90.23
C ARG T 627 -121.93 -96.75 89.26
N VAL T 628 -123.09 -96.32 88.75
CA VAL T 628 -123.95 -97.21 87.97
C VAL T 628 -123.80 -97.01 86.47
N SER T 629 -122.90 -96.12 86.04
CA SER T 629 -122.69 -95.93 84.60
C SER T 629 -122.26 -97.22 83.93
N THR T 630 -121.26 -97.90 84.51
CA THR T 630 -120.78 -99.15 83.93
C THR T 630 -121.85 -100.22 83.96
N HIS T 631 -122.60 -100.32 85.06
CA HIS T 631 -123.67 -101.30 85.16
C HIS T 631 -124.73 -101.07 84.10
N VAL T 632 -125.14 -99.81 83.93
CA VAL T 632 -126.16 -99.48 82.93
C VAL T 632 -125.64 -99.80 81.53
N ILE T 633 -124.39 -99.46 81.24
CA ILE T 633 -123.83 -99.72 79.92
C ILE T 633 -123.82 -101.22 79.65
N GLU T 634 -123.26 -102.01 80.57
CA GLU T 634 -123.14 -103.45 80.37
C GLU T 634 -124.46 -104.19 80.45
N ASN T 635 -125.51 -103.58 81.00
CA ASN T 635 -126.82 -104.21 81.05
C ASN T 635 -127.77 -103.72 79.97
N ILE T 636 -127.42 -102.65 79.25
CA ILE T 636 -128.29 -102.14 78.20
C ILE T 636 -127.64 -102.31 76.83
N TYR T 637 -126.47 -101.71 76.64
CA TYR T 637 -125.87 -101.71 75.31
C TYR T 637 -125.28 -103.06 74.94
N LEU T 638 -124.77 -103.82 75.91
CA LEU T 638 -124.20 -105.13 75.62
C LEU T 638 -125.23 -106.09 75.01
N PRO T 639 -126.43 -106.25 75.56
CA PRO T 639 -127.41 -107.11 74.88
C PRO T 639 -127.96 -106.48 73.60
N ALA T 640 -128.28 -105.19 73.64
CA ALA T 640 -128.83 -104.49 72.48
C ALA T 640 -127.72 -103.80 71.69
N ALA T 641 -126.76 -104.60 71.23
CA ALA T 641 -125.62 -104.09 70.50
C ALA T 641 -125.82 -104.04 69.00
N GLN T 642 -126.94 -104.57 68.48
CA GLN T 642 -127.20 -104.59 67.05
C GLN T 642 -128.59 -104.08 66.71
N THR T 643 -129.23 -103.33 67.61
CA THR T 643 -130.54 -102.78 67.33
C THR T 643 -130.44 -101.67 66.29
N MET T 644 -131.41 -101.66 65.36
CA MET T 644 -131.47 -100.66 64.31
C MET T 644 -132.55 -99.62 64.55
N ASN T 645 -133.75 -100.05 64.89
CA ASN T 645 -134.85 -99.12 65.16
C ASN T 645 -134.71 -98.52 66.55
N SER T 646 -134.93 -97.21 66.65
CA SER T 646 -134.84 -96.53 67.93
C SER T 646 -135.96 -96.97 68.87
N GLY T 647 -137.12 -97.32 68.33
CA GLY T 647 -138.22 -97.75 69.18
C GLY T 647 -137.93 -99.03 69.93
N THR T 648 -137.33 -100.01 69.25
CA THR T 648 -136.96 -101.26 69.91
C THR T 648 -135.92 -101.01 70.99
N PHE T 649 -134.94 -100.15 70.72
CA PHE T 649 -133.94 -99.82 71.73
C PHE T 649 -134.57 -99.15 72.94
N ASN T 650 -135.50 -98.22 72.71
CA ASN T 650 -136.17 -97.56 73.82
C ASN T 650 -137.00 -98.55 74.63
N THR T 651 -137.68 -99.48 73.95
CA THR T 651 -138.47 -100.49 74.66
C THR T 651 -137.57 -101.38 75.51
N THR T 652 -136.42 -101.78 74.95
CA THR T 652 -135.48 -102.60 75.71
C THR T 652 -134.94 -101.84 76.92
N VAL T 653 -134.65 -100.54 76.74
CA VAL T 653 -134.17 -99.72 77.85
C VAL T 653 -135.22 -99.65 78.95
N ASP T 654 -136.48 -99.43 78.56
CA ASP T 654 -137.56 -99.36 79.55
C ASP T 654 -137.72 -100.69 80.27
N ILE T 655 -137.64 -101.80 79.55
CA ILE T 655 -137.77 -103.11 80.17
C ILE T 655 -136.65 -103.34 81.18
N LYS T 656 -135.42 -103.01 80.79
CA LYS T 656 -134.28 -103.19 81.68
C LYS T 656 -134.40 -102.30 82.91
N LEU T 657 -134.83 -101.04 82.72
CA LEU T 657 -134.99 -100.14 83.86
C LEU T 657 -136.06 -100.65 84.82
N LYS T 658 -137.19 -101.13 84.28
CA LYS T 658 -138.24 -101.66 85.14
C LYS T 658 -137.76 -102.89 85.90
N GLN T 659 -137.04 -103.78 85.23
CA GLN T 659 -136.52 -104.97 85.89
C GLN T 659 -135.54 -104.59 86.99
N TRP T 660 -134.66 -103.62 86.73
CA TRP T 660 -133.71 -103.19 87.75
C TRP T 660 -134.42 -102.56 88.94
N THR T 661 -135.43 -101.71 88.68
CA THR T 661 -136.18 -101.10 89.78
C THR T 661 -136.89 -102.17 90.61
N ASP T 662 -137.45 -103.19 89.95
CA ASP T 662 -138.16 -104.22 90.69
C ASP T 662 -137.21 -105.10 91.49
N LYS T 663 -136.04 -105.40 90.94
CA LYS T 663 -135.18 -106.43 91.55
C LYS T 663 -134.35 -105.89 92.71
N GLN T 664 -133.42 -104.98 92.42
CA GLN T 664 -132.45 -104.59 93.45
C GLN T 664 -132.08 -103.11 93.44
N LEU T 665 -132.68 -102.28 92.59
CA LEU T 665 -132.30 -100.87 92.53
C LEU T 665 -132.52 -100.14 93.85
N PRO T 666 -133.65 -100.27 94.54
CA PRO T 666 -133.78 -99.59 95.85
C PRO T 666 -132.72 -100.02 96.85
N ASN T 667 -132.35 -101.30 96.86
CA ASN T 667 -131.32 -101.77 97.78
C ASN T 667 -129.97 -101.14 97.45
N LYS T 668 -129.63 -101.07 96.16
CA LYS T 668 -128.37 -100.45 95.77
C LYS T 668 -128.36 -98.97 96.11
N ALA T 669 -129.49 -98.28 95.91
CA ALA T 669 -129.58 -96.87 96.25
C ALA T 669 -129.41 -96.66 97.76
N VAL T 670 -130.04 -97.51 98.56
CA VAL T 670 -129.91 -97.41 100.02
C VAL T 670 -128.46 -97.65 100.44
N GLU T 671 -127.82 -98.65 99.85
CA GLU T 671 -126.43 -98.94 100.19
C GLU T 671 -125.53 -97.77 99.80
N VAL T 672 -125.74 -97.18 98.63
CA VAL T 672 -124.93 -96.06 98.18
C VAL T 672 -125.13 -94.86 99.11
N ALA T 673 -126.38 -94.58 99.48
CA ALA T 673 -126.65 -93.47 100.39
C ALA T 673 -126.00 -93.69 101.75
N TRP T 674 -126.08 -94.91 102.27
CA TRP T 674 -125.47 -95.21 103.56
C TRP T 674 -123.94 -95.08 103.49
N GLU T 675 -123.34 -95.55 102.40
CA GLU T 675 -121.89 -95.43 102.23
C GLU T 675 -121.48 -93.96 102.14
N THR T 676 -122.23 -93.15 101.41
CA THR T 676 -121.92 -91.73 101.33
C THR T 676 -122.05 -91.05 102.68
N LEU T 677 -123.10 -91.40 103.45
CA LEU T 677 -123.24 -90.83 104.78
C LEU T 677 -122.10 -91.24 105.68
N GLN T 678 -121.66 -92.50 105.60
CA GLN T 678 -120.52 -92.95 106.39
C GLN T 678 -119.24 -92.20 105.99
N GLU T 679 -119.04 -91.99 104.68
CA GLU T 679 -117.85 -91.26 104.23
C GLU T 679 -117.88 -89.81 104.74
N GLU T 680 -119.04 -89.16 104.66
CA GLU T 680 -119.14 -87.79 105.15
C GLU T 680 -118.89 -87.72 106.66
N PHE T 681 -119.45 -88.67 107.41
CA PHE T 681 -119.24 -88.70 108.85
C PHE T 681 -117.77 -88.93 109.18
N SER T 682 -117.11 -89.84 108.47
CA SER T 682 -115.69 -90.10 108.71
C SER T 682 -114.85 -88.88 108.38
N ARG T 683 -115.15 -88.19 107.27
CA ARG T 683 -114.39 -87.01 106.92
C ARG T 683 -114.58 -85.89 107.95
N PHE T 684 -115.81 -85.73 108.45
CA PHE T 684 -116.06 -84.73 109.49
C PHE T 684 -115.34 -85.08 110.78
N MET T 685 -115.33 -86.36 111.15
CA MET T 685 -114.63 -86.78 112.37
C MET T 685 -113.13 -86.58 112.24
N THR T 686 -112.56 -86.90 111.08
CA THR T 686 -111.13 -86.77 110.84
C THR T 686 -110.95 -85.62 109.83
N GLU T 687 -110.83 -84.40 110.36
CA GLU T 687 -110.69 -83.19 109.55
C GLU T 687 -109.46 -82.44 110.04
N PRO T 688 -108.27 -82.80 109.56
CA PRO T 688 -107.02 -82.20 110.06
C PRO T 688 -106.77 -80.80 109.48
N LYS T 689 -107.78 -79.94 109.57
CA LYS T 689 -107.60 -78.55 109.16
C LYS T 689 -106.59 -77.83 110.06
N GLY T 690 -106.64 -78.10 111.36
CA GLY T 690 -105.69 -77.49 112.27
C GLY T 690 -104.30 -78.04 112.09
N LYS T 691 -103.31 -77.20 112.42
CA LYS T 691 -101.91 -77.60 112.26
C LYS T 691 -101.49 -78.64 113.28
N GLU T 692 -102.19 -78.77 114.40
CA GLU T 692 -101.82 -79.74 115.43
C GLU T 692 -102.56 -81.05 115.21
N HIS T 693 -103.89 -81.01 115.24
CA HIS T 693 -104.75 -82.19 115.05
C HIS T 693 -104.31 -83.35 115.95
N ASP T 694 -104.43 -83.10 117.25
CA ASP T 694 -104.07 -84.10 118.26
C ASP T 694 -104.87 -85.38 118.05
N ASP T 695 -104.16 -86.51 118.08
CA ASP T 695 -104.79 -87.81 117.83
C ASP T 695 -105.52 -88.37 119.03
N ILE T 696 -105.32 -87.81 120.23
CA ILE T 696 -106.01 -88.31 121.41
C ILE T 696 -107.52 -88.16 121.25
N PHE T 697 -107.97 -87.00 120.77
CA PHE T 697 -109.39 -86.80 120.50
C PHE T 697 -109.81 -87.56 119.25
N ASP T 698 -108.91 -87.69 118.28
CA ASP T 698 -109.24 -88.37 117.03
C ASP T 698 -109.57 -89.84 117.26
N LYS T 699 -108.82 -90.52 118.14
CA LYS T 699 -109.12 -91.92 118.43
C LYS T 699 -110.49 -92.08 119.05
N LEU T 700 -110.83 -91.21 120.01
CA LEU T 700 -112.16 -91.27 120.62
C LEU T 700 -113.25 -90.98 119.60
N LYS T 701 -113.02 -90.00 118.71
CA LYS T 701 -114.00 -89.70 117.67
C LYS T 701 -114.21 -90.90 116.74
N GLU T 702 -113.12 -91.56 116.35
CA GLU T 702 -113.23 -92.73 115.49
C GLU T 702 -113.96 -93.87 116.20
N ALA T 703 -113.67 -94.07 117.49
CA ALA T 703 -114.37 -95.12 118.24
C ALA T 703 -115.87 -94.83 118.33
N VAL T 704 -116.22 -93.56 118.59
CA VAL T 704 -117.63 -93.19 118.66
C VAL T 704 -118.30 -93.37 117.31
N LYS T 705 -117.60 -93.01 116.22
CA LYS T 705 -118.14 -93.19 114.89
C LYS T 705 -118.39 -94.66 114.58
N GLU T 706 -117.44 -95.53 114.93
CA GLU T 706 -117.61 -96.96 114.71
C GLU T 706 -118.77 -97.51 115.52
N GLU T 707 -118.90 -97.08 116.79
CA GLU T 707 -120.00 -97.54 117.62
C GLU T 707 -121.34 -97.09 117.04
N SER T 708 -121.42 -95.84 116.58
CA SER T 708 -122.67 -95.36 115.97
C SER T 708 -122.99 -96.11 114.69
N ILE T 709 -121.97 -96.40 113.88
CA ILE T 709 -122.20 -97.14 112.64
C ILE T 709 -122.72 -98.54 112.95
N LYS T 710 -122.11 -99.21 113.92
CA LYS T 710 -122.54 -100.56 114.27
C LYS T 710 -123.93 -100.56 114.91
N ARG T 711 -124.27 -99.51 115.66
CA ARG T 711 -125.56 -99.43 116.33
C ARG T 711 -126.66 -98.87 115.43
N HIS T 712 -126.31 -98.33 114.27
CA HIS T 712 -127.30 -97.74 113.39
C HIS T 712 -128.27 -98.80 112.86
N LYS T 713 -129.53 -98.42 112.72
CA LYS T 713 -130.58 -99.31 112.24
C LYS T 713 -131.30 -98.67 111.06
N TRP T 714 -131.95 -99.51 110.26
CA TRP T 714 -132.68 -99.07 109.09
C TRP T 714 -134.12 -99.58 109.14
N ASN T 715 -135.03 -98.84 108.53
CA ASN T 715 -136.45 -99.17 108.53
C ASN T 715 -136.86 -99.67 107.14
N ASP T 716 -137.55 -100.82 107.11
CA ASP T 716 -138.00 -101.37 105.84
C ASP T 716 -139.11 -100.54 105.22
N PHE T 717 -139.85 -99.80 106.04
CA PHE T 717 -140.88 -98.90 105.49
C PHE T 717 -140.25 -97.83 104.61
N ALA T 718 -139.09 -97.30 105.02
CA ALA T 718 -138.38 -96.35 104.19
C ALA T 718 -137.96 -96.97 102.87
N GLU T 719 -137.50 -98.23 102.90
CA GLU T 719 -137.13 -98.91 101.67
C GLU T 719 -138.33 -99.09 100.75
N ASP T 720 -139.48 -99.47 101.30
CA ASP T 720 -140.68 -99.63 100.50
C ASP T 720 -141.12 -98.30 99.89
N SER T 721 -141.07 -97.23 100.68
CA SER T 721 -141.42 -95.91 100.16
C SER T 721 -140.46 -95.48 99.05
N LEU T 722 -139.17 -95.76 99.22
CA LEU T 722 -138.19 -95.44 98.19
C LEU T 722 -138.47 -96.22 96.91
N ARG T 723 -138.80 -97.50 97.05
CA ARG T 723 -139.13 -98.31 95.87
C ARG T 723 -140.36 -97.77 95.16
N VAL T 724 -141.40 -97.41 95.92
CA VAL T 724 -142.62 -96.88 95.33
C VAL T 724 -142.34 -95.57 94.60
N ILE T 725 -141.56 -94.69 95.21
CA ILE T 725 -141.27 -93.40 94.60
C ILE T 725 -140.40 -93.57 93.36
N GLN T 726 -139.44 -94.51 93.40
CA GLN T 726 -138.62 -94.79 92.23
C GLN T 726 -139.47 -95.31 91.08
N HIS T 727 -140.41 -96.20 91.38
CA HIS T 727 -141.30 -96.69 90.33
C HIS T 727 -142.20 -95.59 89.79
N ASN T 728 -142.68 -94.70 90.65
CA ASN T 728 -143.58 -93.64 90.21
C ASN T 728 -142.85 -92.51 89.50
N ALA T 729 -141.53 -92.41 89.67
CA ALA T 729 -140.78 -91.32 89.05
C ALA T 729 -140.60 -91.53 87.55
N LEU T 730 -141.70 -91.44 86.81
CA LEU T 730 -141.67 -91.53 85.35
C LEU T 730 -142.51 -90.42 84.75
N GLU T 731 -142.29 -89.19 85.24
CA GLU T 731 -143.13 -88.04 84.89
C GLU T 731 -142.76 -87.45 83.53
N ASP T 732 -141.53 -86.97 83.38
CA ASP T 732 -141.12 -86.28 82.16
C ASP T 732 -140.39 -87.25 81.24
N ARG T 733 -140.69 -87.15 79.94
CA ARG T 733 -140.08 -88.01 78.94
C ARG T 733 -139.58 -87.28 77.70
N SER T 734 -139.76 -85.97 77.60
CA SER T 734 -139.32 -85.21 76.43
C SER T 734 -138.78 -83.86 76.88
N ILE T 735 -137.94 -83.29 76.02
CA ILE T 735 -137.33 -81.98 76.26
C ILE T 735 -138.00 -80.96 75.35
N SER T 736 -138.53 -79.90 75.94
CA SER T 736 -139.15 -78.81 75.19
C SER T 736 -138.38 -77.49 75.37
N ASP T 737 -137.17 -77.54 75.92
CA ASP T 737 -136.38 -76.35 76.17
C ASP T 737 -135.05 -76.48 75.43
N LYS T 738 -134.67 -75.42 74.72
CA LYS T 738 -133.39 -75.41 74.02
C LYS T 738 -132.22 -75.47 75.00
N GLN T 739 -132.33 -74.73 76.11
CA GLN T 739 -131.26 -74.73 77.11
C GLN T 739 -131.11 -76.10 77.76
N GLN T 740 -132.23 -76.75 78.09
CA GLN T 740 -132.17 -78.10 78.66
C GLN T 740 -131.59 -79.08 77.64
N TRP T 741 -131.95 -78.92 76.36
CA TRP T 741 -131.39 -79.78 75.33
C TRP T 741 -129.88 -79.60 75.22
N ASP T 742 -129.41 -78.36 75.28
CA ASP T 742 -127.96 -78.10 75.23
C ASP T 742 -127.26 -78.66 76.45
N ALA T 743 -127.87 -78.54 77.63
CA ALA T 743 -127.27 -79.09 78.85
C ALA T 743 -127.18 -80.62 78.76
N ALA T 744 -128.24 -81.27 78.26
CA ALA T 744 -128.19 -82.71 78.07
C ALA T 744 -127.13 -83.11 77.05
N ILE T 745 -127.00 -82.33 75.98
CA ILE T 745 -125.97 -82.60 74.99
C ILE T 745 -124.58 -82.51 75.62
N TYR T 746 -124.35 -81.47 76.42
CA TYR T 746 -123.04 -81.30 77.06
C TYR T 746 -122.75 -82.43 78.04
N PHE T 747 -123.75 -82.84 78.82
CA PHE T 747 -123.55 -83.95 79.75
C PHE T 747 -123.24 -85.25 79.02
N MET T 748 -124.00 -85.52 77.94
CA MET T 748 -123.74 -86.71 77.14
C MET T 748 -122.36 -86.67 76.50
N GLU T 749 -121.95 -85.50 76.02
CA GLU T 749 -120.62 -85.35 75.44
C GLU T 749 -119.53 -85.61 76.48
N GLU T 750 -119.72 -85.10 77.70
CA GLU T 750 -118.75 -85.35 78.77
C GLU T 750 -118.67 -86.85 79.08
N ALA T 751 -119.82 -87.51 79.19
CA ALA T 751 -119.82 -88.95 79.48
C ALA T 751 -119.15 -89.73 78.36
N LEU T 752 -119.44 -89.39 77.10
CA LEU T 752 -118.86 -90.11 75.98
C LEU T 752 -117.36 -89.84 75.89
N GLN T 753 -116.92 -88.62 76.21
CA GLN T 753 -115.49 -88.34 76.24
C GLN T 753 -114.78 -89.13 77.33
N ALA T 754 -115.42 -89.26 78.50
CA ALA T 754 -114.85 -90.09 79.56
C ALA T 754 -114.75 -91.55 79.11
N ARG T 755 -115.80 -92.06 78.47
CA ARG T 755 -115.77 -93.43 77.97
C ARG T 755 -114.68 -93.61 76.91
N LEU T 756 -114.53 -92.62 76.03
CA LEU T 756 -113.49 -92.68 75.00
C LEU T 756 -112.10 -92.69 75.63
N LYS T 757 -111.88 -91.86 76.66
CA LYS T 757 -110.60 -91.86 77.35
C LYS T 757 -110.33 -93.20 78.02
N ASP T 758 -111.35 -93.80 78.65
CA ASP T 758 -111.18 -95.11 79.25
C ASP T 758 -110.82 -96.16 78.20
N THR T 759 -111.51 -96.12 77.05
CA THR T 759 -111.21 -97.06 75.98
C THR T 759 -109.81 -96.86 75.43
N GLU T 760 -109.38 -95.61 75.29
CA GLU T 760 -108.02 -95.33 74.84
C GLU T 760 -106.99 -95.85 75.82
N ASN T 761 -107.24 -95.67 77.12
CA ASN T 761 -106.33 -96.20 78.13
C ASN T 761 -106.26 -97.72 78.06
N ALA T 762 -107.41 -98.38 77.89
CA ALA T 762 -107.42 -99.83 77.78
C ALA T 762 -106.66 -100.29 76.55
N ILE T 763 -106.86 -99.61 75.42
CA ILE T 763 -106.16 -99.98 74.19
C ILE T 763 -104.65 -99.78 74.35
N GLU T 764 -104.24 -98.68 74.97
CA GLU T 764 -102.81 -98.43 75.19
C GLU T 764 -102.21 -99.48 76.12
N ASN T 765 -102.94 -99.88 77.16
CA ASN T 765 -102.46 -100.95 78.02
C ASN T 765 -102.33 -102.26 77.27
N MET T 766 -103.29 -102.56 76.40
CA MET T 766 -103.24 -103.80 75.62
C MET T 766 -102.08 -103.80 74.62
N VAL T 767 -101.82 -102.67 73.98
CA VAL T 767 -100.85 -102.62 72.88
C VAL T 767 -99.64 -101.79 73.27
N GLY T 768 -99.84 -100.50 73.54
CA GLY T 768 -98.75 -99.61 73.84
C GLY T 768 -98.77 -98.36 72.97
N PRO T 769 -97.58 -97.84 72.66
CA PRO T 769 -97.50 -96.65 71.81
C PRO T 769 -98.08 -96.91 70.43
N ASP T 770 -98.78 -95.90 69.91
CA ASP T 770 -99.48 -95.99 68.63
C ASP T 770 -99.20 -94.74 67.80
N TRP T 771 -99.03 -94.93 66.48
CA TRP T 771 -98.90 -93.84 65.51
C TRP T 771 -97.70 -92.99 65.90
N LYS T 772 -97.86 -91.70 66.19
CA LYS T 772 -96.75 -90.79 66.46
C LYS T 772 -95.96 -91.24 67.67
N LYS T 773 -96.64 -91.71 68.71
CA LYS T 773 -95.95 -92.19 69.90
C LYS T 773 -95.06 -93.38 69.59
N ARG T 774 -95.56 -94.31 68.76
CA ARG T 774 -94.78 -95.50 68.43
C ARG T 774 -93.61 -95.16 67.52
N TRP T 775 -93.83 -94.31 66.51
CA TRP T 775 -92.81 -94.01 65.52
C TRP T 775 -91.90 -92.85 65.94
N LEU T 776 -92.12 -92.26 67.11
CA LEU T 776 -91.23 -91.19 67.57
C LEU T 776 -89.81 -91.70 67.78
N TYR T 777 -89.67 -92.88 68.39
CA TYR T 777 -88.35 -93.46 68.59
C TYR T 777 -87.78 -94.01 67.28
N TRP T 778 -88.63 -94.67 66.50
CA TRP T 778 -88.32 -95.25 65.19
C TRP T 778 -87.38 -96.44 65.29
N LYS T 779 -86.90 -96.78 66.49
CA LYS T 779 -86.00 -97.92 66.68
C LYS T 779 -86.49 -98.92 67.72
N ASN T 780 -87.61 -98.64 68.39
CA ASN T 780 -88.17 -99.54 69.41
C ASN T 780 -89.37 -100.26 68.82
N ARG T 781 -89.23 -101.58 68.63
CA ARG T 781 -90.30 -102.40 68.09
C ARG T 781 -90.37 -103.71 68.85
N THR T 782 -91.59 -104.19 69.08
CA THR T 782 -91.85 -105.44 69.77
C THR T 782 -92.79 -106.28 68.92
N GLN T 783 -92.53 -107.59 68.88
CA GLN T 783 -93.36 -108.48 68.06
C GLN T 783 -94.79 -108.54 68.59
N GLU T 784 -94.95 -108.48 69.91
CA GLU T 784 -96.29 -108.55 70.49
C GLU T 784 -97.13 -107.34 70.08
N GLN T 785 -96.57 -106.14 70.21
CA GLN T 785 -97.29 -104.94 69.80
C GLN T 785 -97.40 -104.83 68.29
N CYS T 786 -96.45 -105.38 67.54
CA CYS T 786 -96.56 -105.37 66.08
C CYS T 786 -97.74 -106.21 65.62
N VAL T 787 -97.98 -107.35 66.26
CA VAL T 787 -99.12 -108.19 65.93
C VAL T 787 -100.42 -107.44 66.19
N HIS T 788 -100.50 -106.76 67.34
CA HIS T 788 -101.69 -105.99 67.67
C HIS T 788 -101.91 -104.85 66.66
N ASN T 789 -100.82 -104.18 66.27
CA ASN T 789 -100.93 -103.11 65.28
C ASN T 789 -101.42 -103.64 63.94
N GLU T 790 -100.89 -104.79 63.51
CA GLU T 790 -101.34 -105.38 62.25
C GLU T 790 -102.81 -105.78 62.32
N THR T 791 -103.24 -106.36 63.45
CA THR T 791 -104.65 -106.70 63.60
C THR T 791 -105.54 -105.46 63.57
N LYS T 792 -105.09 -104.38 64.24
CA LYS T 792 -105.85 -103.14 64.23
C LYS T 792 -105.96 -102.57 62.82
N ASN T 793 -104.86 -102.60 62.08
CA ASN T 793 -104.89 -102.11 60.70
C ASN T 793 -105.82 -102.95 59.84
N GLU T 794 -105.78 -104.27 60.00
CA GLU T 794 -106.65 -105.14 59.22
C GLU T 794 -108.12 -104.87 59.53
N LEU T 795 -108.44 -104.70 60.82
CA LEU T 795 -109.81 -104.42 61.21
C LEU T 795 -110.27 -103.06 60.71
N GLU T 796 -109.38 -102.06 60.74
CA GLU T 796 -109.71 -100.74 60.20
C GLU T 796 -109.98 -100.81 58.71
N LYS T 797 -109.16 -101.56 57.98
CA LYS T 797 -109.40 -101.73 56.54
C LYS T 797 -110.71 -102.46 56.28
N MET T 798 -111.04 -103.46 57.10
CA MET T 798 -112.30 -104.17 56.96
C MET T 798 -113.49 -103.23 57.19
N LEU T 799 -113.39 -102.37 58.21
CA LEU T 799 -114.45 -101.39 58.45
C LEU T 799 -114.55 -100.39 57.31
N LYS T 800 -113.41 -99.98 56.75
CA LYS T 800 -113.44 -99.07 55.60
C LYS T 800 -114.13 -99.72 54.41
N CYS T 801 -113.85 -101.00 54.17
CA CYS T 801 -114.52 -101.71 53.08
C CYS T 801 -115.96 -102.06 53.45
N ASN T 802 -116.22 -102.43 54.70
CA ASN T 802 -117.54 -102.83 55.16
C ASN T 802 -117.83 -102.10 56.47
N GLU T 803 -118.54 -100.97 56.37
CA GLU T 803 -118.83 -100.17 57.55
C GLU T 803 -119.70 -100.91 58.55
N GLU T 804 -120.70 -101.64 58.07
CA GLU T 804 -121.64 -102.35 58.92
C GLU T 804 -121.26 -103.83 58.97
N HIS T 805 -121.10 -104.36 60.18
CA HIS T 805 -120.72 -105.75 60.39
C HIS T 805 -121.38 -106.23 61.67
N PRO T 806 -121.86 -107.47 61.71
CA PRO T 806 -122.43 -108.01 62.95
C PRO T 806 -121.37 -108.15 64.03
N ALA T 807 -121.81 -108.01 65.28
CA ALA T 807 -120.88 -108.10 66.41
C ALA T 807 -120.23 -109.47 66.50
N TYR T 808 -121.01 -110.53 66.30
CA TYR T 808 -120.47 -111.87 66.35
C TYR T 808 -119.62 -112.17 65.12
N LEU T 809 -118.71 -113.13 65.26
CA LEU T 809 -117.82 -113.53 64.19
C LEU T 809 -118.15 -114.98 63.80
N ALA T 810 -118.45 -115.19 62.52
CA ALA T 810 -118.73 -116.52 62.02
C ALA T 810 -117.43 -117.29 61.79
N SER T 811 -117.56 -118.60 61.63
CA SER T 811 -116.40 -119.46 61.46
C SER T 811 -115.62 -119.11 60.19
N ASP T 812 -116.33 -118.89 59.08
CA ASP T 812 -115.66 -118.56 57.83
C ASP T 812 -114.93 -117.22 57.92
N GLU T 813 -115.53 -116.24 58.60
CA GLU T 813 -114.88 -114.96 58.77
C GLU T 813 -113.58 -115.09 59.57
N ILE T 814 -113.63 -115.87 60.65
CA ILE T 814 -112.44 -116.09 61.47
C ILE T 814 -111.38 -116.81 60.66
N THR T 815 -111.77 -117.81 59.87
CA THR T 815 -110.81 -118.53 59.04
C THR T 815 -110.17 -117.61 58.02
N THR T 816 -110.96 -116.75 57.38
CA THR T 816 -110.42 -115.81 56.40
C THR T 816 -109.46 -114.83 57.05
N VAL T 817 -109.82 -114.32 58.22
CA VAL T 817 -108.93 -113.38 58.93
C VAL T 817 -107.63 -114.06 59.30
N ARG T 818 -107.70 -115.29 59.81
CA ARG T 818 -106.49 -116.02 60.18
C ARG T 818 -105.62 -116.30 58.96
N LYS T 819 -106.24 -116.65 57.82
CA LYS T 819 -105.46 -116.89 56.61
C LYS T 819 -104.80 -115.61 56.12
N ASN T 820 -105.51 -114.48 56.19
CA ASN T 820 -104.91 -113.21 55.80
C ASN T 820 -103.74 -112.85 56.71
N LEU T 821 -103.89 -113.09 58.01
CA LEU T 821 -102.79 -112.82 58.94
C LEU T 821 -101.60 -113.72 58.67
N GLU T 822 -101.84 -115.00 58.40
CA GLU T 822 -100.75 -115.95 58.16
C GLU T 822 -100.15 -115.82 56.77
N SER T 823 -100.80 -115.09 55.86
CA SER T 823 -100.20 -114.86 54.55
C SER T 823 -98.87 -114.13 54.65
N ARG T 824 -98.79 -113.14 55.54
CA ARG T 824 -97.54 -112.42 55.78
C ARG T 824 -96.69 -113.03 56.89
N GLY T 825 -97.16 -114.11 57.51
CA GLY T 825 -96.39 -114.79 58.54
C GLY T 825 -96.73 -114.37 59.95
N VAL T 826 -98.02 -114.17 60.23
CA VAL T 826 -98.50 -113.79 61.55
C VAL T 826 -99.55 -114.80 61.99
N GLU T 827 -99.31 -115.44 63.13
CA GLU T 827 -100.24 -116.40 63.71
C GLU T 827 -100.79 -115.82 65.01
N VAL T 828 -102.11 -115.69 65.09
CA VAL T 828 -102.77 -115.09 66.23
C VAL T 828 -103.84 -116.05 66.73
N ASP T 829 -103.91 -116.22 68.06
CA ASP T 829 -104.92 -117.08 68.65
C ASP T 829 -106.32 -116.49 68.44
N PRO T 830 -107.34 -117.34 68.29
CA PRO T 830 -108.70 -116.82 68.07
C PRO T 830 -109.21 -115.93 69.19
N SER T 831 -108.81 -116.18 70.43
CA SER T 831 -109.27 -115.36 71.54
C SER T 831 -108.79 -113.92 71.40
N LEU T 832 -107.51 -113.74 71.05
CA LEU T 832 -106.99 -112.40 70.84
C LEU T 832 -107.66 -111.72 69.65
N ILE T 833 -107.94 -112.48 68.59
CA ILE T 833 -108.64 -111.92 67.43
C ILE T 833 -110.02 -111.42 67.84
N LYS T 834 -110.74 -112.22 68.63
CA LYS T 834 -112.07 -111.82 69.07
C LYS T 834 -112.01 -110.60 69.98
N ASP T 835 -111.01 -110.54 70.88
CA ASP T 835 -110.88 -109.39 71.75
C ASP T 835 -110.57 -108.12 70.96
N THR T 836 -109.66 -108.21 69.99
CA THR T 836 -109.34 -107.06 69.17
C THR T 836 -110.55 -106.62 68.34
N TRP T 837 -111.30 -107.59 67.82
CA TRP T 837 -112.51 -107.25 67.06
C TRP T 837 -113.53 -106.55 67.95
N HIS T 838 -113.70 -107.02 69.18
CA HIS T 838 -114.62 -106.38 70.11
C HIS T 838 -114.19 -104.96 70.42
N GLN T 839 -112.90 -104.75 70.66
CA GLN T 839 -112.40 -103.41 70.95
C GLN T 839 -112.58 -102.49 69.76
N VAL T 840 -112.30 -102.97 68.55
CA VAL T 840 -112.46 -102.15 67.35
C VAL T 840 -113.93 -101.84 67.11
N TYR T 841 -114.81 -102.81 67.37
CA TYR T 841 -116.25 -102.58 67.23
C TYR T 841 -116.72 -101.51 68.21
N ARG T 842 -116.24 -101.58 69.46
CA ARG T 842 -116.60 -100.56 70.45
C ARG T 842 -116.08 -99.19 70.03
N ARG T 843 -114.86 -99.12 69.52
CA ARG T 843 -114.31 -97.84 69.08
C ARG T 843 -115.11 -97.27 67.91
N HIS T 844 -115.49 -98.13 66.97
CA HIS T 844 -116.27 -97.69 65.82
C HIS T 844 -117.63 -97.15 66.25
N PHE T 845 -118.28 -97.83 67.18
CA PHE T 845 -119.58 -97.32 67.66
C PHE T 845 -119.41 -96.07 68.53
N LEU T 846 -118.29 -95.92 69.22
CA LEU T 846 -118.03 -94.68 69.94
C LEU T 846 -117.87 -93.52 68.96
N LYS T 847 -117.15 -93.74 67.86
CA LYS T 847 -117.03 -92.71 66.84
C LYS T 847 -118.38 -92.40 66.20
N THR T 848 -119.19 -93.43 65.95
CA THR T 848 -120.52 -93.21 65.39
C THR T 848 -121.39 -92.40 66.36
N ALA T 849 -121.31 -92.70 67.66
CA ALA T 849 -122.04 -91.93 68.65
C ALA T 849 -121.57 -90.48 68.69
N LEU T 850 -120.27 -90.26 68.57
CA LEU T 850 -119.75 -88.90 68.54
C LEU T 850 -120.28 -88.14 67.33
N ASN T 851 -120.30 -88.80 66.16
CA ASN T 851 -120.86 -88.17 64.96
C ASN T 851 -122.35 -87.87 65.14
N HIS T 852 -123.08 -88.80 65.78
CA HIS T 852 -124.49 -88.57 66.04
C HIS T 852 -124.70 -87.39 66.97
N CYS T 853 -123.85 -87.25 67.99
CA CYS T 853 -123.92 -86.09 68.86
C CYS T 853 -123.63 -84.80 68.10
N ASN T 854 -122.64 -84.82 67.22
CA ASN T 854 -122.34 -83.64 66.42
C ASN T 854 -123.53 -83.26 65.54
N LEU T 855 -124.19 -84.25 64.95
CA LEU T 855 -125.38 -83.99 64.15
C LEU T 855 -126.52 -83.44 65.00
N CYS T 856 -126.75 -84.04 66.18
CA CYS T 856 -127.84 -83.61 67.05
C CYS T 856 -127.59 -82.23 67.64
N ARG T 857 -126.32 -81.78 67.66
CA ARG T 857 -126.04 -80.43 68.13
C ARG T 857 -126.70 -79.36 67.27
N ARG T 858 -127.01 -79.70 66.01
CA ARG T 858 -127.66 -78.73 65.09
C ARG T 858 -129.05 -79.26 64.69
N GLY T 859 -129.32 -80.53 64.99
CA GLY T 859 -130.58 -81.15 64.63
C GLY T 859 -131.74 -80.87 65.55
N PHE T 860 -131.64 -79.87 66.43
CA PHE T 860 -132.77 -79.51 67.29
C PHE T 860 -133.97 -79.04 66.51
N TYR T 861 -133.77 -78.45 65.33
CA TYR T 861 -134.91 -78.04 64.51
C TYR T 861 -135.72 -79.26 64.07
N TYR T 862 -135.05 -80.32 63.64
CA TYR T 862 -135.75 -81.57 63.29
C TYR T 862 -136.36 -82.20 64.53
N TYR T 863 -135.61 -82.20 65.65
CA TYR T 863 -136.08 -82.88 66.86
C TYR T 863 -137.34 -82.24 67.41
N GLN T 864 -137.39 -80.90 67.45
CA GLN T 864 -138.52 -80.21 68.07
C GLN T 864 -139.81 -80.46 67.32
N ARG T 865 -139.77 -80.43 65.99
CA ARG T 865 -140.98 -80.56 65.18
C ARG T 865 -141.28 -81.98 64.76
N HIS T 866 -140.28 -82.87 64.76
CA HIS T 866 -140.46 -84.28 64.38
C HIS T 866 -141.06 -84.40 62.99
N PHE T 867 -140.29 -83.95 62.00
CA PHE T 867 -140.74 -84.00 60.61
C PHE T 867 -140.90 -85.45 60.15
N VAL T 868 -141.81 -85.64 59.20
CA VAL T 868 -142.05 -86.98 58.66
C VAL T 868 -140.80 -87.51 57.97
N ASP T 869 -140.17 -86.68 57.14
CA ASP T 869 -138.93 -87.04 56.46
C ASP T 869 -137.71 -86.61 57.26
N SER T 870 -137.65 -87.01 58.53
CA SER T 870 -136.56 -86.63 59.40
C SER T 870 -135.28 -87.35 58.99
N GLU T 871 -134.20 -86.59 58.84
CA GLU T 871 -132.90 -87.14 58.50
C GLU T 871 -132.06 -87.47 59.73
N LEU T 872 -132.61 -87.27 60.93
CA LEU T 872 -131.85 -87.50 62.16
C LEU T 872 -132.84 -87.81 63.28
N GLU T 873 -132.60 -88.90 64.01
CA GLU T 873 -133.44 -89.31 65.13
C GLU T 873 -132.60 -89.26 66.40
N CYS T 874 -132.73 -88.16 67.14
CA CYS T 874 -131.98 -87.96 68.38
C CYS T 874 -132.78 -88.58 69.53
N ASN T 875 -132.38 -89.76 69.97
CA ASN T 875 -133.00 -90.44 71.09
C ASN T 875 -132.07 -90.66 72.28
N ASP T 876 -130.76 -90.77 72.04
CA ASP T 876 -129.82 -90.95 73.13
C ASP T 876 -129.81 -89.73 74.05
N VAL T 877 -129.93 -88.53 73.49
CA VAL T 877 -129.96 -87.32 74.30
C VAL T 877 -131.18 -87.34 75.23
N VAL T 878 -132.34 -87.69 74.69
CA VAL T 878 -133.56 -87.74 75.48
C VAL T 878 -133.45 -88.80 76.57
N LEU T 879 -132.90 -89.97 76.21
CA LEU T 879 -132.74 -91.04 77.20
C LEU T 879 -131.81 -90.62 78.32
N PHE T 880 -130.69 -89.97 77.98
CA PHE T 880 -129.75 -89.54 79.01
C PHE T 880 -130.35 -88.46 79.89
N TRP T 881 -131.15 -87.55 79.30
CA TRP T 881 -131.82 -86.53 80.11
C TRP T 881 -132.83 -87.16 81.05
N ARG T 882 -133.58 -88.17 80.57
CA ARG T 882 -134.52 -88.88 81.43
C ARG T 882 -133.79 -89.57 82.58
N ILE T 883 -132.67 -90.22 82.28
CA ILE T 883 -131.88 -90.86 83.32
C ILE T 883 -131.39 -89.84 84.33
N GLN T 884 -130.92 -88.69 83.86
CA GLN T 884 -130.41 -87.65 84.75
C GLN T 884 -131.51 -87.13 85.68
N ARG T 885 -132.69 -86.85 85.12
CA ARG T 885 -133.77 -86.31 85.95
C ARG T 885 -134.27 -87.37 86.93
N MET T 886 -134.35 -88.63 86.51
CA MET T 886 -134.75 -89.69 87.43
C MET T 886 -133.74 -89.84 88.56
N LEU T 887 -132.44 -89.77 88.24
CA LEU T 887 -131.41 -89.85 89.26
C LEU T 887 -131.51 -88.66 90.23
N ALA T 888 -131.78 -87.47 89.70
CA ALA T 888 -131.95 -86.30 90.57
C ALA T 888 -133.14 -86.48 91.51
N ILE T 889 -134.26 -86.98 90.99
CA ILE T 889 -135.44 -87.21 91.82
C ILE T 889 -135.13 -88.25 92.90
N THR T 890 -134.45 -89.33 92.51
CA THR T 890 -134.11 -90.37 93.47
C THR T 890 -133.17 -89.83 94.56
N ALA T 891 -132.19 -89.02 94.17
CA ALA T 891 -131.27 -88.44 95.14
C ALA T 891 -132.01 -87.49 96.10
N ASN T 892 -132.92 -86.69 95.57
CA ASN T 892 -133.69 -85.79 96.43
C ASN T 892 -134.55 -86.58 97.42
N THR T 893 -135.20 -87.65 96.93
CA THR T 893 -136.01 -88.48 97.83
C THR T 893 -135.14 -89.14 98.90
N LEU T 894 -133.96 -89.64 98.50
CA LEU T 894 -133.06 -90.26 99.46
C LEU T 894 -132.61 -89.26 100.51
N ARG T 895 -132.26 -88.04 100.10
CA ARG T 895 -131.85 -87.02 101.05
C ARG T 895 -132.98 -86.66 102.01
N GLN T 896 -134.20 -86.53 101.48
CA GLN T 896 -135.34 -86.19 102.34
C GLN T 896 -135.61 -87.30 103.36
N GLN T 897 -135.62 -88.55 102.91
CA GLN T 897 -135.85 -89.66 103.83
C GLN T 897 -134.72 -89.77 104.85
N LEU T 898 -133.48 -89.54 104.43
CA LEU T 898 -132.36 -89.56 105.36
C LEU T 898 -132.53 -88.51 106.43
N THR T 899 -132.77 -87.26 106.03
CA THR T 899 -132.99 -86.18 107.00
C THR T 899 -134.16 -86.48 107.92
N ASN T 900 -135.21 -87.14 107.40
CA ASN T 900 -136.38 -87.42 108.21
C ASN T 900 -136.09 -88.50 109.26
N THR T 901 -135.41 -89.58 108.88
CA THR T 901 -135.32 -90.75 109.76
C THR T 901 -133.90 -91.05 110.22
N GLU T 902 -132.94 -91.11 109.29
CA GLU T 902 -131.62 -91.61 109.63
C GLU T 902 -130.83 -90.62 110.48
N VAL T 903 -131.06 -89.32 110.30
CA VAL T 903 -130.41 -88.33 111.15
C VAL T 903 -130.85 -88.51 112.59
N ARG T 904 -132.16 -88.68 112.81
CA ARG T 904 -132.67 -88.91 114.15
C ARG T 904 -132.15 -90.23 114.72
N ARG T 905 -132.09 -91.27 113.89
CA ARG T 905 -131.56 -92.56 114.36
C ARG T 905 -130.10 -92.43 114.78
N LEU T 906 -129.29 -91.73 113.98
CA LEU T 906 -127.89 -91.54 114.33
C LEU T 906 -127.74 -90.71 115.59
N GLU T 907 -128.59 -89.68 115.75
CA GLU T 907 -128.56 -88.89 116.97
C GLU T 907 -128.90 -89.74 118.19
N LYS T 908 -129.91 -90.61 118.06
CA LYS T 908 -130.26 -91.49 119.17
C LYS T 908 -129.13 -92.45 119.50
N ASN T 909 -128.48 -93.02 118.48
CA ASN T 909 -127.36 -93.92 118.72
C ASN T 909 -126.20 -93.19 119.40
N VAL T 910 -125.91 -91.97 118.96
CA VAL T 910 -124.83 -91.18 119.58
C VAL T 910 -125.17 -90.88 121.03
N LYS T 911 -126.43 -90.52 121.31
CA LYS T 911 -126.83 -90.24 122.68
C LYS T 911 -126.71 -91.48 123.55
N GLU T 912 -127.11 -92.65 123.03
CA GLU T 912 -126.99 -93.88 123.79
C GLU T 912 -125.53 -94.21 124.07
N VAL T 913 -124.66 -94.05 123.07
CA VAL T 913 -123.24 -94.33 123.26
C VAL T 913 -122.65 -93.38 124.30
N LEU T 914 -122.99 -92.09 124.23
CA LEU T 914 -122.48 -91.13 125.18
C LEU T 914 -122.96 -91.44 126.59
N GLU T 915 -124.24 -91.82 126.74
CA GLU T 915 -124.75 -92.18 128.05
C GLU T 915 -124.06 -93.42 128.60
N ASP T 916 -123.82 -94.42 127.75
CA ASP T 916 -123.11 -95.62 128.19
C ASP T 916 -121.69 -95.29 128.63
N PHE T 917 -121.01 -94.42 127.88
CA PHE T 917 -119.66 -94.02 128.26
C PHE T 917 -119.66 -93.25 129.57
N ALA T 918 -120.62 -92.34 129.74
CA ALA T 918 -120.68 -91.55 130.98
C ALA T 918 -120.97 -92.42 132.19
N GLU T 919 -121.87 -93.40 132.05
CA GLU T 919 -122.23 -94.29 133.14
C GLU T 919 -121.19 -95.36 133.41
N ASP T 920 -120.02 -95.30 132.75
CA ASP T 920 -118.95 -96.29 132.94
C ASP T 920 -117.62 -95.54 132.93
N GLY T 921 -117.13 -95.19 134.12
CA GLY T 921 -115.84 -94.53 134.21
C GLY T 921 -114.66 -95.43 133.93
N GLU T 922 -114.84 -96.75 134.09
CA GLU T 922 -113.76 -97.68 133.76
C GLU T 922 -113.44 -97.63 132.27
N LYS T 923 -114.46 -97.51 131.43
CA LYS T 923 -114.22 -97.36 129.99
C LYS T 923 -113.47 -96.08 129.69
N LYS T 924 -113.80 -94.99 130.38
CA LYS T 924 -113.07 -93.74 130.19
C LYS T 924 -111.61 -93.89 130.60
N ILE T 925 -111.36 -94.58 131.72
CA ILE T 925 -109.98 -94.80 132.16
C ILE T 925 -109.22 -95.65 131.14
N LYS T 926 -109.86 -96.70 130.62
CA LYS T 926 -109.21 -97.57 129.66
C LYS T 926 -108.90 -96.84 128.36
N LEU T 927 -109.82 -95.98 127.91
CA LEU T 927 -109.65 -95.30 126.63
C LEU T 927 -108.82 -94.02 126.77
N LEU T 928 -109.21 -93.13 127.68
CA LEU T 928 -108.52 -91.85 127.86
C LEU T 928 -107.22 -92.10 128.64
N THR T 929 -106.21 -92.59 127.92
CA THR T 929 -104.90 -92.85 128.50
C THR T 929 -103.85 -91.84 128.00
N GLY T 930 -104.31 -90.67 127.55
CA GLY T 930 -103.38 -89.67 127.08
C GLY T 930 -102.57 -89.06 128.20
N LYS T 931 -101.48 -88.40 127.81
CA LYS T 931 -100.59 -87.77 128.79
C LYS T 931 -101.32 -86.68 129.57
N ARG T 932 -102.11 -85.87 128.88
CA ARG T 932 -102.84 -84.79 129.56
C ARG T 932 -103.83 -85.35 130.57
N VAL T 933 -104.57 -86.40 130.19
CA VAL T 933 -105.55 -86.99 131.10
C VAL T 933 -104.87 -87.54 132.35
N GLN T 934 -103.77 -88.28 132.15
CA GLN T 934 -103.06 -88.86 133.28
C GLN T 934 -102.47 -87.78 134.18
N LEU T 935 -101.90 -86.73 133.59
CA LEU T 935 -101.34 -85.64 134.38
C LEU T 935 -102.41 -84.93 135.18
N ALA T 936 -103.57 -84.67 134.56
CA ALA T 936 -104.66 -84.02 135.28
C ALA T 936 -105.17 -84.89 136.41
N GLU T 937 -105.31 -86.20 136.16
CA GLU T 937 -105.75 -87.11 137.22
C GLU T 937 -104.76 -87.15 138.38
N ASP T 938 -103.46 -87.20 138.06
CA ASP T 938 -102.45 -87.19 139.12
C ASP T 938 -102.48 -85.89 139.91
N LEU T 939 -102.63 -84.76 139.23
CA LEU T 939 -102.70 -83.48 139.92
C LEU T 939 -103.92 -83.41 140.83
N LYS T 940 -105.07 -83.87 140.35
CA LYS T 940 -106.28 -83.87 141.17
C LYS T 940 -106.13 -84.77 142.38
N LYS T 941 -105.54 -85.97 142.19
CA LYS T 941 -105.34 -86.87 143.31
C LYS T 941 -104.37 -86.28 144.33
N VAL T 942 -103.30 -85.62 143.87
CA VAL T 942 -102.35 -85.00 144.78
C VAL T 942 -103.02 -83.87 145.55
N ARG T 943 -103.84 -83.06 144.88
CA ARG T 943 -104.54 -81.98 145.56
C ARG T 943 -105.50 -82.54 146.61
N GLU T 944 -106.24 -83.60 146.28
CA GLU T 944 -107.16 -84.21 147.23
C GLU T 944 -106.40 -84.77 148.44
N ILE T 945 -105.27 -85.43 148.19
CA ILE T 945 -104.47 -85.97 149.29
C ILE T 945 -103.96 -84.86 150.19
N GLN T 946 -103.48 -83.77 149.59
CA GLN T 946 -102.99 -82.65 150.38
C GLN T 946 -104.11 -82.00 151.19
N GLU T 947 -105.30 -81.89 150.60
CA GLU T 947 -106.44 -81.33 151.34
C GLU T 947 -106.82 -82.23 152.52
N LYS T 948 -106.82 -83.55 152.30
CA LYS T 948 -107.11 -84.47 153.39
C LYS T 948 -106.06 -84.38 154.49
N LEU T 949 -104.79 -84.25 154.11
CA LEU T 949 -103.73 -84.13 155.11
C LEU T 949 -103.85 -82.82 155.88
N ASP T 950 -104.22 -81.74 155.20
CA ASP T 950 -104.45 -80.47 155.88
C ASP T 950 -105.60 -80.57 156.86
N ALA T 951 -106.68 -81.25 156.47
CA ALA T 951 -107.80 -81.47 157.37
C ALA T 951 -107.37 -82.29 158.58
N PHE T 952 -106.56 -83.33 158.35
CA PHE T 952 -106.02 -84.12 159.46
C PHE T 952 -105.19 -83.27 160.40
N ILE T 953 -104.33 -82.42 159.86
CA ILE T 953 -103.49 -81.55 160.69
C ILE T 953 -104.35 -80.60 161.50
N GLU T 954 -105.37 -80.00 160.87
CA GLU T 954 -106.26 -79.09 161.59
C GLU T 954 -107.01 -79.81 162.70
N ALA T 955 -107.50 -81.02 162.43
CA ALA T 955 -108.22 -81.78 163.44
C ALA T 955 -107.29 -82.15 164.60
N LEU T 956 -106.06 -82.56 164.29
CA LEU T 956 -105.10 -82.88 165.35
C LEU T 956 -104.78 -81.67 166.19
N HIS T 957 -104.60 -80.50 165.56
CA HIS T 957 -104.31 -79.28 166.32
C HIS T 957 -105.49 -78.89 167.18
N GLN T 958 -106.72 -79.00 166.67
CA GLN T 958 -107.89 -78.65 167.45
C GLN T 958 -108.09 -79.60 168.63
N GLU T 959 -107.89 -80.91 168.41
CA GLU T 959 -108.08 -81.87 169.49
C GLU T 959 -107.05 -81.67 170.61
N LYS T 960 -105.81 -81.37 170.22
CA LYS T 960 -104.74 -81.10 171.21
C LYS T 960 -104.69 -79.61 171.53
N SER U 263 -109.21 -183.46 46.71
CA SER U 263 -108.67 -183.22 45.38
C SER U 263 -108.68 -181.73 45.04
N LEU U 264 -109.44 -181.36 44.01
CA LEU U 264 -109.52 -179.95 43.62
C LEU U 264 -110.16 -179.11 44.72
N ILE U 265 -111.21 -179.63 45.36
CA ILE U 265 -111.91 -178.86 46.38
C ILE U 265 -111.01 -178.64 47.60
N ASP U 266 -110.23 -179.65 47.99
CA ASP U 266 -109.33 -179.50 49.12
C ASP U 266 -108.25 -178.48 48.83
N MET U 267 -107.67 -178.50 47.63
CA MET U 267 -106.66 -177.52 47.26
C MET U 267 -107.25 -176.12 47.19
N TYR U 268 -108.47 -175.99 46.67
CA TYR U 268 -109.12 -174.69 46.65
C TYR U 268 -109.37 -174.16 48.06
N SER U 269 -109.79 -175.04 48.97
CA SER U 269 -109.99 -174.63 50.35
C SER U 269 -108.67 -174.21 50.99
N GLU U 270 -107.59 -174.92 50.70
CA GLU U 270 -106.27 -174.53 51.21
C GLU U 270 -105.85 -173.18 50.67
N VAL U 271 -106.11 -172.93 49.38
CA VAL U 271 -105.78 -171.64 48.78
C VAL U 271 -106.59 -170.52 49.44
N LEU U 272 -107.88 -170.77 49.68
CA LEU U 272 -108.71 -169.77 50.36
C LEU U 272 -108.21 -169.51 51.77
N ASP U 273 -107.80 -170.56 52.48
CA ASP U 273 -107.25 -170.39 53.82
C ASP U 273 -105.97 -169.57 53.79
N VAL U 274 -105.10 -169.83 52.82
CA VAL U 274 -103.87 -169.04 52.68
C VAL U 274 -104.19 -167.58 52.39
N LEU U 275 -105.16 -167.33 51.52
CA LEU U 275 -105.56 -165.96 51.21
C LEU U 275 -106.12 -165.27 52.45
N SER U 276 -106.93 -165.98 53.24
CA SER U 276 -107.46 -165.39 54.46
C SER U 276 -106.36 -165.08 55.47
N ASP U 277 -105.39 -165.99 55.61
CA ASP U 277 -104.28 -165.77 56.52
C ASP U 277 -103.26 -164.78 56.00
N TYR U 278 -103.35 -164.37 54.73
CA TYR U 278 -102.43 -163.40 54.17
C TYR U 278 -102.52 -162.07 54.90
N ASP U 279 -103.73 -161.60 55.18
CA ASP U 279 -103.91 -160.34 55.89
C ASP U 279 -105.29 -160.34 56.55
N ALA U 280 -105.42 -159.55 57.61
CA ALA U 280 -106.69 -159.41 58.29
C ALA U 280 -107.68 -158.55 57.52
N SER U 281 -107.19 -157.73 56.58
CA SER U 281 -108.06 -156.90 55.76
C SER U 281 -108.57 -157.71 54.58
N TYR U 282 -109.21 -157.04 53.62
CA TYR U 282 -109.78 -157.68 52.43
C TYR U 282 -109.22 -156.98 51.20
N ASN U 283 -108.07 -157.45 50.72
CA ASN U 283 -107.43 -156.92 49.52
C ASN U 283 -107.39 -157.95 48.40
N THR U 284 -106.83 -159.13 48.65
CA THR U 284 -106.80 -160.21 47.68
C THR U 284 -107.83 -161.29 47.97
N GLN U 285 -108.52 -161.22 49.10
CA GLN U 285 -109.53 -162.21 49.44
C GLN U 285 -110.81 -162.06 48.63
N ASP U 286 -111.01 -160.92 48.00
CA ASP U 286 -112.21 -160.66 47.20
C ASP U 286 -112.04 -161.05 45.74
N HIS U 287 -110.90 -161.67 45.38
CA HIS U 287 -110.69 -162.08 44.00
C HIS U 287 -111.39 -163.39 43.70
N LEU U 288 -111.07 -164.44 44.45
CA LEU U 288 -111.73 -165.73 44.27
C LEU U 288 -113.15 -165.68 44.81
N PRO U 289 -114.11 -166.31 44.12
CA PRO U 289 -115.48 -166.34 44.62
C PRO U 289 -115.58 -167.08 45.95
N ARG U 290 -116.46 -166.59 46.82
CA ARG U 290 -116.67 -167.21 48.13
C ARG U 290 -118.17 -167.18 48.43
N VAL U 291 -118.76 -168.37 48.57
CA VAL U 291 -120.19 -168.46 48.90
C VAL U 291 -120.35 -168.15 50.38
N VAL U 292 -120.99 -167.02 50.68
CA VAL U 292 -121.16 -166.54 52.05
C VAL U 292 -122.64 -166.63 52.41
N VAL U 293 -122.93 -167.25 53.55
CA VAL U 293 -124.30 -167.39 54.04
C VAL U 293 -124.50 -166.37 55.14
N VAL U 294 -125.41 -165.42 54.91
CA VAL U 294 -125.71 -164.35 55.86
C VAL U 294 -127.19 -164.41 56.20
N GLY U 295 -127.50 -164.38 57.49
CA GLY U 295 -128.87 -164.41 57.94
C GLY U 295 -129.18 -163.35 58.98
N ASP U 296 -130.33 -163.48 59.63
CA ASP U 296 -130.76 -162.55 60.66
C ASP U 296 -130.61 -163.19 62.05
N GLN U 297 -130.58 -162.34 63.07
CA GLN U 297 -130.44 -162.81 64.44
C GLN U 297 -131.72 -163.51 64.88
N SER U 298 -131.57 -164.70 65.47
CA SER U 298 -132.70 -165.51 65.95
C SER U 298 -133.70 -165.79 64.83
N ALA U 299 -133.20 -166.01 63.63
CA ALA U 299 -134.03 -166.28 62.47
C ALA U 299 -134.05 -167.76 62.09
N GLY U 300 -133.51 -168.62 62.95
CA GLY U 300 -133.50 -170.04 62.65
C GLY U 300 -132.47 -170.47 61.62
N LYS U 301 -131.51 -169.61 61.29
CA LYS U 301 -130.51 -169.97 60.29
C LYS U 301 -129.60 -171.10 60.78
N THR U 302 -129.47 -171.26 62.10
CA THR U 302 -128.64 -172.34 62.63
C THR U 302 -129.19 -173.70 62.24
N SER U 303 -130.51 -173.88 62.33
CA SER U 303 -131.10 -175.15 61.95
C SER U 303 -130.91 -175.44 60.46
N VAL U 304 -131.06 -174.41 59.62
CA VAL U 304 -130.87 -174.60 58.18
C VAL U 304 -129.42 -174.96 57.88
N LEU U 305 -128.47 -174.29 58.53
CA LEU U 305 -127.06 -174.60 58.34
C LEU U 305 -126.74 -176.02 58.79
N GLU U 306 -127.32 -176.44 59.92
CA GLU U 306 -127.11 -177.81 60.38
C GLU U 306 -127.69 -178.82 59.40
N MET U 307 -128.87 -178.54 58.86
CA MET U 307 -129.48 -179.45 57.89
C MET U 307 -128.69 -179.49 56.59
N ILE U 308 -128.02 -178.39 56.23
CA ILE U 308 -127.19 -178.39 55.03
C ILE U 308 -126.04 -179.39 55.18
N ALA U 309 -125.39 -179.39 56.33
CA ALA U 309 -124.32 -180.34 56.62
C ALA U 309 -124.84 -181.66 57.16
N GLN U 310 -126.16 -181.79 57.36
CA GLN U 310 -126.78 -183.02 57.87
C GLN U 310 -126.23 -183.41 59.23
N ALA U 311 -125.84 -182.42 60.04
CA ALA U 311 -125.31 -182.68 61.37
C ALA U 311 -125.41 -181.40 62.19
N ARG U 312 -125.64 -181.58 63.49
CA ARG U 312 -125.73 -180.44 64.42
C ARG U 312 -124.32 -180.09 64.88
N ILE U 313 -123.71 -179.10 64.23
CA ILE U 313 -122.36 -178.68 64.57
C ILE U 313 -122.30 -177.25 65.11
N PHE U 314 -123.32 -176.43 64.87
CA PHE U 314 -123.31 -175.06 65.37
C PHE U 314 -124.03 -175.02 66.72
N PRO U 315 -123.38 -174.54 67.79
CA PRO U 315 -124.05 -174.47 69.08
C PRO U 315 -125.23 -173.52 69.05
N ARG U 316 -126.28 -173.86 69.79
CA ARG U 316 -127.48 -173.05 69.85
C ARG U 316 -127.33 -171.91 70.84
N GLY U 317 -127.99 -170.80 70.54
CA GLY U 317 -127.93 -169.63 71.40
C GLY U 317 -129.30 -169.06 71.73
N SER U 318 -129.59 -168.90 73.02
CA SER U 318 -130.89 -168.37 73.47
C SER U 318 -130.81 -166.86 73.49
N GLY U 319 -130.89 -166.27 72.30
CA GLY U 319 -130.85 -164.83 72.12
C GLY U 319 -129.47 -164.24 71.94
N GLU U 320 -128.50 -164.75 72.70
CA GLU U 320 -127.13 -164.26 72.61
C GLU U 320 -126.52 -164.65 71.27
N MET U 321 -125.68 -163.76 70.74
CA MET U 321 -125.00 -163.99 69.46
C MET U 321 -123.77 -164.84 69.71
N MET U 322 -123.95 -166.16 69.61
CA MET U 322 -122.83 -167.08 69.83
C MET U 322 -121.77 -166.92 68.75
N THR U 323 -122.18 -166.76 67.50
CA THR U 323 -121.24 -166.62 66.39
C THR U 323 -120.76 -165.18 66.33
N ARG U 324 -119.51 -164.96 66.75
CA ARG U 324 -118.90 -163.62 66.74
C ARG U 324 -117.73 -163.52 65.78
N SER U 325 -117.33 -164.61 65.14
CA SER U 325 -116.24 -164.62 64.19
C SER U 325 -116.65 -165.35 62.92
N PRO U 326 -116.08 -164.99 61.78
CA PRO U 326 -116.40 -165.70 60.53
C PRO U 326 -116.03 -167.17 60.62
N VAL U 327 -116.89 -168.03 60.08
CA VAL U 327 -116.70 -169.46 60.08
C VAL U 327 -116.72 -169.96 58.64
N LYS U 328 -115.69 -170.72 58.26
CA LYS U 328 -115.58 -171.28 56.92
C LYS U 328 -115.98 -172.75 56.97
N VAL U 329 -116.96 -173.12 56.16
CA VAL U 329 -117.41 -174.50 56.05
C VAL U 329 -117.13 -174.98 54.63
N THR U 330 -116.23 -175.96 54.51
CA THR U 330 -115.85 -176.52 53.22
C THR U 330 -116.56 -177.85 53.04
N LEU U 331 -117.48 -177.92 52.08
CA LEU U 331 -118.22 -179.14 51.81
C LEU U 331 -117.42 -180.01 50.84
N SER U 332 -117.16 -181.26 51.22
CA SER U 332 -116.41 -182.19 50.40
C SER U 332 -116.79 -183.61 50.81
N GLU U 333 -116.16 -184.58 50.17
CA GLU U 333 -116.40 -186.00 50.44
C GLU U 333 -115.09 -186.67 50.78
N GLY U 334 -115.07 -187.42 51.88
CA GLY U 334 -113.89 -188.12 52.31
C GLY U 334 -114.17 -189.57 52.68
N PRO U 335 -113.16 -190.26 53.22
CA PRO U 335 -113.37 -191.66 53.63
C PRO U 335 -114.44 -191.82 54.70
N HIS U 336 -114.58 -190.84 55.60
CA HIS U 336 -115.56 -190.90 56.67
C HIS U 336 -116.27 -189.56 56.78
N HIS U 337 -117.49 -189.61 57.32
CA HIS U 337 -118.31 -188.40 57.50
C HIS U 337 -117.88 -187.70 58.79
N VAL U 338 -116.68 -187.13 58.74
CA VAL U 338 -116.07 -186.45 59.88
C VAL U 338 -115.72 -185.02 59.46
N ALA U 339 -115.37 -184.21 60.45
CA ALA U 339 -114.96 -182.83 60.24
C ALA U 339 -113.55 -182.63 60.77
N LEU U 340 -112.71 -181.98 59.97
CA LEU U 340 -111.32 -181.74 60.32
C LEU U 340 -110.97 -180.29 60.06
N PHE U 341 -110.28 -179.66 61.02
CA PHE U 341 -109.86 -178.29 60.87
C PHE U 341 -108.54 -178.22 60.09
N LYS U 342 -108.19 -177.00 59.67
CA LYS U 342 -106.94 -176.80 58.95
C LYS U 342 -105.73 -177.06 59.85
N ASP U 343 -105.80 -176.60 61.11
CA ASP U 343 -104.69 -176.73 62.05
C ASP U 343 -104.96 -177.76 63.13
N SER U 344 -105.80 -178.76 62.84
CA SER U 344 -106.14 -179.80 63.79
C SER U 344 -105.96 -181.16 63.13
N SER U 345 -105.75 -182.18 63.97
CA SER U 345 -105.58 -183.54 63.50
C SER U 345 -106.66 -184.50 63.97
N ARG U 346 -107.56 -184.05 64.86
CA ARG U 346 -108.64 -184.90 65.35
C ARG U 346 -109.85 -184.81 64.42
N GLU U 347 -110.33 -185.97 63.97
CA GLU U 347 -111.46 -186.04 63.06
C GLU U 347 -112.74 -186.06 63.89
N PHE U 348 -113.44 -184.93 63.94
CA PHE U 348 -114.69 -184.82 64.68
C PHE U 348 -115.81 -185.45 63.88
N ASP U 349 -116.28 -186.62 64.33
CA ASP U 349 -117.36 -187.31 63.64
C ASP U 349 -118.66 -186.52 63.74
N LEU U 350 -119.45 -186.59 62.68
CA LEU U 350 -120.72 -185.88 62.59
C LEU U 350 -121.91 -186.75 62.92
N THR U 351 -121.68 -187.97 63.42
CA THR U 351 -122.75 -188.90 63.75
C THR U 351 -122.92 -189.10 65.25
N LYS U 352 -121.84 -189.44 65.96
CA LYS U 352 -121.91 -189.68 67.39
C LYS U 352 -122.18 -188.38 68.13
N GLU U 353 -123.02 -188.47 69.17
CA GLU U 353 -123.37 -187.29 69.95
C GLU U 353 -122.15 -186.73 70.69
N GLU U 354 -121.29 -187.61 71.23
CA GLU U 354 -120.11 -187.15 71.94
C GLU U 354 -119.16 -186.40 71.00
N ASP U 355 -118.97 -186.92 69.79
CA ASP U 355 -118.11 -186.24 68.83
C ASP U 355 -118.69 -184.89 68.41
N LEU U 356 -120.01 -184.81 68.24
CA LEU U 356 -120.64 -183.54 67.92
C LEU U 356 -120.47 -182.54 69.05
N ALA U 357 -120.63 -183.00 70.30
CA ALA U 357 -120.44 -182.10 71.44
C ALA U 357 -118.99 -181.62 71.52
N ALA U 358 -118.03 -182.51 71.26
CA ALA U 358 -116.63 -182.10 71.26
C ALA U 358 -116.36 -181.09 70.16
N LEU U 359 -116.93 -181.29 68.98
CA LEU U 359 -116.76 -180.33 67.89
C LEU U 359 -117.36 -178.98 68.24
N ARG U 360 -118.55 -178.97 68.86
CA ARG U 360 -119.15 -177.71 69.27
C ARG U 360 -118.30 -177.01 70.33
N HIS U 361 -117.76 -177.78 71.28
CA HIS U 361 -116.90 -177.19 72.30
C HIS U 361 -115.63 -176.60 71.67
N GLU U 362 -115.04 -177.30 70.70
CA GLU U 362 -113.86 -176.78 70.03
C GLU U 362 -114.19 -175.50 69.25
N ILE U 363 -115.34 -175.48 68.58
CA ILE U 363 -115.75 -174.28 67.85
C ILE U 363 -115.95 -173.11 68.81
N GLU U 364 -116.59 -173.36 69.94
CA GLU U 364 -116.78 -172.30 70.93
C GLU U 364 -115.46 -171.79 71.48
N LEU U 365 -114.52 -172.70 71.74
CA LEU U 365 -113.21 -172.30 72.23
C LEU U 365 -112.47 -171.47 71.19
N ARG U 366 -112.55 -171.86 69.92
CA ARG U 366 -111.92 -171.07 68.86
C ARG U 366 -112.56 -169.69 68.74
N MET U 367 -113.88 -169.62 68.86
CA MET U 367 -114.55 -168.33 68.82
C MET U 367 -114.13 -167.44 69.98
N ARG U 368 -114.03 -168.02 71.18
CA ARG U 368 -113.62 -167.24 72.35
C ARG U 368 -112.17 -166.76 72.22
N LYS U 369 -111.30 -167.62 71.68
CA LYS U 369 -109.90 -167.25 71.54
C LYS U 369 -109.73 -166.07 70.58
N ASN U 370 -110.46 -166.09 69.46
CA ASN U 370 -110.37 -165.01 68.49
C ASN U 370 -110.89 -163.69 69.07
N VAL U 371 -112.00 -163.74 69.80
CA VAL U 371 -112.59 -162.53 70.36
C VAL U 371 -111.74 -162.06 71.54
N LYS U 372 -111.36 -160.79 71.51
CA LYS U 372 -110.56 -160.22 72.59
C LYS U 372 -111.40 -160.07 73.87
N GLU U 373 -110.70 -160.03 75.00
CA GLU U 373 -111.35 -159.89 76.30
C GLU U 373 -111.82 -158.45 76.46
N GLY U 374 -113.03 -158.18 75.97
CA GLY U 374 -113.59 -156.84 76.03
C GLY U 374 -114.26 -156.44 74.74
N CYS U 375 -113.91 -157.11 73.65
CA CYS U 375 -114.48 -156.83 72.34
C CYS U 375 -115.63 -157.78 72.04
N THR U 376 -116.30 -157.52 70.92
CA THR U 376 -117.43 -158.34 70.49
C THR U 376 -117.19 -159.04 69.16
N VAL U 377 -116.69 -158.32 68.16
CA VAL U 377 -116.43 -158.87 66.83
C VAL U 377 -114.93 -158.91 66.62
N SER U 378 -114.42 -160.07 66.20
CA SER U 378 -113.00 -160.26 65.96
C SER U 378 -112.74 -160.47 64.48
N PRO U 379 -111.76 -159.77 63.90
CA PRO U 379 -111.48 -159.95 62.47
C PRO U 379 -110.93 -161.34 62.13
N GLU U 380 -110.45 -162.09 63.12
CA GLU U 380 -109.90 -163.42 62.85
C GLU U 380 -111.00 -164.36 62.39
N THR U 381 -110.66 -165.21 61.42
CA THR U 381 -111.59 -166.17 60.85
C THR U 381 -111.26 -167.58 61.31
N ILE U 382 -112.25 -168.46 61.21
CA ILE U 382 -112.13 -169.86 61.60
C ILE U 382 -112.35 -170.72 60.37
N SER U 383 -111.41 -171.62 60.10
CA SER U 383 -111.46 -172.50 58.93
C SER U 383 -111.81 -173.91 59.36
N LEU U 384 -112.81 -174.51 58.72
CA LEU U 384 -113.23 -175.86 59.01
C LEU U 384 -113.55 -176.58 57.71
N ASN U 385 -113.08 -177.81 57.59
CA ASN U 385 -113.32 -178.65 56.42
C ASN U 385 -114.24 -179.80 56.78
N VAL U 386 -115.30 -179.98 56.01
CA VAL U 386 -116.30 -181.03 56.24
C VAL U 386 -116.19 -182.05 55.12
N LYS U 387 -116.04 -183.31 55.50
CA LYS U 387 -115.93 -184.41 54.54
C LYS U 387 -116.98 -185.47 54.85
N GLY U 388 -117.38 -186.20 53.81
CA GLY U 388 -118.35 -187.26 53.96
C GLY U 388 -119.18 -187.46 52.70
N PRO U 389 -119.70 -188.66 52.52
CA PRO U 389 -120.52 -188.95 51.33
C PRO U 389 -121.83 -188.20 51.37
N GLY U 390 -122.36 -187.93 50.17
CA GLY U 390 -123.63 -187.23 50.03
C GLY U 390 -123.53 -185.72 50.06
N LEU U 391 -122.34 -185.16 50.19
CA LEU U 391 -122.15 -183.71 50.21
C LEU U 391 -121.67 -183.22 48.84
N GLN U 392 -121.77 -181.91 48.65
CA GLN U 392 -121.35 -181.27 47.42
C GLN U 392 -119.90 -180.78 47.56
N ARG U 393 -119.42 -180.05 46.56
CA ARG U 393 -118.07 -179.50 46.55
C ARG U 393 -118.18 -177.98 46.47
N MET U 394 -118.27 -177.34 47.64
CA MET U 394 -118.38 -175.90 47.71
C MET U 394 -117.89 -175.44 49.09
N VAL U 395 -117.63 -174.15 49.21
CA VAL U 395 -117.15 -173.54 50.44
C VAL U 395 -118.22 -172.58 50.94
N LEU U 396 -118.65 -172.77 52.18
CA LEU U 396 -119.68 -171.95 52.80
C LEU U 396 -119.05 -171.09 53.89
N VAL U 397 -119.42 -169.81 53.93
CA VAL U 397 -118.90 -168.85 54.90
C VAL U 397 -120.05 -168.40 55.78
N ASP U 398 -119.85 -168.48 57.09
CA ASP U 398 -120.85 -168.10 58.08
C ASP U 398 -120.44 -166.77 58.71
N LEU U 399 -121.39 -165.84 58.78
CA LEU U 399 -121.16 -164.52 59.36
C LEU U 399 -122.24 -164.22 60.39
N PRO U 400 -121.92 -163.38 61.38
CA PRO U 400 -122.93 -163.00 62.38
C PRO U 400 -124.08 -162.24 61.73
N GLY U 401 -125.27 -162.40 62.31
CA GLY U 401 -126.45 -161.76 61.77
C GLY U 401 -126.40 -160.25 61.92
N VAL U 402 -127.15 -159.58 61.04
CA VAL U 402 -127.21 -158.12 61.04
C VAL U 402 -128.10 -157.65 62.18
N ILE U 403 -127.58 -156.72 62.99
CA ILE U 403 -128.30 -156.18 64.12
C ILE U 403 -128.62 -154.72 63.85
N ASN U 404 -129.61 -154.20 64.58
CA ASN U 404 -130.05 -152.82 64.45
C ASN U 404 -129.77 -152.00 65.69
N THR U 405 -130.13 -152.50 66.87
CA THR U 405 -129.91 -151.77 68.11
C THR U 405 -128.44 -151.83 68.51
N VAL U 406 -128.06 -150.92 69.40
CA VAL U 406 -126.70 -150.82 69.91
C VAL U 406 -126.72 -151.13 71.39
N THR U 407 -125.88 -152.08 71.82
CA THR U 407 -125.82 -152.46 73.22
C THR U 407 -124.92 -151.51 73.99
N SER U 408 -125.43 -150.98 75.11
CA SER U 408 -124.64 -150.06 75.93
C SER U 408 -123.50 -150.78 76.63
N GLY U 409 -123.67 -152.06 76.94
CA GLY U 409 -122.66 -152.84 77.61
C GLY U 409 -121.56 -153.39 76.73
N MET U 410 -121.61 -153.12 75.42
CA MET U 410 -120.62 -153.60 74.47
C MET U 410 -120.05 -152.40 73.70
N ALA U 411 -119.25 -152.69 72.68
CA ALA U 411 -118.64 -151.64 71.89
C ALA U 411 -119.71 -150.90 71.09
N PRO U 412 -119.75 -149.57 71.17
CA PRO U 412 -120.77 -148.83 70.39
C PRO U 412 -120.61 -148.96 68.88
N ASP U 413 -119.43 -149.33 68.40
CA ASP U 413 -119.17 -149.46 66.97
C ASP U 413 -119.30 -150.90 66.48
N THR U 414 -119.93 -151.77 67.27
CA THR U 414 -120.11 -153.16 66.86
C THR U 414 -120.98 -153.25 65.61
N LYS U 415 -122.07 -152.49 65.56
CA LYS U 415 -122.92 -152.49 64.37
C LYS U 415 -122.18 -151.97 63.15
N GLU U 416 -121.40 -150.89 63.33
CA GLU U 416 -120.62 -150.35 62.22
C GLU U 416 -119.58 -151.36 61.74
N THR U 417 -118.92 -152.06 62.67
CA THR U 417 -117.95 -153.08 62.28
C THR U 417 -118.63 -154.22 61.52
N ILE U 418 -119.80 -154.66 61.98
CA ILE U 418 -120.52 -155.71 61.29
C ILE U 418 -120.91 -155.27 59.89
N PHE U 419 -121.40 -154.03 59.75
CA PHE U 419 -121.77 -153.52 58.44
C PHE U 419 -120.57 -153.43 57.51
N SER U 420 -119.42 -152.98 58.04
CA SER U 420 -118.21 -152.91 57.23
C SER U 420 -117.75 -154.29 56.79
N ILE U 421 -117.82 -155.27 57.69
CA ILE U 421 -117.44 -156.64 57.33
C ILE U 421 -118.37 -157.19 56.26
N SER U 422 -119.67 -156.94 56.40
CA SER U 422 -120.63 -157.41 55.40
C SER U 422 -120.38 -156.76 54.05
N LYS U 423 -120.09 -155.45 54.04
CA LYS U 423 -119.80 -154.76 52.79
C LYS U 423 -118.53 -155.31 52.15
N ALA U 424 -117.49 -155.55 52.95
CA ALA U 424 -116.25 -156.11 52.42
C ALA U 424 -116.47 -157.50 51.83
N TYR U 425 -117.28 -158.32 52.50
CA TYR U 425 -117.60 -159.65 51.98
C TYR U 425 -118.39 -159.55 50.68
N MET U 426 -119.33 -158.61 50.61
CA MET U 426 -120.13 -158.43 49.40
C MET U 426 -119.37 -157.73 48.28
N GLN U 427 -118.19 -157.18 48.57
CA GLN U 427 -117.39 -156.53 47.53
C GLN U 427 -116.98 -157.50 46.43
N ASN U 428 -116.96 -158.80 46.70
CA ASN U 428 -116.63 -159.79 45.68
C ASN U 428 -117.74 -159.84 44.65
N PRO U 429 -117.46 -159.59 43.37
CA PRO U 429 -118.53 -159.64 42.35
C PRO U 429 -119.11 -161.04 42.15
N ASN U 430 -118.38 -162.09 42.54
CA ASN U 430 -118.84 -163.46 42.36
C ASN U 430 -119.17 -164.15 43.68
N ALA U 431 -119.43 -163.38 44.74
CA ALA U 431 -119.75 -163.95 46.04
C ALA U 431 -121.22 -164.37 46.05
N ILE U 432 -121.47 -165.67 46.16
CA ILE U 432 -122.83 -166.19 46.22
C ILE U 432 -123.37 -166.00 47.63
N ILE U 433 -124.54 -165.37 47.74
CA ILE U 433 -125.15 -165.08 49.02
C ILE U 433 -126.35 -166.00 49.18
N LEU U 434 -126.39 -166.74 50.29
CA LEU U 434 -127.48 -167.67 50.60
C LEU U 434 -128.33 -167.04 51.71
N CYS U 435 -129.47 -166.50 51.33
CA CYS U 435 -130.37 -165.85 52.28
C CYS U 435 -131.24 -166.89 52.98
N ILE U 436 -131.29 -166.81 54.31
CA ILE U 436 -132.09 -167.72 55.12
C ILE U 436 -133.09 -166.90 55.92
N GLN U 437 -134.36 -167.29 55.85
CA GLN U 437 -135.43 -166.61 56.55
C GLN U 437 -136.09 -167.58 57.53
N ASP U 438 -137.18 -167.13 58.16
CA ASP U 438 -137.90 -167.91 59.14
C ASP U 438 -139.38 -167.94 58.78
N GLY U 439 -140.11 -168.88 59.36
CA GLY U 439 -141.54 -168.98 59.11
C GLY U 439 -142.30 -167.76 59.60
N SER U 440 -141.90 -167.21 60.74
CA SER U 440 -142.55 -166.03 61.30
C SER U 440 -142.01 -164.72 60.73
N VAL U 441 -141.00 -164.78 59.87
CA VAL U 441 -140.38 -163.59 59.29
C VAL U 441 -140.76 -163.54 57.81
N ASP U 442 -141.33 -162.42 57.39
CA ASP U 442 -141.74 -162.25 56.00
C ASP U 442 -140.52 -161.99 55.12
N ALA U 443 -140.74 -162.07 53.80
CA ALA U 443 -139.67 -161.82 52.84
C ALA U 443 -139.17 -160.39 52.94
N GLU U 444 -140.08 -159.42 53.06
CA GLU U 444 -139.68 -158.02 53.18
C GLU U 444 -139.06 -157.71 54.54
N ARG U 445 -139.36 -158.50 55.56
CA ARG U 445 -138.81 -158.30 56.90
C ARG U 445 -137.37 -158.78 57.01
N SER U 446 -136.86 -159.51 56.02
CA SER U 446 -135.49 -160.01 56.06
C SER U 446 -134.54 -158.90 55.65
N ILE U 447 -133.65 -158.51 56.56
CA ILE U 447 -132.69 -157.45 56.25
C ILE U 447 -131.69 -157.93 55.20
N VAL U 448 -131.30 -159.20 55.26
CA VAL U 448 -130.34 -159.74 54.29
C VAL U 448 -130.92 -159.71 52.89
N THR U 449 -132.19 -160.10 52.75
CA THR U 449 -132.82 -160.08 51.43
C THR U 449 -132.90 -158.67 50.87
N ASP U 450 -133.28 -157.71 51.71
CA ASP U 450 -133.36 -156.32 51.26
C ASP U 450 -131.99 -155.80 50.85
N LEU U 451 -130.96 -156.12 51.63
CA LEU U 451 -129.61 -155.68 51.30
C LEU U 451 -129.15 -156.30 49.98
N VAL U 452 -129.43 -157.58 49.77
CA VAL U 452 -129.06 -158.23 48.52
C VAL U 452 -129.79 -157.59 47.34
N SER U 453 -131.08 -157.31 47.51
CA SER U 453 -131.84 -156.67 46.43
C SER U 453 -131.30 -155.28 46.12
N GLN U 454 -130.94 -154.51 47.16
CA GLN U 454 -130.38 -153.19 46.94
C GLN U 454 -129.03 -153.26 46.24
N MET U 455 -128.17 -154.19 46.65
CA MET U 455 -126.86 -154.32 46.04
C MET U 455 -126.92 -154.99 44.67
N ASP U 456 -127.83 -155.94 44.48
CA ASP U 456 -127.97 -156.68 43.23
C ASP U 456 -129.42 -156.61 42.77
N PRO U 457 -129.83 -155.49 42.17
CA PRO U 457 -131.22 -155.40 41.67
C PRO U 457 -131.56 -156.45 40.63
N HIS U 458 -130.60 -156.83 39.78
CA HIS U 458 -130.88 -157.84 38.76
C HIS U 458 -131.01 -159.22 39.39
N GLY U 459 -130.12 -159.57 40.30
CA GLY U 459 -130.17 -160.88 40.94
C GLY U 459 -129.92 -162.04 40.00
N ARG U 460 -129.01 -161.86 39.04
CA ARG U 460 -128.70 -162.91 38.09
C ARG U 460 -127.82 -164.01 38.68
N ARG U 461 -127.17 -163.75 39.81
CA ARG U 461 -126.32 -164.74 40.46
C ARG U 461 -126.80 -165.16 41.84
N THR U 462 -127.81 -164.51 42.39
CA THR U 462 -128.35 -164.83 43.70
C THR U 462 -129.65 -165.61 43.53
N ILE U 463 -129.75 -166.76 44.21
CA ILE U 463 -130.91 -167.63 44.14
C ILE U 463 -131.56 -167.65 45.52
N PHE U 464 -132.85 -167.33 45.56
CA PHE U 464 -133.59 -167.29 46.82
C PHE U 464 -134.00 -168.71 47.22
N VAL U 465 -133.78 -169.04 48.49
CA VAL U 465 -134.15 -170.33 49.05
C VAL U 465 -135.10 -170.09 50.22
N LEU U 466 -136.25 -170.75 50.19
CA LEU U 466 -137.27 -170.60 51.22
C LEU U 466 -137.16 -171.77 52.19
N THR U 467 -137.03 -171.46 53.48
CA THR U 467 -136.89 -172.46 54.53
C THR U 467 -138.03 -172.35 55.52
N LYS U 468 -138.34 -173.47 56.17
CA LYS U 468 -139.41 -173.55 57.17
C LYS U 468 -140.75 -173.11 56.57
N VAL U 469 -141.14 -173.77 55.49
CA VAL U 469 -142.41 -173.45 54.83
C VAL U 469 -143.58 -173.84 55.72
N ASP U 470 -143.48 -174.96 56.42
CA ASP U 470 -144.59 -175.42 57.26
C ASP U 470 -144.87 -174.43 58.39
N LEU U 471 -143.82 -173.88 59.01
CA LEU U 471 -144.01 -172.92 60.09
C LEU U 471 -144.70 -171.66 59.58
N ALA U 472 -144.31 -171.17 58.40
CA ALA U 472 -144.97 -170.00 57.83
C ALA U 472 -146.42 -170.30 57.49
N GLU U 473 -146.69 -171.49 56.94
CA GLU U 473 -148.05 -171.86 56.58
C GLU U 473 -148.94 -171.96 57.81
N LYS U 474 -148.42 -172.53 58.90
CA LYS U 474 -149.22 -172.68 60.11
C LYS U 474 -149.53 -171.34 60.78
N ASN U 475 -148.82 -170.28 60.42
CA ASN U 475 -149.05 -168.96 61.01
C ASN U 475 -150.08 -168.16 60.20
N VAL U 476 -151.23 -168.78 59.97
CA VAL U 476 -152.36 -168.25 59.20
C VAL U 476 -151.93 -167.33 58.06
N ALA U 477 -150.90 -167.75 57.32
CA ALA U 477 -150.40 -166.95 56.21
C ALA U 477 -151.30 -167.13 54.98
N SER U 478 -151.17 -166.17 54.06
CA SER U 478 -151.95 -166.22 52.82
C SER U 478 -151.25 -167.10 51.81
N PRO U 479 -151.91 -168.14 51.28
CA PRO U 479 -151.25 -169.00 50.28
C PRO U 479 -150.90 -168.27 49.00
N SER U 480 -151.59 -167.17 48.68
CA SER U 480 -151.26 -166.41 47.48
C SER U 480 -149.86 -165.83 47.55
N ARG U 481 -149.47 -165.31 48.72
CA ARG U 481 -148.13 -164.77 48.87
C ARG U 481 -147.07 -165.86 48.70
N ILE U 482 -147.31 -167.04 49.28
CA ILE U 482 -146.37 -168.14 49.15
C ILE U 482 -146.26 -168.58 47.69
N GLN U 483 -147.39 -168.65 46.99
CA GLN U 483 -147.37 -169.03 45.58
C GLN U 483 -146.61 -168.00 44.75
N GLN U 484 -146.82 -166.72 45.02
CA GLN U 484 -146.10 -165.67 44.29
C GLN U 484 -144.61 -165.74 44.57
N ILE U 485 -144.22 -165.99 45.81
CA ILE U 485 -142.81 -166.09 46.16
C ILE U 485 -142.17 -167.28 45.45
N ILE U 486 -142.85 -168.43 45.48
CA ILE U 486 -142.32 -169.62 44.82
C ILE U 486 -142.24 -169.42 43.31
N GLU U 487 -143.30 -168.86 42.71
CA GLU U 487 -143.30 -168.62 41.28
C GLU U 487 -142.39 -167.47 40.88
N GLY U 488 -142.14 -166.52 41.78
CA GLY U 488 -141.27 -165.41 41.49
C GLY U 488 -141.97 -164.20 40.91
N LYS U 489 -143.18 -163.93 41.38
CA LYS U 489 -143.97 -162.80 40.92
C LYS U 489 -143.92 -161.61 41.87
N LEU U 490 -143.07 -161.68 42.90
CA LEU U 490 -142.95 -160.61 43.88
C LEU U 490 -141.55 -160.04 43.98
N PHE U 491 -140.52 -160.87 43.87
CA PHE U 491 -139.15 -160.40 43.98
C PHE U 491 -138.75 -159.69 42.69
N PRO U 492 -138.32 -158.43 42.75
CA PRO U 492 -137.89 -157.74 41.51
C PRO U 492 -136.70 -158.39 40.83
N MET U 493 -135.81 -159.01 41.59
CA MET U 493 -134.63 -159.64 41.00
C MET U 493 -135.02 -160.84 40.17
N LYS U 494 -134.27 -161.07 39.09
CA LYS U 494 -134.50 -162.19 38.18
C LYS U 494 -133.57 -163.34 38.56
N ALA U 495 -133.96 -164.06 39.62
CA ALA U 495 -133.17 -165.18 40.08
C ALA U 495 -133.29 -166.37 39.11
N LEU U 496 -132.27 -167.24 39.15
CA LEU U 496 -132.27 -168.40 38.28
C LEU U 496 -133.35 -169.40 38.64
N GLY U 497 -133.88 -169.35 39.85
CA GLY U 497 -134.94 -170.26 40.26
C GLY U 497 -135.34 -169.98 41.69
N TYR U 498 -136.41 -170.66 42.11
CA TYR U 498 -136.93 -170.54 43.46
C TYR U 498 -137.37 -171.92 43.94
N PHE U 499 -136.86 -172.33 45.10
CA PHE U 499 -137.19 -173.62 45.68
C PHE U 499 -137.59 -173.43 47.14
N ALA U 500 -138.62 -174.16 47.56
CA ALA U 500 -139.12 -174.10 48.92
C ALA U 500 -138.86 -175.43 49.62
N VAL U 501 -138.19 -175.38 50.77
CA VAL U 501 -137.84 -176.56 51.53
C VAL U 501 -138.23 -176.34 52.99
N VAL U 502 -138.33 -177.44 53.72
CA VAL U 502 -138.67 -177.42 55.14
C VAL U 502 -137.46 -177.95 55.92
N THR U 503 -136.99 -177.16 56.87
CA THR U 503 -135.84 -177.52 57.70
C THR U 503 -136.26 -177.77 59.15
N GLY U 504 -137.43 -178.37 59.34
CA GLY U 504 -137.92 -178.64 60.68
C GLY U 504 -138.54 -177.44 61.33
N LYS U 505 -138.88 -177.61 62.61
CA LYS U 505 -139.51 -176.56 63.40
C LYS U 505 -138.49 -175.60 64.01
N GLY U 506 -137.20 -175.86 63.83
CA GLY U 506 -136.17 -174.98 64.38
C GLY U 506 -135.89 -175.17 65.85
N ASN U 507 -136.45 -176.20 66.48
CA ASN U 507 -136.23 -176.44 67.90
C ASN U 507 -134.89 -177.15 68.10
N SER U 508 -134.60 -177.51 69.35
CA SER U 508 -133.35 -178.19 69.69
C SER U 508 -133.61 -179.59 70.25
N SER U 509 -134.69 -180.23 69.80
CA SER U 509 -135.03 -181.57 70.27
C SER U 509 -135.39 -182.51 69.12
N GLU U 510 -135.10 -182.13 67.88
CA GLU U 510 -135.40 -182.96 66.72
C GLU U 510 -134.08 -183.38 66.07
N SER U 511 -133.93 -184.68 65.85
CA SER U 511 -132.71 -185.19 65.23
C SER U 511 -132.69 -184.86 63.75
N ILE U 512 -131.50 -184.98 63.15
CA ILE U 512 -131.34 -184.70 61.72
C ILE U 512 -132.16 -185.68 60.89
N GLU U 513 -132.13 -186.96 61.26
CA GLU U 513 -132.89 -187.97 60.52
C GLU U 513 -134.39 -187.70 60.60
N ALA U 514 -134.88 -187.32 61.79
CA ALA U 514 -136.29 -187.02 61.93
C ALA U 514 -136.71 -185.83 61.08
N ILE U 515 -135.89 -184.78 61.06
CA ILE U 515 -136.19 -183.60 60.24
C ILE U 515 -136.18 -183.96 58.77
N ARG U 516 -135.20 -184.77 58.34
CA ARG U 516 -135.14 -185.20 56.95
C ARG U 516 -136.36 -186.02 56.57
N GLU U 517 -136.80 -186.93 57.44
CA GLU U 517 -137.99 -187.73 57.17
C GLU U 517 -139.23 -186.85 57.10
N TYR U 518 -139.34 -185.88 58.00
CA TYR U 518 -140.49 -184.96 57.96
C TYR U 518 -140.50 -184.15 56.68
N GLU U 519 -139.32 -183.68 56.24
CA GLU U 519 -139.25 -182.93 55.00
C GLU U 519 -139.63 -183.79 53.79
N GLU U 520 -139.16 -185.05 53.78
CA GLU U 520 -139.52 -185.96 52.70
C GLU U 520 -141.02 -186.22 52.68
N GLU U 521 -141.62 -186.42 53.86
CA GLU U 521 -143.07 -186.64 53.93
C GLU U 521 -143.83 -185.42 53.45
N PHE U 522 -143.38 -184.22 53.83
CA PHE U 522 -144.04 -183.00 53.39
C PHE U 522 -143.92 -182.83 51.88
N PHE U 523 -142.75 -183.14 51.32
CA PHE U 523 -142.59 -183.07 49.87
C PHE U 523 -143.48 -184.07 49.15
N GLN U 524 -143.59 -185.29 49.68
CA GLN U 524 -144.45 -186.29 49.07
C GLN U 524 -145.91 -185.89 49.13
N ASN U 525 -146.36 -185.37 50.28
CA ASN U 525 -147.75 -184.95 50.48
C ASN U 525 -147.73 -183.53 51.04
N SER U 526 -148.02 -182.55 50.19
CA SER U 526 -148.04 -181.15 50.59
C SER U 526 -149.42 -180.55 50.32
N LYS U 527 -149.81 -179.62 51.18
CA LYS U 527 -151.10 -178.94 51.05
C LYS U 527 -151.12 -177.95 49.90
N LEU U 528 -149.98 -177.59 49.34
CA LEU U 528 -149.91 -176.64 48.23
C LEU U 528 -149.70 -177.31 46.89
N LEU U 529 -149.04 -178.48 46.86
CA LEU U 529 -148.82 -179.17 45.60
C LEU U 529 -150.12 -179.75 45.03
N LYS U 530 -151.06 -180.13 45.91
CA LYS U 530 -152.32 -180.69 45.48
C LYS U 530 -153.27 -179.66 44.90
N THR U 531 -152.97 -178.37 45.05
CA THR U 531 -153.81 -177.30 44.52
C THR U 531 -153.43 -176.90 43.10
N SER U 532 -152.43 -177.56 42.51
CA SER U 532 -151.98 -177.27 41.15
C SER U 532 -151.59 -175.80 40.99
N MET U 533 -150.93 -175.25 42.02
CA MET U 533 -150.49 -173.86 42.01
C MET U 533 -148.97 -173.73 42.02
N LEU U 534 -148.23 -174.84 42.05
CA LEU U 534 -146.78 -174.82 42.08
C LEU U 534 -146.23 -175.67 40.95
N LYS U 535 -145.10 -175.24 40.40
CA LYS U 535 -144.48 -175.96 39.30
C LYS U 535 -143.94 -177.31 39.76
N ALA U 536 -144.09 -178.32 38.91
CA ALA U 536 -143.63 -179.67 39.26
C ALA U 536 -142.12 -179.80 39.21
N HIS U 537 -141.45 -178.97 38.40
CA HIS U 537 -140.00 -179.05 38.25
C HIS U 537 -139.25 -178.24 39.30
N GLN U 538 -139.96 -177.55 40.20
CA GLN U 538 -139.34 -176.76 41.26
C GLN U 538 -139.35 -177.49 42.59
N VAL U 539 -139.18 -178.81 42.57
CA VAL U 539 -139.19 -179.61 43.79
C VAL U 539 -137.79 -180.14 44.06
N THR U 540 -137.59 -180.72 45.25
CA THR U 540 -136.31 -181.25 45.69
C THR U 540 -135.20 -180.20 45.63
N THR U 541 -133.94 -180.65 45.72
CA THR U 541 -132.80 -179.75 45.69
C THR U 541 -131.67 -180.23 44.80
N ARG U 542 -131.80 -181.37 44.12
CA ARG U 542 -130.70 -181.91 43.34
C ARG U 542 -130.35 -181.00 42.17
N ASN U 543 -131.36 -180.58 41.40
CA ASN U 543 -131.12 -179.72 40.25
C ASN U 543 -130.55 -178.37 40.68
N LEU U 544 -131.10 -177.78 41.75
CA LEU U 544 -130.60 -176.50 42.23
C LEU U 544 -129.15 -176.63 42.69
N SER U 545 -128.83 -177.70 43.42
CA SER U 545 -127.46 -177.92 43.88
C SER U 545 -126.50 -178.09 42.71
N LEU U 546 -126.92 -178.86 41.70
CA LEU U 546 -126.06 -179.05 40.53
C LEU U 546 -125.83 -177.74 39.79
N ALA U 547 -126.88 -176.94 39.62
CA ALA U 547 -126.73 -175.66 38.94
C ALA U 547 -125.82 -174.72 39.72
N VAL U 548 -125.99 -174.67 41.05
CA VAL U 548 -125.16 -173.82 41.88
C VAL U 548 -123.70 -174.27 41.80
N SER U 549 -123.46 -175.58 41.85
CA SER U 549 -122.10 -176.09 41.77
C SER U 549 -121.46 -175.75 40.42
N ASP U 550 -122.22 -175.92 39.33
CA ASP U 550 -121.68 -175.61 38.01
C ASP U 550 -121.37 -174.11 37.88
N CYS U 551 -122.27 -173.26 38.36
CA CYS U 551 -122.02 -171.83 38.31
C CYS U 551 -120.80 -171.44 39.14
N PHE U 552 -120.67 -172.01 40.34
CA PHE U 552 -119.51 -171.72 41.17
C PHE U 552 -118.22 -172.18 40.51
N TRP U 553 -118.25 -173.37 39.90
CA TRP U 553 -117.05 -173.88 39.24
C TRP U 553 -116.65 -173.00 38.07
N LYS U 554 -117.61 -172.60 37.23
CA LYS U 554 -117.26 -171.76 36.09
C LYS U 554 -116.78 -170.39 36.52
N MET U 555 -117.42 -169.80 37.54
CA MET U 555 -116.99 -168.48 37.99
C MET U 555 -115.61 -168.53 38.65
N VAL U 556 -115.32 -169.59 39.41
CA VAL U 556 -114.01 -169.70 40.02
C VAL U 556 -112.95 -170.00 38.98
N ARG U 557 -113.30 -170.74 37.92
CA ARG U 557 -112.35 -170.97 36.84
C ARG U 557 -112.02 -169.65 36.13
N GLU U 558 -113.04 -168.84 35.85
CA GLU U 558 -112.79 -167.54 35.23
C GLU U 558 -111.96 -166.65 36.15
N SER U 559 -112.27 -166.66 37.45
CA SER U 559 -111.54 -165.83 38.40
C SER U 559 -110.08 -166.24 38.48
N VAL U 560 -109.80 -167.55 38.53
CA VAL U 560 -108.42 -168.00 38.63
C VAL U 560 -107.68 -167.75 37.31
N GLU U 561 -108.38 -167.85 36.17
CA GLU U 561 -107.75 -167.52 34.90
C GLU U 561 -107.33 -166.05 34.85
N GLN U 562 -108.21 -165.16 35.33
CA GLN U 562 -107.85 -163.74 35.40
C GLN U 562 -106.72 -163.50 36.40
N GLN U 563 -106.78 -164.16 37.56
CA GLN U 563 -105.79 -163.92 38.61
C GLN U 563 -104.42 -164.46 38.25
N ALA U 564 -104.34 -165.49 37.39
CA ALA U 564 -103.04 -166.01 36.98
C ALA U 564 -102.17 -164.93 36.36
N ASP U 565 -102.78 -163.92 35.74
CA ASP U 565 -102.05 -162.76 35.24
C ASP U 565 -102.16 -161.55 36.16
N SER U 566 -103.27 -161.40 36.88
CA SER U 566 -103.43 -160.26 37.78
C SER U 566 -102.38 -160.29 38.89
N PHE U 567 -102.16 -161.45 39.50
CA PHE U 567 -101.17 -161.55 40.58
C PHE U 567 -99.76 -161.37 40.06
N LYS U 568 -99.47 -161.87 38.85
CA LYS U 568 -98.16 -161.64 38.26
C LYS U 568 -97.92 -160.15 38.03
N ALA U 569 -98.95 -159.45 37.51
CA ALA U 569 -98.83 -158.01 37.32
C ALA U 569 -98.64 -157.28 38.65
N THR U 570 -99.38 -157.71 39.67
CA THR U 570 -99.24 -157.08 40.99
C THR U 570 -97.84 -157.29 41.55
N ARG U 571 -97.30 -158.50 41.42
CA ARG U 571 -95.95 -158.76 41.90
C ARG U 571 -94.92 -157.95 41.14
N PHE U 572 -95.08 -157.84 39.82
CA PHE U 572 -94.15 -157.02 39.04
C PHE U 572 -94.22 -155.56 39.46
N ASN U 573 -95.44 -155.04 39.69
CA ASN U 573 -95.58 -153.66 40.12
C ASN U 573 -94.96 -153.44 41.49
N LEU U 574 -95.15 -154.39 42.41
CA LEU U 574 -94.55 -154.25 43.73
C LEU U 574 -93.04 -154.28 43.66
N GLU U 575 -92.48 -155.17 42.83
CA GLU U 575 -91.02 -155.23 42.67
C GLU U 575 -90.49 -153.93 42.08
N THR U 576 -91.19 -153.40 41.07
CA THR U 576 -90.77 -152.14 40.47
C THR U 576 -90.83 -150.99 41.47
N GLU U 577 -91.88 -150.95 42.30
CA GLU U 577 -91.99 -149.92 43.31
C GLU U 577 -90.87 -150.03 44.33
N TRP U 578 -90.56 -151.25 44.77
CA TRP U 578 -89.47 -151.44 45.73
C TRP U 578 -88.13 -151.01 45.14
N LYS U 579 -87.88 -151.38 43.88
CA LYS U 579 -86.63 -150.99 43.23
C LYS U 579 -86.53 -149.48 43.05
N ASN U 580 -87.65 -148.83 42.68
CA ASN U 580 -87.63 -147.40 42.43
C ASN U 580 -87.46 -146.61 43.72
N ASN U 581 -88.16 -147.02 44.79
CA ASN U 581 -88.03 -146.32 46.07
C ASN U 581 -86.64 -146.50 46.67
N TYR U 582 -86.01 -147.64 46.44
CA TYR U 582 -84.68 -147.95 46.97
C TYR U 582 -83.78 -148.41 45.84
N PRO U 583 -83.29 -147.47 45.01
CA PRO U 583 -82.40 -147.88 43.91
C PRO U 583 -81.12 -148.53 44.39
N ARG U 584 -80.60 -148.14 45.55
CA ARG U 584 -79.34 -148.68 46.06
C ARG U 584 -79.55 -149.69 47.18
N LEU U 585 -80.80 -150.04 47.48
CA LEU U 585 -81.12 -151.01 48.53
C LEU U 585 -82.02 -152.09 47.96
N ARG U 586 -81.64 -153.35 48.21
CA ARG U 586 -82.42 -154.49 47.75
C ARG U 586 -83.43 -154.88 48.82
N GLU U 587 -84.07 -156.04 48.66
CA GLU U 587 -85.08 -156.50 49.60
C GLU U 587 -84.48 -156.64 51.00
N LEU U 588 -85.18 -156.10 52.00
CA LEU U 588 -84.75 -156.11 53.40
C LEU U 588 -85.91 -156.62 54.25
N ASP U 589 -85.99 -157.93 54.44
CA ASP U 589 -87.03 -158.53 55.25
C ASP U 589 -86.60 -158.57 56.71
N ARG U 590 -87.43 -159.20 57.55
CA ARG U 590 -87.14 -159.24 58.98
C ARG U 590 -85.87 -160.00 59.29
N ASN U 591 -85.65 -161.15 58.63
CA ASN U 591 -84.49 -161.98 58.94
C ASN U 591 -83.19 -161.28 58.56
N GLU U 592 -83.11 -160.75 57.34
CA GLU U 592 -81.88 -160.10 56.90
C GLU U 592 -81.60 -158.84 57.72
N LEU U 593 -82.62 -158.05 58.02
CA LEU U 593 -82.42 -156.84 58.81
C LEU U 593 -81.99 -157.18 60.23
N PHE U 594 -82.58 -158.23 60.82
CA PHE U 594 -82.18 -158.64 62.16
C PHE U 594 -80.73 -159.13 62.17
N GLU U 595 -80.34 -159.90 61.14
CA GLU U 595 -78.96 -160.36 61.06
C GLU U 595 -78.00 -159.19 60.89
N LYS U 596 -78.37 -158.21 60.06
CA LYS U 596 -77.52 -157.04 59.87
C LYS U 596 -77.39 -156.24 61.17
N ALA U 597 -78.49 -156.10 61.92
CA ALA U 597 -78.44 -155.41 63.20
C ALA U 597 -77.54 -156.14 64.18
N LYS U 598 -77.65 -157.48 64.22
CA LYS U 598 -76.78 -158.26 65.09
C LYS U 598 -75.31 -158.10 64.71
N ASN U 599 -75.02 -158.12 63.41
CA ASN U 599 -73.65 -157.93 62.96
C ASN U 599 -73.13 -156.54 63.30
N GLU U 600 -73.97 -155.51 63.15
CA GLU U 600 -73.57 -154.16 63.52
C GLU U 600 -73.31 -154.05 65.02
N ILE U 601 -74.15 -154.68 65.84
CA ILE U 601 -73.93 -154.68 67.28
C ILE U 601 -72.61 -155.37 67.62
N LEU U 602 -72.33 -156.50 66.97
CA LEU U 602 -71.07 -157.20 67.22
C LEU U 602 -69.88 -156.35 66.81
N ASP U 603 -69.98 -155.67 65.67
CA ASP U 603 -68.89 -154.79 65.23
C ASP U 603 -68.68 -153.63 66.19
N GLU U 604 -69.78 -153.05 66.70
CA GLU U 604 -69.66 -151.96 67.67
C GLU U 604 -69.02 -152.45 68.96
N VAL U 605 -69.39 -153.66 69.42
CA VAL U 605 -68.76 -154.22 70.62
C VAL U 605 -67.28 -154.47 70.39
N ILE U 606 -66.92 -154.98 69.20
CA ILE U 606 -65.51 -155.21 68.88
C ILE U 606 -64.74 -153.90 68.90
N SER U 607 -65.31 -152.86 68.28
CA SER U 607 -64.65 -151.55 68.27
C SER U 607 -64.51 -151.00 69.68
N LEU U 608 -65.53 -151.16 70.51
CA LEU U 608 -65.45 -150.72 71.90
C LEU U 608 -64.34 -151.44 72.65
N SER U 609 -64.22 -152.76 72.44
CA SER U 609 -63.17 -153.53 73.11
C SER U 609 -61.79 -153.20 72.56
N GLN U 610 -61.71 -152.71 71.32
CA GLN U 610 -60.43 -152.44 70.68
C GLN U 610 -59.89 -151.04 70.97
N VAL U 611 -60.63 -150.22 71.72
CA VAL U 611 -60.15 -148.88 72.05
C VAL U 611 -58.96 -149.00 73.00
N THR U 612 -57.96 -148.15 72.81
CA THR U 612 -56.76 -148.16 73.62
C THR U 612 -57.11 -147.86 75.07
N PRO U 613 -56.65 -148.68 76.03
CA PRO U 613 -56.99 -148.42 77.44
C PRO U 613 -56.48 -147.09 77.96
N LYS U 614 -55.40 -146.56 77.39
CA LYS U 614 -54.85 -145.29 77.87
C LYS U 614 -55.85 -144.15 77.70
N HIS U 615 -56.54 -144.11 76.56
CA HIS U 615 -57.56 -143.08 76.35
C HIS U 615 -58.70 -143.21 77.35
N TRP U 616 -59.11 -144.45 77.64
CA TRP U 616 -60.14 -144.67 78.65
C TRP U 616 -59.68 -144.17 80.02
N GLU U 617 -58.44 -144.48 80.39
CA GLU U 617 -57.92 -144.03 81.68
C GLU U 617 -57.88 -142.51 81.76
N GLU U 618 -57.42 -141.85 80.69
CA GLU U 618 -57.35 -140.40 80.68
C GLU U 618 -58.74 -139.78 80.80
N ILE U 619 -59.71 -140.31 80.03
CA ILE U 619 -61.06 -139.77 80.05
C ILE U 619 -61.68 -139.96 81.42
N LEU U 620 -61.53 -141.16 82.00
CA LEU U 620 -62.10 -141.43 83.32
C LEU U 620 -61.48 -140.53 84.38
N GLN U 621 -60.15 -140.36 84.34
CA GLN U 621 -59.48 -139.51 85.32
C GLN U 621 -59.96 -138.07 85.20
N GLN U 622 -60.05 -137.56 83.97
CA GLN U 622 -60.47 -136.18 83.78
C GLN U 622 -61.91 -135.98 84.24
N SER U 623 -62.80 -136.90 83.88
CA SER U 623 -64.20 -136.78 84.27
C SER U 623 -64.36 -136.86 85.78
N LEU U 624 -63.67 -137.82 86.41
CA LEU U 624 -63.77 -137.96 87.86
C LEU U 624 -63.21 -136.73 88.57
N TRP U 625 -62.08 -136.19 88.10
CA TRP U 625 -61.52 -134.99 88.72
C TRP U 625 -62.47 -133.81 88.58
N GLU U 626 -63.04 -133.62 87.39
CA GLU U 626 -63.99 -132.53 87.20
C GLU U 626 -65.23 -132.71 88.08
N ARG U 627 -65.63 -133.96 88.31
CA ARG U 627 -66.82 -134.20 89.10
C ARG U 627 -66.56 -133.95 90.59
N VAL U 628 -65.39 -134.37 91.09
CA VAL U 628 -65.13 -134.35 92.53
C VAL U 628 -64.30 -133.14 92.96
N SER U 629 -63.97 -132.23 92.03
CA SER U 629 -63.21 -131.05 92.42
C SER U 629 -63.98 -130.22 93.45
N THR U 630 -65.27 -129.96 93.19
CA THR U 630 -66.07 -129.18 94.12
C THR U 630 -66.23 -129.90 95.45
N HIS U 631 -66.46 -131.22 95.41
CA HIS U 631 -66.60 -131.99 96.64
C HIS U 631 -65.33 -131.93 97.48
N VAL U 632 -64.17 -132.11 96.85
CA VAL U 632 -62.91 -132.05 97.55
C VAL U 632 -62.69 -130.66 98.14
N ILE U 633 -62.98 -129.62 97.38
CA ILE U 633 -62.79 -128.26 97.86
C ILE U 633 -63.65 -128.01 99.09
N GLU U 634 -64.95 -128.31 98.98
CA GLU U 634 -65.89 -128.03 100.07
C GLU U 634 -65.73 -128.97 101.26
N ASN U 635 -65.04 -130.10 101.10
CA ASN U 635 -64.79 -131.00 102.21
C ASN U 635 -63.40 -130.85 102.81
N ILE U 636 -62.50 -130.11 102.16
CA ILE U 636 -61.15 -129.94 102.70
C ILE U 636 -60.91 -128.49 103.08
N TYR U 637 -61.04 -127.56 102.13
CA TYR U 637 -60.68 -126.18 102.41
C TYR U 637 -61.71 -125.47 103.27
N LEU U 638 -63.00 -125.84 103.14
CA LEU U 638 -64.03 -125.20 103.95
C LEU U 638 -63.82 -125.42 105.44
N PRO U 639 -63.57 -126.63 105.94
CA PRO U 639 -63.27 -126.76 107.38
C PRO U 639 -61.91 -126.21 107.75
N ALA U 640 -60.89 -126.48 106.95
CA ALA U 640 -59.53 -126.01 107.22
C ALA U 640 -59.25 -124.70 106.49
N ALA U 641 -60.07 -123.70 106.80
CA ALA U 641 -59.97 -122.39 106.15
C ALA U 641 -59.05 -121.42 106.89
N GLN U 642 -58.55 -121.79 108.08
CA GLN U 642 -57.70 -120.90 108.85
C GLN U 642 -56.43 -121.60 109.33
N THR U 643 -56.06 -122.71 108.71
CA THR U 643 -54.83 -123.40 109.10
C THR U 643 -53.61 -122.60 108.69
N MET U 644 -52.62 -122.56 109.58
CA MET U 644 -51.37 -121.85 109.34
C MET U 644 -50.21 -122.77 109.02
N ASN U 645 -50.03 -123.83 109.79
CA ASN U 645 -48.96 -124.78 109.55
C ASN U 645 -49.34 -125.74 108.43
N SER U 646 -48.38 -125.99 107.52
CA SER U 646 -48.63 -126.89 106.41
C SER U 646 -48.81 -128.33 106.89
N GLY U 647 -48.14 -128.71 107.99
CA GLY U 647 -48.28 -130.07 108.48
C GLY U 647 -49.68 -130.39 108.95
N THR U 648 -50.31 -129.46 109.67
CA THR U 648 -51.69 -129.67 110.11
C THR U 648 -52.63 -129.77 108.92
N PHE U 649 -52.43 -128.93 107.91
CA PHE U 649 -53.27 -129.00 106.71
C PHE U 649 -53.09 -130.34 106.00
N ASN U 650 -51.85 -130.83 105.88
CA ASN U 650 -51.61 -132.12 105.26
C ASN U 650 -52.25 -133.25 106.06
N THR U 651 -52.16 -133.19 107.39
CA THR U 651 -52.78 -134.21 108.23
C THR U 651 -54.29 -134.20 108.05
N THR U 652 -54.91 -133.01 108.01
CA THR U 652 -56.34 -132.93 107.80
C THR U 652 -56.73 -133.47 106.43
N VAL U 653 -55.92 -133.17 105.40
CA VAL U 653 -56.20 -133.69 104.06
C VAL U 653 -56.14 -135.21 104.06
N ASP U 654 -55.12 -135.78 104.70
CA ASP U 654 -55.00 -137.23 104.77
C ASP U 654 -56.18 -137.85 105.51
N ILE U 655 -56.60 -137.23 106.62
CA ILE U 655 -57.74 -137.75 107.38
C ILE U 655 -59.00 -137.73 106.52
N LYS U 656 -59.24 -136.62 105.82
CA LYS U 656 -60.43 -136.51 104.99
C LYS U 656 -60.39 -137.53 103.84
N LEU U 657 -59.22 -137.70 103.22
CA LEU U 657 -59.10 -138.68 102.14
C LEU U 657 -59.35 -140.10 102.64
N LYS U 658 -58.81 -140.44 103.80
CA LYS U 658 -59.04 -141.77 104.35
C LYS U 658 -60.51 -141.99 104.69
N GLN U 659 -61.16 -140.98 105.27
CA GLN U 659 -62.58 -141.09 105.58
C GLN U 659 -63.40 -141.25 104.33
N TRP U 660 -63.09 -140.48 103.27
CA TRP U 660 -63.82 -140.61 102.02
C TRP U 660 -63.62 -141.99 101.40
N THR U 661 -62.39 -142.49 101.40
CA THR U 661 -62.14 -143.82 100.85
C THR U 661 -62.89 -144.89 101.63
N ASP U 662 -62.94 -144.77 102.95
CA ASP U 662 -63.63 -145.77 103.76
C ASP U 662 -65.14 -145.69 103.58
N LYS U 663 -65.70 -144.48 103.43
CA LYS U 663 -67.15 -144.33 103.50
C LYS U 663 -67.84 -144.63 102.16
N GLN U 664 -67.57 -143.82 101.13
CA GLN U 664 -68.34 -143.94 99.90
C GLN U 664 -67.55 -143.72 98.62
N LEU U 665 -66.22 -143.52 98.70
CA LEU U 665 -65.46 -143.25 97.48
C LEU U 665 -65.52 -144.39 96.47
N PRO U 666 -65.35 -145.67 96.84
CA PRO U 666 -65.49 -146.72 95.83
C PRO U 666 -66.86 -146.75 95.17
N ASN U 667 -67.92 -146.48 95.92
CA ASN U 667 -69.26 -146.45 95.34
C ASN U 667 -69.39 -145.32 94.33
N LYS U 668 -68.87 -144.14 94.67
CA LYS U 668 -68.91 -143.01 93.74
C LYS U 668 -68.10 -143.30 92.49
N ALA U 669 -66.93 -143.92 92.65
CA ALA U 669 -66.11 -144.27 91.49
C ALA U 669 -66.83 -145.28 90.60
N VAL U 670 -67.47 -146.28 91.19
CA VAL U 670 -68.21 -147.26 90.41
C VAL U 670 -69.36 -146.59 89.66
N GLU U 671 -70.09 -145.70 90.34
CA GLU U 671 -71.19 -145.00 89.69
C GLU U 671 -70.70 -144.14 88.53
N VAL U 672 -69.58 -143.43 88.73
CA VAL U 672 -69.04 -142.59 87.68
C VAL U 672 -68.59 -143.43 86.48
N ALA U 673 -67.93 -144.56 86.75
CA ALA U 673 -67.49 -145.44 85.66
C ALA U 673 -68.69 -146.00 84.90
N TRP U 674 -69.73 -146.41 85.61
CA TRP U 674 -70.92 -146.94 84.95
C TRP U 674 -71.61 -145.87 84.12
N GLU U 675 -71.69 -144.64 84.64
CA GLU U 675 -72.29 -143.55 83.88
C GLU U 675 -71.49 -143.24 82.63
N THR U 676 -70.17 -143.23 82.73
CA THR U 676 -69.33 -142.99 81.56
C THR U 676 -69.49 -144.09 80.53
N LEU U 677 -69.56 -145.35 80.98
CA LEU U 677 -69.78 -146.45 80.05
C LEU U 677 -71.13 -146.33 79.36
N GLN U 678 -72.17 -145.95 80.11
CA GLN U 678 -73.49 -145.75 79.51
C GLN U 678 -73.46 -144.62 78.48
N GLU U 679 -72.77 -143.53 78.80
CA GLU U 679 -72.67 -142.42 77.85
C GLU U 679 -71.94 -142.83 76.58
N GLU U 680 -70.84 -143.56 76.72
CA GLU U 680 -70.12 -144.03 75.55
C GLU U 680 -70.97 -144.98 74.70
N PHE U 681 -71.69 -145.89 75.36
CA PHE U 681 -72.56 -146.81 74.64
C PHE U 681 -73.67 -146.07 73.91
N SER U 682 -74.27 -145.07 74.56
CA SER U 682 -75.32 -144.29 73.92
C SER U 682 -74.80 -143.50 72.73
N ARG U 683 -73.61 -142.91 72.87
CA ARG U 683 -73.02 -142.16 71.76
C ARG U 683 -72.70 -143.08 70.59
N PHE U 684 -72.19 -144.28 70.88
CA PHE U 684 -71.91 -145.23 69.81
C PHE U 684 -73.20 -145.69 69.13
N MET U 685 -74.25 -145.93 69.90
CA MET U 685 -75.52 -146.36 69.33
C MET U 685 -76.13 -145.26 68.46
N THR U 686 -76.06 -144.02 68.92
CA THR U 686 -76.60 -142.87 68.20
C THR U 686 -75.42 -142.04 67.70
N GLU U 687 -74.93 -142.38 66.52
CA GLU U 687 -73.78 -141.71 65.90
C GLU U 687 -74.18 -141.27 64.50
N PRO U 688 -74.82 -140.10 64.38
CA PRO U 688 -75.32 -139.64 63.08
C PRO U 688 -74.23 -139.07 62.17
N LYS U 689 -73.16 -139.84 62.00
CA LYS U 689 -72.11 -139.46 61.07
C LYS U 689 -72.62 -139.45 59.63
N GLY U 690 -73.44 -140.44 59.28
CA GLY U 690 -74.00 -140.50 57.94
C GLY U 690 -75.02 -139.40 57.71
N LYS U 691 -75.16 -139.00 56.44
CA LYS U 691 -76.09 -137.94 56.10
C LYS U 691 -77.55 -138.38 56.20
N GLU U 692 -77.82 -139.68 56.16
CA GLU U 692 -79.19 -140.17 56.24
C GLU U 692 -79.59 -140.47 57.68
N HIS U 693 -78.86 -141.39 58.32
CA HIS U 693 -79.09 -141.79 59.70
C HIS U 693 -80.56 -142.14 59.94
N ASP U 694 -81.00 -143.19 59.24
CA ASP U 694 -82.36 -143.66 59.36
C ASP U 694 -82.70 -144.02 60.81
N ASP U 695 -83.86 -143.54 61.27
CA ASP U 695 -84.27 -143.74 62.65
C ASP U 695 -84.88 -145.11 62.91
N ILE U 696 -85.20 -145.87 61.87
CA ILE U 696 -85.78 -147.20 62.06
C ILE U 696 -84.79 -148.10 62.79
N PHE U 697 -83.51 -148.07 62.37
CA PHE U 697 -82.49 -148.84 63.07
C PHE U 697 -82.13 -148.18 64.41
N ASP U 698 -82.22 -146.85 64.47
CA ASP U 698 -81.87 -146.14 65.69
C ASP U 698 -82.79 -146.49 66.85
N LYS U 699 -84.09 -146.62 66.57
CA LYS U 699 -85.03 -147.00 67.63
C LYS U 699 -84.72 -148.38 68.18
N LEU U 700 -84.43 -149.34 67.29
CA LEU U 700 -84.08 -150.68 67.74
C LEU U 700 -82.78 -150.67 68.53
N LYS U 701 -81.80 -149.88 68.09
CA LYS U 701 -80.54 -149.78 68.82
C LYS U 701 -80.75 -149.21 70.21
N GLU U 702 -81.59 -148.16 70.32
CA GLU U 702 -81.88 -147.57 71.63
C GLU U 702 -82.61 -148.56 72.53
N ALA U 703 -83.56 -149.32 71.96
CA ALA U 703 -84.27 -150.32 72.75
C ALA U 703 -83.33 -151.39 73.26
N VAL U 704 -82.42 -151.86 72.41
CA VAL U 704 -81.45 -152.87 72.81
C VAL U 704 -80.51 -152.31 73.89
N LYS U 705 -80.10 -151.06 73.74
CA LYS U 705 -79.24 -150.43 74.74
C LYS U 705 -79.95 -150.33 76.09
N GLU U 706 -81.23 -149.93 76.08
CA GLU U 706 -81.98 -149.84 77.33
C GLU U 706 -82.15 -151.21 77.97
N GLU U 707 -82.44 -152.23 77.16
CA GLU U 707 -82.57 -153.59 77.69
C GLU U 707 -81.27 -154.08 78.30
N SER U 708 -80.15 -153.82 77.63
CA SER U 708 -78.85 -154.22 78.17
C SER U 708 -78.52 -153.48 79.45
N ILE U 709 -78.84 -152.19 79.51
CA ILE U 709 -78.59 -151.41 80.71
C ILE U 709 -79.41 -151.94 81.88
N LYS U 710 -80.70 -152.24 81.63
CA LYS U 710 -81.55 -152.75 82.69
C LYS U 710 -81.13 -154.16 83.12
N ARG U 711 -80.63 -154.97 82.18
CA ARG U 711 -80.22 -156.34 82.49
C ARG U 711 -78.80 -156.43 83.03
N HIS U 712 -78.03 -155.34 82.98
CA HIS U 712 -76.65 -155.38 83.43
C HIS U 712 -76.58 -155.61 84.94
N LYS U 713 -75.57 -156.36 85.36
CA LYS U 713 -75.36 -156.70 86.77
C LYS U 713 -73.95 -156.33 87.18
N TRP U 714 -73.75 -156.15 88.49
CA TRP U 714 -72.47 -155.80 89.05
C TRP U 714 -72.09 -156.79 90.14
N ASN U 715 -70.77 -156.96 90.33
CA ASN U 715 -70.23 -157.91 91.30
C ASN U 715 -69.65 -157.15 92.48
N ASP U 716 -70.04 -157.56 93.70
CA ASP U 716 -69.53 -156.91 94.89
C ASP U 716 -68.05 -157.22 95.13
N PHE U 717 -67.57 -158.34 94.60
CA PHE U 717 -66.14 -158.66 94.70
C PHE U 717 -65.31 -157.61 93.97
N ALA U 718 -65.79 -157.15 92.82
CA ALA U 718 -65.10 -156.08 92.10
C ALA U 718 -65.07 -154.80 92.94
N GLU U 719 -66.18 -154.48 93.62
CA GLU U 719 -66.21 -153.31 94.47
C GLU U 719 -65.22 -153.43 95.62
N ASP U 720 -65.14 -154.61 96.24
CA ASP U 720 -64.19 -154.82 97.33
C ASP U 720 -62.76 -154.70 96.84
N SER U 721 -62.46 -155.27 95.67
CA SER U 721 -61.12 -155.15 95.11
C SER U 721 -60.78 -153.70 94.80
N LEU U 722 -61.75 -152.95 94.26
CA LEU U 722 -61.52 -151.54 93.99
C LEU U 722 -61.25 -150.76 95.26
N ARG U 723 -62.00 -151.05 96.32
CA ARG U 723 -61.78 -150.38 97.61
C ARG U 723 -60.38 -150.70 98.14
N VAL U 724 -59.99 -151.97 98.07
CA VAL U 724 -58.67 -152.37 98.56
C VAL U 724 -57.56 -151.67 97.77
N ILE U 725 -57.71 -151.63 96.45
CA ILE U 725 -56.67 -151.00 95.62
C ILE U 725 -56.62 -149.50 95.86
N GLN U 726 -57.79 -148.87 96.04
CA GLN U 726 -57.82 -147.44 96.34
C GLN U 726 -57.14 -147.14 97.67
N HIS U 727 -57.38 -147.97 98.69
CA HIS U 727 -56.70 -147.80 99.96
C HIS U 727 -55.20 -148.02 99.84
N ASN U 728 -54.78 -149.01 99.05
CA ASN U 728 -53.36 -149.32 98.91
C ASN U 728 -52.62 -148.32 98.03
N ALA U 729 -53.35 -147.56 97.20
CA ALA U 729 -52.72 -146.63 96.29
C ALA U 729 -52.18 -145.38 97.00
N LEU U 730 -51.15 -145.58 97.83
CA LEU U 730 -50.49 -144.48 98.53
C LEU U 730 -48.98 -144.63 98.40
N GLU U 731 -48.52 -144.88 97.17
CA GLU U 731 -47.12 -145.21 96.89
C GLU U 731 -46.22 -143.98 96.88
N ASP U 732 -46.48 -143.05 95.96
CA ASP U 732 -45.62 -141.89 95.78
C ASP U 732 -46.19 -140.68 96.52
N ARG U 733 -45.30 -139.92 97.17
CA ARG U 733 -45.70 -138.76 97.95
C ARG U 733 -44.84 -137.53 97.70
N SER U 734 -43.82 -137.60 96.85
CA SER U 734 -42.94 -136.47 96.60
C SER U 734 -42.55 -136.46 95.13
N ILE U 735 -42.17 -135.27 94.65
CA ILE U 735 -41.73 -135.08 93.27
C ILE U 735 -40.23 -134.87 93.25
N SER U 736 -39.52 -135.70 92.48
CA SER U 736 -38.08 -135.59 92.32
C SER U 736 -37.70 -135.24 90.89
N ASP U 737 -38.66 -134.84 90.06
CA ASP U 737 -38.41 -134.50 88.67
C ASP U 737 -38.83 -133.06 88.42
N LYS U 738 -37.95 -132.31 87.74
CA LYS U 738 -38.28 -130.92 87.39
C LYS U 738 -39.44 -130.88 86.40
N GLN U 739 -39.45 -131.78 85.42
CA GLN U 739 -40.54 -131.80 84.44
C GLN U 739 -41.87 -132.14 85.09
N GLN U 740 -41.88 -133.13 86.00
CA GLN U 740 -43.11 -133.46 86.71
C GLN U 740 -43.57 -132.30 87.58
N TRP U 741 -42.61 -131.61 88.21
CA TRP U 741 -42.96 -130.44 89.02
C TRP U 741 -43.60 -129.35 88.16
N ASP U 742 -43.04 -129.10 86.98
CA ASP U 742 -43.61 -128.10 86.08
C ASP U 742 -45.00 -128.52 85.60
N ALA U 743 -45.18 -129.80 85.29
CA ALA U 743 -46.50 -130.29 84.87
C ALA U 743 -47.53 -130.12 85.99
N ALA U 744 -47.14 -130.45 87.22
CA ALA U 744 -48.05 -130.24 88.35
C ALA U 744 -48.37 -128.77 88.54
N ILE U 745 -47.36 -127.91 88.38
CA ILE U 745 -47.59 -126.47 88.50
C ILE U 745 -48.59 -126.00 87.44
N TYR U 746 -48.43 -126.47 86.20
CA TYR U 746 -49.34 -126.06 85.12
C TYR U 746 -50.76 -126.56 85.38
N PHE U 747 -50.89 -127.81 85.85
CA PHE U 747 -52.22 -128.33 86.15
C PHE U 747 -52.88 -127.55 87.29
N MET U 748 -52.12 -127.25 88.34
CA MET U 748 -52.65 -126.46 89.44
C MET U 748 -53.03 -125.06 88.98
N GLU U 749 -52.22 -124.46 88.12
CA GLU U 749 -52.54 -123.14 87.59
C GLU U 749 -53.82 -123.17 86.77
N GLU U 750 -54.00 -124.21 85.95
CA GLU U 750 -55.23 -124.34 85.18
C GLU U 750 -56.44 -124.47 86.10
N ALA U 751 -56.32 -125.31 87.13
CA ALA U 751 -57.44 -125.50 88.06
C ALA U 751 -57.76 -124.20 88.79
N LEU U 752 -56.73 -123.48 89.24
CA LEU U 752 -56.96 -122.23 89.97
C LEU U 752 -57.53 -121.15 89.05
N GLN U 753 -57.11 -121.14 87.78
CA GLN U 753 -57.70 -120.20 86.83
C GLN U 753 -59.17 -120.51 86.57
N ALA U 754 -59.51 -121.80 86.48
CA ALA U 754 -60.91 -122.17 86.33
C ALA U 754 -61.73 -121.74 87.55
N ARG U 755 -61.17 -121.96 88.75
CA ARG U 755 -61.86 -121.54 89.97
C ARG U 755 -62.02 -120.02 90.02
N LEU U 756 -60.99 -119.29 89.59
CA LEU U 756 -61.07 -117.84 89.56
C LEU U 756 -62.13 -117.35 88.58
N LYS U 757 -62.21 -118.01 87.41
CA LYS U 757 -63.25 -117.64 86.45
C LYS U 757 -64.64 -117.92 87.00
N ASP U 758 -64.82 -119.06 87.69
CA ASP U 758 -66.11 -119.35 88.30
C ASP U 758 -66.46 -118.31 89.36
N THR U 759 -65.49 -117.93 90.19
CA THR U 759 -65.73 -116.91 91.21
C THR U 759 -66.07 -115.57 90.58
N GLU U 760 -65.38 -115.21 89.49
CA GLU U 760 -65.69 -113.96 88.79
C GLU U 760 -67.10 -113.99 88.23
N ASN U 761 -67.51 -115.12 87.65
CA ASN U 761 -68.86 -115.24 87.13
C ASN U 761 -69.89 -115.10 88.24
N ALA U 762 -69.63 -115.74 89.39
CA ALA U 762 -70.55 -115.63 90.52
C ALA U 762 -70.64 -114.19 91.02
N ILE U 763 -69.50 -113.50 91.10
CA ILE U 763 -69.49 -112.12 91.57
C ILE U 763 -70.24 -111.22 90.58
N GLU U 764 -70.04 -111.43 89.28
CA GLU U 764 -70.75 -110.64 88.28
C GLU U 764 -72.25 -110.90 88.34
N ASN U 765 -72.66 -112.15 88.55
CA ASN U 765 -74.08 -112.44 88.71
C ASN U 765 -74.64 -111.75 89.95
N MET U 766 -73.89 -111.76 91.04
CA MET U 766 -74.36 -111.12 92.27
C MET U 766 -74.48 -109.61 92.12
N VAL U 767 -73.52 -108.98 91.44
CA VAL U 767 -73.43 -107.52 91.38
C VAL U 767 -73.73 -107.00 89.98
N GLY U 768 -72.89 -107.37 89.02
CA GLY U 768 -73.02 -106.88 87.66
C GLY U 768 -71.73 -106.27 87.14
N PRO U 769 -71.86 -105.26 86.28
CA PRO U 769 -70.66 -104.61 85.74
C PRO U 769 -69.81 -103.99 86.84
N ASP U 770 -68.50 -104.08 86.68
CA ASP U 770 -67.54 -103.60 87.67
C ASP U 770 -66.43 -102.84 86.97
N TRP U 771 -65.98 -101.76 87.60
CA TRP U 771 -64.82 -100.97 87.15
C TRP U 771 -65.08 -100.45 85.74
N LYS U 772 -64.27 -100.83 84.74
CA LYS U 772 -64.39 -100.29 83.39
C LYS U 772 -65.74 -100.64 82.78
N LYS U 773 -66.22 -101.87 83.02
CA LYS U 773 -67.51 -102.27 82.49
C LYS U 773 -68.64 -101.41 83.06
N ARG U 774 -68.57 -101.11 84.36
CA ARG U 774 -69.62 -100.31 84.98
C ARG U 774 -69.56 -98.86 84.54
N TRP U 775 -68.35 -98.29 84.48
CA TRP U 775 -68.19 -96.87 84.16
C TRP U 775 -68.11 -96.60 82.67
N LEU U 776 -68.20 -97.63 81.82
CA LEU U 776 -68.18 -97.39 80.38
C LEU U 776 -69.39 -96.58 79.94
N TYR U 777 -70.57 -96.90 80.47
CA TYR U 777 -71.77 -96.15 80.13
C TYR U 777 -71.78 -94.80 80.83
N TRP U 778 -71.36 -94.76 82.08
CA TRP U 778 -71.26 -93.58 82.94
C TRP U 778 -72.63 -92.98 83.29
N LYS U 779 -73.72 -93.54 82.77
CA LYS U 779 -75.05 -93.05 83.07
C LYS U 779 -75.99 -94.13 83.60
N ASN U 780 -75.56 -95.39 83.67
CA ASN U 780 -76.38 -96.49 84.17
C ASN U 780 -75.93 -96.83 85.57
N ARG U 781 -76.79 -96.58 86.55
CA ARG U 781 -76.50 -96.88 87.95
C ARG U 781 -77.74 -97.46 88.62
N THR U 782 -77.51 -98.43 89.49
CA THR U 782 -78.57 -99.09 90.25
C THR U 782 -78.21 -99.07 91.72
N GLN U 783 -79.21 -98.83 92.58
CA GLN U 783 -78.94 -98.77 94.02
C GLN U 783 -78.49 -100.11 94.55
N GLU U 784 -79.03 -101.21 94.01
CA GLU U 784 -78.66 -102.54 94.49
C GLU U 784 -77.19 -102.83 94.21
N GLN U 785 -76.74 -102.58 92.97
CA GLN U 785 -75.34 -102.79 92.64
C GLN U 785 -74.43 -101.75 93.28
N CYS U 786 -74.94 -100.54 93.53
CA CYS U 786 -74.13 -99.53 94.22
C CYS U 786 -73.82 -99.97 95.65
N VAL U 787 -74.79 -100.57 96.33
CA VAL U 787 -74.57 -101.08 97.68
C VAL U 787 -73.50 -102.17 97.68
N HIS U 788 -73.60 -103.08 96.71
CA HIS U 788 -72.60 -104.14 96.60
C HIS U 788 -71.21 -103.58 96.31
N ASN U 789 -71.14 -102.58 95.44
CA ASN U 789 -69.86 -101.94 95.14
C ASN U 789 -69.27 -101.27 96.37
N GLU U 790 -70.10 -100.57 97.14
CA GLU U 790 -69.62 -99.93 98.35
C GLU U 790 -69.13 -100.96 99.37
N THR U 791 -69.87 -102.06 99.52
CA THR U 791 -69.43 -103.12 100.42
C THR U 791 -68.11 -103.72 99.97
N LYS U 792 -67.96 -103.94 98.66
CA LYS U 792 -66.72 -104.48 98.13
C LYS U 792 -65.55 -103.53 98.38
N ASN U 793 -65.77 -102.23 98.17
CA ASN U 793 -64.73 -101.24 98.43
C ASN U 793 -64.35 -101.22 99.91
N GLU U 794 -65.34 -101.27 100.80
CA GLU U 794 -65.07 -101.27 102.23
C GLU U 794 -64.27 -102.49 102.63
N LEU U 795 -64.64 -103.66 102.10
CA LEU U 795 -63.90 -104.88 102.43
C LEU U 795 -62.48 -104.85 101.87
N GLU U 796 -62.31 -104.30 100.67
CA GLU U 796 -60.97 -104.16 100.11
C GLU U 796 -60.12 -103.23 100.95
N LYS U 797 -60.69 -102.12 101.42
CA LYS U 797 -59.95 -101.22 102.30
C LYS U 797 -59.60 -101.90 103.62
N MET U 798 -60.52 -102.69 104.16
CA MET U 798 -60.25 -103.43 105.39
C MET U 798 -59.11 -104.42 105.20
N LEU U 799 -59.09 -105.12 104.06
CA LEU U 799 -57.99 -106.04 103.78
C LEU U 799 -56.67 -105.28 103.59
N LYS U 800 -56.71 -104.12 102.94
CA LYS U 800 -55.50 -103.31 102.80
C LYS U 800 -54.97 -102.88 104.16
N CYS U 801 -55.85 -102.48 105.06
CA CYS U 801 -55.43 -102.12 106.42
C CYS U 801 -55.07 -103.34 107.24
N ASN U 802 -55.82 -104.43 107.10
CA ASN U 802 -55.62 -105.66 107.87
C ASN U 802 -55.64 -106.83 106.89
N GLU U 803 -54.45 -107.28 106.47
CA GLU U 803 -54.35 -108.36 105.50
C GLU U 803 -54.91 -109.66 106.06
N GLU U 804 -54.60 -109.96 107.32
CA GLU U 804 -55.02 -111.20 107.95
C GLU U 804 -56.25 -110.95 108.83
N HIS U 805 -57.31 -111.72 108.59
CA HIS U 805 -58.54 -111.59 109.34
C HIS U 805 -59.19 -112.97 109.46
N PRO U 806 -59.77 -113.29 110.61
CA PRO U 806 -60.46 -114.57 110.75
C PRO U 806 -61.67 -114.66 109.83
N ALA U 807 -61.99 -115.88 109.41
CA ALA U 807 -63.11 -116.09 108.50
C ALA U 807 -64.44 -115.68 109.15
N TYR U 808 -64.63 -116.04 110.41
CA TYR U 808 -65.85 -115.68 111.11
C TYR U 808 -65.87 -114.18 111.43
N LEU U 809 -67.08 -113.66 111.62
CA LEU U 809 -67.29 -112.25 111.94
C LEU U 809 -67.88 -112.15 113.34
N ALA U 810 -67.21 -111.40 114.21
CA ALA U 810 -67.71 -111.20 115.56
C ALA U 810 -68.80 -110.12 115.57
N SER U 811 -69.53 -110.06 116.68
CA SER U 811 -70.65 -109.13 116.79
C SER U 811 -70.19 -107.69 116.70
N ASP U 812 -69.08 -107.35 117.37
CA ASP U 812 -68.59 -105.98 117.35
C ASP U 812 -68.11 -105.59 115.95
N GLU U 813 -67.48 -106.52 115.23
CA GLU U 813 -67.05 -106.24 113.87
C GLU U 813 -68.24 -105.95 112.97
N ILE U 814 -69.29 -106.77 113.08
CA ILE U 814 -70.50 -106.56 112.28
C ILE U 814 -71.14 -105.23 112.62
N THR U 815 -71.21 -104.89 113.92
CA THR U 815 -71.79 -103.61 114.32
C THR U 815 -70.98 -102.44 113.76
N THR U 816 -69.64 -102.53 113.82
CA THR U 816 -68.81 -101.47 113.28
C THR U 816 -68.99 -101.32 111.78
N VAL U 817 -69.06 -102.44 111.06
CA VAL U 817 -69.25 -102.39 109.61
C VAL U 817 -70.60 -101.77 109.27
N ARG U 818 -71.65 -102.16 110.01
CA ARG U 818 -72.97 -101.60 109.76
C ARG U 818 -73.01 -100.10 110.06
N LYS U 819 -72.34 -99.67 111.13
CA LYS U 819 -72.29 -98.25 111.44
C LYS U 819 -71.54 -97.48 110.37
N ASN U 820 -70.43 -98.03 109.88
CA ASN U 820 -69.69 -97.37 108.80
C ASN U 820 -70.54 -97.26 107.54
N LEU U 821 -71.30 -98.32 107.22
CA LEU U 821 -72.16 -98.27 106.05
C LEU U 821 -73.28 -97.24 106.23
N GLU U 822 -73.88 -97.18 107.42
CA GLU U 822 -74.97 -96.24 107.67
C GLU U 822 -74.50 -94.82 107.87
N SER U 823 -73.20 -94.60 108.07
CA SER U 823 -72.69 -93.23 108.17
C SER U 823 -72.96 -92.43 106.91
N ARG U 824 -72.80 -93.06 105.75
CA ARG U 824 -73.09 -92.40 104.48
C ARG U 824 -74.52 -92.64 104.00
N GLY U 825 -75.31 -93.40 104.76
CA GLY U 825 -76.71 -93.62 104.42
C GLY U 825 -76.97 -94.90 103.66
N VAL U 826 -76.29 -95.98 104.05
CA VAL U 826 -76.45 -97.28 103.42
C VAL U 826 -76.79 -98.29 104.51
N GLU U 827 -77.94 -98.95 104.37
CA GLU U 827 -78.38 -99.99 105.30
C GLU U 827 -78.36 -101.33 104.57
N VAL U 828 -77.60 -102.29 105.12
CA VAL U 828 -77.42 -103.60 104.51
C VAL U 828 -77.75 -104.66 105.54
N ASP U 829 -78.50 -105.68 105.12
CA ASP U 829 -78.84 -106.77 106.01
C ASP U 829 -77.59 -107.57 106.38
N PRO U 830 -77.55 -108.13 107.58
CA PRO U 830 -76.36 -108.89 108.01
C PRO U 830 -76.05 -110.10 107.11
N SER U 831 -77.08 -110.73 106.54
CA SER U 831 -76.83 -111.89 105.68
C SER U 831 -76.05 -111.49 104.44
N LEU U 832 -76.44 -110.38 103.80
CA LEU U 832 -75.70 -109.90 102.64
C LEU U 832 -74.28 -109.49 103.01
N ILE U 833 -74.10 -108.87 104.18
CA ILE U 833 -72.77 -108.50 104.64
C ILE U 833 -71.90 -109.75 104.78
N LYS U 834 -72.45 -110.80 105.40
CA LYS U 834 -71.70 -112.03 105.58
C LYS U 834 -71.37 -112.68 104.25
N ASP U 835 -72.32 -112.68 103.30
CA ASP U 835 -72.06 -113.26 102.00
C ASP U 835 -70.97 -112.51 101.25
N THR U 836 -71.03 -111.18 101.28
CA THR U 836 -70.00 -110.37 100.63
C THR U 836 -68.63 -110.59 101.30
N TRP U 837 -68.61 -110.69 102.63
CA TRP U 837 -67.36 -110.96 103.32
C TRP U 837 -66.79 -112.31 102.93
N HIS U 838 -67.65 -113.32 102.83
CA HIS U 838 -67.19 -114.65 102.42
C HIS U 838 -66.62 -114.62 101.00
N GLN U 839 -67.30 -113.94 100.09
CA GLN U 839 -66.81 -113.85 98.72
C GLN U 839 -65.48 -113.11 98.65
N VAL U 840 -65.34 -112.01 99.40
CA VAL U 840 -64.10 -111.26 99.40
C VAL U 840 -62.97 -112.08 100.02
N TYR U 841 -63.28 -112.83 101.07
CA TYR U 841 -62.31 -113.71 101.70
C TYR U 841 -61.82 -114.78 100.72
N ARG U 842 -62.76 -115.38 99.97
CA ARG U 842 -62.39 -116.37 98.97
C ARG U 842 -61.53 -115.75 97.88
N ARG U 843 -61.89 -114.55 97.43
CA ARG U 843 -61.09 -113.88 96.40
C ARG U 843 -59.68 -113.57 96.90
N HIS U 844 -59.56 -113.11 98.15
CA HIS U 844 -58.27 -112.80 98.72
C HIS U 844 -57.40 -114.05 98.82
N PHE U 845 -57.98 -115.16 99.25
CA PHE U 845 -57.20 -116.39 99.32
C PHE U 845 -56.88 -116.95 97.94
N LEU U 846 -57.74 -116.71 96.95
CA LEU U 846 -57.39 -117.10 95.58
C LEU U 846 -56.20 -116.30 95.08
N LYS U 847 -56.18 -115.00 95.36
CA LYS U 847 -55.02 -114.18 94.99
C LYS U 847 -53.77 -114.62 95.72
N THR U 848 -53.90 -114.96 97.01
CA THR U 848 -52.76 -115.46 97.76
C THR U 848 -52.24 -116.78 97.20
N ALA U 849 -53.15 -117.67 96.79
CA ALA U 849 -52.74 -118.92 96.17
C ALA U 849 -52.05 -118.66 94.84
N LEU U 850 -52.54 -117.70 94.06
CA LEU U 850 -51.87 -117.36 92.80
C LEU U 850 -50.46 -116.84 93.06
N ASN U 851 -50.29 -115.98 94.06
CA ASN U 851 -48.97 -115.50 94.41
C ASN U 851 -48.07 -116.63 94.87
N HIS U 852 -48.61 -117.57 95.65
CA HIS U 852 -47.84 -118.72 96.09
C HIS U 852 -47.40 -119.58 94.91
N CYS U 853 -48.28 -119.76 93.92
CA CYS U 853 -47.92 -120.49 92.71
C CYS U 853 -46.81 -119.76 91.96
N ASN U 854 -46.91 -118.43 91.85
CA ASN U 854 -45.86 -117.67 91.18
C ASN U 854 -44.52 -117.84 91.90
N LEU U 855 -44.54 -117.82 93.23
CA LEU U 855 -43.31 -118.03 93.98
C LEU U 855 -42.77 -119.45 93.79
N CYS U 856 -43.64 -120.45 93.84
CA CYS U 856 -43.21 -121.84 93.68
C CYS U 856 -42.73 -122.14 92.28
N ARG U 857 -43.11 -121.32 91.29
CA ARG U 857 -42.60 -121.51 89.94
C ARG U 857 -41.08 -121.34 89.87
N ARG U 858 -40.50 -120.62 90.82
CA ARG U 858 -39.02 -120.40 90.85
C ARG U 858 -38.45 -121.03 92.12
N GLY U 859 -39.31 -121.39 93.08
CA GLY U 859 -38.86 -121.96 94.34
C GLY U 859 -38.52 -123.43 94.31
N PHE U 860 -38.35 -124.04 93.13
CA PHE U 860 -37.96 -125.44 93.06
C PHE U 860 -36.58 -125.68 93.68
N TYR U 861 -35.69 -124.69 93.65
CA TYR U 861 -34.40 -124.85 94.30
C TYR U 861 -34.56 -125.05 95.81
N TYR U 862 -35.41 -124.24 96.44
CA TYR U 862 -35.70 -124.44 97.86
C TYR U 862 -36.44 -125.75 98.10
N TYR U 863 -37.40 -126.08 97.22
CA TYR U 863 -38.22 -127.26 97.43
C TYR U 863 -37.39 -128.54 97.36
N GLN U 864 -36.49 -128.63 96.38
CA GLN U 864 -35.75 -129.87 96.17
C GLN U 864 -34.83 -130.18 97.35
N ARG U 865 -34.15 -129.17 97.89
CA ARG U 865 -33.19 -129.39 98.97
C ARG U 865 -33.77 -129.24 100.36
N HIS U 866 -34.90 -128.55 100.51
CA HIS U 866 -35.57 -128.35 101.79
C HIS U 866 -34.61 -127.72 102.81
N PHE U 867 -34.22 -126.48 102.52
CA PHE U 867 -33.31 -125.76 103.39
C PHE U 867 -33.96 -125.49 104.74
N VAL U 868 -33.12 -125.39 105.78
CA VAL U 868 -33.62 -125.13 107.13
C VAL U 868 -34.29 -123.76 107.18
N ASP U 869 -33.64 -122.75 106.61
CA ASP U 869 -34.20 -121.40 106.54
C ASP U 869 -34.97 -121.18 105.25
N SER U 870 -35.92 -122.07 104.96
CA SER U 870 -36.69 -121.99 103.73
C SER U 870 -37.65 -120.81 103.79
N GLU U 871 -37.64 -119.98 102.75
CA GLU U 871 -38.54 -118.84 102.64
C GLU U 871 -39.83 -119.18 101.91
N LEU U 872 -40.02 -120.44 101.51
CA LEU U 872 -41.20 -120.84 100.76
C LEU U 872 -41.45 -122.32 101.00
N GLU U 873 -42.68 -122.67 101.36
CA GLU U 873 -43.09 -124.05 101.60
C GLU U 873 -44.15 -124.43 100.57
N CYS U 874 -43.71 -125.08 99.50
CA CYS U 874 -44.62 -125.51 98.43
C CYS U 874 -45.18 -126.88 98.78
N ASN U 875 -46.43 -126.90 99.25
CA ASN U 875 -47.12 -128.13 99.58
C ASN U 875 -48.36 -128.37 98.75
N ASP U 876 -49.02 -127.32 98.27
CA ASP U 876 -50.20 -127.49 97.43
C ASP U 876 -49.85 -128.20 96.13
N VAL U 877 -48.69 -127.88 95.55
CA VAL U 877 -48.28 -128.54 94.31
C VAL U 877 -48.12 -130.04 94.54
N VAL U 878 -47.45 -130.42 95.63
CA VAL U 878 -47.24 -131.82 95.93
C VAL U 878 -48.57 -132.53 96.19
N LEU U 879 -49.47 -131.86 96.93
CA LEU U 879 -50.78 -132.46 97.21
C LEU U 879 -51.57 -132.67 95.92
N PHE U 880 -51.56 -131.69 95.03
CA PHE U 880 -52.29 -131.82 93.77
C PHE U 880 -51.68 -132.92 92.89
N TRP U 881 -50.35 -133.02 92.89
CA TRP U 881 -49.72 -134.10 92.12
C TRP U 881 -50.08 -135.47 92.69
N ARG U 882 -50.11 -135.58 94.02
CA ARG U 882 -50.52 -136.84 94.64
C ARG U 882 -51.97 -137.18 94.29
N ILE U 883 -52.85 -136.18 94.31
CA ILE U 883 -54.25 -136.41 93.94
C ILE U 883 -54.33 -136.85 92.49
N GLN U 884 -53.56 -136.22 91.61
CA GLN U 884 -53.60 -136.56 90.19
C GLN U 884 -53.13 -137.99 89.95
N ARG U 885 -52.02 -138.39 90.59
CA ARG U 885 -51.51 -139.74 90.38
C ARG U 885 -52.45 -140.78 90.98
N MET U 886 -53.04 -140.48 92.15
CA MET U 886 -54.01 -141.41 92.73
C MET U 886 -55.23 -141.55 91.83
N LEU U 887 -55.71 -140.44 91.25
CA LEU U 887 -56.83 -140.51 90.33
C LEU U 887 -56.48 -141.32 89.08
N ALA U 888 -55.26 -141.14 88.56
CA ALA U 888 -54.83 -141.92 87.41
C ALA U 888 -54.79 -143.41 87.73
N ILE U 889 -54.26 -143.77 88.90
CA ILE U 889 -54.21 -145.17 89.31
C ILE U 889 -55.62 -145.74 89.44
N THR U 890 -56.51 -144.97 90.06
CA THR U 890 -57.89 -145.43 90.23
C THR U 890 -58.58 -145.61 88.89
N ALA U 891 -58.36 -144.68 87.95
CA ALA U 891 -58.96 -144.80 86.62
C ALA U 891 -58.42 -146.01 85.88
N ASN U 892 -57.11 -146.26 85.98
CA ASN U 892 -56.54 -147.44 85.34
C ASN U 892 -57.11 -148.72 85.93
N THR U 893 -57.24 -148.78 87.25
CA THR U 893 -57.83 -149.96 87.88
C THR U 893 -59.28 -150.15 87.46
N LEU U 894 -60.03 -149.06 87.40
CA LEU U 894 -61.43 -149.14 86.98
C LEU U 894 -61.54 -149.64 85.54
N ARG U 895 -60.68 -149.13 84.66
CA ARG U 895 -60.70 -149.58 83.26
C ARG U 895 -60.34 -151.05 83.16
N GLN U 896 -59.33 -151.50 83.92
CA GLN U 896 -58.94 -152.90 83.88
C GLN U 896 -60.05 -153.80 84.37
N GLN U 897 -60.67 -153.46 85.51
CA GLN U 897 -61.76 -154.27 86.03
C GLN U 897 -62.97 -154.27 85.09
N LEU U 898 -63.25 -153.11 84.48
CA LEU U 898 -64.34 -153.05 83.51
C LEU U 898 -64.09 -153.99 82.35
N THR U 899 -62.90 -153.89 81.72
CA THR U 899 -62.57 -154.77 80.61
C THR U 899 -62.59 -156.23 81.03
N ASN U 900 -62.23 -156.53 82.28
CA ASN U 900 -62.21 -157.92 82.72
C ASN U 900 -63.61 -158.48 82.90
N THR U 901 -64.51 -157.71 83.53
CA THR U 901 -65.80 -158.27 83.96
C THR U 901 -67.00 -157.64 83.25
N GLU U 902 -67.08 -156.31 83.22
CA GLU U 902 -68.30 -155.66 82.76
C GLU U 902 -68.48 -155.78 81.26
N VAL U 903 -67.39 -155.83 80.49
CA VAL U 903 -67.51 -156.04 79.05
C VAL U 903 -68.12 -157.41 78.76
N ARG U 904 -67.65 -158.44 79.48
CA ARG U 904 -68.23 -159.77 79.31
C ARG U 904 -69.68 -159.81 79.77
N ARG U 905 -69.99 -159.12 80.88
CA ARG U 905 -71.37 -159.08 81.34
C ARG U 905 -72.28 -158.42 80.33
N LEU U 906 -71.85 -157.30 79.74
CA LEU U 906 -72.64 -156.62 78.73
C LEU U 906 -72.80 -157.47 77.48
N GLU U 907 -71.74 -158.18 77.09
CA GLU U 907 -71.84 -159.09 75.95
C GLU U 907 -72.85 -160.19 76.21
N LYS U 908 -72.84 -160.76 77.43
CA LYS U 908 -73.80 -161.79 77.78
C LYS U 908 -75.23 -161.25 77.76
N ASN U 909 -75.43 -160.05 78.30
CA ASN U 909 -76.76 -159.45 78.28
C ASN U 909 -77.24 -159.20 76.86
N VAL U 910 -76.35 -158.71 76.00
CA VAL U 910 -76.71 -158.45 74.60
C VAL U 910 -77.06 -159.76 73.90
N LYS U 911 -76.28 -160.81 74.16
CA LYS U 911 -76.58 -162.11 73.56
C LYS U 911 -77.94 -162.64 74.03
N GLU U 912 -78.23 -162.49 75.32
CA GLU U 912 -79.52 -162.95 75.84
C GLU U 912 -80.67 -162.17 75.21
N VAL U 913 -80.51 -160.84 75.09
CA VAL U 913 -81.56 -160.03 74.49
C VAL U 913 -81.77 -160.41 73.02
N LEU U 914 -80.67 -160.63 72.29
CA LEU U 914 -80.79 -161.01 70.89
C LEU U 914 -81.46 -162.37 70.74
N GLU U 915 -81.11 -163.33 71.62
CA GLU U 915 -81.75 -164.64 71.56
C GLU U 915 -83.23 -164.54 71.88
N ASP U 916 -83.60 -163.72 72.87
CA ASP U 916 -85.01 -163.55 73.20
C ASP U 916 -85.78 -162.91 72.04
N PHE U 917 -85.17 -161.93 71.38
CA PHE U 917 -85.81 -161.31 70.23
C PHE U 917 -85.96 -162.29 69.08
N ALA U 918 -84.93 -163.10 68.82
CA ALA U 918 -84.99 -164.06 67.73
C ALA U 918 -86.04 -165.13 67.99
N GLU U 919 -86.14 -165.60 69.23
CA GLU U 919 -87.10 -166.64 69.59
C GLU U 919 -88.53 -166.11 69.73
N ASP U 920 -88.78 -164.84 69.38
CA ASP U 920 -90.11 -164.24 69.48
C ASP U 920 -90.30 -163.35 68.25
N GLY U 921 -90.94 -163.90 67.22
CA GLY U 921 -91.23 -163.12 66.03
C GLY U 921 -92.33 -162.10 66.22
N GLU U 922 -93.21 -162.30 67.21
CA GLU U 922 -94.24 -161.32 67.51
C GLU U 922 -93.62 -160.00 67.96
N LYS U 923 -92.56 -160.06 68.77
CA LYS U 923 -91.86 -158.85 69.17
C LYS U 923 -91.24 -158.15 67.96
N LYS U 924 -90.68 -158.91 67.02
CA LYS U 924 -90.13 -158.31 65.81
C LYS U 924 -91.23 -157.63 65.00
N ILE U 925 -92.40 -158.26 64.89
CA ILE U 925 -93.50 -157.66 64.15
C ILE U 925 -93.96 -156.38 64.83
N LYS U 926 -94.07 -156.40 66.17
CA LYS U 926 -94.51 -155.22 66.90
C LYS U 926 -93.52 -154.07 66.77
N LEU U 927 -92.23 -154.37 66.82
CA LEU U 927 -91.20 -153.33 66.78
C LEU U 927 -90.86 -152.91 65.36
N LEU U 928 -90.50 -153.86 64.50
CA LEU U 928 -90.11 -153.57 63.12
C LEU U 928 -91.36 -153.27 62.31
N THR U 929 -91.87 -152.04 62.45
CA THR U 929 -93.04 -151.57 61.73
C THR U 929 -92.67 -150.53 60.67
N GLY U 930 -91.41 -150.53 60.23
CA GLY U 930 -90.99 -149.58 59.23
C GLY U 930 -91.59 -149.88 57.88
N LYS U 931 -91.52 -148.87 57.00
CA LYS U 931 -92.07 -149.01 55.65
C LYS U 931 -91.35 -150.10 54.87
N ARG U 932 -90.01 -150.15 54.98
CA ARG U 932 -89.25 -151.16 54.26
C ARG U 932 -89.62 -152.56 54.73
N VAL U 933 -89.75 -152.76 56.05
CA VAL U 933 -90.07 -154.08 56.58
C VAL U 933 -91.44 -154.53 56.10
N GLN U 934 -92.43 -153.62 56.17
CA GLN U 934 -93.78 -153.97 55.74
C GLN U 934 -93.83 -154.26 54.24
N LEU U 935 -93.12 -153.46 53.44
CA LEU U 935 -93.10 -153.70 52.00
C LEU U 935 -92.45 -155.04 51.67
N ALA U 936 -91.34 -155.36 52.34
CA ALA U 936 -90.67 -156.64 52.10
C ALA U 936 -91.57 -157.80 52.51
N GLU U 937 -92.26 -157.68 53.64
CA GLU U 937 -93.16 -158.73 54.08
C GLU U 937 -94.31 -158.92 53.09
N ASP U 938 -94.89 -157.81 52.60
CA ASP U 938 -95.96 -157.91 51.62
C ASP U 938 -95.47 -158.55 50.33
N LEU U 939 -94.27 -158.17 49.87
CA LEU U 939 -93.74 -158.76 48.65
C LEU U 939 -93.49 -160.26 48.82
N LYS U 940 -92.94 -160.66 49.97
CA LYS U 940 -92.71 -162.08 50.22
C LYS U 940 -94.02 -162.85 50.28
N LYS U 941 -95.04 -162.29 50.93
CA LYS U 941 -96.34 -162.96 51.01
C LYS U 941 -96.97 -163.08 49.63
N VAL U 942 -96.87 -162.03 48.80
CA VAL U 942 -97.41 -162.08 47.46
C VAL U 942 -96.70 -163.13 46.63
N ARG U 943 -95.37 -163.20 46.74
CA ARG U 943 -94.61 -164.21 46.01
C ARG U 943 -95.00 -165.61 46.44
N GLU U 944 -95.15 -165.83 47.75
CA GLU U 944 -95.57 -167.15 48.24
C GLU U 944 -96.96 -167.52 47.74
N ILE U 945 -97.88 -166.56 47.76
CA ILE U 945 -99.25 -166.82 47.28
C ILE U 945 -99.23 -167.16 45.79
N GLN U 946 -98.43 -166.42 45.01
CA GLN U 946 -98.35 -166.71 43.58
C GLN U 946 -97.73 -168.07 43.32
N GLU U 947 -96.70 -168.44 44.10
CA GLU U 947 -96.11 -169.78 43.94
C GLU U 947 -97.11 -170.87 44.28
N LYS U 948 -97.88 -170.68 45.36
CA LYS U 948 -98.90 -171.66 45.71
C LYS U 948 -99.97 -171.77 44.62
N LEU U 949 -100.37 -170.64 44.04
CA LEU U 949 -101.36 -170.67 42.97
C LEU U 949 -100.81 -171.35 41.72
N ASP U 950 -99.53 -171.11 41.41
CA ASP U 950 -98.90 -171.80 40.29
C ASP U 950 -98.85 -173.31 40.53
N ALA U 951 -98.53 -173.72 41.75
CA ALA U 951 -98.54 -175.14 42.08
C ALA U 951 -99.94 -175.73 41.94
N PHE U 952 -100.96 -174.98 42.38
CA PHE U 952 -102.34 -175.42 42.22
C PHE U 952 -102.70 -175.59 40.75
N ILE U 953 -102.31 -174.61 39.92
CA ILE U 953 -102.59 -174.68 38.49
C ILE U 953 -101.91 -175.89 37.86
N GLU U 954 -100.65 -176.13 38.22
CA GLU U 954 -99.92 -177.27 37.68
C GLU U 954 -100.57 -178.59 38.10
N ALA U 955 -100.98 -178.69 39.38
CA ALA U 955 -101.63 -179.90 39.85
C ALA U 955 -102.96 -180.12 39.15
N LEU U 956 -103.74 -179.06 38.94
CA LEU U 956 -105.01 -179.18 38.23
C LEU U 956 -104.80 -179.62 36.80
N HIS U 957 -103.78 -179.06 36.14
CA HIS U 957 -103.50 -179.45 34.75
C HIS U 957 -103.04 -180.91 34.67
N GLN U 958 -102.19 -181.34 35.61
CA GLN U 958 -101.73 -182.73 35.61
C GLN U 958 -102.86 -183.71 35.89
N GLU U 959 -103.74 -183.38 36.85
CA GLU U 959 -104.84 -184.28 37.18
C GLU U 959 -105.82 -184.42 36.01
N LYS U 960 -106.09 -183.30 35.33
CA LYS U 960 -107.00 -183.32 34.15
C LYS U 960 -106.17 -183.56 32.89
N SER V 263 -63.94 -164.94 132.07
CA SER V 263 -63.77 -165.21 130.65
C SER V 263 -63.94 -163.95 129.83
N LEU V 264 -64.96 -163.93 128.96
CA LEU V 264 -65.21 -162.76 128.13
C LEU V 264 -65.61 -161.56 128.98
N ILE V 265 -66.43 -161.78 130.01
CA ILE V 265 -66.89 -160.67 130.84
C ILE V 265 -65.73 -160.06 131.62
N ASP V 266 -64.83 -160.90 132.13
CA ASP V 266 -63.68 -160.39 132.88
C ASP V 266 -62.76 -159.57 131.97
N MET V 267 -62.51 -160.06 130.75
CA MET V 267 -61.67 -159.31 129.82
C MET V 267 -62.33 -158.00 129.41
N TYR V 268 -63.66 -158.02 129.22
CA TYR V 268 -64.37 -156.78 128.89
C TYR V 268 -64.29 -155.78 130.04
N SER V 269 -64.42 -156.26 131.27
CA SER V 269 -64.28 -155.38 132.43
C SER V 269 -62.88 -154.80 132.52
N GLU V 270 -61.86 -155.62 132.23
CA GLU V 270 -60.48 -155.12 132.22
C GLU V 270 -60.29 -154.07 131.14
N VAL V 271 -60.87 -154.28 129.96
CA VAL V 271 -60.79 -153.30 128.88
C VAL V 271 -61.46 -151.99 129.29
N LEU V 272 -62.63 -152.09 129.92
CA LEU V 272 -63.32 -150.89 130.38
C LEU V 272 -62.50 -150.16 131.44
N ASP V 273 -61.86 -150.90 132.34
CA ASP V 273 -61.01 -150.29 133.36
C ASP V 273 -59.82 -149.57 132.71
N VAL V 274 -59.21 -150.20 131.70
CA VAL V 274 -58.10 -149.56 131.00
C VAL V 274 -58.57 -148.29 130.30
N LEU V 275 -59.75 -148.33 129.67
CA LEU V 275 -60.29 -147.14 129.01
C LEU V 275 -60.56 -146.03 130.02
N SER V 276 -61.09 -146.38 131.19
CA SER V 276 -61.34 -145.38 132.22
C SER V 276 -60.04 -144.78 132.73
N ASP V 277 -59.02 -145.61 132.93
CA ASP V 277 -57.72 -145.13 133.40
C ASP V 277 -56.92 -144.42 132.31
N TYR V 278 -57.37 -144.49 131.05
CA TYR V 278 -56.66 -143.82 129.97
C TYR V 278 -56.63 -142.31 130.18
N ASP V 279 -57.77 -141.73 130.58
CA ASP V 279 -57.84 -140.29 130.81
C ASP V 279 -59.00 -140.00 131.76
N ALA V 280 -58.90 -138.88 132.47
CA ALA V 280 -59.98 -138.46 133.36
C ALA V 280 -61.17 -137.90 132.60
N SER V 281 -60.98 -137.49 131.35
CA SER V 281 -62.07 -136.97 130.53
C SER V 281 -62.83 -138.13 129.89
N TYR V 282 -63.72 -137.82 128.95
CA TYR V 282 -64.53 -138.81 128.25
C TYR V 282 -64.34 -138.62 126.75
N ASN V 283 -63.31 -139.27 126.20
CA ASN V 283 -63.03 -139.24 124.77
C ASN V 283 -63.22 -140.59 124.11
N THR V 284 -62.54 -141.62 124.61
CA THR V 284 -62.70 -142.98 124.11
C THR V 284 -63.55 -143.86 125.01
N GLN V 285 -63.94 -143.35 126.19
CA GLN V 285 -64.77 -144.12 127.10
C GLN V 285 -66.22 -144.22 126.65
N ASP V 286 -66.65 -143.37 125.72
CA ASP V 286 -68.01 -143.37 125.22
C ASP V 286 -68.19 -144.27 124.00
N HIS V 287 -67.15 -145.01 123.61
CA HIS V 287 -67.26 -145.89 122.45
C HIS V 287 -67.95 -147.20 122.83
N LEU V 288 -67.40 -147.93 123.80
CA LEU V 288 -68.00 -149.17 124.24
C LEU V 288 -69.24 -148.88 125.09
N PRO V 289 -70.30 -149.67 124.92
CA PRO V 289 -71.51 -149.47 125.74
C PRO V 289 -71.22 -149.69 127.22
N ARG V 290 -71.88 -148.90 128.05
CA ARG V 290 -71.73 -148.99 129.50
C ARG V 290 -73.09 -148.80 130.15
N VAL V 291 -73.56 -149.84 130.84
CA VAL V 291 -74.85 -149.76 131.54
C VAL V 291 -74.65 -148.93 132.80
N VAL V 292 -75.26 -147.75 132.83
CA VAL V 292 -75.11 -146.81 133.94
C VAL V 292 -76.44 -146.71 134.67
N VAL V 293 -76.41 -146.87 135.99
CA VAL V 293 -77.59 -146.77 136.83
C VAL V 293 -77.58 -145.42 137.52
N VAL V 294 -78.57 -144.58 137.21
CA VAL V 294 -78.68 -143.24 137.75
C VAL V 294 -80.02 -143.12 138.46
N GLY V 295 -79.99 -142.61 139.69
CA GLY V 295 -81.21 -142.44 140.46
C GLY V 295 -81.30 -141.06 141.10
N ASP V 296 -82.25 -140.90 142.03
CA ASP V 296 -82.44 -139.64 142.73
C ASP V 296 -81.93 -139.75 144.16
N GLN V 297 -81.69 -138.60 144.77
CA GLN V 297 -81.19 -138.57 146.14
C GLN V 297 -82.27 -139.01 147.10
N SER V 298 -81.92 -139.91 148.02
CA SER V 298 -82.83 -140.45 149.02
C SER V 298 -84.07 -141.07 148.38
N ALA V 299 -83.87 -141.73 147.24
CA ALA V 299 -84.95 -142.37 146.50
C ALA V 299 -84.98 -143.88 146.70
N GLY V 300 -84.20 -144.41 147.63
CA GLY V 300 -84.17 -145.84 147.86
C GLY V 300 -83.42 -146.64 146.82
N LYS V 301 -82.62 -145.99 145.97
CA LYS V 301 -81.88 -146.71 144.95
C LYS V 301 -80.82 -147.63 145.56
N THR V 302 -80.35 -147.32 146.77
CA THR V 302 -79.35 -148.16 147.42
C THR V 302 -79.91 -149.56 147.68
N SER V 303 -81.15 -149.65 148.16
CA SER V 303 -81.76 -150.94 148.43
C SER V 303 -81.92 -151.74 147.14
N VAL V 304 -82.33 -151.09 146.05
CA VAL V 304 -82.50 -151.78 144.78
C VAL V 304 -81.15 -152.28 144.26
N LEU V 305 -80.11 -151.45 144.38
CA LEU V 305 -78.78 -151.87 143.95
C LEU V 305 -78.27 -153.04 144.78
N GLU V 306 -78.52 -153.02 146.09
CA GLU V 306 -78.13 -154.13 146.94
C GLU V 306 -78.87 -155.41 146.56
N MET V 307 -80.17 -155.28 146.27
CA MET V 307 -80.95 -156.46 145.88
C MET V 307 -80.51 -156.99 144.52
N ILE V 308 -80.02 -156.12 143.64
CA ILE V 308 -79.52 -156.58 142.34
C ILE V 308 -78.32 -157.51 142.54
N ALA V 309 -77.39 -157.12 143.41
CA ALA V 309 -76.24 -157.95 143.73
C ALA V 309 -76.53 -158.97 144.82
N GLN V 310 -77.74 -158.96 145.39
CA GLN V 310 -78.14 -159.91 146.43
C GLN V 310 -77.25 -159.81 147.67
N ALA V 311 -76.72 -158.61 147.93
CA ALA V 311 -75.86 -158.40 149.09
C ALA V 311 -75.83 -156.91 149.40
N ARG V 312 -75.71 -156.60 150.70
CA ARG V 312 -75.63 -155.21 151.15
C ARG V 312 -74.17 -154.76 151.08
N ILE V 313 -73.80 -154.10 150.00
CA ILE V 313 -72.44 -153.63 149.81
C ILE V 313 -72.32 -152.12 149.78
N PHE V 314 -73.41 -151.39 149.53
CA PHE V 314 -73.36 -149.93 149.49
C PHE V 314 -73.72 -149.38 150.87
N PRO V 315 -72.85 -148.60 151.50
CA PRO V 315 -73.18 -148.03 152.82
C PRO V 315 -74.39 -147.11 152.74
N ARG V 316 -75.18 -147.12 153.80
CA ARG V 316 -76.39 -146.31 153.88
C ARG V 316 -76.04 -144.89 154.32
N GLY V 317 -76.83 -143.94 153.84
CA GLY V 317 -76.63 -142.54 154.18
C GLY V 317 -77.90 -141.86 154.63
N SER V 318 -77.87 -141.22 155.81
CA SER V 318 -79.02 -140.52 156.36
C SER V 318 -79.04 -139.09 155.81
N GLY V 319 -79.46 -138.97 154.56
CA GLY V 319 -79.55 -137.70 153.87
C GLY V 319 -78.28 -137.26 153.16
N GLU V 320 -77.12 -137.51 153.77
CA GLU V 320 -75.86 -137.14 153.16
C GLU V 320 -75.57 -138.00 151.94
N MET V 321 -74.95 -137.39 150.93
CA MET V 321 -74.61 -138.07 149.68
C MET V 321 -73.30 -138.83 149.90
N MET V 322 -73.42 -140.08 150.33
CA MET V 322 -72.23 -140.91 150.56
C MET V 322 -71.49 -141.18 149.27
N THR V 323 -72.20 -141.46 148.19
CA THR V 323 -71.59 -141.77 146.90
C THR V 323 -71.22 -140.46 146.21
N ARG V 324 -69.92 -140.15 146.20
CA ARG V 324 -69.42 -138.94 145.56
C ARG V 324 -68.52 -139.22 144.36
N SER V 325 -68.24 -140.48 144.06
CA SER V 325 -67.41 -140.86 142.93
C SER V 325 -68.09 -141.99 142.17
N PRO V 326 -67.85 -142.08 140.86
CA PRO V 326 -68.44 -143.17 140.08
C PRO V 326 -67.97 -144.53 140.57
N VAL V 327 -68.89 -145.49 140.61
CA VAL V 327 -68.62 -146.84 141.07
C VAL V 327 -68.98 -147.82 139.96
N LYS V 328 -68.03 -148.69 139.62
CA LYS V 328 -68.23 -149.70 138.58
C LYS V 328 -68.51 -151.04 139.24
N VAL V 329 -69.64 -151.65 138.89
CA VAL V 329 -70.04 -152.95 139.41
C VAL V 329 -70.08 -153.91 138.23
N THR V 330 -69.19 -154.91 138.23
CA THR V 330 -69.12 -155.90 137.17
C THR V 330 -69.78 -157.18 137.67
N LEU V 331 -70.89 -157.55 137.05
CA LEU V 331 -71.60 -158.77 137.43
C LEU V 331 -71.03 -159.95 136.66
N SER V 332 -70.62 -160.99 137.39
CA SER V 332 -70.05 -162.18 136.78
C SER V 332 -70.22 -163.34 137.74
N GLU V 333 -69.73 -164.51 137.34
CA GLU V 333 -69.82 -165.72 138.15
C GLU V 333 -68.41 -166.27 138.37
N GLY V 334 -68.09 -166.59 139.62
CA GLY V 334 -66.79 -167.13 139.95
C GLY V 334 -66.89 -168.34 140.87
N PRO V 335 -65.75 -168.82 141.34
CA PRO V 335 -65.76 -169.98 142.25
C PRO V 335 -66.51 -169.71 143.55
N HIS V 336 -66.47 -168.48 144.05
CA HIS V 336 -67.16 -168.11 145.28
C HIS V 336 -67.89 -166.80 145.10
N HIS V 337 -68.94 -166.60 145.90
CA HIS V 337 -69.74 -165.38 145.85
C HIS V 337 -69.04 -164.28 146.65
N VAL V 338 -67.93 -163.81 146.10
CA VAL V 338 -67.11 -162.79 146.73
C VAL V 338 -66.94 -161.62 145.76
N ALA V 339 -66.39 -160.52 146.27
CA ALA V 339 -66.13 -159.32 145.50
C ALA V 339 -64.65 -159.00 145.54
N LEU V 340 -64.08 -158.71 144.37
CA LEU V 340 -62.65 -158.42 144.26
C LEU V 340 -62.47 -157.16 143.42
N PHE V 341 -61.61 -156.26 143.89
CA PHE V 341 -61.31 -155.05 143.15
C PHE V 341 -60.24 -155.31 142.10
N LYS V 342 -60.07 -154.33 141.20
CA LYS V 342 -59.05 -154.46 140.16
C LYS V 342 -57.65 -154.42 140.75
N ASP V 343 -57.42 -153.54 141.73
CA ASP V 343 -56.10 -153.37 142.35
C ASP V 343 -56.05 -153.94 143.75
N SER V 344 -56.87 -154.93 144.06
CA SER V 344 -56.89 -155.56 145.37
C SER V 344 -56.80 -157.08 145.21
N SER V 345 -56.33 -157.73 146.28
CA SER V 345 -56.21 -159.19 146.30
C SER V 345 -57.09 -159.86 147.34
N ARG V 346 -57.77 -159.10 148.20
CA ARG V 346 -58.64 -159.68 149.22
C ARG V 346 -60.03 -159.88 148.65
N GLU V 347 -60.55 -161.10 148.78
CA GLU V 347 -61.87 -161.45 148.27
C GLU V 347 -62.90 -161.13 149.35
N PHE V 348 -63.62 -160.03 149.17
CA PHE V 348 -64.64 -159.61 150.12
C PHE V 348 -65.90 -160.45 149.91
N ASP V 349 -66.17 -161.35 150.85
CA ASP V 349 -67.35 -162.21 150.74
C ASP V 349 -68.62 -161.38 150.88
N LEU V 350 -69.66 -161.81 150.15
CA LEU V 350 -70.94 -161.12 150.14
C LEU V 350 -71.96 -161.78 151.06
N THR V 351 -71.55 -162.74 151.88
CA THR V 351 -72.45 -163.44 152.78
C THR V 351 -72.20 -163.10 154.24
N LYS V 352 -70.97 -163.21 154.72
CA LYS V 352 -70.67 -162.92 156.12
C LYS V 352 -70.82 -161.42 156.40
N GLU V 353 -71.36 -161.11 157.57
CA GLU V 353 -71.57 -159.72 157.95
C GLU V 353 -70.24 -158.97 158.10
N GLU V 354 -69.24 -159.64 158.68
CA GLU V 354 -67.93 -159.00 158.86
C GLU V 354 -67.29 -158.67 157.52
N ASP V 355 -67.38 -159.59 156.55
CA ASP V 355 -66.83 -159.32 155.23
C ASP V 355 -67.57 -158.20 154.53
N LEU V 356 -68.89 -158.14 154.68
CA LEU V 356 -69.66 -157.04 154.10
C LEU V 356 -69.27 -155.71 154.73
N ALA V 357 -69.08 -155.69 156.05
CA ALA V 357 -68.65 -154.46 156.71
C ALA V 357 -67.28 -154.03 156.25
N ALA V 358 -66.36 -154.99 156.09
CA ALA V 358 -65.03 -154.67 155.59
C ALA V 358 -65.09 -154.12 154.17
N LEU V 359 -65.94 -154.71 153.31
CA LEU V 359 -66.11 -154.21 151.96
C LEU V 359 -66.67 -152.79 151.94
N ARG V 360 -67.66 -152.52 152.80
CA ARG V 360 -68.22 -151.17 152.88
C ARG V 360 -67.18 -150.18 153.36
N HIS V 361 -66.36 -150.57 154.35
CA HIS V 361 -65.31 -149.69 154.84
C HIS V 361 -64.28 -149.41 153.75
N GLU V 362 -63.91 -150.44 152.98
CA GLU V 362 -62.97 -150.23 151.88
C GLU V 362 -63.55 -149.31 150.81
N ILE V 363 -64.83 -149.47 150.50
CA ILE V 363 -65.48 -148.61 149.51
C ILE V 363 -65.49 -147.17 150.02
N GLU V 364 -65.82 -146.97 151.30
CA GLU V 364 -65.82 -145.62 151.86
C GLU V 364 -64.43 -145.00 151.83
N LEU V 365 -63.40 -145.80 152.16
CA LEU V 365 -62.03 -145.29 152.12
C LEU V 365 -61.63 -144.90 150.70
N ARG V 366 -62.01 -145.73 149.71
CA ARG V 366 -61.70 -145.40 148.32
C ARG V 366 -62.43 -144.13 147.89
N MET V 367 -63.69 -143.96 148.31
CA MET V 367 -64.42 -142.75 147.99
C MET V 367 -63.77 -141.52 148.60
N ARG V 368 -63.34 -141.63 149.87
CA ARG V 368 -62.70 -140.50 150.53
C ARG V 368 -61.36 -140.17 149.89
N LYS V 369 -60.60 -141.19 149.49
CA LYS V 369 -59.30 -140.94 148.86
C LYS V 369 -59.46 -140.20 147.54
N ASN V 370 -60.43 -140.59 146.72
CA ASN V 370 -60.64 -139.91 145.45
C ASN V 370 -61.08 -138.46 145.64
N VAL V 371 -61.97 -138.22 146.59
CA VAL V 371 -62.46 -136.86 146.82
C VAL V 371 -61.38 -136.03 147.49
N LYS V 372 -61.09 -134.87 146.94
CA LYS V 372 -60.08 -133.99 147.49
C LYS V 372 -60.57 -133.36 148.80
N GLU V 373 -59.62 -132.95 149.63
CA GLU V 373 -59.93 -132.32 150.92
C GLU V 373 -60.42 -130.91 150.66
N GLY V 374 -61.73 -130.78 150.45
CA GLY V 374 -62.33 -129.50 150.17
C GLY V 374 -63.33 -129.54 149.03
N CYS V 375 -63.23 -130.57 148.20
CA CYS V 375 -64.12 -130.76 147.07
C CYS V 375 -65.25 -131.71 147.43
N THR V 376 -66.19 -131.85 146.50
CA THR V 376 -67.35 -132.71 146.69
C THR V 376 -67.41 -133.85 145.68
N VAL V 377 -67.22 -133.55 144.39
CA VAL V 377 -67.28 -134.55 143.33
C VAL V 377 -65.87 -134.73 142.76
N SER V 378 -65.42 -135.97 142.67
CA SER V 378 -64.09 -136.29 142.17
C SER V 378 -64.21 -137.02 140.84
N PRO V 379 -63.45 -136.62 139.82
CA PRO V 379 -63.51 -137.31 138.53
C PRO V 379 -63.00 -138.73 138.58
N GLU V 380 -62.23 -139.11 139.60
CA GLU V 380 -61.70 -140.46 139.68
C GLU V 380 -62.82 -141.47 139.88
N THR V 381 -62.69 -142.62 139.23
CA THR V 381 -63.68 -143.68 139.29
C THR V 381 -63.16 -144.85 140.13
N ILE V 382 -64.10 -145.66 140.60
CA ILE V 382 -63.79 -146.83 141.41
C ILE V 382 -64.28 -148.07 140.67
N SER V 383 -63.39 -149.04 140.50
CA SER V 383 -63.68 -150.27 139.77
C SER V 383 -63.82 -151.43 140.75
N LEU V 384 -64.92 -152.18 140.63
CA LEU V 384 -65.17 -153.33 141.48
C LEU V 384 -65.77 -154.45 140.65
N ASN V 385 -65.27 -155.66 140.86
CA ASN V 385 -65.75 -156.84 140.16
C ASN V 385 -66.48 -157.75 141.14
N VAL V 386 -67.70 -158.16 140.76
CA VAL V 386 -68.54 -159.02 141.59
C VAL V 386 -68.65 -160.38 140.92
N LYS V 387 -68.35 -161.43 141.67
CA LYS V 387 -68.42 -162.79 141.17
C LYS V 387 -69.29 -163.64 142.09
N GLY V 388 -69.89 -164.67 141.51
CA GLY V 388 -70.75 -165.57 142.26
C GLY V 388 -71.84 -166.18 141.41
N PRO V 389 -72.32 -167.35 141.82
CA PRO V 389 -73.39 -168.01 141.05
C PRO V 389 -74.70 -167.24 141.15
N GLY V 390 -75.53 -167.40 140.12
CA GLY V 390 -76.82 -166.75 140.06
C GLY V 390 -76.81 -165.33 139.53
N LEU V 391 -75.66 -164.81 139.15
CA LEU V 391 -75.55 -163.46 138.60
C LEU V 391 -75.45 -163.50 137.08
N GLN V 392 -75.68 -162.35 136.47
CA GLN V 392 -75.62 -162.20 135.02
C GLN V 392 -74.21 -161.74 134.62
N ARG V 393 -74.04 -161.44 133.34
CA ARG V 393 -72.77 -160.97 132.79
C ARG V 393 -72.98 -159.57 132.20
N MET V 394 -72.81 -158.56 133.05
CA MET V 394 -72.98 -157.18 132.64
C MET V 394 -72.20 -156.29 133.59
N VAL V 395 -71.99 -155.05 133.17
CA VAL V 395 -71.24 -154.05 133.94
C VAL V 395 -72.21 -152.94 134.33
N LEU V 396 -72.31 -152.67 135.62
CA LEU V 396 -73.19 -151.63 136.15
C LEU V 396 -72.35 -150.46 136.67
N VAL V 397 -72.76 -149.25 136.34
CA VAL V 397 -72.08 -148.03 136.74
C VAL V 397 -72.99 -147.25 137.67
N ASP V 398 -72.47 -146.87 138.83
CA ASP V 398 -73.21 -146.11 139.83
C ASP V 398 -72.74 -144.67 139.84
N LEU V 399 -73.68 -143.74 139.82
CA LEU V 399 -73.39 -142.32 139.80
C LEU V 399 -74.19 -141.62 140.90
N PRO V 400 -73.69 -140.50 141.42
CA PRO V 400 -74.44 -139.76 142.43
C PRO V 400 -75.75 -139.23 141.88
N GLY V 401 -76.75 -139.13 142.76
CA GLY V 401 -78.06 -138.67 142.34
C GLY V 401 -78.06 -137.21 141.93
N VAL V 402 -79.04 -136.87 141.10
CA VAL V 402 -79.18 -135.52 140.60
C VAL V 402 -79.78 -134.63 141.69
N ILE V 403 -79.13 -133.50 141.94
CA ILE V 403 -79.57 -132.56 142.96
C ILE V 403 -80.03 -131.28 142.29
N ASN V 404 -80.83 -130.50 143.01
CA ASN V 404 -81.36 -129.24 142.51
C ASN V 404 -80.84 -128.03 143.28
N THR V 405 -80.87 -128.08 144.60
CA THR V 405 -80.38 -126.96 145.41
C THR V 405 -78.86 -126.93 145.42
N VAL V 406 -78.32 -125.78 145.80
CA VAL V 406 -76.88 -125.56 145.87
C VAL V 406 -76.51 -125.31 147.32
N THR V 407 -75.54 -126.08 147.82
CA THR V 407 -75.10 -125.95 149.20
C THR V 407 -74.09 -124.81 149.33
N SER V 408 -74.33 -123.90 150.28
CA SER V 408 -73.42 -122.79 150.49
C SER V 408 -72.10 -123.25 151.09
N GLY V 409 -72.12 -124.33 151.86
CA GLY V 409 -70.92 -124.85 152.49
C GLY V 409 -70.05 -125.72 151.60
N MET V 410 -70.45 -125.93 150.35
CA MET V 410 -69.70 -126.75 149.41
C MET V 410 -69.42 -125.93 148.15
N ALA V 411 -68.88 -126.60 147.14
CA ALA V 411 -68.55 -125.93 145.89
C ALA V 411 -69.82 -125.48 145.18
N PRO V 412 -69.92 -124.21 144.78
CA PRO V 412 -71.14 -123.75 144.08
C PRO V 412 -71.36 -124.42 142.74
N ASP V 413 -70.31 -124.98 142.13
CA ASP V 413 -70.41 -125.62 140.83
C ASP V 413 -70.58 -127.13 140.93
N THR V 414 -70.95 -127.64 142.11
CA THR V 414 -71.15 -129.07 142.28
C THR V 414 -72.29 -129.58 141.40
N LYS V 415 -73.40 -128.83 141.36
CA LYS V 415 -74.53 -129.23 140.52
C LYS V 415 -74.15 -129.19 139.04
N GLU V 416 -73.41 -128.16 138.63
CA GLU V 416 -72.96 -128.09 137.24
C GLU V 416 -72.02 -129.24 136.90
N THR V 417 -71.12 -129.58 137.81
CA THR V 417 -70.22 -130.70 137.58
C THR V 417 -70.98 -132.02 137.47
N ILE V 418 -71.98 -132.21 138.33
CA ILE V 418 -72.79 -133.43 138.28
C ILE V 418 -73.55 -133.50 136.95
N PHE V 419 -74.13 -132.37 136.52
CA PHE V 419 -74.85 -132.34 135.25
C PHE V 419 -73.91 -132.64 134.08
N SER V 420 -72.70 -132.08 134.10
CA SER V 420 -71.75 -132.33 133.03
C SER V 420 -71.34 -133.81 133.01
N ILE V 421 -71.12 -134.39 134.19
CA ILE V 421 -70.75 -135.82 134.24
C ILE V 421 -71.89 -136.67 133.71
N SER V 422 -73.13 -136.35 134.09
CA SER V 422 -74.28 -137.11 133.59
C SER V 422 -74.41 -136.99 132.08
N LYS V 423 -74.21 -135.78 131.54
CA LYS V 423 -74.28 -135.59 130.10
C LYS V 423 -73.18 -136.37 129.38
N ALA V 424 -71.97 -136.36 129.93
CA ALA V 424 -70.87 -137.12 129.33
C ALA V 424 -71.16 -138.61 129.36
N TYR V 425 -71.72 -139.11 130.46
CA TYR V 425 -72.08 -140.53 130.53
C TYR V 425 -73.18 -140.87 129.53
N MET V 426 -74.16 -139.98 129.37
CA MET V 426 -75.25 -140.21 128.43
C MET V 426 -74.83 -139.98 126.98
N GLN V 427 -73.65 -139.41 126.74
CA GLN V 427 -73.18 -139.21 125.37
C GLN V 427 -73.00 -140.51 124.62
N ASN V 428 -72.84 -141.63 125.32
CA ASN V 428 -72.72 -142.93 124.67
C ASN V 428 -74.05 -143.31 124.04
N PRO V 429 -74.11 -143.54 122.73
CA PRO V 429 -75.40 -143.91 122.11
C PRO V 429 -75.93 -145.26 122.57
N ASN V 430 -75.07 -146.14 123.11
CA ASN V 430 -75.48 -147.47 123.54
C ASN V 430 -75.43 -147.63 125.06
N ALA V 431 -75.45 -146.52 125.80
CA ALA V 431 -75.41 -146.58 127.25
C ALA V 431 -76.80 -146.91 127.79
N ILE V 432 -76.93 -148.07 128.42
CA ILE V 432 -78.21 -148.49 128.99
C ILE V 432 -78.39 -147.78 130.33
N ILE V 433 -79.52 -147.11 130.50
CA ILE V 433 -79.82 -146.37 131.72
C ILE V 433 -80.89 -147.12 132.50
N LEU V 434 -80.60 -147.42 133.76
CA LEU V 434 -81.52 -148.13 134.65
C LEU V 434 -82.09 -147.12 135.63
N CYS V 435 -83.33 -146.70 135.39
CA CYS V 435 -83.99 -145.72 136.25
C CYS V 435 -84.59 -146.42 137.47
N ILE V 436 -84.32 -145.87 138.65
CA ILE V 436 -84.84 -146.40 139.91
C ILE V 436 -85.65 -145.31 140.59
N GLN V 437 -86.87 -145.66 140.98
CA GLN V 437 -87.77 -144.73 141.65
C GLN V 437 -88.11 -145.26 143.05
N ASP V 438 -89.03 -144.58 143.72
CA ASP V 438 -89.44 -144.93 145.07
C ASP V 438 -90.96 -145.02 145.13
N GLY V 439 -91.45 -145.67 146.18
CA GLY V 439 -92.89 -145.80 146.35
C GLY V 439 -93.58 -144.46 146.55
N SER V 440 -92.93 -143.55 147.28
CA SER V 440 -93.50 -142.23 147.53
C SER V 440 -93.18 -141.23 146.43
N VAL V 441 -92.42 -141.63 145.41
CA VAL V 441 -92.04 -140.76 144.31
C VAL V 441 -92.77 -141.22 143.06
N ASP V 442 -93.50 -140.30 142.42
CA ASP V 442 -94.25 -140.63 141.22
C ASP V 442 -93.31 -140.73 140.02
N ALA V 443 -93.85 -141.27 138.93
CA ALA V 443 -93.06 -141.42 137.70
C ALA V 443 -92.64 -140.06 137.16
N GLU V 444 -93.55 -139.09 137.16
CA GLU V 444 -93.21 -137.76 136.67
C GLU V 444 -92.29 -137.01 137.62
N ARG V 445 -92.29 -137.37 138.90
CA ARG V 445 -91.42 -136.71 139.88
C ARG V 445 -89.97 -137.18 139.79
N SER V 446 -89.69 -138.23 139.03
CA SER V 446 -88.33 -138.74 138.89
C SER V 446 -87.58 -137.89 137.89
N ILE V 447 -86.51 -137.23 138.34
CA ILE V 447 -85.71 -136.39 137.44
C ILE V 447 -84.99 -137.25 136.41
N VAL V 448 -84.52 -138.43 136.81
CA VAL V 448 -83.80 -139.30 135.90
C VAL V 448 -84.72 -139.76 134.76
N THR V 449 -85.96 -140.13 135.10
CA THR V 449 -86.90 -140.56 134.07
C THR V 449 -87.21 -139.43 133.09
N ASP V 450 -87.42 -138.22 133.60
CA ASP V 450 -87.68 -137.09 132.73
C ASP V 450 -86.49 -136.79 131.83
N LEU V 451 -85.28 -136.85 132.38
CA LEU V 451 -84.09 -136.62 131.58
C LEU V 451 -83.93 -137.67 130.49
N VAL V 452 -84.19 -138.93 130.83
CA VAL V 452 -84.10 -140.01 129.83
C VAL V 452 -85.14 -139.80 128.73
N SER V 453 -86.36 -139.43 129.11
CA SER V 453 -87.41 -139.18 128.11
C SER V 453 -87.03 -138.01 127.21
N GLN V 454 -86.48 -136.94 127.78
CA GLN V 454 -86.07 -135.80 126.97
C GLN V 454 -84.94 -136.18 126.02
N MET V 455 -83.95 -136.93 126.51
CA MET V 455 -82.82 -137.31 125.66
C MET V 455 -83.19 -138.43 124.69
N ASP V 456 -84.06 -139.34 125.07
CA ASP V 456 -84.47 -140.48 124.24
C ASP V 456 -85.98 -140.52 124.18
N PRO V 457 -86.60 -139.68 123.35
CA PRO V 457 -88.07 -139.72 123.22
C PRO V 457 -88.61 -141.06 122.74
N HIS V 458 -87.87 -141.74 121.87
CA HIS V 458 -88.33 -143.05 121.38
C HIS V 458 -88.23 -144.11 122.46
N GLY V 459 -87.11 -144.14 123.19
CA GLY V 459 -86.93 -145.14 124.23
C GLY V 459 -86.86 -146.56 123.73
N ARG V 460 -86.23 -146.77 122.58
CA ARG V 460 -86.10 -148.11 122.01
C ARG V 460 -85.05 -148.95 122.70
N ARG V 461 -84.14 -148.33 123.48
CA ARG V 461 -83.10 -149.06 124.18
C ARG V 461 -83.20 -148.94 125.69
N THR V 462 -84.09 -148.09 126.22
CA THR V 462 -84.26 -147.91 127.65
C THR V 462 -85.50 -148.66 128.11
N ILE V 463 -85.36 -149.48 129.15
CA ILE V 463 -86.46 -150.27 129.70
C ILE V 463 -86.74 -149.78 131.10
N PHE V 464 -87.99 -149.41 131.35
CA PHE V 464 -88.39 -148.90 132.67
C PHE V 464 -88.60 -150.06 133.63
N VAL V 465 -88.05 -149.93 134.83
CA VAL V 465 -88.20 -150.93 135.88
C VAL V 465 -88.84 -150.25 137.09
N LEU V 466 -89.93 -150.83 137.60
CA LEU V 466 -90.66 -150.29 138.73
C LEU V 466 -90.24 -151.04 139.99
N THR V 467 -89.82 -150.30 141.01
CA THR V 467 -89.35 -150.86 142.26
C THR V 467 -90.21 -150.36 143.41
N LYS V 468 -90.28 -151.16 144.48
CA LYS V 468 -91.07 -150.83 145.68
C LYS V 468 -92.54 -150.59 145.33
N VAL V 469 -93.14 -151.58 144.67
CA VAL V 469 -94.55 -151.47 144.29
C VAL V 469 -95.45 -151.47 145.52
N ASP V 470 -95.11 -152.28 146.53
CA ASP V 470 -95.94 -152.36 147.74
C ASP V 470 -95.99 -151.02 148.47
N LEU V 471 -94.84 -150.34 148.57
CA LEU V 471 -94.81 -149.04 149.25
C LEU V 471 -95.69 -148.02 148.53
N ALA V 472 -95.62 -147.99 147.19
CA ALA V 472 -96.47 -147.09 146.43
C ALA V 472 -97.94 -147.43 146.60
N GLU V 473 -98.27 -148.73 146.59
CA GLU V 473 -99.65 -149.15 146.75
C GLU V 473 -100.21 -148.78 148.12
N LYS V 474 -99.39 -148.94 149.16
CA LYS V 474 -99.85 -148.62 150.52
C LYS V 474 -100.05 -147.12 150.73
N ASN V 475 -99.53 -146.28 149.84
CA ASN V 475 -99.69 -144.83 149.96
C ASN V 475 -100.92 -144.34 149.21
N VAL V 476 -102.07 -144.95 149.51
CA VAL V 476 -103.38 -144.68 148.93
C VAL V 476 -103.28 -144.24 147.47
N ALA V 477 -102.46 -144.94 146.68
CA ALA V 477 -102.31 -144.61 145.28
C ALA V 477 -103.46 -145.17 144.46
N SER V 478 -103.63 -144.63 143.26
CA SER V 478 -104.69 -145.07 142.36
C SER V 478 -104.22 -146.29 141.58
N PRO V 479 -104.93 -147.43 141.65
CA PRO V 479 -104.50 -148.60 140.88
C PRO V 479 -104.51 -148.39 139.38
N SER V 480 -105.33 -147.45 138.87
CA SER V 480 -105.36 -147.19 137.45
C SER V 480 -104.02 -146.66 136.94
N ARG V 481 -103.38 -145.78 137.71
CA ARG V 481 -102.07 -145.27 137.32
C ARG V 481 -101.03 -146.39 137.29
N ILE V 482 -101.05 -147.28 138.28
CA ILE V 482 -100.11 -148.39 138.31
C ILE V 482 -100.35 -149.31 137.12
N GLN V 483 -101.61 -149.60 136.82
CA GLN V 483 -101.93 -150.45 135.67
C GLN V 483 -101.45 -149.82 134.37
N GLN V 484 -101.67 -148.51 134.20
CA GLN V 484 -101.21 -147.83 133.00
C GLN V 484 -99.69 -147.84 132.89
N ILE V 485 -98.99 -147.65 134.00
CA ILE V 485 -97.53 -147.66 133.99
C ILE V 485 -97.02 -149.05 133.61
N ILE V 486 -97.61 -150.09 134.21
CA ILE V 486 -97.20 -151.46 133.91
C ILE V 486 -97.51 -151.81 132.46
N GLU V 487 -98.71 -151.46 131.99
CA GLU V 487 -99.09 -151.75 130.61
C GLU V 487 -98.37 -150.85 129.62
N GLY V 488 -97.97 -149.65 130.04
CA GLY V 488 -97.25 -148.75 129.16
C GLY V 488 -98.16 -147.81 128.38
N LYS V 489 -99.23 -147.34 129.02
CA LYS V 489 -100.16 -146.42 128.40
C LYS V 489 -99.94 -144.97 128.83
N LEU V 490 -98.86 -144.69 129.56
CA LEU V 490 -98.56 -143.36 130.04
C LEU V 490 -97.21 -142.84 129.58
N PHE V 491 -96.20 -143.70 129.51
CA PHE V 491 -94.87 -143.26 129.08
C PHE V 491 -94.85 -143.08 127.57
N PRO V 492 -94.48 -141.90 127.06
CA PRO V 492 -94.43 -141.71 125.61
C PRO V 492 -93.42 -142.60 124.92
N MET V 493 -92.32 -142.95 125.60
CA MET V 493 -91.30 -143.79 124.98
C MET V 493 -91.81 -145.21 124.76
N LYS V 494 -91.34 -145.82 123.68
CA LYS V 494 -91.74 -147.18 123.32
C LYS V 494 -90.67 -148.14 123.83
N ALA V 495 -90.75 -148.43 125.13
CA ALA V 495 -89.80 -149.35 125.74
C ALA V 495 -90.08 -150.78 125.32
N LEU V 496 -89.05 -151.63 125.40
CA LEU V 496 -89.20 -153.02 125.03
C LEU V 496 -90.10 -153.79 125.99
N GLY V 497 -90.31 -153.29 127.19
CA GLY V 497 -91.17 -153.96 128.14
C GLY V 497 -91.22 -153.18 129.45
N TYR V 498 -92.11 -153.62 130.33
CA TYR V 498 -92.28 -153.00 131.64
C TYR V 498 -92.50 -154.10 132.67
N PHE V 499 -91.69 -154.10 133.73
CA PHE V 499 -91.79 -155.08 134.80
C PHE V 499 -91.82 -154.37 136.14
N ALA V 500 -92.67 -154.86 137.04
CA ALA V 500 -92.83 -154.30 138.38
C ALA V 500 -92.32 -155.31 139.39
N VAL V 501 -91.38 -154.87 140.24
CA VAL V 501 -90.79 -155.72 141.27
C VAL V 501 -90.81 -154.98 142.59
N VAL V 502 -90.66 -155.75 143.67
CA VAL V 502 -90.63 -155.21 145.03
C VAL V 502 -89.25 -155.47 145.61
N THR V 503 -88.59 -154.41 146.07
CA THR V 503 -87.25 -154.49 146.64
C THR V 503 -87.27 -154.19 148.14
N GLY V 504 -88.33 -154.63 148.82
CA GLY V 504 -88.45 -154.41 150.25
C GLY V 504 -88.96 -153.02 150.57
N LYS V 505 -88.97 -152.72 151.88
CA LYS V 505 -89.42 -151.43 152.37
C LYS V 505 -88.35 -150.36 152.31
N GLY V 506 -87.12 -150.70 151.92
CA GLY V 506 -86.04 -149.74 151.84
C GLY V 506 -85.39 -149.40 153.16
N ASN V 507 -85.71 -150.11 154.23
CA ASN V 507 -85.14 -149.85 155.55
C ASN V 507 -83.75 -150.48 155.64
N SER V 508 -83.13 -150.39 156.81
CA SER V 508 -81.80 -150.94 157.04
C SER V 508 -81.83 -152.04 158.11
N SER V 509 -82.95 -152.76 158.20
CA SER V 509 -83.08 -153.83 159.19
C SER V 509 -83.67 -155.10 158.58
N GLU V 510 -83.71 -155.21 157.25
CA GLU V 510 -84.25 -156.38 156.57
C GLU V 510 -83.12 -157.06 155.80
N SER V 511 -82.95 -158.35 156.03
CA SER V 511 -81.90 -159.10 155.34
C SER V 511 -82.27 -159.32 153.89
N ILE V 512 -81.26 -159.68 153.08
CA ILE V 512 -81.50 -159.93 151.66
C ILE V 512 -82.43 -161.11 151.46
N GLU V 513 -82.23 -162.18 152.25
CA GLU V 513 -83.10 -163.36 152.12
C GLU V 513 -84.54 -163.02 152.49
N ALA V 514 -84.74 -162.22 153.54
CA ALA V 514 -86.09 -161.83 153.93
C ALA V 514 -86.77 -161.01 152.84
N ILE V 515 -86.04 -160.07 152.24
CA ILE V 515 -86.61 -159.25 151.17
C ILE V 515 -86.95 -160.12 149.97
N ARG V 516 -86.06 -161.07 149.63
CA ARG V 516 -86.34 -161.96 148.51
C ARG V 516 -87.56 -162.81 148.76
N GLU V 517 -87.70 -163.33 149.99
CA GLU V 517 -88.88 -164.13 150.32
C GLU V 517 -90.15 -163.30 150.27
N TYR V 518 -90.09 -162.06 150.76
CA TYR V 518 -91.25 -161.18 150.69
C TYR V 518 -91.64 -160.88 149.25
N GLU V 519 -90.64 -160.63 148.40
CA GLU V 519 -90.92 -160.38 146.99
C GLU V 519 -91.53 -161.59 146.32
N GLU V 520 -91.02 -162.80 146.63
CA GLU V 520 -91.58 -164.02 146.07
C GLU V 520 -93.03 -164.21 146.53
N GLU V 521 -93.30 -163.96 147.80
CA GLU V 521 -94.66 -164.09 148.31
C GLU V 521 -95.60 -163.08 147.65
N PHE V 522 -95.13 -161.84 147.45
CA PHE V 522 -95.94 -160.83 146.79
C PHE V 522 -96.22 -161.22 145.34
N PHE V 523 -95.22 -161.76 144.65
CA PHE V 523 -95.42 -162.20 143.28
C PHE V 523 -96.41 -163.36 143.21
N GLN V 524 -96.31 -164.31 144.14
CA GLN V 524 -97.24 -165.44 144.16
C GLN V 524 -98.67 -164.98 144.45
N ASN V 525 -98.83 -164.07 145.41
CA ASN V 525 -100.15 -163.56 145.80
C ASN V 525 -100.07 -162.03 145.81
N SER V 526 -100.62 -161.41 144.77
CA SER V 526 -100.63 -159.96 144.63
C SER V 526 -102.05 -159.44 144.54
N LYS V 527 -102.27 -158.25 145.08
CA LYS V 527 -103.59 -157.62 145.05
C LYS V 527 -103.97 -157.10 143.67
N LEU V 528 -103.01 -157.00 142.74
CA LEU V 528 -103.28 -156.52 141.40
C LEU V 528 -103.38 -157.63 140.37
N LEU V 529 -102.67 -158.75 140.58
CA LEU V 529 -102.75 -159.85 139.63
C LEU V 529 -104.10 -160.55 139.67
N LYS V 530 -104.76 -160.56 140.83
CA LYS V 530 -106.06 -161.20 140.96
C LYS V 530 -107.18 -160.40 140.31
N THR V 531 -106.93 -159.15 139.92
CA THR V 531 -107.94 -158.31 139.28
C THR V 531 -107.95 -158.46 137.76
N SER V 532 -107.09 -159.32 137.20
CA SER V 532 -107.02 -159.55 135.76
C SER V 532 -106.76 -158.24 135.01
N MET V 533 -105.91 -157.39 135.56
CA MET V 533 -105.55 -156.13 134.95
C MET V 533 -104.09 -156.05 134.54
N LEU V 534 -103.31 -157.10 134.77
CA LEU V 534 -101.90 -157.13 134.42
C LEU V 534 -101.61 -158.35 133.57
N LYS V 535 -100.68 -158.18 132.63
CA LYS V 535 -100.31 -159.26 131.73
C LYS V 535 -99.59 -160.38 132.48
N ALA V 536 -99.89 -161.62 132.10
CA ALA V 536 -99.29 -162.77 132.80
C ALA V 536 -97.83 -162.97 132.40
N HIS V 537 -97.44 -162.51 131.22
CA HIS V 537 -96.07 -162.68 130.74
C HIS V 537 -95.13 -161.59 131.20
N GLN V 538 -95.63 -160.60 131.94
CA GLN V 538 -94.81 -159.51 132.47
C GLN V 538 -94.44 -159.71 133.93
N VAL V 539 -94.21 -160.97 134.34
CA VAL V 539 -93.87 -161.27 135.72
C VAL V 539 -92.41 -161.71 135.79
N THR V 540 -91.89 -161.84 137.01
CA THR V 540 -90.50 -162.24 137.27
C THR V 540 -89.51 -161.32 136.57
N THR V 541 -88.25 -161.75 136.48
CA THR V 541 -87.22 -160.96 135.84
C THR V 541 -86.30 -161.76 134.92
N ARG V 542 -86.54 -163.07 134.75
CA ARG V 542 -85.64 -163.89 133.96
C ARG V 542 -85.65 -163.48 132.49
N ASN V 543 -86.84 -163.31 131.92
CA ASN V 543 -86.94 -162.94 130.51
C ASN V 543 -86.37 -161.54 130.27
N LEU V 544 -86.67 -160.60 131.17
CA LEU V 544 -86.13 -159.25 131.02
C LEU V 544 -84.60 -159.26 131.12
N SER V 545 -84.06 -160.01 132.08
CA SER V 545 -82.60 -160.10 132.21
C SER V 545 -81.97 -160.71 130.98
N LEU V 546 -82.57 -161.77 130.44
CA LEU V 546 -82.03 -162.41 129.24
C LEU V 546 -82.07 -161.45 128.05
N ALA V 547 -83.18 -160.72 127.88
CA ALA V 547 -83.27 -159.77 126.78
C ALA V 547 -82.25 -158.65 126.93
N VAL V 548 -82.08 -158.13 128.14
CA VAL V 548 -81.11 -157.07 128.38
C VAL V 548 -79.69 -157.57 128.10
N SER V 549 -79.38 -158.79 128.54
CA SER V 549 -78.05 -159.34 128.30
C SER V 549 -77.80 -159.53 126.80
N ASP V 550 -78.79 -160.05 126.07
CA ASP V 550 -78.62 -160.25 124.63
C ASP V 550 -78.44 -158.91 123.91
N CYS V 551 -79.23 -157.90 124.28
CA CYS V 551 -79.09 -156.59 123.66
C CYS V 551 -77.73 -155.99 123.96
N PHE V 552 -77.27 -156.10 125.21
CA PHE V 552 -75.96 -155.57 125.57
C PHE V 552 -74.85 -156.29 124.80
N TRP V 553 -74.95 -157.62 124.68
CA TRP V 553 -73.94 -158.37 123.95
C TRP V 553 -73.89 -157.98 122.49
N LYS V 554 -75.05 -157.87 121.85
CA LYS V 554 -75.05 -157.51 120.42
C LYS V 554 -74.56 -156.08 120.21
N MET V 555 -74.95 -155.15 121.08
CA MET V 555 -74.50 -153.78 120.90
C MET V 555 -73.01 -153.64 121.17
N VAL V 556 -72.48 -154.37 122.16
CA VAL V 556 -71.04 -154.29 122.41
C VAL V 556 -70.27 -154.99 121.30
N ARG V 557 -70.82 -156.05 120.71
CA ARG V 557 -70.16 -156.67 119.56
C ARG V 557 -70.10 -155.72 118.38
N GLU V 558 -71.21 -155.02 118.09
CA GLU V 558 -71.18 -154.03 117.03
C GLU V 558 -70.20 -152.91 117.32
N SER V 559 -70.18 -152.44 118.57
CA SER V 559 -69.28 -151.35 118.95
C SER V 559 -67.82 -151.77 118.80
N VAL V 560 -67.47 -152.98 119.24
CA VAL V 560 -66.08 -153.42 119.13
C VAL V 560 -65.72 -153.69 117.67
N GLU V 561 -66.67 -154.15 116.86
CA GLU V 561 -66.40 -154.32 115.43
C GLU V 561 -66.10 -152.99 114.77
N GLN V 562 -66.87 -151.95 115.11
CA GLN V 562 -66.59 -150.61 114.57
C GLN V 562 -65.26 -150.07 115.11
N GLN V 563 -64.99 -150.28 116.40
CA GLN V 563 -63.79 -149.72 117.00
C GLN V 563 -62.51 -150.41 116.52
N ALA V 564 -62.60 -151.66 116.10
CA ALA V 564 -61.42 -152.35 115.57
C ALA V 564 -60.79 -151.59 114.41
N ASP V 565 -61.59 -150.84 113.66
CA ASP V 565 -61.09 -149.98 112.61
C ASP V 565 -61.02 -148.52 113.03
N SER V 566 -61.93 -148.07 113.91
CA SER V 566 -61.91 -146.69 114.36
C SER V 566 -60.63 -146.35 115.11
N PHE V 567 -60.19 -147.23 116.01
CA PHE V 567 -58.97 -146.98 116.77
C PHE V 567 -57.73 -147.05 115.87
N LYS V 568 -57.73 -147.95 114.89
CA LYS V 568 -56.63 -147.99 113.94
C LYS V 568 -56.55 -146.69 113.14
N ALA V 569 -57.70 -146.18 112.69
CA ALA V 569 -57.71 -144.92 111.97
C ALA V 569 -57.24 -143.77 112.87
N THR V 570 -57.68 -143.77 114.14
CA THR V 570 -57.25 -142.72 115.06
C THR V 570 -55.74 -142.77 115.29
N ARG V 571 -55.18 -143.97 115.46
CA ARG V 571 -53.75 -144.10 115.64
C ARG V 571 -52.99 -143.64 114.40
N PHE V 572 -53.47 -144.00 113.22
CA PHE V 572 -52.83 -143.56 111.99
C PHE V 572 -52.87 -142.03 111.86
N ASN V 573 -54.02 -141.43 112.19
CA ASN V 573 -54.12 -139.98 112.14
C ASN V 573 -53.19 -139.31 113.12
N LEU V 574 -53.09 -139.86 114.34
CA LEU V 574 -52.19 -139.28 115.33
C LEU V 574 -50.73 -139.40 114.89
N GLU V 575 -50.35 -140.54 114.33
CA GLU V 575 -48.99 -140.70 113.83
C GLU V 575 -48.70 -139.73 112.70
N THR V 576 -49.66 -139.56 111.78
CA THR V 576 -49.48 -138.62 110.68
C THR V 576 -49.34 -137.19 111.21
N GLU V 577 -50.15 -136.82 112.19
CA GLU V 577 -50.07 -135.49 112.78
C GLU V 577 -48.72 -135.27 113.44
N TRP V 578 -48.23 -136.26 114.19
CA TRP V 578 -46.94 -136.14 114.85
C TRP V 578 -45.82 -136.01 113.82
N LYS V 579 -45.87 -136.80 112.75
CA LYS V 579 -44.85 -136.71 111.71
C LYS V 579 -44.89 -135.37 111.00
N ASN V 580 -46.09 -134.86 110.71
CA ASN V 580 -46.21 -133.60 109.98
C ASN V 580 -45.76 -132.41 110.83
N ASN V 581 -46.15 -132.39 112.11
CA ASN V 581 -45.75 -131.29 112.97
C ASN V 581 -44.25 -131.29 113.22
N TYR V 582 -43.63 -132.47 113.25
CA TYR V 582 -42.20 -132.61 113.51
C TYR V 582 -41.58 -133.48 112.42
N PRO V 583 -41.38 -132.92 111.22
CA PRO V 583 -40.76 -133.72 110.15
C PRO V 583 -39.36 -134.22 110.47
N ARG V 584 -38.59 -133.45 111.25
CA ARG V 584 -37.22 -133.81 111.59
C ARG V 584 -37.09 -134.36 113.01
N LEU V 585 -38.20 -134.53 113.72
CA LEU V 585 -38.19 -135.06 115.08
C LEU V 585 -39.14 -136.24 115.18
N ARG V 586 -38.65 -137.33 115.76
CA ARG V 586 -39.44 -138.52 115.95
C ARG V 586 -40.14 -138.47 117.31
N GLU V 587 -40.73 -139.59 117.73
CA GLU V 587 -41.43 -139.65 119.00
C GLU V 587 -40.50 -139.30 120.16
N LEU V 588 -40.96 -138.41 121.05
CA LEU V 588 -40.18 -137.95 122.20
C LEU V 588 -41.06 -138.08 123.43
N ASP V 589 -41.01 -139.23 124.09
CA ASP V 589 -41.78 -139.46 125.30
C ASP V 589 -41.00 -138.99 126.53
N ARG V 590 -41.54 -139.25 127.71
CA ARG V 590 -40.92 -138.79 128.94
C ARG V 590 -39.56 -139.44 129.16
N ASN V 591 -39.46 -140.75 128.91
CA ASN V 591 -38.21 -141.46 129.19
C ASN V 591 -37.09 -140.99 128.28
N GLU V 592 -37.34 -140.93 126.96
CA GLU V 592 -36.31 -140.53 126.03
C GLU V 592 -35.90 -139.08 126.25
N LEU V 593 -36.87 -138.19 126.50
CA LEU V 593 -36.54 -136.79 126.73
C LEU V 593 -35.75 -136.61 128.03
N PHE V 594 -36.11 -137.36 129.07
CA PHE V 594 -35.35 -137.29 130.33
C PHE V 594 -33.93 -137.80 130.13
N GLU V 595 -33.77 -138.89 129.39
CA GLU V 595 -32.43 -139.41 129.12
C GLU V 595 -31.60 -138.41 128.30
N LYS V 596 -32.23 -137.77 127.31
CA LYS V 596 -31.53 -136.77 126.52
C LYS V 596 -31.13 -135.57 127.36
N ALA V 597 -32.01 -135.14 128.27
CA ALA V 597 -31.66 -134.03 129.16
C ALA V 597 -30.51 -134.40 130.09
N LYS V 598 -30.52 -135.63 130.61
CA LYS V 598 -29.43 -136.09 131.46
C LYS V 598 -28.12 -136.12 130.69
N ASN V 599 -28.15 -136.62 129.45
CA ASN V 599 -26.95 -136.66 128.62
C ASN V 599 -26.45 -135.25 128.31
N GLU V 600 -27.36 -134.32 128.03
CA GLU V 600 -26.95 -132.93 127.78
C GLU V 600 -26.33 -132.30 129.01
N ILE V 601 -26.89 -132.58 130.19
CA ILE V 601 -26.33 -132.07 131.43
C ILE V 601 -24.93 -132.64 131.65
N LEU V 602 -24.75 -133.94 131.40
CA LEU V 602 -23.44 -134.55 131.53
C LEU V 602 -22.43 -133.95 130.57
N ASP V 603 -22.86 -133.71 129.32
CA ASP V 603 -21.96 -133.09 128.34
C ASP V 603 -21.59 -131.67 128.75
N GLU V 604 -22.55 -130.91 129.28
CA GLU V 604 -22.26 -129.56 129.74
C GLU V 604 -21.28 -129.59 130.91
N VAL V 605 -21.46 -130.52 131.84
CA VAL V 605 -20.53 -130.65 132.96
C VAL V 605 -19.14 -131.02 132.46
N ILE V 606 -19.06 -131.92 131.49
CA ILE V 606 -17.77 -132.31 130.92
C ILE V 606 -17.08 -131.11 130.28
N SER V 607 -17.84 -130.34 129.50
CA SER V 607 -17.29 -129.15 128.85
C SER V 607 -16.83 -128.13 129.89
N LEU V 608 -17.60 -127.95 130.96
CA LEU V 608 -17.20 -127.05 132.03
C LEU V 608 -15.90 -127.50 132.68
N SER V 609 -15.76 -128.81 132.92
CA SER V 609 -14.54 -129.32 133.53
C SER V 609 -13.35 -129.26 132.57
N GLN V 610 -13.62 -129.26 131.27
CA GLN V 610 -12.56 -129.28 130.27
C GLN V 610 -12.04 -127.88 129.90
N VAL V 611 -12.62 -126.82 130.46
CA VAL V 611 -12.14 -125.48 130.17
C VAL V 611 -10.74 -125.29 130.77
N THR V 612 -9.88 -124.60 130.02
CA THR V 612 -8.51 -124.37 130.47
C THR V 612 -8.50 -123.56 131.76
N PRO V 613 -7.78 -124.00 132.79
CA PRO V 613 -7.76 -123.24 134.05
C PRO V 613 -7.22 -121.83 133.92
N LYS V 614 -6.35 -121.58 132.94
CA LYS V 614 -5.77 -120.25 132.79
C LYS V 614 -6.84 -119.21 132.48
N HIS V 615 -7.80 -119.54 131.62
CA HIS V 615 -8.89 -118.62 131.32
C HIS V 615 -9.72 -118.34 132.57
N TRP V 616 -10.00 -119.38 133.37
CA TRP V 616 -10.72 -119.19 134.62
C TRP V 616 -9.96 -118.26 135.55
N GLU V 617 -8.65 -118.45 135.68
CA GLU V 617 -7.86 -117.60 136.55
C GLU V 617 -7.88 -116.15 136.08
N GLU V 618 -7.73 -115.94 134.77
CA GLU V 618 -7.76 -114.58 134.24
C GLU V 618 -9.11 -113.92 134.47
N ILE V 619 -10.20 -114.65 134.21
CA ILE V 619 -11.54 -114.09 134.38
C ILE V 619 -11.78 -113.75 135.84
N LEU V 620 -11.42 -114.67 136.75
CA LEU V 620 -11.63 -114.43 138.17
C LEU V 620 -10.81 -113.24 138.65
N GLN V 621 -9.55 -113.14 138.22
CA GLN V 621 -8.70 -112.03 138.63
C GLN V 621 -9.28 -110.71 138.13
N GLN V 622 -9.69 -110.66 136.86
CA GLN V 622 -10.24 -109.42 136.31
C GLN V 622 -11.52 -109.02 137.03
N SER V 623 -12.42 -109.98 137.26
CA SER V 623 -13.69 -109.67 137.92
C SER V 623 -13.45 -109.21 139.35
N LEU V 624 -12.57 -109.90 140.08
CA LEU V 624 -12.30 -109.51 141.46
C LEU V 624 -11.66 -108.12 141.52
N TRP V 625 -10.71 -107.84 140.62
CA TRP V 625 -10.08 -106.52 140.61
C TRP V 625 -11.10 -105.42 140.31
N GLU V 626 -11.96 -105.65 139.32
CA GLU V 626 -12.98 -104.66 139.00
C GLU V 626 -13.95 -104.47 140.17
N ARG V 627 -14.21 -105.55 140.92
CA ARG V 627 -15.15 -105.44 142.03
C ARG V 627 -14.53 -104.70 143.21
N VAL V 628 -13.25 -104.95 143.51
CA VAL V 628 -12.65 -104.43 144.74
C VAL V 628 -11.80 -103.18 144.48
N SER V 629 -11.77 -102.67 143.24
CA SER V 629 -11.01 -101.45 142.98
C SER V 629 -11.54 -100.29 143.81
N THR V 630 -12.87 -100.09 143.82
CA THR V 630 -13.45 -99.00 144.58
C THR V 630 -13.23 -99.20 146.08
N HIS V 631 -13.38 -100.43 146.56
CA HIS V 631 -13.18 -100.70 147.98
C HIS V 631 -11.74 -100.39 148.39
N VAL V 632 -10.78 -100.83 147.58
CA VAL V 632 -9.37 -100.57 147.88
C VAL V 632 -9.09 -99.08 147.87
N ILE V 633 -9.63 -98.36 146.87
CA ILE V 633 -9.39 -96.93 146.79
C ILE V 633 -9.94 -96.22 148.03
N GLU V 634 -11.20 -96.49 148.36
CA GLU V 634 -11.85 -95.82 149.48
C GLU V 634 -11.34 -96.27 150.84
N ASN V 635 -10.65 -97.41 150.92
CA ASN V 635 -10.08 -97.87 152.17
C ASN V 635 -8.59 -97.57 152.31
N ILE V 636 -7.93 -97.14 151.24
CA ILE V 636 -6.50 -96.83 151.31
C ILE V 636 -6.26 -95.35 151.09
N TYR V 637 -6.67 -94.82 149.93
CA TYR V 637 -6.33 -93.45 149.60
C TYR V 637 -7.16 -92.44 150.40
N LEU V 638 -8.40 -92.78 150.73
CA LEU V 638 -9.24 -91.86 151.50
C LEU V 638 -8.65 -91.53 152.87
N PRO V 639 -8.21 -92.51 153.69
CA PRO V 639 -7.56 -92.12 154.95
C PRO V 639 -6.18 -91.53 154.74
N ALA V 640 -5.38 -92.10 153.85
CA ALA V 640 -4.02 -91.62 153.59
C ALA V 640 -4.02 -90.66 152.39
N ALA V 641 -4.78 -89.59 152.52
CA ALA V 641 -4.92 -88.60 151.46
C ALA V 641 -3.90 -87.47 151.54
N GLN V 642 -3.10 -87.41 152.62
CA GLN V 642 -2.14 -86.34 152.79
C GLN V 642 -0.75 -86.86 153.13
N THR V 643 -0.48 -88.13 152.88
CA THR V 643 0.84 -88.69 153.16
C THR V 643 1.87 -88.13 152.19
N MET V 644 3.05 -87.81 152.72
CA MET V 644 4.16 -87.28 151.93
C MET V 644 5.25 -88.30 151.69
N ASN V 645 5.68 -89.02 152.72
CA ASN V 645 6.70 -90.04 152.56
C ASN V 645 6.11 -91.31 151.98
N SER V 646 6.83 -91.90 151.01
CA SER V 646 6.36 -93.14 150.40
C SER V 646 6.39 -94.30 151.37
N GLY V 647 7.33 -94.29 152.32
CA GLY V 647 7.39 -95.37 153.29
C GLY V 647 6.18 -95.45 154.19
N THR V 648 5.69 -94.30 154.66
CA THR V 648 4.48 -94.29 155.49
C THR V 648 3.27 -94.78 154.69
N PHE V 649 3.18 -94.36 153.42
CA PHE V 649 2.07 -94.83 152.59
C PHE V 649 2.13 -96.34 152.38
N ASN V 650 3.34 -96.88 152.13
CA ASN V 650 3.49 -98.32 151.96
C ASN V 650 3.13 -99.06 153.25
N THR V 651 3.55 -98.53 154.39
CA THR V 651 3.21 -99.16 155.67
C THR V 651 1.70 -99.17 155.89
N THR V 652 1.04 -98.05 155.59
CA THR V 652 -0.41 -97.99 155.73
C THR V 652 -1.10 -98.97 154.79
N VAL V 653 -0.59 -99.09 153.56
CA VAL V 653 -1.16 -100.03 152.60
C VAL V 653 -1.02 -101.46 153.12
N ASP V 654 0.16 -101.80 153.66
CA ASP V 654 0.37 -103.14 154.19
C ASP V 654 -0.55 -103.41 155.38
N ILE V 655 -0.71 -102.42 156.26
CA ILE V 655 -1.59 -102.59 157.42
C ILE V 655 -3.02 -102.83 156.97
N LYS V 656 -3.48 -102.03 156.01
CA LYS V 656 -4.86 -102.19 155.51
C LYS V 656 -5.05 -103.54 154.83
N LEU V 657 -4.06 -103.98 154.05
CA LEU V 657 -4.16 -105.27 153.38
C LEU V 657 -4.21 -106.40 154.39
N LYS V 658 -3.36 -106.34 155.43
CA LYS V 658 -3.37 -107.38 156.45
C LYS V 658 -4.70 -107.40 157.20
N GLN V 659 -5.22 -106.22 157.53
CA GLN V 659 -6.51 -106.16 158.22
C GLN V 659 -7.63 -106.74 157.35
N TRP V 660 -7.62 -106.41 156.05
CA TRP V 660 -8.64 -106.94 155.15
C TRP V 660 -8.53 -108.46 155.03
N THR V 661 -7.30 -108.97 154.90
CA THR V 661 -7.12 -110.42 154.81
C THR V 661 -7.60 -111.11 156.07
N ASP V 662 -7.32 -110.52 157.24
CA ASP V 662 -7.73 -111.14 158.49
C ASP V 662 -9.25 -111.08 158.69
N LYS V 663 -9.88 -109.98 158.28
CA LYS V 663 -11.28 -109.77 158.65
C LYS V 663 -12.25 -110.50 157.73
N GLN V 664 -12.31 -110.12 156.45
CA GLN V 664 -13.35 -110.64 155.58
C GLN V 664 -12.91 -110.93 154.15
N LEU V 665 -11.64 -110.75 153.81
CA LEU V 665 -11.22 -110.96 152.42
C LEU V 665 -11.46 -112.38 151.92
N PRO V 666 -11.13 -113.45 152.68
CA PRO V 666 -11.47 -114.80 152.17
C PRO V 666 -12.95 -115.00 151.93
N ASN V 667 -13.80 -114.44 152.79
CA ASN V 667 -15.24 -114.58 152.59
C ASN V 667 -15.69 -113.87 151.31
N LYS V 668 -15.17 -112.67 151.07
CA LYS V 668 -15.50 -111.94 149.85
C LYS V 668 -15.02 -112.69 148.62
N ALA V 669 -13.81 -113.25 148.69
CA ALA V 669 -13.29 -114.02 147.55
C ALA V 669 -14.15 -115.25 147.28
N VAL V 670 -14.56 -115.95 148.35
CA VAL V 670 -15.42 -117.12 148.18
C VAL V 670 -16.76 -116.72 147.55
N GLU V 671 -17.34 -115.62 148.04
CA GLU V 671 -18.61 -115.16 147.48
C GLU V 671 -18.47 -114.79 146.02
N VAL V 672 -17.38 -114.09 145.66
CA VAL V 672 -17.17 -113.70 144.27
C VAL V 672 -16.99 -114.93 143.39
N ALA V 673 -16.22 -115.91 143.85
CA ALA V 673 -16.02 -117.14 143.07
C ALA V 673 -17.34 -117.89 142.89
N TRP V 674 -18.14 -117.97 143.95
CA TRP V 674 -19.43 -118.66 143.84
C TRP V 674 -20.36 -117.93 142.89
N GLU V 675 -20.38 -116.60 142.94
CA GLU V 675 -21.22 -115.82 142.03
C GLU V 675 -20.77 -116.01 140.58
N THR V 676 -19.46 -116.01 140.34
CA THR V 676 -18.96 -116.24 138.98
C THR V 676 -19.32 -117.63 138.48
N LEU V 677 -19.20 -118.64 139.35
CA LEU V 677 -19.58 -120.00 138.96
C LEU V 677 -21.07 -120.08 138.64
N GLN V 678 -21.90 -119.41 139.45
CA GLN V 678 -23.33 -119.39 139.17
C GLN V 678 -23.63 -118.71 137.84
N GLU V 679 -22.95 -117.60 137.56
CA GLU V 679 -23.16 -116.90 136.30
C GLU V 679 -22.75 -117.76 135.11
N GLU V 680 -21.61 -118.44 135.22
CA GLU V 680 -21.18 -119.33 134.14
C GLU V 680 -22.16 -120.48 133.94
N PHE V 681 -22.64 -121.07 135.04
CA PHE V 681 -23.61 -122.15 134.93
C PHE V 681 -24.91 -121.68 134.29
N SER V 682 -25.38 -120.49 134.68
CA SER V 682 -26.60 -119.95 134.10
C SER V 682 -26.43 -119.67 132.61
N ARG V 683 -25.28 -119.10 132.23
CA ARG V 683 -25.04 -118.82 130.81
C ARG V 683 -24.97 -120.11 130.00
N PHE V 684 -24.33 -121.14 130.56
CA PHE V 684 -24.28 -122.43 129.85
C PHE V 684 -25.66 -123.05 129.74
N MET V 685 -26.48 -122.96 130.79
CA MET V 685 -27.83 -123.51 130.73
C MET V 685 -28.70 -122.78 129.72
N THR V 686 -28.59 -121.45 129.68
CA THR V 686 -29.36 -120.61 128.76
C THR V 686 -28.39 -120.06 127.72
N GLU V 687 -28.18 -120.82 126.64
CA GLU V 687 -27.27 -120.46 125.56
C GLU V 687 -28.03 -120.53 124.25
N PRO V 688 -28.75 -119.45 123.89
CA PRO V 688 -29.60 -119.47 122.68
C PRO V 688 -28.79 -119.31 121.39
N LYS V 689 -27.75 -120.13 121.24
CA LYS V 689 -26.99 -120.14 119.99
C LYS V 689 -27.85 -120.63 118.83
N GLY V 690 -28.67 -121.64 119.08
CA GLY V 690 -29.54 -122.15 118.04
C GLY V 690 -30.66 -121.17 117.70
N LYS V 691 -31.13 -121.25 116.46
CA LYS V 691 -32.18 -120.34 115.99
C LYS V 691 -33.53 -120.66 116.62
N GLU V 692 -33.73 -121.88 117.11
CA GLU V 692 -35.01 -122.25 117.71
C GLU V 692 -35.01 -122.01 119.21
N HIS V 693 -34.10 -122.67 119.92
CA HIS V 693 -33.95 -122.54 121.37
C HIS V 693 -35.29 -122.72 122.08
N ASP V 694 -35.82 -123.94 121.93
CA ASP V 694 -37.10 -124.29 122.55
C ASP V 694 -37.04 -124.09 124.06
N ASP V 695 -38.07 -123.44 124.61
CA ASP V 695 -38.10 -123.12 126.03
C ASP V 695 -38.55 -124.28 126.91
N ILE V 696 -39.08 -125.35 126.32
CA ILE V 696 -39.51 -126.50 127.10
C ILE V 696 -38.32 -127.12 127.83
N PHE V 697 -37.20 -127.29 127.12
CA PHE V 697 -35.99 -127.80 127.77
C PHE V 697 -35.35 -126.72 128.64
N ASP V 698 -35.50 -125.45 128.25
CA ASP V 698 -34.87 -124.36 129.00
C ASP V 698 -35.46 -124.25 130.41
N LYS V 699 -36.78 -124.42 130.54
CA LYS V 699 -37.40 -124.36 131.85
C LYS V 699 -36.89 -125.47 132.76
N LEU V 700 -36.78 -126.68 132.22
CA LEU V 700 -36.25 -127.80 133.01
C LEU V 700 -34.79 -127.55 133.39
N LYS V 701 -34.00 -127.00 132.46
CA LYS V 701 -32.61 -126.69 132.77
C LYS V 701 -32.49 -125.65 133.87
N GLU V 702 -33.33 -124.62 133.82
CA GLU V 702 -33.32 -123.60 134.86
C GLU V 702 -33.75 -124.17 136.20
N ALA V 703 -34.76 -125.04 136.20
CA ALA V 703 -35.20 -125.67 137.45
C ALA V 703 -34.10 -126.52 138.05
N VAL V 704 -33.41 -127.30 137.21
CA VAL V 704 -32.30 -128.13 137.69
C VAL V 704 -31.17 -127.26 138.23
N LYS V 705 -30.88 -126.15 137.53
CA LYS V 705 -29.83 -125.24 138.00
C LYS V 705 -30.19 -124.65 139.36
N GLU V 706 -31.45 -124.23 139.53
CA GLU V 706 -31.86 -123.68 140.81
C GLU V 706 -31.79 -124.72 141.92
N GLU V 707 -32.21 -125.96 141.62
CA GLU V 707 -32.13 -127.02 142.62
C GLU V 707 -30.69 -127.31 143.00
N SER V 708 -29.79 -127.34 142.02
CA SER V 708 -28.38 -127.59 142.32
C SER V 708 -27.77 -126.44 143.13
N ILE V 709 -28.15 -125.20 142.81
CA ILE V 709 -27.64 -124.05 143.56
C ILE V 709 -28.12 -124.10 145.00
N LYS V 710 -29.39 -124.43 145.21
CA LYS V 710 -29.93 -124.50 146.57
C LYS V 710 -29.34 -125.67 147.34
N ARG V 711 -29.04 -126.78 146.66
CA ARG V 711 -28.50 -127.97 147.31
C ARG V 711 -26.99 -127.91 147.47
N HIS V 712 -26.32 -126.95 146.84
CA HIS V 712 -24.86 -126.87 146.91
C HIS V 712 -24.40 -126.55 148.33
N LYS V 713 -23.28 -127.15 148.72
CA LYS V 713 -22.71 -126.97 150.05
C LYS V 713 -21.26 -126.52 149.93
N TRP V 714 -20.76 -125.90 151.00
CA TRP V 714 -19.38 -125.41 151.05
C TRP V 714 -18.69 -125.97 152.28
N ASN V 715 -17.37 -126.10 152.19
CA ASN V 715 -16.55 -126.67 153.25
C ASN V 715 -15.73 -125.56 153.90
N ASP V 716 -15.78 -125.50 155.24
CA ASP V 716 -15.02 -124.48 155.96
C ASP V 716 -13.51 -124.75 155.90
N PHE V 717 -13.11 -126.01 155.70
CA PHE V 717 -11.70 -126.31 155.54
C PHE V 717 -11.13 -125.63 154.30
N ALA V 718 -11.91 -125.59 153.21
CA ALA V 718 -11.49 -124.86 152.03
C ALA V 718 -11.32 -123.38 152.32
N GLU V 719 -12.24 -122.80 153.10
CA GLU V 719 -12.12 -121.39 153.46
C GLU V 719 -10.86 -121.13 154.29
N ASP V 720 -10.57 -122.02 155.24
CA ASP V 720 -9.37 -121.86 156.05
C ASP V 720 -8.11 -121.98 155.21
N SER V 721 -8.08 -122.94 154.27
CA SER V 721 -6.94 -123.08 153.38
C SER V 721 -6.77 -121.85 152.51
N LEU V 722 -7.88 -121.30 152.00
CA LEU V 722 -7.82 -120.09 151.20
C LEU V 722 -7.28 -118.92 152.01
N ARG V 723 -7.72 -118.79 153.26
CA ARG V 723 -7.22 -117.72 154.12
C ARG V 723 -5.72 -117.87 154.36
N VAL V 724 -5.28 -119.09 154.64
CA VAL V 724 -3.87 -119.34 154.89
C VAL V 724 -3.03 -119.02 153.66
N ILE V 725 -3.50 -119.44 152.48
CA ILE V 725 -2.75 -119.19 151.25
C ILE V 725 -2.73 -117.70 150.92
N GLN V 726 -3.85 -117.01 151.15
CA GLN V 726 -3.88 -115.56 150.93
C GLN V 726 -2.90 -114.84 151.85
N HIS V 727 -2.83 -115.25 153.12
CA HIS V 727 -1.88 -114.65 154.03
C HIS V 727 -0.44 -114.96 153.62
N ASN V 728 -0.18 -116.18 153.14
CA ASN V 728 1.18 -116.57 152.78
C ASN V 728 1.61 -115.98 151.44
N ALA V 729 0.66 -115.53 150.61
CA ALA V 729 1.00 -115.01 149.29
C ALA V 729 1.62 -113.62 149.37
N LEU V 730 2.83 -113.55 149.91
CA LEU V 730 3.58 -112.30 149.98
C LEU V 730 5.02 -112.55 149.53
N GLU V 731 5.17 -113.23 148.40
CA GLU V 731 6.47 -113.68 147.92
C GLU V 731 7.26 -112.57 147.24
N ASP V 732 6.73 -112.02 146.15
CA ASP V 732 7.45 -111.04 145.36
C ASP V 732 7.02 -109.62 145.75
N ARG V 733 7.99 -108.72 145.84
CA ARG V 733 7.74 -107.34 146.23
C ARG V 733 8.43 -106.31 145.35
N SER V 734 9.22 -106.72 144.35
CA SER V 734 9.93 -105.79 143.49
C SER V 734 9.94 -106.31 142.07
N ILE V 735 10.13 -105.39 141.12
CA ILE V 735 10.18 -105.72 139.70
C ILE V 735 11.62 -105.59 139.23
N SER V 736 12.16 -106.67 138.65
CA SER V 736 13.50 -106.67 138.10
C SER V 736 13.50 -106.86 136.59
N ASP V 737 12.34 -106.75 135.94
CA ASP V 737 12.21 -106.94 134.50
C ASP V 737 11.67 -105.67 133.88
N LYS V 738 12.30 -105.24 132.78
CA LYS V 738 11.81 -104.07 132.06
C LYS V 738 10.44 -104.32 131.45
N GLN V 739 10.23 -105.51 130.89
CA GLN V 739 8.94 -105.84 130.29
C GLN V 739 7.83 -105.88 131.33
N GLN V 740 8.11 -106.47 132.50
CA GLN V 740 7.12 -106.49 133.57
C GLN V 740 6.84 -105.08 134.07
N TRP V 741 7.87 -104.24 134.15
CA TRP V 741 7.68 -102.86 134.55
C TRP V 741 6.78 -102.12 133.55
N ASP V 742 7.01 -102.34 132.26
CA ASP V 742 6.17 -101.70 131.24
C ASP V 742 4.74 -102.21 131.30
N ALA V 743 4.56 -103.51 131.53
CA ALA V 743 3.20 -104.05 131.66
C ALA V 743 2.47 -103.47 132.86
N ALA V 744 3.17 -103.34 134.00
CA ALA V 744 2.58 -102.73 135.17
C ALA V 744 2.24 -101.26 134.91
N ILE V 745 3.12 -100.55 134.20
CA ILE V 745 2.84 -99.16 133.85
C ILE V 745 1.59 -99.06 132.98
N TYR V 746 1.46 -99.95 132.00
CA TYR V 746 0.29 -99.91 131.12
C TYR V 746 -0.99 -100.24 131.88
N PHE V 747 -0.94 -101.22 132.78
CA PHE V 747 -2.13 -101.56 133.57
C PHE V 747 -2.52 -100.40 134.48
N MET V 748 -1.53 -99.77 135.13
CA MET V 748 -1.81 -98.63 135.99
C MET V 748 -2.37 -97.47 135.18
N GLU V 749 -1.84 -97.24 133.98
CA GLU V 749 -2.36 -96.19 133.12
C GLU V 749 -3.80 -96.46 132.72
N GLU V 750 -4.12 -97.72 132.40
CA GLU V 750 -5.50 -98.07 132.06
C GLU V 750 -6.43 -97.83 133.24
N ALA V 751 -6.02 -98.25 134.44
CA ALA V 751 -6.84 -98.04 135.62
C ALA V 751 -7.04 -96.56 135.91
N LEU V 752 -5.97 -95.76 135.79
CA LEU V 752 -6.09 -94.33 136.06
C LEU V 752 -6.93 -93.63 135.00
N GLN V 753 -6.84 -94.08 133.74
CA GLN V 753 -7.70 -93.52 132.71
C GLN V 753 -9.17 -93.85 132.97
N ALA V 754 -9.45 -95.07 133.43
CA ALA V 754 -10.82 -95.42 133.78
C ALA V 754 -11.32 -94.56 134.93
N ARG V 755 -10.48 -94.35 135.94
CA ARG V 755 -10.86 -93.50 137.07
C ARG V 755 -11.09 -92.06 136.61
N LEU V 756 -10.24 -91.56 135.71
CA LEU V 756 -10.41 -90.22 135.19
C LEU V 756 -11.71 -90.08 134.40
N LYS V 757 -12.05 -91.09 133.61
CA LYS V 757 -13.32 -91.07 132.87
C LYS V 757 -14.50 -91.07 133.83
N ASP V 758 -14.43 -91.89 134.89
CA ASP V 758 -15.51 -91.89 135.88
C ASP V 758 -15.64 -90.53 136.56
N THR V 759 -14.51 -89.91 136.91
CA THR V 759 -14.55 -88.60 137.53
C THR V 759 -15.11 -87.55 136.58
N GLU V 760 -14.75 -87.62 135.30
CA GLU V 760 -15.28 -86.70 134.31
C GLU V 760 -16.78 -86.87 134.16
N ASN V 761 -17.26 -88.13 134.15
CA ASN V 761 -18.70 -88.37 134.07
C ASN V 761 -19.42 -87.80 135.29
N ALA V 762 -18.85 -88.00 136.48
CA ALA V 762 -19.45 -87.45 137.69
C ALA V 762 -19.50 -85.93 137.65
N ILE V 763 -18.41 -85.30 137.20
CA ILE V 763 -18.37 -83.84 137.11
C ILE V 763 -19.39 -83.34 136.11
N GLU V 764 -19.51 -84.01 134.96
CA GLU V 764 -20.49 -83.60 133.96
C GLU V 764 -21.91 -83.76 134.49
N ASN V 765 -22.19 -84.84 135.22
CA ASN V 765 -23.49 -85.00 135.83
C ASN V 765 -23.78 -83.90 136.84
N MET V 766 -22.77 -83.53 137.64
CA MET V 766 -22.96 -82.48 138.64
C MET V 766 -23.19 -81.12 138.00
N VAL V 767 -22.47 -80.82 136.92
CA VAL V 767 -22.49 -79.47 136.33
C VAL V 767 -23.15 -79.48 134.97
N GLY V 768 -22.56 -80.20 134.01
CA GLY V 768 -23.06 -80.22 132.65
C GLY V 768 -21.98 -79.88 131.64
N PRO V 769 -22.37 -79.24 130.55
CA PRO V 769 -21.39 -78.87 129.51
C PRO V 769 -20.33 -77.93 130.07
N ASP V 770 -19.10 -78.13 129.63
CA ASP V 770 -17.95 -77.36 130.10
C ASP V 770 -17.08 -76.94 128.92
N TRP V 771 -16.56 -75.71 128.99
CA TRP V 771 -15.60 -75.18 128.02
C TRP V 771 -16.24 -75.21 126.63
N LYS V 772 -15.68 -75.93 125.66
CA LYS V 772 -16.17 -75.91 124.29
C LYS V 772 -17.60 -76.41 124.19
N LYS V 773 -17.94 -77.44 124.97
CA LYS V 773 -19.31 -77.96 124.96
C LYS V 773 -20.29 -76.92 125.46
N ARG V 774 -19.92 -76.17 126.51
CA ARG V 774 -20.82 -75.16 127.06
C ARG V 774 -20.95 -73.96 126.12
N TRP V 775 -19.84 -73.50 125.56
CA TRP V 775 -19.83 -72.30 124.74
C TRP V 775 -20.16 -72.58 123.27
N LEU V 776 -20.39 -73.83 122.89
CA LEU V 776 -20.75 -74.13 121.51
C LEU V 776 -22.07 -73.48 121.13
N TYR V 777 -23.06 -73.56 122.03
CA TYR V 777 -24.35 -72.93 121.77
C TYR V 777 -24.26 -71.42 121.91
N TRP V 778 -23.55 -70.94 122.93
CA TRP V 778 -23.30 -69.54 123.25
C TRP V 778 -24.56 -68.81 123.70
N LYS V 779 -25.73 -69.48 123.72
CA LYS V 779 -26.97 -68.86 124.15
C LYS V 779 -27.68 -69.64 125.25
N ASN V 780 -27.17 -70.81 125.64
CA ASN V 780 -27.77 -71.62 126.68
C ASN V 780 -26.96 -71.47 127.96
N ARG V 781 -27.57 -70.85 128.98
CA ARG V 781 -26.92 -70.64 130.26
C ARG V 781 -27.91 -70.89 131.38
N THR V 782 -27.42 -71.50 132.46
CA THR V 782 -28.22 -71.82 133.63
C THR V 782 -27.50 -71.29 134.87
N GLN V 783 -28.26 -70.71 135.81
CA GLN V 783 -27.65 -70.16 137.01
C GLN V 783 -27.00 -71.24 137.86
N GLU V 784 -27.60 -72.43 137.90
CA GLU V 784 -27.03 -73.52 138.70
C GLU V 784 -25.67 -73.95 138.17
N GLN V 785 -25.56 -74.17 136.86
CA GLN V 785 -24.28 -74.53 136.28
C GLN V 785 -23.30 -73.37 136.26
N CYS V 786 -23.80 -72.13 136.18
CA CYS V 786 -22.90 -70.98 136.24
C CYS V 786 -22.22 -70.89 137.60
N VAL V 787 -22.96 -71.18 138.68
CA VAL V 787 -22.37 -71.17 140.02
C VAL V 787 -21.29 -72.23 140.12
N HIS V 788 -21.56 -73.43 139.60
CA HIS V 788 -20.57 -74.49 139.63
C HIS V 788 -19.33 -74.12 138.81
N ASN V 789 -19.53 -73.49 137.65
CA ASN V 789 -18.41 -73.06 136.83
C ASN V 789 -17.57 -72.01 137.55
N GLU V 790 -18.22 -71.06 138.21
CA GLU V 790 -17.49 -70.04 138.95
C GLU V 790 -16.70 -70.66 140.11
N THR V 791 -17.31 -71.61 140.82
CA THR V 791 -16.60 -72.29 141.90
C THR V 791 -15.40 -73.07 141.37
N LYS V 792 -15.57 -73.75 140.23
CA LYS V 792 -14.47 -74.49 139.62
C LYS V 792 -13.34 -73.55 139.22
N ASN V 793 -13.69 -72.40 138.63
CA ASN V 793 -12.66 -71.43 138.25
C ASN V 793 -11.93 -70.88 139.47
N GLU V 794 -12.67 -70.59 140.54
CA GLU V 794 -12.04 -70.08 141.75
C GLU V 794 -11.09 -71.12 142.34
N LEU V 795 -11.51 -72.38 142.38
CA LEU V 795 -10.66 -73.43 142.92
C LEU V 795 -9.43 -73.66 142.05
N GLU V 796 -9.60 -73.58 140.72
CA GLU V 796 -8.45 -73.69 139.82
C GLU V 796 -7.46 -72.56 140.04
N LYS V 797 -7.95 -71.33 140.22
CA LYS V 797 -7.07 -70.21 140.49
C LYS V 797 -6.37 -70.38 141.83
N MET V 798 -7.08 -70.91 142.84
CA MET V 798 -6.46 -71.16 144.14
C MET V 798 -5.34 -72.19 144.03
N LEU V 799 -5.58 -73.25 143.25
CA LEU V 799 -4.53 -74.25 143.03
C LEU V 799 -3.35 -73.66 142.27
N LYS V 800 -3.63 -72.80 141.29
CA LYS V 800 -2.54 -72.16 140.56
C LYS V 800 -1.70 -71.28 141.49
N CYS V 801 -2.36 -70.55 142.40
CA CYS V 801 -1.62 -69.75 143.37
C CYS V 801 -1.00 -70.61 144.45
N ASN V 802 -1.70 -71.65 144.90
CA ASN V 802 -1.24 -72.53 145.97
C ASN V 802 -1.44 -73.98 145.52
N GLU V 803 -0.37 -74.58 144.99
CA GLU V 803 -0.46 -75.94 144.47
C GLU V 803 -0.77 -76.94 145.59
N GLU V 804 -0.16 -76.78 146.75
CA GLU V 804 -0.33 -77.70 147.87
C GLU V 804 -1.30 -77.11 148.87
N HIS V 805 -2.35 -77.87 149.20
CA HIS V 805 -3.37 -77.44 150.15
C HIS V 805 -3.87 -78.65 150.91
N PRO V 806 -4.13 -78.53 152.20
CA PRO V 806 -4.69 -79.65 152.95
C PRO V 806 -6.09 -80.00 152.47
N ALA V 807 -6.43 -81.29 152.60
CA ALA V 807 -7.73 -81.76 152.14
C ALA V 807 -8.87 -81.10 152.91
N TYR V 808 -8.71 -80.98 154.23
CA TYR V 808 -9.74 -80.35 155.04
C TYR V 808 -9.77 -78.84 154.81
N LEU V 809 -10.92 -78.24 155.09
CA LEU V 809 -11.12 -76.80 154.95
C LEU V 809 -11.35 -76.19 156.31
N ALA V 810 -10.52 -75.21 156.67
CA ALA V 810 -10.68 -74.50 157.93
C ALA V 810 -11.80 -73.47 157.84
N SER V 811 -12.22 -72.99 159.01
CA SER V 811 -13.33 -72.04 159.06
C SER V 811 -12.99 -70.73 158.35
N ASP V 812 -11.77 -70.22 158.56
CA ASP V 812 -11.37 -68.96 157.92
C ASP V 812 -11.29 -69.12 156.41
N GLU V 813 -10.81 -70.27 155.93
CA GLU V 813 -10.75 -70.50 154.49
C GLU V 813 -12.15 -70.52 153.88
N ILE V 814 -13.09 -71.20 154.54
CA ILE V 814 -14.46 -71.24 154.06
C ILE V 814 -15.08 -69.85 154.05
N THR V 815 -14.83 -69.08 155.11
CA THR V 815 -15.36 -67.72 155.18
C THR V 815 -14.79 -66.86 154.06
N THR V 816 -13.48 -66.97 153.80
CA THR V 816 -12.87 -66.20 152.72
C THR V 816 -13.43 -66.58 151.36
N VAL V 817 -13.61 -67.89 151.13
CA VAL V 817 -14.16 -68.34 149.86
C VAL V 817 -15.58 -67.83 149.68
N ARG V 818 -16.39 -67.91 150.74
CA ARG V 818 -17.76 -67.42 150.67
C ARG V 818 -17.81 -65.92 150.41
N LYS V 819 -16.93 -65.15 151.07
CA LYS V 819 -16.88 -63.71 150.83
C LYS V 819 -16.47 -63.40 149.39
N ASN V 820 -15.49 -64.14 148.86
CA ASN V 820 -15.08 -63.93 147.48
C ASN V 820 -16.22 -64.25 146.52
N LEU V 821 -16.97 -65.32 146.79
CA LEU V 821 -18.11 -65.66 145.95
C LEU V 821 -19.19 -64.59 146.02
N GLU V 822 -19.48 -64.10 147.22
CA GLU V 822 -20.53 -63.09 147.40
C GLU V 822 -20.10 -61.70 146.95
N SER V 823 -18.81 -61.48 146.72
CA SER V 823 -18.37 -60.19 146.21
C SER V 823 -19.00 -59.88 144.86
N ARG V 824 -19.10 -60.88 143.98
CA ARG V 824 -19.73 -60.71 142.69
C ARG V 824 -21.22 -61.06 142.71
N GLY V 825 -21.76 -61.45 143.87
CA GLY V 825 -23.18 -61.72 143.98
C GLY V 825 -23.54 -63.19 143.82
N VAL V 826 -22.73 -64.08 144.39
CA VAL V 826 -22.96 -65.52 144.33
C VAL V 826 -22.97 -66.06 145.74
N GLU V 827 -24.06 -66.69 146.14
CA GLU V 827 -24.21 -67.31 147.45
C GLU V 827 -24.29 -68.82 147.28
N VAL V 828 -23.37 -69.54 147.90
CA VAL V 828 -23.27 -70.99 147.78
C VAL V 828 -23.27 -71.60 149.17
N ASP V 829 -24.05 -72.68 149.34
CA ASP V 829 -24.10 -73.37 150.62
C ASP V 829 -22.75 -74.02 150.91
N PRO V 830 -22.37 -74.12 152.19
CA PRO V 830 -21.07 -74.73 152.52
C PRO V 830 -20.93 -76.17 152.07
N SER V 831 -22.02 -76.94 152.04
CA SER V 831 -21.94 -78.33 151.61
C SER V 831 -21.52 -78.43 150.15
N LEU V 832 -22.11 -77.60 149.29
CA LEU V 832 -21.72 -77.60 147.88
C LEU V 832 -20.29 -77.14 147.70
N ILE V 833 -19.85 -76.16 148.50
CA ILE V 833 -18.46 -75.70 148.43
C ILE V 833 -17.52 -76.84 148.80
N LYS V 834 -17.83 -77.58 149.86
CA LYS V 834 -16.99 -78.69 150.27
C LYS V 834 -16.97 -79.79 149.21
N ASP V 835 -18.12 -80.09 148.61
CA ASP V 835 -18.17 -81.11 147.57
C ASP V 835 -17.34 -80.71 146.36
N THR V 836 -17.47 -79.45 145.92
CA THR V 836 -16.68 -78.98 144.79
C THR V 836 -15.19 -78.99 145.12
N TRP V 837 -14.83 -78.61 146.34
CA TRP V 837 -13.42 -78.66 146.75
C TRP V 837 -12.89 -80.08 146.73
N HIS V 838 -13.69 -81.04 147.21
CA HIS V 838 -13.28 -82.44 147.19
C HIS V 838 -13.09 -82.94 145.77
N GLN V 839 -14.02 -82.58 144.88
CA GLN V 839 -13.89 -83.02 143.48
C GLN V 839 -12.66 -82.41 142.82
N VAL V 840 -12.40 -81.12 143.07
CA VAL V 840 -11.25 -80.46 142.49
C VAL V 840 -9.95 -81.04 143.06
N TYR V 841 -9.95 -81.37 144.34
CA TYR V 841 -8.79 -81.99 144.98
C TYR V 841 -8.51 -83.36 144.35
N ARG V 842 -9.56 -84.14 144.13
CA ARG V 842 -9.42 -85.45 143.48
C ARG V 842 -8.88 -85.29 142.06
N ARG V 843 -9.41 -84.31 141.31
CA ARG V 843 -8.94 -84.09 139.95
C ARG V 843 -7.47 -83.67 139.93
N HIS V 844 -7.07 -82.80 140.87
CA HIS V 844 -5.69 -82.36 140.94
C HIS V 844 -4.75 -83.52 141.25
N PHE V 845 -5.15 -84.38 142.19
CA PHE V 845 -4.30 -85.54 142.48
C PHE V 845 -4.31 -86.57 141.36
N LEU V 846 -5.41 -86.67 140.60
CA LEU V 846 -5.39 -87.52 139.42
C LEU V 846 -4.41 -87.00 138.38
N LYS V 847 -4.38 -85.68 138.16
CA LYS V 847 -3.41 -85.09 137.25
C LYS V 847 -1.99 -85.30 137.74
N THR V 848 -1.78 -85.15 139.05
CA THR V 848 -0.46 -85.38 139.63
C THR V 848 -0.02 -86.84 139.43
N ALA V 849 -0.95 -87.77 139.63
CA ALA V 849 -0.64 -89.18 139.41
C ALA V 849 -0.31 -89.45 137.94
N LEU V 850 -1.05 -88.81 137.02
CA LEU V 850 -0.73 -88.97 135.60
C LEU V 850 0.66 -88.44 135.28
N ASN V 851 1.03 -87.28 135.84
CA ASN V 851 2.37 -86.75 135.64
C ASN V 851 3.43 -87.69 136.24
N HIS V 852 3.14 -88.26 137.41
CA HIS V 852 4.06 -89.21 138.02
C HIS V 852 4.24 -90.45 137.15
N CYS V 853 3.15 -90.93 136.54
CA CYS V 853 3.24 -92.06 135.61
C CYS V 853 4.08 -91.70 134.40
N ASN V 854 3.89 -90.49 133.86
CA ASN V 854 4.68 -90.05 132.72
C ASN V 854 6.17 -90.01 133.08
N LEU V 855 6.48 -89.51 134.28
CA LEU V 855 7.88 -89.48 134.72
C LEU V 855 8.42 -90.90 134.91
N CYS V 856 7.65 -91.79 135.53
CA CYS V 856 8.11 -93.15 135.77
C CYS V 856 8.25 -93.95 134.49
N ARG V 857 7.57 -93.52 133.40
CA ARG V 857 7.75 -94.20 132.12
C ARG V 857 9.18 -94.13 131.62
N ARG V 858 9.95 -93.12 132.07
CA ARG V 858 11.37 -92.97 131.65
C ARG V 858 12.27 -93.13 132.87
N GLY V 859 11.71 -93.10 134.07
CA GLY V 859 12.48 -93.20 135.30
C GLY V 859 12.89 -94.59 135.70
N PHE V 860 12.80 -95.58 134.81
CA PHE V 860 13.25 -96.93 135.14
C PHE V 860 14.73 -97.00 135.44
N TYR V 861 15.53 -96.10 134.84
CA TYR V 861 16.96 -96.08 135.15
C TYR V 861 17.19 -95.73 136.62
N TYR V 862 16.48 -94.71 137.12
CA TYR V 862 16.56 -94.38 138.54
C TYR V 862 15.98 -95.49 139.40
N TYR V 863 14.86 -96.07 138.98
CA TYR V 863 14.18 -97.07 139.79
C TYR V 863 15.03 -98.32 139.96
N GLN V 864 15.67 -98.78 138.89
CA GLN V 864 16.40 -100.05 138.94
C GLN V 864 17.60 -99.95 139.88
N ARG V 865 18.34 -98.84 139.84
CA ARG V 865 19.55 -98.70 140.64
C ARG V 865 19.33 -98.04 141.99
N HIS V 866 18.23 -97.30 142.16
CA HIS V 866 17.91 -96.64 143.42
C HIS V 866 19.04 -95.72 143.87
N PHE V 867 19.29 -94.68 143.07
CA PHE V 867 20.33 -93.73 143.37
C PHE V 867 20.03 -92.97 144.66
N VAL V 868 21.10 -92.55 145.34
CA VAL V 868 20.95 -91.80 146.59
C VAL V 868 20.23 -90.47 146.32
N ASP V 869 20.65 -89.76 145.29
CA ASP V 869 20.02 -88.50 144.90
C ASP V 869 18.94 -88.73 143.84
N SER V 870 18.00 -89.62 144.16
CA SER V 870 16.95 -89.95 143.20
C SER V 870 15.95 -88.80 143.09
N GLU V 871 15.66 -88.40 141.86
CA GLU V 871 14.70 -87.34 141.58
C GLU V 871 13.29 -87.87 141.37
N LEU V 872 13.08 -89.18 141.51
CA LEU V 872 11.76 -89.78 141.27
C LEU V 872 11.67 -91.06 142.07
N GLU V 873 10.59 -91.21 142.84
CA GLU V 873 10.34 -92.40 143.65
C GLU V 873 9.08 -93.08 143.11
N CYS V 874 9.27 -94.10 142.28
CA CYS V 874 8.15 -94.83 141.69
C CYS V 874 7.77 -95.97 142.64
N ASN V 875 6.69 -95.77 143.39
CA ASN V 875 6.17 -96.79 144.30
C ASN V 875 4.77 -97.27 143.96
N ASP V 876 3.96 -96.42 143.31
CA ASP V 876 2.62 -96.84 142.92
C ASP V 876 2.66 -97.97 141.91
N VAL V 877 3.62 -97.93 140.98
CA VAL V 877 3.76 -99.00 139.99
C VAL V 877 4.05 -100.33 140.68
N VAL V 878 4.98 -100.31 141.63
CA VAL V 878 5.35 -101.53 142.35
C VAL V 878 4.17 -102.03 143.16
N LEU V 879 3.45 -101.12 143.83
CA LEU V 879 2.29 -101.53 144.62
C LEU V 879 1.21 -102.16 143.74
N PHE V 880 0.94 -101.56 142.58
CA PHE V 880 -0.07 -102.11 141.68
C PHE V 880 0.35 -103.46 141.13
N TRP V 881 1.65 -103.61 140.82
CA TRP V 881 2.13 -104.92 140.36
C TRP V 881 2.00 -105.97 141.44
N ARG V 882 2.31 -105.61 142.69
CA ARG V 882 2.14 -106.54 143.80
C ARG V 882 0.67 -106.94 143.96
N ILE V 883 -0.23 -105.96 143.86
CA ILE V 883 -1.66 -106.26 143.96
C ILE V 883 -2.08 -107.19 142.83
N GLN V 884 -1.60 -106.94 141.61
CA GLN V 884 -1.97 -107.75 140.47
C GLN V 884 -1.49 -109.19 140.64
N ARG V 885 -0.23 -109.37 141.08
CA ARG V 885 0.28 -110.73 141.23
C ARG V 885 -0.41 -111.46 142.39
N MET V 886 -0.71 -110.74 143.47
CA MET V 886 -1.46 -111.36 144.57
C MET V 886 -2.85 -111.78 144.13
N LEU V 887 -3.52 -110.93 143.33
CA LEU V 887 -4.83 -111.28 142.81
C LEU V 887 -4.75 -112.48 141.90
N ALA V 888 -3.71 -112.55 141.06
CA ALA V 888 -3.55 -113.70 140.17
C ALA V 888 -3.34 -114.98 140.98
N ILE V 889 -2.51 -114.91 142.03
CA ILE V 889 -2.28 -116.09 142.88
C ILE V 889 -3.58 -116.51 143.56
N THR V 890 -4.34 -115.54 144.08
CA THR V 890 -5.60 -115.85 144.74
C THR V 890 -6.59 -116.48 143.77
N ALA V 891 -6.67 -115.95 142.54
CA ALA V 891 -7.57 -116.52 141.54
C ALA V 891 -7.16 -117.93 141.17
N ASN V 892 -5.86 -118.19 141.01
CA ASN V 892 -5.40 -119.53 140.69
C ASN V 892 -5.74 -120.50 141.82
N THR V 893 -5.53 -120.08 143.07
CA THR V 893 -5.87 -120.93 144.22
C THR V 893 -7.36 -121.20 144.27
N LEU V 894 -8.17 -120.18 144.03
CA LEU V 894 -9.63 -120.35 144.02
C LEU V 894 -10.06 -121.33 142.94
N ARG V 895 -9.49 -121.20 141.74
CA ARG V 895 -9.83 -122.12 140.65
C ARG V 895 -9.42 -123.54 140.99
N GLN V 896 -8.23 -123.72 141.57
CA GLN V 896 -7.77 -125.06 141.92
C GLN V 896 -8.68 -125.69 142.98
N GLN V 897 -9.01 -124.94 144.03
CA GLN V 897 -9.89 -125.47 145.07
C GLN V 897 -11.28 -125.75 144.53
N LEU V 898 -11.78 -124.88 143.64
CA LEU V 898 -13.08 -125.13 143.03
C LEU V 898 -13.07 -126.43 142.24
N THR V 899 -12.10 -126.59 141.34
CA THR V 899 -12.00 -127.83 140.57
C THR V 899 -11.84 -129.04 141.47
N ASN V 900 -11.16 -128.89 142.60
CA ASN V 900 -10.94 -130.03 143.49
C ASN V 900 -12.23 -130.44 144.21
N THR V 901 -12.98 -129.47 144.73
CA THR V 901 -14.09 -129.78 145.64
C THR V 901 -15.45 -129.40 145.09
N GLU V 902 -15.62 -128.17 144.61
CA GLU V 902 -16.95 -127.68 144.28
C GLU V 902 -17.49 -128.32 143.01
N VAL V 903 -16.63 -128.68 142.07
CA VAL V 903 -17.08 -129.40 140.87
C VAL V 903 -17.68 -130.74 141.26
N ARG V 904 -16.98 -131.48 142.14
CA ARG V 904 -17.50 -132.76 142.61
C ARG V 904 -18.79 -132.57 143.40
N ARG V 905 -18.86 -131.53 144.23
CA ARG V 905 -20.07 -131.28 145.00
C ARG V 905 -21.25 -130.98 144.07
N LEU V 906 -21.04 -130.16 143.05
CA LEU V 906 -22.10 -129.84 142.10
C LEU V 906 -22.51 -131.09 141.32
N GLU V 907 -21.55 -131.93 140.95
CA GLU V 907 -21.88 -133.18 140.26
C GLU V 907 -22.73 -134.07 141.15
N LYS V 908 -22.38 -134.17 142.43
CA LYS V 908 -23.17 -134.98 143.36
C LYS V 908 -24.57 -134.43 143.52
N ASN V 909 -24.71 -133.10 143.63
CA ASN V 909 -26.03 -132.50 143.74
C ASN V 909 -26.86 -132.75 142.50
N VAL V 910 -26.25 -132.62 141.32
CA VAL V 910 -26.96 -132.88 140.07
C VAL V 910 -27.40 -134.34 139.99
N LYS V 911 -26.53 -135.26 140.39
CA LYS V 911 -26.89 -136.67 140.38
C LYS V 911 -28.05 -136.94 141.34
N GLU V 912 -28.02 -136.34 142.53
CA GLU V 912 -29.12 -136.53 143.48
C GLU V 912 -30.43 -135.98 142.93
N VAL V 913 -30.38 -134.80 142.31
CA VAL V 913 -31.59 -134.21 141.75
C VAL V 913 -32.13 -135.08 140.63
N LEU V 914 -31.25 -135.58 139.76
CA LEU V 914 -31.69 -136.44 138.67
C LEU V 914 -32.29 -137.74 139.18
N GLU V 915 -31.69 -138.33 140.21
CA GLU V 915 -32.25 -139.55 140.79
C GLU V 915 -33.60 -139.29 141.42
N ASP V 916 -33.75 -138.16 142.12
CA ASP V 916 -35.04 -137.83 142.72
C ASP V 916 -36.10 -137.62 141.65
N PHE V 917 -35.75 -136.96 140.54
CA PHE V 917 -36.70 -136.76 139.45
C PHE V 917 -37.07 -138.09 138.81
N ALA V 918 -36.09 -138.97 138.59
CA ALA V 918 -36.36 -140.25 137.97
C ALA V 918 -37.26 -141.13 138.84
N GLU V 919 -37.02 -141.12 140.16
CA GLU V 919 -37.80 -141.92 141.10
C GLU V 919 -39.17 -141.33 141.39
N ASP V 920 -39.57 -140.25 140.70
CA ASP V 920 -40.86 -139.61 140.91
C ASP V 920 -41.41 -139.20 139.55
N GLY V 921 -42.26 -140.06 138.97
CA GLY V 921 -42.88 -139.75 137.70
C GLY V 921 -43.95 -138.68 137.79
N GLU V 922 -44.54 -138.49 138.98
CA GLU V 922 -45.52 -137.42 139.15
C GLU V 922 -44.88 -136.06 138.94
N LYS V 923 -43.65 -135.88 139.42
CA LYS V 923 -42.94 -134.62 139.17
C LYS V 923 -42.69 -134.41 137.68
N LYS V 924 -42.34 -135.49 136.96
CA LYS V 924 -42.15 -135.37 135.52
C LYS V 924 -43.44 -134.99 134.83
N ILE V 925 -44.56 -135.58 135.25
CA ILE V 925 -45.86 -135.23 134.64
C ILE V 925 -46.20 -133.78 134.93
N LYS V 926 -45.96 -133.32 136.16
CA LYS V 926 -46.28 -131.94 136.52
C LYS V 926 -45.42 -130.95 135.75
N LEU V 927 -44.14 -131.27 135.56
CA LEU V 927 -43.23 -130.34 134.91
C LEU V 927 -43.26 -130.47 133.39
N LEU V 928 -43.08 -131.68 132.86
CA LEU V 928 -43.07 -131.90 131.41
C LEU V 928 -44.51 -131.87 130.89
N THR V 929 -45.02 -130.66 130.73
CA THR V 929 -46.36 -130.43 130.20
C THR V 929 -46.33 -129.85 128.79
N GLY V 930 -45.23 -130.05 128.07
CA GLY V 930 -45.12 -129.55 126.73
C GLY V 930 -46.03 -130.28 125.76
N LYS V 931 -46.24 -129.65 124.60
CA LYS V 931 -47.11 -130.24 123.59
C LYS V 931 -46.54 -131.56 123.08
N ARG V 932 -45.22 -131.61 122.86
CA ARG V 932 -44.61 -132.85 122.37
C ARG V 932 -44.76 -133.98 123.39
N VAL V 933 -44.54 -133.68 124.68
CA VAL V 933 -44.65 -134.72 125.70
C VAL V 933 -46.07 -135.25 125.77
N GLN V 934 -47.05 -134.35 125.77
CA GLN V 934 -48.44 -134.77 125.85
C GLN V 934 -48.84 -135.58 124.61
N LEU V 935 -48.41 -135.15 123.42
CA LEU V 935 -48.74 -135.88 122.21
C LEU V 935 -48.12 -137.27 122.21
N ALA V 936 -46.87 -137.38 122.66
CA ALA V 936 -46.21 -138.68 122.72
C ALA V 936 -46.90 -139.59 123.73
N GLU V 937 -47.29 -139.04 124.88
CA GLU V 937 -48.00 -139.84 125.88
C GLU V 937 -49.34 -140.32 125.35
N ASP V 938 -50.08 -139.44 124.66
CA ASP V 938 -51.36 -139.84 124.08
C ASP V 938 -51.18 -140.91 123.03
N LEU V 939 -50.16 -140.78 122.18
CA LEU V 939 -49.91 -141.78 121.15
C LEU V 939 -49.55 -143.12 121.77
N LYS V 940 -48.70 -143.11 122.81
CA LYS V 940 -48.34 -144.36 123.47
C LYS V 940 -49.55 -145.01 124.13
N LYS V 941 -50.40 -144.21 124.78
CA LYS V 941 -51.59 -144.76 125.41
C LYS V 941 -52.54 -145.34 124.38
N VAL V 942 -52.71 -144.66 123.24
CA VAL V 942 -53.58 -145.16 122.19
C VAL V 942 -53.03 -146.46 121.62
N ARG V 943 -51.71 -146.54 121.41
CA ARG V 943 -51.11 -147.77 120.92
C ARG V 943 -51.29 -148.92 121.90
N GLU V 944 -51.11 -148.64 123.20
CA GLU V 944 -51.30 -149.68 124.21
C GLU V 944 -52.76 -150.15 124.25
N ILE V 945 -53.70 -149.22 124.15
CA ILE V 945 -55.11 -149.58 124.16
C ILE V 945 -55.45 -150.43 122.95
N GLN V 946 -54.93 -150.05 121.77
CA GLN V 946 -55.19 -150.83 120.56
C GLN V 946 -54.57 -152.22 120.65
N GLU V 947 -53.36 -152.33 121.23
CA GLU V 947 -52.76 -153.64 121.41
C GLU V 947 -53.57 -154.51 122.36
N LYS V 948 -54.06 -153.92 123.45
CA LYS V 948 -54.91 -154.68 124.38
C LYS V 948 -56.20 -155.12 123.71
N LEU V 949 -56.80 -154.26 122.89
CA LEU V 949 -58.02 -154.63 122.18
C LEU V 949 -57.77 -155.73 121.16
N ASP V 950 -56.61 -155.67 120.48
CA ASP V 950 -56.26 -156.74 119.54
C ASP V 950 -56.06 -158.06 120.28
N ALA V 951 -55.42 -158.02 121.44
CA ALA V 951 -55.27 -159.23 122.24
C ALA V 951 -56.62 -159.77 122.69
N PHE V 952 -57.53 -158.88 123.08
CA PHE V 952 -58.88 -159.30 123.45
C PHE V 952 -59.59 -159.96 122.26
N ILE V 953 -59.48 -159.37 121.07
CA ILE V 953 -60.11 -159.94 119.88
C ILE V 953 -59.54 -161.31 119.57
N GLU V 954 -58.21 -161.44 119.65
CA GLU V 954 -57.58 -162.73 119.40
C GLU V 954 -58.03 -163.78 120.41
N ALA V 955 -58.10 -163.41 121.68
CA ALA V 955 -58.54 -164.35 122.71
C ALA V 955 -59.99 -164.76 122.49
N LEU V 956 -60.86 -163.81 122.13
CA LEU V 956 -62.25 -164.13 121.86
C LEU V 956 -62.38 -165.06 120.66
N HIS V 957 -61.60 -164.82 119.61
CA HIS V 957 -61.64 -165.68 118.44
C HIS V 957 -61.15 -167.08 118.76
N GLN V 958 -60.07 -167.18 119.55
CA GLN V 958 -59.54 -168.49 119.91
C GLN V 958 -60.51 -169.26 120.80
N GLU V 959 -61.14 -168.59 121.78
CA GLU V 959 -62.07 -169.27 122.66
C GLU V 959 -63.30 -169.78 121.91
N LYS V 960 -63.79 -168.96 120.98
CA LYS V 960 -64.97 -169.38 120.16
C LYS V 960 -64.47 -170.08 118.89
N SER W 263 -39.87 -36.62 208.11
CA SER W 263 -39.37 -35.33 207.63
C SER W 263 -38.49 -35.52 206.39
N LEU W 264 -37.22 -35.14 206.52
CA LEU W 264 -36.29 -35.29 205.40
C LEU W 264 -36.07 -36.76 205.06
N ILE W 265 -35.96 -37.63 206.07
CA ILE W 265 -35.69 -39.04 205.82
C ILE W 265 -36.89 -39.69 205.13
N ASP W 266 -38.11 -39.33 205.53
CA ASP W 266 -39.29 -39.89 204.89
C ASP W 266 -39.39 -39.47 203.43
N MET W 267 -39.12 -38.20 203.15
CA MET W 267 -39.15 -37.73 201.77
C MET W 267 -38.05 -38.38 200.93
N TYR W 268 -36.87 -38.56 201.52
CA TYR W 268 -35.79 -39.25 200.81
C TYR W 268 -36.17 -40.70 200.50
N SER W 269 -36.81 -41.37 201.46
CA SER W 269 -37.26 -42.74 201.22
C SER W 269 -38.32 -42.78 200.13
N GLU W 270 -39.23 -41.81 200.12
CA GLU W 270 -40.23 -41.74 199.05
C GLU W 270 -39.58 -41.51 197.69
N VAL W 271 -38.57 -40.65 197.64
CA VAL W 271 -37.85 -40.40 196.39
C VAL W 271 -37.15 -41.66 195.92
N LEU W 272 -36.52 -42.39 196.84
CA LEU W 272 -35.86 -43.65 196.47
C LEU W 272 -36.87 -44.67 195.98
N ASP W 273 -38.05 -44.74 196.61
CA ASP W 273 -39.09 -45.65 196.15
C ASP W 273 -39.57 -45.28 194.75
N VAL W 274 -39.73 -43.98 194.49
CA VAL W 274 -40.13 -43.54 193.16
C VAL W 274 -39.08 -43.91 192.13
N LEU W 275 -37.80 -43.72 192.47
CA LEU W 275 -36.72 -44.08 191.55
C LEU W 275 -36.70 -45.57 191.29
N SER W 276 -36.93 -46.38 192.32
CA SER W 276 -36.97 -47.83 192.13
C SER W 276 -38.15 -48.24 191.25
N ASP W 277 -39.31 -47.62 191.45
CA ASP W 277 -40.48 -47.93 190.65
C ASP W 277 -40.42 -47.32 189.25
N TYR W 278 -39.45 -46.44 188.99
CA TYR W 278 -39.33 -45.85 187.66
C TYR W 278 -39.06 -46.91 186.60
N ASP W 279 -38.16 -47.86 186.90
CA ASP W 279 -37.84 -48.92 185.95
C ASP W 279 -37.27 -50.10 186.72
N ALA W 280 -37.41 -51.29 186.13
CA ALA W 280 -36.86 -52.50 186.72
C ALA W 280 -35.34 -52.58 186.56
N SER W 281 -34.78 -51.83 185.62
CA SER W 281 -33.34 -51.82 185.42
C SER W 281 -32.69 -50.83 186.40
N TYR W 282 -31.41 -50.53 186.20
CA TYR W 282 -30.65 -49.63 187.06
C TYR W 282 -30.01 -48.56 186.17
N ASN W 283 -30.75 -47.49 185.91
CA ASN W 283 -30.27 -46.35 185.13
C ASN W 283 -30.15 -45.09 185.96
N THR W 284 -31.22 -44.66 186.63
CA THR W 284 -31.20 -43.51 187.51
C THR W 284 -31.17 -43.89 188.98
N GLN W 285 -31.29 -45.18 189.30
CA GLN W 285 -31.27 -45.63 190.69
C GLN W 285 -29.86 -45.60 191.29
N ASP W 286 -28.83 -45.53 190.46
CA ASP W 286 -27.45 -45.51 190.91
C ASP W 286 -26.94 -44.09 191.16
N HIS W 287 -27.79 -43.08 191.03
CA HIS W 287 -27.35 -41.70 191.26
C HIS W 287 -27.32 -41.38 192.75
N LEU W 288 -28.45 -41.53 193.43
CA LEU W 288 -28.50 -41.28 194.87
C LEU W 288 -27.80 -42.41 195.63
N PRO W 289 -27.05 -42.09 196.69
CA PRO W 289 -26.41 -43.13 197.47
C PRO W 289 -27.44 -44.05 198.13
N ARG W 290 -27.10 -45.33 198.22
CA ARG W 290 -27.97 -46.32 198.84
C ARG W 290 -27.12 -47.28 199.66
N VAL W 291 -27.33 -47.30 200.97
CA VAL W 291 -26.60 -48.21 201.84
C VAL W 291 -27.16 -49.61 201.66
N VAL W 292 -26.37 -50.52 201.08
CA VAL W 292 -26.80 -51.88 200.78
C VAL W 292 -26.03 -52.83 201.68
N VAL W 293 -26.76 -53.72 202.35
CA VAL W 293 -26.17 -54.72 203.23
C VAL W 293 -26.17 -56.06 202.49
N VAL W 294 -24.98 -56.58 202.22
CA VAL W 294 -24.80 -57.82 201.49
C VAL W 294 -24.01 -58.79 202.37
N GLY W 295 -24.52 -60.01 202.51
CA GLY W 295 -23.84 -61.02 203.31
C GLY W 295 -23.72 -62.35 202.60
N ASP W 296 -23.35 -63.39 203.34
CA ASP W 296 -23.22 -64.73 202.80
C ASP W 296 -24.38 -65.61 203.23
N GLN W 297 -24.58 -66.70 202.51
CA GLN W 297 -25.67 -67.62 202.82
C GLN W 297 -25.36 -68.37 204.12
N SER W 298 -26.36 -68.42 205.01
CA SER W 298 -26.22 -69.10 206.30
C SER W 298 -25.04 -68.56 207.11
N ALA W 299 -24.81 -67.26 207.02
CA ALA W 299 -23.72 -66.60 207.72
C ALA W 299 -24.19 -65.84 208.95
N GLY W 300 -25.44 -66.01 209.36
CA GLY W 300 -25.95 -65.33 210.53
C GLY W 300 -26.27 -63.87 210.32
N LYS W 301 -26.34 -63.40 209.06
CA LYS W 301 -26.64 -62.00 208.81
C LYS W 301 -28.05 -61.64 209.23
N THR W 302 -28.96 -62.61 209.28
CA THR W 302 -30.33 -62.33 209.71
C THR W 302 -30.37 -61.83 211.14
N SER W 303 -29.60 -62.47 212.03
CA SER W 303 -29.57 -62.05 213.43
C SER W 303 -29.00 -60.63 213.56
N VAL W 304 -27.95 -60.33 212.81
CA VAL W 304 -27.36 -58.98 212.86
C VAL W 304 -28.35 -57.95 212.35
N LEU W 305 -29.05 -58.25 211.25
CA LEU W 305 -30.05 -57.34 210.72
C LEU W 305 -31.19 -57.12 211.72
N GLU W 306 -31.63 -58.19 212.38
CA GLU W 306 -32.68 -58.06 213.39
C GLU W 306 -32.20 -57.19 214.56
N MET W 307 -30.95 -57.39 215.00
CA MET W 307 -30.41 -56.59 216.08
C MET W 307 -30.25 -55.13 215.69
N ILE W 308 -29.99 -54.86 214.42
CA ILE W 308 -29.89 -53.48 213.94
C ILE W 308 -31.21 -52.76 214.13
N ALA W 309 -32.31 -53.41 213.76
CA ALA W 309 -33.64 -52.85 213.95
C ALA W 309 -34.22 -53.13 215.34
N GLN W 310 -33.49 -53.86 216.17
CA GLN W 310 -33.91 -54.21 217.53
C GLN W 310 -35.24 -54.95 217.55
N ALA W 311 -35.50 -55.74 216.51
CA ALA W 311 -36.73 -56.51 216.41
C ALA W 311 -36.52 -57.64 215.40
N ARG W 312 -37.18 -58.77 215.67
CA ARG W 312 -37.11 -59.93 214.78
C ARG W 312 -38.17 -59.76 213.69
N ILE W 313 -37.75 -59.25 212.54
CA ILE W 313 -38.67 -59.03 211.43
C ILE W 313 -38.35 -59.89 210.21
N PHE W 314 -37.13 -60.42 210.09
CA PHE W 314 -36.78 -61.27 208.96
C PHE W 314 -37.03 -62.73 209.31
N PRO W 315 -37.86 -63.45 208.55
CA PRO W 315 -38.09 -64.86 208.86
C PRO W 315 -36.81 -65.68 208.73
N ARG W 316 -36.68 -66.68 209.59
CA ARG W 316 -35.51 -67.54 209.61
C ARG W 316 -35.63 -68.65 208.56
N GLY W 317 -34.50 -69.06 208.01
CA GLY W 317 -34.47 -70.11 207.02
C GLY W 317 -33.46 -71.19 207.32
N SER W 318 -33.91 -72.45 207.33
CA SER W 318 -33.04 -73.58 207.62
C SER W 318 -32.38 -74.04 206.32
N GLY W 319 -31.38 -73.27 205.89
CA GLY W 319 -30.63 -73.55 204.68
C GLY W 319 -31.21 -72.94 203.42
N GLU W 320 -32.54 -72.96 203.29
CA GLU W 320 -33.19 -72.39 202.11
C GLU W 320 -33.04 -70.87 202.10
N MET W 321 -32.90 -70.32 200.90
CA MET W 321 -32.75 -68.87 200.71
C MET W 321 -34.13 -68.25 200.73
N MET W 322 -34.57 -67.84 201.92
CA MET W 322 -35.89 -67.21 202.06
C MET W 322 -35.94 -65.87 201.34
N THR W 323 -34.88 -65.08 201.44
CA THR W 323 -34.83 -63.76 200.80
C THR W 323 -34.45 -63.93 199.33
N ARG W 324 -35.44 -63.77 198.45
CA ARG W 324 -35.22 -63.88 197.02
C ARG W 324 -35.44 -62.57 196.26
N SER W 325 -35.86 -61.52 196.96
CA SER W 325 -36.08 -60.22 196.35
C SER W 325 -35.43 -59.14 197.21
N PRO W 326 -35.01 -58.03 196.59
CA PRO W 326 -34.41 -56.94 197.37
C PRO W 326 -35.41 -56.38 198.38
N VAL W 327 -34.92 -56.06 199.56
CA VAL W 327 -35.72 -55.53 200.66
C VAL W 327 -35.12 -54.19 201.08
N LYS W 328 -35.97 -53.16 201.13
CA LYS W 328 -35.56 -51.84 201.54
C LYS W 328 -36.00 -51.59 202.98
N VAL W 329 -35.05 -51.26 203.85
CA VAL W 329 -35.32 -50.96 205.25
C VAL W 329 -34.95 -49.51 205.49
N THR W 330 -35.94 -48.68 205.79
CA THR W 330 -35.74 -47.26 206.06
C THR W 330 -35.78 -47.04 207.56
N LEU W 331 -34.65 -46.64 208.13
CA LEU W 331 -34.56 -46.38 209.57
C LEU W 331 -34.97 -44.94 209.83
N SER W 332 -35.94 -44.76 210.72
CA SER W 332 -36.42 -43.43 211.08
C SER W 332 -37.06 -43.51 212.46
N GLU W 333 -37.58 -42.37 212.92
CA GLU W 333 -38.23 -42.27 214.22
C GLU W 333 -39.64 -41.73 214.04
N GLY W 334 -40.61 -42.40 214.65
CA GLY W 334 -41.99 -41.99 214.56
C GLY W 334 -42.68 -41.98 215.91
N PRO W 335 -43.99 -41.74 215.92
CA PRO W 335 -44.73 -41.74 217.19
C PRO W 335 -44.68 -43.08 217.91
N HIS W 336 -44.63 -44.19 217.19
CA HIS W 336 -44.59 -45.51 217.78
C HIS W 336 -43.54 -46.35 217.07
N HIS W 337 -43.03 -47.36 217.79
CA HIS W 337 -42.02 -48.27 217.25
C HIS W 337 -42.70 -49.35 216.41
N VAL W 338 -43.23 -48.92 215.27
CA VAL W 338 -43.95 -49.79 214.36
C VAL W 338 -43.29 -49.72 212.98
N ALA W 339 -43.73 -50.64 212.11
CA ALA W 339 -43.24 -50.70 210.73
C ALA W 339 -44.40 -50.54 209.77
N LEU W 340 -44.22 -49.68 208.77
CA LEU W 340 -45.27 -49.40 207.79
C LEU W 340 -44.68 -49.48 206.39
N PHE W 341 -45.39 -50.15 205.49
CA PHE W 341 -44.95 -50.25 204.11
C PHE W 341 -45.38 -49.01 203.32
N LYS W 342 -44.82 -48.88 202.11
CA LYS W 342 -45.18 -47.75 201.25
C LYS W 342 -46.63 -47.85 200.79
N ASP W 343 -47.08 -49.07 200.43
CA ASP W 343 -48.42 -49.29 199.91
C ASP W 343 -49.32 -50.00 200.92
N SER W 344 -49.05 -49.83 202.21
CA SER W 344 -49.85 -50.45 203.26
C SER W 344 -50.24 -49.40 204.29
N SER W 345 -51.32 -49.68 205.01
CA SER W 345 -51.81 -48.79 206.05
C SER W 345 -51.78 -49.40 207.44
N ARG W 346 -51.46 -50.68 207.58
CA ARG W 346 -51.39 -51.33 208.88
C ARG W 346 -50.00 -51.15 209.49
N GLU W 347 -49.96 -50.64 210.71
CA GLU W 347 -48.70 -50.40 211.42
C GLU W 347 -48.31 -51.68 212.15
N PHE W 348 -47.33 -52.40 211.60
CA PHE W 348 -46.84 -53.63 212.20
C PHE W 348 -45.93 -53.29 213.36
N ASP W 349 -46.40 -53.52 214.59
CA ASP W 349 -45.60 -53.24 215.77
C ASP W 349 -44.39 -54.18 215.84
N LEU W 350 -43.29 -53.64 216.35
CA LEU W 350 -42.04 -54.38 216.47
C LEU W 350 -41.82 -54.94 217.86
N THR W 351 -42.82 -54.88 218.74
CA THR W 351 -42.72 -55.36 220.11
C THR W 351 -43.55 -56.62 220.36
N LYS W 352 -44.83 -56.58 220.03
CA LYS W 352 -45.69 -57.73 220.27
C LYS W 352 -45.33 -58.88 219.34
N GLU W 353 -45.37 -60.11 219.87
CA GLU W 353 -45.03 -61.28 219.08
C GLU W 353 -46.01 -61.50 217.94
N GLU W 354 -47.30 -61.27 218.18
CA GLU W 354 -48.30 -61.45 217.13
C GLU W 354 -48.07 -60.46 215.99
N ASP W 355 -47.77 -59.20 216.30
CA ASP W 355 -47.50 -58.22 215.27
C ASP W 355 -46.24 -58.57 214.48
N LEU W 356 -45.20 -59.06 215.17
CA LEU W 356 -44.00 -59.49 214.46
C LEU W 356 -44.28 -60.66 213.54
N ALA W 357 -45.09 -61.62 213.99
CA ALA W 357 -45.45 -62.76 213.15
C ALA W 357 -46.25 -62.30 211.93
N ALA W 358 -47.18 -61.36 212.13
CA ALA W 358 -47.94 -60.83 211.01
C ALA W 358 -47.03 -60.10 210.02
N LEU W 359 -46.07 -59.33 210.52
CA LEU W 359 -45.13 -58.64 209.64
C LEU W 359 -44.29 -59.64 208.85
N ARG W 360 -43.82 -60.70 209.50
CA ARG W 360 -43.05 -61.72 208.80
C ARG W 360 -43.89 -62.41 207.73
N HIS W 361 -45.15 -62.71 208.05
CA HIS W 361 -46.04 -63.33 207.08
C HIS W 361 -46.28 -62.41 205.88
N GLU W 362 -46.47 -61.12 206.14
CA GLU W 362 -46.65 -60.16 205.05
C GLU W 362 -45.40 -60.07 204.18
N ILE W 363 -44.22 -60.07 204.82
CA ILE W 363 -42.97 -60.02 204.06
C ILE W 363 -42.83 -61.26 203.20
N GLU W 364 -43.15 -62.43 203.75
CA GLU W 364 -43.07 -63.67 202.98
C GLU W 364 -44.05 -63.66 201.82
N LEU W 365 -45.27 -63.16 202.05
CA LEU W 365 -46.26 -63.07 200.97
C LEU W 365 -45.78 -62.13 199.87
N ARG W 366 -45.19 -60.99 200.24
CA ARG W 366 -44.67 -60.06 199.25
C ARG W 366 -43.52 -60.69 198.46
N MET W 367 -42.65 -61.43 199.15
CA MET W 367 -41.55 -62.11 198.46
C MET W 367 -42.08 -63.15 197.48
N ARG W 368 -43.09 -63.92 197.89
CA ARG W 368 -43.66 -64.93 197.00
C ARG W 368 -44.36 -64.30 195.81
N LYS W 369 -45.06 -63.19 196.02
CA LYS W 369 -45.76 -62.52 194.92
C LYS W 369 -44.78 -62.02 193.88
N ASN W 370 -43.67 -61.42 194.30
CA ASN W 370 -42.68 -60.91 193.35
C ASN W 370 -42.04 -62.04 192.56
N VAL W 371 -41.70 -63.15 193.22
CA VAL W 371 -41.06 -64.27 192.55
C VAL W 371 -42.08 -64.99 191.66
N LYS W 372 -41.73 -65.20 190.41
CA LYS W 372 -42.62 -65.88 189.48
C LYS W 372 -42.69 -67.37 189.82
N GLU W 373 -43.78 -68.01 189.39
CA GLU W 373 -44.01 -69.42 189.63
C GLU W 373 -43.10 -70.22 188.69
N GLY W 374 -41.88 -70.47 189.16
CA GLY W 374 -40.90 -71.20 188.36
C GLY W 374 -39.53 -70.57 188.41
N CYS W 375 -39.47 -69.29 188.77
CA CYS W 375 -38.21 -68.56 188.87
C CYS W 375 -37.71 -68.56 190.30
N THR W 376 -36.50 -68.02 190.48
CA THR W 376 -35.86 -67.94 191.79
C THR W 376 -35.61 -66.51 192.24
N VAL W 377 -35.05 -65.67 191.36
CA VAL W 377 -34.74 -64.28 191.68
C VAL W 377 -35.66 -63.38 190.87
N SER W 378 -36.33 -62.45 191.55
CA SER W 378 -37.25 -61.53 190.91
C SER W 378 -36.69 -60.12 190.95
N PRO W 379 -36.71 -59.40 189.82
CA PRO W 379 -36.19 -58.01 189.84
C PRO W 379 -37.02 -57.06 190.68
N GLU W 380 -38.25 -57.41 191.01
CA GLU W 380 -39.09 -56.51 191.81
C GLU W 380 -38.53 -56.35 193.22
N THR W 381 -38.61 -55.13 193.73
CA THR W 381 -38.10 -54.80 195.05
C THR W 381 -39.25 -54.60 196.03
N ILE W 382 -38.92 -54.70 197.32
CA ILE W 382 -39.88 -54.52 198.41
C ILE W 382 -39.44 -53.35 199.24
N SER W 383 -40.34 -52.40 199.47
CA SER W 383 -40.06 -51.19 200.23
C SER W 383 -40.74 -51.27 201.59
N LEU W 384 -39.97 -51.01 202.64
CA LEU W 384 -40.48 -51.03 204.01
C LEU W 384 -39.86 -49.89 204.79
N ASN W 385 -40.70 -49.18 205.55
CA ASN W 385 -40.26 -48.07 206.37
C ASN W 385 -40.37 -48.45 207.85
N VAL W 386 -39.31 -48.24 208.60
CA VAL W 386 -39.25 -48.57 210.02
C VAL W 386 -39.16 -47.28 210.81
N LYS W 387 -40.06 -47.12 211.78
CA LYS W 387 -40.12 -45.94 212.63
C LYS W 387 -40.06 -46.36 214.09
N GLY W 388 -39.55 -45.46 214.92
CA GLY W 388 -39.46 -45.70 216.34
C GLY W 388 -38.28 -44.99 216.98
N PRO W 389 -38.39 -44.70 218.28
CA PRO W 389 -37.30 -44.02 218.98
C PRO W 389 -36.07 -44.90 219.08
N GLY W 390 -34.91 -44.24 219.17
CA GLY W 390 -33.64 -44.92 219.30
C GLY W 390 -33.01 -45.37 218.00
N LEU W 391 -33.64 -45.10 216.86
CA LEU W 391 -33.11 -45.48 215.56
C LEU W 391 -32.44 -44.28 214.90
N GLN W 392 -31.65 -44.57 213.86
CA GLN W 392 -30.95 -43.56 213.10
C GLN W 392 -31.79 -43.15 211.89
N ARG W 393 -31.21 -42.33 211.02
CA ARG W 393 -31.88 -41.86 209.80
C ARG W 393 -31.04 -42.31 208.61
N MET W 394 -31.34 -43.52 208.12
CA MET W 394 -30.63 -44.08 206.99
C MET W 394 -31.52 -45.13 206.34
N VAL W 395 -31.16 -45.51 205.12
CA VAL W 395 -31.90 -46.49 204.33
C VAL W 395 -31.00 -47.71 204.14
N LEU W 396 -31.49 -48.88 204.54
CA LEU W 396 -30.76 -50.13 204.42
C LEU W 396 -31.40 -51.01 203.35
N VAL W 397 -30.57 -51.60 202.50
CA VAL W 397 -31.01 -52.46 201.40
C VAL W 397 -30.52 -53.86 201.66
N ASP W 398 -31.44 -54.83 201.61
CA ASP W 398 -31.11 -56.23 201.85
C ASP W 398 -31.14 -56.99 200.52
N LEU W 399 -30.09 -57.78 200.28
CA LEU W 399 -29.96 -58.55 199.06
C LEU W 399 -29.66 -60.01 199.40
N PRO W 400 -30.04 -60.93 198.53
CA PRO W 400 -29.73 -62.35 198.78
C PRO W 400 -28.23 -62.59 198.80
N GLY W 401 -27.81 -63.58 199.59
CA GLY W 401 -26.41 -63.88 199.72
C GLY W 401 -25.81 -64.44 198.45
N VAL W 402 -24.50 -64.29 198.32
CA VAL W 402 -23.78 -64.76 197.14
C VAL W 402 -23.60 -66.27 197.25
N ILE W 403 -23.96 -66.98 196.18
CA ILE W 403 -23.85 -68.42 196.13
C ILE W 403 -22.80 -68.80 195.10
N ASN W 404 -22.30 -70.03 195.22
CA ASN W 404 -21.27 -70.55 194.32
C ASN W 404 -21.78 -71.71 193.48
N THR W 405 -22.43 -72.70 194.10
CA THR W 405 -22.93 -73.85 193.36
C THR W 405 -24.19 -73.48 192.59
N VAL W 406 -24.53 -74.32 191.61
CA VAL W 406 -25.70 -74.13 190.76
C VAL W 406 -26.66 -75.28 191.01
N THR W 407 -27.91 -74.94 191.32
CA THR W 407 -28.93 -75.94 191.60
C THR W 407 -29.52 -76.46 190.30
N SER W 408 -29.55 -77.79 190.15
CA SER W 408 -30.13 -78.38 188.95
C SER W 408 -31.63 -78.21 188.90
N GLY W 409 -32.29 -78.15 190.04
CA GLY W 409 -33.73 -77.98 190.12
C GLY W 409 -34.23 -76.57 189.96
N MET W 410 -33.33 -75.60 189.78
CA MET W 410 -33.70 -74.20 189.61
C MET W 410 -33.10 -73.67 188.32
N ALA W 411 -33.22 -72.36 188.12
CA ALA W 411 -32.69 -71.74 186.91
C ALA W 411 -31.17 -71.81 186.90
N PRO W 412 -30.56 -72.31 185.83
CA PRO W 412 -29.09 -72.38 185.78
C PRO W 412 -28.41 -71.01 185.81
N ASP W 413 -29.12 -69.94 185.45
CA ASP W 413 -28.56 -68.60 185.43
C ASP W 413 -28.87 -67.81 186.70
N THR W 414 -29.28 -68.49 187.78
CA THR W 414 -29.58 -67.80 189.03
C THR W 414 -28.32 -67.14 189.59
N LYS W 415 -27.19 -67.84 189.57
CA LYS W 415 -25.95 -67.27 190.07
C LYS W 415 -25.51 -66.07 189.21
N GLU W 416 -25.66 -66.19 187.89
CA GLU W 416 -25.32 -65.07 187.01
C GLU W 416 -26.23 -63.87 187.27
N THR W 417 -27.52 -64.13 187.48
CA THR W 417 -28.44 -63.04 187.78
C THR W 417 -28.09 -62.36 189.10
N ILE W 418 -27.75 -63.15 190.12
CA ILE W 418 -27.37 -62.59 191.40
C ILE W 418 -26.10 -61.76 191.26
N PHE W 419 -25.11 -62.25 190.51
CA PHE W 419 -23.88 -61.50 190.30
C PHE W 419 -24.15 -60.19 189.56
N SER W 420 -25.02 -60.24 188.54
CA SER W 420 -25.35 -59.03 187.80
C SER W 420 -26.06 -58.01 188.70
N ILE W 421 -26.98 -58.48 189.54
CA ILE W 421 -27.68 -57.59 190.46
C ILE W 421 -26.70 -56.97 191.44
N SER W 422 -25.77 -57.76 191.97
CA SER W 422 -24.77 -57.23 192.90
C SER W 422 -23.88 -56.20 192.22
N LYS W 423 -23.47 -56.47 190.98
CA LYS W 423 -22.65 -55.51 190.25
C LYS W 423 -23.41 -54.22 190.00
N ALA W 424 -24.68 -54.31 189.62
CA ALA W 424 -25.49 -53.12 189.38
C ALA W 424 -25.65 -52.31 190.67
N TYR W 425 -25.86 -52.99 191.80
CA TYR W 425 -25.97 -52.29 193.07
C TYR W 425 -24.66 -51.62 193.45
N MET W 426 -23.53 -52.29 193.20
CA MET W 426 -22.22 -51.72 193.50
C MET W 426 -21.79 -50.66 192.50
N GLN W 427 -22.51 -50.51 191.38
CA GLN W 427 -22.16 -49.48 190.40
C GLN W 427 -22.28 -48.07 190.98
N ASN W 428 -23.05 -47.89 192.05
CA ASN W 428 -23.16 -46.58 192.68
C ASN W 428 -21.85 -46.23 193.36
N PRO W 429 -21.20 -45.12 192.99
CA PRO W 429 -19.93 -44.76 193.65
C PRO W 429 -20.08 -44.44 195.13
N ASN W 430 -21.28 -44.09 195.60
CA ASN W 430 -21.51 -43.73 196.99
C ASN W 430 -22.35 -44.76 197.73
N ALA W 431 -22.40 -45.99 197.23
CA ALA W 431 -23.17 -47.04 197.88
C ALA W 431 -22.37 -47.61 199.05
N ILE W 432 -22.88 -47.42 200.26
CA ILE W 432 -22.22 -47.94 201.46
C ILE W 432 -22.55 -49.42 201.59
N ILE W 433 -21.52 -50.25 201.72
CA ILE W 433 -21.69 -51.69 201.83
C ILE W 433 -21.38 -52.10 203.26
N LEU W 434 -22.33 -52.80 203.89
CA LEU W 434 -22.19 -53.28 205.26
C LEU W 434 -21.95 -54.79 205.21
N CYS W 435 -20.69 -55.19 205.41
CA CYS W 435 -20.31 -56.59 205.37
C CYS W 435 -20.60 -57.25 206.71
N ILE W 436 -21.27 -58.40 206.67
CA ILE W 436 -21.61 -59.15 207.86
C ILE W 436 -20.98 -60.55 207.74
N GLN W 437 -20.26 -60.95 208.78
CA GLN W 437 -19.60 -62.25 208.81
C GLN W 437 -20.16 -63.07 209.97
N ASP W 438 -19.56 -64.23 210.21
CA ASP W 438 -19.98 -65.14 211.27
C ASP W 438 -18.77 -65.53 212.10
N GLY W 439 -19.05 -66.07 213.30
CA GLY W 439 -17.98 -66.49 214.18
C GLY W 439 -17.16 -67.62 213.60
N SER W 440 -17.81 -68.55 212.91
CA SER W 440 -17.13 -69.68 212.30
C SER W 440 -16.58 -69.37 210.91
N VAL W 441 -16.82 -68.17 210.39
CA VAL W 441 -16.35 -67.76 209.08
C VAL W 441 -15.24 -66.74 209.25
N ASP W 442 -14.08 -67.00 208.65
CA ASP W 442 -12.96 -66.10 208.74
C ASP W 442 -13.16 -64.88 207.85
N ALA W 443 -12.31 -63.87 208.05
CA ALA W 443 -12.40 -62.65 207.25
C ALA W 443 -12.12 -62.94 205.77
N GLU W 444 -11.11 -63.77 205.49
CA GLU W 444 -10.81 -64.11 204.11
C GLU W 444 -11.83 -65.05 203.49
N ARG W 445 -12.58 -65.79 204.32
CA ARG W 445 -13.60 -66.70 203.81
C ARG W 445 -14.88 -65.97 203.41
N SER W 446 -15.02 -64.69 203.73
CA SER W 446 -16.21 -63.92 203.38
C SER W 446 -16.11 -63.48 201.93
N ILE W 447 -17.04 -63.94 201.10
CA ILE W 447 -17.04 -63.56 199.70
C ILE W 447 -17.34 -62.08 199.53
N VAL W 448 -18.24 -61.55 200.37
CA VAL W 448 -18.61 -60.14 200.27
C VAL W 448 -17.41 -59.25 200.59
N THR W 449 -16.65 -59.61 201.62
CA THR W 449 -15.47 -58.81 201.98
C THR W 449 -14.43 -58.83 200.86
N ASP W 450 -14.19 -60.00 200.26
CA ASP W 450 -13.24 -60.10 199.17
C ASP W 450 -13.70 -59.29 197.96
N LEU W 451 -15.01 -59.35 197.65
CA LEU W 451 -15.53 -58.57 196.53
C LEU W 451 -15.40 -57.08 196.78
N VAL W 452 -15.68 -56.63 198.01
CA VAL W 452 -15.54 -55.22 198.35
C VAL W 452 -14.08 -54.79 198.23
N SER W 453 -13.15 -55.62 198.72
CA SER W 453 -11.74 -55.29 198.62
C SER W 453 -11.28 -55.21 197.17
N GLN W 454 -11.75 -56.14 196.34
CA GLN W 454 -11.39 -56.11 194.92
C GLN W 454 -11.95 -54.86 194.23
N MET W 455 -13.21 -54.52 194.52
CA MET W 455 -13.82 -53.36 193.88
C MET W 455 -13.33 -52.05 194.48
N ASP W 456 -13.03 -52.02 195.79
CA ASP W 456 -12.59 -50.82 196.47
C ASP W 456 -11.31 -51.15 197.24
N PRO W 457 -10.17 -51.18 196.55
CA PRO W 457 -8.90 -51.45 197.25
C PRO W 457 -8.57 -50.42 198.33
N HIS W 458 -8.93 -49.14 198.11
CA HIS W 458 -8.64 -48.13 199.10
C HIS W 458 -9.54 -48.27 200.32
N GLY W 459 -10.83 -48.50 200.11
CA GLY W 459 -11.76 -48.65 201.21
C GLY W 459 -11.94 -47.40 202.04
N ARG W 460 -11.95 -46.23 201.38
CA ARG W 460 -12.12 -44.97 202.08
C ARG W 460 -13.56 -44.71 202.50
N ARG W 461 -14.52 -45.42 201.91
CA ARG W 461 -15.93 -45.25 202.24
C ARG W 461 -16.57 -46.48 202.86
N THR W 462 -15.88 -47.62 202.88
CA THR W 462 -16.40 -48.86 203.45
C THR W 462 -15.78 -49.08 204.82
N ILE W 463 -16.63 -49.33 205.82
CA ILE W 463 -16.21 -49.55 207.19
C ILE W 463 -16.54 -50.98 207.57
N PHE W 464 -15.54 -51.73 208.02
CA PHE W 464 -15.72 -53.12 208.40
C PHE W 464 -16.33 -53.21 209.80
N VAL W 465 -17.34 -54.05 209.94
CA VAL W 465 -18.00 -54.29 211.22
C VAL W 465 -17.90 -55.77 211.55
N LEU W 466 -17.40 -56.08 212.74
CA LEU W 466 -17.22 -57.46 213.19
C LEU W 466 -18.38 -57.85 214.08
N THR W 467 -19.05 -58.95 213.75
CA THR W 467 -20.20 -59.44 214.49
C THR W 467 -19.93 -60.83 215.02
N LYS W 468 -20.60 -61.17 216.12
CA LYS W 468 -20.46 -62.47 216.78
C LYS W 468 -19.01 -62.74 217.17
N VAL W 469 -18.45 -61.81 217.94
CA VAL W 469 -17.07 -61.95 218.39
C VAL W 469 -16.93 -63.12 219.37
N ASP W 470 -17.93 -63.31 220.24
CA ASP W 470 -17.86 -64.39 221.23
C ASP W 470 -17.83 -65.76 220.57
N LEU W 471 -18.65 -65.94 219.52
CA LEU W 471 -18.67 -67.22 218.82
C LEU W 471 -17.32 -67.53 218.18
N ALA W 472 -16.70 -66.51 217.55
CA ALA W 472 -15.38 -66.72 216.96
C ALA W 472 -14.34 -67.01 218.02
N GLU W 473 -14.41 -66.31 219.16
CA GLU W 473 -13.45 -66.54 220.24
C GLU W 473 -13.58 -67.95 220.81
N LYS W 474 -14.81 -68.43 220.98
CA LYS W 474 -15.02 -69.76 221.55
C LYS W 474 -14.56 -70.87 220.61
N ASN W 475 -14.34 -70.58 219.33
CA ASN W 475 -13.89 -71.58 218.37
C ASN W 475 -12.37 -71.62 218.28
N VAL W 476 -11.73 -71.79 219.45
CA VAL W 476 -10.28 -71.85 219.65
C VAL W 476 -9.52 -70.99 218.64
N ALA W 477 -9.99 -69.76 218.42
CA ALA W 477 -9.34 -68.86 217.49
C ALA W 477 -8.12 -68.21 218.14
N SER W 478 -7.24 -67.68 217.30
CA SER W 478 -6.04 -67.00 217.77
C SER W 478 -6.37 -65.56 218.12
N PRO W 479 -6.11 -65.11 219.35
CA PRO W 479 -6.39 -63.71 219.70
C PRO W 479 -5.57 -62.71 218.91
N SER W 480 -4.41 -63.12 218.38
CA SER W 480 -3.59 -62.20 217.59
C SER W 480 -4.33 -61.78 216.31
N ARG W 481 -5.00 -62.73 215.65
CA ARG W 481 -5.77 -62.40 214.45
C ARG W 481 -6.90 -61.43 214.77
N ILE W 482 -7.60 -61.66 215.88
CA ILE W 482 -8.68 -60.76 216.26
C ILE W 482 -8.15 -59.37 216.56
N GLN W 483 -7.02 -59.29 217.27
CA GLN W 483 -6.42 -58.00 217.58
C GLN W 483 -5.99 -57.27 216.30
N GLN W 484 -5.39 -58.00 215.35
CA GLN W 484 -4.99 -57.38 214.10
C GLN W 484 -6.20 -56.89 213.31
N ILE W 485 -7.28 -57.67 213.29
CA ILE W 485 -8.49 -57.26 212.57
C ILE W 485 -9.08 -56.00 213.21
N ILE W 486 -9.17 -55.99 214.54
CA ILE W 486 -9.72 -54.82 215.24
C ILE W 486 -8.83 -53.60 215.03
N GLU W 487 -7.51 -53.78 215.17
CA GLU W 487 -6.59 -52.66 214.98
C GLU W 487 -6.46 -52.27 213.52
N GLY W 488 -6.69 -53.19 212.58
CA GLY W 488 -6.60 -52.89 211.17
C GLY W 488 -5.23 -53.10 210.58
N LYS W 489 -4.53 -54.15 211.04
CA LYS W 489 -3.22 -54.49 210.54
C LYS W 489 -3.23 -55.62 209.53
N LEU W 490 -4.41 -56.05 209.10
CA LEU W 490 -4.55 -57.14 208.13
C LEU W 490 -5.30 -56.76 206.87
N PHE W 491 -6.33 -55.92 206.99
CA PHE W 491 -7.10 -55.51 205.82
C PHE W 491 -6.33 -54.47 205.02
N PRO W 492 -6.06 -54.72 203.74
CA PRO W 492 -5.33 -53.72 202.94
C PRO W 492 -6.08 -52.39 202.81
N MET W 493 -7.40 -52.41 202.82
CA MET W 493 -8.16 -51.17 202.68
C MET W 493 -8.00 -50.29 203.91
N LYS W 494 -8.01 -48.98 203.68
CA LYS W 494 -7.87 -47.98 204.75
C LYS W 494 -9.25 -47.51 205.16
N ALA W 495 -9.91 -48.33 205.97
CA ALA W 495 -11.24 -48.00 206.46
C ALA W 495 -11.17 -46.88 207.50
N LEU W 496 -12.28 -46.18 207.66
CA LEU W 496 -12.35 -45.09 208.63
C LEU W 496 -12.27 -45.58 210.07
N GLY W 497 -12.57 -46.85 210.30
CA GLY W 497 -12.50 -47.40 211.65
C GLY W 497 -12.90 -48.86 211.64
N TYR W 498 -12.72 -49.49 212.80
CA TYR W 498 -13.06 -50.89 212.98
C TYR W 498 -13.68 -51.07 214.36
N PHE W 499 -14.87 -51.66 214.41
CA PHE W 499 -15.58 -51.90 215.67
C PHE W 499 -16.04 -53.35 215.72
N ALA W 500 -15.90 -53.95 216.90
CA ALA W 500 -16.29 -55.33 217.13
C ALA W 500 -17.48 -55.37 218.07
N VAL W 501 -18.56 -56.03 217.64
CA VAL W 501 -19.79 -56.13 218.43
C VAL W 501 -20.24 -57.59 218.45
N VAL W 502 -21.10 -57.90 219.42
CA VAL W 502 -21.65 -59.24 219.58
C VAL W 502 -23.15 -59.15 219.35
N THR W 503 -23.64 -59.97 218.42
CA THR W 503 -25.06 -60.01 218.06
C THR W 503 -25.71 -61.31 218.49
N GLY W 504 -25.29 -61.84 219.64
CA GLY W 504 -25.84 -63.09 220.15
C GLY W 504 -25.22 -64.30 219.49
N LYS W 505 -25.78 -65.46 219.83
CA LYS W 505 -25.31 -66.73 219.30
C LYS W 505 -25.89 -67.06 217.93
N GLY W 506 -26.80 -66.23 217.41
CA GLY W 506 -27.39 -66.47 216.11
C GLY W 506 -28.51 -67.50 216.10
N ASN W 507 -28.96 -67.96 217.26
CA ASN W 507 -30.01 -68.96 217.33
C ASN W 507 -31.38 -68.28 217.16
N SER W 508 -32.45 -69.07 217.29
CA SER W 508 -33.81 -68.56 217.16
C SER W 508 -34.59 -68.71 218.46
N SER W 509 -33.90 -68.63 219.60
CA SER W 509 -34.56 -68.77 220.89
C SER W 509 -34.11 -67.70 221.88
N GLU W 510 -33.44 -66.65 221.41
CA GLU W 510 -32.97 -65.57 222.26
C GLU W 510 -33.70 -64.29 221.88
N SER W 511 -34.29 -63.63 222.87
CA SER W 511 -35.01 -62.39 222.62
C SER W 511 -34.04 -61.25 222.35
N ILE W 512 -34.57 -60.17 221.78
CA ILE W 512 -33.74 -59.01 221.46
C ILE W 512 -33.18 -58.39 222.74
N GLU W 513 -34.01 -58.28 223.78
CA GLU W 513 -33.54 -57.72 225.04
C GLU W 513 -32.44 -58.57 225.66
N ALA W 514 -32.59 -59.89 225.61
CA ALA W 514 -31.56 -60.77 226.16
C ALA W 514 -30.25 -60.63 225.40
N ILE W 515 -30.30 -60.54 224.08
CA ILE W 515 -29.09 -60.39 223.29
C ILE W 515 -28.44 -59.04 223.59
N ARG W 516 -29.25 -57.98 223.71
CA ARG W 516 -28.69 -56.67 224.04
C ARG W 516 -28.03 -56.67 225.40
N GLU W 517 -28.66 -57.32 226.40
CA GLU W 517 -28.07 -57.39 227.72
C GLU W 517 -26.77 -58.19 227.71
N TYR W 518 -26.73 -59.29 226.95
CA TYR W 518 -25.52 -60.08 226.83
C TYR W 518 -24.40 -59.28 226.18
N GLU W 519 -24.73 -58.51 225.13
CA GLU W 519 -23.74 -57.68 224.46
C GLU W 519 -23.22 -56.60 225.41
N GLU W 520 -24.11 -55.97 226.18
CA GLU W 520 -23.68 -54.97 227.14
C GLU W 520 -22.77 -55.57 228.21
N GLU W 521 -23.11 -56.76 228.70
CA GLU W 521 -22.27 -57.43 229.69
C GLU W 521 -20.91 -57.77 229.11
N PHE W 522 -20.87 -58.24 227.86
CA PHE W 522 -19.60 -58.56 227.22
C PHE W 522 -18.75 -57.32 227.03
N PHE W 523 -19.38 -56.21 226.64
CA PHE W 523 -18.64 -54.95 226.49
C PHE W 523 -18.10 -54.47 227.83
N GLN W 524 -18.89 -54.58 228.88
CA GLN W 524 -18.43 -54.15 230.21
C GLN W 524 -17.27 -55.01 230.69
N ASN W 525 -17.37 -56.33 230.51
CA ASN W 525 -16.34 -57.28 230.93
C ASN W 525 -16.01 -58.18 229.75
N SER W 526 -14.88 -57.93 229.11
CA SER W 526 -14.42 -58.69 227.96
C SER W 526 -13.06 -59.31 228.23
N LYS W 527 -12.84 -60.49 227.67
CA LYS W 527 -11.58 -61.19 227.85
C LYS W 527 -10.44 -60.56 227.04
N LEU W 528 -10.74 -59.67 226.10
CA LEU W 528 -9.72 -59.02 225.30
C LEU W 528 -9.42 -57.60 225.73
N LEU W 529 -10.41 -56.90 226.32
CA LEU W 529 -10.17 -55.53 226.79
C LEU W 529 -9.24 -55.51 227.99
N LYS W 530 -9.27 -56.55 228.82
CA LYS W 530 -8.42 -56.60 230.01
C LYS W 530 -6.97 -56.88 229.69
N THR W 531 -6.65 -57.27 228.45
CA THR W 531 -5.29 -57.56 228.04
C THR W 531 -4.56 -56.33 227.51
N SER W 532 -5.22 -55.17 227.49
CA SER W 532 -4.63 -53.92 227.01
C SER W 532 -4.12 -54.06 225.57
N MET W 533 -4.89 -54.78 224.74
CA MET W 533 -4.54 -54.99 223.35
C MET W 533 -5.53 -54.34 222.38
N LEU W 534 -6.56 -53.68 222.90
CA LEU W 534 -7.56 -53.03 222.06
C LEU W 534 -7.70 -51.57 222.47
N LYS W 535 -7.96 -50.72 221.48
CA LYS W 535 -8.10 -49.29 221.73
C LYS W 535 -9.37 -49.01 222.54
N ALA W 536 -9.26 -48.05 223.46
CA ALA W 536 -10.38 -47.72 224.32
C ALA W 536 -11.45 -46.93 223.58
N HIS W 537 -11.08 -46.21 222.53
CA HIS W 537 -12.01 -45.38 221.78
C HIS W 537 -12.74 -46.15 220.68
N GLN W 538 -12.44 -47.43 220.51
CA GLN W 538 -13.09 -48.27 219.50
C GLN W 538 -14.18 -49.15 220.09
N VAL W 539 -14.90 -48.65 221.11
CA VAL W 539 -15.95 -49.41 221.76
C VAL W 539 -17.30 -48.81 221.40
N THR W 540 -18.38 -49.53 221.77
CA THR W 540 -19.75 -49.13 221.49
C THR W 540 -19.98 -48.88 220.00
N THR W 541 -21.10 -48.23 219.67
CA THR W 541 -21.43 -47.95 218.28
C THR W 541 -21.94 -46.53 218.04
N ARG W 542 -22.00 -45.69 219.07
CA ARG W 542 -22.57 -44.35 218.90
C ARG W 542 -21.72 -43.50 217.97
N ASN W 543 -20.41 -43.47 218.18
CA ASN W 543 -19.53 -42.67 217.34
C ASN W 543 -19.52 -43.18 215.90
N LEU W 544 -19.47 -44.50 215.73
CA LEU W 544 -19.49 -45.06 214.38
C LEU W 544 -20.80 -44.73 213.66
N SER W 545 -21.93 -44.86 214.37
CA SER W 545 -23.22 -44.53 213.78
C SER W 545 -23.30 -43.05 213.39
N LEU W 546 -22.81 -42.18 214.27
CA LEU W 546 -22.82 -40.74 213.96
C LEU W 546 -21.95 -40.43 212.74
N ALA W 547 -20.76 -41.03 212.67
CA ALA W 547 -19.89 -40.79 211.53
C ALA W 547 -20.51 -41.31 210.24
N VAL W 548 -21.12 -42.50 210.29
CA VAL W 548 -21.76 -43.06 209.10
C VAL W 548 -22.92 -42.17 208.65
N SER W 549 -23.73 -41.71 209.61
CA SER W 549 -24.85 -40.84 209.26
C SER W 549 -24.37 -39.53 208.65
N ASP W 550 -23.32 -38.93 209.21
CA ASP W 550 -22.79 -37.68 208.66
C ASP W 550 -22.24 -37.89 207.25
N CYS W 551 -21.50 -38.98 207.04
CA CYS W 551 -20.96 -39.26 205.71
C CYS W 551 -22.09 -39.50 204.71
N PHE W 552 -23.11 -40.26 205.10
CA PHE W 552 -24.24 -40.49 204.21
C PHE W 552 -24.96 -39.20 203.88
N TRP W 553 -25.16 -38.34 204.87
CA TRP W 553 -25.85 -37.07 204.63
C TRP W 553 -25.05 -36.18 203.68
N LYS W 554 -23.74 -36.08 203.89
CA LYS W 554 -22.94 -35.22 203.01
C LYS W 554 -22.87 -35.78 201.60
N MET W 555 -22.74 -37.11 201.46
CA MET W 555 -22.66 -37.69 200.13
C MET W 555 -23.99 -37.57 199.40
N VAL W 556 -25.12 -37.75 200.11
CA VAL W 556 -26.41 -37.61 199.46
C VAL W 556 -26.69 -36.15 199.11
N ARG W 557 -26.21 -35.21 199.93
CA ARG W 557 -26.34 -33.79 199.59
C ARG W 557 -25.56 -33.46 198.32
N GLU W 558 -24.32 -33.95 198.22
CA GLU W 558 -23.55 -33.73 197.00
C GLU W 558 -24.22 -34.38 195.80
N SER W 559 -24.73 -35.61 195.97
CA SER W 559 -25.38 -36.31 194.87
C SER W 559 -26.62 -35.56 194.40
N VAL W 560 -27.44 -35.06 195.32
CA VAL W 560 -28.66 -34.35 194.92
C VAL W 560 -28.30 -33.00 194.30
N GLU W 561 -27.23 -32.35 194.79
CA GLU W 561 -26.79 -31.10 194.17
C GLU W 561 -26.36 -31.33 192.73
N GLN W 562 -25.63 -32.42 192.47
CA GLN W 562 -25.25 -32.74 191.10
C GLN W 562 -26.47 -33.12 190.26
N GLN W 563 -27.39 -33.90 190.84
CA GLN W 563 -28.54 -34.38 190.07
C GLN W 563 -29.52 -33.27 189.74
N ALA W 564 -29.58 -32.21 190.56
CA ALA W 564 -30.48 -31.09 190.27
C ALA W 564 -30.22 -30.51 188.88
N ASP W 565 -28.99 -30.60 188.40
CA ASP W 565 -28.66 -30.20 187.03
C ASP W 565 -28.54 -31.39 186.09
N SER W 566 -28.11 -32.55 186.59
CA SER W 566 -27.98 -33.73 185.73
C SER W 566 -29.33 -34.16 185.15
N PHE W 567 -30.36 -34.19 185.99
CA PHE W 567 -31.69 -34.58 185.51
C PHE W 567 -32.29 -33.55 184.57
N LYS W 568 -32.03 -32.26 184.82
CA LYS W 568 -32.49 -31.23 183.89
C LYS W 568 -31.82 -31.40 182.54
N ALA W 569 -30.51 -31.66 182.53
CA ALA W 569 -29.81 -31.89 181.28
C ALA W 569 -30.34 -33.13 180.57
N THR W 570 -30.61 -34.19 181.32
CA THR W 570 -31.15 -35.42 180.72
C THR W 570 -32.53 -35.17 180.10
N ARG W 571 -33.38 -34.42 180.81
CA ARG W 571 -34.70 -34.11 180.27
C ARG W 571 -34.59 -33.25 179.01
N PHE W 572 -33.70 -32.27 179.02
CA PHE W 572 -33.51 -31.44 177.83
C PHE W 572 -33.01 -32.28 176.65
N ASN W 573 -32.07 -33.19 176.90
CA ASN W 573 -31.56 -34.04 175.83
C ASN W 573 -32.66 -34.95 175.29
N LEU W 574 -33.49 -35.51 176.18
CA LEU W 574 -34.58 -36.37 175.74
C LEU W 574 -35.58 -35.59 174.90
N GLU W 575 -35.93 -34.37 175.33
CA GLU W 575 -36.85 -33.55 174.57
C GLU W 575 -36.27 -33.20 173.20
N THR W 576 -34.98 -32.86 173.16
CA THR W 576 -34.33 -32.56 171.88
C THR W 576 -34.33 -33.77 170.96
N GLU W 577 -34.06 -34.95 171.51
CA GLU W 577 -34.07 -36.17 170.71
C GLU W 577 -35.46 -36.46 170.16
N TRP W 578 -36.49 -36.30 171.00
CA TRP W 578 -37.85 -36.52 170.54
C TRP W 578 -38.25 -35.54 169.44
N LYS W 579 -37.87 -34.26 169.61
CA LYS W 579 -38.19 -33.27 168.59
C LYS W 579 -37.44 -33.55 167.28
N ASN W 580 -36.17 -33.95 167.39
CA ASN W 580 -35.38 -34.19 166.18
C ASN W 580 -35.85 -35.43 165.42
N ASN W 581 -36.16 -36.51 166.15
CA ASN W 581 -36.64 -37.72 165.49
C ASN W 581 -38.01 -37.51 164.85
N TYR W 582 -38.85 -36.67 165.45
CA TYR W 582 -40.19 -36.39 164.96
C TYR W 582 -40.39 -34.89 164.84
N PRO W 583 -39.83 -34.27 163.80
CA PRO W 583 -40.01 -32.83 163.63
C PRO W 583 -41.46 -32.41 163.46
N ARG W 584 -42.28 -33.25 162.83
CA ARG W 584 -43.67 -32.92 162.57
C ARG W 584 -44.63 -33.63 163.53
N LEU W 585 -44.11 -34.35 164.51
CA LEU W 585 -44.94 -35.07 165.48
C LEU W 585 -44.51 -34.68 166.89
N ARG W 586 -45.49 -34.33 167.72
CA ARG W 586 -45.23 -33.95 169.10
C ARG W 586 -45.32 -35.20 169.99
N GLU W 587 -45.33 -34.99 171.31
CA GLU W 587 -45.40 -36.11 172.24
C GLU W 587 -46.65 -36.94 172.02
N LEU W 588 -46.48 -38.26 171.96
CA LEU W 588 -47.57 -39.20 171.72
C LEU W 588 -47.49 -40.30 172.78
N ASP W 589 -48.16 -40.08 173.91
CA ASP W 589 -48.18 -41.06 174.99
C ASP W 589 -49.32 -42.05 174.77
N ARG W 590 -49.52 -42.94 175.75
CA ARG W 590 -50.52 -43.99 175.62
C ARG W 590 -51.93 -43.40 175.53
N ASN W 591 -52.23 -42.40 176.36
CA ASN W 591 -53.59 -41.86 176.39
C ASN W 591 -53.95 -41.15 175.08
N GLU W 592 -53.07 -40.27 174.61
CA GLU W 592 -53.35 -39.53 173.38
C GLU W 592 -53.42 -40.46 172.18
N LEU W 593 -52.51 -41.44 172.11
CA LEU W 593 -52.53 -42.38 170.99
C LEU W 593 -53.78 -43.25 171.02
N PHE W 594 -54.19 -43.69 172.20
CA PHE W 594 -55.43 -44.48 172.31
C PHE W 594 -56.64 -43.65 171.91
N GLU W 595 -56.70 -42.38 172.33
CA GLU W 595 -57.81 -41.53 171.94
C GLU W 595 -57.82 -41.29 170.43
N LYS W 596 -56.64 -41.10 169.83
CA LYS W 596 -56.57 -40.91 168.39
C LYS W 596 -57.00 -42.17 167.66
N ALA W 597 -56.61 -43.35 168.15
CA ALA W 597 -57.05 -44.59 167.54
C ALA W 597 -58.56 -44.76 167.64
N LYS W 598 -59.13 -44.43 168.80
CA LYS W 598 -60.58 -44.50 168.96
C LYS W 598 -61.29 -43.55 168.00
N ASN W 599 -60.77 -42.33 167.86
CA ASN W 599 -61.37 -41.37 166.94
C ASN W 599 -61.26 -41.85 165.49
N GLU W 600 -60.13 -42.43 165.12
CA GLU W 600 -59.98 -42.97 163.77
C GLU W 600 -60.94 -44.12 163.52
N ILE W 601 -61.12 -45.00 164.52
CA ILE W 601 -62.08 -46.09 164.38
C ILE W 601 -63.50 -45.54 164.21
N LEU W 602 -63.86 -44.52 164.99
CA LEU W 602 -65.17 -43.92 164.87
C LEU W 602 -65.36 -43.28 163.49
N ASP W 603 -64.34 -42.60 162.98
CA ASP W 603 -64.43 -42.00 161.65
C ASP W 603 -64.57 -43.07 160.57
N GLU W 604 -63.83 -44.17 160.70
CA GLU W 604 -63.96 -45.26 159.74
C GLU W 604 -65.35 -45.88 159.77
N VAL W 605 -65.91 -46.05 160.97
CA VAL W 605 -67.27 -46.58 161.09
C VAL W 605 -68.28 -45.63 160.46
N ILE W 606 -68.09 -44.32 160.68
CA ILE W 606 -68.98 -43.32 160.09
C ILE W 606 -68.90 -43.38 158.58
N SER W 607 -67.68 -43.45 158.03
CA SER W 607 -67.52 -43.54 156.58
C SER W 607 -68.16 -44.81 156.03
N LEU W 608 -67.99 -45.93 156.73
CA LEU W 608 -68.62 -47.18 156.32
C LEU W 608 -70.14 -47.05 156.29
N SER W 609 -70.71 -46.41 157.31
CA SER W 609 -72.16 -46.25 157.36
C SER W 609 -72.65 -45.25 156.31
N GLN W 610 -71.78 -44.34 155.88
CA GLN W 610 -72.17 -43.29 154.93
C GLN W 610 -72.05 -43.72 153.47
N VAL W 611 -71.58 -44.93 153.19
CA VAL W 611 -71.48 -45.40 151.82
C VAL W 611 -72.87 -45.60 151.25
N THR W 612 -73.04 -45.23 149.98
CA THR W 612 -74.34 -45.34 149.31
C THR W 612 -74.77 -46.80 149.26
N PRO W 613 -76.00 -47.12 149.67
CA PRO W 613 -76.44 -48.53 149.64
C PRO W 613 -76.45 -49.13 148.25
N LYS W 614 -76.62 -48.32 147.20
CA LYS W 614 -76.68 -48.85 145.84
C LYS W 614 -75.37 -49.54 145.46
N HIS W 615 -74.24 -48.92 145.82
CA HIS W 615 -72.95 -49.55 145.54
C HIS W 615 -72.80 -50.86 146.28
N TRP W 616 -73.25 -50.91 147.53
CA TRP W 616 -73.22 -52.16 148.29
C TRP W 616 -74.07 -53.23 147.61
N GLU W 617 -75.26 -52.87 147.16
CA GLU W 617 -76.12 -53.84 146.50
C GLU W 617 -75.49 -54.36 145.21
N GLU W 618 -74.91 -53.46 144.42
CA GLU W 618 -74.27 -53.88 143.18
C GLU W 618 -73.09 -54.81 143.45
N ILE W 619 -72.25 -54.45 144.43
CA ILE W 619 -71.08 -55.27 144.74
C ILE W 619 -71.52 -56.64 145.24
N LEU W 620 -72.50 -56.68 146.15
CA LEU W 620 -72.98 -57.95 146.68
C LEU W 620 -73.58 -58.82 145.58
N GLN W 621 -74.38 -58.22 144.70
CA GLN W 621 -75.00 -58.98 143.62
C GLN W 621 -73.93 -59.55 142.69
N GLN W 622 -72.94 -58.73 142.32
CA GLN W 622 -71.90 -59.20 141.42
C GLN W 622 -71.09 -60.33 142.05
N SER W 623 -70.70 -60.15 143.32
CA SER W 623 -69.91 -61.16 144.00
C SER W 623 -70.69 -62.47 144.15
N LEU W 624 -71.96 -62.37 144.54
CA LEU W 624 -72.77 -63.57 144.71
C LEU W 624 -72.97 -64.28 143.38
N TRP W 625 -73.23 -63.53 142.30
CA TRP W 625 -73.40 -64.15 140.99
C TRP W 625 -72.12 -64.85 140.55
N GLU W 626 -70.97 -64.19 140.72
CA GLU W 626 -69.71 -64.81 140.34
C GLU W 626 -69.44 -66.06 141.18
N ARG W 627 -69.88 -66.05 142.44
CA ARG W 627 -69.63 -67.20 143.31
C ARG W 627 -70.53 -68.38 142.95
N VAL W 628 -71.80 -68.12 142.63
CA VAL W 628 -72.77 -69.20 142.46
C VAL W 628 -73.01 -69.53 140.99
N SER W 629 -72.30 -68.90 140.06
CA SER W 629 -72.48 -69.24 138.66
C SER W 629 -72.14 -70.70 138.40
N THR W 630 -71.00 -71.17 138.91
CA THR W 630 -70.61 -72.56 138.70
C THR W 630 -71.59 -73.51 139.38
N HIS W 631 -72.02 -73.17 140.59
CA HIS W 631 -72.97 -74.02 141.31
C HIS W 631 -74.29 -74.14 140.54
N VAL W 632 -74.80 -73.01 140.04
CA VAL W 632 -76.04 -73.02 139.28
C VAL W 632 -75.87 -73.84 138.01
N ILE W 633 -74.74 -73.67 137.31
CA ILE W 633 -74.52 -74.41 136.08
C ILE W 633 -74.50 -75.91 136.35
N GLU W 634 -73.69 -76.33 137.32
CA GLU W 634 -73.54 -77.75 137.61
C GLU W 634 -74.75 -78.37 138.29
N ASN W 635 -75.67 -77.56 138.84
CA ASN W 635 -76.87 -78.09 139.44
C ASN W 635 -78.09 -77.99 138.53
N ILE W 636 -78.00 -77.26 137.42
CA ILE W 636 -79.13 -77.11 136.52
C ILE W 636 -78.84 -77.78 135.18
N TYR W 637 -77.79 -77.33 134.49
CA TYR W 637 -77.54 -77.82 133.14
C TYR W 637 -76.99 -79.24 133.13
N LEU W 638 -76.21 -79.62 134.15
CA LEU W 638 -75.66 -80.97 134.20
C LEU W 638 -76.74 -82.05 134.26
N PRO W 639 -77.77 -81.96 135.12
CA PRO W 639 -78.83 -82.97 135.06
C PRO W 639 -79.72 -82.81 133.83
N ALA W 640 -80.09 -81.58 133.48
CA ALA W 640 -80.95 -81.33 132.32
C ALA W 640 -80.11 -81.00 131.10
N ALA W 641 -79.26 -81.94 130.72
CA ALA W 641 -78.36 -81.77 129.58
C ALA W 641 -78.95 -82.25 128.26
N GLN W 642 -80.13 -82.89 128.28
CA GLN W 642 -80.73 -83.41 127.06
C GLN W 642 -82.19 -82.99 126.92
N THR W 643 -82.62 -81.96 127.65
CA THR W 643 -83.99 -81.49 127.53
C THR W 643 -84.23 -80.83 126.17
N MET W 644 -85.38 -81.12 125.57
CA MET W 644 -85.77 -80.56 124.29
C MET W 644 -86.82 -79.46 124.41
N ASN W 645 -87.87 -79.70 125.18
CA ASN W 645 -88.91 -78.70 125.37
C ASN W 645 -88.46 -77.65 126.38
N SER W 646 -88.73 -76.37 126.06
CA SER W 646 -88.36 -75.30 126.95
C SER W 646 -89.17 -75.32 128.24
N GLY W 647 -90.42 -75.79 128.18
CA GLY W 647 -91.25 -75.85 129.37
C GLY W 647 -90.70 -76.79 130.42
N THR W 648 -90.24 -77.97 130.00
CA THR W 648 -89.64 -78.92 130.94
C THR W 648 -88.38 -78.34 131.56
N PHE W 649 -87.55 -77.67 130.76
CA PHE W 649 -86.34 -77.04 131.29
C PHE W 649 -86.69 -75.96 132.32
N ASN W 650 -87.70 -75.14 132.02
CA ASN W 650 -88.11 -74.10 132.96
C ASN W 650 -88.66 -74.71 134.24
N THR W 651 -89.43 -75.78 134.14
CA THR W 651 -89.94 -76.46 135.33
C THR W 651 -88.82 -77.02 136.17
N THR W 652 -87.82 -77.64 135.53
CA THR W 652 -86.67 -78.16 136.27
C THR W 652 -85.90 -77.04 136.94
N VAL W 653 -85.73 -75.91 136.25
CA VAL W 653 -85.04 -74.76 136.84
C VAL W 653 -85.78 -74.26 138.06
N ASP W 654 -87.11 -74.15 137.96
CA ASP W 654 -87.91 -73.69 139.10
C ASP W 654 -87.81 -74.66 140.27
N ILE W 655 -87.85 -75.97 139.98
CA ILE W 655 -87.74 -76.96 141.05
C ILE W 655 -86.39 -76.86 141.74
N LYS W 656 -85.32 -76.74 140.96
CA LYS W 656 -83.99 -76.63 141.55
C LYS W 656 -83.84 -75.36 142.37
N LEU W 657 -84.38 -74.24 141.86
CA LEU W 657 -84.31 -72.99 142.61
C LEU W 657 -85.07 -73.07 143.92
N LYS W 658 -86.27 -73.67 143.90
CA LYS W 658 -87.04 -73.82 145.12
C LYS W 658 -86.31 -74.72 146.12
N GLN W 659 -85.73 -75.82 145.64
CA GLN W 659 -84.99 -76.71 146.53
C GLN W 659 -83.79 -76.00 147.13
N TRP W 660 -83.07 -75.22 146.33
CA TRP W 660 -81.92 -74.49 146.86
C TRP W 660 -82.35 -73.45 147.89
N THR W 661 -83.43 -72.72 147.62
CA THR W 661 -83.92 -71.73 148.58
C THR W 661 -84.33 -72.40 149.88
N ASP W 662 -84.98 -73.56 149.80
CA ASP W 662 -85.43 -74.25 151.00
C ASP W 662 -84.25 -74.82 151.79
N LYS W 663 -83.24 -75.34 151.11
CA LYS W 663 -82.20 -76.12 151.79
C LYS W 663 -81.14 -75.23 152.44
N GLN W 664 -80.36 -74.50 151.63
CA GLN W 664 -79.19 -73.81 152.16
C GLN W 664 -78.92 -72.45 151.55
N LEU W 665 -79.77 -71.96 150.64
CA LEU W 665 -79.49 -70.68 149.99
C LEU W 665 -79.41 -69.51 150.97
N PRO W 666 -80.33 -69.35 151.93
CA PRO W 666 -80.15 -68.25 152.89
C PRO W 666 -78.86 -68.33 153.68
N ASN W 667 -78.43 -69.54 154.05
CA ASN W 667 -77.17 -69.68 154.78
C ASN W 667 -75.99 -69.26 153.92
N LYS W 668 -75.99 -69.67 152.65
CA LYS W 668 -74.91 -69.27 151.75
C LYS W 668 -74.90 -67.77 151.54
N ALA W 669 -76.08 -67.16 151.40
CA ALA W 669 -76.15 -65.71 151.23
C ALA W 669 -75.63 -64.99 152.46
N VAL W 670 -75.99 -65.48 153.66
CA VAL W 670 -75.51 -64.86 154.89
C VAL W 670 -73.99 -64.99 154.99
N GLU W 671 -73.46 -66.17 154.66
CA GLU W 671 -72.01 -66.36 154.70
C GLU W 671 -71.30 -65.44 153.71
N VAL W 672 -71.84 -65.31 152.50
CA VAL W 672 -71.22 -64.44 151.50
C VAL W 672 -71.25 -62.98 151.96
N ALA W 673 -72.39 -62.55 152.52
CA ALA W 673 -72.48 -61.18 153.01
C ALA W 673 -71.50 -60.92 154.14
N TRP W 674 -71.38 -61.88 155.07
CA TRP W 674 -70.44 -61.72 156.18
C TRP W 674 -69.00 -61.68 155.68
N GLU W 675 -68.67 -62.53 154.71
CA GLU W 675 -67.32 -62.53 154.15
C GLU W 675 -67.01 -61.21 153.44
N THR W 676 -67.98 -60.68 152.70
CA THR W 676 -67.79 -59.39 152.03
C THR W 676 -67.61 -58.27 153.04
N LEU W 677 -68.40 -58.29 154.12
CA LEU W 677 -68.25 -57.27 155.16
C LEU W 677 -66.87 -57.37 155.82
N GLN W 678 -66.41 -58.60 156.08
CA GLN W 678 -65.09 -58.78 156.66
C GLN W 678 -64.00 -58.27 155.72
N GLU W 679 -64.13 -58.54 154.42
CA GLU W 679 -63.15 -58.07 153.45
C GLU W 679 -63.13 -56.55 153.40
N GLU W 680 -64.30 -55.91 153.39
CA GLU W 680 -64.36 -54.46 153.38
C GLU W 680 -63.74 -53.88 154.64
N PHE W 681 -64.04 -54.47 155.80
CA PHE W 681 -63.47 -53.98 157.06
C PHE W 681 -61.96 -54.13 157.07
N SER W 682 -61.45 -55.26 156.58
CA SER W 682 -60.00 -55.47 156.52
C SER W 682 -59.34 -54.48 155.58
N ARG W 683 -59.94 -54.23 154.42
CA ARG W 683 -59.37 -53.26 153.48
C ARG W 683 -59.37 -51.85 154.07
N PHE W 684 -60.44 -51.49 154.77
CA PHE W 684 -60.47 -50.18 155.41
C PHE W 684 -59.43 -50.07 156.52
N MET W 685 -59.25 -51.13 157.31
CA MET W 685 -58.25 -51.11 158.37
C MET W 685 -56.84 -51.02 157.80
N THR W 686 -56.56 -51.75 156.74
CA THR W 686 -55.25 -51.77 156.09
C THR W 686 -55.39 -51.06 154.75
N GLU W 687 -55.22 -49.74 154.76
CA GLU W 687 -55.35 -48.90 153.56
C GLU W 687 -54.09 -48.07 153.43
N PRO W 688 -53.04 -48.63 152.82
CA PRO W 688 -51.74 -47.93 152.74
C PRO W 688 -51.72 -46.85 151.66
N LYS W 689 -52.72 -45.96 151.70
CA LYS W 689 -52.73 -44.83 150.79
C LYS W 689 -51.58 -43.87 151.08
N GLY W 690 -51.28 -43.66 152.37
CA GLY W 690 -50.17 -42.79 152.73
C GLY W 690 -48.83 -43.43 152.40
N LYS W 691 -47.85 -42.57 152.16
CA LYS W 691 -46.51 -43.04 151.80
C LYS W 691 -45.78 -43.67 152.97
N GLU W 692 -46.18 -43.36 154.22
CA GLU W 692 -45.52 -43.92 155.38
C GLU W 692 -46.20 -45.20 155.84
N HIS W 693 -47.48 -45.11 156.19
CA HIS W 693 -48.29 -46.23 156.65
C HIS W 693 -47.58 -47.01 157.76
N ASP W 694 -47.38 -46.31 158.88
CA ASP W 694 -46.73 -46.90 160.04
C ASP W 694 -47.48 -48.14 160.51
N ASP W 695 -46.73 -49.21 160.76
CA ASP W 695 -47.32 -50.49 161.15
C ASP W 695 -47.69 -50.57 162.62
N ILE W 696 -47.23 -49.61 163.45
CA ILE W 696 -47.56 -49.63 164.86
C ILE W 696 -49.07 -49.50 165.05
N PHE W 697 -49.69 -48.56 164.32
CA PHE W 697 -51.15 -48.43 164.37
C PHE W 697 -51.83 -49.56 163.61
N ASP W 698 -51.18 -50.07 162.57
CA ASP W 698 -51.78 -51.14 161.76
C ASP W 698 -51.96 -52.41 162.57
N LYS W 699 -50.98 -52.76 163.41
CA LYS W 699 -51.11 -53.95 164.24
C LYS W 699 -52.27 -53.83 165.22
N LEU W 700 -52.41 -52.67 165.85
CA LEU W 700 -53.53 -52.45 166.75
C LEU W 700 -54.86 -52.51 166.01
N LYS W 701 -54.92 -51.93 164.81
CA LYS W 701 -56.15 -51.98 164.02
C LYS W 701 -56.51 -53.41 163.66
N GLU W 702 -55.52 -54.21 163.26
CA GLU W 702 -55.78 -55.61 162.93
C GLU W 702 -56.23 -56.39 164.16
N ALA W 703 -55.63 -56.13 165.31
CA ALA W 703 -56.05 -56.82 166.54
C ALA W 703 -57.49 -56.45 166.90
N VAL W 704 -57.83 -55.17 166.78
CA VAL W 704 -59.20 -54.74 167.07
C VAL W 704 -60.18 -55.37 166.07
N LYS W 705 -59.80 -55.45 164.80
CA LYS W 705 -60.65 -56.07 163.79
C LYS W 705 -60.88 -57.54 164.11
N GLU W 706 -59.82 -58.26 164.49
CA GLU W 706 -59.96 -59.67 164.83
C GLU W 706 -60.85 -59.85 166.06
N GLU W 707 -60.67 -59.00 167.07
CA GLU W 707 -61.51 -59.09 168.26
C GLU W 707 -62.97 -58.83 167.93
N SER W 708 -63.24 -57.83 167.09
CA SER W 708 -64.62 -57.54 166.69
C SER W 708 -65.22 -58.69 165.89
N ILE W 709 -64.43 -59.28 165.00
CA ILE W 709 -64.91 -60.41 164.20
C ILE W 709 -65.25 -61.59 165.10
N LYS W 710 -64.37 -61.89 166.06
CA LYS W 710 -64.63 -63.01 166.97
C LYS W 710 -65.81 -62.72 167.89
N ARG W 711 -66.01 -61.47 168.29
CA ARG W 711 -67.09 -61.11 169.19
C ARG W 711 -68.41 -60.86 168.47
N HIS W 712 -68.40 -60.79 167.14
CA HIS W 712 -69.62 -60.51 166.39
C HIS W 712 -70.62 -61.66 166.53
N LYS W 713 -71.90 -61.30 166.59
CA LYS W 713 -72.97 -62.26 166.74
C LYS W 713 -74.00 -62.06 165.63
N TRP W 714 -74.79 -63.10 165.37
CA TRP W 714 -75.82 -63.08 164.35
C TRP W 714 -77.16 -63.50 164.95
N ASN W 715 -78.24 -62.99 164.36
CA ASN W 715 -79.59 -63.24 164.84
C ASN W 715 -80.31 -64.19 163.88
N ASP W 716 -80.91 -65.24 164.43
CA ASP W 716 -81.63 -66.20 163.60
C ASP W 716 -82.91 -65.60 163.02
N PHE W 717 -83.47 -64.59 163.68
CA PHE W 717 -84.64 -63.91 163.14
C PHE W 717 -84.32 -63.24 161.81
N ALA W 718 -83.13 -62.66 161.70
CA ALA W 718 -82.70 -62.08 160.43
C ALA W 718 -82.59 -63.14 159.35
N GLU W 719 -82.06 -64.32 159.71
CA GLU W 719 -81.98 -65.42 158.74
C GLU W 719 -83.35 -65.86 158.28
N ASP W 720 -84.30 -65.98 159.22
CA ASP W 720 -85.66 -66.37 158.86
C ASP W 720 -86.31 -65.33 157.95
N SER W 721 -86.12 -64.04 158.26
CA SER W 721 -86.67 -62.99 157.42
C SER W 721 -86.05 -63.03 156.03
N LEU W 722 -84.74 -63.27 155.95
CA LEU W 722 -84.08 -63.37 154.66
C LEU W 722 -84.62 -64.54 153.85
N ARG W 723 -84.84 -65.68 154.51
CA ARG W 723 -85.40 -66.84 153.82
C ARG W 723 -86.80 -66.55 153.30
N VAL W 724 -87.63 -65.90 154.13
CA VAL W 724 -88.99 -65.57 153.72
C VAL W 724 -88.97 -64.62 152.54
N ILE W 725 -88.11 -63.60 152.57
CA ILE W 725 -88.06 -62.63 151.49
C ILE W 725 -87.52 -63.27 150.22
N GLN W 726 -86.54 -64.16 150.34
CA GLN W 726 -86.02 -64.86 149.17
C GLN W 726 -87.09 -65.73 148.54
N HIS W 727 -87.89 -66.43 149.36
CA HIS W 727 -88.98 -67.23 148.82
C HIS W 727 -90.05 -66.36 148.17
N ASN W 728 -90.35 -65.20 148.76
CA ASN W 728 -91.38 -64.32 148.21
C ASN W 728 -90.92 -63.56 146.98
N ALA W 729 -89.61 -63.45 146.76
CA ALA W 729 -89.09 -62.69 145.64
C ALA W 729 -89.29 -63.41 144.32
N LEU W 730 -90.54 -63.56 143.89
CA LEU W 730 -90.88 -64.16 142.61
C LEU W 730 -91.91 -63.30 141.89
N GLU W 731 -91.64 -61.99 141.84
CA GLU W 731 -92.61 -61.02 141.33
C GLU W 731 -92.63 -60.97 139.81
N ASP W 732 -91.50 -60.61 139.19
CA ASP W 732 -91.45 -60.43 137.74
C ASP W 732 -90.91 -61.68 137.06
N ARG W 733 -91.54 -62.04 135.93
CA ARG W 733 -91.16 -63.22 135.19
C ARG W 733 -91.01 -63.00 133.69
N SER W 734 -91.28 -61.81 133.18
CA SER W 734 -91.20 -61.53 131.75
C SER W 734 -90.64 -60.13 131.53
N ILE W 735 -90.09 -59.92 130.34
CA ILE W 735 -89.52 -58.64 129.95
C ILE W 735 -90.44 -57.99 128.92
N SER W 736 -90.88 -56.76 129.22
CA SER W 736 -91.71 -55.99 128.33
C SER W 736 -91.02 -54.73 127.82
N ASP W 737 -89.70 -54.62 128.03
CA ASP W 737 -88.94 -53.46 127.63
C ASP W 737 -87.84 -53.89 126.67
N LYS W 738 -87.70 -53.16 125.56
CA LYS W 738 -86.64 -53.45 124.60
C LYS W 738 -85.27 -53.19 125.21
N GLN W 739 -85.13 -52.11 125.98
CA GLN W 739 -83.85 -51.80 126.60
C GLN W 739 -83.46 -52.84 127.64
N GLN W 740 -84.43 -53.30 128.45
CA GLN W 740 -84.14 -54.35 129.41
C GLN W 740 -83.78 -55.66 128.70
N TRP W 741 -84.46 -55.95 127.60
CA TRP W 741 -84.13 -57.14 126.81
C TRP W 741 -82.70 -57.07 126.27
N ASP W 742 -82.31 -55.90 125.76
CA ASP W 742 -80.94 -55.74 125.26
C ASP W 742 -79.92 -55.85 126.38
N ALA W 743 -80.22 -55.28 127.56
CA ALA W 743 -79.32 -55.41 128.70
C ALA W 743 -79.15 -56.85 129.13
N ALA W 744 -80.26 -57.60 129.18
CA ALA W 744 -80.18 -59.02 129.51
C ALA W 744 -79.39 -59.79 128.47
N ILE W 745 -79.58 -59.45 127.19
CA ILE W 745 -78.81 -60.10 126.13
C ILE W 745 -77.32 -59.83 126.30
N TYR W 746 -76.95 -58.59 126.61
CA TYR W 746 -75.54 -58.26 126.79
C TYR W 746 -74.95 -58.98 128.00
N PHE W 747 -75.70 -59.03 129.10
CA PHE W 747 -75.20 -59.75 130.28
C PHE W 747 -75.02 -61.24 130.00
N MET W 748 -76.00 -61.84 129.31
CA MET W 748 -75.89 -63.25 128.95
C MET W 748 -74.72 -63.49 128.01
N GLU W 749 -74.50 -62.58 127.06
CA GLU W 749 -73.37 -62.70 126.14
C GLU W 749 -72.06 -62.61 126.90
N GLU W 750 -71.96 -61.70 127.86
CA GLU W 750 -70.74 -61.59 128.67
C GLU W 750 -70.48 -62.87 129.45
N ALA W 751 -71.54 -63.41 130.08
CA ALA W 751 -71.39 -64.65 130.84
C ALA W 751 -70.98 -65.80 129.95
N LEU W 752 -71.60 -65.92 128.77
CA LEU W 752 -71.26 -67.01 127.86
C LEU W 752 -69.85 -66.85 127.30
N GLN W 753 -69.42 -65.62 127.06
CA GLN W 753 -68.04 -65.40 126.61
C GLN W 753 -67.04 -65.78 127.69
N ALA W 754 -67.36 -65.46 128.96
CA ALA W 754 -66.49 -65.87 130.05
C ALA W 754 -66.42 -67.40 130.14
N ARG W 755 -67.57 -68.07 130.01
CA ARG W 755 -67.58 -69.52 130.04
C ARG W 755 -66.79 -70.11 128.87
N LEU W 756 -66.92 -69.50 127.69
CA LEU W 756 -66.17 -69.97 126.53
C LEU W 756 -64.67 -69.79 126.74
N LYS W 757 -64.26 -68.67 127.33
CA LYS W 757 -62.85 -68.47 127.62
C LYS W 757 -62.33 -69.50 128.62
N ASP W 758 -63.12 -69.79 129.65
CA ASP W 758 -62.73 -70.81 130.62
C ASP W 758 -62.60 -72.18 129.95
N THR W 759 -63.55 -72.51 129.08
CA THR W 759 -63.48 -73.80 128.37
C THR W 759 -62.27 -73.85 127.45
N GLU W 760 -61.96 -72.74 126.77
CA GLU W 760 -60.78 -72.70 125.92
C GLU W 760 -59.50 -72.87 126.73
N ASN W 761 -59.43 -72.24 127.90
CA ASN W 761 -58.27 -72.40 128.77
C ASN W 761 -58.13 -73.85 129.22
N ALA W 762 -59.25 -74.48 129.60
CA ALA W 762 -59.20 -75.88 130.01
C ALA W 762 -58.75 -76.78 128.87
N ILE W 763 -59.26 -76.53 127.66
CA ILE W 763 -58.87 -77.34 126.51
C ILE W 763 -57.39 -77.16 126.19
N GLU W 764 -56.89 -75.91 126.27
CA GLU W 764 -55.48 -75.66 126.01
C GLU W 764 -54.60 -76.33 127.07
N ASN W 765 -55.03 -76.31 128.33
CA ASN W 765 -54.28 -77.02 129.36
C ASN W 765 -54.27 -78.52 129.10
N MET W 766 -55.40 -79.07 128.67
CA MET W 766 -55.47 -80.50 128.41
C MET W 766 -54.61 -80.90 127.22
N VAL W 767 -54.58 -80.08 126.16
CA VAL W 767 -53.93 -80.46 124.91
C VAL W 767 -52.69 -79.59 124.66
N GLY W 768 -52.90 -78.29 124.50
CA GLY W 768 -51.82 -77.38 124.17
C GLY W 768 -52.13 -76.54 122.96
N PRO W 769 -51.09 -76.20 122.19
CA PRO W 769 -51.29 -75.39 120.98
C PRO W 769 -52.19 -76.11 119.98
N ASP W 770 -53.06 -75.33 119.33
CA ASP W 770 -54.04 -75.84 118.39
C ASP W 770 -54.06 -74.99 117.14
N TRP W 771 -54.20 -75.63 115.98
CA TRP W 771 -54.37 -74.97 114.68
C TRP W 771 -53.17 -74.07 114.41
N LYS W 772 -53.33 -72.75 114.27
CA LYS W 772 -52.25 -71.85 113.91
C LYS W 772 -51.14 -71.88 114.95
N LYS W 773 -51.52 -71.92 116.24
CA LYS W 773 -50.53 -71.96 117.31
C LYS W 773 -49.68 -73.23 117.22
N ARG W 774 -50.31 -74.36 116.92
CA ARG W 774 -49.58 -75.62 116.85
C ARG W 774 -48.69 -75.67 115.60
N TRP W 775 -49.21 -75.24 114.46
CA TRP W 775 -48.49 -75.34 113.20
C TRP W 775 -47.57 -74.14 112.93
N LEU W 776 -47.51 -73.17 113.83
CA LEU W 776 -46.61 -72.03 113.65
C LEU W 776 -45.16 -72.49 113.65
N TYR W 777 -44.81 -73.38 114.59
CA TYR W 777 -43.44 -73.90 114.63
C TYR W 777 -43.19 -74.90 113.52
N TRP W 778 -44.17 -75.76 113.24
CA TRP W 778 -44.15 -76.78 112.20
C TRP W 778 -43.15 -77.89 112.47
N LYS W 779 -42.37 -77.80 113.55
CA LYS W 779 -41.40 -78.82 113.90
C LYS W 779 -41.55 -79.37 115.31
N ASN W 780 -42.48 -78.84 116.10
CA ASN W 780 -42.71 -79.29 117.47
C ASN W 780 -43.97 -80.14 117.50
N ARG W 781 -43.82 -81.43 117.77
CA ARG W 781 -44.94 -82.35 117.84
C ARG W 781 -44.74 -83.31 119.01
N THR W 782 -45.84 -83.62 119.68
CA THR W 782 -45.84 -84.54 120.81
C THR W 782 -46.91 -85.59 120.59
N GLN W 783 -46.60 -86.84 120.94
CA GLN W 783 -47.55 -87.93 120.74
C GLN W 783 -48.79 -87.74 121.60
N GLU W 784 -48.63 -87.20 122.81
CA GLU W 784 -49.77 -87.02 123.69
C GLU W 784 -50.76 -86.01 123.12
N GLN W 785 -50.25 -84.85 122.67
CA GLN W 785 -51.12 -83.86 122.06
C GLN W 785 -51.62 -84.29 120.68
N CYS W 786 -50.84 -85.11 119.96
CA CYS W 786 -51.31 -85.61 118.67
C CYS W 786 -52.53 -86.51 118.85
N VAL W 787 -52.53 -87.35 119.90
CA VAL W 787 -53.67 -88.21 120.18
C VAL W 787 -54.90 -87.36 120.49
N HIS W 788 -54.73 -86.31 121.30
CA HIS W 788 -55.85 -85.43 121.62
C HIS W 788 -56.37 -84.73 120.37
N ASN W 789 -55.46 -84.28 119.50
CA ASN W 789 -55.88 -83.62 118.26
C ASN W 789 -56.65 -84.57 117.37
N GLU W 790 -56.19 -85.83 117.25
CA GLU W 790 -56.91 -86.80 116.44
C GLU W 790 -58.28 -87.10 117.02
N THR W 791 -58.38 -87.23 118.35
CA THR W 791 -59.68 -87.44 118.97
C THR W 791 -60.61 -86.25 118.73
N LYS W 792 -60.09 -85.03 118.84
CA LYS W 792 -60.89 -83.84 118.59
C LYS W 792 -61.38 -83.81 117.15
N ASN W 793 -60.50 -84.15 116.20
CA ASN W 793 -60.90 -84.17 114.79
C ASN W 793 -61.97 -85.23 114.55
N GLU W 794 -61.81 -86.41 115.15
CA GLU W 794 -62.81 -87.47 114.98
C GLU W 794 -64.16 -87.05 115.54
N LEU W 795 -64.16 -86.42 116.72
CA LEU W 795 -65.41 -85.97 117.32
C LEU W 795 -66.04 -84.85 116.50
N GLU W 796 -65.23 -83.94 115.95
CA GLU W 796 -65.76 -82.90 115.09
C GLU W 796 -66.39 -83.48 113.84
N LYS W 797 -65.76 -84.49 113.24
CA LYS W 797 -66.33 -85.14 112.06
C LYS W 797 -67.62 -85.87 112.43
N MET W 798 -67.66 -86.49 113.60
CA MET W 798 -68.89 -87.16 114.04
C MET W 798 -70.02 -86.16 114.23
N LEU W 799 -69.73 -84.99 114.81
CA LEU W 799 -70.75 -83.96 114.94
C LEU W 799 -71.19 -83.42 113.59
N LYS W 800 -70.25 -83.27 112.65
CA LYS W 800 -70.62 -82.83 111.31
C LYS W 800 -71.55 -83.84 110.64
N CYS W 801 -71.26 -85.13 110.80
CA CYS W 801 -72.15 -86.16 110.25
C CYS W 801 -73.43 -86.30 111.06
N ASN W 802 -73.33 -86.19 112.39
CA ASN W 802 -74.48 -86.36 113.28
C ASN W 802 -74.47 -85.19 114.27
N GLU W 803 -75.26 -84.15 113.97
CA GLU W 803 -75.27 -82.96 114.82
C GLU W 803 -75.83 -83.28 116.21
N GLU W 804 -76.88 -84.09 116.28
CA GLU W 804 -77.52 -84.42 117.54
C GLU W 804 -77.06 -85.80 118.01
N HIS W 805 -76.57 -85.86 119.25
CA HIS W 805 -76.08 -87.09 119.83
C HIS W 805 -76.35 -87.07 121.33
N PRO W 806 -76.75 -88.20 121.91
CA PRO W 806 -76.95 -88.24 123.36
C PRO W 806 -75.65 -88.03 124.12
N ALA W 807 -75.77 -87.43 125.31
CA ALA W 807 -74.59 -87.14 126.12
C ALA W 807 -73.86 -88.42 126.52
N TYR W 808 -74.60 -89.45 126.90
CA TYR W 808 -73.99 -90.71 127.30
C TYR W 808 -73.46 -91.44 126.07
N LEU W 809 -72.48 -92.33 126.31
CA LEU W 809 -71.87 -93.13 125.26
C LEU W 809 -72.20 -94.59 125.50
N ALA W 810 -72.80 -95.24 124.50
CA ALA W 810 -73.12 -96.65 124.60
C ALA W 810 -71.88 -97.50 124.33
N SER W 811 -71.98 -98.78 124.67
CA SER W 811 -70.83 -99.68 124.53
C SER W 811 -70.43 -99.84 123.07
N ASP W 812 -71.41 -99.99 122.18
CA ASP W 812 -71.09 -100.16 120.76
C ASP W 812 -70.44 -98.90 120.18
N GLU W 813 -70.91 -97.73 120.60
CA GLU W 813 -70.31 -96.48 120.13
C GLU W 813 -68.86 -96.38 120.58
N ILE W 814 -68.58 -96.72 121.83
CA ILE W 814 -67.21 -96.68 122.35
C ILE W 814 -66.33 -97.68 121.60
N THR W 815 -66.86 -98.88 121.35
CA THR W 815 -66.10 -99.88 120.62
C THR W 815 -65.79 -99.41 119.20
N THR W 816 -66.77 -98.80 118.52
CA THR W 816 -66.55 -98.30 117.18
C THR W 816 -65.51 -97.18 117.17
N VAL W 817 -65.58 -96.27 118.13
CA VAL W 817 -64.62 -95.18 118.21
C VAL W 817 -63.21 -95.73 118.45
N ARG W 818 -63.09 -96.70 119.36
CA ARG W 818 -61.78 -97.29 119.64
C ARG W 818 -61.23 -98.02 118.42
N LYS W 819 -62.10 -98.74 117.69
CA LYS W 819 -61.64 -99.40 116.48
C LYS W 819 -61.19 -98.40 115.42
N ASN W 820 -61.93 -97.31 115.26
CA ASN W 820 -61.53 -96.28 114.31
C ASN W 820 -60.18 -95.67 114.70
N LEU W 821 -59.98 -95.43 116.00
CA LEU W 821 -58.70 -94.87 116.46
C LEU W 821 -57.56 -95.86 116.22
N GLU W 822 -57.79 -97.14 116.51
CA GLU W 822 -56.75 -98.16 116.35
C GLU W 822 -56.51 -98.54 114.89
N SER W 823 -57.41 -98.16 113.98
CA SER W 823 -57.19 -98.45 112.57
C SER W 823 -55.92 -97.78 112.07
N ARG W 824 -55.67 -96.53 112.49
CA ARG W 824 -54.45 -95.83 112.13
C ARG W 824 -53.32 -96.03 113.14
N GLY W 825 -53.56 -96.80 114.20
CA GLY W 825 -52.51 -97.09 115.16
C GLY W 825 -52.51 -96.19 116.37
N VAL W 826 -53.69 -95.86 116.88
CA VAL W 826 -53.84 -95.01 118.06
C VAL W 826 -54.69 -95.76 119.08
N GLU W 827 -54.14 -95.97 120.28
CA GLU W 827 -54.84 -96.62 121.37
C GLU W 827 -55.07 -95.59 122.48
N VAL W 828 -56.34 -95.40 122.84
CA VAL W 828 -56.73 -94.39 123.83
C VAL W 828 -57.59 -95.08 124.88
N ASP W 829 -57.31 -94.76 126.15
CA ASP W 829 -58.09 -95.33 127.24
C ASP W 829 -59.52 -94.79 127.20
N PRO W 830 -60.49 -95.61 127.64
CA PRO W 830 -61.89 -95.15 127.59
C PRO W 830 -62.16 -93.90 128.41
N SER W 831 -61.44 -93.71 129.53
CA SER W 831 -61.67 -92.52 130.35
C SER W 831 -61.31 -91.25 129.59
N LEU W 832 -60.18 -91.25 128.88
CA LEU W 832 -59.80 -90.09 128.09
C LEU W 832 -60.78 -89.86 126.94
N ILE W 833 -61.28 -90.94 126.33
CA ILE W 833 -62.28 -90.81 125.27
C ILE W 833 -63.53 -90.15 125.82
N LYS W 834 -63.99 -90.59 126.99
CA LYS W 834 -65.19 -90.00 127.60
C LYS W 834 -64.96 -88.53 127.95
N ASP W 835 -63.79 -88.20 128.49
CA ASP W 835 -63.51 -86.82 128.84
C ASP W 835 -63.48 -85.92 127.60
N THR W 836 -62.84 -86.39 126.53
CA THR W 836 -62.80 -85.62 125.29
C THR W 836 -64.20 -85.47 124.71
N TRP W 837 -65.01 -86.52 124.76
CA TRP W 837 -66.38 -86.43 124.28
C TRP W 837 -67.18 -85.43 125.09
N HIS W 838 -67.01 -85.42 126.41
CA HIS W 838 -67.72 -84.46 127.25
C HIS W 838 -67.30 -83.03 126.91
N GLN W 839 -65.99 -82.80 126.73
CA GLN W 839 -65.51 -81.47 126.40
C GLN W 839 -66.05 -81.01 125.04
N VAL W 840 -66.05 -81.91 124.05
CA VAL W 840 -66.55 -81.56 122.73
C VAL W 840 -68.05 -81.30 122.76
N TYR W 841 -68.78 -82.08 123.57
CA TYR W 841 -70.22 -81.87 123.74
C TYR W 841 -70.49 -80.51 124.35
N ARG W 842 -69.72 -80.14 125.38
CA ARG W 842 -69.86 -78.83 126.00
C ARG W 842 -69.55 -77.71 125.02
N ARG W 843 -68.50 -77.88 124.22
CA ARG W 843 -68.16 -76.86 123.23
C ARG W 843 -69.25 -76.72 122.17
N HIS W 844 -69.81 -77.84 121.73
CA HIS W 844 -70.88 -77.80 120.73
C HIS W 844 -72.10 -77.09 121.28
N PHE W 845 -72.48 -77.38 122.53
CA PHE W 845 -73.62 -76.68 123.11
C PHE W 845 -73.32 -75.22 123.41
N LEU W 846 -72.07 -74.87 123.69
CA LEU W 846 -71.71 -73.46 123.83
C LEU W 846 -71.88 -72.73 122.50
N LYS W 847 -71.45 -73.37 121.40
CA LYS W 847 -71.63 -72.76 120.08
C LYS W 847 -73.12 -72.65 119.74
N THR W 848 -73.91 -73.66 120.09
CA THR W 848 -75.35 -73.61 119.86
C THR W 848 -75.99 -72.49 120.66
N ALA W 849 -75.56 -72.31 121.90
CA ALA W 849 -76.08 -71.21 122.72
C ALA W 849 -75.69 -69.86 122.13
N LEU W 850 -74.47 -69.74 121.61
CA LEU W 850 -74.06 -68.50 120.96
C LEU W 850 -74.92 -68.21 119.74
N ASN W 851 -75.19 -69.23 118.93
CA ASN W 851 -76.07 -69.05 117.78
C ASN W 851 -77.48 -68.65 118.21
N HIS W 852 -77.97 -69.27 119.29
CA HIS W 852 -79.29 -68.91 119.80
C HIS W 852 -79.32 -67.47 120.29
N CYS W 853 -78.25 -67.01 120.93
CA CYS W 853 -78.16 -65.61 121.33
C CYS W 853 -78.16 -64.68 120.12
N ASN W 854 -77.42 -65.05 119.07
CA ASN W 854 -77.39 -64.24 117.85
C ASN W 854 -78.79 -64.16 117.24
N LEU W 855 -79.51 -65.28 117.23
CA LEU W 855 -80.88 -65.26 116.71
C LEU W 855 -81.79 -64.41 117.57
N CYS W 856 -81.70 -64.56 118.90
CA CYS W 856 -82.56 -63.80 119.80
C CYS W 856 -82.24 -62.30 119.78
N ARG W 857 -81.04 -61.93 119.34
CA ARG W 857 -80.72 -60.51 119.21
C ARG W 857 -81.64 -59.79 118.22
N ARG W 858 -82.23 -60.54 117.29
CA ARG W 858 -83.16 -59.94 116.29
C ARG W 858 -84.56 -60.52 116.47
N GLY W 859 -84.68 -61.60 117.25
CA GLY W 859 -85.95 -62.26 117.46
C GLY W 859 -86.86 -61.63 118.49
N PHE W 860 -86.60 -60.38 118.90
CA PHE W 860 -87.48 -59.70 119.84
C PHE W 860 -88.87 -59.49 119.27
N TYR W 861 -89.01 -59.37 117.95
CA TYR W 861 -90.34 -59.24 117.35
C TYR W 861 -91.16 -60.50 117.60
N TYR W 862 -90.56 -61.68 117.41
CA TYR W 862 -91.25 -62.92 117.72
C TYR W 862 -91.49 -63.06 119.22
N TYR W 863 -90.49 -62.69 120.03
CA TYR W 863 -90.61 -62.87 121.48
C TYR W 863 -91.72 -62.03 122.07
N GLN W 864 -91.84 -60.77 121.65
CA GLN W 864 -92.81 -59.86 122.25
C GLN W 864 -94.24 -60.31 121.99
N ARG W 865 -94.54 -60.76 120.77
CA ARG W 865 -95.90 -61.12 120.41
C ARG W 865 -96.21 -62.59 120.60
N HIS W 866 -95.20 -63.46 120.65
CA HIS W 866 -95.38 -64.90 120.86
C HIS W 866 -96.30 -65.49 119.80
N PHE W 867 -95.83 -65.45 118.56
CA PHE W 867 -96.61 -65.97 117.44
C PHE W 867 -96.79 -67.48 117.57
N VAL W 868 -97.90 -67.98 117.01
CA VAL W 868 -98.20 -69.41 117.07
C VAL W 868 -97.13 -70.19 116.31
N ASP W 869 -96.78 -69.74 115.11
CA ASP W 869 -95.72 -70.36 114.31
C ASP W 869 -94.37 -69.71 114.57
N SER W 870 -93.98 -69.65 115.84
CA SER W 870 -92.72 -69.01 116.21
C SER W 870 -91.54 -69.88 115.78
N GLU W 871 -90.58 -69.26 115.09
CA GLU W 871 -89.38 -69.95 114.66
C GLU W 871 -88.24 -69.85 115.66
N LEU W 872 -88.48 -69.21 116.81
CA LEU W 872 -87.43 -69.02 117.81
C LEU W 872 -88.08 -68.87 119.17
N GLU W 873 -87.61 -69.64 120.15
CA GLU W 873 -88.12 -69.60 121.52
C GLU W 873 -86.99 -69.12 122.43
N CYS W 874 -86.99 -67.83 122.74
CA CYS W 874 -85.97 -67.23 123.60
C CYS W 874 -86.43 -67.36 125.05
N ASN W 875 -85.85 -68.33 125.76
CA ASN W 875 -86.14 -68.55 127.18
C ASN W 875 -84.93 -68.35 128.08
N ASP W 876 -83.72 -68.60 127.57
CA ASP W 876 -82.53 -68.40 128.38
C ASP W 876 -82.36 -66.94 128.78
N VAL W 877 -82.69 -66.02 127.88
CA VAL W 877 -82.57 -64.60 128.20
C VAL W 877 -83.51 -64.24 129.34
N VAL W 878 -84.75 -64.72 129.27
CA VAL W 878 -85.73 -64.43 130.32
C VAL W 878 -85.29 -65.05 131.64
N LEU W 879 -84.78 -66.28 131.60
CA LEU W 879 -84.33 -66.94 132.82
C LEU W 879 -83.16 -66.19 133.44
N PHE W 880 -82.20 -65.74 132.63
CA PHE W 880 -81.06 -65.01 133.16
C PHE W 880 -81.49 -63.65 133.72
N TRP W 881 -82.45 -62.99 133.08
CA TRP W 881 -82.96 -61.72 133.61
C TRP W 881 -83.67 -61.95 134.94
N ARG W 882 -84.45 -63.02 135.06
CA ARG W 882 -85.10 -63.34 136.32
C ARG W 882 -84.07 -63.62 137.41
N ILE W 883 -83.02 -64.36 137.08
CA ILE W 883 -81.96 -64.63 138.06
C ILE W 883 -81.29 -63.33 138.48
N GLN W 884 -81.03 -62.44 137.53
CA GLN W 884 -80.37 -61.18 137.83
C GLN W 884 -81.22 -60.31 138.76
N ARG W 885 -82.53 -60.20 138.46
CA ARG W 885 -83.39 -59.37 139.30
C ARG W 885 -83.58 -59.99 140.68
N MET W 886 -83.69 -61.32 140.76
CA MET W 886 -83.78 -61.97 142.07
C MET W 886 -82.51 -61.75 142.88
N LEU W 887 -81.34 -61.83 142.24
CA LEU W 887 -80.08 -61.57 142.93
C LEU W 887 -80.00 -60.13 143.40
N ALA W 888 -80.47 -59.19 142.58
CA ALA W 888 -80.48 -57.78 142.98
C ALA W 888 -81.38 -57.57 144.19
N ILE W 889 -82.56 -58.18 144.19
CA ILE W 889 -83.48 -58.06 145.32
C ILE W 889 -82.86 -58.66 146.58
N THR W 890 -82.24 -59.83 146.44
CA THR W 890 -81.60 -60.47 147.59
C THR W 890 -80.46 -59.61 148.13
N ALA W 891 -79.65 -59.03 147.24
CA ALA W 891 -78.56 -58.18 147.69
C ALA W 891 -79.07 -56.93 148.39
N ASN W 892 -80.14 -56.32 147.87
CA ASN W 892 -80.73 -55.16 148.53
C ASN W 892 -81.26 -55.51 149.91
N THR W 893 -81.94 -56.65 150.01
CA THR W 893 -82.45 -57.08 151.32
C THR W 893 -81.31 -57.36 152.29
N LEU W 894 -80.25 -58.00 151.82
CA LEU W 894 -79.09 -58.28 152.67
C LEU W 894 -78.45 -56.98 153.15
N ARG W 895 -78.30 -56.00 152.25
CA ARG W 895 -77.72 -54.72 152.64
C ARG W 895 -78.59 -54.01 153.67
N GLN W 896 -79.91 -54.03 153.46
CA GLN W 896 -80.82 -53.37 154.40
C GLN W 896 -80.75 -54.02 155.78
N GLN W 897 -80.80 -55.35 155.82
CA GLN W 897 -80.73 -56.05 157.10
C GLN W 897 -79.38 -55.84 157.78
N LEU W 898 -78.30 -55.82 156.99
CA LEU W 898 -76.99 -55.55 157.56
C LEU W 898 -76.94 -54.17 158.20
N THR W 899 -77.35 -53.14 157.45
CA THR W 899 -77.37 -51.79 157.99
C THR W 899 -78.26 -51.69 159.22
N ASN W 900 -79.36 -52.46 159.26
CA ASN W 900 -80.27 -52.39 160.40
C ASN W 900 -79.67 -53.02 161.65
N THR W 901 -79.05 -54.20 161.52
CA THR W 901 -78.68 -54.98 162.69
C THR W 901 -77.17 -55.15 162.85
N GLU W 902 -76.47 -55.57 161.79
CA GLU W 902 -75.08 -55.97 161.94
C GLU W 902 -74.17 -54.77 162.15
N VAL W 903 -74.50 -53.61 161.59
CA VAL W 903 -73.72 -52.40 161.84
C VAL W 903 -73.77 -52.04 163.31
N ARG W 904 -74.98 -52.08 163.90
CA ARG W 904 -75.12 -51.80 165.33
C ARG W 904 -74.40 -52.85 166.17
N ARG W 905 -74.48 -54.12 165.77
CA ARG W 905 -73.78 -55.17 166.52
C ARG W 905 -72.27 -54.96 166.48
N LEU W 906 -71.73 -54.62 165.31
CA LEU W 906 -70.29 -54.37 165.19
C LEU W 906 -69.89 -53.15 166.00
N GLU W 907 -70.73 -52.10 165.99
CA GLU W 907 -70.44 -50.92 166.80
C GLU W 907 -70.41 -51.27 168.29
N LYS W 908 -71.36 -52.09 168.73
CA LYS W 908 -71.39 -52.51 170.13
C LYS W 908 -70.14 -53.33 170.48
N ASN W 909 -69.74 -54.25 169.60
CA ASN W 909 -68.54 -55.04 169.85
C ASN W 909 -67.30 -54.16 169.91
N VAL W 910 -67.20 -53.19 169.00
CA VAL W 910 -66.05 -52.28 169.01
C VAL W 910 -66.03 -51.46 170.29
N LYS W 911 -67.20 -50.98 170.74
CA LYS W 911 -67.26 -50.22 171.98
C LYS W 911 -66.85 -51.07 173.17
N GLU W 912 -67.31 -52.34 173.22
CA GLU W 912 -66.92 -53.23 174.31
C GLU W 912 -65.42 -53.48 174.31
N VAL W 913 -64.84 -53.71 173.13
CA VAL W 913 -63.41 -53.96 173.04
C VAL W 913 -62.63 -52.73 173.48
N LEU W 914 -63.06 -51.55 173.05
CA LEU W 914 -62.38 -50.31 173.45
C LEU W 914 -62.47 -50.09 174.95
N GLU W 915 -63.64 -50.35 175.53
CA GLU W 915 -63.79 -50.19 176.98
C GLU W 915 -62.91 -51.18 177.73
N ASP W 916 -62.84 -52.42 177.25
CA ASP W 916 -61.98 -53.42 177.90
C ASP W 916 -60.52 -53.02 177.81
N PHE W 917 -60.09 -52.49 176.65
CA PHE W 917 -58.71 -52.03 176.51
C PHE W 917 -58.42 -50.84 177.42
N ALA W 918 -59.36 -49.89 177.51
CA ALA W 918 -59.16 -48.72 178.34
C ALA W 918 -59.09 -49.09 179.82
N GLU W 919 -59.93 -50.02 180.26
CA GLU W 919 -59.96 -50.45 181.66
C GLU W 919 -58.82 -51.39 182.01
N ASP W 920 -57.86 -51.62 181.11
CA ASP W 920 -56.73 -52.50 181.36
C ASP W 920 -55.49 -51.86 180.73
N GLY W 921 -54.72 -51.13 181.56
CA GLY W 921 -53.49 -50.52 181.08
C GLY W 921 -52.38 -51.51 180.85
N GLU W 922 -52.43 -52.68 181.50
CA GLU W 922 -51.43 -53.71 181.26
C GLU W 922 -51.49 -54.21 179.82
N LYS W 923 -52.70 -54.36 179.27
CA LYS W 923 -52.84 -54.74 177.88
C LYS W 923 -52.26 -53.68 176.95
N LYS W 924 -52.46 -52.40 177.28
CA LYS W 924 -51.88 -51.32 176.48
C LYS W 924 -50.36 -51.37 176.54
N ILE W 925 -49.79 -51.63 177.72
CA ILE W 925 -48.34 -51.72 177.84
C ILE W 925 -47.81 -52.91 177.03
N LYS W 926 -48.50 -54.04 177.10
CA LYS W 926 -48.06 -55.23 176.38
C LYS W 926 -48.13 -55.02 174.86
N LEU W 927 -49.18 -54.35 174.39
CA LEU W 927 -49.37 -54.17 172.95
C LEU W 927 -48.61 -52.96 172.42
N LEU W 928 -48.82 -51.79 173.01
CA LEU W 928 -48.17 -50.56 172.56
C LEU W 928 -46.71 -50.56 173.02
N THR W 929 -45.89 -51.30 172.28
CA THR W 929 -44.46 -51.39 172.56
C THR W 929 -43.63 -50.68 171.50
N GLY W 930 -44.25 -49.72 170.80
CA GLY W 930 -43.53 -48.98 169.78
C GLY W 930 -42.49 -48.04 170.36
N LYS W 931 -41.58 -47.61 169.49
CA LYS W 931 -40.51 -46.71 169.93
C LYS W 931 -41.08 -45.39 170.43
N ARG W 932 -42.07 -44.84 169.73
CA ARG W 932 -42.66 -43.57 170.14
C ARG W 932 -43.34 -43.69 171.50
N VAL W 933 -44.07 -44.79 171.73
CA VAL W 933 -44.77 -44.97 173.00
C VAL W 933 -43.76 -45.07 174.14
N GLN W 934 -42.71 -45.87 173.95
CA GLN W 934 -41.71 -46.04 174.99
C GLN W 934 -40.97 -44.72 175.27
N LEU W 935 -40.63 -43.98 174.21
CA LEU W 935 -39.95 -42.70 174.41
C LEU W 935 -40.84 -41.72 175.15
N ALA W 936 -42.12 -41.65 174.79
CA ALA W 936 -43.04 -40.75 175.48
C ALA W 936 -43.20 -41.14 176.95
N GLU W 937 -43.31 -42.44 177.22
CA GLU W 937 -43.42 -42.90 178.60
C GLU W 937 -42.17 -42.56 179.40
N ASP W 938 -41.00 -42.76 178.81
CA ASP W 938 -39.75 -42.42 179.50
C ASP W 938 -39.66 -40.93 179.76
N LEU W 939 -40.04 -40.11 178.79
CA LEU W 939 -39.99 -38.66 178.98
C LEU W 939 -40.96 -38.23 180.08
N LYS W 940 -42.17 -38.79 180.10
CA LYS W 940 -43.13 -38.45 181.15
C LYS W 940 -42.62 -38.87 182.52
N LYS W 941 -42.03 -40.07 182.62
CA LYS W 941 -41.51 -40.52 183.90
C LYS W 941 -40.35 -39.64 184.36
N VAL W 942 -39.47 -39.24 183.45
CA VAL W 942 -38.36 -38.36 183.80
C VAL W 942 -38.88 -37.01 184.27
N ARG W 943 -39.88 -36.47 183.58
CA ARG W 943 -40.46 -35.19 183.99
C ARG W 943 -41.10 -35.30 185.38
N GLU W 944 -41.83 -36.39 185.64
CA GLU W 944 -42.44 -36.57 186.95
C GLU W 944 -41.38 -36.70 188.04
N ILE W 945 -40.30 -37.44 187.77
CA ILE W 945 -39.22 -37.60 188.74
C ILE W 945 -38.56 -36.25 189.03
N GLN W 946 -38.32 -35.45 187.98
CA GLN W 946 -37.71 -34.15 188.17
C GLN W 946 -38.63 -33.22 188.96
N GLU W 947 -39.94 -33.28 188.69
CA GLU W 947 -40.88 -32.45 189.45
C GLU W 947 -40.90 -32.86 190.92
N LYS W 948 -40.88 -34.16 191.19
CA LYS W 948 -40.84 -34.64 192.57
C LYS W 948 -39.55 -34.20 193.27
N LEU W 949 -38.42 -34.26 192.56
CA LEU W 949 -37.16 -33.82 193.14
C LEU W 949 -37.16 -32.33 193.41
N ASP W 950 -37.75 -31.55 192.50
CA ASP W 950 -37.87 -30.10 192.73
C ASP W 950 -38.74 -29.81 193.94
N ALA W 951 -39.83 -30.54 194.09
CA ALA W 951 -40.68 -30.38 195.28
C ALA W 951 -39.91 -30.74 196.55
N PHE W 952 -39.12 -31.81 196.50
CA PHE W 952 -38.29 -32.18 197.64
C PHE W 952 -37.30 -31.09 197.98
N ILE W 953 -36.65 -30.51 196.96
CA ILE W 953 -35.68 -29.44 197.19
C ILE W 953 -36.36 -28.23 197.81
N GLU W 954 -37.53 -27.86 197.29
CA GLU W 954 -38.27 -26.72 197.83
C GLU W 954 -38.67 -26.97 199.28
N ALA W 955 -39.15 -28.17 199.59
CA ALA W 955 -39.54 -28.50 200.96
C ALA W 955 -38.33 -28.46 201.90
N LEU W 956 -37.20 -28.99 201.44
CA LEU W 956 -35.99 -28.96 202.27
C LEU W 956 -35.53 -27.54 202.53
N HIS W 957 -35.59 -26.68 201.49
CA HIS W 957 -35.19 -25.29 201.67
C HIS W 957 -36.13 -24.56 202.62
N GLN W 958 -37.44 -24.81 202.49
CA GLN W 958 -38.40 -24.16 203.38
C GLN W 958 -38.25 -24.63 204.82
N GLU W 959 -38.04 -25.92 205.04
CA GLU W 959 -37.88 -26.43 206.40
C GLU W 959 -36.63 -25.87 207.07
N LYS W 960 -35.54 -25.79 206.30
CA LYS W 960 -34.27 -25.22 206.83
C LYS W 960 -34.23 -23.72 206.57
N SER X 263 -92.61 -55.77 192.31
CA SER X 263 -92.79 -56.52 191.08
C SER X 263 -93.23 -55.60 189.93
N LEU X 264 -94.42 -55.86 189.40
CA LEU X 264 -94.95 -55.04 188.31
C LEU X 264 -95.18 -53.61 188.76
N ILE X 265 -95.72 -53.43 189.98
CA ILE X 265 -96.02 -52.08 190.47
C ILE X 265 -94.74 -51.28 190.68
N ASP X 266 -93.69 -51.92 191.21
CA ASP X 266 -92.42 -51.23 191.41
C ASP X 266 -91.81 -50.80 190.09
N MET X 267 -91.84 -51.67 189.08
CA MET X 267 -91.30 -51.32 187.78
C MET X 267 -92.12 -50.22 187.12
N TYR X 268 -93.44 -50.26 187.28
CA TYR X 268 -94.29 -49.19 186.74
C TYR X 268 -93.99 -47.86 187.42
N SER X 269 -93.78 -47.87 188.74
CA SER X 269 -93.41 -46.65 189.45
C SER X 269 -92.06 -46.13 188.98
N GLU X 270 -91.10 -47.03 188.74
CA GLU X 270 -89.80 -46.60 188.22
C GLU X 270 -89.94 -46.00 186.83
N VAL X 271 -90.78 -46.58 185.98
CA VAL X 271 -91.02 -46.04 184.65
C VAL X 271 -91.65 -44.66 184.74
N LEU X 272 -92.62 -44.49 185.63
CA LEU X 272 -93.24 -43.18 185.82
C LEU X 272 -92.23 -42.15 186.32
N ASP X 273 -91.35 -42.56 187.23
CA ASP X 273 -90.31 -41.66 187.73
C ASP X 273 -89.36 -41.25 186.61
N VAL X 274 -88.99 -42.20 185.74
CA VAL X 274 -88.12 -41.90 184.62
C VAL X 274 -88.82 -40.92 183.67
N LEU X 275 -90.11 -41.15 183.40
CA LEU X 275 -90.85 -40.24 182.53
C LEU X 275 -90.93 -38.84 183.13
N SER X 276 -91.15 -38.76 184.45
CA SER X 276 -91.19 -37.45 185.11
C SER X 276 -89.84 -36.74 185.03
N ASP X 277 -88.76 -37.48 185.24
CA ASP X 277 -87.42 -36.91 185.18
C ASP X 277 -86.96 -36.65 183.75
N TYR X 278 -87.69 -37.14 182.75
CA TYR X 278 -87.30 -36.90 181.36
C TYR X 278 -87.32 -35.42 181.03
N ASP X 279 -88.35 -34.70 181.47
CA ASP X 279 -88.44 -33.27 181.21
C ASP X 279 -89.35 -32.63 182.26
N ALA X 280 -89.15 -31.34 182.49
CA ALA X 280 -89.99 -30.61 183.43
C ALA X 280 -91.36 -30.30 182.85
N SER X 281 -91.52 -30.36 181.53
CA SER X 281 -92.79 -30.11 180.88
C SER X 281 -93.62 -31.40 180.89
N TYR X 282 -94.73 -31.40 180.15
CA TYR X 282 -95.63 -32.56 180.06
C TYR X 282 -95.82 -32.90 178.59
N ASN X 283 -94.93 -33.73 178.06
CA ASN X 283 -95.01 -34.20 176.68
C ASN X 283 -95.27 -35.70 176.59
N THR X 284 -94.44 -36.51 177.23
CA THR X 284 -94.63 -37.96 177.28
C THR X 284 -95.19 -38.43 178.61
N GLN X 285 -95.30 -37.55 179.60
CA GLN X 285 -95.84 -37.92 180.90
C GLN X 285 -97.35 -38.14 180.88
N ASP X 286 -98.04 -37.64 179.86
CA ASP X 286 -99.49 -37.77 179.74
C ASP X 286 -99.90 -39.03 178.99
N HIS X 287 -98.96 -39.89 178.62
CA HIS X 287 -99.29 -41.11 177.91
C HIS X 287 -99.80 -42.19 178.88
N LEU X 288 -98.97 -42.55 179.86
CA LEU X 288 -99.37 -43.54 180.84
C LEU X 288 -100.39 -42.94 181.81
N PRO X 289 -101.41 -43.71 182.21
CA PRO X 289 -102.38 -43.20 183.17
C PRO X 289 -101.73 -42.90 184.52
N ARG X 290 -102.21 -41.85 185.17
CA ARG X 290 -101.70 -41.44 186.47
C ARG X 290 -102.87 -41.00 187.34
N VAL X 291 -103.11 -41.70 188.44
CA VAL X 291 -104.19 -41.36 189.36
C VAL X 291 -103.73 -40.15 190.18
N VAL X 292 -104.37 -39.00 189.95
CA VAL X 292 -104.01 -37.76 190.59
C VAL X 292 -105.13 -37.36 191.56
N VAL X 293 -104.77 -37.06 192.79
CA VAL X 293 -105.71 -36.65 193.82
C VAL X 293 -105.60 -35.13 193.98
N VAL X 294 -106.68 -34.43 193.66
CA VAL X 294 -106.74 -32.97 193.72
C VAL X 294 -107.86 -32.57 194.65
N GLY X 295 -107.57 -31.68 195.59
CA GLY X 295 -108.57 -31.20 196.52
C GLY X 295 -108.58 -29.69 196.66
N ASP X 296 -109.28 -29.20 197.68
CA ASP X 296 -109.37 -27.77 197.94
C ASP X 296 -108.51 -27.39 199.14
N GLN X 297 -108.19 -26.11 199.24
CA GLN X 297 -107.37 -25.62 200.35
C GLN X 297 -108.16 -25.66 201.64
N SER X 298 -107.54 -26.21 202.69
CA SER X 298 -108.16 -26.34 204.02
C SER X 298 -109.47 -27.09 203.95
N ALA X 299 -109.52 -28.12 203.10
CA ALA X 299 -110.71 -28.94 202.92
C ALA X 299 -110.60 -30.28 203.61
N GLY X 300 -109.58 -30.48 204.45
CA GLY X 300 -109.42 -31.74 205.14
C GLY X 300 -108.90 -32.88 204.28
N LYS X 301 -108.38 -32.59 203.09
CA LYS X 301 -107.87 -33.65 202.23
C LYS X 301 -106.64 -34.33 202.82
N THR X 302 -105.91 -33.64 203.70
CA THR X 302 -104.74 -34.24 204.32
C THR X 302 -105.12 -35.43 205.19
N SER X 303 -106.20 -35.31 205.95
CA SER X 303 -106.65 -36.43 206.79
C SER X 303 -107.08 -37.61 205.94
N VAL X 304 -107.79 -37.35 204.84
CA VAL X 304 -108.22 -38.44 203.96
C VAL X 304 -107.01 -39.13 203.33
N LEU X 305 -106.02 -38.34 202.89
CA LEU X 305 -104.81 -38.93 202.31
C LEU X 305 -104.06 -39.76 203.33
N GLU X 306 -103.97 -39.27 204.57
CA GLU X 306 -103.32 -40.04 205.63
C GLU X 306 -104.06 -41.34 205.91
N MET X 307 -105.39 -41.29 205.93
CA MET X 307 -106.18 -42.50 206.17
C MET X 307 -106.05 -43.48 205.01
N ILE X 308 -105.85 -42.98 203.80
CA ILE X 308 -105.65 -43.88 202.65
C ILE X 308 -104.38 -44.71 202.84
N ALA X 309 -103.30 -44.08 203.27
CA ALA X 309 -102.05 -44.78 203.56
C ALA X 309 -102.01 -45.37 204.96
N GLN X 310 -103.04 -45.12 205.78
CA GLN X 310 -103.13 -45.63 207.15
C GLN X 310 -101.97 -45.13 208.00
N ALA X 311 -101.46 -43.94 207.70
CA ALA X 311 -100.35 -43.37 208.47
C ALA X 311 -100.33 -41.87 208.24
N ARG X 312 -99.92 -41.13 209.27
CA ARG X 312 -99.81 -39.68 209.19
C ARG X 312 -98.44 -39.33 208.61
N ILE X 313 -98.39 -39.09 207.31
CA ILE X 313 -97.14 -38.76 206.63
C ILE X 313 -97.13 -37.35 206.05
N PHE X 314 -98.28 -36.72 205.85
CA PHE X 314 -98.33 -35.36 205.32
C PHE X 314 -98.37 -34.36 206.46
N PRO X 315 -97.41 -33.44 206.54
CA PRO X 315 -97.44 -32.44 207.63
C PRO X 315 -98.67 -31.56 207.54
N ARG X 316 -99.19 -31.18 208.71
CA ARG X 316 -100.38 -30.36 208.80
C ARG X 316 -100.03 -28.89 208.64
N GLY X 317 -100.97 -28.13 208.06
CA GLY X 317 -100.76 -26.71 207.85
C GLY X 317 -101.92 -25.87 208.34
N SER X 318 -101.63 -24.88 209.18
CA SER X 318 -102.66 -24.00 209.73
C SER X 318 -102.89 -22.85 208.74
N GLY X 319 -103.61 -23.16 207.67
CA GLY X 319 -103.94 -22.19 206.64
C GLY X 319 -102.91 -22.06 205.53
N GLU X 320 -101.63 -22.12 205.88
CA GLU X 320 -100.57 -22.02 204.88
C GLU X 320 -100.55 -23.27 204.00
N MET X 321 -100.23 -23.05 202.72
CA MET X 321 -100.16 -24.14 201.74
C MET X 321 -98.80 -24.81 201.87
N MET X 322 -98.75 -25.85 202.72
CA MET X 322 -97.49 -26.57 202.92
C MET X 322 -97.06 -27.30 201.65
N THR X 323 -98.02 -27.91 200.94
CA THR X 323 -97.72 -28.66 199.73
C THR X 323 -97.59 -27.68 198.57
N ARG X 324 -96.36 -27.44 198.12
CA ARG X 324 -96.10 -26.54 197.01
C ARG X 324 -95.52 -27.24 195.79
N SER X 325 -95.24 -28.54 195.88
CA SER X 325 -94.70 -29.32 194.78
C SER X 325 -95.48 -30.62 194.64
N PRO X 326 -95.56 -31.16 193.43
CA PRO X 326 -96.27 -32.44 193.24
C PRO X 326 -95.61 -33.55 194.04
N VAL X 327 -96.44 -34.41 194.62
CA VAL X 327 -95.99 -35.53 195.44
C VAL X 327 -96.54 -36.82 194.86
N LYS X 328 -95.66 -37.78 194.61
CA LYS X 328 -96.05 -39.08 194.06
C LYS X 328 -96.08 -40.11 195.20
N VAL X 329 -97.23 -40.76 195.37
CA VAL X 329 -97.41 -41.79 196.38
C VAL X 329 -97.70 -43.09 195.64
N THR X 330 -96.77 -44.05 195.77
CA THR X 330 -96.90 -45.35 195.13
C THR X 330 -97.34 -46.37 196.18
N LEU X 331 -98.56 -46.89 196.03
CA LEU X 331 -99.08 -47.88 196.96
C LEU X 331 -98.64 -49.27 196.53
N SER X 332 -98.01 -50.00 197.43
CA SER X 332 -97.53 -51.35 197.15
C SER X 332 -97.40 -52.10 198.48
N GLU X 333 -96.94 -53.35 198.39
CA GLU X 333 -96.76 -54.20 199.55
C GLU X 333 -95.32 -54.70 199.58
N GLY X 334 -94.68 -54.57 200.74
CA GLY X 334 -93.31 -55.00 200.91
C GLY X 334 -93.12 -55.81 202.17
N PRO X 335 -91.86 -56.15 202.48
CA PRO X 335 -91.59 -56.91 203.71
C PRO X 335 -92.01 -56.19 204.98
N HIS X 336 -91.93 -54.86 205.01
CA HIS X 336 -92.30 -54.07 206.16
C HIS X 336 -93.14 -52.87 205.72
N HIS X 337 -93.96 -52.38 206.66
CA HIS X 337 -94.82 -51.23 206.40
C HIS X 337 -94.01 -49.94 206.56
N VAL X 338 -93.10 -49.73 205.62
CA VAL X 338 -92.21 -48.58 205.63
C VAL X 338 -92.36 -47.83 204.32
N ALA X 339 -91.76 -46.64 204.28
CA ALA X 339 -91.77 -45.79 203.10
C ALA X 339 -90.35 -45.52 202.65
N LEU X 340 -90.09 -45.67 201.35
CA LEU X 340 -88.76 -45.47 200.79
C LEU X 340 -88.85 -44.59 199.56
N PHE X 341 -87.96 -43.62 199.46
CA PHE X 341 -87.93 -42.74 198.30
C PHE X 341 -87.13 -43.38 197.17
N LYS X 342 -87.25 -42.79 195.98
CA LYS X 342 -86.51 -43.29 194.82
C LYS X 342 -85.01 -43.09 195.00
N ASP X 343 -84.59 -41.94 195.53
CA ASP X 343 -83.18 -41.61 195.70
C ASP X 343 -82.74 -41.66 197.15
N SER X 344 -83.40 -42.46 197.97
CA SER X 344 -83.07 -42.60 199.39
C SER X 344 -82.94 -44.08 199.74
N SER X 345 -82.19 -44.34 200.81
CA SER X 345 -81.98 -45.70 201.29
C SER X 345 -82.54 -45.94 202.69
N ARG X 346 -83.02 -44.92 203.37
CA ARG X 346 -83.58 -45.07 204.71
C ARG X 346 -85.06 -45.41 204.62
N GLU X 347 -85.45 -46.50 205.28
CA GLU X 347 -86.84 -46.96 205.27
C GLU X 347 -87.59 -46.25 206.40
N PHE X 348 -88.39 -45.26 206.03
CA PHE X 348 -89.17 -44.50 207.01
C PHE X 348 -90.39 -45.33 207.42
N ASP X 349 -90.38 -45.84 208.65
CA ASP X 349 -91.49 -46.65 209.14
C ASP X 349 -92.74 -45.78 209.30
N LEU X 350 -93.89 -46.39 209.04
CA LEU X 350 -95.17 -45.71 209.12
C LEU X 350 -95.90 -45.98 210.44
N THR X 351 -95.24 -46.61 211.40
CA THR X 351 -95.84 -46.94 212.68
C THR X 351 -95.29 -46.12 213.83
N LYS X 352 -93.96 -46.09 213.99
CA LYS X 352 -93.35 -45.35 215.07
C LYS X 352 -93.51 -43.85 214.86
N GLU X 353 -93.77 -43.12 215.95
CA GLU X 353 -93.94 -41.68 215.87
C GLU X 353 -92.67 -40.98 215.43
N GLU X 354 -91.52 -41.43 215.92
CA GLU X 354 -90.25 -40.81 215.54
C GLU X 354 -89.99 -40.98 214.05
N ASP X 355 -90.25 -42.18 213.51
CA ASP X 355 -90.05 -42.41 212.09
C ASP X 355 -91.01 -41.56 211.26
N LEU X 356 -92.26 -41.42 211.70
CA LEU X 356 -93.20 -40.56 210.99
C LEU X 356 -92.75 -39.11 211.01
N ALA X 357 -92.24 -38.63 212.15
CA ALA X 357 -91.74 -37.27 212.23
C ALA X 357 -90.54 -37.07 211.31
N ALA X 358 -89.64 -38.05 211.26
CA ALA X 358 -88.50 -37.97 210.36
C ALA X 358 -88.94 -37.94 208.90
N LEU X 359 -89.93 -38.76 208.55
CA LEU X 359 -90.45 -38.76 207.20
C LEU X 359 -91.08 -37.42 206.83
N ARG X 360 -91.85 -36.83 207.76
CA ARG X 360 -92.44 -35.53 207.52
C ARG X 360 -91.37 -34.46 207.35
N HIS X 361 -90.32 -34.51 208.18
CA HIS X 361 -89.23 -33.55 208.05
C HIS X 361 -88.52 -33.69 206.71
N GLU X 362 -88.29 -34.94 206.27
CA GLU X 362 -87.66 -35.15 204.98
C GLU X 362 -88.54 -34.63 203.84
N ILE X 363 -89.85 -34.86 203.93
CA ILE X 363 -90.77 -34.36 202.91
C ILE X 363 -90.75 -32.85 202.87
N GLU X 364 -90.75 -32.20 204.04
CA GLU X 364 -90.70 -30.75 204.09
C GLU X 364 -89.39 -30.23 203.51
N LEU X 365 -88.26 -30.89 203.83
CA LEU X 365 -86.99 -30.47 203.27
C LEU X 365 -86.96 -30.61 201.76
N ARG X 366 -87.53 -31.71 201.23
CA ARG X 366 -87.59 -31.88 199.78
C ARG X 366 -88.47 -30.83 199.13
N MET X 367 -89.60 -30.49 199.78
CA MET X 367 -90.46 -29.44 199.25
C MET X 367 -89.74 -28.09 199.23
N ARG X 368 -89.01 -27.77 200.31
CA ARG X 368 -88.29 -26.50 200.37
C ARG X 368 -87.18 -26.46 199.33
N LYS X 369 -86.47 -27.57 199.12
CA LYS X 369 -85.39 -27.60 198.15
C LYS X 369 -85.90 -27.35 196.73
N ASN X 370 -87.03 -27.97 196.37
CA ASN X 370 -87.59 -27.77 195.04
C ASN X 370 -88.04 -26.33 194.83
N VAL X 371 -88.69 -25.74 195.82
CA VAL X 371 -89.18 -24.38 195.70
C VAL X 371 -88.02 -23.40 195.75
N LYS X 372 -87.94 -22.51 194.77
CA LYS X 372 -86.88 -21.52 194.73
C LYS X 372 -87.07 -20.47 195.82
N GLU X 373 -85.98 -19.82 196.19
CA GLU X 373 -85.99 -18.79 197.23
C GLU X 373 -86.61 -17.53 196.64
N GLY X 374 -87.93 -17.45 196.72
CA GLY X 374 -88.66 -16.31 196.18
C GLY X 374 -89.90 -16.73 195.41
N CYS X 375 -89.95 -17.98 194.98
CA CYS X 375 -91.09 -18.51 194.25
C CYS X 375 -92.04 -19.24 195.18
N THR X 376 -93.17 -19.67 194.63
CA THR X 376 -94.19 -20.38 195.39
C THR X 376 -94.42 -21.79 194.86
N VAL X 377 -94.57 -21.96 193.56
CA VAL X 377 -94.83 -23.27 192.95
C VAL X 377 -93.60 -23.66 192.14
N SER X 378 -93.11 -24.88 192.37
CA SER X 378 -91.94 -25.39 191.69
C SER X 378 -92.32 -26.53 190.77
N PRO X 379 -91.87 -26.53 189.51
CA PRO X 379 -92.21 -27.63 188.60
C PRO X 379 -91.62 -28.97 189.00
N GLU X 380 -90.61 -28.99 189.86
CA GLU X 380 -89.99 -30.24 190.28
C GLU X 380 -90.97 -31.09 191.07
N THR X 381 -90.94 -32.40 190.85
CA THR X 381 -91.82 -33.34 191.51
C THR X 381 -91.04 -34.15 192.54
N ILE X 382 -91.78 -34.73 193.48
CA ILE X 382 -91.23 -35.56 194.54
C ILE X 382 -91.80 -36.97 194.40
N SER X 383 -90.93 -37.96 194.36
CA SER X 383 -91.32 -39.35 194.20
C SER X 383 -91.15 -40.09 195.52
N LEU X 384 -92.20 -40.80 195.93
CA LEU X 384 -92.17 -41.58 197.17
C LEU X 384 -92.89 -42.90 196.94
N ASN X 385 -92.29 -43.98 197.43
CA ASN X 385 -92.86 -45.32 197.31
C ASN X 385 -93.27 -45.81 198.70
N VAL X 386 -94.51 -46.29 198.80
CA VAL X 386 -95.06 -46.77 200.06
C VAL X 386 -95.26 -48.27 199.94
N LYS X 387 -94.73 -49.01 200.90
CA LYS X 387 -94.84 -50.47 200.94
C LYS X 387 -95.40 -50.91 202.27
N GLY X 388 -96.08 -52.06 202.26
CA GLY X 388 -96.66 -52.62 203.46
C GLY X 388 -97.90 -53.45 203.17
N PRO X 389 -98.20 -54.40 204.06
CA PRO X 389 -99.39 -55.24 203.85
C PRO X 389 -100.67 -54.44 204.01
N GLY X 390 -101.72 -54.92 203.33
CA GLY X 390 -103.02 -54.29 203.38
C GLY X 390 -103.22 -53.15 202.42
N LEU X 391 -102.23 -52.82 201.60
CA LEU X 391 -102.33 -51.74 200.62
C LEU X 391 -102.61 -52.32 199.23
N GLN X 392 -103.04 -51.43 198.34
CA GLN X 392 -103.34 -51.80 196.96
C GLN X 392 -102.11 -51.55 196.08
N ARG X 393 -102.29 -51.71 194.78
CA ARG X 393 -101.22 -51.51 193.80
C ARG X 393 -101.64 -50.40 192.85
N MET X 394 -101.33 -49.16 193.23
CA MET X 394 -101.68 -48.00 192.43
C MET X 394 -100.73 -46.86 192.79
N VAL X 395 -100.71 -45.84 191.94
CA VAL X 395 -99.86 -44.68 192.11
C VAL X 395 -100.76 -43.46 192.32
N LEU X 396 -100.55 -42.76 193.43
CA LEU X 396 -101.32 -41.58 193.76
C LEU X 396 -100.46 -40.33 193.63
N VAL X 397 -101.02 -39.29 193.01
CA VAL X 397 -100.32 -38.03 192.79
C VAL X 397 -101.02 -36.94 193.60
N ASP X 398 -100.25 -36.21 194.38
CA ASP X 398 -100.76 -35.13 195.22
C ASP X 398 -100.39 -33.78 194.61
N LEU X 399 -101.37 -32.90 194.51
CA LEU X 399 -101.17 -31.57 193.94
C LEU X 399 -101.71 -30.52 194.89
N PRO X 400 -101.16 -29.30 194.85
CA PRO X 400 -101.69 -28.22 195.71
C PRO X 400 -103.13 -27.89 195.35
N GLY X 401 -103.88 -27.46 196.37
CA GLY X 401 -105.27 -27.13 196.16
C GLY X 401 -105.46 -25.90 195.29
N VAL X 402 -106.64 -25.83 194.67
CA VAL X 402 -106.97 -24.73 193.78
C VAL X 402 -107.33 -23.51 194.61
N ILE X 403 -106.70 -22.38 194.30
CA ILE X 403 -106.95 -21.13 195.02
C ILE X 403 -107.63 -20.15 194.08
N ASN X 404 -108.27 -19.14 194.67
CA ASN X 404 -108.98 -18.11 193.92
C ASN X 404 -108.35 -16.75 194.06
N THR X 405 -108.05 -16.33 195.29
CA THR X 405 -107.45 -15.02 195.51
C THR X 405 -105.97 -15.03 195.13
N VAL X 406 -105.42 -13.83 194.95
CA VAL X 406 -104.02 -13.65 194.57
C VAL X 406 -103.31 -12.92 195.72
N THR X 407 -102.21 -13.50 196.19
CA THR X 407 -101.45 -12.91 197.29
C THR X 407 -100.52 -11.84 196.75
N SER X 408 -100.57 -10.65 197.36
CA SER X 408 -99.70 -9.56 196.95
C SER X 408 -98.24 -9.82 197.32
N GLY X 409 -98.01 -10.57 198.40
CA GLY X 409 -96.68 -10.90 198.84
C GLY X 409 -96.00 -12.03 198.11
N MET X 410 -96.67 -12.65 197.15
CA MET X 410 -96.14 -13.77 196.39
C MET X 410 -96.21 -13.44 194.90
N ALA X 411 -95.90 -14.44 194.08
CA ALA X 411 -95.93 -14.25 192.63
C ALA X 411 -97.36 -14.03 192.16
N PRO X 412 -97.64 -12.97 191.39
CA PRO X 412 -99.01 -12.75 190.91
C PRO X 412 -99.51 -13.84 189.98
N ASP X 413 -98.62 -14.60 189.34
CA ASP X 413 -99.01 -15.65 188.41
C ASP X 413 -99.05 -17.03 189.06
N THR X 414 -99.08 -17.07 190.40
CA THR X 414 -99.16 -18.37 191.08
C THR X 414 -100.44 -19.10 190.75
N LYS X 415 -101.58 -18.38 190.74
CA LYS X 415 -102.85 -19.02 190.39
C LYS X 415 -102.84 -19.50 188.95
N GLU X 416 -102.29 -18.70 188.04
CA GLU X 416 -102.20 -19.13 186.65
C GLU X 416 -101.31 -20.35 186.50
N THR X 417 -100.19 -20.38 187.21
CA THR X 417 -99.31 -21.55 187.17
C THR X 417 -100.01 -22.79 187.69
N ILE X 418 -100.76 -22.65 188.80
CA ILE X 418 -101.49 -23.78 189.36
C ILE X 418 -102.53 -24.28 188.38
N PHE X 419 -103.25 -23.35 187.75
CA PHE X 419 -104.27 -23.74 186.76
C PHE X 419 -103.63 -24.45 185.58
N SER X 420 -102.49 -23.95 185.09
CA SER X 420 -101.81 -24.60 183.98
C SER X 420 -101.33 -26.00 184.35
N ILE X 421 -100.81 -26.16 185.57
CA ILE X 421 -100.35 -27.47 186.02
C ILE X 421 -101.54 -28.43 186.11
N SER X 422 -102.67 -27.96 186.66
CA SER X 422 -103.86 -28.80 186.75
C SER X 422 -104.36 -29.20 185.37
N LYS X 423 -104.37 -28.27 184.42
CA LYS X 423 -104.80 -28.59 183.07
C LYS X 423 -103.87 -29.60 182.42
N ALA X 424 -102.56 -29.44 182.61
CA ALA X 424 -101.60 -30.39 182.05
C ALA X 424 -101.79 -31.77 182.65
N TYR X 425 -102.03 -31.84 183.97
CA TYR X 425 -102.28 -33.13 184.60
C TYR X 425 -103.57 -33.76 184.08
N MET X 426 -104.61 -32.96 183.89
CA MET X 426 -105.88 -33.46 183.37
C MET X 426 -105.84 -33.76 181.88
N GLN X 427 -104.79 -33.35 181.18
CA GLN X 427 -104.68 -33.64 179.76
C GLN X 427 -104.61 -35.14 179.47
N ASN X 428 -104.23 -35.94 180.45
CA ASN X 428 -104.20 -37.39 180.27
C ASN X 428 -105.62 -37.93 180.17
N PRO X 429 -105.99 -38.59 179.06
CA PRO X 429 -107.36 -39.12 178.95
C PRO X 429 -107.68 -40.21 179.97
N ASN X 430 -106.67 -40.86 180.54
CA ASN X 430 -106.89 -41.95 181.49
C ASN X 430 -106.45 -41.58 182.91
N ALA X 431 -106.35 -40.29 183.21
CA ALA X 431 -105.96 -39.84 184.53
C ALA X 431 -107.15 -39.91 185.48
N ILE X 432 -107.07 -40.78 186.47
CA ILE X 432 -108.13 -40.94 187.46
C ILE X 432 -108.01 -39.81 188.48
N ILE X 433 -109.11 -39.08 188.69
CA ILE X 433 -109.15 -37.95 189.60
C ILE X 433 -109.94 -38.36 190.83
N LEU X 434 -109.33 -38.21 192.01
CA LEU X 434 -109.96 -38.55 193.29
C LEU X 434 -110.34 -37.24 193.98
N CYS X 435 -111.61 -36.89 193.94
CA CYS X 435 -112.11 -35.66 194.53
C CYS X 435 -112.35 -35.87 196.03
N ILE X 436 -111.83 -34.95 196.84
CA ILE X 436 -111.98 -35.00 198.29
C ILE X 436 -112.67 -33.72 198.74
N GLN X 437 -113.73 -33.87 199.52
CA GLN X 437 -114.50 -32.74 200.04
C GLN X 437 -114.44 -32.75 201.57
N ASP X 438 -115.20 -31.84 202.18
CA ASP X 438 -115.25 -31.69 203.62
C ASP X 438 -116.70 -31.71 204.08
N GLY X 439 -116.89 -31.94 205.38
CA GLY X 439 -118.23 -31.96 205.94
C GLY X 439 -118.93 -30.62 205.83
N SER X 440 -118.18 -29.54 206.02
CA SER X 440 -118.73 -28.19 205.94
C SER X 440 -118.75 -27.64 204.51
N VAL X 441 -118.25 -28.39 203.54
CA VAL X 441 -118.20 -27.96 202.15
C VAL X 441 -119.19 -28.81 201.36
N ASP X 442 -120.10 -28.13 200.65
CA ASP X 442 -121.10 -28.83 199.86
C ASP X 442 -120.49 -29.38 198.58
N ALA X 443 -121.25 -30.25 197.90
CA ALA X 443 -120.78 -30.83 196.66
C ALA X 443 -120.58 -29.77 195.58
N GLU X 444 -121.51 -28.81 195.48
CA GLU X 444 -121.38 -27.74 194.49
C GLU X 444 -120.30 -26.74 194.87
N ARG X 445 -119.96 -26.65 196.16
CA ARG X 445 -118.93 -25.72 196.61
C ARG X 445 -117.52 -26.23 196.32
N SER X 446 -117.36 -27.49 195.92
CA SER X 446 -116.06 -28.06 195.63
C SER X 446 -115.62 -27.63 194.23
N ILE X 447 -114.51 -26.88 194.16
CA ILE X 447 -114.01 -26.43 192.86
C ILE X 447 -113.52 -27.62 192.04
N VAL X 448 -112.89 -28.60 192.69
CA VAL X 448 -112.38 -29.77 191.97
C VAL X 448 -113.52 -30.55 191.33
N THR X 449 -114.62 -30.74 192.08
CA THR X 449 -115.75 -31.47 191.52
C THR X 449 -116.36 -30.75 190.33
N ASP X 450 -116.50 -29.42 190.42
CA ASP X 450 -117.04 -28.65 189.31
C ASP X 450 -116.12 -28.72 188.10
N LEU X 451 -114.81 -28.64 188.32
CA LEU X 451 -113.86 -28.72 187.21
C LEU X 451 -113.91 -30.09 186.55
N VAL X 452 -114.02 -31.15 187.36
CA VAL X 452 -114.12 -32.51 186.80
C VAL X 452 -115.40 -32.66 185.99
N SER X 453 -116.52 -32.14 186.51
CA SER X 453 -117.78 -32.22 185.79
C SER X 453 -117.71 -31.46 184.47
N GLN X 454 -117.10 -30.27 184.48
CA GLN X 454 -116.97 -29.49 183.25
C GLN X 454 -116.08 -30.20 182.24
N MET X 455 -114.97 -30.77 182.69
CA MET X 455 -114.06 -31.46 181.78
C MET X 455 -114.58 -32.83 181.37
N ASP X 456 -115.28 -33.53 182.26
CA ASP X 456 -115.81 -34.86 181.99
C ASP X 456 -117.30 -34.87 182.33
N PRO X 457 -118.15 -34.36 181.43
CA PRO X 457 -119.59 -34.40 181.70
C PRO X 457 -120.15 -35.79 181.86
N HIS X 458 -119.62 -36.77 181.13
CA HIS X 458 -120.11 -38.14 181.24
C HIS X 458 -119.69 -38.77 182.56
N GLY X 459 -118.43 -38.59 182.95
CA GLY X 459 -117.93 -39.17 184.19
C GLY X 459 -117.91 -40.67 184.20
N ARG X 460 -117.56 -41.29 183.07
CA ARG X 460 -117.50 -42.74 182.98
C ARG X 460 -116.26 -43.33 183.64
N ARG X 461 -115.24 -42.51 183.89
CA ARG X 461 -114.02 -42.98 184.52
C ARG X 461 -113.75 -42.34 185.88
N THR X 462 -114.52 -41.34 186.28
CA THR X 462 -114.35 -40.67 187.57
C THR X 462 -115.40 -41.17 188.54
N ILE X 463 -114.96 -41.59 189.72
CA ILE X 463 -115.83 -42.11 190.77
C ILE X 463 -115.79 -41.15 191.96
N PHE X 464 -116.96 -40.68 192.37
CA PHE X 464 -117.06 -39.74 193.47
C PHE X 464 -116.96 -40.49 194.79
N VAL X 465 -116.14 -39.97 195.71
CA VAL X 465 -115.97 -40.53 197.05
C VAL X 465 -116.33 -39.45 198.06
N LEU X 466 -117.22 -39.79 198.99
CA LEU X 466 -117.69 -38.87 200.01
C LEU X 466 -116.93 -39.15 201.31
N THR X 467 -116.30 -38.12 201.86
CA THR X 467 -115.52 -38.23 203.09
C THR X 467 -116.10 -37.33 204.17
N LYS X 468 -115.86 -37.71 205.42
CA LYS X 468 -116.34 -36.97 206.59
C LYS X 468 -117.86 -36.81 206.56
N VAL X 469 -118.56 -37.95 206.45
CA VAL X 469 -120.01 -37.94 206.43
C VAL X 469 -120.58 -37.48 207.77
N ASP X 470 -119.96 -37.89 208.88
CA ASP X 470 -120.46 -37.53 210.19
C ASP X 470 -120.40 -36.02 210.42
N LEU X 471 -119.32 -35.38 209.98
CA LEU X 471 -119.19 -33.94 210.15
C LEU X 471 -120.27 -33.20 209.37
N ALA X 472 -120.55 -33.63 208.14
CA ALA X 472 -121.60 -33.02 207.35
C ALA X 472 -122.97 -33.25 207.99
N GLU X 473 -123.21 -34.45 208.50
CA GLU X 473 -124.49 -34.75 209.14
C GLU X 473 -124.70 -33.91 210.38
N LYS X 474 -123.66 -33.71 211.18
CA LYS X 474 -123.78 -32.94 212.41
C LYS X 474 -124.01 -31.46 212.15
N ASN X 475 -123.76 -30.99 210.93
CA ASN X 475 -123.97 -29.58 210.57
C ASN X 475 -125.38 -29.34 210.03
N VAL X 476 -126.38 -29.78 210.81
CA VAL X 476 -127.81 -29.69 210.51
C VAL X 476 -128.11 -29.79 209.01
N ALA X 477 -127.46 -30.73 208.34
CA ALA X 477 -127.67 -30.91 206.91
C ALA X 477 -128.96 -31.68 206.66
N SER X 478 -129.45 -31.58 205.42
CA SER X 478 -130.68 -32.28 205.02
C SER X 478 -130.33 -33.71 204.62
N PRO X 479 -130.94 -34.72 205.24
CA PRO X 479 -130.65 -36.11 204.85
C PRO X 479 -131.05 -36.43 203.42
N SER X 480 -132.01 -35.69 202.84
CA SER X 480 -132.41 -35.94 201.47
C SER X 480 -131.25 -35.68 200.50
N ARG X 481 -130.50 -34.60 200.73
CA ARG X 481 -129.36 -34.29 199.87
C ARG X 481 -128.29 -35.38 199.96
N ILE X 482 -128.03 -35.86 201.18
CA ILE X 482 -127.04 -36.94 201.35
C ILE X 482 -127.51 -38.20 200.65
N GLN X 483 -128.79 -38.54 200.78
CA GLN X 483 -129.32 -39.72 200.12
C GLN X 483 -129.22 -39.59 198.60
N GLN X 484 -129.54 -38.41 198.06
CA GLN X 484 -129.44 -38.20 196.62
C GLN X 484 -128.00 -38.31 196.15
N ILE X 485 -127.06 -37.76 196.91
CA ILE X 485 -125.65 -37.83 196.54
C ILE X 485 -125.17 -39.27 196.55
N ILE X 486 -125.53 -40.03 197.59
CA ILE X 486 -125.13 -41.43 197.68
C ILE X 486 -125.77 -42.24 196.57
N GLU X 487 -127.07 -42.04 196.33
CA GLU X 487 -127.75 -42.78 195.27
C GLU X 487 -127.36 -42.30 193.88
N GLY X 488 -126.93 -41.05 193.74
CA GLY X 488 -126.50 -40.52 192.46
C GLY X 488 -127.62 -39.89 191.67
N LYS X 489 -128.53 -39.19 192.36
CA LYS X 489 -129.64 -38.50 191.72
C LYS X 489 -129.40 -37.01 191.55
N LEU X 490 -128.19 -36.53 191.85
CA LEU X 490 -127.86 -35.11 191.75
C LEU X 490 -126.70 -34.84 190.81
N PHE X 491 -125.69 -35.69 190.79
CA PHE X 491 -124.53 -35.48 189.92
C PHE X 491 -124.89 -35.83 188.48
N PRO X 492 -124.73 -34.90 187.53
CA PRO X 492 -125.05 -35.24 186.13
C PRO X 492 -124.18 -36.34 185.57
N MET X 493 -122.94 -36.47 186.02
CA MET X 493 -122.04 -37.49 185.50
C MET X 493 -122.52 -38.89 185.91
N LYS X 494 -122.29 -39.86 185.02
CA LYS X 494 -122.68 -41.24 185.26
C LYS X 494 -121.48 -42.00 185.79
N ALA X 495 -121.21 -41.82 187.07
CA ALA X 495 -120.09 -42.50 187.72
C ALA X 495 -120.40 -43.99 187.89
N LEU X 496 -119.32 -44.78 188.00
CA LEU X 496 -119.47 -46.22 188.18
C LEU X 496 -120.07 -46.58 189.53
N GLY X 497 -120.00 -45.68 190.50
CA GLY X 497 -120.57 -45.95 191.81
C GLY X 497 -120.33 -44.77 192.72
N TYR X 498 -120.95 -44.85 193.91
CA TYR X 498 -120.83 -43.82 194.93
C TYR X 498 -120.74 -44.48 196.29
N PHE X 499 -119.69 -44.14 197.05
CA PHE X 499 -119.46 -44.69 198.37
C PHE X 499 -119.21 -43.55 199.35
N ALA X 500 -119.78 -43.68 200.55
CA ALA X 500 -119.63 -42.69 201.61
C ALA X 500 -118.84 -43.29 202.75
N VAL X 501 -117.75 -42.62 203.13
CA VAL X 501 -116.87 -43.08 204.19
C VAL X 501 -116.61 -41.93 205.15
N VAL X 502 -116.16 -42.28 206.35
CA VAL X 502 -115.83 -41.31 207.39
C VAL X 502 -114.34 -41.40 207.66
N THR X 503 -113.65 -40.27 207.55
CA THR X 503 -112.20 -40.18 207.76
C THR X 503 -111.87 -39.39 209.02
N GLY X 504 -112.69 -39.54 210.06
CA GLY X 504 -112.48 -38.82 211.30
C GLY X 504 -112.97 -37.39 211.25
N LYS X 505 -112.68 -36.67 212.33
CA LYS X 505 -113.07 -35.27 212.45
C LYS X 505 -112.10 -34.31 211.76
N GLY X 506 -110.99 -34.82 211.22
CA GLY X 506 -110.03 -33.98 210.55
C GLY X 506 -109.10 -33.22 211.47
N ASN X 507 -109.10 -33.51 212.76
CA ASN X 507 -108.24 -32.82 213.71
C ASN X 507 -106.84 -33.43 213.66
N SER X 508 -105.95 -32.96 214.55
CA SER X 508 -104.58 -33.44 214.62
C SER X 508 -104.28 -34.10 215.96
N SER X 509 -105.31 -34.71 216.57
CA SER X 509 -105.12 -35.37 217.85
C SER X 509 -105.78 -36.75 217.89
N GLU X 510 -106.13 -37.31 216.74
CA GLU X 510 -106.75 -38.62 216.65
C GLU X 510 -105.81 -39.56 215.91
N SER X 511 -105.51 -40.70 216.51
CA SER X 511 -104.62 -41.67 215.88
C SER X 511 -105.33 -42.37 214.73
N ILE X 512 -104.53 -43.02 213.87
CA ILE X 512 -105.08 -43.74 212.73
C ILE X 512 -105.97 -44.88 213.19
N GLU X 513 -105.53 -45.62 214.21
CA GLU X 513 -106.33 -46.73 214.72
C GLU X 513 -107.65 -46.26 215.29
N ALA X 514 -107.63 -45.13 216.02
CA ALA X 514 -108.87 -44.59 216.58
C ALA X 514 -109.83 -44.18 215.49
N ILE X 515 -109.34 -43.52 214.44
CA ILE X 515 -110.20 -43.11 213.34
C ILE X 515 -110.77 -44.33 212.62
N ARG X 516 -109.95 -45.36 212.42
CA ARG X 516 -110.43 -46.58 211.78
C ARG X 516 -111.51 -47.25 212.60
N GLU X 517 -111.31 -47.32 213.93
CA GLU X 517 -112.32 -47.91 214.80
C GLU X 517 -113.61 -47.11 214.79
N TYR X 518 -113.50 -45.77 214.79
CA TYR X 518 -114.70 -44.94 214.72
C TYR X 518 -115.43 -45.14 213.41
N GLU X 519 -114.70 -45.23 212.30
CA GLU X 519 -115.33 -45.48 211.00
C GLU X 519 -116.01 -46.83 210.97
N GLU X 520 -115.37 -47.85 211.53
CA GLU X 520 -116.00 -49.18 211.58
C GLU X 520 -117.26 -49.16 212.42
N GLU X 521 -117.23 -48.47 213.57
CA GLU X 521 -118.41 -48.37 214.42
C GLU X 521 -119.54 -47.63 213.69
N PHE X 522 -119.20 -46.56 212.98
CA PHE X 522 -120.21 -45.81 212.23
C PHE X 522 -120.81 -46.66 211.13
N PHE X 523 -119.99 -47.44 210.43
CA PHE X 523 -120.50 -48.32 209.39
C PHE X 523 -121.40 -49.40 209.98
N GLN X 524 -121.02 -49.97 211.13
CA GLN X 524 -121.84 -50.99 211.76
C GLN X 524 -123.18 -50.43 212.22
N ASN X 525 -123.16 -49.23 212.83
CA ASN X 525 -124.37 -48.57 213.32
C ASN X 525 -124.37 -47.14 212.79
N SER X 526 -125.21 -46.89 211.78
CA SER X 526 -125.32 -45.59 211.16
C SER X 526 -126.75 -45.09 211.25
N LYS X 527 -126.90 -43.77 211.39
CA LYS X 527 -128.21 -43.15 211.48
C LYS X 527 -128.96 -43.12 210.14
N LEU X 528 -128.26 -43.39 209.03
CA LEU X 528 -128.89 -43.39 207.71
C LEU X 528 -129.17 -44.80 207.19
N LEU X 529 -128.37 -45.78 207.59
CA LEU X 529 -128.61 -47.15 207.12
C LEU X 529 -129.87 -47.74 207.73
N LYS X 530 -130.22 -47.33 208.95
CA LYS X 530 -131.42 -47.85 209.62
C LYS X 530 -132.70 -47.28 209.03
N THR X 531 -132.63 -46.25 208.19
CA THR X 531 -133.81 -45.66 207.58
C THR X 531 -134.19 -46.33 206.26
N SER X 532 -133.44 -47.34 205.83
CA SER X 532 -133.71 -48.06 204.58
C SER X 532 -133.72 -47.12 203.38
N MET X 533 -132.81 -46.14 203.39
CA MET X 533 -132.69 -45.17 202.30
C MET X 533 -131.38 -45.29 201.54
N LEU X 534 -130.50 -46.23 201.92
CA LEU X 534 -129.23 -46.41 201.25
C LEU X 534 -129.08 -47.86 200.83
N LYS X 535 -128.43 -48.07 199.69
CA LYS X 535 -128.23 -49.40 199.16
C LYS X 535 -127.27 -50.20 200.04
N ALA X 536 -127.59 -51.49 200.19
CA ALA X 536 -126.78 -52.35 201.06
C ALA X 536 -125.45 -52.72 200.41
N HIS X 537 -125.38 -52.71 199.08
CA HIS X 537 -124.17 -53.09 198.36
C HIS X 537 -123.21 -51.93 198.18
N GLN X 538 -123.57 -50.72 198.64
CA GLN X 538 -122.71 -49.55 198.53
C GLN X 538 -121.97 -49.25 199.83
N VAL X 539 -121.58 -50.29 200.57
CA VAL X 539 -120.89 -50.11 201.84
C VAL X 539 -119.44 -50.54 201.70
N THR X 540 -118.63 -50.26 202.72
CA THR X 540 -117.21 -50.58 202.74
C THR X 540 -116.47 -50.00 201.54
N THR X 541 -115.25 -50.48 201.30
CA THR X 541 -114.44 -49.99 200.19
C THR X 541 -113.75 -51.09 199.40
N ARG X 542 -113.94 -52.37 199.76
CA ARG X 542 -113.21 -53.44 199.09
C ARG X 542 -113.60 -53.55 197.62
N ASN X 543 -114.91 -53.56 197.34
CA ASN X 543 -115.37 -53.69 195.97
C ASN X 543 -114.95 -52.49 195.13
N LEU X 544 -115.08 -51.27 195.69
CA LEU X 544 -114.67 -50.08 194.97
C LEU X 544 -113.18 -50.10 194.67
N SER X 545 -112.37 -50.50 195.65
CA SER X 545 -110.93 -50.57 195.45
C SER X 545 -110.57 -51.60 194.38
N LEU X 546 -111.23 -52.76 194.41
CA LEU X 546 -110.97 -53.79 193.40
C LEU X 546 -111.34 -53.31 192.01
N ALA X 547 -112.50 -52.64 191.88
CA ALA X 547 -112.92 -52.13 190.58
C ALA X 547 -111.96 -51.06 190.08
N VAL X 548 -111.53 -50.16 190.96
CA VAL X 548 -110.59 -49.11 190.55
C VAL X 548 -109.27 -49.73 190.12
N SER X 549 -108.78 -50.72 190.87
CA SER X 549 -107.53 -51.37 190.51
C SER X 549 -107.64 -52.07 189.16
N ASP X 550 -108.75 -52.77 188.92
CA ASP X 550 -108.93 -53.46 187.64
C ASP X 550 -108.99 -52.47 186.49
N CYS X 551 -109.74 -51.37 186.67
CA CYS X 551 -109.82 -50.36 185.62
C CYS X 551 -108.47 -49.73 185.34
N PHE X 552 -107.72 -49.41 186.40
CA PHE X 552 -106.39 -48.84 186.22
C PHE X 552 -105.46 -49.81 185.50
N TRP X 553 -105.51 -51.09 185.86
CA TRP X 553 -104.66 -52.08 185.21
C TRP X 553 -105.00 -52.23 183.74
N LYS X 554 -106.29 -52.31 183.41
CA LYS X 554 -106.67 -52.47 182.00
C LYS X 554 -106.32 -51.22 181.19
N MET X 555 -106.53 -50.02 181.76
CA MET X 555 -106.23 -48.81 181.01
C MET X 555 -104.72 -48.63 180.84
N VAL X 556 -103.91 -48.99 181.85
CA VAL X 556 -102.48 -48.88 181.70
C VAL X 556 -101.95 -49.95 180.73
N ARG X 557 -102.58 -51.12 180.70
CA ARG X 557 -102.19 -52.13 179.71
C ARG X 557 -102.47 -51.63 178.30
N GLU X 558 -103.65 -51.05 178.07
CA GLU X 558 -103.95 -50.49 176.76
C GLU X 558 -102.99 -49.37 176.40
N SER X 559 -102.70 -48.50 177.37
CA SER X 559 -101.79 -47.38 177.12
C SER X 559 -100.38 -47.87 176.76
N VAL X 560 -99.87 -48.87 177.48
CA VAL X 560 -98.54 -49.36 177.19
C VAL X 560 -98.53 -50.12 175.86
N GLU X 561 -99.62 -50.81 175.53
CA GLU X 561 -99.69 -51.47 174.22
C GLU X 561 -99.65 -50.46 173.09
N GLN X 562 -100.36 -49.34 173.23
CA GLN X 562 -100.29 -48.29 172.22
C GLN X 562 -98.92 -47.64 172.19
N GLN X 563 -98.32 -47.39 173.35
CA GLN X 563 -97.04 -46.69 173.41
C GLN X 563 -95.89 -47.54 172.89
N ALA X 564 -96.00 -48.87 172.97
CA ALA X 564 -94.95 -49.73 172.43
C ALA X 564 -94.67 -49.43 170.96
N ASP X 565 -95.68 -48.98 170.22
CA ASP X 565 -95.49 -48.54 168.85
C ASP X 565 -95.41 -47.02 168.72
N SER X 566 -96.10 -46.28 169.59
CA SER X 566 -96.06 -44.82 169.52
C SER X 566 -94.65 -44.29 169.76
N PHE X 567 -93.95 -44.82 170.77
CA PHE X 567 -92.60 -44.36 171.06
C PHE X 567 -91.62 -44.77 169.97
N LYS X 568 -91.80 -45.96 169.38
CA LYS X 568 -90.96 -46.36 168.26
C LYS X 568 -91.16 -45.42 167.07
N ALA X 569 -92.41 -45.06 166.78
CA ALA X 569 -92.68 -44.11 165.70
C ALA X 569 -92.07 -42.75 166.00
N THR X 570 -92.18 -42.30 167.25
CA THR X 570 -91.60 -41.01 167.62
C THR X 570 -90.08 -41.02 167.47
N ARG X 571 -89.43 -42.11 167.90
CA ARG X 571 -87.98 -42.21 167.75
C ARG X 571 -87.58 -42.22 166.28
N PHE X 572 -88.33 -42.96 165.45
CA PHE X 572 -88.03 -43.00 164.02
C PHE X 572 -88.19 -41.61 163.40
N ASN X 573 -89.25 -40.89 163.78
CA ASN X 573 -89.46 -39.54 163.25
C ASN X 573 -88.34 -38.60 163.69
N LEU X 574 -87.92 -38.70 164.95
CA LEU X 574 -86.84 -37.85 165.43
C LEU X 574 -85.53 -38.15 164.71
N GLU X 575 -85.23 -39.44 164.49
CA GLU X 575 -84.03 -39.80 163.76
C GLU X 575 -84.08 -39.29 162.32
N THR X 576 -85.24 -39.41 161.68
CA THR X 576 -85.39 -38.91 160.32
C THR X 576 -85.22 -37.40 160.26
N GLU X 577 -85.77 -36.69 161.24
CA GLU X 577 -85.63 -35.23 161.29
C GLU X 577 -84.17 -34.84 161.47
N TRP X 578 -83.47 -35.53 162.38
CA TRP X 578 -82.06 -35.23 162.60
C TRP X 578 -81.23 -35.50 161.34
N LYS X 579 -81.50 -36.61 160.66
CA LYS X 579 -80.76 -36.92 159.44
C LYS X 579 -81.06 -35.90 158.33
N ASN X 580 -82.32 -35.49 158.20
CA ASN X 580 -82.70 -34.56 157.14
C ASN X 580 -82.12 -33.17 157.40
N ASN X 581 -82.18 -32.69 158.64
CA ASN X 581 -81.64 -31.37 158.95
C ASN X 581 -80.12 -31.33 158.80
N TYR X 582 -79.46 -32.44 159.07
CA TYR X 582 -77.99 -32.54 159.01
C TYR X 582 -77.61 -33.75 158.16
N PRO X 583 -77.74 -33.65 156.84
CA PRO X 583 -77.37 -34.78 155.98
C PRO X 583 -75.91 -35.18 156.10
N ARG X 584 -75.01 -34.22 156.34
CA ARG X 584 -73.59 -34.48 156.44
C ARG X 584 -73.08 -34.52 157.87
N LEU X 585 -73.96 -34.39 158.85
CA LEU X 585 -73.59 -34.42 160.25
C LEU X 585 -74.41 -35.46 160.99
N ARG X 586 -73.73 -36.30 161.76
CA ARG X 586 -74.39 -37.33 162.54
C ARG X 586 -74.73 -36.78 163.93
N GLU X 587 -75.13 -37.67 164.84
CA GLU X 587 -75.50 -37.26 166.19
C GLU X 587 -74.34 -36.57 166.88
N LEU X 588 -74.61 -35.42 167.50
CA LEU X 588 -73.61 -34.60 168.19
C LEU X 588 -74.15 -34.27 169.58
N ASP X 589 -73.87 -35.13 170.55
CA ASP X 589 -74.31 -34.90 171.92
C ASP X 589 -73.28 -34.07 172.67
N ARG X 590 -73.50 -33.89 173.97
CA ARG X 590 -72.62 -33.04 174.77
C ARG X 590 -71.22 -33.62 174.85
N ASN X 591 -71.10 -34.93 175.05
CA ASN X 591 -69.79 -35.55 175.24
C ASN X 591 -68.95 -35.45 173.95
N GLU X 592 -69.52 -35.85 172.82
CA GLU X 592 -68.78 -35.82 171.57
C GLU X 592 -68.40 -34.40 171.17
N LEU X 593 -69.33 -33.46 171.33
CA LEU X 593 -69.03 -32.07 170.99
C LEU X 593 -67.96 -31.49 171.90
N PHE X 594 -68.01 -31.80 173.21
CA PHE X 594 -66.98 -31.33 174.12
C PHE X 594 -65.62 -31.92 173.77
N GLU X 595 -65.58 -33.21 173.42
CA GLU X 595 -64.32 -33.83 173.01
C GLU X 595 -63.78 -33.20 171.74
N LYS X 596 -64.67 -32.92 170.77
CA LYS X 596 -64.24 -32.28 169.53
C LYS X 596 -63.71 -30.88 169.79
N ALA X 597 -64.37 -30.13 170.69
CA ALA X 597 -63.88 -28.80 171.03
C ALA X 597 -62.52 -28.86 171.71
N LYS X 598 -62.33 -29.84 172.60
CA LYS X 598 -61.03 -30.01 173.25
C LYS X 598 -59.95 -30.34 172.24
N ASN X 599 -60.27 -31.23 171.29
CA ASN X 599 -59.31 -31.60 170.26
C ASN X 599 -58.97 -30.40 169.37
N GLU X 600 -59.98 -29.60 169.02
CA GLU X 600 -59.73 -28.40 168.21
C GLU X 600 -58.86 -27.40 168.97
N ILE X 601 -59.10 -27.24 170.27
CA ILE X 601 -58.28 -26.34 171.08
C ILE X 601 -56.83 -26.85 171.11
N LEU X 602 -56.65 -28.16 171.29
CA LEU X 602 -55.31 -28.73 171.30
C LEU X 602 -54.61 -28.53 169.96
N ASP X 603 -55.34 -28.72 168.86
CA ASP X 603 -54.75 -28.50 167.54
C ASP X 603 -54.37 -27.05 167.33
N GLU X 604 -55.21 -26.12 167.79
CA GLU X 604 -54.90 -24.70 167.66
C GLU X 604 -53.67 -24.35 168.49
N VAL X 605 -53.55 -24.91 169.70
CA VAL X 605 -52.36 -24.66 170.53
C VAL X 605 -51.11 -25.22 169.85
N ILE X 606 -51.23 -26.41 169.26
CA ILE X 606 -50.10 -27.02 168.56
C ILE X 606 -49.67 -26.14 167.39
N SER X 607 -50.64 -25.65 166.61
CA SER X 607 -50.33 -24.78 165.48
C SER X 607 -49.68 -23.49 165.96
N LEU X 608 -50.18 -22.92 167.06
CA LEU X 608 -49.57 -21.71 167.62
C LEU X 608 -48.14 -21.95 168.04
N SER X 609 -47.87 -23.11 168.67
CA SER X 609 -46.51 -23.41 169.09
C SER X 609 -45.60 -23.74 167.91
N GLN X 610 -46.17 -24.16 166.79
CA GLN X 610 -45.40 -24.56 165.61
C GLN X 610 -45.07 -23.40 164.68
N VAL X 611 -45.55 -22.19 164.98
CA VAL X 611 -45.23 -21.04 164.13
C VAL X 611 -43.75 -20.71 164.26
N THR X 612 -43.13 -20.35 163.14
CA THR X 612 -41.71 -20.01 163.11
C THR X 612 -41.44 -18.81 164.00
N PRO X 613 -40.46 -18.89 164.91
CA PRO X 613 -40.17 -17.75 165.79
C PRO X 613 -39.76 -16.49 165.06
N LYS X 614 -39.18 -16.62 163.86
CA LYS X 614 -38.73 -15.44 163.12
C LYS X 614 -39.89 -14.53 162.76
N HIS X 615 -41.01 -15.12 162.33
CA HIS X 615 -42.20 -14.32 162.02
C HIS X 615 -42.72 -13.61 163.27
N TRP X 616 -42.72 -14.29 164.41
CA TRP X 616 -43.12 -13.66 165.66
C TRP X 616 -42.22 -12.48 165.99
N GLU X 617 -40.90 -12.66 165.85
CA GLU X 617 -39.98 -11.58 166.15
C GLU X 617 -40.20 -10.39 165.23
N GLU X 618 -40.40 -10.65 163.93
CA GLU X 618 -40.62 -9.56 162.99
C GLU X 618 -41.91 -8.81 163.31
N ILE X 619 -42.99 -9.55 163.60
CA ILE X 619 -44.27 -8.93 163.90
C ILE X 619 -44.17 -8.10 165.17
N LEU X 620 -43.54 -8.66 166.21
CA LEU X 620 -43.41 -7.94 167.47
C LEU X 620 -42.57 -6.68 167.30
N GLN X 621 -41.46 -6.78 166.56
CA GLN X 621 -40.61 -5.62 166.34
C GLN X 621 -41.36 -4.53 165.58
N GLN X 622 -42.08 -4.91 164.52
CA GLN X 622 -42.81 -3.93 163.73
C GLN X 622 -43.90 -3.26 164.56
N SER X 623 -44.66 -4.05 165.32
CA SER X 623 -45.74 -3.50 166.13
C SER X 623 -45.19 -2.58 167.21
N LEU X 624 -44.11 -2.99 167.89
CA LEU X 624 -43.53 -2.16 168.94
C LEU X 624 -42.97 -0.86 168.36
N TRP X 625 -42.30 -0.94 167.22
CA TRP X 625 -41.77 0.28 166.59
C TRP X 625 -42.89 1.23 166.20
N GLU X 626 -43.95 0.70 165.60
CA GLU X 626 -45.08 1.55 165.22
C GLU X 626 -45.74 2.16 166.45
N ARG X 627 -45.75 1.43 167.57
CA ARG X 627 -46.39 1.94 168.78
C ARG X 627 -45.55 3.03 169.44
N VAL X 628 -44.22 2.85 169.47
CA VAL X 628 -43.36 3.75 170.26
C VAL X 628 -42.69 4.80 169.39
N SER X 629 -42.98 4.85 168.09
CA SER X 629 -42.39 5.88 167.25
C SER X 629 -42.76 7.27 167.72
N THR X 630 -44.05 7.50 167.99
CA THR X 630 -44.49 8.81 168.46
C THR X 630 -43.90 9.13 169.83
N HIS X 631 -43.86 8.16 170.72
CA HIS X 631 -43.29 8.38 172.05
C HIS X 631 -41.82 8.76 171.96
N VAL X 632 -41.05 8.04 171.14
CA VAL X 632 -39.64 8.34 170.96
C VAL X 632 -39.45 9.73 170.37
N ILE X 633 -40.26 10.07 169.36
CA ILE X 633 -40.14 11.39 168.73
C ILE X 633 -40.41 12.48 169.75
N GLU X 634 -41.53 12.40 170.47
CA GLU X 634 -41.92 13.43 171.41
C GLU X 634 -41.07 13.46 172.66
N ASN X 635 -40.32 12.39 172.95
CA ASN X 635 -39.43 12.39 174.11
C ASN X 635 -37.97 12.67 173.76
N ILE X 636 -37.62 12.68 172.47
CA ILE X 636 -36.24 12.94 172.08
C ILE X 636 -36.14 14.25 171.31
N TYR X 637 -36.85 14.35 170.19
CA TYR X 637 -36.69 15.52 169.33
C TYR X 637 -37.35 16.77 169.92
N LEU X 638 -38.45 16.60 170.64
CA LEU X 638 -39.13 17.76 171.23
C LEU X 638 -38.25 18.52 172.21
N PRO X 639 -37.56 17.87 173.17
CA PRO X 639 -36.64 18.65 174.02
C PRO X 639 -35.40 19.09 173.29
N ALA X 640 -34.80 18.22 172.47
CA ALA X 640 -33.58 18.54 171.74
C ALA X 640 -33.92 19.03 170.33
N ALA X 641 -34.69 20.10 170.26
CA ALA X 641 -35.14 20.66 169.00
C ALA X 641 -34.21 21.72 168.44
N GLN X 642 -33.17 22.12 169.18
CA GLN X 642 -32.25 23.16 168.73
C GLN X 642 -30.80 22.75 168.88
N THR X 643 -30.52 21.45 169.02
CA THR X 643 -29.15 20.98 169.13
C THR X 643 -28.42 21.15 167.80
N MET X 644 -27.17 21.59 167.88
CA MET X 644 -26.33 21.79 166.71
C MET X 644 -25.28 20.70 166.56
N ASN X 645 -24.56 20.37 167.63
CA ASN X 645 -23.54 19.33 167.58
C ASN X 645 -24.19 17.95 167.63
N SER X 646 -23.70 17.04 166.79
CA SER X 646 -24.23 15.69 166.77
C SER X 646 -23.90 14.93 168.05
N GLY X 647 -22.76 15.24 168.67
CA GLY X 647 -22.39 14.55 169.89
C GLY X 647 -23.35 14.82 171.04
N THR X 648 -23.76 16.09 171.19
CA THR X 648 -24.72 16.42 172.24
C THR X 648 -26.06 15.72 171.99
N PHE X 649 -26.50 15.68 170.73
CA PHE X 649 -27.74 14.99 170.40
C PHE X 649 -27.64 13.50 170.71
N ASN X 650 -26.51 12.88 170.38
CA ASN X 650 -26.34 11.46 170.68
C ASN X 650 -26.31 11.21 172.18
N THR X 651 -25.66 12.09 172.93
CA THR X 651 -25.64 11.96 174.39
C THR X 651 -27.04 12.07 174.97
N THR X 652 -27.82 13.03 174.48
CA THR X 652 -29.19 13.19 174.95
C THR X 652 -30.03 11.97 174.61
N VAL X 653 -29.84 11.41 173.41
CA VAL X 653 -30.57 10.22 173.01
C VAL X 653 -30.22 9.06 173.94
N ASP X 654 -28.93 8.88 174.23
CA ASP X 654 -28.52 7.80 175.13
C ASP X 654 -29.09 7.99 176.52
N ILE X 655 -29.10 9.22 177.02
CA ILE X 655 -29.65 9.49 178.34
C ILE X 655 -31.14 9.16 178.38
N LYS X 656 -31.87 9.59 177.35
CA LYS X 656 -33.30 9.32 177.31
C LYS X 656 -33.58 7.82 177.19
N LEU X 657 -32.79 7.11 176.38
CA LEU X 657 -32.98 5.67 176.25
C LEU X 657 -32.71 4.96 177.56
N LYS X 658 -31.64 5.35 178.27
CA LYS X 658 -31.34 4.73 179.55
C LYS X 658 -32.44 5.01 180.57
N GLN X 659 -32.94 6.24 180.60
CA GLN X 659 -34.02 6.58 181.52
C GLN X 659 -35.27 5.77 181.21
N TRP X 660 -35.61 5.63 179.92
CA TRP X 660 -36.79 4.86 179.55
C TRP X 660 -36.62 3.38 179.93
N THR X 661 -35.44 2.82 179.68
CA THR X 661 -35.20 1.43 180.05
C THR X 661 -35.31 1.23 181.55
N ASP X 662 -34.79 2.18 182.33
CA ASP X 662 -34.84 2.05 183.78
C ASP X 662 -36.26 2.22 184.31
N LYS X 663 -37.04 3.12 183.73
CA LYS X 663 -38.32 3.50 184.34
C LYS X 663 -39.44 2.52 184.00
N GLN X 664 -39.83 2.44 182.72
CA GLN X 664 -41.03 1.68 182.38
C GLN X 664 -40.94 0.91 181.06
N LEU X 665 -39.80 0.91 180.38
CA LEU X 665 -39.72 0.22 179.09
C LEU X 665 -39.99 -1.27 179.20
N PRO X 666 -39.43 -2.03 180.15
CA PRO X 666 -39.79 -3.46 180.24
C PRO X 666 -41.28 -3.67 180.46
N ASN X 667 -41.93 -2.83 181.26
CA ASN X 667 -43.37 -2.98 181.49
C ASN X 667 -44.15 -2.74 180.20
N LYS X 668 -43.77 -1.71 179.44
CA LYS X 668 -44.44 -1.44 178.17
C LYS X 668 -44.22 -2.59 177.19
N ALA X 669 -43.01 -3.14 177.14
CA ALA X 669 -42.74 -4.26 176.25
C ALA X 669 -43.56 -5.48 176.64
N VAL X 670 -43.67 -5.75 177.94
CA VAL X 670 -44.48 -6.89 178.41
C VAL X 670 -45.94 -6.68 178.05
N GLU X 671 -46.45 -5.47 178.24
CA GLU X 671 -47.84 -5.18 177.90
C GLU X 671 -48.09 -5.34 176.41
N VAL X 672 -47.17 -4.86 175.58
CA VAL X 672 -47.31 -4.97 174.14
C VAL X 672 -47.29 -6.44 173.71
N ALA X 673 -46.37 -7.22 174.27
CA ALA X 673 -46.30 -8.64 173.94
C ALA X 673 -47.58 -9.37 174.35
N TRP X 674 -48.10 -9.06 175.55
CA TRP X 674 -49.32 -9.70 176.01
C TRP X 674 -50.51 -9.32 175.13
N GLU X 675 -50.58 -8.05 174.72
CA GLU X 675 -51.66 -7.61 173.84
C GLU X 675 -51.58 -8.30 172.48
N THR X 676 -50.37 -8.43 171.95
CA THR X 676 -50.21 -9.12 170.66
C THR X 676 -50.59 -10.59 170.77
N LEU X 677 -50.20 -11.24 171.88
CA LEU X 677 -50.59 -12.64 172.09
C LEU X 677 -52.10 -12.76 172.19
N GLN X 678 -52.75 -11.85 172.91
CA GLN X 678 -54.21 -11.87 173.01
C GLN X 678 -54.86 -11.68 171.65
N GLU X 679 -54.32 -10.76 170.83
CA GLU X 679 -54.88 -10.54 169.50
C GLU X 679 -54.73 -11.77 168.63
N GLU X 680 -53.56 -12.41 168.67
CA GLU X 680 -53.36 -13.63 167.89
C GLU X 680 -54.30 -14.73 168.34
N PHE X 681 -54.46 -14.89 169.66
CA PHE X 681 -55.35 -15.92 170.18
C PHE X 681 -56.79 -15.66 169.75
N SER X 682 -57.22 -14.39 169.83
CA SER X 682 -58.58 -14.05 169.42
C SER X 682 -58.79 -14.29 167.93
N ARG X 683 -57.82 -13.94 167.10
CA ARG X 683 -57.94 -14.17 165.66
C ARG X 683 -58.00 -15.66 165.35
N PHE X 684 -57.19 -16.46 166.05
CA PHE X 684 -57.23 -17.91 165.84
C PHE X 684 -58.57 -18.49 166.29
N MET X 685 -59.10 -18.01 167.42
CA MET X 685 -60.39 -18.51 167.90
C MET X 685 -61.52 -18.14 166.95
N THR X 686 -61.50 -16.92 166.42
CA THR X 686 -62.52 -16.42 165.50
C THR X 686 -61.87 -16.29 164.13
N GLU X 687 -61.90 -17.39 163.36
CA GLU X 687 -61.29 -17.45 162.03
C GLU X 687 -62.35 -17.95 161.05
N PRO X 688 -63.19 -17.04 160.54
CA PRO X 688 -64.30 -17.44 159.66
C PRO X 688 -63.86 -17.76 158.24
N LYS X 689 -62.84 -18.62 158.12
CA LYS X 689 -62.41 -19.08 156.80
C LYS X 689 -63.50 -19.92 156.14
N GLY X 690 -64.17 -20.76 156.91
CA GLY X 690 -65.25 -21.56 156.35
C GLY X 690 -66.46 -20.73 156.00
N LYS X 691 -67.21 -21.21 155.01
CA LYS X 691 -68.40 -20.49 154.55
C LYS X 691 -69.54 -20.53 155.56
N GLU X 692 -69.54 -21.50 156.48
CA GLU X 692 -70.61 -21.60 157.46
C GLU X 692 -70.25 -20.85 158.74
N HIS X 693 -69.16 -21.26 159.38
CA HIS X 693 -68.67 -20.64 160.61
C HIS X 693 -69.78 -20.52 161.65
N ASP X 694 -70.27 -21.70 162.07
CA ASP X 694 -71.32 -21.77 163.07
C ASP X 694 -70.90 -21.07 164.36
N ASP X 695 -71.80 -20.23 164.89
CA ASP X 695 -71.51 -19.44 166.07
C ASP X 695 -71.65 -20.21 167.37
N ILE X 696 -72.26 -21.40 167.34
CA ILE X 696 -72.41 -22.20 168.56
C ILE X 696 -71.04 -22.56 169.13
N PHE X 697 -70.13 -23.00 168.26
CA PHE X 697 -68.77 -23.29 168.71
C PHE X 697 -68.00 -22.01 168.97
N ASP X 698 -68.30 -20.94 168.22
CA ASP X 698 -67.59 -19.68 168.39
C ASP X 698 -67.82 -19.08 169.76
N LYS X 699 -69.05 -19.14 170.27
CA LYS X 699 -69.33 -18.61 171.60
C LYS X 699 -68.55 -19.36 172.66
N LEU X 700 -68.50 -20.69 172.57
CA LEU X 700 -67.73 -21.48 173.53
C LEU X 700 -66.24 -21.16 173.43
N LYS X 701 -65.73 -20.99 172.20
CA LYS X 701 -64.33 -20.65 172.03
C LYS X 701 -64.01 -19.29 172.64
N GLU X 702 -64.89 -18.30 172.44
CA GLU X 702 -64.69 -16.98 173.03
C GLU X 702 -64.74 -17.05 174.55
N ALA X 703 -65.68 -17.83 175.11
CA ALA X 703 -65.75 -17.98 176.56
C ALA X 703 -64.49 -18.61 177.11
N VAL X 704 -63.98 -19.65 176.46
CA VAL X 704 -62.75 -20.29 176.89
C VAL X 704 -61.57 -19.34 176.80
N LYS X 705 -61.52 -18.55 175.72
CA LYS X 705 -60.45 -17.56 175.57
C LYS X 705 -60.49 -16.53 176.68
N GLU X 706 -61.68 -16.03 177.01
CA GLU X 706 -61.81 -15.05 178.10
C GLU X 706 -61.41 -15.66 179.43
N GLU X 707 -61.81 -16.91 179.69
CA GLU X 707 -61.43 -17.56 180.94
C GLU X 707 -59.92 -17.74 181.03
N SER X 708 -59.29 -18.15 179.93
CA SER X 708 -57.84 -18.32 179.92
C SER X 708 -57.12 -16.98 180.11
N ILE X 709 -57.64 -15.92 179.49
CA ILE X 709 -57.03 -14.60 179.65
C ILE X 709 -57.13 -14.14 181.10
N LYS X 710 -58.30 -14.32 181.71
CA LYS X 710 -58.48 -13.91 183.10
C LYS X 710 -57.65 -14.76 184.06
N ARG X 711 -57.47 -16.04 183.74
CA ARG X 711 -56.71 -16.94 184.59
C ARG X 711 -55.21 -16.89 184.35
N HIS X 712 -54.78 -16.22 183.28
CA HIS X 712 -53.35 -16.17 182.96
C HIS X 712 -52.58 -15.39 184.02
N LYS X 713 -51.37 -15.85 184.30
CA LYS X 713 -50.50 -15.24 185.29
C LYS X 713 -49.15 -14.90 184.67
N TRP X 714 -48.43 -13.97 185.30
CA TRP X 714 -47.13 -13.55 184.84
C TRP X 714 -46.11 -13.66 185.97
N ASN X 715 -44.85 -13.87 185.60
CA ASN X 715 -43.77 -14.06 186.55
C ASN X 715 -42.87 -12.82 186.56
N ASP X 716 -42.60 -12.29 187.76
CA ASP X 716 -41.75 -11.12 187.87
C ASP X 716 -40.29 -11.44 187.53
N PHE X 717 -39.88 -12.70 187.68
CA PHE X 717 -38.53 -13.08 187.28
C PHE X 717 -38.33 -12.88 185.79
N ALA X 718 -39.35 -13.20 184.99
CA ALA X 718 -39.27 -12.94 183.55
C ALA X 718 -39.13 -11.45 183.26
N GLU X 719 -39.86 -10.62 184.01
CA GLU X 719 -39.73 -9.18 183.83
C GLU X 719 -38.33 -8.68 184.17
N ASP X 720 -37.76 -9.20 185.26
CA ASP X 720 -36.41 -8.80 185.65
C ASP X 720 -35.39 -9.25 184.60
N SER X 721 -35.54 -10.47 184.08
CA SER X 721 -34.64 -10.95 183.04
C SER X 721 -34.77 -10.10 181.78
N LEU X 722 -36.00 -9.73 181.42
CA LEU X 722 -36.21 -8.87 180.26
C LEU X 722 -35.55 -7.51 180.46
N ARG X 723 -35.68 -6.93 181.65
CA ARG X 723 -35.04 -5.65 181.94
C ARG X 723 -33.52 -5.76 181.84
N VAL X 724 -32.96 -6.83 182.40
CA VAL X 724 -31.51 -7.02 182.35
C VAL X 724 -31.03 -7.16 180.92
N ILE X 725 -31.74 -7.95 180.11
CA ILE X 725 -31.33 -8.17 178.73
C ILE X 725 -31.48 -6.88 177.91
N GLN X 726 -32.55 -6.11 178.17
CA GLN X 726 -32.72 -4.84 177.48
C GLN X 726 -31.59 -3.87 177.82
N HIS X 727 -31.19 -3.82 179.09
CA HIS X 727 -30.06 -2.97 179.47
C HIS X 727 -28.75 -3.46 178.85
N ASN X 728 -28.55 -4.77 178.77
CA ASN X 728 -27.31 -5.30 178.23
C ASN X 728 -27.25 -5.23 176.71
N ALA X 729 -28.40 -5.06 176.05
CA ALA X 729 -28.44 -5.04 174.59
C ALA X 729 -27.89 -3.74 174.03
N LEU X 730 -26.60 -3.51 174.18
CA LEU X 730 -25.91 -2.34 173.65
C LEU X 730 -24.62 -2.78 172.96
N GLU X 731 -24.71 -3.81 172.13
CA GLU X 731 -23.54 -4.44 171.53
C GLU X 731 -23.01 -3.66 170.32
N ASP X 732 -23.83 -3.51 169.28
CA ASP X 732 -23.38 -2.87 168.05
C ASP X 732 -23.79 -1.41 168.02
N ARG X 733 -22.86 -0.55 167.56
CA ARG X 733 -23.10 0.88 167.50
C ARG X 733 -22.71 1.51 166.18
N SER X 734 -22.16 0.77 165.22
CA SER X 734 -21.74 1.32 163.95
C SER X 734 -22.05 0.33 162.83
N ILE X 735 -22.16 0.87 161.62
CA ILE X 735 -22.43 0.07 160.43
C ILE X 735 -21.16 -0.02 159.59
N SER X 736 -20.72 -1.24 159.31
CA SER X 736 -19.56 -1.49 158.47
C SER X 736 -19.91 -2.19 157.16
N ASP X 737 -21.20 -2.26 156.83
CA ASP X 737 -21.67 -2.94 155.63
C ASP X 737 -22.43 -1.95 154.76
N LYS X 738 -22.11 -1.93 153.46
CA LYS X 738 -22.82 -1.07 152.53
C LYS X 738 -24.29 -1.48 152.42
N GLN X 739 -24.56 -2.78 152.36
CA GLN X 739 -25.94 -3.25 152.25
C GLN X 739 -26.74 -2.90 153.49
N GLN X 740 -26.16 -3.06 154.68
CA GLN X 740 -26.86 -2.68 155.90
C GLN X 740 -27.09 -1.18 155.94
N TRP X 741 -26.12 -0.39 155.47
CA TRP X 741 -26.29 1.05 155.41
C TRP X 741 -27.44 1.43 154.48
N ASP X 742 -27.53 0.78 153.32
CA ASP X 742 -28.62 1.05 152.39
C ASP X 742 -29.97 0.64 152.98
N ALA X 743 -30.01 -0.50 153.69
CA ALA X 743 -31.26 -0.93 154.32
C ALA X 743 -31.70 0.07 155.39
N ALA X 744 -30.75 0.55 156.20
CA ALA X 744 -31.08 1.55 157.20
C ALA X 744 -31.55 2.84 156.55
N ILE X 745 -30.92 3.24 155.44
CA ILE X 745 -31.36 4.43 154.71
C ILE X 745 -32.78 4.27 154.21
N TYR X 746 -33.10 3.10 153.65
CA TYR X 746 -34.45 2.87 153.15
C TYR X 746 -35.47 2.87 154.27
N PHE X 747 -35.15 2.25 155.40
CA PHE X 747 -36.08 2.24 156.54
C PHE X 747 -36.31 3.66 157.07
N MET X 748 -35.23 4.44 157.19
CA MET X 748 -35.36 5.82 157.64
C MET X 748 -36.17 6.65 156.66
N GLU X 749 -35.96 6.43 155.35
CA GLU X 749 -36.73 7.13 154.33
C GLU X 749 -38.21 6.79 154.43
N GLU X 750 -38.53 5.51 154.65
CA GLU X 750 -39.92 5.10 154.81
C GLU X 750 -40.55 5.77 156.03
N ALA X 751 -39.82 5.78 157.16
CA ALA X 751 -40.35 6.40 158.36
C ALA X 751 -40.56 7.90 158.16
N LEU X 752 -39.60 8.57 157.52
CA LEU X 752 -39.72 10.01 157.30
C LEU X 752 -40.84 10.33 156.32
N GLN X 753 -41.04 9.46 155.31
CA GLN X 753 -42.16 9.66 154.39
C GLN X 753 -43.49 9.49 155.11
N ALA X 754 -43.58 8.51 156.01
CA ALA X 754 -44.80 8.35 156.80
C ALA X 754 -45.06 9.57 157.66
N ARG X 755 -44.00 10.09 158.31
CA ARG X 755 -44.15 11.29 159.13
C ARG X 755 -44.56 12.49 158.28
N LEU X 756 -43.99 12.62 157.08
CA LEU X 756 -44.36 13.70 156.18
C LEU X 756 -45.82 13.61 155.75
N LYS X 757 -46.28 12.38 155.47
CA LYS X 757 -47.68 12.20 155.11
C LYS X 757 -48.60 12.56 156.28
N ASP X 758 -48.23 12.17 157.49
CA ASP X 758 -49.03 12.53 158.66
C ASP X 758 -49.07 14.05 158.84
N THR X 759 -47.93 14.71 158.67
CA THR X 759 -47.89 16.16 158.80
C THR X 759 -48.72 16.84 157.71
N GLU X 760 -48.67 16.31 156.49
CA GLU X 760 -49.50 16.85 155.41
C GLU X 760 -50.98 16.68 155.71
N ASN X 761 -51.36 15.53 156.24
CA ASN X 761 -52.76 15.32 156.61
C ASN X 761 -53.18 16.29 157.71
N ALA X 762 -52.33 16.49 158.71
CA ALA X 762 -52.65 17.45 159.77
C ALA X 762 -52.80 18.86 159.22
N ILE X 763 -51.89 19.26 158.33
CA ILE X 763 -51.96 20.59 157.74
C ILE X 763 -53.23 20.76 156.92
N GLU X 764 -53.58 19.74 156.13
CA GLU X 764 -54.80 19.81 155.33
C GLU X 764 -56.03 19.88 156.22
N ASN X 765 -56.06 19.13 157.32
CA ASN X 765 -57.17 19.23 158.26
C ASN X 765 -57.25 20.63 158.86
N MET X 766 -56.10 21.21 159.21
CA MET X 766 -56.10 22.54 159.81
C MET X 766 -56.56 23.61 158.82
N VAL X 767 -56.15 23.51 157.56
CA VAL X 767 -56.39 24.56 156.58
C VAL X 767 -57.36 24.10 155.50
N GLY X 768 -56.99 23.07 154.74
CA GLY X 768 -57.80 22.61 153.64
C GLY X 768 -57.02 22.53 152.34
N PRO X 769 -57.71 22.77 151.21
CA PRO X 769 -57.04 22.74 149.91
C PRO X 769 -55.93 23.78 149.83
N ASP X 770 -54.83 23.40 149.20
CA ASP X 770 -53.65 24.25 149.07
C ASP X 770 -53.13 24.21 147.65
N TRP X 771 -52.67 25.36 147.15
CA TRP X 771 -52.01 25.49 145.85
C TRP X 771 -52.96 25.01 144.76
N LYS X 772 -52.63 23.98 143.98
CA LYS X 772 -53.43 23.54 142.86
C LYS X 772 -54.81 23.09 143.31
N LYS X 773 -54.89 22.40 144.45
CA LYS X 773 -56.18 21.96 144.96
C LYS X 773 -57.08 23.14 145.30
N ARG X 774 -56.50 24.18 145.91
CA ARG X 774 -57.30 25.34 146.28
C ARG X 774 -57.73 26.16 145.06
N TRP X 775 -56.81 26.35 144.11
CA TRP X 775 -57.08 27.20 142.95
C TRP X 775 -57.73 26.45 141.80
N LEU X 776 -57.99 25.14 141.94
CA LEU X 776 -58.65 24.39 140.88
C LEU X 776 -60.06 24.92 140.66
N TYR X 777 -60.80 25.19 141.74
CA TYR X 777 -62.14 25.73 141.60
C TYR X 777 -62.11 27.19 141.19
N TRP X 778 -61.19 27.96 141.78
CA TRP X 778 -60.96 29.38 141.53
C TRP X 778 -62.11 30.26 142.01
N LYS X 779 -63.19 29.68 142.53
CA LYS X 779 -64.33 30.44 143.03
C LYS X 779 -64.70 30.12 144.47
N ASN X 780 -64.04 29.15 145.10
CA ASN X 780 -64.32 28.76 146.47
C ASN X 780 -63.23 29.31 147.37
N ARG X 781 -63.61 30.27 148.23
CA ARG X 781 -62.67 30.88 149.16
C ARG X 781 -63.34 31.06 150.51
N THR X 782 -62.57 30.85 151.57
CA THR X 782 -63.03 31.00 152.94
C THR X 782 -62.06 31.90 153.70
N GLN X 783 -62.61 32.77 154.54
CA GLN X 783 -61.76 33.69 155.29
C GLN X 783 -60.85 32.96 156.27
N GLU X 784 -61.35 31.87 156.86
CA GLU X 784 -60.55 31.11 157.82
C GLU X 784 -59.34 30.48 157.15
N GLN X 785 -59.54 29.82 156.01
CA GLN X 785 -58.42 29.23 155.28
C GLN X 785 -57.54 30.29 154.62
N CYS X 786 -58.12 31.44 154.25
CA CYS X 786 -57.30 32.51 153.69
C CYS X 786 -56.30 33.04 154.72
N VAL X 787 -56.74 33.17 155.98
CA VAL X 787 -55.85 33.62 157.04
C VAL X 787 -54.71 32.63 157.22
N HIS X 788 -55.03 31.33 157.23
CA HIS X 788 -54.00 30.30 157.37
C HIS X 788 -53.03 30.34 156.20
N ASN X 789 -53.54 30.53 154.98
CA ASN X 789 -52.68 30.61 153.81
C ASN X 789 -51.76 31.82 153.89
N GLU X 790 -52.28 32.96 154.33
CA GLU X 790 -51.44 34.15 154.48
C GLU X 790 -50.37 33.95 155.53
N THR X 791 -50.73 33.32 156.66
CA THR X 791 -49.74 33.03 157.69
C THR X 791 -48.67 32.08 157.17
N LYS X 792 -49.07 31.06 156.42
CA LYS X 792 -48.11 30.12 155.84
C LYS X 792 -47.17 30.83 154.87
N ASN X 793 -47.70 31.71 154.03
CA ASN X 793 -46.87 32.45 153.10
C ASN X 793 -45.89 33.37 153.83
N GLU X 794 -46.37 34.04 154.89
CA GLU X 794 -45.49 34.91 155.66
C GLU X 794 -44.36 34.12 156.31
N LEU X 795 -44.69 32.95 156.88
CA LEU X 795 -43.67 32.13 157.51
C LEU X 795 -42.68 31.57 156.50
N GLU X 796 -43.17 31.20 155.31
CA GLU X 796 -42.28 30.74 154.24
C GLU X 796 -41.33 31.85 153.81
N LYS X 797 -41.84 33.07 153.67
CA LYS X 797 -40.98 34.20 153.31
C LYS X 797 -39.97 34.47 154.42
N MET X 798 -40.38 34.36 155.68
CA MET X 798 -39.44 34.55 156.79
C MET X 798 -38.33 33.50 156.76
N LEU X 799 -38.68 32.24 156.49
CA LEU X 799 -37.67 31.20 156.36
C LEU X 799 -36.76 31.45 155.18
N LYS X 800 -37.30 31.93 154.05
CA LYS X 800 -36.47 32.25 152.91
C LYS X 800 -35.47 33.36 153.24
N CYS X 801 -35.93 34.38 153.97
CA CYS X 801 -35.03 35.45 154.40
C CYS X 801 -34.11 34.99 155.53
N ASN X 802 -34.62 34.20 156.46
CA ASN X 802 -33.86 33.73 157.63
C ASN X 802 -34.08 32.22 157.75
N GLU X 803 -33.14 31.44 157.21
CA GLU X 803 -33.28 29.99 157.24
C GLU X 803 -33.25 29.44 158.65
N GLU X 804 -32.37 29.97 159.50
CA GLU X 804 -32.21 29.50 160.86
C GLU X 804 -32.95 30.43 161.82
N HIS X 805 -33.83 29.87 162.65
CA HIS X 805 -34.61 30.63 163.60
C HIS X 805 -34.84 29.77 164.83
N PRO X 806 -34.78 30.36 166.03
CA PRO X 806 -35.07 29.57 167.24
C PRO X 806 -36.52 29.12 167.27
N ALA X 807 -36.75 27.96 167.91
CA ALA X 807 -38.09 27.41 167.98
C ALA X 807 -39.04 28.32 168.75
N TYR X 808 -38.59 28.89 169.85
CA TYR X 808 -39.41 29.79 170.64
C TYR X 808 -39.58 31.13 169.91
N LEU X 809 -40.66 31.83 170.26
CA LEU X 809 -40.97 33.13 169.67
C LEU X 809 -40.89 34.19 170.76
N ALA X 810 -40.06 35.21 170.54
CA ALA X 810 -39.94 36.30 171.49
C ALA X 810 -41.11 37.28 171.33
N SER X 811 -41.25 38.15 172.33
CA SER X 811 -42.37 39.09 172.33
C SER X 811 -42.29 40.05 171.15
N ASP X 812 -41.09 40.58 170.86
CA ASP X 812 -40.94 41.52 169.76
C ASP X 812 -41.22 40.85 168.42
N GLU X 813 -40.80 39.59 168.25
CA GLU X 813 -41.09 38.87 167.02
C GLU X 813 -42.59 38.69 166.82
N ILE X 814 -43.29 38.32 167.89
CA ILE X 814 -44.75 38.14 167.80
C ILE X 814 -45.42 39.47 167.48
N THR X 815 -44.97 40.56 168.12
CA THR X 815 -45.54 41.87 167.84
C THR X 815 -45.31 42.27 166.39
N THR X 816 -44.10 42.04 165.86
CA THR X 816 -43.81 42.37 164.48
C THR X 816 -44.67 41.55 163.52
N VAL X 817 -44.83 40.25 163.80
CA VAL X 817 -45.65 39.40 162.93
C VAL X 817 -47.10 39.87 162.96
N ARG X 818 -47.61 40.20 164.15
CA ARG X 818 -49.00 40.66 164.25
C ARG X 818 -49.19 41.99 163.52
N LYS X 819 -48.21 42.90 163.63
CA LYS X 819 -48.30 44.17 162.91
C LYS X 819 -48.28 43.94 161.40
N ASN X 820 -47.42 43.04 160.93
CA ASN X 820 -47.38 42.75 159.50
C ASN X 820 -48.70 42.16 159.02
N LEU X 821 -49.30 41.27 159.83
CA LEU X 821 -50.59 40.69 159.46
C LEU X 821 -51.68 41.76 159.44
N GLU X 822 -51.69 42.65 160.43
CA GLU X 822 -52.71 43.68 160.50
C GLU X 822 -52.50 44.82 159.51
N SER X 823 -51.31 44.90 158.90
CA SER X 823 -51.08 45.93 157.89
C SER X 823 -52.05 45.78 156.72
N ARG X 824 -52.29 44.54 156.29
CA ARG X 824 -53.24 44.26 155.23
C ARG X 824 -54.65 44.01 155.74
N GLY X 825 -54.87 44.04 157.05
CA GLY X 825 -56.19 43.87 157.61
C GLY X 825 -56.51 42.46 158.05
N VAL X 826 -55.53 41.79 158.66
CA VAL X 826 -55.69 40.43 159.16
C VAL X 826 -55.32 40.41 160.63
N GLU X 827 -56.24 39.99 161.48
CA GLU X 827 -56.02 39.86 162.91
C GLU X 827 -56.06 38.39 163.29
N VAL X 828 -54.97 37.90 163.88
CA VAL X 828 -54.82 36.49 164.23
C VAL X 828 -54.45 36.40 165.70
N ASP X 829 -55.10 35.48 166.41
CA ASP X 829 -54.79 35.27 167.82
C ASP X 829 -53.37 34.72 167.98
N PRO X 830 -52.68 35.05 169.07
CA PRO X 830 -51.31 34.55 169.25
C PRO X 830 -51.20 33.03 169.31
N SER X 831 -52.22 32.34 169.82
CA SER X 831 -52.17 30.88 169.88
C SER X 831 -52.12 30.27 168.49
N LEU X 832 -52.95 30.78 167.57
CA LEU X 832 -52.92 30.28 166.19
C LEU X 832 -51.59 30.61 165.52
N ILE X 833 -51.04 31.79 165.79
CA ILE X 833 -49.74 32.15 165.24
C ILE X 833 -48.67 31.17 165.72
N LYS X 834 -48.68 30.86 167.02
CA LYS X 834 -47.69 29.93 167.55
C LYS X 834 -47.87 28.53 166.97
N ASP X 835 -49.11 28.09 166.81
CA ASP X 835 -49.36 26.77 166.24
C ASP X 835 -48.88 26.70 164.79
N THR X 836 -49.18 27.73 164.00
CA THR X 836 -48.72 27.77 162.62
C THR X 836 -47.20 27.81 162.54
N TRP X 837 -46.56 28.58 163.42
CA TRP X 837 -45.11 28.63 163.46
C TRP X 837 -44.52 27.28 163.80
N HIS X 838 -45.12 26.58 164.77
CA HIS X 838 -44.63 25.24 165.12
C HIS X 838 -44.77 24.28 163.95
N GLN X 839 -45.91 24.31 163.26
CA GLN X 839 -46.11 23.43 162.11
C GLN X 839 -45.11 23.74 160.99
N VAL X 840 -44.88 25.03 160.72
CA VAL X 840 -43.94 25.40 159.68
C VAL X 840 -42.51 25.01 160.06
N TYR X 841 -42.17 25.16 161.35
CA TYR X 841 -40.86 24.73 161.84
C TYR X 841 -40.67 23.23 161.67
N ARG X 842 -41.70 22.45 162.00
CA ARG X 842 -41.64 21.01 161.82
C ARG X 842 -41.48 20.65 160.35
N ARG X 843 -42.22 21.32 159.47
CA ARG X 843 -42.12 21.04 158.04
C ARG X 843 -40.72 21.39 157.52
N HIS X 844 -40.16 22.52 157.96
CA HIS X 844 -38.83 22.92 157.53
C HIS X 844 -37.79 21.91 157.97
N PHE X 845 -37.88 21.43 159.21
CA PHE X 845 -36.93 20.42 159.67
C PHE X 845 -37.15 19.07 159.00
N LEU X 846 -38.40 18.75 158.63
CA LEU X 846 -38.62 17.53 157.84
C LEU X 846 -37.95 17.63 156.47
N LYS X 847 -38.06 18.80 155.83
CA LYS X 847 -37.38 19.00 154.55
C LYS X 847 -35.87 18.93 154.71
N THR X 848 -35.35 19.52 155.80
CA THR X 848 -33.92 19.45 156.06
C THR X 848 -33.46 18.01 156.29
N ALA X 849 -34.26 17.22 157.01
CA ALA X 849 -33.93 15.82 157.22
C ALA X 849 -33.96 15.05 155.89
N LEU X 850 -34.92 15.37 155.02
CA LEU X 850 -34.97 14.71 153.71
C LEU X 850 -33.72 15.05 152.90
N ASN X 851 -33.30 16.32 152.92
CA ASN X 851 -32.08 16.70 152.21
C ASN X 851 -30.86 16.00 152.81
N HIS X 852 -30.82 15.87 154.14
CA HIS X 852 -29.71 15.16 154.79
C HIS X 852 -29.69 13.69 154.37
N CYS X 853 -30.87 13.07 154.26
CA CYS X 853 -30.94 11.69 153.79
C CYS X 853 -30.45 11.58 152.35
N ASN X 854 -30.84 12.54 151.50
CA ASN X 854 -30.37 12.53 150.12
C ASN X 854 -28.85 12.65 150.06
N LEU X 855 -28.28 13.52 150.89
CA LEU X 855 -26.82 13.65 150.94
C LEU X 855 -26.17 12.37 151.45
N CYS X 856 -26.71 11.78 152.52
CA CYS X 856 -26.13 10.57 153.09
C CYS X 856 -26.27 9.37 152.16
N ARG X 857 -27.20 9.45 151.21
CA ARG X 857 -27.36 8.33 150.22
C ARG X 857 -25.99 7.99 149.64
N ARG X 858 -25.30 8.97 149.05
CA ARG X 858 -23.94 8.74 148.50
C ARG X 858 -22.87 9.17 149.51
N GLY X 859 -23.30 9.66 150.69
CA GLY X 859 -22.35 10.14 151.71
C GLY X 859 -21.70 9.01 152.46
N PHE X 860 -21.69 7.81 151.88
CA PHE X 860 -21.10 6.65 152.53
C PHE X 860 -19.58 6.63 152.44
N TYR X 861 -19.00 7.23 151.40
CA TYR X 861 -17.55 7.33 151.31
C TYR X 861 -16.99 8.16 152.46
N TYR X 862 -17.60 9.30 152.75
CA TYR X 862 -17.20 10.10 153.90
C TYR X 862 -17.47 9.38 155.20
N TYR X 863 -18.64 8.72 155.30
CA TYR X 863 -19.03 8.09 156.55
C TYR X 863 -18.10 6.95 156.92
N GLN X 864 -17.72 6.11 155.95
CA GLN X 864 -16.92 4.93 156.24
C GLN X 864 -15.53 5.30 156.77
N ARG X 865 -14.90 6.31 156.16
CA ARG X 865 -13.54 6.68 156.52
C ARG X 865 -13.47 7.77 157.59
N HIS X 866 -14.52 8.56 157.76
CA HIS X 866 -14.56 9.63 158.76
C HIS X 866 -13.41 10.61 158.56
N PHE X 867 -13.43 11.29 157.44
CA PHE X 867 -12.39 12.27 157.11
C PHE X 867 -12.41 13.43 158.09
N VAL X 868 -11.23 14.03 158.30
CA VAL X 868 -11.13 15.17 159.21
C VAL X 868 -11.96 16.33 158.70
N ASP X 869 -11.84 16.64 157.41
CA ASP X 869 -12.63 17.70 156.78
C ASP X 869 -13.92 17.16 156.18
N SER X 870 -14.71 16.45 157.00
CA SER X 870 -15.94 15.85 156.52
C SER X 870 -16.99 16.93 156.27
N GLU X 871 -17.60 16.88 155.08
CA GLU X 871 -18.66 17.81 154.72
C GLU X 871 -20.05 17.29 155.06
N LEU X 872 -20.14 16.12 155.69
CA LEU X 872 -21.43 15.52 156.00
C LEU X 872 -21.26 14.59 157.20
N GLU X 873 -22.10 14.74 158.20
CA GLU X 873 -22.08 13.92 159.41
C GLU X 873 -23.39 13.14 159.48
N CYS X 874 -23.35 11.88 159.02
CA CYS X 874 -24.54 11.03 159.02
C CYS X 874 -24.60 10.30 160.36
N ASN X 875 -25.47 10.78 161.25
CA ASN X 875 -25.69 10.16 162.55
C ASN X 875 -27.10 9.64 162.73
N ASP X 876 -28.10 10.24 162.08
CA ASP X 876 -29.47 9.75 162.19
C ASP X 876 -29.61 8.33 161.66
N VAL X 877 -28.92 8.03 160.57
CA VAL X 877 -28.97 6.69 160.00
C VAL X 877 -28.44 5.66 161.00
N VAL X 878 -27.29 5.97 161.63
CA VAL X 878 -26.70 5.08 162.60
C VAL X 878 -27.62 4.91 163.81
N LEU X 879 -28.20 6.02 164.28
CA LEU X 879 -29.11 5.94 165.42
C LEU X 879 -30.33 5.09 165.11
N PHE X 880 -30.90 5.26 163.93
CA PHE X 880 -32.07 4.48 163.55
C PHE X 880 -31.72 2.99 163.40
N TRP X 881 -30.54 2.70 162.85
CA TRP X 881 -30.12 1.31 162.76
C TRP X 881 -29.90 0.69 164.14
N ARG X 882 -29.32 1.46 165.06
CA ARG X 882 -29.16 0.97 166.43
C ARG X 882 -30.51 0.70 167.08
N ILE X 883 -31.47 1.61 166.89
CA ILE X 883 -32.80 1.41 167.43
C ILE X 883 -33.44 0.17 166.83
N GLN X 884 -33.29 -0.03 165.52
CA GLN X 884 -33.88 -1.19 164.85
C GLN X 884 -33.29 -2.49 165.38
N ARG X 885 -31.96 -2.55 165.53
CA ARG X 885 -31.35 -3.79 166.00
C ARG X 885 -31.70 -4.05 167.47
N MET X 886 -31.75 -2.99 168.29
CA MET X 886 -32.17 -3.17 169.67
C MET X 886 -33.61 -3.67 169.76
N LEU X 887 -34.49 -3.12 168.93
CA LEU X 887 -35.87 -3.59 168.90
C LEU X 887 -35.96 -5.04 168.46
N ALA X 888 -35.15 -5.43 167.46
CA ALA X 888 -35.13 -6.82 167.02
C ALA X 888 -34.67 -7.75 168.14
N ILE X 889 -33.61 -7.35 168.86
CA ILE X 889 -33.12 -8.17 169.97
C ILE X 889 -34.18 -8.29 171.05
N THR X 890 -34.84 -7.18 171.38
CA THR X 890 -35.88 -7.20 172.40
C THR X 890 -37.05 -8.09 171.98
N ALA X 891 -37.45 -8.01 170.71
CA ALA X 891 -38.53 -8.86 170.23
C ALA X 891 -38.15 -10.33 170.27
N ASN X 892 -36.91 -10.66 169.89
CA ASN X 892 -36.47 -12.04 169.95
C ASN X 892 -36.46 -12.55 171.38
N THR X 893 -35.98 -11.74 172.32
CA THR X 893 -35.97 -12.14 173.73
C THR X 893 -37.39 -12.32 174.25
N LEU X 894 -38.31 -11.42 173.88
CA LEU X 894 -39.69 -11.53 174.30
C LEU X 894 -40.32 -12.81 173.76
N ARG X 895 -40.07 -13.12 172.49
CA ARG X 895 -40.61 -14.35 171.90
C ARG X 895 -40.06 -15.58 172.59
N GLN X 896 -38.75 -15.58 172.88
CA GLN X 896 -38.15 -16.73 173.54
C GLN X 896 -38.73 -16.93 174.94
N GLN X 897 -38.83 -15.85 175.72
CA GLN X 897 -39.40 -15.96 177.06
C GLN X 897 -40.86 -16.37 177.02
N LEU X 898 -41.61 -15.85 176.04
CA LEU X 898 -43.01 -16.24 175.89
C LEU X 898 -43.12 -17.75 175.63
N THR X 899 -42.39 -18.24 174.63
CA THR X 899 -42.41 -19.66 174.32
C THR X 899 -41.96 -20.50 175.52
N ASN X 900 -41.03 -20.00 176.32
CA ASN X 900 -40.55 -20.76 177.46
C ASN X 900 -41.58 -20.85 178.57
N THR X 901 -42.24 -19.73 178.90
CA THR X 901 -43.07 -19.68 180.10
C THR X 901 -44.55 -19.47 179.82
N GLU X 902 -44.90 -18.48 179.00
CA GLU X 902 -46.30 -18.09 178.87
C GLU X 902 -47.10 -19.12 178.08
N VAL X 903 -46.47 -19.80 177.13
CA VAL X 903 -47.17 -20.87 176.41
C VAL X 903 -47.56 -21.98 177.36
N ARG X 904 -46.64 -22.39 178.23
CA ARG X 904 -46.95 -23.40 179.24
C ARG X 904 -48.01 -22.92 180.21
N ARG X 905 -47.93 -21.65 180.62
CA ARG X 905 -48.94 -21.11 181.53
C ARG X 905 -50.32 -21.12 180.90
N LEU X 906 -50.41 -20.71 179.62
CA LEU X 906 -51.69 -20.71 178.92
C LEU X 906 -52.21 -22.13 178.75
N GLU X 907 -51.32 -23.08 178.45
CA GLU X 907 -51.73 -24.47 178.34
C GLU X 907 -52.29 -24.98 179.67
N LYS X 908 -51.63 -24.64 180.78
CA LYS X 908 -52.11 -25.05 182.09
C LYS X 908 -53.47 -24.43 182.39
N ASN X 909 -53.65 -23.15 182.08
CA ASN X 909 -54.94 -22.51 182.30
C ASN X 909 -56.04 -23.15 181.47
N VAL X 910 -55.74 -23.46 180.20
CA VAL X 910 -56.72 -24.10 179.33
C VAL X 910 -57.08 -25.48 179.87
N LYS X 911 -56.08 -26.23 180.33
CA LYS X 911 -56.35 -27.55 180.90
C LYS X 911 -57.22 -27.44 182.15
N GLU X 912 -56.94 -26.46 183.02
CA GLU X 912 -57.75 -26.27 184.22
C GLU X 912 -59.19 -25.92 183.86
N VAL X 913 -59.36 -25.01 182.89
CA VAL X 913 -60.71 -24.62 182.47
C VAL X 913 -61.46 -25.81 181.89
N LEU X 914 -60.79 -26.61 181.06
CA LEU X 914 -61.43 -27.78 180.46
C LEU X 914 -61.81 -28.79 181.53
N GLU X 915 -60.94 -29.02 182.52
CA GLU X 915 -61.27 -29.94 183.60
C GLU X 915 -62.45 -29.44 184.42
N ASP X 916 -62.48 -28.13 184.71
CA ASP X 916 -63.60 -27.57 185.46
C ASP X 916 -64.91 -27.71 184.68
N PHE X 917 -64.87 -27.48 183.36
CA PHE X 917 -66.07 -27.65 182.55
C PHE X 917 -66.51 -29.10 182.50
N ALA X 918 -65.56 -30.03 182.37
CA ALA X 918 -65.91 -31.45 182.31
C ALA X 918 -66.51 -31.93 183.63
N GLU X 919 -65.95 -31.48 184.75
CA GLU X 919 -66.44 -31.88 186.07
C GLU X 919 -67.72 -31.18 186.48
N ASP X 920 -68.33 -30.40 185.59
CA ASP X 920 -69.58 -29.68 185.88
C ASP X 920 -70.47 -29.76 184.64
N GLY X 921 -71.38 -30.74 184.63
CA GLY X 921 -72.32 -30.86 183.53
C GLY X 921 -73.39 -29.79 183.51
N GLU X 922 -73.67 -29.18 184.66
CA GLU X 922 -74.64 -28.09 184.70
C GLU X 922 -74.16 -26.90 183.88
N LYS X 923 -72.85 -26.61 183.95
CA LYS X 923 -72.30 -25.54 183.11
C LYS X 923 -72.44 -25.86 181.63
N LYS X 924 -72.21 -27.13 181.26
CA LYS X 924 -72.39 -27.53 179.87
C LYS X 924 -73.83 -27.37 179.43
N ILE X 925 -74.78 -27.74 180.30
CA ILE X 925 -76.20 -27.57 179.96
C ILE X 925 -76.54 -26.10 179.81
N LYS X 926 -76.04 -25.26 180.71
CA LYS X 926 -76.34 -23.83 180.64
C LYS X 926 -75.75 -23.20 179.38
N LEU X 927 -74.54 -23.60 179.01
CA LEU X 927 -73.87 -22.99 177.86
C LEU X 927 -74.27 -23.63 176.55
N LEU X 928 -74.16 -24.95 176.43
CA LEU X 928 -74.49 -25.66 175.19
C LEU X 928 -76.01 -25.77 175.07
N THR X 929 -76.62 -24.67 174.63
CA THR X 929 -78.06 -24.60 174.42
C THR X 929 -78.41 -24.54 172.93
N GLY X 930 -77.50 -25.01 172.07
CA GLY X 930 -77.76 -25.01 170.66
C GLY X 930 -78.83 -25.99 170.26
N LYS X 931 -79.36 -25.80 169.04
CA LYS X 931 -80.40 -26.68 168.54
C LYS X 931 -79.90 -28.11 168.39
N ARG X 932 -78.69 -28.28 167.88
CA ARG X 932 -78.14 -29.62 167.71
C ARG X 932 -77.97 -30.33 169.05
N VAL X 933 -77.47 -29.61 170.06
CA VAL X 933 -77.25 -30.22 171.38
C VAL X 933 -78.58 -30.66 171.98
N GLN X 934 -79.59 -29.77 171.92
CA GLN X 934 -80.89 -30.11 172.47
C GLN X 934 -81.53 -31.27 171.74
N LEU X 935 -81.44 -31.29 170.40
CA LEU X 935 -82.01 -32.39 169.64
C LEU X 935 -81.32 -33.71 169.96
N ALA X 936 -79.99 -33.70 170.08
CA ALA X 936 -79.27 -34.92 170.43
C ALA X 936 -79.64 -35.40 171.82
N GLU X 937 -79.76 -34.48 172.78
CA GLU X 937 -80.16 -34.85 174.13
C GLU X 937 -81.56 -35.46 174.14
N ASP X 938 -82.49 -34.84 173.41
CA ASP X 938 -83.85 -35.37 173.35
C ASP X 938 -83.87 -36.75 172.71
N LEU X 939 -83.11 -36.94 171.64
CA LEU X 939 -83.05 -38.25 170.99
C LEU X 939 -82.48 -39.31 171.92
N LYS X 940 -81.40 -38.97 172.64
CA LYS X 940 -80.82 -39.91 173.58
C LYS X 940 -81.78 -40.26 174.70
N LYS X 941 -82.49 -39.26 175.23
CA LYS X 941 -83.47 -39.52 176.28
C LYS X 941 -84.61 -40.39 175.79
N VAL X 942 -85.09 -40.13 174.57
CA VAL X 942 -86.16 -40.96 174.00
C VAL X 942 -85.69 -42.39 173.80
N ARG X 943 -84.46 -42.57 173.31
CA ARG X 943 -83.93 -43.91 173.13
C ARG X 943 -83.80 -44.64 174.45
N GLU X 944 -83.32 -43.94 175.49
CA GLU X 944 -83.20 -44.57 176.80
C GLU X 944 -84.57 -44.95 177.36
N ILE X 945 -85.56 -44.07 177.20
CA ILE X 945 -86.90 -44.36 177.68
C ILE X 945 -87.48 -45.57 176.95
N GLN X 946 -87.28 -45.64 175.64
CA GLN X 946 -87.78 -46.77 174.87
C GLN X 946 -87.08 -48.07 175.28
N GLU X 947 -85.78 -48.02 175.53
CA GLU X 947 -85.06 -49.20 175.98
C GLU X 947 -85.57 -49.66 177.35
N LYS X 948 -85.82 -48.72 178.26
CA LYS X 948 -86.36 -49.07 179.57
C LYS X 948 -87.75 -49.69 179.43
N LEU X 949 -88.58 -49.14 178.55
CA LEU X 949 -89.92 -49.69 178.34
C LEU X 949 -89.85 -51.09 177.73
N ASP X 950 -88.92 -51.30 176.81
CA ASP X 950 -88.74 -52.63 176.24
C ASP X 950 -88.28 -53.63 177.30
N ALA X 951 -87.38 -53.20 178.19
CA ALA X 951 -86.96 -54.08 179.29
C ALA X 951 -88.14 -54.39 180.21
N PHE X 952 -88.98 -53.38 180.49
CA PHE X 952 -90.17 -53.61 181.30
C PHE X 952 -91.11 -54.61 180.64
N ILE X 953 -91.32 -54.47 179.32
CA ILE X 953 -92.20 -55.39 178.60
C ILE X 953 -91.64 -56.81 178.64
N GLU X 954 -90.32 -56.94 178.43
CA GLU X 954 -89.70 -58.27 178.48
C GLU X 954 -89.83 -58.89 179.87
N ALA X 955 -89.61 -58.09 180.92
CA ALA X 955 -89.73 -58.61 182.27
C ALA X 955 -91.16 -59.03 182.58
N LEU X 956 -92.14 -58.23 182.15
CA LEU X 956 -93.53 -58.58 182.36
C LEU X 956 -93.90 -59.86 181.63
N HIS X 957 -93.42 -60.01 180.39
CA HIS X 957 -93.70 -61.24 179.64
C HIS X 957 -93.05 -62.45 180.28
N GLN X 958 -91.82 -62.31 180.76
CA GLN X 958 -91.15 -63.43 181.41
C GLN X 958 -91.81 -63.82 182.72
N GLU X 959 -92.23 -62.83 183.52
CA GLU X 959 -92.86 -63.13 184.80
C GLU X 959 -94.20 -63.82 184.60
N LYS X 960 -94.96 -63.37 183.60
CA LYS X 960 -96.27 -64.00 183.28
C LYS X 960 -96.07 -65.11 182.25
N SER Y 263 35.12 27.10 207.77
CA SER Y 263 35.41 28.11 206.75
C SER Y 263 35.96 27.46 205.48
N LEU Y 264 37.20 27.82 205.14
CA LEU Y 264 37.83 27.25 203.95
C LEU Y 264 38.04 25.75 204.10
N ILE Y 265 38.45 25.30 205.29
CA ILE Y 265 38.73 23.88 205.49
C ILE Y 265 37.44 23.07 205.41
N ASP Y 266 36.34 23.59 205.96
CA ASP Y 266 35.06 22.87 205.89
C ASP Y 266 34.58 22.75 204.44
N MET Y 267 34.70 23.83 203.67
CA MET Y 267 34.29 23.79 202.27
C MET Y 267 35.18 22.84 201.47
N TYR Y 268 36.48 22.83 201.76
CA TYR Y 268 37.38 21.89 201.08
C TYR Y 268 37.03 20.45 201.42
N SER Y 269 36.69 20.19 202.68
CA SER Y 269 36.27 18.84 203.06
C SER Y 269 34.97 18.45 202.36
N GLU Y 270 34.03 19.39 202.25
CA GLU Y 270 32.80 19.11 201.52
C GLU Y 270 33.07 18.81 200.05
N VAL Y 271 33.99 19.57 199.43
CA VAL Y 271 34.35 19.33 198.04
C VAL Y 271 34.98 17.95 197.88
N LEU Y 272 35.87 17.58 198.81
CA LEU Y 272 36.48 16.25 198.76
C LEU Y 272 35.44 15.15 198.93
N ASP Y 273 34.47 15.36 199.82
CA ASP Y 273 33.40 14.38 199.99
C ASP Y 273 32.56 14.24 198.72
N VAL Y 274 32.26 15.37 198.07
CA VAL Y 274 31.52 15.32 196.81
C VAL Y 274 32.30 14.57 195.74
N LEU Y 275 33.61 14.84 195.67
CA LEU Y 275 34.45 14.13 194.70
C LEU Y 275 34.48 12.63 194.98
N SER Y 276 34.57 12.26 196.25
CA SER Y 276 34.56 10.84 196.60
C SER Y 276 33.23 10.18 196.25
N ASP Y 277 32.12 10.88 196.52
CA ASP Y 277 30.80 10.35 196.20
C ASP Y 277 30.48 10.40 194.72
N TYR Y 278 31.30 11.11 193.92
CA TYR Y 278 31.05 11.18 192.48
C TYR Y 278 31.12 9.80 191.83
N ASP Y 279 32.10 8.99 192.20
CA ASP Y 279 32.24 7.65 191.65
C ASP Y 279 33.04 6.80 192.61
N ALA Y 280 32.83 5.49 192.54
CA ALA Y 280 33.59 4.56 193.36
C ALA Y 280 35.01 4.36 192.86
N SER Y 281 35.29 4.70 191.60
CA SER Y 281 36.62 4.60 191.04
C SER Y 281 37.44 5.84 191.41
N TYR Y 282 38.61 5.99 190.80
CA TYR Y 282 39.51 7.13 191.06
C TYR Y 282 39.84 7.78 189.72
N ASN Y 283 38.98 8.72 189.30
CA ASN Y 283 39.20 9.49 188.07
C ASN Y 283 39.46 10.96 188.34
N THR Y 284 38.55 11.63 189.06
CA THR Y 284 38.73 13.01 189.45
C THR Y 284 39.15 13.18 190.90
N GLN Y 285 39.19 12.10 191.68
CA GLN Y 285 39.59 12.17 193.07
C GLN Y 285 41.09 12.36 193.25
N ASP Y 286 41.88 12.09 192.21
CA ASP Y 286 43.32 12.23 192.26
C ASP Y 286 43.80 13.62 191.84
N HIS Y 287 42.89 14.55 191.59
CA HIS Y 287 43.27 15.90 191.21
C HIS Y 287 43.68 16.73 192.42
N LEU Y 288 42.76 16.87 193.37
CA LEU Y 288 43.06 17.62 194.59
C LEU Y 288 43.99 16.81 195.50
N PRO Y 289 44.95 17.47 196.14
CA PRO Y 289 45.84 16.74 197.07
C PRO Y 289 45.05 16.16 198.24
N ARG Y 290 45.48 14.98 198.68
CA ARG Y 290 44.86 14.31 199.82
C ARG Y 290 45.94 13.67 200.67
N VAL Y 291 46.06 14.12 201.91
CA VAL Y 291 47.05 13.57 202.84
C VAL Y 291 46.53 12.21 203.31
N VAL Y 292 47.21 11.13 202.91
CA VAL Y 292 46.80 9.77 203.22
C VAL Y 292 47.82 9.17 204.17
N VAL Y 293 47.34 8.60 205.28
CA VAL Y 293 48.19 7.96 206.27
C VAL Y 293 48.08 6.45 206.08
N VAL Y 294 49.19 5.82 205.72
CA VAL Y 294 49.26 4.39 205.46
C VAL Y 294 50.30 3.78 206.39
N GLY Y 295 49.92 2.70 207.07
CA GLY Y 295 50.83 2.03 207.97
C GLY Y 295 50.84 0.52 207.77
N ASP Y 296 51.44 -0.20 208.72
CA ASP Y 296 51.52 -1.65 208.67
C ASP Y 296 50.55 -2.27 209.67
N GLN Y 297 50.24 -3.54 209.45
CA GLN Y 297 49.32 -4.25 210.33
C GLN Y 297 49.98 -4.50 211.68
N SER Y 298 49.26 -4.18 212.76
CA SER Y 298 49.74 -4.37 214.13
C SER Y 298 51.05 -3.62 214.36
N ALA Y 299 51.18 -2.44 213.75
CA ALA Y 299 52.37 -1.62 213.88
C ALA Y 299 52.19 -0.45 214.84
N GLY Y 300 51.09 -0.43 215.60
CA GLY Y 300 50.85 0.65 216.53
C GLY Y 300 50.41 1.95 215.90
N LYS Y 301 49.99 1.94 214.64
CA LYS Y 301 49.56 3.17 213.98
C LYS Y 301 48.28 3.71 214.59
N THR Y 302 47.48 2.85 215.21
CA THR Y 302 46.24 3.32 215.85
C THR Y 302 46.53 4.29 216.98
N SER Y 303 47.53 3.98 217.80
CA SER Y 303 47.89 4.88 218.91
C SER Y 303 48.39 6.23 218.38
N VAL Y 304 49.20 6.20 217.32
CA VAL Y 304 49.70 7.45 216.74
C VAL Y 304 48.55 8.27 216.18
N LEU Y 305 47.62 7.63 215.48
CA LEU Y 305 46.47 8.33 214.93
C LEU Y 305 45.61 8.92 216.04
N GLU Y 306 45.41 8.18 217.13
CA GLU Y 306 44.65 8.70 218.25
C GLU Y 306 45.35 9.90 218.89
N MET Y 307 46.68 9.84 219.02
CA MET Y 307 47.43 10.95 219.59
C MET Y 307 47.40 12.17 218.67
N ILE Y 308 47.32 11.95 217.36
CA ILE Y 308 47.22 13.07 216.43
C ILE Y 308 45.94 13.86 216.68
N ALA Y 309 44.82 13.16 216.86
CA ALA Y 309 43.55 13.81 217.17
C ALA Y 309 43.36 14.05 218.66
N GLN Y 310 44.33 13.63 219.50
CA GLN Y 310 44.27 13.82 220.94
C GLN Y 310 43.03 13.17 221.56
N ALA Y 311 42.57 12.07 220.96
CA ALA Y 311 41.41 11.36 221.46
C ALA Y 311 41.41 9.95 220.91
N ARG Y 312 40.91 9.00 221.71
CA ARG Y 312 40.82 7.62 221.29
C ARG Y 312 39.52 7.41 220.53
N ILE Y 313 39.59 7.46 219.20
CA ILE Y 313 38.41 7.31 218.36
C ILE Y 313 38.47 6.06 217.49
N PHE Y 314 39.65 5.48 217.26
CA PHE Y 314 39.76 4.28 216.45
C PHE Y 314 39.69 3.04 217.34
N PRO Y 315 38.74 2.13 217.12
CA PRO Y 315 38.68 0.92 217.96
C PRO Y 315 39.92 0.07 217.80
N ARG Y 316 40.33 -0.56 218.91
CA ARG Y 316 41.52 -1.41 218.92
C ARG Y 316 41.19 -2.80 218.40
N GLY Y 317 42.19 -3.42 217.77
CA GLY Y 317 42.02 -4.75 217.23
C GLY Y 317 43.14 -5.70 217.62
N SER Y 318 42.78 -6.85 218.20
CA SER Y 318 43.75 -7.84 218.63
C SER Y 318 44.09 -8.75 217.45
N GLY Y 319 44.91 -8.22 216.55
CA GLY Y 319 45.34 -8.94 215.36
C GLY Y 319 44.42 -8.80 214.16
N GLU Y 320 43.11 -8.81 214.39
CA GLU Y 320 42.16 -8.68 213.30
C GLU Y 320 42.20 -7.27 212.72
N MET Y 321 42.01 -7.19 211.40
CA MET Y 321 42.03 -5.92 210.68
C MET Y 321 40.65 -5.26 210.83
N MET Y 322 40.51 -4.45 211.86
CA MET Y 322 39.23 -3.78 212.10
C MET Y 322 38.93 -2.77 211.00
N THR Y 323 39.93 -2.03 210.54
CA THR Y 323 39.75 -1.04 209.49
C THR Y 323 39.74 -1.73 208.14
N ARG Y 324 38.56 -1.85 207.53
CA ARG Y 324 38.42 -2.47 206.22
C ARG Y 324 37.94 -1.51 205.14
N SER Y 325 37.65 -0.27 205.49
CA SER Y 325 37.21 0.74 204.54
C SER Y 325 37.98 2.03 204.77
N PRO Y 326 38.18 2.83 203.72
CA PRO Y 326 38.88 4.10 203.88
C PRO Y 326 38.14 5.02 204.84
N VAL Y 327 38.90 5.72 205.68
CA VAL Y 327 38.36 6.64 206.67
C VAL Y 327 38.96 8.02 206.44
N LYS Y 328 38.11 9.03 206.33
CA LYS Y 328 38.53 10.40 206.12
C LYS Y 328 38.45 11.15 207.45
N VAL Y 329 39.56 11.73 207.88
CA VAL Y 329 39.64 12.52 209.10
C VAL Y 329 39.97 13.95 208.71
N THR Y 330 39.04 14.87 208.94
CA THR Y 330 39.22 16.27 208.63
C THR Y 330 39.54 17.03 209.91
N LEU Y 331 40.76 17.55 210.00
CA LEU Y 331 41.19 18.31 211.17
C LEU Y 331 40.77 19.77 211.00
N SER Y 332 40.06 20.29 211.99
CA SER Y 332 39.60 21.68 211.97
C SER Y 332 39.32 22.11 213.40
N GLU Y 333 38.88 23.36 213.55
CA GLU Y 333 38.58 23.93 214.85
C GLU Y 333 37.13 24.43 214.86
N GLY Y 334 36.39 24.06 215.90
CA GLY Y 334 35.00 24.46 216.02
C GLY Y 334 34.69 24.97 217.40
N PRO Y 335 33.40 25.24 217.66
CA PRO Y 335 33.01 25.72 218.99
C PRO Y 335 33.32 24.74 220.10
N HIS Y 336 33.24 23.43 219.83
CA HIS Y 336 33.51 22.41 220.82
C HIS Y 336 34.39 21.32 220.21
N HIS Y 337 35.13 20.63 221.08
CA HIS Y 337 36.02 19.56 220.66
C HIS Y 337 35.21 18.27 220.46
N VAL Y 338 34.39 18.28 219.41
CA VAL Y 338 33.51 17.17 219.08
C VAL Y 338 33.80 16.72 217.66
N ALA Y 339 33.22 15.58 217.30
CA ALA Y 339 33.35 15.00 215.96
C ALA Y 339 31.97 14.85 215.34
N LEU Y 340 31.84 15.29 214.09
CA LEU Y 340 30.57 15.25 213.37
C LEU Y 340 30.80 14.66 211.99
N PHE Y 341 29.92 13.73 211.59
CA PHE Y 341 30.01 13.13 210.27
C PHE Y 341 29.32 14.02 209.24
N LYS Y 342 29.55 13.71 207.97
CA LYS Y 342 28.92 14.45 206.88
C LYS Y 342 27.41 14.25 206.87
N ASP Y 343 26.96 13.00 207.10
CA ASP Y 343 25.54 12.66 207.05
C ASP Y 343 24.96 12.40 208.43
N SER Y 344 25.55 12.99 209.47
CA SER Y 344 25.07 12.82 210.83
C SER Y 344 24.89 14.18 211.49
N SER Y 345 24.05 14.21 212.52
CA SER Y 345 23.77 15.43 213.27
C SER Y 345 24.19 15.36 214.72
N ARG Y 346 24.62 14.20 215.22
CA ARG Y 346 25.04 14.04 216.60
C ARG Y 346 26.52 14.39 216.72
N GLU Y 347 26.84 15.30 217.63
CA GLU Y 347 28.22 15.73 217.87
C GLU Y 347 28.86 14.78 218.88
N PHE Y 348 29.71 13.89 218.38
CA PHE Y 348 30.40 12.92 219.24
C PHE Y 348 31.56 13.63 219.93
N ASP Y 349 31.43 13.85 221.23
CA ASP Y 349 32.48 14.51 221.99
C ASP Y 349 33.72 13.63 222.08
N LEU Y 350 34.88 14.27 222.08
CA LEU Y 350 36.16 13.56 222.12
C LEU Y 350 36.76 13.53 223.52
N THR Y 351 36.00 13.94 224.53
CA THR Y 351 36.48 13.97 225.92
C THR Y 351 35.82 12.92 226.79
N LYS Y 352 34.49 12.88 226.82
CA LYS Y 352 33.78 11.91 227.65
C LYS Y 352 33.97 10.51 227.12
N GLU Y 353 34.13 9.55 228.05
CA GLU Y 353 34.33 8.16 227.67
C GLU Y 353 33.10 7.59 226.96
N GLU Y 354 31.90 7.93 227.43
CA GLU Y 354 30.69 7.43 226.80
C GLU Y 354 30.57 7.93 225.37
N ASP Y 355 30.87 9.21 225.13
CA ASP Y 355 30.81 9.75 223.79
C ASP Y 355 31.85 9.10 222.88
N LEU Y 356 33.05 8.85 223.40
CA LEU Y 356 34.07 8.16 222.62
C LEU Y 356 33.62 6.73 222.27
N ALA Y 357 33.02 6.03 223.22
CA ALA Y 357 32.52 4.69 222.95
C ALA Y 357 31.42 4.71 221.90
N ALA Y 358 30.51 5.69 221.99
CA ALA Y 358 29.46 5.83 220.98
C ALA Y 358 30.04 6.11 219.61
N LEU Y 359 31.06 6.97 219.55
CA LEU Y 359 31.71 7.27 218.27
C LEU Y 359 32.38 6.02 217.69
N ARG Y 360 33.06 5.26 218.53
CA ARG Y 360 33.69 4.02 218.06
C ARG Y 360 32.64 3.02 217.57
N HIS Y 361 31.52 2.90 218.28
CA HIS Y 361 30.46 2.01 217.84
C HIS Y 361 29.88 2.45 216.51
N GLU Y 362 29.68 3.76 216.34
CA GLU Y 362 29.18 4.27 215.06
C GLU Y 362 30.16 4.01 213.93
N ILE Y 363 31.45 4.19 214.19
CA ILE Y 363 32.47 3.92 213.17
C ILE Y 363 32.47 2.44 212.79
N GLU Y 364 32.37 1.56 213.80
CA GLU Y 364 32.32 0.13 213.52
C GLU Y 364 31.08 -0.24 212.71
N LEU Y 365 29.92 0.36 213.06
CA LEU Y 365 28.71 0.09 212.31
C LEU Y 365 28.83 0.56 210.86
N ARG Y 366 29.43 1.74 210.66
CA ARG Y 366 29.62 2.23 209.29
C ARG Y 366 30.58 1.32 208.51
N MET Y 367 31.64 0.84 209.17
CA MET Y 367 32.56 -0.08 208.51
C MET Y 367 31.86 -1.38 208.13
N ARG Y 368 31.04 -1.92 209.03
CA ARG Y 368 30.32 -3.15 208.74
C ARG Y 368 29.30 -2.97 207.61
N LYS Y 369 28.62 -1.82 207.59
CA LYS Y 369 27.63 -1.56 206.55
C LYS Y 369 28.28 -1.51 205.17
N ASN Y 370 29.43 -0.84 205.06
CA ASN Y 370 30.11 -0.74 203.78
C ASN Y 370 30.60 -2.10 203.30
N VAL Y 371 31.16 -2.91 204.20
CA VAL Y 371 31.68 -4.21 203.82
C VAL Y 371 30.51 -5.17 203.55
N LYS Y 372 30.54 -5.82 202.39
CA LYS Y 372 29.50 -6.76 202.03
C LYS Y 372 29.60 -8.03 202.88
N GLU Y 373 28.47 -8.73 202.99
CA GLU Y 373 28.40 -9.97 203.77
C GLU Y 373 29.08 -11.08 202.98
N GLY Y 374 30.40 -11.19 203.17
CA GLY Y 374 31.18 -12.18 202.46
C GLY Y 374 32.49 -11.63 201.93
N CYS Y 375 32.57 -10.31 201.79
CA CYS Y 375 33.76 -9.64 201.30
C CYS Y 375 34.61 -9.15 202.46
N THR Y 376 35.79 -8.62 202.12
CA THR Y 376 36.72 -8.10 203.11
C THR Y 376 36.99 -6.62 202.94
N VAL Y 377 37.26 -6.17 201.72
CA VAL Y 377 37.57 -4.76 201.45
C VAL Y 377 36.42 -4.19 200.63
N SER Y 378 35.90 -3.04 201.08
CA SER Y 378 34.79 -2.38 200.42
C SER Y 378 35.25 -1.07 199.80
N PRO Y 379 34.91 -0.79 198.54
CA PRO Y 379 35.33 0.48 197.93
C PRO Y 379 34.70 1.70 198.57
N GLU Y 380 33.60 1.54 199.31
CA GLU Y 380 32.94 2.69 199.93
C GLU Y 380 33.83 3.32 200.98
N THR Y 381 33.81 4.65 201.05
CA THR Y 381 34.62 5.41 201.98
C THR Y 381 33.73 5.99 203.08
N ILE Y 382 34.38 6.34 204.20
CA ILE Y 382 33.71 6.92 205.35
C ILE Y 382 34.29 8.31 205.59
N SER Y 383 33.41 9.30 205.69
CA SER Y 383 33.80 10.70 205.86
C SER Y 383 33.50 11.13 207.29
N LEU Y 384 34.49 11.72 207.96
CA LEU Y 384 34.35 12.20 209.32
C LEU Y 384 35.07 13.53 209.47
N ASN Y 385 34.42 14.49 210.11
CA ASN Y 385 34.98 15.81 210.35
C ASN Y 385 35.25 15.98 211.84
N VAL Y 386 36.47 16.41 212.17
CA VAL Y 386 36.91 16.60 213.54
C VAL Y 386 37.10 18.08 213.78
N LYS Y 387 36.47 18.61 214.83
CA LYS Y 387 36.56 20.01 215.19
C LYS Y 387 37.00 20.15 216.64
N GLY Y 388 37.66 21.26 216.95
CA GLY Y 388 38.12 21.53 218.29
C GLY Y 388 39.37 22.38 218.31
N PRO Y 389 39.57 23.11 219.39
CA PRO Y 389 40.77 23.96 219.51
C PRO Y 389 42.04 23.14 219.61
N GLY Y 390 43.14 23.73 219.15
CA GLY Y 390 44.44 23.10 219.19
C GLY Y 390 44.74 22.20 218.01
N LEU Y 391 43.83 22.07 217.06
CA LEU Y 391 44.04 21.23 215.88
C LEU Y 391 44.45 22.09 214.69
N GLN Y 392 44.97 21.43 213.66
CA GLN Y 392 45.40 22.08 212.44
C GLN Y 392 44.27 22.05 211.42
N ARG Y 393 44.56 22.49 210.19
CA ARG Y 393 43.58 22.52 209.10
C ARG Y 393 44.11 21.64 207.98
N MET Y 394 43.77 20.36 208.04
CA MET Y 394 44.20 19.39 207.04
C MET Y 394 43.24 18.22 207.05
N VAL Y 395 43.31 17.42 205.99
CA VAL Y 395 42.45 16.24 205.83
C VAL Y 395 43.34 15.00 205.85
N LEU Y 396 43.04 14.07 206.74
CA LEU Y 396 43.78 12.84 206.88
C LEU Y 396 42.95 11.66 206.40
N VAL Y 397 43.57 10.78 205.63
CA VAL Y 397 42.91 9.61 205.06
C VAL Y 397 43.54 8.36 205.67
N ASP Y 398 42.70 7.47 206.20
CA ASP Y 398 43.14 6.23 206.83
C ASP Y 398 42.85 5.06 205.90
N LEU Y 399 43.84 4.21 205.70
CA LEU Y 399 43.71 3.04 204.84
C LEU Y 399 44.16 1.79 205.58
N PRO Y 400 43.63 0.62 205.22
CA PRO Y 400 44.08 -0.62 205.87
C PRO Y 400 45.55 -0.89 205.58
N GLY Y 401 46.21 -1.54 206.55
CA GLY Y 401 47.62 -1.83 206.41
C GLY Y 401 47.90 -2.84 205.31
N VAL Y 402 49.13 -2.78 204.81
CA VAL Y 402 49.56 -3.67 203.73
C VAL Y 402 49.85 -5.04 204.30
N ILE Y 403 49.27 -6.07 203.69
CA ILE Y 403 49.44 -7.45 204.13
C ILE Y 403 50.22 -8.21 203.06
N ASN Y 404 50.81 -9.33 203.47
CA ASN Y 404 51.61 -10.17 202.59
C ASN Y 404 50.97 -11.54 202.37
N THR Y 405 50.56 -12.21 203.44
CA THR Y 405 49.96 -13.53 203.31
C THR Y 405 48.52 -13.41 202.81
N VAL Y 406 48.00 -14.53 202.31
CA VAL Y 406 46.65 -14.62 201.78
C VAL Y 406 45.84 -15.56 202.66
N THR Y 407 44.70 -15.10 203.14
CA THR Y 407 43.85 -15.89 204.00
C THR Y 407 42.97 -16.82 203.17
N SER Y 408 42.98 -18.11 203.50
CA SER Y 408 42.16 -19.07 202.77
C SER Y 408 40.67 -18.88 203.05
N GLY Y 409 40.33 -18.39 204.23
CA GLY Y 409 38.95 -18.15 204.61
C GLY Y 409 38.34 -16.87 204.10
N MET Y 410 39.10 -16.07 203.37
CA MET Y 410 38.63 -14.80 202.82
C MET Y 410 38.84 -14.79 201.30
N ALA Y 411 38.62 -13.64 200.70
CA ALA Y 411 38.78 -13.51 199.26
C ALA Y 411 40.25 -13.63 198.89
N PRO Y 412 40.60 -14.50 197.93
CA PRO Y 412 42.02 -14.63 197.55
C PRO Y 412 42.60 -13.37 196.92
N ASP Y 413 41.77 -12.47 196.40
CA ASP Y 413 42.22 -11.25 195.76
C ASP Y 413 42.19 -10.05 196.70
N THR Y 414 42.10 -10.29 198.01
CA THR Y 414 42.09 -9.19 198.97
C THR Y 414 43.40 -8.41 198.93
N LYS Y 415 44.53 -9.12 198.87
CA LYS Y 415 45.82 -8.44 198.79
C LYS Y 415 45.95 -7.65 197.49
N GLU Y 416 45.50 -8.22 196.38
CA GLU Y 416 45.55 -7.50 195.11
C GLU Y 416 44.66 -6.27 195.15
N THR Y 417 43.47 -6.38 195.75
CA THR Y 417 42.59 -5.22 195.87
C THR Y 417 43.22 -4.13 196.74
N ILE Y 418 43.86 -4.52 197.85
CA ILE Y 418 44.52 -3.55 198.71
C ILE Y 418 45.66 -2.86 197.97
N PHE Y 419 46.45 -3.63 197.21
CA PHE Y 419 47.55 -3.05 196.44
C PHE Y 419 47.02 -2.08 195.38
N SER Y 420 45.94 -2.46 194.70
CA SER Y 420 45.36 -1.57 193.69
C SER Y 420 44.83 -0.29 194.32
N ILE Y 421 44.19 -0.39 195.49
CA ILE Y 421 43.69 0.79 196.17
C ILE Y 421 44.85 1.69 196.59
N SER Y 422 45.93 1.10 197.11
CA SER Y 422 47.09 1.89 197.51
C SER Y 422 47.72 2.58 196.30
N LYS Y 423 47.82 1.87 195.17
CA LYS Y 423 48.38 2.48 193.97
C LYS Y 423 47.51 3.63 193.48
N ALA Y 424 46.19 3.44 193.49
CA ALA Y 424 45.28 4.51 193.07
C ALA Y 424 45.39 5.72 193.98
N TYR Y 425 45.51 5.49 195.29
CA TYR Y 425 45.69 6.61 196.22
C TYR Y 425 47.01 7.32 195.98
N MET Y 426 48.08 6.57 195.71
CA MET Y 426 49.39 7.15 195.45
C MET Y 426 49.49 7.79 194.07
N GLN Y 427 48.50 7.54 193.19
CA GLN Y 427 48.54 8.15 191.86
C GLN Y 427 48.48 9.67 191.90
N ASN Y 428 48.00 10.24 193.00
CA ASN Y 428 47.97 11.69 193.14
C ASN Y 428 49.40 12.22 193.29
N PRO Y 429 49.86 13.10 192.41
CA PRO Y 429 51.22 13.63 192.54
C PRO Y 429 51.44 14.46 193.79
N ASN Y 430 50.38 14.99 194.40
CA ASN Y 430 50.48 15.83 195.58
C ASN Y 430 49.92 15.17 196.83
N ALA Y 431 49.81 13.85 196.83
CA ALA Y 431 49.30 13.11 197.99
C ALA Y 431 50.39 12.97 199.03
N ILE Y 432 50.20 13.60 200.18
CA ILE Y 432 51.17 13.52 201.27
C ILE Y 432 50.96 12.20 202.01
N ILE Y 433 52.04 11.43 202.16
CA ILE Y 433 51.99 10.13 202.79
C ILE Y 433 52.67 10.24 204.15
N LEU Y 434 51.95 9.85 205.21
CA LEU Y 434 52.46 9.89 206.58
C LEU Y 434 52.77 8.45 207.00
N CYS Y 435 54.05 8.11 207.00
CA CYS Y 435 54.50 6.77 207.36
C CYS Y 435 54.60 6.64 208.87
N ILE Y 436 54.01 5.57 209.41
CA ILE Y 436 54.02 5.30 210.84
C ILE Y 436 54.68 3.94 211.06
N GLN Y 437 55.66 3.90 211.95
CA GLN Y 437 56.38 2.68 212.28
C GLN Y 437 56.17 2.35 213.76
N ASP Y 438 56.88 1.32 214.23
CA ASP Y 438 56.80 0.87 215.60
C ASP Y 438 58.20 0.76 216.19
N GLY Y 439 58.26 0.70 217.52
CA GLY Y 439 59.54 0.58 218.20
C GLY Y 439 60.25 -0.72 217.86
N SER Y 440 59.50 -1.82 217.73
CA SER Y 440 60.07 -3.11 217.41
C SER Y 440 60.24 -3.33 215.91
N VAL Y 441 59.81 -2.38 215.08
CA VAL Y 441 59.91 -2.49 213.63
C VAL Y 441 60.96 -1.51 213.14
N ASP Y 442 61.94 -2.02 212.40
CA ASP Y 442 63.01 -1.18 211.88
C ASP Y 442 62.51 -0.35 210.70
N ALA Y 443 63.33 0.63 210.30
CA ALA Y 443 62.97 1.48 209.18
C ALA Y 443 62.88 0.69 207.88
N GLU Y 444 63.83 -0.23 207.66
CA GLU Y 444 63.81 -1.05 206.46
C GLU Y 444 62.70 -2.11 206.50
N ARG Y 445 62.24 -2.48 207.68
CA ARG Y 445 61.18 -3.47 207.82
C ARG Y 445 59.80 -2.89 207.52
N SER Y 446 59.67 -1.56 207.40
CA SER Y 446 58.39 -0.94 207.12
C SER Y 446 58.10 -1.04 205.62
N ILE Y 447 57.01 -1.74 205.28
CA ILE Y 447 56.64 -1.89 203.88
C ILE Y 447 56.22 -0.54 203.29
N VAL Y 448 55.53 0.28 204.08
CA VAL Y 448 55.07 1.58 203.60
C VAL Y 448 56.25 2.47 203.26
N THR Y 449 57.28 2.48 204.12
CA THR Y 449 58.46 3.30 203.85
C THR Y 449 59.17 2.86 202.60
N ASP Y 450 59.32 1.54 202.42
CA ASP Y 450 59.97 1.02 201.21
C ASP Y 450 59.18 1.37 199.96
N LEU Y 451 57.84 1.25 200.04
CA LEU Y 451 57.01 1.60 198.88
C LEU Y 451 57.11 3.08 198.55
N VAL Y 452 57.12 3.93 199.58
CA VAL Y 452 57.27 5.37 199.34
C VAL Y 452 58.63 5.68 198.71
N SER Y 453 59.69 5.05 199.21
CA SER Y 453 61.01 5.27 198.64
C SER Y 453 61.08 4.81 197.19
N GLN Y 454 60.47 3.66 196.89
CA GLN Y 454 60.47 3.18 195.51
C GLN Y 454 59.68 4.10 194.59
N MET Y 455 58.52 4.58 195.06
CA MET Y 455 57.70 5.46 194.23
C MET Y 455 58.24 6.88 194.18
N ASP Y 456 58.86 7.35 195.27
CA ASP Y 456 59.39 8.70 195.35
C ASP Y 456 60.84 8.64 195.82
N PRO Y 457 61.77 8.31 194.93
CA PRO Y 457 63.19 8.26 195.33
C PRO Y 457 63.71 9.59 195.85
N HIS Y 458 63.24 10.72 195.29
CA HIS Y 458 63.71 12.02 195.76
C HIS Y 458 63.15 12.35 197.13
N GLY Y 459 61.87 12.10 197.35
CA GLY Y 459 61.25 12.39 198.64
C GLY Y 459 61.21 13.86 198.98
N ARG Y 460 60.98 14.72 197.99
CA ARG Y 460 60.91 16.15 198.21
C ARG Y 460 59.60 16.59 198.86
N ARG Y 461 58.57 15.76 198.84
CA ARG Y 461 57.28 16.09 199.43
C ARG Y 461 56.90 15.17 200.58
N THR Y 462 57.63 14.10 200.82
CA THR Y 462 57.34 13.16 201.90
C THR Y 462 58.29 13.43 203.06
N ILE Y 463 57.74 13.57 204.26
CA ILE Y 463 58.51 13.84 205.47
C ILE Y 463 58.36 12.65 206.41
N PHE Y 464 59.49 12.08 206.81
CA PHE Y 464 59.49 10.92 207.69
C PHE Y 464 59.26 11.35 209.14
N VAL Y 465 58.36 10.66 209.83
CA VAL Y 465 58.06 10.92 211.23
C VAL Y 465 58.33 9.65 212.01
N LEU Y 466 59.13 9.75 213.07
CA LEU Y 466 59.50 8.63 213.91
C LEU Y 466 58.62 8.62 215.15
N THR Y 467 57.95 7.50 215.41
CA THR Y 467 57.05 7.35 216.55
C THR Y 467 57.54 6.22 217.45
N LYS Y 468 57.18 6.33 218.73
CA LYS Y 468 57.55 5.34 219.74
C LYS Y 468 59.07 5.18 219.83
N VAL Y 469 59.76 6.30 220.04
CA VAL Y 469 61.21 6.27 220.16
C VAL Y 469 61.65 5.53 221.41
N ASP Y 470 60.93 5.70 222.52
CA ASP Y 470 61.31 5.05 223.76
C ASP Y 470 61.24 3.53 223.64
N LEU Y 471 60.20 3.02 222.97
CA LEU Y 471 60.09 1.57 222.81
C LEU Y 471 61.23 1.01 221.98
N ALA Y 472 61.62 1.70 220.91
CA ALA Y 472 62.76 1.25 220.11
C ALA Y 472 64.05 1.31 220.92
N GLU Y 473 64.23 2.38 221.71
CA GLU Y 473 65.44 2.52 222.51
C GLU Y 473 65.54 1.42 223.56
N LYS Y 474 64.42 1.06 224.19
CA LYS Y 474 64.44 0.03 225.22
C LYS Y 474 64.72 -1.35 224.66
N ASN Y 475 64.58 -1.54 223.34
CA ASN Y 475 64.83 -2.84 222.72
C ASN Y 475 66.29 -2.96 222.27
N VAL Y 476 67.21 -2.73 223.22
CA VAL Y 476 68.66 -2.77 223.04
C VAL Y 476 69.09 -2.34 221.63
N ALA Y 477 68.51 -1.27 221.13
CA ALA Y 477 68.86 -0.77 219.81
C ALA Y 477 70.16 0.02 219.85
N SER Y 478 70.76 0.18 218.67
CA SER Y 478 72.00 0.93 218.56
C SER Y 478 71.69 2.42 218.45
N PRO Y 479 72.22 3.26 219.33
CA PRO Y 479 71.96 4.71 219.23
C PRO Y 479 72.49 5.33 217.95
N SER Y 480 73.51 4.72 217.32
CA SER Y 480 74.04 5.27 216.07
C SER Y 480 72.99 5.23 214.97
N ARG Y 481 72.23 4.14 214.88
CA ARG Y 481 71.17 4.05 213.88
C ARG Y 481 70.10 5.11 214.10
N ILE Y 482 69.70 5.32 215.36
CA ILE Y 482 68.70 6.33 215.67
C ILE Y 482 69.22 7.71 215.31
N GLN Y 483 70.49 8.00 215.64
CA GLN Y 483 71.07 9.29 215.30
C GLN Y 483 71.12 9.50 213.80
N GLN Y 484 71.49 8.46 213.04
CA GLN Y 484 71.53 8.58 211.59
C GLN Y 484 70.14 8.80 211.01
N ILE Y 485 69.14 8.11 211.55
CA ILE Y 485 67.77 8.28 211.07
C ILE Y 485 67.28 9.70 211.35
N ILE Y 486 67.53 10.19 212.56
CA ILE Y 486 67.10 11.54 212.91
C ILE Y 486 67.84 12.58 212.07
N GLU Y 487 69.16 12.42 211.92
CA GLU Y 487 69.93 13.36 211.12
C GLU Y 487 69.68 13.21 209.63
N GLY Y 488 69.28 12.01 209.19
CA GLY Y 488 68.99 11.79 207.78
C GLY Y 488 70.18 11.33 206.98
N LYS Y 489 71.01 10.49 207.58
CA LYS Y 489 72.19 9.95 206.91
C LYS Y 489 71.98 8.52 206.40
N LEU Y 490 70.76 8.01 206.47
CA LEU Y 490 70.45 6.66 206.02
C LEU Y 490 69.38 6.61 204.94
N PHE Y 491 68.37 7.46 205.02
CA PHE Y 491 67.31 7.46 204.02
C PHE Y 491 67.80 8.11 202.74
N PRO Y 492 67.75 7.42 201.60
CA PRO Y 492 68.18 8.04 200.34
C PRO Y 492 67.37 9.26 199.94
N MET Y 493 66.09 9.30 200.30
CA MET Y 493 65.24 10.43 199.93
C MET Y 493 65.66 11.69 200.69
N LYS Y 494 65.51 12.84 200.01
CA LYS Y 494 65.87 14.13 200.58
C LYS Y 494 64.60 14.77 201.15
N ALA Y 495 64.22 14.31 202.34
CA ALA Y 495 63.03 14.84 203.00
C ALA Y 495 63.30 16.25 203.53
N LEU Y 496 62.22 17.01 203.70
CA LEU Y 496 62.34 18.38 204.20
C LEU Y 496 62.80 18.42 205.65
N GLY Y 497 62.65 17.33 206.40
CA GLY Y 497 63.08 17.30 207.78
C GLY Y 497 62.78 15.95 208.39
N TYR Y 498 63.28 15.76 209.61
CA TYR Y 498 63.07 14.53 210.36
C TYR Y 498 62.84 14.88 211.82
N PHE Y 499 61.73 14.39 212.38
CA PHE Y 499 61.37 14.64 213.77
C PHE Y 499 61.04 13.33 214.45
N ALA Y 500 61.49 13.17 215.69
CA ALA Y 500 61.26 11.97 216.48
C ALA Y 500 60.34 12.32 217.64
N VAL Y 501 59.23 11.60 217.77
CA VAL Y 501 58.25 11.83 218.82
C VAL Y 501 57.91 10.49 219.47
N VAL Y 502 57.34 10.58 220.67
CA VAL Y 502 56.93 9.41 221.44
C VAL Y 502 55.41 9.45 221.57
N THR Y 503 54.74 8.38 221.15
CA THR Y 503 53.29 8.27 221.21
C THR Y 503 52.85 7.22 222.22
N GLY Y 504 53.57 7.12 223.33
CA GLY Y 504 53.25 6.16 224.37
C GLY Y 504 53.74 4.77 224.05
N LYS Y 505 53.36 3.83 224.90
CA LYS Y 505 53.76 2.43 224.76
C LYS Y 505 52.86 1.67 223.79
N GLY Y 506 51.81 2.29 223.26
CA GLY Y 506 50.92 1.62 222.33
C GLY Y 506 49.91 0.69 222.97
N ASN Y 507 49.79 0.69 224.29
CA ASN Y 507 48.85 -0.18 224.98
C ASN Y 507 47.45 0.45 224.93
N SER Y 508 46.49 -0.20 225.60
CA SER Y 508 45.11 0.27 225.64
C SER Y 508 44.68 0.62 227.06
N SER Y 509 45.63 1.07 227.89
CA SER Y 509 45.33 1.44 229.27
C SER Y 509 45.95 2.77 229.67
N GLU Y 510 46.42 3.56 228.70
CA GLU Y 510 47.03 4.85 228.97
C GLU Y 510 46.16 5.94 228.36
N SER Y 511 45.79 6.93 229.17
CA SER Y 511 44.96 8.02 228.69
C SER Y 511 45.77 8.95 227.79
N ILE Y 512 45.05 9.78 227.04
CA ILE Y 512 45.69 10.72 226.13
C ILE Y 512 46.53 11.73 226.92
N GLU Y 513 45.99 12.23 228.03
CA GLU Y 513 46.72 13.20 228.84
C GLU Y 513 47.99 12.58 229.42
N ALA Y 514 47.91 11.33 229.88
CA ALA Y 514 49.08 10.67 230.43
C ALA Y 514 50.17 10.49 229.37
N ILE Y 515 49.77 10.08 228.15
CA ILE Y 515 50.74 9.92 227.07
C ILE Y 515 51.36 11.25 226.69
N ARG Y 516 50.54 12.32 226.64
CA ARG Y 516 51.08 13.64 226.34
C ARG Y 516 52.07 14.10 227.40
N GLU Y 517 51.75 13.88 228.67
CA GLU Y 517 52.67 14.26 229.75
C GLU Y 517 53.96 13.45 229.67
N TYR Y 518 53.86 12.16 229.38
CA TYR Y 518 55.06 11.34 229.25
C TYR Y 518 55.92 11.81 228.08
N GLU Y 519 55.29 12.16 226.96
CA GLU Y 519 56.04 12.68 225.81
C GLU Y 519 56.72 14.00 226.14
N GLU Y 520 56.01 14.88 226.85
CA GLU Y 520 56.62 16.16 227.25
C GLU Y 520 57.80 15.93 228.19
N GLU Y 521 57.66 15.02 229.14
CA GLU Y 521 58.76 14.71 230.06
C GLU Y 521 59.95 14.14 229.30
N PHE Y 522 59.69 13.25 228.33
CA PHE Y 522 60.78 12.67 227.55
C PHE Y 522 61.49 13.74 226.72
N PHE Y 523 60.71 14.66 226.13
CA PHE Y 523 61.32 15.75 225.37
C PHE Y 523 62.15 16.66 226.26
N GLN Y 524 61.66 16.97 227.46
CA GLN Y 524 62.41 17.81 228.38
C GLN Y 524 63.70 17.14 228.83
N ASN Y 525 63.63 15.85 229.15
CA ASN Y 525 64.79 15.08 229.61
C ASN Y 525 64.87 13.80 228.77
N SER Y 526 65.79 13.77 227.81
CA SER Y 526 65.97 12.64 226.94
C SER Y 526 67.40 12.10 227.05
N LYS Y 527 67.54 10.79 226.91
CA LYS Y 527 68.85 10.15 226.99
C LYS Y 527 69.71 10.41 225.75
N LEU Y 528 69.13 10.92 224.67
CA LEU Y 528 69.88 11.21 223.45
C LEU Y 528 70.18 12.68 223.27
N LEU Y 529 69.35 13.58 223.80
CA LEU Y 529 69.61 15.00 223.67
C LEU Y 529 70.81 15.42 224.52
N LYS Y 530 71.05 14.76 225.64
CA LYS Y 530 72.17 15.09 226.52
C LYS Y 530 73.51 14.66 225.95
N THR Y 531 73.53 13.85 224.90
CA THR Y 531 74.77 13.38 224.28
C THR Y 531 75.25 14.32 223.18
N SER Y 532 74.55 15.41 222.92
CA SER Y 532 74.93 16.39 221.90
C SER Y 532 75.06 15.73 220.52
N MET Y 533 74.16 14.80 220.23
CA MET Y 533 74.15 14.09 218.95
C MET Y 533 72.93 14.39 218.11
N LEU Y 534 72.00 15.22 218.60
CA LEU Y 534 70.80 15.58 217.88
C LEU Y 534 70.68 17.08 217.76
N LYS Y 535 70.13 17.54 216.64
CA LYS Y 535 69.98 18.96 216.41
C LYS Y 535 68.94 19.56 217.35
N ALA Y 536 69.22 20.78 217.81
CA ALA Y 536 68.33 21.43 218.76
C ALA Y 536 67.07 21.95 218.08
N HIS Y 537 67.12 22.23 216.79
CA HIS Y 537 65.99 22.77 216.06
C HIS Y 537 65.05 21.69 215.52
N GLN Y 538 65.37 20.42 215.74
CA GLN Y 538 64.54 19.31 215.30
C GLN Y 538 63.69 18.74 216.43
N VAL Y 539 63.23 19.59 217.35
CA VAL Y 539 62.41 19.14 218.47
C VAL Y 539 60.98 19.62 218.28
N THR Y 540 60.08 19.13 219.14
CA THR Y 540 58.65 19.46 219.10
C THR Y 540 58.04 19.16 217.73
N THR Y 541 56.84 19.69 217.49
CA THR Y 541 56.15 19.48 216.22
C THR Y 541 55.52 20.73 215.63
N ARG Y 542 55.67 21.89 216.28
CA ARG Y 542 55.00 23.10 215.80
C ARG Y 542 55.53 23.53 214.44
N ASN Y 543 56.86 23.58 214.29
CA ASN Y 543 57.45 24.00 213.03
C ASN Y 543 57.12 23.02 211.91
N LEU Y 544 57.21 21.71 212.20
CA LEU Y 544 56.88 20.71 211.19
C LEU Y 544 55.42 20.81 210.77
N SER Y 545 54.52 20.99 211.74
CA SER Y 545 53.10 21.12 211.41
C SER Y 545 52.83 22.37 210.57
N LEU Y 546 53.48 23.48 210.91
CA LEU Y 546 53.30 24.71 210.14
C LEU Y 546 53.81 24.54 208.72
N ALA Y 547 54.99 23.91 208.55
CA ALA Y 547 55.53 23.69 207.23
C ALA Y 547 54.64 22.77 206.40
N VAL Y 548 54.14 21.70 207.02
CA VAL Y 548 53.25 20.78 206.32
C VAL Y 548 51.96 21.49 205.90
N SER Y 549 51.40 22.30 206.80
CA SER Y 549 50.18 23.03 206.46
C SER Y 549 50.41 24.02 205.33
N ASP Y 550 51.53 24.73 205.35
CA ASP Y 550 51.82 25.68 204.28
C ASP Y 550 52.01 24.97 202.94
N CYS Y 551 52.74 23.85 202.95
CA CYS Y 551 52.95 23.10 201.72
C CYS Y 551 51.62 22.56 201.19
N PHE Y 552 50.77 22.03 202.07
CA PHE Y 552 49.48 21.52 201.64
C PHE Y 552 48.61 22.64 201.06
N TRP Y 553 48.62 23.81 201.71
CA TRP Y 553 47.83 24.93 201.22
C TRP Y 553 48.30 25.40 199.85
N LYS Y 554 49.62 25.53 199.66
CA LYS Y 554 50.12 25.99 198.37
C LYS Y 554 49.87 24.95 197.28
N MET Y 555 50.03 23.66 197.59
CA MET Y 555 49.81 22.64 196.57
C MET Y 555 48.33 22.53 196.22
N VAL Y 556 47.43 22.66 197.20
CA VAL Y 556 46.01 22.61 196.89
C VAL Y 556 45.58 23.86 196.15
N ARG Y 557 46.19 25.02 196.42
CA ARG Y 557 45.89 26.21 195.65
C ARG Y 557 46.31 26.05 194.20
N GLU Y 558 47.51 25.50 193.96
CA GLU Y 558 47.94 25.25 192.59
C GLU Y 558 47.03 24.24 191.90
N SER Y 559 46.65 23.18 192.63
CA SER Y 559 45.78 22.16 192.05
C SER Y 559 44.42 22.73 191.67
N VAL Y 560 43.82 23.55 192.54
CA VAL Y 560 42.51 24.12 192.24
C VAL Y 560 42.63 25.15 191.12
N GLU Y 561 43.74 25.89 191.05
CA GLU Y 561 43.94 26.81 189.93
C GLU Y 561 44.01 26.07 188.61
N GLN Y 562 44.71 24.94 188.58
CA GLN Y 562 44.75 24.13 187.36
C GLN Y 562 43.39 23.52 187.05
N GLN Y 563 42.69 23.04 188.07
CA GLN Y 563 41.42 22.36 187.85
C GLN Y 563 40.32 23.32 187.42
N ALA Y 564 40.40 24.60 187.80
CA ALA Y 564 39.40 25.57 187.36
C ALA Y 564 39.26 25.61 185.85
N ASP Y 565 40.34 25.31 185.13
CA ASP Y 565 40.29 25.18 183.67
C ASP Y 565 40.24 23.73 183.21
N SER Y 566 40.84 22.81 183.96
CA SER Y 566 40.83 21.40 183.56
C SER Y 566 39.40 20.85 183.55
N PHE Y 567 38.61 21.15 184.57
CA PHE Y 567 37.24 20.65 184.62
C PHE Y 567 36.37 21.31 183.57
N LYS Y 568 36.59 22.59 183.28
CA LYS Y 568 35.86 23.24 182.19
C LYS Y 568 36.18 22.59 180.85
N ALA Y 569 37.46 22.29 180.61
CA ALA Y 569 37.83 21.60 179.38
C ALA Y 569 37.21 20.21 179.31
N THR Y 570 37.20 19.49 180.44
CA THR Y 570 36.59 18.16 180.46
C THR Y 570 35.10 18.22 180.17
N ARG Y 571 34.40 19.19 180.77
CA ARG Y 571 32.98 19.35 180.51
C ARG Y 571 32.72 19.69 179.04
N PHE Y 572 33.53 20.58 178.46
CA PHE Y 572 33.37 20.93 177.06
C PHE Y 572 33.60 19.71 176.18
N ASN Y 573 34.63 18.91 176.47
CA ASN Y 573 34.90 17.72 175.69
C ASN Y 573 33.76 16.72 175.81
N LEU Y 574 33.21 16.54 177.01
CA LEU Y 574 32.09 15.61 177.19
C LEU Y 574 30.86 16.09 176.42
N GLU Y 575 30.57 17.39 176.47
CA GLU Y 575 29.44 17.92 175.72
C GLU Y 575 29.63 17.73 174.22
N THR Y 576 30.86 17.99 173.73
CA THR Y 576 31.13 17.80 172.32
C THR Y 576 30.98 16.33 171.92
N GLU Y 577 31.45 15.42 172.76
CA GLU Y 577 31.31 13.99 172.47
C GLU Y 577 29.86 13.59 172.43
N TRP Y 578 29.05 14.07 173.39
CA TRP Y 578 27.63 13.75 173.40
C TRP Y 578 26.93 14.29 172.17
N LYS Y 579 27.25 15.52 171.77
CA LYS Y 579 26.63 16.10 170.58
C LYS Y 579 27.04 15.35 169.32
N ASN Y 580 28.31 14.96 169.23
CA ASN Y 580 28.80 14.28 168.03
C ASN Y 580 28.22 12.87 167.90
N ASN Y 581 28.16 12.14 169.01
CA ASN Y 581 27.61 10.78 168.97
C ASN Y 581 26.11 10.80 168.68
N TYR Y 582 25.40 11.84 169.13
CA TYR Y 582 23.96 11.95 168.93
C TYR Y 582 23.66 13.33 168.35
N PRO Y 583 23.90 13.52 167.04
CA PRO Y 583 23.60 14.82 166.43
C PRO Y 583 22.14 15.20 166.49
N ARG Y 584 21.23 14.22 166.44
CA ARG Y 584 19.80 14.48 166.45
C ARG Y 584 19.16 14.19 167.80
N LEU Y 585 19.95 13.85 168.81
CA LEU Y 585 19.43 13.57 170.15
C LEU Y 585 20.18 14.41 171.16
N ARG Y 586 19.42 15.08 172.04
CA ARG Y 586 19.99 15.90 173.09
C ARG Y 586 20.20 15.05 174.35
N GLU Y 587 20.51 15.71 175.46
CA GLU Y 587 20.75 15.01 176.71
C GLU Y 587 19.52 14.20 177.13
N LEU Y 588 19.75 12.94 177.49
CA LEU Y 588 18.69 12.00 177.89
C LEU Y 588 19.11 11.37 179.21
N ASP Y 589 18.73 11.99 180.32
CA ASP Y 589 19.04 11.47 181.64
C ASP Y 589 17.94 10.50 182.09
N ARG Y 590 18.05 10.03 183.33
CA ARG Y 590 17.10 9.05 183.84
C ARG Y 590 15.69 9.60 183.91
N ASN Y 591 15.54 10.85 184.38
CA ASN Y 591 14.21 11.42 184.57
C ASN Y 591 13.49 11.62 183.24
N GLU Y 592 14.17 12.25 182.28
CA GLU Y 592 13.55 12.50 180.98
C GLU Y 592 13.23 11.21 180.24
N LEU Y 593 14.15 10.24 180.29
CA LEU Y 593 13.91 8.97 179.62
C LEU Y 593 12.75 8.21 180.27
N PHE Y 594 12.68 8.24 181.61
CA PHE Y 594 11.56 7.59 182.29
C PHE Y 594 10.24 8.26 181.95
N GLU Y 595 10.21 9.59 181.90
CA GLU Y 595 9.00 10.29 181.52
C GLU Y 595 8.59 9.98 180.09
N LYS Y 596 9.57 9.90 179.18
CA LYS Y 596 9.26 9.56 177.79
C LYS Y 596 8.73 8.13 177.69
N ALA Y 597 9.31 7.20 178.45
CA ALA Y 597 8.80 5.84 178.44
C ALA Y 597 7.38 5.77 178.98
N LYS Y 598 7.10 6.52 180.06
CA LYS Y 598 5.74 6.56 180.60
C LYS Y 598 4.76 7.12 179.58
N ASN Y 599 5.15 8.20 178.89
CA ASN Y 599 4.29 8.79 177.88
C ASN Y 599 4.06 7.82 176.72
N GLU Y 600 5.09 7.10 176.30
CA GLU Y 600 4.94 6.11 175.23
C GLU Y 600 4.01 4.98 175.65
N ILE Y 601 4.13 4.54 176.91
CA ILE Y 601 3.23 3.49 177.41
C ILE Y 601 1.80 4.00 177.43
N LEU Y 602 1.59 5.24 177.87
CA LEU Y 602 0.24 5.81 177.88
C LEU Y 602 -0.33 5.91 176.47
N ASP Y 603 0.50 6.34 175.51
CA ASP Y 603 0.04 6.43 174.12
C ASP Y 603 -0.30 5.05 173.56
N GLU Y 604 0.50 4.04 173.88
CA GLU Y 604 0.21 2.68 173.43
C GLU Y 604 -1.09 2.17 174.03
N VAL Y 605 -1.33 2.46 175.31
CA VAL Y 605 -2.58 2.05 175.96
C VAL Y 605 -3.76 2.77 175.30
N ILE Y 606 -3.61 4.05 175.00
CA ILE Y 606 -4.67 4.80 174.35
C ILE Y 606 -4.98 4.21 172.97
N SER Y 607 -3.93 3.90 172.20
CA SER Y 607 -4.13 3.30 170.89
C SER Y 607 -4.81 1.94 170.99
N LEU Y 608 -4.40 1.14 172.00
CA LEU Y 608 -5.05 -0.15 172.21
C LEU Y 608 -6.52 0.01 172.53
N SER Y 609 -6.86 1.00 173.37
CA SER Y 609 -8.26 1.22 173.73
C SER Y 609 -9.05 1.80 172.56
N GLN Y 610 -8.38 2.46 171.62
CA GLN Y 610 -9.05 3.11 170.50
C GLN Y 610 -9.28 2.19 169.30
N VAL Y 611 -8.81 0.94 169.37
CA VAL Y 611 -9.04 0.01 168.27
C VAL Y 611 -10.52 -0.32 168.17
N THR Y 612 -11.02 -0.42 166.95
CA THR Y 612 -12.43 -0.72 166.72
C THR Y 612 -12.78 -2.08 167.29
N PRO Y 613 -13.85 -2.20 168.09
CA PRO Y 613 -14.20 -3.51 168.68
C PRO Y 613 -14.53 -4.57 167.64
N LYS Y 614 -15.00 -4.17 166.45
CA LYS Y 614 -15.36 -5.16 165.43
C LYS Y 614 -14.16 -5.98 165.00
N HIS Y 615 -13.00 -5.32 164.82
CA HIS Y 615 -11.80 -6.05 164.45
C HIS Y 615 -11.38 -7.02 165.55
N TRP Y 616 -11.50 -6.60 166.81
CA TRP Y 616 -11.21 -7.50 167.92
C TRP Y 616 -12.13 -8.71 167.90
N GLU Y 617 -13.43 -8.48 167.68
CA GLU Y 617 -14.38 -9.59 167.65
C GLU Y 617 -14.05 -10.55 166.51
N GLU Y 618 -13.74 -10.03 165.33
CA GLU Y 618 -13.41 -10.88 164.19
C GLU Y 618 -12.15 -11.69 164.47
N ILE Y 619 -11.11 -11.05 165.00
CA ILE Y 619 -9.86 -11.74 165.28
C ILE Y 619 -10.07 -12.83 166.33
N LEU Y 620 -10.80 -12.51 167.40
CA LEU Y 620 -11.05 -13.48 168.45
C LEU Y 620 -11.86 -14.66 167.92
N GLN Y 621 -12.90 -14.39 167.12
CA GLN Y 621 -13.70 -15.46 166.57
C GLN Y 621 -12.88 -16.37 165.67
N GLN Y 622 -12.07 -15.77 164.79
CA GLN Y 622 -11.25 -16.57 163.88
C GLN Y 622 -10.24 -17.41 164.64
N SER Y 623 -9.56 -16.81 165.62
CA SER Y 623 -8.56 -17.55 166.39
C SER Y 623 -9.20 -18.69 167.18
N LEU Y 624 -10.34 -18.41 167.83
CA LEU Y 624 -11.01 -19.44 168.61
C LEU Y 624 -11.50 -20.57 167.72
N TRP Y 625 -12.07 -20.24 166.54
CA TRP Y 625 -12.52 -21.28 165.63
C TRP Y 625 -11.36 -22.14 165.15
N GLU Y 626 -10.25 -21.50 164.77
CA GLU Y 626 -9.08 -22.26 164.34
C GLU Y 626 -8.54 -23.13 165.46
N ARG Y 627 -8.64 -22.67 166.71
CA ARG Y 627 -8.12 -23.44 167.82
C ARG Y 627 -9.01 -24.64 168.14
N VAL Y 628 -10.34 -24.46 168.09
CA VAL Y 628 -11.25 -25.49 168.57
C VAL Y 628 -11.84 -26.32 167.43
N SER Y 629 -11.42 -26.08 166.18
CA SER Y 629 -11.92 -26.90 165.09
C SER Y 629 -11.58 -28.37 165.28
N THR Y 630 -10.32 -28.67 165.62
CA THR Y 630 -9.91 -30.05 165.82
C THR Y 630 -10.63 -30.66 167.02
N HIS Y 631 -10.77 -29.90 168.11
CA HIS Y 631 -11.46 -30.40 169.29
C HIS Y 631 -12.91 -30.73 168.97
N VAL Y 632 -13.59 -29.85 168.26
CA VAL Y 632 -14.99 -30.08 167.89
C VAL Y 632 -15.10 -31.31 167.00
N ILE Y 633 -14.20 -31.43 166.02
CA ILE Y 633 -14.25 -32.57 165.10
C ILE Y 633 -14.07 -33.87 165.88
N GLU Y 634 -13.02 -33.95 166.70
CA GLU Y 634 -12.71 -35.17 167.42
C GLU Y 634 -13.68 -35.47 168.56
N ASN Y 635 -14.46 -34.48 169.00
CA ASN Y 635 -15.46 -34.72 170.03
C ASN Y 635 -16.87 -34.90 169.49
N ILE Y 636 -17.10 -34.62 168.21
CA ILE Y 636 -18.43 -34.77 167.64
C ILE Y 636 -18.44 -35.88 166.60
N TYR Y 637 -17.63 -35.75 165.55
CA TYR Y 637 -17.70 -36.69 164.45
C TYR Y 637 -17.09 -38.05 164.80
N LEU Y 638 -16.06 -38.06 165.65
CA LEU Y 638 -15.44 -39.33 166.03
C LEU Y 638 -16.41 -40.27 166.74
N PRO Y 639 -17.18 -39.84 167.75
CA PRO Y 639 -18.17 -40.77 168.31
C PRO Y 639 -19.34 -41.03 167.38
N ALA Y 640 -19.86 -39.99 166.73
CA ALA Y 640 -21.00 -40.13 165.82
C ALA Y 640 -20.52 -40.29 164.38
N ALA Y 641 -19.73 -41.34 164.16
CA ALA Y 641 -19.15 -41.62 162.85
C ALA Y 641 -20.03 -42.51 161.98
N GLN Y 642 -21.12 -43.06 162.52
CA GLN Y 642 -21.98 -43.96 161.76
C GLN Y 642 -23.46 -43.57 161.86
N THR Y 643 -23.74 -42.33 162.25
CA THR Y 643 -25.13 -41.89 162.33
C THR Y 643 -25.74 -41.74 160.94
N MET Y 644 -26.98 -42.18 160.80
CA MET Y 644 -27.71 -42.10 159.54
C MET Y 644 -28.76 -40.99 159.53
N ASN Y 645 -29.57 -40.90 160.58
CA ASN Y 645 -30.58 -39.87 160.66
C ASN Y 645 -29.96 -38.54 161.07
N SER Y 646 -30.38 -37.46 160.41
CA SER Y 646 -29.85 -36.14 160.74
C SER Y 646 -30.32 -35.68 162.12
N GLY Y 647 -31.50 -36.10 162.54
CA GLY Y 647 -32.00 -35.70 163.84
C GLY Y 647 -31.15 -36.23 164.99
N THR Y 648 -30.75 -37.50 164.91
CA THR Y 648 -29.88 -38.06 165.93
C THR Y 648 -28.53 -37.35 165.98
N PHE Y 649 -27.98 -37.03 164.81
CA PHE Y 649 -26.71 -36.29 164.76
C PHE Y 649 -26.85 -34.91 165.38
N ASN Y 650 -27.96 -34.23 165.08
CA ASN Y 650 -28.18 -32.91 165.66
C ASN Y 650 -28.34 -32.99 167.17
N THR Y 651 -29.06 -34.01 167.66
CA THR Y 651 -29.21 -34.19 169.10
C THR Y 651 -27.87 -34.46 169.77
N THR Y 652 -27.04 -35.30 169.16
CA THR Y 652 -25.72 -35.57 169.71
C THR Y 652 -24.87 -34.31 169.72
N VAL Y 653 -24.95 -33.50 168.66
CA VAL Y 653 -24.20 -32.25 168.60
C VAL Y 653 -24.63 -31.32 169.73
N ASP Y 654 -25.95 -31.20 169.93
CA ASP Y 654 -26.46 -30.34 170.99
C ASP Y 654 -26.02 -30.84 172.37
N ILE Y 655 -26.05 -32.16 172.58
CA ILE Y 655 -25.62 -32.71 173.86
C ILE Y 655 -24.15 -32.41 174.11
N LYS Y 656 -23.31 -32.62 173.09
CA LYS Y 656 -21.89 -32.36 173.23
C LYS Y 656 -21.62 -30.88 173.48
N LEU Y 657 -22.32 -29.99 172.78
CA LEU Y 657 -22.14 -28.57 172.98
C LEU Y 657 -22.55 -28.15 174.39
N LYS Y 658 -23.68 -28.67 174.88
CA LYS Y 658 -24.10 -28.35 176.24
C LYS Y 658 -23.10 -28.86 177.27
N GLN Y 659 -22.60 -30.08 177.08
CA GLN Y 659 -21.60 -30.62 178.00
C GLN Y 659 -20.33 -29.78 177.99
N TRP Y 660 -19.87 -29.36 176.81
CA TRP Y 660 -18.68 -28.54 176.72
C TRP Y 660 -18.89 -27.19 177.40
N THR Y 661 -20.05 -26.56 177.17
CA THR Y 661 -20.34 -25.29 177.81
C THR Y 661 -20.37 -25.43 179.33
N ASP Y 662 -20.95 -26.52 179.83
CA ASP Y 662 -21.04 -26.70 181.27
C ASP Y 662 -19.68 -27.01 181.89
N LYS Y 663 -18.84 -27.77 181.19
CA LYS Y 663 -17.62 -28.29 181.82
C LYS Y 663 -16.48 -27.27 181.82
N GLN Y 664 -15.98 -26.91 180.64
CA GLN Y 664 -14.75 -26.12 180.58
C GLN Y 664 -14.73 -25.08 179.46
N LEU Y 665 -15.80 -24.91 178.69
CA LEU Y 665 -15.76 -23.95 177.58
C LEU Y 665 -15.51 -22.52 178.04
N PRO Y 666 -16.17 -21.99 179.08
CA PRO Y 666 -15.83 -20.63 179.51
C PRO Y 666 -14.37 -20.47 179.92
N ASN Y 667 -13.79 -21.49 180.58
CA ASN Y 667 -12.39 -21.41 180.95
C ASN Y 667 -11.48 -21.36 179.74
N LYS Y 668 -11.77 -22.19 178.74
CA LYS Y 668 -10.99 -22.18 177.51
C LYS Y 668 -11.12 -20.85 176.78
N ALA Y 669 -12.33 -20.29 176.74
CA ALA Y 669 -12.52 -19.00 176.10
C ALA Y 669 -11.74 -17.90 176.83
N VAL Y 670 -11.77 -17.91 178.16
CA VAL Y 670 -11.02 -16.93 178.94
C VAL Y 670 -9.53 -17.06 178.67
N GLU Y 671 -9.03 -18.31 178.65
CA GLU Y 671 -7.60 -18.52 178.39
C GLU Y 671 -7.22 -18.04 177.00
N VAL Y 672 -8.06 -18.32 176.00
CA VAL Y 672 -7.77 -17.89 174.64
C VAL Y 672 -7.76 -16.36 174.54
N ALA Y 673 -8.75 -15.72 175.18
CA ALA Y 673 -8.79 -14.26 175.16
C ALA Y 673 -7.57 -13.66 175.85
N TRP Y 674 -7.16 -14.23 176.98
CA TRP Y 674 -5.99 -13.71 177.69
C TRP Y 674 -4.73 -13.90 176.86
N GLU Y 675 -4.60 -15.06 176.20
CA GLU Y 675 -3.44 -15.30 175.35
C GLU Y 675 -3.40 -14.33 174.17
N THR Y 676 -4.55 -14.07 173.56
CA THR Y 676 -4.60 -13.12 172.46
C THR Y 676 -4.24 -11.71 172.92
N LEU Y 677 -4.73 -11.32 174.10
CA LEU Y 677 -4.38 -10.00 174.64
C LEU Y 677 -2.90 -9.91 174.92
N GLN Y 678 -2.30 -10.98 175.47
CA GLN Y 678 -0.86 -10.99 175.72
C GLN Y 678 -0.08 -10.89 174.41
N GLU Y 679 -0.52 -11.60 173.37
CA GLU Y 679 0.15 -11.53 172.09
C GLU Y 679 0.07 -10.14 171.49
N GLU Y 680 -1.10 -9.51 171.56
CA GLU Y 680 -1.24 -8.15 171.05
C GLU Y 680 -0.36 -7.18 171.83
N PHE Y 681 -0.33 -7.31 173.15
CA PHE Y 681 0.51 -6.44 173.97
C PHE Y 681 1.98 -6.62 173.65
N SER Y 682 2.42 -7.87 173.47
CA SER Y 682 3.81 -8.13 173.13
C SER Y 682 4.17 -7.57 171.76
N ARG Y 683 3.27 -7.73 170.78
CA ARG Y 683 3.53 -7.18 169.44
C ARG Y 683 3.61 -5.66 169.48
N PHE Y 684 2.73 -5.02 170.25
CA PHE Y 684 2.78 -3.57 170.38
C PHE Y 684 4.06 -3.12 171.07
N MET Y 685 4.49 -3.83 172.11
CA MET Y 685 5.71 -3.47 172.81
C MET Y 685 6.93 -3.63 171.91
N THR Y 686 6.97 -4.71 171.12
CA THR Y 686 8.08 -5.00 170.22
C THR Y 686 7.57 -4.82 168.80
N GLU Y 687 7.65 -3.59 168.29
CA GLU Y 687 7.19 -3.23 166.96
C GLU Y 687 8.33 -2.55 166.23
N PRO Y 688 9.22 -3.31 165.60
CA PRO Y 688 10.41 -2.74 164.95
C PRO Y 688 10.09 -2.11 163.59
N LYS Y 689 9.08 -1.24 163.57
CA LYS Y 689 8.78 -0.50 162.35
C LYS Y 689 9.92 0.45 161.99
N GLY Y 690 10.51 1.10 162.99
CA GLY Y 690 11.63 1.99 162.73
C GLY Y 690 12.87 1.24 162.32
N LYS Y 691 13.72 1.92 161.54
CA LYS Y 691 14.94 1.30 161.04
C LYS Y 691 15.98 1.10 162.14
N GLU Y 692 15.89 1.84 163.24
CA GLU Y 692 16.86 1.72 164.32
C GLU Y 692 16.39 0.72 165.36
N HIS Y 693 15.23 0.98 165.97
CA HIS Y 693 14.63 0.11 166.98
C HIS Y 693 15.64 -0.25 168.08
N ASP Y 694 16.07 0.80 168.79
CA ASP Y 694 17.03 0.64 169.88
C ASP Y 694 16.50 -0.33 170.92
N ASP Y 695 17.35 -1.26 171.35
CA ASP Y 695 16.95 -2.30 172.29
C ASP Y 695 16.97 -1.83 173.74
N ILE Y 696 17.56 -0.67 174.02
CA ILE Y 696 17.59 -0.17 175.40
C ILE Y 696 16.17 0.08 175.90
N PHE Y 697 15.33 0.72 175.08
CA PHE Y 697 13.93 0.91 175.44
C PHE Y 697 13.15 -0.39 175.34
N ASP Y 698 13.54 -1.27 174.41
CA ASP Y 698 12.82 -2.53 174.22
C ASP Y 698 12.93 -3.42 175.44
N LYS Y 699 14.11 -3.48 176.06
CA LYS Y 699 14.27 -4.30 177.27
C LYS Y 699 13.37 -3.79 178.39
N LEU Y 700 13.32 -2.48 178.59
CA LEU Y 700 12.45 -1.91 179.62
C LEU Y 700 10.99 -2.18 179.32
N LYS Y 701 10.61 -2.06 178.04
CA LYS Y 701 9.22 -2.34 177.66
C LYS Y 701 8.86 -3.81 177.92
N GLU Y 702 9.77 -4.73 177.60
CA GLU Y 702 9.52 -6.14 177.87
C GLU Y 702 9.43 -6.41 179.36
N ALA Y 703 10.30 -5.78 180.16
CA ALA Y 703 10.23 -5.97 181.60
C ALA Y 703 8.91 -5.45 182.17
N VAL Y 704 8.46 -4.29 181.70
CA VAL Y 704 7.19 -3.74 182.15
C VAL Y 704 6.04 -4.64 181.73
N LYS Y 705 6.09 -5.18 180.52
CA LYS Y 705 5.05 -6.09 180.06
C LYS Y 705 4.99 -7.35 180.91
N GLU Y 706 6.16 -7.91 181.23
CA GLU Y 706 6.19 -9.11 182.07
C GLU Y 706 5.65 -8.80 183.47
N GLU Y 707 6.02 -7.65 184.04
CA GLU Y 707 5.52 -7.28 185.36
C GLU Y 707 4.00 -7.11 185.34
N SER Y 708 3.48 -6.46 184.29
CA SER Y 708 2.03 -6.28 184.19
C SER Y 708 1.32 -7.61 184.02
N ILE Y 709 1.90 -8.52 183.23
CA ILE Y 709 1.29 -9.84 183.02
C ILE Y 709 1.26 -10.61 184.34
N LYS Y 710 2.36 -10.58 185.09
CA LYS Y 710 2.40 -11.29 186.37
C LYS Y 710 1.49 -10.65 187.41
N ARG Y 711 1.32 -9.34 187.36
CA ARG Y 711 0.47 -8.63 188.32
C ARG Y 711 -1.00 -8.61 187.93
N HIS Y 712 -1.32 -9.03 186.70
CA HIS Y 712 -2.70 -8.98 186.24
C HIS Y 712 -3.56 -9.97 187.03
N LYS Y 713 -4.81 -9.57 187.28
CA LYS Y 713 -5.76 -10.37 188.04
C LYS Y 713 -7.04 -10.55 187.23
N TRP Y 714 -7.80 -11.58 187.56
CA TRP Y 714 -9.06 -11.88 186.90
C TRP Y 714 -10.17 -12.01 187.93
N ASN Y 715 -11.39 -11.70 187.49
CA ASN Y 715 -12.57 -11.72 188.36
C ASN Y 715 -13.45 -12.92 188.01
N ASP Y 716 -13.84 -13.69 189.02
CA ASP Y 716 -14.68 -14.86 188.80
C ASP Y 716 -16.09 -14.45 188.40
N PHE Y 717 -16.53 -13.24 188.78
CA PHE Y 717 -17.84 -12.77 188.35
C PHE Y 717 -17.90 -12.63 186.84
N ALA Y 718 -16.81 -12.16 186.23
CA ALA Y 718 -16.75 -12.09 184.76
C ALA Y 718 -16.85 -13.48 184.15
N GLU Y 719 -16.19 -14.47 184.75
CA GLU Y 719 -16.28 -15.83 184.25
C GLU Y 719 -17.70 -16.37 184.34
N ASP Y 720 -18.37 -16.10 185.46
CA ASP Y 720 -19.76 -16.56 185.62
C ASP Y 720 -20.68 -15.88 184.60
N SER Y 721 -20.49 -14.58 184.39
CA SER Y 721 -21.29 -13.87 183.39
C SER Y 721 -21.04 -14.43 181.99
N LEU Y 722 -19.77 -14.72 181.68
CA LEU Y 722 -19.45 -15.30 180.37
C LEU Y 722 -20.11 -16.67 180.22
N ARG Y 723 -20.09 -17.49 181.26
CA ARG Y 723 -20.74 -18.80 181.20
C ARG Y 723 -22.24 -18.65 180.97
N VAL Y 724 -22.87 -17.72 181.71
CA VAL Y 724 -24.31 -17.51 181.56
C VAL Y 724 -24.65 -17.05 180.16
N ILE Y 725 -23.87 -16.11 179.62
CA ILE Y 725 -24.15 -15.59 178.28
C ILE Y 725 -23.90 -16.67 177.23
N GLN Y 726 -22.87 -17.49 177.40
CA GLN Y 726 -22.62 -18.58 176.47
C GLN Y 726 -23.77 -19.58 176.47
N HIS Y 727 -24.29 -19.91 177.66
CA HIS Y 727 -25.43 -20.81 177.73
C HIS Y 727 -26.67 -20.19 177.12
N ASN Y 728 -26.88 -18.88 177.31
CA ASN Y 728 -28.08 -18.23 176.79
C ASN Y 728 -27.98 -17.97 175.29
N ALA Y 729 -26.78 -17.99 174.72
CA ALA Y 729 -26.61 -17.69 173.30
C ALA Y 729 -27.08 -18.83 172.41
N LEU Y 730 -28.40 -19.08 172.40
CA LEU Y 730 -29.01 -20.09 171.55
C LEU Y 730 -30.23 -19.50 170.86
N GLU Y 731 -30.07 -18.31 170.29
CA GLU Y 731 -31.17 -17.54 169.73
C GLU Y 731 -31.58 -18.03 168.34
N ASP Y 732 -30.67 -17.96 167.37
CA ASP Y 732 -31.00 -18.31 166.00
C ASP Y 732 -30.57 -19.74 165.69
N ARG Y 733 -31.44 -20.46 164.95
CA ARG Y 733 -31.18 -21.84 164.61
C ARG Y 733 -31.45 -22.17 163.15
N SER Y 734 -31.90 -21.22 162.33
CA SER Y 734 -32.20 -21.48 160.93
C SER Y 734 -31.79 -20.27 160.09
N ILE Y 735 -31.56 -20.52 158.81
CA ILE Y 735 -31.19 -19.49 157.85
C ILE Y 735 -32.38 -19.20 156.95
N SER Y 736 -32.79 -17.94 156.89
CA SER Y 736 -33.87 -17.51 156.02
C SER Y 736 -33.40 -16.54 154.94
N ASP Y 737 -32.08 -16.41 154.76
CA ASP Y 737 -31.51 -15.49 153.79
C ASP Y 737 -30.67 -16.27 152.80
N LYS Y 738 -30.87 -16.00 151.51
CA LYS Y 738 -30.05 -16.64 150.48
C LYS Y 738 -28.58 -16.24 150.59
N GLN Y 739 -28.33 -14.96 150.86
CA GLN Y 739 -26.95 -14.49 150.98
C GLN Y 739 -26.25 -15.12 152.18
N GLN Y 740 -26.96 -15.21 153.32
CA GLN Y 740 -26.38 -15.87 154.49
C GLN Y 740 -26.14 -17.35 154.22
N TRP Y 741 -27.05 -17.99 153.49
CA TRP Y 741 -26.86 -19.39 153.13
C TRP Y 741 -25.63 -19.57 152.26
N ASP Y 742 -25.43 -18.67 151.29
CA ASP Y 742 -24.25 -18.74 150.42
C ASP Y 742 -22.97 -18.49 151.22
N ALA Y 743 -23.01 -17.54 152.15
CA ALA Y 743 -21.83 -17.27 152.98
C ALA Y 743 -21.48 -18.49 153.84
N ALA Y 744 -22.50 -19.13 154.43
CA ALA Y 744 -22.26 -20.33 155.21
C ALA Y 744 -21.71 -21.45 154.34
N ILE Y 745 -22.24 -21.58 153.11
CA ILE Y 745 -21.72 -22.60 152.19
C ILE Y 745 -20.25 -22.34 151.88
N TYR Y 746 -19.90 -21.08 151.63
CA TYR Y 746 -18.51 -20.76 151.31
C TYR Y 746 -17.58 -21.01 152.50
N PHE Y 747 -18.03 -20.67 153.71
CA PHE Y 747 -17.20 -20.92 154.89
C PHE Y 747 -17.02 -22.42 155.11
N MET Y 748 -18.10 -23.20 154.97
CA MET Y 748 -18.00 -24.64 155.11
C MET Y 748 -17.10 -25.24 154.04
N GLU Y 749 -17.18 -24.73 152.81
CA GLU Y 749 -16.31 -25.21 151.74
C GLU Y 749 -14.85 -24.91 152.05
N GLU Y 750 -14.57 -23.72 152.58
CA GLU Y 750 -13.20 -23.37 152.95
C GLU Y 750 -12.68 -24.30 154.05
N ALA Y 751 -13.50 -24.55 155.07
CA ALA Y 751 -13.10 -25.43 156.16
C ALA Y 751 -12.86 -26.85 155.66
N LEU Y 752 -13.74 -27.35 154.79
CA LEU Y 752 -13.58 -28.71 154.27
C LEU Y 752 -12.38 -28.81 153.35
N GLN Y 753 -12.09 -27.75 152.58
CA GLN Y 753 -10.89 -27.76 151.76
C GLN Y 753 -9.63 -27.76 152.61
N ALA Y 754 -9.63 -27.00 153.71
CA ALA Y 754 -8.50 -27.04 154.63
C ALA Y 754 -8.32 -28.42 155.23
N ARG Y 755 -9.42 -29.06 155.64
CA ARG Y 755 -9.34 -30.41 156.19
C ARG Y 755 -8.84 -31.40 155.14
N LEU Y 756 -9.29 -31.25 153.89
CA LEU Y 756 -8.84 -32.12 152.82
C LEU Y 756 -7.34 -31.94 152.56
N LYS Y 757 -6.86 -30.70 152.59
CA LYS Y 757 -5.43 -30.46 152.41
C LYS Y 757 -4.63 -31.07 153.55
N ASP Y 758 -5.12 -30.95 154.80
CA ASP Y 758 -4.43 -31.58 155.92
C ASP Y 758 -4.39 -33.09 155.77
N THR Y 759 -5.51 -33.69 155.35
CA THR Y 759 -5.55 -35.14 155.14
C THR Y 759 -4.61 -35.56 154.02
N GLU Y 760 -4.54 -34.78 152.95
CA GLU Y 760 -3.62 -35.08 151.85
C GLU Y 760 -2.17 -35.00 152.33
N ASN Y 761 -1.85 -34.00 153.14
CA ASN Y 761 -0.49 -33.89 153.67
C ASN Y 761 -0.16 -35.08 154.56
N ALA Y 762 -1.11 -35.50 155.41
CA ALA Y 762 -0.88 -36.66 156.27
C ALA Y 762 -0.67 -37.92 155.43
N ILE Y 763 -1.48 -38.10 154.39
CA ILE Y 763 -1.35 -39.28 153.53
C ILE Y 763 -0.01 -39.27 152.81
N GLU Y 764 0.41 -38.10 152.31
CA GLU Y 764 1.70 -38.00 151.63
C GLU Y 764 2.85 -38.29 152.59
N ASN Y 765 2.75 -37.81 153.84
CA ASN Y 765 3.78 -38.12 154.83
C ASN Y 765 3.81 -39.62 155.12
N MET Y 766 2.65 -40.25 155.22
CA MET Y 766 2.60 -41.68 155.50
C MET Y 766 3.15 -42.52 154.35
N VAL Y 767 2.87 -42.12 153.10
CA VAL Y 767 3.21 -42.94 151.94
C VAL Y 767 4.27 -42.27 151.09
N GLY Y 768 3.96 -41.10 150.54
CA GLY Y 768 4.87 -40.41 149.66
C GLY Y 768 4.22 -40.04 148.34
N PRO Y 769 5.01 -40.04 147.26
CA PRO Y 769 4.46 -39.71 145.94
C PRO Y 769 3.39 -40.69 145.52
N ASP Y 770 2.34 -40.17 144.88
CA ASP Y 770 1.18 -40.95 144.47
C ASP Y 770 0.81 -40.59 143.04
N TRP Y 771 0.41 -41.60 142.27
CA TRP Y 771 -0.12 -41.43 140.91
C TRP Y 771 0.93 -40.74 140.05
N LYS Y 772 0.66 -39.56 139.49
CA LYS Y 772 1.56 -38.89 138.58
C LYS Y 772 2.89 -38.57 139.23
N LYS Y 773 2.85 -38.14 140.50
CA LYS Y 773 4.08 -37.84 141.22
C LYS Y 773 4.95 -39.08 141.38
N ARG Y 774 4.33 -40.23 141.68
CA ARG Y 774 5.10 -41.45 141.86
C ARG Y 774 5.65 -41.97 140.54
N TRP Y 775 4.83 -41.95 139.49
CA TRP Y 775 5.22 -42.52 138.20
C TRP Y 775 5.97 -41.54 137.31
N LEU Y 776 6.19 -40.31 137.77
CA LEU Y 776 6.96 -39.35 136.96
C LEU Y 776 8.38 -39.82 136.76
N TYR Y 777 9.01 -40.34 137.82
CA TYR Y 777 10.37 -40.85 137.70
C TYR Y 777 10.39 -42.19 136.97
N TRP Y 778 9.43 -43.06 137.29
CA TRP Y 778 9.23 -44.38 136.71
C TRP Y 778 10.34 -45.36 137.09
N LYS Y 779 11.36 -44.92 137.83
CA LYS Y 779 12.45 -45.79 138.25
C LYS Y 779 12.68 -45.79 139.76
N ASN Y 780 11.96 -44.98 140.52
CA ASN Y 780 12.10 -44.90 141.97
C ASN Y 780 10.94 -45.64 142.62
N ARG Y 781 11.23 -46.76 143.27
CA ARG Y 781 10.22 -47.55 143.95
C ARG Y 781 10.77 -48.03 145.29
N THR Y 782 9.89 -48.05 146.28
CA THR Y 782 10.23 -48.49 147.64
C THR Y 782 9.19 -49.53 148.07
N GLN Y 783 9.66 -50.58 148.75
CA GLN Y 783 8.75 -51.64 149.19
C GLN Y 783 7.76 -51.11 150.22
N GLU Y 784 8.19 -50.18 151.09
CA GLU Y 784 7.29 -49.65 152.10
C GLU Y 784 6.14 -48.87 151.48
N GLN Y 785 6.44 -47.97 150.54
CA GLN Y 785 5.39 -47.24 149.86
C GLN Y 785 4.59 -48.11 148.89
N CYS Y 786 5.20 -49.16 148.33
CA CYS Y 786 4.46 -50.08 147.48
C CYS Y 786 3.37 -50.81 148.27
N VAL Y 787 3.70 -51.21 149.50
CA VAL Y 787 2.70 -51.87 150.35
C VAL Y 787 1.54 -50.92 150.64
N HIS Y 788 1.85 -49.67 150.96
CA HIS Y 788 0.81 -48.68 151.23
C HIS Y 788 -0.05 -48.46 149.99
N ASN Y 789 0.59 -48.38 148.81
CA ASN Y 789 -0.16 -48.19 147.57
C ASN Y 789 -1.08 -49.37 147.30
N GLU Y 790 -0.60 -50.59 147.52
CA GLU Y 790 -1.43 -51.77 147.32
C GLU Y 790 -2.60 -51.79 148.29
N THR Y 791 -2.35 -51.43 149.55
CA THR Y 791 -3.44 -51.37 150.53
C THR Y 791 -4.48 -50.32 150.13
N LYS Y 792 -4.00 -49.15 149.67
CA LYS Y 792 -4.91 -48.10 149.22
C LYS Y 792 -5.75 -48.57 148.04
N ASN Y 793 -5.12 -49.25 147.07
CA ASN Y 793 -5.86 -49.76 145.92
C ASN Y 793 -6.90 -50.80 146.35
N GLU Y 794 -6.52 -51.69 147.27
CA GLU Y 794 -7.46 -52.70 147.74
C GLU Y 794 -8.65 -52.06 148.44
N LEU Y 795 -8.39 -51.05 149.28
CA LEU Y 795 -9.47 -50.38 149.98
C LEU Y 795 -10.37 -49.60 149.02
N GLU Y 796 -9.77 -48.98 147.99
CA GLU Y 796 -10.56 -48.28 146.98
C GLU Y 796 -11.45 -49.25 146.22
N LYS Y 797 -10.92 -50.43 145.87
CA LYS Y 797 -11.73 -51.44 145.20
C LYS Y 797 -12.85 -51.93 146.10
N MET Y 798 -12.56 -52.11 147.39
CA MET Y 798 -13.59 -52.52 148.34
C MET Y 798 -14.70 -51.48 148.44
N LEU Y 799 -14.33 -50.20 148.48
CA LEU Y 799 -15.35 -49.15 148.50
C LEU Y 799 -16.15 -49.11 147.20
N LYS Y 800 -15.48 -49.34 146.06
CA LYS Y 800 -16.21 -49.39 144.80
C LYS Y 800 -17.21 -50.54 144.78
N CYS Y 801 -16.82 -51.70 145.32
CA CYS Y 801 -17.75 -52.82 145.40
C CYS Y 801 -18.78 -52.62 146.51
N ASN Y 802 -18.36 -52.05 147.65
CA ASN Y 802 -19.23 -51.83 148.80
C ASN Y 802 -19.04 -50.40 149.28
N GLU Y 803 -19.93 -49.51 148.84
CA GLU Y 803 -19.81 -48.10 149.19
C GLU Y 803 -19.98 -47.88 150.69
N GLU Y 804 -20.93 -48.58 151.31
CA GLU Y 804 -21.22 -48.41 152.72
C GLU Y 804 -20.58 -49.55 153.52
N HIS Y 805 -19.78 -49.18 154.52
CA HIS Y 805 -19.09 -50.15 155.37
C HIS Y 805 -18.98 -49.57 156.77
N PRO Y 806 -19.15 -50.41 157.80
CA PRO Y 806 -18.98 -49.91 159.17
C PRO Y 806 -17.55 -49.50 159.44
N ALA Y 807 -17.39 -48.52 160.33
CA ALA Y 807 -16.07 -48.01 160.66
C ALA Y 807 -15.19 -49.07 161.29
N TYR Y 808 -15.74 -49.87 162.19
CA TYR Y 808 -14.98 -50.93 162.83
C TYR Y 808 -14.74 -52.08 161.85
N LEU Y 809 -13.69 -52.85 162.12
CA LEU Y 809 -13.31 -54.00 161.31
C LEU Y 809 -13.49 -55.27 162.12
N ALA Y 810 -14.28 -56.20 161.61
CA ALA Y 810 -14.48 -57.48 162.27
C ALA Y 810 -13.30 -58.41 162.01
N SER Y 811 -13.23 -59.48 162.80
CA SER Y 811 -12.11 -60.41 162.69
C SER Y 811 -12.07 -61.09 161.33
N ASP Y 812 -13.24 -61.52 160.83
CA ASP Y 812 -13.28 -62.19 159.54
C ASP Y 812 -12.87 -61.25 158.41
N GLU Y 813 -13.28 -59.99 158.49
CA GLU Y 813 -12.89 -59.02 157.48
C GLU Y 813 -11.38 -58.81 157.47
N ILE Y 814 -10.78 -58.68 158.66
CA ILE Y 814 -9.33 -58.52 158.74
C ILE Y 814 -8.61 -59.75 158.21
N THR Y 815 -9.12 -60.94 158.54
CA THR Y 815 -8.51 -62.17 158.03
C THR Y 815 -8.60 -62.24 156.52
N THR Y 816 -9.75 -61.88 155.94
CA THR Y 816 -9.90 -61.90 154.50
C THR Y 816 -8.96 -60.90 153.83
N VAL Y 817 -8.85 -59.69 154.39
CA VAL Y 817 -7.95 -58.69 153.83
C VAL Y 817 -6.51 -59.16 153.89
N ARG Y 818 -6.11 -59.75 155.02
CA ARG Y 818 -4.74 -60.25 155.14
C ARG Y 818 -4.47 -61.38 154.17
N LYS Y 819 -5.44 -62.28 153.97
CA LYS Y 819 -5.26 -63.36 153.00
C LYS Y 819 -5.15 -62.82 151.58
N ASN Y 820 -5.97 -61.82 151.24
CA ASN Y 820 -5.87 -61.21 149.92
C ASN Y 820 -4.52 -60.55 149.72
N LEU Y 821 -4.01 -59.87 150.74
CA LEU Y 821 -2.69 -59.24 150.64
C LEU Y 821 -1.60 -60.29 150.49
N GLU Y 822 -1.67 -61.37 151.25
CA GLU Y 822 -0.65 -62.41 151.20
C GLU Y 822 -0.76 -63.30 149.97
N SER Y 823 -1.88 -63.24 149.25
CA SER Y 823 -2.00 -64.01 148.01
C SER Y 823 -0.94 -63.61 147.00
N ARG Y 824 -0.66 -62.32 146.88
CA ARG Y 824 0.38 -61.82 146.00
C ARG Y 824 1.74 -61.69 146.68
N GLY Y 825 1.82 -62.03 147.97
CA GLY Y 825 3.09 -62.00 148.68
C GLY Y 825 3.34 -60.72 149.45
N VAL Y 826 2.31 -60.19 150.10
CA VAL Y 826 2.41 -58.98 150.89
C VAL Y 826 1.89 -59.28 152.29
N GLU Y 827 2.74 -59.06 153.30
CA GLU Y 827 2.37 -59.27 154.69
C GLU Y 827 2.36 -57.90 155.38
N VAL Y 828 1.22 -57.54 155.96
CA VAL Y 828 1.03 -56.25 156.60
C VAL Y 828 0.52 -56.47 158.01
N ASP Y 829 1.08 -55.74 158.97
CA ASP Y 829 0.63 -55.84 160.35
C ASP Y 829 -0.79 -55.31 160.49
N PRO Y 830 -1.57 -55.88 161.42
CA PRO Y 830 -2.97 -55.42 161.58
C PRO Y 830 -3.10 -53.95 161.94
N SER Y 831 -2.13 -53.40 162.69
CA SER Y 831 -2.21 -51.99 163.07
C SER Y 831 -2.13 -51.08 161.84
N LEU Y 832 -1.21 -51.38 160.93
CA LEU Y 832 -1.12 -50.60 159.70
C LEU Y 832 -2.36 -50.75 158.84
N ILE Y 833 -2.93 -51.95 158.80
CA ILE Y 833 -4.18 -52.17 158.05
C ILE Y 833 -5.29 -51.31 158.63
N LYS Y 834 -5.41 -51.29 159.95
CA LYS Y 834 -6.45 -50.49 160.59
C LYS Y 834 -6.23 -48.99 160.35
N ASP Y 835 -4.97 -48.54 160.41
CA ASP Y 835 -4.69 -47.14 160.16
C ASP Y 835 -5.03 -46.75 158.73
N THR Y 836 -4.65 -47.58 157.76
CA THR Y 836 -4.98 -47.30 156.37
C THR Y 836 -6.48 -47.31 156.15
N TRP Y 837 -7.19 -48.26 156.78
CA TRP Y 837 -8.64 -48.29 156.66
C TRP Y 837 -9.28 -47.04 157.24
N HIS Y 838 -8.77 -46.57 158.37
CA HIS Y 838 -9.30 -45.34 158.98
C HIS Y 838 -9.07 -44.14 158.06
N GLN Y 839 -7.86 -44.05 157.50
CA GLN Y 839 -7.56 -42.94 156.59
C GLN Y 839 -8.45 -42.97 155.35
N VAL Y 840 -8.64 -44.17 154.78
CA VAL Y 840 -9.48 -44.29 153.58
C VAL Y 840 -10.93 -43.98 153.91
N TYR Y 841 -11.40 -44.40 155.09
CA TYR Y 841 -12.75 -44.08 155.54
C TYR Y 841 -12.93 -42.58 155.68
N ARG Y 842 -11.95 -41.91 156.28
CA ARG Y 842 -12.01 -40.45 156.41
C ARG Y 842 -12.03 -39.77 155.05
N ARG Y 843 -11.20 -40.25 154.12
CA ARG Y 843 -11.18 -39.66 152.78
C ARG Y 843 -12.51 -39.86 152.07
N HIS Y 844 -13.10 -41.06 152.21
CA HIS Y 844 -14.38 -41.34 151.57
C HIS Y 844 -15.46 -40.43 152.12
N PHE Y 845 -15.50 -40.23 153.44
CA PHE Y 845 -16.50 -39.35 154.01
C PHE Y 845 -16.22 -37.88 153.68
N LEU Y 846 -14.96 -37.50 153.51
CA LEU Y 846 -14.66 -36.15 153.03
C LEU Y 846 -15.20 -35.94 151.62
N LYS Y 847 -15.01 -36.93 150.74
CA LYS Y 847 -15.57 -36.83 149.40
C LYS Y 847 -17.09 -36.79 149.43
N THR Y 848 -17.71 -37.59 150.30
CA THR Y 848 -19.16 -37.57 150.43
C THR Y 848 -19.64 -36.21 150.93
N ALA Y 849 -18.93 -35.62 151.88
CA ALA Y 849 -19.28 -34.28 152.36
C ALA Y 849 -19.14 -33.25 151.25
N LEU Y 850 -18.10 -33.37 150.42
CA LEU Y 850 -17.93 -32.45 149.30
C LEU Y 850 -19.09 -32.58 148.32
N ASN Y 851 -19.50 -33.81 148.02
CA ASN Y 851 -20.65 -34.02 147.14
C ASN Y 851 -21.92 -33.45 147.75
N HIS Y 852 -22.10 -33.61 149.07
CA HIS Y 852 -23.25 -33.06 149.75
C HIS Y 852 -23.26 -31.53 149.67
N CYS Y 853 -22.08 -30.92 149.81
CA CYS Y 853 -21.99 -29.47 149.66
C CYS Y 853 -22.33 -29.04 148.24
N ASN Y 854 -21.85 -29.78 147.24
CA ASN Y 854 -22.19 -29.46 145.86
C ASN Y 854 -23.69 -29.55 145.62
N LEU Y 855 -24.34 -30.58 146.19
CA LEU Y 855 -25.79 -30.70 146.07
C LEU Y 855 -26.50 -29.55 146.78
N CYS Y 856 -26.07 -29.22 148.00
CA CYS Y 856 -26.70 -28.16 148.77
C CYS Y 856 -26.50 -26.79 148.14
N ARG Y 857 -25.48 -26.63 147.29
CA ARG Y 857 -25.28 -25.37 146.59
C ARG Y 857 -26.46 -25.02 145.70
N ARG Y 858 -27.23 -26.02 145.27
CA ARG Y 858 -28.40 -25.79 144.39
C ARG Y 858 -29.67 -26.22 145.12
N GLY Y 859 -29.53 -26.95 146.24
CA GLY Y 859 -30.67 -27.44 146.98
C GLY Y 859 -31.33 -26.44 147.91
N PHE Y 860 -31.05 -25.15 147.78
CA PHE Y 860 -31.70 -24.14 148.62
C PHE Y 860 -33.21 -24.10 148.38
N TYR Y 861 -33.67 -24.44 147.18
CA TYR Y 861 -35.11 -24.50 146.94
C TYR Y 861 -35.77 -25.55 147.82
N TYR Y 862 -35.17 -26.75 147.91
CA TYR Y 862 -35.69 -27.77 148.80
C TYR Y 862 -35.53 -27.36 150.26
N TYR Y 863 -34.39 -26.76 150.60
CA TYR Y 863 -34.12 -26.41 152.00
C TYR Y 863 -35.10 -25.37 152.52
N GLN Y 864 -35.39 -24.34 151.72
CA GLN Y 864 -36.23 -23.24 152.19
C GLN Y 864 -37.66 -23.70 152.48
N ARG Y 865 -38.22 -24.55 151.62
CA ARG Y 865 -39.61 -24.97 151.77
C ARG Y 865 -39.78 -26.27 152.54
N HIS Y 866 -38.72 -27.09 152.65
CA HIS Y 866 -38.77 -28.35 153.37
C HIS Y 866 -39.90 -29.25 152.86
N PHE Y 867 -39.76 -29.67 151.61
CA PHE Y 867 -40.76 -30.53 150.99
C PHE Y 867 -40.82 -31.88 151.70
N VAL Y 868 -42.00 -32.50 151.65
CA VAL Y 868 -42.19 -33.81 152.27
C VAL Y 868 -41.29 -34.85 151.60
N ASP Y 869 -41.29 -34.86 150.27
CA ASP Y 869 -40.44 -35.77 149.50
C ASP Y 869 -39.10 -35.12 149.16
N SER Y 870 -38.40 -34.62 150.18
CA SER Y 870 -37.13 -33.95 149.96
C SER Y 870 -36.06 -34.95 149.58
N GLU Y 871 -35.33 -34.66 148.50
CA GLU Y 871 -34.24 -35.50 148.04
C GLU Y 871 -32.89 -35.08 148.62
N LEU Y 872 -32.87 -34.07 149.50
CA LEU Y 872 -31.62 -33.57 150.06
C LEU Y 872 -31.92 -32.93 151.41
N GLU Y 873 -31.16 -33.31 152.43
CA GLU Y 873 -31.31 -32.76 153.78
C GLU Y 873 -30.03 -32.04 154.14
N CYS Y 874 -30.02 -30.72 153.97
CA CYS Y 874 -28.86 -29.89 154.27
C CYS Y 874 -28.93 -29.48 155.74
N ASN Y 875 -28.13 -30.15 156.58
CA ASN Y 875 -28.05 -29.84 158.00
C ASN Y 875 -26.66 -29.39 158.43
N ASP Y 876 -25.61 -29.83 157.75
CA ASP Y 876 -24.25 -29.41 158.11
C ASP Y 876 -24.08 -27.91 157.91
N VAL Y 877 -24.68 -27.35 156.85
CA VAL Y 877 -24.57 -25.92 156.60
C VAL Y 877 -25.21 -25.14 157.75
N VAL Y 878 -26.40 -25.57 158.18
CA VAL Y 878 -27.10 -24.89 159.27
C VAL Y 878 -26.31 -25.02 160.57
N LEU Y 879 -25.76 -26.21 160.83
CA LEU Y 879 -24.97 -26.39 162.04
C LEU Y 879 -23.73 -25.52 162.05
N PHE Y 880 -23.04 -25.43 160.91
CA PHE Y 880 -21.85 -24.58 160.84
C PHE Y 880 -22.20 -23.11 160.98
N TRP Y 881 -23.33 -22.69 160.40
CA TRP Y 881 -23.75 -21.30 160.57
C TRP Y 881 -24.09 -21.01 162.02
N ARG Y 882 -24.76 -21.94 162.71
CA ARG Y 882 -25.05 -21.76 164.13
C ARG Y 882 -23.77 -21.67 164.94
N ILE Y 883 -22.79 -22.52 164.64
CA ILE Y 883 -21.51 -22.47 165.34
C ILE Y 883 -20.83 -21.12 165.09
N GLN Y 884 -20.87 -20.64 163.85
CA GLN Y 884 -20.22 -19.38 163.52
C GLN Y 884 -20.87 -18.21 164.26
N ARG Y 885 -22.21 -18.17 164.28
CA ARG Y 885 -22.87 -17.06 164.96
C ARG Y 885 -22.67 -17.13 166.48
N MET Y 886 -22.67 -18.34 167.04
CA MET Y 886 -22.41 -18.48 168.47
C MET Y 886 -20.99 -18.03 168.80
N LEU Y 887 -20.02 -18.39 167.96
CA LEU Y 887 -18.65 -17.95 168.17
C LEU Y 887 -18.53 -16.43 168.06
N ALA Y 888 -19.24 -15.83 167.11
CA ALA Y 888 -19.23 -14.37 166.98
C ALA Y 888 -19.81 -13.71 168.22
N ILE Y 889 -20.93 -14.24 168.74
CA ILE Y 889 -21.53 -13.69 169.95
C ILE Y 889 -20.58 -13.82 171.12
N THR Y 890 -19.95 -14.98 171.26
CA THR Y 890 -19.01 -15.19 172.36
C THR Y 890 -17.82 -14.25 172.25
N ALA Y 891 -17.30 -14.05 171.05
CA ALA Y 891 -16.17 -13.14 170.86
C ALA Y 891 -16.57 -11.70 171.19
N ASN Y 892 -17.77 -11.28 170.78
CA ASN Y 892 -18.23 -9.94 171.10
C ASN Y 892 -18.38 -9.76 172.60
N THR Y 893 -18.95 -10.76 173.29
CA THR Y 893 -19.09 -10.68 174.74
C THR Y 893 -17.72 -10.62 175.42
N LEU Y 894 -16.77 -11.44 174.94
CA LEU Y 894 -15.43 -11.43 175.52
C LEU Y 894 -14.77 -10.08 175.33
N ARG Y 895 -14.90 -9.49 174.14
CA ARG Y 895 -14.32 -8.18 173.89
C ARG Y 895 -14.95 -7.11 174.78
N GLN Y 896 -16.27 -7.15 174.93
CA GLN Y 896 -16.95 -6.17 175.78
C GLN Y 896 -16.50 -6.29 177.23
N GLN Y 897 -16.46 -7.53 177.76
CA GLN Y 897 -16.03 -7.72 179.14
C GLN Y 897 -14.57 -7.33 179.33
N LEU Y 898 -13.73 -7.63 178.34
CA LEU Y 898 -12.33 -7.23 178.41
C LEU Y 898 -12.21 -5.71 178.50
N THR Y 899 -12.84 -5.00 177.56
CA THR Y 899 -12.81 -3.54 177.59
C THR Y 899 -13.37 -2.98 178.89
N ASN Y 900 -14.38 -3.65 179.47
CA ASN Y 900 -14.98 -3.14 180.69
C ASN Y 900 -14.04 -3.31 181.90
N THR Y 901 -13.41 -4.48 182.03
CA THR Y 901 -12.70 -4.81 183.27
C THR Y 901 -11.19 -4.97 183.09
N GLU Y 902 -10.77 -5.76 182.10
CA GLU Y 902 -9.36 -6.12 182.02
C GLU Y 902 -8.50 -4.96 181.56
N VAL Y 903 -9.03 -4.07 180.73
CA VAL Y 903 -8.28 -2.88 180.33
C VAL Y 903 -7.98 -2.02 181.54
N ARG Y 904 -8.99 -1.80 182.39
CA ARG Y 904 -8.79 -1.03 183.61
C ARG Y 904 -7.82 -1.73 184.55
N ARG Y 905 -7.93 -3.05 184.67
CA ARG Y 905 -7.01 -3.79 185.53
C ARG Y 905 -5.56 -3.66 185.04
N LEU Y 906 -5.36 -3.78 183.72
CA LEU Y 906 -4.02 -3.64 183.17
C LEU Y 906 -3.49 -2.23 183.36
N GLU Y 907 -4.36 -1.23 183.20
CA GLU Y 907 -3.95 0.15 183.44
C GLU Y 907 -3.53 0.36 184.89
N LYS Y 908 -4.29 -0.22 185.83
CA LYS Y 908 -3.94 -0.11 187.24
C LYS Y 908 -2.60 -0.80 187.53
N ASN Y 909 -2.38 -1.98 186.95
CA ASN Y 909 -1.12 -2.68 187.15
C ASN Y 909 0.05 -1.88 186.59
N VAL Y 910 -0.13 -1.30 185.40
CA VAL Y 910 0.92 -0.49 184.79
C VAL Y 910 1.22 0.73 185.65
N LYS Y 911 0.17 1.38 186.17
CA LYS Y 911 0.38 2.53 187.04
C LYS Y 911 1.12 2.14 188.31
N GLU Y 912 0.77 1.00 188.91
CA GLU Y 912 1.47 0.55 190.11
C GLU Y 912 2.93 0.25 189.81
N VAL Y 913 3.20 -0.41 188.69
CA VAL Y 913 4.58 -0.73 188.33
C VAL Y 913 5.38 0.55 188.09
N LEU Y 914 4.78 1.52 187.40
CA LEU Y 914 5.47 2.78 187.14
C LEU Y 914 5.74 3.54 188.44
N GLU Y 915 4.78 3.55 189.36
CA GLU Y 915 4.99 4.21 190.65
C GLU Y 915 6.09 3.53 191.45
N ASP Y 916 6.10 2.19 191.44
CA ASP Y 916 7.15 1.46 192.14
C ASP Y 916 8.52 1.76 191.56
N PHE Y 917 8.62 1.82 190.22
CA PHE Y 917 9.89 2.15 189.58
C PHE Y 917 10.32 3.57 189.89
N ALA Y 918 9.38 4.52 189.88
CA ALA Y 918 9.71 5.91 190.17
C ALA Y 918 10.18 6.08 191.61
N GLU Y 919 9.53 5.40 192.55
CA GLU Y 919 9.88 5.50 193.96
C GLU Y 919 11.12 4.70 194.33
N ASP Y 920 11.83 4.13 193.34
CA ASP Y 920 13.04 3.36 193.59
C ASP Y 920 14.04 3.69 192.49
N GLY Y 921 14.94 4.64 192.78
CA GLY Y 921 15.99 4.99 191.83
C GLY Y 921 17.06 3.94 191.68
N GLU Y 922 17.24 3.09 192.70
CA GLU Y 922 18.21 2.00 192.58
C GLU Y 922 17.82 1.03 191.48
N LYS Y 923 16.52 0.75 191.35
CA LYS Y 923 16.06 -0.11 190.26
C LYS Y 923 16.33 0.53 188.91
N LYS Y 924 16.13 1.85 188.79
CA LYS Y 924 16.44 2.55 187.55
C LYS Y 924 17.92 2.47 187.23
N ILE Y 925 18.78 2.63 188.24
CA ILE Y 925 20.22 2.53 188.02
C ILE Y 925 20.59 1.12 187.57
N LYS Y 926 20.01 0.11 188.21
CA LYS Y 926 20.33 -1.28 187.86
C LYS Y 926 19.87 -1.62 186.44
N LEU Y 927 18.69 -1.12 186.05
CA LEU Y 927 18.14 -1.46 184.75
C LEU Y 927 18.67 -0.54 183.64
N LEU Y 928 18.55 0.77 183.82
CA LEU Y 928 18.98 1.73 182.80
C LEU Y 928 20.51 1.84 182.85
N THR Y 929 21.17 0.85 182.24
CA THR Y 929 22.63 0.82 182.15
C THR Y 929 23.12 1.08 180.73
N GLY Y 930 22.29 1.75 179.92
CA GLY Y 930 22.68 2.04 178.56
C GLY Y 930 23.78 3.09 178.49
N LYS Y 931 24.42 3.16 177.32
CA LYS Y 931 25.50 4.11 177.13
C LYS Y 931 25.01 5.55 177.25
N ARG Y 932 23.84 5.85 176.69
CA ARG Y 932 23.29 7.20 176.76
C ARG Y 932 23.00 7.59 178.20
N VAL Y 933 22.40 6.68 178.97
CA VAL Y 933 22.07 6.98 180.37
C VAL Y 933 23.32 7.26 181.17
N GLN Y 934 24.34 6.40 181.01
CA GLN Y 934 25.58 6.58 181.75
C GLN Y 934 26.28 7.87 181.35
N LEU Y 935 26.31 8.19 180.05
CA LEU Y 935 26.94 9.42 179.60
C LEU Y 935 26.21 10.65 180.15
N ALA Y 936 24.88 10.63 180.13
CA ALA Y 936 24.12 11.75 180.67
C ALA Y 936 24.35 11.91 182.16
N GLU Y 937 24.39 10.79 182.90
CA GLU Y 937 24.65 10.86 184.34
C GLU Y 937 26.03 11.42 184.62
N ASP Y 938 27.04 10.98 183.85
CA ASP Y 938 28.40 11.49 184.04
C ASP Y 938 28.47 12.98 183.72
N LEU Y 939 27.81 13.41 182.64
CA LEU Y 939 27.80 14.83 182.30
C LEU Y 939 27.12 15.66 183.39
N LYS Y 940 26.00 15.18 183.91
CA LYS Y 940 25.31 15.91 184.97
C LYS Y 940 26.17 16.00 186.23
N LYS Y 941 26.83 14.89 186.60
CA LYS Y 941 27.69 14.90 187.78
C LYS Y 941 28.87 15.85 187.59
N VAL Y 942 29.47 15.86 186.40
CA VAL Y 942 30.58 16.76 186.12
C VAL Y 942 30.12 18.21 186.20
N ARG Y 943 28.94 18.51 185.64
CA ARG Y 943 28.41 19.87 185.71
C ARG Y 943 28.15 20.29 187.15
N GLU Y 944 27.58 19.39 187.95
CA GLU Y 944 27.33 19.71 189.36
C GLU Y 944 28.64 19.93 190.11
N ILE Y 945 29.65 19.10 189.86
CA ILE Y 945 30.94 19.27 190.52
C ILE Y 945 31.57 20.60 190.13
N GLN Y 946 31.50 20.96 188.84
CA GLN Y 946 32.06 22.23 188.40
C GLN Y 946 31.32 23.41 189.02
N GLU Y 947 29.99 23.32 189.12
CA GLU Y 947 29.23 24.38 189.76
C GLU Y 947 29.60 24.53 191.23
N LYS Y 948 29.76 23.41 191.93
CA LYS Y 948 30.17 23.45 193.33
C LYS Y 948 31.56 24.07 193.47
N LEU Y 949 32.48 23.71 192.57
CA LEU Y 949 33.82 24.28 192.62
C LEU Y 949 33.81 25.77 192.33
N ASP Y 950 32.96 26.21 191.38
CA ASP Y 950 32.83 27.64 191.11
C ASP Y 950 32.26 28.38 192.32
N ALA Y 951 31.28 27.78 193.00
CA ALA Y 951 30.76 28.39 194.22
C ALA Y 951 31.83 28.48 195.30
N PHE Y 952 32.65 27.43 195.43
CA PHE Y 952 33.76 27.46 196.38
C PHE Y 952 34.75 28.56 196.04
N ILE Y 953 35.08 28.72 194.76
CA ILE Y 953 36.02 29.76 194.34
C ILE Y 953 35.44 31.14 194.64
N GLU Y 954 34.16 31.34 194.34
CA GLU Y 954 33.53 32.62 194.62
C GLU Y 954 33.50 32.93 196.12
N ALA Y 955 33.19 31.93 196.94
CA ALA Y 955 33.18 32.12 198.39
C ALA Y 955 34.57 32.45 198.91
N LEU Y 956 35.59 31.75 198.40
CA LEU Y 956 36.96 32.03 198.82
C LEU Y 956 37.38 33.44 198.43
N HIS Y 957 37.02 33.87 197.21
CA HIS Y 957 37.36 35.22 196.78
C HIS Y 957 36.65 36.27 197.62
N GLN Y 958 35.37 36.04 197.92
CA GLN Y 958 34.63 37.00 198.74
C GLN Y 958 35.16 37.07 200.17
N GLU Y 959 35.51 35.93 200.77
CA GLU Y 959 36.02 35.93 202.13
C GLU Y 959 37.37 36.64 202.21
N LYS Y 960 38.22 36.41 201.21
CA LYS Y 960 39.55 37.08 201.17
C LYS Y 960 39.43 38.40 200.39
N SER Z 263 -18.82 5.55 213.76
CA SER Z 263 -19.26 4.42 212.97
C SER Z 263 -20.02 4.87 211.72
N LEU Z 264 -21.30 4.49 211.64
CA LEU Z 264 -22.12 4.90 210.50
C LEU Z 264 -22.32 6.41 210.46
N ILE Z 265 -22.54 7.02 211.63
CA ILE Z 265 -22.79 8.46 211.67
C ILE Z 265 -21.54 9.24 211.25
N ASP Z 266 -20.36 8.79 211.68
CA ASP Z 266 -19.13 9.47 211.30
C ASP Z 266 -18.89 9.37 209.79
N MET Z 267 -19.12 8.19 209.21
CA MET Z 267 -18.94 8.03 207.78
C MET Z 267 -19.96 8.85 207.00
N TYR Z 268 -21.20 8.92 207.50
CA TYR Z 268 -22.21 9.76 206.85
C TYR Z 268 -21.83 11.24 206.91
N SER Z 269 -21.29 11.68 208.05
CA SER Z 269 -20.83 13.06 208.16
C SER Z 269 -19.68 13.33 207.20
N GLU Z 270 -18.75 12.38 207.07
CA GLU Z 270 -17.66 12.54 206.12
C GLU Z 270 -18.18 12.61 204.69
N VAL Z 271 -19.17 11.79 204.35
CA VAL Z 271 -19.76 11.83 203.02
C VAL Z 271 -20.42 13.18 202.76
N LEU Z 272 -21.15 13.68 203.76
CA LEU Z 272 -21.78 15.00 203.61
C LEU Z 272 -20.73 16.09 203.44
N ASP Z 273 -19.63 16.01 204.20
CA ASP Z 273 -18.55 16.99 204.04
C ASP Z 273 -17.95 16.93 202.65
N VAL Z 274 -17.74 15.73 202.12
CA VAL Z 274 -17.21 15.57 200.77
C VAL Z 274 -18.17 16.17 199.75
N LEU Z 275 -19.47 15.92 199.92
CA LEU Z 275 -20.46 16.48 199.01
C LEU Z 275 -20.47 18.00 199.07
N SER Z 276 -20.35 18.57 200.28
CA SER Z 276 -20.31 20.02 200.42
C SER Z 276 -19.05 20.60 199.76
N ASP Z 277 -17.91 19.93 199.94
CA ASP Z 277 -16.66 20.40 199.33
C ASP Z 277 -16.59 20.11 197.84
N TYR Z 278 -17.53 19.32 197.30
CA TYR Z 278 -17.51 19.04 195.86
C TYR Z 278 -17.70 20.32 195.04
N ASP Z 279 -18.62 21.17 195.44
CA ASP Z 279 -18.86 22.42 194.73
C ASP Z 279 -19.51 23.42 195.68
N ALA Z 280 -19.34 24.71 195.39
CA ALA Z 280 -19.96 25.75 196.17
C ALA Z 280 -21.45 25.88 195.89
N SER Z 281 -21.92 25.36 194.76
CA SER Z 281 -23.33 25.41 194.42
C SER Z 281 -24.05 24.24 195.10
N TYR Z 282 -25.31 24.02 194.71
CA TYR Z 282 -26.13 22.95 195.27
C TYR Z 282 -26.67 22.11 194.12
N ASN Z 283 -25.90 21.10 193.70
CA ASN Z 283 -26.30 20.17 192.66
C ASN Z 283 -26.49 18.76 193.17
N THR Z 284 -25.47 18.20 193.82
CA THR Z 284 -25.57 16.87 194.43
C THR Z 284 -25.74 16.92 195.94
N GLN Z 285 -25.66 18.11 196.54
CA GLN Z 285 -25.82 18.24 197.99
C GLN Z 285 -27.27 18.10 198.43
N ASP Z 286 -28.22 18.22 197.51
CA ASP Z 286 -29.64 18.11 197.82
C ASP Z 286 -30.17 16.69 197.70
N HIS Z 287 -29.29 15.72 197.43
CA HIS Z 287 -29.73 14.33 197.31
C HIS Z 287 -29.91 13.70 198.68
N LEU Z 288 -28.84 13.68 199.49
CA LEU Z 288 -28.94 13.11 200.84
C LEU Z 288 -29.71 14.06 201.75
N PRO Z 289 -30.55 13.52 202.63
CA PRO Z 289 -31.28 14.38 203.57
C PRO Z 289 -30.32 15.12 204.51
N ARG Z 290 -30.69 16.35 204.85
CA ARG Z 290 -29.89 17.18 205.75
C ARG Z 290 -30.83 17.94 206.66
N VAL Z 291 -30.73 17.67 207.96
CA VAL Z 291 -31.57 18.38 208.94
C VAL Z 291 -30.99 19.78 209.13
N VAL Z 292 -31.74 20.79 208.69
CA VAL Z 292 -31.30 22.18 208.73
C VAL Z 292 -32.16 22.93 209.73
N VAL Z 293 -31.51 23.64 210.65
CA VAL Z 293 -32.18 24.44 211.67
C VAL Z 293 -32.14 25.89 211.24
N VAL Z 294 -33.30 26.48 210.98
CA VAL Z 294 -33.42 27.86 210.54
C VAL Z 294 -34.30 28.60 211.52
N GLY Z 295 -33.83 29.77 211.97
CA GLY Z 295 -34.59 30.59 212.90
C GLY Z 295 -34.65 32.04 212.49
N ASP Z 296 -35.09 32.90 213.40
CA ASP Z 296 -35.20 34.32 213.15
C ASP Z 296 -34.09 35.07 213.88
N GLN Z 297 -33.84 36.29 213.44
CA GLN Z 297 -32.79 37.11 214.05
C GLN Z 297 -33.23 37.57 215.44
N SER Z 298 -32.33 37.41 216.41
CA SER Z 298 -32.58 37.79 217.80
C SER Z 298 -33.83 37.10 218.35
N ALA Z 299 -34.04 35.85 217.95
CA ALA Z 299 -35.18 35.07 218.39
C ALA Z 299 -34.83 34.05 219.47
N GLY Z 300 -33.62 34.12 220.02
CA GLY Z 300 -33.22 33.18 221.05
C GLY Z 300 -32.86 31.80 220.56
N LYS Z 301 -32.67 31.62 219.25
CA LYS Z 301 -32.34 30.31 218.72
C LYS Z 301 -30.96 29.84 219.18
N THR Z 302 -30.07 30.78 219.53
CA THR Z 302 -28.75 30.40 220.02
C THR Z 302 -28.83 29.60 221.31
N SER Z 303 -29.70 30.03 222.24
CA SER Z 303 -29.86 29.32 223.49
C SER Z 303 -30.42 27.91 223.26
N VAL Z 304 -31.39 27.79 222.36
CA VAL Z 304 -31.97 26.48 222.06
C VAL Z 304 -30.92 25.56 221.43
N LEU Z 305 -30.12 26.10 220.50
CA LEU Z 305 -29.06 25.30 219.89
C LEU Z 305 -28.03 24.86 220.91
N GLU Z 306 -27.66 25.75 221.84
CA GLU Z 306 -26.72 25.40 222.89
C GLU Z 306 -27.30 24.31 223.79
N MET Z 307 -28.59 24.42 224.13
CA MET Z 307 -29.22 23.40 224.97
C MET Z 307 -29.33 22.06 224.25
N ILE Z 308 -29.46 22.08 222.92
CA ILE Z 308 -29.50 20.84 222.16
C ILE Z 308 -28.19 20.08 222.32
N ALA Z 309 -27.07 20.79 222.19
CA ALA Z 309 -25.76 20.18 222.39
C ALA Z 309 -25.33 20.15 223.85
N GLN Z 310 -26.14 20.70 224.75
CA GLN Z 310 -25.84 20.72 226.19
C GLN Z 310 -24.53 21.44 226.49
N ALA Z 311 -24.18 22.43 225.66
CA ALA Z 311 -22.96 23.20 225.87
C ALA Z 311 -23.08 24.51 225.12
N ARG Z 312 -22.46 25.55 225.68
CA ARG Z 312 -22.46 26.87 225.06
C ARG Z 312 -21.30 26.94 224.08
N ILE Z 313 -21.60 26.70 222.80
CA ILE Z 313 -20.57 26.71 221.76
C ILE Z 313 -20.78 27.82 220.74
N PHE Z 314 -21.99 28.39 220.62
CA PHE Z 314 -22.24 29.45 219.67
C PHE Z 314 -22.05 30.80 220.36
N PRO Z 315 -21.16 31.66 219.86
CA PRO Z 315 -20.98 32.97 220.49
C PRO Z 315 -22.24 33.81 220.43
N ARG Z 316 -22.46 34.60 221.46
CA ARG Z 316 -23.65 35.45 221.56
C ARG Z 316 -23.42 36.75 220.79
N GLY Z 317 -24.52 37.29 220.25
CA GLY Z 317 -24.45 38.52 219.50
C GLY Z 317 -25.50 39.54 219.94
N SER Z 318 -25.07 40.75 220.27
CA SER Z 318 -25.99 41.81 220.70
C SER Z 318 -26.51 42.53 219.48
N GLY Z 319 -27.46 41.89 218.80
CA GLY Z 319 -28.09 42.44 217.62
C GLY Z 319 -27.38 42.11 216.31
N GLU Z 320 -26.05 42.15 216.32
CA GLU Z 320 -25.29 41.84 215.12
C GLU Z 320 -25.42 40.37 214.75
N MET Z 321 -25.43 40.09 213.45
CA MET Z 321 -25.56 38.73 212.94
C MET Z 321 -24.17 38.09 212.95
N MET Z 322 -23.85 37.43 214.07
CA MET Z 322 -22.54 36.77 214.18
C MET Z 322 -22.41 35.62 213.19
N THR Z 323 -23.46 34.84 213.02
CA THR Z 323 -23.44 33.70 212.12
C THR Z 323 -23.67 34.18 210.69
N ARG Z 324 -22.61 34.20 209.89
CA ARG Z 324 -22.68 34.64 208.50
C ARG Z 324 -22.39 33.53 207.51
N SER Z 325 -22.02 32.33 207.98
CA SER Z 325 -21.73 31.19 207.13
C SER Z 325 -22.44 29.96 207.66
N PRO Z 326 -22.79 29.02 206.78
CA PRO Z 326 -23.45 27.79 207.25
C PRO Z 326 -22.55 27.01 208.19
N VAL Z 327 -23.16 26.44 209.23
CA VAL Z 327 -22.44 25.68 210.26
C VAL Z 327 -23.06 24.29 210.32
N LYS Z 328 -22.22 23.27 210.23
CA LYS Z 328 -22.66 21.88 210.29
C LYS Z 328 -22.35 21.33 211.68
N VAL Z 329 -23.37 20.83 212.36
CA VAL Z 329 -23.24 20.23 213.68
C VAL Z 329 -23.61 18.77 213.56
N THR Z 330 -22.64 17.88 213.77
CA THR Z 330 -22.85 16.44 213.70
C THR Z 330 -22.95 15.89 215.12
N LEU Z 331 -24.14 15.39 215.48
CA LEU Z 331 -24.35 14.83 216.80
C LEU Z 331 -23.96 13.35 216.79
N SER Z 332 -23.08 12.97 217.70
CA SER Z 332 -22.61 11.59 217.81
C SER Z 332 -22.11 11.36 219.23
N GLU Z 333 -21.62 10.15 219.47
CA GLU Z 333 -21.10 9.76 220.78
C GLU Z 333 -19.68 9.26 220.61
N GLY Z 334 -18.77 9.76 221.45
CA GLY Z 334 -17.38 9.37 221.41
C GLY Z 334 -16.84 9.06 222.77
N PRO Z 335 -15.53 8.81 222.86
CA PRO Z 335 -14.91 8.52 224.17
C PRO Z 335 -15.04 9.67 225.16
N HIS Z 336 -15.03 10.91 224.68
CA HIS Z 336 -15.14 12.08 225.55
C HIS Z 336 -16.13 13.06 224.94
N HIS Z 337 -16.72 13.89 225.80
CA HIS Z 337 -17.69 14.91 225.39
C HIS Z 337 -16.94 16.14 224.88
N VAL Z 338 -16.30 15.96 223.72
CA VAL Z 338 -15.50 17.00 223.10
C VAL Z 338 -16.02 17.25 221.69
N ALA Z 339 -15.52 18.32 221.07
CA ALA Z 339 -15.87 18.69 219.70
C ALA Z 339 -14.62 18.73 218.85
N LEU Z 340 -14.69 18.12 217.67
CA LEU Z 340 -13.56 18.05 216.76
C LEU Z 340 -14.01 18.43 215.37
N PHE Z 341 -13.22 19.27 214.70
CA PHE Z 341 -13.54 19.68 213.34
C PHE Z 341 -13.02 18.64 212.34
N LYS Z 342 -13.46 18.77 211.09
CA LYS Z 342 -13.01 17.87 210.04
C LYS Z 342 -11.52 18.05 209.75
N ASP Z 343 -11.05 19.30 209.71
CA ASP Z 343 -9.67 19.62 209.38
C ASP Z 343 -8.87 20.08 210.60
N SER Z 344 -9.27 19.65 211.79
CA SER Z 344 -8.58 20.01 213.03
C SER Z 344 -8.28 18.76 213.84
N SER Z 345 -7.27 18.86 214.70
CA SER Z 345 -6.87 17.76 215.56
C SER Z 345 -7.05 18.05 217.04
N ARG Z 346 -7.39 19.28 217.42
CA ARG Z 346 -7.59 19.63 218.82
C ARG Z 346 -9.03 19.33 219.24
N GLU Z 347 -9.18 18.56 220.31
CA GLU Z 347 -10.49 18.19 220.82
C GLU Z 347 -10.97 19.29 221.78
N PHE Z 348 -11.90 20.11 221.31
CA PHE Z 348 -12.46 21.19 222.11
C PHE Z 348 -13.48 20.61 223.09
N ASP Z 349 -13.13 20.57 224.36
CA ASP Z 349 -14.03 20.04 225.37
C ASP Z 349 -15.24 20.95 225.54
N LEU Z 350 -16.39 20.33 225.81
CA LEU Z 350 -17.66 21.04 225.97
C LEU Z 350 -18.01 21.29 227.43
N THR Z 351 -17.10 21.03 228.36
CA THR Z 351 -17.34 21.20 229.78
C THR Z 351 -16.55 22.35 230.38
N LYS Z 352 -15.23 22.38 230.17
CA LYS Z 352 -14.42 23.45 230.73
C LYS Z 352 -14.71 24.77 230.05
N GLU Z 353 -14.72 25.85 230.84
CA GLU Z 353 -15.00 27.18 230.30
C GLU Z 353 -13.92 27.62 229.32
N GLU Z 354 -12.65 27.33 229.64
CA GLU Z 354 -11.56 27.73 228.75
C GLU Z 354 -11.67 27.03 227.40
N ASP Z 355 -11.99 25.73 227.41
CA ASP Z 355 -12.15 24.99 226.16
C ASP Z 355 -13.33 25.53 225.35
N LEU Z 356 -14.43 25.86 226.02
CA LEU Z 356 -15.57 26.44 225.32
C LEU Z 356 -15.21 27.79 224.70
N ALA Z 357 -14.46 28.62 225.43
CA ALA Z 357 -14.03 29.90 224.89
C ALA Z 357 -13.12 29.72 223.68
N ALA Z 358 -12.20 28.75 223.77
CA ALA Z 358 -11.33 28.46 222.63
C ALA Z 358 -12.12 27.98 221.43
N LEU Z 359 -13.13 27.13 221.66
CA LEU Z 359 -13.97 26.66 220.56
C LEU Z 359 -14.74 27.81 219.92
N ARG Z 360 -15.28 28.71 220.75
CA ARG Z 360 -16.00 29.87 220.21
C ARG Z 360 -15.06 30.77 219.41
N HIS Z 361 -13.84 30.97 219.91
CA HIS Z 361 -12.87 31.79 219.18
C HIS Z 361 -12.51 31.15 217.84
N GLU Z 362 -12.33 29.82 217.83
CA GLU Z 362 -12.04 29.13 216.58
C GLU Z 362 -13.19 29.24 215.59
N ILE Z 363 -14.43 29.11 216.10
CA ILE Z 363 -15.60 29.24 215.23
C ILE Z 363 -15.68 30.65 214.65
N GLU Z 364 -15.43 31.66 215.48
CA GLU Z 364 -15.44 33.04 215.00
C GLU Z 364 -14.35 33.28 213.96
N LEU Z 365 -13.16 32.72 214.19
CA LEU Z 365 -12.08 32.86 213.21
C LEU Z 365 -12.43 32.19 211.89
N ARG Z 366 -13.04 31.00 211.95
CA ARG Z 366 -13.46 30.32 210.73
C ARG Z 366 -14.54 31.12 210.00
N MET Z 367 -15.47 31.70 210.74
CA MET Z 367 -16.50 32.52 210.12
C MET Z 367 -15.89 33.75 209.43
N ARG Z 368 -14.93 34.40 210.10
CA ARG Z 368 -14.29 35.58 209.53
C ARG Z 368 -13.47 35.21 208.29
N LYS Z 369 -12.79 34.07 208.32
CA LYS Z 369 -11.99 33.65 207.17
C LYS Z 369 -12.85 33.40 205.94
N ASN Z 370 -14.00 32.74 206.13
CA ASN Z 370 -14.88 32.46 205.01
C ASN Z 370 -15.46 33.74 204.41
N VAL Z 371 -15.86 34.69 205.27
CA VAL Z 371 -16.46 35.93 204.79
C VAL Z 371 -15.36 36.81 204.20
N LYS Z 372 -15.59 37.28 202.98
CA LYS Z 372 -14.63 38.15 202.32
C LYS Z 372 -14.60 39.53 202.98
N GLU Z 373 -13.48 40.23 202.80
CA GLU Z 373 -13.30 41.57 203.37
C GLU Z 373 -14.12 42.56 202.55
N GLY Z 374 -15.38 42.71 202.94
CA GLY Z 374 -16.28 43.60 202.23
C GLY Z 374 -17.65 43.00 202.01
N CYS Z 375 -17.74 41.67 202.08
CA CYS Z 375 -18.99 40.95 201.89
C CYS Z 375 -19.63 40.64 203.24
N THR Z 376 -20.84 40.08 203.17
CA THR Z 376 -21.60 39.73 204.37
C THR Z 376 -21.87 38.23 204.46
N VAL Z 377 -22.34 37.61 203.38
CA VAL Z 377 -22.66 36.19 203.36
C VAL Z 377 -21.66 35.48 202.46
N SER Z 378 -21.05 34.41 202.98
CA SER Z 378 -20.06 33.65 202.25
C SER Z 378 -20.60 32.28 201.93
N PRO Z 379 -20.47 31.81 200.68
CA PRO Z 379 -20.97 30.47 200.33
C PRO Z 379 -20.23 29.34 201.02
N GLU Z 380 -19.03 29.59 201.55
CA GLU Z 380 -18.26 28.55 202.20
C GLU Z 380 -18.95 28.08 203.47
N THR Z 381 -18.91 26.78 203.73
CA THR Z 381 -19.54 26.17 204.88
C THR Z 381 -18.49 25.74 205.90
N ILE Z 382 -18.93 25.57 207.14
CA ILE Z 382 -18.07 25.15 208.24
C ILE Z 382 -18.59 23.82 208.77
N SER Z 383 -17.69 22.84 208.87
CA SER Z 383 -18.04 21.49 209.31
C SER Z 383 -17.50 21.27 210.72
N LEU Z 384 -18.36 20.80 211.61
CA LEU Z 384 -17.99 20.52 212.98
C LEU Z 384 -18.66 19.22 213.44
N ASN Z 385 -17.90 18.37 214.10
CA ASN Z 385 -18.39 17.10 214.62
C ASN Z 385 -18.42 17.15 216.13
N VAL Z 386 -19.57 16.80 216.72
CA VAL Z 386 -19.76 16.81 218.17
C VAL Z 386 -19.90 15.37 218.65
N LYS Z 387 -19.09 15.00 219.63
CA LYS Z 387 -19.11 13.67 220.21
C LYS Z 387 -19.31 13.75 221.71
N GLY Z 388 -19.88 12.70 222.28
CA GLY Z 388 -20.12 12.63 223.70
C GLY Z 388 -21.34 11.81 224.05
N PRO Z 389 -21.35 11.24 225.26
CA PRO Z 389 -22.50 10.43 225.68
C PRO Z 389 -23.75 11.28 225.86
N GLY Z 390 -24.90 10.63 225.69
CA GLY Z 390 -26.18 11.28 225.84
C GLY Z 390 -26.69 12.01 224.63
N LEU Z 391 -25.95 11.99 223.52
CA LEU Z 391 -26.36 12.64 222.29
C LEU Z 391 -26.95 11.63 221.32
N GLN Z 392 -27.64 12.15 220.30
CA GLN Z 392 -28.25 11.33 219.27
C GLN Z 392 -27.30 11.20 218.09
N ARG Z 393 -27.78 10.59 217.01
CA ARG Z 393 -27.01 10.38 215.78
C ARG Z 393 -27.72 11.10 214.65
N MET Z 394 -27.39 12.38 214.46
CA MET Z 394 -28.00 13.19 213.42
C MET Z 394 -27.05 14.34 213.10
N VAL Z 395 -27.30 14.98 211.96
CA VAL Z 395 -26.50 16.11 211.49
C VAL Z 395 -27.39 17.34 211.48
N LEU Z 396 -26.96 18.39 212.17
CA LEU Z 396 -27.68 19.64 212.25
C LEU Z 396 -26.96 20.73 211.47
N VAL Z 397 -27.71 21.50 210.69
CA VAL Z 397 -27.17 22.57 209.86
C VAL Z 397 -27.71 23.89 210.37
N ASP Z 398 -26.79 24.83 210.62
CA ASP Z 398 -27.15 26.16 211.13
C ASP Z 398 -27.02 27.18 210.01
N LEU Z 399 -28.04 28.01 209.85
CA LEU Z 399 -28.06 29.04 208.82
C LEU Z 399 -28.41 30.39 209.44
N PRO Z 400 -27.96 31.48 208.84
CA PRO Z 400 -28.31 32.81 209.35
C PRO Z 400 -29.81 33.05 209.28
N GLY Z 401 -30.30 33.84 210.23
CA GLY Z 401 -31.72 34.13 210.28
C GLY Z 401 -32.19 34.97 209.12
N VAL Z 402 -33.49 34.86 208.83
CA VAL Z 402 -34.10 35.58 207.73
C VAL Z 402 -34.30 37.03 208.13
N ILE Z 403 -33.84 37.95 207.29
CA ILE Z 403 -33.97 39.38 207.55
C ILE Z 403 -34.92 39.99 206.53
N ASN Z 404 -35.45 41.16 206.87
CA ASN Z 404 -36.38 41.87 206.01
C ASN Z 404 -35.81 43.19 205.49
N THR Z 405 -35.24 44.01 206.37
CA THR Z 405 -34.68 45.28 205.95
C THR Z 405 -33.35 45.08 205.24
N VAL Z 406 -32.93 46.10 204.51
CA VAL Z 406 -31.68 46.10 203.75
C VAL Z 406 -30.75 47.15 204.34
N THR Z 407 -29.54 46.73 204.69
CA THR Z 407 -28.57 47.66 205.28
C THR Z 407 -27.86 48.43 204.18
N SER Z 408 -27.83 49.76 204.32
CA SER Z 408 -27.15 50.60 203.34
C SER Z 408 -25.63 50.42 203.39
N GLY Z 409 -25.09 50.10 204.57
CA GLY Z 409 -23.67 49.92 204.73
C GLY Z 409 -23.14 48.56 204.32
N MET Z 410 -24.00 47.67 203.85
CA MET Z 410 -23.61 46.33 203.42
C MET Z 410 -24.07 46.11 201.99
N ALA Z 411 -23.92 44.87 201.52
CA ALA Z 411 -24.32 44.54 200.16
C ALA Z 411 -25.84 44.62 200.02
N PRO Z 412 -26.35 45.34 199.03
CA PRO Z 412 -27.81 45.44 198.87
C PRO Z 412 -28.47 44.11 198.53
N ASP Z 413 -27.72 43.13 198.01
CA ASP Z 413 -28.27 41.83 197.64
C ASP Z 413 -28.07 40.78 198.73
N THR Z 414 -27.77 41.21 199.96
CA THR Z 414 -27.59 40.27 201.05
C THR Z 414 -28.87 39.50 201.34
N LYS Z 415 -30.01 40.21 201.36
CA LYS Z 415 -31.29 39.54 201.60
C LYS Z 415 -31.62 38.57 200.48
N GLU Z 416 -31.36 38.97 199.22
CA GLU Z 416 -31.61 38.08 198.10
C GLU Z 416 -30.71 36.85 198.17
N THR Z 417 -29.45 37.04 198.54
CA THR Z 417 -28.54 35.90 198.69
C THR Z 417 -29.02 34.95 199.79
N ILE Z 418 -29.46 35.51 200.93
CA ILE Z 418 -29.96 34.68 202.01
C ILE Z 418 -31.20 33.91 201.58
N PHE Z 419 -32.11 34.57 200.85
CA PHE Z 419 -33.30 33.89 200.38
C PHE Z 419 -32.96 32.78 199.39
N SER Z 420 -32.00 33.03 198.50
CA SER Z 420 -31.58 32.00 197.54
C SER Z 420 -30.95 30.82 198.27
N ILE Z 421 -30.12 31.08 199.27
CA ILE Z 421 -29.50 30.00 200.04
C ILE Z 421 -30.57 29.19 200.76
N SER Z 422 -31.54 29.86 201.36
CA SER Z 422 -32.62 29.16 202.05
C SER Z 422 -33.44 28.30 201.09
N LYS Z 423 -33.73 28.84 199.90
CA LYS Z 423 -34.47 28.07 198.90
C LYS Z 423 -33.68 26.85 198.44
N ALA Z 424 -32.37 27.02 198.22
CA ALA Z 424 -31.53 25.90 197.81
C ALA Z 424 -31.48 24.82 198.89
N TYR Z 425 -31.38 25.24 200.16
CA TYR Z 425 -31.40 24.28 201.26
C TYR Z 425 -32.73 23.56 201.35
N MET Z 426 -33.84 24.27 201.14
CA MET Z 426 -35.16 23.67 201.19
C MET Z 426 -35.49 22.85 199.94
N GLN Z 427 -34.66 22.95 198.90
CA GLN Z 427 -34.91 22.16 197.69
C GLN Z 427 -34.82 20.66 197.95
N ASN Z 428 -34.16 20.25 199.02
CA ASN Z 428 -34.09 18.83 199.36
C ASN Z 428 -35.46 18.34 199.82
N PRO Z 429 -36.05 17.35 199.16
CA PRO Z 429 -37.38 16.86 199.60
C PRO Z 429 -37.37 16.22 200.97
N ASN Z 430 -36.22 15.78 201.47
CA ASN Z 430 -36.11 15.11 202.76
C ASN Z 430 -35.36 15.95 203.79
N ALA Z 431 -35.27 17.26 203.58
CA ALA Z 431 -34.58 18.14 204.51
C ALA Z 431 -35.50 18.45 205.69
N ILE Z 432 -35.11 17.99 206.87
CA ILE Z 432 -35.88 18.24 208.09
C ILE Z 432 -35.57 19.65 208.58
N ILE Z 433 -36.62 20.44 208.79
CA ILE Z 433 -36.49 21.83 209.22
C ILE Z 433 -36.93 21.92 210.67
N LEU Z 434 -36.06 22.45 211.52
CA LEU Z 434 -36.32 22.62 212.95
C LEU Z 434 -36.59 24.11 213.21
N CYS Z 435 -37.86 24.46 213.36
CA CYS Z 435 -38.25 25.84 213.60
C CYS Z 435 -38.10 26.20 215.07
N ILE Z 436 -37.44 27.32 215.34
CA ILE Z 436 -37.23 27.80 216.70
C ILE Z 436 -37.85 29.18 216.83
N GLN Z 437 -38.67 29.36 217.85
CA GLN Z 437 -39.35 30.63 218.11
C GLN Z 437 -38.91 31.17 219.47
N ASP Z 438 -39.55 32.26 219.90
CA ASP Z 438 -39.24 32.91 221.16
C ASP Z 438 -40.52 33.11 221.95
N GLY Z 439 -40.36 33.38 223.25
CA GLY Z 439 -41.52 33.61 224.09
C GLY Z 439 -42.29 34.85 223.70
N SER Z 440 -41.58 35.90 223.29
CA SER Z 440 -42.21 37.15 222.88
C SER Z 440 -42.63 37.14 221.41
N VAL Z 441 -42.33 36.09 220.67
CA VAL Z 441 -42.67 35.99 219.26
C VAL Z 441 -43.77 34.96 219.10
N ASP Z 442 -44.87 35.36 218.46
CA ASP Z 442 -46.00 34.46 218.24
C ASP Z 442 -45.69 33.47 217.13
N ALA Z 443 -46.54 32.45 217.02
CA ALA Z 443 -46.37 31.43 215.99
C ALA Z 443 -46.50 32.04 214.60
N GLU Z 444 -47.49 32.92 214.41
CA GLU Z 444 -47.67 33.56 213.10
C GLU Z 444 -46.59 34.59 212.81
N ARG Z 445 -45.95 35.14 213.85
CA ARG Z 445 -44.89 36.12 213.66
C ARG Z 445 -43.57 35.49 213.22
N SER Z 446 -43.45 34.16 213.28
CA SER Z 446 -42.22 33.48 212.88
C SER Z 446 -42.18 33.36 211.36
N ILE Z 447 -41.18 33.99 210.74
CA ILE Z 447 -41.04 33.92 209.29
C ILE Z 447 -40.70 32.51 208.84
N VAL Z 448 -39.88 31.80 209.62
CA VAL Z 448 -39.49 30.44 209.26
C VAL Z 448 -40.70 29.52 209.25
N THR Z 449 -41.57 29.65 210.27
CA THR Z 449 -42.76 28.81 210.32
C THR Z 449 -43.70 29.08 209.14
N ASP Z 450 -43.89 30.36 208.80
CA ASP Z 450 -44.74 30.70 207.66
C ASP Z 450 -44.15 30.17 206.36
N LEU Z 451 -42.82 30.28 206.19
CA LEU Z 451 -42.18 29.76 204.98
C LEU Z 451 -42.32 28.25 204.89
N VAL Z 452 -42.16 27.55 206.02
CA VAL Z 452 -42.31 26.10 206.03
C VAL Z 452 -43.75 25.72 205.67
N SER Z 453 -44.73 26.43 206.25
CA SER Z 453 -46.12 26.14 205.94
C SER Z 453 -46.43 26.38 204.48
N GLN Z 454 -45.91 27.47 203.90
CA GLN Z 454 -46.13 27.76 202.49
C GLN Z 454 -45.49 26.69 201.60
N MET Z 455 -44.26 26.28 201.93
CA MET Z 455 -43.57 25.28 201.12
C MET Z 455 -44.11 23.87 201.37
N ASP Z 456 -44.53 23.57 202.60
CA ASP Z 456 -45.03 22.24 202.97
C ASP Z 456 -46.37 22.40 203.66
N PRO Z 457 -47.45 22.60 202.89
CA PRO Z 457 -48.78 22.72 203.50
C PRO Z 457 -49.19 21.49 204.28
N HIS Z 458 -48.81 20.30 203.83
CA HIS Z 458 -49.18 19.08 204.55
C HIS Z 458 -48.40 18.95 205.85
N GLY Z 459 -47.10 19.21 205.81
CA GLY Z 459 -46.27 19.10 207.01
C GLY Z 459 -46.16 17.70 207.55
N ARG Z 460 -46.09 16.70 206.66
CA ARG Z 460 -45.96 15.30 207.09
C ARG Z 460 -44.56 14.95 207.57
N ARG Z 461 -43.55 15.76 207.25
CA ARG Z 461 -42.19 15.51 207.67
C ARG Z 461 -41.62 16.58 208.59
N THR Z 462 -42.33 17.69 208.79
CA THR Z 462 -41.88 18.76 209.67
C THR Z 462 -42.62 18.68 211.00
N ILE Z 463 -41.87 18.70 212.10
CA ILE Z 463 -42.43 18.62 213.44
C ILE Z 463 -42.15 19.94 214.15
N PHE Z 464 -43.20 20.57 214.66
CA PHE Z 464 -43.07 21.85 215.34
C PHE Z 464 -42.60 21.62 216.77
N VAL Z 465 -41.60 22.40 217.20
CA VAL Z 465 -41.07 22.35 218.56
C VAL Z 465 -41.23 23.72 219.18
N LEU Z 466 -41.84 23.77 220.36
CA LEU Z 466 -42.08 25.02 221.08
C LEU Z 466 -41.01 25.19 222.15
N THR Z 467 -40.33 26.33 222.12
CA THR Z 467 -39.25 26.63 223.06
C THR Z 467 -39.60 27.89 223.86
N LYS Z 468 -39.03 27.97 225.07
CA LYS Z 468 -39.24 29.09 225.98
C LYS Z 468 -40.73 29.29 226.28
N VAL Z 469 -41.36 28.21 226.77
CA VAL Z 469 -42.77 28.28 227.11
C VAL Z 469 -43.01 29.20 228.29
N ASP Z 470 -42.11 29.18 229.28
CA ASP Z 470 -42.29 30.01 230.47
C ASP Z 470 -42.26 31.49 230.12
N LEU Z 471 -41.36 31.90 229.22
CA LEU Z 471 -41.28 33.31 228.83
C LEU Z 471 -42.56 33.75 228.14
N ALA Z 472 -43.10 32.91 227.25
CA ALA Z 472 -44.37 33.25 226.59
C ALA Z 472 -45.51 33.32 227.60
N GLU Z 473 -45.54 32.38 228.55
CA GLU Z 473 -46.60 32.38 229.55
C GLU Z 473 -46.55 33.62 230.44
N LYS Z 474 -45.34 34.05 230.82
CA LYS Z 474 -45.20 35.22 231.68
C LYS Z 474 -45.57 36.52 230.97
N ASN Z 475 -45.67 36.50 229.64
CA ASN Z 475 -46.04 37.70 228.88
C ASN Z 475 -47.55 37.79 228.67
N VAL Z 476 -48.29 37.69 229.77
CA VAL Z 476 -49.76 37.72 229.84
C VAL Z 476 -50.41 37.11 228.60
N ALA Z 477 -49.90 35.96 228.16
CA ALA Z 477 -50.45 35.29 227.00
C ALA Z 477 -51.72 34.53 227.37
N SER Z 478 -52.52 34.20 226.36
CA SER Z 478 -53.74 33.45 226.55
C SER Z 478 -53.44 31.96 226.61
N PRO Z 479 -53.81 31.26 227.69
CA PRO Z 479 -53.55 29.82 227.74
C PRO Z 479 -54.28 29.03 226.68
N SER Z 480 -55.39 29.54 226.14
CA SER Z 480 -56.11 28.83 225.09
C SER Z 480 -55.25 28.69 223.83
N ARG Z 481 -54.53 29.75 223.47
CA ARG Z 481 -53.66 29.68 222.29
C ARG Z 481 -52.55 28.66 222.50
N ILE Z 482 -51.95 28.62 223.69
CA ILE Z 482 -50.90 27.65 223.98
C ILE Z 482 -51.45 26.24 223.92
N GLN Z 483 -52.64 26.02 224.48
CA GLN Z 483 -53.25 24.69 224.44
C GLN Z 483 -53.55 24.27 223.00
N GLN Z 484 -54.06 25.19 222.18
CA GLN Z 484 -54.33 24.87 220.78
C GLN Z 484 -53.06 24.55 220.02
N ILE Z 485 -51.98 25.30 220.29
CA ILE Z 485 -50.71 25.05 219.61
C ILE Z 485 -50.16 23.68 220.02
N ILE Z 486 -50.21 23.37 221.31
CA ILE Z 486 -49.72 22.08 221.78
C ILE Z 486 -50.57 20.94 221.23
N GLU Z 487 -51.89 21.10 221.28
CA GLU Z 487 -52.78 20.05 220.76
C GLU Z 487 -52.77 19.99 219.24
N GLY Z 488 -52.46 21.10 218.56
CA GLY Z 488 -52.40 21.11 217.11
C GLY Z 488 -53.72 21.46 216.46
N LYS Z 489 -54.46 22.39 217.07
CA LYS Z 489 -55.74 22.84 216.53
C LYS Z 489 -55.63 24.18 215.79
N LEU Z 490 -54.41 24.67 215.58
CA LEU Z 490 -54.20 25.94 214.90
C LEU Z 490 -53.33 25.83 213.67
N PHE Z 491 -52.31 24.99 213.69
CA PHE Z 491 -51.43 24.83 212.55
C PHE Z 491 -52.11 24.01 211.47
N PRO Z 492 -52.25 24.53 210.25
CA PRO Z 492 -52.89 23.72 209.18
C PRO Z 492 -52.13 22.45 208.84
N MET Z 493 -50.81 22.45 208.98
CA MET Z 493 -50.02 21.28 208.65
C MET Z 493 -50.30 20.14 209.63
N LYS Z 494 -50.24 18.92 209.12
CA LYS Z 494 -50.49 17.72 209.92
C LYS Z 494 -49.14 17.15 210.36
N ALA Z 495 -48.57 17.76 211.39
CA ALA Z 495 -47.29 17.32 211.92
C ALA Z 495 -47.45 16.02 212.68
N LEU Z 496 -46.34 15.27 212.78
CA LEU Z 496 -46.36 14.00 213.49
C LEU Z 496 -46.58 14.17 214.99
N GLY Z 497 -46.32 15.35 215.53
CA GLY Z 497 -46.52 15.59 216.94
C GLY Z 497 -46.13 17.01 217.29
N TYR Z 498 -46.43 17.38 218.54
CA TYR Z 498 -46.12 18.70 219.06
C TYR Z 498 -45.64 18.56 220.49
N PHE Z 499 -44.46 19.12 220.78
CA PHE Z 499 -43.88 19.07 222.12
C PHE Z 499 -43.45 20.47 222.54
N ALA Z 500 -43.70 20.80 223.80
CA ALA Z 500 -43.35 22.10 224.36
C ALA Z 500 -42.26 21.92 225.40
N VAL Z 501 -41.15 22.64 225.23
CA VAL Z 501 -40.00 22.55 226.12
C VAL Z 501 -39.57 23.97 226.51
N VAL Z 502 -38.82 24.05 227.60
CA VAL Z 502 -38.30 25.31 228.11
C VAL Z 502 -36.78 25.27 228.00
N THR Z 503 -36.21 26.26 227.33
CA THR Z 503 -34.77 26.36 227.12
C THR Z 503 -34.17 27.54 227.89
N GLY Z 504 -34.71 27.81 229.08
CA GLY Z 504 -34.23 28.90 229.89
C GLY Z 504 -34.79 30.24 229.47
N LYS Z 505 -34.27 31.29 230.10
CA LYS Z 505 -34.71 32.65 229.81
C LYS Z 505 -34.01 33.26 228.61
N GLY Z 506 -33.04 32.56 228.02
CA GLY Z 506 -32.32 33.07 226.86
C GLY Z 506 -31.24 34.07 227.18
N ASN Z 507 -30.90 34.25 228.46
CA ASN Z 507 -29.86 35.21 228.84
C ASN Z 507 -28.48 34.57 228.66
N SER Z 508 -27.43 35.29 229.06
CA SER Z 508 -26.06 34.82 228.94
C SER Z 508 -25.41 34.67 230.31
N SER Z 509 -26.20 34.36 231.34
CA SER Z 509 -25.67 34.19 232.68
C SER Z 509 -26.21 32.94 233.37
N GLU Z 510 -26.81 32.02 232.63
CA GLU Z 510 -27.36 30.79 233.18
C GLU Z 510 -26.58 29.61 232.59
N SER Z 511 -26.07 28.75 233.47
CA SER Z 511 -25.32 27.58 233.02
C SER Z 511 -26.25 26.54 232.41
N ILE Z 512 -25.65 25.60 231.67
CA ILE Z 512 -26.43 24.55 231.04
C ILE Z 512 -27.11 23.68 232.09
N GLU Z 513 -26.39 23.34 233.16
CA GLU Z 513 -26.97 22.52 234.21
C GLU Z 513 -28.13 23.22 234.89
N ALA Z 514 -27.99 24.52 235.15
CA ALA Z 514 -29.07 25.28 235.77
C ALA Z 514 -30.31 25.31 234.89
N ILE Z 515 -30.13 25.52 233.59
CA ILE Z 515 -31.26 25.54 232.66
C ILE Z 515 -31.91 24.17 232.59
N ARG Z 516 -31.11 23.11 232.57
CA ARG Z 516 -31.68 21.77 232.55
C ARG Z 516 -32.48 21.47 233.81
N GLU Z 517 -31.95 21.88 234.97
CA GLU Z 517 -32.67 21.67 236.22
C GLU Z 517 -33.97 22.47 236.25
N TYR Z 518 -33.93 23.71 235.76
CA TYR Z 518 -35.16 24.51 235.70
C TYR Z 518 -36.18 23.88 234.78
N GLU Z 519 -35.74 23.36 233.63
CA GLU Z 519 -36.67 22.70 232.70
C GLU Z 519 -37.26 21.45 233.34
N GLU Z 520 -36.44 20.67 234.04
CA GLU Z 520 -36.96 19.48 234.71
C GLU Z 520 -37.97 19.84 235.79
N GLU Z 521 -37.69 20.89 236.56
CA GLU Z 521 -38.62 21.33 237.59
C GLU Z 521 -39.94 21.80 236.97
N PHE Z 522 -39.85 22.55 235.86
CA PHE Z 522 -41.06 23.01 235.18
C PHE Z 522 -41.87 21.84 234.64
N PHE Z 523 -41.20 20.84 234.08
CA PHE Z 523 -41.91 19.66 233.59
C PHE Z 523 -42.57 18.89 234.73
N GLN Z 524 -41.88 18.76 235.87
CA GLN Z 524 -42.46 18.07 237.00
C GLN Z 524 -43.67 18.82 237.55
N ASN Z 525 -43.56 20.13 237.68
CA ASN Z 525 -44.64 20.97 238.19
C ASN Z 525 -44.87 22.12 237.21
N SER Z 526 -45.94 22.02 236.42
CA SER Z 526 -46.28 23.03 235.43
C SER Z 526 -47.67 23.58 235.70
N LYS Z 527 -47.85 24.87 235.40
CA LYS Z 527 -49.13 25.52 235.59
C LYS Z 527 -50.19 25.10 234.57
N LEU Z 528 -49.79 24.43 233.49
CA LEU Z 528 -50.71 23.98 232.47
C LEU Z 528 -51.04 22.49 232.55
N LEU Z 529 -50.11 21.68 233.07
CA LEU Z 529 -50.38 20.25 233.20
C LEU Z 529 -51.41 19.96 234.28
N LYS Z 530 -51.48 20.80 235.32
CA LYS Z 530 -52.43 20.60 236.40
C LYS Z 530 -53.85 20.97 236.00
N THR Z 531 -54.04 21.62 234.86
CA THR Z 531 -55.38 21.99 234.39
C THR Z 531 -56.03 20.92 233.54
N SER Z 532 -55.36 19.79 233.33
CA SER Z 532 -55.89 18.68 232.53
C SER Z 532 -56.27 19.14 231.12
N MET Z 533 -55.43 20.01 230.55
CA MET Z 533 -55.64 20.52 229.21
C MET Z 533 -54.57 20.09 228.22
N LEU Z 534 -53.57 19.32 228.66
CA LEU Z 534 -52.49 18.86 227.81
C LEU Z 534 -52.37 17.34 227.91
N LYS Z 535 -52.02 16.73 226.79
CA LYS Z 535 -51.88 15.28 226.73
C LYS Z 535 -50.70 14.81 227.57
N ALA Z 536 -50.88 13.68 228.25
CA ALA Z 536 -49.84 13.16 229.12
C ALA Z 536 -48.70 12.53 228.33
N HIS Z 537 -48.97 12.06 227.11
CA HIS Z 537 -47.95 11.41 226.29
C HIS Z 537 -47.13 12.39 225.47
N GLN Z 538 -47.43 13.68 225.55
CA GLN Z 538 -46.70 14.71 224.81
C GLN Z 538 -45.68 15.44 225.70
N VAL Z 539 -45.06 14.72 226.63
CA VAL Z 539 -44.08 15.31 227.53
C VAL Z 539 -42.69 14.80 227.19
N THR Z 540 -41.67 15.39 227.79
CA THR Z 540 -40.26 15.05 227.57
C THR Z 540 -39.88 15.14 226.09
N THR Z 541 -38.74 14.55 225.73
CA THR Z 541 -38.27 14.58 224.35
C THR Z 541 -37.72 13.24 223.87
N ARG Z 542 -37.75 12.20 224.68
CA ARG Z 542 -37.15 10.93 224.28
C ARG Z 542 -37.90 10.31 223.11
N ASN Z 543 -39.24 10.25 223.19
CA ASN Z 543 -40.02 9.66 222.11
C ASN Z 543 -39.89 10.47 220.82
N LEU Z 544 -39.94 11.79 220.94
CA LEU Z 544 -39.80 12.64 219.75
C LEU Z 544 -38.42 12.46 219.11
N SER Z 545 -37.37 12.41 219.94
CA SER Z 545 -36.03 12.21 219.40
C SER Z 545 -35.89 10.86 218.72
N LEU Z 546 -36.46 9.81 219.32
CA LEU Z 546 -36.39 8.48 218.72
C LEU Z 546 -37.14 8.45 217.38
N ALA Z 547 -38.33 9.06 217.33
CA ALA Z 547 -39.09 9.10 216.09
C ALA Z 547 -38.35 9.87 215.01
N VAL Z 548 -37.77 11.02 215.37
CA VAL Z 548 -37.02 11.82 214.41
C VAL Z 548 -35.81 11.04 213.89
N SER Z 549 -35.09 10.36 214.79
CA SER Z 549 -33.93 9.58 214.38
C SER Z 549 -34.34 8.44 213.44
N ASP Z 550 -35.43 7.74 213.76
CA ASP Z 550 -35.89 6.66 212.89
C ASP Z 550 -36.30 7.16 211.52
N CYS Z 551 -37.04 8.29 211.48
CA CYS Z 551 -37.45 8.86 210.21
C CYS Z 551 -36.23 9.30 209.38
N PHE Z 552 -35.26 9.93 210.04
CA PHE Z 552 -34.06 10.35 209.32
C PHE Z 552 -33.29 9.16 208.80
N TRP Z 553 -33.18 8.10 209.59
CA TRP Z 553 -32.45 6.91 209.14
C TRP Z 553 -33.15 6.25 207.95
N LYS Z 554 -34.48 6.11 208.00
CA LYS Z 554 -35.17 5.48 206.89
C LYS Z 554 -35.11 6.34 205.63
N MET Z 555 -35.25 7.66 205.78
CA MET Z 555 -35.21 8.52 204.60
C MET Z 555 -33.81 8.56 204.00
N VAL Z 556 -32.76 8.56 204.83
CA VAL Z 556 -31.41 8.56 204.29
C VAL Z 556 -31.08 7.20 203.67
N ARG Z 557 -31.63 6.11 204.20
CA ARG Z 557 -31.45 4.81 203.58
C ARG Z 557 -32.10 4.76 202.20
N GLU Z 558 -33.33 5.28 202.10
CA GLU Z 558 -33.99 5.34 200.78
C GLU Z 558 -33.21 6.23 199.82
N SER Z 559 -32.73 7.37 200.31
CA SER Z 559 -31.98 8.29 199.46
C SER Z 559 -30.69 7.66 198.95
N VAL Z 560 -29.96 6.96 199.82
CA VAL Z 560 -28.71 6.34 199.39
C VAL Z 560 -28.98 5.17 198.46
N GLU Z 561 -30.09 4.43 198.69
CA GLU Z 561 -30.45 3.36 197.77
C GLU Z 561 -30.74 3.90 196.37
N GLN Z 562 -31.47 5.03 196.29
CA GLN Z 562 -31.71 5.64 194.99
C GLN Z 562 -30.43 6.19 194.38
N GLN Z 563 -29.57 6.81 195.20
CA GLN Z 563 -28.36 7.43 194.68
C GLN Z 563 -27.34 6.41 194.21
N ALA Z 564 -27.35 5.19 194.78
CA ALA Z 564 -26.42 4.16 194.33
C ALA Z 564 -26.54 3.90 192.84
N ASP Z 565 -27.71 4.10 192.27
CA ASP Z 565 -27.91 4.02 190.82
C ASP Z 565 -27.95 5.39 190.15
N SER Z 566 -28.44 6.42 190.85
CA SER Z 566 -28.50 7.75 190.25
C SER Z 566 -27.11 8.27 189.92
N PHE Z 567 -26.15 8.11 190.84
CA PHE Z 567 -24.79 8.59 190.59
C PHE Z 567 -24.10 7.79 189.51
N LYS Z 568 -24.36 6.48 189.45
CA LYS Z 568 -23.80 5.66 188.36
C LYS Z 568 -24.35 6.13 187.02
N ALA Z 569 -25.65 6.40 186.94
CA ALA Z 569 -26.23 6.91 185.71
C ALA Z 569 -25.65 8.26 185.34
N THR Z 570 -25.46 9.15 186.33
CA THR Z 570 -24.88 10.46 186.06
C THR Z 570 -23.45 10.33 185.55
N ARG Z 571 -22.66 9.45 186.15
CA ARG Z 571 -21.29 9.24 185.68
C ARG Z 571 -21.26 8.69 184.26
N PHE Z 572 -22.15 7.73 183.97
CA PHE Z 572 -22.22 7.19 182.61
C PHE Z 572 -22.61 8.26 181.61
N ASN Z 573 -23.58 9.11 181.96
CA ASN Z 573 -23.99 10.18 181.06
C ASN Z 573 -22.86 11.18 180.85
N LEU Z 574 -22.12 11.53 181.90
CA LEU Z 574 -21.00 12.45 181.76
C LEU Z 574 -19.91 11.85 180.88
N GLU Z 575 -19.60 10.57 181.07
CA GLU Z 575 -18.60 9.92 180.23
C GLU Z 575 -19.04 9.88 178.76
N THR Z 576 -20.32 9.57 178.53
CA THR Z 576 -20.84 9.56 177.16
C THR Z 576 -20.76 10.95 176.54
N GLU Z 577 -21.11 11.99 177.30
CA GLU Z 577 -21.03 13.35 176.79
C GLU Z 577 -19.59 13.73 176.45
N TRP Z 578 -18.65 13.38 177.33
CA TRP Z 578 -17.25 13.69 177.06
C TRP Z 578 -16.75 12.96 175.82
N LYS Z 579 -17.12 11.69 175.66
CA LYS Z 579 -16.70 10.94 174.49
C LYS Z 579 -17.31 11.50 173.21
N ASN Z 580 -18.60 11.89 173.27
CA ASN Z 580 -19.27 12.39 172.08
C ASN Z 580 -18.74 13.75 171.67
N ASN Z 581 -18.51 14.65 172.63
CA ASN Z 581 -17.98 15.98 172.30
C ASN Z 581 -16.57 15.90 171.76
N TYR Z 582 -15.78 14.93 172.24
CA TYR Z 582 -14.39 14.76 171.83
C TYR Z 582 -14.16 13.32 171.41
N PRO Z 583 -14.62 12.94 170.21
CA PRO Z 583 -14.41 11.57 169.76
C PRO Z 583 -12.94 11.18 169.62
N ARG Z 584 -12.08 12.13 169.28
CA ARG Z 584 -10.66 11.86 169.09
C ARG Z 584 -9.81 12.33 170.26
N LEU Z 585 -10.42 12.82 171.33
CA LEU Z 585 -9.70 13.30 172.50
C LEU Z 585 -10.25 12.62 173.75
N ARG Z 586 -9.36 12.08 174.57
CA ARG Z 586 -9.74 11.42 175.81
C ARG Z 586 -9.75 12.44 176.94
N GLU Z 587 -9.85 11.95 178.19
CA GLU Z 587 -9.90 12.84 179.34
C GLU Z 587 -8.63 13.69 179.43
N LEU Z 588 -8.82 14.99 179.63
CA LEU Z 588 -7.72 15.95 179.72
C LEU Z 588 -7.91 16.78 180.98
N ASP Z 589 -7.35 16.33 182.09
CA ASP Z 589 -7.44 17.04 183.36
C ASP Z 589 -6.30 18.05 183.47
N ARG Z 590 -6.21 18.69 184.64
CA ARG Z 590 -5.20 19.73 184.83
C ARG Z 590 -3.79 19.16 184.74
N ASN Z 591 -3.55 18.00 185.36
CA ASN Z 591 -2.20 17.45 185.41
C ASN Z 591 -1.72 17.05 184.02
N GLU Z 592 -2.54 16.29 183.28
CA GLU Z 592 -2.13 15.85 181.95
C GLU Z 592 -1.95 17.01 181.00
N LEU Z 593 -2.86 18.00 181.05
CA LEU Z 593 -2.74 19.15 180.17
C LEU Z 593 -1.51 19.98 180.52
N PHE Z 594 -1.22 20.15 181.81
CA PHE Z 594 -0.01 20.88 182.20
C PHE Z 594 1.25 20.15 181.74
N GLU Z 595 1.27 18.83 181.88
CA GLU Z 595 2.43 18.06 181.42
C GLU Z 595 2.58 18.16 179.91
N LYS Z 596 1.48 18.11 179.17
CA LYS Z 596 1.54 18.25 177.71
C LYS Z 596 2.03 19.63 177.32
N ALA Z 597 1.58 20.67 178.02
CA ALA Z 597 2.06 22.02 177.73
C ALA Z 597 3.55 22.15 178.02
N LYS Z 598 4.01 21.56 179.13
CA LYS Z 598 5.43 21.58 179.44
C LYS Z 598 6.24 20.87 178.36
N ASN Z 599 5.76 19.70 177.91
CA ASN Z 599 6.45 18.96 176.86
C ASN Z 599 6.48 19.75 175.56
N GLU Z 600 5.38 20.42 175.21
CA GLU Z 600 5.34 21.23 174.00
C GLU Z 600 6.31 22.40 174.10
N ILE Z 601 6.40 23.03 175.28
CA ILE Z 601 7.36 24.12 175.47
C ILE Z 601 8.78 23.61 175.32
N LEU Z 602 9.07 22.44 175.90
CA LEU Z 602 10.41 21.87 175.77
C LEU Z 602 10.74 21.55 174.32
N ASP Z 603 9.77 21.00 173.58
CA ASP Z 603 9.99 20.71 172.16
C ASP Z 603 10.22 21.98 171.36
N GLU Z 604 9.47 23.03 171.66
CA GLU Z 604 9.67 24.31 170.97
C GLU Z 604 11.05 24.88 171.27
N VAL Z 605 11.50 24.79 172.52
CA VAL Z 605 12.83 25.26 172.88
C VAL Z 605 13.89 24.46 172.16
N ILE Z 606 13.71 23.13 172.07
CA ILE Z 606 14.65 22.29 171.37
C ILE Z 606 14.72 22.67 169.90
N SER Z 607 13.57 22.88 169.27
CA SER Z 607 13.53 23.28 167.87
C SER Z 607 14.20 24.63 167.67
N LEU Z 608 13.97 25.57 168.58
CA LEU Z 608 14.62 26.88 168.51
C LEU Z 608 16.13 26.75 168.61
N SER Z 609 16.61 25.89 169.51
CA SER Z 609 18.05 25.70 169.65
C SER Z 609 18.65 24.95 168.47
N GLN Z 610 17.84 24.17 167.76
CA GLN Z 610 18.32 23.35 166.65
C GLN Z 610 18.35 24.08 165.32
N VAL Z 611 17.88 25.33 165.27
CA VAL Z 611 17.91 26.09 164.02
C VAL Z 611 19.35 26.39 163.65
N THR Z 612 19.65 26.30 162.35
CA THR Z 612 20.99 26.55 161.85
C THR Z 612 21.42 27.99 162.15
N PRO Z 613 22.60 28.19 162.74
CA PRO Z 613 23.03 29.57 163.06
C PRO Z 613 23.17 30.46 161.85
N LYS Z 614 23.43 29.89 160.67
CA LYS Z 614 23.61 30.71 159.48
C LYS Z 614 22.34 31.48 159.13
N HIS Z 615 21.19 30.82 159.23
CA HIS Z 615 19.93 31.51 158.97
C HIS Z 615 19.70 32.63 159.97
N TRP Z 616 20.02 32.38 161.24
CA TRP Z 616 19.91 33.45 162.24
C TRP Z 616 20.80 34.62 161.89
N GLU Z 617 22.04 34.35 161.50
CA GLU Z 617 22.95 35.44 161.14
C GLU Z 617 22.44 36.23 159.95
N GLU Z 618 21.94 35.53 158.92
CA GLU Z 618 21.42 36.22 157.75
C GLU Z 618 20.21 37.08 158.11
N ILE Z 619 19.28 36.54 158.90
CA ILE Z 619 18.09 37.27 159.28
C ILE Z 619 18.45 38.50 160.10
N LEU Z 620 19.35 38.33 161.07
CA LEU Z 620 19.76 39.45 161.91
C LEU Z 620 20.46 40.52 161.10
N GLN Z 621 21.35 40.13 160.19
CA GLN Z 621 22.04 41.10 159.36
C GLN Z 621 21.07 41.87 158.48
N GLN Z 622 20.13 41.16 157.84
CA GLN Z 622 19.17 41.83 156.97
C GLN Z 622 18.29 42.79 157.75
N SER Z 623 17.79 42.35 158.91
CA SER Z 623 16.92 43.20 159.72
C SER Z 623 17.67 44.42 160.23
N LEU Z 624 18.90 44.23 160.71
CA LEU Z 624 19.69 45.36 161.21
C LEU Z 624 20.00 46.35 160.09
N TRP Z 625 20.37 45.85 158.91
CA TRP Z 625 20.66 46.73 157.79
C TRP Z 625 19.42 47.53 157.38
N GLU Z 626 18.26 46.86 157.30
CA GLU Z 626 17.03 47.56 156.95
C GLU Z 626 16.67 48.59 158.01
N ARG Z 627 16.99 48.31 159.28
CA ARG Z 627 16.65 49.24 160.34
C ARG Z 627 17.57 50.46 160.34
N VAL Z 628 18.86 50.27 160.09
CA VAL Z 628 19.83 51.34 160.26
C VAL Z 628 20.21 51.99 158.93
N SER Z 629 19.59 51.58 157.82
CA SER Z 629 19.90 52.22 156.54
C SER Z 629 19.59 53.71 156.58
N THR Z 630 18.39 54.06 157.07
CA THR Z 630 18.00 55.46 157.13
C THR Z 630 18.90 56.23 158.09
N HIS Z 631 19.22 55.63 159.24
CA HIS Z 631 20.09 56.30 160.21
C HIS Z 631 21.47 56.57 159.62
N VAL Z 632 22.04 55.57 158.94
CA VAL Z 632 23.35 55.74 158.31
C VAL Z 632 23.29 56.81 157.24
N ILE Z 633 22.24 56.80 156.42
CA ILE Z 633 22.13 57.81 155.36
C ILE Z 633 22.06 59.21 155.95
N GLU Z 634 21.16 59.42 156.91
CA GLU Z 634 20.96 60.73 157.49
C GLU Z 634 22.11 61.18 158.39
N ASN Z 635 22.96 60.26 158.84
CA ASN Z 635 24.11 60.63 159.65
C ASN Z 635 25.41 60.71 158.87
N ILE Z 636 25.42 60.25 157.62
CA ILE Z 636 26.65 60.30 156.82
C ILE Z 636 26.48 61.24 155.64
N TYR Z 637 25.50 60.97 154.77
CA TYR Z 637 25.38 61.75 153.54
C TYR Z 637 24.82 63.14 153.80
N LEU Z 638 23.94 63.29 154.78
CA LEU Z 638 23.37 64.61 155.07
C LEU Z 638 24.43 65.63 155.48
N PRO Z 639 25.36 65.34 156.39
CA PRO Z 639 26.43 66.34 156.64
C PRO Z 639 27.42 66.45 155.50
N ALA Z 640 27.83 65.31 154.94
CA ALA Z 640 28.82 65.30 153.84
C ALA Z 640 28.11 65.26 152.49
N ALA Z 641 27.28 66.28 152.25
CA ALA Z 641 26.49 66.36 151.03
C ALA Z 641 27.19 67.12 149.91
N GLN Z 642 28.36 67.72 150.18
CA GLN Z 642 29.07 68.49 149.16
C GLN Z 642 30.55 68.10 149.07
N THR Z 643 30.92 66.93 149.59
CA THR Z 643 32.29 66.49 149.50
C THR Z 643 32.67 66.14 148.07
N MET Z 644 33.87 66.54 147.66
CA MET Z 644 34.38 66.26 146.33
C MET Z 644 35.42 65.16 146.31
N ASN Z 645 36.39 65.20 147.21
CA ASN Z 645 37.42 64.17 147.28
C ASN Z 645 36.89 62.94 147.97
N SER Z 646 37.21 61.76 147.41
CA SER Z 646 36.76 60.51 148.01
C SER Z 646 37.45 60.25 149.34
N GLY Z 647 38.69 60.72 149.50
CA GLY Z 647 39.39 60.50 150.76
C GLY Z 647 38.75 61.20 151.93
N THR Z 648 38.30 62.45 151.73
CA THR Z 648 37.62 63.17 152.80
C THR Z 648 36.30 62.48 153.16
N PHE Z 649 35.57 62.01 152.15
CA PHE Z 649 34.32 61.30 152.42
C PHE Z 649 34.58 60.01 153.21
N ASN Z 650 35.62 59.27 152.83
CA ASN Z 650 35.95 58.04 153.56
C ASN Z 650 36.36 58.35 155.00
N THR Z 651 37.14 59.42 155.20
CA THR Z 651 37.53 59.81 156.56
C THR Z 651 36.31 60.18 157.39
N THR Z 652 35.38 60.94 156.80
CA THR Z 652 34.16 61.30 157.52
C THR Z 652 33.34 60.06 157.86
N VAL Z 653 33.25 59.11 156.92
CA VAL Z 653 32.53 57.88 157.17
C VAL Z 653 33.15 57.11 158.33
N ASP Z 654 34.48 57.01 158.34
CA ASP Z 654 35.17 56.31 159.41
C ASP Z 654 34.95 57.00 160.75
N ILE Z 655 35.01 58.33 160.76
CA ILE Z 655 34.79 59.08 162.01
C ILE Z 655 33.38 58.83 162.54
N LYS Z 656 32.38 58.90 161.64
CA LYS Z 656 31.01 58.68 162.06
C LYS Z 656 30.79 57.26 162.56
N LEU Z 657 31.40 56.27 161.89
CA LEU Z 657 31.26 54.89 162.32
C LEU Z 657 31.90 54.68 163.69
N LYS Z 658 33.08 55.26 163.91
CA LYS Z 658 33.73 55.12 165.21
C LYS Z 658 32.91 55.79 166.31
N GLN Z 659 32.36 56.97 166.02
CA GLN Z 659 31.53 57.66 167.01
C GLN Z 659 30.29 56.85 167.33
N TRP Z 660 29.64 56.26 166.32
CA TRP Z 660 28.45 55.45 166.55
C TRP Z 660 28.80 54.21 167.37
N THR Z 661 29.91 53.54 167.05
CA THR Z 661 30.31 52.37 167.81
C THR Z 661 30.60 52.73 169.26
N ASP Z 662 31.24 53.87 169.49
CA ASP Z 662 31.56 54.27 170.86
C ASP Z 662 30.31 54.67 171.64
N LYS Z 663 29.36 55.34 170.99
CA LYS Z 663 28.26 55.96 171.72
C LYS Z 663 27.14 54.97 172.06
N GLN Z 664 26.46 54.44 171.03
CA GLN Z 664 25.25 53.67 171.30
C GLN Z 664 25.05 52.47 170.37
N LEU Z 665 25.99 52.18 169.46
CA LEU Z 665 25.78 51.08 168.53
C LEU Z 665 25.62 49.72 169.22
N PRO Z 666 26.45 49.34 170.21
CA PRO Z 666 26.20 48.06 170.89
C PRO Z 666 24.83 47.98 171.54
N ASN Z 667 24.35 49.09 172.13
CA ASN Z 667 23.03 49.09 172.75
C ASN Z 667 21.94 48.87 171.71
N LYS Z 668 22.06 49.55 170.56
CA LYS Z 668 21.08 49.37 169.50
C LYS Z 668 21.10 47.94 168.96
N ALA Z 669 22.30 47.37 168.80
CA ALA Z 669 22.40 45.99 168.34
C ALA Z 669 21.77 45.03 169.33
N VAL Z 670 22.01 45.23 170.63
CA VAL Z 670 21.41 44.38 171.64
C VAL Z 670 19.90 44.49 171.62
N GLU Z 671 19.38 45.72 171.51
CA GLU Z 671 17.93 45.91 171.45
C GLU Z 671 17.33 45.24 170.22
N VAL Z 672 17.99 45.36 169.08
CA VAL Z 672 17.48 44.74 167.85
C VAL Z 672 17.48 43.22 167.98
N ALA Z 673 18.56 42.66 168.53
CA ALA Z 673 18.63 41.21 168.72
C ALA Z 673 17.54 40.73 169.67
N TRP Z 674 17.32 41.46 170.77
CA TRP Z 674 16.28 41.07 171.72
C TRP Z 674 14.90 41.16 171.10
N GLU Z 675 14.66 42.21 170.30
CA GLU Z 675 13.36 42.33 169.63
C GLU Z 675 13.14 41.21 168.64
N THR Z 676 14.18 40.85 167.87
CA THR Z 676 14.05 39.74 166.93
C THR Z 676 13.80 38.43 167.66
N LEU Z 677 14.49 38.19 168.78
CA LEU Z 677 14.24 36.99 169.56
C LEU Z 677 12.82 36.95 170.09
N GLN Z 678 12.32 38.09 170.57
CA GLN Z 678 10.94 38.15 171.03
C GLN Z 678 9.96 37.87 169.91
N GLU Z 679 10.21 38.42 168.73
CA GLU Z 679 9.32 38.18 167.58
C GLU Z 679 9.32 36.71 167.20
N GLU Z 680 10.50 36.08 167.16
CA GLU Z 680 10.57 34.66 166.84
C GLU Z 680 9.85 33.82 167.88
N PHE Z 681 10.03 34.14 169.16
CA PHE Z 681 9.35 33.40 170.22
C PHE Z 681 7.84 33.56 170.12
N SER Z 682 7.36 34.79 169.84
CA SER Z 682 5.93 35.01 169.70
C SER Z 682 5.37 34.26 168.50
N ARG Z 683 6.09 34.25 167.38
CA ARG Z 683 5.61 33.53 166.20
C ARG Z 683 5.57 32.03 166.46
N PHE Z 684 6.57 31.50 167.16
CA PHE Z 684 6.56 30.08 167.51
C PHE Z 684 5.42 29.75 168.46
N MET Z 685 5.16 30.62 169.44
CA MET Z 685 4.06 30.37 170.37
C MET Z 685 2.71 30.42 169.68
N THR Z 686 2.53 31.37 168.77
CA THR Z 686 1.28 31.53 168.02
C THR Z 686 1.55 31.15 166.56
N GLU Z 687 1.40 29.86 166.28
CA GLU Z 687 1.65 29.30 164.95
C GLU Z 687 0.41 28.53 164.52
N PRO Z 688 -0.57 29.22 163.94
CA PRO Z 688 -1.85 28.56 163.58
C PRO Z 688 -1.76 27.74 162.30
N LYS Z 689 -0.75 26.87 162.24
CA LYS Z 689 -0.65 25.95 161.11
C LYS Z 689 -1.82 24.97 161.09
N GLY Z 690 -2.23 24.48 162.25
CA GLY Z 690 -3.36 23.57 162.30
C GLY Z 690 -4.67 24.28 162.00
N LYS Z 691 -5.62 23.50 161.48
CA LYS Z 691 -6.92 24.06 161.11
C LYS Z 691 -7.76 24.42 162.32
N GLU Z 692 -7.47 23.85 163.49
CA GLU Z 692 -8.26 24.14 164.68
C GLU Z 692 -7.64 25.28 165.48
N HIS Z 693 -6.39 25.09 165.92
CA HIS Z 693 -5.65 26.09 166.68
C HIS Z 693 -6.46 26.62 167.87
N ASP Z 694 -6.76 25.70 168.78
CA ASP Z 694 -7.53 26.02 169.97
C ASP Z 694 -6.84 27.12 170.77
N ASP Z 695 -7.62 28.12 171.18
CA ASP Z 695 -7.09 29.27 171.89
C ASP Z 695 -6.86 29.02 173.38
N ILE Z 696 -7.38 27.92 173.92
CA ILE Z 696 -7.18 27.62 175.33
C ILE Z 696 -5.70 27.42 175.63
N PHE Z 697 -5.00 26.67 174.77
CA PHE Z 697 -3.56 26.52 174.94
C PHE Z 697 -2.82 27.78 174.52
N ASP Z 698 -3.37 28.51 173.54
CA ASP Z 698 -2.71 29.73 173.06
C ASP Z 698 -2.62 30.79 174.14
N LYS Z 699 -3.68 30.96 174.94
CA LYS Z 699 -3.65 31.94 176.01
C LYS Z 699 -2.58 31.60 177.04
N LEU Z 700 -2.48 30.32 177.41
CA LEU Z 700 -1.45 29.89 178.36
C LEU Z 700 -0.06 30.10 177.78
N LYS Z 701 0.12 29.80 176.49
CA LYS Z 701 1.42 30.00 175.85
C LYS Z 701 1.79 31.48 175.84
N GLU Z 702 0.84 32.36 175.54
CA GLU Z 702 1.11 33.79 175.55
C GLU Z 702 1.44 34.28 176.96
N ALA Z 703 0.73 33.78 177.96
CA ALA Z 703 1.02 34.17 179.34
C ALA Z 703 2.42 33.73 179.74
N VAL Z 704 2.80 32.50 179.39
CA VAL Z 704 4.14 32.01 179.70
C VAL Z 704 5.20 32.83 178.98
N LYS Z 705 4.94 33.18 177.71
CA LYS Z 705 5.87 34.00 176.96
C LYS Z 705 6.05 35.37 177.60
N GLU Z 706 4.95 35.99 178.03
CA GLU Z 706 5.05 37.30 178.68
C GLU Z 706 5.81 37.20 179.99
N GLU Z 707 5.56 36.15 180.77
CA GLU Z 707 6.27 35.96 182.03
C GLU Z 707 7.76 35.76 181.79
N SER Z 708 8.12 34.97 180.78
CA SER Z 708 9.53 34.75 180.47
C SER Z 708 10.19 36.04 180.00
N ILE Z 709 9.48 36.84 179.18
CA ILE Z 709 10.03 38.10 178.70
C ILE Z 709 10.27 39.05 179.86
N LYS Z 710 9.30 39.14 180.78
CA LYS Z 710 9.46 40.03 181.93
C LYS Z 710 10.55 39.55 182.87
N ARG Z 711 10.72 38.23 183.00
CA ARG Z 711 11.72 37.67 183.90
C ARG Z 711 13.10 37.58 183.27
N HIS Z 712 13.22 37.80 181.97
CA HIS Z 712 14.50 37.68 181.30
C HIS Z 712 15.47 38.75 181.78
N LYS Z 713 16.74 38.39 181.88
CA LYS Z 713 17.80 39.27 182.34
C LYS Z 713 18.93 39.31 181.33
N TRP Z 714 19.72 40.38 181.38
CA TRP Z 714 20.85 40.57 180.47
C TRP Z 714 22.12 40.82 181.27
N ASN Z 715 23.25 40.45 180.68
CA ASN Z 715 24.55 40.57 181.33
C ASN Z 715 25.35 41.70 180.68
N ASP Z 716 25.88 42.60 181.50
CA ASP Z 716 26.67 43.71 180.97
C ASP Z 716 28.00 43.24 180.41
N PHE Z 717 28.51 42.10 180.88
CA PHE Z 717 29.74 41.55 180.31
C PHE Z 717 29.55 41.19 178.85
N ALA Z 718 28.38 40.65 178.50
CA ALA Z 718 28.08 40.37 177.10
C ALA Z 718 28.06 41.65 176.27
N GLU Z 719 27.49 42.73 176.84
CA GLU Z 719 27.49 44.01 176.12
C GLU Z 719 28.90 44.53 175.91
N ASP Z 720 29.76 44.42 176.93
CA ASP Z 720 31.13 44.87 176.78
C ASP Z 720 31.89 44.05 175.75
N SER Z 721 31.68 42.73 175.75
CA SER Z 721 32.31 41.87 174.75
C SER Z 721 31.83 42.22 173.35
N LEU Z 722 30.52 42.48 173.21
CA LEU Z 722 29.98 42.88 171.91
C LEU Z 722 30.59 44.19 171.44
N ARG Z 723 30.73 45.17 172.34
CA ARG Z 723 31.34 46.44 171.98
C ARG Z 723 32.79 46.25 171.54
N VAL Z 724 33.54 45.42 172.29
CA VAL Z 724 34.94 45.18 171.95
C VAL Z 724 35.05 44.51 170.59
N ILE Z 725 34.20 43.52 170.32
CA ILE Z 725 34.27 42.80 169.04
C ILE Z 725 33.84 43.72 167.90
N GLN Z 726 32.84 44.57 168.12
CA GLN Z 726 32.43 45.51 167.10
C GLN Z 726 33.55 46.49 166.77
N HIS Z 727 34.25 46.98 167.79
CA HIS Z 727 35.38 47.86 167.54
C HIS Z 727 36.51 47.14 166.83
N ASN Z 728 36.77 45.88 167.17
CA ASN Z 728 37.87 45.15 166.55
C ASN Z 728 37.53 44.66 165.15
N ALA Z 729 36.25 44.62 164.78
CA ALA Z 729 35.85 44.13 163.48
C ALA Z 729 36.16 45.13 162.37
N LEU Z 730 37.44 45.34 162.11
CA LEU Z 730 37.90 46.22 161.02
C LEU Z 730 39.00 45.51 160.24
N GLU Z 731 38.75 44.25 159.88
CA GLU Z 731 39.76 43.40 159.26
C GLU Z 731 39.93 43.68 157.77
N ASP Z 732 38.88 43.48 156.98
CA ASP Z 732 38.96 43.63 155.54
C ASP Z 732 38.48 45.00 155.10
N ARG Z 733 39.21 45.60 154.14
CA ARG Z 733 38.88 46.91 153.64
C ARG Z 733 38.90 47.02 152.12
N SER Z 734 39.23 45.95 151.39
CA SER Z 734 39.28 46.01 149.93
C SER Z 734 38.76 44.70 149.36
N ILE Z 735 38.32 44.76 148.10
CA ILE Z 735 37.80 43.61 147.39
C ILE Z 735 38.83 43.18 146.36
N SER Z 736 39.24 41.91 146.42
CA SER Z 736 40.18 41.35 145.44
C SER Z 736 39.54 40.23 144.62
N ASP Z 737 38.22 40.10 144.67
CA ASP Z 737 37.50 39.06 143.96
C ASP Z 737 36.49 39.69 143.01
N LYS Z 738 36.49 39.24 141.76
CA LYS Z 738 35.51 39.73 140.80
C LYS Z 738 34.09 39.37 141.20
N GLN Z 739 33.89 38.14 141.69
CA GLN Z 739 32.56 37.71 142.11
C GLN Z 739 32.06 38.51 143.31
N GLN Z 740 32.93 38.76 144.28
CA GLN Z 740 32.55 39.59 145.43
C GLN Z 740 32.25 41.02 144.99
N TRP Z 741 33.03 41.54 144.04
CA TRP Z 741 32.76 42.88 143.51
C TRP Z 741 31.39 42.93 142.83
N ASP Z 742 31.06 41.91 142.05
CA ASP Z 742 29.75 41.88 141.39
C ASP Z 742 28.63 41.76 142.41
N ALA Z 743 28.82 40.95 143.46
CA ALA Z 743 27.80 40.83 144.50
C ALA Z 743 27.59 42.15 145.22
N ALA Z 744 28.68 42.86 145.53
CA ALA Z 744 28.55 44.16 146.16
C ALA Z 744 27.86 45.15 145.24
N ILE Z 745 28.17 45.10 143.94
CA ILE Z 745 27.50 45.97 142.98
C ILE Z 745 26.00 45.69 142.95
N TYR Z 746 25.62 44.41 142.95
CA TYR Z 746 24.21 44.07 142.91
C TYR Z 746 23.49 44.50 144.18
N PHE Z 747 24.13 44.32 145.34
CA PHE Z 747 23.51 44.75 146.59
C PHE Z 747 23.34 46.27 146.63
N MET Z 748 24.37 47.01 146.19
CA MET Z 748 24.29 48.46 146.14
C MET Z 748 23.21 48.92 145.16
N GLU Z 749 23.10 48.22 144.01
CA GLU Z 749 22.05 48.55 143.05
C GLU Z 749 20.67 48.31 143.63
N GLU Z 750 20.49 47.22 144.36
CA GLU Z 750 19.21 46.95 145.01
C GLU Z 750 18.87 48.04 146.03
N ALA Z 751 19.85 48.41 146.85
CA ALA Z 751 19.61 49.45 147.85
C ALA Z 751 19.27 50.79 147.19
N LEU Z 752 20.00 51.14 146.13
CA LEU Z 752 19.74 52.42 145.46
C LEU Z 752 18.41 52.40 144.74
N GLN Z 753 18.00 51.25 144.19
CA GLN Z 753 16.68 51.15 143.58
C GLN Z 753 15.58 51.28 144.62
N ALA Z 754 15.77 50.70 145.81
CA ALA Z 754 14.80 50.87 146.89
C ALA Z 754 14.70 52.34 147.29
N ARG Z 755 15.85 53.01 147.42
CA ARG Z 755 15.85 54.43 147.76
C ARG Z 755 15.17 55.26 146.68
N LEU Z 756 15.41 54.93 145.42
CA LEU Z 756 14.77 55.64 144.32
C LEU Z 756 13.27 55.45 144.34
N LYS Z 757 12.81 54.22 144.63
CA LYS Z 757 11.38 53.98 144.73
C LYS Z 757 10.76 54.76 145.89
N ASP Z 758 11.45 54.81 147.03
CA ASP Z 758 10.95 55.61 148.15
C ASP Z 758 10.86 57.08 147.79
N THR Z 759 11.89 57.61 147.11
CA THR Z 759 11.88 59.00 146.68
C THR Z 759 10.76 59.28 145.69
N GLU Z 760 10.53 58.34 144.77
CA GLU Z 760 9.43 58.50 143.81
C GLU Z 760 8.08 58.51 144.52
N ASN Z 761 7.91 57.62 145.51
CA ASN Z 761 6.67 57.62 146.27
C ASN Z 761 6.47 58.93 147.02
N ALA Z 762 7.55 59.45 147.63
CA ALA Z 762 7.44 60.73 148.33
C ALA Z 762 7.09 61.86 147.37
N ILE Z 763 7.71 61.88 146.19
CA ILE Z 763 7.43 62.91 145.21
C ILE Z 763 5.98 62.82 144.73
N GLU Z 764 5.50 61.60 144.48
CA GLU Z 764 4.12 61.42 144.04
C GLU Z 764 3.14 61.86 145.13
N ASN Z 765 3.45 61.56 146.39
CA ASN Z 765 2.60 62.02 147.49
C ASN Z 765 2.59 63.55 147.55
N MET Z 766 3.75 64.17 147.36
CA MET Z 766 3.84 65.63 147.42
C MET Z 766 3.08 66.29 146.27
N VAL Z 767 3.17 65.71 145.07
CA VAL Z 767 2.62 66.36 143.88
C VAL Z 767 1.44 65.58 143.32
N GLY Z 768 1.67 64.34 142.90
CA GLY Z 768 0.64 63.54 142.29
C GLY Z 768 1.06 62.98 140.94
N PRO Z 769 0.10 62.83 140.03
CA PRO Z 769 0.43 62.30 138.70
C PRO Z 769 1.42 63.21 137.96
N ASP Z 770 2.35 62.58 137.25
CA ASP Z 770 3.41 63.28 136.54
C ASP Z 770 3.56 62.71 135.13
N TRP Z 771 3.80 63.60 134.16
CA TRP Z 771 4.11 63.23 132.78
C TRP Z 771 2.94 62.43 132.21
N LYS Z 772 3.14 61.18 131.80
CA LYS Z 772 2.09 60.39 131.15
C LYS Z 772 0.90 60.19 132.06
N LYS Z 773 1.16 59.95 133.36
CA LYS Z 773 0.06 59.76 134.30
C LYS Z 773 -0.79 61.02 134.41
N ARG Z 774 -0.15 62.19 134.44
CA ARG Z 774 -0.89 63.44 134.57
C ARG Z 774 -1.64 63.78 133.29
N TRP Z 775 -1.01 63.60 132.13
CA TRP Z 775 -1.61 63.97 130.86
C TRP Z 775 -2.49 62.89 130.26
N LEU Z 776 -2.62 61.73 130.91
CA LEU Z 776 -3.50 60.68 130.40
C LEU Z 776 -4.94 61.13 130.37
N TYR Z 777 -5.39 61.80 131.43
CA TYR Z 777 -6.76 62.31 131.47
C TYR Z 777 -6.91 63.53 130.56
N TRP Z 778 -5.92 64.43 130.58
CA TRP Z 778 -5.84 65.65 129.79
C TRP Z 778 -6.89 66.68 130.21
N LYS Z 779 -7.77 66.37 131.16
CA LYS Z 779 -8.78 67.31 131.62
C LYS Z 779 -8.76 67.53 133.12
N ASN Z 780 -7.92 66.82 133.87
CA ASN Z 780 -7.81 66.96 135.32
C ASN Z 780 -6.57 67.77 135.66
N ARG Z 781 -6.77 68.97 136.19
CA ARG Z 781 -5.66 69.84 136.57
C ARG Z 781 -5.99 70.53 137.89
N THR Z 782 -4.96 70.67 138.72
CA THR Z 782 -5.08 71.32 140.02
C THR Z 782 -4.00 72.39 140.13
N GLN Z 783 -4.36 73.53 140.72
CA GLN Z 783 -3.41 74.63 140.84
C GLN Z 783 -2.25 74.25 141.76
N GLU Z 784 -2.52 73.46 142.80
CA GLU Z 784 -1.46 73.07 143.73
C GLU Z 784 -0.41 72.20 143.04
N GLN Z 785 -0.86 71.18 142.30
CA GLN Z 785 0.08 70.33 141.57
C GLN Z 785 0.69 71.04 140.38
N CYS Z 786 -0.02 72.02 139.78
CA CYS Z 786 0.57 72.78 138.70
C CYS Z 786 1.75 73.61 139.18
N VAL Z 787 1.64 74.20 140.38
CA VAL Z 787 2.74 74.96 140.95
C VAL Z 787 3.95 74.06 141.18
N HIS Z 788 3.71 72.85 141.72
CA HIS Z 788 4.80 71.91 141.95
C HIS Z 788 5.44 71.49 140.63
N ASN Z 789 4.63 71.25 139.60
CA ASN Z 789 5.16 70.88 138.29
C ASN Z 789 6.01 71.99 137.71
N GLU Z 790 5.56 73.25 137.82
CA GLU Z 790 6.33 74.37 137.32
C GLU Z 790 7.64 74.53 138.07
N THR Z 791 7.61 74.34 139.40
CA THR Z 791 8.85 74.41 140.18
C THR Z 791 9.80 73.30 139.78
N LYS Z 792 9.28 72.09 139.56
CA LYS Z 792 10.12 70.98 139.14
C LYS Z 792 10.75 71.24 137.77
N ASN Z 793 9.96 71.80 136.84
CA ASN Z 793 10.50 72.12 135.52
C ASN Z 793 11.57 73.20 135.61
N GLU Z 794 11.35 74.22 136.44
CA GLU Z 794 12.34 75.28 136.60
C GLU Z 794 13.63 74.73 137.19
N LEU Z 795 13.52 73.86 138.20
CA LEU Z 795 14.72 73.28 138.80
C LEU Z 795 15.45 72.36 137.82
N GLU Z 796 14.69 71.61 137.01
CA GLU Z 796 15.32 70.76 136.00
C GLU Z 796 16.07 71.60 134.97
N LYS Z 797 15.47 72.72 134.54
CA LYS Z 797 16.15 73.61 133.60
C LYS Z 797 17.40 74.22 134.24
N MET Z 798 17.31 74.58 135.52
CA MET Z 798 18.49 75.11 136.21
C MET Z 798 19.61 74.09 136.27
N LEU Z 799 19.27 72.83 136.56
CA LEU Z 799 20.28 71.78 136.56
C LEU Z 799 20.85 71.55 135.18
N LYS Z 800 20.02 71.61 134.13
CA LYS Z 800 20.52 71.47 132.78
C LYS Z 800 21.49 72.59 132.43
N CYS Z 801 21.18 73.83 132.84
CA CYS Z 801 22.10 74.94 132.61
C CYS Z 801 23.29 74.88 133.56
N ASN Z 802 23.08 74.49 134.81
CA ASN Z 802 24.13 74.44 135.83
C ASN Z 802 24.04 73.09 136.54
N GLU Z 803 24.86 72.13 136.09
CA GLU Z 803 24.81 70.79 136.66
C GLU Z 803 25.23 70.79 138.12
N GLU Z 804 26.26 71.55 138.47
CA GLU Z 804 26.78 71.59 139.83
C GLU Z 804 26.26 72.84 140.54
N HIS Z 805 25.64 72.62 141.71
CA HIS Z 805 25.09 73.72 142.50
C HIS Z 805 25.22 73.37 143.97
N PRO Z 806 25.55 74.33 144.83
CA PRO Z 806 25.61 74.04 146.27
C PRO Z 806 24.24 73.69 146.82
N ALA Z 807 24.25 72.85 147.87
CA ALA Z 807 23.01 72.40 148.48
C ALA Z 807 22.23 73.57 149.07
N TYR Z 808 22.92 74.48 149.74
CA TYR Z 808 22.26 75.63 150.34
C TYR Z 808 21.84 76.63 149.27
N LEU Z 809 20.84 77.44 149.59
CA LEU Z 809 20.32 78.47 148.69
C LEU Z 809 20.61 79.84 149.28
N ALA Z 810 21.30 80.67 148.50
CA ALA Z 810 21.59 82.03 148.94
C ALA Z 810 20.37 82.93 148.74
N SER Z 811 20.42 84.10 149.37
CA SER Z 811 19.29 85.03 149.32
C SER Z 811 19.02 85.50 147.89
N ASP Z 812 20.07 85.84 147.15
CA ASP Z 812 19.90 86.31 145.79
C ASP Z 812 19.33 85.22 144.89
N GLU Z 813 19.75 83.97 145.08
CA GLU Z 813 19.22 82.87 144.29
C GLU Z 813 17.73 82.68 144.57
N ILE Z 814 17.33 82.74 145.83
CA ILE Z 814 15.91 82.61 146.19
C ILE Z 814 15.11 83.76 145.60
N THR Z 815 15.65 84.98 145.67
CA THR Z 815 14.95 86.12 145.10
C THR Z 815 14.78 85.98 143.59
N THR Z 816 15.83 85.52 142.90
CA THR Z 816 15.74 85.33 141.46
C THR Z 816 14.72 84.26 141.10
N VAL Z 817 14.71 83.15 141.86
CA VAL Z 817 13.75 82.09 141.60
C VAL Z 817 12.32 82.58 141.82
N ARG Z 818 12.10 83.33 142.91
CA ARG Z 818 10.77 83.86 143.18
C ARG Z 818 10.33 84.84 142.10
N LYS Z 819 11.25 85.68 141.62
CA LYS Z 819 10.90 86.62 140.55
C LYS Z 819 10.57 85.87 139.27
N ASN Z 820 11.33 84.83 138.94
CA ASN Z 820 11.03 84.03 137.76
C ASN Z 820 9.66 83.37 137.87
N LEU Z 821 9.34 82.84 139.06
CA LEU Z 821 8.03 82.23 139.26
C LEU Z 821 6.91 83.25 139.15
N GLU Z 822 7.09 84.44 139.72
CA GLU Z 822 6.06 85.48 139.69
C GLU Z 822 5.97 86.17 138.34
N SER Z 823 6.95 85.98 137.46
CA SER Z 823 6.86 86.57 136.13
C SER Z 823 5.65 86.04 135.37
N ARG Z 824 5.37 84.75 135.49
CA ARG Z 824 4.20 84.15 134.87
C ARG Z 824 2.98 84.13 135.78
N GLY Z 825 3.09 84.65 137.00
CA GLY Z 825 1.97 84.74 137.90
C GLY Z 825 1.86 83.60 138.88
N VAL Z 826 3.00 83.15 139.42
CA VAL Z 826 3.03 82.06 140.39
C VAL Z 826 3.78 82.56 141.63
N GLU Z 827 3.11 82.50 142.78
CA GLU Z 827 3.70 82.89 144.05
C GLU Z 827 3.83 81.65 144.92
N VAL Z 828 5.07 81.37 145.35
CA VAL Z 828 5.38 80.17 146.13
C VAL Z 828 6.11 80.60 147.40
N ASP Z 829 5.72 80.02 148.53
CA ASP Z 829 6.39 80.32 149.78
C ASP Z 829 7.83 79.80 149.76
N PRO Z 830 8.74 80.48 150.45
CA PRO Z 830 10.15 80.03 150.44
C PRO Z 830 10.34 78.63 151.00
N SER Z 831 9.53 78.20 151.96
CA SER Z 831 9.69 76.86 152.53
C SER Z 831 9.41 75.79 151.48
N LEU Z 832 8.35 75.96 150.69
CA LEU Z 832 8.07 75.01 149.62
C LEU Z 832 9.16 75.02 148.56
N ILE Z 833 9.70 76.20 148.25
CA ILE Z 833 10.79 76.29 147.28
C ILE Z 833 12.00 75.51 147.78
N LYS Z 834 12.34 75.68 149.06
CA LYS Z 834 13.48 74.96 149.64
C LYS Z 834 13.23 73.46 149.65
N ASP Z 835 12.02 73.04 149.98
CA ASP Z 835 11.71 71.61 149.99
C ASP Z 835 11.82 71.01 148.59
N THR Z 836 11.28 71.70 147.59
CA THR Z 836 11.37 71.22 146.22
C THR Z 836 12.82 71.18 145.75
N TRP Z 837 13.61 72.20 146.11
CA TRP Z 837 15.02 72.20 145.75
C TRP Z 837 15.75 71.03 146.39
N HIS Z 838 15.45 70.73 147.66
CA HIS Z 838 16.09 69.61 148.33
C HIS Z 838 15.72 68.30 147.65
N GLN Z 839 14.43 68.13 147.31
CA GLN Z 839 14.01 66.91 146.64
C GLN Z 839 14.68 66.75 145.27
N VAL Z 840 14.76 67.84 144.51
CA VAL Z 840 15.39 67.79 143.19
C VAL Z 840 16.88 67.50 143.32
N TYR Z 841 17.52 68.08 144.34
CA TYR Z 841 18.94 67.82 144.60
C TYR Z 841 19.17 66.35 144.93
N ARG Z 842 18.31 65.78 145.77
CA ARG Z 842 18.40 64.37 146.10
C ARG Z 842 18.20 63.49 144.86
N ARG Z 843 17.23 63.84 144.02
CA ARG Z 843 16.99 63.07 142.81
C ARG Z 843 18.18 63.14 141.86
N HIS Z 844 18.77 64.34 141.72
CA HIS Z 844 19.93 64.50 140.85
C HIS Z 844 21.11 63.68 141.34
N PHE Z 845 21.35 63.68 142.65
CA PHE Z 845 22.44 62.87 143.17
C PHE Z 845 22.14 61.37 143.11
N LEU Z 846 20.86 60.99 143.20
CA LEU Z 846 20.52 59.59 142.99
C LEU Z 846 20.81 59.17 141.56
N LYS Z 847 20.47 60.02 140.59
CA LYS Z 847 20.80 59.72 139.19
C LYS Z 847 22.31 59.66 138.98
N THR Z 848 23.05 60.59 139.61
CA THR Z 848 24.50 60.56 139.51
C THR Z 848 25.08 59.28 140.10
N ALA Z 849 24.54 58.84 141.24
CA ALA Z 849 24.98 57.58 141.84
C ALA Z 849 24.67 56.40 140.93
N LEU Z 850 23.51 56.41 140.28
CA LEU Z 850 23.17 55.34 139.35
C LEU Z 850 24.15 55.32 138.18
N ASN Z 851 24.49 56.49 137.64
CA ASN Z 851 25.47 56.55 136.56
C ASN Z 851 26.83 56.06 137.04
N HIS Z 852 27.22 56.41 138.26
CA HIS Z 852 28.48 55.94 138.81
C HIS Z 852 28.49 54.43 138.96
N CYS Z 853 27.36 53.85 139.39
CA CYS Z 853 27.25 52.40 139.46
C CYS Z 853 27.37 51.76 138.08
N ASN Z 854 26.73 52.36 137.08
CA ASN Z 854 26.83 51.84 135.72
C ASN Z 854 28.28 51.88 135.23
N LEU Z 855 28.99 52.97 135.53
CA LEU Z 855 30.40 53.05 135.16
C LEU Z 855 31.24 52.01 135.90
N CYS Z 856 31.02 51.87 137.21
CA CYS Z 856 31.79 50.91 138.01
C CYS Z 856 31.49 49.47 137.63
N ARG Z 857 30.35 49.21 136.99
CA ARG Z 857 30.06 47.86 136.53
C ARG Z 857 31.08 47.36 135.51
N ARG Z 858 31.74 48.29 134.81
CA ARG Z 858 32.77 47.91 133.80
C ARG Z 858 34.14 48.42 134.25
N GLY Z 859 34.17 49.31 135.25
CA GLY Z 859 35.41 49.90 135.71
C GLY Z 859 36.23 49.04 136.66
N PHE Z 860 35.94 47.74 136.76
CA PHE Z 860 36.73 46.87 137.62
C PHE Z 860 38.18 46.77 137.15
N TYR Z 861 38.44 46.93 135.85
CA TYR Z 861 39.82 46.94 135.37
C TYR Z 861 40.60 48.09 135.96
N TYR Z 862 40.01 49.29 135.98
CA TYR Z 862 40.65 50.43 136.62
C TYR Z 862 40.74 50.23 138.13
N TYR Z 863 39.68 49.70 138.74
CA TYR Z 863 39.65 49.57 140.19
C TYR Z 863 40.71 48.60 140.70
N GLN Z 864 40.89 47.46 140.02
CA GLN Z 864 41.81 46.44 140.50
C GLN Z 864 43.25 46.91 140.48
N ARG Z 865 43.65 47.62 139.43
CA ARG Z 865 45.04 48.04 139.28
C ARG Z 865 45.32 49.43 139.82
N HIS Z 866 44.29 50.27 139.96
CA HIS Z 866 44.44 51.63 140.49
C HIS Z 866 45.46 52.42 139.68
N PHE Z 867 45.10 52.67 138.42
CA PHE Z 867 45.98 53.42 137.52
C PHE Z 867 46.13 54.85 138.00
N VAL Z 868 47.29 55.44 137.67
CA VAL Z 868 47.56 56.83 138.06
C VAL Z 868 46.56 57.77 137.40
N ASP Z 869 46.33 57.59 136.10
CA ASP Z 869 45.35 58.38 135.36
C ASP Z 869 43.99 57.71 135.34
N SER Z 870 43.48 57.38 136.52
CA SER Z 870 42.19 56.69 136.62
C SER Z 870 41.06 57.65 136.28
N GLU Z 871 40.17 57.20 135.39
CA GLU Z 871 39.00 57.97 135.00
C GLU Z 871 37.78 57.67 135.85
N LEU Z 872 37.91 56.79 136.84
CA LEU Z 872 36.78 56.40 137.67
C LEU Z 872 37.30 55.95 139.03
N GLU Z 873 36.73 56.50 140.10
CA GLU Z 873 37.10 56.15 141.47
C GLU Z 873 35.90 55.49 142.13
N CYS Z 874 35.89 54.16 142.17
CA CYS Z 874 34.79 53.41 142.77
C CYS Z 874 35.10 53.22 144.25
N ASN Z 875 34.45 54.01 145.10
CA ASN Z 875 34.60 53.91 146.55
C ASN Z 875 33.32 53.54 147.27
N ASP Z 876 32.15 53.89 146.71
CA ASP Z 876 30.89 53.54 147.35
C ASP Z 876 30.70 52.03 147.39
N VAL Z 877 31.12 51.32 146.35
CA VAL Z 877 31.01 49.87 146.33
C VAL Z 877 31.83 49.25 147.45
N VAL Z 878 33.07 49.72 147.61
CA VAL Z 878 33.94 49.21 148.66
C VAL Z 878 33.37 49.53 150.03
N LEU Z 879 32.86 50.75 150.21
CA LEU Z 879 32.28 51.13 151.50
C LEU Z 879 31.07 50.26 151.84
N PHE Z 880 30.19 50.02 150.85
CA PHE Z 880 29.02 49.19 151.10
C PHE Z 880 29.40 47.75 151.39
N TRP Z 881 30.43 47.24 150.71
CA TRP Z 881 30.90 45.88 151.00
C TRP Z 881 31.47 45.79 152.41
N ARG Z 882 32.23 46.82 152.83
CA ARG Z 882 32.76 46.84 154.19
C ARG Z 882 31.63 46.88 155.21
N ILE Z 883 30.60 47.69 154.95
CA ILE Z 883 29.46 47.75 155.86
C ILE Z 883 28.77 46.40 155.93
N GLN Z 884 28.60 45.74 154.78
CA GLN Z 884 27.93 44.44 154.73
C GLN Z 884 28.70 43.39 155.52
N ARG Z 885 30.02 43.34 155.34
CA ARG Z 885 30.81 42.33 156.06
C ARG Z 885 30.86 42.63 157.55
N MET Z 886 30.94 43.91 157.93
CA MET Z 886 30.90 44.26 159.34
C MET Z 886 29.56 43.89 159.96
N LEU Z 887 28.46 44.11 159.24
CA LEU Z 887 27.15 43.73 159.75
C LEU Z 887 27.04 42.22 159.87
N ALA Z 888 27.59 41.47 158.92
CA ALA Z 888 27.57 40.01 159.00
C ALA Z 888 28.36 39.53 160.22
N ILE Z 889 29.54 40.12 160.46
CA ILE Z 889 30.34 39.74 161.62
C ILE Z 889 29.59 40.05 162.91
N THR Z 890 28.97 41.23 162.98
CA THR Z 890 28.23 41.61 164.17
C THR Z 890 27.05 40.67 164.41
N ALA Z 891 26.34 40.31 163.34
CA ALA Z 891 25.21 39.38 163.48
C ALA Z 891 25.68 38.01 163.93
N ASN Z 892 26.79 37.53 163.39
CA ASN Z 892 27.32 36.24 163.83
C ASN Z 892 27.72 36.28 165.31
N THR Z 893 28.38 37.35 165.73
CA THR Z 893 28.75 37.48 167.14
C THR Z 893 27.52 37.55 168.03
N LEU Z 894 26.50 38.29 167.61
CA LEU Z 894 25.27 38.39 168.38
C LEU Z 894 24.59 37.03 168.51
N ARG Z 895 24.54 36.27 167.41
CA ARG Z 895 23.94 34.94 167.45
C ARG Z 895 24.72 34.02 168.38
N GLN Z 896 26.05 34.06 168.30
CA GLN Z 896 26.87 33.21 169.16
C GLN Z 896 26.67 33.54 170.63
N GLN Z 897 26.70 34.84 170.97
CA GLN Z 897 26.50 35.23 172.36
C GLN Z 897 25.10 34.90 172.85
N LEU Z 898 24.09 35.05 171.98
CA LEU Z 898 22.73 34.69 172.34
C LEU Z 898 22.64 33.20 172.65
N THR Z 899 23.13 32.35 171.75
CA THR Z 899 23.11 30.91 171.98
C THR Z 899 23.90 30.54 173.24
N ASN Z 900 24.97 31.27 173.55
CA ASN Z 900 25.77 30.95 174.72
C ASN Z 900 25.04 31.30 176.01
N THR Z 901 24.43 32.48 176.09
CA THR Z 901 23.93 32.99 177.36
C THR Z 901 22.42 33.14 177.40
N GLU Z 902 21.82 33.79 176.40
CA GLU Z 902 20.40 34.16 176.51
C GLU Z 902 19.49 32.94 176.36
N VAL Z 903 19.90 31.94 175.59
CA VAL Z 903 19.11 30.71 175.49
C VAL Z 903 19.02 30.04 176.86
N ARG Z 904 20.16 29.94 177.55
CA ARG Z 904 20.18 29.35 178.88
C ARG Z 904 19.37 30.19 179.86
N ARG Z 905 19.47 31.52 179.77
CA ARG Z 905 18.69 32.38 180.65
C ARG Z 905 17.20 32.20 180.43
N LEU Z 906 16.77 32.14 179.16
CA LEU Z 906 15.36 31.93 178.86
C LEU Z 906 14.89 30.56 179.33
N GLU Z 907 15.73 29.55 179.18
CA GLU Z 907 15.39 28.22 179.68
C GLU Z 907 15.21 28.23 181.20
N LYS Z 908 16.11 28.93 181.91
CA LYS Z 908 15.99 29.03 183.35
C LYS Z 908 14.72 29.76 183.76
N ASN Z 909 14.40 30.85 183.06
CA ASN Z 909 13.17 31.59 183.36
C ASN Z 909 11.94 30.73 183.12
N VAL Z 910 11.93 29.98 182.02
CA VAL Z 910 10.80 29.10 181.71
C VAL Z 910 10.66 28.03 182.78
N LYS Z 911 11.79 27.45 183.20
CA LYS Z 911 11.74 26.44 184.25
C LYS Z 911 11.21 27.02 185.56
N GLU Z 912 11.65 28.23 185.92
CA GLU Z 912 11.15 28.86 187.14
C GLU Z 912 9.65 29.13 187.05
N VAL Z 913 9.19 29.62 185.91
CA VAL Z 913 7.76 29.90 185.73
C VAL Z 913 6.95 28.61 185.82
N LEU Z 914 7.44 27.54 185.19
CA LEU Z 914 6.74 26.26 185.23
C LEU Z 914 6.69 25.71 186.65
N GLU Z 915 7.79 25.82 187.39
CA GLU Z 915 7.80 25.35 188.77
C GLU Z 915 6.85 26.16 189.64
N ASP Z 916 6.80 27.49 189.44
CA ASP Z 916 5.88 28.32 190.19
C ASP Z 916 4.44 27.95 189.89
N PHE Z 917 4.13 27.70 188.61
CA PHE Z 917 2.78 27.30 188.24
C PHE Z 917 2.42 25.94 188.83
N ALA Z 918 3.35 25.00 188.80
CA ALA Z 918 3.08 23.67 189.33
C ALA Z 918 2.87 23.71 190.84
N GLU Z 919 3.65 24.51 191.55
CA GLU Z 919 3.55 24.61 193.01
C GLU Z 919 2.37 25.47 193.45
N ASP Z 920 1.50 25.90 192.53
CA ASP Z 920 0.33 26.73 192.86
C ASP Z 920 -0.84 26.24 191.99
N GLY Z 921 -1.66 25.36 192.56
CA GLY Z 921 -2.83 24.88 191.85
C GLY Z 921 -3.94 25.92 191.73
N GLU Z 922 -3.96 26.91 192.62
CA GLU Z 922 -4.94 27.98 192.53
C GLU Z 922 -4.75 28.78 191.24
N LYS Z 923 -3.50 29.02 190.85
CA LYS Z 923 -3.23 29.70 189.59
C LYS Z 923 -3.72 28.88 188.41
N LYS Z 924 -3.52 27.56 188.47
CA LYS Z 924 -4.02 26.69 187.40
C LYS Z 924 -5.54 26.74 187.32
N ILE Z 925 -6.21 26.74 188.47
CA ILE Z 925 -7.66 26.83 188.47
C ILE Z 925 -8.13 28.16 187.89
N LYS Z 926 -7.47 29.25 188.27
CA LYS Z 926 -7.85 30.57 187.79
C LYS Z 926 -7.64 30.69 186.29
N LEU Z 927 -6.54 30.13 185.77
CA LEU Z 927 -6.20 30.26 184.36
C LEU Z 927 -6.89 29.21 183.50
N LEU Z 928 -6.74 27.93 183.84
CA LEU Z 928 -7.32 26.84 183.06
C LEU Z 928 -8.82 26.76 183.38
N THR Z 929 -9.58 27.65 182.75
CA THR Z 929 -11.03 27.69 182.89
C THR Z 929 -11.74 27.23 181.63
N GLY Z 930 -11.06 26.45 180.79
CA GLY Z 930 -11.66 25.95 179.58
C GLY Z 930 -12.74 24.92 179.85
N LYS Z 931 -13.57 24.70 178.82
CA LYS Z 931 -14.65 23.74 178.95
C LYS Z 931 -14.13 22.33 179.19
N ARG Z 932 -13.06 21.94 178.48
CA ARG Z 932 -12.50 20.60 178.67
C ARG Z 932 -11.96 20.42 180.09
N VAL Z 933 -11.26 21.43 180.61
CA VAL Z 933 -10.70 21.32 181.95
C VAL Z 933 -11.80 21.18 182.99
N GLN Z 934 -12.83 22.02 182.88
CA GLN Z 934 -13.94 21.96 183.83
C GLN Z 934 -14.69 20.63 183.74
N LEU Z 935 -14.92 20.13 182.52
CA LEU Z 935 -15.60 18.85 182.36
C LEU Z 935 -14.78 17.72 182.96
N ALA Z 936 -13.47 17.71 182.72
CA ALA Z 936 -12.60 16.68 183.28
C ALA Z 936 -12.59 16.74 184.80
N GLU Z 937 -12.52 17.95 185.37
CA GLU Z 937 -12.55 18.09 186.82
C GLU Z 937 -13.87 17.60 187.40
N ASP Z 938 -14.98 17.93 186.76
CA ASP Z 938 -16.28 17.47 187.23
C ASP Z 938 -16.38 15.95 187.15
N LEU Z 939 -15.90 15.36 186.06
CA LEU Z 939 -15.94 13.91 185.93
C LEU Z 939 -15.08 13.23 187.00
N LYS Z 940 -13.90 13.77 187.26
CA LYS Z 940 -13.03 13.20 188.29
C LYS Z 940 -13.67 13.32 189.66
N LYS Z 941 -14.28 14.47 189.97
CA LYS Z 941 -14.93 14.63 191.26
C LYS Z 941 -16.11 13.68 191.41
N VAL Z 942 -16.89 13.50 190.34
CA VAL Z 942 -18.03 12.58 190.39
C VAL Z 942 -17.54 11.16 190.60
N ARG Z 943 -16.47 10.77 189.90
CA ARG Z 943 -15.93 9.43 190.09
C ARG Z 943 -15.42 9.21 191.51
N GLU Z 944 -14.74 10.22 192.07
CA GLU Z 944 -14.25 10.11 193.44
C GLU Z 944 -15.41 10.00 194.43
N ILE Z 945 -16.46 10.80 194.23
CA ILE Z 945 -17.63 10.74 195.11
C ILE Z 945 -18.29 9.38 195.02
N GLN Z 946 -18.43 8.84 193.81
CA GLN Z 946 -19.04 7.52 193.65
C GLN Z 946 -18.20 6.44 194.30
N GLU Z 947 -16.87 6.53 194.18
CA GLU Z 947 -16.00 5.56 194.83
C GLU Z 947 -16.12 5.63 196.34
N LYS Z 948 -16.18 6.85 196.89
CA LYS Z 948 -16.36 7.00 198.33
C LYS Z 948 -17.70 6.44 198.79
N LEU Z 949 -18.75 6.66 198.00
CA LEU Z 949 -20.07 6.13 198.36
C LEU Z 949 -20.08 4.61 198.28
N ASP Z 950 -19.39 4.04 197.30
CA ASP Z 950 -19.29 2.58 197.21
C ASP Z 950 -18.53 2.02 198.40
N ALA Z 951 -17.46 2.69 198.82
CA ALA Z 951 -16.73 2.27 200.01
C ALA Z 951 -17.61 2.34 201.25
N PHE Z 952 -18.41 3.41 201.36
CA PHE Z 952 -19.35 3.54 202.47
C PHE Z 952 -20.36 2.40 202.47
N ILE Z 953 -20.90 2.07 201.29
CA ILE Z 953 -21.88 0.99 201.19
C ILE Z 953 -21.25 -0.34 201.59
N GLU Z 954 -20.03 -0.59 201.12
CA GLU Z 954 -19.34 -1.83 201.47
C GLU Z 954 -19.08 -1.92 202.97
N ALA Z 955 -18.64 -0.81 203.57
CA ALA Z 955 -18.39 -0.80 205.01
C ALA Z 955 -19.67 -1.03 205.80
N LEU Z 956 -20.77 -0.40 205.37
CA LEU Z 956 -22.04 -0.59 206.05
C LEU Z 956 -22.52 -2.04 205.94
N HIS Z 957 -22.35 -2.64 204.76
CA HIS Z 957 -22.75 -4.04 204.59
C HIS Z 957 -21.89 -4.97 205.44
N GLN Z 958 -20.58 -4.72 205.50
CA GLN Z 958 -19.70 -5.55 206.31
C GLN Z 958 -20.00 -5.42 207.79
N GLU Z 959 -20.25 -4.19 208.27
CA GLU Z 959 -20.53 -3.99 209.68
C GLU Z 959 -21.84 -4.66 210.10
N LYS Z 960 -22.84 -4.57 209.22
CA LYS Z 960 -24.16 -5.22 209.50
C LYS Z 960 -24.15 -6.63 208.91
N SER AA 263 0.16 -118.98 190.82
CA SER AA 263 -0.02 -119.76 189.58
C SER AA 263 -0.47 -118.86 188.43
N LEU AA 264 -1.67 -119.11 187.91
CA LEU AA 264 -2.19 -118.30 186.81
C LEU AA 264 -2.43 -116.86 187.25
N ILE AA 265 -2.95 -116.67 188.46
CA ILE AA 265 -3.26 -115.32 188.94
C ILE AA 265 -1.97 -114.52 189.14
N ASP AA 266 -0.92 -115.16 189.66
CA ASP AA 266 0.34 -114.46 189.86
C ASP AA 266 0.96 -114.04 188.52
N MET AA 267 0.92 -114.93 187.53
CA MET AA 267 1.45 -114.60 186.22
C MET AA 267 0.63 -113.50 185.55
N TYR AA 268 -0.70 -113.54 185.72
CA TYR AA 268 -1.54 -112.48 185.18
C TYR AA 268 -1.23 -111.14 185.83
N SER AA 269 -1.01 -111.14 187.15
CA SER AA 269 -0.64 -109.91 187.84
C SER AA 269 0.71 -109.39 187.36
N GLU AA 270 1.67 -110.30 187.13
CA GLU AA 270 2.96 -109.88 186.59
C GLU AA 270 2.81 -109.28 185.20
N VAL AA 271 1.97 -109.89 184.36
CA VAL AA 271 1.74 -109.36 183.02
C VAL AA 271 1.10 -107.98 183.09
N LEU AA 272 0.13 -107.79 184.00
CA LEU AA 272 -0.48 -106.48 184.16
C LEU AA 272 0.53 -105.45 184.65
N ASP AA 273 1.41 -105.85 185.56
CA ASP AA 273 2.46 -104.94 186.04
C ASP AA 273 3.40 -104.55 184.90
N VAL AA 274 3.77 -105.51 184.05
CA VAL AA 274 4.63 -105.21 182.92
C VAL AA 274 3.93 -104.26 181.96
N LEU AA 275 2.64 -104.48 181.71
CA LEU AA 275 1.90 -103.58 180.83
C LEU AA 275 1.82 -102.18 181.41
N SER AA 276 1.61 -102.07 182.73
CA SER AA 276 1.56 -100.76 183.37
C SER AA 276 2.92 -100.06 183.28
N ASP AA 277 4.01 -100.80 183.50
CA ASP AA 277 5.34 -100.24 183.42
C ASP AA 277 5.81 -99.99 181.98
N TYR AA 278 5.07 -100.49 180.99
CA TYR AA 278 5.44 -100.27 179.60
C TYR AA 278 5.43 -98.79 179.25
N ASP AA 279 4.40 -98.06 179.68
CA ASP AA 279 4.31 -96.63 179.41
C ASP AA 279 3.41 -95.99 180.45
N ALA AA 280 3.61 -94.69 180.67
CA ALA AA 280 2.77 -93.95 181.60
C ALA AA 280 1.39 -93.64 181.02
N SER AA 281 1.25 -93.71 179.70
CA SER AA 281 -0.04 -93.48 179.06
C SER AA 281 -0.87 -94.77 179.08
N TYR AA 282 -1.98 -94.78 178.35
CA TYR AA 282 -2.88 -95.93 178.29
C TYR AA 282 -3.08 -96.29 176.81
N ASN AA 283 -2.20 -97.13 176.29
CA ASN AA 283 -2.28 -97.62 174.92
C ASN AA 283 -2.55 -99.12 174.85
N THR AA 284 -1.71 -99.92 175.50
CA THR AA 284 -1.91 -101.36 175.56
C THR AA 284 -2.46 -101.83 176.91
N GLN AA 285 -2.57 -100.92 177.88
CA GLN AA 285 -3.10 -101.28 179.20
C GLN AA 285 -4.61 -101.49 179.18
N ASP AA 286 -5.30 -101.01 178.16
CA ASP AA 286 -6.74 -101.13 178.05
C ASP AA 286 -7.17 -102.40 177.32
N HIS AA 287 -6.22 -103.27 176.96
CA HIS AA 287 -6.57 -104.50 176.26
C HIS AA 287 -7.07 -105.57 177.24
N LEU AA 288 -6.24 -105.92 178.22
CA LEU AA 288 -6.64 -106.90 179.22
C LEU AA 288 -7.65 -106.29 180.19
N PRO AA 289 -8.67 -107.04 180.60
CA PRO AA 289 -9.64 -106.52 181.56
C PRO AA 289 -8.98 -106.21 182.89
N ARG AA 290 -9.45 -105.14 183.54
CA ARG AA 290 -8.94 -104.72 184.84
C ARG AA 290 -10.11 -104.27 185.70
N VAL AA 291 -10.34 -104.97 186.81
CA VAL AA 291 -11.40 -104.60 187.74
C VAL AA 291 -10.95 -103.38 188.53
N VAL AA 292 -11.59 -102.24 188.29
CA VAL AA 292 -11.22 -100.97 188.92
C VAL AA 292 -12.34 -100.58 189.89
N VAL AA 293 -11.96 -100.25 191.12
CA VAL AA 293 -12.90 -99.82 192.14
C VAL AA 293 -12.79 -98.31 192.27
N VAL AA 294 -13.87 -97.61 191.95
CA VAL AA 294 -13.93 -96.16 192.00
C VAL AA 294 -15.05 -95.74 192.93
N GLY AA 295 -14.75 -94.83 193.86
CA GLY AA 295 -15.75 -94.34 194.80
C GLY AA 295 -15.75 -92.84 194.91
N ASP AA 296 -16.44 -92.31 195.92
CA ASP AA 296 -16.52 -90.89 196.17
C ASP AA 296 -15.66 -90.50 197.36
N GLN AA 297 -15.35 -89.22 197.44
CA GLN AA 297 -14.53 -88.71 198.53
C GLN AA 297 -15.30 -88.74 199.85
N SER AA 298 -14.67 -89.27 200.89
CA SER AA 298 -15.27 -89.38 202.22
C SER AA 298 -16.60 -90.14 202.17
N ALA AA 299 -16.65 -91.18 201.32
CA ALA AA 299 -17.85 -92.00 201.17
C ALA AA 299 -17.74 -93.34 201.87
N GLY AA 300 -16.72 -93.53 202.71
CA GLY AA 300 -16.55 -94.78 203.41
C GLY AA 300 -16.04 -95.93 202.57
N LYS AA 301 -15.52 -95.65 201.37
CA LYS AA 301 -15.02 -96.73 200.53
C LYS AA 301 -13.78 -97.40 201.13
N THR AA 302 -13.05 -96.69 201.98
CA THR AA 302 -11.87 -97.28 202.61
C THR AA 302 -12.25 -98.47 203.49
N SER AA 303 -13.33 -98.34 204.26
CA SER AA 303 -13.78 -99.44 205.11
C SER AA 303 -14.22 -100.64 204.29
N VAL AA 304 -14.92 -100.39 203.17
CA VAL AA 304 -15.36 -101.48 202.32
C VAL AA 304 -14.15 -102.18 201.69
N LEU AA 305 -13.17 -101.41 201.23
CA LEU AA 305 -11.97 -102.01 200.65
C LEU AA 305 -11.21 -102.82 201.69
N GLU AA 306 -11.12 -102.31 202.92
CA GLU AA 306 -10.46 -103.07 203.98
C GLU AA 306 -11.20 -104.37 204.29
N MET AA 307 -12.54 -104.31 204.31
CA MET AA 307 -13.32 -105.52 204.56
C MET AA 307 -13.20 -106.52 203.42
N ILE AA 308 -13.00 -106.04 202.19
CA ILE AA 308 -12.81 -106.94 201.06
C ILE AA 308 -11.55 -107.78 201.26
N ALA AA 309 -10.46 -107.14 201.68
CA ALA AA 309 -9.21 -107.84 201.97
C ALA AA 309 -9.17 -108.40 203.38
N GLN AA 310 -10.20 -108.16 204.19
CA GLN AA 310 -10.27 -108.65 205.57
C GLN AA 310 -9.10 -108.14 206.41
N ALA AA 311 -8.60 -106.96 206.10
CA ALA AA 311 -7.49 -106.37 206.84
C ALA AA 311 -7.46 -104.87 206.60
N ARG AA 312 -7.04 -104.13 207.62
CA ARG AA 312 -6.93 -102.68 207.52
C ARG AA 312 -5.56 -102.34 206.93
N ILE AA 313 -5.52 -102.11 205.63
CA ILE AA 313 -4.27 -101.79 204.95
C ILE AA 313 -4.26 -100.39 204.35
N PHE AA 314 -5.42 -99.76 204.14
CA PHE AA 314 -5.46 -98.41 203.58
C PHE AA 314 -5.49 -97.39 204.71
N PRO AA 315 -4.54 -96.46 204.78
CA PRO AA 315 -4.55 -95.47 205.86
C PRO AA 315 -5.79 -94.58 205.77
N ARG AA 316 -6.30 -94.19 206.93
CA ARG AA 316 -7.49 -93.36 207.02
C ARG AA 316 -7.13 -91.89 206.83
N GLY AA 317 -8.07 -91.14 206.25
CA GLY AA 317 -7.87 -89.73 206.02
C GLY AA 317 -9.02 -88.87 206.50
N SER AA 318 -8.73 -87.87 207.33
CA SER AA 318 -9.76 -86.98 207.87
C SER AA 318 -9.99 -85.84 206.88
N GLY AA 319 -10.71 -86.16 205.81
CA GLY AA 319 -11.04 -85.21 204.77
C GLY AA 319 -10.02 -85.11 203.65
N GLU AA 320 -8.74 -85.15 204.00
CA GLU AA 320 -7.70 -85.07 202.99
C GLU AA 320 -7.68 -86.32 202.12
N MET AA 321 -7.36 -86.13 200.84
CA MET AA 321 -7.30 -87.23 199.87
C MET AA 321 -5.94 -87.90 200.01
N MET AA 322 -5.88 -88.93 200.87
CA MET AA 322 -4.63 -89.65 201.08
C MET AA 322 -4.20 -90.40 199.82
N THR AA 323 -5.16 -91.01 199.13
CA THR AA 323 -4.87 -91.77 197.91
C THR AA 323 -4.75 -90.82 196.73
N ARG AA 324 -3.52 -90.58 196.28
CA ARG AA 324 -3.26 -89.70 195.15
C ARG AA 324 -2.68 -90.42 193.94
N SER AA 325 -2.41 -91.71 194.05
CA SER AA 325 -1.88 -92.50 192.96
C SER AA 325 -2.66 -93.80 192.83
N PRO AA 326 -2.75 -94.36 191.63
CA PRO AA 326 -3.46 -95.64 191.46
C PRO AA 326 -2.79 -96.74 192.27
N VAL AA 327 -3.62 -97.60 192.87
CA VAL AA 327 -3.17 -98.71 193.71
C VAL AA 327 -3.73 -100.00 193.14
N LYS AA 328 -2.85 -100.98 192.89
CA LYS AA 328 -3.24 -102.27 192.37
C LYS AA 328 -3.28 -103.28 193.51
N VAL AA 329 -4.42 -103.93 193.70
CA VAL AA 329 -4.60 -104.95 194.72
C VAL AA 329 -4.88 -106.26 194.01
N THR AA 330 -3.96 -107.22 194.14
CA THR AA 330 -4.11 -108.53 193.52
C THR AA 330 -4.54 -109.53 194.58
N LEU AA 331 -5.75 -110.05 194.45
CA LEU AA 331 -6.28 -111.03 195.40
C LEU AA 331 -5.85 -112.43 194.97
N SER AA 332 -5.20 -113.15 195.89
CA SER AA 332 -4.73 -114.51 195.62
C SER AA 332 -4.60 -115.24 196.95
N GLU AA 333 -4.15 -116.48 196.87
CA GLU AA 333 -3.95 -117.32 198.05
C GLU AA 333 -2.52 -117.82 198.08
N GLY AA 334 -1.87 -117.68 199.24
CA GLY AA 334 -0.50 -118.11 199.40
C GLY AA 334 -0.30 -118.91 200.67
N PRO AA 335 0.95 -119.25 200.98
CA PRO AA 335 1.22 -119.99 202.22
C PRO AA 335 0.82 -119.25 203.48
N HIS AA 336 0.91 -117.92 203.48
CA HIS AA 336 0.54 -117.12 204.64
C HIS AA 336 -0.30 -115.92 204.19
N HIS AA 337 -1.12 -115.41 205.12
CA HIS AA 337 -1.98 -114.27 204.85
C HIS AA 337 -1.17 -112.98 205.00
N VAL AA 338 -0.26 -112.78 204.05
CA VAL AA 338 0.64 -111.63 204.04
C VAL AA 338 0.49 -110.90 202.72
N ALA AA 339 1.08 -109.70 202.66
CA ALA AA 339 1.07 -108.87 201.47
C ALA AA 339 2.50 -108.61 201.01
N LEU AA 340 2.74 -108.78 199.71
CA LEU AA 340 4.07 -108.59 199.15
C LEU AA 340 3.97 -107.72 197.90
N PHE AA 341 4.86 -106.75 197.79
CA PHE AA 341 4.90 -105.88 196.61
C PHE AA 341 5.68 -106.55 195.48
N LYS AA 342 5.56 -105.97 194.29
CA LYS AA 342 6.30 -106.48 193.14
C LYS AA 342 7.80 -106.30 193.30
N ASP AA 343 8.21 -105.13 193.81
CA ASP AA 343 9.63 -104.79 193.97
C ASP AA 343 10.08 -104.82 195.43
N SER AA 344 9.41 -105.62 196.27
CA SER AA 344 9.76 -105.74 197.67
C SER AA 344 9.88 -107.21 198.05
N SER AA 345 10.64 -107.47 199.12
CA SER AA 345 10.85 -108.81 199.61
C SER AA 345 10.30 -109.05 201.01
N ARG AA 346 9.82 -108.01 201.69
CA ARG AA 346 9.27 -108.15 203.04
C ARG AA 346 7.79 -108.49 202.95
N GLU AA 347 7.39 -109.56 203.62
CA GLU AA 347 6.01 -110.03 203.63
C GLU AA 347 5.27 -109.30 204.75
N PHE AA 348 4.45 -108.31 204.38
CA PHE AA 348 3.68 -107.54 205.35
C PHE AA 348 2.47 -108.36 205.78
N ASP AA 349 2.49 -108.86 207.00
CA ASP AA 349 1.38 -109.65 207.51
C ASP AA 349 0.13 -108.78 207.67
N LEU AA 350 -1.03 -109.40 207.43
CA LEU AA 350 -2.31 -108.72 207.51
C LEU AA 350 -3.03 -108.96 208.83
N THR AA 351 -2.36 -109.58 209.80
CA THR AA 351 -2.96 -109.89 211.09
C THR AA 351 -2.39 -109.05 212.22
N LYS AA 352 -1.07 -109.03 212.37
CA LYS AA 352 -0.45 -108.27 213.45
C LYS AA 352 -0.61 -106.78 213.22
N GLU AA 353 -0.85 -106.04 214.30
CA GLU AA 353 -1.04 -104.60 214.20
C GLU AA 353 0.24 -103.91 213.74
N GLU AA 354 1.39 -104.36 214.24
CA GLU AA 354 2.65 -103.74 213.84
C GLU AA 354 2.92 -103.93 212.35
N ASP AA 355 2.65 -105.13 211.82
CA ASP AA 355 2.84 -105.38 210.40
C ASP AA 355 1.87 -104.55 209.57
N LEU AA 356 0.63 -104.39 210.01
CA LEU AA 356 -0.32 -103.54 209.30
C LEU AA 356 0.14 -102.09 209.30
N ALA AA 357 0.65 -101.60 210.43
CA ALA AA 357 1.16 -100.24 210.49
C ALA AA 357 2.35 -100.06 209.56
N ALA AA 358 3.25 -101.04 209.52
CA ALA AA 358 4.39 -100.97 208.62
C ALA AA 358 3.94 -100.96 207.16
N LEU AA 359 2.94 -101.78 206.82
CA LEU AA 359 2.42 -101.80 205.47
C LEU AA 359 1.79 -100.45 205.10
N ARG AA 360 1.03 -99.86 206.02
CA ARG AA 360 0.44 -98.56 205.76
C ARG AA 360 1.50 -97.49 205.58
N HIS AA 361 2.56 -97.54 206.40
CA HIS AA 361 3.65 -96.59 206.26
C HIS AA 361 4.36 -96.75 204.92
N GLU AA 362 4.58 -97.98 204.49
CA GLU AA 362 5.21 -98.22 203.19
C GLU AA 362 4.33 -97.72 202.06
N ILE AA 363 3.01 -97.94 202.16
CA ILE AA 363 2.09 -97.46 201.13
C ILE AA 363 2.11 -95.93 201.07
N GLU AA 364 2.12 -95.28 202.24
CA GLU AA 364 2.17 -93.82 202.27
C GLU AA 364 3.48 -93.31 201.68
N LEU AA 365 4.59 -93.97 201.99
CA LEU AA 365 5.88 -93.57 201.42
C LEU AA 365 5.88 -93.73 199.91
N ARG AA 366 5.33 -94.82 199.41
CA ARG AA 366 5.25 -95.02 197.96
C ARG AA 366 4.37 -93.96 197.30
N MET AA 367 3.25 -93.61 197.95
CA MET AA 367 2.39 -92.57 197.41
C MET AA 367 3.11 -91.23 197.37
N ARG AA 368 3.84 -90.90 198.43
CA ARG AA 368 4.57 -89.63 198.47
C ARG AA 368 5.67 -89.59 197.44
N LYS AA 369 6.38 -90.72 197.23
CA LYS AA 369 7.45 -90.75 196.26
C LYS AA 369 6.93 -90.53 194.84
N ASN AA 370 5.81 -91.15 194.50
CA ASN AA 370 5.24 -90.97 193.16
C ASN AA 370 4.79 -89.53 192.93
N VAL AA 371 4.14 -88.92 193.93
CA VAL AA 371 3.65 -87.56 193.79
C VAL AA 371 4.82 -86.59 193.83
N LYS AA 372 4.89 -85.71 192.83
CA LYS AA 372 5.96 -84.72 192.77
C LYS AA 372 5.77 -83.66 193.84
N GLU AA 373 6.87 -83.00 194.21
CA GLU AA 373 6.86 -81.96 195.23
C GLU AA 373 6.24 -80.70 194.62
N GLY AA 374 4.92 -80.61 194.72
CA GLY AA 374 4.19 -79.49 194.16
C GLY AA 374 2.94 -79.90 193.41
N CYS AA 375 2.89 -81.17 192.99
CA CYS AA 375 1.75 -81.71 192.27
C CYS AA 375 0.81 -82.43 193.22
N THR AA 376 -0.33 -82.86 192.67
CA THR AA 376 -1.35 -83.56 193.44
C THR AA 376 -1.59 -84.98 192.94
N VAL AA 377 -1.74 -85.16 191.64
CA VAL AA 377 -2.01 -86.47 191.05
C VAL AA 377 -0.79 -86.89 190.24
N SER AA 378 -0.30 -88.10 190.49
CA SER AA 378 0.87 -88.62 189.80
C SER AA 378 0.48 -89.78 188.90
N PRO AA 379 0.94 -89.79 187.64
CA PRO AA 379 0.58 -90.90 186.74
C PRO AA 379 1.17 -92.23 187.16
N GLU AA 380 2.19 -92.24 188.01
CA GLU AA 380 2.80 -93.49 188.44
C GLU AA 380 1.83 -94.32 189.26
N THR AA 381 1.86 -95.63 189.05
CA THR AA 381 0.98 -96.57 189.72
C THR AA 381 1.76 -97.38 190.76
N ILE AA 382 1.02 -97.94 191.71
CA ILE AA 382 1.59 -98.76 192.77
C ILE AA 382 1.00 -100.16 192.66
N SER AA 383 1.87 -101.15 192.63
CA SER AA 383 1.49 -102.55 192.49
C SER AA 383 1.66 -103.28 193.81
N LEU AA 384 0.62 -103.98 194.24
CA LEU AA 384 0.65 -104.74 195.49
C LEU AA 384 -0.08 -106.06 195.29
N ASN AA 385 0.53 -107.14 195.77
CA ASN AA 385 -0.04 -108.48 195.69
C ASN AA 385 -0.45 -108.95 197.07
N VAL AA 386 -1.69 -109.42 197.19
CA VAL AA 386 -2.24 -109.89 198.45
C VAL AA 386 -2.46 -111.39 198.36
N LYS AA 387 -1.91 -112.13 199.33
CA LYS AA 387 -2.01 -113.57 199.38
C LYS AA 387 -2.58 -114.00 200.73
N GLY AA 388 -3.25 -115.14 200.73
CA GLY AA 388 -3.83 -115.69 201.94
C GLY AA 388 -5.08 -116.52 201.67
N PRO AA 389 -5.38 -117.46 202.56
CA PRO AA 389 -6.55 -118.30 202.38
C PRO AA 389 -7.84 -117.49 202.53
N GLY AA 390 -8.89 -117.98 201.87
CA GLY AA 390 -10.19 -117.35 201.92
C GLY AA 390 -10.40 -116.22 200.93
N LEU AA 391 -9.41 -115.90 200.11
CA LEU AA 391 -9.52 -114.84 199.12
C LEU AA 391 -9.81 -115.43 197.74
N GLN AA 392 -10.24 -114.56 196.83
CA GLN AA 392 -10.55 -114.94 195.47
C GLN AA 392 -9.32 -114.71 194.58
N ARG AA 393 -9.50 -114.89 193.27
CA ARG AA 393 -8.43 -114.70 192.29
C ARG AA 393 -8.86 -113.60 191.33
N MET AA 394 -8.55 -112.36 191.69
CA MET AA 394 -8.89 -111.20 190.88
C MET AA 394 -7.94 -110.06 191.22
N VAL AA 395 -7.93 -109.05 190.35
CA VAL AA 395 -7.07 -107.88 190.51
C VAL AA 395 -7.97 -106.68 190.70
N LEU AA 396 -7.76 -105.95 191.79
CA LEU AA 396 -8.53 -104.76 192.12
C LEU AA 396 -7.66 -103.52 191.97
N VAL AA 397 -8.22 -102.49 191.35
CA VAL AA 397 -7.52 -101.23 191.10
C VAL AA 397 -8.22 -100.14 191.90
N ASP AA 398 -7.44 -99.38 192.67
CA ASP AA 398 -7.96 -98.30 193.49
C ASP AA 398 -7.57 -96.96 192.87
N LEU AA 399 -8.55 -96.07 192.76
CA LEU AA 399 -8.36 -94.76 192.18
C LEU AA 399 -8.89 -93.68 193.12
N PRO AA 400 -8.34 -92.48 193.06
CA PRO AA 400 -8.85 -91.39 193.90
C PRO AA 400 -10.29 -91.05 193.55
N GLY AA 401 -11.04 -90.61 194.56
CA GLY AA 401 -12.44 -90.28 194.36
C GLY AA 401 -12.63 -89.07 193.47
N VAL AA 402 -13.81 -89.01 192.87
CA VAL AA 402 -14.15 -87.91 191.95
C VAL AA 402 -14.50 -86.68 192.79
N ILE AA 403 -13.87 -85.55 192.45
CA ILE AA 403 -14.10 -84.30 193.14
C ILE AA 403 -14.79 -83.33 192.19
N ASN AA 404 -15.42 -82.31 192.78
CA ASN AA 404 -16.14 -81.29 192.02
C ASN AA 404 -15.51 -79.92 192.15
N THR AA 405 -15.20 -79.48 193.36
CA THR AA 405 -14.60 -78.17 193.57
C THR AA 405 -13.12 -78.20 193.19
N VAL AA 406 -12.57 -77.00 192.98
CA VAL AA 406 -11.17 -76.82 192.59
C VAL AA 406 -10.46 -76.09 193.73
N THR AA 407 -9.35 -76.66 194.20
CA THR AA 407 -8.60 -76.05 195.28
C THR AA 407 -7.66 -74.99 194.74
N SER AA 408 -7.71 -73.80 195.33
CA SER AA 408 -6.84 -72.71 194.90
C SER AA 408 -5.38 -72.98 195.27
N GLY AA 409 -5.14 -73.70 196.35
CA GLY AA 409 -3.80 -74.02 196.79
C GLY AA 409 -3.13 -75.18 196.07
N MET AA 410 -3.81 -75.80 195.13
CA MET AA 410 -3.29 -76.93 194.38
C MET AA 410 -3.36 -76.63 192.88
N ALA AA 411 -3.06 -77.64 192.07
CA ALA AA 411 -3.09 -77.47 190.62
C ALA AA 411 -4.53 -77.24 190.16
N PRO AA 412 -4.81 -76.20 189.37
CA PRO AA 412 -6.18 -75.98 188.89
C PRO AA 412 -6.69 -77.07 187.98
N ASP AA 413 -5.80 -77.86 187.36
CA ASP AA 413 -6.18 -78.91 186.44
C ASP AA 413 -6.23 -80.28 187.11
N THR AA 414 -6.26 -80.32 188.44
CA THR AA 414 -6.34 -81.59 189.15
C THR AA 414 -7.62 -82.34 188.82
N LYS AA 415 -8.76 -81.62 188.81
CA LYS AA 415 -10.02 -82.24 188.49
C LYS AA 415 -10.03 -82.75 187.05
N GLU AA 416 -9.49 -81.96 186.11
CA GLU AA 416 -9.40 -82.40 184.73
C GLU AA 416 -8.51 -83.64 184.59
N THR AA 417 -7.39 -83.65 185.30
CA THR AA 417 -6.51 -84.82 185.26
C THR AA 417 -7.21 -86.06 185.82
N ILE AA 418 -7.94 -85.90 186.92
CA ILE AA 418 -8.67 -87.03 187.50
C ILE AA 418 -9.74 -87.53 186.52
N PHE AA 419 -10.47 -86.62 185.89
CA PHE AA 419 -11.48 -87.02 184.92
C PHE AA 419 -10.85 -87.74 183.73
N SER AA 420 -9.71 -87.25 183.25
CA SER AA 420 -9.03 -87.92 182.13
C SER AA 420 -8.56 -89.30 182.52
N ILE AA 421 -8.02 -89.45 183.74
CA ILE AA 421 -7.57 -90.76 184.21
C ILE AA 421 -8.76 -91.72 184.31
N SER AA 422 -9.88 -91.23 184.85
CA SER AA 422 -11.07 -92.07 184.97
C SER AA 422 -11.58 -92.49 183.60
N LYS AA 423 -11.59 -91.56 182.63
CA LYS AA 423 -12.03 -91.90 181.28
C LYS AA 423 -11.10 -92.93 180.65
N ALA AA 424 -9.79 -92.77 180.82
CA ALA AA 424 -8.84 -93.72 180.27
C ALA AA 424 -9.02 -95.11 180.90
N TYR AA 425 -9.26 -95.15 182.20
CA TYR AA 425 -9.51 -96.44 182.87
C TYR AA 425 -10.81 -97.07 182.36
N MET AA 426 -11.85 -96.26 182.15
CA MET AA 426 -13.12 -96.77 181.66
C MET AA 426 -13.09 -97.10 180.18
N GLN AA 427 -12.04 -96.69 179.46
CA GLN AA 427 -11.95 -97.01 178.04
C GLN AA 427 -11.88 -98.50 177.77
N ASN AA 428 -11.50 -99.30 178.76
CA ASN AA 428 -11.46 -100.74 178.60
C ASN AA 428 -12.88 -101.28 178.51
N PRO AA 429 -13.26 -101.96 177.42
CA PRO AA 429 -14.63 -102.48 177.32
C PRO AA 429 -14.95 -103.56 178.35
N ASN AA 430 -13.94 -104.21 178.92
CA ASN AA 430 -14.14 -105.28 179.89
C ASN AA 430 -13.70 -104.89 181.30
N ALA AA 431 -13.60 -103.59 181.58
CA ALA AA 431 -13.20 -103.14 182.91
C ALA AA 431 -14.40 -103.20 183.84
N ILE AA 432 -14.30 -104.06 184.86
CA ILE AA 432 -15.37 -104.19 185.85
C ILE AA 432 -15.24 -103.06 186.85
N ILE AA 433 -16.33 -102.32 187.06
CA ILE AA 433 -16.35 -101.19 187.97
C ILE AA 433 -17.15 -101.57 189.20
N LEU AA 434 -16.53 -101.42 190.37
CA LEU AA 434 -17.16 -101.73 191.65
C LEU AA 434 -17.53 -100.41 192.34
N CYS AA 435 -18.80 -100.06 192.30
CA CYS AA 435 -19.29 -98.82 192.88
C CYS AA 435 -19.53 -99.01 194.37
N ILE AA 436 -19.01 -98.09 195.17
CA ILE AA 436 -19.15 -98.11 196.62
C ILE AA 436 -19.83 -96.83 197.06
N GLN AA 437 -20.89 -96.96 197.85
CA GLN AA 437 -21.65 -95.82 198.35
C GLN AA 437 -21.59 -95.81 199.88
N ASP AA 438 -22.35 -94.90 200.48
CA ASP AA 438 -22.39 -94.74 201.92
C ASP AA 438 -23.83 -94.75 202.39
N GLY AA 439 -24.02 -94.96 203.69
CA GLY AA 439 -25.36 -94.97 204.26
C GLY AA 439 -26.05 -93.62 204.14
N SER AA 440 -25.30 -92.54 204.31
CA SER AA 440 -25.85 -91.19 204.22
C SER AA 440 -25.89 -90.66 202.78
N VAL AA 441 -25.37 -91.42 201.82
CA VAL AA 441 -25.33 -91.01 200.42
C VAL AA 441 -26.33 -91.87 199.65
N ASP AA 442 -27.25 -91.21 198.94
CA ASP AA 442 -28.25 -91.91 198.16
C ASP AA 442 -27.65 -92.48 196.88
N ALA AA 443 -28.41 -93.34 196.22
CA ALA AA 443 -27.94 -93.95 194.97
C ALA AA 443 -27.75 -92.89 193.89
N GLU AA 444 -28.68 -91.95 193.78
CA GLU AA 444 -28.56 -90.90 192.79
C GLU AA 444 -27.47 -89.89 193.14
N ARG AA 445 -27.13 -89.77 194.42
CA ARG AA 445 -26.08 -88.84 194.85
C ARG AA 445 -24.68 -89.36 194.56
N SER AA 446 -24.54 -90.62 194.17
CA SER AA 446 -23.22 -91.19 193.89
C SER AA 446 -22.80 -90.79 192.49
N ILE AA 447 -21.69 -90.05 192.40
CA ILE AA 447 -21.20 -89.61 191.09
C ILE AA 447 -20.71 -90.81 190.28
N VAL AA 448 -20.08 -91.78 190.95
CA VAL AA 448 -19.57 -92.96 190.25
C VAL AA 448 -20.71 -93.75 189.62
N THR AA 449 -21.81 -93.93 190.36
CA THR AA 449 -22.95 -94.67 189.83
C THR AA 449 -23.55 -93.95 188.63
N ASP AA 450 -23.70 -92.63 188.71
CA ASP AA 450 -24.24 -91.87 187.59
C ASP AA 450 -23.34 -91.96 186.38
N LEU AA 451 -22.02 -91.87 186.58
CA LEU AA 451 -21.08 -91.97 185.47
C LEU AA 451 -21.13 -93.36 184.84
N VAL AA 452 -21.23 -94.41 185.65
CA VAL AA 452 -21.34 -95.76 185.11
C VAL AA 452 -22.62 -95.92 184.31
N SER AA 453 -23.74 -95.39 184.83
CA SER AA 453 -25.01 -95.48 184.12
C SER AA 453 -24.94 -94.74 182.79
N GLN AA 454 -24.33 -93.55 182.78
CA GLN AA 454 -24.20 -92.78 181.54
C GLN AA 454 -23.32 -93.51 180.53
N MET AA 455 -22.20 -94.09 180.99
CA MET AA 455 -21.30 -94.78 180.07
C MET AA 455 -21.83 -96.15 179.68
N ASP AA 456 -22.53 -96.83 180.58
CA ASP AA 456 -23.06 -98.18 180.34
C ASP AA 456 -24.54 -98.19 180.69
N PRO AA 457 -25.39 -97.67 179.79
CA PRO AA 457 -26.84 -97.70 180.07
C PRO AA 457 -27.40 -99.10 180.25
N HIS AA 458 -26.88 -100.09 179.52
CA HIS AA 458 -27.37 -101.46 179.64
C HIS AA 458 -26.93 -102.07 180.98
N GLY AA 459 -25.67 -101.88 181.35
CA GLY AA 459 -25.18 -102.44 182.60
C GLY AA 459 -25.15 -103.95 182.63
N ARG AA 460 -24.83 -104.59 181.51
CA ARG AA 460 -24.76 -106.04 181.45
C ARG AA 460 -23.52 -106.62 182.10
N ARG AA 461 -22.49 -105.81 182.34
CA ARG AA 461 -21.26 -106.26 182.97
C ARG AA 461 -20.99 -105.60 184.32
N THR AA 462 -21.75 -104.60 184.71
CA THR AA 462 -21.58 -103.92 185.98
C THR AA 462 -22.62 -104.41 186.97
N ILE AA 463 -22.18 -104.80 188.16
CA ILE AA 463 -23.05 -105.31 189.21
C ILE AA 463 -23.00 -104.34 190.37
N PHE AA 464 -24.17 -103.86 190.79
CA PHE AA 464 -24.26 -102.90 191.88
C PHE AA 464 -24.16 -103.63 193.22
N VAL AA 465 -23.33 -103.10 194.12
CA VAL AA 465 -23.15 -103.65 195.46
C VAL AA 465 -23.51 -102.56 196.47
N LEU AA 466 -24.40 -102.90 197.41
CA LEU AA 466 -24.84 -101.95 198.42
C LEU AA 466 -24.09 -102.22 199.72
N THR AA 467 -23.46 -101.18 200.25
CA THR AA 467 -22.67 -101.27 201.47
C THR AA 467 -23.24 -100.36 202.54
N LYS AA 468 -23.00 -100.73 203.81
CA LYS AA 468 -23.47 -99.97 204.96
C LYS AA 468 -24.99 -99.82 204.94
N VAL AA 469 -25.69 -100.95 204.85
CA VAL AA 469 -27.15 -100.93 204.83
C VAL AA 469 -27.71 -100.46 206.17
N ASP AA 470 -27.08 -100.87 207.28
CA ASP AA 470 -27.58 -100.48 208.60
C ASP AA 470 -27.51 -98.97 208.81
N LEU AA 471 -26.43 -98.34 208.35
CA LEU AA 471 -26.31 -96.88 208.50
C LEU AA 471 -27.39 -96.16 207.71
N ALA AA 472 -27.66 -96.61 206.48
CA ALA AA 472 -28.72 -96.00 205.70
C ALA AA 472 -30.09 -96.22 206.34
N GLU AA 473 -30.33 -97.43 206.89
CA GLU AA 473 -31.61 -97.71 207.52
C GLU AA 473 -31.81 -96.85 208.76
N LYS AA 474 -30.76 -96.65 209.56
CA LYS AA 474 -30.88 -95.86 210.77
C LYS AA 474 -31.11 -94.38 210.49
N ASN AA 475 -30.87 -93.92 209.26
CA ASN AA 475 -31.07 -92.52 208.90
C ASN AA 475 -32.48 -92.29 208.35
N VAL AA 476 -33.48 -92.71 209.14
CA VAL AA 476 -34.92 -92.62 208.84
C VAL AA 476 -35.21 -92.74 207.35
N ALA AA 477 -34.57 -93.69 206.69
CA ALA AA 477 -34.79 -93.90 205.27
C ALA AA 477 -36.09 -94.67 205.03
N SER AA 478 -36.58 -94.58 203.80
CA SER AA 478 -37.80 -95.28 203.41
C SER AA 478 -37.47 -96.71 203.03
N PRO AA 479 -38.07 -97.72 203.67
CA PRO AA 479 -37.79 -99.11 203.28
C PRO AA 479 -38.19 -99.45 201.85
N SER AA 480 -39.15 -98.72 201.29
CA SER AA 480 -39.56 -98.98 199.90
C SER AA 480 -38.41 -98.72 198.93
N ARG AA 481 -37.65 -97.65 199.14
CA ARG AA 481 -36.51 -97.35 198.28
C ARG AA 481 -35.46 -98.45 198.38
N ILE AA 482 -35.18 -98.92 199.60
CA ILE AA 482 -34.20 -99.99 199.78
C ILE AA 482 -34.67 -101.26 199.09
N GLN AA 483 -35.96 -101.59 199.23
CA GLN AA 483 -36.49 -102.79 198.59
C GLN AA 483 -36.39 -102.67 197.07
N GLN AA 484 -36.72 -101.51 196.52
CA GLN AA 484 -36.62 -101.31 195.08
C GLN AA 484 -35.18 -101.42 194.60
N ILE AA 485 -34.23 -100.86 195.35
CA ILE AA 485 -32.83 -100.94 194.97
C ILE AA 485 -32.36 -102.39 195.00
N ILE AA 486 -32.71 -103.12 196.05
CA ILE AA 486 -32.31 -104.52 196.16
C ILE AA 486 -32.96 -105.36 195.06
N GLU AA 487 -34.26 -105.16 194.82
CA GLU AA 487 -34.95 -105.90 193.78
C GLU AA 487 -34.56 -105.44 192.37
N GLY AA 488 -34.13 -104.19 192.23
CA GLY AA 488 -33.71 -103.69 190.93
C GLY AA 488 -34.83 -103.06 190.14
N LYS AA 489 -35.73 -102.35 190.82
CA LYS AA 489 -36.85 -101.67 190.18
C LYS AA 489 -36.61 -100.18 190.00
N LEU AA 490 -35.40 -99.70 190.28
CA LEU AA 490 -35.06 -98.28 190.16
C LEU AA 490 -33.90 -98.02 189.21
N PHE AA 491 -32.89 -98.88 189.20
CA PHE AA 491 -31.74 -98.68 188.33
C PHE AA 491 -32.11 -99.05 186.89
N PRO AA 492 -31.95 -98.13 185.93
CA PRO AA 492 -32.28 -98.48 184.53
C PRO AA 492 -31.42 -99.60 183.97
N MET AA 493 -30.17 -99.73 184.42
CA MET AA 493 -29.28 -100.75 183.91
C MET AA 493 -29.75 -102.14 184.34
N LYS AA 494 -29.53 -103.12 183.47
CA LYS AA 494 -29.93 -104.50 183.72
C LYS AA 494 -28.71 -105.26 184.25
N ALA AA 495 -28.45 -105.06 185.54
CA ALA AA 495 -27.32 -105.73 186.18
C ALA AA 495 -27.63 -107.22 186.38
N LEU AA 496 -26.56 -108.01 186.49
CA LEU AA 496 -26.71 -109.44 186.69
C LEU AA 496 -27.29 -109.78 188.05
N GLY AA 497 -27.22 -108.88 189.01
CA GLY AA 497 -27.78 -109.13 190.32
C GLY AA 497 -27.55 -107.94 191.23
N TYR AA 498 -28.16 -108.00 192.40
CA TYR AA 498 -28.03 -106.95 193.41
C TYR AA 498 -27.93 -107.60 194.78
N PHE AA 499 -26.88 -107.26 195.52
CA PHE AA 499 -26.64 -107.79 196.86
C PHE AA 499 -26.39 -106.64 197.82
N ALA AA 500 -26.95 -106.75 199.03
CA ALA AA 500 -26.80 -105.74 200.07
C ALA AA 500 -26.00 -106.34 201.22
N VAL AA 501 -24.91 -105.66 201.59
CA VAL AA 501 -24.03 -106.11 202.65
C VAL AA 501 -23.76 -104.94 203.60
N VAL AA 502 -23.30 -105.28 204.79
CA VAL AA 502 -22.96 -104.30 205.82
C VAL AA 502 -21.47 -104.39 206.08
N THR AA 503 -20.78 -103.26 205.96
CA THR AA 503 -19.34 -103.18 206.16
C THR AA 503 -19.00 -102.37 207.41
N GLY AA 504 -19.82 -102.49 208.45
CA GLY AA 504 -19.59 -101.78 209.68
C GLY AA 504 -20.07 -100.34 209.61
N LYS AA 505 -19.78 -99.60 210.68
CA LYS AA 505 -20.18 -98.20 210.78
C LYS AA 505 -19.21 -97.26 210.08
N GLY AA 506 -18.10 -97.77 209.55
CA GLY AA 506 -17.14 -96.93 208.86
C GLY AA 506 -16.20 -96.17 209.76
N ASN AA 507 -16.19 -96.45 211.06
CA ASN AA 507 -15.32 -95.74 211.99
C ASN AA 507 -13.93 -96.35 211.95
N SER AA 508 -13.04 -95.88 212.81
CA SER AA 508 -11.66 -96.35 212.89
C SER AA 508 -11.37 -97.00 214.24
N SER AA 509 -12.38 -97.60 214.86
CA SER AA 509 -12.20 -98.24 216.16
C SER AA 509 -12.85 -99.63 216.21
N GLU AA 510 -13.22 -100.19 215.06
CA GLU AA 510 -13.84 -101.51 215.00
C GLU AA 510 -12.90 -102.46 214.27
N SER AA 511 -12.60 -103.59 214.88
CA SER AA 511 -11.72 -104.57 214.26
C SER AA 511 -12.44 -105.29 213.12
N ILE AA 512 -11.64 -105.95 212.27
CA ILE AA 512 -12.19 -106.68 211.14
C ILE AA 512 -13.08 -107.81 211.62
N GLU AA 513 -12.63 -108.55 212.65
CA GLU AA 513 -13.43 -109.65 213.17
C GLU AA 513 -14.76 -109.16 213.74
N ALA AA 514 -14.73 -108.03 214.47
CA ALA AA 514 -15.96 -107.48 215.03
C ALA AA 514 -16.94 -107.08 213.93
N ILE AA 515 -16.44 -106.43 212.86
CA ILE AA 515 -17.30 -106.03 211.76
C ILE AA 515 -17.88 -107.26 211.06
N ARG AA 516 -17.05 -108.30 210.87
CA ARG AA 516 -17.55 -109.52 210.25
C ARG AA 516 -18.62 -110.19 211.09
N GLU AA 517 -18.42 -110.23 212.41
CA GLU AA 517 -19.43 -110.82 213.30
C GLU AA 517 -20.72 -110.01 213.28
N TYR AA 518 -20.60 -108.67 213.26
CA TYR AA 518 -21.80 -107.83 213.19
C TYR AA 518 -22.54 -108.05 211.89
N GLU AA 519 -21.82 -108.17 210.77
CA GLU AA 519 -22.45 -108.41 209.49
C GLU AA 519 -23.14 -109.78 209.47
N GLU AA 520 -22.49 -110.80 210.05
CA GLU AA 520 -23.11 -112.12 210.11
C GLU AA 520 -24.38 -112.09 210.96
N GLU AA 521 -24.34 -111.39 212.10
CA GLU AA 521 -25.52 -111.27 212.95
C GLU AA 521 -26.64 -110.54 212.23
N PHE AA 522 -26.31 -109.47 211.50
CA PHE AA 522 -27.33 -108.73 210.74
C PHE AA 522 -27.94 -109.60 209.65
N PHE AA 523 -27.11 -110.39 208.96
CA PHE AA 523 -27.63 -111.29 207.93
C PHE AA 523 -28.53 -112.35 208.54
N GLN AA 524 -28.15 -112.90 209.69
CA GLN AA 524 -28.97 -113.92 210.34
C GLN AA 524 -30.30 -113.33 210.80
N ASN AA 525 -30.28 -112.14 211.40
CA ASN AA 525 -31.48 -111.47 211.88
C ASN AA 525 -31.49 -110.05 211.34
N SER AA 526 -32.32 -109.81 210.32
CA SER AA 526 -32.44 -108.52 209.68
C SER AA 526 -33.88 -108.01 209.78
N LYS AA 527 -34.02 -106.70 209.91
CA LYS AA 527 -35.33 -106.07 209.99
C LYS AA 527 -36.08 -106.07 208.66
N LEU AA 528 -35.39 -106.34 207.56
CA LEU AA 528 -36.02 -106.36 206.24
C LEU AA 528 -36.30 -107.76 205.72
N LEU AA 529 -35.51 -108.75 206.13
CA LEU AA 529 -35.75 -110.12 205.69
C LEU AA 529 -37.01 -110.71 206.32
N LYS AA 530 -37.36 -110.28 207.53
CA LYS AA 530 -38.55 -110.78 208.20
C LYS AA 530 -39.84 -110.22 207.63
N THR AA 531 -39.76 -109.21 206.77
CA THR AA 531 -40.95 -108.62 206.15
C THR AA 531 -41.33 -109.30 204.84
N SER AA 532 -40.59 -110.33 204.42
CA SER AA 532 -40.87 -111.06 203.19
C SER AA 532 -40.89 -110.12 201.97
N MET AA 533 -39.97 -109.16 201.97
CA MET AA 533 -39.86 -108.21 200.87
C MET AA 533 -38.55 -108.33 200.10
N LEU AA 534 -37.68 -109.26 200.48
CA LEU AA 534 -36.40 -109.46 199.82
C LEU AA 534 -36.26 -110.92 199.40
N LYS AA 535 -35.61 -111.13 198.27
CA LYS AA 535 -35.42 -112.48 197.75
C LYS AA 535 -34.47 -113.27 198.64
N ALA AA 536 -34.77 -114.55 198.81
CA ALA AA 536 -33.95 -115.40 199.69
C ALA AA 536 -32.64 -115.78 199.03
N HIS AA 537 -32.58 -115.79 197.70
CA HIS AA 537 -31.36 -116.17 196.98
C HIS AA 537 -30.40 -115.02 196.78
N GLN AA 538 -30.75 -113.81 197.22
CA GLN AA 538 -29.90 -112.64 197.10
C GLN AA 538 -29.16 -112.33 198.39
N VAL AA 539 -28.76 -113.36 199.15
CA VAL AA 539 -28.06 -113.16 200.41
C VAL AA 539 -26.62 -113.60 200.26
N THR AA 540 -25.79 -113.31 201.28
CA THR AA 540 -24.38 -113.63 201.30
C THR AA 540 -23.64 -113.07 200.09
N THR AA 541 -22.42 -113.55 199.84
CA THR AA 541 -21.62 -113.07 198.72
C THR AA 541 -20.93 -114.19 197.95
N ARG AA 542 -21.12 -115.46 198.31
CA ARG AA 542 -20.40 -116.54 197.66
C ARG AA 542 -20.81 -116.67 196.19
N ASN AA 543 -22.12 -116.68 195.92
CA ASN AA 543 -22.59 -116.82 194.55
C ASN AA 543 -22.17 -115.63 193.70
N LEU AA 544 -22.29 -114.42 194.24
CA LEU AA 544 -21.88 -113.23 193.50
C LEU AA 544 -20.39 -113.25 193.20
N SER AA 545 -19.57 -113.64 194.18
CA SER AA 545 -18.13 -113.72 193.97
C SER AA 545 -17.79 -114.76 192.91
N LEU AA 546 -18.44 -115.93 192.96
CA LEU AA 546 -18.18 -116.96 191.97
C LEU AA 546 -18.58 -116.49 190.57
N ALA AA 547 -19.74 -115.84 190.44
CA ALA AA 547 -20.15 -115.34 189.14
C ALA AA 547 -19.19 -114.28 188.61
N VAL AA 548 -18.76 -113.37 189.48
CA VAL AA 548 -17.82 -112.33 189.06
C VAL AA 548 -16.50 -112.94 188.63
N SER AA 549 -16.01 -113.93 189.38
CA SER AA 549 -14.75 -114.58 189.03
C SER AA 549 -14.88 -115.30 187.69
N ASP AA 550 -15.99 -116.00 187.46
CA ASP AA 550 -16.17 -116.71 186.20
C ASP AA 550 -16.24 -115.73 185.02
N CYS AA 551 -16.98 -114.62 185.20
CA CYS AA 551 -17.08 -113.63 184.14
C CYS AA 551 -15.72 -113.01 183.85
N PHE AA 552 -14.96 -112.68 184.89
CA PHE AA 552 -13.64 -112.11 184.69
C PHE AA 552 -12.71 -113.10 183.98
N TRP AA 553 -12.77 -114.38 184.37
CA TRP AA 553 -11.92 -115.37 183.72
C TRP AA 553 -12.27 -115.54 182.26
N LYS AA 554 -13.56 -115.62 181.92
CA LYS AA 554 -13.94 -115.80 180.53
C LYS AA 554 -13.59 -114.55 179.70
N MET AA 555 -13.81 -113.36 180.26
CA MET AA 555 -13.49 -112.15 179.50
C MET AA 555 -11.99 -111.98 179.31
N VAL AA 556 -11.19 -112.33 180.32
CA VAL AA 556 -9.75 -112.22 180.16
C VAL AA 556 -9.23 -113.30 179.20
N ARG AA 557 -9.86 -114.48 179.19
CA ARG AA 557 -9.48 -115.49 178.21
C ARG AA 557 -9.76 -115.02 176.79
N GLU AA 558 -10.94 -114.43 176.57
CA GLU AA 558 -11.25 -113.89 175.25
C GLU AA 558 -10.29 -112.77 174.88
N SER AA 559 -9.98 -111.89 175.83
CA SER AA 559 -9.08 -110.78 175.56
C SER AA 559 -7.69 -111.27 175.20
N VAL AA 560 -7.17 -112.26 175.93
CA VAL AA 560 -5.83 -112.77 175.63
C VAL AA 560 -5.83 -113.53 174.31
N GLU AA 561 -6.92 -114.23 173.99
CA GLU AA 561 -7.01 -114.91 172.70
C GLU AA 561 -6.96 -113.91 171.56
N GLN AA 562 -7.68 -112.78 171.69
CA GLN AA 562 -7.61 -111.75 170.67
C GLN AA 562 -6.23 -111.10 170.62
N GLN AA 563 -5.63 -110.84 171.79
CA GLN AA 563 -4.36 -110.14 171.82
C GLN AA 563 -3.20 -111.00 171.31
N ALA AA 564 -3.31 -112.33 171.39
CA ALA AA 564 -2.27 -113.20 170.87
C ALA AA 564 -2.00 -112.92 169.39
N ASP AA 565 -3.01 -112.48 168.65
CA ASP AA 565 -2.82 -112.04 167.27
C ASP AA 565 -2.74 -110.53 167.12
N SER AA 566 -3.42 -109.78 167.99
CA SER AA 566 -3.38 -108.32 167.90
C SER AA 566 -1.97 -107.79 168.13
N PHE AA 567 -1.27 -108.30 169.13
CA PHE AA 567 0.08 -107.85 169.41
C PHE AA 567 1.06 -108.28 168.33
N LYS AA 568 0.87 -109.46 167.75
CA LYS AA 568 1.70 -109.89 166.63
C LYS AA 568 1.50 -108.95 165.44
N ALA AA 569 0.24 -108.60 165.14
CA ALA AA 569 -0.03 -107.67 164.05
C ALA AA 569 0.59 -106.31 164.34
N THR AA 570 0.50 -105.84 165.58
CA THR AA 570 1.07 -104.54 165.94
C THR AA 570 2.59 -104.56 165.78
N ARG AA 571 3.24 -105.64 166.22
CA ARG AA 571 4.68 -105.75 166.06
C ARG AA 571 5.08 -105.79 164.59
N PHE AA 572 4.33 -106.53 163.77
CA PHE AA 572 4.63 -106.58 162.34
C PHE AA 572 4.46 -105.21 161.71
N ASN AA 573 3.41 -104.48 162.08
CA ASN AA 573 3.20 -103.14 161.53
C ASN AA 573 4.31 -102.19 161.96
N LEU AA 574 4.75 -102.27 163.23
CA LEU AA 574 5.83 -101.42 163.69
C LEU AA 574 7.14 -101.73 162.96
N GLU AA 575 7.43 -103.02 162.75
CA GLU AA 575 8.63 -103.40 162.02
C GLU AA 575 8.57 -102.90 160.58
N THR AA 576 7.41 -103.04 159.93
CA THR AA 576 7.25 -102.55 158.57
C THR AA 576 7.43 -101.04 158.50
N GLU AA 577 6.87 -100.31 159.47
CA GLU AA 577 7.02 -98.86 159.50
C GLU AA 577 8.49 -98.46 159.67
N TRP AA 578 9.19 -99.15 160.58
CA TRP AA 578 10.61 -98.84 160.79
C TRP AA 578 11.42 -99.13 159.54
N LYS AA 579 11.15 -100.25 158.86
CA LYS AA 579 11.87 -100.58 157.65
C LYS AA 579 11.57 -99.57 156.53
N ASN AA 580 10.31 -99.16 156.40
CA ASN AA 580 9.94 -98.24 155.34
C ASN AA 580 10.51 -96.85 155.56
N ASN AA 581 10.46 -96.35 156.80
CA ASN AA 581 11.00 -95.03 157.09
C ASN AA 581 12.51 -95.00 156.94
N TYR AA 582 13.19 -96.11 157.22
CA TYR AA 582 14.64 -96.20 157.13
C TYR AA 582 15.02 -97.43 156.31
N PRO AA 583 14.89 -97.34 154.98
CA PRO AA 583 15.26 -98.48 154.14
C PRO AA 583 16.72 -98.89 154.26
N ARG AA 584 17.61 -97.92 154.48
CA ARG AA 584 19.04 -98.19 154.57
C ARG AA 584 19.56 -98.20 156.00
N LEU AA 585 18.68 -98.07 156.99
CA LEU AA 585 19.06 -98.07 158.40
C LEU AA 585 18.23 -99.10 159.16
N ARG AA 586 18.92 -99.93 159.93
CA ARG AA 586 18.26 -100.96 160.73
C ARG AA 586 17.93 -100.39 162.11
N GLU AA 587 17.53 -101.27 163.04
CA GLU AA 587 17.17 -100.83 164.38
C GLU AA 587 18.35 -100.14 165.06
N LEU AA 588 18.07 -98.99 165.66
CA LEU AA 588 19.08 -98.16 166.33
C LEU AA 588 18.54 -97.81 167.71
N ASP AA 589 18.83 -98.65 168.70
CA ASP AA 589 18.40 -98.41 170.07
C ASP AA 589 19.43 -97.57 170.81
N ARG AA 590 19.21 -97.38 172.11
CA ARG AA 590 20.10 -96.52 172.89
C ARG AA 590 21.50 -97.10 172.97
N ASN AA 591 21.62 -98.41 173.18
CA ASN AA 591 22.94 -99.02 173.37
C ASN AA 591 23.77 -98.94 172.09
N GLU AA 592 23.19 -99.35 170.96
CA GLU AA 592 23.92 -99.35 169.70
C GLU AA 592 24.30 -97.93 169.29
N LEU AA 593 23.37 -96.98 169.44
CA LEU AA 593 23.67 -95.60 169.08
C LEU AA 593 24.74 -95.01 169.98
N PHE AA 594 24.70 -95.31 171.28
CA PHE AA 594 25.74 -94.83 172.18
C PHE AA 594 27.10 -95.43 171.83
N GLU AA 595 27.14 -96.72 171.50
CA GLU AA 595 28.39 -97.34 171.11
C GLU AA 595 28.92 -96.73 169.81
N LYS AA 596 28.03 -96.46 168.86
CA LYS AA 596 28.46 -95.84 167.60
C LYS AA 596 28.98 -94.43 167.84
N ALA AA 597 28.33 -93.67 168.72
CA ALA AA 597 28.82 -92.34 169.05
C ALA AA 597 30.19 -92.40 169.72
N LYS AA 598 30.38 -93.36 170.63
CA LYS AA 598 31.68 -93.52 171.28
C LYS AA 598 32.76 -93.87 170.25
N ASN AA 599 32.44 -94.78 169.32
CA ASN AA 599 33.39 -95.15 168.29
C ASN AA 599 33.73 -93.97 167.38
N GLU AA 600 32.72 -93.17 167.03
CA GLU AA 600 32.97 -91.98 166.22
C GLU AA 600 33.84 -90.97 166.95
N ILE AA 601 33.60 -90.79 168.25
CA ILE AA 601 34.44 -89.89 169.04
C ILE AA 601 35.88 -90.39 169.08
N LEU AA 602 36.05 -91.71 169.27
CA LEU AA 602 37.40 -92.27 169.28
C LEU AA 602 38.09 -92.09 167.94
N ASP AA 603 37.36 -92.30 166.84
CA ASP AA 603 37.94 -92.10 165.51
C ASP AA 603 38.32 -90.65 165.28
N GLU AA 604 37.48 -89.71 165.73
CA GLU AA 604 37.81 -88.30 165.60
C GLU AA 604 39.04 -87.93 166.41
N VAL AA 605 39.16 -88.48 167.62
CA VAL AA 605 40.35 -88.23 168.44
C VAL AA 605 41.59 -88.80 167.77
N ILE AA 606 41.47 -90.00 167.19
CA ILE AA 606 42.60 -90.61 166.49
C ILE AA 606 43.02 -89.75 165.31
N SER AA 607 42.04 -89.27 164.53
CA SER AA 607 42.36 -88.41 163.39
C SER AA 607 43.01 -87.11 163.84
N LEU AA 608 42.52 -86.53 164.94
CA LEU AA 608 43.12 -85.32 165.49
C LEU AA 608 44.57 -85.56 165.90
N SER AA 609 44.84 -86.70 166.54
CA SER AA 609 46.20 -87.01 166.96
C SER AA 609 47.09 -87.34 165.77
N GLN AA 610 46.52 -87.78 164.66
CA GLN AA 610 47.29 -88.19 163.50
C GLN AA 610 47.62 -87.05 162.55
N VAL AA 611 47.14 -85.84 162.82
CA VAL AA 611 47.45 -84.69 161.97
C VAL AA 611 48.93 -84.36 162.09
N THR AA 612 49.55 -84.02 160.95
CA THR AA 612 50.96 -83.69 160.91
C THR AA 612 51.25 -82.48 161.79
N PRO AA 613 52.24 -82.55 162.70
CA PRO AA 613 52.52 -81.39 163.56
C PRO AA 613 52.93 -80.15 162.80
N LYS AA 614 53.52 -80.29 161.61
CA LYS AA 614 53.96 -79.12 160.85
C LYS AA 614 52.80 -78.21 160.49
N HIS AA 615 51.67 -78.80 160.07
CA HIS AA 615 50.49 -78.00 159.76
C HIS AA 615 49.97 -77.28 160.99
N TRP AA 616 49.98 -77.95 162.14
CA TRP AA 616 49.58 -77.30 163.39
C TRP AA 616 50.49 -76.12 163.70
N GLU AA 617 51.80 -76.31 163.56
CA GLU AA 617 52.73 -75.22 163.83
C GLU AA 617 52.51 -74.04 162.91
N GLU AA 618 52.31 -74.32 161.61
CA GLU AA 618 52.08 -73.24 160.66
C GLU AA 618 50.79 -72.49 160.97
N ILE AA 619 49.71 -73.22 161.28
CA ILE AA 619 48.43 -72.59 161.57
C ILE AA 619 48.54 -71.74 162.84
N LEU AA 620 49.17 -72.29 163.88
CA LEU AA 620 49.31 -71.55 165.13
C LEU AA 620 50.16 -70.30 164.94
N GLN AA 621 51.26 -70.41 164.19
CA GLN AA 621 52.11 -69.26 163.95
C GLN AA 621 51.36 -68.18 163.19
N GLN AA 622 50.64 -68.57 162.14
CA GLN AA 622 49.91 -67.59 161.33
C GLN AA 622 48.82 -66.91 162.16
N SER AA 623 48.06 -67.70 162.94
CA SER AA 623 46.99 -67.13 163.74
C SER AA 623 47.54 -66.19 164.81
N LEU AA 624 48.62 -66.60 165.49
CA LEU AA 624 49.22 -65.76 166.52
C LEU AA 624 49.76 -64.47 165.92
N TRP AA 625 50.43 -64.55 164.77
CA TRP AA 625 50.97 -63.36 164.14
C TRP AA 625 49.84 -62.41 163.75
N GLU AA 626 48.77 -62.94 163.15
CA GLU AA 626 47.64 -62.09 162.78
C GLU AA 626 47.00 -61.46 163.99
N ARG AA 627 46.99 -62.19 165.12
CA ARG AA 627 46.36 -61.66 166.33
C ARG AA 627 47.21 -60.57 166.97
N VAL AA 628 48.52 -60.74 167.00
CA VAL AA 628 49.39 -59.84 167.77
C VAL AA 628 50.07 -58.79 166.88
N SER AA 629 49.76 -58.77 165.58
CA SER AA 629 50.36 -57.74 164.73
C SER AA 629 49.99 -56.34 165.19
N THR AA 630 48.70 -56.11 165.46
CA THR AA 630 48.27 -54.79 165.91
C THR AA 630 48.86 -54.45 167.27
N HIS AA 631 48.90 -55.43 168.18
CA HIS AA 631 49.48 -55.19 169.50
C HIS AA 631 50.95 -54.81 169.39
N VAL AA 632 51.71 -55.54 168.58
CA VAL AA 632 53.13 -55.24 168.40
C VAL AA 632 53.31 -53.86 167.78
N ILE AA 633 52.50 -53.53 166.77
CA ILE AA 633 52.62 -52.22 166.13
C ILE AA 633 52.36 -51.11 167.14
N GLU AA 634 51.24 -51.19 167.86
CA GLU AA 634 50.85 -50.14 168.79
C GLU AA 634 51.71 -50.09 170.04
N ASN AA 635 52.47 -51.15 170.34
CA ASN AA 635 53.36 -51.16 171.49
C ASN AA 635 54.81 -50.88 171.12
N ILE AA 636 55.16 -50.89 169.84
CA ILE AA 636 56.53 -50.63 169.43
C ILE AA 636 56.64 -49.34 168.65
N TYR AA 637 55.92 -49.24 167.53
CA TYR AA 637 56.08 -48.08 166.66
C TYR AA 637 55.43 -46.84 167.22
N LEU AA 638 54.32 -46.99 167.96
CA LEU AA 638 53.66 -45.83 168.54
C LEU AA 638 54.55 -45.05 169.52
N PRO AA 639 55.24 -45.69 170.47
CA PRO AA 639 56.15 -44.90 171.31
C PRO AA 639 57.40 -44.47 170.57
N ALA AA 640 57.99 -45.35 169.77
CA ALA AA 640 59.20 -45.04 169.01
C ALA AA 640 58.86 -44.57 167.60
N ALA AA 641 58.09 -43.49 167.53
CA ALA AA 641 57.62 -42.95 166.26
C ALA AA 641 58.57 -41.90 165.67
N GLN AA 642 59.61 -41.49 166.42
CA GLN AA 642 60.53 -40.46 165.94
C GLN AA 642 61.99 -40.88 166.09
N THR AA 643 62.25 -42.18 166.24
CA THR AA 643 63.62 -42.64 166.35
C THR AA 643 64.35 -42.50 165.02
N MET AA 644 65.61 -42.05 165.09
CA MET AA 644 66.44 -41.88 163.91
C MET AA 644 67.49 -42.97 163.77
N ASN AA 645 68.21 -43.28 164.84
CA ASN AA 645 69.22 -44.33 164.80
C ASN AA 645 68.58 -45.70 164.88
N SER AA 646 69.06 -46.62 164.03
CA SER AA 646 68.52 -47.97 164.04
C SER AA 646 68.86 -48.72 165.32
N GLY AA 647 70.01 -48.40 165.94
CA GLY AA 647 70.38 -49.07 167.17
C GLY AA 647 69.44 -48.78 168.31
N THR AA 648 69.02 -47.52 168.46
CA THR AA 648 68.06 -47.17 169.49
C THR AA 648 66.72 -47.87 169.27
N PHE AA 649 66.28 -47.93 168.01
CA PHE AA 649 65.03 -48.62 167.69
C PHE AA 649 65.13 -50.10 168.03
N ASN AA 650 66.26 -50.73 167.69
CA ASN AA 650 66.44 -52.15 168.01
C ASN AA 650 66.46 -52.37 169.52
N THR AA 651 67.13 -51.49 170.26
CA THR AA 651 67.15 -51.61 171.71
C THR AA 651 65.75 -51.48 172.30
N THR AA 652 64.98 -50.52 171.80
CA THR AA 652 63.61 -50.36 172.28
C THR AA 652 62.76 -51.59 171.95
N VAL AA 653 62.95 -52.15 170.76
CA VAL AA 653 62.21 -53.35 170.37
C VAL AA 653 62.56 -54.51 171.31
N ASP AA 654 63.85 -54.68 171.60
CA ASP AA 654 64.27 -55.74 172.51
C ASP AA 654 63.70 -55.54 173.91
N ILE AA 655 63.70 -54.30 174.40
CA ILE AA 655 63.16 -54.01 175.72
C ILE AA 655 61.67 -54.34 175.76
N LYS AA 656 60.93 -53.92 174.73
CA LYS AA 656 59.49 -54.19 174.70
C LYS AA 656 59.22 -55.70 174.60
N LEU AA 657 60.00 -56.41 173.80
CA LEU AA 657 59.81 -57.86 173.69
C LEU AA 657 60.09 -58.56 175.01
N LYS AA 658 61.16 -58.16 175.70
CA LYS AA 658 61.47 -58.76 176.99
C LYS AA 658 60.37 -58.46 178.01
N GLN AA 659 59.88 -57.22 178.03
CA GLN AA 659 58.80 -56.88 178.95
C GLN AA 659 57.54 -57.69 178.65
N TRP AA 660 57.19 -57.84 177.38
CA TRP AA 660 56.01 -58.62 177.01
C TRP AA 660 56.18 -60.09 177.41
N THR AA 661 57.36 -60.66 177.16
CA THR AA 661 57.60 -62.05 177.54
C THR AA 661 57.50 -62.23 179.05
N ASP AA 662 58.02 -61.27 179.82
CA ASP AA 662 57.97 -61.39 181.27
C ASP AA 662 56.56 -61.21 181.81
N LYS AA 663 55.77 -60.30 181.22
CA LYS AA 663 54.51 -59.91 181.83
C LYS AA 663 53.38 -60.90 181.51
N GLN AA 664 52.99 -61.00 180.24
CA GLN AA 664 51.78 -61.75 179.89
C GLN AA 664 51.86 -62.54 178.60
N LEU AA 665 53.01 -62.55 177.91
CA LEU AA 665 53.08 -63.26 176.63
C LEU AA 665 52.80 -64.75 176.75
N PRO AA 666 53.37 -65.49 177.71
CA PRO AA 666 53.00 -66.92 177.82
C PRO AA 666 51.51 -67.13 178.06
N ASN AA 667 50.87 -66.28 178.85
CA ASN AA 667 49.44 -66.42 179.08
C ASN AA 667 48.65 -66.19 177.80
N LYS AA 668 49.02 -65.18 177.02
CA LYS AA 668 48.35 -64.93 175.75
C LYS AA 668 48.55 -66.08 174.78
N ALA AA 669 49.77 -66.63 174.73
CA ALA AA 669 50.03 -67.77 173.86
C ALA AA 669 49.21 -68.98 174.26
N VAL AA 670 49.11 -69.25 175.57
CA VAL AA 670 48.30 -70.37 176.05
C VAL AA 670 46.84 -70.16 175.70
N GLU AA 671 46.32 -68.95 175.89
CA GLU AA 671 44.93 -68.66 175.55
C GLU AA 671 44.69 -68.84 174.05
N VAL AA 672 45.61 -68.36 173.22
CA VAL AA 672 45.44 -68.50 171.78
C VAL AA 672 45.46 -69.97 171.37
N ALA AA 673 46.39 -70.75 171.94
CA ALA AA 673 46.44 -72.17 171.62
C ALA AA 673 45.18 -72.89 172.05
N TRP AA 674 44.66 -72.57 173.24
CA TRP AA 674 43.44 -73.20 173.72
C TRP AA 674 42.25 -72.83 172.84
N GLU AA 675 42.17 -71.56 172.42
CA GLU AA 675 41.08 -71.14 171.54
C GLU AA 675 41.17 -71.84 170.19
N THR AA 676 42.38 -71.98 169.64
CA THR AA 676 42.53 -72.69 168.37
C THR AA 676 42.15 -74.16 168.51
N LEU AA 677 42.54 -74.79 169.61
CA LEU AA 677 42.15 -76.18 169.84
C LEU AA 677 40.64 -76.32 169.95
N GLN AA 678 39.99 -75.38 170.66
CA GLN AA 678 38.54 -75.40 170.76
C GLN AA 678 37.87 -75.23 169.41
N GLU AA 679 38.40 -74.32 168.58
CA GLU AA 679 37.85 -74.11 167.25
C GLU AA 679 37.99 -75.35 166.38
N GLU AA 680 39.16 -76.00 166.43
CA GLU AA 680 39.37 -77.22 165.67
C GLU AA 680 38.42 -78.32 166.14
N PHE AA 681 38.27 -78.47 167.46
CA PHE AA 681 37.37 -79.49 168.00
C PHE AA 681 35.93 -79.23 167.58
N SER AA 682 35.50 -77.96 167.63
CA SER AA 682 34.14 -77.62 167.23
C SER AA 682 33.92 -77.88 165.75
N ARG AA 683 34.90 -77.53 164.91
CA ARG AA 683 34.76 -77.79 163.48
C ARG AA 683 34.70 -79.28 163.18
N PHE AA 684 35.51 -80.07 163.88
CA PHE AA 684 35.47 -81.52 163.69
C PHE AA 684 34.13 -82.09 164.16
N MET AA 685 33.60 -81.60 165.28
CA MET AA 685 32.32 -82.09 165.77
C MET AA 685 31.19 -81.73 164.82
N THR AA 686 31.20 -80.51 164.29
CA THR AA 686 30.18 -80.04 163.36
C THR AA 686 30.82 -79.92 161.98
N GLU AA 687 30.80 -81.03 161.23
CA GLU AA 687 31.39 -81.10 159.90
C GLU AA 687 30.32 -81.62 158.93
N PRO AA 688 29.49 -80.71 158.41
CA PRO AA 688 28.37 -81.13 157.55
C PRO AA 688 28.80 -81.46 156.12
N LYS AA 689 29.82 -82.32 156.01
CA LYS AA 689 30.24 -82.80 154.70
C LYS AA 689 29.15 -83.65 154.05
N GLY AA 690 28.47 -84.48 154.83
CA GLY AA 690 27.40 -85.28 154.29
C GLY AA 690 26.19 -84.45 153.93
N LYS AA 691 25.43 -84.95 152.95
CA LYS AA 691 24.24 -84.23 152.49
C LYS AA 691 23.10 -84.25 153.51
N GLU AA 692 23.11 -85.21 154.44
CA GLU AA 692 22.04 -85.30 155.43
C GLU AA 692 22.41 -84.53 156.69
N HIS AA 693 23.50 -84.93 157.33
CA HIS AA 693 24.00 -84.30 158.56
C HIS AA 693 22.90 -84.17 159.60
N ASP AA 694 22.41 -85.34 160.03
CA ASP AA 694 21.36 -85.39 161.04
C ASP AA 694 21.78 -84.67 162.32
N ASP AA 695 20.89 -83.84 162.83
CA ASP AA 695 21.19 -83.03 164.01
C ASP AA 695 21.05 -83.78 165.32
N ILE AA 696 20.44 -84.97 165.31
CA ILE AA 696 20.29 -85.75 166.54
C ILE AA 696 21.66 -86.11 167.10
N PHE AA 697 22.58 -86.57 166.24
CA PHE AA 697 23.94 -86.85 166.69
C PHE AA 697 24.71 -85.56 166.93
N ASP AA 698 24.40 -84.51 166.17
CA ASP AA 698 25.13 -83.25 166.31
C ASP AA 698 24.90 -82.62 167.68
N LYS AA 699 23.67 -82.68 168.20
CA LYS AA 699 23.40 -82.13 169.51
C LYS AA 699 24.19 -82.87 170.59
N LEU AA 700 24.22 -84.20 170.52
CA LEU AA 700 25.01 -84.97 171.48
C LEU AA 700 26.49 -84.66 171.36
N LYS AA 701 26.99 -84.51 170.13
CA LYS AA 701 28.40 -84.17 169.94
C LYS AA 701 28.72 -82.81 170.54
N GLU AA 702 27.83 -81.83 170.34
CA GLU AA 702 28.04 -80.50 170.91
C GLU AA 702 28.00 -80.54 172.43
N ALA AA 703 27.07 -81.31 173.00
CA ALA AA 703 27.00 -81.44 174.45
C ALA AA 703 28.27 -82.07 175.02
N VAL AA 704 28.77 -83.12 174.35
CA VAL AA 704 30.00 -83.76 174.80
C VAL AA 704 31.18 -82.80 174.68
N LYS AA 705 31.23 -82.03 173.60
CA LYS AA 705 32.29 -81.05 173.43
C LYS AA 705 32.27 -80.00 174.53
N GLU AA 706 31.08 -79.49 174.86
CA GLU AA 706 30.95 -78.51 175.93
C GLU AA 706 31.37 -79.10 177.28
N GLU AA 707 30.95 -80.33 177.55
CA GLU AA 707 31.34 -80.97 178.81
C GLU AA 707 32.85 -81.16 178.89
N SER AA 708 33.48 -81.58 177.79
CA SER AA 708 34.93 -81.76 177.78
C SER AA 708 35.64 -80.42 177.96
N ILE AA 709 35.13 -79.35 177.32
CA ILE AA 709 35.74 -78.04 177.46
C ILE AA 709 35.64 -77.56 178.90
N LYS AA 710 34.48 -77.73 179.52
CA LYS AA 710 34.31 -77.30 180.91
C LYS AA 710 35.14 -78.14 181.87
N ARG AA 711 35.32 -79.43 181.57
CA ARG AA 711 36.09 -80.32 182.43
C ARG AA 711 37.58 -80.27 182.17
N HIS AA 712 38.01 -79.61 181.09
CA HIS AA 712 39.43 -79.57 180.76
C HIS AA 712 40.21 -78.79 181.81
N LYS AA 713 41.43 -79.24 182.10
CA LYS AA 713 42.31 -78.62 183.08
C LYS AA 713 43.65 -78.30 182.44
N TRP AA 714 44.37 -77.36 183.05
CA TRP AA 714 45.68 -76.94 182.58
C TRP AA 714 46.69 -77.04 183.71
N ASN AA 715 47.95 -77.26 183.34
CA ASN AA 715 49.04 -77.43 184.28
C ASN AA 715 49.93 -76.20 184.28
N ASP AA 716 50.22 -75.66 185.47
CA ASP AA 716 51.07 -74.49 185.56
C ASP AA 716 52.53 -74.80 185.22
N PHE AA 717 52.93 -76.06 185.38
CA PHE AA 717 54.29 -76.45 184.98
C PHE AA 717 54.48 -76.27 183.48
N ALA AA 718 53.45 -76.60 182.68
CA ALA AA 718 53.53 -76.36 181.25
C ALA AA 718 53.67 -74.88 180.95
N GLU AA 719 52.94 -74.03 181.68
CA GLU AA 719 53.07 -72.59 181.48
C GLU AA 719 54.47 -72.10 181.81
N ASP AA 720 55.05 -72.59 182.91
CA ASP AA 720 56.41 -72.20 183.28
C ASP AA 720 57.41 -72.66 182.24
N SER AA 721 57.26 -73.88 181.74
CA SER AA 721 58.16 -74.38 180.69
C SER AA 721 58.02 -73.55 179.42
N LEU AA 722 56.79 -73.18 179.06
CA LEU AA 722 56.58 -72.34 177.89
C LEU AA 722 57.24 -70.97 178.07
N ARG AA 723 57.11 -70.39 179.25
CA ARG AA 723 57.76 -69.10 179.53
C ARG AA 723 59.27 -69.21 179.42
N VAL AA 724 59.84 -70.27 179.99
CA VAL AA 724 61.29 -70.46 179.94
C VAL AA 724 61.76 -70.63 178.51
N ILE AA 725 61.04 -71.43 177.72
CA ILE AA 725 61.44 -71.65 176.33
C ILE AA 725 61.29 -70.39 175.50
N GLN AA 726 60.23 -69.61 175.75
CA GLN AA 726 60.06 -68.35 175.04
C GLN AA 726 61.19 -67.38 175.37
N HIS AA 727 61.60 -67.31 176.64
CA HIS AA 727 62.72 -66.46 177.00
C HIS AA 727 64.04 -66.95 176.38
N ASN AA 728 64.23 -68.28 176.31
CA ASN AA 728 65.47 -68.81 175.78
C ASN AA 728 65.51 -68.75 174.25
N ALA AA 729 64.37 -68.59 173.59
CA ALA AA 729 64.32 -68.60 172.14
C ALA AA 729 64.87 -67.29 171.56
N LEU AA 730 66.17 -67.07 171.71
CA LEU AA 730 66.85 -65.91 171.15
C LEU AA 730 68.14 -66.36 170.46
N GLU AA 731 68.04 -67.40 169.64
CA GLU AA 731 69.20 -68.04 169.04
C GLU AA 731 69.73 -67.28 167.83
N ASP AA 732 68.91 -67.13 166.79
CA ASP AA 732 69.35 -66.52 165.55
C ASP AA 732 68.95 -65.05 165.50
N ARG AA 733 69.87 -64.21 165.02
CA ARG AA 733 69.64 -62.78 164.95
C ARG AA 733 70.03 -62.16 163.61
N SER AA 734 70.56 -62.92 162.67
CA SER AA 734 70.98 -62.37 161.38
C SER AA 734 70.67 -63.38 160.29
N ILE AA 735 70.55 -62.87 159.06
CA ILE AA 735 70.27 -63.67 157.88
C ILE AA 735 71.54 -63.77 157.05
N SER AA 736 71.97 -65.00 156.77
CA SER AA 736 73.13 -65.25 155.92
C SER AA 736 72.76 -65.97 154.63
N ASP AA 737 71.47 -66.05 154.31
CA ASP AA 737 71.01 -66.74 153.13
C ASP AA 737 70.24 -65.76 152.25
N LYS AA 738 70.55 -65.77 150.95
CA LYS AA 738 69.84 -64.91 150.01
C LYS AA 738 68.38 -65.32 149.90
N GLN AA 739 68.10 -66.62 149.87
CA GLN AA 739 66.73 -67.10 149.77
C GLN AA 739 65.91 -66.72 151.01
N GLN AA 740 66.51 -66.88 152.19
CA GLN AA 740 65.83 -66.47 153.42
C GLN AA 740 65.59 -64.96 153.44
N TRP AA 741 66.56 -64.19 152.95
CA TRP AA 741 66.39 -62.75 152.87
C TRP AA 741 65.24 -62.38 151.94
N ASP AA 742 65.14 -63.05 150.79
CA ASP AA 742 64.04 -62.78 149.86
C ASP AA 742 62.70 -63.19 150.47
N ALA AA 743 62.65 -64.32 151.18
CA ALA AA 743 61.42 -64.73 151.83
C ALA AA 743 60.98 -63.72 152.89
N ALA AA 744 61.93 -63.23 153.69
CA ALA AA 744 61.62 -62.21 154.68
C ALA AA 744 61.13 -60.93 154.01
N ILE AA 745 61.77 -60.55 152.89
CA ILE AA 745 61.32 -59.37 152.16
C ILE AA 745 59.89 -59.54 151.67
N TYR AA 746 59.57 -60.71 151.12
CA TYR AA 746 58.22 -60.95 150.62
C TYR AA 746 57.20 -60.93 151.75
N PHE AA 747 57.53 -61.53 152.90
CA PHE AA 747 56.61 -61.53 154.03
C PHE AA 747 56.39 -60.10 154.54
N MET AA 748 57.46 -59.32 154.65
CA MET AA 748 57.34 -57.94 155.08
C MET AA 748 56.53 -57.12 154.09
N GLU AA 749 56.73 -57.36 152.79
CA GLU AA 749 55.95 -56.67 151.78
C GLU AA 749 54.47 -57.01 151.88
N GLU AA 750 54.16 -58.28 152.11
CA GLU AA 750 52.76 -58.68 152.29
C GLU AA 750 52.14 -58.00 153.51
N ALA AA 751 52.88 -57.98 154.62
CA ALA AA 751 52.35 -57.34 155.83
C ALA AA 751 52.15 -55.84 155.61
N LEU AA 752 53.10 -55.18 154.95
CA LEU AA 752 52.97 -53.74 154.71
C LEU AA 752 51.86 -53.44 153.73
N GLN AA 753 51.65 -54.31 152.74
CA GLN AA 753 50.53 -54.13 151.82
C GLN AA 753 49.20 -54.28 152.54
N ALA AA 754 49.11 -55.25 153.46
CA ALA AA 754 47.90 -55.40 154.25
C ALA AA 754 47.65 -54.17 155.11
N ARG AA 755 48.70 -53.65 155.74
CA ARG AA 755 48.57 -52.44 156.54
C ARG AA 755 48.15 -51.25 155.69
N LEU AA 756 48.71 -51.13 154.48
CA LEU AA 756 48.35 -50.06 153.57
C LEU AA 756 46.88 -50.17 153.16
N LYS AA 757 46.41 -51.38 152.88
CA LYS AA 757 45.01 -51.56 152.53
C LYS AA 757 44.10 -51.19 153.70
N ASP AA 758 44.48 -51.57 154.92
CA ASP AA 758 43.69 -51.19 156.09
C ASP AA 758 43.65 -49.67 156.25
N THR AA 759 44.79 -49.01 156.06
CA THR AA 759 44.84 -47.56 156.17
C THR AA 759 43.99 -46.89 155.08
N GLU AA 760 44.03 -47.44 153.87
CA GLU AA 760 43.21 -46.91 152.78
C GLU AA 760 41.73 -47.07 153.09
N ASN AA 761 41.34 -48.22 153.64
CA ASN AA 761 39.94 -48.42 154.02
C ASN AA 761 39.52 -47.44 155.11
N ALA AA 762 40.38 -47.22 156.10
CA ALA AA 762 40.07 -46.26 157.15
C ALA AA 762 39.92 -44.85 156.59
N ILE AA 763 40.83 -44.46 155.69
CA ILE AA 763 40.76 -43.13 155.08
C ILE AA 763 39.49 -42.98 154.26
N GLU AA 764 39.13 -44.01 153.49
CA GLU AA 764 37.90 -43.96 152.69
C GLU AA 764 36.67 -43.86 153.58
N ASN AA 765 36.66 -44.59 154.70
CA ASN AA 765 35.55 -44.48 155.64
C ASN AA 765 35.47 -43.07 156.23
N MET AA 766 36.63 -42.49 156.57
CA MET AA 766 36.63 -41.15 157.14
C MET AA 766 36.18 -40.09 156.14
N VAL AA 767 36.58 -40.22 154.88
CA VAL AA 767 36.33 -39.18 153.89
C VAL AA 767 35.35 -39.64 152.82
N GLY AA 768 35.72 -40.68 152.07
CA GLY AA 768 34.91 -41.16 150.98
C GLY AA 768 35.68 -41.25 149.68
N PRO AA 769 34.98 -41.03 148.56
CA PRO AA 769 35.65 -41.08 147.26
C PRO AA 769 36.76 -40.04 147.15
N ASP AA 770 37.86 -40.44 146.52
CA ASP AA 770 39.04 -39.59 146.37
C ASP AA 770 39.55 -39.65 144.94
N TRP AA 771 40.00 -38.50 144.44
CA TRP AA 771 40.66 -38.39 143.13
C TRP AA 771 39.70 -38.88 142.04
N LYS AA 772 40.04 -39.92 141.29
CA LYS AA 772 39.23 -40.38 140.17
C LYS AA 772 37.84 -40.81 140.64
N LYS AA 773 37.77 -41.49 141.78
CA LYS AA 773 36.48 -41.93 142.30
C LYS AA 773 35.59 -40.74 142.63
N ARG AA 774 36.17 -39.69 143.22
CA ARG AA 774 35.37 -38.52 143.59
C ARG AA 774 34.94 -37.72 142.35
N TRP AA 775 35.85 -37.53 141.40
CA TRP AA 775 35.58 -36.71 140.23
C TRP AA 775 34.92 -37.48 139.09
N LEU AA 776 34.67 -38.78 139.25
CA LEU AA 776 34.00 -39.53 138.21
C LEU AA 776 32.58 -39.02 137.98
N TYR AA 777 31.86 -38.73 139.06
CA TYR AA 777 30.51 -38.18 138.93
C TYR AA 777 30.54 -36.73 138.50
N TRP AA 778 31.46 -35.95 139.08
CA TRP AA 778 31.69 -34.53 138.81
C TRP AA 778 30.54 -33.65 139.28
N LYS AA 779 29.47 -34.22 139.82
CA LYS AA 779 28.34 -33.45 140.30
C LYS AA 779 27.97 -33.76 141.75
N ASN AA 780 28.63 -34.73 142.38
CA ASN AA 780 28.35 -35.10 143.77
C ASN AA 780 29.45 -34.52 144.66
N ARG AA 781 29.08 -33.56 145.51
CA ARG AA 781 30.02 -32.93 146.42
C ARG AA 781 29.36 -32.74 147.78
N THR AA 782 30.14 -32.94 148.83
CA THR AA 782 29.68 -32.78 150.21
C THR AA 782 30.65 -31.87 150.94
N GLN AA 783 30.12 -30.98 151.77
CA GLN AA 783 30.97 -30.05 152.51
C GLN AA 783 31.88 -30.78 153.49
N GLU AA 784 31.38 -31.86 154.10
CA GLU AA 784 32.18 -32.60 155.06
C GLU AA 784 33.40 -33.25 154.40
N GLN AA 785 33.19 -33.93 153.27
CA GLN AA 785 34.31 -34.52 152.55
C GLN AA 785 35.18 -33.48 151.86
N CYS AA 786 34.61 -32.33 151.48
CA CYS AA 786 35.43 -31.26 150.91
C CYS AA 786 36.42 -30.72 151.92
N VAL AA 787 35.98 -30.58 153.18
CA VAL AA 787 36.89 -30.12 154.23
C VAL AA 787 38.03 -31.11 154.43
N HIS AA 788 37.70 -32.40 154.44
CA HIS AA 788 38.73 -33.43 154.59
C HIS AA 788 39.70 -33.42 153.42
N ASN AA 789 39.18 -33.24 152.20
CA ASN AA 789 40.03 -33.16 151.02
C ASN AA 789 40.97 -31.96 151.08
N GLU AA 790 40.45 -30.81 151.52
CA GLU AA 790 41.28 -29.62 151.64
C GLU AA 790 42.36 -29.81 152.69
N THR AA 791 42.01 -30.43 153.83
CA THR AA 791 43.00 -30.71 154.86
C THR AA 791 44.07 -31.66 154.35
N LYS AA 792 43.66 -32.69 153.61
CA LYS AA 792 44.61 -33.64 153.04
C LYS AA 792 45.55 -32.95 152.06
N ASN AA 793 45.01 -32.08 151.21
CA ASN AA 793 45.84 -31.34 150.27
C ASN AA 793 46.83 -30.43 150.99
N GLU AA 794 46.37 -29.74 152.03
CA GLU AA 794 47.25 -28.87 152.79
C GLU AA 794 48.37 -29.65 153.44
N LEU AA 795 48.04 -30.80 154.03
CA LEU AA 795 49.07 -31.62 154.67
C LEU AA 795 50.06 -32.18 153.65
N GLU AA 796 49.55 -32.58 152.47
CA GLU AA 796 50.44 -33.05 151.41
C GLU AA 796 51.39 -31.95 150.95
N LYS AA 797 50.88 -30.72 150.81
CA LYS AA 797 51.74 -29.61 150.43
C LYS AA 797 52.77 -29.32 151.52
N MET AA 798 52.36 -29.42 152.79
CA MET AA 798 53.30 -29.21 153.89
C MET AA 798 54.40 -30.26 153.87
N LEU AA 799 54.05 -31.53 153.61
CA LEU AA 799 55.06 -32.57 153.50
C LEU AA 799 55.98 -32.33 152.31
N LYS AA 800 55.43 -31.87 151.18
CA LYS AA 800 56.25 -31.56 150.02
C LYS AA 800 57.25 -30.45 150.34
N CYS AA 801 56.80 -29.43 151.06
CA CYS AA 801 57.70 -28.35 151.47
C CYS AA 801 58.62 -28.79 152.60
N ASN AA 802 58.11 -29.58 153.55
CA ASN AA 802 58.88 -30.04 154.71
C ASN AA 802 58.66 -31.54 154.86
N GLU AA 803 59.59 -32.32 154.33
CA GLU AA 803 59.45 -33.78 154.36
C GLU AA 803 59.49 -34.31 155.79
N GLU AA 804 60.37 -33.76 156.62
CA GLU AA 804 60.53 -34.23 158.00
C GLU AA 804 59.81 -33.28 158.95
N HIS AA 805 58.93 -33.83 159.78
CA HIS AA 805 58.16 -33.05 160.73
C HIS AA 805 57.92 -33.90 161.97
N PRO AA 806 57.99 -33.30 163.17
CA PRO AA 806 57.70 -34.07 164.38
C PRO AA 806 56.25 -34.52 164.43
N ALA AA 807 56.03 -35.66 165.08
CA ALA AA 807 54.69 -36.23 165.17
C ALA AA 807 53.74 -35.29 165.92
N TYR AA 808 54.21 -34.70 167.02
CA TYR AA 808 53.39 -33.79 167.80
C TYR AA 808 53.22 -32.47 167.05
N LEU AA 809 52.14 -31.75 167.39
CA LEU AA 809 51.83 -30.47 166.80
C LEU AA 809 51.92 -29.39 167.88
N ALA AA 810 52.75 -28.38 167.63
CA ALA AA 810 52.87 -27.28 168.56
C ALA AA 810 51.71 -26.30 168.40
N SER AA 811 51.56 -25.42 169.39
CA SER AA 811 50.45 -24.48 169.38
C SER AA 811 50.52 -23.53 168.19
N ASP AA 812 51.73 -23.01 167.89
CA ASP AA 812 51.87 -22.08 166.78
C ASP AA 812 51.59 -22.77 165.44
N GLU AA 813 52.00 -24.02 165.29
CA GLU AA 813 51.71 -24.76 164.07
C GLU AA 813 50.21 -24.94 163.89
N ILE AA 814 49.50 -25.31 164.96
CA ILE AA 814 48.05 -25.48 164.88
C ILE AA 814 47.38 -24.15 164.54
N THR AA 815 47.84 -23.05 165.17
CA THR AA 815 47.26 -21.74 164.87
C THR AA 815 47.48 -21.36 163.42
N THR AA 816 48.69 -21.61 162.89
CA THR AA 816 48.97 -21.29 161.50
C THR AA 816 48.11 -22.12 160.56
N VAL AA 817 47.96 -23.41 160.85
CA VAL AA 817 47.12 -24.27 160.01
C VAL AA 817 45.67 -23.81 160.03
N ARG AA 818 45.17 -23.46 161.22
CA ARG AA 818 43.79 -22.99 161.32
C ARG AA 818 43.60 -21.68 160.58
N LYS AA 819 44.57 -20.77 160.67
CA LYS AA 819 44.48 -19.50 159.93
C LYS AA 819 44.50 -19.74 158.43
N ASN AA 820 45.36 -20.65 157.96
CA ASN AA 820 45.39 -20.97 156.53
C ASN AA 820 44.06 -21.56 156.07
N LEU AA 821 43.47 -22.44 156.89
CA LEU AA 821 42.17 -23.01 156.54
C LEU AA 821 41.08 -21.95 156.51
N GLU AA 822 41.08 -21.05 157.48
CA GLU AA 822 40.05 -20.01 157.55
C GLU AA 822 40.27 -18.89 156.55
N SER AA 823 41.45 -18.82 155.93
CA SER AA 823 41.67 -17.80 154.90
C SER AA 823 40.71 -17.97 153.74
N ARG AA 824 40.46 -19.22 153.34
CA ARG AA 824 39.50 -19.50 152.27
C ARG AA 824 38.09 -19.75 152.79
N GLY AA 825 37.89 -19.70 154.10
CA GLY AA 825 36.57 -19.86 154.68
C GLY AA 825 36.25 -21.26 155.14
N VAL AA 826 37.23 -21.93 155.75
CA VAL AA 826 37.07 -23.28 156.26
C VAL AA 826 37.46 -23.28 157.74
N GLU AA 827 36.53 -23.69 158.59
CA GLU AA 827 36.75 -23.79 160.03
C GLU AA 827 36.71 -25.26 160.42
N VAL AA 828 37.81 -25.75 161.02
CA VAL AA 828 37.95 -27.15 161.38
C VAL AA 828 38.33 -27.23 162.85
N ASP AA 829 37.69 -28.14 163.58
CA ASP AA 829 38.01 -28.32 164.99
C ASP AA 829 39.43 -28.89 165.14
N PRO AA 830 40.12 -28.54 166.23
CA PRO AA 830 41.49 -29.03 166.42
C PRO AA 830 41.59 -30.55 166.48
N SER AA 831 40.58 -31.23 167.01
CA SER AA 831 40.63 -32.69 167.09
C SER AA 831 40.67 -33.32 165.71
N LEU AA 832 39.84 -32.83 164.78
CA LEU AA 832 39.86 -33.35 163.42
C LEU AA 832 41.18 -33.03 162.74
N ILE AA 833 41.74 -31.84 162.99
CA ILE AA 833 43.04 -31.49 162.42
C ILE AA 833 44.11 -32.46 162.91
N LYS AA 834 44.11 -32.76 164.20
CA LYS AA 834 45.09 -33.68 164.76
C LYS AA 834 44.91 -35.08 164.19
N ASP AA 835 43.66 -35.54 164.04
CA ASP AA 835 43.41 -36.87 163.48
C ASP AA 835 43.88 -36.95 162.04
N THR AA 836 43.59 -35.92 161.24
CA THR AA 836 44.04 -35.91 159.84
C THR AA 836 45.56 -35.87 159.76
N TRP AA 837 46.19 -35.08 160.64
CA TRP AA 837 47.65 -35.04 160.66
C TRP AA 837 48.25 -36.39 161.02
N HIS AA 838 47.64 -37.08 161.99
CA HIS AA 838 48.12 -38.41 162.36
C HIS AA 838 47.98 -39.38 161.20
N GLN AA 839 46.84 -39.35 160.52
CA GLN AA 839 46.64 -40.25 159.38
C GLN AA 839 47.63 -39.96 158.26
N VAL AA 840 47.86 -38.68 157.97
CA VAL AA 840 48.80 -38.32 156.92
C VAL AA 840 50.22 -38.70 157.30
N TYR AA 841 50.57 -38.54 158.58
CA TYR AA 841 51.89 -38.96 159.07
C TYR AA 841 52.08 -40.46 158.92
N ARG AA 842 51.05 -41.23 159.27
CA ARG AA 842 51.11 -42.69 159.10
C ARG AA 842 51.25 -43.06 157.64
N ARG AA 843 50.51 -42.40 156.75
CA ARG AA 843 50.61 -42.70 155.32
C ARG AA 843 52.00 -42.37 154.79
N HIS AA 844 52.56 -41.23 155.22
CA HIS AA 844 53.90 -40.84 154.78
C HIS AA 844 54.94 -41.85 155.22
N PHE AA 845 54.85 -42.31 156.48
CA PHE AA 845 55.81 -43.31 156.94
C PHE AA 845 55.57 -44.67 156.29
N LEU AA 846 54.33 -45.00 155.92
CA LEU AA 846 54.09 -46.21 155.15
C LEU AA 846 54.76 -46.14 153.78
N LYS AA 847 54.65 -44.98 153.12
CA LYS AA 847 55.32 -44.80 151.83
C LYS AA 847 56.83 -44.85 151.99
N THR AA 848 57.36 -44.26 153.07
CA THR AA 848 58.80 -44.33 153.33
C THR AA 848 59.24 -45.77 153.57
N ALA AA 849 58.45 -46.54 154.31
CA ALA AA 849 58.78 -47.95 154.53
C ALA AA 849 58.74 -48.72 153.22
N LEU AA 850 57.77 -48.43 152.34
CA LEU AA 850 57.73 -49.10 151.05
C LEU AA 850 58.96 -48.77 150.21
N ASN AA 851 59.39 -47.50 150.22
CA ASN AA 851 60.61 -47.13 149.51
C ASN AA 851 61.82 -47.82 150.10
N HIS AA 852 61.87 -47.95 151.44
CA HIS AA 852 62.98 -48.64 152.08
C HIS AA 852 63.00 -50.12 151.70
N CYS AA 853 61.82 -50.74 151.60
CA CYS AA 853 61.75 -52.13 151.14
C CYS AA 853 62.23 -52.25 149.70
N ASN AA 854 61.84 -51.32 148.84
CA ASN AA 854 62.30 -51.34 147.46
C ASN AA 854 63.82 -51.21 147.38
N LEU AA 855 64.40 -50.34 148.21
CA LEU AA 855 65.85 -50.21 148.24
C LEU AA 855 66.51 -51.48 148.77
N CYS AA 856 65.97 -52.06 149.84
CA CYS AA 856 66.56 -53.26 150.42
C CYS AA 856 66.41 -54.47 149.52
N ARG AA 857 65.47 -54.44 148.57
CA ARG AA 857 65.35 -55.53 147.61
C ARG AA 857 66.61 -55.69 146.76
N ARG AA 858 67.40 -54.63 146.63
CA ARG AA 858 68.65 -54.68 145.83
C ARG AA 858 69.85 -54.43 146.75
N GLY AA 859 69.61 -53.95 147.97
CA GLY AA 859 70.67 -53.64 148.90
C GLY AA 859 71.24 -54.80 149.66
N PHE AA 860 70.98 -56.05 149.23
CA PHE AA 860 71.57 -57.20 149.89
C PHE AA 860 73.09 -57.22 149.80
N TYR AA 861 73.66 -56.63 148.74
CA TYR AA 861 75.12 -56.54 148.65
C TYR AA 861 75.69 -55.69 149.79
N TYR AA 862 75.07 -54.55 150.07
CA TYR AA 862 75.49 -53.74 151.20
C TYR AA 862 75.21 -54.44 152.52
N TYR AA 863 74.05 -55.09 152.63
CA TYR AA 863 73.66 -55.71 153.89
C TYR AA 863 74.60 -56.85 154.27
N GLN AA 864 74.97 -57.69 153.30
CA GLN AA 864 75.77 -58.87 153.61
C GLN AA 864 77.16 -58.49 154.12
N ARG AA 865 77.79 -57.50 153.50
CA ARG AA 865 79.15 -57.13 153.86
C ARG AA 865 79.24 -56.03 154.90
N HIS AA 866 78.19 -55.23 155.08
CA HIS AA 866 78.14 -54.15 156.06
C HIS AA 866 79.30 -53.18 155.85
N PHE AA 867 79.28 -52.50 154.70
CA PHE AA 867 80.32 -51.54 154.36
C PHE AA 867 80.30 -50.36 155.33
N VAL AA 868 81.47 -49.76 155.52
CA VAL AA 868 81.59 -48.62 156.42
C VAL AA 868 80.76 -47.45 155.90
N ASP AA 869 80.87 -47.16 154.61
CA ASP AA 869 80.08 -46.10 153.97
C ASP AA 869 78.78 -46.65 153.38
N SER AA 870 78.01 -47.35 154.21
CA SER AA 870 76.77 -47.95 153.74
C SER AA 870 75.72 -46.88 153.49
N GLU AA 871 75.10 -46.93 152.31
CA GLU AA 871 74.04 -46.01 151.93
C GLU AA 871 72.65 -46.53 152.30
N LEU AA 872 72.56 -47.69 152.93
CA LEU AA 872 71.27 -48.28 153.26
C LEU AA 872 71.45 -49.20 154.46
N GLU AA 873 70.61 -49.02 155.48
CA GLU AA 873 70.64 -49.84 156.69
C GLU AA 873 69.33 -50.62 156.77
N CYS AA 874 69.35 -51.87 156.33
CA CYS AA 874 68.18 -52.73 156.34
C CYS AA 874 68.12 -53.44 157.70
N ASN AA 875 67.24 -52.94 158.57
CA ASN AA 875 67.03 -53.54 159.89
C ASN AA 875 65.62 -54.06 160.10
N ASP AA 876 64.63 -53.48 159.43
CA ASP AA 876 63.25 -53.95 159.56
C ASP AA 876 63.11 -55.38 159.05
N VAL AA 877 63.80 -55.71 157.95
CA VAL AA 877 63.74 -57.06 157.40
C VAL AA 877 64.28 -58.07 158.42
N VAL AA 878 65.42 -57.74 159.03
CA VAL AA 878 66.02 -58.64 160.01
C VAL AA 878 65.12 -58.78 161.23
N LEU AA 879 64.53 -57.67 161.69
CA LEU AA 879 63.63 -57.72 162.84
C LEU AA 879 62.41 -58.58 162.54
N PHE AA 880 61.82 -58.42 161.35
CA PHE AA 880 60.65 -59.21 161.00
C PHE AA 880 61.00 -60.69 160.86
N TRP AA 881 62.18 -60.99 160.32
CA TRP AA 881 62.60 -62.39 160.23
C TRP AA 881 62.81 -62.99 161.62
N ARG AA 882 63.40 -62.22 162.54
CA ARG AA 882 63.56 -62.69 163.91
C ARG AA 882 62.22 -62.95 164.57
N ILE AA 883 61.27 -62.04 164.36
CA ILE AA 883 59.93 -62.23 164.92
C ILE AA 883 59.29 -63.48 164.34
N GLN AA 884 59.43 -63.69 163.03
CA GLN AA 884 58.84 -64.85 162.38
C GLN AA 884 59.43 -66.16 162.93
N ARG AA 885 60.76 -66.21 163.07
CA ARG AA 885 61.37 -67.46 163.55
C ARG AA 885 61.03 -67.68 165.02
N MET AA 886 60.98 -66.62 165.83
CA MET AA 886 60.57 -66.78 167.22
C MET AA 886 59.14 -67.28 167.32
N LEU AA 887 58.25 -66.74 166.48
CA LEU AA 887 56.86 -67.20 166.47
C LEU AA 887 56.77 -68.67 166.04
N ALA AA 888 57.57 -69.06 165.05
CA ALA AA 888 57.58 -70.46 164.63
C ALA AA 888 58.05 -71.38 165.75
N ILE AA 889 59.11 -70.97 166.46
CA ILE AA 889 59.62 -71.77 167.58
C ILE AA 889 58.55 -71.88 168.67
N THR AA 890 57.90 -70.75 168.99
CA THR AA 890 56.87 -70.77 170.02
C THR AA 890 55.70 -71.66 169.61
N ALA AA 891 55.29 -71.60 168.34
CA ALA AA 891 54.20 -72.45 167.87
C ALA AA 891 54.58 -73.92 167.93
N ASN AA 892 55.81 -74.25 167.54
CA ASN AA 892 56.26 -75.64 167.62
C ASN AA 892 56.27 -76.13 169.07
N THR AA 893 56.77 -75.30 169.99
CA THR AA 893 56.77 -75.68 171.40
C THR AA 893 55.36 -75.86 171.93
N LEU AA 894 54.45 -74.97 171.55
CA LEU AA 894 53.06 -75.07 171.99
C LEU AA 894 52.42 -76.36 171.46
N ARG AA 895 52.67 -76.68 170.19
CA ARG AA 895 52.12 -77.91 169.62
C ARG AA 895 52.68 -79.14 170.33
N GLN AA 896 53.98 -79.15 170.61
CA GLN AA 896 54.59 -80.29 171.29
C GLN AA 896 54.02 -80.46 172.70
N GLN AA 897 53.92 -79.37 173.45
CA GLN AA 897 53.36 -79.47 174.79
C GLN AA 897 51.89 -79.87 174.77
N LEU AA 898 51.13 -79.37 173.79
CA LEU AA 898 49.74 -79.76 173.66
C LEU AA 898 49.63 -81.26 173.41
N THR AA 899 50.35 -81.76 172.41
CA THR AA 899 50.33 -83.20 172.13
C THR AA 899 50.78 -84.02 173.33
N ASN AA 900 51.71 -83.49 174.12
CA ASN AA 900 52.21 -84.25 175.27
C ASN AA 900 51.17 -84.33 176.38
N THR AA 901 50.52 -83.21 176.70
CA THR AA 901 49.69 -83.14 177.91
C THR AA 901 48.21 -82.93 177.63
N GLU AA 902 47.87 -81.95 176.80
CA GLU AA 902 46.46 -81.56 176.67
C GLU AA 902 45.65 -82.59 175.89
N VAL AA 903 46.28 -83.29 174.95
CA VAL AA 903 45.58 -84.37 174.24
C VAL AA 903 45.18 -85.46 175.22
N ARG AA 904 46.12 -85.86 176.09
CA ARG AA 904 45.81 -86.87 177.10
C ARG AA 904 44.76 -86.37 178.08
N ARG AA 905 44.83 -85.09 178.47
CA ARG AA 905 43.84 -84.54 179.38
C ARG AA 905 42.45 -84.55 178.75
N LEU AA 906 42.35 -84.16 177.48
CA LEU AA 906 41.07 -84.17 176.79
C LEU AA 906 40.54 -85.59 176.63
N GLU AA 907 41.44 -86.54 176.34
CA GLU AA 907 41.02 -87.94 176.25
C GLU AA 907 40.47 -88.43 177.59
N LYS AA 908 41.14 -88.07 178.68
CA LYS AA 908 40.65 -88.47 180.01
C LYS AA 908 39.30 -87.84 180.31
N ASN AA 909 39.12 -86.57 179.98
CA ASN AA 909 37.83 -85.91 180.20
C ASN AA 909 36.73 -86.57 179.38
N VAL AA 910 37.02 -86.89 178.12
CA VAL AA 910 36.04 -87.54 177.26
C VAL AA 910 35.68 -88.91 177.82
N LYS AA 911 36.67 -89.67 178.28
CA LYS AA 911 36.40 -90.97 178.87
C LYS AA 911 35.53 -90.85 180.12
N GLU AA 912 35.83 -89.86 180.98
CA GLU AA 912 35.03 -89.66 182.17
C GLU AA 912 33.59 -89.30 181.82
N VAL AA 913 33.41 -88.41 180.84
CA VAL AA 913 32.07 -88.02 180.42
C VAL AA 913 31.30 -89.21 179.86
N LEU AA 914 31.97 -90.02 179.03
CA LEU AA 914 31.32 -91.19 178.47
C LEU AA 914 30.94 -92.20 179.54
N GLU AA 915 31.82 -92.42 180.53
CA GLU AA 915 31.50 -93.33 181.62
C GLU AA 915 30.32 -92.81 182.44
N ASP AA 916 30.29 -91.50 182.71
CA ASP AA 916 29.18 -90.92 183.45
C ASP AA 916 27.87 -91.07 182.69
N PHE AA 917 27.91 -90.86 181.37
CA PHE AA 917 26.70 -91.03 180.57
C PHE AA 917 26.25 -92.50 180.54
N ALA AA 918 27.19 -93.42 180.41
CA ALA AA 918 26.85 -94.84 180.38
C ALA AA 918 26.26 -95.30 181.70
N GLU AA 919 26.81 -94.84 182.81
CA GLU AA 919 26.34 -95.23 184.14
C GLU AA 919 25.05 -94.51 184.55
N ASP AA 920 24.44 -93.75 183.65
CA ASP AA 920 23.20 -93.02 183.94
C ASP AA 920 22.30 -93.11 182.71
N GLY AA 921 21.39 -94.09 182.71
CA GLY AA 921 20.45 -94.23 181.61
C GLY AA 921 19.38 -93.16 181.59
N GLU AA 922 19.10 -92.53 182.74
CA GLU AA 922 18.14 -91.44 182.77
C GLU AA 922 18.62 -90.26 181.92
N LYS AA 923 19.92 -89.96 181.98
CA LYS AA 923 20.47 -88.91 181.13
C LYS AA 923 20.33 -89.26 179.66
N LYS AA 924 20.54 -90.52 179.30
CA LYS AA 924 20.36 -90.94 177.92
C LYS AA 924 18.91 -90.79 177.48
N ILE AA 925 17.96 -91.14 178.35
CA ILE AA 925 16.56 -90.98 178.02
C ILE AA 925 16.21 -89.51 177.85
N LYS AA 926 16.71 -88.65 178.74
CA LYS AA 926 16.42 -87.23 178.66
C LYS AA 926 17.00 -86.61 177.39
N LEU AA 927 18.21 -87.02 177.01
CA LEU AA 927 18.88 -86.42 175.86
C LEU AA 927 18.46 -87.08 174.55
N LEU AA 928 18.58 -88.41 174.45
CA LEU AA 928 18.24 -89.12 173.22
C LEU AA 928 16.73 -89.23 173.12
N THR AA 929 16.12 -88.14 172.67
CA THR AA 929 14.67 -88.07 172.46
C THR AA 929 14.32 -88.02 170.97
N GLY AA 930 15.22 -88.52 170.12
CA GLY AA 930 14.95 -88.52 168.69
C GLY AA 930 13.88 -89.52 168.32
N LYS AA 931 13.34 -89.34 167.11
CA LYS AA 931 12.29 -90.22 166.62
C LYS AA 931 12.79 -91.66 166.49
N ARG AA 932 14.01 -91.84 165.97
CA ARG AA 932 14.56 -93.18 165.82
C ARG AA 932 14.72 -93.87 167.16
N VAL AA 933 15.24 -93.15 168.16
CA VAL AA 933 15.46 -93.74 169.48
C VAL AA 933 14.13 -94.16 170.09
N GLN AA 934 13.12 -93.28 170.03
CA GLN AA 934 11.82 -93.60 170.60
C GLN AA 934 11.17 -94.77 169.87
N LEU AA 935 11.26 -94.81 168.54
CA LEU AA 935 10.69 -95.91 167.79
C LEU AA 935 11.38 -97.24 168.13
N ALA AA 936 12.71 -97.22 168.24
CA ALA AA 936 13.42 -98.44 168.59
C ALA AA 936 13.06 -98.90 170.01
N GLU AA 937 12.94 -97.96 170.95
CA GLU AA 937 12.55 -98.33 172.31
C GLU AA 937 11.15 -98.92 172.33
N ASP AA 938 10.22 -98.32 171.60
CA ASP AA 938 8.86 -98.84 171.55
C ASP AA 938 8.83 -100.24 170.93
N LEU AA 939 9.59 -100.44 169.85
CA LEU AA 939 9.64 -101.76 169.22
C LEU AA 939 10.22 -102.80 170.16
N LYS AA 940 11.29 -102.45 170.87
CA LYS AA 940 11.89 -103.39 171.82
C LYS AA 940 10.91 -103.72 172.96
N LYS AA 941 10.21 -102.71 173.47
CA LYS AA 941 9.25 -102.96 174.54
C LYS AA 941 8.10 -103.84 174.05
N VAL AA 942 7.62 -103.59 172.84
CA VAL AA 942 6.54 -104.41 172.29
C VAL AA 942 7.01 -105.85 172.10
N ARG AA 943 8.24 -106.04 171.60
CA ARG AA 943 8.77 -107.39 171.43
C ARG AA 943 8.90 -108.10 172.78
N GLU AA 944 9.39 -107.39 173.80
CA GLU AA 944 9.51 -108.00 175.13
C GLU AA 944 8.15 -108.37 175.70
N ILE AA 945 7.16 -107.49 175.52
CA ILE AA 945 5.82 -107.78 176.01
C ILE AA 945 5.23 -109.00 175.30
N GLN AA 946 5.42 -109.08 173.98
CA GLN AA 946 4.91 -110.23 173.24
C GLN AA 946 5.62 -111.51 173.65
N GLU AA 947 6.92 -111.45 173.90
CA GLU AA 947 7.64 -112.64 174.37
C GLU AA 947 7.14 -113.09 175.74
N LYS AA 948 6.90 -112.13 176.64
CA LYS AA 948 6.36 -112.47 177.96
C LYS AA 948 4.96 -113.08 177.84
N LEU AA 949 4.13 -112.54 176.95
CA LEU AA 949 2.80 -113.09 176.76
C LEU AA 949 2.86 -114.49 176.16
N ASP AA 950 3.79 -114.73 175.23
CA ASP AA 950 3.96 -116.07 174.68
C ASP AA 950 4.41 -117.05 175.75
N ALA AA 951 5.33 -116.61 176.63
CA ALA AA 951 5.74 -117.47 177.74
C ALA AA 951 4.58 -117.76 178.68
N PHE AA 952 3.74 -116.76 178.95
CA PHE AA 952 2.55 -116.97 179.76
C PHE AA 952 1.61 -117.98 179.11
N ILE AA 953 1.39 -117.86 177.80
CA ILE AA 953 0.51 -118.78 177.10
C ILE AA 953 1.06 -120.20 177.15
N GLU AA 954 2.38 -120.35 176.94
CA GLU AA 954 2.99 -121.67 177.00
C GLU AA 954 2.88 -122.27 178.39
N ALA AA 955 3.10 -121.47 179.43
CA ALA AA 955 2.99 -121.97 180.79
C ALA AA 955 1.56 -122.37 181.12
N LEU AA 956 0.58 -121.57 180.67
CA LEU AA 956 -0.82 -121.92 180.90
C LEU AA 956 -1.19 -123.21 180.18
N HIS AA 957 -0.72 -123.39 178.95
CA HIS AA 957 -1.01 -124.61 178.21
C HIS AA 957 -0.35 -125.83 178.87
N GLN AA 958 0.88 -125.68 179.34
CA GLN AA 958 1.56 -126.79 180.00
C GLN AA 958 0.89 -127.16 181.32
N GLU AA 959 0.49 -126.15 182.11
CA GLU AA 959 -0.14 -126.44 183.39
C GLU AA 959 -1.49 -127.13 183.21
N LYS AA 960 -2.24 -126.70 182.20
CA LYS AA 960 -3.56 -127.33 181.90
C LYS AA 960 -3.35 -128.45 180.87
N SER BA 263 54.41 67.71 192.49
CA SER BA 263 53.86 66.37 192.30
C SER BA 263 52.78 66.38 191.21
N LEU BA 264 51.55 66.05 191.60
CA LEU BA 264 50.45 66.05 190.65
C LEU BA 264 50.16 67.44 190.13
N ILE BA 265 50.20 68.45 191.01
CA ILE BA 265 49.89 69.81 190.59
C ILE BA 265 50.94 70.34 189.62
N ASP BA 266 52.22 70.03 189.86
CA ASP BA 266 53.28 70.48 188.97
C ASP BA 266 53.13 69.85 187.59
N MET BA 267 52.83 68.55 187.54
CA MET BA 267 52.64 67.87 186.27
C MET BA 267 51.42 68.41 185.53
N TYR BA 268 50.34 68.69 186.28
CA TYR BA 268 49.15 69.28 185.66
C TYR BA 268 49.46 70.66 185.08
N SER BA 269 50.24 71.47 185.81
CA SER BA 269 50.63 72.78 185.31
C SER BA 269 51.50 72.65 184.06
N GLU BA 270 52.41 71.67 184.04
CA GLU BA 270 53.21 71.44 182.85
C GLU BA 270 52.35 71.02 181.66
N VAL BA 271 51.35 70.16 181.91
CA VAL BA 271 50.45 69.74 180.84
C VAL BA 271 49.66 70.94 180.30
N LEU BA 272 49.18 71.79 181.21
CA LEU BA 272 48.46 72.99 180.78
C LEU BA 272 49.37 73.92 179.97
N ASP BA 273 50.62 74.06 180.38
CA ASP BA 273 51.57 74.88 179.63
C ASP BA 273 51.81 74.32 178.24
N VAL BA 274 51.95 72.99 178.15
CA VAL BA 274 52.13 72.35 176.84
C VAL BA 274 50.91 72.57 175.96
N LEU BA 275 49.70 72.44 176.54
CA LEU BA 275 48.49 72.68 175.77
C LEU BA 275 48.41 74.12 175.28
N SER BA 276 48.79 75.08 176.14
CA SER BA 276 48.79 76.48 175.74
C SER BA 276 49.80 76.74 174.63
N ASP BA 277 50.98 76.14 174.72
CA ASP BA 277 52.01 76.31 173.70
C ASP BA 277 51.72 75.51 172.44
N TYR BA 278 50.73 74.61 172.46
CA TYR BA 278 50.39 73.84 171.28
C TYR BA 278 49.94 74.73 170.14
N ASP BA 279 49.10 75.72 170.43
CA ASP BA 279 48.61 76.64 169.40
C ASP BA 279 48.16 77.93 170.08
N ALA BA 280 48.19 79.01 169.30
CA ALA BA 280 47.72 80.30 169.79
C ALA BA 280 46.20 80.37 169.88
N SER BA 281 45.50 79.50 169.16
CA SER BA 281 44.05 79.48 169.20
C SER BA 281 43.58 78.66 170.41
N TYR BA 282 42.29 78.35 170.46
CA TYR BA 282 41.70 77.59 171.56
C TYR BA 282 40.93 76.41 170.96
N ASN BA 283 41.63 75.30 170.75
CA ASN BA 283 41.05 74.07 170.23
C ASN BA 283 41.07 72.94 171.25
N THR BA 284 42.25 72.60 171.78
CA THR BA 284 42.38 71.60 172.82
C THR BA 284 42.59 72.19 174.20
N GLN BA 285 42.76 73.51 174.30
CA GLN BA 285 42.95 74.16 175.59
C GLN BA 285 41.66 74.23 176.41
N ASP BA 286 40.51 74.06 175.78
CA ASP BA 286 39.22 74.11 176.46
C ASP BA 286 38.77 72.77 176.99
N HIS BA 287 39.60 71.73 176.87
CA HIS BA 287 39.24 70.41 177.36
C HIS BA 287 39.45 70.31 178.88
N LEU BA 288 40.67 70.55 179.33
CA LEU BA 288 40.95 70.51 180.76
C LEU BA 288 40.38 71.74 181.46
N PRO BA 289 39.83 71.59 182.65
CA PRO BA 289 39.31 72.76 183.38
C PRO BA 289 40.42 73.74 183.72
N ARG BA 290 40.09 75.03 183.67
CA ARG BA 290 41.04 76.09 183.98
C ARG BA 290 40.30 77.17 184.78
N VAL BA 291 40.74 77.38 186.02
CA VAL BA 291 40.15 78.42 186.85
C VAL BA 291 40.67 79.77 186.38
N VAL BA 292 39.78 80.58 185.82
CA VAL BA 292 40.13 81.88 185.25
C VAL BA 292 39.52 82.97 186.11
N VAL BA 293 40.33 83.94 186.52
CA VAL BA 293 39.88 85.07 187.32
C VAL BA 293 39.74 86.28 186.41
N VAL BA 294 38.52 86.77 186.26
CA VAL BA 294 38.20 87.90 185.40
C VAL BA 294 37.56 88.99 186.24
N GLY BA 295 38.06 90.22 186.12
CA GLY BA 295 37.52 91.34 186.86
C GLY BA 295 37.26 92.55 185.98
N ASP BA 296 37.02 93.70 186.62
CA ASP BA 296 36.77 94.94 185.92
C ASP BA 296 37.99 95.86 186.03
N GLN BA 297 38.05 96.83 185.11
CA GLN BA 297 39.15 97.77 185.12
C GLN BA 297 39.07 98.71 186.31
N SER BA 298 40.19 98.87 187.02
CA SER BA 298 40.27 99.73 188.19
C SER BA 298 39.25 99.34 189.25
N ALA BA 299 39.02 98.03 189.39
CA ALA BA 299 38.06 97.49 190.35
C ALA BA 299 38.74 96.92 191.59
N GLY BA 300 40.04 97.15 191.76
CA GLY BA 300 40.74 96.63 192.91
C GLY BA 300 41.04 95.15 192.87
N LYS BA 301 40.90 94.51 191.71
CA LYS BA 301 41.17 93.08 191.61
C LYS BA 301 42.64 92.76 191.84
N THR BA 302 43.53 93.72 191.61
CA THR BA 302 44.96 93.49 191.83
C THR BA 302 45.25 93.22 193.30
N SER BA 303 44.62 93.98 194.21
CA SER BA 303 44.83 93.77 195.63
C SER BA 303 44.30 92.39 196.06
N VAL BA 304 43.14 91.99 195.54
CA VAL BA 304 42.59 90.69 195.88
C VAL BA 304 43.50 89.57 195.38
N LEU BA 305 44.00 89.71 194.14
CA LEU BA 305 44.91 88.70 193.61
C LEU BA 305 46.19 88.62 194.42
N GLU BA 306 46.73 89.77 194.83
CA GLU BA 306 47.93 89.77 195.67
C GLU BA 306 47.66 89.11 197.02
N MET BA 307 46.50 89.38 197.62
CA MET BA 307 46.16 88.75 198.89
C MET BA 307 45.95 87.25 198.75
N ILE BA 308 45.48 86.80 197.58
CA ILE BA 308 45.32 85.36 197.35
C ILE BA 308 46.67 84.66 197.42
N ALA BA 309 47.69 85.24 196.78
CA ALA BA 309 49.04 84.70 196.83
C ALA BA 309 49.82 85.17 198.04
N GLN BA 310 49.24 86.03 198.88
CA GLN BA 310 49.88 86.56 200.08
C GLN BA 310 51.19 87.29 199.75
N ALA BA 311 51.25 87.91 198.58
CA ALA BA 311 52.44 88.64 198.17
C ALA BA 311 52.06 89.62 197.07
N ARG BA 312 52.74 90.76 197.04
CA ARG BA 312 52.51 91.78 196.01
C ARG BA 312 53.38 91.44 194.81
N ILE BA 313 52.78 90.77 193.83
CA ILE BA 313 53.51 90.37 192.62
C ILE BA 313 52.99 91.05 191.37
N PHE BA 314 51.76 91.57 191.38
CA PHE BA 314 51.21 92.24 190.19
C PHE BA 314 51.49 93.74 190.29
N PRO BA 315 52.18 94.33 189.31
CA PRO BA 315 52.44 95.78 189.36
C PRO BA 315 51.15 96.58 189.32
N ARG BA 316 51.15 97.70 190.04
CA ARG BA 316 49.98 98.56 190.12
C ARG BA 316 49.93 99.50 188.91
N GLY BA 317 48.70 99.85 188.51
CA GLY BA 317 48.50 100.73 187.38
C GLY BA 317 47.55 101.86 187.68
N SER BA 318 47.97 103.10 187.44
CA SER BA 318 47.15 104.28 187.69
C SER BA 318 46.28 104.54 186.47
N GLY BA 319 45.23 103.73 186.33
CA GLY BA 319 44.30 103.84 185.23
C GLY BA 319 44.66 103.05 183.99
N GLU BA 320 45.95 103.02 183.65
CA GLU BA 320 46.41 102.28 182.48
C GLU BA 320 46.27 100.78 182.72
N MET BA 321 45.94 100.06 181.65
CA MET BA 321 45.78 98.61 181.70
C MET BA 321 47.16 97.97 181.58
N MET BA 322 47.79 97.74 182.73
CA MET BA 322 49.11 97.12 182.74
C MET BA 322 49.07 95.69 182.23
N THR BA 323 48.04 94.93 182.62
CA THR BA 323 47.91 93.54 182.20
C THR BA 323 47.30 93.50 180.80
N ARG BA 324 48.12 93.19 179.81
CA ARG BA 324 47.67 93.10 178.42
C ARG BA 324 47.77 91.69 177.85
N SER BA 325 48.32 90.74 178.61
CA SER BA 325 48.45 89.36 178.17
C SER BA 325 47.97 88.42 179.27
N PRO BA 326 47.46 87.25 178.90
CA PRO BA 326 47.02 86.29 179.92
C PRO BA 326 48.17 85.87 180.82
N VAL BA 327 47.88 85.74 182.12
CA VAL BA 327 48.86 85.37 183.12
C VAL BA 327 48.37 84.11 183.83
N LYS BA 328 49.21 83.09 183.89
CA LYS BA 328 48.89 81.84 184.56
C LYS BA 328 49.57 81.81 185.92
N VAL BA 329 48.78 81.63 186.97
CA VAL BA 329 49.28 81.54 188.34
C VAL BA 329 48.97 80.13 188.85
N THR BA 330 50.01 79.35 189.10
CA THR BA 330 49.87 77.99 189.60
C THR BA 330 50.16 77.98 191.09
N LEU BA 331 49.14 77.70 191.90
CA LEU BA 331 49.30 77.64 193.35
C LEU BA 331 49.76 76.25 193.76
N SER BA 332 50.86 76.19 194.50
CA SER BA 332 51.42 74.92 194.96
C SER BA 332 52.28 75.19 196.18
N GLU BA 333 52.88 74.14 196.72
CA GLU BA 333 53.73 74.22 197.89
C GLU BA 333 55.09 73.64 197.57
N GLY BA 334 56.14 74.38 197.90
CA GLY BA 334 57.50 73.94 197.65
C GLY BA 334 58.39 74.12 198.86
N PRO BA 335 59.70 73.87 198.68
CA PRO BA 335 60.64 74.05 199.80
C PRO BA 335 60.69 75.47 200.31
N HIS BA 336 60.51 76.46 199.45
CA HIS BA 336 60.55 77.87 199.83
C HIS BA 336 59.39 78.61 199.20
N HIS BA 337 59.00 79.71 199.83
CA HIS BA 337 57.89 80.55 199.34
C HIS BA 337 58.42 81.48 198.25
N VAL BA 338 58.76 80.88 197.11
CA VAL BA 338 59.31 81.61 195.98
C VAL BA 338 58.44 81.34 194.75
N ALA BA 339 58.71 82.11 193.69
CA ALA BA 339 58.00 81.98 192.43
C ALA BA 339 58.99 81.66 191.32
N LEU BA 340 58.65 80.67 190.50
CA LEU BA 340 59.53 80.24 189.41
C LEU BA 340 58.71 80.11 188.13
N PHE BA 341 59.26 80.63 187.04
CA PHE BA 341 58.60 80.53 185.74
C PHE BA 341 58.91 79.19 185.09
N LYS BA 342 58.16 78.88 184.03
CA LYS BA 342 58.38 77.64 183.29
C LYS BA 342 59.74 77.66 182.59
N ASP BA 343 60.10 78.80 181.98
CA ASP BA 343 61.33 78.92 181.23
C ASP BA 343 62.39 79.75 181.96
N SER BA 344 62.34 79.79 183.29
CA SER BA 344 63.29 80.54 184.08
C SER BA 344 63.85 79.66 185.18
N SER BA 345 65.04 80.03 185.67
CA SER BA 345 65.71 79.29 186.73
C SER BA 345 65.90 80.09 188.01
N ARG BA 346 65.58 81.39 188.00
CA ARG BA 346 65.72 82.23 189.18
C ARG BA 346 64.46 82.15 190.03
N GLU BA 347 64.62 81.83 191.31
CA GLU BA 347 63.50 81.71 192.23
C GLU BA 347 63.22 83.09 192.82
N PHE BA 348 62.15 83.72 192.35
CA PHE BA 348 61.76 85.05 192.84
C PHE BA 348 61.05 84.89 194.17
N ASP BA 349 61.71 85.30 195.25
CA ASP BA 349 61.12 85.21 196.57
C ASP BA 349 59.94 86.15 196.70
N LEU BA 350 58.93 85.72 197.46
CA LEU BA 350 57.71 86.48 197.67
C LEU BA 350 57.72 87.25 198.99
N THR BA 351 58.85 87.29 199.69
CA THR BA 351 58.97 87.98 200.97
C THR BA 351 59.81 89.24 200.89
N LYS BA 352 61.03 89.15 200.36
CA LYS BA 352 61.90 90.31 200.28
C LYS BA 352 61.37 91.32 199.26
N GLU BA 353 61.50 92.61 199.60
CA GLU BA 353 61.01 93.65 198.71
C GLU BA 353 61.78 93.69 197.40
N GLU BA 354 63.10 93.48 197.47
CA GLU BA 354 63.91 93.48 196.25
C GLU BA 354 63.51 92.35 195.31
N ASP BA 355 63.28 91.16 195.86
CA ASP BA 355 62.85 90.03 195.04
C ASP BA 355 61.48 90.28 194.43
N LEU BA 356 60.56 90.88 195.19
CA LEU BA 356 59.25 91.21 194.65
C LEU BA 356 59.36 92.23 193.52
N ALA BA 357 60.22 93.24 193.69
CA ALA BA 357 60.43 94.22 192.64
C ALA BA 357 61.02 93.59 191.39
N ALA BA 358 61.98 92.68 191.57
CA ALA BA 358 62.56 91.97 190.43
C ALA BA 358 61.52 91.13 189.71
N LEU BA 359 60.65 90.45 190.48
CA LEU BA 359 59.59 89.65 189.88
C LEU BA 359 58.62 90.53 189.09
N ARG BA 360 58.25 91.68 189.65
CA ARG BA 360 57.35 92.59 188.94
C ARG BA 360 58.01 93.11 187.67
N HIS BA 361 59.30 93.44 187.73
CA HIS BA 361 60.01 93.90 186.53
C HIS BA 361 60.06 92.81 185.47
N GLU BA 362 60.30 91.56 185.88
CA GLU BA 362 60.32 90.46 184.93
C GLU BA 362 58.94 90.25 184.31
N ILE BA 363 57.88 90.35 185.11
CA ILE BA 363 56.52 90.21 184.59
C ILE BA 363 56.22 91.32 183.58
N GLU BA 364 56.61 92.55 183.90
CA GLU BA 364 56.39 93.66 182.98
C GLU BA 364 57.18 93.47 181.68
N LEU BA 365 58.42 92.99 181.79
CA LEU BA 365 59.21 92.74 180.59
C LEU BA 365 58.58 91.64 179.72
N ARG BA 366 58.07 90.58 180.35
CA ARG BA 366 57.40 89.53 179.61
C ARG BA 366 56.13 90.05 178.94
N MET BA 367 55.37 90.89 179.64
CA MET BA 367 54.18 91.48 179.04
C MET BA 367 54.52 92.36 177.85
N ARG BA 368 55.58 93.17 177.97
CA ARG BA 368 55.98 94.03 176.87
C ARG BA 368 56.48 93.21 175.68
N LYS BA 369 57.22 92.13 175.94
CA LYS BA 369 57.74 91.30 174.85
C LYS BA 369 56.61 90.67 174.06
N ASN BA 370 55.58 90.16 174.75
CA ASN BA 370 54.46 89.52 174.06
C ASN BA 370 53.69 90.53 173.22
N VAL BA 371 53.45 91.73 173.76
CA VAL BA 371 52.69 92.74 173.04
C VAL BA 371 53.54 93.32 171.91
N LYS BA 372 52.99 93.34 170.70
CA LYS BA 372 53.71 93.88 169.56
C LYS BA 372 53.81 95.40 169.66
N GLU BA 373 54.81 95.94 168.97
CA GLU BA 373 55.05 97.38 168.95
C GLU BA 373 54.00 98.03 168.07
N GLY BA 374 52.87 98.37 168.69
CA GLY BA 374 51.76 98.98 167.97
C GLY BA 374 50.42 98.38 168.33
N CYS BA 375 50.44 97.18 168.88
CA CYS BA 375 49.22 96.48 169.29
C CYS BA 375 48.96 96.70 170.78
N THR BA 376 47.80 96.21 171.23
CA THR BA 376 47.39 96.34 172.62
C THR BA 376 47.24 94.99 173.31
N VAL BA 377 46.55 94.04 172.68
CA VAL BA 377 46.32 92.71 173.24
C VAL BA 377 47.10 91.70 172.43
N SER BA 378 47.88 90.86 173.13
CA SER BA 378 48.70 89.85 172.49
C SER BA 378 48.17 88.46 172.82
N PRO BA 379 48.01 87.58 171.83
CA PRO BA 379 47.52 86.23 172.12
C PRO BA 379 48.48 85.39 172.95
N GLU BA 380 49.75 85.77 173.02
CA GLU BA 380 50.72 85.00 173.79
C GLU BA 380 50.40 85.05 175.28
N THR BA 381 50.58 83.92 175.95
CA THR BA 381 50.29 83.79 177.37
C THR BA 381 51.59 83.72 178.17
N ILE BA 382 51.49 84.01 179.46
CA ILE BA 382 52.61 83.98 180.39
C ILE BA 382 52.33 82.95 181.46
N SER BA 383 53.26 82.04 181.66
CA SER BA 383 53.13 80.96 182.63
C SER BA 383 54.01 81.22 183.83
N LEU BA 384 53.43 81.14 185.03
CA LEU BA 384 54.16 81.35 186.27
C LEU BA 384 53.70 80.34 187.30
N ASN BA 385 54.65 79.74 188.01
CA ASN BA 385 54.37 78.77 189.06
C ASN BA 385 54.73 79.36 190.41
N VAL BA 386 53.79 79.28 191.35
CA VAL BA 386 53.96 79.82 192.70
C VAL BA 386 54.03 78.66 193.68
N LYS BA 387 55.07 78.63 194.50
CA LYS BA 387 55.28 77.59 195.48
C LYS BA 387 55.47 78.22 196.86
N GLY BA 388 55.11 77.46 197.89
CA GLY BA 388 55.25 77.91 199.25
C GLY BA 388 54.21 77.31 200.17
N PRO BA 389 54.53 77.22 201.46
CA PRO BA 389 53.58 76.66 202.42
C PRO BA 389 52.37 77.56 202.61
N GLY BA 390 51.25 76.93 202.98
CA GLY BA 390 50.01 77.65 203.20
C GLY BA 390 49.17 77.91 201.98
N LEU BA 391 49.61 77.46 200.80
CA LEU BA 391 48.86 77.65 199.57
C LEU BA 391 48.11 76.37 199.21
N GLN BA 392 47.16 76.52 198.29
CA GLN BA 392 46.35 75.41 197.81
C GLN BA 392 46.98 74.83 196.55
N ARG BA 393 46.28 73.89 195.92
CA ARG BA 393 46.74 73.24 194.69
C ARG BA 393 45.72 73.52 193.60
N MET BA 394 45.92 74.64 192.89
CA MET BA 394 45.02 75.04 191.81
C MET BA 394 45.78 75.97 190.89
N VAL BA 395 45.22 76.17 189.70
CA VAL BA 395 45.81 77.02 188.67
C VAL BA 395 44.87 78.20 188.45
N LEU BA 396 45.41 79.41 188.58
CA LEU BA 396 44.66 80.64 188.40
C LEU BA 396 45.10 81.34 187.12
N VAL BA 397 44.14 81.81 186.34
CA VAL BA 397 44.39 82.49 185.08
C VAL BA 397 43.92 83.93 185.21
N ASP BA 398 44.80 84.87 184.87
CA ASP BA 398 44.52 86.29 184.94
C ASP BA 398 44.30 86.84 183.54
N LEU BA 399 43.23 87.60 183.36
CA LEU BA 399 42.88 88.19 182.07
C LEU BA 399 42.63 89.68 182.23
N PRO BA 400 42.85 90.47 181.19
CA PRO BA 400 42.56 91.91 181.28
C PRO BA 400 41.08 92.16 181.50
N GLY BA 401 40.80 93.27 182.20
CA GLY BA 401 39.42 93.60 182.51
C GLY BA 401 38.62 93.98 181.29
N VAL BA 402 37.31 93.82 181.40
CA VAL BA 402 36.40 94.12 180.31
C VAL BA 402 36.22 95.63 180.21
N ILE BA 403 36.40 96.17 179.00
CA ILE BA 403 36.26 97.60 178.77
C ILE BA 403 35.04 97.84 177.87
N ASN BA 404 34.56 99.08 177.89
CA ASN BA 404 33.39 99.47 177.11
C ASN BA 404 33.73 100.49 176.03
N THR BA 405 34.46 101.55 176.38
CA THR BA 405 34.83 102.57 175.41
C THR BA 405 35.95 102.07 174.51
N VAL BA 406 36.10 102.75 173.38
CA VAL BA 406 37.12 102.42 172.38
C VAL BA 406 38.11 103.59 172.30
N THR BA 407 39.39 103.28 172.45
CA THR BA 407 40.43 104.31 172.40
C THR BA 407 40.79 104.62 170.95
N SER BA 408 40.79 105.90 170.61
CA SER BA 408 41.13 106.31 169.25
C SER BA 408 42.62 106.11 168.98
N GLY BA 409 43.46 106.22 170.01
CA GLY BA 409 44.90 106.05 169.87
C GLY BA 409 45.39 104.61 169.84
N MET BA 410 44.48 103.65 169.95
CA MET BA 410 44.83 102.23 169.94
C MET BA 410 44.04 101.52 168.85
N ALA BA 411 44.12 100.20 168.83
CA ALA BA 411 43.42 99.41 167.83
C ALA BA 411 41.92 99.50 168.05
N PRO BA 412 41.13 99.84 167.03
CA PRO BA 412 39.67 99.91 167.23
C PRO BA 412 39.03 98.58 167.57
N ASP BA 413 39.68 97.46 167.26
CA ASP BA 413 39.13 96.14 167.53
C ASP BA 413 39.66 95.54 168.83
N THR BA 414 40.24 96.36 169.71
CA THR BA 414 40.74 95.86 170.98
C THR BA 414 39.61 95.31 171.84
N LYS BA 415 38.48 96.01 171.89
CA LYS BA 415 37.34 95.53 172.67
C LYS BA 415 36.79 94.24 172.09
N GLU BA 416 36.71 94.16 170.76
CA GLU BA 416 36.24 92.92 170.12
C GLU BA 416 37.19 91.77 170.40
N THR BA 417 38.50 92.02 170.34
CA THR BA 417 39.48 90.98 170.65
C THR BA 417 39.36 90.51 172.10
N ILE BA 418 39.17 91.46 173.03
CA ILE BA 418 39.02 91.09 174.43
C ILE BA 418 37.75 90.26 174.62
N PHE BA 419 36.65 90.65 173.98
CA PHE BA 419 35.42 89.90 174.09
C PHE BA 419 35.57 88.49 173.52
N SER BA 420 36.25 88.37 172.37
CA SER BA 420 36.48 87.05 171.78
C SER BA 420 37.34 86.18 172.68
N ILE BA 421 38.38 86.76 173.29
CA ILE BA 421 39.23 85.99 174.20
C ILE BA 421 38.43 85.54 175.41
N SER BA 422 37.60 86.42 175.96
CA SER BA 422 36.77 86.05 177.10
C SER BA 422 35.79 84.93 176.74
N LYS BA 423 35.18 85.03 175.56
CA LYS BA 423 34.26 83.97 175.13
C LYS BA 423 34.98 82.65 174.95
N ALA BA 424 36.18 82.68 174.35
CA ALA BA 424 36.94 81.46 174.17
C ALA BA 424 37.33 80.84 175.52
N TYR BA 425 37.72 81.68 176.48
CA TYR BA 425 38.04 81.17 177.81
C TYR BA 425 36.81 80.58 178.49
N MET BA 426 35.66 81.22 178.33
CA MET BA 426 34.42 80.72 178.92
C MET BA 426 33.85 79.52 178.18
N GLN BA 427 34.36 79.20 176.99
CA GLN BA 427 33.87 78.04 176.25
C GLN BA 427 34.10 76.73 176.99
N ASN BA 428 35.03 76.70 177.94
CA ASN BA 428 35.27 75.50 178.73
C ASN BA 428 34.10 75.27 179.66
N PRO BA 429 33.41 74.13 179.58
CA PRO BA 429 32.27 73.88 180.48
C PRO BA 429 32.66 73.78 181.94
N ASN BA 430 33.93 73.49 182.25
CA ASN BA 430 34.39 73.32 183.62
C ASN BA 430 35.33 74.45 184.06
N ALA BA 431 35.28 75.59 183.37
CA ALA BA 431 36.14 76.72 183.73
C ALA BA 431 35.53 77.46 184.92
N ILE BA 432 36.23 77.45 186.05
CA ILE BA 432 35.77 78.15 187.24
C ILE BA 432 36.11 79.63 187.10
N ILE BA 433 35.10 80.47 187.27
CA ILE BA 433 35.26 81.92 187.14
C ILE BA 433 35.19 82.54 188.53
N LEU BA 434 36.22 83.31 188.88
CA LEU BA 434 36.31 83.99 190.17
C LEU BA 434 36.03 85.48 189.94
N CYS BA 435 34.83 85.91 190.28
CA CYS BA 435 34.43 87.30 190.09
C CYS BA 435 34.93 88.14 191.26
N ILE BA 436 35.56 89.27 190.95
CA ILE BA 436 36.09 90.19 191.93
C ILE BA 436 35.43 91.55 191.72
N GLN BA 437 34.89 92.12 192.78
CA GLN BA 437 34.22 93.42 192.74
C GLN BA 437 34.96 94.39 193.67
N ASP BA 438 34.39 95.59 193.82
CA ASP BA 438 34.96 96.64 194.64
C ASP BA 438 33.91 97.16 195.61
N GLY BA 439 34.38 97.85 196.65
CA GLY BA 439 33.46 98.42 197.61
C GLY BA 439 32.54 99.47 197.02
N SER BA 440 33.07 100.27 196.10
CA SER BA 440 32.28 101.31 195.45
C SER BA 440 31.51 100.81 194.24
N VAL BA 441 31.66 99.53 193.87
CA VAL BA 441 30.99 98.95 192.71
C VAL BA 441 29.94 97.97 193.23
N ASP BA 442 28.71 98.15 192.79
CA ASP BA 442 27.61 97.29 193.20
C ASP BA 442 27.68 95.96 192.47
N ALA BA 443 26.89 95.00 192.96
CA ALA BA 443 26.86 93.67 192.34
C ALA BA 443 26.34 93.74 190.91
N GLU BA 444 25.29 94.53 190.67
CA GLU BA 444 24.75 94.68 189.33
C GLU BA 444 25.66 95.49 188.42
N ARG BA 445 26.52 96.34 188.99
CA ARG BA 445 27.44 97.15 188.20
C ARG BA 445 28.64 96.36 187.69
N SER BA 446 28.84 95.14 188.18
CA SER BA 446 29.98 94.32 187.76
C SER BA 446 29.63 93.67 186.42
N ILE BA 447 30.42 93.98 185.39
CA ILE BA 447 30.19 93.40 184.08
C ILE BA 447 30.47 91.91 184.08
N VAL BA 448 31.51 91.50 184.83
CA VAL BA 448 31.87 90.08 184.88
C VAL BA 448 30.75 89.27 185.52
N THR BA 449 30.16 89.77 186.60
CA THR BA 449 29.06 89.06 187.26
C THR BA 449 27.86 88.93 186.33
N ASP BA 450 27.52 90.01 185.63
CA ASP BA 450 26.39 89.95 184.69
C ASP BA 450 26.67 88.97 183.56
N LEU BA 451 27.89 88.96 183.04
CA LEU BA 451 28.23 88.03 181.97
C LEU BA 451 28.16 86.58 182.46
N VAL BA 452 28.65 86.33 183.68
CA VAL BA 452 28.58 84.97 184.24
C VAL BA 452 27.13 84.55 184.43
N SER BA 453 26.29 85.45 184.94
CA SER BA 453 24.87 85.13 185.12
C SER BA 453 24.20 84.84 183.80
N GLN BA 454 24.50 85.63 182.76
CA GLN BA 454 23.91 85.40 181.45
C GLN BA 454 24.37 84.06 180.87
N MET BA 455 25.66 83.75 180.99
CA MET BA 455 26.18 82.50 180.44
C MET BA 455 25.81 81.30 181.31
N ASP BA 456 25.73 81.47 182.62
CA ASP BA 456 25.41 80.39 183.55
C ASP BA 456 24.27 80.83 184.46
N PRO BA 457 23.03 80.78 183.97
CA PRO BA 457 21.91 81.17 184.82
C PRO BA 457 21.76 80.31 186.07
N HIS BA 458 22.09 79.02 185.99
CA HIS BA 458 21.99 78.15 187.16
C HIS BA 458 23.08 78.46 188.18
N GLY BA 459 24.31 78.65 187.71
CA GLY BA 459 25.41 78.95 188.61
C GLY BA 459 25.73 77.83 189.58
N ARG BA 460 25.65 76.57 189.11
CA ARG BA 460 25.95 75.43 189.96
C ARG BA 460 27.44 75.21 190.16
N ARG BA 461 28.29 75.82 189.33
CA ARG BA 461 29.73 75.68 189.44
C ARG BA 461 30.45 76.99 189.76
N THR BA 462 29.76 78.12 189.73
CA THR BA 462 30.34 79.42 190.02
C THR BA 462 29.97 79.85 191.42
N ILE BA 463 30.97 80.23 192.21
CA ILE BA 463 30.76 80.65 193.59
C ILE BA 463 31.15 82.13 193.69
N PHE BA 464 30.21 82.94 194.19
CA PHE BA 464 30.45 84.37 194.32
C PHE BA 464 31.27 84.65 195.57
N VAL BA 465 32.30 85.50 195.43
CA VAL BA 465 33.15 85.91 196.52
C VAL BA 465 33.08 87.43 196.64
N LEU BA 466 32.78 87.92 197.84
CA LEU BA 466 32.66 89.35 198.10
C LEU BA 466 33.95 89.86 198.73
N THR BA 467 34.54 90.88 198.12
CA THR BA 467 35.79 91.46 198.59
C THR BA 467 35.59 92.92 198.95
N LYS BA 468 36.44 93.41 199.86
CA LYS BA 468 36.40 94.79 200.34
C LYS BA 468 35.03 95.14 200.92
N VAL BA 469 34.60 94.34 201.90
CA VAL BA 469 33.31 94.58 202.55
C VAL BA 469 33.33 95.87 203.35
N ASP BA 470 34.45 96.17 204.00
CA ASP BA 470 34.53 97.38 204.83
C ASP BA 470 34.38 98.64 203.97
N LEU BA 471 35.01 98.66 202.80
CA LEU BA 471 34.90 99.83 201.92
C LEU BA 471 33.46 100.04 201.47
N ALA BA 472 32.76 98.96 201.10
CA ALA BA 472 31.36 99.09 200.72
C ALA BA 472 30.50 99.55 201.89
N GLU BA 473 30.76 99.03 203.09
CA GLU BA 473 29.99 99.41 204.26
C GLU BA 473 30.19 100.89 204.60
N LYS BA 474 31.43 101.38 204.49
CA LYS BA 474 31.72 102.78 204.81
C LYS BA 474 31.10 103.75 203.81
N ASN BA 475 30.67 103.27 202.64
CA ASN BA 475 30.06 104.12 201.63
C ASN BA 475 28.55 104.18 201.79
N VAL BA 476 28.10 104.52 203.01
CA VAL BA 476 26.70 104.62 203.43
C VAL BA 476 25.80 103.63 202.70
N ALA BA 477 26.25 102.38 202.59
CA ALA BA 477 25.46 101.36 201.92
C ALA BA 477 24.37 100.83 202.85
N SER BA 478 23.37 100.19 202.25
CA SER BA 478 22.27 99.60 203.01
C SER BA 478 22.66 98.23 203.51
N PRO BA 479 22.62 97.97 204.82
CA PRO BA 479 22.98 96.63 205.31
C PRO BA 479 22.04 95.53 204.82
N SER BA 480 20.81 95.87 204.44
CA SER BA 480 19.89 94.86 203.94
C SER BA 480 20.40 94.25 202.64
N ARG BA 481 20.95 95.09 201.74
CA ARG BA 481 21.51 94.57 200.50
C ARG BA 481 22.69 93.64 200.76
N ILE BA 482 23.56 94.02 201.70
CA ILE BA 482 24.71 93.17 202.03
C ILE BA 482 24.24 91.84 202.61
N GLN BA 483 23.25 91.90 203.50
CA GLN BA 483 22.72 90.67 204.09
C GLN BA 483 22.10 89.76 203.02
N GLN BA 484 21.36 90.35 202.08
CA GLN BA 484 20.75 89.56 201.02
C GLN BA 484 21.81 88.94 200.12
N ILE BA 485 22.87 89.70 199.81
CA ILE BA 485 23.95 89.17 198.97
C ILE BA 485 24.66 88.01 199.68
N ILE BA 486 24.96 88.20 200.97
CA ILE BA 486 25.63 87.14 201.72
C ILE BA 486 24.73 85.91 201.85
N GLU BA 487 23.45 86.12 202.18
CA GLU BA 487 22.52 85.00 202.30
C GLU BA 487 22.15 84.40 200.96
N GLY BA 488 22.22 85.18 199.88
CA GLY BA 488 21.92 84.66 198.56
C GLY BA 488 20.45 84.81 198.19
N LYS BA 489 19.84 85.92 198.59
CA LYS BA 489 18.44 86.20 198.26
C LYS BA 489 18.29 87.17 197.11
N LEU BA 490 19.38 87.52 196.42
CA LEU BA 490 19.34 88.46 195.31
C LEU BA 490 19.87 87.87 194.01
N PHE BA 491 20.92 87.05 194.09
CA PHE BA 491 21.49 86.47 192.88
C PHE BA 491 20.61 85.34 192.37
N PRO BA 492 20.13 85.39 191.12
CA PRO BA 492 19.30 84.28 190.62
C PRO BA 492 20.02 82.95 190.57
N MET BA 493 21.33 82.95 190.36
CA MET BA 493 22.08 81.70 190.27
C MET BA 493 22.12 81.00 191.63
N LYS BA 494 22.11 79.68 191.59
CA LYS BA 494 22.15 78.86 192.81
C LYS BA 494 23.60 78.43 193.05
N ALA BA 495 24.37 79.35 193.62
CA ALA BA 495 25.76 79.08 193.93
C ALA BA 495 25.87 78.14 195.12
N LEU BA 496 27.01 77.44 195.19
CA LEU BA 496 27.25 76.51 196.29
C LEU BA 496 27.41 77.21 197.63
N GLY BA 497 27.73 78.50 197.62
CA GLY BA 497 27.87 79.24 198.87
C GLY BA 497 28.25 80.68 198.58
N TYR BA 498 28.26 81.48 199.64
CA TYR BA 498 28.61 82.88 199.55
C TYR BA 498 29.44 83.25 200.78
N PHE BA 499 30.61 83.82 200.54
CA PHE BA 499 31.52 84.24 201.61
C PHE BA 499 31.96 85.67 201.38
N ALA BA 500 32.02 86.45 202.46
CA ALA BA 500 32.42 87.85 202.41
C ALA BA 500 33.75 88.00 203.13
N VAL BA 501 34.74 88.57 202.44
CA VAL BA 501 36.07 88.78 202.98
C VAL BA 501 36.50 90.22 202.72
N VAL BA 502 37.50 90.66 203.48
CA VAL BA 502 38.07 92.00 203.35
C VAL BA 502 39.50 91.86 202.89
N THR BA 503 39.83 92.52 201.77
CA THR BA 503 41.16 92.48 201.19
C THR BA 503 41.85 93.84 201.31
N GLY BA 504 41.63 94.54 202.43
CA GLY BA 504 42.24 95.83 202.64
C GLY BA 504 41.50 96.95 201.92
N LYS BA 505 42.10 98.14 202.00
CA LYS BA 505 41.53 99.31 201.36
C LYS BA 505 41.87 99.43 199.88
N GLY BA 506 42.70 98.53 199.35
CA GLY BA 506 43.07 98.57 197.96
C GLY BA 506 44.15 99.57 197.60
N ASN BA 507 44.78 100.19 198.60
CA ASN BA 507 45.82 101.17 198.35
C ASN BA 507 47.14 100.47 198.06
N SER BA 508 48.21 101.24 197.89
CA SER BA 508 49.55 100.71 197.60
C SER BA 508 50.53 101.04 198.72
N SER BA 509 50.04 101.14 199.96
CA SER BA 509 50.90 101.46 201.09
C SER BA 509 50.63 100.55 202.29
N GLU BA 510 49.90 99.45 202.11
CA GLU BA 510 49.59 98.51 203.18
C GLU BA 510 50.26 97.18 202.87
N SER BA 511 51.02 96.67 203.83
CA SER BA 511 51.70 95.40 203.64
C SER BA 511 50.70 94.24 203.71
N ILE BA 512 51.16 93.08 203.22
CA ILE BA 512 50.30 91.89 203.23
C ILE BA 512 49.96 91.48 204.65
N GLU BA 513 50.95 91.52 205.55
CA GLU BA 513 50.71 91.14 206.94
C GLU BA 513 49.71 92.09 207.60
N ALA BA 514 49.83 93.39 207.33
CA ALA BA 514 48.90 94.36 207.91
C ALA BA 514 47.48 94.12 207.41
N ILE BA 515 47.32 93.85 206.12
CA ILE BA 515 45.99 93.58 205.57
C ILE BA 515 45.42 92.30 206.16
N ARG BA 516 46.24 91.27 206.32
CA ARG BA 516 45.78 90.02 206.91
C ARG BA 516 45.34 90.24 208.35
N GLU BA 517 46.12 91.01 209.12
CA GLU BA 517 45.75 91.30 210.51
C GLU BA 517 44.45 92.10 210.58
N TYR BA 518 44.29 93.07 209.69
CA TYR BA 518 43.05 93.85 209.66
C TYR BA 518 41.86 92.97 209.33
N GLU BA 519 42.03 92.05 208.36
CA GLU BA 519 40.94 91.15 208.00
C GLU BA 519 40.60 90.22 209.16
N GLU BA 520 41.61 89.70 209.87
CA GLU BA 520 41.35 88.86 211.02
C GLU BA 520 40.63 89.63 212.12
N GLU BA 521 41.03 90.88 212.37
CA GLU BA 521 40.35 91.69 213.38
C GLU BA 521 38.91 91.96 212.98
N PHE BA 522 38.66 92.25 211.70
CA PHE BA 522 37.31 92.48 211.23
C PHE BA 522 36.45 91.22 211.37
N PHE BA 523 37.02 90.07 211.05
CA PHE BA 523 36.28 88.82 211.21
C PHE BA 523 35.96 88.54 212.68
N GLN BA 524 36.93 88.79 213.57
CA GLN BA 524 36.69 88.57 214.99
C GLN BA 524 35.62 89.52 215.53
N ASN BA 525 35.67 90.79 215.14
CA ASN BA 525 34.72 91.80 215.58
C ASN BA 525 34.18 92.52 214.35
N SER BA 526 32.96 92.19 213.94
CA SER BA 526 32.32 92.78 212.79
C SER BA 526 31.01 93.45 213.19
N LYS BA 527 30.69 94.54 212.50
CA LYS BA 527 29.45 95.28 212.78
C LYS BA 527 28.21 94.55 212.27
N LEU BA 528 28.36 93.53 211.44
CA LEU BA 528 27.23 92.77 210.91
C LEU BA 528 27.03 91.43 211.60
N LEU BA 529 28.10 90.82 212.12
CA LEU BA 529 27.96 89.54 212.81
C LEU BA 529 27.25 89.69 214.15
N LYS BA 530 27.40 90.85 214.81
CA LYS BA 530 26.76 91.09 216.09
C LYS BA 530 25.27 91.35 215.97
N THR BA 531 24.76 91.55 214.76
CA THR BA 531 23.34 91.79 214.54
C THR BA 531 22.55 90.50 214.33
N SER BA 532 23.21 89.34 214.36
CA SER BA 532 22.55 88.05 214.17
C SER BA 532 21.82 87.99 212.84
N MET BA 533 22.43 88.56 211.81
CA MET BA 533 21.85 88.57 210.46
C MET BA 533 22.68 87.77 209.46
N LEU BA 534 23.79 87.18 209.88
CA LEU BA 534 24.65 86.40 209.00
C LEU BA 534 24.87 85.01 209.59
N LYS BA 535 24.97 84.02 208.71
CA LYS BA 535 25.17 82.65 209.14
C LYS BA 535 26.55 82.47 209.76
N ALA BA 536 26.61 81.66 210.82
CA ALA BA 536 27.86 81.45 211.52
C ALA BA 536 28.82 80.54 210.74
N HIS BA 537 28.27 79.68 209.89
CA HIS BA 537 29.08 78.74 209.12
C HIS BA 537 29.61 79.32 207.82
N GLN BA 538 29.26 80.57 207.51
CA GLN BA 538 29.73 81.24 206.30
C GLN BA 538 30.90 82.18 206.57
N VAL BA 539 31.77 81.83 207.51
CA VAL BA 539 32.90 82.67 207.87
C VAL BA 539 34.19 82.02 207.37
N THR BA 540 35.30 82.76 207.45
CA THR BA 540 36.62 82.30 207.01
C THR BA 540 36.61 81.83 205.56
N THR BA 541 37.66 81.13 205.15
CA THR BA 541 37.76 80.64 203.77
C THR BA 541 38.24 79.20 203.67
N ARG BA 542 38.48 78.51 204.79
CA ARG BA 542 39.03 77.16 204.73
C ARG BA 542 38.05 76.20 204.08
N ASN BA 543 36.79 76.22 204.52
CA ASN BA 543 35.79 75.30 203.95
C ASN BA 543 35.55 75.59 202.48
N LEU BA 544 35.45 76.88 202.12
CA LEU BA 544 35.24 77.24 200.72
C LEU BA 544 36.41 76.79 199.86
N SER BA 545 37.65 77.00 200.35
CA SER BA 545 38.82 76.57 199.60
C SER BA 545 38.86 75.07 199.43
N LEU BA 546 38.53 74.32 200.49
CA LEU BA 546 38.52 72.86 200.40
C LEU BA 546 37.46 72.39 199.41
N ALA BA 547 36.27 72.98 199.44
CA ALA BA 547 35.21 72.59 198.51
C ALA BA 547 35.62 72.91 197.07
N VAL BA 548 36.20 74.08 196.84
CA VAL BA 548 36.63 74.46 195.50
C VAL BA 548 37.72 73.50 195.00
N SER BA 549 38.67 73.17 195.87
CA SER BA 549 39.73 72.24 195.48
C SER BA 549 39.17 70.86 195.14
N ASP BA 550 38.24 70.36 195.95
CA ASP BA 550 37.64 69.06 195.68
C ASP BA 550 36.87 69.06 194.38
N CYS BA 551 36.09 70.11 194.13
CA CYS BA 551 35.34 70.21 192.89
C CYS BA 551 36.27 70.28 191.68
N PHE BA 552 37.34 71.07 191.79
CA PHE BA 552 38.30 71.16 190.69
C PHE BA 552 38.98 69.82 190.44
N TRP BA 553 39.35 69.11 191.51
CA TRP BA 553 40.00 67.82 191.34
C TRP BA 553 39.07 66.81 190.68
N LYS BA 554 37.81 66.75 191.12
CA LYS BA 554 36.89 65.78 190.52
C LYS BA 554 36.58 66.14 189.06
N MET BA 555 36.41 67.43 188.76
CA MET BA 555 36.11 67.80 187.39
C MET BA 555 37.31 67.57 186.47
N VAL BA 556 38.53 67.83 186.96
CA VAL BA 556 39.70 67.58 186.12
C VAL BA 556 39.93 66.08 185.96
N ARG BA 557 39.61 65.28 186.98
CA ARG BA 557 39.70 63.83 186.83
C ARG BA 557 38.72 63.33 185.77
N GLU BA 558 37.48 63.80 185.80
CA GLU BA 558 36.51 63.42 184.78
C GLU BA 558 36.97 63.88 183.40
N SER BA 559 37.50 65.10 183.31
CA SER BA 559 37.95 65.63 182.02
C SER BA 559 39.10 64.81 181.46
N VAL BA 560 40.07 64.45 182.30
CA VAL BA 560 41.21 63.66 181.81
C VAL BA 560 40.77 62.24 181.47
N GLU BA 561 39.80 61.68 182.21
CA GLU BA 561 39.29 60.36 181.87
C GLU BA 561 38.62 60.38 180.48
N GLN BA 562 37.84 61.43 180.21
CA GLN BA 562 37.24 61.55 178.88
C GLN BA 562 38.29 61.79 177.80
N GLN BA 563 39.29 62.63 178.10
CA GLN BA 563 40.29 62.98 177.10
C GLN BA 563 41.22 61.82 176.78
N ALA BA 564 41.43 60.89 177.73
CA ALA BA 564 42.27 59.74 177.46
C ALA BA 564 41.80 58.96 176.23
N ASP BA 565 40.50 58.98 175.95
CA ASP BA 565 39.96 58.40 174.74
C ASP BA 565 39.67 59.44 173.66
N SER BA 566 39.32 60.66 174.03
CA SER BA 566 39.03 61.70 173.04
C SER BA 566 40.26 62.02 172.20
N PHE BA 567 41.42 62.16 172.84
CA PHE BA 567 42.64 62.47 172.10
C PHE BA 567 43.09 61.30 171.24
N LYS BA 568 42.90 60.06 171.72
CA LYS BA 568 43.21 58.91 170.88
C LYS BA 568 42.33 58.88 169.65
N ALA BA 569 41.03 59.16 169.83
CA ALA BA 569 40.12 59.20 168.68
C ALA BA 569 40.52 60.32 167.71
N THR BA 570 40.90 61.48 168.25
CA THR BA 570 41.32 62.59 167.40
C THR BA 570 42.57 62.24 166.61
N ARG BA 571 43.54 61.59 167.26
CA ARG BA 571 44.76 61.19 166.56
C ARG BA 571 44.46 60.16 165.48
N PHE BA 572 43.58 59.20 165.78
CA PHE BA 572 43.20 58.21 164.78
C PHE BA 572 42.52 58.86 163.59
N ASN BA 573 41.62 59.81 163.85
CA ASN BA 573 40.93 60.52 162.77
C ASN BA 573 41.92 61.33 161.92
N LEU BA 574 42.87 62.00 162.57
CA LEU BA 574 43.86 62.77 161.82
C LEU BA 574 44.73 61.86 160.97
N GLU BA 575 45.15 60.71 161.50
CA GLU BA 575 45.94 59.76 160.73
C GLU BA 575 45.16 59.23 159.54
N THR BA 576 43.87 58.91 159.77
CA THR BA 576 43.04 58.42 158.67
C THR BA 576 42.86 59.49 157.59
N GLU BA 577 42.67 60.75 158.01
CA GLU BA 577 42.54 61.83 157.05
C GLU BA 577 43.81 62.01 156.23
N TRP BA 578 44.97 61.96 156.90
CA TRP BA 578 46.24 62.11 156.20
C TRP BA 578 46.45 60.96 155.21
N LYS BA 579 46.13 59.73 155.62
CA LYS BA 579 46.28 58.60 154.72
C LYS BA 579 45.33 58.69 153.54
N ASN BA 580 44.09 59.12 153.77
CA ASN BA 580 43.11 59.19 152.69
C ASN BA 580 43.43 60.29 151.70
N ASN BA 581 43.85 61.46 152.20
CA ASN BA 581 44.19 62.56 151.29
C ASN BA 581 45.44 62.24 150.48
N TYR BA 582 46.38 61.48 151.05
CA TYR BA 582 47.63 61.13 150.39
C TYR BA 582 47.82 59.62 150.46
N PRO BA 583 47.11 58.86 149.63
CA PRO BA 583 47.27 57.40 149.65
C PRO BA 583 48.68 56.94 149.30
N ARG BA 584 49.37 57.67 148.43
CA ARG BA 584 50.71 57.30 147.99
C ARG BA 584 51.80 58.13 148.67
N LEU BA 585 51.44 59.00 149.61
CA LEU BA 585 52.41 59.82 150.31
C LEU BA 585 52.22 59.66 151.82
N ARG BA 586 53.33 59.42 152.52
CA ARG BA 586 53.31 59.26 153.96
C ARG BA 586 53.53 60.62 154.63
N GLU BA 587 53.76 60.61 155.94
CA GLU BA 587 53.97 61.85 156.68
C GLU BA 587 55.15 62.62 156.13
N LEU BA 588 54.95 63.93 155.91
CA LEU BA 588 55.99 64.81 155.35
C LEU BA 588 56.06 66.05 156.24
N ASP BA 589 56.92 65.99 157.26
CA ASP BA 589 57.10 67.12 158.17
C ASP BA 589 58.17 68.05 157.62
N ARG BA 590 58.52 69.07 158.42
CA ARG BA 590 59.48 70.07 157.97
C ARG BA 590 60.86 69.47 157.73
N ASN BA 591 61.31 68.60 158.64
CA ASN BA 591 62.66 68.04 158.53
C ASN BA 591 62.80 67.15 157.30
N GLU BA 592 61.87 66.22 157.11
CA GLU BA 592 61.95 65.30 155.98
C GLU BA 592 61.81 66.05 154.66
N LEU BA 593 60.89 67.01 154.58
CA LEU BA 593 60.72 67.77 153.35
C LEU BA 593 61.95 68.62 153.05
N PHE BA 594 62.55 69.23 154.08
CA PHE BA 594 63.76 70.01 153.86
C PHE BA 594 64.91 69.12 153.39
N GLU BA 595 65.05 67.93 153.99
CA GLU BA 595 66.08 67.01 153.55
C GLU BA 595 65.86 66.56 152.11
N LYS BA 596 64.60 66.29 151.74
CA LYS BA 596 64.29 65.90 150.38
C LYS BA 596 64.59 67.02 149.40
N ALA BA 597 64.26 68.26 149.77
CA ALA BA 597 64.58 69.40 148.92
C ALA BA 597 66.09 69.57 148.75
N LYS BA 598 66.84 69.39 149.84
CA LYS BA 598 68.30 69.47 149.74
C LYS BA 598 68.85 68.39 148.83
N ASN BA 599 68.34 67.17 148.96
CA ASN BA 599 68.78 66.07 148.11
C ASN BA 599 68.43 66.33 146.64
N GLU BA 600 67.24 66.88 146.37
CA GLU BA 600 66.87 67.20 145.00
C GLU BA 600 67.75 68.30 144.43
N ILE BA 601 68.10 69.30 145.24
CA ILE BA 601 69.01 70.35 144.79
C ILE BA 601 70.38 69.77 144.47
N LEU BA 602 70.87 68.87 145.33
CA LEU BA 602 72.16 68.23 145.08
C LEU BA 602 72.12 67.40 143.80
N ASP BA 603 71.04 66.67 143.57
CA ASP BA 603 70.92 65.88 142.35
C ASP BA 603 70.87 66.77 141.12
N GLU BA 604 70.15 67.90 141.20
CA GLU BA 604 70.09 68.83 140.08
C GLU BA 604 71.47 69.43 139.79
N VAL BA 605 72.22 69.77 140.84
CA VAL BA 605 73.57 70.29 140.66
C VAL BA 605 74.47 69.24 140.02
N ILE BA 606 74.34 67.98 140.45
CA ILE BA 606 75.14 66.90 139.89
C ILE BA 606 74.81 66.73 138.41
N SER BA 607 73.52 66.74 138.06
CA SER BA 607 73.12 66.61 136.66
C SER BA 607 73.63 67.78 135.84
N LEU BA 608 73.58 68.99 136.39
CA LEU BA 608 74.11 70.16 135.70
C LEU BA 608 75.60 70.01 135.44
N SER BA 609 76.35 69.52 136.43
CA SER BA 609 77.79 69.34 136.26
C SER BA 609 78.11 68.19 135.32
N GLN BA 610 77.20 67.25 135.16
CA GLN BA 610 77.43 66.06 134.33
C GLN BA 610 77.07 66.27 132.87
N VAL BA 611 76.54 67.44 132.50
CA VAL BA 611 76.21 67.70 131.11
C VAL BA 611 77.49 67.79 130.28
N THR BA 612 77.46 67.24 129.08
CA THR BA 612 78.61 67.24 128.20
C THR BA 612 79.02 68.67 127.85
N PRO BA 613 80.30 69.03 128.01
CA PRO BA 613 80.71 70.41 127.70
C PRO BA 613 80.49 70.80 126.25
N LYS BA 614 80.49 69.84 125.31
CA LYS BA 614 80.32 70.17 123.91
C LYS BA 614 78.95 70.80 123.65
N HIS BA 615 77.91 70.27 124.28
CA HIS BA 615 76.58 70.86 124.12
C HIS BA 615 76.53 72.28 124.68
N TRP BA 616 77.18 72.51 125.82
CA TRP BA 616 77.26 73.85 126.38
C TRP BA 616 77.97 74.80 125.41
N GLU BA 617 79.09 74.35 124.83
CA GLU BA 617 79.82 75.20 123.91
C GLU BA 617 78.98 75.53 122.68
N GLU BA 618 78.28 74.54 122.13
CA GLU BA 618 77.43 74.78 120.97
C GLU BA 618 76.31 75.76 121.29
N ILE BA 619 75.65 75.56 122.43
CA ILE BA 619 74.53 76.43 122.81
C ILE BA 619 75.03 77.86 123.02
N LEU BA 620 76.15 78.00 123.73
CA LEU BA 620 76.70 79.34 123.98
C LEU BA 620 77.11 80.02 122.69
N GLN BA 621 77.75 79.29 121.78
CA GLN BA 621 78.17 79.88 120.51
C GLN BA 621 76.96 80.32 119.70
N GLN BA 622 75.93 79.47 119.63
CA GLN BA 622 74.75 79.82 118.85
C GLN BA 622 74.04 81.03 119.44
N SER BA 623 73.87 81.04 120.77
CA SER BA 623 73.19 82.16 121.41
C SER BA 623 73.96 83.46 121.23
N LEU BA 624 75.28 83.41 121.42
CA LEU BA 624 76.09 84.61 121.28
C LEU BA 624 76.07 85.11 119.84
N TRP BA 625 76.15 84.20 118.86
CA TRP BA 625 76.10 84.62 117.47
C TRP BA 625 74.76 85.27 117.13
N GLU BA 626 73.66 84.66 117.58
CA GLU BA 626 72.34 85.23 117.34
C GLU BA 626 72.20 86.59 118.01
N ARG BA 627 72.84 86.76 119.18
CA ARG BA 627 72.72 88.03 119.89
C ARG BA 627 73.54 89.13 119.22
N VAL BA 628 74.74 88.81 118.73
CA VAL BA 628 75.66 89.84 118.26
C VAL BA 628 75.66 89.96 116.74
N SER BA 629 74.80 89.20 116.04
CA SER BA 629 74.74 89.32 114.58
C SER BA 629 74.36 90.73 114.17
N THR BA 630 73.31 91.28 114.78
CA THR BA 630 72.87 92.64 114.44
C THR BA 630 73.93 93.66 114.81
N HIS BA 631 74.57 93.51 115.98
CA HIS BA 631 75.61 94.43 116.39
C HIS BA 631 76.78 94.43 115.40
N VAL BA 632 77.22 93.23 115.00
CA VAL BA 632 78.31 93.12 114.05
C VAL BA 632 77.93 93.74 112.71
N ILE BA 633 76.71 93.48 112.25
CA ILE BA 633 76.27 94.04 110.96
C ILE BA 633 76.28 95.56 111.02
N GLU BA 634 75.64 96.13 112.04
CA GLU BA 634 75.51 97.57 112.14
C GLU BA 634 76.82 98.27 112.51
N ASN BA 635 77.81 97.54 113.01
CA ASN BA 635 79.10 98.13 113.32
C ASN BA 635 80.16 97.88 112.26
N ILE BA 636 79.89 97.00 111.29
CA ILE BA 636 80.86 96.72 110.24
C ILE BA 636 80.35 97.18 108.89
N TYR BA 637 79.20 96.64 108.46
CA TYR BA 637 78.73 96.94 107.11
C TYR BA 637 78.16 98.35 106.98
N LEU BA 638 77.56 98.88 108.05
CA LEU BA 638 77.01 100.23 107.98
C LEU BA 638 78.07 101.29 107.71
N PRO BA 639 79.22 101.31 108.39
CA PRO BA 639 80.25 102.29 108.00
C PRO BA 639 80.92 101.95 106.68
N ALA BA 640 81.25 100.68 106.46
CA ALA BA 640 81.91 100.24 105.24
C ALA BA 640 80.89 99.74 104.22
N ALA BA 641 79.98 100.64 103.85
CA ALA BA 641 78.91 100.31 102.93
C ALA BA 641 79.26 100.59 101.47
N GLN BA 642 80.41 101.20 101.19
CA GLN BA 642 80.80 101.53 99.83
C GLN BA 642 82.23 101.08 99.52
N THR BA 643 82.78 100.16 100.30
CA THR BA 643 84.13 99.66 100.03
C THR BA 643 84.14 98.81 98.76
N MET BA 644 85.18 98.98 97.96
CA MET BA 644 85.35 98.23 96.72
C MET BA 644 86.42 97.16 96.83
N ASN BA 645 87.58 97.49 97.37
CA ASN BA 645 88.65 96.51 97.53
C ASN BA 645 88.39 95.63 98.74
N SER BA 646 88.62 94.32 98.57
CA SER BA 646 88.41 93.38 99.66
C SER BA 646 89.42 93.59 100.78
N GLY BA 647 90.63 94.04 100.44
CA GLY BA 647 91.64 94.26 101.46
C GLY BA 647 91.26 95.36 102.43
N THR BA 648 90.72 96.47 101.93
CA THR BA 648 90.28 97.55 102.81
C THR BA 648 89.15 97.08 103.71
N PHE BA 649 88.20 96.31 103.17
CA PHE BA 649 87.11 95.78 103.97
C PHE BA 649 87.63 94.86 105.07
N ASN BA 650 88.59 93.99 104.73
CA ASN BA 650 89.17 93.09 105.74
C ASN BA 650 89.91 93.88 106.81
N THR BA 651 90.64 94.93 106.41
CA THR BA 651 91.34 95.75 107.40
C THR BA 651 90.36 96.45 108.33
N THR BA 652 89.27 96.98 107.77
CA THR BA 652 88.25 97.62 108.60
C THR BA 652 87.61 96.62 109.56
N VAL BA 653 87.35 95.40 109.07
CA VAL BA 653 86.77 94.36 109.93
C VAL BA 653 87.72 94.04 111.08
N ASP BA 654 89.00 93.90 110.78
CA ASP BA 654 89.98 93.60 111.82
C ASP BA 654 90.06 94.73 112.83
N ILE BA 655 90.04 95.98 112.36
CA ILE BA 655 90.10 97.13 113.26
C ILE BA 655 88.88 97.14 114.18
N LYS BA 656 87.70 96.93 113.61
CA LYS BA 656 86.48 96.91 114.42
C LYS BA 656 86.49 95.78 115.43
N LEU BA 657 86.95 94.59 115.02
CA LEU BA 657 87.02 93.47 115.94
C LEU BA 657 87.99 93.73 117.07
N LYS BA 658 89.15 94.31 116.77
CA LYS BA 658 90.12 94.63 117.82
C LYS BA 658 89.56 95.68 118.78
N GLN BA 659 88.89 96.70 118.24
CA GLN BA 659 88.30 97.71 119.09
C GLN BA 659 87.21 97.12 120.00
N TRP BA 660 86.38 96.23 119.45
CA TRP BA 660 85.34 95.61 120.25
C TRP BA 660 85.94 94.73 121.34
N THR BA 661 86.98 93.95 121.00
CA THR BA 661 87.63 93.11 122.01
C THR BA 661 88.24 93.96 123.11
N ASP BA 662 88.85 95.09 122.75
CA ASP BA 662 89.48 95.93 123.76
C ASP BA 662 88.46 96.63 124.64
N LYS BA 663 87.33 97.06 124.05
CA LYS BA 663 86.42 97.94 124.78
C LYS BA 663 85.48 97.18 125.72
N GLN BA 664 84.59 96.35 125.15
CA GLN BA 664 83.53 95.76 125.97
C GLN BA 664 83.18 94.32 125.62
N LEU BA 665 83.87 93.69 124.67
CA LEU BA 665 83.50 92.33 124.27
C LEU BA 665 83.61 91.32 125.42
N PRO BA 666 84.68 91.29 126.22
CA PRO BA 666 84.68 90.35 127.35
C PRO BA 666 83.52 90.56 128.32
N ASN BA 667 83.15 91.82 128.58
CA ASN BA 667 82.02 92.09 129.47
C ASN BA 667 80.72 91.56 128.90
N LYS BA 668 80.50 91.77 127.59
CA LYS BA 668 79.30 91.27 126.95
C LYS BA 668 79.27 89.74 126.97
N ALA BA 669 80.42 89.10 126.72
CA ALA BA 669 80.48 87.64 126.76
C ALA BA 669 80.17 87.12 128.16
N VAL BA 670 80.72 87.78 129.19
CA VAL BA 670 80.45 87.36 130.57
C VAL BA 670 78.98 87.51 130.89
N GLU BA 671 78.37 88.63 130.48
CA GLU BA 671 76.95 88.85 130.73
C GLU BA 671 76.10 87.80 130.02
N VAL BA 672 76.44 87.48 128.77
CA VAL BA 672 75.68 86.49 128.02
C VAL BA 672 75.80 85.11 128.68
N ALA BA 673 77.02 84.75 129.11
CA ALA BA 673 77.21 83.46 129.77
C ALA BA 673 76.43 83.40 131.07
N TRP BA 674 76.45 84.48 131.86
CA TRP BA 674 75.71 84.49 133.12
C TRP BA 674 74.21 84.40 132.88
N GLU BA 675 73.71 85.10 131.85
CA GLU BA 675 72.29 85.03 131.54
C GLU BA 675 71.89 83.63 131.10
N THR BA 676 72.72 82.98 130.28
CA THR BA 676 72.43 81.62 129.85
C THR BA 676 72.44 80.66 131.03
N LEU BA 677 73.40 80.82 131.95
CA LEU BA 677 73.43 79.98 133.14
C LEU BA 677 72.19 80.19 134.00
N GLN BA 678 71.76 81.45 134.15
CA GLN BA 678 70.54 81.73 134.90
C GLN BA 678 69.32 81.10 134.24
N GLU BA 679 69.24 81.18 132.91
CA GLU BA 679 68.12 80.58 132.20
C GLU BA 679 68.10 79.07 132.37
N GLU BA 680 69.27 78.42 132.26
CA GLU BA 680 69.34 76.98 132.46
C GLU BA 680 68.95 76.59 133.88
N PHE BA 681 69.43 77.35 134.87
CA PHE BA 681 69.07 77.07 136.26
C PHE BA 681 67.58 77.23 136.49
N SER BA 682 66.99 78.29 135.93
CA SER BA 682 65.55 78.50 136.09
C SER BA 682 64.75 77.39 135.43
N ARG BA 683 65.17 76.96 134.23
CA ARG BA 683 64.45 75.88 133.55
C ARG BA 683 64.56 74.57 134.34
N PHE BA 684 65.73 74.30 134.90
CA PHE BA 684 65.89 73.09 135.71
C PHE BA 684 65.05 73.16 136.98
N MET BA 685 64.99 74.33 137.62
CA MET BA 685 64.17 74.48 138.82
C MET BA 685 62.70 74.33 138.52
N THR BA 686 62.23 74.90 137.41
CA THR BA 686 60.83 74.83 137.00
C THR BA 686 60.76 73.94 135.76
N GLU BA 687 60.61 72.63 136.00
CA GLU BA 687 60.55 71.63 134.94
C GLU BA 687 59.29 70.80 135.14
N PRO BA 688 58.15 71.27 134.64
CA PRO BA 688 56.86 70.59 134.87
C PRO BA 688 56.69 69.36 133.98
N LYS BA 689 57.69 68.47 133.99
CA LYS BA 689 57.56 67.22 133.26
C LYS BA 689 56.48 66.33 133.89
N GLY BA 690 56.40 66.32 135.21
CA GLY BA 690 55.37 65.53 135.87
C GLY BA 690 53.99 66.12 135.69
N LYS BA 691 52.99 65.25 135.74
CA LYS BA 691 51.61 65.68 135.53
C LYS BA 691 51.08 66.48 136.71
N GLU BA 692 51.68 66.36 137.90
CA GLU BA 692 51.21 67.09 139.06
C GLU BA 692 51.94 68.41 139.21
N HIS BA 693 53.26 68.36 139.35
CA HIS BA 693 54.12 69.53 139.50
C HIS BA 693 53.59 70.47 140.58
N ASP BA 694 53.60 69.95 141.81
CA ASP BA 694 53.13 70.71 142.97
C ASP BA 694 53.94 72.00 143.12
N ASP BA 695 53.23 73.10 143.33
CA ASP BA 695 53.85 74.41 143.42
C ASP BA 695 54.46 74.70 144.79
N ILE BA 696 54.15 73.89 145.81
CA ILE BA 696 54.73 74.11 147.13
C ILE BA 696 56.25 73.98 147.08
N PHE BA 697 56.74 72.94 146.41
CA PHE BA 697 58.19 72.81 146.24
C PHE BA 697 58.72 73.81 145.23
N ASP BA 698 57.90 74.17 144.23
CA ASP BA 698 58.35 75.09 143.20
C ASP BA 698 58.65 76.47 143.77
N LYS BA 699 57.81 76.95 144.69
CA LYS BA 699 58.06 78.25 145.31
C LYS BA 699 59.38 78.26 146.08
N LEU BA 700 59.63 77.19 146.85
CA LEU BA 700 60.89 77.10 147.58
C LEU BA 700 62.08 77.03 146.63
N LYS BA 701 61.94 76.28 145.53
CA LYS BA 701 63.02 76.19 144.55
C LYS BA 701 63.29 77.55 143.93
N GLU BA 702 62.25 78.30 143.59
CA GLU BA 702 62.43 79.64 143.02
C GLU BA 702 63.08 80.58 144.02
N ALA BA 703 62.67 80.50 145.29
CA ALA BA 703 63.28 81.35 146.31
C ALA BA 703 64.76 81.04 146.48
N VAL BA 704 65.10 79.75 146.49
CA VAL BA 704 66.51 79.35 146.62
C VAL BA 704 67.30 79.81 145.40
N LYS BA 705 66.71 79.70 144.20
CA LYS BA 705 67.38 80.15 142.98
C LYS BA 705 67.63 81.66 143.04
N GLU BA 706 66.63 82.43 143.48
CA GLU BA 706 66.82 83.88 143.58
C GLU BA 706 67.89 84.23 144.61
N GLU BA 707 67.90 83.53 145.75
CA GLU BA 707 68.92 83.78 146.76
C GLU BA 707 70.31 83.46 146.24
N SER BA 708 70.45 82.35 145.52
CA SER BA 708 71.75 81.98 144.95
C SER BA 708 72.19 82.99 143.89
N ILE BA 709 71.26 83.47 143.07
CA ILE BA 709 71.59 84.45 142.05
C ILE BA 709 72.06 85.75 142.69
N LYS BA 710 71.35 86.20 143.73
CA LYS BA 710 71.74 87.43 144.41
C LYS BA 710 73.06 87.28 145.15
N ARG BA 711 73.34 86.09 145.69
CA ARG BA 711 74.55 85.85 146.44
C ARG BA 711 75.74 85.49 145.56
N HIS BA 712 75.51 85.22 144.27
CA HIS BA 712 76.59 84.83 143.39
C HIS BA 712 77.59 85.96 143.19
N LYS BA 713 78.87 85.60 143.09
CA LYS BA 713 79.95 86.56 142.92
C LYS BA 713 80.78 86.19 141.69
N TRP BA 714 81.49 87.17 141.17
CA TRP BA 714 82.35 86.98 140.00
C TRP BA 714 83.76 87.46 140.30
N ASN BA 715 84.74 86.86 139.63
CA ASN BA 715 86.14 87.16 139.83
C ASN BA 715 86.67 87.95 138.64
N ASP BA 716 87.35 89.06 138.92
CA ASP BA 716 87.92 89.88 137.84
C ASP BA 716 89.09 89.19 137.17
N PHE BA 717 89.76 88.28 137.86
CA PHE BA 717 90.84 87.51 137.25
C PHE BA 717 90.31 86.66 136.10
N ALA BA 718 89.13 86.07 136.28
CA ALA BA 718 88.50 85.32 135.19
C ALA BA 718 88.20 86.22 134.01
N GLU BA 719 87.73 87.45 134.27
CA GLU BA 719 87.47 88.39 133.17
C GLU BA 719 88.75 88.75 132.43
N ASP BA 720 89.83 88.98 133.17
CA ASP BA 720 91.11 89.30 132.53
C ASP BA 720 91.62 88.13 131.70
N SER BA 721 91.50 86.90 132.23
CA SER BA 721 91.91 85.73 131.47
C SER BA 721 91.07 85.57 130.21
N LEU BA 722 89.76 85.81 130.32
CA LEU BA 722 88.89 85.74 129.15
C LEU BA 722 89.28 86.77 128.11
N ARG BA 723 89.59 87.99 128.54
CA ARG BA 723 90.01 89.03 127.61
C ARG BA 723 91.31 88.64 126.91
N VAL BA 724 92.27 88.11 127.68
CA VAL BA 724 93.55 87.71 127.09
C VAL BA 724 93.36 86.60 126.08
N ILE BA 725 92.53 85.61 126.41
CA ILE BA 725 92.31 84.49 125.51
C ILE BA 725 91.56 84.93 124.26
N GLN BA 726 90.59 85.84 124.42
CA GLN BA 726 89.88 86.38 123.25
C GLN BA 726 90.82 87.13 122.33
N HIS BA 727 91.74 87.93 122.90
CA HIS BA 727 92.72 88.63 122.08
C HIS BA 727 93.67 87.65 121.39
N ASN BA 728 94.08 86.59 122.08
CA ASN BA 728 95.03 85.64 121.51
C ASN BA 728 94.38 84.70 120.50
N ALA BA 729 93.05 84.59 120.53
CA ALA BA 729 92.36 83.66 119.62
C ALA BA 729 92.33 84.19 118.19
N LEU BA 730 93.49 84.25 117.55
CA LEU BA 730 93.61 84.66 116.15
C LEU BA 730 94.51 83.69 115.41
N GLU BA 731 94.26 82.39 115.60
CA GLU BA 731 95.13 81.34 115.09
C GLU BA 731 94.91 81.06 113.61
N ASP BA 732 93.70 80.63 113.24
CA ASP BA 732 93.40 80.24 111.87
C ASP BA 732 92.76 81.38 111.11
N ARG BA 733 93.18 81.56 109.85
CA ARG BA 733 92.67 82.63 109.01
C ARG BA 733 92.29 82.19 107.60
N SER BA 734 92.48 80.93 107.24
CA SER BA 734 92.17 80.45 105.90
C SER BA 734 91.60 79.04 105.98
N ILE BA 735 90.85 78.67 104.95
CA ILE BA 735 90.24 77.34 104.85
C ILE BA 735 91.00 76.54 103.80
N SER BA 736 91.49 75.37 104.20
CA SER BA 736 92.17 74.46 103.29
C SER BA 736 91.41 73.16 103.10
N ASP BA 737 90.16 73.09 103.54
CA ASP BA 737 89.35 71.88 103.44
C ASP BA 737 88.10 72.18 102.62
N LYS BA 738 87.80 71.30 101.67
CA LYS BA 738 86.59 71.46 100.87
C LYS BA 738 85.33 71.32 101.73
N GLN BA 739 85.34 70.36 102.66
CA GLN BA 739 84.18 70.16 103.52
C GLN BA 739 83.95 71.35 104.44
N GLN BA 740 85.04 71.90 105.01
CA GLN BA 740 84.91 73.10 105.84
C GLN BA 740 84.42 74.28 105.02
N TRP BA 741 84.90 74.40 103.78
CA TRP BA 741 84.43 75.47 102.89
C TRP BA 741 82.94 75.33 102.62
N ASP BA 742 82.47 74.11 102.36
CA ASP BA 742 81.05 73.89 102.12
C ASP BA 742 80.23 74.19 103.37
N ALA BA 743 80.72 73.80 104.54
CA ALA BA 743 80.01 74.09 105.78
C ALA BA 743 79.91 75.60 106.02
N ALA BA 744 81.00 76.32 105.77
CA ALA BA 744 80.96 77.78 105.91
C ALA BA 744 79.99 78.39 104.90
N ILE BA 745 79.98 77.87 103.67
CA ILE BA 745 79.03 78.36 102.66
C ILE BA 745 77.60 78.14 103.12
N TYR BA 746 77.30 76.96 103.67
CA TYR BA 746 75.95 76.68 104.12
C TYR BA 746 75.55 77.57 105.29
N PHE BA 747 76.47 77.79 106.24
CA PHE BA 747 76.16 78.67 107.37
C PHE BA 747 75.93 80.10 106.89
N MET BA 748 76.77 80.59 105.98
CA MET BA 748 76.58 81.93 105.44
C MET BA 748 75.27 82.04 104.68
N GLU BA 749 74.91 81.00 103.92
CA GLU BA 749 73.64 81.00 103.20
C GLU BA 749 72.46 81.04 104.17
N GLU BA 750 72.54 80.28 105.26
CA GLU BA 750 71.47 80.31 106.26
C GLU BA 750 71.34 81.71 106.87
N ALA BA 751 72.48 82.31 107.23
CA ALA BA 751 72.44 83.65 107.82
C ALA BA 751 71.87 84.67 106.85
N LEU BA 752 72.29 84.60 105.58
CA LEU BA 752 71.79 85.55 104.58
C LEU BA 752 70.31 85.33 104.29
N GLN BA 753 69.86 84.08 104.31
CA GLN BA 753 68.43 83.80 104.13
C GLN BA 753 67.62 84.35 105.30
N ALA BA 754 68.14 84.22 106.52
CA ALA BA 754 67.46 84.81 107.67
C ALA BA 754 67.38 86.33 107.55
N ARG BA 755 68.50 86.95 107.13
CA ARG BA 755 68.50 88.40 106.94
C ARG BA 755 67.52 88.81 105.85
N LEU BA 756 67.46 88.04 104.76
CA LEU BA 756 66.52 88.34 103.68
C LEU BA 756 65.07 88.22 104.16
N LYS BA 757 64.77 87.20 104.97
CA LYS BA 757 63.43 87.05 105.52
C LYS BA 757 63.08 88.23 106.43
N ASP BA 758 64.04 88.66 107.26
CA ASP BA 758 63.79 89.82 108.12
C ASP BA 758 63.53 91.07 107.29
N THR BA 759 64.32 91.27 106.22
CA THR BA 759 64.13 92.43 105.36
C THR BA 759 62.77 92.37 104.65
N GLU BA 760 62.36 91.17 104.21
CA GLU BA 760 61.06 91.01 103.57
C GLU BA 760 59.94 91.32 104.55
N ASN BA 761 60.07 90.87 105.80
CA ASN BA 761 59.06 91.18 106.81
C ASN BA 761 58.98 92.67 107.07
N ALA BA 762 60.14 93.34 107.15
CA ALA BA 762 60.14 94.79 107.36
C ALA BA 762 59.50 95.52 106.19
N ILE BA 763 59.81 95.09 104.97
CA ILE BA 763 59.22 95.71 103.78
C ILE BA 763 57.71 95.51 103.75
N GLU BA 764 57.25 94.30 104.08
CA GLU BA 764 55.82 94.03 104.11
C GLU BA 764 55.12 94.86 105.18
N ASN BA 765 55.74 95.02 106.34
CA ASN BA 765 55.17 95.88 107.38
C ASN BA 765 55.10 97.33 106.90
N MET BA 766 56.14 97.80 106.21
CA MET BA 766 56.15 99.18 105.73
C MET BA 766 55.10 99.40 104.65
N VAL BA 767 54.91 98.44 103.75
CA VAL BA 767 54.05 98.64 102.58
C VAL BA 767 52.81 97.76 102.66
N GLY BA 768 53.00 96.44 102.66
CA GLY BA 768 51.90 95.51 102.66
C GLY BA 768 52.00 94.49 101.55
N PRO BA 769 50.85 94.06 101.02
CA PRO BA 769 50.87 93.08 99.92
C PRO BA 769 51.58 93.62 98.70
N ASP BA 770 52.33 92.74 98.04
CA ASP BA 770 53.14 93.10 96.88
C ASP BA 770 52.96 92.06 95.78
N TRP BA 771 52.90 92.54 94.53
CA TRP BA 771 52.88 91.69 93.33
C TRP BA 771 51.66 90.78 93.40
N LYS BA 772 51.81 89.46 93.43
CA LYS BA 772 50.69 88.52 93.40
C LYS BA 772 49.77 88.70 94.59
N LYS BA 773 50.35 88.93 95.77
CA LYS BA 773 49.54 89.15 96.96
C LYS BA 773 48.69 90.40 96.84
N ARG BA 774 49.24 91.48 96.28
CA ARG BA 774 48.49 92.72 96.14
C ARG BA 774 47.41 92.59 95.07
N TRP BA 775 47.75 91.99 93.93
CA TRP BA 775 46.82 91.91 92.80
C TRP BA 775 45.89 90.70 92.87
N LEU BA 776 45.99 89.87 93.91
CA LEU BA 776 45.09 88.74 94.04
C LEU BA 776 43.64 89.21 94.22
N TYR BA 777 43.44 90.23 95.05
CA TYR BA 777 42.09 90.76 95.25
C TYR BA 777 41.65 91.59 94.05
N TRP BA 778 42.56 92.39 93.49
CA TRP BA 778 42.37 93.25 92.33
C TRP BA 778 41.40 94.40 92.60
N LYS BA 779 40.82 94.48 93.79
CA LYS BA 779 39.90 95.56 94.14
C LYS BA 779 40.28 96.30 95.41
N ASN BA 780 41.33 95.88 96.11
CA ASN BA 780 41.77 96.52 97.33
C ASN BA 780 43.02 97.34 97.03
N ARG BA 781 42.89 98.66 97.14
CA ARG BA 781 44.00 99.57 96.88
C ARG BA 781 43.98 100.69 97.92
N THR BA 782 45.18 101.09 98.34
CA THR BA 782 45.35 102.17 99.31
C THR BA 782 46.35 103.16 98.77
N GLN BA 783 46.09 104.45 98.98
CA GLN BA 783 46.98 105.48 98.46
C GLN BA 783 48.35 105.42 99.12
N GLU BA 784 48.40 105.06 100.41
CA GLU BA 784 49.68 104.99 101.11
C GLU BA 784 50.56 103.89 100.53
N GLN BA 785 50.01 102.69 100.34
CA GLN BA 785 50.78 101.61 99.75
C GLN BA 785 51.04 101.82 98.27
N CYS BA 786 50.15 102.53 97.57
CA CYS BA 786 50.39 102.85 96.16
C CYS BA 786 51.61 103.75 96.01
N VAL BA 787 51.76 104.72 96.90
CA VAL BA 787 52.93 105.60 96.86
C VAL BA 787 54.20 104.80 97.07
N HIS BA 788 54.18 103.88 98.06
CA HIS BA 788 55.35 103.04 98.32
C HIS BA 788 55.66 102.16 97.12
N ASN BA 789 54.63 101.60 96.48
CA ASN BA 789 54.84 100.76 95.31
C ASN BA 789 55.44 101.56 94.16
N GLU BA 790 54.96 102.78 93.95
CA GLU BA 790 55.52 103.63 92.89
C GLU BA 790 56.97 103.98 93.18
N THR BA 791 57.28 104.30 94.44
CA THR BA 791 58.67 104.59 94.81
C THR BA 791 59.56 103.38 94.59
N LYS BA 792 59.07 102.19 94.97
CA LYS BA 792 59.84 100.96 94.77
C LYS BA 792 60.08 100.71 93.28
N ASN BA 793 59.06 100.91 92.45
CA ASN BA 793 59.22 100.73 91.01
C ASN BA 793 60.23 101.72 90.44
N GLU BA 794 60.15 102.98 90.88
CA GLU BA 794 61.09 103.99 90.39
C GLU BA 794 62.52 103.64 90.78
N LEU BA 795 62.73 103.20 92.03
CA LEU BA 795 64.06 102.82 92.47
C LEU BA 795 64.57 101.59 91.74
N GLU BA 796 63.68 100.62 91.47
CA GLU BA 796 64.08 99.45 90.69
C GLU BA 796 64.49 99.84 89.28
N LYS BA 797 63.74 100.74 88.65
CA LYS BA 797 64.11 101.21 87.32
C LYS BA 797 65.44 101.97 87.35
N MET BA 798 65.67 102.76 88.40
CA MET BA 798 66.94 103.46 88.52
C MET BA 798 68.10 102.50 88.66
N LEU BA 799 67.91 101.43 89.46
CA LEU BA 799 68.96 100.41 89.58
C LEU BA 799 69.18 99.68 88.26
N LYS BA 800 68.10 99.40 87.52
CA LYS BA 800 68.25 98.76 86.21
C LYS BA 800 69.04 99.65 85.26
N CYS BA 801 68.77 100.95 85.27
CA CYS BA 801 69.54 101.88 84.44
C CYS BA 801 70.93 102.12 85.00
N ASN BA 802 71.06 102.21 86.32
CA ASN BA 802 72.35 102.49 86.99
C ASN BA 802 72.51 101.48 88.13
N GLU BA 803 73.24 100.40 87.85
CA GLU BA 803 73.42 99.36 88.85
C GLU BA 803 74.18 99.86 90.07
N GLU BA 804 75.22 100.66 89.85
CA GLU BA 804 76.06 101.17 90.92
C GLU BA 804 75.67 102.60 91.26
N HIS BA 805 75.38 102.85 92.54
CA HIS BA 805 74.99 104.17 92.99
C HIS BA 805 75.50 104.36 94.41
N PRO BA 806 75.97 105.56 94.76
CA PRO BA 806 76.41 105.80 96.14
C PRO BA 806 75.25 105.72 97.11
N ALA BA 807 75.58 105.32 98.35
CA ALA BA 807 74.54 105.15 99.37
C ALA BA 807 73.88 106.48 99.69
N TYR BA 808 74.66 107.55 99.80
CA TYR BA 808 74.10 108.87 100.09
C TYR BA 808 73.37 109.43 98.87
N LEU BA 809 72.45 110.34 99.14
CA LEU BA 809 71.65 110.99 98.10
C LEU BA 809 72.01 112.47 98.06
N ALA BA 810 72.42 112.95 96.90
CA ALA BA 810 72.73 114.35 96.72
C ALA BA 810 71.45 115.17 96.54
N SER BA 811 71.60 116.49 96.68
CA SER BA 811 70.43 117.37 96.59
C SER BA 811 69.79 117.32 95.21
N ASP BA 812 70.61 117.32 94.15
CA ASP BA 812 70.05 117.29 92.80
C ASP BA 812 69.34 115.97 92.52
N GLU BA 813 69.88 114.86 93.03
CA GLU BA 813 69.22 113.57 92.86
C GLU BA 813 67.87 113.55 93.55
N ILE BA 814 67.80 114.08 94.77
CA ILE BA 814 66.54 114.13 95.50
C ILE BA 814 65.54 115.01 94.77
N THR BA 815 66.00 116.16 94.26
CA THR BA 815 65.12 117.06 93.52
C THR BA 815 64.59 116.38 92.26
N THR BA 816 65.45 115.67 91.53
CA THR BA 816 65.02 114.98 90.33
C THR BA 816 64.00 113.88 90.65
N VAL BA 817 64.25 113.12 91.71
CA VAL BA 817 63.32 112.07 92.11
C VAL BA 817 61.97 112.66 92.50
N ARG BA 818 61.99 113.76 93.26
CA ARG BA 818 60.74 114.41 93.67
C ARG BA 818 59.98 114.94 92.46
N LYS BA 819 60.70 115.54 91.50
CA LYS BA 819 60.04 116.03 90.29
C LYS BA 819 59.43 114.89 89.49
N ASN BA 820 60.15 113.77 89.37
CA ASN BA 820 59.61 112.62 88.66
C ASN BA 820 58.36 112.09 89.35
N LEU BA 821 58.38 112.04 90.68
CA LEU BA 821 57.19 111.59 91.42
C LEU BA 821 56.02 112.54 91.23
N GLU BA 822 56.28 113.85 91.29
CA GLU BA 822 55.22 114.84 91.15
C GLU BA 822 54.74 115.01 89.72
N SER BA 823 55.48 114.49 88.73
CA SER BA 823 55.03 114.56 87.35
C SER BA 823 53.69 113.83 87.17
N ARG BA 824 53.53 112.69 87.81
CA ARG BA 824 52.28 111.94 87.76
C ARG BA 824 51.33 112.30 88.90
N GLY BA 825 51.72 113.22 89.78
CA GLY BA 825 50.85 113.67 90.84
C GLY BA 825 51.06 112.95 92.16
N VAL BA 826 52.32 112.69 92.52
CA VAL BA 826 52.67 112.02 93.77
C VAL BA 826 53.66 112.90 94.51
N GLU BA 827 53.31 113.29 95.73
CA GLU BA 827 54.17 114.08 96.59
C GLU BA 827 54.60 113.23 97.78
N VAL BA 828 55.91 113.07 97.96
CA VAL BA 828 56.47 112.22 99.00
C VAL BA 828 57.48 113.04 99.80
N ASP BA 829 57.42 112.92 101.13
CA ASP BA 829 58.36 113.63 101.98
C ASP BA 829 59.78 113.08 101.78
N PRO BA 830 60.79 113.93 101.92
CA PRO BA 830 62.18 113.45 101.72
C PRO BA 830 62.59 112.34 102.66
N SER BA 831 62.07 112.32 103.89
CA SER BA 831 62.43 111.26 104.83
C SER BA 831 61.98 109.89 104.34
N LEU BA 832 60.74 109.81 103.84
CA LEU BA 832 60.25 108.55 103.29
C LEU BA 832 61.04 108.15 102.05
N ILE BA 833 61.41 109.11 101.21
CA ILE BA 833 62.22 108.81 100.03
C ILE BA 833 63.56 108.23 100.45
N LYS BA 834 64.20 108.83 101.45
CA LYS BA 834 65.48 108.33 101.93
C LYS BA 834 65.34 106.94 102.54
N ASP BA 835 64.27 106.69 103.31
CA ASP BA 835 64.06 105.37 103.90
C ASP BA 835 63.85 104.32 102.83
N THR BA 836 63.03 104.62 101.82
CA THR BA 836 62.81 103.68 100.74
C THR BA 836 64.09 103.41 99.95
N TRP BA 837 64.88 104.47 99.72
CA TRP BA 837 66.15 104.29 99.03
C TRP BA 837 67.09 103.40 99.83
N HIS BA 838 67.15 103.59 101.16
CA HIS BA 838 67.99 102.76 102.00
C HIS BA 838 67.54 101.30 101.95
N GLN BA 839 66.22 101.07 102.02
CA GLN BA 839 65.71 99.70 101.97
C GLN BA 839 66.02 99.05 100.63
N VAL BA 840 65.85 99.79 99.53
CA VAL BA 840 66.12 99.24 98.20
C VAL BA 840 67.62 98.97 98.03
N TYR BA 841 68.46 99.85 98.58
CA TYR BA 841 69.91 99.65 98.54
C TYR BA 841 70.29 98.38 99.30
N ARG BA 842 69.70 98.19 100.48
CA ARG BA 842 69.97 96.98 101.26
C ARG BA 842 69.51 95.73 100.51
N ARG BA 843 68.34 95.79 99.89
CA ARG BA 843 67.85 94.64 99.13
C ARG BA 843 68.76 94.33 97.94
N HIS BA 844 69.22 95.37 97.24
CA HIS BA 844 70.11 95.18 96.11
C HIS BA 844 71.42 94.53 96.53
N PHE BA 845 71.99 95.00 97.66
CA PHE BA 845 73.22 94.39 98.13
C PHE BA 845 73.00 92.98 98.68
N LEU BA 846 71.81 92.70 99.23
CA LEU BA 846 71.50 91.33 99.62
C LEU BA 846 71.45 90.41 98.40
N LYS BA 847 70.83 90.88 97.32
CA LYS BA 847 70.81 90.09 96.09
C LYS BA 847 72.22 89.90 95.53
N THR BA 848 73.05 90.96 95.58
CA THR BA 848 74.43 90.85 95.13
C THR BA 848 75.21 89.85 95.97
N ALA BA 849 74.99 89.86 97.29
CA ALA BA 849 75.65 88.88 98.16
C ALA BA 849 75.19 87.47 97.84
N LEU BA 850 73.89 87.29 97.56
CA LEU BA 850 73.40 85.97 97.18
C LEU BA 850 74.05 85.48 95.88
N ASN BA 851 74.17 86.38 94.90
CA ASN BA 851 74.85 86.01 93.65
C ASN BA 851 76.32 85.67 93.90
N HIS BA 852 76.97 86.43 94.79
CA HIS BA 852 78.36 86.14 95.13
C HIS BA 852 78.49 84.78 95.80
N CYS BA 853 77.54 84.43 96.67
CA CYS BA 853 77.54 83.11 97.28
C CYS BA 853 77.35 82.02 96.24
N ASN BA 854 76.44 82.24 95.29
CA ASN BA 854 76.23 81.26 94.23
C ASN BA 854 77.50 81.07 93.41
N LEU BA 855 78.20 82.16 93.10
CA LEU BA 855 79.47 82.05 92.37
C LEU BA 855 80.52 81.33 93.20
N CYS BA 856 80.64 81.66 94.49
CA CYS BA 856 81.64 81.04 95.34
C CYS BA 856 81.35 79.56 95.60
N ARG BA 857 80.10 79.14 95.41
CA ARG BA 857 79.78 77.72 95.55
C ARG BA 857 80.53 76.86 94.54
N ARG BA 858 80.96 77.45 93.42
CA ARG BA 858 81.71 76.70 92.37
C ARG BA 858 83.11 77.29 92.24
N GLY BA 859 83.34 78.47 92.82
CA GLY BA 859 84.62 79.13 92.72
C GLY BA 859 85.70 78.64 93.66
N PHE BA 860 85.52 77.47 94.30
CA PHE BA 860 86.56 76.93 95.17
C PHE BA 860 87.84 76.62 94.41
N TYR BA 861 87.76 76.30 93.13
CA TYR BA 861 88.97 76.08 92.34
C TYR BA 861 89.81 77.35 92.26
N TYR BA 862 89.18 78.49 92.00
CA TYR BA 862 89.89 79.77 92.01
C TYR BA 862 90.37 80.11 93.41
N TYR BA 863 89.52 79.88 94.42
CA TYR BA 863 89.87 80.27 95.79
C TYR BA 863 91.08 79.51 96.30
N GLN BA 864 91.14 78.20 96.05
CA GLN BA 864 92.20 77.38 96.62
C GLN BA 864 93.57 77.77 96.07
N ARG BA 865 93.66 78.03 94.76
CA ARG BA 865 94.94 78.31 94.13
C ARG BA 865 95.26 79.80 94.04
N HIS BA 866 94.26 80.67 94.14
CA HIS BA 866 94.45 82.13 94.10
C HIS BA 866 95.19 82.54 92.82
N PHE BA 867 94.52 82.32 91.69
CA PHE BA 867 95.09 82.66 90.40
C PHE BA 867 95.28 84.18 90.27
N VAL BA 868 96.27 84.57 89.48
CA VAL BA 868 96.55 85.99 89.26
C VAL BA 868 95.37 86.66 88.58
N ASP BA 869 94.83 86.04 87.55
CA ASP BA 869 93.65 86.55 86.85
C ASP BA 869 92.37 85.97 87.42
N SER BA 870 92.19 86.10 88.73
CA SER BA 870 91.02 85.54 89.39
C SER BA 870 89.78 86.35 89.03
N GLU BA 871 88.73 85.65 88.62
CA GLU BA 871 87.45 86.28 88.29
C GLU BA 871 86.50 86.33 89.48
N LEU BA 872 86.93 85.88 90.64
CA LEU BA 872 86.06 85.85 91.82
C LEU BA 872 86.93 85.89 93.07
N GLU BA 873 86.61 86.81 93.99
CA GLU BA 873 87.35 86.96 95.24
C GLU BA 873 86.39 86.64 96.38
N CYS BA 874 86.46 85.40 96.89
CA CYS BA 874 85.61 84.95 97.98
C CYS BA 874 86.28 85.29 99.29
N ASN BA 875 85.82 86.36 99.94
CA ASN BA 875 86.34 86.78 101.24
C ASN BA 875 85.30 86.73 102.35
N ASP BA 876 84.02 86.92 102.01
CA ASP BA 876 82.97 86.86 103.03
C ASP BA 876 82.89 85.47 103.67
N VAL BA 877 83.07 84.42 102.87
CA VAL BA 877 83.03 83.07 103.40
C VAL BA 877 84.15 82.87 104.42
N VAL BA 878 85.37 83.31 104.07
CA VAL BA 878 86.50 83.18 104.99
C VAL BA 878 86.28 83.98 106.25
N LEU BA 879 85.76 85.21 106.11
CA LEU BA 879 85.50 86.04 107.28
C LEU BA 879 84.46 85.41 108.19
N PHE BA 880 83.39 84.86 107.62
CA PHE BA 880 82.36 84.22 108.43
C PHE BA 880 82.89 82.96 109.12
N TRP BA 881 83.74 82.20 108.42
CA TRP BA 881 84.34 81.03 109.05
C TRP BA 881 85.26 81.43 110.20
N ARG BA 882 86.04 82.49 110.02
CA ARG BA 882 86.88 82.99 111.10
C ARG BA 882 86.05 83.43 112.29
N ILE BA 883 84.95 84.14 112.03
CA ILE BA 883 84.07 84.56 113.11
C ILE BA 883 83.49 83.35 113.83
N GLN BA 884 83.07 82.33 113.07
CA GLN BA 884 82.49 81.13 113.67
C GLN BA 884 83.50 80.40 114.55
N ARG BA 885 84.73 80.24 114.07
CA ARG BA 885 85.73 79.52 114.87
C ARG BA 885 86.14 80.33 116.10
N MET BA 886 86.23 81.66 115.96
CA MET BA 886 86.54 82.49 117.12
C MET BA 886 85.42 82.41 118.16
N LEU BA 887 84.16 82.42 117.71
CA LEU BA 887 83.04 82.27 118.62
C LEU BA 887 83.06 80.93 119.31
N ALA BA 888 83.39 79.86 118.58
CA ALA BA 888 83.48 78.53 119.18
C ALA BA 888 84.58 78.49 120.23
N ILE BA 889 85.73 79.07 119.95
CA ILE BA 889 86.83 79.10 120.91
C ILE BA 889 86.42 79.89 122.16
N THR BA 890 85.76 81.04 121.96
CA THR BA 890 85.31 81.85 123.08
C THR BA 890 84.29 81.10 123.93
N ALA BA 891 83.36 80.41 123.28
CA ALA BA 891 82.36 79.64 124.02
C ALA BA 891 83.00 78.51 124.81
N ASN BA 892 83.98 77.82 124.21
CA ASN BA 892 84.67 76.76 124.92
C ASN BA 892 85.42 77.29 126.14
N THR BA 893 86.10 78.43 125.97
CA THR BA 893 86.81 79.05 127.08
C THR BA 893 85.84 79.47 128.18
N LEU BA 894 84.70 80.04 127.80
CA LEU BA 894 83.71 80.47 128.77
C LEU BA 894 83.17 79.26 129.54
N ARG BA 895 82.88 78.17 128.84
CA ARG BA 895 82.39 76.97 129.50
C ARG BA 895 83.43 76.41 130.46
N GLN BA 896 84.69 76.37 130.04
CA GLN BA 896 85.75 75.85 130.90
C GLN BA 896 85.90 76.70 132.16
N GLN BA 897 85.94 78.03 132.00
CA GLN BA 897 86.08 78.89 133.16
C GLN BA 897 84.86 78.80 134.07
N LEU BA 898 83.67 78.68 133.49
CA LEU BA 898 82.46 78.51 134.29
C LEU BA 898 82.55 77.25 135.13
N THR BA 899 82.84 76.12 134.48
CA THR BA 899 82.96 74.86 135.21
C THR BA 899 84.05 74.93 136.28
N ASN BA 900 85.12 75.69 136.02
CA ASN BA 900 86.21 75.76 136.99
C ASN BA 900 85.81 76.59 138.21
N THR BA 901 85.17 77.73 138.01
CA THR BA 901 84.98 78.68 139.10
C THR BA 901 83.52 78.90 139.48
N GLU BA 902 82.65 79.16 138.50
CA GLU BA 902 81.29 79.60 138.82
C GLU BA 902 80.45 78.46 139.35
N VAL BA 903 80.71 77.22 138.91
CA VAL BA 903 79.98 76.08 139.46
C VAL BA 903 80.29 75.93 140.96
N ARG BA 904 81.57 76.04 141.32
CA ARG BA 904 81.94 75.97 142.73
C ARG BA 904 81.37 77.14 143.52
N ARG BA 905 81.36 78.34 142.93
CA ARG BA 905 80.78 79.50 143.60
C ARG BA 905 79.29 79.30 143.86
N LEU BA 906 78.56 78.80 142.85
CA LEU BA 906 77.14 78.55 143.01
C LEU BA 906 76.88 77.46 144.05
N GLU BA 907 77.72 76.42 144.06
CA GLU BA 907 77.59 75.38 145.07
C GLU BA 907 77.80 75.95 146.46
N LYS BA 908 78.80 76.82 146.63
CA LYS BA 908 79.05 77.43 147.93
C LYS BA 908 77.88 78.31 148.35
N ASN BA 909 77.33 79.09 147.42
CA ASN BA 909 76.18 79.93 147.75
C ASN BA 909 74.97 79.08 148.15
N VAL BA 910 74.73 77.99 147.42
CA VAL BA 910 73.62 77.11 147.75
C VAL BA 910 73.81 76.49 149.12
N LYS BA 911 75.03 76.06 149.43
CA LYS BA 911 75.32 75.50 150.75
C LYS BA 911 75.10 76.52 151.85
N GLU BA 912 75.54 77.77 151.63
CA GLU BA 912 75.33 78.81 152.63
C GLU BA 912 73.84 79.08 152.84
N VAL BA 913 73.08 79.15 151.75
CA VAL BA 913 71.64 79.39 151.86
C VAL BA 913 70.96 78.26 152.60
N LEU BA 914 71.34 77.01 152.29
CA LEU BA 914 70.74 75.87 152.96
C LEU BA 914 71.08 75.86 154.44
N GLU BA 915 72.33 76.18 154.79
CA GLU BA 915 72.71 76.25 156.20
C GLU BA 915 71.96 77.35 156.93
N ASP BA 916 71.79 78.51 156.30
CA ASP BA 916 71.04 79.59 156.91
C ASP BA 916 69.58 79.20 157.13
N PHE BA 917 68.98 78.51 156.15
CA PHE BA 917 67.60 78.06 156.30
C PHE BA 917 67.48 77.02 157.41
N ALA BA 918 68.44 76.08 157.48
CA ALA BA 918 68.40 75.05 158.51
C ALA BA 918 68.56 75.63 159.90
N GLU BA 919 69.45 76.61 160.06
CA GLU BA 919 69.69 77.23 161.35
C GLU BA 919 68.63 78.23 161.75
N ASP BA 920 67.54 78.34 160.99
CA ASP BA 920 66.44 79.27 161.28
C ASP BA 920 65.12 78.55 160.98
N GLY BA 921 64.52 77.96 162.01
CA GLY BA 921 63.24 77.31 161.85
C GLY BA 921 62.08 78.27 161.66
N GLU BA 922 62.22 79.51 162.11
CA GLU BA 922 61.19 80.51 161.89
C GLU BA 922 61.00 80.79 160.40
N LYS BA 923 62.11 80.84 159.65
CA LYS BA 923 62.00 81.01 158.21
C LYS BA 923 61.29 79.83 157.56
N LYS BA 924 61.57 78.62 158.03
CA LYS BA 924 60.87 77.44 157.50
C LYS BA 924 59.37 77.51 157.79
N ILE BA 925 59.01 77.95 159.01
CA ILE BA 925 57.60 78.08 159.35
C ILE BA 925 56.94 79.13 158.48
N LYS BA 926 57.61 80.26 158.26
CA LYS BA 926 57.04 81.33 157.45
C LYS BA 926 56.86 80.90 156.00
N LEU BA 927 57.83 80.16 155.46
CA LEU BA 927 57.78 79.77 154.06
C LEU BA 927 56.96 78.50 153.84
N LEU BA 928 57.28 77.43 154.56
CA LEU BA 928 56.57 76.15 154.39
C LEU BA 928 55.22 76.24 155.09
N THR BA 929 54.27 76.88 154.41
CA THR BA 929 52.90 77.03 154.89
C THR BA 929 51.93 76.16 154.10
N GLY BA 930 52.43 75.11 153.45
CA GLY BA 930 51.56 74.24 152.68
C GLY BA 930 50.64 73.42 153.57
N LYS BA 931 49.60 72.86 152.94
CA LYS BA 931 48.63 72.06 153.67
C LYS BA 931 49.29 70.81 154.26
N ARG BA 932 50.16 70.16 153.49
CA ARG BA 932 50.83 68.96 153.99
C ARG BA 932 51.71 69.26 155.18
N VAL BA 933 52.47 70.37 155.12
CA VAL BA 933 53.36 70.72 156.22
C VAL BA 933 52.56 71.01 157.49
N GLN BA 934 51.49 71.79 157.35
CA GLN BA 934 50.66 72.12 158.50
C GLN BA 934 50.00 70.88 159.09
N LEU BA 935 49.49 69.99 158.23
CA LEU BA 935 48.86 68.76 158.72
C LEU BA 935 49.88 67.87 159.45
N ALA BA 936 51.09 67.75 158.89
CA ALA BA 936 52.11 66.94 159.55
C ALA BA 936 52.51 67.54 160.89
N GLU BA 937 52.64 68.87 160.95
CA GLU BA 937 52.98 69.53 162.21
C GLU BA 937 51.89 69.32 163.24
N ASP BA 938 50.62 69.45 162.83
CA ASP BA 938 49.51 69.24 163.76
C ASP BA 938 49.48 67.79 164.26
N LEU BA 939 49.70 66.84 163.35
CA LEU BA 939 49.72 65.43 163.77
C LEU BA 939 50.86 65.16 164.74
N LYS BA 940 52.04 65.70 164.48
CA LYS BA 940 53.17 65.51 165.39
C LYS BA 940 52.89 66.13 166.75
N LYS BA 941 52.31 67.34 166.77
CA LYS BA 941 51.99 67.97 168.04
C LYS BA 941 50.94 67.19 168.81
N VAL BA 942 49.93 66.67 168.11
CA VAL BA 942 48.90 65.87 168.78
C VAL BA 942 49.50 64.60 169.35
N ARG BA 943 50.39 63.94 168.59
CA ARG BA 943 51.04 62.73 169.09
C ARG BA 943 51.89 63.03 170.32
N GLU BA 944 52.64 64.14 170.29
CA GLU BA 944 53.46 64.51 171.44
C GLU BA 944 52.59 64.81 172.67
N ILE BA 945 51.47 65.51 172.46
CA ILE BA 945 50.58 65.83 173.57
C ILE BA 945 49.99 64.55 174.15
N GLN BA 946 49.58 63.61 173.29
CA GLN BA 946 49.03 62.35 173.77
C GLN BA 946 50.08 61.54 174.52
N GLU BA 947 51.32 61.53 174.03
CA GLU BA 947 52.38 60.82 174.75
C GLU BA 947 52.64 61.45 176.12
N LYS BA 948 52.64 62.78 176.19
CA LYS BA 948 52.83 63.45 177.48
C LYS BA 948 51.68 63.13 178.43
N LEU BA 949 50.46 63.10 177.91
CA LEU BA 949 49.30 62.78 178.76
C LEU BA 949 49.37 61.33 179.23
N ASP BA 950 49.80 60.41 178.37
CA ASP BA 950 49.98 59.02 178.78
C ASP BA 950 51.04 58.90 179.86
N ALA BA 951 52.14 59.64 179.73
CA ALA BA 951 53.16 59.63 180.77
C ALA BA 951 52.62 60.19 182.07
N PHE BA 952 51.82 61.25 182.00
CA PHE BA 952 51.18 61.80 183.19
C PHE BA 952 50.26 60.77 183.86
N ILE BA 953 49.48 60.07 183.05
CA ILE BA 953 48.57 59.06 183.59
C ILE BA 953 49.35 57.93 184.27
N GLU BA 954 50.43 57.48 183.61
CA GLU BA 954 51.25 56.43 184.20
C GLU BA 954 51.89 56.87 185.51
N ALA BA 955 52.40 58.12 185.55
CA ALA BA 955 53.01 58.63 186.77
C ALA BA 955 51.97 58.75 187.89
N LEU BA 956 50.77 59.22 187.56
CA LEU BA 956 49.71 59.33 188.56
C LEU BA 956 49.32 57.96 189.10
N HIS BA 957 49.22 56.96 188.21
CA HIS BA 957 48.88 55.62 188.65
C HIS BA 957 49.97 55.01 189.53
N GLN BA 958 51.24 55.23 189.16
CA GLN BA 958 52.33 54.71 189.96
C GLN BA 958 52.42 55.38 191.33
N GLU BA 959 52.22 56.69 191.38
CA GLU BA 959 52.29 57.40 192.65
C GLU BA 959 51.17 56.98 193.60
N LYS BA 960 49.97 56.78 193.04
CA LYS BA 960 48.82 56.32 193.85
C LYS BA 960 48.75 54.80 193.82
N SER CA 263 103.67 83.67 165.71
CA SER CA 263 103.63 84.24 164.36
C SER CA 263 103.89 83.16 163.30
N LEU CA 264 104.98 83.31 162.55
CA LEU CA 264 105.32 82.33 161.53
C LEU CA 264 105.65 80.98 162.15
N ILE CA 265 106.37 80.98 163.27
CA ILE CA 265 106.77 79.72 163.89
C ILE CA 265 105.54 78.98 164.43
N ASP CA 266 104.59 79.70 165.01
CA ASP CA 266 103.38 79.05 165.52
C ASP CA 266 102.57 78.44 164.39
N MET CA 267 102.42 79.16 163.29
CA MET CA 267 101.68 78.63 162.15
C MET CA 267 102.39 77.43 161.54
N TYR CA 268 103.73 77.48 161.47
CA TYR CA 268 104.48 76.34 160.97
C TYR CA 268 104.31 75.12 161.88
N SER CA 269 104.32 75.34 163.19
CA SER CA 269 104.09 74.24 164.12
C SER CA 269 102.68 73.67 163.97
N GLU CA 270 101.68 74.54 163.75
CA GLU CA 270 100.33 74.05 163.52
C GLU CA 270 100.25 73.24 162.23
N VAL CA 271 100.93 73.69 161.18
CA VAL CA 271 100.95 72.95 159.92
C VAL CA 271 101.60 71.59 160.10
N LEU CA 272 102.71 71.54 160.85
CA LEU CA 272 103.37 70.27 161.12
C LEU CA 272 102.46 69.34 161.92
N ASP CA 273 101.73 69.89 162.90
CA ASP CA 273 100.80 69.09 163.68
C ASP CA 273 99.68 68.53 162.80
N VAL CA 274 99.16 69.35 161.88
CA VAL CA 274 98.13 68.88 160.96
C VAL CA 274 98.67 67.77 160.07
N LEU CA 275 99.90 67.94 159.57
CA LEU CA 275 100.51 66.91 158.74
C LEU CA 275 100.70 65.61 159.51
N SER CA 276 101.13 65.71 160.77
CA SER CA 276 101.29 64.51 161.60
C SER CA 276 99.95 63.82 161.86
N ASP CA 277 98.91 64.61 162.13
CA ASP CA 277 97.59 64.05 162.37
C ASP CA 277 96.90 63.59 161.09
N TYR CA 278 97.44 63.92 159.91
CA TYR CA 278 96.85 63.48 158.66
C TYR CA 278 96.82 61.96 158.55
N ASP CA 279 97.92 61.30 158.92
CA ASP CA 279 97.99 59.85 158.87
C ASP CA 279 99.06 59.37 159.82
N ALA CA 280 98.91 58.12 160.28
CA ALA CA 280 99.91 57.52 161.16
C ALA CA 280 101.17 57.12 160.42
N SER CA 281 101.10 56.98 159.10
CA SER CA 281 102.27 56.62 158.30
C SER CA 281 103.06 57.88 157.98
N TYR CA 282 104.03 57.77 157.08
CA TYR CA 282 104.90 58.88 156.67
C TYR CA 282 104.84 59.00 155.16
N ASN CA 283 103.87 59.76 154.66
CA ASN CA 283 103.72 60.02 153.23
C ASN CA 283 103.95 61.48 152.89
N THR CA 284 103.22 62.39 153.53
CA THR CA 284 103.41 63.82 153.33
C THR CA 284 104.17 64.49 154.47
N GLN CA 285 104.46 63.75 155.54
CA GLN CA 285 105.19 64.32 156.67
C GLN CA 285 106.67 64.50 156.38
N ASP CA 286 107.18 63.84 155.34
CA ASP CA 286 108.59 63.94 154.98
C ASP CA 286 108.87 65.07 153.98
N HIS CA 287 107.86 65.87 153.65
CA HIS CA 287 108.08 66.98 152.73
C HIS CA 287 108.71 68.17 153.43
N LEU CA 288 108.06 68.69 154.47
CA LEU CA 288 108.60 69.81 155.21
C LEU CA 288 109.77 69.35 156.08
N PRO CA 289 110.83 70.15 156.19
CA PRO CA 289 111.96 69.77 157.05
C PRO CA 289 111.53 69.68 158.51
N ARG CA 290 112.12 68.74 159.23
CA ARG CA 290 111.84 68.53 160.64
C ARG CA 290 113.14 68.20 161.35
N VAL CA 291 113.54 69.06 162.28
CA VAL CA 291 114.75 68.84 163.06
C VAL CA 291 114.45 67.77 164.11
N VAL CA 292 115.07 66.60 163.95
CA VAL CA 292 114.83 65.45 164.83
C VAL CA 292 116.09 65.20 165.64
N VAL CA 293 115.93 65.08 166.95
CA VAL CA 293 117.04 64.81 167.86
C VAL CA 293 116.98 63.34 168.25
N VAL CA 294 118.00 62.58 167.86
CA VAL CA 294 118.08 61.15 168.13
C VAL CA 294 119.35 60.88 168.92
N GLY CA 295 119.22 60.13 170.01
CA GLY CA 295 120.36 59.79 170.83
C GLY CA 295 120.41 58.32 171.19
N ASP CA 296 121.27 57.96 172.14
CA ASP CA 296 121.42 56.59 172.59
C ASP CA 296 120.77 56.41 173.95
N GLN CA 297 120.49 55.15 174.29
CA GLN CA 297 119.87 54.84 175.58
C GLN CA 297 120.85 55.07 176.71
N SER CA 298 120.40 55.77 177.76
CA SER CA 298 121.22 56.08 178.93
C SER CA 298 122.50 56.81 178.54
N ALA CA 299 122.40 57.69 177.54
CA ALA CA 299 123.54 58.46 177.05
C ALA CA 299 123.53 59.90 177.55
N GLY CA 300 122.66 60.23 178.51
CA GLY CA 300 122.60 61.58 179.02
C GLY CA 300 121.94 62.59 178.10
N LYS CA 301 121.23 62.13 177.07
CA LYS CA 301 120.57 63.06 176.16
C LYS CA 301 119.45 63.83 176.84
N THR CA 302 118.88 63.28 177.91
CA THR CA 302 117.82 63.98 178.62
C THR CA 302 118.32 65.29 179.22
N SER CA 303 119.52 65.27 179.82
CA SER CA 303 120.08 66.48 180.39
C SER CA 303 120.35 67.53 179.32
N VAL CA 304 120.88 67.11 178.17
CA VAL CA 304 121.14 68.04 177.08
C VAL CA 304 119.85 68.64 176.56
N LEU CA 305 118.81 67.81 176.40
CA LEU CA 305 117.52 68.33 175.95
C LEU CA 305 116.93 69.31 176.95
N GLU CA 306 117.05 69.01 178.25
CA GLU CA 306 116.56 69.93 179.27
C GLU CA 306 117.33 71.25 179.23
N MET CA 307 118.65 71.19 179.04
CA MET CA 307 119.45 72.41 178.97
C MET CA 307 119.13 73.22 177.71
N ILE CA 308 118.74 72.54 176.63
CA ILE CA 308 118.34 73.27 175.41
C ILE CA 308 117.11 74.13 175.69
N ALA CA 309 116.12 73.58 176.38
CA ALA CA 309 114.93 74.34 176.75
C ALA CA 309 115.11 75.12 178.05
N GLN CA 310 116.27 74.99 178.71
CA GLN CA 310 116.57 75.69 179.96
C GLN CA 310 115.57 75.34 181.06
N ALA CA 311 115.03 74.13 181.03
CA ALA CA 311 114.07 73.68 182.03
C ALA CA 311 114.03 72.16 182.03
N ARG CA 312 113.79 71.59 183.21
CA ARG CA 312 113.69 70.15 183.37
C ARG CA 312 112.25 69.74 183.08
N ILE CA 313 111.99 69.31 181.84
CA ILE CA 313 110.65 68.90 181.44
C ILE CA 313 110.56 67.42 181.09
N PHE CA 314 111.67 66.75 180.80
CA PHE CA 314 111.64 65.33 180.46
C PHE CA 314 111.87 64.52 181.72
N PRO CA 315 110.96 63.62 182.09
CA PRO CA 315 111.17 62.80 183.29
C PRO CA 315 112.39 61.89 183.14
N ARG CA 316 113.09 61.69 184.25
CA ARG CA 316 114.29 60.87 184.26
C ARG CA 316 113.93 59.39 184.37
N GLY CA 317 114.77 58.55 183.78
CA GLY CA 317 114.55 57.12 183.81
C GLY CA 317 115.78 56.33 184.22
N SER CA 318 115.65 55.48 185.23
CA SER CA 318 116.76 54.68 185.73
C SER CA 318 116.84 53.40 184.91
N GLY CA 319 117.37 53.53 183.70
CA GLY CA 319 117.54 52.41 182.78
C GLY CA 319 116.35 52.16 181.88
N GLU CA 320 115.14 52.27 182.43
CA GLU CA 320 113.93 52.04 181.64
C GLU CA 320 113.76 53.14 180.59
N MET CA 321 113.23 52.74 179.43
CA MET CA 321 112.99 53.68 178.33
C MET CA 321 111.66 54.38 178.58
N MET CA 322 111.74 55.53 179.26
CA MET CA 322 110.52 56.30 179.56
C MET CA 322 109.89 56.84 178.28
N THR CA 323 110.71 57.32 177.35
CA THR CA 323 110.20 57.88 176.10
C THR CA 323 109.91 56.75 175.13
N ARG CA 324 108.62 56.46 174.93
CA ARG CA 324 108.19 55.41 174.01
C ARG CA 324 107.41 55.94 172.83
N SER CA 325 107.14 57.24 172.76
CA SER CA 325 106.42 57.86 171.66
C SER CA 325 107.15 59.11 171.21
N PRO CA 326 107.02 59.47 169.93
CA PRO CA 326 107.67 60.69 169.44
C PRO CA 326 107.14 61.92 170.18
N VAL CA 327 108.05 62.85 170.48
CA VAL CA 327 107.72 64.08 171.19
C VAL CA 327 108.16 65.26 170.33
N LYS CA 328 107.25 66.19 170.10
CA LYS CA 328 107.52 67.38 169.31
C LYS CA 328 107.73 68.57 170.25
N VAL CA 329 108.88 69.22 170.14
CA VAL CA 329 109.22 70.38 170.94
C VAL CA 329 109.36 71.57 170.00
N THR CA 330 108.46 72.54 170.12
CA THR CA 330 108.47 73.73 169.29
C THR CA 330 109.06 74.89 170.10
N LEU CA 331 110.23 75.36 169.68
CA LEU CA 331 110.89 76.48 170.35
C LEU CA 331 110.37 77.79 169.79
N SER CA 332 109.89 78.66 170.68
CA SER CA 332 109.35 79.96 170.27
C SER CA 332 109.42 80.89 171.48
N GLU CA 333 108.96 82.12 171.28
CA GLU CA 333 108.95 83.14 172.32
C GLU CA 333 107.53 83.65 172.52
N GLY CA 334 107.09 83.71 173.77
CA GLY CA 334 105.76 84.18 174.09
C GLY CA 334 105.77 85.17 175.24
N PRO CA 335 104.58 85.56 175.69
CA PRO CA 335 104.50 86.50 176.82
C PRO CA 335 105.14 85.96 178.09
N HIS CA 336 105.07 84.65 178.32
CA HIS CA 336 105.63 84.04 179.52
C HIS CA 336 106.40 82.78 179.13
N HIS CA 337 107.37 82.42 179.97
CA HIS CA 337 108.19 81.23 179.75
C HIS CA 337 107.44 80.00 180.24
N VAL CA 338 106.38 79.66 179.50
CA VAL CA 338 105.51 78.54 179.82
C VAL CA 338 105.46 77.59 178.63
N ALA CA 339 104.88 76.41 178.86
CA ALA CA 339 104.70 75.40 177.83
C ALA CA 339 103.23 75.09 177.67
N LEU CA 340 102.76 75.06 176.42
CA LEU CA 340 101.36 74.80 176.12
C LEU CA 340 101.26 73.74 175.03
N PHE CA 341 100.37 72.78 175.22
CA PHE CA 341 100.16 71.74 174.23
C PHE CA 341 99.18 72.21 173.15
N LYS CA 342 99.11 71.45 172.07
CA LYS CA 342 98.19 71.78 170.99
C LYS CA 342 96.74 71.64 171.43
N ASP CA 343 96.43 70.58 172.18
CA ASP CA 343 95.06 70.29 172.63
C ASP CA 343 94.87 70.57 174.12
N SER CA 344 95.66 71.47 174.68
CA SER CA 344 95.55 71.82 176.09
C SER CA 344 95.47 73.33 176.25
N SER CA 345 94.89 73.76 177.37
CA SER CA 345 94.75 75.18 177.68
C SER CA 345 95.52 75.62 178.91
N ARG CA 346 96.12 74.69 179.66
CA ARG CA 346 96.88 75.04 180.84
C ARG CA 346 98.33 75.34 180.47
N GLU CA 347 98.82 76.51 180.88
CA GLU CA 347 100.18 76.95 180.59
C GLU CA 347 101.10 76.40 181.67
N PHE CA 348 101.85 75.36 181.32
CA PHE CA 348 102.79 74.74 182.26
C PHE CA 348 104.04 75.60 182.34
N ASP CA 349 104.23 76.29 183.47
CA ASP CA 349 105.40 77.14 183.64
C ASP CA 349 106.66 76.30 183.74
N LEU CA 350 107.75 76.85 183.20
CA LEU CA 350 109.04 76.17 183.17
C LEU CA 350 109.97 76.61 184.28
N THR CA 351 109.47 77.39 185.24
CA THR CA 351 110.27 77.89 186.35
C THR CA 351 109.90 77.26 187.69
N LYS CA 352 108.63 77.28 188.06
CA LYS CA 352 108.21 76.70 189.33
C LYS CA 352 108.36 75.19 189.32
N GLU CA 353 108.79 74.63 190.45
CA GLU CA 353 108.97 73.18 190.55
C GLU CA 353 107.65 72.45 190.43
N GLU CA 354 106.58 72.98 191.03
CA GLU CA 354 105.28 72.33 190.95
C GLU CA 354 104.77 72.29 189.51
N ASP CA 355 104.94 73.38 188.77
CA ASP CA 355 104.51 73.40 187.38
C ASP CA 355 105.32 72.43 186.54
N LEU CA 356 106.63 72.34 186.79
CA LEU CA 356 107.46 71.38 186.07
C LEU CA 356 107.02 69.95 186.37
N ALA CA 357 106.72 69.65 187.64
CA ALA CA 357 106.25 68.32 188.00
C ALA CA 357 104.92 68.01 187.33
N ALA CA 358 104.01 68.99 187.28
CA ALA CA 358 102.74 68.78 186.60
C ALA CA 358 102.93 68.53 185.12
N LEU CA 359 103.85 69.28 184.49
CA LEU CA 359 104.14 69.07 183.07
C LEU CA 359 104.72 67.68 182.82
N ARG CA 360 105.63 67.24 183.69
CA ARG CA 360 106.19 65.90 183.55
C ARG CA 360 105.12 64.83 183.72
N HIS CA 361 104.22 65.02 184.69
CA HIS CA 361 103.14 64.07 184.88
C HIS CA 361 102.22 64.02 183.67
N GLU CA 362 101.90 65.19 183.09
CA GLU CA 362 101.07 65.22 181.90
C GLU CA 362 101.75 64.53 180.72
N ILE CA 363 103.06 64.75 180.57
CA ILE CA 363 103.81 64.10 179.49
C ILE CA 363 103.79 62.58 179.68
N GLU CA 364 104.00 62.13 180.92
CA GLU CA 364 103.96 60.69 181.19
C GLU CA 364 102.59 60.10 180.92
N LEU CA 365 101.53 60.82 181.30
CA LEU CA 365 100.17 60.35 181.03
C LEU CA 365 99.90 60.27 179.53
N ARG CA 366 100.36 61.26 178.77
CA ARG CA 366 100.19 61.23 177.33
C ARG CA 366 100.97 60.07 176.71
N MET CA 367 102.18 59.81 177.20
CA MET CA 367 102.96 58.68 176.70
C MET CA 367 102.26 57.36 177.00
N ARG CA 368 101.71 57.21 178.21
CA ARG CA 368 101.03 55.98 178.57
C ARG CA 368 99.76 55.79 177.75
N LYS CA 369 99.02 56.88 177.50
CA LYS CA 369 97.80 56.77 176.72
C LYS CA 369 98.07 56.31 175.29
N ASN CA 370 99.12 56.85 174.67
CA ASN CA 370 99.46 56.46 173.31
C ASN CA 370 99.88 55.01 173.23
N VAL CA 371 100.69 54.55 174.20
CA VAL CA 371 101.17 53.17 174.19
C VAL CA 371 100.04 52.24 174.57
N LYS CA 372 99.82 51.21 173.76
CA LYS CA 372 98.77 50.24 174.03
C LYS CA 372 99.16 49.36 175.22
N GLU CA 373 98.13 48.79 175.85
CA GLU CA 373 98.33 47.92 177.01
C GLU CA 373 98.86 46.57 176.53
N GLY CA 374 100.19 46.49 176.41
CA GLY CA 374 100.83 45.28 175.93
C GLY CA 374 101.92 45.55 174.92
N CYS CA 375 101.88 46.73 174.30
CA CYS CA 375 102.87 47.13 173.32
C CYS CA 375 103.96 47.99 173.97
N THR CA 376 104.98 48.31 173.19
CA THR CA 376 106.11 49.11 173.65
C THR CA 376 106.24 50.43 172.90
N VAL CA 377 106.17 50.40 171.57
CA VAL CA 377 106.31 51.59 170.75
C VAL CA 377 104.97 51.89 170.10
N SER CA 378 104.51 53.14 170.23
CA SER CA 378 103.23 53.56 169.67
C SER CA 378 103.46 54.54 168.55
N PRO CA 379 102.79 54.36 167.40
CA PRO CA 379 102.97 55.31 166.28
C PRO CA 379 102.44 56.70 166.58
N GLU CA 380 101.58 56.86 167.58
CA GLU CA 380 101.02 58.17 167.89
C GLU CA 380 102.11 59.10 168.40
N THR CA 381 102.03 60.37 167.99
CA THR CA 381 103.00 61.39 168.36
C THR CA 381 102.39 62.36 169.36
N ILE CA 382 103.27 63.06 170.07
CA ILE CA 382 102.88 64.04 171.08
C ILE CA 382 103.42 65.40 170.64
N SER CA 383 102.53 66.40 170.60
CA SER CA 383 102.87 67.74 170.17
C SER CA 383 102.91 68.67 171.37
N LEU CA 384 104.01 69.42 171.51
CA LEU CA 384 104.17 70.36 172.60
C LEU CA 384 104.83 71.63 172.08
N ASN CA 385 104.31 72.77 172.48
CA ASN CA 385 104.83 74.08 172.09
C ASN CA 385 105.45 74.76 173.29
N VAL CA 386 106.69 75.23 173.13
CA VAL CA 386 107.45 75.88 174.19
C VAL CA 386 107.61 77.35 173.81
N LYS CA 387 107.22 78.24 174.74
CA LYS CA 387 107.32 79.67 174.53
C LYS CA 387 108.10 80.31 175.68
N GLY CA 388 108.75 81.43 175.39
CA GLY CA 388 109.51 82.15 176.38
C GLY CA 388 110.68 82.91 175.77
N PRO CA 389 111.10 83.97 176.45
CA PRO CA 389 112.24 84.76 175.94
C PRO CA 389 113.54 83.97 176.00
N GLY CA 390 114.45 84.33 175.10
CA GLY CA 390 115.75 83.70 175.03
C GLY CA 390 115.81 82.43 174.22
N LEU CA 391 114.70 82.00 173.64
CA LEU CA 391 114.65 80.79 172.82
C LEU CA 391 114.70 81.14 171.34
N GLN CA 392 114.99 80.13 170.52
CA GLN CA 392 115.06 80.29 169.09
C GLN CA 392 113.71 79.94 168.46
N ARG CA 393 113.65 79.90 167.13
CA ARG CA 393 112.44 79.58 166.38
C ARG CA 393 112.72 78.32 165.55
N MET CA 394 112.49 77.17 166.15
CA MET CA 394 112.71 75.89 165.49
C MET CA 394 111.85 74.83 166.16
N VAL CA 395 111.69 73.70 165.47
CA VAL CA 395 110.90 72.59 165.96
C VAL CA 395 111.83 71.41 166.19
N LEU CA 396 111.82 70.87 167.41
CA LEU CA 396 112.65 69.74 167.79
C LEU CA 396 111.79 68.50 167.98
N VAL CA 397 112.25 67.38 167.45
CA VAL CA 397 111.55 66.11 167.52
C VAL CA 397 112.38 65.14 168.36
N ASP CA 398 111.75 64.53 169.36
CA ASP CA 398 112.41 63.59 170.25
C ASP CA 398 111.96 62.17 169.92
N LEU CA 399 112.91 61.26 169.79
CA LEU CA 399 112.64 59.87 169.46
C LEU CA 399 113.34 58.95 170.46
N PRO CA 400 112.80 57.75 170.69
CA PRO CA 400 113.47 56.81 171.59
C PRO CA 400 114.83 56.40 171.06
N GLY CA 401 115.74 56.12 172.00
CA GLY CA 401 117.09 55.75 171.62
C GLY CA 401 117.15 54.41 170.91
N VAL CA 402 118.21 54.24 170.13
CA VAL CA 402 118.41 53.01 169.37
C VAL CA 402 118.91 51.92 170.31
N ILE CA 403 118.25 50.75 170.27
CA ILE CA 403 118.62 49.63 171.11
C ILE CA 403 119.15 48.51 170.22
N ASN CA 404 119.88 47.59 170.84
CA ASN CA 404 120.48 46.46 170.14
C ASN CA 404 119.90 45.13 170.59
N THR CA 405 119.81 44.89 171.90
CA THR CA 405 119.26 43.64 172.41
C THR CA 405 117.75 43.63 172.28
N VAL CA 406 117.18 42.42 172.36
CA VAL CA 406 115.75 42.20 172.26
C VAL CA 406 115.25 41.66 173.59
N THR CA 407 114.23 42.31 174.14
CA THR CA 407 113.67 41.90 175.43
C THR CA 407 112.66 40.78 175.22
N SER CA 408 112.83 39.69 175.98
CA SER CA 408 111.91 38.56 175.87
C SER CA 408 110.54 38.90 176.43
N GLY CA 409 110.48 39.80 177.41
CA GLY CA 409 109.22 40.20 178.02
C GLY CA 409 108.43 41.23 177.25
N MET CA 410 108.93 41.69 176.12
CA MET CA 410 108.26 42.69 175.29
C MET CA 410 108.10 42.15 173.87
N ALA CA 411 107.66 43.02 172.97
CA ALA CA 411 107.45 42.62 171.59
C ALA CA 411 108.78 42.32 170.93
N PRO CA 412 108.94 41.15 170.28
CA PRO CA 412 110.22 40.84 169.62
C PRO CA 412 110.55 41.76 168.47
N ASP CA 413 109.56 42.45 167.89
CA ASP CA 413 109.77 43.34 166.76
C ASP CA 413 109.91 44.80 167.18
N THR CA 414 110.16 45.04 168.48
CA THR CA 414 110.33 46.42 168.94
C THR CA 414 111.54 47.09 168.30
N LYS CA 415 112.66 46.36 168.21
CA LYS CA 415 113.85 46.91 167.58
C LYS CA 415 113.60 47.18 166.09
N GLU CA 416 112.92 46.27 165.41
CA GLU CA 416 112.60 46.47 164.00
C GLU CA 416 111.69 47.67 163.82
N THR CA 417 110.70 47.83 164.70
CA THR CA 417 109.81 48.99 164.62
C THR CA 417 110.57 50.28 164.85
N ILE CA 418 111.48 50.30 165.82
CA ILE CA 418 112.28 51.49 166.09
C ILE CA 418 113.15 51.82 164.89
N PHE CA 419 113.78 50.81 164.29
CA PHE CA 419 114.62 51.03 163.11
C PHE CA 419 113.78 51.57 161.94
N SER CA 420 112.59 51.02 161.74
CA SER CA 420 111.72 51.51 160.67
C SER CA 420 111.30 52.95 160.90
N ILE CA 421 110.97 53.29 162.15
CA ILE CA 421 110.59 54.67 162.47
C ILE CA 421 111.76 55.61 162.23
N SER CA 422 112.97 55.20 162.64
CA SER CA 422 114.14 56.03 162.42
C SER CA 422 114.41 56.23 160.93
N LYS CA 423 114.27 55.16 160.14
CA LYS CA 423 114.48 55.27 158.70
C LYS CA 423 113.44 56.20 158.07
N ALA CA 424 112.18 56.07 158.49
CA ALA CA 424 111.14 56.95 157.96
C ALA CA 424 111.40 58.41 158.31
N TYR CA 425 111.86 58.67 159.54
CA TYR CA 425 112.19 60.04 159.94
C TYR CA 425 113.38 60.56 159.13
N MET CA 426 114.38 59.72 158.89
CA MET CA 426 115.54 60.12 158.11
C MET CA 426 115.27 60.21 156.61
N GLN CA 427 114.11 59.71 156.15
CA GLN CA 427 113.77 59.79 154.74
C GLN CA 427 113.64 61.23 154.25
N ASN CA 428 113.42 62.17 155.15
CA ASN CA 428 113.34 63.58 154.77
C ASN CA 428 114.71 64.08 154.37
N PRO CA 429 114.89 64.56 153.13
CA PRO CA 429 116.22 65.05 152.72
C PRO CA 429 116.69 66.27 153.50
N ASN CA 430 115.78 67.02 154.13
CA ASN CA 430 116.13 68.23 154.86
C ASN CA 430 115.94 68.08 156.36
N ALA CA 431 115.91 66.84 156.86
CA ALA CA 431 115.74 66.60 158.29
C ALA CA 431 117.07 66.80 159.01
N ILE CA 432 117.13 67.81 159.86
CA ILE CA 432 118.35 68.09 160.63
C ILE CA 432 118.41 67.13 161.81
N ILE CA 433 119.53 66.43 161.94
CA ILE CA 433 119.72 65.44 162.99
C ILE CA 433 120.70 66.02 164.01
N LEU CA 434 120.30 66.05 165.27
CA LEU CA 434 121.13 66.56 166.37
C LEU CA 434 121.62 65.36 167.17
N CYS CA 435 122.88 64.99 166.98
CA CYS CA 435 123.47 63.86 167.66
C CYS CA 435 123.96 64.28 169.04
N ILE CA 436 123.58 63.50 170.06
CA ILE CA 436 123.97 63.76 171.44
C ILE CA 436 124.74 62.54 171.96
N GLN CA 437 125.91 62.79 172.53
CA GLN CA 437 126.76 61.74 173.06
C GLN CA 437 126.97 61.98 174.56
N ASP CA 438 127.82 61.16 175.17
CA ASP CA 438 128.11 61.24 176.60
C ASP CA 438 129.61 61.29 176.81
N GLY CA 439 130.00 61.71 178.01
CA GLY CA 439 131.41 61.79 178.33
C GLY CA 439 132.10 60.44 178.31
N SER CA 440 131.41 59.40 178.78
CA SER CA 440 131.96 58.05 178.80
C SER CA 440 131.76 57.31 177.49
N VAL CA 441 131.07 57.91 176.51
CA VAL CA 441 130.81 57.28 175.22
C VAL CA 441 131.65 57.99 174.17
N ASP CA 442 132.44 57.21 173.43
CA ASP CA 442 133.29 57.76 172.40
C ASP CA 442 132.48 58.13 171.17
N ALA CA 443 133.10 58.87 170.25
CA ALA CA 443 132.43 59.27 169.02
C ALA CA 443 132.07 58.07 168.17
N GLU CA 444 132.99 57.11 168.06
CA GLU CA 444 132.71 55.91 167.28
C GLU CA 444 131.71 54.98 167.97
N ARG CA 445 131.59 55.07 169.29
CA ARG CA 445 130.65 54.24 170.03
C ARG CA 445 129.21 54.72 169.91
N SER CA 446 128.98 55.91 169.36
CA SER CA 446 127.63 56.44 169.20
C SER CA 446 126.98 55.82 167.98
N ILE CA 447 125.89 55.09 168.19
CA ILE CA 447 125.18 54.46 167.07
C ILE CA 447 124.55 55.52 166.18
N VAL CA 448 124.03 56.59 166.77
CA VAL CA 448 123.39 57.65 165.99
C VAL CA 448 124.41 58.31 165.06
N THR CA 449 125.61 58.60 165.57
CA THR CA 449 126.63 59.23 164.75
C THR CA 449 127.04 58.33 163.59
N ASP CA 450 127.21 57.03 163.85
CA ASP CA 450 127.57 56.09 162.79
C ASP CA 450 126.47 56.00 161.74
N LEU CA 451 125.21 55.96 162.19
CA LEU CA 451 124.09 55.89 161.25
C LEU CA 451 124.02 57.16 160.39
N VAL CA 452 124.24 58.32 161.00
CA VAL CA 452 124.24 59.57 160.25
C VAL CA 452 125.37 59.59 159.23
N SER CA 453 126.56 59.13 159.63
CA SER CA 453 127.69 59.09 158.71
C SER CA 453 127.42 58.15 157.55
N GLN CA 454 126.82 56.99 157.83
CA GLN CA 454 126.51 56.03 156.77
C GLN CA 454 125.46 56.60 155.82
N MET CA 455 124.43 57.25 156.36
CA MET CA 455 123.37 57.80 155.52
C MET CA 455 123.80 59.09 154.82
N ASP CA 456 124.64 59.90 155.47
CA ASP CA 456 125.10 61.18 154.93
C ASP CA 456 126.62 61.22 155.01
N PRO CA 457 127.32 60.57 154.09
CA PRO CA 457 128.79 60.62 154.11
C PRO CA 457 129.35 62.02 153.97
N HIS CA 458 128.69 62.88 153.19
CA HIS CA 458 129.18 64.25 153.02
C HIS CA 458 128.97 65.07 154.29
N GLY CA 459 127.79 64.96 154.89
CA GLY CA 459 127.50 65.72 156.10
C GLY CA 459 127.46 67.22 155.90
N ARG CA 460 126.94 67.67 154.75
CA ARG CA 460 126.85 69.09 154.47
C ARG CA 460 125.72 69.79 155.22
N ARG CA 461 124.76 69.03 155.76
CA ARG CA 461 123.65 69.60 156.50
C ARG CA 461 123.61 69.18 157.96
N THR CA 462 124.45 68.23 158.38
CA THR CA 462 124.50 67.76 159.75
C THR CA 462 125.69 68.38 160.46
N ILE CA 463 125.44 68.97 161.63
CA ILE CA 463 126.47 69.63 162.43
C ILE CA 463 126.63 68.85 163.73
N PHE CA 464 127.86 68.43 164.01
CA PHE CA 464 128.14 67.67 165.22
C PHE CA 464 128.26 68.61 166.42
N VAL CA 465 127.61 68.23 167.51
CA VAL CA 465 127.64 68.99 168.76
C VAL CA 465 128.17 68.07 169.85
N LEU CA 466 129.21 68.53 170.56
CA LEU CA 466 129.84 67.76 171.63
C LEU CA 466 129.31 68.24 172.97
N THR CA 467 128.79 67.31 173.77
CA THR CA 467 128.21 67.61 175.07
C THR CA 467 128.97 66.87 176.16
N LYS CA 468 128.93 67.43 177.37
CA LYS CA 468 129.60 66.86 178.54
C LYS CA 468 131.11 66.69 178.28
N VAL CA 469 131.76 67.79 177.90
CA VAL CA 469 133.19 67.74 177.64
C VAL CA 469 133.97 67.49 178.92
N ASP CA 470 133.53 68.07 180.04
CA ASP CA 470 134.26 67.90 181.30
C ASP CA 470 134.24 66.44 181.75
N LEU CA 471 133.11 65.76 181.60
CA LEU CA 471 133.04 64.35 181.99
C LEU CA 471 133.98 63.50 181.16
N ALA CA 472 134.04 63.74 179.85
CA ALA CA 472 134.96 63.00 179.00
C ALA CA 472 136.42 63.30 179.37
N GLU CA 473 136.73 64.57 179.66
CA GLU CA 473 138.08 64.94 180.02
C GLU CA 473 138.51 64.28 181.33
N LYS CA 474 137.61 64.23 182.31
CA LYS CA 474 137.95 63.64 183.60
C LYS CA 474 138.14 62.13 183.52
N ASN CA 475 137.70 61.49 182.44
CA ASN CA 475 137.87 60.05 182.27
C ASN CA 475 139.16 59.71 181.55
N VAL CA 476 140.27 60.24 182.08
CA VAL CA 476 141.64 60.08 181.57
C VAL CA 476 141.69 59.97 180.05
N ALA CA 477 140.93 60.81 179.35
CA ALA CA 477 140.90 60.78 177.90
C ALA CA 477 142.13 61.49 177.33
N SER CA 478 142.41 61.20 176.06
CA SER CA 478 143.53 61.80 175.37
C SER CA 478 143.12 63.16 174.82
N PRO CA 479 143.81 64.25 175.18
CA PRO CA 479 143.44 65.56 174.64
C PRO CA 479 143.60 65.66 173.13
N SER CA 480 144.46 64.84 172.53
CA SER CA 480 144.63 64.88 171.08
C SER CA 480 143.34 64.48 170.36
N ARG CA 481 142.64 63.47 170.86
CA ARG CA 481 141.38 63.06 170.26
C ARG CA 481 140.34 64.16 170.36
N ILE CA 482 140.26 64.82 171.52
CA ILE CA 482 139.31 65.92 171.69
C ILE CA 482 139.64 67.07 170.74
N GLN CA 483 140.93 67.40 170.61
CA GLN CA 483 141.33 68.46 169.70
C GLN CA 483 140.98 68.12 168.26
N GLN CA 484 141.22 66.87 167.85
CA GLN CA 484 140.90 66.45 166.50
C GLN CA 484 139.39 66.50 166.25
N ILE CA 485 138.59 66.08 167.24
CA ILE CA 485 137.14 66.11 167.09
C ILE CA 485 136.65 67.56 166.96
N ILE CA 486 137.17 68.45 167.81
CA ILE CA 486 136.77 69.85 167.76
C ILE CA 486 137.21 70.49 166.45
N GLU CA 487 138.46 70.24 166.04
CA GLU CA 487 138.96 70.79 164.79
C GLU CA 487 138.34 70.12 163.56
N GLY CA 488 137.91 68.87 163.69
CA GLY CA 488 137.29 68.17 162.58
C GLY CA 488 138.27 67.41 161.71
N LYS CA 489 139.28 66.80 162.34
CA LYS CA 489 140.29 66.02 161.64
C LYS CA 489 140.04 64.52 161.75
N LEU CA 490 138.90 64.11 162.29
CA LEU CA 490 138.57 62.70 162.46
C LEU CA 490 137.28 62.29 161.77
N PHE CA 491 136.26 63.16 161.79
CA PHE CA 491 134.99 62.84 161.17
C PHE CA 491 135.11 62.97 159.65
N PRO CA 492 134.81 61.91 158.88
CA PRO CA 492 134.89 62.03 157.42
C PRO CA 492 133.92 63.05 156.84
N MET CA 493 132.77 63.26 157.47
CA MET CA 493 131.80 64.21 156.95
C MET CA 493 132.32 65.64 157.07
N LYS CA 494 131.93 66.47 156.10
CA LYS CA 494 132.34 67.87 156.07
C LYS CA 494 131.23 68.72 156.67
N ALA CA 495 131.18 68.74 157.99
CA ALA CA 495 130.17 69.51 158.70
C ALA CA 495 130.49 71.00 158.60
N LEU CA 496 129.43 71.82 158.76
CA LEU CA 496 129.59 73.27 158.70
C LEU CA 496 130.40 73.81 159.87
N GLY CA 497 130.50 73.07 160.97
CA GLY CA 497 131.27 73.51 162.11
C GLY CA 497 131.20 72.50 163.22
N TYR CA 498 132.00 72.74 164.26
CA TYR CA 498 132.06 71.86 165.42
C TYR CA 498 132.18 72.72 166.67
N PHE CA 499 131.28 72.51 167.62
CA PHE CA 499 131.27 73.25 168.88
C PHE CA 499 131.19 72.28 170.04
N ALA CA 500 131.94 72.57 171.09
CA ALA CA 500 131.98 71.75 172.29
C ALA CA 500 131.37 72.52 173.45
N VAL CA 501 130.37 71.92 174.10
CA VAL CA 501 129.67 72.55 175.22
C VAL CA 501 129.58 71.55 176.36
N VAL CA 502 129.33 72.08 177.55
CA VAL CA 502 129.19 71.29 178.77
C VAL CA 502 127.75 71.44 179.25
N THR CA 503 127.06 70.31 179.43
CA THR CA 503 125.68 70.28 179.88
C THR CA 503 125.57 69.68 181.28
N GLY CA 504 126.55 69.96 182.14
CA GLY CA 504 126.55 69.45 183.49
C GLY CA 504 127.04 68.02 183.58
N LYS CA 505 126.92 67.46 184.78
CA LYS CA 505 127.36 66.09 185.04
C LYS CA 505 126.30 65.06 184.67
N GLY CA 506 125.11 65.49 184.24
CA GLY CA 506 124.06 64.57 183.87
C GLY CA 506 123.29 63.96 185.02
N ASN CA 507 123.51 64.45 186.25
CA ASN CA 507 122.82 63.92 187.42
C ASN CA 507 121.42 64.53 187.50
N SER CA 508 120.70 64.21 188.58
CA SER CA 508 119.34 64.71 188.79
C SER CA 508 119.27 65.57 190.06
N SER CA 509 120.36 66.25 190.40
CA SER CA 509 120.40 67.09 191.59
C SER CA 509 121.02 68.45 191.31
N GLU CA 510 121.19 68.83 190.05
CA GLU CA 510 121.77 70.11 189.68
C GLU CA 510 120.70 70.94 188.96
N SER CA 511 120.50 72.16 189.42
CA SER CA 511 119.51 73.04 188.81
C SER CA 511 120.01 73.55 187.47
N ILE CA 512 119.07 74.08 186.68
CA ILE CA 512 119.43 74.62 185.36
C ILE CA 512 120.36 75.80 185.50
N GLU CA 513 120.09 76.69 186.46
CA GLU CA 513 120.95 77.86 186.66
C GLU CA 513 122.35 77.44 187.08
N ALA CA 514 122.47 76.45 187.96
CA ALA CA 514 123.78 75.98 188.38
C ALA CA 514 124.56 75.39 187.22
N ILE CA 515 123.90 74.60 186.37
CA ILE CA 515 124.58 74.01 185.22
C ILE CA 515 125.01 75.11 184.25
N ARG CA 516 124.15 76.11 184.03
CA ARG CA 516 124.51 77.21 183.14
C ARG CA 516 125.71 77.98 183.69
N GLU CA 517 125.72 78.25 185.00
CA GLU CA 517 126.86 78.95 185.59
C GLU CA 517 128.14 78.13 185.49
N TYR CA 518 128.05 76.82 185.71
CA TYR CA 518 129.22 75.96 185.57
C TYR CA 518 129.73 75.95 184.14
N GLU CA 519 128.83 75.90 183.16
CA GLU CA 519 129.23 75.94 181.76
C GLU CA 519 129.89 77.27 181.41
N GLU CA 520 129.34 78.38 181.91
CA GLU CA 520 129.94 79.68 181.66
C GLU CA 520 131.33 79.77 182.29
N GLU CA 521 131.49 79.26 183.52
CA GLU CA 521 132.80 79.27 184.15
C GLU CA 521 133.79 78.41 183.39
N PHE CA 522 133.36 77.25 182.89
CA PHE CA 522 134.25 76.39 182.12
C PHE CA 522 134.66 77.06 180.81
N PHE CA 523 133.71 77.74 180.16
CA PHE CA 523 134.03 78.45 178.93
C PHE CA 523 135.01 79.59 179.20
N GLN CA 524 134.82 80.33 180.29
CA GLN CA 524 135.72 81.43 180.62
C GLN CA 524 137.13 80.90 180.94
N ASN CA 525 137.21 79.82 181.70
CA ASN CA 525 138.50 79.23 182.10
C ASN CA 525 138.43 77.74 181.78
N SER CA 526 139.09 77.33 180.69
CA SER CA 526 139.11 75.94 180.27
C SER CA 526 140.55 75.45 180.20
N LYS CA 527 140.73 74.15 180.50
CA LYS CA 527 142.05 73.54 180.47
C LYS CA 527 142.56 73.31 179.05
N LEU CA 528 141.69 73.42 178.04
CA LEU CA 528 142.10 73.22 176.65
C LEU CA 528 142.26 74.51 175.88
N LEU CA 529 141.54 75.57 176.26
CA LEU CA 529 141.68 76.85 175.56
C LEU CA 529 143.02 77.51 175.87
N LYS CA 530 143.57 77.28 177.06
CA LYS CA 530 144.86 77.86 177.43
C LYS CA 530 146.04 77.21 176.74
N THR CA 531 145.83 76.07 176.09
CA THR CA 531 146.90 75.37 175.38
C THR CA 531 147.06 75.84 173.93
N SER CA 532 146.24 76.79 173.49
CA SER CA 532 146.30 77.31 172.12
C SER CA 532 146.12 76.19 171.09
N MET CA 533 145.23 75.25 171.38
CA MET CA 533 144.94 74.14 170.50
C MET CA 533 143.53 74.15 169.94
N LEU CA 534 142.72 75.14 170.31
CA LEU CA 534 141.35 75.25 169.85
C LEU CA 534 141.12 76.63 169.24
N LYS CA 535 140.28 76.66 168.20
CA LYS CA 535 139.99 77.92 167.52
C LYS CA 535 139.19 78.84 168.42
N ALA CA 536 139.51 80.14 168.34
CA ALA CA 536 138.83 81.13 169.18
C ALA CA 536 137.41 81.41 168.71
N HIS CA 537 137.14 81.21 167.42
CA HIS CA 537 135.82 81.49 166.87
C HIS CA 537 134.85 80.33 167.01
N GLN CA 538 135.29 79.20 167.59
CA GLN CA 538 134.44 78.04 167.79
C GLN CA 538 133.93 77.95 169.22
N VAL CA 539 133.65 79.08 169.85
CA VAL CA 539 133.18 79.10 171.24
C VAL CA 539 131.72 79.53 171.26
N THR CA 540 131.08 79.41 172.43
CA THR CA 540 129.68 79.75 172.64
C THR CA 540 128.76 79.01 171.67
N THR CA 541 127.51 79.47 171.57
CA THR CA 541 126.54 78.83 170.69
C THR CA 541 125.72 79.81 169.86
N ARG CA 542 125.95 81.11 170.00
CA ARG CA 542 125.12 82.10 169.31
C ARG CA 542 125.27 81.99 167.79
N ASN CA 543 126.51 81.94 167.30
CA ASN CA 543 126.74 81.85 165.87
C ASN CA 543 126.21 80.55 165.29
N LEU CA 544 126.43 79.44 166.00
CA LEU CA 544 125.92 78.16 165.54
C LEU CA 544 124.40 78.14 165.49
N SER CA 545 123.76 78.69 166.52
CA SER CA 545 122.30 78.75 166.54
C SER CA 545 121.77 79.62 165.41
N LEU CA 546 122.41 80.77 165.16
CA LEU CA 546 121.97 81.63 164.07
C LEU CA 546 122.12 80.94 162.72
N ALA CA 547 123.26 80.26 162.51
CA ALA CA 547 123.47 79.56 161.25
C ALA CA 547 122.44 78.44 161.07
N VAL CA 548 122.17 77.68 162.13
CA VAL CA 548 121.19 76.59 162.05
C VAL CA 548 119.81 77.16 161.75
N SER CA 549 119.43 78.26 162.41
CA SER CA 549 118.13 78.86 162.16
C SER CA 549 118.01 79.35 160.73
N ASP CA 550 119.06 80.00 160.21
CA ASP CA 550 119.02 80.49 158.83
C ASP CA 550 118.91 79.34 157.84
N CYS CA 551 119.69 78.27 158.05
CA CYS CA 551 119.62 77.11 157.17
C CYS CA 551 118.24 76.47 157.21
N PHE CA 552 117.66 76.32 158.41
CA PHE CA 552 116.33 75.75 158.53
C PHE CA 552 115.30 76.61 157.84
N TRP CA 553 115.40 77.93 158.00
CA TRP CA 553 114.43 78.83 157.36
C TRP CA 553 114.53 78.75 155.84
N LYS CA 554 115.75 78.77 155.30
CA LYS CA 554 115.88 78.71 153.84
C LYS CA 554 115.42 77.35 153.29
N MET CA 555 115.75 76.26 153.99
CA MET CA 555 115.33 74.95 153.50
C MET CA 555 113.81 74.77 153.59
N VAL CA 556 113.19 75.30 154.66
CA VAL CA 556 111.74 75.18 154.76
C VAL CA 556 111.05 76.10 153.75
N ARG CA 557 111.66 77.25 153.43
CA ARG CA 557 111.10 78.10 152.38
C ARG CA 557 111.15 77.40 151.04
N GLU CA 558 112.28 76.78 150.71
CA GLU CA 558 112.37 76.03 149.46
C GLU CA 558 111.38 74.87 149.43
N SER CA 559 111.26 74.16 150.56
CA SER CA 559 110.33 73.03 150.62
C SER CA 559 108.89 73.47 150.42
N VAL CA 560 108.49 74.58 151.06
CA VAL CA 560 107.12 75.04 150.92
C VAL CA 560 106.87 75.60 149.51
N GLU CA 561 107.90 76.22 148.91
CA GLU CA 561 107.75 76.67 147.53
C GLU CA 561 107.53 75.50 146.58
N GLN CA 562 108.27 74.41 146.78
CA GLN CA 562 108.05 73.22 145.95
C GLN CA 562 106.70 72.59 146.24
N GLN CA 563 106.30 72.53 147.52
CA GLN CA 563 105.05 71.87 147.88
C GLN CA 563 103.83 72.65 147.43
N ALA CA 564 103.93 73.97 147.29
CA ALA CA 564 102.79 74.76 146.82
C ALA CA 564 102.28 74.25 145.47
N ASP CA 565 103.17 73.68 144.65
CA ASP CA 565 102.77 73.03 143.41
C ASP CA 565 102.68 71.52 143.52
N SER CA 566 103.51 70.91 144.36
CA SER CA 566 103.47 69.45 144.52
C SER CA 566 102.12 68.98 145.05
N PHE CA 567 101.60 69.66 146.08
CA PHE CA 567 100.31 69.27 146.64
C PHE CA 567 99.16 69.53 145.68
N LYS CA 568 99.23 70.61 144.91
CA LYS CA 568 98.22 70.86 143.88
C LYS CA 568 98.24 69.75 142.83
N ALA CA 569 99.43 69.34 142.40
CA ALA CA 569 99.53 68.24 141.44
C ALA CA 569 98.99 66.94 142.03
N THR CA 570 99.30 66.67 143.31
CA THR CA 570 98.81 65.47 143.96
C THR CA 570 97.28 65.48 144.05
N ARG CA 571 96.69 66.62 144.41
CA ARG CA 571 95.25 66.73 144.49
C ARG CA 571 94.61 66.53 143.11
N PHE CA 572 95.20 67.13 142.08
CA PHE CA 572 94.68 66.94 140.73
C PHE CA 572 94.74 65.49 140.31
N ASN CA 573 95.86 64.81 140.60
CA ASN CA 573 95.99 63.41 140.25
C ASN CA 573 94.98 62.55 141.00
N LEU CA 574 94.77 62.84 142.29
CA LEU CA 574 93.78 62.08 143.06
C LEU CA 574 92.37 62.29 142.52
N GLU CA 575 92.03 63.54 142.16
CA GLU CA 575 90.71 63.81 141.59
C GLU CA 575 90.54 63.09 140.26
N THR CA 576 91.58 63.10 139.43
CA THR CA 576 91.51 62.41 138.14
C THR CA 576 91.34 60.90 138.34
N GLU CA 577 92.07 60.33 139.31
CA GLU CA 577 91.95 58.91 139.59
C GLU CA 577 90.54 58.57 140.07
N TRP CA 578 89.99 59.39 140.96
CA TRP CA 578 88.63 59.14 141.45
C TRP CA 578 87.61 59.23 140.33
N LYS CA 579 87.75 60.23 139.46
CA LYS CA 579 86.82 60.37 138.33
C LYS CA 579 86.94 59.20 137.36
N ASN CA 580 88.18 58.75 137.09
CA ASN CA 580 88.37 57.67 136.13
C ASN CA 580 87.87 56.34 136.67
N ASN CA 581 88.14 56.04 137.95
CA ASN CA 581 87.67 54.79 138.53
C ASN CA 581 86.16 54.75 138.63
N TYR CA 582 85.53 55.91 138.85
CA TYR CA 582 84.08 56.00 139.00
C TYR CA 582 83.55 57.08 138.06
N PRO CA 583 83.45 56.79 136.77
CA PRO CA 583 82.93 57.79 135.83
C PRO CA 583 81.51 58.22 136.12
N ARG CA 584 80.68 57.32 136.64
CA ARG CA 584 79.28 57.61 136.93
C ARG CA 584 79.01 57.86 138.41
N LEU CA 585 80.05 57.87 139.23
CA LEU CA 585 79.91 58.10 140.67
C LEU CA 585 80.83 59.23 141.10
N ARG CA 586 80.27 60.18 141.84
CA ARG CA 586 81.04 61.31 142.34
C ARG CA 586 81.60 60.97 143.72
N GLU CA 587 82.14 61.98 144.41
CA GLU CA 587 82.73 61.76 145.73
C GLU CA 587 81.69 61.20 146.70
N LEU CA 588 82.08 60.15 147.42
CA LEU CA 588 81.21 59.46 148.38
C LEU CA 588 81.99 59.32 149.69
N ASP CA 589 81.85 60.32 150.56
CA ASP CA 589 82.51 60.29 151.85
C ASP CA 589 81.62 59.59 152.88
N ARG CA 590 82.06 59.60 154.14
CA ARG CA 590 81.33 58.89 155.19
C ARG CA 590 79.94 59.49 155.41
N ASN CA 591 79.85 60.83 155.43
CA ASN CA 591 78.58 61.47 155.73
C ASN CA 591 77.55 61.21 154.64
N GLU CA 592 77.92 61.43 153.38
CA GLU CA 592 76.99 61.23 152.28
C GLU CA 592 76.57 59.76 152.16
N LEU CA 593 77.52 58.84 152.31
CA LEU CA 593 77.19 57.42 152.23
C LEU CA 593 76.28 56.99 153.38
N PHE CA 594 76.55 57.50 154.59
CA PHE CA 594 75.68 57.18 155.72
C PHE CA 594 74.27 57.73 155.51
N GLU CA 595 74.16 58.96 154.99
CA GLU CA 595 72.85 59.52 154.71
C GLU CA 595 72.11 58.73 153.64
N LYS CA 596 72.83 58.29 152.60
CA LYS CA 596 72.22 57.49 151.55
C LYS CA 596 71.76 56.14 152.10
N ALA CA 597 72.55 55.53 152.97
CA ALA CA 597 72.14 54.26 153.58
C ALA CA 597 70.92 54.45 154.46
N LYS CA 598 70.86 55.54 155.22
CA LYS CA 598 69.69 55.83 156.04
C LYS CA 598 68.45 56.02 155.17
N ASN CA 599 68.60 56.76 154.07
CA ASN CA 599 67.47 56.98 153.16
C ASN CA 599 67.02 55.67 152.53
N GLU CA 600 67.96 54.80 152.14
CA GLU CA 600 67.59 53.52 151.57
C GLU CA 600 66.86 52.65 152.59
N ILE CA 601 67.32 52.67 153.85
CA ILE CA 601 66.65 51.92 154.90
C ILE CA 601 65.23 52.44 155.10
N LEU CA 602 65.06 53.77 155.11
CA LEU CA 602 63.74 54.35 155.25
C LEU CA 602 62.83 53.96 154.09
N ASP CA 603 63.36 53.98 152.87
CA ASP CA 603 62.57 53.58 151.70
C ASP CA 603 62.17 52.11 151.78
N GLU CA 604 63.10 51.25 152.22
CA GLU CA 604 62.78 49.83 152.37
C GLU CA 604 61.70 49.63 153.43
N VAL CA 605 61.78 50.36 154.54
CA VAL CA 605 60.75 50.26 155.58
C VAL CA 605 59.40 50.72 155.04
N ILE CA 606 59.40 51.81 154.26
CA ILE CA 606 58.17 52.32 153.68
C ILE CA 606 57.56 51.29 152.74
N SER CA 607 58.39 50.68 151.89
CA SER CA 607 57.91 49.65 150.97
C SER CA 607 57.36 48.45 151.73
N LEU CA 608 58.04 48.05 152.81
CA LEU CA 608 57.56 46.95 153.63
C LEU CA 608 56.20 47.26 154.23
N SER CA 609 56.02 48.50 154.72
CA SER CA 609 54.75 48.89 155.32
C SER CA 609 53.66 49.04 154.26
N GLN CA 610 54.03 49.29 153.01
CA GLN CA 610 53.07 49.52 151.94
C GLN CA 610 52.60 48.24 151.25
N VAL CA 611 53.14 47.08 151.63
CA VAL CA 611 52.71 45.83 151.03
C VAL CA 611 51.27 45.54 151.44
N THR CA 612 50.49 45.02 150.51
CA THR CA 612 49.09 44.70 150.77
C THR CA 612 48.96 43.65 151.86
N PRO CA 613 48.14 43.88 152.88
CA PRO CA 613 48.02 42.89 153.96
C PRO CA 613 47.51 41.53 153.49
N LYS CA 614 46.73 41.49 152.40
CA LYS CA 614 46.19 40.22 151.93
C LYS CA 614 47.29 39.25 151.52
N HIS CA 615 48.32 39.76 150.83
CA HIS CA 615 49.44 38.91 150.46
C HIS CA 615 50.17 38.37 151.69
N TRP CA 616 50.35 39.22 152.70
CA TRP CA 616 50.95 38.78 153.95
C TRP CA 616 50.13 37.67 154.60
N GLU CA 617 48.81 37.85 154.64
CA GLU CA 617 47.95 36.84 155.24
C GLU CA 617 48.04 35.53 154.48
N GLU CA 618 48.01 35.58 153.16
CA GLU CA 618 48.10 34.36 152.36
C GLU CA 618 49.44 33.66 152.57
N ILE CA 619 50.53 34.42 152.56
CA ILE CA 619 51.86 33.82 152.75
C ILE CA 619 51.97 33.18 154.13
N LEU CA 620 51.52 33.91 155.16
CA LEU CA 620 51.60 33.38 156.52
C LEU CA 620 50.75 32.12 156.67
N GLN CA 621 49.53 32.13 156.11
CA GLN CA 621 48.68 30.96 156.20
C GLN CA 621 49.30 29.76 155.50
N GLN CA 622 49.83 29.97 154.29
CA GLN CA 622 50.44 28.87 153.55
C GLN CA 622 51.65 28.32 154.29
N SER CA 623 52.52 29.21 154.79
CA SER CA 623 53.72 28.76 155.48
C SER CA 623 53.36 28.01 156.76
N LEU CA 624 52.41 28.54 157.53
CA LEU CA 624 52.01 27.88 158.77
C LEU CA 624 51.39 26.52 158.50
N TRP CA 625 50.53 26.43 157.47
CA TRP CA 625 49.92 25.15 157.13
C TRP CA 625 50.97 24.13 156.71
N GLU CA 626 51.92 24.55 155.86
CA GLU CA 626 52.98 23.64 155.45
C GLU CA 626 53.84 23.21 156.63
N ARG CA 627 54.02 24.10 157.61
CA ARG CA 627 54.85 23.76 158.76
C ARG CA 627 54.14 22.80 159.70
N VAL CA 628 52.84 22.99 159.93
CA VAL CA 628 52.13 22.23 160.95
C VAL CA 628 51.33 21.07 160.38
N SER CA 629 51.41 20.83 159.07
CA SER CA 629 50.69 19.69 158.49
C SER CA 629 51.16 18.38 159.11
N THR CA 630 52.48 18.18 159.19
CA THR CA 630 53.01 16.95 159.77
C THR CA 630 52.65 16.83 161.24
N HIS CA 631 52.75 17.94 161.98
CA HIS CA 631 52.40 17.91 163.40
C HIS CA 631 50.93 17.55 163.61
N VAL CA 632 50.05 18.15 162.82
CA VAL CA 632 48.62 17.84 162.93
C VAL CA 632 48.37 16.39 162.58
N ILE CA 633 49.00 15.89 161.52
CA ILE CA 633 48.79 14.50 161.12
C ILE CA 633 49.23 13.56 162.24
N GLU CA 634 50.45 13.74 162.73
CA GLU CA 634 51.00 12.84 163.74
C GLU CA 634 50.36 13.01 165.12
N ASN CA 635 49.66 14.12 165.36
CA ASN CA 635 48.97 14.31 166.63
C ASN CA 635 47.48 13.99 166.56
N ILE CA 636 46.92 13.80 165.37
CA ILE CA 636 45.50 13.51 165.25
C ILE CA 636 45.29 12.10 164.71
N TYR CA 637 45.81 11.82 163.51
CA TYR CA 637 45.52 10.54 162.87
C TYR CA 637 46.28 9.39 163.51
N LEU CA 638 47.49 9.64 164.02
CA LEU CA 638 48.26 8.57 164.66
C LEU CA 638 47.56 7.99 165.88
N PRO CA 639 47.03 8.77 166.83
CA PRO CA 639 46.27 8.14 167.92
C PRO CA 639 44.93 7.61 167.47
N ALA CA 640 44.20 8.36 166.65
CA ALA CA 640 42.88 7.95 166.17
C ALA CA 640 43.00 7.26 164.81
N ALA CA 641 43.76 6.18 164.78
CA ALA CA 641 44.00 5.43 163.56
C ALA CA 641 43.00 4.31 163.32
N GLN CA 642 42.11 4.03 164.28
CA GLN CA 642 41.14 2.96 164.13
C GLN CA 642 39.72 3.41 164.46
N THR CA 643 39.46 4.72 164.44
CA THR CA 643 38.12 5.21 164.71
C THR CA 643 37.18 4.87 163.56
N MET CA 644 35.96 4.46 163.91
CA MET CA 644 34.94 4.10 162.93
C MET CA 644 33.87 5.17 162.78
N ASN CA 645 33.33 5.66 163.90
CA ASN CA 645 32.31 6.70 163.86
C ASN CA 645 32.94 8.06 163.61
N SER CA 646 32.31 8.83 162.74
CA SER CA 646 32.82 10.16 162.43
C SER CA 646 32.68 11.11 163.62
N GLY CA 647 31.67 10.91 164.45
CA GLY CA 647 31.49 11.77 165.60
C GLY CA 647 32.63 11.67 166.61
N THR CA 648 33.07 10.44 166.87
CA THR CA 648 34.20 10.24 167.78
C THR CA 648 35.47 10.87 167.23
N PHE CA 649 35.70 10.73 165.92
CA PHE CA 649 36.87 11.35 165.30
C PHE CA 649 36.80 12.87 165.39
N ASN CA 650 35.62 13.45 165.16
CA ASN CA 650 35.48 14.90 165.28
C ASN CA 650 35.70 15.35 166.71
N THR CA 651 35.19 14.61 167.69
CA THR CA 651 35.41 14.96 169.08
C THR CA 651 36.88 14.91 169.45
N THR CA 652 37.58 13.87 168.98
CA THR CA 652 39.02 13.77 169.24
C THR CA 652 39.77 14.92 168.59
N VAL CA 653 39.38 15.30 167.37
CA VAL CA 653 40.02 16.41 166.68
C VAL CA 653 39.82 17.70 167.47
N ASP CA 654 38.60 17.94 167.94
CA ASP CA 654 38.32 19.14 168.72
C ASP CA 654 39.12 19.15 170.02
N ILE CA 655 39.22 18.00 170.69
CA ILE CA 655 39.98 17.92 171.93
C ILE CA 655 41.45 18.24 171.67
N LYS CA 656 42.01 17.66 170.61
CA LYS CA 656 43.41 17.89 170.29
C LYS CA 656 43.66 19.35 169.92
N LEU CA 657 42.73 19.95 169.15
CA LEU CA 657 42.89 21.35 168.78
C LEU CA 657 42.82 22.26 170.01
N LYS CA 658 41.88 21.99 170.92
CA LYS CA 658 41.79 22.79 172.13
C LYS CA 658 43.04 22.65 172.99
N GLN CA 659 43.56 21.43 173.12
CA GLN CA 659 44.78 21.21 173.89
C GLN CA 659 45.96 21.94 173.26
N TRP CA 660 46.08 21.89 171.94
CA TRP CA 660 47.17 22.59 171.26
C TRP CA 660 47.05 24.10 171.44
N THR CA 661 45.84 24.64 171.30
CA THR CA 661 45.64 26.07 171.50
C THR CA 661 45.99 26.49 172.92
N ASP CA 662 45.63 25.68 173.90
CA ASP CA 662 45.91 26.02 175.29
C ASP CA 662 47.40 25.91 175.61
N LYS CA 663 48.08 24.92 175.04
CA LYS CA 663 49.44 24.62 175.48
C LYS CA 663 50.49 25.53 174.83
N GLN CA 664 50.66 25.41 173.51
CA GLN CA 664 51.79 26.09 172.86
C GLN CA 664 51.46 26.66 171.48
N LEU CA 665 50.23 26.58 171.00
CA LEU CA 665 49.93 27.07 169.66
C LEU CA 665 50.20 28.55 169.48
N PRO CA 666 49.80 29.45 170.40
CA PRO CA 666 50.16 30.87 170.22
C PRO CA 666 51.66 31.10 170.16
N ASN CA 667 52.44 30.37 170.96
CA ASN CA 667 53.89 30.53 170.93
C ASN CA 667 54.45 30.10 169.58
N LYS CA 668 53.97 28.98 169.05
CA LYS CA 668 54.42 28.52 167.75
C LYS CA 668 54.04 29.51 166.65
N ALA CA 669 52.82 30.06 166.72
CA ALA CA 669 52.40 31.04 165.74
C ALA CA 669 53.27 32.29 165.80
N VAL CA 670 53.58 32.76 167.00
CA VAL CA 670 54.44 33.94 167.17
C VAL CA 670 55.82 33.66 166.60
N GLU CA 671 56.38 32.48 166.90
CA GLU CA 671 57.70 32.13 166.38
C GLU CA 671 57.70 32.06 164.86
N VAL CA 672 56.65 31.48 164.27
CA VAL CA 672 56.56 31.38 162.82
C VAL CA 672 56.46 32.76 162.19
N ALA CA 673 55.64 33.63 162.78
CA ALA CA 673 55.49 34.99 162.25
C ALA CA 673 56.81 35.75 162.35
N TRP CA 674 57.52 35.62 163.47
CA TRP CA 674 58.80 36.31 163.62
C TRP CA 674 59.83 35.78 162.63
N GLU CA 675 59.85 34.46 162.40
CA GLU CA 675 60.78 33.88 161.44
C GLU CA 675 60.47 34.37 160.02
N THR CA 676 59.19 34.43 159.67
CA THR CA 676 58.80 34.93 158.35
C THR CA 676 59.19 36.39 158.19
N LEU CA 677 58.98 37.21 159.22
CA LEU CA 677 59.38 38.60 159.15
C LEU CA 677 60.89 38.74 159.00
N GLN CA 678 61.65 37.92 159.72
CA GLN CA 678 63.11 37.95 159.58
C GLN CA 678 63.53 37.54 158.18
N GLU CA 679 62.89 36.52 157.61
CA GLU CA 679 63.22 36.09 156.24
C GLU CA 679 62.92 37.19 155.24
N GLU CA 680 61.75 37.84 155.37
CA GLU CA 680 61.41 38.94 154.46
C GLU CA 680 62.41 40.09 154.59
N PHE CA 681 62.77 40.44 155.82
CA PHE CA 681 63.74 41.52 156.04
C PHE CA 681 65.08 41.17 155.43
N SER CA 682 65.54 39.93 155.61
CA SER CA 682 66.81 39.51 155.05
C SER CA 682 66.78 39.53 153.52
N ARG CA 683 65.68 39.07 152.93
CA ARG CA 683 65.57 39.09 151.47
C ARG CA 683 65.56 40.51 150.94
N PHE CA 684 64.87 41.42 151.63
CA PHE CA 684 64.86 42.81 151.21
C PHE CA 684 66.25 43.44 151.34
N MET CA 685 66.96 43.14 152.43
CA MET CA 685 68.31 43.67 152.62
C MET CA 685 69.27 43.15 151.56
N THR CA 686 69.17 41.86 151.22
CA THR CA 686 70.03 41.23 150.23
C THR CA 686 69.17 40.91 149.01
N GLU CA 687 69.05 41.88 148.11
CA GLU CA 687 68.25 41.75 146.90
C GLU CA 687 69.13 42.08 145.70
N PRO CA 688 69.88 41.10 145.19
CA PRO CA 688 70.84 41.36 144.10
C PRO CA 688 70.15 41.47 142.74
N LYS CA 689 69.12 42.31 142.66
CA LYS CA 689 68.48 42.58 141.38
C LYS CA 689 69.44 43.30 140.42
N GLY CA 690 70.22 44.24 140.94
CA GLY CA 690 71.18 44.93 140.10
C GLY CA 690 72.32 44.04 139.68
N LYS CA 691 72.91 44.36 138.53
CA LYS CA 691 74.01 43.56 138.00
C LYS CA 691 75.30 43.73 138.79
N GLU CA 692 75.44 44.83 139.54
CA GLU CA 692 76.66 45.06 140.31
C GLU CA 692 76.51 44.51 141.72
N HIS CA 693 75.53 45.02 142.47
CA HIS CA 693 75.25 44.59 143.85
C HIS CA 693 76.53 44.62 144.70
N ASP CA 694 77.06 45.83 144.85
CA ASP CA 694 78.26 46.04 145.64
C ASP CA 694 78.07 45.54 147.08
N ASP CA 695 79.05 44.78 147.56
CA ASP CA 695 78.97 44.17 148.88
C ASP CA 695 79.31 45.13 150.01
N ILE CA 696 79.89 46.30 149.70
CA ILE CA 696 80.23 47.26 150.76
C ILE CA 696 78.97 47.72 151.48
N PHE CA 697 77.92 48.04 150.72
CA PHE CA 697 76.65 48.41 151.33
C PHE CA 697 75.94 47.18 151.91
N ASP CA 698 76.14 46.02 151.28
CA ASP CA 698 75.46 44.81 151.74
C ASP CA 698 75.93 44.41 153.14
N LYS CA 699 77.23 44.53 153.42
CA LYS CA 699 77.72 44.20 154.76
C LYS CA 699 77.12 45.11 155.81
N LEU CA 700 77.05 46.40 155.52
CA LEU CA 700 76.43 47.34 156.47
C LEU CA 700 74.95 47.02 156.67
N LYS CA 701 74.25 46.69 155.58
CA LYS CA 701 72.84 46.34 155.69
C LYS CA 701 72.64 45.09 156.54
N GLU CA 702 73.49 44.07 156.34
CA GLU CA 702 73.39 42.87 157.15
C GLU CA 702 73.70 43.15 158.61
N ALA CA 703 74.70 43.99 158.88
CA ALA CA 703 75.00 44.35 160.26
C ALA CA 703 73.84 45.07 160.93
N VAL CA 704 73.23 46.01 160.21
CA VAL CA 704 72.08 46.73 160.74
C VAL CA 704 70.91 45.79 160.98
N LYS CA 705 70.68 44.84 160.06
CA LYS CA 705 69.62 43.86 160.23
C LYS CA 705 69.85 43.00 161.46
N GLU CA 706 71.09 42.54 161.66
CA GLU CA 706 71.40 41.73 162.83
C GLU CA 706 71.21 42.54 164.12
N GLU CA 707 71.64 43.80 164.12
CA GLU CA 707 71.46 44.63 165.31
C GLU CA 707 69.99 44.85 165.61
N SER CA 708 69.18 45.10 164.58
CA SER CA 708 67.75 45.28 164.78
C SER CA 708 67.09 43.99 165.29
N ILE CA 709 67.51 42.84 164.76
CA ILE CA 709 66.95 41.57 165.20
C ILE CA 709 67.28 41.33 166.66
N LYS CA 710 68.54 41.59 167.04
CA LYS CA 710 68.94 41.38 168.43
C LYS CA 710 68.28 42.37 169.37
N ARG CA 711 68.03 43.59 168.90
CA ARG CA 711 67.41 44.63 169.74
C ARG CA 711 65.89 44.56 169.74
N HIS CA 712 65.29 43.74 168.87
CA HIS CA 712 63.84 43.66 168.79
C HIS CA 712 63.26 43.06 170.07
N LYS CA 713 62.10 43.57 170.47
CA LYS CA 713 61.41 43.13 171.67
C LYS CA 713 59.99 42.72 171.33
N TRP CA 714 59.39 41.90 172.20
CA TRP CA 714 58.03 41.43 172.03
C TRP CA 714 57.22 41.72 173.28
N ASN CA 715 55.91 41.89 173.09
CA ASN CA 715 54.99 42.23 174.17
C ASN CA 715 54.13 41.02 174.51
N ASP CA 716 54.05 40.68 175.79
CA ASP CA 716 53.24 39.54 176.23
C ASP CA 716 51.75 39.82 176.08
N PHE CA 717 51.35 41.10 176.10
CA PHE CA 717 49.96 41.44 175.87
C PHE CA 717 49.51 41.03 174.48
N ALA CA 718 50.38 41.21 173.49
CA ALA CA 718 50.07 40.74 172.14
C ALA CA 718 49.91 39.23 172.10
N GLU CA 719 50.76 38.50 172.83
CA GLU CA 719 50.62 37.05 172.89
C GLU CA 719 49.30 36.65 173.53
N ASP CA 720 48.91 37.32 174.61
CA ASP CA 720 47.64 37.01 175.26
C ASP CA 720 46.46 37.30 174.34
N SER CA 721 46.51 38.44 173.63
CA SER CA 721 45.45 38.76 172.69
C SER CA 721 45.37 37.73 171.56
N LEU CA 722 46.53 37.30 171.06
CA LEU CA 722 46.56 36.28 170.02
C LEU CA 722 45.96 34.97 170.53
N ARG CA 723 46.29 34.57 171.75
CA ARG CA 723 45.73 33.36 172.32
C ARG CA 723 44.21 33.47 172.47
N VAL CA 724 43.73 34.61 172.94
CA VAL CA 724 42.29 34.81 173.11
C VAL CA 724 41.58 34.75 171.77
N ILE CA 725 42.15 35.40 170.75
CA ILE CA 725 41.51 35.42 169.43
C ILE CA 725 41.54 34.03 168.80
N GLN CA 726 42.65 33.29 169.00
CA GLN CA 726 42.70 31.93 168.48
C GLN CA 726 41.66 31.04 169.13
N HIS CA 727 41.48 31.18 170.44
CA HIS CA 727 40.44 30.42 171.12
C HIS CA 727 39.04 30.82 170.66
N ASN CA 728 38.81 32.11 170.43
CA ASN CA 728 37.49 32.57 170.02
C ASN CA 728 37.19 32.27 168.55
N ALA CA 729 38.21 32.00 167.75
CA ALA CA 729 38.02 31.77 166.33
C ALA CA 729 37.40 30.39 166.05
N LEU CA 730 36.14 30.22 166.45
CA LEU CA 730 35.39 28.99 166.21
C LEU CA 730 34.01 29.34 165.69
N GLU CA 731 33.96 30.24 164.71
CA GLU CA 731 32.70 30.79 164.21
C GLU CA 731 31.99 29.85 163.25
N ASP CA 732 32.62 29.53 162.12
CA ASP CA 732 31.98 28.72 161.08
C ASP CA 732 32.39 27.26 161.21
N ARG CA 733 31.42 26.37 161.03
CA ARG CA 733 31.66 24.94 161.14
C ARG CA 733 31.06 24.12 160.01
N SER CA 734 30.36 24.72 159.06
CA SER CA 734 29.75 23.99 157.96
C SER CA 734 29.85 24.80 156.68
N ILE CA 735 29.77 24.10 155.55
CA ILE CA 735 29.84 24.71 154.23
C ILE CA 735 28.44 24.69 153.61
N SER CA 736 27.96 25.86 153.22
CA SER CA 736 26.67 25.99 152.57
C SER CA 736 26.80 26.49 151.13
N ASP CA 737 28.01 26.50 150.58
CA ASP CA 737 28.27 26.99 149.23
C ASP CA 737 28.89 25.87 148.41
N LYS CA 738 28.37 25.67 147.20
CA LYS CA 738 28.93 24.67 146.30
C LYS CA 738 30.34 25.03 145.89
N GLN CA 739 30.59 26.32 145.60
CA GLN CA 739 31.92 26.74 145.20
C GLN CA 739 32.93 26.56 146.32
N GLN CA 740 32.55 26.92 147.56
CA GLN CA 740 33.43 26.70 148.70
C GLN CA 740 33.69 25.21 148.92
N TRP CA 741 32.66 24.39 148.74
CA TRP CA 741 32.84 22.95 148.86
C TRP CA 741 33.82 22.42 147.82
N ASP CA 742 33.71 22.89 146.57
CA ASP CA 742 34.65 22.47 145.53
C ASP CA 742 36.07 22.95 145.83
N ALA CA 743 36.21 24.18 146.33
CA ALA CA 743 37.54 24.68 146.69
C ALA CA 743 38.15 23.85 147.81
N ALA CA 744 37.36 23.50 148.82
CA ALA CA 744 37.85 22.65 149.90
C ALA CA 744 38.24 21.27 149.37
N ILE CA 745 37.44 20.73 148.45
CA ILE CA 745 37.76 19.43 147.85
C ILE CA 745 39.08 19.51 147.11
N TYR CA 746 39.29 20.58 146.34
CA TYR CA 746 40.54 20.72 145.59
C TYR CA 746 41.74 20.87 146.51
N PHE CA 747 41.59 21.64 147.59
CA PHE CA 747 42.69 21.79 148.54
C PHE CA 747 43.01 20.48 149.22
N MET CA 748 41.98 19.74 149.63
CA MET CA 748 42.19 18.44 150.26
C MET CA 748 42.84 17.46 149.28
N GLU CA 749 42.43 17.49 148.02
CA GLU CA 749 43.03 16.64 147.00
C GLU CA 749 44.50 16.97 146.80
N GLU CA 750 44.83 18.27 146.77
CA GLU CA 750 46.23 18.67 146.65
C GLU CA 750 47.06 18.17 147.84
N ALA CA 751 46.53 18.35 149.05
CA ALA CA 751 47.25 17.90 150.23
C ALA CA 751 47.44 16.38 150.23
N LEU CA 752 46.39 15.64 149.85
CA LEU CA 752 46.50 14.19 149.83
C LEU CA 752 47.44 13.71 148.73
N GLN CA 753 47.46 14.41 147.60
CA GLN CA 753 48.42 14.07 146.55
C GLN CA 753 49.85 14.32 146.99
N ALA CA 754 50.08 15.42 147.72
CA ALA CA 754 51.41 15.68 148.26
C ALA CA 754 51.81 14.60 149.26
N ARG CA 755 50.89 14.20 150.13
CA ARG CA 755 51.17 13.12 151.08
C ARG CA 755 51.45 11.81 150.36
N LEU CA 756 50.69 11.51 149.31
CA LEU CA 756 50.93 10.30 148.54
C LEU CA 756 52.29 10.32 147.87
N LYS CA 757 52.69 11.47 147.32
CA LYS CA 757 54.02 11.58 146.72
C LYS CA 757 55.12 11.39 147.76
N ASP CA 758 54.94 11.97 148.96
CA ASP CA 758 55.92 11.77 150.02
C ASP CA 758 56.01 10.30 150.41
N THR CA 759 54.86 9.62 150.52
CA THR CA 759 54.86 8.20 150.86
C THR CA 759 55.52 7.37 149.77
N GLU CA 760 55.26 7.71 148.50
CA GLU CA 760 55.90 7.00 147.41
C GLU CA 760 57.41 7.19 147.43
N ASN CA 761 57.87 8.41 147.72
CA ASN CA 761 59.30 8.66 147.83
C ASN CA 761 59.92 7.85 148.96
N ALA CA 762 59.24 7.80 150.11
CA ALA CA 762 59.73 7.02 151.23
C ALA CA 762 59.81 5.54 150.89
N ILE CA 763 58.77 5.02 150.22
CA ILE CA 763 58.75 3.62 149.83
C ILE CA 763 59.87 3.32 148.84
N GLU CA 764 60.09 4.21 147.87
CA GLU CA 764 61.15 4.00 146.90
C GLU CA 764 62.53 4.04 147.57
N ASN CA 765 62.71 4.94 148.53
CA ASN CA 765 63.96 4.97 149.29
C ASN CA 765 64.16 3.68 150.07
N MET CA 766 63.09 3.17 150.68
CA MET CA 766 63.19 1.94 151.46
C MET CA 766 63.49 0.73 150.58
N VAL CA 767 62.89 0.66 149.39
CA VAL CA 767 62.98 -0.54 148.55
C VAL CA 767 63.76 -0.25 147.28
N GLY CA 768 63.24 0.65 146.45
CA GLY CA 768 63.87 0.94 145.17
C GLY CA 768 62.89 0.83 144.02
N PRO CA 769 63.39 0.43 142.86
CA PRO CA 769 62.51 0.28 141.68
C PRO CA 769 61.42 -0.75 141.93
N ASP CA 770 60.22 -0.45 141.44
CA ASP CA 770 59.04 -1.29 141.64
C ASP CA 770 58.30 -1.45 140.32
N TRP CA 771 57.79 -2.66 140.08
CA TRP CA 771 56.93 -2.98 138.94
C TRP CA 771 57.68 -2.67 137.65
N LYS CA 772 57.20 -1.76 136.80
CA LYS CA 772 57.82 -1.50 135.50
C LYS CA 772 59.25 -1.01 135.65
N LYS CA 773 59.50 -0.16 136.64
CA LYS CA 773 60.85 0.34 136.87
C LYS CA 773 61.81 -0.80 137.24
N ARG CA 774 61.35 -1.73 138.07
CA ARG CA 774 62.21 -2.84 138.48
C ARG CA 774 62.43 -3.82 137.34
N TRP CA 775 61.38 -4.16 136.59
CA TRP CA 775 61.47 -5.15 135.53
C TRP CA 775 61.92 -4.59 134.20
N LEU CA 776 62.17 -3.28 134.10
CA LEU CA 776 62.65 -2.71 132.85
C LEU CA 776 64.02 -3.27 132.47
N TYR CA 777 64.91 -3.39 133.45
CA TYR CA 777 66.23 -3.96 133.18
C TYR CA 777 66.15 -5.48 133.00
N TRP CA 778 65.34 -6.14 133.84
CA TRP CA 778 65.09 -7.58 133.84
C TRP CA 778 66.31 -8.39 134.25
N LYS CA 779 67.45 -7.76 134.50
CA LYS CA 779 68.67 -8.45 134.91
C LYS CA 779 69.27 -7.92 136.20
N ASN CA 780 68.70 -6.86 136.79
CA ASN CA 780 69.20 -6.28 138.02
C ASN CA 780 68.28 -6.69 139.16
N ARG CA 781 68.80 -7.50 140.08
CA ARG CA 781 68.03 -7.96 141.22
C ARG CA 781 68.92 -7.96 142.46
N THR CA 782 68.33 -7.58 143.59
CA THR CA 782 69.01 -7.53 144.87
C THR CA 782 68.19 -8.29 145.90
N GLN CA 783 68.87 -9.05 146.77
CA GLN CA 783 68.16 -9.83 147.76
C GLN CA 783 67.42 -8.94 148.76
N GLU CA 784 68.00 -7.78 149.09
CA GLU CA 784 67.35 -6.89 150.05
C GLU CA 784 66.04 -6.34 149.51
N GLN CA 785 66.05 -5.86 148.26
CA GLN CA 785 64.82 -5.38 147.65
C GLN CA 785 63.86 -6.50 147.30
N CYS CA 786 64.38 -7.70 147.02
CA CYS CA 786 63.49 -8.84 146.76
C CYS CA 786 62.68 -9.20 148.01
N VAL CA 787 63.32 -9.15 149.18
CA VAL CA 787 62.62 -9.42 150.43
C VAL CA 787 61.52 -8.39 150.65
N HIS CA 788 61.82 -7.12 150.41
CA HIS CA 788 60.82 -6.06 150.56
C HIS CA 788 59.67 -6.26 149.58
N ASN CA 789 59.97 -6.64 148.34
CA ASN CA 789 58.94 -6.88 147.35
C ASN CA 789 58.04 -8.05 147.75
N GLU CA 790 58.65 -9.13 148.26
CA GLU CA 790 57.85 -10.26 148.72
C GLU CA 790 56.97 -9.90 149.90
N THR CA 791 57.50 -9.12 150.84
CA THR CA 791 56.69 -8.66 151.96
C THR CA 791 55.54 -7.79 151.50
N LYS CA 792 55.80 -6.89 150.54
CA LYS CA 792 54.75 -6.04 150.00
C LYS CA 792 53.68 -6.86 149.31
N ASN CA 793 54.08 -7.87 148.53
CA ASN CA 793 53.10 -8.73 147.86
C ASN CA 793 52.27 -9.50 148.88
N GLU CA 794 52.92 -10.02 149.94
CA GLU CA 794 52.19 -10.76 150.95
C GLU CA 794 51.17 -9.87 151.66
N LEU CA 795 51.58 -8.64 151.99
CA LEU CA 795 50.66 -7.71 152.66
C LEU CA 795 49.52 -7.30 151.74
N GLU CA 796 49.81 -7.12 150.44
CA GLU CA 796 48.75 -6.80 149.48
C GLU CA 796 47.75 -7.94 149.37
N LYS CA 797 48.24 -9.19 149.34
CA LYS CA 797 47.35 -10.34 149.30
C LYS CA 797 46.52 -10.44 150.58
N MET CA 798 47.13 -10.14 151.73
CA MET CA 798 46.40 -10.16 152.99
C MET CA 798 45.29 -9.12 152.99
N LEU CA 799 45.58 -7.91 152.47
CA LEU CA 799 44.55 -6.89 152.37
C LEU CA 799 43.44 -7.30 151.40
N LYS CA 800 43.81 -7.94 150.29
CA LYS CA 800 42.80 -8.42 149.35
C LYS CA 800 41.90 -9.45 150.00
N CYS CA 801 42.48 -10.36 150.79
CA CYS CA 801 41.67 -11.34 151.51
C CYS CA 801 40.94 -10.71 152.69
N ASN CA 802 41.59 -9.79 153.41
CA ASN CA 802 41.02 -9.15 154.59
C ASN CA 802 41.25 -7.64 154.45
N GLU CA 803 40.21 -6.94 153.96
CA GLU CA 803 40.33 -5.50 153.76
C GLU CA 803 40.54 -4.75 155.06
N GLU CA 804 39.82 -5.14 156.11
CA GLU CA 804 39.89 -4.47 157.40
C GLU CA 804 40.77 -5.27 158.35
N HIS CA 805 41.77 -4.60 158.93
CA HIS CA 805 42.70 -5.22 159.85
C HIS CA 805 43.12 -4.19 160.88
N PRO CA 806 43.26 -4.58 162.15
CA PRO CA 806 43.74 -3.64 163.17
C PRO CA 806 45.18 -3.20 162.89
N ALA CA 807 45.48 -1.97 163.31
CA ALA CA 807 46.82 -1.42 163.08
C ALA CA 807 47.89 -2.24 163.80
N TYR CA 808 47.62 -2.63 165.04
CA TYR CA 808 48.58 -3.42 165.80
C TYR CA 808 48.64 -4.85 165.26
N LEU CA 809 49.76 -5.51 165.53
CA LEU CA 809 50.00 -6.89 165.10
C LEU CA 809 50.10 -7.77 166.34
N ALA CA 810 49.26 -8.80 166.40
CA ALA CA 810 49.31 -9.75 167.50
C ALA CA 810 50.44 -10.74 167.31
N SER CA 811 50.76 -11.46 168.38
CA SER CA 811 51.88 -12.41 168.33
C SER CA 811 51.61 -13.54 167.34
N ASP CA 812 50.38 -14.07 167.34
CA ASP CA 812 50.07 -15.16 166.42
C ASP CA 812 50.12 -14.70 164.97
N GLU CA 813 49.67 -13.48 164.69
CA GLU CA 813 49.73 -12.95 163.34
C GLU CA 813 51.18 -12.82 162.87
N ILE CA 814 52.05 -12.30 163.74
CA ILE CA 814 53.47 -12.16 163.40
C ILE CA 814 54.09 -13.54 163.17
N THR CA 815 53.76 -14.50 164.02
CA THR CA 815 54.29 -15.85 163.85
C THR CA 815 53.84 -16.46 162.54
N THR CA 816 52.56 -16.30 162.19
CA THR CA 816 52.05 -16.82 160.93
C THR CA 816 52.73 -16.17 159.74
N VAL CA 817 52.91 -14.84 159.79
CA VAL CA 817 53.58 -14.14 158.69
C VAL CA 817 55.02 -14.61 158.54
N ARG CA 818 55.72 -14.78 159.67
CA ARG CA 818 57.11 -15.24 159.62
C ARG CA 818 57.19 -16.65 159.07
N LYS CA 819 56.26 -17.53 159.46
CA LYS CA 819 56.25 -18.89 158.93
C LYS CA 819 55.97 -18.90 157.43
N ASN CA 820 55.04 -18.06 156.98
CA ASN CA 820 54.76 -17.98 155.55
C ASN CA 820 55.98 -17.47 154.78
N LEU CA 821 56.68 -16.49 155.34
CA LEU CA 821 57.90 -16.00 154.68
C LEU CA 821 58.99 -17.06 154.64
N GLU CA 822 59.16 -17.80 155.74
CA GLU CA 822 60.20 -18.83 155.80
C GLU CA 822 59.83 -20.09 155.04
N SER CA 823 58.58 -20.25 154.65
CA SER CA 823 58.19 -21.41 153.84
C SER CA 823 58.95 -21.44 152.52
N ARG CA 824 59.11 -20.28 151.89
CA ARG CA 824 59.86 -20.18 150.64
C ARG CA 824 61.34 -19.87 150.88
N GLY CA 825 61.76 -19.71 152.13
CA GLY CA 825 63.16 -19.48 152.44
C GLY CA 825 63.53 -18.02 152.61
N VAL CA 826 62.66 -17.26 153.26
CA VAL CA 826 62.88 -15.84 153.52
C VAL CA 826 62.75 -15.61 155.02
N GLU CA 827 63.80 -15.07 155.63
CA GLU CA 827 63.81 -14.73 157.05
C GLU CA 827 63.89 -13.22 157.20
N VAL CA 828 62.91 -12.64 157.88
CA VAL CA 828 62.81 -11.19 158.03
C VAL CA 828 62.68 -10.88 159.52
N ASP CA 829 63.43 -9.87 159.98
CA ASP CA 829 63.35 -9.46 161.37
C ASP CA 829 61.96 -8.86 161.66
N PRO CA 830 61.48 -9.02 162.89
CA PRO CA 830 60.14 -8.49 163.23
C PRO CA 830 60.02 -6.98 163.06
N SER CA 831 61.11 -6.24 163.29
CA SER CA 831 61.05 -4.78 163.16
C SER CA 831 60.76 -4.38 161.71
N LEU CA 832 61.44 -5.02 160.76
CA LEU CA 832 61.18 -4.73 159.35
C LEU CA 832 59.77 -5.14 158.95
N ILE CA 833 59.28 -6.26 159.49
CA ILE CA 833 57.91 -6.68 159.20
C ILE CA 833 56.92 -5.63 159.70
N LYS CA 834 57.13 -5.13 160.92
CA LYS CA 834 56.25 -4.12 161.47
C LYS CA 834 56.31 -2.83 160.67
N ASP CA 835 57.51 -2.42 160.24
CA ASP CA 835 57.64 -1.20 159.44
C ASP CA 835 56.92 -1.34 158.10
N THR CA 836 57.11 -2.49 157.43
CA THR CA 836 56.43 -2.71 156.16
C THR CA 836 54.92 -2.76 156.35
N TRP CA 837 54.45 -3.37 157.43
CA TRP CA 837 53.01 -3.41 157.70
C TRP CA 837 52.47 -2.00 157.94
N HIS CA 838 53.22 -1.17 158.67
CA HIS CA 838 52.78 0.21 158.90
C HIS CA 838 52.71 0.99 157.59
N GLN CA 839 53.72 0.83 156.74
CA GLN CA 839 53.72 1.53 155.46
C GLN CA 839 52.56 1.07 154.58
N VAL CA 840 52.30 -0.24 154.54
CA VAL CA 840 51.20 -0.75 153.73
C VAL CA 840 49.86 -0.28 154.28
N TYR CA 841 49.74 -0.24 155.61
CA TYR CA 841 48.52 0.26 156.24
C TYR CA 841 48.29 1.73 155.88
N ARG CA 842 49.34 2.54 155.93
CA ARG CA 842 49.24 3.94 155.55
C ARG CA 842 48.84 4.09 154.09
N ARG CA 843 49.44 3.28 153.20
CA ARG CA 843 49.10 3.34 151.79
C ARG CA 843 47.64 2.95 151.56
N HIS CA 844 47.18 1.91 152.25
CA HIS CA 844 45.79 1.47 152.10
C HIS CA 844 44.82 2.55 152.55
N PHE CA 845 45.12 3.20 153.67
CA PHE CA 845 44.24 4.27 154.13
C PHE CA 845 44.34 5.51 153.24
N LEU CA 846 45.50 5.76 152.62
CA LEU CA 846 45.58 6.84 151.65
C LEU CA 846 44.69 6.55 150.44
N LYS CA 847 44.72 5.30 149.96
CA LYS CA 847 43.83 4.92 148.85
C LYS CA 847 42.36 5.03 149.25
N THR CA 848 42.04 4.62 150.48
CA THR CA 848 40.67 4.74 150.96
C THR CA 848 40.24 6.20 151.04
N ALA CA 849 41.14 7.08 151.50
CA ALA CA 849 40.83 8.51 151.55
C ALA CA 849 40.64 9.07 150.15
N LEU CA 850 41.45 8.62 149.19
CA LEU CA 850 41.26 9.07 147.80
C LEU CA 850 39.92 8.63 147.25
N ASN CA 851 39.52 7.39 147.52
CA ASN CA 851 38.19 6.92 147.10
C ASN CA 851 37.08 7.72 147.78
N HIS CA 852 37.26 8.05 149.06
CA HIS CA 852 36.27 8.85 149.76
C HIS CA 852 36.16 10.24 149.16
N CYS CA 853 37.30 10.83 148.76
CA CYS CA 853 37.27 12.12 148.09
C CYS CA 853 36.55 12.03 146.74
N ASN CA 854 36.81 10.96 145.99
CA ASN CA 854 36.12 10.77 144.72
C ASN CA 854 34.61 10.66 144.92
N LEU CA 855 34.20 9.93 145.96
CA LEU CA 855 32.77 9.82 146.26
C LEU CA 855 32.19 11.17 146.68
N CYS CA 856 32.90 11.90 147.55
CA CYS CA 856 32.41 13.19 148.02
C CYS CA 856 32.38 14.25 146.91
N ARG CA 857 33.14 14.05 145.84
CA ARG CA 857 33.08 14.97 144.71
C ARG CA 857 31.70 15.01 144.08
N ARG CA 858 30.90 13.94 144.24
CA ARG CA 858 29.54 13.89 143.67
C ARG CA 858 28.52 13.80 144.80
N GLY CA 859 28.97 13.52 146.02
CA GLY CA 859 28.09 13.38 147.16
C GLY CA 859 27.62 14.65 147.81
N PHE CA 860 27.79 15.80 147.15
CA PHE CA 860 27.31 17.06 147.71
C PHE CA 860 25.79 17.08 147.87
N TYR CA 861 25.07 16.34 147.03
CA TYR CA 861 23.61 16.26 147.20
C TYR CA 861 23.25 15.62 148.53
N TYR CA 862 23.93 14.51 148.88
CA TYR CA 862 23.71 13.90 150.20
C TYR CA 862 24.20 14.80 151.32
N TYR CA 863 25.36 15.44 151.12
CA TYR CA 863 25.94 16.26 152.19
C TYR CA 863 25.06 17.45 152.54
N GLN CA 864 24.52 18.13 151.52
CA GLN CA 864 23.77 19.35 151.77
C GLN CA 864 22.49 19.08 152.56
N ARG CA 865 21.78 18.01 152.22
CA ARG CA 865 20.51 17.72 152.85
C ARG CA 865 20.61 16.80 154.06
N HIS CA 866 21.70 16.02 154.17
CA HIS CA 866 21.91 15.11 155.29
C HIS CA 866 20.74 14.13 155.44
N PHE CA 867 20.58 13.28 154.42
CA PHE CA 867 19.53 12.30 154.43
C PHE CA 867 19.72 11.28 155.55
N VAL CA 868 18.60 10.74 156.03
CA VAL CA 868 18.65 9.75 157.11
C VAL CA 868 19.41 8.50 156.64
N ASP CA 869 19.08 8.01 155.45
CA ASP CA 869 19.77 6.86 154.87
C ASP CA 869 20.94 7.29 153.99
N SER CA 870 21.82 8.10 154.56
CA SER CA 870 22.96 8.61 153.80
C SER CA 870 23.97 7.49 153.54
N GLU CA 871 24.38 7.35 152.28
CA GLU CA 871 25.37 6.37 151.89
C GLU CA 871 26.80 6.92 151.92
N LEU CA 872 26.98 8.17 152.34
CA LEU CA 872 28.30 8.79 152.35
C LEU CA 872 28.31 9.88 153.41
N GLU CA 873 29.31 9.87 154.28
CA GLU CA 873 29.47 10.87 155.33
C GLU CA 873 30.77 11.63 155.07
N CYS CA 874 30.65 12.80 154.45
CA CYS CA 874 31.80 13.64 154.13
C CYS CA 874 32.08 14.55 155.32
N ASN CA 875 33.09 14.19 156.11
CA ASN CA 875 33.51 14.98 157.26
C ASN CA 875 34.93 15.52 157.14
N ASP CA 876 35.81 14.82 156.41
CA ASP CA 876 37.18 15.30 156.24
C ASP CA 876 37.20 16.62 155.48
N VAL CA 877 36.34 16.77 154.49
CA VAL CA 877 36.29 18.02 153.72
C VAL CA 877 35.91 19.18 154.64
N VAL CA 878 34.89 18.98 155.48
CA VAL CA 878 34.45 20.03 156.40
C VAL CA 878 35.56 20.34 157.41
N LEU CA 879 36.22 19.32 157.93
CA LEU CA 879 37.30 19.54 158.89
C LEU CA 879 38.44 20.33 158.26
N PHE CA 880 38.82 19.98 157.04
CA PHE CA 880 39.91 20.68 156.36
C PHE CA 880 39.52 22.12 156.05
N TRP CA 881 38.26 22.35 155.67
CA TRP CA 881 37.81 23.72 155.44
C TRP CA 881 37.83 24.54 156.73
N ARG CA 882 37.40 23.93 157.84
CA ARG CA 882 37.47 24.61 159.12
C ARG CA 882 38.90 24.95 159.50
N ILE CA 883 39.83 24.01 159.29
CA ILE CA 883 41.23 24.27 159.57
C ILE CA 883 41.75 25.41 158.70
N GLN CA 884 41.38 25.41 157.42
CA GLN CA 884 41.84 26.45 156.50
C GLN CA 884 41.33 27.83 156.92
N ARG CA 885 40.05 27.92 157.27
CA ARG CA 885 39.50 29.23 157.66
C ARG CA 885 40.08 29.69 159.00
N MET CA 886 40.28 28.77 159.93
CA MET CA 886 40.91 29.13 161.20
C MET CA 886 42.34 29.63 160.98
N LEU CA 887 43.09 28.95 160.09
CA LEU CA 887 44.45 29.39 159.77
C LEU CA 887 44.43 30.76 159.12
N ALA CA 888 43.48 31.01 158.22
CA ALA CA 888 43.38 32.32 157.59
C ALA CA 888 43.09 33.41 158.61
N ILE CA 889 42.17 33.13 159.55
CA ILE CA 889 41.85 34.11 160.59
C ILE CA 889 43.07 34.37 161.46
N THR CA 890 43.79 33.31 161.84
CA THR CA 890 44.98 33.47 162.65
C THR CA 890 46.05 34.27 161.93
N ALA CA 891 46.24 34.02 160.63
CA ALA CA 891 47.22 34.76 159.86
C ALA CA 891 46.84 36.23 159.74
N ASN CA 892 45.56 36.51 159.53
CA ASN CA 892 45.11 37.90 159.46
C ASN CA 892 45.33 38.62 160.79
N THR CA 893 45.01 37.95 161.90
CA THR CA 893 45.23 38.54 163.21
C THR CA 893 46.72 38.79 163.46
N LEU CA 894 47.56 37.83 163.08
CA LEU CA 894 49.00 37.99 163.25
C LEU CA 894 49.52 39.16 162.43
N ARG CA 895 49.06 39.29 161.18
CA ARG CA 895 49.48 40.40 160.34
C ARG CA 895 49.04 41.74 160.93
N GLN CA 896 47.80 41.81 161.42
CA GLN CA 896 47.29 43.05 162.01
C GLN CA 896 48.10 43.43 163.24
N GLN CA 897 48.34 42.48 164.14
CA GLN CA 897 49.11 42.77 165.34
C GLN CA 897 50.55 43.16 165.00
N LEU CA 898 51.14 42.49 164.01
CA LEU CA 898 52.48 42.84 163.57
C LEU CA 898 52.54 44.28 163.08
N THR CA 899 51.63 44.63 162.14
CA THR CA 899 51.59 45.99 161.63
C THR CA 899 51.34 47.01 162.74
N ASN CA 900 50.56 46.63 163.76
CA ASN CA 900 50.25 47.57 164.84
C ASN CA 900 51.46 47.80 165.74
N THR CA 901 52.18 46.75 166.12
CA THR CA 901 53.19 46.86 167.16
C THR CA 901 54.61 46.59 166.68
N GLU CA 902 54.83 45.48 165.97
CA GLU CA 902 56.19 45.06 165.67
C GLU CA 902 56.84 45.94 164.62
N VAL CA 903 56.06 46.50 163.69
CA VAL CA 903 56.62 47.43 162.72
C VAL CA 903 57.15 48.68 163.42
N ARG CA 904 56.38 49.21 164.37
CA ARG CA 904 56.83 50.36 165.14
C ARG CA 904 58.04 50.01 165.99
N ARG CA 905 58.05 48.81 166.60
CA ARG CA 905 59.20 48.40 167.39
C ARG CA 905 60.46 48.30 166.54
N LEU CA 906 60.34 47.71 165.36
CA LEU CA 906 61.49 47.58 164.46
C LEU CA 906 61.96 48.96 163.99
N GLU CA 907 61.02 49.87 163.71
CA GLU CA 907 61.40 51.22 163.33
C GLU CA 907 62.16 51.91 164.46
N LYS CA 908 61.69 51.74 165.70
CA LYS CA 908 62.38 52.34 166.84
C LYS CA 908 63.78 51.76 167.01
N ASN CA 909 63.92 50.44 166.86
CA ASN CA 909 65.23 49.82 166.97
C ASN CA 909 66.17 50.31 165.87
N VAL CA 910 65.66 50.43 164.65
CA VAL CA 910 66.48 50.93 163.54
C VAL CA 910 66.91 52.37 163.81
N LYS CA 911 65.99 53.19 164.31
CA LYS CA 911 66.34 54.58 164.63
C LYS CA 911 67.41 54.64 165.72
N GLU CA 912 67.28 53.81 166.75
CA GLU CA 912 68.27 53.79 167.82
C GLU CA 912 69.64 53.36 167.29
N VAL CA 913 69.66 52.32 166.45
CA VAL CA 913 70.92 51.85 165.88
C VAL CA 913 71.56 52.93 165.02
N LEU CA 914 70.75 53.61 164.19
CA LEU CA 914 71.28 54.67 163.33
C LEU CA 914 71.82 55.83 164.17
N GLU CA 915 71.11 56.20 165.24
CA GLU CA 915 71.60 57.27 166.10
C GLU CA 915 72.90 56.88 166.79
N ASP CA 916 73.00 55.63 167.26
CA ASP CA 916 74.23 55.17 167.88
C ASP CA 916 75.39 55.18 166.89
N PHE CA 917 75.14 54.76 165.65
CA PHE CA 917 76.19 54.79 164.63
C PHE CA 917 76.61 56.22 164.31
N ALA CA 918 75.64 57.12 164.20
CA ALA CA 918 75.96 58.51 163.88
C ALA CA 918 76.75 59.17 164.99
N GLU CA 919 76.40 58.90 166.24
CA GLU CA 919 77.08 59.50 167.38
C GLU CA 919 78.43 58.84 167.68
N ASP CA 920 78.89 57.93 166.82
CA ASP CA 920 80.18 57.24 167.02
C ASP CA 920 80.86 57.12 165.65
N GLY CA 921 81.74 58.08 165.35
CA GLY CA 921 82.48 58.02 164.10
C GLY CA 921 83.55 56.95 164.07
N GLU CA 922 84.02 56.51 165.23
CA GLU CA 922 84.99 55.43 165.28
C GLU CA 922 84.40 54.14 164.73
N LYS CA 923 83.13 53.88 165.04
CA LYS CA 923 82.46 52.70 164.49
C LYS CA 923 82.35 52.80 162.97
N LYS CA 924 82.05 54.00 162.46
CA LYS CA 924 82.00 54.19 161.02
C LYS CA 924 83.35 53.95 160.37
N ILE CA 925 84.42 54.43 161.00
CA ILE CA 925 85.77 54.20 160.48
C ILE CA 925 86.10 52.72 160.48
N LYS CA 926 85.76 52.02 161.56
CA LYS CA 926 86.06 50.59 161.67
C LYS CA 926 85.28 49.79 160.62
N LEU CA 927 84.02 50.14 160.39
CA LEU CA 927 83.18 49.38 159.48
C LEU CA 927 83.36 49.81 158.02
N LEU CA 928 83.21 51.12 157.75
CA LEU CA 928 83.32 51.63 156.38
C LEU CA 928 84.80 51.70 156.00
N THR CA 929 85.35 50.53 155.64
CA THR CA 929 86.73 50.41 155.20
C THR CA 929 86.84 50.13 153.70
N GLY CA 930 85.79 50.49 152.95
CA GLY CA 930 85.81 50.27 151.52
C GLY CA 930 86.81 51.18 150.81
N LYS CA 931 87.12 50.79 149.57
CA LYS CA 931 88.06 51.58 148.78
C LYS CA 931 87.53 52.98 148.50
N ARG CA 932 86.25 53.09 148.18
CA ARG CA 932 85.66 54.40 147.91
C ARG CA 932 85.70 55.30 149.13
N VAL CA 933 85.38 54.74 150.31
CA VAL CA 933 85.38 55.54 151.54
C VAL CA 933 86.78 56.05 151.84
N GLN CA 934 87.77 55.15 151.75
CA GLN CA 934 89.15 55.54 152.03
C GLN CA 934 89.65 56.58 151.04
N LEU CA 935 89.33 56.40 149.76
CA LEU CA 935 89.76 57.37 148.75
C LEU CA 935 89.12 58.73 148.98
N ALA CA 936 87.82 58.75 149.32
CA ALA CA 936 87.16 60.02 149.59
C ALA CA 936 87.75 60.70 150.82
N GLU CA 937 88.03 59.92 151.87
CA GLU CA 937 88.64 60.49 153.07
C GLU CA 937 90.02 61.07 152.77
N ASP CA 938 90.83 60.34 151.99
CA ASP CA 938 92.15 60.84 151.63
C ASP CA 938 92.05 62.11 150.79
N LEU CA 939 91.12 62.15 149.85
CA LEU CA 939 90.95 63.34 149.03
C LEU CA 939 90.53 64.54 149.87
N LYS CA 940 89.59 64.32 150.81
CA LYS CA 940 89.15 65.41 151.68
C LYS CA 940 90.29 65.90 152.56
N LYS CA 941 91.08 64.97 153.11
CA LYS CA 941 92.20 65.38 153.95
C LYS CA 941 93.25 66.15 153.15
N VAL CA 942 93.52 65.71 151.92
CA VAL CA 942 94.47 66.42 151.07
C VAL CA 942 93.96 67.82 150.74
N ARG CA 943 92.67 67.94 150.43
CA ARG CA 943 92.10 69.25 150.14
C ARG CA 943 92.18 70.16 151.36
N GLU CA 944 91.88 69.64 152.54
CA GLU CA 944 91.98 70.45 153.76
C GLU CA 944 93.41 70.89 154.02
N ILE CA 945 94.37 69.98 153.83
CA ILE CA 945 95.78 70.32 154.03
C ILE CA 945 96.21 71.40 153.05
N GLN CA 946 95.81 71.28 151.79
CA GLN CA 946 96.16 72.28 150.79
C GLN CA 946 95.52 73.63 151.11
N GLU CA 947 94.27 73.63 151.58
CA GLU CA 947 93.63 74.88 151.97
C GLU CA 947 94.35 75.54 153.15
N LYS CA 948 94.74 74.72 154.14
CA LYS CA 948 95.50 75.27 155.27
C LYS CA 948 96.83 75.83 154.83
N LEU CA 949 97.51 75.15 153.91
CA LEU CA 949 98.80 75.65 153.41
C LEU CA 949 98.62 76.94 152.62
N ASP CA 950 97.54 77.04 151.83
CA ASP CA 950 97.25 78.27 151.11
C ASP CA 950 96.98 79.41 152.07
N ALA CA 951 96.23 79.14 153.15
CA ALA CA 951 95.99 80.17 154.17
C ALA CA 951 97.30 80.59 154.83
N PHE CA 952 98.17 79.63 155.11
CA PHE CA 952 99.49 79.96 155.67
C PHE CA 952 100.30 80.84 154.72
N ILE CA 953 100.28 80.51 153.43
CA ILE CA 953 101.02 81.29 152.45
C ILE CA 953 100.46 82.70 152.37
N GLU CA 954 99.14 82.84 152.36
CA GLU CA 954 98.51 84.16 152.32
C GLU CA 954 98.85 84.98 153.55
N ALA CA 955 98.81 84.34 154.73
CA ALA CA 955 99.15 85.06 155.96
C ALA CA 955 100.61 85.50 155.96
N LEU CA 956 101.51 84.62 155.50
CA LEU CA 956 102.92 84.98 155.43
C LEU CA 956 103.16 86.14 154.47
N HIS CA 957 102.47 86.12 153.32
CA HIS CA 957 102.62 87.21 152.36
C HIS CA 957 102.07 88.52 152.91
N GLN CA 958 100.93 88.46 153.60
CA GLN CA 958 100.35 89.67 154.18
C GLN CA 958 101.23 90.24 155.29
N GLU CA 959 101.77 89.38 156.16
CA GLU CA 959 102.61 89.85 157.26
C GLU CA 959 103.89 90.49 156.74
N LYS CA 960 104.48 89.89 155.69
CA LYS CA 960 105.72 90.44 155.09
C LYS CA 960 105.33 91.40 153.95
N SER DA 263 156.09 118.91 90.33
CA SER DA 263 155.68 118.97 88.93
C SER DA 263 155.73 117.57 88.29
N LEU DA 264 156.59 117.41 87.29
CA LEU DA 264 156.72 116.12 86.62
C LEU DA 264 157.27 115.06 87.57
N ILE DA 265 158.25 115.43 88.40
CA ILE DA 265 158.86 114.46 89.31
C ILE DA 265 157.86 114.01 90.37
N ASP DA 266 157.04 114.93 90.88
CA ASP DA 266 156.04 114.55 91.88
C ASP DA 266 155.01 113.61 91.28
N MET DA 267 154.54 113.89 90.06
CA MET DA 267 153.57 113.01 89.42
C MET DA 267 154.18 111.65 89.12
N TYR DA 268 155.45 111.62 88.69
CA TYR DA 268 156.12 110.35 88.46
C TYR DA 268 156.25 109.54 89.75
N SER DA 269 156.58 110.22 90.85
CA SER DA 269 156.65 109.52 92.14
C SER DA 269 155.29 108.99 92.55
N GLU DA 270 154.22 109.76 92.32
CA GLU DA 270 152.88 109.28 92.62
C GLU DA 270 152.52 108.07 91.77
N VAL DA 271 152.90 108.08 90.49
CA VAL DA 271 152.64 106.95 89.61
C VAL DA 271 153.39 105.71 90.10
N LEU DA 272 154.65 105.90 90.50
CA LEU DA 272 155.43 104.78 91.03
C LEU DA 272 154.81 104.24 92.31
N ASP DA 273 154.33 105.12 93.18
CA ASP DA 273 153.67 104.68 94.40
C ASP DA 273 152.40 103.89 94.09
N VAL DA 274 151.62 104.34 93.11
CA VAL DA 274 150.42 103.62 92.72
C VAL DA 274 150.77 102.25 92.17
N LEU DA 275 151.84 102.18 91.34
CA LEU DA 275 152.27 100.90 90.80
C LEU DA 275 152.72 99.96 91.91
N SER DA 276 153.45 100.49 92.90
CA SER DA 276 153.88 99.65 94.03
C SER DA 276 152.69 99.16 94.84
N ASP DA 277 151.71 100.02 95.07
CA ASP DA 277 150.52 99.64 95.82
C ASP DA 277 149.56 98.77 95.01
N TYR DA 278 149.78 98.64 93.71
CA TYR DA 278 148.91 97.79 92.88
C TYR DA 278 148.95 96.35 93.33
N ASP DA 279 150.14 95.82 93.61
CA ASP DA 279 150.28 94.44 94.06
C ASP DA 279 151.59 94.29 94.83
N ALA DA 280 151.63 93.30 95.71
CA ALA DA 280 152.85 93.02 96.46
C ALA DA 280 153.91 92.33 95.61
N SER DA 281 153.52 91.73 94.49
CA SER DA 281 154.46 91.07 93.60
C SER DA 281 155.08 92.11 92.66
N TYR DA 282 155.79 91.64 91.64
CA TYR DA 282 156.46 92.50 90.67
C TYR DA 282 156.02 92.08 89.28
N ASN DA 283 154.91 92.64 88.81
CA ASN DA 283 154.39 92.39 87.48
C ASN DA 283 154.45 93.61 86.59
N THR DA 284 153.84 94.73 87.02
CA THR DA 284 153.89 95.98 86.28
C THR DA 284 154.87 96.98 86.88
N GLN DA 285 155.46 96.67 88.04
CA GLN DA 285 156.42 97.56 88.67
C GLN DA 285 157.78 97.58 87.96
N ASP DA 286 158.05 96.58 87.13
CA ASP DA 286 159.31 96.48 86.41
C ASP DA 286 159.27 97.17 85.04
N HIS DA 287 158.16 97.85 84.72
CA HIS DA 287 158.06 98.54 83.44
C HIS DA 287 158.79 99.89 83.48
N LEU DA 288 158.38 100.76 84.41
CA LEU DA 288 159.04 102.05 84.53
C LEU DA 288 160.41 101.88 85.18
N PRO DA 289 161.41 102.64 84.72
CA PRO DA 289 162.75 102.55 85.35
C PRO DA 289 162.70 103.00 86.80
N ARG DA 290 163.50 102.35 87.63
CA ARG DA 290 163.60 102.67 89.05
C ARG DA 290 165.06 102.58 89.47
N VAL DA 291 165.63 103.70 89.91
CA VAL DA 291 167.01 103.73 90.37
C VAL DA 291 167.04 103.11 91.76
N VAL DA 292 167.66 101.94 91.89
CA VAL DA 292 167.72 101.20 93.14
C VAL DA 292 169.16 101.20 93.63
N VAL DA 293 169.34 101.57 94.91
CA VAL DA 293 170.65 101.59 95.53
C VAL DA 293 170.78 100.36 96.42
N VAL DA 294 171.72 99.48 96.08
CA VAL DA 294 171.95 98.24 96.81
C VAL DA 294 173.38 98.22 97.29
N GLY DA 295 173.58 97.92 98.57
CA GLY DA 295 174.91 97.85 99.14
C GLY DA 295 175.13 96.60 99.96
N ASP DA 296 176.22 96.57 100.73
CA ASP DA 296 176.56 95.45 101.59
C ASP DA 296 176.28 95.79 103.04
N GLN DA 297 176.17 94.76 103.87
CA GLN DA 297 175.91 94.95 105.29
C GLN DA 297 177.14 95.53 105.97
N SER DA 298 176.91 96.58 106.77
CA SER DA 298 177.99 97.25 107.52
C SER DA 298 179.09 97.74 106.58
N ALA DA 299 178.68 98.22 105.40
CA ALA DA 299 179.61 98.72 104.39
C ALA DA 299 179.65 100.24 104.34
N GLY DA 300 179.03 100.92 105.29
CA GLY DA 300 179.02 102.36 105.29
C GLY DA 300 178.09 103.00 104.29
N LYS DA 301 177.17 102.23 103.71
CA LYS DA 301 176.25 102.80 102.71
C LYS DA 301 175.29 103.80 103.34
N THR DA 302 175.04 103.69 104.64
CA THR DA 302 174.16 104.64 105.31
C THR DA 302 174.72 106.06 105.26
N SER DA 303 176.02 106.20 105.50
CA SER DA 303 176.64 107.53 105.44
C SER DA 303 176.58 108.11 104.03
N VAL DA 304 176.82 107.28 103.02
CA VAL DA 304 176.75 107.76 101.63
C VAL DA 304 175.32 108.19 101.28
N LEU DA 305 174.33 107.39 101.70
CA LEU DA 305 172.94 107.76 101.44
C LEU DA 305 172.57 109.06 102.15
N GLU DA 306 173.03 109.23 103.39
CA GLU DA 306 172.76 110.47 104.11
C GLU DA 306 173.42 111.66 103.41
N MET DA 307 174.65 111.48 102.93
CA MET DA 307 175.33 112.57 102.22
C MET DA 307 174.66 112.89 100.89
N ILE DA 308 174.03 111.89 100.25
CA ILE DA 308 173.32 112.14 99.01
C ILE DA 308 172.15 113.09 99.26
N ALA DA 309 171.39 112.86 100.33
CA ALA DA 309 170.30 113.74 100.69
C ALA DA 309 170.75 114.93 101.54
N GLN DA 310 172.04 114.99 101.89
CA GLN DA 310 172.61 116.09 102.68
C GLN DA 310 171.92 116.19 104.05
N ALA DA 311 171.47 115.07 104.59
CA ALA DA 311 170.83 115.04 105.90
C ALA DA 311 170.87 113.63 106.45
N ARG DA 312 170.98 113.52 107.77
CA ARG DA 312 171.00 112.23 108.45
C ARG DA 312 169.56 111.80 108.70
N ILE DA 313 169.02 110.97 107.81
CA ILE DA 313 167.65 110.49 107.93
C ILE DA 313 167.56 108.99 108.17
N PHE DA 314 168.60 108.22 107.86
CA PHE DA 314 168.57 106.78 108.07
C PHE DA 314 169.16 106.46 109.43
N PRO DA 315 168.43 105.79 110.31
CA PRO DA 315 168.98 105.44 111.63
C PRO DA 315 170.17 104.50 111.50
N ARG DA 316 171.14 104.68 112.39
CA ARG DA 316 172.35 103.87 112.39
C ARG DA 316 172.12 102.54 113.11
N GLY DA 317 172.82 101.52 112.65
CA GLY DA 317 172.71 100.20 113.25
C GLY DA 317 174.05 99.58 113.57
N SER DA 318 174.22 99.15 114.83
CA SER DA 318 175.47 98.53 115.27
C SER DA 318 175.42 97.04 114.96
N GLY DA 319 175.61 96.71 113.69
CA GLY DA 319 175.61 95.34 113.22
C GLY DA 319 174.25 94.81 112.81
N GLU DA 320 173.21 95.17 113.56
CA GLU DA 320 171.87 94.71 113.24
C GLU DA 320 171.37 95.37 111.96
N MET DA 321 170.58 94.61 111.20
CA MET DA 321 170.03 95.10 109.93
C MET DA 321 168.76 95.89 110.24
N MET DA 322 168.94 97.20 110.43
CA MET DA 322 167.79 98.06 110.74
C MET DA 322 166.83 98.14 109.56
N THR DA 323 167.36 98.22 108.34
CA THR DA 323 166.53 98.33 107.14
C THR DA 323 166.06 96.93 106.75
N ARG DA 324 164.78 96.63 107.00
CA ARG DA 324 164.20 95.34 106.65
C ARG DA 324 163.11 95.44 105.59
N SER DA 325 162.76 96.64 105.15
CA SER DA 325 161.75 96.85 104.13
C SER DA 325 162.27 97.83 103.09
N PRO DA 326 161.81 97.71 101.84
CA PRO DA 326 162.24 98.66 100.81
C PRO DA 326 161.84 100.09 101.17
N VAL DA 327 162.74 101.03 100.88
CA VAL DA 327 162.53 102.44 101.17
C VAL DA 327 162.67 103.22 99.86
N LYS DA 328 161.68 104.04 99.56
CA LYS DA 328 161.68 104.86 98.35
C LYS DA 328 162.04 106.29 98.73
N VAL DA 329 163.09 106.81 98.11
CA VAL DA 329 163.54 108.19 98.33
C VAL DA 329 163.37 108.94 97.02
N THR DA 330 162.48 109.94 97.02
CA THR DA 330 162.21 110.75 95.84
C THR DA 330 162.91 112.09 96.00
N LEU DA 331 163.91 112.34 95.17
CA LEU DA 331 164.65 113.60 95.22
C LEU DA 331 163.94 114.64 94.38
N SER DA 332 163.64 115.79 94.98
CA SER DA 332 162.94 116.87 94.30
C SER DA 332 163.27 118.17 95.03
N GLU DA 333 162.69 119.26 94.54
CA GLU DA 333 162.89 120.59 95.12
C GLU DA 333 161.54 121.19 95.47
N GLY DA 334 161.42 121.70 96.69
CA GLY DA 334 160.19 122.30 97.16
C GLY DA 334 160.43 123.64 97.83
N PRO DA 335 159.36 124.21 98.41
CA PRO DA 335 159.52 125.49 99.12
C PRO DA 335 160.48 125.43 100.29
N HIS DA 336 160.56 124.29 100.98
CA HIS DA 336 161.43 124.12 102.12
C HIS DA 336 162.15 122.78 102.02
N HIS DA 337 163.32 122.71 102.66
CA HIS DA 337 164.13 121.49 102.68
C HIS DA 337 163.59 120.55 103.74
N VAL DA 338 162.41 120.00 103.47
CA VAL DA 338 161.72 119.10 104.39
C VAL DA 338 161.42 117.79 103.65
N ALA DA 339 160.99 116.80 104.43
CA ALA DA 339 160.62 115.49 103.90
C ALA DA 339 159.17 115.19 104.25
N LEU DA 340 158.41 114.73 103.26
CA LEU DA 340 156.99 114.43 103.43
C LEU DA 340 156.69 113.07 102.85
N PHE DA 341 155.93 112.26 103.59
CA PHE DA 341 155.54 110.95 103.12
C PHE DA 341 154.29 111.04 102.24
N LYS DA 342 154.00 109.95 101.54
CA LYS DA 342 152.82 109.90 100.68
C LYS DA 342 151.53 109.98 101.51
N ASP DA 343 151.48 109.27 102.64
CA ASP DA 343 150.30 109.21 103.49
C ASP DA 343 150.46 110.01 104.78
N SER DA 344 151.32 111.04 104.77
CA SER DA 344 151.54 111.86 105.94
C SER DA 344 151.41 113.33 105.57
N SER DA 345 151.12 114.15 106.58
CA SER DA 345 150.97 115.59 106.38
C SER DA 345 152.01 116.41 107.14
N ARG DA 346 152.82 115.79 107.98
CA ARG DA 346 153.84 116.52 108.74
C ARG DA 346 155.12 116.61 107.92
N GLU DA 347 155.63 117.83 107.76
CA GLU DA 347 156.85 118.08 106.99
C GLU DA 347 158.05 117.92 107.92
N PHE DA 348 158.75 116.80 107.79
CA PHE DA 348 159.92 116.53 108.61
C PHE DA 348 161.11 117.31 108.06
N ASP DA 349 161.52 118.35 108.77
CA ASP DA 349 162.65 119.17 108.34
C ASP DA 349 163.94 118.37 108.39
N LEU DA 350 164.83 118.65 107.44
CA LEU DA 350 166.10 117.95 107.32
C LEU DA 350 167.26 118.74 107.94
N THR DA 351 166.97 119.82 108.65
CA THR DA 351 167.99 120.66 109.26
C THR DA 351 168.01 120.55 110.78
N LYS DA 352 166.87 120.75 111.43
CA LYS DA 352 166.82 120.68 112.89
C LYS DA 352 167.04 119.26 113.37
N GLU DA 353 167.78 119.13 114.49
CA GLU DA 353 168.07 117.81 115.03
C GLU DA 353 166.80 117.13 115.52
N GLU DA 354 165.89 117.88 116.16
CA GLU DA 354 164.65 117.29 116.65
C GLU DA 354 163.80 116.75 115.50
N ASP DA 355 163.71 117.51 114.41
CA ASP DA 355 162.95 117.04 113.25
C ASP DA 355 163.58 115.80 112.63
N LEU DA 356 164.90 115.77 112.55
CA LEU DA 356 165.59 114.57 112.04
C LEU DA 356 165.33 113.36 112.93
N ALA DA 357 165.37 113.55 114.25
CA ALA DA 357 165.08 112.46 115.16
C ALA DA 357 163.65 111.97 115.01
N ALA DA 358 162.70 112.90 114.86
CA ALA DA 358 161.30 112.51 114.64
C ALA DA 358 161.14 111.75 113.34
N LEU DA 359 161.83 112.19 112.28
CA LEU DA 359 161.77 111.48 111.01
C LEU DA 359 162.34 110.07 111.13
N ARG DA 360 163.46 109.93 111.83
CA ARG DA 360 164.05 108.61 112.03
C ARG DA 360 163.12 107.70 112.84
N HIS DA 361 162.48 108.26 113.87
CA HIS DA 361 161.53 107.48 114.66
C HIS DA 361 160.34 107.04 113.83
N GLU DA 362 159.84 107.94 112.97
CA GLU DA 362 158.72 107.58 112.10
C GLU DA 362 159.13 106.49 111.11
N ILE DA 363 160.34 106.58 110.55
CA ILE DA 363 160.83 105.56 109.63
C ILE DA 363 160.96 104.22 110.34
N GLU DA 364 161.49 104.23 111.56
CA GLU DA 364 161.61 102.99 112.33
C GLU DA 364 160.25 102.39 112.64
N LEU DA 365 159.27 103.23 113.00
CA LEU DA 365 157.93 102.75 113.27
C LEU DA 365 157.29 102.14 112.03
N ARG DA 366 157.48 102.79 110.87
CA ARG DA 366 156.96 102.25 109.62
C ARG DA 366 157.62 100.91 109.27
N MET DA 367 158.94 100.80 109.50
CA MET DA 367 159.63 99.54 109.25
C MET DA 367 159.11 98.44 110.16
N ARG DA 368 158.89 98.76 111.45
CA ARG DA 368 158.39 97.76 112.38
C ARG DA 368 156.98 97.34 112.04
N LYS DA 369 156.14 98.28 111.62
CA LYS DA 369 154.75 97.96 111.26
C LYS DA 369 154.69 97.01 110.07
N ASN DA 370 155.53 97.25 109.05
CA ASN DA 370 155.52 96.39 107.87
C ASN DA 370 156.00 94.98 108.23
N VAL DA 371 157.05 94.88 109.04
CA VAL DA 371 157.60 93.57 109.39
C VAL DA 371 156.65 92.87 110.37
N LYS DA 372 156.29 91.63 110.05
CA LYS DA 372 155.41 90.86 110.91
C LYS DA 372 156.13 90.46 112.19
N GLU DA 373 155.34 90.18 113.23
CA GLU DA 373 155.87 89.78 114.53
C GLU DA 373 156.34 88.33 114.43
N GLY DA 374 157.59 88.16 114.01
CA GLY DA 374 158.16 86.83 113.85
C GLY DA 374 158.95 86.69 112.57
N CYS DA 375 158.69 87.57 111.60
CA CYS DA 375 159.38 87.56 110.32
C CYS DA 375 160.54 88.55 110.34
N THR DA 376 161.31 88.54 109.25
CA THR DA 376 162.46 89.41 109.10
C THR DA 376 162.33 90.37 107.92
N VAL DA 377 161.93 89.87 106.75
CA VAL DA 377 161.79 90.68 105.55
C VAL DA 377 160.31 90.77 105.21
N SER DA 378 159.83 92.00 105.00
CA SER DA 378 158.43 92.24 104.68
C SER DA 378 158.30 92.75 103.25
N PRO DA 379 157.39 92.19 102.46
CA PRO DA 379 157.22 92.67 101.07
C PRO DA 379 156.70 94.10 100.98
N GLU DA 380 156.11 94.63 102.05
CA GLU DA 380 155.58 95.99 102.01
C GLU DA 380 156.70 97.01 101.85
N THR DA 381 156.44 98.04 101.05
CA THR DA 381 157.41 99.08 100.78
C THR DA 381 157.02 100.37 101.48
N ILE DA 382 158.01 101.25 101.66
CA ILE DA 382 157.83 102.53 102.32
C ILE DA 382 158.16 103.63 101.31
N SER DA 383 157.23 104.58 101.15
CA SER DA 383 157.38 105.67 100.19
C SER DA 383 157.66 106.97 100.94
N LEU DA 384 158.71 107.68 100.51
CA LEU DA 384 159.09 108.94 101.12
C LEU DA 384 159.52 109.90 100.02
N ASN DA 385 159.04 111.14 100.12
CA ASN DA 385 159.38 112.20 99.17
C ASN DA 385 160.25 113.24 99.85
N VAL DA 386 161.38 113.57 99.22
CA VAL DA 386 162.33 114.54 99.75
C VAL DA 386 162.31 115.77 98.86
N LYS DA 387 162.11 116.94 99.47
CA LYS DA 387 162.07 118.20 98.75
C LYS DA 387 163.07 119.17 99.37
N GLY DA 388 163.56 120.09 98.54
CA GLY DA 388 164.50 121.09 98.98
C GLY DA 388 165.43 121.54 97.88
N PRO DA 389 165.96 122.76 97.99
CA PRO DA 389 166.87 123.27 96.97
C PRO DA 389 168.19 122.52 96.96
N GLY DA 390 168.83 122.50 95.80
CA GLY DA 390 170.10 121.84 95.63
C GLY DA 390 170.03 120.36 95.33
N LEU DA 391 168.83 119.79 95.24
CA LEU DA 391 168.66 118.37 94.94
C LEU DA 391 168.31 118.17 93.48
N GLN DA 392 168.44 116.93 93.03
CA GLN DA 392 168.14 116.55 91.65
C GLN DA 392 166.70 116.05 91.56
N ARG DA 393 166.31 115.54 90.40
CA ARG DA 393 164.98 115.02 90.15
C ARG DA 393 165.11 113.55 89.77
N MET DA 394 165.10 112.69 90.78
CA MET DA 394 165.23 111.25 90.58
C MET DA 394 164.63 110.53 91.78
N VAL DA 395 164.38 109.24 91.60
CA VAL DA 395 163.79 108.39 92.64
C VAL DA 395 164.83 107.35 93.03
N LEU DA 396 165.14 107.29 94.32
CA LEU DA 396 166.11 106.33 94.84
C LEU DA 396 165.39 105.27 95.68
N VAL DA 397 165.78 104.01 95.47
CA VAL DA 397 165.19 102.88 96.17
C VAL DA 397 166.25 102.25 97.06
N ASP DA 398 165.93 102.06 98.33
CA ASP DA 398 166.86 101.47 99.30
C ASP DA 398 166.42 100.05 99.61
N LEU DA 399 167.36 99.12 99.58
CA LEU DA 399 167.10 97.72 99.85
C LEU DA 399 168.08 97.20 100.89
N PRO DA 400 167.68 96.17 101.66
CA PRO DA 400 168.61 95.60 102.64
C PRO DA 400 169.82 94.98 101.96
N GLY DA 401 170.95 95.02 102.66
CA GLY DA 401 172.18 94.48 102.11
C GLY DA 401 172.14 92.97 101.94
N VAL DA 402 172.98 92.50 101.02
CA VAL DA 402 173.05 91.07 100.72
C VAL DA 402 173.83 90.37 101.83
N ILE DA 403 173.26 89.30 102.36
CA ILE DA 403 173.89 88.53 103.42
C ILE DA 403 174.24 87.14 102.89
N ASN DA 404 175.17 86.49 103.60
CA ASN DA 404 175.63 85.16 103.21
C ASN DA 404 175.26 84.10 104.24
N THR DA 405 175.51 84.35 105.51
CA THR DA 405 175.19 83.39 106.56
C THR DA 405 173.68 83.37 106.83
N VAL DA 406 173.23 82.30 107.48
CA VAL DA 406 171.83 82.11 107.82
C VAL DA 406 171.72 82.10 109.34
N THR DA 407 170.83 82.95 109.88
CA THR DA 407 170.63 83.04 111.31
C THR DA 407 169.69 81.96 111.78
N SER DA 408 170.10 81.20 112.81
CA SER DA 408 169.26 80.15 113.35
C SER DA 408 168.05 80.71 114.08
N GLY DA 409 168.18 81.91 114.66
CA GLY DA 409 167.10 82.53 115.38
C GLY DA 409 166.08 83.26 114.54
N MET DA 410 166.25 83.26 113.22
CA MET DA 410 165.34 83.92 112.29
C MET DA 410 164.85 82.92 111.25
N ALA DA 411 164.15 83.42 110.25
CA ALA DA 411 163.62 82.56 109.20
C ALA DA 411 164.76 82.00 108.36
N PRO DA 412 164.83 80.68 108.17
CA PRO DA 412 165.91 80.10 107.36
C PRO DA 412 165.89 80.54 105.90
N ASP DA 413 164.74 81.01 105.39
CA ASP DA 413 164.61 81.43 104.00
C ASP DA 413 164.77 82.94 103.85
N THR DA 414 165.32 83.62 104.85
CA THR DA 414 165.52 85.06 104.74
C THR DA 414 166.49 85.41 103.61
N LYS DA 415 167.58 84.66 103.51
CA LYS DA 415 168.55 84.90 102.44
C LYS DA 415 167.93 84.64 101.07
N GLU DA 416 167.15 83.56 100.95
CA GLU DA 416 166.47 83.27 99.69
C GLU DA 416 165.47 84.36 99.34
N THR DA 417 164.73 84.85 100.33
CA THR DA 417 163.78 85.94 100.07
C THR DA 417 164.50 87.20 99.62
N ILE DA 418 165.63 87.53 100.26
CA ILE DA 418 166.39 88.70 99.87
C ILE DA 418 166.92 88.55 98.46
N PHE DA 419 167.43 87.37 98.11
CA PHE DA 419 167.92 87.13 96.77
C PHE DA 419 166.80 87.24 95.73
N SER DA 420 165.62 86.70 96.05
CA SER DA 420 164.50 86.80 95.13
C SER DA 420 164.06 88.25 94.94
N ILE DA 421 164.03 89.03 96.03
CA ILE DA 421 163.67 90.44 95.92
C ILE DA 421 164.68 91.19 95.08
N SER DA 422 165.97 90.92 95.28
CA SER DA 422 167.00 91.57 94.48
C SER DA 422 166.89 91.21 93.01
N LYS DA 423 166.62 89.93 92.71
CA LYS DA 423 166.44 89.51 91.33
C LYS DA 423 165.23 90.20 90.70
N ALA DA 424 164.12 90.27 91.43
CA ALA DA 424 162.92 90.94 90.91
C ALA DA 424 163.19 92.42 90.65
N TYR DA 425 163.91 93.08 91.55
CA TYR DA 425 164.27 94.48 91.33
C TYR DA 425 165.17 94.65 90.12
N MET DA 426 166.13 93.74 89.95
CA MET DA 426 167.04 93.80 88.81
C MET DA 426 166.38 93.35 87.51
N GLN DA 427 165.18 92.77 87.56
CA GLN DA 427 164.50 92.34 86.35
C GLN DA 427 164.17 93.52 85.43
N ASN DA 428 164.12 94.73 85.96
CA ASN DA 428 163.86 95.91 85.14
C ASN DA 428 165.06 96.18 84.24
N PRO DA 429 164.90 96.18 82.92
CA PRO DA 429 166.05 96.45 82.03
C PRO DA 429 166.63 97.84 82.19
N ASN DA 430 165.87 98.80 82.72
CA ASN DA 430 166.31 100.18 82.86
C ASN DA 430 166.51 100.58 84.31
N ALA DA 431 166.68 99.60 85.21
CA ALA DA 431 166.89 99.90 86.62
C ALA DA 431 168.35 100.29 86.85
N ILE DA 432 168.56 101.54 87.25
CA ILE DA 432 169.90 102.03 87.53
C ILE DA 432 170.33 101.55 88.92
N ILE DA 433 171.48 100.91 89.00
CA ILE DA 433 171.99 100.35 90.25
C ILE DA 433 173.16 101.21 90.70
N LEU DA 434 173.09 101.72 91.93
CA LEU DA 434 174.13 102.55 92.53
C LEU DA 434 174.87 101.70 93.55
N CYS DA 435 176.07 101.24 93.18
CA CYS DA 435 176.88 100.40 94.05
C CYS DA 435 177.67 101.28 95.02
N ILE DA 436 177.61 100.92 96.30
CA ILE DA 436 178.32 101.64 97.36
C ILE DA 436 179.26 100.67 98.06
N GLN DA 437 180.52 101.06 98.18
CA GLN DA 437 181.54 100.24 98.82
C GLN DA 437 182.09 100.98 100.05
N ASP DA 438 183.12 100.41 100.66
CA ASP DA 438 183.75 100.97 101.83
C ASP DA 438 185.25 101.06 101.62
N GLY DA 439 185.91 101.86 102.46
CA GLY DA 439 187.36 102.00 102.35
C GLY DA 439 188.09 100.71 102.65
N SER DA 440 187.59 99.93 103.61
CA SER DA 440 188.20 98.66 103.96
C SER DA 440 187.73 97.50 103.11
N VAL DA 441 186.80 97.74 102.19
CA VAL DA 441 186.25 96.70 101.31
C VAL DA 441 186.77 96.95 99.90
N ASP DA 442 187.38 95.94 99.31
CA ASP DA 442 187.92 96.06 97.96
C ASP DA 442 186.79 95.98 96.94
N ALA DA 443 187.13 96.33 95.69
CA ALA DA 443 186.14 96.28 94.62
C ALA DA 443 185.65 94.87 94.37
N GLU DA 444 186.56 93.89 94.37
CA GLU DA 444 186.17 92.51 94.16
C GLU DA 444 185.44 91.92 95.37
N ARG DA 445 185.64 92.49 96.56
CA ARG DA 445 184.97 92.01 97.76
C ARG DA 445 183.51 92.47 97.84
N SER DA 446 183.09 93.39 96.99
CA SER DA 446 181.71 93.89 97.00
C SER DA 446 180.82 92.89 96.29
N ILE DA 447 179.86 92.33 97.01
CA ILE DA 447 178.94 91.36 96.41
C ILE DA 447 178.04 92.05 95.39
N VAL DA 448 177.62 93.28 95.68
CA VAL DA 448 176.74 94.01 94.76
C VAL DA 448 177.44 94.27 93.44
N THR DA 449 178.72 94.67 93.49
CA THR DA 449 179.47 94.93 92.26
C THR DA 449 179.63 93.66 91.43
N ASP DA 450 179.94 92.53 92.09
CA ASP DA 450 180.07 91.27 91.37
C ASP DA 450 178.75 90.85 90.75
N LEU DA 451 177.65 91.01 91.49
CA LEU DA 451 176.34 90.66 90.94
C LEU DA 451 175.98 91.54 89.74
N VAL DA 452 176.28 92.83 89.82
CA VAL DA 452 176.01 93.73 88.70
C VAL DA 452 176.84 93.34 87.49
N SER DA 453 178.12 93.02 87.72
CA SER DA 453 178.98 92.60 86.61
C SER DA 453 178.48 91.31 85.97
N GLN DA 454 178.05 90.36 86.79
CA GLN DA 454 177.53 89.10 86.25
C GLN DA 454 176.24 89.32 85.46
N MET DA 455 175.34 90.16 85.98
CA MET DA 455 174.08 90.42 85.29
C MET DA 455 174.26 91.35 84.11
N ASP DA 456 175.18 92.31 84.19
CA ASP DA 456 175.42 93.29 83.13
C ASP DA 456 176.90 93.32 82.81
N PRO DA 457 177.39 92.35 82.02
CA PRO DA 457 178.80 92.35 81.65
C PRO DA 457 179.22 93.59 80.88
N HIS DA 458 178.34 94.13 80.04
CA HIS DA 458 178.69 95.33 79.29
C HIS DA 458 178.75 96.57 80.18
N GLY DA 459 177.78 96.71 81.06
CA GLY DA 459 177.76 97.87 81.96
C GLY DA 459 177.58 99.20 81.27
N ARG DA 460 176.77 99.22 80.21
CA ARG DA 460 176.52 100.46 79.47
C ARG DA 460 175.59 101.41 80.19
N ARG DA 461 174.83 100.93 81.19
CA ARG DA 461 173.91 101.76 81.93
C ARG DA 461 174.27 101.90 83.41
N THR DA 462 175.24 101.13 83.90
CA THR DA 462 175.65 101.19 85.30
C THR DA 462 176.96 101.98 85.41
N ILE DA 463 176.96 102.95 86.31
CA ILE DA 463 178.13 103.82 86.53
C ILE DA 463 178.65 103.55 87.93
N PHE DA 464 179.93 103.21 88.03
CA PHE DA 464 180.55 102.92 89.31
C PHE DA 464 180.92 104.21 90.03
N VAL DA 465 180.57 104.29 91.32
CA VAL DA 465 180.88 105.44 92.16
C VAL DA 465 181.72 104.95 93.33
N LEU DA 466 182.86 105.59 93.54
CA LEU DA 466 183.79 105.23 94.61
C LEU DA 466 183.58 106.18 95.78
N THR DA 467 183.34 105.62 96.97
CA THR DA 467 183.10 106.38 98.17
C THR DA 467 184.15 106.05 99.23
N LYS DA 468 184.38 107.01 100.12
CA LYS DA 468 185.35 106.87 101.20
C LYS DA 468 186.75 106.56 100.65
N VAL DA 469 187.22 107.43 99.76
CA VAL DA 469 188.55 107.25 99.17
C VAL DA 469 189.64 107.43 100.22
N ASP DA 470 189.46 108.40 101.13
CA ASP DA 470 190.48 108.65 102.14
C ASP DA 470 190.68 107.46 103.07
N LEU DA 471 189.57 106.81 103.46
CA LEU DA 471 189.69 105.64 104.33
C LEU DA 471 190.44 104.50 103.64
N ALA DA 472 190.15 104.26 102.36
CA ALA DA 472 190.88 103.23 101.62
C ALA DA 472 192.35 103.60 101.48
N GLU DA 473 192.65 104.87 101.22
CA GLU DA 473 194.03 105.30 101.06
C GLU DA 473 194.81 105.14 102.36
N LYS DA 474 194.18 105.47 103.49
CA LYS DA 474 194.87 105.37 104.78
C LYS DA 474 195.14 103.92 105.19
N ASN DA 475 194.48 102.96 104.55
CA ASN DA 475 194.67 101.55 104.87
C ASN DA 475 195.77 100.93 104.01
N VAL DA 476 196.95 101.57 104.01
CA VAL DA 476 198.15 101.20 103.26
C VAL DA 476 197.81 100.53 101.93
N ALA DA 477 196.86 101.10 101.19
CA ALA DA 477 196.47 100.55 99.90
C ALA DA 477 197.46 100.97 98.83
N SER DA 478 197.44 100.23 97.72
CA SER DA 478 198.32 100.52 96.60
C SER DA 478 197.70 101.61 95.72
N PRO DA 479 198.39 102.72 95.49
CA PRO DA 479 197.82 103.77 94.63
C PRO DA 479 197.60 103.32 93.19
N SER DA 480 198.32 102.30 92.72
CA SER DA 480 198.11 101.81 91.36
C SER DA 480 196.71 101.23 91.19
N ARG DA 481 196.23 100.48 92.18
CA ARG DA 481 194.88 99.94 92.10
C ARG DA 481 193.84 101.04 92.07
N ILE DA 482 194.01 102.08 92.89
CA ILE DA 482 193.06 103.19 92.90
C ILE DA 482 193.08 103.91 91.56
N GLN DA 483 194.28 104.13 90.99
CA GLN DA 483 194.37 104.79 89.69
C GLN DA 483 193.70 103.95 88.61
N GLN DA 484 193.90 102.64 88.63
CA GLN DA 484 193.26 101.78 87.64
C GLN DA 484 191.75 101.79 87.79
N ILE DA 485 191.25 101.78 89.03
CA ILE DA 485 189.81 101.82 89.25
C ILE DA 485 189.22 103.13 88.74
N ILE DA 486 189.89 104.25 89.06
CA ILE DA 486 189.40 105.56 88.63
C ILE DA 486 189.47 105.66 87.10
N GLU DA 487 190.58 105.23 86.50
CA GLU DA 487 190.71 105.30 85.05
C GLU DA 487 189.85 104.24 84.35
N GLY DA 488 189.54 103.14 85.01
CA GLY DA 488 188.70 102.11 84.42
C GLY DA 488 189.48 101.06 83.67
N LYS DA 489 190.65 100.68 84.18
CA LYS DA 489 191.49 99.66 83.57
C LYS DA 489 191.35 98.31 84.26
N LEU DA 490 190.42 98.17 85.19
CA LEU DA 490 190.23 96.92 85.93
C LEU DA 490 188.83 96.35 85.78
N PHE DA 491 187.80 97.19 85.75
CA PHE DA 491 186.44 96.71 85.63
C PHE DA 491 186.16 96.29 84.19
N PRO DA 492 185.74 95.04 83.96
CA PRO DA 492 185.44 94.63 82.58
C PRO DA 492 184.31 95.42 81.93
N MET DA 493 183.33 95.87 82.72
CA MET DA 493 182.21 96.61 82.17
C MET DA 493 182.66 97.97 81.64
N LYS DA 494 182.00 98.41 80.57
CA LYS DA 494 182.31 99.69 79.93
C LYS DA 494 181.33 100.74 80.46
N ALA DA 495 181.61 101.22 81.66
CA ALA DA 495 180.77 102.24 82.28
C ALA DA 495 180.96 103.59 81.58
N LEU DA 496 179.93 104.43 81.70
CA LEU DA 496 179.99 105.76 81.10
C LEU DA 496 181.03 106.66 81.75
N GLY DA 497 181.44 106.36 82.97
CA GLY DA 497 182.45 107.15 83.65
C GLY DA 497 182.73 106.59 85.03
N TYR DA 498 183.74 107.17 85.66
CA TYR DA 498 184.14 106.76 87.01
C TYR DA 498 184.52 108.01 87.80
N PHE DA 499 183.90 108.18 88.97
CA PHE DA 499 184.16 109.32 89.82
C PHE DA 499 184.44 108.84 91.24
N ALA DA 500 185.41 109.46 91.89
CA ALA DA 500 185.80 109.11 93.25
C ALA DA 500 185.45 110.27 94.17
N VAL DA 501 184.68 109.99 95.23
CA VAL DA 501 184.26 110.99 96.18
C VAL DA 501 184.51 110.48 97.59
N VAL DA 502 184.54 111.40 98.55
CA VAL DA 502 184.75 111.10 99.95
C VAL DA 502 183.47 111.46 100.71
N THR DA 503 182.93 110.49 101.44
CA THR DA 503 181.70 110.68 102.21
C THR DA 503 181.99 110.63 103.71
N GLY DA 504 183.13 111.16 104.13
CA GLY DA 504 183.49 111.16 105.52
C GLY DA 504 184.07 109.83 105.98
N LYS DA 505 184.30 109.75 107.29
CA LYS DA 505 184.86 108.55 107.90
C LYS DA 505 183.80 107.49 108.20
N GLY DA 506 182.53 107.79 107.98
CA GLY DA 506 181.48 106.83 108.23
C GLY DA 506 181.06 106.71 109.68
N ASN DA 507 181.54 107.59 110.55
CA ASN DA 507 181.20 107.54 111.97
C ASN DA 507 179.84 108.20 112.19
N SER DA 508 179.42 108.30 113.45
CA SER DA 508 178.14 108.91 113.82
C SER DA 508 178.34 110.15 114.67
N SER DA 509 179.45 110.86 114.45
CA SER DA 509 179.72 112.08 115.22
C SER DA 509 180.17 113.23 114.33
N GLU DA 510 180.00 113.12 113.01
CA GLU DA 510 180.39 114.16 112.07
C GLU DA 510 179.13 114.72 111.41
N SER DA 511 178.98 116.04 111.45
CA SER DA 511 177.82 116.67 110.84
C SER DA 511 177.94 116.66 109.33
N ILE DA 512 176.80 116.90 108.66
CA ILE DA 512 176.78 116.91 107.20
C ILE DA 512 177.65 118.04 106.67
N GLU DA 513 177.58 119.22 107.28
CA GLU DA 513 178.38 120.35 106.84
C GLU DA 513 179.88 120.06 106.99
N ALA DA 514 180.27 119.44 108.11
CA ALA DA 514 181.67 119.11 108.33
C ALA DA 514 182.17 118.12 107.29
N ILE DA 515 181.36 117.10 106.98
CA ILE DA 515 181.75 116.12 105.97
C ILE DA 515 181.87 116.77 104.60
N ARG DA 516 180.92 117.66 104.27
CA ARG DA 516 180.99 118.36 102.98
C ARG DA 516 182.23 119.23 102.89
N GLU DA 517 182.57 119.94 103.98
CA GLU DA 517 183.76 120.77 103.98
C GLU DA 517 185.02 119.93 103.84
N TYR DA 518 185.07 118.78 104.53
CA TYR DA 518 186.21 117.89 104.41
C TYR DA 518 186.35 117.35 102.99
N GLU DA 519 185.23 116.99 102.37
CA GLU DA 519 185.28 116.51 100.98
C GLU DA 519 185.74 117.60 100.03
N GLU DA 520 185.27 118.83 100.23
CA GLU DA 520 185.72 119.94 99.40
C GLU DA 520 187.21 120.19 99.56
N GLU DA 521 187.69 120.15 100.81
CA GLU DA 521 189.12 120.34 101.06
C GLU DA 521 189.95 119.23 100.41
N PHE DA 522 189.47 117.99 100.50
CA PHE DA 522 190.18 116.87 99.87
C PHE DA 522 190.21 117.02 98.35
N PHE DA 523 189.09 117.45 97.76
CA PHE DA 523 189.06 117.67 96.31
C PHE DA 523 190.00 118.79 95.91
N GLN DA 524 190.04 119.88 96.68
CA GLN DA 524 190.94 120.98 96.37
C GLN DA 524 192.40 120.56 96.48
N ASN DA 525 192.75 119.83 97.53
CA ASN DA 525 194.11 119.36 97.76
C ASN DA 525 194.07 117.86 98.02
N SER DA 526 194.45 117.07 97.03
CA SER DA 526 194.45 115.62 97.11
C SER DA 526 195.85 115.08 96.87
N LYS DA 527 196.17 113.98 97.55
CA LYS DA 527 197.48 113.34 97.40
C LYS DA 527 197.63 112.60 96.07
N LEU DA 528 196.53 112.37 95.35
CA LEU DA 528 196.57 111.67 94.07
C LEU DA 528 196.48 112.61 92.88
N LEU DA 529 195.81 113.76 93.03
CA LEU DA 529 195.69 114.70 91.91
C LEU DA 529 197.03 115.37 91.61
N LYS DA 530 197.87 115.56 92.62
CA LYS DA 530 199.17 116.19 92.42
C LYS DA 530 200.17 115.29 91.73
N THR DA 531 199.88 114.00 91.60
CA THR DA 531 200.78 113.07 90.94
C THR DA 531 200.54 112.97 89.43
N SER DA 532 199.58 113.73 88.90
CA SER DA 532 199.26 113.73 87.48
C SER DA 532 198.90 112.33 86.99
N MET DA 533 198.17 111.58 87.81
CA MET DA 533 197.74 110.23 87.48
C MET DA 533 196.22 110.10 87.33
N LEU DA 534 195.47 111.19 87.53
CA LEU DA 534 194.03 111.18 87.42
C LEU DA 534 193.58 112.25 86.45
N LYS DA 535 192.50 111.94 85.71
CA LYS DA 535 191.97 112.88 84.73
C LYS DA 535 191.38 114.10 85.42
N ALA DA 536 191.58 115.27 84.80
CA ALA DA 536 191.09 116.50 85.38
C ALA DA 536 189.59 116.66 85.22
N HIS DA 537 189.00 116.02 84.21
CA HIS DA 537 187.56 116.13 83.94
C HIS DA 537 186.74 115.13 84.73
N GLN DA 538 187.38 114.27 85.53
CA GLN DA 538 186.67 113.29 86.34
C GLN DA 538 186.55 113.73 87.80
N VAL DA 539 186.37 115.03 88.03
CA VAL DA 539 186.26 115.56 89.39
C VAL DA 539 184.83 116.02 89.64
N THR DA 540 184.52 116.35 90.89
CA THR DA 540 183.19 116.80 91.31
C THR DA 540 182.11 115.79 90.94
N THR DA 541 180.84 116.21 91.01
CA THR DA 541 179.73 115.34 90.68
C THR DA 541 178.67 116.00 89.81
N ARG DA 542 178.85 117.26 89.41
CA ARG DA 542 177.81 117.95 88.65
C ARG DA 542 177.58 117.31 87.29
N ASN DA 543 178.66 117.05 86.55
CA ASN DA 543 178.53 116.45 85.23
C ASN DA 543 177.94 115.04 85.32
N LEU DA 544 178.40 114.25 86.29
CA LEU DA 544 177.88 112.90 86.46
C LEU DA 544 176.39 112.94 86.81
N SER DA 545 176.00 113.83 87.70
CA SER DA 545 174.59 113.95 88.08
C SER DA 545 173.74 114.37 86.88
N LEU DA 546 174.23 115.33 86.08
CA LEU DA 546 173.48 115.76 84.91
C LEU DA 546 173.33 114.63 83.90
N ALA DA 547 174.41 113.88 83.66
CA ALA DA 547 174.33 112.77 82.72
C ALA DA 547 173.37 111.69 83.22
N VAL DA 548 173.41 111.37 84.51
CA VAL DA 548 172.51 110.37 85.07
C VAL DA 548 171.07 110.84 84.96
N SER DA 549 170.81 112.11 85.26
CA SER DA 549 169.46 112.63 85.16
C SER DA 549 168.95 112.59 83.71
N ASP DA 550 169.80 112.97 82.75
CA ASP DA 550 169.39 112.93 81.36
C ASP DA 550 169.10 111.51 80.89
N CYS DA 551 169.97 110.56 81.27
CA CYS DA 551 169.74 109.17 80.90
C CYS DA 551 168.46 108.63 81.52
N PHE DA 552 168.22 108.94 82.80
CA PHE DA 552 166.99 108.50 83.45
C PHE DA 552 165.76 109.10 82.79
N TRP DA 553 165.82 110.38 82.44
CA TRP DA 553 164.68 111.02 81.79
C TRP DA 553 164.40 110.41 80.43
N LYS DA 554 165.44 110.18 79.61
CA LYS DA 554 165.20 109.60 78.29
C LYS DA 554 164.70 108.17 78.40
N MET DA 555 165.25 107.38 79.33
CA MET DA 555 164.80 105.99 79.46
C MET DA 555 163.38 105.92 79.99
N VAL DA 556 163.01 106.81 80.93
CA VAL DA 556 161.64 106.79 81.42
C VAL DA 556 160.67 107.30 80.36
N ARG DA 557 161.10 108.25 79.52
CA ARG DA 557 160.26 108.69 78.42
C ARG DA 557 160.01 107.56 77.44
N GLU DA 558 161.05 106.81 77.08
CA GLU DA 558 160.87 105.67 76.19
C GLU DA 558 159.97 104.61 76.84
N SER DA 559 160.18 104.35 78.13
CA SER DA 559 159.36 103.35 78.82
C SER DA 559 157.89 103.75 78.86
N VAL DA 560 157.60 105.02 79.15
CA VAL DA 560 156.22 105.45 79.20
C VAL DA 560 155.61 105.48 77.80
N GLU DA 561 156.39 105.80 76.78
CA GLU DA 561 155.88 105.75 75.42
C GLU DA 561 155.50 104.32 75.03
N GLN DA 562 156.32 103.35 75.40
CA GLN DA 562 155.98 101.95 75.14
C GLN DA 562 154.78 101.51 75.97
N GLN DA 563 154.72 101.92 77.24
CA GLN DA 563 153.65 101.48 78.12
C GLN DA 563 152.30 102.09 77.75
N ALA DA 564 152.29 103.27 77.13
CA ALA DA 564 151.03 103.88 76.71
C ALA DA 564 150.23 102.94 75.81
N ASP DA 565 150.91 102.09 75.06
CA ASP DA 565 150.24 101.06 74.27
C ASP DA 565 150.27 99.68 74.92
N SER DA 566 151.32 99.39 75.69
CA SER DA 566 151.41 98.09 76.35
C SER DA 566 150.28 97.88 77.35
N PHE DA 567 149.98 98.90 78.16
CA PHE DA 567 148.91 98.78 79.14
C PHE DA 567 147.54 98.73 78.47
N LYS DA 568 147.35 99.47 77.37
CA LYS DA 568 146.10 99.36 76.63
C LYS DA 568 145.92 97.95 76.07
N ALA DA 569 146.98 97.37 75.52
CA ALA DA 569 146.90 96.00 75.03
C ALA DA 569 146.61 95.02 76.15
N THR DA 570 147.24 95.21 77.31
CA THR DA 570 146.99 94.33 78.45
C THR DA 570 145.55 94.43 78.92
N ARG DA 571 145.01 95.65 78.99
CA ARG DA 571 143.61 95.83 79.39
C ARG DA 571 142.68 95.18 78.39
N PHE DA 572 142.94 95.34 77.09
CA PHE DA 572 142.11 94.71 76.07
C PHE DA 572 142.16 93.19 76.19
N ASN DA 573 143.35 92.63 76.42
CA ASN DA 573 143.47 91.19 76.57
C ASN DA 573 142.73 90.69 77.80
N LEU DA 574 142.82 91.43 78.91
CA LEU DA 574 142.11 91.04 80.13
C LEU DA 574 140.61 91.08 79.92
N GLU DA 575 140.12 92.13 79.25
CA GLU DA 575 138.68 92.23 78.97
C GLU DA 575 138.22 91.09 78.08
N THR DA 576 139.02 90.77 77.05
CA THR DA 576 138.67 89.66 76.16
C THR DA 576 138.65 88.34 76.92
N GLU DA 577 139.62 88.12 77.80
CA GLU DA 577 139.66 86.90 78.59
C GLU DA 577 138.44 86.80 79.51
N TRP DA 578 138.08 87.91 80.17
CA TRP DA 578 136.91 87.91 81.04
C TRP DA 578 135.64 87.62 80.25
N LYS DA 579 135.49 88.23 79.08
CA LYS DA 579 134.31 87.99 78.26
C LYS DA 579 134.26 86.55 77.76
N ASN DA 580 135.40 85.99 77.37
CA ASN DA 580 135.41 84.63 76.83
C ASN DA 580 135.14 83.60 77.93
N ASN DA 581 135.73 83.78 79.10
CA ASN DA 581 135.51 82.84 80.19
C ASN DA 581 134.06 82.89 80.68
N TYR DA 582 133.44 84.06 80.63
CA TYR DA 582 132.07 84.27 81.10
C TYR DA 582 131.27 84.96 80.01
N PRO DA 583 130.87 84.22 78.97
CA PRO DA 583 130.07 84.84 77.90
C PRO DA 583 128.74 85.39 78.39
N ARG DA 584 128.12 84.77 79.39
CA ARG DA 584 126.83 85.20 79.89
C ARG DA 584 126.92 85.96 81.21
N LEU DA 585 128.14 86.23 81.68
CA LEU DA 585 128.34 86.97 82.92
C LEU DA 585 129.28 88.14 82.67
N ARG DA 586 128.87 89.32 83.14
CA ARG DA 586 129.67 90.53 83.00
C ARG DA 586 130.58 90.68 84.22
N GLU DA 587 131.22 91.84 84.35
CA GLU DA 587 132.13 92.09 85.46
C GLU DA 587 131.41 91.95 86.79
N LEU DA 588 132.03 91.21 87.72
CA LEU DA 588 131.46 90.95 89.05
C LEU DA 588 132.55 91.25 90.08
N ASP DA 589 132.58 92.50 90.55
CA ASP DA 589 133.54 92.91 91.55
C ASP DA 589 132.98 92.65 92.95
N ARG DA 590 133.72 93.10 93.97
CA ARG DA 590 133.32 92.84 95.35
C ARG DA 590 132.00 93.53 95.68
N ASN DA 591 131.84 94.78 95.25
CA ASN DA 591 130.65 95.54 95.62
C ASN DA 591 129.39 94.94 95.00
N GLU DA 592 129.42 94.68 93.69
CA GLU DA 592 128.25 94.14 93.01
C GLU DA 592 127.90 92.75 93.52
N LEU DA 593 128.92 91.90 93.74
CA LEU DA 593 128.65 90.56 94.26
C LEU DA 593 128.10 90.60 95.68
N PHE DA 594 128.63 91.50 96.52
CA PHE DA 594 128.09 91.64 97.87
C PHE DA 594 126.64 92.13 97.85
N GLU DA 595 126.34 93.09 96.97
CA GLU DA 595 124.96 93.56 96.85
C GLU DA 595 124.04 92.46 96.36
N LYS DA 596 124.50 91.67 95.39
CA LYS DA 596 123.69 90.56 94.90
C LYS DA 596 123.45 89.52 95.98
N ALA DA 597 124.48 89.22 96.78
CA ALA DA 597 124.32 88.28 97.88
C ALA DA 597 123.33 88.81 98.92
N LYS DA 598 123.41 90.10 99.23
CA LYS DA 598 122.46 90.70 100.17
C LYS DA 598 121.04 90.62 99.63
N ASN DA 599 120.87 90.91 98.34
CA ASN DA 599 119.53 90.83 97.74
C ASN DA 599 119.01 89.40 97.74
N GLU DA 600 119.87 88.43 97.47
CA GLU DA 600 119.45 87.03 97.51
C GLU DA 600 119.06 86.61 98.91
N ILE DA 601 119.82 87.06 99.92
CA ILE DA 601 119.47 86.76 101.30
C ILE DA 601 118.12 87.37 101.66
N LEU DA 602 117.88 88.61 101.24
CA LEU DA 602 116.60 89.25 101.50
C LEU DA 602 115.46 88.51 100.83
N ASP DA 603 115.66 88.08 99.58
CA ASP DA 603 114.63 87.32 98.88
C ASP DA 603 114.36 85.98 99.57
N GLU DA 604 115.40 85.31 100.03
CA GLU DA 604 115.21 84.05 100.75
C GLU DA 604 114.45 84.27 102.05
N VAL DA 605 114.76 85.35 102.78
CA VAL DA 605 114.04 85.66 104.00
C VAL DA 605 112.57 85.96 103.70
N ILE DA 606 112.31 86.69 102.62
CA ILE DA 606 110.94 87.00 102.22
C ILE DA 606 110.18 85.72 101.90
N SER DA 607 110.82 84.83 101.14
CA SER DA 607 110.17 83.56 100.80
C SER DA 607 109.91 82.73 102.04
N LEU DA 608 110.86 82.71 102.99
CA LEU DA 608 110.66 82.00 104.24
C LEU DA 608 109.48 82.56 105.02
N SER DA 609 109.36 83.89 105.06
CA SER DA 609 108.25 84.51 105.79
C SER DA 609 106.93 84.31 105.06
N GLN DA 610 106.96 84.08 103.74
CA GLN DA 610 105.75 83.95 102.95
C GLN DA 610 105.20 82.53 102.91
N VAL DA 611 105.88 81.56 103.53
CA VAL DA 611 105.39 80.20 103.54
C VAL DA 611 104.11 80.12 104.38
N THR DA 612 103.15 79.33 103.92
CA THR DA 612 101.88 79.18 104.62
C THR DA 612 102.11 78.60 106.00
N PRO DA 613 101.55 79.21 107.05
CA PRO DA 613 101.77 78.66 108.41
C PRO DA 613 101.23 77.26 108.60
N LYS DA 614 100.22 76.85 107.83
CA LYS DA 614 99.64 75.52 108.00
C LYS DA 614 100.66 74.43 107.69
N HIS DA 615 101.46 74.62 106.63
CA HIS DA 615 102.50 73.65 106.31
C HIS DA 615 103.53 73.57 107.41
N TRP DA 616 103.91 74.72 107.97
CA TRP DA 616 104.84 74.72 109.10
C TRP DA 616 104.27 73.95 110.29
N GLU DA 617 102.99 74.19 110.61
CA GLU DA 617 102.37 73.49 111.72
C GLU DA 617 102.34 71.98 111.49
N GLU DA 618 101.99 71.57 110.28
CA GLU DA 618 101.94 70.15 109.96
C GLU DA 618 103.32 69.51 110.07
N ILE DA 619 104.34 70.18 109.52
CA ILE DA 619 105.69 69.64 109.55
C ILE DA 619 106.19 69.53 110.98
N LEU DA 620 105.97 70.59 111.78
CA LEU DA 620 106.42 70.58 113.16
C LEU DA 620 105.71 69.49 113.97
N GLN DA 621 104.40 69.34 113.77
CA GLN DA 621 103.66 68.31 114.49
C GLN DA 621 104.16 66.92 114.12
N GLN DA 622 104.35 66.66 112.82
CA GLN DA 622 104.82 65.35 112.39
C GLN DA 622 106.21 65.06 112.94
N SER DA 623 107.12 66.03 112.85
CA SER DA 623 108.49 65.82 113.33
C SER DA 623 108.51 65.60 114.84
N LEU DA 624 107.75 66.40 115.59
CA LEU DA 624 107.71 66.24 117.03
C LEU DA 624 107.12 64.89 117.42
N TRP DA 625 106.04 64.47 116.76
CA TRP DA 625 105.43 63.18 117.05
C TRP DA 625 106.41 62.05 116.77
N GLU DA 626 107.09 62.10 115.62
CA GLU DA 626 108.06 61.06 115.30
C GLU DA 626 109.21 61.04 116.30
N ARG DA 627 109.58 62.23 116.81
CA ARG DA 627 110.69 62.29 117.76
C ARG DA 627 110.30 61.75 119.13
N VAL DA 628 109.08 62.05 119.60
CA VAL DA 628 108.70 61.74 120.96
C VAL DA 628 107.85 60.48 121.06
N SER DA 629 107.61 59.79 119.95
CA SER DA 629 106.85 58.55 120.02
C SER DA 629 107.52 57.52 120.92
N THR DA 630 108.83 57.31 120.73
CA THR DA 630 109.56 56.35 121.55
C THR DA 630 109.59 56.78 123.01
N HIS DA 631 109.81 58.08 123.26
CA HIS DA 631 109.83 58.58 124.62
C HIS DA 631 108.49 58.36 125.32
N VAL DA 632 107.39 58.67 124.63
CA VAL DA 632 106.06 58.47 125.20
C VAL DA 632 105.81 57.00 125.47
N ILE DA 633 106.18 56.13 124.53
CA ILE DA 633 105.97 54.70 124.71
C ILE DA 633 106.73 54.20 125.93
N GLU DA 634 108.03 54.50 126.01
CA GLU DA 634 108.87 54.02 127.09
C GLU DA 634 108.58 54.68 128.43
N ASN DA 635 107.89 55.83 128.44
CA ASN DA 635 107.53 56.49 129.69
C ASN DA 635 106.09 56.22 130.12
N ILE DA 636 105.27 55.64 129.25
CA ILE DA 636 103.88 55.37 129.62
C ILE DA 636 103.63 53.87 129.68
N TYR DA 637 103.84 53.17 128.57
CA TYR DA 637 103.48 51.75 128.52
C TYR DA 637 104.45 50.88 129.32
N LEU DA 638 105.72 51.25 129.38
CA LEU DA 638 106.70 50.45 130.12
C LEU DA 638 106.36 50.36 131.61
N PRO DA 639 106.04 51.46 132.31
CA PRO DA 639 105.62 51.29 133.72
C PRO DA 639 104.23 50.68 133.85
N ALA DA 640 103.29 51.11 133.03
CA ALA DA 640 101.91 50.61 133.08
C ALA DA 640 101.71 49.48 132.07
N ALA DA 641 102.51 48.42 132.25
CA ALA DA 641 102.48 47.28 131.33
C ALA DA 641 101.52 46.19 131.77
N GLN DA 642 100.92 46.31 132.96
CA GLN DA 642 100.00 45.28 133.46
C GLN DA 642 98.69 45.88 133.95
N THR DA 643 98.36 47.10 133.54
CA THR DA 643 97.10 47.71 133.95
C THR DA 643 95.93 47.00 133.28
N MET DA 644 94.86 46.79 134.05
CA MET DA 644 93.64 46.14 133.56
C MET DA 644 92.51 47.13 133.33
N ASN DA 645 92.25 48.01 134.29
CA ASN DA 645 91.19 48.99 134.15
C ASN DA 645 91.66 50.16 133.28
N SER DA 646 90.78 50.59 132.37
CA SER DA 646 91.12 51.70 131.49
C SER DA 646 91.24 53.01 132.26
N GLY DA 647 90.47 53.16 133.35
CA GLY DA 647 90.54 54.39 134.13
C GLY DA 647 91.89 54.60 134.78
N THR DA 648 92.48 53.53 135.34
CA THR DA 648 93.80 53.64 135.93
C THR DA 648 94.85 53.99 134.89
N PHE DA 649 94.75 53.37 133.71
CA PHE DA 649 95.69 53.68 132.63
C PHE DA 649 95.56 55.14 132.20
N ASN DA 650 94.33 55.64 132.07
CA ASN DA 650 94.13 57.03 131.70
C ASN DA 650 94.67 57.98 132.76
N THR DA 651 94.47 57.64 134.05
CA THR DA 651 95.00 58.46 135.13
C THR DA 651 96.53 58.49 135.09
N THR DA 652 97.15 57.33 134.87
CA THR DA 652 98.61 57.28 134.76
C THR DA 652 99.10 58.09 133.58
N VAL DA 653 98.40 58.01 132.45
CA VAL DA 653 98.78 58.79 131.27
C VAL DA 653 98.71 60.28 131.57
N ASP DA 654 97.62 60.71 132.23
CA ASP DA 654 97.49 62.12 132.58
C ASP DA 654 98.59 62.58 133.53
N ILE DA 655 98.91 61.74 134.52
CA ILE DA 655 99.97 62.08 135.47
C ILE DA 655 101.31 62.23 134.75
N LYS DA 656 101.61 61.28 133.86
CA LYS DA 656 102.88 61.34 133.13
C LYS DA 656 102.92 62.56 132.22
N LEU DA 657 101.82 62.88 131.55
CA LEU DA 657 101.79 64.05 130.68
C LEU DA 657 101.98 65.33 131.48
N LYS DA 658 101.31 65.44 132.64
CA LYS DA 658 101.48 66.63 133.46
C LYS DA 658 102.91 66.75 133.96
N GLN DA 659 103.52 65.63 134.38
CA GLN DA 659 104.90 65.68 134.85
C GLN DA 659 105.84 66.09 133.72
N TRP DA 660 105.63 65.56 132.51
CA TRP DA 660 106.47 65.94 131.38
C TRP DA 660 106.32 67.41 131.03
N THR DA 661 105.07 67.92 131.03
CA THR DA 661 104.85 69.33 130.75
C THR DA 661 105.52 70.21 131.78
N ASP DA 662 105.46 69.81 133.07
CA ASP DA 662 106.07 70.62 134.11
C ASP DA 662 107.59 70.58 134.06
N LYS DA 663 108.16 69.42 133.72
CA LYS DA 663 109.62 69.25 133.88
C LYS DA 663 110.40 69.83 132.71
N GLN DA 664 110.24 69.24 131.51
CA GLN DA 664 111.13 69.60 130.41
C GLN DA 664 110.44 69.65 129.04
N LEU DA 665 109.13 69.46 128.95
CA LEU DA 665 108.48 69.44 127.64
C LEU DA 665 108.61 70.76 126.89
N PRO DA 666 108.40 71.94 127.51
CA PRO DA 666 108.61 73.19 126.75
C PRO DA 666 110.04 73.33 126.23
N ASN DA 667 111.03 72.90 127.01
CA ASN DA 667 112.42 72.99 126.55
C ASN DA 667 112.65 72.08 125.35
N LYS DA 668 112.11 70.86 125.40
CA LYS DA 668 112.25 69.95 124.27
C LYS DA 668 111.55 70.50 123.03
N ALA DA 669 110.36 71.08 123.21
CA ALA DA 669 109.65 71.66 122.07
C ALA DA 669 110.43 72.82 121.48
N VAL DA 670 111.01 73.68 122.31
CA VAL DA 670 111.80 74.80 121.82
C VAL DA 670 113.02 74.29 121.06
N GLU DA 671 113.70 73.28 121.60
CA GLU DA 671 114.86 72.71 120.92
C GLU DA 671 114.48 72.11 119.58
N VAL DA 672 113.36 71.39 119.52
CA VAL DA 672 112.92 70.77 118.27
C VAL DA 672 112.58 71.85 117.25
N ALA DA 673 111.88 72.90 117.67
CA ALA DA 673 111.53 73.99 116.76
C ALA DA 673 112.78 74.68 116.23
N TRP DA 674 113.75 74.94 117.11
CA TRP DA 674 114.99 75.58 116.68
C TRP DA 674 115.76 74.69 115.71
N GLU DA 675 115.81 73.39 115.98
CA GLU DA 675 116.50 72.48 115.06
C GLU DA 675 115.81 72.43 113.70
N THR DA 676 114.48 72.41 113.69
CA THR DA 676 113.76 72.41 112.42
C THR DA 676 113.99 73.71 111.66
N LEU DA 677 114.01 74.85 112.36
CA LEU DA 677 114.29 76.12 111.70
C LEU DA 677 115.70 76.13 111.12
N GLN DA 678 116.67 75.59 111.87
CA GLN DA 678 118.04 75.52 111.37
C GLN DA 678 118.12 74.63 110.13
N GLU DA 679 117.42 73.49 110.15
CA GLU DA 679 117.42 72.59 109.00
C GLU DA 679 116.81 73.27 107.77
N GLU DA 680 115.68 73.97 107.96
CA GLU DA 680 115.06 74.68 106.84
C GLU DA 680 115.98 75.76 106.30
N PHE DA 681 116.63 76.52 107.19
CA PHE DA 681 117.55 77.56 106.75
C PHE DA 681 118.72 76.97 105.98
N SER DA 682 119.27 75.86 106.47
CA SER DA 682 120.40 75.23 105.78
C SER DA 682 119.98 74.70 104.42
N ARG DA 683 118.79 74.10 104.32
CA ARG DA 683 118.32 73.59 103.04
C ARG DA 683 118.09 74.73 102.05
N PHE DA 684 117.55 75.86 102.53
CA PHE DA 684 117.35 77.01 101.66
C PHE DA 684 118.68 77.59 101.21
N MET DA 685 119.67 77.66 102.11
CA MET DA 685 120.98 78.19 101.74
C MET DA 685 121.67 77.28 100.73
N THR DA 686 121.57 75.97 100.91
CA THR DA 686 122.20 74.99 100.02
C THR DA 686 121.07 74.29 99.27
N GLU DA 687 120.68 74.87 98.13
CA GLU DA 687 119.61 74.35 97.29
C GLU DA 687 120.14 74.20 95.88
N PRO DA 688 120.79 73.08 95.57
CA PRO DA 688 121.42 72.89 94.25
C PRO DA 688 120.42 72.53 93.16
N LYS DA 689 119.35 73.33 93.06
CA LYS DA 689 118.39 73.14 91.97
C LYS DA 689 119.03 73.44 90.62
N GLY DA 690 119.87 74.47 90.56
CA GLY DA 690 120.55 74.79 89.31
C GLY DA 690 121.60 73.76 88.96
N LYS DA 691 121.85 73.64 87.66
CA LYS DA 691 122.82 72.66 87.18
C LYS DA 691 124.26 73.06 87.50
N GLU DA 692 124.52 74.33 87.75
CA GLU DA 692 125.87 74.78 88.05
C GLU DA 692 126.13 74.79 89.55
N HIS DA 693 125.34 75.56 90.30
CA HIS DA 693 125.44 75.67 91.75
C HIS DA 693 126.88 75.95 92.19
N ASP DA 694 127.36 77.12 91.76
CA ASP DA 694 128.71 77.55 92.09
C ASP DA 694 128.91 77.59 93.60
N ASP DA 695 130.04 77.03 94.06
CA ASP DA 695 130.32 76.94 95.49
C ASP DA 695 130.88 78.22 96.08
N ILE DA 696 131.29 79.18 95.25
CA ILE DA 696 131.83 80.44 95.76
C ILE DA 696 130.76 81.17 96.57
N PHE DA 697 129.54 81.23 96.04
CA PHE DA 697 128.44 81.85 96.78
C PHE DA 697 127.97 80.94 97.91
N ASP DA 698 128.08 79.62 97.71
CA ASP DA 698 127.62 78.67 98.73
C ASP DA 698 128.44 78.78 100.01
N LYS DA 699 129.74 78.95 99.89
CA LYS DA 699 130.58 79.10 101.07
C LYS DA 699 130.22 80.35 101.87
N LEU DA 700 130.00 81.46 101.17
CA LEU DA 700 129.58 82.69 101.85
C LEU DA 700 128.22 82.51 102.51
N LYS DA 701 127.29 81.85 101.82
CA LYS DA 701 125.97 81.61 102.41
C LYS DA 701 126.07 80.75 103.66
N GLU DA 702 126.90 79.70 103.63
CA GLU DA 702 127.09 78.86 104.80
C GLU DA 702 127.73 79.64 105.95
N ALA DA 703 128.70 80.49 105.64
CA ALA DA 703 129.34 81.31 106.68
C ALA DA 703 128.33 82.26 107.32
N VAL DA 704 127.51 82.90 106.49
CA VAL DA 704 126.49 83.81 107.01
C VAL DA 704 125.47 83.05 107.86
N LYS DA 705 125.08 81.85 107.42
CA LYS DA 705 124.15 81.03 108.19
C LYS DA 705 124.74 80.66 109.55
N GLU DA 706 126.01 80.26 109.58
CA GLU DA 706 126.65 79.92 110.84
C GLU DA 706 126.74 81.13 111.75
N GLU DA 707 127.09 82.29 111.20
CA GLU DA 707 127.17 83.50 112.01
C GLU DA 707 125.80 83.86 112.59
N SER DA 708 124.75 83.75 111.78
CA SER DA 708 123.40 84.05 112.26
C SER DA 708 122.97 83.06 113.34
N ILE DA 709 123.31 81.78 113.16
CA ILE DA 709 122.95 80.77 114.16
C ILE DA 709 123.66 81.06 115.47
N LYS DA 710 124.95 81.38 115.40
CA LYS DA 710 125.70 81.67 116.62
C LYS DA 710 125.23 82.96 117.29
N ARG DA 711 124.80 83.94 116.50
CA ARG DA 711 124.36 85.22 117.04
C ARG DA 711 122.90 85.21 117.46
N HIS DA 712 122.15 84.16 117.12
CA HIS DA 712 120.72 84.12 117.44
C HIS DA 712 120.52 84.03 118.95
N LYS DA 713 119.47 84.69 119.43
CA LYS DA 713 119.14 84.73 120.84
C LYS DA 713 117.69 84.29 121.05
N TRP DA 714 117.39 83.85 122.27
CA TRP DA 714 116.05 83.39 122.63
C TRP DA 714 115.56 84.14 123.86
N ASN DA 715 114.24 84.28 123.97
CA ASN DA 715 113.61 85.02 125.04
C ASN DA 715 112.93 84.04 126.00
N ASP DA 716 113.20 84.19 127.29
CA ASP DA 716 112.59 83.30 128.29
C ASP DA 716 111.10 83.58 128.44
N PHE DA 717 110.65 84.79 128.11
CA PHE DA 717 109.22 85.08 128.15
C PHE DA 717 108.46 84.21 127.15
N ALA DA 718 109.05 84.00 125.97
CA ALA DA 718 108.44 83.09 125.00
C ALA DA 718 108.35 81.67 125.55
N GLU DA 719 109.40 81.22 126.25
CA GLU DA 719 109.37 79.89 126.84
C GLU DA 719 108.28 79.78 127.89
N ASP DA 720 108.13 80.80 128.74
CA ASP DA 720 107.09 80.80 129.75
C ASP DA 720 105.70 80.79 129.12
N SER DA 721 105.50 81.59 128.08
CA SER DA 721 104.22 81.60 127.38
C SER DA 721 103.93 80.25 126.74
N LEU DA 722 104.95 79.62 126.15
CA LEU DA 722 104.77 78.29 125.57
C LEU DA 722 104.40 77.27 126.64
N ARG DA 723 105.05 77.33 127.80
CA ARG DA 723 104.71 76.41 128.90
C ARG DA 723 103.28 76.62 129.36
N VAL DA 724 102.87 77.88 129.52
CA VAL DA 724 101.51 78.18 129.96
C VAL DA 724 100.49 77.67 128.95
N ILE DA 725 100.74 77.89 127.66
CA ILE DA 725 99.80 77.47 126.64
C ILE DA 725 99.75 75.94 126.55
N GLN DA 726 100.90 75.28 126.70
CA GLN DA 726 100.92 73.81 126.71
C GLN DA 726 100.12 73.25 127.88
N HIS DA 727 100.26 73.87 129.06
CA HIS DA 727 99.48 73.43 130.20
C HIS DA 727 97.99 73.69 130.00
N ASN DA 728 97.64 74.82 129.39
CA ASN DA 728 96.22 75.15 129.20
C ASN DA 728 95.59 74.36 128.06
N ALA DA 729 96.39 73.79 127.18
CA ALA DA 729 95.86 73.07 126.03
C ALA DA 729 95.27 71.72 126.42
N LEU DA 730 94.17 71.73 127.17
CA LEU DA 730 93.45 70.53 127.58
C LEU DA 730 91.96 70.72 127.34
N GLU DA 731 91.61 71.21 126.15
CA GLU DA 731 90.25 71.60 125.83
C GLU DA 731 89.36 70.39 125.47
N ASP DA 732 89.71 69.67 124.42
CA ASP DA 732 88.90 68.58 123.93
C ASP DA 732 89.41 67.24 124.45
N ARG DA 733 88.47 66.38 124.86
CA ARG DA 733 88.81 65.07 125.41
C ARG DA 733 88.00 63.92 124.83
N SER DA 734 87.05 64.18 123.93
CA SER DA 734 86.21 63.13 123.37
C SER DA 734 85.96 63.42 121.91
N ILE DA 735 85.63 62.36 121.16
CA ILE DA 735 85.33 62.45 119.74
C ILE DA 735 83.83 62.26 119.54
N SER DA 736 83.19 63.24 118.90
CA SER DA 736 81.77 63.17 118.58
C SER DA 736 81.50 63.12 117.08
N ASP DA 737 82.54 62.89 116.28
CA ASP DA 737 82.43 62.86 114.83
C ASP DA 737 82.89 61.50 114.32
N LYS DA 738 82.09 60.90 113.44
CA LYS DA 738 82.46 59.62 112.85
C LYS DA 738 83.71 59.76 111.98
N GLN DA 739 83.80 60.84 111.21
CA GLN DA 739 84.96 61.06 110.35
C GLN DA 739 86.23 61.25 111.18
N GLN DA 740 86.14 62.03 112.25
CA GLN DA 740 87.30 62.21 113.13
C GLN DA 740 87.69 60.89 113.79
N TRP DA 741 86.70 60.09 114.18
CA TRP DA 741 86.97 58.78 114.75
C TRP DA 741 87.71 57.88 113.75
N ASP DA 742 87.26 57.89 112.50
CA ASP DA 742 87.93 57.09 111.47
C ASP DA 742 89.34 57.59 111.21
N ALA DA 743 89.53 58.91 111.19
CA ALA DA 743 90.87 59.46 110.99
C ALA DA 743 91.80 59.06 112.14
N ALA DA 744 91.31 59.13 113.37
CA ALA DA 744 92.10 58.69 114.51
C ALA DA 744 92.43 57.21 114.44
N ILE DA 745 91.45 56.40 114.01
CA ILE DA 745 91.69 54.97 113.84
C ILE DA 745 92.77 54.72 112.80
N TYR DA 746 92.72 55.44 111.68
CA TYR DA 746 93.73 55.25 110.64
C TYR DA 746 95.11 55.68 111.11
N PHE DA 747 95.19 56.80 111.84
CA PHE DA 747 96.49 57.24 112.36
C PHE DA 747 97.05 56.24 113.37
N MET DA 748 96.20 55.74 114.25
CA MET DA 748 96.64 54.74 115.22
C MET DA 748 97.08 53.45 114.53
N GLU DA 749 96.35 53.05 113.48
CA GLU DA 749 96.73 51.86 112.72
C GLU DA 749 98.09 52.06 112.05
N GLU DA 750 98.32 53.24 111.48
CA GLU DA 750 99.62 53.52 110.87
C GLU DA 750 100.74 53.45 111.90
N ALA DA 751 100.52 54.07 113.06
CA ALA DA 751 101.54 54.05 114.11
C ALA DA 751 101.82 52.62 114.59
N LEU DA 752 100.76 51.83 114.78
CA LEU DA 752 100.94 50.46 115.24
C LEU DA 752 101.60 49.60 114.19
N GLN DA 753 101.31 49.84 112.91
CA GLN DA 753 101.98 49.11 111.84
C GLN DA 753 103.46 49.46 111.80
N ALA DA 754 103.80 50.73 112.00
CA ALA DA 754 105.21 51.12 112.06
C ALA DA 754 105.90 50.45 113.23
N ARG DA 755 105.25 50.42 114.39
CA ARG DA 755 105.83 49.75 115.56
C ARG DA 755 106.00 48.26 115.30
N LEU DA 756 105.02 47.63 114.66
CA LEU DA 756 105.12 46.21 114.33
C LEU DA 756 106.27 45.94 113.37
N LYS DA 757 106.46 46.81 112.37
CA LYS DA 757 107.58 46.65 111.45
C LYS DA 757 108.91 46.80 112.18
N ASP DA 758 109.01 47.78 113.09
CA ASP DA 758 110.23 47.92 113.87
C ASP DA 758 110.50 46.69 114.72
N THR DA 759 109.46 46.15 115.36
CA THR DA 759 109.62 44.95 116.17
C THR DA 759 110.04 43.76 115.31
N GLU DA 760 109.46 43.62 114.11
CA GLU DA 760 109.83 42.55 113.21
C GLU DA 760 111.29 42.68 112.78
N ASN DA 761 111.74 43.91 112.49
CA ASN DA 761 113.13 44.12 112.13
C ASN DA 761 114.06 43.75 113.29
N ALA DA 762 113.69 44.15 114.51
CA ALA DA 762 114.50 43.80 115.66
C ALA DA 762 114.57 42.28 115.86
N ILE DA 763 113.43 41.60 115.71
CA ILE DA 763 113.40 40.15 115.87
C ILE DA 763 114.25 39.48 114.79
N GLU DA 764 114.16 39.96 113.55
CA GLU DA 764 114.96 39.38 112.48
C GLU DA 764 116.45 39.61 112.72
N ASN DA 765 116.82 40.78 113.22
CA ASN DA 765 118.22 41.03 113.57
C ASN DA 765 118.68 40.10 114.67
N MET DA 766 117.83 39.88 115.69
CA MET DA 766 118.20 39.00 116.79
C MET DA 766 118.34 37.55 116.34
N VAL DA 767 117.46 37.08 115.46
CA VAL DA 767 117.40 35.66 115.11
C VAL DA 767 117.82 35.45 113.66
N GLY DA 768 117.07 36.01 112.72
CA GLY DA 768 117.33 35.81 111.32
C GLY DA 768 116.11 35.33 110.57
N PRO DA 769 116.31 34.51 109.54
CA PRO DA 769 115.18 34.00 108.76
C PRO DA 769 114.24 33.15 109.63
N ASP DA 770 112.94 33.30 109.38
CA ASP DA 770 111.91 32.63 110.15
C ASP DA 770 110.87 32.04 109.22
N TRP DA 771 110.38 30.84 109.57
CA TRP DA 771 109.28 30.17 108.87
C TRP DA 771 109.67 29.97 107.40
N LYS DA 772 108.95 30.54 106.44
CA LYS DA 772 109.19 30.29 105.03
C LYS DA 772 110.59 30.75 104.62
N LYS DA 773 111.03 31.89 105.15
CA LYS DA 773 112.36 32.38 104.83
C LYS DA 773 113.44 31.42 105.32
N ARG DA 774 113.27 30.86 106.51
CA ARG DA 774 114.26 29.94 107.06
C ARG DA 774 114.25 28.61 106.32
N TRP DA 775 113.07 28.07 106.03
CA TRP DA 775 112.95 26.76 105.42
C TRP DA 775 113.01 26.79 103.90
N LEU DA 776 113.16 27.97 103.29
CA LEU DA 776 113.27 28.05 101.83
C LEU DA 776 114.53 27.33 101.35
N TYR DA 777 115.65 27.53 102.05
CA TYR DA 777 116.88 26.86 101.66
C TYR DA 777 116.85 25.39 102.06
N TRP DA 778 116.32 25.10 103.25
CA TRP DA 778 116.16 23.76 103.83
C TRP DA 778 117.50 23.10 104.17
N LYS DA 779 118.63 23.75 103.87
CA LYS DA 779 119.94 23.20 104.19
C LYS DA 779 120.81 24.14 105.01
N ASN DA 780 120.35 25.36 105.30
CA ASN DA 780 121.11 26.32 106.08
C ASN DA 780 120.53 26.38 107.49
N ARG DA 781 121.31 25.93 108.47
CA ARG DA 781 120.88 25.93 109.85
C ARG DA 781 122.05 26.36 110.74
N THR DA 782 121.73 27.13 111.77
CA THR DA 782 122.72 27.61 112.73
C THR DA 782 122.23 27.29 114.14
N GLN DA 783 123.15 26.88 115.01
CA GLN DA 783 122.76 26.53 116.38
C GLN DA 783 122.24 27.74 117.14
N GLU DA 784 122.82 28.91 116.88
CA GLU DA 784 122.38 30.11 117.59
C GLU DA 784 120.94 30.47 117.24
N GLN DA 785 120.61 30.49 115.95
CA GLN DA 785 119.24 30.77 115.54
C GLN DA 785 118.29 29.61 115.87
N CYS DA 786 118.79 28.38 115.91
CA CYS DA 786 117.94 27.26 116.31
C CYS DA 786 117.50 27.40 117.76
N VAL DA 787 118.40 27.84 118.63
CA VAL DA 787 118.05 28.06 120.04
C VAL DA 787 116.98 29.14 120.15
N HIS DA 788 117.14 30.23 119.40
CA HIS DA 788 116.15 31.30 119.43
C HIS DA 788 114.80 30.81 118.91
N ASN DA 789 114.81 30.00 117.84
CA ASN DA 789 113.57 29.46 117.30
C ASN DA 789 112.88 28.55 118.31
N GLU DA 790 113.66 27.71 118.99
CA GLU DA 790 113.07 26.83 120.01
C GLU DA 790 112.48 27.64 121.16
N THR DA 791 113.19 28.68 121.61
CA THR DA 791 112.66 29.53 122.67
C THR DA 791 111.37 30.22 122.22
N LYS DA 792 111.34 30.71 120.98
CA LYS DA 792 110.14 31.35 120.45
C LYS DA 792 108.97 30.37 120.41
N ASN DA 793 109.23 29.14 119.95
CA ASN DA 793 108.18 28.13 119.92
C ASN DA 793 107.66 27.80 121.31
N GLU DA 794 108.58 27.67 122.27
CA GLU DA 794 108.18 27.37 123.65
C GLU DA 794 107.33 28.50 124.22
N LEU DA 795 107.73 29.75 123.98
CA LEU DA 795 106.95 30.88 124.48
C LEU DA 795 105.59 30.97 123.80
N GLU DA 796 105.54 30.68 122.50
CA GLU DA 796 104.26 30.67 121.80
C GLU DA 796 103.33 29.59 122.36
N LYS DA 797 103.87 28.40 122.64
CA LYS DA 797 103.06 27.35 123.25
C LYS DA 797 102.60 27.74 124.64
N MET DA 798 103.46 28.40 125.41
CA MET DA 798 103.06 28.87 126.74
C MET DA 798 101.93 29.89 126.65
N LEU DA 799 102.02 30.81 125.69
CA LEU DA 799 100.92 31.77 125.50
C LEU DA 799 99.64 31.08 125.05
N LYS DA 800 99.76 30.07 124.18
CA LYS DA 800 98.58 29.33 123.76
C LYS DA 800 97.92 28.63 124.95
N CYS DA 801 98.73 28.04 125.83
CA CYS DA 801 98.18 27.41 127.03
C CYS DA 801 97.75 28.44 128.06
N ASN DA 802 98.50 29.53 128.21
CA ASN DA 802 98.21 30.58 129.19
C ASN DA 802 98.30 31.93 128.48
N GLU DA 803 97.15 32.45 128.06
CA GLU DA 803 97.13 33.71 127.32
C GLU DA 803 97.60 34.88 128.18
N GLU DA 804 97.20 34.91 129.45
CA GLU DA 804 97.54 35.99 130.36
C GLU DA 804 98.68 35.56 131.26
N HIS DA 805 99.76 36.35 131.29
CA HIS DA 805 100.92 36.06 132.11
C HIS DA 805 101.53 37.38 132.57
N PRO DA 806 102.01 37.46 133.81
CA PRO DA 806 102.67 38.68 134.26
C PRO DA 806 103.96 38.95 133.50
N ALA DA 807 104.29 40.23 133.37
CA ALA DA 807 105.48 40.61 132.62
C ALA DA 807 106.75 40.07 133.28
N TYR DA 808 106.82 40.15 134.60
CA TYR DA 808 107.99 39.66 135.32
C TYR DA 808 107.99 38.13 135.33
N LEU DA 809 109.19 37.56 135.51
CA LEU DA 809 109.38 36.12 135.56
C LEU DA 809 109.85 35.73 136.96
N ALA DA 810 109.11 34.83 137.59
CA ALA DA 810 109.49 34.34 138.91
C ALA DA 810 110.59 33.29 138.79
N SER DA 811 111.23 33.00 139.93
CA SER DA 811 112.34 32.05 139.94
C SER DA 811 111.90 30.67 139.52
N ASP DA 812 110.75 30.20 140.02
CA ASP DA 812 110.27 28.86 139.66
C ASP DA 812 109.93 28.77 138.18
N GLU DA 813 109.36 29.83 137.61
CA GLU DA 813 109.05 29.83 136.18
C GLU DA 813 110.32 29.74 135.35
N ILE DA 814 111.35 30.51 135.73
CA ILE DA 814 112.62 30.46 135.01
C ILE DA 814 113.25 29.08 135.13
N THR DA 815 113.20 28.49 136.32
CA THR DA 815 113.75 27.15 136.51
C THR DA 815 113.02 26.12 135.66
N THR DA 816 111.69 26.21 135.61
CA THR DA 816 110.91 25.28 134.79
C THR DA 816 111.23 25.44 133.31
N VAL DA 817 111.34 26.69 132.85
CA VAL DA 817 111.67 26.94 131.44
C VAL DA 817 113.05 26.39 131.11
N ARG DA 818 114.02 26.61 132.00
CA ARG DA 818 115.37 26.10 131.76
C ARG DA 818 115.39 24.58 131.75
N LYS DA 819 114.65 23.95 132.65
CA LYS DA 819 114.58 22.49 132.66
C LYS DA 819 113.94 21.95 131.38
N ASN DA 820 112.87 22.61 130.92
CA ASN DA 820 112.24 22.19 129.67
C ASN DA 820 113.21 22.34 128.50
N LEU DA 821 113.97 23.42 128.47
CA LEU DA 821 114.94 23.61 127.39
C LEU DA 821 116.04 22.56 127.46
N GLU DA 822 116.53 22.26 128.66
CA GLU DA 822 117.61 21.29 128.81
C GLU DA 822 117.15 19.85 128.67
N SER DA 823 115.83 19.60 128.69
CA SER DA 823 115.33 18.25 128.48
C SER DA 823 115.73 17.72 127.11
N ARG DA 824 115.66 18.57 126.09
CA ARG DA 824 116.08 18.20 124.75
C ARG DA 824 117.54 18.52 124.46
N GLY DA 825 118.25 19.10 125.42
CA GLY DA 825 119.67 19.37 125.26
C GLY DA 825 119.98 20.78 124.81
N VAL DA 826 119.26 21.75 125.35
CA VAL DA 826 119.45 23.16 125.02
C VAL DA 826 119.69 23.92 126.32
N GLU DA 827 120.82 24.60 126.41
CA GLU DA 827 121.17 25.42 127.57
C GLU DA 827 121.20 26.88 127.14
N VAL DA 828 120.39 27.70 127.80
CA VAL DA 828 120.24 29.11 127.45
C VAL DA 828 120.47 29.94 128.70
N ASP DA 829 121.25 31.02 128.57
CA ASP DA 829 121.49 31.90 129.70
C ASP DA 829 120.20 32.62 130.10
N PRO DA 830 120.05 32.92 131.40
CA PRO DA 830 118.81 33.59 131.85
C PRO DA 830 118.57 34.94 131.20
N SER DA 831 119.63 35.68 130.86
CA SER DA 831 119.45 36.99 130.24
C SER DA 831 118.79 36.86 128.88
N LEU DA 832 119.24 35.89 128.07
CA LEU DA 832 118.62 35.68 126.76
C LEU DA 832 117.18 35.21 126.91
N ILE DA 833 116.91 34.37 127.91
CA ILE DA 833 115.54 33.92 128.16
C ILE DA 833 114.65 35.11 128.49
N LYS DA 834 115.14 36.01 129.35
CA LYS DA 834 114.35 37.18 129.72
C LYS DA 834 114.13 38.10 128.51
N ASP DA 835 115.16 38.28 127.68
CA ASP DA 835 115.02 39.13 126.51
C ASP DA 835 114.00 38.55 125.53
N THR DA 836 114.07 37.23 125.29
CA THR DA 836 113.11 36.59 124.40
C THR DA 836 111.70 36.67 124.97
N TRP DA 837 111.55 36.49 126.28
CA TRP DA 837 110.24 36.62 126.89
C TRP DA 837 109.70 38.03 126.75
N HIS DA 838 110.55 39.05 126.93
CA HIS DA 838 110.11 40.42 126.76
C HIS DA 838 109.67 40.69 125.32
N GLN DA 839 110.44 40.20 124.36
CA GLN DA 839 110.08 40.40 122.95
C GLN DA 839 108.76 39.70 122.62
N VAL DA 840 108.57 38.47 123.11
CA VAL DA 840 107.34 37.74 122.85
C VAL DA 840 106.15 38.42 123.51
N TYR DA 841 106.36 38.95 124.72
CA TYR DA 841 105.31 39.69 125.43
C TYR DA 841 104.91 40.93 124.66
N ARG DA 842 105.90 41.67 124.14
CA ARG DA 842 105.62 42.84 123.32
C ARG DA 842 104.86 42.47 122.05
N ARG DA 843 105.27 41.38 121.40
CA ARG DA 843 104.57 40.95 120.19
C ARG DA 843 103.13 40.54 120.49
N HIS DA 844 102.91 39.84 121.60
CA HIS DA 844 101.57 39.43 121.97
C HIS DA 844 100.68 40.63 122.25
N PHE DA 845 101.21 41.63 122.96
CA PHE DA 845 100.41 42.83 123.20
C PHE DA 845 100.21 43.66 121.94
N LEU DA 846 101.16 43.63 121.01
CA LEU DA 846 100.94 44.28 119.72
C LEU DA 846 99.80 43.61 118.96
N LYS DA 847 99.77 42.27 118.97
CA LYS DA 847 98.66 41.56 118.33
C LYS DA 847 97.34 41.86 119.02
N THR DA 848 97.36 41.92 120.35
CA THR DA 848 96.14 42.26 121.10
C THR DA 848 95.67 43.66 120.76
N ALA DA 849 96.59 44.61 120.63
CA ALA DA 849 96.22 45.97 120.25
C ALA DA 849 95.66 46.01 118.84
N LEU DA 850 96.22 45.22 117.93
CA LEU DA 850 95.68 45.15 116.57
C LEU DA 850 94.25 44.59 116.58
N ASN DA 851 94.01 43.55 117.36
CA ASN DA 851 92.67 43.01 117.48
C ASN DA 851 91.70 44.03 118.09
N HIS DA 852 92.18 44.79 119.09
CA HIS DA 852 91.35 45.83 119.68
C HIS DA 852 91.01 46.91 118.67
N CYS DA 853 91.98 47.28 117.82
CA CYS DA 853 91.71 48.24 116.76
C CYS DA 853 90.68 47.70 115.78
N ASN DA 854 90.81 46.43 115.41
CA ASN DA 854 89.83 45.82 114.51
C ASN DA 854 88.43 45.85 115.11
N LEU DA 855 88.33 45.55 116.42
CA LEU DA 855 87.03 45.61 117.08
C LEU DA 855 86.50 47.04 117.13
N CYS DA 856 87.35 48.01 117.47
CA CYS DA 856 86.92 49.40 117.57
C CYS DA 856 86.56 49.98 116.21
N ARG DA 857 87.04 49.39 115.11
CA ARG DA 857 86.65 49.85 113.79
C ARG DA 857 85.15 49.71 113.56
N ARG DA 858 84.49 48.81 114.29
CA ARG DA 858 83.02 48.60 114.13
C ARG DA 858 82.33 48.95 115.45
N GLY DA 859 83.10 49.11 116.53
CA GLY DA 859 82.53 49.42 117.83
C GLY DA 859 82.17 50.86 118.08
N PHE DA 860 82.10 51.69 117.03
CA PHE DA 860 81.70 53.08 117.22
C PHE DA 860 80.27 53.21 117.75
N TYR DA 861 79.40 52.26 117.44
CA TYR DA 861 78.04 52.28 118.00
C TYR DA 861 78.07 52.17 119.51
N TYR DA 862 78.88 51.25 120.05
CA TYR DA 862 79.03 51.14 121.49
C TYR DA 862 79.73 52.37 122.05
N TYR DA 863 80.76 52.85 121.36
CA TYR DA 863 81.55 53.98 121.88
C TYR DA 863 80.72 55.25 121.99
N GLN DA 864 79.90 55.54 120.98
CA GLN DA 864 79.16 56.79 120.96
C GLN DA 864 78.14 56.87 122.09
N ARG DA 865 77.43 55.77 122.35
CA ARG DA 865 76.37 55.78 123.35
C ARG DA 865 76.84 55.34 124.74
N HIS DA 866 77.95 54.63 124.83
CA HIS DA 866 78.49 54.17 126.11
C HIS DA 866 77.47 53.34 126.89
N PHE DA 867 77.11 52.20 126.32
CA PHE DA 867 76.14 51.31 126.94
C PHE DA 867 76.67 50.76 128.26
N VAL DA 868 75.74 50.47 129.17
CA VAL DA 868 76.12 49.93 130.47
C VAL DA 868 76.81 48.57 130.31
N ASP DA 869 76.22 47.70 129.49
CA ASP DA 869 76.81 46.40 129.20
C ASP DA 869 77.68 46.44 127.96
N SER DA 870 78.65 47.37 127.95
CA SER DA 870 79.53 47.52 126.80
C SER DA 870 80.50 46.36 126.71
N GLU DA 871 80.58 45.76 125.52
CA GLU DA 871 81.50 44.67 125.26
C GLU DA 871 82.86 45.14 124.73
N LEU DA 872 83.06 46.45 124.62
CA LEU DA 872 84.30 46.99 124.08
C LEU DA 872 84.51 48.39 124.63
N GLU DA 873 85.70 48.64 125.17
CA GLU DA 873 86.06 49.94 125.72
C GLU DA 873 87.20 50.51 124.89
N CYS DA 874 86.87 51.39 123.94
CA CYS DA 874 87.85 52.01 123.06
C CYS DA 874 88.37 53.28 123.75
N ASN DA 875 89.56 53.19 124.32
CA ASN DA 875 90.21 54.33 124.95
C ASN DA 875 91.52 54.73 124.30
N ASP DA 876 92.23 53.79 123.67
CA ASP DA 876 93.48 54.12 123.00
C ASP DA 876 93.24 55.08 121.84
N VAL DA 877 92.14 54.91 121.11
CA VAL DA 877 91.82 55.80 120.00
C VAL DA 877 91.63 57.23 120.50
N VAL DA 878 90.86 57.37 121.59
CA VAL DA 878 90.61 58.69 122.16
C VAL DA 878 91.91 59.31 122.67
N LEU DA 879 92.74 58.51 123.34
CA LEU DA 879 94.00 59.02 123.85
C LEU DA 879 94.91 59.50 122.71
N PHE DA 880 94.99 58.71 121.64
CA PHE DA 880 95.83 59.10 120.50
C PHE DA 880 95.29 60.34 119.82
N TRP DA 881 93.96 60.47 119.71
CA TRP DA 881 93.38 61.68 119.13
C TRP DA 881 93.68 62.91 120.00
N ARG DA 882 93.59 62.74 121.32
CA ARG DA 882 93.93 63.84 122.23
C ARG DA 882 95.39 64.24 122.08
N ILE DA 883 96.29 63.25 121.99
CA ILE DA 883 97.70 63.55 121.79
C ILE DA 883 97.92 64.28 120.47
N GLN DA 884 97.23 63.83 119.41
CA GLN DA 884 97.40 64.46 118.10
C GLN DA 884 96.92 65.91 118.12
N ARG DA 885 95.76 66.17 118.73
CA ARG DA 885 95.26 67.55 118.75
C ARG DA 885 96.13 68.44 119.64
N MET DA 886 96.62 67.91 120.76
CA MET DA 886 97.52 68.67 121.60
C MET DA 886 98.81 69.00 120.87
N LEU DA 887 99.35 68.03 120.12
CA LEU DA 887 100.56 68.29 119.34
C LEU DA 887 100.31 69.32 118.25
N ALA DA 888 99.14 69.27 117.61
CA ALA DA 888 98.80 70.27 116.60
C ALA DA 888 98.71 71.66 117.22
N ILE DA 889 98.09 71.77 118.38
CA ILE DA 889 97.97 73.07 119.06
C ILE DA 889 99.36 73.59 119.43
N THR DA 890 100.21 72.70 119.96
CA THR DA 890 101.56 73.10 120.34
C THR DA 890 102.36 73.55 119.13
N ALA DA 891 102.24 72.83 118.01
CA ALA DA 891 102.95 73.22 116.80
C ALA DA 891 102.47 74.56 116.27
N ASN DA 892 101.15 74.80 116.31
CA ASN DA 892 100.62 76.09 115.87
C ASN DA 892 101.13 77.21 116.75
N THR DA 893 101.13 77.01 118.07
CA THR DA 893 101.65 78.02 118.98
C THR DA 893 103.13 78.28 118.74
N LEU DA 894 103.91 77.23 118.53
CA LEU DA 894 105.33 77.38 118.25
C LEU DA 894 105.56 78.16 116.97
N ARG DA 895 104.79 77.85 115.92
CA ARG DA 895 104.93 78.58 114.66
C ARG DA 895 104.56 80.05 114.83
N GLN DA 896 103.48 80.34 115.57
CA GLN DA 896 103.07 81.72 115.78
C GLN DA 896 104.14 82.49 116.54
N GLN DA 897 104.65 81.91 117.63
CA GLN DA 897 105.68 82.60 118.41
C GLN DA 897 106.96 82.77 117.60
N LEU DA 898 107.32 81.78 116.79
CA LEU DA 898 108.49 81.90 115.94
C LEU DA 898 108.33 83.06 114.97
N THR DA 899 107.21 83.09 114.24
CA THR DA 899 106.97 84.18 113.30
C THR DA 899 106.94 85.53 114.00
N ASN DA 900 106.45 85.57 115.25
CA ASN DA 900 106.38 86.84 115.97
C ASN DA 900 107.76 87.34 116.39
N THR DA 901 108.61 86.46 116.92
CA THR DA 901 109.84 86.90 117.56
C THR DA 901 111.11 86.43 116.86
N GLU DA 902 111.20 85.13 116.56
CA GLU DA 902 112.47 84.58 116.09
C GLU DA 902 112.78 85.01 114.67
N VAL DA 903 111.76 85.22 113.83
CA VAL DA 903 112.00 85.73 112.48
C VAL DA 903 112.63 87.12 112.54
N ARG DA 904 112.08 87.98 113.40
CA ARG DA 904 112.65 89.32 113.56
C ARG DA 904 114.06 89.25 114.16
N ARG DA 905 114.28 88.35 115.11
CA ARG DA 905 115.62 88.21 115.69
C ARG DA 905 116.63 87.76 114.64
N LEU DA 906 116.25 86.79 113.81
CA LEU DA 906 117.14 86.31 112.76
C LEU DA 906 117.40 87.41 111.73
N GLU DA 907 116.36 88.19 111.39
CA GLU DA 907 116.56 89.31 110.48
C GLU DA 907 117.53 90.33 111.05
N LYS DA 908 117.40 90.64 112.35
CA LYS DA 908 118.32 91.57 112.99
C LYS DA 908 119.74 91.04 112.98
N ASN DA 909 119.92 89.75 113.28
CA ASN DA 909 121.25 89.16 113.27
C ASN DA 909 121.86 89.19 111.87
N VAL DA 910 121.05 88.89 110.85
CA VAL DA 910 121.54 88.93 109.47
C VAL DA 910 121.93 90.35 109.09
N LYS DA 911 121.13 91.34 109.48
CA LYS DA 911 121.46 92.73 109.19
C LYS DA 911 122.76 93.14 109.87
N GLU DA 912 122.94 92.74 111.13
CA GLU DA 912 124.17 93.06 111.85
C GLU DA 912 125.38 92.41 111.18
N VAL DA 913 125.25 91.15 110.77
CA VAL DA 913 126.36 90.47 110.12
C VAL DA 913 126.69 91.14 108.79
N LEU DA 914 125.66 91.51 108.02
CA LEU DA 914 125.90 92.17 106.73
C LEU DA 914 126.56 93.53 106.93
N GLU DA 915 126.13 94.29 107.95
CA GLU DA 915 126.75 95.58 108.22
C GLU DA 915 128.21 95.41 108.64
N ASP DA 916 128.49 94.41 109.48
CA ASP DA 916 129.87 94.15 109.89
C ASP DA 916 130.73 93.76 108.71
N PHE DA 917 130.21 92.94 107.80
CA PHE DA 917 130.96 92.57 106.61
C PHE DA 917 131.20 93.76 105.70
N ALA DA 918 130.19 94.61 105.52
CA ALA DA 918 130.32 95.78 104.67
C ALA DA 918 131.34 96.77 105.22
N GLU DA 919 131.33 96.98 106.55
CA GLU DA 919 132.24 97.91 107.19
C GLU DA 919 133.66 97.35 107.35
N ASP DA 920 133.94 96.18 106.78
CA ASP DA 920 135.27 95.57 106.87
C ASP DA 920 135.58 94.94 105.51
N GLY DA 921 136.30 95.69 104.67
CA GLY DA 921 136.72 95.17 103.37
C GLY DA 921 137.80 94.12 103.45
N GLU DA 922 138.58 94.12 104.54
CA GLU DA 922 139.60 93.07 104.72
C GLU DA 922 138.95 91.70 104.83
N LYS DA 923 137.82 91.61 105.53
CA LYS DA 923 137.11 90.34 105.61
C LYS DA 923 136.62 89.90 104.24
N LYS DA 924 136.13 90.84 103.43
CA LYS DA 924 135.70 90.51 102.08
C LYS DA 924 136.86 90.00 101.24
N ILE DA 925 138.03 90.63 101.37
CA ILE DA 925 139.21 90.18 100.63
C ILE DA 925 139.62 88.79 101.08
N LYS DA 926 139.60 88.54 102.39
CA LYS DA 926 140.00 87.23 102.90
C LYS DA 926 139.03 86.14 102.45
N LEU DA 927 137.74 86.44 102.45
CA LEU DA 927 136.74 85.43 102.10
C LEU DA 927 136.52 85.31 100.60
N LEU DA 928 136.24 86.43 99.92
CA LEU DA 928 135.97 86.41 98.48
C LEU DA 928 137.30 86.29 97.74
N THR DA 929 137.80 85.05 97.68
CA THR DA 929 139.04 84.73 96.98
C THR DA 929 138.77 83.93 95.71
N GLY DA 930 137.56 84.03 95.17
CA GLY DA 930 137.24 83.32 93.96
C GLY DA 930 137.96 83.88 92.74
N LYS DA 931 137.98 83.07 91.68
CA LYS DA 931 138.65 83.48 90.45
C LYS DA 931 137.98 84.70 89.84
N ARG DA 932 136.65 84.74 89.84
CA ARG DA 932 135.94 85.89 89.27
C ARG DA 932 136.24 87.16 90.06
N VAL DA 933 136.25 87.08 91.39
CA VAL DA 933 136.51 88.26 92.22
C VAL DA 933 137.91 88.79 91.96
N GLN DA 934 138.90 87.89 91.93
CA GLN DA 934 140.28 88.30 91.70
C GLN DA 934 140.45 88.89 90.30
N LEU DA 935 139.83 88.29 89.29
CA LEU DA 935 139.93 88.81 87.93
C LEU DA 935 139.30 90.19 87.83
N ALA DA 936 138.13 90.38 88.45
CA ALA DA 936 137.49 91.69 88.42
C ALA DA 936 138.32 92.73 89.14
N GLU DA 937 138.90 92.37 90.28
CA GLU DA 937 139.76 93.31 91.00
C GLU DA 937 140.98 93.68 90.18
N ASP DA 938 141.61 92.70 89.53
CA ASP DA 938 142.76 92.99 88.70
C ASP DA 938 142.39 93.88 87.51
N LEU DA 939 141.25 93.62 86.88
CA LEU DA 939 140.81 94.45 85.76
C LEU DA 939 140.53 95.88 86.22
N LYS DA 940 139.88 96.05 87.37
CA LYS DA 940 139.61 97.38 87.88
C LYS DA 940 140.90 98.12 88.21
N LYS DA 941 141.86 97.43 88.83
CA LYS DA 941 143.13 98.05 89.16
C LYS DA 941 143.89 98.45 87.89
N VAL DA 942 143.88 97.60 86.87
CA VAL DA 942 144.54 97.92 85.62
C VAL DA 942 143.89 99.12 84.96
N ARG DA 943 142.55 99.17 84.96
CA ARG DA 943 141.85 100.32 84.39
C ARG DA 943 142.19 101.60 85.13
N GLU DA 944 142.22 101.54 86.46
CA GLU DA 944 142.56 102.73 87.25
C GLU DA 944 143.99 103.18 86.97
N ILE DA 945 144.92 102.23 86.86
CA ILE DA 945 146.31 102.58 86.57
C ILE DA 945 146.43 103.22 85.19
N GLN DA 946 145.72 102.67 84.21
CA GLN DA 946 145.75 103.24 82.86
C GLN DA 946 145.15 104.63 82.84
N GLU DA 947 144.06 104.84 83.58
CA GLU DA 947 143.46 106.17 83.65
C GLU DA 947 144.41 107.17 84.29
N LYS DA 948 145.09 106.77 85.37
CA LYS DA 948 146.06 107.64 86.00
C LYS DA 948 147.22 107.97 85.06
N LEU DA 949 147.69 106.97 84.30
CA LEU DA 949 148.76 107.21 83.35
C LEU DA 949 148.32 108.13 82.23
N ASP DA 950 147.08 107.99 81.76
CA ASP DA 950 146.54 108.90 80.75
C ASP DA 950 146.45 110.32 81.28
N ALA DA 951 146.02 110.47 82.53
CA ALA DA 951 145.98 111.80 83.15
C ALA DA 951 147.39 112.39 83.26
N PHE DA 952 148.37 111.56 83.63
CA PHE DA 952 149.76 112.02 83.68
C PHE DA 952 150.23 112.47 82.31
N ILE DA 953 149.92 111.70 81.27
CA ILE DA 953 150.35 112.06 79.91
C ILE DA 953 149.70 113.38 79.49
N GLU DA 954 148.41 113.54 79.78
CA GLU DA 954 147.72 114.77 79.42
C GLU DA 954 148.31 115.97 80.16
N ALA DA 955 148.60 115.81 81.46
CA ALA DA 955 149.20 116.89 82.22
C ALA DA 955 150.58 117.24 81.70
N LEU DA 956 151.39 116.24 81.36
CA LEU DA 956 152.71 116.50 80.81
C LEU DA 956 152.63 117.22 79.47
N HIS DA 957 151.69 116.82 78.62
CA HIS DA 957 151.52 117.49 77.33
C HIS DA 957 151.05 118.92 77.51
N GLN DA 958 150.12 119.17 78.44
CA GLN DA 958 149.65 120.52 78.68
C GLN DA 958 150.73 121.42 79.26
N GLU DA 959 151.53 120.90 80.20
CA GLU DA 959 152.58 121.71 80.80
C GLU DA 959 153.65 122.07 79.79
N LYS DA 960 154.01 121.11 78.92
CA LYS DA 960 155.01 121.37 77.86
C LYS DA 960 154.29 121.87 76.59
N SER EA 263 64.08 183.10 95.41
CA SER EA 263 63.68 183.17 94.02
C SER EA 263 63.72 181.79 93.37
N LEU EA 264 64.59 181.63 92.36
CA LEU EA 264 64.71 180.35 91.69
C LEU EA 264 65.25 179.28 92.62
N ILE EA 265 66.23 179.64 93.46
CA ILE EA 265 66.84 178.66 94.36
C ILE EA 265 65.84 178.19 95.40
N ASP EA 266 65.01 179.11 95.93
CA ASP EA 266 64.00 178.72 96.91
C ASP EA 266 62.97 177.78 96.31
N MET EA 267 62.51 178.09 95.08
CA MET EA 267 61.54 177.22 94.42
C MET EA 267 62.15 175.86 94.10
N TYR EA 268 63.42 175.84 93.69
CA TYR EA 268 64.09 174.55 93.44
C TYR EA 268 64.20 173.74 94.72
N SER EA 269 64.52 174.40 95.84
CA SER EA 269 64.60 173.69 97.12
C SER EA 269 63.23 173.15 97.52
N GLU EA 270 62.17 173.93 97.29
CA GLU EA 270 60.82 173.45 97.57
C GLU EA 270 60.46 172.25 96.71
N VAL EA 271 60.84 172.29 95.43
CA VAL EA 271 60.59 171.16 94.54
C VAL EA 271 61.33 169.92 95.01
N LEU EA 272 62.60 170.09 95.43
CA LEU EA 272 63.37 168.96 95.94
C LEU EA 272 62.74 168.41 97.21
N ASP EA 273 62.25 169.29 98.09
CA ASP EA 273 61.58 168.83 99.31
C ASP EA 273 60.32 168.05 98.98
N VAL EA 274 59.54 168.51 98.00
CA VAL EA 274 58.34 167.80 97.58
C VAL EA 274 58.70 166.43 97.03
N LEU EA 275 59.76 166.37 96.20
CA LEU EA 275 60.19 165.09 95.65
C LEU EA 275 60.64 164.14 96.75
N SER EA 276 61.35 164.65 97.75
CA SER EA 276 61.78 163.81 98.87
C SER EA 276 60.59 163.30 99.67
N ASP EA 277 59.60 164.17 99.91
CA ASP EA 277 58.41 163.77 100.65
C ASP EA 277 57.45 162.92 99.83
N TYR EA 278 57.68 162.81 98.51
CA TYR EA 278 56.81 161.99 97.67
C TYR EA 278 56.85 160.52 98.11
N ASP EA 279 58.03 159.99 98.40
CA ASP EA 279 58.16 158.61 98.83
C ASP EA 279 59.47 158.44 99.59
N ALA EA 280 59.50 157.44 100.47
CA ALA EA 280 60.71 157.15 101.22
C ALA EA 280 61.78 156.47 100.37
N SER EA 281 61.38 155.88 99.24
CA SER EA 281 62.33 155.23 98.35
C SER EA 281 62.95 156.27 97.42
N TYR EA 282 63.68 155.82 96.41
CA TYR EA 282 64.36 156.69 95.45
C TYR EA 282 63.93 156.28 94.04
N ASN EA 283 62.81 156.85 93.57
CA ASN EA 283 62.31 156.62 92.23
C ASN EA 283 62.37 157.86 91.36
N THR EA 284 61.76 158.96 91.81
CA THR EA 284 61.83 160.23 91.09
C THR EA 284 62.81 161.21 91.70
N GLN EA 285 63.39 160.88 92.86
CA GLN EA 285 64.35 161.77 93.50
C GLN EA 285 65.69 161.79 92.80
N ASP EA 286 65.98 160.81 91.96
CA ASP EA 286 67.24 160.71 91.24
C ASP EA 286 67.21 161.42 89.89
N HIS EA 287 66.11 162.09 89.57
CA HIS EA 287 66.01 162.80 88.30
C HIS EA 287 66.75 164.14 88.36
N LEU EA 288 66.34 165.01 89.29
CA LEU EA 288 67.00 166.30 89.44
C LEU EA 288 68.37 166.12 90.09
N PRO EA 289 69.37 166.88 89.65
CA PRO EA 289 70.69 166.77 90.28
C PRO EA 289 70.66 167.22 91.74
N ARG EA 290 71.45 166.55 92.56
CA ARG EA 290 71.54 166.85 93.98
C ARG EA 290 72.99 166.74 94.41
N VAL EA 291 73.56 167.87 94.86
CA VAL EA 291 74.95 167.88 95.34
C VAL EA 291 74.96 167.24 96.73
N VAL EA 292 75.58 166.07 96.84
CA VAL EA 292 75.63 165.31 98.08
C VAL EA 292 77.06 165.30 98.59
N VAL EA 293 77.24 165.66 99.86
CA VAL EA 293 78.55 165.67 100.50
C VAL EA 293 78.67 164.43 101.37
N VAL EA 294 79.61 163.55 101.02
CA VAL EA 294 79.82 162.30 101.74
C VAL EA 294 81.26 162.27 102.22
N GLY EA 295 81.45 161.95 103.50
CA GLY EA 295 82.77 161.87 104.09
C GLY EA 295 82.99 160.60 104.89
N ASP EA 296 84.07 160.57 105.66
CA ASP EA 296 84.40 159.43 106.51
C ASP EA 296 84.11 159.76 107.96
N GLN EA 297 84.00 158.71 108.78
CA GLN EA 297 83.73 158.89 110.19
C GLN EA 297 84.95 159.46 110.90
N SER EA 298 84.73 160.49 111.71
CA SER EA 298 85.80 161.15 112.46
C SER EA 298 86.91 161.66 111.54
N ALA EA 299 86.52 162.14 110.37
CA ALA EA 299 87.46 162.65 109.37
C ALA EA 299 87.49 164.18 109.33
N GLY EA 300 86.87 164.85 110.29
CA GLY EA 300 86.86 166.29 110.31
C GLY EA 300 85.94 166.95 109.31
N LYS EA 301 85.02 166.19 108.70
CA LYS EA 301 84.11 166.76 107.72
C LYS EA 301 83.16 167.77 108.35
N THR EA 302 82.90 167.64 109.66
CA THR EA 302 82.01 168.58 110.32
C THR EA 302 82.57 170.00 110.30
N SER EA 303 83.89 170.14 110.54
CA SER EA 303 84.50 171.46 110.50
C SER EA 303 84.45 172.06 109.10
N VAL EA 304 84.69 171.24 108.08
CA VAL EA 304 84.64 171.73 106.71
C VAL EA 304 83.22 172.17 106.35
N LEU EA 305 82.21 171.38 106.76
CA LEU EA 305 80.83 171.75 106.49
C LEU EA 305 80.46 173.04 107.20
N GLU EA 306 80.91 173.20 108.45
CA GLU EA 306 80.64 174.44 109.19
C GLU EA 306 81.30 175.63 108.51
N MET EA 307 82.54 175.45 108.03
CA MET EA 307 83.23 176.54 107.34
C MET EA 307 82.56 176.88 106.01
N ILE EA 308 81.95 175.89 105.36
CA ILE EA 308 81.23 176.16 104.10
C ILE EA 308 80.07 177.11 104.36
N ALA EA 309 79.31 176.88 105.43
CA ALA EA 309 78.20 177.75 105.80
C ALA EA 309 78.66 178.93 106.67
N GLN EA 310 79.95 178.99 107.02
CA GLN EA 310 80.51 180.06 107.83
C GLN EA 310 79.82 180.16 109.19
N ALA EA 311 79.37 179.03 109.73
CA ALA EA 311 78.71 179.00 111.02
C ALA EA 311 78.75 177.57 111.55
N ARG EA 312 78.85 177.46 112.88
CA ARG EA 312 78.86 176.15 113.54
C ARG EA 312 77.42 175.72 113.78
N ILE EA 313 76.88 174.91 112.89
CA ILE EA 313 75.52 174.43 112.99
C ILE EA 313 75.42 172.93 113.20
N PHE EA 314 76.46 172.16 112.88
CA PHE EA 314 76.42 170.72 113.07
C PHE EA 314 77.00 170.37 114.44
N PRO EA 315 76.26 169.69 115.31
CA PRO EA 315 76.80 169.33 116.62
C PRO EA 315 77.99 168.38 116.50
N ARG EA 316 78.96 168.55 117.39
CA ARG EA 316 80.16 167.74 117.39
C ARG EA 316 79.92 166.41 118.09
N GLY EA 317 80.62 165.38 117.62
CA GLY EA 317 80.50 164.06 118.20
C GLY EA 317 81.84 163.42 118.53
N SER EA 318 82.00 162.97 119.77
CA SER EA 318 83.25 162.35 120.22
C SER EA 318 83.18 160.86 119.90
N GLY EA 319 83.39 160.55 118.62
CA GLY EA 319 83.38 159.18 118.13
C GLY EA 319 82.03 158.66 117.71
N GLU EA 320 80.99 159.01 118.46
CA GLU EA 320 79.64 158.57 118.13
C GLU EA 320 79.15 159.24 116.86
N MET EA 321 78.38 158.50 116.07
CA MET EA 321 77.82 158.99 114.81
C MET EA 321 76.56 159.79 115.12
N MET EA 322 76.73 161.10 115.33
CA MET EA 322 75.60 161.96 115.64
C MET EA 322 74.64 162.06 114.46
N THR EA 323 75.18 162.16 113.24
CA THR EA 323 74.35 162.27 112.04
C THR EA 323 73.88 160.88 111.63
N ARG EA 324 72.60 160.59 111.87
CA ARG EA 324 72.01 159.30 111.51
C ARG EA 324 70.94 159.42 110.44
N SER EA 325 70.59 160.63 110.01
CA SER EA 325 69.59 160.85 108.99
C SER EA 325 70.12 161.84 107.96
N PRO EA 326 69.67 161.74 106.71
CA PRO EA 326 70.10 162.70 105.69
C PRO EA 326 69.70 164.13 106.06
N VAL EA 327 70.61 165.06 105.79
CA VAL EA 327 70.40 166.47 106.09
C VAL EA 327 70.55 167.26 104.80
N LYS EA 328 69.56 168.10 104.49
CA LYS EA 328 69.57 168.93 103.30
C LYS EA 328 69.94 170.36 103.71
N VAL EA 329 70.99 170.89 103.09
CA VAL EA 329 71.45 172.26 103.33
C VAL EA 329 71.28 173.03 102.03
N THR EA 330 70.40 174.01 102.04
CA THR EA 330 70.14 174.85 100.86
C THR EA 330 70.85 176.18 101.06
N LEU EA 331 71.86 176.44 100.22
CA LEU EA 331 72.59 177.70 100.28
C LEU EA 331 71.89 178.75 99.46
N SER EA 332 71.59 179.90 100.08
CA SER EA 332 70.91 180.99 99.41
C SER EA 332 71.22 182.28 100.16
N GLU EA 333 70.66 183.38 99.68
CA GLU EA 333 70.85 184.70 100.27
C GLU EA 333 69.50 185.29 100.62
N GLY EA 334 69.38 185.80 101.85
CA GLY EA 334 68.16 186.40 102.31
C GLY EA 334 68.39 187.71 103.01
N PRO EA 335 67.33 188.29 103.58
CA PRO EA 335 67.49 189.56 104.30
C PRO EA 335 68.44 189.47 105.48
N HIS EA 336 68.50 188.33 106.16
CA HIS EA 336 69.37 188.14 107.31
C HIS EA 336 70.09 186.81 107.19
N HIS EA 337 71.25 186.72 107.84
CA HIS EA 337 72.05 185.50 107.84
C HIS EA 337 71.52 184.53 108.90
N VAL EA 338 70.32 184.01 108.60
CA VAL EA 338 69.63 183.10 109.50
C VAL EA 338 69.33 181.80 108.76
N ALA EA 339 68.89 180.80 109.52
CA ALA EA 339 68.52 179.50 108.97
C ALA EA 339 67.06 179.20 109.31
N LEU EA 340 66.31 178.76 108.31
CA LEU EA 340 64.89 178.47 108.47
C LEU EA 340 64.59 177.10 107.87
N PHE EA 341 63.82 176.29 108.60
CA PHE EA 341 63.42 174.98 108.11
C PHE EA 341 62.19 175.10 107.22
N LYS EA 342 61.89 174.01 106.51
CA LYS EA 342 60.72 173.98 105.65
C LYS EA 342 59.43 174.05 106.46
N ASP EA 343 59.37 173.34 107.59
CA ASP EA 343 58.18 173.27 108.43
C ASP EA 343 58.34 174.04 109.73
N SER EA 344 59.20 175.06 109.74
CA SER EA 344 59.42 175.87 110.93
C SER EA 344 59.30 177.35 110.56
N SER EA 345 59.01 178.16 111.58
CA SER EA 345 58.86 179.60 111.41
C SER EA 345 59.89 180.41 112.18
N ARG EA 346 60.71 179.78 113.02
CA ARG EA 346 61.72 180.48 113.79
C ARG EA 346 63.01 180.59 112.97
N GLU EA 347 63.51 181.81 112.83
CA GLU EA 347 64.74 182.06 112.07
C GLU EA 347 65.93 181.89 113.01
N PHE EA 348 66.63 180.77 112.87
CA PHE EA 348 67.80 180.48 113.69
C PHE EA 348 68.99 181.26 113.15
N ASP EA 349 69.40 182.29 113.89
CA ASP EA 349 70.54 183.11 113.47
C ASP EA 349 71.83 182.30 113.51
N LEU EA 350 72.73 182.60 112.57
CA LEU EA 350 73.99 181.90 112.46
C LEU EA 350 75.14 182.67 113.08
N THR EA 351 74.86 183.75 113.81
CA THR EA 351 75.89 184.58 114.44
C THR EA 351 75.89 184.45 115.96
N LYS EA 352 74.75 184.65 116.61
CA LYS EA 352 74.68 184.57 118.06
C LYS EA 352 74.90 183.13 118.53
N GLU EA 353 75.63 182.98 119.64
CA GLU EA 353 75.91 181.65 120.18
C GLU EA 353 74.64 180.97 120.65
N GLU EA 354 73.73 181.71 121.28
CA GLU EA 354 72.49 181.13 121.76
C GLU EA 354 71.64 180.61 120.61
N ASP EA 355 71.55 181.37 119.52
CA ASP EA 355 70.80 180.93 118.35
C ASP EA 355 71.42 179.70 117.72
N LEU EA 356 72.76 179.65 117.66
CA LEU EA 356 73.43 178.47 117.12
C LEU EA 356 73.17 177.25 118.00
N ALA EA 357 73.21 177.43 119.32
CA ALA EA 357 72.90 176.31 120.23
C ALA EA 357 71.47 175.84 120.06
N ALA EA 358 70.53 176.76 119.91
CA ALA EA 358 69.14 176.39 119.68
C ALA EA 358 68.98 175.63 118.37
N LEU EA 359 69.67 176.08 117.31
CA LEU EA 359 69.61 175.39 116.04
C LEU EA 359 70.18 173.98 116.14
N ARG EA 360 71.30 173.83 116.85
CA ARG EA 360 71.88 172.51 117.04
C ARG EA 360 70.94 171.60 117.83
N HIS EA 361 70.30 172.15 118.87
CA HIS EA 361 69.35 171.36 119.64
C HIS EA 361 68.16 170.93 118.79
N GLU EA 362 67.66 171.84 117.95
CA GLU EA 362 66.55 171.49 117.06
C GLU EA 362 66.95 170.41 116.07
N ILE EA 363 68.17 170.51 115.52
CA ILE EA 363 68.66 169.50 114.58
C ILE EA 363 68.78 168.15 115.28
N GLU EA 364 69.30 168.14 116.50
CA GLU EA 364 69.42 166.89 117.26
C GLU EA 364 68.05 166.30 117.55
N LEU EA 365 67.08 167.14 117.92
CA LEU EA 365 65.73 166.65 118.17
C LEU EA 365 65.11 166.06 116.92
N ARG EA 366 65.30 166.72 115.77
CA ARG EA 366 64.78 166.20 114.51
C ARG EA 366 65.44 164.87 114.15
N MET EA 367 66.76 164.75 114.39
CA MET EA 367 67.44 163.49 114.12
C MET EA 367 66.91 162.38 115.02
N ARG EA 368 66.70 162.68 116.31
CA ARG EA 368 66.18 161.68 117.23
C ARG EA 368 64.77 161.26 116.87
N LYS EA 369 63.93 162.22 116.45
CA LYS EA 369 62.56 161.89 116.09
C LYS EA 369 62.50 160.97 114.89
N ASN EA 370 63.32 161.22 113.88
CA ASN EA 370 63.33 160.37 112.69
C ASN EA 370 63.81 158.95 113.02
N VAL EA 371 64.85 158.83 113.84
CA VAL EA 371 65.39 157.52 114.18
C VAL EA 371 64.44 156.82 115.15
N LYS EA 372 64.08 155.59 114.81
CA LYS EA 372 63.19 154.80 115.66
C LYS EA 372 63.90 154.38 116.94
N GLU EA 373 63.10 154.09 117.97
CA GLU EA 373 63.62 153.68 119.26
C GLU EA 373 64.08 152.22 119.15
N GLY EA 374 65.34 152.06 118.74
CA GLY EA 374 65.90 150.73 118.55
C GLY EA 374 66.70 150.60 117.27
N CYS EA 375 66.45 151.50 116.33
CA CYS EA 375 67.15 151.50 115.05
C CYS EA 375 68.31 152.48 115.08
N THR EA 376 69.09 152.48 114.00
CA THR EA 376 70.24 153.35 113.86
C THR EA 376 70.12 154.32 112.70
N VAL EA 377 69.72 153.84 111.52
CA VAL EA 377 69.59 154.66 110.32
C VAL EA 377 68.12 154.76 109.98
N SER EA 378 67.64 156.00 109.78
CA SER EA 378 66.25 156.25 109.46
C SER EA 378 66.13 156.77 108.04
N PRO EA 379 65.21 156.23 107.23
CA PRO EA 379 65.06 156.73 105.85
C PRO EA 379 64.54 158.16 105.77
N GLU EA 380 63.95 158.68 106.84
CA GLU EA 380 63.42 160.04 106.82
C GLU EA 380 64.55 161.06 106.68
N THR EA 381 64.29 162.10 105.89
CA THR EA 381 65.27 163.15 105.63
C THR EA 381 64.89 164.43 106.36
N ILE EA 382 65.88 165.29 106.54
CA ILE EA 382 65.69 166.57 107.22
C ILE EA 382 66.04 167.68 106.23
N SER EA 383 65.11 168.63 106.06
CA SER EA 383 65.27 169.73 105.12
C SER EA 383 65.56 171.02 105.89
N LEU EA 384 66.60 171.73 105.48
CA LEU EA 384 66.98 172.98 106.10
C LEU EA 384 67.42 173.97 105.02
N ASN EA 385 66.95 175.20 105.14
CA ASN EA 385 67.29 176.26 104.20
C ASN EA 385 68.16 177.30 104.90
N VAL EA 386 69.29 177.63 104.28
CA VAL EA 386 70.25 178.59 104.83
C VAL EA 386 70.24 179.84 103.95
N LYS EA 387 70.04 180.99 104.56
CA LYS EA 387 70.01 182.27 103.88
C LYS EA 387 71.01 183.23 104.50
N GLY EA 388 71.50 184.16 103.69
CA GLY EA 388 72.45 185.15 104.14
C GLY EA 388 73.39 185.61 103.04
N PRO EA 389 73.91 186.82 103.19
CA PRO EA 389 74.83 187.34 102.17
C PRO EA 389 76.16 186.58 102.17
N GLY EA 390 76.79 186.58 101.00
CA GLY EA 390 78.07 185.91 100.83
C GLY EA 390 77.99 184.43 100.52
N LEU EA 391 76.80 183.87 100.42
CA LEU EA 391 76.62 182.46 100.10
C LEU EA 391 76.28 182.28 98.62
N GLN EA 392 76.41 181.04 98.15
CA GLN EA 392 76.10 180.68 96.78
C GLN EA 392 74.67 180.19 96.68
N ARG EA 393 74.29 179.69 95.51
CA ARG EA 393 72.95 179.18 95.25
C ARG EA 393 73.08 177.71 94.85
N MET EA 394 73.07 176.84 95.86
CA MET EA 394 73.19 175.40 95.62
C MET EA 394 72.58 174.67 96.81
N VAL EA 395 72.32 173.38 96.62
CA VAL EA 395 71.73 172.53 97.65
C VAL EA 395 72.76 171.47 98.03
N LEU EA 396 73.07 171.39 99.32
CA LEU EA 396 74.03 170.43 99.84
C LEU EA 396 73.31 169.36 100.65
N VAL EA 397 73.69 168.11 100.43
CA VAL EA 397 73.08 166.97 101.12
C VAL EA 397 74.15 166.32 102.00
N ASP EA 398 73.82 166.13 103.27
CA ASP EA 398 74.73 165.52 104.24
C ASP EA 398 74.28 164.09 104.53
N LEU EA 399 75.23 163.16 104.49
CA LEU EA 399 74.96 161.76 104.74
C LEU EA 399 75.93 161.21 105.79
N PRO EA 400 75.53 160.19 106.54
CA PRO EA 400 76.45 159.59 107.51
C PRO EA 400 77.66 158.97 106.83
N GLY EA 401 78.78 159.00 107.54
CA GLY EA 401 80.02 158.47 106.99
C GLY EA 401 79.98 156.97 106.80
N VAL EA 402 80.81 156.49 105.88
CA VAL EA 402 80.89 155.07 105.57
C VAL EA 402 81.66 154.35 106.67
N ILE EA 403 81.07 153.28 107.19
CA ILE EA 403 81.70 152.50 108.25
C ILE EA 403 82.05 151.12 107.70
N ASN EA 404 82.97 150.45 108.39
CA ASN EA 404 83.42 149.13 108.00
C ASN EA 404 83.05 148.05 109.01
N THR EA 405 83.29 148.29 110.30
CA THR EA 405 82.96 147.31 111.32
C THR EA 405 81.46 147.30 111.58
N VAL EA 406 81.00 146.23 112.22
CA VAL EA 406 79.60 146.03 112.55
C VAL EA 406 79.46 146.01 114.07
N THR EA 407 78.59 146.85 114.60
CA THR EA 407 78.38 146.92 116.05
C THR EA 407 77.42 145.83 116.50
N SER EA 408 77.83 145.07 117.52
CA SER EA 408 76.98 144.01 118.04
C SER EA 408 75.77 144.57 118.78
N GLY EA 409 75.90 145.76 119.37
CA GLY EA 409 74.81 146.38 120.09
C GLY EA 409 73.80 147.12 119.25
N MET EA 410 73.99 147.14 117.93
CA MET EA 410 73.08 147.81 117.01
C MET EA 410 72.60 146.83 115.95
N ALA EA 411 71.90 147.34 114.95
CA ALA EA 411 71.38 146.49 113.88
C ALA EA 411 72.53 145.94 113.05
N PRO EA 412 72.58 144.62 112.84
CA PRO EA 412 73.66 144.05 112.02
C PRO EA 412 73.65 144.51 110.59
N ASP EA 413 72.51 144.98 110.07
CA ASP EA 413 72.40 145.43 108.69
C ASP EA 413 72.56 146.94 108.55
N THR EA 414 73.10 147.61 109.57
CA THR EA 414 73.31 149.04 109.47
C THR EA 414 74.29 149.41 108.36
N LYS EA 415 75.39 148.65 108.25
CA LYS EA 415 76.35 148.90 107.18
C LYS EA 415 75.74 148.65 105.81
N GLU EA 416 74.96 147.58 105.67
CA GLU EA 416 74.29 147.31 104.41
C GLU EA 416 73.29 148.40 104.06
N THR EA 417 72.54 148.89 105.05
CA THR EA 417 71.60 149.98 104.81
C THR EA 417 72.33 151.25 104.37
N ILE EA 418 73.45 151.56 105.03
CA ILE EA 418 74.22 152.74 104.66
C ILE EA 418 74.76 152.60 103.23
N PHE EA 419 75.26 151.42 102.88
CA PHE EA 419 75.76 151.20 101.53
C PHE EA 419 74.65 151.33 100.49
N SER EA 420 73.47 150.79 100.80
CA SER EA 420 72.34 150.90 99.88
C SER EA 420 71.91 152.36 99.71
N ILE EA 421 71.88 153.12 100.80
CA ILE EA 421 71.53 154.53 100.71
C ILE EA 421 72.55 155.29 99.87
N SER EA 422 73.84 155.01 100.09
CA SER EA 422 74.88 155.67 99.30
C SER EA 422 74.75 155.32 97.83
N LYS EA 423 74.49 154.06 97.51
CA LYS EA 423 74.32 153.66 96.12
C LYS EA 423 73.12 154.34 95.49
N ALA EA 424 72.00 154.42 96.23
CA ALA EA 424 70.82 155.11 95.71
C ALA EA 424 71.09 156.58 95.46
N TYR EA 425 71.81 157.23 96.38
CA TYR EA 425 72.16 158.63 96.17
C TYR EA 425 73.08 158.81 94.97
N MET EA 426 74.03 157.90 94.79
CA MET EA 426 74.94 157.97 93.65
C MET EA 426 74.30 157.54 92.34
N GLN EA 427 73.10 156.96 92.39
CA GLN EA 427 72.41 156.55 91.16
C GLN EA 427 72.10 157.75 90.26
N ASN EA 428 72.05 158.95 90.80
CA ASN EA 428 71.80 160.13 90.00
C ASN EA 428 73.01 160.40 89.11
N PRO EA 429 72.85 160.44 87.79
CA PRO EA 429 74.00 160.70 86.91
C PRO EA 429 74.58 162.09 87.08
N ASN EA 430 73.82 163.05 87.62
CA ASN EA 430 74.28 164.43 87.78
C ASN EA 430 74.47 164.81 89.24
N ALA EA 431 74.63 163.83 90.12
CA ALA EA 431 74.83 164.10 91.54
C ALA EA 431 76.29 164.48 91.79
N ILE EA 432 76.51 165.72 92.20
CA ILE EA 432 77.86 166.20 92.50
C ILE EA 432 78.26 165.71 93.88
N ILE EA 433 79.41 165.05 93.96
CA ILE EA 433 79.92 164.49 95.20
C ILE EA 433 81.08 165.34 95.67
N LEU EA 434 81.01 165.82 96.91
CA LEU EA 434 82.05 166.64 97.52
C LEU EA 434 82.78 165.78 98.54
N CYS EA 435 83.98 165.33 98.17
CA CYS EA 435 84.79 164.48 99.03
C CYS EA 435 85.57 165.32 100.02
N ILE EA 436 85.50 164.97 101.30
CA ILE EA 436 86.20 165.66 102.37
C ILE EA 436 87.13 164.69 103.05
N GLN EA 437 88.40 165.06 103.19
CA GLN EA 437 89.41 164.23 103.83
C GLN EA 437 89.96 164.97 105.05
N ASP EA 438 90.98 164.38 105.67
CA ASP EA 438 91.61 164.93 106.86
C ASP EA 438 93.12 165.00 106.66
N GLY EA 439 93.77 165.80 107.50
CA GLY EA 439 95.21 165.93 107.41
C GLY EA 439 95.94 164.63 107.69
N SER EA 440 95.44 163.85 108.65
CA SER EA 440 96.05 162.58 108.99
C SER EA 440 95.57 161.42 108.11
N VAL EA 441 94.65 161.67 107.18
CA VAL EA 441 94.11 160.65 106.31
C VAL EA 441 94.62 160.92 104.90
N ASP EA 442 95.24 159.91 104.30
CA ASP EA 442 95.78 160.04 102.96
C ASP EA 442 94.65 159.98 101.92
N ALA EA 443 95.00 160.35 100.68
CA ALA EA 443 94.02 160.33 99.60
C ALA EA 443 93.53 158.91 99.33
N GLU EA 444 94.44 157.93 99.33
CA GLU EA 444 94.04 156.54 99.10
C GLU EA 444 93.31 155.95 100.29
N ARG EA 445 93.50 156.50 101.49
CA ARG EA 445 92.82 156.01 102.68
C ARG EA 445 91.37 156.47 102.77
N SER EA 446 90.95 157.40 101.92
CA SER EA 446 89.58 157.91 101.93
C SER EA 446 88.68 156.92 101.19
N ILE EA 447 87.72 156.35 101.91
CA ILE EA 447 86.79 155.40 101.29
C ILE EA 447 85.90 156.10 100.28
N VAL EA 448 85.49 157.33 100.58
CA VAL EA 448 84.62 158.07 99.66
C VAL EA 448 85.34 158.34 98.34
N THR EA 449 86.61 158.74 98.42
CA THR EA 449 87.36 159.01 97.19
C THR EA 449 87.52 157.75 96.34
N ASP EA 450 87.83 156.62 97.00
CA ASP EA 450 87.96 155.37 96.26
C ASP EA 450 86.63 154.95 95.62
N LEU EA 451 85.53 155.11 96.35
CA LEU EA 451 84.23 154.77 95.80
C LEU EA 451 83.88 155.66 94.61
N VAL EA 452 84.18 156.96 94.71
CA VAL EA 452 83.92 157.87 93.60
C VAL EA 452 84.76 157.49 92.39
N SER EA 453 86.03 157.16 92.61
CA SER EA 453 86.90 156.77 91.51
C SER EA 453 86.40 155.48 90.85
N GLN EA 454 85.96 154.51 91.66
CA GLN EA 454 85.44 153.27 91.11
C GLN EA 454 84.16 153.51 90.31
N MET EA 455 83.26 154.34 90.83
CA MET EA 455 82.00 154.61 90.14
C MET EA 455 82.18 155.56 88.96
N ASP EA 456 83.11 156.51 89.06
CA ASP EA 456 83.36 157.51 88.02
C ASP EA 456 84.84 157.53 87.71
N PRO EA 457 85.32 156.56 86.91
CA PRO EA 457 86.75 156.57 86.54
C PRO EA 457 87.18 157.80 85.79
N HIS EA 458 86.31 158.38 84.95
CA HIS EA 458 86.66 159.57 84.22
C HIS EA 458 86.72 160.79 85.13
N GLY EA 459 85.74 160.95 86.01
CA GLY EA 459 85.72 162.08 86.92
C GLY EA 459 85.55 163.41 86.23
N ARG EA 460 84.74 163.46 85.17
CA ARG EA 460 84.50 164.70 84.45
C ARG EA 460 83.56 165.65 85.17
N ARG EA 461 82.81 165.17 86.16
CA ARG EA 461 81.88 166.00 86.92
C ARG EA 461 82.24 166.10 88.39
N THR EA 462 83.20 165.33 88.88
CA THR EA 462 83.61 165.37 90.29
C THR EA 462 84.91 166.15 90.41
N ILE EA 463 84.92 167.12 91.33
CA ILE EA 463 86.08 167.97 91.56
C ILE EA 463 86.60 167.69 92.96
N PHE EA 464 87.89 167.34 93.06
CA PHE EA 464 88.49 167.04 94.34
C PHE EA 464 88.85 168.32 95.08
N VAL EA 465 88.50 168.38 96.36
CA VAL EA 465 88.82 169.51 97.22
C VAL EA 465 89.65 169.01 98.39
N LEU EA 466 90.79 169.65 98.62
CA LEU EA 466 91.70 169.27 99.69
C LEU EA 466 91.50 170.21 100.87
N THR EA 467 91.25 169.62 102.05
CA THR EA 467 90.99 170.38 103.26
C THR EA 467 92.04 170.03 104.32
N LYS EA 468 92.27 170.98 105.22
CA LYS EA 468 93.24 170.82 106.31
C LYS EA 468 94.64 170.52 105.77
N VAL EA 469 95.12 171.39 104.89
CA VAL EA 469 96.44 171.21 104.30
C VAL EA 469 97.53 171.39 105.35
N ASP EA 470 97.34 172.33 106.28
CA ASP EA 470 98.37 172.59 107.30
C ASP EA 470 98.55 171.37 108.21
N LEU EA 471 97.45 170.71 108.59
CA LEU EA 471 97.55 169.54 109.44
C LEU EA 471 98.30 168.41 108.75
N ALA EA 472 98.02 168.19 107.46
CA ALA EA 472 98.75 167.17 106.71
C ALA EA 472 100.22 167.52 106.59
N GLU EA 473 100.53 168.80 106.33
CA GLU EA 473 101.92 169.23 106.20
C GLU EA 473 102.68 169.05 107.50
N LYS EA 474 102.05 169.36 108.64
CA LYS EA 474 102.73 169.24 109.92
C LYS EA 474 102.99 167.79 110.31
N ASN EA 475 102.32 166.84 109.67
CA ASN EA 475 102.52 165.43 109.97
C ASN EA 475 103.61 164.81 109.11
N VAL EA 476 104.79 165.45 109.12
CA VAL EA 476 105.99 165.08 108.37
C VAL EA 476 105.66 164.43 107.03
N ALA EA 477 104.72 165.01 106.29
CA ALA EA 477 104.34 164.48 104.99
C ALA EA 477 105.35 164.91 103.93
N SER EA 478 105.32 164.19 102.81
CA SER EA 478 106.21 164.48 101.70
C SER EA 478 105.60 165.58 100.83
N PRO EA 479 106.29 166.70 100.61
CA PRO EA 479 105.73 167.75 99.76
C PRO EA 479 105.51 167.32 98.32
N SER EA 480 106.23 166.31 97.84
CA SER EA 480 106.04 165.84 96.47
C SER EA 480 104.64 165.28 96.29
N ARG EA 481 104.15 164.51 97.26
CA ARG EA 481 102.80 163.96 97.17
C ARG EA 481 101.75 165.08 97.15
N ILE EA 482 101.93 166.11 97.99
CA ILE EA 482 100.99 167.22 98.00
C ILE EA 482 101.01 167.96 96.68
N GLN EA 483 102.21 168.18 96.12
CA GLN EA 483 102.31 168.85 94.82
C GLN EA 483 101.64 168.03 93.73
N GLN EA 484 101.84 166.71 93.74
CA GLN EA 484 101.21 165.87 92.73
C GLN EA 484 99.69 165.88 92.86
N ILE EA 485 99.19 165.86 94.11
CA ILE EA 485 97.74 165.90 94.32
C ILE EA 485 97.17 167.22 93.83
N ILE EA 486 97.83 168.32 94.17
CA ILE EA 486 97.36 169.64 93.74
C ILE EA 486 97.43 169.77 92.22
N GLU EA 487 98.53 169.35 91.63
CA GLU EA 487 98.68 169.43 90.17
C GLU EA 487 97.82 168.39 89.45
N GLY EA 488 97.50 167.27 90.10
CA GLY EA 488 96.67 166.26 89.49
C GLY EA 488 97.44 165.21 88.73
N LYS EA 489 98.61 164.83 89.25
CA LYS EA 489 99.45 163.80 88.62
C LYS EA 489 99.31 162.44 89.30
N LEU EA 490 98.37 162.30 90.23
CA LEU EA 490 98.17 161.04 90.94
C LEU EA 490 96.77 160.47 90.78
N PHE EA 491 95.74 161.33 90.76
CA PHE EA 491 94.37 160.86 90.62
C PHE EA 491 94.10 160.45 89.18
N PRO EA 492 93.68 159.20 88.92
CA PRO EA 492 93.38 158.81 87.53
C PRO EA 492 92.26 159.60 86.90
N MET EA 493 91.29 160.05 87.69
CA MET EA 493 90.16 160.80 87.13
C MET EA 493 90.62 162.17 86.62
N LYS EA 494 89.97 162.62 85.56
CA LYS EA 494 90.28 163.91 84.94
C LYS EA 494 89.30 164.96 85.47
N ALA EA 495 89.59 165.43 86.67
CA ALA EA 495 88.74 166.44 87.30
C ALA EA 495 88.94 167.80 86.63
N LEU EA 496 87.92 168.65 86.75
CA LEU EA 496 87.99 169.97 86.16
C LEU EA 496 89.02 170.86 86.83
N GLY EA 497 89.43 170.54 88.05
CA GLY EA 497 90.43 171.33 88.74
C GLY EA 497 90.70 170.76 90.11
N TYR EA 498 91.72 171.31 90.76
CA TYR EA 498 92.11 170.90 92.11
C TYR EA 498 92.49 172.13 92.91
N PHE EA 499 91.86 172.29 94.07
CA PHE EA 499 92.12 173.41 94.96
C PHE EA 499 92.38 172.91 96.36
N ALA EA 500 93.36 173.52 97.04
CA ALA EA 500 93.74 173.16 98.39
C ALA EA 500 93.39 174.31 99.33
N VAL EA 501 92.61 174.02 100.36
CA VAL EA 501 92.19 175.02 101.33
C VAL EA 501 92.43 174.48 102.74
N VAL EA 502 92.45 175.40 103.70
CA VAL EA 502 92.65 175.07 105.10
C VAL EA 502 91.39 175.43 105.86
N THR EA 503 90.82 174.46 106.57
CA THR EA 503 89.60 174.64 107.34
C THR EA 503 89.87 174.56 108.84
N GLY EA 504 91.01 175.08 109.27
CA GLY EA 504 91.37 175.07 110.68
C GLY EA 504 91.93 173.74 111.12
N LYS EA 505 92.17 173.63 112.43
CA LYS EA 505 92.71 172.42 113.02
C LYS EA 505 91.65 171.36 113.31
N GLY EA 506 90.38 171.67 113.07
CA GLY EA 506 89.31 170.72 113.32
C GLY EA 506 88.89 170.58 114.76
N ASN EA 507 89.37 171.45 115.65
CA ASN EA 507 89.02 171.38 117.06
C ASN EA 507 87.67 172.03 117.28
N SER EA 508 87.24 172.13 118.54
CA SER EA 508 85.97 172.73 118.91
C SER EA 508 86.17 173.96 119.78
N SER EA 509 87.27 174.68 119.58
CA SER EA 509 87.55 175.88 120.36
C SER EA 509 88.01 177.04 119.49
N GLU EA 510 87.84 176.95 118.16
CA GLU EA 510 88.24 178.01 117.24
C GLU EA 510 86.99 178.56 116.58
N SER EA 511 86.83 179.89 116.63
CA SER EA 511 85.69 180.53 116.03
C SER EA 511 85.81 180.54 114.51
N ILE EA 512 84.68 180.80 113.84
CA ILE EA 512 84.66 180.83 112.38
C ILE EA 512 85.55 181.96 111.86
N GLU EA 513 85.47 183.12 112.50
CA GLU EA 513 86.29 184.26 112.06
C GLU EA 513 87.78 183.96 112.23
N ALA EA 514 88.15 183.32 113.34
CA ALA EA 514 89.55 182.99 113.56
C ALA EA 514 90.05 182.01 112.51
N ILE EA 515 89.25 181.00 112.18
CA ILE EA 515 89.64 180.03 111.17
C ILE EA 515 89.76 180.70 109.81
N ARG EA 516 88.83 181.59 109.48
CA ARG EA 516 88.90 182.31 108.20
C ARG EA 516 90.15 183.17 108.13
N GLU EA 517 90.47 183.87 109.22
CA GLU EA 517 91.68 184.70 109.24
C GLU EA 517 92.93 183.85 109.11
N TYR EA 518 92.97 182.69 109.78
CA TYR EA 518 94.12 181.80 109.66
C TYR EA 518 94.26 181.28 108.23
N GLU EA 519 93.14 180.93 107.60
CA GLU EA 519 93.19 180.46 106.21
C GLU EA 519 93.67 181.56 105.27
N GLU EA 520 93.20 182.80 105.49
CA GLU EA 520 93.66 183.91 104.66
C GLU EA 520 95.15 184.16 104.85
N GLU EA 521 95.63 184.10 106.10
CA GLU EA 521 97.05 184.28 106.35
C GLU EA 521 97.88 183.17 105.69
N PHE EA 522 97.40 181.93 105.76
CA PHE EA 522 98.11 180.82 105.12
C PHE EA 522 98.14 180.99 103.61
N PHE EA 523 97.03 181.44 103.02
CA PHE EA 523 97.01 181.67 101.58
C PHE EA 523 97.96 182.79 101.18
N GLN EA 524 98.00 183.87 101.98
CA GLN EA 524 98.90 184.98 101.67
C GLN EA 524 100.36 184.55 101.79
N ASN EA 525 100.69 183.79 102.83
CA ASN EA 525 102.06 183.32 103.07
C ASN EA 525 102.00 181.82 103.31
N SER EA 526 102.39 181.04 102.30
CA SER EA 526 102.39 179.58 102.39
C SER EA 526 103.78 179.04 102.13
N LYS EA 527 104.11 177.94 102.80
CA LYS EA 527 105.40 177.29 102.65
C LYS EA 527 105.55 176.57 101.32
N LEU EA 528 104.47 176.35 100.59
CA LEU EA 528 104.52 175.67 99.29
C LEU EA 528 104.43 176.62 98.12
N LEU EA 529 103.76 177.77 98.28
CA LEU EA 529 103.66 178.72 97.17
C LEU EA 529 104.99 179.40 96.88
N LYS EA 530 105.84 179.57 97.91
CA LYS EA 530 107.14 180.20 97.73
C LYS EA 530 108.15 179.30 97.03
N THR EA 531 107.84 178.02 96.87
CA THR EA 531 108.74 177.09 96.21
C THR EA 531 108.50 177.00 94.70
N SER EA 532 107.56 177.78 94.17
CA SER EA 532 107.24 177.79 92.75
C SER EA 532 106.88 176.40 92.24
N MET EA 533 106.14 175.65 93.05
CA MET EA 533 105.71 174.30 92.69
C MET EA 533 104.20 174.19 92.55
N LEU EA 534 103.45 175.27 92.75
CA LEU EA 534 102.01 175.26 92.64
C LEU EA 534 101.56 176.35 91.66
N LYS EA 535 100.50 176.06 90.92
CA LYS EA 535 99.98 177.01 89.95
C LYS EA 535 99.37 178.23 90.64
N ALA EA 536 99.58 179.39 90.04
CA ALA EA 536 99.09 180.63 90.63
C ALA EA 536 97.59 180.79 90.47
N HIS EA 537 97.01 180.17 89.44
CA HIS EA 537 95.59 180.29 89.17
C HIS EA 537 94.75 179.28 89.95
N GLN EA 538 95.37 178.41 90.73
CA GLN EA 538 94.66 177.42 91.54
C GLN EA 538 94.53 177.84 93.00
N VAL EA 539 94.36 179.14 93.25
CA VAL EA 539 94.24 179.65 94.61
C VAL EA 539 92.81 180.11 94.85
N THR EA 540 92.49 180.43 96.11
CA THR EA 540 91.17 180.87 96.53
C THR EA 540 90.08 179.88 96.14
N THR EA 541 88.82 180.31 96.20
CA THR EA 541 87.70 179.44 95.86
C THR EA 541 86.64 180.12 94.99
N ARG EA 542 86.83 181.38 94.60
CA ARG EA 542 85.80 182.09 93.86
C ARG EA 542 85.58 181.45 92.48
N ASN EA 543 86.67 181.20 91.75
CA ASN EA 543 86.54 180.61 90.41
C ASN EA 543 85.95 179.21 90.48
N LEU EA 544 86.40 178.40 91.45
CA LEU EA 544 85.86 177.05 91.59
C LEU EA 544 84.38 177.09 91.93
N SER EA 545 83.98 177.98 92.84
CA SER EA 545 82.57 178.10 93.20
C SER EA 545 81.74 178.54 92.02
N LEU EA 546 82.23 179.51 91.24
CA LEU EA 546 81.49 179.96 90.06
C LEU EA 546 81.35 178.84 89.04
N ALA EA 547 82.42 178.08 88.79
CA ALA EA 547 82.34 176.98 87.84
C ALA EA 547 81.37 175.91 88.32
N VAL EA 548 81.41 175.57 89.61
CA VAL EA 548 80.51 174.57 90.15
C VAL EA 548 79.05 175.03 90.03
N SER EA 549 78.80 176.31 90.35
CA SER EA 549 77.45 176.84 90.24
C SER EA 549 76.96 176.81 88.80
N ASP EA 550 77.81 177.20 87.85
CA ASP EA 550 77.40 177.19 86.45
C ASP EA 550 77.12 175.77 85.97
N CYS EA 551 77.98 174.81 86.34
CA CYS EA 551 77.75 173.43 85.95
C CYS EA 551 76.46 172.88 86.55
N PHE EA 552 76.21 173.18 87.83
CA PHE EA 552 74.98 172.73 88.48
C PHE EA 552 73.76 173.35 87.81
N TRP EA 553 73.82 174.64 87.48
CA TRP EA 553 72.69 175.29 86.83
C TRP EA 553 72.41 174.69 85.46
N LYS EA 554 73.45 174.46 84.65
CA LYS EA 554 73.23 173.91 83.33
C LYS EA 554 72.72 172.47 83.41
N MET EA 555 73.26 171.67 84.33
CA MET EA 555 72.80 170.29 84.44
C MET EA 555 71.37 170.21 84.96
N VAL EA 556 71.01 171.08 85.91
CA VAL EA 556 69.63 171.06 86.40
C VAL EA 556 68.68 171.59 85.34
N ARG EA 557 69.11 172.55 84.52
CA ARG EA 557 68.28 173.01 83.41
C ARG EA 557 68.02 171.88 82.41
N GLU EA 558 69.08 171.13 82.05
CA GLU EA 558 68.89 170.00 81.15
C GLU EA 558 67.99 168.95 81.78
N SER EA 559 68.18 168.68 83.07
CA SER EA 559 67.37 167.67 83.74
C SER EA 559 65.90 168.07 83.78
N VAL EA 560 65.61 169.34 84.08
CA VAL EA 560 64.22 169.78 84.13
C VAL EA 560 63.62 169.82 82.73
N GLU EA 561 64.41 170.15 81.72
CA GLU EA 561 63.91 170.12 80.35
C GLU EA 561 63.52 168.70 79.95
N GLN EA 562 64.35 167.71 80.31
CA GLN EA 562 63.99 166.33 80.03
C GLN EA 562 62.78 165.88 80.84
N GLN EA 563 62.72 166.28 82.12
CA GLN EA 563 61.65 165.83 82.98
C GLN EA 563 60.30 166.45 82.62
N ALA EA 564 60.30 167.64 82.01
CA ALA EA 564 59.04 168.26 81.59
C ALA EA 564 58.24 167.33 80.67
N ASP EA 565 58.92 166.48 79.91
CA ASP EA 565 58.25 165.46 79.11
C ASP EA 565 58.29 164.09 79.75
N SER EA 566 59.33 163.77 80.53
CA SER EA 566 59.41 162.46 81.16
C SER EA 566 58.26 162.25 82.15
N PHE EA 567 57.97 163.26 82.97
CA PHE EA 567 56.89 163.14 83.95
C PHE EA 567 55.52 163.09 83.27
N LYS EA 568 55.34 163.84 82.18
CA LYS EA 568 54.10 163.75 81.43
C LYS EA 568 53.91 162.35 80.85
N ALA EA 569 54.98 161.77 80.30
CA ALA EA 569 54.89 160.41 79.78
C ALA EA 569 54.59 159.41 80.91
N THR EA 570 55.22 159.59 82.06
CA THR EA 570 54.97 158.70 83.20
C THR EA 570 53.52 158.80 83.66
N ARG EA 571 52.98 160.02 83.74
CA ARG EA 571 51.58 160.19 84.13
C ARG EA 571 50.65 159.55 83.12
N PHE EA 572 50.92 159.74 81.83
CA PHE EA 572 50.09 159.13 80.80
C PHE EA 572 50.13 157.61 80.89
N ASN EA 573 51.32 157.04 81.12
CA ASN EA 573 51.44 155.59 81.25
C ASN EA 573 50.68 155.08 82.48
N LEU EA 574 50.78 155.81 83.60
CA LEU EA 574 50.07 155.40 84.80
C LEU EA 574 48.56 155.46 84.59
N GLU EA 575 48.07 156.51 83.94
CA GLU EA 575 46.64 156.62 83.64
C GLU EA 575 46.18 155.50 82.73
N THR EA 576 46.98 155.18 81.71
CA THR EA 576 46.64 154.09 80.81
C THR EA 576 46.60 152.76 81.55
N GLU EA 577 47.57 152.53 82.44
CA GLU EA 577 47.60 151.29 83.22
C GLU EA 577 46.38 151.18 84.12
N TRP EA 578 46.02 152.28 84.77
CA TRP EA 578 44.85 152.28 85.64
C TRP EA 578 43.58 152.01 84.85
N LYS EA 579 43.44 152.64 83.68
CA LYS EA 579 42.26 152.41 82.86
C LYS EA 579 42.20 150.97 82.34
N ASN EA 580 43.35 150.42 81.94
CA ASN EA 580 43.36 149.06 81.39
C ASN EA 580 43.08 148.01 82.47
N ASN EA 581 43.66 148.18 83.66
CA ASN EA 581 43.42 147.22 84.73
C ASN EA 581 41.98 147.28 85.22
N TYR EA 582 41.36 148.46 85.18
CA TYR EA 582 39.99 148.65 85.64
C TYR EA 582 39.20 149.36 84.56
N PRO EA 583 38.80 148.63 83.50
CA PRO EA 583 38.01 149.27 82.44
C PRO EA 583 36.68 149.83 82.92
N ARG EA 584 36.05 149.20 83.91
CA ARG EA 584 34.76 149.62 84.41
C ARG EA 584 34.85 150.37 85.73
N LEU EA 585 36.06 150.63 86.22
CA LEU EA 585 36.26 151.34 87.48
C LEU EA 585 37.20 152.53 87.24
N ARG EA 586 36.79 153.70 87.73
CA ARG EA 586 37.60 154.90 87.60
C ARG EA 586 38.51 155.04 88.82
N GLU EA 587 39.14 156.20 88.98
CA GLU EA 587 40.05 156.42 90.09
C GLU EA 587 39.32 156.26 91.42
N LEU EA 588 39.93 155.51 92.34
CA LEU EA 588 39.37 155.23 93.66
C LEU EA 588 40.44 155.53 94.70
N ASP EA 589 40.47 156.77 95.18
CA ASP EA 589 41.43 157.17 96.20
C ASP EA 589 40.86 156.90 97.59
N ARG EA 590 41.60 157.33 98.62
CA ARG EA 590 41.19 157.05 100.00
C ARG EA 590 39.87 157.74 100.33
N ASN EA 591 39.72 159.00 99.92
CA ASN EA 591 38.52 159.76 100.29
C ASN EA 591 37.26 159.17 99.65
N GLU EA 592 37.30 158.92 98.34
CA GLU EA 592 36.14 158.39 97.64
C GLU EA 592 35.79 156.99 98.14
N LEU EA 593 36.79 156.15 98.35
CA LEU EA 593 36.53 154.80 98.85
C LEU EA 593 35.97 154.83 100.27
N PHE EA 594 36.48 155.71 101.13
CA PHE EA 594 35.94 155.83 102.47
C PHE EA 594 34.49 156.33 102.44
N GLU EA 595 34.20 157.31 101.58
CA GLU EA 595 32.83 157.78 101.47
C GLU EA 595 31.90 156.69 100.96
N LYS EA 596 32.36 155.91 99.98
CA LYS EA 596 31.55 154.81 99.47
C LYS EA 596 31.30 153.75 100.54
N ALA EA 597 32.33 153.44 101.34
CA ALA EA 597 32.15 152.49 102.43
C ALA EA 597 31.16 153.01 103.46
N LYS EA 598 31.25 154.30 103.80
CA LYS EA 598 30.30 154.89 104.73
C LYS EA 598 28.88 154.82 104.18
N ASN EA 599 28.70 155.13 102.89
CA ASN EA 599 27.38 155.06 102.28
C ASN EA 599 26.85 153.64 102.27
N GLU EA 600 27.71 152.66 101.98
CA GLU EA 600 27.29 151.26 102.01
C GLU EA 600 26.89 150.82 103.41
N ILE EA 601 27.64 151.26 104.42
CA ILE EA 601 27.28 150.95 105.81
C ILE EA 601 25.94 151.56 106.16
N LEU EA 602 25.71 152.81 105.75
CA LEU EA 602 24.42 153.46 106.01
C LEU EA 602 23.27 152.72 105.32
N ASP EA 603 23.49 152.30 104.08
CA ASP EA 603 22.46 151.55 103.36
C ASP EA 603 22.18 150.22 104.02
N GLU EA 604 23.22 149.53 104.49
CA GLU EA 604 23.02 148.27 105.19
C GLU EA 604 22.25 148.47 106.49
N VAL EA 605 22.56 149.54 107.23
CA VAL EA 605 21.84 149.83 108.45
C VAL EA 605 20.37 150.14 108.15
N ILE EA 606 20.12 150.90 107.08
CA ILE EA 606 18.75 151.22 106.67
C ILE EA 606 17.99 149.94 106.33
N SER EA 607 18.63 149.05 105.56
CA SER EA 607 17.98 147.78 105.20
C SER EA 607 17.70 146.94 106.44
N LEU EA 608 18.65 146.90 107.39
CA LEU EA 608 18.44 146.18 108.63
C LEU EA 608 17.26 146.73 109.41
N SER EA 609 17.14 148.06 109.47
CA SER EA 609 16.03 148.68 110.19
C SER EA 609 14.71 148.50 109.46
N GLN EA 610 14.76 148.29 108.14
CA GLN EA 610 13.55 148.18 107.34
C GLN EA 610 13.00 146.75 107.27
N VAL EA 611 13.67 145.77 107.88
CA VAL EA 611 13.16 144.41 107.88
C VAL EA 611 11.89 144.33 108.71
N THR EA 612 10.93 143.55 108.23
CA THR EA 612 9.65 143.40 108.92
C THR EA 612 9.86 142.79 110.31
N PRO EA 613 9.31 143.39 111.37
CA PRO EA 613 9.51 142.83 112.71
C PRO EA 613 8.97 141.42 112.88
N LYS EA 614 7.96 141.03 112.09
CA LYS EA 614 7.38 139.70 112.25
C LYS EA 614 8.40 138.61 111.92
N HIS EA 615 9.20 138.81 110.87
CA HIS EA 615 10.23 137.84 110.55
C HIS EA 615 11.27 137.75 111.66
N TRP EA 616 11.65 138.88 112.24
CA TRP EA 616 12.57 138.87 113.37
C TRP EA 616 11.99 138.09 114.54
N GLU EA 617 10.71 138.32 114.85
CA GLU EA 617 10.08 137.62 115.97
C GLU EA 617 10.05 136.11 115.71
N GLU EA 618 9.70 135.71 114.49
CA GLU EA 618 9.65 134.28 114.16
C GLU EA 618 11.03 133.65 114.27
N ILE EA 619 12.05 134.32 113.73
CA ILE EA 619 13.40 133.78 113.76
C ILE EA 619 13.89 133.65 115.19
N LEU EA 620 13.67 134.70 116.00
CA LEU EA 620 14.11 134.66 117.39
C LEU EA 620 13.40 133.58 118.17
N GLN EA 621 12.09 133.43 117.97
CA GLN EA 621 11.33 132.40 118.67
C GLN EA 621 11.83 131.01 118.29
N GLN EA 622 12.03 130.77 117.00
CA GLN EA 622 12.50 129.46 116.54
C GLN EA 622 13.89 129.15 117.09
N SER EA 623 14.80 130.12 117.03
CA SER EA 623 16.16 129.91 117.51
C SER EA 623 16.17 129.65 119.01
N LEU EA 624 15.41 130.45 119.77
CA LEU EA 624 15.36 130.28 121.21
C LEU EA 624 14.77 128.93 121.58
N TRP EA 625 13.70 128.52 120.91
CA TRP EA 625 13.08 127.23 121.19
C TRP EA 625 14.05 126.09 120.89
N GLU EA 626 14.74 126.15 119.75
CA GLU EA 626 15.71 125.12 119.42
C GLU EA 626 16.85 125.09 120.42
N ARG EA 627 17.22 126.26 120.96
CA ARG EA 627 18.33 126.31 121.91
C ARG EA 627 17.92 125.75 123.26
N VAL EA 628 16.71 126.06 123.74
CA VAL EA 628 16.32 125.73 125.10
C VAL EA 628 15.47 124.47 125.18
N SER EA 629 15.23 123.79 124.05
CA SER EA 629 14.46 122.55 124.09
C SER EA 629 15.12 121.51 124.99
N THR EA 630 16.44 121.31 124.81
CA THR EA 630 17.15 120.33 125.62
C THR EA 630 17.18 120.75 127.09
N HIS EA 631 17.40 122.04 127.35
CA HIS EA 631 17.42 122.53 128.73
C HIS EA 631 16.07 122.29 129.41
N VAL EA 632 14.98 122.62 128.71
CA VAL EA 632 13.65 122.43 129.27
C VAL EA 632 13.39 120.95 129.53
N ILE EA 633 13.76 120.09 128.57
CA ILE EA 633 13.54 118.65 128.74
C ILE EA 633 14.29 118.14 129.96
N GLU EA 634 15.59 118.44 130.04
CA GLU EA 634 16.42 117.92 131.13
C GLU EA 634 16.13 118.58 132.48
N ASN EA 635 15.45 119.73 132.49
CA ASN EA 635 15.08 120.37 133.75
C ASN EA 635 13.65 120.11 134.17
N ILE EA 636 12.82 119.54 133.29
CA ILE EA 636 11.43 119.27 133.64
C ILE EA 636 11.16 117.77 133.69
N TYR EA 637 11.40 117.07 132.56
CA TYR EA 637 11.02 115.67 132.50
C TYR EA 637 11.99 114.79 133.29
N LEU EA 638 13.27 115.15 133.36
CA LEU EA 638 14.22 114.34 134.11
C LEU EA 638 13.87 114.24 135.59
N PRO EA 639 13.56 115.32 136.31
CA PRO EA 639 13.12 115.13 137.71
C PRO EA 639 11.74 114.53 137.82
N ALA EA 640 10.80 114.98 137.00
CA ALA EA 640 9.42 114.48 137.04
C ALA EA 640 9.23 113.36 136.01
N ALA EA 641 10.03 112.30 136.17
CA ALA EA 641 10.00 111.17 135.26
C ALA EA 641 9.03 110.07 135.68
N GLN EA 642 8.41 110.18 136.86
CA GLN EA 642 7.49 109.14 137.34
C GLN EA 642 6.18 109.74 137.83
N THR EA 643 5.85 110.97 137.44
CA THR EA 643 4.60 111.57 137.85
C THR EA 643 3.43 110.89 137.16
N MET EA 644 2.35 110.67 137.92
CA MET EA 644 1.14 110.04 137.41
C MET EA 644 0.01 111.03 137.19
N ASN EA 645 -0.25 111.89 138.16
CA ASN EA 645 -1.31 112.89 138.03
C ASN EA 645 -0.83 114.05 137.18
N SER EA 646 -1.70 114.50 136.27
CA SER EA 646 -1.36 115.63 135.40
C SER EA 646 -1.24 116.93 136.19
N GLY EA 647 -2.01 117.06 137.27
CA GLY EA 647 -1.94 118.28 138.07
C GLY EA 647 -0.59 118.48 138.72
N THR EA 648 -0.02 117.41 139.29
CA THR EA 648 1.30 117.50 139.89
C THR EA 648 2.36 117.85 138.84
N PHE EA 649 2.26 117.25 137.65
CA PHE EA 649 3.20 117.58 136.59
C PHE EA 649 3.09 119.04 136.17
N ASN EA 650 1.86 119.54 136.05
CA ASN EA 650 1.67 120.95 135.70
C ASN EA 650 2.21 121.87 136.78
N THR EA 651 2.00 121.52 138.05
CA THR EA 651 2.53 122.33 139.14
C THR EA 651 4.06 122.35 139.12
N THR EA 652 4.68 121.19 138.88
CA THR EA 652 6.14 121.14 138.78
C THR EA 652 6.64 121.96 137.61
N VAL EA 653 5.94 121.90 136.48
CA VAL EA 653 6.33 122.69 135.31
C VAL EA 653 6.26 124.18 135.63
N ASP EA 654 5.18 124.60 136.28
CA ASP EA 654 5.04 126.02 136.65
C ASP EA 654 6.14 126.45 137.62
N ILE EA 655 6.46 125.60 138.59
CA ILE EA 655 7.51 125.93 139.56
C ILE EA 655 8.84 126.07 138.85
N LYS EA 656 9.17 125.14 137.94
CA LYS EA 656 10.43 125.21 137.22
C LYS EA 656 10.49 126.44 136.32
N LEU EA 657 9.38 126.76 135.65
CA LEU EA 657 9.36 127.94 134.80
C LEU EA 657 9.55 129.22 135.61
N LYS EA 658 8.88 129.32 136.77
CA LYS EA 658 9.04 130.49 137.62
C LYS EA 658 10.48 130.61 138.12
N GLN EA 659 11.07 129.49 138.53
CA GLN EA 659 12.47 129.51 139.00
C GLN EA 659 13.41 129.94 137.88
N TRP EA 660 13.19 129.42 136.68
CA TRP EA 660 14.05 129.81 135.54
C TRP EA 660 13.89 131.29 135.22
N THR EA 661 12.65 131.79 135.22
CA THR EA 661 12.44 133.21 134.94
C THR EA 661 13.12 134.08 136.01
N ASP EA 662 13.04 133.66 137.27
CA ASP EA 662 13.64 134.47 138.34
C ASP EA 662 15.16 134.41 138.28
N LYS EA 663 15.74 133.25 137.94
CA LYS EA 663 17.18 133.08 138.11
C LYS EA 663 17.98 133.67 136.94
N GLN EA 664 17.84 133.10 135.75
CA GLN EA 664 18.72 133.47 134.65
C GLN EA 664 18.04 133.54 133.28
N LEU EA 665 16.73 133.34 133.18
CA LEU EA 665 16.09 133.35 131.87
C LEU EA 665 16.23 134.68 131.13
N PRO EA 666 16.01 135.85 131.76
CA PRO EA 666 16.24 137.11 131.02
C PRO EA 666 17.67 137.25 130.50
N ASN EA 667 18.66 136.81 131.29
CA ASN EA 667 20.04 136.90 130.84
C ASN EA 667 20.28 136.00 129.62
N LYS EA 668 19.74 134.78 129.65
CA LYS EA 668 19.88 133.88 128.51
C LYS EA 668 19.19 134.45 127.28
N ALA EA 669 18.00 135.03 127.46
CA ALA EA 669 17.29 135.63 126.33
C ALA EA 669 18.08 136.80 125.75
N VAL EA 670 18.66 137.64 126.60
CA VAL EA 670 19.46 138.76 126.13
C VAL EA 670 20.68 138.26 125.36
N GLU EA 671 21.35 137.23 125.90
CA GLU EA 671 22.52 136.69 125.22
C GLU EA 671 22.15 136.10 123.86
N VAL EA 672 21.02 135.37 123.80
CA VAL EA 672 20.58 134.79 122.54
C VAL EA 672 20.26 135.88 121.52
N ALA EA 673 19.55 136.92 121.96
CA ALA EA 673 19.22 138.02 121.06
C ALA EA 673 20.47 138.71 120.54
N TRP EA 674 21.44 138.96 121.43
CA TRP EA 674 22.68 139.60 121.01
C TRP EA 674 23.46 138.73 120.04
N GLU EA 675 23.50 137.42 120.29
CA GLU EA 675 24.19 136.51 119.37
C GLU EA 675 23.51 136.48 118.00
N THR EA 676 22.17 136.47 117.99
CA THR EA 676 21.46 136.49 116.72
C THR EA 676 21.71 137.80 115.97
N LEU EA 677 21.72 138.92 116.68
CA LEU EA 677 22.02 140.20 116.04
C LEU EA 677 23.43 140.21 115.47
N GLN EA 678 24.39 139.67 116.21
CA GLN EA 678 25.76 139.59 115.72
C GLN EA 678 25.84 138.71 114.47
N GLU EA 679 25.13 137.58 114.48
CA GLU EA 679 25.14 136.69 113.31
C GLU EA 679 24.54 137.39 112.09
N GLU EA 680 23.42 138.09 112.28
CA GLU EA 680 22.81 138.81 111.17
C GLU EA 680 23.73 139.91 110.64
N PHE EA 681 24.37 140.65 111.55
CA PHE EA 681 25.30 141.69 111.12
C PHE EA 681 26.49 141.11 110.36
N SER EA 682 27.03 139.99 110.84
CA SER EA 682 28.15 139.35 110.14
C SER EA 682 27.74 138.84 108.77
N ARG EA 683 26.55 138.25 108.67
CA ARG EA 683 26.08 137.77 107.36
C ARG EA 683 25.86 138.92 106.40
N PHE EA 684 25.31 140.04 106.89
CA PHE EA 684 25.13 141.20 106.03
C PHE EA 684 26.47 141.78 105.59
N MET EA 685 27.45 141.84 106.49
CA MET EA 685 28.75 142.36 106.14
C MET EA 685 29.45 141.47 105.12
N THR EA 686 29.35 140.15 105.29
CA THR EA 686 29.98 139.19 104.39
C THR EA 686 28.86 138.50 103.62
N GLU EA 687 28.48 139.09 102.49
CA GLU EA 687 27.39 138.59 101.64
C GLU EA 687 27.94 138.46 100.22
N PRO EA 688 28.59 137.34 99.91
CA PRO EA 688 29.23 137.16 98.59
C PRO EA 688 28.23 136.81 97.49
N LYS EA 689 27.17 137.62 97.39
CA LYS EA 689 26.22 137.45 96.30
C LYS EA 689 26.86 137.75 94.95
N GLY EA 690 27.71 138.79 94.90
CA GLY EA 690 28.39 139.12 93.67
C GLY EA 690 29.44 138.10 93.31
N LYS EA 691 29.70 137.98 92.00
CA LYS EA 691 30.67 137.00 91.51
C LYS EA 691 32.10 137.40 91.86
N GLU EA 692 32.37 138.67 92.12
CA GLU EA 692 33.72 139.11 92.44
C GLU EA 692 33.96 139.09 93.94
N HIS EA 693 33.18 139.86 94.69
CA HIS EA 693 33.27 139.95 96.15
C HIS EA 693 34.71 140.22 96.59
N ASP EA 694 35.20 141.39 96.19
CA ASP EA 694 36.55 141.81 96.53
C ASP EA 694 36.74 141.84 98.04
N ASP EA 695 37.85 141.27 98.50
CA ASP EA 695 38.12 141.15 99.92
C ASP EA 695 38.69 142.43 100.54
N ILE EA 696 39.11 143.40 99.71
CA ILE EA 696 39.65 144.65 100.25
C ILE EA 696 38.58 145.37 101.06
N PHE EA 697 37.36 145.45 100.52
CA PHE EA 697 36.27 146.06 101.27
C PHE EA 697 35.79 145.14 102.39
N ASP EA 698 35.89 143.82 102.18
CA ASP EA 698 35.42 142.86 103.17
C ASP EA 698 36.22 142.95 104.46
N LYS EA 699 37.55 143.12 104.34
CA LYS EA 699 38.38 143.24 105.54
C LYS EA 699 38.00 144.49 106.34
N LEU EA 700 37.79 145.62 105.65
CA LEU EA 700 37.38 146.83 106.34
C LEU EA 700 36.01 146.65 107.00
N LYS EA 701 35.08 146.00 106.30
CA LYS EA 701 33.76 145.76 106.88
C LYS EA 701 33.86 144.89 108.12
N GLU EA 702 34.68 143.85 108.08
CA GLU EA 702 34.85 142.99 109.25
C GLU EA 702 35.49 143.75 110.41
N ALA EA 703 36.48 144.60 110.12
CA ALA EA 703 37.10 145.39 111.16
C ALA EA 703 36.10 146.34 111.81
N VAL EA 704 35.27 147.00 110.98
CA VAL EA 704 34.26 147.90 111.51
C VAL EA 704 33.23 147.14 112.34
N LYS EA 705 32.85 145.94 111.88
CA LYS EA 705 31.90 145.12 112.64
C LYS EA 705 32.49 144.73 114.00
N GLU EA 706 33.76 144.32 114.02
CA GLU EA 706 34.39 143.96 115.29
C GLU EA 706 34.49 145.16 116.22
N GLU EA 707 34.84 146.33 115.68
CA GLU EA 707 34.91 147.54 116.51
C GLU EA 707 33.54 147.89 117.08
N SER EA 708 32.49 147.79 116.26
CA SER EA 708 31.15 148.10 116.75
C SER EA 708 30.70 147.10 117.81
N ILE EA 709 31.03 145.81 117.62
CA ILE EA 709 30.67 144.80 118.59
C ILE EA 709 31.37 145.06 119.92
N LYS EA 710 32.67 145.38 119.87
CA LYS EA 710 33.41 145.65 121.09
C LYS EA 710 32.95 146.93 121.76
N ARG EA 711 32.52 147.94 120.99
CA ARG EA 711 32.08 149.20 121.54
C ARG EA 711 30.61 149.19 121.96
N HIS EA 712 29.86 148.16 121.59
CA HIS EA 712 28.44 148.10 121.91
C HIS EA 712 28.23 148.00 123.41
N LYS EA 713 27.18 148.66 123.90
CA LYS EA 713 26.83 148.69 125.31
C LYS EA 713 25.39 148.24 125.50
N TRP EA 714 25.08 147.80 126.72
CA TRP EA 714 23.74 147.34 127.06
C TRP EA 714 23.24 148.08 128.30
N ASN EA 715 21.92 148.22 128.40
CA ASN EA 715 21.28 148.94 129.49
C ASN EA 715 20.60 147.95 130.42
N ASP EA 716 20.86 148.09 131.72
CA ASP EA 716 20.24 147.20 132.70
C ASP EA 716 18.75 147.47 132.85
N PHE EA 717 18.31 148.69 132.53
CA PHE EA 717 16.88 148.98 132.57
C PHE EA 717 16.13 148.13 131.55
N ALA EA 718 16.72 147.92 130.37
CA ALA EA 718 16.11 147.03 129.38
C ALA EA 718 16.02 145.61 129.92
N GLU EA 719 17.06 145.14 130.61
CA GLU EA 719 17.02 143.80 131.20
C GLU EA 719 15.92 143.68 132.24
N ASP EA 720 15.78 144.71 133.09
CA ASP EA 720 14.72 144.68 134.10
C ASP EA 720 13.34 144.69 133.47
N SER EA 721 13.16 145.50 132.42
CA SER EA 721 11.87 145.52 131.72
C SER EA 721 11.58 144.18 131.07
N LEU EA 722 12.60 143.55 130.48
CA LEU EA 722 12.42 142.23 129.88
C LEU EA 722 12.03 141.20 130.94
N ARG EA 723 12.68 141.25 132.10
CA ARG EA 723 12.34 140.33 133.18
C ARG EA 723 10.90 140.53 133.65
N VAL EA 724 10.49 141.79 133.81
CA VAL EA 724 9.13 142.09 134.25
C VAL EA 724 8.12 141.59 133.23
N ILE EA 725 8.37 141.83 131.95
CA ILE EA 725 7.43 141.41 130.91
C ILE EA 725 7.39 139.89 130.80
N GLN EA 726 8.54 139.22 130.95
CA GLN EA 726 8.54 137.77 130.94
C GLN EA 726 7.74 137.20 132.10
N HIS EA 727 7.88 137.79 133.29
CA HIS EA 727 7.08 137.33 134.43
C HIS EA 727 5.60 137.61 134.22
N ASN EA 728 5.25 138.75 133.62
CA ASN EA 728 3.85 139.09 133.42
C ASN EA 728 3.21 138.31 132.28
N ALA EA 729 4.02 137.74 131.38
CA ALA EA 729 3.48 137.04 130.22
C ALA EA 729 2.90 135.68 130.61
N LEU EA 730 1.79 135.70 131.34
CA LEU EA 730 1.07 134.49 131.73
C LEU EA 730 -0.43 134.69 131.48
N GLU EA 731 -0.76 135.20 130.30
CA GLU EA 731 -2.13 135.58 129.98
C GLU EA 731 -3.01 134.40 129.61
N ASP EA 732 -2.65 133.69 128.54
CA ASP EA 732 -3.48 132.59 128.03
C ASP EA 732 -2.97 131.25 128.55
N ARG EA 733 -3.92 130.40 128.93
CA ARG EA 733 -3.59 129.08 129.47
C ARG EA 733 -4.39 127.94 128.88
N SER EA 734 -5.34 128.21 127.98
CA SER EA 734 -6.18 127.17 127.40
C SER EA 734 -6.43 127.48 125.92
N ILE EA 735 -6.74 126.43 125.17
CA ILE EA 735 -7.05 126.54 123.75
C ILE EA 735 -8.55 126.36 123.54
N SER EA 736 -9.18 127.35 122.90
CA SER EA 736 -10.59 127.29 122.58
C SER EA 736 -10.84 127.26 121.08
N ASP EA 737 -9.81 127.02 120.28
CA ASP EA 737 -9.92 127.02 118.83
C ASP EA 737 -9.46 125.66 118.30
N LYS EA 738 -10.26 125.07 117.41
CA LYS EA 738 -9.88 123.80 116.81
C LYS EA 738 -8.64 123.95 115.95
N GLN EA 739 -8.53 125.05 115.19
CA GLN EA 739 -7.36 125.27 114.34
C GLN EA 739 -6.10 125.44 115.17
N GLN EA 740 -6.19 126.21 116.27
CA GLN EA 740 -5.04 126.37 117.15
C GLN EA 740 -4.66 125.05 117.80
N TRP EA 741 -5.65 124.24 118.17
CA TRP EA 741 -5.38 122.92 118.73
C TRP EA 741 -4.65 122.03 117.72
N ASP EA 742 -5.09 122.06 116.46
CA ASP EA 742 -4.42 121.27 115.43
C ASP EA 742 -3.00 121.77 115.18
N ALA EA 743 -2.80 123.08 115.18
CA ALA EA 743 -1.46 123.63 115.00
C ALA EA 743 -0.54 123.21 116.14
N ALA EA 744 -1.03 123.27 117.38
CA ALA EA 744 -0.25 122.82 118.52
C ALA EA 744 0.07 121.34 118.42
N ILE EA 745 -0.91 120.53 117.98
CA ILE EA 745 -0.67 119.10 117.80
C ILE EA 745 0.42 118.87 116.77
N TYR EA 746 0.38 119.60 115.65
CA TYR EA 746 1.39 119.42 114.61
C TYR EA 746 2.77 119.84 115.09
N PHE EA 747 2.85 120.95 115.84
CA PHE EA 747 4.14 121.38 116.36
C PHE EA 747 4.70 120.36 117.36
N MET EA 748 3.84 119.85 118.25
CA MET EA 748 4.27 118.84 119.20
C MET EA 748 4.70 117.56 118.49
N GLU EA 749 3.98 117.17 117.45
CA GLU EA 749 4.36 116.00 116.67
C GLU EA 749 5.72 116.19 116.00
N GLU EA 750 5.96 117.38 115.45
CA GLU EA 750 7.27 117.66 114.85
C GLU EA 750 8.38 117.58 115.88
N ALA EA 751 8.16 118.18 117.06
CA ALA EA 751 9.18 118.15 118.10
C ALA EA 751 9.44 116.72 118.58
N LEU EA 752 8.38 115.93 118.75
CA LEU EA 752 8.55 114.55 119.20
C LEU EA 752 9.21 113.69 118.13
N GLN EA 753 8.92 113.95 116.86
CA GLN EA 753 9.60 113.23 115.79
C GLN EA 753 11.09 113.57 115.75
N ALA EA 754 11.43 114.85 115.97
CA ALA EA 754 12.83 115.24 116.04
C ALA EA 754 13.53 114.55 117.21
N ARG EA 755 12.86 114.50 118.37
CA ARG EA 755 13.43 113.82 119.52
C ARG EA 755 13.61 112.33 119.26
N LEU EA 756 12.63 111.71 118.59
CA LEU EA 756 12.72 110.30 118.25
C LEU EA 756 13.88 110.04 117.29
N LYS EA 757 14.07 110.92 116.31
CA LYS EA 757 15.20 110.76 115.40
C LYS EA 757 16.52 110.90 116.13
N ASP EA 758 16.62 111.86 117.05
CA ASP EA 758 17.85 111.99 117.84
C ASP EA 758 18.10 110.75 118.68
N THR EA 759 17.06 110.21 119.30
CA THR EA 759 17.21 109.00 120.10
C THR EA 759 17.62 107.81 119.22
N GLU EA 760 17.05 107.70 118.03
CA GLU EA 760 17.43 106.63 117.11
C GLU EA 760 18.89 106.77 116.69
N ASN EA 761 19.34 107.99 116.42
CA ASN EA 761 20.74 108.20 116.07
C ASN EA 761 21.66 107.82 117.22
N ALA EA 762 21.28 108.19 118.46
CA ALA EA 762 22.09 107.83 119.61
C ALA EA 762 22.15 106.32 119.80
N ILE EA 763 21.01 105.64 119.62
CA ILE EA 763 20.97 104.18 119.76
C ILE EA 763 21.82 103.52 118.69
N GLU EA 764 21.74 104.02 117.45
CA GLU EA 764 22.55 103.45 116.37
C GLU EA 764 24.04 103.67 116.62
N ASN EA 765 24.41 104.84 117.14
CA ASN EA 765 25.80 105.08 117.50
C ASN EA 765 26.26 104.12 118.60
N MET EA 766 25.40 103.90 119.59
CA MET EA 766 25.76 103.01 120.70
C MET EA 766 25.90 101.57 120.24
N VAL EA 767 25.02 101.11 119.34
CA VAL EA 767 24.96 99.70 118.97
C VAL EA 767 25.39 99.50 117.53
N GLY EA 768 24.64 100.08 116.58
CA GLY EA 768 24.91 99.89 115.18
C GLY EA 768 23.68 99.42 114.42
N PRO EA 769 23.90 98.62 113.38
CA PRO EA 769 22.77 98.11 112.59
C PRO EA 769 21.82 97.26 113.44
N ASP EA 770 20.53 97.42 113.19
CA ASP EA 770 19.49 96.74 113.95
C ASP EA 770 18.45 96.17 112.99
N TRP EA 771 17.96 94.97 113.33
CA TRP EA 771 16.86 94.31 112.62
C TRP EA 771 17.25 94.12 111.16
N LYS EA 772 16.54 94.70 110.19
CA LYS EA 772 16.79 94.48 108.78
C LYS EA 772 18.19 94.93 108.39
N LYS EA 773 18.63 96.07 108.93
CA LYS EA 773 19.97 96.56 108.62
C LYS EA 773 21.04 95.59 109.10
N ARG EA 774 20.86 95.02 110.30
CA ARG EA 774 21.85 94.08 110.83
C ARG EA 774 21.84 92.76 110.08
N TRP EA 775 20.65 92.23 109.78
CA TRP EA 775 20.53 90.92 109.15
C TRP EA 775 20.60 90.98 107.63
N LEU EA 776 20.76 92.16 107.04
CA LEU EA 776 20.88 92.26 105.58
C LEU EA 776 22.13 91.54 105.10
N TYR EA 777 23.26 91.73 105.80
CA TYR EA 777 24.48 91.06 105.41
C TYR EA 777 24.45 89.58 105.80
N TRP EA 778 23.91 89.27 106.98
CA TRP EA 778 23.75 87.93 107.54
C TRP EA 778 25.07 87.27 107.88
N LYS EA 779 26.20 87.92 107.60
CA LYS EA 779 27.51 87.36 107.91
C LYS EA 779 28.39 88.28 108.75
N ASN EA 780 27.93 89.49 109.05
CA ASN EA 780 28.69 90.45 109.84
C ASN EA 780 28.10 90.50 111.25
N ARG EA 781 28.87 90.04 112.23
CA ARG EA 781 28.44 90.02 113.61
C ARG EA 781 29.61 90.42 114.52
N THR EA 782 29.29 91.19 115.56
CA THR EA 782 30.26 91.65 116.53
C THR EA 782 29.76 91.33 117.92
N GLN EA 783 30.68 90.89 118.80
CA GLN EA 783 30.28 90.52 120.15
C GLN EA 783 29.77 91.73 120.93
N GLU EA 784 30.34 92.90 120.69
CA GLU EA 784 29.91 94.10 121.41
C GLU EA 784 28.47 94.47 121.06
N GLN EA 785 28.14 94.50 119.77
CA GLN EA 785 26.77 94.78 119.35
C GLN EA 785 25.82 93.64 119.65
N CYS EA 786 26.31 92.40 119.69
CA CYS EA 786 25.46 91.27 120.06
C CYS EA 786 25.01 91.41 121.52
N VAL EA 787 25.91 91.83 122.41
CA VAL EA 787 25.56 92.03 123.80
C VAL EA 787 24.49 93.11 123.93
N HIS EA 788 24.65 94.21 123.20
CA HIS EA 788 23.66 95.28 123.23
C HIS EA 788 22.32 94.80 122.70
N ASN EA 789 22.34 94.02 121.62
CA ASN EA 789 21.09 93.48 121.07
C ASN EA 789 20.39 92.56 122.06
N GLU EA 790 21.16 91.71 122.74
CA GLU EA 790 20.56 90.82 123.74
C GLU EA 790 19.98 91.61 124.90
N THR EA 791 20.69 92.65 125.36
CA THR EA 791 20.15 93.49 126.43
C THR EA 791 18.88 94.20 125.99
N LYS EA 792 18.85 94.70 124.75
CA LYS EA 792 17.65 95.34 124.22
C LYS EA 792 16.49 94.37 124.16
N ASN EA 793 16.74 93.14 123.69
CA ASN EA 793 15.68 92.14 123.63
C ASN EA 793 15.17 91.79 125.03
N GLU EA 794 16.08 91.65 125.98
CA GLU EA 794 15.66 91.34 127.36
C GLU EA 794 14.81 92.46 127.94
N LEU EA 795 15.21 93.71 127.71
CA LEU EA 795 14.44 94.83 128.23
C LEU EA 795 13.09 94.94 127.54
N GLU EA 796 13.04 94.66 126.23
CA GLU EA 796 11.76 94.67 125.52
C GLU EA 796 10.83 93.59 126.07
N LYS EA 797 11.37 92.40 126.34
CA LYS EA 797 10.55 91.33 126.92
C LYS EA 797 10.07 91.71 128.32
N MET EA 798 10.94 92.36 129.11
CA MET EA 798 10.53 92.82 130.43
C MET EA 798 9.41 93.83 130.35
N LEU EA 799 9.50 94.77 129.41
CA LEU EA 799 8.41 95.74 129.21
C LEU EA 799 7.13 95.06 128.75
N LYS EA 800 7.25 94.06 127.88
CA LYS EA 800 6.06 93.32 127.44
C LYS EA 800 5.40 92.61 128.62
N CYS EA 801 6.21 92.01 129.50
CA CYS EA 801 5.65 91.37 130.69
C CYS EA 801 5.20 92.39 131.73
N ASN EA 802 5.96 93.48 131.89
CA ASN EA 802 5.68 94.51 132.88
C ASN EA 802 5.78 95.87 132.19
N GLU EA 803 4.62 96.40 131.77
CA GLU EA 803 4.61 97.67 131.05
C GLU EA 803 5.10 98.82 131.92
N GLU EA 804 4.67 98.83 133.19
CA GLU EA 804 5.02 99.91 134.11
C GLU EA 804 6.15 99.47 135.02
N HIS EA 805 7.22 100.26 135.06
CA HIS EA 805 8.39 99.95 135.88
C HIS EA 805 8.99 101.26 136.36
N PRO EA 806 9.47 101.32 137.61
CA PRO EA 806 10.13 102.54 138.07
C PRO EA 806 11.42 102.80 137.32
N ALA EA 807 11.77 104.08 137.21
CA ALA EA 807 12.97 104.47 136.47
C ALA EA 807 14.22 103.93 137.13
N TYR EA 808 14.30 103.99 138.46
CA TYR EA 808 15.45 103.48 139.18
C TYR EA 808 15.45 101.95 139.17
N LEU EA 809 16.64 101.38 139.36
CA LEU EA 809 16.84 99.94 139.38
C LEU EA 809 17.29 99.53 140.77
N ALA EA 810 16.55 98.62 141.39
CA ALA EA 810 16.91 98.11 142.71
C ALA EA 810 18.01 97.06 142.59
N SER EA 811 18.63 96.74 143.73
CA SER EA 811 19.74 95.80 143.73
C SER EA 811 19.31 94.42 143.29
N ASP EA 812 18.15 93.96 143.77
CA ASP EA 812 17.67 92.63 143.40
C ASP EA 812 17.33 92.55 141.92
N GLU EA 813 16.77 93.62 141.35
CA GLU EA 813 16.47 93.64 139.93
C GLU EA 813 17.75 93.56 139.10
N ILE EA 814 18.78 94.31 139.49
CA ILE EA 814 20.05 94.27 138.79
C ILE EA 814 20.68 92.88 138.89
N THR EA 815 20.61 92.28 140.07
CA THR EA 815 21.16 90.93 140.25
C THR EA 815 20.42 89.92 139.38
N THR EA 816 19.10 90.01 139.33
CA THR EA 816 18.32 89.10 138.49
C THR EA 816 18.65 89.28 137.02
N VAL EA 817 18.77 90.53 136.57
CA VAL EA 817 19.10 90.80 135.17
C VAL EA 817 20.49 90.24 134.84
N ARG EA 818 21.46 90.45 135.73
CA ARG EA 818 22.81 89.95 135.50
C ARG EA 818 22.83 88.43 135.46
N LYS EA 819 22.06 87.78 136.36
CA LYS EA 819 21.99 86.32 136.35
C LYS EA 819 21.35 85.80 135.07
N ASN EA 820 20.30 86.46 134.60
CA ASN EA 820 19.67 86.07 133.35
C ASN EA 820 20.64 86.21 132.17
N LEU EA 821 21.41 87.31 132.16
CA LEU EA 821 22.39 87.51 131.09
C LEU EA 821 23.49 86.45 131.15
N GLU EA 822 23.97 86.13 132.35
CA GLU EA 822 25.05 85.15 132.50
C GLU EA 822 24.58 83.72 132.34
N SER EA 823 23.26 83.49 132.35
CA SER EA 823 22.75 82.13 132.12
C SER EA 823 23.16 81.62 130.75
N ARG EA 824 23.10 82.48 129.73
CA ARG EA 824 23.52 82.12 128.39
C ARG EA 824 24.98 82.43 128.12
N GLY EA 825 25.70 83.00 129.09
CA GLY EA 825 27.11 83.26 128.94
C GLY EA 825 27.43 84.68 128.51
N VAL EA 826 26.71 85.65 129.05
CA VAL EA 826 26.92 87.06 128.74
C VAL EA 826 27.14 87.81 130.05
N GLU EA 827 28.29 88.48 130.15
CA GLU EA 827 28.62 89.28 131.32
C GLU EA 827 28.66 90.75 130.92
N VAL EA 828 27.84 91.57 131.57
CA VAL EA 828 27.71 92.98 131.25
C VAL EA 828 27.94 93.80 132.52
N ASP EA 829 28.72 94.87 132.40
CA ASP EA 829 28.96 95.74 133.53
C ASP EA 829 27.67 96.45 133.94
N PRO EA 830 27.50 96.75 135.24
CA PRO EA 830 26.27 97.41 135.69
C PRO EA 830 26.04 98.77 135.05
N SER EA 831 27.10 99.52 134.74
CA SER EA 831 26.94 100.83 134.13
C SER EA 831 26.28 100.72 132.75
N LEU EA 832 26.73 99.77 131.94
CA LEU EA 832 26.12 99.56 130.63
C LEU EA 832 24.68 99.09 130.77
N ILE EA 833 24.39 98.24 131.75
CA ILE EA 833 23.02 97.80 131.99
C ILE EA 833 22.14 98.99 132.33
N LYS EA 834 22.62 99.87 133.20
CA LYS EA 834 21.83 101.05 133.58
C LYS EA 834 21.63 101.98 132.39
N ASP EA 835 22.66 102.17 131.57
CA ASP EA 835 22.53 103.03 130.40
C ASP EA 835 21.51 102.46 129.40
N THR EA 836 21.58 101.15 129.15
CA THR EA 836 20.63 100.53 128.25
C THR EA 836 19.21 100.60 128.81
N TRP EA 837 19.06 100.41 130.11
CA TRP EA 837 17.74 100.54 130.74
C TRP EA 837 17.20 101.95 130.59
N HIS EA 838 18.05 102.96 130.79
CA HIS EA 838 17.62 104.34 130.64
C HIS EA 838 17.19 104.63 129.20
N GLN EA 839 17.96 104.15 128.23
CA GLN EA 839 17.61 104.36 126.83
C GLN EA 839 16.29 103.67 126.48
N VAL EA 840 16.10 102.44 126.96
CA VAL EA 840 14.86 101.72 126.68
C VAL EA 840 13.67 102.39 127.35
N TYR EA 841 13.88 102.91 128.57
CA TYR EA 841 12.84 103.63 129.27
C TYR EA 841 12.44 104.90 128.51
N ARG EA 842 13.44 105.63 128.00
CA ARG EA 842 13.15 106.82 127.21
C ARG EA 842 12.41 106.46 125.92
N ARG EA 843 12.81 105.38 125.25
CA ARG EA 843 12.12 104.96 124.04
C ARG EA 843 10.68 104.57 124.33
N HIS EA 844 10.46 103.85 125.43
CA HIS EA 844 9.10 103.43 125.80
C HIS EA 844 8.22 104.64 126.08
N PHE EA 845 8.75 105.63 126.80
CA PHE EA 845 7.95 106.81 127.06
C PHE EA 845 7.76 107.67 125.80
N LEU EA 846 8.71 107.65 124.88
CA LEU EA 846 8.50 108.32 123.59
C LEU EA 846 7.36 107.66 122.82
N LYS EA 847 7.33 106.32 122.81
CA LYS EA 847 6.22 105.63 122.15
C LYS EA 847 4.90 105.92 122.85
N THR EA 848 4.90 105.96 124.18
CA THR EA 848 3.70 106.30 124.92
C THR EA 848 3.22 107.71 124.59
N ALA EA 849 4.15 108.66 124.50
CA ALA EA 849 3.80 110.01 124.11
C ALA EA 849 3.23 110.07 122.71
N LEU EA 850 3.80 109.29 121.78
CA LEU EA 850 3.25 109.23 120.43
C LEU EA 850 1.84 108.69 120.41
N ASN EA 851 1.59 107.64 121.20
CA ASN EA 851 0.23 107.09 121.30
C ASN EA 851 -0.72 108.11 121.91
N HIS EA 852 -0.26 108.86 122.92
CA HIS EA 852 -1.07 109.90 123.53
C HIS EA 852 -1.41 111.00 122.52
N CYS EA 853 -0.43 111.37 121.69
CA CYS EA 853 -0.70 112.35 120.63
C CYS EA 853 -1.72 111.82 119.63
N ASN EA 854 -1.60 110.55 119.25
CA ASN EA 854 -2.57 109.96 118.34
C ASN EA 854 -3.98 109.97 118.94
N LEU EA 855 -4.08 109.67 120.24
CA LEU EA 855 -5.39 109.73 120.90
C LEU EA 855 -5.91 111.16 120.96
N CYS EA 856 -5.06 112.12 121.31
CA CYS EA 856 -5.49 113.51 121.42
C CYS EA 856 -5.84 114.11 120.08
N ARG EA 857 -5.35 113.53 118.97
CA ARG EA 857 -5.74 114.00 117.66
C ARG EA 857 -7.23 113.88 117.41
N ARG EA 858 -7.90 112.97 118.12
CA ARG EA 858 -9.37 112.77 117.96
C ARG EA 858 -10.07 113.11 119.28
N GLY EA 859 -9.31 113.24 120.37
CA GLY EA 859 -9.87 113.54 121.67
C GLY EA 859 -10.23 114.98 121.93
N PHE EA 860 -10.30 115.83 120.90
CA PHE EA 860 -10.69 117.21 121.10
C PHE EA 860 -12.12 117.35 121.61
N TYR EA 861 -13.00 116.39 121.29
CA TYR EA 861 -14.35 116.42 121.84
C TYR EA 861 -14.33 116.29 123.36
N TYR EA 862 -13.54 115.35 123.88
CA TYR EA 862 -13.38 115.23 125.33
C TYR EA 862 -12.69 116.45 125.91
N TYR EA 863 -11.65 116.94 125.23
CA TYR EA 863 -10.87 118.05 125.76
C TYR EA 863 -11.69 119.32 125.89
N GLN EA 864 -12.51 119.63 124.88
CA GLN EA 864 -13.24 120.89 124.86
C GLN EA 864 -14.27 120.96 125.99
N ARG EA 865 -14.97 119.86 126.24
CA ARG EA 865 -16.04 119.85 127.23
C ARG EA 865 -15.60 119.40 128.61
N HIS EA 866 -14.47 118.68 128.71
CA HIS EA 866 -13.94 118.20 129.98
C HIS EA 866 -14.98 117.37 130.74
N PHE EA 867 -15.33 116.24 130.15
CA PHE EA 867 -16.31 115.34 130.76
C PHE EA 867 -15.79 114.78 132.08
N VAL EA 868 -16.73 114.47 132.98
CA VAL EA 868 -16.35 113.92 134.28
C VAL EA 868 -15.68 112.56 134.10
N ASP EA 869 -16.26 111.71 133.27
CA ASP EA 869 -15.68 110.40 132.96
C ASP EA 869 -14.79 110.46 131.72
N SER EA 870 -13.83 111.38 131.74
CA SER EA 870 -12.94 111.55 130.59
C SER EA 870 -11.97 110.38 130.49
N GLU EA 871 -11.88 109.80 129.30
CA GLU EA 871 -10.96 108.70 129.03
C GLU EA 871 -9.60 109.18 128.52
N LEU EA 872 -9.39 110.49 128.42
CA LEU EA 872 -8.15 111.03 127.88
C LEU EA 872 -7.94 112.42 128.46
N GLU EA 873 -6.75 112.66 129.01
CA GLU EA 873 -6.39 113.96 129.58
C GLU EA 873 -5.24 114.53 128.76
N CYS EA 874 -5.57 115.42 127.82
CA CYS EA 874 -4.57 116.06 126.96
C CYS EA 874 -4.06 117.31 127.66
N ASN EA 875 -2.87 117.21 128.23
CA ASN EA 875 -2.22 118.33 128.89
C ASN EA 875 -0.91 118.74 128.25
N ASP EA 876 -0.20 117.80 127.61
CA ASP EA 876 1.06 118.14 126.96
C ASP EA 876 0.84 119.11 125.81
N VAL EA 877 -0.26 118.95 125.07
CA VAL EA 877 -0.57 119.86 123.97
C VAL EA 877 -0.77 121.28 124.48
N VAL EA 878 -1.54 121.42 125.58
CA VAL EA 878 -1.79 122.73 126.16
C VAL EA 878 -0.50 123.34 126.68
N LEU EA 879 0.33 122.53 127.35
CA LEU EA 879 1.60 123.03 127.86
C LEU EA 879 2.51 123.51 126.74
N PHE EA 880 2.59 122.74 125.65
CA PHE EA 880 3.45 123.14 124.53
C PHE EA 880 2.91 124.40 123.86
N TRP EA 881 1.59 124.53 123.75
CA TRP EA 881 1.02 125.74 123.17
C TRP EA 881 1.31 126.95 124.06
N ARG EA 882 1.21 126.78 125.39
CA ARG EA 882 1.56 127.86 126.30
C ARG EA 882 3.02 128.27 126.16
N ILE EA 883 3.91 127.27 126.07
CA ILE EA 883 5.32 127.56 125.87
C ILE EA 883 5.55 128.31 124.57
N GLN EA 884 4.87 127.88 123.50
CA GLN EA 884 5.04 128.52 122.20
C GLN EA 884 4.58 129.98 122.23
N ARG EA 885 3.42 130.24 122.84
CA ARG EA 885 2.91 131.61 122.87
C ARG EA 885 3.78 132.49 123.78
N MET EA 886 4.26 131.94 124.90
CA MET EA 886 5.16 132.70 125.76
C MET EA 886 6.46 133.03 125.03
N LEU EA 887 7.00 132.07 124.28
CA LEU EA 887 8.20 132.32 123.50
C LEU EA 887 7.96 133.38 122.43
N ALA EA 888 6.80 133.34 121.78
CA ALA EA 888 6.48 134.35 120.78
C ALA EA 888 6.40 135.73 121.41
N ILE EA 889 5.75 135.83 122.57
CA ILE EA 889 5.65 137.12 123.26
C ILE EA 889 7.04 137.62 123.66
N THR EA 890 7.87 136.73 124.18
CA THR EA 890 9.22 137.12 124.57
C THR EA 890 10.03 137.59 123.37
N ALA EA 891 9.92 136.88 122.24
CA ALA EA 891 10.63 137.28 121.03
C ALA EA 891 10.16 138.63 120.52
N ASN EA 892 8.84 138.87 120.56
CA ASN EA 892 8.32 140.16 120.12
C ASN EA 892 8.83 141.28 121.02
N THR EA 893 8.83 141.05 122.35
CA THR EA 893 9.33 142.06 123.27
C THR EA 893 10.82 142.32 123.05
N LEU EA 894 11.59 141.26 122.81
CA LEU EA 894 13.02 141.41 122.56
C LEU EA 894 13.26 142.22 121.28
N ARG EA 895 12.50 141.92 120.22
CA ARG EA 895 12.64 142.66 118.97
C ARG EA 895 12.28 144.13 119.16
N GLN EA 896 11.20 144.41 119.89
CA GLN EA 896 10.79 145.79 120.11
C GLN EA 896 11.85 146.55 120.90
N GLN EA 897 12.36 145.96 121.98
CA GLN EA 897 13.39 146.62 122.78
C GLN EA 897 14.68 146.81 121.98
N LEU EA 898 15.04 145.81 121.15
CA LEU EA 898 16.21 145.95 120.31
C LEU EA 898 16.06 147.12 119.35
N THR EA 899 14.94 147.16 118.62
CA THR EA 899 14.70 148.27 117.70
C THR EA 899 14.67 149.61 118.42
N ASN EA 900 14.19 149.63 119.65
CA ASN EA 900 14.11 150.90 120.39
C ASN EA 900 15.50 151.39 120.82
N THR EA 901 16.34 150.49 121.35
CA THR EA 901 17.56 150.93 122.01
C THR EA 901 18.83 150.46 121.31
N GLU EA 902 18.93 149.16 120.98
CA GLU EA 902 20.20 148.62 120.52
C GLU EA 902 20.52 149.06 119.10
N VAL EA 903 19.50 149.28 118.27
CA VAL EA 903 19.75 149.81 116.93
C VAL EA 903 20.38 151.19 117.01
N ARG EA 904 19.84 152.05 117.87
CA ARG EA 904 20.41 153.38 118.05
C ARG EA 904 21.81 153.30 118.65
N ARG EA 905 22.02 152.39 119.61
CA ARG EA 905 23.35 152.23 120.18
C ARG EA 905 24.37 151.80 119.13
N LEU EA 906 23.99 150.83 118.29
CA LEU EA 906 24.89 150.38 117.23
C LEU EA 906 25.16 151.48 116.22
N GLU EA 907 24.14 152.27 115.88
CA GLU EA 907 24.32 153.40 114.99
C GLU EA 907 25.31 154.41 115.58
N LYS EA 908 25.17 154.69 116.87
CA LYS EA 908 26.08 155.62 117.54
C LYS EA 908 27.52 155.08 117.53
N ASN EA 909 27.67 153.79 117.82
CA ASN EA 909 29.01 153.19 117.80
C ASN EA 909 29.62 153.25 116.41
N VAL EA 910 28.82 152.96 115.37
CA VAL EA 910 29.32 153.01 114.00
C VAL EA 910 29.71 154.43 113.64
N LYS EA 911 28.91 155.42 114.04
CA LYS EA 911 29.25 156.81 113.77
C LYS EA 911 30.55 157.21 114.47
N GLU EA 912 30.72 156.79 115.73
CA GLU EA 912 31.95 157.11 116.44
C GLU EA 912 33.17 156.47 115.78
N VAL EA 913 33.03 155.21 115.35
CA VAL EA 913 34.13 154.52 114.69
C VAL EA 913 34.49 155.21 113.38
N LEU EA 914 33.46 155.59 112.60
CA LEU EA 914 33.71 156.27 111.33
C LEU EA 914 34.37 157.62 111.55
N GLU EA 915 33.94 158.37 112.57
CA GLU EA 915 34.56 159.66 112.87
C GLU EA 915 36.01 159.47 113.29
N ASP EA 916 36.28 158.46 114.12
CA ASP EA 916 37.66 158.20 114.54
C ASP EA 916 38.53 157.82 113.35
N PHE EA 917 38.01 157.02 112.43
CA PHE EA 917 38.77 156.65 111.24
C PHE EA 917 39.01 157.86 110.35
N ALA EA 918 38.00 158.71 110.17
CA ALA EA 918 38.15 159.88 109.33
C ALA EA 918 39.17 160.87 109.91
N GLU EA 919 39.15 161.05 111.22
CA GLU EA 919 40.06 161.97 111.89
C GLU EA 919 41.48 161.42 112.05
N ASP EA 920 41.76 160.25 111.46
CA ASP EA 920 43.08 159.62 111.56
C ASP EA 920 43.41 159.02 110.19
N GLY EA 921 44.13 159.78 109.36
CA GLY EA 921 44.55 159.27 108.07
C GLY EA 921 45.63 158.22 108.15
N GLU EA 922 46.40 158.19 109.23
CA GLU EA 922 47.41 157.15 109.40
C GLU EA 922 46.77 155.78 109.49
N LYS EA 923 45.63 155.68 110.19
CA LYS EA 923 44.91 154.41 110.26
C LYS EA 923 44.41 153.99 108.87
N LYS EA 924 43.94 154.94 108.07
CA LYS EA 924 43.52 154.63 106.71
C LYS EA 924 44.69 154.13 105.88
N ILE EA 925 45.85 154.76 106.02
CA ILE EA 925 47.04 154.32 105.28
C ILE EA 925 47.44 152.91 105.71
N LYS EA 926 47.42 152.64 107.02
CA LYS EA 926 47.80 151.33 107.52
C LYS EA 926 46.84 150.25 107.06
N LEU EA 927 45.54 150.54 107.04
CA LEU EA 927 44.54 149.55 106.67
C LEU EA 927 44.33 149.44 105.17
N LEU EA 928 44.06 150.58 104.51
CA LEU EA 928 43.80 150.57 103.06
C LEU EA 928 45.13 150.45 102.33
N THR EA 929 45.63 149.22 102.26
CA THR EA 929 46.87 148.91 101.56
C THR EA 929 46.61 148.12 100.27
N GLY EA 930 45.40 148.23 99.74
CA GLY EA 930 45.09 147.53 98.51
C GLY EA 930 45.81 148.10 97.31
N LYS EA 931 45.83 147.31 96.23
CA LYS EA 931 46.51 147.73 95.01
C LYS EA 931 45.86 148.97 94.41
N ARG EA 932 44.52 149.01 94.41
CA ARG EA 932 43.82 150.16 93.85
C ARG EA 932 44.12 151.43 94.65
N VAL EA 933 44.12 151.33 95.98
CA VAL EA 933 44.38 152.50 96.82
C VAL EA 933 45.79 153.02 96.57
N GLN EA 934 46.78 152.12 96.55
CA GLN EA 934 48.16 152.53 96.33
C GLN EA 934 48.34 153.14 94.94
N LEU EA 935 47.72 152.54 93.93
CA LEU EA 935 47.84 153.08 92.57
C LEU EA 935 47.20 154.47 92.48
N ALA EA 936 46.03 154.65 93.09
CA ALA EA 936 45.38 155.97 93.08
C ALA EA 936 46.22 157.00 93.81
N GLU EA 937 46.80 156.63 94.96
CA GLU EA 937 47.65 157.55 95.69
C GLU EA 937 48.88 157.93 94.88
N ASP EA 938 49.51 156.96 94.22
CA ASP EA 938 50.68 157.25 93.39
C ASP EA 938 50.31 158.16 92.24
N LEU EA 939 49.17 157.90 91.58
CA LEU EA 939 48.74 158.75 90.47
C LEU EA 939 48.47 160.17 90.94
N LYS EA 940 47.81 160.33 92.09
CA LYS EA 940 47.54 161.66 92.63
C LYS EA 940 48.83 162.39 92.96
N LYS EA 941 49.78 161.68 93.59
CA LYS EA 941 51.06 162.31 93.93
C LYS EA 941 51.82 162.72 92.67
N VAL EA 942 51.81 161.87 91.64
CA VAL EA 942 52.49 162.21 90.39
C VAL EA 942 51.84 163.42 89.74
N ARG EA 943 50.50 163.47 89.74
CA ARG EA 943 49.81 164.62 89.18
C ARG EA 943 50.14 165.90 89.94
N GLU EA 944 50.17 165.82 91.27
CA GLU EA 944 50.52 167.00 92.07
C GLU EA 944 51.94 167.46 91.80
N ILE EA 945 52.88 166.50 91.69
CA ILE EA 945 54.27 166.85 91.41
C ILE EA 945 54.39 167.50 90.04
N GLN EA 946 53.69 166.97 89.05
CA GLN EA 946 53.73 167.55 87.70
C GLN EA 946 53.13 168.95 87.70
N GLU EA 947 52.03 169.15 88.43
CA GLU EA 947 51.44 170.49 88.51
C GLU EA 947 52.39 171.48 89.18
N LYS EA 948 53.06 171.05 90.25
CA LYS EA 948 54.04 171.92 90.90
C LYS EA 948 55.20 172.25 89.97
N LEU EA 949 55.66 171.27 89.21
CA LEU EA 949 56.76 171.51 88.27
C LEU EA 949 56.31 172.45 87.14
N ASP EA 950 55.08 172.31 86.67
CA ASP EA 950 54.55 173.23 85.67
C ASP EA 950 54.46 174.65 86.22
N ALA EA 951 54.02 174.80 87.47
CA ALA EA 951 53.98 176.11 88.09
C ALA EA 951 55.39 176.70 88.22
N PHE EA 952 56.36 175.87 88.59
CA PHE EA 952 57.75 176.31 88.66
C PHE EA 952 58.25 176.79 87.30
N ILE EA 953 57.94 176.02 86.24
CA ILE EA 953 58.37 176.40 84.90
C ILE EA 953 57.74 177.72 84.48
N GLU EA 954 56.43 177.88 84.76
CA GLU EA 954 55.76 179.13 84.42
C GLU EA 954 56.35 180.31 85.17
N ALA EA 955 56.64 180.12 86.47
CA ALA EA 955 57.22 181.21 87.25
C ALA EA 955 58.61 181.56 86.75
N LEU EA 956 59.42 180.55 86.40
CA LEU EA 956 60.75 180.82 85.86
C LEU EA 956 60.67 181.56 84.52
N HIS EA 957 59.73 181.17 83.67
CA HIS EA 957 59.57 181.85 82.39
C HIS EA 957 59.11 183.29 82.58
N GLN EA 958 58.18 183.51 83.50
CA GLN EA 958 57.70 184.87 83.76
C GLN EA 958 58.79 185.75 84.35
N GLU EA 959 59.58 185.22 85.29
CA GLU EA 959 60.64 186.02 85.91
C GLU EA 959 61.72 186.39 84.91
N LYS EA 960 62.06 185.45 84.02
CA LYS EA 960 63.08 185.71 82.98
C LYS EA 960 62.37 186.23 81.72
N SER FA 263 116.17 115.43 132.65
CA SER FA 263 115.65 114.14 133.08
C SER FA 263 114.35 113.80 132.37
N LEU FA 264 113.27 113.67 133.15
CA LEU FA 264 111.97 113.36 132.57
C LEU FA 264 111.48 114.49 131.68
N ILE FA 265 111.68 115.74 132.11
CA ILE FA 265 111.20 116.88 131.34
C ILE FA 265 111.95 116.99 130.01
N ASP FA 266 113.26 116.74 130.01
CA ASP FA 266 114.03 116.81 128.78
C ASP FA 266 113.58 115.72 127.80
N MET FA 267 113.36 114.51 128.29
CA MET FA 267 112.90 113.43 127.43
C MET FA 267 111.50 113.71 126.89
N TYR FA 268 110.63 114.28 127.73
CA TYR FA 268 109.29 114.65 127.26
C TYR FA 268 109.36 115.72 126.19
N SER FA 269 110.25 116.70 126.35
CA SER FA 269 110.43 117.74 125.34
C SER FA 269 110.96 117.14 124.04
N GLU FA 270 111.89 116.19 124.14
CA GLU FA 270 112.40 115.51 122.94
C GLU FA 270 111.28 114.73 122.24
N VAL FA 271 110.42 114.05 123.02
CA VAL FA 271 109.31 113.32 122.44
C VAL FA 271 108.35 114.27 121.73
N LEU FA 272 108.06 115.41 122.36
CA LEU FA 272 107.18 116.40 121.73
C LEU FA 272 107.80 116.94 120.45
N ASP FA 273 109.12 117.18 120.45
CA ASP FA 273 109.80 117.64 119.25
C ASP FA 273 109.71 116.60 118.14
N VAL FA 274 109.90 115.33 118.49
CA VAL FA 274 109.79 114.26 117.49
C VAL FA 274 108.37 114.20 116.93
N LEU FA 275 107.37 114.33 117.79
CA LEU FA 275 105.98 114.31 117.33
C LEU FA 275 105.70 115.49 116.40
N SER FA 276 106.23 116.68 116.74
CA SER FA 276 106.05 117.84 115.88
C SER FA 276 106.72 117.66 114.53
N ASP FA 277 107.94 117.08 114.52
CA ASP FA 277 108.66 116.84 113.29
C ASP FA 277 108.11 115.66 112.51
N TYR FA 278 107.21 114.87 113.11
CA TYR FA 278 106.63 113.73 112.40
C TYR FA 278 105.86 114.17 111.16
N ASP FA 279 105.06 115.23 111.29
CA ASP FA 279 104.29 115.73 110.17
C ASP FA 279 103.94 117.19 110.42
N ALA FA 280 103.71 117.93 109.34
CA ALA FA 280 103.31 119.32 109.45
C ALA FA 280 101.87 119.48 109.88
N SER FA 281 101.05 118.44 109.72
CA SER FA 281 99.65 118.48 110.14
C SER FA 281 99.56 118.16 111.63
N TYR FA 282 98.33 117.95 112.12
CA TYR FA 282 98.08 117.64 113.53
C TYR FA 282 97.26 116.36 113.60
N ASN FA 283 97.95 115.21 113.62
CA ASN FA 283 97.32 113.91 113.74
C ASN FA 283 97.67 113.22 115.05
N THR FA 284 98.96 113.06 115.35
CA THR FA 284 99.41 112.48 116.61
C THR FA 284 99.92 113.52 117.58
N GLN FA 285 100.03 114.79 117.17
CA GLN FA 285 100.50 115.84 118.05
C GLN FA 285 99.45 116.25 119.09
N ASP FA 286 98.19 115.90 118.88
CA ASP FA 286 97.11 116.24 119.79
C ASP FA 286 96.89 115.18 120.86
N HIS FA 287 97.73 114.15 120.91
CA HIS FA 287 97.57 113.10 121.92
C HIS FA 287 98.15 113.55 123.26
N LEU FA 288 99.44 113.88 123.28
CA LEU FA 288 100.07 114.34 124.50
C LEU FA 288 99.62 115.77 124.83
N PRO FA 289 99.39 116.07 126.11
CA PRO FA 289 99.00 117.44 126.48
C PRO FA 289 100.11 118.44 126.15
N ARG FA 290 99.69 119.64 125.74
CA ARG FA 290 100.63 120.70 125.40
C ARG FA 290 100.06 122.01 125.92
N VAL FA 291 100.78 122.65 126.85
CA VAL FA 291 100.36 123.93 127.40
C VAL FA 291 100.66 125.01 126.35
N VAL FA 292 99.61 125.60 125.79
CA VAL FA 292 99.73 126.59 124.73
C VAL FA 292 99.29 127.94 125.27
N VAL FA 293 100.12 128.96 125.09
CA VAL FA 293 99.83 130.32 125.53
C VAL FA 293 99.40 131.12 124.32
N VAL FA 294 98.14 131.57 124.32
CA VAL FA 294 97.57 132.34 123.22
C VAL FA 294 97.08 133.67 123.76
N GLY FA 295 97.47 134.76 123.09
CA GLY FA 295 97.06 136.08 123.50
C GLY FA 295 96.53 136.92 122.34
N ASP FA 296 96.38 138.22 122.56
CA ASP FA 296 95.90 139.15 121.56
C ASP FA 296 97.04 139.99 121.02
N GLN FA 297 96.83 140.58 119.85
CA GLN FA 297 97.84 141.42 119.23
C GLN FA 297 97.99 142.72 120.00
N SER FA 298 99.24 143.08 120.29
CA SER FA 298 99.57 144.31 121.02
C SER FA 298 98.86 144.34 122.38
N ALA FA 299 98.76 143.19 123.03
CA ALA FA 299 98.11 143.06 124.32
C ALA FA 299 99.10 142.95 125.47
N GLY FA 300 100.39 143.18 125.21
CA GLY FA 300 101.38 143.07 126.26
C GLY FA 300 101.75 141.66 126.66
N LYS FA 301 101.36 140.66 125.88
CA LYS FA 301 101.68 139.28 126.23
C LYS FA 301 103.18 139.01 126.18
N THR FA 302 103.93 139.79 125.39
CA THR FA 302 105.37 139.60 125.32
C THR FA 302 106.03 139.87 126.67
N SER FA 303 105.61 140.92 127.37
CA SER FA 303 106.18 141.22 128.68
C SER FA 303 105.85 140.11 129.68
N VAL FA 304 104.63 139.59 129.65
CA VAL FA 304 104.26 138.51 130.56
C VAL FA 304 105.07 137.26 130.27
N LEU FA 305 105.25 136.93 128.99
CA LEU FA 305 106.04 135.77 128.62
C LEU FA 305 107.50 135.94 129.06
N GLU FA 306 108.05 137.15 128.89
CA GLU FA 306 109.41 137.40 129.34
C GLU FA 306 109.53 137.27 130.86
N MET FA 307 108.54 137.77 131.59
CA MET FA 307 108.57 137.66 133.04
C MET FA 307 108.42 136.22 133.50
N ILE FA 308 107.70 135.39 132.73
CA ILE FA 308 107.57 133.97 133.07
C ILE FA 308 108.93 133.29 133.03
N ALA FA 309 109.72 133.57 132.01
CA ALA FA 309 111.07 133.02 131.90
C ALA FA 309 112.11 133.87 132.63
N GLN FA 310 111.69 135.00 133.21
CA GLN FA 310 112.59 135.89 133.95
C GLN FA 310 113.72 136.42 133.07
N ALA FA 311 113.46 136.57 131.78
CA ALA FA 311 114.47 137.07 130.84
C ALA FA 311 113.76 137.60 129.60
N ARG FA 312 114.35 138.63 129.01
CA ARG FA 312 113.81 139.23 127.79
C ARG FA 312 114.37 138.45 126.60
N ILE FA 313 113.59 137.49 126.10
CA ILE FA 313 114.01 136.67 124.96
C ILE FA 313 113.16 136.87 123.73
N PHE FA 314 111.94 137.41 123.86
CA PHE FA 314 111.08 137.63 122.70
C PHE FA 314 111.28 139.05 122.18
N PRO FA 315 111.67 139.23 120.91
CA PRO FA 315 111.86 140.58 120.39
C PRO FA 315 110.55 141.37 120.39
N ARG FA 316 110.66 142.67 120.65
CA ARG FA 316 109.51 143.55 120.71
C ARG FA 316 109.10 143.99 119.31
N GLY FA 317 107.80 144.21 119.13
CA GLY FA 317 107.27 144.65 117.85
C GLY FA 317 106.35 145.85 117.97
N SER FA 318 106.64 146.90 117.20
CA SER FA 318 105.83 148.12 117.23
C SER FA 318 104.67 147.95 116.24
N GLY FA 319 103.68 147.20 116.67
CA GLY FA 319 102.48 146.93 115.88
C GLY FA 319 102.57 145.74 114.96
N GLU FA 320 103.74 145.55 114.32
CA GLU FA 320 103.93 144.43 113.42
C GLU FA 320 103.95 143.11 114.20
N MET FA 321 103.41 142.07 113.57
CA MET FA 321 103.34 140.74 114.18
C MET FA 321 104.68 140.05 113.95
N MET FA 322 105.60 140.22 114.90
CA MET FA 322 106.91 139.60 114.79
C MET FA 322 106.82 138.08 114.85
N THR FA 323 105.97 137.55 115.73
CA THR FA 323 105.81 136.11 115.88
C THR FA 323 104.88 135.59 114.79
N ARG FA 324 105.45 134.91 113.80
CA ARG FA 324 104.67 134.35 112.70
C ARG FA 324 104.72 132.83 112.66
N SER FA 325 105.48 132.19 113.53
CA SER FA 325 105.58 130.75 113.60
C SER FA 325 105.44 130.29 115.04
N PRO FA 326 104.92 129.07 115.25
CA PRO FA 326 104.81 128.55 116.63
C PRO FA 326 106.18 128.45 117.29
N VAL FA 327 106.22 128.79 118.58
CA VAL FA 327 107.44 128.77 119.37
C VAL FA 327 107.21 127.87 120.58
N LYS FA 328 108.11 126.91 120.77
CA LYS FA 328 108.04 125.99 121.90
C LYS FA 328 109.03 126.42 122.97
N VAL FA 329 108.54 126.65 124.18
CA VAL FA 329 109.37 127.04 125.32
C VAL FA 329 109.28 125.93 126.35
N THR FA 330 110.39 125.24 126.59
CA THR FA 330 110.46 124.15 127.56
C THR FA 330 111.11 124.68 128.82
N LEU FA 331 110.35 124.73 129.92
CA LEU FA 331 110.86 125.19 131.19
C LEU FA 331 111.49 124.03 131.94
N SER FA 332 112.75 124.19 132.35
CA SER FA 332 113.47 123.16 133.07
C SER FA 332 114.59 123.82 133.86
N GLU FA 333 115.37 123.00 134.56
CA GLU FA 333 116.48 123.46 135.37
C GLU FA 333 117.75 122.75 134.93
N GLY FA 334 118.81 123.53 134.71
CA GLY FA 334 120.08 122.98 134.29
C GLY FA 334 121.24 123.54 135.09
N PRO FA 335 122.47 123.20 134.69
CA PRO FA 335 123.64 123.73 135.40
C PRO FA 335 123.74 125.25 135.35
N HIS FA 336 123.29 125.87 134.26
CA HIS FA 336 123.35 127.32 134.10
C HIS FA 336 122.02 127.82 133.55
N HIS FA 337 121.73 129.10 133.84
CA HIS FA 337 120.50 129.73 133.38
C HIS FA 337 120.68 130.20 131.93
N VAL FA 338 120.76 129.22 131.04
CA VAL FA 338 120.97 129.47 129.62
C VAL FA 338 119.84 128.82 128.83
N ALA FA 339 119.78 129.15 127.55
CA ALA FA 339 118.79 128.59 126.63
C ALA FA 339 119.50 127.88 125.49
N LEU FA 340 119.02 126.67 125.18
CA LEU FA 340 119.62 125.84 124.14
C LEU FA 340 118.52 125.29 123.24
N PHE FA 341 118.74 125.37 121.93
CA PHE FA 341 117.79 124.84 120.97
C PHE FA 341 118.01 123.34 120.77
N LYS FA 342 117.03 122.71 120.12
CA LYS FA 342 117.14 121.28 119.84
C LYS FA 342 118.26 120.99 118.85
N ASP FA 343 118.41 121.82 117.82
CA ASP FA 343 119.41 121.62 116.78
C ASP FA 343 120.55 122.62 116.87
N SER FA 344 120.83 123.14 118.07
CA SER FA 344 121.91 124.09 118.28
C SER FA 344 122.77 123.64 119.44
N SER FA 345 124.02 124.11 119.44
CA SER FA 345 124.98 123.77 120.49
C SER FA 345 125.43 124.98 121.31
N ARG FA 346 125.05 126.20 120.93
CA ARG FA 346 125.44 127.39 121.65
C ARG FA 346 124.43 127.67 122.76
N GLU FA 347 124.93 127.82 123.99
CA GLU FA 347 124.08 128.08 125.15
C GLU FA 347 123.87 129.59 125.26
N PHE FA 348 122.69 130.05 124.88
CA PHE FA 348 122.35 131.47 124.95
C PHE FA 348 122.01 131.82 126.39
N ASP FA 349 122.89 132.57 127.05
CA ASP FA 349 122.65 132.97 128.43
C ASP FA 349 121.49 133.94 128.51
N LEU FA 350 120.74 133.84 129.60
CA LEU FA 350 119.56 134.68 129.83
C LEU FA 350 119.86 135.87 130.74
N THR FA 351 121.13 136.12 131.06
CA THR FA 351 121.51 137.21 131.94
C THR FA 351 122.24 138.33 131.21
N LYS FA 352 123.29 138.01 130.46
CA LYS FA 352 124.04 139.03 129.75
C LYS FA 352 123.21 139.63 128.63
N GLU FA 353 123.35 140.95 128.43
CA GLU FA 353 122.59 141.63 127.39
C GLU FA 353 123.01 141.16 126.00
N GLU FA 354 124.31 140.94 125.79
CA GLU FA 354 124.80 140.48 124.50
C GLU FA 354 124.23 139.11 124.15
N ASP FA 355 124.22 138.20 125.13
CA ASP FA 355 123.67 136.87 124.90
C ASP FA 355 122.17 136.93 124.60
N LEU FA 356 121.44 137.80 125.31
CA LEU FA 356 120.02 137.96 125.04
C LEU FA 356 119.79 138.51 123.63
N ALA FA 357 120.61 139.48 123.22
CA ALA FA 357 120.48 140.01 121.86
C ALA FA 357 120.78 138.95 120.82
N ALA FA 358 121.80 138.14 121.06
CA ALA FA 358 122.12 137.06 120.13
C ALA FA 358 120.98 136.04 120.05
N LEU FA 359 120.38 135.71 121.20
CA LEU FA 359 119.25 134.79 121.21
C LEU FA 359 118.07 135.36 120.44
N ARG FA 360 117.78 136.66 120.64
CA ARG FA 360 116.69 137.29 119.90
C ARG FA 360 116.97 137.29 118.40
N HIS FA 361 118.22 137.57 118.01
CA HIS FA 361 118.58 137.55 116.59
C HIS FA 361 118.42 136.15 116.00
N GLU FA 362 118.83 135.13 116.75
CA GLU FA 362 118.67 133.75 116.29
C GLU FA 362 117.19 133.38 116.15
N ILE FA 363 116.37 133.81 117.10
CA ILE FA 363 114.93 133.53 117.02
C ILE FA 363 114.33 134.22 115.80
N GLU FA 364 114.72 135.48 115.56
CA GLU FA 364 114.22 136.20 114.39
C GLU FA 364 114.65 135.52 113.10
N LEU FA 365 115.90 135.07 113.03
CA LEU FA 365 116.39 134.36 111.85
C LEU FA 365 115.62 133.07 111.62
N ARG FA 366 115.35 132.32 112.70
CA ARG FA 366 114.58 131.09 112.56
C ARG FA 366 113.15 131.38 112.10
N MET FA 367 112.54 132.45 112.63
CA MET FA 367 111.21 132.84 112.18
C MET FA 367 111.19 133.21 110.71
N ARG FA 368 112.20 133.97 110.27
CA ARG FA 368 112.27 134.37 108.86
C ARG FA 368 112.50 133.17 107.95
N LYS FA 369 113.34 132.22 108.38
CA LYS FA 369 113.62 131.05 107.56
C LYS FA 369 112.36 130.20 107.37
N ASN FA 370 111.58 130.01 108.43
CA ASN FA 370 110.35 129.22 108.32
C ASN FA 370 109.34 129.89 107.40
N VAL FA 371 109.18 131.21 107.52
CA VAL FA 371 108.20 131.92 106.70
C VAL FA 371 108.71 132.03 105.28
N LYS FA 372 107.87 131.63 104.32
CA LYS FA 372 108.24 131.70 102.92
C LYS FA 372 108.29 133.16 102.44
N GLU FA 373 109.04 133.37 101.37
CA GLU FA 373 109.20 134.71 100.79
C GLU FA 373 107.92 135.05 100.03
N GLY FA 374 106.96 135.62 100.75
CA GLY FA 374 105.68 135.97 100.17
C GLY FA 374 104.50 135.59 101.05
N CYS FA 375 104.73 134.66 101.96
CA CYS FA 375 103.69 134.21 102.89
C CYS FA 375 103.80 134.94 104.22
N THR FA 376 102.82 134.69 105.09
CA THR FA 376 102.77 135.31 106.40
C THR FA 376 102.87 134.31 107.53
N VAL FA 377 102.10 133.22 107.48
CA VAL FA 377 102.09 132.19 108.52
C VAL FA 377 102.71 130.93 107.94
N SER FA 378 103.68 130.37 108.67
CA SER FA 378 104.37 129.16 108.25
C SER FA 378 104.03 128.01 109.18
N PRO FA 379 103.67 126.84 108.63
CA PRO FA 379 103.35 125.69 109.50
C PRO FA 379 104.53 125.18 110.30
N GLU FA 380 105.76 125.51 109.91
CA GLU FA 380 106.93 125.02 110.62
C GLU FA 380 106.99 125.62 112.03
N THR FA 381 107.40 124.80 112.99
CA THR FA 381 107.49 125.20 114.38
C THR FA 381 108.94 125.36 114.80
N ILE FA 382 109.14 126.11 115.89
CA ILE FA 382 110.46 126.38 116.44
C ILE FA 382 110.51 125.79 117.85
N SER FA 383 111.53 124.98 118.12
CA SER FA 383 111.70 124.32 119.41
C SER FA 383 112.84 124.98 120.17
N LEU FA 384 112.58 125.34 121.42
CA LEU FA 384 113.58 125.96 122.27
C LEU FA 384 113.45 125.39 123.69
N ASN FA 385 114.58 125.06 124.29
CA ASN FA 385 114.64 124.53 125.64
C ASN FA 385 115.28 125.55 126.56
N VAL FA 386 114.61 125.84 127.68
CA VAL FA 386 115.08 126.82 128.65
C VAL FA 386 115.46 126.08 129.93
N LYS FA 387 116.68 126.32 130.41
CA LYS FA 387 117.19 125.69 131.62
C LYS FA 387 117.67 126.76 132.59
N GLY FA 388 117.63 126.44 133.88
CA GLY FA 388 118.08 127.34 134.91
C GLY FA 388 117.33 127.15 136.21
N PRO FA 389 117.97 127.51 137.32
CA PRO FA 389 117.32 127.36 138.63
C PRO FA 389 116.14 128.31 138.78
N GLY FA 390 115.19 127.90 139.61
CA GLY FA 390 114.01 128.70 139.89
C GLY FA 390 112.88 128.53 138.90
N LEU FA 391 113.03 127.68 137.89
CA LEU FA 391 111.99 127.44 136.90
C LEU FA 391 111.25 126.15 137.22
N GLN FA 392 110.09 125.99 136.58
CA GLN FA 392 109.26 124.81 136.75
C GLN FA 392 109.59 123.79 135.66
N ARG FA 393 108.80 122.72 135.60
CA ARG FA 393 108.98 121.65 134.61
C ARG FA 393 107.70 121.57 133.78
N MET FA 394 107.66 122.35 132.71
CA MET FA 394 106.50 122.37 131.82
C MET FA 394 106.95 122.88 130.46
N VAL FA 395 106.10 122.67 129.46
CA VAL FA 395 106.36 123.07 128.08
C VAL FA 395 105.33 124.13 127.70
N LEU FA 396 105.81 125.28 127.26
CA LEU FA 396 104.96 126.40 126.86
C LEU FA 396 105.04 126.58 125.35
N VAL FA 397 103.88 126.78 124.72
CA VAL FA 397 103.77 126.95 123.28
C VAL FA 397 103.27 128.36 123.00
N ASP FA 398 103.98 129.08 122.14
CA ASP FA 398 103.64 130.44 121.78
C ASP FA 398 103.05 130.46 120.37
N LEU FA 399 101.92 131.15 120.22
CA LEU FA 399 101.24 131.25 118.94
C LEU FA 399 100.94 132.71 118.62
N PRO FA 400 100.85 133.07 117.34
CA PRO FA 400 100.51 134.45 116.98
C PRO FA 400 99.12 134.82 117.47
N GLY FA 401 98.96 136.10 117.79
CA GLY FA 401 97.70 136.58 118.30
C GLY FA 401 96.59 136.52 117.26
N VAL FA 402 95.35 136.47 117.75
CA VAL FA 402 94.18 136.40 116.89
C VAL FA 402 93.90 137.77 116.32
N ILE FA 403 93.74 137.84 114.99
CA ILE FA 403 93.46 139.10 114.31
C ILE FA 403 92.05 139.04 113.73
N ASN FA 404 91.51 140.22 113.43
CA ASN FA 404 90.18 140.35 112.89
C ASN FA 404 90.17 140.91 111.46
N THR FA 405 90.90 141.99 111.22
CA THR FA 405 90.96 142.59 109.89
C THR FA 405 91.85 141.76 108.97
N VAL FA 406 91.68 141.99 107.67
CA VAL FA 406 92.43 141.29 106.63
C VAL FA 406 93.29 142.31 105.91
N THR FA 407 94.59 142.03 105.82
CA THR FA 407 95.52 142.93 105.15
C THR FA 407 95.49 142.69 103.65
N SER FA 408 95.33 143.77 102.88
CA SER FA 408 95.31 143.65 101.42
C SER FA 408 96.69 143.32 100.87
N GLY FA 409 97.74 143.75 101.56
CA GLY FA 409 99.11 143.49 101.12
C GLY FA 409 99.65 142.12 101.48
N MET FA 410 98.87 141.29 102.14
CA MET FA 410 99.28 139.95 102.55
C MET FA 410 98.28 138.93 102.02
N ALA FA 411 98.44 137.68 102.45
CA ALA FA 411 97.55 136.62 102.00
C ALA FA 411 96.15 136.84 102.57
N PRO FA 412 95.12 136.82 101.72
CA PRO FA 412 93.75 137.01 102.24
C PRO FA 412 93.29 135.92 103.18
N ASP FA 413 93.90 134.73 103.14
CA ASP FA 413 93.53 133.62 103.98
C ASP FA 413 94.39 133.50 105.23
N THR FA 414 95.12 134.56 105.57
CA THR FA 414 95.96 134.53 106.78
C THR FA 414 95.11 134.36 108.03
N LYS FA 415 94.00 135.08 108.12
CA LYS FA 415 93.11 134.95 109.28
C LYS FA 415 92.51 133.55 109.35
N GLU FA 416 92.09 133.00 108.21
CA GLU FA 416 91.56 131.65 108.19
C GLU FA 416 92.61 130.63 108.61
N THR FA 417 93.86 130.81 108.14
CA THR FA 417 94.93 129.91 108.53
C THR FA 417 95.21 129.98 110.03
N ILE FA 418 95.21 131.20 110.58
CA ILE FA 418 95.43 131.37 112.02
C ILE FA 418 94.30 130.70 112.81
N PHE FA 419 93.06 130.89 112.36
CA PHE FA 419 91.93 130.26 113.05
C PHE FA 419 92.01 128.74 112.98
N SER FA 420 92.40 128.20 111.82
CA SER FA 420 92.55 126.75 111.70
C SER FA 420 93.66 126.22 112.60
N ILE FA 421 94.77 126.94 112.68
CA ILE FA 421 95.87 126.53 113.55
C ILE FA 421 95.43 126.55 115.01
N SER FA 422 94.70 127.60 115.40
CA SER FA 422 94.22 127.70 116.78
C SER FA 422 93.25 126.56 117.09
N LYS FA 423 92.35 126.25 116.15
CA LYS FA 423 91.41 125.15 116.36
C LYS FA 423 92.14 123.82 116.49
N ALA FA 424 93.15 123.59 115.64
CA ALA FA 424 93.91 122.35 115.72
C ALA FA 424 94.65 122.25 117.04
N TYR FA 425 95.22 123.36 117.51
CA TYR FA 425 95.91 123.35 118.81
C TYR FA 425 94.92 123.08 119.95
N MET FA 426 93.72 123.67 119.87
CA MET FA 426 92.71 123.46 120.89
C MET FA 426 92.04 122.09 120.79
N GLN FA 427 92.26 121.36 119.71
CA GLN FA 427 91.67 120.02 119.57
C GLN FA 427 92.15 119.06 120.64
N ASN FA 428 93.29 119.33 121.27
CA ASN FA 428 93.79 118.49 122.34
C ASN FA 428 92.89 118.65 123.57
N PRO FA 429 92.28 117.57 124.07
CA PRO FA 429 91.41 117.71 125.25
C PRO FA 429 92.16 118.12 126.51
N ASN FA 430 93.48 117.92 126.56
CA ASN FA 430 94.27 118.24 127.75
C ASN FA 430 95.22 119.40 127.50
N ALA FA 431 94.95 120.23 126.50
CA ALA FA 431 95.79 121.38 126.20
C ALA FA 431 95.46 122.52 127.15
N ILE FA 432 96.42 122.88 128.00
CA ILE FA 432 96.24 123.98 128.95
C ILE FA 432 96.44 125.29 128.21
N ILE FA 433 95.46 126.19 128.33
CA ILE FA 433 95.50 127.48 127.65
C ILE FA 433 95.74 128.56 128.70
N LEU FA 434 96.78 129.36 128.48
CA LEU FA 434 97.14 130.46 129.38
C LEU FA 434 96.74 131.77 128.72
N CYS FA 435 95.63 132.34 129.18
CA CYS FA 435 95.12 133.59 128.62
C CYS FA 435 95.84 134.77 129.25
N ILE FA 436 96.31 135.68 128.40
CA ILE FA 436 97.02 136.89 128.83
C ILE FA 436 96.25 138.10 128.32
N GLN FA 437 95.95 139.03 129.22
CA GLN FA 437 95.23 140.25 128.89
C GLN FA 437 96.11 141.46 129.19
N ASP FA 438 95.53 142.65 129.05
CA ASP FA 438 96.23 143.90 129.27
C ASP FA 438 95.42 144.77 130.22
N GLY FA 439 96.09 145.77 130.80
CA GLY FA 439 95.41 146.68 131.70
C GLY FA 439 94.31 147.48 131.03
N SER FA 440 94.55 147.89 129.78
CA SER FA 440 93.56 148.66 129.03
C SER FA 440 92.54 147.78 128.31
N VAL FA 441 92.68 146.46 128.38
CA VAL FA 441 91.78 145.52 127.72
C VAL FA 441 90.94 144.82 128.79
N ASP FA 442 89.63 144.89 128.65
CA ASP FA 442 88.73 144.27 129.60
C ASP FA 442 88.69 142.76 129.40
N ALA FA 443 88.10 142.06 130.38
CA ALA FA 443 88.00 140.61 130.31
C ALA FA 443 87.13 140.18 129.12
N GLU FA 444 86.01 140.87 128.90
CA GLU FA 444 85.15 140.54 127.77
C GLU FA 444 85.76 140.95 126.43
N ARG FA 445 86.67 141.92 126.43
CA ARG FA 445 87.31 142.36 125.20
C ARG FA 445 88.39 141.40 124.72
N SER FA 446 88.79 140.42 125.54
CA SER FA 446 89.82 139.47 125.16
C SER FA 446 89.20 138.39 124.28
N ILE FA 447 89.68 138.29 123.03
CA ILE FA 447 89.16 137.29 122.11
C ILE FA 447 89.54 135.89 122.58
N VAL FA 448 90.74 135.73 123.13
CA VAL FA 448 91.19 134.42 123.60
C VAL FA 448 90.31 133.93 124.74
N THR FA 449 89.98 134.81 125.68
CA THR FA 449 89.13 134.41 126.80
C THR FA 449 87.74 134.00 126.32
N ASP FA 450 87.17 134.77 125.39
CA ASP FA 450 85.85 134.43 124.86
C ASP FA 450 85.89 133.09 124.12
N LEU FA 451 86.94 132.85 123.34
CA LEU FA 451 87.07 131.59 122.62
C LEU FA 451 87.20 130.41 123.59
N VAL FA 452 87.99 130.59 124.65
CA VAL FA 452 88.14 129.54 125.66
C VAL FA 452 86.81 129.27 126.34
N SER FA 453 86.07 130.32 126.70
CA SER FA 453 84.78 130.13 127.33
C SER FA 453 83.80 129.41 126.40
N GLN FA 454 83.80 129.78 125.12
CA GLN FA 454 82.91 129.10 124.17
C GLN FA 454 83.28 127.64 124.00
N MET FA 455 84.58 127.34 123.90
CA MET FA 455 85.02 125.96 123.72
C MET FA 455 84.94 125.16 125.01
N ASP FA 456 85.19 125.79 126.16
CA ASP FA 456 85.18 125.12 127.46
C ASP FA 456 84.28 125.90 128.41
N PRO FA 457 82.96 125.73 128.29
CA PRO FA 457 82.05 126.43 129.22
C PRO FA 457 82.27 126.08 130.67
N HIS FA 458 82.65 124.83 130.98
CA HIS FA 458 82.89 124.45 132.37
C HIS FA 458 84.18 125.06 132.90
N GLY FA 459 85.24 125.02 132.11
CA GLY FA 459 86.52 125.58 132.53
C GLY FA 459 87.13 124.87 133.71
N ARG FA 460 87.00 123.54 133.76
CA ARG FA 460 87.57 122.76 134.85
C ARG FA 460 89.08 122.57 134.73
N ARG FA 461 89.66 122.81 133.54
CA ARG FA 461 91.09 122.68 133.34
C ARG FA 461 91.79 123.98 132.97
N THR FA 462 91.03 125.05 132.72
CA THR FA 462 91.61 126.35 132.36
C THR FA 462 91.56 127.26 133.58
N ILE FA 463 92.70 127.86 133.90
CA ILE FA 463 92.84 128.77 135.04
C ILE FA 463 93.14 130.16 134.52
N PHE FA 464 92.32 131.13 134.91
CA PHE FA 464 92.49 132.51 134.47
C PHE FA 464 93.58 133.20 135.29
N VAL FA 465 94.48 133.88 134.59
CA VAL FA 465 95.56 134.63 135.23
C VAL FA 465 95.43 136.09 134.80
N LEU FA 466 95.42 136.98 135.79
CA LEU FA 466 95.29 138.42 135.55
C LEU FA 466 96.66 139.07 135.61
N THR FA 467 97.02 139.80 134.55
CA THR FA 467 98.31 140.45 134.44
C THR FA 467 98.13 141.95 134.31
N LYS FA 468 99.14 142.70 134.74
CA LYS FA 468 99.14 144.17 134.69
C LYS FA 468 97.94 144.75 135.44
N VAL FA 469 97.83 144.37 136.71
CA VAL FA 469 96.72 144.85 137.54
C VAL FA 469 96.87 146.35 137.79
N ASP FA 470 98.10 146.83 138.00
CA ASP FA 470 98.30 148.24 138.29
C ASP FA 470 97.88 149.13 137.11
N LEU FA 471 98.19 148.70 135.89
CA LEU FA 471 97.80 149.48 134.72
C LEU FA 471 96.28 149.57 134.59
N ALA FA 472 95.58 148.46 134.84
CA ALA FA 472 94.12 148.49 134.79
C ALA FA 472 93.56 149.37 135.90
N GLU FA 473 94.14 149.30 137.09
CA GLU FA 473 93.66 150.11 138.21
C GLU FA 473 93.85 151.60 137.94
N LYS FA 474 95.00 151.97 137.35
CA LYS FA 474 95.27 153.38 137.08
C LYS FA 474 94.37 153.95 135.99
N ASN FA 475 93.70 153.09 135.22
CA ASN FA 475 92.79 153.56 134.15
C ASN FA 475 91.37 153.73 134.67
N VAL FA 476 91.23 154.49 135.75
CA VAL FA 476 89.97 154.80 136.45
C VAL FA 476 88.97 153.64 136.37
N ALA FA 477 89.45 152.42 136.60
CA ALA FA 477 88.58 151.25 136.56
C ALA FA 477 87.79 151.13 137.86
N SER FA 478 86.71 150.36 137.80
CA SER FA 478 85.87 150.13 138.97
C SER FA 478 86.47 149.00 139.81
N PRO FA 479 86.76 149.23 141.09
CA PRO FA 479 87.31 148.14 141.92
C PRO FA 479 86.35 146.98 142.10
N SER FA 480 85.04 147.20 141.96
CA SER FA 480 84.08 146.10 142.09
C SER FA 480 84.29 145.05 141.00
N ARG FA 481 84.55 145.50 139.77
CA ARG FA 481 84.80 144.55 138.69
C ARG FA 481 86.07 143.73 138.95
N ILE FA 482 87.12 144.38 139.43
CA ILE FA 482 88.36 143.68 139.74
C ILE FA 482 88.14 142.66 140.85
N GLN FA 483 87.39 143.06 141.90
CA GLN FA 483 87.09 142.15 142.99
C GLN FA 483 86.28 140.94 142.51
N GLN FA 484 85.29 141.18 141.65
CA GLN FA 484 84.49 140.09 141.12
C GLN FA 484 85.33 139.15 140.26
N ILE FA 485 86.24 139.71 139.44
CA ILE FA 485 87.09 138.88 138.61
C ILE FA 485 88.02 138.03 139.47
N ILE FA 486 88.62 138.64 140.49
CA ILE FA 486 89.52 137.90 141.38
C ILE FA 486 88.75 136.84 142.15
N GLU FA 487 87.59 137.19 142.70
CA GLU FA 487 86.80 136.23 143.45
C GLU FA 487 86.14 135.20 142.54
N GLY FA 488 85.88 135.54 141.28
CA GLY FA 488 85.29 134.60 140.34
C GLY FA 488 83.77 134.65 140.32
N LYS FA 489 83.21 135.85 140.44
CA LYS FA 489 81.77 136.06 140.42
C LYS FA 489 81.27 136.55 139.07
N LEU FA 490 82.13 136.60 138.06
CA LEU FA 490 81.76 137.07 136.74
C LEU FA 490 81.99 136.05 135.64
N PHE FA 491 83.06 135.27 135.72
CA PHE FA 491 83.35 134.27 134.70
C PHE FA 491 82.44 133.07 134.87
N PRO FA 492 81.67 132.68 133.85
CA PRO FA 492 80.80 131.51 134.00
C PRO FA 492 81.55 130.21 134.24
N MET FA 493 82.77 130.09 133.71
CA MET FA 493 83.55 128.87 133.89
C MET FA 493 83.97 128.70 135.35
N LYS FA 494 84.03 127.45 135.78
CA LYS FA 494 84.42 127.12 137.16
C LYS FA 494 85.90 126.76 137.17
N ALA FA 495 86.74 127.79 137.15
CA ALA FA 495 88.17 127.60 137.17
C ALA FA 495 88.63 127.13 138.55
N LEU FA 496 89.79 126.47 138.57
CA LEU FA 496 90.35 125.98 139.82
C LEU FA 496 90.79 127.11 140.75
N GLY FA 497 91.02 128.30 140.21
CA GLY FA 497 91.43 129.43 141.03
C GLY FA 497 91.64 130.66 140.16
N TYR FA 498 91.87 131.77 140.84
CA TYR FA 498 92.11 133.05 140.18
C TYR FA 498 93.20 133.80 140.93
N PHE FA 499 94.24 134.21 140.22
CA PHE FA 499 95.35 134.94 140.81
C PHE FA 499 95.64 136.18 139.98
N ALA FA 500 95.92 137.29 140.66
CA ALA FA 500 96.22 138.56 140.02
C ALA FA 500 97.67 138.92 140.28
N VAL FA 501 98.42 139.17 139.21
CA VAL FA 501 99.83 139.51 139.29
C VAL FA 501 100.10 140.73 138.43
N VAL FA 502 101.23 141.39 138.70
CA VAL FA 502 101.67 142.57 137.97
C VAL FA 502 102.95 142.22 137.24
N THR FA 503 102.95 142.43 135.92
CA THR FA 503 104.09 142.15 135.06
C THR FA 503 104.72 143.43 134.52
N GLY FA 504 104.73 144.48 135.33
CA GLY FA 504 105.30 145.74 134.91
C GLY FA 504 104.35 146.56 134.06
N LYS FA 505 104.87 147.67 133.55
CA LYS FA 505 104.10 148.57 132.71
C LYS FA 505 104.06 148.13 131.25
N GLY FA 506 104.77 147.07 130.89
CA GLY FA 506 104.78 146.60 129.51
C GLY FA 506 105.68 147.38 128.57
N ASN FA 507 106.50 148.28 129.09
CA ASN FA 507 107.39 149.07 128.25
C ASN FA 507 108.63 148.26 127.91
N SER FA 508 109.59 148.88 127.21
CA SER FA 508 110.82 148.24 126.81
C SER FA 508 112.04 148.90 127.44
N SER FA 509 111.86 149.47 128.65
CA SER FA 509 112.97 150.13 129.33
C SER FA 509 113.05 149.72 130.80
N GLU FA 510 112.36 148.65 131.21
CA GLU FA 510 112.39 148.16 132.58
C GLU FA 510 113.04 146.80 132.61
N SER FA 511 114.04 146.64 133.47
CA SER FA 511 114.73 145.35 133.57
C SER FA 511 113.85 144.33 134.30
N ILE FA 512 114.22 143.06 134.16
CA ILE FA 512 113.47 141.98 134.80
C ILE FA 512 113.52 142.12 136.30
N GLU FA 513 114.70 142.44 136.85
CA GLU FA 513 114.83 142.59 138.30
C GLU FA 513 113.98 143.75 138.81
N ALA FA 514 113.96 144.86 138.07
CA ALA FA 514 113.14 146.01 138.49
C ALA FA 514 111.66 145.66 138.48
N ILE FA 515 111.20 144.95 137.46
CA ILE FA 515 109.80 144.55 137.39
C ILE FA 515 109.46 143.59 138.53
N ARG FA 516 110.36 142.65 138.82
CA ARG FA 516 110.12 141.72 139.92
C ARG FA 516 110.06 142.45 141.26
N GLU FA 517 110.95 143.42 141.47
CA GLU FA 517 110.92 144.19 142.71
C GLU FA 517 109.64 145.01 142.82
N TYR FA 518 109.20 145.61 141.71
CA TYR FA 518 107.96 146.37 141.73
C TYR FA 518 106.77 145.47 142.03
N GLU FA 519 106.74 144.27 141.45
CA GLU FA 519 105.66 143.33 141.72
C GLU FA 519 105.67 142.90 143.19
N GLU FA 520 106.86 142.63 143.74
CA GLU FA 520 106.95 142.26 145.15
C GLU FA 520 106.47 143.39 146.05
N GLU FA 521 106.85 144.63 145.74
CA GLU FA 521 106.40 145.78 146.52
C GLU FA 521 104.89 145.94 146.43
N PHE FA 522 104.32 145.76 145.24
CA PHE FA 522 102.87 145.86 145.08
C PHE FA 522 102.16 144.77 145.87
N PHE FA 523 102.69 143.55 145.85
CA PHE FA 523 102.09 142.46 146.62
C PHE FA 523 102.17 142.75 148.12
N GLN FA 524 103.31 143.26 148.59
CA GLN FA 524 103.44 143.58 150.01
C GLN FA 524 102.49 144.69 150.42
N ASN FA 525 102.37 145.73 149.61
CA ASN FA 525 101.50 146.87 149.90
C ASN FA 525 100.63 147.12 148.67
N SER FA 526 99.37 146.71 148.74
CA SER FA 526 98.42 146.88 147.64
C SER FA 526 97.22 147.69 148.10
N LYS FA 527 96.68 148.48 147.18
CA LYS FA 527 95.51 149.30 147.47
C LYS FA 527 94.22 148.49 147.60
N LEU FA 528 94.23 147.23 147.17
CA LEU FA 528 93.04 146.39 147.25
C LEU FA 528 93.10 145.38 148.40
N LEU FA 529 94.29 144.96 148.80
CA LEU FA 529 94.41 144.02 149.92
C LEU FA 529 94.03 144.67 151.24
N LYS FA 530 94.29 145.97 151.39
CA LYS FA 530 93.97 146.68 152.61
C LYS FA 530 92.48 146.92 152.81
N THR FA 531 91.67 146.71 151.77
CA THR FA 531 90.24 146.90 151.85
C THR FA 531 89.49 145.66 152.31
N SER FA 532 90.21 144.57 152.59
CA SER FA 532 89.60 143.30 153.04
C SER FA 532 88.56 142.80 152.05
N MET FA 533 88.86 142.94 150.76
CA MET FA 533 87.97 142.49 149.69
C MET FA 533 88.56 141.36 148.86
N LEU FA 534 89.78 140.92 149.17
CA LEU FA 534 90.43 139.85 148.43
C LEU FA 534 90.87 138.76 149.40
N LYS FA 535 90.81 137.51 148.93
CA LYS FA 535 91.19 136.37 149.76
C LYS FA 535 92.69 136.38 150.03
N ALA FA 536 93.06 136.00 151.25
CA ALA FA 536 94.47 136.01 151.64
C ALA FA 536 95.23 134.85 151.02
N HIS FA 537 94.54 133.76 150.69
CA HIS FA 537 95.19 132.57 150.13
C HIS FA 537 95.35 132.64 148.62
N GLN FA 538 94.86 133.71 147.99
CA GLN FA 538 94.97 133.88 146.54
C GLN FA 538 96.10 134.82 146.16
N VAL FA 539 97.21 134.79 146.90
CA VAL FA 539 98.35 135.66 146.63
C VAL FA 539 99.51 134.83 146.11
N THR FA 540 100.56 135.51 145.63
CA THR FA 540 101.75 134.87 145.06
C THR FA 540 101.40 133.92 143.92
N THR FA 541 102.35 133.08 143.53
CA THR FA 541 102.15 132.13 142.44
C THR FA 541 102.66 130.73 142.74
N ARG FA 542 103.21 130.48 143.93
CA ARG FA 542 103.80 129.18 144.21
C ARG FA 542 102.75 128.07 144.22
N ASN FA 543 101.64 128.30 144.93
CA ASN FA 543 100.59 127.28 145.00
C ASN FA 543 99.97 127.04 143.63
N LEU FA 544 99.71 128.11 142.87
CA LEU FA 544 99.14 127.95 141.54
C LEU FA 544 100.08 127.19 140.62
N SER FA 545 101.38 127.51 140.68
CA SER FA 545 102.36 126.81 139.85
C SER FA 545 102.44 125.34 140.23
N LEU FA 546 102.43 125.03 141.53
CA LEU FA 546 102.47 123.64 141.97
C LEU FA 546 101.24 122.88 141.51
N ALA FA 547 100.05 123.49 141.63
CA ALA FA 547 98.83 122.84 141.19
C ALA FA 547 98.83 122.59 139.69
N VAL FA 548 99.28 123.59 138.91
CA VAL FA 548 99.34 123.43 137.47
C VAL FA 548 100.32 122.34 137.08
N SER FA 549 101.48 122.29 137.74
CA SER FA 549 102.46 121.26 137.44
C SER FA 549 101.92 119.87 137.78
N ASP FA 550 101.24 119.73 138.92
CA ASP FA 550 100.68 118.43 139.29
C ASP FA 550 99.60 117.99 138.31
N CYS FA 551 98.72 118.93 137.91
CA CYS FA 551 97.68 118.59 136.95
C CYS FA 551 98.28 118.20 135.61
N PHE FA 552 99.30 118.94 135.14
CA PHE FA 552 99.94 118.60 133.88
C PHE FA 552 100.61 117.23 133.96
N TRP FA 553 101.28 116.93 135.08
CA TRP FA 553 101.94 115.65 135.22
C TRP FA 553 100.94 114.50 135.22
N LYS FA 554 99.84 114.64 135.96
CA LYS FA 554 98.85 113.55 135.99
C LYS FA 554 98.18 113.38 134.63
N MET FA 555 97.86 114.48 133.94
CA MET FA 555 97.20 114.36 132.65
C MET FA 555 98.14 113.77 131.60
N VAL FA 556 99.42 114.14 131.64
CA VAL FA 556 100.37 113.57 130.69
C VAL FA 556 100.63 112.10 131.01
N ARG FA 557 100.62 111.73 132.29
CA ARG FA 557 100.76 110.32 132.65
C ARG FA 557 99.58 109.51 132.12
N GLU FA 558 98.36 110.01 132.30
CA GLU FA 558 97.20 109.32 131.75
C GLU FA 558 97.27 109.24 130.23
N SER FA 559 97.67 110.33 129.58
CA SER FA 559 97.76 110.35 128.12
C SER FA 559 98.78 109.34 127.62
N VAL FA 560 99.95 109.26 128.26
CA VAL FA 560 100.97 108.33 127.81
C VAL FA 560 100.55 106.88 128.11
N GLU FA 561 99.83 106.67 129.22
CA GLU FA 561 99.32 105.33 129.51
C GLU FA 561 98.33 104.88 128.44
N GLN FA 562 97.44 105.78 128.00
CA GLN FA 562 96.53 105.44 126.92
C GLN FA 562 97.27 105.24 125.61
N GLN FA 563 98.25 106.10 125.32
CA GLN FA 563 98.95 106.03 124.04
C GLN FA 563 99.84 104.81 123.93
N ALA FA 564 100.32 104.26 125.05
CA ALA FA 564 101.15 103.06 125.01
C ALA FA 564 100.43 101.92 124.30
N ASP FA 565 99.09 101.89 124.36
CA ASP FA 565 98.30 100.93 123.62
C ASP FA 565 97.70 101.52 122.35
N SER FA 566 97.37 102.82 122.34
CA SER FA 566 96.80 103.44 121.16
C SER FA 566 97.76 103.39 119.98
N PHE FA 567 99.03 103.71 120.20
CA PHE FA 567 100.00 103.70 119.12
C PHE FA 567 100.29 102.28 118.65
N LYS FA 568 100.30 101.31 119.56
CA LYS FA 568 100.45 99.91 119.15
C LYS FA 568 99.29 99.47 118.26
N ALA FA 569 98.07 99.84 118.66
CA ALA FA 569 96.90 99.52 117.84
C ALA FA 569 96.98 100.19 116.48
N THR FA 570 97.41 101.46 116.45
CA THR FA 570 97.54 102.18 115.18
C THR FA 570 98.58 101.52 114.28
N ARG FA 571 99.72 101.11 114.85
CA ARG FA 571 100.74 100.44 114.05
C ARG FA 571 100.24 99.11 113.52
N PHE FA 572 99.53 98.35 114.36
CA PHE FA 572 98.96 97.08 113.89
C PHE FA 572 97.97 97.29 112.77
N ASN FA 573 97.11 98.31 112.90
CA ASN FA 573 96.14 98.59 111.85
C ASN FA 573 96.83 99.01 110.55
N LEU FA 574 97.88 99.84 110.65
CA LEU FA 574 98.61 100.26 109.46
C LEU FA 574 99.29 99.07 108.79
N GLU FA 575 99.89 98.18 109.57
CA GLU FA 575 100.51 96.99 109.01
C GLU FA 575 99.49 96.09 108.33
N THR FA 576 98.32 95.91 108.96
CA THR FA 576 97.28 95.11 108.36
C THR FA 576 96.78 95.72 107.07
N GLU FA 577 96.62 97.05 107.04
CA GLU FA 577 96.18 97.73 105.82
C GLU FA 577 97.21 97.56 104.70
N TRP FA 578 98.49 97.71 105.04
CA TRP FA 578 99.53 97.54 104.03
C TRP FA 578 99.56 96.12 103.48
N LYS FA 579 99.42 95.13 104.38
CA LYS FA 579 99.41 93.74 103.92
C LYS FA 579 98.19 93.44 103.07
N ASN FA 580 97.02 93.97 103.44
CA ASN FA 580 95.80 93.69 102.70
C ASN FA 580 95.81 94.36 101.33
N ASN FA 581 96.26 95.60 101.26
CA ASN FA 581 96.31 96.30 99.97
C ASN FA 581 97.33 95.67 99.03
N TYR FA 582 98.41 95.12 99.57
CA TYR FA 582 99.48 94.51 98.79
C TYR FA 582 99.78 93.13 99.34
N PRO FA 583 98.92 92.15 99.04
CA PRO FA 583 99.16 90.78 99.54
C PRO FA 583 100.47 90.18 99.02
N ARG FA 584 100.89 90.52 97.81
CA ARG FA 584 102.09 89.97 97.21
C ARG FA 584 103.27 90.95 97.24
N LEU FA 585 103.10 92.10 97.87
CA LEU FA 585 104.16 93.09 97.98
C LEU FA 585 104.37 93.49 99.43
N ARG FA 586 105.63 93.47 99.86
CA ARG FA 586 105.97 93.84 101.23
C ARG FA 586 106.28 95.34 101.29
N GLU FA 587 106.83 95.78 102.42
CA GLU FA 587 107.13 97.20 102.59
C GLU FA 587 108.11 97.68 101.52
N LEU FA 588 107.79 98.82 100.90
CA LEU FA 588 108.58 99.42 99.83
C LEU FA 588 108.81 100.89 100.18
N ASP FA 589 109.90 101.17 100.90
CA ASP FA 589 110.23 102.53 101.27
C ASP FA 589 111.08 103.18 100.17
N ARG FA 590 111.56 104.39 100.44
CA ARG FA 590 112.32 105.13 99.45
C ARG FA 590 113.62 104.43 99.10
N ASN FA 591 114.34 103.93 100.10
CA ASN FA 591 115.64 103.32 99.86
C ASN FA 591 115.52 102.05 99.03
N GLU FA 592 114.63 101.14 99.43
CA GLU FA 592 114.48 99.88 98.71
C GLU FA 592 113.98 100.12 97.29
N LEU FA 593 113.01 101.02 97.12
CA LEU FA 593 112.49 101.29 95.79
C LEU FA 593 113.56 101.94 94.90
N PHE FA 594 114.35 102.85 95.46
CA PHE FA 594 115.44 103.45 94.69
C PHE FA 594 116.48 102.41 94.28
N GLU FA 595 116.83 101.51 95.20
CA GLU FA 595 117.77 100.45 94.87
C GLU FA 595 117.22 99.53 93.79
N LYS FA 596 115.93 99.20 93.89
CA LYS FA 596 115.31 98.35 92.86
C LYS FA 596 115.29 99.05 91.51
N ALA FA 597 115.00 100.35 91.49
CA ALA FA 597 115.03 101.10 90.24
C ALA FA 597 116.42 101.13 89.64
N LYS FA 598 117.44 101.34 90.49
CA LYS FA 598 118.82 101.33 90.01
C LYS FA 598 119.19 99.96 89.43
N ASN FA 599 118.79 98.89 90.12
CA ASN FA 599 119.08 97.55 89.62
C ASN FA 599 118.37 97.28 88.30
N GLU FA 600 117.11 97.73 88.17
CA GLU FA 600 116.38 97.57 86.92
C GLU FA 600 117.04 98.35 85.79
N ILE FA 601 117.52 99.56 86.07
CA ILE FA 601 118.22 100.35 85.06
C ILE FA 601 119.50 99.64 84.64
N LEU FA 602 120.24 99.09 85.60
CA LEU FA 602 121.46 98.36 85.27
C LEU FA 602 121.16 97.14 84.41
N ASP FA 603 120.10 96.40 84.76
CA ASP FA 603 119.72 95.24 83.96
C ASP FA 603 119.31 95.63 82.55
N GLU FA 604 118.57 96.74 82.42
CA GLU FA 604 118.19 97.21 81.09
C GLU FA 604 119.41 97.61 80.27
N VAL FA 605 120.38 98.27 80.90
CA VAL FA 605 121.60 98.65 80.20
C VAL FA 605 122.37 97.41 79.77
N ILE FA 606 122.43 96.40 80.65
CA ILE FA 606 123.11 95.15 80.32
C ILE FA 606 122.45 94.47 79.12
N SER FA 607 121.12 94.42 79.15
CA SER FA 607 120.38 93.81 78.03
C SER FA 607 120.61 94.59 76.74
N LEU FA 608 120.62 95.92 76.82
CA LEU FA 608 120.90 96.74 75.65
C LEU FA 608 122.29 96.46 75.09
N SER FA 609 123.29 96.33 75.97
CA SER FA 609 124.64 96.05 75.51
C SER FA 609 124.78 94.63 74.99
N GLN FA 610 123.91 93.72 75.42
CA GLN FA 610 124.00 92.31 75.03
C GLN FA 610 123.28 92.00 73.73
N VAL FA 611 122.61 92.98 73.11
CA VAL FA 611 121.93 92.73 71.85
C VAL FA 611 122.95 92.48 70.76
N THR FA 612 122.64 91.53 69.88
CA THR FA 612 123.55 91.17 68.79
C THR FA 612 123.77 92.37 67.87
N PRO FA 613 125.02 92.72 67.55
CA PRO FA 613 125.26 93.88 66.69
C PRO FA 613 124.67 93.74 65.30
N LYS FA 614 124.49 92.52 64.80
CA LYS FA 614 123.95 92.32 63.46
C LYS FA 614 122.53 92.87 63.35
N HIS FA 615 121.70 92.64 64.36
CA HIS FA 615 120.35 93.17 64.35
C HIS FA 615 120.37 94.70 64.36
N TRP FA 616 121.26 95.29 65.15
CA TRP FA 616 121.41 96.75 65.15
C TRP FA 616 121.79 97.27 63.77
N GLU FA 617 122.76 96.60 63.12
CA GLU FA 617 123.18 97.04 61.79
C GLU FA 617 122.04 96.94 60.80
N GLU FA 618 121.29 95.84 60.84
CA GLU FA 618 120.17 95.67 59.91
C GLU FA 618 119.10 96.75 60.14
N ILE FA 619 118.76 96.99 61.40
CA ILE FA 619 117.73 97.98 61.72
C ILE FA 619 118.18 99.37 61.28
N LEU FA 620 119.42 99.73 61.58
CA LEU FA 620 119.94 101.04 61.21
C LEU FA 620 119.97 101.20 59.69
N GLN FA 621 120.42 100.17 58.98
CA GLN FA 621 120.46 100.25 57.52
C GLN FA 621 119.07 100.42 56.93
N GLN FA 622 118.11 99.62 57.42
CA GLN FA 622 116.75 99.71 56.91
C GLN FA 622 116.14 101.09 57.19
N SER FA 623 116.31 101.59 58.41
CA SER FA 623 115.74 102.88 58.77
C SER FA 623 116.37 104.01 57.96
N LEU FA 624 117.71 103.97 57.82
CA LEU FA 624 118.38 105.01 57.05
C LEU FA 624 117.96 104.97 55.59
N TRP FA 625 117.85 103.78 55.00
CA TRP FA 625 117.43 103.67 53.61
C TRP FA 625 116.02 104.20 53.43
N GLU FA 626 115.11 103.83 54.33
CA GLU FA 626 113.74 104.32 54.24
C GLU FA 626 113.69 105.83 54.40
N ARG FA 627 114.59 106.39 55.22
CA ARG FA 627 114.58 107.83 55.45
C ARG FA 627 115.13 108.59 54.25
N VAL FA 628 116.20 108.07 53.62
CA VAL FA 628 116.90 108.83 52.59
C VAL FA 628 116.52 108.40 51.18
N SER FA 629 115.56 107.47 51.03
CA SER FA 629 115.13 107.07 49.70
C SER FA 629 114.57 108.26 48.92
N THR FA 630 113.68 109.03 49.55
CA THR FA 630 113.09 110.19 48.88
C THR FA 630 114.15 111.24 48.57
N HIS FA 631 115.07 111.48 49.51
CA HIS FA 631 116.13 112.46 49.29
C HIS FA 631 117.01 112.06 48.12
N VAL FA 632 117.40 110.79 48.06
CA VAL FA 632 118.23 110.30 46.97
C VAL FA 632 117.49 110.42 45.64
N ILE FA 633 116.20 110.05 45.62
CA ILE FA 633 115.44 110.13 44.39
C ILE FA 633 115.37 111.56 43.89
N GLU FA 634 114.97 112.48 44.77
CA GLU FA 634 114.78 113.88 44.39
C GLU FA 634 116.10 114.61 44.14
N ASN FA 635 117.23 114.07 44.60
CA ASN FA 635 118.51 114.69 44.34
C ASN FA 635 119.28 114.04 43.20
N ILE FA 636 118.83 112.88 42.72
CA ILE FA 636 119.54 112.20 41.62
C ILE FA 636 118.67 112.17 40.37
N TYR FA 637 117.49 111.57 40.46
CA TYR FA 637 116.68 111.37 39.27
C TYR FA 637 116.02 112.66 38.80
N LEU FA 638 115.67 113.56 39.72
CA LEU FA 638 115.05 114.82 39.32
C LEU FA 638 115.95 115.67 38.43
N PRO FA 639 117.22 115.90 38.75
CA PRO FA 639 118.06 116.63 37.78
C PRO FA 639 118.40 115.81 36.55
N ALA FA 640 118.74 114.54 36.72
CA ALA FA 640 119.10 113.67 35.61
C ALA FA 640 117.89 112.88 35.12
N ALA FA 641 116.85 113.62 34.71
CA ALA FA 641 115.60 113.02 34.25
C ALA FA 641 115.57 112.74 32.76
N GLN FA 642 116.59 113.18 32.01
CA GLN FA 642 116.60 112.99 30.56
C GLN FA 642 117.93 112.40 30.08
N THR FA 643 118.71 111.80 30.96
CA THR FA 643 119.96 111.19 30.56
C THR FA 643 119.71 109.94 29.73
N MET FA 644 120.51 109.78 28.67
CA MET FA 644 120.41 108.63 27.77
C MET FA 644 121.52 107.63 27.98
N ASN FA 645 122.77 108.09 28.06
CA ASN FA 645 123.91 107.20 28.28
C ASN FA 645 124.00 106.82 29.74
N SER FA 646 124.25 105.53 30.00
CA SER FA 646 124.38 105.05 31.36
C SER FA 646 125.63 105.60 32.04
N GLY FA 647 126.69 105.86 31.27
CA GLY FA 647 127.90 106.39 31.85
C GLY FA 647 127.72 107.78 32.44
N THR FA 648 127.00 108.65 31.73
CA THR FA 648 126.73 109.98 32.25
C THR FA 648 125.89 109.92 33.51
N PHE FA 649 124.89 109.03 33.53
CA PHE FA 649 124.07 108.87 34.73
C PHE FA 649 124.90 108.39 35.90
N ASN FA 650 125.79 107.42 35.67
CA ASN FA 650 126.65 106.92 36.75
C ASN FA 650 127.59 108.01 37.24
N THR FA 651 128.14 108.82 36.34
CA THR FA 651 129.01 109.91 36.75
C THR FA 651 128.25 110.93 37.59
N THR FA 652 127.03 111.26 37.18
CA THR FA 652 126.22 112.19 37.95
C THR FA 652 125.89 111.62 39.33
N VAL FA 653 125.59 110.33 39.39
CA VAL FA 653 125.30 109.68 40.67
C VAL FA 653 126.52 109.76 41.59
N ASP FA 654 127.70 109.47 41.03
CA ASP FA 654 128.93 109.53 41.84
C ASP FA 654 129.19 110.95 42.32
N ILE FA 655 128.98 111.95 41.46
CA ILE FA 655 129.19 113.34 41.86
C ILE FA 655 128.25 113.72 42.98
N LYS FA 656 126.97 113.35 42.85
CA LYS FA 656 126.00 113.68 43.89
C LYS FA 656 126.32 112.98 45.20
N LEU FA 657 126.73 111.71 45.13
CA LEU FA 657 127.09 110.98 46.33
C LEU FA 657 128.30 111.61 47.03
N LYS FA 658 129.32 111.98 46.25
CA LYS FA 658 130.49 112.63 46.84
C LYS FA 658 130.12 113.96 47.47
N GLN FA 659 129.29 114.75 46.79
CA GLN FA 659 128.87 116.03 47.36
C GLN FA 659 128.09 115.83 48.65
N TRP FA 660 127.19 114.84 48.68
CA TRP FA 660 126.42 114.58 49.90
C TRP FA 660 127.32 114.12 51.03
N THR FA 661 128.30 113.24 50.75
CA THR FA 661 129.22 112.79 51.78
C THR FA 661 130.04 113.96 52.32
N ASP FA 662 130.48 114.86 51.43
CA ASP FA 662 131.29 115.98 51.88
C ASP FA 662 130.47 116.98 52.68
N LYS FA 663 129.21 117.22 52.29
CA LYS FA 663 128.46 118.33 52.87
C LYS FA 663 127.84 117.99 54.22
N GLN FA 664 126.88 117.06 54.24
CA GLN FA 664 126.10 116.83 55.45
C GLN FA 664 125.75 115.37 55.72
N LEU FA 665 126.22 114.42 54.92
CA LEU FA 665 125.83 113.02 55.14
C LEU FA 665 126.28 112.49 56.49
N PRO FA 666 127.51 112.70 56.96
CA PRO FA 666 127.86 112.23 58.32
C PRO FA 666 126.97 112.81 59.41
N ASN FA 667 126.60 114.09 59.28
CA ASN FA 667 125.72 114.71 60.28
C ASN FA 667 124.34 114.04 60.27
N LYS FA 668 123.80 113.80 59.08
CA LYS FA 668 122.51 113.13 58.98
C LYS FA 668 122.57 111.71 59.55
N ALA FA 669 123.66 110.99 59.27
CA ALA FA 669 123.81 109.65 59.81
C ALA FA 669 123.90 109.67 61.33
N VAL FA 670 124.64 110.62 61.88
CA VAL FA 670 124.75 110.73 63.34
C VAL FA 670 123.40 111.05 63.95
N GLU FA 671 122.65 111.98 63.33
CA GLU FA 671 121.33 112.32 63.84
C GLU FA 671 120.38 111.12 63.79
N VAL FA 672 120.42 110.37 62.70
CA VAL FA 672 119.55 109.19 62.57
C VAL FA 672 119.91 108.14 63.62
N ALA FA 673 121.21 107.90 63.82
CA ALA FA 673 121.64 106.93 64.82
C ALA FA 673 121.22 107.36 66.21
N TRP FA 674 121.37 108.65 66.53
CA TRP FA 674 120.97 109.15 67.85
C TRP FA 674 119.46 109.03 68.05
N GLU FA 675 118.68 109.33 67.01
CA GLU FA 675 117.23 109.21 67.10
C GLU FA 675 116.82 107.76 67.30
N THR FA 676 117.46 106.83 66.58
CA THR FA 676 117.15 105.41 66.76
C THR FA 676 117.51 104.94 68.16
N LEU FA 677 118.65 105.38 68.69
CA LEU FA 677 119.04 105.02 70.05
C LEU FA 677 118.03 105.57 71.06
N GLN FA 678 117.58 106.81 70.86
CA GLN FA 678 116.57 107.39 71.75
C GLN FA 678 115.27 106.60 71.68
N GLU FA 679 114.85 106.20 70.48
CA GLU FA 679 113.63 105.44 70.33
C GLU FA 679 113.74 104.08 71.03
N GLU FA 680 114.87 103.40 70.86
CA GLU FA 680 115.08 102.12 71.53
C GLU FA 680 115.08 102.29 73.05
N PHE FA 681 115.74 103.32 73.55
CA PHE FA 681 115.78 103.57 74.99
C PHE FA 681 114.37 103.86 75.53
N SER FA 682 113.59 104.67 74.80
CA SER FA 682 112.24 104.97 75.23
C SER FA 682 111.36 103.74 75.22
N ARG FA 683 111.49 102.89 74.20
CA ARG FA 683 110.70 101.67 74.14
C ARG FA 683 111.07 100.72 75.28
N PHE FA 684 112.36 100.62 75.59
CA PHE FA 684 112.78 99.78 76.71
C PHE FA 684 112.28 100.33 78.04
N MET FA 685 112.32 101.65 78.22
CA MET FA 685 111.82 102.25 79.46
C MET FA 685 110.33 102.06 79.61
N THR FA 686 109.57 102.21 78.53
CA THR FA 686 108.11 102.05 78.53
C THR FA 686 107.79 100.78 77.76
N GLU FA 687 107.78 99.65 78.47
CA GLU FA 687 107.52 98.34 77.88
C GLU FA 687 106.40 97.68 78.68
N PRO FA 688 105.14 97.99 78.35
CA PRO FA 688 104.00 97.47 79.13
C PRO FA 688 103.66 96.02 78.81
N LYS FA 689 104.68 95.15 78.87
CA LYS FA 689 104.46 93.72 78.70
C LYS FA 689 103.63 93.17 79.84
N GLY FA 690 103.88 93.62 81.06
CA GLY FA 690 103.10 93.16 82.20
C GLY FA 690 101.68 93.70 82.17
N LYS FA 691 100.77 92.93 82.78
CA LYS FA 691 99.37 93.32 82.80
C LYS FA 691 99.10 94.51 83.70
N GLU FA 692 99.98 94.79 84.66
CA GLU FA 692 99.77 95.90 85.57
C GLU FA 692 100.45 97.17 85.05
N HIS FA 693 101.76 97.11 84.87
CA HIS FA 693 102.56 98.23 84.36
C HIS FA 693 102.27 99.52 85.14
N ASP FA 694 102.60 99.47 86.43
CA ASP FA 694 102.41 100.61 87.32
C ASP FA 694 103.14 101.83 86.80
N ASP FA 695 102.44 102.97 86.78
CA ASP FA 695 103.00 104.20 86.24
C ASP FA 695 103.91 104.94 87.21
N ILE FA 696 103.91 104.55 88.49
CA ILE FA 696 104.78 105.21 89.46
C ILE FA 696 106.24 105.02 89.08
N PHE FA 697 106.62 103.79 88.71
CA PHE FA 697 107.98 103.54 88.24
C PHE FA 697 108.19 104.10 86.84
N ASP FA 698 107.13 104.11 86.03
CA ASP FA 698 107.26 104.59 84.65
C ASP FA 698 107.60 106.07 84.61
N LYS FA 699 106.99 106.88 85.48
CA LYS FA 699 107.31 108.30 85.50
C LYS FA 699 108.77 108.54 85.87
N LEU FA 700 109.28 107.82 86.87
CA LEU FA 700 110.68 107.94 87.24
C LEU FA 700 111.59 107.49 86.11
N LYS FA 701 111.23 106.40 85.42
CA LYS FA 701 112.04 105.94 84.30
C LYS FA 701 112.07 106.98 83.19
N GLU FA 702 110.93 107.59 82.88
CA GLU FA 702 110.88 108.63 81.85
C GLU FA 702 111.70 109.85 82.25
N ALA FA 703 111.64 110.23 83.53
CA ALA FA 703 112.43 111.37 84.00
C ALA FA 703 113.92 111.08 83.88
N VAL FA 704 114.33 109.87 84.26
CA VAL FA 704 115.74 109.49 84.15
C VAL FA 704 116.17 109.46 82.70
N LYS FA 705 115.31 108.95 81.81
CA LYS FA 705 115.63 108.92 80.38
C LYS FA 705 115.80 110.33 79.83
N GLU FA 706 114.90 111.25 80.20
CA GLU FA 706 115.03 112.63 79.74
C GLU FA 706 116.29 113.28 80.27
N GLU FA 707 116.62 113.04 81.54
CA GLU FA 707 117.85 113.60 82.10
C GLU FA 707 119.09 113.06 81.39
N SER FA 708 119.11 111.75 81.11
CA SER FA 708 120.24 111.17 80.39
C SER FA 708 120.34 111.71 78.98
N ILE FA 709 119.20 111.90 78.30
CA ILE FA 709 119.22 112.44 76.94
C ILE FA 709 119.76 113.86 76.95
N LYS FA 710 119.31 114.68 77.91
CA LYS FA 710 119.78 116.06 77.98
C LYS FA 710 121.24 116.14 78.38
N ARG FA 711 121.72 115.20 79.21
CA ARG FA 711 123.10 115.21 79.66
C ARG FA 711 124.05 114.51 78.69
N HIS FA 712 123.52 113.81 77.69
CA HIS FA 712 124.36 113.08 76.76
C HIS FA 712 125.20 114.04 75.92
N LYS FA 713 126.44 113.63 75.64
CA LYS FA 713 127.40 114.41 74.87
C LYS FA 713 127.91 113.61 73.69
N TRP FA 714 128.42 114.30 72.68
CA TRP FA 714 128.96 113.68 71.48
C TRP FA 714 130.37 114.19 71.23
N ASN FA 715 131.18 113.35 70.58
CA ASN FA 715 132.58 113.65 70.30
C ASN FA 715 132.75 113.94 68.81
N ASP FA 716 133.40 115.06 68.51
CA ASP FA 716 133.63 115.42 67.11
C ASP FA 716 134.64 114.49 66.44
N PHE FA 717 135.52 113.86 67.23
CA PHE FA 717 136.44 112.89 66.66
C PHE FA 717 135.70 111.70 66.07
N ALA FA 718 134.63 111.26 66.73
CA ALA FA 718 133.80 110.19 66.18
C ALA FA 718 133.16 110.62 64.87
N GLU FA 719 132.69 111.87 64.79
CA GLU FA 719 132.12 112.38 63.55
C GLU FA 719 133.16 112.40 62.42
N ASP FA 720 134.38 112.84 62.72
CA ASP FA 720 135.42 112.86 61.72
C ASP FA 720 135.78 111.45 61.25
N SER FA 721 135.87 110.50 62.19
CA SER FA 721 136.15 109.12 61.82
C SER FA 721 135.03 108.55 60.95
N LEU FA 722 133.78 108.86 61.30
CA LEU FA 722 132.64 108.41 60.50
C LEU FA 722 132.70 108.98 59.09
N ARG FA 723 133.03 110.28 58.97
CA ARG FA 723 133.16 110.90 57.66
C ARG FA 723 134.27 110.24 56.84
N VAL FA 724 135.41 109.98 57.47
CA VAL FA 724 136.53 109.36 56.77
C VAL FA 724 136.15 107.95 56.30
N ILE FA 725 135.49 107.18 57.16
CA ILE FA 725 135.12 105.81 56.79
C ILE FA 725 134.05 105.83 55.70
N GLN FA 726 133.11 106.76 55.76
CA GLN FA 726 132.10 106.87 54.71
C GLN FA 726 132.74 107.21 53.37
N HIS FA 727 133.71 108.13 53.37
CA HIS FA 727 134.41 108.44 52.13
C HIS FA 727 135.23 107.26 51.62
N ASN FA 728 135.85 106.50 52.52
CA ASN FA 728 136.68 105.37 52.10
C ASN FA 728 135.86 104.17 51.69
N ALA FA 729 134.58 104.10 52.08
CA ALA FA 729 133.74 102.95 51.78
C ALA FA 729 133.33 102.93 50.31
N LEU FA 730 134.28 102.72 49.42
CA LEU FA 730 134.02 102.60 47.98
C LEU FA 730 134.77 101.39 47.43
N GLU FA 731 134.65 100.26 48.12
CA GLU FA 731 135.42 99.06 47.82
C GLU FA 731 134.86 98.28 46.64
N ASP FA 732 133.62 97.80 46.75
CA ASP FA 732 133.02 96.95 45.74
C ASP FA 732 132.13 97.77 44.81
N ARG FA 733 132.22 97.48 43.52
CA ARG FA 733 131.44 98.19 42.51
C ARG FA 733 130.76 97.29 41.49
N SER FA 734 130.93 95.98 41.56
CA SER FA 734 130.32 95.06 40.61
C SER FA 734 129.87 93.80 41.33
N ILE FA 735 128.91 93.11 40.71
CA ILE FA 735 128.37 91.85 41.24
C ILE FA 735 128.89 90.71 40.39
N SER FA 736 129.53 89.73 41.04
CA SER FA 736 130.03 88.54 40.38
C SER FA 736 129.32 87.28 40.86
N ASP FA 737 128.21 87.42 41.59
CA ASP FA 737 127.48 86.29 42.14
C ASP FA 737 126.06 86.33 41.61
N LYS FA 738 125.57 85.17 41.14
CA LYS FA 738 124.19 85.08 40.67
C LYS FA 738 123.20 85.30 41.82
N GLN FA 739 123.50 84.74 42.99
CA GLN FA 739 122.61 84.90 44.14
C GLN FA 739 122.55 86.35 44.59
N GLN FA 740 123.69 87.02 44.64
CA GLN FA 740 123.71 88.44 44.99
C GLN FA 740 122.96 89.27 43.96
N TRP FA 741 123.12 88.93 42.68
CA TRP FA 741 122.38 89.61 41.63
C TRP FA 741 120.88 89.45 41.80
N ASP FA 742 120.43 88.23 42.12
CA ASP FA 742 119.01 87.99 42.35
C ASP FA 742 118.50 88.75 43.57
N ALA FA 743 119.31 88.78 44.64
CA ALA FA 743 118.90 89.52 45.83
C ALA FA 743 118.78 91.02 45.54
N ALA FA 744 119.73 91.57 44.78
CA ALA FA 744 119.65 92.97 44.39
C ALA FA 744 118.42 93.22 43.52
N ILE FA 745 118.13 92.30 42.60
CA ILE FA 745 116.94 92.43 41.76
C ILE FA 745 115.68 92.45 42.61
N TYR FA 746 115.60 91.55 43.60
CA TYR FA 746 114.42 91.50 44.45
C TYR FA 746 114.27 92.76 45.29
N PHE FA 747 115.38 93.27 45.84
CA PHE FA 747 115.31 94.51 46.61
C PHE FA 747 114.89 95.69 45.75
N MET FA 748 115.44 95.78 44.53
CA MET FA 748 115.05 96.85 43.61
C MET FA 748 113.59 96.73 43.23
N GLU FA 749 113.11 95.49 43.00
CA GLU FA 749 111.71 95.28 42.68
C GLU FA 749 110.81 95.71 43.83
N GLU FA 750 111.20 95.39 45.07
CA GLU FA 750 110.42 95.81 46.22
C GLU FA 750 110.36 97.33 46.32
N ALA FA 751 111.51 97.99 46.14
CA ALA FA 751 111.54 99.45 46.21
C ALA FA 751 110.69 100.07 45.11
N LEU FA 752 110.78 99.54 43.89
CA LEU FA 752 110.00 100.09 42.78
C LEU FA 752 108.51 99.83 42.97
N GLN FA 753 108.15 98.68 43.55
CA GLN FA 753 106.75 98.42 43.84
C GLN FA 753 106.22 99.38 44.91
N ALA FA 754 107.03 99.67 45.92
CA ALA FA 754 106.64 100.66 46.92
C ALA FA 754 106.44 102.03 46.29
N ARG FA 755 107.37 102.43 45.42
CA ARG FA 755 107.24 103.71 44.73
C ARG FA 755 106.00 103.75 43.85
N LEU FA 756 105.71 102.64 43.16
CA LEU FA 756 104.52 102.56 42.32
C LEU FA 756 103.24 102.67 43.16
N LYS FA 757 103.22 102.03 44.32
CA LYS FA 757 102.07 102.14 45.20
C LYS FA 757 101.89 103.56 45.71
N ASP FA 758 102.99 104.23 46.06
CA ASP FA 758 102.91 105.63 46.48
C ASP FA 758 102.37 106.51 45.35
N THR FA 759 102.86 106.29 44.13
CA THR FA 759 102.38 107.07 43.00
C THR FA 759 100.91 106.80 42.72
N GLU FA 760 100.47 105.55 42.84
CA GLU FA 760 99.07 105.22 42.65
C GLU FA 760 98.20 105.89 43.71
N ASN FA 761 98.67 105.91 44.97
CA ASN FA 761 97.92 106.60 46.02
C ASN FA 761 97.83 108.10 45.74
N ALA FA 762 98.93 108.71 45.29
CA ALA FA 762 98.91 110.13 44.97
C ALA FA 762 97.94 110.41 43.82
N ILE FA 763 97.95 109.56 42.79
CA ILE FA 763 97.06 109.75 41.65
C ILE FA 763 95.61 109.60 42.08
N GLU FA 764 95.32 108.60 42.92
CA GLU FA 764 93.96 108.41 43.40
C GLU FA 764 93.49 109.59 44.25
N ASN FA 765 94.39 110.14 45.08
CA ASN FA 765 94.04 111.33 45.85
C ASN FA 765 93.76 112.51 44.93
N MET FA 766 94.57 112.67 43.89
CA MET FA 766 94.38 113.78 42.95
C MET FA 766 93.07 113.65 42.17
N VAL FA 767 92.72 112.44 41.75
CA VAL FA 767 91.59 112.24 40.85
C VAL FA 767 90.46 111.48 41.54
N GLY FA 768 90.72 110.25 41.97
CA GLY FA 768 89.71 109.42 42.57
C GLY FA 768 89.60 108.07 41.91
N PRO FA 769 88.38 107.52 41.87
CA PRO FA 769 88.18 106.21 41.23
C PRO FA 769 88.53 106.25 39.75
N ASP FA 770 89.14 105.18 39.27
CA ASP FA 770 89.62 105.07 37.90
C ASP FA 770 89.22 103.71 37.33
N TRP FA 771 88.84 103.71 36.05
CA TRP FA 771 88.55 102.49 35.28
C TRP FA 771 87.44 101.71 35.98
N LYS FA 772 87.68 100.48 36.43
CA LYS FA 772 86.63 99.64 37.01
C LYS FA 772 86.04 100.27 38.25
N LYS FA 773 86.88 100.88 39.08
CA LYS FA 773 86.39 101.54 40.30
C LYS FA 773 85.45 102.69 39.95
N ARG FA 774 85.79 103.48 38.92
CA ARG FA 774 84.95 104.62 38.56
C ARG FA 774 83.65 104.16 37.90
N TRP FA 775 83.72 103.18 37.01
CA TRP FA 775 82.56 102.73 36.27
C TRP FA 775 81.74 101.67 36.99
N LEU FA 776 82.15 101.25 38.19
CA LEU FA 776 81.36 100.27 38.93
C LEU FA 776 80.00 100.82 39.29
N TYR FA 777 79.95 102.08 39.73
CA TYR FA 777 78.67 102.70 40.06
C TYR FA 777 77.89 103.05 38.80
N TRP FA 778 78.58 103.58 37.79
CA TRP FA 778 78.06 103.97 36.49
C TRP FA 778 77.12 105.17 36.57
N LYS FA 779 76.85 105.70 37.76
CA LYS FA 779 75.99 106.86 37.92
C LYS FA 779 76.63 108.00 38.71
N ASN FA 780 77.84 107.81 39.22
CA ASN FA 780 78.54 108.83 39.99
C ASN FA 780 79.62 109.45 39.10
N ARG FA 781 79.45 110.73 38.76
CA ARG FA 781 80.40 111.44 37.93
C ARG FA 781 80.58 112.85 38.47
N THR FA 782 81.82 113.34 38.42
CA THR FA 782 82.17 114.67 38.86
C THR FA 782 82.94 115.37 37.76
N GLN FA 783 82.66 116.66 37.56
CA GLN FA 783 83.34 117.41 36.50
C GLN FA 783 84.83 117.54 36.77
N GLU FA 784 85.21 117.67 38.05
CA GLU FA 784 86.64 117.81 38.38
C GLU FA 784 87.40 116.54 38.03
N GLN FA 785 86.89 115.37 38.43
CA GLN FA 785 87.55 114.12 38.08
C GLN FA 785 87.41 113.78 36.60
N CYS FA 786 86.34 114.24 35.94
CA CYS FA 786 86.21 114.01 34.51
C CYS FA 786 87.29 114.75 33.74
N VAL FA 787 87.61 115.97 34.15
CA VAL FA 787 88.68 116.74 33.51
C VAL FA 787 90.01 116.02 33.68
N HIS FA 788 90.29 115.51 34.88
CA HIS FA 788 91.53 114.78 35.12
C HIS FA 788 91.58 113.51 34.28
N ASN FA 789 90.46 112.80 34.17
CA ASN FA 789 90.42 111.59 33.35
C ASN FA 789 90.67 111.91 31.88
N GLU FA 790 90.08 113.00 31.38
CA GLU FA 790 90.31 113.38 29.98
C GLU FA 790 91.76 113.77 29.76
N THR FA 791 92.35 114.50 30.70
CA THR FA 791 93.77 114.85 30.57
C THR FA 791 94.65 113.61 30.59
N LYS FA 792 94.34 112.65 31.46
CA LYS FA 792 95.10 111.41 31.52
C LYS FA 792 94.98 110.64 30.21
N ASN FA 793 93.77 110.57 29.65
CA ASN FA 793 93.58 109.87 28.38
C ASN FA 793 94.35 110.56 27.26
N GLU FA 794 94.33 111.90 27.22
CA GLU FA 794 95.05 112.62 26.20
C GLU FA 794 96.54 112.39 26.31
N LEU FA 795 97.08 112.42 27.53
CA LEU FA 795 98.51 112.17 27.72
C LEU FA 795 98.89 110.74 27.38
N GLU FA 796 98.01 109.78 27.70
CA GLU FA 796 98.28 108.39 27.31
C GLU FA 796 98.30 108.23 25.80
N LYS FA 797 97.36 108.88 25.10
CA LYS FA 797 97.36 108.83 23.65
C LYS FA 797 98.61 109.50 23.07
N MET FA 798 99.04 110.61 23.66
CA MET FA 798 100.26 111.26 23.22
C MET FA 798 101.48 110.36 23.39
N LEU FA 799 101.56 109.67 24.53
CA LEU FA 799 102.66 108.72 24.73
C LEU FA 799 102.58 107.56 23.74
N LYS FA 800 101.38 107.07 23.45
CA LYS FA 800 101.23 106.01 22.46
C LYS FA 800 101.71 106.46 21.09
N CYS FA 801 101.37 107.69 20.71
CA CYS FA 801 101.85 108.23 19.44
C CYS FA 801 103.33 108.60 19.50
N ASN FA 802 103.78 109.16 20.63
CA ASN FA 802 105.16 109.61 20.81
C ASN FA 802 105.66 109.07 22.15
N GLU FA 803 106.36 107.93 22.09
CA GLU FA 803 106.85 107.31 23.32
C GLU FA 803 107.87 108.19 24.04
N GLU FA 804 108.76 108.82 23.29
CA GLU FA 804 109.82 109.64 23.87
C GLU FA 804 109.44 111.11 23.76
N HIS FA 805 109.46 111.82 24.90
CA HIS FA 805 109.11 113.23 24.95
C HIS FA 805 109.96 113.89 26.02
N PRO FA 806 110.43 115.11 25.79
CA PRO FA 806 111.19 115.82 26.84
C PRO FA 806 110.31 116.13 28.05
N ALA FA 807 110.96 116.18 29.21
CA ALA FA 807 110.22 116.44 30.45
C ALA FA 807 109.58 117.81 30.44
N TYR FA 808 110.30 118.82 29.96
CA TYR FA 808 109.76 120.17 29.90
C TYR FA 808 108.72 120.28 28.79
N LEU FA 809 107.84 121.27 28.94
CA LEU FA 809 106.78 121.53 27.98
C LEU FA 809 107.02 122.88 27.33
N ALA FA 810 107.11 122.90 26.00
CA ALA FA 810 107.29 124.14 25.27
C ALA FA 810 105.96 124.88 25.14
N SER FA 811 106.05 126.16 24.77
CA SER FA 811 104.85 127.00 24.67
C SER FA 811 103.89 126.48 23.61
N ASP FA 812 104.42 126.07 22.45
CA ASP FA 812 103.55 125.58 21.38
C ASP FA 812 102.87 124.27 21.78
N GLU FA 813 103.58 123.40 22.49
CA GLU FA 813 102.97 122.15 22.96
C GLU FA 813 101.83 122.43 23.93
N ILE FA 814 102.04 123.37 24.87
CA ILE FA 814 101.00 123.72 25.82
C ILE FA 814 99.80 124.32 25.10
N THR FA 815 100.05 125.19 24.13
CA THR FA 815 98.96 125.79 23.36
C THR FA 815 98.17 124.74 22.61
N THR FA 816 98.86 123.79 21.97
CA THR FA 816 98.18 122.72 21.25
C THR FA 816 97.35 121.85 22.18
N VAL FA 817 97.90 121.52 23.36
CA VAL FA 817 97.16 120.71 24.32
C VAL FA 817 95.92 121.45 24.80
N ARG FA 818 96.06 122.74 25.09
CA ARG FA 818 94.92 123.53 25.55
C ARG FA 818 93.86 123.64 24.45
N LYS FA 819 94.28 123.81 23.20
CA LYS FA 819 93.31 123.88 22.11
C LYS FA 819 92.59 122.54 21.94
N ASN FA 820 93.32 121.43 22.05
CA ASN FA 820 92.68 120.12 21.95
C ASN FA 820 91.68 119.92 23.08
N LEU FA 821 92.02 120.35 24.30
CA LEU FA 821 91.10 120.23 25.41
C LEU FA 821 89.87 121.09 25.21
N GLU FA 822 90.05 122.33 24.72
CA GLU FA 822 88.93 123.24 24.53
C GLU FA 822 88.10 122.90 23.29
N SER FA 823 88.60 122.04 22.41
CA SER FA 823 87.81 121.63 21.26
C SER FA 823 86.52 120.94 21.68
N ARG FA 824 86.59 120.10 22.71
CA ARG FA 824 85.41 119.44 23.24
C ARG FA 824 84.76 120.21 24.38
N GLY FA 825 85.31 121.37 24.76
CA GLY FA 825 84.70 122.20 25.77
C GLY FA 825 85.27 121.99 27.16
N VAL FA 826 86.59 121.82 27.26
CA VAL FA 826 87.28 121.63 28.52
C VAL FA 826 88.38 122.68 28.63
N GLU FA 827 88.32 123.50 29.68
CA GLU FA 827 89.33 124.52 29.96
C GLU FA 827 90.08 124.13 31.22
N VAL FA 828 91.41 123.99 31.10
CA VAL FA 828 92.26 123.56 32.20
C VAL FA 828 93.37 124.56 32.37
N ASP FA 829 93.66 124.93 33.62
CA ASP FA 829 94.74 125.85 33.90
C ASP FA 829 96.09 125.22 33.56
N PRO FA 830 97.06 126.03 33.13
CA PRO FA 830 98.38 125.47 32.76
C PRO FA 830 99.07 124.74 33.90
N SER FA 831 98.87 125.18 35.15
CA SER FA 831 99.52 124.52 36.28
C SER FA 831 99.04 123.09 36.43
N LEU FA 832 97.73 122.88 36.32
CA LEU FA 832 97.20 121.52 36.40
C LEU FA 832 97.67 120.67 35.23
N ILE FA 833 97.76 121.26 34.04
CA ILE FA 833 98.26 120.53 32.88
C ILE FA 833 99.70 120.08 33.13
N LYS FA 834 100.53 120.97 33.65
CA LYS FA 834 101.92 120.63 33.94
C LYS FA 834 102.02 119.55 35.01
N ASP FA 835 101.19 119.65 36.05
CA ASP FA 835 101.21 118.63 37.11
C ASP FA 835 100.80 117.27 36.58
N THR FA 836 99.74 117.23 35.76
CA THR FA 836 99.31 115.97 35.18
C THR FA 836 100.36 115.40 34.23
N TRP FA 837 101.01 116.26 33.46
CA TRP FA 837 102.09 115.81 32.58
C TRP FA 837 103.25 115.23 33.37
N HIS FA 838 103.61 115.88 34.49
CA HIS FA 838 104.68 115.37 35.33
C HIS FA 838 104.32 114.01 35.92
N GLN FA 839 103.08 113.87 36.39
CA GLN FA 839 102.65 112.59 36.96
C GLN FA 839 102.66 111.49 35.90
N VAL FA 840 102.18 111.79 34.70
CA VAL FA 840 102.14 110.80 33.62
C VAL FA 840 103.56 110.43 33.20
N TYR FA 841 104.46 111.42 33.16
CA TYR FA 841 105.85 111.17 32.84
C TYR FA 841 106.49 110.25 33.86
N ARG FA 842 106.23 110.50 35.15
CA ARG FA 842 106.74 109.64 36.21
C ARG FA 842 106.20 108.23 36.09
N ARG FA 843 104.89 108.10 35.80
CA ARG FA 843 104.30 106.77 35.65
C ARG FA 843 104.90 106.03 34.46
N HIS FA 844 105.12 106.74 33.34
CA HIS FA 844 105.71 106.11 32.17
C HIS FA 844 107.11 105.62 32.45
N PHE FA 845 107.92 106.43 33.14
CA PHE FA 845 109.27 105.99 33.48
C PHE FA 845 109.26 104.88 34.54
N LEU FA 846 108.27 104.85 35.42
CA LEU FA 846 108.15 103.73 36.34
C LEU FA 846 107.85 102.44 35.58
N LYS FA 847 106.95 102.51 34.60
CA LYS FA 847 106.67 101.33 33.78
C LYS FA 847 107.90 100.91 32.98
N THR FA 848 108.66 101.88 32.45
CA THR FA 848 109.88 101.57 31.73
C THR FA 848 110.90 100.90 32.64
N ALA FA 849 111.03 101.39 33.88
CA ALA FA 849 111.93 100.77 34.84
C ALA FA 849 111.49 99.35 35.17
N LEU FA 850 110.18 99.13 35.30
CA LEU FA 850 109.68 97.78 35.56
C LEU FA 850 110.01 96.85 34.40
N ASN FA 851 109.84 97.32 33.16
CA ASN FA 851 110.20 96.51 32.00
C ASN FA 851 111.71 96.24 31.97
N HIS FA 852 112.51 97.23 32.34
CA HIS FA 852 113.96 97.03 32.39
C HIS FA 852 114.33 95.99 33.45
N CYS FA 853 113.65 96.01 34.59
CA CYS FA 853 113.88 95.00 35.61
C CYS FA 853 113.49 93.62 35.11
N ASN FA 854 112.37 93.52 34.41
CA ASN FA 854 111.96 92.24 33.85
C ASN FA 854 112.99 91.71 32.86
N LEU FA 855 113.53 92.60 32.02
CA LEU FA 855 114.57 92.20 31.08
C LEU FA 855 115.85 91.78 31.81
N CYS FA 856 116.26 92.54 32.82
CA CYS FA 856 117.48 92.22 33.56
C CYS FA 856 117.35 90.95 34.38
N ARG FA 857 116.11 90.53 34.69
CA ARG FA 857 115.92 89.27 35.38
C ARG FA 857 116.45 88.08 34.60
N ARG FA 858 116.54 88.22 33.28
CA ARG FA 858 117.05 87.11 32.41
C ARG FA 858 118.34 87.56 31.72
N GLY FA 859 118.64 88.86 31.77
CA GLY FA 859 119.82 89.41 31.12
C GLY FA 859 121.12 89.25 31.87
N PHE FA 860 121.17 88.38 32.89
CA PHE FA 860 122.43 88.16 33.61
C PHE FA 860 123.49 87.55 32.72
N TYR FA 861 123.11 86.80 31.69
CA TYR FA 861 124.10 86.26 30.75
C TYR FA 861 124.82 87.38 30.02
N TYR FA 862 124.07 88.39 29.55
CA TYR FA 862 124.70 89.55 28.92
C TYR FA 862 125.49 90.36 29.94
N TYR FA 863 124.93 90.53 31.15
CA TYR FA 863 125.58 91.36 32.14
C TYR FA 863 126.93 90.80 32.57
N GLN FA 864 127.00 89.49 32.79
CA GLN FA 864 128.22 88.88 33.33
C GLN FA 864 129.38 89.00 32.35
N ARG FA 865 129.12 88.77 31.06
CA ARG FA 865 130.18 88.77 30.05
C ARG FA 865 130.38 90.11 29.38
N HIS FA 866 129.40 91.00 29.41
CA HIS FA 866 129.48 92.33 28.81
C HIS FA 866 129.85 92.24 27.33
N PHE FA 867 128.93 91.66 26.56
CA PHE FA 867 129.14 91.50 25.12
C PHE FA 867 129.21 92.86 24.43
N VAL FA 868 129.96 92.90 23.32
CA VAL FA 868 130.09 94.13 22.56
C VAL FA 868 128.73 94.58 22.01
N ASP FA 869 128.00 93.64 21.43
CA ASP FA 869 126.65 93.91 20.91
C ASP FA 869 125.58 93.61 21.97
N SER FA 870 125.73 94.21 23.15
CA SER FA 870 124.80 93.96 24.23
C SER FA 870 123.46 94.64 23.94
N GLU FA 871 122.37 93.88 24.08
CA GLU FA 871 121.02 94.39 23.88
C GLU FA 871 120.41 94.90 25.17
N LEU FA 872 121.14 94.88 26.29
CA LEU FA 872 120.60 95.30 27.57
C LEU FA 872 121.74 95.76 28.45
N GLU FA 873 121.61 96.95 29.03
CA GLU FA 873 122.62 97.51 29.93
C GLU FA 873 122.01 97.65 31.32
N CYS FA 874 122.27 96.67 32.19
CA CYS FA 874 121.74 96.68 33.54
C CYS FA 874 122.71 97.44 34.44
N ASN FA 875 122.35 98.69 34.76
CA ASN FA 875 123.16 99.52 35.65
C ASN FA 875 122.43 99.91 36.93
N ASP FA 876 121.10 100.01 36.89
CA ASP FA 876 120.34 100.36 38.09
C ASP FA 876 120.51 99.30 39.17
N VAL FA 877 120.53 98.02 38.77
CA VAL FA 877 120.72 96.94 39.75
C VAL FA 877 122.06 97.08 40.45
N VAL FA 878 123.12 97.34 39.67
CA VAL FA 878 124.46 97.48 40.25
C VAL FA 878 124.51 98.70 41.16
N LEU FA 879 123.90 99.81 40.74
CA LEU FA 879 123.89 101.01 41.56
C LEU FA 879 123.15 100.78 42.87
N PHE FA 880 122.01 100.11 42.82
CA PHE FA 880 121.25 99.84 44.04
C PHE FA 880 122.01 98.89 44.96
N TRP FA 881 122.70 97.89 44.39
CA TRP FA 881 123.50 97.01 45.23
C TRP FA 881 124.66 97.75 45.87
N ARG FA 882 125.30 98.66 45.14
CA ARG FA 882 126.36 99.48 45.72
C ARG FA 882 125.82 100.35 46.85
N ILE FA 883 124.65 100.96 46.66
CA ILE FA 883 124.05 101.77 47.70
C ILE FA 883 123.74 100.91 48.93
N GLN FA 884 123.22 99.71 48.70
CA GLN FA 884 122.87 98.82 49.81
C GLN FA 884 124.10 98.42 50.61
N ARG FA 885 125.18 98.05 49.92
CA ARG FA 885 126.39 97.63 50.64
C ARG FA 885 127.04 98.81 51.35
N MET FA 886 127.02 99.99 50.74
CA MET FA 886 127.55 101.18 51.41
C MET FA 886 126.75 101.51 52.66
N LEU FA 887 125.41 101.40 52.56
CA LEU FA 887 124.58 101.64 53.73
C LEU FA 887 124.84 100.62 54.82
N ALA FA 888 125.03 99.36 54.44
CA ALA FA 888 125.35 98.33 55.44
C ALA FA 888 126.67 98.63 56.13
N ILE FA 889 127.69 99.03 55.37
CA ILE FA 889 128.98 99.36 55.96
C ILE FA 889 128.84 100.55 56.90
N THR FA 890 128.10 101.58 56.47
CA THR FA 890 127.90 102.75 57.32
C THR FA 890 127.17 102.40 58.60
N ALA FA 891 126.14 101.54 58.51
CA ALA FA 891 125.41 101.13 59.69
C ALA FA 891 126.29 100.32 60.65
N ASN FA 892 127.12 99.43 60.10
CA ASN FA 892 128.03 98.67 60.95
C ASN FA 892 129.02 99.58 61.65
N THR FA 893 129.58 100.56 60.92
CA THR FA 893 130.51 101.50 61.53
C THR FA 893 129.82 102.33 62.61
N LEU FA 894 128.59 102.77 62.34
CA LEU FA 894 127.85 103.54 63.34
C LEU FA 894 127.59 102.72 64.59
N ARG FA 895 127.20 101.45 64.42
CA ARG FA 895 126.96 100.58 65.57
C ARG FA 895 128.24 100.36 66.37
N GLN FA 896 129.36 100.14 65.68
CA GLN FA 896 130.62 99.91 66.37
C GLN FA 896 131.03 101.15 67.16
N GLN FA 897 130.96 102.33 66.54
CA GLN FA 897 131.33 103.56 67.24
C GLN FA 897 130.38 103.84 68.40
N LEU FA 898 129.09 103.57 68.22
CA LEU FA 898 128.14 103.74 69.31
C LEU FA 898 128.50 102.85 70.49
N THR FA 899 128.68 101.55 70.25
CA THR FA 899 129.06 100.63 71.31
C THR FA 899 130.37 101.05 71.97
N ASN FA 900 131.31 101.61 71.19
CA ASN FA 900 132.59 101.99 71.76
C ASN FA 900 132.47 103.22 72.67
N THR FA 901 131.72 104.24 72.25
CA THR FA 901 131.76 105.52 72.94
C THR FA 901 130.43 105.90 73.57
N GLU FA 902 129.33 105.84 72.83
CA GLU FA 902 128.07 106.41 73.30
C GLU FA 902 127.45 105.56 74.40
N VAL FA 903 127.66 104.25 74.37
CA VAL FA 903 127.17 103.39 75.46
C VAL FA 903 127.85 103.78 76.78
N ARG FA 904 129.17 103.97 76.74
CA ARG FA 904 129.89 104.39 77.94
C ARG FA 904 129.46 105.79 78.38
N ARG FA 905 129.23 106.70 77.42
CA ARG FA 905 128.78 108.03 77.78
C ARG FA 905 127.41 108.00 78.45
N LEU FA 906 126.49 107.20 77.91
CA LEU FA 906 125.16 107.08 78.51
C LEU FA 906 125.24 106.44 79.88
N GLU FA 907 126.10 105.44 80.05
CA GLU FA 907 126.30 104.83 81.36
C GLU FA 907 126.81 105.85 82.36
N LYS FA 908 127.78 106.68 81.95
CA LYS FA 908 128.30 107.72 82.84
C LYS FA 908 127.22 108.73 83.20
N ASN FA 909 126.41 109.15 82.23
CA ASN FA 909 125.33 110.09 82.52
C ASN FA 909 124.31 109.48 83.48
N VAL FA 910 123.96 108.21 83.28
CA VAL FA 910 123.02 107.54 84.17
C VAL FA 910 123.59 107.45 85.57
N LYS FA 911 124.87 107.12 85.70
CA LYS FA 911 125.51 107.05 87.01
C LYS FA 911 125.51 108.41 87.69
N GLU FA 912 125.81 109.47 86.94
CA GLU FA 912 125.80 110.81 87.52
C GLU FA 912 124.41 111.20 87.99
N VAL FA 913 123.38 110.89 87.18
CA VAL FA 913 122.01 111.22 87.56
C VAL FA 913 121.60 110.45 88.80
N LEU FA 914 121.95 109.16 88.86
CA LEU FA 914 121.61 108.35 90.03
C LEU FA 914 122.32 108.86 91.28
N GLU FA 915 123.59 109.24 91.16
CA GLU FA 915 124.30 109.79 92.31
C GLU FA 915 123.69 111.10 92.77
N ASP FA 916 123.31 111.97 91.83
CA ASP FA 916 122.68 113.23 92.19
C ASP FA 916 121.34 112.99 92.90
N PHE FA 917 120.56 112.03 92.41
CA PHE FA 917 119.29 111.71 93.06
C PHE FA 917 119.51 111.13 94.46
N ALA FA 918 120.50 110.25 94.61
CA ALA FA 918 120.77 109.65 95.91
C ALA FA 918 121.25 110.68 96.92
N GLU FA 919 122.09 111.62 96.48
CA GLU FA 919 122.63 112.65 97.36
C GLU FA 919 121.63 113.78 97.64
N ASP FA 920 120.37 113.64 97.19
CA ASP FA 920 119.34 114.65 97.41
C ASP FA 920 118.03 113.92 97.73
N GLY FA 921 117.74 113.76 99.02
CA GLY FA 921 116.50 113.14 99.42
C GLY FA 921 115.28 114.01 99.20
N GLU FA 922 115.46 115.33 99.13
CA GLU FA 922 114.34 116.22 98.84
C GLU FA 922 113.77 115.95 97.45
N LYS FA 923 114.65 115.69 96.48
CA LYS FA 923 114.18 115.34 95.15
C LYS FA 923 113.40 114.03 95.16
N LYS FA 924 113.86 113.06 95.94
CA LYS FA 924 113.12 111.80 96.06
C LYS FA 924 111.74 112.03 96.68
N ILE FA 925 111.67 112.88 97.71
CA ILE FA 925 110.38 113.17 98.33
C ILE FA 925 109.45 113.87 97.33
N LYS FA 926 109.99 114.83 96.57
CA LYS FA 926 109.18 115.56 95.60
C LYS FA 926 108.67 114.64 94.50
N LEU FA 927 109.51 113.72 94.03
CA LEU FA 927 109.14 112.85 92.92
C LEU FA 927 108.36 111.62 93.38
N LEU FA 928 108.90 110.87 94.33
CA LEU FA 928 108.27 109.64 94.81
C LEU FA 928 107.11 110.02 95.75
N THR FA 929 106.00 110.40 95.14
CA THR FA 929 104.79 110.76 95.87
C THR FA 929 103.69 109.71 95.72
N GLY FA 930 104.08 108.48 95.38
CA GLY FA 930 103.10 107.43 95.22
C GLY FA 930 102.49 107.01 96.53
N LYS FA 931 101.35 106.30 96.42
CA LYS FA 931 100.64 105.84 97.62
C LYS FA 931 101.49 104.87 98.42
N ARG FA 932 102.18 103.95 97.74
CA ARG FA 932 103.02 102.98 98.44
C ARG FA 932 104.17 103.67 99.19
N VAL FA 933 104.81 104.65 98.55
CA VAL FA 933 105.92 105.35 99.18
C VAL FA 933 105.45 106.09 100.43
N GLN FA 934 104.33 106.80 100.30
CA GLN FA 934 103.80 107.56 101.43
C GLN FA 934 103.39 106.63 102.57
N LEU FA 935 102.73 105.51 102.24
CA LEU FA 935 102.32 104.56 103.27
C LEU FA 935 103.53 103.96 103.98
N ALA FA 936 104.56 103.60 103.23
CA ALA FA 936 105.77 103.04 103.84
C ALA FA 936 106.44 104.07 104.73
N GLU FA 937 106.52 105.32 104.28
CA GLU FA 937 107.13 106.38 105.09
C GLU FA 937 106.34 106.59 106.38
N ASP FA 938 105.00 106.61 106.29
CA ASP FA 938 104.18 106.79 107.48
C ASP FA 938 104.35 105.62 108.44
N LEU FA 939 104.40 104.39 107.92
CA LEU FA 939 104.59 103.22 108.77
C LEU FA 939 105.95 103.27 109.47
N LYS FA 940 107.00 103.65 108.74
CA LYS FA 940 108.33 103.75 109.34
C LYS FA 940 108.36 104.82 110.42
N LYS FA 941 107.74 105.98 110.15
CA LYS FA 941 107.71 107.04 111.14
C LYS FA 941 106.94 106.62 112.39
N VAL FA 942 105.81 105.93 112.21
CA VAL FA 942 105.03 105.45 113.34
C VAL FA 942 105.83 104.45 114.15
N ARG FA 943 106.54 103.53 113.47
CA ARG FA 943 107.36 102.56 114.19
C ARG FA 943 108.47 103.25 114.98
N GLU FA 944 109.12 104.24 114.36
CA GLU FA 944 110.17 104.97 115.07
C GLU FA 944 109.63 105.72 116.28
N ILE FA 945 108.46 106.35 116.13
CA ILE FA 945 107.85 107.06 117.24
C ILE FA 945 107.50 106.10 118.37
N GLN FA 946 106.95 104.93 118.03
CA GLN FA 946 106.60 103.95 119.05
C GLN FA 946 107.84 103.42 119.75
N GLU FA 947 108.93 103.20 119.00
CA GLU FA 947 110.17 102.74 119.62
C GLU FA 947 110.73 103.80 120.56
N LYS FA 948 110.68 105.07 120.16
CA LYS FA 948 111.14 106.15 121.04
C LYS FA 948 110.28 106.24 122.29
N LEU FA 949 108.97 106.07 122.16
CA LEU FA 949 108.10 106.11 123.32
C LEU FA 949 108.35 104.92 124.24
N ASP FA 950 108.61 103.75 123.67
CA ASP FA 950 108.96 102.59 124.50
C ASP FA 950 110.27 102.82 125.25
N ALA FA 951 111.26 103.42 124.58
CA ALA FA 951 112.51 103.75 125.26
C ALA FA 951 112.28 104.76 126.38
N PHE FA 952 111.41 105.75 126.14
CA PHE FA 952 111.07 106.72 127.19
C PHE FA 952 110.41 106.03 128.37
N ILE FA 953 109.48 105.11 128.10
CA ILE FA 953 108.79 104.39 129.18
C ILE FA 953 109.79 103.55 129.97
N GLU FA 954 110.69 102.87 129.28
CA GLU FA 954 111.70 102.06 129.97
C GLU FA 954 112.61 102.91 130.83
N ALA FA 955 113.04 104.07 130.30
CA ALA FA 955 113.91 104.96 131.07
C ALA FA 955 113.18 105.51 132.29
N LEU FA 956 111.90 105.88 132.13
CA LEU FA 956 111.13 106.37 133.26
C LEU FA 956 110.96 105.30 134.33
N HIS FA 957 110.70 104.06 133.91
CA HIS FA 957 110.55 102.97 134.86
C HIS FA 957 111.87 102.69 135.59
N GLN FA 958 112.99 102.71 134.86
CA GLN FA 958 114.28 102.46 135.49
C GLN FA 958 114.66 103.58 136.46
N GLU FA 959 114.41 104.84 136.10
CA GLU FA 959 114.76 105.94 136.97
C GLU FA 959 113.93 105.92 138.25
N LYS FA 960 112.64 105.59 138.13
CA LYS FA 960 111.76 105.50 139.31
C LYS FA 960 111.78 104.06 139.86
N SER GA 263 94.57 188.18 1.99
CA SER GA 263 93.83 187.75 0.80
C SER GA 263 93.79 186.23 0.70
N LEU GA 264 94.38 185.69 -0.37
CA LEU GA 264 94.41 184.25 -0.56
C LEU GA 264 95.23 183.56 0.53
N ILE GA 265 96.37 184.16 0.90
CA ILE GA 265 97.23 183.54 1.91
C ILE GA 265 96.55 183.52 3.27
N ASP GA 266 95.83 184.59 3.63
CA ASP GA 266 95.13 184.62 4.91
C ASP GA 266 94.03 183.57 4.95
N MET GA 267 93.27 183.43 3.87
CA MET GA 267 92.22 182.42 3.82
C MET GA 267 92.80 181.02 3.86
N TYR GA 268 93.93 180.80 3.18
CA TYR GA 268 94.58 179.49 3.23
C TYR GA 268 95.07 179.18 4.65
N SER GA 269 95.62 180.19 5.34
CA SER GA 269 96.04 179.98 6.72
C SER GA 269 94.85 179.67 7.63
N GLU GA 270 93.73 180.35 7.41
CA GLU GA 270 92.52 180.05 8.18
C GLU GA 270 92.03 178.64 7.92
N VAL GA 271 92.08 178.20 6.66
CA VAL GA 271 91.66 176.84 6.32
C VAL GA 271 92.58 175.82 6.99
N LEU GA 272 93.89 176.08 6.98
CA LEU GA 272 94.83 175.18 7.65
C LEU GA 272 94.58 175.15 9.15
N ASP GA 273 94.28 176.30 9.75
CA ASP GA 273 93.96 176.33 11.18
C ASP GA 273 92.70 175.53 11.48
N VAL GA 274 91.68 175.65 10.63
CA VAL GA 274 90.45 174.87 10.82
C VAL GA 274 90.74 173.39 10.71
N LEU GA 275 91.56 173.00 9.72
CA LEU GA 275 91.92 171.59 9.57
C LEU GA 275 92.68 171.08 10.79
N SER GA 276 93.60 171.88 11.32
CA SER GA 276 94.34 171.48 12.51
C SER GA 276 93.41 171.34 13.72
N ASP GA 277 92.47 172.27 13.88
CA ASP GA 277 91.53 172.20 14.99
C ASP GA 277 90.44 171.16 14.79
N TYR GA 278 90.34 170.57 13.59
CA TYR GA 278 89.34 169.53 13.35
C TYR GA 278 89.56 168.33 14.25
N ASP GA 279 90.81 167.89 14.38
CA ASP GA 279 91.12 166.75 15.24
C ASP GA 279 92.58 166.82 15.65
N ALA GA 280 92.90 166.19 16.78
CA ALA GA 280 94.28 166.15 17.26
C ALA GA 280 95.12 165.16 16.47
N SER GA 281 94.50 164.23 15.75
CA SER GA 281 95.23 163.27 14.94
C SER GA 281 95.55 163.89 13.57
N TYR GA 282 96.01 163.07 12.64
CA TYR GA 282 96.38 163.53 11.30
C TYR GA 282 95.63 162.65 10.28
N ASN GA 283 94.41 163.07 9.94
CA ASN GA 283 93.59 162.38 8.95
C ASN GA 283 93.36 163.22 7.71
N THR GA 284 92.83 164.43 7.87
CA THR GA 284 92.63 165.35 6.77
C THR GA 284 93.67 166.46 6.72
N GLN GA 285 94.55 166.54 7.73
CA GLN GA 285 95.59 167.57 7.75
C GLN GA 285 96.71 167.29 6.78
N ASP GA 286 96.83 166.06 6.29
CA ASP GA 286 97.87 165.67 5.36
C ASP GA 286 97.46 165.84 3.90
N HIS GA 287 96.29 166.41 3.65
CA HIS GA 287 95.84 166.61 2.27
C HIS GA 287 96.48 167.86 1.67
N LEU GA 288 96.27 169.01 2.30
CA LEU GA 288 96.87 170.25 1.81
C LEU GA 288 98.37 170.27 2.12
N PRO GA 289 99.18 170.78 1.20
CA PRO GA 289 100.62 170.86 1.47
C PRO GA 289 100.93 171.79 2.63
N ARG GA 290 101.94 171.44 3.40
CA ARG GA 290 102.36 172.22 4.56
C ARG GA 290 103.88 172.23 4.61
N VAL GA 291 104.48 173.41 4.47
CA VAL GA 291 105.93 173.54 4.54
C VAL GA 291 106.34 173.44 6.02
N VAL GA 292 107.03 172.36 6.37
CA VAL GA 292 107.44 172.09 7.75
C VAL GA 292 108.95 172.21 7.84
N VAL GA 293 109.42 172.99 8.81
CA VAL GA 293 110.85 173.19 9.05
C VAL GA 293 111.24 172.33 10.24
N VAL GA 294 112.11 171.35 10.00
CA VAL GA 294 112.57 170.43 11.04
C VAL GA 294 114.09 170.52 11.12
N GLY GA 295 114.60 170.67 12.34
CA GLY GA 295 116.03 170.76 12.55
C GLY GA 295 116.52 169.86 13.67
N ASP GA 296 117.76 170.07 14.10
CA ASP GA 296 118.36 169.29 15.18
C ASP GA 296 118.43 170.13 16.45
N GLN GA 297 118.58 169.44 17.58
CA GLN GA 297 118.66 170.12 18.86
C GLN GA 297 119.99 170.86 18.98
N SER GA 298 119.92 172.12 19.40
CA SER GA 298 121.11 172.97 19.57
C SER GA 298 121.92 173.07 18.28
N ALA GA 299 121.21 173.11 17.15
CA ALA GA 299 121.84 173.21 15.84
C ALA GA 299 121.79 174.61 15.25
N GLY GA 300 121.37 175.60 16.05
CA GLY GA 300 121.30 176.96 15.55
C GLY GA 300 120.11 177.24 14.64
N LYS GA 301 119.12 176.36 14.60
CA LYS GA 301 117.96 176.58 13.75
C LYS GA 301 117.14 177.77 14.20
N THR GA 302 117.22 178.14 15.49
CA THR GA 302 116.48 179.29 15.99
C THR GA 302 116.94 180.58 15.31
N SER GA 303 118.25 180.74 15.15
CA SER GA 303 118.77 181.94 14.49
C SER GA 303 118.33 182.01 13.04
N VAL GA 304 118.35 180.86 12.34
CA VAL GA 304 117.92 180.84 10.94
C VAL GA 304 116.44 181.17 10.83
N LEU GA 305 115.62 180.62 11.73
CA LEU GA 305 114.19 180.91 11.71
C LEU GA 305 113.93 182.38 12.00
N GLU GA 306 114.67 182.96 12.94
CA GLU GA 306 114.53 184.39 13.24
C GLU GA 306 114.93 185.24 12.03
N MET GA 307 116.01 184.86 11.34
CA MET GA 307 116.44 185.60 10.17
C MET GA 307 115.45 185.47 9.02
N ILE GA 308 114.75 184.34 8.94
CA ILE GA 308 113.73 184.17 7.91
C ILE GA 308 112.62 185.19 8.10
N ALA GA 309 112.16 185.37 9.33
CA ALA GA 309 111.14 186.37 9.63
C ALA GA 309 111.72 187.76 9.88
N GLN GA 310 113.06 187.89 9.84
CA GLN GA 310 113.74 189.17 10.06
C GLN GA 310 113.41 189.77 11.42
N ALA GA 311 113.17 188.92 12.41
CA ALA GA 311 112.86 189.37 13.77
C ALA GA 311 113.11 188.23 14.74
N ARG GA 312 113.55 188.59 15.95
CA ARG GA 312 113.80 187.62 17.00
C ARG GA 312 112.48 187.35 17.73
N ILE GA 313 111.80 186.28 17.35
CA ILE GA 313 110.52 185.93 17.96
C ILE GA 313 110.57 184.60 18.71
N PHE GA 314 111.54 183.74 18.44
CA PHE GA 314 111.64 182.45 19.13
C PHE GA 314 112.56 182.59 20.33
N PRO GA 315 112.10 182.31 21.55
CA PRO GA 315 112.98 182.42 22.72
C PRO GA 315 114.15 181.45 22.63
N ARG GA 316 115.29 181.88 23.13
CA ARG GA 316 116.51 181.08 23.11
C ARG GA 316 116.52 180.10 24.27
N GLY GA 317 117.15 178.95 24.04
CA GLY GA 317 117.25 177.93 25.06
C GLY GA 317 118.66 177.40 25.23
N SER GA 318 119.15 177.42 26.48
CA SER GA 318 120.51 176.95 26.78
C SER GA 318 120.45 175.45 27.03
N GLY GA 319 120.35 174.69 25.94
CA GLY GA 319 120.31 173.25 25.99
C GLY GA 319 118.92 172.66 26.13
N GLU GA 320 118.08 173.29 26.96
CA GLU GA 320 116.72 172.80 27.16
C GLU GA 320 115.88 172.99 25.89
N MET GA 321 114.98 172.05 25.65
CA MET GA 321 114.10 172.09 24.48
C MET GA 321 112.92 172.98 24.80
N MET GA 322 113.07 174.27 24.48
CA MET GA 322 111.99 175.23 24.74
C MET GA 322 110.77 174.94 23.89
N THR GA 323 110.97 174.58 22.63
CA THR GA 323 109.86 174.28 21.71
C THR GA 323 109.39 172.85 21.95
N ARG GA 324 108.23 172.72 22.60
CA ARG GA 324 107.65 171.41 22.87
C ARG GA 324 106.33 171.18 22.15
N SER GA 325 105.82 172.16 21.43
CA SER GA 325 104.58 172.05 20.68
C SER GA 325 104.78 172.58 19.27
N PRO GA 326 104.04 172.06 18.29
CA PRO GA 326 104.15 172.58 16.92
C PRO GA 326 103.77 174.05 16.86
N VAL GA 327 104.52 174.80 16.05
CA VAL GA 327 104.32 176.23 15.87
C VAL GA 327 104.09 176.51 14.40
N LYS GA 328 103.01 177.20 14.08
CA LYS GA 328 102.67 177.57 12.71
C LYS GA 328 103.05 179.02 12.47
N VAL GA 329 103.88 179.26 11.46
CA VAL GA 329 104.31 180.60 11.08
C VAL GA 329 103.78 180.86 9.68
N THR GA 330 102.86 181.82 9.56
CA THR GA 330 102.28 182.19 8.28
C THR GA 330 102.93 183.48 7.79
N LEU GA 331 103.67 183.39 6.70
CA LEU GA 331 104.34 184.55 6.12
C LEU GA 331 103.38 185.27 5.18
N SER GA 332 103.19 186.56 5.42
CA SER GA 332 102.29 187.38 4.59
C SER GA 332 102.71 188.84 4.73
N GLU GA 333 101.97 189.71 4.05
CA GLU GA 333 102.25 191.14 4.07
C GLU GA 333 100.99 191.88 4.52
N GLY GA 334 101.15 192.79 5.47
CA GLY GA 334 100.05 193.56 5.99
C GLY GA 334 100.37 195.03 6.09
N PRO GA 335 99.46 195.81 6.68
CA PRO GA 335 99.72 197.25 6.84
C PRO GA 335 100.94 197.56 7.68
N HIS GA 336 101.24 196.73 8.68
CA HIS GA 336 102.38 196.93 9.55
C HIS GA 336 103.12 195.61 9.75
N HIS GA 337 104.41 195.72 10.07
CA HIS GA 337 105.25 194.56 10.29
C HIS GA 337 105.05 194.05 11.72
N VAL GA 338 103.86 193.50 11.95
CA VAL GA 338 103.46 192.99 13.26
C VAL GA 338 103.07 191.53 13.12
N ALA GA 339 102.88 190.87 14.27
CA ALA GA 339 102.47 189.48 14.34
C ALA GA 339 101.17 189.38 15.11
N LEU GA 340 100.21 188.63 14.56
CA LEU GA 340 98.90 188.47 15.17
C LEU GA 340 98.53 186.99 15.19
N PHE GA 341 98.03 186.52 16.33
CA PHE GA 341 97.59 185.15 16.45
C PHE GA 341 96.16 184.98 15.93
N LYS GA 342 95.77 183.73 15.75
CA LYS GA 342 94.41 183.43 15.28
C LYS GA 342 93.37 183.84 16.32
N ASP GA 343 93.64 183.57 17.60
CA ASP GA 343 92.70 183.85 18.68
C ASP GA 343 93.14 185.03 19.55
N SER GA 344 93.90 185.96 18.97
CA SER GA 344 94.38 187.13 19.70
C SER GA 344 94.08 188.38 18.87
N SER GA 345 94.00 189.52 19.58
CA SER GA 345 93.74 190.80 18.95
C SER GA 345 94.88 191.79 19.08
N ARG GA 346 95.91 191.48 19.87
CA ARG GA 346 97.05 192.38 20.05
C ARG GA 346 98.08 192.13 18.96
N GLU GA 347 98.47 193.20 18.27
CA GLU GA 347 99.45 193.12 17.18
C GLU GA 347 100.84 193.25 17.78
N PHE GA 348 101.55 192.13 17.87
CA PHE GA 348 102.90 192.11 18.42
C PHE GA 348 103.87 192.61 17.35
N ASP GA 349 104.39 193.82 17.54
CA ASP GA 349 105.33 194.39 16.60
C ASP GA 349 106.64 193.60 16.59
N LEU GA 350 107.25 193.50 15.41
CA LEU GA 350 108.49 192.77 15.22
C LEU GA 350 109.72 193.67 15.23
N THR GA 351 109.56 194.95 15.57
CA THR GA 351 110.66 195.91 15.59
C THR GA 351 111.05 196.33 16.99
N LYS GA 352 110.10 196.79 17.80
CA LYS GA 352 110.41 197.23 19.15
C LYS GA 352 110.82 196.05 20.03
N GLU GA 353 111.81 196.29 20.90
CA GLU GA 353 112.30 195.23 21.78
C GLU GA 353 111.22 194.80 22.77
N GLU GA 354 110.46 195.76 23.30
CA GLU GA 354 109.42 195.42 24.26
C GLU GA 354 108.34 194.56 23.62
N ASP GA 355 107.94 194.89 22.39
CA ASP GA 355 106.94 194.09 21.69
C ASP GA 355 107.46 192.68 21.40
N LEU GA 356 108.74 192.57 21.02
CA LEU GA 356 109.32 191.25 20.79
C LEU GA 356 109.35 190.43 22.07
N ALA GA 357 109.71 191.07 23.19
CA ALA GA 357 109.71 190.37 24.47
C ALA GA 357 108.30 189.91 24.86
N ALA GA 358 107.31 190.76 24.63
CA ALA GA 358 105.93 190.38 24.92
C ALA GA 358 105.49 189.21 24.04
N LEU GA 359 105.87 189.23 22.77
CA LEU GA 359 105.53 188.13 21.87
C LEU GA 359 106.19 186.84 22.32
N ARG GA 360 107.46 186.90 22.72
CA ARG GA 360 108.14 185.70 23.21
C ARG GA 360 107.49 185.18 24.49
N HIS GA 361 107.09 186.09 25.39
CA HIS GA 361 106.42 185.67 26.61
C HIS GA 361 105.07 185.00 26.30
N GLU GA 362 104.33 185.57 25.34
CA GLU GA 362 103.06 184.96 24.96
C GLU GA 362 103.27 183.59 24.33
N ILE GA 363 104.29 183.44 23.50
CA ILE GA 363 104.59 182.15 22.89
C ILE GA 363 104.96 181.13 23.96
N GLU GA 364 105.78 181.53 24.94
CA GLU GA 364 106.14 180.63 26.02
C GLU GA 364 104.93 180.23 26.85
N LEU GA 365 104.04 181.19 27.13
CA LEU GA 365 102.82 180.87 27.87
C LEU GA 365 101.94 179.90 27.11
N ARG GA 366 101.80 180.10 25.79
CA ARG GA 366 101.01 179.18 24.99
C ARG GA 366 101.64 177.79 24.97
N MET GA 367 102.97 177.72 24.88
CA MET GA 367 103.64 176.42 24.91
C MET GA 367 103.43 175.72 26.25
N ARG GA 368 103.51 176.47 27.35
CA ARG GA 368 103.32 175.88 28.67
C ARG GA 368 101.87 175.41 28.86
N LYS GA 369 100.91 176.18 28.35
CA LYS GA 369 99.51 175.81 28.49
C LYS GA 369 99.21 174.51 27.75
N ASN GA 370 99.74 174.36 26.54
CA ASN GA 370 99.50 173.14 25.77
C ASN GA 370 100.11 171.92 26.45
N VAL GA 371 101.34 172.07 26.96
CA VAL GA 371 102.02 170.94 27.61
C VAL GA 371 101.39 170.66 28.96
N LYS GA 372 101.03 169.40 29.19
CA LYS GA 372 100.42 169.02 30.46
C LYS GA 372 101.45 169.05 31.58
N GLU GA 373 100.95 169.18 32.80
CA GLU GA 373 101.80 169.23 33.99
C GLU GA 373 102.31 167.82 34.27
N GLY GA 374 103.43 167.47 33.65
CA GLY GA 374 104.00 166.15 33.81
C GLY GA 374 104.47 165.54 32.50
N CYS GA 375 103.93 166.05 31.40
CA CYS GA 375 104.28 165.57 30.07
C CYS GA 375 105.35 166.45 29.45
N THR GA 376 105.83 166.03 28.28
CA THR GA 376 106.88 166.75 27.56
C THR GA 376 106.41 167.25 26.20
N VAL GA 377 105.76 166.40 25.41
CA VAL GA 377 105.28 166.74 24.07
C VAL GA 377 103.76 166.77 24.10
N SER GA 378 103.18 167.87 23.61
CA SER GA 378 101.73 168.04 23.59
C SER GA 378 101.24 168.02 22.15
N PRO GA 379 100.18 167.26 21.84
CA PRO GA 379 99.66 167.25 20.46
C PRO GA 379 99.06 168.57 20.02
N GLU GA 380 98.73 169.46 20.96
CA GLU GA 380 98.13 170.74 20.58
C GLU GA 380 99.12 171.60 19.81
N THR GA 381 98.62 172.30 18.80
CA THR GA 381 99.44 173.14 17.94
C THR GA 381 99.17 174.61 18.25
N ILE GA 382 100.13 175.46 17.86
CA ILE GA 382 100.05 176.90 18.05
C ILE GA 382 100.06 177.56 16.69
N SER GA 383 99.08 178.43 16.43
CA SER GA 383 98.93 179.12 15.16
C SER GA 383 99.32 180.58 15.33
N LEU GA 384 100.19 181.06 14.43
CA LEU GA 384 100.65 182.44 14.45
C LEU GA 384 100.74 182.96 13.02
N ASN GA 385 100.24 184.16 12.80
CA ASN GA 385 100.27 184.81 11.49
C ASN GA 385 101.23 185.99 11.54
N VAL GA 386 102.14 186.04 10.57
CA VAL GA 386 103.15 187.09 10.48
C VAL GA 386 102.85 187.95 9.25
N LYS GA 387 102.75 189.25 9.45
CA LYS GA 387 102.47 190.20 8.38
C LYS GA 387 103.54 191.28 8.36
N GLY GA 388 103.75 191.84 7.17
CA GLY GA 388 104.73 192.89 6.99
C GLY GA 388 105.34 192.89 5.60
N PRO GA 389 105.81 194.06 5.17
CA PRO GA 389 106.42 194.15 3.83
C PRO GA 389 107.73 193.39 3.76
N GLY GA 390 108.06 192.94 2.55
CA GLY GA 390 109.29 192.22 2.30
C GLY GA 390 109.23 190.73 2.57
N LEU GA 391 108.07 190.21 2.97
CA LEU GA 391 107.91 188.79 3.24
C LEU GA 391 107.22 188.10 2.06
N GLN GA 392 107.29 186.78 2.06
CA GLN GA 392 106.68 185.96 1.02
C GLN GA 392 105.30 185.52 1.46
N ARG GA 393 104.67 184.65 0.67
CA ARG GA 393 103.33 184.13 0.96
C ARG GA 393 103.44 182.60 1.10
N MET GA 394 103.74 182.15 2.31
CA MET GA 394 103.87 180.73 2.59
C MET GA 394 103.62 180.49 4.07
N VAL GA 395 103.40 179.23 4.42
CA VAL GA 395 103.13 178.82 5.79
C VAL GA 395 104.28 177.93 6.25
N LEU GA 396 104.92 178.30 7.36
CA LEU GA 396 106.03 177.56 7.92
C LEU GA 396 105.60 176.88 9.22
N VAL GA 397 105.98 175.62 9.37
CA VAL GA 397 105.64 174.82 10.55
C VAL GA 397 106.93 174.49 11.30
N ASP GA 398 106.94 174.77 12.59
CA ASP GA 398 108.09 174.52 13.44
C ASP GA 398 107.82 173.31 14.32
N LEU GA 399 108.77 172.39 14.38
CA LEU GA 399 108.66 171.17 15.17
C LEU GA 399 109.89 171.01 16.06
N PRO GA 400 109.75 170.33 17.20
CA PRO GA 400 110.92 170.09 18.05
C PRO GA 400 111.96 169.23 17.34
N GLY GA 401 113.21 169.46 17.70
CA GLY GA 401 114.30 168.73 17.08
C GLY GA 401 114.30 167.26 17.44
N VAL GA 402 114.91 166.46 16.57
CA VAL GA 402 114.98 165.01 16.77
C VAL GA 402 116.04 164.71 17.82
N ILE GA 403 115.67 163.92 18.82
CA ILE GA 403 116.58 163.54 19.89
C ILE GA 403 116.87 162.04 19.79
N ASN GA 404 117.97 161.63 20.42
CA ASN GA 404 118.39 160.24 20.42
C ASN GA 404 118.34 159.61 21.80
N THR GA 405 118.88 160.28 22.82
CA THR GA 405 118.87 159.75 24.16
C THR GA 405 117.49 159.89 24.80
N VAL GA 406 117.27 159.12 25.86
CA VAL GA 406 116.00 159.12 26.59
C VAL GA 406 116.26 159.64 28.00
N THR GA 407 115.50 160.65 28.40
CA THR GA 407 115.65 161.24 29.72
C THR GA 407 114.91 160.41 30.76
N SER GA 408 115.60 160.06 31.84
CA SER GA 408 114.96 159.28 32.90
C SER GA 408 113.95 160.12 33.67
N GLY GA 409 114.16 161.42 33.76
CA GLY GA 409 113.25 162.31 34.46
C GLY GA 409 112.03 162.73 33.70
N MET GA 410 111.86 162.27 32.46
CA MET GA 410 110.73 162.61 31.62
C MET GA 410 110.05 161.32 31.14
N ALA GA 411 109.09 161.48 30.24
CA ALA GA 411 108.37 160.33 29.71
C ALA GA 411 109.30 159.46 28.87
N PRO GA 412 109.38 158.16 29.13
CA PRO GA 412 110.26 157.29 28.32
C PRO GA 412 109.86 157.21 26.86
N ASP GA 413 108.60 157.51 26.53
CA ASP GA 413 108.11 157.43 25.16
C ASP GA 413 108.15 158.79 24.45
N THR GA 414 108.89 159.75 24.98
CA THR GA 414 108.98 161.07 24.35
C THR GA 414 109.63 160.96 22.96
N LYS GA 415 110.70 160.17 22.85
CA LYS GA 415 111.36 160.00 21.56
C LYS GA 415 110.43 159.30 20.57
N GLU GA 416 109.71 158.28 21.03
CA GLU GA 416 108.76 157.59 20.15
C GLU GA 416 107.64 158.53 19.71
N THR GA 417 107.14 159.37 20.61
CA THR GA 417 106.11 160.33 20.26
C THR GA 417 106.63 161.33 19.23
N ILE GA 418 107.86 161.82 19.42
CA ILE GA 418 108.45 162.76 18.47
C ILE GA 418 108.61 162.10 17.11
N PHE GA 419 109.09 160.86 17.08
CA PHE GA 419 109.25 160.15 15.81
C PHE GA 419 107.90 159.95 15.12
N SER GA 420 106.86 159.59 15.88
CA SER GA 420 105.54 159.41 15.30
C SER GA 420 105.00 160.72 14.74
N ILE GA 421 105.19 161.82 15.46
CA ILE GA 421 104.74 163.12 14.98
C ILE GA 421 105.49 163.50 13.69
N SER GA 422 106.80 163.26 13.66
CA SER GA 422 107.57 163.55 12.45
C SER GA 422 107.10 162.71 11.27
N LYS GA 423 106.84 161.43 11.51
CA LYS GA 423 106.35 160.56 10.44
C LYS GA 423 104.98 161.03 9.94
N ALA GA 424 104.09 161.40 10.85
CA ALA GA 424 102.78 161.89 10.45
C ALA GA 424 102.89 163.17 9.64
N TYR GA 425 103.78 164.08 10.05
CA TYR GA 425 103.99 165.31 9.28
C TYR GA 425 104.57 165.01 7.90
N MET GA 426 105.49 164.05 7.82
CA MET GA 426 106.09 163.69 6.54
C MET GA 426 105.16 162.84 5.68
N GLN GA 427 104.04 162.35 6.22
CA GLN GA 427 103.10 161.57 5.44
C GLN GA 427 102.49 162.37 4.28
N ASN GA 428 102.51 163.69 4.36
CA ASN GA 428 102.00 164.52 3.28
C ASN GA 428 102.93 164.41 2.07
N PRO GA 429 102.45 163.97 0.92
CA PRO GA 429 103.33 163.87 -0.26
C PRO GA 429 103.85 165.21 -0.75
N ASN GA 430 103.20 166.31 -0.41
CA ASN GA 430 103.60 167.64 -0.86
C ASN GA 430 104.12 168.51 0.27
N ALA GA 431 104.57 167.90 1.36
CA ALA GA 431 105.09 168.66 2.50
C ALA GA 431 106.54 169.05 2.21
N ILE GA 432 106.78 170.34 2.09
CA ILE GA 432 108.13 170.85 1.83
C ILE GA 432 108.90 170.87 3.15
N ILE GA 433 110.07 170.24 3.17
CA ILE GA 433 110.90 170.15 4.36
C ILE GA 433 112.10 171.07 4.18
N LEU GA 434 112.30 171.96 5.14
CA LEU GA 434 113.41 172.90 5.14
C LEU GA 434 114.44 172.44 6.17
N CYS GA 435 115.52 171.84 5.70
CA CYS GA 435 116.56 171.31 6.57
C CYS GA 435 117.52 172.43 6.95
N ILE GA 436 117.80 172.55 8.24
CA ILE GA 436 118.70 173.57 8.78
C ILE GA 436 119.84 172.86 9.51
N GLN GA 437 121.06 173.21 9.18
CA GLN GA 437 122.25 172.64 9.79
C GLN GA 437 123.05 173.74 10.50
N ASP GA 438 124.22 173.37 10.99
CA ASP GA 438 125.09 174.28 11.72
C ASP GA 438 126.50 174.23 11.13
N GLY GA 439 127.30 175.25 11.44
CA GLY GA 439 128.66 175.29 10.94
C GLY GA 439 129.51 174.14 11.47
N SER GA 440 129.30 173.77 12.73
CA SER GA 440 130.06 172.68 13.34
C SER GA 440 129.45 171.32 13.07
N VAL GA 441 128.30 171.25 12.39
CA VAL GA 441 127.61 170.00 12.10
C VAL GA 441 127.74 169.72 10.61
N ASP GA 442 128.25 168.55 10.26
CA ASP GA 442 128.43 168.17 8.87
C ASP GA 442 127.09 167.80 8.25
N ALA GA 443 127.10 167.67 6.92
CA ALA GA 443 125.88 167.30 6.20
C ALA GA 443 125.41 165.91 6.59
N GLU GA 444 126.35 164.96 6.69
CA GLU GA 444 125.99 163.60 7.09
C GLU GA 444 125.61 163.50 8.55
N ARG GA 445 126.06 164.43 9.39
CA ARG GA 445 125.73 164.43 10.81
C ARG GA 445 124.32 164.94 11.09
N SER GA 446 123.65 165.52 10.10
CA SER GA 446 122.31 166.04 10.28
C SER GA 446 121.32 164.89 10.20
N ILE GA 447 120.59 164.65 11.29
CA ILE GA 447 119.60 163.58 11.30
C ILE GA 447 118.44 163.90 10.37
N VAL GA 448 118.05 165.18 10.31
CA VAL GA 448 116.94 165.57 9.45
C VAL GA 448 117.28 165.33 7.98
N THR GA 449 118.50 165.68 7.58
CA THR GA 449 118.90 165.46 6.19
C THR GA 449 118.92 163.98 5.84
N ASP GA 450 119.44 163.15 6.74
CA ASP GA 450 119.46 161.70 6.49
C ASP GA 450 118.05 161.14 6.40
N LEU GA 451 117.15 161.60 7.28
CA LEU GA 451 115.77 161.13 7.24
C LEU GA 451 115.09 161.55 5.95
N VAL GA 452 115.33 162.79 5.49
CA VAL GA 452 114.75 163.25 4.24
C VAL GA 452 115.28 162.42 3.07
N SER GA 453 116.59 162.15 3.06
CA SER GA 453 117.17 161.36 1.98
C SER GA 453 116.60 159.94 1.98
N GLN GA 454 116.43 159.34 3.16
CA GLN GA 454 115.86 158.00 3.23
C GLN GA 454 114.41 157.99 2.76
N MET GA 455 113.62 158.98 3.16
CA MET GA 455 112.22 159.03 2.76
C MET GA 455 112.04 159.49 1.33
N ASP GA 456 112.91 160.39 0.85
CA ASP GA 456 112.82 160.93 -0.50
C ASP GA 456 114.18 160.78 -1.18
N PRO GA 457 114.51 159.59 -1.67
CA PRO GA 457 115.79 159.40 -2.37
C PRO GA 457 115.94 160.28 -3.59
N HIS GA 458 114.85 160.54 -4.33
CA HIS GA 458 114.95 161.39 -5.51
C HIS GA 458 115.17 162.85 -5.14
N GLY GA 459 114.44 163.34 -4.14
CA GLY GA 459 114.57 164.72 -3.73
C GLY GA 459 114.16 165.74 -4.77
N ARG GA 460 113.10 165.43 -5.53
CA ARG GA 460 112.63 166.34 -6.56
C ARG GA 460 111.84 167.52 -6.01
N ARG GA 461 111.39 167.44 -4.76
CA ARG GA 461 110.65 168.52 -4.14
C ARG GA 461 111.34 169.14 -2.93
N THR GA 462 112.44 168.56 -2.46
CA THR GA 462 113.18 169.07 -1.32
C THR GA 462 114.43 169.80 -1.82
N ILE GA 463 114.62 171.03 -1.34
CA ILE GA 463 115.74 171.87 -1.72
C ILE GA 463 116.61 172.09 -0.49
N PHE GA 464 117.89 171.75 -0.61
CA PHE GA 464 118.83 171.90 0.50
C PHE GA 464 119.29 173.35 0.62
N VAL GA 465 119.27 173.87 1.84
CA VAL GA 465 119.71 175.23 2.13
C VAL GA 465 120.84 175.15 3.15
N LEU GA 466 121.97 175.78 2.83
CA LEU GA 466 123.14 175.77 3.70
C LEU GA 466 123.19 177.08 4.49
N THR GA 467 123.27 176.96 5.81
CA THR GA 467 123.29 178.11 6.71
C THR GA 467 124.58 178.12 7.51
N LYS GA 468 124.98 179.33 7.92
CA LYS GA 468 126.19 179.53 8.72
C LYS GA 468 127.42 179.00 7.98
N VAL GA 469 127.62 179.48 6.75
CA VAL GA 469 128.76 179.06 5.96
C VAL GA 469 130.06 179.56 6.57
N ASP GA 470 130.07 180.78 7.11
CA ASP GA 470 131.29 181.33 7.68
C ASP GA 470 131.76 180.52 8.88
N LEU GA 471 130.83 180.09 9.74
CA LEU GA 471 131.22 179.29 10.90
C LEU GA 471 131.83 177.96 10.48
N ALA GA 472 131.25 177.31 9.47
CA ALA GA 472 131.83 176.06 8.98
C ALA GA 472 133.20 176.30 8.36
N GLU GA 473 133.35 177.39 7.60
CA GLU GA 473 134.64 177.68 6.97
C GLU GA 473 135.72 177.95 8.01
N LYS GA 474 135.38 178.67 9.08
CA LYS GA 474 136.36 178.99 10.11
C LYS GA 474 136.78 177.78 10.91
N ASN GA 475 136.05 176.68 10.83
CA ASN GA 475 136.39 175.45 11.56
C ASN GA 475 137.27 174.54 10.72
N VAL GA 476 138.38 175.09 10.21
CA VAL GA 476 139.37 174.44 9.36
C VAL GA 476 138.75 173.37 8.46
N ALA GA 477 137.62 173.68 7.84
CA ALA GA 477 136.96 172.74 6.96
C ALA GA 477 137.64 172.71 5.59
N SER GA 478 137.38 171.64 4.84
CA SER GA 478 137.93 171.49 3.51
C SER GA 478 137.07 172.23 2.50
N PRO GA 479 137.62 173.18 1.73
CA PRO GA 479 136.80 173.87 0.73
C PRO GA 479 136.25 172.96 -0.35
N SER GA 480 136.89 171.82 -0.61
CA SER GA 480 136.38 170.90 -1.63
C SER GA 480 135.02 170.35 -1.24
N ARG GA 481 134.83 170.02 0.04
CA ARG GA 481 133.53 169.52 0.50
C ARG GA 481 132.46 170.59 0.34
N ILE GA 482 132.78 171.83 0.69
CA ILE GA 482 131.81 172.93 0.55
C ILE GA 482 131.46 173.13 -0.91
N GLN GA 483 132.46 173.09 -1.80
CA GLN GA 483 132.20 173.26 -3.22
C GLN GA 483 131.32 172.13 -3.76
N GLN GA 484 131.60 170.89 -3.33
CA GLN GA 484 130.78 169.77 -3.77
C GLN GA 484 129.35 169.89 -3.27
N ILE GA 485 129.17 170.33 -2.02
CA ILE GA 485 127.83 170.49 -1.47
C ILE GA 485 127.07 171.57 -2.24
N ILE GA 486 127.73 172.70 -2.49
CA ILE GA 486 127.08 173.79 -3.22
C ILE GA 486 126.77 173.36 -4.65
N GLU GA 487 127.72 172.72 -5.32
CA GLU GA 487 127.48 172.26 -6.69
C GLU GA 487 126.54 171.07 -6.76
N GLY GA 488 126.45 170.27 -5.70
CA GLY GA 488 125.55 169.14 -5.66
C GLY GA 488 126.17 167.86 -6.19
N LYS GA 489 127.45 167.64 -5.88
CA LYS GA 489 128.17 166.45 -6.29
C LYS GA 489 128.28 165.42 -5.17
N LEU GA 490 127.61 165.64 -4.04
CA LEU GA 490 127.67 164.73 -2.90
C LEU GA 490 126.31 164.20 -2.49
N PHE GA 491 125.26 165.02 -2.55
CA PHE GA 491 123.93 164.58 -2.15
C PHE GA 491 123.33 163.70 -3.24
N PRO GA 492 122.93 162.46 -2.93
CA PRO GA 492 122.32 161.62 -3.96
C PRO GA 492 121.03 162.17 -4.53
N MET GA 493 120.26 162.90 -3.74
CA MET GA 493 118.99 163.45 -4.21
C MET GA 493 119.23 164.52 -5.27
N LYS GA 494 118.31 164.59 -6.22
CA LYS GA 494 118.38 165.56 -7.32
C LYS GA 494 117.51 166.76 -6.96
N ALA GA 495 118.06 167.62 -6.11
CA ALA GA 495 117.34 168.82 -5.69
C ALA GA 495 117.28 169.84 -6.82
N LEU GA 496 116.28 170.72 -6.76
CA LEU GA 496 116.11 171.74 -7.78
C LEU GA 496 117.24 172.78 -7.76
N GLY GA 497 117.95 172.90 -6.64
CA GLY GA 497 119.05 173.84 -6.55
C GLY GA 497 119.68 173.78 -5.19
N TYR GA 498 120.80 174.50 -5.05
CA TYR GA 498 121.54 174.57 -3.80
C TYR GA 498 122.03 176.00 -3.61
N PHE GA 499 121.71 176.58 -2.46
CA PHE GA 499 122.11 177.94 -2.13
C PHE GA 499 122.75 177.97 -0.75
N ALA GA 500 123.83 178.74 -0.62
CA ALA GA 500 124.56 178.86 0.64
C ALA GA 500 124.38 180.29 1.16
N VAL GA 501 123.91 180.41 2.40
CA VAL GA 501 123.68 181.71 3.03
C VAL GA 501 124.31 181.70 4.42
N VAL GA 502 124.51 182.89 4.95
CA VAL GA 502 125.08 183.09 6.28
C VAL GA 502 124.02 183.74 7.16
N THR GA 503 123.71 183.10 8.29
CA THR GA 503 122.71 183.58 9.23
C THR GA 503 123.35 184.05 10.53
N GLY GA 504 124.53 184.65 10.45
CA GLY GA 504 125.23 185.12 11.62
C GLY GA 504 125.97 184.02 12.34
N LYS GA 505 126.52 184.38 13.51
CA LYS GA 505 127.27 183.44 14.33
C LYS GA 505 126.38 182.60 15.23
N GLY GA 506 125.07 182.84 15.23
CA GLY GA 506 124.17 182.07 16.06
C GLY GA 506 124.13 182.48 17.52
N ASN GA 507 124.76 183.58 17.89
CA ASN GA 507 124.78 184.04 19.28
C ASN GA 507 123.48 184.78 19.58
N SER GA 508 123.38 185.33 20.79
CA SER GA 508 122.21 186.07 21.24
C SER GA 508 122.54 187.53 21.53
N SER GA 509 123.52 188.08 20.81
CA SER GA 509 123.91 189.47 21.02
C SER GA 509 124.08 190.23 19.71
N GLU GA 510 123.59 189.68 18.60
CA GLU GA 510 123.69 190.31 17.28
C GLU GA 510 122.28 190.65 16.81
N SER GA 511 122.07 191.91 16.44
CA SER GA 511 120.77 192.34 15.95
C SER GA 511 120.51 191.80 14.55
N ILE GA 512 119.24 191.84 14.15
CA ILE GA 512 118.85 191.35 12.82
C ILE GA 512 119.51 192.18 11.73
N GLU GA 513 119.53 193.51 11.91
CA GLU GA 513 120.13 194.38 10.91
C GLU GA 513 121.63 194.11 10.78
N ALA GA 514 122.31 193.90 11.92
CA ALA GA 514 123.74 193.61 11.88
C ALA GA 514 124.02 192.29 11.15
N ILE GA 515 123.22 191.27 11.42
CA ILE GA 515 123.41 189.98 10.75
C ILE GA 515 123.14 190.12 9.25
N ARG GA 516 122.11 190.87 8.88
CA ARG GA 516 121.81 191.08 7.47
C ARG GA 516 122.95 191.83 6.77
N GLU GA 517 123.50 192.86 7.43
CA GLU GA 517 124.62 193.58 6.84
C GLU GA 517 125.85 192.70 6.70
N TYR GA 518 126.12 191.86 7.71
CA TYR GA 518 127.25 190.93 7.62
C TYR GA 518 127.06 189.94 6.48
N GLU GA 519 125.83 189.42 6.32
CA GLU GA 519 125.56 188.49 5.23
C GLU GA 519 125.73 189.17 3.87
N GLU GA 520 125.25 190.42 3.75
CA GLU GA 520 125.43 191.15 2.49
C GLU GA 520 126.90 191.39 2.19
N GLU GA 521 127.68 191.75 3.22
CA GLU GA 521 129.11 191.96 3.01
C GLU GA 521 129.81 190.67 2.61
N PHE GA 522 129.43 189.55 3.23
CA PHE GA 522 130.02 188.27 2.88
C PHE GA 522 129.67 187.88 1.44
N PHE GA 523 128.42 188.12 1.03
CA PHE GA 523 128.02 187.83 -0.34
C PHE GA 523 128.77 188.70 -1.33
N GLN GA 524 128.95 189.99 -1.01
CA GLN GA 524 129.68 190.88 -1.90
C GLN GA 524 131.15 190.46 -2.03
N ASN GA 525 131.77 190.12 -0.90
CA ASN GA 525 133.18 189.72 -0.87
C ASN GA 525 133.27 188.40 -0.11
N SER GA 526 133.44 187.30 -0.83
CA SER GA 526 133.54 185.97 -0.25
C SER GA 526 134.86 185.33 -0.64
N LYS GA 527 135.40 184.53 0.28
CA LYS GA 527 136.66 183.82 0.04
C LYS GA 527 136.52 182.67 -0.94
N LEU GA 528 135.29 182.24 -1.24
CA LEU GA 528 135.05 181.14 -2.18
C LEU GA 528 134.62 181.61 -3.56
N LEU GA 529 133.94 182.76 -3.65
CA LEU GA 529 133.52 183.26 -4.95
C LEU GA 529 134.70 183.74 -5.78
N LYS GA 530 135.76 184.24 -5.15
CA LYS GA 530 136.93 184.71 -5.86
C LYS GA 530 137.78 183.59 -6.43
N THR GA 531 137.53 182.34 -6.04
CA THR GA 531 138.28 181.19 -6.53
C THR GA 531 137.68 180.60 -7.80
N SER GA 532 136.59 181.17 -8.31
CA SER GA 532 135.92 180.68 -9.52
C SER GA 532 135.53 179.21 -9.39
N MET GA 533 135.06 178.83 -8.21
CA MET GA 533 134.62 177.47 -7.94
C MET GA 533 133.14 177.36 -7.65
N LEU GA 534 132.41 178.47 -7.66
CA LEU GA 534 130.98 178.47 -7.40
C LEU GA 534 130.24 179.15 -8.53
N LYS GA 535 129.05 178.66 -8.83
CA LYS GA 535 128.24 179.21 -9.90
C LYS GA 535 127.76 180.62 -9.55
N ALA GA 536 127.76 181.49 -10.57
CA ALA GA 536 127.35 182.88 -10.35
C ALA GA 536 125.85 183.02 -10.17
N HIS GA 537 125.07 182.10 -10.73
CA HIS GA 537 123.62 182.16 -10.65
C HIS GA 537 123.06 181.53 -9.39
N GLN GA 538 123.91 180.97 -8.52
CA GLN GA 538 123.49 180.36 -7.28
C GLN GA 538 123.70 181.28 -6.07
N VAL GA 539 123.52 182.59 -6.26
CA VAL GA 539 123.72 183.56 -5.19
C VAL GA 539 122.37 184.14 -4.78
N THR GA 540 122.36 184.88 -3.68
CA THR GA 540 121.16 185.50 -3.12
C THR GA 540 120.07 184.47 -2.84
N THR GA 541 118.84 184.94 -2.61
CA THR GA 541 117.73 184.05 -2.33
C THR GA 541 116.45 184.41 -3.08
N ARG GA 542 116.46 185.44 -3.92
CA ARG GA 542 115.23 185.87 -4.59
C ARG GA 542 114.71 184.80 -5.55
N ASN GA 543 115.59 184.26 -6.38
CA ASN GA 543 115.17 183.24 -7.35
C ASN GA 543 114.70 181.98 -6.64
N LEU GA 544 115.42 181.55 -5.59
CA LEU GA 544 115.01 180.37 -4.85
C LEU GA 544 113.67 180.57 -4.18
N SER GA 545 113.46 181.75 -3.59
CA SER GA 545 112.18 182.04 -2.94
C SER GA 545 111.05 182.05 -3.95
N LEU GA 546 111.27 182.66 -5.12
CA LEU GA 546 110.23 182.69 -6.15
C LEU GA 546 109.90 181.28 -6.63
N ALA GA 547 110.93 180.45 -6.86
CA ALA GA 547 110.68 179.09 -7.31
C ALA GA 547 109.92 178.29 -6.25
N VAL GA 548 110.30 178.43 -4.98
CA VAL GA 548 109.62 177.73 -3.91
C VAL GA 548 108.16 178.18 -3.81
N SER GA 549 107.93 179.49 -3.91
CA SER GA 549 106.56 180.00 -3.85
C SER GA 549 105.73 179.48 -5.01
N ASP GA 550 106.28 179.46 -6.22
CA ASP GA 550 105.55 178.96 -7.38
C ASP GA 550 105.23 177.47 -7.23
N CYS GA 551 106.20 176.69 -6.78
CA CYS GA 551 105.97 175.26 -6.58
C CYS GA 551 104.91 175.02 -5.52
N PHE GA 552 104.97 175.76 -4.41
CA PHE GA 552 103.97 175.62 -3.36
C PHE GA 552 102.59 176.00 -3.86
N TRP GA 553 102.49 177.08 -4.64
CA TRP GA 553 101.20 177.50 -5.16
C TRP GA 553 100.62 176.46 -6.12
N LYS GA 554 101.44 175.92 -7.02
CA LYS GA 554 100.92 174.94 -7.97
C LYS GA 554 100.52 173.64 -7.25
N MET GA 555 101.32 173.21 -6.27
CA MET GA 555 101.00 171.97 -5.58
C MET GA 555 99.75 172.15 -4.71
N VAL GA 556 99.58 173.31 -4.08
CA VAL GA 556 98.38 173.52 -3.28
C VAL GA 556 97.16 173.67 -4.17
N ARG GA 557 97.32 174.25 -5.36
CA ARG GA 557 96.20 174.31 -6.31
C ARG GA 557 95.78 172.92 -6.75
N GLU GA 558 96.74 172.06 -7.07
CA GLU GA 558 96.41 170.68 -7.43
C GLU GA 558 95.76 169.95 -6.27
N SER GA 559 96.28 170.15 -5.06
CA SER GA 559 95.71 169.48 -3.89
C SER GA 559 94.28 169.93 -3.63
N VAL GA 560 94.01 171.23 -3.73
CA VAL GA 560 92.65 171.70 -3.48
C VAL GA 560 91.71 171.27 -4.61
N GLU GA 561 92.21 171.19 -5.85
CA GLU GA 561 91.38 170.68 -6.93
C GLU GA 561 90.99 169.23 -6.69
N GLN GA 562 91.93 168.41 -6.22
CA GLN GA 562 91.61 167.02 -5.90
C GLN GA 562 90.67 166.95 -4.70
N GLN GA 563 90.90 167.77 -3.68
CA GLN GA 563 90.10 167.70 -2.47
C GLN GA 563 88.68 168.20 -2.66
N ALA GA 564 88.45 169.09 -3.63
CA ALA GA 564 87.10 169.56 -3.91
C ALA GA 564 86.15 168.40 -4.20
N ASP GA 565 86.66 167.32 -4.76
CA ASP GA 565 85.88 166.11 -4.96
C ASP GA 565 86.15 165.04 -3.90
N SER GA 566 87.36 164.98 -3.36
CA SER GA 566 87.68 163.99 -2.34
C SER GA 566 86.83 164.20 -1.08
N PHE GA 567 86.70 165.44 -0.63
CA PHE GA 567 85.91 165.70 0.56
C PHE GA 567 84.42 165.48 0.32
N LYS GA 568 83.93 165.79 -0.88
CA LYS GA 568 82.54 165.49 -1.21
C LYS GA 568 82.30 163.98 -1.18
N ALA GA 569 83.23 163.20 -1.75
CA ALA GA 569 83.09 161.75 -1.71
C ALA GA 569 83.14 161.24 -0.28
N THR GA 570 84.03 161.79 0.55
CA THR GA 570 84.11 161.37 1.95
C THR GA 570 82.83 161.68 2.70
N ARG GA 571 82.26 162.87 2.48
CA ARG GA 571 81.00 163.22 3.13
C ARG GA 571 79.87 162.30 2.68
N PHE GA 572 79.81 162.00 1.38
CA PHE GA 572 78.78 161.09 0.88
C PHE GA 572 78.93 159.70 1.50
N ASN GA 573 80.17 159.21 1.59
CA ASN GA 573 80.40 157.90 2.20
C ASN GA 573 80.02 157.90 3.67
N LEU GA 574 80.34 158.97 4.40
CA LEU GA 574 79.97 159.04 5.81
C LEU GA 574 78.45 159.08 5.98
N GLU GA 575 77.76 159.85 5.14
CA GLU GA 575 76.31 159.89 5.21
C GLU GA 575 75.70 158.53 4.90
N THR GA 576 76.24 157.84 3.89
CA THR GA 576 75.73 156.51 3.56
C THR GA 576 75.97 155.54 4.70
N GLU GA 577 77.14 155.60 5.33
CA GLU GA 577 77.43 154.72 6.46
C GLU GA 577 76.48 154.99 7.63
N TRP GA 578 76.23 156.27 7.92
CA TRP GA 578 75.32 156.62 9.01
C TRP GA 578 73.90 156.13 8.71
N LYS GA 579 73.45 156.30 7.47
CA LYS GA 579 72.12 155.84 7.10
C LYS GA 579 72.01 154.32 7.17
N ASN GA 580 73.05 153.62 6.72
CA ASN GA 580 73.00 152.16 6.70
C ASN GA 580 73.06 151.58 8.10
N ASN GA 581 73.92 152.13 8.96
CA ASN GA 581 74.01 151.62 10.33
C ASN GA 581 72.74 151.90 11.12
N TYR GA 582 72.06 153.00 10.82
CA TYR GA 582 70.84 153.40 11.52
C TYR GA 582 69.76 153.71 10.49
N PRO GA 583 69.15 152.67 9.90
CA PRO GA 583 68.08 152.92 8.92
C PRO GA 583 66.89 153.65 9.49
N ARG GA 584 66.57 153.44 10.77
CA ARG GA 584 65.41 154.06 11.40
C ARG GA 584 65.80 155.24 12.30
N LEU GA 585 67.07 155.61 12.34
CA LEU GA 585 67.54 156.72 13.16
C LEU GA 585 68.32 157.70 12.30
N ARG GA 586 67.98 158.97 12.42
CA ARG GA 586 68.66 160.03 11.68
C ARG GA 586 69.84 160.56 12.50
N GLU GA 587 70.42 161.67 12.07
CA GLU GA 587 71.56 162.25 12.75
C GLU GA 587 71.20 162.60 14.19
N LEU GA 588 72.06 162.21 15.13
CA LEU GA 588 71.86 162.44 16.57
C LEU GA 588 73.15 163.05 17.13
N ASP GA 589 73.22 164.38 17.11
CA ASP GA 589 74.39 165.07 17.64
C ASP GA 589 74.20 165.34 19.13
N ARG GA 590 75.15 166.08 19.72
CA ARG GA 590 75.10 166.33 21.16
C ARG GA 590 73.88 167.14 21.55
N ASN GA 591 73.55 168.18 20.78
CA ASN GA 591 72.44 169.06 21.14
C ASN GA 591 71.11 168.33 21.09
N GLU GA 592 70.83 167.63 19.99
CA GLU GA 592 69.56 166.93 19.85
C GLU GA 592 69.42 165.81 20.88
N LEU GA 593 70.50 165.06 21.12
CA LEU GA 593 70.44 163.99 22.11
C LEU GA 593 70.25 164.54 23.52
N PHE GA 594 70.92 165.65 23.84
CA PHE GA 594 70.73 166.27 25.16
C PHE GA 594 69.30 166.77 25.33
N GLU GA 595 68.73 167.38 24.28
CA GLU GA 595 67.35 167.85 24.35
C GLU GA 595 66.38 166.68 24.51
N LYS GA 596 66.64 165.58 23.79
CA LYS GA 596 65.79 164.40 23.93
C LYS GA 596 65.88 163.81 25.33
N ALA GA 597 67.09 163.77 25.90
CA ALA GA 597 67.25 163.26 27.26
C ALA GA 597 66.52 164.16 28.26
N LYS GA 598 66.61 165.48 28.08
CA LYS GA 598 65.89 166.40 28.95
C LYS GA 598 64.39 166.19 28.86
N ASN GA 599 63.87 166.03 27.62
CA ASN GA 599 62.45 165.79 27.44
C ASN GA 599 62.02 164.47 28.07
N GLU GA 600 62.84 163.43 27.94
CA GLU GA 600 62.51 162.15 28.55
C GLU GA 600 62.50 162.26 30.08
N ILE GA 601 63.45 163.00 30.64
CA ILE GA 601 63.48 163.22 32.08
C ILE GA 601 62.23 163.96 32.53
N LEU GA 602 61.83 164.99 31.79
CA LEU GA 602 60.62 165.74 32.12
C LEU GA 602 59.39 164.84 32.04
N ASP GA 603 59.29 163.99 31.01
CA ASP GA 603 58.17 163.09 30.89
C ASP GA 603 58.13 162.08 32.04
N GLU GA 604 59.30 161.57 32.44
CA GLU GA 604 59.36 160.64 33.57
C GLU GA 604 58.93 161.33 34.87
N VAL GA 605 59.36 162.59 35.07
CA VAL GA 605 58.94 163.32 36.26
C VAL GA 605 57.44 163.55 36.24
N ILE GA 606 56.88 163.88 35.07
CA ILE GA 606 55.43 164.08 34.95
C ILE GA 606 54.69 162.80 35.28
N SER GA 607 55.16 161.67 34.75
CA SER GA 607 54.52 160.39 35.04
C SER GA 607 54.62 160.05 36.52
N LEU GA 608 55.76 160.32 37.13
CA LEU GA 608 55.91 160.09 38.57
C LEU GA 608 54.94 160.93 39.37
N SER GA 609 54.76 162.20 38.98
CA SER GA 609 53.83 163.07 39.70
C SER GA 609 52.38 162.69 39.44
N GLN GA 610 52.11 162.02 38.33
CA GLN GA 610 50.74 161.67 37.95
C GLN GA 610 50.28 160.34 38.53
N VAL GA 611 51.14 159.63 39.25
CA VAL GA 611 50.73 158.37 39.86
C VAL GA 611 49.71 158.63 40.96
N THR GA 612 48.71 157.78 41.05
CA THR GA 612 47.65 157.92 42.05
C THR GA 612 48.24 157.84 43.46
N PRO GA 613 47.94 158.80 44.34
CA PRO GA 613 48.51 158.75 45.70
C PRO GA 613 48.11 157.52 46.48
N LYS GA 614 46.95 156.91 46.17
CA LYS GA 614 46.50 155.74 46.92
C LYS GA 614 47.47 154.58 46.77
N HIS GA 615 47.97 154.35 45.55
CA HIS GA 615 48.94 153.29 45.33
C HIS GA 615 50.23 153.56 46.11
N TRP GA 616 50.68 154.82 46.13
CA TRP GA 616 51.86 155.18 46.92
C TRP GA 616 51.63 154.88 48.40
N GLU GA 617 50.46 155.26 48.92
CA GLU GA 617 50.18 155.02 50.33
C GLU GA 617 50.16 153.53 50.64
N GLU GA 618 49.53 152.73 49.78
CA GLU GA 618 49.50 151.29 49.99
C GLU GA 618 50.89 150.68 49.96
N ILE GA 619 51.70 151.08 48.97
CA ILE GA 619 53.05 150.53 48.85
C ILE GA 619 53.89 150.92 50.07
N LEU GA 620 53.82 152.18 50.48
CA LEU GA 620 54.59 152.63 51.63
C LEU GA 620 54.16 151.92 52.90
N GLN GA 621 52.85 151.77 53.10
CA GLN GA 621 52.36 151.07 54.29
C GLN GA 621 52.82 149.63 54.32
N GLN GA 622 52.71 148.93 53.18
CA GLN GA 622 53.12 147.53 53.12
C GLN GA 622 54.61 147.39 53.37
N SER GA 623 55.43 148.23 52.73
CA SER GA 623 56.88 148.15 52.90
C SER GA 623 57.28 148.46 54.34
N LEU GA 624 56.69 149.51 54.93
CA LEU GA 624 57.01 149.86 56.30
C LEU GA 624 56.61 148.75 57.27
N TRP GA 625 55.42 148.16 57.07
CA TRP GA 625 54.98 147.08 57.95
C TRP GA 625 55.91 145.88 57.83
N GLU GA 626 56.28 145.50 56.61
CA GLU GA 626 57.19 144.39 56.42
C GLU GA 626 58.55 144.67 57.05
N ARG GA 627 58.97 145.94 57.02
CA ARG GA 627 60.28 146.28 57.58
C ARG GA 627 60.26 146.27 59.10
N VAL GA 628 59.20 146.76 59.72
CA VAL GA 628 59.17 146.96 61.17
C VAL GA 628 58.44 145.84 61.90
N SER GA 629 57.97 144.82 61.19
CA SER GA 629 57.31 143.70 61.87
C SER GA 629 58.24 143.03 62.87
N THR GA 630 59.47 142.73 62.45
CA THR GA 630 60.42 142.08 63.33
C THR GA 630 60.79 142.99 64.50
N HIS GA 631 60.99 144.27 64.22
CA HIS GA 631 61.33 145.23 65.29
C HIS GA 631 60.21 145.30 66.32
N VAL GA 632 58.97 145.39 65.86
CA VAL GA 632 57.83 145.46 66.77
C VAL GA 632 57.72 144.19 67.59
N ILE GA 633 57.90 143.03 66.94
CA ILE GA 633 57.81 141.76 67.66
C ILE GA 633 58.88 141.69 68.75
N GLU GA 634 60.13 141.94 68.39
CA GLU GA 634 61.23 141.83 69.34
C GLU GA 634 61.25 142.93 70.38
N ASN GA 635 60.53 144.04 70.17
CA ASN GA 635 60.46 145.10 71.16
C ASN GA 635 59.19 145.05 72.00
N ILE GA 636 58.21 144.23 71.63
CA ILE GA 636 56.96 144.16 72.38
C ILE GA 636 56.81 142.78 73.02
N TYR GA 637 56.79 141.74 72.20
CA TYR GA 637 56.49 140.40 72.74
C TYR GA 637 57.66 139.82 73.52
N LEU GA 638 58.90 140.15 73.12
CA LEU GA 638 60.06 139.62 73.84
C LEU GA 638 60.11 140.06 75.31
N PRO GA 639 59.92 141.35 75.65
CA PRO GA 639 59.86 141.68 77.07
C PRO GA 639 58.58 141.21 77.74
N ALA GA 640 57.44 141.38 77.09
CA ALA GA 640 56.14 140.97 77.65
C ALA GA 640 55.77 139.57 77.17
N ALA GA 641 56.64 138.60 77.49
CA ALA GA 641 56.45 137.22 77.07
C ALA GA 641 55.68 136.39 78.08
N GLN GA 642 55.38 136.93 79.27
CA GLN GA 642 54.68 136.18 80.30
C GLN GA 642 53.49 136.95 80.87
N THR GA 643 53.01 137.97 80.16
CA THR GA 643 51.86 138.73 80.64
C THR GA 643 50.59 137.89 80.55
N MET GA 644 49.76 137.98 81.59
CA MET GA 644 48.50 137.26 81.66
C MET GA 644 47.29 138.15 81.40
N ASN GA 645 47.23 139.31 82.04
CA ASN GA 645 46.13 140.24 81.83
C ASN GA 645 46.30 141.00 80.53
N SER GA 646 45.20 141.13 79.78
CA SER GA 646 45.26 141.86 78.52
C SER GA 646 45.49 143.35 78.73
N GLY GA 647 45.01 143.89 79.85
CA GLY GA 647 45.21 145.31 80.12
C GLY GA 647 46.67 145.68 80.30
N THR GA 648 47.41 144.85 81.04
CA THR GA 648 48.85 145.11 81.21
C THR GA 648 49.58 145.03 79.88
N PHE GA 649 49.23 144.05 79.04
CA PHE GA 649 49.85 143.93 77.73
C PHE GA 649 49.55 145.16 76.87
N ASN GA 650 48.30 145.63 76.89
CA ASN GA 650 47.95 146.82 76.12
C ASN GA 650 48.69 148.04 76.64
N THR GA 651 48.83 148.18 77.95
CA THR GA 651 49.57 149.30 78.51
C THR GA 651 51.02 149.26 78.09
N THR GA 652 51.64 148.07 78.13
CA THR GA 652 53.02 147.93 77.70
C THR GA 652 53.17 148.26 76.22
N VAL GA 653 52.21 147.83 75.41
CA VAL GA 653 52.25 148.14 73.98
C VAL GA 653 52.18 149.63 73.75
N ASP GA 654 51.28 150.32 74.47
CA ASP GA 654 51.15 151.76 74.34
C ASP GA 654 52.43 152.47 74.78
N ILE GA 655 53.03 152.01 75.87
CA ILE GA 655 54.27 152.63 76.35
C ILE GA 655 55.38 152.46 75.32
N LYS GA 656 55.52 151.25 74.77
CA LYS GA 656 56.54 151.01 73.76
C LYS GA 656 56.31 151.84 72.50
N LEU GA 657 55.06 151.94 72.07
CA LEU GA 657 54.74 152.74 70.89
C LEU GA 657 55.06 154.22 71.12
N LYS GA 658 54.70 154.74 72.29
CA LYS GA 658 55.00 156.14 72.60
C LYS GA 658 56.51 156.37 72.64
N GLN GA 659 57.26 155.45 73.26
CA GLN GA 659 58.70 155.59 73.32
C GLN GA 659 59.32 155.56 71.93
N TRP GA 660 58.84 154.65 71.07
CA TRP GA 660 59.36 154.58 69.71
C TRP GA 660 59.05 155.84 68.93
N THR GA 661 57.81 156.37 69.06
CA THR GA 661 57.46 157.61 68.37
C THR GA 661 58.33 158.77 68.84
N ASP GA 662 58.60 158.83 70.15
CA ASP GA 662 59.40 159.94 70.67
C ASP GA 662 60.86 159.82 70.25
N LYS GA 663 61.40 158.59 70.20
CA LYS GA 663 62.84 158.44 70.05
C LYS GA 663 63.29 158.53 68.60
N GLN GA 664 62.87 157.57 67.75
CA GLN GA 664 63.44 157.50 66.41
C GLN GA 664 62.44 157.11 65.32
N LEU GA 665 61.15 156.93 65.64
CA LEU GA 665 60.21 156.49 64.63
C LEU GA 665 60.08 157.47 63.46
N PRO GA 666 59.96 158.79 63.66
CA PRO GA 666 59.92 159.69 62.49
C PRO GA 666 61.16 159.60 61.62
N ASN GA 667 62.34 159.43 62.22
CA ASN GA 667 63.57 159.29 61.44
C ASN GA 667 63.54 158.02 60.59
N LYS GA 668 63.09 156.91 61.19
CA LYS GA 668 63.00 155.66 60.45
C LYS GA 668 61.99 155.77 59.32
N ALA GA 669 60.86 156.42 59.57
CA ALA GA 669 59.85 156.61 58.52
C ALA GA 669 60.40 157.46 57.38
N VAL GA 670 61.12 158.53 57.71
CA VAL GA 670 61.71 159.38 56.68
C VAL GA 670 62.73 158.59 55.86
N GLU GA 671 63.58 157.80 56.54
CA GLU GA 671 64.56 157.00 55.82
C GLU GA 671 63.89 155.98 54.91
N VAL GA 672 62.83 155.32 55.38
CA VAL GA 672 62.13 154.34 54.57
C VAL GA 672 61.49 155.00 53.36
N ALA GA 673 60.87 156.17 53.56
CA ALA GA 673 60.25 156.88 52.44
C ALA GA 673 61.29 157.30 51.42
N TRP GA 674 62.44 157.81 51.88
CA TRP GA 674 63.50 158.21 50.97
C TRP GA 674 64.05 157.02 50.19
N GLU GA 675 64.23 155.88 50.87
CA GLU GA 675 64.72 154.69 50.20
C GLU GA 675 63.72 154.20 49.15
N THR GA 676 62.42 154.23 49.47
CA THR GA 676 61.42 153.82 48.50
C THR GA 676 61.40 154.76 47.30
N LEU GA 677 61.52 156.07 47.54
CA LEU GA 677 61.57 157.02 46.45
C LEU GA 677 62.79 156.79 45.56
N GLN GA 678 63.95 156.51 46.18
CA GLN GA 678 65.14 156.20 45.41
C GLN GA 678 64.97 154.94 44.58
N GLU GA 679 64.35 153.91 45.16
CA GLU GA 679 64.11 152.67 44.43
C GLU GA 679 63.18 152.89 43.24
N GLU GA 680 62.11 153.66 43.44
CA GLU GA 680 61.20 153.96 42.35
C GLU GA 680 61.89 154.76 41.25
N PHE GA 681 62.70 155.75 41.64
CA PHE GA 681 63.43 156.54 40.66
C PHE GA 681 64.41 155.68 39.87
N SER GA 682 65.13 154.79 40.55
CA SER GA 682 66.07 153.92 39.88
C SER GA 682 65.36 152.96 38.92
N ARG GA 683 64.21 152.41 39.34
CA ARG GA 683 63.47 151.51 38.46
C ARG GA 683 62.95 152.25 37.23
N PHE GA 684 62.47 153.49 37.43
CA PHE GA 684 62.02 154.27 36.29
C PHE GA 684 63.16 154.61 35.34
N MET GA 685 64.33 154.95 35.90
CA MET GA 685 65.48 155.27 35.05
C MET GA 685 65.96 154.05 34.28
N THR GA 686 65.97 152.89 34.92
CA THR GA 686 66.40 151.63 34.29
C THR GA 686 65.17 150.76 34.12
N GLU GA 687 64.48 150.92 32.99
CA GLU GA 687 63.26 150.19 32.68
C GLU GA 687 63.43 149.54 31.32
N PRO GA 688 64.05 148.35 31.27
CA PRO GA 688 64.35 147.70 29.98
C PRO GA 688 63.12 147.02 29.37
N LYS GA 689 62.03 147.77 29.26
CA LYS GA 689 60.85 147.26 28.58
C LYS GA 689 61.11 147.04 27.10
N GLY GA 690 61.85 147.96 26.47
CA GLY GA 690 62.18 147.80 25.07
C GLY GA 690 63.17 146.68 24.84
N LYS GA 691 63.10 146.10 23.64
CA LYS GA 691 63.98 144.98 23.30
C LYS GA 691 65.43 145.40 23.10
N GLU GA 692 65.67 146.69 22.82
CA GLU GA 692 67.03 147.15 22.61
C GLU GA 692 67.65 147.67 23.90
N HIS GA 693 67.03 148.68 24.51
CA HIS GA 693 67.48 149.28 25.76
C HIS GA 693 68.97 149.64 25.70
N ASP GA 694 69.27 150.56 24.80
CA ASP GA 694 70.64 151.04 24.61
C ASP GA 694 71.19 151.60 25.91
N ASP GA 695 72.42 151.18 26.25
CA ASP GA 695 73.04 151.58 27.50
C ASP GA 695 73.68 152.97 27.45
N ILE GA 696 73.82 153.56 26.27
CA ILE GA 696 74.39 154.89 26.17
C ILE GA 696 73.53 155.90 26.90
N PHE GA 697 72.22 155.83 26.71
CA PHE GA 697 71.30 156.71 27.45
C PHE GA 697 71.17 156.26 28.90
N ASP GA 698 71.29 154.95 29.15
CA ASP GA 698 71.15 154.43 30.51
C ASP GA 698 72.24 154.95 31.43
N LYS GA 699 73.48 155.01 30.93
CA LYS GA 699 74.58 155.52 31.75
C LYS GA 699 74.35 156.98 32.13
N LEU GA 700 73.91 157.79 31.16
CA LEU GA 700 73.61 159.20 31.46
C LEU GA 700 72.46 159.32 32.46
N LYS GA 701 71.43 158.49 32.30
CA LYS GA 701 70.31 158.52 33.24
C LYS GA 701 70.76 158.14 34.64
N GLU GA 702 71.61 157.12 34.77
CA GLU GA 702 72.12 156.73 36.08
C GLU GA 702 72.98 157.83 36.69
N ALA GA 703 73.81 158.48 35.87
CA ALA GA 703 74.63 159.58 36.38
C ALA GA 703 73.76 160.74 36.88
N VAL GA 704 72.73 161.09 36.11
CA VAL GA 704 71.82 162.15 36.52
C VAL GA 704 71.09 161.77 37.81
N LYS GA 705 70.67 160.51 37.91
CA LYS GA 705 70.00 160.04 39.12
C LYS GA 705 70.91 160.14 40.33
N GLU GA 706 72.17 159.72 40.18
CA GLU GA 706 73.13 159.82 41.28
C GLU GA 706 73.38 161.27 41.68
N GLU GA 707 73.51 162.16 40.69
CA GLU GA 707 73.73 163.56 40.99
C GLU GA 707 72.53 164.16 41.73
N SER GA 708 71.31 163.82 41.29
CA SER GA 708 70.11 164.31 41.97
C SER GA 708 70.02 163.78 43.39
N ILE GA 709 70.35 162.50 43.58
CA ILE GA 709 70.32 161.91 44.92
C ILE GA 709 71.31 162.60 45.84
N LYS GA 710 72.53 162.84 45.34
CA LYS GA 710 73.54 163.50 46.15
C LYS GA 710 73.18 164.95 46.43
N ARG GA 711 72.52 165.62 45.48
CA ARG GA 711 72.15 167.02 45.64
C ARG GA 711 70.84 167.22 46.39
N HIS GA 712 70.09 166.14 46.63
CA HIS GA 712 68.80 166.26 47.30
C HIS GA 712 68.97 166.71 48.73
N LYS GA 713 68.04 167.54 49.20
CA LYS GA 713 68.06 168.08 50.55
C LYS GA 713 66.73 167.79 51.25
N TRP GA 714 66.77 167.81 52.58
CA TRP GA 714 65.59 167.56 53.40
C TRP GA 714 65.37 168.71 54.37
N ASN GA 715 64.12 168.92 54.75
CA ASN GA 715 63.73 170.01 55.63
C ASN GA 715 63.35 169.45 57.00
N ASP GA 716 63.93 170.02 58.06
CA ASP GA 716 63.63 169.57 59.41
C ASP GA 716 62.21 169.93 59.83
N PHE GA 717 61.63 170.97 59.23
CA PHE GA 717 60.24 171.30 59.51
C PHE GA 717 59.30 170.17 59.10
N ALA GA 718 59.59 169.54 57.97
CA ALA GA 718 58.81 168.38 57.54
C ALA GA 718 58.93 167.25 58.54
N GLU GA 719 60.14 167.02 59.07
CA GLU GA 719 60.33 165.98 60.07
C GLU GA 719 59.53 166.28 61.34
N ASP GA 720 59.55 167.55 61.78
CA ASP GA 720 58.80 167.92 62.97
C ASP GA 720 57.29 167.75 62.74
N SER GA 721 56.81 168.15 61.56
CA SER GA 721 55.39 167.97 61.26
C SER GA 721 55.02 166.49 61.22
N LEU GA 722 55.90 165.66 60.65
CA LEU GA 722 55.65 164.22 60.63
C LEU GA 722 55.60 163.65 62.03
N ARG GA 723 56.51 164.08 62.90
CA ARG GA 723 56.51 163.61 64.29
C ARG GA 723 55.22 164.03 65.00
N VAL GA 724 54.80 165.27 64.80
CA VAL GA 724 53.58 165.76 65.44
C VAL GA 724 52.37 164.97 64.96
N ILE GA 725 52.28 164.72 63.65
CA ILE GA 725 51.14 164.00 63.10
C ILE GA 725 51.15 162.55 63.56
N GLN GA 726 52.34 161.93 63.65
CA GLN GA 726 52.43 160.56 64.14
C GLN GA 726 51.97 160.48 65.59
N HIS GA 727 52.38 161.44 66.42
CA HIS GA 727 51.92 161.47 67.80
C HIS GA 727 50.41 161.69 67.90
N ASN GA 728 49.86 162.56 67.04
CA ASN GA 728 48.43 162.85 67.10
C ASN GA 728 47.57 161.75 66.50
N ALA GA 729 48.16 160.87 65.69
CA ALA GA 729 47.40 159.82 65.04
C ALA GA 729 47.00 158.71 66.01
N LEU GA 730 46.12 159.03 66.96
CA LEU GA 730 45.59 158.06 67.91
C LEU GA 730 44.08 158.21 68.01
N GLU GA 731 43.42 158.27 66.85
CA GLU GA 731 41.99 158.58 66.77
C GLU GA 731 41.12 157.37 67.07
N ASP GA 732 41.23 156.31 66.27
CA ASP GA 732 40.37 155.14 66.41
C ASP GA 732 41.07 154.06 67.22
N ARG GA 733 40.31 153.42 68.12
CA ARG GA 733 40.84 152.37 68.98
C ARG GA 733 39.97 151.13 69.06
N SER GA 734 38.82 151.09 68.40
CA SER GA 734 37.93 149.95 68.45
C SER GA 734 37.30 149.72 67.08
N ILE GA 735 36.86 148.49 66.85
CA ILE GA 735 36.20 148.09 65.61
C ILE GA 735 34.73 147.91 65.87
N SER GA 736 33.89 148.63 65.11
CA SER GA 736 32.44 148.50 65.20
C SER GA 736 31.82 147.95 63.93
N ASP GA 737 32.65 147.41 63.02
CA ASP GA 737 32.18 146.88 61.74
C ASP GA 737 32.57 145.41 61.64
N LYS GA 738 31.60 144.58 61.25
CA LYS GA 738 31.89 143.16 61.05
C LYS GA 738 32.87 142.95 59.91
N GLN GA 739 32.71 143.70 58.82
CA GLN GA 739 33.62 143.55 57.67
C GLN GA 739 35.04 143.98 58.05
N GLN GA 740 35.18 145.08 58.78
CA GLN GA 740 36.51 145.51 59.23
C GLN GA 740 37.11 144.49 60.17
N TRP GA 741 36.29 143.90 61.05
CA TRP GA 741 36.77 142.86 61.95
C TRP GA 741 37.28 141.65 61.17
N ASP GA 742 36.53 141.23 60.14
CA ASP GA 742 36.96 140.11 59.32
C ASP GA 742 38.25 140.43 58.56
N ALA GA 743 38.37 141.65 58.05
CA ALA GA 743 39.58 142.04 57.35
C ALA GA 743 40.79 142.04 58.29
N ALA GA 744 40.61 142.55 59.51
CA ALA GA 744 41.69 142.50 60.49
C ALA GA 744 42.05 141.07 60.85
N ILE GA 745 41.05 140.20 60.99
CA ILE GA 745 41.30 138.79 61.27
C ILE GA 745 42.12 138.16 60.14
N TYR GA 746 41.75 138.45 58.89
CA TYR GA 746 42.48 137.88 57.76
C TYR GA 746 43.91 138.39 57.70
N PHE GA 747 44.11 139.69 57.95
CA PHE GA 747 45.47 140.22 57.95
C PHE GA 747 46.31 139.62 59.06
N MET GA 748 45.73 139.48 60.26
CA MET GA 748 46.45 138.87 61.37
C MET GA 748 46.77 137.41 61.07
N GLU GA 749 45.83 136.70 60.45
CA GLU GA 749 46.07 135.31 60.07
C GLU GA 749 47.20 135.20 59.05
N GLU GA 750 47.24 136.10 58.08
CA GLU GA 750 48.32 136.11 57.11
C GLU GA 750 49.66 136.36 57.78
N ALA GA 751 49.71 137.34 58.68
CA ALA GA 751 50.95 137.64 59.38
C ALA GA 751 51.41 136.47 60.24
N LEU GA 752 50.47 135.84 60.95
CA LEU GA 752 50.83 134.70 61.79
C LEU GA 752 51.25 133.50 60.98
N GLN GA 753 50.65 133.30 59.80
CA GLN GA 753 51.08 132.22 58.92
C GLN GA 753 52.47 132.47 58.39
N ALA GA 754 52.79 133.72 58.04
CA ALA GA 754 54.15 134.06 57.62
C ALA GA 754 55.15 133.80 58.73
N ARG GA 755 54.79 134.20 59.96
CA ARG GA 755 55.68 133.95 61.10
C ARG GA 755 55.87 132.46 61.35
N LEU GA 756 54.79 131.69 61.21
CA LEU GA 756 54.88 130.25 61.38
C LEU GA 756 55.76 129.61 60.32
N LYS GA 757 55.65 130.08 59.07
CA LYS GA 757 56.52 129.57 58.02
C LYS GA 757 57.98 129.91 58.29
N ASP GA 758 58.25 131.13 58.76
CA ASP GA 758 59.62 131.50 59.11
C ASP GA 758 60.16 130.62 60.24
N THR GA 759 59.33 130.38 61.26
CA THR GA 759 59.76 129.52 62.37
C THR GA 759 60.00 128.08 61.90
N GLU GA 760 59.15 127.58 61.01
CA GLU GA 760 59.35 126.24 60.45
C GLU GA 760 60.65 126.16 59.66
N ASN GA 761 60.94 127.19 58.87
CA ASN GA 761 62.19 127.22 58.13
C ASN GA 761 63.39 127.24 59.07
N ALA GA 762 63.32 128.04 60.13
CA ALA GA 762 64.41 128.08 61.11
C ALA GA 762 64.60 126.74 61.78
N ILE GA 763 63.49 126.08 62.16
CA ILE GA 763 63.58 124.78 62.80
C ILE GA 763 64.17 123.74 61.86
N GLU GA 764 63.75 123.76 60.59
CA GLU GA 764 64.29 122.83 59.61
C GLU GA 764 65.78 123.07 59.39
N ASN GA 765 66.21 124.32 59.35
CA ASN GA 765 67.63 124.62 59.22
C ASN GA 765 68.40 124.12 60.43
N MET GA 766 67.83 124.28 61.64
CA MET GA 766 68.51 123.84 62.85
C MET GA 766 68.61 122.32 62.91
N VAL GA 767 67.56 121.61 62.50
CA VAL GA 767 67.49 120.16 62.66
C VAL GA 767 67.56 119.43 61.33
N GLY GA 768 66.57 119.68 60.47
CA GLY GA 768 66.49 118.98 59.20
C GLY GA 768 65.14 118.32 58.99
N PRO GA 769 65.13 117.19 58.29
CA PRO GA 769 63.87 116.48 58.04
C PRO GA 769 63.22 116.03 59.35
N ASP GA 770 61.90 116.14 59.40
CA ASP GA 770 61.12 115.80 60.59
C ASP GA 770 59.91 114.97 60.20
N TRP GA 771 59.58 113.99 61.05
CA TRP GA 771 58.38 113.15 60.93
C TRP GA 771 58.42 112.45 59.58
N LYS GA 772 57.44 112.67 58.68
CA LYS GA 772 57.35 111.95 57.43
C LYS GA 772 58.58 112.18 56.56
N LYS GA 773 59.07 113.42 56.53
CA LYS GA 773 60.27 113.72 55.74
C LYS GA 773 61.47 112.94 56.24
N ARG GA 774 61.62 112.84 57.56
CA ARG GA 774 62.78 112.13 58.13
C ARG GA 774 62.66 110.62 57.92
N TRP GA 775 61.46 110.07 58.14
CA TRP GA 775 61.26 108.62 58.06
C TRP GA 775 60.94 108.13 56.66
N LEU GA 776 60.88 109.02 55.67
CA LEU GA 776 60.63 108.58 54.29
C LEU GA 776 61.76 107.69 53.79
N TYR GA 777 63.01 108.09 54.07
CA TYR GA 777 64.15 107.27 53.65
C TYR GA 777 64.29 106.03 54.52
N TRP GA 778 64.08 106.19 55.84
CA TRP GA 778 64.13 105.14 56.86
C TRP GA 778 65.54 104.59 57.06
N LYS GA 779 66.53 105.06 56.29
CA LYS GA 779 67.90 104.60 56.44
C LYS GA 779 68.90 105.72 56.65
N ASN GA 780 68.47 106.98 56.60
CA ASN GA 780 69.35 108.13 56.79
C ASN GA 780 69.13 108.70 58.18
N ARG GA 781 70.14 108.59 59.03
CA ARG GA 781 70.08 109.09 60.40
C ARG GA 781 71.40 109.74 60.76
N THR GA 782 71.31 110.84 61.50
CA THR GA 782 72.47 111.58 61.97
C THR GA 782 72.36 111.79 63.47
N GLN GA 783 73.48 111.67 64.18
CA GLN GA 783 73.46 111.82 65.63
C GLN GA 783 73.09 113.24 66.03
N GLU GA 784 73.52 114.23 65.26
CA GLU GA 784 73.22 115.63 65.59
C GLU GA 784 71.72 115.89 65.51
N GLN GA 785 71.08 115.46 64.41
CA GLN GA 785 69.64 115.64 64.29
C GLN GA 785 68.85 114.72 65.21
N CYS GA 786 69.40 113.55 65.55
CA CYS GA 786 68.74 112.67 66.52
C CYS GA 786 68.66 113.32 67.88
N VAL GA 787 69.73 114.01 68.30
CA VAL GA 787 69.73 114.71 69.58
C VAL GA 787 68.66 115.80 69.59
N HIS GA 788 68.57 116.56 68.49
CA HIS GA 788 67.56 117.61 68.40
C HIS GA 788 66.16 117.02 68.42
N ASN GA 789 65.95 115.89 67.73
CA ASN GA 789 64.64 115.25 67.74
C ASN GA 789 64.27 114.77 69.13
N GLU GA 790 65.23 114.17 69.86
CA GLU GA 790 64.96 113.74 71.23
C GLU GA 790 64.64 114.90 72.14
N THR GA 791 65.37 116.01 72.00
CA THR GA 791 65.08 117.20 72.80
C THR GA 791 63.69 117.75 72.48
N LYS GA 792 63.33 117.77 71.20
CA LYS GA 792 62.00 118.24 70.80
C LYS GA 792 60.92 117.35 71.38
N ASN GA 793 61.11 116.02 71.33
CA ASN GA 793 60.13 115.10 71.90
C ASN GA 793 60.01 115.30 73.40
N GLU GA 794 61.14 115.47 74.10
CA GLU GA 794 61.09 115.68 75.54
C GLU GA 794 60.35 116.97 75.88
N LEU GA 795 60.62 118.04 75.14
CA LEU GA 795 59.93 119.32 75.40
C LEU GA 795 58.45 119.21 75.09
N GLU GA 796 58.08 118.48 74.02
CA GLU GA 796 56.66 118.28 73.71
C GLU GA 796 55.97 117.51 74.82
N LYS GA 797 56.62 116.47 75.34
CA LYS GA 797 56.05 115.72 76.46
C LYS GA 797 55.92 116.58 77.70
N MET GA 798 56.90 117.44 77.96
CA MET GA 798 56.82 118.35 79.09
C MET GA 798 55.65 119.32 78.95
N LEU GA 799 55.45 119.85 77.74
CA LEU GA 799 54.30 120.73 77.51
C LEU GA 799 52.98 119.97 77.65
N LYS GA 800 52.93 118.71 77.19
CA LYS GA 800 51.72 117.92 77.36
C LYS GA 800 51.42 117.69 78.84
N CYS GA 801 52.45 117.42 79.64
CA CYS GA 801 52.25 117.27 81.08
C CYS GA 801 52.03 118.61 81.76
N ASN GA 802 52.73 119.66 81.33
CA ASN GA 802 52.64 120.99 81.93
C ASN GA 802 52.48 122.00 80.81
N GLU GA 803 51.23 122.39 80.53
CA GLU GA 803 50.97 123.32 79.44
C GLU GA 803 51.59 124.69 79.70
N GLU GA 804 51.50 125.17 80.93
CA GLU GA 804 52.00 126.49 81.30
C GLU GA 804 53.35 126.36 81.98
N HIS GA 805 54.36 127.07 81.47
CA HIS GA 805 55.70 127.03 82.01
C HIS GA 805 56.33 128.41 81.83
N PRO GA 806 57.10 128.89 82.80
CA PRO GA 806 57.79 130.17 82.63
C PRO GA 806 58.83 130.09 81.53
N ALA GA 807 59.06 131.24 80.89
CA ALA GA 807 60.01 131.30 79.78
C ALA GA 807 61.42 130.98 80.25
N TYR GA 808 61.82 131.51 81.40
CA TYR GA 808 63.15 131.24 81.94
C TYR GA 808 63.24 129.81 82.47
N LEU GA 809 64.46 129.30 82.53
CA LEU GA 809 64.74 127.96 83.02
C LEU GA 809 65.55 128.06 84.30
N ALA GA 810 65.05 127.46 85.38
CA ALA GA 810 65.76 127.44 86.64
C ALA GA 810 66.85 126.38 86.63
N SER GA 811 67.75 126.48 87.60
CA SER GA 811 68.89 125.55 87.66
C SER GA 811 68.42 124.11 87.87
N ASP GA 812 67.46 123.90 88.76
CA ASP GA 812 66.98 122.54 89.02
C ASP GA 812 66.29 121.95 87.79
N GLU GA 813 65.54 122.77 87.06
CA GLU GA 813 64.89 122.29 85.84
C GLU GA 813 65.92 121.87 84.80
N ILE GA 814 66.97 122.68 84.62
CA ILE GA 814 68.03 122.34 83.67
C ILE GA 814 68.74 121.06 84.09
N THR GA 815 69.01 120.92 85.40
CA THR GA 815 69.66 119.71 85.88
C THR GA 815 68.79 118.48 85.65
N THR GA 816 67.49 118.60 85.91
CA THR GA 816 66.58 117.47 85.68
C THR GA 816 66.52 117.10 84.20
N VAL GA 817 66.45 118.10 83.33
CA VAL GA 817 66.41 117.84 81.89
C VAL GA 817 67.70 117.16 81.44
N ARG GA 818 68.84 117.64 81.92
CA ARG GA 818 70.12 117.04 81.55
C ARG GA 818 70.21 115.59 82.05
N LYS GA 819 69.74 115.33 83.27
CA LYS GA 819 69.76 113.97 83.80
C LYS GA 819 68.85 113.06 82.99
N ASN GA 820 67.67 113.55 82.60
CA ASN GA 820 66.78 112.75 81.78
C ASN GA 820 67.41 112.45 80.42
N LEU GA 821 68.08 113.43 79.82
CA LEU GA 821 68.76 113.20 78.55
C LEU GA 821 69.89 112.19 78.69
N GLU GA 822 70.68 112.31 79.77
CA GLU GA 822 71.81 111.41 79.97
C GLU GA 822 71.39 110.03 80.46
N SER GA 823 70.14 109.86 80.89
CA SER GA 823 69.68 108.53 81.29
C SER GA 823 69.75 107.54 80.13
N ARG GA 824 69.38 107.99 78.92
CA ARG GA 824 69.48 107.16 77.73
C ARG GA 824 70.81 107.31 77.00
N GLY GA 825 71.71 108.16 77.50
CA GLY GA 825 73.02 108.30 76.91
C GLY GA 825 73.14 109.46 75.94
N VAL GA 826 72.52 110.59 76.27
CA VAL GA 826 72.56 111.78 75.44
C VAL GA 826 73.06 112.93 76.29
N GLU GA 827 74.16 113.56 75.87
CA GLU GA 827 74.73 114.72 76.54
C GLU GA 827 74.58 115.94 75.65
N VAL GA 828 73.91 116.96 76.16
CA VAL GA 828 73.62 118.17 75.40
C VAL GA 828 74.11 119.37 76.19
N ASP GA 829 74.77 120.31 75.51
CA ASP GA 829 75.23 121.52 76.16
C ASP GA 829 74.05 122.38 76.61
N PRO GA 830 74.21 123.12 77.71
CA PRO GA 830 73.08 123.95 78.19
C PRO GA 830 72.62 124.99 77.20
N SER GA 831 73.53 125.54 76.38
CA SER GA 831 73.14 126.56 75.41
C SER GA 831 72.16 125.98 74.38
N LEU GA 832 72.46 124.78 73.87
CA LEU GA 832 71.54 124.15 72.91
C LEU GA 832 70.21 123.82 73.57
N ILE GA 833 70.24 123.39 74.84
CA ILE GA 833 68.99 123.11 75.55
C ILE GA 833 68.15 124.37 75.66
N LYS GA 834 68.78 125.49 76.02
CA LYS GA 834 68.06 126.74 76.13
C LYS GA 834 67.51 127.20 74.78
N ASP GA 835 68.29 127.04 73.72
CA ASP GA 835 67.81 127.43 72.39
C ASP GA 835 66.62 126.58 71.96
N THR GA 836 66.70 125.27 72.18
CA THR GA 836 65.58 124.39 71.83
C THR GA 836 64.34 124.72 72.66
N TRP GA 837 64.54 125.02 73.95
CA TRP GA 837 63.41 125.40 74.80
C TRP GA 837 62.77 126.69 74.31
N HIS GA 838 63.59 127.67 73.91
CA HIS GA 838 63.06 128.92 73.39
C HIS GA 838 62.27 128.69 72.11
N GLN GA 839 62.80 127.87 71.21
CA GLN GA 839 62.09 127.58 69.96
C GLN GA 839 60.77 126.86 70.22
N VAL GA 840 60.77 125.89 71.14
CA VAL GA 840 59.55 125.16 71.46
C VAL GA 840 58.53 126.07 72.13
N TYR GA 841 59.00 126.97 72.99
CA TYR GA 841 58.13 127.96 73.64
C TYR GA 841 57.48 128.87 72.60
N ARG GA 842 58.28 129.33 71.64
CA ARG GA 842 57.74 130.18 70.56
C ARG GA 842 56.72 129.42 69.73
N ARG GA 843 57.00 128.15 69.42
CA ARG GA 843 56.05 127.36 68.63
C ARG GA 843 54.75 127.14 69.41
N HIS GA 844 54.86 126.87 70.71
CA HIS GA 844 53.66 126.66 71.53
C HIS GA 844 52.82 127.92 71.58
N PHE GA 845 53.45 129.08 71.75
CA PHE GA 845 52.67 130.32 71.76
C PHE GA 845 52.13 130.67 70.37
N LEU GA 846 52.81 130.28 69.30
CA LEU GA 846 52.25 130.46 67.97
C LEU GA 846 50.99 129.61 67.79
N LYS GA 847 51.03 128.36 68.26
CA LYS GA 847 49.85 127.51 68.21
C LYS GA 847 48.72 128.08 69.06
N THR GA 848 49.06 128.60 70.25
CA THR GA 848 48.05 129.22 71.11
C THR GA 848 47.43 130.44 70.43
N ALA GA 849 48.25 131.25 69.76
CA ALA GA 849 47.73 132.40 69.03
C ALA GA 849 46.83 131.97 67.88
N LEU GA 850 47.19 130.89 67.19
CA LEU GA 850 46.34 130.38 66.13
C LEU GA 850 45.00 129.91 66.67
N ASN GA 851 45.01 129.21 67.81
CA ASN GA 851 43.75 128.81 68.44
C ASN GA 851 42.93 130.01 68.87
N HIS GA 852 43.59 131.04 69.39
CA HIS GA 852 42.89 132.26 69.78
C HIS GA 852 42.25 132.93 68.58
N CYS GA 853 42.96 132.95 67.45
CA CYS GA 853 42.39 133.50 66.22
C CYS GA 853 41.18 132.69 65.76
N ASN GA 854 41.27 131.36 65.85
CA ASN GA 854 40.13 130.52 65.48
C ASN GA 854 38.94 130.80 66.37
N LEU GA 855 39.17 130.98 67.67
CA LEU GA 855 38.08 131.32 68.58
C LEU GA 855 37.49 132.69 68.26
N CYS GA 856 38.36 133.68 68.02
CA CYS GA 856 37.89 135.03 67.74
C CYS GA 856 37.18 135.14 66.40
N ARG GA 857 37.40 134.18 65.49
CA ARG GA 857 36.66 134.16 64.23
C ARG GA 857 35.17 134.02 64.44
N ARG GA 858 34.76 133.44 65.57
CA ARG GA 858 33.31 133.26 65.87
C ARG GA 858 32.94 134.10 67.10
N GLY GA 859 33.94 134.56 67.84
CA GLY GA 859 33.70 135.31 69.07
C GLY GA 859 33.34 136.77 68.88
N PHE GA 860 32.97 137.20 67.66
CA PHE GA 860 32.56 138.58 67.46
C PHE GA 860 31.30 138.93 68.24
N TYR GA 861 30.43 137.95 68.51
CA TYR GA 861 29.26 138.23 69.34
C TYR GA 861 29.66 138.65 70.74
N TYR GA 862 30.62 137.93 71.34
CA TYR GA 862 31.13 138.32 72.65
C TYR GA 862 31.88 139.66 72.56
N TYR GA 863 32.69 139.83 71.51
CA TYR GA 863 33.51 141.03 71.41
C TYR GA 863 32.67 142.28 71.28
N GLN GA 864 31.61 142.25 70.45
CA GLN GA 864 30.83 143.45 70.18
C GLN GA 864 30.12 143.95 71.44
N ARG GA 865 29.55 143.03 72.23
CA ARG GA 865 28.77 143.42 73.40
C ARG GA 865 29.58 143.47 74.69
N HIS GA 866 30.73 142.79 74.74
CA HIS GA 866 31.59 142.78 75.92
C HIS GA 866 30.82 142.32 77.16
N PHE GA 867 30.40 141.06 77.13
CA PHE GA 867 29.66 140.49 78.25
C PHE GA 867 30.52 140.41 79.49
N VAL GA 868 29.87 140.48 80.66
CA VAL GA 868 30.58 140.41 81.92
C VAL GA 868 31.27 139.06 82.08
N ASP GA 869 30.55 137.98 81.77
CA ASP GA 869 31.11 136.63 81.82
C ASP GA 869 31.66 136.21 80.45
N SER GA 870 32.54 137.04 79.89
CA SER GA 870 33.10 136.76 78.59
C SER GA 870 34.08 135.59 78.66
N GLU GA 871 33.90 134.62 77.77
CA GLU GA 871 34.78 133.47 77.67
C GLU GA 871 35.94 133.68 76.71
N LEU GA 872 36.04 134.86 76.10
CA LEU GA 872 37.08 135.12 75.11
C LEU GA 872 37.35 136.62 75.08
N GLU GA 873 38.62 137.01 75.19
CA GLU GA 873 39.04 138.40 75.15
C GLU GA 873 39.90 138.60 73.91
N CYS GA 874 39.30 139.11 72.84
CA CYS GA 874 40.01 139.36 71.58
C CYS GA 874 40.61 140.76 71.63
N ASN GA 875 41.91 140.83 71.89
CA ASN GA 875 42.64 142.09 71.91
C ASN GA 875 43.72 142.19 70.86
N ASP GA 876 44.30 141.07 70.44
CA ASP GA 876 45.34 141.10 69.41
C ASP GA 876 44.77 141.62 68.09
N VAL GA 877 43.54 141.23 67.76
CA VAL GA 877 42.91 141.70 66.53
C VAL GA 877 42.77 143.22 66.55
N VAL GA 878 42.29 143.75 67.66
CA VAL GA 878 42.12 145.20 67.79
C VAL GA 878 43.45 145.91 67.72
N LEU GA 879 44.47 145.36 68.39
CA LEU GA 879 45.80 145.97 68.36
C LEU GA 879 46.37 145.98 66.94
N PHE GA 880 46.23 144.88 66.22
CA PHE GA 880 46.74 144.81 64.85
C PHE GA 880 45.98 145.77 63.93
N TRP GA 881 44.67 145.89 64.13
CA TRP GA 881 43.91 146.85 63.33
C TRP GA 881 44.34 148.28 63.62
N ARG GA 882 44.59 148.60 64.90
CA ARG GA 882 45.08 149.93 65.26
C ARG GA 882 46.44 150.19 64.62
N ILE GA 883 47.33 149.20 64.65
CA ILE GA 883 48.64 149.35 64.02
C ILE GA 883 48.48 149.58 62.52
N GLN GA 884 47.59 148.82 61.88
CA GLN GA 884 47.38 148.95 60.45
C GLN GA 884 46.86 150.34 60.08
N ARG GA 885 45.87 150.83 60.82
CA ARG GA 885 45.32 152.15 60.49
C ARG GA 885 46.33 153.25 60.78
N MET GA 886 47.11 153.13 61.86
CA MET GA 886 48.15 154.11 62.14
C MET GA 886 49.20 154.11 61.04
N LEU GA 887 49.60 152.92 60.56
CA LEU GA 887 50.56 152.84 59.46
C LEU GA 887 49.99 153.46 58.19
N ALA GA 888 48.71 153.22 57.91
CA ALA GA 888 48.08 153.82 56.74
C ALA GA 888 48.08 155.34 56.84
N ILE GA 889 47.75 155.88 58.02
CA ILE GA 889 47.74 157.32 58.20
C ILE GA 889 49.14 157.89 58.03
N THR GA 890 50.15 157.21 58.60
CA THR GA 890 51.52 157.66 58.47
C THR GA 890 51.98 157.64 57.02
N ALA GA 891 51.63 156.59 56.28
CA ALA GA 891 51.99 156.50 54.87
C ALA GA 891 51.32 157.60 54.06
N ASN GA 892 50.05 157.88 54.33
CA ASN GA 892 49.36 158.95 53.62
C ASN GA 892 50.01 160.30 53.91
N THR GA 893 50.35 160.55 55.17
CA THR GA 893 51.01 161.81 55.52
C THR GA 893 52.38 161.91 54.84
N LEU GA 894 53.14 160.82 54.82
CA LEU GA 894 54.44 160.82 54.17
C LEU GA 894 54.31 161.10 52.68
N ARG GA 895 53.32 160.47 52.02
CA ARG GA 895 53.11 160.71 50.60
C ARG GA 895 52.72 162.16 50.34
N GLN GA 896 51.84 162.72 51.18
CA GLN GA 896 51.42 164.10 50.99
C GLN GA 896 52.60 165.06 51.15
N GLN GA 897 53.39 164.87 52.21
CA GLN GA 897 54.55 165.74 52.43
C GLN GA 897 55.58 165.58 51.32
N LEU GA 898 55.78 164.35 50.84
CA LEU GA 898 56.70 164.13 49.73
C LEU GA 898 56.24 164.89 48.49
N THR GA 899 54.98 164.70 48.09
CA THR GA 899 54.45 165.42 46.94
C THR GA 899 54.53 166.93 47.12
N ASN GA 900 54.37 167.42 48.35
CA ASN GA 900 54.41 168.86 48.59
C ASN GA 900 55.82 169.42 48.44
N THR GA 901 56.82 168.74 49.02
CA THR GA 901 58.15 169.33 49.15
C THR GA 901 59.23 168.60 48.36
N GLU GA 902 59.31 167.28 48.51
CA GLU GA 902 60.45 166.55 47.95
C GLU GA 902 60.38 166.44 46.45
N VAL GA 903 59.17 166.40 45.87
CA VAL GA 903 59.05 166.39 44.41
C VAL GA 903 59.60 167.69 43.84
N ARG GA 904 59.24 168.82 44.45
CA ARG GA 904 59.76 170.11 44.00
C ARG GA 904 61.27 170.20 44.21
N ARG GA 905 61.76 169.68 45.33
CA ARG GA 905 63.20 169.69 45.57
C ARG GA 905 63.95 168.87 44.52
N LEU GA 906 63.43 167.68 44.20
CA LEU GA 906 64.06 166.85 43.18
C LEU GA 906 64.01 167.50 41.81
N GLU GA 907 62.88 168.16 41.49
CA GLU GA 907 62.78 168.89 40.23
C GLU GA 907 63.81 170.01 40.16
N LYS GA 908 63.99 170.74 41.26
CA LYS GA 908 64.99 171.81 41.29
C LYS GA 908 66.40 171.25 41.12
N ASN GA 909 66.70 170.14 41.80
CA ASN GA 909 68.02 169.53 41.65
C ASN GA 909 68.26 169.05 40.22
N VAL GA 910 67.24 168.45 39.60
CA VAL GA 910 67.37 167.99 38.21
C VAL GA 910 67.59 169.18 37.28
N LYS GA 911 66.86 170.27 37.50
CA LYS GA 911 67.04 171.46 36.68
C LYS GA 911 68.44 172.04 36.83
N GLU GA 912 68.95 172.08 38.07
CA GLU GA 912 70.30 172.58 38.30
C GLU GA 912 71.34 171.71 37.61
N VAL GA 913 71.18 170.38 37.72
CA VAL GA 913 72.12 169.47 37.08
C VAL GA 913 72.08 169.63 35.56
N LEU GA 914 70.88 169.75 34.99
CA LEU GA 914 70.75 169.92 33.55
C LEU GA 914 71.39 171.24 33.09
N GLU GA 915 71.17 172.32 33.85
CA GLU GA 915 71.77 173.59 33.51
C GLU GA 915 73.30 173.52 33.58
N ASP GA 916 73.83 172.87 34.61
CA ASP GA 916 75.28 172.72 34.74
C ASP GA 916 75.84 171.92 33.57
N PHE GA 917 75.15 170.85 33.17
CA PHE GA 917 75.61 170.05 32.04
C PHE GA 917 75.55 170.86 30.75
N ALA GA 918 74.49 171.63 30.54
CA ALA GA 918 74.35 172.42 29.33
C ALA GA 918 75.42 173.50 29.24
N GLU GA 919 75.71 174.15 30.37
CA GLU GA 919 76.71 175.22 30.41
C GLU GA 919 78.15 174.70 30.39
N ASP GA 920 78.34 173.38 30.20
CA ASP GA 920 79.69 172.79 30.16
C ASP GA 920 79.68 171.73 29.07
N GLY GA 921 80.14 172.11 27.88
CA GLY GA 921 80.25 171.16 26.79
C GLY GA 921 81.37 170.16 26.95
N GLU GA 922 82.39 170.50 27.74
CA GLU GA 922 83.47 169.55 28.00
C GLU GA 922 82.95 168.33 28.74
N LYS GA 923 82.03 168.52 29.69
CA LYS GA 923 81.43 167.39 30.37
C LYS GA 923 80.63 166.52 29.41
N LYS GA 924 79.91 167.14 28.47
CA LYS GA 924 79.18 166.38 27.46
C LYS GA 924 80.14 165.57 26.60
N ILE GA 925 81.26 166.16 26.20
CA ILE GA 925 82.24 165.45 25.39
C ILE GA 925 82.81 164.28 26.17
N LYS GA 926 83.13 164.49 27.45
CA LYS GA 926 83.71 163.43 28.28
C LYS GA 926 82.73 162.29 28.48
N LEU GA 927 81.46 162.61 28.69
CA LEU GA 927 80.45 161.59 28.97
C LEU GA 927 79.88 160.96 27.70
N LEU GA 928 79.39 161.78 26.79
CA LEU GA 928 78.77 161.28 25.55
C LEU GA 928 79.88 160.86 24.59
N THR GA 929 80.42 159.66 24.84
CA THR GA 929 81.46 159.07 24.00
C THR GA 929 80.93 157.90 23.19
N GLY GA 930 79.62 157.84 22.97
CA GLY GA 930 79.04 156.77 22.20
C GLY GA 930 79.41 156.85 20.73
N LYS GA 931 79.22 155.72 20.04
CA LYS GA 931 79.55 155.66 18.62
C LYS GA 931 78.69 156.62 17.81
N ARG GA 932 77.40 156.71 18.13
CA ARG GA 932 76.50 157.61 17.41
C ARG GA 932 76.92 159.07 17.60
N VAL GA 933 77.27 159.45 18.83
CA VAL GA 933 77.66 160.83 19.11
C VAL GA 933 78.93 161.18 18.34
N GLN GA 934 79.92 160.30 18.39
CA GLN GA 934 81.18 160.54 17.69
C GLN GA 934 80.97 160.62 16.18
N LEU GA 935 80.16 159.72 15.63
CA LEU GA 935 79.89 159.74 14.19
C LEU GA 935 79.18 161.02 13.78
N ALA GA 936 78.20 161.45 14.56
CA ALA GA 936 77.49 162.69 14.25
C ALA GA 936 78.42 163.89 14.33
N GLU GA 937 79.29 163.93 15.35
CA GLU GA 937 80.25 165.03 15.46
C GLU GA 937 81.21 165.05 14.28
N ASP GA 938 81.71 163.87 13.88
CA ASP GA 938 82.61 163.81 12.74
C ASP GA 938 81.91 164.26 11.46
N LEU GA 939 80.66 163.83 11.26
CA LEU GA 939 79.92 164.23 10.07
C LEU GA 939 79.69 165.75 10.06
N LYS GA 940 79.33 166.33 11.21
CA LYS GA 940 79.13 167.77 11.27
C LYS GA 940 80.42 168.52 11.00
N LYS GA 941 81.54 168.05 11.56
CA LYS GA 941 82.82 168.71 11.32
C LYS GA 941 83.22 168.62 9.85
N VAL GA 942 83.00 167.45 9.22
CA VAL GA 942 83.31 167.30 7.81
C VAL GA 942 82.46 168.22 6.96
N ARG GA 943 81.17 168.33 7.29
CA ARG GA 943 80.29 169.22 6.55
C ARG GA 943 80.72 170.68 6.70
N GLU GA 944 81.09 171.08 7.91
CA GLU GA 944 81.56 172.45 8.12
C GLU GA 944 82.85 172.72 7.37
N ILE GA 945 83.78 171.76 7.36
CA ILE GA 945 85.03 171.93 6.64
C ILE GA 945 84.77 172.05 5.14
N GLN GA 946 83.87 171.21 4.61
CA GLN GA 946 83.54 171.28 3.19
C GLN GA 946 82.87 172.61 2.84
N GLU GA 947 81.98 173.10 3.71
CA GLU GA 947 81.35 174.40 3.45
C GLU GA 947 82.38 175.52 3.46
N LYS GA 948 83.33 175.48 4.41
CA LYS GA 948 84.38 176.49 4.44
C LYS GA 948 85.25 176.43 3.19
N LEU GA 949 85.57 175.21 2.73
CA LEU GA 949 86.37 175.07 1.52
C LEU GA 949 85.62 175.57 0.29
N ASP GA 950 84.30 175.31 0.23
CA ASP GA 950 83.50 175.83 -0.86
C ASP GA 950 83.47 177.35 -0.85
N ALA GA 951 83.35 177.94 0.35
CA ALA GA 951 83.39 179.40 0.45
C ALA GA 951 84.74 179.95 0.00
N PHE GA 952 85.83 179.26 0.37
CA PHE GA 952 87.16 179.66 -0.08
C PHE GA 952 87.27 179.59 -1.60
N ILE GA 953 86.75 178.52 -2.20
CA ILE GA 953 86.81 178.37 -3.65
C ILE GA 953 86.01 179.48 -4.33
N GLU GA 954 84.82 179.78 -3.81
CA GLU GA 954 84.01 180.84 -4.39
C GLU GA 954 84.70 182.19 -4.27
N ALA GA 955 85.30 182.47 -3.11
CA ALA GA 955 86.02 183.74 -2.94
C ALA GA 955 87.21 183.84 -3.88
N LEU GA 956 87.95 182.74 -4.04
CA LEU GA 956 89.09 182.75 -4.96
C LEU GA 956 88.64 182.97 -6.40
N HIS GA 957 87.54 182.33 -6.79
CA HIS GA 957 87.03 182.52 -8.15
C HIS GA 957 86.54 183.95 -8.37
N GLN GA 958 85.86 184.53 -7.38
CA GLN GA 958 85.38 185.90 -7.51
C GLN GA 958 86.53 186.90 -7.56
N GLU GA 959 87.56 186.70 -6.72
CA GLU GA 959 88.69 187.63 -6.72
C GLU GA 959 89.46 187.58 -8.04
N LYS GA 960 89.63 186.37 -8.58
CA LYS GA 960 90.33 186.20 -9.88
C LYS GA 960 89.31 186.26 -11.02
N SER HA 263 66.38 200.92 51.47
CA SER HA 263 66.06 199.88 52.43
C SER HA 263 64.63 199.37 52.23
N LEU HA 264 63.79 199.55 53.25
CA LEU HA 264 62.41 199.11 53.15
C LEU HA 264 61.65 199.89 52.08
N ILE HA 265 61.89 201.20 51.99
CA ILE HA 265 61.17 202.02 51.01
C ILE HA 265 61.56 201.64 49.59
N ASP HA 266 62.84 201.36 49.36
CA ASP HA 266 63.28 200.96 48.02
C ASP HA 266 62.67 199.63 47.61
N MET HA 267 62.64 198.66 48.54
CA MET HA 267 62.03 197.37 48.23
C MET HA 267 60.53 197.50 48.00
N TYR HA 268 59.86 198.35 48.78
CA TYR HA 268 58.44 198.59 48.56
C TYR HA 268 58.19 199.23 47.20
N SER HA 269 59.04 200.17 46.80
CA SER HA 269 58.90 200.78 45.48
C SER HA 269 59.13 199.75 44.38
N GLU HA 270 60.11 198.86 44.56
CA GLU HA 270 60.33 197.80 43.58
C GLU HA 270 59.13 196.87 43.49
N VAL HA 271 58.53 196.53 44.64
CA VAL HA 271 57.34 195.68 44.65
C VAL HA 271 56.19 196.36 43.93
N LEU HA 272 56.00 197.66 44.17
CA LEU HA 272 54.95 198.41 43.48
C LEU HA 272 55.21 198.45 41.97
N ASP HA 273 56.46 198.62 41.57
CA ASP HA 273 56.80 198.62 40.15
C ASP HA 273 56.51 197.26 39.52
N VAL HA 274 56.83 196.18 40.23
CA VAL HA 274 56.54 194.84 39.72
C VAL HA 274 55.04 194.64 39.59
N LEU HA 275 54.26 195.10 40.57
CA LEU HA 275 52.82 194.98 40.50
C LEU HA 275 52.25 195.77 39.32
N SER HA 276 52.79 196.98 39.09
CA SER HA 276 52.33 197.78 37.96
C SER HA 276 52.67 197.11 36.63
N ASP HA 277 53.87 196.54 36.53
CA ASP HA 277 54.28 195.85 35.31
C ASP HA 277 53.62 194.49 35.15
N TYR HA 278 52.94 193.99 36.18
CA TYR HA 278 52.26 192.70 36.07
C TYR HA 278 51.19 192.72 35.00
N ASP HA 279 50.39 193.79 34.95
CA ASP HA 279 49.34 193.90 33.95
C ASP HA 279 48.99 195.37 33.77
N ALA HA 280 48.46 195.69 32.58
CA ALA HA 280 48.04 197.06 32.31
C ALA HA 280 46.72 197.41 33.00
N SER HA 281 45.96 196.41 33.42
CA SER HA 281 44.71 196.64 34.13
C SER HA 281 44.99 196.86 35.62
N TYR HA 282 43.94 196.87 36.44
CA TYR HA 282 44.06 197.07 37.88
C TYR HA 282 43.35 195.92 38.58
N ASN HA 283 44.08 194.84 38.83
CA ASN HA 283 43.57 193.68 39.53
C ASN HA 283 44.27 193.47 40.88
N THR HA 284 45.59 193.36 40.87
CA THR HA 284 46.37 193.24 42.11
C THR HA 284 47.05 194.54 42.52
N GLN HA 285 46.99 195.58 41.68
CA GLN HA 285 47.60 196.86 42.00
C GLN HA 285 46.83 197.63 43.05
N ASP HA 286 45.57 197.28 43.30
CA ASP HA 286 44.74 197.97 44.28
C ASP HA 286 44.84 197.34 45.66
N HIS HA 287 45.71 196.36 45.86
CA HIS HA 287 45.86 195.73 47.17
C HIS HA 287 46.73 196.59 48.09
N LEU HA 288 47.97 196.86 47.66
CA LEU HA 288 48.85 197.69 48.47
C LEU HA 288 48.42 199.16 48.39
N PRO HA 289 48.49 199.89 49.49
CA PRO HA 289 48.14 201.32 49.45
C PRO HA 289 49.07 202.10 48.54
N ARG HA 290 48.52 203.09 47.87
CA ARG HA 290 49.28 203.95 46.96
C ARG HA 290 48.79 205.38 47.12
N VAL HA 291 49.68 206.27 47.57
CA VAL HA 291 49.34 207.67 47.72
C VAL HA 291 49.32 208.31 46.34
N VAL HA 292 48.14 208.70 45.88
CA VAL HA 292 47.94 209.27 44.54
C VAL HA 292 47.58 210.74 44.69
N VAL HA 293 48.28 211.60 43.96
CA VAL HA 293 48.03 213.03 43.97
C VAL HA 293 47.27 213.39 42.71
N VAL HA 294 46.04 213.86 42.86
CA VAL HA 294 45.17 214.22 41.75
C VAL HA 294 44.77 215.68 41.90
N GLY HA 295 44.92 216.44 40.82
CA GLY HA 295 44.55 217.84 40.84
C GLY HA 295 43.72 218.25 39.64
N ASP HA 296 43.56 219.56 39.44
CA ASP HA 296 42.79 220.09 38.32
C ASP HA 296 43.73 220.66 37.26
N GLN HA 297 43.20 220.81 36.05
CA GLN HA 297 43.98 221.35 34.95
C GLN HA 297 44.25 222.83 35.17
N SER HA 298 45.52 223.23 35.00
CA SER HA 298 45.94 224.61 35.16
C SER HA 298 45.59 225.15 36.55
N ALA HA 299 45.71 224.28 37.56
CA ALA HA 299 45.40 224.65 38.93
C ALA HA 299 46.65 224.90 39.77
N GLY HA 300 47.82 224.97 39.14
CA GLY HA 300 49.05 225.19 39.88
C GLY HA 300 49.57 224.00 40.64
N LYS HA 301 49.07 222.80 40.37
CA LYS HA 301 49.53 221.62 41.08
C LYS HA 301 50.98 221.30 40.76
N THR HA 302 51.47 221.73 39.58
CA THR HA 302 52.85 221.47 39.22
C THR HA 302 53.82 222.15 40.19
N SER HA 303 53.52 223.40 40.57
CA SER HA 303 54.38 224.12 41.51
C SER HA 303 54.37 223.44 42.88
N VAL HA 304 53.21 222.99 43.34
CA VAL HA 304 53.12 222.30 44.62
C VAL HA 304 53.91 221.00 44.59
N LEU HA 305 53.78 220.24 43.50
CA LEU HA 305 54.53 218.98 43.37
C LEU HA 305 56.03 219.25 43.34
N GLU HA 306 56.46 220.30 42.64
CA GLU HA 306 57.88 220.64 42.61
C GLU HA 306 58.37 221.03 44.00
N MET HA 307 57.57 221.79 44.75
CA MET HA 307 57.95 222.19 46.09
C MET HA 307 58.00 220.99 47.04
N ILE HA 308 57.16 220.00 46.80
CA ILE HA 308 57.19 218.79 47.63
C ILE HA 308 58.53 218.08 47.50
N ALA HA 309 59.03 217.95 46.26
CA ALA HA 309 60.34 217.36 46.02
C ALA HA 309 61.47 218.37 46.13
N GLN HA 310 61.16 219.65 46.38
CA GLN HA 310 62.16 220.71 46.51
C GLN HA 310 63.02 220.85 45.26
N ALA HA 311 62.44 220.55 44.10
CA ALA HA 311 63.16 220.67 42.84
C ALA HA 311 62.15 220.76 41.71
N ARG HA 312 62.51 221.50 40.67
CA ARG HA 312 61.66 221.65 39.49
C ARG HA 312 61.94 220.50 38.54
N ILE HA 313 61.12 219.45 38.61
CA ILE HA 313 61.30 218.28 37.77
C ILE HA 313 60.15 218.07 36.78
N PHE HA 314 58.97 218.67 37.02
CA PHE HA 314 57.85 218.51 36.11
C PHE HA 314 57.85 219.66 35.10
N PRO HA 315 57.90 219.37 33.80
CA PRO HA 315 57.87 220.45 32.81
C PRO HA 315 56.58 221.24 32.87
N ARG HA 316 56.68 222.54 32.62
CA ARG HA 316 55.53 223.43 32.66
C ARG HA 316 54.77 223.38 31.35
N GLY HA 317 53.45 223.58 31.44
CA GLY HA 317 52.60 223.56 30.26
C GLY HA 317 51.67 224.76 30.18
N SER HA 318 51.71 225.47 29.06
CA SER HA 318 50.87 226.65 28.86
C SER HA 318 49.52 226.21 28.31
N GLY HA 319 48.70 225.67 29.20
CA GLY HA 319 47.36 225.20 28.87
C GLY HA 319 47.29 223.75 28.42
N GLU HA 320 48.27 223.32 27.63
CA GLU HA 320 48.29 221.95 27.15
C GLU HA 320 48.57 220.98 28.30
N MET HA 321 47.94 219.81 28.23
CA MET HA 321 48.10 218.77 29.25
C MET HA 321 49.38 218.00 28.94
N MET HA 322 50.49 218.45 29.52
CA MET HA 322 51.77 217.79 29.31
C MET HA 322 51.77 216.38 29.90
N THR HA 323 51.19 216.22 31.09
CA THR HA 323 51.16 214.93 31.76
C THR HA 323 50.02 214.10 31.18
N ARG HA 324 50.35 213.10 30.37
CA ARG HA 324 49.36 212.23 29.76
C ARG HA 324 49.47 210.79 30.24
N SER HA 325 50.46 210.46 31.06
CA SER HA 325 50.65 209.11 31.58
C SER HA 325 50.88 209.19 33.09
N PRO HA 326 50.50 208.14 33.83
CA PRO HA 326 50.76 208.13 35.27
C PRO HA 326 52.25 208.21 35.57
N VAL HA 327 52.59 208.98 36.60
CA VAL HA 327 53.98 209.18 37.03
C VAL HA 327 54.10 208.77 38.49
N LYS HA 328 55.06 207.90 38.77
CA LYS HA 328 55.31 207.43 40.13
C LYS HA 328 56.52 208.17 40.70
N VAL HA 329 56.33 208.81 41.85
CA VAL HA 329 57.39 209.54 42.53
C VAL HA 329 57.61 208.86 43.88
N THR HA 330 58.78 208.26 44.05
CA THR HA 330 59.15 207.56 45.28
C THR HA 330 60.06 208.47 46.09
N LEU HA 331 59.58 208.92 47.25
CA LEU HA 331 60.37 209.78 48.12
C LEU HA 331 61.23 208.92 49.04
N SER HA 332 62.54 209.17 49.04
CA SER HA 332 63.47 208.42 49.87
C SER HA 332 64.71 209.27 50.09
N GLU HA 333 65.68 208.71 50.81
CA GLU HA 333 66.93 209.38 51.11
C GLU HA 333 68.09 208.53 50.63
N GLY HA 334 69.02 209.14 49.90
CA GLY HA 334 70.17 208.44 49.40
C GLY HA 334 71.46 209.20 49.64
N PRO HA 335 72.56 208.69 49.09
CA PRO HA 335 73.86 209.39 49.26
C PRO HA 335 73.86 210.79 48.66
N HIS HA 336 73.12 211.01 47.58
CA HIS HA 336 73.06 212.31 46.93
C HIS HA 336 71.62 212.65 46.59
N HIS HA 337 71.34 213.95 46.48
CA HIS HA 337 70.01 214.44 46.15
C HIS HA 337 69.80 214.37 44.64
N VAL HA 338 69.70 213.14 44.14
CA VAL HA 338 69.54 212.88 42.71
C VAL HA 338 68.29 212.04 42.51
N ALA HA 339 67.90 211.90 41.25
CA ALA HA 339 66.75 211.10 40.84
C ALA HA 339 67.19 210.00 39.89
N LEU HA 340 66.72 208.79 40.14
CA LEU HA 340 67.08 207.64 39.34
C LEU HA 340 65.83 206.86 38.98
N PHE HA 341 65.72 206.46 37.71
CA PHE HA 341 64.59 205.67 37.26
C PHE HA 341 64.83 204.18 37.54
N LYS HA 342 63.75 203.41 37.41
CA LYS HA 342 63.86 201.96 37.61
C LYS HA 342 64.73 201.31 36.54
N ASP HA 343 64.57 201.73 35.28
CA ASP HA 343 65.29 201.15 34.16
C ASP HA 343 66.37 202.08 33.62
N SER HA 344 66.90 202.97 34.46
CA SER HA 344 67.95 203.90 34.05
C SER HA 344 69.10 203.83 35.04
N SER HA 345 70.28 204.22 34.58
CA SER HA 345 71.48 204.24 35.40
C SER HA 345 72.06 205.63 35.62
N ARG HA 346 71.53 206.65 34.95
CA ARG HA 346 72.02 208.02 35.10
C ARG HA 346 71.30 208.70 36.27
N GLU HA 347 72.08 209.24 37.19
CA GLU HA 347 71.53 209.92 38.37
C GLU HA 347 71.28 211.38 38.01
N PHE HA 348 70.01 211.72 37.79
CA PHE HA 348 69.64 213.09 37.45
C PHE HA 348 69.63 213.94 38.72
N ASP HA 349 70.61 214.82 38.85
CA ASP HA 349 70.70 215.69 40.01
C ASP HA 349 69.54 216.67 40.04
N LEU HA 350 69.09 216.99 41.25
CA LEU HA 350 67.97 217.89 41.47
C LEU HA 350 68.41 219.30 41.81
N THR HA 351 69.70 219.60 41.70
CA THR HA 351 70.24 220.92 42.03
C THR HA 351 70.70 221.69 40.81
N LYS HA 352 71.55 221.09 39.98
CA LYS HA 352 72.06 221.77 38.80
C LYS HA 352 70.94 221.97 37.77
N GLU HA 353 70.95 223.14 37.12
CA GLU HA 353 69.93 223.45 36.12
C GLU HA 353 70.03 222.52 34.93
N GLU HA 354 71.25 222.19 34.49
CA GLU HA 354 71.42 221.30 33.35
C GLU HA 354 70.86 219.91 33.65
N ASP HA 355 71.13 219.40 34.86
CA ASP HA 355 70.61 218.09 35.23
C ASP HA 355 69.09 218.10 35.32
N LEU HA 356 68.51 219.18 35.84
CA LEU HA 356 67.06 219.29 35.89
C LEU HA 356 66.46 219.34 34.49
N ALA HA 357 67.09 220.07 33.57
CA ALA HA 357 66.62 220.12 32.19
C ALA HA 357 66.71 218.74 31.54
N ALA HA 358 67.80 218.02 31.78
CA ALA HA 358 67.94 216.67 31.23
C ALA HA 358 66.86 215.74 31.80
N LEU HA 359 66.58 215.85 33.10
CA LEU HA 359 65.54 215.03 33.70
C LEU HA 359 64.17 215.35 33.10
N ARG HA 360 63.87 216.64 32.91
CA ARG HA 360 62.60 217.02 32.29
C ARG HA 360 62.51 216.49 30.86
N HIS HA 361 63.60 216.57 30.11
CA HIS HA 361 63.61 216.05 28.74
C HIS HA 361 63.38 214.54 28.73
N GLU HA 362 64.02 213.82 29.66
CA GLU HA 362 63.82 212.38 29.74
C GLU HA 362 62.38 212.04 30.10
N ILE HA 363 61.79 212.80 31.03
CA ILE HA 363 60.39 212.57 31.40
C ILE HA 363 59.48 212.82 30.23
N GLU HA 364 59.73 213.89 29.46
CA GLU HA 364 58.91 214.18 28.29
C GLU HA 364 59.06 213.09 27.24
N LEU HA 365 60.28 212.60 27.03
CA LEU HA 365 60.49 211.51 26.08
C LEU HA 365 59.76 210.24 26.51
N ARG HA 366 59.80 209.92 27.80
CA ARG HA 366 59.09 208.75 28.29
C ARG HA 366 57.58 208.91 28.13
N MET HA 367 57.06 210.12 28.39
CA MET HA 367 55.64 210.37 28.19
C MET HA 367 55.25 210.22 26.73
N ARG HA 368 56.07 210.75 25.82
CA ARG HA 368 55.77 210.63 24.40
C ARG HA 368 55.83 209.19 23.93
N LYS HA 369 56.80 208.42 24.43
CA LYS HA 369 56.93 207.02 24.02
C LYS HA 369 55.70 206.21 24.44
N ASN HA 370 55.22 206.42 25.67
CA ASN HA 370 54.05 205.69 26.14
C ASN HA 370 52.81 206.04 25.33
N VAL HA 371 52.61 207.32 25.03
CA VAL HA 371 51.43 207.75 24.29
C VAL HA 371 51.57 207.33 22.83
N LYS HA 372 50.54 206.67 22.31
CA LYS HA 372 50.56 206.23 20.92
C LYS HA 372 50.41 207.42 19.98
N GLU HA 373 50.86 207.23 18.75
CA GLU HA 373 50.79 208.28 17.73
C GLU HA 373 49.35 208.38 17.25
N GLY HA 374 48.57 209.21 17.95
CA GLY HA 374 47.18 209.38 17.61
C GLY HA 374 46.27 209.37 18.83
N CYS HA 375 46.76 208.81 19.92
CA CYS HA 375 46.01 208.74 21.17
C CYS HA 375 46.40 209.88 22.10
N THR HA 376 45.69 209.97 23.21
CA THR HA 376 45.92 211.02 24.20
C THR HA 376 46.35 210.46 25.55
N VAL HA 377 45.65 209.45 26.06
CA VAL HA 377 45.94 208.86 27.36
C VAL HA 377 46.47 207.45 27.12
N SER HA 378 47.62 207.14 27.73
CA SER HA 378 48.24 205.83 27.58
C SER HA 378 48.20 205.08 28.91
N PRO HA 379 47.78 203.81 28.90
CA PRO HA 379 47.75 203.05 30.16
C PRO HA 379 49.12 202.79 30.77
N GLU HA 380 50.19 202.93 29.99
CA GLU HA 380 51.52 202.68 30.52
C GLU HA 380 51.90 203.71 31.57
N THR HA 381 52.56 203.26 32.62
CA THR HA 381 52.98 204.11 33.73
C THR HA 381 54.48 204.35 33.68
N ILE HA 382 54.90 205.41 34.37
CA ILE HA 382 56.30 205.81 34.44
C ILE HA 382 56.73 205.76 35.91
N SER HA 383 57.83 205.05 36.17
CA SER HA 383 58.33 204.86 37.53
C SER HA 383 59.60 205.70 37.71
N LEU HA 384 59.63 206.49 38.79
CA LEU HA 384 60.77 207.32 39.11
C LEU HA 384 61.03 207.29 40.60
N ASN HA 385 62.29 207.14 40.99
CA ASN HA 385 62.69 207.11 42.38
C ASN HA 385 63.49 208.35 42.71
N VAL HA 386 63.11 209.05 43.78
CA VAL HA 386 63.75 210.28 44.22
C VAL HA 386 64.47 210.01 45.53
N LYS HA 387 65.75 210.35 45.58
CA LYS HA 387 66.57 210.16 46.76
C LYS HA 387 67.23 211.48 47.15
N GLY HA 388 67.52 211.61 48.45
CA GLY HA 388 68.16 212.80 48.96
C GLY HA 388 67.77 213.10 50.39
N PRO HA 389 68.64 213.80 51.11
CA PRO HA 389 68.34 214.14 52.51
C PRO HA 389 67.19 215.13 52.61
N GLY HA 390 66.49 215.07 53.75
CA GLY HA 390 65.38 215.94 54.01
C GLY HA 390 64.04 215.49 53.47
N LEU HA 391 63.99 214.34 52.80
CA LEU HA 391 62.75 213.81 52.24
C LEU HA 391 62.18 212.74 53.16
N GLN HA 392 60.91 212.41 52.92
CA GLN HA 392 60.21 211.40 53.68
C GLN HA 392 60.31 210.05 52.96
N ARG HA 393 59.59 209.06 53.47
CA ARG HA 393 59.58 207.70 52.90
C ARG HA 393 58.14 207.39 52.49
N MET HA 394 57.79 207.76 51.26
CA MET HA 394 56.46 207.52 50.74
C MET HA 394 56.52 207.50 49.22
N VAL HA 395 55.47 206.98 48.60
CA VAL HA 395 55.36 206.88 47.15
C VAL HA 395 54.22 207.78 46.70
N LEU HA 396 54.52 208.70 45.78
CA LEU HA 396 53.53 209.63 45.24
C LEU HA 396 53.22 209.28 43.80
N VAL HA 397 51.94 209.28 43.45
CA VAL HA 397 51.47 208.96 42.10
C VAL HA 397 50.85 210.21 41.50
N ASP HA 398 51.28 210.56 40.29
CA ASP HA 398 50.79 211.72 39.58
C ASP HA 398 49.88 211.28 38.45
N LEU HA 399 48.71 211.90 38.36
CA LEU HA 399 47.73 211.59 37.33
C LEU HA 399 47.29 212.86 36.62
N PRO HA 400 46.87 212.75 35.37
CA PRO HA 400 46.38 213.94 34.65
C PRO HA 400 45.14 214.51 35.30
N GLY HA 401 44.99 215.83 35.19
CA GLY HA 401 43.86 216.50 35.80
C GLY HA 401 42.54 216.13 35.16
N VAL HA 402 41.47 216.29 35.93
CA VAL HA 402 40.13 215.96 35.47
C VAL HA 402 39.64 217.07 34.54
N ILE HA 403 39.16 216.69 33.36
CA ILE HA 403 38.66 217.64 32.38
C ILE HA 403 37.16 217.44 32.22
N ASN HA 404 36.50 218.47 31.68
CA ASN HA 404 35.06 218.45 31.48
C ASN HA 404 34.69 218.48 30.00
N THR HA 405 35.28 219.39 29.23
CA THR HA 405 34.97 219.48 27.81
C THR HA 405 35.64 218.35 27.03
N VAL HA 406 35.15 218.12 25.81
CA VAL HA 406 35.66 217.09 24.93
C VAL HA 406 36.25 217.76 23.71
N THR HA 407 37.51 217.43 23.40
CA THR HA 407 38.19 218.01 22.25
C THR HA 407 37.82 217.26 20.98
N SER HA 408 37.41 218.02 19.96
CA SER HA 408 37.04 217.40 18.69
C SER HA 408 38.26 216.85 17.95
N GLY HA 409 39.43 217.44 18.16
CA GLY HA 409 40.64 217.00 17.53
C GLY HA 409 41.33 215.83 18.18
N MET HA 410 40.79 215.31 19.27
CA MET HA 410 41.35 214.18 19.99
C MET HA 410 40.31 213.07 20.10
N ALA HA 411 40.65 212.05 20.88
CA ALA HA 411 39.73 210.92 21.06
C ALA HA 411 38.50 211.37 21.85
N PRO HA 412 37.28 211.10 21.35
CA PRO HA 412 36.08 211.52 22.09
C PRO HA 412 35.92 210.83 23.43
N ASP HA 413 36.57 209.67 23.64
CA ASP HA 413 36.47 208.93 24.88
C ASP HA 413 37.62 209.23 25.84
N THR HA 414 38.36 210.31 25.61
CA THR HA 414 39.46 210.66 26.50
C THR HA 414 38.96 210.97 27.91
N LYS HA 415 37.86 211.73 28.02
CA LYS HA 415 37.29 212.02 29.33
C LYS HA 415 36.81 210.77 30.03
N GLU HA 416 36.16 209.86 29.28
CA GLU HA 416 35.70 208.60 29.86
C GLU HA 416 36.88 207.76 30.33
N THR HA 417 37.96 207.71 29.53
CA THR HA 417 39.15 206.97 29.93
C THR HA 417 39.77 207.55 31.19
N ILE HA 418 39.84 208.89 31.28
CA ILE HA 418 40.39 209.53 32.47
C ILE HA 418 39.54 209.22 33.69
N PHE HA 419 38.21 209.28 33.53
CA PHE HA 419 37.33 208.98 34.64
C PHE HA 419 37.47 207.52 35.09
N SER HA 420 37.59 206.60 34.13
CA SER HA 420 37.77 205.19 34.48
C SER HA 420 39.09 204.97 35.20
N ILE HA 421 40.16 205.63 34.74
CA ILE HA 421 41.46 205.50 35.41
C ILE HA 421 41.38 206.05 36.83
N SER HA 422 40.73 207.19 37.01
CA SER HA 422 40.58 207.77 38.33
C SER HA 422 39.78 206.85 39.25
N LYS HA 423 38.70 206.27 38.74
CA LYS HA 423 37.90 205.34 39.54
C LYS HA 423 38.71 204.11 39.92
N ALA HA 424 39.48 203.57 38.98
CA ALA HA 424 40.32 202.40 39.28
C ALA HA 424 41.37 202.74 40.33
N TYR HA 425 41.98 203.92 40.24
CA TYR HA 425 42.94 204.33 41.25
C TYR HA 425 42.29 204.51 42.61
N MET HA 426 41.08 205.07 42.64
CA MET HA 426 40.36 205.27 43.89
C MET HA 426 39.75 203.98 44.44
N GLN HA 427 39.75 202.90 43.65
CA GLN HA 427 39.21 201.64 44.13
C GLN HA 427 39.99 201.08 45.31
N ASN HA 428 41.23 201.50 45.50
CA ASN HA 428 42.02 201.07 46.65
C ASN HA 428 41.44 201.68 47.92
N PRO HA 429 41.03 200.86 48.90
CA PRO HA 429 40.48 201.42 50.14
C PRO HA 429 41.49 202.22 50.95
N ASN HA 430 42.79 202.00 50.74
CA ASN HA 430 43.83 202.68 51.50
C ASN HA 430 44.63 203.65 50.65
N ALA HA 431 44.08 204.10 49.52
CA ALA HA 431 44.76 205.04 48.65
C ALA HA 431 44.61 206.45 49.20
N ILE HA 432 45.73 207.04 49.61
CA ILE HA 432 45.73 208.40 50.14
C ILE HA 432 45.67 209.38 48.97
N ILE HA 433 44.71 210.29 49.01
CA ILE HA 433 44.51 211.27 47.95
C ILE HA 433 44.95 212.63 48.47
N LEU HA 434 45.86 213.27 47.73
CA LEU HA 434 46.37 214.60 48.08
C LEU HA 434 45.75 215.61 47.13
N CYS HA 435 44.77 216.35 47.63
CA CYS HA 435 44.07 217.34 46.83
C CYS HA 435 44.85 218.65 46.80
N ILE HA 436 45.05 219.19 45.61
CA ILE HA 436 45.78 220.44 45.42
C ILE HA 436 44.85 221.43 44.73
N GLN HA 437 44.73 222.63 45.29
CA GLN HA 437 43.89 223.68 44.75
C GLN HA 437 44.75 224.89 44.39
N ASP HA 438 44.09 225.97 44.00
CA ASP HA 438 44.76 227.21 43.61
C ASP HA 438 44.17 228.38 44.36
N GLY HA 439 44.90 229.49 44.37
CA GLY HA 439 44.42 230.68 45.06
C GLY HA 439 43.15 231.24 44.44
N SER HA 440 43.04 231.18 43.11
CA SER HA 440 41.87 231.68 42.41
C SER HA 440 40.76 230.64 42.32
N VAL HA 441 40.97 229.42 42.81
CA VAL HA 441 39.99 228.35 42.75
C VAL HA 441 39.48 228.10 44.16
N ASP HA 442 38.16 228.16 44.33
CA ASP HA 442 37.57 227.94 45.64
C ASP HA 442 37.56 226.45 45.99
N ALA HA 443 37.26 226.17 47.26
CA ALA HA 443 37.21 224.77 47.71
C ALA HA 443 36.11 224.00 47.00
N GLU HA 444 34.94 224.62 46.84
CA GLU HA 444 33.84 223.95 46.15
C GLU HA 444 34.08 223.84 44.65
N ARG HA 445 34.92 224.71 44.08
CA ARG HA 445 35.21 224.67 42.66
C ARG HA 445 36.19 223.57 42.28
N SER HA 446 36.82 222.93 43.26
CA SER HA 446 37.78 221.86 42.99
C SER HA 446 37.02 220.57 42.72
N ILE HA 447 37.18 220.03 41.50
CA ILE HA 447 36.51 218.79 41.14
C ILE HA 447 37.05 217.63 41.95
N VAL HA 448 38.37 217.62 42.21
CA VAL HA 448 38.98 216.53 42.96
C VAL HA 448 38.43 216.50 44.38
N THR HA 449 38.30 217.67 45.02
CA THR HA 449 37.77 217.71 46.38
C THR HA 449 36.33 217.21 46.43
N ASP HA 450 35.51 217.63 45.46
CA ASP HA 450 34.13 217.17 45.43
C ASP HA 450 34.04 215.67 45.21
N LEU HA 451 34.89 215.14 44.31
CA LEU HA 451 34.90 213.69 44.08
C LEU HA 451 35.33 212.92 45.32
N VAL HA 452 36.34 213.43 46.02
CA VAL HA 452 36.79 212.78 47.25
C VAL HA 452 35.69 212.81 48.31
N SER HA 453 35.01 213.94 48.45
CA SER HA 453 33.92 214.04 49.41
C SER HA 453 32.78 213.08 49.07
N GLN HA 454 32.44 212.97 47.78
CA GLN HA 454 31.39 212.06 47.37
C GLN HA 454 31.78 210.61 47.62
N MET HA 455 33.03 210.25 47.31
CA MET HA 455 33.48 208.87 47.51
C MET HA 455 33.76 208.57 48.97
N ASP HA 456 34.25 209.55 49.74
CA ASP HA 456 34.59 209.37 51.14
C ASP HA 456 33.92 210.46 51.96
N PRO HA 457 32.62 210.31 52.24
CA PRO HA 457 31.93 211.32 53.07
C PRO HA 457 32.53 211.49 54.45
N HIS HA 458 33.03 210.41 55.06
CA HIS HA 458 33.62 210.52 56.38
C HIS HA 458 34.96 211.23 56.34
N GLY HA 459 35.80 210.88 55.37
CA GLY HA 459 37.12 211.50 55.25
C GLY HA 459 38.04 211.22 56.40
N ARG HA 460 38.00 210.00 56.94
CA ARG HA 460 38.86 209.61 58.05
C ARG HA 460 40.29 209.35 57.63
N ARG HA 461 40.55 209.14 56.34
CA ARG HA 461 41.89 208.89 55.84
C ARG HA 461 42.40 209.96 54.89
N THR HA 462 41.57 210.90 54.47
CA THR HA 462 41.96 211.97 53.58
C THR HA 462 42.17 213.26 54.37
N ILE HA 463 43.32 213.89 54.17
CA ILE HA 463 43.69 215.12 54.86
C ILE HA 463 43.78 216.24 53.83
N PHE HA 464 43.03 217.31 54.06
CA PHE HA 464 43.01 218.45 53.14
C PHE HA 464 44.23 219.33 53.38
N VAL HA 465 44.90 219.71 52.29
CA VAL HA 465 46.06 220.59 52.33
C VAL HA 465 45.76 221.82 51.49
N LEU HA 466 45.94 223.00 52.07
CA LEU HA 466 45.67 224.25 51.40
C LEU HA 466 46.98 224.84 50.89
N THR HA 467 47.04 225.14 49.60
CA THR HA 467 48.23 225.67 48.96
C THR HA 467 47.93 227.05 48.36
N LYS HA 468 48.99 227.86 48.24
CA LYS HA 468 48.89 229.21 47.69
C LYS HA 468 47.88 230.06 48.47
N VAL HA 469 48.10 230.14 49.78
CA VAL HA 469 47.22 230.93 50.65
C VAL HA 469 47.34 232.41 50.33
N ASP HA 470 48.56 232.89 50.04
CA ASP HA 470 48.75 234.31 49.77
C ASP HA 470 48.00 234.74 48.51
N LEU HA 471 48.03 233.91 47.47
CA LEU HA 471 47.32 234.26 46.23
C LEU HA 471 45.82 234.36 46.47
N ALA HA 472 45.26 233.42 47.24
CA ALA HA 472 43.84 233.49 47.56
C ALA HA 472 43.51 234.72 48.39
N GLU HA 473 44.37 235.04 49.36
CA GLU HA 473 44.14 236.20 50.21
C GLU HA 473 44.19 237.50 49.40
N LYS HA 474 45.13 237.60 48.47
CA LYS HA 474 45.25 238.82 47.66
C LYS HA 474 44.08 239.01 46.71
N ASN HA 475 43.28 237.98 46.46
CA ASN HA 475 42.14 238.08 45.57
C ASN HA 475 40.87 238.46 46.33
N VAL HA 476 40.95 239.56 47.08
CA VAL HA 476 39.90 240.13 47.92
C VAL HA 476 38.98 239.05 48.50
N ALA HA 477 39.56 237.97 49.00
CA ALA HA 477 38.77 236.89 49.59
C ALA HA 477 38.33 237.26 51.01
N SER HA 478 37.31 236.54 51.48
CA SER HA 478 36.80 236.77 52.83
C SER HA 478 37.63 235.98 53.83
N PRO HA 479 38.22 236.63 54.84
CA PRO HA 479 39.00 235.88 55.83
C PRO HA 479 38.18 234.88 56.63
N SER HA 480 36.87 235.08 56.75
CA SER HA 480 36.03 234.14 57.47
C SER HA 480 36.02 232.77 56.81
N ARG HA 481 35.95 232.74 55.48
CA ARG HA 481 35.98 231.48 54.75
C ARG HA 481 37.31 230.76 54.95
N ILE HA 482 38.41 231.50 54.91
CA ILE HA 482 39.73 230.89 55.11
C ILE HA 482 39.83 230.34 56.54
N GLN HA 483 39.34 231.09 57.52
CA GLN HA 483 39.38 230.62 58.90
C GLN HA 483 38.54 229.37 59.08
N GLN HA 484 37.36 229.32 58.46
CA GLN HA 484 36.51 228.14 58.56
C GLN HA 484 37.16 226.93 57.89
N ILE HA 485 37.80 227.15 56.74
CA ILE HA 485 38.47 226.05 56.05
C ILE HA 485 39.63 225.52 56.89
N ILE HA 486 40.43 226.42 57.46
CA ILE HA 486 41.56 226.00 58.29
C ILE HA 486 41.07 225.29 59.54
N GLU HA 487 40.05 225.85 60.21
CA GLU HA 487 39.51 225.24 61.42
C GLU HA 487 38.70 223.98 61.11
N GLY HA 488 38.13 223.88 59.91
CA GLY HA 488 37.38 222.70 59.54
C GLY HA 488 35.90 222.79 59.88
N LYS HA 489 35.32 223.99 59.71
CA LYS HA 489 33.91 224.22 59.98
C LYS HA 489 33.07 224.24 58.71
N LEU HA 490 33.65 223.90 57.57
CA LEU HA 490 32.94 223.91 56.29
C LEU HA 490 32.95 222.55 55.60
N PHE HA 491 34.05 221.81 55.67
CA PHE HA 491 34.14 220.52 55.02
C PHE HA 491 33.36 219.48 55.81
N PRO HA 492 32.38 218.80 55.21
CA PRO HA 492 31.63 217.77 55.96
C PRO HA 492 32.49 216.62 56.44
N MET HA 493 33.54 216.28 55.71
CA MET HA 493 34.41 215.16 56.09
C MET HA 493 35.18 215.49 57.36
N LYS HA 494 35.41 214.47 58.17
CA LYS HA 494 36.14 214.61 59.44
C LYS HA 494 37.60 214.23 59.20
N ALA HA 495 38.35 215.16 58.62
CA ALA HA 495 39.76 214.93 58.34
C ALA HA 495 40.56 214.95 59.64
N LEU HA 496 41.73 214.30 59.61
CA LEU HA 496 42.60 214.25 60.77
C LEU HA 496 43.20 215.61 61.10
N GLY HA 497 43.23 216.53 60.15
CA GLY HA 497 43.76 217.85 60.41
C GLY HA 497 43.70 218.70 59.15
N TYR HA 498 44.02 219.98 59.32
CA TYR HA 498 44.01 220.94 58.22
C TYR HA 498 45.22 221.86 58.38
N PHE HA 499 46.03 221.96 57.33
CA PHE HA 499 47.21 222.81 57.34
C PHE HA 499 47.22 223.68 56.09
N ALA HA 500 47.61 224.94 56.26
CA ALA HA 500 47.67 225.90 55.17
C ALA HA 500 49.12 226.27 54.93
N VAL HA 501 49.57 226.11 53.68
CA VAL HA 501 50.94 226.40 53.29
C VAL HA 501 50.92 227.25 52.02
N VAL HA 502 52.05 227.91 51.77
CA VAL HA 502 52.22 228.75 50.59
C VAL HA 502 53.31 228.12 49.72
N THR HA 503 52.98 227.87 48.46
CA THR HA 503 53.89 227.26 47.50
C THR HA 503 54.29 228.26 46.41
N GLY HA 504 54.45 229.52 46.78
CA GLY HA 504 54.83 230.54 45.82
C GLY HA 504 53.66 231.05 45.01
N LYS HA 505 53.98 231.90 44.04
CA LYS HA 505 52.97 232.48 43.16
C LYS HA 505 52.60 231.57 41.99
N GLY HA 506 53.26 230.42 41.86
CA GLY HA 506 52.96 229.51 40.77
C GLY HA 506 53.55 229.87 39.43
N ASN HA 507 54.43 230.86 39.38
CA ASN HA 507 55.04 231.29 38.13
C ASN HA 507 56.20 230.36 37.79
N SER HA 508 56.91 230.67 36.71
CA SER HA 508 58.05 229.88 36.25
C SER HA 508 59.35 230.69 36.30
N SER HA 509 59.45 231.63 37.24
CA SER HA 509 60.65 232.45 37.37
C SER HA 509 61.11 232.56 38.82
N GLU HA 510 60.61 231.73 39.71
CA GLU HA 510 60.98 231.75 41.13
C GLU HA 510 61.70 230.45 41.46
N SER HA 511 62.88 230.55 42.04
CA SER HA 511 63.65 229.37 42.40
C SER HA 511 63.03 228.69 43.62
N ILE HA 512 63.43 227.43 43.85
CA ILE HA 512 62.91 226.67 44.98
C ILE HA 512 63.32 227.32 46.29
N GLU HA 513 64.58 227.77 46.38
CA GLU HA 513 65.05 228.40 47.60
C GLU HA 513 64.29 229.70 47.88
N ALA HA 514 64.03 230.50 46.84
CA ALA HA 514 63.28 231.73 47.03
C ALA HA 514 61.86 231.46 47.51
N ILE HA 515 61.20 230.46 46.94
CA ILE HA 515 59.85 230.11 47.36
C ILE HA 515 59.86 229.62 48.80
N ARG HA 516 60.84 228.79 49.17
CA ARG HA 516 60.94 228.32 50.54
C ARG HA 516 61.16 229.46 51.52
N GLU HA 517 62.03 230.41 51.16
CA GLU HA 517 62.27 231.56 52.03
C GLU HA 517 61.01 232.42 52.16
N TYR HA 518 60.28 232.62 51.06
CA TYR HA 518 59.05 233.38 51.13
C TYR HA 518 58.02 232.69 52.01
N GLU HA 519 57.91 231.36 51.90
CA GLU HA 519 56.97 230.61 52.74
C GLU HA 519 57.37 230.71 54.21
N GLU HA 520 58.66 230.61 54.51
CA GLU HA 520 59.12 230.75 55.89
C GLU HA 520 58.82 232.13 56.43
N GLU HA 521 59.05 233.18 55.63
CA GLU HA 521 58.75 234.53 56.06
C GLU HA 521 57.25 234.72 56.30
N PHE HA 522 56.42 234.15 55.43
CA PHE HA 522 54.97 234.25 55.61
C PHE HA 522 54.53 233.52 56.87
N PHE HA 523 55.10 232.35 57.13
CA PHE HA 523 54.77 231.62 58.36
C PHE HA 523 55.20 232.40 59.60
N GLN HA 524 56.38 233.00 59.56
CA GLN HA 524 56.85 233.78 60.71
C GLN HA 524 55.98 235.01 60.94
N ASN HA 525 55.61 235.71 59.87
CA ASN HA 525 54.77 236.90 59.96
C ASN HA 525 53.61 236.75 58.98
N SER HA 526 52.43 236.43 59.50
CA SER HA 526 51.24 236.24 58.68
C SER HA 526 50.15 237.21 59.12
N LYS HA 527 49.35 237.65 58.15
CA LYS HA 527 48.25 238.57 58.42
C LYS HA 527 47.08 237.90 59.13
N LEU HA 528 47.04 236.57 59.17
CA LEU HA 528 45.96 235.84 59.83
C LEU HA 528 46.35 235.31 61.20
N LEU HA 529 47.63 235.00 61.42
CA LEU HA 529 48.06 234.49 62.72
C LEU HA 529 48.00 235.57 63.78
N LYS HA 530 48.21 236.84 63.41
CA LYS HA 530 48.17 237.94 64.36
C LYS HA 530 46.76 238.29 64.82
N THR HA 531 45.73 237.76 64.16
CA THR HA 531 44.34 238.01 64.52
C THR HA 531 43.80 237.03 65.55
N SER HA 532 44.62 236.09 66.00
CA SER HA 532 44.22 235.09 66.99
C SER HA 532 42.99 234.29 66.52
N MET HA 533 42.95 233.98 65.23
CA MET HA 533 41.86 233.23 64.64
C MET HA 533 42.29 231.86 64.13
N LEU HA 534 43.56 231.50 64.26
CA LEU HA 534 44.07 230.21 63.79
C LEU HA 534 44.80 229.52 64.93
N LYS HA 535 44.68 228.19 64.95
CA LYS HA 535 45.31 227.40 65.99
C LYS HA 535 46.83 227.44 65.86
N ALA HA 536 47.50 227.49 67.01
CA ALA HA 536 48.96 227.58 67.02
C ALA HA 536 49.60 226.24 66.66
N HIS HA 537 48.93 225.13 66.91
CA HIS HA 537 49.47 223.81 66.65
C HIS HA 537 49.24 223.35 65.22
N GLN HA 538 48.56 224.14 64.39
CA GLN HA 538 48.31 223.80 63.00
C GLN HA 538 49.27 224.51 62.05
N VAL HA 539 50.52 224.70 62.46
CA VAL HA 539 51.51 225.38 61.63
C VAL HA 539 52.54 224.38 61.15
N THR HA 540 53.40 224.81 60.23
CA THR HA 540 54.45 223.98 59.63
C THR HA 540 53.88 222.70 59.01
N THR HA 541 54.76 221.74 58.71
CA THR HA 541 54.34 220.49 58.10
C THR HA 541 54.98 219.26 58.73
N ARG HA 542 55.82 219.41 59.75
CA ARG HA 542 56.53 218.27 60.31
C ARG HA 542 55.57 217.28 60.95
N ASN HA 543 54.66 217.77 61.78
CA ASN HA 543 53.71 216.88 62.46
C ASN HA 543 52.78 216.20 61.46
N LEU HA 544 52.29 216.95 60.47
CA LEU HA 544 51.43 216.36 59.45
C LEU HA 544 52.16 215.30 58.66
N SER HA 545 53.41 215.57 58.27
CA SER HA 545 54.18 214.59 57.53
C SER HA 545 54.43 213.33 58.35
N LEU HA 546 54.76 213.50 59.64
CA LEU HA 546 54.98 212.34 60.50
C LEU HA 546 53.70 211.51 60.65
N ALA HA 547 52.56 212.18 60.84
CA ALA HA 547 51.30 211.45 60.98
C ALA HA 547 50.96 210.71 59.69
N VAL HA 548 51.14 211.36 58.54
CA VAL HA 548 50.86 210.72 57.27
C VAL HA 548 51.76 209.52 57.06
N SER HA 549 53.05 209.66 57.38
CA SER HA 549 53.99 208.55 57.23
C SER HA 549 53.62 207.39 58.13
N ASP HA 550 53.24 207.68 59.39
CA ASP HA 550 52.86 206.61 60.30
C ASP HA 550 51.60 205.90 59.83
N CYS HA 551 50.60 206.66 59.37
CA CYS HA 551 49.37 206.06 58.87
C CYS HA 551 49.64 205.20 57.64
N PHE HA 552 50.47 205.69 56.72
CA PHE HA 552 50.81 204.92 55.53
C PHE HA 552 51.55 203.64 55.89
N TRP HA 553 52.49 203.72 56.85
CA TRP HA 553 53.23 202.54 57.25
C TRP HA 553 52.31 201.50 57.90
N LYS HA 554 51.42 201.94 58.79
CA LYS HA 554 50.54 200.97 59.44
C LYS HA 554 49.55 200.35 58.44
N MET HA 555 49.03 201.16 57.52
CA MET HA 555 48.07 200.62 56.55
C MET HA 555 48.76 199.68 55.57
N VAL HA 556 49.99 199.98 55.16
CA VAL HA 556 50.70 199.09 54.25
C VAL HA 556 51.12 197.81 54.98
N ARG HA 557 51.43 197.91 56.27
CA ARG HA 557 51.73 196.70 57.05
C ARG HA 557 50.50 195.80 57.14
N GLU HA 558 49.33 196.38 57.43
CA GLU HA 558 48.11 195.59 57.46
C GLU HA 558 47.81 194.98 56.09
N SER HA 559 47.99 195.77 55.03
CA SER HA 559 47.71 195.27 53.68
C SER HA 559 48.63 194.12 53.31
N VAL HA 560 49.93 194.23 53.63
CA VAL HA 560 50.84 193.15 53.29
C VAL HA 560 50.59 191.93 54.17
N GLU HA 561 50.18 192.13 55.43
CA GLU HA 561 49.82 190.99 56.27
C GLU HA 561 48.63 190.24 55.70
N GLN HA 562 47.63 190.97 55.22
CA GLN HA 562 46.49 190.31 54.58
C GLN HA 562 46.88 189.65 53.27
N GLN HA 563 47.72 190.30 52.48
CA GLN HA 563 48.08 189.78 51.16
C GLN HA 563 48.99 188.56 51.27
N ALA HA 564 49.76 188.43 52.35
CA ALA HA 564 50.60 187.24 52.51
C ALA HA 564 49.79 185.95 52.44
N ASP HA 565 48.52 186.00 52.85
CA ASP HA 565 47.63 184.87 52.68
C ASP HA 565 46.69 185.01 51.49
N SER HA 566 46.32 186.24 51.13
CA SER HA 566 45.43 186.43 49.98
C SER HA 566 46.07 185.94 48.69
N PHE HA 567 47.35 186.28 48.47
CA PHE HA 567 48.03 185.85 47.25
C PHE HA 567 48.26 184.35 47.23
N LYS HA 568 48.54 183.75 48.39
CA LYS HA 568 48.67 182.30 48.46
C LYS HA 568 47.34 181.63 48.10
N ALA HA 569 46.24 182.16 48.63
CA ALA HA 569 44.93 181.61 48.28
C ALA HA 569 44.63 181.77 46.80
N THR HA 570 44.97 182.93 46.24
CA THR HA 570 44.75 183.16 44.81
C THR HA 570 45.57 182.19 43.96
N ARG HA 571 46.83 181.97 44.33
CA ARG HA 571 47.67 181.03 43.59
C ARG HA 571 47.11 179.61 43.68
N PHE HA 572 46.67 179.21 44.88
CA PHE HA 572 46.08 177.89 45.04
C PHE HA 572 44.83 177.73 44.20
N ASN HA 573 43.98 178.76 44.18
CA ASN HA 573 42.76 178.70 43.36
C ASN HA 573 43.09 178.62 41.88
N LEU HA 574 44.08 179.40 41.43
CA LEU HA 574 44.47 179.35 40.02
C LEU HA 574 45.03 177.97 39.65
N GLU HA 575 45.86 177.39 40.53
CA GLU HA 575 46.38 176.05 40.26
C GLU HA 575 45.27 175.02 40.21
N THR HA 576 44.31 175.11 41.13
CA THR HA 576 43.18 174.18 41.13
C THR HA 576 42.35 174.35 39.86
N GLU HA 577 42.12 175.57 39.42
CA GLU HA 577 41.37 175.81 38.19
C GLU HA 577 42.09 175.23 36.99
N TRP HA 578 43.41 175.43 36.92
CA TRP HA 578 44.18 174.89 35.80
C TRP HA 578 44.15 173.38 35.79
N LYS HA 579 44.29 172.75 36.97
CA LYS HA 579 44.24 171.30 37.05
C LYS HA 579 42.86 170.76 36.67
N ASN HA 580 41.80 171.44 37.12
CA ASN HA 580 40.45 170.96 36.85
C ASN HA 580 40.08 171.10 35.37
N ASN HA 581 40.43 172.24 34.76
CA ASN HA 581 40.13 172.45 33.36
C ASN HA 581 40.92 171.49 32.47
N TYR HA 582 42.13 171.13 32.87
CA TYR HA 582 43.01 170.24 32.11
C TYR HA 582 43.50 169.12 33.01
N PRO HA 583 42.65 168.13 33.29
CA PRO HA 583 43.08 167.01 34.14
C PRO HA 583 44.24 166.23 33.56
N ARG HA 584 44.32 166.12 32.23
CA ARG HA 584 45.38 165.35 31.58
C ARG HA 584 46.47 166.23 31.00
N LEU HA 585 46.41 167.54 31.20
CA LEU HA 585 47.41 168.46 30.69
C LEU HA 585 47.95 169.33 31.82
N ARG HA 586 49.27 169.41 31.91
CA ARG HA 586 49.93 170.22 32.93
C ARG HA 586 50.15 171.63 32.40
N GLU HA 587 50.94 172.42 33.13
CA GLU HA 587 51.20 173.80 32.73
C GLU HA 587 51.86 173.85 31.35
N LEU HA 588 51.33 174.72 30.49
CA LEU HA 588 51.82 174.88 29.11
C LEU HA 588 52.04 176.36 28.86
N ASP HA 589 53.26 176.83 29.15
CA ASP HA 589 53.60 178.22 28.93
C ASP HA 589 54.11 178.43 27.51
N ARG HA 590 54.58 179.65 27.22
CA ARG HA 590 55.03 179.96 25.87
C ARG HA 590 56.25 179.14 25.47
N ASN HA 591 57.21 178.98 26.38
CA ASN HA 591 58.45 178.29 26.05
C ASN HA 591 58.21 176.82 25.75
N GLU HA 592 57.47 176.13 26.65
CA GLU HA 592 57.23 174.70 26.47
C GLU HA 592 56.37 174.45 25.23
N LEU HA 593 55.36 175.28 25.01
CA LEU HA 593 54.51 175.10 23.83
C LEU HA 593 55.29 175.35 22.54
N PHE HA 594 56.15 176.38 22.53
CA PHE HA 594 56.97 176.64 21.35
C PHE HA 594 57.93 175.48 21.09
N GLU HA 595 58.54 174.94 22.15
CA GLU HA 595 59.43 173.80 21.97
C GLU HA 595 58.68 172.58 21.45
N LYS HA 596 57.47 172.34 21.97
CA LYS HA 596 56.67 171.22 21.50
C LYS HA 596 56.28 171.41 20.03
N ALA HA 597 55.93 172.64 19.63
CA ALA HA 597 55.60 172.90 18.25
C ALA HA 597 56.81 172.68 17.34
N LYS HA 598 57.99 173.13 17.79
CA LYS HA 598 59.21 172.90 17.01
C LYS HA 598 59.49 171.40 16.86
N ASN HA 599 59.33 170.65 17.95
CA ASN HA 599 59.55 169.21 17.89
C ASN HA 599 58.55 168.53 16.96
N GLU HA 600 57.29 168.96 17.00
CA GLU HA 600 56.29 168.39 16.10
C GLU HA 600 56.61 168.71 14.64
N ILE HA 601 57.07 169.94 14.37
CA ILE HA 601 57.46 170.30 13.02
C ILE HA 601 58.63 169.45 12.55
N LEU HA 602 59.62 169.24 13.44
CA LEU HA 602 60.76 168.39 13.08
C LEU HA 602 60.32 166.96 12.80
N ASP HA 603 59.41 166.42 13.62
CA ASP HA 603 58.91 165.06 13.40
C ASP HA 603 58.15 164.97 12.09
N GLU HA 604 57.35 165.98 11.77
CA GLU HA 604 56.62 165.98 10.50
C GLU HA 604 57.58 166.04 9.31
N VAL HA 605 58.64 166.84 9.42
CA VAL HA 605 59.64 166.91 8.36
C VAL HA 605 60.34 165.56 8.20
N ILE HA 606 60.67 164.92 9.32
CA ILE HA 606 61.31 163.62 9.28
C ILE HA 606 60.40 162.60 8.60
N SER HA 607 59.12 162.59 8.96
CA SER HA 607 58.17 161.66 8.35
C SER HA 607 58.03 161.94 6.86
N LEU HA 608 57.99 163.21 6.47
CA LEU HA 608 57.93 163.57 5.05
C LEU HA 608 59.15 163.06 4.30
N SER HA 609 60.34 163.21 4.90
CA SER HA 609 61.56 162.74 4.25
C SER HA 609 61.64 161.22 4.22
N GLN HA 610 60.95 160.54 5.14
CA GLN HA 610 61.01 159.09 5.24
C GLN HA 610 60.01 158.38 4.35
N VAL HA 611 59.16 159.10 3.63
CA VAL HA 611 58.20 158.47 2.74
C VAL HA 611 58.94 157.81 1.58
N THR HA 612 58.48 156.63 1.18
CA THR HA 612 59.10 155.88 0.09
C THR HA 612 59.04 156.69 -1.21
N PRO HA 613 60.14 156.86 -1.92
CA PRO HA 613 60.11 157.64 -3.17
C PRO HA 613 59.20 157.05 -4.23
N LYS HA 614 58.97 155.73 -4.21
CA LYS HA 614 58.13 155.11 -5.23
C LYS HA 614 56.70 155.63 -5.17
N HIS HA 615 56.16 155.80 -3.96
CA HIS HA 615 54.81 156.35 -3.81
C HIS HA 615 54.75 157.78 -4.34
N TRP HA 616 55.78 158.58 -4.06
CA TRP HA 616 55.85 159.94 -4.58
C TRP HA 616 55.85 159.94 -6.10
N GLU HA 617 56.66 159.06 -6.70
CA GLU HA 617 56.73 158.99 -8.16
C GLU HA 617 55.39 158.60 -8.75
N GLU HA 618 54.72 157.61 -8.15
CA GLU HA 618 53.42 157.18 -8.66
C GLU HA 618 52.39 158.29 -8.54
N ILE HA 619 52.35 158.97 -7.40
CA ILE HA 619 51.38 160.05 -7.20
C ILE HA 619 51.63 161.19 -8.18
N LEU HA 620 52.90 161.58 -8.34
CA LEU HA 620 53.23 162.66 -9.26
C LEU HA 620 52.89 162.29 -10.70
N GLN HA 621 53.19 161.06 -11.10
CA GLN HA 621 52.88 160.63 -12.47
C GLN HA 621 51.38 160.64 -12.70
N GLN HA 622 50.60 160.10 -11.76
CA GLN HA 622 49.16 160.05 -11.91
C GLN HA 622 48.56 161.46 -11.97
N SER HA 623 49.00 162.35 -11.08
CA SER HA 623 48.48 163.70 -11.05
C SER HA 623 48.83 164.45 -12.33
N LEU HA 624 50.08 164.33 -12.79
CA LEU HA 624 50.49 165.01 -14.01
C LEU HA 624 49.74 164.49 -15.21
N TRP HA 625 49.55 163.16 -15.31
CA TRP HA 625 48.80 162.60 -16.42
C TRP HA 625 47.36 163.08 -16.42
N GLU HA 626 46.72 163.08 -15.25
CA GLU HA 626 45.34 163.57 -15.16
C GLU HA 626 45.26 165.04 -15.52
N ARG HA 627 46.30 165.81 -15.20
CA ARG HA 627 46.27 167.24 -15.48
C ARG HA 627 46.48 167.52 -16.96
N VAL HA 628 47.37 166.78 -17.62
CA VAL HA 628 47.77 167.11 -18.99
C VAL HA 628 47.07 166.23 -20.01
N SER HA 629 46.16 165.35 -19.59
CA SER HA 629 45.44 164.53 -20.56
C SER HA 629 44.64 165.40 -21.54
N THR HA 630 43.90 166.37 -21.01
CA THR HA 630 43.09 167.25 -21.87
C THR HA 630 43.99 168.08 -22.77
N HIS HA 631 45.10 168.60 -22.23
CA HIS HA 631 46.02 169.41 -23.03
C HIS HA 631 46.60 168.59 -24.17
N VAL HA 632 47.03 167.36 -23.87
CA VAL HA 632 47.59 166.50 -24.91
C VAL HA 632 46.55 166.18 -25.97
N ILE HA 633 45.32 165.88 -25.54
CA ILE HA 633 44.27 165.55 -26.49
C ILE HA 633 44.00 166.73 -27.42
N GLU HA 634 43.78 167.91 -26.84
CA GLU HA 634 43.45 169.10 -27.62
C GLU HA 634 44.61 169.64 -28.42
N ASN HA 635 45.84 169.26 -28.10
CA ASN HA 635 47.00 169.70 -28.87
C ASN HA 635 47.49 168.66 -29.86
N ILE HA 636 47.00 167.43 -29.80
CA ILE HA 636 47.45 166.40 -30.74
C ILE HA 636 46.30 165.96 -31.64
N TYR HA 637 45.21 165.48 -31.06
CA TYR HA 637 44.14 164.91 -31.87
C TYR HA 637 43.33 165.98 -32.58
N LEU HA 638 43.17 167.16 -31.96
CA LEU HA 638 42.39 168.22 -32.60
C LEU HA 638 43.00 168.68 -33.92
N PRO HA 639 44.31 168.95 -34.03
CA PRO HA 639 44.85 169.28 -35.36
C PRO HA 639 44.91 168.08 -36.28
N ALA HA 640 45.35 166.93 -35.77
CA ALA HA 640 45.48 165.71 -36.58
C ALA HA 640 44.22 164.85 -36.44
N ALA HA 641 43.07 165.44 -36.82
CA ALA HA 641 41.79 164.77 -36.70
C ALA HA 641 41.41 163.99 -37.96
N GLN HA 642 42.18 164.10 -39.05
CA GLN HA 642 41.86 163.42 -40.29
C GLN HA 642 43.04 162.66 -40.86
N THR HA 643 44.05 162.37 -40.04
CA THR HA 643 45.21 161.62 -40.51
C THR HA 643 44.81 160.17 -40.78
N MET HA 644 45.33 159.62 -41.89
CA MET HA 644 45.07 158.24 -42.28
C MET HA 644 46.27 157.33 -42.02
N ASN HA 645 47.46 157.74 -42.42
CA ASN HA 645 48.65 156.94 -42.19
C ASN HA 645 49.13 157.09 -40.76
N SER HA 646 49.51 155.95 -40.15
CA SER HA 646 49.99 155.97 -38.77
C SER HA 646 51.33 156.68 -38.67
N GLY HA 647 52.16 156.61 -39.72
CA GLY HA 647 53.46 157.27 -39.67
C GLY HA 647 53.35 158.78 -39.57
N THR HA 648 52.43 159.37 -40.33
CA THR HA 648 52.23 160.81 -40.25
C THR HA 648 51.73 161.22 -38.87
N PHE HA 649 50.81 160.44 -38.30
CA PHE HA 649 50.31 160.72 -36.96
C PHE HA 649 51.43 160.64 -35.93
N ASN HA 650 52.29 159.62 -36.04
CA ASN HA 650 53.41 159.50 -35.11
C ASN HA 650 54.38 160.66 -35.25
N THR HA 651 54.65 161.07 -36.50
CA THR HA 651 55.54 162.22 -36.71
C THR HA 651 54.96 163.49 -36.12
N THR HA 652 53.65 163.70 -36.30
CA THR HA 652 53.00 164.88 -35.72
C THR HA 652 53.06 164.83 -34.19
N VAL HA 653 52.85 163.65 -33.61
CA VAL HA 653 52.93 163.49 -32.16
C VAL HA 653 54.32 163.83 -31.67
N ASP HA 654 55.35 163.32 -32.36
CA ASP HA 654 56.72 163.62 -31.96
C ASP HA 654 57.03 165.10 -32.07
N ILE HA 655 56.56 165.75 -33.14
CA ILE HA 655 56.79 167.18 -33.31
C ILE HA 655 56.14 167.96 -32.18
N LYS HA 656 54.89 167.62 -31.86
CA LYS HA 656 54.17 168.32 -30.79
C LYS HA 656 54.86 168.10 -29.44
N LEU HA 657 55.30 166.87 -29.18
CA LEU HA 657 55.99 166.59 -27.92
C LEU HA 657 57.29 167.37 -27.81
N LYS HA 658 58.06 167.42 -28.89
CA LYS HA 658 59.31 168.18 -28.87
C LYS HA 658 59.04 169.67 -28.67
N GLN HA 659 58.02 170.21 -29.34
CA GLN HA 659 57.69 171.62 -29.17
C GLN HA 659 57.26 171.91 -27.73
N TRP HA 660 56.45 171.02 -27.14
CA TRP HA 660 56.02 171.22 -25.77
C TRP HA 660 57.20 171.15 -24.80
N THR HA 661 58.11 170.19 -25.00
CA THR HA 661 59.28 170.09 -24.14
C THR HA 661 60.15 171.33 -24.25
N ASP HA 662 60.31 171.86 -25.46
CA ASP HA 662 61.14 173.04 -25.66
C ASP HA 662 60.50 174.29 -25.07
N LYS HA 663 59.18 174.42 -25.18
CA LYS HA 663 58.54 175.70 -24.86
C LYS HA 663 58.27 175.86 -23.36
N GLN HA 664 57.40 175.02 -22.79
CA GLN HA 664 56.95 175.26 -21.42
C GLN HA 664 56.76 173.99 -20.58
N LEU HA 665 57.07 172.81 -21.11
CA LEU HA 665 56.82 171.59 -20.34
C LEU HA 665 57.61 171.54 -19.03
N PRO HA 666 58.91 171.86 -18.98
CA PRO HA 666 59.60 171.86 -17.68
C PRO HA 666 58.98 172.82 -16.68
N ASN HA 667 58.52 173.99 -17.13
CA ASN HA 667 57.89 174.94 -16.22
C ASN HA 667 56.59 174.38 -15.66
N LYS HA 668 55.78 173.75 -16.52
CA LYS HA 668 54.54 173.14 -16.06
C LYS HA 668 54.82 172.01 -15.07
N ALA HA 669 55.84 171.19 -15.36
CA ALA HA 669 56.19 170.11 -14.44
C ALA HA 669 56.65 170.65 -13.09
N VAL HA 670 57.46 171.71 -13.10
CA VAL HA 670 57.91 172.31 -11.85
C VAL HA 670 56.72 172.86 -11.07
N GLU HA 671 55.81 173.55 -11.76
CA GLU HA 671 54.63 174.10 -11.08
C GLU HA 671 53.78 172.99 -10.48
N VAL HA 672 53.58 171.90 -11.23
CA VAL HA 672 52.76 170.79 -10.73
C VAL HA 672 53.43 170.15 -9.51
N ALA HA 673 54.75 169.96 -9.57
CA ALA HA 673 55.46 169.37 -8.43
C ALA HA 673 55.37 170.28 -7.20
N TRP HA 674 55.53 171.59 -7.40
CA TRP HA 674 55.44 172.51 -6.27
C TRP HA 674 54.03 172.53 -5.69
N GLU HA 675 53.00 172.49 -6.54
CA GLU HA 675 51.63 172.45 -6.05
C GLU HA 675 51.35 171.17 -5.27
N THR HA 676 51.85 170.04 -5.76
CA THR HA 676 51.67 168.78 -5.04
C THR HA 676 52.38 168.80 -3.70
N LEU HA 677 53.60 169.36 -3.66
CA LEU HA 677 54.32 169.48 -2.39
C LEU HA 677 53.57 170.38 -1.42
N GLN HA 678 53.02 171.49 -1.91
CA GLN HA 678 52.23 172.37 -1.05
C GLN HA 678 51.00 171.66 -0.52
N GLU HA 679 50.31 170.89 -1.37
CA GLU HA 679 49.13 170.16 -0.93
C GLU HA 679 49.48 169.13 0.13
N GLU HA 680 50.59 168.40 -0.07
CA GLU HA 680 51.01 167.41 0.93
C GLU HA 680 51.37 168.09 2.25
N PHE HA 681 52.08 169.22 2.18
CA PHE HA 681 52.45 169.94 3.39
C PHE HA 681 51.21 170.45 4.12
N SER HA 682 50.24 170.98 3.38
CA SER HA 682 49.01 171.47 4.00
C SER HA 682 48.22 170.33 4.65
N ARG HA 683 48.15 169.18 3.97
CA ARG HA 683 47.43 168.05 4.54
C ARG HA 683 48.11 167.54 5.80
N PHE HA 684 49.45 167.51 5.80
CA PHE HA 684 50.18 167.09 7.00
C PHE HA 684 49.99 168.08 8.13
N MET HA 685 50.00 169.38 7.84
CA MET HA 685 49.80 170.38 8.87
C MET HA 685 48.40 170.31 9.45
N THR HA 686 47.39 170.11 8.61
CA THR HA 686 45.99 170.02 9.03
C THR HA 686 45.55 168.56 8.84
N GLU HA 687 45.78 167.75 9.87
CA GLU HA 687 45.45 166.33 9.86
C GLU HA 687 44.59 166.03 11.08
N PRO HA 688 43.28 166.25 10.99
CA PRO HA 688 42.39 166.08 12.16
C PRO HA 688 42.07 164.61 12.45
N LYS HA 689 43.12 163.80 12.54
CA LYS HA 689 42.93 162.40 12.94
C LYS HA 689 42.43 162.30 14.38
N GLY HA 690 42.96 163.14 15.26
CA GLY HA 690 42.50 163.12 16.63
C GLY HA 690 41.09 163.67 16.78
N LYS HA 691 40.41 163.20 17.82
CA LYS HA 691 39.03 163.61 18.05
C LYS HA 691 38.93 165.06 18.53
N GLU HA 692 40.01 165.62 19.09
CA GLU HA 692 39.97 166.99 19.58
C GLU HA 692 40.42 167.97 18.51
N HIS HA 693 41.66 167.81 18.03
CA HIS HA 693 42.24 168.65 17.00
C HIS HA 693 42.08 170.14 17.34
N ASP HA 694 42.73 170.52 18.44
CA ASP HA 694 42.70 171.90 18.91
C ASP HA 694 43.22 172.85 17.82
N ASP HA 695 42.47 173.93 17.59
CA ASP HA 695 42.81 174.88 16.54
C ASP HA 695 43.90 175.87 16.94
N ILE HA 696 44.24 175.95 18.23
CA ILE HA 696 45.29 176.87 18.67
C ILE HA 696 46.62 176.50 18.03
N PHE HA 697 46.95 175.22 18.02
CA PHE HA 697 48.17 174.78 17.34
C PHE HA 697 47.99 174.80 15.83
N ASP HA 698 46.77 174.57 15.36
CA ASP HA 698 46.52 174.54 13.91
C ASP HA 698 46.77 175.90 13.27
N LYS HA 699 46.35 176.98 13.94
CA LYS HA 699 46.59 178.31 13.40
C LYS HA 699 48.09 178.61 13.29
N LEU HA 700 48.86 178.25 14.31
CA LEU HA 700 50.30 178.45 14.26
C LEU HA 700 50.93 177.61 13.16
N LYS HA 701 50.47 176.36 13.00
CA LYS HA 701 51.00 175.51 11.94
C LYS HA 701 50.71 176.09 10.57
N GLU HA 702 49.49 176.61 10.37
CA GLU HA 702 49.14 177.23 9.09
C GLU HA 702 49.97 178.47 8.84
N ALA HA 703 50.19 179.29 9.87
CA ALA HA 703 51.01 180.48 9.71
C ALA HA 703 52.44 180.11 9.33
N VAL HA 704 53.00 179.09 9.99
CA VAL HA 704 54.36 178.65 9.67
C VAL HA 704 54.42 178.10 8.26
N LYS HA 705 53.39 177.35 7.84
CA LYS HA 705 53.36 176.83 6.48
C LYS HA 705 53.32 177.94 5.45
N GLU HA 706 52.49 178.96 5.70
CA GLU HA 706 52.42 180.10 4.79
C GLU HA 706 53.74 180.85 4.71
N GLU HA 707 54.40 181.05 5.87
CA GLU HA 707 55.68 181.72 5.88
C GLU HA 707 56.73 180.92 5.12
N SER HA 708 56.75 179.60 5.30
CA SER HA 708 57.70 178.76 4.58
C SER HA 708 57.43 178.78 3.07
N ILE HA 709 56.15 178.76 2.69
CA ILE HA 709 55.81 178.80 1.27
C ILE HA 709 56.25 180.12 0.65
N LYS HA 710 56.01 181.23 1.35
CA LYS HA 710 56.41 182.53 0.83
C LYS HA 710 57.92 182.69 0.79
N ARG HA 711 58.63 182.09 1.75
CA ARG HA 711 60.08 182.20 1.82
C ARG HA 711 60.80 181.17 0.94
N HIS HA 712 60.08 180.19 0.40
CA HIS HA 712 60.71 179.15 -0.40
C HIS HA 712 61.27 179.73 -1.70
N LYS HA 713 62.41 179.20 -2.11
CA LYS HA 713 63.10 179.64 -3.32
C LYS HA 713 63.36 178.45 -4.24
N TRP HA 714 63.56 178.74 -5.52
CA TRP HA 714 63.83 177.73 -6.52
C TRP HA 714 65.10 178.06 -7.28
N ASN HA 715 65.77 177.02 -7.78
CA ASN HA 715 67.04 177.16 -8.48
C ASN HA 715 66.82 176.90 -9.97
N ASP HA 716 67.32 177.82 -10.80
CA ASP HA 716 67.18 177.67 -12.25
C ASP HA 716 68.04 176.54 -12.78
N PHE HA 717 69.12 176.19 -12.07
CA PHE HA 717 69.93 175.04 -12.49
C PHE HA 717 69.13 173.76 -12.43
N ALA HA 718 68.28 173.61 -11.41
CA ALA HA 718 67.40 172.46 -11.34
C ALA HA 718 66.43 172.42 -12.52
N GLU HA 719 65.90 173.59 -12.90
CA GLU HA 719 65.00 173.65 -14.06
C GLU HA 719 65.73 173.25 -15.34
N ASP HA 720 66.96 173.72 -15.51
CA ASP HA 720 67.74 173.36 -16.70
C ASP HA 720 68.03 171.86 -16.73
N SER HA 721 68.40 171.29 -15.58
CA SER HA 721 68.64 169.86 -15.50
C SER HA 721 67.38 169.07 -15.82
N LEU HA 722 66.23 169.52 -15.29
CA LEU HA 722 64.97 168.86 -15.59
C LEU HA 722 64.65 168.92 -17.08
N ARG HA 723 64.87 170.07 -17.71
CA ARG HA 723 64.63 170.19 -19.14
C ARG HA 723 65.54 169.26 -19.93
N VAL HA 724 66.82 169.19 -19.55
CA VAL HA 724 67.76 168.32 -20.26
C VAL HA 724 67.35 166.86 -20.11
N ILE HA 725 66.97 166.46 -18.90
CA ILE HA 725 66.59 165.06 -18.67
C ILE HA 725 65.29 164.73 -19.40
N GLN HA 726 64.34 165.67 -19.43
CA GLN HA 726 63.10 165.44 -20.17
C GLN HA 726 63.37 165.28 -21.65
N HIS HA 727 64.27 166.10 -22.21
CA HIS HA 727 64.63 165.95 -23.62
C HIS HA 727 65.34 164.62 -23.88
N ASN HA 728 66.21 164.20 -22.96
CA ASN HA 728 66.97 162.97 -23.16
C ASN HA 728 66.14 161.72 -22.91
N ALA HA 729 65.00 161.85 -22.22
CA ALA HA 729 64.18 160.69 -21.90
C ALA HA 729 63.41 160.19 -23.11
N LEU HA 730 64.13 159.64 -24.09
CA LEU HA 730 63.54 159.05 -25.28
C LEU HA 730 64.18 157.69 -25.55
N GLU HA 731 64.29 156.87 -24.51
CA GLU HA 731 65.03 155.62 -24.56
C GLU HA 731 64.23 154.50 -25.23
N ASP HA 732 63.09 154.14 -24.64
CA ASP HA 732 62.31 153.01 -25.12
C ASP HA 732 61.18 153.49 -26.02
N ARG HA 733 60.96 152.77 -27.12
CA ARG HA 733 59.93 153.12 -28.08
C ARG HA 733 59.06 151.95 -28.53
N SER HA 734 59.31 150.73 -28.05
CA SER HA 734 58.53 149.58 -28.46
C SER HA 734 58.34 148.65 -27.27
N ILE HA 735 57.30 147.83 -27.34
CA ILE HA 735 56.97 146.86 -26.30
C ILE HA 735 57.32 145.46 -26.80
N SER HA 736 58.15 144.75 -26.04
CA SER HA 736 58.53 143.38 -26.35
C SER HA 736 58.03 142.39 -25.31
N ASP HA 737 57.13 142.82 -24.42
CA ASP HA 737 56.61 141.98 -23.36
C ASP HA 737 55.11 141.89 -23.49
N LYS HA 738 54.59 140.65 -23.40
CA LYS HA 738 53.14 140.46 -23.45
C LYS HA 738 52.45 141.10 -22.25
N GLN HA 739 53.05 140.96 -21.06
CA GLN HA 739 52.47 141.54 -19.86
C GLN HA 739 52.45 143.06 -19.92
N GLN HA 740 53.53 143.67 -20.40
CA GLN HA 740 53.56 145.11 -20.56
C GLN HA 740 52.54 145.57 -21.61
N TRP HA 741 52.39 144.80 -22.69
CA TRP HA 741 51.38 145.11 -23.69
C TRP HA 741 49.98 145.07 -23.10
N ASP HA 742 49.69 144.05 -22.29
CA ASP HA 742 48.38 143.96 -21.65
C ASP HA 742 48.15 145.09 -20.67
N ALA HA 743 49.19 145.47 -19.92
CA ALA HA 743 49.06 146.59 -18.99
C ALA HA 743 48.79 147.90 -19.73
N ALA HA 744 49.49 148.12 -20.85
CA ALA HA 744 49.23 149.31 -21.65
C ALA HA 744 47.83 149.29 -22.24
N ILE HA 745 47.36 148.12 -22.67
CA ILE HA 745 46.00 147.99 -23.19
C ILE HA 745 44.99 148.35 -22.10
N TYR HA 746 45.20 147.84 -20.88
CA TYR HA 746 44.26 148.13 -19.80
C TYR HA 746 44.27 149.62 -19.44
N PHE HA 747 45.46 150.24 -19.40
CA PHE HA 747 45.51 151.67 -19.10
C PHE HA 747 44.83 152.49 -20.18
N MET HA 748 45.06 152.14 -21.45
CA MET HA 748 44.40 152.85 -22.55
C MET HA 748 42.89 152.65 -22.49
N GLU HA 749 42.45 151.44 -22.16
CA GLU HA 749 41.02 151.18 -22.03
C GLU HA 749 40.41 152.01 -20.91
N GLU HA 750 41.10 152.11 -19.78
CA GLU HA 750 40.61 152.94 -18.68
C GLU HA 750 40.50 154.41 -19.10
N ALA HA 751 41.53 154.92 -19.78
CA ALA HA 751 41.50 156.31 -20.22
C ALA HA 751 40.38 156.55 -21.22
N LEU HA 752 40.18 155.63 -22.17
CA LEU HA 752 39.14 155.78 -23.16
C LEU HA 752 37.75 155.66 -22.53
N GLN HA 753 37.60 154.80 -21.53
CA GLN HA 753 36.33 154.71 -20.81
C GLN HA 753 36.03 155.99 -20.06
N ALA HA 754 37.06 156.59 -19.43
CA ALA HA 754 36.86 157.87 -18.76
C ALA HA 754 36.46 158.95 -19.76
N ARG HA 755 37.11 158.98 -20.92
CA ARG HA 755 36.75 159.95 -21.96
C ARG HA 755 35.33 159.73 -22.45
N LEU HA 756 34.94 158.46 -22.63
CA LEU HA 756 33.58 158.15 -23.06
C LEU HA 756 32.56 158.58 -22.03
N LYS HA 757 32.85 158.38 -20.74
CA LYS HA 757 31.94 158.83 -19.69
C LYS HA 757 31.82 160.35 -19.69
N ASP HA 758 32.95 161.06 -19.87
CA ASP HA 758 32.89 162.51 -19.94
C ASP HA 758 32.05 162.97 -21.13
N THR HA 759 32.23 162.33 -22.28
CA THR HA 759 31.45 162.69 -23.47
C THR HA 759 29.97 162.39 -23.26
N GLU HA 760 29.64 161.27 -22.61
CA GLU HA 760 28.25 160.96 -22.31
C GLU HA 760 27.64 161.99 -21.37
N ASN HA 761 28.40 162.42 -20.36
CA ASN HA 761 27.90 163.45 -19.46
C ASN HA 761 27.66 164.76 -20.20
N ALA HA 762 28.58 165.14 -21.09
CA ALA HA 762 28.40 166.36 -21.87
C ALA HA 762 27.18 166.27 -22.77
N ILE HA 763 26.99 165.11 -23.41
CA ILE HA 763 25.82 164.93 -24.28
C ILE HA 763 24.54 164.99 -23.48
N GLU HA 764 24.51 164.35 -22.31
CA GLU HA 764 23.32 164.39 -21.46
C GLU HA 764 23.02 165.81 -20.99
N ASN HA 765 24.06 166.58 -20.65
CA ASN HA 765 23.85 167.97 -20.26
C ASN HA 765 23.29 168.77 -21.44
N MET HA 766 23.81 168.53 -22.64
CA MET HA 766 23.34 169.26 -23.81
C MET HA 766 21.89 168.92 -24.16
N VAL HA 767 21.51 167.64 -24.04
CA VAL HA 767 20.21 167.18 -24.50
C VAL HA 767 19.32 166.77 -23.33
N GLY HA 768 19.75 165.75 -22.59
CA GLY HA 768 18.96 165.21 -21.51
C GLY HA 768 18.75 163.71 -21.62
N PRO HA 769 17.59 163.23 -21.16
CA PRO HA 769 17.31 161.79 -21.24
C PRO HA 769 17.29 161.31 -22.69
N ASP HA 770 17.82 160.11 -22.90
CA ASP HA 770 17.94 159.52 -24.22
C ASP HA 770 17.49 158.06 -24.19
N TRP HA 771 16.80 157.64 -25.25
CA TRP HA 771 16.41 156.24 -25.45
C TRP HA 771 15.54 155.79 -24.28
N LYS HA 772 15.95 154.78 -23.51
CA LYS HA 772 15.12 154.23 -22.43
C LYS HA 772 14.82 155.28 -21.37
N LYS HA 773 15.81 156.11 -21.04
CA LYS HA 773 15.59 157.15 -20.05
C LYS HA 773 14.54 158.15 -20.52
N ARG HA 774 14.58 158.53 -21.80
CA ARG HA 774 13.61 159.49 -22.32
C ARG HA 774 12.22 158.88 -22.43
N TRP HA 775 12.13 157.65 -22.91
CA TRP HA 775 10.83 157.02 -23.15
C TRP HA 775 10.27 156.30 -21.93
N LEU HA 776 10.98 156.31 -20.81
CA LEU HA 776 10.47 155.68 -19.59
C LEU HA 776 9.19 156.38 -19.12
N TYR HA 777 9.19 157.70 -19.14
CA TYR HA 777 8.00 158.45 -18.73
C TYR HA 777 6.91 158.38 -19.80
N TRP HA 778 7.32 158.49 -21.07
CA TRP HA 778 6.46 158.43 -22.26
C TRP HA 778 5.52 159.61 -22.36
N LYS HA 779 5.52 160.54 -21.40
CA LYS HA 779 4.66 161.71 -21.43
C LYS HA 779 5.42 163.02 -21.28
N ASN HA 780 6.73 162.98 -21.04
CA ASN HA 780 7.54 164.18 -20.87
C ASN HA 780 8.34 164.42 -22.15
N ARG HA 781 8.02 165.50 -22.86
CA ARG HA 781 8.70 165.85 -24.09
C ARG HA 781 8.93 167.35 -24.13
N THR HA 782 10.09 167.74 -24.66
CA THR HA 782 10.47 169.13 -24.79
C THR HA 782 10.91 169.38 -26.23
N GLN HA 783 10.52 170.54 -26.78
CA GLN HA 783 10.88 170.85 -28.16
C GLN HA 783 12.39 170.99 -28.33
N GLU HA 784 13.06 171.55 -27.32
CA GLU HA 784 14.51 171.74 -27.41
C GLU HA 784 15.24 170.41 -27.49
N GLN HA 785 14.90 169.46 -26.61
CA GLN HA 785 15.51 168.14 -26.66
C GLN HA 785 15.03 167.33 -27.85
N CYS HA 786 13.81 167.56 -28.32
CA CYS HA 786 13.34 166.86 -29.52
C CYS HA 786 14.17 167.25 -30.74
N VAL HA 787 14.51 168.53 -30.86
CA VAL HA 787 15.35 168.99 -31.96
C VAL HA 787 16.72 168.31 -31.90
N HIS HA 788 17.30 168.25 -30.70
CA HIS HA 788 18.60 167.60 -30.55
C HIS HA 788 18.52 166.12 -30.89
N ASN HA 789 17.44 165.45 -30.47
CA ASN HA 789 17.26 164.05 -30.78
C ASN HA 789 17.13 163.82 -32.29
N GLU HA 790 16.38 164.69 -32.96
CA GLU HA 790 16.24 164.56 -34.42
C GLU HA 790 17.56 164.80 -35.12
N THR HA 791 18.34 165.78 -34.67
CA THR HA 791 19.66 166.02 -35.25
C THR HA 791 20.58 164.82 -35.03
N LYS HA 792 20.54 164.24 -33.83
CA LYS HA 792 21.35 163.07 -33.54
C LYS HA 792 20.96 161.89 -34.42
N ASN HA 793 19.65 161.68 -34.61
CA ASN HA 793 19.20 160.60 -35.48
C ASN HA 793 19.63 160.83 -36.93
N GLU HA 794 19.52 162.07 -37.40
CA GLU HA 794 19.93 162.38 -38.77
C GLU HA 794 21.42 162.13 -38.96
N LEU HA 795 22.23 162.56 -37.99
CA LEU HA 795 23.68 162.35 -38.09
C LEU HA 795 24.03 160.86 -38.01
N GLU HA 796 23.32 160.11 -37.17
CA GLU HA 796 23.55 158.67 -37.10
C GLU HA 796 23.20 158.00 -38.43
N LYS HA 797 22.10 158.40 -39.05
CA LYS HA 797 21.74 157.85 -40.35
C LYS HA 797 22.78 158.23 -41.41
N MET HA 798 23.29 159.46 -41.35
CA MET HA 798 24.32 159.87 -42.30
C MET HA 798 25.59 159.05 -42.13
N LEU HA 799 25.98 158.77 -40.88
CA LEU HA 799 27.14 157.92 -40.65
C LEU HA 799 26.89 156.50 -41.12
N LYS HA 800 25.67 155.98 -40.93
CA LYS HA 800 25.34 154.66 -41.41
C LYS HA 800 25.45 154.59 -42.93
N CYS HA 801 24.96 155.62 -43.61
CA CYS HA 801 25.08 155.67 -45.07
C CYS HA 801 26.51 155.99 -45.51
N ASN HA 802 27.20 156.88 -44.79
CA ASN HA 802 28.55 157.31 -45.13
C ASN HA 802 29.39 157.25 -43.86
N GLU HA 803 30.12 156.15 -43.69
CA GLU HA 803 30.92 155.96 -42.47
C GLU HA 803 32.04 157.00 -42.38
N GLU HA 804 32.70 157.30 -43.50
CA GLU HA 804 33.81 158.23 -43.52
C GLU HA 804 33.34 159.58 -44.03
N HIS HA 805 33.60 160.63 -43.25
CA HIS HA 805 33.21 161.99 -43.59
C HIS HA 805 34.26 162.96 -43.06
N PRO HA 806 34.60 164.00 -43.81
CA PRO HA 806 35.54 164.99 -43.29
C PRO HA 806 34.98 165.74 -42.09
N ALA HA 807 35.89 166.16 -41.21
CA ALA HA 807 35.47 166.86 -39.99
C ALA HA 807 34.77 168.17 -40.31
N TYR HA 808 35.30 168.93 -41.27
CA TYR HA 808 34.69 170.18 -41.66
C TYR HA 808 33.41 169.94 -42.44
N LEU HA 809 32.53 170.95 -42.42
CA LEU HA 809 31.26 170.90 -43.12
C LEU HA 809 31.27 171.94 -44.24
N ALA HA 810 31.01 171.50 -45.46
CA ALA HA 810 30.95 172.41 -46.59
C ALA HA 810 29.59 173.11 -46.63
N SER HA 811 29.52 174.17 -47.43
CA SER HA 811 28.30 174.96 -47.51
C SER HA 811 27.14 174.15 -48.06
N ASP HA 812 27.38 173.35 -49.10
CA ASP HA 812 26.30 172.55 -49.68
C ASP HA 812 25.80 171.49 -48.70
N GLU HA 813 26.71 170.89 -47.94
CA GLU HA 813 26.31 169.91 -46.94
C GLU HA 813 25.43 170.54 -45.87
N ILE HA 814 25.81 171.73 -45.39
CA ILE HA 814 25.02 172.43 -44.39
C ILE HA 814 23.65 172.79 -44.95
N THR HA 815 23.61 173.26 -46.20
CA THR HA 815 22.34 173.60 -46.82
C THR HA 815 21.44 172.38 -46.96
N THR HA 816 22.01 171.25 -47.37
CA THR HA 816 21.23 170.02 -47.49
C THR HA 816 20.69 169.56 -46.14
N VAL HA 817 21.53 169.62 -45.10
CA VAL HA 817 21.09 169.23 -43.76
C VAL HA 817 19.97 170.13 -43.28
N ARG HA 818 20.11 171.45 -43.48
CA ARG HA 818 19.08 172.39 -43.06
C ARG HA 818 17.78 172.15 -43.82
N LYS HA 819 17.86 171.87 -45.13
CA LYS HA 819 16.66 171.58 -45.90
C LYS HA 819 15.98 170.30 -45.42
N ASN HA 820 16.78 169.26 -45.12
CA ASN HA 820 16.21 168.03 -44.59
C ASN HA 820 15.53 168.26 -43.25
N LEU HA 821 16.13 169.07 -42.38
CA LEU HA 821 15.52 169.39 -41.10
C LEU HA 821 14.23 170.16 -41.27
N GLU HA 822 14.23 171.15 -42.18
CA GLU HA 822 13.05 171.98 -42.40
C GLU HA 822 11.96 171.27 -43.20
N SER HA 823 12.27 170.14 -43.82
CA SER HA 823 11.24 169.39 -44.53
C SER HA 823 10.14 168.93 -43.59
N ARG HA 824 10.50 168.49 -42.39
CA ARG HA 824 9.52 168.10 -41.38
C ARG HA 824 9.12 169.24 -40.45
N GLY HA 825 9.69 170.43 -40.65
CA GLY HA 825 9.31 171.58 -39.86
C GLY HA 825 10.21 171.85 -38.67
N VAL HA 826 11.52 171.68 -38.86
CA VAL HA 826 12.51 171.91 -37.82
C VAL HA 826 13.54 172.89 -38.35
N GLU HA 827 13.71 174.01 -37.66
CA GLU HA 827 14.70 175.03 -38.01
C GLU HA 827 15.76 175.08 -36.93
N VAL HA 828 17.02 174.86 -37.31
CA VAL HA 828 18.13 174.80 -36.38
C VAL HA 828 19.21 175.76 -36.85
N ASP HA 829 19.77 176.53 -35.91
CA ASP HA 829 20.84 177.45 -36.25
C ASP HA 829 22.09 176.69 -36.67
N PRO HA 830 22.88 177.26 -37.58
CA PRO HA 830 24.09 176.56 -38.05
C PRO HA 830 25.09 176.25 -36.94
N SER HA 831 25.18 177.10 -35.91
CA SER HA 831 26.12 176.85 -34.82
C SER HA 831 25.76 175.57 -34.08
N LEU HA 832 24.48 175.38 -33.77
CA LEU HA 832 24.05 174.16 -33.10
C LEU HA 832 24.27 172.94 -33.99
N ILE HA 833 24.03 173.07 -35.29
CA ILE HA 833 24.27 171.97 -36.23
C ILE HA 833 25.74 171.58 -36.20
N LYS HA 834 26.64 172.58 -36.23
CA LYS HA 834 28.07 172.30 -36.20
C LYS HA 834 28.49 171.65 -34.89
N ASP HA 835 27.94 172.13 -33.77
CA ASP HA 835 28.26 171.55 -32.47
C ASP HA 835 27.81 170.10 -32.39
N THR HA 836 26.58 169.81 -32.84
CA THR HA 836 26.08 168.44 -32.84
C THR HA 836 26.91 167.55 -33.75
N TRP HA 837 27.30 168.08 -34.92
CA TRP HA 837 28.14 167.30 -35.83
C TRP HA 837 29.49 166.99 -35.19
N HIS HA 838 30.08 167.97 -34.50
CA HIS HA 838 31.36 167.74 -33.83
C HIS HA 838 31.22 166.68 -32.74
N GLN HA 839 30.14 166.76 -31.95
CA GLN HA 839 29.94 165.77 -30.89
C GLN HA 839 29.74 164.38 -31.47
N VAL HA 840 28.96 164.26 -32.56
CA VAL HA 840 28.72 162.97 -33.18
C VAL HA 840 30.01 162.42 -33.79
N TYR HA 841 30.81 163.30 -34.38
CA TYR HA 841 32.09 162.90 -34.94
C TYR HA 841 33.02 162.36 -33.85
N ARG HA 842 33.06 163.06 -32.70
CA ARG HA 842 33.87 162.59 -31.58
C ARG HA 842 33.38 161.25 -31.06
N ARG HA 843 32.06 161.08 -30.96
CA ARG HA 843 31.51 159.80 -30.50
C ARG HA 843 31.84 158.67 -31.47
N HIS HA 844 31.75 158.94 -32.78
CA HIS HA 844 32.05 157.93 -33.77
C HIS HA 844 33.52 157.52 -33.69
N PHE HA 845 34.42 158.49 -33.54
CA PHE HA 845 35.83 158.13 -33.42
C PHE HA 845 36.14 157.47 -32.09
N LEU HA 846 35.40 157.78 -31.03
CA LEU HA 846 35.57 157.05 -29.78
C LEU HA 846 35.16 155.58 -29.95
N LYS HA 847 34.05 155.35 -30.65
CA LYS HA 847 33.63 153.96 -30.92
C LYS HA 847 34.66 153.25 -31.80
N THR HA 848 35.20 153.95 -32.80
CA THR HA 848 36.22 153.37 -33.65
C THR HA 848 37.47 153.02 -32.85
N ALA HA 849 37.87 153.90 -31.93
CA ALA HA 849 39.02 153.62 -31.06
C ALA HA 849 38.74 152.42 -30.16
N LEU HA 850 37.52 152.30 -29.65
CA LEU HA 850 37.17 151.14 -28.83
C LEU HA 850 37.26 149.85 -29.65
N ASN HA 851 36.76 149.88 -30.89
CA ASN HA 851 36.88 148.71 -31.75
C ASN HA 851 38.33 148.38 -32.06
N HIS HA 852 39.15 149.41 -32.26
CA HIS HA 852 40.57 149.18 -32.51
C HIS HA 852 41.25 148.56 -31.29
N CYS HA 853 40.87 149.00 -30.09
CA CYS HA 853 41.39 148.39 -28.87
C CYS HA 853 40.97 146.94 -28.76
N ASN HA 854 39.71 146.65 -29.08
CA ASN HA 854 39.24 145.26 -29.05
C ASN HA 854 40.03 144.39 -30.03
N LEU HA 855 40.30 144.92 -31.22
CA LEU HA 855 41.10 144.18 -32.19
C LEU HA 855 42.54 143.98 -31.70
N CYS HA 856 43.15 145.04 -31.15
CA CYS HA 856 44.52 144.95 -30.68
C CYS HA 856 44.66 144.05 -29.46
N ARG HA 857 43.56 143.80 -28.74
CA ARG HA 857 43.61 142.87 -27.61
C ARG HA 857 43.99 141.46 -28.05
N ARG HA 858 43.75 141.13 -29.33
CA ARG HA 858 44.09 139.78 -29.86
C ARG HA 858 45.15 139.92 -30.96
N GLY HA 859 45.39 141.14 -31.44
CA GLY HA 859 46.34 141.38 -32.50
C GLY HA 859 47.79 141.44 -32.09
N PHE HA 860 48.13 140.99 -30.88
CA PHE HA 860 49.53 140.97 -30.47
C PHE HA 860 50.39 140.05 -31.34
N TYR HA 861 49.80 139.00 -31.91
CA TYR HA 861 50.55 138.14 -32.82
C TYR HA 861 51.01 138.92 -34.05
N TYR HA 862 50.12 139.72 -34.63
CA TYR HA 862 50.51 140.58 -35.76
C TYR HA 862 51.47 141.66 -35.30
N TYR HA 863 51.23 142.25 -34.14
CA TYR HA 863 52.06 143.37 -33.68
C TYR HA 863 53.50 142.93 -33.43
N GLN HA 864 53.69 141.77 -32.79
CA GLN HA 864 55.03 141.34 -32.41
C GLN HA 864 55.91 141.07 -33.63
N ARG HA 865 55.36 140.43 -34.66
CA ARG HA 865 56.14 140.03 -35.82
C ARG HA 865 56.10 141.06 -36.95
N HIS HA 866 55.10 141.94 -36.98
CA HIS HA 866 54.96 142.97 -38.00
C HIS HA 866 54.96 142.36 -39.41
N PHE HA 867 53.92 141.58 -39.68
CA PHE HA 867 53.78 140.93 -40.97
C PHE HA 867 53.60 141.96 -42.08
N VAL HA 868 54.05 141.60 -43.28
CA VAL HA 868 53.93 142.49 -44.43
C VAL HA 868 52.45 142.76 -44.74
N ASP HA 869 51.64 141.71 -44.76
CA ASP HA 869 50.20 141.84 -44.98
C ASP HA 869 49.44 141.96 -43.67
N SER HA 870 49.84 142.92 -42.84
CA SER HA 870 49.22 143.10 -41.54
C SER HA 870 47.82 143.68 -41.71
N GLU HA 871 46.85 143.05 -41.05
CA GLU HA 871 45.47 143.52 -41.07
C GLU HA 871 45.15 144.46 -39.92
N LEU HA 872 46.14 144.80 -39.09
CA LEU HA 872 45.91 145.66 -37.93
C LEU HA 872 47.21 146.35 -37.58
N GLU HA 873 47.17 147.67 -37.42
CA GLU HA 873 48.33 148.47 -37.06
C GLU HA 873 48.06 149.10 -35.69
N CYS HA 874 48.58 148.48 -34.64
CA CYS HA 874 48.40 148.96 -33.28
C CYS HA 874 49.52 149.96 -32.97
N ASN HA 875 49.20 151.24 -33.01
CA ASN HA 875 50.15 152.30 -32.70
C ASN HA 875 49.74 153.14 -31.49
N ASP HA 876 48.44 153.27 -31.23
CA ASP HA 876 47.98 154.04 -30.07
C ASP HA 876 48.46 153.41 -28.77
N VAL HA 877 48.46 152.07 -28.70
CA VAL HA 877 48.93 151.38 -27.50
C VAL HA 877 50.39 151.72 -27.24
N VAL HA 878 51.22 151.64 -28.30
CA VAL HA 878 52.63 151.93 -28.15
C VAL HA 878 52.85 153.39 -27.76
N LEU HA 879 52.09 154.31 -28.38
CA LEU HA 879 52.23 155.72 -28.04
C LEU HA 879 51.85 155.98 -26.58
N PHE HA 880 50.76 155.37 -26.11
CA PHE HA 880 50.35 155.57 -24.73
C PHE HA 880 51.35 154.97 -23.76
N TRP HA 881 51.93 153.82 -24.11
CA TRP HA 881 52.97 153.24 -23.25
C TRP HA 881 54.20 154.12 -23.19
N ARG HA 882 54.60 154.69 -24.34
CA ARG HA 882 55.72 155.63 -24.35
C ARG HA 882 55.44 156.85 -23.49
N ILE HA 883 54.23 157.39 -23.60
CA ILE HA 883 53.85 158.53 -22.76
C ILE HA 883 53.90 158.17 -21.30
N GLN HA 884 53.40 156.98 -20.95
CA GLN HA 884 53.39 156.55 -19.55
C GLN HA 884 54.80 156.40 -19.00
N ARG HA 885 55.69 155.77 -19.77
CA ARG HA 885 57.06 155.58 -19.27
C ARG HA 885 57.80 156.91 -19.19
N MET HA 886 57.57 157.81 -20.15
CA MET HA 886 58.19 159.14 -20.08
C MET HA 886 57.69 159.91 -18.86
N LEU HA 887 56.38 159.82 -18.58
CA LEU HA 887 55.85 160.48 -17.39
C LEU HA 887 56.42 159.89 -16.12
N ALA HA 888 56.59 158.55 -16.07
CA ALA HA 888 57.19 157.93 -14.90
C ALA HA 888 58.63 158.39 -14.70
N ILE HA 889 59.40 158.47 -15.79
CA ILE HA 889 60.79 158.95 -15.69
C ILE HA 889 60.82 160.39 -15.21
N THR HA 890 59.94 161.23 -15.76
CA THR HA 890 59.90 162.63 -15.36
C THR HA 890 59.52 162.77 -13.88
N ALA HA 891 58.55 161.97 -13.42
CA ALA HA 891 58.15 162.02 -12.02
C ALA HA 891 59.28 161.56 -11.11
N ASN HA 892 59.99 160.51 -11.50
CA ASN HA 892 61.13 160.05 -10.70
C ASN HA 892 62.21 161.10 -10.62
N THR HA 893 62.52 161.76 -11.75
CA THR HA 893 63.51 162.82 -11.75
C THR HA 893 63.07 163.99 -10.89
N LEU HA 894 61.80 164.36 -10.98
CA LEU HA 894 61.28 165.45 -10.15
C LEU HA 894 61.38 165.12 -8.67
N ARG HA 895 61.03 163.89 -8.30
CA ARG HA 895 61.12 163.48 -6.90
C ARG HA 895 62.57 163.50 -6.42
N GLN HA 896 63.50 163.01 -7.24
CA GLN HA 896 64.90 163.00 -6.86
C GLN HA 896 65.42 164.41 -6.66
N GLN HA 897 65.14 165.31 -7.61
CA GLN HA 897 65.61 166.68 -7.49
C GLN HA 897 64.96 167.38 -6.30
N LEU HA 898 63.68 167.11 -6.04
CA LEU HA 898 63.01 167.68 -4.88
C LEU HA 898 63.70 167.25 -3.60
N THR HA 899 63.89 165.93 -3.43
CA THR HA 899 64.56 165.43 -2.23
C THR HA 899 65.97 165.99 -2.11
N ASN HA 900 66.66 166.22 -3.24
CA ASN HA 900 68.02 166.73 -3.18
C ASN HA 900 68.06 168.19 -2.73
N THR HA 901 67.19 169.04 -3.29
CA THR HA 901 67.32 170.47 -3.10
C THR HA 901 66.17 171.10 -2.33
N GLU HA 902 64.92 170.82 -2.72
CA GLU HA 902 63.79 171.57 -2.16
C GLU HA 902 63.51 171.18 -0.72
N VAL HA 903 63.78 169.92 -0.35
CA VAL HA 903 63.62 169.52 1.04
C VAL HA 903 64.56 170.31 1.93
N ARG HA 904 65.83 170.43 1.51
CA ARG HA 904 66.80 171.21 2.27
C ARG HA 904 66.41 172.68 2.30
N ARG HA 905 65.92 173.22 1.18
CA ARG HA 905 65.49 174.61 1.16
C ARG HA 905 64.34 174.86 2.12
N LEU HA 906 63.35 173.96 2.13
CA LEU HA 906 62.22 174.10 3.04
C LEU HA 906 62.66 173.97 4.49
N GLU HA 907 63.60 173.06 4.76
CA GLU HA 907 64.14 172.93 6.12
C GLU HA 907 64.83 174.22 6.55
N LYS HA 908 65.61 174.82 5.65
CA LYS HA 908 66.29 176.07 5.97
C LYS HA 908 65.28 177.19 6.22
N ASN HA 909 64.23 177.27 5.40
CA ASN HA 909 63.22 178.30 5.60
C ASN HA 909 62.50 178.10 6.93
N VAL HA 910 62.17 176.85 7.27
CA VAL HA 910 61.51 176.57 8.55
C VAL HA 910 62.42 176.94 9.71
N LYS HA 911 63.71 176.62 9.61
CA LYS HA 911 64.65 176.98 10.67
C LYS HA 911 64.74 178.50 10.82
N GLU HA 912 64.80 179.23 9.71
CA GLU HA 912 64.85 180.68 9.78
C GLU HA 912 63.60 181.25 10.42
N VAL HA 913 62.43 180.74 10.03
CA VAL HA 913 61.18 181.21 10.61
C VAL HA 913 61.12 180.94 12.10
N LEU HA 914 61.55 179.74 12.51
CA LEU HA 914 61.55 179.39 13.93
C LEU HA 914 62.51 180.28 14.71
N GLU HA 915 63.69 180.55 14.15
CA GLU HA 915 64.65 181.43 14.83
C GLU HA 915 64.09 182.85 14.95
N ASP HA 916 63.44 183.34 13.90
CA ASP HA 916 62.86 184.67 13.96
C ASP HA 916 61.75 184.74 15.01
N PHE HA 917 60.93 183.69 15.09
CA PHE HA 917 59.87 183.67 16.10
C PHE HA 917 60.46 183.60 17.50
N ALA HA 918 61.50 182.79 17.70
CA ALA HA 918 62.12 182.67 19.01
C ALA HA 918 62.77 183.98 19.45
N GLU HA 919 63.43 184.67 18.53
CA GLU HA 919 64.10 185.92 18.84
C GLU HA 919 63.15 187.10 18.96
N ASP HA 920 61.83 186.86 18.92
CA ASP HA 920 60.83 187.93 19.02
C ASP HA 920 59.68 187.40 19.88
N GLY HA 921 59.73 187.71 21.18
CA GLY HA 921 58.65 187.31 22.06
C GLY HA 921 57.37 188.09 21.87
N GLU HA 922 57.47 189.30 21.31
CA GLU HA 922 56.27 190.08 21.03
C GLU HA 922 55.39 189.37 20.00
N LYS HA 923 56.00 188.76 18.99
CA LYS HA 923 55.25 187.98 18.01
C LYS HA 923 54.56 186.79 18.67
N LYS HA 924 55.24 186.13 19.60
CA LYS HA 924 54.63 185.02 20.32
C LYS HA 924 53.44 185.50 21.15
N ILE HA 925 53.58 186.65 21.81
CA ILE HA 925 52.47 187.20 22.59
C ILE HA 925 51.29 187.53 21.68
N LYS HA 926 51.57 188.15 20.53
CA LYS HA 926 50.51 188.54 19.60
C LYS HA 926 49.79 187.31 19.05
N LEU HA 927 50.54 186.25 18.72
CA LEU HA 927 49.95 185.07 18.10
C LEU HA 927 49.38 184.11 19.13
N LEU HA 928 50.17 183.70 20.12
CA LEU HA 928 49.73 182.75 21.14
C LEU HA 928 48.84 183.47 22.14
N THR HA 929 47.58 183.66 21.73
CA THR HA 929 46.58 184.29 22.58
C THR HA 929 45.53 183.29 23.06
N GLY HA 930 45.89 182.01 23.09
CA GLY HA 930 44.96 181.00 23.54
C GLY HA 930 44.70 181.08 25.04
N LYS HA 931 43.61 180.43 25.45
CA LYS HA 931 43.25 180.43 26.87
C LYS HA 931 44.32 179.77 27.72
N ARG HA 932 44.87 178.63 27.25
CA ARG HA 932 45.91 177.94 28.01
C ARG HA 932 47.15 178.81 28.16
N VAL HA 933 47.57 179.48 27.09
CA VAL HA 933 48.77 180.30 27.15
C VAL HA 933 48.58 181.46 28.13
N GLN HA 934 47.43 182.12 28.06
CA GLN HA 934 47.15 183.23 28.96
C GLN HA 934 47.07 182.77 30.41
N LEU HA 935 46.42 181.63 30.66
CA LEU HA 935 46.32 181.12 32.02
C LEU HA 935 47.70 180.75 32.57
N ALA HA 936 48.53 180.11 31.75
CA ALA HA 936 49.88 179.77 32.20
C ALA HA 936 50.70 181.01 32.49
N GLU HA 937 50.60 182.03 31.62
CA GLU HA 937 51.33 183.27 31.86
C GLU HA 937 50.86 183.95 33.14
N ASP HA 938 49.56 183.98 33.38
CA ASP HA 938 49.04 184.58 34.60
C ASP HA 938 49.51 183.81 35.84
N LEU HA 939 49.49 182.48 35.76
CA LEU HA 939 49.95 181.68 36.90
C LEU HA 939 51.43 181.92 37.17
N LYS HA 940 52.25 181.97 36.12
CA LYS HA 940 53.68 182.23 36.30
C LYS HA 940 53.91 183.61 36.90
N LYS HA 941 53.19 184.62 36.42
CA LYS HA 941 53.35 185.96 36.96
C LYS HA 941 52.93 186.02 38.43
N VAL HA 942 51.83 185.35 38.77
CA VAL HA 942 51.38 185.32 40.16
C VAL HA 942 52.41 184.63 41.04
N ARG HA 943 52.97 183.52 40.57
CA ARG HA 943 53.99 182.82 41.34
C ARG HA 943 55.22 183.68 41.54
N GLU HA 944 55.65 184.39 40.49
CA GLU HA 944 56.81 185.28 40.61
C GLU HA 944 56.53 186.42 41.59
N ILE HA 945 55.34 187.00 41.53
CA ILE HA 945 54.98 188.08 42.45
C ILE HA 945 54.97 187.57 43.88
N GLN HA 946 54.41 186.38 44.12
CA GLN HA 946 54.38 185.82 45.46
C GLN HA 946 55.79 185.52 45.96
N GLU HA 947 56.66 185.02 45.09
CA GLU HA 947 58.04 184.77 45.50
C GLU HA 947 58.75 186.06 45.86
N LYS HA 948 58.54 187.11 45.06
CA LYS HA 948 59.14 188.40 45.38
C LYS HA 948 58.62 188.95 46.70
N LEU HA 949 57.32 188.80 46.96
CA LEU HA 949 56.75 189.26 48.22
C LEU HA 949 57.29 188.47 49.40
N ASP HA 950 57.47 187.16 49.23
CA ASP HA 950 58.07 186.34 50.28
C ASP HA 950 59.51 186.77 50.55
N ALA HA 951 60.27 187.06 49.49
CA ALA HA 951 61.63 187.56 49.69
C ALA HA 951 61.62 188.90 50.42
N PHE HA 952 60.68 189.79 50.06
CA PHE HA 952 60.55 191.06 50.77
C PHE HA 952 60.24 190.85 52.25
N ILE HA 953 59.33 189.92 52.55
CA ILE HA 953 58.97 189.65 53.94
C ILE HA 953 60.16 189.11 54.70
N GLU HA 954 60.91 188.18 54.09
CA GLU HA 954 62.09 187.62 54.74
C GLU HA 954 63.15 188.70 54.99
N ALA HA 955 63.37 189.58 54.01
CA ALA HA 955 64.35 190.66 54.18
C ALA HA 955 63.92 191.62 55.28
N LEU HA 956 62.63 191.95 55.33
CA LEU HA 956 62.13 192.83 56.38
C LEU HA 956 62.28 192.19 57.75
N HIS HA 957 61.99 190.90 57.87
CA HIS HA 957 62.14 190.22 59.15
C HIS HA 957 63.60 190.15 59.57
N GLN HA 958 64.51 189.87 58.62
CA GLN HA 958 65.93 189.81 58.96
C GLN HA 958 66.47 191.18 59.36
N GLU HA 959 66.08 192.24 58.65
CA GLU HA 959 66.57 193.58 58.99
C GLU HA 959 66.09 194.02 60.36
N LYS HA 960 64.82 193.71 60.68
CA LYS HA 960 64.27 194.06 62.01
C LYS HA 960 64.48 192.90 62.97
#